data_9UMB
#
_entry.id   9UMB
#
_cell.length_a   1.00
_cell.length_b   1.00
_cell.length_c   1.00
_cell.angle_alpha   90.00
_cell.angle_beta   90.00
_cell.angle_gamma   90.00
#
_symmetry.space_group_name_H-M   'P 1'
#
_entity_poly.entity_id   1
_entity_poly.type   'polypeptide(L)'
_entity_poly.pdbx_seq_one_letter_code
;MAFVDHPPDWLEEVGEGLREFLGLEAGPPKPKPNQQHQDQARGLVLPGYNYLGPGNGLDRGEPVNRADEVAREHDISYNE
QLEAGDNPYLKYNHADAEFQEKLADDTSFGGNLGKAVFQAKKRVLEPFGLVEEGAKTAPTGKRIDDHFPKRKKARTEEDS
KPSTSSDAEAGPSGSQQLQIPAQPASSLGADTMSAGGGGPLGDNNQGADGVGNASGDWHCDSTWMGDRVVTKSTRTWVLP
SYNNHQYREIKSGSVDGSNANAYFGYSTPWGYFDFNRFHSHWSPRDWQRLINNYWGFRPRSLRVKIFNIQVKEVTVQDST
TTIANNLTSTVQVFTDDDYQLPYVVGNGTEGCLPAFPPQVFTLPQYGYATLNRDNTENPTERSSFFCLEYFPSKMLRTGN
NFEFTYNFEEVPFHSSFAPSQNLFKLANPLVDQYLYRFVSTNNTGGVQFNKNLAGRYANTYKNWFPGPMGRTQGWNLGSG
VNRASVSAFATTNRMELEGASYQVPPQPNGMTNNLQGSNTYALENTMIFNSQPANPGTTATYLEGNMLITSESETQPVNR
VAYNVGGQMATNNQSSTTAPATGTYNLQEIVPGSVWMERDVYLQGPIWAKIPETGAHFHPSPAMGGFGLKHPPPMMLIKN
TPVPGNITSFSDVPVSSFITQYSTGQVTVEMEWELKKENSKRWNPEIQYTNNYNDPQFVDFAPDSTGEYRSTRPIGTRYL
TRPL
;
_entity_poly.pdbx_strand_id   A,B,C,D,E,F,G,H,I,J,K,L,M,N,O,P,Q,R,S,T,U,V,W,X,Y,Z,a,b,c,d,e,f,g,h,i,j,k,l,m,n,o,p,q,r,s,t,u,v,w,x,y,z,1,2,3,4,5,6,7,8
#
# COMPACT_ATOMS: atom_id res chain seq x y z
N ASP A 209 -28.03 9.66 -84.61
CA ASP A 209 -27.86 8.20 -84.35
C ASP A 209 -27.91 7.39 -85.65
N GLY A 210 -29.08 7.22 -86.29
CA GLY A 210 -29.13 6.27 -87.42
C GLY A 210 -30.17 6.49 -88.49
N VAL A 211 -30.02 5.80 -89.62
CA VAL A 211 -31.00 5.83 -90.75
C VAL A 211 -32.38 5.29 -90.31
N GLY A 212 -32.45 4.26 -89.48
CA GLY A 212 -33.72 3.61 -89.08
C GLY A 212 -34.31 4.15 -87.81
N ASN A 213 -33.72 5.16 -87.19
CA ASN A 213 -34.20 5.65 -85.87
C ASN A 213 -34.76 7.06 -85.98
N ALA A 214 -35.95 7.30 -85.42
CA ALA A 214 -36.56 8.65 -85.42
C ALA A 214 -35.93 9.62 -84.41
N SER A 215 -35.57 10.83 -84.84
CA SER A 215 -34.98 11.95 -84.05
C SER A 215 -35.94 12.59 -83.01
N GLY A 216 -37.23 12.70 -83.30
CA GLY A 216 -38.24 13.29 -82.40
C GLY A 216 -39.67 12.85 -82.61
N ASP A 217 -40.58 13.30 -81.76
CA ASP A 217 -42.04 12.95 -81.78
C ASP A 217 -42.97 14.15 -81.96
N TRP A 218 -44.19 13.94 -82.44
CA TRP A 218 -45.20 15.00 -82.67
C TRP A 218 -45.85 15.49 -81.36
N HIS A 219 -45.76 16.78 -81.10
CA HIS A 219 -46.46 17.38 -79.93
C HIS A 219 -47.34 18.56 -80.37
N CYS A 220 -48.67 18.46 -80.30
CA CYS A 220 -49.55 19.62 -80.57
C CYS A 220 -50.54 19.69 -79.40
N ASP A 221 -50.40 20.67 -78.50
CA ASP A 221 -51.25 20.70 -77.27
C ASP A 221 -51.35 22.05 -76.56
N SER A 222 -52.35 22.26 -75.71
CA SER A 222 -52.44 23.44 -74.81
C SER A 222 -52.63 22.93 -73.37
N THR A 223 -51.90 23.45 -72.40
CA THR A 223 -52.11 23.12 -70.97
C THR A 223 -52.38 24.40 -70.20
N TRP A 224 -53.46 24.45 -69.44
CA TRP A 224 -53.84 25.63 -68.62
C TRP A 224 -53.62 25.32 -67.15
N MET A 225 -52.80 26.11 -66.48
CA MET A 225 -52.45 25.90 -65.05
C MET A 225 -52.53 27.19 -64.22
N GLY A 226 -53.71 27.66 -63.81
CA GLY A 226 -53.83 28.95 -63.10
C GLY A 226 -53.41 30.14 -63.91
N ASP A 227 -52.42 30.91 -63.47
CA ASP A 227 -51.91 32.13 -64.16
C ASP A 227 -51.10 31.83 -65.44
N ARG A 228 -50.73 30.58 -65.71
CA ARG A 228 -49.88 30.21 -66.87
C ARG A 228 -50.57 29.30 -67.90
N VAL A 229 -50.37 29.56 -69.19
CA VAL A 229 -50.84 28.65 -70.28
C VAL A 229 -49.59 28.26 -71.12
N VAL A 230 -49.41 26.99 -71.45
CA VAL A 230 -48.30 26.49 -72.33
C VAL A 230 -48.88 26.02 -73.68
N THR A 231 -48.34 26.50 -74.79
CA THR A 231 -48.78 26.08 -76.14
C THR A 231 -47.70 25.27 -76.86
N LYS A 232 -48.04 24.13 -77.45
CA LYS A 232 -47.11 23.30 -78.26
C LYS A 232 -47.65 23.19 -79.69
N SER A 233 -46.82 23.41 -80.71
CA SER A 233 -47.21 23.34 -82.13
C SER A 233 -46.19 22.55 -82.95
N THR A 234 -46.62 21.58 -83.76
CA THR A 234 -45.75 20.80 -84.65
C THR A 234 -46.20 20.93 -86.11
N ARG A 235 -45.27 21.17 -87.02
CA ARG A 235 -45.56 21.26 -88.49
C ARG A 235 -44.54 20.50 -89.36
N THR A 236 -44.92 20.17 -90.59
CA THR A 236 -44.03 19.55 -91.60
C THR A 236 -43.65 20.61 -92.63
N TRP A 237 -42.36 20.77 -92.92
CA TRP A 237 -41.81 21.81 -93.85
C TRP A 237 -41.02 21.21 -95.03
N VAL A 238 -40.95 21.96 -96.13
CA VAL A 238 -40.12 21.62 -97.32
C VAL A 238 -39.12 22.76 -97.59
N LEU A 239 -37.85 22.42 -97.90
CA LEU A 239 -36.84 23.45 -98.29
C LEU A 239 -36.33 23.31 -99.72
N PRO A 240 -36.54 24.33 -100.59
CA PRO A 240 -35.93 24.36 -101.91
C PRO A 240 -34.44 24.75 -101.92
N SER A 241 -33.70 24.37 -102.96
CA SER A 241 -32.31 24.90 -103.08
C SER A 241 -32.37 26.26 -103.83
N TYR A 242 -32.46 27.37 -103.12
CA TYR A 242 -32.66 28.72 -103.72
C TYR A 242 -31.41 29.34 -104.36
N ASN A 243 -31.53 29.89 -105.57
CA ASN A 243 -30.42 30.65 -106.24
C ASN A 243 -29.39 29.71 -106.85
N ASN A 244 -29.63 28.39 -106.83
CA ASN A 244 -28.65 27.36 -107.30
C ASN A 244 -27.31 27.51 -106.57
N HIS A 245 -27.33 27.70 -105.25
CA HIS A 245 -26.10 27.80 -104.39
C HIS A 245 -25.32 29.12 -104.55
N GLN A 246 -25.97 30.19 -104.97
CA GLN A 246 -25.27 31.47 -105.24
C GLN A 246 -25.93 32.68 -104.55
N TYR A 247 -25.18 33.75 -104.34
CA TYR A 247 -25.67 35.03 -103.76
C TYR A 247 -25.84 35.98 -104.90
N ARG A 248 -26.98 36.65 -105.00
CA ARG A 248 -27.26 37.55 -106.15
C ARG A 248 -27.54 39.00 -105.74
N GLU A 249 -26.92 39.96 -106.42
CA GLU A 249 -27.25 41.37 -106.18
C GLU A 249 -28.63 41.69 -106.79
N ILE A 250 -29.51 42.33 -106.03
CA ILE A 250 -30.91 42.63 -106.44
C ILE A 250 -31.14 44.14 -106.34
N LYS A 251 -31.92 44.71 -107.24
CA LYS A 251 -32.10 46.19 -107.24
C LYS A 251 -33.40 46.59 -107.95
N SER A 252 -33.92 47.76 -107.61
CA SER A 252 -35.08 48.29 -108.36
C SER A 252 -34.99 49.80 -108.63
N GLY A 253 -35.47 50.27 -109.77
CA GLY A 253 -35.71 51.70 -110.07
C GLY A 253 -37.15 52.08 -109.68
N SER A 254 -37.63 53.26 -110.05
CA SER A 254 -39.02 53.71 -109.79
C SER A 254 -40.08 52.84 -110.50
N VAL A 255 -41.16 52.47 -109.80
CA VAL A 255 -42.21 51.55 -110.36
C VAL A 255 -43.59 52.07 -109.93
N ASP A 256 -44.61 51.94 -110.77
CA ASP A 256 -46.01 52.39 -110.48
C ASP A 256 -46.01 53.91 -110.23
N GLY A 257 -45.11 54.63 -110.86
CA GLY A 257 -45.00 56.08 -110.67
C GLY A 257 -44.23 56.52 -109.43
N SER A 258 -43.62 55.63 -108.64
CA SER A 258 -42.97 56.12 -107.38
C SER A 258 -41.49 55.80 -107.20
N ASN A 259 -40.66 56.78 -106.87
CA ASN A 259 -39.21 56.60 -106.50
C ASN A 259 -39.03 55.97 -105.10
N ALA A 260 -40.05 55.98 -104.24
CA ALA A 260 -40.06 55.34 -102.89
C ALA A 260 -39.93 53.82 -103.07
N ASN A 261 -40.36 53.31 -104.22
CA ASN A 261 -40.20 51.91 -104.69
C ASN A 261 -38.73 51.48 -104.92
N ALA A 262 -37.82 52.36 -105.36
CA ALA A 262 -36.38 52.06 -105.63
C ALA A 262 -35.59 51.52 -104.41
N TYR A 263 -34.73 50.52 -104.62
CA TYR A 263 -33.91 49.88 -103.55
C TYR A 263 -32.65 49.21 -104.14
N PHE A 264 -31.64 48.96 -103.32
CA PHE A 264 -30.42 48.17 -103.66
C PHE A 264 -30.31 47.06 -102.58
N GLY A 265 -30.05 45.82 -102.97
CA GLY A 265 -30.03 44.68 -102.02
C GLY A 265 -29.36 43.39 -102.45
N TYR A 266 -29.34 42.40 -101.56
CA TYR A 266 -28.81 41.05 -101.86
C TYR A 266 -29.86 39.92 -101.65
N SER A 267 -29.90 38.92 -102.53
CA SER A 267 -30.73 37.68 -102.34
C SER A 267 -29.78 36.55 -101.94
N THR A 268 -30.22 35.64 -101.09
CA THR A 268 -29.32 34.60 -100.53
C THR A 268 -29.80 33.18 -100.78
N PRO A 269 -28.90 32.18 -100.74
CA PRO A 269 -29.24 30.75 -100.85
C PRO A 269 -30.08 30.16 -99.70
N TRP A 270 -30.05 30.74 -98.51
CA TRP A 270 -30.75 30.32 -97.28
C TRP A 270 -32.27 30.57 -97.17
N GLY A 271 -32.91 29.82 -96.28
CA GLY A 271 -34.34 29.96 -95.94
C GLY A 271 -34.46 30.13 -94.44
N TYR A 272 -35.57 30.66 -93.98
CA TYR A 272 -35.75 30.94 -92.53
C TYR A 272 -37.10 30.46 -91.99
N PHE A 273 -37.20 30.25 -90.68
CA PHE A 273 -38.46 29.86 -89.99
C PHE A 273 -39.08 31.09 -89.29
N ASP A 274 -40.35 31.41 -89.53
CA ASP A 274 -41.11 32.54 -88.93
C ASP A 274 -42.31 32.03 -88.12
N PHE A 275 -42.39 32.39 -86.84
CA PHE A 275 -43.55 32.04 -85.98
C PHE A 275 -44.33 33.28 -85.46
N ASN A 276 -44.14 34.50 -86.01
CA ASN A 276 -44.80 35.71 -85.44
C ASN A 276 -46.25 35.88 -85.94
N ARG A 277 -47.12 34.90 -85.71
CA ARG A 277 -48.58 34.99 -85.97
C ARG A 277 -49.24 34.21 -84.80
N PHE A 278 -50.35 34.69 -84.24
CA PHE A 278 -51.09 34.02 -83.12
C PHE A 278 -51.68 32.64 -83.51
N HIS A 279 -52.22 32.46 -84.72
CA HIS A 279 -52.86 31.22 -85.26
C HIS A 279 -51.81 30.09 -85.32
N SER A 280 -50.52 30.41 -85.41
CA SER A 280 -49.39 29.44 -85.36
C SER A 280 -49.36 28.72 -84.00
N HIS A 281 -49.66 29.38 -82.90
CA HIS A 281 -49.69 28.80 -81.52
C HIS A 281 -51.09 28.55 -80.94
N TRP A 282 -52.16 29.12 -81.47
CA TRP A 282 -53.48 29.09 -80.80
C TRP A 282 -54.59 28.48 -81.64
N SER A 283 -55.31 27.52 -81.07
CA SER A 283 -56.54 26.98 -81.71
C SER A 283 -57.65 28.05 -81.60
N PRO A 284 -58.65 28.03 -82.50
CA PRO A 284 -59.76 28.97 -82.37
C PRO A 284 -60.56 28.81 -81.07
N ARG A 285 -60.81 27.60 -80.58
CA ARG A 285 -61.45 27.38 -79.25
C ARG A 285 -60.61 27.91 -78.07
N ASP A 286 -59.30 27.70 -78.07
CA ASP A 286 -58.35 28.19 -77.02
C ASP A 286 -58.32 29.73 -76.98
N TRP A 287 -58.34 30.37 -78.14
CA TRP A 287 -58.39 31.85 -78.25
C TRP A 287 -59.69 32.41 -77.65
N GLN A 288 -60.83 31.77 -77.86
CA GLN A 288 -62.14 32.13 -77.27
C GLN A 288 -62.12 32.02 -75.75
N ARG A 289 -61.48 30.99 -75.21
CA ARG A 289 -61.35 30.83 -73.75
C ARG A 289 -60.54 31.99 -73.13
N LEU A 290 -59.44 32.42 -73.73
CA LEU A 290 -58.69 33.60 -73.25
C LEU A 290 -59.40 34.98 -73.34
N ILE A 291 -60.05 35.30 -74.45
CA ILE A 291 -60.72 36.61 -74.70
C ILE A 291 -61.92 36.81 -73.76
N ASN A 292 -62.68 35.76 -73.52
CA ASN A 292 -63.84 35.71 -72.59
C ASN A 292 -63.48 35.90 -71.11
N ASN A 293 -62.37 35.37 -70.60
CA ASN A 293 -62.08 35.31 -69.13
C ASN A 293 -60.90 36.09 -68.53
N TYR A 294 -60.09 36.80 -69.29
CA TYR A 294 -58.86 37.43 -68.75
C TYR A 294 -58.70 38.90 -69.10
N TRP A 295 -58.24 39.73 -68.16
CA TRP A 295 -57.87 41.15 -68.41
C TRP A 295 -56.63 41.35 -69.33
N GLY A 296 -55.60 40.51 -69.19
CA GLY A 296 -54.36 40.67 -69.96
C GLY A 296 -53.53 39.43 -70.15
N PHE A 297 -52.61 39.46 -71.11
CA PHE A 297 -51.67 38.33 -71.35
C PHE A 297 -50.29 38.87 -71.78
N ARG A 298 -49.20 38.13 -71.53
CA ARG A 298 -47.82 38.47 -72.03
C ARG A 298 -46.97 37.21 -72.34
N PRO A 299 -46.04 37.21 -73.33
CA PRO A 299 -45.08 36.09 -73.53
C PRO A 299 -43.92 35.95 -72.52
N ARG A 300 -43.52 34.73 -72.17
CA ARG A 300 -42.44 34.50 -71.16
C ARG A 300 -41.27 33.69 -71.72
N SER A 301 -41.53 32.54 -72.34
CA SER A 301 -40.44 31.63 -72.80
C SER A 301 -40.70 31.00 -74.17
N LEU A 302 -39.64 30.70 -74.92
CA LEU A 302 -39.75 30.00 -76.22
C LEU A 302 -38.76 28.81 -76.33
N ARG A 303 -39.19 27.64 -76.82
CA ARG A 303 -38.31 26.47 -77.12
C ARG A 303 -38.55 26.00 -78.58
N VAL A 304 -37.47 25.79 -79.36
CA VAL A 304 -37.57 25.29 -80.77
C VAL A 304 -36.76 23.99 -81.02
N LYS A 305 -37.36 22.99 -81.67
CA LYS A 305 -36.67 21.73 -82.09
C LYS A 305 -36.85 21.47 -83.61
N ILE A 306 -35.77 21.13 -84.33
CA ILE A 306 -35.82 20.72 -85.78
C ILE A 306 -35.34 19.25 -85.87
N PHE A 307 -36.09 18.35 -86.51
CA PHE A 307 -35.86 16.87 -86.46
C PHE A 307 -36.43 16.09 -87.66
N ASN A 308 -36.12 14.79 -87.78
CA ASN A 308 -36.61 13.84 -88.85
C ASN A 308 -36.23 14.32 -90.25
N ILE A 309 -35.02 14.80 -90.40
CA ILE A 309 -34.50 15.35 -91.68
C ILE A 309 -34.40 14.30 -92.81
N GLN A 310 -34.83 14.66 -94.02
CA GLN A 310 -34.76 13.77 -95.20
C GLN A 310 -34.28 14.58 -96.43
N VAL A 311 -33.17 14.17 -97.02
CA VAL A 311 -32.58 14.86 -98.19
C VAL A 311 -32.86 14.00 -99.43
N LYS A 312 -33.38 14.62 -100.49
CA LYS A 312 -33.77 13.93 -101.73
C LYS A 312 -33.03 14.47 -102.96
N GLU A 313 -32.63 13.60 -103.88
CA GLU A 313 -31.97 14.02 -105.14
C GLU A 313 -32.95 13.83 -106.30
N VAL A 314 -33.04 14.83 -107.17
CA VAL A 314 -33.98 14.79 -108.31
C VAL A 314 -33.14 14.68 -109.59
N THR A 315 -33.47 13.72 -110.44
CA THR A 315 -32.71 13.50 -111.69
C THR A 315 -33.65 13.45 -112.87
N VAL A 316 -33.29 14.08 -113.97
CA VAL A 316 -34.14 13.95 -115.19
C VAL A 316 -33.38 13.28 -116.34
N GLN A 317 -33.90 12.19 -116.91
CA GLN A 317 -33.30 11.61 -118.14
C GLN A 317 -34.44 11.53 -119.16
N ASP A 318 -34.35 12.25 -120.27
CA ASP A 318 -35.37 12.15 -121.35
C ASP A 318 -36.77 12.41 -120.77
N SER A 319 -36.93 13.35 -119.83
CA SER A 319 -38.26 13.76 -119.29
C SER A 319 -38.86 12.80 -118.22
N THR A 320 -38.15 11.76 -117.77
CA THR A 320 -38.64 10.88 -116.67
C THR A 320 -38.82 11.55 -115.30
N THR A 321 -37.93 12.44 -114.85
CA THR A 321 -37.97 13.06 -113.48
C THR A 321 -38.02 12.10 -112.27
N THR A 322 -37.14 11.10 -112.15
CA THR A 322 -37.04 10.25 -110.92
C THR A 322 -36.57 10.99 -109.66
N ILE A 323 -37.11 10.65 -108.48
CA ILE A 323 -36.72 11.24 -107.16
C ILE A 323 -36.19 10.14 -106.22
N ALA A 324 -35.05 10.34 -105.56
CA ALA A 324 -34.44 9.33 -104.67
C ALA A 324 -33.85 9.92 -103.38
N ASN A 325 -33.76 9.12 -102.33
CA ASN A 325 -33.08 9.52 -101.08
C ASN A 325 -31.56 9.60 -101.18
N ASN A 326 -30.93 10.63 -100.61
CA ASN A 326 -29.44 10.65 -100.50
C ASN A 326 -29.14 10.61 -98.99
N LEU A 327 -28.64 9.50 -98.47
CA LEU A 327 -28.29 9.28 -97.03
C LEU A 327 -27.14 10.14 -96.50
N THR A 328 -26.11 10.36 -97.32
CA THR A 328 -24.88 11.06 -96.88
C THR A 328 -24.94 12.59 -97.03
N SER A 329 -26.00 13.16 -97.62
CA SER A 329 -26.19 14.64 -97.75
C SER A 329 -26.50 15.37 -96.42
N THR A 330 -26.15 16.66 -96.32
CA THR A 330 -26.30 17.44 -95.05
C THR A 330 -27.17 18.69 -95.20
N VAL A 331 -27.71 19.13 -94.09
CA VAL A 331 -28.46 20.43 -93.99
C VAL A 331 -27.67 21.28 -92.97
N GLN A 332 -27.60 22.60 -93.15
CA GLN A 332 -26.89 23.56 -92.24
C GLN A 332 -27.84 24.53 -91.51
N VAL A 333 -27.73 24.63 -90.18
CA VAL A 333 -28.65 25.44 -89.33
C VAL A 333 -27.89 26.37 -88.36
N PHE A 334 -28.34 27.62 -88.20
CA PHE A 334 -27.77 28.57 -87.19
C PHE A 334 -28.82 29.59 -86.66
N THR A 335 -28.55 30.17 -85.49
CA THR A 335 -29.38 31.26 -84.91
C THR A 335 -28.54 32.53 -84.79
N ASP A 336 -29.08 33.69 -85.19
CA ASP A 336 -28.38 35.01 -85.08
C ASP A 336 -28.59 35.65 -83.71
N ASP A 337 -27.89 35.17 -82.70
CA ASP A 337 -28.02 35.61 -81.28
C ASP A 337 -27.65 37.08 -80.95
N ASP A 338 -26.61 37.64 -81.57
CA ASP A 338 -26.10 39.02 -81.30
C ASP A 338 -26.73 40.08 -82.22
N TYR A 339 -27.67 39.73 -83.10
CA TYR A 339 -28.43 40.68 -83.98
C TYR A 339 -27.52 41.38 -84.99
N GLN A 340 -26.47 40.73 -85.43
CA GLN A 340 -25.55 41.22 -86.47
C GLN A 340 -26.25 41.35 -87.84
N LEU A 341 -27.09 40.41 -88.20
CA LEU A 341 -27.85 40.44 -89.47
C LEU A 341 -29.04 41.39 -89.49
N PRO A 342 -29.45 41.88 -90.66
CA PRO A 342 -30.70 42.61 -90.74
C PRO A 342 -31.92 41.73 -90.35
N TYR A 343 -32.83 42.22 -89.52
CA TYR A 343 -33.99 41.42 -89.01
C TYR A 343 -35.25 41.71 -89.82
N VAL A 344 -35.69 40.73 -90.58
CA VAL A 344 -36.84 40.92 -91.49
C VAL A 344 -38.13 40.28 -90.94
N VAL A 345 -38.07 39.63 -89.77
CA VAL A 345 -39.21 38.87 -89.16
C VAL A 345 -40.46 39.72 -88.79
N GLY A 346 -40.37 40.94 -88.30
CA GLY A 346 -41.52 41.72 -87.74
C GLY A 346 -42.24 42.68 -88.67
N ASN A 347 -42.21 42.49 -89.98
CA ASN A 347 -42.72 43.42 -91.01
C ASN A 347 -44.02 42.98 -91.73
N GLY A 348 -44.86 42.08 -91.16
CA GLY A 348 -46.13 41.58 -91.73
C GLY A 348 -46.04 40.81 -93.03
N THR A 349 -45.01 40.00 -93.18
CA THR A 349 -44.76 39.22 -94.40
C THR A 349 -45.22 37.77 -94.28
N GLU A 350 -45.55 37.15 -95.41
CA GLU A 350 -45.97 35.73 -95.51
C GLU A 350 -44.85 34.69 -95.33
N GLY A 351 -45.18 33.42 -95.12
CA GLY A 351 -44.20 32.34 -94.81
C GLY A 351 -44.13 31.85 -93.38
N CYS A 352 -45.00 32.28 -92.48
CA CYS A 352 -45.09 31.76 -91.09
C CYS A 352 -45.72 30.35 -91.04
N LEU A 353 -45.56 29.64 -89.93
CA LEU A 353 -46.17 28.30 -89.76
C LEU A 353 -47.70 28.41 -89.92
N PRO A 354 -48.32 27.44 -90.59
CA PRO A 354 -49.77 27.49 -90.82
C PRO A 354 -50.75 27.40 -89.64
N ALA A 355 -51.93 28.02 -89.77
CA ALA A 355 -53.00 27.98 -88.74
C ALA A 355 -53.51 26.55 -88.50
N PHE A 356 -53.63 25.71 -89.55
CA PHE A 356 -54.18 24.34 -89.43
C PHE A 356 -53.02 23.35 -89.35
N PRO A 357 -52.91 22.51 -88.27
CA PRO A 357 -51.80 21.57 -88.08
C PRO A 357 -51.41 20.57 -89.18
N PRO A 358 -52.34 19.93 -89.93
CA PRO A 358 -52.06 19.07 -91.07
C PRO A 358 -51.41 19.71 -92.32
N GLN A 359 -51.57 21.01 -92.52
CA GLN A 359 -51.03 21.72 -93.71
C GLN A 359 -49.50 21.69 -93.78
N VAL A 360 -48.96 21.50 -94.98
CA VAL A 360 -47.48 21.37 -95.20
C VAL A 360 -47.00 22.64 -95.90
N PHE A 361 -45.90 23.22 -95.44
CA PHE A 361 -45.48 24.56 -95.96
C PHE A 361 -44.03 24.68 -96.51
N THR A 362 -43.88 25.55 -97.51
CA THR A 362 -42.56 25.93 -98.05
C THR A 362 -41.94 27.07 -97.23
N LEU A 363 -40.67 26.96 -96.85
CA LEU A 363 -39.93 28.06 -96.16
C LEU A 363 -39.62 29.23 -97.08
N PRO A 364 -39.77 30.48 -96.57
CA PRO A 364 -39.36 31.67 -97.33
C PRO A 364 -37.85 31.86 -97.57
N GLN A 365 -37.45 32.40 -98.72
CA GLN A 365 -36.03 32.76 -98.99
C GLN A 365 -35.60 34.08 -98.30
N TYR A 366 -34.46 34.10 -97.62
CA TYR A 366 -33.86 35.31 -97.00
C TYR A 366 -33.26 36.32 -98.00
N GLY A 367 -33.49 37.61 -97.74
CA GLY A 367 -33.01 38.72 -98.56
C GLY A 367 -33.08 39.97 -97.73
N TYR A 368 -32.46 41.06 -98.18
CA TYR A 368 -32.47 42.36 -97.45
C TYR A 368 -32.25 43.53 -98.38
N ALA A 369 -32.64 44.71 -97.95
CA ALA A 369 -32.30 45.97 -98.66
C ALA A 369 -31.29 46.76 -97.82
N THR A 370 -30.23 47.25 -98.44
CA THR A 370 -29.24 48.18 -97.81
C THR A 370 -29.53 49.59 -98.32
N LEU A 371 -28.55 50.48 -98.29
CA LEU A 371 -28.66 51.85 -98.82
C LEU A 371 -28.70 51.97 -100.35
N ASN A 372 -29.42 52.95 -100.86
CA ASN A 372 -29.55 53.20 -102.32
C ASN A 372 -29.22 54.69 -102.53
N ARG A 373 -28.70 55.08 -103.68
CA ARG A 373 -28.23 56.47 -103.89
C ARG A 373 -29.23 57.35 -104.66
N ASP A 374 -29.65 58.47 -104.09
CA ASP A 374 -30.54 59.49 -104.72
C ASP A 374 -31.88 58.95 -105.25
N ASN A 375 -32.54 58.05 -104.52
CA ASN A 375 -33.84 57.44 -104.94
C ASN A 375 -33.68 56.74 -106.30
N THR A 376 -32.58 56.00 -106.50
CA THR A 376 -32.25 55.24 -107.73
C THR A 376 -31.80 53.81 -107.37
N GLU A 377 -31.62 52.89 -108.32
CA GLU A 377 -31.19 51.48 -108.09
C GLU A 377 -29.71 51.30 -107.68
N ASN A 378 -28.88 52.32 -107.85
CA ASN A 378 -27.43 52.31 -107.50
C ASN A 378 -27.11 52.34 -106.01
N PRO A 379 -26.02 51.67 -105.58
CA PRO A 379 -25.48 51.72 -104.22
C PRO A 379 -24.63 52.96 -103.77
N THR A 380 -24.30 53.04 -102.50
CA THR A 380 -23.49 54.09 -101.86
C THR A 380 -22.27 53.44 -101.22
N GLU A 381 -21.25 54.21 -100.84
CA GLU A 381 -20.04 53.73 -100.11
C GLU A 381 -20.43 53.15 -98.74
N ARG A 382 -21.41 53.69 -98.05
CA ARG A 382 -21.97 53.18 -96.78
C ARG A 382 -22.72 51.84 -96.95
N SER A 383 -23.18 51.49 -98.16
CA SER A 383 -23.97 50.25 -98.44
C SER A 383 -23.16 48.99 -98.07
N SER A 384 -23.80 48.01 -97.45
CA SER A 384 -23.15 46.83 -96.82
C SER A 384 -23.55 45.45 -97.40
N PHE A 385 -22.57 44.55 -97.47
CA PHE A 385 -22.81 43.15 -97.90
C PHE A 385 -22.58 42.24 -96.69
N PHE A 386 -23.49 41.31 -96.49
CA PHE A 386 -23.36 40.32 -95.39
C PHE A 386 -23.33 38.90 -95.94
N CYS A 387 -22.33 38.10 -95.53
CA CYS A 387 -22.22 36.65 -95.87
C CYS A 387 -22.70 35.77 -94.69
N LEU A 388 -23.68 34.89 -94.90
CA LEU A 388 -24.21 33.91 -93.89
C LEU A 388 -23.18 32.82 -93.54
N GLU A 389 -22.37 32.39 -94.52
CA GLU A 389 -21.35 31.32 -94.37
C GLU A 389 -20.20 31.80 -93.48
N TYR A 390 -20.04 33.10 -93.27
CA TYR A 390 -19.05 33.69 -92.32
C TYR A 390 -19.40 33.28 -90.88
N PHE A 391 -20.65 33.21 -90.48
CA PHE A 391 -21.09 32.71 -89.15
C PHE A 391 -20.87 31.21 -88.99
N PRO A 392 -20.60 30.68 -87.78
CA PRO A 392 -20.64 29.23 -87.56
C PRO A 392 -22.04 28.52 -87.59
N SER A 393 -22.17 27.32 -88.19
CA SER A 393 -23.46 26.58 -88.29
C SER A 393 -23.35 25.07 -87.95
N LYS A 394 -24.38 24.49 -87.38
CA LYS A 394 -24.46 23.01 -87.17
C LYS A 394 -24.71 22.27 -88.50
N MET A 395 -24.09 21.11 -88.72
CA MET A 395 -24.30 20.30 -89.94
C MET A 395 -25.08 19.01 -89.57
N LEU A 396 -26.17 18.75 -90.28
CA LEU A 396 -27.02 17.58 -89.92
C LEU A 396 -27.25 16.57 -91.06
N ARG A 397 -27.02 15.31 -90.79
CA ARG A 397 -27.43 14.17 -91.66
C ARG A 397 -28.85 13.69 -91.20
N THR A 398 -29.42 12.66 -91.82
CA THR A 398 -30.79 12.07 -91.52
C THR A 398 -30.98 11.65 -90.06
N GLY A 399 -29.98 11.09 -89.37
CA GLY A 399 -29.97 10.80 -87.92
C GLY A 399 -30.02 11.98 -86.98
N ASN A 400 -29.42 13.12 -87.32
CA ASN A 400 -29.22 14.34 -86.48
C ASN A 400 -30.42 15.26 -86.20
N ASN A 401 -30.39 16.02 -85.11
CA ASN A 401 -31.45 16.97 -84.68
C ASN A 401 -30.85 18.30 -84.15
N PHE A 402 -31.61 19.39 -84.13
CA PHE A 402 -31.19 20.71 -83.58
C PHE A 402 -32.19 21.24 -82.53
N GLU A 403 -31.69 21.83 -81.43
CA GLU A 403 -32.58 22.47 -80.41
C GLU A 403 -32.11 23.89 -79.99
N PHE A 404 -33.05 24.81 -79.69
CA PHE A 404 -32.74 26.18 -79.16
C PHE A 404 -33.73 26.58 -78.02
N THR A 405 -33.30 27.42 -77.07
CA THR A 405 -34.16 27.96 -75.95
C THR A 405 -34.01 29.48 -75.86
N TYR A 406 -35.09 30.22 -75.60
CA TYR A 406 -35.08 31.71 -75.44
C TYR A 406 -35.94 32.19 -74.25
N ASN A 407 -35.54 33.28 -73.59
CA ASN A 407 -36.37 33.95 -72.53
C ASN A 407 -36.72 35.36 -72.98
N PHE A 408 -37.98 35.74 -72.86
CA PHE A 408 -38.45 37.10 -73.24
C PHE A 408 -38.04 38.09 -72.14
N GLU A 409 -37.75 39.33 -72.49
CA GLU A 409 -37.50 40.43 -71.51
C GLU A 409 -38.82 40.85 -70.82
N GLU A 410 -38.75 41.49 -69.66
CA GLU A 410 -39.99 42.01 -69.04
C GLU A 410 -40.68 43.02 -69.97
N VAL A 411 -41.98 42.86 -70.15
CA VAL A 411 -42.76 43.71 -71.08
C VAL A 411 -44.11 43.95 -70.40
N PRO A 412 -44.82 45.06 -70.67
CA PRO A 412 -46.18 45.23 -70.14
C PRO A 412 -47.23 44.26 -70.72
N PHE A 413 -48.22 43.83 -69.93
CA PHE A 413 -49.33 42.97 -70.42
C PHE A 413 -50.18 43.69 -71.44
N HIS A 414 -50.65 43.02 -72.50
CA HIS A 414 -51.64 43.60 -73.44
C HIS A 414 -52.97 43.79 -72.69
N SER A 415 -53.72 44.85 -73.00
CA SER A 415 -55.02 45.09 -72.33
C SER A 415 -56.20 44.49 -73.09
N SER A 416 -56.72 43.34 -72.64
CA SER A 416 -57.91 42.67 -73.23
C SER A 416 -59.20 43.12 -72.53
N PHE A 417 -59.56 44.38 -72.65
CA PHE A 417 -60.79 44.93 -72.01
C PHE A 417 -61.22 46.17 -72.77
N ALA A 418 -62.49 46.52 -72.62
CA ALA A 418 -63.04 47.76 -73.21
C ALA A 418 -63.47 48.66 -72.04
N PRO A 419 -63.19 49.98 -72.11
CA PRO A 419 -63.70 50.90 -71.10
C PRO A 419 -65.23 51.05 -70.98
N SER A 420 -65.72 51.07 -69.74
CA SER A 420 -67.16 51.24 -69.45
C SER A 420 -67.55 52.72 -69.18
N GLN A 421 -66.58 53.65 -69.21
CA GLN A 421 -66.86 55.10 -69.04
C GLN A 421 -66.18 55.99 -70.08
N ASN A 422 -66.81 57.09 -70.47
CA ASN A 422 -66.21 58.16 -71.32
C ASN A 422 -65.18 58.97 -70.51
N LEU A 423 -64.06 59.39 -71.12
CA LEU A 423 -62.96 60.17 -70.50
C LEU A 423 -63.46 61.53 -70.00
N PHE A 424 -64.37 62.17 -70.72
CA PHE A 424 -64.96 63.49 -70.36
C PHE A 424 -66.22 63.44 -69.42
N LYS A 425 -66.75 62.29 -69.01
CA LYS A 425 -67.99 62.14 -68.18
C LYS A 425 -67.69 61.58 -66.76
N LEU A 426 -66.55 61.86 -66.13
CA LEU A 426 -66.11 61.25 -64.83
C LEU A 426 -66.59 61.98 -63.54
N ALA A 427 -67.11 63.19 -63.64
CA ALA A 427 -67.68 63.90 -62.48
C ALA A 427 -68.98 63.19 -62.05
N ASN A 428 -69.32 63.22 -60.76
CA ASN A 428 -70.60 62.67 -60.29
C ASN A 428 -71.74 63.42 -60.97
N PRO A 429 -72.75 62.71 -61.52
CA PRO A 429 -73.90 63.34 -62.15
C PRO A 429 -74.79 64.19 -61.21
N LEU A 430 -75.01 63.80 -59.96
CA LEU A 430 -75.75 64.49 -58.86
C LEU A 430 -75.16 65.80 -58.33
N VAL A 431 -73.84 65.93 -58.25
CA VAL A 431 -73.19 67.10 -57.57
C VAL A 431 -72.54 68.17 -58.49
N ASP A 432 -72.81 69.46 -58.23
CA ASP A 432 -72.16 70.62 -58.92
C ASP A 432 -70.69 70.85 -58.55
N GLN A 433 -69.90 71.36 -59.46
CA GLN A 433 -68.49 71.77 -59.21
C GLN A 433 -68.35 73.08 -58.40
N TYR A 434 -67.30 73.25 -57.60
CA TYR A 434 -67.01 74.57 -56.93
C TYR A 434 -66.21 75.51 -57.89
N LEU A 435 -66.37 75.38 -59.19
CA LEU A 435 -65.55 76.09 -60.20
C LEU A 435 -66.45 76.87 -61.15
N TYR A 436 -65.94 77.97 -61.71
CA TYR A 436 -66.76 78.88 -62.54
C TYR A 436 -66.11 79.14 -63.89
N ARG A 437 -66.93 79.49 -64.88
CA ARG A 437 -66.45 79.71 -66.26
C ARG A 437 -66.93 81.07 -66.79
N PHE A 438 -66.19 81.65 -67.74
CA PHE A 438 -66.60 82.91 -68.39
C PHE A 438 -67.61 82.59 -69.47
N VAL A 439 -68.73 83.29 -69.42
CA VAL A 439 -69.78 83.07 -70.44
C VAL A 439 -70.13 84.32 -71.24
N SER A 440 -69.77 85.51 -70.77
CA SER A 440 -70.35 86.72 -71.39
C SER A 440 -69.65 88.07 -71.15
N THR A 441 -69.98 89.04 -71.97
CA THR A 441 -69.54 90.43 -71.77
C THR A 441 -70.83 91.27 -71.82
N ASN A 442 -70.97 92.32 -71.02
CA ASN A 442 -72.17 93.23 -71.03
C ASN A 442 -72.08 94.34 -72.10
N ASN A 443 -73.03 95.29 -72.14
CA ASN A 443 -73.09 96.37 -73.19
C ASN A 443 -71.80 97.19 -73.10
N THR A 444 -71.28 97.50 -71.92
CA THR A 444 -69.91 98.03 -71.76
C THR A 444 -69.18 96.72 -71.69
N GLY A 445 -68.03 96.52 -72.30
CA GLY A 445 -67.55 95.12 -72.37
C GLY A 445 -66.99 94.54 -71.09
N GLY A 446 -67.83 94.35 -70.07
CA GLY A 446 -67.41 93.84 -68.74
C GLY A 446 -67.67 92.36 -68.59
N VAL A 447 -66.69 91.61 -68.12
CA VAL A 447 -66.77 90.12 -68.03
C VAL A 447 -67.80 89.57 -67.04
N GLN A 448 -68.44 88.45 -67.40
CA GLN A 448 -69.52 87.84 -66.59
C GLN A 448 -69.24 86.33 -66.42
N PHE A 449 -69.67 85.75 -65.30
CA PHE A 449 -69.34 84.33 -64.97
C PHE A 449 -70.55 83.52 -64.50
N ASN A 450 -70.52 82.21 -64.71
CA ASN A 450 -71.60 81.28 -64.24
C ASN A 450 -70.96 80.06 -63.60
N LYS A 451 -71.59 79.47 -62.60
CA LYS A 451 -71.14 78.21 -61.94
C LYS A 451 -71.37 76.97 -62.83
N ASN A 452 -70.56 75.94 -62.62
CA ASN A 452 -70.70 74.69 -63.41
C ASN A 452 -71.68 73.73 -62.71
N LEU A 453 -72.80 73.41 -63.35
CA LEU A 453 -73.89 72.54 -62.82
C LEU A 453 -73.66 71.02 -62.95
N ALA A 454 -74.36 70.23 -62.15
CA ALA A 454 -74.26 68.75 -62.19
C ALA A 454 -74.71 68.14 -63.53
N GLY A 455 -73.89 67.24 -64.09
CA GLY A 455 -74.19 66.53 -65.35
C GLY A 455 -73.93 67.31 -66.63
N ARG A 456 -73.45 68.55 -66.54
CA ARG A 456 -73.18 69.42 -67.72
C ARG A 456 -71.74 69.16 -68.23
N TYR A 457 -71.49 68.03 -68.88
CA TYR A 457 -70.15 67.52 -69.34
C TYR A 457 -69.54 68.43 -70.41
N ALA A 458 -70.38 69.11 -71.17
CA ALA A 458 -69.93 70.09 -72.17
C ALA A 458 -69.15 71.23 -71.47
N ASN A 459 -69.50 71.67 -70.26
CA ASN A 459 -68.88 72.84 -69.58
C ASN A 459 -68.11 72.56 -68.28
N THR A 460 -67.44 71.45 -68.09
CA THR A 460 -66.87 71.00 -66.80
C THR A 460 -65.36 71.07 -66.89
N TYR A 461 -64.68 71.40 -65.81
CA TYR A 461 -63.19 71.41 -65.76
C TYR A 461 -62.71 69.97 -65.89
N LYS A 462 -61.64 69.74 -66.63
CA LYS A 462 -61.14 68.37 -66.90
C LYS A 462 -59.68 68.16 -66.51
N ASN A 463 -59.36 67.11 -65.77
CA ASN A 463 -57.95 66.67 -65.47
C ASN A 463 -57.15 66.09 -66.65
N TRP A 464 -57.76 65.33 -67.54
CA TRP A 464 -57.04 64.49 -68.51
C TRP A 464 -57.50 64.67 -69.93
N PHE A 465 -56.63 64.39 -70.87
CA PHE A 465 -56.90 64.69 -72.29
C PHE A 465 -56.73 63.45 -73.13
N PRO A 466 -57.44 63.39 -74.27
CA PRO A 466 -57.29 62.29 -75.22
C PRO A 466 -55.97 62.24 -75.99
N GLY A 467 -55.63 61.07 -76.52
CA GLY A 467 -54.36 60.82 -77.25
C GLY A 467 -54.23 61.44 -78.63
N PRO A 468 -53.00 61.43 -79.21
CA PRO A 468 -52.72 62.10 -80.49
C PRO A 468 -53.46 61.65 -81.77
N MET A 469 -53.78 62.60 -82.65
CA MET A 469 -54.58 62.29 -83.85
C MET A 469 -54.06 62.91 -85.16
N GLY A 470 -54.19 62.27 -86.32
CA GLY A 470 -53.97 62.89 -87.64
C GLY A 470 -55.15 62.57 -88.55
N ARG A 471 -55.78 63.52 -89.23
CA ARG A 471 -57.02 63.20 -90.01
C ARG A 471 -56.78 62.25 -91.23
N THR A 472 -57.63 61.23 -91.41
CA THR A 472 -57.56 60.22 -92.49
C THR A 472 -58.93 60.09 -93.12
N GLN A 473 -59.04 59.92 -94.43
CA GLN A 473 -60.33 59.90 -95.16
C GLN A 473 -61.25 58.73 -94.73
N GLY A 474 -62.56 58.98 -94.64
CA GLY A 474 -63.55 57.96 -94.28
C GLY A 474 -64.36 57.49 -95.46
N TRP A 475 -64.49 56.17 -95.59
CA TRP A 475 -65.26 55.54 -96.70
C TRP A 475 -66.39 54.66 -96.17
N ASN A 476 -67.58 54.79 -96.73
CA ASN A 476 -68.77 53.97 -96.33
C ASN A 476 -68.67 52.54 -96.87
N LEU A 477 -69.18 51.57 -96.13
CA LEU A 477 -69.15 50.13 -96.47
C LEU A 477 -70.62 49.65 -96.47
N GLY A 478 -70.94 48.51 -97.10
CA GLY A 478 -72.34 48.06 -97.19
C GLY A 478 -73.20 49.00 -98.01
N SER A 479 -74.27 49.54 -97.41
CA SER A 479 -75.16 50.48 -98.12
C SER A 479 -74.37 51.71 -98.56
N GLY A 480 -73.44 52.25 -97.74
CA GLY A 480 -72.49 53.24 -98.27
C GLY A 480 -73.04 54.51 -98.86
N VAL A 481 -72.71 54.81 -100.12
CA VAL A 481 -73.08 56.09 -100.82
C VAL A 481 -71.80 56.96 -101.08
N ASN A 482 -70.62 56.39 -101.20
CA ASN A 482 -69.32 57.06 -101.54
C ASN A 482 -69.16 57.57 -102.98
N ARG A 483 -68.23 58.52 -103.23
CA ARG A 483 -67.93 59.10 -104.58
C ARG A 483 -67.37 58.09 -105.62
N ALA A 484 -67.84 58.17 -106.87
CA ALA A 484 -67.50 57.22 -107.96
C ALA A 484 -66.19 57.43 -108.73
N SER A 485 -65.61 56.35 -109.28
CA SER A 485 -64.43 56.39 -110.19
C SER A 485 -63.19 57.08 -109.61
N VAL A 486 -62.86 56.83 -108.35
CA VAL A 486 -61.72 57.53 -107.67
C VAL A 486 -60.42 56.70 -107.74
N SER A 487 -59.28 57.34 -108.03
CA SER A 487 -57.97 56.67 -107.86
C SER A 487 -57.45 57.16 -106.50
N ALA A 488 -57.26 56.29 -105.54
CA ALA A 488 -56.90 56.62 -104.14
C ALA A 488 -55.53 57.28 -103.87
N PHE A 489 -54.44 56.94 -104.55
CA PHE A 489 -53.04 57.28 -104.14
C PHE A 489 -52.67 58.79 -104.01
N ALA A 490 -53.11 59.68 -104.88
CA ALA A 490 -52.75 61.12 -104.81
C ALA A 490 -53.23 61.76 -103.51
N THR A 491 -54.40 61.38 -103.01
CA THR A 491 -55.01 61.99 -101.80
C THR A 491 -54.73 61.23 -100.52
N THR A 492 -53.92 60.19 -100.53
CA THR A 492 -53.54 59.39 -99.33
C THR A 492 -52.59 60.10 -98.39
N ASN A 493 -52.58 59.74 -97.10
CA ASN A 493 -51.63 60.29 -96.07
C ASN A 493 -50.20 59.86 -96.35
N ARG A 494 -49.24 60.76 -96.14
CA ARG A 494 -47.82 60.45 -96.49
C ARG A 494 -46.82 61.07 -95.53
N MET A 495 -45.62 60.49 -95.41
CA MET A 495 -44.49 61.07 -94.65
C MET A 495 -43.30 61.14 -95.63
N GLU A 496 -42.43 62.15 -95.54
CA GLU A 496 -41.30 62.35 -96.49
C GLU A 496 -39.98 61.91 -95.85
N LEU A 497 -39.22 60.99 -96.47
CA LEU A 497 -37.86 60.59 -96.00
C LEU A 497 -36.86 60.65 -97.13
N GLU A 498 -35.69 61.28 -96.98
CA GLU A 498 -34.56 61.28 -97.97
C GLU A 498 -34.97 61.74 -99.37
N GLY A 499 -35.86 62.72 -99.51
CA GLY A 499 -36.36 63.11 -100.85
C GLY A 499 -37.48 62.28 -101.47
N ALA A 500 -38.09 61.33 -100.78
CA ALA A 500 -39.23 60.59 -101.38
C ALA A 500 -40.49 60.61 -100.49
N SER A 501 -41.68 60.51 -101.09
CA SER A 501 -42.98 60.48 -100.35
C SER A 501 -43.43 59.04 -100.13
N TYR A 502 -43.72 58.69 -98.90
CA TYR A 502 -44.11 57.29 -98.58
C TYR A 502 -45.47 57.20 -97.94
N GLN A 503 -46.27 56.27 -98.42
CA GLN A 503 -47.53 55.94 -97.70
C GLN A 503 -47.10 55.23 -96.41
N VAL A 504 -47.80 55.48 -95.32
CA VAL A 504 -47.52 54.87 -93.99
C VAL A 504 -48.87 54.25 -93.63
N PRO A 505 -49.21 53.08 -94.23
CA PRO A 505 -50.54 52.49 -94.16
C PRO A 505 -51.10 52.16 -92.82
N PRO A 506 -50.42 51.65 -91.77
CA PRO A 506 -51.08 51.59 -90.47
C PRO A 506 -50.84 53.04 -90.03
N GLN A 507 -51.82 53.78 -89.54
CA GLN A 507 -51.43 55.13 -89.02
C GLN A 507 -50.79 54.97 -87.61
N PRO A 508 -50.15 56.00 -87.00
CA PRO A 508 -49.66 55.91 -85.61
C PRO A 508 -50.74 55.78 -84.49
N ASN A 509 -50.48 55.14 -83.33
CA ASN A 509 -51.48 54.87 -82.23
C ASN A 509 -52.20 56.07 -81.57
N GLY A 510 -53.38 55.84 -80.96
CA GLY A 510 -54.22 56.87 -80.29
C GLY A 510 -55.49 57.28 -80.99
N MET A 511 -55.85 56.62 -82.06
CA MET A 511 -57.11 56.93 -82.78
C MET A 511 -58.05 55.73 -82.90
N THR A 512 -59.32 55.98 -83.24
CA THR A 512 -60.28 54.89 -83.60
C THR A 512 -60.73 55.07 -85.05
N ASN A 513 -60.64 54.05 -85.89
CA ASN A 513 -61.15 53.98 -87.31
C ASN A 513 -62.69 54.01 -87.48
N ASN A 514 -63.48 53.36 -86.61
CA ASN A 514 -64.95 53.20 -86.79
C ASN A 514 -65.69 53.61 -85.50
N LEU A 515 -66.78 54.36 -85.60
CA LEU A 515 -67.63 54.74 -84.41
C LEU A 515 -68.44 53.64 -83.66
N GLN A 516 -69.10 52.65 -84.27
CA GLN A 516 -69.99 51.61 -83.62
C GLN A 516 -71.33 51.76 -84.32
N GLY A 517 -71.97 50.66 -84.72
CA GLY A 517 -73.06 50.90 -85.66
C GLY A 517 -72.28 51.46 -86.83
N SER A 518 -72.52 52.67 -87.30
CA SER A 518 -71.80 53.33 -88.44
C SER A 518 -71.07 52.46 -89.47
N ASN A 519 -71.23 52.83 -90.73
CA ASN A 519 -70.57 52.11 -91.85
C ASN A 519 -69.41 52.94 -92.39
N THR A 520 -69.02 54.03 -91.70
CA THR A 520 -67.83 54.82 -92.08
C THR A 520 -66.57 54.24 -91.44
N TYR A 521 -65.56 54.01 -92.26
CA TYR A 521 -64.28 53.45 -91.79
C TYR A 521 -63.17 54.27 -92.36
N ALA A 522 -62.18 54.55 -91.54
CA ALA A 522 -60.98 55.20 -92.13
C ALA A 522 -60.10 54.04 -92.57
N LEU A 523 -60.02 53.75 -93.87
CA LEU A 523 -59.35 52.55 -94.47
C LEU A 523 -57.82 52.47 -94.23
N GLU A 524 -57.12 53.61 -94.26
CA GLU A 524 -55.65 53.66 -94.01
C GLU A 524 -55.32 53.55 -92.51
N ASN A 525 -56.29 53.56 -91.60
CA ASN A 525 -56.09 53.30 -90.14
C ASN A 525 -56.53 51.87 -89.78
N THR A 526 -56.85 51.01 -90.73
CA THR A 526 -57.40 49.64 -90.42
C THR A 526 -56.53 48.53 -90.93
N MET A 527 -56.33 47.48 -90.14
CA MET A 527 -55.69 46.23 -90.61
C MET A 527 -56.67 45.48 -91.53
N ILE A 528 -56.26 45.18 -92.76
CA ILE A 528 -57.09 44.41 -93.74
C ILE A 528 -56.42 43.06 -94.05
N PHE A 529 -57.17 41.98 -93.98
CA PHE A 529 -56.66 40.58 -94.12
C PHE A 529 -57.50 39.83 -95.12
N ASN A 530 -56.97 38.74 -95.67
CA ASN A 530 -57.72 37.83 -96.59
C ASN A 530 -58.06 36.55 -95.81
N SER A 531 -59.27 36.02 -95.95
CA SER A 531 -59.67 34.72 -95.33
C SER A 531 -58.82 33.57 -95.88
N GLN A 532 -58.52 33.57 -97.18
CA GLN A 532 -57.74 32.52 -97.86
C GLN A 532 -56.35 33.02 -98.25
N PRO A 533 -55.30 32.16 -98.25
CA PRO A 533 -53.97 32.55 -98.73
C PRO A 533 -53.95 32.81 -100.24
N ALA A 534 -53.03 33.67 -100.69
CA ALA A 534 -52.99 34.09 -102.11
C ALA A 534 -51.69 33.69 -102.81
N ASN A 535 -51.78 33.51 -104.12
CA ASN A 535 -50.58 33.23 -104.95
C ASN A 535 -49.68 34.48 -105.02
N PRO A 536 -48.34 34.32 -105.10
CA PRO A 536 -47.45 35.47 -105.21
C PRO A 536 -47.58 36.35 -106.46
N GLY A 537 -47.51 37.66 -106.29
CA GLY A 537 -47.55 38.62 -107.40
C GLY A 537 -48.93 38.93 -107.94
N THR A 538 -49.99 38.50 -107.28
CA THR A 538 -51.35 38.72 -107.79
C THR A 538 -51.62 40.22 -107.91
N THR A 539 -52.25 40.65 -109.00
CA THR A 539 -52.66 42.06 -109.21
C THR A 539 -54.17 42.16 -109.27
N ALA A 540 -54.90 41.10 -108.89
CA ALA A 540 -56.38 41.04 -108.95
C ALA A 540 -57.10 42.05 -108.04
N THR A 541 -58.21 42.64 -108.51
CA THR A 541 -59.04 43.52 -107.65
C THR A 541 -59.82 42.68 -106.65
N TYR A 542 -59.96 43.17 -105.42
CA TYR A 542 -60.77 42.48 -104.39
C TYR A 542 -61.85 43.39 -103.89
N LEU A 543 -63.07 42.91 -103.86
CA LEU A 543 -64.22 43.62 -103.25
C LEU A 543 -64.28 43.39 -101.72
N GLU A 544 -65.13 44.10 -101.01
CA GLU A 544 -65.27 44.05 -99.52
C GLU A 544 -65.67 42.66 -98.99
N GLY A 545 -66.53 41.92 -99.69
CA GLY A 545 -66.99 40.59 -99.24
C GLY A 545 -65.85 39.61 -99.10
N ASN A 546 -64.88 39.60 -99.99
CA ASN A 546 -63.65 38.78 -99.84
C ASN A 546 -62.80 39.20 -98.62
N MET A 547 -62.71 40.48 -98.28
CA MET A 547 -61.77 40.97 -97.24
C MET A 547 -62.24 40.81 -95.78
N LEU A 548 -61.30 40.69 -94.85
CA LEU A 548 -61.63 40.71 -93.39
C LEU A 548 -61.22 42.09 -92.88
N ILE A 549 -62.16 42.92 -92.45
CA ILE A 549 -61.86 44.33 -92.03
C ILE A 549 -62.10 44.51 -90.53
N THR A 550 -61.09 44.94 -89.80
CA THR A 550 -61.13 45.17 -88.34
C THR A 550 -61.77 46.50 -87.93
N SER A 551 -62.30 46.57 -86.71
CA SER A 551 -62.90 47.80 -86.13
C SER A 551 -62.28 48.03 -84.76
N GLU A 552 -62.02 49.28 -84.39
CA GLU A 552 -61.41 49.67 -83.09
C GLU A 552 -62.47 50.39 -82.24
N SER A 553 -63.76 50.16 -82.45
CA SER A 553 -64.90 50.89 -81.83
C SER A 553 -64.93 50.78 -80.29
N GLU A 554 -64.35 49.76 -79.68
CA GLU A 554 -64.25 49.57 -78.20
C GLU A 554 -63.42 50.71 -77.55
N THR A 555 -62.40 51.24 -78.22
CA THR A 555 -61.49 52.30 -77.71
C THR A 555 -62.06 53.71 -77.86
N GLN A 556 -63.24 53.89 -78.46
CA GLN A 556 -63.88 55.20 -78.77
C GLN A 556 -64.11 56.05 -77.50
N PRO A 557 -64.48 55.52 -76.31
CA PRO A 557 -64.53 56.33 -75.08
C PRO A 557 -63.25 57.12 -74.73
N VAL A 558 -62.03 56.67 -75.08
CA VAL A 558 -60.74 57.42 -74.95
C VAL A 558 -59.98 57.76 -76.25
N ASN A 559 -60.41 57.34 -77.44
CA ASN A 559 -59.60 57.55 -78.66
C ASN A 559 -60.39 58.39 -79.65
N ARG A 560 -59.76 59.43 -80.19
CA ARG A 560 -60.44 60.31 -81.17
C ARG A 560 -60.69 59.61 -82.52
N VAL A 561 -61.78 59.96 -83.20
CA VAL A 561 -62.08 59.40 -84.55
C VAL A 561 -61.18 60.01 -85.66
N ALA A 562 -60.57 59.16 -86.49
CA ALA A 562 -59.64 59.54 -87.60
C ALA A 562 -60.27 60.38 -88.70
N TYR A 563 -61.48 60.07 -89.13
CA TYR A 563 -62.19 60.80 -90.21
C TYR A 563 -62.52 62.26 -89.81
N ASN A 564 -62.87 62.52 -88.57
CA ASN A 564 -63.28 63.88 -88.05
C ASN A 564 -62.12 64.82 -87.69
N VAL A 565 -62.35 66.15 -87.65
CA VAL A 565 -61.38 67.17 -87.11
C VAL A 565 -61.18 67.00 -85.58
N GLY A 566 -59.97 67.20 -85.05
CA GLY A 566 -59.63 67.11 -83.60
C GLY A 566 -60.25 68.09 -82.61
N GLY A 567 -60.39 69.38 -82.94
CA GLY A 567 -60.84 70.40 -81.99
C GLY A 567 -60.68 71.79 -82.58
N GLN A 568 -60.85 72.84 -81.77
CA GLN A 568 -60.67 74.26 -82.21
C GLN A 568 -59.76 75.05 -81.24
N MET A 569 -59.01 76.05 -81.73
CA MET A 569 -58.12 76.94 -80.94
C MET A 569 -58.31 78.41 -81.38
N ALA A 570 -57.94 79.39 -80.55
CA ALA A 570 -58.03 80.85 -80.87
C ALA A 570 -57.06 81.30 -81.98
N THR A 571 -57.56 82.14 -82.90
CA THR A 571 -56.77 82.62 -84.05
C THR A 571 -56.55 84.14 -84.03
N ASN A 572 -56.96 84.86 -83.01
CA ASN A 572 -56.95 86.36 -83.04
C ASN A 572 -56.94 86.93 -81.63
N ASN A 573 -56.80 88.25 -81.53
CA ASN A 573 -56.97 88.95 -80.24
C ASN A 573 -58.25 89.78 -80.34
N GLN A 574 -59.19 89.63 -79.40
CA GLN A 574 -60.46 90.41 -79.34
C GLN A 574 -60.17 91.88 -78.94
N SER A 575 -61.02 92.81 -79.38
CA SER A 575 -60.88 94.25 -79.08
C SER A 575 -62.28 94.85 -79.21
N SER A 576 -62.48 96.09 -78.79
CA SER A 576 -63.81 96.71 -79.02
C SER A 576 -64.09 96.73 -80.53
N THR A 577 -63.11 97.06 -81.37
CA THR A 577 -63.23 96.97 -82.85
C THR A 577 -63.39 95.54 -83.37
N THR A 578 -62.70 94.54 -82.79
CA THR A 578 -62.69 93.17 -83.37
C THR A 578 -63.35 92.09 -82.54
N ALA A 579 -64.27 91.32 -83.15
CA ALA A 579 -64.90 90.14 -82.50
C ALA A 579 -63.92 88.98 -82.36
N PRO A 580 -64.05 88.13 -81.34
CA PRO A 580 -63.21 86.92 -81.20
C PRO A 580 -63.42 85.83 -82.28
N ALA A 581 -62.37 85.11 -82.68
CA ALA A 581 -62.41 84.08 -83.75
C ALA A 581 -61.72 82.77 -83.37
N THR A 582 -62.18 81.65 -83.91
CA THR A 582 -61.56 80.32 -83.67
C THR A 582 -61.24 79.62 -84.97
N GLY A 583 -60.32 78.65 -84.94
CA GLY A 583 -60.06 77.82 -86.12
C GLY A 583 -59.94 76.35 -85.78
N THR A 584 -60.45 75.45 -86.64
CA THR A 584 -60.28 73.97 -86.46
C THR A 584 -58.87 73.49 -86.82
N TYR A 585 -58.41 72.40 -86.21
CA TYR A 585 -57.11 71.77 -86.52
C TYR A 585 -57.31 70.29 -87.04
N ASN A 586 -56.49 69.81 -87.99
CA ASN A 586 -56.60 68.44 -88.58
C ASN A 586 -55.56 67.47 -87.96
N LEU A 587 -54.61 67.99 -87.19
CA LEU A 587 -53.58 67.14 -86.52
C LEU A 587 -53.19 67.68 -85.14
N GLN A 588 -52.88 66.81 -84.19
CA GLN A 588 -52.33 67.20 -82.87
C GLN A 588 -51.44 66.07 -82.38
N GLU A 589 -50.47 66.35 -81.54
CA GLU A 589 -49.48 65.35 -81.08
C GLU A 589 -49.55 65.31 -79.55
N ILE A 590 -48.65 64.58 -78.90
CA ILE A 590 -48.68 64.36 -77.43
C ILE A 590 -48.59 65.65 -76.60
N VAL A 591 -49.39 65.71 -75.55
CA VAL A 591 -49.44 66.87 -74.62
C VAL A 591 -49.34 66.24 -73.23
N PRO A 592 -48.86 66.95 -72.19
CA PRO A 592 -48.86 66.39 -70.84
C PRO A 592 -50.29 66.12 -70.30
N GLY A 593 -50.51 65.01 -69.58
CA GLY A 593 -51.84 64.57 -69.14
C GLY A 593 -52.62 63.77 -70.17
N SER A 594 -51.99 63.41 -71.29
CA SER A 594 -52.57 62.58 -72.38
C SER A 594 -52.76 61.10 -72.01
N VAL A 595 -53.91 60.52 -72.35
CA VAL A 595 -54.24 59.08 -72.10
C VAL A 595 -54.79 58.48 -73.41
N TRP A 596 -54.44 57.23 -73.72
CA TRP A 596 -54.96 56.52 -74.92
C TRP A 596 -54.89 55.00 -74.77
N MET A 597 -55.56 54.28 -75.64
CA MET A 597 -55.48 52.80 -75.72
C MET A 597 -54.73 52.37 -77.00
N GLU A 598 -53.81 51.42 -76.88
CA GLU A 598 -53.06 50.82 -78.04
C GLU A 598 -53.97 49.91 -78.88
N ARG A 599 -53.59 49.68 -80.14
CA ARG A 599 -54.34 48.77 -81.07
C ARG A 599 -54.46 47.32 -80.55
N ASP A 600 -55.61 46.71 -80.79
CA ASP A 600 -55.90 45.30 -80.40
C ASP A 600 -55.16 44.24 -81.22
N VAL A 601 -54.80 43.14 -80.59
CA VAL A 601 -54.25 41.94 -81.30
C VAL A 601 -55.35 41.08 -81.93
N TYR A 602 -55.02 40.33 -82.97
CA TYR A 602 -55.97 39.44 -83.68
C TYR A 602 -55.35 38.06 -83.76
N LEU A 603 -56.16 37.00 -83.86
CA LEU A 603 -55.64 35.62 -84.03
C LEU A 603 -54.86 35.51 -85.37
N GLN A 604 -55.33 36.11 -86.45
CA GLN A 604 -54.66 36.24 -87.77
C GLN A 604 -53.38 37.13 -87.71
N GLY A 605 -53.29 38.08 -86.79
CA GLY A 605 -52.16 39.03 -86.63
C GLY A 605 -50.84 38.64 -85.98
N PRO A 606 -49.80 39.51 -86.13
CA PRO A 606 -48.51 39.37 -85.43
C PRO A 606 -48.29 39.59 -83.93
N ILE A 607 -47.52 38.75 -83.22
CA ILE A 607 -47.10 38.98 -81.79
C ILE A 607 -46.07 40.11 -81.49
N TRP A 608 -44.97 40.22 -82.23
CA TRP A 608 -43.87 41.13 -81.84
C TRP A 608 -43.22 41.90 -82.99
N ALA A 609 -42.49 42.97 -82.67
CA ALA A 609 -41.67 43.74 -83.65
C ALA A 609 -40.37 44.12 -82.94
N LYS A 610 -39.29 44.23 -83.71
CA LYS A 610 -37.99 44.69 -83.15
C LYS A 610 -37.90 46.23 -83.11
N ILE A 611 -37.52 46.79 -81.97
CA ILE A 611 -37.27 48.24 -81.87
C ILE A 611 -35.97 48.57 -82.65
N PRO A 612 -35.95 49.58 -83.53
CA PRO A 612 -34.74 49.96 -84.27
C PRO A 612 -33.63 50.62 -83.43
N GLU A 613 -32.37 50.32 -83.71
CA GLU A 613 -31.26 50.86 -82.86
C GLU A 613 -30.75 52.22 -83.38
N THR A 614 -31.19 53.33 -82.79
CA THR A 614 -30.80 54.69 -83.20
C THR A 614 -30.19 55.41 -82.03
N GLY A 615 -30.42 54.90 -80.82
CA GLY A 615 -30.04 55.56 -79.57
C GLY A 615 -31.11 56.49 -79.02
N ALA A 616 -32.19 56.79 -79.75
CA ALA A 616 -33.31 57.62 -79.22
C ALA A 616 -34.68 57.12 -79.70
N HIS A 617 -35.65 56.99 -78.82
CA HIS A 617 -37.04 56.59 -79.20
C HIS A 617 -38.05 57.10 -78.17
N PHE A 618 -39.32 57.18 -78.55
CA PHE A 618 -40.40 57.51 -77.59
C PHE A 618 -41.48 56.44 -77.60
N HIS A 619 -41.91 55.91 -76.44
CA HIS A 619 -43.08 55.00 -76.28
C HIS A 619 -43.09 53.89 -77.34
N PRO A 620 -42.41 52.75 -77.08
CA PRO A 620 -42.17 51.78 -78.14
C PRO A 620 -43.14 50.63 -78.39
N SER A 621 -44.32 51.00 -78.83
CA SER A 621 -45.38 50.02 -79.15
C SER A 621 -45.57 50.04 -80.66
N PRO A 622 -45.45 48.88 -81.38
CA PRO A 622 -45.58 48.90 -82.83
C PRO A 622 -46.98 49.22 -83.40
N ALA A 623 -47.06 49.90 -84.53
CA ALA A 623 -48.34 50.36 -85.13
C ALA A 623 -49.29 49.24 -85.54
N MET A 624 -48.81 48.13 -86.12
CA MET A 624 -49.60 46.94 -86.52
C MET A 624 -50.22 46.28 -85.29
N GLY A 625 -49.56 46.32 -84.14
CA GLY A 625 -50.03 45.73 -82.88
C GLY A 625 -48.96 44.87 -82.23
N GLY A 626 -49.19 44.39 -81.03
CA GLY A 626 -48.24 43.50 -80.34
C GLY A 626 -47.20 44.10 -79.41
N PHE A 627 -46.12 43.37 -79.19
CA PHE A 627 -45.08 43.72 -78.20
C PHE A 627 -43.79 44.18 -78.89
N GLY A 628 -43.28 45.33 -78.47
CA GLY A 628 -42.03 45.89 -79.02
C GLY A 628 -40.87 45.47 -78.19
N LEU A 629 -39.90 44.82 -78.83
CA LEU A 629 -38.76 44.22 -78.06
C LEU A 629 -37.40 44.73 -78.50
N LYS A 630 -36.58 45.16 -77.55
CA LYS A 630 -35.15 45.49 -77.82
C LYS A 630 -34.37 44.24 -78.26
N HIS A 631 -34.59 43.11 -77.62
CA HIS A 631 -33.92 41.83 -77.96
C HIS A 631 -34.97 40.78 -78.30
N PRO A 632 -35.42 40.74 -79.57
CA PRO A 632 -36.43 39.83 -80.05
C PRO A 632 -36.04 38.35 -80.20
N PRO A 633 -36.98 37.40 -80.29
CA PRO A 633 -36.58 36.02 -80.52
C PRO A 633 -35.76 35.99 -81.83
N PRO A 634 -34.59 35.33 -81.86
CA PRO A 634 -33.67 35.40 -82.99
C PRO A 634 -33.96 34.74 -84.34
N MET A 635 -33.42 35.28 -85.42
CA MET A 635 -33.53 34.69 -86.78
C MET A 635 -32.92 33.28 -86.86
N MET A 636 -33.67 32.33 -87.43
CA MET A 636 -33.24 30.92 -87.58
C MET A 636 -33.08 30.63 -89.08
N LEU A 637 -31.89 30.25 -89.51
CA LEU A 637 -31.55 30.12 -90.94
C LEU A 637 -31.14 28.68 -91.29
N ILE A 638 -31.67 28.16 -92.38
CA ILE A 638 -31.37 26.76 -92.84
C ILE A 638 -31.00 26.77 -94.34
N LYS A 639 -29.99 25.98 -94.70
CA LYS A 639 -29.63 25.82 -96.13
C LYS A 639 -29.30 24.36 -96.49
N ASN A 640 -29.44 24.01 -97.75
CA ASN A 640 -28.97 22.68 -98.25
C ASN A 640 -27.49 22.83 -98.63
N THR A 641 -26.62 21.96 -98.16
CA THR A 641 -25.18 21.97 -98.54
C THR A 641 -25.00 21.67 -100.02
N PRO A 642 -24.17 22.46 -100.75
CA PRO A 642 -23.84 22.15 -102.14
C PRO A 642 -23.19 20.78 -102.34
N VAL A 643 -23.76 20.01 -103.23
CA VAL A 643 -23.13 18.70 -103.56
C VAL A 643 -22.75 18.77 -105.05
N PRO A 644 -21.45 18.67 -105.37
CA PRO A 644 -20.99 18.74 -106.77
C PRO A 644 -21.26 17.65 -107.81
N GLY A 645 -21.44 18.01 -109.07
CA GLY A 645 -21.56 17.10 -110.24
C GLY A 645 -20.19 16.60 -110.67
N ASN A 646 -20.09 15.68 -111.61
CA ASN A 646 -18.76 15.07 -111.93
C ASN A 646 -17.78 16.09 -112.51
N ILE A 647 -16.59 16.20 -111.90
CA ILE A 647 -15.54 17.13 -112.39
C ILE A 647 -14.30 16.27 -112.71
N THR A 648 -13.76 16.37 -113.91
CA THR A 648 -12.63 15.49 -114.33
C THR A 648 -11.32 16.25 -114.46
N SER A 649 -11.35 17.57 -114.45
CA SER A 649 -10.14 18.39 -114.69
C SER A 649 -10.02 19.52 -113.66
N PHE A 650 -8.81 19.99 -113.35
CA PHE A 650 -8.57 21.13 -112.44
C PHE A 650 -8.83 22.51 -113.05
N SER A 651 -9.49 23.40 -112.30
CA SER A 651 -9.57 24.83 -112.70
C SER A 651 -9.47 25.70 -111.47
N ASP A 652 -8.85 26.86 -111.56
CA ASP A 652 -8.88 27.92 -110.50
C ASP A 652 -10.34 28.45 -110.42
N VAL A 653 -11.04 28.55 -111.55
CA VAL A 653 -12.44 29.05 -111.59
C VAL A 653 -13.37 28.15 -110.77
N PRO A 654 -14.25 28.71 -109.90
CA PRO A 654 -15.16 27.93 -109.06
C PRO A 654 -16.20 27.06 -109.76
N VAL A 655 -16.50 25.91 -109.17
CA VAL A 655 -17.49 24.97 -109.76
C VAL A 655 -18.91 25.57 -109.80
N SER A 656 -19.55 25.45 -110.95
CA SER A 656 -20.93 25.93 -111.17
C SER A 656 -21.89 24.75 -111.43
N SER A 657 -21.42 23.51 -111.38
CA SER A 657 -22.25 22.32 -111.69
C SER A 657 -22.49 21.49 -110.43
N PHE A 658 -23.75 21.31 -110.07
CA PHE A 658 -24.11 20.64 -108.79
C PHE A 658 -25.24 19.68 -109.01
N ILE A 659 -25.33 18.62 -108.22
CA ILE A 659 -26.55 17.75 -108.27
C ILE A 659 -27.79 18.48 -107.70
N THR A 660 -28.99 18.34 -108.29
CA THR A 660 -30.25 18.99 -107.82
C THR A 660 -30.87 18.27 -106.62
N GLN A 661 -31.14 19.01 -105.54
CA GLN A 661 -31.59 18.42 -104.25
C GLN A 661 -32.61 19.28 -103.48
N TYR A 662 -33.41 18.68 -102.60
CA TYR A 662 -34.39 19.41 -101.73
C TYR A 662 -34.40 18.72 -100.37
N SER A 663 -34.86 19.42 -99.33
CA SER A 663 -34.96 18.82 -97.97
C SER A 663 -36.37 18.92 -97.36
N THR A 664 -36.69 18.00 -96.46
CA THR A 664 -38.00 17.99 -95.76
C THR A 664 -37.80 17.57 -94.30
N GLY A 665 -38.69 17.98 -93.40
CA GLY A 665 -38.62 17.58 -91.98
C GLY A 665 -39.77 18.06 -91.11
N GLN A 666 -39.63 17.93 -89.80
CA GLN A 666 -40.63 18.42 -88.79
C GLN A 666 -40.04 19.49 -87.85
N VAL A 667 -40.84 20.49 -87.50
CA VAL A 667 -40.43 21.56 -86.53
C VAL A 667 -41.45 21.64 -85.36
N THR A 668 -40.96 21.73 -84.12
CA THR A 668 -41.83 21.94 -82.95
C THR A 668 -41.51 23.26 -82.25
N VAL A 669 -42.53 24.07 -81.94
CA VAL A 669 -42.37 25.33 -81.12
C VAL A 669 -43.20 25.26 -79.82
N GLU A 670 -42.58 25.51 -78.68
CA GLU A 670 -43.25 25.54 -77.34
C GLU A 670 -43.16 26.95 -76.76
N MET A 671 -44.29 27.51 -76.35
CA MET A 671 -44.34 28.89 -75.79
C MET A 671 -45.07 28.94 -74.45
N GLU A 672 -44.55 29.73 -73.53
CA GLU A 672 -45.20 29.96 -72.20
C GLU A 672 -45.78 31.38 -72.14
N TRP A 673 -47.00 31.50 -71.62
CA TRP A 673 -47.70 32.80 -71.52
C TRP A 673 -48.13 33.09 -70.08
N GLU A 674 -48.02 34.34 -69.66
CA GLU A 674 -48.51 34.77 -68.31
C GLU A 674 -49.87 35.47 -68.47
N LEU A 675 -50.83 35.14 -67.63
CA LEU A 675 -52.23 35.65 -67.70
C LEU A 675 -52.57 36.60 -66.55
N LYS A 676 -53.34 37.64 -66.83
CA LYS A 676 -53.87 38.52 -65.75
C LYS A 676 -55.38 38.24 -65.59
N LYS A 677 -55.81 37.84 -64.39
CA LYS A 677 -57.22 37.56 -64.06
C LYS A 677 -58.18 38.76 -63.94
N GLU A 678 -59.41 38.61 -64.39
CA GLU A 678 -60.47 39.62 -64.18
C GLU A 678 -60.88 39.70 -62.69
N ASN A 679 -61.12 40.89 -62.14
CA ASN A 679 -61.59 41.12 -60.74
C ASN A 679 -62.83 42.02 -60.73
N SER A 680 -63.77 41.86 -61.66
CA SER A 680 -64.96 42.74 -61.83
C SER A 680 -66.04 42.68 -60.74
N LYS A 681 -66.66 43.82 -60.40
CA LYS A 681 -67.81 43.89 -59.47
C LYS A 681 -69.11 44.21 -60.25
N ARG A 682 -69.13 44.18 -61.59
CA ARG A 682 -70.34 44.39 -62.45
C ARG A 682 -71.45 43.32 -62.27
N TRP A 683 -72.63 43.72 -61.79
CA TRP A 683 -73.79 42.84 -61.54
C TRP A 683 -74.44 42.18 -62.77
N ASN A 684 -74.63 42.96 -63.82
CA ASN A 684 -75.24 42.51 -65.09
C ASN A 684 -74.30 41.67 -65.96
N PRO A 685 -74.85 40.80 -66.83
CA PRO A 685 -74.03 40.04 -67.77
C PRO A 685 -73.27 40.79 -68.90
N GLU A 686 -72.05 40.38 -69.16
CA GLU A 686 -71.14 40.90 -70.22
C GLU A 686 -71.28 40.38 -71.66
N ILE A 687 -70.74 41.10 -72.63
CA ILE A 687 -70.58 40.64 -74.05
C ILE A 687 -69.49 39.55 -74.16
N GLN A 688 -69.70 38.52 -74.98
CA GLN A 688 -68.76 37.37 -75.19
C GLN A 688 -68.69 36.97 -76.66
N TYR A 689 -67.55 36.48 -77.14
CA TYR A 689 -67.45 35.90 -78.50
C TYR A 689 -68.19 34.53 -78.50
N THR A 690 -69.04 34.32 -79.50
CA THR A 690 -69.83 33.08 -79.57
C THR A 690 -69.85 32.57 -81.00
N ASN A 691 -70.08 31.28 -81.17
CA ASN A 691 -70.29 30.72 -82.52
C ASN A 691 -71.77 30.93 -82.80
N ASN A 692 -72.11 31.85 -83.67
CA ASN A 692 -73.52 32.24 -83.91
C ASN A 692 -73.71 32.49 -85.40
N TYR A 693 -74.53 31.68 -86.03
CA TYR A 693 -74.70 31.73 -87.52
C TYR A 693 -76.16 31.44 -87.79
N ASN A 694 -76.76 32.07 -88.80
CA ASN A 694 -78.16 31.72 -89.16
C ASN A 694 -78.21 30.80 -90.38
N ASP A 695 -78.84 29.62 -90.28
CA ASP A 695 -78.96 28.60 -91.37
C ASP A 695 -77.61 28.21 -91.99
N PRO A 696 -76.56 27.83 -91.22
CA PRO A 696 -75.25 27.57 -91.80
C PRO A 696 -75.10 26.43 -92.83
N GLN A 697 -74.37 26.69 -93.92
CA GLN A 697 -74.15 25.66 -94.98
C GLN A 697 -72.79 24.96 -94.79
N PHE A 698 -72.00 25.40 -93.85
CA PHE A 698 -70.65 24.84 -93.59
C PHE A 698 -70.33 25.15 -92.17
N VAL A 699 -69.37 24.47 -91.61
CA VAL A 699 -68.87 24.85 -90.26
C VAL A 699 -67.66 25.75 -90.48
N ASP A 700 -67.65 26.94 -89.91
CA ASP A 700 -66.48 27.86 -89.90
C ASP A 700 -65.34 27.30 -89.05
N PHE A 701 -64.08 27.58 -89.38
CA PHE A 701 -62.84 27.05 -88.71
C PHE A 701 -62.74 25.53 -88.82
N ALA A 702 -63.12 25.00 -89.97
CA ALA A 702 -63.10 23.56 -90.25
C ALA A 702 -62.75 23.33 -91.71
N PRO A 703 -62.26 22.14 -92.11
CA PRO A 703 -62.09 21.81 -93.53
C PRO A 703 -63.39 21.64 -94.36
N ASP A 704 -63.34 21.93 -95.65
CA ASP A 704 -64.52 21.70 -96.53
C ASP A 704 -64.47 20.34 -97.27
N SER A 705 -65.38 20.13 -98.22
CA SER A 705 -65.46 18.85 -98.98
C SER A 705 -64.16 18.60 -99.77
N THR A 706 -63.53 19.62 -100.35
CA THR A 706 -62.20 19.55 -101.01
C THR A 706 -61.04 19.43 -100.04
N GLY A 707 -61.21 19.69 -98.73
CA GLY A 707 -60.11 19.72 -97.76
C GLY A 707 -59.48 21.07 -97.46
N GLU A 708 -60.02 22.16 -97.97
CA GLU A 708 -59.50 23.53 -97.71
C GLU A 708 -60.10 24.16 -96.44
N TYR A 709 -59.27 24.69 -95.55
CA TYR A 709 -59.68 25.35 -94.28
C TYR A 709 -60.44 26.66 -94.52
N ARG A 710 -61.49 26.88 -93.73
CA ARG A 710 -62.32 28.10 -93.87
C ARG A 710 -62.20 28.95 -92.61
N SER A 711 -61.89 30.25 -92.75
CA SER A 711 -61.79 31.22 -91.63
C SER A 711 -62.50 32.53 -91.99
N THR A 712 -63.82 32.59 -91.99
CA THR A 712 -64.67 33.77 -92.37
C THR A 712 -64.50 35.01 -91.50
N ARG A 713 -64.28 34.91 -90.19
CA ARG A 713 -64.29 36.10 -89.29
C ARG A 713 -62.97 36.47 -88.61
N PRO A 714 -62.58 37.77 -88.54
CA PRO A 714 -61.44 38.21 -87.74
C PRO A 714 -61.72 38.24 -86.22
N ILE A 715 -60.81 37.78 -85.35
CA ILE A 715 -61.17 37.82 -83.89
C ILE A 715 -60.21 38.66 -83.05
N GLY A 716 -60.75 39.67 -82.35
CA GLY A 716 -60.04 40.55 -81.42
C GLY A 716 -60.05 40.03 -80.01
N THR A 717 -59.39 40.72 -79.10
CA THR A 717 -59.35 40.33 -77.67
C THR A 717 -60.28 41.08 -76.71
N ARG A 718 -60.98 42.15 -77.09
CA ARG A 718 -61.71 42.97 -76.05
C ARG A 718 -63.23 42.71 -75.97
N TYR A 719 -63.68 41.92 -75.00
CA TYR A 719 -65.11 41.58 -74.78
C TYR A 719 -65.50 41.97 -73.37
N LEU A 720 -64.55 41.89 -72.45
CA LEU A 720 -64.73 42.31 -71.03
C LEU A 720 -64.69 43.83 -70.89
N THR A 721 -65.29 44.34 -69.83
CA THR A 721 -65.43 45.79 -69.61
C THR A 721 -64.88 46.15 -68.25
N ARG A 722 -64.25 47.32 -68.16
CA ARG A 722 -63.76 47.83 -66.85
C ARG A 722 -64.11 49.29 -66.68
N PRO A 723 -64.36 49.79 -65.43
CA PRO A 723 -64.50 51.23 -65.18
C PRO A 723 -63.18 52.01 -65.30
N LEU A 724 -63.21 53.28 -65.68
CA LEU A 724 -61.98 54.09 -65.88
C LEU A 724 -61.25 54.34 -64.56
N ASP B 209 -68.18 -54.74 -19.88
CA ASP B 209 -68.53 -53.37 -20.35
C ASP B 209 -70.01 -53.28 -20.72
N GLY B 210 -70.47 -53.86 -21.83
CA GLY B 210 -71.85 -53.59 -22.26
C GLY B 210 -72.56 -54.63 -23.09
N VAL B 211 -73.88 -54.48 -23.23
CA VAL B 211 -74.73 -55.37 -24.09
C VAL B 211 -74.31 -55.29 -25.58
N GLY B 212 -73.95 -54.12 -26.09
CA GLY B 212 -73.62 -53.92 -27.51
C GLY B 212 -72.17 -54.04 -27.85
N ASN B 213 -71.32 -54.38 -26.89
CA ASN B 213 -69.85 -54.41 -27.14
C ASN B 213 -69.30 -55.82 -27.05
N ALA B 214 -68.51 -56.24 -28.03
CA ALA B 214 -67.87 -57.59 -28.02
C ALA B 214 -66.68 -57.71 -27.04
N SER B 215 -66.66 -58.74 -26.21
CA SER B 215 -65.60 -59.10 -25.21
C SER B 215 -64.26 -59.54 -25.83
N GLY B 216 -64.26 -60.26 -26.95
CA GLY B 216 -63.05 -60.76 -27.61
C GLY B 216 -63.17 -61.03 -29.10
N ASP B 217 -62.08 -61.41 -29.75
CA ASP B 217 -61.99 -61.70 -31.20
C ASP B 217 -61.53 -63.13 -31.53
N TRP B 218 -61.84 -63.62 -32.73
CA TRP B 218 -61.45 -64.98 -33.19
C TRP B 218 -59.97 -65.09 -33.59
N HIS B 219 -59.25 -66.00 -32.97
CA HIS B 219 -57.85 -66.26 -33.37
C HIS B 219 -57.64 -67.76 -33.65
N CYS B 220 -57.39 -68.16 -34.90
CA CYS B 220 -57.03 -69.57 -35.21
C CYS B 220 -55.78 -69.52 -36.09
N ASP B 221 -54.61 -69.88 -35.56
CA ASP B 221 -53.35 -69.72 -36.34
C ASP B 221 -52.16 -70.55 -35.87
N SER B 222 -51.14 -70.76 -36.70
CA SER B 222 -49.85 -71.38 -36.30
C SER B 222 -48.71 -70.42 -36.70
N THR B 223 -47.75 -70.16 -35.83
CA THR B 223 -46.56 -69.36 -36.19
C THR B 223 -45.31 -70.18 -35.90
N TRP B 224 -44.42 -70.32 -36.88
CA TRP B 224 -43.16 -71.09 -36.74
C TRP B 224 -41.99 -70.12 -36.69
N MET B 225 -41.20 -70.17 -35.63
CA MET B 225 -40.05 -69.25 -35.41
C MET B 225 -38.77 -69.99 -34.96
N GLY B 226 -38.03 -70.66 -35.84
CA GLY B 226 -36.86 -71.45 -35.40
C GLY B 226 -37.20 -72.62 -34.50
N ASP B 227 -36.67 -72.66 -33.30
CA ASP B 227 -36.90 -73.75 -32.30
C ASP B 227 -38.31 -73.73 -31.68
N ARG B 228 -39.11 -72.67 -31.87
CA ARG B 228 -40.45 -72.54 -31.23
C ARG B 228 -41.61 -72.50 -32.23
N VAL B 229 -42.71 -73.18 -31.92
CA VAL B 229 -43.97 -73.08 -32.70
C VAL B 229 -45.09 -72.64 -31.73
N VAL B 230 -45.92 -71.66 -32.11
CA VAL B 230 -47.09 -71.21 -31.29
C VAL B 230 -48.41 -71.61 -32.00
N THR B 231 -49.32 -72.27 -31.28
CA THR B 231 -50.63 -72.67 -31.83
C THR B 231 -51.77 -71.89 -31.18
N LYS B 232 -52.70 -71.34 -31.97
CA LYS B 232 -53.91 -70.64 -31.46
C LYS B 232 -55.16 -71.37 -31.99
N SER B 233 -56.12 -71.65 -31.12
CA SER B 233 -57.38 -72.36 -31.47
C SER B 233 -58.60 -71.66 -30.87
N THR B 234 -59.64 -71.38 -31.67
CA THR B 234 -60.90 -70.78 -31.19
C THR B 234 -62.09 -71.67 -31.53
N ARG B 235 -62.99 -71.90 -30.57
CA ARG B 235 -64.22 -72.71 -30.76
C ARG B 235 -65.48 -72.06 -30.15
N THR B 236 -66.66 -72.46 -30.61
CA THR B 236 -67.96 -72.03 -30.05
C THR B 236 -68.54 -73.19 -29.23
N TRP B 237 -68.96 -72.94 -27.99
CA TRP B 237 -69.49 -73.96 -27.05
C TRP B 237 -70.92 -73.68 -26.57
N VAL B 238 -71.64 -74.72 -26.16
CA VAL B 238 -72.99 -74.63 -25.55
C VAL B 238 -72.96 -75.28 -24.15
N LEU B 239 -73.57 -74.65 -23.14
CA LEU B 239 -73.69 -75.25 -21.78
C LEU B 239 -75.13 -75.54 -21.35
N PRO B 240 -75.49 -76.81 -21.10
CA PRO B 240 -76.77 -77.17 -20.49
C PRO B 240 -76.87 -76.91 -18.99
N SER B 241 -78.09 -76.76 -18.47
CA SER B 241 -78.22 -76.71 -16.97
C SER B 241 -78.36 -78.15 -16.45
N TYR B 242 -77.26 -78.79 -16.07
CA TYR B 242 -77.26 -80.23 -15.67
C TYR B 242 -77.80 -80.51 -14.27
N ASN B 243 -78.65 -81.52 -14.11
CA ASN B 243 -79.15 -82.00 -12.79
C ASN B 243 -80.24 -81.09 -12.23
N ASN B 244 -80.70 -80.10 -13.01
CA ASN B 244 -81.69 -79.06 -12.55
C ASN B 244 -81.19 -78.35 -11.29
N HIS B 245 -79.91 -77.96 -11.25
CA HIS B 245 -79.30 -77.20 -10.11
C HIS B 245 -79.08 -78.03 -8.84
N GLN B 246 -78.92 -79.34 -8.97
CA GLN B 246 -78.79 -80.24 -7.79
C GLN B 246 -77.57 -81.18 -7.88
N TYR B 247 -77.09 -81.68 -6.75
CA TYR B 247 -75.98 -82.67 -6.66
C TYR B 247 -76.63 -84.00 -6.39
N ARG B 248 -76.26 -85.02 -7.14
CA ARG B 248 -76.90 -86.35 -6.99
C ARG B 248 -75.91 -87.48 -6.64
N GLU B 249 -76.26 -88.30 -5.66
CA GLU B 249 -75.44 -89.51 -5.36
C GLU B 249 -75.64 -90.55 -6.47
N ILE B 250 -74.55 -91.10 -7.00
CA ILE B 250 -74.57 -92.06 -8.13
C ILE B 250 -73.85 -93.35 -7.70
N LYS B 251 -74.32 -94.50 -8.15
CA LYS B 251 -73.71 -95.77 -7.68
C LYS B 251 -73.98 -96.91 -8.67
N SER B 252 -73.13 -97.92 -8.67
CA SER B 252 -73.41 -99.13 -9.48
C SER B 252 -73.07 -100.44 -8.75
N GLY B 253 -73.84 -101.50 -8.97
CA GLY B 253 -73.51 -102.88 -8.57
C GLY B 253 -72.78 -103.59 -9.73
N SER B 254 -72.57 -104.90 -9.65
CA SER B 254 -71.92 -105.71 -10.73
C SER B 254 -72.73 -105.70 -12.04
N VAL B 255 -72.08 -105.53 -13.19
CA VAL B 255 -72.76 -105.43 -14.51
C VAL B 255 -71.94 -106.20 -15.55
N ASP B 256 -72.58 -106.86 -16.52
CA ASP B 256 -71.90 -107.64 -17.59
C ASP B 256 -71.08 -108.78 -16.96
N GLY B 257 -71.52 -109.29 -15.82
CA GLY B 257 -70.79 -110.34 -15.12
C GLY B 257 -69.63 -109.88 -14.26
N SER B 258 -69.37 -108.58 -14.09
CA SER B 258 -68.15 -108.20 -13.32
C SER B 258 -68.35 -107.27 -12.12
N ASN B 259 -67.81 -107.61 -10.95
CA ASN B 259 -67.80 -106.74 -9.72
C ASN B 259 -66.80 -105.57 -9.85
N ALA B 260 -65.84 -105.61 -10.78
CA ALA B 260 -64.87 -104.51 -11.09
C ALA B 260 -65.65 -103.30 -11.60
N ASN B 261 -66.81 -103.53 -12.19
CA ASN B 261 -67.82 -102.52 -12.64
C ASN B 261 -68.43 -101.70 -11.48
N ALA B 262 -68.64 -102.24 -10.28
CA ALA B 262 -69.25 -101.55 -9.10
C ALA B 262 -68.49 -100.29 -8.64
N TYR B 263 -69.21 -99.22 -8.28
CA TYR B 263 -68.64 -97.93 -7.82
C TYR B 263 -69.63 -97.15 -6.95
N PHE B 264 -69.15 -96.19 -6.17
CA PHE B 264 -69.98 -95.22 -5.39
C PHE B 264 -69.45 -93.81 -5.77
N GLY B 265 -70.33 -92.85 -6.07
CA GLY B 265 -69.92 -91.52 -6.54
C GLY B 265 -70.92 -90.39 -6.47
N TYR B 266 -70.51 -89.18 -6.89
CA TYR B 266 -71.39 -88.00 -6.98
C TYR B 266 -71.47 -87.41 -8.41
N SER B 267 -72.65 -86.97 -8.86
CA SER B 267 -72.82 -86.21 -10.14
C SER B 267 -73.07 -84.74 -9.77
N THR B 268 -72.58 -83.81 -10.57
CA THR B 268 -72.63 -82.37 -10.20
C THR B 268 -73.33 -81.51 -11.23
N PRO B 269 -73.82 -80.33 -10.84
CA PRO B 269 -74.42 -79.33 -11.75
C PRO B 269 -73.48 -78.69 -12.79
N TRP B 270 -72.18 -78.64 -12.53
CA TRP B 270 -71.11 -78.05 -13.37
C TRP B 270 -70.66 -78.81 -14.63
N GLY B 271 -70.05 -78.07 -15.56
CA GLY B 271 -69.44 -78.59 -16.78
C GLY B 271 -68.01 -78.14 -16.86
N TYR B 272 -67.19 -78.81 -17.64
CA TYR B 272 -65.73 -78.50 -17.71
C TYR B 272 -65.22 -78.40 -19.15
N PHE B 273 -64.09 -77.71 -19.34
CA PHE B 273 -63.41 -77.60 -20.66
C PHE B 273 -62.19 -78.55 -20.72
N ASP B 274 -62.08 -79.41 -21.73
CA ASP B 274 -60.96 -80.37 -21.94
C ASP B 274 -60.22 -80.07 -23.25
N PHE B 275 -58.91 -79.87 -23.20
CA PHE B 275 -58.08 -79.66 -24.41
C PHE B 275 -57.00 -80.77 -24.59
N ASN B 276 -57.05 -81.91 -23.91
CA ASN B 276 -55.94 -82.92 -24.00
C ASN B 276 -56.09 -83.83 -25.23
N ARG B 277 -56.12 -83.29 -26.44
CA ARG B 277 -56.07 -84.04 -27.72
C ARG B 277 -55.22 -83.16 -28.66
N PHE B 278 -54.35 -83.74 -29.47
CA PHE B 278 -53.47 -83.01 -30.44
C PHE B 278 -54.27 -82.28 -31.56
N HIS B 279 -55.33 -82.86 -32.10
CA HIS B 279 -56.19 -82.32 -33.20
C HIS B 279 -56.87 -81.02 -32.73
N SER B 280 -57.05 -80.81 -31.42
CA SER B 280 -57.56 -79.56 -30.81
C SER B 280 -56.62 -78.38 -31.11
N HIS B 281 -55.31 -78.57 -31.12
CA HIS B 281 -54.29 -77.53 -31.42
C HIS B 281 -53.62 -77.62 -32.80
N TRP B 282 -53.71 -78.73 -33.51
CA TRP B 282 -52.89 -78.94 -34.74
C TRP B 282 -53.70 -79.22 -35.98
N SER B 283 -53.43 -78.49 -37.06
CA SER B 283 -54.03 -78.80 -38.39
C SER B 283 -53.34 -80.05 -38.94
N PRO B 284 -53.98 -80.82 -39.84
CA PRO B 284 -53.31 -81.95 -40.46
C PRO B 284 -52.07 -81.59 -41.26
N ARG B 285 -52.05 -80.49 -42.01
CA ARG B 285 -50.83 -80.00 -42.71
C ARG B 285 -49.70 -79.60 -41.74
N ASP B 286 -49.99 -78.91 -40.65
CA ASP B 286 -49.00 -78.51 -39.59
C ASP B 286 -48.37 -79.73 -38.91
N TRP B 287 -49.17 -80.76 -38.64
CA TRP B 287 -48.68 -82.03 -38.06
C TRP B 287 -47.70 -82.74 -39.01
N GLN B 288 -47.96 -82.75 -40.31
CA GLN B 288 -47.06 -83.31 -41.35
C GLN B 288 -45.73 -82.56 -41.40
N ARG B 289 -45.75 -81.24 -41.26
CA ARG B 289 -44.52 -80.43 -41.24
C ARG B 289 -43.64 -80.81 -40.04
N LEU B 290 -44.20 -80.99 -38.85
CA LEU B 290 -43.42 -81.46 -37.66
C LEU B 290 -42.85 -82.90 -37.73
N ILE B 291 -43.63 -83.88 -38.16
CA ILE B 291 -43.22 -85.33 -38.20
C ILE B 291 -42.09 -85.55 -39.22
N ASN B 292 -42.16 -84.88 -40.36
CA ASN B 292 -41.14 -84.91 -41.44
C ASN B 292 -39.79 -84.30 -41.07
N ASN B 293 -39.72 -83.21 -40.29
CA ASN B 293 -38.46 -82.43 -40.08
C ASN B 293 -37.82 -82.34 -38.70
N TYR B 294 -38.36 -82.94 -37.65
CA TYR B 294 -37.82 -82.74 -36.27
C TYR B 294 -37.59 -84.03 -35.50
N TRP B 295 -36.50 -84.11 -34.74
CA TRP B 295 -36.23 -85.24 -33.80
C TRP B 295 -37.19 -85.31 -32.57
N GLY B 296 -37.57 -84.18 -32.01
CA GLY B 296 -38.40 -84.14 -30.81
C GLY B 296 -39.20 -82.88 -30.59
N PHE B 297 -40.21 -82.97 -29.72
CA PHE B 297 -41.02 -81.77 -29.34
C PHE B 297 -41.44 -81.84 -27.85
N ARG B 298 -41.68 -80.72 -27.17
CA ARG B 298 -42.22 -80.67 -25.77
C ARG B 298 -43.15 -79.43 -25.55
N PRO B 299 -44.19 -79.49 -24.68
CA PRO B 299 -44.98 -78.29 -24.29
C PRO B 299 -44.31 -77.29 -23.31
N ARG B 300 -44.53 -75.99 -23.46
CA ARG B 300 -43.88 -74.95 -22.61
C ARG B 300 -44.90 -74.07 -21.88
N SER B 301 -45.87 -73.49 -22.59
CA SER B 301 -46.82 -72.53 -21.98
C SER B 301 -48.27 -72.69 -22.47
N LEU B 302 -49.23 -72.35 -21.62
CA LEU B 302 -50.67 -72.36 -21.99
C LEU B 302 -51.40 -71.06 -21.61
N ARG B 303 -52.23 -70.48 -22.49
CA ARG B 303 -53.11 -69.31 -22.17
C ARG B 303 -54.57 -69.63 -22.57
N VAL B 304 -55.54 -69.37 -21.67
CA VAL B 304 -56.99 -69.60 -21.94
C VAL B 304 -57.86 -68.33 -21.77
N LYS B 305 -58.74 -68.03 -22.72
CA LYS B 305 -59.73 -66.91 -22.62
C LYS B 305 -61.18 -67.40 -22.87
N ILE B 306 -62.15 -67.02 -22.03
CA ILE B 306 -63.61 -67.31 -22.22
C ILE B 306 -64.34 -65.96 -22.41
N PHE B 307 -65.15 -65.80 -23.46
CA PHE B 307 -65.72 -64.48 -23.87
C PHE B 307 -67.02 -64.56 -24.71
N ASN B 308 -67.68 -63.43 -24.98
CA ASN B 308 -68.95 -63.30 -25.80
C ASN B 308 -70.09 -64.14 -25.24
N ILE B 309 -70.25 -64.12 -23.93
CA ILE B 309 -71.26 -64.92 -23.21
C ILE B 309 -72.71 -64.50 -23.54
N GLN B 310 -73.59 -65.47 -23.75
CA GLN B 310 -75.03 -65.23 -24.05
C GLN B 310 -75.90 -66.21 -23.25
N VAL B 311 -76.77 -65.69 -22.41
CA VAL B 311 -77.67 -66.53 -21.56
C VAL B 311 -79.08 -66.46 -22.16
N LYS B 312 -79.72 -67.61 -22.36
CA LYS B 312 -81.05 -67.73 -22.99
C LYS B 312 -82.06 -68.41 -22.05
N GLU B 313 -83.31 -67.92 -22.06
CA GLU B 313 -84.39 -68.55 -21.25
C GLU B 313 -85.36 -69.28 -22.19
N VAL B 314 -85.73 -70.49 -21.84
CA VAL B 314 -86.63 -71.31 -22.70
C VAL B 314 -87.97 -71.43 -21.96
N THR B 315 -89.06 -71.14 -22.65
CA THR B 315 -90.41 -71.19 -22.04
C THR B 315 -91.33 -72.02 -22.89
N VAL B 316 -92.16 -72.87 -22.27
CA VAL B 316 -93.16 -73.60 -23.08
C VAL B 316 -94.59 -73.25 -22.66
N GLN B 317 -95.44 -72.79 -23.59
CA GLN B 317 -96.88 -72.62 -23.27
C GLN B 317 -97.65 -73.43 -24.32
N ASP B 318 -98.39 -74.46 -23.90
CA ASP B 318 -99.24 -75.23 -24.86
C ASP B 318 -98.37 -75.74 -26.03
N SER B 319 -97.13 -76.17 -25.79
CA SER B 319 -96.26 -76.79 -26.83
C SER B 319 -95.57 -75.80 -27.79
N THR B 320 -95.68 -74.48 -27.60
CA THR B 320 -94.95 -73.48 -28.44
C THR B 320 -93.43 -73.52 -28.34
N THR B 321 -92.81 -73.71 -27.17
CA THR B 321 -91.32 -73.65 -26.96
C THR B 321 -90.59 -72.37 -27.43
N THR B 322 -91.02 -71.15 -27.06
CA THR B 322 -90.25 -69.90 -27.35
C THR B 322 -88.91 -69.79 -26.63
N ILE B 323 -87.88 -69.22 -27.28
CA ILE B 323 -86.52 -68.99 -26.70
C ILE B 323 -86.19 -67.49 -26.70
N ALA B 324 -85.69 -66.93 -25.60
CA ALA B 324 -85.39 -65.48 -25.49
C ALA B 324 -84.09 -65.18 -24.73
N ASN B 325 -83.47 -64.05 -25.00
CA ASN B 325 -82.29 -63.59 -24.24
C ASN B 325 -82.60 -63.10 -22.83
N ASN B 326 -81.79 -63.46 -21.83
CA ASN B 326 -81.92 -62.84 -20.48
C ASN B 326 -80.63 -62.05 -20.24
N LEU B 327 -80.68 -60.73 -20.26
CA LEU B 327 -79.52 -59.80 -20.07
C LEU B 327 -78.90 -59.83 -18.67
N THR B 328 -79.72 -59.95 -17.64
CA THR B 328 -79.26 -59.85 -16.22
C THR B 328 -78.78 -61.19 -15.63
N SER B 329 -78.91 -62.32 -16.33
CA SER B 329 -78.43 -63.66 -15.88
C SER B 329 -76.88 -63.82 -15.87
N THR B 330 -76.35 -64.68 -15.00
CA THR B 330 -74.87 -64.86 -14.83
C THR B 330 -74.37 -66.27 -15.10
N VAL B 331 -73.09 -66.38 -15.40
CA VAL B 331 -72.38 -67.68 -15.54
C VAL B 331 -71.26 -67.65 -14.47
N GLN B 332 -70.91 -68.77 -13.86
CA GLN B 332 -69.84 -68.88 -12.82
C GLN B 332 -68.63 -69.73 -13.28
N VAL B 333 -67.41 -69.21 -13.16
CA VAL B 333 -66.17 -69.87 -13.67
C VAL B 333 -65.05 -69.92 -12.60
N PHE B 334 -64.35 -71.05 -12.48
CA PHE B 334 -63.16 -71.18 -11.58
C PHE B 334 -62.10 -72.19 -12.10
N THR B 335 -60.87 -72.07 -11.63
CA THR B 335 -59.78 -73.04 -11.93
C THR B 335 -59.32 -73.71 -10.63
N ASP B 336 -59.13 -75.03 -10.63
CA ASP B 336 -58.64 -75.79 -9.43
C ASP B 336 -57.11 -75.81 -9.37
N ASP B 337 -56.48 -74.72 -8.95
CA ASP B 337 -55.01 -74.52 -8.91
C ASP B 337 -54.22 -75.43 -7.96
N ASP B 338 -54.72 -75.75 -6.77
CA ASP B 338 -54.02 -76.58 -5.74
C ASP B 338 -54.34 -78.07 -5.84
N TYR B 339 -55.12 -78.53 -6.82
CA TYR B 339 -55.41 -79.96 -7.09
C TYR B 339 -56.20 -80.61 -5.96
N GLN B 340 -57.02 -79.85 -5.27
CA GLN B 340 -57.93 -80.35 -4.21
C GLN B 340 -59.01 -81.30 -4.76
N LEU B 341 -59.56 -81.02 -5.92
CA LEU B 341 -60.57 -81.87 -6.58
C LEU B 341 -60.02 -83.12 -7.24
N PRO B 342 -60.83 -84.18 -7.39
CA PRO B 342 -60.40 -85.31 -8.22
C PRO B 342 -60.19 -84.90 -9.69
N TYR B 343 -59.09 -85.31 -10.33
CA TYR B 343 -58.75 -84.88 -11.72
C TYR B 343 -59.16 -85.95 -12.72
N VAL B 344 -60.16 -85.65 -13.54
CA VAL B 344 -60.73 -86.64 -14.48
C VAL B 344 -60.26 -86.38 -15.92
N VAL B 345 -59.45 -85.33 -16.17
CA VAL B 345 -59.02 -84.91 -17.54
C VAL B 345 -58.13 -85.93 -18.32
N GLY B 346 -57.24 -86.68 -17.71
CA GLY B 346 -56.23 -87.52 -18.43
C GLY B 346 -56.57 -88.99 -18.66
N ASN B 347 -57.84 -89.37 -18.70
CA ASN B 347 -58.33 -90.79 -18.75
C ASN B 347 -58.93 -91.22 -20.10
N GLY B 348 -58.63 -90.58 -21.25
CA GLY B 348 -59.13 -90.91 -22.60
C GLY B 348 -60.62 -90.80 -22.83
N THR B 349 -61.25 -89.79 -22.24
CA THR B 349 -62.70 -89.57 -22.33
C THR B 349 -63.08 -88.53 -23.35
N GLU B 350 -64.28 -88.62 -23.90
CA GLU B 350 -64.87 -87.67 -24.89
C GLU B 350 -65.29 -86.30 -24.31
N GLY B 351 -65.54 -85.30 -25.16
CA GLY B 351 -65.85 -83.91 -24.73
C GLY B 351 -64.77 -82.87 -24.89
N CYS B 352 -63.63 -83.18 -25.51
CA CYS B 352 -62.55 -82.21 -25.84
C CYS B 352 -62.96 -81.28 -27.00
N LEU B 353 -62.26 -80.16 -27.18
CA LEU B 353 -62.53 -79.24 -28.30
C LEU B 353 -62.37 -79.99 -29.63
N PRO B 354 -63.26 -79.72 -30.61
CA PRO B 354 -63.21 -80.43 -31.89
C PRO B 354 -62.02 -80.25 -32.83
N ALA B 355 -61.69 -81.26 -33.64
CA ALA B 355 -60.60 -81.22 -34.64
C ALA B 355 -60.85 -80.14 -35.71
N PHE B 356 -62.10 -79.95 -36.15
CA PHE B 356 -62.45 -78.98 -37.24
C PHE B 356 -62.95 -77.69 -36.61
N PRO B 357 -62.31 -76.51 -36.89
CA PRO B 357 -62.69 -75.22 -36.29
C PRO B 357 -64.15 -74.73 -36.34
N PRO B 358 -64.92 -74.89 -37.45
CA PRO B 358 -66.34 -74.55 -37.53
C PRO B 358 -67.32 -75.35 -36.66
N GLN B 359 -66.97 -76.56 -36.24
CA GLN B 359 -67.86 -77.44 -35.43
C GLN B 359 -68.20 -76.85 -34.05
N VAL B 360 -69.44 -76.99 -33.62
CA VAL B 360 -69.93 -76.39 -32.35
C VAL B 360 -70.16 -77.54 -31.36
N PHE B 361 -69.71 -77.39 -30.12
CA PHE B 361 -69.73 -78.54 -29.17
C PHE B 361 -70.40 -78.31 -27.80
N THR B 362 -71.00 -79.38 -27.28
CA THR B 362 -71.56 -79.41 -25.91
C THR B 362 -70.48 -79.75 -24.88
N LEU B 363 -70.38 -79.00 -23.78
CA LEU B 363 -69.45 -79.31 -22.65
C LEU B 363 -69.88 -80.55 -21.85
N PRO B 364 -68.91 -81.41 -21.47
CA PRO B 364 -69.19 -82.54 -20.58
C PRO B 364 -69.59 -82.21 -19.13
N GLN B 365 -70.49 -82.98 -18.52
CA GLN B 365 -70.82 -82.83 -17.08
C GLN B 365 -69.76 -83.45 -16.15
N TYR B 366 -69.33 -82.73 -15.11
CA TYR B 366 -68.39 -83.23 -14.06
C TYR B 366 -69.00 -84.25 -13.08
N GLY B 367 -68.23 -85.28 -12.74
CA GLY B 367 -68.62 -86.35 -11.82
C GLY B 367 -67.37 -87.04 -11.38
N TYR B 368 -67.45 -87.88 -10.34
CA TYR B 368 -66.27 -88.64 -9.81
C TYR B 368 -66.70 -89.90 -9.09
N ALA B 369 -65.78 -90.84 -8.95
CA ALA B 369 -65.99 -92.03 -8.11
C ALA B 369 -65.10 -91.93 -6.87
N THR B 370 -65.64 -92.18 -5.69
CA THR B 370 -64.87 -92.29 -4.41
C THR B 370 -64.74 -93.77 -4.07
N LEU B 371 -64.52 -94.09 -2.80
CA LEU B 371 -64.45 -95.49 -2.31
C LEU B 371 -65.79 -96.24 -2.27
N ASN B 372 -65.74 -97.54 -2.50
CA ASN B 372 -66.94 -98.42 -2.48
C ASN B 372 -66.60 -99.59 -1.54
N ARG B 373 -67.58 -100.20 -0.90
CA ARG B 373 -67.30 -101.24 0.12
C ARG B 373 -67.50 -102.67 -0.40
N ASP B 374 -66.47 -103.50 -0.31
CA ASP B 374 -66.50 -104.96 -0.67
C ASP B 374 -66.96 -105.27 -2.11
N ASN B 375 -66.53 -104.48 -3.11
CA ASN B 375 -66.94 -104.67 -4.53
C ASN B 375 -68.47 -104.60 -4.66
N THR B 376 -69.12 -103.66 -3.97
CA THR B 376 -70.60 -103.43 -3.97
C THR B 376 -70.89 -101.94 -4.17
N GLU B 377 -72.15 -101.52 -4.39
CA GLU B 377 -72.57 -100.09 -4.61
C GLU B 377 -72.50 -99.20 -3.35
N ASN B 378 -72.42 -99.78 -2.16
CA ASN B 378 -72.33 -99.06 -0.86
C ASN B 378 -71.02 -98.32 -0.58
N PRO B 379 -71.08 -97.17 0.11
CA PRO B 379 -69.91 -96.43 0.59
C PRO B 379 -69.17 -96.92 1.89
N THR B 380 -68.03 -96.31 2.20
CA THR B 380 -67.18 -96.59 3.37
C THR B 380 -67.06 -95.30 4.18
N GLU B 381 -66.58 -95.38 5.43
CA GLU B 381 -66.32 -94.20 6.30
C GLU B 381 -65.24 -93.29 5.69
N ARG B 382 -64.23 -93.82 5.02
CA ARG B 382 -63.18 -93.09 4.27
C ARG B 382 -63.75 -92.36 3.03
N SER B 383 -64.90 -92.76 2.48
CA SER B 383 -65.51 -92.18 1.25
C SER B 383 -65.80 -90.68 1.44
N SER B 384 -65.51 -89.87 0.43
CA SER B 384 -65.52 -88.38 0.50
C SER B 384 -66.51 -87.65 -0.41
N PHE B 385 -67.09 -86.57 0.07
CA PHE B 385 -67.98 -85.70 -0.72
C PHE B 385 -67.29 -84.35 -0.92
N PHE B 386 -67.31 -83.87 -2.15
CA PHE B 386 -66.72 -82.54 -2.46
C PHE B 386 -67.78 -81.59 -3.02
N CYS B 387 -67.89 -80.38 -2.47
CA CYS B 387 -68.78 -79.30 -2.97
C CYS B 387 -67.98 -78.27 -3.81
N LEU B 388 -68.35 -78.00 -5.06
CA LEU B 388 -67.73 -76.99 -5.97
C LEU B 388 -68.01 -75.56 -5.50
N GLU B 389 -69.21 -75.30 -4.95
CA GLU B 389 -69.66 -73.97 -4.47
C GLU B 389 -68.85 -73.52 -3.25
N TYR B 390 -68.18 -74.44 -2.55
CA TYR B 390 -67.25 -74.13 -1.43
C TYR B 390 -66.05 -73.33 -1.94
N PHE B 391 -65.52 -73.59 -3.10
CA PHE B 391 -64.42 -72.79 -3.74
C PHE B 391 -64.91 -71.41 -4.19
N PRO B 392 -64.06 -70.36 -4.18
CA PRO B 392 -64.42 -69.09 -4.84
C PRO B 392 -64.50 -69.07 -6.41
N SER B 393 -65.48 -68.40 -7.02
CA SER B 393 -65.64 -68.33 -8.50
C SER B 393 -65.95 -66.91 -9.04
N LYS B 394 -65.49 -66.59 -10.24
CA LYS B 394 -65.86 -65.33 -10.94
C LYS B 394 -67.31 -65.40 -11.46
N MET B 395 -68.07 -64.30 -11.38
CA MET B 395 -69.46 -64.24 -11.90
C MET B 395 -69.50 -63.33 -13.16
N LEU B 396 -70.05 -63.84 -14.25
CA LEU B 396 -70.06 -63.07 -15.52
C LEU B 396 -71.43 -62.82 -16.13
N ARG B 397 -71.73 -61.57 -16.47
CA ARG B 397 -72.88 -61.18 -17.30
C ARG B 397 -72.41 -61.14 -18.79
N THR B 398 -73.28 -60.79 -19.75
CA THR B 398 -73.02 -60.72 -21.23
C THR B 398 -71.83 -59.83 -21.61
N GLY B 399 -71.59 -58.69 -20.96
CA GLY B 399 -70.40 -57.83 -21.09
C GLY B 399 -69.07 -58.42 -20.66
N ASN B 400 -69.03 -59.26 -19.62
CA ASN B 400 -67.82 -59.82 -18.94
C ASN B 400 -67.02 -60.92 -19.64
N ASN B 401 -65.74 -61.07 -19.30
CA ASN B 401 -64.80 -62.07 -19.88
C ASN B 401 -63.91 -62.70 -18.77
N PHE B 402 -63.34 -63.88 -19.00
CA PHE B 402 -62.39 -64.56 -18.07
C PHE B 402 -61.06 -64.94 -18.75
N GLU B 403 -59.93 -64.77 -18.09
CA GLU B 403 -58.60 -65.20 -18.63
C GLU B 403 -57.74 -66.00 -17.62
N PHE B 404 -56.96 -66.99 -18.08
CA PHE B 404 -55.99 -67.76 -17.23
C PHE B 404 -54.63 -68.00 -17.97
N THR B 405 -53.52 -68.10 -17.24
CA THR B 405 -52.16 -68.41 -17.80
C THR B 405 -51.50 -69.56 -17.03
N TYR B 406 -50.80 -70.47 -17.70
CA TYR B 406 -50.07 -71.61 -17.05
C TYR B 406 -48.67 -71.83 -17.64
N ASN B 407 -47.71 -72.30 -16.84
CA ASN B 407 -46.35 -72.72 -17.32
C ASN B 407 -46.14 -74.20 -17.04
N PHE B 408 -45.68 -74.95 -18.02
CA PHE B 408 -45.41 -76.40 -17.85
C PHE B 408 -44.10 -76.58 -17.10
N GLU B 409 -43.98 -77.64 -16.29
CA GLU B 409 -42.71 -78.02 -15.61
C GLU B 409 -41.71 -78.59 -16.64
N GLU B 410 -40.41 -78.59 -16.32
CA GLU B 410 -39.44 -79.23 -17.24
C GLU B 410 -39.77 -80.72 -17.42
N VAL B 411 -39.78 -81.18 -18.66
CA VAL B 411 -40.17 -82.57 -18.99
C VAL B 411 -39.23 -83.01 -20.12
N PRO B 412 -38.92 -84.30 -20.29
CA PRO B 412 -38.15 -84.75 -21.46
C PRO B 412 -38.88 -84.61 -22.81
N PHE B 413 -38.17 -84.32 -23.90
CA PHE B 413 -38.76 -84.25 -25.27
C PHE B 413 -39.26 -85.61 -25.72
N HIS B 414 -40.41 -85.68 -26.40
CA HIS B 414 -40.86 -86.96 -27.04
C HIS B 414 -39.88 -87.30 -28.18
N SER B 415 -39.63 -88.59 -28.40
CA SER B 415 -38.71 -89.02 -29.48
C SER B 415 -39.44 -89.31 -30.80
N SER B 416 -39.40 -88.38 -31.76
CA SER B 416 -39.99 -88.54 -33.11
C SER B 416 -38.97 -89.12 -34.10
N PHE B 417 -38.52 -90.35 -33.90
CA PHE B 417 -37.53 -91.00 -34.77
C PHE B 417 -37.66 -92.51 -34.63
N ALA B 418 -37.18 -93.22 -35.63
CA ALA B 418 -37.13 -94.70 -35.60
C ALA B 418 -35.66 -95.11 -35.62
N PRO B 419 -35.25 -96.11 -34.82
CA PRO B 419 -33.89 -96.63 -34.89
C PRO B 419 -33.46 -97.30 -36.21
N SER B 420 -32.25 -96.98 -36.67
CA SER B 420 -31.68 -97.57 -37.92
C SER B 420 -30.79 -98.80 -37.63
N GLN B 421 -30.62 -99.20 -36.37
CA GLN B 421 -29.85 -100.42 -36.00
C GLN B 421 -30.57 -101.32 -35.00
N ASN B 422 -30.38 -102.63 -35.10
CA ASN B 422 -30.83 -103.63 -34.09
C ASN B 422 -29.95 -103.55 -32.83
N LEU B 423 -30.53 -103.71 -31.63
CA LEU B 423 -29.84 -103.66 -30.31
C LEU B 423 -28.78 -104.76 -30.19
N PHE B 424 -29.02 -105.94 -30.74
CA PHE B 424 -28.09 -107.09 -30.71
C PHE B 424 -27.06 -107.15 -31.89
N LYS B 425 -27.04 -106.24 -32.86
CA LYS B 425 -26.13 -106.25 -34.06
C LYS B 425 -25.11 -105.07 -34.06
N LEU B 426 -24.62 -104.59 -32.91
CA LEU B 426 -23.76 -103.37 -32.80
C LEU B 426 -22.24 -103.60 -32.93
N ALA B 427 -21.76 -104.84 -32.89
CA ALA B 427 -20.35 -105.14 -33.13
C ALA B 427 -20.02 -104.90 -34.62
N ASN B 428 -18.77 -104.50 -34.93
CA ASN B 428 -18.35 -104.34 -36.34
C ASN B 428 -18.49 -105.71 -37.03
N PRO B 429 -19.10 -105.75 -38.24
CA PRO B 429 -19.23 -106.98 -39.00
C PRO B 429 -17.90 -107.62 -39.46
N LEU B 430 -16.87 -106.86 -39.85
CA LEU B 430 -15.49 -107.25 -40.25
C LEU B 430 -14.59 -107.86 -39.16
N VAL B 431 -14.68 -107.42 -37.91
CA VAL B 431 -13.72 -107.84 -36.84
C VAL B 431 -14.24 -108.84 -35.78
N ASP B 432 -13.47 -109.89 -35.48
CA ASP B 432 -13.75 -110.88 -34.40
C ASP B 432 -13.56 -110.32 -32.97
N GLN B 433 -14.33 -110.83 -32.02
CA GLN B 433 -14.17 -110.50 -30.57
C GLN B 433 -12.96 -111.18 -29.91
N TYR B 434 -12.33 -110.57 -28.90
CA TYR B 434 -11.26 -111.25 -28.09
C TYR B 434 -11.90 -112.11 -26.96
N LEU B 435 -13.10 -112.62 -27.13
CA LEU B 435 -13.87 -113.32 -26.07
C LEU B 435 -14.29 -114.71 -26.53
N TYR B 436 -14.43 -115.63 -25.60
CA TYR B 436 -14.69 -117.05 -25.94
C TYR B 436 -15.93 -117.58 -25.22
N ARG B 437 -16.55 -118.61 -25.79
CA ARG B 437 -17.80 -119.20 -25.25
C ARG B 437 -17.66 -120.71 -25.10
N PHE B 438 -18.42 -121.29 -24.16
CA PHE B 438 -18.45 -122.76 -23.99
C PHE B 438 -19.38 -123.35 -25.02
N VAL B 439 -18.88 -124.34 -25.74
CA VAL B 439 -19.71 -125.00 -26.76
C VAL B 439 -19.89 -126.51 -26.53
N SER B 440 -19.06 -127.14 -25.72
CA SER B 440 -19.05 -128.63 -25.71
C SER B 440 -18.43 -129.34 -24.51
N THR B 441 -18.73 -130.61 -24.39
CA THR B 441 -18.08 -131.49 -23.40
C THR B 441 -17.59 -132.70 -24.22
N ASN B 442 -16.42 -133.28 -23.91
CA ASN B 442 -15.88 -134.49 -24.61
C ASN B 442 -16.43 -135.82 -24.04
N ASN B 443 -15.95 -136.98 -24.50
CA ASN B 443 -16.45 -138.33 -24.07
C ASN B 443 -16.27 -138.47 -22.56
N THR B 444 -15.16 -138.00 -21.98
CA THR B 444 -15.04 -137.84 -20.52
C THR B 444 -15.60 -136.46 -20.41
N GLY B 445 -16.44 -136.11 -19.45
CA GLY B 445 -17.12 -134.80 -19.61
C GLY B 445 -16.27 -133.56 -19.36
N GLY B 446 -15.29 -133.30 -20.22
CA GLY B 446 -14.36 -132.16 -20.08
C GLY B 446 -14.76 -130.99 -20.95
N VAL B 447 -14.79 -129.79 -20.39
CA VAL B 447 -15.28 -128.56 -21.09
C VAL B 447 -14.43 -128.10 -22.28
N GLN B 448 -15.08 -127.59 -23.32
CA GLN B 448 -14.40 -127.16 -24.57
C GLN B 448 -14.89 -125.76 -24.96
N PHE B 449 -14.03 -124.97 -25.62
CA PHE B 449 -14.34 -123.55 -25.92
C PHE B 449 -14.03 -123.16 -27.37
N ASN B 450 -14.74 -122.17 -27.90
CA ASN B 450 -14.50 -121.63 -29.28
C ASN B 450 -14.51 -120.11 -29.22
N LYS B 451 -13.71 -119.45 -30.05
CA LYS B 451 -13.69 -117.97 -30.21
C LYS B 451 -14.93 -117.42 -30.93
N ASN B 452 -15.30 -116.17 -30.63
CA ASN B 452 -16.47 -115.54 -31.27
C ASN B 452 -16.05 -114.84 -32.57
N LEU B 453 -16.57 -115.29 -33.71
CA LEU B 453 -16.23 -114.78 -35.08
C LEU B 453 -16.99 -113.51 -35.51
N ALA B 454 -16.46 -112.79 -36.50
CA ALA B 454 -17.09 -111.55 -37.03
C ALA B 454 -18.46 -111.80 -37.68
N GLY B 455 -19.46 -110.99 -37.31
CA GLY B 455 -20.83 -111.06 -37.86
C GLY B 455 -21.72 -112.14 -37.27
N ARG B 456 -21.25 -112.92 -36.31
CA ARG B 456 -22.02 -114.03 -35.68
C ARG B 456 -22.81 -113.48 -34.48
N TYR B 457 -23.90 -112.72 -34.72
CA TYR B 457 -24.73 -111.98 -33.72
C TYR B 457 -25.43 -112.94 -32.76
N ALA B 458 -25.73 -114.15 -33.22
CA ALA B 458 -26.30 -115.20 -32.38
C ALA B 458 -25.38 -115.52 -31.19
N ASN B 459 -24.05 -115.51 -31.34
CA ASN B 459 -23.07 -115.94 -30.31
C ASN B 459 -22.14 -114.85 -29.75
N THR B 460 -22.51 -113.60 -29.61
CA THR B 460 -21.62 -112.47 -29.31
C THR B 460 -21.93 -111.97 -27.91
N TYR B 461 -20.93 -111.51 -27.18
CA TYR B 461 -21.12 -110.92 -25.83
C TYR B 461 -21.88 -109.61 -26.01
N LYS B 462 -22.82 -109.32 -25.11
CA LYS B 462 -23.69 -108.13 -25.24
C LYS B 462 -23.65 -107.21 -24.02
N ASN B 463 -23.45 -105.92 -24.18
CA ASN B 463 -23.59 -104.89 -23.10
C ASN B 463 -25.02 -104.60 -22.60
N TRP B 464 -26.02 -104.59 -23.47
CA TRP B 464 -27.34 -104.02 -23.15
C TRP B 464 -28.48 -104.97 -23.46
N PHE B 465 -29.58 -104.79 -22.78
CA PHE B 465 -30.72 -105.75 -22.86
C PHE B 465 -31.98 -105.02 -23.23
N PRO B 466 -32.92 -105.73 -23.88
CA PRO B 466 -34.24 -105.19 -24.19
C PRO B 466 -35.17 -104.94 -23.00
N GLY B 467 -36.17 -104.09 -23.19
CA GLY B 467 -37.14 -103.69 -22.13
C GLY B 467 -38.17 -104.74 -21.73
N PRO B 468 -38.90 -104.49 -20.61
CA PRO B 468 -39.83 -105.47 -20.05
C PRO B 468 -41.05 -105.93 -20.88
N MET B 469 -41.42 -107.21 -20.76
CA MET B 469 -42.50 -107.78 -21.60
C MET B 469 -43.53 -108.64 -20.83
N GLY B 470 -44.80 -108.66 -21.22
CA GLY B 470 -45.80 -109.64 -20.72
C GLY B 470 -46.55 -110.23 -21.91
N ARG B 471 -46.69 -111.55 -22.08
CA ARG B 471 -47.32 -112.10 -23.32
C ARG B 471 -48.83 -111.75 -23.48
N THR B 472 -49.24 -111.31 -24.68
CA THR B 472 -50.63 -110.93 -25.03
C THR B 472 -51.02 -111.62 -26.32
N GLN B 473 -52.27 -112.08 -26.46
CA GLN B 473 -52.71 -112.87 -27.64
C GLN B 473 -52.63 -112.09 -28.97
N GLY B 474 -52.24 -112.78 -30.05
CA GLY B 474 -52.13 -112.18 -31.39
C GLY B 474 -53.26 -112.60 -32.30
N TRP B 475 -53.88 -111.63 -32.98
CA TRP B 475 -54.99 -111.90 -33.91
C TRP B 475 -54.66 -111.38 -35.32
N ASN B 476 -54.93 -112.20 -36.34
CA ASN B 476 -54.69 -111.82 -37.77
C ASN B 476 -55.75 -110.84 -38.27
N LEU B 477 -55.37 -109.94 -39.17
CA LEU B 477 -56.25 -108.90 -39.75
C LEU B 477 -56.19 -109.07 -41.27
N GLY B 478 -57.14 -108.54 -42.03
CA GLY B 478 -57.18 -108.76 -43.49
C GLY B 478 -57.41 -110.21 -43.86
N SER B 479 -56.48 -110.82 -44.60
CA SER B 479 -56.61 -112.23 -45.01
C SER B 479 -56.65 -113.11 -43.76
N GLY B 480 -55.85 -112.83 -42.71
CA GLY B 480 -56.10 -113.50 -41.41
C GLY B 480 -56.06 -115.00 -41.36
N VAL B 481 -57.13 -115.66 -40.92
CA VAL B 481 -57.20 -117.14 -40.69
C VAL B 481 -57.31 -117.48 -39.17
N ASN B 482 -57.85 -116.59 -38.34
CA ASN B 482 -58.10 -116.78 -36.86
C ASN B 482 -59.23 -117.75 -36.48
N ARG B 483 -59.25 -118.26 -35.23
CA ARG B 483 -60.30 -119.19 -34.68
C ARG B 483 -61.71 -118.58 -34.60
N ALA B 484 -62.74 -119.35 -34.97
CA ALA B 484 -64.17 -118.92 -35.05
C ALA B 484 -64.98 -118.90 -33.76
N SER B 485 -66.01 -118.03 -33.69
CA SER B 485 -67.00 -117.98 -32.58
C SER B 485 -66.42 -117.82 -31.17
N VAL B 486 -65.44 -116.95 -31.00
CA VAL B 486 -64.75 -116.79 -29.68
C VAL B 486 -65.33 -115.63 -28.86
N SER B 487 -65.53 -115.84 -27.55
CA SER B 487 -65.87 -114.70 -26.65
C SER B 487 -64.53 -114.33 -26.00
N ALA B 488 -64.03 -113.13 -26.21
CA ALA B 488 -62.69 -112.67 -25.76
C ALA B 488 -62.41 -112.55 -24.25
N PHE B 489 -63.35 -112.14 -23.39
CA PHE B 489 -63.08 -111.70 -21.99
C PHE B 489 -62.43 -112.73 -21.02
N ALA B 490 -62.80 -114.00 -21.02
CA ALA B 490 -62.24 -115.01 -20.09
C ALA B 490 -60.73 -115.17 -20.27
N THR B 491 -60.23 -115.10 -21.50
CA THR B 491 -58.80 -115.33 -21.82
C THR B 491 -57.98 -114.05 -21.91
N THR B 492 -58.54 -112.89 -21.62
CA THR B 492 -57.82 -111.58 -21.63
C THR B 492 -56.84 -111.39 -20.48
N ASN B 493 -55.82 -110.54 -20.65
CA ASN B 493 -54.83 -110.18 -19.59
C ASN B 493 -55.50 -109.40 -18.46
N ARG B 494 -55.12 -109.66 -17.20
CA ARG B 494 -55.78 -109.01 -16.05
C ARG B 494 -54.84 -108.71 -14.89
N MET B 495 -55.16 -107.72 -14.06
CA MET B 495 -54.43 -107.44 -12.80
C MET B 495 -55.50 -107.43 -11.68
N GLU B 496 -55.16 -107.88 -10.47
CA GLU B 496 -56.13 -108.01 -9.34
C GLU B 496 -55.95 -106.86 -8.34
N LEU B 497 -56.99 -106.08 -8.04
CA LEU B 497 -56.94 -105.01 -6.98
C LEU B 497 -58.12 -105.16 -6.03
N GLU B 498 -57.92 -105.16 -4.71
CA GLU B 498 -59.00 -105.12 -3.67
C GLU B 498 -60.03 -106.26 -3.82
N GLY B 499 -59.63 -107.46 -4.21
CA GLY B 499 -60.60 -108.56 -4.47
C GLY B 499 -61.30 -108.57 -5.82
N ALA B 500 -60.94 -107.73 -6.80
CA ALA B 500 -61.59 -107.83 -8.14
C ALA B 500 -60.57 -107.97 -9.28
N SER B 501 -60.94 -108.60 -10.39
CA SER B 501 -60.07 -108.77 -11.59
C SER B 501 -60.38 -107.68 -12.62
N TYR B 502 -59.34 -106.98 -13.04
CA TYR B 502 -59.53 -105.86 -14.00
C TYR B 502 -58.76 -106.04 -15.27
N GLN B 503 -59.42 -105.80 -16.40
CA GLN B 503 -58.68 -105.72 -17.67
C GLN B 503 -57.86 -104.42 -17.61
N VAL B 504 -56.67 -104.43 -18.16
CA VAL B 504 -55.76 -103.27 -18.18
C VAL B 504 -55.46 -103.13 -19.67
N PRO B 505 -56.39 -102.57 -20.47
CA PRO B 505 -56.33 -102.58 -21.92
C PRO B 505 -55.16 -101.95 -22.60
N PRO B 506 -54.52 -100.82 -22.21
CA PRO B 506 -53.25 -100.49 -22.86
C PRO B 506 -52.32 -101.39 -22.03
N GLN B 507 -51.44 -102.16 -22.63
CA GLN B 507 -50.50 -102.91 -21.70
C GLN B 507 -49.40 -101.92 -21.21
N PRO B 508 -48.54 -102.24 -20.21
CA PRO B 508 -47.40 -101.39 -19.82
C PRO B 508 -46.26 -101.23 -20.88
N ASN B 509 -45.50 -100.12 -20.92
CA ASN B 509 -44.46 -99.82 -21.97
C ASN B 509 -43.27 -100.80 -22.12
N GLY B 510 -42.60 -100.82 -23.30
CA GLY B 510 -41.46 -101.70 -23.64
C GLY B 510 -41.72 -102.82 -24.60
N MET B 511 -42.90 -102.89 -25.18
CA MET B 511 -43.20 -103.93 -26.18
C MET B 511 -43.63 -103.38 -27.55
N THR B 512 -43.62 -104.22 -28.58
CA THR B 512 -44.21 -103.86 -29.90
C THR B 512 -45.38 -104.80 -30.22
N ASN B 513 -46.57 -104.29 -30.55
CA ASN B 513 -47.78 -105.03 -31.02
C ASN B 513 -47.67 -105.72 -32.40
N ASN B 514 -47.01 -105.13 -33.40
CA ASN B 514 -46.98 -105.66 -34.79
C ASN B 514 -45.54 -105.73 -35.32
N LEU B 515 -45.15 -106.81 -35.98
CA LEU B 515 -43.78 -106.95 -36.61
C LEU B 515 -43.40 -106.04 -37.82
N GLN B 516 -44.23 -105.75 -38.83
CA GLN B 516 -43.90 -104.98 -40.08
C GLN B 516 -44.26 -105.93 -41.22
N GLY B 517 -44.94 -105.45 -42.26
CA GLY B 517 -45.51 -106.47 -43.13
C GLY B 517 -46.49 -107.11 -42.16
N SER B 518 -46.39 -108.39 -41.86
CA SER B 518 -47.28 -109.14 -40.92
C SER B 518 -48.68 -108.58 -40.60
N ASN B 519 -49.65 -109.48 -40.57
CA ASN B 519 -51.07 -109.11 -40.26
C ASN B 519 -51.42 -109.56 -38.84
N THR B 520 -50.43 -110.00 -38.05
CA THR B 520 -50.66 -110.35 -36.63
C THR B 520 -50.52 -109.12 -35.75
N TYR B 521 -51.52 -108.88 -34.91
CA TYR B 521 -51.53 -107.71 -34.00
C TYR B 521 -51.90 -108.20 -32.64
N ALA B 522 -51.22 -107.69 -31.63
CA ALA B 522 -51.69 -108.00 -30.28
C ALA B 522 -52.70 -106.89 -29.94
N LEU B 523 -54.01 -107.19 -29.98
CA LEU B 523 -55.12 -106.19 -29.87
C LEU B 523 -55.20 -105.44 -28.52
N GLU B 524 -54.88 -106.09 -27.40
CA GLU B 524 -54.89 -105.46 -26.07
C GLU B 524 -53.63 -104.60 -25.84
N ASN B 525 -52.65 -104.61 -26.73
CA ASN B 525 -51.46 -103.70 -26.68
C ASN B 525 -51.62 -102.54 -27.68
N THR B 526 -52.76 -102.37 -28.33
CA THR B 526 -52.91 -101.34 -29.40
C THR B 526 -53.96 -100.30 -29.07
N MET B 527 -53.68 -99.04 -29.36
CA MET B 527 -54.71 -97.97 -29.30
C MET B 527 -55.68 -98.13 -30.49
N ILE B 528 -56.97 -98.25 -30.23
CA ILE B 528 -58.02 -98.36 -31.29
C ILE B 528 -58.94 -97.12 -31.25
N PHE B 529 -59.17 -96.50 -32.40
CA PHE B 529 -59.93 -95.23 -32.51
C PHE B 529 -61.00 -95.36 -33.58
N ASN B 530 -62.00 -94.49 -33.56
CA ASN B 530 -63.06 -94.43 -34.61
C ASN B 530 -62.80 -93.19 -35.47
N SER B 531 -62.94 -93.29 -36.79
CA SER B 531 -62.81 -92.12 -37.71
C SER B 531 -63.91 -91.08 -37.43
N GLN B 532 -65.13 -91.53 -37.13
CA GLN B 532 -66.28 -90.64 -36.85
C GLN B 532 -66.68 -90.67 -35.37
N PRO B 533 -67.18 -89.56 -34.79
CA PRO B 533 -67.70 -89.56 -33.41
C PRO B 533 -68.97 -90.41 -33.26
N ALA B 534 -69.18 -90.94 -32.06
CA ALA B 534 -70.30 -91.87 -31.81
C ALA B 534 -71.31 -91.33 -30.81
N ASN B 535 -72.56 -91.78 -30.93
CA ASN B 535 -73.63 -91.44 -29.95
C ASN B 535 -73.34 -92.13 -28.61
N PRO B 536 -73.70 -91.52 -27.46
CA PRO B 536 -73.50 -92.15 -26.17
C PRO B 536 -74.27 -93.44 -25.89
N GLY B 537 -73.61 -94.43 -25.27
CA GLY B 537 -74.24 -95.70 -24.88
C GLY B 537 -74.38 -96.71 -25.99
N THR B 538 -73.77 -96.49 -27.14
CA THR B 538 -73.92 -97.42 -28.27
C THR B 538 -73.40 -98.82 -27.88
N THR B 539 -74.11 -99.87 -28.26
CA THR B 539 -73.69 -101.27 -28.02
C THR B 539 -73.46 -101.96 -29.34
N ALA B 540 -73.39 -101.23 -30.46
CA ALA B 540 -73.23 -101.78 -31.83
C ALA B 540 -71.88 -102.50 -32.07
N THR B 541 -71.89 -103.62 -32.81
CA THR B 541 -70.63 -104.28 -33.21
C THR B 541 -69.93 -103.49 -34.28
N TYR B 542 -68.60 -103.42 -34.23
CA TYR B 542 -67.81 -102.73 -35.27
C TYR B 542 -66.81 -103.69 -35.87
N LEU B 543 -66.78 -103.75 -37.18
CA LEU B 543 -65.75 -104.54 -37.93
C LEU B 543 -64.45 -103.71 -38.10
N GLU B 544 -63.38 -104.33 -38.59
CA GLU B 544 -62.03 -103.71 -38.76
C GLU B 544 -62.03 -102.50 -39.71
N GLY B 545 -62.81 -102.53 -40.80
CA GLY B 545 -62.85 -101.44 -41.79
C GLY B 545 -63.29 -100.13 -41.17
N ASN B 546 -64.26 -100.12 -40.28
CA ASN B 546 -64.64 -98.90 -39.51
C ASN B 546 -63.53 -98.39 -38.59
N MET B 547 -62.73 -99.26 -37.98
CA MET B 547 -61.75 -98.86 -36.94
C MET B 547 -60.42 -98.30 -37.44
N LEU B 548 -59.77 -97.43 -36.66
CA LEU B 548 -58.40 -96.95 -36.98
C LEU B 548 -57.46 -97.69 -36.03
N ILE B 549 -56.58 -98.57 -36.54
CA ILE B 549 -55.71 -99.43 -35.66
C ILE B 549 -54.24 -99.03 -35.83
N THR B 550 -53.58 -98.68 -34.75
CA THR B 550 -52.16 -98.25 -34.72
C THR B 550 -51.16 -99.42 -34.73
N SER B 551 -49.95 -99.17 -35.21
CA SER B 551 -48.84 -100.17 -35.24
C SER B 551 -47.61 -99.53 -34.60
N GLU B 552 -46.83 -100.28 -33.85
CA GLU B 552 -45.60 -99.82 -33.16
C GLU B 552 -44.37 -100.46 -33.82
N SER B 553 -44.44 -100.87 -35.08
CA SER B 553 -43.40 -101.64 -35.81
C SER B 553 -42.05 -100.91 -35.91
N GLU B 554 -41.99 -99.59 -35.84
CA GLU B 554 -40.75 -98.77 -35.83
C GLU B 554 -39.85 -99.11 -34.62
N THR B 555 -40.41 -99.42 -33.46
CA THR B 555 -39.69 -99.71 -32.20
C THR B 555 -39.19 -101.15 -32.10
N GLN B 556 -39.46 -102.02 -33.09
CA GLN B 556 -39.12 -103.46 -33.12
C GLN B 556 -37.59 -103.72 -32.99
N PRO B 557 -36.66 -102.92 -33.56
CA PRO B 557 -35.23 -103.08 -33.28
C PRO B 557 -34.81 -103.08 -31.79
N VAL B 558 -35.51 -102.38 -30.88
CA VAL B 558 -35.31 -102.43 -29.39
C VAL B 558 -36.48 -102.98 -28.54
N ASN B 559 -37.65 -103.29 -29.08
CA ASN B 559 -38.82 -103.67 -28.23
C ASN B 559 -39.26 -105.08 -28.58
N ARG B 560 -39.44 -105.92 -27.57
CA ARG B 560 -39.87 -107.32 -27.79
C ARG B 560 -41.33 -107.41 -28.29
N VAL B 561 -41.62 -108.41 -29.11
CA VAL B 561 -43.01 -108.65 -29.60
C VAL B 561 -43.93 -109.26 -28.52
N ALA B 562 -45.12 -108.69 -28.30
CA ALA B 562 -46.12 -109.10 -27.28
C ALA B 562 -46.69 -110.51 -27.48
N TYR B 563 -47.00 -110.90 -28.70
CA TYR B 563 -47.58 -112.25 -29.01
C TYR B 563 -46.58 -113.39 -28.70
N ASN B 564 -45.29 -113.22 -28.93
CA ASN B 564 -44.24 -114.26 -28.72
C ASN B 564 -43.74 -114.43 -27.28
N VAL B 565 -43.14 -115.58 -26.93
CA VAL B 565 -42.41 -115.80 -25.63
C VAL B 565 -41.14 -114.95 -25.55
N GLY B 566 -40.77 -114.41 -24.38
CA GLY B 566 -39.55 -113.59 -24.12
C GLY B 566 -38.17 -114.21 -24.28
N GLY B 567 -37.94 -115.45 -23.87
CA GLY B 567 -36.60 -116.08 -23.86
C GLY B 567 -36.62 -117.39 -23.12
N GLN B 568 -35.46 -117.97 -22.83
CA GLN B 568 -35.32 -119.25 -22.07
C GLN B 568 -34.29 -119.12 -20.91
N MET B 569 -34.47 -119.85 -19.80
CA MET B 569 -33.55 -119.90 -18.64
C MET B 569 -33.34 -121.35 -18.18
N ALA B 570 -32.27 -121.67 -17.45
CA ALA B 570 -31.98 -123.03 -16.90
C ALA B 570 -32.97 -123.50 -15.80
N THR B 571 -33.38 -124.76 -15.89
CA THR B 571 -34.38 -125.33 -14.95
C THR B 571 -33.80 -126.47 -14.11
N ASN B 572 -32.52 -126.80 -14.18
CA ASN B 572 -31.97 -128.02 -13.54
C ASN B 572 -30.47 -127.89 -13.31
N ASN B 573 -29.89 -128.87 -12.63
CA ASN B 573 -28.41 -128.97 -12.51
C ASN B 573 -27.97 -130.19 -13.32
N GLN B 574 -27.02 -130.03 -14.24
CA GLN B 574 -26.46 -131.14 -15.07
C GLN B 574 -25.57 -132.06 -14.19
N SER B 575 -25.47 -133.33 -14.55
CA SER B 575 -24.65 -134.33 -13.82
C SER B 575 -24.30 -135.43 -14.84
N SER B 576 -23.40 -136.34 -14.50
CA SER B 576 -23.15 -137.46 -15.44
C SER B 576 -24.45 -138.23 -15.65
N THR B 577 -25.25 -138.47 -14.62
CA THR B 577 -26.60 -139.07 -14.74
C THR B 577 -27.60 -138.18 -15.48
N THR B 578 -27.59 -136.86 -15.28
CA THR B 578 -28.65 -135.98 -15.85
C THR B 578 -28.22 -135.00 -16.92
N ALA B 579 -28.90 -134.99 -18.07
CA ALA B 579 -28.68 -134.00 -19.15
C ALA B 579 -29.17 -132.60 -18.76
N PRO B 580 -28.55 -131.52 -19.25
CA PRO B 580 -29.04 -130.16 -19.00
C PRO B 580 -30.42 -129.80 -19.64
N ALA B 581 -31.23 -128.97 -18.99
CA ALA B 581 -32.60 -128.61 -19.44
C ALA B 581 -32.87 -127.10 -19.38
N THR B 582 -33.73 -126.59 -20.26
CA THR B 582 -34.13 -125.16 -20.27
C THR B 582 -35.63 -125.02 -20.26
N GLY B 583 -36.14 -123.86 -19.83
CA GLY B 583 -37.58 -123.57 -19.93
C GLY B 583 -37.87 -122.18 -20.46
N THR B 584 -38.90 -122.01 -21.28
CA THR B 584 -39.36 -120.66 -21.76
C THR B 584 -40.10 -119.87 -20.69
N TYR B 585 -40.05 -118.55 -20.73
CA TYR B 585 -40.79 -117.64 -19.82
C TYR B 585 -41.81 -116.74 -20.61
N ASN B 586 -42.99 -116.43 -20.07
CA ASN B 586 -44.04 -115.60 -20.74
C ASN B 586 -44.03 -114.14 -20.22
N LEU B 587 -43.29 -113.87 -19.15
CA LEU B 587 -43.19 -112.49 -18.59
C LEU B 587 -41.80 -112.18 -18.03
N GLN B 588 -41.33 -110.95 -18.14
CA GLN B 588 -40.07 -110.51 -17.50
C GLN B 588 -40.22 -109.02 -17.18
N GLU B 589 -39.50 -108.51 -16.20
CA GLU B 589 -39.64 -107.12 -15.73
C GLU B 589 -38.27 -106.46 -15.83
N ILE B 590 -38.11 -105.24 -15.34
CA ILE B 590 -36.86 -104.45 -15.48
C ILE B 590 -35.62 -105.12 -14.87
N VAL B 591 -34.52 -105.04 -15.59
CA VAL B 591 -33.21 -105.61 -15.16
C VAL B 591 -32.20 -104.46 -15.36
N PRO B 592 -31.07 -104.41 -14.64
CA PRO B 592 -30.07 -103.38 -14.90
C PRO B 592 -29.45 -103.48 -16.31
N GLY B 593 -29.19 -102.35 -16.99
CA GLY B 593 -28.74 -102.34 -18.39
C GLY B 593 -29.86 -102.43 -19.42
N SER B 594 -31.12 -102.35 -19.00
CA SER B 594 -32.34 -102.37 -19.84
C SER B 594 -32.55 -101.07 -20.65
N VAL B 595 -32.89 -101.20 -21.93
CA VAL B 595 -33.17 -100.04 -22.85
C VAL B 595 -34.50 -100.32 -23.58
N TRP B 596 -35.33 -99.29 -23.79
CA TRP B 596 -36.61 -99.43 -24.54
C TRP B 596 -37.07 -98.09 -25.12
N MET B 597 -38.03 -98.14 -26.01
CA MET B 597 -38.70 -96.93 -26.57
C MET B 597 -40.15 -96.82 -26.05
N GLU B 598 -40.57 -95.63 -25.63
CA GLU B 598 -41.97 -95.35 -25.19
C GLU B 598 -42.94 -95.32 -26.37
N ARG B 599 -44.23 -95.52 -26.12
CA ARG B 599 -45.30 -95.46 -27.16
C ARG B 599 -45.38 -94.11 -27.90
N ASP B 600 -45.65 -94.15 -29.20
CA ASP B 600 -45.79 -92.96 -30.06
C ASP B 600 -47.07 -92.15 -29.83
N VAL B 601 -46.99 -90.84 -29.97
CA VAL B 601 -48.19 -89.94 -29.97
C VAL B 601 -48.92 -89.94 -31.33
N TYR B 602 -50.21 -89.64 -31.33
CA TYR B 602 -51.04 -89.59 -32.56
C TYR B 602 -51.76 -88.25 -32.58
N LEU B 603 -52.13 -87.74 -33.76
CA LEU B 603 -52.91 -86.48 -33.88
C LEU B 603 -54.29 -86.65 -33.19
N GLN B 604 -54.95 -87.79 -33.35
CA GLN B 604 -56.21 -88.20 -32.65
C GLN B 604 -56.02 -88.40 -31.12
N GLY B 605 -54.83 -88.75 -30.65
CA GLY B 605 -54.50 -89.01 -29.23
C GLY B 605 -54.29 -87.91 -28.21
N PRO B 606 -54.26 -88.27 -26.89
CA PRO B 606 -53.89 -87.35 -25.80
C PRO B 606 -52.48 -86.82 -25.53
N ILE B 607 -52.30 -85.53 -25.21
CA ILE B 607 -50.98 -84.94 -24.75
C ILE B 607 -50.45 -85.33 -23.35
N TRP B 608 -51.25 -85.31 -22.29
CA TRP B 608 -50.74 -85.46 -20.91
C TRP B 608 -51.58 -86.33 -19.98
N ALA B 609 -50.99 -86.78 -18.87
CA ALA B 609 -51.71 -87.50 -17.79
C ALA B 609 -51.14 -87.01 -16.45
N LYS B 610 -51.97 -86.99 -15.41
CA LYS B 610 -51.51 -86.62 -14.05
C LYS B 610 -50.88 -87.83 -13.33
N ILE B 611 -49.69 -87.66 -12.77
CA ILE B 611 -49.08 -88.71 -11.91
C ILE B 611 -49.87 -88.79 -10.59
N PRO B 612 -50.27 -89.99 -10.12
CA PRO B 612 -50.99 -90.13 -8.85
C PRO B 612 -50.17 -89.89 -7.60
N GLU B 613 -50.75 -89.27 -6.56
CA GLU B 613 -49.95 -88.92 -5.35
C GLU B 613 -49.97 -90.04 -4.30
N THR B 614 -48.94 -90.88 -4.24
CA THR B 614 -48.84 -92.01 -3.30
C THR B 614 -47.59 -91.86 -2.47
N GLY B 615 -46.67 -91.02 -2.90
CA GLY B 615 -45.34 -90.87 -2.30
C GLY B 615 -44.29 -91.83 -2.89
N ALA B 616 -44.66 -92.81 -3.73
CA ALA B 616 -43.68 -93.69 -4.40
C ALA B 616 -44.08 -94.03 -5.84
N HIS B 617 -43.17 -93.93 -6.79
CA HIS B 617 -43.43 -94.29 -8.21
C HIS B 617 -42.13 -94.68 -8.93
N PHE B 618 -42.24 -95.40 -10.03
CA PHE B 618 -41.07 -95.68 -10.90
C PHE B 618 -41.31 -95.23 -12.33
N HIS B 619 -40.39 -94.49 -12.95
CA HIS B 619 -40.41 -94.12 -14.41
C HIS B 619 -41.80 -93.67 -14.86
N PRO B 620 -42.12 -92.37 -14.73
CA PRO B 620 -43.50 -91.92 -14.92
C PRO B 620 -44.02 -91.47 -16.27
N SER B 621 -44.08 -92.43 -17.18
CA SER B 621 -44.56 -92.18 -18.55
C SER B 621 -45.91 -92.91 -18.69
N PRO B 622 -47.02 -92.22 -19.06
CA PRO B 622 -48.30 -92.89 -19.15
C PRO B 622 -48.47 -93.95 -20.27
N ALA B 623 -49.21 -95.02 -20.03
CA ALA B 623 -49.35 -96.14 -20.99
C ALA B 623 -50.01 -95.77 -22.33
N MET B 624 -51.04 -94.92 -22.34
CA MET B 624 -51.75 -94.43 -23.55
C MET B 624 -50.77 -93.62 -24.42
N GLY B 625 -49.83 -92.91 -23.82
CA GLY B 625 -48.84 -92.06 -24.52
C GLY B 625 -48.78 -90.68 -23.93
N GLY B 626 -47.83 -89.86 -24.37
CA GLY B 626 -47.71 -88.47 -23.89
C GLY B 626 -46.82 -88.15 -22.71
N PHE B 627 -47.08 -87.05 -22.05
CA PHE B 627 -46.22 -86.50 -20.96
C PHE B 627 -46.88 -86.68 -19.59
N GLY B 628 -46.13 -87.23 -18.64
CA GLY B 628 -46.61 -87.44 -17.27
C GLY B 628 -46.23 -86.28 -16.41
N LEU B 629 -47.21 -85.64 -15.79
CA LEU B 629 -46.94 -84.39 -15.05
C LEU B 629 -47.37 -84.45 -13.58
N LYS B 630 -46.49 -84.09 -12.67
CA LYS B 630 -46.84 -83.92 -11.23
C LYS B 630 -47.85 -82.77 -11.05
N HIS B 631 -47.67 -81.66 -11.75
CA HIS B 631 -48.60 -80.50 -11.67
C HIS B 631 -49.14 -80.21 -13.06
N PRO B 632 -50.23 -80.88 -13.45
CA PRO B 632 -50.86 -80.72 -14.76
C PRO B 632 -51.64 -79.44 -15.03
N PRO B 633 -51.93 -79.07 -16.29
CA PRO B 633 -52.74 -77.88 -16.50
C PRO B 633 -54.07 -78.09 -15.75
N PRO B 634 -54.55 -77.10 -14.97
CA PRO B 634 -55.70 -77.29 -14.10
C PRO B 634 -57.14 -77.43 -14.61
N MET B 635 -58.00 -78.12 -13.86
CA MET B 635 -59.44 -78.26 -14.20
C MET B 635 -60.17 -76.89 -14.25
N MET B 636 -60.92 -76.65 -15.32
CA MET B 636 -61.67 -75.39 -15.52
C MET B 636 -63.18 -75.75 -15.47
N LEU B 637 -63.91 -75.15 -14.55
CA LEU B 637 -65.33 -75.52 -14.28
C LEU B 637 -66.27 -74.32 -14.50
N ILE B 638 -67.37 -74.57 -15.19
CA ILE B 638 -68.38 -73.51 -15.51
C ILE B 638 -69.80 -73.99 -15.15
N LYS B 639 -70.59 -73.12 -14.56
CA LYS B 639 -72.02 -73.46 -14.28
C LYS B 639 -72.97 -72.29 -14.60
N ASN B 640 -74.22 -72.59 -14.85
CA ASN B 640 -75.28 -71.53 -14.97
C ASN B 640 -75.80 -71.23 -13.57
N THR B 641 -75.87 -69.98 -13.15
CA THR B 641 -76.43 -69.60 -11.84
C THR B 641 -77.93 -69.91 -11.78
N PRO B 642 -78.42 -70.54 -10.67
CA PRO B 642 -79.85 -70.74 -10.49
C PRO B 642 -80.67 -69.46 -10.49
N VAL B 643 -81.70 -69.42 -11.31
CA VAL B 643 -82.61 -68.25 -11.30
C VAL B 643 -84.00 -68.78 -10.88
N PRO B 644 -84.54 -68.33 -9.74
CA PRO B 644 -85.85 -68.81 -9.27
C PRO B 644 -87.18 -68.46 -9.98
N GLY B 645 -88.15 -69.37 -9.96
CA GLY B 645 -89.54 -69.16 -10.43
C GLY B 645 -90.35 -68.41 -9.40
N ASN B 646 -91.58 -68.00 -9.69
CA ASN B 646 -92.32 -67.13 -8.74
C ASN B 646 -92.61 -67.82 -7.40
N ILE B 647 -92.23 -67.18 -6.29
CA ILE B 647 -92.48 -67.75 -4.93
C ILE B 647 -93.30 -66.70 -4.18
N THR B 648 -94.44 -67.07 -3.62
CA THR B 648 -95.36 -66.09 -2.97
C THR B 648 -95.41 -66.26 -1.46
N SER B 649 -94.87 -67.35 -0.93
CA SER B 649 -94.96 -67.65 0.53
C SER B 649 -93.61 -68.08 1.10
N PHE B 650 -93.35 -67.86 2.38
CA PHE B 650 -92.12 -68.30 3.07
C PHE B 650 -92.09 -69.80 3.44
N SER B 651 -90.96 -70.48 3.20
CA SER B 651 -90.75 -71.84 3.73
C SER B 651 -89.30 -71.99 4.18
N ASP B 652 -89.04 -72.74 5.24
CA ASP B 652 -87.66 -73.17 5.63
C ASP B 652 -87.14 -74.13 4.55
N VAL B 653 -88.00 -74.96 3.96
CA VAL B 653 -87.62 -75.93 2.91
C VAL B 653 -87.07 -75.21 1.67
N PRO B 654 -85.92 -75.64 1.10
CA PRO B 654 -85.31 -75.01 -0.07
C PRO B 654 -86.11 -75.00 -1.37
N VAL B 655 -85.97 -73.93 -2.14
CA VAL B 655 -86.71 -73.80 -3.43
C VAL B 655 -86.28 -74.87 -4.45
N SER B 656 -87.25 -75.50 -5.07
CA SER B 656 -87.04 -76.53 -6.10
C SER B 656 -87.57 -76.05 -7.47
N SER B 657 -88.08 -74.83 -7.57
CA SER B 657 -88.70 -74.32 -8.82
C SER B 657 -87.84 -73.19 -9.41
N PHE B 658 -87.38 -73.38 -10.64
CA PHE B 658 -86.42 -72.44 -11.27
C PHE B 658 -86.80 -72.19 -12.70
N ILE B 659 -86.49 -71.03 -13.24
CA ILE B 659 -86.68 -70.81 -14.71
C ILE B 659 -85.66 -71.65 -15.54
N THR B 660 -86.06 -72.25 -16.67
CA THR B 660 -85.17 -73.08 -17.54
C THR B 660 -84.26 -72.22 -18.43
N GLN B 661 -82.94 -72.47 -18.38
CA GLN B 661 -81.93 -71.62 -19.06
C GLN B 661 -80.73 -72.39 -19.63
N TYR B 662 -80.03 -71.84 -20.62
CA TYR B 662 -78.80 -72.45 -21.21
C TYR B 662 -77.83 -71.31 -21.54
N SER B 663 -76.55 -71.62 -21.68
CA SER B 663 -75.53 -70.59 -22.04
C SER B 663 -74.70 -70.98 -23.29
N THR B 664 -74.19 -69.96 -23.98
CA THR B 664 -73.35 -70.16 -25.19
C THR B 664 -72.22 -69.13 -25.21
N GLY B 665 -71.09 -69.42 -25.85
CA GLY B 665 -69.97 -68.47 -25.98
C GLY B 665 -68.82 -68.95 -26.83
N GLN B 666 -67.71 -68.24 -26.79
CA GLN B 666 -66.43 -68.59 -27.50
C GLN B 666 -65.25 -68.83 -26.52
N VAL B 667 -64.41 -69.82 -26.84
CA VAL B 667 -63.19 -70.12 -26.03
C VAL B 667 -61.93 -70.07 -26.93
N THR B 668 -60.86 -69.45 -26.47
CA THR B 668 -59.57 -69.44 -27.18
C THR B 668 -58.47 -70.12 -26.35
N VAL B 669 -57.69 -71.05 -26.94
CA VAL B 669 -56.50 -71.67 -26.27
C VAL B 669 -55.21 -71.37 -27.06
N GLU B 670 -54.17 -70.86 -26.41
CA GLU B 670 -52.87 -70.58 -27.04
C GLU B 670 -51.79 -71.44 -26.37
N MET B 671 -51.01 -72.18 -27.16
CA MET B 671 -49.96 -73.08 -26.63
C MET B 671 -48.60 -72.84 -27.30
N GLU B 672 -47.54 -72.90 -26.50
CA GLU B 672 -46.15 -72.76 -27.02
C GLU B 672 -45.43 -74.13 -26.94
N TRP B 673 -44.71 -74.48 -28.00
CA TRP B 673 -44.00 -75.77 -28.09
C TRP B 673 -42.52 -75.57 -28.39
N GLU B 674 -41.66 -76.36 -27.75
CA GLU B 674 -40.20 -76.34 -28.04
C GLU B 674 -39.84 -77.51 -28.97
N LEU B 675 -39.04 -77.25 -29.99
CA LEU B 675 -38.67 -78.24 -31.03
C LEU B 675 -37.20 -78.66 -30.97
N LYS B 676 -36.92 -79.94 -31.21
CA LYS B 676 -35.52 -80.41 -31.34
C LYS B 676 -35.22 -80.71 -32.83
N LYS B 677 -34.23 -80.04 -33.40
CA LYS B 677 -33.80 -80.22 -34.81
C LYS B 677 -33.06 -81.52 -35.16
N GLU B 678 -33.32 -82.06 -36.35
CA GLU B 678 -32.56 -83.22 -36.87
C GLU B 678 -31.11 -82.81 -37.24
N ASN B 679 -30.11 -83.65 -36.96
CA ASN B 679 -28.67 -83.42 -37.30
C ASN B 679 -28.11 -84.65 -38.05
N SER B 680 -28.86 -85.26 -38.96
CA SER B 680 -28.48 -86.52 -39.66
C SER B 680 -27.33 -86.43 -40.67
N LYS B 681 -26.48 -87.46 -40.75
CA LYS B 681 -25.42 -87.58 -41.78
C LYS B 681 -25.78 -88.67 -42.82
N ARG B 682 -26.99 -89.23 -42.82
CA ARG B 682 -27.49 -90.24 -43.81
C ARG B 682 -27.55 -89.72 -45.27
N TRP B 683 -26.78 -90.30 -46.19
CA TRP B 683 -26.70 -89.93 -47.62
C TRP B 683 -27.97 -90.17 -48.46
N ASN B 684 -28.58 -91.31 -48.29
CA ASN B 684 -29.80 -91.74 -49.02
C ASN B 684 -31.07 -91.05 -48.49
N PRO B 685 -32.11 -90.93 -49.34
CA PRO B 685 -33.39 -90.39 -48.91
C PRO B 685 -34.24 -91.18 -47.89
N GLU B 686 -34.85 -90.47 -46.95
CA GLU B 686 -35.76 -90.99 -45.89
C GLU B 686 -37.24 -91.23 -46.22
N ILE B 687 -37.93 -92.02 -45.40
CA ILE B 687 -39.42 -92.19 -45.43
C ILE B 687 -40.12 -90.91 -44.90
N GLN B 688 -41.23 -90.51 -45.52
CA GLN B 688 -42.03 -89.30 -45.16
C GLN B 688 -43.52 -89.56 -45.23
N TYR B 689 -44.34 -88.91 -44.40
CA TYR B 689 -45.82 -88.98 -44.55
C TYR B 689 -46.23 -88.15 -45.79
N THR B 690 -47.08 -88.73 -46.63
CA THR B 690 -47.50 -88.06 -47.87
C THR B 690 -48.98 -88.26 -48.07
N ASN B 691 -49.61 -87.36 -48.83
CA ASN B 691 -51.01 -87.56 -49.23
C ASN B 691 -50.93 -88.43 -50.48
N ASN B 692 -51.31 -89.69 -50.39
CA ASN B 692 -51.14 -90.66 -51.50
C ASN B 692 -52.36 -91.56 -51.53
N TYR B 693 -53.12 -91.49 -52.61
CA TYR B 693 -54.40 -92.23 -52.71
C TYR B 693 -54.52 -92.69 -54.16
N ASN B 694 -55.10 -93.85 -54.42
CA ASN B 694 -55.32 -94.27 -55.83
C ASN B 694 -56.78 -94.06 -56.24
N ASP B 695 -57.05 -93.30 -57.32
CA ASP B 695 -58.42 -92.97 -57.84
C ASP B 695 -59.35 -92.40 -56.76
N PRO B 696 -58.96 -91.34 -56.00
CA PRO B 696 -59.82 -90.86 -54.91
C PRO B 696 -61.22 -90.31 -55.24
N GLN B 697 -62.23 -90.70 -54.46
CA GLN B 697 -63.63 -90.22 -54.67
C GLN B 697 -63.96 -89.04 -53.75
N PHE B 698 -63.06 -88.69 -52.85
CA PHE B 698 -63.28 -87.60 -51.88
C PHE B 698 -61.91 -87.12 -51.49
N VAL B 699 -61.84 -85.95 -50.91
CA VAL B 699 -60.55 -85.50 -50.31
C VAL B 699 -60.60 -85.86 -48.83
N ASP B 700 -59.62 -86.58 -48.33
CA ASP B 700 -59.45 -86.87 -46.88
C ASP B 700 -59.08 -85.60 -46.11
N PHE B 701 -59.47 -85.48 -44.82
CA PHE B 701 -59.29 -84.28 -43.94
C PHE B 701 -60.00 -83.05 -44.50
N ALA B 702 -61.18 -83.25 -45.06
CA ALA B 702 -62.01 -82.18 -45.65
C ALA B 702 -63.48 -82.49 -45.39
N PRO B 703 -64.39 -81.49 -45.45
CA PRO B 703 -65.82 -81.76 -45.41
C PRO B 703 -66.42 -82.47 -46.64
N ASP B 704 -67.49 -83.24 -46.46
CA ASP B 704 -68.18 -83.89 -47.61
C ASP B 704 -69.39 -83.07 -48.12
N SER B 705 -70.18 -83.65 -49.02
CA SER B 705 -71.35 -82.96 -49.63
C SER B 705 -72.39 -82.59 -48.54
N THR B 706 -72.62 -83.42 -47.54
CA THR B 706 -73.46 -83.12 -46.34
C THR B 706 -72.82 -82.15 -45.36
N GLY B 707 -71.51 -81.88 -45.42
CA GLY B 707 -70.80 -81.06 -44.43
C GLY B 707 -70.11 -81.79 -43.29
N GLU B 708 -70.05 -83.12 -43.31
CA GLU B 708 -69.37 -83.93 -42.26
C GLU B 708 -67.87 -84.14 -42.57
N TYR B 709 -66.99 -83.86 -41.60
CA TYR B 709 -65.52 -84.02 -41.72
C TYR B 709 -65.10 -85.49 -41.84
N ARG B 710 -64.12 -85.75 -42.71
CA ARG B 710 -63.64 -87.13 -42.95
C ARG B 710 -62.19 -87.24 -42.50
N SER B 711 -61.86 -88.23 -41.67
CA SER B 711 -60.48 -88.51 -41.18
C SER B 711 -60.19 -90.02 -41.26
N THR B 712 -59.93 -90.59 -42.42
CA THR B 712 -59.68 -92.04 -42.70
C THR B 712 -58.42 -92.61 -42.03
N ARG B 713 -57.32 -91.89 -41.89
CA ARG B 713 -56.04 -92.48 -41.42
C ARG B 713 -55.50 -91.99 -40.06
N PRO B 714 -55.00 -92.86 -39.16
CA PRO B 714 -54.29 -92.44 -37.97
C PRO B 714 -52.85 -91.92 -38.22
N ILE B 715 -52.39 -90.83 -37.61
CA ILE B 715 -51.00 -90.38 -37.95
C ILE B 715 -50.07 -90.34 -36.73
N GLY B 716 -48.96 -91.08 -36.81
CA GLY B 716 -47.88 -91.13 -35.81
C GLY B 716 -46.80 -90.10 -36.06
N THR B 717 -45.82 -90.02 -35.19
CA THR B 717 -44.69 -89.09 -35.34
C THR B 717 -43.38 -89.65 -35.88
N ARG B 718 -43.17 -90.97 -36.05
CA ARG B 718 -41.80 -91.48 -36.39
C ARG B 718 -41.58 -91.83 -37.88
N TYR B 719 -40.92 -90.93 -38.62
CA TYR B 719 -40.62 -91.13 -40.07
C TYR B 719 -39.13 -91.00 -40.27
N LEU B 720 -38.48 -90.17 -39.46
CA LEU B 720 -37.00 -89.98 -39.48
C LEU B 720 -36.29 -91.15 -38.80
N THR B 721 -35.04 -91.36 -39.15
CA THR B 721 -34.24 -92.50 -38.66
C THR B 721 -32.97 -92.00 -38.02
N ARG B 722 -32.53 -92.67 -36.97
CA ARG B 722 -31.23 -92.33 -36.32
C ARG B 722 -30.43 -93.60 -36.02
N PRO B 723 -29.08 -93.57 -36.06
CA PRO B 723 -28.26 -94.70 -35.59
C PRO B 723 -28.29 -94.87 -34.05
N LEU B 724 -28.14 -96.09 -33.54
CA LEU B 724 -28.20 -96.35 -32.08
C LEU B 724 -27.02 -95.70 -31.33
N ASP C 209 6.10 -79.28 -41.42
CA ASP C 209 7.36 -78.52 -41.70
C ASP C 209 8.18 -79.18 -42.81
N GLY C 210 8.83 -80.32 -42.58
CA GLY C 210 9.76 -80.83 -43.61
C GLY C 210 10.03 -82.31 -43.68
N VAL C 211 10.65 -82.76 -44.77
CA VAL C 211 11.07 -84.18 -44.96
C VAL C 211 12.10 -84.62 -43.89
N GLY C 212 13.04 -83.76 -43.50
CA GLY C 212 14.12 -84.10 -42.56
C GLY C 212 13.82 -83.80 -41.12
N ASN C 213 12.63 -83.32 -40.80
CA ASN C 213 12.33 -82.89 -39.41
C ASN C 213 11.27 -83.78 -38.78
N ALA C 214 11.51 -84.26 -37.55
CA ALA C 214 10.53 -85.10 -36.82
C ALA C 214 9.34 -84.31 -36.25
N SER C 215 8.11 -84.76 -36.48
CA SER C 215 6.81 -84.20 -36.00
C SER C 215 6.58 -84.32 -34.48
N GLY C 216 7.02 -85.39 -33.83
CA GLY C 216 6.84 -85.63 -32.39
C GLY C 216 7.84 -86.57 -31.74
N ASP C 217 7.76 -86.73 -30.43
CA ASP C 217 8.67 -87.59 -29.60
C ASP C 217 7.96 -88.72 -28.85
N TRP C 218 8.67 -89.76 -28.47
CA TRP C 218 8.13 -90.92 -27.72
C TRP C 218 7.89 -90.61 -26.24
N HIS C 219 6.66 -90.79 -25.78
CA HIS C 219 6.35 -90.65 -24.33
C HIS C 219 5.65 -91.91 -23.79
N CYS C 220 6.27 -92.70 -22.93
CA CYS C 220 5.58 -93.83 -22.26
C CYS C 220 5.87 -93.71 -20.76
N ASP C 221 4.89 -93.32 -19.95
CA ASP C 221 5.15 -93.05 -18.51
C ASP C 221 3.93 -93.06 -17.59
N SER C 222 4.11 -93.20 -16.28
CA SER C 222 3.03 -93.02 -15.27
C SER C 222 3.51 -92.00 -14.23
N THR C 223 2.70 -91.03 -13.86
CA THR C 223 3.03 -90.08 -12.76
C THR C 223 1.94 -90.14 -11.71
N TRP C 224 2.30 -90.35 -10.45
CA TRP C 224 1.34 -90.43 -9.32
C TRP C 224 1.47 -89.17 -8.47
N MET C 225 0.39 -88.43 -8.30
CA MET C 225 0.38 -87.15 -7.53
C MET C 225 -0.80 -87.06 -6.56
N GLY C 226 -0.76 -87.71 -5.39
CA GLY C 226 -1.92 -87.70 -4.47
C GLY C 226 -3.14 -88.38 -5.03
N ASP C 227 -4.27 -87.67 -5.15
CA ASP C 227 -5.56 -88.21 -5.67
C ASP C 227 -5.56 -88.45 -7.20
N ARG C 228 -4.56 -87.99 -7.94
CA ARG C 228 -4.52 -88.11 -9.42
C ARG C 228 -3.37 -88.97 -9.96
N VAL C 229 -3.63 -89.80 -10.97
CA VAL C 229 -2.56 -90.56 -11.69
C VAL C 229 -2.68 -90.20 -13.19
N VAL C 230 -1.57 -89.89 -13.86
CA VAL C 230 -1.54 -89.61 -15.33
C VAL C 230 -0.82 -90.75 -16.07
N THR C 231 -1.43 -91.31 -17.10
CA THR C 231 -0.81 -92.39 -17.91
C THR C 231 -0.48 -91.91 -19.33
N LYS C 232 0.73 -92.17 -19.83
CA LYS C 232 1.14 -91.85 -21.22
C LYS C 232 1.52 -93.14 -21.95
N SER C 233 1.02 -93.36 -23.16
CA SER C 233 1.30 -94.57 -23.97
C SER C 233 1.64 -94.20 -25.41
N THR C 234 2.74 -94.73 -25.96
CA THR C 234 3.14 -94.51 -27.37
C THR C 234 3.26 -95.85 -28.11
N ARG C 235 2.70 -95.94 -29.31
CA ARG C 235 2.80 -97.16 -30.17
C ARG C 235 3.11 -96.84 -31.65
N THR C 236 3.62 -97.82 -32.39
CA THR C 236 3.87 -97.73 -33.84
C THR C 236 2.79 -98.52 -34.57
N TRP C 237 2.13 -97.93 -35.57
CA TRP C 237 1.00 -98.55 -36.33
C TRP C 237 1.27 -98.65 -37.85
N VAL C 238 0.60 -99.58 -38.50
CA VAL C 238 0.63 -99.75 -39.99
C VAL C 238 -0.81 -99.64 -40.54
N LEU C 239 -0.99 -98.92 -41.65
CA LEU C 239 -2.33 -98.85 -42.32
C LEU C 239 -2.35 -99.44 -43.73
N PRO C 240 -3.16 -100.50 -43.98
CA PRO C 240 -3.39 -101.02 -45.32
C PRO C 240 -4.34 -100.18 -46.18
N SER C 241 -4.26 -100.28 -47.50
CA SER C 241 -5.30 -99.62 -48.34
C SER C 241 -6.48 -100.62 -48.51
N TYR C 242 -7.49 -100.55 -47.66
CA TYR C 242 -8.62 -101.52 -47.64
C TYR C 242 -9.66 -101.34 -48.73
N ASN C 243 -10.06 -102.42 -49.41
CA ASN C 243 -11.18 -102.40 -50.41
C ASN C 243 -10.71 -101.84 -51.74
N ASN C 244 -9.41 -101.55 -51.91
CA ASN C 244 -8.85 -100.90 -53.13
C ASN C 244 -9.57 -99.57 -53.42
N HIS C 245 -9.79 -98.74 -52.39
CA HIS C 245 -10.41 -97.38 -52.53
C HIS C 245 -11.92 -97.41 -52.81
N GLN C 246 -12.62 -98.47 -52.44
CA GLN C 246 -14.06 -98.61 -52.76
C GLN C 246 -14.93 -98.96 -51.53
N TYR C 247 -16.22 -98.68 -51.59
CA TYR C 247 -17.21 -99.01 -50.53
C TYR C 247 -17.96 -100.21 -51.02
N ARG C 248 -18.11 -101.23 -50.19
CA ARG C 248 -18.76 -102.50 -50.64
C ARG C 248 -19.99 -102.87 -49.79
N GLU C 249 -21.09 -103.23 -50.45
CA GLU C 249 -22.26 -103.75 -49.70
C GLU C 249 -21.96 -105.17 -49.19
N ILE C 250 -22.23 -105.43 -47.92
CA ILE C 250 -21.91 -106.71 -47.26
C ILE C 250 -23.20 -107.30 -46.64
N LYS C 251 -23.36 -108.61 -46.66
CA LYS C 251 -24.64 -109.20 -46.19
C LYS C 251 -24.46 -110.66 -45.78
N SER C 252 -25.32 -111.15 -44.90
CA SER C 252 -25.30 -112.59 -44.57
C SER C 252 -26.71 -113.21 -44.45
N GLY C 253 -26.89 -114.45 -44.86
CA GLY C 253 -28.09 -115.26 -44.56
C GLY C 253 -27.86 -116.08 -43.27
N SER C 254 -28.73 -117.02 -42.94
CA SER C 254 -28.59 -117.91 -41.74
C SER C 254 -27.33 -118.80 -41.81
N VAL C 255 -26.58 -118.91 -40.71
CA VAL C 255 -25.30 -119.69 -40.68
C VAL C 255 -25.23 -120.46 -39.36
N ASP C 256 -24.66 -121.66 -39.35
CA ASP C 256 -24.52 -122.52 -38.13
C ASP C 256 -25.91 -122.84 -37.56
N GLY C 257 -26.91 -122.91 -38.42
CA GLY C 257 -28.29 -123.18 -37.99
C GLY C 257 -29.05 -121.98 -37.46
N SER C 258 -28.52 -120.75 -37.50
CA SER C 258 -29.28 -119.63 -36.88
C SER C 258 -29.60 -118.42 -37.77
N ASN C 259 -30.85 -117.97 -37.81
CA ASN C 259 -31.29 -116.71 -38.51
C ASN C 259 -30.84 -115.44 -37.76
N ALA C 260 -30.48 -115.52 -36.48
CA ALA C 260 -29.94 -114.40 -35.65
C ALA C 260 -28.60 -113.94 -36.26
N ASN C 261 -27.91 -114.85 -36.94
CA ASN C 261 -26.67 -114.60 -37.73
C ASN C 261 -26.88 -113.66 -38.94
N ALA C 262 -28.03 -113.65 -39.63
CA ALA C 262 -28.33 -112.79 -40.81
C ALA C 262 -28.21 -111.27 -40.56
N TYR C 263 -27.63 -110.53 -41.51
CA TYR C 263 -27.43 -109.05 -41.42
C TYR C 263 -27.30 -108.42 -42.82
N PHE C 264 -27.52 -107.11 -42.93
CA PHE C 264 -27.28 -106.30 -44.15
C PHE C 264 -26.36 -105.12 -43.71
N GLY C 265 -25.31 -104.82 -44.46
CA GLY C 265 -24.32 -103.79 -44.08
C GLY C 265 -23.40 -103.23 -45.14
N TYR C 266 -22.54 -102.29 -44.75
CA TYR C 266 -21.51 -101.70 -45.64
C TYR C 266 -20.06 -101.89 -45.10
N SER C 267 -19.10 -102.20 -45.97
CA SER C 267 -17.64 -102.21 -45.61
C SER C 267 -17.01 -100.94 -46.21
N THR C 268 -16.03 -100.36 -45.54
CA THR C 268 -15.48 -99.05 -45.96
C THR C 268 -13.97 -99.09 -46.20
N PRO C 269 -13.42 -98.14 -46.99
CA PRO C 269 -11.98 -97.98 -47.21
C PRO C 269 -11.15 -97.55 -45.98
N TRP C 270 -11.73 -96.90 -44.99
CA TRP C 270 -11.12 -96.39 -43.75
C TRP C 270 -10.74 -97.39 -42.64
N GLY C 271 -9.83 -96.96 -41.77
CA GLY C 271 -9.39 -97.71 -40.58
C GLY C 271 -9.56 -96.81 -39.36
N TYR C 272 -9.61 -97.40 -38.19
CA TYR C 272 -9.86 -96.61 -36.95
C TYR C 272 -8.89 -96.98 -35.81
N PHE C 273 -8.71 -96.08 -34.85
CA PHE C 273 -7.87 -96.31 -33.64
C PHE C 273 -8.77 -96.63 -32.42
N ASP C 274 -8.53 -97.74 -31.71
CA ASP C 274 -9.29 -98.18 -30.52
C ASP C 274 -8.36 -98.25 -29.28
N PHE C 275 -8.72 -97.55 -28.20
CA PHE C 275 -7.96 -97.61 -26.92
C PHE C 275 -8.80 -98.16 -25.75
N ASN C 276 -9.96 -98.81 -25.96
CA ASN C 276 -10.83 -99.24 -24.82
C ASN C 276 -10.37 -100.59 -24.21
N ARG C 277 -9.13 -100.69 -23.74
CA ARG C 277 -8.61 -101.85 -22.97
C ARG C 277 -7.69 -101.23 -21.90
N PHE C 278 -7.69 -101.73 -20.67
CA PHE C 278 -6.82 -101.23 -19.54
C PHE C 278 -5.31 -101.44 -19.81
N HIS C 279 -4.88 -102.56 -20.38
CA HIS C 279 -3.46 -102.95 -20.67
C HIS C 279 -2.85 -101.94 -21.67
N SER C 280 -3.67 -101.26 -22.48
CA SER C 280 -3.24 -100.17 -23.40
C SER C 280 -2.65 -98.99 -22.62
N HIS C 281 -3.18 -98.65 -21.45
CA HIS C 281 -2.70 -97.54 -20.58
C HIS C 281 -1.92 -97.97 -19.33
N TRP C 282 -1.99 -99.23 -18.89
CA TRP C 282 -1.45 -99.62 -17.57
C TRP C 282 -0.41 -100.72 -17.62
N SER C 283 0.74 -100.50 -16.98
CA SER C 283 1.75 -101.57 -16.80
C SER C 283 1.22 -102.56 -15.75
N PRO C 284 1.69 -103.83 -15.77
CA PRO C 284 1.28 -104.77 -14.73
C PRO C 284 1.69 -104.35 -13.32
N ARG C 285 2.88 -103.79 -13.11
CA ARG C 285 3.28 -103.23 -11.78
C ARG C 285 2.41 -102.05 -11.33
N ASP C 286 2.07 -101.12 -12.21
CA ASP C 286 1.19 -99.94 -11.92
C ASP C 286 -0.23 -100.38 -11.53
N TRP C 287 -0.76 -101.40 -12.20
CA TRP C 287 -2.08 -101.99 -11.89
C TRP C 287 -2.09 -102.61 -10.48
N GLN C 288 -1.03 -103.29 -10.07
CA GLN C 288 -0.85 -103.86 -8.71
C GLN C 288 -0.83 -102.77 -7.64
N ARG C 289 -0.17 -101.66 -7.91
CA ARG C 289 -0.14 -100.52 -6.97
C ARG C 289 -1.55 -99.94 -6.74
N LEU C 290 -2.36 -99.77 -7.78
CA LEU C 290 -3.77 -99.33 -7.61
C LEU C 290 -4.73 -100.30 -6.88
N ILE C 291 -4.72 -101.59 -7.19
CA ILE C 291 -5.63 -102.62 -6.62
C ILE C 291 -5.36 -102.83 -5.12
N ASN C 292 -4.11 -102.82 -4.73
CA ASN C 292 -3.63 -102.93 -3.32
C ASN C 292 -4.01 -101.75 -2.41
N ASN C 293 -4.00 -100.50 -2.89
CA ASN C 293 -4.12 -99.29 -2.02
C ASN C 293 -5.33 -98.36 -2.14
N TYR C 294 -6.28 -98.58 -3.03
CA TYR C 294 -7.38 -97.61 -3.26
C TYR C 294 -8.78 -98.21 -3.25
N TRP C 295 -9.76 -97.54 -2.65
CA TRP C 295 -11.19 -97.92 -2.72
C TRP C 295 -11.84 -97.80 -4.13
N GLY C 296 -11.50 -96.77 -4.89
CA GLY C 296 -12.12 -96.53 -6.20
C GLY C 296 -11.31 -95.72 -7.18
N PHE C 297 -11.67 -95.78 -8.45
CA PHE C 297 -11.02 -94.96 -9.52
C PHE C 297 -12.05 -94.52 -10.57
N ARG C 298 -11.83 -93.40 -11.27
CA ARG C 298 -12.68 -92.95 -12.42
C ARG C 298 -11.86 -92.20 -13.51
N PRO C 299 -12.19 -92.26 -14.82
CA PRO C 299 -11.55 -91.42 -15.86
C PRO C 299 -11.94 -89.91 -15.90
N ARG C 300 -11.01 -89.02 -16.20
CA ARG C 300 -11.28 -87.55 -16.21
C ARG C 300 -10.99 -86.90 -17.57
N SER C 301 -9.81 -87.12 -18.15
CA SER C 301 -9.41 -86.43 -19.40
C SER C 301 -8.66 -87.34 -20.39
N LEU C 302 -8.79 -87.06 -21.69
CA LEU C 302 -8.05 -87.79 -22.74
C LEU C 302 -7.36 -86.83 -23.75
N ARG C 303 -6.10 -87.07 -24.12
CA ARG C 303 -5.38 -86.33 -25.20
C ARG C 303 -4.79 -87.32 -26.23
N VAL C 304 -4.99 -87.08 -27.53
CA VAL C 304 -4.45 -87.95 -28.62
C VAL C 304 -3.58 -87.17 -29.65
N LYS C 305 -2.39 -87.69 -29.99
CA LYS C 305 -1.52 -87.12 -31.06
C LYS C 305 -1.13 -88.19 -32.11
N ILE C 306 -1.23 -87.86 -33.41
CA ILE C 306 -0.78 -88.75 -34.54
C ILE C 306 0.37 -88.03 -35.28
N PHE C 307 1.53 -88.67 -35.49
CA PHE C 307 2.78 -88.00 -35.97
C PHE C 307 3.78 -88.94 -36.67
N ASN C 308 4.85 -88.41 -37.29
CA ASN C 308 5.96 -89.15 -38.00
C ASN C 308 5.42 -90.01 -39.14
N ILE C 309 4.50 -89.47 -39.90
CA ILE C 309 3.83 -90.18 -41.02
C ILE C 309 4.80 -90.55 -42.17
N GLN C 310 4.69 -91.78 -42.69
CA GLN C 310 5.53 -92.25 -43.82
C GLN C 310 4.64 -93.03 -44.82
N VAL C 311 4.59 -92.58 -46.06
CA VAL C 311 3.77 -93.22 -47.12
C VAL C 311 4.72 -93.97 -48.06
N LYS C 312 4.42 -95.24 -48.34
CA LYS C 312 5.26 -96.12 -49.17
C LYS C 312 4.51 -96.64 -50.41
N GLU C 313 5.18 -96.73 -51.54
CA GLU C 313 4.58 -97.29 -52.78
C GLU C 313 5.20 -98.67 -53.05
N VAL C 314 4.36 -99.64 -53.38
CA VAL C 314 4.82 -101.03 -53.62
C VAL C 314 4.64 -101.31 -55.12
N THR C 315 5.68 -101.80 -55.77
CA THR C 315 5.63 -102.08 -57.22
C THR C 315 6.11 -103.49 -57.49
N VAL C 316 5.43 -104.21 -58.37
CA VAL C 316 5.95 -105.56 -58.75
C VAL C 316 6.30 -105.63 -60.24
N GLN C 317 7.53 -106.00 -60.59
CA GLN C 317 7.86 -106.27 -62.01
C GLN C 317 8.44 -107.69 -62.05
N ASP C 318 7.79 -108.62 -62.74
CA ASP C 318 8.35 -109.99 -62.91
C ASP C 318 8.66 -110.60 -61.52
N SER C 319 7.83 -110.36 -60.50
CA SER C 319 7.97 -111.00 -59.15
C SER C 319 9.04 -110.35 -58.23
N THR C 320 9.68 -109.24 -58.61
CA THR C 320 10.64 -108.53 -57.72
C THR C 320 10.05 -107.92 -56.45
N THR C 321 8.86 -107.32 -56.46
CA THR C 321 8.25 -106.61 -55.28
C THR C 321 9.09 -105.51 -54.61
N THR C 322 9.64 -104.53 -55.33
CA THR C 322 10.32 -103.35 -54.71
C THR C 322 9.40 -102.42 -53.90
N ILE C 323 9.88 -101.86 -52.79
CA ILE C 323 9.14 -100.89 -51.93
C ILE C 323 9.88 -99.54 -51.86
N ALA C 324 9.21 -98.41 -52.04
CA ALA C 324 9.85 -97.08 -52.04
C ALA C 324 9.02 -96.00 -51.33
N ASN C 325 9.67 -94.96 -50.82
CA ASN C 325 8.97 -93.79 -50.24
C ASN C 325 8.28 -92.90 -51.26
N ASN C 326 7.06 -92.43 -50.99
CA ASN C 326 6.45 -91.38 -51.84
C ASN C 326 6.28 -90.14 -50.95
N LEU C 327 7.08 -89.10 -51.17
CA LEU C 327 7.07 -87.81 -50.40
C LEU C 327 5.80 -86.98 -50.54
N THR C 328 5.22 -86.93 -51.73
CA THR C 328 4.06 -86.04 -52.03
C THR C 328 2.69 -86.69 -51.71
N SER C 329 2.63 -87.97 -51.32
CA SER C 329 1.36 -88.66 -50.93
C SER C 329 0.76 -88.19 -49.57
N THR C 330 -0.56 -88.30 -49.41
CA THR C 330 -1.27 -87.79 -48.18
C THR C 330 -2.05 -88.86 -47.42
N VAL C 331 -2.28 -88.61 -46.16
CA VAL C 331 -3.16 -89.44 -45.29
C VAL C 331 -4.30 -88.51 -44.84
N GLN C 332 -5.53 -89.01 -44.68
CA GLN C 332 -6.73 -88.23 -44.23
C GLN C 332 -7.26 -88.67 -42.85
N VAL C 333 -7.45 -87.72 -41.93
CA VAL C 333 -7.85 -88.01 -40.51
C VAL C 333 -9.05 -87.14 -40.05
N PHE C 334 -10.01 -87.73 -39.34
CA PHE C 334 -11.16 -86.98 -38.73
C PHE C 334 -11.68 -87.63 -37.42
N THR C 335 -12.37 -86.84 -36.60
CA THR C 335 -13.05 -87.35 -35.37
C THR C 335 -14.56 -87.13 -35.50
N ASP C 336 -15.38 -88.13 -35.16
CA ASP C 336 -16.87 -88.02 -35.19
C ASP C 336 -17.43 -87.42 -33.90
N ASP C 337 -17.32 -86.12 -33.73
CA ASP C 337 -17.73 -85.37 -32.49
C ASP C 337 -19.23 -85.38 -32.13
N ASP C 338 -20.14 -85.31 -33.11
CA ASP C 338 -21.62 -85.24 -32.88
C ASP C 338 -22.29 -86.61 -32.89
N TYR C 339 -21.55 -87.72 -33.02
CA TYR C 339 -22.07 -89.12 -32.94
C TYR C 339 -23.04 -89.45 -34.08
N GLN C 340 -22.86 -88.84 -35.23
CA GLN C 340 -23.64 -89.12 -36.45
C GLN C 340 -23.41 -90.55 -36.98
N LEU C 341 -22.19 -91.04 -36.94
CA LEU C 341 -21.86 -92.42 -37.37
C LEU C 341 -22.25 -93.52 -36.39
N PRO C 342 -22.47 -94.74 -36.87
CA PRO C 342 -22.63 -95.86 -35.94
C PRO C 342 -21.35 -96.10 -35.10
N TYR C 343 -21.46 -96.30 -33.79
CA TYR C 343 -20.28 -96.44 -32.89
C TYR C 343 -20.00 -97.92 -32.60
N VAL C 344 -18.89 -98.41 -33.11
CA VAL C 344 -18.56 -99.85 -33.00
C VAL C 344 -17.48 -100.11 -31.94
N VAL C 345 -16.96 -99.06 -31.28
CA VAL C 345 -15.82 -99.15 -30.30
C VAL C 345 -16.11 -99.98 -29.02
N GLY C 346 -17.28 -99.98 -28.42
CA GLY C 346 -17.55 -100.60 -27.08
C GLY C 346 -18.09 -102.02 -27.06
N ASN C 347 -17.88 -102.83 -28.08
CA ASN C 347 -18.48 -104.18 -28.28
C ASN C 347 -17.51 -105.37 -28.08
N GLY C 348 -16.38 -105.25 -27.36
CA GLY C 348 -15.38 -106.30 -27.09
C GLY C 348 -14.66 -106.89 -28.29
N THR C 349 -14.33 -106.06 -29.26
CA THR C 349 -13.67 -106.47 -30.50
C THR C 349 -12.17 -106.23 -30.48
N GLU C 350 -11.42 -107.01 -31.25
CA GLU C 350 -9.95 -106.91 -31.42
C GLU C 350 -9.46 -105.70 -32.26
N GLY C 351 -8.18 -105.37 -32.21
CA GLY C 351 -7.61 -104.16 -32.88
C GLY C 351 -7.24 -102.98 -32.01
N CYS C 352 -7.32 -103.07 -30.69
CA CYS C 352 -6.87 -102.02 -29.74
C CYS C 352 -5.33 -101.94 -29.66
N LEU C 353 -4.79 -100.85 -29.13
CA LEU C 353 -3.32 -100.70 -28.95
C LEU C 353 -2.80 -101.84 -28.06
N PRO C 354 -1.63 -102.39 -28.40
CA PRO C 354 -1.08 -103.51 -27.64
C PRO C 354 -0.65 -103.33 -26.17
N ALA C 355 -0.73 -104.39 -25.36
CA ALA C 355 -0.30 -104.38 -23.93
C ALA C 355 1.20 -104.08 -23.80
N PHE C 356 2.06 -104.61 -24.69
CA PHE C 356 3.53 -104.44 -24.59
C PHE C 356 3.96 -103.30 -25.53
N PRO C 357 4.64 -102.23 -25.02
CA PRO C 357 5.03 -101.07 -25.82
C PRO C 357 5.84 -101.24 -27.12
N PRO C 358 6.83 -102.16 -27.23
CA PRO C 358 7.55 -102.47 -28.46
C PRO C 358 6.76 -103.11 -29.63
N GLN C 359 5.64 -103.76 -29.35
CA GLN C 359 4.82 -104.46 -30.38
C GLN C 359 4.23 -103.49 -31.42
N VAL C 360 4.23 -103.90 -32.68
CA VAL C 360 3.76 -103.04 -33.81
C VAL C 360 2.43 -103.61 -34.31
N PHE C 361 1.44 -102.76 -34.54
CA PHE C 361 0.07 -103.27 -34.85
C PHE C 361 -0.61 -102.74 -36.13
N THR C 362 -1.42 -103.61 -36.75
CA THR C 362 -2.29 -103.23 -37.89
C THR C 362 -3.61 -102.63 -37.40
N LEU C 363 -4.05 -101.50 -37.95
CA LEU C 363 -5.38 -100.90 -37.65
C LEU C 363 -6.53 -101.71 -38.23
N PRO C 364 -7.64 -101.86 -37.45
CA PRO C 364 -8.85 -102.50 -37.97
C PRO C 364 -9.63 -101.73 -39.05
N GLN C 365 -10.23 -102.43 -40.01
CA GLN C 365 -11.13 -101.80 -41.02
C GLN C 365 -12.54 -101.48 -40.46
N TYR C 366 -13.05 -100.27 -40.69
CA TYR C 366 -14.43 -99.84 -40.32
C TYR C 366 -15.55 -100.46 -41.17
N GLY C 367 -16.65 -100.85 -40.52
CA GLY C 367 -17.82 -101.46 -41.14
C GLY C 367 -18.96 -101.34 -40.18
N TYR C 368 -20.19 -101.59 -40.63
CA TYR C 368 -21.41 -101.51 -39.77
C TYR C 368 -22.52 -102.38 -40.29
N ALA C 369 -23.46 -102.73 -39.43
CA ALA C 369 -24.71 -103.40 -39.85
C ALA C 369 -25.89 -102.42 -39.69
N THR C 370 -26.74 -102.30 -40.70
CA THR C 370 -28.01 -101.53 -40.63
C THR C 370 -29.16 -102.52 -40.47
N LEU C 371 -30.37 -102.14 -40.84
CA LEU C 371 -31.56 -103.02 -40.82
C LEU C 371 -31.58 -104.13 -41.88
N ASN C 372 -32.17 -105.27 -41.55
CA ASN C 372 -32.29 -106.43 -42.47
C ASN C 372 -33.77 -106.84 -42.46
N ARG C 373 -34.28 -107.41 -43.53
CA ARG C 373 -35.74 -107.70 -43.63
C ARG C 373 -36.10 -109.15 -43.34
N ASP C 374 -36.98 -109.40 -42.37
CA ASP C 374 -37.53 -110.76 -42.02
C ASP C 374 -36.46 -111.81 -41.68
N ASN C 375 -35.41 -111.45 -40.95
CA ASN C 375 -34.30 -112.40 -40.58
C ASN C 375 -33.67 -112.99 -41.85
N THR C 376 -33.43 -112.17 -42.88
CA THR C 376 -32.82 -112.56 -44.18
C THR C 376 -31.72 -111.55 -44.56
N GLU C 377 -30.91 -111.79 -45.60
CA GLU C 377 -29.80 -110.89 -46.06
C GLU C 377 -30.26 -109.58 -46.75
N ASN C 378 -31.52 -109.49 -47.15
CA ASN C 378 -32.12 -108.29 -47.81
C ASN C 378 -32.33 -107.07 -46.92
N PRO C 379 -32.18 -105.85 -47.47
CA PRO C 379 -32.51 -104.58 -46.81
C PRO C 379 -34.00 -104.13 -46.72
N THR C 380 -34.26 -103.06 -45.97
CA THR C 380 -35.58 -102.43 -45.77
C THR C 380 -35.50 -100.99 -46.24
N GLU C 381 -36.63 -100.31 -46.42
CA GLU C 381 -36.72 -98.86 -46.78
C GLU C 381 -36.09 -97.99 -45.67
N ARG C 382 -36.21 -98.34 -44.42
CA ARG C 382 -35.57 -97.67 -43.26
C ARG C 382 -34.04 -97.85 -43.24
N SER C 383 -33.48 -98.86 -43.92
CA SER C 383 -32.02 -99.17 -43.93
C SER C 383 -31.22 -97.99 -44.48
N SER C 384 -30.09 -97.66 -43.87
CA SER C 384 -29.29 -96.42 -44.13
C SER C 384 -27.85 -96.63 -44.64
N PHE C 385 -27.42 -95.76 -45.54
CA PHE C 385 -26.03 -95.76 -46.05
C PHE C 385 -25.34 -94.48 -45.54
N PHE C 386 -24.13 -94.64 -45.05
CA PHE C 386 -23.33 -93.49 -44.58
C PHE C 386 -22.02 -93.38 -45.35
N CYS C 387 -21.71 -92.19 -45.89
CA CYS C 387 -20.42 -91.88 -46.57
C CYS C 387 -19.47 -91.10 -45.63
N LEU C 388 -18.26 -91.60 -45.38
CA LEU C 388 -17.20 -90.94 -44.54
C LEU C 388 -16.63 -89.69 -45.23
N GLU C 389 -16.52 -89.68 -46.56
CA GLU C 389 -15.98 -88.56 -47.37
C GLU C 389 -16.91 -87.36 -47.33
N TYR C 390 -18.18 -87.53 -46.96
CA TYR C 390 -19.16 -86.42 -46.74
C TYR C 390 -18.70 -85.54 -45.56
N PHE C 391 -18.15 -86.06 -44.50
CA PHE C 391 -17.56 -85.28 -43.38
C PHE C 391 -16.29 -84.54 -43.78
N PRO C 392 -15.97 -83.36 -43.20
CA PRO C 392 -14.64 -82.77 -43.37
C PRO C 392 -13.42 -83.49 -42.68
N SER C 393 -12.25 -83.59 -43.34
CA SER C 393 -11.04 -84.26 -42.77
C SER C 393 -9.73 -83.47 -42.97
N LYS C 394 -8.79 -83.57 -42.05
CA LYS C 394 -7.42 -83.00 -42.21
C LYS C 394 -6.59 -83.84 -43.21
N MET C 395 -5.78 -83.20 -44.06
CA MET C 395 -4.90 -83.92 -45.01
C MET C 395 -3.43 -83.75 -44.57
N LEU C 396 -2.71 -84.87 -44.46
CA LEU C 396 -1.31 -84.81 -43.95
C LEU C 396 -0.26 -85.41 -44.88
N ARG C 397 0.80 -84.66 -45.15
CA ARG C 397 2.04 -85.16 -45.80
C ARG C 397 3.04 -85.62 -44.69
N THR C 398 4.23 -86.10 -45.03
CA THR C 398 5.31 -86.58 -44.09
C THR C 398 5.71 -85.58 -43.02
N GLY C 399 5.79 -84.28 -43.29
CA GLY C 399 5.99 -83.18 -42.32
C GLY C 399 4.90 -82.95 -41.30
N ASN C 400 3.62 -83.16 -41.64
CA ASN C 400 2.40 -82.85 -40.85
C ASN C 400 2.03 -83.74 -39.65
N ASN C 401 1.27 -83.22 -38.69
CA ASN C 401 0.83 -83.93 -37.45
C ASN C 401 -0.65 -83.60 -37.12
N PHE C 402 -1.35 -84.44 -36.35
CA PHE C 402 -2.74 -84.21 -35.89
C PHE C 402 -2.87 -84.32 -34.35
N GLU C 403 -3.65 -83.44 -33.72
CA GLU C 403 -3.92 -83.53 -32.25
C GLU C 403 -5.42 -83.40 -31.89
N PHE C 404 -5.89 -84.10 -30.84
CA PHE C 404 -7.29 -83.98 -30.31
C PHE C 404 -7.30 -83.97 -28.74
N THR C 405 -8.28 -83.31 -28.11
CA THR C 405 -8.48 -83.29 -26.62
C THR C 405 -9.92 -83.62 -26.26
N TYR C 406 -10.17 -84.39 -25.20
CA TYR C 406 -11.54 -84.75 -24.72
C TYR C 406 -11.68 -84.65 -23.19
N ASN C 407 -12.87 -84.30 -22.68
CA ASN C 407 -13.18 -84.33 -21.22
C ASN C 407 -14.31 -85.32 -20.97
N PHE C 408 -14.15 -86.19 -19.98
CA PHE C 408 -15.19 -87.19 -19.62
C PHE C 408 -16.30 -86.50 -18.83
N GLU C 409 -17.54 -86.95 -18.96
CA GLU C 409 -18.68 -86.47 -18.13
C GLU C 409 -18.56 -87.01 -16.69
N GLU C 410 -19.22 -86.37 -15.72
CA GLU C 410 -19.22 -86.92 -14.35
C GLU C 410 -19.82 -88.33 -14.34
N VAL C 411 -19.14 -89.25 -13.68
CA VAL C 411 -19.56 -90.68 -13.65
C VAL C 411 -19.26 -91.17 -12.23
N PRO C 412 -19.97 -92.18 -11.70
CA PRO C 412 -19.59 -92.77 -10.40
C PRO C 412 -18.26 -93.54 -10.40
N PHE C 413 -17.50 -93.51 -9.30
CA PHE C 413 -16.24 -94.29 -9.17
C PHE C 413 -16.51 -95.78 -9.19
N HIS C 414 -15.66 -96.59 -9.83
CA HIS C 414 -15.75 -98.08 -9.74
C HIS C 414 -15.42 -98.49 -8.30
N SER C 415 -16.07 -99.53 -7.78
CA SER C 415 -15.79 -100.02 -6.40
C SER C 415 -14.72 -101.11 -6.36
N SER C 416 -13.48 -100.77 -5.98
CA SER C 416 -12.36 -101.73 -5.83
C SER C 416 -12.28 -102.25 -4.38
N PHE C 417 -13.28 -102.97 -3.92
CA PHE C 417 -13.31 -103.52 -2.53
C PHE C 417 -14.23 -104.72 -2.50
N ALA C 418 -14.04 -105.56 -1.51
CA ALA C 418 -14.92 -106.73 -1.26
C ALA C 418 -15.62 -106.50 0.08
N PRO C 419 -16.93 -106.79 0.19
CA PRO C 419 -17.61 -106.73 1.48
C PRO C 419 -17.13 -107.69 2.58
N SER C 420 -17.01 -107.17 3.80
CA SER C 420 -16.59 -107.98 4.97
C SER C 420 -17.79 -108.52 5.78
N GLN C 421 -19.03 -108.21 5.38
CA GLN C 421 -20.25 -108.75 6.05
C GLN C 421 -21.29 -109.30 5.07
N ASN C 422 -22.03 -110.33 5.46
CA ASN C 422 -23.20 -110.86 4.74
C ASN C 422 -24.40 -109.90 4.87
N LEU C 423 -25.21 -109.73 3.82
CA LEU C 423 -26.40 -108.83 3.77
C LEU C 423 -27.46 -109.25 4.79
N PHE C 424 -27.64 -110.55 5.00
CA PHE C 424 -28.62 -111.12 5.97
C PHE C 424 -28.11 -111.28 7.44
N LYS C 425 -26.85 -110.98 7.79
CA LYS C 425 -26.25 -111.17 9.16
C LYS C 425 -25.92 -109.83 9.86
N LEU C 426 -26.67 -108.74 9.66
CA LEU C 426 -26.35 -107.37 10.18
C LEU C 426 -26.87 -107.03 11.60
N ALA C 427 -27.76 -107.84 12.17
CA ALA C 427 -28.22 -107.65 13.55
C ALA C 427 -27.07 -107.98 14.52
N ASN C 428 -27.01 -107.32 15.67
CA ASN C 428 -26.00 -107.66 16.70
C ASN C 428 -26.20 -109.12 17.11
N PRO C 429 -25.12 -109.92 17.18
CA PRO C 429 -25.19 -111.31 17.61
C PRO C 429 -25.65 -111.53 19.08
N LEU C 430 -25.25 -110.69 20.03
CA LEU C 430 -25.63 -110.65 21.47
C LEU C 430 -27.09 -110.32 21.82
N VAL C 431 -27.75 -109.45 21.07
CA VAL C 431 -29.11 -108.93 21.44
C VAL C 431 -30.31 -109.48 20.63
N ASP C 432 -31.39 -109.90 21.30
CA ASP C 432 -32.69 -110.32 20.68
C ASP C 432 -33.50 -109.17 20.07
N GLN C 433 -34.25 -109.45 19.03
CA GLN C 433 -35.21 -108.48 18.41
C GLN C 433 -36.50 -108.26 19.24
N TYR C 434 -37.12 -107.08 19.21
CA TYR C 434 -38.47 -106.86 19.83
C TYR C 434 -39.61 -107.29 18.87
N LEU C 435 -39.37 -108.24 17.99
CA LEU C 435 -40.31 -108.63 16.90
C LEU C 435 -40.62 -110.13 16.97
N TYR C 436 -41.80 -110.52 16.53
CA TYR C 436 -42.27 -111.92 16.66
C TYR C 436 -42.71 -112.50 15.33
N ARG C 437 -42.65 -113.82 15.22
CA ARG C 437 -43.00 -114.53 13.97
C ARG C 437 -44.03 -115.65 14.22
N PHE C 438 -44.81 -115.99 13.21
CA PHE C 438 -45.76 -117.12 13.31
C PHE C 438 -45.02 -118.40 13.08
N VAL C 439 -45.20 -119.33 14.01
CA VAL C 439 -44.54 -120.64 13.88
C VAL C 439 -45.50 -121.83 13.83
N SER C 440 -46.75 -121.65 14.25
CA SER C 440 -47.60 -122.85 14.46
C SER C 440 -49.12 -122.66 14.53
N THR C 441 -49.84 -123.75 14.39
CA THR C 441 -51.29 -123.77 14.60
C THR C 441 -51.53 -124.92 15.60
N ASN C 442 -52.47 -124.81 16.53
CA ASN C 442 -52.81 -125.89 17.52
C ASN C 442 -53.81 -126.93 16.95
N ASN C 443 -54.29 -127.88 17.76
CA ASN C 443 -55.22 -128.98 17.31
C ASN C 443 -56.50 -128.35 16.76
N THR C 444 -57.03 -127.30 17.37
CA THR C 444 -58.08 -126.47 16.74
C THR C 444 -57.19 -125.52 16.00
N GLY C 445 -57.44 -125.12 14.77
CA GLY C 445 -56.36 -124.39 14.07
C GLY C 445 -56.11 -122.96 14.50
N GLY C 446 -55.63 -122.76 15.73
CA GLY C 446 -55.40 -121.41 16.31
C GLY C 446 -53.95 -121.00 16.21
N VAL C 447 -53.68 -119.80 15.74
CA VAL C 447 -52.30 -119.30 15.48
C VAL C 447 -51.41 -119.13 16.72
N GLN C 448 -50.12 -119.43 16.58
CA GLN C 448 -49.15 -119.38 17.72
C GLN C 448 -47.90 -118.60 17.29
N PHE C 449 -47.24 -117.93 18.23
CA PHE C 449 -46.09 -117.03 17.90
C PHE C 449 -44.88 -117.24 18.82
N ASN C 450 -43.69 -116.95 18.31
CA ASN C 450 -42.42 -117.03 19.11
C ASN C 450 -41.60 -115.78 18.86
N LYS C 451 -40.85 -115.31 19.85
CA LYS C 451 -39.90 -114.17 19.72
C LYS C 451 -38.64 -114.52 18.92
N ASN C 452 -38.04 -113.52 18.29
CA ASN C 452 -36.80 -113.74 17.50
C ASN C 452 -35.56 -113.59 18.38
N LEU C 453 -34.78 -114.67 18.55
CA LEU C 453 -33.57 -114.73 19.42
C LEU C 453 -32.28 -114.18 18.79
N ALA C 454 -31.30 -113.84 19.63
CA ALA C 454 -29.99 -113.32 19.16
C ALA C 454 -29.19 -114.34 18.33
N GLY C 455 -28.68 -113.89 17.17
CA GLY C 455 -27.85 -114.72 16.26
C GLY C 455 -28.62 -115.67 15.36
N ARG C 456 -29.96 -115.70 15.42
CA ARG C 456 -30.80 -116.61 14.61
C ARG C 456 -31.13 -115.93 13.26
N TYR C 457 -30.18 -115.85 12.34
CA TYR C 457 -30.24 -115.12 11.03
C TYR C 457 -31.27 -115.74 10.09
N ALA C 458 -31.52 -117.03 10.24
CA ALA C 458 -32.56 -117.74 9.47
C ALA C 458 -33.94 -117.11 9.76
N ASN C 459 -34.25 -116.66 10.97
CA ASN C 459 -35.60 -116.17 11.38
C ASN C 459 -35.71 -114.68 11.76
N THR C 460 -34.98 -113.75 11.19
CA THR C 460 -34.85 -112.36 11.66
C THR C 460 -35.53 -111.45 10.65
N TYR C 461 -36.15 -110.38 11.08
CA TYR C 461 -36.76 -109.37 10.18
C TYR C 461 -35.63 -108.68 9.43
N LYS C 462 -35.84 -108.41 8.14
CA LYS C 462 -34.77 -107.83 7.28
C LYS C 462 -35.19 -106.53 6.58
N ASN C 463 -34.39 -105.48 6.65
CA ASN C 463 -34.58 -104.21 5.86
C ASN C 463 -34.33 -104.30 4.35
N TRP C 464 -33.34 -105.06 3.90
CA TRP C 464 -32.83 -104.98 2.52
C TRP C 464 -32.75 -106.32 1.83
N PHE C 465 -32.80 -106.29 0.52
CA PHE C 465 -32.91 -107.54 -0.28
C PHE C 465 -31.82 -107.61 -1.30
N PRO C 466 -31.42 -108.83 -1.70
CA PRO C 466 -30.44 -109.02 -2.76
C PRO C 466 -30.90 -108.67 -4.18
N GLY C 467 -29.95 -108.43 -5.08
CA GLY C 467 -30.21 -108.02 -6.48
C GLY C 467 -30.76 -109.07 -7.41
N PRO C 468 -31.23 -108.66 -8.62
CA PRO C 468 -31.90 -109.57 -9.56
C PRO C 468 -31.14 -110.78 -10.14
N MET C 469 -31.84 -111.89 -10.34
CA MET C 469 -31.18 -113.14 -10.78
C MET C 469 -31.90 -113.89 -11.91
N GLY C 470 -31.22 -114.58 -12.82
CA GLY C 470 -31.82 -115.53 -13.79
C GLY C 470 -31.01 -116.81 -13.77
N ARG C 471 -31.59 -118.00 -13.63
CA ARG C 471 -30.77 -119.25 -13.49
C ARG C 471 -29.94 -119.61 -14.77
N THR C 472 -28.66 -119.96 -14.61
CA THR C 472 -27.72 -120.33 -15.70
C THR C 472 -27.01 -121.61 -15.31
N GLN C 473 -26.76 -122.53 -16.25
CA GLN C 473 -26.19 -123.87 -15.96
C GLN C 473 -24.77 -123.80 -15.36
N GLY C 474 -24.47 -124.67 -14.40
CA GLY C 474 -23.15 -124.75 -13.75
C GLY C 474 -22.34 -125.93 -14.22
N TRP C 475 -21.08 -125.68 -14.56
CA TRP C 475 -20.14 -126.74 -15.04
C TRP C 475 -18.90 -126.83 -14.14
N ASN C 476 -18.51 -128.04 -13.77
CA ASN C 476 -17.30 -128.28 -12.92
C ASN C 476 -16.01 -128.12 -13.74
N LEU C 477 -14.95 -127.64 -13.10
CA LEU C 477 -13.63 -127.39 -13.74
C LEU C 477 -12.60 -128.19 -12.93
N GLY C 478 -11.41 -128.46 -13.46
CA GLY C 478 -10.42 -129.30 -12.75
C GLY C 478 -10.89 -130.72 -12.56
N SER C 479 -10.98 -131.19 -11.31
CA SER C 479 -11.45 -132.56 -11.02
C SER C 479 -12.87 -132.73 -11.54
N GLY C 480 -13.77 -131.74 -11.40
CA GLY C 480 -15.04 -131.80 -12.15
C GLY C 480 -15.95 -132.98 -11.91
N VAL C 481 -16.31 -133.72 -12.96
CA VAL C 481 -17.30 -134.85 -12.92
C VAL C 481 -18.60 -134.48 -13.70
N ASN C 482 -18.55 -133.60 -14.69
CA ASN C 482 -19.68 -133.19 -15.60
C ASN C 482 -20.16 -134.25 -16.62
N ARG C 483 -21.39 -134.11 -17.16
CA ARG C 483 -21.98 -135.02 -18.19
C ARG C 483 -21.24 -135.04 -19.55
N ALA C 484 -21.07 -136.23 -20.15
CA ALA C 484 -20.30 -136.44 -21.39
C ALA C 484 -20.99 -136.18 -22.73
N SER C 485 -20.22 -135.82 -23.78
CA SER C 485 -20.70 -135.68 -25.18
C SER C 485 -21.85 -134.70 -25.38
N VAL C 486 -21.82 -133.54 -24.73
CA VAL C 486 -22.95 -132.56 -24.80
C VAL C 486 -22.71 -131.48 -25.87
N SER C 487 -23.75 -131.14 -26.65
CA SER C 487 -23.67 -129.95 -27.53
C SER C 487 -24.39 -128.85 -26.75
N ALA C 488 -23.71 -127.78 -26.39
CA ALA C 488 -24.22 -126.69 -25.51
C ALA C 488 -25.38 -125.82 -26.02
N PHE C 489 -25.49 -125.47 -27.30
CA PHE C 489 -26.39 -124.38 -27.81
C PHE C 489 -27.92 -124.53 -27.57
N ALA C 490 -28.52 -125.70 -27.70
CA ALA C 490 -29.99 -125.89 -27.52
C ALA C 490 -30.43 -125.52 -26.10
N THR C 491 -29.63 -125.82 -25.09
CA THR C 491 -29.98 -125.60 -23.67
C THR C 491 -29.45 -124.29 -23.10
N THR C 492 -28.83 -123.43 -23.89
CA THR C 492 -28.31 -122.10 -23.45
C THR C 492 -29.39 -121.07 -23.19
N ASN C 493 -29.11 -120.05 -22.35
CA ASN C 493 -30.04 -118.92 -22.07
C ASN C 493 -30.22 -118.03 -23.30
N ARG C 494 -31.44 -117.55 -23.53
CA ARG C 494 -31.72 -116.76 -24.76
C ARG C 494 -32.74 -115.65 -24.54
N MET C 495 -32.70 -114.59 -25.37
CA MET C 495 -33.72 -113.52 -25.39
C MET C 495 -34.22 -113.43 -26.85
N GLU C 496 -35.50 -113.13 -27.08
CA GLU C 496 -36.10 -113.09 -28.44
C GLU C 496 -36.26 -111.65 -28.94
N LEU C 497 -35.71 -111.28 -30.10
CA LEU C 497 -35.91 -109.94 -30.71
C LEU C 497 -36.33 -110.08 -32.17
N GLU C 498 -37.39 -109.41 -32.63
CA GLU C 498 -37.81 -109.35 -34.07
C GLU C 498 -38.00 -110.72 -34.72
N GLY C 499 -38.53 -111.72 -34.02
CA GLY C 499 -38.63 -113.08 -34.57
C GLY C 499 -37.38 -113.97 -34.53
N ALA C 500 -36.30 -113.60 -33.86
CA ALA C 500 -35.13 -114.51 -33.77
C ALA C 500 -34.67 -114.74 -32.31
N SER C 501 -34.08 -115.90 -32.01
CA SER C 501 -33.55 -116.23 -30.65
C SER C 501 -32.06 -115.91 -30.57
N TYR C 502 -31.68 -115.15 -29.57
CA TYR C 502 -30.25 -114.73 -29.44
C TYR C 502 -29.65 -115.16 -28.13
N GLN C 503 -28.45 -115.71 -28.20
CA GLN C 503 -27.67 -115.94 -26.95
C GLN C 503 -27.26 -114.54 -26.47
N VAL C 504 -27.24 -114.34 -25.16
CA VAL C 504 -26.85 -113.05 -24.52
C VAL C 504 -25.75 -113.49 -23.56
N PRO C 505 -24.52 -113.75 -24.07
CA PRO C 505 -23.45 -114.38 -23.32
C PRO C 505 -22.97 -113.72 -22.07
N PRO C 506 -22.83 -112.39 -21.86
CA PRO C 506 -22.56 -111.92 -20.51
C PRO C 506 -24.00 -111.93 -19.98
N GLN C 507 -24.29 -112.47 -18.81
CA GLN C 507 -25.71 -112.31 -18.35
C GLN C 507 -25.88 -110.87 -17.77
N PRO C 508 -27.10 -110.36 -17.47
CA PRO C 508 -27.29 -109.06 -16.79
C PRO C 508 -26.77 -108.96 -15.32
N ASN C 509 -26.34 -107.79 -14.80
CA ASN C 509 -25.73 -107.61 -13.43
C ASN C 509 -26.56 -108.02 -12.19
N GLY C 510 -25.90 -108.30 -11.05
CA GLY C 510 -26.52 -108.72 -9.77
C GLY C 510 -26.36 -110.17 -9.37
N MET C 511 -25.56 -110.92 -10.09
CA MET C 511 -25.31 -112.34 -9.72
C MET C 511 -23.82 -112.65 -9.52
N THR C 512 -23.52 -113.80 -8.90
CA THR C 512 -22.12 -114.32 -8.81
C THR C 512 -22.04 -115.66 -9.54
N ASN C 513 -21.11 -115.85 -10.47
CA ASN C 513 -20.78 -117.13 -11.20
C ASN C 513 -20.18 -118.26 -10.33
N ASN C 514 -19.30 -117.98 -9.36
CA ASN C 514 -18.55 -119.01 -8.59
C ASN C 514 -18.67 -118.75 -7.08
N LEU C 515 -18.91 -119.77 -6.26
CA LEU C 515 -18.97 -119.64 -4.76
C LEU C 515 -17.66 -119.30 -3.97
N GLN C 516 -16.46 -119.83 -4.25
CA GLN C 516 -15.18 -119.64 -3.47
C GLN C 516 -14.75 -121.04 -3.09
N GLY C 517 -13.46 -121.38 -3.25
CA GLY C 517 -13.21 -122.82 -3.18
C GLY C 517 -13.98 -123.28 -4.39
N SER C 518 -14.97 -124.14 -4.27
CA SER C 518 -15.82 -124.67 -5.39
C SER C 518 -15.27 -124.61 -6.83
N ASN C 519 -15.50 -125.70 -7.56
CA ASN C 519 -15.06 -125.80 -8.97
C ASN C 519 -16.27 -125.67 -9.90
N THR C 520 -17.44 -125.30 -9.37
CA THR C 520 -18.63 -125.04 -10.21
C THR C 520 -18.65 -123.59 -10.69
N TYR C 521 -18.81 -123.41 -11.99
CA TYR C 521 -18.84 -122.07 -12.60
C TYR C 521 -20.01 -122.00 -13.52
N ALA C 522 -20.71 -120.88 -13.48
CA ALA C 522 -21.76 -120.71 -14.50
C ALA C 522 -21.04 -120.05 -15.69
N LEU C 523 -20.76 -120.81 -16.76
CA LEU C 523 -19.91 -120.38 -17.92
C LEU C 523 -20.47 -119.19 -18.74
N GLU C 524 -21.79 -119.11 -18.92
CA GLU C 524 -22.44 -118.00 -19.67
C GLU C 524 -22.54 -116.72 -18.81
N ASN C 525 -22.19 -116.75 -17.53
CA ASN C 525 -22.10 -115.53 -16.66
C ASN C 525 -20.63 -115.10 -16.48
N THR C 526 -19.67 -115.69 -17.17
CA THR C 526 -18.22 -115.40 -16.94
C THR C 526 -17.54 -114.81 -18.14
N MET C 527 -16.69 -113.81 -17.95
CA MET C 527 -15.79 -113.30 -19.02
C MET C 527 -14.67 -114.34 -19.25
N ILE C 528 -14.51 -114.81 -20.49
CA ILE C 528 -13.43 -115.77 -20.87
C ILE C 528 -12.45 -115.11 -21.85
N PHE C 529 -11.16 -115.20 -21.59
CA PHE C 529 -10.10 -114.51 -22.38
C PHE C 529 -9.03 -115.50 -22.76
N ASN C 530 -8.22 -115.18 -23.77
CA ASN C 530 -7.04 -116.00 -24.19
C ASN C 530 -5.77 -115.28 -23.72
N SER C 531 -4.79 -116.00 -23.18
CA SER C 531 -3.47 -115.42 -22.80
C SER C 531 -2.74 -114.87 -24.03
N GLN C 532 -2.82 -115.57 -25.18
CA GLN C 532 -2.14 -115.18 -26.43
C GLN C 532 -3.14 -114.69 -27.47
N PRO C 533 -2.79 -113.72 -28.36
CA PRO C 533 -3.66 -113.31 -29.46
C PRO C 533 -3.84 -114.41 -30.51
N ALA C 534 -4.98 -114.39 -31.20
CA ALA C 534 -5.32 -115.47 -32.16
C ALA C 534 -5.45 -114.97 -33.60
N ASN C 535 -5.21 -115.86 -34.54
CA ASN C 535 -5.41 -115.56 -35.99
C ASN C 535 -6.91 -115.42 -36.29
N PRO C 536 -7.30 -114.54 -37.24
CA PRO C 536 -8.70 -114.41 -37.61
C PRO C 536 -9.40 -115.62 -38.21
N GLY C 537 -10.64 -115.89 -37.81
CA GLY C 537 -11.45 -116.98 -38.36
C GLY C 537 -11.15 -118.36 -37.79
N THR C 538 -10.36 -118.46 -36.74
CA THR C 538 -9.98 -119.77 -36.19
C THR C 538 -11.23 -120.53 -35.73
N THR C 539 -11.33 -121.82 -36.02
CA THR C 539 -12.44 -122.68 -35.56
C THR C 539 -11.91 -123.75 -34.61
N ALA C 540 -10.67 -123.62 -34.13
CA ALA C 540 -10.01 -124.61 -33.25
C ALA C 540 -10.67 -124.79 -31.87
N THR C 541 -10.75 -126.02 -31.36
CA THR C 541 -11.24 -126.26 -29.98
C THR C 541 -10.20 -125.83 -28.97
N TYR C 542 -10.64 -125.24 -27.86
CA TYR C 542 -9.72 -124.83 -26.77
C TYR C 542 -10.14 -125.50 -25.48
N LEU C 543 -9.21 -126.12 -24.80
CA LEU C 543 -9.42 -126.68 -23.45
C LEU C 543 -9.24 -125.60 -22.36
N GLU C 544 -9.58 -125.91 -21.12
CA GLU C 544 -9.53 -124.96 -19.96
C GLU C 544 -8.13 -124.42 -19.66
N GLY C 545 -7.07 -125.21 -19.81
CA GLY C 545 -5.69 -124.78 -19.53
C GLY C 545 -5.26 -123.61 -20.39
N ASN C 546 -5.62 -123.59 -21.66
CA ASN C 546 -5.37 -122.42 -22.54
C ASN C 546 -6.14 -121.16 -22.09
N MET C 547 -7.37 -121.29 -21.58
CA MET C 547 -8.24 -120.12 -21.29
C MET C 547 -7.97 -119.38 -19.97
N LEU C 548 -8.28 -118.08 -19.92
CA LEU C 548 -8.22 -117.31 -18.65
C LEU C 548 -9.66 -117.13 -18.18
N ILE C 549 -10.06 -117.73 -17.06
CA ILE C 549 -11.49 -117.70 -16.60
C ILE C 549 -11.62 -116.89 -15.31
N THR C 550 -12.45 -115.88 -15.31
CA THR C 550 -12.70 -114.98 -14.16
C THR C 550 -13.68 -115.54 -13.13
N SER C 551 -13.58 -115.08 -11.88
CA SER C 551 -14.48 -115.47 -10.76
C SER C 551 -15.00 -114.20 -10.10
N GLU C 552 -16.26 -114.18 -9.69
CA GLU C 552 -16.92 -113.02 -9.03
C GLU C 552 -17.18 -113.37 -7.55
N SER C 553 -16.44 -114.29 -6.95
CA SER C 553 -16.67 -114.84 -5.58
C SER C 553 -16.62 -113.77 -4.47
N GLU C 554 -15.94 -112.65 -4.65
CA GLU C 554 -15.88 -111.51 -3.68
C GLU C 554 -17.29 -110.89 -3.46
N THR C 555 -18.16 -110.85 -4.45
CA THR C 555 -19.51 -110.25 -4.41
C THR C 555 -20.56 -111.18 -3.80
N GLN C 556 -20.22 -112.42 -3.43
CA GLN C 556 -21.14 -113.48 -2.92
C GLN C 556 -21.88 -113.03 -1.64
N PRO C 557 -21.29 -112.29 -0.67
CA PRO C 557 -22.06 -111.74 0.46
C PRO C 557 -23.32 -110.92 0.11
N VAL C 558 -23.39 -110.22 -1.04
CA VAL C 558 -24.60 -109.52 -1.58
C VAL C 558 -25.17 -110.03 -2.93
N ASN C 559 -24.56 -110.98 -3.63
CA ASN C 559 -25.04 -111.36 -4.99
C ASN C 559 -25.43 -112.82 -4.99
N ARG C 560 -26.62 -113.11 -5.53
CA ARG C 560 -27.11 -114.51 -5.59
C ARG C 560 -26.31 -115.37 -6.59
N VAL C 561 -26.16 -116.66 -6.30
CA VAL C 561 -25.47 -117.60 -7.23
C VAL C 561 -26.34 -117.96 -8.47
N ALA C 562 -25.78 -117.86 -9.68
CA ALA C 562 -26.46 -118.13 -10.97
C ALA C 562 -26.93 -119.57 -11.17
N TYR C 563 -26.13 -120.56 -10.78
CA TYR C 563 -26.47 -121.99 -10.94
C TYR C 563 -27.68 -122.41 -10.08
N ASN C 564 -27.83 -121.87 -8.88
CA ASN C 564 -28.92 -122.22 -7.90
C ASN C 564 -30.27 -121.52 -8.14
N VAL C 565 -31.39 -122.07 -7.64
CA VAL C 565 -32.73 -121.40 -7.61
C VAL C 565 -32.73 -120.17 -6.66
N GLY C 566 -33.43 -119.08 -6.99
CA GLY C 566 -33.54 -117.83 -6.18
C GLY C 566 -34.23 -117.88 -4.82
N GLY C 567 -35.33 -118.61 -4.64
CA GLY C 567 -36.12 -118.59 -3.41
C GLY C 567 -37.43 -119.34 -3.59
N GLN C 568 -38.36 -119.24 -2.63
CA GLN C 568 -39.70 -119.87 -2.70
C GLN C 568 -40.83 -118.87 -2.39
N MET C 569 -42.03 -119.04 -2.97
CA MET C 569 -43.24 -118.20 -2.73
C MET C 569 -44.48 -119.10 -2.57
N ALA C 570 -45.56 -118.61 -1.95
CA ALA C 570 -46.85 -119.36 -1.77
C ALA C 570 -47.61 -119.63 -3.08
N THR C 571 -48.13 -120.86 -3.22
CA THR C 571 -48.84 -121.28 -4.45
C THR C 571 -50.32 -121.61 -4.19
N ASN C 572 -50.85 -121.41 -3.01
CA ASN C 572 -52.22 -121.91 -2.66
C ASN C 572 -52.81 -121.13 -1.50
N ASN C 573 -54.07 -121.39 -1.18
CA ASN C 573 -54.70 -120.85 0.05
C ASN C 573 -54.94 -122.03 0.99
N GLN C 574 -54.45 -121.95 2.24
CA GLN C 574 -54.65 -123.00 3.29
C GLN C 574 -56.12 -123.01 3.77
N SER C 575 -56.61 -124.16 4.22
CA SER C 575 -58.00 -124.33 4.71
C SER C 575 -57.97 -125.53 5.66
N SER C 576 -59.03 -125.78 6.40
CA SER C 576 -59.05 -127.01 7.23
C SER C 576 -58.89 -128.23 6.32
N THR C 577 -59.55 -128.26 5.16
CA THR C 577 -59.36 -129.32 4.14
C THR C 577 -57.98 -129.32 3.50
N THR C 578 -57.36 -128.15 3.23
CA THR C 578 -56.10 -128.09 2.47
C THR C 578 -54.87 -127.62 3.21
N ALA C 579 -53.77 -128.38 3.17
CA ALA C 579 -52.47 -127.97 3.75
C ALA C 579 -51.81 -126.86 2.93
N PRO C 580 -51.02 -125.96 3.55
CA PRO C 580 -50.27 -124.94 2.81
C PRO C 580 -49.14 -125.46 1.89
N ALA C 581 -48.89 -124.81 0.74
CA ALA C 581 -47.89 -125.24 -0.27
C ALA C 581 -46.99 -124.10 -0.75
N THR C 582 -45.77 -124.41 -1.14
CA THR C 582 -44.81 -123.41 -1.69
C THR C 582 -44.25 -123.86 -3.02
N GLY C 583 -43.74 -122.93 -3.82
CA GLY C 583 -43.04 -123.29 -5.07
C GLY C 583 -41.75 -122.51 -5.26
N THR C 584 -40.69 -123.14 -5.77
CA THR C 584 -39.42 -122.43 -6.13
C THR C 584 -39.53 -121.60 -7.41
N TYR C 585 -38.75 -120.53 -7.53
CA TYR C 585 -38.69 -119.68 -8.74
C TYR C 585 -37.24 -119.69 -9.36
N ASN C 586 -37.10 -119.65 -10.70
CA ASN C 586 -35.77 -119.68 -11.41
C ASN C 586 -35.34 -118.27 -11.86
N LEU C 587 -36.23 -117.28 -11.77
CA LEU C 587 -35.90 -115.88 -12.15
C LEU C 587 -36.61 -114.85 -11.26
N GLN C 588 -35.98 -113.72 -10.98
CA GLN C 588 -36.62 -112.59 -10.26
C GLN C 588 -35.97 -111.30 -10.77
N GLU C 589 -36.65 -110.18 -10.70
CA GLU C 589 -36.16 -108.90 -11.24
C GLU C 589 -36.16 -107.89 -10.10
N ILE C 590 -35.89 -106.62 -10.38
CA ILE C 590 -35.74 -105.56 -9.35
C ILE C 590 -36.98 -105.35 -8.47
N VAL C 591 -36.76 -105.18 -7.18
CA VAL C 591 -37.83 -104.95 -6.18
C VAL C 591 -37.36 -103.73 -5.38
N PRO C 592 -38.25 -102.93 -4.76
CA PRO C 592 -37.79 -101.83 -3.91
C PRO C 592 -36.99 -102.31 -2.67
N GLY C 593 -35.92 -101.60 -2.29
CA GLY C 593 -34.99 -102.04 -1.22
C GLY C 593 -33.90 -102.99 -1.68
N SER C 594 -33.78 -103.23 -2.99
CA SER C 594 -32.75 -104.08 -3.63
C SER C 594 -31.33 -103.48 -3.61
N VAL C 595 -30.32 -104.28 -3.26
CA VAL C 595 -28.88 -103.86 -3.23
C VAL C 595 -28.05 -104.92 -3.99
N TRP C 596 -27.05 -104.50 -4.75
CA TRP C 596 -26.14 -105.43 -5.48
C TRP C 596 -24.78 -104.78 -5.79
N MET C 597 -23.81 -105.59 -6.18
CA MET C 597 -22.50 -105.11 -6.65
C MET C 597 -22.35 -105.36 -8.17
N GLU C 598 -21.86 -104.37 -8.91
CA GLU C 598 -21.57 -104.48 -10.37
C GLU C 598 -20.33 -105.35 -10.65
N ARG C 599 -20.22 -105.89 -11.85
CA ARG C 599 -19.05 -106.72 -12.28
C ARG C 599 -17.71 -105.98 -12.19
N ASP C 600 -16.67 -106.70 -11.79
CA ASP C 600 -15.29 -106.17 -11.67
C ASP C 600 -14.58 -105.90 -13.01
N VAL C 601 -13.75 -104.88 -13.06
CA VAL C 601 -12.85 -104.61 -14.22
C VAL C 601 -11.59 -105.50 -14.20
N TYR C 602 -10.99 -105.74 -15.35
CA TYR C 602 -9.76 -106.56 -15.48
C TYR C 602 -8.76 -105.77 -16.29
N LEU C 603 -7.45 -106.02 -16.11
CA LEU C 603 -6.39 -105.35 -16.91
C LEU C 603 -6.56 -105.72 -18.41
N GLN C 604 -6.87 -106.96 -18.75
CA GLN C 604 -7.21 -107.46 -20.11
C GLN C 604 -8.54 -106.87 -20.65
N GLY C 605 -9.49 -106.49 -19.80
CA GLY C 605 -10.82 -105.94 -20.16
C GLY C 605 -11.03 -104.51 -20.63
N PRO C 606 -12.23 -104.21 -21.19
CA PRO C 606 -12.66 -102.84 -21.53
C PRO C 606 -13.02 -101.74 -20.52
N ILE C 607 -12.59 -100.49 -20.70
CA ILE C 607 -13.03 -99.32 -19.87
C ILE C 607 -14.49 -98.79 -20.03
N TRP C 608 -15.01 -98.62 -21.24
CA TRP C 608 -16.31 -97.93 -21.44
C TRP C 608 -17.22 -98.54 -22.49
N ALA C 609 -18.51 -98.18 -22.46
CA ALA C 609 -19.50 -98.56 -23.50
C ALA C 609 -20.41 -97.34 -23.72
N LYS C 610 -20.91 -97.19 -24.93
CA LYS C 610 -21.89 -96.11 -25.25
C LYS C 610 -23.33 -96.53 -24.88
N ILE C 611 -24.04 -95.68 -24.15
CA ILE C 611 -25.48 -95.92 -23.88
C ILE C 611 -26.27 -95.70 -25.20
N PRO C 612 -27.17 -96.62 -25.59
CA PRO C 612 -27.97 -96.45 -26.82
C PRO C 612 -29.05 -95.37 -26.74
N GLU C 613 -29.29 -94.64 -27.82
CA GLU C 613 -30.26 -93.50 -27.77
C GLU C 613 -31.70 -93.96 -28.14
N THR C 614 -32.55 -94.21 -27.15
CA THR C 614 -33.94 -94.66 -27.36
C THR C 614 -34.88 -93.70 -26.71
N GLY C 615 -34.38 -92.85 -25.82
CA GLY C 615 -35.19 -91.96 -24.98
C GLY C 615 -35.63 -92.59 -23.66
N ALA C 616 -35.43 -93.90 -23.43
CA ALA C 616 -35.75 -94.54 -22.12
C ALA C 616 -34.72 -95.60 -21.72
N HIS C 617 -34.25 -95.60 -20.49
CA HIS C 617 -33.30 -96.63 -19.99
C HIS C 617 -33.39 -96.76 -18.46
N PHE C 618 -32.95 -97.88 -17.92
CA PHE C 618 -32.83 -98.04 -16.45
C PHE C 618 -31.42 -98.40 -16.03
N HIS C 619 -30.82 -97.73 -15.04
CA HIS C 619 -29.51 -98.08 -14.42
C HIS C 619 -28.45 -98.45 -15.46
N PRO C 620 -27.71 -97.46 -15.98
CA PRO C 620 -26.87 -97.72 -17.15
C PRO C 620 -25.41 -98.15 -17.01
N SER C 621 -25.26 -99.35 -16.48
CA SER C 621 -23.92 -99.94 -16.28
C SER C 621 -23.80 -101.11 -17.26
N PRO C 622 -22.76 -101.15 -18.15
CA PRO C 622 -22.66 -102.23 -19.12
C PRO C 622 -22.36 -103.64 -18.56
N ALA C 623 -22.90 -104.68 -19.17
CA ALA C 623 -22.77 -106.07 -18.67
C ALA C 623 -21.34 -106.62 -18.65
N MET C 624 -20.51 -106.35 -19.65
CA MET C 624 -19.08 -106.75 -19.74
C MET C 624 -18.28 -106.10 -18.61
N GLY C 625 -18.63 -104.90 -18.18
CA GLY C 625 -17.95 -104.15 -17.11
C GLY C 625 -17.63 -102.74 -17.54
N GLY C 626 -17.15 -101.91 -16.63
CA GLY C 626 -16.75 -100.53 -16.96
C GLY C 626 -17.76 -99.41 -16.80
N PHE C 627 -17.54 -98.31 -17.51
CA PHE C 627 -18.32 -97.06 -17.36
C PHE C 627 -19.24 -96.84 -18.57
N GLY C 628 -20.52 -96.59 -18.30
CA GLY C 628 -21.51 -96.33 -19.35
C GLY C 628 -21.63 -94.87 -19.60
N LEU C 629 -21.41 -94.45 -20.84
CA LEU C 629 -21.35 -92.99 -21.15
C LEU C 629 -22.36 -92.57 -22.21
N LYS C 630 -23.12 -91.52 -21.94
CA LYS C 630 -24.00 -90.88 -22.97
C LYS C 630 -23.15 -90.26 -24.10
N HIS C 631 -22.06 -89.60 -23.77
CA HIS C 631 -21.14 -88.98 -24.76
C HIS C 631 -19.75 -89.57 -24.61
N PRO C 632 -19.48 -90.71 -25.26
CA PRO C 632 -18.21 -91.41 -25.19
C PRO C 632 -17.01 -90.78 -25.92
N PRO C 633 -15.76 -91.15 -25.62
CA PRO C 633 -14.66 -90.60 -26.40
C PRO C 633 -14.90 -90.95 -27.87
N PRO C 634 -14.78 -89.98 -28.81
CA PRO C 634 -15.17 -90.19 -30.21
C PRO C 634 -14.39 -91.08 -31.17
N MET C 635 -15.06 -91.63 -32.17
CA MET C 635 -14.41 -92.44 -33.23
C MET C 635 -13.37 -91.65 -34.04
N MET C 636 -12.18 -92.22 -34.20
CA MET C 636 -11.06 -91.58 -34.94
C MET C 636 -10.80 -92.41 -36.21
N LEU C 637 -10.92 -91.80 -37.38
CA LEU C 637 -10.88 -92.52 -38.67
C LEU C 637 -9.72 -92.02 -39.55
N ILE C 638 -8.98 -92.95 -40.14
CA ILE C 638 -7.80 -92.61 -41.00
C ILE C 638 -7.90 -93.39 -42.33
N LYS C 639 -7.58 -92.72 -43.44
CA LYS C 639 -7.52 -93.42 -44.75
C LYS C 639 -6.31 -92.97 -45.59
N ASN C 640 -5.87 -93.81 -46.51
CA ASN C 640 -4.83 -93.42 -47.51
C ASN C 640 -5.56 -92.76 -48.69
N THR C 641 -5.13 -91.58 -49.11
CA THR C 641 -5.71 -90.90 -50.30
C THR C 641 -5.45 -91.70 -51.57
N PRO C 642 -6.48 -91.91 -52.44
CA PRO C 642 -6.27 -92.54 -53.74
C PRO C 642 -5.27 -91.81 -54.64
N VAL C 643 -4.30 -92.54 -55.13
CA VAL C 643 -3.35 -91.93 -56.10
C VAL C 643 -3.50 -92.73 -57.41
N PRO C 644 -3.93 -92.06 -58.49
CA PRO C 644 -4.12 -92.73 -59.78
C PRO C 644 -2.97 -93.28 -60.64
N GLY C 645 -3.17 -94.37 -61.36
CA GLY C 645 -2.25 -94.95 -62.36
C GLY C 645 -2.33 -94.20 -63.68
N ASN C 646 -1.49 -94.47 -64.65
CA ASN C 646 -1.46 -93.62 -65.88
C ASN C 646 -2.76 -93.69 -66.68
N ILE C 647 -3.38 -92.54 -66.97
CA ILE C 647 -4.63 -92.49 -67.76
C ILE C 647 -4.34 -91.61 -68.99
N THR C 648 -4.59 -92.11 -70.19
CA THR C 648 -4.23 -91.38 -71.44
C THR C 648 -5.45 -90.86 -72.18
N SER C 649 -6.65 -91.30 -71.82
CA SER C 649 -7.88 -90.93 -72.56
C SER C 649 -9.00 -90.51 -71.60
N PHE C 650 -9.93 -89.65 -72.03
CA PHE C 650 -11.11 -89.25 -71.23
C PHE C 650 -12.24 -90.28 -71.17
N SER C 651 -12.81 -90.49 -69.98
CA SER C 651 -14.07 -91.28 -69.86
C SER C 651 -14.96 -90.65 -68.80
N ASP C 652 -16.27 -90.68 -68.98
CA ASP C 652 -17.26 -90.32 -67.92
C ASP C 652 -17.16 -91.39 -66.80
N VAL C 653 -16.91 -92.65 -67.15
CA VAL C 653 -16.80 -93.76 -66.17
C VAL C 653 -15.64 -93.52 -65.20
N PRO C 654 -15.83 -93.68 -63.86
CA PRO C 654 -14.78 -93.45 -62.87
C PRO C 654 -13.54 -94.33 -62.94
N VAL C 655 -12.38 -93.75 -62.60
CA VAL C 655 -11.10 -94.50 -62.64
C VAL C 655 -11.07 -95.65 -61.61
N SER C 656 -10.65 -96.82 -62.07
CA SER C 656 -10.52 -98.03 -61.24
C SER C 656 -9.05 -98.46 -61.10
N SER C 657 -8.11 -97.71 -61.68
CA SER C 657 -6.67 -98.08 -61.68
C SER C 657 -5.87 -97.11 -60.81
N PHE C 658 -5.20 -97.63 -59.78
CA PHE C 658 -4.51 -96.78 -58.79
C PHE C 658 -3.16 -97.36 -58.47
N ILE C 659 -2.19 -96.53 -58.11
CA ILE C 659 -0.89 -97.08 -57.58
C ILE C 659 -1.08 -97.74 -56.19
N THR C 660 -0.44 -98.89 -55.90
CA THR C 660 -0.54 -99.61 -54.59
C THR C 660 0.32 -98.95 -53.50
N GLN C 661 -0.29 -98.64 -52.35
CA GLN C 661 0.38 -97.85 -51.27
C GLN C 661 -0.03 -98.27 -49.85
N TYR C 662 0.81 -98.01 -48.84
CA TYR C 662 0.50 -98.29 -47.40
C TYR C 662 1.08 -97.15 -46.58
N SER C 663 0.59 -96.96 -45.35
CA SER C 663 1.12 -95.90 -44.45
C SER C 663 1.57 -96.44 -43.08
N THR C 664 2.51 -95.74 -42.45
CA THR C 664 3.02 -96.12 -41.11
C THR C 664 3.26 -94.86 -40.27
N GLY C 665 3.21 -94.95 -38.95
CA GLY C 665 3.48 -93.81 -38.06
C GLY C 665 3.48 -94.13 -36.57
N GLN C 666 3.49 -93.10 -35.74
CA GLN C 666 3.40 -93.22 -34.24
C GLN C 666 2.14 -92.54 -33.65
N VAL C 667 1.54 -93.14 -32.65
CA VAL C 667 0.36 -92.55 -31.93
C VAL C 667 0.65 -92.45 -30.41
N THR C 668 0.32 -91.32 -29.80
CA THR C 668 0.44 -91.15 -28.34
C THR C 668 -0.93 -90.89 -27.70
N VAL C 669 -1.27 -91.61 -26.62
CA VAL C 669 -2.52 -91.35 -25.82
C VAL C 669 -2.17 -90.98 -24.36
N GLU C 670 -2.70 -89.87 -23.85
CA GLU C 670 -2.51 -89.41 -22.45
C GLU C 670 -3.86 -89.40 -21.73
N MET C 671 -3.92 -90.06 -20.57
CA MET C 671 -5.19 -90.15 -19.79
C MET C 671 -5.00 -89.73 -18.32
N GLU C 672 -5.97 -89.01 -17.79
CA GLU C 672 -5.97 -88.60 -16.35
C GLU C 672 -7.03 -89.40 -15.58
N TRP C 673 -6.67 -89.88 -14.39
CA TRP C 673 -7.57 -90.70 -13.55
C TRP C 673 -7.72 -90.09 -12.15
N GLU C 674 -8.93 -90.13 -11.60
CA GLU C 674 -9.18 -89.67 -10.20
C GLU C 674 -9.26 -90.89 -9.28
N LEU C 675 -8.60 -90.84 -8.13
CA LEU C 675 -8.49 -91.97 -7.17
C LEU C 675 -9.27 -91.71 -5.87
N LYS C 676 -9.90 -92.75 -5.32
CA LYS C 676 -10.53 -92.64 -3.98
C LYS C 676 -9.67 -93.43 -2.97
N LYS C 677 -9.18 -92.76 -1.93
CA LYS C 677 -8.36 -93.37 -0.85
C LYS C 677 -9.07 -94.30 0.15
N GLU C 678 -8.41 -95.37 0.57
CA GLU C 678 -8.92 -96.25 1.65
C GLU C 678 -8.89 -95.52 3.01
N ASN C 679 -9.90 -95.69 3.86
CA ASN C 679 -9.98 -95.11 5.24
C ASN C 679 -10.30 -96.21 6.26
N SER C 680 -9.72 -97.41 6.14
CA SER C 680 -10.03 -98.59 6.99
C SER C 680 -9.59 -98.53 8.46
N LYS C 681 -10.39 -99.07 9.38
CA LYS C 681 -10.03 -99.22 10.82
C LYS C 681 -9.76 -100.70 11.16
N ARG C 682 -9.67 -101.62 10.19
CA ARG C 682 -9.34 -103.07 10.39
C ARG C 682 -7.92 -103.33 10.96
N TRP C 683 -7.81 -103.90 12.16
CA TRP C 683 -6.55 -104.20 12.86
C TRP C 683 -5.63 -105.26 12.21
N ASN C 684 -6.23 -106.35 11.76
CA ASN C 684 -5.52 -107.48 11.12
C ASN C 684 -5.10 -107.19 9.67
N PRO C 685 -4.04 -107.85 9.17
CA PRO C 685 -3.64 -107.72 7.77
C PRO C 685 -4.59 -108.23 6.65
N GLU C 686 -4.70 -107.47 5.57
CA GLU C 686 -5.50 -107.78 4.35
C GLU C 686 -4.90 -108.68 3.27
N ILE C 687 -5.75 -109.22 2.39
CA ILE C 687 -5.33 -109.94 1.14
C ILE C 687 -4.77 -108.95 0.10
N GLN C 688 -3.71 -109.32 -0.63
CA GLN C 688 -3.04 -108.48 -1.66
C GLN C 688 -2.64 -109.30 -2.88
N TYR C 689 -2.63 -108.72 -4.08
CA TYR C 689 -2.09 -109.40 -5.28
C TYR C 689 -0.54 -109.44 -5.15
N THR C 690 0.04 -110.61 -5.39
CA THR C 690 1.49 -110.78 -5.25
C THR C 690 2.03 -111.60 -6.41
N ASN C 691 3.31 -111.46 -6.72
CA ASN C 691 3.96 -112.33 -7.70
C ASN C 691 4.39 -113.56 -6.91
N ASN C 692 3.72 -114.68 -7.09
CA ASN C 692 3.95 -115.89 -6.27
C ASN C 692 3.86 -117.11 -7.18
N TYR C 693 4.96 -117.82 -7.32
CA TYR C 693 5.04 -118.96 -8.29
C TYR C 693 5.91 -120.01 -7.62
N ASN C 694 5.62 -121.29 -7.83
CA ASN C 694 6.52 -122.35 -7.28
C ASN C 694 7.44 -122.92 -8.37
N ASP C 695 8.77 -122.88 -8.18
CA ASP C 695 9.79 -123.38 -9.16
C ASP C 695 9.62 -122.78 -10.57
N PRO C 696 9.51 -121.45 -10.77
CA PRO C 696 9.24 -120.90 -12.10
C PRO C 696 10.26 -121.14 -13.23
N GLN C 697 9.78 -121.50 -14.42
CA GLN C 697 10.67 -121.74 -15.59
C GLN C 697 10.75 -120.50 -16.50
N PHE C 698 9.98 -119.47 -16.20
CA PHE C 698 9.93 -118.24 -17.01
C PHE C 698 9.47 -117.15 -16.10
N VAL C 699 9.68 -115.92 -16.48
CA VAL C 699 9.06 -114.80 -15.72
C VAL C 699 7.76 -114.44 -16.43
N ASP C 700 6.65 -114.44 -15.71
CA ASP C 700 5.33 -113.96 -16.22
C ASP C 700 5.35 -112.45 -16.47
N PHE C 701 4.59 -111.94 -17.44
CA PHE C 701 4.54 -110.49 -17.87
C PHE C 701 5.90 -110.02 -18.40
N ALA C 702 6.58 -110.88 -19.12
CA ALA C 702 7.90 -110.59 -19.70
C ALA C 702 8.03 -111.29 -21.06
N PRO C 703 8.93 -110.86 -21.95
CA PRO C 703 9.22 -111.61 -23.18
C PRO C 703 9.94 -112.97 -23.00
N ASP C 704 9.71 -113.91 -23.90
CA ASP C 704 10.43 -115.21 -23.85
C ASP C 704 11.69 -115.25 -24.76
N SER C 705 12.29 -116.42 -24.92
CA SER C 705 13.53 -116.58 -25.75
C SER C 705 13.25 -116.19 -27.21
N THR C 706 12.09 -116.51 -27.78
CA THR C 706 11.64 -116.06 -29.13
C THR C 706 11.24 -114.60 -29.19
N GLY C 707 11.02 -113.90 -28.06
CA GLY C 707 10.51 -112.52 -28.05
C GLY C 707 9.00 -112.34 -27.90
N GLU C 708 8.25 -113.40 -27.65
CA GLU C 708 6.78 -113.33 -27.45
C GLU C 708 6.39 -113.05 -25.98
N TYR C 709 5.53 -112.06 -25.74
CA TYR C 709 5.04 -111.69 -24.38
C TYR C 709 4.17 -112.76 -23.74
N ARG C 710 4.36 -112.98 -22.44
CA ARG C 710 3.59 -114.02 -21.71
C ARG C 710 2.71 -113.35 -20.65
N SER C 711 1.41 -113.67 -20.63
CA SER C 711 0.43 -113.15 -19.64
C SER C 711 -0.46 -114.29 -19.12
N THR C 712 0.02 -115.17 -18.25
CA THR C 712 -0.69 -116.36 -17.70
C THR C 712 -1.93 -116.06 -16.86
N ARG C 713 -1.98 -114.98 -16.07
CA ARG C 713 -3.10 -114.76 -15.11
C ARG C 713 -4.01 -113.55 -15.37
N PRO C 714 -5.35 -113.67 -15.24
CA PRO C 714 -6.25 -112.52 -15.26
C PRO C 714 -6.23 -111.67 -13.98
N ILE C 715 -6.22 -110.34 -14.04
CA ILE C 715 -6.16 -109.59 -12.74
C ILE C 715 -7.35 -108.65 -12.52
N GLY C 716 -8.09 -108.85 -11.42
CA GLY C 716 -9.22 -108.04 -10.97
C GLY C 716 -8.80 -106.92 -10.06
N THR C 717 -9.74 -106.08 -9.65
CA THR C 717 -9.45 -104.96 -8.73
C THR C 717 -9.80 -105.15 -7.26
N ARG C 718 -10.48 -106.22 -6.81
CA ARG C 718 -10.98 -106.25 -5.38
C ARG C 718 -10.12 -107.11 -4.42
N TYR C 719 -9.26 -106.48 -3.63
CA TYR C 719 -8.37 -107.16 -2.64
C TYR C 719 -8.64 -106.57 -1.27
N LEU C 720 -8.99 -105.30 -1.22
CA LEU C 720 -9.36 -104.59 0.04
C LEU C 720 -10.77 -104.95 0.50
N THR C 721 -11.03 -104.79 1.78
CA THR C 721 -12.31 -105.20 2.39
C THR C 721 -12.92 -104.02 3.11
N ARG C 722 -14.24 -103.93 3.08
CA ARG C 722 -14.96 -102.87 3.84
C ARG C 722 -16.17 -103.46 4.56
N PRO C 723 -16.57 -102.93 5.75
CA PRO C 723 -17.83 -103.32 6.39
C PRO C 723 -19.08 -102.78 5.65
N LEU C 724 -20.21 -103.48 5.71
CA LEU C 724 -21.44 -103.07 4.98
C LEU C 724 -22.02 -101.76 5.54
N ASP D 209 -15.89 -80.26 36.68
CA ASP D 209 -15.65 -79.29 37.77
C ASP D 209 -15.45 -80.00 39.13
N GLY D 210 -16.48 -80.57 39.74
CA GLY D 210 -16.30 -81.08 41.11
C GLY D 210 -17.19 -82.21 41.58
N VAL D 211 -16.82 -82.81 42.72
CA VAL D 211 -17.62 -83.89 43.38
C VAL D 211 -19.01 -83.38 43.82
N GLY D 212 -19.13 -82.15 44.31
CA GLY D 212 -20.38 -81.59 44.84
C GLY D 212 -21.20 -80.83 43.85
N ASN D 213 -20.78 -80.74 42.59
CA ASN D 213 -21.48 -79.89 41.60
C ASN D 213 -22.13 -80.75 40.51
N ALA D 214 -23.39 -80.50 40.19
CA ALA D 214 -24.11 -81.22 39.11
C ALA D 214 -23.70 -80.78 37.69
N SER D 215 -23.38 -81.73 36.81
CA SER D 215 -23.00 -81.55 35.38
C SER D 215 -24.14 -81.07 34.47
N GLY D 216 -25.38 -81.47 34.69
CA GLY D 216 -26.55 -81.10 33.87
C GLY D 216 -27.89 -81.18 34.55
N ASP D 217 -28.95 -80.77 33.87
CA ASP D 217 -30.36 -80.75 34.39
C ASP D 217 -31.34 -81.59 33.56
N TRP D 218 -32.46 -81.99 34.15
CA TRP D 218 -33.51 -82.81 33.49
C TRP D 218 -34.38 -81.99 32.51
N HIS D 219 -34.43 -82.40 31.25
CA HIS D 219 -35.33 -81.77 30.27
C HIS D 219 -36.22 -82.82 29.58
N CYS D 220 -37.53 -82.83 29.83
CA CYS D 220 -38.45 -83.72 29.07
C CYS D 220 -39.60 -82.83 28.57
N ASP D 221 -39.67 -82.54 27.28
CA ASP D 221 -40.70 -81.58 26.78
C ASP D 221 -40.99 -81.64 25.27
N SER D 222 -42.13 -81.11 24.82
CA SER D 222 -42.43 -80.92 23.38
C SER D 222 -42.79 -79.45 23.15
N THR D 223 -42.25 -78.81 22.12
CA THR D 223 -42.65 -77.44 21.74
C THR D 223 -43.12 -77.43 20.30
N TRP D 224 -44.30 -76.90 20.03
CA TRP D 224 -44.89 -76.83 18.67
C TRP D 224 -44.86 -75.38 18.20
N MET D 225 -44.21 -75.12 17.07
CA MET D 225 -44.06 -73.76 16.51
C MET D 225 -44.36 -73.69 15.01
N GLY D 226 -45.62 -73.69 14.56
CA GLY D 226 -45.93 -73.72 13.11
C GLY D 226 -45.49 -74.99 12.43
N ASP D 227 -44.63 -74.89 11.42
CA ASP D 227 -44.12 -76.05 10.63
C ASP D 227 -43.12 -76.93 11.41
N ARG D 228 -42.61 -76.50 12.56
CA ARG D 228 -41.57 -77.25 13.32
C ARG D 228 -42.04 -77.74 14.70
N VAL D 229 -41.67 -78.96 15.08
CA VAL D 229 -41.90 -79.48 16.46
C VAL D 229 -40.53 -79.90 17.02
N VAL D 230 -40.20 -79.53 18.26
CA VAL D 230 -38.94 -79.95 18.96
C VAL D 230 -39.28 -80.92 20.11
N THR D 231 -38.61 -82.07 20.16
CA THR D 231 -38.82 -83.06 21.24
C THR D 231 -37.58 -83.18 22.13
N LYS D 232 -37.75 -83.15 23.45
CA LYS D 232 -36.66 -83.35 24.44
C LYS D 232 -36.97 -84.57 25.31
N SER D 233 -36.01 -85.47 25.49
CA SER D 233 -36.18 -86.71 26.30
C SER D 233 -34.99 -86.92 27.24
N THR D 234 -35.23 -87.18 28.52
CA THR D 234 -34.18 -87.46 29.52
C THR D 234 -34.42 -88.83 30.18
N ARG D 235 -33.38 -89.66 30.30
CA ARG D 235 -33.47 -90.99 30.96
C ARG D 235 -32.28 -91.27 31.90
N THR D 236 -32.44 -92.20 32.83
CA THR D 236 -31.37 -92.67 33.73
C THR D 236 -30.92 -94.06 33.27
N TRP D 237 -29.61 -94.28 33.09
CA TRP D 237 -29.02 -95.53 32.58
C TRP D 237 -28.02 -96.19 33.56
N VAL D 238 -27.84 -97.50 33.44
CA VAL D 238 -26.83 -98.28 34.21
C VAL D 238 -25.88 -98.99 33.21
N LEU D 239 -24.56 -98.98 33.48
CA LEU D 239 -23.58 -99.73 32.64
C LEU D 239 -22.86 -100.85 33.38
N PRO D 240 -23.01 -102.12 32.96
CA PRO D 240 -22.21 -103.22 33.49
C PRO D 240 -20.78 -103.29 32.96
N SER D 241 -19.87 -103.93 33.68
CA SER D 241 -18.52 -104.17 33.09
C SER D 241 -18.57 -105.49 32.30
N TYR D 242 -18.84 -105.46 31.00
CA TYR D 242 -19.05 -106.67 30.16
C TYR D 242 -17.77 -107.40 29.77
N ASN D 243 -17.74 -108.73 29.89
CA ASN D 243 -16.62 -109.60 29.41
C ASN D 243 -15.44 -109.56 30.37
N ASN D 244 -15.58 -108.90 31.54
CA ASN D 244 -14.47 -108.70 32.52
C ASN D 244 -13.27 -108.02 31.86
N HIS D 245 -13.49 -106.98 31.04
CA HIS D 245 -12.41 -106.18 30.37
C HIS D 245 -11.72 -106.91 29.21
N GLN D 246 -12.38 -107.86 28.58
CA GLN D 246 -11.75 -108.68 27.51
C GLN D 246 -12.59 -108.74 26.22
N TYR D 247 -11.96 -109.03 25.08
CA TYR D 247 -12.62 -109.21 23.77
C TYR D 247 -12.69 -110.69 23.53
N ARG D 248 -13.85 -111.21 23.16
CA ARG D 248 -14.02 -112.67 22.98
C ARG D 248 -14.47 -113.07 21.56
N GLU D 249 -13.83 -114.08 20.99
CA GLU D 249 -14.29 -114.62 19.68
C GLU D 249 -15.59 -115.43 19.91
N ILE D 250 -16.61 -115.17 19.10
CA ILE D 250 -17.94 -115.80 19.23
C ILE D 250 -18.31 -116.49 17.91
N LYS D 251 -18.99 -117.62 17.97
CA LYS D 251 -19.28 -118.38 16.73
C LYS D 251 -20.47 -119.31 16.89
N SER D 252 -21.13 -119.65 15.79
CA SER D 252 -22.21 -120.67 15.86
C SER D 252 -22.19 -121.64 14.67
N GLY D 253 -22.53 -122.90 14.90
CA GLY D 253 -22.82 -123.89 13.83
C GLY D 253 -24.34 -123.88 13.52
N SER D 254 -24.84 -124.84 12.75
CA SER D 254 -26.29 -124.97 12.42
C SER D 254 -27.16 -125.23 13.67
N VAL D 255 -28.30 -124.56 13.80
CA VAL D 255 -29.18 -124.67 15.00
C VAL D 255 -30.65 -124.68 14.53
N ASP D 256 -31.52 -125.44 15.20
CA ASP D 256 -32.98 -125.54 14.86
C ASP D 256 -33.13 -126.07 13.42
N GLY D 257 -32.20 -126.90 12.99
CA GLY D 257 -32.23 -127.45 11.62
C GLY D 257 -31.69 -126.54 10.53
N SER D 258 -31.13 -125.35 10.84
CA SER D 258 -30.72 -124.46 9.72
C SER D 258 -29.26 -124.00 9.71
N ASN D 259 -28.55 -124.13 8.57
CA ASN D 259 -27.17 -123.59 8.36
C ASN D 259 -27.15 -122.07 8.20
N ALA D 260 -28.28 -121.41 7.90
CA ALA D 260 -28.45 -119.93 7.80
C ALA D 260 -28.17 -119.33 9.18
N ASN D 261 -28.40 -120.09 10.24
CA ASN D 261 -28.06 -119.78 11.67
C ASN D 261 -26.54 -119.63 11.93
N ALA D 262 -25.65 -120.36 11.27
CA ALA D 262 -24.17 -120.30 11.47
C ALA D 262 -23.53 -118.92 11.23
N TYR D 263 -22.58 -118.52 12.07
CA TYR D 263 -21.88 -117.21 11.99
C TYR D 263 -20.49 -117.27 12.68
N PHE D 264 -19.61 -116.34 12.36
CA PHE D 264 -18.31 -116.14 13.04
C PHE D 264 -18.26 -114.65 13.45
N GLY D 265 -17.86 -114.33 14.68
CA GLY D 265 -17.89 -112.94 15.20
C GLY D 265 -17.07 -112.61 16.43
N TYR D 266 -17.10 -111.34 16.85
CA TYR D 266 -16.44 -110.87 18.09
C TYR D 266 -17.42 -110.22 19.10
N SER D 267 -17.26 -110.48 20.40
CA SER D 267 -18.02 -109.78 21.48
C SER D 267 -17.05 -108.78 22.15
N THR D 268 -17.55 -107.64 22.57
CA THR D 268 -16.66 -106.55 23.07
C THR D 268 -17.00 -106.11 24.49
N PRO D 269 -16.05 -105.49 25.21
CA PRO D 269 -16.25 -104.90 26.53
C PRO D 269 -17.20 -103.69 26.61
N TRP D 270 -17.39 -102.95 25.52
CA TRP D 270 -18.23 -101.74 25.38
C TRP D 270 -19.76 -101.91 25.32
N GLY D 271 -20.48 -100.83 25.63
CA GLY D 271 -21.94 -100.74 25.53
C GLY D 271 -22.30 -99.54 24.68
N TYR D 272 -23.50 -99.50 24.15
CA TYR D 272 -23.91 -98.41 23.21
C TYR D 272 -25.28 -97.83 23.57
N PHE D 273 -25.56 -96.61 23.12
CA PHE D 273 -26.88 -95.94 23.29
C PHE D 273 -27.69 -96.00 21.98
N ASP D 274 -28.93 -96.50 22.00
CA ASP D 274 -29.85 -96.61 20.84
C ASP D 274 -31.11 -95.75 21.04
N PHE D 275 -31.41 -94.85 20.11
CA PHE D 275 -32.65 -94.03 20.17
C PHE D 275 -33.59 -94.29 18.95
N ASN D 276 -33.41 -95.35 18.14
CA ASN D 276 -34.24 -95.51 16.91
C ASN D 276 -35.61 -96.16 17.21
N ARG D 277 -36.43 -95.57 18.05
CA ARG D 277 -37.84 -95.95 18.30
C ARG D 277 -38.59 -94.63 18.50
N PHE D 278 -39.81 -94.48 17.97
CA PHE D 278 -40.65 -93.25 18.10
C PHE D 278 -41.08 -92.95 19.58
N HIS D 279 -41.41 -93.96 20.39
CA HIS D 279 -41.88 -93.85 21.81
C HIS D 279 -40.75 -93.25 22.66
N SER D 280 -39.49 -93.37 22.26
CA SER D 280 -38.30 -92.73 22.90
C SER D 280 -38.43 -91.20 22.87
N HIS D 281 -38.94 -90.61 21.80
CA HIS D 281 -39.12 -89.14 21.64
C HIS D 281 -40.56 -88.64 21.76
N TRP D 282 -41.59 -89.48 21.68
CA TRP D 282 -42.98 -89.00 21.56
C TRP D 282 -43.92 -89.52 22.65
N SER D 283 -44.64 -88.62 23.29
CA SER D 283 -45.72 -89.01 24.24
C SER D 283 -46.90 -89.56 23.42
N PRO D 284 -47.77 -90.42 24.00
CA PRO D 284 -48.95 -90.87 23.30
C PRO D 284 -49.91 -89.74 22.91
N ARG D 285 -50.15 -88.74 23.75
CA ARG D 285 -50.96 -87.55 23.38
C ARG D 285 -50.33 -86.72 22.23
N ASP D 286 -49.03 -86.49 22.23
CA ASP D 286 -48.29 -85.75 21.16
C ASP D 286 -48.37 -86.48 19.82
N TRP D 287 -48.27 -87.79 19.83
CA TRP D 287 -48.42 -88.63 18.62
C TRP D 287 -49.83 -88.52 18.02
N GLN D 288 -50.87 -88.48 18.84
CA GLN D 288 -52.28 -88.27 18.41
C GLN D 288 -52.48 -86.90 17.76
N ARG D 289 -51.85 -85.87 18.29
CA ARG D 289 -51.92 -84.52 17.72
C ARG D 289 -51.31 -84.48 16.30
N LEU D 290 -50.16 -85.12 16.07
CA LEU D 290 -49.58 -85.23 14.71
C LEU D 290 -50.36 -86.06 13.66
N ILE D 291 -50.87 -87.24 14.02
CA ILE D 291 -51.60 -88.17 13.09
C ILE D 291 -52.92 -87.57 12.64
N ASN D 292 -53.63 -86.90 13.53
CA ASN D 292 -54.91 -86.18 13.28
C ASN D 292 -54.80 -84.97 12.34
N ASN D 293 -53.72 -84.17 12.40
CA ASN D 293 -53.66 -82.84 11.70
C ASN D 293 -52.64 -82.62 10.58
N TYR D 294 -51.79 -83.56 10.22
CA TYR D 294 -50.70 -83.28 9.24
C TYR D 294 -50.59 -84.30 8.12
N TRP D 295 -50.33 -83.87 6.89
CA TRP D 295 -50.03 -84.77 5.73
C TRP D 295 -48.69 -85.54 5.83
N GLY D 296 -47.64 -84.92 6.35
CA GLY D 296 -46.32 -85.53 6.42
C GLY D 296 -45.38 -85.01 7.47
N PHE D 297 -44.34 -85.76 7.78
CA PHE D 297 -43.28 -85.32 8.74
C PHE D 297 -41.90 -85.84 8.30
N ARG D 298 -40.80 -85.15 8.66
CA ARG D 298 -39.40 -85.62 8.41
C ARG D 298 -38.43 -85.18 9.54
N PRO D 299 -37.36 -85.95 9.90
CA PRO D 299 -36.30 -85.48 10.83
C PRO D 299 -35.29 -84.43 10.30
N ARG D 300 -34.85 -83.48 11.12
CA ARG D 300 -33.92 -82.39 10.68
C ARG D 300 -32.63 -82.37 11.49
N SER D 301 -32.71 -82.35 12.81
CA SER D 301 -31.50 -82.20 13.67
C SER D 301 -31.50 -83.08 14.92
N LEU D 302 -30.33 -83.49 15.40
CA LEU D 302 -30.19 -84.26 16.65
C LEU D 302 -29.11 -83.67 17.60
N ARG D 303 -29.38 -83.55 18.90
CA ARG D 303 -28.38 -83.15 19.94
C ARG D 303 -28.36 -84.18 21.08
N VAL D 304 -27.17 -84.65 21.50
CA VAL D 304 -27.02 -85.63 22.63
C VAL D 304 -26.10 -85.12 23.76
N LYS D 305 -26.51 -85.23 25.03
CA LYS D 305 -25.68 -84.92 26.22
C LYS D 305 -25.61 -86.11 27.22
N ILE D 306 -24.42 -86.45 27.71
CA ILE D 306 -24.22 -87.50 28.78
C ILE D 306 -23.62 -86.81 30.01
N PHE D 307 -24.21 -86.97 31.21
CA PHE D 307 -23.88 -86.17 32.43
C PHE D 307 -24.20 -86.86 33.76
N ASN D 308 -23.78 -86.28 34.91
CA ASN D 308 -24.03 -86.78 36.31
C ASN D 308 -23.49 -88.19 36.53
N ILE D 309 -22.30 -88.45 36.02
CA ILE D 309 -21.65 -89.78 36.09
C ILE D 309 -21.31 -90.22 37.53
N GLN D 310 -21.57 -91.48 37.87
CA GLN D 310 -21.27 -92.04 39.20
C GLN D 310 -20.67 -93.45 39.03
N VAL D 311 -19.46 -93.66 39.51
CA VAL D 311 -18.76 -94.96 39.41
C VAL D 311 -18.78 -95.62 40.80
N LYS D 312 -19.19 -96.90 40.86
CA LYS D 312 -19.34 -97.66 42.11
C LYS D 312 -18.47 -98.91 42.13
N GLU D 313 -17.88 -99.24 43.28
CA GLU D 313 -17.07 -100.47 43.43
C GLU D 313 -17.85 -101.48 44.30
N VAL D 314 -17.88 -102.72 43.87
CA VAL D 314 -18.64 -103.78 44.59
C VAL D 314 -17.61 -104.74 45.19
N THR D 315 -17.74 -105.03 46.48
CA THR D 315 -16.79 -105.92 47.18
C THR D 315 -17.55 -107.00 47.92
N VAL D 316 -17.07 -108.24 47.87
CA VAL D 316 -17.73 -109.30 48.69
C VAL D 316 -16.75 -109.88 49.72
N GLN D 317 -17.09 -109.86 51.00
CA GLN D 317 -16.29 -110.59 52.02
C GLN D 317 -17.26 -111.53 52.75
N ASP D 318 -17.05 -112.84 52.64
CA ASP D 318 -17.89 -113.81 53.40
C ASP D 318 -19.37 -113.57 53.09
N SER D 319 -19.74 -113.24 51.84
CA SER D 319 -21.17 -113.10 51.41
C SER D 319 -21.85 -111.76 51.80
N THR D 320 -21.14 -110.78 52.37
CA THR D 320 -21.72 -109.43 52.68
C THR D 320 -22.14 -108.62 51.45
N THR D 321 -21.40 -108.58 50.35
CA THR D 321 -21.69 -107.72 49.15
C THR D 321 -21.85 -106.20 49.39
N THR D 322 -20.91 -105.52 50.07
CA THR D 322 -20.93 -104.03 50.20
C THR D 322 -20.71 -103.27 48.88
N ILE D 323 -21.40 -102.14 48.68
CA ILE D 323 -21.24 -101.26 47.47
C ILE D 323 -20.79 -99.85 47.89
N ALA D 324 -19.78 -99.28 47.23
CA ALA D 324 -19.22 -97.95 47.59
C ALA D 324 -18.88 -97.08 46.38
N ASN D 325 -18.88 -95.77 46.56
CA ASN D 325 -18.43 -94.83 45.49
C ASN D 325 -16.92 -94.82 45.27
N ASN D 326 -16.46 -94.79 44.02
CA ASN D 326 -15.01 -94.55 43.74
C ASN D 326 -14.93 -93.21 43.00
N LEU D 327 -14.43 -92.17 43.63
CA LEU D 327 -14.28 -90.78 43.08
C LEU D 327 -13.28 -90.65 41.92
N THR D 328 -12.17 -91.37 41.99
CA THR D 328 -11.06 -91.24 41.00
C THR D 328 -11.22 -92.13 39.76
N SER D 329 -12.22 -93.02 39.69
CA SER D 329 -12.50 -93.89 38.52
C SER D 329 -13.06 -93.15 37.28
N THR D 330 -12.82 -93.66 36.08
CA THR D 330 -13.22 -92.99 34.80
C THR D 330 -14.14 -93.81 33.91
N VAL D 331 -14.88 -93.13 33.06
CA VAL D 331 -15.73 -93.75 32.00
C VAL D 331 -15.16 -93.23 30.66
N GLN D 332 -15.17 -94.04 29.60
CA GLN D 332 -14.66 -93.67 28.24
C GLN D 332 -15.78 -93.61 27.17
N VAL D 333 -15.87 -92.51 26.43
CA VAL D 333 -16.98 -92.26 25.44
C VAL D 333 -16.44 -91.82 24.06
N PHE D 334 -16.99 -92.34 22.97
CA PHE D 334 -16.66 -91.91 21.57
C PHE D 334 -17.84 -92.05 20.58
N THR D 335 -17.78 -91.32 19.48
CA THR D 335 -18.78 -91.44 18.37
C THR D 335 -18.06 -91.90 17.09
N ASP D 336 -18.62 -92.86 16.37
CA ASP D 336 -18.04 -93.37 15.07
C ASP D 336 -18.49 -92.52 13.88
N ASP D 337 -17.92 -91.35 13.71
CA ASP D 337 -18.30 -90.35 12.66
C ASP D 337 -18.08 -90.78 11.19
N ASP D 338 -17.01 -91.50 10.85
CA ASP D 338 -16.66 -91.91 9.46
C ASP D 338 -17.21 -93.29 9.09
N TYR D 339 -17.98 -93.96 9.93
CA TYR D 339 -18.68 -95.25 9.65
C TYR D 339 -17.69 -96.39 9.41
N GLN D 340 -16.53 -96.34 10.04
CA GLN D 340 -15.51 -97.41 10.00
C GLN D 340 -16.00 -98.72 10.65
N LEU D 341 -16.72 -98.63 11.75
CA LEU D 341 -17.28 -99.81 12.46
C LEU D 341 -18.52 -100.41 11.80
N PRO D 342 -18.79 -101.71 12.01
CA PRO D 342 -20.06 -102.25 11.59
C PRO D 342 -21.25 -101.59 12.33
N TYR D 343 -22.32 -101.20 11.63
CA TYR D 343 -23.47 -100.46 12.23
C TYR D 343 -24.62 -101.43 12.55
N VAL D 344 -24.88 -101.61 13.82
CA VAL D 344 -25.89 -102.62 14.27
C VAL D 344 -27.19 -101.93 14.72
N VAL D 345 -27.26 -100.59 14.70
CA VAL D 345 -28.42 -99.80 15.23
C VAL D 345 -29.77 -100.02 14.48
N GLY D 346 -29.83 -100.20 13.18
CA GLY D 346 -31.11 -100.20 12.39
C GLY D 346 -31.75 -101.54 12.11
N ASN D 347 -31.52 -102.58 12.91
CA ASN D 347 -31.94 -103.99 12.67
C ASN D 347 -33.07 -104.50 13.59
N GLY D 348 -33.93 -103.64 14.20
CA GLY D 348 -35.06 -104.00 15.09
C GLY D 348 -34.72 -104.72 16.37
N THR D 349 -33.62 -104.35 17.00
CA THR D 349 -33.15 -104.99 18.24
C THR D 349 -33.51 -104.20 19.49
N GLU D 350 -33.62 -104.89 20.61
CA GLU D 350 -33.91 -104.31 21.96
C GLU D 350 -32.76 -103.54 22.61
N GLY D 351 -33.02 -102.75 23.64
CA GLY D 351 -32.02 -101.85 24.29
C GLY D 351 -32.11 -100.37 24.02
N CYS D 352 -33.13 -99.88 23.32
CA CYS D 352 -33.40 -98.44 23.10
C CYS D 352 -33.92 -97.75 24.38
N LEU D 353 -33.87 -96.42 24.43
CA LEU D 353 -34.39 -95.66 25.59
C LEU D 353 -35.89 -95.99 25.78
N PRO D 354 -36.34 -96.13 27.04
CA PRO D 354 -37.73 -96.50 27.31
C PRO D 354 -38.87 -95.53 26.95
N ALA D 355 -40.06 -96.06 26.63
CA ALA D 355 -41.28 -95.25 26.31
C ALA D 355 -41.69 -94.37 27.50
N PHE D 356 -41.60 -94.86 28.74
CA PHE D 356 -42.05 -94.12 29.95
C PHE D 356 -40.85 -93.46 30.60
N PRO D 357 -40.83 -92.10 30.79
CA PRO D 357 -39.70 -91.36 31.36
C PRO D 357 -39.08 -91.78 32.70
N PRO D 358 -39.84 -92.18 33.74
CA PRO D 358 -39.34 -92.70 35.01
C PRO D 358 -38.56 -94.05 34.97
N GLN D 359 -38.78 -94.88 33.97
CA GLN D 359 -38.12 -96.22 33.85
C GLN D 359 -36.59 -96.12 33.71
N VAL D 360 -35.88 -97.02 34.38
CA VAL D 360 -34.38 -96.99 34.39
C VAL D 360 -33.89 -98.20 33.57
N PHE D 361 -32.91 -97.99 32.70
CA PHE D 361 -32.52 -99.07 31.75
C PHE D 361 -31.03 -99.47 31.69
N THR D 362 -30.80 -100.76 31.43
CA THR D 362 -29.45 -101.29 31.16
C THR D 362 -29.04 -101.10 29.70
N LEU D 363 -27.83 -100.59 29.43
CA LEU D 363 -27.28 -100.49 28.05
C LEU D 363 -26.93 -101.84 27.44
N PRO D 364 -27.24 -102.04 26.14
CA PRO D 364 -26.82 -103.25 25.43
C PRO D 364 -25.30 -103.41 25.17
N GLN D 365 -24.79 -104.64 25.20
CA GLN D 365 -23.37 -104.91 24.83
C GLN D 365 -23.16 -104.94 23.30
N TYR D 366 -22.12 -104.27 22.80
CA TYR D 366 -21.72 -104.28 21.36
C TYR D 366 -21.06 -105.60 20.89
N GLY D 367 -21.40 -106.04 19.69
CA GLY D 367 -20.90 -107.26 19.07
C GLY D 367 -21.18 -107.17 17.60
N TYR D 368 -20.58 -108.04 16.79
CA TYR D 368 -20.80 -108.07 15.31
C TYR D 368 -20.52 -109.43 14.73
N ALA D 369 -21.07 -109.69 13.55
CA ALA D 369 -20.73 -110.89 12.76
C ALA D 369 -19.92 -110.48 11.54
N THR D 370 -18.80 -111.16 11.27
CA THR D 370 -18.00 -110.99 10.02
C THR D 370 -18.30 -112.17 9.11
N LEU D 371 -17.42 -112.49 8.18
CA LEU D 371 -17.55 -113.65 7.27
C LEU D 371 -17.36 -115.03 7.92
N ASN D 372 -18.07 -116.03 7.42
CA ASN D 372 -18.00 -117.42 7.92
C ASN D 372 -17.76 -118.30 6.69
N ARG D 373 -17.11 -119.45 6.86
CA ARG D 373 -16.72 -120.27 5.68
C ARG D 373 -17.65 -121.48 5.44
N ASP D 374 -18.23 -121.58 4.25
CA ASP D 374 -19.09 -122.72 3.80
C ASP D 374 -20.30 -123.02 4.70
N ASN D 375 -20.99 -122.00 5.22
CA ASN D 375 -22.17 -122.17 6.13
C ASN D 375 -21.76 -122.99 7.38
N THR D 376 -20.58 -122.69 7.96
CA THR D 376 -20.02 -123.34 9.17
C THR D 376 -19.52 -122.27 10.16
N GLU D 377 -19.13 -122.62 11.40
CA GLU D 377 -18.65 -121.67 12.44
C GLU D 377 -17.24 -121.09 12.19
N ASN D 378 -16.45 -121.68 11.28
CA ASN D 378 -15.09 -121.24 10.92
C ASN D 378 -14.99 -119.92 10.13
N PRO D 379 -13.93 -119.13 10.36
CA PRO D 379 -13.61 -117.94 9.56
C PRO D 379 -12.92 -118.09 8.17
N THR D 380 -12.80 -117.00 7.43
CA THR D 380 -12.16 -116.91 6.10
C THR D 380 -11.01 -115.93 6.18
N GLU D 381 -10.12 -115.89 5.19
CA GLU D 381 -9.00 -114.90 5.09
C GLU D 381 -9.53 -113.47 4.98
N ARG D 382 -10.64 -113.24 4.30
CA ARG D 382 -11.35 -111.93 4.20
C ARG D 382 -11.97 -111.49 5.55
N SER D 383 -12.22 -112.39 6.50
CA SER D 383 -12.85 -112.09 7.81
C SER D 383 -12.02 -111.07 8.61
N SER D 384 -12.67 -110.10 9.24
CA SER D 384 -12.03 -108.90 9.87
C SER D 384 -12.24 -108.75 11.39
N PHE D 385 -11.20 -108.28 12.07
CA PHE D 385 -11.26 -107.97 13.52
C PHE D 385 -11.15 -106.45 13.69
N PHE D 386 -12.01 -105.89 14.51
CA PHE D 386 -11.97 -104.44 14.81
C PHE D 386 -11.75 -104.20 16.30
N CYS D 387 -10.77 -103.36 16.66
CA CYS D 387 -10.50 -102.92 18.06
C CYS D 387 -11.09 -101.50 18.31
N LEU D 388 -11.95 -101.33 19.31
CA LEU D 388 -12.55 -100.02 19.73
C LEU D 388 -11.50 -99.08 20.36
N GLU D 389 -10.53 -99.64 21.10
CA GLU D 389 -9.46 -98.89 21.80
C GLU D 389 -8.50 -98.24 20.80
N TYR D 390 -8.47 -98.71 19.56
CA TYR D 390 -7.68 -98.09 18.45
C TYR D 390 -8.21 -96.68 18.14
N PHE D 391 -9.50 -96.42 18.19
CA PHE D 391 -10.08 -95.06 18.03
C PHE D 391 -9.78 -94.15 19.22
N PRO D 392 -9.65 -92.81 19.05
CA PRO D 392 -9.61 -91.90 20.20
C PRO D 392 -10.95 -91.70 21.02
N SER D 393 -10.89 -91.64 22.37
CA SER D 393 -12.09 -91.46 23.24
C SER D 393 -11.92 -90.41 24.35
N LYS D 394 -12.99 -89.71 24.73
CA LYS D 394 -12.98 -88.81 25.90
C LYS D 394 -12.98 -89.61 27.22
N MET D 395 -12.25 -89.16 28.24
CA MET D 395 -12.22 -89.82 29.57
C MET D 395 -12.94 -88.94 30.60
N LEU D 396 -13.90 -89.51 31.33
CA LEU D 396 -14.70 -88.70 32.29
C LEU D 396 -14.68 -89.19 33.74
N ARG D 397 -14.40 -88.30 34.67
CA ARG D 397 -14.59 -88.53 36.12
C ARG D 397 -16.02 -88.01 36.51
N THR D 398 -16.43 -88.09 37.78
CA THR D 398 -17.76 -87.66 38.33
C THR D 398 -18.14 -86.22 38.02
N GLY D 399 -17.22 -85.26 38.02
CA GLY D 399 -17.39 -83.85 37.57
C GLY D 399 -17.68 -83.64 36.10
N ASN D 400 -17.12 -84.44 35.20
CA ASN D 400 -17.14 -84.31 33.71
C ASN D 400 -18.43 -84.64 32.94
N ASN D 401 -18.61 -84.07 31.74
CA ASN D 401 -19.80 -84.27 30.87
C ASN D 401 -19.37 -84.43 29.39
N PHE D 402 -20.22 -85.04 28.53
CA PHE D 402 -19.97 -85.17 27.07
C PHE D 402 -21.15 -84.63 26.23
N GLU D 403 -20.87 -83.94 25.13
CA GLU D 403 -21.94 -83.46 24.20
C GLU D 403 -21.66 -83.76 22.70
N PHE D 404 -22.69 -84.05 21.90
CA PHE D 404 -22.57 -84.25 20.42
C PHE D 404 -23.74 -83.56 19.65
N THR D 405 -23.51 -83.11 18.40
CA THR D 405 -24.57 -82.51 17.51
C THR D 405 -24.55 -83.17 16.13
N TYR D 406 -25.71 -83.42 15.52
CA TYR D 406 -25.82 -84.02 14.16
C TYR D 406 -26.88 -83.32 13.28
N ASN D 407 -26.68 -83.26 11.97
CA ASN D 407 -27.70 -82.76 10.99
C ASN D 407 -28.09 -83.88 10.03
N PHE D 408 -29.37 -84.08 9.83
CA PHE D 408 -29.87 -85.13 8.90
C PHE D 408 -29.72 -84.63 7.46
N GLU D 409 -29.47 -85.53 6.51
CA GLU D 409 -29.44 -85.22 5.06
C GLU D 409 -30.88 -84.96 4.54
N GLU D 410 -31.03 -84.27 3.41
CA GLU D 410 -32.38 -84.11 2.84
C GLU D 410 -33.00 -85.47 2.50
N VAL D 411 -34.24 -85.66 2.91
CA VAL D 411 -34.94 -86.97 2.75
C VAL D 411 -36.39 -86.62 2.39
N PRO D 412 -37.13 -87.47 1.66
CA PRO D 412 -38.56 -87.22 1.45
C PRO D 412 -39.45 -87.34 2.71
N PHE D 413 -40.50 -86.54 2.83
CA PHE D 413 -41.46 -86.62 3.97
C PHE D 413 -42.21 -87.95 3.96
N HIS D 414 -42.46 -88.57 5.11
CA HIS D 414 -43.34 -89.75 5.21
C HIS D 414 -44.78 -89.31 4.86
N SER D 415 -45.54 -90.18 4.20
CA SER D 415 -46.95 -89.85 3.84
C SER D 415 -47.96 -90.31 4.90
N SER D 416 -48.45 -89.40 5.73
CA SER D 416 -49.48 -89.67 6.76
C SER D 416 -50.90 -89.42 6.21
N PHE D 417 -51.33 -90.18 5.24
CA PHE D 417 -52.67 -90.02 4.63
C PHE D 417 -53.08 -91.33 3.98
N ALA D 418 -54.37 -91.50 3.78
CA ALA D 418 -54.92 -92.67 3.07
C ALA D 418 -55.58 -92.16 1.79
N PRO D 419 -55.41 -92.85 0.65
CA PRO D 419 -56.12 -92.49 -0.57
C PRO D 419 -57.66 -92.59 -0.55
N SER D 420 -58.32 -91.59 -1.10
CA SER D 420 -59.81 -91.56 -1.19
C SER D 420 -60.33 -92.09 -2.55
N GLN D 421 -59.44 -92.50 -3.47
CA GLN D 421 -59.85 -93.10 -4.77
C GLN D 421 -59.09 -94.37 -5.11
N ASN D 422 -59.74 -95.32 -5.79
CA ASN D 422 -59.11 -96.53 -6.38
C ASN D 422 -58.27 -96.14 -7.62
N LEU D 423 -57.12 -96.78 -7.84
CA LEU D 423 -56.17 -96.53 -8.96
C LEU D 423 -56.84 -96.82 -10.32
N PHE D 424 -57.68 -97.86 -10.39
CA PHE D 424 -58.41 -98.26 -11.62
C PHE D 424 -59.78 -97.54 -11.86
N LYS D 425 -60.28 -96.65 -10.99
CA LYS D 425 -61.62 -95.98 -11.11
C LYS D 425 -61.49 -94.44 -11.35
N LEU D 426 -60.48 -93.94 -12.06
CA LEU D 426 -60.20 -92.49 -12.22
C LEU D 426 -60.90 -91.78 -13.40
N ALA D 427 -61.50 -92.52 -14.33
CA ALA D 427 -62.29 -91.93 -15.42
C ALA D 427 -63.58 -91.32 -14.85
N ASN D 428 -64.10 -90.26 -15.46
CA ASN D 428 -65.39 -89.68 -15.02
C ASN D 428 -66.47 -90.77 -15.19
N PRO D 429 -67.33 -90.97 -14.18
CA PRO D 429 -68.42 -91.93 -14.24
C PRO D 429 -69.51 -91.62 -15.32
N LEU D 430 -69.88 -90.36 -15.56
CA LEU D 430 -70.82 -89.83 -16.59
C LEU D 430 -70.41 -89.98 -18.06
N VAL D 431 -69.13 -89.85 -18.40
CA VAL D 431 -68.68 -89.80 -19.83
C VAL D 431 -67.99 -91.06 -20.40
N ASP D 432 -68.38 -91.51 -21.58
CA ASP D 432 -67.72 -92.63 -22.34
C ASP D 432 -66.35 -92.28 -22.92
N GLN D 433 -65.47 -93.26 -23.03
CA GLN D 433 -64.15 -93.11 -23.70
C GLN D 433 -64.23 -93.06 -25.25
N TYR D 434 -63.32 -92.37 -25.94
CA TYR D 434 -63.24 -92.42 -27.43
C TYR D 434 -62.37 -93.64 -27.88
N LEU D 435 -62.32 -94.71 -27.11
CA LEU D 435 -61.43 -95.87 -27.35
C LEU D 435 -62.23 -97.16 -27.44
N TYR D 436 -61.72 -98.13 -28.19
CA TYR D 436 -62.48 -99.38 -28.46
C TYR D 436 -61.66 -100.62 -28.11
N ARG D 437 -62.35 -101.72 -27.82
CA ARG D 437 -61.70 -102.98 -27.40
C ARG D 437 -62.19 -104.16 -28.26
N PHE D 438 -61.35 -105.18 -28.39
CA PHE D 438 -61.76 -106.42 -29.10
C PHE D 438 -62.58 -107.28 -28.17
N VAL D 439 -63.74 -107.69 -28.64
CA VAL D 439 -64.60 -108.55 -27.81
C VAL D 439 -64.93 -109.90 -28.45
N SER D 440 -64.73 -110.05 -29.76
CA SER D 440 -65.30 -111.26 -30.43
C SER D 440 -64.73 -111.65 -31.80
N THR D 441 -65.02 -112.87 -32.19
CA THR D 441 -64.72 -113.36 -33.55
C THR D 441 -66.05 -113.93 -34.07
N ASN D 442 -66.38 -113.79 -35.34
CA ASN D 442 -67.63 -114.36 -35.97
C ASN D 442 -67.47 -115.84 -36.41
N ASN D 443 -68.47 -116.44 -37.08
CA ASN D 443 -68.45 -117.87 -37.49
C ASN D 443 -67.26 -118.10 -38.42
N THR D 444 -66.94 -117.18 -39.33
CA THR D 444 -65.65 -117.19 -40.06
C THR D 444 -64.85 -116.40 -39.07
N GLY D 445 -63.61 -116.73 -38.75
CA GLY D 445 -63.01 -116.04 -37.58
C GLY D 445 -62.61 -114.59 -37.78
N GLY D 446 -63.58 -113.69 -37.99
CA GLY D 446 -63.32 -112.26 -38.26
C GLY D 446 -63.48 -111.42 -37.02
N VAL D 447 -62.54 -110.54 -36.74
CA VAL D 447 -62.51 -109.73 -35.47
C VAL D 447 -63.64 -108.70 -35.34
N GLN D 448 -64.13 -108.51 -34.11
CA GLN D 448 -65.27 -107.59 -33.83
C GLN D 448 -64.91 -106.68 -32.65
N PHE D 449 -65.46 -105.46 -32.64
CA PHE D 449 -65.07 -104.44 -31.62
C PHE D 449 -66.28 -103.74 -30.98
N ASN D 450 -66.12 -103.26 -29.75
CA ASN D 450 -67.18 -102.49 -29.03
C ASN D 450 -66.55 -101.27 -28.38
N LYS D 451 -67.28 -100.17 -28.28
CA LYS D 451 -66.85 -98.94 -27.56
C LYS D 451 -66.85 -99.09 -26.03
N ASN D 452 -66.00 -98.33 -25.35
CA ASN D 452 -65.93 -98.39 -23.87
C ASN D 452 -66.92 -97.40 -23.25
N LEU D 453 -67.92 -97.91 -22.50
CA LEU D 453 -69.00 -97.10 -21.87
C LEU D 453 -68.64 -96.44 -20.53
N ALA D 454 -69.39 -95.41 -20.13
CA ALA D 454 -69.17 -94.70 -18.85
C ALA D 454 -69.38 -95.58 -17.62
N GLY D 455 -68.43 -95.55 -16.67
CA GLY D 455 -68.48 -96.31 -15.40
C GLY D 455 -68.08 -97.77 -15.50
N ARG D 456 -67.72 -98.27 -16.67
CA ARG D 456 -67.35 -99.70 -16.89
C ARG D 456 -65.83 -99.88 -16.62
N TYR D 457 -65.40 -99.85 -15.36
CA TYR D 457 -63.98 -99.86 -14.88
C TYR D 457 -63.29 -101.19 -15.23
N ALA D 458 -64.05 -102.26 -15.33
CA ALA D 458 -63.54 -103.56 -15.76
C ALA D 458 -62.94 -103.47 -17.18
N ASN D 459 -63.50 -102.68 -18.10
CA ASN D 459 -63.10 -102.62 -19.53
C ASN D 459 -62.50 -101.29 -20.02
N THR D 460 -61.78 -100.51 -19.25
CA THR D 460 -61.38 -99.12 -19.57
C THR D 460 -59.88 -99.10 -19.79
N TYR D 461 -59.38 -98.27 -20.69
CA TYR D 461 -57.93 -98.09 -20.93
C TYR D 461 -57.34 -97.44 -19.70
N LYS D 462 -56.15 -97.87 -19.29
CA LYS D 462 -55.51 -97.38 -18.03
C LYS D 462 -54.12 -96.79 -18.25
N ASN D 463 -53.83 -95.61 -17.75
CA ASN D 463 -52.46 -95.00 -17.71
C ASN D 463 -51.44 -95.65 -16.75
N TRP D 464 -51.86 -96.10 -15.57
CA TRP D 464 -50.94 -96.43 -14.47
C TRP D 464 -51.21 -97.80 -13.88
N PHE D 465 -50.18 -98.38 -13.29
CA PHE D 465 -50.26 -99.79 -12.83
C PHE D 465 -49.88 -99.87 -11.37
N PRO D 466 -50.40 -100.89 -10.66
CA PRO D 466 -50.04 -101.15 -9.28
C PRO D 466 -48.61 -101.66 -9.04
N GLY D 467 -48.11 -101.51 -7.81
CA GLY D 467 -46.74 -101.89 -7.42
C GLY D 467 -46.45 -103.39 -7.30
N PRO D 468 -45.16 -103.76 -7.18
CA PRO D 468 -44.75 -105.17 -7.18
C PRO D 468 -45.24 -106.12 -6.07
N MET D 469 -45.50 -107.37 -6.41
CA MET D 469 -46.09 -108.33 -5.45
C MET D 469 -45.43 -109.72 -5.42
N GLY D 470 -45.35 -110.41 -4.29
CA GLY D 470 -44.97 -111.84 -4.21
C GLY D 470 -45.98 -112.57 -3.34
N ARG D 471 -46.58 -113.69 -3.74
CA ARG D 471 -47.66 -114.32 -2.91
C ARG D 471 -47.18 -114.87 -1.53
N THR D 472 -47.91 -114.58 -0.44
CA THR D 472 -47.61 -115.01 0.94
C THR D 472 -48.86 -115.60 1.55
N GLN D 473 -48.75 -116.67 2.36
CA GLN D 473 -49.92 -117.40 2.90
C GLN D 473 -50.80 -116.53 3.83
N GLY D 474 -52.12 -116.70 3.75
CA GLY D 474 -53.08 -115.97 4.58
C GLY D 474 -53.67 -116.82 5.69
N TRP D 475 -53.68 -116.29 6.90
CA TRP D 475 -54.23 -117.00 8.09
C TRP D 475 -55.37 -116.20 8.75
N ASN D 476 -56.46 -116.86 9.08
CA ASN D 476 -57.63 -116.22 9.75
C ASN D 476 -57.34 -115.94 11.23
N LEU D 477 -57.89 -114.88 11.78
CA LEU D 477 -57.71 -114.45 13.19
C LEU D 477 -59.11 -114.34 13.80
N GLY D 478 -59.24 -114.34 15.12
CA GLY D 478 -60.58 -114.33 15.75
C GLY D 478 -61.39 -115.58 15.46
N SER D 479 -62.56 -115.43 14.85
CA SER D 479 -63.41 -116.59 14.51
C SER D 479 -62.65 -117.51 13.55
N GLY D 480 -61.90 -116.99 12.57
CA GLY D 480 -60.95 -117.86 11.83
C GLY D 480 -61.50 -119.05 11.11
N VAL D 481 -61.03 -120.26 11.41
CA VAL D 481 -61.37 -121.54 10.68
C VAL D 481 -60.15 -122.07 9.89
N ASN D 482 -58.91 -121.79 10.29
CA ASN D 482 -57.62 -122.30 9.68
C ASN D 482 -57.30 -123.78 9.92
N ARG D 483 -56.42 -124.39 9.11
CA ARG D 483 -55.96 -125.81 9.22
C ARG D 483 -55.19 -126.14 10.51
N ALA D 484 -55.47 -127.30 11.12
CA ALA D 484 -54.91 -127.74 12.43
C ALA D 484 -53.51 -128.38 12.43
N SER D 485 -52.79 -128.26 13.56
CA SER D 485 -51.48 -128.96 13.79
C SER D 485 -50.40 -128.69 12.75
N VAL D 486 -50.24 -127.46 12.31
CA VAL D 486 -49.26 -127.12 11.23
C VAL D 486 -47.92 -126.64 11.78
N SER D 487 -46.80 -127.10 11.22
CA SER D 487 -45.48 -126.51 11.54
C SER D 487 -45.20 -125.54 10.38
N ALA D 488 -45.09 -124.25 10.64
CA ALA D 488 -44.97 -123.17 9.62
C ALA D 488 -43.70 -123.15 8.74
N PHE D 489 -42.50 -123.47 9.21
CA PHE D 489 -41.21 -123.17 8.53
C PHE D 489 -40.98 -123.76 7.11
N ALA D 490 -41.34 -125.01 6.81
CA ALA D 490 -41.11 -125.63 5.50
C ALA D 490 -41.82 -124.88 4.37
N THR D 491 -43.03 -124.36 4.61
CA THR D 491 -43.85 -123.68 3.59
C THR D 491 -43.71 -122.17 3.60
N THR D 492 -42.82 -121.59 4.39
CA THR D 492 -42.57 -120.12 4.44
C THR D 492 -41.82 -119.58 3.23
N ASN D 493 -41.97 -118.28 2.92
CA ASN D 493 -41.24 -117.58 1.81
C ASN D 493 -39.74 -117.49 2.11
N ARG D 494 -38.89 -117.67 1.12
CA ARG D 494 -37.42 -117.69 1.34
C ARG D 494 -36.62 -117.08 0.20
N MET D 495 -35.42 -116.58 0.49
CA MET D 495 -34.46 -116.10 -0.54
C MET D 495 -33.14 -116.87 -0.29
N GLU D 496 -32.38 -117.22 -1.32
CA GLU D 496 -31.14 -118.03 -1.18
C GLU D 496 -29.89 -117.14 -1.30
N LEU D 497 -28.98 -117.15 -0.31
CA LEU D 497 -27.69 -116.41 -0.38
C LEU D 497 -26.53 -117.34 -0.02
N GLU D 498 -25.45 -117.41 -0.80
CA GLU D 498 -24.19 -118.16 -0.47
C GLU D 498 -24.42 -119.64 -0.13
N GLY D 499 -25.35 -120.33 -0.78
CA GLY D 499 -25.67 -121.72 -0.41
C GLY D 499 -26.62 -121.94 0.76
N ALA D 500 -27.26 -120.93 1.34
CA ALA D 500 -28.24 -121.18 2.43
C ALA D 500 -29.62 -120.55 2.15
N SER D 501 -30.70 -121.11 2.69
CA SER D 501 -32.09 -120.58 2.54
C SER D 501 -32.45 -119.71 3.73
N TYR D 502 -32.90 -118.51 3.48
CA TYR D 502 -33.22 -117.56 4.58
C TYR D 502 -34.66 -117.09 4.55
N GLN D 503 -35.31 -117.11 5.69
CA GLN D 503 -36.62 -116.44 5.79
C GLN D 503 -36.34 -114.94 5.71
N VAL D 504 -37.21 -114.18 5.07
CA VAL D 504 -37.08 -112.71 4.91
C VAL D 504 -38.42 -112.22 5.46
N PRO D 505 -38.58 -112.18 6.81
CA PRO D 505 -39.87 -111.95 7.45
C PRO D 505 -40.59 -110.67 7.17
N PRO D 506 -40.04 -109.45 7.01
CA PRO D 506 -40.88 -108.37 6.52
C PRO D 506 -40.81 -108.69 5.01
N GLN D 507 -41.91 -108.72 4.28
CA GLN D 507 -41.70 -108.92 2.81
C GLN D 507 -41.26 -107.57 2.17
N PRO D 508 -40.80 -107.49 0.90
CA PRO D 508 -40.51 -106.21 0.23
C PRO D 508 -41.74 -105.27 -0.05
N ASN D 509 -41.60 -103.94 -0.10
CA ASN D 509 -42.72 -102.95 -0.26
C ASN D 509 -43.62 -103.03 -1.51
N GLY D 510 -44.86 -102.50 -1.46
CA GLY D 510 -45.86 -102.52 -2.55
C GLY D 510 -47.03 -103.44 -2.40
N MET D 511 -47.19 -104.07 -1.24
CA MET D 511 -48.35 -104.96 -1.01
C MET D 511 -49.17 -104.55 0.23
N THR D 512 -50.39 -105.08 0.36
CA THR D 512 -51.21 -104.94 1.59
C THR D 512 -51.45 -106.32 2.21
N ASN D 513 -51.16 -106.53 3.49
CA ASN D 513 -51.45 -107.75 4.30
C ASN D 513 -52.94 -108.06 4.57
N ASN D 514 -53.79 -107.06 4.82
CA ASN D 514 -55.21 -107.27 5.24
C ASN D 514 -56.16 -106.42 4.37
N LEU D 515 -57.28 -106.99 3.91
CA LEU D 515 -58.33 -106.23 3.13
C LEU D 515 -59.15 -105.10 3.83
N GLN D 516 -59.63 -105.19 5.07
CA GLN D 516 -60.53 -104.20 5.77
C GLN D 516 -61.76 -105.01 6.17
N GLY D 517 -62.25 -104.85 7.40
CA GLY D 517 -63.21 -105.89 7.80
C GLY D 517 -62.30 -107.10 7.78
N SER D 518 -62.56 -108.13 6.99
CA SER D 518 -61.74 -109.38 6.88
C SER D 518 -60.79 -109.75 8.03
N ASN D 519 -60.79 -111.05 8.35
CA ASN D 519 -59.92 -111.60 9.43
C ASN D 519 -58.76 -112.37 8.80
N THR D 520 -58.56 -112.28 7.48
CA THR D 520 -57.40 -112.90 6.82
C THR D 520 -56.20 -111.94 6.83
N TYR D 521 -55.07 -112.44 7.29
CA TYR D 521 -53.83 -111.63 7.38
C TYR D 521 -52.72 -112.43 6.79
N ALA D 522 -51.89 -111.78 6.01
CA ALA D 522 -50.67 -112.50 5.58
C ALA D 522 -49.63 -112.22 6.67
N LEU D 523 -49.35 -113.19 7.54
CA LEU D 523 -48.50 -113.05 8.77
C LEU D 523 -47.03 -112.66 8.51
N GLU D 524 -46.41 -113.18 7.44
CA GLU D 524 -45.01 -112.87 7.09
C GLU D 524 -44.90 -111.48 6.41
N ASN D 525 -45.98 -110.80 6.09
CA ASN D 525 -45.98 -109.40 5.57
C ASN D 525 -46.36 -108.40 6.70
N THR D 526 -46.48 -108.82 7.94
CA THR D 526 -46.97 -107.93 9.04
C THR D 526 -45.94 -107.73 10.13
N MET D 527 -45.79 -106.50 10.63
CA MET D 527 -44.99 -106.23 11.84
C MET D 527 -45.77 -106.74 13.08
N ILE D 528 -45.16 -107.61 13.88
CA ILE D 528 -45.78 -108.14 15.13
C ILE D 528 -44.97 -107.67 16.35
N PHE D 529 -45.65 -107.13 17.36
CA PHE D 529 -45.01 -106.52 18.56
C PHE D 529 -45.65 -107.08 19.81
N ASN D 530 -44.96 -106.96 20.95
CA ASN D 530 -45.49 -107.35 22.28
C ASN D 530 -45.84 -106.08 23.06
N SER D 531 -46.98 -106.05 23.75
CA SER D 531 -47.37 -104.90 24.62
C SER D 531 -46.36 -104.72 25.76
N GLN D 532 -45.87 -105.82 26.35
CA GLN D 532 -44.93 -105.80 27.48
C GLN D 532 -43.54 -106.26 27.05
N PRO D 533 -42.43 -105.74 27.64
CA PRO D 533 -41.09 -106.22 27.37
C PRO D 533 -40.86 -107.66 27.87
N ALA D 534 -39.95 -108.38 27.22
CA ALA D 534 -39.73 -109.82 27.53
C ALA D 534 -38.33 -110.09 28.05
N ASN D 535 -38.20 -111.15 28.84
CA ASN D 535 -36.87 -111.62 29.33
C ASN D 535 -36.07 -112.21 28.16
N PRO D 536 -34.73 -112.08 28.15
CA PRO D 536 -33.92 -112.67 27.10
C PRO D 536 -33.92 -114.19 26.97
N GLY D 537 -33.98 -114.70 25.73
CA GLY D 537 -33.92 -116.14 25.46
C GLY D 537 -35.23 -116.89 25.63
N THR D 538 -36.33 -116.19 25.83
CA THR D 538 -37.62 -116.87 26.08
C THR D 538 -37.98 -117.76 24.88
N THR D 539 -38.48 -118.97 25.13
CA THR D 539 -38.96 -119.89 24.07
C THR D 539 -40.45 -120.12 24.23
N ALA D 540 -41.14 -119.33 25.05
CA ALA D 540 -42.59 -119.49 25.33
C ALA D 540 -43.51 -119.27 24.12
N THR D 541 -44.57 -120.07 23.99
CA THR D 541 -45.58 -119.85 22.94
C THR D 541 -46.44 -118.65 23.27
N TYR D 542 -46.80 -117.85 22.28
CA TYR D 542 -47.69 -116.68 22.48
C TYR D 542 -48.91 -116.81 21.59
N LEU D 543 -50.08 -116.65 22.17
CA LEU D 543 -51.36 -116.59 21.42
C LEU D 543 -51.62 -115.16 20.89
N GLU D 544 -52.61 -114.98 20.04
CA GLU D 544 -52.96 -113.69 19.38
C GLU D 544 -53.34 -112.56 20.37
N GLY D 545 -54.03 -112.87 21.48
CA GLY D 545 -54.45 -111.86 22.46
C GLY D 545 -53.28 -111.15 23.09
N ASN D 546 -52.18 -111.83 23.39
CA ASN D 546 -50.93 -111.17 23.85
C ASN D 546 -50.31 -110.26 22.79
N MET D 547 -50.36 -110.60 21.50
CA MET D 547 -49.63 -109.86 20.45
C MET D 547 -50.29 -108.57 19.93
N LEU D 548 -49.49 -107.62 19.45
CA LEU D 548 -50.04 -106.40 18.79
C LEU D 548 -49.80 -106.60 17.29
N ILE D 549 -50.86 -106.74 16.48
CA ILE D 549 -50.73 -107.07 15.02
C ILE D 549 -51.20 -105.88 14.17
N THR D 550 -50.35 -105.38 13.31
CA THR D 550 -50.61 -104.23 12.40
C THR D 550 -51.40 -104.60 11.14
N SER D 551 -52.11 -103.64 10.57
CA SER D 551 -52.89 -103.81 9.30
C SER D 551 -52.48 -102.69 8.35
N GLU D 552 -52.39 -102.96 7.06
CA GLU D 552 -52.01 -101.99 6.01
C GLU D 552 -53.23 -101.71 5.12
N SER D 553 -54.45 -101.90 5.60
CA SER D 553 -55.72 -101.83 4.82
C SER D 553 -55.96 -100.46 4.17
N GLU D 554 -55.42 -99.36 4.68
CA GLU D 554 -55.51 -97.99 4.11
C GLU D 554 -54.88 -97.93 2.69
N THR D 555 -53.81 -98.67 2.41
CA THR D 555 -53.07 -98.68 1.13
C THR D 555 -53.71 -99.57 0.08
N GLN D 556 -54.81 -100.27 0.37
CA GLN D 556 -55.48 -101.25 -0.52
C GLN D 556 -55.97 -100.61 -1.85
N PRO D 557 -56.47 -99.35 -1.93
CA PRO D 557 -56.76 -98.70 -3.21
C PRO D 557 -55.61 -98.68 -4.24
N VAL D 558 -54.32 -98.65 -3.85
CA VAL D 558 -53.12 -98.79 -4.74
C VAL D 558 -52.21 -100.01 -4.50
N ASN D 559 -52.42 -100.86 -3.50
CA ASN D 559 -51.45 -101.95 -3.20
C ASN D 559 -52.15 -103.29 -3.33
N ARG D 560 -51.53 -104.22 -4.05
CA ARG D 560 -52.12 -105.57 -4.24
C ARG D 560 -52.11 -106.41 -2.94
N VAL D 561 -53.11 -107.26 -2.76
CA VAL D 561 -53.17 -108.18 -1.59
C VAL D 561 -52.17 -109.35 -1.70
N ALA D 562 -51.38 -109.59 -0.64
CA ALA D 562 -50.32 -110.64 -0.56
C ALA D 562 -50.85 -112.08 -0.67
N TYR D 563 -51.96 -112.39 -0.02
CA TYR D 563 -52.55 -113.77 -0.02
C TYR D 563 -53.04 -114.17 -1.45
N ASN D 564 -53.59 -113.26 -2.23
CA ASN D 564 -54.17 -113.54 -3.58
C ASN D 564 -53.14 -113.60 -4.74
N VAL D 565 -53.48 -114.24 -5.87
CA VAL D 565 -52.68 -114.20 -7.14
C VAL D 565 -52.70 -112.78 -7.76
N GLY D 566 -51.60 -112.31 -8.37
CA GLY D 566 -51.47 -110.99 -9.04
C GLY D 566 -52.30 -110.68 -10.28
N GLY D 567 -52.49 -111.62 -11.21
CA GLY D 567 -53.15 -111.36 -12.50
C GLY D 567 -53.01 -112.54 -13.42
N GLN D 568 -53.36 -112.38 -14.70
CA GLN D 568 -53.24 -113.45 -15.74
C GLN D 568 -52.53 -112.94 -17.02
N MET D 569 -51.79 -113.79 -17.75
CA MET D 569 -51.10 -113.47 -19.02
C MET D 569 -51.33 -114.60 -20.05
N ALA D 570 -51.16 -114.35 -21.35
CA ALA D 570 -51.31 -115.35 -22.44
C ALA D 570 -50.23 -116.46 -22.43
N THR D 571 -50.64 -117.70 -22.64
CA THR D 571 -49.73 -118.87 -22.60
C THR D 571 -49.63 -119.60 -23.94
N ASN D 572 -50.24 -119.11 -25.01
CA ASN D 572 -50.33 -119.88 -26.28
C ASN D 572 -50.57 -118.96 -27.48
N ASN D 573 -50.55 -119.52 -28.68
CA ASN D 573 -50.96 -118.77 -29.89
C ASN D 573 -52.27 -119.39 -30.38
N GLN D 574 -53.32 -118.58 -30.58
CA GLN D 574 -54.65 -119.04 -31.10
C GLN D 574 -54.53 -119.40 -32.60
N SER D 575 -55.37 -120.33 -33.07
CA SER D 575 -55.38 -120.78 -34.48
C SER D 575 -56.78 -121.32 -34.75
N SER D 576 -57.15 -121.60 -35.99
CA SER D 576 -58.46 -122.23 -36.22
C SER D 576 -58.52 -123.55 -35.48
N THR D 577 -57.46 -124.36 -35.48
CA THR D 577 -57.35 -125.59 -34.67
C THR D 577 -57.32 -125.34 -33.17
N THR D 578 -56.66 -124.29 -32.68
CA THR D 578 -56.46 -124.10 -31.21
C THR D 578 -57.15 -122.90 -30.60
N ALA D 579 -57.91 -123.12 -29.52
CA ALA D 579 -58.54 -122.04 -28.73
C ALA D 579 -57.50 -121.24 -27.92
N PRO D 580 -57.72 -119.94 -27.67
CA PRO D 580 -56.83 -119.15 -26.81
C PRO D 580 -56.79 -119.56 -25.31
N ALA D 581 -55.64 -119.44 -24.64
CA ALA D 581 -55.45 -119.86 -23.23
C ALA D 581 -54.73 -118.80 -22.38
N THR D 582 -55.02 -118.75 -21.08
CA THR D 582 -54.34 -117.81 -20.14
C THR D 582 -53.79 -118.56 -18.95
N GLY D 583 -52.81 -117.97 -18.26
CA GLY D 583 -52.31 -118.55 -16.99
C GLY D 583 -52.13 -117.51 -15.90
N THR D 584 -52.45 -117.84 -14.65
CA THR D 584 -52.19 -116.94 -13.47
C THR D 584 -50.72 -116.87 -13.07
N TYR D 585 -50.28 -115.77 -12.50
CA TYR D 585 -48.89 -115.59 -11.98
C TYR D 585 -48.91 -115.33 -10.44
N ASN D 586 -47.93 -115.83 -9.67
CA ASN D 586 -47.83 -115.66 -8.18
C ASN D 586 -46.84 -114.55 -7.79
N LEU D 587 -46.06 -114.05 -8.74
CA LEU D 587 -45.08 -112.97 -8.47
C LEU D 587 -44.93 -112.00 -9.66
N GLN D 588 -44.70 -110.73 -9.41
CA GLN D 588 -44.39 -109.74 -10.48
C GLN D 588 -43.49 -108.67 -9.86
N GLU D 589 -42.68 -108.00 -10.65
CA GLU D 589 -41.70 -107.01 -10.14
C GLU D 589 -41.98 -105.68 -10.83
N ILE D 590 -41.14 -104.68 -10.66
CA ILE D 590 -41.37 -103.30 -11.18
C ILE D 590 -41.51 -103.22 -12.71
N VAL D 591 -42.45 -102.43 -13.16
CA VAL D 591 -42.73 -102.20 -14.61
C VAL D 591 -42.80 -100.68 -14.76
N PRO D 592 -42.52 -100.10 -15.93
CA PRO D 592 -42.68 -98.65 -16.10
C PRO D 592 -44.14 -98.18 -15.93
N GLY D 593 -44.38 -97.03 -15.30
CA GLY D 593 -45.73 -96.56 -14.96
C GLY D 593 -46.29 -97.12 -13.66
N SER D 594 -45.48 -97.83 -12.88
CA SER D 594 -45.82 -98.42 -11.56
C SER D 594 -45.95 -97.38 -10.43
N VAL D 595 -47.00 -97.48 -9.62
CA VAL D 595 -47.24 -96.58 -8.45
C VAL D 595 -47.55 -97.45 -7.21
N TRP D 596 -47.07 -97.07 -6.03
CA TRP D 596 -47.35 -97.80 -4.76
C TRP D 596 -47.20 -96.89 -3.54
N MET D 597 -47.66 -97.35 -2.40
CA MET D 597 -47.47 -96.66 -1.09
C MET D 597 -46.51 -97.48 -0.20
N GLU D 598 -45.54 -96.82 0.44
CA GLU D 598 -44.60 -97.45 1.40
C GLU D 598 -45.30 -97.81 2.74
N ARG D 599 -44.73 -98.74 3.49
CA ARG D 599 -45.26 -99.16 4.83
C ARG D 599 -45.35 -98.00 5.84
N ASP D 600 -46.41 -98.00 6.65
CA ASP D 600 -46.65 -96.99 7.71
C ASP D 600 -45.71 -97.09 8.92
N VAL D 601 -45.36 -95.98 9.52
CA VAL D 601 -44.62 -95.93 10.82
C VAL D 601 -45.56 -96.15 12.02
N TYR D 602 -45.03 -96.63 13.13
CA TYR D 602 -45.80 -96.89 14.37
C TYR D 602 -45.06 -96.21 15.52
N LEU D 603 -45.77 -95.85 16.59
CA LEU D 603 -45.13 -95.25 17.80
C LEU D 603 -44.15 -96.27 18.43
N GLN D 604 -44.50 -97.54 18.50
CA GLN D 604 -43.65 -98.69 18.94
C GLN D 604 -42.48 -98.97 17.97
N GLY D 605 -42.58 -98.63 16.68
CA GLY D 605 -41.57 -98.87 15.64
C GLY D 605 -40.33 -98.01 15.47
N PRO D 606 -39.35 -98.47 14.64
CA PRO D 606 -38.16 -97.67 14.26
C PRO D 606 -38.18 -96.47 13.30
N ILE D 607 -37.48 -95.38 13.58
CA ILE D 607 -37.29 -94.21 12.62
C ILE D 607 -36.40 -94.43 11.36
N TRP D 608 -35.22 -95.03 11.48
CA TRP D 608 -34.25 -95.05 10.36
C TRP D 608 -33.50 -96.37 10.15
N ALA D 609 -32.90 -96.55 8.99
CA ALA D 609 -32.02 -97.70 8.68
C ALA D 609 -30.86 -97.17 7.82
N LYS D 610 -29.69 -97.78 7.95
CA LYS D 610 -28.52 -97.42 7.10
C LYS D 610 -28.56 -98.15 5.75
N ILE D 611 -28.40 -97.40 4.66
CA ILE D 611 -28.26 -98.03 3.32
C ILE D 611 -26.89 -98.73 3.24
N PRO D 612 -26.81 -100.01 2.79
CA PRO D 612 -25.54 -100.72 2.66
C PRO D 612 -24.63 -100.23 1.53
N GLU D 613 -23.31 -100.21 1.75
CA GLU D 613 -22.39 -99.64 0.72
C GLU D 613 -21.90 -100.72 -0.27
N THR D 614 -22.51 -100.81 -1.46
CA THR D 614 -22.17 -101.80 -2.49
C THR D 614 -21.79 -101.09 -3.76
N GLY D 615 -22.15 -99.83 -3.88
CA GLY D 615 -22.02 -99.04 -5.11
C GLY D 615 -23.23 -99.13 -6.03
N ALA D 616 -24.21 -100.01 -5.78
CA ALA D 616 -25.45 -100.07 -6.60
C ALA D 616 -26.69 -100.36 -5.75
N HIS D 617 -27.77 -99.63 -5.94
CA HIS D 617 -29.05 -99.88 -5.21
C HIS D 617 -30.24 -99.34 -6.01
N PHE D 618 -31.44 -99.82 -5.73
CA PHE D 618 -32.68 -99.26 -6.32
C PHE D 618 -33.66 -98.83 -5.24
N HIS D 619 -34.21 -97.61 -5.31
CA HIS D 619 -35.32 -97.11 -4.42
C HIS D 619 -35.09 -97.47 -2.95
N PRO D 620 -34.37 -96.62 -2.20
CA PRO D 620 -33.91 -97.03 -0.86
C PRO D 620 -34.74 -96.75 0.38
N SER D 621 -35.87 -97.43 0.43
CA SER D 621 -36.80 -97.31 1.57
C SER D 621 -36.76 -98.64 2.33
N PRO D 622 -36.46 -98.67 3.65
CA PRO D 622 -36.37 -99.94 4.37
C PRO D 622 -37.70 -100.71 4.56
N ALA D 623 -37.65 -102.04 4.53
CA ALA D 623 -38.87 -102.90 4.60
C ALA D 623 -39.66 -102.78 5.91
N MET D 624 -39.01 -102.68 7.07
CA MET D 624 -39.65 -102.51 8.40
C MET D 624 -40.39 -101.17 8.45
N GLY D 625 -39.90 -100.14 7.77
CA GLY D 625 -40.52 -98.80 7.74
C GLY D 625 -39.50 -97.72 8.02
N GLY D 626 -39.87 -96.45 7.88
CA GLY D 626 -38.96 -95.34 8.18
C GLY D 626 -38.12 -94.74 7.07
N PHE D 627 -37.03 -94.09 7.45
CA PHE D 627 -36.17 -93.32 6.51
C PHE D 627 -34.83 -94.03 6.27
N GLY D 628 -34.47 -94.19 5.00
CA GLY D 628 -33.22 -94.83 4.61
C GLY D 628 -32.15 -93.79 4.43
N LEU D 629 -31.05 -93.93 5.16
CA LEU D 629 -30.01 -92.87 5.14
C LEU D 629 -28.63 -93.37 4.72
N LYS D 630 -27.99 -92.70 3.78
CA LYS D 630 -26.56 -92.98 3.44
C LYS D 630 -25.65 -92.65 4.62
N HIS D 631 -25.88 -91.55 5.31
CA HIS D 631 -25.07 -91.14 6.49
C HIS D 631 -25.98 -91.02 7.70
N PRO D 632 -26.22 -92.13 8.42
CA PRO D 632 -27.09 -92.17 9.59
C PRO D 632 -26.56 -91.53 10.88
N PRO D 633 -27.41 -91.22 11.87
CA PRO D 633 -26.88 -90.69 13.11
C PRO D 633 -25.88 -91.73 13.66
N PRO D 634 -24.66 -91.31 14.09
CA PRO D 634 -23.61 -92.25 14.46
C PRO D 634 -23.64 -93.09 15.72
N MET D 635 -22.98 -94.25 15.70
CA MET D 635 -22.85 -95.14 16.89
C MET D 635 -22.12 -94.44 18.06
N MET D 636 -22.71 -94.53 19.27
CA MET D 636 -22.16 -93.92 20.49
C MET D 636 -21.76 -95.06 21.44
N LEU D 637 -20.50 -95.11 21.82
CA LEU D 637 -19.95 -96.26 22.59
C LEU D 637 -19.37 -95.80 23.94
N ILE D 638 -19.69 -96.52 25.00
CA ILE D 638 -19.23 -96.20 26.37
C ILE D 638 -18.65 -97.46 27.05
N LYS D 639 -17.54 -97.28 27.76
CA LYS D 639 -16.97 -98.41 28.55
C LYS D 639 -16.48 -97.96 29.94
N ASN D 640 -16.40 -98.87 30.88
CA ASN D 640 -15.76 -98.60 32.20
C ASN D 640 -14.26 -98.87 32.05
N THR D 641 -13.41 -97.94 32.46
CA THR D 641 -11.93 -98.14 32.42
C THR D 641 -11.51 -99.26 33.38
N PRO D 642 -10.64 -100.21 32.95
CA PRO D 642 -10.10 -101.22 33.84
C PRO D 642 -9.32 -100.63 35.03
N VAL D 643 -9.69 -101.07 36.22
CA VAL D 643 -8.93 -100.65 37.42
C VAL D 643 -8.34 -101.93 38.02
N PRO D 644 -7.00 -102.04 38.08
CA PRO D 644 -6.34 -103.23 38.64
C PRO D 644 -6.38 -103.61 40.12
N GLY D 645 -6.40 -104.90 40.45
CA GLY D 645 -6.27 -105.45 41.82
C GLY D 645 -4.82 -105.46 42.27
N ASN D 646 -4.52 -105.79 43.51
CA ASN D 646 -3.12 -105.64 44.01
C ASN D 646 -2.13 -106.57 43.28
N ILE D 647 -1.06 -105.98 42.73
CA ILE D 647 -0.01 -106.78 42.02
C ILE D 647 1.31 -106.51 42.74
N THR D 648 2.02 -107.54 43.16
CA THR D 648 3.25 -107.36 43.98
C THR D 648 4.51 -107.75 43.21
N SER D 649 4.38 -108.39 42.07
CA SER D 649 5.55 -108.90 41.30
C SER D 649 5.43 -108.56 39.81
N PHE D 650 6.54 -108.41 39.09
CA PHE D 650 6.57 -108.18 37.63
C PHE D 650 6.30 -109.42 36.76
N SER D 651 5.47 -109.28 35.73
CA SER D 651 5.34 -110.36 34.71
C SER D 651 5.19 -109.71 33.33
N ASP D 652 5.73 -110.32 32.29
CA ASP D 652 5.45 -109.94 30.87
C ASP D 652 3.98 -110.26 30.58
N VAL D 653 3.44 -111.35 31.15
CA VAL D 653 2.03 -111.77 30.92
C VAL D 653 1.06 -110.69 31.43
N PRO D 654 0.02 -110.30 30.64
CA PRO D 654 -0.94 -109.28 31.03
C PRO D 654 -1.80 -109.53 32.26
N VAL D 655 -2.10 -108.48 33.02
CA VAL D 655 -2.92 -108.62 34.25
C VAL D 655 -4.36 -109.07 33.93
N SER D 656 -4.82 -110.06 34.69
CA SER D 656 -6.18 -110.62 34.57
C SER D 656 -7.00 -110.34 35.85
N SER D 657 -6.44 -109.63 36.82
CA SER D 657 -7.13 -109.39 38.12
C SER D 657 -7.49 -107.90 38.25
N PHE D 658 -8.77 -107.61 38.42
CA PHE D 658 -9.26 -106.21 38.41
C PHE D 658 -10.29 -106.02 39.50
N ILE D 659 -10.41 -104.82 40.05
CA ILE D 659 -11.53 -104.54 41.00
C ILE D 659 -12.90 -104.53 40.26
N THR D 660 -13.98 -105.08 40.83
CA THR D 660 -15.35 -105.11 40.21
C THR D 660 -16.07 -103.77 40.33
N GLN D 661 -16.57 -103.24 39.21
CA GLN D 661 -17.15 -101.86 39.15
C GLN D 661 -18.33 -101.73 38.18
N TYR D 662 -19.21 -100.75 38.37
CA TYR D 662 -20.36 -100.45 37.46
C TYR D 662 -20.52 -98.93 37.40
N SER D 663 -21.18 -98.43 36.35
CA SER D 663 -21.43 -96.97 36.22
C SER D 663 -22.92 -96.62 36.03
N THR D 664 -23.30 -95.42 36.43
CA THR D 664 -24.69 -94.93 36.29
C THR D 664 -24.69 -93.44 35.91
N GLY D 665 -25.73 -92.94 35.23
CA GLY D 665 -25.84 -91.52 34.87
C GLY D 665 -27.13 -91.13 34.20
N GLN D 666 -27.18 -89.92 33.65
CA GLN D 666 -28.35 -89.38 32.88
C GLN D 666 -27.99 -89.05 31.42
N VAL D 667 -28.90 -89.33 30.49
CA VAL D 667 -28.72 -88.98 29.04
C VAL D 667 -29.90 -88.11 28.55
N THR D 668 -29.61 -87.05 27.80
CA THR D 668 -30.64 -86.21 27.17
C THR D 668 -30.54 -86.25 25.65
N VAL D 669 -31.65 -86.48 24.92
CA VAL D 669 -31.71 -86.39 23.43
C VAL D 669 -32.71 -85.30 22.97
N GLU D 670 -32.28 -84.39 22.11
CA GLU D 670 -33.14 -83.32 21.55
C GLU D 670 -33.24 -83.52 20.02
N MET D 671 -34.47 -83.55 19.50
CA MET D 671 -34.70 -83.76 18.04
C MET D 671 -35.63 -82.70 17.45
N GLU D 672 -35.30 -82.25 16.23
CA GLU D 672 -36.16 -81.29 15.49
C GLU D 672 -36.85 -81.99 14.31
N TRP D 673 -38.14 -81.71 14.12
CA TRP D 673 -38.94 -82.35 13.05
C TRP D 673 -39.59 -81.28 12.16
N GLU D 674 -39.64 -81.53 10.86
CA GLU D 674 -40.36 -80.64 9.90
C GLU D 674 -41.72 -81.26 9.56
N LEU D 675 -42.76 -80.44 9.57
CA LEU D 675 -44.18 -80.88 9.36
C LEU D 675 -44.76 -80.40 8.02
N LYS D 676 -45.55 -81.24 7.37
CA LYS D 676 -46.30 -80.79 6.16
C LYS D 676 -47.79 -80.66 6.52
N LYS D 677 -48.35 -79.47 6.35
CA LYS D 677 -49.79 -79.15 6.62
C LYS D 677 -50.83 -79.75 5.66
N GLU D 678 -51.97 -80.16 6.18
CA GLU D 678 -53.12 -80.59 5.35
C GLU D 678 -53.75 -79.38 4.61
N ASN D 679 -54.16 -79.53 3.36
CA ASN D 679 -54.83 -78.48 2.54
C ASN D 679 -56.13 -79.05 1.93
N SER D 680 -56.91 -79.84 2.65
CA SER D 680 -58.12 -80.54 2.15
C SER D 680 -59.34 -79.66 1.80
N LYS D 681 -60.09 -80.01 0.75
CA LYS D 681 -61.36 -79.35 0.40
C LYS D 681 -62.57 -80.29 0.68
N ARG D 682 -62.38 -81.43 1.35
CA ARG D 682 -63.46 -82.39 1.76
C ARG D 682 -64.51 -81.79 2.74
N TRP D 683 -65.78 -81.69 2.34
CA TRP D 683 -66.89 -81.13 3.13
C TRP D 683 -67.29 -81.93 4.39
N ASN D 684 -67.38 -83.23 4.25
CA ASN D 684 -67.77 -84.17 5.33
C ASN D 684 -66.65 -84.41 6.35
N PRO D 685 -66.99 -84.78 7.60
CA PRO D 685 -65.99 -85.13 8.60
C PRO D 685 -65.13 -86.40 8.40
N GLU D 686 -63.85 -86.31 8.71
CA GLU D 686 -62.85 -87.40 8.65
C GLU D 686 -62.72 -88.40 9.83
N ILE D 687 -62.10 -89.55 9.60
CA ILE D 687 -61.71 -90.52 10.66
C ILE D 687 -60.54 -89.97 11.50
N GLN D 688 -60.55 -90.18 12.83
CA GLN D 688 -59.51 -89.70 13.78
C GLN D 688 -59.19 -90.76 14.84
N TYR D 689 -57.95 -90.82 15.33
CA TYR D 689 -57.62 -91.70 16.50
C TYR D 689 -58.25 -91.08 17.77
N THR D 690 -58.91 -91.92 18.55
CA THR D 690 -59.59 -91.44 19.77
C THR D 690 -59.36 -92.41 20.90
N ASN D 691 -59.47 -91.93 22.13
CA ASN D 691 -59.43 -92.83 23.31
C ASN D 691 -60.86 -93.31 23.46
N ASN D 692 -61.15 -94.55 23.14
CA ASN D 692 -62.53 -95.08 23.11
C ASN D 692 -62.52 -96.50 23.65
N TYR D 693 -63.17 -96.72 24.78
CA TYR D 693 -63.12 -98.04 25.47
C TYR D 693 -64.51 -98.27 26.05
N ASN D 694 -64.99 -99.50 26.09
CA ASN D 694 -66.31 -99.77 26.75
C ASN D 694 -66.10 -100.37 28.15
N ASP D 695 -66.64 -99.74 29.20
CA ASP D 695 -66.53 -100.19 30.64
C ASP D 695 -65.07 -100.40 31.08
N PRO D 696 -64.13 -99.45 30.89
CA PRO D 696 -62.72 -99.71 31.21
C PRO D 696 -62.34 -100.01 32.68
N GLN D 697 -61.48 -101.01 32.90
CA GLN D 697 -61.02 -101.39 34.27
C GLN D 697 -59.68 -100.75 34.59
N PHE D 698 -59.05 -100.09 33.64
CA PHE D 698 -57.72 -99.46 33.81
C PHE D 698 -57.65 -98.36 32.81
N VAL D 699 -56.72 -97.45 32.99
CA VAL D 699 -56.46 -96.44 31.94
C VAL D 699 -55.30 -96.96 31.10
N ASP D 700 -55.46 -97.07 29.80
CA ASP D 700 -54.38 -97.42 28.83
C ASP D 700 -53.34 -96.29 28.76
N PHE D 701 -52.06 -96.61 28.49
CA PHE D 701 -50.90 -95.65 28.45
C PHE D 701 -50.68 -94.98 29.81
N ALA D 702 -50.84 -95.73 30.87
CA ALA D 702 -50.68 -95.25 32.25
C ALA D 702 -50.10 -96.38 33.11
N PRO D 703 -49.46 -96.07 34.27
CA PRO D 703 -49.07 -97.12 35.21
C PRO D 703 -50.21 -97.85 35.94
N ASP D 704 -49.99 -99.11 36.32
CA ASP D 704 -51.01 -99.87 37.11
C ASP D 704 -50.75 -99.82 38.63
N SER D 705 -51.49 -100.61 39.40
CA SER D 705 -51.36 -100.63 40.89
C SER D 705 -49.95 -101.07 41.30
N THR D 706 -49.32 -102.03 40.62
CA THR D 706 -47.90 -102.44 40.82
C THR D 706 -46.89 -101.42 40.29
N GLY D 707 -47.28 -100.45 39.45
CA GLY D 707 -46.33 -99.53 38.80
C GLY D 707 -45.85 -99.89 37.40
N GLU D 708 -46.40 -100.93 36.79
CA GLU D 708 -46.02 -101.34 35.41
C GLU D 708 -46.85 -100.61 34.33
N TYR D 709 -46.19 -100.03 33.32
CA TYR D 709 -46.84 -99.31 32.20
C TYR D 709 -47.66 -100.23 31.29
N ARG D 710 -48.82 -99.77 30.85
CA ARG D 710 -49.71 -100.57 29.99
C ARG D 710 -49.85 -99.91 28.63
N SER D 711 -49.60 -100.65 27.54
CA SER D 711 -49.74 -100.16 26.14
C SER D 711 -50.48 -101.19 25.28
N THR D 712 -51.80 -101.34 25.40
CA THR D 712 -52.66 -102.33 24.70
C THR D 712 -52.73 -102.18 23.18
N ARG D 713 -52.69 -100.99 22.59
CA ARG D 713 -52.93 -100.80 21.13
C ARG D 713 -51.74 -100.28 20.30
N PRO D 714 -51.47 -100.85 19.09
CA PRO D 714 -50.50 -100.27 18.16
C PRO D 714 -50.99 -98.99 17.43
N ILE D 715 -50.19 -97.93 17.28
CA ILE D 715 -50.77 -96.73 16.60
C ILE D 715 -50.01 -96.34 15.32
N GLY D 716 -50.71 -96.29 14.19
CA GLY D 716 -50.23 -95.86 12.88
C GLY D 716 -50.40 -94.39 12.64
N THR D 717 -49.94 -93.89 11.51
CA THR D 717 -50.08 -92.47 11.15
C THR D 717 -51.19 -92.10 10.16
N ARG D 718 -51.91 -93.03 9.51
CA ARG D 718 -52.84 -92.61 8.41
C ARG D 718 -54.33 -92.55 8.81
N TYR D 719 -54.85 -91.35 9.08
CA TYR D 719 -56.28 -91.13 9.45
C TYR D 719 -56.90 -90.14 8.48
N LEU D 720 -56.09 -89.22 7.97
CA LEU D 720 -56.51 -88.22 6.95
C LEU D 720 -56.61 -88.86 5.56
N THR D 721 -57.40 -88.26 4.70
CA THR D 721 -57.67 -88.80 3.35
C THR D 721 -57.34 -87.77 2.30
N ARG D 722 -56.83 -88.21 1.16
CA ARG D 722 -56.58 -87.29 0.03
C ARG D 722 -57.05 -87.91 -1.29
N PRO D 723 -57.52 -87.11 -2.27
CA PRO D 723 -57.81 -87.62 -3.62
C PRO D 723 -56.54 -88.00 -4.42
N LEU D 724 -56.62 -88.97 -5.32
CA LEU D 724 -55.44 -89.43 -6.10
C LEU D 724 -54.92 -88.34 -7.05
N ASP E 209 68.65 -54.65 18.42
CA ASP E 209 68.99 -53.29 18.92
C ASP E 209 70.48 -53.20 19.30
N GLY E 210 70.94 -53.80 20.40
CA GLY E 210 72.32 -53.53 20.83
C GLY E 210 73.03 -54.59 21.63
N VAL E 211 74.35 -54.43 21.79
CA VAL E 211 75.21 -55.33 22.62
C VAL E 211 74.80 -55.30 24.10
N GLY E 212 74.43 -54.14 24.65
CA GLY E 212 74.09 -53.99 26.08
C GLY E 212 72.64 -54.14 26.41
N ASN E 213 71.79 -54.45 25.44
CA ASN E 213 70.33 -54.49 25.69
C ASN E 213 69.79 -55.92 25.56
N ALA E 214 69.00 -56.37 26.52
CA ALA E 214 68.37 -57.72 26.48
C ALA E 214 67.18 -57.83 25.51
N SER E 215 67.18 -58.83 24.64
CA SER E 215 66.12 -59.16 23.64
C SER E 215 64.78 -59.65 24.24
N GLY E 216 64.79 -60.39 25.34
CA GLY E 216 63.59 -60.92 25.99
C GLY E 216 63.70 -61.23 27.47
N ASP E 217 62.61 -61.64 28.11
CA ASP E 217 62.52 -61.97 29.55
C ASP E 217 62.08 -63.40 29.84
N TRP E 218 62.40 -63.93 31.02
CA TRP E 218 62.03 -65.30 31.46
C TRP E 218 60.55 -65.42 31.85
N HIS E 219 59.83 -66.32 31.20
CA HIS E 219 58.43 -66.62 31.60
C HIS E 219 58.23 -68.12 31.83
N CYS E 220 57.99 -68.56 33.08
CA CYS E 220 57.65 -69.98 33.35
C CYS E 220 56.39 -69.97 34.22
N ASP E 221 55.22 -70.32 33.69
CA ASP E 221 53.96 -70.20 34.48
C ASP E 221 52.77 -71.03 33.98
N SER E 222 51.76 -71.26 34.81
CA SER E 222 50.47 -71.88 34.39
C SER E 222 49.33 -70.94 34.82
N THR E 223 48.37 -70.66 33.96
CA THR E 223 47.16 -69.88 34.33
C THR E 223 45.93 -70.71 34.02
N TRP E 224 45.04 -70.88 35.00
CA TRP E 224 43.78 -71.67 34.84
C TRP E 224 42.60 -70.71 34.81
N MET E 225 41.82 -70.73 33.74
CA MET E 225 40.66 -69.81 33.56
C MET E 225 39.39 -70.54 33.09
N GLY E 226 38.65 -71.24 33.95
CA GLY E 226 37.49 -72.03 33.49
C GLY E 226 37.84 -73.18 32.56
N ASP E 227 37.30 -73.19 31.35
CA ASP E 227 37.55 -74.26 30.33
C ASP E 227 38.96 -74.21 29.71
N ARG E 228 39.74 -73.15 29.93
CA ARG E 228 41.08 -72.98 29.30
C ARG E 228 42.25 -72.97 30.29
N VAL E 229 43.35 -73.63 29.96
CA VAL E 229 44.61 -73.54 30.76
C VAL E 229 45.73 -73.06 29.78
N VAL E 230 46.56 -72.08 30.19
CA VAL E 230 47.73 -71.60 29.39
C VAL E 230 49.03 -72.01 30.08
N THR E 231 49.95 -72.63 29.35
CA THR E 231 51.27 -73.05 29.90
C THR E 231 52.41 -72.24 29.26
N LYS E 232 53.33 -71.70 30.06
CA LYS E 232 54.54 -70.98 29.58
C LYS E 232 55.79 -71.71 30.07
N SER E 233 56.76 -71.96 29.19
CA SER E 233 58.02 -72.66 29.54
C SER E 233 59.24 -71.94 28.96
N THR E 234 60.27 -71.67 29.75
CA THR E 234 61.53 -71.04 29.31
C THR E 234 62.72 -71.94 29.61
N ARG E 235 63.62 -72.13 28.65
CA ARG E 235 64.86 -72.94 28.82
C ARG E 235 66.11 -72.26 28.23
N THR E 236 67.30 -72.67 28.67
CA THR E 236 68.60 -72.21 28.12
C THR E 236 69.18 -73.34 27.28
N TRP E 237 69.60 -73.05 26.05
CA TRP E 237 70.13 -74.04 25.08
C TRP E 237 71.57 -73.74 24.60
N VAL E 238 72.29 -74.76 24.16
CA VAL E 238 73.64 -74.63 23.56
C VAL E 238 73.62 -75.26 22.14
N LEU E 239 74.23 -74.58 21.15
CA LEU E 239 74.35 -75.16 19.77
C LEU E 239 75.79 -75.42 19.33
N PRO E 240 76.16 -76.69 19.05
CA PRO E 240 77.45 -77.01 18.44
C PRO E 240 77.55 -76.72 16.94
N SER E 241 78.75 -76.54 16.42
CA SER E 241 78.89 -76.44 14.93
C SER E 241 79.04 -77.87 14.38
N TYR E 242 77.96 -78.52 13.97
CA TYR E 242 77.96 -79.94 13.53
C TYR E 242 78.50 -80.18 12.13
N ASN E 243 79.37 -81.17 11.94
CA ASN E 243 79.87 -81.61 10.61
C ASN E 243 80.95 -80.68 10.08
N ASN E 244 81.41 -79.70 10.87
CA ASN E 244 82.38 -78.66 10.45
C ASN E 244 81.88 -77.91 9.21
N HIS E 245 80.59 -77.53 9.18
CA HIS E 245 79.98 -76.74 8.06
C HIS E 245 79.76 -77.54 6.76
N GLN E 246 79.62 -78.86 6.85
CA GLN E 246 79.49 -79.72 5.66
C GLN E 246 78.29 -80.69 5.72
N TYR E 247 77.80 -81.15 4.58
CA TYR E 247 76.70 -82.15 4.46
C TYR E 247 77.36 -83.46 4.17
N ARG E 248 77.00 -84.52 4.88
CA ARG E 248 77.66 -85.83 4.69
C ARG E 248 76.68 -86.95 4.32
N GLU E 249 77.03 -87.75 3.30
CA GLU E 249 76.22 -88.95 2.98
C GLU E 249 76.43 -90.03 4.05
N ILE E 250 75.35 -90.59 4.57
CA ILE E 250 75.38 -91.58 5.68
C ILE E 250 74.67 -92.87 5.22
N LYS E 251 75.14 -94.03 5.64
CA LYS E 251 74.55 -95.29 5.14
C LYS E 251 74.82 -96.45 6.09
N SER E 252 73.98 -97.47 6.06
CA SER E 252 74.26 -98.70 6.84
C SER E 252 73.95 -99.99 6.07
N GLY E 253 74.73 -101.05 6.26
CA GLY E 253 74.41 -102.42 5.84
C GLY E 253 73.68 -103.17 6.97
N SER E 254 73.49 -104.48 6.85
CA SER E 254 72.85 -105.32 7.91
C SER E 254 73.66 -105.34 9.23
N VAL E 255 73.00 -105.20 10.38
CA VAL E 255 73.68 -105.13 11.70
C VAL E 255 72.86 -105.95 12.72
N ASP E 256 73.52 -106.62 13.67
CA ASP E 256 72.84 -107.45 14.73
C ASP E 256 72.03 -108.56 14.06
N GLY E 257 72.48 -109.04 12.91
CA GLY E 257 71.76 -110.09 12.17
C GLY E 257 70.59 -109.60 11.33
N SER E 258 70.32 -108.30 11.19
CA SER E 258 69.09 -107.92 10.44
C SER E 258 69.30 -106.95 9.26
N ASN E 259 68.76 -107.27 8.08
CA ASN E 259 68.73 -106.37 6.87
C ASN E 259 67.73 -105.21 7.04
N ALA E 260 66.77 -105.27 7.97
CA ALA E 260 65.78 -104.20 8.30
C ALA E 260 66.56 -102.99 8.85
N ASN E 261 67.72 -103.24 9.44
CA ASN E 261 68.72 -102.23 9.91
C ASN E 261 69.32 -101.37 8.77
N ALA E 262 69.54 -101.88 7.56
CA ALA E 262 70.13 -101.14 6.39
C ALA E 262 69.36 -99.88 5.96
N TYR E 263 70.07 -98.80 5.64
CA TYR E 263 69.49 -97.50 5.21
C TYR E 263 70.48 -96.68 4.37
N PHE E 264 69.99 -95.71 3.60
CA PHE E 264 70.81 -94.72 2.86
C PHE E 264 70.27 -93.32 3.28
N GLY E 265 71.14 -92.36 3.59
CA GLY E 265 70.72 -91.04 4.10
C GLY E 265 71.72 -89.90 4.06
N TYR E 266 71.29 -88.72 4.51
CA TYR E 266 72.16 -87.52 4.64
C TYR E 266 72.23 -86.97 6.09
N SER E 267 73.41 -86.54 6.54
CA SER E 267 73.57 -85.81 7.85
C SER E 267 73.81 -84.32 7.51
N THR E 268 73.31 -83.42 8.33
CA THR E 268 73.35 -81.97 8.01
C THR E 268 74.04 -81.13 9.07
N PRO E 269 74.53 -79.93 8.71
CA PRO E 269 75.11 -78.96 9.64
C PRO E 269 74.17 -78.36 10.68
N TRP E 270 72.87 -78.31 10.45
CA TRP E 270 71.79 -77.75 11.29
C TRP E 270 71.35 -78.54 12.53
N GLY E 271 70.74 -77.84 13.48
CA GLY E 271 70.13 -78.40 14.69
C GLY E 271 68.69 -77.96 14.77
N TYR E 272 67.88 -78.65 15.54
CA TYR E 272 66.42 -78.36 15.61
C TYR E 272 65.90 -78.31 17.06
N PHE E 273 64.77 -77.64 17.27
CA PHE E 273 64.09 -77.57 18.59
C PHE E 273 62.88 -78.53 18.62
N ASP E 274 62.77 -79.41 19.61
CA ASP E 274 61.67 -80.39 19.80
C ASP E 274 60.93 -80.13 21.13
N PHE E 275 59.62 -79.94 21.07
CA PHE E 275 58.77 -79.77 22.28
C PHE E 275 57.71 -80.88 22.44
N ASN E 276 57.77 -82.03 21.72
CA ASN E 276 56.67 -83.03 21.78
C ASN E 276 56.83 -83.99 22.99
N ARG E 277 56.86 -83.47 24.21
CA ARG E 277 56.81 -84.25 25.47
C ARG E 277 55.95 -83.40 26.43
N PHE E 278 55.08 -84.02 27.23
CA PHE E 278 54.19 -83.32 28.23
C PHE E 278 54.98 -82.61 29.37
N HIS E 279 56.06 -83.20 29.89
CA HIS E 279 56.92 -82.68 31.00
C HIS E 279 57.58 -81.36 30.56
N SER E 280 57.75 -81.12 29.27
CA SER E 280 58.26 -79.85 28.68
C SER E 280 57.30 -78.68 29.02
N HIS E 281 56.00 -78.89 29.02
CA HIS E 281 54.97 -77.86 29.34
C HIS E 281 54.30 -77.99 30.72
N TRP E 282 54.40 -79.12 31.41
CA TRP E 282 53.58 -79.36 32.63
C TRP E 282 54.39 -79.68 33.86
N SER E 283 54.13 -78.97 34.96
CA SER E 283 54.72 -79.31 36.27
C SER E 283 54.03 -80.60 36.80
N PRO E 284 54.68 -81.37 37.68
CA PRO E 284 54.03 -82.54 38.26
C PRO E 284 52.78 -82.20 39.08
N ARG E 285 52.76 -81.12 39.85
CA ARG E 285 51.54 -80.66 40.57
C ARG E 285 50.40 -80.24 39.61
N ASP E 286 50.68 -79.53 38.53
CA ASP E 286 49.69 -79.11 37.49
C ASP E 286 49.08 -80.31 36.78
N TRP E 287 49.88 -81.32 36.48
CA TRP E 287 49.41 -82.58 35.87
C TRP E 287 48.43 -83.33 36.79
N GLN E 288 48.69 -83.37 38.10
CA GLN E 288 47.80 -83.96 39.12
C GLN E 288 46.46 -83.23 39.19
N ARG E 289 46.47 -81.92 39.09
CA ARG E 289 45.23 -81.12 39.09
C ARG E 289 44.34 -81.46 37.87
N LEU E 290 44.90 -81.60 36.68
CA LEU E 290 44.14 -82.05 35.49
C LEU E 290 43.58 -83.49 35.50
N ILE E 291 44.36 -84.48 35.91
CA ILE E 291 43.97 -85.93 35.92
C ILE E 291 42.84 -86.19 36.93
N ASN E 292 42.90 -85.55 38.09
CA ASN E 292 41.89 -85.62 39.17
C ASN E 292 40.53 -85.01 38.81
N ASN E 293 40.45 -83.90 38.06
CA ASN E 293 39.19 -83.13 37.87
C ASN E 293 38.54 -83.01 36.49
N TYR E 294 39.09 -83.58 35.43
CA TYR E 294 38.55 -83.34 34.06
C TYR E 294 38.33 -84.60 33.24
N TRP E 295 37.24 -84.70 32.49
CA TRP E 295 36.98 -85.79 31.51
C TRP E 295 37.94 -85.82 30.29
N GLY E 296 38.31 -84.66 29.75
CA GLY E 296 39.15 -84.59 28.55
C GLY E 296 39.93 -83.32 28.37
N PHE E 297 40.94 -83.37 27.50
CA PHE E 297 41.74 -82.16 27.15
C PHE E 297 42.16 -82.19 25.67
N ARG E 298 42.39 -81.04 25.02
CA ARG E 298 42.93 -80.95 23.62
C ARG E 298 43.84 -79.70 23.42
N PRO E 299 44.89 -79.73 22.56
CA PRO E 299 45.67 -78.51 22.20
C PRO E 299 44.99 -77.50 21.25
N ARG E 300 45.20 -76.20 21.43
CA ARG E 300 44.55 -75.14 20.60
C ARG E 300 45.56 -74.23 19.90
N SER E 301 46.52 -73.66 20.63
CA SER E 301 47.46 -72.67 20.05
C SER E 301 48.90 -72.84 20.53
N LEU E 302 49.87 -72.47 19.68
CA LEU E 302 51.31 -72.48 20.06
C LEU E 302 52.03 -71.15 19.71
N ARG E 303 52.84 -70.60 20.60
CA ARG E 303 53.71 -69.41 20.32
C ARG E 303 55.17 -69.73 20.70
N VAL E 304 56.15 -69.44 19.82
CA VAL E 304 57.60 -69.66 20.09
C VAL E 304 58.46 -68.37 19.95
N LYS E 305 59.34 -68.09 20.90
CA LYS E 305 60.32 -66.97 20.83
C LYS E 305 61.78 -67.46 21.08
N ILE E 306 62.74 -67.04 20.24
CA ILE E 306 64.20 -67.32 20.42
C ILE E 306 64.92 -65.97 20.65
N PHE E 307 65.73 -65.82 21.71
CA PHE E 307 66.28 -64.51 22.15
C PHE E 307 67.58 -64.62 22.99
N ASN E 308 68.24 -63.48 23.29
CA ASN E 308 69.49 -63.37 24.11
C ASN E 308 70.65 -64.18 23.53
N ILE E 309 70.81 -64.12 22.22
CA ILE E 309 71.83 -64.88 21.47
C ILE E 309 73.28 -64.46 21.83
N GLN E 310 74.17 -65.43 22.00
CA GLN E 310 75.59 -65.18 22.31
C GLN E 310 76.48 -66.13 21.48
N VAL E 311 77.35 -65.59 20.66
CA VAL E 311 78.25 -66.40 19.79
C VAL E 311 79.67 -66.33 20.39
N LYS E 312 80.31 -67.48 20.55
CA LYS E 312 81.65 -67.60 21.18
C LYS E 312 82.66 -68.25 20.24
N GLU E 313 83.90 -67.76 20.25
CA GLU E 313 84.98 -68.35 19.43
C GLU E 313 85.96 -69.09 20.35
N VAL E 314 86.35 -70.30 19.97
CA VAL E 314 87.25 -71.12 20.80
C VAL E 314 88.60 -71.22 20.06
N THR E 315 89.69 -70.93 20.75
CA THR E 315 91.03 -70.96 20.14
C THR E 315 91.96 -71.80 20.98
N VAL E 316 92.79 -72.62 20.34
CA VAL E 316 93.81 -73.38 21.13
C VAL E 316 95.23 -72.99 20.71
N GLN E 317 96.08 -72.56 21.65
CA GLN E 317 97.52 -72.36 21.34
C GLN E 317 98.29 -73.20 22.37
N ASP E 318 99.04 -74.20 21.92
CA ASP E 318 99.89 -74.99 22.85
C ASP E 318 99.04 -75.55 24.01
N SER E 319 97.80 -75.98 23.76
CA SER E 319 96.93 -76.64 24.78
C SER E 319 96.23 -75.67 25.77
N THR E 320 96.33 -74.35 25.62
CA THR E 320 95.59 -73.38 26.48
C THR E 320 94.06 -73.43 26.38
N THR E 321 93.46 -73.59 25.20
CA THR E 321 91.97 -73.54 25.00
C THR E 321 91.22 -72.28 25.50
N THR E 322 91.64 -71.06 25.16
CA THR E 322 90.87 -69.81 25.49
C THR E 322 89.51 -69.69 24.77
N ILE E 323 88.49 -69.16 25.44
CA ILE E 323 87.13 -68.92 24.86
C ILE E 323 86.78 -67.42 24.90
N ALA E 324 86.28 -66.84 23.82
CA ALA E 324 85.96 -65.38 23.75
C ALA E 324 84.67 -65.08 22.99
N ASN E 325 84.03 -63.96 23.29
CA ASN E 325 82.84 -63.48 22.54
C ASN E 325 83.16 -62.96 21.15
N ASN E 326 82.35 -63.29 20.14
CA ASN E 326 82.47 -62.64 18.80
C ASN E 326 81.17 -61.86 18.59
N LEU E 327 81.20 -60.53 18.65
CA LEU E 327 80.04 -59.62 18.47
C LEU E 327 79.42 -59.61 17.08
N THR E 328 80.24 -59.70 16.05
CA THR E 328 79.79 -59.57 14.63
C THR E 328 79.32 -60.89 14.01
N SER E 329 79.45 -62.04 14.68
CA SER E 329 78.99 -63.38 14.18
C SER E 329 77.44 -63.54 14.18
N THR E 330 76.91 -64.39 13.29
CA THR E 330 75.44 -64.57 13.11
C THR E 330 74.95 -66.00 13.32
N VAL E 331 73.67 -66.13 13.64
CA VAL E 331 72.97 -67.44 13.74
C VAL E 331 71.85 -67.37 12.68
N GLN E 332 71.51 -68.49 12.03
CA GLN E 332 70.44 -68.58 10.98
C GLN E 332 69.24 -69.46 11.42
N VAL E 333 68.02 -68.94 11.32
CA VAL E 333 66.78 -69.63 11.81
C VAL E 333 65.67 -69.66 10.75
N PHE E 334 64.97 -70.79 10.59
CA PHE E 334 63.78 -70.91 9.68
C PHE E 334 62.73 -71.95 10.17
N THR E 335 61.50 -71.82 9.71
CA THR E 335 60.41 -72.81 9.98
C THR E 335 59.96 -73.43 8.67
N ASP E 336 59.78 -74.76 8.63
CA ASP E 336 59.30 -75.50 7.41
C ASP E 336 57.76 -75.53 7.35
N ASP E 337 57.15 -74.43 6.96
CA ASP E 337 55.66 -74.25 6.93
C ASP E 337 54.87 -75.14 5.94
N ASP E 338 55.38 -75.43 4.75
CA ASP E 338 54.69 -76.22 3.69
C ASP E 338 55.02 -77.72 3.75
N TYR E 339 55.80 -78.19 4.72
CA TYR E 339 56.11 -79.64 4.96
C TYR E 339 56.90 -80.26 3.81
N GLN E 340 57.72 -79.46 3.14
CA GLN E 340 58.63 -79.92 2.07
C GLN E 340 59.72 -80.88 2.60
N LEU E 341 60.27 -80.62 3.76
CA LEU E 341 61.29 -81.49 4.40
C LEU E 341 60.74 -82.75 5.03
N PRO E 342 61.56 -83.82 5.15
CA PRO E 342 61.14 -84.97 5.94
C PRO E 342 60.93 -84.59 7.42
N TYR E 343 59.84 -85.03 8.07
CA TYR E 343 59.49 -84.64 9.46
C TYR E 343 59.91 -85.74 10.43
N VAL E 344 60.90 -85.44 11.26
CA VAL E 344 61.48 -86.45 12.17
C VAL E 344 61.01 -86.24 13.62
N VAL E 345 60.20 -85.21 13.89
CA VAL E 345 59.77 -84.82 15.27
C VAL E 345 58.89 -85.87 16.03
N GLY E 346 58.00 -86.62 15.40
CA GLY E 346 56.99 -87.48 16.10
C GLY E 346 57.35 -88.95 16.29
N ASN E 347 58.62 -89.33 16.31
CA ASN E 347 59.12 -90.74 16.32
C ASN E 347 59.73 -91.20 17.67
N GLY E 348 59.42 -90.60 18.83
CA GLY E 348 59.93 -90.95 20.18
C GLY E 348 61.42 -90.84 20.41
N THR E 349 62.03 -89.81 19.84
CA THR E 349 63.48 -89.59 19.94
C THR E 349 63.85 -88.56 20.99
N GLU E 350 65.06 -88.66 21.52
CA GLU E 350 65.63 -87.74 22.54
C GLU E 350 66.05 -86.35 22.01
N GLY E 351 66.30 -85.37 22.88
CA GLY E 351 66.59 -83.96 22.48
C GLY E 351 65.49 -82.94 22.68
N CYS E 352 64.36 -83.27 23.29
CA CYS E 352 63.27 -82.31 23.65
C CYS E 352 63.68 -81.41 24.83
N LEU E 353 62.96 -80.32 25.05
CA LEU E 353 63.22 -79.41 26.19
C LEU E 353 63.07 -80.20 27.50
N PRO E 354 63.96 -79.95 28.49
CA PRO E 354 63.92 -80.69 29.74
C PRO E 354 62.72 -80.55 30.69
N ALA E 355 62.40 -81.59 31.46
CA ALA E 355 61.31 -81.58 32.48
C ALA E 355 61.55 -80.53 33.57
N PHE E 356 62.80 -80.33 34.02
CA PHE E 356 63.14 -79.40 35.13
C PHE E 356 63.64 -78.09 34.53
N PRO E 357 62.99 -76.92 34.84
CA PRO E 357 63.35 -75.61 34.27
C PRO E 357 64.80 -75.10 34.34
N PRO E 358 65.58 -75.28 35.44
CA PRO E 358 66.99 -74.93 35.55
C PRO E 358 67.99 -75.71 34.64
N GLN E 359 67.65 -76.91 34.19
CA GLN E 359 68.54 -77.76 33.36
C GLN E 359 68.87 -77.12 31.99
N VAL E 360 70.13 -77.25 31.57
CA VAL E 360 70.61 -76.61 30.31
C VAL E 360 70.84 -77.74 29.29
N PHE E 361 70.38 -77.56 28.05
CA PHE E 361 70.41 -78.67 27.07
C PHE E 361 71.09 -78.41 25.71
N THR E 362 71.70 -79.45 25.16
CA THR E 362 72.24 -79.45 23.78
C THR E 362 71.17 -79.77 22.75
N LEU E 363 71.07 -78.99 21.67
CA LEU E 363 70.15 -79.28 20.53
C LEU E 363 70.58 -80.49 19.71
N PRO E 364 69.62 -81.35 19.30
CA PRO E 364 69.92 -82.45 18.39
C PRO E 364 70.31 -82.07 16.94
N GLN E 365 71.21 -82.83 16.32
CA GLN E 365 71.55 -82.63 14.87
C GLN E 365 70.49 -83.24 13.92
N TYR E 366 70.05 -82.50 12.90
CA TYR E 366 69.12 -82.98 11.84
C TYR E 366 69.73 -83.96 10.84
N GLY E 367 68.98 -84.99 10.47
CA GLY E 367 69.37 -86.03 9.53
C GLY E 367 68.13 -86.72 9.06
N TYR E 368 68.22 -87.53 8.00
CA TYR E 368 67.05 -88.28 7.45
C TYR E 368 67.49 -89.52 6.71
N ALA E 369 66.57 -90.46 6.54
CA ALA E 369 66.79 -91.63 5.66
C ALA E 369 65.90 -91.51 4.43
N THR E 370 66.44 -91.71 3.23
CA THR E 370 65.68 -91.80 1.96
C THR E 370 65.56 -93.27 1.58
N LEU E 371 65.35 -93.56 0.31
CA LEU E 371 65.28 -94.95 -0.23
C LEU E 371 66.63 -95.69 -0.29
N ASN E 372 66.59 -97.00 -0.09
CA ASN E 372 67.80 -97.86 -0.13
C ASN E 372 67.47 -99.01 -1.10
N ARG E 373 68.46 -99.58 -1.77
CA ARG E 373 68.19 -100.60 -2.81
C ARG E 373 68.40 -102.05 -2.33
N ASP E 374 67.37 -102.90 -2.45
CA ASP E 374 67.42 -104.36 -2.12
C ASP E 374 67.87 -104.69 -0.69
N ASN E 375 67.45 -103.94 0.33
CA ASN E 375 67.86 -104.16 1.74
C ASN E 375 69.39 -104.09 1.88
N THR E 376 70.03 -103.12 1.21
CA THR E 376 71.50 -102.88 1.22
C THR E 376 71.78 -101.39 1.46
N GLU E 377 73.04 -100.96 1.69
CA GLU E 377 73.44 -99.54 1.95
C GLU E 377 73.37 -98.61 0.71
N ASN E 378 73.28 -99.16 -0.50
CA ASN E 378 73.19 -98.41 -1.78
C ASN E 378 71.87 -97.67 -2.04
N PRO E 379 71.93 -96.50 -2.69
CA PRO E 379 70.75 -95.76 -3.16
C PRO E 379 70.02 -96.22 -4.46
N THR E 380 68.87 -95.61 -4.75
CA THR E 380 68.02 -95.87 -5.93
C THR E 380 67.89 -94.57 -6.71
N GLU E 381 67.42 -94.61 -7.96
CA GLU E 381 67.14 -93.41 -8.81
C GLU E 381 66.06 -92.53 -8.16
N ARG E 382 65.06 -93.09 -7.52
CA ARG E 382 64.00 -92.38 -6.75
C ARG E 382 64.55 -91.68 -5.48
N SER E 383 65.71 -92.10 -4.95
CA SER E 383 66.31 -91.54 -3.70
C SER E 383 66.59 -90.03 -3.85
N SER E 384 66.29 -89.24 -2.82
CA SER E 384 66.28 -87.75 -2.85
C SER E 384 67.28 -87.05 -1.91
N PHE E 385 67.85 -85.95 -2.38
CA PHE E 385 68.73 -85.08 -1.56
C PHE E 385 68.03 -83.75 -1.31
N PHE E 386 68.04 -83.30 -0.09
CA PHE E 386 67.44 -81.98 0.27
C PHE E 386 68.49 -81.05 0.85
N CYS E 387 68.60 -79.82 0.34
CA CYS E 387 69.47 -78.74 0.87
C CYS E 387 68.67 -77.74 1.73
N LEU E 388 69.03 -77.52 2.99
CA LEU E 388 68.40 -76.52 3.93
C LEU E 388 68.68 -75.08 3.50
N GLU E 389 69.87 -74.80 2.95
CA GLU E 389 70.30 -73.45 2.51
C GLU E 389 69.48 -72.98 1.29
N TYR E 390 68.83 -73.88 0.58
CA TYR E 390 67.90 -73.56 -0.54
C TYR E 390 66.68 -72.78 -0.01
N PHE E 391 66.15 -73.07 1.15
CA PHE E 391 65.06 -72.29 1.81
C PHE E 391 65.53 -70.92 2.29
N PRO E 392 64.67 -69.88 2.32
CA PRO E 392 65.02 -68.62 3.00
C PRO E 392 65.10 -68.64 4.57
N SER E 393 66.08 -67.98 5.20
CA SER E 393 66.24 -67.95 6.68
C SER E 393 66.54 -66.56 7.26
N LYS E 394 66.07 -66.27 8.47
CA LYS E 394 66.43 -65.02 9.20
C LYS E 394 67.89 -65.09 9.71
N MET E 395 68.62 -63.98 9.67
CA MET E 395 70.01 -63.92 10.20
C MET E 395 70.05 -63.04 11.47
N LEU E 396 70.62 -63.58 12.55
CA LEU E 396 70.61 -62.84 13.85
C LEU E 396 71.98 -62.60 14.46
N ARG E 397 72.26 -61.36 14.83
CA ARG E 397 73.42 -60.98 15.67
C ARG E 397 72.95 -60.98 17.17
N THR E 398 73.82 -60.65 18.13
CA THR E 398 73.56 -60.62 19.62
C THR E 398 72.36 -59.76 20.02
N GLY E 399 72.10 -58.61 19.40
CA GLY E 399 70.91 -57.76 19.54
C GLY E 399 69.59 -58.34 19.10
N ASN E 400 69.56 -59.15 18.04
CA ASN E 400 68.35 -59.70 17.35
C ASN E 400 67.55 -60.84 18.01
N ASN E 401 66.27 -60.98 17.67
CA ASN E 401 65.34 -62.02 18.22
C ASN E 401 64.46 -62.61 17.10
N PHE E 402 63.89 -63.81 17.29
CA PHE E 402 62.96 -64.47 16.35
C PHE E 402 61.64 -64.88 17.03
N GLU E 403 60.49 -64.71 16.36
CA GLU E 403 59.17 -65.16 16.89
C GLU E 403 58.33 -65.94 15.86
N PHE E 404 57.55 -66.95 16.29
CA PHE E 404 56.58 -67.71 15.42
C PHE E 404 55.23 -67.97 16.16
N THR E 405 54.12 -68.06 15.43
CA THR E 405 52.76 -68.41 15.98
C THR E 405 52.11 -69.53 15.17
N TYR E 406 51.41 -70.48 15.82
CA TYR E 406 50.70 -71.59 15.14
C TYR E 406 49.29 -71.86 15.73
N ASN E 407 48.34 -72.31 14.92
CA ASN E 407 46.99 -72.75 15.38
C ASN E 407 46.79 -74.22 15.06
N PHE E 408 46.34 -75.00 16.02
CA PHE E 408 46.09 -76.45 15.81
C PHE E 408 44.77 -76.63 15.05
N GLU E 409 44.66 -77.65 14.22
CA GLU E 409 43.39 -78.03 13.53
C GLU E 409 42.39 -78.64 14.54
N GLU E 410 41.10 -78.64 14.23
CA GLU E 410 40.13 -79.31 15.12
C GLU E 410 40.48 -80.80 15.26
N VAL E 411 40.50 -81.30 16.49
CA VAL E 411 40.89 -82.70 16.79
C VAL E 411 39.95 -83.17 17.91
N PRO E 412 39.66 -84.47 18.04
CA PRO E 412 38.89 -84.95 19.20
C PRO E 412 39.62 -84.85 20.55
N PHE E 413 38.91 -84.59 21.65
CA PHE E 413 39.50 -84.54 23.02
C PHE E 413 40.02 -85.91 23.43
N HIS E 414 41.16 -86.01 24.12
CA HIS E 414 41.63 -87.28 24.72
C HIS E 414 40.65 -87.67 25.84
N SER E 415 40.41 -88.96 26.04
CA SER E 415 39.49 -89.44 27.11
C SER E 415 40.22 -89.75 28.41
N SER E 416 40.17 -88.85 29.40
CA SER E 416 40.77 -89.04 30.75
C SER E 416 39.75 -89.66 31.72
N PHE E 417 39.32 -90.88 31.48
CA PHE E 417 38.33 -91.56 32.35
C PHE E 417 38.47 -93.06 32.15
N ALA E 418 38.00 -93.81 33.14
CA ALA E 418 37.97 -95.29 33.07
C ALA E 418 36.49 -95.70 33.07
N PRO E 419 36.10 -96.69 32.24
CA PRO E 419 34.74 -97.23 32.31
C PRO E 419 34.31 -97.93 33.62
N SER E 420 33.10 -97.64 34.08
CA SER E 420 32.54 -98.26 35.30
C SER E 420 31.66 -99.50 34.99
N GLN E 421 31.50 -99.86 33.72
CA GLN E 421 30.74 -101.08 33.32
C GLN E 421 31.46 -101.94 32.29
N ASN E 422 31.29 -103.25 32.35
CA ASN E 422 31.74 -104.23 31.32
C ASN E 422 30.86 -104.12 30.05
N LEU E 423 31.44 -104.25 28.86
CA LEU E 423 30.75 -104.16 27.54
C LEU E 423 29.69 -105.26 27.39
N PHE E 424 29.96 -106.47 27.90
CA PHE E 424 29.03 -107.63 27.85
C PHE E 424 27.99 -107.72 29.02
N LYS E 425 27.97 -106.83 30.03
CA LYS E 425 27.07 -106.88 31.22
C LYS E 425 26.03 -105.72 31.25
N LEU E 426 25.55 -105.21 30.11
CA LEU E 426 24.66 -104.00 30.03
C LEU E 426 23.14 -104.24 30.16
N ALA E 427 22.68 -105.49 30.10
CA ALA E 427 21.27 -105.81 30.32
C ALA E 427 20.94 -105.61 31.81
N ASN E 428 19.70 -105.23 32.13
CA ASN E 428 19.27 -105.11 33.55
C ASN E 428 19.42 -106.49 34.20
N PRO E 429 20.03 -106.56 35.40
CA PRO E 429 20.18 -107.80 36.14
C PRO E 429 18.84 -108.48 36.59
N LEU E 430 17.82 -107.73 36.99
CA LEU E 430 16.44 -108.14 37.37
C LEU E 430 15.55 -108.73 36.28
N VAL E 431 15.63 -108.27 35.04
CA VAL E 431 14.68 -108.65 33.95
C VAL E 431 15.21 -109.63 32.88
N ASP E 432 14.44 -110.67 32.54
CA ASP E 432 14.73 -111.63 31.42
C ASP E 432 14.54 -111.05 30.02
N GLN E 433 15.30 -111.51 29.05
CA GLN E 433 15.14 -111.15 27.62
C GLN E 433 13.93 -111.82 26.94
N TYR E 434 13.30 -111.20 25.94
CA TYR E 434 12.25 -111.86 25.11
C TYR E 434 12.88 -112.68 23.95
N LEU E 435 14.09 -113.18 24.12
CA LEU E 435 14.86 -113.84 23.04
C LEU E 435 15.29 -115.24 23.47
N TYR E 436 15.45 -116.15 22.50
CA TYR E 436 15.72 -117.56 22.81
C TYR E 436 16.96 -118.07 22.08
N ARG E 437 17.59 -119.10 22.63
CA ARG E 437 18.84 -119.66 22.06
C ARG E 437 18.72 -121.18 21.87
N PHE E 438 19.48 -121.73 20.92
CA PHE E 438 19.52 -123.19 20.72
C PHE E 438 20.46 -123.80 21.72
N VAL E 439 19.98 -124.81 22.42
CA VAL E 439 20.81 -125.50 23.42
C VAL E 439 21.00 -126.99 23.16
N SER E 440 20.17 -127.61 22.32
CA SER E 440 20.17 -129.09 22.27
C SER E 440 19.56 -129.78 21.05
N THR E 441 19.88 -131.05 20.90
CA THR E 441 19.23 -131.90 19.89
C THR E 441 18.75 -133.14 20.67
N ASN E 442 17.60 -133.72 20.36
CA ASN E 442 17.06 -134.96 21.02
C ASN E 442 17.63 -136.27 20.41
N ASN E 443 17.15 -137.45 20.84
CA ASN E 443 17.67 -138.77 20.38
C ASN E 443 17.48 -138.87 18.86
N THR E 444 16.37 -138.40 18.29
CA THR E 444 16.26 -138.21 16.84
C THR E 444 16.81 -136.81 16.77
N GLY E 445 17.63 -136.42 15.82
CA GLY E 445 18.31 -135.12 16.00
C GLY E 445 17.45 -133.89 15.80
N GLY E 446 16.46 -133.65 16.67
CA GLY E 446 15.52 -132.52 16.55
C GLY E 446 15.91 -131.37 17.44
N VAL E 447 15.93 -130.15 16.92
CA VAL E 447 16.41 -128.94 17.65
C VAL E 447 15.55 -128.52 18.85
N GLN E 448 16.20 -128.03 19.91
CA GLN E 448 15.52 -127.64 21.17
C GLN E 448 15.99 -126.24 21.60
N PHE E 449 15.13 -125.48 22.28
CA PHE E 449 15.43 -124.06 22.63
C PHE E 449 15.11 -123.72 24.08
N ASN E 450 15.81 -122.73 24.64
CA ASN E 450 15.56 -122.23 26.02
C ASN E 450 15.56 -120.72 26.00
N LYS E 451 14.77 -120.09 26.86
CA LYS E 451 14.73 -118.60 27.04
C LYS E 451 15.97 -118.07 27.78
N ASN E 452 16.32 -116.82 27.52
CA ASN E 452 17.49 -116.18 28.19
C ASN E 452 17.06 -115.52 29.51
N LEU E 453 17.58 -116.00 30.63
CA LEU E 453 17.25 -115.52 32.00
C LEU E 453 17.99 -114.26 32.47
N ALA E 454 17.45 -113.57 33.48
CA ALA E 454 18.07 -112.35 34.04
C ALA E 454 19.45 -112.60 34.69
N GLY E 455 20.44 -111.77 34.35
CA GLY E 455 21.81 -111.84 34.89
C GLY E 455 22.71 -112.89 34.26
N ARG E 456 22.24 -113.66 33.29
CA ARG E 456 23.02 -114.74 32.63
C ARG E 456 23.81 -114.15 31.44
N TYR E 457 24.89 -113.39 31.71
CA TYR E 457 25.72 -112.62 30.72
C TYR E 457 26.43 -113.55 29.75
N ALA E 458 26.73 -114.76 30.17
CA ALA E 458 27.32 -115.79 29.30
C ALA E 458 26.40 -116.09 28.10
N ASN E 459 25.07 -116.09 28.26
CA ASN E 459 24.08 -116.49 27.21
C ASN E 459 23.15 -115.41 26.68
N THR E 460 23.51 -114.15 26.58
CA THR E 460 22.60 -113.01 26.31
C THR E 460 22.90 -112.48 24.92
N TYR E 461 21.91 -112.01 24.19
CA TYR E 461 22.10 -111.38 22.86
C TYR E 461 22.84 -110.07 23.07
N LYS E 462 23.78 -109.75 22.19
CA LYS E 462 24.64 -108.55 22.35
C LYS E 462 24.60 -107.61 21.15
N ASN E 463 24.38 -106.32 21.35
CA ASN E 463 24.51 -105.25 20.29
C ASN E 463 25.93 -104.94 19.80
N TRP E 464 26.93 -104.94 20.67
CA TRP E 464 28.26 -104.36 20.37
C TRP E 464 29.40 -105.30 20.65
N PHE E 465 30.50 -105.10 19.98
CA PHE E 465 31.64 -106.04 20.04
C PHE E 465 32.90 -105.32 20.42
N PRO E 466 33.85 -106.04 21.06
CA PRO E 466 35.16 -105.49 21.38
C PRO E 466 36.10 -105.21 20.21
N GLY E 467 37.09 -104.35 20.40
CA GLY E 467 38.05 -103.92 19.37
C GLY E 467 39.09 -104.94 18.93
N PRO E 468 39.82 -104.67 17.82
CA PRO E 468 40.76 -105.62 17.24
C PRO E 468 41.97 -106.09 18.06
N MET E 469 42.36 -107.36 17.90
CA MET E 469 43.44 -107.94 18.72
C MET E 469 44.48 -108.77 17.93
N GLY E 470 45.76 -108.79 18.32
CA GLY E 470 46.76 -109.75 17.80
C GLY E 470 47.51 -110.36 18.97
N ARG E 471 47.66 -111.67 19.10
CA ARG E 471 48.30 -112.26 20.32
C ARG E 471 49.81 -111.90 20.50
N THR E 472 50.22 -111.50 21.71
CA THR E 472 51.61 -111.11 22.07
C THR E 472 52.01 -111.83 23.34
N GLN E 473 53.25 -112.28 23.47
CA GLN E 473 53.70 -113.11 24.62
C GLN E 473 53.62 -112.37 25.97
N GLY E 474 53.23 -113.07 27.03
CA GLY E 474 53.12 -112.51 28.38
C GLY E 474 54.26 -112.95 29.29
N TRP E 475 54.85 -112.00 30.00
CA TRP E 475 55.98 -112.27 30.93
C TRP E 475 55.64 -111.80 32.35
N ASN E 476 55.92 -112.65 33.34
CA ASN E 476 55.68 -112.31 34.77
C ASN E 476 56.73 -111.33 35.31
N LEU E 477 56.33 -110.46 36.23
CA LEU E 477 57.21 -109.42 36.84
C LEU E 477 57.16 -109.65 38.36
N GLY E 478 58.10 -109.12 39.13
CA GLY E 478 58.13 -109.37 40.58
C GLY E 478 58.38 -110.83 40.92
N SER E 479 57.45 -111.47 41.64
CA SER E 479 57.59 -112.89 42.01
C SER E 479 57.65 -113.73 40.73
N GLY E 480 56.85 -113.44 39.69
CA GLY E 480 57.10 -114.06 38.37
C GLY E 480 57.07 -115.56 38.29
N VAL E 481 58.15 -116.21 37.83
CA VAL E 481 58.24 -117.69 37.56
C VAL E 481 58.34 -117.97 36.03
N ASN E 482 58.87 -117.05 35.22
CA ASN E 482 59.13 -117.20 33.74
C ASN E 482 60.26 -118.16 33.33
N ARG E 483 60.28 -118.64 32.08
CA ARG E 483 61.35 -119.54 31.50
C ARG E 483 62.76 -118.91 31.43
N ALA E 484 63.80 -119.69 31.78
CA ALA E 484 65.21 -119.25 31.88
C ALA E 484 66.03 -119.18 30.59
N SER E 485 67.04 -118.30 30.54
CA SER E 485 68.04 -118.22 29.43
C SER E 485 67.46 -118.02 28.03
N VAL E 486 66.46 -117.16 27.88
CA VAL E 486 65.77 -116.97 26.56
C VAL E 486 66.34 -115.79 25.78
N SER E 487 66.56 -115.95 24.47
CA SER E 487 66.87 -114.79 23.60
C SER E 487 65.53 -114.41 22.95
N ALA E 488 65.03 -113.22 23.20
CA ALA E 488 63.68 -112.76 22.76
C ALA E 488 63.41 -112.61 21.26
N PHE E 489 64.34 -112.16 20.40
CA PHE E 489 64.06 -111.69 19.02
C PHE E 489 63.42 -112.69 18.01
N ALA E 490 63.80 -113.97 17.99
CA ALA E 490 63.25 -114.95 17.02
C ALA E 490 61.74 -115.13 17.20
N THR E 491 61.23 -115.11 18.44
CA THR E 491 59.81 -115.35 18.75
C THR E 491 58.99 -114.08 18.87
N THR E 492 59.53 -112.90 18.60
CA THR E 492 58.80 -111.60 18.66
C THR E 492 57.82 -111.39 17.51
N ASN E 493 56.80 -110.55 17.71
CA ASN E 493 55.81 -110.18 16.65
C ASN E 493 56.46 -109.35 15.53
N ARG E 494 56.08 -109.59 14.28
CA ARG E 494 56.74 -108.91 13.14
C ARG E 494 55.79 -108.58 11.99
N MET E 495 56.11 -107.57 11.19
CA MET E 495 55.38 -107.25 9.94
C MET E 495 56.44 -107.21 8.82
N GLU E 496 56.10 -107.64 7.59
CA GLU E 496 57.08 -107.72 6.47
C GLU E 496 56.88 -106.55 5.49
N LEU E 497 57.92 -105.75 5.21
CA LEU E 497 57.87 -104.66 4.19
C LEU E 497 59.04 -104.77 3.23
N GLU E 498 58.85 -104.73 1.91
CA GLU E 498 59.93 -104.67 0.87
C GLU E 498 60.96 -105.80 0.99
N GLY E 499 60.58 -107.01 1.35
CA GLY E 499 61.55 -108.09 1.58
C GLY E 499 62.25 -108.15 2.93
N ALA E 500 61.89 -107.34 3.93
CA ALA E 500 62.54 -107.47 5.26
C ALA E 500 61.52 -107.64 6.41
N SER E 501 61.90 -108.30 7.49
CA SER E 501 61.02 -108.52 8.69
C SER E 501 61.32 -107.44 9.74
N TYR E 502 60.28 -106.77 10.20
CA TYR E 502 60.46 -105.66 11.18
C TYR E 502 59.70 -105.90 12.46
N GLN E 503 60.35 -105.68 13.58
CA GLN E 503 59.61 -105.64 14.86
C GLN E 503 58.78 -104.35 14.83
N VAL E 504 57.58 -104.38 15.38
CA VAL E 504 56.66 -103.22 15.43
C VAL E 504 56.36 -103.12 16.93
N PRO E 505 57.29 -102.58 17.74
CA PRO E 505 57.23 -102.63 19.19
C PRO E 505 56.05 -102.03 19.88
N PRO E 506 55.40 -100.90 19.53
CA PRO E 506 54.13 -100.59 20.18
C PRO E 506 53.21 -101.48 19.33
N GLN E 507 52.33 -102.27 19.89
CA GLN E 507 51.41 -102.99 18.96
C GLN E 507 50.30 -102.02 18.49
N PRO E 508 49.44 -102.31 17.49
CA PRO E 508 48.30 -101.47 17.11
C PRO E 508 47.15 -101.34 18.18
N ASN E 509 46.38 -100.24 18.25
CA ASN E 509 45.33 -99.98 19.30
C ASN E 509 44.15 -100.97 19.44
N GLY E 510 43.49 -101.02 20.61
CA GLY E 510 42.35 -101.92 20.92
C GLY E 510 42.61 -103.08 21.85
N MET E 511 43.80 -103.14 22.44
CA MET E 511 44.11 -104.22 23.41
C MET E 511 44.54 -103.69 24.79
N THR E 512 44.54 -104.56 25.80
CA THR E 512 45.12 -104.23 27.13
C THR E 512 46.30 -105.17 27.41
N ASN E 513 47.48 -104.65 27.76
CA ASN E 513 48.70 -105.39 28.21
C ASN E 513 48.59 -106.13 29.57
N ASN E 514 47.94 -105.58 30.58
CA ASN E 514 47.91 -106.14 31.97
C ASN E 514 46.47 -106.23 32.49
N LEU E 515 46.08 -107.34 33.13
CA LEU E 515 44.72 -107.51 33.75
C LEU E 515 44.33 -106.62 34.98
N GLN E 516 45.16 -106.36 35.99
CA GLN E 516 44.83 -105.63 37.27
C GLN E 516 45.18 -106.60 38.39
N GLY E 517 45.87 -106.13 39.44
CA GLY E 517 46.45 -107.18 40.28
C GLY E 517 47.44 -107.79 39.30
N SER E 518 47.35 -109.06 38.95
CA SER E 518 48.25 -109.78 38.01
C SER E 518 49.64 -109.19 37.70
N ASN E 519 50.62 -110.09 37.64
CA ASN E 519 52.03 -109.69 37.34
C ASN E 519 52.38 -110.10 35.92
N THR E 520 51.40 -110.54 35.11
CA THR E 520 51.64 -110.84 33.68
C THR E 520 51.48 -109.58 32.83
N TYR E 521 52.47 -109.31 32.01
CA TYR E 521 52.47 -108.13 31.12
C TYR E 521 52.86 -108.57 29.75
N ALA E 522 52.16 -108.05 28.76
CA ALA E 522 52.65 -108.32 27.39
C ALA E 522 53.64 -107.19 27.09
N LEU E 523 54.95 -107.47 27.12
CA LEU E 523 56.05 -106.47 27.04
C LEU E 523 56.12 -105.67 25.70
N GLU E 524 55.81 -106.30 24.57
CA GLU E 524 55.82 -105.63 23.25
C GLU E 524 54.54 -104.78 23.04
N ASN E 525 53.56 -104.82 23.93
CA ASN E 525 52.38 -103.92 23.91
C ASN E 525 52.51 -102.78 24.95
N THR E 526 53.65 -102.62 25.60
CA THR E 526 53.81 -101.63 26.70
C THR E 526 54.84 -100.57 26.40
N MET E 527 54.55 -99.31 26.72
CA MET E 527 55.57 -98.23 26.69
C MET E 527 56.54 -98.42 27.87
N ILE E 528 57.84 -98.51 27.60
CA ILE E 528 58.88 -98.64 28.66
C ILE E 528 59.80 -97.40 28.66
N PHE E 529 60.01 -96.80 29.82
CA PHE E 529 60.77 -95.53 29.97
C PHE E 529 61.83 -95.68 31.04
N ASN E 530 62.83 -94.81 31.04
CA ASN E 530 63.89 -94.76 32.08
C ASN E 530 63.62 -93.54 32.98
N SER E 531 63.76 -93.68 34.30
CA SER E 531 63.62 -92.54 35.25
C SER E 531 64.70 -91.49 34.99
N GLN E 532 65.93 -91.91 34.68
CA GLN E 532 67.08 -91.01 34.43
C GLN E 532 67.47 -90.99 32.95
N PRO E 533 67.97 -89.87 32.39
CA PRO E 533 68.49 -89.82 31.02
C PRO E 533 69.76 -90.65 30.85
N ALA E 534 69.98 -91.15 29.64
CA ALA E 534 71.12 -92.07 29.36
C ALA E 534 72.12 -91.49 28.37
N ASN E 535 73.36 -91.93 28.48
CA ASN E 535 74.42 -91.56 27.51
C ASN E 535 74.15 -92.21 26.15
N PRO E 536 74.50 -91.56 25.02
CA PRO E 536 74.32 -92.17 23.71
C PRO E 536 75.09 -93.45 23.40
N GLY E 537 74.43 -94.41 22.76
CA GLY E 537 75.08 -95.67 22.34
C GLY E 537 75.22 -96.72 23.40
N THR E 538 74.61 -96.54 24.57
CA THR E 538 74.77 -97.50 25.67
C THR E 538 74.27 -98.87 25.24
N THR E 539 74.99 -99.94 25.58
CA THR E 539 74.58 -101.33 25.32
C THR E 539 74.35 -102.06 26.63
N ALA E 540 74.28 -101.35 27.76
CA ALA E 540 74.11 -101.95 29.11
C ALA E 540 72.78 -102.68 29.33
N THR E 541 72.80 -103.82 30.04
CA THR E 541 71.55 -104.52 30.43
C THR E 541 70.84 -103.75 31.52
N TYR E 542 69.51 -103.69 31.46
CA TYR E 542 68.71 -103.04 32.52
C TYR E 542 67.72 -104.02 33.09
N LEU E 543 67.68 -104.13 34.41
CA LEU E 543 66.67 -104.93 35.13
C LEU E 543 65.36 -104.13 35.33
N GLU E 544 64.30 -104.76 35.79
CA GLU E 544 62.94 -104.16 35.98
C GLU E 544 62.92 -102.98 36.97
N GLY E 545 63.71 -103.02 38.06
CA GLY E 545 63.74 -101.96 39.07
C GLY E 545 64.16 -100.63 38.50
N ASN E 546 65.14 -100.59 37.61
CA ASN E 546 65.52 -99.35 36.88
C ASN E 546 64.39 -98.83 35.97
N MET E 547 63.61 -99.69 35.32
CA MET E 547 62.61 -99.26 34.29
C MET E 547 61.27 -98.72 34.82
N LEU E 548 60.62 -97.85 34.05
CA LEU E 548 59.25 -97.39 34.39
C LEU E 548 58.31 -98.11 33.42
N ILE E 549 57.45 -99.01 33.90
CA ILE E 549 56.59 -99.85 33.01
C ILE E 549 55.11 -99.48 33.19
N THR E 550 54.45 -99.10 32.11
CA THR E 550 53.02 -98.69 32.09
C THR E 550 52.04 -99.85 32.08
N SER E 551 50.82 -99.64 32.55
CA SER E 551 49.72 -100.63 32.57
C SER E 551 48.48 -99.99 31.94
N GLU E 552 47.71 -100.74 31.17
CA GLU E 552 46.49 -100.26 30.48
C GLU E 552 45.26 -100.93 31.14
N SER E 553 45.33 -101.38 32.38
CA SER E 553 44.30 -102.18 33.09
C SER E 553 42.94 -101.46 33.20
N GLU E 554 42.87 -100.14 33.18
CA GLU E 554 41.61 -99.34 33.20
C GLU E 554 40.73 -99.64 31.97
N THR E 555 41.29 -99.92 30.80
CA THR E 555 40.56 -100.17 29.53
C THR E 555 40.08 -101.63 29.41
N GLN E 556 40.35 -102.51 30.37
CA GLN E 556 40.03 -103.96 30.35
C GLN E 556 38.51 -104.22 30.21
N PRO E 557 37.57 -103.45 30.81
CA PRO E 557 36.14 -103.62 30.53
C PRO E 557 35.72 -103.58 29.04
N VAL E 558 36.40 -102.86 28.14
CA VAL E 558 36.21 -102.86 26.65
C VAL E 558 37.39 -103.37 25.79
N ASN E 559 38.56 -103.70 26.32
CA ASN E 559 39.73 -104.04 25.46
C ASN E 559 40.18 -105.45 25.77
N ARG E 560 40.37 -106.26 24.74
CA ARG E 560 40.81 -107.66 24.93
C ARG E 560 42.27 -107.76 25.41
N VAL E 561 42.58 -108.78 26.21
CA VAL E 561 43.96 -109.02 26.70
C VAL E 561 44.89 -109.60 25.59
N ALA E 562 46.08 -109.00 25.40
CA ALA E 562 47.08 -109.38 24.36
C ALA E 562 47.66 -110.79 24.53
N TYR E 563 47.97 -111.21 25.74
CA TYR E 563 48.56 -112.56 26.02
C TYR E 563 47.58 -113.71 25.67
N ASN E 564 46.28 -113.55 25.90
CA ASN E 564 45.24 -114.59 25.68
C ASN E 564 44.74 -114.73 24.23
N VAL E 565 44.15 -115.87 23.85
CA VAL E 565 43.42 -116.07 22.54
C VAL E 565 42.15 -115.21 22.48
N GLY E 566 41.77 -114.66 21.33
CA GLY E 566 40.55 -113.84 21.10
C GLY E 566 39.17 -114.48 21.24
N GLY E 567 38.95 -115.72 20.79
CA GLY E 567 37.62 -116.34 20.76
C GLY E 567 37.65 -117.64 19.98
N GLN E 568 36.49 -118.22 19.68
CA GLN E 568 36.36 -119.47 18.88
C GLN E 568 35.34 -119.33 17.74
N MET E 569 35.53 -120.04 16.61
CA MET E 569 34.60 -120.06 15.43
C MET E 569 34.41 -121.50 14.93
N ALA E 570 33.34 -121.81 14.19
CA ALA E 570 33.06 -123.15 13.61
C ALA E 570 34.05 -123.58 12.51
N THR E 571 34.48 -124.84 12.55
CA THR E 571 35.47 -125.37 11.60
C THR E 571 34.92 -126.51 10.73
N ASN E 572 33.64 -126.84 10.80
CA ASN E 572 33.09 -128.05 10.13
C ASN E 572 31.59 -127.94 9.90
N ASN E 573 31.02 -128.90 9.20
CA ASN E 573 29.55 -129.01 9.07
C ASN E 573 29.11 -130.25 9.84
N GLN E 574 28.16 -130.12 10.77
CA GLN E 574 27.61 -131.26 11.56
C GLN E 574 26.73 -132.16 10.67
N SER E 575 26.63 -133.44 11.00
CA SER E 575 25.83 -134.43 10.23
C SER E 575 25.49 -135.55 11.22
N SER E 576 24.60 -136.47 10.85
CA SER E 576 24.36 -137.61 11.77
C SER E 576 25.66 -138.38 11.97
N THR E 577 26.47 -138.58 10.92
CA THR E 577 27.82 -139.17 11.02
C THR E 577 28.82 -138.30 11.78
N THR E 578 28.80 -136.97 11.64
CA THR E 578 29.85 -136.10 12.21
C THR E 578 29.40 -135.15 13.32
N ALA E 579 30.09 -135.17 14.47
CA ALA E 579 29.86 -134.20 15.57
C ALA E 579 30.34 -132.79 15.22
N PRO E 580 29.71 -131.73 15.74
CA PRO E 580 30.19 -130.36 15.54
C PRO E 580 31.55 -130.01 16.17
N ALA E 581 32.36 -129.15 15.54
CA ALA E 581 33.72 -128.78 16.01
C ALA E 581 33.98 -127.27 15.99
N THR E 582 34.84 -126.78 16.88
CA THR E 582 35.23 -125.34 16.93
C THR E 582 36.73 -125.20 16.92
N GLY E 583 37.23 -124.02 16.52
CA GLY E 583 38.66 -123.72 16.63
C GLY E 583 38.94 -122.34 17.19
N THR E 584 39.97 -122.18 18.03
CA THR E 584 40.41 -120.84 18.54
C THR E 584 41.15 -120.02 17.49
N TYR E 585 41.09 -118.70 17.58
CA TYR E 585 41.83 -117.76 16.68
C TYR E 585 42.83 -116.88 17.50
N ASN E 586 44.01 -116.54 16.96
CA ASN E 586 45.06 -115.71 17.66
C ASN E 586 45.04 -114.26 17.17
N LEU E 587 44.29 -113.95 16.11
CA LEU E 587 44.18 -112.56 15.60
C LEU E 587 42.78 -112.26 15.04
N GLN E 588 42.30 -111.03 15.17
CA GLN E 588 41.03 -110.58 14.56
C GLN E 588 41.18 -109.08 14.26
N GLU E 589 40.45 -108.56 13.30
CA GLU E 589 40.58 -107.15 12.87
C GLU E 589 39.20 -106.51 13.00
N ILE E 590 39.03 -105.28 12.53
CA ILE E 590 37.77 -104.50 12.69
C ILE E 590 36.55 -105.16 12.06
N VAL E 591 35.43 -105.11 12.78
CA VAL E 591 34.14 -105.68 12.34
C VAL E 591 33.12 -104.55 12.57
N PRO E 592 31.99 -104.48 11.85
CA PRO E 592 30.97 -103.47 12.15
C PRO E 592 30.36 -103.62 13.55
N GLY E 593 30.08 -102.51 14.25
CA GLY E 593 29.64 -102.54 15.66
C GLY E 593 30.76 -102.64 16.69
N SER E 594 32.01 -102.55 16.26
CA SER E 594 33.24 -102.57 17.11
C SER E 594 33.44 -101.29 17.95
N VAL E 595 33.78 -101.46 19.23
CA VAL E 595 34.05 -100.32 20.17
C VAL E 595 35.38 -100.61 20.90
N TRP E 596 36.20 -99.58 21.14
CA TRP E 596 37.48 -99.73 21.88
C TRP E 596 37.93 -98.40 22.50
N MET E 597 38.90 -98.46 23.39
CA MET E 597 39.55 -97.26 23.98
C MET E 597 41.00 -97.13 23.47
N GLU E 598 41.41 -95.93 23.07
CA GLU E 598 42.80 -95.62 22.64
C GLU E 598 43.78 -95.61 23.83
N ARG E 599 45.07 -95.78 23.57
CA ARG E 599 46.14 -95.76 24.61
C ARG E 599 46.20 -94.42 25.38
N ASP E 600 46.47 -94.49 26.69
CA ASP E 600 46.60 -93.32 27.58
C ASP E 600 47.88 -92.50 27.37
N VAL E 601 47.80 -91.19 27.55
CA VAL E 601 48.99 -90.29 27.56
C VAL E 601 49.71 -90.32 28.93
N TYR E 602 51.00 -90.00 28.94
CA TYR E 602 51.83 -89.97 30.17
C TYR E 602 52.53 -88.63 30.22
N LEU E 603 52.89 -88.16 31.41
CA LEU E 603 53.67 -86.88 31.56
C LEU E 603 55.05 -87.03 30.87
N GLN E 604 55.73 -88.16 30.99
CA GLN E 604 56.99 -88.54 30.29
C GLN E 604 56.80 -88.70 28.76
N GLY E 605 55.61 -89.05 28.27
CA GLY E 605 55.28 -89.27 26.86
C GLY E 605 55.06 -88.15 25.85
N PRO E 606 55.03 -88.48 24.53
CA PRO E 606 54.65 -87.53 23.47
C PRO E 606 53.24 -86.99 23.20
N ILE E 607 53.05 -85.71 22.92
CA ILE E 607 51.73 -85.13 22.48
C ILE E 607 51.19 -85.48 21.06
N TRP E 608 52.00 -85.43 20.02
CA TRP E 608 51.48 -85.54 18.63
C TRP E 608 52.33 -86.37 17.68
N ALA E 609 51.75 -86.80 16.56
CA ALA E 609 52.48 -87.49 15.45
C ALA E 609 51.90 -86.96 14.14
N LYS E 610 52.72 -86.92 13.09
CA LYS E 610 52.26 -86.52 11.74
C LYS E 610 51.65 -87.71 10.99
N ILE E 611 50.45 -87.52 10.43
CA ILE E 611 49.85 -88.56 9.54
C ILE E 611 50.65 -88.60 8.23
N PRO E 612 51.06 -89.79 7.72
CA PRO E 612 51.79 -89.89 6.46
C PRO E 612 50.96 -89.61 5.20
N GLU E 613 51.53 -88.97 4.19
CA GLU E 613 50.73 -88.59 2.99
C GLU E 613 50.77 -89.68 1.90
N THR E 614 49.74 -90.52 1.82
CA THR E 614 49.64 -91.63 0.85
C THR E 614 48.40 -91.47 0.02
N GLY E 615 47.47 -90.65 0.48
CA GLY E 615 46.13 -90.50 -0.11
C GLY E 615 45.10 -91.48 0.45
N ALA E 616 45.47 -92.48 1.25
CA ALA E 616 44.50 -93.39 1.90
C ALA E 616 44.90 -93.76 3.34
N HIS E 617 43.98 -93.70 4.29
CA HIS E 617 44.26 -94.10 5.70
C HIS E 617 42.96 -94.51 6.40
N PHE E 618 43.08 -95.26 7.49
CA PHE E 618 41.90 -95.57 8.34
C PHE E 618 42.14 -95.17 9.79
N HIS E 619 41.22 -94.45 10.44
CA HIS E 619 41.23 -94.11 11.90
C HIS E 619 42.62 -93.66 12.36
N PRO E 620 42.93 -92.35 12.27
CA PRO E 620 44.31 -91.90 12.46
C PRO E 620 44.82 -91.48 13.84
N SER E 621 44.89 -92.46 14.71
CA SER E 621 45.38 -92.25 16.09
C SER E 621 46.72 -92.96 16.20
N PRO E 622 47.82 -92.28 16.60
CA PRO E 622 49.12 -92.95 16.67
C PRO E 622 49.29 -94.02 17.77
N ALA E 623 50.04 -95.08 17.49
CA ALA E 623 50.19 -96.23 18.42
C ALA E 623 50.86 -95.89 19.77
N MET E 624 51.88 -95.04 19.80
CA MET E 624 52.57 -94.58 21.03
C MET E 624 51.60 -93.78 21.92
N GLY E 625 50.64 -93.07 21.34
CA GLY E 625 49.66 -92.26 22.06
C GLY E 625 49.57 -90.85 21.51
N GLY E 626 48.62 -90.05 21.96
CA GLY E 626 48.49 -88.65 21.53
C GLY E 626 47.59 -88.31 20.36
N PHE E 627 47.85 -87.19 19.72
CA PHE E 627 46.98 -86.62 18.66
C PHE E 627 47.64 -86.75 17.28
N GLY E 628 46.89 -87.29 16.31
CA GLY E 628 47.38 -87.46 14.94
C GLY E 628 46.99 -86.27 14.12
N LEU E 629 47.97 -85.62 13.51
CA LEU E 629 47.68 -84.35 12.79
C LEU E 629 48.10 -84.37 11.33
N LYS E 630 47.22 -83.99 10.42
CA LYS E 630 47.58 -83.78 8.99
C LYS E 630 48.58 -82.62 8.84
N HIS E 631 48.38 -81.52 9.57
CA HIS E 631 49.30 -80.35 9.52
C HIS E 631 49.85 -80.09 10.92
N PRO E 632 50.94 -80.77 11.30
CA PRO E 632 51.56 -80.64 12.61
C PRO E 632 52.33 -79.35 12.92
N PRO E 633 52.63 -79.01 14.18
CA PRO E 633 53.42 -77.82 14.43
C PRO E 633 54.76 -78.00 13.67
N PRO E 634 55.23 -76.99 12.91
CA PRO E 634 56.38 -77.15 12.03
C PRO E 634 57.81 -77.28 12.54
N MET E 635 58.68 -77.96 11.79
CA MET E 635 60.13 -78.08 12.12
C MET E 635 60.84 -76.71 12.20
N MET E 636 61.59 -76.50 13.28
CA MET E 636 62.34 -75.24 13.52
C MET E 636 63.83 -75.57 13.46
N LEU E 637 64.57 -74.94 12.56
CA LEU E 637 65.98 -75.29 12.27
C LEU E 637 66.92 -74.10 12.52
N ILE E 638 68.02 -74.35 13.21
CA ILE E 638 69.02 -73.30 13.54
C ILE E 638 70.44 -73.76 13.17
N LYS E 639 71.24 -72.86 12.61
CA LYS E 639 72.67 -73.18 12.33
C LYS E 639 73.59 -72.00 12.67
N ASN E 640 74.86 -72.30 12.92
CA ASN E 640 75.90 -71.25 13.07
C ASN E 640 76.43 -70.90 11.67
N THR E 641 76.47 -69.63 11.29
CA THR E 641 77.05 -69.22 10.00
C THR E 641 78.54 -69.51 9.92
N PRO E 642 79.05 -70.11 8.81
CA PRO E 642 80.47 -70.29 8.61
C PRO E 642 81.28 -68.99 8.64
N VAL E 643 82.30 -68.98 9.46
CA VAL E 643 83.21 -67.80 9.48
C VAL E 643 84.60 -68.31 9.06
N PRO E 644 85.14 -67.83 7.93
CA PRO E 644 86.45 -68.27 7.45
C PRO E 644 87.77 -67.94 8.16
N GLY E 645 88.76 -68.83 8.12
CA GLY E 645 90.14 -68.63 8.60
C GLY E 645 90.95 -67.84 7.58
N ASN E 646 92.18 -67.44 7.88
CA ASN E 646 92.91 -66.53 6.95
C ASN E 646 93.20 -67.18 5.60
N ILE E 647 92.82 -66.52 4.51
CA ILE E 647 93.08 -67.04 3.13
C ILE E 647 93.89 -65.97 2.41
N THR E 648 95.03 -66.32 1.84
CA THR E 648 95.93 -65.31 1.22
C THR E 648 95.98 -65.44 -0.29
N SER E 649 95.46 -66.52 -0.86
CA SER E 649 95.55 -66.78 -2.32
C SER E 649 94.20 -67.21 -2.90
N PHE E 650 93.94 -66.95 -4.18
CA PHE E 650 92.72 -67.39 -4.89
C PHE E 650 92.69 -68.87 -5.29
N SER E 651 91.57 -69.57 -5.07
CA SER E 651 91.38 -70.91 -5.64
C SER E 651 89.93 -71.07 -6.08
N ASP E 652 89.68 -71.79 -7.16
CA ASP E 652 88.31 -72.22 -7.57
C ASP E 652 87.78 -73.21 -6.52
N VAL E 653 88.66 -74.05 -5.95
CA VAL E 653 88.28 -75.06 -4.92
C VAL E 653 87.73 -74.37 -3.66
N PRO E 654 86.58 -74.84 -3.10
CA PRO E 654 85.96 -74.24 -1.92
C PRO E 654 86.77 -74.25 -0.62
N VAL E 655 86.62 -73.20 0.18
CA VAL E 655 87.36 -73.11 1.47
C VAL E 655 86.93 -74.20 2.46
N SER E 656 87.91 -74.85 3.06
CA SER E 656 87.71 -75.90 4.08
C SER E 656 88.24 -75.45 5.45
N SER E 657 88.74 -74.23 5.58
CA SER E 657 89.36 -73.74 6.85
C SER E 657 88.48 -72.64 7.47
N PHE E 658 88.02 -72.88 8.69
CA PHE E 658 87.05 -71.95 9.34
C PHE E 658 87.43 -71.74 10.78
N ILE E 659 87.10 -70.59 11.36
CA ILE E 659 87.29 -70.41 12.83
C ILE E 659 86.29 -71.29 13.63
N THR E 660 86.69 -71.91 14.75
CA THR E 660 85.80 -72.77 15.59
C THR E 660 84.89 -71.94 16.51
N GLN E 661 83.57 -72.21 16.46
CA GLN E 661 82.55 -71.38 17.15
C GLN E 661 81.36 -72.18 17.70
N TYR E 662 80.66 -71.66 18.71
CA TYR E 662 79.44 -72.30 19.28
C TYR E 662 78.46 -71.18 19.64
N SER E 663 77.18 -71.50 19.77
CA SER E 663 76.15 -70.49 20.16
C SER E 663 75.33 -70.91 21.40
N THR E 664 74.81 -69.93 22.13
CA THR E 664 73.96 -70.17 23.32
C THR E 664 72.83 -69.14 23.36
N GLY E 665 71.70 -69.46 24.00
CA GLY E 665 70.57 -68.53 24.15
C GLY E 665 69.42 -69.03 25.00
N GLN E 666 68.30 -68.33 24.97
CA GLN E 666 67.03 -68.71 25.67
C GLN E 666 65.86 -68.94 24.69
N VAL E 667 65.02 -69.95 24.97
CA VAL E 667 63.80 -70.23 24.16
C VAL E 667 62.55 -70.23 25.06
N THR E 668 61.47 -69.60 24.62
CA THR E 668 60.18 -69.62 25.33
C THR E 668 59.09 -70.28 24.49
N VAL E 669 58.33 -71.23 25.03
CA VAL E 669 57.12 -71.84 24.35
C VAL E 669 55.83 -71.58 25.16
N GLU E 670 54.80 -71.06 24.53
CA GLU E 670 53.48 -70.80 25.15
C GLU E 670 52.41 -71.66 24.46
N MET E 671 51.65 -72.42 25.23
CA MET E 671 50.60 -73.32 24.68
C MET E 671 49.23 -73.11 25.35
N GLU E 672 48.18 -73.15 24.55
CA GLU E 672 46.79 -73.05 25.07
C GLU E 672 46.09 -74.41 24.97
N TRP E 673 45.37 -74.81 26.01
CA TRP E 673 44.66 -76.10 26.06
C TRP E 673 43.18 -75.92 26.36
N GLU E 674 42.32 -76.71 25.71
CA GLU E 674 40.87 -76.71 26.00
C GLU E 674 40.52 -77.90 26.90
N LEU E 675 39.72 -77.67 27.93
CA LEU E 675 39.37 -78.70 28.94
C LEU E 675 37.90 -79.13 28.86
N LYS E 676 37.63 -80.42 29.08
CA LYS E 676 36.22 -80.90 29.19
C LYS E 676 35.93 -81.24 30.66
N LYS E 677 34.93 -80.59 31.25
CA LYS E 677 34.50 -80.81 32.66
C LYS E 677 33.78 -82.13 32.99
N GLU E 678 34.04 -82.70 34.15
CA GLU E 678 33.29 -83.88 34.64
C GLU E 678 31.84 -83.50 35.02
N ASN E 679 30.85 -84.33 34.72
CA ASN E 679 29.40 -84.13 35.07
C ASN E 679 28.85 -85.38 35.78
N SER E 680 29.62 -86.02 36.67
CA SER E 680 29.24 -87.30 37.34
C SER E 680 28.09 -87.24 38.36
N LYS E 681 27.25 -88.28 38.41
CA LYS E 681 26.19 -88.44 39.44
C LYS E 681 26.56 -89.56 40.44
N ARG E 682 27.78 -90.10 40.43
CA ARG E 682 28.29 -91.13 41.40
C ARG E 682 28.34 -90.65 42.88
N TRP E 683 27.58 -91.26 43.77
CA TRP E 683 27.49 -90.93 45.21
C TRP E 683 28.76 -91.17 46.04
N ASN E 684 29.38 -92.31 45.84
CA ASN E 684 30.60 -92.75 46.55
C ASN E 684 31.87 -92.04 46.06
N PRO E 685 32.91 -91.93 46.91
CA PRO E 685 34.19 -91.36 46.50
C PRO E 685 35.06 -92.11 45.44
N GLU E 686 35.65 -91.37 44.52
CA GLU E 686 36.56 -91.87 43.46
C GLU E 686 38.05 -92.10 43.77
N ILE E 687 38.74 -92.86 42.93
CA ILE E 687 40.22 -93.01 42.96
C ILE E 687 40.93 -91.73 42.47
N GLN E 688 42.04 -91.32 43.10
CA GLN E 688 42.81 -90.09 42.76
C GLN E 688 44.31 -90.35 42.84
N TYR E 689 45.13 -89.67 42.03
CA TYR E 689 46.60 -89.72 42.15
C TYR E 689 47.00 -88.93 43.43
N THR E 690 47.86 -89.53 44.25
CA THR E 690 48.28 -88.90 45.51
C THR E 690 49.76 -89.08 45.71
N ASN E 691 50.37 -88.20 46.49
CA ASN E 691 51.78 -88.39 46.89
C ASN E 691 51.71 -89.30 48.11
N ASN E 692 52.10 -90.54 47.99
CA ASN E 692 51.93 -91.54 49.07
C ASN E 692 53.16 -92.44 49.08
N TYR E 693 53.93 -92.40 50.16
CA TYR E 693 55.22 -93.13 50.24
C TYR E 693 55.33 -93.61 51.67
N ASN E 694 55.92 -94.78 51.90
CA ASN E 694 56.15 -95.24 53.31
C ASN E 694 57.62 -95.02 53.72
N ASP E 695 57.86 -94.29 54.82
CA ASP E 695 59.23 -93.97 55.35
C ASP E 695 60.16 -93.34 54.29
N PRO E 696 59.77 -92.28 53.55
CA PRO E 696 60.63 -91.77 52.47
C PRO E 696 62.02 -91.21 52.82
N GLN E 697 63.03 -91.58 52.03
CA GLN E 697 64.42 -91.08 52.26
C GLN E 697 64.74 -89.88 51.37
N PHE E 698 63.84 -89.52 50.47
CA PHE E 698 64.05 -88.40 49.53
C PHE E 698 62.68 -87.92 49.15
N VAL E 699 62.59 -86.73 48.60
CA VAL E 699 61.30 -86.28 48.02
C VAL E 699 61.36 -86.59 46.52
N ASP E 700 60.39 -87.31 46.01
CA ASP E 700 60.21 -87.57 44.56
C ASP E 700 59.84 -86.28 43.81
N PHE E 701 60.23 -86.12 42.53
CA PHE E 701 60.02 -84.89 41.68
C PHE E 701 60.73 -83.68 42.28
N ALA E 702 61.91 -83.88 42.83
CA ALA E 702 62.73 -82.82 43.44
C ALA E 702 64.20 -83.11 43.19
N PRO E 703 65.10 -82.10 43.27
CA PRO E 703 66.54 -82.36 43.23
C PRO E 703 67.15 -83.10 44.43
N ASP E 704 68.22 -83.85 44.23
CA ASP E 704 68.93 -84.53 45.37
C ASP E 704 70.12 -83.71 45.90
N SER E 705 70.92 -84.31 46.79
CA SER E 705 72.08 -83.62 47.41
C SER E 705 73.11 -83.22 46.33
N THR E 706 73.35 -84.02 45.30
CA THR E 706 74.20 -83.68 44.12
C THR E 706 73.54 -82.69 43.16
N GLY E 707 72.23 -82.44 43.24
CA GLY E 707 71.51 -81.59 42.26
C GLY E 707 70.83 -82.30 41.11
N GLU E 708 70.78 -83.63 41.09
CA GLU E 708 70.10 -84.41 40.02
C GLU E 708 68.61 -84.64 40.32
N TYR E 709 67.74 -84.34 39.35
CA TYR E 709 66.26 -84.53 39.47
C TYR E 709 65.85 -86.00 39.56
N ARG E 710 64.88 -86.29 40.42
CA ARG E 710 64.40 -87.68 40.61
C ARG E 710 62.95 -87.80 40.16
N SER E 711 62.64 -88.78 39.30
CA SER E 711 61.26 -89.04 38.81
C SER E 711 60.97 -90.55 38.85
N THR E 712 60.73 -91.15 40.00
CA THR E 712 60.48 -92.61 40.23
C THR E 712 59.25 -93.19 39.55
N ARG E 713 58.13 -92.47 39.44
CA ARG E 713 56.85 -93.06 38.94
C ARG E 713 56.31 -92.53 37.61
N PRO E 714 55.82 -93.40 36.68
CA PRO E 714 55.10 -92.95 35.49
C PRO E 714 53.66 -92.45 35.76
N ILE E 715 53.20 -91.33 35.18
CA ILE E 715 51.80 -90.91 35.53
C ILE E 715 50.86 -90.84 34.32
N GLY E 716 49.75 -91.59 34.38
CA GLY E 716 48.68 -91.62 33.37
C GLY E 716 47.60 -90.62 33.65
N THR E 717 46.61 -90.52 32.78
CA THR E 717 45.47 -89.60 32.95
C THR E 717 44.16 -90.20 33.47
N ARG E 718 43.98 -91.51 33.62
CA ARG E 718 42.61 -92.05 33.94
C ARG E 718 42.39 -92.44 35.42
N TYR E 719 41.73 -91.57 36.19
CA TYR E 719 41.43 -91.80 37.63
C TYR E 719 39.93 -91.70 37.84
N LEU E 720 39.27 -90.86 37.05
CA LEU E 720 37.80 -90.68 37.07
C LEU E 720 37.09 -91.84 36.36
N THR E 721 35.84 -92.05 36.70
CA THR E 721 35.06 -93.19 36.19
C THR E 721 33.78 -92.69 35.55
N ARG E 722 33.34 -93.33 34.49
CA ARG E 722 32.05 -92.99 33.86
C ARG E 722 31.26 -94.25 33.51
N PRO E 723 29.91 -94.25 33.55
CA PRO E 723 29.09 -95.37 33.05
C PRO E 723 29.12 -95.49 31.51
N LEU E 724 28.98 -96.70 30.97
CA LEU E 724 29.05 -96.92 29.49
C LEU E 724 27.87 -96.26 28.77
N ASP F 209 -5.41 -80.41 39.29
CA ASP F 209 -6.66 -79.66 39.59
C ASP F 209 -7.47 -80.36 40.69
N GLY F 210 -8.12 -81.50 40.42
CA GLY F 210 -9.05 -82.04 41.45
C GLY F 210 -9.29 -83.53 41.46
N VAL F 211 -9.92 -84.01 42.54
CA VAL F 211 -10.33 -85.44 42.70
C VAL F 211 -11.35 -85.86 41.62
N GLY F 212 -12.30 -85.00 41.25
CA GLY F 212 -13.37 -85.33 40.29
C GLY F 212 -13.08 -84.99 38.87
N ASN F 213 -11.89 -84.49 38.56
CA ASN F 213 -11.60 -84.02 37.19
C ASN F 213 -10.53 -84.89 36.52
N ALA F 214 -10.76 -85.33 35.30
CA ALA F 214 -9.78 -86.14 34.53
C ALA F 214 -8.59 -85.32 33.98
N SER F 215 -7.37 -85.77 34.21
CA SER F 215 -6.07 -85.18 33.74
C SER F 215 -5.83 -85.27 32.22
N GLY F 216 -6.27 -86.32 31.55
CA GLY F 216 -6.09 -86.53 30.10
C GLY F 216 -7.08 -87.44 29.42
N ASP F 217 -7.00 -87.58 28.10
CA ASP F 217 -7.89 -88.41 27.26
C ASP F 217 -7.17 -89.51 26.47
N TRP F 218 -7.88 -90.56 26.07
CA TRP F 218 -7.33 -91.70 25.29
C TRP F 218 -7.09 -91.34 23.81
N HIS F 219 -5.86 -91.50 23.34
CA HIS F 219 -5.55 -91.33 21.90
C HIS F 219 -4.83 -92.55 21.34
N CYS F 220 -5.46 -93.33 20.44
CA CYS F 220 -4.77 -94.45 19.75
C CYS F 220 -5.04 -94.27 18.26
N ASP F 221 -4.07 -93.85 17.45
CA ASP F 221 -4.33 -93.56 16.02
C ASP F 221 -3.11 -93.53 15.10
N SER F 222 -3.29 -93.64 13.79
CA SER F 222 -2.22 -93.43 12.78
C SER F 222 -2.71 -92.37 11.77
N THR F 223 -1.90 -91.39 11.43
CA THR F 223 -2.24 -90.41 10.36
C THR F 223 -1.15 -90.43 9.30
N TRP F 224 -1.52 -90.62 8.04
CA TRP F 224 -0.56 -90.66 6.90
C TRP F 224 -0.69 -89.38 6.09
N MET F 225 0.39 -88.63 5.94
CA MET F 225 0.38 -87.33 5.21
C MET F 225 1.56 -87.19 4.23
N GLY F 226 1.53 -87.81 3.04
CA GLY F 226 2.69 -87.77 2.13
C GLY F 226 3.93 -88.45 2.68
N ASP F 227 5.04 -87.74 2.81
CA ASP F 227 6.33 -88.27 3.32
C ASP F 227 6.33 -88.57 4.84
N ARG F 228 5.33 -88.13 5.59
CA ARG F 228 5.29 -88.29 7.07
C ARG F 228 4.15 -89.17 7.58
N VAL F 229 4.42 -90.03 8.56
CA VAL F 229 3.35 -90.81 9.26
C VAL F 229 3.48 -90.49 10.78
N VAL F 230 2.36 -90.21 11.46
CA VAL F 230 2.33 -89.97 12.94
C VAL F 230 1.61 -91.14 13.64
N THR F 231 2.23 -91.72 14.67
CA THR F 231 1.62 -92.83 15.44
C THR F 231 1.30 -92.39 16.87
N LYS F 232 0.09 -92.67 17.36
CA LYS F 232 -0.33 -92.39 18.77
C LYS F 232 -0.70 -93.70 19.46
N SER F 233 -0.20 -93.94 20.66
CA SER F 233 -0.47 -95.18 21.44
C SER F 233 -0.82 -94.86 22.89
N THR F 234 -1.90 -95.40 23.43
CA THR F 234 -2.31 -95.23 24.84
C THR F 234 -2.42 -96.58 25.54
N ARG F 235 -1.86 -96.70 26.74
CA ARG F 235 -1.94 -97.95 27.56
C ARG F 235 -2.27 -97.67 29.05
N THR F 236 -2.76 -98.68 29.77
CA THR F 236 -3.00 -98.62 31.23
C THR F 236 -1.91 -99.42 31.93
N TRP F 237 -1.26 -98.86 32.94
CA TRP F 237 -0.14 -99.47 33.69
C TRP F 237 -0.40 -99.63 35.20
N VAL F 238 0.28 -100.57 35.84
CA VAL F 238 0.24 -100.78 37.31
C VAL F 238 1.69 -100.68 37.87
N LEU F 239 1.87 -99.97 39.00
CA LEU F 239 3.20 -99.92 39.67
C LEU F 239 3.23 -100.55 41.06
N PRO F 240 4.04 -101.61 41.28
CA PRO F 240 4.28 -102.15 42.61
C PRO F 240 5.23 -101.33 43.49
N SER F 241 5.14 -101.47 44.81
CA SER F 241 6.18 -100.83 45.67
C SER F 241 7.36 -101.82 45.81
N TYR F 242 8.38 -101.71 44.96
CA TYR F 242 9.51 -102.68 44.91
C TYR F 242 10.55 -102.52 46.02
N ASN F 243 10.96 -103.60 46.66
CA ASN F 243 12.08 -103.61 47.66
C ASN F 243 11.61 -103.08 49.01
N ASN F 244 10.31 -102.82 49.19
CA ASN F 244 9.74 -102.20 50.42
C ASN F 244 10.44 -100.87 50.74
N HIS F 245 10.66 -100.02 49.73
CA HIS F 245 11.27 -98.66 49.91
C HIS F 245 12.78 -98.67 50.21
N GLN F 246 13.49 -99.72 49.79
CA GLN F 246 14.93 -99.86 50.11
C GLN F 246 15.80 -100.17 48.88
N TYR F 247 17.09 -99.87 48.94
CA TYR F 247 18.09 -100.16 47.87
C TYR F 247 18.83 -101.37 48.33
N ARG F 248 18.99 -102.38 47.48
CA ARG F 248 19.66 -103.64 47.89
C ARG F 248 20.89 -103.98 47.03
N GLU F 249 22.00 -104.35 47.68
CA GLU F 249 23.18 -104.84 46.92
C GLU F 249 22.89 -106.25 46.37
N ILE F 250 23.15 -106.47 45.09
CA ILE F 250 22.85 -107.75 44.39
C ILE F 250 24.15 -108.29 43.77
N LYS F 251 24.32 -109.60 43.76
CA LYS F 251 25.60 -110.17 43.26
C LYS F 251 25.44 -111.62 42.81
N SER F 252 26.30 -112.08 41.92
CA SER F 252 26.30 -113.51 41.55
C SER F 252 27.70 -114.11 41.42
N GLY F 253 27.90 -115.37 41.79
CA GLY F 253 29.10 -116.17 41.48
C GLY F 253 28.88 -116.94 40.16
N SER F 254 29.76 -117.87 39.81
CA SER F 254 29.63 -118.72 38.59
C SER F 254 28.37 -119.63 38.63
N VAL F 255 27.62 -119.72 37.53
CA VAL F 255 26.35 -120.50 37.48
C VAL F 255 26.29 -121.24 36.13
N ASP F 256 25.73 -122.45 36.09
CA ASP F 256 25.60 -123.28 34.85
C ASP F 256 26.99 -123.56 34.28
N GLY F 257 28.00 -123.66 35.13
CA GLY F 257 29.37 -123.90 34.69
C GLY F 257 30.12 -122.67 34.20
N SER F 258 29.59 -121.45 34.27
CA SER F 258 30.34 -120.31 33.67
C SER F 258 30.63 -119.13 34.60
N ASN F 259 31.89 -118.67 34.66
CA ASN F 259 32.32 -117.42 35.39
C ASN F 259 31.86 -116.13 34.68
N ALA F 260 31.49 -116.18 33.39
CA ALA F 260 30.95 -115.04 32.59
C ALA F 260 29.61 -114.62 33.21
N ASN F 261 28.93 -115.54 33.86
CA ASN F 261 27.68 -115.34 34.67
C ASN F 261 27.88 -114.42 35.90
N ALA F 262 29.02 -114.41 36.58
CA ALA F 262 29.32 -113.58 37.80
C ALA F 262 29.19 -112.06 37.58
N TYR F 263 28.60 -111.35 38.55
CA TYR F 263 28.39 -109.88 38.50
C TYR F 263 28.26 -109.28 39.91
N PHE F 264 28.46 -107.97 40.06
CA PHE F 264 28.22 -107.20 41.30
C PHE F 264 27.28 -106.02 40.89
N GLY F 265 26.23 -105.74 41.66
CA GLY F 265 25.24 -104.71 41.29
C GLY F 265 24.31 -104.18 42.38
N TYR F 266 23.44 -103.24 42.01
CA TYR F 266 22.40 -102.69 42.91
C TYR F 266 20.96 -102.87 42.37
N SER F 267 20.00 -103.21 43.23
CA SER F 267 18.54 -103.23 42.87
C SER F 267 17.89 -101.99 43.51
N THR F 268 16.92 -101.40 42.85
CA THR F 268 16.34 -100.11 43.30
C THR F 268 14.84 -100.16 43.54
N PRO F 269 14.29 -99.24 44.35
CA PRO F 269 12.85 -99.09 44.58
C PRO F 269 12.02 -98.64 43.37
N TRP F 270 12.58 -97.96 42.39
CA TRP F 270 11.97 -97.41 41.16
C TRP F 270 11.59 -98.39 40.03
N GLY F 271 10.67 -97.96 39.18
CA GLY F 271 10.25 -98.67 37.97
C GLY F 271 10.40 -97.74 36.77
N TYR F 272 10.46 -98.29 35.58
CA TYR F 272 10.71 -97.47 34.36
C TYR F 272 9.74 -97.82 33.22
N PHE F 273 9.56 -96.89 32.28
CA PHE F 273 8.72 -97.10 31.06
C PHE F 273 9.62 -97.39 29.84
N ASP F 274 9.40 -98.47 29.09
CA ASP F 274 10.15 -98.88 27.88
C ASP F 274 9.22 -98.92 26.65
N PHE F 275 9.58 -98.19 25.60
CA PHE F 275 8.82 -98.21 24.32
C PHE F 275 9.66 -98.73 23.13
N ASN F 276 10.83 -99.38 23.31
CA ASN F 276 11.70 -99.76 22.17
C ASN F 276 11.25 -101.11 21.53
N ARG F 277 10.02 -101.21 21.05
CA ARG F 277 9.50 -102.34 20.25
C ARG F 277 8.57 -101.70 19.20
N PHE F 278 8.58 -102.17 17.95
CA PHE F 278 7.71 -101.65 16.84
C PHE F 278 6.19 -101.88 17.09
N HIS F 279 5.78 -103.02 17.64
CA HIS F 279 4.36 -103.43 17.92
C HIS F 279 3.75 -102.45 18.95
N SER F 280 4.55 -101.79 19.77
CA SER F 280 4.13 -100.73 20.73
C SER F 280 3.52 -99.52 19.96
N HIS F 281 4.05 -99.15 18.81
CA HIS F 281 3.56 -98.02 17.97
C HIS F 281 2.78 -98.43 16.70
N TRP F 282 2.86 -99.67 16.24
CA TRP F 282 2.32 -100.03 14.90
C TRP F 282 1.30 -101.14 14.93
N SER F 283 0.15 -100.92 14.30
CA SER F 283 -0.86 -101.98 14.09
C SER F 283 -0.33 -102.96 13.01
N PRO F 284 -0.77 -104.22 12.99
CA PRO F 284 -0.36 -105.14 11.93
C PRO F 284 -0.78 -104.68 10.53
N ARG F 285 -1.97 -104.13 10.34
CA ARG F 285 -2.38 -103.54 9.03
C ARG F 285 -1.51 -102.33 8.60
N ASP F 286 -1.18 -101.43 9.51
CA ASP F 286 -0.30 -100.23 9.25
C ASP F 286 1.10 -100.65 8.86
N TRP F 287 1.65 -101.68 9.50
CA TRP F 287 2.97 -102.24 9.16
C TRP F 287 3.00 -102.83 7.74
N GLN F 288 1.93 -103.51 7.31
CA GLN F 288 1.77 -104.05 5.94
C GLN F 288 1.73 -102.93 4.89
N ARG F 289 1.07 -101.83 5.20
CA ARG F 289 1.02 -100.67 4.30
C ARG F 289 2.42 -100.06 4.07
N LEU F 290 3.23 -99.92 5.11
CA LEU F 290 4.64 -99.47 4.96
C LEU F 290 5.62 -100.41 4.20
N ILE F 291 5.61 -101.70 4.48
CA ILE F 291 6.53 -102.72 3.88
C ILE F 291 6.26 -102.88 2.37
N ASN F 292 5.00 -102.87 1.98
CA ASN F 292 4.53 -102.95 0.57
C ASN F 292 4.90 -101.75 -0.30
N ASN F 293 4.88 -100.50 0.21
CA ASN F 293 4.99 -99.27 -0.63
C ASN F 293 6.19 -98.33 -0.48
N TYR F 294 7.15 -98.58 0.40
CA TYR F 294 8.24 -97.59 0.66
C TYR F 294 9.64 -98.18 0.64
N TRP F 295 10.61 -97.48 0.05
CA TRP F 295 12.06 -97.85 0.11
C TRP F 295 12.70 -97.77 1.52
N GLY F 296 12.35 -96.76 2.31
CA GLY F 296 12.96 -96.55 3.63
C GLY F 296 12.15 -95.78 4.63
N PHE F 297 12.51 -95.88 5.90
CA PHE F 297 11.85 -95.08 6.98
C PHE F 297 12.87 -94.66 8.05
N ARG F 298 12.65 -93.56 8.78
CA ARG F 298 13.50 -93.13 9.95
C ARG F 298 12.66 -92.42 11.05
N PRO F 299 13.00 -92.52 12.36
CA PRO F 299 12.36 -91.70 13.43
C PRO F 299 12.73 -90.20 13.50
N ARG F 300 11.80 -89.31 13.83
CA ARG F 300 12.04 -87.85 13.88
C ARG F 300 11.75 -87.24 15.25
N SER F 301 10.57 -87.48 15.82
CA SER F 301 10.17 -86.83 17.09
C SER F 301 9.43 -87.77 18.05
N LEU F 302 9.56 -87.52 19.36
CA LEU F 302 8.82 -88.29 20.40
C LEU F 302 8.12 -87.36 21.43
N ARG F 303 6.87 -87.63 21.79
CA ARG F 303 6.14 -86.91 22.89
C ARG F 303 5.56 -87.94 23.89
N VAL F 304 5.77 -87.74 25.20
CA VAL F 304 5.22 -88.64 26.27
C VAL F 304 4.34 -87.89 27.31
N LYS F 305 3.17 -88.43 27.64
CA LYS F 305 2.28 -87.91 28.72
C LYS F 305 1.91 -89.01 29.75
N ILE F 306 2.01 -88.72 31.06
CA ILE F 306 1.56 -89.63 32.16
C ILE F 306 0.40 -88.93 32.92
N PHE F 307 -0.75 -89.59 33.12
CA PHE F 307 -2.00 -88.95 33.61
C PHE F 307 -2.99 -89.93 34.29
N ASN F 308 -4.07 -89.40 34.91
CA ASN F 308 -5.16 -90.18 35.60
C ASN F 308 -4.63 -91.07 36.72
N ILE F 309 -3.71 -90.54 37.51
CA ILE F 309 -3.04 -91.28 38.60
C ILE F 309 -4.00 -91.69 39.74
N GLN F 310 -3.88 -92.91 40.23
CA GLN F 310 -4.71 -93.43 41.34
C GLN F 310 -3.82 -94.22 42.32
N VAL F 311 -3.77 -93.80 43.57
CA VAL F 311 -2.94 -94.47 44.61
C VAL F 311 -3.89 -95.26 45.53
N LYS F 312 -3.58 -96.52 45.79
CA LYS F 312 -4.41 -97.44 46.60
C LYS F 312 -3.66 -97.99 47.81
N GLU F 313 -4.34 -98.11 48.95
CA GLU F 313 -3.72 -98.70 50.16
C GLU F 313 -4.33 -100.09 50.41
N VAL F 314 -3.48 -101.06 50.70
CA VAL F 314 -3.94 -102.45 50.91
C VAL F 314 -3.75 -102.78 52.40
N THR F 315 -4.79 -103.29 53.04
CA THR F 315 -4.73 -103.62 54.47
C THR F 315 -5.20 -105.04 54.70
N VAL F 316 -4.52 -105.78 55.57
CA VAL F 316 -5.02 -107.14 55.91
C VAL F 316 -5.37 -107.25 57.40
N GLN F 317 -6.60 -107.64 57.74
CA GLN F 317 -6.93 -107.95 59.15
C GLN F 317 -7.50 -109.38 59.15
N ASP F 318 -6.83 -110.31 59.83
CA ASP F 318 -7.37 -111.70 59.94
C ASP F 318 -7.68 -112.27 58.55
N SER F 319 -6.85 -112.00 57.53
CA SER F 319 -6.99 -112.60 56.17
C SER F 319 -8.06 -111.94 55.27
N THR F 320 -8.72 -110.84 55.67
CA THR F 320 -9.68 -110.11 54.80
C THR F 320 -9.09 -109.48 53.55
N THR F 321 -7.91 -108.86 53.58
CA THR F 321 -7.31 -108.12 52.42
C THR F 321 -8.16 -107.00 51.77
N THR F 322 -8.71 -106.05 52.52
CA THR F 322 -9.42 -104.86 51.93
C THR F 322 -8.50 -103.90 51.15
N ILE F 323 -8.98 -103.32 50.05
CA ILE F 323 -8.24 -102.32 49.22
C ILE F 323 -9.01 -100.98 49.18
N ALA F 324 -8.34 -99.84 49.40
CA ALA F 324 -8.99 -98.51 49.43
C ALA F 324 -8.18 -97.41 48.75
N ASN F 325 -8.83 -96.37 48.27
CA ASN F 325 -8.14 -95.17 47.71
C ASN F 325 -7.46 -94.30 48.76
N ASN F 326 -6.25 -93.82 48.51
CA ASN F 326 -5.63 -92.78 49.39
C ASN F 326 -5.49 -91.52 48.53
N LEU F 327 -6.29 -90.49 48.77
CA LEU F 327 -6.30 -89.19 48.04
C LEU F 327 -5.03 -88.34 48.20
N THR F 328 -4.46 -88.32 49.38
CA THR F 328 -3.30 -87.44 49.71
C THR F 328 -1.93 -88.05 49.37
N SER F 329 -1.85 -89.32 48.95
CA SER F 329 -0.57 -90.00 48.55
C SER F 329 0.02 -89.49 47.20
N THR F 330 1.33 -89.58 47.03
CA THR F 330 2.04 -89.04 45.83
C THR F 330 2.83 -90.07 45.04
N VAL F 331 3.07 -89.78 43.78
CA VAL F 331 3.95 -90.59 42.88
C VAL F 331 5.08 -89.63 42.46
N GLN F 332 6.31 -90.12 42.28
CA GLN F 332 7.50 -89.31 41.86
C GLN F 332 8.04 -89.70 40.46
N VAL F 333 8.22 -88.74 39.57
CA VAL F 333 8.62 -88.98 38.15
C VAL F 333 9.81 -88.10 37.72
N PHE F 334 10.78 -88.66 36.98
CA PHE F 334 11.92 -87.88 36.40
C PHE F 334 12.46 -88.49 35.07
N THR F 335 13.13 -87.68 34.27
CA THR F 335 13.83 -88.14 33.03
C THR F 335 15.32 -87.91 33.17
N ASP F 336 16.16 -88.89 32.79
CA ASP F 336 17.65 -88.77 32.84
C ASP F 336 18.21 -88.13 31.56
N ASP F 337 18.08 -86.83 31.42
CA ASP F 337 18.48 -86.05 30.21
C ASP F 337 19.99 -86.03 29.85
N ASP F 338 20.90 -85.98 30.82
CA ASP F 338 22.37 -85.89 30.60
C ASP F 338 23.06 -87.26 30.58
N TYR F 339 22.33 -88.37 30.68
CA TYR F 339 22.86 -89.77 30.56
C TYR F 339 23.83 -90.12 31.68
N GLN F 340 23.64 -89.54 32.85
CA GLN F 340 24.42 -89.85 34.06
C GLN F 340 24.21 -91.29 34.55
N LEU F 341 23.00 -91.80 34.50
CA LEU F 341 22.67 -93.19 34.89
C LEU F 341 23.07 -94.25 33.88
N PRO F 342 23.32 -95.50 34.33
CA PRO F 342 23.48 -96.58 33.37
C PRO F 342 22.21 -96.81 32.53
N TYR F 343 22.31 -96.98 31.21
CA TYR F 343 21.14 -97.10 30.30
C TYR F 343 20.87 -98.57 29.98
N VAL F 344 19.75 -99.08 30.47
CA VAL F 344 19.43 -100.52 30.33
C VAL F 344 18.36 -100.76 29.26
N VAL F 345 17.83 -99.71 28.63
CA VAL F 345 16.70 -99.78 27.66
C VAL F 345 16.99 -100.58 26.34
N GLY F 346 18.17 -100.55 25.75
CA GLY F 346 18.43 -101.12 24.39
C GLY F 346 18.99 -102.54 24.33
N ASN F 347 18.78 -103.38 25.33
CA ASN F 347 19.40 -104.73 25.49
C ASN F 347 18.44 -105.92 25.26
N GLY F 348 17.31 -105.79 24.54
CA GLY F 348 16.31 -106.86 24.25
C GLY F 348 15.60 -107.47 25.42
N THR F 349 15.27 -106.66 26.41
CA THR F 349 14.60 -107.12 27.65
C THR F 349 13.10 -106.89 27.64
N GLU F 350 12.37 -107.69 28.39
CA GLU F 350 10.89 -107.61 28.55
C GLU F 350 10.39 -106.44 29.42
N GLY F 351 9.10 -106.11 29.39
CA GLY F 351 8.52 -104.93 30.09
C GLY F 351 8.15 -103.73 29.25
N CYS F 352 8.23 -103.79 27.93
CA CYS F 352 7.76 -102.71 27.01
C CYS F 352 6.22 -102.64 26.94
N LEU F 353 5.68 -101.55 26.42
CA LEU F 353 4.21 -101.40 26.26
C LEU F 353 3.70 -102.52 25.33
N PRO F 354 2.52 -103.10 25.66
CA PRO F 354 1.99 -104.21 24.87
C PRO F 354 1.56 -103.99 23.41
N ALA F 355 1.65 -105.01 22.56
CA ALA F 355 1.22 -104.98 21.14
C ALA F 355 -0.29 -104.68 21.01
N PHE F 356 -1.14 -105.23 21.89
CA PHE F 356 -2.61 -105.08 21.81
C PHE F 356 -3.05 -103.98 22.77
N PRO F 357 -3.73 -102.89 22.28
CA PRO F 357 -4.14 -101.75 23.11
C PRO F 357 -4.94 -101.98 24.41
N PRO F 358 -5.93 -102.90 24.50
CA PRO F 358 -6.66 -103.25 25.72
C PRO F 358 -5.85 -103.92 26.86
N GLN F 359 -4.72 -104.56 26.57
CA GLN F 359 -3.89 -105.27 27.58
C GLN F 359 -3.31 -104.32 28.65
N VAL F 360 -3.31 -104.77 29.90
CA VAL F 360 -2.86 -103.93 31.05
C VAL F 360 -1.52 -104.51 31.54
N PHE F 361 -0.53 -103.66 31.79
CA PHE F 361 0.84 -104.16 32.09
C PHE F 361 1.52 -103.66 33.38
N THR F 362 2.32 -104.53 33.97
CA THR F 362 3.21 -104.18 35.11
C THR F 362 4.52 -103.56 34.65
N LEU F 363 4.94 -102.44 35.23
CA LEU F 363 6.27 -101.82 34.95
C LEU F 363 7.44 -102.63 35.50
N PRO F 364 8.53 -102.76 34.72
CA PRO F 364 9.75 -103.39 35.21
C PRO F 364 10.53 -102.65 36.33
N GLN F 365 11.14 -103.37 37.26
CA GLN F 365 12.03 -102.75 38.30
C GLN F 365 13.43 -102.40 37.74
N TYR F 366 13.94 -101.20 38.00
CA TYR F 366 15.31 -100.75 37.64
C TYR F 366 16.43 -101.39 38.47
N GLY F 367 17.53 -101.75 37.82
CA GLY F 367 18.71 -102.36 38.43
C GLY F 367 19.85 -102.21 37.47
N TYR F 368 21.09 -102.45 37.91
CA TYR F 368 22.30 -102.35 37.05
C TYR F 368 23.42 -103.22 37.55
N ALA F 369 24.37 -103.53 36.68
CA ALA F 369 25.62 -104.21 37.08
C ALA F 369 26.78 -103.22 36.94
N THR F 370 27.64 -103.11 37.96
CA THR F 370 28.91 -102.33 37.91
C THR F 370 30.06 -103.31 37.72
N LEU F 371 31.26 -102.93 38.11
CA LEU F 371 32.47 -103.80 38.06
C LEU F 371 32.50 -104.93 39.10
N ASN F 372 33.09 -106.05 38.73
CA ASN F 372 33.22 -107.24 39.62
C ASN F 372 34.71 -107.62 39.59
N ARG F 373 35.23 -108.22 40.66
CA ARG F 373 36.68 -108.50 40.74
C ARG F 373 37.06 -109.95 40.42
N ASP F 374 37.95 -110.17 39.45
CA ASP F 374 38.49 -111.50 39.05
C ASP F 374 37.44 -112.55 38.68
N ASN F 375 36.38 -112.19 37.96
CA ASN F 375 35.29 -113.14 37.58
C ASN F 375 34.66 -113.77 38.83
N THR F 376 34.42 -112.98 39.88
CA THR F 376 33.81 -113.40 41.18
C THR F 376 32.70 -112.42 41.57
N GLU F 377 31.89 -112.69 42.61
CA GLU F 377 30.77 -111.81 43.09
C GLU F 377 31.22 -110.52 43.81
N ASN F 378 32.48 -110.42 44.22
CA ASN F 378 33.08 -109.24 44.92
C ASN F 378 33.28 -107.99 44.06
N PRO F 379 33.10 -106.79 44.64
CA PRO F 379 33.43 -105.51 44.00
C PRO F 379 34.91 -105.03 43.93
N THR F 380 35.16 -103.94 43.21
CA THR F 380 36.48 -103.30 43.02
C THR F 380 36.39 -101.87 43.53
N GLU F 381 37.52 -101.19 43.73
CA GLU F 381 37.59 -99.75 44.13
C GLU F 381 36.95 -98.86 43.06
N ARG F 382 37.08 -99.16 41.79
CA ARG F 382 36.43 -98.47 40.64
C ARG F 382 34.90 -98.66 40.62
N SER F 383 34.35 -99.70 41.26
CA SER F 383 32.89 -100.02 41.28
C SER F 383 32.07 -98.86 41.87
N SER F 384 30.94 -98.53 41.25
CA SER F 384 30.14 -97.31 41.54
C SER F 384 28.70 -97.54 42.05
N PHE F 385 28.27 -96.70 42.97
CA PHE F 385 26.88 -96.71 43.48
C PHE F 385 26.17 -95.44 43.01
N PHE F 386 24.97 -95.59 42.50
CA PHE F 386 24.16 -94.43 42.06
C PHE F 386 22.85 -94.35 42.85
N CYS F 387 22.53 -93.19 43.42
CA CYS F 387 21.24 -92.90 44.10
C CYS F 387 20.27 -92.11 43.19
N LEU F 388 19.07 -92.61 42.92
CA LEU F 388 18.00 -91.94 42.10
C LEU F 388 17.42 -90.71 42.82
N GLU F 389 17.31 -90.75 44.16
CA GLU F 389 16.76 -89.66 44.99
C GLU F 389 17.69 -88.43 44.98
N TYR F 390 18.95 -88.59 44.61
CA TYR F 390 19.92 -87.47 44.42
C TYR F 390 19.46 -86.55 43.27
N PHE F 391 18.90 -87.06 42.20
CA PHE F 391 18.32 -86.25 41.09
C PHE F 391 17.03 -85.53 41.50
N PRO F 392 16.70 -84.35 40.96
CA PRO F 392 15.37 -83.76 41.15
C PRO F 392 14.15 -84.47 40.45
N SER F 393 12.98 -84.61 41.09
CA SER F 393 11.79 -85.26 40.51
C SER F 393 10.46 -84.50 40.74
N LYS F 394 9.53 -84.58 39.80
CA LYS F 394 8.15 -84.03 39.99
C LYS F 394 7.34 -84.90 40.96
N MET F 395 6.52 -84.29 41.82
CA MET F 395 5.63 -85.04 42.75
C MET F 395 4.16 -84.87 42.32
N LEU F 396 3.45 -86.00 42.18
CA LEU F 396 2.05 -85.94 41.67
C LEU F 396 1.01 -86.57 42.58
N ARG F 397 -0.05 -85.84 42.88
CA ARG F 397 -1.28 -86.37 43.52
C ARG F 397 -2.28 -86.80 42.39
N THR F 398 -3.48 -87.30 42.72
CA THR F 398 -4.55 -87.77 41.77
C THR F 398 -4.95 -86.75 40.72
N GLY F 399 -5.04 -85.46 41.02
CA GLY F 399 -5.25 -84.33 40.09
C GLY F 399 -4.16 -84.07 39.07
N ASN F 400 -2.89 -84.27 39.41
CA ASN F 400 -1.67 -83.92 38.62
C ASN F 400 -1.28 -84.78 37.40
N ASN F 401 -0.54 -84.22 36.45
CA ASN F 401 -0.08 -84.90 35.20
C ASN F 401 1.39 -84.55 34.89
N PHE F 402 2.09 -85.36 34.09
CA PHE F 402 3.48 -85.11 33.63
C PHE F 402 3.61 -85.18 32.09
N GLU F 403 4.39 -84.28 31.48
CA GLU F 403 4.66 -84.32 30.01
C GLU F 403 6.15 -84.17 29.65
N PHE F 404 6.63 -84.84 28.59
CA PHE F 404 8.03 -84.69 28.05
C PHE F 404 8.04 -84.65 26.49
N THR F 405 9.01 -83.96 25.88
CA THR F 405 9.21 -83.89 24.39
C THR F 405 10.66 -84.20 24.03
N TYR F 406 10.92 -84.94 22.94
CA TYR F 406 12.29 -85.27 22.46
C TYR F 406 12.43 -85.14 20.92
N ASN F 407 13.61 -84.77 20.43
CA ASN F 407 13.93 -84.75 18.96
C ASN F 407 15.06 -85.73 18.68
N PHE F 408 14.90 -86.57 17.68
CA PHE F 408 15.96 -87.55 17.29
C PHE F 408 17.06 -86.83 16.51
N GLU F 409 18.30 -87.26 16.63
CA GLU F 409 19.44 -86.75 15.82
C GLU F 409 19.33 -87.25 14.36
N GLU F 410 19.98 -86.58 13.41
CA GLU F 410 19.98 -87.10 12.03
C GLU F 410 20.59 -88.51 11.98
N VAL F 411 19.93 -89.42 11.30
CA VAL F 411 20.36 -90.84 11.23
C VAL F 411 20.05 -91.30 9.79
N PRO F 412 20.78 -92.28 9.24
CA PRO F 412 20.41 -92.83 7.93
C PRO F 412 19.08 -93.62 7.90
N PHE F 413 18.32 -93.57 6.81
CA PHE F 413 17.06 -94.35 6.65
C PHE F 413 17.34 -95.85 6.63
N HIS F 414 16.51 -96.68 7.25
CA HIS F 414 16.61 -98.16 7.12
C HIS F 414 16.28 -98.53 5.67
N SER F 415 16.93 -99.56 5.12
CA SER F 415 16.67 -100.01 3.73
C SER F 415 15.61 -101.11 3.66
N SER F 416 14.37 -100.77 3.29
CA SER F 416 13.25 -101.74 3.11
C SER F 416 13.18 -102.22 1.65
N PHE F 417 14.18 -102.92 1.17
CA PHE F 417 14.21 -103.43 -0.22
C PHE F 417 15.16 -104.62 -0.29
N ALA F 418 14.97 -105.44 -1.31
CA ALA F 418 15.85 -106.59 -1.58
C ALA F 418 16.56 -106.31 -2.91
N PRO F 419 17.87 -106.60 -3.03
CA PRO F 419 18.55 -106.50 -4.32
C PRO F 419 18.08 -107.43 -5.45
N SER F 420 17.95 -106.88 -6.65
CA SER F 420 17.54 -107.66 -7.85
C SER F 420 18.74 -108.16 -8.68
N GLN F 421 19.98 -107.86 -8.26
CA GLN F 421 21.20 -108.36 -8.94
C GLN F 421 22.24 -108.93 -7.98
N ASN F 422 22.99 -109.95 -8.40
CA ASN F 422 24.17 -110.50 -7.69
C ASN F 422 25.37 -109.51 -7.80
N LEU F 423 26.16 -109.36 -6.74
CA LEU F 423 27.35 -108.45 -6.66
C LEU F 423 28.41 -108.84 -7.70
N PHE F 424 28.62 -110.13 -7.95
CA PHE F 424 29.60 -110.66 -8.92
C PHE F 424 29.08 -110.79 -10.40
N LYS F 425 27.82 -110.49 -10.75
CA LYS F 425 27.22 -110.65 -12.11
C LYS F 425 26.88 -109.29 -12.79
N LEU F 426 27.62 -108.21 -12.56
CA LEU F 426 27.29 -106.82 -13.04
C LEU F 426 27.81 -106.44 -14.44
N ALA F 427 28.70 -107.23 -15.04
CA ALA F 427 29.15 -106.99 -16.41
C ALA F 427 28.01 -107.32 -17.38
N ASN F 428 27.95 -106.63 -18.53
CA ASN F 428 26.94 -106.94 -19.57
C ASN F 428 27.15 -108.40 -20.01
N PRO F 429 26.08 -109.20 -20.09
CA PRO F 429 26.16 -110.58 -20.56
C PRO F 429 26.63 -110.76 -22.05
N LEU F 430 26.22 -109.89 -22.97
CA LEU F 430 26.60 -109.81 -24.41
C LEU F 430 28.05 -109.46 -24.74
N VAL F 431 28.71 -108.60 -23.98
CA VAL F 431 30.06 -108.07 -24.33
C VAL F 431 31.26 -108.62 -23.54
N ASP F 432 32.35 -109.00 -24.22
CA ASP F 432 33.65 -109.44 -23.60
C ASP F 432 34.46 -108.30 -22.97
N GLN F 433 35.22 -108.59 -21.93
CA GLN F 433 36.16 -107.63 -21.30
C GLN F 433 37.44 -107.38 -22.12
N TYR F 434 38.06 -106.21 -22.05
CA TYR F 434 39.40 -105.96 -22.67
C TYR F 434 40.54 -106.40 -21.72
N LEU F 435 40.31 -107.38 -20.86
CA LEU F 435 41.26 -107.78 -19.79
C LEU F 435 41.58 -109.27 -19.90
N TYR F 436 42.77 -109.67 -19.46
CA TYR F 436 43.24 -111.05 -19.64
C TYR F 436 43.69 -111.67 -18.33
N ARG F 437 43.65 -113.00 -18.25
CA ARG F 437 43.99 -113.74 -17.01
C ARG F 437 45.03 -114.84 -17.30
N PHE F 438 45.83 -115.20 -16.29
CA PHE F 438 46.78 -116.31 -16.43
C PHE F 438 46.05 -117.61 -16.23
N VAL F 439 46.24 -118.52 -17.17
CA VAL F 439 45.59 -119.84 -17.08
C VAL F 439 46.56 -121.02 -17.07
N SER F 440 47.82 -120.82 -17.48
CA SER F 440 48.68 -122.00 -17.73
C SER F 440 50.20 -121.79 -17.78
N THR F 441 50.92 -122.88 -17.68
CA THR F 441 52.38 -122.88 -17.89
C THR F 441 52.62 -124.01 -18.92
N ASN F 442 53.55 -123.87 -19.85
CA ASN F 442 53.91 -124.92 -20.86
C ASN F 442 54.93 -125.96 -20.32
N ASN F 443 55.41 -126.89 -21.16
CA ASN F 443 56.34 -127.98 -20.74
C ASN F 443 57.62 -127.36 -20.17
N THR F 444 58.14 -126.28 -20.75
CA THR F 444 59.18 -125.47 -20.10
C THR F 444 58.28 -124.54 -19.34
N GLY F 445 58.53 -124.17 -18.10
CA GLY F 445 57.44 -123.48 -17.37
C GLY F 445 57.19 -122.04 -17.77
N GLY F 446 56.71 -121.80 -19.00
CA GLY F 446 56.46 -120.44 -19.53
C GLY F 446 55.01 -120.05 -19.42
N VAL F 447 54.72 -118.85 -18.92
CA VAL F 447 53.33 -118.38 -18.64
C VAL F 447 52.45 -118.19 -19.89
N GLN F 448 51.16 -118.50 -19.76
CA GLN F 448 50.19 -118.43 -20.88
C GLN F 448 48.93 -117.67 -20.43
N PHE F 449 48.26 -116.98 -21.36
CA PHE F 449 47.11 -116.11 -21.01
C PHE F 449 45.91 -116.30 -21.93
N ASN F 450 44.71 -116.03 -21.43
CA ASN F 450 43.44 -116.10 -22.22
C ASN F 450 42.61 -114.87 -21.93
N LYS F 451 41.86 -114.38 -22.91
CA LYS F 451 40.90 -113.25 -22.76
C LYS F 451 39.64 -113.63 -21.96
N ASN F 452 39.03 -112.66 -21.31
CA ASN F 452 37.79 -112.91 -20.51
C ASN F 452 36.55 -112.75 -21.41
N LEU F 453 35.79 -113.83 -21.60
CA LEU F 453 34.58 -113.87 -22.47
C LEU F 453 33.27 -113.36 -21.83
N ALA F 454 32.30 -113.00 -22.65
CA ALA F 454 30.98 -112.50 -22.18
C ALA F 454 30.19 -113.54 -21.37
N GLY F 455 29.67 -113.15 -20.20
CA GLY F 455 28.86 -113.99 -19.30
C GLY F 455 29.64 -114.96 -18.43
N ARG F 456 30.97 -114.98 -18.50
CA ARG F 456 31.82 -115.91 -17.71
C ARG F 456 32.15 -115.26 -16.34
N TYR F 457 31.18 -115.21 -15.42
CA TYR F 457 31.24 -114.51 -14.09
C TYR F 457 32.28 -115.16 -13.17
N ALA F 458 32.54 -116.44 -13.35
CA ALA F 458 33.59 -117.15 -12.61
C ALA F 458 34.97 -116.51 -12.87
N ASN F 459 35.27 -116.02 -14.08
CA ASN F 459 36.61 -115.51 -14.48
C ASN F 459 36.71 -114.01 -14.81
N THR F 460 35.97 -113.11 -14.22
CA THR F 460 35.83 -111.70 -14.65
C THR F 460 36.50 -110.82 -13.62
N TYR F 461 37.12 -109.72 -14.02
CA TYR F 461 37.72 -108.73 -13.09
C TYR F 461 36.59 -108.07 -12.31
N LYS F 462 36.79 -107.83 -11.02
CA LYS F 462 35.72 -107.29 -10.15
C LYS F 462 36.12 -106.01 -9.42
N ASN F 463 35.32 -104.96 -9.46
CA ASN F 463 35.50 -103.71 -8.63
C ASN F 463 35.24 -103.84 -7.13
N TRP F 464 34.26 -104.62 -6.70
CA TRP F 464 33.74 -104.58 -5.32
C TRP F 464 33.69 -105.94 -4.66
N PHE F 465 33.74 -105.95 -3.35
CA PHE F 465 33.86 -107.22 -2.59
C PHE F 465 32.76 -107.31 -1.57
N PRO F 466 32.37 -108.55 -1.20
CA PRO F 466 31.40 -108.79 -0.14
C PRO F 466 31.85 -108.46 1.29
N GLY F 467 30.90 -108.26 2.19
CA GLY F 467 31.15 -107.88 3.60
C GLY F 467 31.72 -108.96 4.51
N PRO F 468 32.18 -108.58 5.72
CA PRO F 468 32.86 -109.50 6.63
C PRO F 468 32.12 -110.73 7.18
N MET F 469 32.82 -111.85 7.35
CA MET F 469 32.17 -113.11 7.76
C MET F 469 32.91 -113.88 8.87
N GLY F 470 32.22 -114.59 9.77
CA GLY F 470 32.83 -115.57 10.70
C GLY F 470 32.04 -116.87 10.65
N ARG F 471 32.63 -118.04 10.48
CA ARG F 471 31.82 -119.29 10.31
C ARG F 471 30.99 -119.70 11.57
N THR F 472 29.71 -120.05 11.41
CA THR F 472 28.78 -120.47 12.48
C THR F 472 28.08 -121.74 12.07
N GLN F 473 27.84 -122.68 12.99
CA GLN F 473 27.28 -124.02 12.65
C GLN F 473 25.85 -123.94 12.05
N GLY F 474 25.57 -124.79 11.07
CA GLY F 474 24.25 -124.86 10.43
C GLY F 474 23.43 -126.06 10.86
N TRP F 475 22.18 -125.84 11.20
CA TRP F 475 21.26 -126.92 11.66
C TRP F 475 20.01 -126.99 10.75
N ASN F 476 19.64 -128.20 10.35
CA ASN F 476 18.43 -128.42 9.51
C ASN F 476 17.14 -128.29 10.32
N LEU F 477 16.07 -127.81 9.70
CA LEU F 477 14.75 -127.59 10.34
C LEU F 477 13.73 -128.38 9.51
N GLY F 478 12.54 -128.67 10.04
CA GLY F 478 11.56 -129.50 9.30
C GLY F 478 12.04 -130.91 9.07
N SER F 479 12.14 -131.34 7.81
CA SER F 479 12.61 -132.71 7.49
C SER F 479 14.04 -132.88 8.00
N GLY F 480 14.92 -131.88 7.88
CA GLY F 480 16.20 -131.94 8.63
C GLY F 480 17.12 -133.10 8.36
N VAL F 481 17.48 -133.88 9.39
CA VAL F 481 18.49 -135.00 9.32
C VAL F 481 19.79 -134.62 10.11
N ASN F 482 19.72 -133.77 11.13
CA ASN F 482 20.86 -133.38 12.04
C ASN F 482 21.34 -134.46 13.03
N ARG F 483 22.56 -134.33 13.57
CA ARG F 483 23.17 -135.26 14.59
C ARG F 483 22.43 -135.31 15.95
N ALA F 484 22.27 -136.52 16.52
CA ALA F 484 21.49 -136.79 17.75
C ALA F 484 22.18 -136.54 19.10
N SER F 485 21.40 -136.23 20.14
CA SER F 485 21.89 -136.11 21.55
C SER F 485 23.04 -135.13 21.78
N VAL F 486 22.99 -133.96 21.17
CA VAL F 486 24.11 -132.97 21.26
C VAL F 486 23.87 -131.92 22.35
N SER F 487 24.89 -131.59 23.15
CA SER F 487 24.81 -130.43 24.05
C SER F 487 25.52 -129.29 23.30
N ALA F 488 24.82 -128.22 22.97
CA ALA F 488 25.33 -127.11 22.12
C ALA F 488 26.49 -126.25 22.66
N PHE F 489 26.60 -125.92 23.95
CA PHE F 489 27.48 -124.84 24.48
C PHE F 489 29.01 -124.97 24.24
N ALA F 490 29.62 -126.15 24.34
CA ALA F 490 31.09 -126.31 24.16
C ALA F 490 31.53 -125.90 22.75
N THR F 491 30.74 -126.19 21.72
CA THR F 491 31.08 -125.92 20.31
C THR F 491 30.54 -124.60 19.78
N THR F 492 29.91 -123.76 20.60
CA THR F 492 29.38 -122.43 20.19
C THR F 492 30.45 -121.38 19.96
N ASN F 493 30.16 -120.35 19.15
CA ASN F 493 31.08 -119.20 18.89
C ASN F 493 31.26 -118.34 20.15
N ARG F 494 32.48 -117.85 20.39
CA ARG F 494 32.76 -117.10 21.64
C ARG F 494 33.76 -115.96 21.45
N MET F 495 33.70 -114.94 22.31
CA MET F 495 34.72 -113.86 22.35
C MET F 495 35.21 -113.80 23.81
N GLU F 496 36.50 -113.49 24.05
CA GLU F 496 37.09 -113.50 25.42
C GLU F 496 37.25 -112.06 25.95
N LEU F 497 36.69 -111.73 27.12
CA LEU F 497 36.87 -110.40 27.77
C LEU F 497 37.30 -110.58 29.23
N GLU F 498 38.35 -109.92 29.71
CA GLU F 498 38.76 -109.88 31.15
C GLU F 498 38.98 -111.28 31.76
N GLY F 499 39.50 -112.25 31.04
CA GLY F 499 39.62 -113.62 31.55
C GLY F 499 38.39 -114.52 31.47
N ALA F 500 37.29 -114.13 30.83
CA ALA F 500 36.14 -115.06 30.71
C ALA F 500 35.68 -115.26 29.24
N SER F 501 35.10 -116.40 28.91
CA SER F 501 34.58 -116.71 27.54
C SER F 501 33.08 -116.40 27.48
N TYR F 502 32.68 -115.62 26.50
CA TYR F 502 31.26 -115.20 26.37
C TYR F 502 30.65 -115.61 25.05
N GLN F 503 29.46 -116.17 25.11
CA GLN F 503 28.70 -116.36 23.85
C GLN F 503 28.26 -114.97 23.40
N VAL F 504 28.24 -114.72 22.11
CA VAL F 504 27.85 -113.42 21.51
C VAL F 504 26.74 -113.84 20.54
N PRO F 505 25.52 -114.13 21.03
CA PRO F 505 24.46 -114.76 20.26
C PRO F 505 23.97 -114.06 19.03
N PRO F 506 23.81 -112.73 18.86
CA PRO F 506 23.54 -112.22 17.52
C PRO F 506 24.98 -112.21 16.99
N GLN F 507 25.28 -112.72 15.81
CA GLN F 507 26.69 -112.53 15.35
C GLN F 507 26.85 -111.08 14.81
N PRO F 508 28.06 -110.54 14.52
CA PRO F 508 28.24 -109.23 13.88
C PRO F 508 27.72 -109.09 12.41
N ASN F 509 27.30 -107.91 11.92
CA ASN F 509 26.68 -107.71 10.57
C ASN F 509 27.51 -108.07 9.31
N GLY F 510 26.84 -108.32 8.16
CA GLY F 510 27.47 -108.71 6.87
C GLY F 510 27.33 -110.14 6.43
N MET F 511 26.53 -110.93 7.13
CA MET F 511 26.29 -112.33 6.73
C MET F 511 24.80 -112.66 6.52
N THR F 512 24.51 -113.79 5.86
CA THR F 512 23.13 -114.32 5.76
C THR F 512 23.06 -115.68 6.45
N ASN F 513 22.13 -115.90 7.39
CA ASN F 513 21.81 -117.20 8.07
C ASN F 513 21.21 -118.31 7.17
N ASN F 514 20.34 -118.01 6.22
CA ASN F 514 19.60 -119.03 5.41
C ASN F 514 19.71 -118.73 3.91
N LEU F 515 19.96 -119.73 3.07
CA LEU F 515 20.02 -119.56 1.57
C LEU F 515 18.70 -119.19 0.80
N GLN F 516 17.51 -119.74 1.06
CA GLN F 516 16.24 -119.55 0.28
C GLN F 516 15.81 -120.96 -0.14
N GLY F 517 14.53 -121.29 0.02
CA GLY F 517 14.28 -122.74 -0.10
C GLY F 517 15.06 -123.23 1.11
N SER F 518 16.06 -124.08 0.97
CA SER F 518 16.90 -124.63 2.07
C SER F 518 16.36 -124.61 3.51
N ASN F 519 16.60 -125.72 4.21
CA ASN F 519 16.16 -125.86 5.63
C ASN F 519 17.37 -125.74 6.55
N THR F 520 18.54 -125.35 6.03
CA THR F 520 19.73 -125.09 6.87
C THR F 520 19.73 -123.66 7.39
N TYR F 521 19.89 -123.51 8.69
CA TYR F 521 19.91 -122.19 9.34
C TYR F 521 21.08 -122.14 10.26
N ALA F 522 21.77 -121.01 10.25
CA ALA F 522 22.81 -120.86 11.29
C ALA F 522 22.10 -120.23 12.49
N LEU F 523 21.82 -121.02 13.53
CA LEU F 523 20.97 -120.63 14.70
C LEU F 523 21.52 -119.46 15.56
N GLU F 524 22.84 -119.37 15.74
CA GLU F 524 23.47 -118.29 16.51
C GLU F 524 23.56 -116.97 15.69
N ASN F 525 23.22 -116.97 14.41
CA ASN F 525 23.11 -115.74 13.58
C ASN F 525 21.64 -115.31 13.40
N THR F 526 20.69 -115.93 14.08
CA THR F 526 19.23 -115.65 13.85
C THR F 526 18.54 -115.09 15.07
N MET F 527 17.69 -114.09 14.92
CA MET F 527 16.78 -113.63 15.99
C MET F 527 15.68 -114.68 16.20
N ILE F 528 15.52 -115.18 17.42
CA ILE F 528 14.45 -116.16 17.77
C ILE F 528 13.47 -115.54 18.78
N PHE F 529 12.17 -115.63 18.51
CA PHE F 529 11.11 -114.98 19.32
C PHE F 529 10.04 -115.99 19.67
N ASN F 530 9.23 -115.70 20.69
CA ASN F 530 8.07 -116.54 21.08
C ASN F 530 6.78 -115.81 20.64
N SER F 531 5.80 -116.53 20.09
CA SER F 531 4.49 -115.95 19.72
C SER F 531 3.75 -115.44 20.96
N GLN F 532 3.83 -116.17 22.08
CA GLN F 532 3.16 -115.81 23.35
C GLN F 532 4.15 -115.34 24.41
N PRO F 533 3.80 -114.41 25.32
CA PRO F 533 4.65 -114.02 26.44
C PRO F 533 4.85 -115.14 27.45
N ALA F 534 5.98 -115.14 28.14
CA ALA F 534 6.34 -116.23 29.07
C ALA F 534 6.47 -115.77 30.52
N ASN F 535 6.23 -116.69 31.44
CA ASN F 535 6.43 -116.43 32.89
C ASN F 535 7.92 -116.27 33.21
N PRO F 536 8.31 -115.43 34.17
CA PRO F 536 9.71 -115.29 34.55
C PRO F 536 10.42 -116.52 35.13
N GLY F 537 11.66 -116.76 34.70
CA GLY F 537 12.47 -117.87 35.22
C GLY F 537 12.20 -119.22 34.62
N THR F 538 11.40 -119.30 33.56
CA THR F 538 11.04 -120.61 32.98
C THR F 538 12.30 -121.33 32.51
N THR F 539 12.40 -122.63 32.76
CA THR F 539 13.52 -123.47 32.28
C THR F 539 12.99 -124.52 31.30
N ALA F 540 11.76 -124.39 30.83
CA ALA F 540 11.11 -125.36 29.91
C ALA F 540 11.77 -125.49 28.53
N THR F 541 11.85 -126.72 27.99
CA THR F 541 12.35 -126.92 26.60
C THR F 541 11.31 -126.46 25.60
N TYR F 542 11.74 -125.83 24.52
CA TYR F 542 10.83 -125.41 23.44
C TYR F 542 11.25 -126.04 22.13
N LEU F 543 10.31 -126.66 21.43
CA LEU F 543 10.53 -127.18 20.07
C LEU F 543 10.34 -126.07 19.01
N GLU F 544 10.68 -126.34 17.75
CA GLU F 544 10.64 -125.37 16.62
C GLU F 544 9.22 -124.82 16.34
N GLY F 545 8.16 -125.63 16.47
CA GLY F 545 6.79 -125.21 16.20
C GLY F 545 6.34 -124.07 17.08
N ASN F 546 6.70 -124.07 18.36
CA ASN F 546 6.44 -122.92 19.27
C ASN F 546 7.21 -121.65 18.85
N MET F 547 8.43 -121.75 18.34
CA MET F 547 9.29 -120.56 18.08
C MET F 547 9.02 -119.79 16.78
N LEU F 548 9.33 -118.49 16.76
CA LEU F 548 9.25 -117.70 15.52
C LEU F 548 10.69 -117.48 15.06
N ILE F 549 11.10 -118.05 13.92
CA ILE F 549 12.53 -118.00 13.47
C ILE F 549 12.65 -117.16 12.19
N THR F 550 13.47 -116.13 12.22
CA THR F 550 13.72 -115.20 11.09
C THR F 550 14.69 -115.72 10.04
N SER F 551 14.60 -115.23 8.81
CA SER F 551 15.49 -115.59 7.68
C SER F 551 16.00 -114.29 7.06
N GLU F 552 17.26 -114.26 6.64
CA GLU F 552 17.91 -113.07 6.02
C GLU F 552 18.17 -113.37 4.53
N SER F 553 17.44 -114.29 3.90
CA SER F 553 17.68 -114.80 2.52
C SER F 553 17.62 -113.70 1.44
N GLU F 554 16.92 -112.59 1.65
CA GLU F 554 16.86 -111.43 0.71
C GLU F 554 18.26 -110.80 0.50
N THR F 555 19.13 -110.77 1.50
CA THR F 555 20.47 -110.14 1.46
C THR F 555 21.54 -111.07 0.84
N GLN F 556 21.20 -112.29 0.43
CA GLN F 556 22.13 -113.32 -0.10
C GLN F 556 22.87 -112.84 -1.37
N PRO F 557 22.28 -112.08 -2.33
CA PRO F 557 23.04 -111.50 -3.44
C PRO F 557 24.30 -110.67 -3.06
N VAL F 558 24.36 -110.00 -1.90
CA VAL F 558 25.57 -109.30 -1.34
C VAL F 558 26.13 -109.84 -0.01
N ASN F 559 25.54 -110.82 0.67
CA ASN F 559 26.01 -111.22 2.02
C ASN F 559 26.42 -112.68 1.99
N ARG F 560 27.60 -112.98 2.50
CA ARG F 560 28.10 -114.37 2.53
C ARG F 560 27.32 -115.26 3.52
N VAL F 561 27.18 -116.55 3.20
CA VAL F 561 26.50 -117.52 4.10
C VAL F 561 27.38 -117.92 5.32
N ALA F 562 26.81 -117.85 6.54
CA ALA F 562 27.50 -118.14 7.83
C ALA F 562 27.98 -119.59 7.98
N TYR F 563 27.18 -120.56 7.57
CA TYR F 563 27.54 -122.01 7.68
C TYR F 563 28.76 -122.39 6.81
N ASN F 564 28.90 -121.82 5.62
CA ASN F 564 29.99 -122.13 4.65
C ASN F 564 31.34 -121.43 4.91
N VAL F 565 32.45 -121.95 4.38
CA VAL F 565 33.80 -121.26 4.36
C VAL F 565 33.77 -120.01 3.47
N GLY F 566 34.46 -118.93 3.81
CA GLY F 566 34.57 -117.66 3.04
C GLY F 566 35.26 -117.66 1.67
N GLY F 567 36.37 -118.39 1.48
CA GLY F 567 37.16 -118.32 0.25
C GLY F 567 38.47 -119.06 0.41
N GLN F 568 39.40 -118.92 -0.54
CA GLN F 568 40.75 -119.55 -0.49
C GLN F 568 41.87 -118.53 -0.78
N MET F 569 43.07 -118.71 -0.20
CA MET F 569 44.27 -117.85 -0.41
C MET F 569 45.53 -118.73 -0.59
N ALA F 570 46.61 -118.22 -1.20
CA ALA F 570 47.89 -118.95 -1.41
C ALA F 570 48.66 -119.25 -0.10
N THR F 571 49.19 -120.46 0.01
CA THR F 571 49.91 -120.91 1.22
C THR F 571 51.39 -121.24 0.96
N ASN F 572 51.92 -121.00 -0.22
CA ASN F 572 53.29 -121.47 -0.58
C ASN F 572 53.87 -120.66 -1.73
N ASN F 573 55.13 -120.90 -2.05
CA ASN F 573 55.76 -120.32 -3.27
C ASN F 573 56.00 -121.47 -4.24
N GLN F 574 55.52 -121.36 -5.48
CA GLN F 574 55.73 -122.38 -6.56
C GLN F 574 57.20 -122.37 -7.04
N SER F 575 57.69 -123.50 -7.52
CA SER F 575 59.08 -123.64 -8.01
C SER F 575 59.07 -124.82 -8.99
N SER F 576 60.14 -125.04 -9.74
CA SER F 576 60.15 -126.25 -10.61
C SER F 576 60.01 -127.49 -9.73
N THR F 577 60.67 -127.56 -8.58
CA THR F 577 60.49 -128.64 -7.58
C THR F 577 59.11 -128.66 -6.94
N THR F 578 58.48 -127.52 -6.64
CA THR F 578 57.22 -127.49 -5.87
C THR F 578 55.98 -127.00 -6.61
N ALA F 579 54.90 -127.78 -6.59
CA ALA F 579 53.59 -127.36 -7.15
C ALA F 579 52.92 -126.28 -6.31
N PRO F 580 52.12 -125.37 -6.90
CA PRO F 580 51.36 -124.38 -6.14
C PRO F 580 50.25 -124.93 -5.23
N ALA F 581 49.99 -124.31 -4.07
CA ALA F 581 48.99 -124.78 -3.07
C ALA F 581 48.08 -123.66 -2.55
N THR F 582 46.85 -123.98 -2.17
CA THR F 582 45.89 -123.00 -1.59
C THR F 582 45.33 -123.51 -0.29
N GLY F 583 44.82 -122.60 0.55
CA GLY F 583 44.11 -123.00 1.78
C GLY F 583 42.82 -122.23 2.00
N THR F 584 41.77 -122.89 2.50
CA THR F 584 40.49 -122.20 2.87
C THR F 584 40.60 -121.41 4.16
N TYR F 585 39.81 -120.35 4.32
CA TYR F 585 39.74 -119.53 5.56
C TYR F 585 38.30 -119.56 6.17
N ASN F 586 38.15 -119.56 7.51
CA ASN F 586 36.82 -119.62 8.21
C ASN F 586 36.38 -118.23 8.70
N LEU F 587 37.26 -117.23 8.64
CA LEU F 587 36.91 -115.84 9.06
C LEU F 587 37.62 -114.79 8.19
N GLN F 588 36.98 -113.65 7.95
CA GLN F 588 37.60 -112.50 7.26
C GLN F 588 36.95 -111.23 7.80
N GLU F 589 37.62 -110.10 7.76
CA GLU F 589 37.12 -108.84 8.34
C GLU F 589 37.11 -107.80 7.22
N ILE F 590 36.83 -106.54 7.53
CA ILE F 590 36.67 -105.45 6.52
C ILE F 590 37.91 -105.22 5.66
N VAL F 591 37.69 -105.01 4.37
CA VAL F 591 38.76 -104.75 3.38
C VAL F 591 38.27 -103.51 2.61
N PRO F 592 39.14 -102.68 2.02
CA PRO F 592 38.68 -101.56 1.19
C PRO F 592 37.88 -102.02 -0.04
N GLY F 593 36.81 -101.30 -0.42
CA GLY F 593 35.89 -101.72 -1.50
C GLY F 593 34.80 -102.71 -1.06
N SER F 594 34.68 -102.97 0.23
CA SER F 594 33.66 -103.85 0.86
C SER F 594 32.23 -103.25 0.86
N VAL F 595 31.24 -104.06 0.48
CA VAL F 595 29.79 -103.65 0.46
C VAL F 595 28.97 -104.74 1.19
N TRP F 596 27.96 -104.35 1.96
CA TRP F 596 27.06 -105.31 2.66
C TRP F 596 25.70 -104.68 2.99
N MET F 597 24.74 -105.50 3.37
CA MET F 597 23.42 -105.05 3.86
C MET F 597 23.27 -105.34 5.36
N GLU F 598 22.77 -104.37 6.13
CA GLU F 598 22.49 -104.52 7.59
C GLU F 598 21.26 -105.42 7.84
N ARG F 599 21.15 -105.98 9.03
CA ARG F 599 20.00 -106.84 9.44
C ARG F 599 18.64 -106.11 9.36
N ASP F 600 17.59 -106.83 8.94
CA ASP F 600 16.21 -106.30 8.83
C ASP F 600 15.51 -106.08 10.18
N VAL F 601 14.67 -105.07 10.26
CA VAL F 601 13.77 -104.84 11.44
C VAL F 601 12.51 -105.74 11.37
N TYR F 602 11.92 -106.02 12.53
CA TYR F 602 10.69 -106.85 12.64
C TYR F 602 9.68 -106.08 13.46
N LEU F 603 8.39 -106.34 13.28
CA LEU F 603 7.32 -105.70 14.10
C LEU F 603 7.49 -106.11 15.59
N GLN F 604 7.81 -107.35 15.89
CA GLN F 604 8.16 -107.89 17.24
C GLN F 604 9.48 -107.31 17.80
N GLY F 605 10.43 -106.89 16.96
CA GLY F 605 11.74 -106.34 17.33
C GLY F 605 11.95 -104.92 17.84
N PRO F 606 13.16 -104.63 18.40
CA PRO F 606 13.57 -103.26 18.78
C PRO F 606 13.91 -102.13 17.81
N ILE F 607 13.47 -100.90 18.02
CA ILE F 607 13.91 -99.69 17.22
C ILE F 607 15.36 -99.16 17.39
N TRP F 608 15.87 -99.02 18.60
CA TRP F 608 17.16 -98.32 18.82
C TRP F 608 18.09 -98.95 19.86
N ALA F 609 19.37 -98.58 19.83
CA ALA F 609 20.36 -98.98 20.86
C ALA F 609 21.26 -97.77 21.11
N LYS F 610 21.78 -97.64 22.33
CA LYS F 610 22.74 -96.56 22.68
C LYS F 610 24.17 -96.95 22.30
N ILE F 611 24.88 -96.07 21.59
CA ILE F 611 26.33 -96.29 21.32
C ILE F 611 27.10 -96.10 22.64
N PRO F 612 28.02 -97.02 23.01
CA PRO F 612 28.82 -96.88 24.24
C PRO F 612 29.88 -95.79 24.19
N GLU F 613 30.13 -95.09 25.29
CA GLU F 613 31.09 -93.94 25.27
C GLU F 613 32.51 -94.39 25.64
N THR F 614 33.37 -94.61 24.64
CA THR F 614 34.76 -95.06 24.82
C THR F 614 35.71 -94.07 24.20
N GLY F 615 35.20 -93.21 23.34
CA GLY F 615 35.99 -92.29 22.51
C GLY F 615 36.44 -92.88 21.18
N ALA F 616 36.26 -94.18 20.92
CA ALA F 616 36.58 -94.78 19.61
C ALA F 616 35.56 -95.84 19.17
N HIS F 617 35.09 -95.81 17.94
CA HIS F 617 34.15 -96.84 17.41
C HIS F 617 34.25 -96.92 15.88
N PHE F 618 33.80 -98.03 15.31
CA PHE F 618 33.69 -98.14 13.83
C PHE F 618 32.29 -98.52 13.40
N HIS F 619 31.68 -97.82 12.43
CA HIS F 619 30.37 -98.17 11.79
C HIS F 619 29.32 -98.57 12.83
N PRO F 620 28.56 -97.61 13.38
CA PRO F 620 27.72 -97.89 14.55
C PRO F 620 26.27 -98.35 14.39
N SER F 621 26.13 -99.53 13.83
CA SER F 621 24.80 -100.13 13.62
C SER F 621 24.68 -101.32 14.57
N PRO F 622 23.65 -101.39 15.45
CA PRO F 622 23.55 -102.51 16.39
C PRO F 622 23.26 -103.90 15.80
N ALA F 623 23.82 -104.95 16.37
CA ALA F 623 23.70 -106.33 15.84
C ALA F 623 22.27 -106.89 15.80
N MET F 624 21.45 -106.65 16.81
CA MET F 624 20.03 -107.07 16.89
C MET F 624 19.21 -106.39 15.77
N GLY F 625 19.56 -105.18 15.38
CA GLY F 625 18.87 -104.42 14.34
C GLY F 625 18.54 -103.01 14.80
N GLY F 626 18.04 -102.16 13.91
CA GLY F 626 17.64 -100.79 14.27
C GLY F 626 18.62 -99.65 14.14
N PHE F 627 18.40 -98.59 14.88
CA PHE F 627 19.18 -97.33 14.77
C PHE F 627 20.10 -97.13 15.98
N GLY F 628 21.38 -96.85 15.72
CA GLY F 628 22.37 -96.62 16.78
C GLY F 628 22.46 -95.16 17.07
N LEU F 629 22.24 -94.78 18.32
CA LEU F 629 22.18 -93.34 18.66
C LEU F 629 23.18 -92.92 19.73
N LYS F 630 23.94 -91.86 19.50
CA LYS F 630 24.80 -91.25 20.54
C LYS F 630 23.95 -90.66 21.69
N HIS F 631 22.84 -90.00 21.36
CA HIS F 631 21.93 -89.42 22.38
C HIS F 631 20.54 -90.02 22.21
N PRO F 632 20.28 -91.18 22.84
CA PRO F 632 19.01 -91.88 22.75
C PRO F 632 17.81 -91.29 23.49
N PRO F 633 16.55 -91.66 23.19
CA PRO F 633 15.45 -91.13 23.97
C PRO F 633 15.70 -91.52 25.44
N PRO F 634 15.58 -90.58 26.40
CA PRO F 634 15.96 -90.82 27.79
C PRO F 634 15.19 -91.74 28.73
N MET F 635 15.87 -92.33 29.71
CA MET F 635 15.23 -93.17 30.76
C MET F 635 14.17 -92.40 31.58
N MET F 636 12.99 -92.99 31.73
CA MET F 636 11.86 -92.38 32.49
C MET F 636 11.62 -93.25 33.73
N LEU F 637 11.72 -92.67 34.91
CA LEU F 637 11.69 -93.42 36.19
C LEU F 637 10.53 -92.95 37.08
N ILE F 638 9.79 -93.90 37.64
CA ILE F 638 8.63 -93.60 38.52
C ILE F 638 8.72 -94.41 39.83
N LYS F 639 8.40 -93.78 40.95
CA LYS F 639 8.34 -94.52 42.25
C LYS F 639 7.12 -94.09 43.09
N ASN F 640 6.70 -94.96 43.99
CA ASN F 640 5.66 -94.61 45.00
C ASN F 640 6.37 -93.96 46.20
N THR F 641 5.94 -92.80 46.66
CA THR F 641 6.51 -92.16 47.86
C THR F 641 6.26 -92.99 49.12
N PRO F 642 7.29 -93.22 49.98
CA PRO F 642 7.08 -93.88 51.25
C PRO F 642 6.08 -93.18 52.17
N VAL F 643 5.11 -93.94 52.64
CA VAL F 643 4.15 -93.37 53.63
C VAL F 643 4.32 -94.19 54.92
N PRO F 644 4.75 -93.55 56.02
CA PRO F 644 4.94 -94.25 57.29
C PRO F 644 3.79 -94.83 58.13
N GLY F 645 4.01 -95.94 58.83
CA GLY F 645 3.09 -96.56 59.80
C GLY F 645 3.17 -95.83 61.14
N ASN F 646 2.33 -96.14 62.11
CA ASN F 646 2.29 -95.32 63.36
C ASN F 646 3.60 -95.41 64.15
N ILE F 647 4.18 -94.26 64.48
CA ILE F 647 5.45 -94.22 65.28
C ILE F 647 5.15 -93.38 66.52
N THR F 648 5.41 -93.91 67.71
CA THR F 648 5.04 -93.21 68.97
C THR F 648 6.25 -92.70 69.73
N SER F 649 7.46 -93.12 69.36
CA SER F 649 8.69 -92.76 70.11
C SER F 649 9.81 -92.30 69.16
N PHE F 650 10.72 -91.45 69.61
CA PHE F 650 11.90 -91.01 68.84
C PHE F 650 13.04 -92.02 68.74
N SER F 651 13.62 -92.21 67.55
CA SER F 651 14.87 -92.98 67.41
C SER F 651 15.76 -92.32 66.36
N ASP F 652 17.07 -92.34 66.54
CA ASP F 652 18.05 -91.96 65.50
C ASP F 652 17.97 -92.97 64.35
N VAL F 653 17.73 -94.26 64.67
CA VAL F 653 17.63 -95.34 63.64
C VAL F 653 16.45 -95.08 62.69
N PRO F 654 16.65 -95.21 61.35
CA PRO F 654 15.61 -94.96 60.35
C PRO F 654 14.36 -95.85 60.40
N VAL F 655 13.21 -95.27 60.08
CA VAL F 655 11.93 -96.04 60.09
C VAL F 655 11.92 -97.16 59.04
N SER F 656 11.51 -98.34 59.46
CA SER F 656 11.39 -99.54 58.60
C SER F 656 9.92 -99.96 58.46
N SER F 657 8.97 -99.24 59.05
CA SER F 657 7.53 -99.63 59.04
C SER F 657 6.72 -98.63 58.20
N PHE F 658 6.06 -99.15 57.16
CA PHE F 658 5.35 -98.26 56.19
C PHE F 658 4.02 -98.85 55.85
N ILE F 659 3.04 -98.03 55.50
CA ILE F 659 1.75 -98.58 54.97
C ILE F 659 1.95 -99.20 53.57
N THR F 660 1.31 -100.33 53.24
CA THR F 660 1.43 -101.01 51.91
C THR F 660 0.55 -100.35 50.84
N GLN F 661 1.16 -99.99 49.70
CA GLN F 661 0.49 -99.18 48.64
C GLN F 661 0.90 -99.56 47.21
N TYR F 662 0.06 -99.28 46.21
CA TYR F 662 0.36 -99.52 44.77
C TYR F 662 -0.22 -98.36 43.97
N SER F 663 0.26 -98.14 42.76
CA SER F 663 -0.27 -97.06 41.88
C SER F 663 -0.72 -97.57 40.49
N THR F 664 -1.67 -96.86 39.88
CA THR F 664 -2.18 -97.20 38.53
C THR F 664 -2.42 -95.92 37.73
N GLY F 665 -2.37 -95.97 36.40
CA GLY F 665 -2.65 -94.82 35.54
C GLY F 665 -2.65 -95.10 34.05
N GLN F 666 -2.66 -94.05 33.24
CA GLN F 666 -2.58 -94.13 31.75
C GLN F 666 -1.33 -93.41 31.18
N VAL F 667 -0.72 -93.99 30.14
CA VAL F 667 0.45 -93.38 29.45
C VAL F 667 0.16 -93.23 27.94
N THR F 668 0.49 -92.08 27.35
CA THR F 668 0.37 -91.87 25.91
C THR F 668 1.73 -91.59 25.27
N VAL F 669 2.09 -92.27 24.17
CA VAL F 669 3.33 -91.98 23.37
C VAL F 669 2.97 -91.57 21.92
N GLU F 670 3.50 -90.45 21.45
CA GLU F 670 3.29 -89.95 20.07
C GLU F 670 4.64 -89.92 19.34
N MET F 671 4.73 -90.53 18.17
CA MET F 671 5.98 -90.59 17.37
C MET F 671 5.79 -90.14 15.92
N GLU F 672 6.76 -89.40 15.40
CA GLU F 672 6.75 -88.95 13.99
C GLU F 672 7.81 -89.72 13.19
N TRP F 673 7.46 -90.17 12.00
CA TRP F 673 8.37 -90.95 11.13
C TRP F 673 8.51 -90.31 9.75
N GLU F 674 9.72 -90.32 9.19
CA GLU F 674 9.96 -89.83 7.81
C GLU F 674 10.05 -91.03 6.86
N LEU F 675 9.39 -90.94 5.71
CA LEU F 675 9.30 -92.04 4.72
C LEU F 675 10.07 -91.75 3.43
N LYS F 676 10.71 -92.77 2.85
CA LYS F 676 11.34 -92.61 1.51
C LYS F 676 10.49 -93.39 0.48
N LYS F 677 10.00 -92.69 -0.54
CA LYS F 677 9.18 -93.28 -1.64
C LYS F 677 9.90 -94.18 -2.66
N GLU F 678 9.24 -95.24 -3.11
CA GLU F 678 9.77 -96.08 -4.21
C GLU F 678 9.73 -95.32 -5.56
N ASN F 679 10.73 -95.46 -6.41
CA ASN F 679 10.81 -94.84 -7.78
C ASN F 679 11.14 -95.92 -8.83
N SER F 680 10.58 -97.12 -8.73
CA SER F 680 10.90 -98.28 -9.62
C SER F 680 10.45 -98.17 -11.09
N LYS F 681 11.26 -98.70 -12.02
CA LYS F 681 10.90 -98.81 -13.45
C LYS F 681 10.64 -100.28 -13.84
N ARG F 682 10.56 -101.22 -12.90
CA ARG F 682 10.23 -102.68 -13.12
C ARG F 682 8.82 -102.92 -13.72
N TRP F 683 8.72 -103.47 -14.92
CA TRP F 683 7.45 -103.77 -15.64
C TRP F 683 6.56 -104.84 -15.01
N ASN F 684 7.15 -105.93 -14.59
CA ASN F 684 6.46 -107.09 -13.98
C ASN F 684 6.04 -106.84 -12.53
N PRO F 685 4.99 -107.54 -12.04
CA PRO F 685 4.58 -107.44 -10.64
C PRO F 685 5.53 -107.96 -9.53
N GLU F 686 5.63 -107.23 -8.43
CA GLU F 686 6.44 -107.57 -7.23
C GLU F 686 5.86 -108.51 -6.15
N ILE F 687 6.71 -109.06 -5.30
CA ILE F 687 6.29 -109.81 -4.08
C ILE F 687 5.73 -108.86 -3.00
N GLN F 688 4.67 -109.26 -2.29
CA GLN F 688 3.99 -108.45 -1.23
C GLN F 688 3.60 -109.31 -0.04
N TYR F 689 3.58 -108.76 1.18
CA TYR F 689 3.04 -109.47 2.36
C TYR F 689 1.50 -109.53 2.23
N THR F 690 0.93 -110.71 2.44
CA THR F 690 -0.52 -110.90 2.30
C THR F 690 -1.04 -111.75 3.43
N ASN F 691 -2.33 -111.62 3.73
CA ASN F 691 -2.98 -112.53 4.70
C ASN F 691 -3.38 -113.74 3.88
N ASN F 692 -2.72 -114.86 4.03
CA ASN F 692 -2.93 -116.04 3.17
C ASN F 692 -2.83 -117.29 4.05
N TYR F 693 -3.93 -118.02 4.18
CA TYR F 693 -3.99 -119.18 5.11
C TYR F 693 -4.85 -120.22 4.41
N ASN F 694 -4.56 -121.50 4.59
CA ASN F 694 -5.45 -122.55 4.01
C ASN F 694 -6.36 -123.16 5.09
N ASP F 695 -7.68 -123.13 4.90
CA ASP F 695 -8.71 -123.66 5.87
C ASP F 695 -8.54 -123.10 7.30
N PRO F 696 -8.44 -121.77 7.52
CA PRO F 696 -8.18 -121.26 8.87
C PRO F 696 -9.20 -121.53 9.99
N GLN F 697 -8.71 -121.92 11.17
CA GLN F 697 -9.61 -122.20 12.34
C GLN F 697 -9.70 -120.99 13.27
N PHE F 698 -8.93 -119.94 13.01
CA PHE F 698 -8.90 -118.73 13.86
C PHE F 698 -8.45 -117.62 12.97
N VAL F 699 -8.65 -116.40 13.38
CA VAL F 699 -8.06 -115.26 12.65
C VAL F 699 -6.75 -114.90 13.37
N ASP F 700 -5.65 -114.87 12.66
CA ASP F 700 -4.33 -114.40 13.18
C ASP F 700 -4.36 -112.89 13.46
N PHE F 701 -3.60 -112.39 14.46
CA PHE F 701 -3.57 -110.96 14.92
C PHE F 701 -4.93 -110.52 15.46
N ALA F 702 -5.61 -111.40 16.16
CA ALA F 702 -6.94 -111.14 16.75
C ALA F 702 -7.04 -111.88 18.07
N PRO F 703 -7.96 -111.48 18.99
CA PRO F 703 -8.24 -112.27 20.19
C PRO F 703 -8.94 -113.62 19.98
N ASP F 704 -8.71 -114.59 20.85
CA ASP F 704 -9.43 -115.90 20.77
C ASP F 704 -10.67 -115.96 21.67
N SER F 705 -11.27 -117.15 21.81
CA SER F 705 -12.50 -117.34 22.63
C SER F 705 -12.23 -116.99 24.11
N THR F 706 -11.07 -117.31 24.66
CA THR F 706 -10.63 -116.89 26.03
C THR F 706 -10.23 -115.42 26.12
N GLY F 707 -10.02 -114.70 25.02
CA GLY F 707 -9.51 -113.31 25.04
C GLY F 707 -8.01 -113.12 24.89
N GLU F 708 -7.25 -114.16 24.61
CA GLU F 708 -5.78 -114.07 24.41
C GLU F 708 -5.39 -113.76 22.95
N TYR F 709 -4.55 -112.75 22.74
CA TYR F 709 -4.07 -112.34 21.39
C TYR F 709 -3.18 -113.39 20.72
N ARG F 710 -3.36 -113.58 19.42
CA ARG F 710 -2.59 -114.58 18.66
C ARG F 710 -1.71 -113.89 17.62
N SER F 711 -0.41 -114.19 17.60
CA SER F 711 0.56 -113.63 16.61
C SER F 711 1.46 -114.75 16.07
N THR F 712 0.99 -115.61 15.19
CA THR F 712 1.71 -116.78 14.59
C THR F 712 2.95 -116.45 13.76
N ARG F 713 2.99 -115.36 13.00
CA ARG F 713 4.10 -115.09 12.04
C ARG F 713 5.00 -113.88 12.34
N PRO F 714 6.35 -113.99 12.21
CA PRO F 714 7.24 -112.83 12.26
C PRO F 714 7.22 -111.94 11.00
N ILE F 715 7.18 -110.61 11.09
CA ILE F 715 7.12 -109.83 9.81
C ILE F 715 8.31 -108.88 9.62
N GLY F 716 9.04 -109.05 8.51
CA GLY F 716 10.17 -108.20 8.08
C GLY F 716 9.74 -107.06 7.21
N THR F 717 10.67 -106.21 6.82
CA THR F 717 10.38 -105.06 5.93
C THR F 717 10.73 -105.22 4.45
N ARG F 718 11.41 -106.27 3.97
CA ARG F 718 11.90 -106.26 2.55
C ARG F 718 11.06 -107.11 1.57
N TYR F 719 10.19 -106.45 0.79
CA TYR F 719 9.32 -107.11 -0.21
C TYR F 719 9.58 -106.49 -1.58
N LEU F 720 9.92 -105.21 -1.59
CA LEU F 720 10.27 -104.46 -2.82
C LEU F 720 11.69 -104.81 -3.30
N THR F 721 11.95 -104.60 -4.57
CA THR F 721 13.22 -104.99 -5.19
C THR F 721 13.83 -103.78 -5.88
N ARG F 722 15.15 -103.67 -5.85
CA ARG F 722 15.85 -102.60 -6.58
C ARG F 722 17.07 -103.14 -7.31
N PRO F 723 17.47 -102.60 -8.49
CA PRO F 723 18.74 -102.95 -9.14
C PRO F 723 19.98 -102.42 -8.39
N LEU F 724 21.12 -103.11 -8.47
CA LEU F 724 22.35 -102.71 -7.73
C LEU F 724 22.91 -101.38 -8.25
N ASP G 209 16.59 -79.11 -38.80
CA ASP G 209 16.33 -78.11 -39.88
C ASP G 209 16.14 -78.79 -41.24
N GLY G 210 17.19 -79.33 -41.87
CA GLY G 210 17.00 -79.81 -43.26
C GLY G 210 17.90 -80.91 -43.76
N VAL G 211 17.54 -81.50 -44.91
CA VAL G 211 18.35 -82.54 -45.60
C VAL G 211 19.73 -82.01 -46.02
N GLY G 212 19.84 -80.77 -46.49
CA GLY G 212 21.10 -80.19 -46.99
C GLY G 212 21.91 -79.44 -45.98
N ASN G 213 21.48 -79.40 -44.73
CA ASN G 213 22.18 -78.57 -43.71
C ASN G 213 22.83 -79.44 -42.64
N ALA G 214 24.09 -79.19 -42.32
CA ALA G 214 24.82 -79.93 -41.26
C ALA G 214 24.41 -79.54 -39.83
N SER G 215 24.09 -80.50 -38.98
CA SER G 215 23.71 -80.37 -37.54
C SER G 215 24.85 -79.91 -36.61
N GLY G 216 26.09 -80.30 -36.85
CA GLY G 216 27.26 -79.94 -36.02
C GLY G 216 28.60 -79.98 -36.70
N ASP G 217 29.66 -79.57 -36.01
CA ASP G 217 31.06 -79.52 -36.52
C ASP G 217 32.04 -80.38 -35.72
N TRP G 218 33.17 -80.77 -36.32
CA TRP G 218 34.23 -81.59 -35.68
C TRP G 218 35.08 -80.79 -34.69
N HIS G 219 35.14 -81.23 -33.44
CA HIS G 219 36.04 -80.62 -32.44
C HIS G 219 36.93 -81.67 -31.78
N CYS G 220 38.25 -81.67 -32.02
CA CYS G 220 39.18 -82.57 -31.30
C CYS G 220 40.32 -81.69 -30.77
N ASP G 221 40.39 -81.42 -29.47
CA ASP G 221 41.41 -80.48 -28.93
C ASP G 221 41.71 -80.58 -27.44
N SER G 222 42.83 -80.05 -26.97
CA SER G 222 43.14 -79.90 -25.52
C SER G 222 43.48 -78.43 -25.25
N THR G 223 42.94 -77.82 -24.21
CA THR G 223 43.32 -76.45 -23.79
C THR G 223 43.79 -76.48 -22.35
N TRP G 224 44.98 -75.95 -22.08
CA TRP G 224 45.57 -75.91 -20.71
C TRP G 224 45.52 -74.48 -20.19
N MET G 225 44.86 -74.26 -19.06
CA MET G 225 44.70 -72.90 -18.47
C MET G 225 45.00 -72.87 -16.96
N GLY G 226 46.26 -72.86 -16.52
CA GLY G 226 46.57 -72.93 -15.07
C GLY G 226 46.14 -74.23 -14.41
N ASP G 227 45.29 -74.17 -13.40
CA ASP G 227 44.78 -75.35 -12.64
C ASP G 227 43.79 -76.22 -13.45
N ARG G 228 43.29 -75.76 -14.59
CA ARG G 228 42.25 -76.49 -15.38
C ARG G 228 42.72 -76.95 -16.76
N VAL G 229 42.36 -78.16 -17.17
CA VAL G 229 42.60 -78.64 -18.57
C VAL G 229 41.22 -79.06 -19.14
N VAL G 230 40.90 -78.66 -20.38
CA VAL G 230 39.64 -79.07 -21.09
C VAL G 230 39.99 -80.00 -22.25
N THR G 231 39.33 -81.16 -22.34
CA THR G 231 39.55 -82.13 -23.45
C THR G 231 38.31 -82.23 -24.34
N LYS G 232 38.47 -82.16 -25.66
CA LYS G 232 37.38 -82.34 -26.65
C LYS G 232 37.70 -83.54 -27.55
N SER G 233 36.75 -84.45 -27.76
CA SER G 233 36.93 -85.65 -28.60
C SER G 233 35.75 -85.85 -29.55
N THR G 234 35.99 -86.07 -30.84
CA THR G 234 34.94 -86.35 -31.85
C THR G 234 35.20 -87.68 -32.53
N ARG G 235 34.17 -88.52 -32.67
CA ARG G 235 34.26 -89.83 -33.37
C ARG G 235 33.07 -90.09 -34.32
N THR G 236 33.24 -91.00 -35.28
CA THR G 236 32.17 -91.46 -36.19
C THR G 236 31.74 -92.86 -35.76
N TRP G 237 30.44 -93.09 -35.59
CA TRP G 237 29.85 -94.37 -35.12
C TRP G 237 28.86 -95.02 -36.11
N VAL G 238 28.69 -96.33 -36.02
CA VAL G 238 27.69 -97.09 -36.81
C VAL G 238 26.74 -97.85 -35.83
N LEU G 239 25.43 -97.82 -36.10
CA LEU G 239 24.45 -98.61 -35.28
C LEU G 239 23.73 -99.71 -36.05
N PRO G 240 23.90 -101.00 -35.67
CA PRO G 240 23.11 -102.09 -36.22
C PRO G 240 21.68 -102.19 -35.69
N SER G 241 20.77 -102.82 -36.43
CA SER G 241 19.42 -103.09 -35.85
C SER G 241 19.49 -104.44 -35.10
N TYR G 242 19.76 -104.42 -33.80
CA TYR G 242 19.98 -105.66 -32.99
C TYR G 242 18.71 -106.42 -32.62
N ASN G 243 18.69 -107.73 -32.78
CA ASN G 243 17.58 -108.62 -32.32
C ASN G 243 16.40 -108.56 -33.28
N ASN G 244 16.52 -107.88 -34.43
CA ASN G 244 15.42 -107.66 -35.41
C ASN G 244 14.21 -107.01 -34.72
N HIS G 245 14.43 -105.99 -33.88
CA HIS G 245 13.35 -105.22 -33.19
C HIS G 245 12.64 -105.98 -32.06
N GLN G 246 13.32 -106.95 -31.44
CA GLN G 246 12.70 -107.80 -30.40
C GLN G 246 13.53 -107.90 -29.10
N TYR G 247 12.91 -108.22 -27.98
CA TYR G 247 13.58 -108.42 -26.67
C TYR G 247 13.66 -109.91 -26.48
N ARG G 248 14.82 -110.43 -26.12
CA ARG G 248 15.00 -111.90 -25.98
C ARG G 248 15.46 -112.32 -24.58
N GLU G 249 14.82 -113.36 -24.02
CA GLU G 249 15.29 -113.92 -22.73
C GLU G 249 16.59 -114.72 -22.97
N ILE G 250 17.61 -114.47 -22.17
CA ILE G 250 18.96 -115.09 -22.32
C ILE G 250 19.33 -115.81 -21.01
N LYS G 251 20.02 -116.93 -21.10
CA LYS G 251 20.31 -117.71 -19.87
C LYS G 251 21.51 -118.63 -20.06
N SER G 252 22.18 -118.99 -18.97
CA SER G 252 23.26 -120.00 -19.06
C SER G 252 23.25 -121.01 -17.91
N GLY G 253 23.60 -122.26 -18.16
CA GLY G 253 23.91 -123.27 -17.13
C GLY G 253 25.42 -123.26 -16.82
N SER G 254 25.93 -124.23 -16.07
CA SER G 254 27.38 -124.36 -15.74
C SER G 254 28.26 -124.58 -17.00
N VAL G 255 29.39 -123.88 -17.12
CA VAL G 255 30.27 -123.97 -18.32
C VAL G 255 31.74 -123.98 -17.85
N ASP G 256 32.62 -124.70 -18.54
CA ASP G 256 34.08 -124.80 -18.19
C ASP G 256 34.23 -125.37 -16.78
N GLY G 257 33.31 -126.23 -16.36
CA GLY G 257 33.34 -126.81 -15.01
C GLY G 257 32.79 -125.92 -13.90
N SER G 258 32.22 -124.74 -14.17
CA SER G 258 31.81 -123.88 -13.02
C SER G 258 30.34 -123.44 -13.01
N ASN G 259 29.64 -123.61 -11.88
CA ASN G 259 28.25 -123.09 -11.64
C ASN G 259 28.22 -121.56 -11.44
N ALA G 260 29.35 -120.90 -11.14
CA ALA G 260 29.49 -119.43 -10.99
C ALA G 260 29.21 -118.79 -12.36
N ASN G 261 29.45 -119.52 -13.43
CA ASN G 261 29.11 -119.17 -14.85
C ASN G 261 27.60 -119.03 -15.11
N ALA G 262 26.70 -119.79 -14.47
CA ALA G 262 25.22 -119.74 -14.66
C ALA G 262 24.57 -118.37 -14.39
N TYR G 263 23.62 -117.95 -15.22
CA TYR G 263 22.90 -116.65 -15.11
C TYR G 263 21.53 -116.71 -15.80
N PHE G 264 20.62 -115.79 -15.46
CA PHE G 264 19.32 -115.59 -16.13
C PHE G 264 19.27 -114.08 -16.51
N GLY G 265 18.86 -113.73 -17.72
CA GLY G 265 18.88 -112.34 -18.20
C GLY G 265 18.04 -111.98 -19.42
N TYR G 266 18.08 -110.70 -19.81
CA TYR G 266 17.41 -110.20 -21.03
C TYR G 266 18.39 -109.52 -22.03
N SER G 267 18.22 -109.74 -23.33
CA SER G 267 18.98 -109.01 -24.40
C SER G 267 18.00 -108.00 -25.04
N THR G 268 18.48 -106.84 -25.43
CA THR G 268 17.60 -105.75 -25.91
C THR G 268 17.92 -105.26 -27.31
N PRO G 269 16.96 -104.63 -28.01
CA PRO G 269 17.16 -104.00 -29.31
C PRO G 269 18.11 -102.79 -29.35
N TRP G 270 18.30 -102.07 -28.26
CA TRP G 270 19.12 -100.86 -28.08
C TRP G 270 20.65 -101.02 -28.03
N GLY G 271 21.36 -99.93 -28.31
CA GLY G 271 22.82 -99.83 -28.21
C GLY G 271 23.16 -98.64 -27.33
N TYR G 272 24.37 -98.61 -26.79
CA TYR G 272 24.76 -97.54 -25.83
C TYR G 272 26.14 -96.95 -26.16
N PHE G 273 26.40 -95.73 -25.69
CA PHE G 273 27.72 -95.04 -25.84
C PHE G 273 28.53 -95.14 -24.53
N ASP G 274 29.77 -95.61 -24.56
CA ASP G 274 30.69 -95.75 -23.40
C ASP G 274 31.95 -94.88 -23.59
N PHE G 275 32.24 -94.00 -22.64
CA PHE G 275 33.47 -93.17 -22.66
C PHE G 275 34.40 -93.45 -21.45
N ASN G 276 34.25 -94.53 -20.68
CA ASN G 276 35.07 -94.73 -19.45
C ASN G 276 36.45 -95.36 -19.76
N ARG G 277 37.26 -94.73 -20.60
CA ARG G 277 38.67 -95.10 -20.85
C ARG G 277 39.42 -93.76 -21.02
N PHE G 278 40.63 -93.62 -20.48
CA PHE G 278 41.47 -92.37 -20.58
C PHE G 278 41.89 -92.03 -22.04
N HIS G 279 42.24 -93.01 -22.87
CA HIS G 279 42.70 -92.87 -24.29
C HIS G 279 41.56 -92.25 -25.14
N SER G 280 40.31 -92.39 -24.73
CA SER G 280 39.12 -91.76 -25.37
C SER G 280 39.22 -90.21 -25.29
N HIS G 281 39.73 -89.65 -24.21
CA HIS G 281 39.90 -88.18 -24.00
C HIS G 281 41.34 -87.66 -24.11
N TRP G 282 42.36 -88.50 -24.05
CA TRP G 282 43.76 -88.02 -23.92
C TRP G 282 44.69 -88.50 -25.01
N SER G 283 45.41 -87.57 -25.64
CA SER G 283 46.49 -87.93 -26.60
C SER G 283 47.69 -88.49 -25.80
N PRO G 284 48.55 -89.31 -26.40
CA PRO G 284 49.74 -89.78 -25.70
C PRO G 284 50.70 -88.66 -25.29
N ARG G 285 50.91 -87.63 -26.10
CA ARG G 285 51.72 -86.45 -25.70
C ARG G 285 51.09 -85.65 -24.53
N ASP G 286 49.79 -85.43 -24.52
CA ASP G 286 49.04 -84.72 -23.43
C ASP G 286 49.13 -85.49 -22.11
N TRP G 287 49.04 -86.81 -22.16
CA TRP G 287 49.19 -87.67 -20.97
C TRP G 287 50.60 -87.57 -20.36
N GLN G 288 51.65 -87.50 -21.18
CA GLN G 288 53.05 -87.29 -20.75
C GLN G 288 53.24 -85.94 -20.07
N ARG G 289 52.60 -84.90 -20.57
CA ARG G 289 52.65 -83.56 -19.96
C ARG G 289 52.04 -83.56 -18.54
N LEU G 290 50.91 -84.22 -18.33
CA LEU G 290 50.33 -84.38 -16.97
C LEU G 290 51.12 -85.23 -15.95
N ILE G 291 51.63 -86.39 -16.33
CA ILE G 291 52.36 -87.34 -15.44
C ILE G 291 53.69 -86.73 -14.96
N ASN G 292 54.39 -86.03 -15.84
CA ASN G 292 55.66 -85.32 -15.56
C ASN G 292 55.54 -84.13 -14.60
N ASN G 293 54.46 -83.33 -14.63
CA ASN G 293 54.38 -82.04 -13.90
C ASN G 293 53.36 -81.84 -12.78
N TYR G 294 52.52 -82.80 -12.44
CA TYR G 294 51.42 -82.56 -11.45
C TYR G 294 51.32 -83.61 -10.36
N TRP G 295 51.07 -83.21 -9.12
CA TRP G 295 50.77 -84.14 -7.98
C TRP G 295 49.44 -84.93 -8.11
N GLY G 296 48.38 -84.29 -8.61
CA GLY G 296 47.06 -84.93 -8.69
C GLY G 296 46.13 -84.38 -9.73
N PHE G 297 45.09 -85.14 -10.06
CA PHE G 297 44.03 -84.67 -11.01
C PHE G 297 42.65 -85.21 -10.58
N ARG G 298 41.55 -84.53 -10.92
CA ARG G 298 40.14 -85.02 -10.69
C ARG G 298 39.16 -84.56 -11.81
N PRO G 299 38.11 -85.32 -12.19
CA PRO G 299 37.05 -84.84 -13.10
C PRO G 299 36.03 -83.82 -12.54
N ARG G 300 35.58 -82.85 -13.33
CA ARG G 300 34.64 -81.78 -12.87
C ARG G 300 33.34 -81.75 -13.68
N SER G 301 33.42 -81.69 -15.01
CA SER G 301 32.21 -81.53 -15.86
C SER G 301 32.23 -82.38 -17.13
N LEU G 302 31.05 -82.77 -17.61
CA LEU G 302 30.92 -83.52 -18.90
C LEU G 302 29.84 -82.91 -19.83
N ARG G 303 30.11 -82.76 -21.12
CA ARG G 303 29.10 -82.33 -22.14
C ARG G 303 29.09 -83.34 -23.32
N VAL G 304 27.91 -83.81 -23.75
CA VAL G 304 27.77 -84.75 -24.91
C VAL G 304 26.84 -84.22 -26.03
N LYS G 305 27.25 -84.30 -27.29
CA LYS G 305 26.41 -83.96 -28.47
C LYS G 305 26.36 -85.12 -29.50
N ILE G 306 25.17 -85.48 -30.00
CA ILE G 306 24.98 -86.49 -31.09
C ILE G 306 24.38 -85.76 -32.32
N PHE G 307 24.96 -85.89 -33.52
CA PHE G 307 24.62 -85.06 -34.71
C PHE G 307 24.96 -85.71 -36.07
N ASN G 308 24.54 -85.11 -37.19
CA ASN G 308 24.79 -85.57 -38.60
C ASN G 308 24.27 -86.98 -38.87
N ILE G 309 23.07 -87.26 -38.37
CA ILE G 309 22.43 -88.59 -38.47
C ILE G 309 22.09 -88.99 -39.93
N GLN G 310 22.36 -90.24 -40.29
CA GLN G 310 22.07 -90.78 -41.63
C GLN G 310 21.48 -92.19 -41.51
N VAL G 311 20.27 -92.40 -42.00
CA VAL G 311 19.58 -93.72 -41.93
C VAL G 311 19.62 -94.34 -43.33
N LYS G 312 20.03 -95.60 -43.42
CA LYS G 312 20.19 -96.33 -44.70
C LYS G 312 19.33 -97.59 -44.75
N GLU G 313 18.74 -97.89 -45.91
CA GLU G 313 17.95 -99.12 -46.09
C GLU G 313 18.73 -100.10 -46.99
N VAL G 314 18.78 -101.36 -46.59
CA VAL G 314 19.54 -102.38 -47.34
C VAL G 314 18.52 -103.34 -47.97
N THR G 315 18.65 -103.59 -49.26
CA THR G 315 17.72 -104.48 -49.98
C THR G 315 18.48 -105.52 -50.75
N VAL G 316 18.01 -106.77 -50.74
CA VAL G 316 18.68 -107.80 -51.58
C VAL G 316 17.71 -108.36 -52.63
N GLN G 317 18.05 -108.31 -53.92
CA GLN G 317 17.25 -109.01 -54.95
C GLN G 317 18.23 -109.93 -55.70
N ASP G 318 18.02 -111.24 -55.63
CA ASP G 318 18.88 -112.18 -56.41
C ASP G 318 20.37 -111.94 -56.10
N SER G 319 20.73 -111.64 -54.84
CA SER G 319 22.15 -111.50 -54.41
C SER G 319 22.81 -110.14 -54.75
N THR G 320 22.10 -109.15 -55.31
CA THR G 320 22.67 -107.80 -55.57
C THR G 320 23.09 -107.01 -54.33
N THR G 321 22.34 -107.01 -53.22
CA THR G 321 22.63 -106.18 -52.00
C THR G 321 22.77 -104.65 -52.20
N THR G 322 21.83 -103.96 -52.87
CA THR G 322 21.84 -102.47 -52.96
C THR G 322 21.61 -101.75 -51.61
N ILE G 323 22.28 -100.62 -51.38
CA ILE G 323 22.13 -99.77 -50.16
C ILE G 323 21.65 -98.35 -50.54
N ALA G 324 20.64 -97.81 -49.86
CA ALA G 324 20.08 -96.47 -50.19
C ALA G 324 19.72 -95.64 -48.96
N ASN G 325 19.71 -94.32 -49.08
CA ASN G 325 19.25 -93.41 -48.00
C ASN G 325 17.75 -93.43 -47.78
N ASN G 326 17.28 -93.43 -46.53
CA ASN G 326 15.83 -93.22 -46.24
C ASN G 326 15.74 -91.91 -45.47
N LEU G 327 15.23 -90.84 -46.08
CA LEU G 327 15.07 -89.48 -45.48
C LEU G 327 14.08 -89.39 -44.32
N THR G 328 12.97 -90.10 -44.41
CA THR G 328 11.86 -90.01 -43.42
C THR G 328 12.03 -90.94 -42.20
N SER G 329 13.03 -91.81 -42.16
CA SER G 329 13.31 -92.72 -41.00
C SER G 329 13.87 -92.00 -39.75
N THR G 330 13.64 -92.55 -38.56
CA THR G 330 14.02 -91.91 -37.27
C THR G 330 14.96 -92.74 -36.40
N VAL G 331 15.69 -92.08 -35.52
CA VAL G 331 16.55 -92.72 -34.48
C VAL G 331 15.97 -92.25 -33.14
N GLN G 332 15.99 -93.08 -32.09
CA GLN G 332 15.48 -92.75 -30.72
C GLN G 332 16.60 -92.71 -29.65
N VAL G 333 16.69 -91.63 -28.89
CA VAL G 333 17.78 -91.40 -27.89
C VAL G 333 17.24 -91.00 -26.51
N PHE G 334 17.81 -91.55 -25.42
CA PHE G 334 17.46 -91.15 -24.01
C PHE G 334 18.64 -91.31 -23.02
N THR G 335 18.59 -90.61 -21.91
CA THR G 335 19.57 -90.75 -20.79
C THR G 335 18.86 -91.24 -19.54
N ASP G 336 19.44 -92.23 -18.83
CA ASP G 336 18.86 -92.77 -17.56
C ASP G 336 19.30 -91.95 -16.34
N ASP G 337 18.72 -90.79 -16.14
CA ASP G 337 19.08 -89.82 -15.06
C ASP G 337 18.87 -90.29 -13.59
N ASP G 338 17.81 -91.03 -13.29
CA ASP G 338 17.46 -91.47 -11.91
C ASP G 338 18.02 -92.86 -11.56
N TYR G 339 18.80 -93.49 -12.44
CA TYR G 339 19.51 -94.80 -12.19
C TYR G 339 18.53 -95.95 -11.98
N GLN G 340 17.37 -95.89 -12.61
CA GLN G 340 16.36 -96.97 -12.59
C GLN G 340 16.86 -98.25 -13.28
N LEU G 341 17.57 -98.14 -14.38
CA LEU G 341 18.16 -99.29 -15.11
C LEU G 341 19.39 -99.89 -14.47
N PRO G 342 19.67 -101.18 -14.71
CA PRO G 342 20.96 -101.73 -14.30
C PRO G 342 22.14 -101.04 -15.02
N TYR G 343 23.21 -100.66 -14.32
CA TYR G 343 24.34 -99.89 -14.90
C TYR G 343 25.50 -100.83 -15.23
N VAL G 344 25.76 -100.99 -16.52
CA VAL G 344 26.78 -101.96 -17.00
C VAL G 344 28.07 -101.26 -17.43
N VAL G 345 28.14 -99.93 -17.38
CA VAL G 345 29.28 -99.11 -17.88
C VAL G 345 30.65 -99.33 -17.14
N GLY G 346 30.71 -99.55 -15.84
CA GLY G 346 31.98 -99.55 -15.05
C GLY G 346 32.64 -100.91 -14.81
N ASN G 347 32.41 -101.92 -15.64
CA ASN G 347 32.85 -103.34 -15.44
C ASN G 347 33.99 -103.80 -16.37
N GLY G 348 34.83 -102.92 -16.95
CA GLY G 348 35.97 -103.25 -17.86
C GLY G 348 35.64 -103.94 -19.15
N THR G 349 34.53 -103.55 -19.77
CA THR G 349 34.06 -104.17 -21.02
C THR G 349 34.41 -103.35 -22.25
N GLU G 350 34.52 -104.01 -23.39
CA GLU G 350 34.83 -103.39 -24.72
C GLU G 350 33.66 -102.60 -25.36
N GLY G 351 33.91 -101.78 -26.38
CA GLY G 351 32.90 -100.89 -26.99
C GLY G 351 32.99 -99.41 -26.68
N CYS G 352 34.01 -98.94 -25.97
CA CYS G 352 34.26 -97.49 -25.71
C CYS G 352 34.77 -96.77 -26.98
N LEU G 353 34.72 -95.43 -26.99
CA LEU G 353 35.24 -94.64 -28.13
C LEU G 353 36.73 -94.95 -28.32
N PRO G 354 37.18 -95.06 -29.59
CA PRO G 354 38.57 -95.40 -29.87
C PRO G 354 39.71 -94.44 -29.47
N ALA G 355 40.89 -94.95 -29.17
CA ALA G 355 42.10 -94.15 -28.84
C ALA G 355 42.52 -93.23 -30.00
N PHE G 356 42.42 -93.69 -31.26
CA PHE G 356 42.87 -92.92 -32.45
C PHE G 356 41.65 -92.25 -33.08
N PRO G 357 41.64 -90.89 -33.22
CA PRO G 357 40.50 -90.13 -33.77
C PRO G 357 39.88 -90.53 -35.13
N PRO G 358 40.65 -90.90 -36.18
CA PRO G 358 40.14 -91.39 -37.47
C PRO G 358 39.38 -92.74 -37.46
N GLN G 359 39.60 -93.60 -36.48
CA GLN G 359 38.96 -94.94 -36.40
C GLN G 359 37.43 -94.87 -36.25
N VAL G 360 36.72 -95.75 -36.95
CA VAL G 360 35.23 -95.74 -36.97
C VAL G 360 34.75 -96.97 -36.18
N PHE G 361 33.77 -96.80 -35.30
CA PHE G 361 33.38 -97.90 -34.37
C PHE G 361 31.90 -98.32 -34.33
N THR G 362 31.68 -99.60 -34.10
CA THR G 362 30.32 -100.16 -33.84
C THR G 362 29.92 -100.01 -32.38
N LEU G 363 28.71 -99.52 -32.10
CA LEU G 363 28.16 -99.45 -30.71
C LEU G 363 27.82 -100.83 -30.14
N PRO G 364 28.14 -101.06 -28.85
CA PRO G 364 27.73 -102.29 -28.17
C PRO G 364 26.21 -102.47 -27.92
N GLN G 365 25.70 -103.71 -27.98
CA GLN G 365 24.28 -104.00 -27.62
C GLN G 365 24.07 -104.08 -26.09
N TYR G 366 23.03 -103.42 -25.56
CA TYR G 366 22.62 -103.48 -24.13
C TYR G 366 21.98 -104.81 -23.70
N GLY G 367 22.33 -105.28 -22.51
CA GLY G 367 21.84 -106.52 -21.92
C GLY G 367 22.12 -106.48 -20.45
N TYR G 368 21.53 -107.37 -19.66
CA TYR G 368 21.75 -107.43 -18.19
C TYR G 368 21.49 -108.81 -17.64
N ALA G 369 22.03 -109.10 -16.46
CA ALA G 369 21.70 -110.33 -15.71
C ALA G 369 20.88 -109.96 -14.48
N THR G 370 19.77 -110.65 -14.22
CA THR G 370 18.97 -110.52 -12.98
C THR G 370 19.30 -111.72 -12.09
N LEU G 371 18.40 -112.07 -11.18
CA LEU G 371 18.55 -113.26 -10.29
C LEU G 371 18.37 -114.62 -10.98
N ASN G 372 19.09 -115.62 -10.50
CA ASN G 372 19.03 -117.00 -11.05
C ASN G 372 18.79 -117.92 -9.84
N ARG G 373 18.15 -119.06 -10.04
CA ARG G 373 17.78 -119.93 -8.89
C ARG G 373 18.71 -121.13 -8.68
N ASP G 374 19.30 -121.26 -7.49
CA ASP G 374 20.17 -122.40 -7.08
C ASP G 374 21.38 -122.66 -7.98
N ASN G 375 22.07 -121.63 -8.47
CA ASN G 375 23.23 -121.77 -9.39
C ASN G 375 22.83 -122.55 -10.65
N THR G 376 21.66 -122.25 -11.22
CA THR G 376 21.10 -122.88 -12.46
C THR G 376 20.60 -121.78 -13.41
N GLU G 377 20.21 -122.10 -14.66
CA GLU G 377 19.71 -121.12 -15.69
C GLU G 377 18.29 -120.57 -15.41
N ASN G 378 17.52 -121.19 -14.53
CA ASN G 378 16.14 -120.77 -14.14
C ASN G 378 16.03 -119.48 -13.31
N PRO G 379 14.98 -118.68 -13.53
CA PRO G 379 14.64 -117.52 -12.70
C PRO G 379 13.96 -117.72 -11.32
N THR G 380 13.82 -116.64 -10.54
CA THR G 380 13.19 -116.59 -9.21
C THR G 380 12.03 -115.61 -9.27
N GLU G 381 11.13 -115.61 -8.28
CA GLU G 381 10.00 -114.65 -8.14
C GLU G 381 10.53 -113.21 -8.00
N ARG G 382 11.63 -112.98 -7.32
CA ARG G 382 12.33 -111.68 -7.18
C ARG G 382 12.94 -111.18 -8.52
N SER G 383 13.20 -112.07 -9.49
CA SER G 383 13.83 -111.73 -10.80
C SER G 383 13.00 -110.69 -11.57
N SER G 384 13.64 -109.69 -12.17
CA SER G 384 12.99 -108.49 -12.77
C SER G 384 13.19 -108.30 -14.29
N PHE G 385 12.15 -107.82 -14.95
CA PHE G 385 12.21 -107.46 -16.39
C PHE G 385 12.08 -105.95 -16.52
N PHE G 386 12.94 -105.36 -17.32
CA PHE G 386 12.88 -103.89 -17.59
C PHE G 386 12.66 -103.61 -19.07
N CYS G 387 11.67 -102.78 -19.41
CA CYS G 387 11.40 -102.30 -20.79
C CYS G 387 11.97 -100.88 -21.01
N LEU G 388 12.84 -100.67 -22.00
CA LEU G 388 13.42 -99.34 -22.39
C LEU G 388 12.37 -98.41 -23.00
N GLU G 389 11.41 -98.95 -23.76
CA GLU G 389 10.33 -98.19 -24.43
C GLU G 389 9.36 -97.57 -23.41
N TYR G 390 9.33 -98.07 -22.18
CA TYR G 390 8.54 -97.49 -21.06
C TYR G 390 9.05 -96.08 -20.71
N PHE G 391 10.33 -95.81 -20.76
CA PHE G 391 10.92 -94.45 -20.56
C PHE G 391 10.61 -93.51 -21.73
N PRO G 392 10.47 -92.19 -21.52
CA PRO G 392 10.42 -91.24 -22.64
C PRO G 392 11.74 -91.01 -23.47
N SER G 393 11.69 -90.90 -24.80
CA SER G 393 12.89 -90.70 -25.66
C SER G 393 12.71 -89.62 -26.75
N LYS G 394 13.77 -88.91 -27.11
CA LYS G 394 13.76 -87.97 -28.27
C LYS G 394 13.75 -88.74 -29.60
N MET G 395 13.02 -88.26 -30.60
CA MET G 395 13.00 -88.89 -31.96
C MET G 395 13.71 -87.96 -32.97
N LEU G 396 14.68 -88.51 -33.71
CA LEU G 396 15.47 -87.67 -34.65
C LEU G 396 15.46 -88.13 -36.10
N ARG G 397 15.17 -87.22 -37.01
CA ARG G 397 15.36 -87.41 -38.47
C ARG G 397 16.79 -86.86 -38.84
N THR G 398 17.19 -86.91 -40.12
CA THR G 398 18.53 -86.45 -40.66
C THR G 398 18.89 -85.01 -40.29
N GLY G 399 17.96 -84.06 -40.27
CA GLY G 399 18.12 -82.67 -39.79
C GLY G 399 18.40 -82.49 -38.32
N ASN G 400 17.84 -83.32 -37.44
CA ASN G 400 17.87 -83.22 -35.94
C ASN G 400 19.16 -83.57 -35.18
N ASN G 401 19.34 -83.03 -33.98
CA ASN G 401 20.53 -83.25 -33.10
C ASN G 401 20.10 -83.44 -31.63
N PHE G 402 20.95 -84.06 -30.79
CA PHE G 402 20.72 -84.25 -29.33
C PHE G 402 21.89 -83.71 -28.48
N GLU G 403 21.61 -83.05 -27.35
CA GLU G 403 22.67 -82.59 -26.41
C GLU G 403 22.39 -82.94 -24.94
N PHE G 404 23.42 -83.24 -24.13
CA PHE G 404 23.30 -83.47 -22.65
C PHE G 404 24.47 -82.79 -21.86
N THR G 405 24.24 -82.38 -20.62
CA THR G 405 25.29 -81.79 -19.70
C THR G 405 25.27 -82.50 -18.34
N TYR G 406 26.44 -82.75 -17.73
CA TYR G 406 26.56 -83.38 -16.39
C TYR G 406 27.62 -82.69 -15.49
N ASN G 407 27.41 -82.68 -14.18
CA ASN G 407 28.42 -82.19 -13.19
C ASN G 407 28.82 -83.33 -12.26
N PHE G 408 30.11 -83.53 -12.06
CA PHE G 408 30.61 -84.59 -11.16
C PHE G 408 30.46 -84.15 -9.71
N GLU G 409 30.21 -85.07 -8.78
CA GLU G 409 30.19 -84.79 -7.32
C GLU G 409 31.62 -84.54 -6.80
N GLU G 410 31.76 -83.87 -5.65
CA GLU G 410 33.11 -83.71 -5.07
C GLU G 410 33.74 -85.08 -4.78
N VAL G 411 34.99 -85.26 -5.19
CA VAL G 411 35.70 -86.56 -5.05
C VAL G 411 37.15 -86.20 -4.69
N PRO G 412 37.90 -87.07 -3.99
CA PRO G 412 39.33 -86.81 -3.77
C PRO G 412 40.21 -86.89 -5.03
N PHE G 413 41.26 -86.07 -5.13
CA PHE G 413 42.21 -86.11 -6.28
C PHE G 413 42.98 -87.43 -6.30
N HIS G 414 43.23 -88.02 -7.47
CA HIS G 414 44.13 -89.20 -7.60
C HIS G 414 45.55 -88.76 -7.23
N SER G 415 46.34 -89.63 -6.60
CA SER G 415 47.74 -89.31 -6.23
C SER G 415 48.75 -89.73 -7.30
N SER G 416 49.23 -88.79 -8.11
CA SER G 416 50.27 -89.02 -9.15
C SER G 416 51.68 -88.77 -8.59
N PHE G 417 52.12 -89.56 -7.64
CA PHE G 417 53.46 -89.40 -7.02
C PHE G 417 53.87 -90.73 -6.40
N ALA G 418 55.17 -90.89 -6.22
CA ALA G 418 55.74 -92.07 -5.54
C ALA G 418 56.38 -91.58 -4.24
N PRO G 419 56.21 -92.32 -3.12
CA PRO G 419 56.93 -91.98 -1.89
C PRO G 419 58.47 -92.07 -1.91
N SER G 420 59.12 -91.07 -1.33
CA SER G 420 60.61 -91.02 -1.24
C SER G 420 61.14 -91.59 0.10
N GLN G 421 60.25 -92.03 1.00
CA GLN G 421 60.66 -92.66 2.29
C GLN G 421 59.91 -93.96 2.60
N ASN G 422 60.57 -94.91 3.25
CA ASN G 422 59.96 -96.15 3.81
C ASN G 422 59.11 -95.79 5.06
N LEU G 423 57.96 -96.45 5.25
CA LEU G 423 57.02 -96.24 6.39
C LEU G 423 57.69 -96.56 7.74
N PHE G 424 58.54 -97.59 7.79
CA PHE G 424 59.27 -98.02 9.00
C PHE G 424 60.63 -97.30 9.26
N LYS G 425 61.13 -96.38 8.41
CA LYS G 425 62.46 -95.70 8.54
C LYS G 425 62.33 -94.17 8.84
N LEU G 426 61.31 -93.70 9.56
CA LEU G 426 61.01 -92.24 9.77
C LEU G 426 61.71 -91.57 10.97
N ALA G 427 62.31 -92.32 11.87
CA ALA G 427 63.09 -91.75 12.98
C ALA G 427 64.38 -91.13 12.41
N ASN G 428 64.90 -90.07 13.05
CA ASN G 428 66.18 -89.47 12.64
C ASN G 428 67.27 -90.55 12.77
N PRO G 429 68.12 -90.72 11.75
CA PRO G 429 69.22 -91.67 11.79
C PRO G 429 70.32 -91.39 12.88
N LEU G 430 70.67 -90.13 13.15
CA LEU G 430 71.60 -89.63 14.19
C LEU G 430 71.20 -89.81 15.66
N VAL G 431 69.93 -89.71 16.01
CA VAL G 431 69.47 -89.69 17.43
C VAL G 431 68.79 -90.97 17.96
N ASP G 432 69.18 -91.45 19.15
CA ASP G 432 68.53 -92.59 19.87
C ASP G 432 67.16 -92.28 20.46
N GLN G 433 66.28 -93.26 20.55
CA GLN G 433 64.97 -93.14 21.22
C GLN G 433 65.04 -93.13 22.76
N TYR G 434 64.14 -92.47 23.47
CA TYR G 434 64.04 -92.57 24.96
C TYR G 434 63.20 -93.80 25.38
N LEU G 435 63.16 -94.85 24.59
CA LEU G 435 62.27 -96.01 24.80
C LEU G 435 63.08 -97.31 24.84
N TYR G 436 62.58 -98.31 25.57
CA TYR G 436 63.35 -99.55 25.80
C TYR G 436 62.55 -100.78 25.43
N ARG G 437 63.24 -101.87 25.11
CA ARG G 437 62.59 -103.13 24.65
C ARG G 437 63.10 -104.33 25.48
N PHE G 438 62.27 -105.37 25.59
CA PHE G 438 62.70 -106.61 26.27
C PHE G 438 63.51 -107.44 25.31
N VAL G 439 64.68 -107.85 25.76
CA VAL G 439 65.55 -108.69 24.92
C VAL G 439 65.90 -110.05 25.52
N SER G 440 65.69 -110.24 26.83
CA SER G 440 66.27 -111.45 27.46
C SER G 440 65.72 -111.90 28.82
N THR G 441 66.01 -113.12 29.18
CA THR G 441 65.72 -113.64 30.53
C THR G 441 67.05 -114.22 31.03
N ASN G 442 67.39 -114.11 32.30
CA ASN G 442 68.64 -114.68 32.91
C ASN G 442 68.49 -116.17 33.32
N ASN G 443 69.50 -116.78 33.97
CA ASN G 443 69.48 -118.22 34.35
C ASN G 443 68.29 -118.48 35.28
N THR G 444 67.97 -117.59 36.21
CA THR G 444 66.69 -117.64 36.92
C THR G 444 65.87 -116.83 35.96
N GLY G 445 64.64 -117.15 35.63
CA GLY G 445 64.04 -116.44 34.48
C GLY G 445 63.62 -115.01 34.72
N GLY G 446 64.58 -114.10 34.95
CA GLY G 446 64.30 -112.68 35.26
C GLY G 446 64.46 -111.81 34.05
N VAL G 447 63.50 -110.93 33.78
CA VAL G 447 63.47 -110.09 32.54
C VAL G 447 64.59 -109.04 32.44
N GLN G 448 65.08 -108.81 31.22
CA GLN G 448 66.21 -107.88 30.96
C GLN G 448 65.84 -106.93 29.81
N PHE G 449 66.38 -105.71 29.82
CA PHE G 449 65.99 -104.67 28.83
C PHE G 449 67.19 -103.94 28.22
N ASN G 450 67.03 -103.43 27.00
CA ASN G 450 68.08 -102.63 26.30
C ASN G 450 67.43 -101.41 25.68
N LYS G 451 68.15 -100.30 25.60
CA LYS G 451 67.71 -99.05 24.92
C LYS G 451 67.72 -99.17 23.39
N ASN G 452 66.87 -98.40 22.73
CA ASN G 452 66.79 -98.41 21.24
C ASN G 452 67.78 -97.40 20.65
N LEU G 453 68.77 -97.87 19.90
CA LEU G 453 69.85 -97.04 19.28
C LEU G 453 69.48 -96.35 17.95
N ALA G 454 70.22 -95.31 17.59
CA ALA G 454 70.00 -94.55 16.33
C ALA G 454 70.22 -95.41 15.06
N GLY G 455 69.27 -95.36 14.12
CA GLY G 455 69.31 -96.08 12.84
C GLY G 455 68.93 -97.55 12.89
N ARG G 456 68.58 -98.09 14.06
CA ARG G 456 68.22 -99.52 14.23
C ARG G 456 66.70 -99.70 13.96
N TYR G 457 66.28 -99.64 12.69
CA TYR G 457 64.85 -99.66 12.21
C TYR G 457 64.18 -101.00 12.53
N ALA G 458 64.95 -102.07 12.60
CA ALA G 458 64.45 -103.39 13.01
C ALA G 458 63.85 -103.34 14.42
N ASN G 459 64.40 -102.56 15.36
CA ASN G 459 63.99 -102.54 16.80
C ASN G 459 63.39 -101.23 17.32
N THR G 460 62.66 -100.44 16.57
CA THR G 460 62.25 -99.06 16.92
C THR G 460 60.75 -99.06 17.15
N TYR G 461 60.25 -98.26 18.08
CA TYR G 461 58.79 -98.10 18.32
C TYR G 461 58.19 -97.42 17.10
N LYS G 462 57.00 -97.85 16.68
CA LYS G 462 56.37 -97.33 15.44
C LYS G 462 54.97 -96.77 15.67
N ASN G 463 54.67 -95.57 15.20
CA ASN G 463 53.28 -94.98 15.17
C ASN G 463 52.28 -95.61 14.20
N TRP G 464 52.71 -96.01 13.01
CA TRP G 464 51.79 -96.34 11.90
C TRP G 464 52.06 -97.68 11.28
N PHE G 465 51.04 -98.26 10.68
CA PHE G 465 51.13 -99.65 10.17
C PHE G 465 50.75 -99.70 8.72
N PRO G 466 51.29 -100.69 7.98
CA PRO G 466 50.92 -100.92 6.59
C PRO G 466 49.51 -101.44 6.33
N GLY G 467 49.00 -101.26 5.12
CA GLY G 467 47.64 -101.64 4.71
C GLY G 467 47.35 -103.13 4.55
N PRO G 468 46.07 -103.52 4.42
CA PRO G 468 45.67 -104.93 4.38
C PRO G 468 46.17 -105.83 3.25
N MET G 469 46.44 -107.11 3.56
CA MET G 469 47.04 -108.02 2.57
C MET G 469 46.39 -109.42 2.51
N GLY G 470 46.32 -110.08 1.35
CA GLY G 470 45.95 -111.52 1.23
C GLY G 470 46.97 -112.21 0.34
N ARG G 471 47.57 -113.33 0.71
CA ARG G 471 48.66 -113.94 -0.13
C ARG G 471 48.18 -114.45 -1.53
N THR G 472 48.91 -114.13 -2.60
CA THR G 472 48.62 -114.53 -4.00
C THR G 472 49.87 -115.10 -4.63
N GLN G 473 49.77 -116.13 -5.46
CA GLN G 473 50.95 -116.84 -6.03
C GLN G 473 51.82 -115.94 -6.93
N GLY G 474 53.14 -116.10 -6.85
CA GLY G 474 54.09 -115.33 -7.67
C GLY G 474 54.69 -116.15 -8.80
N TRP G 475 54.70 -115.59 -10.00
CA TRP G 475 55.25 -116.26 -11.21
C TRP G 475 56.38 -115.43 -11.84
N ASN G 476 57.48 -116.08 -12.18
CA ASN G 476 58.64 -115.41 -12.84
C ASN G 476 58.35 -115.10 -14.32
N LEU G 477 58.90 -114.01 -14.83
CA LEU G 477 58.71 -113.55 -16.23
C LEU G 477 60.11 -113.42 -16.84
N GLY G 478 60.24 -113.38 -18.16
CA GLY G 478 61.58 -113.33 -18.79
C GLY G 478 62.40 -114.58 -18.53
N SER G 479 63.57 -114.44 -17.91
CA SER G 479 64.43 -115.61 -17.61
C SER G 479 63.67 -116.56 -16.67
N GLY G 480 62.93 -116.07 -15.67
CA GLY G 480 61.98 -116.96 -14.96
C GLY G 480 62.54 -118.16 -14.27
N VAL G 481 62.08 -119.37 -14.61
CA VAL G 481 62.43 -120.67 -13.92
C VAL G 481 61.21 -121.24 -13.13
N ASN G 482 59.98 -120.95 -13.53
CA ASN G 482 58.69 -121.48 -12.94
C ASN G 482 58.39 -122.97 -13.21
N ARG G 483 57.51 -123.60 -12.41
CA ARG G 483 57.05 -125.03 -12.56
C ARG G 483 56.29 -125.32 -13.87
N ALA G 484 56.57 -126.47 -14.51
CA ALA G 484 56.02 -126.88 -15.83
C ALA G 484 54.63 -127.52 -15.85
N SER G 485 53.91 -127.39 -16.97
CA SER G 485 52.61 -128.09 -17.22
C SER G 485 51.52 -127.86 -16.17
N VAL G 486 51.35 -126.64 -15.70
CA VAL G 486 50.37 -126.35 -14.61
C VAL G 486 49.03 -125.86 -15.15
N SER G 487 47.91 -126.35 -14.61
CA SER G 487 46.59 -125.75 -14.90
C SER G 487 46.30 -124.82 -13.72
N ALA G 488 46.18 -123.52 -13.95
CA ALA G 488 46.05 -122.48 -12.90
C ALA G 488 44.79 -122.48 -12.01
N PHE G 489 43.58 -122.81 -12.49
CA PHE G 489 42.29 -122.53 -11.80
C PHE G 489 42.05 -123.16 -10.41
N ALA G 490 42.44 -124.41 -10.15
CA ALA G 490 42.20 -125.08 -8.84
C ALA G 490 42.92 -124.34 -7.70
N THR G 491 44.12 -123.81 -7.92
CA THR G 491 44.94 -123.16 -6.89
C THR G 491 44.78 -121.65 -6.85
N THR G 492 43.88 -121.04 -7.62
CA THR G 492 43.62 -119.58 -7.63
C THR G 492 42.87 -119.08 -6.41
N ASN G 493 43.01 -117.79 -6.07
CA ASN G 493 42.27 -117.13 -4.95
C ASN G 493 40.77 -117.04 -5.25
N ARG G 494 39.93 -117.25 -4.24
CA ARG G 494 38.46 -117.28 -4.47
C ARG G 494 37.65 -116.69 -3.32
N MET G 495 36.43 -116.21 -3.60
CA MET G 495 35.48 -115.77 -2.55
C MET G 495 34.17 -116.54 -2.83
N GLU G 496 33.40 -116.93 -1.80
CA GLU G 496 32.18 -117.75 -1.97
C GLU G 496 30.91 -116.87 -1.82
N LEU G 497 30.01 -116.86 -2.81
CA LEU G 497 28.71 -116.13 -2.73
C LEU G 497 27.56 -117.06 -3.11
N GLU G 498 26.48 -117.17 -2.33
CA GLU G 498 25.23 -117.92 -2.67
C GLU G 498 25.47 -119.38 -3.05
N GLY G 499 26.40 -120.08 -2.43
CA GLY G 499 26.74 -121.45 -2.83
C GLY G 499 27.69 -121.64 -4.01
N ALA G 500 28.32 -120.60 -4.56
CA ALA G 500 29.30 -120.82 -5.66
C ALA G 500 30.67 -120.18 -5.36
N SER G 501 31.76 -120.72 -5.91
CA SER G 501 33.14 -120.18 -5.74
C SER G 501 33.49 -119.28 -6.93
N TYR G 502 33.93 -118.08 -6.64
CA TYR G 502 34.25 -117.10 -7.71
C TYR G 502 35.68 -116.62 -7.66
N GLN G 503 36.33 -116.60 -8.81
CA GLN G 503 37.64 -115.92 -8.88
C GLN G 503 37.35 -114.42 -8.77
N VAL G 504 38.21 -113.67 -8.11
CA VAL G 504 38.06 -112.21 -7.91
C VAL G 504 39.40 -111.69 -8.45
N PRO G 505 39.57 -111.62 -9.79
CA PRO G 505 40.84 -111.36 -10.43
C PRO G 505 41.55 -110.08 -10.11
N PRO G 506 40.99 -108.87 -9.92
CA PRO G 506 41.82 -107.79 -9.40
C PRO G 506 41.76 -108.15 -7.91
N GLN G 507 42.85 -108.20 -7.18
CA GLN G 507 42.65 -108.44 -5.71
C GLN G 507 42.20 -107.11 -5.04
N PRO G 508 41.74 -107.06 -3.77
CA PRO G 508 41.43 -105.81 -3.06
C PRO G 508 42.66 -104.86 -2.75
N ASN G 509 42.50 -103.53 -2.66
CA ASN G 509 43.62 -102.54 -2.48
C ASN G 509 44.53 -102.66 -1.23
N GLY G 510 45.75 -102.10 -1.28
CA GLY G 510 46.75 -102.14 -0.18
C GLY G 510 47.94 -103.05 -0.35
N MET G 511 48.10 -103.66 -1.52
CA MET G 511 49.27 -104.52 -1.79
C MET G 511 50.09 -104.08 -3.01
N THR G 512 51.31 -104.59 -3.15
CA THR G 512 52.12 -104.41 -4.38
C THR G 512 52.38 -105.76 -5.03
N ASN G 513 52.08 -105.94 -6.32
CA ASN G 513 52.39 -107.14 -7.17
C ASN G 513 53.89 -107.42 -7.45
N ASN G 514 54.73 -106.42 -7.67
CA ASN G 514 56.15 -106.60 -8.09
C ASN G 514 57.09 -105.78 -7.20
N LEU G 515 58.22 -106.34 -6.76
CA LEU G 515 59.25 -105.60 -5.95
C LEU G 515 60.06 -104.43 -6.63
N GLN G 516 60.55 -104.49 -7.87
CA GLN G 516 61.44 -103.48 -8.54
C GLN G 516 62.68 -104.26 -8.96
N GLY G 517 63.16 -104.07 -10.19
CA GLY G 517 64.13 -105.09 -10.61
C GLY G 517 63.23 -106.31 -10.63
N SER G 518 63.50 -107.35 -9.87
CA SER G 518 62.70 -108.61 -9.79
C SER G 518 61.76 -108.97 -10.95
N ASN G 519 61.77 -110.25 -11.30
CA ASN G 519 60.90 -110.78 -12.39
C ASN G 519 59.74 -111.57 -11.79
N THR G 520 59.55 -111.53 -10.47
CA THR G 520 58.38 -112.16 -9.83
C THR G 520 57.18 -111.22 -9.81
N TYR G 521 56.05 -111.71 -10.28
CA TYR G 521 54.81 -110.92 -10.34
C TYR G 521 53.70 -111.75 -9.78
N ALA G 522 52.86 -111.12 -8.98
CA ALA G 522 51.65 -111.86 -8.57
C ALA G 522 50.61 -111.56 -9.65
N LEU G 523 50.34 -112.52 -10.55
CA LEU G 523 49.50 -112.34 -11.77
C LEU G 523 48.01 -111.98 -11.50
N GLU G 524 47.41 -112.53 -10.45
CA GLU G 524 46.00 -112.24 -10.09
C GLU G 524 45.87 -110.87 -9.36
N ASN G 525 46.96 -110.19 -9.03
CA ASN G 525 46.94 -108.81 -8.49
C ASN G 525 47.31 -107.77 -9.57
N THR G 526 47.43 -108.16 -10.84
CA THR G 526 47.91 -107.23 -11.91
C THR G 526 46.89 -107.01 -12.99
N MET G 527 46.72 -105.77 -13.46
CA MET G 527 45.92 -105.47 -14.67
C MET G 527 46.70 -105.95 -15.91
N ILE G 528 46.10 -106.80 -16.73
CA ILE G 528 46.72 -107.29 -18.00
C ILE G 528 45.91 -106.80 -19.21
N PHE G 529 46.59 -106.22 -20.20
CA PHE G 529 45.94 -105.59 -21.38
C PHE G 529 46.57 -106.11 -22.65
N ASN G 530 45.89 -105.96 -23.79
CA ASN G 530 46.43 -106.32 -25.13
C ASN G 530 46.77 -105.01 -25.87
N SER G 531 47.91 -104.96 -26.56
CA SER G 531 48.29 -103.79 -27.40
C SER G 531 47.28 -103.59 -28.54
N GLN G 532 46.81 -104.67 -29.15
CA GLN G 532 45.85 -104.64 -30.28
C GLN G 532 44.46 -105.11 -29.87
N PRO G 533 43.36 -104.59 -30.44
CA PRO G 533 42.01 -105.09 -30.19
C PRO G 533 41.80 -106.51 -30.73
N ALA G 534 40.91 -107.26 -30.10
CA ALA G 534 40.69 -108.69 -30.45
C ALA G 534 39.29 -108.97 -30.97
N ASN G 535 39.16 -109.99 -31.79
CA ASN G 535 37.85 -110.47 -32.29
C ASN G 535 37.04 -111.10 -31.14
N PRO G 536 35.71 -110.98 -31.13
CA PRO G 536 34.90 -111.61 -30.09
C PRO G 536 34.92 -113.14 -30.00
N GLY G 537 34.98 -113.67 -28.78
CA GLY G 537 34.95 -115.12 -28.54
C GLY G 537 36.24 -115.85 -28.74
N THR G 538 37.35 -115.14 -28.91
CA THR G 538 38.64 -115.81 -29.18
C THR G 538 39.01 -116.72 -28.01
N THR G 539 39.51 -117.92 -28.28
CA THR G 539 40.00 -118.86 -27.26
C THR G 539 41.50 -119.08 -27.42
N ALA G 540 42.18 -118.26 -28.22
CA ALA G 540 43.63 -118.40 -28.50
C ALA G 540 44.55 -118.20 -27.28
N THR G 541 45.62 -119.00 -27.18
CA THR G 541 46.64 -118.79 -26.11
C THR G 541 47.48 -117.57 -26.42
N TYR G 542 47.83 -116.79 -25.41
CA TYR G 542 48.71 -115.62 -25.58
C TYR G 542 49.92 -115.76 -24.69
N LEU G 543 51.10 -115.58 -25.27
CA LEU G 543 52.37 -115.52 -24.51
C LEU G 543 52.62 -114.11 -23.94
N GLU G 544 53.62 -113.94 -23.09
CA GLU G 544 53.96 -112.66 -22.39
C GLU G 544 54.32 -111.51 -23.36
N GLY G 545 55.01 -111.79 -24.48
CA GLY G 545 55.42 -110.75 -25.43
C GLY G 545 54.25 -110.02 -26.03
N ASN G 546 53.16 -110.70 -26.36
CA ASN G 546 51.90 -110.04 -26.81
C ASN G 546 51.27 -109.16 -25.72
N MET G 547 51.32 -109.54 -24.44
CA MET G 547 50.59 -108.83 -23.36
C MET G 547 51.24 -107.55 -22.81
N LEU G 548 50.43 -106.62 -22.30
CA LEU G 548 50.96 -105.43 -21.61
C LEU G 548 50.73 -105.66 -20.11
N ILE G 549 51.80 -105.82 -19.32
CA ILE G 549 51.66 -106.18 -17.87
C ILE G 549 52.13 -105.02 -16.98
N THR G 550 51.26 -104.54 -16.11
CA THR G 550 51.53 -103.42 -15.17
C THR G 550 52.32 -103.81 -13.92
N SER G 551 53.02 -102.86 -13.31
CA SER G 551 53.80 -103.05 -12.06
C SER G 551 53.39 -101.96 -11.08
N GLU G 552 53.29 -102.28 -9.80
CA GLU G 552 52.89 -101.33 -8.72
C GLU G 552 54.12 -101.07 -7.82
N SER G 553 55.34 -101.24 -8.31
CA SER G 553 56.61 -101.17 -7.53
C SER G 553 56.84 -99.81 -6.84
N GLU G 554 56.29 -98.71 -7.33
CA GLU G 554 56.37 -97.36 -6.71
C GLU G 554 55.73 -97.34 -5.30
N THR G 555 54.68 -98.10 -5.04
CA THR G 555 53.93 -98.13 -3.76
C THR G 555 54.59 -99.06 -2.72
N GLN G 556 55.68 -99.74 -3.03
CA GLN G 556 56.37 -100.74 -2.17
C GLN G 556 56.85 -100.13 -0.84
N PRO G 557 57.34 -98.87 -0.73
CA PRO G 557 57.62 -98.25 0.57
C PRO G 557 56.47 -98.27 1.61
N VAL G 558 55.19 -98.23 1.22
CA VAL G 558 53.98 -98.41 2.11
C VAL G 558 53.08 -99.63 1.84
N ASN G 559 53.30 -100.46 0.82
CA ASN G 559 52.34 -101.54 0.49
C ASN G 559 53.05 -102.88 0.58
N ARG G 560 52.45 -103.83 1.27
CA ARG G 560 53.05 -105.18 1.43
C ARG G 560 53.04 -105.98 0.12
N VAL G 561 54.04 -106.82 -0.09
CA VAL G 561 54.12 -107.70 -1.29
C VAL G 561 53.13 -108.90 -1.21
N ALA G 562 52.33 -109.11 -2.28
CA ALA G 562 51.29 -110.17 -2.38
C ALA G 562 51.83 -111.60 -2.32
N TYR G 563 52.94 -111.89 -2.97
CA TYR G 563 53.55 -113.26 -3.00
C TYR G 563 54.04 -113.71 -1.60
N ASN G 564 54.59 -112.81 -0.79
CA ASN G 564 55.16 -113.11 0.56
C ASN G 564 54.14 -113.21 1.71
N VAL G 565 54.48 -113.88 2.82
CA VAL G 565 53.68 -113.88 4.10
C VAL G 565 53.68 -112.48 4.75
N GLY G 566 52.59 -112.03 5.37
CA GLY G 566 52.44 -110.73 6.08
C GLY G 566 53.26 -110.45 7.34
N GLY G 567 53.47 -111.42 8.24
CA GLY G 567 54.12 -111.18 9.53
C GLY G 567 53.99 -112.39 10.43
N GLN G 568 54.35 -112.27 11.71
CA GLN G 568 54.23 -113.36 12.72
C GLN G 568 53.52 -112.88 14.01
N MET G 569 52.79 -113.77 14.71
CA MET G 569 52.10 -113.49 16.00
C MET G 569 52.33 -114.64 16.99
N ALA G 570 52.16 -114.43 18.31
CA ALA G 570 52.32 -115.47 19.36
C ALA G 570 51.25 -116.57 19.33
N THR G 571 51.67 -117.82 19.50
CA THR G 571 50.76 -118.98 19.43
C THR G 571 50.67 -119.75 20.75
N ASN G 572 51.28 -119.29 21.83
CA ASN G 572 51.38 -120.09 23.09
C ASN G 572 51.62 -119.20 24.30
N ASN G 573 51.60 -119.79 25.48
CA ASN G 573 52.01 -119.08 26.72
C ASN G 573 53.32 -119.70 27.19
N GLN G 574 54.36 -118.89 27.41
CA GLN G 574 55.69 -119.35 27.92
C GLN G 574 55.58 -119.75 29.41
N SER G 575 56.43 -120.67 29.85
CA SER G 575 56.44 -121.16 31.25
C SER G 575 57.86 -121.70 31.50
N SER G 576 58.21 -122.01 32.75
CA SER G 576 59.54 -122.63 32.96
C SER G 576 59.61 -123.94 32.18
N THR G 577 58.55 -124.75 32.16
CA THR G 577 58.45 -125.96 31.32
C THR G 577 58.42 -125.67 29.82
N THR G 578 57.75 -124.61 29.35
CA THR G 578 57.54 -124.39 27.91
C THR G 578 58.23 -123.17 27.31
N ALA G 579 59.00 -123.35 26.23
CA ALA G 579 59.61 -122.24 25.47
C ALA G 579 58.57 -121.44 24.68
N PRO G 580 58.77 -120.12 24.46
CA PRO G 580 57.88 -119.33 23.63
C PRO G 580 57.84 -119.69 22.13
N ALA G 581 56.69 -119.56 21.45
CA ALA G 581 56.50 -119.94 20.03
C ALA G 581 55.77 -118.87 19.21
N THR G 582 56.05 -118.78 17.91
CA THR G 582 55.37 -117.83 16.99
C THR G 582 54.83 -118.55 15.79
N GLY G 583 53.84 -117.95 15.11
CA GLY G 583 53.35 -118.49 13.83
C GLY G 583 53.16 -117.43 12.76
N THR G 584 53.48 -117.73 11.50
CA THR G 584 53.22 -116.79 10.36
C THR G 584 51.75 -116.74 9.96
N TYR G 585 51.29 -115.62 9.42
CA TYR G 585 49.90 -115.44 8.90
C TYR G 585 49.92 -115.13 7.36
N ASN G 586 48.94 -115.62 6.58
CA ASN G 586 48.85 -115.41 5.09
C ASN G 586 47.84 -114.31 4.74
N LEU G 587 47.05 -113.84 5.71
CA LEU G 587 46.07 -112.75 5.46
C LEU G 587 45.91 -111.83 6.68
N GLN G 588 45.67 -110.55 6.47
CA GLN G 588 45.36 -109.58 7.55
C GLN G 588 44.44 -108.51 6.96
N GLU G 589 43.63 -107.86 7.77
CA GLU G 589 42.64 -106.87 7.29
C GLU G 589 42.92 -105.56 8.02
N ILE G 590 42.06 -104.56 7.87
CA ILE G 590 42.28 -103.19 8.43
C ILE G 590 42.41 -103.16 9.95
N VAL G 591 43.35 -102.36 10.43
CA VAL G 591 43.63 -102.19 11.88
C VAL G 591 43.68 -100.66 12.07
N PRO G 592 43.39 -100.11 13.26
CA PRO G 592 43.55 -98.66 13.48
C PRO G 592 45.00 -98.18 13.31
N GLY G 593 45.23 -97.00 12.72
CA GLY G 593 46.58 -96.52 12.39
C GLY G 593 47.14 -97.03 11.06
N SER G 594 46.34 -97.74 10.28
CA SER G 594 46.68 -98.29 8.94
C SER G 594 46.80 -97.21 7.84
N VAL G 595 47.85 -97.29 7.02
CA VAL G 595 48.10 -96.35 5.87
C VAL G 595 48.41 -97.19 4.61
N TRP G 596 47.93 -96.77 3.45
CA TRP G 596 48.21 -97.47 2.16
C TRP G 596 48.05 -96.53 0.96
N MET G 597 48.52 -96.95 -0.19
CA MET G 597 48.31 -96.25 -1.48
C MET G 597 47.36 -97.04 -2.40
N GLU G 598 46.40 -96.37 -3.01
CA GLU G 598 45.45 -96.98 -4.00
C GLU G 598 46.16 -97.30 -5.33
N ARG G 599 45.59 -98.21 -6.12
CA ARG G 599 46.13 -98.60 -7.46
C ARG G 599 46.21 -97.40 -8.44
N ASP G 600 47.27 -97.37 -9.26
CA ASP G 600 47.49 -96.33 -10.28
C ASP G 600 46.57 -96.42 -11.50
N VAL G 601 46.20 -95.28 -12.07
CA VAL G 601 45.46 -95.21 -13.37
C VAL G 601 46.41 -95.39 -14.57
N TYR G 602 45.87 -95.85 -15.70
CA TYR G 602 46.64 -96.07 -16.95
C TYR G 602 45.91 -95.36 -18.07
N LEU G 603 46.60 -94.96 -19.13
CA LEU G 603 45.96 -94.34 -20.33
C LEU G 603 44.99 -95.36 -20.99
N GLN G 604 45.35 -96.62 -21.10
CA GLN G 604 44.51 -97.77 -21.56
C GLN G 604 43.34 -98.08 -20.60
N GLY G 605 43.44 -97.79 -19.30
CA GLY G 605 42.43 -98.04 -18.26
C GLY G 605 41.18 -97.20 -18.07
N PRO G 606 40.21 -97.69 -17.26
CA PRO G 606 39.02 -96.92 -16.85
C PRO G 606 39.02 -95.74 -15.86
N ILE G 607 38.31 -94.65 -16.11
CA ILE G 607 38.11 -93.53 -15.13
C ILE G 607 37.22 -93.77 -13.87
N TRP G 608 36.05 -94.38 -14.01
CA TRP G 608 35.09 -94.44 -12.88
C TRP G 608 34.35 -95.76 -12.72
N ALA G 609 33.75 -95.99 -11.55
CA ALA G 609 32.87 -97.16 -11.28
C ALA G 609 31.72 -96.65 -10.41
N LYS G 610 30.54 -97.27 -10.54
CA LYS G 610 29.37 -96.95 -9.70
C LYS G 610 29.42 -97.70 -8.36
N ILE G 611 29.25 -96.99 -7.25
CA ILE G 611 29.12 -97.65 -5.92
C ILE G 611 27.76 -98.37 -5.88
N PRO G 612 27.69 -99.66 -5.44
CA PRO G 612 26.42 -100.38 -5.34
C PRO G 612 25.51 -99.93 -4.21
N GLU G 613 24.19 -99.92 -4.41
CA GLU G 613 23.27 -99.39 -3.37
C GLU G 613 22.78 -100.49 -2.41
N THR G 614 23.40 -100.61 -1.24
CA THR G 614 23.06 -101.63 -0.23
C THR G 614 22.68 -100.96 1.07
N GLY G 615 23.02 -99.70 1.22
CA GLY G 615 22.89 -98.94 2.47
C GLY G 615 24.10 -99.05 3.39
N ALA G 616 25.08 -99.92 3.12
CA ALA G 616 26.32 -99.99 3.93
C ALA G 616 27.57 -100.24 3.07
N HIS G 617 28.65 -99.50 3.29
CA HIS G 617 29.93 -99.72 2.55
C HIS G 617 31.11 -99.19 3.37
N PHE G 618 32.31 -99.67 3.06
CA PHE G 618 33.54 -99.10 3.68
C PHE G 618 34.53 -98.64 2.61
N HIS G 619 35.08 -97.42 2.70
CA HIS G 619 36.18 -96.89 1.84
C HIS G 619 35.94 -97.20 0.36
N PRO G 620 35.22 -96.34 -0.38
CA PRO G 620 34.76 -96.71 -1.72
C PRO G 620 35.59 -96.40 -2.96
N SER G 621 36.72 -97.07 -3.03
CA SER G 621 37.65 -96.92 -4.16
C SER G 621 37.62 -98.22 -4.95
N PRO G 622 37.32 -98.21 -6.27
CA PRO G 622 37.25 -99.47 -7.03
C PRO G 622 38.58 -100.22 -7.25
N ALA G 623 38.54 -101.55 -7.24
CA ALA G 623 39.76 -102.39 -7.34
C ALA G 623 40.56 -102.24 -8.65
N MET G 624 39.91 -102.12 -9.80
CA MET G 624 40.54 -101.90 -11.12
C MET G 624 41.27 -100.55 -11.15
N GLY G 625 40.79 -99.54 -10.43
CA GLY G 625 41.38 -98.21 -10.37
C GLY G 625 40.35 -97.13 -10.61
N GLY G 626 40.71 -95.86 -10.44
CA GLY G 626 39.80 -94.74 -10.71
C GLY G 626 38.95 -94.17 -9.60
N PHE G 627 37.85 -93.53 -9.95
CA PHE G 627 36.99 -92.79 -9.00
C PHE G 627 35.65 -93.52 -8.77
N GLY G 628 35.30 -93.72 -7.50
CA GLY G 628 34.04 -94.38 -7.13
C GLY G 628 32.97 -93.36 -6.93
N LEU G 629 31.87 -93.49 -7.65
CA LEU G 629 30.82 -92.43 -7.61
C LEU G 629 29.45 -92.96 -7.21
N LYS G 630 28.80 -92.32 -6.25
CA LYS G 630 27.38 -92.62 -5.91
C LYS G 630 26.45 -92.27 -7.08
N HIS G 631 26.68 -91.14 -7.75
CA HIS G 631 25.86 -90.72 -8.91
C HIS G 631 26.77 -90.55 -10.13
N PRO G 632 27.02 -91.64 -10.87
CA PRO G 632 27.89 -91.64 -12.04
C PRO G 632 27.37 -90.97 -13.31
N PRO G 633 28.21 -90.63 -14.30
CA PRO G 633 27.67 -90.07 -15.53
C PRO G 633 26.68 -91.10 -16.11
N PRO G 634 25.46 -90.69 -16.51
CA PRO G 634 24.41 -91.62 -16.90
C PRO G 634 24.45 -92.43 -18.19
N MET G 635 23.81 -93.60 -18.20
CA MET G 635 23.68 -94.45 -19.42
C MET G 635 22.95 -93.73 -20.58
N MET G 636 23.55 -93.78 -21.77
CA MET G 636 22.98 -93.13 -22.99
C MET G 636 22.60 -94.25 -23.96
N LEU G 637 21.33 -94.32 -24.35
CA LEU G 637 20.78 -95.44 -25.14
C LEU G 637 20.21 -94.96 -26.48
N ILE G 638 20.55 -95.65 -27.56
CA ILE G 638 20.07 -95.29 -28.92
C ILE G 638 19.50 -96.53 -29.64
N LYS G 639 18.39 -96.35 -30.35
CA LYS G 639 17.83 -97.46 -31.17
C LYS G 639 17.34 -96.96 -32.54
N ASN G 640 17.27 -97.87 -33.50
CA ASN G 640 16.63 -97.57 -34.81
C ASN G 640 15.12 -97.84 -34.68
N THR G 641 14.26 -96.91 -35.05
CA THR G 641 12.80 -97.14 -35.03
C THR G 641 12.38 -98.23 -36.02
N PRO G 642 11.52 -99.20 -35.61
CA PRO G 642 10.98 -100.18 -36.53
C PRO G 642 10.21 -99.58 -37.70
N VAL G 643 10.57 -99.98 -38.90
CA VAL G 643 9.81 -99.53 -40.09
C VAL G 643 9.22 -100.81 -40.74
N PRO G 644 7.88 -100.93 -40.79
CA PRO G 644 7.25 -102.10 -41.38
C PRO G 644 7.29 -102.44 -42.88
N GLY G 645 7.31 -103.72 -43.24
CA GLY G 645 7.20 -104.24 -44.61
C GLY G 645 5.74 -104.25 -45.07
N ASN G 646 5.44 -104.55 -46.32
CA ASN G 646 4.04 -104.40 -46.81
C ASN G 646 3.06 -105.34 -46.10
N ILE G 647 1.98 -104.79 -45.55
CA ILE G 647 0.94 -105.62 -44.85
C ILE G 647 -0.38 -105.33 -45.56
N THR G 648 -1.08 -106.37 -46.02
CA THR G 648 -2.32 -106.17 -46.82
C THR G 648 -3.56 -106.58 -46.07
N SER G 649 -3.43 -107.27 -44.93
CA SER G 649 -4.60 -107.80 -44.19
C SER G 649 -4.48 -107.50 -42.69
N PHE G 650 -5.60 -107.38 -41.97
CA PHE G 650 -5.63 -107.19 -40.51
C PHE G 650 -5.34 -108.45 -39.67
N SER G 651 -4.51 -108.35 -38.63
CA SER G 651 -4.38 -109.43 -37.64
C SER G 651 -4.22 -108.83 -36.24
N ASP G 652 -4.77 -109.47 -35.23
CA ASP G 652 -4.50 -109.13 -33.80
C ASP G 652 -3.02 -109.43 -33.50
N VAL G 653 -2.47 -110.51 -34.10
CA VAL G 653 -1.05 -110.91 -33.89
C VAL G 653 -0.09 -109.82 -34.37
N PRO G 654 0.95 -109.45 -33.57
CA PRO G 654 1.90 -108.39 -33.93
C PRO G 654 2.76 -108.62 -35.17
N VAL G 655 3.05 -107.53 -35.89
CA VAL G 655 3.87 -107.63 -37.13
C VAL G 655 5.31 -108.09 -36.83
N SER G 656 5.78 -109.05 -37.61
CA SER G 656 7.14 -109.60 -37.51
C SER G 656 7.96 -109.28 -38.77
N SER G 657 7.40 -108.55 -39.73
CA SER G 657 8.09 -108.26 -41.03
C SER G 657 8.43 -106.77 -41.12
N PHE G 658 9.72 -106.47 -41.27
CA PHE G 658 10.19 -105.06 -41.24
C PHE G 658 11.21 -104.83 -42.31
N ILE G 659 11.33 -103.62 -42.83
CA ILE G 659 12.45 -103.31 -43.77
C ILE G 659 13.81 -103.30 -43.02
N THR G 660 14.90 -103.82 -43.62
CA THR G 660 16.26 -103.87 -43.00
C THR G 660 16.98 -102.52 -43.09
N GLN G 661 17.47 -102.00 -41.95
CA GLN G 661 18.04 -100.63 -41.85
C GLN G 661 19.22 -100.51 -40.88
N TYR G 662 20.09 -99.51 -41.05
CA TYR G 662 21.23 -99.24 -40.13
C TYR G 662 21.38 -97.72 -40.02
N SER G 663 22.03 -97.24 -38.97
CA SER G 663 22.27 -95.78 -38.79
C SER G 663 23.76 -95.43 -38.59
N THR G 664 24.14 -94.20 -38.96
CA THR G 664 25.52 -93.71 -38.80
C THR G 664 25.50 -92.24 -38.38
N GLY G 665 26.53 -91.74 -37.70
CA GLY G 665 26.63 -90.33 -37.30
C GLY G 665 27.93 -89.94 -36.62
N GLN G 666 27.97 -88.75 -36.04
CA GLN G 666 29.13 -88.22 -35.25
C GLN G 666 28.76 -87.93 -33.78
N VAL G 667 29.68 -88.22 -32.85
CA VAL G 667 29.50 -87.92 -31.40
C VAL G 667 30.66 -87.05 -30.88
N THR G 668 30.37 -86.02 -30.11
CA THR G 668 31.40 -85.19 -29.46
C THR G 668 31.30 -85.26 -27.94
N VAL G 669 32.40 -85.51 -27.22
CA VAL G 669 32.46 -85.46 -25.71
C VAL G 669 33.45 -84.37 -25.23
N GLU G 670 33.02 -83.49 -24.35
CA GLU G 670 33.86 -82.43 -23.75
C GLU G 670 33.98 -82.66 -22.24
N MET G 671 35.19 -82.70 -21.71
CA MET G 671 35.43 -82.94 -20.26
C MET G 671 36.35 -81.89 -19.63
N GLU G 672 36.02 -81.47 -18.42
CA GLU G 672 36.86 -80.52 -17.65
C GLU G 672 37.56 -81.25 -16.49
N TRP G 673 38.84 -80.97 -16.29
CA TRP G 673 39.65 -81.62 -15.24
C TRP G 673 40.31 -80.59 -14.32
N GLU G 674 40.35 -80.86 -13.02
CA GLU G 674 41.06 -79.99 -12.04
C GLU G 674 42.43 -80.60 -11.72
N LEU G 675 43.47 -79.78 -11.71
CA LEU G 675 44.87 -80.22 -11.51
C LEU G 675 45.45 -79.76 -10.17
N LYS G 676 46.26 -80.61 -9.53
CA LYS G 676 47.00 -80.19 -8.31
C LYS G 676 48.49 -80.03 -8.66
N LYS G 677 49.04 -78.84 -8.45
CA LYS G 677 50.47 -78.51 -8.73
C LYS G 677 51.53 -79.12 -7.78
N GLU G 678 52.67 -79.51 -8.31
CA GLU G 678 53.82 -79.95 -7.48
C GLU G 678 54.44 -78.76 -6.72
N ASN G 679 54.85 -78.94 -5.47
CA ASN G 679 55.52 -77.90 -4.62
C ASN G 679 56.82 -78.47 -4.02
N SER G 680 57.60 -79.24 -4.78
CA SER G 680 58.83 -79.94 -4.29
C SER G 680 60.04 -79.06 -3.92
N LYS G 681 60.78 -79.43 -2.88
CA LYS G 681 62.06 -78.77 -2.50
C LYS G 681 63.27 -79.69 -2.81
N ARG G 682 63.09 -80.82 -3.51
CA ARG G 682 64.18 -81.76 -3.95
C ARG G 682 65.22 -81.12 -4.91
N TRP G 683 66.48 -81.02 -4.51
CA TRP G 683 67.60 -80.43 -5.29
C TRP G 683 68.01 -81.19 -6.56
N ASN G 684 68.11 -82.50 -6.46
CA ASN G 684 68.51 -83.39 -7.57
C ASN G 684 67.39 -83.62 -8.59
N PRO G 685 67.74 -83.96 -9.85
CA PRO G 685 66.75 -84.29 -10.86
C PRO G 685 65.88 -85.57 -10.70
N GLU G 686 64.60 -85.48 -11.01
CA GLU G 686 63.61 -86.59 -10.98
C GLU G 686 63.50 -87.56 -12.17
N ILE G 687 62.88 -88.71 -11.97
CA ILE G 687 62.50 -89.66 -13.06
C ILE G 687 61.32 -89.10 -13.90
N GLN G 688 61.34 -89.28 -15.22
CA GLN G 688 60.29 -88.78 -16.17
C GLN G 688 59.98 -89.81 -17.24
N TYR G 689 58.75 -89.87 -17.75
CA TYR G 689 58.41 -90.71 -18.92
C TYR G 689 59.04 -90.06 -20.18
N THR G 690 59.72 -90.87 -20.99
CA THR G 690 60.39 -90.36 -22.19
C THR G 690 60.17 -91.30 -23.35
N ASN G 691 60.27 -90.78 -24.57
CA ASN G 691 60.24 -91.65 -25.77
C ASN G 691 61.68 -92.12 -25.93
N ASN G 692 61.98 -93.36 -25.65
CA ASN G 692 63.37 -93.87 -25.63
C ASN G 692 63.35 -95.29 -26.20
N TYR G 693 64.02 -95.48 -27.34
CA TYR G 693 63.98 -96.77 -28.07
C TYR G 693 65.36 -96.96 -28.64
N ASN G 694 65.85 -98.19 -28.72
CA ASN G 694 67.17 -98.43 -29.40
C ASN G 694 66.97 -99.00 -30.81
N ASP G 695 67.51 -98.34 -31.84
CA ASP G 695 67.40 -98.75 -33.29
C ASP G 695 65.94 -98.96 -33.74
N PRO G 696 64.99 -98.02 -33.52
CA PRO G 696 63.59 -98.28 -33.86
C PRO G 696 63.21 -98.55 -35.33
N GLN G 697 62.37 -99.56 -35.57
CA GLN G 697 61.91 -99.89 -36.95
C GLN G 697 60.55 -99.26 -37.26
N PHE G 698 59.92 -98.63 -36.28
CA PHE G 698 58.59 -98.02 -36.45
C PHE G 698 58.50 -96.94 -35.42
N VAL G 699 57.57 -96.04 -35.57
CA VAL G 699 57.30 -95.06 -34.49
C VAL G 699 56.13 -95.62 -33.67
N ASP G 700 56.31 -95.75 -32.38
CA ASP G 700 55.23 -96.13 -31.42
C ASP G 700 54.18 -95.02 -31.30
N PHE G 701 52.90 -95.35 -31.05
CA PHE G 701 51.73 -94.40 -30.98
C PHE G 701 51.51 -93.70 -32.32
N ALA G 702 51.68 -94.42 -33.41
CA ALA G 702 51.50 -93.91 -34.78
C ALA G 702 50.94 -95.01 -35.66
N PRO G 703 50.30 -94.69 -36.81
CA PRO G 703 49.92 -95.71 -37.78
C PRO G 703 51.06 -96.42 -38.53
N ASP G 704 50.86 -97.67 -38.94
CA ASP G 704 51.88 -98.39 -39.76
C ASP G 704 51.62 -98.31 -41.27
N SER G 705 52.37 -99.07 -42.07
CA SER G 705 52.24 -99.05 -43.55
C SER G 705 50.83 -99.50 -43.98
N THR G 706 50.21 -100.47 -43.32
CA THR G 706 48.79 -100.89 -43.54
C THR G 706 47.77 -99.90 -42.97
N GLY G 707 48.15 -98.95 -42.12
CA GLY G 707 47.19 -98.05 -41.43
C GLY G 707 46.72 -98.45 -40.05
N GLU G 708 47.28 -99.50 -39.46
CA GLU G 708 46.91 -99.95 -38.09
C GLU G 708 47.73 -99.25 -36.99
N TYR G 709 47.06 -98.70 -35.98
CA TYR G 709 47.71 -98.00 -34.83
C TYR G 709 48.53 -98.94 -33.94
N ARG G 710 49.69 -98.47 -33.50
CA ARG G 710 50.59 -99.30 -32.65
C ARG G 710 50.71 -98.66 -31.27
N SER G 711 50.48 -99.44 -30.20
CA SER G 711 50.62 -98.98 -28.79
C SER G 711 51.37 -100.03 -27.96
N THR G 712 52.68 -100.17 -28.09
CA THR G 712 53.56 -101.16 -27.41
C THR G 712 53.61 -101.07 -25.88
N ARG G 713 53.57 -99.88 -25.27
CA ARG G 713 53.81 -99.73 -23.81
C ARG G 713 52.62 -99.25 -22.96
N PRO G 714 52.35 -99.85 -21.77
CA PRO G 714 51.38 -99.30 -20.82
C PRO G 714 51.85 -98.05 -20.06
N ILE G 715 51.05 -97.00 -19.89
CA ILE G 715 51.61 -95.81 -19.16
C ILE G 715 50.85 -95.45 -17.88
N GLY G 716 51.56 -95.43 -16.75
CA GLY G 716 51.06 -95.04 -15.42
C GLY G 716 51.23 -93.57 -15.15
N THR G 717 50.76 -93.11 -14.00
CA THR G 717 50.88 -91.69 -13.60
C THR G 717 51.99 -91.34 -12.61
N ARG G 718 52.72 -92.28 -11.99
CA ARG G 718 53.65 -91.88 -10.87
C ARG G 718 55.15 -91.81 -11.27
N TYR G 719 55.65 -90.59 -11.50
CA TYR G 719 57.07 -90.34 -11.88
C TYR G 719 57.68 -89.38 -10.87
N LEU G 720 56.87 -88.48 -10.34
CA LEU G 720 57.28 -87.51 -9.30
C LEU G 720 57.39 -88.18 -7.92
N THR G 721 58.16 -87.60 -7.04
CA THR G 721 58.45 -88.18 -5.72
C THR G 721 58.10 -87.17 -4.64
N ARG G 722 57.60 -87.64 -3.51
CA ARG G 722 57.34 -86.77 -2.36
C ARG G 722 57.82 -87.40 -1.06
N PRO G 723 58.29 -86.64 -0.04
CA PRO G 723 58.58 -87.18 1.29
C PRO G 723 57.31 -87.58 2.08
N LEU G 724 57.40 -88.58 2.96
CA LEU G 724 56.21 -89.07 3.72
C LEU G 724 55.69 -88.02 4.71
N ASP H 209 -17.72 -4.09 -87.80
CA ASP H 209 -18.51 -2.98 -87.22
C ASP H 209 -19.58 -2.47 -88.20
N GLY H 210 -19.22 -1.76 -89.27
CA GLY H 210 -20.27 -1.13 -90.10
C GLY H 210 -19.98 -0.87 -91.55
N VAL H 211 -21.02 -0.55 -92.32
CA VAL H 211 -20.92 -0.19 -93.76
C VAL H 211 -20.08 1.10 -93.97
N GLY H 212 -20.19 2.09 -93.09
CA GLY H 212 -19.51 3.39 -93.23
C GLY H 212 -18.19 3.49 -92.53
N ASN H 213 -17.71 2.42 -91.91
CA ASN H 213 -16.47 2.49 -91.09
C ASN H 213 -15.36 1.65 -91.71
N ALA H 214 -14.16 2.21 -91.86
CA ALA H 214 -12.99 1.47 -92.40
C ALA H 214 -12.37 0.47 -91.40
N SER H 215 -12.15 -0.77 -91.83
CA SER H 215 -11.53 -1.90 -91.08
C SER H 215 -10.02 -1.72 -90.77
N GLY H 216 -9.25 -1.11 -91.65
CA GLY H 216 -7.80 -0.89 -91.47
C GLY H 216 -7.19 0.26 -92.25
N ASP H 217 -5.91 0.53 -92.06
CA ASP H 217 -5.14 1.64 -92.71
C ASP H 217 -3.95 1.17 -93.53
N TRP H 218 -3.49 1.97 -94.48
CA TRP H 218 -2.33 1.66 -95.36
C TRP H 218 -0.98 1.82 -94.64
N HIS H 219 -0.19 0.77 -94.61
CA HIS H 219 1.19 0.85 -94.07
C HIS H 219 2.22 0.32 -95.08
N CYS H 220 3.08 1.18 -95.65
CA CYS H 220 4.19 0.71 -96.51
C CYS H 220 5.46 1.38 -95.98
N ASP H 221 6.36 0.64 -95.34
CA ASP H 221 7.55 1.28 -94.70
C ASP H 221 8.72 0.34 -94.38
N SER H 222 9.93 0.88 -94.18
CA SER H 222 11.09 0.10 -93.67
C SER H 222 11.64 0.83 -92.43
N THR H 223 11.93 0.13 -91.34
CA THR H 223 12.58 0.72 -90.16
C THR H 223 13.86 -0.05 -89.86
N TRP H 224 14.99 0.65 -89.74
CA TRP H 224 16.30 0.02 -89.44
C TRP H 224 16.71 0.36 -88.01
N MET H 225 16.94 -0.66 -87.19
CA MET H 225 17.28 -0.48 -85.76
C MET H 225 18.47 -1.35 -85.33
N GLY H 226 19.73 -1.00 -85.62
CA GLY H 226 20.88 -1.88 -85.30
C GLY H 226 20.86 -3.20 -86.03
N ASP H 227 20.85 -4.32 -85.31
CA ASP H 227 20.85 -5.69 -85.89
C ASP H 227 19.50 -6.09 -86.54
N ARG H 228 18.43 -5.32 -86.36
CA ARG H 228 17.07 -5.69 -86.88
C ARG H 228 16.53 -4.71 -87.93
N VAL H 229 15.89 -5.22 -88.98
CA VAL H 229 15.17 -4.37 -89.97
C VAL H 229 13.71 -4.89 -90.03
N VAL H 230 12.70 -4.01 -89.99
CA VAL H 230 11.26 -4.38 -90.12
C VAL H 230 10.72 -3.86 -91.46
N THR H 231 10.07 -4.72 -92.24
CA THR H 231 9.46 -4.31 -93.54
C THR H 231 7.93 -4.39 -93.48
N LYS H 232 7.23 -3.35 -93.94
CA LYS H 232 5.74 -3.33 -94.03
C LYS H 232 5.34 -3.13 -95.50
N SER H 233 4.41 -3.94 -96.01
CA SER H 233 3.93 -3.87 -97.42
C SER H 233 2.39 -3.93 -97.47
N THR H 234 1.76 -3.02 -98.20
CA THR H 234 0.28 -3.00 -98.40
C THR H 234 -0.06 -3.06 -99.88
N ARG H 235 -1.00 -3.92 -100.26
CA ARG H 235 -1.47 -4.04 -101.68
C ARG H 235 -3.01 -4.14 -101.81
N THR H 236 -3.54 -3.83 -102.97
CA THR H 236 -4.98 -3.99 -103.29
C THR H 236 -5.15 -5.21 -104.19
N TRP H 237 -6.07 -6.12 -103.86
CA TRP H 237 -6.31 -7.39 -104.58
C TRP H 237 -7.75 -7.54 -105.11
N VAL H 238 -7.93 -8.35 -106.15
CA VAL H 238 -9.26 -8.70 -106.71
C VAL H 238 -9.44 -10.24 -106.67
N LEU H 239 -10.61 -10.74 -106.27
CA LEU H 239 -10.90 -12.20 -106.30
C LEU H 239 -12.04 -12.59 -107.26
N PRO H 240 -11.75 -13.41 -108.28
CA PRO H 240 -12.80 -13.99 -109.13
C PRO H 240 -13.58 -15.15 -108.51
N SER H 241 -14.79 -15.42 -108.97
CA SER H 241 -15.47 -16.66 -108.51
C SER H 241 -15.06 -17.81 -109.43
N TYR H 242 -14.02 -18.57 -109.06
CA TYR H 242 -13.43 -19.64 -109.93
C TYR H 242 -14.24 -20.93 -109.99
N ASN H 243 -14.45 -21.50 -111.18
CA ASN H 243 -15.09 -22.83 -111.37
C ASN H 243 -16.60 -22.75 -111.22
N ASN H 244 -17.17 -21.55 -111.07
CA ASN H 244 -18.63 -21.33 -110.82
C ASN H 244 -19.08 -22.11 -109.57
N HIS H 245 -18.30 -22.07 -108.48
CA HIS H 245 -18.64 -22.72 -107.18
C HIS H 245 -18.52 -24.25 -107.19
N GLN H 246 -17.69 -24.81 -108.05
CA GLN H 246 -17.58 -26.29 -108.20
C GLN H 246 -16.12 -26.79 -108.14
N TYR H 247 -15.90 -28.06 -107.79
CA TYR H 247 -14.58 -28.72 -107.76
C TYR H 247 -14.51 -29.56 -109.00
N ARG H 248 -13.42 -29.47 -109.76
CA ARG H 248 -13.31 -30.20 -111.04
C ARG H 248 -12.09 -31.15 -111.10
N GLU H 249 -12.32 -32.39 -111.56
CA GLU H 249 -11.18 -33.31 -111.79
C GLU H 249 -10.40 -32.87 -113.03
N ILE H 250 -9.08 -32.78 -112.91
CA ILE H 250 -8.18 -32.29 -113.99
C ILE H 250 -7.13 -33.35 -114.30
N LYS H 251 -6.74 -33.50 -115.54
CA LYS H 251 -5.80 -34.59 -115.91
C LYS H 251 -5.05 -34.29 -117.20
N SER H 252 -3.89 -34.88 -117.39
CA SER H 252 -3.18 -34.76 -118.68
C SER H 252 -2.54 -36.07 -119.15
N GLY H 253 -2.51 -36.34 -120.45
CA GLY H 253 -1.70 -37.40 -121.08
C GLY H 253 -0.34 -36.83 -121.51
N SER H 254 0.45 -37.56 -122.28
CA SER H 254 1.77 -37.10 -122.81
C SER H 254 1.62 -35.89 -123.76
N VAL H 255 2.48 -34.87 -123.62
CA VAL H 255 2.40 -33.63 -124.43
C VAL H 255 3.82 -33.20 -124.82
N ASP H 256 4.01 -32.63 -126.01
CA ASP H 256 5.34 -32.16 -126.51
C ASP H 256 6.31 -33.34 -126.58
N GLY H 257 5.80 -34.53 -126.82
CA GLY H 257 6.64 -35.74 -126.86
C GLY H 257 6.99 -36.35 -125.52
N SER H 258 6.47 -35.87 -124.38
CA SER H 258 6.93 -36.45 -123.09
C SER H 258 5.85 -37.00 -122.15
N ASN H 259 6.00 -38.23 -121.66
CA ASN H 259 5.12 -38.85 -120.61
C ASN H 259 5.35 -38.24 -119.22
N ALA H 260 6.46 -37.54 -118.97
CA ALA H 260 6.77 -36.82 -117.69
C ALA H 260 5.75 -35.71 -117.51
N ASN H 261 5.18 -35.21 -118.61
CA ASN H 261 4.05 -34.23 -118.67
C ASN H 261 2.73 -34.76 -118.07
N ALA H 262 2.39 -36.05 -118.18
CA ALA H 262 1.13 -36.66 -117.65
C ALA H 262 0.91 -36.51 -116.15
N TYR H 263 -0.32 -36.21 -115.72
CA TYR H 263 -0.71 -36.01 -114.30
C TYR H 263 -2.21 -36.28 -114.08
N PHE H 264 -2.61 -36.52 -112.83
CA PHE H 264 -4.03 -36.64 -112.41
C PHE H 264 -4.19 -35.65 -111.21
N GLY H 265 -5.25 -34.84 -111.19
CA GLY H 265 -5.44 -33.80 -110.16
C GLY H 265 -6.82 -33.20 -109.97
N TYR H 266 -6.94 -32.29 -109.01
CA TYR H 266 -8.20 -31.53 -108.76
C TYR H 266 -8.02 -29.99 -108.87
N SER H 267 -8.99 -29.29 -109.46
CA SER H 267 -9.03 -27.79 -109.47
C SER H 267 -10.11 -27.35 -108.46
N THR H 268 -9.90 -26.24 -107.79
CA THR H 268 -10.80 -25.83 -106.67
C THR H 268 -11.40 -24.45 -106.87
N PRO H 269 -12.52 -24.15 -106.20
CA PRO H 269 -13.16 -22.82 -106.20
C PRO H 269 -12.37 -21.70 -105.51
N TRP H 270 -11.47 -22.00 -104.58
CA TRP H 270 -10.63 -21.08 -103.77
C TRP H 270 -9.43 -20.40 -104.46
N GLY H 271 -8.98 -19.30 -103.88
CA GLY H 271 -7.78 -18.56 -104.28
C GLY H 271 -6.87 -18.40 -103.10
N TYR H 272 -5.60 -18.13 -103.32
CA TYR H 272 -4.60 -18.06 -102.22
C TYR H 272 -3.71 -16.81 -102.32
N PHE H 273 -3.12 -16.40 -101.21
CA PHE H 273 -2.15 -15.26 -101.15
C PHE H 273 -0.69 -15.80 -101.07
N ASP H 274 0.20 -15.37 -101.96
CA ASP H 274 1.63 -15.77 -102.00
C ASP H 274 2.56 -14.55 -101.79
N PHE H 275 3.44 -14.62 -100.81
CA PHE H 275 4.45 -13.54 -100.55
C PHE H 275 5.91 -14.04 -100.73
N ASN H 276 6.19 -15.19 -101.33
CA ASN H 276 7.59 -15.72 -101.37
C ASN H 276 8.40 -15.10 -102.52
N ARG H 277 8.56 -13.79 -102.58
CA ARG H 277 9.45 -13.06 -103.51
C ARG H 277 10.03 -11.89 -102.68
N PHE H 278 11.31 -11.56 -102.82
CA PHE H 278 11.98 -10.44 -102.09
C PHE H 278 11.41 -9.03 -102.46
N HIS H 279 11.08 -8.76 -103.73
CA HIS H 279 10.55 -7.47 -104.26
C HIS H 279 9.19 -7.17 -103.60
N SER H 280 8.46 -8.16 -103.12
CA SER H 280 7.20 -8.03 -102.35
C SER H 280 7.44 -7.25 -101.04
N HIS H 281 8.55 -7.46 -100.36
CA HIS H 281 8.93 -6.78 -99.09
C HIS H 281 10.01 -5.69 -99.21
N TRP H 282 10.78 -5.63 -100.29
CA TRP H 282 11.97 -4.75 -100.34
C TRP H 282 11.96 -3.74 -101.48
N SER H 283 12.19 -2.48 -101.17
CA SER H 283 12.39 -1.44 -102.20
C SER H 283 13.77 -1.65 -102.84
N PRO H 284 14.00 -1.19 -104.09
CA PRO H 284 15.32 -1.29 -104.69
C PRO H 284 16.40 -0.53 -103.93
N ARG H 285 16.13 0.67 -103.40
CA ARG H 285 17.10 1.40 -102.53
C ARG H 285 17.42 0.67 -101.21
N ASP H 286 16.43 0.09 -100.55
CA ASP H 286 16.60 -0.70 -99.28
C ASP H 286 17.44 -1.96 -99.51
N TRP H 287 17.24 -2.64 -100.63
CA TRP H 287 18.05 -3.81 -101.03
C TRP H 287 19.53 -3.44 -101.24
N GLN H 288 19.82 -2.29 -101.85
CA GLN H 288 21.19 -1.75 -102.04
C GLN H 288 21.87 -1.46 -100.70
N ARG H 289 21.14 -0.92 -99.74
CA ARG H 289 21.68 -0.65 -98.40
C ARG H 289 22.09 -1.95 -97.70
N LEU H 290 21.30 -3.02 -97.77
CA LEU H 290 21.70 -4.33 -97.21
C LEU H 290 22.89 -5.06 -97.88
N ILE H 291 22.96 -5.10 -99.21
CA ILE H 291 24.02 -5.82 -99.98
C ILE H 291 25.39 -5.16 -99.79
N ASN H 292 25.42 -3.84 -99.74
CA ASN H 292 26.63 -3.01 -99.51
C ASN H 292 27.23 -3.14 -98.10
N ASN H 293 26.44 -3.29 -97.03
CA ASN H 293 26.94 -3.19 -95.62
C ASN H 293 26.89 -4.40 -94.69
N TYR H 294 26.37 -5.55 -95.08
CA TYR H 294 26.17 -6.68 -94.14
C TYR H 294 26.71 -8.01 -94.64
N TRP H 295 27.32 -8.81 -93.76
CA TRP H 295 27.75 -10.21 -94.05
C TRP H 295 26.58 -11.21 -94.29
N GLY H 296 25.50 -11.09 -93.53
CA GLY H 296 24.38 -12.04 -93.62
C GLY H 296 23.04 -11.54 -93.15
N PHE H 297 21.97 -12.22 -93.54
CA PHE H 297 20.60 -11.88 -93.08
C PHE H 297 19.75 -13.17 -92.89
N ARG H 298 18.74 -13.16 -92.01
CA ARG H 298 17.78 -14.29 -91.84
C ARG H 298 16.35 -13.80 -91.46
N PRO H 299 15.24 -14.47 -91.87
CA PRO H 299 13.87 -14.14 -91.38
C PRO H 299 13.53 -14.55 -89.92
N ARG H 300 12.75 -13.74 -89.20
CA ARG H 300 12.40 -14.01 -87.77
C ARG H 300 10.89 -14.12 -87.55
N SER H 301 10.12 -13.12 -87.99
CA SER H 301 8.65 -13.09 -87.69
C SER H 301 7.80 -12.61 -88.88
N LEU H 302 6.56 -13.09 -88.95
CA LEU H 302 5.59 -12.64 -89.98
C LEU H 302 4.21 -12.26 -89.38
N ARG H 303 3.61 -11.14 -89.80
CA ARG H 303 2.22 -10.75 -89.42
C ARG H 303 1.39 -10.44 -90.68
N VAL H 304 0.17 -10.99 -90.80
CA VAL H 304 -0.74 -10.74 -91.97
C VAL H 304 -2.12 -10.17 -91.55
N LYS H 305 -2.61 -9.12 -92.22
CA LYS H 305 -3.97 -8.57 -92.02
C LYS H 305 -4.76 -8.46 -93.36
N ILE H 306 -6.03 -8.91 -93.40
CA ILE H 306 -6.94 -8.76 -94.58
C ILE H 306 -8.12 -7.87 -94.15
N PHE H 307 -8.44 -6.80 -94.91
CA PHE H 307 -9.39 -5.72 -94.48
C PHE H 307 -10.03 -4.94 -95.63
N ASN H 308 -11.03 -4.08 -95.35
CA ASN H 308 -11.77 -3.19 -96.32
C ASN H 308 -12.44 -3.99 -97.43
N ILE H 309 -13.06 -5.10 -97.06
CA ILE H 309 -13.72 -6.02 -98.01
C ILE H 309 -14.93 -5.40 -98.74
N GLN H 310 -15.04 -5.63 -100.04
CA GLN H 310 -16.17 -5.12 -100.87
C GLN H 310 -16.64 -6.22 -101.83
N VAL H 311 -17.90 -6.61 -101.73
CA VAL H 311 -18.49 -7.68 -102.58
C VAL H 311 -19.40 -7.00 -103.62
N LYS H 312 -19.23 -7.35 -104.89
CA LYS H 312 -19.97 -6.75 -106.02
C LYS H 312 -20.77 -7.79 -106.81
N GLU H 313 -21.96 -7.44 -107.25
CA GLU H 313 -22.79 -8.34 -108.08
C GLU H 313 -22.83 -7.81 -109.53
N VAL H 314 -22.64 -8.69 -110.49
CA VAL H 314 -22.60 -8.28 -111.93
C VAL H 314 -23.85 -8.86 -112.59
N THR H 315 -24.59 -8.01 -113.30
CA THR H 315 -25.84 -8.45 -113.97
C THR H 315 -25.81 -8.04 -115.42
N VAL H 316 -26.25 -8.92 -116.31
CA VAL H 316 -26.36 -8.50 -117.74
C VAL H 316 -27.81 -8.57 -118.23
N GLN H 317 -28.35 -7.47 -118.76
CA GLN H 317 -29.68 -7.52 -119.43
C GLN H 317 -29.46 -6.95 -120.84
N ASP H 318 -29.67 -7.76 -121.88
CA ASP H 318 -29.58 -7.24 -123.27
C ASP H 318 -28.22 -6.57 -123.50
N SER H 319 -27.13 -7.10 -122.94
CA SER H 319 -25.74 -6.59 -123.19
C SER H 319 -25.35 -5.33 -122.39
N THR H 320 -26.18 -4.83 -121.47
CA THR H 320 -25.80 -3.66 -120.60
C THR H 320 -24.64 -3.92 -119.64
N THR H 321 -24.51 -5.07 -118.98
CA THR H 321 -23.46 -5.35 -117.95
C THR H 321 -23.36 -4.37 -116.75
N THR H 322 -24.44 -4.05 -116.04
CA THR H 322 -24.38 -3.24 -114.78
C THR H 322 -23.65 -3.93 -113.62
N ILE H 323 -22.90 -3.18 -112.80
CA ILE H 323 -22.19 -3.68 -111.59
C ILE H 323 -22.69 -2.95 -110.33
N ALA H 324 -23.01 -3.67 -109.25
CA ALA H 324 -23.54 -3.08 -108.00
C ALA H 324 -22.97 -3.70 -106.73
N ASN H 325 -22.96 -2.95 -105.63
CA ASN H 325 -22.56 -3.49 -104.31
C ASN H 325 -23.58 -4.43 -103.68
N ASN H 326 -23.15 -5.54 -103.08
CA ASN H 326 -24.07 -6.38 -102.27
C ASN H 326 -23.55 -6.31 -100.83
N LEU H 327 -24.25 -5.63 -99.93
CA LEU H 327 -23.89 -5.43 -98.50
C LEU H 327 -23.93 -6.71 -97.65
N THR H 328 -24.88 -7.59 -97.90
CA THR H 328 -25.11 -8.79 -97.05
C THR H 328 -24.28 -10.02 -97.49
N SER H 329 -23.55 -9.96 -98.61
CA SER H 329 -22.66 -11.08 -99.09
C SER H 329 -21.38 -11.29 -98.25
N THR H 330 -20.85 -12.52 -98.22
CA THR H 330 -19.69 -12.89 -97.36
C THR H 330 -18.48 -13.42 -98.12
N VAL H 331 -17.32 -13.32 -97.52
CA VAL H 331 -16.06 -13.91 -98.03
C VAL H 331 -15.61 -14.92 -96.93
N GLN H 332 -14.99 -16.05 -97.30
CA GLN H 332 -14.50 -17.09 -96.35
C GLN H 332 -12.96 -17.22 -96.35
N VAL H 333 -12.32 -17.17 -95.19
CA VAL H 333 -10.83 -17.18 -95.05
C VAL H 333 -10.33 -18.22 -94.03
N PHE H 334 -9.27 -18.95 -94.34
CA PHE H 334 -8.61 -19.91 -93.39
C PHE H 334 -7.08 -20.06 -93.60
N THR H 335 -6.36 -20.51 -92.59
CA THR H 335 -4.91 -20.84 -92.70
C THR H 335 -4.70 -22.33 -92.42
N ASP H 336 -3.89 -23.01 -93.24
CA ASP H 336 -3.57 -24.46 -93.05
C ASP H 336 -2.39 -24.66 -92.10
N ASP H 337 -2.63 -24.53 -90.80
CA ASP H 337 -1.59 -24.60 -89.73
C ASP H 337 -0.87 -25.95 -89.55
N ASP H 338 -1.55 -27.10 -89.68
CA ASP H 338 -0.98 -28.45 -89.46
C ASP H 338 -0.43 -29.09 -90.75
N TYR H 339 -0.42 -28.41 -91.89
CA TYR H 339 0.17 -28.86 -93.17
C TYR H 339 -0.53 -30.09 -93.74
N GLN H 340 -1.82 -30.23 -93.49
CA GLN H 340 -2.66 -31.30 -94.04
C GLN H 340 -2.82 -31.21 -95.57
N LEU H 341 -2.95 -30.02 -96.10
CA LEU H 341 -3.05 -29.78 -97.57
C LEU H 341 -1.75 -29.89 -98.32
N PRO H 342 -1.78 -30.22 -99.63
CA PRO H 342 -0.57 -30.11 -100.43
C PRO H 342 -0.06 -28.65 -100.52
N TYR H 343 1.24 -28.40 -100.34
CA TYR H 343 1.81 -27.02 -100.30
C TYR H 343 2.41 -26.66 -101.66
N VAL H 344 1.79 -25.71 -102.34
CA VAL H 344 2.20 -25.34 -103.71
C VAL H 344 2.97 -24.01 -103.73
N VAL H 345 3.16 -23.35 -102.59
CA VAL H 345 3.79 -22.00 -102.48
C VAL H 345 5.29 -21.91 -102.91
N GLY H 346 6.14 -22.90 -102.67
CA GLY H 346 7.62 -22.78 -102.87
C GLY H 346 8.18 -23.29 -104.20
N ASN H 347 7.41 -23.34 -105.28
CA ASN H 347 7.76 -23.96 -106.58
C ASN H 347 8.02 -22.96 -107.74
N GLY H 348 8.36 -21.67 -107.49
CA GLY H 348 8.64 -20.62 -108.50
C GLY H 348 7.52 -20.23 -109.42
N THR H 349 6.31 -20.20 -108.90
CA THR H 349 5.10 -19.88 -109.69
C THR H 349 4.66 -18.43 -109.54
N GLU H 350 3.97 -17.91 -110.54
CA GLU H 350 3.41 -16.53 -110.59
C GLU H 350 2.17 -16.29 -109.69
N GLY H 351 1.79 -15.05 -109.43
CA GLY H 351 0.68 -14.70 -108.51
C GLY H 351 1.06 -14.13 -107.16
N CYS H 352 2.33 -13.85 -106.87
CA CYS H 352 2.80 -13.17 -105.62
C CYS H 352 2.44 -11.68 -105.63
N LEU H 353 2.50 -11.03 -104.46
CA LEU H 353 2.23 -9.57 -104.37
C LEU H 353 3.23 -8.82 -105.25
N PRO H 354 2.77 -7.76 -105.95
CA PRO H 354 3.66 -7.03 -106.86
C PRO H 354 4.84 -6.21 -106.31
N ALA H 355 5.91 -6.06 -107.09
CA ALA H 355 7.12 -5.27 -106.73
C ALA H 355 6.77 -3.79 -106.49
N PHE H 356 5.87 -3.20 -107.29
CA PHE H 356 5.52 -1.76 -107.20
C PHE H 356 4.24 -1.61 -106.38
N PRO H 357 4.24 -0.84 -105.26
CA PRO H 357 3.06 -0.67 -104.39
C PRO H 357 1.70 -0.25 -104.96
N PRO H 358 1.60 0.69 -105.93
CA PRO H 358 0.36 1.07 -106.61
C PRO H 358 -0.33 0.00 -107.49
N GLN H 359 0.39 -1.00 -107.97
CA GLN H 359 -0.15 -2.05 -108.87
C GLN H 359 -1.22 -2.92 -108.19
N VAL H 360 -2.28 -3.25 -108.92
CA VAL H 360 -3.44 -4.01 -108.37
C VAL H 360 -3.40 -5.41 -108.98
N PHE H 361 -3.59 -6.44 -108.17
CA PHE H 361 -3.38 -7.84 -108.66
C PHE H 361 -4.54 -8.85 -108.46
N THR H 362 -4.67 -9.77 -109.41
CA THR H 362 -5.58 -10.92 -109.30
C THR H 362 -4.96 -12.07 -108.51
N LEU H 363 -5.68 -12.65 -107.55
CA LEU H 363 -5.22 -13.87 -106.81
C LEU H 363 -5.23 -15.13 -107.67
N PRO H 364 -4.18 -15.98 -107.54
CA PRO H 364 -4.16 -17.27 -108.21
C PRO H 364 -5.18 -18.33 -107.72
N GLN H 365 -5.71 -19.15 -108.62
CA GLN H 365 -6.59 -20.29 -108.23
C GLN H 365 -5.81 -21.51 -107.69
N TYR H 366 -6.22 -22.09 -106.56
CA TYR H 366 -5.63 -23.32 -105.96
C TYR H 366 -5.95 -24.61 -106.72
N GLY H 367 -4.96 -25.49 -106.84
CA GLY H 367 -5.07 -26.78 -107.52
C GLY H 367 -3.91 -27.63 -107.08
N TYR H 368 -3.94 -28.93 -107.36
CA TYR H 368 -2.85 -29.86 -106.98
C TYR H 368 -2.80 -31.08 -107.88
N ALA H 369 -1.66 -31.75 -107.93
CA ALA H 369 -1.54 -33.06 -108.61
C ALA H 369 -1.36 -34.15 -107.56
N THR H 370 -2.10 -35.25 -107.66
CA THR H 370 -1.93 -36.47 -106.82
C THR H 370 -1.21 -37.51 -107.67
N LEU H 371 -1.34 -38.79 -107.33
CA LEU H 371 -0.76 -39.91 -108.08
C LEU H 371 -1.44 -40.20 -109.44
N ASN H 372 -0.65 -40.67 -110.40
CA ASN H 372 -1.15 -41.01 -111.76
C ASN H 372 -0.64 -42.43 -112.05
N ARG H 373 -1.34 -43.20 -112.86
CA ARG H 373 -0.97 -44.63 -113.08
C ARG H 373 -0.20 -44.88 -114.38
N ASP H 374 0.98 -45.47 -114.30
CA ASP H 374 1.84 -45.87 -115.47
C ASP H 374 2.17 -44.75 -116.45
N ASN H 375 2.47 -43.55 -115.97
CA ASN H 375 2.78 -42.37 -116.84
C ASN H 375 1.62 -42.08 -117.81
N THR H 376 0.37 -42.15 -117.32
CA THR H 376 -0.88 -41.89 -118.08
C THR H 376 -1.80 -40.95 -117.28
N GLU H 377 -2.91 -40.45 -117.83
CA GLU H 377 -3.86 -39.51 -117.18
C GLU H 377 -4.75 -40.16 -116.08
N ASN H 378 -4.83 -41.48 -116.02
CA ASN H 378 -5.61 -42.24 -115.01
C ASN H 378 -5.08 -42.23 -113.59
N PRO H 379 -5.97 -42.25 -112.57
CA PRO H 379 -5.62 -42.41 -111.16
C PRO H 379 -5.27 -43.82 -110.60
N THR H 380 -4.82 -43.88 -109.36
CA THR H 380 -4.46 -45.12 -108.61
C THR H 380 -5.33 -45.19 -107.37
N GLU H 381 -5.38 -46.34 -106.69
CA GLU H 381 -6.09 -46.53 -105.39
C GLU H 381 -5.49 -45.64 -104.30
N ARG H 382 -4.19 -45.43 -104.28
CA ARG H 382 -3.47 -44.50 -103.35
C ARG H 382 -3.81 -43.02 -103.63
N SER H 383 -4.29 -42.65 -104.82
CA SER H 383 -4.60 -41.25 -105.21
C SER H 383 -5.66 -40.63 -104.27
N SER H 384 -5.47 -39.37 -103.87
CA SER H 384 -6.26 -38.69 -102.79
C SER H 384 -7.05 -37.45 -103.22
N PHE H 385 -8.23 -37.29 -102.66
CA PHE H 385 -9.06 -36.08 -102.88
C PHE H 385 -9.14 -35.29 -101.56
N PHE H 386 -8.93 -34.00 -101.65
CA PHE H 386 -9.03 -33.11 -100.46
C PHE H 386 -10.13 -32.06 -100.65
N CYS H 387 -11.03 -31.92 -99.68
CA CYS H 387 -12.09 -30.86 -99.65
C CYS H 387 -11.68 -29.71 -98.70
N LEU H 388 -11.62 -28.47 -99.18
CA LEU H 388 -11.31 -27.23 -98.39
C LEU H 388 -12.44 -26.88 -97.40
N GLU H 389 -13.69 -27.13 -97.78
CA GLU H 389 -14.89 -26.83 -96.96
C GLU H 389 -14.96 -27.74 -95.73
N TYR H 390 -14.23 -28.86 -95.72
CA TYR H 390 -14.10 -29.76 -94.54
C TYR H 390 -13.38 -29.03 -93.39
N PHE H 391 -12.39 -28.19 -93.64
CA PHE H 391 -11.71 -27.35 -92.62
C PHE H 391 -12.62 -26.24 -92.09
N PRO H 392 -12.50 -25.78 -90.83
CA PRO H 392 -13.18 -24.55 -90.38
C PRO H 392 -12.66 -23.18 -90.96
N SER H 393 -13.53 -22.24 -91.32
CA SER H 393 -13.14 -20.91 -91.87
C SER H 393 -13.89 -19.71 -91.26
N LYS H 394 -13.24 -18.56 -91.16
CA LYS H 394 -13.91 -17.29 -90.73
C LYS H 394 -14.82 -16.75 -91.86
N MET H 395 -15.98 -16.20 -91.54
CA MET H 395 -16.90 -15.59 -92.54
C MET H 395 -16.92 -14.05 -92.36
N LEU H 396 -16.68 -13.31 -93.44
CA LEU H 396 -16.60 -11.83 -93.33
C LEU H 396 -17.56 -11.06 -94.22
N ARG H 397 -18.29 -10.12 -93.64
CA ARG H 397 -19.08 -9.10 -94.39
C ARG H 397 -18.18 -7.84 -94.57
N THR H 398 -18.67 -6.77 -95.20
CA THR H 398 -17.95 -5.48 -95.49
C THR H 398 -17.33 -4.82 -94.26
N GLY H 399 -17.96 -4.83 -93.08
CA GLY H 399 -17.43 -4.39 -91.77
C GLY H 399 -16.26 -5.17 -91.21
N ASN H 400 -16.20 -6.49 -91.41
CA ASN H 400 -15.24 -7.47 -90.83
C ASN H 400 -13.77 -7.48 -91.34
N ASN H 401 -12.84 -7.97 -90.53
CA ASN H 401 -11.39 -8.06 -90.85
C ASN H 401 -10.79 -9.40 -90.35
N PHE H 402 -9.66 -9.85 -90.90
CA PHE H 402 -8.93 -11.08 -90.47
C PHE H 402 -7.45 -10.79 -90.14
N GLU H 403 -6.91 -11.38 -89.08
CA GLU H 403 -5.47 -11.26 -88.75
C GLU H 403 -4.77 -12.61 -88.43
N PHE H 404 -3.48 -12.77 -88.79
CA PHE H 404 -2.66 -13.97 -88.44
C PHE H 404 -1.22 -13.57 -88.00
N THR H 405 -0.56 -14.36 -87.14
CA THR H 405 0.86 -14.15 -86.70
C THR H 405 1.66 -15.45 -86.83
N TYR H 406 2.92 -15.39 -87.27
CA TYR H 406 3.82 -16.57 -87.39
C TYR H 406 5.25 -16.30 -86.88
N ASN H 407 5.92 -17.31 -86.32
CA ASN H 407 7.37 -17.23 -85.93
C ASN H 407 8.17 -18.24 -86.75
N PHE H 408 9.28 -17.81 -87.32
CA PHE H 408 10.16 -18.70 -88.12
C PHE H 408 10.99 -19.57 -87.17
N GLU H 409 11.32 -20.80 -87.56
CA GLU H 409 12.25 -21.68 -86.80
C GLU H 409 13.70 -21.17 -86.93
N GLU H 410 14.58 -21.56 -86.01
CA GLU H 410 16.00 -21.18 -86.17
C GLU H 410 16.57 -21.74 -87.49
N VAL H 411 17.26 -20.90 -88.23
CA VAL H 411 17.79 -21.27 -89.57
C VAL H 411 19.16 -20.60 -89.68
N PRO H 412 20.12 -21.13 -90.45
CA PRO H 412 21.38 -20.42 -90.68
C PRO H 412 21.26 -19.12 -91.51
N PHE H 413 22.06 -18.09 -91.23
CA PHE H 413 22.08 -16.83 -92.02
C PHE H 413 22.55 -17.08 -93.44
N HIS H 414 21.96 -16.43 -94.44
CA HIS H 414 22.48 -16.47 -95.84
C HIS H 414 23.85 -15.75 -95.86
N SER H 415 24.79 -16.22 -96.68
CA SER H 415 26.12 -15.59 -96.79
C SER H 415 26.20 -14.53 -97.90
N SER H 416 26.13 -13.24 -97.54
CA SER H 416 26.25 -12.11 -98.49
C SER H 416 27.71 -11.64 -98.60
N PHE H 417 28.60 -12.47 -99.11
CA PHE H 417 30.02 -12.12 -99.25
C PHE H 417 30.64 -12.99 -100.34
N ALA H 418 31.75 -12.53 -100.89
CA ALA H 418 32.52 -13.30 -101.88
C ALA H 418 33.88 -13.62 -101.26
N PRO H 419 34.41 -14.85 -101.43
CA PRO H 419 35.75 -15.16 -100.98
C PRO H 419 36.92 -14.39 -101.62
N SER H 420 37.87 -13.95 -100.80
CA SER H 420 39.07 -13.22 -101.29
C SER H 420 40.28 -14.16 -101.50
N GLN H 421 40.15 -15.46 -101.24
CA GLN H 421 41.22 -16.45 -101.49
C GLN H 421 40.74 -17.71 -102.23
N ASN H 422 41.59 -18.30 -103.07
CA ASN H 422 41.38 -19.63 -103.71
C ASN H 422 41.54 -20.75 -102.67
N LEU H 423 40.73 -21.81 -102.74
CA LEU H 423 40.74 -22.98 -101.82
C LEU H 423 42.08 -23.73 -101.87
N PHE H 424 42.69 -23.83 -103.06
CA PHE H 424 43.98 -24.52 -103.28
C PHE H 424 45.26 -23.62 -103.07
N LYS H 425 45.17 -22.32 -102.75
CA LYS H 425 46.33 -21.38 -102.61
C LYS H 425 46.53 -20.89 -101.14
N LEU H 426 46.23 -21.68 -100.11
CA LEU H 426 46.24 -21.24 -98.67
C LEU H 426 47.59 -21.38 -97.93
N ALA H 427 48.57 -22.07 -98.49
CA ALA H 427 49.92 -22.15 -97.90
C ALA H 427 50.61 -20.78 -98.03
N ASN H 428 51.49 -20.42 -97.09
CA ASN H 428 52.27 -19.17 -97.20
C ASN H 428 53.10 -19.24 -98.47
N PRO H 429 53.10 -18.17 -99.29
CA PRO H 429 53.91 -18.11 -100.51
C PRO H 429 55.45 -18.15 -100.28
N LEU H 430 56.00 -17.52 -99.24
CA LEU H 430 57.42 -17.50 -98.79
C LEU H 430 58.02 -18.83 -98.28
N VAL H 431 57.26 -19.68 -97.60
CA VAL H 431 57.81 -20.89 -96.93
C VAL H 431 57.53 -22.25 -97.60
N ASP H 432 58.55 -23.11 -97.75
CA ASP H 432 58.42 -24.51 -98.25
C ASP H 432 57.75 -25.48 -97.26
N GLN H 433 57.05 -26.49 -97.76
CA GLN H 433 56.47 -27.58 -96.94
C GLN H 433 57.51 -28.61 -96.43
N TYR H 434 57.31 -29.23 -95.26
CA TYR H 434 58.17 -30.36 -94.79
C TYR H 434 57.68 -31.71 -95.40
N LEU H 435 57.08 -31.70 -96.57
CA LEU H 435 56.44 -32.90 -97.18
C LEU H 435 57.00 -33.16 -98.58
N TYR H 436 57.00 -34.41 -99.00
CA TYR H 436 57.65 -34.81 -100.28
C TYR H 436 56.69 -35.58 -101.18
N ARG H 437 56.94 -35.54 -102.48
CA ARG H 437 56.07 -36.19 -103.48
C ARG H 437 56.88 -37.09 -104.42
N PHE H 438 56.24 -38.12 -104.98
CA PHE H 438 56.90 -39.00 -105.97
C PHE H 438 56.85 -38.32 -107.31
N VAL H 439 58.02 -38.24 -107.94
CA VAL H 439 58.09 -37.62 -109.28
C VAL H 439 58.63 -38.54 -110.37
N SER H 440 59.29 -39.63 -110.01
CA SER H 440 60.04 -40.39 -111.05
C SER H 440 60.44 -41.83 -110.75
N THR H 441 60.80 -42.55 -111.80
CA THR H 441 61.39 -43.90 -111.67
C THR H 441 62.69 -43.84 -112.48
N ASN H 442 63.77 -44.50 -112.06
CA ASN H 442 65.07 -44.56 -112.81
C ASN H 442 65.09 -45.66 -113.90
N ASN H 443 66.25 -45.89 -114.57
CA ASN H 443 66.36 -46.88 -115.69
C ASN H 443 66.01 -48.27 -115.15
N THR H 444 66.41 -48.64 -113.93
CA THR H 444 65.88 -49.83 -113.25
C THR H 444 64.71 -49.18 -112.59
N GLY H 445 63.52 -49.76 -112.53
CA GLY H 445 62.38 -48.91 -112.09
C GLY H 445 62.32 -48.58 -110.62
N GLY H 446 63.27 -47.79 -110.11
CA GLY H 446 63.37 -47.43 -108.68
C GLY H 446 62.79 -46.06 -108.40
N VAL H 447 61.94 -45.94 -107.39
CA VAL H 447 61.21 -44.69 -107.07
C VAL H 447 62.08 -43.50 -106.62
N GLN H 448 61.70 -42.30 -107.02
CA GLN H 448 62.48 -41.05 -106.73
C GLN H 448 61.54 -39.97 -106.18
N PHE H 449 62.05 -39.09 -105.32
CA PHE H 449 61.21 -38.10 -104.62
C PHE H 449 61.80 -36.68 -104.65
N ASN H 450 60.94 -35.66 -104.57
CA ASN H 450 61.36 -34.23 -104.51
C ASN H 450 60.57 -33.52 -103.43
N LYS H 451 61.17 -32.55 -102.76
CA LYS H 451 60.49 -31.67 -101.75
C LYS H 451 59.51 -30.67 -102.39
N ASN H 452 58.49 -30.26 -101.64
CA ASN H 452 57.49 -29.29 -102.14
C ASN H 452 57.97 -27.86 -101.84
N LEU H 453 58.21 -27.05 -102.87
CA LEU H 453 58.72 -25.65 -102.76
C LEU H 453 57.65 -24.58 -102.49
N ALA H 454 58.07 -23.42 -102.00
CA ALA H 454 57.16 -22.28 -101.71
C ALA H 454 56.46 -21.73 -102.96
N GLY H 455 55.13 -21.54 -102.89
CA GLY H 455 54.31 -20.98 -103.98
C GLY H 455 53.94 -21.95 -105.08
N ARG H 456 54.36 -23.22 -105.01
CA ARG H 456 54.08 -24.24 -106.06
C ARG H 456 52.73 -24.94 -105.75
N TYR H 457 51.60 -24.24 -105.98
CA TYR H 457 50.20 -24.66 -105.64
C TYR H 457 49.78 -25.91 -106.43
N ALA H 458 50.33 -26.09 -107.61
CA ALA H 458 50.10 -27.28 -108.43
C ALA H 458 50.54 -28.55 -107.67
N ASN H 459 51.62 -28.53 -106.88
CA ASN H 459 52.22 -29.72 -106.21
C ASN H 459 52.18 -29.75 -104.68
N THR H 460 51.21 -29.20 -103.99
CA THR H 460 51.21 -28.98 -102.53
C THR H 460 50.20 -29.92 -101.90
N TYR H 461 50.46 -30.41 -100.70
CA TYR H 461 49.50 -31.26 -99.94
C TYR H 461 48.31 -30.39 -99.56
N LYS H 462 47.11 -30.93 -99.63
CA LYS H 462 45.88 -30.14 -99.38
C LYS H 462 44.98 -30.74 -98.30
N ASN H 463 44.54 -29.97 -97.32
CA ASN H 463 43.51 -30.37 -96.31
C ASN H 463 42.07 -30.53 -96.82
N TRP H 464 41.61 -29.69 -97.74
CA TRP H 464 40.18 -29.56 -98.06
C TRP H 464 39.89 -29.67 -99.54
N PHE H 465 38.68 -30.06 -99.87
CA PHE H 465 38.33 -30.37 -101.28
C PHE H 465 37.11 -29.58 -101.69
N PRO H 466 36.98 -29.29 -102.99
CA PRO H 466 35.80 -28.63 -103.54
C PRO H 466 34.51 -29.44 -103.55
N GLY H 467 33.37 -28.77 -103.63
CA GLY H 467 32.02 -29.39 -103.60
C GLY H 467 31.60 -30.17 -104.83
N PRO H 468 30.49 -30.94 -104.74
CA PRO H 468 30.06 -31.83 -105.82
C PRO H 468 29.66 -31.24 -107.18
N MET H 469 29.97 -31.95 -108.27
CA MET H 469 29.73 -31.41 -109.63
C MET H 469 29.09 -32.41 -110.62
N GLY H 470 28.25 -31.97 -111.56
CA GLY H 470 27.79 -32.80 -112.70
C GLY H 470 27.95 -32.00 -113.98
N ARG H 471 28.57 -32.50 -115.04
CA ARG H 471 28.83 -31.66 -116.26
C ARG H 471 27.54 -31.20 -117.00
N THR H 472 27.44 -29.92 -117.37
CA THR H 472 26.30 -29.30 -118.09
C THR H 472 26.83 -28.49 -119.27
N GLN H 473 26.16 -28.49 -120.40
CA GLN H 473 26.65 -27.84 -121.65
C GLN H 473 26.81 -26.31 -121.50
N GLY H 474 27.87 -25.75 -122.11
CA GLY H 474 28.15 -24.32 -122.08
C GLY H 474 27.84 -23.63 -123.39
N TRP H 475 27.12 -22.51 -123.33
CA TRP H 475 26.74 -21.73 -124.53
C TRP H 475 27.27 -20.29 -124.45
N ASN H 476 27.85 -19.80 -125.54
CA ASN H 476 28.38 -18.40 -125.61
C ASN H 476 27.25 -17.38 -125.75
N LEU H 477 27.42 -16.20 -125.19
CA LEU H 477 26.43 -15.09 -125.20
C LEU H 477 27.13 -13.87 -125.82
N GLY H 478 26.40 -12.87 -126.29
CA GLY H 478 27.04 -11.72 -126.97
C GLY H 478 27.74 -12.10 -128.26
N SER H 479 29.04 -11.85 -128.35
CA SER H 479 29.82 -12.19 -129.57
C SER H 479 29.75 -13.72 -129.79
N GLY H 480 29.85 -14.55 -128.74
CA GLY H 480 29.50 -15.98 -128.93
C GLY H 480 30.28 -16.78 -129.92
N VAL H 481 29.61 -17.38 -130.91
CA VAL H 481 30.22 -18.32 -131.92
C VAL H 481 29.74 -19.79 -131.69
N ASN H 482 28.56 -20.01 -131.11
CA ASN H 482 27.90 -21.35 -130.91
C ASN H 482 27.37 -22.06 -132.16
N ARG H 483 27.16 -23.39 -132.11
CA ARG H 483 26.60 -24.23 -133.23
C ARG H 483 25.17 -23.88 -133.66
N ALA H 484 24.90 -23.86 -134.97
CA ALA H 484 23.60 -23.43 -135.58
C ALA H 484 22.48 -24.47 -135.64
N SER H 485 21.21 -24.00 -135.63
CA SER H 485 20.01 -24.84 -135.85
C SER H 485 19.85 -26.02 -134.88
N VAL H 486 20.10 -25.83 -133.60
CA VAL H 486 20.07 -26.95 -132.60
C VAL H 486 18.71 -27.02 -131.88
N SER H 487 18.16 -28.23 -131.70
CA SER H 487 17.00 -28.41 -130.80
C SER H 487 17.60 -28.91 -129.48
N ALA H 488 17.46 -28.17 -128.40
CA ALA H 488 18.10 -28.45 -127.08
C ALA H 488 17.69 -29.72 -126.32
N PHE H 489 16.42 -30.17 -126.32
CA PHE H 489 15.89 -31.19 -125.37
C PHE H 489 16.55 -32.59 -125.35
N ALA H 490 16.91 -33.20 -126.47
CA ALA H 490 17.51 -34.55 -126.51
C ALA H 490 18.83 -34.60 -125.74
N THR H 491 19.65 -33.56 -125.80
CA THR H 491 20.99 -33.53 -125.18
C THR H 491 21.01 -32.88 -123.80
N THR H 492 19.88 -32.50 -123.22
CA THR H 492 19.78 -31.90 -121.87
C THR H 492 20.01 -32.89 -120.72
N ASN H 493 20.43 -32.41 -119.55
CA ASN H 493 20.61 -33.24 -118.33
C ASN H 493 19.29 -33.76 -117.79
N ARG H 494 19.25 -35.00 -117.32
CA ARG H 494 17.96 -35.62 -116.88
C ARG H 494 18.11 -36.55 -115.68
N MET H 495 17.05 -36.74 -114.91
CA MET H 495 17.00 -37.75 -113.81
C MET H 495 15.75 -38.61 -114.10
N GLU H 496 15.78 -39.92 -113.80
CA GLU H 496 14.67 -40.85 -114.10
C GLU H 496 13.85 -41.17 -112.83
N LEU H 497 12.54 -40.95 -112.83
CA LEU H 497 11.64 -41.32 -111.70
C LEU H 497 10.44 -42.12 -112.21
N GLU H 498 10.09 -43.26 -111.63
CA GLU H 498 8.86 -44.05 -111.93
C GLU H 498 8.70 -44.40 -113.42
N GLY H 499 9.76 -44.70 -114.15
CA GLY H 499 9.66 -44.93 -115.60
C GLY H 499 9.63 -43.71 -116.51
N ALA H 500 9.84 -42.48 -116.04
CA ALA H 500 9.89 -41.32 -116.97
C ALA H 500 11.18 -40.50 -116.82
N SER H 501 11.64 -39.83 -117.89
CA SER H 501 12.85 -38.95 -117.87
C SER H 501 12.44 -37.50 -117.63
N TYR H 502 13.05 -36.87 -116.65
CA TYR H 502 12.69 -35.47 -116.30
C TYR H 502 13.86 -34.53 -116.39
N GLN H 503 13.64 -33.39 -117.02
CA GLN H 503 14.66 -32.31 -116.94
C GLN H 503 14.61 -31.79 -115.50
N VAL H 504 15.75 -31.43 -114.95
CA VAL H 504 15.88 -30.91 -113.55
C VAL H 504 16.60 -29.58 -113.79
N PRO H 505 15.88 -28.53 -114.25
CA PRO H 505 16.49 -27.29 -114.73
C PRO H 505 17.33 -26.50 -113.78
N PRO H 506 17.12 -26.32 -112.46
CA PRO H 506 18.16 -25.71 -111.64
C PRO H 506 19.03 -26.95 -111.42
N GLN H 507 20.33 -26.92 -111.60
CA GLN H 507 21.08 -28.17 -111.23
C GLN H 507 21.27 -28.20 -109.69
N PRO H 508 21.71 -29.30 -109.03
CA PRO H 508 22.02 -29.32 -107.59
C PRO H 508 23.23 -28.42 -107.13
N ASN H 509 23.26 -27.89 -105.89
CA ASN H 509 24.32 -26.94 -105.38
C ASN H 509 25.80 -27.40 -105.38
N GLY H 510 26.76 -26.46 -105.38
CA GLY H 510 28.23 -26.71 -105.40
C GLY H 510 28.96 -26.43 -106.68
N MET H 511 28.29 -25.84 -107.67
CA MET H 511 28.96 -25.48 -108.93
C MET H 511 28.85 -23.98 -109.28
N THR H 512 29.67 -23.51 -110.21
CA THR H 512 29.53 -22.15 -110.79
C THR H 512 29.21 -22.24 -112.28
N ASN H 513 28.16 -21.59 -112.77
CA ASN H 513 27.77 -21.45 -114.21
C ASN H 513 28.73 -20.62 -115.10
N ASN H 514 29.31 -19.52 -114.62
CA ASN H 514 30.13 -18.58 -115.45
C ASN H 514 31.48 -18.29 -114.78
N LEU H 515 32.58 -18.30 -115.53
CA LEU H 515 33.95 -17.96 -114.99
C LEU H 515 34.23 -16.49 -114.52
N GLN H 516 33.83 -15.40 -115.18
CA GLN H 516 34.15 -13.96 -114.86
C GLN H 516 34.78 -13.42 -116.15
N GLY H 517 34.40 -12.23 -116.58
CA GLY H 517 34.80 -11.93 -117.96
C GLY H 517 34.01 -12.99 -118.69
N SER H 518 34.61 -13.91 -119.43
CA SER H 518 33.95 -15.01 -120.19
C SER H 518 32.46 -14.88 -120.55
N ASN H 519 32.15 -15.27 -121.78
CA ASN H 519 30.76 -15.23 -122.29
C ASN H 519 30.18 -16.65 -122.34
N THR H 520 30.86 -17.63 -121.77
CA THR H 520 30.33 -19.00 -121.67
C THR H 520 29.49 -19.17 -120.41
N TYR H 521 28.28 -19.68 -120.59
CA TYR H 521 27.34 -19.89 -119.46
C TYR H 521 26.79 -21.26 -119.57
N ALA H 522 26.68 -21.93 -118.44
CA ALA H 522 25.96 -23.22 -118.49
C ALA H 522 24.49 -22.86 -118.23
N LEU H 523 23.64 -22.86 -119.26
CA LEU H 523 22.23 -22.36 -119.22
C LEU H 523 21.29 -23.14 -118.28
N GLU H 524 21.44 -24.45 -118.16
CA GLU H 524 20.61 -25.29 -117.26
C GLU H 524 21.07 -25.17 -115.78
N ASN H 525 22.17 -24.50 -115.48
CA ASN H 525 22.62 -24.20 -114.09
C ASN H 525 22.28 -22.74 -113.71
N THR H 526 21.55 -21.99 -114.54
CA THR H 526 21.31 -20.53 -114.28
C THR H 526 19.86 -20.20 -114.09
N MET H 527 19.53 -19.34 -113.12
CA MET H 527 18.17 -18.77 -112.99
C MET H 527 17.95 -17.75 -114.11
N ILE H 528 16.90 -17.91 -114.92
CA ILE H 528 16.54 -16.96 -116.01
C ILE H 528 15.19 -16.29 -115.70
N PHE H 529 15.12 -14.97 -115.80
CA PHE H 529 13.92 -14.17 -115.42
C PHE H 529 13.57 -13.22 -116.54
N ASN H 530 12.34 -12.71 -116.56
CA ASN H 530 11.88 -11.69 -117.52
C ASN H 530 11.77 -10.34 -116.79
N SER H 531 12.22 -9.24 -117.40
CA SER H 531 12.06 -7.88 -116.82
C SER H 531 10.59 -7.51 -116.67
N GLN H 532 9.75 -7.88 -117.64
CA GLN H 532 8.30 -7.57 -117.65
C GLN H 532 7.47 -8.82 -117.41
N PRO H 533 6.28 -8.73 -116.74
CA PRO H 533 5.37 -9.86 -116.59
C PRO H 533 4.75 -10.31 -117.92
N ALA H 534 4.41 -11.59 -118.02
CA ALA H 534 3.91 -12.16 -119.30
C ALA H 534 2.48 -12.67 -119.20
N ASN H 535 1.79 -12.68 -120.33
CA ASN H 535 0.42 -13.26 -120.43
C ASN H 535 0.48 -14.78 -120.27
N PRO H 536 -0.53 -15.43 -119.68
CA PRO H 536 -0.54 -16.88 -119.56
C PRO H 536 -0.59 -17.70 -120.85
N GLY H 537 0.20 -18.78 -120.92
CA GLY H 537 0.20 -19.69 -122.07
C GLY H 537 1.03 -19.24 -123.25
N THR H 538 1.82 -18.19 -123.11
CA THR H 538 2.60 -17.67 -124.25
C THR H 538 3.56 -18.74 -124.76
N THR H 539 3.68 -18.88 -126.07
CA THR H 539 4.63 -19.83 -126.71
C THR H 539 5.66 -19.05 -127.51
N ALA H 540 5.76 -17.73 -127.33
CA ALA H 540 6.68 -16.84 -128.08
C ALA H 540 8.17 -17.11 -127.83
N THR H 541 9.01 -17.03 -128.87
CA THR H 541 10.48 -17.13 -128.71
C THR H 541 11.02 -15.87 -128.07
N TYR H 542 11.99 -16.01 -127.18
CA TYR H 542 12.65 -14.84 -126.55
C TYR H 542 14.14 -14.89 -126.81
N LEU H 543 14.69 -13.79 -127.28
CA LEU H 543 16.16 -13.63 -127.44
C LEU H 543 16.82 -13.18 -126.11
N GLU H 544 18.14 -13.17 -126.05
CA GLU H 544 18.94 -12.84 -124.83
C GLU H 544 18.69 -11.41 -124.30
N GLY H 545 18.50 -10.42 -125.19
CA GLY H 545 18.29 -9.01 -124.77
C GLY H 545 17.05 -8.85 -123.92
N ASN H 546 15.96 -9.54 -124.22
CA ASN H 546 14.75 -9.55 -123.34
C ASN H 546 15.03 -10.19 -121.97
N MET H 547 15.85 -11.23 -121.88
CA MET H 547 16.02 -12.01 -120.62
C MET H 547 16.97 -11.41 -119.56
N LEU H 548 16.73 -11.72 -118.28
CA LEU H 548 17.67 -11.32 -117.20
C LEU H 548 18.42 -12.60 -116.81
N ILE H 549 19.73 -12.67 -117.06
CA ILE H 549 20.51 -13.93 -116.82
C ILE H 549 21.52 -13.72 -115.68
N THR H 550 21.45 -14.53 -114.65
CA THR H 550 22.32 -14.49 -113.45
C THR H 550 23.70 -15.14 -113.66
N SER H 551 24.69 -14.72 -112.88
CA SER H 551 26.06 -15.28 -112.91
C SER H 551 26.45 -15.62 -111.47
N GLU H 552 27.17 -16.72 -111.26
CA GLU H 552 27.61 -17.20 -109.93
C GLU H 552 29.15 -17.05 -109.83
N SER H 553 29.78 -16.17 -110.61
CA SER H 553 31.25 -16.02 -110.75
C SER H 553 31.97 -15.70 -109.42
N GLU H 554 31.31 -15.10 -108.43
CA GLU H 554 31.87 -14.79 -107.08
C GLU H 554 32.28 -16.10 -106.34
N THR H 555 31.57 -17.21 -106.52
CA THR H 555 31.80 -18.50 -105.83
C THR H 555 32.88 -19.35 -106.51
N GLN H 556 33.48 -18.90 -107.61
CA GLN H 556 34.48 -19.64 -108.43
C GLN H 556 35.74 -20.01 -107.61
N PRO H 557 36.29 -19.20 -106.67
CA PRO H 557 37.38 -19.65 -105.78
C PRO H 557 37.14 -20.97 -105.02
N VAL H 558 35.91 -21.35 -104.65
CA VAL H 558 35.52 -22.68 -104.05
C VAL H 558 34.57 -23.57 -104.88
N ASN H 559 34.03 -23.15 -106.01
CA ASN H 559 32.99 -23.97 -106.71
C ASN H 559 33.50 -24.34 -108.09
N ARG H 560 33.41 -25.61 -108.46
CA ARG H 560 33.86 -26.09 -109.78
C ARG H 560 32.96 -25.57 -110.93
N VAL H 561 33.55 -25.33 -112.09
CA VAL H 561 32.78 -24.91 -113.30
C VAL H 561 31.97 -26.06 -113.93
N ALA H 562 30.67 -25.85 -114.20
CA ALA H 562 29.73 -26.85 -114.76
C ALA H 562 30.07 -27.33 -116.17
N TYR H 563 30.49 -26.44 -117.06
CA TYR H 563 30.83 -26.79 -118.47
C TYR H 563 32.07 -27.74 -118.55
N ASN H 564 33.06 -27.56 -117.70
CA ASN H 564 34.34 -28.35 -117.71
C ASN H 564 34.28 -29.73 -117.01
N VAL H 565 35.20 -30.65 -117.33
CA VAL H 565 35.38 -31.95 -116.59
C VAL H 565 35.91 -31.71 -115.16
N GLY H 566 35.49 -32.48 -114.16
CA GLY H 566 35.92 -32.39 -112.74
C GLY H 566 37.36 -32.70 -112.36
N GLY H 567 38.01 -33.70 -112.96
CA GLY H 567 39.35 -34.14 -112.55
C GLY H 567 39.73 -35.43 -113.23
N GLN H 568 40.83 -36.08 -112.81
CA GLN H 568 41.29 -37.38 -113.36
C GLN H 568 41.60 -38.40 -112.24
N MET H 569 41.42 -39.71 -112.49
CA MET H 569 41.72 -40.82 -111.55
C MET H 569 42.43 -41.96 -112.29
N ALA H 570 43.16 -42.85 -111.58
CA ALA H 570 43.87 -44.03 -112.17
C ALA H 570 42.93 -45.11 -112.74
N THR H 571 43.26 -45.64 -113.91
CA THR H 571 42.44 -46.64 -114.61
C THR H 571 43.15 -47.99 -114.78
N ASN H 572 44.34 -48.20 -114.23
CA ASN H 572 45.15 -49.41 -114.53
C ASN H 572 46.16 -49.68 -113.42
N ASN H 573 46.85 -50.81 -113.51
CA ASN H 573 48.00 -51.09 -112.61
C ASN H 573 49.27 -51.05 -113.47
N GLN H 574 50.27 -50.25 -113.08
CA GLN H 574 51.58 -50.15 -113.80
C GLN H 574 52.41 -51.44 -113.59
N SER H 575 53.26 -51.77 -114.54
CA SER H 575 54.13 -52.98 -114.48
C SER H 575 55.34 -52.69 -115.37
N SER H 576 56.38 -53.51 -115.35
CA SER H 576 57.49 -53.29 -116.29
C SER H 576 56.95 -53.37 -117.72
N THR H 577 56.06 -54.31 -118.04
CA THR H 577 55.36 -54.38 -119.34
C THR H 577 54.41 -53.21 -119.60
N THR H 578 53.68 -52.72 -118.60
CA THR H 578 52.62 -51.70 -118.82
C THR H 578 52.87 -50.32 -118.23
N ALA H 579 52.75 -49.27 -119.06
CA ALA H 579 52.83 -47.86 -118.59
C ALA H 579 51.59 -47.45 -117.79
N PRO H 580 51.72 -46.54 -116.80
CA PRO H 580 50.55 -46.03 -116.06
C PRO H 580 49.54 -45.19 -116.88
N ALA H 581 48.25 -45.26 -116.59
CA ALA H 581 47.17 -44.56 -117.34
C ALA H 581 46.17 -43.84 -116.43
N THR H 582 45.57 -42.75 -116.91
CA THR H 582 44.54 -41.99 -116.16
C THR H 582 43.29 -41.79 -116.99
N GLY H 583 42.16 -41.54 -116.34
CA GLY H 583 40.93 -41.18 -117.07
C GLY H 583 40.20 -40.00 -116.46
N THR H 584 39.62 -39.12 -117.28
CA THR H 584 38.76 -37.99 -116.77
C THR H 584 37.38 -38.45 -116.31
N TYR H 585 36.77 -37.75 -115.36
CA TYR H 585 35.39 -38.03 -114.88
C TYR H 585 34.45 -36.79 -115.15
N ASN H 586 33.16 -37.01 -115.49
CA ASN H 586 32.17 -35.92 -115.79
C ASN H 586 31.25 -35.64 -114.59
N LEU H 587 31.29 -36.49 -113.56
CA LEU H 587 30.46 -36.30 -112.34
C LEU H 587 31.18 -36.74 -111.07
N GLN H 588 30.95 -36.08 -109.95
CA GLN H 588 31.47 -36.53 -108.62
C GLN H 588 30.48 -36.05 -107.57
N GLU H 589 30.42 -36.71 -106.42
CA GLU H 589 29.42 -36.39 -105.37
C GLU H 589 30.19 -36.10 -104.10
N ILE H 590 29.51 -35.93 -102.97
CA ILE H 590 30.12 -35.52 -101.67
C ILE H 590 31.20 -36.50 -101.16
N VAL H 591 32.29 -35.94 -100.66
CA VAL H 591 33.43 -36.71 -100.11
C VAL H 591 33.71 -36.06 -98.74
N PRO H 592 34.28 -36.76 -97.75
CA PRO H 592 34.64 -36.10 -96.48
C PRO H 592 35.70 -34.99 -96.66
N GLY H 593 35.58 -33.87 -95.93
CA GLY H 593 36.46 -32.69 -96.13
C GLY H 593 36.02 -31.75 -97.24
N SER H 594 34.84 -31.97 -97.82
CA SER H 594 34.22 -31.13 -98.89
C SER H 594 33.70 -29.77 -98.38
N VAL H 595 33.99 -28.70 -99.13
CA VAL H 595 33.52 -27.31 -98.80
C VAL H 595 32.90 -26.70 -100.07
N TRP H 596 31.83 -25.94 -99.94
CA TRP H 596 31.17 -25.24 -101.09
C TRP H 596 30.36 -24.02 -100.64
N MET H 597 29.97 -23.19 -101.58
CA MET H 597 29.05 -22.05 -101.34
C MET H 597 27.68 -22.31 -101.99
N GLU H 598 26.59 -22.05 -101.27
CA GLU H 598 25.19 -22.16 -101.80
C GLU H 598 24.87 -21.03 -102.79
N ARG H 599 23.87 -21.23 -103.64
CA ARG H 599 23.40 -20.21 -104.62
C ARG H 599 22.93 -18.89 -103.98
N ASP H 600 23.23 -17.77 -104.62
CA ASP H 600 22.84 -16.42 -104.16
C ASP H 600 21.35 -16.10 -104.32
N VAL H 601 20.80 -15.33 -103.40
CA VAL H 601 19.42 -14.78 -103.52
C VAL H 601 19.36 -13.54 -104.43
N TYR H 602 18.21 -13.27 -105.03
CA TYR H 602 17.99 -12.11 -105.93
C TYR H 602 16.77 -11.36 -105.45
N LEU H 603 16.66 -10.07 -105.73
CA LEU H 603 15.46 -9.26 -105.36
C LEU H 603 14.21 -9.81 -106.12
N GLN H 604 14.33 -10.18 -107.38
CA GLN H 604 13.30 -10.87 -108.21
C GLN H 604 12.98 -12.31 -107.72
N GLY H 605 13.91 -13.00 -107.04
CA GLY H 605 13.76 -14.38 -106.54
C GLY H 605 12.98 -14.73 -105.28
N PRO H 606 12.71 -16.04 -105.07
CA PRO H 606 12.11 -16.57 -103.83
C PRO H 606 12.83 -16.66 -102.47
N ILE H 607 12.20 -16.31 -101.35
CA ILE H 607 12.76 -16.53 -99.96
C ILE H 607 12.85 -17.98 -99.42
N TRP H 608 11.82 -18.81 -99.55
CA TRP H 608 11.78 -20.12 -98.85
C TRP H 608 11.21 -21.28 -99.67
N ALA H 609 11.46 -22.51 -99.24
CA ALA H 609 10.88 -23.74 -99.82
C ALA H 609 10.56 -24.69 -98.67
N LYS H 610 9.53 -25.50 -98.81
CA LYS H 610 9.19 -26.55 -97.81
C LYS H 610 10.02 -27.82 -98.01
N ILE H 611 10.64 -28.32 -96.96
CA ILE H 611 11.34 -29.64 -97.02
C ILE H 611 10.26 -30.75 -97.12
N PRO H 612 10.38 -31.71 -98.06
CA PRO H 612 9.42 -32.81 -98.17
C PRO H 612 9.46 -33.85 -97.05
N GLU H 613 8.31 -34.38 -96.63
CA GLU H 613 8.30 -35.32 -95.47
C GLU H 613 8.45 -36.79 -95.92
N THR H 614 9.66 -37.34 -95.83
CA THR H 614 9.97 -38.73 -96.25
C THR H 614 10.54 -39.48 -95.07
N GLY H 615 11.00 -38.77 -94.06
CA GLY H 615 11.73 -39.33 -92.92
C GLY H 615 13.24 -39.40 -93.14
N ALA H 616 13.77 -39.14 -94.34
CA ALA H 616 15.23 -39.09 -94.59
C ALA H 616 15.64 -37.98 -95.55
N HIS H 617 16.65 -37.19 -95.24
CA HIS H 617 17.16 -36.13 -96.16
C HIS H 617 18.62 -35.81 -95.85
N PHE H 618 19.33 -35.21 -96.81
CA PHE H 618 20.71 -34.72 -96.58
C PHE H 618 20.83 -33.24 -96.89
N HIS H 619 21.40 -32.41 -96.01
CA HIS H 619 21.74 -30.97 -96.27
C HIS H 619 20.60 -30.23 -96.97
N PRO H 620 19.64 -29.66 -96.22
CA PRO H 620 18.41 -29.15 -96.82
C PRO H 620 18.29 -27.71 -97.29
N SER H 621 19.07 -27.41 -98.31
CA SER H 621 19.08 -26.06 -98.91
C SER H 621 18.46 -26.19 -100.30
N PRO H 622 17.40 -25.41 -100.65
CA PRO H 622 16.76 -25.56 -101.96
C PRO H 622 17.59 -25.11 -103.17
N ALA H 623 17.47 -25.78 -104.31
CA ALA H 623 18.28 -25.51 -105.52
C ALA H 623 18.08 -24.11 -106.13
N MET H 624 16.86 -23.59 -106.18
CA MET H 624 16.53 -22.23 -106.69
C MET H 624 17.19 -21.17 -105.81
N GLY H 625 17.33 -21.41 -104.51
CA GLY H 625 17.94 -20.47 -103.55
C GLY H 625 17.07 -20.29 -102.33
N GLY H 626 17.54 -19.59 -101.31
CA GLY H 626 16.75 -19.32 -100.10
C GLY H 626 16.85 -20.26 -98.92
N PHE H 627 15.83 -20.26 -98.07
CA PHE H 627 15.82 -20.99 -96.78
C PHE H 627 14.89 -22.20 -96.84
N GLY H 628 15.40 -23.37 -96.44
CA GLY H 628 14.61 -24.61 -96.43
C GLY H 628 13.99 -24.80 -95.08
N LEU H 629 12.68 -24.93 -95.04
CA LEU H 629 11.97 -24.97 -93.73
C LEU H 629 11.13 -26.23 -93.53
N LYS H 630 11.28 -26.91 -92.41
CA LYS H 630 10.38 -28.03 -92.02
C LYS H 630 8.95 -27.53 -91.79
N HIS H 631 8.79 -26.40 -91.13
CA HIS H 631 7.45 -25.79 -90.87
C HIS H 631 7.41 -24.39 -91.48
N PRO H 632 7.04 -24.30 -92.77
CA PRO H 632 6.97 -23.03 -93.50
C PRO H 632 5.81 -22.09 -93.17
N PRO H 633 5.87 -20.80 -93.53
CA PRO H 633 4.71 -19.95 -93.27
C PRO H 633 3.52 -20.58 -93.99
N PRO H 634 2.34 -20.71 -93.33
CA PRO H 634 1.21 -21.46 -93.89
C PRO H 634 0.37 -20.95 -95.05
N MET H 635 -0.23 -21.86 -95.82
CA MET H 635 -1.15 -21.52 -96.92
C MET H 635 -2.39 -20.72 -96.44
N MET H 636 -2.69 -19.62 -97.11
CA MET H 636 -3.85 -18.75 -96.77
C MET H 636 -4.85 -18.82 -97.93
N LEU H 637 -6.07 -19.25 -97.65
CA LEU H 637 -7.08 -19.54 -98.70
C LEU H 637 -8.33 -18.67 -98.53
N ILE H 638 -8.81 -18.10 -99.63
CA ILE H 638 -10.01 -17.22 -99.62
C ILE H 638 -11.00 -17.64 -100.72
N LYS H 639 -12.28 -17.65 -100.40
CA LYS H 639 -13.32 -17.92 -101.43
C LYS H 639 -14.53 -16.97 -101.31
N ASN H 640 -15.26 -16.79 -102.39
CA ASN H 640 -16.56 -16.07 -102.34
C ASN H 640 -17.66 -17.09 -101.99
N THR H 641 -18.49 -16.81 -101.00
CA THR H 641 -19.62 -17.69 -100.64
C THR H 641 -20.65 -17.77 -101.77
N PRO H 642 -21.12 -18.98 -102.15
CA PRO H 642 -22.20 -19.13 -103.12
C PRO H 642 -23.49 -18.41 -102.71
N VAL H 643 -23.99 -17.58 -103.62
CA VAL H 643 -25.31 -16.94 -103.36
C VAL H 643 -26.26 -17.43 -104.46
N PRO H 644 -27.33 -18.13 -104.10
CA PRO H 644 -28.29 -18.66 -105.08
C PRO H 644 -29.23 -17.77 -105.91
N GLY H 645 -29.53 -18.15 -107.14
CA GLY H 645 -30.53 -17.51 -108.02
C GLY H 645 -31.94 -17.96 -107.65
N ASN H 646 -32.99 -17.40 -108.24
CA ASN H 646 -34.37 -17.70 -107.76
C ASN H 646 -34.75 -19.18 -107.97
N ILE H 647 -35.18 -19.85 -106.90
CA ILE H 647 -35.61 -21.28 -106.99
C ILE H 647 -37.06 -21.33 -106.50
N THR H 648 -37.96 -21.90 -107.29
CA THR H 648 -39.41 -21.89 -106.95
C THR H 648 -39.92 -23.26 -106.59
N SER H 649 -39.16 -24.32 -106.83
CA SER H 649 -39.63 -25.72 -106.60
C SER H 649 -38.57 -26.54 -105.86
N PHE H 650 -38.96 -27.56 -105.10
CA PHE H 650 -38.04 -28.49 -104.42
C PHE H 650 -37.39 -29.55 -105.33
N SER H 651 -36.09 -29.79 -105.16
CA SER H 651 -35.44 -30.95 -105.82
C SER H 651 -34.39 -31.53 -104.86
N ASP H 652 -34.22 -32.85 -104.86
CA ASP H 652 -33.08 -33.53 -104.18
C ASP H 652 -31.77 -33.12 -104.89
N VAL H 653 -31.81 -32.94 -106.22
CA VAL H 653 -30.62 -32.56 -107.03
C VAL H 653 -30.09 -31.19 -106.60
N PRO H 654 -28.76 -31.01 -106.38
CA PRO H 654 -28.18 -29.75 -105.95
C PRO H 654 -28.31 -28.54 -106.89
N VAL H 655 -28.46 -27.36 -106.32
CA VAL H 655 -28.62 -26.12 -107.13
C VAL H 655 -27.36 -25.81 -107.94
N SER H 656 -27.56 -25.51 -109.23
CA SER H 656 -26.49 -25.15 -110.16
C SER H 656 -26.63 -23.68 -110.63
N SER H 657 -27.62 -22.94 -110.12
CA SER H 657 -27.88 -21.55 -110.57
C SER H 657 -27.56 -20.56 -109.45
N PHE H 658 -26.65 -19.64 -109.72
CA PHE H 658 -26.14 -18.71 -108.67
C PHE H 658 -26.03 -17.32 -109.22
N ILE H 659 -26.17 -16.30 -108.39
CA ILE H 659 -25.89 -14.91 -108.86
C ILE H 659 -24.36 -14.70 -109.10
N THR H 660 -23.94 -14.00 -110.16
CA THR H 660 -22.49 -13.73 -110.48
C THR H 660 -21.89 -12.63 -109.61
N GLN H 661 -20.76 -12.90 -108.95
CA GLN H 661 -20.15 -11.99 -107.95
C GLN H 661 -18.62 -11.99 -107.94
N TYR H 662 -17.98 -10.93 -107.47
CA TYR H 662 -16.50 -10.84 -107.33
C TYR H 662 -16.20 -10.06 -106.04
N SER H 663 -14.99 -10.23 -105.50
CA SER H 663 -14.59 -9.48 -104.27
C SER H 663 -13.29 -8.67 -104.44
N THR H 664 -13.14 -7.61 -103.66
CA THR H 664 -11.94 -6.76 -103.68
C THR H 664 -11.57 -6.32 -102.26
N GLY H 665 -10.30 -6.01 -101.98
CA GLY H 665 -9.88 -5.53 -100.66
C GLY H 665 -8.41 -5.14 -100.56
N GLN H 666 -7.93 -4.92 -99.35
CA GLN H 666 -6.50 -4.60 -99.05
C GLN H 666 -5.82 -5.66 -98.15
N VAL H 667 -4.56 -5.97 -98.43
CA VAL H 667 -3.75 -6.92 -97.60
C VAL H 667 -2.46 -6.25 -97.09
N THR H 668 -2.12 -6.42 -95.82
CA THR H 668 -0.85 -5.92 -95.26
C THR H 668 0.03 -7.06 -94.76
N VAL H 669 1.32 -7.10 -95.13
CA VAL H 669 2.31 -8.09 -94.59
C VAL H 669 3.46 -7.37 -93.85
N GLU H 670 3.76 -7.77 -92.62
CA GLU H 670 4.87 -7.20 -91.82
C GLU H 670 5.89 -8.32 -91.52
N MET H 671 7.16 -8.07 -91.83
CA MET H 671 8.24 -9.07 -91.63
C MET H 671 9.43 -8.50 -90.84
N GLU H 672 9.97 -9.31 -89.95
CA GLU H 672 11.18 -8.93 -89.16
C GLU H 672 12.40 -9.73 -89.65
N TRP H 673 13.53 -9.06 -89.80
CA TRP H 673 14.77 -9.70 -90.30
C TRP H 673 15.93 -9.47 -89.33
N GLU H 674 16.77 -10.49 -89.13
CA GLU H 674 18.00 -10.37 -88.30
C GLU H 674 19.22 -10.18 -89.22
N LEU H 675 20.09 -9.23 -88.90
CA LEU H 675 21.27 -8.87 -89.72
C LEU H 675 22.60 -9.27 -89.07
N LYS H 676 23.56 -9.72 -89.88
CA LYS H 676 24.93 -9.97 -89.37
C LYS H 676 25.87 -8.87 -89.91
N LYS H 677 26.51 -8.13 -89.02
CA LYS H 677 27.47 -7.04 -89.36
C LYS H 677 28.83 -7.46 -89.93
N GLU H 678 29.35 -6.68 -90.88
CA GLU H 678 30.72 -6.87 -91.40
C GLU H 678 31.78 -6.49 -90.33
N ASN H 679 32.87 -7.23 -90.21
CA ASN H 679 34.00 -6.95 -89.26
C ASN H 679 35.34 -6.98 -90.02
N SER H 680 35.41 -6.44 -91.24
CA SER H 680 36.61 -6.49 -92.12
C SER H 680 37.85 -5.67 -91.69
N LYS H 681 39.05 -6.19 -91.91
CA LYS H 681 40.31 -5.46 -91.69
C LYS H 681 40.98 -5.09 -93.03
N ARG H 682 40.32 -5.25 -94.18
CA ARG H 682 40.81 -4.86 -95.54
C ARG H 682 41.06 -3.33 -95.72
N TRP H 683 42.30 -2.91 -95.95
CA TRP H 683 42.70 -1.49 -96.14
C TRP H 683 42.15 -0.77 -97.37
N ASN H 684 42.20 -1.45 -98.51
CA ASN H 684 41.74 -0.92 -99.82
C ASN H 684 40.21 -0.91 -99.95
N PRO H 685 39.66 -0.01 -100.80
CA PRO H 685 38.23 0.00 -101.08
C PRO H 685 37.57 -1.20 -101.81
N GLU H 686 36.40 -1.61 -101.37
CA GLU H 686 35.57 -2.70 -101.94
C GLU H 686 34.65 -2.41 -103.15
N ILE H 687 34.21 -3.45 -103.85
CA ILE H 687 33.16 -3.37 -104.91
C ILE H 687 31.76 -3.13 -104.27
N GLN H 688 30.93 -2.28 -104.89
CA GLN H 688 29.56 -1.92 -104.41
C GLN H 688 28.56 -1.85 -105.55
N TYR H 689 27.29 -2.17 -105.33
CA TYR H 689 26.22 -1.95 -106.34
C TYR H 689 25.95 -0.43 -106.44
N THR H 690 25.91 0.08 -107.67
CA THR H 690 25.71 1.52 -107.88
C THR H 690 24.73 1.73 -109.02
N ASN H 691 24.08 2.88 -109.04
CA ASN H 691 23.23 3.26 -110.19
C ASN H 691 24.20 3.90 -111.18
N ASN H 692 24.52 3.23 -112.26
CA ASN H 692 25.56 3.68 -113.22
C ASN H 692 25.08 3.37 -114.63
N TYR H 693 24.86 4.40 -115.42
CA TYR H 693 24.27 4.24 -116.78
C TYR H 693 24.96 5.26 -117.67
N ASN H 694 25.20 4.96 -118.93
CA ASN H 694 25.78 5.98 -119.85
C ASN H 694 24.68 6.58 -120.75
N ASP H 695 24.49 7.90 -120.75
CA ASP H 695 23.47 8.64 -121.56
C ASP H 695 22.04 8.09 -121.37
N PRO H 696 21.52 7.92 -120.13
CA PRO H 696 20.19 7.29 -119.95
C PRO H 696 18.95 7.98 -120.55
N GLN H 697 18.08 7.21 -121.19
CA GLN H 697 16.83 7.76 -121.78
C GLN H 697 15.64 7.59 -120.86
N PHE H 698 15.82 6.90 -119.74
CA PHE H 698 14.72 6.62 -118.78
C PHE H 698 15.39 6.40 -117.46
N VAL H 699 14.64 6.48 -116.38
CA VAL H 699 15.19 6.08 -115.07
C VAL H 699 14.77 4.63 -114.83
N ASP H 700 15.72 3.75 -114.57
CA ASP H 700 15.45 2.34 -114.16
C ASP H 700 14.80 2.27 -112.78
N PHE H 701 13.96 1.26 -112.51
CA PHE H 701 13.17 1.09 -111.24
C PHE H 701 12.20 2.25 -111.01
N ALA H 702 11.60 2.73 -112.07
CA ALA H 702 10.63 3.85 -112.04
C ALA H 702 9.55 3.61 -113.09
N PRO H 703 8.36 4.24 -112.98
CA PRO H 703 7.36 4.20 -114.05
C PRO H 703 7.72 4.96 -115.35
N ASP H 704 7.21 4.52 -116.49
CA ASP H 704 7.43 5.25 -117.77
C ASP H 704 6.28 6.20 -118.13
N SER H 705 6.30 6.76 -119.33
CA SER H 705 5.26 7.73 -119.78
C SER H 705 3.87 7.07 -119.80
N THR H 706 3.74 5.81 -120.19
CA THR H 706 2.48 5.01 -120.09
C THR H 706 2.12 4.58 -118.68
N GLY H 707 3.02 4.67 -117.70
CA GLY H 707 2.78 4.15 -116.33
C GLY H 707 3.27 2.75 -116.02
N GLU H 708 3.99 2.09 -116.92
CA GLU H 708 4.53 0.73 -116.71
C GLU H 708 5.91 0.75 -116.02
N TYR H 709 6.09 -0.03 -114.96
CA TYR H 709 7.35 -0.14 -114.19
C TYR H 709 8.48 -0.80 -115.00
N ARG H 710 9.69 -0.26 -114.87
CA ARG H 710 10.86 -0.80 -115.61
C ARG H 710 11.88 -1.37 -114.63
N SER H 711 12.32 -2.62 -114.85
CA SER H 711 13.34 -3.30 -114.02
C SER H 711 14.37 -4.01 -114.92
N THR H 712 15.29 -3.31 -115.55
CA THR H 712 16.33 -3.82 -116.51
C THR H 712 17.34 -4.80 -115.91
N ARG H 713 17.78 -4.66 -114.66
CA ARG H 713 18.91 -5.48 -114.11
C ARG H 713 18.56 -6.44 -112.96
N PRO H 714 19.06 -7.70 -112.96
CA PRO H 714 18.95 -8.59 -111.80
C PRO H 714 19.89 -8.23 -110.63
N ILE H 715 19.46 -8.25 -109.37
CA ILE H 715 20.44 -7.86 -108.31
C ILE H 715 20.70 -8.98 -107.28
N GLY H 716 21.95 -9.38 -107.13
CA GLY H 716 22.44 -10.37 -106.15
C GLY H 716 22.85 -9.73 -104.84
N THR H 717 23.25 -10.53 -103.88
CA THR H 717 23.70 -10.04 -102.56
C THR H 717 25.21 -9.98 -102.33
N ARG H 718 26.10 -10.50 -103.18
CA ARG H 718 27.55 -10.59 -102.79
C ARG H 718 28.46 -9.50 -103.42
N TYR H 719 28.79 -8.47 -102.63
CA TYR H 719 29.67 -7.35 -103.08
C TYR H 719 30.85 -7.24 -102.13
N LEU H 720 30.62 -7.59 -100.86
CA LEU H 720 31.68 -7.61 -99.83
C LEU H 720 32.58 -8.85 -99.96
N THR H 721 33.78 -8.76 -99.44
CA THR H 721 34.79 -9.81 -99.58
C THR H 721 35.29 -10.24 -98.22
N ARG H 722 35.58 -11.51 -98.05
CA ARG H 722 36.17 -12.01 -96.79
C ARG H 722 37.32 -12.99 -97.07
N PRO H 723 38.37 -13.07 -96.23
CA PRO H 723 39.40 -14.11 -96.35
C PRO H 723 38.89 -15.51 -95.95
N LEU H 724 39.43 -16.58 -96.54
CA LEU H 724 38.97 -17.96 -96.27
C LEU H 724 39.27 -18.38 -94.82
N ASP I 209 60.45 -4.47 -66.07
CA ASP I 209 61.13 -3.96 -64.85
C ASP I 209 62.52 -3.40 -65.18
N GLY I 210 63.52 -4.23 -65.49
CA GLY I 210 64.89 -3.68 -65.61
C GLY I 210 65.87 -4.39 -66.51
N VAL I 211 66.99 -3.73 -66.81
CA VAL I 211 68.11 -4.30 -67.62
C VAL I 211 68.74 -5.54 -66.92
N GLY I 212 68.88 -5.53 -65.60
CA GLY I 212 69.54 -6.61 -64.84
C GLY I 212 68.62 -7.68 -64.32
N ASN I 213 67.33 -7.61 -64.62
CA ASN I 213 66.35 -8.56 -64.02
C ASN I 213 65.74 -9.46 -65.10
N ALA I 214 65.72 -10.77 -64.87
CA ALA I 214 65.11 -11.73 -65.82
C ALA I 214 63.56 -11.73 -65.80
N SER I 215 62.93 -11.63 -66.97
CA SER I 215 61.46 -11.65 -67.22
C SER I 215 60.77 -13.01 -66.94
N GLY I 216 61.42 -14.13 -67.19
CA GLY I 216 60.86 -15.48 -66.97
C GLY I 216 61.86 -16.60 -66.78
N ASP I 217 61.39 -17.81 -66.51
CA ASP I 217 62.22 -19.03 -66.26
C ASP I 217 61.95 -20.17 -67.23
N TRP I 218 62.90 -21.09 -67.39
CA TRP I 218 62.79 -22.26 -68.29
C TRP I 218 61.88 -23.37 -67.72
N HIS I 219 60.85 -23.75 -68.45
CA HIS I 219 60.00 -24.90 -68.06
C HIS I 219 59.88 -25.92 -69.19
N CYS I 220 60.45 -27.12 -69.05
CA CYS I 220 60.24 -28.20 -70.05
C CYS I 220 59.83 -29.44 -69.27
N ASP I 221 58.57 -29.86 -69.34
CA ASP I 221 58.10 -30.99 -68.48
C ASP I 221 56.81 -31.68 -68.94
N SER I 222 56.54 -32.91 -68.49
CA SER I 222 55.24 -33.59 -68.69
C SER I 222 54.70 -34.01 -67.31
N THR I 223 53.43 -33.77 -67.02
CA THR I 223 52.80 -34.28 -65.77
C THR I 223 51.59 -35.12 -66.13
N TRP I 224 51.50 -36.34 -65.61
CA TRP I 224 50.37 -37.27 -65.88
C TRP I 224 49.51 -37.38 -64.62
N MET I 225 48.23 -37.06 -64.72
CA MET I 225 47.30 -37.08 -63.58
C MET I 225 45.97 -37.77 -63.90
N GLY I 226 45.88 -39.10 -63.93
CA GLY I 226 44.63 -39.79 -64.35
C GLY I 226 44.24 -39.53 -65.78
N ASP I 227 43.05 -38.98 -66.02
CA ASP I 227 42.52 -38.68 -67.38
C ASP I 227 43.22 -37.49 -68.07
N ARG I 228 44.04 -36.71 -67.37
CA ARG I 228 44.68 -35.48 -67.94
C ARG I 228 46.22 -35.57 -68.01
N VAL I 229 46.81 -35.08 -69.11
CA VAL I 229 48.29 -34.94 -69.22
C VAL I 229 48.57 -33.46 -69.55
N VAL I 230 49.54 -32.82 -68.87
CA VAL I 230 49.97 -31.41 -69.17
C VAL I 230 51.39 -31.42 -69.77
N THR I 231 51.58 -30.75 -70.89
CA THR I 231 52.92 -30.65 -71.54
C THR I 231 53.46 -29.21 -71.48
N LYS I 232 54.71 -29.02 -71.08
CA LYS I 232 55.39 -27.69 -71.07
C LYS I 232 56.62 -27.76 -71.99
N SER I 233 56.79 -26.78 -72.87
CA SER I 233 57.93 -26.71 -73.83
C SER I 233 58.55 -25.30 -73.85
N THR I 234 59.87 -25.20 -73.73
CA THR I 234 60.60 -23.90 -73.80
C THR I 234 61.65 -23.95 -74.91
N ARG I 235 61.71 -22.91 -75.74
CA ARG I 235 62.73 -22.79 -76.83
C ARG I 235 63.37 -21.39 -76.93
N THR I 236 64.53 -21.29 -77.54
CA THR I 236 65.21 -20.01 -77.82
C THR I 236 65.05 -19.68 -79.31
N TRP I 237 64.62 -18.47 -79.64
CA TRP I 237 64.35 -18.02 -81.04
C TRP I 237 65.17 -16.79 -81.46
N VAL I 238 65.38 -16.62 -82.76
CA VAL I 238 66.04 -15.43 -83.37
C VAL I 238 65.08 -14.77 -84.38
N LEU I 239 64.98 -13.44 -84.38
CA LEU I 239 64.15 -12.70 -85.39
C LEU I 239 64.97 -11.79 -86.30
N PRO I 240 64.97 -12.03 -87.61
CA PRO I 240 65.56 -11.10 -88.59
C PRO I 240 64.72 -9.86 -88.89
N SER I 241 65.33 -8.78 -89.37
CA SER I 241 64.50 -7.64 -89.84
C SER I 241 64.16 -7.88 -91.32
N TYR I 242 63.01 -8.49 -91.62
CA TYR I 242 62.62 -8.90 -93.00
C TYR I 242 62.14 -7.77 -93.89
N ASN I 243 62.62 -7.69 -95.14
CA ASN I 243 62.12 -6.72 -96.16
C ASN I 243 62.69 -5.32 -95.94
N ASN I 244 63.62 -5.16 -94.98
CA ASN I 244 64.20 -3.83 -94.60
C ASN I 244 63.07 -2.86 -94.20
N HIS I 245 62.09 -3.31 -93.41
CA HIS I 245 60.97 -2.46 -92.88
C HIS I 245 59.92 -2.08 -93.95
N GLN I 246 59.77 -2.88 -94.99
CA GLN I 246 58.85 -2.54 -96.11
C GLN I 246 57.89 -3.70 -96.47
N TYR I 247 56.75 -3.39 -97.09
CA TYR I 247 55.76 -4.38 -97.58
C TYR I 247 55.98 -4.48 -99.06
N ARG I 248 56.07 -5.70 -99.59
CA ARG I 248 56.36 -5.88 -101.03
C ARG I 248 55.28 -6.70 -101.77
N GLU I 249 54.86 -6.21 -102.95
CA GLU I 249 53.93 -7.00 -103.79
C GLU I 249 54.70 -8.18 -104.42
N ILE I 250 54.14 -9.38 -104.34
CA ILE I 250 54.79 -10.62 -104.82
C ILE I 250 53.86 -11.32 -105.82
N LYS I 251 54.40 -11.94 -106.84
CA LYS I 251 53.53 -12.54 -107.90
C LYS I 251 54.25 -13.64 -108.66
N SER I 252 53.52 -14.56 -109.25
CA SER I 252 54.13 -15.57 -110.14
C SER I 252 53.31 -15.85 -111.41
N GLY I 253 53.94 -16.11 -112.54
CA GLY I 253 53.32 -16.67 -113.76
C GLY I 253 53.42 -18.20 -113.74
N SER I 254 53.11 -18.87 -114.83
CA SER I 254 53.21 -20.36 -114.96
C SER I 254 54.67 -20.86 -114.82
N VAL I 255 54.90 -21.93 -114.06
CA VAL I 255 56.27 -22.47 -113.80
C VAL I 255 56.22 -24.00 -113.84
N ASP I 256 57.27 -24.65 -114.33
CA ASP I 256 57.36 -26.15 -114.42
C ASP I 256 56.23 -26.67 -115.32
N GLY I 257 55.81 -25.88 -116.29
CA GLY I 257 54.71 -26.26 -117.18
C GLY I 257 53.31 -26.05 -116.64
N SER I 258 53.12 -25.44 -115.46
CA SER I 258 51.72 -25.36 -114.93
C SER I 258 51.21 -23.96 -114.58
N ASN I 259 50.02 -23.58 -115.07
CA ASN I 259 49.30 -22.31 -114.69
C ASN I 259 48.73 -22.36 -113.26
N ALA I 260 48.57 -23.54 -112.66
CA ALA I 260 48.11 -23.74 -111.24
C ALA I 260 49.13 -23.12 -110.31
N ASN I 261 50.39 -23.03 -110.74
CA ASN I 261 51.53 -22.34 -110.07
C ASN I 261 51.34 -20.81 -109.94
N ALA I 262 50.70 -20.11 -110.89
CA ALA I 262 50.48 -18.63 -110.87
C ALA I 262 49.71 -18.10 -109.66
N TYR I 263 50.13 -16.97 -109.09
CA TYR I 263 49.52 -16.33 -107.90
C TYR I 263 49.81 -14.81 -107.87
N PHE I 264 49.01 -14.06 -107.10
CA PHE I 264 49.25 -12.61 -106.81
C PHE I 264 49.20 -12.49 -105.26
N GLY I 265 50.14 -11.77 -104.65
CA GLY I 265 50.25 -11.69 -103.18
C GLY I 265 51.08 -10.57 -102.57
N TYR I 266 51.12 -10.52 -101.25
CA TYR I 266 51.97 -9.55 -100.49
C TYR I 266 52.97 -10.23 -99.53
N SER I 267 54.20 -9.72 -99.44
CA SER I 267 55.21 -10.18 -98.42
C SER I 267 55.29 -9.08 -97.34
N THR I 268 55.50 -9.46 -96.10
CA THR I 268 55.42 -8.49 -94.97
C THR I 268 56.70 -8.44 -94.14
N PRO I 269 56.93 -7.34 -93.40
CA PRO I 269 58.05 -7.19 -92.47
C PRO I 269 58.03 -8.11 -91.23
N TRP I 270 56.87 -8.59 -90.80
CA TRP I 270 56.62 -9.45 -89.62
C TRP I 270 57.01 -10.94 -89.71
N GLY I 271 57.18 -11.56 -88.55
CA GLY I 271 57.44 -12.99 -88.39
C GLY I 271 56.41 -13.59 -87.45
N TYR I 272 56.22 -14.89 -87.48
CA TYR I 272 55.16 -15.54 -86.67
C TYR I 272 55.68 -16.79 -85.93
N PHE I 273 55.00 -17.18 -84.86
CA PHE I 273 55.31 -18.42 -84.09
C PHE I 273 54.32 -19.55 -84.46
N ASP I 274 54.81 -20.73 -84.85
CA ASP I 274 54.00 -21.92 -85.21
C ASP I 274 54.28 -23.10 -84.26
N PHE I 275 53.25 -23.64 -83.63
CA PHE I 275 53.38 -24.84 -82.76
C PHE I 275 52.57 -26.06 -83.26
N ASN I 276 52.09 -26.09 -84.52
CA ASN I 276 51.20 -27.22 -84.96
C ASN I 276 52.01 -28.45 -85.41
N ARG I 277 52.85 -29.03 -84.56
CA ARG I 277 53.55 -30.31 -84.79
C ARG I 277 53.55 -31.01 -83.40
N PHE I 278 53.34 -32.32 -83.34
CA PHE I 278 53.33 -33.11 -82.07
C PHE I 278 54.72 -33.13 -81.35
N HIS I 279 55.84 -33.23 -82.07
CA HIS I 279 57.24 -33.30 -81.55
C HIS I 279 57.57 -32.00 -80.82
N SER I 280 56.91 -30.88 -81.11
CA SER I 280 57.02 -29.59 -80.41
C SER I 280 56.59 -29.73 -78.93
N HIS I 281 55.57 -30.51 -78.63
CA HIS I 281 55.06 -30.75 -77.25
C HIS I 281 55.41 -32.12 -76.64
N TRP I 282 55.83 -33.11 -77.42
CA TRP I 282 55.95 -34.50 -76.90
C TRP I 282 57.34 -35.10 -77.05
N SER I 283 57.87 -35.64 -75.96
CA SER I 283 59.13 -36.42 -76.01
C SER I 283 58.84 -37.77 -76.69
N PRO I 284 59.84 -38.44 -77.29
CA PRO I 284 59.62 -39.76 -77.85
C PRO I 284 59.20 -40.80 -76.82
N ARG I 285 59.75 -40.81 -75.60
CA ARG I 285 59.29 -41.71 -74.52
C ARG I 285 57.84 -41.43 -74.06
N ASP I 286 57.44 -40.18 -73.93
CA ASP I 286 56.05 -39.76 -73.56
C ASP I 286 55.03 -40.18 -74.62
N TRP I 287 55.38 -40.06 -75.89
CA TRP I 287 54.53 -40.52 -77.01
C TRP I 287 54.31 -42.05 -76.98
N GLN I 288 55.33 -42.83 -76.65
CA GLN I 288 55.25 -44.30 -76.48
C GLN I 288 54.31 -44.68 -75.33
N ARG I 289 54.36 -43.95 -74.23
CA ARG I 289 53.45 -44.19 -73.09
C ARG I 289 51.99 -43.98 -73.48
N LEU I 290 51.65 -42.93 -74.23
CA LEU I 290 50.28 -42.73 -74.74
C LEU I 290 49.74 -43.75 -75.78
N ILE I 291 50.54 -44.13 -76.77
CA ILE I 291 50.12 -45.06 -77.87
C ILE I 291 49.88 -46.48 -77.34
N ASN I 292 50.71 -46.92 -76.41
CA ASN I 292 50.60 -48.23 -75.71
C ASN I 292 49.37 -48.38 -74.81
N ASN I 293 48.92 -47.35 -74.10
CA ASN I 293 47.88 -47.49 -73.02
C ASN I 293 46.52 -46.82 -73.16
N TYR I 294 46.22 -46.07 -74.22
CA TYR I 294 44.96 -45.28 -74.29
C TYR I 294 44.19 -45.47 -75.59
N TRP I 295 42.86 -45.55 -75.52
CA TRP I 295 41.95 -45.57 -76.71
C TRP I 295 41.93 -44.23 -77.51
N GLY I 296 41.96 -43.09 -76.83
CA GLY I 296 41.85 -41.79 -77.50
C GLY I 296 42.42 -40.62 -76.76
N PHE I 297 42.65 -39.51 -77.46
CA PHE I 297 43.14 -38.25 -76.84
C PHE I 297 42.52 -37.02 -77.54
N ARG I 298 42.38 -35.88 -76.86
CA ARG I 298 41.92 -34.59 -77.47
C ARG I 298 42.59 -33.35 -76.79
N PRO I 299 42.86 -32.22 -77.50
CA PRO I 299 43.31 -30.96 -76.86
C PRO I 299 42.26 -30.15 -76.06
N ARG I 300 42.65 -29.52 -74.95
CA ARG I 300 41.70 -28.75 -74.09
C ARG I 300 42.10 -27.29 -73.93
N SER I 301 43.35 -27.01 -73.54
CA SER I 301 43.78 -25.61 -73.23
C SER I 301 45.19 -25.28 -73.74
N LEU I 302 45.42 -24.01 -74.07
CA LEU I 302 46.77 -23.53 -74.48
C LEU I 302 47.20 -22.25 -73.72
N ARG I 303 48.44 -22.17 -73.23
CA ARG I 303 49.02 -20.93 -72.63
C ARG I 303 50.37 -20.59 -73.31
N VAL I 304 50.57 -19.32 -73.72
CA VAL I 304 51.86 -18.87 -74.36
C VAL I 304 52.52 -17.69 -73.61
N LYS I 305 53.84 -17.75 -73.36
CA LYS I 305 54.63 -16.63 -72.78
C LYS I 305 55.86 -16.28 -73.65
N ILE I 306 56.11 -14.99 -73.93
CA ILE I 306 57.33 -14.50 -74.65
C ILE I 306 58.12 -13.61 -73.68
N PHE I 307 59.44 -13.85 -73.49
CA PHE I 307 60.25 -13.22 -72.40
C PHE I 307 61.76 -13.18 -72.68
N ASN I 308 62.55 -12.47 -71.84
CA ASN I 308 64.05 -12.33 -71.91
C ASN I 308 64.51 -11.73 -73.24
N ILE I 309 63.80 -10.71 -73.71
CA ILE I 309 64.07 -10.06 -75.00
C ILE I 309 65.43 -9.33 -75.06
N GLN I 310 66.16 -9.48 -76.16
CA GLN I 310 67.47 -8.83 -76.36
C GLN I 310 67.56 -8.28 -77.80
N VAL I 311 67.75 -6.98 -77.94
CA VAL I 311 67.84 -6.31 -79.26
C VAL I 311 69.31 -5.96 -79.52
N LYS I 312 69.82 -6.31 -80.69
CA LYS I 312 71.23 -6.12 -81.08
C LYS I 312 71.38 -5.25 -82.33
N GLU I 313 72.38 -4.38 -82.36
CA GLU I 313 72.65 -3.54 -83.56
C GLU I 313 73.94 -4.04 -84.23
N VAL I 314 73.90 -4.18 -85.55
CA VAL I 314 75.06 -4.70 -86.32
C VAL I 314 75.61 -3.54 -87.14
N THR I 315 76.92 -3.31 -87.06
CA THR I 315 77.57 -2.20 -87.79
C THR I 315 78.74 -2.72 -88.56
N VAL I 316 78.91 -2.25 -89.80
CA VAL I 316 80.15 -2.65 -90.55
C VAL I 316 81.01 -1.43 -90.89
N GLN I 317 82.28 -1.43 -90.50
CA GLN I 317 83.22 -0.36 -90.98
C GLN I 317 84.40 -1.10 -91.63
N ASP I 318 84.62 -0.90 -92.92
CA ASP I 318 85.80 -1.51 -93.59
C ASP I 318 85.84 -3.02 -93.35
N SER I 319 84.69 -3.71 -93.35
CA SER I 319 84.62 -5.20 -93.25
C SER I 319 84.78 -5.77 -91.81
N THR I 320 84.85 -4.94 -90.76
CA THR I 320 84.91 -5.44 -89.35
C THR I 320 83.66 -6.18 -88.87
N THR I 321 82.43 -5.76 -89.19
CA THR I 321 81.16 -6.37 -88.67
C THR I 321 81.00 -6.47 -87.14
N THR I 322 81.20 -5.41 -86.35
CA THR I 322 80.90 -5.42 -84.88
C THR I 322 79.42 -5.56 -84.54
N ILE I 323 79.09 -6.29 -83.46
CA ILE I 323 77.69 -6.48 -82.95
C ILE I 323 77.56 -5.94 -81.51
N ALA I 324 76.54 -5.14 -81.20
CA ALA I 324 76.35 -4.54 -79.86
C ALA I 324 74.90 -4.54 -79.38
N ASN I 325 74.69 -4.52 -78.07
CA ASN I 325 73.33 -4.38 -77.49
C ASN I 325 72.73 -2.99 -77.64
N ASN I 326 71.45 -2.87 -77.98
CA ASN I 326 70.75 -1.56 -77.92
C ASN I 326 69.67 -1.69 -76.84
N LEU I 327 69.83 -1.05 -75.69
CA LEU I 327 68.90 -1.08 -74.53
C LEU I 327 67.53 -0.42 -74.78
N THR I 328 67.51 0.67 -75.52
CA THR I 328 66.27 1.48 -75.72
C THR I 328 65.41 1.00 -76.91
N SER I 329 65.86 0.04 -77.72
CA SER I 329 65.08 -0.53 -78.87
C SER I 329 63.88 -1.42 -78.45
N THR I 330 62.84 -1.50 -79.29
CA THR I 330 61.58 -2.23 -78.96
C THR I 330 61.23 -3.34 -79.94
N VAL I 331 60.44 -4.29 -79.48
CA VAL I 331 59.86 -5.38 -80.30
C VAL I 331 58.32 -5.19 -80.21
N GLN I 332 57.57 -5.48 -81.28
CA GLN I 332 56.08 -5.36 -81.32
C GLN I 332 55.36 -6.72 -81.47
N VAL I 333 54.40 -7.03 -80.62
CA VAL I 333 53.70 -8.35 -80.59
C VAL I 333 52.16 -8.21 -80.57
N PHE I 334 51.45 -9.03 -81.34
CA PHE I 334 49.95 -9.08 -81.33
C PHE I 334 49.37 -10.48 -81.65
N THR I 335 48.13 -10.74 -81.25
CA THR I 335 47.39 -11.98 -81.62
C THR I 335 46.16 -11.62 -82.44
N ASP I 336 45.91 -12.35 -83.54
CA ASP I 336 44.70 -12.12 -84.41
C ASP I 336 43.49 -12.90 -83.89
N ASP I 337 42.84 -12.40 -82.84
CA ASP I 337 41.69 -13.05 -82.16
C ASP I 337 40.40 -13.23 -82.98
N ASP I 338 40.01 -12.28 -83.83
CA ASP I 338 38.75 -12.30 -84.62
C ASP I 338 38.93 -12.92 -86.02
N TYR I 339 40.10 -13.43 -86.38
CA TYR I 339 40.38 -14.15 -87.66
C TYR I 339 40.22 -13.25 -88.88
N GLN I 340 40.50 -11.97 -88.74
CA GLN I 340 40.48 -10.99 -89.83
C GLN I 340 41.58 -11.26 -90.88
N LEU I 341 42.76 -11.66 -90.45
CA LEU I 341 43.89 -12.01 -91.36
C LEU I 341 43.77 -13.36 -92.03
N PRO I 342 44.40 -13.54 -93.21
CA PRO I 342 44.49 -14.89 -93.76
C PRO I 342 45.30 -15.84 -92.86
N TYR I 343 44.81 -17.07 -92.61
CA TYR I 343 45.46 -18.02 -91.66
C TYR I 343 46.32 -19.03 -92.43
N VAL I 344 47.63 -18.94 -92.25
CA VAL I 344 48.58 -19.78 -93.02
C VAL I 344 49.15 -20.92 -92.16
N VAL I 345 48.77 -21.01 -90.88
CA VAL I 345 49.34 -22.00 -89.90
C VAL I 345 49.05 -23.50 -90.22
N GLY I 346 47.91 -23.90 -90.75
CA GLY I 346 47.52 -25.34 -90.88
C GLY I 346 47.80 -26.02 -92.22
N ASN I 347 48.77 -25.57 -93.01
CA ASN I 347 49.05 -26.01 -94.40
C ASN I 347 50.34 -26.87 -94.57
N GLY I 348 50.88 -27.53 -93.52
CA GLY I 348 52.10 -28.38 -93.55
C GLY I 348 53.40 -27.71 -93.92
N THR I 349 53.58 -26.49 -93.46
CA THR I 349 54.79 -25.68 -93.77
C THR I 349 55.82 -25.71 -92.65
N GLU I 350 57.08 -25.50 -93.00
CA GLU I 350 58.24 -25.44 -92.06
C GLU I 350 58.33 -24.16 -91.20
N GLY I 351 59.13 -24.15 -90.15
CA GLY I 351 59.22 -23.02 -89.18
C GLY I 351 58.58 -23.21 -87.83
N CYS I 352 58.06 -24.40 -87.48
CA CYS I 352 57.52 -24.72 -86.12
C CYS I 352 58.65 -24.89 -85.09
N LEU I 353 58.31 -24.85 -83.81
CA LEU I 353 59.31 -25.06 -82.73
C LEU I 353 59.96 -26.44 -82.90
N PRO I 354 61.29 -26.53 -82.67
CA PRO I 354 61.99 -27.80 -82.86
C PRO I 354 61.69 -29.01 -81.95
N ALA I 355 61.85 -30.23 -82.47
CA ALA I 355 61.64 -31.50 -81.71
C ALA I 355 62.61 -31.59 -80.51
N PHE I 356 63.86 -31.17 -80.65
CA PHE I 356 64.89 -31.29 -79.59
C PHE I 356 65.00 -29.96 -78.84
N PRO I 357 64.79 -29.93 -77.49
CA PRO I 357 64.81 -28.69 -76.69
C PRO I 357 66.01 -27.73 -76.76
N PRO I 358 67.29 -28.18 -76.83
CA PRO I 358 68.47 -27.35 -77.01
C PRO I 358 68.61 -26.59 -78.36
N GLN I 359 67.97 -27.05 -79.42
CA GLN I 359 68.07 -26.44 -80.77
C GLN I 359 67.51 -25.01 -80.82
N VAL I 360 68.19 -24.12 -81.54
CA VAL I 360 67.82 -22.68 -81.61
C VAL I 360 67.26 -22.41 -83.02
N PHE I 361 66.15 -21.70 -83.12
CA PHE I 361 65.46 -21.57 -84.44
C PHE I 361 65.14 -20.13 -84.93
N THR I 362 65.19 -19.96 -86.25
CA THR I 362 64.74 -18.73 -86.92
C THR I 362 63.24 -18.73 -87.15
N LEU I 363 62.54 -17.64 -86.82
CA LEU I 363 61.08 -17.48 -87.13
C LEU I 363 60.81 -17.28 -88.62
N PRO I 364 59.74 -17.93 -89.15
CA PRO I 364 59.31 -17.70 -90.52
C PRO I 364 58.72 -16.30 -90.84
N GLN I 365 58.97 -15.78 -92.04
CA GLN I 365 58.33 -14.51 -92.49
C GLN I 365 56.87 -14.70 -92.96
N TYR I 366 55.94 -13.85 -92.52
CA TYR I 366 54.51 -13.85 -92.95
C TYR I 366 54.28 -13.32 -94.37
N GLY I 367 53.38 -13.97 -95.10
CA GLY I 367 53.01 -13.63 -96.48
C GLY I 367 51.71 -14.30 -96.78
N TYR I 368 51.05 -13.92 -97.87
CA TYR I 368 49.75 -14.52 -98.28
C TYR I 368 49.51 -14.40 -99.77
N ALA I 369 48.64 -15.24 -100.31
CA ALA I 369 48.16 -15.10 -101.70
C ALA I 369 46.70 -14.64 -101.69
N THR I 370 46.35 -13.64 -102.49
CA THR I 370 44.94 -13.19 -102.71
C THR I 370 44.51 -13.72 -104.07
N LEU I 371 43.51 -13.11 -104.69
CA LEU I 371 43.02 -13.46 -106.04
C LEU I 371 43.97 -13.09 -107.19
N ASN I 372 43.96 -13.90 -108.25
CA ASN I 372 44.80 -13.68 -109.45
C ASN I 372 43.85 -13.75 -110.65
N ARG I 373 44.15 -13.06 -111.74
CA ARG I 373 43.20 -13.00 -112.89
C ARG I 373 43.55 -13.94 -114.04
N ASP I 374 42.63 -14.81 -114.44
CA ASP I 374 42.76 -15.76 -115.60
C ASP I 374 43.99 -16.67 -115.57
N ASN I 375 44.35 -17.21 -114.41
CA ASN I 375 45.55 -18.10 -114.25
C ASN I 375 46.83 -17.37 -114.71
N THR I 376 46.97 -16.09 -114.34
CA THR I 376 48.14 -15.21 -114.67
C THR I 376 48.61 -14.48 -113.41
N GLU I 377 49.76 -13.77 -113.43
CA GLU I 377 50.34 -13.03 -112.26
C GLU I 377 49.57 -11.74 -111.87
N ASN I 378 48.70 -11.23 -112.72
CA ASN I 378 47.88 -10.01 -112.48
C ASN I 378 46.76 -10.15 -111.45
N PRO I 379 46.46 -9.08 -110.69
CA PRO I 379 45.32 -8.99 -109.78
C PRO I 379 43.90 -8.71 -110.35
N THR I 380 42.88 -8.80 -109.51
CA THR I 380 41.45 -8.54 -109.83
C THR I 380 40.96 -7.41 -108.93
N GLU I 381 39.80 -6.82 -109.22
CA GLU I 381 39.13 -5.79 -108.37
C GLU I 381 38.78 -6.35 -106.99
N ARG I 382 38.38 -7.60 -106.89
CA ARG I 382 38.10 -8.32 -105.61
C ARG I 382 39.38 -8.56 -104.78
N SER I 383 40.58 -8.54 -105.38
CA SER I 383 41.88 -8.81 -104.70
C SER I 383 42.11 -7.81 -103.54
N SER I 384 42.59 -8.28 -102.40
CA SER I 384 42.68 -7.52 -101.12
C SER I 384 44.09 -7.30 -100.55
N PHE I 385 44.32 -6.14 -99.98
CA PHE I 385 45.58 -5.81 -99.28
C PHE I 385 45.30 -5.68 -97.78
N PHE I 386 46.12 -6.30 -96.97
CA PHE I 386 45.98 -6.20 -95.49
C PHE I 386 47.23 -5.58 -94.86
N CYS I 387 47.07 -4.56 -94.02
CA CYS I 387 48.17 -3.93 -93.23
C CYS I 387 48.16 -4.44 -91.77
N LEU I 388 49.26 -5.02 -91.28
CA LEU I 388 49.44 -5.50 -89.86
C LEU I 388 49.50 -4.33 -88.87
N GLU I 389 50.08 -3.20 -89.26
CA GLU I 389 50.24 -2.00 -88.40
C GLU I 389 48.88 -1.34 -88.11
N TYR I 390 47.86 -1.64 -88.91
CA TYR I 390 46.46 -1.17 -88.67
C TYR I 390 45.92 -1.78 -87.36
N PHE I 391 46.22 -3.02 -87.02
CA PHE I 391 45.84 -3.65 -85.72
C PHE I 391 46.62 -3.05 -84.54
N PRO I 392 46.05 -2.99 -83.31
CA PRO I 392 46.85 -2.66 -82.12
C PRO I 392 47.90 -3.72 -81.63
N SER I 393 49.11 -3.31 -81.20
CA SER I 393 50.17 -4.24 -80.72
C SER I 393 50.87 -3.79 -79.42
N LYS I 394 51.29 -4.73 -78.59
CA LYS I 394 52.12 -4.42 -77.38
C LYS I 394 53.57 -4.05 -77.80
N MET I 395 54.19 -3.08 -77.14
CA MET I 395 55.61 -2.70 -77.41
C MET I 395 56.50 -3.13 -76.23
N LEU I 396 57.58 -3.85 -76.52
CA LEU I 396 58.45 -4.38 -75.44
C LEU I 396 59.91 -3.98 -75.52
N ARG I 397 60.45 -3.46 -74.42
CA ARG I 397 61.92 -3.26 -74.24
C ARG I 397 62.50 -4.53 -73.55
N THR I 398 63.81 -4.59 -73.25
CA THR I 398 64.54 -5.74 -72.61
C THR I 398 63.93 -6.20 -71.29
N GLY I 399 63.43 -5.33 -70.41
CA GLY I 399 62.67 -5.63 -69.18
C GLY I 399 61.32 -6.30 -69.35
N ASN I 400 60.57 -5.99 -70.40
CA ASN I 400 59.16 -6.41 -70.69
C ASN I 400 58.88 -7.86 -71.13
N ASN I 401 57.67 -8.36 -70.91
CA ASN I 401 57.21 -9.73 -71.26
C ASN I 401 55.79 -9.72 -71.84
N PHE I 402 55.39 -10.74 -72.60
CA PHE I 402 54.01 -10.90 -73.15
C PHE I 402 53.39 -12.26 -72.78
N GLU I 403 52.10 -12.30 -72.44
CA GLU I 403 51.38 -13.58 -72.17
C GLU I 403 50.01 -13.70 -72.89
N PHE I 404 49.61 -14.91 -73.31
CA PHE I 404 48.27 -15.19 -73.92
C PHE I 404 47.67 -16.53 -73.38
N THR I 405 46.33 -16.65 -73.31
CA THR I 405 45.61 -17.91 -72.92
C THR I 405 44.52 -18.25 -73.93
N TYR I 406 44.32 -19.53 -74.26
CA TYR I 406 43.26 -20.00 -75.19
C TYR I 406 42.52 -21.26 -74.70
N ASN I 407 41.24 -21.41 -75.01
CA ASN I 407 40.47 -22.66 -74.73
C ASN I 407 39.99 -23.28 -76.05
N PHE I 408 40.19 -24.57 -76.22
CA PHE I 408 39.76 -25.29 -77.45
C PHE I 408 38.25 -25.52 -77.38
N GLU I 409 37.56 -25.53 -78.52
CA GLU I 409 36.12 -25.90 -78.61
C GLU I 409 35.95 -27.42 -78.41
N GLU I 410 34.75 -27.87 -78.05
CA GLU I 410 34.52 -29.33 -77.96
C GLU I 410 34.76 -29.99 -79.33
N VAL I 411 35.51 -31.08 -79.33
CA VAL I 411 35.90 -31.78 -80.58
C VAL I 411 35.85 -33.28 -80.25
N PRO I 412 35.61 -34.18 -81.22
CA PRO I 412 35.71 -35.61 -80.96
C PRO I 412 37.14 -36.13 -80.67
N PHE I 413 37.30 -37.12 -79.80
CA PHE I 413 38.63 -37.75 -79.51
C PHE I 413 39.18 -38.45 -80.74
N HIS I 414 40.49 -38.37 -81.00
CA HIS I 414 41.14 -39.18 -82.06
C HIS I 414 41.07 -40.67 -81.65
N SER I 415 40.90 -41.58 -82.60
CA SER I 415 40.84 -43.03 -82.31
C SER I 415 42.20 -43.71 -82.40
N SER I 416 42.85 -43.98 -81.25
CA SER I 416 44.14 -44.69 -81.18
C SER I 416 43.93 -46.20 -80.99
N PHE I 417 43.35 -46.87 -81.97
CA PHE I 417 43.08 -48.32 -81.90
C PHE I 417 42.96 -48.88 -83.30
N ALA I 418 43.17 -50.17 -83.44
CA ALA I 418 42.98 -50.88 -84.72
C ALA I 418 41.82 -51.86 -84.54
N PRO I 419 40.91 -51.99 -85.53
CA PRO I 419 39.87 -53.00 -85.47
C PRO I 419 40.31 -54.48 -85.46
N SER I 420 39.69 -55.28 -84.60
CA SER I 420 40.00 -56.73 -84.51
C SER I 420 39.02 -57.59 -85.36
N GLN I 421 38.06 -56.98 -86.06
CA GLN I 421 37.13 -57.71 -86.96
C GLN I 421 36.98 -57.05 -88.34
N ASN I 422 36.77 -57.84 -89.39
CA ASN I 422 36.40 -57.38 -90.75
C ASN I 422 34.94 -56.90 -90.76
N LEU I 423 34.62 -55.84 -91.51
CA LEU I 423 33.26 -55.24 -91.63
C LEU I 423 32.26 -56.23 -92.25
N PHE I 424 32.70 -57.06 -93.20
CA PHE I 424 31.86 -58.07 -93.89
C PHE I 424 31.80 -59.47 -93.18
N LYS I 425 32.49 -59.74 -92.05
CA LYS I 425 32.54 -61.06 -91.35
C LYS I 425 31.85 -61.03 -89.95
N LEU I 426 30.79 -60.25 -89.73
CA LEU I 426 30.16 -60.04 -88.38
C LEU I 426 29.05 -61.04 -87.99
N ALA I 427 28.55 -61.85 -88.91
CA ALA I 427 27.58 -62.92 -88.60
C ALA I 427 28.28 -64.02 -87.78
N ASN I 428 27.55 -64.70 -86.89
CA ASN I 428 28.13 -65.84 -86.14
C ASN I 428 28.56 -66.89 -87.15
N PRO I 429 29.78 -67.45 -87.02
CA PRO I 429 30.26 -68.51 -87.90
C PRO I 429 29.47 -69.85 -87.83
N LEU I 430 28.99 -70.29 -86.66
CA LEU I 430 28.14 -71.48 -86.38
C LEU I 430 26.71 -71.47 -86.94
N VAL I 431 26.02 -70.33 -86.99
CA VAL I 431 24.58 -70.28 -87.36
C VAL I 431 24.23 -69.74 -88.77
N ASP I 432 23.35 -70.43 -89.50
CA ASP I 432 22.80 -69.99 -90.82
C ASP I 432 21.81 -68.82 -90.73
N GLN I 433 21.74 -67.99 -91.76
CA GLN I 433 20.75 -66.90 -91.87
C GLN I 433 19.33 -67.38 -92.25
N TYR I 434 18.25 -66.71 -91.82
CA TYR I 434 16.87 -67.01 -92.28
C TYR I 434 16.57 -66.28 -93.63
N LEU I 435 17.57 -66.03 -94.45
CA LEU I 435 17.43 -65.21 -95.68
C LEU I 435 17.92 -65.99 -96.91
N TYR I 436 17.37 -65.69 -98.07
CA TYR I 436 17.67 -66.47 -99.30
C TYR I 436 18.12 -65.57 -100.44
N ARG I 437 18.87 -66.14 -101.37
CA ARG I 437 19.44 -65.39 -102.51
C ARG I 437 19.11 -66.07 -103.85
N PHE I 438 19.06 -65.29 -104.92
CA PHE I 438 18.84 -65.86 -106.28
C PHE I 438 20.16 -66.37 -106.80
N VAL I 439 20.14 -67.62 -107.25
CA VAL I 439 21.38 -68.22 -107.80
C VAL I 439 21.24 -68.69 -109.25
N SER I 440 20.02 -68.84 -109.75
CA SER I 440 19.89 -69.56 -111.06
C SER I 440 18.59 -69.38 -111.85
N THR I 441 18.64 -69.73 -113.12
CA THR I 441 17.44 -69.81 -113.97
C THR I 441 17.47 -71.21 -114.58
N ASN I 442 16.33 -71.88 -114.77
CA ASN I 442 16.24 -73.24 -115.41
C ASN I 442 16.21 -73.18 -116.96
N ASN I 443 16.01 -74.32 -117.64
CA ASN I 443 16.03 -74.38 -119.14
C ASN I 443 14.92 -73.48 -119.69
N THR I 444 13.74 -73.42 -119.07
CA THR I 444 12.74 -72.38 -119.36
C THR I 444 13.22 -71.35 -118.39
N GLY I 445 13.29 -70.07 -118.68
CA GLY I 445 14.03 -69.20 -117.74
C GLY I 445 13.33 -68.87 -116.44
N GLY I 446 13.13 -69.88 -115.57
CA GLY I 446 12.42 -69.72 -114.28
C GLY I 446 13.37 -69.56 -113.12
N VAL I 447 13.15 -68.58 -112.27
CA VAL I 447 14.07 -68.23 -111.15
C VAL I 447 14.21 -69.30 -110.05
N GLN I 448 15.41 -69.44 -109.50
CA GLN I 448 15.72 -70.48 -108.47
C GLN I 448 16.46 -69.83 -107.29
N PHE I 449 16.28 -70.37 -106.08
CA PHE I 449 16.82 -69.75 -104.85
C PHE I 449 17.53 -70.75 -103.93
N ASN I 450 18.50 -70.27 -103.15
CA ASN I 450 19.22 -71.11 -102.14
C ASN I 450 19.33 -70.35 -100.83
N LYS I 451 19.30 -71.04 -99.71
CA LYS I 451 19.50 -70.44 -98.35
C LYS I 451 20.96 -70.04 -98.09
N ASN I 452 21.16 -69.05 -97.22
CA ASN I 452 22.53 -68.58 -96.88
C ASN I 452 23.08 -69.40 -95.70
N LEU I 453 24.17 -70.14 -95.92
CA LEU I 453 24.81 -71.03 -94.90
C LEU I 453 25.77 -70.33 -93.92
N ALA I 454 26.05 -70.96 -92.80
CA ALA I 454 26.98 -70.42 -91.77
C ALA I 454 28.42 -70.28 -92.26
N GLY I 455 29.04 -69.11 -92.03
CA GLY I 455 30.43 -68.81 -92.41
C GLY I 455 30.65 -68.44 -93.86
N ARG I 456 29.60 -68.39 -94.69
CA ARG I 456 29.71 -68.07 -96.15
C ARG I 456 29.62 -66.54 -96.33
N TYR I 457 30.67 -65.79 -95.98
CA TYR I 457 30.74 -64.29 -95.96
C TYR I 457 30.61 -63.71 -97.37
N ALA I 458 31.02 -64.44 -98.39
CA ALA I 458 30.85 -64.05 -99.78
C ALA I 458 29.36 -63.86 -100.11
N ASN I 459 28.43 -64.65 -99.57
CA ASN I 459 26.98 -64.64 -99.93
C ASN I 459 26.00 -64.22 -98.83
N THR I 460 26.31 -63.33 -97.91
CA THR I 460 25.52 -63.04 -96.69
C THR I 460 24.92 -61.66 -96.83
N TYR I 461 23.73 -61.43 -96.31
CA TYR I 461 23.08 -60.10 -96.29
C TYR I 461 23.89 -59.20 -95.36
N LYS I 462 24.07 -57.94 -95.74
CA LYS I 462 24.93 -57.01 -94.96
C LYS I 462 24.21 -55.73 -94.55
N ASN I 463 24.27 -55.33 -93.29
CA ASN I 463 23.79 -54.00 -92.79
C ASN I 463 24.59 -52.77 -93.20
N TRP I 464 25.91 -52.85 -93.28
CA TRP I 464 26.78 -51.67 -93.37
C TRP I 464 27.77 -51.74 -94.51
N PHE I 465 28.21 -50.59 -94.96
CA PHE I 465 29.06 -50.52 -96.19
C PHE I 465 30.33 -49.77 -95.89
N PRO I 466 31.40 -50.07 -96.64
CA PRO I 466 32.67 -49.35 -96.53
C PRO I 466 32.66 -47.91 -97.05
N GLY I 467 33.62 -47.10 -96.60
CA GLY I 467 33.74 -45.66 -96.95
C GLY I 467 34.18 -45.33 -98.36
N PRO I 468 34.07 -44.05 -98.78
CA PRO I 468 34.35 -43.64 -100.15
C PRO I 468 35.78 -43.81 -100.73
N MET I 469 35.87 -44.13 -102.02
CA MET I 469 37.18 -44.43 -102.63
C MET I 469 37.42 -43.77 -104.00
N GLY I 470 38.64 -43.38 -104.36
CA GLY I 470 39.02 -42.97 -105.73
C GLY I 470 40.29 -43.70 -106.13
N ARG I 471 40.39 -44.36 -107.28
CA ARG I 471 41.61 -45.18 -107.59
C ARG I 471 42.91 -44.34 -107.77
N THR I 472 44.03 -44.75 -107.16
CA THR I 472 45.35 -44.10 -107.21
C THR I 472 46.41 -45.14 -107.54
N GLN I 473 47.41 -44.80 -108.34
CA GLN I 473 48.44 -45.77 -108.82
C GLN I 473 49.28 -46.38 -107.68
N GLY I 474 49.60 -47.67 -107.78
CA GLY I 474 50.41 -48.39 -106.79
C GLY I 474 51.82 -48.65 -107.27
N TRP I 475 52.81 -48.34 -106.43
CA TRP I 475 54.24 -48.55 -106.75
C TRP I 475 54.91 -49.47 -105.74
N ASN I 476 55.69 -50.44 -106.22
CA ASN I 476 56.44 -51.39 -105.34
C ASN I 476 57.65 -50.72 -104.70
N LEU I 477 58.00 -51.12 -103.49
CA LEU I 477 59.14 -50.57 -102.70
C LEU I 477 60.04 -51.76 -102.34
N GLY I 478 61.30 -51.54 -101.97
CA GLY I 478 62.22 -52.66 -101.71
C GLY I 478 62.51 -53.50 -102.94
N SER I 479 62.21 -54.79 -102.88
CA SER I 479 62.44 -55.70 -104.04
C SER I 479 61.61 -55.20 -105.23
N GLY I 480 60.35 -54.76 -105.05
CA GLY I 480 59.68 -54.02 -106.15
C GLY I 480 59.48 -54.73 -107.45
N VAL I 481 59.98 -54.16 -108.55
CA VAL I 481 59.76 -54.68 -109.96
C VAL I 481 58.85 -53.71 -110.77
N ASN I 482 58.82 -52.41 -110.46
CA ASN I 482 58.08 -51.33 -111.20
C ASN I 482 58.62 -50.93 -112.58
N ARG I 483 57.80 -50.29 -113.43
CA ARG I 483 58.19 -49.79 -114.80
C ARG I 483 59.28 -48.70 -114.82
N ALA I 484 60.24 -48.79 -115.74
CA ALA I 484 61.43 -47.90 -115.84
C ALA I 484 61.25 -46.55 -116.55
N SER I 485 62.07 -45.55 -116.17
CA SER I 485 62.14 -44.23 -116.85
C SER I 485 60.82 -43.46 -116.95
N VAL I 486 60.02 -43.44 -115.90
CA VAL I 486 58.68 -42.79 -115.93
C VAL I 486 58.71 -41.35 -115.40
N SER I 487 58.03 -40.41 -116.06
CA SER I 487 57.81 -39.07 -115.49
C SER I 487 56.40 -39.12 -114.89
N ALA I 488 56.25 -38.97 -113.59
CA ALA I 488 54.97 -39.13 -112.85
C ALA I 488 53.82 -38.15 -113.14
N PHE I 489 54.04 -36.86 -113.39
CA PHE I 489 52.98 -35.80 -113.37
C PHE I 489 51.78 -35.94 -114.34
N ALA I 490 51.95 -36.36 -115.59
CA ALA I 490 50.85 -36.48 -116.57
C ALA I 490 49.78 -37.48 -116.10
N THR I 491 50.18 -38.58 -115.46
CA THR I 491 49.26 -39.66 -115.05
C THR I 491 48.79 -39.54 -113.60
N THR I 492 49.14 -38.48 -112.87
CA THR I 492 48.70 -38.24 -111.47
C THR I 492 47.24 -37.85 -111.32
N ASN I 493 46.64 -38.09 -110.16
CA ASN I 493 45.23 -37.69 -109.84
C ASN I 493 45.09 -36.18 -109.75
N ARG I 494 43.99 -35.62 -110.25
CA ARG I 494 43.83 -34.14 -110.30
C ARG I 494 42.40 -33.67 -110.07
N MET I 495 42.21 -32.45 -109.59
CA MET I 495 40.87 -31.80 -109.48
C MET I 495 41.00 -30.46 -110.23
N GLU I 496 39.93 -29.99 -110.89
CA GLU I 496 39.96 -28.75 -111.71
C GLU I 496 39.28 -27.58 -110.97
N LEU I 497 39.96 -26.45 -110.76
CA LEU I 497 39.36 -25.23 -110.16
C LEU I 497 39.65 -24.01 -111.02
N GLU I 498 38.67 -23.18 -111.36
CA GLU I 498 38.85 -21.87 -112.07
C GLU I 498 39.64 -21.98 -113.39
N GLY I 499 39.47 -23.03 -114.17
CA GLY I 499 40.29 -23.23 -115.38
C GLY I 499 41.68 -23.83 -115.21
N ALA I 500 42.09 -24.30 -114.04
CA ALA I 500 43.43 -24.96 -113.93
C ALA I 500 43.35 -26.36 -113.31
N SER I 501 44.29 -27.26 -113.64
CA SER I 501 44.36 -28.64 -113.09
C SER I 501 45.32 -28.68 -111.90
N TYR I 502 44.86 -29.20 -110.78
CA TYR I 502 45.70 -29.23 -109.55
C TYR I 502 45.90 -30.63 -109.03
N GLN I 503 47.14 -30.95 -108.70
CA GLN I 503 47.37 -32.21 -107.94
C GLN I 503 46.82 -31.97 -106.53
N VAL I 504 46.25 -32.99 -105.93
CA VAL I 504 45.64 -32.93 -104.58
C VAL I 504 46.37 -34.07 -103.86
N PRO I 505 47.64 -33.87 -103.45
CA PRO I 505 48.51 -34.94 -102.98
C PRO I 505 48.08 -35.73 -101.78
N PRO I 506 47.44 -35.26 -100.69
CA PRO I 506 46.90 -36.21 -99.72
C PRO I 506 45.58 -36.55 -100.44
N GLN I 507 45.20 -37.79 -100.61
CA GLN I 507 43.84 -37.99 -101.21
C GLN I 507 42.76 -37.75 -100.12
N PRO I 508 41.45 -37.64 -100.42
CA PRO I 508 40.39 -37.56 -99.39
C PRO I 508 40.19 -38.83 -98.49
N ASN I 509 39.74 -38.72 -97.23
CA ASN I 509 39.61 -39.86 -96.25
C ASN I 509 38.71 -41.07 -96.63
N GLY I 510 38.93 -42.25 -96.02
CA GLY I 510 38.18 -43.51 -96.27
C GLY I 510 38.89 -44.59 -97.04
N MET I 511 40.17 -44.42 -97.33
CA MET I 511 40.94 -45.47 -98.04
C MET I 511 42.18 -45.93 -97.26
N THR I 512 42.76 -47.07 -97.66
CA THR I 512 44.07 -47.53 -97.14
C THR I 512 45.09 -47.58 -98.28
N ASN I 513 46.26 -46.95 -98.14
CA ASN I 513 47.43 -47.00 -99.08
C ASN I 513 48.15 -48.36 -99.20
N ASN I 514 48.32 -49.13 -98.13
CA ASN I 514 49.14 -50.39 -98.12
C ASN I 514 48.35 -51.55 -97.50
N LEU I 515 48.37 -52.73 -98.09
CA LEU I 515 47.70 -53.96 -97.52
C LEU I 515 48.25 -54.58 -96.19
N GLN I 516 49.54 -54.72 -95.91
CA GLN I 516 50.15 -55.41 -94.71
C GLN I 516 51.07 -56.48 -95.30
N GLY I 517 52.28 -56.62 -94.78
CA GLY I 517 53.19 -57.43 -95.61
C GLY I 517 53.29 -56.54 -96.83
N SER I 518 52.91 -56.98 -98.02
CA SER I 518 52.94 -56.21 -99.30
C SER I 518 53.86 -54.99 -99.41
N ASN I 519 54.51 -54.89 -100.56
CA ASN I 519 55.43 -53.76 -100.84
C ASN I 519 54.77 -52.78 -101.83
N THR I 520 53.49 -52.95 -102.12
CA THR I 520 52.74 -51.99 -102.96
C THR I 520 52.17 -50.86 -102.12
N TYR I 521 52.44 -49.63 -102.53
CA TYR I 521 51.97 -48.42 -101.82
C TYR I 521 51.36 -47.50 -102.82
N ALA I 522 50.25 -46.91 -102.45
CA ALA I 522 49.73 -45.85 -103.34
C ALA I 522 50.39 -44.55 -102.84
N LEU I 523 51.40 -44.04 -103.56
CA LEU I 523 52.28 -42.90 -103.13
C LEU I 523 51.54 -41.56 -102.93
N GLU I 524 50.55 -41.24 -103.75
CA GLU I 524 49.76 -39.99 -103.63
C GLU I 524 48.71 -40.07 -102.50
N ASN I 525 48.51 -41.22 -101.86
CA ASN I 525 47.65 -41.38 -100.66
C ASN I 525 48.50 -41.45 -99.37
N THR I 526 49.80 -41.23 -99.43
CA THR I 526 50.69 -41.41 -98.23
C THR I 526 51.38 -40.14 -97.81
N MET I 527 51.46 -39.88 -96.51
CA MET I 527 52.31 -38.79 -95.96
C MET I 527 53.78 -39.21 -96.06
N ILE I 528 54.61 -38.39 -96.73
CA ILE I 528 56.07 -38.64 -96.86
C ILE I 528 56.86 -37.55 -96.12
N PHE I 529 57.82 -37.94 -95.29
CA PHE I 529 58.59 -37.01 -94.41
C PHE I 529 60.07 -37.27 -94.56
N ASN I 530 60.91 -36.32 -94.18
CA ASN I 530 62.39 -36.47 -94.16
C ASN I 530 62.85 -36.63 -92.71
N SER I 531 63.77 -37.54 -92.41
CA SER I 531 64.36 -37.70 -91.06
C SER I 531 65.10 -36.43 -90.63
N GLN I 532 65.82 -35.79 -91.56
CA GLN I 532 66.63 -34.57 -91.29
C GLN I 532 65.99 -33.34 -91.94
N PRO I 533 66.10 -32.12 -91.34
CA PRO I 533 65.64 -30.89 -91.97
C PRO I 533 66.44 -30.51 -93.22
N ALA I 534 65.80 -29.81 -94.15
CA ALA I 534 66.44 -29.49 -95.45
C ALA I 534 66.63 -28.00 -95.67
N ASN I 535 67.62 -27.65 -96.47
CA ASN I 535 67.86 -26.24 -96.87
C ASN I 535 66.75 -25.76 -97.81
N PRO I 536 66.35 -24.48 -97.77
CA PRO I 536 65.33 -23.97 -98.67
C PRO I 536 65.63 -23.99 -100.18
N GLY I 537 64.65 -24.37 -101.00
CA GLY I 537 64.79 -24.37 -102.46
C GLY I 537 65.50 -25.56 -103.05
N THR I 538 65.77 -26.59 -102.26
CA THR I 538 66.52 -27.75 -102.76
C THR I 538 65.76 -28.41 -103.91
N THR I 539 66.45 -28.80 -104.97
CA THR I 539 65.85 -29.53 -106.12
C THR I 539 66.46 -30.92 -106.22
N ALA I 540 67.18 -31.39 -105.19
CA ALA I 540 67.85 -32.71 -105.16
C ALA I 540 66.91 -33.92 -105.23
N THR I 541 67.29 -34.97 -105.97
CA THR I 541 66.51 -36.23 -105.98
C THR I 541 66.71 -36.97 -104.68
N TYR I 542 65.66 -37.59 -104.16
CA TYR I 542 65.76 -38.41 -102.93
C TYR I 542 65.28 -39.83 -103.21
N LEU I 543 66.08 -40.80 -102.83
CA LEU I 543 65.69 -42.23 -102.90
C LEU I 543 64.87 -42.65 -101.66
N GLU I 544 64.30 -43.84 -101.66
CA GLU I 544 63.42 -44.37 -100.58
C GLU I 544 64.12 -44.48 -99.20
N GLY I 545 65.40 -44.84 -99.16
CA GLY I 545 66.15 -45.00 -97.89
C GLY I 545 66.22 -43.71 -97.11
N ASN I 546 66.40 -42.57 -97.75
CA ASN I 546 66.32 -41.24 -97.07
C ASN I 546 64.92 -40.94 -96.51
N MET I 547 63.85 -41.33 -97.19
CA MET I 547 62.47 -40.92 -96.82
C MET I 547 61.80 -41.72 -95.67
N LEU I 548 60.88 -41.08 -94.94
CA LEU I 548 60.07 -41.80 -93.92
C LEU I 548 58.68 -41.97 -94.54
N ILE I 549 58.26 -43.20 -94.83
CA ILE I 549 56.97 -43.46 -95.54
C ILE I 549 55.97 -44.16 -94.61
N THR I 550 54.80 -43.57 -94.41
CA THR I 550 53.72 -44.08 -93.55
C THR I 550 52.86 -45.18 -94.20
N SER I 551 52.24 -46.03 -93.38
CA SER I 551 51.33 -47.11 -93.84
C SER I 551 50.03 -46.99 -93.05
N GLU I 552 48.89 -47.24 -93.68
CA GLU I 552 47.55 -47.16 -93.04
C GLU I 552 46.96 -48.58 -92.94
N SER I 553 47.77 -49.63 -92.93
CA SER I 553 47.36 -51.06 -92.99
C SER I 553 46.44 -51.49 -91.84
N GLU I 554 46.47 -50.83 -90.68
CA GLU I 554 45.58 -51.10 -89.51
C GLU I 554 44.09 -50.87 -89.88
N THR I 555 43.76 -49.91 -90.73
CA THR I 555 42.38 -49.53 -91.13
C THR I 555 41.82 -50.42 -92.25
N GLN I 556 42.57 -51.38 -92.77
CA GLN I 556 42.20 -52.26 -93.91
C GLN I 556 40.93 -53.09 -93.62
N PRO I 557 40.63 -53.61 -92.40
CA PRO I 557 39.33 -54.24 -92.11
C PRO I 557 38.08 -53.40 -92.44
N VAL I 558 38.10 -52.07 -92.38
CA VAL I 558 37.00 -51.14 -92.83
C VAL I 558 37.33 -50.18 -94.01
N ASN I 559 38.54 -50.11 -94.53
CA ASN I 559 38.87 -49.08 -95.56
C ASN I 559 39.31 -49.77 -96.84
N ARG I 560 38.75 -49.36 -97.96
CA ARG I 560 39.09 -49.95 -99.27
C ARG I 560 40.53 -49.58 -99.72
N VAL I 561 41.19 -50.49 -100.43
CA VAL I 561 42.54 -50.23 -100.99
C VAL I 561 42.51 -49.27 -102.20
N ALA I 562 43.36 -48.22 -102.20
CA ALA I 562 43.44 -47.18 -103.25
C ALA I 562 43.89 -47.69 -104.63
N TYR I 563 44.86 -48.58 -104.69
CA TYR I 563 45.40 -49.13 -105.97
C TYR I 563 44.32 -49.98 -106.72
N ASN I 564 43.50 -50.73 -106.02
CA ASN I 564 42.46 -51.65 -106.62
C ASN I 564 41.14 -50.97 -107.05
N VAL I 565 40.37 -51.59 -107.95
CA VAL I 565 38.97 -51.15 -108.31
C VAL I 565 38.01 -51.35 -107.12
N GLY I 566 37.03 -50.47 -106.91
CA GLY I 566 36.01 -50.53 -105.83
C GLY I 566 34.98 -51.66 -105.81
N GLY I 567 34.44 -52.08 -106.97
CA GLY I 567 33.35 -53.06 -107.03
C GLY I 567 32.78 -53.16 -108.42
N GLN I 568 31.64 -53.84 -108.60
CA GLN I 568 30.96 -53.99 -109.91
C GLN I 568 29.45 -53.66 -109.80
N MET I 569 28.82 -53.13 -110.87
CA MET I 569 27.37 -52.81 -110.96
C MET I 569 26.80 -53.28 -112.30
N ALA I 570 25.48 -53.48 -112.43
CA ALA I 570 24.79 -53.89 -113.69
C ALA I 570 24.83 -52.83 -114.81
N THR I 571 25.09 -53.26 -116.04
CA THR I 571 25.22 -52.36 -117.20
C THR I 571 24.15 -52.61 -118.27
N ASN I 572 23.18 -53.49 -118.06
CA ASN I 572 22.25 -53.92 -119.14
C ASN I 572 20.96 -54.47 -118.56
N ASN I 573 19.99 -54.76 -119.43
CA ASN I 573 18.77 -55.49 -119.02
C ASN I 573 18.83 -56.88 -119.66
N GLN I 574 18.70 -57.96 -118.88
CA GLN I 574 18.69 -59.36 -119.38
C GLN I 574 17.37 -59.65 -120.14
N SER I 575 17.41 -60.56 -121.10
CA SER I 575 16.23 -60.95 -121.92
C SER I 575 16.50 -62.37 -122.42
N SER I 576 15.52 -63.04 -123.02
CA SER I 576 15.82 -64.37 -123.59
C SER I 576 16.90 -64.21 -124.67
N THR I 577 16.85 -63.17 -125.51
CA THR I 577 17.91 -62.83 -126.47
C THR I 577 19.23 -62.41 -125.82
N THR I 578 19.22 -61.65 -124.73
CA THR I 578 20.45 -61.07 -124.15
C THR I 578 20.88 -61.59 -122.80
N ALA I 579 22.14 -62.03 -122.66
CA ALA I 579 22.73 -62.44 -121.36
C ALA I 579 22.99 -61.24 -120.45
N PRO I 580 22.91 -61.40 -119.11
CA PRO I 580 23.25 -60.32 -118.18
C PRO I 580 24.73 -59.88 -118.16
N ALA I 581 25.02 -58.60 -117.94
CA ALA I 581 26.40 -58.02 -117.96
C ALA I 581 26.70 -57.12 -116.76
N THR I 582 27.96 -57.05 -116.34
CA THR I 582 28.40 -56.17 -115.24
C THR I 582 29.57 -55.30 -115.66
N GLY I 583 29.78 -54.18 -114.96
CA GLY I 583 30.98 -53.36 -115.20
C GLY I 583 31.65 -52.92 -113.92
N THR I 584 32.99 -52.88 -113.87
CA THR I 584 33.76 -52.33 -112.71
C THR I 584 33.73 -50.81 -112.63
N TYR I 585 33.82 -50.24 -111.43
CA TYR I 585 33.90 -48.77 -111.22
C TYR I 585 35.26 -48.38 -110.53
N ASN I 586 35.86 -47.22 -110.87
CA ASN I 586 37.17 -46.74 -110.31
C ASN I 586 36.95 -45.69 -109.20
N LEU I 587 35.73 -45.19 -109.03
CA LEU I 587 35.42 -44.20 -107.97
C LEU I 587 34.02 -44.39 -107.38
N GLN I 588 33.83 -44.12 -106.10
CA GLN I 588 32.49 -44.11 -105.46
C GLN I 588 32.53 -43.10 -104.32
N GLU I 589 31.39 -42.54 -103.93
CA GLU I 589 31.33 -41.46 -102.91
C GLU I 589 30.40 -41.95 -101.81
N ILE I 590 30.07 -41.10 -100.85
CA ILE I 590 29.26 -41.46 -99.66
C ILE I 590 27.86 -42.01 -99.99
N VAL I 591 27.46 -43.05 -99.29
CA VAL I 591 26.14 -43.71 -99.46
C VAL I 591 25.59 -43.83 -98.03
N PRO I 592 24.27 -43.88 -97.81
CA PRO I 592 23.74 -44.11 -96.45
C PRO I 592 24.15 -45.47 -95.87
N GLY I 593 24.47 -45.55 -94.57
CA GLY I 593 25.02 -46.78 -93.94
C GLY I 593 26.51 -46.95 -94.09
N SER I 594 27.22 -45.96 -94.62
CA SER I 594 28.70 -45.93 -94.80
C SER I 594 29.48 -45.77 -93.48
N VAL I 595 30.54 -46.56 -93.30
CA VAL I 595 31.43 -46.50 -92.09
C VAL I 595 32.89 -46.45 -92.58
N TRP I 596 33.75 -45.68 -91.91
CA TRP I 596 35.21 -45.60 -92.25
C TRP I 596 36.04 -45.13 -91.05
N MET I 597 37.35 -45.29 -91.16
CA MET I 597 38.31 -44.75 -90.16
C MET I 597 39.11 -43.58 -90.76
N GLU I 598 39.27 -42.49 -90.01
CA GLU I 598 40.10 -41.31 -90.41
C GLU I 598 41.61 -41.63 -90.35
N ARG I 599 42.42 -40.87 -91.06
CA ARG I 599 43.90 -41.01 -91.07
C ARG I 599 44.54 -40.84 -89.68
N ASP I 600 45.57 -41.65 -89.39
CA ASP I 600 46.32 -41.61 -88.12
C ASP I 600 47.23 -40.39 -87.95
N VAL I 601 47.38 -39.91 -86.73
CA VAL I 601 48.38 -38.85 -86.38
C VAL I 601 49.80 -39.43 -86.19
N TYR I 602 50.81 -38.61 -86.40
CA TYR I 602 52.25 -39.01 -86.26
C TYR I 602 52.92 -38.02 -85.34
N LEU I 603 53.99 -38.41 -84.66
CA LEU I 603 54.77 -37.48 -83.79
C LEU I 603 55.39 -36.35 -84.66
N GLN I 604 55.91 -36.66 -85.84
CA GLN I 604 56.41 -35.70 -86.88
C GLN I 604 55.29 -34.83 -87.48
N GLY I 605 54.03 -35.28 -87.50
CA GLY I 605 52.86 -34.58 -88.08
C GLY I 605 52.15 -33.43 -87.37
N PRO I 606 51.26 -32.71 -88.10
CA PRO I 606 50.37 -31.68 -87.51
C PRO I 606 49.15 -31.97 -86.62
N ILE I 607 48.92 -31.23 -85.54
CA ILE I 607 47.67 -31.32 -84.70
C ILE I 607 46.33 -30.79 -85.31
N TRP I 608 46.30 -29.62 -85.92
CA TRP I 608 45.01 -28.99 -86.31
C TRP I 608 45.00 -28.30 -87.67
N ALA I 609 43.82 -28.03 -88.21
CA ALA I 609 43.62 -27.24 -89.45
C ALA I 609 42.39 -26.36 -89.24
N LYS I 610 42.37 -25.19 -89.86
CA LYS I 610 41.19 -24.29 -89.83
C LYS I 610 40.14 -24.69 -90.89
N ILE I 611 38.89 -24.83 -90.48
CA ILE I 611 37.78 -25.05 -91.45
C ILE I 611 37.56 -23.73 -92.25
N PRO I 612 37.48 -23.77 -93.59
CA PRO I 612 37.22 -22.57 -94.38
C PRO I 612 35.81 -21.99 -94.28
N GLU I 613 35.66 -20.67 -94.28
CA GLU I 613 34.31 -20.06 -94.08
C GLU I 613 33.57 -19.84 -95.41
N THR I 614 32.66 -20.74 -95.78
CA THR I 614 31.89 -20.67 -97.05
C THR I 614 30.42 -20.66 -96.73
N GLY I 615 30.06 -21.05 -95.52
CA GLY I 615 28.67 -21.25 -95.11
C GLY I 615 28.15 -22.67 -95.37
N ALA I 616 28.87 -23.53 -96.09
CA ALA I 616 28.46 -24.95 -96.30
C ALA I 616 29.64 -25.92 -96.26
N HIS I 617 29.55 -27.02 -95.54
CA HIS I 617 30.62 -28.06 -95.51
C HIS I 617 30.04 -29.42 -95.13
N PHE I 618 30.76 -30.50 -95.45
CA PHE I 618 30.37 -31.86 -94.99
C PHE I 618 31.49 -32.52 -94.23
N HIS I 619 31.24 -33.09 -93.04
CA HIS I 619 32.21 -33.93 -92.26
C HIS I 619 33.61 -33.30 -92.21
N PRO I 620 33.88 -32.42 -91.23
CA PRO I 620 35.10 -31.62 -91.28
C PRO I 620 36.40 -32.09 -90.63
N SER I 621 36.93 -33.16 -91.20
CA SER I 621 38.19 -33.75 -90.72
C SER I 621 39.25 -33.49 -91.79
N PRO I 622 40.40 -32.86 -91.47
CA PRO I 622 41.40 -32.56 -92.50
C PRO I 622 42.13 -33.76 -93.11
N ALA I 623 42.47 -33.72 -94.40
CA ALA I 623 43.08 -34.85 -95.12
C ALA I 623 44.47 -35.28 -94.60
N MET I 624 45.34 -34.34 -94.24
CA MET I 624 46.69 -34.61 -93.67
C MET I 624 46.56 -35.33 -92.32
N GLY I 625 45.52 -35.06 -91.55
CA GLY I 625 45.27 -35.67 -90.23
C GLY I 625 44.96 -34.63 -89.18
N GLY I 626 44.58 -35.03 -87.98
CA GLY I 626 44.31 -34.10 -86.88
C GLY I 626 42.90 -33.59 -86.66
N PHE I 627 42.77 -32.45 -86.00
CA PHE I 627 41.48 -31.88 -85.57
C PHE I 627 41.10 -30.65 -86.40
N GLY I 628 39.88 -30.64 -86.92
CA GLY I 628 39.37 -29.52 -87.72
C GLY I 628 38.64 -28.55 -86.85
N LEU I 629 39.06 -27.30 -86.85
CA LEU I 629 38.49 -26.31 -85.89
C LEU I 629 37.88 -25.09 -86.58
N LYS I 630 36.66 -24.73 -86.23
CA LYS I 630 36.04 -23.45 -86.68
C LYS I 630 36.80 -22.25 -86.11
N HIS I 631 37.19 -22.30 -84.84
CA HIS I 631 37.97 -21.21 -84.18
C HIS I 631 39.29 -21.78 -83.67
N PRO I 632 40.32 -21.79 -84.53
CA PRO I 632 41.64 -22.32 -84.20
C PRO I 632 42.53 -21.48 -83.27
N PRO I 633 43.58 -22.04 -82.64
CA PRO I 633 44.44 -21.20 -81.83
C PRO I 633 44.97 -20.08 -82.73
N PRO I 634 44.93 -18.80 -82.29
CA PRO I 634 45.26 -17.67 -83.16
C PRO I 634 46.68 -17.35 -83.62
N MET I 635 46.81 -16.71 -84.78
CA MET I 635 48.13 -16.25 -85.32
C MET I 635 48.83 -15.26 -84.37
N MET I 636 50.10 -15.50 -84.10
CA MET I 636 50.93 -14.65 -83.20
C MET I 636 52.02 -14.00 -84.05
N LEU I 637 52.06 -12.67 -84.10
CA LEU I 637 52.95 -11.92 -85.01
C LEU I 637 53.93 -11.02 -84.24
N ILE I 638 55.19 -11.04 -84.63
CA ILE I 638 56.25 -10.23 -83.98
C ILE I 638 57.08 -9.47 -85.03
N LYS I 639 57.39 -8.21 -84.74
CA LYS I 639 58.29 -7.44 -85.64
C LYS I 639 59.32 -6.60 -84.85
N ASN I 640 60.43 -6.27 -85.48
CA ASN I 640 61.40 -5.30 -84.90
C ASN I 640 60.95 -3.88 -85.29
N THR I 641 60.85 -2.96 -84.35
CA THR I 641 60.50 -1.56 -84.64
C THR I 641 61.58 -0.88 -85.48
N PRO I 642 61.22 -0.15 -86.56
CA PRO I 642 62.18 0.64 -87.32
C PRO I 642 62.93 1.69 -86.49
N VAL I 643 64.23 1.65 -86.55
CA VAL I 643 65.03 2.71 -85.87
C VAL I 643 65.80 3.46 -86.97
N PRO I 644 65.54 4.76 -87.14
CA PRO I 644 66.21 5.56 -88.18
C PRO I 644 67.70 5.92 -88.14
N GLY I 645 68.36 6.01 -89.28
CA GLY I 645 69.75 6.50 -89.45
C GLY I 645 69.79 8.02 -89.42
N ASN I 646 70.96 8.65 -89.43
CA ASN I 646 71.01 10.13 -89.23
C ASN I 646 70.34 10.90 -90.37
N ILE I 647 69.39 11.78 -90.03
CA ILE I 647 68.68 12.60 -91.06
C ILE I 647 68.93 14.07 -90.67
N THR I 648 69.43 14.88 -91.60
CA THR I 648 69.81 16.29 -91.28
C THR I 648 68.88 17.29 -91.94
N SER I 649 68.04 16.87 -92.86
CA SER I 649 67.16 17.81 -93.63
C SER I 649 65.73 17.29 -93.70
N PHE I 650 64.73 18.17 -93.83
CA PHE I 650 63.31 17.80 -94.00
C PHE I 650 62.93 17.32 -95.42
N SER I 651 62.14 16.24 -95.52
CA SER I 651 61.53 15.87 -96.82
C SER I 651 60.12 15.34 -96.56
N ASP I 652 59.19 15.60 -97.46
CA ASP I 652 57.84 14.95 -97.47
C ASP I 652 58.04 13.45 -97.77
N VAL I 653 59.00 13.09 -98.62
CA VAL I 653 59.29 11.68 -99.00
C VAL I 653 59.70 10.87 -97.77
N PRO I 654 59.14 9.65 -97.54
CA PRO I 654 59.46 8.82 -96.39
C PRO I 654 60.90 8.32 -96.25
N VAL I 655 61.37 8.21 -95.01
CA VAL I 655 62.76 7.76 -94.76
C VAL I 655 62.97 6.30 -95.19
N SER I 656 64.07 6.07 -95.91
CA SER I 656 64.47 4.74 -96.39
C SER I 656 65.78 4.28 -95.72
N SER I 657 66.34 5.07 -94.81
CA SER I 657 67.65 4.75 -94.18
C SER I 657 67.46 4.42 -92.69
N PHE I 658 67.86 3.21 -92.29
CA PHE I 658 67.60 2.71 -90.92
C PHE I 658 68.81 2.03 -90.37
N ILE I 659 69.01 2.04 -89.07
CA ILE I 659 70.11 1.20 -88.47
C ILE I 659 69.77 -0.31 -88.57
N THR I 660 70.73 -1.19 -88.88
CA THR I 660 70.52 -2.68 -89.00
C THR I 660 70.45 -3.36 -87.63
N GLN I 661 69.39 -4.14 -87.39
CA GLN I 661 69.11 -4.75 -86.06
C GLN I 661 68.47 -6.14 -86.12
N TYR I 662 68.61 -6.95 -85.07
CA TYR I 662 67.98 -8.29 -84.97
C TYR I 662 67.54 -8.49 -83.51
N SER I 663 66.60 -9.41 -83.28
CA SER I 663 66.14 -9.71 -81.89
C SER I 663 66.26 -11.20 -81.52
N THR I 664 66.39 -11.48 -80.22
CA THR I 664 66.47 -12.86 -79.71
C THR I 664 65.71 -12.98 -78.39
N GLY I 665 65.22 -14.17 -78.03
CA GLY I 665 64.52 -14.38 -76.76
C GLY I 665 64.11 -15.82 -76.48
N GLN I 666 63.28 -16.03 -75.47
CA GLN I 666 62.73 -17.36 -75.09
C GLN I 666 61.18 -17.42 -75.19
N VAL I 667 60.64 -18.54 -75.65
CA VAL I 667 59.17 -18.76 -75.73
C VAL I 667 58.76 -20.04 -74.94
N THR I 668 57.70 -19.97 -74.16
CA THR I 668 57.16 -21.14 -73.46
C THR I 668 55.73 -21.46 -73.91
N VAL I 669 55.42 -22.72 -74.26
CA VAL I 669 54.02 -23.16 -74.59
C VAL I 669 53.55 -24.26 -73.61
N GLU I 670 52.39 -24.09 -72.99
CA GLU I 670 51.80 -25.10 -72.06
C GLU I 670 50.46 -25.59 -72.66
N MET I 671 50.30 -26.91 -72.76
CA MET I 671 49.09 -27.52 -73.35
C MET I 671 48.47 -28.59 -72.43
N GLU I 672 47.15 -28.60 -72.35
CA GLU I 672 46.41 -29.63 -71.57
C GLU I 672 45.70 -30.61 -72.53
N TRP I 673 45.78 -31.89 -72.23
CA TRP I 673 45.17 -32.94 -73.08
C TRP I 673 44.23 -33.83 -72.26
N GLU I 674 43.10 -34.22 -72.85
CA GLU I 674 42.15 -35.17 -72.21
C GLU I 674 42.36 -36.58 -72.81
N LEU I 675 42.42 -37.59 -71.97
CA LEU I 675 42.71 -39.00 -72.36
C LEU I 675 41.49 -39.93 -72.22
N LYS I 676 41.32 -40.86 -73.16
CA LYS I 676 40.28 -41.90 -73.01
C LYS I 676 40.96 -43.25 -72.69
N LYS I 677 40.61 -43.84 -71.56
CA LYS I 677 41.16 -45.16 -71.10
C LYS I 677 40.69 -46.41 -71.86
N GLU I 678 41.59 -47.37 -72.05
CA GLU I 678 41.24 -48.69 -72.61
C GLU I 678 40.39 -49.51 -71.62
N ASN I 679 39.38 -50.24 -72.08
CA ASN I 679 38.50 -51.12 -71.25
C ASN I 679 38.43 -52.53 -71.88
N SER I 680 39.52 -53.07 -72.40
CA SER I 680 39.57 -54.37 -73.13
C SER I 680 39.32 -55.66 -72.31
N LYS I 681 38.63 -56.64 -72.87
CA LYS I 681 38.46 -57.98 -72.26
C LYS I 681 39.28 -59.04 -73.01
N ARG I 682 40.18 -58.67 -73.94
CA ARG I 682 41.10 -59.59 -74.68
C ARG I 682 42.12 -60.35 -73.78
N TRP I 683 42.04 -61.68 -73.71
CA TRP I 683 42.92 -62.55 -72.89
C TRP I 683 44.40 -62.59 -73.28
N ASN I 684 44.66 -62.69 -74.57
CA ASN I 684 46.03 -62.78 -75.15
C ASN I 684 46.74 -61.42 -75.17
N PRO I 685 48.09 -61.42 -75.16
CA PRO I 685 48.86 -60.18 -75.29
C PRO I 685 48.80 -59.38 -76.62
N GLU I 686 48.74 -58.06 -76.53
CA GLU I 686 48.72 -57.10 -77.66
C GLU I 686 50.05 -56.66 -78.30
N ILE I 687 50.00 -56.10 -79.50
CA ILE I 687 51.15 -55.43 -80.17
C ILE I 687 51.47 -54.07 -79.49
N GLN I 688 52.76 -53.74 -79.32
CA GLN I 688 53.25 -52.49 -78.67
C GLN I 688 54.43 -51.88 -79.42
N TYR I 689 54.59 -50.56 -79.42
CA TYR I 689 55.81 -49.91 -79.96
C TYR I 689 56.99 -50.18 -78.98
N THR I 690 58.12 -50.61 -79.53
CA THR I 690 59.28 -50.94 -78.70
C THR I 690 60.54 -50.41 -79.33
N ASN I 691 61.57 -50.19 -78.53
CA ASN I 691 62.89 -49.83 -79.08
C ASN I 691 63.55 -51.17 -79.41
N ASN I 692 63.67 -51.51 -80.68
CA ASN I 692 64.15 -52.84 -81.10
C ASN I 692 65.05 -52.66 -82.32
N TYR I 693 66.31 -52.99 -82.19
CA TYR I 693 67.31 -52.74 -83.26
C TYR I 693 68.26 -53.92 -83.24
N ASN I 694 68.78 -54.35 -84.38
CA ASN I 694 69.80 -55.44 -84.37
C ASN I 694 71.21 -54.86 -84.57
N ASP I 695 72.15 -55.12 -83.66
CA ASP I 695 73.57 -54.62 -83.71
C ASP I 695 73.66 -53.09 -83.88
N PRO I 696 72.98 -52.25 -83.07
CA PRO I 696 72.99 -50.80 -83.32
C PRO I 696 74.33 -50.04 -83.23
N GLN I 697 74.58 -49.15 -84.19
CA GLN I 697 75.83 -48.33 -84.20
C GLN I 697 75.61 -46.96 -83.59
N PHE I 698 74.38 -46.62 -83.25
CA PHE I 698 74.02 -45.29 -82.69
C PHE I 698 72.77 -45.50 -81.91
N VAL I 699 72.44 -44.58 -81.03
CA VAL I 699 71.12 -44.62 -80.37
C VAL I 699 70.19 -43.71 -81.18
N ASP I 700 69.05 -44.22 -81.63
CA ASP I 700 67.98 -43.42 -82.28
C ASP I 700 67.32 -42.46 -81.29
N PHE I 701 66.83 -41.30 -81.75
CA PHE I 701 66.22 -40.20 -80.91
C PHE I 701 67.23 -39.63 -79.91
N ALA I 702 68.48 -39.51 -80.33
CA ALA I 702 69.57 -38.97 -79.50
C ALA I 702 70.53 -38.18 -80.38
N PRO I 703 71.36 -37.26 -79.82
CA PRO I 703 72.42 -36.61 -80.59
C PRO I 703 73.60 -37.50 -81.03
N ASP I 704 74.24 -37.18 -82.15
CA ASP I 704 75.44 -37.94 -82.59
C ASP I 704 76.76 -37.30 -82.15
N SER I 705 77.89 -37.79 -82.65
CA SER I 705 79.24 -37.27 -82.27
C SER I 705 79.39 -35.79 -82.68
N THR I 706 78.85 -35.36 -83.82
CA THR I 706 78.78 -33.93 -84.24
C THR I 706 77.74 -33.11 -83.48
N GLY I 707 76.80 -33.71 -82.74
CA GLY I 707 75.70 -32.99 -82.10
C GLY I 707 74.38 -32.89 -82.86
N GLU I 708 74.24 -33.57 -83.98
CA GLU I 708 72.99 -33.57 -84.78
C GLU I 708 72.00 -34.67 -84.32
N TYR I 709 70.74 -34.31 -84.09
CA TYR I 709 69.66 -35.24 -83.65
C TYR I 709 69.29 -36.25 -84.75
N ARG I 710 69.06 -37.50 -84.33
CA ARG I 710 68.71 -38.58 -85.29
C ARG I 710 67.30 -39.08 -85.01
N SER I 711 66.44 -39.13 -86.04
CA SER I 711 65.05 -39.64 -85.94
C SER I 711 64.74 -40.58 -87.12
N THR I 712 65.23 -41.80 -87.14
CA THR I 712 65.08 -42.82 -88.24
C THR I 712 63.65 -43.28 -88.51
N ARG I 713 62.77 -43.41 -87.52
CA ARG I 713 61.43 -44.04 -87.73
C ARG I 713 60.20 -43.12 -87.54
N PRO I 714 59.17 -43.17 -88.41
CA PRO I 714 57.90 -42.49 -88.17
C PRO I 714 57.01 -43.18 -87.12
N ILE I 715 56.36 -42.46 -86.20
CA ILE I 715 55.54 -43.22 -85.19
C ILE I 715 54.05 -42.83 -85.21
N GLY I 716 53.18 -43.81 -85.43
CA GLY I 716 51.72 -43.70 -85.41
C GLY I 716 51.13 -43.95 -84.04
N THR I 717 49.83 -43.81 -83.90
CA THR I 717 49.13 -44.06 -82.62
C THR I 717 48.41 -45.39 -82.47
N ARG I 718 48.25 -46.25 -83.49
CA ARG I 718 47.36 -47.45 -83.33
C ARG I 718 48.09 -48.79 -83.08
N TYR I 719 48.14 -49.22 -81.82
CA TYR I 719 48.80 -50.50 -81.42
C TYR I 719 47.78 -51.37 -80.70
N LEU I 720 46.84 -50.74 -80.00
CA LEU I 720 45.73 -51.43 -79.30
C LEU I 720 44.65 -51.89 -80.29
N THR I 721 43.89 -52.88 -79.90
CA THR I 721 42.87 -53.50 -80.76
C THR I 721 41.53 -53.48 -80.08
N ARG I 722 40.47 -53.29 -80.84
CA ARG I 722 39.09 -53.35 -80.28
C ARG I 722 38.17 -54.16 -81.21
N PRO I 723 37.15 -54.88 -80.69
CA PRO I 723 36.13 -55.51 -81.53
C PRO I 723 35.17 -54.49 -82.18
N LEU I 724 34.62 -54.80 -83.36
CA LEU I 724 33.73 -53.86 -84.09
C LEU I 724 32.41 -53.63 -83.33
N ASP J 209 14.60 -70.27 -53.74
CA ASP J 209 13.88 -70.75 -52.54
C ASP J 209 13.89 -72.28 -52.45
N GLY J 210 13.15 -73.01 -53.29
CA GLY J 210 13.03 -74.46 -53.06
C GLY J 210 12.74 -75.35 -54.24
N VAL J 211 12.90 -76.66 -54.06
CA VAL J 211 12.59 -77.70 -55.08
C VAL J 211 11.08 -77.70 -55.44
N GLY J 212 10.18 -77.50 -54.49
CA GLY J 212 8.72 -77.56 -54.69
C GLY J 212 8.07 -76.25 -55.00
N ASN J 213 8.83 -75.17 -55.12
CA ASN J 213 8.22 -73.82 -55.30
C ASN J 213 8.56 -73.24 -56.67
N ALA J 214 7.57 -72.74 -57.40
CA ALA J 214 7.79 -72.11 -58.72
C ALA J 214 8.42 -70.70 -58.64
N SER J 215 9.48 -70.44 -59.40
CA SER J 215 10.22 -69.16 -59.54
C SER J 215 9.43 -68.02 -60.23
N GLY J 216 8.60 -68.31 -61.21
CA GLY J 216 7.80 -67.31 -61.95
C GLY J 216 6.54 -67.82 -62.61
N ASP J 217 5.76 -66.93 -63.22
CA ASP J 217 4.46 -67.23 -63.91
C ASP J 217 4.45 -66.86 -65.39
N TRP J 218 3.56 -67.47 -66.17
CA TRP J 218 3.41 -67.20 -67.63
C TRP J 218 2.69 -65.88 -67.92
N HIS J 219 3.33 -65.00 -68.67
CA HIS J 219 2.67 -63.75 -69.13
C HIS J 219 2.78 -63.60 -70.65
N CYS J 220 1.67 -63.70 -71.40
CA CYS J 220 1.68 -63.41 -72.85
C CYS J 220 0.53 -62.44 -73.11
N ASP J 221 0.82 -61.17 -73.40
CA ASP J 221 -0.28 -60.16 -73.53
C ASP J 221 0.09 -58.87 -74.28
N SER J 222 -0.90 -58.12 -74.77
CA SER J 222 -0.69 -56.76 -75.33
C SER J 222 -1.62 -55.79 -74.60
N THR J 223 -1.15 -54.63 -74.16
CA THR J 223 -2.01 -53.59 -73.57
C THR J 223 -1.84 -52.29 -74.36
N TRP J 224 -2.93 -51.69 -74.81
CA TRP J 224 -2.91 -50.43 -75.59
C TRP J 224 -3.44 -49.29 -74.72
N MET J 225 -2.64 -48.26 -74.52
CA MET J 225 -3.00 -47.11 -73.66
C MET J 225 -2.71 -45.75 -74.32
N GLY J 226 -3.53 -45.25 -75.24
CA GLY J 226 -3.21 -43.99 -75.96
C GLY J 226 -1.96 -44.08 -76.81
N ASP J 227 -0.96 -43.23 -76.56
CA ASP J 227 0.31 -43.18 -77.32
C ASP J 227 1.25 -44.38 -77.04
N ARG J 228 0.98 -45.21 -76.04
CA ARG J 228 1.88 -46.33 -75.64
C ARG J 228 1.25 -47.72 -75.82
N VAL J 229 2.02 -48.69 -76.31
CA VAL J 229 1.59 -50.11 -76.35
C VAL J 229 2.66 -50.93 -75.59
N VAL J 230 2.25 -51.86 -74.70
CA VAL J 230 3.18 -52.78 -73.98
C VAL J 230 2.99 -54.22 -74.48
N THR J 231 4.06 -54.89 -74.85
CA THR J 231 4.00 -56.31 -75.31
C THR J 231 4.69 -57.25 -74.31
N LYS J 232 4.05 -58.36 -73.93
CA LYS J 232 4.63 -59.40 -73.05
C LYS J 232 4.68 -60.73 -73.82
N SER J 233 5.81 -61.43 -73.79
CA SER J 233 6.01 -62.73 -74.50
C SER J 233 6.68 -63.75 -73.57
N THR J 234 6.14 -64.96 -73.47
CA THR J 234 6.74 -66.06 -72.67
C THR J 234 6.99 -67.28 -73.55
N ARG J 235 8.17 -67.88 -73.44
CA ARG J 235 8.53 -69.12 -74.21
C ARG J 235 9.25 -70.18 -73.35
N THR J 236 9.23 -71.43 -73.78
CA THR J 236 9.98 -72.54 -73.13
C THR J 236 11.20 -72.87 -73.99
N TRP J 237 12.39 -72.95 -73.38
CA TRP J 237 13.68 -73.19 -74.08
C TRP J 237 14.42 -74.45 -73.58
N VAL J 238 15.28 -75.02 -74.43
CA VAL J 238 16.16 -76.15 -74.08
C VAL J 238 17.63 -75.75 -74.33
N LEU J 239 18.55 -76.08 -73.41
CA LEU J 239 20.00 -75.82 -73.61
C LEU J 239 20.86 -77.09 -73.68
N PRO J 240 21.54 -77.34 -74.81
CA PRO J 240 22.53 -78.42 -74.91
C PRO J 240 23.87 -78.13 -74.25
N SER J 241 24.63 -79.15 -73.88
CA SER J 241 26.02 -78.89 -73.42
C SER J 241 26.95 -78.87 -74.65
N TYR J 242 27.21 -77.69 -75.23
CA TYR J 242 27.98 -77.56 -76.50
C TYR J 242 29.48 -77.71 -76.36
N ASN J 243 30.14 -78.48 -77.23
CA ASN J 243 31.62 -78.59 -77.30
C ASN J 243 32.16 -79.51 -76.20
N ASN J 244 31.28 -80.17 -75.44
CA ASN J 244 31.67 -81.03 -74.27
C ASN J 244 32.51 -80.21 -73.27
N HIS J 245 32.12 -78.97 -72.96
CA HIS J 245 32.79 -78.09 -71.95
C HIS J 245 34.14 -77.53 -72.42
N GLN J 246 34.35 -77.39 -73.72
CA GLN J 246 35.66 -76.94 -74.27
C GLN J 246 35.52 -75.78 -75.28
N TYR J 247 36.57 -75.00 -75.48
CA TYR J 247 36.64 -73.90 -76.46
C TYR J 247 37.43 -74.43 -77.63
N ARG J 248 36.93 -74.26 -78.85
CA ARG J 248 37.61 -74.82 -80.04
C ARG J 248 37.99 -73.76 -81.09
N GLU J 249 39.23 -73.83 -81.59
CA GLU J 249 39.62 -72.93 -82.71
C GLU J 249 38.94 -73.42 -84.00
N ILE J 250 38.33 -72.50 -84.74
CA ILE J 250 37.56 -72.81 -85.97
C ILE J 250 38.12 -71.99 -87.13
N LYS J 251 38.14 -72.53 -88.33
CA LYS J 251 38.77 -71.81 -89.47
C LYS J 251 38.25 -72.30 -90.81
N SER J 252 38.32 -71.48 -91.84
CA SER J 252 37.97 -71.94 -93.20
C SER J 252 38.93 -71.41 -94.28
N GLY J 253 39.22 -72.20 -95.31
CA GLY J 253 39.89 -71.75 -96.55
C GLY J 253 38.83 -71.34 -97.59
N SER J 254 39.21 -71.11 -98.84
CA SER J 254 38.28 -70.76 -99.95
C SER J 254 37.27 -71.89 -100.24
N VAL J 255 35.99 -71.57 -100.43
CA VAL J 255 34.92 -72.58 -100.66
C VAL J 255 33.96 -72.05 -101.74
N ASP J 256 33.41 -72.92 -102.59
CA ASP J 256 32.47 -72.55 -103.69
C ASP J 256 33.15 -71.57 -104.65
N GLY J 257 34.46 -71.69 -104.80
CA GLY J 257 35.22 -70.78 -105.66
C GLY J 257 35.58 -69.44 -105.06
N SER J 258 35.31 -69.16 -103.78
CA SER J 258 35.60 -67.78 -103.28
C SER J 258 36.50 -67.68 -102.04
N ASN J 259 37.54 -66.84 -102.09
CA ASN J 259 38.42 -66.50 -100.92
C ASN J 259 37.71 -65.60 -99.89
N ALA J 260 36.61 -64.92 -100.24
CA ALA J 260 35.77 -64.07 -99.34
C ALA J 260 35.17 -64.99 -98.26
N ASN J 261 34.99 -66.27 -98.58
CA ASN J 261 34.55 -67.36 -97.66
C ASN J 261 35.55 -67.65 -96.52
N ALA J 262 36.87 -67.53 -96.70
CA ALA J 262 37.92 -67.80 -95.67
C ALA J 262 37.81 -66.97 -94.39
N TYR J 263 38.02 -67.58 -93.22
CA TYR J 263 37.93 -66.92 -91.89
C TYR J 263 38.78 -67.67 -90.84
N PHE J 264 39.11 -67.00 -89.74
CA PHE J 264 39.78 -67.60 -88.55
C PHE J 264 38.89 -67.21 -87.33
N GLY J 265 38.58 -68.15 -86.43
CA GLY J 265 37.66 -67.91 -85.31
C GLY J 265 37.67 -68.88 -84.13
N TYR J 266 36.84 -68.60 -83.14
CA TYR J 266 36.65 -69.50 -81.96
C TYR J 266 35.18 -69.95 -81.77
N SER J 267 34.96 -71.22 -81.40
CA SER J 267 33.60 -71.73 -81.02
C SER J 267 33.60 -71.89 -79.48
N THR J 268 32.48 -71.65 -78.84
CA THR J 268 32.42 -71.61 -77.35
C THR J 268 31.41 -72.58 -76.77
N PRO J 269 31.57 -72.97 -75.48
CA PRO J 269 30.61 -73.80 -74.75
C PRO J 269 29.23 -73.18 -74.48
N TRP J 270 29.11 -71.85 -74.45
CA TRP J 270 27.90 -71.05 -74.16
C TRP J 270 26.82 -70.95 -75.26
N GLY J 271 25.60 -70.62 -74.85
CA GLY J 271 24.46 -70.34 -75.72
C GLY J 271 23.89 -68.99 -75.40
N TYR J 272 23.14 -68.39 -76.30
CA TYR J 272 22.62 -67.01 -76.11
C TYR J 272 21.13 -66.90 -76.45
N PHE J 273 20.46 -65.89 -75.90
CA PHE J 273 19.03 -65.58 -76.20
C PHE J 273 18.93 -64.40 -77.20
N ASP J 274 18.21 -64.56 -78.31
CA ASP J 274 17.98 -63.53 -79.36
C ASP J 274 16.49 -63.16 -79.48
N PHE J 275 16.15 -61.89 -79.34
CA PHE J 275 14.75 -61.41 -79.53
C PHE J 275 14.62 -60.40 -80.71
N ASN J 276 15.58 -60.26 -81.62
CA ASN J 276 15.49 -59.21 -82.68
C ASN J 276 14.65 -59.66 -83.88
N ARG J 277 13.39 -60.02 -83.69
CA ARG J 277 12.40 -60.31 -84.76
C ARG J 277 11.06 -59.74 -84.23
N PHE J 278 10.25 -59.10 -85.06
CA PHE J 278 8.92 -58.53 -84.68
C PHE J 278 7.89 -59.61 -84.23
N HIS J 279 7.83 -60.77 -84.88
CA HIS J 279 6.89 -61.90 -84.60
C HIS J 279 7.14 -62.45 -83.18
N SER J 280 8.32 -62.27 -82.61
CA SER J 280 8.68 -62.61 -81.22
C SER J 280 7.82 -61.81 -80.22
N HIS J 281 7.53 -60.55 -80.49
CA HIS J 281 6.70 -59.66 -79.63
C HIS J 281 5.27 -59.39 -80.13
N TRP J 282 4.95 -59.64 -81.40
CA TRP J 282 3.66 -59.17 -81.97
C TRP J 282 2.80 -60.28 -82.55
N SER J 283 1.53 -60.33 -82.15
CA SER J 283 0.54 -61.24 -82.77
C SER J 283 0.21 -60.70 -84.17
N PRO J 284 -0.25 -61.55 -85.11
CA PRO J 284 -0.67 -61.06 -86.41
C PRO J 284 -1.84 -60.08 -86.35
N ARG J 285 -2.85 -60.28 -85.50
CA ARG J 285 -3.94 -59.29 -85.30
C ARG J 285 -3.46 -57.95 -84.72
N ASP J 286 -2.56 -57.96 -83.75
CA ASP J 286 -1.96 -56.73 -83.13
C ASP J 286 -1.14 -55.92 -84.15
N TRP J 287 -0.40 -56.60 -85.01
CA TRP J 287 0.36 -55.96 -86.11
C TRP J 287 -0.57 -55.26 -87.12
N GLN J 288 -1.71 -55.86 -87.46
CA GLN J 288 -2.74 -55.26 -88.33
C GLN J 288 -3.35 -54.00 -87.71
N ARG J 289 -3.59 -54.00 -86.42
CA ARG J 289 -4.10 -52.81 -85.71
C ARG J 289 -3.12 -51.64 -85.79
N LEU J 290 -1.82 -51.86 -85.61
CA LEU J 290 -0.80 -50.80 -85.78
C LEU J 290 -0.59 -50.24 -87.21
N ILE J 291 -0.53 -51.09 -88.23
CA ILE J 291 -0.27 -50.69 -89.65
C ILE J 291 -1.44 -49.87 -90.22
N ASN J 292 -2.66 -50.26 -89.88
CA ASN J 292 -3.92 -49.56 -90.27
C ASN J 292 -4.10 -48.16 -89.66
N ASN J 293 -3.69 -47.91 -88.41
CA ASN J 293 -4.04 -46.64 -87.68
C ASN J 293 -2.96 -45.65 -87.27
N TYR J 294 -1.67 -45.89 -87.51
CA TYR J 294 -0.60 -45.01 -86.98
C TYR J 294 0.42 -44.57 -88.02
N TRP J 295 0.86 -43.31 -87.96
CA TRP J 295 1.98 -42.78 -88.81
C TRP J 295 3.37 -43.38 -88.48
N GLY J 296 3.67 -43.61 -87.21
CA GLY J 296 4.99 -44.10 -86.80
C GLY J 296 5.06 -44.82 -85.48
N PHE J 297 6.14 -45.56 -85.25
CA PHE J 297 6.37 -46.26 -83.96
C PHE J 297 7.87 -46.26 -83.60
N ARG J 298 8.24 -46.33 -82.32
CA ARG J 298 9.66 -46.48 -81.86
C ARG J 298 9.77 -47.32 -80.55
N PRO J 299 10.85 -48.11 -80.31
CA PRO J 299 11.09 -48.77 -79.00
C PRO J 299 11.54 -47.87 -77.82
N ARG J 300 11.09 -48.15 -76.59
CA ARG J 300 11.42 -47.32 -75.40
C ARG J 300 12.12 -48.11 -74.30
N SER J 301 11.54 -49.24 -73.88
CA SER J 301 12.09 -50.01 -72.72
C SER J 301 12.05 -51.53 -72.92
N LEU J 302 13.00 -52.24 -72.30
CA LEU J 302 13.03 -53.73 -72.33
C LEU J 302 13.21 -54.35 -70.92
N ARG J 303 12.45 -55.38 -70.56
CA ARG J 303 12.64 -56.16 -69.29
C ARG J 303 12.75 -57.67 -69.62
N VAL J 304 13.76 -58.37 -69.06
CA VAL J 304 13.94 -59.85 -69.27
C VAL J 304 13.97 -60.65 -67.94
N LYS J 305 13.23 -61.76 -67.86
CA LYS J 305 13.28 -62.70 -66.71
C LYS J 305 13.56 -64.16 -67.15
N ILE J 306 14.49 -64.87 -66.49
CA ILE J 306 14.77 -66.33 -66.73
C ILE J 306 14.41 -67.10 -65.44
N PHE J 307 13.60 -68.17 -65.52
CA PHE J 307 12.98 -68.84 -64.33
C PHE J 307 12.58 -70.30 -64.57
N ASN J 308 12.19 -71.04 -63.51
CA ASN J 308 11.72 -72.48 -63.53
C ASN J 308 12.77 -73.42 -64.11
N ILE J 309 14.02 -73.22 -63.72
CA ILE J 309 15.17 -74.00 -64.23
C ILE J 309 15.12 -75.49 -63.83
N GLN J 310 15.43 -76.38 -64.77
CA GLN J 310 15.45 -77.84 -64.52
C GLN J 310 16.69 -78.45 -65.20
N VAL J 311 17.56 -79.09 -64.41
CA VAL J 311 18.80 -79.71 -64.93
C VAL J 311 18.60 -81.23 -64.94
N LYS J 312 18.91 -81.88 -66.06
CA LYS J 312 18.70 -83.33 -66.27
C LYS J 312 20.01 -84.06 -66.59
N GLU J 313 20.20 -85.26 -66.07
CA GLU J 313 21.39 -86.07 -66.37
C GLU J 313 20.98 -87.26 -67.26
N VAL J 314 21.74 -87.51 -68.31
CA VAL J 314 21.42 -88.59 -69.28
C VAL J 314 22.47 -89.68 -69.11
N THR J 315 22.04 -90.92 -68.94
CA THR J 315 22.97 -92.06 -68.75
C THR J 315 22.65 -93.15 -69.72
N VAL J 316 23.67 -93.77 -70.31
CA VAL J 316 23.39 -94.96 -71.18
C VAL J 316 24.06 -96.22 -70.63
N GLN J 317 23.29 -97.29 -70.40
CA GLN J 317 23.91 -98.60 -70.05
C GLN J 317 23.36 -99.61 -71.08
N ASP J 318 24.23 -100.19 -71.90
CA ASP J 318 23.78 -101.25 -72.85
C ASP J 318 22.62 -100.73 -73.71
N SER J 319 22.64 -99.46 -74.13
CA SER J 319 21.62 -98.89 -75.07
C SER J 319 20.27 -98.50 -74.42
N THR J 320 20.11 -98.57 -73.09
CA THR J 320 18.86 -98.10 -72.41
C THR J 320 18.58 -96.60 -72.51
N THR J 321 19.56 -95.70 -72.41
CA THR J 321 19.34 -94.21 -72.39
C THR J 321 18.36 -93.65 -71.33
N THR J 322 18.47 -93.98 -70.04
CA THR J 322 17.66 -93.33 -68.97
C THR J 322 17.94 -91.84 -68.75
N ILE J 323 16.91 -91.04 -68.45
CA ILE J 323 17.04 -89.58 -68.15
C ILE J 323 16.52 -89.27 -66.72
N ALA J 324 17.26 -88.52 -65.91
CA ALA J 324 16.88 -88.20 -64.52
C ALA J 324 17.16 -86.76 -64.11
N ASN J 325 16.43 -86.25 -63.13
CA ASN J 325 16.70 -84.91 -62.55
C ASN J 325 17.96 -84.84 -61.68
N ASN J 326 18.77 -83.80 -61.80
CA ASN J 326 19.87 -83.57 -60.83
C ASN J 326 19.54 -82.27 -60.09
N LEU J 327 19.16 -82.34 -58.82
CA LEU J 327 18.78 -81.18 -57.95
C LEU J 327 19.93 -80.21 -57.63
N THR J 328 21.12 -80.73 -57.42
CA THR J 328 22.28 -79.91 -56.97
C THR J 328 23.08 -79.27 -58.12
N SER J 329 22.78 -79.57 -59.39
CA SER J 329 23.46 -78.96 -60.58
C SER J 329 23.10 -77.48 -60.83
N THR J 330 24.01 -76.72 -61.45
CA THR J 330 23.83 -75.25 -61.66
C THR J 330 23.86 -74.81 -63.12
N VAL J 331 23.26 -73.67 -63.40
CA VAL J 331 23.31 -72.99 -64.72
C VAL J 331 24.01 -71.63 -64.46
N GLN J 332 24.80 -71.12 -65.41
CA GLN J 332 25.51 -69.80 -65.29
C GLN J 332 25.01 -68.75 -66.30
N VAL J 333 24.65 -67.56 -65.85
CA VAL J 333 24.05 -66.48 -66.70
C VAL J 333 24.76 -65.12 -66.53
N PHE J 334 25.01 -64.40 -67.62
CA PHE J 334 25.57 -63.01 -67.58
C PHE J 334 25.10 -62.11 -68.75
N THR J 335 25.17 -60.80 -68.58
CA THR J 335 24.89 -59.81 -69.67
C THR J 335 26.15 -59.01 -69.97
N ASP J 336 26.48 -58.82 -71.26
CA ASP J 336 27.67 -58.01 -71.69
C ASP J 336 27.33 -56.52 -71.79
N ASP J 337 27.25 -55.83 -70.66
CA ASP J 337 26.85 -54.40 -70.56
C ASP J 337 27.78 -53.36 -71.23
N ASP J 338 29.11 -53.53 -71.18
CA ASP J 338 30.11 -52.57 -71.72
C ASP J 338 30.52 -52.89 -73.17
N TYR J 339 29.94 -53.88 -73.82
CA TYR J 339 30.16 -54.22 -75.26
C TYR J 339 31.60 -54.67 -75.53
N GLN J 340 32.24 -55.30 -74.57
CA GLN J 340 33.58 -55.88 -74.70
C GLN J 340 33.62 -57.06 -75.69
N LEU J 341 32.61 -57.89 -75.70
CA LEU J 341 32.50 -59.04 -76.64
C LEU J 341 32.10 -58.66 -78.05
N PRO J 342 32.47 -59.47 -79.06
CA PRO J 342 31.91 -59.26 -80.39
C PRO J 342 30.38 -59.46 -80.42
N TYR J 343 29.61 -58.57 -81.04
CA TYR J 343 28.12 -58.61 -81.04
C TYR J 343 27.60 -59.26 -82.32
N VAL J 344 27.01 -60.44 -82.19
CA VAL J 344 26.57 -61.23 -83.36
C VAL J 344 25.04 -61.16 -83.53
N VAL J 345 24.32 -60.47 -82.65
CA VAL J 345 22.82 -60.42 -82.64
C VAL J 345 22.15 -59.76 -83.88
N GLY J 346 22.70 -58.72 -84.50
CA GLY J 346 22.00 -57.93 -85.56
C GLY J 346 22.28 -58.31 -87.01
N ASN J 347 22.69 -59.53 -87.32
CA ASN J 347 23.17 -60.00 -88.65
C ASN J 347 22.19 -60.94 -89.41
N GLY J 348 20.87 -60.95 -89.12
CA GLY J 348 19.84 -61.80 -89.78
C GLY J 348 19.98 -63.29 -89.63
N THR J 349 20.42 -63.74 -88.47
CA THR J 349 20.65 -65.18 -88.20
C THR J 349 19.50 -65.83 -87.44
N GLU J 350 19.35 -67.13 -87.61
CA GLU J 350 18.32 -67.98 -86.94
C GLU J 350 18.57 -68.26 -85.43
N GLY J 351 17.58 -68.73 -84.69
CA GLY J 351 17.67 -68.94 -83.22
C GLY J 351 16.95 -67.95 -82.34
N CYS J 352 16.16 -67.01 -82.87
CA CYS J 352 15.30 -66.07 -82.08
C CYS J 352 14.08 -66.79 -81.49
N LEU J 353 13.41 -66.17 -80.51
CA LEU J 353 12.19 -66.75 -79.91
C LEU J 353 11.13 -66.93 -81.00
N PRO J 354 10.38 -68.06 -80.96
CA PRO J 354 9.39 -68.34 -82.00
C PRO J 354 8.14 -67.45 -82.15
N ALA J 355 7.60 -67.33 -83.36
CA ALA J 355 6.38 -66.54 -83.66
C ALA J 355 5.16 -67.09 -82.90
N PHE J 356 5.02 -68.41 -82.76
CA PHE J 356 3.84 -69.05 -82.11
C PHE J 356 4.19 -69.38 -80.67
N PRO J 357 3.44 -68.87 -79.65
CA PRO J 357 3.74 -69.08 -78.22
C PRO J 357 3.92 -70.51 -77.67
N PRO J 358 3.14 -71.54 -78.08
CA PRO J 358 3.33 -72.94 -77.69
C PRO J 358 4.62 -73.65 -78.16
N GLN J 359 5.26 -73.18 -79.22
CA GLN J 359 6.48 -73.81 -79.80
C GLN J 359 7.68 -73.77 -78.83
N VAL J 360 8.44 -74.86 -78.77
CA VAL J 360 9.58 -75.01 -77.83
C VAL J 360 10.87 -74.93 -78.65
N PHE J 361 11.86 -74.17 -78.19
CA PHE J 361 13.07 -73.92 -79.03
C PHE J 361 14.45 -74.21 -78.40
N THR J 362 15.38 -74.64 -79.25
CA THR J 362 16.80 -74.80 -78.87
C THR J 362 17.56 -73.49 -78.98
N LEU J 363 18.35 -73.11 -77.96
CA LEU J 363 19.24 -71.91 -78.01
C LEU J 363 20.43 -72.09 -78.97
N PRO J 364 20.77 -71.04 -79.74
CA PRO J 364 21.98 -71.07 -80.57
C PRO J 364 23.34 -71.07 -79.82
N GLN J 365 24.34 -71.76 -80.35
CA GLN J 365 25.72 -71.70 -79.78
C GLN J 365 26.49 -70.43 -80.20
N TYR J 366 27.14 -69.74 -79.25
CA TYR J 366 27.99 -68.54 -79.50
C TYR J 366 29.34 -68.86 -80.18
N GLY J 367 29.75 -68.01 -81.11
CA GLY J 367 31.00 -68.13 -81.87
C GLY J 367 31.28 -66.80 -82.49
N TYR J 368 32.49 -66.59 -83.00
CA TYR J 368 32.88 -65.30 -83.66
C TYR J 368 34.01 -65.50 -84.64
N ALA J 369 34.16 -64.57 -85.57
CA ALA J 369 35.33 -64.53 -86.47
C ALA J 369 36.22 -63.35 -86.10
N THR J 370 37.52 -63.55 -85.97
CA THR J 370 38.53 -62.46 -85.78
C THR J 370 39.23 -62.23 -87.11
N LEU J 371 40.43 -61.68 -87.10
CA LEU J 371 41.26 -61.45 -88.30
C LEU J 371 41.85 -62.73 -88.93
N ASN J 372 42.00 -62.72 -90.25
CA ASN J 372 42.57 -63.86 -91.01
C ASN J 372 43.67 -63.27 -91.90
N ARG J 373 44.69 -64.04 -92.24
CA ARG J 373 45.86 -63.48 -92.99
C ARG J 373 45.83 -63.78 -94.49
N ASP J 374 45.88 -62.76 -95.34
CA ASP J 374 45.95 -62.87 -96.83
C ASP J 374 44.83 -63.69 -97.48
N ASN J 375 43.59 -63.55 -97.02
CA ASN J 375 42.42 -64.32 -97.56
C ASN J 375 42.68 -65.84 -97.45
N THR J 376 43.22 -66.29 -96.32
CA THR J 376 43.53 -67.72 -96.01
C THR J 376 43.01 -68.07 -94.60
N GLU J 377 43.02 -69.35 -94.19
CA GLU J 377 42.53 -69.83 -92.85
C GLU J 377 43.44 -69.44 -91.65
N ASN J 378 44.67 -69.03 -91.89
CA ASN J 378 45.64 -68.61 -90.85
C ASN J 378 45.36 -67.29 -90.15
N PRO J 379 45.69 -67.17 -88.85
CA PRO J 379 45.63 -65.93 -88.07
C PRO J 379 46.76 -64.87 -88.23
N THR J 380 46.58 -63.70 -87.64
CA THR J 380 47.53 -62.55 -87.64
C THR J 380 47.90 -62.25 -86.19
N GLU J 381 48.94 -61.45 -85.95
CA GLU J 381 49.35 -60.97 -84.60
C GLU J 381 48.24 -60.12 -83.96
N ARG J 382 47.53 -59.32 -84.72
CA ARG J 382 46.35 -58.51 -84.27
C ARG J 382 45.14 -59.40 -83.89
N SER J 383 45.05 -60.65 -84.36
CA SER J 383 43.92 -61.57 -84.10
C SER J 383 43.74 -61.82 -82.59
N SER J 384 42.50 -61.82 -82.09
CA SER J 384 42.15 -61.83 -80.64
C SER J 384 41.35 -63.04 -80.14
N PHE J 385 41.66 -63.48 -78.94
CA PHE J 385 40.92 -64.57 -78.26
C PHE J 385 40.17 -63.98 -77.06
N PHE J 386 38.91 -64.32 -76.93
CA PHE J 386 38.09 -63.86 -75.78
C PHE J 386 37.58 -65.04 -74.96
N CYS J 387 37.79 -65.02 -73.63
CA CYS J 387 37.25 -66.02 -72.67
C CYS J 387 35.98 -65.49 -71.96
N LEU J 388 34.85 -66.18 -72.03
CA LEU J 388 33.56 -65.83 -71.34
C LEU J 388 33.66 -66.01 -69.82
N GLU J 389 34.42 -67.01 -69.36
CA GLU J 389 34.59 -67.33 -67.92
C GLU J 389 35.40 -66.23 -67.20
N TYR J 390 36.12 -65.40 -67.94
CA TYR J 390 36.84 -64.21 -67.39
C TYR J 390 35.83 -63.19 -66.84
N PHE J 391 34.68 -62.99 -67.43
CA PHE J 391 33.60 -62.12 -66.90
C PHE J 391 32.92 -62.72 -65.67
N PRO J 392 32.41 -61.91 -64.71
CA PRO J 392 31.54 -62.45 -63.65
C PRO J 392 30.11 -62.94 -64.05
N SER J 393 29.61 -64.07 -63.52
CA SER J 393 28.26 -64.62 -63.84
C SER J 393 27.45 -65.07 -62.62
N LYS J 394 26.12 -64.96 -62.66
CA LYS J 394 25.22 -65.51 -61.62
C LYS J 394 25.14 -67.05 -61.73
N MET J 395 25.11 -67.77 -60.61
CA MET J 395 24.96 -69.26 -60.60
C MET J 395 23.56 -69.64 -60.07
N LEU J 396 22.83 -70.46 -60.83
CA LEU J 396 21.44 -70.81 -60.44
C LEU J 396 21.16 -72.30 -60.28
N ARG J 397 20.58 -72.68 -59.15
CA ARG J 397 20.00 -74.04 -58.94
C ARG J 397 18.49 -73.99 -59.33
N THR J 398 17.74 -75.09 -59.21
CA THR J 398 16.28 -75.22 -59.55
C THR J 398 15.37 -74.19 -58.88
N GLY J 399 15.59 -73.79 -57.63
CA GLY J 399 14.92 -72.69 -56.90
C GLY J 399 15.14 -71.29 -57.43
N ASN J 400 16.32 -70.97 -57.95
CA ASN J 400 16.80 -69.62 -58.39
C ASN J 400 16.24 -69.00 -59.69
N ASN J 401 16.27 -67.69 -59.81
CA ASN J 401 15.78 -66.91 -60.99
C ASN J 401 16.74 -65.76 -61.34
N PHE J 402 16.71 -65.25 -62.58
CA PHE J 402 17.52 -64.08 -63.04
C PHE J 402 16.64 -62.98 -63.67
N GLU J 403 16.92 -61.70 -63.39
CA GLU J 403 16.20 -60.57 -64.04
C GLU J 403 17.14 -59.46 -64.59
N PHE J 404 16.78 -58.81 -65.71
CA PHE J 404 17.53 -57.65 -66.28
C PHE J 404 16.56 -56.53 -66.79
N THR J 405 16.97 -55.26 -66.76
CA THR J 405 16.19 -54.10 -67.30
C THR J 405 17.05 -53.24 -68.23
N TYR J 406 16.51 -52.73 -69.33
CA TYR J 406 17.23 -51.85 -70.29
C TYR J 406 16.38 -50.64 -70.76
N ASN J 407 17.00 -49.50 -71.04
CA ASN J 407 16.32 -48.32 -71.66
C ASN J 407 16.95 -48.02 -73.01
N PHE J 408 16.13 -47.83 -74.03
CA PHE J 408 16.62 -47.50 -75.40
C PHE J 408 17.04 -46.03 -75.45
N GLU J 409 18.04 -45.68 -76.25
CA GLU J 409 18.44 -44.27 -76.51
C GLU J 409 17.39 -43.58 -77.41
N GLU J 410 17.35 -42.25 -77.39
CA GLU J 410 16.43 -41.55 -78.32
C GLU J 410 16.77 -41.89 -79.78
N VAL J 411 15.75 -42.22 -80.55
CA VAL J 411 15.93 -42.67 -81.96
C VAL J 411 14.76 -42.06 -82.74
N PRO J 412 14.89 -41.79 -84.05
CA PRO J 412 13.74 -41.35 -84.85
C PRO J 412 12.64 -42.42 -85.05
N PHE J 413 11.36 -42.03 -85.10
CA PHE J 413 10.23 -42.96 -85.37
C PHE J 413 10.33 -43.55 -86.77
N HIS J 414 10.02 -44.83 -86.96
CA HIS J 414 9.90 -45.43 -88.32
C HIS J 414 8.69 -44.78 -89.03
N SER J 415 8.77 -44.58 -90.34
CA SER J 415 7.66 -43.98 -91.11
C SER J 415 6.71 -45.03 -91.70
N SER J 416 5.55 -45.24 -91.07
CA SER J 416 4.50 -46.18 -91.56
C SER J 416 3.48 -45.45 -92.45
N PHE J 417 3.90 -44.95 -93.60
CA PHE J 417 3.01 -44.22 -94.52
C PHE J 417 3.60 -44.28 -95.93
N ALA J 418 2.75 -44.08 -96.91
CA ALA J 418 3.18 -44.00 -98.32
C ALA J 418 2.89 -42.59 -98.81
N PRO J 419 3.81 -41.96 -99.58
CA PRO J 419 3.53 -40.67 -100.19
C PRO J 419 2.38 -40.59 -101.21
N SER J 420 1.56 -39.55 -101.11
CA SER J 420 0.42 -39.33 -102.05
C SER J 420 0.80 -38.38 -103.21
N GLN J 421 2.03 -37.87 -103.26
CA GLN J 421 2.51 -37.02 -104.37
C GLN J 421 3.88 -37.44 -104.92
N ASN J 422 4.12 -37.26 -106.22
CA ASN J 422 5.43 -37.41 -106.88
C ASN J 422 6.35 -36.23 -106.50
N LEU J 423 7.65 -36.47 -106.31
CA LEU J 423 8.68 -35.45 -105.93
C LEU J 423 8.82 -34.37 -107.02
N PHE J 424 8.72 -34.75 -108.30
CA PHE J 424 8.83 -33.83 -109.46
C PHE J 424 7.48 -33.14 -109.89
N LYS J 425 6.31 -33.40 -109.27
CA LYS J 425 4.97 -32.84 -109.68
C LYS J 425 4.39 -31.87 -108.61
N LEU J 426 5.19 -31.11 -107.86
CA LEU J 426 4.72 -30.26 -106.71
C LEU J 426 4.27 -28.82 -107.07
N ALA J 427 4.53 -28.34 -108.27
CA ALA J 427 4.02 -27.03 -108.73
C ALA J 427 2.50 -27.11 -108.91
N ASN J 428 1.78 -26.00 -108.70
CA ASN J 428 0.32 -25.98 -108.95
C ASN J 428 0.10 -26.27 -110.43
N PRO J 429 -0.84 -27.18 -110.77
CA PRO J 429 -1.17 -27.50 -112.15
C PRO J 429 -1.78 -26.33 -112.98
N LEU J 430 -2.61 -25.46 -112.41
CA LEU J 430 -3.23 -24.22 -112.98
C LEU J 430 -2.28 -23.06 -113.33
N VAL J 431 -1.23 -22.81 -112.56
CA VAL J 431 -0.37 -21.60 -112.73
C VAL J 431 1.02 -21.81 -113.38
N ASP J 432 1.39 -20.96 -114.35
CA ASP J 432 2.75 -20.94 -114.98
C ASP J 432 3.86 -20.39 -114.07
N GLN J 433 5.09 -20.86 -114.25
CA GLN J 433 6.28 -20.33 -113.55
C GLN J 433 6.77 -18.97 -114.10
N TYR J 434 7.38 -18.10 -113.28
CA TYR J 434 8.04 -16.85 -113.77
C TYR J 434 9.50 -17.14 -114.25
N LEU J 435 9.78 -18.35 -114.71
CA LEU J 435 11.16 -18.79 -115.04
C LEU J 435 11.23 -19.30 -116.48
N TYR J 436 12.39 -19.19 -117.10
CA TYR J 436 12.54 -19.51 -118.55
C TYR J 436 13.67 -20.50 -118.78
N ARG J 437 13.59 -21.23 -119.88
CA ARG J 437 14.58 -22.28 -120.22
C ARG J 437 15.11 -22.10 -121.65
N PHE J 438 16.33 -22.57 -121.90
CA PHE J 438 16.91 -22.53 -123.26
C PHE J 438 16.37 -23.70 -124.05
N VAL J 439 15.84 -23.39 -125.23
CA VAL J 439 15.30 -24.46 -126.09
C VAL J 439 15.97 -24.55 -127.46
N SER J 440 16.69 -23.51 -127.89
CA SER J 440 17.11 -23.49 -129.32
C SER J 440 18.25 -22.56 -129.72
N THR J 441 18.81 -22.81 -130.89
CA THR J 441 19.79 -21.90 -131.51
C THR J 441 19.24 -21.63 -132.91
N ASN J 442 19.39 -20.42 -133.46
CA ASN J 442 18.95 -20.06 -134.85
C ASN J 442 19.99 -20.43 -135.94
N ASN J 443 19.76 -20.06 -137.21
CA ASN J 443 20.67 -20.42 -138.35
C ASN J 443 22.05 -19.84 -138.08
N THR J 444 22.18 -18.63 -137.54
CA THR J 444 23.45 -18.12 -137.01
C THR J 444 23.31 -18.65 -135.61
N GLY J 445 24.32 -19.20 -134.96
CA GLY J 445 23.98 -19.92 -133.70
C GLY J 445 23.65 -19.06 -132.50
N GLY J 446 22.51 -18.35 -132.54
CA GLY J 446 22.09 -17.42 -131.47
C GLY J 446 21.07 -18.05 -130.56
N VAL J 447 21.26 -17.95 -129.25
CA VAL J 447 20.40 -18.62 -128.23
C VAL J 447 18.94 -18.13 -128.16
N GLN J 448 18.01 -19.05 -127.92
CA GLN J 448 16.55 -18.73 -127.89
C GLN J 448 15.92 -19.32 -126.62
N PHE J 449 14.87 -18.68 -126.10
CA PHE J 449 14.28 -19.08 -124.80
C PHE J 449 12.75 -19.17 -124.84
N ASN J 450 12.16 -20.01 -123.99
CA ASN J 450 10.68 -20.14 -123.86
C ASN J 450 10.31 -20.16 -122.39
N LYS J 451 9.15 -19.63 -122.04
CA LYS J 451 8.59 -19.66 -120.64
C LYS J 451 8.09 -21.06 -120.24
N ASN J 452 8.11 -21.35 -118.94
CA ASN J 452 7.64 -22.66 -118.42
C ASN J 452 6.14 -22.60 -118.15
N LEU J 453 5.34 -23.41 -118.86
CA LEU J 453 3.85 -23.46 -118.75
C LEU J 453 3.29 -24.31 -117.60
N ALA J 454 2.05 -24.08 -117.22
CA ALA J 454 1.36 -24.85 -116.14
C ALA J 454 1.19 -26.33 -116.47
N GLY J 455 1.56 -27.22 -115.53
CA GLY J 455 1.43 -28.69 -115.66
C GLY J 455 2.51 -29.37 -116.47
N ARG J 456 3.49 -28.63 -117.00
CA ARG J 456 4.59 -29.20 -117.84
C ARG J 456 5.76 -29.66 -116.93
N TYR J 457 5.59 -30.77 -116.20
CA TYR J 457 6.53 -31.31 -115.17
C TYR J 457 7.87 -31.73 -115.79
N ALA J 458 7.86 -32.13 -117.05
CA ALA J 458 9.08 -32.44 -117.80
C ALA J 458 10.02 -31.23 -117.84
N ASN J 459 9.53 -29.99 -117.95
CA ASN J 459 10.35 -28.76 -118.14
C ASN J 459 10.33 -27.73 -117.01
N THR J 460 10.20 -28.07 -115.75
CA THR J 460 9.93 -27.14 -114.63
C THR J 460 11.17 -27.07 -113.76
N TYR J 461 11.46 -25.92 -113.17
CA TYR J 461 12.60 -25.76 -112.22
C TYR J 461 12.27 -26.55 -110.97
N LYS J 462 13.26 -27.22 -110.39
CA LYS J 462 13.03 -28.11 -109.22
C LYS J 462 13.89 -27.77 -108.02
N ASN J 463 13.32 -27.63 -106.83
CA ASN J 463 14.07 -27.49 -105.53
C ASN J 463 14.82 -28.73 -105.03
N TRP J 464 14.27 -29.93 -105.20
CA TRP J 464 14.76 -31.12 -104.49
C TRP J 464 15.03 -32.29 -105.41
N PHE J 465 15.89 -33.18 -104.98
CA PHE J 465 16.38 -34.28 -105.85
C PHE J 465 16.17 -35.61 -105.18
N PRO J 466 16.01 -36.68 -105.98
CA PRO J 466 15.91 -38.04 -105.46
C PRO J 466 17.18 -38.63 -104.85
N GLY J 467 17.03 -39.65 -104.01
CA GLY J 467 18.14 -40.31 -103.29
C GLY J 467 19.08 -41.18 -104.11
N PRO J 468 20.23 -41.59 -103.53
CA PRO J 468 21.26 -42.33 -104.26
C PRO J 468 20.94 -43.72 -104.86
N MET J 469 21.51 -44.02 -106.02
CA MET J 469 21.17 -45.28 -106.73
C MET J 469 22.38 -46.05 -107.29
N GLY J 470 22.37 -47.38 -107.33
CA GLY J 470 23.36 -48.20 -108.07
C GLY J 470 22.62 -49.22 -108.92
N ARG J 471 22.87 -49.38 -110.22
CA ARG J 471 22.04 -50.32 -111.05
C ARG J 471 22.18 -51.82 -110.66
N THR J 472 21.06 -52.55 -110.54
CA THR J 472 20.99 -53.99 -110.19
C THR J 472 20.09 -54.70 -111.18
N GLN J 473 20.41 -55.92 -111.58
CA GLN J 473 19.66 -56.66 -112.64
C GLN J 473 18.20 -56.95 -112.25
N GLY J 474 17.28 -56.85 -113.22
CA GLY J 474 15.86 -57.11 -113.03
C GLY J 474 15.41 -58.43 -113.61
N TRP J 475 14.68 -59.22 -112.83
CA TRP J 475 14.17 -60.55 -113.26
C TRP J 475 12.64 -60.61 -113.18
N ASN J 476 12.00 -61.12 -114.22
CA ASN J 476 10.52 -61.28 -114.26
C ASN J 476 10.05 -62.45 -113.39
N LEU J 477 8.87 -62.33 -112.80
CA LEU J 477 8.27 -63.35 -111.90
C LEU J 477 6.90 -63.70 -112.49
N GLY J 478 6.30 -64.83 -112.12
CA GLY J 478 5.02 -65.24 -112.73
C GLY J 478 5.13 -65.54 -114.21
N SER J 479 4.38 -64.83 -115.05
CA SER J 479 4.43 -65.05 -116.52
C SER J 479 5.86 -64.75 -117.01
N GLY J 480 6.53 -63.70 -116.52
CA GLY J 480 7.99 -63.59 -116.79
C GLY J 480 8.44 -63.51 -118.21
N VAL J 481 9.30 -64.42 -118.65
CA VAL J 481 9.96 -64.41 -120.02
C VAL J 481 11.48 -64.10 -119.91
N ASN J 482 12.13 -64.41 -118.80
CA ASN J 482 13.62 -64.26 -118.56
C ASN J 482 14.54 -65.23 -119.32
N ARG J 483 15.84 -64.90 -119.47
CA ARG J 483 16.87 -65.77 -120.15
C ARG J 483 17.16 -67.11 -119.46
N ALA J 484 17.30 -68.19 -120.23
CA ALA J 484 17.46 -69.59 -119.74
C ALA J 484 18.87 -70.04 -119.33
N SER J 485 18.95 -71.01 -118.40
CA SER J 485 20.22 -71.68 -118.01
C SER J 485 21.33 -70.74 -117.50
N VAL J 486 20.99 -69.76 -116.68
CA VAL J 486 21.98 -68.75 -116.21
C VAL J 486 22.57 -69.11 -114.83
N SER J 487 23.89 -68.95 -114.66
CA SER J 487 24.49 -69.05 -113.30
C SER J 487 24.65 -67.60 -112.85
N ALA J 488 23.98 -67.18 -111.79
CA ALA J 488 23.92 -65.78 -111.30
C ALA J 488 25.22 -65.11 -110.80
N PHE J 489 26.14 -65.80 -110.11
CA PHE J 489 27.25 -65.17 -109.33
C PHE J 489 28.26 -64.27 -110.08
N ALA J 490 28.71 -64.60 -111.29
CA ALA J 490 29.71 -63.80 -112.03
C ALA J 490 29.19 -62.39 -112.33
N THR J 491 27.90 -62.23 -112.63
CA THR J 491 27.30 -60.94 -113.03
C THR J 491 26.64 -60.19 -111.87
N THR J 492 26.73 -60.67 -110.63
CA THR J 492 26.17 -60.00 -109.43
C THR J 492 26.93 -58.75 -108.99
N ASN J 493 26.28 -57.83 -108.29
CA ASN J 493 26.91 -56.60 -107.72
C ASN J 493 27.90 -56.94 -106.61
N ARG J 494 29.03 -56.24 -106.55
CA ARG J 494 30.10 -56.58 -105.57
C ARG J 494 30.83 -55.37 -105.02
N MET J 495 31.41 -55.47 -103.83
CA MET J 495 32.30 -54.43 -103.25
C MET J 495 33.61 -55.16 -102.88
N GLU J 496 34.78 -54.51 -103.01
CA GLU J 496 36.10 -55.14 -102.76
C GLU J 496 36.67 -54.72 -101.39
N LEU J 497 37.00 -55.65 -100.49
CA LEU J 497 37.66 -55.34 -99.19
C LEU J 497 38.89 -56.22 -99.00
N GLU J 498 40.05 -55.68 -98.64
CA GLU J 498 41.29 -56.44 -98.27
C GLU J 498 41.73 -57.45 -99.34
N GLY J 499 41.61 -57.16 -100.63
CA GLY J 499 41.92 -58.14 -101.67
C GLY J 499 40.85 -59.18 -102.02
N ALA J 500 39.63 -59.11 -101.50
CA ALA J 500 38.59 -60.09 -101.92
C ALA J 500 37.31 -59.41 -102.43
N SER J 501 36.55 -60.06 -103.32
CA SER J 501 35.26 -59.53 -103.87
C SER J 501 34.09 -60.11 -103.07
N TYR J 502 33.22 -59.23 -102.59
CA TYR J 502 32.08 -59.69 -101.75
C TYR J 502 30.75 -59.29 -102.33
N GLN J 503 29.82 -60.23 -102.37
CA GLN J 503 28.42 -59.86 -102.67
C GLN J 503 27.90 -59.07 -101.47
N VAL J 504 27.09 -58.07 -101.70
CA VAL J 504 26.50 -57.19 -100.64
C VAL J 504 25.00 -57.31 -100.94
N PRO J 505 24.36 -58.44 -100.55
CA PRO J 505 23.01 -58.77 -100.97
C PRO J 505 21.90 -57.82 -100.62
N PRO J 506 21.77 -57.11 -99.48
CA PRO J 506 20.75 -56.07 -99.40
C PRO J 506 21.53 -54.94 -100.10
N GLN J 507 20.98 -54.23 -101.06
CA GLN J 507 21.79 -53.08 -101.58
C GLN J 507 21.68 -51.90 -100.58
N PRO J 508 22.48 -50.80 -100.66
CA PRO J 508 22.31 -49.61 -99.81
C PRO J 508 20.98 -48.79 -100.01
N ASN J 509 20.43 -48.10 -99.00
CA ASN J 509 19.12 -47.37 -99.06
C ASN J 509 18.93 -46.25 -100.12
N GLY J 510 17.68 -45.92 -100.50
CA GLY J 510 17.31 -44.89 -101.51
C GLY J 510 16.81 -45.38 -102.84
N MET J 511 16.59 -46.68 -102.99
CA MET J 511 16.04 -47.22 -104.25
C MET J 511 14.73 -48.01 -104.06
N THR J 512 14.01 -48.26 -105.14
CA THR J 512 12.84 -49.19 -105.13
C THR J 512 13.12 -50.39 -106.04
N ASN J 513 12.98 -51.62 -105.56
CA ASN J 513 13.07 -52.91 -106.33
C ASN J 513 11.95 -53.16 -107.38
N ASN J 514 10.69 -52.80 -107.12
CA ASN J 514 9.54 -53.13 -108.01
C ASN J 514 8.70 -51.88 -108.32
N LEU J 515 8.29 -51.67 -109.56
CA LEU J 515 7.40 -50.52 -109.96
C LEU J 515 5.92 -50.49 -109.43
N GLN J 516 5.13 -51.55 -109.38
CA GLN J 516 3.67 -51.59 -109.00
C GLN J 516 2.97 -52.23 -110.20
N GLY J 517 2.05 -53.16 -109.97
CA GLY J 517 1.68 -53.94 -111.16
C GLY J 517 3.00 -54.61 -111.45
N SER J 518 3.62 -54.42 -112.60
CA SER J 518 4.93 -55.02 -113.01
C SER J 518 5.43 -56.29 -112.30
N ASN J 519 5.96 -57.20 -113.09
CA ASN J 519 6.51 -58.47 -112.56
C ASN J 519 8.04 -58.44 -112.59
N THR J 520 8.64 -57.28 -112.86
CA THR J 520 10.11 -57.12 -112.79
C THR J 520 10.54 -56.75 -111.37
N TYR J 521 11.51 -57.50 -110.85
CA TYR J 521 12.04 -57.28 -109.49
C TYR J 521 13.51 -57.27 -109.56
N ALA J 522 14.13 -56.36 -108.84
CA ALA J 522 15.59 -56.45 -108.74
C ALA J 522 15.86 -57.35 -107.52
N LEU J 523 16.24 -58.61 -107.73
CA LEU J 523 16.36 -59.67 -106.68
C LEU J 523 17.41 -59.38 -105.58
N GLU J 524 18.54 -58.78 -105.93
CA GLU J 524 19.60 -58.44 -104.95
C GLU J 524 19.25 -57.17 -104.14
N ASN J 525 18.17 -56.46 -104.45
CA ASN J 525 17.66 -55.32 -103.64
C ASN J 525 16.45 -55.75 -102.79
N THR J 526 16.10 -57.02 -102.73
CA THR J 526 14.86 -57.48 -102.03
C THR J 526 15.14 -58.41 -100.88
N MET J 527 14.45 -58.24 -99.76
CA MET J 527 14.47 -59.23 -98.65
C MET J 527 13.68 -60.47 -99.07
N ILE J 528 14.28 -61.65 -99.03
CA ILE J 528 13.61 -62.94 -99.36
C ILE J 528 13.53 -63.83 -98.10
N PHE J 529 12.36 -64.37 -97.81
CA PHE J 529 12.10 -65.16 -96.57
C PHE J 529 11.42 -66.46 -96.92
N ASN J 530 11.46 -67.44 -96.02
CA ASN J 530 10.75 -68.73 -96.18
C ASN J 530 9.54 -68.74 -95.24
N SER J 531 8.37 -69.21 -95.69
CA SER J 531 7.17 -69.36 -94.83
C SER J 531 7.42 -70.34 -93.68
N GLN J 532 8.14 -71.44 -93.96
CA GLN J 532 8.45 -72.50 -92.96
C GLN J 532 9.92 -72.47 -92.56
N PRO J 533 10.29 -72.82 -91.30
CA PRO J 533 11.69 -72.95 -90.90
C PRO J 533 12.40 -74.12 -91.58
N ALA J 534 13.71 -74.00 -91.76
CA ALA J 534 14.49 -75.01 -92.51
C ALA J 534 15.54 -75.72 -91.66
N ASN J 535 15.87 -76.94 -92.05
CA ASN J 535 16.96 -77.71 -91.39
C ASN J 535 18.32 -77.07 -91.70
N PRO J 536 19.30 -77.12 -90.78
CA PRO J 536 20.62 -76.58 -91.04
C PRO J 536 21.44 -77.23 -92.17
N GLY J 537 22.11 -76.41 -92.99
CA GLY J 537 22.99 -76.90 -94.06
C GLY J 537 22.29 -77.31 -95.33
N THR J 538 21.01 -77.04 -95.47
CA THR J 538 20.26 -77.47 -96.66
C THR J 538 20.87 -76.85 -97.92
N THR J 539 21.01 -77.62 -98.99
CA THR J 539 21.51 -77.12 -100.29
C THR J 539 20.41 -77.25 -101.34
N ALA J 540 19.16 -77.51 -100.93
CA ALA J 540 18.00 -77.69 -101.85
C ALA J 540 17.64 -76.45 -102.69
N THR J 541 17.27 -76.64 -103.96
CA THR J 541 16.76 -75.53 -104.80
C THR J 541 15.36 -75.15 -104.36
N TYR J 542 15.05 -73.86 -104.37
CA TYR J 542 13.69 -73.37 -104.04
C TYR J 542 13.14 -72.56 -105.19
N LEU J 543 11.94 -72.88 -105.61
CA LEU J 543 11.20 -72.07 -106.62
C LEU J 543 10.47 -70.88 -105.96
N GLU J 544 9.92 -69.98 -106.75
CA GLU J 544 9.24 -68.73 -106.29
C GLU J 544 8.01 -68.99 -105.39
N GLY J 545 7.23 -70.03 -105.66
CA GLY J 545 6.01 -70.35 -104.88
C GLY J 545 6.32 -70.63 -103.43
N ASN J 546 7.41 -71.33 -103.12
CA ASN J 546 7.88 -71.51 -101.71
C ASN J 546 8.29 -70.19 -101.05
N MET J 547 8.90 -69.25 -101.76
CA MET J 547 9.49 -68.03 -101.15
C MET J 547 8.51 -66.88 -100.83
N LEU J 548 8.84 -66.06 -99.83
CA LEU J 548 8.05 -64.84 -99.54
C LEU J 548 8.90 -63.67 -100.05
N ILE J 549 8.44 -62.95 -101.09
CA ILE J 549 9.26 -61.87 -101.73
C ILE J 549 8.61 -60.50 -101.49
N THR J 550 9.34 -59.58 -100.89
CA THR J 550 8.89 -58.21 -100.56
C THR J 550 8.94 -57.23 -101.75
N SER J 551 8.11 -56.19 -101.71
CA SER J 551 8.07 -55.13 -102.74
C SER J 551 8.17 -53.78 -102.03
N GLU J 552 8.87 -52.81 -102.61
CA GLU J 552 9.07 -51.46 -102.04
C GLU J 552 8.31 -50.43 -102.91
N SER J 553 7.28 -50.83 -103.66
CA SER J 553 6.55 -50.01 -104.66
C SER J 553 5.91 -48.74 -104.07
N GLU J 554 5.59 -48.69 -102.78
CA GLU J 554 5.03 -47.50 -102.07
C GLU J 554 6.02 -46.31 -102.12
N THR J 555 7.33 -46.53 -102.07
CA THR J 555 8.39 -45.49 -102.05
C THR J 555 8.75 -44.98 -103.45
N GLN J 556 8.14 -45.48 -104.52
CA GLN J 556 8.45 -45.14 -105.93
C GLN J 556 8.24 -43.64 -106.24
N PRO J 557 7.24 -42.90 -105.69
CA PRO J 557 7.17 -41.44 -105.85
C PRO J 557 8.44 -40.65 -105.47
N VAL J 558 9.27 -41.08 -104.51
CA VAL J 558 10.62 -40.49 -104.17
C VAL J 558 11.85 -41.39 -104.38
N ASN J 559 11.74 -42.66 -104.76
CA ASN J 559 12.94 -43.55 -104.82
C ASN J 559 13.12 -44.04 -106.24
N ARG J 560 14.33 -43.95 -106.75
CA ARG J 560 14.64 -44.39 -108.14
C ARG J 560 14.58 -45.93 -108.27
N VAL J 561 14.18 -46.42 -109.43
CA VAL J 561 14.15 -47.88 -109.72
C VAL J 561 15.56 -48.47 -109.94
N ALA J 562 15.91 -49.58 -109.27
CA ALA J 562 17.22 -50.26 -109.33
C ALA J 562 17.59 -50.84 -110.69
N TYR J 563 16.64 -51.46 -111.39
CA TYR J 563 16.88 -52.09 -112.72
C TYR J 563 17.24 -51.02 -113.81
N ASN J 564 16.64 -49.85 -113.77
CA ASN J 564 16.84 -48.76 -114.79
C ASN J 564 18.09 -47.89 -114.59
N VAL J 565 18.58 -47.20 -115.63
CA VAL J 565 19.66 -46.16 -115.54
C VAL J 565 19.16 -44.92 -114.77
N GLY J 566 20.00 -44.26 -113.97
CA GLY J 566 19.69 -43.03 -113.18
C GLY J 566 19.36 -41.73 -113.90
N GLY J 567 20.04 -41.39 -115.00
CA GLY J 567 19.87 -40.09 -115.67
C GLY J 567 20.93 -39.88 -116.73
N GLN J 568 21.06 -38.67 -117.28
CA GLN J 568 22.08 -38.33 -118.31
C GLN J 568 22.84 -37.03 -117.94
N MET J 569 24.12 -36.90 -118.33
CA MET J 569 24.97 -35.70 -118.11
C MET J 569 25.76 -35.36 -119.39
N ALA J 570 26.24 -34.12 -119.57
CA ALA J 570 27.05 -33.68 -120.74
C ALA J 570 28.44 -34.34 -120.84
N THR J 571 28.84 -34.74 -122.04
CA THR J 571 30.12 -35.44 -122.27
C THR J 571 31.07 -34.65 -123.18
N ASN J 572 30.75 -33.43 -123.59
CA ASN J 572 31.54 -32.71 -124.63
C ASN J 572 31.33 -31.21 -124.53
N ASN J 573 32.08 -30.45 -125.32
CA ASN J 573 31.84 -29.00 -125.47
C ASN J 573 31.32 -28.77 -126.89
N GLN J 574 30.17 -28.10 -127.05
CA GLN J 574 29.57 -27.76 -128.37
C GLN J 574 30.41 -26.66 -129.07
N SER J 575 30.40 -26.64 -130.39
CA SER J 575 31.15 -25.64 -131.20
C SER J 575 30.43 -25.55 -132.55
N SER J 576 30.76 -24.59 -133.40
CA SER J 576 30.14 -24.59 -134.74
C SER J 576 30.49 -25.89 -135.46
N THR J 577 31.73 -26.39 -135.37
CA THR J 577 32.13 -27.71 -135.88
C THR J 577 31.46 -28.89 -135.17
N THR J 578 31.27 -28.84 -133.85
CA THR J 578 30.78 -30.02 -133.09
C THR J 578 29.39 -29.90 -132.47
N ALA J 579 28.51 -30.87 -132.73
CA ALA J 579 27.18 -30.95 -132.09
C ALA J 579 27.27 -31.35 -130.62
N PRO J 580 26.35 -30.89 -129.75
CA PRO J 580 26.33 -31.32 -128.34
C PRO J 580 26.00 -32.81 -128.09
N ALA J 581 26.58 -33.43 -127.07
CA ALA J 581 26.42 -34.87 -126.76
C ALA J 581 26.12 -35.15 -125.27
N THR J 582 25.39 -36.22 -124.97
CA THR J 582 25.09 -36.62 -123.58
C THR J 582 25.44 -38.07 -123.33
N GLY J 583 25.65 -38.45 -122.07
CA GLY J 583 25.85 -39.87 -121.74
C GLY J 583 25.05 -40.31 -120.53
N THR J 584 24.51 -41.54 -120.53
CA THR J 584 23.81 -42.12 -119.33
C THR J 584 24.77 -42.56 -118.23
N TYR J 585 24.34 -42.53 -116.98
CA TYR J 585 25.13 -43.02 -115.82
C TYR J 585 24.40 -44.22 -115.11
N ASN J 586 25.13 -45.23 -114.59
CA ASN J 586 24.55 -46.43 -113.91
C ASN J 586 24.62 -46.30 -112.37
N LEU J 587 25.34 -45.30 -111.86
CA LEU J 587 25.45 -45.08 -110.39
C LEU J 587 25.51 -43.59 -110.03
N GLN J 588 24.95 -43.18 -108.91
CA GLN J 588 25.09 -41.80 -108.39
C GLN J 588 25.02 -41.88 -106.86
N GLU J 589 25.59 -40.93 -106.15
CA GLU J 589 25.67 -40.96 -104.67
C GLU J 589 25.04 -39.68 -104.16
N ILE J 590 25.11 -39.41 -102.86
CA ILE J 590 24.43 -38.25 -102.22
C ILE J 590 24.87 -36.89 -102.76
N VAL J 591 23.90 -36.01 -102.95
CA VAL J 591 24.11 -34.63 -103.47
C VAL J 591 23.34 -33.73 -102.48
N PRO J 592 23.71 -32.46 -102.30
CA PRO J 592 22.91 -31.56 -101.45
C PRO J 592 21.48 -31.35 -101.97
N GLY J 593 20.47 -31.29 -101.09
CA GLY J 593 19.04 -31.24 -101.50
C GLY J 593 18.41 -32.58 -101.78
N SER J 594 19.12 -33.68 -101.52
CA SER J 594 18.65 -35.09 -101.69
C SER J 594 17.59 -35.52 -100.65
N VAL J 595 16.53 -36.19 -101.10
CA VAL J 595 15.44 -36.72 -100.22
C VAL J 595 15.19 -38.19 -100.60
N TRP J 596 14.92 -39.05 -99.63
CA TRP J 596 14.60 -40.50 -99.88
C TRP J 596 13.80 -41.11 -98.72
N MET J 597 13.23 -42.28 -98.96
CA MET J 597 12.56 -43.08 -97.91
C MET J 597 13.38 -44.34 -97.57
N GLU J 598 13.56 -44.65 -96.29
CA GLU J 598 14.24 -45.89 -95.82
C GLU J 598 13.39 -47.14 -96.05
N ARG J 599 14.01 -48.31 -96.08
CA ARG J 599 13.31 -49.61 -96.25
C ARG J 599 12.27 -49.91 -95.15
N ASP J 600 11.15 -50.52 -95.53
CA ASP J 600 10.06 -50.90 -94.60
C ASP J 600 10.38 -52.08 -93.68
N VAL J 601 9.86 -52.06 -92.48
CA VAL J 601 9.93 -53.23 -91.54
C VAL J 601 8.86 -54.29 -91.86
N TYR J 602 9.10 -55.53 -91.49
CA TYR J 602 8.17 -56.67 -91.73
C TYR J 602 7.96 -57.38 -90.40
N LEU J 603 6.83 -58.06 -90.22
CA LEU J 603 6.58 -58.86 -88.98
C LEU J 603 7.62 -60.01 -88.87
N GLN J 604 7.96 -60.68 -89.96
CA GLN J 604 9.04 -61.70 -90.09
C GLN J 604 10.46 -61.11 -89.88
N GLY J 605 10.68 -59.82 -90.15
CA GLY J 605 11.98 -59.13 -90.04
C GLY J 605 12.57 -58.67 -88.72
N PRO J 606 13.87 -58.27 -88.72
CA PRO J 606 14.54 -57.65 -87.56
C PRO J 606 14.28 -56.22 -87.05
N ILE J 607 14.16 -55.97 -85.75
CA ILE J 607 14.07 -54.59 -85.15
C ILE J 607 15.35 -53.70 -85.16
N TRP J 608 16.53 -54.19 -84.81
CA TRP J 608 17.71 -53.32 -84.61
C TRP J 608 19.03 -53.88 -85.13
N ALA J 609 20.03 -53.02 -85.29
CA ALA J 609 21.42 -53.40 -85.64
C ALA J 609 22.36 -52.52 -84.85
N LYS J 610 23.54 -53.03 -84.49
CA LYS J 610 24.58 -52.23 -83.81
C LYS J 610 25.42 -51.42 -84.80
N ILE J 611 25.58 -50.12 -84.55
CA ILE J 611 26.50 -49.28 -85.37
C ILE J 611 27.96 -49.70 -85.04
N PRO J 612 28.83 -49.95 -86.04
CA PRO J 612 30.22 -50.31 -85.78
C PRO J 612 31.11 -49.18 -85.25
N GLU J 613 32.04 -49.47 -84.35
CA GLU J 613 32.85 -48.38 -83.73
C GLU J 613 34.15 -48.11 -84.52
N THR J 614 34.16 -47.08 -85.37
CA THR J 614 35.32 -46.72 -86.21
C THR J 614 35.73 -45.30 -85.90
N GLY J 615 34.85 -44.54 -85.28
CA GLY J 615 35.02 -43.10 -85.06
C GLY J 615 34.48 -42.23 -86.19
N ALA J 616 34.07 -42.80 -87.34
CA ALA J 616 33.44 -42.02 -88.44
C ALA J 616 32.30 -42.77 -89.13
N HIS J 617 31.16 -42.15 -89.35
CA HIS J 617 30.03 -42.78 -90.08
C HIS J 617 29.13 -41.72 -90.71
N PHE J 618 28.33 -42.11 -91.71
CA PHE J 618 27.31 -41.20 -92.29
C PHE J 618 25.92 -41.82 -92.23
N HIS J 619 24.90 -41.11 -91.74
CA HIS J 619 23.46 -41.53 -91.79
C HIS J 619 23.27 -42.99 -91.38
N PRO J 620 23.11 -43.28 -90.08
CA PRO J 620 23.18 -44.67 -89.61
C PRO J 620 21.92 -45.54 -89.52
N SER J 621 21.38 -45.82 -90.68
CA SER J 621 20.17 -46.66 -90.79
C SER J 621 20.59 -47.98 -91.44
N PRO J 622 20.33 -49.16 -90.82
CA PRO J 622 20.78 -50.42 -91.41
C PRO J 622 20.08 -50.85 -92.71
N ALA J 623 20.80 -51.50 -93.63
CA ALA J 623 20.27 -51.87 -94.96
C ALA J 623 19.09 -52.88 -94.93
N MET J 624 19.12 -53.88 -94.06
CA MET J 624 18.03 -54.88 -93.88
C MET J 624 16.75 -54.19 -93.39
N GLY J 625 16.87 -53.14 -92.60
CA GLY J 625 15.72 -52.38 -92.04
C GLY J 625 15.86 -52.17 -90.55
N GLY J 626 14.99 -51.39 -89.94
CA GLY J 626 15.01 -51.17 -88.49
C GLY J 626 15.77 -49.99 -87.92
N PHE J 627 16.15 -50.08 -86.66
CA PHE J 627 16.78 -48.98 -85.89
C PHE J 627 18.26 -49.24 -85.65
N GLY J 628 19.10 -48.25 -85.97
CA GLY J 628 20.55 -48.36 -85.77
C GLY J 628 20.93 -47.79 -84.44
N LEU J 629 21.57 -48.57 -83.60
CA LEU J 629 21.85 -48.13 -82.21
C LEU J 629 23.33 -48.14 -81.85
N LYS J 630 23.84 -47.05 -81.29
CA LYS J 630 25.21 -47.02 -80.72
C LYS J 630 25.33 -47.96 -79.51
N HIS J 631 24.33 -47.98 -78.65
CA HIS J 631 24.31 -48.87 -77.45
C HIS J 631 23.08 -49.77 -77.51
N PRO J 632 23.20 -50.92 -78.20
CA PRO J 632 22.10 -51.87 -78.38
C PRO J 632 21.70 -52.72 -77.16
N PRO J 633 20.51 -53.34 -77.13
CA PRO J 633 20.19 -54.19 -76.00
C PRO J 633 21.28 -55.27 -75.91
N PRO J 634 21.85 -55.53 -74.72
CA PRO J 634 23.02 -56.42 -74.59
C PRO J 634 22.94 -57.93 -74.77
N MET J 635 24.05 -58.55 -75.18
CA MET J 635 24.15 -60.03 -75.32
C MET J 635 23.92 -60.76 -73.98
N MET J 636 23.06 -61.77 -73.99
CA MET J 636 22.72 -62.57 -72.79
C MET J 636 23.24 -64.00 -73.02
N LEU J 637 24.12 -64.47 -72.15
CA LEU J 637 24.83 -65.75 -72.34
C LEU J 637 24.54 -66.74 -71.20
N ILE J 638 24.26 -67.99 -71.55
CA ILE J 638 23.94 -69.05 -70.57
C ILE J 638 24.78 -70.32 -70.84
N LYS J 639 25.29 -70.94 -69.79
CA LYS J 639 26.01 -72.23 -69.96
C LYS J 639 25.63 -73.25 -68.85
N ASN J 640 25.80 -74.52 -69.13
CA ASN J 640 25.67 -75.57 -68.09
C ASN J 640 27.03 -75.72 -67.39
N THR J 641 27.07 -75.69 -66.06
CA THR J 641 28.32 -75.90 -65.30
C THR J 641 28.86 -77.31 -65.49
N PRO J 642 30.17 -77.49 -65.77
CA PRO J 642 30.78 -78.81 -65.83
C PRO J 642 30.64 -79.62 -64.53
N VAL J 643 30.13 -80.82 -64.66
CA VAL J 643 30.06 -81.72 -63.47
C VAL J 643 30.94 -82.94 -63.80
N PRO J 644 32.01 -83.16 -63.02
CA PRO J 644 32.92 -84.29 -63.26
C PRO J 644 32.52 -85.75 -63.04
N GLY J 645 33.04 -86.68 -63.84
CA GLY J 645 32.90 -88.14 -63.69
C GLY J 645 33.86 -88.66 -62.63
N ASN J 646 33.81 -89.94 -62.25
CA ASN J 646 34.63 -90.41 -61.10
C ASN J 646 36.13 -90.33 -61.38
N ILE J 647 36.88 -89.67 -60.49
CA ILE J 647 38.36 -89.54 -60.65
C ILE J 647 38.98 -90.15 -59.37
N THR J 648 39.89 -91.09 -59.52
CA THR J 648 40.46 -91.82 -58.34
C THR J 648 41.91 -91.46 -58.10
N SER J 649 42.57 -90.78 -59.02
CA SER J 649 44.03 -90.48 -58.91
C SER J 649 44.32 -89.02 -59.25
N PHE J 650 45.38 -88.43 -58.70
CA PHE J 650 45.82 -87.05 -59.02
C PHE J 650 46.57 -86.91 -60.37
N SER J 651 46.24 -85.86 -61.14
CA SER J 651 47.07 -85.51 -62.32
C SER J 651 47.13 -83.99 -62.43
N ASP J 652 48.27 -83.45 -62.87
CA ASP J 652 48.39 -82.01 -63.27
C ASP J 652 47.52 -81.78 -64.52
N VAL J 653 47.43 -82.76 -65.42
CA VAL J 653 46.63 -82.66 -66.67
C VAL J 653 45.15 -82.47 -66.35
N PRO J 654 44.44 -81.50 -66.99
CA PRO J 654 43.03 -81.23 -66.74
C PRO J 654 42.02 -82.35 -67.04
N VAL J 655 40.97 -82.44 -66.23
CA VAL J 655 39.95 -83.50 -66.41
C VAL J 655 39.19 -83.33 -67.73
N SER J 656 39.04 -84.44 -68.46
CA SER J 656 38.32 -84.49 -69.73
C SER J 656 37.06 -85.37 -69.61
N SER J 657 36.76 -85.91 -68.43
CA SER J 657 35.62 -86.85 -68.25
C SER J 657 34.54 -86.19 -67.38
N PHE J 658 33.33 -86.07 -67.93
CA PHE J 658 32.24 -85.33 -67.26
C PHE J 658 30.95 -86.08 -67.38
N ILE J 659 30.04 -85.93 -66.43
CA ILE J 659 28.66 -86.51 -66.62
C ILE J 659 27.88 -85.74 -67.70
N THR J 660 27.10 -86.41 -68.57
CA THR J 660 26.29 -85.78 -69.66
C THR J 660 25.00 -85.15 -69.13
N GLN J 661 24.76 -83.86 -69.44
CA GLN J 661 23.64 -83.08 -68.86
C GLN J 661 23.02 -82.06 -69.84
N TYR J 662 21.77 -81.66 -69.63
CA TYR J 662 21.08 -80.63 -70.45
C TYR J 662 20.20 -79.80 -69.51
N SER J 663 19.83 -78.59 -69.93
CA SER J 663 18.93 -77.73 -69.10
C SER J 663 17.68 -77.26 -69.85
N THR J 664 16.61 -76.97 -69.11
CA THR J 664 15.35 -76.47 -69.68
C THR J 664 14.74 -75.40 -68.77
N GLY J 665 13.93 -74.48 -69.29
CA GLY J 665 13.27 -73.45 -68.48
C GLY J 665 12.31 -72.55 -69.24
N GLN J 666 11.87 -71.47 -68.61
CA GLN J 666 10.98 -70.44 -69.23
C GLN J 666 11.63 -69.03 -69.27
N VAL J 667 11.41 -68.30 -70.35
CA VAL J 667 11.92 -66.90 -70.50
C VAL J 667 10.76 -65.93 -70.78
N THR J 668 10.72 -64.78 -70.12
CA THR J 668 9.73 -63.73 -70.39
C THR J 668 10.39 -62.44 -70.88
N VAL J 669 9.91 -61.83 -71.98
CA VAL J 669 10.40 -60.49 -72.46
C VAL J 669 9.24 -59.47 -72.47
N GLU J 670 9.44 -58.30 -71.87
CA GLU J 670 8.42 -57.21 -71.85
C GLU J 670 9.02 -55.98 -72.56
N MET J 671 8.29 -55.43 -73.53
CA MET J 671 8.76 -54.27 -74.32
C MET J 671 7.72 -53.13 -74.36
N GLU J 672 8.20 -51.91 -74.26
CA GLU J 672 7.33 -50.70 -74.37
C GLU J 672 7.59 -49.98 -75.70
N TRP J 673 6.52 -49.56 -76.36
CA TRP J 673 6.62 -48.88 -77.67
C TRP J 673 5.90 -47.53 -77.65
N GLU J 674 6.48 -46.52 -78.29
CA GLU J 674 5.84 -45.19 -78.44
C GLU J 674 5.21 -45.08 -79.84
N LEU J 675 3.98 -44.59 -79.93
CA LEU J 675 3.20 -44.50 -81.18
C LEU J 675 3.00 -43.05 -81.66
N LYS J 676 3.05 -42.84 -82.97
CA LYS J 676 2.70 -41.50 -83.54
C LYS J 676 1.34 -41.61 -84.25
N LYS J 677 0.37 -40.82 -83.82
CA LYS J 677 -1.01 -40.78 -84.41
C LYS J 677 -1.15 -40.14 -85.80
N GLU J 678 -2.03 -40.70 -86.63
CA GLU J 678 -2.39 -40.09 -87.93
C GLU J 678 -3.22 -38.80 -87.73
N ASN J 679 -2.99 -37.76 -88.52
CA ASN J 679 -3.74 -36.46 -88.48
C ASN J 679 -4.23 -36.10 -89.90
N SER J 680 -4.70 -37.05 -90.69
CA SER J 680 -5.10 -36.86 -92.11
C SER J 680 -6.37 -36.01 -92.38
N LYS J 681 -6.37 -35.21 -93.44
CA LYS J 681 -7.57 -34.47 -93.90
C LYS J 681 -8.12 -35.07 -95.21
N ARG J 682 -7.66 -36.23 -95.67
CA ARG J 682 -8.16 -36.97 -96.88
C ARG J 682 -9.64 -37.42 -96.78
N TRP J 683 -10.53 -36.90 -97.63
CA TRP J 683 -11.98 -37.22 -97.67
C TRP J 683 -12.35 -38.66 -98.04
N ASN J 684 -11.70 -39.19 -99.07
CA ASN J 684 -11.95 -40.55 -99.60
C ASN J 684 -11.33 -41.65 -98.72
N PRO J 685 -11.89 -42.88 -98.76
CA PRO J 685 -11.31 -44.01 -98.05
C PRO J 685 -9.91 -44.55 -98.46
N GLU J 686 -9.08 -44.89 -97.50
CA GLU J 686 -7.73 -45.47 -97.66
C GLU J 686 -7.57 -46.99 -97.88
N ILE J 687 -6.42 -47.42 -98.37
CA ILE J 687 -6.02 -48.86 -98.45
C ILE J 687 -5.69 -49.42 -97.04
N GLN J 688 -6.10 -50.66 -96.75
CA GLN J 688 -5.90 -51.34 -95.44
C GLN J 688 -5.50 -52.80 -95.61
N TYR J 689 -4.70 -53.37 -94.72
CA TYR J 689 -4.43 -54.84 -94.72
C TYR J 689 -5.71 -55.58 -94.25
N THR J 690 -6.10 -56.61 -94.99
CA THR J 690 -7.33 -57.35 -94.66
C THR J 690 -7.08 -58.83 -94.80
N ASN J 691 -7.86 -59.65 -94.11
CA ASN J 691 -7.81 -61.11 -94.32
C ASN J 691 -8.75 -61.36 -95.50
N ASN J 692 -8.22 -61.67 -96.67
CA ASN J 692 -9.01 -61.79 -97.91
C ASN J 692 -8.48 -62.97 -98.71
N TYR J 693 -9.30 -63.99 -98.89
CA TYR J 693 -8.86 -65.25 -99.55
C TYR J 693 -10.03 -65.73 -100.37
N ASN J 694 -9.79 -66.35 -101.52
CA ASN J 694 -10.93 -66.92 -102.31
C ASN J 694 -10.99 -68.45 -102.11
N ASP J 695 -12.12 -69.00 -101.66
CA ASP J 695 -12.34 -70.46 -101.42
C ASP J 695 -11.27 -71.08 -100.50
N PRO J 696 -10.95 -70.53 -99.31
CA PRO J 696 -9.85 -71.07 -98.50
C PRO J 696 -9.95 -72.51 -97.97
N GLN J 697 -8.86 -73.27 -98.06
CA GLN J 697 -8.83 -74.68 -97.57
C GLN J 697 -8.23 -74.77 -96.18
N PHE J 698 -7.72 -73.67 -95.65
CA PHE J 698 -7.06 -73.63 -94.32
C PHE J 698 -7.19 -72.23 -93.84
N VAL J 699 -7.00 -72.01 -92.56
CA VAL J 699 -6.92 -70.62 -92.05
C VAL J 699 -5.43 -70.26 -91.98
N ASP J 700 -5.02 -69.18 -92.61
CA ASP J 700 -3.65 -68.62 -92.49
C ASP J 700 -3.38 -68.08 -91.09
N PHE J 701 -2.12 -68.12 -90.61
CA PHE J 701 -1.70 -67.71 -89.22
C PHE J 701 -2.37 -68.57 -88.15
N ALA J 702 -2.52 -69.85 -88.42
CA ALA J 702 -3.15 -70.82 -87.49
C ALA J 702 -2.45 -72.16 -87.63
N PRO J 703 -2.55 -73.07 -86.64
CA PRO J 703 -2.06 -74.45 -86.79
C PRO J 703 -2.84 -75.35 -87.78
N ASP J 704 -2.19 -76.31 -88.39
CA ASP J 704 -2.89 -77.28 -89.29
C ASP J 704 -3.27 -78.58 -88.58
N SER J 705 -3.75 -79.58 -89.33
CA SER J 705 -4.19 -80.88 -88.75
C SER J 705 -3.03 -81.59 -88.04
N THR J 706 -1.80 -81.53 -88.56
CA THR J 706 -0.57 -82.04 -87.88
C THR J 706 -0.09 -81.16 -86.73
N GLY J 707 -0.57 -79.92 -86.56
CA GLY J 707 -0.06 -78.99 -85.55
C GLY J 707 1.01 -78.00 -85.98
N GLU J 708 1.35 -77.94 -87.26
CA GLU J 708 2.37 -77.00 -87.79
C GLU J 708 1.76 -75.63 -88.17
N TYR J 709 2.36 -74.53 -87.70
CA TYR J 709 1.91 -73.14 -87.98
C TYR J 709 2.09 -72.75 -89.45
N ARG J 710 1.11 -72.03 -89.99
CA ARG J 710 1.15 -71.61 -91.41
C ARG J 710 1.21 -70.09 -91.49
N SER J 711 2.18 -69.54 -92.24
CA SER J 711 2.35 -68.08 -92.45
C SER J 711 2.62 -67.79 -93.94
N THR J 712 1.63 -67.85 -94.81
CA THR J 712 1.72 -67.66 -96.30
C THR J 712 2.18 -66.27 -96.75
N ARG J 713 1.82 -65.18 -96.09
CA ARG J 713 2.08 -63.80 -96.61
C ARG J 713 3.06 -62.93 -95.79
N PRO J 714 4.00 -62.19 -96.43
CA PRO J 714 4.81 -61.19 -95.73
C PRO J 714 4.05 -59.89 -95.39
N ILE J 715 4.20 -59.30 -94.20
CA ILE J 715 3.40 -58.06 -93.95
C ILE J 715 4.27 -56.83 -93.65
N GLY J 716 4.12 -55.77 -94.44
CA GLY J 716 4.78 -54.47 -94.29
C GLY J 716 3.98 -53.51 -93.43
N THR J 717 4.51 -52.33 -93.18
CA THR J 717 3.82 -51.29 -92.40
C THR J 717 3.14 -50.17 -93.16
N ARG J 718 3.28 -50.00 -94.48
CA ARG J 718 2.76 -48.75 -95.16
C ARG J 718 1.43 -48.94 -95.91
N TYR J 719 0.32 -48.52 -95.29
CA TYR J 719 -1.04 -48.61 -95.90
C TYR J 719 -1.65 -47.22 -95.92
N LEU J 720 -1.30 -46.39 -94.95
CA LEU J 720 -1.75 -44.98 -94.86
C LEU J 720 -0.98 -44.09 -95.85
N THR J 721 -1.58 -42.98 -96.21
CA THR J 721 -1.02 -42.07 -97.22
C THR J 721 -0.89 -40.67 -96.66
N ARG J 722 0.15 -39.96 -97.03
CA ARG J 722 0.31 -38.55 -96.61
C ARG J 722 0.75 -37.68 -97.80
N PRO J 723 0.36 -36.38 -97.88
CA PRO J 723 0.89 -35.46 -98.87
C PRO J 723 2.37 -35.07 -98.61
N LEU J 724 3.14 -34.77 -99.65
CA LEU J 724 4.58 -34.44 -99.51
C LEU J 724 4.79 -33.12 -98.75
N ASP K 209 74.09 -49.34 10.75
CA ASP K 209 73.47 -49.13 12.09
C ASP K 209 74.44 -49.53 13.21
N GLY K 210 74.69 -50.83 13.44
CA GLY K 210 75.46 -51.20 14.64
C GLY K 210 76.26 -52.48 14.63
N VAL K 211 77.15 -52.64 15.61
CA VAL K 211 77.95 -53.89 15.79
C VAL K 211 77.05 -55.11 16.07
N GLY K 212 75.98 -54.98 16.83
CA GLY K 212 75.10 -56.09 17.23
C GLY K 212 73.93 -56.33 16.33
N ASN K 213 73.79 -55.57 15.24
CA ASN K 213 72.58 -55.68 14.39
C ASN K 213 72.94 -56.23 13.01
N ALA K 214 72.19 -57.22 12.53
CA ALA K 214 72.41 -57.79 11.18
C ALA K 214 71.91 -56.90 10.03
N SER K 215 72.73 -56.65 9.02
CA SER K 215 72.46 -55.86 7.78
C SER K 215 71.44 -56.50 6.81
N GLY K 216 71.41 -57.82 6.67
CA GLY K 216 70.49 -58.54 5.77
C GLY K 216 70.19 -59.98 6.13
N ASP K 217 69.31 -60.63 5.38
CA ASP K 217 68.86 -62.04 5.60
C ASP K 217 69.15 -62.97 4.41
N TRP K 218 69.21 -64.27 4.64
CA TRP K 218 69.46 -65.30 3.60
C TRP K 218 68.23 -65.57 2.72
N HIS K 219 68.37 -65.39 1.42
CA HIS K 219 67.28 -65.75 0.47
C HIS K 219 67.79 -66.70 -0.63
N CYS K 220 67.38 -67.96 -0.66
CA CYS K 220 67.72 -68.87 -1.79
C CYS K 220 66.41 -69.51 -2.25
N ASP K 221 65.88 -69.12 -3.42
CA ASP K 221 64.54 -69.62 -3.85
C ASP K 221 64.23 -69.50 -5.34
N SER K 222 63.25 -70.24 -5.86
CA SER K 222 62.72 -70.07 -7.24
C SER K 222 61.20 -69.88 -7.15
N THR K 223 60.63 -68.90 -7.84
CA THR K 223 59.16 -68.73 -7.92
C THR K 223 58.73 -68.77 -9.37
N TRP K 224 57.77 -69.62 -9.72
CA TRP K 224 57.25 -69.75 -11.11
C TRP K 224 55.86 -69.13 -11.18
N MET K 225 55.66 -68.16 -12.05
CA MET K 225 54.36 -67.44 -12.19
C MET K 225 53.94 -67.29 -13.66
N GLY K 226 53.39 -68.31 -14.32
CA GLY K 226 53.05 -68.21 -15.76
C GLY K 226 54.25 -68.01 -16.65
N ASP K 227 54.31 -66.92 -17.42
CA ASP K 227 55.41 -66.60 -18.36
C ASP K 227 56.72 -66.16 -17.66
N ARG K 228 56.71 -65.90 -16.35
CA ARG K 228 57.90 -65.39 -15.62
C ARG K 228 58.43 -66.35 -14.53
N VAL K 229 59.75 -66.49 -14.42
CA VAL K 229 60.38 -67.24 -13.30
C VAL K 229 61.37 -66.27 -12.60
N VAL K 230 61.36 -66.20 -11.27
CA VAL K 230 62.32 -65.38 -10.46
C VAL K 230 63.29 -66.30 -9.70
N THR K 231 64.59 -66.06 -9.82
CA THR K 231 65.61 -66.85 -9.10
C THR K 231 66.33 -66.01 -8.03
N LYS K 232 66.47 -66.52 -6.81
CA LYS K 232 67.22 -65.85 -5.71
C LYS K 232 68.38 -66.75 -5.28
N SER K 233 69.59 -66.21 -5.14
CA SER K 233 70.80 -66.97 -4.73
C SER K 233 71.59 -66.21 -3.67
N THR K 234 71.95 -66.86 -2.57
CA THR K 234 72.78 -66.27 -1.50
C THR K 234 74.06 -67.09 -1.27
N ARG K 235 75.21 -66.43 -1.18
CA ARG K 235 76.51 -67.10 -0.90
C ARG K 235 77.37 -66.36 0.15
N THR K 236 78.32 -67.05 0.76
CA THR K 236 79.31 -66.47 1.69
C THR K 236 80.65 -66.36 0.98
N TRP K 237 81.29 -65.19 1.02
CA TRP K 237 82.58 -64.90 0.32
C TRP K 237 83.72 -64.46 1.28
N VAL K 238 84.95 -64.67 0.86
CA VAL K 238 86.17 -64.20 1.58
C VAL K 238 86.99 -63.28 0.64
N LEU K 239 87.50 -62.16 1.16
CA LEU K 239 88.39 -61.27 0.36
C LEU K 239 89.82 -61.15 0.92
N PRO K 240 90.85 -61.56 0.16
CA PRO K 240 92.24 -61.33 0.53
C PRO K 240 92.73 -59.89 0.30
N SER K 241 93.78 -59.46 0.99
CA SER K 241 94.38 -58.15 0.64
C SER K 241 95.44 -58.39 -0.47
N TYR K 242 95.08 -58.26 -1.74
CA TYR K 242 95.96 -58.59 -2.88
C TYR K 242 97.03 -57.55 -3.20
N ASN K 243 98.28 -57.98 -3.41
CA ASN K 243 99.39 -57.08 -3.88
C ASN K 243 99.95 -56.26 -2.72
N ASN K 244 99.51 -56.50 -1.47
CA ASN K 244 99.90 -55.70 -0.27
C ASN K 244 99.60 -54.21 -0.50
N HIS K 245 98.43 -53.87 -1.04
CA HIS K 245 97.96 -52.46 -1.25
C HIS K 245 98.68 -51.74 -2.40
N GLN K 246 99.21 -52.45 -3.37
CA GLN K 246 99.99 -51.84 -4.48
C GLN K 246 99.52 -52.27 -5.88
N TYR K 247 99.82 -51.48 -6.90
CA TYR K 247 99.51 -51.78 -8.32
C TYR K 247 100.79 -52.23 -8.94
N ARG K 248 100.78 -53.34 -9.66
CA ARG K 248 102.03 -53.91 -10.24
C ARG K 248 101.98 -54.05 -11.77
N GLU K 249 103.04 -53.61 -12.45
CA GLU K 249 103.13 -53.85 -13.91
C GLU K 249 103.44 -55.34 -14.17
N ILE K 250 102.69 -55.97 -15.07
CA ILE K 250 102.80 -57.41 -15.36
C ILE K 250 103.07 -57.60 -16.87
N LYS K 251 103.87 -58.59 -17.24
CA LYS K 251 104.24 -58.73 -18.67
C LYS K 251 104.69 -60.15 -18.98
N SER K 252 104.56 -60.56 -20.24
CA SER K 252 105.11 -61.87 -20.66
C SER K 252 105.81 -61.83 -22.03
N GLY K 253 106.88 -62.59 -22.21
CA GLY K 253 107.49 -62.88 -23.53
C GLY K 253 106.88 -64.17 -24.13
N SER K 254 107.43 -64.70 -25.20
CA SER K 254 106.96 -65.98 -25.83
C SER K 254 107.11 -67.19 -24.89
N VAL K 255 106.10 -68.06 -24.82
CA VAL K 255 106.10 -69.23 -23.88
C VAL K 255 105.49 -70.43 -24.61
N ASP K 256 105.98 -71.65 -24.35
CA ASP K 256 105.49 -72.91 -24.99
C ASP K 256 105.67 -72.82 -26.51
N GLY K 257 106.69 -72.11 -26.96
CA GLY K 257 106.94 -71.93 -28.40
C GLY K 257 106.11 -70.86 -29.08
N SER K 258 105.29 -70.07 -28.38
CA SER K 258 104.42 -69.11 -29.12
C SER K 258 104.53 -67.63 -28.73
N ASN K 259 104.71 -66.73 -29.69
CA ASN K 259 104.68 -65.23 -29.49
C ASN K 259 103.25 -64.70 -29.24
N ALA K 260 102.20 -65.46 -29.57
CA ALA K 260 100.77 -65.12 -29.31
C ALA K 260 100.55 -65.05 -27.79
N ASN K 261 101.36 -65.79 -27.04
CA ASN K 261 101.44 -65.77 -25.55
C ASN K 261 101.90 -64.43 -24.96
N ALA K 262 102.79 -63.65 -25.60
CA ALA K 262 103.31 -62.34 -25.11
C ALA K 262 102.23 -61.27 -24.85
N TYR K 263 102.36 -60.51 -23.76
CA TYR K 263 101.40 -59.44 -23.35
C TYR K 263 102.08 -58.40 -22.45
N PHE K 264 101.50 -57.21 -22.33
CA PHE K 264 101.90 -56.14 -21.38
C PHE K 264 100.62 -55.75 -20.59
N GLY K 265 100.69 -55.63 -19.27
CA GLY K 265 99.50 -55.37 -18.43
C GLY K 265 99.71 -54.86 -17.02
N TYR K 266 98.61 -54.62 -16.30
CA TYR K 266 98.64 -54.20 -14.87
C TYR K 266 97.87 -55.18 -13.94
N SER K 267 98.40 -55.47 -12.75
CA SER K 267 97.66 -56.24 -11.69
C SER K 267 97.22 -55.23 -10.62
N THR K 268 96.07 -55.44 -10.02
CA THR K 268 95.48 -54.44 -9.09
C THR K 268 95.21 -55.00 -7.70
N PRO K 269 95.11 -54.13 -6.67
CA PRO K 269 94.72 -54.51 -5.30
C PRO K 269 93.28 -55.02 -5.11
N TRP K 270 92.35 -54.67 -5.98
CA TRP K 270 90.91 -55.02 -5.97
C TRP K 270 90.50 -56.45 -6.37
N GLY K 271 89.31 -56.85 -5.94
CA GLY K 271 88.67 -58.13 -6.29
C GLY K 271 87.30 -57.85 -6.86
N TYR K 272 86.74 -58.79 -7.59
CA TYR K 272 85.43 -58.57 -8.27
C TYR K 272 84.46 -59.74 -8.06
N PHE K 273 83.16 -59.49 -8.22
CA PHE K 273 82.10 -60.53 -8.14
C PHE K 273 81.63 -60.92 -9.56
N ASP K 274 81.63 -62.20 -9.91
CA ASP K 274 81.20 -62.75 -11.22
C ASP K 274 80.00 -63.71 -11.05
N PHE K 275 78.89 -63.44 -11.75
CA PHE K 275 77.70 -64.34 -11.74
C PHE K 275 77.38 -64.93 -13.14
N ASN K 276 78.28 -64.88 -14.14
CA ASN K 276 77.92 -65.34 -15.52
C ASN K 276 78.06 -66.87 -15.68
N ARG K 277 77.36 -67.67 -14.88
CA ARG K 277 77.26 -69.14 -15.02
C ARG K 277 75.80 -69.47 -14.64
N PHE K 278 75.13 -70.39 -15.35
CA PHE K 278 73.72 -70.81 -15.06
C PHE K 278 73.55 -71.50 -13.68
N HIS K 279 74.49 -72.35 -13.24
CA HIS K 279 74.47 -73.13 -11.97
C HIS K 279 74.48 -72.15 -10.77
N SER K 280 74.98 -70.93 -10.94
CA SER K 280 74.94 -69.84 -9.92
C SER K 280 73.49 -69.46 -9.59
N HIS K 281 72.58 -69.45 -10.55
CA HIS K 281 71.13 -69.12 -10.36
C HIS K 281 70.17 -70.31 -10.39
N TRP K 282 70.56 -71.48 -10.89
CA TRP K 282 69.60 -72.57 -11.15
C TRP K 282 69.92 -73.87 -10.45
N SER K 283 68.94 -74.44 -9.74
CA SER K 283 69.08 -75.80 -9.16
C SER K 283 69.00 -76.82 -10.32
N PRO K 284 69.57 -78.03 -10.15
CA PRO K 284 69.43 -79.05 -11.18
C PRO K 284 67.99 -79.47 -11.44
N ARG K 285 67.13 -79.61 -10.43
CA ARG K 285 65.68 -79.87 -10.63
C ARG K 285 64.95 -78.74 -11.38
N ASP K 286 65.21 -77.48 -11.06
CA ASP K 286 64.61 -76.28 -11.73
C ASP K 286 65.02 -76.21 -13.22
N TRP K 287 66.26 -76.54 -13.52
CA TRP K 287 66.77 -76.59 -14.92
C TRP K 287 66.04 -77.68 -15.73
N GLN K 288 65.77 -78.84 -15.15
CA GLN K 288 65.00 -79.95 -15.77
C GLN K 288 63.56 -79.52 -16.08
N ARG K 289 62.94 -78.77 -15.17
CA ARG K 289 61.57 -78.26 -15.40
C ARG K 289 61.52 -77.31 -16.60
N LEU K 290 62.47 -76.40 -16.76
CA LEU K 290 62.55 -75.53 -17.95
C LEU K 290 62.84 -76.22 -19.32
N ILE K 291 63.79 -77.13 -19.39
CA ILE K 291 64.22 -77.83 -20.64
C ILE K 291 63.11 -78.73 -21.18
N ASN K 292 62.40 -79.41 -20.30
CA ASN K 292 61.23 -80.29 -20.61
C ASN K 292 60.00 -79.55 -21.15
N ASN K 293 59.66 -78.34 -20.68
CA ASN K 293 58.36 -77.68 -20.98
C ASN K 293 58.31 -76.37 -21.79
N TYR K 294 59.42 -75.78 -22.20
CA TYR K 294 59.40 -74.44 -22.84
C TYR K 294 60.18 -74.36 -24.15
N TRP K 295 59.66 -73.65 -25.15
CA TRP K 295 60.38 -73.34 -26.41
C TRP K 295 61.59 -72.38 -26.25
N GLY K 296 61.49 -71.37 -25.40
CA GLY K 296 62.56 -70.37 -25.23
C GLY K 296 62.60 -69.65 -23.92
N PHE K 297 63.73 -69.02 -23.61
CA PHE K 297 63.87 -68.19 -22.38
C PHE K 297 64.77 -66.96 -22.66
N ARG K 298 64.60 -65.85 -21.93
CA ARG K 298 65.50 -64.65 -22.00
C ARG K 298 65.65 -63.94 -20.63
N PRO K 299 66.80 -63.30 -20.28
CA PRO K 299 66.92 -62.45 -19.07
C PRO K 299 66.23 -61.06 -19.11
N ARG K 300 65.67 -60.60 -17.99
CA ARG K 300 64.94 -59.29 -17.95
C ARG K 300 65.53 -58.33 -16.91
N SER K 301 65.71 -58.75 -15.67
CA SER K 301 66.16 -57.84 -14.58
C SER K 301 67.19 -58.47 -13.63
N LEU K 302 68.07 -57.65 -13.06
CA LEU K 302 69.05 -58.11 -12.05
C LEU K 302 69.06 -57.20 -10.78
N ARG K 303 69.08 -57.77 -9.57
CA ARG K 303 69.26 -57.01 -8.29
C ARG K 303 70.41 -57.64 -7.47
N VAL K 304 71.34 -56.81 -6.96
CA VAL K 304 72.49 -57.29 -6.12
C VAL K 304 72.57 -56.59 -4.73
N LYS K 305 72.74 -57.36 -3.65
CA LYS K 305 72.97 -56.82 -2.28
C LYS K 305 74.24 -57.41 -1.63
N ILE K 306 75.09 -56.56 -1.02
CA ILE K 306 76.30 -56.99 -0.25
C ILE K 306 76.10 -56.58 1.22
N PHE K 307 76.25 -57.49 2.20
CA PHE K 307 75.84 -57.27 3.62
C PHE K 307 76.59 -58.15 4.64
N ASN K 308 76.42 -57.91 5.95
CA ASN K 308 77.03 -58.68 7.11
C ASN K 308 78.55 -58.68 7.05
N ILE K 309 79.13 -57.54 6.74
CA ILE K 309 80.60 -57.37 6.59
C ILE K 309 81.37 -57.59 7.91
N GLN K 310 82.49 -58.32 7.84
CA GLN K 310 83.36 -58.58 9.01
C GLN K 310 84.84 -58.43 8.61
N VAL K 311 85.55 -57.52 9.25
CA VAL K 311 86.98 -57.25 8.96
C VAL K 311 87.82 -57.86 10.09
N LYS K 312 88.84 -58.64 9.73
CA LYS K 312 89.70 -59.36 10.69
C LYS K 312 91.17 -58.95 10.56
N GLU K 313 91.88 -58.83 11.67
CA GLU K 313 93.34 -58.52 11.66
C GLU K 313 94.12 -59.78 12.07
N VAL K 314 95.18 -60.08 11.33
CA VAL K 314 95.99 -61.29 11.59
C VAL K 314 97.35 -60.82 12.11
N THR K 315 97.79 -61.38 13.23
CA THR K 315 99.08 -60.98 13.84
C THR K 315 99.92 -62.20 14.11
N VAL K 316 101.21 -62.14 13.84
CA VAL K 316 102.09 -63.29 14.21
C VAL K 316 103.16 -62.87 15.23
N GLN K 317 103.25 -63.53 16.38
CA GLN K 317 104.38 -63.29 17.31
C GLN K 317 105.02 -64.66 17.56
N ASP K 318 106.27 -64.86 17.17
CA ASP K 318 106.99 -66.13 17.47
C ASP K 318 106.17 -67.33 16.94
N SER K 319 105.52 -67.21 15.78
CA SER K 319 104.80 -68.35 15.12
C SER K 319 103.39 -68.66 15.70
N THR K 320 102.86 -67.87 16.64
CA THR K 320 101.47 -68.06 17.16
C THR K 320 100.35 -67.86 16.14
N THR K 321 100.40 -66.87 15.24
CA THR K 321 99.29 -66.54 14.27
C THR K 321 97.89 -66.28 14.87
N THR K 322 97.72 -65.41 15.87
CA THR K 322 96.37 -65.00 16.37
C THR K 322 95.53 -64.20 15.36
N ILE K 323 94.21 -64.42 15.33
CA ILE K 323 93.24 -63.68 14.46
C ILE K 323 92.20 -62.93 15.31
N ALA K 324 91.92 -61.66 15.03
CA ALA K 324 90.97 -60.85 15.82
C ALA K 324 90.09 -59.93 14.97
N ASN K 325 88.91 -59.57 15.47
CA ASN K 325 88.04 -58.58 14.80
C ASN K 325 88.53 -57.14 14.89
N ASN K 326 88.46 -56.37 13.80
CA ASN K 326 88.71 -54.91 13.89
C ASN K 326 87.40 -54.21 13.55
N LEU K 327 86.73 -53.61 14.52
CA LEU K 327 85.42 -52.89 14.38
C LEU K 327 85.46 -51.63 13.52
N THR K 328 86.54 -50.86 13.62
CA THR K 328 86.64 -49.53 12.94
C THR K 328 87.19 -49.62 11.50
N SER K 329 87.63 -50.78 11.01
CA SER K 329 88.12 -50.98 9.61
C SER K 329 87.01 -50.92 8.53
N THR K 330 87.37 -50.52 7.30
CA THR K 330 86.37 -50.33 6.20
C THR K 330 86.63 -51.18 4.96
N VAL K 331 85.59 -51.41 4.19
CA VAL K 331 85.68 -52.08 2.86
C VAL K 331 85.17 -51.04 1.84
N GLN K 332 85.72 -51.00 0.62
CA GLN K 332 85.32 -50.06 -0.47
C GLN K 332 84.68 -50.77 -1.68
N VAL K 333 83.51 -50.31 -2.12
CA VAL K 333 82.71 -50.96 -3.20
C VAL K 333 82.26 -49.96 -4.29
N PHE K 334 82.35 -50.33 -5.57
CA PHE K 334 81.82 -49.50 -6.71
C PHE K 334 81.35 -50.35 -7.92
N THR K 335 80.50 -49.77 -8.76
CA THR K 335 80.06 -50.41 -10.03
C THR K 335 80.52 -49.55 -11.22
N ASP K 336 81.08 -50.15 -12.27
CA ASP K 336 81.52 -49.43 -13.50
C ASP K 336 80.37 -49.25 -14.50
N ASP K 337 79.48 -48.32 -14.25
CA ASP K 337 78.24 -48.06 -15.06
C ASP K 337 78.45 -47.60 -16.52
N ASP K 338 79.44 -46.75 -16.80
CA ASP K 338 79.70 -46.17 -18.16
C ASP K 338 80.69 -47.00 -18.98
N TYR K 339 81.17 -48.15 -18.50
CA TYR K 339 82.06 -49.10 -19.24
C TYR K 339 83.42 -48.48 -19.57
N GLN K 340 83.91 -47.59 -18.73
CA GLN K 340 85.25 -46.98 -18.85
C GLN K 340 86.37 -48.01 -18.66
N LEU K 341 86.23 -48.93 -17.74
CA LEU K 341 87.23 -50.00 -17.50
C LEU K 341 87.21 -51.14 -18.51
N PRO K 342 88.34 -51.84 -18.70
CA PRO K 342 88.30 -53.06 -19.50
C PRO K 342 87.39 -54.14 -18.86
N TYR K 343 86.53 -54.80 -19.64
CA TYR K 343 85.54 -55.78 -19.10
C TYR K 343 86.06 -57.21 -19.28
N VAL K 344 86.37 -57.85 -18.18
CA VAL K 344 86.98 -59.20 -18.21
C VAL K 344 85.97 -60.30 -17.86
N VAL K 345 84.72 -59.95 -17.54
CA VAL K 345 83.66 -60.90 -17.07
C VAL K 345 83.23 -61.99 -18.10
N GLY K 346 83.15 -61.75 -19.39
CA GLY K 346 82.55 -62.70 -20.39
C GLY K 346 83.50 -63.63 -21.13
N ASN K 347 84.67 -63.95 -20.60
CA ASN K 347 85.76 -64.71 -21.26
C ASN K 347 85.97 -66.16 -20.76
N GLY K 348 84.99 -66.83 -20.13
CA GLY K 348 85.06 -68.21 -19.60
C GLY K 348 86.07 -68.48 -18.51
N THR K 349 86.24 -67.54 -17.60
CA THR K 349 87.22 -67.64 -16.50
C THR K 349 86.59 -68.07 -15.19
N GLU K 350 87.37 -68.69 -14.32
CA GLU K 350 86.98 -69.15 -12.97
C GLU K 350 86.79 -68.03 -11.92
N GLY K 351 86.16 -68.32 -10.78
CA GLY K 351 85.82 -67.30 -9.75
C GLY K 351 84.37 -66.86 -9.64
N CYS K 352 83.44 -67.45 -10.37
CA CYS K 352 81.98 -67.18 -10.25
C CYS K 352 81.39 -67.79 -8.97
N LEU K 353 80.20 -67.36 -8.57
CA LEU K 353 79.51 -67.92 -7.37
C LEU K 353 79.30 -69.43 -7.58
N PRO K 354 79.50 -70.22 -6.52
CA PRO K 354 79.37 -71.67 -6.63
C PRO K 354 78.00 -72.32 -6.95
N ALA K 355 77.99 -73.48 -7.61
CA ALA K 355 76.77 -74.24 -7.95
C ALA K 355 76.01 -74.68 -6.67
N PHE K 356 76.72 -75.09 -5.61
CA PHE K 356 76.08 -75.61 -4.37
C PHE K 356 76.03 -74.48 -3.34
N PRO K 357 74.82 -74.11 -2.81
CA PRO K 357 74.66 -73.00 -1.86
C PRO K 357 75.50 -72.93 -0.57
N PRO K 358 75.78 -74.04 0.15
CA PRO K 358 76.66 -74.08 1.32
C PRO K 358 78.16 -73.78 1.09
N GLN K 359 78.67 -73.96 -0.12
CA GLN K 359 80.12 -73.75 -0.44
C GLN K 359 80.55 -72.29 -0.26
N VAL K 360 81.75 -72.10 0.29
CA VAL K 360 82.28 -70.73 0.61
C VAL K 360 83.41 -70.43 -0.39
N PHE K 361 83.43 -69.24 -0.96
CA PHE K 361 84.38 -68.95 -2.08
C PHE K 361 85.29 -67.70 -1.93
N THR K 362 86.50 -67.81 -2.47
CA THR K 362 87.44 -66.67 -2.59
C THR K 362 87.15 -65.84 -3.84
N LEU K 363 87.08 -64.52 -3.73
CA LEU K 363 86.94 -63.60 -4.90
C LEU K 363 88.20 -63.53 -5.76
N PRO K 364 88.04 -63.52 -7.10
CA PRO K 364 89.18 -63.32 -8.00
C PRO K 364 89.83 -61.92 -7.99
N GLN K 365 91.15 -61.83 -8.17
CA GLN K 365 91.85 -60.53 -8.32
C GLN K 365 91.69 -59.92 -9.73
N TYR K 366 91.35 -58.63 -9.83
CA TYR K 366 91.27 -57.87 -11.11
C TYR K 366 92.63 -57.55 -11.76
N GLY K 367 92.69 -57.67 -13.08
CA GLY K 367 93.88 -57.42 -13.89
C GLY K 367 93.45 -57.24 -15.31
N TYR K 368 94.32 -56.75 -16.19
CA TYR K 368 94.01 -56.54 -17.64
C TYR K 368 95.25 -56.56 -18.48
N ALA K 369 95.08 -56.81 -19.77
CA ALA K 369 96.17 -56.65 -20.76
C ALA K 369 95.88 -55.45 -21.66
N THR K 370 96.86 -54.57 -21.86
CA THR K 370 96.78 -53.45 -22.84
C THR K 370 97.57 -53.84 -24.08
N LEU K 371 98.03 -52.87 -24.86
CA LEU K 371 98.88 -53.10 -26.05
C LEU K 371 100.32 -53.54 -25.75
N ASN K 372 100.89 -54.36 -26.62
CA ASN K 372 102.28 -54.86 -26.49
C ASN K 372 102.97 -54.58 -27.84
N ARG K 373 104.28 -54.38 -27.85
CA ARG K 373 104.98 -53.97 -29.10
C ARG K 373 105.69 -55.11 -29.82
N ASP K 374 105.36 -55.35 -31.09
CA ASP K 374 106.02 -56.37 -31.98
C ASP K 374 106.02 -57.80 -31.44
N ASN K 375 104.92 -58.26 -30.83
CA ASN K 375 104.82 -59.63 -30.24
C ASN K 375 105.92 -59.85 -29.19
N THR K 376 106.18 -58.85 -28.33
CA THR K 376 107.19 -58.88 -27.25
C THR K 376 106.57 -58.36 -25.93
N GLU K 377 107.24 -58.45 -24.78
CA GLU K 377 106.73 -58.01 -23.45
C GLU K 377 106.67 -56.47 -23.26
N ASN K 378 107.34 -55.70 -24.12
CA ASN K 378 107.36 -54.20 -24.08
C ASN K 378 106.07 -53.50 -24.46
N PRO K 379 105.76 -52.35 -23.84
CA PRO K 379 104.65 -51.47 -24.21
C PRO K 379 104.79 -50.52 -25.44
N THR K 380 103.71 -49.86 -25.83
CA THR K 380 103.62 -48.88 -26.93
C THR K 380 103.15 -47.56 -26.37
N GLU K 381 103.27 -46.46 -27.12
CA GLU K 381 102.76 -45.11 -26.75
C GLU K 381 101.23 -45.12 -26.59
N ARG K 382 100.50 -45.87 -27.37
CA ARG K 382 99.04 -46.09 -27.28
C ARG K 382 98.64 -46.87 -26.01
N SER K 383 99.54 -47.65 -25.39
CA SER K 383 99.26 -48.50 -24.20
C SER K 383 98.77 -47.65 -23.02
N SER K 384 97.76 -48.11 -22.30
CA SER K 384 97.01 -47.33 -21.27
C SER K 384 97.05 -47.88 -19.83
N PHE K 385 97.12 -46.98 -18.86
CA PHE K 385 97.07 -47.35 -17.42
C PHE K 385 95.75 -46.81 -16.85
N PHE K 386 95.07 -47.66 -16.09
CA PHE K 386 93.81 -47.25 -15.42
C PHE K 386 93.93 -47.38 -13.91
N CYS K 387 93.58 -46.33 -13.16
CA CYS K 387 93.52 -46.33 -11.67
C CYS K 387 92.06 -46.49 -11.18
N LEU K 388 91.76 -47.50 -10.36
CA LEU K 388 90.41 -47.76 -9.74
C LEU K 388 90.06 -46.70 -8.69
N GLU K 389 91.04 -46.18 -7.95
CA GLU K 389 90.86 -45.17 -6.88
C GLU K 389 90.45 -43.82 -7.47
N TYR K 390 90.67 -43.59 -8.76
CA TYR K 390 90.19 -42.38 -9.49
C TYR K 390 88.65 -42.35 -9.52
N PHE K 391 87.96 -43.44 -9.66
CA PHE K 391 86.47 -43.52 -9.57
C PHE K 391 85.96 -43.29 -8.15
N PRO K 392 84.76 -42.71 -7.95
CA PRO K 392 84.13 -42.71 -6.61
C PRO K 392 83.62 -44.08 -6.05
N SER K 393 83.81 -44.38 -4.75
CA SER K 393 83.36 -45.66 -4.12
C SER K 393 82.65 -45.49 -2.76
N LYS K 394 81.70 -46.34 -2.44
CA LYS K 394 81.08 -46.38 -1.08
C LYS K 394 82.04 -46.99 -0.04
N MET K 395 82.08 -46.46 1.18
CA MET K 395 82.93 -47.01 2.27
C MET K 395 82.03 -47.67 3.34
N LEU K 396 82.34 -48.92 3.69
CA LEU K 396 81.48 -49.66 4.64
C LEU K 396 82.19 -50.20 5.88
N ARG K 397 81.64 -49.92 7.05
CA ARG K 397 82.02 -50.57 8.33
C ARG K 397 81.11 -51.82 8.55
N THR K 398 81.25 -52.56 9.65
CA THR K 398 80.46 -53.79 10.02
C THR K 398 78.95 -53.60 10.02
N GLY K 399 78.41 -52.46 10.46
CA GLY K 399 76.99 -52.06 10.36
C GLY K 399 76.43 -51.85 8.97
N ASN K 400 77.21 -51.34 8.02
CA ASN K 400 76.82 -50.92 6.64
C ASN K 400 76.52 -51.99 5.58
N ASN K 401 75.73 -51.65 4.56
CA ASN K 401 75.33 -52.55 3.44
C ASN K 401 75.36 -51.81 2.08
N PHE K 402 75.46 -52.52 0.96
CA PHE K 402 75.42 -51.95 -0.42
C PHE K 402 74.35 -52.62 -1.30
N GLU K 403 73.62 -51.85 -2.11
CA GLU K 403 72.63 -52.42 -3.07
C GLU K 403 72.75 -51.84 -4.51
N PHE K 404 72.50 -52.65 -5.55
CA PHE K 404 72.46 -52.19 -6.98
C PHE K 404 71.27 -52.83 -7.76
N THR K 405 70.73 -52.16 -8.77
CA THR K 405 69.64 -52.68 -9.67
C THR K 405 70.01 -52.49 -11.14
N TYR K 406 69.70 -53.46 -12.01
CA TYR K 406 69.97 -53.37 -13.48
C TYR K 406 68.79 -53.88 -14.33
N ASN K 407 68.58 -53.31 -15.53
CA ASN K 407 67.58 -53.82 -16.51
C ASN K 407 68.30 -54.25 -17.78
N PHE K 408 67.98 -55.43 -18.29
CA PHE K 408 68.59 -55.96 -19.54
C PHE K 408 67.95 -55.26 -20.75
N GLU K 409 68.70 -55.06 -21.82
CA GLU K 409 68.16 -54.54 -23.11
C GLU K 409 67.32 -55.63 -23.82
N GLU K 410 66.43 -55.24 -24.73
CA GLU K 410 65.69 -56.26 -25.50
C GLU K 410 66.66 -57.16 -26.29
N VAL K 411 66.45 -58.45 -26.20
CA VAL K 411 67.36 -59.45 -26.84
C VAL K 411 66.45 -60.56 -27.37
N PRO K 412 66.84 -61.30 -28.42
CA PRO K 412 66.05 -62.47 -28.84
C PRO K 412 66.06 -63.65 -27.85
N PHE K 413 64.96 -64.40 -27.74
CA PHE K 413 64.89 -65.61 -26.87
C PHE K 413 65.83 -66.70 -27.37
N HIS K 414 66.50 -67.44 -26.49
CA HIS K 414 67.29 -68.64 -26.89
C HIS K 414 66.31 -69.71 -27.38
N SER K 415 66.70 -70.50 -28.38
CA SER K 415 65.83 -71.58 -28.91
C SER K 415 66.07 -72.93 -28.23
N SER K 416 65.20 -73.33 -27.29
CA SER K 416 65.26 -74.63 -26.60
C SER K 416 64.41 -75.69 -27.33
N PHE K 417 64.78 -76.05 -28.54
CA PHE K 417 64.04 -77.06 -29.35
C PHE K 417 64.98 -77.65 -30.37
N ALA K 418 64.63 -78.83 -30.85
CA ALA K 418 65.37 -79.51 -31.94
C ALA K 418 64.44 -79.59 -33.15
N PRO K 419 64.94 -79.33 -34.37
CA PRO K 419 64.13 -79.54 -35.57
C PRO K 419 63.68 -80.97 -35.88
N SER K 420 62.41 -81.11 -36.28
CA SER K 420 61.83 -82.43 -36.64
C SER K 420 61.90 -82.69 -38.16
N GLN K 421 62.42 -81.77 -38.97
CA GLN K 421 62.60 -81.97 -40.43
C GLN K 421 63.99 -81.58 -40.94
N ASN K 422 64.50 -82.27 -41.96
CA ASN K 422 65.72 -81.90 -42.70
C ASN K 422 65.46 -80.68 -43.61
N LEU K 423 66.44 -79.76 -43.75
CA LEU K 423 66.35 -78.53 -44.57
C LEU K 423 66.14 -78.85 -46.05
N PHE K 424 66.76 -79.92 -46.55
CA PHE K 424 66.65 -80.37 -47.97
C PHE K 424 65.45 -81.33 -48.28
N LYS K 425 64.61 -81.75 -47.33
CA LYS K 425 63.48 -82.73 -47.52
C LYS K 425 62.09 -82.07 -47.33
N LEU K 426 61.87 -80.80 -47.67
CA LEU K 426 60.61 -80.04 -47.39
C LEU K 426 59.50 -80.15 -48.47
N ALA K 427 59.80 -80.66 -49.66
CA ALA K 427 58.78 -80.89 -50.69
C ALA K 427 57.85 -82.04 -50.24
N ASN K 428 56.58 -82.02 -50.64
CA ASN K 428 55.67 -83.14 -50.35
C ASN K 428 56.23 -84.41 -50.99
N PRO K 429 56.28 -85.54 -50.25
CA PRO K 429 56.76 -86.81 -50.78
C PRO K 429 55.89 -87.40 -51.93
N LEU K 430 54.57 -87.29 -51.91
CA LEU K 430 53.56 -87.70 -52.93
C LEU K 430 53.58 -86.97 -54.27
N VAL K 431 53.87 -85.68 -54.31
CA VAL K 431 53.73 -84.85 -55.56
C VAL K 431 55.05 -84.45 -56.28
N ASP K 432 55.10 -84.62 -57.61
CA ASP K 432 56.23 -84.16 -58.48
C ASP K 432 56.32 -82.65 -58.67
N GLN K 433 57.51 -82.12 -58.85
CA GLN K 433 57.74 -80.68 -59.18
C GLN K 433 57.39 -80.32 -60.65
N TYR K 434 56.96 -79.10 -60.94
CA TYR K 434 56.79 -78.61 -62.35
C TYR K 434 58.13 -78.09 -62.93
N LEU K 435 59.26 -78.58 -62.48
CA LEU K 435 60.61 -78.05 -62.82
C LEU K 435 61.49 -79.16 -63.39
N TYR K 436 62.43 -78.80 -64.25
CA TYR K 436 63.25 -79.80 -64.98
C TYR K 436 64.74 -79.52 -64.81
N ARG K 437 65.54 -80.57 -64.95
CA ARG K 437 67.01 -80.48 -64.76
C ARG K 437 67.77 -81.06 -65.97
N PHE K 438 68.98 -80.59 -66.21
CA PHE K 438 69.84 -81.14 -67.28
C PHE K 438 70.49 -82.40 -66.77
N VAL K 439 70.36 -83.46 -67.55
CA VAL K 439 70.98 -84.74 -67.17
C VAL K 439 71.99 -85.28 -68.19
N SER K 440 71.97 -84.79 -69.42
CA SER K 440 72.74 -85.49 -70.47
C SER K 440 73.07 -84.73 -71.76
N THR K 441 74.02 -85.26 -72.51
CA THR K 441 74.33 -84.76 -73.86
C THR K 441 74.29 -86.01 -74.76
N ASN K 442 73.81 -85.92 -76.00
CA ASN K 442 73.76 -87.06 -76.98
C ASN K 442 75.09 -87.24 -77.75
N ASN K 443 75.16 -88.15 -78.73
CA ASN K 443 76.41 -88.47 -79.50
C ASN K 443 76.89 -87.19 -80.20
N THR K 444 76.01 -86.38 -80.76
CA THR K 444 76.35 -85.00 -81.19
C THR K 444 76.11 -84.30 -79.89
N GLY K 445 76.90 -83.36 -79.43
CA GLY K 445 76.70 -82.93 -78.03
C GLY K 445 75.49 -82.06 -77.76
N GLY K 446 74.27 -82.60 -77.92
CA GLY K 446 73.01 -81.85 -77.75
C GLY K 446 72.39 -82.08 -76.39
N VAL K 447 71.99 -81.03 -75.71
CA VAL K 447 71.48 -81.10 -74.31
C VAL K 447 70.15 -81.84 -74.13
N GLN K 448 70.01 -82.56 -73.02
CA GLN K 448 68.81 -83.40 -72.74
C GLN K 448 68.30 -83.11 -71.32
N PHE K 449 67.00 -83.24 -71.10
CA PHE K 449 66.37 -82.85 -69.79
C PHE K 449 65.41 -83.91 -69.25
N ASN K 450 65.25 -83.95 -67.93
CA ASN K 450 64.28 -84.88 -67.25
C ASN K 450 63.51 -84.11 -66.20
N LYS K 451 62.26 -84.46 -65.96
CA LYS K 451 61.41 -83.87 -64.88
C LYS K 451 61.82 -84.35 -63.48
N ASN K 452 61.55 -83.53 -62.47
CA ASN K 452 61.89 -83.89 -61.07
C ASN K 452 60.73 -84.66 -60.42
N LEU K 453 60.96 -85.92 -60.04
CA LEU K 453 59.94 -86.84 -59.45
C LEU K 453 59.70 -86.67 -57.93
N ALA K 454 58.56 -87.15 -57.45
CA ALA K 454 58.21 -87.08 -56.00
C ALA K 454 59.17 -87.88 -55.10
N GLY K 455 59.64 -87.26 -54.02
CA GLY K 455 60.54 -87.89 -53.02
C GLY K 455 62.01 -87.96 -53.41
N ARG K 456 62.39 -87.46 -54.59
CA ARG K 456 63.80 -87.50 -55.08
C ARG K 456 64.55 -86.26 -54.57
N TYR K 457 64.91 -86.20 -53.29
CA TYR K 457 65.53 -85.04 -52.57
C TYR K 457 66.92 -84.72 -53.10
N ALA K 458 67.61 -85.72 -53.62
CA ALA K 458 68.92 -85.54 -54.26
C ALA K 458 68.79 -84.58 -55.47
N ASN K 459 67.70 -84.59 -56.24
CA ASN K 459 67.55 -83.80 -57.50
C ASN K 459 66.46 -82.72 -57.50
N THR K 460 66.14 -82.03 -56.43
CA THR K 460 64.96 -81.15 -56.29
C THR K 460 65.45 -79.72 -56.20
N TYR K 461 64.72 -78.77 -56.75
CA TYR K 461 65.04 -77.32 -56.64
C TYR K 461 64.87 -76.92 -55.18
N LYS K 462 65.77 -76.08 -54.67
CA LYS K 462 65.76 -75.70 -53.24
C LYS K 462 65.70 -74.19 -53.01
N ASN K 463 64.81 -73.70 -52.17
CA ASN K 463 64.77 -72.27 -51.71
C ASN K 463 65.90 -71.81 -50.76
N TRP K 464 66.35 -72.65 -49.85
CA TRP K 464 67.20 -72.22 -48.72
C TRP K 464 68.45 -73.05 -48.56
N PHE K 465 69.46 -72.46 -47.96
CA PHE K 465 70.80 -73.09 -47.90
C PHE K 465 71.27 -73.17 -46.47
N PRO K 466 72.13 -74.16 -46.17
CA PRO K 466 72.74 -74.28 -44.85
C PRO K 466 73.77 -73.21 -44.48
N GLY K 467 74.03 -73.04 -43.19
CA GLY K 467 74.95 -72.02 -42.64
C GLY K 467 76.43 -72.24 -42.86
N PRO K 468 77.28 -71.22 -42.58
CA PRO K 468 78.72 -71.28 -42.87
C PRO K 468 79.60 -72.33 -42.16
N MET K 469 80.59 -72.86 -42.86
CA MET K 469 81.42 -73.96 -42.32
C MET K 469 82.93 -73.79 -42.52
N GLY K 470 83.79 -74.25 -41.62
CA GLY K 470 85.26 -74.37 -41.83
C GLY K 470 85.71 -75.75 -41.39
N ARG K 471 86.44 -76.53 -42.18
CA ARG K 471 86.78 -77.93 -41.77
C ARG K 471 87.69 -78.04 -40.52
N THR K 472 87.36 -78.92 -39.56
CA THR K 472 88.10 -79.16 -38.30
C THR K 472 88.30 -80.65 -38.12
N GLN K 473 89.45 -81.10 -37.62
CA GLN K 473 89.79 -82.54 -37.52
C GLN K 473 88.84 -83.33 -36.60
N GLY K 474 88.50 -84.56 -36.97
CA GLY K 474 87.62 -85.44 -36.18
C GLY K 474 88.39 -86.54 -35.48
N TRP K 475 88.11 -86.72 -34.19
CA TRP K 475 88.77 -87.76 -33.36
C TRP K 475 87.74 -88.73 -32.76
N ASN K 476 88.00 -90.02 -32.83
CA ASN K 476 87.10 -91.07 -32.26
C ASN K 476 87.23 -91.14 -30.74
N LEU K 477 86.13 -91.46 -30.05
CA LEU K 477 86.06 -91.54 -28.57
C LEU K 477 85.56 -92.95 -28.24
N GLY K 478 85.74 -93.45 -27.01
CA GLY K 478 85.35 -94.83 -26.68
C GLY K 478 86.15 -95.86 -27.43
N SER K 479 85.49 -96.73 -28.21
CA SER K 479 86.18 -97.76 -29.00
C SER K 479 87.13 -97.09 -29.99
N GLY K 480 86.75 -95.98 -30.64
CA GLY K 480 87.76 -95.18 -31.37
C GLY K 480 88.52 -95.85 -32.48
N VAL K 481 89.86 -95.87 -32.41
CA VAL K 481 90.77 -96.38 -33.49
C VAL K 481 91.58 -95.21 -34.14
N ASN K 482 91.83 -94.11 -33.45
CA ASN K 482 92.65 -92.94 -33.89
C ASN K 482 94.18 -93.16 -33.99
N ARG K 483 94.90 -92.32 -34.75
CA ARG K 483 96.40 -92.37 -34.92
C ARG K 483 97.21 -92.13 -33.63
N ALA K 484 98.28 -92.91 -33.41
CA ALA K 484 99.11 -92.89 -32.18
C ALA K 484 100.20 -91.83 -32.06
N SER K 485 100.56 -91.43 -30.83
CA SER K 485 101.71 -90.53 -30.53
C SER K 485 101.67 -89.17 -31.23
N VAL K 486 100.52 -88.52 -31.30
CA VAL K 486 100.39 -87.23 -32.05
C VAL K 486 100.53 -86.01 -31.12
N SER K 487 101.27 -84.98 -31.56
CA SER K 487 101.25 -83.68 -30.84
C SER K 487 100.26 -82.82 -31.63
N ALA K 488 99.17 -82.39 -31.03
CA ALA K 488 98.05 -81.66 -31.69
C ALA K 488 98.33 -80.26 -32.27
N PHE K 489 99.14 -79.40 -31.67
CA PHE K 489 99.22 -77.93 -31.99
C PHE K 489 99.60 -77.51 -33.44
N ALA K 490 100.55 -78.16 -34.10
CA ALA K 490 100.98 -77.77 -35.47
C ALA K 490 99.83 -77.88 -36.47
N THR K 491 98.97 -78.89 -36.34
CA THR K 491 97.87 -79.15 -37.30
C THR K 491 96.54 -78.55 -36.88
N THR K 492 96.46 -77.78 -35.81
CA THR K 492 95.22 -77.11 -35.33
C THR K 492 94.78 -75.93 -36.18
N ASN K 493 93.48 -75.58 -36.17
CA ASN K 493 92.93 -74.39 -36.89
C ASN K 493 93.43 -73.09 -36.28
N ARG K 494 93.73 -72.09 -37.12
CA ARG K 494 94.32 -70.82 -36.61
C ARG K 494 93.85 -69.59 -37.37
N MET K 495 93.88 -68.41 -36.74
CA MET K 495 93.62 -67.12 -37.40
C MET K 495 94.85 -66.22 -37.09
N GLU K 496 95.27 -65.35 -38.01
CA GLU K 496 96.48 -64.51 -37.85
C GLU K 496 96.10 -63.06 -37.48
N LEU K 497 96.61 -62.52 -36.37
CA LEU K 497 96.40 -61.09 -35.99
C LEU K 497 97.72 -60.42 -35.66
N GLU K 498 98.04 -59.25 -36.21
CA GLU K 498 99.24 -58.42 -35.85
C GLU K 498 100.57 -59.18 -35.95
N GLY K 499 100.76 -60.06 -36.93
CA GLY K 499 101.97 -60.89 -36.99
C GLY K 499 102.04 -62.14 -36.12
N ALA K 500 100.98 -62.57 -35.46
CA ALA K 500 101.04 -63.84 -34.68
C ALA K 500 99.91 -64.82 -35.05
N SER K 501 100.13 -66.13 -34.90
CA SER K 501 99.11 -67.19 -35.18
C SER K 501 98.40 -67.58 -33.89
N TYR K 502 97.08 -67.54 -33.91
CA TYR K 502 96.30 -67.85 -32.69
C TYR K 502 95.34 -69.00 -32.89
N GLN K 503 95.33 -69.91 -31.94
CA GLN K 503 94.25 -70.93 -31.93
C GLN K 503 92.96 -70.18 -31.55
N VAL K 504 91.84 -70.57 -32.14
CA VAL K 504 90.51 -69.95 -31.88
C VAL K 504 89.67 -71.17 -31.50
N PRO K 505 89.82 -71.67 -30.25
CA PRO K 505 89.25 -72.95 -29.82
C PRO K 505 87.78 -73.13 -29.90
N PRO K 506 86.83 -72.20 -29.64
CA PRO K 506 85.45 -72.50 -29.98
C PRO K 506 85.50 -72.13 -31.47
N GLN K 507 85.00 -72.94 -32.39
CA GLN K 507 85.00 -72.40 -33.79
C GLN K 507 83.81 -71.41 -33.96
N PRO K 508 83.69 -70.62 -35.05
CA PRO K 508 82.50 -69.78 -35.30
C PRO K 508 81.15 -70.52 -35.56
N ASN K 509 79.97 -69.97 -35.23
CA ASN K 509 78.63 -70.65 -35.35
C ASN K 509 78.17 -71.15 -36.74
N GLY K 510 77.24 -72.13 -36.79
CA GLY K 510 76.69 -72.74 -38.02
C GLY K 510 77.14 -74.15 -38.35
N MET K 511 77.86 -74.79 -37.46
CA MET K 511 78.29 -76.19 -37.69
C MET K 511 77.84 -77.15 -36.57
N THR K 512 77.91 -78.46 -36.84
CA THR K 512 77.69 -79.50 -35.79
C THR K 512 78.97 -80.31 -35.61
N ASN K 513 79.49 -80.47 -34.39
CA ASN K 513 80.65 -81.33 -34.00
C ASN K 513 80.43 -82.86 -34.12
N ASN K 514 79.26 -83.40 -33.80
CA ASN K 514 79.00 -84.87 -33.72
C ASN K 514 77.74 -85.24 -34.52
N LEU K 515 77.76 -86.30 -35.31
CA LEU K 515 76.55 -86.80 -36.07
C LEU K 515 75.34 -87.39 -35.28
N GLN K 516 75.48 -88.21 -34.23
CA GLN K 516 74.36 -88.91 -33.48
C GLN K 516 74.71 -90.39 -33.56
N GLY K 517 74.62 -91.12 -32.44
CA GLY K 517 75.29 -92.43 -32.53
C GLY K 517 76.72 -91.97 -32.68
N SER K 518 77.43 -92.30 -33.75
CA SER K 518 78.85 -91.91 -34.01
C SER K 518 79.74 -91.49 -32.84
N ASN K 519 80.98 -91.97 -32.87
CA ASN K 519 81.98 -91.65 -31.83
C ASN K 519 83.00 -90.66 -32.38
N THR K 520 82.76 -90.08 -33.57
CA THR K 520 83.64 -89.03 -34.12
C THR K 520 83.20 -87.65 -33.63
N TYR K 521 84.15 -86.90 -33.10
CA TYR K 521 83.88 -85.55 -32.57
C TYR K 521 84.91 -84.62 -33.11
N ALA K 522 84.48 -83.44 -33.51
CA ALA K 522 85.50 -82.44 -33.88
C ALA K 522 85.81 -81.71 -32.56
N LEU K 523 86.97 -81.99 -31.93
CA LEU K 523 87.34 -81.52 -30.56
C LEU K 523 87.49 -79.98 -30.42
N GLU K 524 88.00 -79.29 -31.44
CA GLU K 524 88.16 -77.81 -31.43
C GLU K 524 86.82 -77.09 -31.69
N ASN K 525 85.74 -77.80 -32.03
CA ASN K 525 84.36 -77.21 -32.15
C ASN K 525 83.52 -77.56 -30.90
N THR K 526 84.07 -78.14 -29.86
CA THR K 526 83.27 -78.61 -28.68
C THR K 526 83.65 -77.91 -27.40
N MET K 527 82.67 -77.53 -26.59
CA MET K 527 82.92 -77.06 -25.20
C MET K 527 83.32 -78.26 -24.33
N ILE K 528 84.48 -78.19 -23.67
CA ILE K 528 84.97 -79.26 -22.75
C ILE K 528 85.03 -78.72 -21.31
N PHE K 529 84.48 -79.44 -20.35
CA PHE K 529 84.35 -79.01 -18.93
C PHE K 529 84.86 -80.09 -18.02
N ASN K 530 85.20 -79.74 -16.78
CA ASN K 530 85.60 -80.72 -15.72
C ASN K 530 84.44 -80.87 -14.73
N SER K 531 84.11 -82.08 -14.29
CA SER K 531 83.08 -82.32 -13.25
C SER K 531 83.48 -81.66 -11.92
N GLN K 532 84.77 -81.72 -11.56
CA GLN K 532 85.29 -81.16 -10.30
C GLN K 532 86.14 -79.92 -10.55
N PRO K 533 86.17 -78.91 -9.64
CA PRO K 533 87.06 -77.76 -9.76
C PRO K 533 88.53 -78.13 -9.60
N ALA K 534 89.41 -77.35 -10.23
CA ALA K 534 90.86 -77.69 -10.26
C ALA K 534 91.72 -76.63 -9.57
N ASN K 535 92.87 -77.06 -9.06
CA ASN K 535 93.87 -76.13 -8.47
C ASN K 535 94.50 -75.26 -9.57
N PRO K 536 94.86 -74.00 -9.28
CA PRO K 536 95.51 -73.15 -10.27
C PRO K 536 96.88 -73.59 -10.79
N GLY K 537 97.11 -73.46 -12.09
CA GLY K 537 98.40 -73.78 -12.72
C GLY K 537 98.64 -75.25 -13.00
N THR K 538 97.64 -76.10 -12.86
CA THR K 538 97.84 -77.54 -13.05
C THR K 538 98.31 -77.82 -14.48
N THR K 539 99.27 -78.71 -14.66
CA THR K 539 99.75 -79.13 -15.99
C THR K 539 99.47 -80.61 -16.20
N ALA K 540 98.63 -81.23 -15.35
CA ALA K 540 98.29 -82.67 -15.41
C ALA K 540 97.55 -83.11 -16.69
N THR K 541 97.87 -84.29 -17.23
CA THR K 541 97.11 -84.85 -18.36
C THR K 541 95.76 -85.35 -17.90
N TYR K 542 94.72 -85.16 -18.70
CA TYR K 542 93.37 -85.67 -18.39
C TYR K 542 92.89 -86.57 -19.49
N LEU K 543 92.42 -87.74 -19.14
CA LEU K 543 91.76 -88.68 -20.09
C LEU K 543 90.27 -88.33 -20.27
N GLU K 544 89.60 -88.95 -21.22
CA GLU K 544 88.17 -88.69 -21.58
C GLU K 544 87.18 -88.96 -20.43
N GLY K 545 87.41 -89.98 -19.60
CA GLY K 545 86.51 -90.33 -18.49
C GLY K 545 86.38 -89.20 -17.48
N ASN K 546 87.46 -88.51 -17.16
CA ASN K 546 87.39 -87.29 -16.30
C ASN K 546 86.59 -86.14 -16.95
N MET K 547 86.66 -85.94 -18.26
CA MET K 547 86.07 -84.76 -18.93
C MET K 547 84.56 -84.82 -19.20
N LEU K 548 83.89 -83.67 -19.26
CA LEU K 548 82.46 -83.60 -19.68
C LEU K 548 82.47 -83.05 -21.10
N ILE K 549 82.07 -83.83 -22.11
CA ILE K 549 82.16 -83.41 -23.55
C ILE K 549 80.76 -83.24 -24.14
N THR K 550 80.45 -82.07 -24.66
CA THR K 550 79.15 -81.72 -25.27
C THR K 550 78.99 -82.20 -26.70
N SER K 551 77.74 -82.39 -27.15
CA SER K 551 77.39 -82.80 -28.53
C SER K 551 76.34 -81.83 -29.06
N GLU K 552 76.41 -81.46 -30.34
CA GLU K 552 75.48 -80.52 -31.00
C GLU K 552 74.62 -81.31 -32.02
N SER K 553 74.44 -82.61 -31.85
CA SER K 553 73.77 -83.53 -32.82
C SER K 553 72.31 -83.15 -33.12
N GLU K 554 71.60 -82.46 -32.25
CA GLU K 554 70.20 -81.96 -32.46
C GLU K 554 70.13 -80.98 -33.65
N THR K 555 71.15 -80.16 -33.90
CA THR K 555 71.21 -79.13 -34.96
C THR K 555 71.60 -79.71 -36.32
N GLN K 556 71.90 -81.00 -36.45
CA GLN K 556 72.39 -81.68 -37.68
C GLN K 556 71.40 -81.55 -38.86
N PRO K 557 70.05 -81.60 -38.69
CA PRO K 557 69.12 -81.31 -39.79
C PRO K 557 69.34 -79.97 -40.54
N VAL K 558 69.85 -78.89 -39.91
CA VAL K 558 70.26 -77.60 -40.55
C VAL K 558 71.75 -77.21 -40.46
N ASN K 559 72.63 -77.95 -39.78
CA ASN K 559 74.03 -77.49 -39.59
C ASN K 559 74.98 -78.50 -40.20
N ARG K 560 75.93 -78.02 -41.00
CA ARG K 560 76.92 -78.92 -41.65
C ARG K 560 77.90 -79.53 -40.63
N VAL K 561 78.35 -80.76 -40.88
CA VAL K 561 79.38 -81.42 -40.03
C VAL K 561 80.80 -80.83 -40.23
N ALA K 562 81.49 -80.48 -39.14
CA ALA K 562 82.85 -79.87 -39.13
C ALA K 562 83.96 -80.76 -39.70
N TYR K 563 83.96 -82.05 -39.40
CA TYR K 563 84.99 -83.00 -39.87
C TYR K 563 84.94 -83.19 -41.41
N ASN K 564 83.78 -83.20 -42.02
CA ASN K 564 83.57 -83.43 -43.49
C ASN K 564 83.79 -82.20 -44.39
N VAL K 565 84.07 -82.40 -45.69
CA VAL K 565 84.10 -81.31 -46.73
C VAL K 565 82.68 -80.71 -46.96
N GLY K 566 82.56 -79.40 -47.19
CA GLY K 566 81.27 -78.69 -47.45
C GLY K 566 80.47 -79.01 -48.71
N GLY K 567 81.10 -79.21 -49.88
CA GLY K 567 80.39 -79.38 -51.15
C GLY K 567 81.37 -79.36 -52.31
N GLN K 568 80.87 -79.29 -53.55
CA GLN K 568 81.71 -79.22 -54.78
C GLN K 568 81.27 -78.07 -55.71
N MET K 569 82.19 -77.46 -56.49
CA MET K 569 81.93 -76.38 -57.47
C MET K 569 82.70 -76.66 -58.78
N ALA K 570 82.29 -76.07 -59.91
CA ALA K 570 82.98 -76.22 -61.23
C ALA K 570 84.38 -75.57 -61.29
N THR K 571 85.34 -76.29 -61.89
CA THR K 571 86.74 -75.82 -61.98
C THR K 571 87.20 -75.58 -63.42
N ASN K 572 86.35 -75.69 -64.42
CA ASN K 572 86.80 -75.68 -65.85
C ASN K 572 85.66 -75.28 -66.77
N ASN K 573 85.96 -75.10 -68.05
CA ASN K 573 84.92 -74.91 -69.09
C ASN K 573 84.93 -76.16 -69.97
N GLN K 574 83.78 -76.82 -70.16
CA GLN K 574 83.63 -78.02 -71.03
C GLN K 574 83.73 -77.61 -72.52
N SER K 575 84.19 -78.53 -73.37
CA SER K 575 84.35 -78.29 -74.82
C SER K 575 84.29 -79.67 -75.49
N SER K 576 84.19 -79.74 -76.81
CA SER K 576 84.25 -81.07 -77.46
C SER K 576 85.57 -81.75 -77.10
N THR K 577 86.69 -81.01 -77.10
CA THR K 577 88.01 -81.52 -76.64
C THR K 577 88.05 -81.83 -75.14
N THR K 578 87.41 -81.03 -74.28
CA THR K 578 87.57 -81.19 -72.81
C THR K 578 86.34 -81.63 -72.05
N ALA K 579 86.45 -82.69 -71.23
CA ALA K 579 85.36 -83.14 -70.33
C ALA K 579 85.15 -82.17 -69.16
N PRO K 580 83.92 -82.03 -68.62
CA PRO K 580 83.68 -81.21 -67.43
C PRO K 580 84.32 -81.72 -66.11
N ALA K 581 84.75 -80.82 -65.22
CA ALA K 581 85.45 -81.16 -63.95
C ALA K 581 84.90 -80.41 -62.74
N THR K 582 84.98 -81.01 -61.56
CA THR K 582 84.53 -80.37 -60.29
C THR K 582 85.63 -80.41 -59.24
N GLY K 583 85.56 -79.54 -58.24
CA GLY K 583 86.49 -79.60 -57.10
C GLY K 583 85.79 -79.43 -55.77
N THR K 584 86.20 -80.17 -54.73
CA THR K 584 85.67 -79.97 -53.34
C THR K 584 86.23 -78.72 -52.66
N TYR K 585 85.47 -78.13 -51.74
CA TYR K 585 85.91 -76.96 -50.93
C TYR K 585 85.93 -77.32 -49.39
N ASN K 586 86.88 -76.79 -48.61
CA ASN K 586 87.02 -77.07 -47.14
C ASN K 586 86.43 -75.92 -46.29
N LEU K 587 86.10 -74.79 -46.91
CA LEU K 587 85.50 -73.63 -46.18
C LEU K 587 84.47 -72.88 -47.03
N GLN K 588 83.43 -72.34 -46.42
CA GLN K 588 82.44 -71.46 -47.10
C GLN K 588 81.90 -70.48 -46.06
N GLU K 589 81.44 -69.32 -46.47
CA GLU K 589 80.98 -68.26 -45.55
C GLU K 589 79.54 -67.92 -45.91
N ILE K 590 78.96 -66.90 -45.32
CA ILE K 590 77.53 -66.53 -45.49
C ILE K 590 77.14 -66.21 -46.95
N VAL K 591 75.99 -66.70 -47.36
CA VAL K 591 75.43 -66.49 -48.72
C VAL K 591 73.99 -66.03 -48.48
N PRO K 592 73.35 -65.28 -49.39
CA PRO K 592 71.94 -64.93 -49.21
C PRO K 592 71.00 -66.17 -49.22
N GLY K 593 69.98 -66.20 -48.37
CA GLY K 593 69.11 -67.38 -48.18
C GLY K 593 69.65 -68.42 -47.20
N SER K 594 70.74 -68.11 -46.51
CA SER K 594 71.38 -68.97 -45.47
C SER K 594 70.57 -69.08 -44.16
N VAL K 595 70.43 -70.29 -43.62
CA VAL K 595 69.72 -70.56 -42.33
C VAL K 595 70.62 -71.45 -41.45
N TRP K 596 70.65 -71.21 -40.14
CA TRP K 596 71.44 -72.04 -39.18
C TRP K 596 70.89 -71.95 -37.76
N MET K 597 71.33 -72.84 -36.90
CA MET K 597 71.00 -72.80 -35.45
C MET K 597 72.26 -72.43 -34.63
N GLU K 598 72.12 -71.52 -33.66
CA GLU K 598 73.21 -71.12 -32.72
C GLU K 598 73.51 -72.23 -31.70
N ARG K 599 74.70 -72.21 -31.11
CA ARG K 599 75.12 -73.19 -30.06
C ARG K 599 74.21 -73.19 -28.82
N ASP K 600 73.97 -74.37 -28.26
CA ASP K 600 73.14 -74.57 -27.05
C ASP K 600 73.80 -74.09 -25.74
N VAL K 601 73.00 -73.58 -24.82
CA VAL K 601 73.45 -73.26 -23.43
C VAL K 601 73.53 -74.51 -22.54
N TYR K 602 74.35 -74.47 -21.51
CA TYR K 602 74.52 -75.59 -20.55
C TYR K 602 74.38 -75.03 -19.15
N LEU K 603 73.97 -75.85 -18.17
CA LEU K 603 73.86 -75.42 -16.76
C LEU K 603 75.28 -75.03 -16.23
N GLN K 604 76.33 -75.75 -16.56
CA GLN K 604 77.76 -75.46 -16.27
C GLN K 604 78.27 -74.20 -17.03
N GLY K 605 77.70 -73.85 -18.18
CA GLY K 605 78.10 -72.70 -19.04
C GLY K 605 77.73 -71.26 -18.72
N PRO K 606 78.37 -70.29 -19.42
CA PRO K 606 78.00 -68.86 -19.36
C PRO K 606 76.73 -68.24 -19.95
N ILE K 607 76.03 -67.33 -19.27
CA ILE K 607 74.87 -66.55 -19.83
C ILE K 607 75.17 -65.45 -20.90
N TRP K 608 76.16 -64.59 -20.72
CA TRP K 608 76.34 -63.41 -21.60
C TRP K 608 77.79 -63.08 -21.98
N ALA K 609 77.96 -62.27 -23.02
CA ALA K 609 79.29 -61.74 -23.43
C ALA K 609 79.07 -60.28 -23.87
N LYS K 610 80.07 -59.44 -23.68
CA LYS K 610 80.02 -58.03 -24.15
C LYS K 610 80.43 -57.92 -25.63
N ILE K 611 79.63 -57.24 -26.44
CA ILE K 611 80.01 -56.95 -27.84
C ILE K 611 81.14 -55.90 -27.83
N PRO K 612 82.25 -56.10 -28.57
CA PRO K 612 83.34 -55.12 -28.62
C PRO K 612 83.03 -53.83 -29.38
N GLU K 613 83.52 -52.68 -28.92
CA GLU K 613 83.16 -51.38 -29.56
C GLU K 613 84.15 -51.00 -30.69
N THR K 614 83.81 -51.26 -31.94
CA THR K 614 84.66 -50.97 -33.11
C THR K 614 83.93 -50.06 -34.05
N GLY K 615 82.61 -49.96 -33.91
CA GLY K 615 81.73 -49.26 -34.84
C GLY K 615 81.21 -50.13 -35.98
N ALA K 616 81.70 -51.36 -36.16
CA ALA K 616 81.16 -52.30 -37.20
C ALA K 616 81.12 -53.75 -36.71
N HIS K 617 80.02 -54.45 -36.91
CA HIS K 617 79.92 -55.89 -36.54
C HIS K 617 78.85 -56.59 -37.39
N PHE K 618 78.92 -57.92 -37.49
CA PHE K 618 77.84 -58.70 -38.14
C PHE K 618 77.28 -59.76 -37.21
N HIS K 619 75.95 -59.87 -37.05
CA HIS K 619 75.25 -60.96 -36.32
C HIS K 619 75.92 -61.27 -34.97
N PRO K 620 75.53 -60.57 -33.90
CA PRO K 620 76.30 -60.63 -32.66
C PRO K 620 75.97 -61.65 -31.57
N SER K 621 76.19 -62.90 -31.92
CA SER K 621 75.95 -64.02 -30.98
C SER K 621 77.31 -64.61 -30.62
N PRO K 622 77.67 -64.70 -29.30
CA PRO K 622 78.99 -65.21 -28.95
C PRO K 622 79.26 -66.70 -29.22
N ALA K 623 80.47 -67.07 -29.58
CA ALA K 623 80.83 -68.45 -29.98
C ALA K 623 80.67 -69.50 -28.87
N MET K 624 81.02 -69.21 -27.62
CA MET K 624 80.86 -70.09 -26.44
C MET K 624 79.37 -70.37 -26.19
N GLY K 625 78.48 -69.43 -26.47
CA GLY K 625 77.03 -69.56 -26.28
C GLY K 625 76.46 -68.37 -25.53
N GLY K 626 75.15 -68.28 -25.41
CA GLY K 626 74.51 -67.19 -24.66
C GLY K 626 74.07 -65.94 -25.38
N PHE K 627 73.94 -64.84 -24.65
CA PHE K 627 73.38 -63.57 -25.15
C PHE K 627 74.47 -62.51 -25.31
N GLY K 628 74.53 -61.88 -26.48
CA GLY K 628 75.51 -60.82 -26.76
C GLY K 628 74.92 -59.48 -26.46
N LEU K 629 75.57 -58.73 -25.60
CA LEU K 629 74.97 -57.44 -25.12
C LEU K 629 75.86 -56.23 -25.38
N LYS K 630 75.31 -55.18 -25.97
CA LYS K 630 76.03 -53.88 -26.09
C LYS K 630 76.27 -53.25 -24.70
N HIS K 631 75.30 -53.31 -23.81
CA HIS K 631 75.43 -52.78 -22.43
C HIS K 631 75.19 -53.90 -21.42
N PRO K 632 76.24 -54.66 -21.09
CA PRO K 632 76.18 -55.78 -20.17
C PRO K 632 76.00 -55.47 -18.68
N PRO K 633 75.58 -56.41 -17.82
CA PRO K 633 75.51 -56.10 -16.40
C PRO K 633 76.92 -55.67 -15.96
N PRO K 634 77.06 -54.55 -15.21
CA PRO K 634 78.37 -53.97 -14.90
C PRO K 634 79.35 -54.62 -13.93
N MET K 635 80.64 -54.37 -14.11
CA MET K 635 81.70 -54.85 -13.19
C MET K 635 81.54 -54.30 -11.76
N MET K 636 81.61 -55.19 -10.77
CA MET K 636 81.46 -54.83 -9.34
C MET K 636 82.82 -55.08 -8.65
N LEU K 637 83.41 -54.06 -8.06
CA LEU K 637 84.79 -54.11 -7.53
C LEU K 637 84.81 -53.83 -6.02
N ILE K 638 85.54 -54.64 -5.27
CA ILE K 638 85.65 -54.50 -3.79
C ILE K 638 87.13 -54.53 -3.36
N LYS K 639 87.50 -53.66 -2.42
CA LYS K 639 88.88 -53.70 -1.86
C LYS K 639 88.88 -53.50 -0.33
N ASN K 640 89.92 -53.98 0.33
CA ASN K 640 90.13 -53.67 1.78
C ASN K 640 90.90 -52.34 1.87
N THR K 641 90.43 -51.39 2.66
CA THR K 641 91.14 -50.11 2.87
C THR K 641 92.48 -50.33 3.57
N PRO K 642 93.59 -49.71 3.08
CA PRO K 642 94.87 -49.77 3.77
C PRO K 642 94.83 -49.22 5.20
N VAL K 643 95.30 -50.01 6.13
CA VAL K 643 95.40 -49.51 7.53
C VAL K 643 96.90 -49.54 7.89
N PRO K 644 97.49 -48.37 8.18
CA PRO K 644 98.92 -48.30 8.53
C PRO K 644 99.52 -48.86 9.83
N GLY K 645 100.74 -49.36 9.80
CA GLY K 645 101.54 -49.79 10.97
C GLY K 645 102.15 -48.60 11.68
N ASN K 646 102.78 -48.77 12.83
CA ASN K 646 103.24 -47.57 13.62
C ASN K 646 104.30 -46.76 12.88
N ILE K 647 104.07 -45.45 12.72
CA ILE K 647 105.06 -44.56 12.04
C ILE K 647 105.41 -43.46 13.06
N THR K 648 106.69 -43.26 13.34
CA THR K 648 107.12 -42.30 14.39
C THR K 648 107.78 -41.06 13.82
N SER K 649 108.14 -41.07 12.54
CA SER K 649 108.89 -39.95 11.92
C SER K 649 108.28 -39.54 10.57
N PHE K 650 108.42 -38.29 10.15
CA PHE K 650 107.96 -37.79 8.83
C PHE K 650 108.85 -38.19 7.64
N SER K 651 108.24 -38.61 6.54
CA SER K 651 108.99 -38.78 5.26
C SER K 651 108.11 -38.34 4.10
N ASP K 652 108.68 -37.75 3.07
CA ASP K 652 107.99 -37.49 1.77
C ASP K 652 107.69 -38.86 1.11
N VAL K 653 108.59 -39.84 1.26
CA VAL K 653 108.42 -41.19 0.66
C VAL K 653 107.17 -41.88 1.23
N PRO K 654 106.30 -42.49 0.38
CA PRO K 654 105.07 -43.15 0.83
C PRO K 654 105.22 -44.36 1.76
N VAL K 655 104.28 -44.51 2.68
CA VAL K 655 104.32 -45.63 3.65
C VAL K 655 104.16 -47.00 2.96
N SER K 656 105.04 -47.93 3.32
CA SER K 656 105.03 -49.31 2.80
C SER K 656 104.70 -50.32 3.91
N SER K 657 104.42 -49.86 5.14
CA SER K 657 104.17 -50.77 6.29
C SER K 657 102.71 -50.68 6.73
N PHE K 658 102.00 -51.80 6.70
CA PHE K 658 100.55 -51.82 6.96
C PHE K 658 100.19 -52.98 7.84
N ILE K 659 99.14 -52.87 8.65
CA ILE K 659 98.64 -54.07 9.39
C ILE K 659 98.00 -55.11 8.43
N THR K 660 98.22 -56.42 8.62
CA THR K 660 97.65 -57.51 7.76
C THR K 660 96.17 -57.79 8.07
N GLN K 661 95.31 -57.76 7.05
CA GLN K 661 93.83 -57.85 7.24
C GLN K 661 93.11 -58.62 6.12
N TYR K 662 91.92 -59.17 6.39
CA TYR K 662 91.07 -59.87 5.37
C TYR K 662 89.62 -59.53 5.67
N SER K 663 88.73 -59.68 4.69
CA SER K 663 87.28 -59.43 4.89
C SER K 663 86.39 -60.63 4.51
N THR K 664 85.22 -60.71 5.12
CA THR K 664 84.24 -61.79 4.83
C THR K 664 82.82 -61.22 4.86
N GLY K 665 81.87 -61.83 4.16
CA GLY K 665 80.47 -61.39 4.16
C GLY K 665 79.51 -62.26 3.37
N GLN K 666 78.29 -61.78 3.16
CA GLN K 666 77.24 -62.46 2.33
C GLN K 666 76.81 -61.64 1.10
N VAL K 667 76.57 -62.30 -0.02
CA VAL K 667 76.07 -61.63 -1.26
C VAL K 667 74.76 -62.30 -1.74
N THR K 668 73.76 -61.50 -2.11
CA THR K 668 72.51 -62.02 -2.70
C THR K 668 72.31 -61.51 -4.13
N VAL K 669 71.99 -62.40 -5.08
CA VAL K 669 71.63 -62.00 -6.49
C VAL K 669 70.19 -62.46 -6.83
N GLU K 670 69.36 -61.55 -7.33
CA GLU K 670 67.97 -61.85 -7.77
C GLU K 670 67.84 -61.58 -9.27
N MET K 671 67.34 -62.56 -10.02
CA MET K 671 67.19 -62.44 -11.49
C MET K 671 65.78 -62.79 -11.97
N GLU K 672 65.27 -62.03 -12.93
CA GLU K 672 63.95 -62.30 -13.55
C GLU K 672 64.14 -62.82 -14.98
N TRP K 673 63.38 -63.86 -15.34
CA TRP K 673 63.48 -64.49 -16.68
C TRP K 673 62.12 -64.52 -17.37
N GLU K 674 62.10 -64.28 -18.68
CA GLU K 674 60.85 -64.38 -19.50
C GLU K 674 60.86 -65.73 -20.24
N LEU K 675 59.74 -66.43 -20.24
CA LEU K 675 59.60 -67.79 -20.82
C LEU K 675 58.71 -67.80 -22.07
N LYS K 676 59.07 -68.61 -23.07
CA LYS K 676 58.18 -68.82 -24.24
C LYS K 676 57.57 -70.24 -24.15
N LYS K 677 56.25 -70.34 -24.13
CA LYS K 677 55.51 -71.62 -24.07
C LYS K 677 55.49 -72.49 -25.34
N GLU K 678 55.55 -73.80 -25.18
CA GLU K 678 55.37 -74.75 -26.30
C GLU K 678 53.91 -74.74 -26.81
N ASN K 679 53.68 -74.82 -28.12
CA ASN K 679 52.33 -74.89 -28.75
C ASN K 679 52.26 -76.07 -29.73
N SER K 680 52.84 -77.23 -29.40
CA SER K 680 52.95 -78.41 -30.31
C SER K 680 51.64 -79.16 -30.63
N LYS K 681 51.50 -79.64 -31.87
CA LYS K 681 50.37 -80.51 -32.29
C LYS K 681 50.85 -81.96 -32.50
N ARG K 682 52.08 -82.34 -32.12
CA ARG K 682 52.63 -83.74 -32.21
C ARG K 682 51.88 -84.77 -31.32
N TRP K 683 51.25 -85.78 -31.93
CA TRP K 683 50.48 -86.84 -31.25
C TRP K 683 51.28 -87.80 -30.35
N ASN K 684 52.42 -88.25 -30.84
CA ASN K 684 53.32 -89.19 -30.13
C ASN K 684 54.13 -88.53 -29.01
N PRO K 685 54.55 -89.29 -27.99
CA PRO K 685 55.42 -88.77 -26.93
C PRO K 685 56.86 -88.32 -27.29
N GLU K 686 57.30 -87.21 -26.71
CA GLU K 686 58.66 -86.62 -26.86
C GLU K 686 59.81 -87.14 -25.99
N ILE K 687 61.05 -86.87 -26.38
CA ILE K 687 62.27 -87.10 -25.54
C ILE K 687 62.35 -86.09 -24.37
N GLN K 688 62.76 -86.53 -23.18
CA GLN K 688 62.88 -85.70 -21.95
C GLN K 688 64.14 -86.02 -21.16
N TYR K 689 64.73 -85.06 -20.46
CA TYR K 689 65.86 -85.34 -19.53
C TYR K 689 65.29 -86.06 -18.29
N THR K 690 65.94 -87.15 -17.89
CA THR K 690 65.47 -87.95 -16.76
C THR K 690 66.64 -88.36 -15.89
N ASN K 691 66.39 -88.64 -14.62
CA ASN K 691 67.42 -89.21 -13.74
C ASN K 691 67.37 -90.71 -14.00
N ASN K 692 68.35 -91.26 -14.68
CA ASN K 692 68.32 -92.68 -15.12
C ASN K 692 69.73 -93.25 -14.98
N TYR K 693 69.88 -94.22 -14.10
CA TYR K 693 71.23 -94.77 -13.77
C TYR K 693 71.04 -96.26 -13.55
N ASN K 694 72.00 -97.09 -13.93
CA ASN K 694 71.88 -98.55 -13.63
C ASN K 694 72.75 -98.93 -12.42
N ASP K 695 72.16 -99.53 -11.38
CA ASP K 695 72.86 -99.95 -10.12
C ASP K 695 73.66 -98.82 -9.46
N PRO K 696 73.10 -97.61 -9.21
CA PRO K 696 73.90 -96.50 -8.69
C PRO K 696 74.58 -96.65 -7.31
N GLN K 697 75.84 -96.24 -7.20
CA GLN K 697 76.59 -96.31 -5.92
C GLN K 697 76.56 -94.97 -5.17
N PHE K 698 76.01 -93.94 -5.78
CA PHE K 698 75.95 -92.58 -5.19
C PHE K 698 74.80 -91.90 -5.84
N VAL K 699 74.33 -90.83 -5.24
CA VAL K 699 73.32 -89.99 -5.93
C VAL K 699 74.08 -88.86 -6.63
N ASP K 700 73.88 -88.69 -7.92
CA ASP K 700 74.42 -87.54 -8.70
C ASP K 700 73.76 -86.23 -8.29
N PHE K 701 74.46 -85.09 -8.37
CA PHE K 701 74.00 -83.72 -7.92
C PHE K 701 73.71 -83.69 -6.42
N ALA K 702 74.53 -84.37 -5.65
CA ALA K 702 74.39 -84.44 -4.18
C ALA K 702 75.77 -84.49 -3.54
N PRO K 703 75.93 -84.15 -2.25
CA PRO K 703 77.20 -84.36 -1.55
C PRO K 703 77.59 -85.84 -1.28
N ASP K 704 78.88 -86.13 -1.20
CA ASP K 704 79.34 -87.50 -0.85
C ASP K 704 79.65 -87.67 0.65
N SER K 705 80.25 -88.80 1.03
CA SER K 705 80.57 -89.10 2.45
C SER K 705 81.56 -88.06 3.01
N THR K 706 82.55 -87.60 2.24
CA THR K 706 83.47 -86.49 2.60
C THR K 706 82.83 -85.12 2.56
N GLY K 707 81.64 -84.93 1.95
CA GLY K 707 81.02 -83.60 1.76
C GLY K 707 81.29 -82.90 0.44
N GLU K 708 81.93 -83.54 -0.52
CA GLU K 708 82.20 -82.96 -1.86
C GLU K 708 81.05 -83.18 -2.85
N TYR K 709 80.59 -82.13 -3.52
CA TYR K 709 79.49 -82.19 -4.53
C TYR K 709 79.88 -82.96 -5.79
N ARG K 710 78.95 -83.76 -6.31
CA ARG K 710 79.22 -84.58 -7.51
C ARG K 710 78.31 -84.12 -8.66
N SER K 711 78.88 -83.84 -9.83
CA SER K 711 78.14 -83.43 -11.06
C SER K 711 78.67 -84.19 -12.28
N THR K 712 78.35 -85.47 -12.46
CA THR K 712 78.82 -86.36 -13.56
C THR K 712 78.39 -85.95 -14.96
N ARG K 713 77.21 -85.39 -15.20
CA ARG K 713 76.70 -85.15 -16.58
C ARG K 713 76.51 -83.69 -17.00
N PRO K 714 76.91 -83.28 -18.23
CA PRO K 714 76.57 -81.96 -18.77
C PRO K 714 75.10 -81.82 -19.23
N ILE K 715 74.40 -80.73 -18.94
CA ILE K 715 72.97 -80.68 -19.39
C ILE K 715 72.65 -79.52 -20.34
N GLY K 716 72.16 -79.84 -21.54
CA GLY K 716 71.72 -78.89 -22.57
C GLY K 716 70.26 -78.54 -22.45
N THR K 717 69.78 -77.65 -23.29
CA THR K 717 68.36 -77.24 -23.29
C THR K 717 67.45 -77.86 -24.35
N ARG K 718 67.92 -78.63 -25.34
CA ARG K 718 67.00 -79.05 -26.47
C ARG K 718 66.48 -80.50 -26.37
N TYR K 719 65.24 -80.68 -25.91
CA TYR K 719 64.58 -82.01 -25.77
C TYR K 719 63.29 -82.00 -26.56
N LEU K 720 62.65 -80.84 -26.64
CA LEU K 720 61.41 -80.64 -27.44
C LEU K 720 61.71 -80.54 -28.93
N THR K 721 60.73 -80.83 -29.75
CA THR K 721 60.89 -80.88 -31.22
C THR K 721 59.87 -79.98 -31.87
N ARG K 722 60.27 -79.34 -32.97
CA ARG K 722 59.32 -78.50 -33.76
C ARG K 722 59.48 -78.77 -35.24
N PRO K 723 58.40 -78.68 -36.07
CA PRO K 723 58.53 -78.73 -37.53
C PRO K 723 59.20 -77.47 -38.13
N LEU K 724 59.90 -77.59 -39.25
CA LEU K 724 60.62 -76.45 -39.87
C LEU K 724 59.64 -75.38 -40.40
N ASP L 209 21.83 -73.53 -46.42
CA ASP L 209 20.37 -73.30 -46.57
C ASP L 209 19.68 -74.53 -47.20
N GLY L 210 19.85 -74.81 -48.49
CA GLY L 210 19.03 -75.88 -49.10
C GLY L 210 19.58 -76.61 -50.30
N VAL L 211 18.93 -77.73 -50.65
CA VAL L 211 19.28 -78.54 -51.85
C VAL L 211 19.11 -77.74 -53.16
N GLY L 212 18.08 -76.90 -53.27
CA GLY L 212 17.76 -76.14 -54.50
C GLY L 212 18.35 -74.77 -54.57
N ASN L 213 19.13 -74.35 -53.58
CA ASN L 213 19.64 -72.96 -53.53
C ASN L 213 21.16 -72.94 -53.70
N ALA L 214 21.67 -72.07 -54.58
CA ALA L 214 23.12 -71.91 -54.79
C ALA L 214 23.84 -71.13 -53.67
N SER L 215 24.93 -71.66 -53.14
CA SER L 215 25.81 -71.08 -52.09
C SER L 215 26.61 -69.83 -52.52
N GLY L 216 27.06 -69.73 -53.76
CA GLY L 216 27.84 -68.60 -54.28
C GLY L 216 27.80 -68.39 -55.78
N ASP L 217 28.43 -67.34 -56.27
CA ASP L 217 28.47 -66.95 -57.72
C ASP L 217 29.88 -66.88 -58.30
N TRP L 218 30.01 -66.99 -59.62
CA TRP L 218 31.31 -66.94 -60.34
C TRP L 218 31.87 -65.50 -60.45
N HIS L 219 33.09 -65.29 -59.95
CA HIS L 219 33.77 -63.99 -60.12
C HIS L 219 35.17 -64.18 -60.74
N CYS L 220 35.40 -63.75 -61.98
CA CYS L 220 36.77 -63.77 -62.56
C CYS L 220 37.02 -62.37 -63.13
N ASP L 221 37.87 -61.56 -62.50
CA ASP L 221 38.05 -60.15 -62.95
C ASP L 221 39.33 -59.45 -62.47
N SER L 222 39.74 -58.35 -63.12
CA SER L 222 40.84 -57.48 -62.64
C SER L 222 40.31 -56.05 -62.56
N THR L 223 40.56 -55.33 -61.48
CA THR L 223 40.21 -53.89 -61.38
C THR L 223 41.46 -53.09 -61.07
N TRP L 224 41.75 -52.05 -61.85
CA TRP L 224 42.94 -51.18 -61.67
C TRP L 224 42.48 -49.83 -61.14
N MET L 225 42.99 -49.42 -59.99
CA MET L 225 42.61 -48.15 -59.33
C MET L 225 43.82 -47.34 -58.84
N GLY L 226 44.56 -46.63 -59.69
CA GLY L 226 45.78 -45.92 -59.25
C GLY L 226 46.88 -46.85 -58.78
N ASP L 227 47.33 -46.71 -57.53
CA ASP L 227 48.42 -47.53 -56.93
C ASP L 227 47.99 -48.97 -56.62
N ARG L 228 46.71 -49.32 -56.67
CA ARG L 228 46.21 -50.67 -56.30
C ARG L 228 45.58 -51.45 -57.46
N VAL L 229 45.85 -52.75 -57.56
CA VAL L 229 45.16 -53.65 -58.53
C VAL L 229 44.53 -54.79 -57.72
N VAL L 230 43.26 -55.15 -57.98
CA VAL L 230 42.56 -56.30 -57.32
C VAL L 230 42.33 -57.42 -58.36
N THR L 231 42.73 -58.66 -58.02
CA THR L 231 42.52 -59.82 -58.92
C THR L 231 41.50 -60.80 -58.32
N LYS L 232 40.53 -61.26 -59.10
CA LYS L 232 39.54 -62.29 -58.69
C LYS L 232 39.66 -63.51 -59.61
N SER L 233 39.71 -64.71 -59.05
CA SER L 233 39.84 -65.98 -59.82
C SER L 233 38.86 -67.03 -59.31
N THR L 234 38.10 -67.68 -60.19
CA THR L 234 37.16 -68.76 -59.84
C THR L 234 37.50 -70.04 -60.62
N ARG L 235 37.54 -71.19 -59.95
CA ARG L 235 37.80 -72.50 -60.59
C ARG L 235 36.86 -73.62 -60.09
N THR L 236 36.72 -74.69 -60.86
CA THR L 236 35.96 -75.90 -60.47
C THR L 236 36.94 -77.01 -60.12
N TRP L 237 36.79 -77.65 -58.96
CA TRP L 237 37.69 -78.71 -58.44
C TRP L 237 36.99 -80.07 -58.19
N VAL L 238 37.76 -81.15 -58.22
CA VAL L 238 37.28 -82.52 -57.89
C VAL L 238 38.14 -83.07 -56.72
N LEU L 239 37.51 -83.71 -55.72
CA LEU L 239 38.26 -84.38 -54.62
C LEU L 239 38.08 -85.90 -54.57
N PRO L 240 39.16 -86.68 -54.74
CA PRO L 240 39.12 -88.13 -54.51
C PRO L 240 39.11 -88.56 -53.05
N SER L 241 38.63 -89.76 -52.75
CA SER L 241 38.79 -90.27 -51.35
C SER L 241 40.14 -90.99 -51.26
N TYR L 242 41.20 -90.30 -50.84
CA TYR L 242 42.59 -90.84 -50.83
C TYR L 242 42.90 -91.80 -49.69
N ASN L 243 43.53 -92.94 -49.97
CA ASN L 243 44.03 -93.91 -48.94
C ASN L 243 42.89 -94.77 -48.40
N ASN L 244 41.68 -94.67 -48.97
CA ASN L 244 40.46 -95.38 -48.46
C ASN L 244 40.21 -95.05 -46.99
N HIS L 245 40.32 -93.77 -46.59
CA HIS L 245 40.05 -93.30 -45.20
C HIS L 245 41.12 -93.69 -44.17
N GLN L 246 42.35 -93.92 -44.60
CA GLN L 246 43.42 -94.41 -43.69
C GLN L 246 44.71 -93.56 -43.78
N TYR L 247 45.55 -93.59 -42.74
CA TYR L 247 46.86 -92.90 -42.70
C TYR L 247 47.89 -93.97 -42.92
N ARG L 248 48.84 -93.76 -43.82
CA ARG L 248 49.84 -94.79 -44.15
C ARG L 248 51.30 -94.34 -43.91
N GLU L 249 52.10 -95.18 -43.27
CA GLU L 249 53.54 -94.88 -43.13
C GLU L 249 54.24 -95.09 -44.49
N ILE L 250 55.03 -94.12 -44.92
CA ILE L 250 55.71 -94.13 -46.24
C ILE L 250 57.23 -93.98 -46.03
N LYS L 251 58.03 -94.64 -46.85
CA LYS L 251 59.50 -94.61 -46.62
C LYS L 251 60.27 -94.93 -47.90
N SER L 252 61.51 -94.47 -47.98
CA SER L 252 62.37 -94.88 -49.13
C SER L 252 63.82 -95.18 -48.70
N GLY L 253 64.46 -96.15 -49.34
CA GLY L 253 65.92 -96.38 -49.25
C GLY L 253 66.64 -95.61 -50.39
N SER L 254 67.92 -95.86 -50.62
CA SER L 254 68.71 -95.22 -51.72
C SER L 254 68.18 -95.60 -53.11
N VAL L 255 68.06 -94.63 -54.03
CA VAL L 255 67.48 -94.86 -55.38
C VAL L 255 68.32 -94.06 -56.41
N ASP L 256 68.51 -94.58 -57.62
CA ASP L 256 69.29 -93.92 -58.71
C ASP L 256 70.73 -93.69 -58.24
N GLY L 257 71.23 -94.56 -57.38
CA GLY L 257 72.60 -94.42 -56.85
C GLY L 257 72.75 -93.46 -55.68
N SER L 258 71.67 -92.86 -55.13
CA SER L 258 71.90 -91.84 -54.07
C SER L 258 71.19 -92.07 -52.73
N ASN L 259 71.91 -92.00 -51.61
CA ASN L 259 71.33 -92.05 -50.22
C ASN L 259 70.60 -90.76 -49.84
N ALA L 260 70.82 -89.64 -50.54
CA ALA L 260 70.11 -88.33 -50.35
C ALA L 260 68.63 -88.53 -50.68
N ASN L 261 68.33 -89.49 -51.54
CA ASN L 261 66.95 -89.97 -51.89
C ASN L 261 66.18 -90.60 -50.70
N ALA L 262 66.81 -91.28 -49.75
CA ALA L 262 66.15 -91.94 -48.58
C ALA L 262 65.36 -90.98 -47.66
N TYR L 263 64.19 -91.41 -47.19
CA TYR L 263 63.30 -90.61 -46.30
C TYR L 263 62.36 -91.52 -45.47
N PHE L 264 61.81 -91.00 -44.39
CA PHE L 264 60.76 -91.66 -43.57
C PHE L 264 59.59 -90.65 -43.46
N GLY L 265 58.35 -91.07 -43.66
CA GLY L 265 57.19 -90.15 -43.69
C GLY L 265 55.80 -90.74 -43.52
N TYR L 266 54.78 -89.88 -43.52
CA TYR L 266 53.35 -90.29 -43.48
C TYR L 266 52.53 -89.78 -44.69
N SER L 267 51.62 -90.60 -45.24
CA SER L 267 50.65 -90.17 -46.28
C SER L 267 49.27 -90.04 -45.60
N THR L 268 48.47 -89.09 -46.02
CA THR L 268 47.20 -88.79 -45.30
C THR L 268 45.97 -88.88 -46.20
N PRO L 269 44.77 -89.07 -45.63
CA PRO L 269 43.49 -89.06 -46.34
C PRO L 269 43.06 -87.72 -46.97
N TRP L 270 43.54 -86.60 -46.46
CA TRP L 270 43.23 -85.21 -46.88
C TRP L 270 43.86 -84.68 -48.19
N GLY L 271 43.25 -83.65 -48.75
CA GLY L 271 43.74 -82.92 -49.93
C GLY L 271 43.84 -81.45 -49.59
N TYR L 272 44.61 -80.69 -50.34
CA TYR L 272 44.84 -79.25 -50.03
C TYR L 272 44.68 -78.36 -51.27
N PHE L 273 44.43 -77.07 -51.06
CA PHE L 273 44.35 -76.05 -52.15
C PHE L 273 45.64 -75.22 -52.20
N ASP L 274 46.30 -75.11 -53.36
CA ASP L 274 47.55 -74.33 -53.59
C ASP L 274 47.31 -73.20 -54.61
N PHE L 275 47.61 -71.96 -54.24
CA PHE L 275 47.51 -70.80 -55.17
C PHE L 275 48.89 -70.11 -55.42
N ASN L 276 50.04 -70.71 -55.08
CA ASN L 276 51.33 -69.98 -55.21
C ASN L 276 51.91 -70.06 -56.64
N ARG L 277 51.19 -69.59 -57.65
CA ARG L 277 51.66 -69.42 -59.04
C ARG L 277 51.01 -68.12 -59.53
N PHE L 278 51.72 -67.28 -60.28
CA PHE L 278 51.20 -65.99 -60.84
C PHE L 278 50.04 -66.18 -61.86
N HIS L 279 50.09 -67.19 -62.73
CA HIS L 279 49.09 -67.50 -63.80
C HIS L 279 47.74 -67.84 -63.15
N SER L 280 47.72 -68.29 -61.90
CA SER L 280 46.49 -68.54 -61.09
C SER L 280 45.70 -67.24 -60.90
N HIS L 281 46.35 -66.11 -60.69
CA HIS L 281 45.71 -64.77 -60.50
C HIS L 281 45.79 -63.82 -61.69
N TRP L 282 46.65 -64.04 -62.68
CA TRP L 282 46.92 -63.02 -63.72
C TRP L 282 46.67 -63.50 -65.15
N SER L 283 45.91 -62.74 -65.91
CA SER L 283 45.74 -63.01 -67.36
C SER L 283 47.05 -62.61 -68.08
N PRO L 284 47.36 -63.19 -69.26
CA PRO L 284 48.53 -62.77 -70.00
C PRO L 284 48.51 -61.30 -70.42
N ARG L 285 47.37 -60.74 -70.85
CA ARG L 285 47.25 -59.28 -71.14
C ARG L 285 47.47 -58.40 -69.89
N ASP L 286 46.93 -58.75 -68.73
CA ASP L 286 47.09 -58.02 -67.44
C ASP L 286 48.56 -58.02 -66.99
N TRP L 287 49.25 -59.12 -67.16
CA TRP L 287 50.70 -59.24 -66.84
C TRP L 287 51.54 -58.31 -67.73
N GLN L 288 51.22 -58.18 -69.01
CA GLN L 288 51.88 -57.25 -69.96
C GLN L 288 51.68 -55.78 -69.55
N ARG L 289 50.49 -55.44 -69.09
CA ARG L 289 50.21 -54.08 -68.62
C ARG L 289 51.07 -53.71 -67.40
N LEU L 290 51.24 -54.61 -66.42
CA LEU L 290 52.16 -54.37 -65.29
C LEU L 290 53.67 -54.28 -65.59
N ILE L 291 54.22 -55.17 -66.42
CA ILE L 291 55.68 -55.24 -66.76
C ILE L 291 56.11 -54.01 -67.55
N ASN L 292 55.28 -53.55 -68.47
CA ASN L 292 55.48 -52.33 -69.30
C ASN L 292 55.48 -51.00 -68.52
N ASN L 293 54.66 -50.83 -67.49
CA ASN L 293 54.42 -49.49 -66.84
C ASN L 293 54.83 -49.26 -65.39
N TYR L 294 55.36 -50.23 -64.66
CA TYR L 294 55.61 -50.05 -63.20
C TYR L 294 57.01 -50.45 -62.75
N TRP L 295 57.62 -49.70 -61.84
CA TRP L 295 58.92 -50.06 -61.18
C TRP L 295 58.84 -51.29 -60.24
N GLY L 296 57.77 -51.44 -59.48
CA GLY L 296 57.64 -52.52 -58.50
C GLY L 296 56.24 -52.92 -58.12
N PHE L 297 56.09 -54.10 -57.53
CA PHE L 297 54.77 -54.57 -57.01
C PHE L 297 54.96 -55.39 -55.72
N ARG L 298 53.95 -55.44 -54.83
CA ARG L 298 53.96 -56.30 -53.60
C ARG L 298 52.54 -56.82 -53.25
N PRO L 299 52.35 -58.03 -52.66
CA PRO L 299 51.04 -58.49 -52.12
C PRO L 299 50.54 -57.83 -50.80
N ARG L 300 49.24 -57.60 -50.66
CA ARG L 300 48.68 -56.91 -49.45
C ARG L 300 47.63 -57.77 -48.73
N SER L 301 46.63 -58.28 -49.45
CA SER L 301 45.50 -59.02 -48.81
C SER L 301 45.04 -60.25 -49.59
N LEU L 302 44.53 -61.26 -48.90
CA LEU L 302 43.95 -62.47 -49.54
C LEU L 302 42.55 -62.83 -48.97
N ARG L 303 41.58 -63.17 -49.82
CA ARG L 303 40.24 -63.69 -49.40
C ARG L 303 39.94 -65.02 -50.14
N VAL L 304 39.50 -66.06 -49.41
CA VAL L 304 39.14 -67.38 -50.02
C VAL L 304 37.69 -67.83 -49.70
N LYS L 305 36.91 -68.28 -50.70
CA LYS L 305 35.56 -68.86 -50.50
C LYS L 305 35.44 -70.27 -51.16
N ILE L 306 34.88 -71.25 -50.45
CA ILE L 306 34.58 -72.63 -51.00
C ILE L 306 33.06 -72.83 -50.96
N PHE L 307 32.42 -73.22 -52.08
CA PHE L 307 30.93 -73.22 -52.25
C PHE L 307 30.41 -74.19 -53.30
N ASN L 308 29.07 -74.38 -53.40
CA ASN L 308 28.35 -75.26 -54.39
C ASN L 308 28.81 -76.72 -54.30
N ILE L 309 28.96 -77.21 -53.08
CA ILE L 309 29.44 -78.58 -52.81
C ILE L 309 28.47 -79.68 -53.31
N GLN L 310 29.00 -80.74 -53.93
CA GLN L 310 28.21 -81.87 -54.43
C GLN L 310 28.93 -83.19 -54.10
N VAL L 311 28.29 -84.06 -53.34
CA VAL L 311 28.87 -85.36 -52.94
C VAL L 311 28.19 -86.46 -53.76
N LYS L 312 28.99 -87.35 -54.37
CA LYS L 312 28.50 -88.43 -55.26
C LYS L 312 28.90 -89.81 -54.76
N GLU L 313 28.02 -90.79 -54.88
CA GLU L 313 28.34 -92.19 -54.50
C GLU L 313 28.48 -93.04 -55.77
N VAL L 314 29.52 -93.85 -55.82
CA VAL L 314 29.80 -94.69 -57.01
C VAL L 314 29.55 -96.15 -56.61
N THR L 315 28.76 -96.87 -57.41
CA THR L 315 28.43 -98.28 -57.10
C THR L 315 28.70 -99.14 -58.31
N VAL L 316 29.28 -100.32 -58.11
CA VAL L 316 29.45 -101.24 -59.27
C VAL L 316 28.68 -102.55 -59.05
N GLN L 317 27.79 -102.93 -59.97
CA GLN L 317 27.17 -104.27 -59.92
C GLN L 317 27.44 -104.93 -61.28
N ASP L 318 28.19 -106.04 -61.29
CA ASP L 318 28.42 -106.78 -62.56
C ASP L 318 29.00 -105.85 -63.63
N SER L 319 29.88 -104.90 -63.27
CA SER L 319 30.59 -104.02 -64.24
C SER L 319 29.76 -102.81 -64.76
N THR L 320 28.55 -102.56 -64.26
CA THR L 320 27.75 -101.35 -64.65
C THR L 320 28.36 -100.01 -64.26
N THR L 321 28.95 -99.83 -63.08
CA THR L 321 29.48 -98.51 -62.58
C THR L 321 28.49 -97.32 -62.55
N THR L 322 27.30 -97.44 -61.96
CA THR L 322 26.37 -96.28 -61.76
C THR L 322 26.89 -95.21 -60.79
N ILE L 323 26.63 -93.93 -61.06
CA ILE L 323 27.01 -92.77 -60.18
C ILE L 323 25.76 -92.00 -59.73
N ALA L 324 25.62 -91.69 -58.44
CA ALA L 324 24.42 -90.99 -57.89
C ALA L 324 24.76 -89.93 -56.85
N ASN L 325 23.89 -88.94 -56.70
CA ASN L 325 24.04 -87.93 -55.62
C ASN L 325 23.73 -88.45 -54.22
N ASN L 326 24.51 -88.10 -53.21
CA ASN L 326 24.14 -88.39 -51.79
C ASN L 326 23.93 -87.04 -51.11
N LEU L 327 22.70 -86.67 -50.80
CA LEU L 327 22.30 -85.38 -50.14
C LEU L 327 22.80 -85.21 -48.70
N THR L 328 22.80 -86.28 -47.93
CA THR L 328 23.13 -86.22 -46.47
C THR L 328 24.63 -86.36 -46.17
N SER L 329 25.49 -86.63 -47.15
CA SER L 329 26.97 -86.73 -46.97
C SER L 329 27.68 -85.38 -46.70
N THR L 330 28.81 -85.39 -46.01
CA THR L 330 29.54 -84.15 -45.60
C THR L 330 30.97 -84.06 -46.10
N VAL L 331 31.48 -82.85 -46.19
CA VAL L 331 32.90 -82.55 -46.50
C VAL L 331 33.46 -81.82 -45.27
N GLN L 332 34.73 -82.02 -44.91
CA GLN L 332 35.40 -81.36 -43.74
C GLN L 332 36.54 -80.40 -44.15
N VAL L 333 36.52 -79.17 -43.67
CA VAL L 333 37.50 -78.10 -44.08
C VAL L 333 38.13 -77.39 -42.86
N PHE L 334 39.43 -77.13 -42.89
CA PHE L 334 40.16 -76.33 -41.85
C PHE L 334 41.38 -75.54 -42.39
N THR L 335 41.79 -74.51 -41.67
CA THR L 335 43.02 -73.73 -41.99
C THR L 335 44.03 -73.87 -40.84
N ASP L 336 45.30 -74.11 -41.15
CA ASP L 336 46.39 -74.23 -40.11
C ASP L 336 46.97 -72.86 -39.76
N ASP L 337 46.27 -72.08 -38.96
CA ASP L 337 46.63 -70.68 -38.59
C ASP L 337 47.93 -70.50 -37.77
N ASP L 338 48.25 -71.38 -36.82
CA ASP L 338 49.44 -71.28 -35.92
C ASP L 338 50.66 -72.01 -36.46
N TYR L 339 50.63 -72.58 -37.66
CA TYR L 339 51.79 -73.22 -38.35
C TYR L 339 52.30 -74.45 -37.60
N GLN L 340 51.43 -75.16 -36.91
CA GLN L 340 51.73 -76.43 -36.23
C GLN L 340 52.12 -77.55 -37.20
N LEU L 341 51.45 -77.64 -38.34
CA LEU L 341 51.75 -78.66 -39.38
C LEU L 341 52.98 -78.35 -40.23
N PRO L 342 53.63 -79.38 -40.80
CA PRO L 342 54.66 -79.11 -41.78
C PRO L 342 54.11 -78.39 -43.03
N TYR L 343 54.77 -77.34 -43.52
CA TYR L 343 54.26 -76.51 -44.67
C TYR L 343 54.92 -76.95 -45.98
N VAL L 344 54.13 -77.52 -46.86
CA VAL L 344 54.67 -78.10 -48.12
C VAL L 344 54.35 -77.19 -49.33
N VAL L 345 53.64 -76.07 -49.12
CA VAL L 345 53.17 -75.17 -50.22
C VAL L 345 54.29 -74.47 -51.05
N GLY L 346 55.41 -74.05 -50.50
CA GLY L 346 56.42 -73.19 -51.20
C GLY L 346 57.59 -73.89 -51.86
N ASN L 347 57.48 -75.16 -52.24
CA ASN L 347 58.59 -76.02 -52.75
C ASN L 347 58.53 -76.34 -54.26
N GLY L 348 57.86 -75.55 -55.12
CA GLY L 348 57.73 -75.74 -56.59
C GLY L 348 57.05 -76.99 -57.06
N THR L 349 56.01 -77.41 -56.37
CA THR L 349 55.27 -78.65 -56.69
C THR L 349 53.99 -78.39 -57.46
N GLU L 350 53.55 -79.36 -58.23
CA GLU L 350 52.29 -79.33 -59.04
C GLU L 350 50.99 -79.46 -58.23
N GLY L 351 49.84 -79.14 -58.81
CA GLY L 351 48.53 -79.11 -58.11
C GLY L 351 47.93 -77.75 -57.78
N CYS L 352 48.52 -76.65 -58.22
CA CYS L 352 47.96 -75.28 -58.07
C CYS L 352 46.77 -75.04 -59.01
N LEU L 353 45.97 -74.01 -58.75
CA LEU L 353 44.82 -73.66 -59.62
C LEU L 353 45.34 -73.38 -61.05
N PRO L 354 44.60 -73.83 -62.07
CA PRO L 354 45.04 -73.66 -63.46
C PRO L 354 45.14 -72.25 -64.07
N ALA L 355 46.05 -72.05 -65.03
CA ALA L 355 46.23 -70.76 -65.76
C ALA L 355 44.96 -70.37 -66.53
N PHE L 356 44.26 -71.33 -67.15
CA PHE L 356 43.06 -71.05 -67.99
C PHE L 356 41.81 -71.28 -67.16
N PRO L 357 40.90 -70.27 -66.99
CA PRO L 357 39.69 -70.38 -66.16
C PRO L 357 38.70 -71.54 -66.37
N PRO L 358 38.37 -71.98 -67.61
CA PRO L 358 37.53 -73.14 -67.89
C PRO L 358 38.06 -74.53 -67.46
N GLN L 359 39.37 -74.70 -67.31
CA GLN L 359 40.00 -76.00 -66.95
C GLN L 359 39.57 -76.50 -65.55
N VAL L 360 39.33 -77.80 -65.44
CA VAL L 360 38.82 -78.41 -64.17
C VAL L 360 39.97 -79.24 -63.57
N PHE L 361 40.21 -79.13 -62.28
CA PHE L 361 41.42 -79.75 -61.67
C PHE L 361 41.21 -80.68 -60.45
N THR L 362 42.06 -81.71 -60.36
CA THR L 362 42.13 -82.59 -59.18
C THR L 362 43.01 -82.00 -58.08
N LEU L 363 42.55 -81.97 -56.83
CA LEU L 363 43.37 -81.54 -55.66
C LEU L 363 44.49 -82.52 -55.32
N PRO L 364 45.69 -82.02 -54.99
CA PRO L 364 46.78 -82.87 -54.50
C PRO L 364 46.58 -83.53 -53.11
N GLN L 365 47.08 -84.75 -52.92
CA GLN L 365 47.06 -85.40 -51.58
C GLN L 365 48.19 -84.88 -50.65
N TYR L 366 47.87 -84.56 -49.40
CA TYR L 366 48.84 -84.13 -48.35
C TYR L 366 49.73 -85.28 -47.81
N GLY L 367 51.00 -84.99 -47.60
CA GLY L 367 52.01 -85.93 -47.09
C GLY L 367 53.17 -85.13 -46.60
N TYR L 368 54.09 -85.74 -45.85
CA TYR L 368 55.30 -85.05 -45.31
C TYR L 368 56.42 -86.02 -45.05
N ALA L 369 57.64 -85.52 -44.98
CA ALA L 369 58.81 -86.30 -44.53
C ALA L 369 59.26 -85.80 -43.16
N THR L 370 59.49 -86.70 -42.20
CA THR L 370 60.09 -86.38 -40.88
C THR L 370 61.55 -86.82 -40.91
N LEU L 371 62.16 -87.07 -39.76
CA LEU L 371 63.55 -87.56 -39.65
C LEU L 371 63.75 -89.03 -40.05
N ASN L 372 64.92 -89.33 -40.61
CA ASN L 372 65.29 -90.70 -41.05
C ASN L 372 66.65 -91.00 -40.41
N ARG L 373 66.96 -92.26 -40.14
CA ARG L 373 68.20 -92.60 -39.39
C ARG L 373 69.35 -93.09 -40.29
N ASP L 374 70.50 -92.43 -40.22
CA ASP L 374 71.76 -92.81 -40.94
C ASP L 374 71.62 -92.92 -42.47
N ASN L 375 70.88 -92.02 -43.12
CA ASN L 375 70.65 -92.06 -44.60
C ASN L 375 70.02 -93.40 -45.02
N THR L 376 69.04 -93.89 -44.24
CA THR L 376 68.30 -95.16 -44.48
C THR L 376 66.78 -94.92 -44.34
N GLU L 377 65.90 -95.87 -44.68
CA GLU L 377 64.41 -95.74 -44.61
C GLU L 377 63.84 -95.76 -43.17
N ASN L 378 64.61 -96.18 -42.17
CA ASN L 378 64.21 -96.24 -40.75
C ASN L 378 64.05 -94.89 -40.03
N PRO L 379 63.09 -94.79 -39.09
CA PRO L 379 62.93 -93.63 -38.20
C PRO L 379 63.87 -93.45 -36.97
N THR L 380 63.78 -92.31 -36.30
CA THR L 380 64.55 -91.95 -35.08
C THR L 380 63.57 -91.67 -33.97
N GLU L 381 64.02 -91.60 -32.72
CA GLU L 381 63.19 -91.23 -31.52
C GLU L 381 62.65 -89.80 -31.66
N ARG L 382 63.39 -88.87 -32.23
CA ARG L 382 62.96 -87.48 -32.53
C ARG L 382 61.87 -87.42 -33.64
N SER L 383 61.73 -88.45 -34.49
CA SER L 383 60.76 -88.49 -35.62
C SER L 383 59.32 -88.34 -35.11
N SER L 384 58.49 -87.55 -35.79
CA SER L 384 57.14 -87.11 -35.34
C SER L 384 55.96 -87.53 -36.22
N PHE L 385 54.85 -87.87 -35.59
CA PHE L 385 53.58 -88.20 -36.29
C PHE L 385 52.57 -87.09 -36.00
N PHE L 386 51.90 -86.62 -37.03
CA PHE L 386 50.84 -85.59 -36.88
C PHE L 386 49.50 -86.11 -37.37
N CYS L 387 48.45 -85.99 -36.55
CA CYS L 387 47.04 -86.32 -36.93
C CYS L 387 46.24 -85.05 -37.29
N LEU L 388 45.65 -84.96 -38.48
CA LEU L 388 44.79 -83.83 -38.95
C LEU L 388 43.45 -83.77 -38.19
N GLU L 389 42.89 -84.93 -37.84
CA GLU L 389 41.59 -85.06 -37.13
C GLU L 389 41.69 -84.52 -35.69
N TYR L 390 42.89 -84.39 -35.15
CA TYR L 390 43.14 -83.76 -33.82
C TYR L 390 42.76 -82.27 -33.86
N PHE L 391 42.99 -81.54 -34.93
CA PHE L 391 42.54 -80.14 -35.10
C PHE L 391 41.02 -80.02 -35.25
N PRO L 392 40.36 -78.93 -34.81
CA PRO L 392 38.96 -78.68 -35.17
C PRO L 392 38.64 -78.31 -36.67
N SER L 393 37.56 -78.84 -37.27
CA SER L 393 37.18 -78.56 -38.69
C SER L 393 35.68 -78.25 -38.89
N LYS L 394 35.34 -77.40 -39.86
CA LYS L 394 33.94 -77.16 -40.25
C LYS L 394 33.37 -78.36 -41.05
N MET L 395 32.11 -78.72 -40.84
CA MET L 395 31.45 -79.82 -41.60
C MET L 395 30.40 -79.24 -42.55
N LEU L 396 30.47 -79.61 -43.82
CA LEU L 396 29.53 -79.02 -44.83
C LEU L 396 28.69 -80.02 -45.62
N ARG L 397 27.39 -79.82 -45.67
CA ARG L 397 26.47 -80.52 -46.58
C ARG L 397 26.34 -79.68 -47.90
N THR L 398 25.54 -80.10 -48.88
CA THR L 398 25.30 -79.43 -50.21
C THR L 398 24.86 -77.97 -50.10
N GLY L 399 24.02 -77.58 -49.14
CA GLY L 399 23.64 -76.19 -48.81
C GLY L 399 24.74 -75.28 -48.29
N ASN L 400 25.70 -75.79 -47.52
CA ASN L 400 26.77 -75.04 -46.79
C ASN L 400 27.96 -74.46 -47.57
N ASN L 401 28.61 -73.43 -47.03
CA ASN L 401 29.77 -72.73 -47.65
C ASN L 401 30.86 -72.42 -46.59
N PHE L 402 32.12 -72.20 -47.01
CA PHE L 402 33.24 -71.80 -46.11
C PHE L 402 33.95 -70.52 -46.60
N GLU L 403 34.32 -69.62 -45.70
CA GLU L 403 35.11 -68.40 -46.06
C GLU L 403 36.33 -68.14 -45.14
N PHE L 404 37.44 -67.61 -45.68
CA PHE L 404 38.64 -67.20 -44.89
C PHE L 404 39.22 -65.83 -45.38
N THR L 405 39.85 -65.05 -44.50
CA THR L 405 40.53 -63.75 -44.84
C THR L 405 41.95 -63.72 -44.27
N TYR L 406 42.93 -63.18 -45.01
CA TYR L 406 44.34 -63.05 -44.56
C TYR L 406 44.95 -61.68 -44.90
N ASN L 407 45.87 -61.16 -44.07
CA ASN L 407 46.66 -59.93 -44.36
C ASN L 407 48.15 -60.27 -44.43
N PHE L 408 48.82 -59.82 -45.47
CA PHE L 408 50.28 -60.07 -45.63
C PHE L 408 51.06 -59.13 -44.71
N GLU L 409 52.20 -59.57 -44.19
CA GLU L 409 53.13 -58.72 -43.40
C GLU L 409 53.84 -57.70 -44.32
N GLU L 410 54.36 -56.60 -43.77
CA GLU L 410 55.15 -55.67 -44.61
C GLU L 410 56.36 -56.38 -45.23
N VAL L 411 56.55 -56.19 -46.52
CA VAL L 411 57.63 -56.88 -47.28
C VAL L 411 58.17 -55.85 -48.27
N PRO L 412 59.44 -55.92 -48.71
CA PRO L 412 59.92 -55.04 -49.77
C PRO L 412 59.30 -55.29 -51.17
N PHE L 413 59.09 -54.26 -51.98
CA PHE L 413 58.57 -54.39 -53.37
C PHE L 413 59.56 -55.15 -54.25
N HIS L 414 59.11 -56.03 -55.14
CA HIS L 414 59.97 -56.66 -56.16
C HIS L 414 60.45 -55.56 -57.13
N SER L 415 61.68 -55.67 -57.62
CA SER L 415 62.22 -54.67 -58.58
C SER L 415 62.00 -55.06 -60.04
N SER L 416 61.00 -54.47 -60.70
CA SER L 416 60.69 -54.69 -62.13
C SER L 416 61.42 -53.66 -63.02
N PHE L 417 62.73 -53.70 -63.06
CA PHE L 417 63.54 -52.75 -63.87
C PHE L 417 64.89 -53.37 -64.14
N ALA L 418 65.55 -52.89 -65.18
CA ALA L 418 66.93 -53.30 -65.52
C ALA L 418 67.83 -52.09 -65.36
N PRO L 419 69.04 -52.24 -64.78
CA PRO L 419 70.00 -51.14 -64.72
C PRO L 419 70.53 -50.59 -66.06
N SER L 420 70.60 -49.28 -66.17
CA SER L 420 71.13 -48.60 -67.39
C SER L 420 72.63 -48.25 -67.26
N GLN L 421 73.27 -48.56 -66.13
CA GLN L 421 74.73 -48.34 -65.96
C GLN L 421 75.47 -49.54 -65.38
N ASN L 422 76.73 -49.75 -65.77
CA ASN L 422 77.65 -50.74 -65.17
C ASN L 422 78.11 -50.26 -63.78
N LEU L 423 78.28 -51.17 -62.81
CA LEU L 423 78.70 -50.89 -61.41
C LEU L 423 80.11 -50.29 -61.36
N PHE L 424 81.01 -50.74 -62.24
CA PHE L 424 82.41 -50.25 -62.33
C PHE L 424 82.63 -49.00 -63.25
N LYS L 425 81.62 -48.44 -63.94
CA LYS L 425 81.76 -47.29 -64.89
C LYS L 425 81.05 -46.00 -64.38
N LEU L 426 80.99 -45.71 -63.08
CA LEU L 426 80.21 -44.59 -62.48
C LEU L 426 80.95 -43.23 -62.38
N ALA L 427 82.26 -43.19 -62.56
CA ALA L 427 83.02 -41.93 -62.60
C ALA L 427 82.65 -41.15 -63.86
N ASN L 428 82.69 -39.81 -63.81
CA ASN L 428 82.45 -38.99 -65.02
C ASN L 428 83.52 -39.35 -66.05
N PRO L 429 83.13 -39.58 -67.32
CA PRO L 429 84.06 -39.88 -68.40
C PRO L 429 85.06 -38.72 -68.74
N LEU L 430 84.66 -37.45 -68.70
CA LEU L 430 85.45 -36.21 -68.90
C LEU L 430 86.54 -35.88 -67.86
N VAL L 431 86.32 -36.17 -66.58
CA VAL L 431 87.24 -35.72 -65.49
C VAL L 431 88.16 -36.79 -64.85
N ASP L 432 89.44 -36.49 -64.69
CA ASP L 432 90.43 -37.35 -63.97
C ASP L 432 90.25 -37.40 -62.45
N GLN L 433 90.60 -38.51 -61.82
CA GLN L 433 90.61 -38.67 -60.35
C GLN L 433 91.79 -37.94 -59.65
N TYR L 434 91.65 -37.47 -58.41
CA TYR L 434 92.79 -36.93 -57.61
C TYR L 434 93.54 -38.09 -56.88
N LEU L 435 93.54 -39.30 -57.42
CA LEU L 435 94.08 -40.50 -56.75
C LEU L 435 95.13 -41.18 -57.63
N TYR L 436 96.08 -41.86 -57.02
CA TYR L 436 97.22 -42.44 -57.76
C TYR L 436 97.39 -43.93 -57.46
N ARG L 437 98.00 -44.65 -58.39
CA ARG L 437 98.18 -46.11 -58.28
C ARG L 437 99.65 -46.51 -58.50
N PHE L 438 100.06 -47.63 -57.91
CA PHE L 438 101.43 -48.16 -58.14
C PHE L 438 101.45 -48.90 -59.45
N VAL L 439 102.41 -48.56 -60.29
CA VAL L 439 102.53 -49.24 -61.59
C VAL L 439 103.88 -49.93 -61.80
N SER L 440 104.90 -49.58 -61.02
CA SER L 440 106.27 -50.04 -61.41
C SER L 440 107.36 -50.03 -60.33
N THR L 441 108.43 -50.73 -60.61
CA THR L 441 109.65 -50.68 -59.77
C THR L 441 110.79 -50.38 -60.76
N ASN L 442 111.79 -49.59 -60.39
CA ASN L 442 112.99 -49.27 -61.25
C ASN L 442 114.10 -50.35 -61.18
N ASN L 443 115.26 -50.14 -61.81
CA ASN L 443 116.37 -51.13 -61.86
C ASN L 443 116.83 -51.42 -60.43
N THR L 444 116.92 -50.43 -59.54
CA THR L 444 117.07 -50.67 -58.09
C THR L 444 115.62 -50.78 -57.74
N GLY L 445 115.16 -51.70 -56.91
CA GLY L 445 113.69 -51.88 -56.85
C GLY L 445 112.91 -50.79 -56.13
N GLY L 446 112.87 -49.58 -56.69
CA GLY L 446 112.19 -48.41 -56.07
C GLY L 446 110.83 -48.18 -56.66
N VAL L 447 109.82 -47.98 -55.83
CA VAL L 447 108.39 -47.87 -56.27
C VAL L 447 108.07 -46.62 -57.11
N GLN L 448 107.18 -46.77 -58.09
CA GLN L 448 106.81 -45.68 -59.03
C GLN L 448 105.29 -45.58 -59.13
N PHE L 449 104.77 -44.37 -59.38
CA PHE L 449 103.30 -44.13 -59.36
C PHE L 449 102.80 -43.33 -60.57
N ASN L 450 101.54 -43.52 -60.95
CA ASN L 450 100.90 -42.75 -62.06
C ASN L 450 99.51 -42.30 -61.62
N LYS L 451 99.06 -41.16 -62.08
CA LYS L 451 97.68 -40.64 -61.83
C LYS L 451 96.60 -41.40 -62.62
N ASN L 452 95.38 -41.43 -62.09
CA ASN L 452 94.26 -42.12 -62.76
C ASN L 452 93.54 -41.17 -63.73
N LEU L 453 93.57 -41.47 -65.03
CA LEU L 453 92.98 -40.63 -66.12
C LEU L 453 91.46 -40.81 -66.34
N ALA L 454 90.83 -39.83 -66.98
CA ALA L 454 89.38 -39.88 -67.29
C ALA L 454 88.99 -41.02 -68.24
N GLY L 455 87.95 -41.78 -67.89
CA GLY L 455 87.42 -42.90 -68.69
C GLY L 455 88.18 -44.21 -68.58
N ARG L 456 89.25 -44.28 -67.79
CA ARG L 456 90.09 -45.50 -67.63
C ARG L 456 89.50 -46.39 -66.50
N TYR L 457 88.38 -47.07 -66.75
CA TYR L 457 87.57 -47.87 -65.78
C TYR L 457 88.37 -49.08 -65.26
N ALA L 458 89.29 -49.59 -66.07
CA ALA L 458 90.18 -50.67 -65.66
C ALA L 458 91.02 -50.26 -64.44
N ASN L 459 91.46 -49.00 -64.32
CA ASN L 459 92.39 -48.52 -63.26
C ASN L 459 91.84 -47.49 -62.26
N THR L 460 90.59 -47.48 -61.88
CA THR L 460 89.92 -46.40 -61.13
C THR L 460 89.61 -46.91 -59.74
N TYR L 461 89.67 -46.07 -58.72
CA TYR L 461 89.29 -46.43 -57.33
C TYR L 461 87.79 -46.66 -57.31
N LYS L 462 87.35 -47.67 -56.58
CA LYS L 462 85.91 -48.07 -56.56
C LYS L 462 85.30 -48.08 -55.16
N ASN L 463 84.16 -47.46 -54.93
CA ASN L 463 83.36 -47.56 -53.67
C ASN L 463 82.67 -48.90 -53.40
N TRP L 464 82.14 -49.58 -54.42
CA TRP L 464 81.19 -50.69 -54.23
C TRP L 464 81.60 -51.93 -55.00
N PHE L 465 81.14 -53.08 -54.53
CA PHE L 465 81.60 -54.38 -55.08
C PHE L 465 80.41 -55.20 -55.49
N PRO L 466 80.60 -56.10 -56.47
CA PRO L 466 79.57 -57.05 -56.89
C PRO L 466 79.22 -58.15 -55.89
N GLY L 467 78.04 -58.75 -56.03
CA GLY L 467 77.51 -59.79 -55.13
C GLY L 467 78.16 -61.17 -55.21
N PRO L 468 77.87 -62.06 -54.24
CA PRO L 468 78.52 -63.37 -54.15
C PRO L 468 78.36 -64.39 -55.30
N MET L 469 79.40 -65.16 -55.58
CA MET L 469 79.39 -66.08 -56.74
C MET L 469 79.94 -67.50 -56.44
N GLY L 470 79.43 -68.55 -57.06
CA GLY L 470 80.04 -69.91 -57.04
C GLY L 470 80.11 -70.44 -58.46
N ARG L 471 81.23 -70.93 -58.98
CA ARG L 471 81.29 -71.33 -60.43
C ARG L 471 80.39 -72.55 -60.79
N THR L 472 79.63 -72.47 -61.90
CA THR L 472 78.72 -73.52 -62.40
C THR L 472 78.98 -73.73 -63.87
N GLN L 473 78.92 -74.97 -64.37
CA GLN L 473 79.29 -75.30 -65.78
C GLN L 473 78.37 -74.63 -66.81
N GLY L 474 78.95 -74.17 -67.93
CA GLY L 474 78.21 -73.53 -69.02
C GLY L 474 78.02 -74.44 -70.22
N TRP L 475 76.80 -74.51 -70.73
CA TRP L 475 76.46 -75.35 -71.91
C TRP L 475 75.87 -74.51 -73.05
N ASN L 476 76.33 -74.73 -74.27
CA ASN L 476 75.84 -74.00 -75.47
C ASN L 476 74.46 -74.51 -75.90
N LEU L 477 73.62 -73.65 -76.44
CA LEU L 477 72.24 -73.97 -76.90
C LEU L 477 72.16 -73.55 -78.37
N GLY L 478 71.19 -74.05 -79.13
CA GLY L 478 71.12 -73.74 -80.58
C GLY L 478 72.30 -74.30 -81.35
N SER L 479 73.06 -73.43 -82.02
CA SER L 479 74.24 -73.87 -82.80
C SER L 479 75.25 -74.53 -81.85
N GLY L 480 75.47 -74.01 -80.63
CA GLY L 480 76.22 -74.81 -79.63
C GLY L 480 77.62 -75.24 -79.97
N VAL L 481 77.91 -76.54 -79.93
CA VAL L 481 79.28 -77.13 -80.10
C VAL L 481 79.80 -77.74 -78.78
N ASN L 482 78.94 -78.19 -77.86
CA ASN L 482 79.28 -78.88 -76.57
C ASN L 482 79.83 -80.31 -76.68
N ARG L 483 80.51 -80.83 -75.65
CA ARG L 483 81.07 -82.22 -75.57
C ARG L 483 80.02 -83.34 -75.61
N ALA L 484 80.29 -84.42 -76.37
CA ALA L 484 79.36 -85.55 -76.61
C ALA L 484 79.28 -86.66 -75.54
N SER L 485 78.11 -87.33 -75.46
CA SER L 485 77.91 -88.53 -74.59
C SER L 485 78.21 -88.34 -73.11
N VAL L 486 77.81 -87.22 -72.52
CA VAL L 486 78.14 -86.91 -71.10
C VAL L 486 77.01 -87.30 -70.14
N SER L 487 77.35 -87.91 -68.99
CA SER L 487 76.35 -88.11 -67.91
C SER L 487 76.61 -86.96 -66.93
N ALA L 488 75.65 -86.07 -66.72
CA ALA L 488 75.79 -84.83 -65.92
C ALA L 488 76.06 -84.97 -64.41
N PHE L 489 75.49 -85.93 -63.67
CA PHE L 489 75.43 -85.93 -62.18
C PHE L 489 76.78 -85.92 -61.40
N ALA L 490 77.82 -86.65 -61.80
CA ALA L 490 79.10 -86.71 -61.07
C ALA L 490 79.76 -85.33 -60.99
N THR L 491 79.68 -84.51 -62.04
CA THR L 491 80.34 -83.20 -62.11
C THR L 491 79.44 -82.03 -61.71
N THR L 492 78.23 -82.26 -61.24
CA THR L 492 77.29 -81.20 -60.77
C THR L 492 77.68 -80.57 -59.44
N ASN L 493 77.23 -79.33 -59.18
CA ASN L 493 77.46 -78.61 -57.88
C ASN L 493 76.70 -79.28 -56.74
N ARG L 494 77.30 -79.37 -55.56
CA ARG L 494 76.66 -80.09 -54.42
C ARG L 494 76.94 -79.45 -53.06
N MET L 495 76.06 -79.67 -52.08
CA MET L 495 76.28 -79.26 -50.68
C MET L 495 76.09 -80.53 -49.82
N GLU L 496 76.84 -80.70 -48.73
CA GLU L 496 76.79 -81.93 -47.90
C GLU L 496 75.98 -81.68 -46.60
N LEU L 497 74.94 -82.48 -46.32
CA LEU L 497 74.17 -82.39 -45.04
C LEU L 497 74.04 -83.77 -44.41
N GLU L 498 74.34 -83.95 -43.12
CA GLU L 498 74.11 -85.22 -42.35
C GLU L 498 74.75 -86.46 -42.99
N GLY L 499 75.92 -86.36 -43.59
CA GLY L 499 76.52 -87.51 -44.30
C GLY L 499 76.05 -87.77 -45.73
N ALA L 500 75.24 -86.93 -46.36
CA ALA L 500 74.86 -87.18 -47.78
C ALA L 500 75.16 -85.98 -48.69
N SER L 501 75.41 -86.21 -49.99
CA SER L 501 75.67 -85.14 -51.00
C SER L 501 74.38 -84.79 -51.73
N TYR L 502 74.04 -83.52 -51.77
CA TYR L 502 72.77 -83.08 -52.41
C TYR L 502 73.00 -82.09 -53.52
N GLN L 503 72.34 -82.31 -54.64
CA GLN L 503 72.31 -81.27 -55.68
C GLN L 503 71.44 -80.14 -55.12
N VAL L 504 71.79 -78.90 -55.41
CA VAL L 504 71.04 -77.69 -54.94
C VAL L 504 70.77 -76.97 -56.27
N PRO L 505 69.77 -77.43 -57.06
CA PRO L 505 69.56 -76.98 -58.42
C PRO L 505 69.28 -75.53 -58.67
N PRO L 506 68.55 -74.70 -57.89
CA PRO L 506 68.59 -73.28 -58.16
C PRO L 506 69.91 -72.94 -57.42
N GLN L 507 70.83 -72.20 -58.01
CA GLN L 507 72.00 -71.84 -57.15
C GLN L 507 71.60 -70.66 -56.21
N PRO L 508 72.37 -70.26 -55.18
CA PRO L 508 72.08 -69.06 -54.37
C PRO L 508 72.17 -67.67 -55.10
N ASN L 509 71.41 -66.64 -54.71
CA ASN L 509 71.34 -65.30 -55.40
C ASN L 509 72.63 -64.48 -55.57
N GLY L 510 72.69 -63.55 -56.56
CA GLY L 510 73.85 -62.70 -56.88
C GLY L 510 74.62 -63.01 -58.12
N MET L 511 74.14 -63.95 -58.94
CA MET L 511 74.83 -64.27 -60.20
C MET L 511 73.91 -64.11 -61.44
N THR L 512 74.50 -64.09 -62.64
CA THR L 512 73.74 -64.15 -63.91
C THR L 512 74.11 -65.42 -64.68
N ASN L 513 73.16 -66.25 -65.09
CA ASN L 513 73.31 -67.45 -65.97
C ASN L 513 73.75 -67.19 -67.43
N ASN L 514 73.27 -66.14 -68.09
CA ASN L 514 73.52 -65.89 -69.54
C ASN L 514 74.01 -64.45 -69.77
N LEU L 515 75.04 -64.25 -70.60
CA LEU L 515 75.55 -62.87 -70.97
C LEU L 515 74.64 -61.92 -71.80
N GLN L 516 73.90 -62.30 -72.84
CA GLN L 516 73.09 -61.42 -73.76
C GLN L 516 73.63 -61.73 -75.16
N GLY L 517 72.75 -61.91 -76.15
CA GLY L 517 73.33 -62.51 -77.35
C GLY L 517 73.73 -63.86 -76.79
N SER L 518 75.00 -64.26 -76.82
CA SER L 518 75.52 -65.56 -76.30
C SER L 518 74.55 -66.74 -76.13
N ASN L 519 75.03 -67.92 -76.52
CA ASN L 519 74.23 -69.17 -76.41
C ASN L 519 74.77 -70.02 -75.26
N THR L 520 75.67 -69.48 -74.43
CA THR L 520 76.15 -70.19 -73.23
C THR L 520 75.23 -69.92 -72.03
N TYR L 521 74.79 -70.98 -71.39
CA TYR L 521 73.88 -70.88 -70.22
C TYR L 521 74.42 -71.74 -69.14
N ALA L 522 74.39 -71.24 -67.92
CA ALA L 522 74.74 -72.15 -66.81
C ALA L 522 73.41 -72.81 -66.40
N LEU L 523 73.20 -74.08 -66.78
CA LEU L 523 71.91 -74.82 -66.63
C LEU L 523 71.43 -75.01 -65.18
N GLU L 524 72.34 -75.25 -64.23
CA GLU L 524 71.99 -75.43 -62.80
C GLU L 524 71.70 -74.07 -62.11
N ASN L 525 71.90 -72.94 -62.75
CA ASN L 525 71.52 -71.59 -62.24
C ASN L 525 70.22 -71.09 -62.92
N THR L 526 69.54 -71.91 -63.72
CA THR L 526 68.36 -71.44 -64.50
C THR L 526 67.08 -72.16 -64.13
N MET L 527 65.97 -71.43 -64.01
CA MET L 527 64.63 -72.06 -63.88
C MET L 527 64.21 -72.66 -65.24
N ILE L 528 63.90 -73.95 -65.28
CA ILE L 528 63.43 -74.64 -66.51
C ILE L 528 61.98 -75.10 -66.34
N PHE L 529 61.12 -74.81 -67.30
CA PHE L 529 59.66 -75.08 -67.24
C PHE L 529 59.21 -75.79 -68.49
N ASN L 530 58.05 -76.45 -68.45
CA ASN L 530 57.42 -77.11 -69.62
C ASN L 530 56.23 -76.25 -70.07
N SER L 531 56.04 -76.04 -71.37
CA SER L 531 54.86 -75.32 -71.92
C SER L 531 53.56 -76.07 -71.59
N GLN L 532 53.57 -77.40 -71.66
CA GLN L 532 52.39 -78.25 -71.41
C GLN L 532 52.54 -79.02 -70.09
N PRO L 533 51.44 -79.31 -69.35
CA PRO L 533 51.49 -80.15 -68.16
C PRO L 533 51.84 -81.61 -68.47
N ALA L 534 52.45 -82.30 -67.52
CA ALA L 534 52.94 -83.68 -67.75
C ALA L 534 52.26 -84.71 -66.85
N ASN L 535 52.20 -85.95 -67.33
CA ASN L 535 51.67 -87.08 -66.53
C ASN L 535 52.64 -87.40 -65.38
N PRO L 536 52.15 -87.85 -64.21
CA PRO L 536 53.03 -88.23 -63.12
C PRO L 536 53.97 -89.40 -63.34
N GLY L 537 55.23 -89.27 -62.87
CA GLY L 537 56.22 -90.35 -62.96
C GLY L 537 56.92 -90.48 -64.30
N THR L 538 56.73 -89.54 -65.21
CA THR L 538 57.33 -89.66 -66.55
C THR L 538 58.86 -89.72 -66.44
N THR L 539 59.50 -90.60 -67.21
CA THR L 539 60.98 -90.70 -67.27
C THR L 539 61.46 -90.34 -68.65
N ALA L 540 60.62 -89.75 -69.51
CA ALA L 540 60.94 -89.40 -70.90
C ALA L 540 62.05 -88.33 -71.05
N THR L 541 62.93 -88.48 -72.04
CA THR L 541 63.94 -87.44 -72.35
C THR L 541 63.28 -86.25 -73.02
N TYR L 542 63.71 -85.04 -72.69
CA TYR L 542 63.18 -83.81 -73.33
C TYR L 542 64.32 -83.04 -73.95
N LEU L 543 64.16 -82.67 -75.21
CA LEU L 543 65.11 -81.77 -75.91
C LEU L 543 64.80 -80.29 -75.62
N GLU L 544 65.67 -79.37 -76.01
CA GLU L 544 65.56 -77.91 -75.74
C GLU L 544 64.30 -77.26 -76.34
N GLY L 545 63.84 -77.68 -77.53
CA GLY L 545 62.66 -77.10 -78.18
C GLY L 545 61.40 -77.27 -77.36
N ASN L 546 61.20 -78.40 -76.70
CA ASN L 546 60.08 -78.58 -75.73
C ASN L 546 60.19 -77.66 -74.52
N MET L 547 61.39 -77.38 -74.00
CA MET L 547 61.55 -76.64 -72.72
C MET L 547 61.43 -75.11 -72.79
N LEU L 548 61.01 -74.48 -71.69
CA LEU L 548 61.01 -72.99 -71.61
C LEU L 548 62.20 -72.63 -70.71
N ILE L 549 63.23 -71.96 -71.25
CA ILE L 549 64.49 -71.67 -70.47
C ILE L 549 64.63 -70.17 -70.24
N THR L 550 64.74 -69.75 -69.00
CA THR L 550 64.87 -68.34 -68.57
C THR L 550 66.30 -67.78 -68.69
N SER L 551 66.43 -66.47 -68.83
CA SER L 551 67.73 -65.75 -68.91
C SER L 551 67.71 -64.62 -67.89
N GLU L 552 68.82 -64.34 -67.23
CA GLU L 552 68.96 -63.28 -66.21
C GLU L 552 69.87 -62.17 -66.76
N SER L 553 70.00 -62.02 -68.07
CA SER L 553 70.96 -61.11 -68.76
C SER L 553 70.77 -59.62 -68.39
N GLU L 554 69.59 -59.18 -67.97
CA GLU L 554 69.29 -57.80 -67.51
C GLU L 554 70.15 -57.42 -66.27
N THR L 555 70.43 -58.34 -65.37
CA THR L 555 71.18 -58.12 -64.11
C THR L 555 72.69 -58.14 -64.30
N GLN L 556 73.21 -58.38 -65.51
CA GLN L 556 74.65 -58.51 -65.83
C GLN L 556 75.47 -57.23 -65.48
N PRO L 557 74.98 -55.98 -65.63
CA PRO L 557 75.69 -54.80 -65.13
C PRO L 557 76.10 -54.83 -63.63
N VAL L 558 75.37 -55.50 -62.73
CA VAL L 558 75.75 -55.74 -61.29
C VAL L 558 75.96 -57.22 -60.86
N ASN L 559 75.74 -58.23 -61.69
CA ASN L 559 75.81 -59.64 -61.22
C ASN L 559 76.88 -60.37 -62.00
N ARG L 560 77.76 -61.08 -61.29
CA ARG L 560 78.84 -61.85 -61.95
C ARG L 560 78.31 -63.07 -62.73
N VAL L 561 78.97 -63.42 -63.82
CA VAL L 561 78.61 -64.63 -64.63
C VAL L 561 79.02 -65.94 -63.94
N ALA L 562 78.10 -66.91 -63.83
CA ALA L 562 78.29 -68.23 -63.16
C ALA L 562 79.34 -69.13 -63.82
N TYR L 563 79.38 -69.19 -65.15
CA TYR L 563 80.33 -70.05 -65.90
C TYR L 563 81.81 -69.59 -65.70
N ASN L 564 82.07 -68.29 -65.62
CA ASN L 564 83.45 -67.71 -65.50
C ASN L 564 84.04 -67.70 -64.07
N VAL L 565 85.37 -67.61 -63.92
CA VAL L 565 86.06 -67.38 -62.61
C VAL L 565 85.75 -65.97 -62.06
N GLY L 566 85.61 -65.80 -60.74
CA GLY L 566 85.34 -64.50 -60.05
C GLY L 566 86.39 -63.39 -60.09
N GLY L 567 87.68 -63.68 -59.97
CA GLY L 567 88.73 -62.66 -59.86
C GLY L 567 90.05 -63.28 -59.50
N GLN L 568 91.06 -62.48 -59.15
CA GLN L 568 92.41 -62.96 -58.74
C GLN L 568 92.88 -62.30 -57.41
N MET L 569 93.68 -63.00 -56.58
CA MET L 569 94.26 -62.50 -55.31
C MET L 569 95.74 -62.88 -55.21
N ALA L 570 96.55 -62.21 -54.38
CA ALA L 570 97.99 -62.50 -54.17
C ALA L 570 98.25 -63.85 -53.45
N THR L 571 99.24 -64.60 -53.93
CA THR L 571 99.57 -65.94 -53.39
C THR L 571 100.98 -66.01 -52.78
N ASN L 572 101.72 -64.91 -52.69
CA ASN L 572 103.15 -64.97 -52.29
C ASN L 572 103.63 -63.63 -51.74
N ASN L 573 104.85 -63.58 -51.24
CA ASN L 573 105.49 -62.31 -50.85
C ASN L 573 106.63 -62.05 -51.84
N GLN L 574 106.67 -60.88 -52.49
CA GLN L 574 107.74 -60.49 -53.45
C GLN L 574 109.06 -60.20 -52.69
N SER L 575 110.20 -60.40 -53.34
CA SER L 575 111.53 -60.17 -52.74
C SER L 575 112.49 -59.92 -53.91
N SER L 576 113.71 -59.48 -53.66
CA SER L 576 114.66 -59.34 -54.78
C SER L 576 114.85 -60.69 -55.45
N THR L 577 114.96 -61.79 -54.69
CA THR L 577 115.00 -63.16 -55.22
C THR L 577 113.69 -63.60 -55.89
N THR L 578 112.53 -63.23 -55.37
CA THR L 578 111.23 -63.77 -55.88
C THR L 578 110.31 -62.78 -56.55
N ALA L 579 109.85 -63.09 -57.76
CA ALA L 579 108.84 -62.28 -58.49
C ALA L 579 107.45 -62.40 -57.85
N PRO L 580 106.60 -61.36 -57.92
CA PRO L 580 105.21 -61.46 -57.43
C PRO L 580 104.28 -62.43 -58.21
N ALA L 581 103.34 -63.09 -57.54
CA ALA L 581 102.43 -64.10 -58.14
C ALA L 581 100.96 -63.90 -57.75
N THR L 582 100.03 -64.28 -58.62
CA THR L 582 98.57 -64.19 -58.33
C THR L 582 97.90 -65.53 -58.58
N GLY L 583 96.73 -65.74 -57.97
CA GLY L 583 95.92 -66.95 -58.27
C GLY L 583 94.45 -66.63 -58.47
N THR L 584 93.78 -67.29 -59.41
CA THR L 584 92.29 -67.16 -59.60
C THR L 584 91.48 -67.88 -58.53
N TYR L 585 90.28 -67.41 -58.23
CA TYR L 585 89.34 -68.07 -57.27
C TYR L 585 88.02 -68.49 -57.99
N ASN L 586 87.40 -69.63 -57.63
CA ASN L 586 86.14 -70.14 -58.24
C ASN L 586 84.90 -69.82 -57.38
N LEU L 587 85.10 -69.35 -56.16
CA LEU L 587 83.98 -69.00 -55.25
C LEU L 587 84.30 -67.78 -54.37
N GLN L 588 83.33 -66.95 -54.05
CA GLN L 588 83.49 -65.84 -53.08
C GLN L 588 82.13 -65.60 -52.42
N GLU L 589 82.11 -65.07 -51.22
CA GLU L 589 80.85 -64.89 -50.45
C GLU L 589 80.73 -63.41 -50.11
N ILE L 590 79.76 -63.03 -49.29
CA ILE L 590 79.46 -61.59 -48.98
C ILE L 590 80.64 -60.84 -48.33
N VAL L 591 80.84 -59.62 -48.76
CA VAL L 591 81.91 -58.71 -48.25
C VAL L 591 81.20 -57.40 -47.95
N PRO L 592 81.68 -56.55 -47.03
CA PRO L 592 81.05 -55.24 -46.81
C PRO L 592 81.13 -54.33 -48.05
N GLY L 593 80.08 -53.56 -48.35
CA GLY L 593 79.98 -52.76 -49.58
C GLY L 593 79.48 -53.52 -50.79
N SER L 594 79.02 -54.76 -50.62
CA SER L 594 78.44 -55.64 -51.67
C SER L 594 77.04 -55.22 -52.14
N VAL L 595 76.81 -55.20 -53.45
CA VAL L 595 75.49 -54.86 -54.06
C VAL L 595 75.13 -55.96 -55.09
N TRP L 596 73.86 -56.33 -55.19
CA TRP L 596 73.38 -57.34 -56.19
C TRP L 596 71.89 -57.18 -56.48
N MET L 597 71.42 -57.83 -57.53
CA MET L 597 69.97 -57.91 -57.87
C MET L 597 69.44 -59.33 -57.64
N GLU L 598 68.28 -59.47 -57.01
CA GLU L 598 67.59 -60.78 -56.80
C GLU L 598 66.99 -61.33 -58.11
N ARG L 599 66.75 -62.63 -58.17
CA ARG L 599 66.13 -63.30 -59.36
C ARG L 599 64.74 -62.76 -59.71
N ASP L 600 64.46 -62.65 -61.01
CA ASP L 600 63.15 -62.17 -61.55
C ASP L 600 61.99 -63.16 -61.36
N VAL L 601 60.80 -62.65 -61.15
CA VAL L 601 59.54 -63.46 -61.15
C VAL L 601 59.04 -63.74 -62.58
N TYR L 602 58.29 -64.82 -62.75
CA TYR L 602 57.73 -65.22 -64.07
C TYR L 602 56.24 -65.47 -63.88
N LEU L 603 55.43 -65.32 -64.94
CA LEU L 603 53.97 -65.61 -64.87
C LEU L 603 53.75 -67.11 -64.54
N GLN L 604 54.52 -68.02 -65.10
CA GLN L 604 54.55 -69.48 -64.81
C GLN L 604 55.08 -69.79 -63.39
N GLY L 605 55.91 -68.93 -62.78
CA GLY L 605 56.52 -69.11 -61.45
C GLY L 605 55.77 -68.87 -60.16
N PRO L 606 56.35 -69.30 -59.00
CA PRO L 606 55.83 -68.99 -57.65
C PRO L 606 55.89 -67.61 -56.98
N ILE L 607 54.84 -67.14 -56.31
CA ILE L 607 54.86 -65.88 -55.46
C ILE L 607 55.67 -65.90 -54.13
N TRP L 608 55.54 -66.92 -53.29
CA TRP L 608 56.10 -66.87 -51.93
C TRP L 608 56.75 -68.16 -51.43
N ALA L 609 57.56 -68.08 -50.38
CA ALA L 609 58.15 -69.25 -49.69
C ALA L 609 58.15 -68.94 -48.18
N LYS L 610 58.02 -69.97 -47.36
CA LYS L 610 58.09 -69.81 -45.88
C LYS L 610 59.55 -69.82 -45.39
N ILE L 611 59.92 -68.83 -44.58
CA ILE L 611 61.24 -68.84 -43.93
C ILE L 611 61.26 -69.95 -42.85
N PRO L 612 62.30 -70.82 -42.80
CA PRO L 612 62.39 -71.87 -41.79
C PRO L 612 62.69 -71.38 -40.37
N GLU L 613 62.09 -72.00 -39.35
CA GLU L 613 62.27 -71.50 -37.95
C GLU L 613 63.47 -72.16 -37.25
N THR L 614 64.63 -71.48 -37.21
CA THR L 614 65.86 -72.00 -36.60
C THR L 614 66.32 -71.06 -35.52
N GLY L 615 65.82 -69.83 -35.53
CA GLY L 615 66.27 -68.74 -34.67
C GLY L 615 67.42 -67.92 -35.26
N ALA L 616 68.03 -68.33 -36.39
CA ALA L 616 69.09 -67.53 -37.05
C ALA L 616 68.99 -67.60 -38.58
N HIS L 617 69.07 -66.47 -39.27
CA HIS L 617 69.06 -66.45 -40.76
C HIS L 617 69.75 -65.18 -41.28
N PHE L 618 70.19 -65.20 -42.54
CA PHE L 618 70.72 -63.98 -43.20
C PHE L 618 69.97 -63.67 -44.48
N HIS L 619 69.51 -62.42 -44.69
CA HIS L 619 68.91 -61.93 -45.98
C HIS L 619 67.91 -62.93 -46.57
N PRO L 620 66.63 -62.86 -46.17
CA PRO L 620 65.69 -63.93 -46.50
C PRO L 620 64.85 -63.88 -47.77
N SER L 621 65.54 -63.99 -48.88
CA SER L 621 64.90 -63.97 -50.21
C SER L 621 65.05 -65.38 -50.79
N PRO L 622 63.96 -66.08 -51.19
CA PRO L 622 64.09 -67.44 -51.70
C PRO L 622 64.80 -67.60 -53.07
N ALA L 623 65.55 -68.68 -53.27
CA ALA L 623 66.37 -68.89 -54.49
C ALA L 623 65.55 -69.01 -55.79
N MET L 624 64.40 -69.69 -55.79
CA MET L 624 63.49 -69.84 -56.95
C MET L 624 62.93 -68.46 -57.36
N GLY L 625 62.72 -67.56 -56.42
CA GLY L 625 62.20 -66.20 -56.68
C GLY L 625 61.05 -65.87 -55.75
N GLY L 626 60.57 -64.64 -55.76
CA GLY L 626 59.43 -64.23 -54.92
C GLY L 626 59.67 -63.64 -53.55
N PHE L 627 58.67 -63.72 -52.68
CA PHE L 627 58.68 -63.07 -51.35
C PHE L 627 58.84 -64.10 -50.23
N GLY L 628 59.79 -63.85 -49.33
CA GLY L 628 60.05 -64.73 -48.19
C GLY L 628 59.27 -64.26 -46.99
N LEU L 629 58.44 -65.13 -46.44
CA LEU L 629 57.53 -64.70 -45.35
C LEU L 629 57.69 -65.51 -44.07
N LYS L 630 57.83 -64.83 -42.93
CA LYS L 630 57.79 -65.51 -41.60
C LYS L 630 56.41 -66.12 -41.33
N HIS L 631 55.34 -65.42 -41.67
CA HIS L 631 53.95 -65.92 -41.48
C HIS L 631 53.25 -65.95 -42.83
N PRO L 632 53.39 -67.05 -43.59
CA PRO L 632 52.80 -67.21 -44.91
C PRO L 632 51.29 -67.45 -44.98
N PRO L 633 50.62 -67.26 -46.13
CA PRO L 633 49.21 -67.56 -46.18
C PRO L 633 49.05 -69.05 -45.79
N PRO L 634 48.10 -69.39 -44.89
CA PRO L 634 48.01 -70.75 -44.34
C PRO L 634 47.52 -71.95 -45.15
N MET L 635 47.97 -73.15 -44.79
CA MET L 635 47.52 -74.41 -45.43
C MET L 635 46.00 -74.64 -45.25
N MET L 636 45.31 -74.96 -46.36
CA MET L 636 43.86 -75.21 -46.37
C MET L 636 43.64 -76.69 -46.71
N LEU L 637 42.98 -77.42 -45.83
CA LEU L 637 42.86 -78.90 -45.95
C LEU L 637 41.39 -79.33 -46.04
N ILE L 638 41.08 -80.23 -46.97
CA ILE L 638 39.70 -80.73 -47.19
C ILE L 638 39.70 -82.27 -47.26
N LYS L 639 38.71 -82.88 -46.62
CA LYS L 639 38.55 -84.36 -46.74
C LYS L 639 37.08 -84.78 -46.92
N ASN L 640 36.84 -85.94 -47.48
CA ASN L 640 35.47 -86.54 -47.53
C ASN L 640 35.26 -87.32 -46.23
N THR L 641 34.15 -87.09 -45.53
CA THR L 641 33.83 -87.86 -44.30
C THR L 641 33.59 -89.33 -44.61
N PRO L 642 34.17 -90.28 -43.84
CA PRO L 642 33.88 -91.70 -44.00
C PRO L 642 32.40 -92.04 -43.81
N VAL L 643 31.84 -92.74 -44.79
CA VAL L 643 30.45 -93.22 -44.65
C VAL L 643 30.51 -94.75 -44.68
N PRO L 644 30.10 -95.42 -43.59
CA PRO L 644 30.13 -96.89 -43.52
C PRO L 644 29.22 -97.80 -44.35
N GLY L 645 29.70 -98.97 -44.77
CA GLY L 645 28.92 -100.04 -45.44
C GLY L 645 28.12 -100.83 -44.42
N ASN L 646 27.25 -101.75 -44.83
CA ASN L 646 26.34 -102.42 -43.86
C ASN L 646 27.10 -103.27 -42.83
N ILE L 647 26.86 -103.01 -41.54
CA ILE L 647 27.52 -103.80 -40.45
C ILE L 647 26.39 -104.43 -39.63
N THR L 648 26.42 -105.74 -39.42
CA THR L 648 25.30 -106.44 -38.73
C THR L 648 25.70 -106.96 -37.36
N SER L 649 26.99 -106.95 -37.03
CA SER L 649 27.48 -107.53 -35.75
C SER L 649 28.47 -106.58 -35.06
N PHE L 650 28.58 -106.63 -33.73
CA PHE L 650 29.57 -105.84 -32.95
C PHE L 650 31.01 -106.37 -32.99
N SER L 651 31.98 -105.48 -33.17
CA SER L 651 33.41 -105.87 -32.98
C SER L 651 34.15 -104.71 -32.31
N ASP L 652 35.11 -104.99 -31.45
CA ASP L 652 36.08 -103.98 -30.92
C ASP L 652 36.95 -103.50 -32.09
N VAL L 653 37.29 -104.39 -33.03
CA VAL L 653 38.15 -104.05 -34.20
C VAL L 653 37.47 -102.99 -35.07
N PRO L 654 38.19 -101.92 -35.50
CA PRO L 654 37.62 -100.85 -36.32
C PRO L 654 37.09 -101.21 -37.70
N VAL L 655 36.02 -100.55 -38.13
CA VAL L 655 35.41 -100.83 -39.46
C VAL L 655 36.37 -100.47 -40.62
N SER L 656 36.49 -101.39 -41.56
CA SER L 656 37.32 -101.23 -42.76
C SER L 656 36.45 -101.20 -44.04
N SER L 657 35.14 -101.26 -43.91
CA SER L 657 34.22 -101.32 -45.08
C SER L 657 33.41 -100.02 -45.19
N PHE L 658 33.53 -99.32 -46.30
CA PHE L 658 32.90 -97.99 -46.45
C PHE L 658 32.29 -97.86 -47.83
N ILE L 659 31.24 -97.07 -47.97
CA ILE L 659 30.71 -96.77 -49.35
C ILE L 659 31.70 -95.88 -50.14
N THR L 660 31.92 -96.12 -51.45
CA THR L 660 32.85 -95.32 -52.31
C THR L 660 32.24 -93.98 -52.74
N GLN L 661 32.96 -92.87 -52.51
CA GLN L 661 32.42 -91.50 -52.73
C GLN L 661 33.46 -90.49 -53.23
N TYR L 662 33.04 -89.41 -53.89
CA TYR L 662 33.94 -88.32 -54.37
C TYR L 662 33.19 -87.00 -54.19
N SER L 663 33.92 -85.88 -54.15
CA SER L 663 33.29 -84.54 -54.03
C SER L 663 33.72 -83.56 -55.14
N THR L 664 32.85 -82.60 -55.44
CA THR L 664 33.13 -81.57 -56.46
C THR L 664 32.59 -80.20 -55.99
N GLY L 665 33.16 -79.09 -56.45
CA GLY L 665 32.68 -77.75 -56.11
C GLY L 665 33.38 -76.60 -56.81
N GLN L 666 33.15 -75.38 -56.35
CA GLN L 666 33.80 -74.14 -56.87
C GLN L 666 34.63 -73.41 -55.79
N VAL L 667 35.78 -72.87 -56.17
CA VAL L 667 36.64 -72.06 -55.23
C VAL L 667 36.90 -70.66 -55.83
N THR L 668 36.80 -69.61 -55.02
CA THR L 668 37.14 -68.24 -55.44
C THR L 668 38.29 -67.68 -54.61
N VAL L 669 39.33 -67.10 -55.25
CA VAL L 669 40.44 -66.39 -54.55
C VAL L 669 40.50 -64.90 -54.97
N GLU L 670 40.52 -63.98 -54.02
CA GLU L 670 40.62 -62.52 -54.28
C GLU L 670 41.94 -62.00 -53.65
N MET L 671 42.74 -61.30 -54.45
CA MET L 671 44.05 -60.77 -53.97
C MET L 671 44.20 -59.27 -54.27
N GLU L 672 44.78 -58.54 -53.32
CA GLU L 672 45.08 -57.10 -53.50
C GLU L 672 46.60 -56.88 -53.64
N TRP L 673 47.00 -56.05 -54.60
CA TRP L 673 48.43 -55.78 -54.87
C TRP L 673 48.73 -54.28 -54.80
N GLU L 674 49.87 -53.92 -54.24
CA GLU L 674 50.34 -52.49 -54.22
C GLU L 674 51.38 -52.28 -55.33
N LEU L 675 51.25 -51.19 -56.07
CA LEU L 675 52.10 -50.88 -57.25
C LEU L 675 53.04 -49.68 -57.01
N LYS L 676 54.27 -49.76 -57.51
CA LYS L 676 55.18 -48.59 -57.48
C LYS L 676 55.30 -48.01 -58.89
N LYS L 677 54.94 -46.74 -59.07
CA LYS L 677 55.02 -46.01 -60.37
C LYS L 677 56.42 -45.65 -60.90
N GLU L 678 56.61 -45.73 -62.20
CA GLU L 678 57.86 -45.25 -62.85
C GLU L 678 57.95 -43.70 -62.80
N ASN L 679 59.12 -43.13 -62.57
CA ASN L 679 59.38 -41.65 -62.54
C ASN L 679 60.57 -41.32 -63.45
N SER L 680 60.71 -41.94 -64.62
CA SER L 680 61.87 -41.79 -65.53
C SER L 680 62.03 -40.42 -66.24
N LYS L 681 63.27 -39.96 -66.43
CA LYS L 681 63.58 -38.75 -67.22
C LYS L 681 64.27 -39.12 -68.55
N ARG L 682 64.34 -40.40 -68.94
CA ARG L 682 64.90 -40.90 -70.24
C ARG L 682 64.15 -40.39 -71.49
N TRP L 683 64.81 -39.61 -72.36
CA TRP L 683 64.24 -39.03 -73.59
C TRP L 683 63.85 -40.03 -74.70
N ASN L 684 64.71 -40.99 -74.95
CA ASN L 684 64.53 -42.03 -75.99
C ASN L 684 63.53 -43.12 -75.58
N PRO L 685 62.89 -43.80 -76.55
CA PRO L 685 62.00 -44.92 -76.26
C PRO L 685 62.59 -46.22 -75.65
N GLU L 686 61.89 -46.80 -74.71
CA GLU L 686 62.23 -48.08 -74.02
C GLU L 686 61.85 -49.43 -74.68
N ILE L 687 62.47 -50.52 -74.25
CA ILE L 687 62.07 -51.91 -74.62
C ILE L 687 60.75 -52.31 -73.93
N GLN L 688 59.85 -53.02 -74.63
CA GLN L 688 58.52 -53.47 -74.12
C GLN L 688 58.21 -54.90 -74.56
N TYR L 689 57.47 -55.67 -73.76
CA TYR L 689 56.96 -57.00 -74.21
C TYR L 689 55.84 -56.77 -75.25
N THR L 690 55.92 -57.49 -76.36
CA THR L 690 54.94 -57.33 -77.44
C THR L 690 54.55 -58.69 -77.98
N ASN L 691 53.37 -58.76 -78.59
CA ASN L 691 52.96 -60.00 -79.30
C ASN L 691 53.56 -59.86 -80.69
N ASN L 692 54.59 -60.60 -81.00
CA ASN L 692 55.35 -60.44 -82.27
C ASN L 692 55.73 -61.83 -82.78
N TYR L 693 55.20 -62.20 -83.93
CA TYR L 693 55.39 -63.58 -84.47
C TYR L 693 55.51 -63.42 -85.98
N ASN L 694 56.32 -64.24 -86.64
CA ASN L 694 56.39 -64.18 -88.13
C ASN L 694 55.58 -65.33 -88.75
N ASP L 695 54.60 -65.04 -89.61
CA ASP L 695 53.72 -66.05 -90.30
C ASP L 695 53.03 -67.01 -89.32
N PRO L 696 52.34 -66.55 -88.25
CA PRO L 696 51.79 -67.48 -87.25
C PRO L 696 50.72 -68.50 -87.70
N GLN L 697 50.84 -69.75 -87.26
CA GLN L 697 49.86 -70.82 -87.61
C GLN L 697 48.82 -71.00 -86.51
N PHE L 698 48.98 -70.33 -85.39
CA PHE L 698 48.07 -70.45 -84.22
C PHE L 698 48.20 -69.18 -83.46
N VAL L 699 47.26 -68.89 -82.59
CA VAL L 699 47.42 -67.75 -81.67
C VAL L 699 47.99 -68.31 -80.36
N ASP L 700 49.09 -67.78 -79.89
CA ASP L 700 49.68 -68.11 -78.56
C ASP L 700 48.78 -67.60 -77.43
N PHE L 701 48.75 -68.28 -76.26
CA PHE L 701 47.88 -67.97 -75.08
C PHE L 701 46.39 -68.08 -75.43
N ALA L 702 46.05 -69.07 -76.23
CA ALA L 702 44.67 -69.32 -76.68
C ALA L 702 44.46 -70.83 -76.81
N PRO L 703 43.20 -71.34 -76.78
CA PRO L 703 42.94 -72.74 -77.10
C PRO L 703 43.15 -73.17 -78.57
N ASP L 704 43.50 -74.42 -78.80
CA ASP L 704 43.65 -74.95 -80.20
C ASP L 704 42.37 -75.65 -80.71
N SER L 705 42.45 -76.30 -81.87
CA SER L 705 41.29 -76.99 -82.49
C SER L 705 40.77 -78.10 -81.57
N THR L 706 41.63 -78.86 -80.88
CA THR L 706 41.25 -79.86 -79.84
C THR L 706 40.77 -79.24 -78.53
N GLY L 707 40.99 -77.95 -78.27
CA GLY L 707 40.67 -77.32 -76.98
C GLY L 707 41.79 -77.23 -75.95
N GLU L 708 43.01 -77.59 -76.31
CA GLU L 708 44.18 -77.50 -75.39
C GLU L 708 44.86 -76.12 -75.42
N TYR L 709 45.10 -75.50 -74.26
CA TYR L 709 45.76 -74.18 -74.14
C TYR L 709 47.24 -74.21 -74.56
N ARG L 710 47.68 -73.16 -75.25
CA ARG L 710 49.07 -73.09 -75.73
C ARG L 710 49.79 -71.92 -75.06
N SER L 711 50.96 -72.17 -74.46
CA SER L 711 51.80 -71.13 -73.79
C SER L 711 53.27 -71.30 -74.20
N THR L 712 53.68 -70.92 -75.41
CA THR L 712 55.05 -71.07 -75.98
C THR L 712 56.15 -70.29 -75.26
N ARG L 713 55.92 -69.10 -74.73
CA ARG L 713 57.01 -68.23 -74.18
C ARG L 713 56.98 -67.97 -72.66
N PRO L 714 58.13 -68.03 -71.95
CA PRO L 714 58.21 -67.58 -70.55
C PRO L 714 58.21 -66.04 -70.38
N ILE L 715 57.48 -65.45 -69.43
CA ILE L 715 57.52 -63.96 -69.36
C ILE L 715 58.04 -63.42 -68.01
N GLY L 716 59.10 -62.62 -68.05
CA GLY L 716 59.71 -61.93 -66.91
C GLY L 716 59.12 -60.57 -66.67
N THR L 717 59.56 -59.89 -65.63
CA THR L 717 59.08 -58.53 -65.31
C THR L 717 59.99 -57.35 -65.70
N ARG L 718 61.23 -57.54 -66.17
CA ARG L 718 62.14 -56.35 -66.35
C ARG L 718 62.28 -55.85 -67.80
N TYR L 719 61.57 -54.77 -68.15
CA TYR L 719 61.61 -54.16 -69.51
C TYR L 719 62.00 -52.70 -69.38
N LEU L 720 61.62 -52.08 -68.27
CA LEU L 720 61.98 -50.67 -67.94
C LEU L 720 63.43 -50.57 -67.46
N THR L 721 64.01 -49.39 -67.60
CA THR L 721 65.42 -49.15 -67.27
C THR L 721 65.55 -48.02 -66.29
N ARG L 722 66.50 -48.12 -65.38
CA ARG L 722 66.78 -47.00 -64.44
C ARG L 722 68.28 -46.76 -64.31
N PRO L 723 68.74 -45.51 -64.08
CA PRO L 723 70.15 -45.23 -63.76
C PRO L 723 70.57 -45.73 -62.36
N LEU L 724 71.82 -46.11 -62.16
CA LEU L 724 72.30 -46.65 -60.86
C LEU L 724 72.26 -45.59 -59.75
N ASP M 209 67.52 -7.57 -58.51
CA ASP M 209 67.22 -6.12 -58.33
C ASP M 209 67.93 -5.28 -59.39
N GLY M 210 69.25 -5.10 -59.34
CA GLY M 210 69.86 -4.13 -60.26
C GLY M 210 71.30 -4.32 -60.65
N VAL M 211 71.75 -3.60 -61.68
CA VAL M 211 73.18 -3.60 -62.15
C VAL M 211 74.14 -3.09 -61.05
N GLY M 212 73.76 -2.08 -60.27
CA GLY M 212 74.64 -1.46 -59.26
C GLY M 212 74.50 -2.03 -57.88
N ASN M 213 73.69 -3.05 -57.68
CA ASN M 213 73.42 -3.58 -56.32
C ASN M 213 73.97 -4.99 -56.16
N ALA M 214 74.70 -5.25 -55.08
CA ALA M 214 75.25 -6.61 -54.79
C ALA M 214 74.19 -7.61 -54.28
N SER M 215 74.11 -8.79 -54.87
CA SER M 215 73.21 -9.95 -54.52
C SER M 215 73.51 -10.60 -53.16
N GLY M 216 74.77 -10.72 -52.74
CA GLY M 216 75.17 -11.35 -51.47
C GLY M 216 76.50 -10.90 -50.90
N ASP M 217 76.86 -11.39 -49.73
CA ASP M 217 78.11 -11.05 -48.99
C ASP M 217 79.01 -12.26 -48.71
N TRP M 218 80.30 -12.03 -48.47
CA TRP M 218 81.30 -13.10 -48.17
C TRP M 218 81.19 -13.63 -46.74
N HIS M 219 80.99 -14.93 -46.59
CA HIS M 219 81.00 -15.56 -45.25
C HIS M 219 81.98 -16.74 -45.21
N CYS M 220 83.09 -16.64 -44.47
CA CYS M 220 84.00 -17.81 -44.27
C CYS M 220 84.24 -17.92 -42.76
N ASP M 221 83.66 -18.91 -42.09
CA ASP M 221 83.77 -18.99 -40.61
C ASP M 221 83.50 -20.35 -39.98
N SER M 222 83.93 -20.60 -38.74
CA SER M 222 83.56 -21.80 -37.95
C SER M 222 82.97 -21.33 -36.61
N THR M 223 81.85 -21.88 -36.17
CA THR M 223 81.29 -21.59 -34.83
C THR M 223 81.14 -22.89 -34.06
N TRP M 224 81.68 -22.96 -32.85
CA TRP M 224 81.60 -24.17 -31.98
C TRP M 224 80.65 -23.89 -30.83
N MET M 225 79.61 -24.70 -30.69
CA MET M 225 78.57 -24.52 -29.65
C MET M 225 78.23 -25.84 -28.92
N GLY M 226 79.04 -26.33 -27.98
CA GLY M 226 78.77 -27.64 -27.34
C GLY M 226 78.85 -28.81 -28.29
N ASP M 227 77.78 -29.57 -28.43
CA ASP M 227 77.70 -30.77 -29.32
C ASP M 227 77.66 -30.43 -30.83
N ARG M 228 77.47 -29.16 -31.21
CA ARG M 228 77.33 -28.76 -32.64
C ARG M 228 78.44 -27.83 -33.14
N VAL M 229 78.94 -28.05 -34.35
CA VAL M 229 79.88 -27.12 -35.02
C VAL M 229 79.25 -26.70 -36.37
N VAL M 230 79.26 -25.41 -36.71
CA VAL M 230 78.75 -24.90 -38.03
C VAL M 230 79.94 -24.38 -38.88
N THR M 231 80.04 -24.83 -40.13
CA THR M 231 81.11 -24.38 -41.05
C THR M 231 80.53 -23.54 -42.19
N LYS M 232 81.13 -22.39 -42.49
CA LYS M 232 80.73 -21.53 -43.65
C LYS M 232 81.94 -21.38 -44.59
N SER M 233 81.74 -21.57 -45.89
CA SER M 233 82.80 -21.47 -46.92
C SER M 233 82.35 -20.65 -48.12
N THR M 234 83.13 -19.66 -48.57
CA THR M 234 82.83 -18.84 -49.76
C THR M 234 83.96 -18.93 -50.77
N ARG M 235 83.64 -19.14 -52.05
CA ARG M 235 84.63 -19.20 -53.15
C ARG M 235 84.21 -18.41 -54.41
N THR M 236 85.15 -18.05 -55.26
CA THR M 236 84.90 -17.39 -56.57
C THR M 236 85.10 -18.43 -57.67
N TRP M 237 84.15 -18.58 -58.59
CA TRP M 237 84.17 -19.57 -59.69
C TRP M 237 84.10 -18.95 -61.10
N VAL M 238 84.60 -19.66 -62.10
CA VAL M 238 84.51 -19.28 -63.54
C VAL M 238 83.79 -20.40 -64.32
N LEU M 239 82.86 -20.06 -65.21
CA LEU M 239 82.19 -21.06 -66.10
C LEU M 239 82.49 -20.87 -67.58
N PRO M 240 83.11 -21.86 -68.25
CA PRO M 240 83.26 -21.87 -69.70
C PRO M 240 82.00 -22.24 -70.48
N SER M 241 81.90 -21.83 -71.74
CA SER M 241 80.77 -22.36 -72.58
C SER M 241 81.22 -23.68 -73.21
N TYR M 242 80.94 -24.82 -72.59
CA TYR M 242 81.43 -26.15 -73.05
C TYR M 242 80.69 -26.73 -74.25
N ASN M 243 81.41 -27.26 -75.24
CA ASN M 243 80.82 -27.99 -76.41
C ASN M 243 80.23 -27.03 -77.43
N ASN M 244 80.42 -25.71 -77.26
CA ASN M 244 79.81 -24.66 -78.14
C ASN M 244 78.28 -24.82 -78.20
N HIS M 245 77.63 -25.05 -77.05
CA HIS M 245 76.13 -25.16 -76.95
C HIS M 245 75.55 -26.46 -77.54
N GLN M 246 76.34 -27.53 -77.58
CA GLN M 246 75.89 -28.80 -78.21
C GLN M 246 76.10 -30.03 -77.31
N TYR M 247 75.36 -31.11 -77.54
CA TYR M 247 75.49 -32.40 -76.83
C TYR M 247 76.23 -33.32 -77.76
N ARG M 248 77.26 -33.99 -77.27
CA ARG M 248 78.10 -34.86 -78.14
C ARG M 248 78.14 -36.33 -77.67
N GLU M 249 77.96 -37.26 -78.61
CA GLU M 249 78.15 -38.70 -78.27
C GLU M 249 79.64 -39.00 -78.10
N ILE M 250 80.00 -39.67 -77.01
CA ILE M 250 81.41 -39.97 -76.65
C ILE M 250 81.58 -41.49 -76.49
N LYS M 251 82.72 -42.03 -76.88
CA LYS M 251 82.87 -43.51 -76.83
C LYS M 251 84.35 -43.91 -76.79
N SER M 252 84.65 -45.08 -76.25
CA SER M 252 86.03 -45.60 -76.32
C SER M 252 86.10 -47.11 -76.63
N GLY M 253 87.10 -47.55 -77.38
CA GLY M 253 87.46 -48.97 -77.55
C GLY M 253 88.51 -49.37 -76.49
N SER M 254 89.12 -50.55 -76.60
CA SER M 254 90.19 -51.02 -75.66
C SER M 254 91.45 -50.12 -75.71
N VAL M 255 92.02 -49.78 -74.56
CA VAL M 255 93.20 -48.87 -74.47
C VAL M 255 94.16 -49.40 -73.41
N ASP M 256 95.47 -49.26 -73.60
CA ASP M 256 96.52 -49.73 -72.65
C ASP M 256 96.41 -51.25 -72.47
N GLY M 257 95.96 -51.96 -73.49
CA GLY M 257 95.78 -53.40 -73.41
C GLY M 257 94.50 -53.87 -72.76
N SER M 258 93.55 -53.00 -72.38
CA SER M 258 92.36 -53.52 -71.65
C SER M 258 90.99 -53.18 -72.23
N ASN M 259 90.12 -54.17 -72.41
CA ASN M 259 88.68 -53.99 -72.83
C ASN M 259 87.81 -53.40 -71.70
N ALA M 260 88.24 -53.44 -70.44
CA ALA M 260 87.55 -52.83 -69.26
C ALA M 260 87.52 -51.31 -69.45
N ASN M 261 88.47 -50.77 -70.19
CA ASN M 261 88.56 -49.36 -70.64
C ASN M 261 87.41 -48.92 -71.58
N ALA M 262 86.87 -49.77 -72.45
CA ALA M 262 85.77 -49.44 -73.41
C ALA M 262 84.47 -48.94 -72.75
N TYR M 263 83.83 -47.93 -73.35
CA TYR M 263 82.57 -47.31 -72.84
C TYR M 263 81.78 -46.63 -73.97
N PHE M 264 80.49 -46.38 -73.76
CA PHE M 264 79.62 -45.58 -74.67
C PHE M 264 78.96 -44.50 -73.77
N GLY M 265 78.93 -43.23 -74.20
CA GLY M 265 78.41 -42.13 -73.37
C GLY M 265 78.05 -40.83 -74.05
N TYR M 266 77.56 -39.85 -73.27
CA TYR M 266 77.26 -38.49 -73.76
C TYR M 266 78.04 -37.38 -73.01
N SER M 267 78.52 -36.35 -73.71
CA SER M 267 79.13 -35.13 -73.09
C SER M 267 78.10 -34.00 -73.21
N THR M 268 78.04 -33.11 -72.23
CA THR M 268 76.97 -32.08 -72.18
C THR M 268 77.50 -30.66 -72.12
N PRO M 269 76.69 -29.67 -72.51
CA PRO M 269 77.03 -28.23 -72.39
C PRO M 269 77.16 -27.68 -70.96
N TRP M 270 76.53 -28.28 -69.97
CA TRP M 270 76.50 -27.90 -68.53
C TRP M 270 77.74 -28.18 -67.68
N GLY M 271 77.84 -27.45 -66.56
CA GLY M 271 78.88 -27.61 -65.54
C GLY M 271 78.23 -27.81 -64.20
N TYR M 272 78.94 -28.37 -63.24
CA TYR M 272 78.35 -28.70 -61.91
C TYR M 272 79.24 -28.23 -60.75
N PHE M 273 78.64 -28.06 -59.57
CA PHE M 273 79.38 -27.70 -58.32
C PHE M 273 79.56 -28.96 -57.43
N ASP M 274 80.78 -29.28 -57.00
CA ASP M 274 81.12 -30.43 -56.12
C ASP M 274 81.73 -29.95 -54.80
N PHE M 275 81.16 -30.35 -53.67
CA PHE M 275 81.70 -30.03 -52.33
C PHE M 275 82.12 -31.29 -51.52
N ASN M 276 82.25 -32.48 -52.12
CA ASN M 276 82.53 -33.72 -51.32
C ASN M 276 84.03 -33.88 -51.00
N ARG M 277 84.66 -32.93 -50.34
CA ARG M 277 86.05 -33.02 -49.81
C ARG M 277 86.00 -32.27 -48.46
N PHE M 278 86.67 -32.77 -47.43
CA PHE M 278 86.72 -32.14 -46.07
C PHE M 278 87.42 -30.75 -46.07
N HIS M 279 88.50 -30.55 -46.81
CA HIS M 279 89.32 -29.29 -46.91
C HIS M 279 88.45 -28.16 -47.47
N SER M 280 87.38 -28.46 -48.23
CA SER M 280 86.38 -27.49 -48.73
C SER M 280 85.65 -26.80 -47.57
N HIS M 281 85.35 -27.50 -46.48
CA HIS M 281 84.67 -26.96 -45.27
C HIS M 281 85.56 -26.73 -44.04
N TRP M 282 86.76 -27.30 -43.97
CA TRP M 282 87.55 -27.29 -42.72
C TRP M 282 88.92 -26.67 -42.84
N SER M 283 89.25 -25.74 -41.96
CA SER M 283 90.63 -25.19 -41.87
C SER M 283 91.53 -26.26 -41.24
N PRO M 284 92.86 -26.23 -41.49
CA PRO M 284 93.75 -27.17 -40.83
C PRO M 284 93.77 -27.06 -39.31
N ARG M 285 93.73 -25.86 -38.72
CA ARG M 285 93.60 -25.69 -37.25
C ARG M 285 92.27 -26.24 -36.69
N ASP M 286 91.14 -26.02 -37.34
CA ASP M 286 89.79 -26.55 -36.94
C ASP M 286 89.75 -28.08 -36.97
N TRP M 287 90.37 -28.69 -37.97
CA TRP M 287 90.49 -30.15 -38.08
C TRP M 287 91.30 -30.75 -36.91
N GLN M 288 92.38 -30.10 -36.49
CA GLN M 288 93.21 -30.49 -35.32
C GLN M 288 92.40 -30.43 -34.02
N ARG M 289 91.57 -29.41 -33.87
CA ARG M 289 90.71 -29.28 -32.68
C ARG M 289 89.71 -30.45 -32.59
N LEU M 290 89.08 -30.85 -33.68
CA LEU M 290 88.19 -32.05 -33.69
C LEU M 290 88.86 -33.43 -33.43
N ILE M 291 89.99 -33.72 -34.07
CA ILE M 291 90.70 -35.04 -33.97
C ILE M 291 91.24 -35.26 -32.55
N ASN M 292 91.76 -34.22 -31.92
CA ASN M 292 92.29 -34.21 -30.53
C ASN M 292 91.23 -34.43 -29.45
N ASN M 293 90.00 -33.91 -29.57
CA ASN M 293 89.00 -33.89 -28.46
C ASN M 293 87.70 -34.67 -28.57
N TYR M 294 87.40 -35.36 -29.66
CA TYR M 294 86.06 -36.00 -29.84
C TYR M 294 86.11 -37.46 -30.26
N TRP M 295 85.23 -38.29 -29.71
CA TRP M 295 85.06 -39.72 -30.16
C TRP M 295 84.46 -39.88 -31.59
N GLY M 296 83.52 -39.04 -31.97
CA GLY M 296 82.84 -39.17 -33.27
C GLY M 296 82.22 -37.91 -33.82
N PHE M 297 81.92 -37.92 -35.12
CA PHE M 297 81.22 -36.77 -35.78
C PHE M 297 80.26 -37.28 -36.88
N ARG M 298 79.19 -36.55 -37.20
CA ARG M 298 78.26 -36.87 -38.34
C ARG M 298 77.69 -35.58 -39.01
N PRO M 299 77.40 -35.55 -40.33
CA PRO M 299 76.67 -34.42 -40.97
C PRO M 299 75.16 -34.30 -40.69
N ARG M 300 74.61 -33.10 -40.57
CA ARG M 300 73.18 -32.88 -40.24
C ARG M 300 72.45 -32.05 -41.30
N SER M 301 72.98 -30.88 -41.67
CA SER M 301 72.27 -29.96 -42.60
C SER M 301 73.20 -29.28 -43.63
N LEU M 302 72.67 -28.96 -44.80
CA LEU M 302 73.41 -28.22 -45.84
C LEU M 302 72.62 -27.02 -46.41
N ARG M 303 73.24 -25.84 -46.58
CA ARG M 303 72.62 -24.67 -47.26
C ARG M 303 73.57 -24.15 -48.38
N VAL M 304 73.05 -23.91 -49.59
CA VAL M 304 73.84 -23.37 -50.74
C VAL M 304 73.27 -22.06 -51.33
N LYS M 305 74.12 -21.05 -51.55
CA LYS M 305 73.73 -19.78 -52.24
C LYS M 305 74.66 -19.47 -53.45
N ILE M 306 74.11 -19.11 -54.61
CA ILE M 306 74.88 -18.66 -55.81
C ILE M 306 74.51 -17.18 -56.10
N PHE M 307 75.47 -16.28 -56.24
CA PHE M 307 75.24 -14.80 -56.28
C PHE M 307 76.34 -13.98 -56.99
N ASN M 308 76.12 -12.67 -57.21
CA ASN M 308 77.08 -11.71 -57.86
C ASN M 308 77.48 -12.14 -59.26
N ILE M 309 76.52 -12.61 -60.04
CA ILE M 309 76.74 -13.13 -61.40
C ILE M 309 77.22 -12.05 -62.39
N GLN M 310 78.20 -12.37 -63.22
CA GLN M 310 78.76 -11.46 -64.25
C GLN M 310 78.96 -12.23 -65.57
N VAL M 311 78.32 -11.79 -66.63
CA VAL M 311 78.41 -12.45 -67.97
C VAL M 311 79.29 -11.55 -68.86
N LYS M 312 80.28 -12.14 -69.52
CA LYS M 312 81.26 -11.42 -70.37
C LYS M 312 81.24 -11.93 -71.82
N GLU M 313 81.37 -11.02 -72.79
CA GLU M 313 81.45 -11.42 -74.22
C GLU M 313 82.88 -11.20 -74.72
N VAL M 314 83.41 -12.18 -75.43
CA VAL M 314 84.82 -12.11 -75.93
C VAL M 314 84.74 -11.96 -77.46
N THR M 315 85.45 -10.98 -78.00
CA THR M 315 85.45 -10.71 -79.45
C THR M 315 86.85 -10.65 -79.97
N VAL M 316 87.12 -11.24 -81.14
CA VAL M 316 88.47 -11.08 -81.74
C VAL M 316 88.40 -10.38 -83.09
N GLN M 317 89.12 -9.27 -83.28
CA GLN M 317 89.24 -8.66 -84.62
C GLN M 317 90.74 -8.56 -84.92
N ASP M 318 91.24 -9.25 -85.94
CA ASP M 318 92.67 -9.13 -86.34
C ASP M 318 93.57 -9.41 -85.13
N SER M 319 93.23 -10.38 -84.27
CA SER M 319 94.11 -10.81 -83.13
C SER M 319 94.07 -9.89 -81.88
N THR M 320 93.21 -8.86 -81.82
CA THR M 320 93.07 -8.00 -80.61
C THR M 320 92.53 -8.72 -79.37
N THR M 321 91.54 -9.61 -79.45
CA THR M 321 90.88 -10.27 -78.27
C THR M 321 90.28 -9.34 -77.18
N THR M 322 89.46 -8.34 -77.50
CA THR M 322 88.74 -7.53 -76.48
C THR M 322 87.70 -8.29 -75.67
N ILE M 323 87.55 -7.99 -74.36
CA ILE M 323 86.54 -8.61 -73.45
C ILE M 323 85.60 -7.53 -72.89
N ALA M 324 84.29 -7.75 -72.90
CA ALA M 324 83.29 -6.75 -72.42
C ALA M 324 82.13 -7.37 -71.64
N ASN M 325 81.51 -6.59 -70.76
CA ASN M 325 80.29 -7.04 -70.04
C ASN M 325 79.04 -7.10 -70.91
N ASN M 326 78.22 -8.14 -70.77
CA ASN M 326 76.88 -8.15 -71.43
C ASN M 326 75.85 -8.15 -70.30
N LEU M 327 75.14 -7.05 -70.09
CA LEU M 327 74.10 -6.86 -69.02
C LEU M 327 72.85 -7.73 -69.19
N THR M 328 72.39 -7.92 -70.41
CA THR M 328 71.10 -8.62 -70.69
C THR M 328 71.25 -10.15 -70.82
N SER M 329 72.46 -10.71 -70.80
CA SER M 329 72.71 -12.18 -70.87
C SER M 329 72.30 -12.96 -69.58
N THR M 330 71.94 -14.24 -69.72
CA THR M 330 71.44 -15.07 -68.57
C THR M 330 72.27 -16.31 -68.27
N VAL M 331 72.16 -16.80 -67.06
CA VAL M 331 72.76 -18.09 -66.63
C VAL M 331 71.57 -18.98 -66.18
N GLN M 332 71.62 -20.29 -66.40
CA GLN M 332 70.55 -21.25 -66.01
C GLN M 332 70.99 -22.25 -64.92
N VAL M 333 70.22 -22.39 -63.84
CA VAL M 333 70.58 -23.23 -62.66
C VAL M 333 69.44 -24.18 -62.24
N PHE M 334 69.75 -25.43 -61.91
CA PHE M 334 68.76 -26.41 -61.37
C PHE M 334 69.38 -27.45 -60.39
N THR M 335 68.56 -28.06 -59.55
CA THR M 335 68.98 -29.17 -58.66
C THR M 335 68.22 -30.44 -59.02
N ASP M 336 68.90 -31.59 -59.11
CA ASP M 336 68.25 -32.91 -59.43
C ASP M 336 67.72 -33.59 -58.15
N ASP M 337 66.60 -33.14 -57.62
CA ASP M 337 65.99 -33.61 -56.35
C ASP M 337 65.51 -35.08 -56.31
N ASP M 338 64.94 -35.62 -57.38
CA ASP M 338 64.39 -37.01 -57.44
C ASP M 338 65.40 -38.04 -57.94
N TYR M 339 66.65 -37.68 -58.21
CA TYR M 339 67.75 -38.60 -58.59
C TYR M 339 67.51 -39.27 -59.94
N GLN M 340 66.82 -38.60 -60.84
CA GLN M 340 66.57 -39.06 -62.22
C GLN M 340 67.87 -39.16 -63.05
N LEU M 341 68.77 -38.21 -62.89
CA LEU M 341 70.08 -38.21 -63.59
C LEU M 341 71.11 -39.17 -63.03
N PRO M 342 72.07 -39.63 -63.85
CA PRO M 342 73.20 -40.37 -63.29
C PRO M 342 74.03 -39.52 -62.31
N TYR M 343 74.40 -40.03 -61.14
CA TYR M 343 75.12 -39.25 -60.08
C TYR M 343 76.61 -39.53 -60.14
N VAL M 344 77.39 -38.53 -60.53
CA VAL M 344 78.85 -38.70 -60.74
C VAL M 344 79.65 -38.08 -59.59
N VAL M 345 79.00 -37.47 -58.59
CA VAL M 345 79.67 -36.74 -57.47
C VAL M 345 80.55 -37.61 -56.52
N GLY M 346 80.23 -38.84 -56.20
CA GLY M 346 80.93 -39.64 -55.14
C GLY M 346 82.04 -40.58 -55.59
N ASN M 347 82.68 -40.36 -56.73
CA ASN M 347 83.66 -41.27 -57.38
C ASN M 347 85.14 -40.81 -57.31
N GLY M 348 85.56 -39.94 -56.38
CA GLY M 348 86.94 -39.43 -56.20
C GLY M 348 87.52 -38.63 -57.33
N THR M 349 86.71 -37.80 -57.97
CA THR M 349 87.12 -36.98 -59.12
C THR M 349 87.44 -35.55 -58.76
N GLU M 350 88.29 -34.90 -59.53
CA GLU M 350 88.71 -33.48 -59.36
C GLU M 350 87.63 -32.43 -59.76
N GLY M 351 87.81 -31.17 -59.37
CA GLY M 351 86.80 -30.09 -59.58
C GLY M 351 86.00 -29.63 -58.39
N CYS M 352 86.28 -30.10 -57.18
CA CYS M 352 85.64 -29.63 -55.91
C CYS M 352 86.14 -28.23 -55.52
N LEU M 353 85.43 -27.53 -54.62
CA LEU M 353 85.86 -26.21 -54.13
C LEU M 353 87.25 -26.33 -53.49
N PRO M 354 88.13 -25.33 -53.72
CA PRO M 354 89.49 -25.39 -53.17
C PRO M 354 89.73 -25.35 -51.66
N ALA M 355 90.81 -25.97 -51.18
CA ALA M 355 91.21 -25.97 -49.75
C ALA M 355 91.50 -24.54 -49.24
N PHE M 356 92.14 -23.69 -50.05
CA PHE M 356 92.54 -22.31 -49.64
C PHE M 356 91.49 -21.32 -50.13
N PRO M 357 90.84 -20.52 -49.24
CA PRO M 357 89.79 -19.57 -49.62
C PRO M 357 90.01 -18.54 -50.74
N PRO M 358 91.19 -17.89 -50.88
CA PRO M 358 91.52 -16.98 -51.99
C PRO M 358 91.62 -17.58 -53.40
N GLN M 359 91.86 -18.88 -53.53
CA GLN M 359 92.01 -19.56 -54.85
C GLN M 359 90.73 -19.52 -55.70
N VAL M 360 90.88 -19.30 -57.00
CA VAL M 360 89.73 -19.14 -57.92
C VAL M 360 89.68 -20.39 -58.82
N PHE M 361 88.51 -20.97 -59.01
CA PHE M 361 88.42 -22.29 -59.71
C PHE M 361 87.46 -22.40 -60.91
N THR M 362 87.86 -23.22 -61.87
CA THR M 362 87.00 -23.59 -63.03
C THR M 362 86.06 -24.74 -62.67
N LEU M 363 84.76 -24.63 -62.99
CA LEU M 363 83.78 -25.74 -62.81
C LEU M 363 84.00 -26.90 -63.79
N PRO M 364 83.88 -28.16 -63.32
CA PRO M 364 83.92 -29.32 -64.20
C PRO M 364 82.75 -29.49 -65.20
N GLN M 365 83.00 -30.00 -66.40
CA GLN M 365 81.91 -30.34 -67.36
C GLN M 365 81.21 -31.67 -67.02
N TYR M 366 79.88 -31.70 -67.04
CA TYR M 366 79.06 -32.94 -66.84
C TYR M 366 79.07 -33.91 -68.03
N GLY M 367 79.14 -35.20 -67.74
CA GLY M 367 79.16 -36.29 -68.71
C GLY M 367 78.80 -37.55 -68.00
N TYR M 368 78.50 -38.63 -68.73
CA TYR M 368 78.15 -39.96 -68.13
C TYR M 368 78.44 -41.09 -69.08
N ALA M 369 78.56 -42.30 -68.54
CA ALA M 369 78.65 -43.52 -69.35
C ALA M 369 77.36 -44.33 -69.18
N THR M 370 76.77 -44.80 -70.26
CA THR M 370 75.61 -45.74 -70.25
C THR M 370 76.13 -47.13 -70.59
N LEU M 371 75.27 -48.01 -71.08
CA LEU M 371 75.65 -49.38 -71.52
C LEU M 371 76.47 -49.45 -72.82
N ASN M 372 77.36 -50.42 -72.91
CA ASN M 372 78.22 -50.64 -74.11
C ASN M 372 78.05 -52.12 -74.49
N ARG M 373 78.20 -52.47 -75.76
CA ARG M 373 77.92 -53.86 -76.21
C ARG M 373 79.18 -54.71 -76.39
N ASP M 374 79.24 -55.85 -75.71
CA ASP M 374 80.35 -56.87 -75.83
C ASP M 374 81.76 -56.32 -75.58
N ASN M 375 81.95 -55.45 -74.58
CA ASN M 375 83.28 -54.83 -74.26
C ASN M 375 83.83 -54.09 -75.49
N THR M 376 82.99 -53.34 -76.21
CA THR M 376 83.33 -52.55 -77.43
C THR M 376 82.74 -51.13 -77.30
N GLU M 377 83.07 -50.18 -78.18
CA GLU M 377 82.57 -48.76 -78.17
C GLU M 377 81.09 -48.60 -78.56
N ASN M 378 80.47 -49.60 -79.18
CA ASN M 378 79.05 -49.59 -79.61
C ASN M 378 78.00 -49.65 -78.49
N PRO M 379 76.85 -48.99 -78.67
CA PRO M 379 75.69 -49.07 -77.77
C PRO M 379 74.74 -50.32 -77.86
N THR M 380 73.80 -50.43 -76.93
CA THR M 380 72.79 -51.49 -76.84
C THR M 380 71.41 -50.85 -76.89
N GLU M 381 70.35 -51.62 -77.11
CA GLU M 381 68.93 -51.15 -77.09
C GLU M 381 68.55 -50.61 -75.70
N ARG M 382 69.04 -51.18 -74.62
CA ARG M 382 68.87 -50.71 -73.22
C ARG M 382 69.60 -49.37 -72.96
N SER M 383 70.60 -48.99 -73.74
CA SER M 383 71.42 -47.75 -73.55
C SER M 383 70.52 -46.50 -73.61
N SER M 384 70.75 -45.53 -72.72
CA SER M 384 69.87 -44.36 -72.48
C SER M 384 70.48 -42.97 -72.75
N PHE M 385 69.69 -42.07 -73.28
CA PHE M 385 70.09 -40.66 -73.49
C PHE M 385 69.27 -39.78 -72.55
N PHE M 386 69.94 -38.87 -71.87
CA PHE M 386 69.26 -37.91 -70.98
C PHE M 386 69.49 -36.47 -71.43
N CYS M 387 68.43 -35.67 -71.57
CA CYS M 387 68.49 -34.21 -71.87
C CYS M 387 68.30 -33.37 -70.59
N LEU M 388 69.23 -32.48 -70.24
CA LEU M 388 69.16 -31.54 -69.08
C LEU M 388 68.09 -30.46 -69.28
N GLU M 389 67.91 -29.98 -70.53
CA GLU M 389 66.94 -28.92 -70.89
C GLU M 389 65.50 -29.41 -70.73
N TYR M 390 65.27 -30.72 -70.67
CA TYR M 390 63.93 -31.32 -70.37
C TYR M 390 63.50 -30.96 -68.94
N PHE M 391 64.36 -30.91 -67.97
CA PHE M 391 64.05 -30.45 -66.58
C PHE M 391 63.78 -28.95 -66.51
N PRO M 392 62.92 -28.45 -65.60
CA PRO M 392 62.83 -27.00 -65.35
C PRO M 392 64.04 -26.30 -64.65
N SER M 393 64.45 -25.10 -65.05
CA SER M 393 65.59 -24.36 -64.46
C SER M 393 65.32 -22.86 -64.19
N LYS M 394 65.91 -22.29 -63.15
CA LYS M 394 65.86 -20.83 -62.89
C LYS M 394 66.75 -20.06 -63.89
N MET M 395 66.32 -18.89 -64.36
CA MET M 395 67.13 -18.04 -65.28
C MET M 395 67.59 -16.77 -64.53
N LEU M 396 68.89 -16.49 -64.56
CA LEU M 396 69.43 -15.34 -63.80
C LEU M 396 70.20 -14.31 -64.62
N ARG M 397 69.86 -13.04 -64.48
CA ARG M 397 70.64 -11.90 -64.98
C ARG M 397 71.61 -11.43 -63.84
N THR M 398 72.43 -10.39 -64.05
CA THR M 398 73.44 -9.83 -63.09
C THR M 398 72.85 -9.44 -61.73
N GLY M 399 71.64 -8.90 -61.63
CA GLY M 399 70.88 -8.65 -60.39
C GLY M 399 70.46 -9.85 -59.58
N ASN M 400 70.12 -10.98 -60.21
CA ASN M 400 69.52 -12.22 -59.61
C ASN M 400 70.42 -13.15 -58.79
N ASN M 401 69.83 -13.95 -57.90
CA ASN M 401 70.54 -14.91 -57.00
C ASN M 401 69.75 -16.24 -56.90
N PHE M 402 70.41 -17.34 -56.52
CA PHE M 402 69.78 -18.67 -56.30
C PHE M 402 70.09 -19.24 -54.90
N GLU M 403 69.12 -19.86 -54.23
CA GLU M 403 69.36 -20.53 -52.91
C GLU M 403 68.76 -21.96 -52.83
N PHE M 404 69.41 -22.90 -52.12
CA PHE M 404 68.89 -24.28 -51.85
C PHE M 404 69.16 -24.72 -50.38
N THR M 405 68.30 -25.57 -49.81
CA THR M 405 68.47 -26.16 -48.43
C THR M 405 68.31 -27.68 -48.46
N TYR M 406 69.11 -28.43 -47.70
CA TYR M 406 69.02 -29.92 -47.61
C TYR M 406 69.15 -30.44 -46.17
N ASN M 407 68.49 -31.54 -45.83
CA ASN M 407 68.66 -32.25 -44.52
C ASN M 407 69.21 -33.66 -44.76
N PHE M 408 70.23 -34.04 -44.02
CA PHE M 408 70.83 -35.40 -44.14
C PHE M 408 69.93 -36.40 -43.43
N GLU M 409 69.87 -37.64 -43.92
CA GLU M 409 69.16 -38.76 -43.24
C GLU M 409 69.95 -39.21 -41.99
N GLU M 410 69.29 -39.88 -41.04
CA GLU M 410 70.04 -40.43 -39.88
C GLU M 410 71.11 -41.42 -40.36
N VAL M 411 72.32 -41.27 -39.84
CA VAL M 411 73.48 -42.08 -40.27
C VAL M 411 74.29 -42.36 -38.99
N PRO M 412 75.04 -43.46 -38.88
CA PRO M 412 75.94 -43.66 -37.75
C PRO M 412 77.14 -42.68 -37.68
N PHE M 413 77.58 -42.29 -36.48
CA PHE M 413 78.77 -41.41 -36.30
C PHE M 413 80.04 -42.12 -36.76
N HIS M 414 80.97 -41.42 -37.42
CA HIS M 414 82.32 -41.99 -37.73
C HIS M 414 83.06 -42.20 -36.40
N SER M 415 83.87 -43.25 -36.32
CA SER M 415 84.66 -43.53 -35.09
C SER M 415 86.06 -42.92 -35.11
N SER M 416 86.26 -41.78 -34.44
CA SER M 416 87.57 -41.10 -34.31
C SER M 416 88.33 -41.58 -33.06
N PHE M 417 88.71 -42.85 -33.01
CA PHE M 417 89.43 -43.42 -31.86
C PHE M 417 90.21 -44.64 -32.32
N ALA M 418 91.22 -45.00 -31.56
CA ALA M 418 92.01 -46.23 -31.79
C ALA M 418 91.79 -47.16 -30.61
N PRO M 419 91.60 -48.48 -30.84
CA PRO M 419 91.51 -49.43 -29.74
C PRO M 419 92.76 -49.60 -28.86
N SER M 420 92.55 -49.66 -27.54
CA SER M 420 93.66 -49.85 -26.56
C SER M 420 93.84 -51.34 -26.16
N GLN M 421 93.04 -52.26 -26.72
CA GLN M 421 93.20 -53.71 -26.47
C GLN M 421 93.16 -54.56 -27.73
N ASN M 422 93.91 -55.66 -27.77
CA ASN M 422 93.84 -56.70 -28.83
C ASN M 422 92.55 -57.53 -28.68
N LEU M 423 91.91 -57.92 -29.80
CA LEU M 423 90.65 -58.71 -29.85
C LEU M 423 90.83 -60.09 -29.20
N PHE M 424 91.99 -60.72 -29.36
CA PHE M 424 92.32 -62.05 -28.80
C PHE M 424 92.92 -62.03 -27.35
N LYS M 425 93.15 -60.89 -26.69
CA LYS M 425 93.78 -60.78 -25.34
C LYS M 425 92.80 -60.26 -24.25
N LEU M 426 91.50 -60.55 -24.30
CA LEU M 426 90.46 -59.97 -23.40
C LEU M 426 90.20 -60.73 -22.08
N ALA M 427 90.71 -61.95 -21.92
CA ALA M 427 90.62 -62.68 -20.65
C ALA M 427 91.51 -62.00 -19.60
N ASN M 428 91.13 -62.07 -18.31
CA ASN M 428 91.99 -61.53 -17.24
C ASN M 428 93.33 -62.28 -17.27
N PRO M 429 94.47 -61.56 -17.21
CA PRO M 429 95.78 -62.18 -17.17
C PRO M 429 96.07 -63.07 -15.93
N LEU M 430 95.61 -62.71 -14.72
CA LEU M 430 95.69 -63.44 -13.42
C LEU M 430 94.92 -64.76 -13.31
N VAL M 431 93.74 -64.89 -13.91
CA VAL M 431 92.85 -66.07 -13.70
C VAL M 431 92.77 -67.11 -14.85
N ASP M 432 92.88 -68.40 -14.53
CA ASP M 432 92.69 -69.54 -15.48
C ASP M 432 91.23 -69.76 -15.92
N GLN M 433 91.02 -70.25 -17.13
CA GLN M 433 89.68 -70.65 -17.64
C GLN M 433 89.17 -71.98 -17.06
N TYR M 434 87.85 -72.18 -16.91
CA TYR M 434 87.28 -73.51 -16.52
C TYR M 434 87.09 -74.40 -17.78
N LEU M 435 87.89 -74.24 -18.81
CA LEU M 435 87.71 -74.93 -20.12
C LEU M 435 88.98 -75.69 -20.51
N TYR M 436 88.82 -76.77 -21.25
CA TYR M 436 89.97 -77.66 -21.58
C TYR M 436 90.11 -77.87 -23.08
N ARG M 437 91.31 -78.20 -23.52
CA ARG M 437 91.62 -78.39 -24.96
C ARG M 437 92.31 -79.73 -25.20
N PHE M 438 92.16 -80.28 -26.41
CA PHE M 438 92.86 -81.52 -26.79
C PHE M 438 94.27 -81.18 -27.19
N VAL M 439 95.21 -81.89 -26.60
CA VAL M 439 96.64 -81.65 -26.93
C VAL M 439 97.36 -82.89 -27.47
N SER M 440 96.82 -84.08 -27.28
CA SER M 440 97.64 -85.29 -27.55
C SER M 440 96.93 -86.63 -27.74
N THR M 441 97.64 -87.58 -28.29
CA THR M 441 97.17 -88.98 -28.39
C THR M 441 98.31 -89.81 -27.80
N ASN M 442 98.03 -90.90 -27.06
CA ASN M 442 99.07 -91.81 -26.48
C ASN M 442 99.56 -92.90 -27.48
N ASN M 443 100.40 -93.84 -27.05
CA ASN M 443 100.99 -94.90 -27.94
C ASN M 443 99.85 -95.72 -28.55
N THR M 444 98.79 -96.04 -27.81
CA THR M 444 97.55 -96.57 -28.39
C THR M 444 96.87 -95.27 -28.67
N GLY M 445 96.20 -95.04 -29.78
CA GLY M 445 95.81 -93.63 -30.05
C GLY M 445 94.66 -93.09 -29.21
N GLY M 446 94.86 -92.92 -27.91
CA GLY M 446 93.82 -92.45 -26.97
C GLY M 446 93.95 -90.98 -26.67
N VAL M 447 92.87 -90.23 -26.74
CA VAL M 447 92.87 -88.73 -26.60
C VAL M 447 93.25 -88.22 -25.20
N GLN M 448 93.98 -87.10 -25.15
CA GLN M 448 94.48 -86.52 -23.88
C GLN M 448 94.14 -85.02 -23.84
N PHE M 449 93.93 -84.47 -22.65
CA PHE M 449 93.47 -83.06 -22.49
C PHE M 449 94.27 -82.27 -21.45
N ASN M 450 94.34 -80.95 -21.60
CA ASN M 450 95.02 -80.05 -20.63
C ASN M 450 94.13 -78.84 -20.38
N LYS M 451 94.14 -78.29 -19.17
CA LYS M 451 93.42 -77.04 -18.80
C LYS M 451 94.06 -75.78 -19.41
N ASN M 452 93.25 -74.74 -19.63
CA ASN M 452 93.77 -73.47 -20.20
C ASN M 452 94.23 -72.54 -19.07
N LEU M 453 95.53 -72.22 -19.04
CA LEU M 453 96.18 -71.37 -17.99
C LEU M 453 96.04 -69.85 -18.19
N ALA M 454 96.23 -69.08 -17.12
CA ALA M 454 96.14 -67.59 -17.17
C ALA M 454 97.22 -66.95 -18.06
N GLY M 455 96.80 -66.03 -18.94
CA GLY M 455 97.69 -65.29 -19.85
C GLY M 455 98.13 -66.04 -21.10
N ARG M 456 97.68 -67.27 -21.31
CA ARG M 456 98.06 -68.11 -22.48
C ARG M 456 97.09 -67.83 -23.65
N TYR M 457 97.20 -66.67 -24.31
CA TYR M 457 96.28 -66.14 -25.37
C TYR M 457 96.31 -67.02 -26.62
N ALA M 458 97.43 -67.69 -26.87
CA ALA M 458 97.55 -68.65 -27.97
C ALA M 458 96.53 -69.79 -27.82
N ASN M 459 96.22 -70.26 -26.61
CA ASN M 459 95.35 -71.45 -26.36
C ASN M 459 94.02 -71.19 -25.64
N THR M 460 93.34 -70.09 -25.79
CA THR M 460 92.19 -69.66 -24.97
C THR M 460 90.94 -69.72 -25.83
N TYR M 461 89.80 -70.07 -25.26
CA TYR M 461 88.50 -70.07 -25.97
C TYR M 461 88.15 -68.63 -26.29
N LYS M 462 87.59 -68.38 -27.47
CA LYS M 462 87.30 -66.99 -27.92
C LYS M 462 85.85 -66.78 -28.32
N ASN M 463 85.18 -65.75 -27.83
CA ASN M 463 83.82 -65.32 -28.28
C ASN M 463 83.73 -64.69 -29.69
N TRP M 464 84.71 -63.90 -30.11
CA TRP M 464 84.57 -63.03 -31.29
C TRP M 464 85.70 -63.19 -32.29
N PHE M 465 85.43 -62.87 -33.53
CA PHE M 465 86.39 -63.14 -34.63
C PHE M 465 86.67 -61.87 -35.40
N PRO M 466 87.86 -61.78 -36.01
CA PRO M 466 88.21 -60.67 -36.87
C PRO M 466 87.47 -60.57 -38.21
N GLY M 467 87.45 -59.39 -38.81
CA GLY M 467 86.73 -59.11 -40.08
C GLY M 467 87.33 -59.69 -41.35
N PRO M 468 86.57 -59.66 -42.47
CA PRO M 468 86.99 -60.29 -43.72
C PRO M 468 88.27 -59.81 -44.44
N MET M 469 89.00 -60.74 -45.05
CA MET M 469 90.31 -60.41 -45.66
C MET M 469 90.53 -60.99 -47.07
N GLY M 470 91.24 -60.32 -47.97
CA GLY M 470 91.73 -60.90 -49.25
C GLY M 470 93.20 -60.57 -49.41
N ARG M 471 94.11 -61.50 -49.70
CA ARG M 471 95.57 -61.17 -49.73
C ARG M 471 95.98 -60.19 -50.87
N THR M 472 96.79 -59.16 -50.55
CA THR M 472 97.29 -58.13 -51.49
C THR M 472 98.78 -57.99 -51.33
N GLN M 473 99.55 -57.79 -52.40
CA GLN M 473 101.03 -57.75 -52.35
C GLN M 473 101.59 -56.60 -51.49
N GLY M 474 102.67 -56.87 -50.75
CA GLY M 474 103.33 -55.87 -49.89
C GLY M 474 104.62 -55.36 -50.49
N TRP M 475 104.79 -54.04 -50.50
CA TRP M 475 106.01 -53.40 -51.04
C TRP M 475 106.70 -52.53 -49.97
N ASN M 476 108.02 -52.65 -49.85
CA ASN M 476 108.83 -51.85 -48.88
C ASN M 476 109.00 -50.41 -49.35
N LEU M 477 109.07 -49.47 -48.42
CA LEU M 477 109.21 -48.02 -48.69
C LEU M 477 110.45 -47.55 -47.93
N GLY M 478 111.03 -46.40 -48.27
CA GLY M 478 112.29 -45.96 -47.63
C GLY M 478 113.46 -46.88 -47.91
N SER M 479 114.07 -47.45 -46.87
CA SER M 479 115.21 -48.37 -47.04
C SER M 479 114.76 -49.58 -47.85
N GLY M 480 113.55 -50.13 -47.64
CA GLY M 480 113.00 -51.10 -48.61
C GLY M 480 113.79 -52.36 -48.88
N VAL M 481 114.16 -52.63 -50.13
CA VAL M 481 114.84 -53.89 -50.58
C VAL M 481 113.89 -54.75 -51.48
N ASN M 482 112.93 -54.15 -52.18
CA ASN M 482 111.99 -54.82 -53.15
C ASN M 482 112.60 -55.30 -54.48
N ARG M 483 111.94 -56.22 -55.20
CA ARG M 483 112.37 -56.76 -56.54
C ARG M 483 112.42 -55.72 -57.67
N ALA M 484 113.46 -55.76 -58.51
CA ALA M 484 113.73 -54.78 -59.60
C ALA M 484 112.99 -54.96 -60.92
N SER M 485 112.77 -53.86 -61.67
CA SER M 485 112.22 -53.87 -63.05
C SER M 485 110.86 -54.57 -63.21
N VAL M 486 109.93 -54.35 -62.30
CA VAL M 486 108.62 -55.05 -62.33
C VAL M 486 107.52 -54.22 -63.01
N SER M 487 106.70 -54.85 -63.87
CA SER M 487 105.48 -54.17 -64.38
C SER M 487 104.35 -54.69 -63.49
N ALA M 488 103.68 -53.84 -62.74
CA ALA M 488 102.65 -54.21 -61.73
C ALA M 488 101.34 -54.87 -62.21
N PHE M 489 100.75 -54.50 -63.36
CA PHE M 489 99.35 -54.84 -63.73
C PHE M 489 98.97 -56.35 -63.84
N ALA M 490 99.80 -57.22 -64.39
CA ALA M 490 99.47 -58.66 -64.56
C ALA M 490 99.22 -59.34 -63.21
N THR M 491 99.97 -58.98 -62.17
CA THR M 491 99.89 -59.62 -60.84
C THR M 491 98.98 -58.90 -59.86
N THR M 492 98.28 -57.85 -60.26
CA THR M 492 97.33 -57.08 -59.41
C THR M 492 96.03 -57.81 -59.10
N ASN M 493 95.37 -57.48 -57.99
CA ASN M 493 94.04 -58.05 -57.60
C ASN M 493 92.94 -57.61 -58.57
N ARG M 494 92.01 -58.50 -58.92
CA ARG M 494 90.97 -58.19 -59.93
C ARG M 494 89.61 -58.82 -59.63
N MET M 495 88.54 -58.23 -60.13
CA MET M 495 87.17 -58.83 -60.07
C MET M 495 86.66 -58.85 -61.53
N GLU M 496 85.87 -59.86 -61.92
CA GLU M 496 85.39 -60.02 -63.32
C GLU M 496 83.92 -59.59 -63.44
N LEU M 497 83.58 -58.65 -64.33
CA LEU M 497 82.17 -58.25 -64.61
C LEU M 497 81.89 -58.28 -66.10
N GLU M 498 80.82 -58.91 -66.59
CA GLU M 498 80.35 -58.87 -68.01
C GLU M 498 81.43 -59.29 -69.02
N GLY M 499 82.27 -60.27 -68.71
CA GLY M 499 83.39 -60.64 -69.62
C GLY M 499 84.66 -59.79 -69.55
N ALA M 500 84.82 -58.86 -68.62
CA ALA M 500 86.11 -58.11 -68.53
C ALA M 500 86.73 -58.18 -67.12
N SER M 501 88.06 -58.07 -67.01
CA SER M 501 88.79 -58.06 -65.72
C SER M 501 89.06 -56.62 -65.27
N TYR M 502 88.67 -56.32 -64.05
CA TYR M 502 88.83 -54.93 -63.53
C TYR M 502 89.67 -54.87 -62.29
N GLN M 503 90.60 -53.93 -62.26
CA GLN M 503 91.30 -53.64 -60.99
C GLN M 503 90.27 -52.96 -60.08
N VAL M 504 90.31 -53.24 -58.80
CA VAL M 504 89.39 -52.66 -57.79
C VAL M 504 90.36 -52.06 -56.78
N PRO M 505 90.95 -50.88 -57.08
CA PRO M 505 92.06 -50.31 -56.32
C PRO M 505 91.84 -50.01 -54.87
N PRO M 506 90.71 -49.53 -54.30
CA PRO M 506 90.62 -49.51 -52.85
C PRO M 506 90.20 -50.97 -52.63
N GLN M 507 90.80 -51.71 -51.73
CA GLN M 507 90.21 -53.09 -51.52
C GLN M 507 88.93 -52.96 -50.64
N PRO M 508 88.07 -53.99 -50.46
CA PRO M 508 86.93 -53.94 -49.52
C PRO M 508 87.30 -53.85 -48.00
N ASN M 509 86.46 -53.25 -47.13
CA ASN M 509 86.77 -53.00 -45.67
C ASN M 509 87.05 -54.22 -44.76
N GLY M 510 87.75 -54.03 -43.62
CA GLY M 510 88.14 -55.08 -42.65
C GLY M 510 89.58 -55.47 -42.61
N MET M 511 90.45 -54.79 -43.34
CA MET M 511 91.89 -55.10 -43.30
C MET M 511 92.76 -53.90 -42.89
N THR M 512 94.02 -54.15 -42.53
CA THR M 512 95.02 -53.06 -42.33
C THR M 512 96.16 -53.20 -43.34
N ASN M 513 96.51 -52.15 -44.09
CA ASN M 513 97.67 -52.06 -45.04
C ASN M 513 99.07 -52.09 -44.39
N ASN M 514 99.30 -51.46 -43.23
CA ASN M 514 100.65 -51.32 -42.63
C ASN M 514 100.63 -51.76 -41.15
N LEU M 515 101.62 -52.52 -40.70
CA LEU M 515 101.75 -52.94 -39.25
C LEU M 515 102.05 -51.86 -38.16
N GLN M 516 102.92 -50.86 -38.32
CA GLN M 516 103.34 -49.85 -37.28
C GLN M 516 104.86 -50.00 -37.20
N GLY M 517 105.60 -48.89 -37.19
CA GLY M 517 107.02 -49.12 -37.44
C GLY M 517 106.95 -49.63 -38.86
N SER M 518 107.40 -50.83 -39.17
CA SER M 518 107.39 -51.46 -40.52
C SER M 518 107.27 -50.55 -41.77
N ASN M 519 108.06 -50.90 -42.78
CA ASN M 519 108.06 -50.13 -44.07
C ASN M 519 107.34 -50.95 -45.15
N THR M 520 106.67 -52.04 -44.77
CA THR M 520 105.85 -52.81 -45.73
C THR M 520 104.44 -52.25 -45.81
N TYR M 521 103.99 -51.99 -47.03
CA TYR M 521 102.64 -51.42 -47.27
C TYR M 521 101.99 -52.23 -48.34
N ALA M 522 100.72 -52.52 -48.15
CA ALA M 522 100.00 -53.14 -49.28
C ALA M 522 99.45 -51.96 -50.10
N LEU M 523 100.06 -51.64 -51.25
CA LEU M 523 99.77 -50.42 -52.07
C LEU M 523 98.34 -50.34 -52.65
N GLU M 524 97.75 -51.47 -53.05
CA GLU M 524 96.37 -51.51 -53.60
C GLU M 524 95.32 -51.43 -52.48
N ASN M 525 95.69 -51.48 -51.21
CA ASN M 525 94.77 -51.26 -50.05
C ASN M 525 94.94 -49.84 -49.48
N THR M 526 95.70 -48.96 -50.10
CA THR M 526 96.00 -47.61 -49.51
C THR M 526 95.50 -46.47 -50.37
N MET M 527 94.93 -45.45 -49.76
CA MET M 527 94.61 -44.18 -50.47
C MET M 527 95.92 -43.41 -50.74
N ILE M 528 96.19 -43.08 -51.99
CA ILE M 528 97.40 -42.29 -52.39
C ILE M 528 96.97 -40.92 -52.95
N PHE M 529 97.58 -39.84 -52.48
CA PHE M 529 97.20 -38.45 -52.83
C PHE M 529 98.43 -37.67 -53.24
N ASN M 530 98.25 -36.56 -53.95
CA ASN M 530 99.35 -35.63 -54.32
C ASN M 530 99.23 -34.38 -53.44
N SER M 531 100.35 -33.85 -52.93
CA SER M 531 100.36 -32.58 -52.16
C SER M 531 99.91 -31.40 -53.04
N GLN M 532 100.32 -31.38 -54.31
CA GLN M 532 99.98 -30.29 -55.26
C GLN M 532 98.99 -30.77 -56.33
N PRO M 533 98.08 -29.91 -56.83
CA PRO M 533 97.19 -30.27 -57.95
C PRO M 533 97.95 -30.49 -59.27
N ALA M 534 97.39 -31.33 -60.14
CA ALA M 534 98.09 -31.72 -61.38
C ALA M 534 97.33 -31.28 -62.64
N ASN M 535 98.08 -31.07 -63.72
CA ASN M 535 97.48 -30.76 -65.04
C ASN M 535 96.74 -32.00 -65.59
N PRO M 536 95.64 -31.83 -66.34
CA PRO M 536 94.94 -32.97 -66.93
C PRO M 536 95.69 -33.80 -67.96
N GLY M 537 95.56 -35.14 -67.88
CA GLY M 537 96.17 -36.06 -68.84
C GLY M 537 97.63 -36.36 -68.60
N THR M 538 98.20 -35.96 -67.48
CA THR M 538 99.63 -36.18 -67.23
C THR M 538 99.94 -37.68 -67.24
N THR M 539 101.05 -38.08 -67.86
CA THR M 539 101.51 -39.48 -67.87
C THR M 539 102.84 -39.59 -67.15
N ALA M 540 103.26 -38.56 -66.42
CA ALA M 540 104.57 -38.50 -65.71
C ALA M 540 104.72 -39.54 -64.58
N THR M 541 105.91 -40.14 -64.43
CA THR M 541 106.20 -41.03 -63.29
C THR M 541 106.35 -40.23 -62.02
N TYR M 542 105.85 -40.75 -60.90
CA TYR M 542 106.01 -40.09 -59.59
C TYR M 542 106.69 -41.04 -58.62
N LEU M 543 107.72 -40.55 -57.96
CA LEU M 543 108.40 -41.30 -56.86
C LEU M 543 107.66 -41.10 -55.52
N GLU M 544 108.04 -41.84 -54.49
CA GLU M 544 107.39 -41.83 -53.14
C GLU M 544 107.45 -40.46 -52.44
N GLY M 545 108.54 -39.71 -52.58
CA GLY M 545 108.70 -38.39 -51.93
C GLY M 545 107.64 -37.41 -52.36
N ASN M 546 107.25 -37.37 -53.63
CA ASN M 546 106.11 -36.55 -54.10
C ASN M 546 104.77 -36.98 -53.50
N MET M 547 104.53 -38.27 -53.29
CA MET M 547 103.20 -38.79 -52.88
C MET M 547 102.84 -38.68 -51.40
N LEU M 548 101.55 -38.57 -51.07
CA LEU M 548 101.09 -38.62 -49.66
C LEU M 548 100.48 -40.01 -49.46
N ILE M 549 101.08 -40.87 -48.63
CA ILE M 549 100.61 -42.29 -48.48
C ILE M 549 100.05 -42.51 -47.07
N THR M 550 98.82 -42.96 -46.96
CA THR M 550 98.10 -43.22 -45.69
C THR M 550 98.45 -44.57 -45.05
N SER M 551 98.29 -44.68 -43.74
CA SER M 551 98.52 -45.92 -42.97
C SER M 551 97.28 -46.19 -42.11
N GLU M 552 96.88 -47.44 -41.95
CA GLU M 552 95.69 -47.86 -41.16
C GLU M 552 96.17 -48.62 -39.91
N SER M 553 97.39 -48.39 -39.43
CA SER M 553 98.05 -49.14 -38.33
C SER M 553 97.28 -49.07 -37.00
N GLU M 554 96.47 -48.06 -36.73
CA GLU M 554 95.62 -47.92 -35.52
C GLU M 554 94.59 -49.07 -35.42
N THR M 555 94.05 -49.57 -36.52
CA THR M 555 93.02 -50.63 -36.58
C THR M 555 93.59 -52.05 -36.47
N GLN M 556 94.92 -52.22 -36.37
CA GLN M 556 95.64 -53.52 -36.34
C GLN M 556 95.19 -54.41 -35.15
N PRO M 557 94.89 -53.92 -33.93
CA PRO M 557 94.31 -54.76 -32.87
C PRO M 557 93.04 -55.55 -33.25
N VAL M 558 92.17 -55.08 -34.16
CA VAL M 558 90.99 -55.82 -34.72
C VAL M 558 91.02 -56.13 -36.24
N ASN M 559 91.99 -55.68 -37.04
CA ASN M 559 91.92 -55.85 -38.51
C ASN M 559 93.11 -56.66 -38.98
N ARG M 560 92.86 -57.68 -39.78
CA ARG M 560 93.96 -58.54 -40.30
C ARG M 560 94.85 -57.81 -41.32
N VAL M 561 96.13 -58.14 -41.35
CA VAL M 561 97.08 -57.56 -42.34
C VAL M 561 96.89 -58.12 -43.77
N ALA M 562 96.78 -57.25 -44.78
CA ALA M 562 96.54 -57.59 -46.21
C ALA M 562 97.67 -58.41 -46.86
N TYR M 563 98.92 -58.09 -46.60
CA TYR M 563 100.10 -58.81 -47.19
C TYR M 563 100.18 -60.28 -46.71
N ASN M 564 99.85 -60.58 -45.46
CA ASN M 564 99.94 -61.95 -44.86
C ASN M 564 98.77 -62.89 -45.17
N VAL M 565 98.95 -64.22 -45.04
CA VAL M 565 97.85 -65.24 -45.10
C VAL M 565 96.90 -65.11 -43.90
N GLY M 566 95.59 -65.33 -44.06
CA GLY M 566 94.55 -65.27 -42.99
C GLY M 566 94.58 -66.28 -41.86
N GLY M 567 94.88 -67.56 -42.10
CA GLY M 567 94.80 -68.62 -41.08
C GLY M 567 94.97 -69.98 -41.70
N GLN M 568 94.70 -71.05 -40.95
CA GLN M 568 94.79 -72.46 -41.45
C GLN M 568 93.51 -73.27 -41.12
N MET M 569 93.13 -74.25 -41.95
CA MET M 569 91.97 -75.16 -41.75
C MET M 569 92.36 -76.61 -42.06
N ALA M 570 91.64 -77.62 -41.57
CA ALA M 570 91.89 -79.07 -41.84
C ALA M 570 91.62 -79.49 -43.30
N THR M 571 92.52 -80.30 -43.86
CA THR M 571 92.44 -80.74 -45.27
C THR M 571 92.25 -82.25 -45.40
N ASN M 572 92.09 -83.02 -44.34
CA ASN M 572 92.10 -84.50 -44.41
C ASN M 572 91.38 -85.12 -43.22
N ASN M 573 91.22 -86.43 -43.24
CA ASN M 573 90.71 -87.18 -42.06
C ASN M 573 91.87 -88.01 -41.51
N GLN M 574 92.19 -87.89 -40.22
CA GLN M 574 93.26 -88.68 -39.55
C GLN M 574 92.82 -90.16 -39.38
N SER M 575 93.77 -91.07 -39.36
CA SER M 575 93.51 -92.53 -39.21
C SER M 575 94.79 -93.14 -38.61
N SER M 576 94.76 -94.39 -38.18
CA SER M 576 96.02 -95.01 -37.72
C SER M 576 97.03 -95.00 -38.87
N THR M 577 96.63 -95.29 -40.10
CA THR M 577 97.48 -95.16 -41.30
C THR M 577 97.87 -93.72 -41.63
N THR M 578 96.98 -92.74 -41.47
CA THR M 578 97.26 -91.35 -41.93
C THR M 578 97.39 -90.30 -40.85
N ALA M 579 98.48 -89.52 -40.87
CA ALA M 579 98.69 -88.36 -39.97
C ALA M 579 97.76 -87.19 -40.32
N PRO M 580 97.34 -86.37 -39.35
CA PRO M 580 96.55 -85.17 -39.63
C PRO M 580 97.27 -84.05 -40.43
N ALA M 581 96.57 -83.31 -41.28
CA ALA M 581 97.15 -82.25 -42.16
C ALA M 581 96.34 -80.95 -42.14
N THR M 582 97.01 -79.81 -42.35
CA THR M 582 96.34 -78.49 -42.41
C THR M 582 96.73 -77.75 -43.67
N GLY M 583 95.92 -76.78 -44.10
CA GLY M 583 96.29 -75.91 -45.23
C GLY M 583 96.01 -74.44 -44.96
N THR M 584 96.88 -73.53 -45.40
CA THR M 584 96.63 -72.05 -45.31
C THR M 584 95.60 -71.55 -46.31
N TYR M 585 94.88 -70.48 -46.00
CA TYR M 585 93.91 -69.83 -46.91
C TYR M 585 94.34 -68.34 -47.22
N ASN M 586 94.13 -67.83 -48.44
CA ASN M 586 94.51 -66.44 -48.85
C ASN M 586 93.30 -65.48 -48.83
N LEU M 587 92.09 -66.02 -48.66
CA LEU M 587 90.86 -65.18 -48.60
C LEU M 587 89.82 -65.74 -47.63
N GLN M 588 89.06 -64.89 -46.96
CA GLN M 588 87.92 -65.33 -46.11
C GLN M 588 86.89 -64.20 -46.12
N GLU M 589 85.62 -64.50 -45.89
CA GLU M 589 84.54 -63.50 -45.98
C GLU M 589 83.81 -63.50 -44.64
N ILE M 590 82.70 -62.79 -44.52
CA ILE M 590 81.97 -62.61 -43.24
C ILE M 590 81.48 -63.92 -42.61
N VAL M 591 81.63 -64.02 -41.30
CA VAL M 591 81.20 -65.20 -40.50
C VAL M 591 80.40 -64.61 -39.33
N PRO M 592 79.46 -65.33 -38.71
CA PRO M 592 78.76 -64.82 -37.54
C PRO M 592 79.70 -64.57 -36.34
N GLY M 593 79.51 -63.48 -35.57
CA GLY M 593 80.43 -63.07 -34.50
C GLY M 593 81.63 -62.25 -34.97
N SER M 594 81.66 -61.84 -36.24
CA SER M 594 82.71 -60.99 -36.86
C SER M 594 82.66 -59.52 -36.41
N VAL M 595 83.83 -58.95 -36.09
CA VAL M 595 83.97 -57.51 -35.67
C VAL M 595 85.11 -56.88 -36.49
N TRP M 596 84.96 -55.62 -36.90
CA TRP M 596 86.02 -54.88 -37.65
C TRP M 596 85.86 -53.37 -37.52
N MET M 597 86.88 -52.64 -37.91
CA MET M 597 86.84 -51.14 -37.97
C MET M 597 86.84 -50.67 -39.44
N GLU M 598 85.99 -49.71 -39.79
CA GLU M 598 85.94 -49.08 -41.14
C GLU M 598 87.14 -48.16 -41.38
N ARG M 599 87.47 -47.89 -42.65
CA ARG M 599 88.57 -46.97 -43.03
C ARG M 599 88.41 -45.53 -42.49
N ASP M 600 89.51 -44.91 -42.09
CA ASP M 600 89.55 -43.53 -41.57
C ASP M 600 89.33 -42.44 -42.61
N VAL M 601 88.68 -41.35 -42.24
CA VAL M 601 88.56 -40.13 -43.10
C VAL M 601 89.83 -39.26 -43.04
N TYR M 602 90.08 -38.48 -44.09
CA TYR M 602 91.25 -37.58 -44.18
C TYR M 602 90.75 -36.19 -44.54
N LEU M 603 91.48 -35.13 -44.18
CA LEU M 603 91.12 -33.74 -44.55
C LEU M 603 91.12 -33.59 -46.10
N GLN M 604 92.09 -34.17 -46.80
CA GLN M 604 92.19 -34.26 -48.29
C GLN M 604 91.07 -35.14 -48.91
N GLY M 605 90.53 -36.12 -48.19
CA GLY M 605 89.48 -37.06 -48.66
C GLY M 605 88.01 -36.68 -48.77
N PRO M 606 87.20 -37.54 -49.46
CA PRO M 606 85.73 -37.40 -49.51
C PRO M 606 84.77 -37.67 -48.34
N ILE M 607 83.75 -36.84 -48.10
CA ILE M 607 82.66 -37.10 -47.10
C ILE M 607 81.63 -38.23 -47.40
N TRP M 608 81.07 -38.32 -48.60
CA TRP M 608 79.93 -39.22 -48.87
C TRP M 608 79.97 -39.96 -50.20
N ALA M 609 79.18 -41.03 -50.33
CA ALA M 609 78.99 -41.77 -51.60
C ALA M 609 77.51 -42.17 -51.68
N LYS M 610 76.96 -42.24 -52.89
CA LYS M 610 75.57 -42.71 -53.10
C LYS M 610 75.49 -44.25 -53.15
N ILE M 611 74.59 -44.84 -52.37
CA ILE M 611 74.32 -46.29 -52.46
C ILE M 611 73.61 -46.58 -53.80
N PRO M 612 74.05 -47.58 -54.60
CA PRO M 612 73.39 -47.92 -55.86
C PRO M 612 72.03 -48.59 -55.73
N GLU M 613 71.08 -48.28 -56.62
CA GLU M 613 69.70 -48.83 -56.46
C GLU M 613 69.52 -50.17 -57.21
N THR M 614 69.62 -51.30 -56.51
CA THR M 614 69.50 -52.65 -57.09
C THR M 614 68.38 -53.39 -56.41
N GLY M 615 67.95 -52.92 -55.25
CA GLY M 615 66.99 -53.60 -54.38
C GLY M 615 67.64 -54.57 -53.39
N ALA M 616 68.94 -54.86 -53.47
CA ALA M 616 69.64 -55.70 -52.47
C ALA M 616 71.05 -55.21 -52.17
N HIS M 617 71.44 -55.11 -50.91
CA HIS M 617 72.82 -54.70 -50.51
C HIS M 617 73.17 -55.25 -49.12
N PHE M 618 74.45 -55.33 -48.80
CA PHE M 618 74.89 -55.68 -47.43
C PHE M 618 75.82 -54.63 -46.86
N HIS M 619 75.58 -54.14 -45.62
CA HIS M 619 76.50 -53.24 -44.87
C HIS M 619 77.03 -52.10 -45.74
N PRO M 620 76.32 -50.97 -45.84
CA PRO M 620 76.65 -49.95 -46.84
C PRO M 620 77.60 -48.81 -46.53
N SER M 621 78.84 -49.18 -46.32
CA SER M 621 79.91 -48.21 -46.01
C SER M 621 80.85 -48.18 -47.23
N PRO M 622 81.11 -47.00 -47.86
CA PRO M 622 81.96 -46.98 -49.04
C PRO M 622 83.46 -47.30 -48.83
N ALA M 623 84.11 -47.95 -49.77
CA ALA M 623 85.51 -48.40 -49.63
C ALA M 623 86.55 -47.27 -49.47
N MET M 624 86.41 -46.15 -50.19
CA MET M 624 87.29 -44.95 -50.10
C MET M 624 87.18 -44.34 -48.69
N GLY M 625 86.03 -44.41 -48.06
CA GLY M 625 85.78 -43.84 -46.71
C GLY M 625 84.53 -43.00 -46.69
N GLY M 626 84.11 -42.55 -45.52
CA GLY M 626 82.93 -41.68 -45.39
C GLY M 626 81.56 -42.28 -45.15
N PHE M 627 80.52 -41.55 -45.49
CA PHE M 627 79.11 -41.92 -45.18
C PHE M 627 78.37 -42.37 -46.45
N GLY M 628 77.71 -43.52 -46.39
CA GLY M 628 76.93 -44.06 -47.51
C GLY M 628 75.51 -43.64 -47.38
N LEU M 629 74.99 -42.97 -48.41
CA LEU M 629 73.64 -42.38 -48.31
C LEU M 629 72.68 -42.87 -49.40
N LYS M 630 71.49 -43.32 -49.03
CA LYS M 630 70.41 -43.64 -50.00
C LYS M 630 69.96 -42.37 -50.74
N HIS M 631 69.81 -41.25 -50.03
CA HIS M 631 69.40 -39.96 -50.65
C HIS M 631 70.47 -38.92 -50.38
N PRO M 632 71.50 -38.84 -51.24
CA PRO M 632 72.61 -37.91 -51.10
C PRO M 632 72.34 -36.44 -51.39
N PRO M 633 73.20 -35.49 -50.96
CA PRO M 633 72.95 -34.10 -51.32
C PRO M 633 72.92 -34.03 -52.86
N PRO M 634 71.92 -33.37 -53.47
CA PRO M 634 71.72 -33.39 -54.91
C PRO M 634 72.65 -32.70 -55.91
N MET M 635 72.74 -33.21 -57.14
CA MET M 635 73.53 -32.58 -58.22
C MET M 635 73.04 -31.15 -58.57
N MET M 636 73.97 -30.20 -58.64
CA MET M 636 73.65 -28.79 -58.95
C MET M 636 74.29 -28.47 -60.32
N LEU M 637 73.49 -28.06 -61.28
CA LEU M 637 73.94 -27.88 -62.69
C LEU M 637 73.74 -26.43 -63.16
N ILE M 638 74.76 -25.88 -63.81
CA ILE M 638 74.73 -24.48 -64.32
C ILE M 638 75.17 -24.43 -65.79
N LYS M 639 74.49 -23.64 -66.59
CA LYS M 639 74.92 -23.43 -68.01
C LYS M 639 74.81 -21.96 -68.44
N ASN M 640 75.57 -21.58 -69.44
CA ASN M 640 75.40 -20.24 -70.09
C ASN M 640 74.33 -20.36 -71.17
N THR M 641 73.33 -19.49 -71.19
CA THR M 641 72.29 -19.49 -72.25
C THR M 641 72.90 -19.16 -73.61
N PRO M 642 72.56 -19.91 -74.69
CA PRO M 642 72.99 -19.56 -76.03
C PRO M 642 72.53 -18.18 -76.49
N VAL M 643 73.47 -17.38 -76.96
CA VAL M 643 73.09 -16.06 -77.52
C VAL M 643 73.51 -16.09 -79.01
N PRO M 644 72.56 -15.98 -79.95
CA PRO M 644 72.88 -16.01 -81.38
C PRO M 644 73.65 -14.88 -82.10
N GLY M 645 74.46 -15.22 -83.11
CA GLY M 645 75.14 -14.28 -84.02
C GLY M 645 74.19 -13.76 -85.08
N ASN M 646 74.58 -12.80 -85.91
CA ASN M 646 73.60 -12.18 -86.84
C ASN M 646 73.05 -13.17 -87.87
N ILE M 647 71.72 -13.28 -87.97
CA ILE M 647 71.08 -14.20 -88.96
C ILE M 647 70.18 -13.33 -89.83
N THR M 648 70.32 -13.39 -91.14
CA THR M 648 69.56 -12.49 -92.06
C THR M 648 68.52 -13.23 -92.87
N SER M 649 68.55 -14.56 -92.88
CA SER M 649 67.63 -15.37 -93.72
C SER M 649 67.01 -16.52 -92.93
N PHE M 650 65.81 -16.98 -93.30
CA PHE M 650 65.15 -18.14 -92.67
C PHE M 650 65.69 -19.51 -93.10
N SER M 651 65.89 -20.43 -92.15
CA SER M 651 66.18 -21.84 -92.49
C SER M 651 65.46 -22.75 -91.50
N ASP M 652 64.99 -23.91 -91.93
CA ASP M 652 64.49 -24.99 -91.03
C ASP M 652 65.69 -25.53 -90.23
N VAL M 653 66.87 -25.60 -90.84
CA VAL M 653 68.10 -26.11 -90.18
C VAL M 653 68.48 -25.24 -88.97
N PRO M 654 68.78 -25.83 -87.78
CA PRO M 654 69.14 -25.08 -86.58
C PRO M 654 70.38 -24.21 -86.62
N VAL M 655 70.32 -23.07 -85.93
CA VAL M 655 71.47 -22.12 -85.91
C VAL M 655 72.71 -22.74 -85.23
N SER M 656 73.85 -22.59 -85.87
CA SER M 656 75.15 -23.08 -85.38
C SER M 656 76.10 -21.90 -85.08
N SER M 657 75.65 -20.66 -85.24
CA SER M 657 76.53 -19.46 -85.05
C SER M 657 76.07 -18.67 -83.82
N PHE M 658 76.97 -18.50 -82.86
CA PHE M 658 76.62 -17.87 -81.56
C PHE M 658 77.70 -16.92 -81.14
N ILE M 659 77.36 -15.88 -80.39
CA ILE M 659 78.43 -15.01 -79.79
C ILE M 659 79.21 -15.77 -78.67
N THR M 660 80.54 -15.62 -78.57
CA THR M 660 81.38 -16.30 -77.54
C THR M 660 81.29 -15.61 -76.17
N GLN M 661 80.98 -16.38 -75.12
CA GLN M 661 80.70 -15.83 -73.77
C GLN M 661 81.19 -16.72 -72.61
N TYR M 662 81.42 -16.15 -71.43
CA TYR M 662 81.82 -16.91 -70.20
C TYR M 662 81.13 -16.26 -69.00
N SER M 663 81.00 -16.98 -67.90
CA SER M 663 80.38 -16.42 -66.67
C SER M 663 81.28 -16.56 -65.42
N THR M 664 81.08 -15.66 -64.46
CA THR M 664 81.85 -15.67 -63.18
C THR M 664 80.93 -15.29 -62.02
N GLY M 665 81.22 -15.74 -60.80
CA GLY M 665 80.44 -15.38 -59.61
C GLY M 665 80.99 -15.89 -58.29
N GLN M 666 80.20 -15.80 -57.24
CA GLN M 666 80.54 -16.31 -55.87
C GLN M 666 79.55 -17.41 -55.39
N VAL M 667 80.08 -18.43 -54.71
CA VAL M 667 79.24 -19.52 -54.12
C VAL M 667 79.50 -19.63 -52.59
N THR M 668 78.46 -19.76 -51.78
CA THR M 668 78.59 -19.99 -50.34
C THR M 668 77.98 -21.34 -49.94
N VAL M 669 78.70 -22.17 -49.16
CA VAL M 669 78.16 -23.45 -48.58
C VAL M 669 78.19 -23.41 -47.05
N GLU M 670 77.07 -23.70 -46.38
CA GLU M 670 76.98 -23.76 -44.91
C GLU M 670 76.60 -25.18 -44.48
N MET M 671 77.38 -25.77 -43.57
CA MET M 671 77.14 -27.16 -43.10
C MET M 671 77.09 -27.25 -41.57
N GLU M 672 76.17 -28.07 -41.07
CA GLU M 672 76.05 -28.33 -39.61
C GLU M 672 76.52 -29.76 -39.28
N TRP M 673 77.29 -29.90 -38.22
CA TRP M 673 77.86 -31.20 -37.81
C TRP M 673 77.50 -31.54 -36.36
N GLU M 674 77.19 -32.80 -36.09
CA GLU M 674 76.93 -33.27 -34.70
C GLU M 674 78.18 -33.97 -34.16
N LEU M 675 78.57 -33.67 -32.93
CA LEU M 675 79.80 -34.20 -32.29
C LEU M 675 79.53 -35.17 -31.15
N LYS M 676 80.33 -36.22 -31.02
CA LYS M 676 80.25 -37.13 -29.85
C LYS M 676 81.46 -36.87 -28.93
N LYS M 677 81.21 -36.51 -27.68
CA LYS M 677 82.25 -36.24 -26.66
C LYS M 677 83.01 -37.46 -26.09
N GLU M 678 84.30 -37.29 -25.84
CA GLU M 678 85.11 -38.33 -25.15
C GLU M 678 84.70 -38.45 -23.66
N ASN M 679 84.64 -39.66 -23.10
CA ASN M 679 84.31 -39.92 -21.66
C ASN M 679 85.39 -40.84 -21.05
N SER M 680 86.67 -40.64 -21.35
CA SER M 680 87.79 -41.53 -20.92
C SER M 680 88.15 -41.51 -19.42
N LYS M 681 88.52 -42.66 -18.86
CA LYS M 681 89.04 -42.77 -17.47
C LYS M 681 90.55 -43.07 -17.47
N ARG M 682 91.25 -43.01 -18.61
CA ARG M 682 92.74 -43.21 -18.73
C ARG M 682 93.58 -42.16 -17.98
N TRP M 683 94.37 -42.57 -16.98
CA TRP M 683 95.23 -41.70 -16.14
C TRP M 683 96.40 -41.02 -16.85
N ASN M 684 97.11 -41.76 -17.67
CA ASN M 684 98.29 -41.30 -18.43
C ASN M 684 97.91 -40.43 -19.64
N PRO M 685 98.83 -39.54 -20.09
CA PRO M 685 98.60 -38.75 -21.29
C PRO M 685 98.53 -39.46 -22.67
N GLU M 686 97.61 -39.03 -23.51
CA GLU M 686 97.38 -39.52 -24.90
C GLU M 686 98.23 -38.95 -26.05
N ILE M 687 98.27 -39.65 -27.18
CA ILE M 687 98.86 -39.15 -28.47
C ILE M 687 97.97 -38.05 -29.09
N GLN M 688 98.57 -37.00 -29.66
CA GLN M 688 97.87 -35.84 -30.28
C GLN M 688 98.54 -35.40 -31.57
N TYR M 689 97.81 -34.88 -32.56
CA TYR M 689 98.42 -34.26 -33.75
C TYR M 689 99.05 -32.90 -33.34
N THR M 690 100.28 -32.67 -33.76
CA THR M 690 100.99 -31.44 -33.39
C THR M 690 101.73 -30.89 -34.59
N ASN M 691 102.00 -29.59 -34.58
CA ASN M 691 102.88 -29.01 -35.62
C ASN M 691 104.29 -29.22 -35.10
N ASN M 692 105.04 -30.11 -35.70
CA ASN M 692 106.38 -30.51 -35.19
C ASN M 692 107.30 -30.71 -36.39
N TYR M 693 108.33 -29.89 -36.49
CA TYR M 693 109.23 -29.92 -37.67
C TYR M 693 110.63 -29.63 -37.15
N ASN M 694 111.66 -30.22 -37.73
CA ASN M 694 113.05 -29.88 -37.30
C ASN M 694 113.71 -28.93 -38.31
N ASP M 695 114.19 -27.75 -37.86
CA ASP M 695 114.85 -26.70 -38.72
C ASP M 695 114.00 -26.30 -39.93
N PRO M 696 112.70 -25.93 -39.78
CA PRO M 696 111.87 -25.64 -40.95
C PRO M 696 112.26 -24.47 -41.88
N GLN M 697 112.20 -24.69 -43.20
CA GLN M 697 112.54 -23.63 -44.19
C GLN M 697 111.29 -22.93 -44.71
N PHE M 698 110.11 -23.39 -44.32
CA PHE M 698 108.83 -22.82 -44.78
C PHE M 698 107.82 -23.17 -43.72
N VAL M 699 106.70 -22.50 -43.72
CA VAL M 699 105.59 -22.92 -42.83
C VAL M 699 104.67 -23.81 -43.67
N ASP M 700 104.37 -25.01 -43.21
CA ASP M 700 103.38 -25.91 -43.83
C ASP M 700 101.96 -25.36 -43.66
N PHE M 701 101.03 -25.64 -44.60
CA PHE M 701 99.62 -25.11 -44.65
C PHE M 701 99.59 -23.59 -44.75
N ALA M 702 100.50 -23.02 -45.52
CA ALA M 702 100.62 -21.57 -45.74
C ALA M 702 101.07 -21.31 -47.17
N PRO M 703 100.84 -20.10 -47.74
CA PRO M 703 101.42 -19.74 -49.03
C PRO M 703 102.95 -19.55 -49.07
N ASP M 704 103.58 -19.81 -50.21
CA ASP M 704 105.04 -19.56 -50.36
C ASP M 704 105.37 -18.19 -50.98
N SER M 705 106.63 -17.95 -51.32
CA SER M 705 107.08 -16.65 -51.90
C SER M 705 106.37 -16.37 -53.24
N THR M 706 106.14 -17.38 -54.08
CA THR M 706 105.32 -17.27 -55.33
C THR M 706 103.83 -17.17 -55.08
N GLY M 707 103.31 -17.47 -53.89
CA GLY M 707 101.87 -17.52 -53.61
C GLY M 707 101.18 -18.87 -53.72
N GLU M 708 101.92 -19.95 -53.91
CA GLU M 708 101.35 -21.33 -53.99
C GLU M 708 101.23 -21.99 -52.60
N TYR M 709 100.05 -22.54 -52.28
CA TYR M 709 99.76 -23.23 -51.00
C TYR M 709 100.54 -24.54 -50.85
N ARG M 710 101.03 -24.80 -49.64
CA ARG M 710 101.84 -26.02 -49.37
C ARG M 710 101.10 -26.90 -48.37
N SER M 711 100.91 -28.18 -48.69
CA SER M 711 100.25 -29.19 -47.81
C SER M 711 101.06 -30.49 -47.79
N THR M 712 102.19 -30.57 -47.11
CA THR M 712 103.13 -31.74 -47.04
C THR M 712 102.54 -33.00 -46.40
N ARG M 713 101.68 -32.93 -45.39
CA ARG M 713 101.24 -34.15 -44.64
C ARG M 713 99.76 -34.53 -44.76
N PRO M 714 99.40 -35.82 -44.93
CA PRO M 714 98.02 -36.28 -44.84
C PRO M 714 97.46 -36.35 -43.39
N ILE M 715 96.24 -35.91 -43.09
CA ILE M 715 95.81 -35.99 -41.66
C ILE M 715 94.56 -36.85 -41.45
N GLY M 716 94.67 -37.88 -40.61
CA GLY M 716 93.59 -38.79 -40.19
C GLY M 716 92.87 -38.30 -38.96
N THR M 717 91.84 -39.01 -38.53
CA THR M 717 91.08 -38.66 -37.33
C THR M 717 91.39 -39.44 -36.05
N ARG M 718 92.19 -40.51 -36.03
CA ARG M 718 92.30 -41.36 -34.79
C ARG M 718 93.56 -41.11 -33.94
N TYR M 719 93.43 -40.35 -32.85
CA TYR M 719 94.55 -40.03 -31.92
C TYR M 719 94.15 -40.46 -30.52
N LEU M 720 92.86 -40.40 -30.22
CA LEU M 720 92.30 -40.86 -28.92
C LEU M 720 92.21 -42.38 -28.86
N THR M 721 92.19 -42.92 -27.66
CA THR M 721 92.20 -44.38 -27.43
C THR M 721 91.03 -44.77 -26.57
N ARG M 722 90.46 -45.94 -26.83
CA ARG M 722 89.36 -46.47 -25.98
C ARG M 722 89.59 -47.95 -25.68
N PRO M 723 89.17 -48.48 -24.51
CA PRO M 723 89.17 -49.93 -24.25
C PRO M 723 88.10 -50.69 -25.06
N LEU M 724 88.35 -51.96 -25.40
CA LEU M 724 87.39 -52.75 -26.23
C LEU M 724 86.08 -53.03 -25.47
N ASP N 209 21.22 75.20 -43.97
CA ASP N 209 19.82 75.32 -43.49
C ASP N 209 19.12 76.52 -44.14
N GLY N 210 19.44 77.77 -43.78
CA GLY N 210 18.61 78.89 -44.28
C GLY N 210 19.26 80.24 -44.41
N VAL N 211 18.57 81.16 -45.10
CA VAL N 211 19.00 82.58 -45.27
C VAL N 211 19.08 83.31 -43.92
N GLY N 212 18.15 83.07 -42.98
CA GLY N 212 18.09 83.77 -41.69
C GLY N 212 18.80 83.10 -40.56
N ASN N 213 19.48 81.98 -40.81
CA ASN N 213 20.10 81.21 -39.71
C ASN N 213 21.62 81.23 -39.81
N ALA N 214 22.32 81.51 -38.72
CA ALA N 214 23.80 81.51 -38.69
C ALA N 214 24.42 80.10 -38.67
N SER N 215 25.38 79.83 -39.55
CA SER N 215 26.15 78.56 -39.69
C SER N 215 27.12 78.25 -38.52
N GLY N 216 27.74 79.25 -37.91
CA GLY N 216 28.69 79.08 -36.80
C GLY N 216 28.86 80.26 -35.87
N ASP N 217 29.65 80.11 -34.81
CA ASP N 217 29.92 81.16 -33.79
C ASP N 217 31.40 81.52 -33.65
N TRP N 218 31.71 82.71 -33.13
CA TRP N 218 33.09 83.20 -32.92
C TRP N 218 33.78 82.54 -31.72
N HIS N 219 34.93 81.92 -31.95
CA HIS N 219 35.76 81.37 -30.86
C HIS N 219 37.19 81.88 -30.93
N CYS N 220 37.64 82.72 -29.98
CA CYS N 220 39.06 83.13 -29.92
C CYS N 220 39.53 82.90 -28.48
N ASP N 221 40.35 81.89 -28.20
CA ASP N 221 40.72 81.56 -26.80
C ASP N 221 41.98 80.71 -26.62
N SER N 222 42.57 80.69 -25.43
CA SER N 222 43.67 79.76 -25.06
C SER N 222 43.26 79.01 -23.79
N THR N 223 43.43 77.70 -23.73
CA THR N 223 43.19 76.91 -22.50
C THR N 223 44.46 76.15 -22.14
N TRP N 224 44.94 76.30 -20.91
CA TRP N 224 46.17 75.62 -20.42
C TRP N 224 45.78 74.51 -19.45
N MET N 225 46.16 73.28 -19.74
CA MET N 225 45.80 72.10 -18.90
C MET N 225 47.00 71.18 -18.62
N GLY N 226 47.91 71.51 -17.69
CA GLY N 226 49.12 70.68 -17.49
C GLY N 226 50.06 70.65 -18.68
N ASP N 227 50.35 69.48 -19.22
CA ASP N 227 51.26 69.28 -20.38
C ASP N 227 50.66 69.78 -21.73
N ARG N 228 49.38 70.09 -21.80
CA ARG N 228 48.71 70.49 -23.07
C ARG N 228 48.18 71.93 -23.09
N VAL N 229 48.35 72.63 -24.20
CA VAL N 229 47.71 73.98 -24.40
C VAL N 229 46.87 73.89 -25.70
N VAL N 230 45.62 74.39 -25.68
CA VAL N 230 44.73 74.45 -26.89
C VAL N 230 44.56 75.92 -27.32
N THR N 231 44.78 76.22 -28.60
CA THR N 231 44.60 77.59 -29.14
C THR N 231 43.43 77.64 -30.13
N LYS N 232 42.53 78.62 -29.99
CA LYS N 232 41.40 78.85 -30.94
C LYS N 232 41.53 80.24 -31.55
N SER N 233 41.41 80.35 -32.88
CA SER N 233 41.52 81.64 -33.60
C SER N 233 40.39 81.81 -34.62
N THR N 234 39.69 82.94 -34.63
CA THR N 234 38.62 83.26 -35.60
C THR N 234 38.95 84.53 -36.37
N ARG N 235 38.80 84.53 -37.69
CA ARG N 235 39.02 85.72 -38.55
C ARG N 235 37.92 85.92 -39.61
N THR N 236 37.79 87.13 -40.15
CA THR N 236 36.86 87.45 -41.27
C THR N 236 37.70 87.63 -42.53
N TRP N 237 37.32 86.97 -43.62
CA TRP N 237 38.04 86.98 -44.93
C TRP N 237 37.20 87.49 -46.10
N VAL N 238 37.86 88.00 -47.14
CA VAL N 238 37.22 88.43 -48.41
C VAL N 238 37.86 87.64 -49.59
N LEU N 239 37.04 87.15 -50.53
CA LEU N 239 37.57 86.48 -51.75
C LEU N 239 37.25 87.20 -53.06
N PRO N 240 38.27 87.66 -53.82
CA PRO N 240 38.06 88.19 -55.16
C PRO N 240 37.81 87.14 -56.24
N SER N 241 37.18 87.51 -57.35
CA SER N 241 37.10 86.56 -58.50
C SER N 241 38.37 86.74 -59.36
N TYR N 242 39.41 85.96 -59.12
CA TYR N 242 40.73 86.12 -59.80
C TYR N 242 40.79 85.59 -61.23
N ASN N 243 41.35 86.35 -62.16
CA ASN N 243 41.60 85.90 -63.57
C ASN N 243 40.33 85.96 -64.40
N ASN N 244 39.22 86.48 -63.86
CA ASN N 244 37.89 86.50 -64.54
C ASN N 244 37.47 85.08 -64.95
N HIS N 245 37.65 84.09 -64.05
CA HIS N 245 37.22 82.67 -64.28
C HIS N 245 38.09 81.90 -65.28
N GLN N 246 39.35 82.29 -65.45
CA GLN N 246 40.24 81.68 -66.46
C GLN N 246 41.61 81.24 -65.89
N TYR N 247 42.27 80.29 -66.53
CA TYR N 247 43.64 79.81 -66.16
C TYR N 247 44.57 80.46 -67.12
N ARG N 248 45.66 81.06 -66.64
CA ARG N 248 46.60 81.79 -67.53
C ARG N 248 48.04 81.25 -67.45
N GLU N 249 48.67 81.05 -68.62
CA GLU N 249 50.10 80.67 -68.64
C GLU N 249 50.96 81.90 -68.26
N ILE N 250 51.89 81.72 -67.33
CA ILE N 250 52.74 82.82 -66.79
C ILE N 250 54.22 82.46 -67.00
N LYS N 251 55.06 83.43 -67.28
CA LYS N 251 56.48 83.10 -67.58
C LYS N 251 57.39 84.31 -67.35
N SER N 252 58.66 84.06 -67.10
CA SER N 252 59.64 85.18 -67.03
C SER N 252 60.97 84.87 -67.70
N GLY N 253 61.62 85.85 -68.32
CA GLY N 253 63.02 85.80 -68.78
C GLY N 253 63.95 86.33 -67.67
N SER N 254 65.22 86.55 -67.96
CA SER N 254 66.21 87.12 -66.99
C SER N 254 65.85 88.56 -66.55
N VAL N 255 65.94 88.87 -65.25
CA VAL N 255 65.54 90.20 -64.71
C VAL N 255 66.58 90.62 -63.65
N ASP N 256 66.88 91.91 -63.54
CA ASP N 256 67.87 92.46 -62.55
C ASP N 256 69.24 91.83 -62.79
N GLY N 257 69.55 91.50 -64.04
CA GLY N 257 70.82 90.86 -64.38
C GLY N 257 70.89 89.36 -64.13
N SER N 258 69.82 88.67 -63.73
CA SER N 258 70.00 87.22 -63.40
C SER N 258 69.09 86.25 -64.15
N ASN N 259 69.64 85.18 -64.74
CA ASN N 259 68.88 84.05 -65.38
C ASN N 259 68.22 83.13 -64.34
N ALA N 260 68.63 83.16 -63.06
CA ALA N 260 68.04 82.40 -61.93
C ALA N 260 66.60 82.89 -61.71
N ASN N 261 66.33 84.13 -62.09
CA ASN N 261 64.98 84.78 -62.13
C ASN N 261 64.00 84.13 -63.12
N ALA N 262 64.43 83.60 -64.27
CA ALA N 262 63.56 82.96 -65.32
C ALA N 262 62.74 81.75 -64.83
N TYR N 263 61.48 81.65 -65.24
CA TYR N 263 60.54 80.55 -64.86
C TYR N 263 59.43 80.37 -65.90
N PHE N 264 58.77 79.21 -65.91
CA PHE N 264 57.57 78.91 -66.72
C PHE N 264 56.49 78.40 -65.72
N GLY N 265 55.26 78.87 -65.81
CA GLY N 265 54.20 78.52 -64.84
C GLY N 265 52.75 78.77 -65.22
N TYR N 266 51.83 78.42 -64.32
CA TYR N 266 50.38 78.69 -64.49
C TYR N 266 49.78 79.55 -63.34
N SER N 267 48.90 80.49 -63.64
CA SER N 267 48.11 81.26 -62.62
C SER N 267 46.67 80.71 -62.64
N THR N 268 46.02 80.65 -61.50
CA THR N 268 44.69 79.98 -61.39
C THR N 268 43.60 80.89 -60.86
N PRO N 269 42.32 80.57 -61.13
CA PRO N 269 41.16 81.29 -60.58
C PRO N 269 40.95 81.18 -59.06
N TRP N 270 41.44 80.15 -58.40
CA TRP N 270 41.33 79.84 -56.96
C TRP N 270 42.18 80.66 -55.97
N GLY N 271 41.75 80.67 -54.71
CA GLY N 271 42.46 81.28 -53.59
C GLY N 271 42.64 80.25 -52.49
N TYR N 272 43.57 80.47 -51.59
CA TYR N 272 43.89 79.47 -50.54
C TYR N 272 44.00 80.10 -49.14
N PHE N 273 43.83 79.29 -48.10
CA PHE N 273 43.99 79.72 -46.68
C PHE N 273 45.36 79.26 -46.13
N ASP N 274 46.17 80.15 -45.56
CA ASP N 274 47.50 79.88 -44.97
C ASP N 274 47.51 80.21 -43.46
N PHE N 275 47.87 79.25 -42.62
CA PHE N 275 48.01 79.47 -41.15
C PHE N 275 49.45 79.24 -40.64
N ASN N 276 50.50 79.16 -41.48
CA ASN N 276 51.86 78.81 -41.00
C ASN N 276 52.61 80.05 -40.45
N ARG N 277 52.08 80.73 -39.44
CA ARG N 277 52.75 81.81 -38.70
C ARG N 277 52.30 81.63 -37.24
N PHE N 278 53.18 81.80 -36.25
CA PHE N 278 52.86 81.68 -34.79
C PHE N 278 51.84 82.74 -34.29
N HIS N 279 51.92 84.00 -34.74
CA HIS N 279 51.05 85.16 -34.34
C HIS N 279 49.60 84.86 -34.76
N SER N 280 49.36 84.01 -35.75
CA SER N 280 48.02 83.53 -36.18
C SER N 280 47.33 82.76 -35.03
N HIS N 281 48.04 81.98 -34.25
CA HIS N 281 47.51 81.19 -33.10
C HIS N 281 47.84 81.74 -31.71
N TRP N 282 48.81 82.63 -31.55
CA TRP N 282 49.31 83.01 -30.20
C TRP N 282 49.22 84.49 -29.90
N SER N 283 48.63 84.83 -28.75
CA SER N 283 48.66 86.23 -28.25
C SER N 283 50.07 86.55 -27.76
N PRO N 284 50.49 87.83 -27.72
CA PRO N 284 51.79 88.18 -27.18
C PRO N 284 51.95 87.81 -25.69
N ARG N 285 50.95 87.97 -24.84
CA ARG N 285 50.99 87.51 -23.44
C ARG N 285 51.12 85.97 -23.30
N ASP N 286 50.40 85.20 -24.09
CA ASP N 286 50.46 83.70 -24.11
C ASP N 286 51.83 83.20 -24.54
N TRP N 287 52.44 83.85 -25.52
CA TRP N 287 53.80 83.52 -25.98
C TRP N 287 54.85 83.76 -24.88
N GLN N 288 54.73 84.83 -24.10
CA GLN N 288 55.59 85.14 -22.94
C GLN N 288 55.46 84.07 -21.85
N ARG N 289 54.26 83.59 -21.59
CA ARG N 289 54.03 82.51 -20.61
C ARG N 289 54.76 81.21 -21.02
N LEU N 290 54.71 80.82 -22.29
CA LEU N 290 55.48 79.65 -22.77
C LEU N 290 57.02 79.75 -22.77
N ILE N 291 57.60 80.86 -23.22
CA ILE N 291 59.07 81.09 -23.32
C ILE N 291 59.73 81.12 -21.93
N ASN N 292 59.07 81.74 -20.96
CA ASN N 292 59.50 81.84 -19.56
C ASN N 292 59.51 80.51 -18.79
N ASN N 293 58.56 79.58 -19.01
CA ASN N 293 58.38 78.38 -18.15
C ASN N 293 58.59 76.97 -18.72
N TYR N 294 58.93 76.79 -19.98
CA TYR N 294 58.99 75.42 -20.57
C TYR N 294 60.26 75.13 -21.35
N TRP N 295 60.82 73.93 -21.22
CA TRP N 295 61.97 73.44 -22.05
C TRP N 295 61.66 73.25 -23.56
N GLY N 296 60.47 72.75 -23.89
CA GLY N 296 60.12 72.46 -25.28
C GLY N 296 58.65 72.43 -25.60
N PHE N 297 58.32 72.52 -26.89
CA PHE N 297 56.90 72.42 -27.35
C PHE N 297 56.83 71.68 -28.71
N ARG N 298 55.71 71.02 -29.04
CA ARG N 298 55.46 70.39 -30.38
C ARG N 298 53.96 70.45 -30.80
N PRO N 299 53.59 70.56 -32.09
CA PRO N 299 52.19 70.42 -32.55
C PRO N 299 51.57 69.00 -32.56
N ARG N 300 50.29 68.84 -32.23
CA ARG N 300 49.63 67.51 -32.15
C ARG N 300 48.42 67.40 -33.08
N SER N 301 47.48 68.34 -33.02
CA SER N 301 46.22 68.24 -33.80
C SER N 301 45.77 69.57 -34.41
N LEU N 302 45.07 69.51 -35.55
CA LEU N 302 44.48 70.71 -36.19
C LEU N 302 42.98 70.51 -36.58
N ARG N 303 42.11 71.48 -36.31
CA ARG N 303 40.69 71.48 -36.77
C ARG N 303 40.37 72.79 -37.50
N VAL N 304 39.74 72.73 -38.68
CA VAL N 304 39.34 73.95 -39.48
C VAL N 304 37.83 73.99 -39.81
N LYS N 305 37.17 75.13 -39.60
CA LYS N 305 35.75 75.37 -39.99
C LYS N 305 35.59 76.64 -40.87
N ILE N 306 34.86 76.56 -41.98
CA ILE N 306 34.52 77.74 -42.85
C ILE N 306 32.98 77.93 -42.81
N PHE N 307 32.47 79.13 -42.52
CA PHE N 307 31.03 79.38 -42.21
C PHE N 307 30.57 80.83 -42.46
N ASN N 308 29.25 81.11 -42.38
CA ASN N 308 28.60 82.45 -42.55
C ASN N 308 28.89 83.08 -43.91
N ILE N 309 28.83 82.26 -44.95
CA ILE N 309 29.15 82.67 -46.34
C ILE N 309 28.16 83.72 -46.90
N GLN N 310 28.67 84.74 -47.58
CA GLN N 310 27.86 85.80 -48.20
C GLN N 310 28.40 86.13 -49.60
N VAL N 311 27.58 85.95 -50.63
CA VAL N 311 27.99 86.21 -52.03
C VAL N 311 27.33 87.53 -52.48
N LYS N 312 28.11 88.43 -53.06
CA LYS N 312 27.65 89.77 -53.49
C LYS N 312 27.87 90.00 -54.98
N GLU N 313 26.92 90.67 -55.64
CA GLU N 313 27.05 91.01 -57.08
C GLU N 313 27.29 92.52 -57.21
N VAL N 314 28.25 92.90 -58.04
CA VAL N 314 28.60 94.32 -58.22
C VAL N 314 28.18 94.73 -59.64
N THR N 315 27.44 95.82 -59.75
CA THR N 315 26.95 96.30 -61.06
C THR N 315 27.30 97.75 -61.25
N VAL N 316 27.74 98.12 -62.46
CA VAL N 316 27.98 99.57 -62.71
C VAL N 316 27.07 100.09 -63.83
N GLN N 317 26.29 101.15 -63.58
CA GLN N 317 25.54 101.82 -64.67
C GLN N 317 25.95 103.29 -64.62
N ASP N 318 26.58 103.80 -65.68
CA ASP N 318 26.92 105.25 -65.73
C ASP N 318 27.72 105.67 -64.49
N SER N 319 28.63 104.82 -63.99
CA SER N 319 29.54 105.17 -62.85
C SER N 319 28.91 105.07 -61.44
N THR N 320 27.66 104.60 -61.29
CA THR N 320 27.04 104.39 -59.95
C THR N 320 27.71 103.34 -59.06
N THR N 321 28.15 102.19 -59.57
CA THR N 321 28.72 101.06 -58.76
C THR N 321 27.85 100.51 -57.60
N THR N 322 26.58 100.16 -57.81
CA THR N 322 25.74 99.47 -56.77
C THR N 322 26.22 98.06 -56.40
N ILE N 323 26.12 97.67 -55.13
CA ILE N 323 26.47 96.31 -54.62
C ILE N 323 25.24 95.62 -53.99
N ALA N 324 24.96 94.36 -54.32
CA ALA N 324 23.77 93.64 -53.81
C ALA N 324 24.05 92.18 -53.46
N ASN N 325 23.27 91.60 -52.55
CA ASN N 325 23.35 90.15 -52.22
C ASN N 325 22.80 89.24 -53.31
N ASN N 326 23.48 88.14 -53.62
CA ASN N 326 22.89 87.09 -54.50
C ASN N 326 22.71 85.84 -53.64
N LEU N 327 21.49 85.48 -53.28
CA LEU N 327 21.13 84.30 -52.44
C LEU N 327 21.43 82.94 -53.06
N THR N 328 21.22 82.79 -54.35
CA THR N 328 21.35 81.49 -55.06
C THR N 328 22.78 81.18 -55.55
N SER N 329 23.74 82.10 -55.44
CA SER N 329 25.17 81.89 -55.83
C SER N 329 25.95 80.93 -54.90
N THR N 330 26.97 80.25 -55.42
CA THR N 330 27.74 79.22 -54.66
C THR N 330 29.24 79.50 -54.54
N VAL N 331 29.86 78.92 -53.53
CA VAL N 331 31.34 78.96 -53.34
C VAL N 331 31.78 77.48 -53.39
N GLN N 332 32.96 77.17 -53.92
CA GLN N 332 33.52 75.78 -54.02
C GLN N 332 34.80 75.58 -53.16
N VAL N 333 34.82 74.55 -52.33
CA VAL N 333 35.93 74.30 -51.36
C VAL N 333 36.45 72.84 -51.43
N PHE N 334 37.78 72.65 -51.37
CA PHE N 334 38.41 71.28 -51.31
C PHE N 334 39.76 71.27 -50.55
N THR N 335 40.17 70.11 -50.06
CA THR N 335 41.50 69.89 -49.42
C THR N 335 42.31 68.91 -50.25
N ASP N 336 43.60 69.19 -50.50
CA ASP N 336 44.51 68.28 -51.26
C ASP N 336 45.16 67.24 -50.34
N ASP N 337 44.43 66.22 -49.95
CA ASP N 337 44.87 65.16 -48.98
C ASP N 337 46.05 64.26 -49.42
N ASP N 338 46.15 63.88 -50.69
CA ASP N 338 47.20 62.95 -51.22
C ASP N 338 48.43 63.70 -51.76
N TYR N 339 48.50 65.02 -51.67
CA TYR N 339 49.69 65.85 -52.06
C TYR N 339 49.98 65.79 -53.55
N GLN N 340 48.95 65.62 -54.36
CA GLN N 340 49.04 65.62 -55.84
C GLN N 340 49.45 67.00 -56.39
N LEU N 341 48.95 68.08 -55.82
CA LEU N 341 49.30 69.46 -56.22
C LEU N 341 50.65 69.94 -55.73
N PRO N 342 51.28 70.90 -56.44
CA PRO N 342 52.47 71.54 -55.88
C PRO N 342 52.15 72.29 -54.57
N TYR N 343 52.97 72.16 -53.51
CA TYR N 343 52.69 72.75 -52.18
C TYR N 343 53.49 74.05 -52.01
N VAL N 344 52.78 75.17 -51.97
CA VAL N 344 53.43 76.50 -51.92
C VAL N 344 53.37 77.11 -50.51
N VAL N 345 52.74 76.44 -49.54
CA VAL N 345 52.51 76.97 -48.16
C VAL N 345 53.79 77.25 -47.32
N GLY N 346 54.86 76.48 -47.39
CA GLY N 346 56.02 76.57 -46.46
C GLY N 346 57.22 77.41 -46.91
N ASN N 347 57.04 78.38 -47.80
CA ASN N 347 58.12 79.17 -48.47
C ASN N 347 58.24 80.64 -47.99
N GLY N 348 57.77 81.04 -46.79
CA GLY N 348 57.83 82.41 -46.22
C GLY N 348 57.11 83.50 -46.97
N THR N 349 55.95 83.18 -47.53
CA THR N 349 55.15 84.13 -48.32
C THR N 349 54.02 84.76 -47.53
N GLU N 350 53.60 85.94 -47.93
CA GLU N 350 52.48 86.72 -47.33
C GLU N 350 51.06 86.18 -47.63
N GLY N 351 50.03 86.61 -46.91
CA GLY N 351 48.65 86.08 -47.03
C GLY N 351 48.15 85.17 -45.94
N CYS N 352 48.89 84.95 -44.85
CA CYS N 352 48.44 84.17 -43.66
C CYS N 352 47.40 84.96 -42.83
N LEU N 353 46.68 84.27 -41.94
CA LEU N 353 45.71 84.94 -41.05
C LEU N 353 46.44 85.99 -40.19
N PRO N 354 45.80 87.17 -39.98
CA PRO N 354 46.45 88.24 -39.22
C PRO N 354 46.76 88.06 -37.73
N ALA N 355 47.81 88.71 -37.22
CA ALA N 355 48.20 88.68 -35.79
C ALA N 355 47.09 89.25 -34.88
N PHE N 356 46.39 90.31 -35.30
CA PHE N 356 45.36 90.98 -34.47
C PHE N 356 43.98 90.48 -34.90
N PRO N 357 43.17 89.90 -33.97
CA PRO N 357 41.85 89.32 -34.28
C PRO N 357 40.79 90.15 -35.04
N PRO N 358 40.60 91.47 -34.77
CA PRO N 358 39.69 92.36 -35.51
C PRO N 358 40.04 92.64 -37.00
N GLN N 359 41.29 92.50 -37.41
CA GLN N 359 41.74 92.79 -38.79
C GLN N 359 41.08 91.87 -39.84
N VAL N 360 40.70 92.44 -40.98
CA VAL N 360 39.98 91.69 -42.05
C VAL N 360 40.96 91.50 -43.22
N PHE N 361 41.03 90.30 -43.79
CA PHE N 361 42.07 90.01 -44.80
C PHE N 361 41.61 89.44 -46.16
N THR N 362 42.34 89.81 -47.21
CA THR N 362 42.17 89.22 -48.56
C THR N 362 42.95 87.91 -48.72
N LEU N 363 42.32 86.86 -49.24
CA LEU N 363 43.01 85.57 -49.55
C LEU N 363 43.98 85.68 -50.74
N PRO N 364 45.17 85.05 -50.63
CA PRO N 364 46.09 84.98 -51.76
C PRO N 364 45.64 84.13 -52.98
N GLN N 365 46.00 84.53 -54.19
CA GLN N 365 45.73 83.71 -55.41
C GLN N 365 46.76 82.56 -55.58
N TYR N 366 46.31 81.33 -55.86
CA TYR N 366 47.16 80.15 -56.16
C TYR N 366 47.85 80.19 -57.52
N GLY N 367 49.11 79.77 -57.57
CA GLY N 367 49.94 79.72 -58.77
C GLY N 367 51.10 78.81 -58.49
N TYR N 368 51.85 78.41 -59.52
CA TYR N 368 53.03 77.51 -59.37
C TYR N 368 54.01 77.69 -60.50
N ALA N 369 55.25 77.28 -60.28
CA ALA N 369 56.27 77.20 -61.35
C ALA N 369 56.57 75.74 -61.65
N THR N 370 56.59 75.34 -62.92
CA THR N 370 57.03 73.99 -63.38
C THR N 370 58.44 74.13 -63.95
N LEU N 371 58.84 73.22 -64.82
CA LEU N 371 60.16 73.26 -65.51
C LEU N 371 60.29 74.34 -66.59
N ASN N 372 61.49 74.87 -66.76
CA ASN N 372 61.78 75.92 -67.78
C ASN N 372 63.01 75.40 -68.55
N ARG N 373 63.16 75.78 -69.81
CA ARG N 373 64.25 75.23 -70.65
C ARG N 373 65.46 76.15 -70.80
N ASP N 374 66.66 75.68 -70.45
CA ASP N 374 67.95 76.40 -70.60
C ASP N 374 68.02 77.79 -69.94
N ASN N 375 67.46 77.96 -68.73
CA ASN N 375 67.43 79.27 -68.02
C ASN N 375 66.74 80.34 -68.88
N THR N 376 65.63 79.99 -69.53
CA THR N 376 64.81 80.89 -70.40
C THR N 376 63.32 80.75 -70.03
N GLU N 377 62.42 81.59 -70.55
CA GLU N 377 60.94 81.57 -70.26
C GLU N 377 60.18 80.38 -70.90
N ASN N 378 60.76 79.68 -71.86
CA ASN N 378 60.17 78.50 -72.55
C ASN N 378 60.04 77.22 -71.71
N PRO N 379 58.97 76.43 -71.92
CA PRO N 379 58.80 75.10 -71.33
C PRO N 379 59.56 73.88 -71.93
N THR N 380 59.49 72.73 -71.26
CA THR N 380 60.12 71.45 -71.64
C THR N 380 59.02 70.42 -71.80
N GLU N 381 59.30 69.27 -72.42
CA GLU N 381 58.36 68.11 -72.56
C GLU N 381 57.97 67.56 -71.18
N ARG N 382 58.86 67.54 -70.21
CA ARG N 382 58.61 67.13 -68.80
C ARG N 382 57.69 68.13 -68.06
N SER N 383 57.58 69.39 -68.51
CA SER N 383 56.77 70.46 -67.85
C SER N 383 55.29 70.06 -67.75
N SER N 384 54.64 70.31 -66.62
CA SER N 384 53.29 69.80 -66.26
C SER N 384 52.20 70.87 -66.03
N PHE N 385 50.99 70.57 -66.46
CA PHE N 385 49.81 71.43 -66.22
C PHE N 385 48.87 70.70 -65.25
N PHE N 386 48.40 71.40 -64.25
CA PHE N 386 47.42 70.83 -63.28
C PHE N 386 46.12 71.61 -63.28
N CYS N 387 44.98 70.93 -63.43
CA CYS N 387 43.62 71.52 -63.32
C CYS N 387 42.99 71.26 -61.94
N LEU N 388 42.59 72.28 -61.19
CA LEU N 388 41.90 72.19 -59.85
C LEU N 388 40.48 71.62 -59.98
N GLU N 389 39.77 71.93 -61.07
CA GLU N 389 38.38 71.48 -61.33
C GLU N 389 38.33 69.96 -61.58
N TYR N 390 39.45 69.33 -61.91
CA TYR N 390 39.58 67.85 -62.05
C TYR N 390 39.34 67.17 -60.70
N PHE N 391 39.77 67.72 -59.58
CA PHE N 391 39.48 67.19 -58.22
C PHE N 391 38.02 67.38 -57.82
N PRO N 392 37.41 66.50 -57.00
CA PRO N 392 36.10 66.79 -56.40
C PRO N 392 36.02 67.93 -55.32
N SER N 393 34.99 68.79 -55.31
CA SER N 393 34.84 69.89 -54.33
C SER N 393 33.42 70.03 -53.74
N LYS N 394 33.30 70.46 -52.49
CA LYS N 394 31.98 70.80 -51.88
C LYS N 394 31.43 72.12 -52.45
N MET N 395 30.12 72.21 -52.67
CA MET N 395 29.47 73.47 -53.16
C MET N 395 28.61 74.07 -52.03
N LEU N 396 28.82 75.36 -51.74
CA LEU N 396 28.10 76.00 -50.61
C LEU N 396 27.30 77.24 -50.97
N ARG N 397 26.03 77.27 -50.58
CA ARG N 397 25.18 78.49 -50.60
C ARG N 397 25.31 79.20 -49.21
N THR N 398 24.61 80.33 -48.98
CA THR N 398 24.63 81.15 -47.72
C THR N 398 24.32 80.36 -46.45
N GLY N 399 23.40 79.40 -46.46
CA GLY N 399 23.10 78.44 -45.36
C GLY N 399 24.19 77.47 -45.00
N ASN N 400 24.98 76.98 -45.96
CA ASN N 400 26.00 75.90 -45.83
C ASN N 400 27.34 76.19 -45.12
N ASN N 401 28.00 75.17 -44.59
CA ASN N 401 29.30 75.27 -43.86
C ASN N 401 30.25 74.12 -44.26
N PHE N 402 31.57 74.26 -44.06
CA PHE N 402 32.59 73.22 -44.32
C PHE N 402 33.47 72.95 -43.08
N GLU N 403 33.80 71.68 -42.80
CA GLU N 403 34.73 71.33 -41.69
C GLU N 403 35.83 70.33 -42.09
N PHE N 404 37.05 70.44 -41.54
CA PHE N 404 38.17 69.46 -41.74
C PHE N 404 38.93 69.16 -40.41
N THR N 405 39.50 67.96 -40.26
CA THR N 405 40.34 67.56 -39.07
C THR N 405 41.66 66.95 -39.53
N TYR N 406 42.78 67.24 -38.85
CA TYR N 406 44.12 66.67 -39.17
C TYR N 406 44.91 66.24 -37.92
N ASN N 407 45.74 65.20 -38.01
CA ASN N 407 46.67 64.78 -36.92
C ASN N 407 48.11 64.90 -37.40
N PHE N 408 48.96 65.51 -36.60
CA PHE N 408 50.40 65.67 -36.96
C PHE N 408 51.13 64.35 -36.72
N GLU N 409 52.15 64.04 -37.51
CA GLU N 409 53.03 62.86 -37.30
C GLU N 409 53.95 63.09 -36.08
N GLU N 410 54.49 62.03 -35.48
CA GLU N 410 55.46 62.22 -34.38
C GLU N 410 56.67 63.03 -34.88
N VAL N 411 57.07 64.03 -34.12
CA VAL N 411 58.17 64.95 -34.50
C VAL N 411 58.93 65.26 -33.20
N PRO N 412 60.24 65.57 -33.24
CA PRO N 412 60.94 66.01 -32.04
C PRO N 412 60.49 67.39 -31.48
N PHE N 413 60.50 67.58 -30.17
CA PHE N 413 60.16 68.89 -29.53
C PHE N 413 61.19 69.95 -29.90
N HIS N 414 60.77 71.19 -30.16
CA HIS N 414 61.72 72.34 -30.33
C HIS N 414 62.43 72.58 -28.99
N SER N 415 63.70 72.97 -29.01
CA SER N 415 64.46 73.26 -27.77
C SER N 415 64.40 74.73 -27.37
N SER N 416 63.56 75.08 -26.38
CA SER N 416 63.43 76.45 -25.83
C SER N 416 64.37 76.65 -24.63
N PHE N 417 65.66 76.60 -24.83
CA PHE N 417 66.66 76.77 -23.74
C PHE N 417 67.98 77.20 -24.35
N ALA N 418 68.81 77.82 -23.52
CA ALA N 418 70.17 78.22 -23.91
C ALA N 418 71.15 77.39 -23.08
N PRO N 419 72.25 76.88 -23.68
CA PRO N 419 73.29 76.22 -22.90
C PRO N 419 74.05 77.06 -21.85
N SER N 420 74.26 76.48 -20.67
CA SER N 420 75.00 77.15 -19.57
C SER N 420 76.50 76.77 -19.55
N GLN N 421 76.95 75.90 -20.47
CA GLN N 421 78.39 75.53 -20.58
C GLN N 421 78.92 75.57 -22.00
N ASN N 422 80.19 75.93 -22.18
CA ASN N 422 80.94 75.84 -23.46
C ASN N 422 81.25 74.36 -23.79
N LEU N 423 81.18 73.96 -25.07
CA LEU N 423 81.44 72.58 -25.57
C LEU N 423 82.88 72.14 -25.28
N PHE N 424 83.85 73.05 -25.38
CA PHE N 424 85.28 72.79 -25.12
C PHE N 424 85.74 72.93 -23.63
N LYS N 425 84.90 73.32 -22.66
CA LYS N 425 85.26 73.57 -21.23
C LYS N 425 84.62 72.53 -20.26
N LEU N 426 84.40 71.27 -20.64
CA LEU N 426 83.66 70.24 -19.84
C LEU N 426 84.49 69.42 -18.84
N ALA N 427 85.81 69.46 -18.90
CA ALA N 427 86.67 68.80 -17.91
C ALA N 427 86.56 69.54 -16.57
N ASN N 428 86.71 68.82 -15.45
CA ASN N 428 86.72 69.47 -14.11
C ASN N 428 87.89 70.46 -14.08
N PRO N 429 87.65 71.70 -13.61
CA PRO N 429 88.70 72.71 -13.48
C PRO N 429 89.84 72.36 -12.47
N LEU N 430 89.55 71.72 -11.33
CA LEU N 430 90.47 71.21 -10.28
C LEU N 430 91.42 70.07 -10.66
N VAL N 431 91.01 69.12 -11.50
CA VAL N 431 91.80 67.88 -11.78
C VAL N 431 92.52 67.81 -13.15
N ASP N 432 93.79 67.41 -13.16
CA ASP N 432 94.60 67.15 -14.40
C ASP N 432 94.21 65.88 -15.15
N GLN N 433 94.36 65.87 -16.47
CA GLN N 433 94.15 64.67 -17.31
C GLN N 433 95.28 63.62 -17.21
N TYR N 434 95.01 62.33 -17.38
CA TYR N 434 96.08 61.29 -17.48
C TYR N 434 96.62 61.17 -18.93
N LEU N 435 96.58 62.24 -19.71
CA LEU N 435 96.91 62.22 -21.15
C LEU N 435 98.00 63.25 -21.46
N TYR N 436 98.80 62.99 -22.50
CA TYR N 436 99.97 63.83 -22.80
C TYR N 436 99.96 64.31 -24.24
N ARG N 437 100.63 65.43 -24.51
CA ARG N 437 100.65 66.05 -25.86
C ARG N 437 102.10 66.32 -26.30
N PHE N 438 102.33 66.35 -27.62
CA PHE N 438 103.66 66.71 -28.15
C PHE N 438 103.78 68.21 -28.17
N VAL N 439 104.88 68.69 -27.61
CA VAL N 439 105.12 70.15 -27.58
C VAL N 439 106.42 70.57 -28.26
N SER N 440 107.35 69.65 -28.51
CA SER N 440 108.71 70.10 -28.91
C SER N 440 109.64 69.09 -29.58
N THR N 441 110.67 69.60 -30.21
CA THR N 441 111.76 68.77 -30.75
C THR N 441 113.05 69.38 -30.18
N ASN N 442 114.05 68.60 -29.83
CA ASN N 442 115.38 69.10 -29.31
C ASN N 442 116.37 69.48 -30.44
N ASN N 443 117.63 69.84 -30.12
CA ASN N 443 118.64 70.29 -31.12
C ASN N 443 118.87 69.16 -32.13
N THR N 444 118.92 67.90 -31.73
CA THR N 444 118.85 66.77 -32.66
C THR N 444 117.35 66.63 -32.71
N GLY N 445 116.70 66.39 -33.83
CA GLY N 445 115.23 66.54 -33.80
C GLY N 445 114.46 65.44 -33.10
N GLY N 446 114.61 65.31 -31.77
CA GLY N 446 113.96 64.25 -30.98
C GLY N 446 112.72 64.75 -30.29
N VAL N 447 111.62 64.01 -30.38
CA VAL N 447 110.29 64.43 -29.85
C VAL N 447 110.20 64.56 -28.32
N GLN N 448 109.45 65.55 -27.84
CA GLN N 448 109.32 65.84 -26.39
C GLN N 448 107.83 65.98 -26.02
N PHE N 449 107.46 65.64 -24.79
CA PHE N 449 106.03 65.61 -24.37
C PHE N 449 105.79 66.28 -23.02
N ASN N 450 104.58 66.80 -22.81
CA ASN N 450 104.16 67.43 -21.52
C ASN N 450 102.78 66.92 -21.15
N LYS N 451 102.49 66.79 -19.87
CA LYS N 451 101.15 66.41 -19.34
C LYS N 451 100.12 67.55 -19.45
N ASN N 452 98.85 67.20 -19.55
CA ASN N 452 97.77 68.21 -19.66
C ASN N 452 97.29 68.62 -18.25
N LEU N 453 97.46 69.89 -17.89
CA LEU N 453 97.10 70.45 -16.56
C LEU N 453 95.63 70.85 -16.37
N ALA N 454 95.18 70.96 -15.13
CA ALA N 454 93.79 71.36 -14.80
C ALA N 454 93.43 72.78 -15.27
N GLY N 455 92.29 72.94 -15.94
CA GLY N 455 91.76 74.22 -16.44
C GLY N 455 92.39 74.73 -17.73
N ARG N 456 93.33 74.00 -18.33
CA ARG N 456 94.02 74.41 -19.58
C ARG N 456 93.20 73.92 -20.81
N TYR N 457 92.07 74.57 -21.10
CA TYR N 457 91.06 74.19 -22.16
C TYR N 457 91.67 74.29 -23.56
N ALA N 458 92.63 75.17 -23.75
CA ALA N 458 93.37 75.29 -25.01
C ALA N 458 94.06 73.97 -25.37
N ASN N 459 94.60 73.20 -24.41
CA ASN N 459 95.41 71.97 -24.65
C ASN N 459 94.82 70.65 -24.17
N THR N 460 93.53 70.41 -24.16
CA THR N 460 92.87 69.26 -23.49
C THR N 460 92.33 68.34 -24.56
N TYR N 461 92.33 67.04 -24.34
CA TYR N 461 91.73 66.04 -25.28
C TYR N 461 90.23 66.26 -25.27
N LYS N 462 89.59 66.16 -26.43
CA LYS N 462 88.14 66.45 -26.56
C LYS N 462 87.35 65.30 -27.17
N ASN N 463 86.25 64.88 -26.56
CA ASN N 463 85.27 63.90 -27.16
C ASN N 463 84.43 64.39 -28.33
N TRP N 464 83.98 65.64 -28.34
CA TRP N 464 82.93 66.11 -29.26
C TRP N 464 83.31 67.36 -30.01
N PHE N 465 82.71 67.55 -31.16
CA PHE N 465 83.11 68.65 -32.07
C PHE N 465 81.92 69.50 -32.42
N PRO N 466 82.16 70.79 -32.74
CA PRO N 466 81.12 71.69 -33.20
C PRO N 466 80.53 71.41 -34.59
N GLY N 467 79.33 71.91 -34.86
CA GLY N 467 78.59 71.70 -36.12
C GLY N 467 79.11 72.41 -37.36
N PRO N 468 78.62 72.05 -38.56
CA PRO N 468 79.13 72.58 -39.82
C PRO N 468 79.03 74.08 -40.13
N MET N 469 80.04 74.64 -40.80
CA MET N 469 80.09 76.09 -41.03
C MET N 469 80.47 76.50 -42.47
N GLY N 470 79.95 77.61 -43.01
CA GLY N 470 80.44 78.22 -44.27
C GLY N 470 80.64 79.71 -44.04
N ARG N 471 81.77 80.32 -44.38
CA ARG N 471 82.00 81.76 -44.04
C ARG N 471 81.05 82.76 -44.78
N THR N 472 80.46 83.72 -44.06
CA THR N 472 79.53 84.75 -44.58
C THR N 472 79.98 86.12 -44.09
N GLN N 473 79.87 87.16 -44.91
CA GLN N 473 80.40 88.51 -44.56
C GLN N 473 79.70 89.14 -43.33
N GLY N 474 80.46 89.83 -42.49
CA GLY N 474 79.94 90.52 -41.29
C GLY N 474 79.83 92.01 -41.46
N TRP N 475 78.70 92.58 -41.09
CA TRP N 475 78.45 94.04 -41.20
C TRP N 475 78.10 94.64 -39.83
N ASN N 476 78.71 95.77 -39.49
CA ASN N 476 78.44 96.48 -38.21
C ASN N 476 77.10 97.22 -38.25
N LEU N 477 76.43 97.31 -37.11
CA LEU N 477 75.10 97.96 -36.96
C LEU N 477 75.26 99.03 -35.88
N GLY N 478 74.36 100.02 -35.79
CA GLY N 478 74.52 101.11 -34.81
C GLY N 478 75.74 101.97 -35.09
N SER N 479 76.67 102.06 -34.13
CA SER N 479 77.90 102.87 -34.31
C SER N 479 78.70 102.30 -35.49
N GLY N 480 78.80 100.98 -35.66
CA GLY N 480 79.32 100.44 -36.94
C GLY N 480 80.70 100.84 -37.35
N VAL N 481 80.87 101.45 -38.54
CA VAL N 481 82.20 101.80 -39.16
C VAL N 481 82.47 100.91 -40.41
N ASN N 482 81.46 100.41 -41.11
CA ASN N 482 81.55 99.61 -42.39
C ASN N 482 81.98 100.39 -43.65
N ARG N 483 82.46 99.70 -44.70
CA ARG N 483 82.88 100.29 -46.02
C ARG N 483 81.74 100.97 -46.81
N ALA N 484 82.01 102.14 -47.42
CA ALA N 484 81.03 102.99 -48.13
C ALA N 484 80.68 102.62 -49.58
N SER N 485 79.47 102.97 -50.03
CA SER N 485 79.04 102.83 -51.46
C SER N 485 79.15 101.43 -52.07
N VAL N 486 78.78 100.40 -51.32
CA VAL N 486 78.94 98.99 -51.80
C VAL N 486 77.66 98.45 -52.44
N SER N 487 77.77 97.74 -53.57
CA SER N 487 76.63 96.98 -54.11
C SER N 487 76.85 95.54 -53.64
N ALA N 488 75.96 94.99 -52.84
CA ALA N 488 76.11 93.67 -52.18
C ALA N 488 76.14 92.41 -53.07
N PHE N 489 75.39 92.29 -54.17
CA PHE N 489 75.13 91.01 -54.89
C PHE N 489 76.34 90.23 -55.46
N ALA N 490 77.36 90.87 -56.04
CA ALA N 490 78.52 90.17 -56.64
C ALA N 490 79.29 89.36 -55.59
N THR N 491 79.42 89.86 -54.37
CA THR N 491 80.21 89.22 -53.29
C THR N 491 79.38 88.36 -52.35
N THR N 492 78.09 88.15 -52.60
CA THR N 492 77.20 87.29 -51.78
C THR N 492 77.46 85.80 -51.94
N ASN N 493 77.10 84.99 -50.93
CA ASN N 493 77.20 83.50 -50.98
C ASN N 493 76.23 82.89 -51.99
N ARG N 494 76.66 81.87 -52.73
CA ARG N 494 75.81 81.30 -53.81
C ARG N 494 75.95 79.79 -53.97
N MET N 495 74.92 79.12 -54.50
CA MET N 495 74.99 77.69 -54.86
C MET N 495 74.56 77.60 -56.35
N GLU N 496 75.14 76.68 -57.14
CA GLU N 496 74.86 76.58 -58.60
C GLU N 496 73.92 75.40 -58.89
N LEU N 497 72.78 75.64 -59.56
CA LEU N 497 71.85 74.55 -59.99
C LEU N 497 71.51 74.70 -61.47
N GLU N 498 71.61 73.66 -62.30
CA GLU N 498 71.16 73.64 -63.73
C GLU N 498 71.77 74.76 -64.58
N GLY N 499 73.01 75.15 -64.38
CA GLY N 499 73.59 76.29 -65.10
C GLY N 499 73.30 77.69 -64.57
N ALA N 500 72.67 77.88 -63.42
CA ALA N 500 72.47 79.25 -62.89
C ALA N 500 73.00 79.42 -61.45
N SER N 501 73.40 80.64 -61.06
CA SER N 501 73.90 80.94 -59.69
C SER N 501 72.75 81.50 -58.84
N TYR N 502 72.54 80.92 -57.68
CA TYR N 502 71.42 81.35 -56.80
C TYR N 502 71.89 81.80 -55.44
N GLN N 503 71.37 82.92 -54.99
CA GLN N 503 71.59 83.30 -53.57
C GLN N 503 70.75 82.32 -52.74
N VAL N 504 71.24 81.92 -51.59
CA VAL N 504 70.55 80.97 -50.67
C VAL N 504 70.53 81.77 -49.36
N PRO N 505 69.62 82.77 -49.23
CA PRO N 505 69.63 83.73 -48.15
C PRO N 505 69.53 83.23 -46.74
N PRO N 506 68.78 82.21 -46.30
CA PRO N 506 68.98 81.72 -44.94
C PRO N 506 70.20 80.82 -45.19
N GLN N 507 71.26 80.89 -44.42
CA GLN N 507 72.33 79.88 -44.70
C GLN N 507 71.91 78.51 -44.08
N PRO N 508 72.57 77.35 -44.35
CA PRO N 508 72.28 76.08 -43.67
C PRO N 508 72.59 76.02 -42.13
N ASN N 509 71.89 75.21 -41.32
CA ASN N 509 72.04 75.16 -39.82
C ASN N 509 73.42 74.79 -39.22
N GLY N 510 73.68 75.17 -37.95
CA GLY N 510 74.95 74.93 -37.23
C GLY N 510 75.87 76.12 -37.01
N MET N 511 75.42 77.32 -37.35
CA MET N 511 76.23 78.53 -37.11
C MET N 511 75.52 79.58 -36.25
N THR N 512 76.27 80.56 -35.73
CA THR N 512 75.68 81.74 -35.04
C THR N 512 76.04 83.01 -35.82
N ASN N 513 75.07 83.85 -36.19
CA ASN N 513 75.24 85.20 -36.83
C ASN N 513 75.89 86.29 -35.95
N ASN N 514 75.62 86.38 -34.65
CA ASN N 514 76.08 87.49 -33.77
C ASN N 514 76.73 86.93 -32.49
N LEU N 515 77.87 87.47 -32.06
CA LEU N 515 78.55 87.06 -30.78
C LEU N 515 77.85 87.36 -29.41
N GLN N 516 77.24 88.51 -29.13
CA GLN N 516 76.65 88.92 -27.81
C GLN N 516 77.35 90.24 -27.46
N GLY N 517 76.60 91.25 -27.02
CA GLY N 517 77.28 92.55 -27.04
C GLY N 517 77.47 92.72 -28.53
N SER N 518 78.69 92.84 -29.05
CA SER N 518 79.01 93.00 -30.49
C SER N 518 77.93 93.52 -31.45
N ASN N 519 78.35 94.41 -32.34
CA ASN N 519 77.43 94.99 -33.35
C ASN N 519 77.72 94.39 -34.73
N THR N 520 78.55 93.34 -34.80
CA THR N 520 78.78 92.61 -36.07
C THR N 520 77.74 91.53 -36.28
N TYR N 521 77.12 91.53 -37.44
CA TYR N 521 76.08 90.54 -37.79
C TYR N 521 76.39 90.00 -39.14
N ALA N 522 76.23 88.70 -39.30
CA ALA N 522 76.34 88.17 -40.67
C ALA N 522 74.92 88.25 -41.24
N LEU N 523 74.65 89.21 -42.12
CA LEU N 523 73.28 89.56 -42.63
C LEU N 523 72.58 88.43 -43.45
N GLU N 524 73.33 87.66 -44.24
CA GLU N 524 72.77 86.55 -45.03
C GLU N 524 72.52 85.30 -44.15
N ASN N 525 72.92 85.27 -42.90
CA ASN N 525 72.58 84.19 -41.94
C ASN N 525 71.45 84.62 -40.98
N THR N 526 70.81 85.76 -41.19
CA THR N 526 69.79 86.30 -40.24
C THR N 526 68.42 86.43 -40.85
N MET N 527 67.37 86.05 -40.12
CA MET N 527 65.97 86.34 -40.52
C MET N 527 65.70 87.84 -40.32
N ILE N 528 65.27 88.54 -41.37
CA ILE N 528 64.92 89.99 -41.30
C ILE N 528 63.42 90.18 -41.56
N PHE N 529 62.73 90.94 -40.71
CA PHE N 529 61.26 91.12 -40.76
C PHE N 529 60.92 92.59 -40.70
N ASN N 530 59.72 92.97 -41.12
CA ASN N 530 59.20 94.36 -41.02
C ASN N 530 58.16 94.40 -39.89
N SER N 531 58.17 95.44 -39.04
CA SER N 531 57.15 95.63 -37.98
C SER N 531 55.76 95.82 -38.60
N GLN N 532 55.66 96.55 -39.71
CA GLN N 532 54.38 96.84 -40.40
C GLN N 532 54.27 96.08 -41.72
N PRO N 533 53.07 95.66 -42.17
CA PRO N 533 52.87 95.05 -43.48
C PRO N 533 53.11 96.03 -44.63
N ALA N 534 53.53 95.51 -45.78
CA ALA N 534 53.92 96.36 -46.93
C ALA N 534 53.03 96.15 -48.15
N ASN N 535 52.92 97.18 -48.97
CA ASN N 535 52.19 97.10 -50.26
C ASN N 535 52.95 96.20 -51.24
N PRO N 536 52.27 95.46 -52.13
CA PRO N 536 52.95 94.63 -53.12
C PRO N 536 53.81 95.34 -54.16
N GLY N 537 54.99 94.79 -54.46
CA GLY N 537 55.89 95.32 -55.48
C GLY N 537 56.75 96.49 -55.05
N THR N 538 56.78 96.82 -53.77
CA THR N 538 57.54 97.99 -53.31
C THR N 538 59.02 97.81 -53.65
N THR N 539 59.69 98.86 -54.12
CA THR N 539 61.14 98.86 -54.40
C THR N 539 61.84 99.85 -53.48
N ALA N 540 61.18 100.34 -52.44
CA ALA N 540 61.73 101.35 -51.50
C ALA N 540 62.94 100.86 -50.67
N THR N 541 63.93 101.73 -50.45
CA THR N 541 65.06 101.39 -49.54
C THR N 541 64.60 101.42 -48.10
N TYR N 542 65.09 100.50 -47.29
CA TYR N 542 64.78 100.48 -45.84
C TYR N 542 66.05 100.55 -45.04
N LEU N 543 66.11 101.46 -44.08
CA LEU N 543 67.23 101.54 -43.11
C LEU N 543 67.01 100.57 -41.93
N GLU N 544 68.01 100.39 -41.07
CA GLU N 544 68.00 99.44 -39.92
C GLU N 544 66.89 99.72 -38.89
N GLY N 545 66.56 101.00 -38.61
CA GLY N 545 65.54 101.36 -37.63
C GLY N 545 64.18 100.82 -37.98
N ASN N 546 63.79 100.83 -39.24
CA ASN N 546 62.52 100.18 -39.71
C ASN N 546 62.55 98.65 -39.52
N MET N 547 63.68 97.97 -39.71
CA MET N 547 63.73 96.49 -39.72
C MET N 547 63.77 95.79 -38.35
N LEU N 548 63.26 94.56 -38.27
CA LEU N 548 63.39 93.74 -37.04
C LEU N 548 64.47 92.70 -37.33
N ILE N 549 65.62 92.75 -36.65
CA ILE N 549 66.77 91.85 -36.97
C ILE N 549 67.03 90.88 -35.79
N THR N 550 66.99 89.60 -36.07
CA THR N 550 67.20 88.51 -35.08
C THR N 550 68.67 88.23 -34.75
N SER N 551 68.94 87.69 -33.57
CA SER N 551 70.30 87.30 -33.10
C SER N 551 70.24 85.86 -32.62
N GLU N 552 71.27 85.07 -32.87
CA GLU N 552 71.36 83.64 -32.47
C GLU N 552 72.44 83.50 -31.38
N SER N 553 72.77 84.54 -30.64
CA SER N 553 73.89 84.61 -29.66
C SER N 553 73.78 83.57 -28.52
N GLU N 554 72.60 83.08 -28.17
CA GLU N 554 72.38 82.00 -27.16
C GLU N 554 73.07 80.69 -27.57
N THR N 555 73.15 80.34 -28.85
CA THR N 555 73.73 79.08 -29.38
C THR N 555 75.26 79.14 -29.53
N GLN N 556 75.91 80.28 -29.21
CA GLN N 556 77.37 80.51 -29.39
C GLN N 556 78.23 79.51 -28.58
N PRO N 557 77.88 79.06 -27.35
CA PRO N 557 78.62 77.98 -26.69
C PRO N 557 78.83 76.67 -27.50
N VAL N 558 77.92 76.27 -28.41
CA VAL N 558 78.07 75.13 -29.37
C VAL N 558 78.09 75.47 -30.88
N ASN N 559 77.89 76.72 -31.32
CA ASN N 559 77.77 77.01 -32.77
C ASN N 559 78.86 77.97 -33.19
N ARG N 560 79.56 77.65 -34.27
CA ARG N 560 80.65 78.52 -34.76
C ARG N 560 80.13 79.84 -35.36
N VAL N 561 80.90 80.91 -35.23
CA VAL N 561 80.53 82.23 -35.82
C VAL N 561 80.74 82.27 -37.35
N ALA N 562 79.71 82.73 -38.11
CA ALA N 562 79.70 82.79 -39.60
C ALA N 562 80.74 83.74 -40.20
N TYR N 563 80.95 84.91 -39.61
CA TYR N 563 81.93 85.92 -40.12
C TYR N 563 83.39 85.41 -40.05
N ASN N 564 83.76 84.67 -39.01
CA ASN N 564 85.14 84.17 -38.77
C ASN N 564 85.53 82.90 -39.54
N VAL N 565 86.83 82.62 -39.73
CA VAL N 565 87.37 81.32 -40.28
C VAL N 565 87.10 80.16 -39.29
N GLY N 566 86.80 78.95 -39.75
CA GLY N 566 86.56 77.72 -38.93
C GLY N 566 87.70 77.12 -38.11
N GLY N 567 88.93 77.07 -38.61
CA GLY N 567 90.04 76.38 -37.94
C GLY N 567 91.25 76.29 -38.85
N GLN N 568 92.26 75.51 -38.47
CA GLN N 568 93.49 75.29 -39.29
C GLN N 568 93.83 73.79 -39.44
N MET N 569 94.44 73.37 -40.55
CA MET N 569 94.88 71.97 -40.83
C MET N 569 96.30 71.97 -41.43
N ALA N 570 97.05 70.85 -41.37
CA ALA N 570 98.41 70.71 -41.95
C ALA N 570 98.45 70.74 -43.49
N THR N 571 99.42 71.46 -44.04
CA THR N 571 99.54 71.63 -45.51
C THR N 571 100.85 71.04 -46.07
N ASN N 572 101.66 70.36 -45.29
CA ASN N 572 103.02 69.94 -45.74
C ASN N 572 103.53 68.76 -44.91
N ASN N 573 104.67 68.21 -45.30
CA ASN N 573 105.37 67.19 -44.49
C ASN N 573 106.65 67.84 -43.96
N GLN N 574 106.88 67.81 -42.64
CA GLN N 574 108.11 68.36 -41.99
C GLN N 574 109.33 67.46 -42.31
N SER N 575 110.52 68.04 -42.33
CA SER N 575 111.78 67.31 -42.62
C SER N 575 112.91 68.12 -41.97
N SER N 576 114.12 67.58 -41.90
CA SER N 576 115.23 68.42 -41.36
C SER N 576 115.38 69.66 -42.24
N THR N 577 115.29 69.54 -43.57
CA THR N 577 115.27 70.68 -44.51
C THR N 577 114.04 71.57 -44.37
N THR N 578 112.84 71.03 -44.13
CA THR N 578 111.59 71.83 -44.16
C THR N 578 110.86 71.99 -42.83
N ALA N 579 110.55 73.23 -42.44
CA ALA N 579 109.72 73.52 -41.25
C ALA N 579 108.25 73.14 -41.46
N PRO N 580 107.51 72.74 -40.41
CA PRO N 580 106.08 72.47 -40.52
C PRO N 580 105.18 73.68 -40.83
N ALA N 581 104.09 73.51 -41.59
CA ALA N 581 103.19 74.60 -42.03
C ALA N 581 101.70 74.27 -41.83
N THR N 582 100.86 75.28 -41.61
CA THR N 582 99.40 75.11 -41.46
C THR N 582 98.65 76.03 -42.38
N GLY N 583 97.39 75.70 -42.69
CA GLY N 583 96.53 76.63 -43.46
C GLY N 583 95.13 76.75 -42.88
N THR N 584 94.54 77.94 -42.89
CA THR N 584 93.11 78.15 -42.46
C THR N 584 92.11 77.65 -43.49
N TYR N 585 90.92 77.24 -43.05
CA TYR N 585 89.80 76.81 -43.95
C TYR N 585 88.55 77.74 -43.76
N ASN N 586 87.79 78.04 -44.83
CA ASN N 586 86.58 78.93 -44.78
C ASN N 586 85.28 78.12 -44.76
N LEU N 587 85.35 76.80 -44.98
CA LEU N 587 84.14 75.93 -44.93
C LEU N 587 84.46 74.53 -44.37
N GLN N 588 83.53 73.92 -43.66
CA GLN N 588 83.65 72.51 -43.20
C GLN N 588 82.25 71.93 -43.12
N GLU N 589 82.10 70.62 -43.23
CA GLU N 589 80.78 69.97 -43.27
C GLU N 589 80.75 68.94 -42.14
N ILE N 590 79.71 68.12 -42.07
CA ILE N 590 79.51 67.15 -40.95
C ILE N 590 80.64 66.13 -40.80
N VAL N 591 81.01 65.87 -39.55
CA VAL N 591 82.08 64.91 -39.19
C VAL N 591 81.45 64.04 -38.09
N PRO N 592 81.88 62.78 -37.88
CA PRO N 592 81.36 61.99 -36.77
C PRO N 592 81.68 62.60 -35.39
N GLY N 593 80.75 62.54 -34.43
CA GLY N 593 80.91 63.21 -33.12
C GLY N 593 80.50 64.69 -33.11
N SER N 594 79.92 65.18 -34.19
CA SER N 594 79.41 66.57 -34.36
C SER N 594 78.13 66.87 -33.56
N VAL N 595 78.08 68.01 -32.88
CA VAL N 595 76.90 68.47 -32.08
C VAL N 595 76.58 69.93 -32.47
N TRP N 596 75.31 70.30 -32.56
CA TRP N 596 74.89 71.70 -32.88
C TRP N 596 73.47 71.98 -32.38
N MET N 597 73.09 73.24 -32.36
CA MET N 597 71.71 73.69 -32.05
C MET N 597 71.02 74.25 -33.31
N GLU N 598 69.78 73.85 -33.56
CA GLU N 598 68.95 74.37 -34.69
C GLU N 598 68.49 75.83 -34.44
N ARG N 599 68.13 76.54 -35.49
CA ARG N 599 67.64 77.95 -35.41
C ARG N 599 66.36 78.08 -34.55
N ASP N 600 66.26 79.18 -33.79
CA ASP N 600 65.10 79.49 -32.93
C ASP N 600 63.84 79.92 -33.69
N VAL N 601 62.67 79.57 -33.18
CA VAL N 601 61.36 80.06 -33.70
C VAL N 601 61.04 81.47 -33.17
N TYR N 602 60.23 82.23 -33.91
CA TYR N 602 59.81 83.61 -33.53
C TYR N 602 58.30 83.67 -33.60
N LEU N 603 57.67 84.56 -32.85
CA LEU N 603 56.18 84.76 -32.91
C LEU N 603 55.79 85.25 -34.34
N GLN N 604 56.53 86.14 -34.96
CA GLN N 604 56.40 86.60 -36.37
C GLN N 604 56.69 85.49 -37.41
N GLY N 605 57.51 84.49 -37.09
CA GLY N 605 57.90 83.38 -37.97
C GLY N 605 57.01 82.18 -38.28
N PRO N 606 57.38 81.37 -39.30
CA PRO N 606 56.72 80.09 -39.61
C PRO N 606 56.81 78.81 -38.77
N ILE N 607 55.73 78.08 -38.52
CA ILE N 607 55.75 76.72 -37.86
C ILE N 607 56.35 75.52 -38.64
N TRP N 608 56.02 75.32 -39.91
CA TRP N 608 56.39 74.07 -40.61
C TRP N 608 56.84 74.24 -42.06
N ALA N 609 57.51 73.23 -42.61
CA ALA N 609 57.89 73.18 -44.05
C ALA N 609 57.70 71.72 -44.52
N LYS N 610 57.37 71.54 -45.79
CA LYS N 610 57.25 70.19 -46.38
C LYS N 610 58.62 69.65 -46.84
N ILE N 611 58.96 68.43 -46.43
CA ILE N 611 60.19 67.76 -46.95
C ILE N 611 59.95 67.40 -48.43
N PRO N 612 60.89 67.71 -49.36
CA PRO N 612 60.74 67.35 -50.77
C PRO N 612 60.88 65.87 -51.09
N GLU N 613 60.10 65.33 -52.03
CA GLU N 613 60.13 63.87 -52.30
C GLU N 613 61.16 63.51 -53.39
N THR N 614 62.35 63.05 -53.00
CA THR N 614 63.44 62.68 -53.93
C THR N 614 63.83 61.25 -53.70
N GLY N 615 63.44 60.68 -52.57
CA GLY N 615 63.88 59.36 -52.11
C GLY N 615 65.17 59.38 -51.29
N ALA N 616 65.89 60.50 -51.19
CA ALA N 616 67.09 60.60 -50.33
C ALA N 616 67.20 61.96 -49.62
N HIS N 617 67.48 61.99 -48.34
CA HIS N 617 67.68 63.26 -47.58
C HIS N 617 68.54 63.03 -46.35
N PHE N 618 69.14 64.08 -45.81
CA PHE N 618 69.87 64.01 -44.51
C PHE N 618 69.34 65.01 -43.52
N HIS N 619 69.02 64.61 -42.28
CA HIS N 619 68.66 65.52 -41.14
C HIS N 619 67.66 66.59 -41.57
N PRO N 620 66.35 66.31 -41.51
CA PRO N 620 65.37 67.21 -42.13
C PRO N 620 64.71 68.35 -41.35
N SER N 621 65.55 69.30 -41.00
CA SER N 621 65.10 70.49 -40.26
C SER N 621 65.20 71.68 -41.20
N PRO N 622 64.11 72.45 -41.45
CA PRO N 622 64.19 73.58 -42.39
C PRO N 622 65.05 74.77 -41.97
N ALA N 623 65.73 75.43 -42.91
CA ALA N 623 66.67 76.53 -42.62
C ALA N 623 66.04 77.78 -41.97
N MET N 624 64.85 78.19 -42.39
CA MET N 624 64.09 79.33 -41.82
C MET N 624 63.72 79.05 -40.35
N GLY N 625 63.48 77.80 -39.99
CA GLY N 625 63.12 77.38 -38.63
C GLY N 625 61.89 76.49 -38.63
N GLY N 626 61.53 75.92 -37.49
CA GLY N 626 60.32 75.09 -37.38
C GLY N 626 60.42 73.59 -37.57
N PHE N 627 59.32 72.96 -37.92
CA PHE N 627 59.20 71.49 -38.00
C PHE N 627 59.11 71.01 -39.46
N GLY N 628 59.95 70.04 -39.82
CA GLY N 628 59.96 69.47 -41.17
C GLY N 628 59.07 68.28 -41.23
N LEU N 629 58.10 68.29 -42.13
CA LEU N 629 57.09 67.20 -42.15
C LEU N 629 57.00 66.49 -43.49
N LYS N 630 57.04 65.16 -43.49
CA LYS N 630 56.77 64.35 -44.71
C LYS N 630 55.31 64.53 -45.17
N HIS N 631 54.35 64.55 -44.25
CA HIS N 631 52.92 64.74 -44.57
C HIS N 631 52.40 65.97 -43.83
N PRO N 632 52.56 67.16 -44.43
CA PRO N 632 52.13 68.42 -43.83
C PRO N 632 50.63 68.72 -43.77
N PRO N 633 50.15 69.67 -42.96
CA PRO N 633 48.73 69.97 -42.99
C PRO N 633 48.38 70.39 -44.43
N PRO N 634 47.31 69.86 -45.03
CA PRO N 634 47.01 70.06 -46.45
C PRO N 634 46.54 71.40 -47.02
N MET N 635 46.82 71.66 -48.29
CA MET N 635 46.34 72.87 -49.00
C MET N 635 44.79 72.95 -49.06
N MET N 636 44.26 74.11 -48.70
CA MET N 636 42.79 74.36 -48.68
C MET N 636 42.49 75.41 -49.76
N LEU N 637 41.65 75.07 -50.73
CA LEU N 637 41.41 75.91 -51.92
C LEU N 637 39.93 76.31 -52.04
N ILE N 638 39.68 77.58 -52.31
CA ILE N 638 38.30 78.13 -52.43
C ILE N 638 38.16 78.95 -53.72
N LYS N 639 37.04 78.80 -54.42
CA LYS N 639 36.77 79.65 -55.61
C LYS N 639 35.30 80.11 -55.66
N ASN N 640 35.04 81.20 -56.36
CA ASN N 640 33.65 81.65 -56.65
C ASN N 640 33.18 80.92 -57.92
N THR N 641 32.02 80.28 -57.91
CA THR N 641 31.46 79.64 -59.11
C THR N 641 31.13 80.66 -60.20
N PRO N 642 31.51 80.43 -61.48
CA PRO N 642 31.11 81.29 -62.57
C PRO N 642 29.60 81.42 -62.74
N VAL N 643 29.13 82.65 -62.79
CA VAL N 643 27.68 82.87 -63.06
C VAL N 643 27.60 83.66 -64.38
N PRO N 644 26.99 83.08 -65.43
CA PRO N 644 26.89 83.76 -66.72
C PRO N 644 26.01 85.00 -66.97
N GLY N 645 26.43 85.90 -67.85
CA GLY N 645 25.67 87.07 -68.32
C GLY N 645 24.66 86.65 -69.39
N ASN N 646 23.78 87.54 -69.85
CA ASN N 646 22.69 87.09 -70.77
C ASN N 646 23.22 86.56 -72.10
N ILE N 647 22.82 85.36 -72.48
CA ILE N 647 23.25 84.75 -73.78
C ILE N 647 21.97 84.44 -74.56
N THR N 648 21.85 84.92 -75.79
CA THR N 648 20.59 84.76 -76.57
C THR N 648 20.75 83.80 -77.73
N SER N 649 21.98 83.41 -78.08
CA SER N 649 22.23 82.56 -79.27
C SER N 649 23.20 81.42 -78.94
N PHE N 650 23.12 80.29 -79.64
CA PHE N 650 24.05 79.15 -79.49
C PHE N 650 25.43 79.34 -80.14
N SER N 651 26.51 78.98 -79.43
CA SER N 651 27.84 78.90 -80.07
C SER N 651 28.59 77.69 -79.50
N ASP N 652 29.39 77.02 -80.30
CA ASP N 652 30.36 75.99 -79.84
C ASP N 652 31.43 76.68 -78.99
N VAL N 653 31.82 77.92 -79.35
CA VAL N 653 32.85 78.69 -78.60
C VAL N 653 32.40 78.97 -77.16
N PRO N 654 33.27 78.75 -76.14
CA PRO N 654 32.92 78.96 -74.73
C PRO N 654 32.55 80.38 -74.30
N VAL N 655 31.62 80.49 -73.36
CA VAL N 655 31.18 81.83 -72.87
C VAL N 655 32.31 82.58 -72.15
N SER N 656 32.48 83.84 -72.50
CA SER N 656 33.48 84.74 -71.90
C SER N 656 32.80 85.88 -71.11
N SER N 657 31.47 85.91 -71.04
CA SER N 657 30.72 87.01 -70.38
C SER N 657 30.05 86.51 -69.09
N PHE N 658 30.40 87.12 -67.97
CA PHE N 658 29.92 86.64 -66.65
C PHE N 658 29.51 87.79 -65.79
N ILE N 659 28.57 87.60 -64.87
CA ILE N 659 28.27 88.68 -63.87
C ILE N 659 29.45 88.85 -62.87
N THR N 660 29.81 90.07 -62.46
CA THR N 660 30.92 90.35 -61.50
C THR N 660 30.49 90.11 -60.04
N GLN N 661 31.27 89.30 -59.31
CA GLN N 661 30.90 88.83 -57.95
C GLN N 661 32.09 88.69 -56.98
N TYR N 662 31.86 88.75 -55.67
CA TYR N 662 32.91 88.55 -54.64
C TYR N 662 32.27 87.79 -53.47
N SER N 663 33.09 87.14 -52.64
CA SER N 663 32.56 86.41 -51.45
C SER N 663 33.23 86.85 -50.13
N THR N 664 32.51 86.69 -49.02
CA THR N 664 33.02 87.03 -47.67
C THR N 664 32.55 85.99 -46.66
N GLY N 665 33.27 85.79 -45.55
CA GLY N 665 32.87 84.85 -44.49
C GLY N 665 33.77 84.84 -43.27
N GLN N 666 33.58 83.85 -42.40
CA GLN N 666 34.42 83.63 -41.18
C GLN N 666 35.14 82.27 -41.20
N VAL N 667 36.39 82.23 -40.72
CA VAL N 667 37.18 80.97 -40.60
C VAL N 667 37.65 80.76 -39.15
N THR N 668 37.53 79.55 -38.62
CA THR N 668 38.05 79.20 -37.29
C THR N 668 39.12 78.12 -37.37
N VAL N 669 40.28 78.30 -36.72
CA VAL N 669 41.35 77.25 -36.61
C VAL N 669 41.60 76.87 -35.13
N GLU N 670 41.57 75.59 -34.80
CA GLU N 670 41.85 75.07 -33.45
C GLU N 670 43.10 74.18 -33.48
N MET N 671 44.08 74.45 -32.62
CA MET N 671 45.34 73.67 -32.58
C MET N 671 45.68 73.17 -31.18
N GLU N 672 46.18 71.95 -31.09
CA GLU N 672 46.62 71.35 -29.80
C GLU N 672 48.16 71.27 -29.78
N TRP N 673 48.76 71.63 -28.66
CA TRP N 673 50.23 71.63 -28.49
C TRP N 673 50.66 70.81 -27.28
N GLU N 674 51.75 70.05 -27.41
CA GLU N 674 52.33 69.29 -26.27
C GLU N 674 53.52 70.07 -25.70
N LEU N 675 53.60 70.17 -24.38
CA LEU N 675 54.64 70.96 -23.67
C LEU N 675 55.63 70.09 -22.90
N LYS N 676 56.91 70.47 -22.89
CA LYS N 676 57.91 69.78 -22.03
C LYS N 676 58.27 70.71 -20.86
N LYS N 677 58.07 70.25 -19.64
CA LYS N 677 58.39 71.01 -18.38
C LYS N 677 59.87 71.17 -18.02
N GLU N 678 60.23 72.33 -17.48
CA GLU N 678 61.60 72.55 -16.93
C GLU N 678 61.82 71.73 -15.64
N ASN N 679 62.99 71.16 -15.44
CA ASN N 679 63.38 70.38 -14.21
C ASN N 679 64.72 70.91 -13.66
N SER N 680 64.95 72.22 -13.65
CA SER N 680 66.24 72.85 -13.24
C SER N 680 66.62 72.76 -11.75
N LYS N 681 67.91 72.59 -11.44
CA LYS N 681 68.44 72.65 -10.06
C LYS N 681 69.27 73.94 -9.84
N ARG N 682 69.27 74.90 -10.76
CA ARG N 682 69.96 76.24 -10.64
C ARG N 682 69.44 77.12 -9.47
N TRP N 683 70.27 77.42 -8.49
CA TRP N 683 69.94 78.25 -7.30
C TRP N 683 69.62 79.72 -7.56
N ASN N 684 70.41 80.36 -8.40
CA ASN N 684 70.28 81.79 -8.76
C ASN N 684 69.14 82.05 -9.75
N PRO N 685 68.58 83.28 -9.77
CA PRO N 685 67.56 83.66 -10.74
C PRO N 685 67.93 83.74 -12.24
N GLU N 686 67.06 83.27 -13.11
CA GLU N 686 67.19 83.29 -14.59
C GLU N 686 66.78 84.56 -15.37
N ILE N 687 67.23 84.68 -16.62
CA ILE N 687 66.77 85.73 -17.58
C ILE N 687 65.32 85.43 -18.06
N GLN N 688 64.48 86.46 -18.20
CA GLN N 688 63.06 86.34 -18.63
C GLN N 688 62.68 87.45 -19.61
N TYR N 689 61.76 87.22 -20.54
CA TYR N 689 61.21 88.29 -21.40
C TYR N 689 60.27 89.17 -20.54
N THR N 690 60.43 90.48 -20.63
CA THR N 690 59.63 91.41 -19.81
C THR N 690 59.19 92.58 -20.66
N ASN N 691 58.10 93.23 -20.26
CA ASN N 691 57.68 94.49 -20.92
C ASN N 691 58.49 95.57 -20.21
N ASN N 692 59.47 96.14 -20.85
CA ASN N 692 60.41 97.09 -20.21
C ASN N 692 60.73 98.19 -21.21
N TYR N 693 60.33 99.42 -20.90
CA TYR N 693 60.47 100.55 -21.84
C TYR N 693 60.81 101.76 -21.00
N ASN N 694 61.63 102.68 -21.50
CA ASN N 694 61.90 103.94 -20.73
C ASN N 694 61.08 105.12 -21.31
N ASP N 695 60.27 105.79 -20.49
CA ASP N 695 59.39 106.95 -20.89
C ASP N 695 58.49 106.63 -22.10
N PRO N 696 57.72 105.53 -22.12
CA PRO N 696 56.94 105.18 -23.33
C PRO N 696 55.86 106.15 -23.82
N GLN N 697 55.81 106.39 -25.13
CA GLN N 697 54.78 107.30 -25.73
C GLN N 697 53.60 106.51 -26.28
N PHE N 698 53.67 105.19 -26.27
CA PHE N 698 52.60 104.33 -26.81
C PHE N 698 52.73 103.02 -26.09
N VAL N 699 51.71 102.19 -26.13
CA VAL N 699 51.85 100.82 -25.63
C VAL N 699 52.17 99.93 -26.83
N ASP N 700 53.24 99.18 -26.77
CA ASP N 700 53.61 98.15 -27.78
C ASP N 700 52.61 96.98 -27.76
N PHE N 701 52.36 96.31 -28.91
CA PHE N 701 51.37 95.21 -29.08
C PHE N 701 49.94 95.68 -28.80
N ALA N 702 49.62 96.89 -29.20
CA ALA N 702 48.29 97.50 -29.01
C ALA N 702 47.98 98.39 -30.21
N PRO N 703 46.69 98.71 -30.47
CA PRO N 703 46.34 99.71 -31.48
C PRO N 703 46.72 101.17 -31.17
N ASP N 704 46.98 101.97 -32.19
CA ASP N 704 47.26 103.43 -31.98
C ASP N 704 46.01 104.31 -32.15
N SER N 705 46.19 105.63 -32.16
CA SER N 705 45.06 106.60 -32.28
C SER N 705 44.32 106.41 -33.62
N THR N 706 45.00 106.12 -34.72
CA THR N 706 44.40 105.76 -36.03
C THR N 706 43.80 104.35 -36.07
N GLY N 707 44.10 103.47 -35.12
CA GLY N 707 43.66 102.05 -35.16
C GLY N 707 44.64 101.05 -35.74
N GLU N 708 45.86 101.43 -36.05
CA GLU N 708 46.90 100.51 -36.60
C GLU N 708 47.70 99.81 -35.49
N TYR N 709 47.82 98.48 -35.56
CA TYR N 709 48.59 97.66 -34.58
C TYR N 709 50.09 97.92 -34.62
N ARG N 710 50.72 97.96 -33.45
CA ARG N 710 52.17 98.24 -33.35
C ARG N 710 52.89 97.01 -32.78
N SER N 711 53.94 96.54 -33.45
CA SER N 711 54.77 95.39 -33.01
C SER N 711 56.26 95.71 -33.17
N THR N 712 56.86 96.54 -32.33
CA THR N 712 58.28 97.00 -32.37
C THR N 712 59.34 95.91 -32.22
N ARG N 713 59.14 94.87 -31.41
CA ARG N 713 60.22 93.88 -31.10
C ARG N 713 60.01 92.45 -31.60
N PRO N 714 61.04 91.77 -32.18
CA PRO N 714 60.97 90.34 -32.48
C PRO N 714 61.09 89.42 -31.24
N ILE N 715 60.29 88.36 -31.09
CA ILE N 715 60.45 87.55 -29.84
C ILE N 715 60.82 86.08 -30.11
N GLY N 716 61.96 85.64 -29.55
CA GLY N 716 62.46 84.26 -29.61
C GLY N 716 61.97 83.42 -28.46
N THR N 717 62.32 82.15 -28.45
CA THR N 717 61.93 81.22 -27.36
C THR N 717 62.99 80.91 -26.29
N ARG N 718 64.26 81.31 -26.40
CA ARG N 718 65.29 80.81 -25.43
C ARG N 718 65.68 81.80 -24.31
N TYR N 719 65.12 81.62 -23.11
CA TYR N 719 65.39 82.48 -21.92
C TYR N 719 65.90 81.60 -20.79
N LEU N 720 65.43 80.36 -20.74
CA LEU N 720 65.86 79.36 -19.74
C LEU N 720 67.24 78.78 -20.09
N THR N 721 67.94 78.27 -19.10
CA THR N 721 69.31 77.77 -19.27
C THR N 721 69.39 76.34 -18.79
N ARG N 722 70.20 75.53 -19.45
CA ARG N 722 70.45 74.14 -18.99
C ARG N 722 71.93 73.80 -19.06
N PRO N 723 72.48 72.94 -18.17
CA PRO N 723 73.85 72.42 -18.30
C PRO N 723 74.02 71.43 -19.47
N LEU N 724 75.20 71.35 -20.08
CA LEU N 724 75.44 70.47 -21.25
C LEU N 724 75.35 68.98 -20.86
N ASP O 209 73.96 49.25 11.97
CA ASP O 209 73.77 48.40 13.18
C ASP O 209 74.69 48.84 14.32
N GLY O 210 76.01 48.61 14.26
CA GLY O 210 76.83 48.88 15.45
C GLY O 210 78.29 49.20 15.25
N VAL O 211 78.94 49.68 16.32
CA VAL O 211 80.40 49.98 16.34
C VAL O 211 81.25 48.72 16.10
N GLY O 212 80.86 47.57 16.64
CA GLY O 212 81.64 46.31 16.55
C GLY O 212 81.27 45.42 15.41
N ASN O 213 80.34 45.83 14.55
CA ASN O 213 79.85 44.93 13.48
C ASN O 213 80.23 45.46 12.10
N ALA O 214 80.78 44.60 11.24
CA ALA O 214 81.16 44.99 9.86
C ALA O 214 79.95 45.13 8.90
N SER O 215 79.85 46.23 8.18
CA SER O 215 78.81 46.58 7.15
C SER O 215 78.86 45.71 5.87
N GLY O 216 80.03 45.31 5.40
CA GLY O 216 80.20 44.51 4.18
C GLY O 216 81.46 43.68 4.09
N ASP O 217 81.61 42.88 3.03
CA ASP O 217 82.78 42.00 2.79
C ASP O 217 83.51 42.28 1.48
N TRP O 218 84.78 41.88 1.37
CA TRP O 218 85.62 42.07 0.16
C TRP O 218 85.26 41.11 -0.97
N HIS O 219 84.93 41.64 -2.14
CA HIS O 219 84.70 40.81 -3.34
C HIS O 219 85.55 41.29 -4.52
N CYS O 220 86.55 40.52 -4.96
CA CYS O 220 87.32 40.87 -6.20
C CYS O 220 87.34 39.60 -7.06
N ASP O 221 86.59 39.56 -8.16
CA ASP O 221 86.49 38.31 -8.97
C ASP O 221 86.01 38.47 -10.41
N SER O 222 86.23 37.49 -11.28
CA SER O 222 85.65 37.43 -12.64
C SER O 222 84.93 36.09 -12.80
N THR O 223 83.72 36.06 -13.32
CA THR O 223 83.01 34.80 -13.64
C THR O 223 82.63 34.80 -15.11
N TRP O 224 82.99 33.75 -15.84
CA TRP O 224 82.69 33.62 -17.30
C TRP O 224 81.61 32.56 -17.48
N MET O 225 80.49 32.92 -18.09
CA MET O 225 79.34 32.00 -18.29
C MET O 225 78.78 32.05 -19.72
N GLY O 226 79.40 31.43 -20.72
CA GLY O 226 78.93 31.55 -22.12
C GLY O 226 79.03 32.96 -22.68
N ASP O 227 77.92 33.54 -23.11
CA ASP O 227 77.86 34.91 -23.70
C ASP O 227 78.07 36.04 -22.66
N ARG O 228 78.04 35.75 -21.37
CA ARG O 228 78.15 36.79 -20.30
C ARG O 228 79.40 36.69 -19.42
N VAL O 229 80.03 37.81 -19.10
CA VAL O 229 81.14 37.84 -18.10
C VAL O 229 80.73 38.85 -17.00
N VAL O 230 80.91 38.50 -15.71
CA VAL O 230 80.64 39.41 -14.55
C VAL O 230 81.97 39.79 -13.88
N THR O 231 82.20 41.09 -13.67
CA THR O 231 83.43 41.58 -13.00
C THR O 231 83.10 42.20 -11.64
N LYS O 232 83.83 41.83 -10.58
CA LYS O 232 83.68 42.43 -9.22
C LYS O 232 85.00 43.08 -8.81
N SER O 233 84.97 44.31 -8.31
CA SER O 233 86.17 45.06 -7.88
C SER O 233 85.96 45.72 -6.52
N THR O 234 86.88 45.56 -5.57
CA THR O 234 86.83 46.20 -4.24
C THR O 234 88.07 47.04 -4.00
N ARG O 235 87.91 48.27 -3.51
CA ARG O 235 89.04 49.18 -3.17
C ARG O 235 88.86 49.89 -1.81
N THR O 236 89.95 50.38 -1.23
CA THR O 236 89.93 51.20 0.01
C THR O 236 90.20 52.65 -0.38
N TRP O 237 89.38 53.59 0.09
CA TRP O 237 89.45 55.04 -0.23
C TRP O 237 89.63 55.95 0.99
N VAL O 238 90.20 57.13 0.79
CA VAL O 238 90.34 58.18 1.84
C VAL O 238 89.63 59.47 1.36
N LEU O 239 88.87 60.14 2.23
CA LEU O 239 88.25 61.45 1.88
C LEU O 239 88.75 62.63 2.72
N PRO O 240 89.38 63.65 2.10
CA PRO O 240 89.72 64.89 2.79
C PRO O 240 88.56 65.84 3.03
N SER O 241 88.66 66.74 4.00
CA SER O 241 87.61 67.80 4.14
C SER O 241 88.03 68.98 3.23
N TYR O 242 87.56 69.04 1.99
CA TYR O 242 87.99 70.06 0.99
C TYR O 242 87.37 71.44 1.18
N ASN O 243 88.16 72.50 1.12
CA ASN O 243 87.68 73.91 1.13
C ASN O 243 87.33 74.36 2.55
N ASN O 244 87.60 73.54 3.57
CA ASN O 244 87.23 73.82 4.99
C ASN O 244 85.72 74.08 5.11
N HIS O 245 84.89 73.24 4.45
CA HIS O 245 83.39 73.33 4.53
C HIS O 245 82.78 74.53 3.77
N GLN O 246 83.46 75.04 2.76
CA GLN O 246 83.00 76.25 2.04
C GLN O 246 82.97 76.08 0.51
N TYR O 247 82.17 76.87 -0.19
CA TYR O 247 82.08 76.88 -1.68
C TYR O 247 82.86 78.08 -2.12
N ARG O 248 83.75 77.93 -3.09
CA ARG O 248 84.61 79.05 -3.54
C ARG O 248 84.46 79.38 -5.04
N GLU O 249 84.32 80.67 -5.36
CA GLU O 249 84.32 81.08 -6.79
C GLU O 249 85.74 80.97 -7.35
N ILE O 250 85.89 80.34 -8.51
CA ILE O 250 87.21 80.08 -9.15
C ILE O 250 87.21 80.68 -10.56
N LYS O 251 88.33 81.21 -11.01
CA LYS O 251 88.35 81.88 -12.33
C LYS O 251 89.76 81.94 -12.92
N SER O 252 89.87 82.05 -14.23
CA SER O 252 91.20 82.27 -14.85
C SER O 252 91.17 83.28 -16.00
N GLY O 253 92.23 84.07 -16.17
CA GLY O 253 92.48 84.90 -17.36
C GLY O 253 93.33 84.10 -18.37
N SER O 254 93.83 84.74 -19.42
CA SER O 254 94.72 84.10 -20.44
C SER O 254 96.05 83.59 -19.84
N VAL O 255 96.49 82.38 -20.19
CA VAL O 255 97.72 81.77 -19.61
C VAL O 255 98.48 81.04 -20.74
N ASP O 256 99.81 81.04 -20.71
CA ASP O 256 100.68 80.37 -21.74
C ASP O 256 100.39 80.98 -23.11
N GLY O 257 100.04 82.26 -23.16
CA GLY O 257 99.71 82.94 -24.42
C GLY O 257 98.30 82.69 -24.95
N SER O 258 97.41 82.00 -24.24
CA SER O 258 96.08 81.71 -24.87
C SER O 258 94.85 82.16 -24.09
N ASN O 259 93.91 82.86 -24.74
CA ASN O 259 92.57 83.25 -24.16
C ASN O 259 91.61 82.05 -24.07
N ALA O 260 91.86 80.94 -24.78
CA ALA O 260 91.07 79.68 -24.73
C ALA O 260 91.20 79.08 -23.33
N ASN O 261 92.30 79.38 -22.65
CA ASN O 261 92.58 79.05 -21.21
C ASN O 261 91.62 79.72 -20.21
N ALA O 262 91.12 80.94 -20.44
CA ALA O 262 90.19 81.69 -19.54
C ALA O 262 88.86 80.97 -19.23
N TYR O 263 88.41 81.02 -17.97
CA TYR O 263 87.15 80.37 -17.50
C TYR O 263 86.60 81.05 -16.24
N PHE O 264 85.32 80.86 -15.94
CA PHE O 264 84.66 81.30 -14.68
C PHE O 264 83.98 80.03 -14.09
N GLY O 265 84.12 79.78 -12.79
CA GLY O 265 83.60 78.55 -12.17
C GLY O 265 83.45 78.51 -10.66
N TYR O 266 82.96 77.38 -10.13
CA TYR O 266 82.84 77.15 -8.67
C TYR O 266 83.62 75.89 -8.20
N SER O 267 84.28 75.95 -7.04
CA SER O 267 84.91 74.75 -6.38
C SER O 267 84.01 74.37 -5.19
N THR O 268 83.89 73.09 -4.90
CA THR O 268 82.93 72.60 -3.88
C THR O 268 83.57 71.80 -2.77
N PRO O 269 82.93 71.70 -1.59
CA PRO O 269 83.36 70.86 -0.48
C PRO O 269 83.35 69.34 -0.71
N TRP O 270 82.54 68.82 -1.62
CA TRP O 270 82.34 67.41 -1.98
C TRP O 270 83.42 66.70 -2.81
N GLY O 271 83.44 65.38 -2.75
CA GLY O 271 84.31 64.50 -3.54
C GLY O 271 83.45 63.49 -4.27
N TYR O 272 83.98 62.88 -5.31
CA TYR O 272 83.18 61.95 -6.16
C TYR O 272 83.94 60.65 -6.46
N PHE O 273 83.21 59.59 -6.80
CA PHE O 273 83.79 58.27 -7.21
C PHE O 273 83.74 58.12 -8.74
N ASP O 274 84.85 57.82 -9.41
CA ASP O 274 84.97 57.62 -10.87
C ASP O 274 85.43 56.18 -11.20
N PHE O 275 84.67 55.46 -12.01
CA PHE O 275 85.05 54.09 -12.46
C PHE O 275 85.23 54.00 -14.00
N ASN O 276 85.34 55.10 -14.77
CA ASN O 276 85.39 55.01 -16.25
C ASN O 276 86.82 54.71 -16.77
N ARG O 277 87.43 53.60 -16.36
CA ARG O 277 88.71 53.09 -16.89
C ARG O 277 88.55 51.57 -16.91
N PHE O 278 89.02 50.87 -17.94
CA PHE O 278 88.95 49.37 -18.07
C PHE O 278 89.77 48.62 -16.98
N HIS O 279 90.96 49.09 -16.60
CA HIS O 279 91.89 48.49 -15.59
C HIS O 279 91.20 48.48 -14.21
N SER O 280 90.24 49.35 -13.95
CA SER O 280 89.40 49.38 -12.72
C SER O 280 88.58 48.07 -12.59
N HIS O 281 88.08 47.51 -13.67
CA HIS O 281 87.28 46.25 -13.69
C HIS O 281 88.02 45.01 -14.22
N TRP O 282 89.13 45.14 -14.92
CA TRP O 282 89.74 44.00 -15.64
C TRP O 282 91.17 43.70 -15.25
N SER O 283 91.46 42.44 -14.92
CA SER O 283 92.85 41.98 -14.70
C SER O 283 93.57 41.91 -16.06
N PRO O 284 94.90 42.01 -16.11
CA PRO O 284 95.61 41.86 -17.37
C PRO O 284 95.43 40.48 -18.02
N ARG O 285 95.41 39.38 -17.27
CA ARG O 285 95.10 38.04 -17.81
C ARG O 285 93.66 37.92 -18.36
N ASP O 286 92.66 38.47 -17.69
CA ASP O 286 91.23 38.47 -18.14
C ASP O 286 91.05 39.27 -19.44
N TRP O 287 91.75 40.39 -19.56
CA TRP O 287 91.74 41.21 -20.79
C TRP O 287 92.33 40.45 -21.99
N GLN O 288 93.40 39.68 -21.80
CA GLN O 288 94.01 38.81 -22.83
C GLN O 288 93.05 37.70 -23.28
N ARG O 289 92.30 37.12 -22.37
CA ARG O 289 91.29 36.10 -22.70
C ARG O 289 90.19 36.67 -23.61
N LEU O 290 89.68 37.87 -23.33
CA LEU O 290 88.70 38.53 -24.23
C LEU O 290 89.19 38.96 -25.63
N ILE O 291 90.37 39.56 -25.74
CA ILE O 291 90.94 40.09 -27.03
C ILE O 291 91.26 38.93 -28.00
N ASN O 292 91.78 37.84 -27.49
CA ASN O 292 92.11 36.60 -28.22
C ASN O 292 90.89 35.85 -28.80
N ASN O 293 89.75 35.79 -28.10
CA ASN O 293 88.61 34.88 -28.47
C ASN O 293 87.26 35.47 -28.90
N TYR O 294 87.06 36.78 -28.92
CA TYR O 294 85.70 37.34 -29.19
C TYR O 294 85.68 38.44 -30.24
N TRP O 295 84.67 38.46 -31.11
CA TRP O 295 84.42 39.56 -32.08
C TRP O 295 84.02 40.92 -31.44
N GLY O 296 83.21 40.91 -30.39
CA GLY O 296 82.71 42.14 -29.77
C GLY O 296 82.29 42.03 -28.33
N PHE O 297 82.18 43.18 -27.66
CA PHE O 297 81.69 43.22 -26.25
C PHE O 297 80.84 44.49 -26.01
N ARG O 298 79.89 44.49 -25.07
CA ARG O 298 79.11 45.70 -24.65
C ARG O 298 78.75 45.68 -23.13
N PRO O 299 78.65 46.82 -22.41
CA PRO O 299 78.12 46.87 -21.03
C PRO O 299 76.60 46.68 -20.83
N ARG O 300 76.16 46.01 -19.78
CA ARG O 300 74.71 45.73 -19.54
C ARG O 300 74.22 46.28 -18.19
N SER O 301 74.90 45.97 -17.09
CA SER O 301 74.42 46.37 -15.74
C SER O 301 75.53 46.85 -14.81
N LEU O 302 75.19 47.74 -13.88
CA LEU O 302 76.15 48.22 -12.83
C LEU O 302 75.55 48.17 -11.41
N ARG O 303 76.29 47.68 -10.41
CA ARG O 303 75.89 47.72 -8.97
C ARG O 303 77.01 48.35 -8.13
N VAL O 304 76.69 49.31 -7.25
CA VAL O 304 77.69 49.98 -6.34
C VAL O 304 77.33 49.87 -4.84
N LYS O 305 78.28 49.51 -3.99
CA LYS O 305 78.11 49.49 -2.50
C LYS O 305 79.23 50.31 -1.79
N ILE O 306 78.86 51.16 -0.83
CA ILE O 306 79.84 51.93 0.03
C ILE O 306 79.64 51.46 1.49
N PHE O 307 80.70 51.05 2.21
CA PHE O 307 80.60 50.36 3.53
C PHE O 307 81.87 50.49 4.41
N ASN O 308 81.81 50.05 5.68
CA ASN O 308 82.92 50.05 6.69
C ASN O 308 83.48 51.45 6.94
N ILE O 309 82.59 52.42 7.06
CA ILE O 309 82.94 53.85 7.24
C ILE O 309 83.66 54.12 8.59
N GLN O 310 84.71 54.94 8.56
CA GLN O 310 85.47 55.32 9.76
C GLN O 310 85.79 56.82 9.72
N VAL O 311 85.34 57.58 10.70
CA VAL O 311 85.57 59.04 10.77
C VAL O 311 86.63 59.31 11.85
N LYS O 312 87.64 60.10 11.51
CA LYS O 312 88.79 60.40 12.41
C LYS O 312 88.93 61.90 12.67
N GLU O 313 89.28 62.27 13.90
CA GLU O 313 89.51 63.70 14.25
C GLU O 313 91.01 63.91 14.47
N VAL O 314 91.55 64.98 13.89
CA VAL O 314 92.99 65.27 13.99
C VAL O 314 93.15 66.52 14.88
N THR O 315 94.02 66.44 15.88
CA THR O 315 94.23 67.56 16.81
C THR O 315 95.70 67.87 16.92
N VAL O 316 96.06 69.15 16.93
CA VAL O 316 97.50 69.49 17.15
C VAL O 316 97.68 70.32 18.44
N GLN O 317 98.52 69.87 19.37
CA GLN O 317 98.89 70.72 20.53
C GLN O 317 100.41 70.81 20.54
N ASP O 318 100.97 72.01 20.37
CA ASP O 318 102.45 72.18 20.45
C ASP O 318 103.16 71.21 19.49
N SER O 319 102.61 70.97 18.29
CA SER O 319 103.28 70.14 17.24
C SER O 319 103.14 68.61 17.43
N THR O 320 102.39 68.11 18.41
CA THR O 320 102.16 66.64 18.58
C THR O 320 101.39 65.96 17.44
N THR O 321 100.34 66.56 16.86
CA THR O 321 99.47 65.92 15.82
C THR O 321 98.82 64.56 16.17
N THR O 322 98.14 64.40 17.31
CA THR O 322 97.37 63.16 17.63
C THR O 322 96.15 62.92 16.72
N ILE O 323 95.87 61.66 16.37
CA ILE O 323 94.69 61.25 15.54
C ILE O 323 93.78 60.30 16.33
N ALA O 324 92.46 60.51 16.35
CA ALA O 324 91.51 59.68 17.12
C ALA O 324 90.20 59.40 16.38
N ASN O 325 89.53 58.30 16.71
CA ASN O 325 88.18 57.99 16.16
C ASN O 325 87.07 58.86 16.72
N ASN O 326 86.15 59.33 15.88
CA ASN O 326 84.91 60.00 16.39
C ASN O 326 83.74 59.10 15.99
N LEU O 327 83.11 58.41 16.93
CA LEU O 327 81.96 57.49 16.73
C LEU O 327 80.67 58.15 16.25
N THR O 328 80.37 59.33 16.75
CA THR O 328 79.08 60.03 16.47
C THR O 328 79.10 60.89 15.20
N SER O 329 80.23 61.06 14.52
CA SER O 329 80.35 61.84 13.25
C SER O 329 79.71 61.14 12.02
N THR O 330 79.26 61.92 11.03
CA THR O 330 78.53 61.39 9.84
C THR O 330 79.19 61.70 8.50
N VAL O 331 78.88 60.90 7.50
CA VAL O 331 79.30 61.12 6.08
C VAL O 331 77.98 61.27 5.30
N GLN O 332 77.93 62.11 4.26
CA GLN O 332 76.73 62.35 3.40
C GLN O 332 76.92 61.87 1.94
N VAL O 333 76.01 61.06 1.42
CA VAL O 333 76.13 60.44 0.06
C VAL O 333 74.86 60.63 -0.79
N PHE O 334 75.00 60.95 -2.08
CA PHE O 334 73.85 61.05 -3.05
C PHE O 334 74.24 60.69 -4.50
N THR O 335 73.27 60.32 -5.32
CA THR O 335 73.45 60.07 -6.78
C THR O 335 72.63 61.07 -7.57
N ASP O 336 73.21 61.68 -8.62
CA ASP O 336 72.49 62.66 -9.51
C ASP O 336 71.74 61.94 -10.64
N ASP O 337 70.60 61.34 -10.33
CA ASP O 337 69.77 60.52 -11.28
C ASP O 337 69.16 61.26 -12.50
N ASP O 338 68.71 62.50 -12.35
CA ASP O 338 68.04 63.28 -13.43
C ASP O 338 69.01 64.16 -14.22
N TYR O 339 70.31 64.11 -13.97
CA TYR O 339 71.38 64.83 -14.74
C TYR O 339 71.26 66.35 -14.63
N GLN O 340 70.76 66.84 -13.52
CA GLN O 340 70.67 68.27 -13.20
C GLN O 340 72.05 68.94 -13.07
N LEU O 341 73.01 68.27 -12.46
CA LEU O 341 74.40 68.77 -12.31
C LEU O 341 75.24 68.68 -13.57
N PRO O 342 76.26 69.55 -13.72
CA PRO O 342 77.23 69.36 -14.79
C PRO O 342 77.99 68.02 -14.65
N TYR O 343 78.15 67.24 -15.72
CA TYR O 343 78.78 65.89 -15.66
C TYR O 343 80.24 65.97 -16.10
N VAL O 344 81.14 65.74 -15.16
CA VAL O 344 82.60 65.90 -15.42
C VAL O 344 83.29 64.54 -15.57
N VAL O 345 82.57 63.42 -15.43
CA VAL O 345 83.14 62.04 -15.44
C VAL O 345 83.81 61.59 -16.78
N GLY O 346 83.33 61.95 -17.95
CA GLY O 346 83.80 61.38 -19.25
C GLY O 346 84.87 62.16 -20.01
N ASN O 347 85.68 62.98 -19.36
CA ASN O 347 86.65 63.93 -19.98
C ASN O 347 88.14 63.53 -19.83
N GLY O 348 88.51 62.25 -19.60
CA GLY O 348 89.90 61.75 -19.44
C GLY O 348 90.70 62.28 -18.29
N THR O 349 90.06 62.48 -17.15
CA THR O 349 90.69 63.04 -15.94
C THR O 349 91.09 61.97 -14.94
N GLU O 350 92.09 62.26 -14.13
CA GLU O 350 92.61 61.37 -13.04
C GLU O 350 91.71 61.27 -11.80
N GLY O 351 91.93 60.29 -10.92
CA GLY O 351 91.06 60.01 -9.74
C GLY O 351 90.15 58.81 -9.81
N CYS O 352 90.23 57.97 -10.85
CA CYS O 352 89.47 56.69 -10.95
C CYS O 352 90.04 55.61 -10.00
N LEU O 353 89.28 54.55 -9.76
CA LEU O 353 89.75 53.43 -8.91
C LEU O 353 91.02 52.82 -9.53
N PRO O 354 92.01 52.46 -8.69
CA PRO O 354 93.27 51.93 -9.20
C PRO O 354 93.31 50.58 -9.94
N ALA O 355 94.24 50.40 -10.87
CA ALA O 355 94.44 49.13 -11.63
C ALA O 355 94.80 47.96 -10.69
N PHE O 356 95.60 48.18 -9.64
CA PHE O 356 96.07 47.10 -8.73
C PHE O 356 95.20 47.13 -7.47
N PRO O 357 94.50 46.00 -7.12
CA PRO O 357 93.60 45.92 -5.96
C PRO O 357 94.07 46.36 -4.57
N PRO O 358 95.31 46.07 -4.11
CA PRO O 358 95.88 46.54 -2.84
C PRO O 358 96.11 48.07 -2.69
N GLN O 359 96.25 48.81 -3.78
CA GLN O 359 96.52 50.27 -3.75
C GLN O 359 95.37 51.08 -3.10
N VAL O 360 95.73 52.08 -2.30
CA VAL O 360 94.73 52.89 -1.54
C VAL O 360 94.69 54.28 -2.19
N PHE O 361 93.50 54.83 -2.42
CA PHE O 361 93.40 56.09 -3.20
C PHE O 361 92.61 57.26 -2.56
N THR O 362 93.05 58.48 -2.86
CA THR O 362 92.32 59.72 -2.50
C THR O 362 91.25 60.06 -3.53
N LEU O 363 90.03 60.37 -3.08
CA LEU O 363 88.93 60.85 -3.98
C LEU O 363 89.18 62.26 -4.53
N PRO O 364 88.88 62.48 -5.83
CA PRO O 364 88.94 63.82 -6.41
C PRO O 364 87.90 64.85 -5.90
N GLN O 365 88.28 66.12 -5.79
CA GLN O 365 87.30 67.21 -5.45
C GLN O 365 86.44 67.64 -6.66
N TYR O 366 85.12 67.76 -6.49
CA TYR O 366 84.17 68.27 -7.52
C TYR O 366 84.26 69.78 -7.78
N GLY O 367 84.17 70.17 -9.05
CA GLY O 367 84.23 71.55 -9.51
C GLY O 367 83.67 71.60 -10.90
N TYR O 368 83.37 72.79 -11.43
CA TYR O 368 82.82 72.95 -12.80
C TYR O 368 83.13 74.31 -13.37
N ALA O 369 83.07 74.45 -14.68
CA ALA O 369 83.16 75.76 -15.36
C ALA O 369 81.80 76.10 -15.95
N THR O 370 81.30 77.32 -15.73
CA THR O 370 80.08 77.87 -16.38
C THR O 370 80.52 78.81 -17.49
N LEU O 371 79.66 79.74 -17.88
CA LEU O 371 79.97 80.78 -18.91
C LEU O 371 80.95 81.87 -18.45
N ASN O 372 81.74 82.37 -19.38
CA ASN O 372 82.74 83.45 -19.10
C ASN O 372 82.48 84.53 -20.17
N ARG O 373 82.78 85.79 -19.87
CA ARG O 373 82.44 86.89 -20.81
C ARG O 373 83.62 87.39 -21.64
N ASP O 374 83.50 87.37 -22.97
CA ASP O 374 84.51 87.89 -23.94
C ASP O 374 85.92 87.30 -23.81
N ASN O 375 86.04 85.99 -23.57
CA ASN O 375 87.36 85.31 -23.39
C ASN O 375 88.15 85.95 -22.24
N THR O 376 87.48 86.27 -21.12
CA THR O 376 88.06 86.89 -19.89
C THR O 376 87.59 86.11 -18.65
N GLU O 377 88.12 86.37 -17.45
CA GLU O 377 87.76 85.68 -16.16
C GLU O 377 86.37 86.06 -15.60
N ASN O 378 85.75 87.14 -16.08
CA ASN O 378 84.40 87.62 -15.66
C ASN O 378 83.21 86.76 -16.10
N PRO O 379 82.16 86.65 -15.26
CA PRO O 379 80.89 86.02 -15.61
C PRO O 379 79.85 86.78 -16.49
N THR O 380 78.79 86.11 -16.90
CA THR O 380 77.68 86.63 -17.72
C THR O 380 76.39 86.46 -16.93
N GLU O 381 75.30 87.12 -17.33
CA GLU O 381 73.94 86.97 -16.73
C GLU O 381 73.43 85.53 -16.88
N ARG O 382 73.70 84.85 -17.97
CA ARG O 382 73.39 83.42 -18.22
C ARG O 382 74.18 82.46 -17.30
N SER O 383 75.33 82.88 -16.74
CA SER O 383 76.21 82.04 -15.89
C SER O 383 75.46 81.52 -14.64
N SER O 384 75.64 80.26 -14.28
CA SER O 384 74.84 79.53 -13.26
C SER O 384 75.62 79.02 -12.03
N PHE O 385 74.99 79.09 -10.87
CA PHE O 385 75.54 78.54 -9.61
C PHE O 385 74.69 77.34 -9.19
N PHE O 386 75.33 76.25 -8.84
CA PHE O 386 74.63 75.05 -8.34
C PHE O 386 75.05 74.70 -6.92
N CYS O 387 74.10 74.50 -6.01
CA CYS O 387 74.33 74.03 -4.62
C CYS O 387 74.04 72.52 -4.47
N LEU O 388 75.00 71.70 -4.03
CA LEU O 388 74.85 70.23 -3.77
C LEU O 388 73.93 69.95 -2.57
N GLU O 389 73.96 70.80 -1.54
CA GLU O 389 73.15 70.66 -0.31
C GLU O 389 71.66 70.86 -0.60
N TYR O 390 71.30 71.48 -1.71
CA TYR O 390 69.90 71.63 -2.19
C TYR O 390 69.29 70.25 -2.51
N PHE O 391 70.02 69.31 -3.06
CA PHE O 391 69.57 67.91 -3.29
C PHE O 391 69.42 67.12 -1.99
N PRO O 392 68.50 66.15 -1.88
CA PRO O 392 68.49 65.22 -0.74
C PRO O 392 69.66 64.17 -0.66
N SER O 393 70.24 63.89 0.52
CA SER O 393 71.35 62.92 0.70
C SER O 393 71.18 61.96 1.90
N LYS O 394 71.67 60.73 1.79
CA LYS O 394 71.72 59.78 2.94
C LYS O 394 72.80 60.20 3.95
N MET O 395 72.55 60.05 5.25
CA MET O 395 73.55 60.35 6.31
C MET O 395 74.01 59.04 6.97
N LEU O 396 75.34 58.83 7.04
CA LEU O 396 75.87 57.55 7.58
C LEU O 396 76.83 57.69 8.74
N ARG O 397 76.58 56.97 9.82
CA ARG O 397 77.54 56.77 10.94
C ARG O 397 78.38 55.48 10.64
N THR O 398 79.31 55.09 11.52
CA THR O 398 80.22 53.89 11.39
C THR O 398 79.50 52.57 11.14
N GLY O 399 78.34 52.31 11.74
CA GLY O 399 77.43 51.16 11.47
C GLY O 399 76.80 51.10 10.10
N ASN O 400 76.45 52.23 9.49
CA ASN O 400 75.67 52.38 8.22
C ASN O 400 76.35 52.08 6.87
N ASN O 401 75.58 51.74 5.85
CA ASN O 401 76.06 51.40 4.47
C ASN O 401 75.15 52.04 3.39
N PHE O 402 75.65 52.21 2.16
CA PHE O 402 74.87 52.73 1.01
C PHE O 402 74.94 51.79 -0.21
N GLU O 403 73.83 51.59 -0.93
CA GLU O 403 73.82 50.77 -2.18
C GLU O 403 73.09 51.45 -3.36
N PHE O 404 73.56 51.26 -4.60
CA PHE O 404 72.87 51.76 -5.85
C PHE O 404 72.89 50.69 -6.99
N THR O 405 71.89 50.68 -7.87
CA THR O 405 71.82 49.78 -9.07
C THR O 405 71.52 50.58 -10.34
N TYR O 406 72.14 50.24 -11.48
CA TYR O 406 71.90 50.91 -12.79
C TYR O 406 71.80 49.92 -13.96
N ASN O 407 70.99 50.23 -14.99
CA ASN O 407 70.91 49.44 -16.25
C ASN O 407 71.35 50.30 -17.42
N PHE O 408 72.23 49.79 -18.26
CA PHE O 408 72.71 50.53 -19.46
C PHE O 408 71.64 50.48 -20.55
N GLU O 409 71.52 51.52 -21.36
CA GLU O 409 70.63 51.55 -22.56
C GLU O 409 71.19 50.64 -23.67
N GLU O 410 70.35 50.20 -24.61
CA GLU O 410 70.88 49.42 -25.75
C GLU O 410 71.92 50.25 -26.53
N VAL O 411 73.05 49.64 -26.83
CA VAL O 411 74.18 50.33 -27.51
C VAL O 411 74.78 49.30 -28.48
N PRO O 412 75.41 49.71 -29.59
CA PRO O 412 76.12 48.75 -30.45
C PRO O 412 77.38 48.12 -29.81
N PHE O 413 77.68 46.86 -30.12
CA PHE O 413 78.91 46.18 -29.63
C PHE O 413 80.17 46.83 -30.19
N HIS O 414 81.24 46.98 -29.42
CA HIS O 414 82.56 47.43 -29.95
C HIS O 414 83.09 46.35 -30.89
N SER O 415 83.79 46.73 -31.96
CA SER O 415 84.36 45.75 -32.92
C SER O 415 85.80 45.36 -32.58
N SER O 416 86.01 44.19 -31.97
CA SER O 416 87.35 43.65 -31.63
C SER O 416 87.88 42.75 -32.77
N PHE O 417 88.14 43.32 -33.93
CA PHE O 417 88.64 42.55 -35.09
C PHE O 417 89.35 43.51 -36.04
N ALA O 418 90.22 42.95 -36.87
CA ALA O 418 90.92 43.71 -37.92
C ALA O 418 90.44 43.18 -39.27
N PRO O 419 90.17 44.05 -40.26
CA PRO O 419 89.85 43.58 -41.61
C PRO O 419 90.95 42.80 -42.37
N SER O 420 90.55 41.72 -43.03
CA SER O 420 91.48 40.88 -43.83
C SER O 420 91.48 41.27 -45.32
N GLN O 421 90.68 42.26 -45.73
CA GLN O 421 90.67 42.77 -47.14
C GLN O 421 90.73 44.29 -47.24
N ASN O 422 91.37 44.81 -48.27
CA ASN O 422 91.36 46.25 -48.65
C ASN O 422 89.98 46.64 -49.24
N LEU O 423 89.48 47.84 -48.94
CA LEU O 423 88.16 48.37 -49.42
C LEU O 423 88.12 48.49 -50.95
N PHE O 424 89.23 48.87 -51.58
CA PHE O 424 89.36 49.01 -53.05
C PHE O 424 89.75 47.71 -53.83
N LYS O 425 90.00 46.55 -53.20
CA LYS O 425 90.45 45.28 -53.85
C LYS O 425 89.38 44.16 -53.79
N LEU O 426 88.07 44.45 -53.82
CA LEU O 426 86.96 43.45 -53.62
C LEU O 426 86.47 42.71 -54.88
N ALA O 427 86.85 43.14 -56.07
CA ALA O 427 86.50 42.42 -57.31
C ALA O 427 87.30 41.12 -57.36
N ASN O 428 86.75 40.07 -57.99
CA ASN O 428 87.49 38.80 -58.18
C ASN O 428 88.75 39.11 -59.01
N PRO O 429 89.92 38.61 -58.58
CA PRO O 429 91.16 38.79 -59.32
C PRO O 429 91.20 38.13 -60.74
N LEU O 430 90.61 36.96 -60.95
CA LEU O 430 90.45 36.19 -62.22
C LEU O 430 89.55 36.80 -63.29
N VAL O 431 88.47 37.48 -62.95
CA VAL O 431 87.44 37.95 -63.93
C VAL O 431 87.43 39.47 -64.25
N ASP O 432 87.37 39.83 -65.54
CA ASP O 432 87.21 41.24 -66.02
C ASP O 432 85.82 41.84 -65.80
N GLN O 433 85.73 43.14 -65.59
CA GLN O 433 84.45 43.88 -65.49
C GLN O 433 83.73 44.08 -66.85
N TYR O 434 82.41 44.15 -66.90
CA TYR O 434 81.66 44.53 -68.14
C TYR O 434 81.56 46.07 -68.28
N LEU O 435 82.51 46.82 -67.75
CA LEU O 435 82.45 48.30 -67.68
C LEU O 435 83.68 48.92 -68.33
N TYR O 436 83.54 50.13 -68.87
CA TYR O 436 84.62 50.76 -69.65
C TYR O 436 84.95 52.15 -69.14
N ARG O 437 86.17 52.60 -69.38
CA ARG O 437 86.66 53.92 -68.88
C ARG O 437 87.25 54.75 -70.03
N PHE O 438 87.21 56.08 -69.89
CA PHE O 438 87.85 56.97 -70.88
C PHE O 438 89.32 57.05 -70.60
N VAL O 439 90.11 56.82 -71.63
CA VAL O 439 91.58 56.88 -71.48
C VAL O 439 92.26 57.90 -72.39
N SER O 440 91.58 58.38 -73.43
CA SER O 440 92.32 59.15 -74.45
C SER O 440 91.52 60.05 -75.42
N THR O 441 92.22 60.95 -76.07
CA THR O 441 91.64 61.76 -77.15
C THR O 441 92.61 61.58 -78.34
N ASN O 442 92.14 61.51 -79.58
CA ASN O 442 92.99 61.39 -80.81
C ASN O 442 93.51 62.76 -81.32
N ASN O 443 94.20 62.80 -82.48
CA ASN O 443 94.80 64.05 -83.03
C ASN O 443 93.68 65.08 -83.28
N THR O 444 92.52 64.68 -83.76
CA THR O 444 91.32 65.54 -83.75
C THR O 444 90.81 65.17 -82.39
N GLY O 445 90.32 66.06 -81.56
CA GLY O 445 90.10 65.62 -80.15
C GLY O 445 88.90 64.72 -79.92
N GLY O 446 88.93 63.49 -80.45
CA GLY O 446 87.82 62.52 -80.34
C GLY O 446 88.04 61.53 -79.24
N VAL O 447 87.05 61.29 -78.39
CA VAL O 447 87.17 60.42 -77.18
C VAL O 447 87.40 58.92 -77.48
N GLN O 448 88.21 58.27 -76.64
CA GLN O 448 88.58 56.84 -76.83
C GLN O 448 88.38 56.08 -75.51
N PHE O 449 88.06 54.79 -75.59
CA PHE O 449 87.72 53.99 -74.38
C PHE O 449 88.42 52.63 -74.34
N ASN O 450 88.64 52.10 -73.13
CA ASN O 450 89.25 50.76 -72.92
C ASN O 450 88.45 50.01 -71.88
N LYS O 451 88.36 48.69 -71.98
CA LYS O 451 87.71 47.80 -70.98
C LYS O 451 88.53 47.64 -69.70
N ASN O 452 87.87 47.38 -68.58
CA ASN O 452 88.57 47.19 -67.28
C ASN O 452 88.97 45.72 -67.10
N LEU O 453 90.26 45.43 -67.03
CA LEU O 453 90.83 44.06 -66.90
C LEU O 453 90.86 43.48 -65.47
N ALA O 454 90.97 42.16 -65.36
CA ALA O 454 91.03 41.46 -64.05
C ALA O 454 92.27 41.83 -63.22
N GLY O 455 92.07 42.16 -61.93
CA GLY O 455 93.14 42.51 -60.98
C GLY O 455 93.66 43.94 -61.08
N ARG O 456 93.14 44.76 -61.98
CA ARG O 456 93.61 46.17 -62.20
C ARG O 456 92.83 47.10 -61.23
N TYR O 457 93.14 47.08 -59.93
CA TYR O 457 92.42 47.81 -58.83
C TYR O 457 92.55 49.32 -58.98
N ALA O 458 93.63 49.79 -59.59
CA ALA O 458 93.82 51.20 -59.90
C ALA O 458 92.68 51.72 -60.81
N ASN O 459 92.16 50.94 -61.76
CA ASN O 459 91.16 51.38 -62.78
C ASN O 459 89.78 50.73 -62.71
N THR O 460 89.22 50.36 -61.58
CA THR O 460 88.01 49.52 -61.45
C THR O 460 86.89 50.38 -60.90
N TYR O 461 85.66 50.16 -61.31
CA TYR O 461 84.47 50.87 -60.77
C TYR O 461 84.30 50.44 -59.32
N LYS O 462 83.95 51.38 -58.45
CA LYS O 462 83.85 51.10 -56.99
C LYS O 462 82.48 51.45 -56.40
N ASN O 463 81.85 50.55 -55.66
CA ASN O 463 80.61 50.84 -54.85
C ASN O 463 80.77 51.74 -53.63
N TRP O 464 81.86 51.64 -52.88
CA TRP O 464 81.98 52.23 -51.54
C TRP O 464 83.21 53.08 -51.36
N PHE O 465 83.14 54.01 -50.44
CA PHE O 465 84.22 55.02 -50.28
C PHE O 465 84.71 55.03 -48.86
N PRO O 466 85.98 55.43 -48.66
CA PRO O 466 86.55 55.60 -47.33
C PRO O 466 86.01 56.75 -46.49
N GLY O 467 86.17 56.69 -45.17
CA GLY O 467 85.67 57.69 -44.21
C GLY O 467 86.38 59.04 -44.18
N PRO O 468 85.80 60.04 -43.50
CA PRO O 468 86.32 61.41 -43.49
C PRO O 468 87.73 61.69 -42.92
N MET O 469 88.45 62.63 -43.53
CA MET O 469 89.85 62.89 -43.13
C MET O 469 90.21 64.38 -42.99
N GLY O 470 91.10 64.77 -42.07
CA GLY O 470 91.71 66.13 -42.02
C GLY O 470 93.21 65.99 -41.88
N ARG O 471 94.05 66.63 -42.68
CA ARG O 471 95.53 66.39 -42.59
C ARG O 471 96.19 66.85 -41.25
N THR O 472 97.03 66.01 -40.65
CA THR O 472 97.75 66.27 -39.37
C THR O 472 99.22 65.94 -39.55
N GLN O 473 100.13 66.71 -38.96
CA GLN O 473 101.59 66.54 -39.18
C GLN O 473 102.13 65.18 -38.69
N GLY O 474 103.06 64.60 -39.44
CA GLY O 474 103.68 63.31 -39.08
C GLY O 474 105.09 63.47 -38.56
N TRP O 475 105.39 62.80 -37.44
CA TRP O 475 106.73 62.86 -36.80
C TRP O 475 107.34 61.45 -36.68
N ASN O 476 108.61 61.32 -37.04
CA ASN O 476 109.34 60.02 -36.94
C ASN O 476 109.71 59.69 -35.49
N LEU O 477 109.73 58.41 -35.14
CA LEU O 477 110.04 57.91 -33.78
C LEU O 477 111.21 56.93 -33.93
N GLY O 478 111.93 56.61 -32.86
CA GLY O 478 113.12 55.73 -32.98
C GLY O 478 114.23 56.35 -33.81
N SER O 479 114.63 55.69 -34.90
CA SER O 479 115.70 56.21 -35.77
C SER O 479 115.25 57.56 -36.35
N GLY O 480 113.99 57.73 -36.75
CA GLY O 480 113.49 59.10 -37.03
C GLY O 480 114.19 59.89 -38.10
N VAL O 481 114.71 61.08 -37.78
CA VAL O 481 115.32 62.06 -38.76
C VAL O 481 114.42 63.33 -38.92
N ASN O 482 113.63 63.70 -37.92
CA ASN O 482 112.77 64.95 -37.88
C ASN O 482 113.52 66.28 -37.73
N ARG O 483 112.88 67.42 -38.08
CA ARG O 483 113.44 68.81 -37.96
C ARG O 483 113.74 69.27 -36.51
N ALA O 484 114.88 69.94 -36.30
CA ALA O 484 115.39 70.36 -34.97
C ALA O 484 114.82 71.65 -34.37
N SER O 485 114.81 71.76 -33.03
CA SER O 485 114.45 73.00 -32.28
C SER O 485 113.07 73.59 -32.60
N VAL O 486 112.05 72.76 -32.73
CA VAL O 486 110.69 73.24 -33.12
C VAL O 486 109.79 73.49 -31.91
N SER O 487 109.04 74.60 -31.90
CA SER O 487 107.97 74.79 -30.90
C SER O 487 106.68 74.38 -31.61
N ALA O 488 106.00 73.35 -31.14
CA ALA O 488 104.81 72.74 -31.81
C ALA O 488 103.53 73.58 -31.94
N PHE O 489 103.13 74.43 -30.98
CA PHE O 489 101.77 75.03 -30.89
C PHE O 489 101.27 75.91 -32.07
N ALA O 490 102.09 76.75 -32.69
CA ALA O 490 101.65 77.65 -33.79
C ALA O 490 101.16 76.84 -35.00
N THR O 491 101.79 75.71 -35.31
CA THR O 491 101.46 74.89 -36.50
C THR O 491 100.50 73.74 -36.21
N THR O 492 99.95 73.62 -35.00
CA THR O 492 98.98 72.56 -34.62
C THR O 492 97.59 72.76 -35.22
N ASN O 493 96.81 71.69 -35.36
CA ASN O 493 95.39 71.74 -35.84
C ASN O 493 94.47 72.44 -34.84
N ARG O 494 93.53 73.25 -35.31
CA ARG O 494 92.68 74.04 -34.38
C ARG O 494 91.24 74.21 -34.87
N MET O 495 90.29 74.42 -33.96
CA MET O 495 88.89 74.77 -34.30
C MET O 495 88.57 76.07 -33.54
N GLU O 496 87.76 76.98 -34.11
CA GLU O 496 87.47 78.30 -33.49
C GLU O 496 86.07 78.30 -32.85
N LEU O 497 85.95 78.63 -31.55
CA LEU O 497 84.63 78.76 -30.86
C LEU O 497 84.56 80.09 -30.12
N GLU O 498 83.51 80.90 -30.27
CA GLU O 498 83.25 82.15 -29.47
C GLU O 498 84.41 83.15 -29.51
N GLY O 499 85.11 83.32 -30.62
CA GLY O 499 86.29 84.19 -30.66
C GLY O 499 87.62 83.62 -30.16
N ALA O 500 87.74 82.33 -29.83
CA ALA O 500 89.07 81.79 -29.42
C ALA O 500 89.49 80.56 -30.25
N SER O 501 90.78 80.32 -30.40
CA SER O 501 91.33 79.14 -31.15
C SER O 501 91.66 78.01 -30.16
N TYR O 502 91.15 76.83 -30.43
CA TYR O 502 91.36 75.68 -29.51
C TYR O 502 92.03 74.51 -30.18
N GLN O 503 93.02 73.95 -29.53
CA GLN O 503 93.56 72.66 -30.01
C GLN O 503 92.48 71.61 -29.71
N VAL O 504 92.32 70.64 -30.58
CA VAL O 504 91.31 69.55 -30.43
C VAL O 504 92.19 68.30 -30.55
N PRO O 505 92.94 67.93 -29.47
CA PRO O 505 93.97 66.91 -29.52
C PRO O 505 93.58 65.53 -29.93
N PRO O 506 92.44 64.87 -29.62
CA PRO O 506 92.14 63.61 -30.30
C PRO O 506 91.56 64.19 -31.60
N GLN O 507 91.96 63.75 -32.77
CA GLN O 507 91.23 64.30 -33.96
C GLN O 507 89.86 63.57 -34.10
N PRO O 508 88.90 63.99 -34.95
CA PRO O 508 87.65 63.25 -35.19
C PRO O 508 87.80 61.85 -35.90
N ASN O 509 86.91 60.86 -35.69
CA ASN O 509 87.03 59.46 -36.24
C ASN O 509 87.08 59.26 -37.77
N GLY O 510 87.63 58.13 -38.25
CA GLY O 510 87.78 57.78 -39.69
C GLY O 510 89.17 57.84 -40.27
N MET O 511 90.18 58.06 -39.45
CA MET O 511 91.57 58.08 -39.94
C MET O 511 92.49 57.07 -39.24
N THR O 512 93.66 56.79 -39.81
CA THR O 512 94.71 55.99 -39.13
C THR O 512 95.96 56.86 -38.93
N ASN O 513 96.49 56.95 -37.70
CA ASN O 513 97.78 57.63 -37.33
C ASN O 513 99.07 56.98 -37.88
N ASN O 514 99.20 55.67 -37.95
CA ASN O 514 100.47 54.96 -38.32
C ASN O 514 100.20 53.91 -39.41
N LEU O 515 101.05 53.82 -40.44
CA LEU O 515 100.93 52.78 -41.52
C LEU O 515 101.17 51.27 -41.15
N GLN O 516 102.14 50.85 -40.35
CA GLN O 516 102.51 49.42 -40.04
C GLN O 516 103.99 49.31 -40.44
N GLY O 517 104.81 48.68 -39.59
CA GLY O 517 106.24 48.91 -39.88
C GLY O 517 106.31 50.41 -39.61
N SER O 518 106.69 51.24 -40.56
CA SER O 518 106.81 52.72 -40.44
C SER O 518 106.95 53.34 -39.04
N ASN O 519 107.83 54.33 -38.96
CA ASN O 519 108.08 55.05 -37.69
C ASN O 519 107.45 56.44 -37.75
N THR O 520 106.64 56.73 -38.77
CA THR O 520 105.88 58.00 -38.85
C THR O 520 104.56 57.89 -38.12
N TYR O 521 104.30 58.84 -37.24
CA TYR O 521 103.05 58.87 -36.44
C TYR O 521 102.49 60.25 -36.51
N ALA O 522 101.19 60.33 -36.67
CA ALA O 522 100.58 61.67 -36.54
C ALA O 522 100.25 61.82 -35.05
N LEU O 523 101.04 62.61 -34.31
CA LEU O 523 100.98 62.72 -32.82
C LEU O 523 99.65 63.29 -32.26
N GLU O 524 99.03 64.25 -32.94
CA GLU O 524 97.74 64.84 -32.51
C GLU O 524 96.54 63.91 -32.84
N ASN O 525 96.74 62.81 -33.55
CA ASN O 525 95.69 61.78 -33.78
C ASN O 525 95.91 60.55 -32.87
N THR O 526 96.83 60.59 -31.91
CA THR O 526 97.17 59.40 -31.09
C THR O 526 96.90 59.61 -29.61
N MET O 527 96.33 58.61 -28.94
CA MET O 527 96.23 58.60 -27.46
C MET O 527 97.63 58.36 -26.86
N ILE O 528 98.10 59.25 -26.00
CA ILE O 528 99.42 59.11 -25.31
C ILE O 528 99.20 58.94 -23.80
N PHE O 529 99.83 57.95 -23.19
CA PHE O 529 99.63 57.59 -21.76
C PHE O 529 100.98 57.46 -21.07
N ASN O 530 101.00 57.53 -19.75
CA ASN O 530 102.22 57.31 -18.92
C ASN O 530 102.10 55.93 -18.25
N SER O 531 103.17 55.14 -18.21
CA SER O 531 103.20 53.84 -17.49
C SER O 531 102.98 54.05 -15.99
N GLN O 532 103.56 55.09 -15.41
CA GLN O 532 103.46 55.41 -13.96
C GLN O 532 102.58 56.63 -13.71
N PRO O 533 101.83 56.72 -12.59
CA PRO O 533 101.08 57.91 -12.22
C PRO O 533 101.99 59.10 -11.89
N ALA O 534 101.49 60.31 -12.10
CA ALA O 534 102.31 61.54 -11.93
C ALA O 534 101.77 62.46 -10.83
N ASN O 535 102.67 63.23 -10.24
CA ASN O 535 102.29 64.26 -9.24
C ASN O 535 101.53 65.41 -9.93
N PRO O 536 100.56 66.05 -9.25
CA PRO O 536 99.85 67.18 -9.84
C PRO O 536 100.66 68.43 -10.18
N GLY O 537 100.39 69.04 -11.34
CA GLY O 537 101.05 70.28 -11.76
C GLY O 537 102.42 70.13 -12.36
N THR O 538 102.86 68.91 -12.64
CA THR O 538 104.23 68.70 -13.16
C THR O 538 104.39 69.43 -14.49
N THR O 539 105.53 70.09 -14.70
CA THR O 539 105.87 70.76 -15.97
C THR O 539 107.08 70.09 -16.61
N ALA O 540 107.48 68.92 -16.13
CA ALA O 540 108.67 68.18 -16.63
C ALA O 540 108.58 67.71 -18.09
N THR O 541 109.68 67.79 -18.85
CA THR O 541 109.72 67.24 -20.22
C THR O 541 109.76 65.72 -20.17
N TYR O 542 109.07 65.06 -21.08
CA TYR O 542 109.10 63.59 -21.19
C TYR O 542 109.55 63.17 -22.56
N LEU O 543 110.53 62.28 -22.63
CA LEU O 543 110.98 61.67 -23.90
C LEU O 543 110.08 60.46 -24.27
N GLU O 544 110.24 59.91 -25.47
CA GLU O 544 109.42 58.79 -26.02
C GLU O 544 109.50 57.50 -25.19
N GLY O 545 110.67 57.16 -24.62
CA GLY O 545 110.85 55.93 -23.84
C GLY O 545 109.96 55.88 -22.63
N ASN O 546 109.76 56.98 -21.93
CA ASN O 546 108.78 57.06 -20.81
C ASN O 546 107.33 56.87 -21.28
N MET O 547 106.94 57.36 -22.46
CA MET O 547 105.52 57.36 -22.90
C MET O 547 104.98 56.04 -23.48
N LEU O 548 103.67 55.81 -23.36
CA LEU O 548 103.03 54.65 -24.03
C LEU O 548 102.26 55.22 -25.23
N ILE O 549 102.67 54.89 -26.46
CA ILE O 549 102.06 55.50 -27.68
C ILE O 549 101.29 54.43 -28.49
N THR O 550 100.02 54.66 -28.73
CA THR O 550 99.11 53.75 -29.47
C THR O 550 99.24 53.84 -30.99
N SER O 551 98.89 52.77 -31.69
CA SER O 551 98.89 52.71 -33.18
C SER O 551 97.53 52.20 -33.64
N GLU O 552 97.01 52.73 -34.74
CA GLU O 552 95.68 52.34 -35.30
C GLU O 552 95.92 51.60 -36.64
N SER O 553 97.07 50.99 -36.86
CA SER O 553 97.50 50.36 -38.14
C SER O 553 96.56 49.23 -38.62
N GLU O 554 95.83 48.55 -37.75
CA GLU O 554 94.83 47.50 -38.10
C GLU O 554 93.70 48.07 -38.98
N THR O 555 93.28 49.31 -38.81
CA THR O 555 92.16 49.97 -39.54
C THR O 555 92.60 50.53 -40.90
N GLN O 556 93.86 50.43 -41.28
CA GLN O 556 94.45 51.01 -42.53
C GLN O 556 93.77 50.47 -43.80
N PRO O 557 93.35 49.18 -43.93
CA PRO O 557 92.56 48.73 -45.08
C PRO O 557 91.28 49.55 -45.40
N VAL O 558 90.59 50.17 -44.42
CA VAL O 558 89.44 51.12 -44.61
C VAL O 558 89.64 52.57 -44.13
N ASN O 559 90.75 52.96 -43.51
CA ASN O 559 90.87 54.32 -42.93
C ASN O 559 92.04 55.05 -43.57
N ARG O 560 91.81 56.27 -44.02
CA ARG O 560 92.88 57.07 -44.68
C ARG O 560 93.97 57.51 -43.68
N VAL O 561 95.21 57.61 -44.14
CA VAL O 561 96.34 58.10 -43.30
C VAL O 561 96.29 59.62 -43.06
N ALA O 562 96.41 60.07 -41.80
CA ALA O 562 96.34 61.50 -41.37
C ALA O 562 97.46 62.38 -41.92
N TYR O 563 98.69 61.90 -41.96
CA TYR O 563 99.87 62.67 -42.47
C TYR O 563 99.75 63.00 -43.98
N ASN O 564 99.22 62.10 -44.79
CA ASN O 564 99.10 62.24 -46.27
C ASN O 564 97.91 63.08 -46.76
N VAL O 565 97.95 63.62 -47.99
CA VAL O 565 96.78 64.28 -48.68
C VAL O 565 95.68 63.23 -49.01
N GLY O 566 94.40 63.57 -48.93
CA GLY O 566 93.23 62.71 -49.25
C GLY O 566 93.01 62.22 -50.68
N GLY O 567 93.23 63.05 -51.71
CA GLY O 567 92.90 62.71 -53.10
C GLY O 567 93.03 63.91 -53.99
N GLN O 568 92.56 63.83 -55.25
CA GLN O 568 92.59 64.95 -56.23
C GLN O 568 91.21 65.16 -56.90
N MET O 569 90.86 66.40 -57.28
CA MET O 569 89.60 66.76 -57.99
C MET O 569 89.90 67.75 -59.14
N ALA O 570 89.02 67.87 -60.15
CA ALA O 570 89.18 68.81 -61.30
C ALA O 570 89.08 70.30 -60.91
N THR O 571 89.97 71.11 -61.47
CA THR O 571 90.04 72.56 -61.15
C THR O 571 89.75 73.46 -62.37
N ASN O 572 89.36 72.92 -63.51
CA ASN O 572 89.25 73.72 -64.76
C ASN O 572 88.32 73.06 -65.77
N ASN O 573 88.05 73.74 -66.87
CA ASN O 573 87.31 73.14 -68.01
C ASN O 573 88.30 73.00 -69.16
N GLN O 574 88.45 71.80 -69.73
CA GLN O 574 89.34 71.53 -70.90
C GLN O 574 88.75 72.16 -72.18
N SER O 575 89.61 72.52 -73.13
CA SER O 575 89.19 73.14 -74.41
C SER O 575 90.32 72.84 -75.41
N SER O 576 90.11 73.10 -76.69
CA SER O 576 91.24 72.91 -77.64
C SER O 576 92.40 73.82 -77.23
N THR O 577 92.14 75.06 -76.82
CA THR O 577 93.16 75.97 -76.25
C THR O 577 93.72 75.51 -74.91
N THR O 578 92.91 74.94 -74.00
CA THR O 578 93.37 74.63 -72.63
C THR O 578 93.46 73.15 -72.25
N ALA O 579 94.61 72.71 -71.75
CA ALA O 579 94.78 71.34 -71.22
C ALA O 579 94.03 71.12 -69.90
N PRO O 580 93.55 69.90 -69.60
CA PRO O 580 92.93 69.60 -68.32
C PRO O 580 93.84 69.68 -67.08
N ALA O 581 93.33 70.09 -65.91
CA ALA O 581 94.12 70.28 -64.66
C ALA O 581 93.45 69.67 -63.43
N THR O 582 94.23 69.23 -62.45
CA THR O 582 93.70 68.68 -61.17
C THR O 582 94.33 69.37 -59.99
N GLY O 583 93.67 69.31 -58.83
CA GLY O 583 94.28 69.82 -57.58
C GLY O 583 94.09 68.88 -56.40
N THR O 584 95.09 68.74 -55.53
CA THR O 584 94.97 67.93 -54.27
C THR O 584 94.15 68.63 -53.20
N TYR O 585 93.49 67.87 -52.33
CA TYR O 585 92.73 68.41 -51.16
C TYR O 585 93.32 67.90 -49.80
N ASN O 586 93.33 68.72 -48.74
CA ASN O 586 93.89 68.35 -47.39
C ASN O 586 92.78 67.94 -46.41
N LEU O 587 91.51 68.16 -46.77
CA LEU O 587 90.37 67.77 -45.90
C LEU O 587 89.15 67.30 -46.71
N GLN O 588 88.39 66.35 -46.19
CA GLN O 588 87.11 65.91 -46.81
C GLN O 588 86.20 65.44 -45.68
N GLU O 589 84.89 65.49 -45.86
CA GLU O 589 83.92 65.14 -44.80
C GLU O 589 83.02 64.04 -45.35
N ILE O 590 81.98 63.67 -44.62
CA ILE O 590 81.09 62.52 -44.98
C ILE O 590 80.40 62.67 -46.35
N VAL O 591 80.36 61.57 -47.09
CA VAL O 591 79.73 61.51 -48.43
C VAL O 591 78.83 60.27 -48.37
N PRO O 592 77.74 60.17 -49.16
CA PRO O 592 76.95 58.94 -49.18
C PRO O 592 77.74 57.71 -49.69
N GLY O 593 77.53 56.53 -49.10
CA GLY O 593 78.33 55.33 -49.41
C GLY O 593 79.65 55.23 -48.64
N SER O 594 79.89 56.12 -47.69
CA SER O 594 81.09 56.16 -46.80
C SER O 594 81.12 55.03 -45.74
N VAL O 595 82.27 54.38 -45.58
CA VAL O 595 82.49 53.29 -44.57
C VAL O 595 83.78 53.60 -43.79
N TRP O 596 83.81 53.34 -42.49
CA TRP O 596 85.02 53.54 -41.64
C TRP O 596 84.99 52.67 -40.38
N MET O 597 86.11 52.57 -39.70
CA MET O 597 86.22 51.89 -38.39
C MET O 597 86.47 52.91 -37.27
N GLU O 598 85.76 52.80 -36.15
CA GLU O 598 85.95 53.66 -34.94
C GLU O 598 87.26 53.31 -34.20
N ARG O 599 87.77 54.24 -33.40
CA ARG O 599 89.01 54.04 -32.59
C ARG O 599 88.89 52.86 -31.60
N ASP O 600 89.99 52.12 -31.41
CA ASP O 600 90.07 50.97 -30.48
C ASP O 600 90.11 51.36 -29.00
N VAL O 601 89.52 50.53 -28.15
CA VAL O 601 89.62 50.67 -26.66
C VAL O 601 90.96 50.10 -26.13
N TYR O 602 91.40 50.59 -24.98
CA TYR O 602 92.66 50.13 -24.33
C TYR O 602 92.34 49.78 -22.89
N LEU O 603 93.10 48.90 -22.27
CA LEU O 603 92.92 48.54 -20.83
C LEU O 603 93.16 49.81 -19.95
N GLN O 604 94.15 50.62 -20.24
CA GLN O 604 94.45 51.95 -19.62
C GLN O 604 93.35 53.01 -19.91
N GLY O 605 92.63 52.92 -21.01
CA GLY O 605 91.57 53.86 -21.45
C GLY O 605 90.17 53.89 -20.86
N PRO O 606 89.39 54.96 -21.14
CA PRO O 606 87.96 55.05 -20.78
C PRO O 606 86.83 54.25 -21.43
N ILE O 607 85.87 53.70 -20.69
CA ILE O 607 84.63 53.06 -21.25
C ILE O 607 83.55 53.95 -21.91
N TRP O 608 83.16 55.07 -21.32
CA TRP O 608 81.99 55.84 -21.81
C TRP O 608 82.14 57.35 -21.80
N ALA O 609 81.29 58.06 -22.54
CA ALA O 609 81.20 59.54 -22.53
C ALA O 609 79.72 59.91 -22.62
N LYS O 610 79.34 61.04 -22.02
CA LYS O 610 77.96 61.56 -22.11
C LYS O 610 77.74 62.37 -23.39
N ILE O 611 76.69 62.06 -24.14
CA ILE O 611 76.30 62.89 -25.32
C ILE O 611 75.77 64.24 -24.80
N PRO O 612 76.22 65.39 -25.34
CA PRO O 612 75.71 66.71 -24.93
C PRO O 612 74.29 67.03 -25.36
N GLU O 613 73.50 67.71 -24.54
CA GLU O 613 72.07 67.95 -24.88
C GLU O 613 71.88 69.29 -25.64
N THR O 614 71.77 69.23 -26.97
CA THR O 614 71.61 70.42 -27.83
C THR O 614 70.35 70.29 -28.64
N GLY O 615 69.80 69.09 -28.72
CA GLY O 615 68.68 68.75 -29.60
C GLY O 615 69.09 68.32 -31.01
N ALA O 616 70.36 68.45 -31.41
CA ALA O 616 70.84 67.95 -32.72
C ALA O 616 72.24 67.33 -32.65
N HIS O 617 72.45 66.17 -33.25
CA HIS O 617 73.79 65.52 -33.29
C HIS O 617 73.89 64.57 -34.48
N PHE O 618 75.10 64.24 -34.90
CA PHE O 618 75.32 63.20 -35.94
C PHE O 618 76.25 62.11 -35.44
N HIS O 619 75.90 60.82 -35.59
CA HIS O 619 76.78 59.64 -35.31
C HIS O 619 77.53 59.79 -33.99
N PRO O 620 76.93 59.36 -32.86
CA PRO O 620 77.49 59.70 -31.55
C PRO O 620 78.50 58.78 -30.85
N SER O 621 79.66 58.70 -31.46
CA SER O 621 80.76 57.87 -30.93
C SER O 621 81.85 58.83 -30.45
N PRO O 622 82.30 58.78 -29.17
CA PRO O 622 83.31 59.72 -28.70
C PRO O 622 84.73 59.57 -29.29
N ALA O 623 85.44 60.67 -29.50
CA ALA O 623 86.76 60.67 -30.16
C ALA O 623 87.86 59.89 -29.41
N MET O 624 87.93 59.96 -28.09
CA MET O 624 88.89 59.22 -27.23
C MET O 624 88.65 57.71 -27.36
N GLY O 625 87.42 57.27 -27.56
CA GLY O 625 87.05 55.86 -27.69
C GLY O 625 85.88 55.51 -26.79
N GLY O 626 85.34 54.30 -26.91
CA GLY O 626 84.24 53.84 -26.05
C GLY O 626 82.81 54.03 -26.48
N PHE O 627 81.89 54.05 -25.54
CA PHE O 627 80.43 54.08 -25.80
C PHE O 627 79.83 55.44 -25.45
N GLY O 628 79.07 56.01 -26.39
CA GLY O 628 78.41 57.30 -26.19
C GLY O 628 77.02 57.09 -25.67
N LEU O 629 76.72 57.68 -24.53
CA LEU O 629 75.41 57.41 -23.87
C LEU O 629 74.58 58.66 -23.62
N LYS O 630 73.31 58.65 -24.02
CA LYS O 630 72.36 59.73 -23.65
C LYS O 630 72.12 59.77 -22.13
N HIS O 631 71.98 58.62 -21.49
CA HIS O 631 71.78 58.53 -20.02
C HIS O 631 72.90 57.69 -19.41
N PRO O 632 74.03 58.33 -19.08
CA PRO O 632 75.20 57.65 -18.51
C PRO O 632 75.11 57.18 -17.05
N PRO O 633 75.97 56.28 -16.57
CA PRO O 633 75.91 55.91 -15.17
C PRO O 633 76.10 57.21 -14.35
N PRO O 634 75.25 57.48 -13.33
CA PRO O 634 75.26 58.76 -12.63
C PRO O 634 76.37 59.19 -11.69
N MET O 635 76.59 60.50 -11.55
CA MET O 635 77.58 61.06 -10.58
C MET O 635 77.26 60.69 -9.12
N MET O 636 78.28 60.21 -8.41
CA MET O 636 78.15 59.79 -6.98
C MET O 636 78.99 60.75 -6.14
N LEU O 637 78.37 61.44 -5.20
CA LEU O 637 79.01 62.54 -4.43
C LEU O 637 79.02 62.24 -2.93
N ILE O 638 80.16 62.44 -2.29
CA ILE O 638 80.32 62.19 -0.83
C ILE O 638 80.97 63.40 -0.14
N LYS O 639 80.48 63.75 1.04
CA LYS O 639 81.12 64.84 1.84
C LYS O 639 81.20 64.48 3.34
N ASN O 640 82.13 65.10 4.05
CA ASN O 640 82.18 64.99 5.53
C ASN O 640 81.25 66.07 6.12
N THR O 641 80.35 65.72 7.02
CA THR O 641 79.48 66.71 7.69
C THR O 641 80.29 67.68 8.56
N PRO O 642 80.04 69.01 8.47
CA PRO O 642 80.68 69.96 9.37
C PRO O 642 80.41 69.70 10.84
N VAL O 643 81.47 69.64 11.62
CA VAL O 643 81.30 69.49 13.10
C VAL O 643 81.93 70.75 13.73
N PRO O 644 81.12 71.58 14.42
CA PRO O 644 81.63 72.80 15.04
C PRO O 644 82.59 72.81 16.24
N GLY O 645 83.49 73.79 16.33
CA GLY O 645 84.38 74.05 17.47
C GLY O 645 83.63 74.78 18.58
N ASN O 646 84.22 74.99 19.75
CA ASN O 646 83.43 75.56 20.89
C ASN O 646 82.95 76.98 20.61
N ILE O 647 81.65 77.22 20.76
CA ILE O 647 81.05 78.57 20.54
C ILE O 647 80.37 78.96 21.86
N THR O 648 80.69 80.12 22.43
CA THR O 648 80.15 80.51 23.76
C THR O 648 79.17 81.66 23.66
N SER O 649 79.07 82.33 22.53
CA SER O 649 78.21 83.53 22.37
C SER O 649 77.38 83.47 21.08
N PHE O 650 76.21 84.10 21.04
CA PHE O 650 75.36 84.20 19.84
C PHE O 650 75.83 85.21 18.78
N SER O 651 75.81 84.83 17.49
CA SER O 651 76.01 85.81 16.41
C SER O 651 75.09 85.46 15.24
N ASP O 652 74.57 86.44 14.54
CA ASP O 652 73.87 86.25 13.24
C ASP O 652 74.88 85.74 12.21
N VAL O 653 76.14 86.22 12.27
CA VAL O 653 77.20 85.80 11.32
C VAL O 653 77.49 84.30 11.43
N PRO O 654 77.58 83.55 10.30
CA PRO O 654 77.82 82.11 10.30
C PRO O 654 79.14 81.61 10.91
N VAL O 655 79.09 80.45 11.55
CA VAL O 655 80.31 79.88 12.18
C VAL O 655 81.38 79.51 11.14
N SER O 656 82.61 79.91 11.41
CA SER O 656 83.78 79.62 10.57
C SER O 656 84.78 78.70 11.29
N SER O 657 84.48 78.25 12.51
CA SER O 657 85.42 77.43 13.32
C SER O 657 84.87 76.00 13.47
N PHE O 658 85.65 75.03 13.01
CA PHE O 658 85.17 73.62 12.98
C PHE O 658 86.26 72.70 13.43
N ILE O 659 85.92 71.55 14.01
CA ILE O 659 86.98 70.52 14.30
C ILE O 659 87.52 69.89 13.00
N THR O 660 88.83 69.62 12.88
CA THR O 660 89.46 69.00 11.68
C THR O 660 89.25 67.50 11.60
N GLN O 661 88.72 66.99 10.48
CA GLN O 661 88.30 65.57 10.34
C GLN O 661 88.55 64.98 8.94
N TYR O 662 88.66 63.66 8.82
CA TYR O 662 88.82 62.95 7.52
C TYR O 662 88.03 61.64 7.60
N SER O 663 87.69 61.06 6.45
CA SER O 663 86.96 59.76 6.43
C SER O 663 87.66 58.69 5.57
N THR O 664 87.43 57.42 5.90
CA THR O 664 88.00 56.27 5.16
C THR O 664 86.97 55.15 5.05
N GLY O 665 87.05 54.29 4.04
CA GLY O 665 86.14 53.15 3.88
C GLY O 665 86.46 52.22 2.72
N GLN O 666 85.54 51.32 2.40
CA GLN O 666 85.64 50.38 1.24
C GLN O 666 84.51 50.58 0.21
N VAL O 667 84.83 50.47 -1.08
CA VAL O 667 83.82 50.56 -2.18
C VAL O 667 83.87 49.29 -3.06
N THR O 668 82.71 48.73 -3.40
CA THR O 668 82.62 47.59 -4.33
C THR O 668 81.85 47.96 -5.59
N VAL O 669 82.36 47.66 -6.79
CA VAL O 669 81.63 47.84 -8.10
C VAL O 669 81.46 46.48 -8.82
N GLU O 670 80.25 46.14 -9.22
CA GLU O 670 79.93 44.91 -9.97
C GLU O 670 79.38 45.28 -11.36
N MET O 671 79.96 44.73 -12.42
CA MET O 671 79.54 45.03 -13.81
C MET O 671 79.26 43.77 -14.63
N GLU O 672 78.21 43.81 -15.44
CA GLU O 672 77.87 42.69 -16.35
C GLU O 672 78.17 43.09 -17.80
N TRP O 673 78.78 42.19 -18.57
CA TRP O 673 79.15 42.44 -19.97
C TRP O 673 78.57 41.39 -20.91
N GLU O 674 78.11 41.80 -22.09
CA GLU O 674 77.62 40.86 -23.13
C GLU O 674 78.72 40.65 -24.18
N LEU O 675 78.96 39.41 -24.58
CA LEU O 675 80.04 39.03 -25.51
C LEU O 675 79.52 38.56 -26.87
N LYS O 676 80.21 38.91 -27.95
CA LYS O 676 79.87 38.36 -29.29
C LYS O 676 80.96 37.35 -29.70
N LYS O 677 80.57 36.11 -29.95
CA LYS O 677 81.48 35.00 -30.38
C LYS O 677 82.06 35.07 -31.81
N GLU O 678 83.31 34.68 -31.98
CA GLU O 678 83.91 34.53 -33.33
C GLU O 678 83.29 33.35 -34.10
N ASN O 679 83.05 33.47 -35.39
CA ASN O 679 82.50 32.39 -36.29
C ASN O 679 83.39 32.23 -37.53
N SER O 680 84.72 32.32 -37.40
CA SER O 680 85.69 32.29 -38.54
C SER O 680 85.83 30.96 -39.30
N LYS O 681 86.02 31.03 -40.63
CA LYS O 681 86.33 29.85 -41.47
C LYS O 681 87.80 29.89 -41.95
N ARG O 682 88.64 30.78 -41.46
CA ARG O 682 90.11 30.88 -41.78
C ARG O 682 90.94 29.63 -41.37
N TRP O 683 91.53 28.92 -42.32
CA TRP O 683 92.34 27.70 -42.11
C TRP O 683 93.66 27.88 -41.35
N ASN O 684 94.40 28.91 -41.69
CA ASN O 684 95.71 29.25 -41.10
C ASN O 684 95.59 29.89 -39.71
N PRO O 685 96.64 29.76 -38.86
CA PRO O 685 96.66 30.42 -37.56
C PRO O 685 96.70 31.97 -37.48
N GLU O 686 95.95 32.55 -36.57
CA GLU O 686 95.88 34.00 -36.29
C GLU O 686 96.92 34.66 -35.37
N ILE O 687 97.05 35.98 -35.42
CA ILE O 687 97.85 36.79 -34.45
C ILE O 687 97.17 36.85 -33.07
N GLN O 688 97.93 36.76 -31.98
CA GLN O 688 97.42 36.78 -30.57
C GLN O 688 98.32 37.62 -29.67
N TYR O 689 97.78 38.26 -28.63
CA TYR O 689 98.59 38.95 -27.60
C TYR O 689 99.28 37.87 -26.73
N THR O 690 100.58 38.02 -26.51
CA THR O 690 101.34 37.03 -25.74
C THR O 690 102.29 37.74 -24.79
N ASN O 691 102.67 37.05 -23.72
CA ASN O 691 103.73 37.59 -22.82
C ASN O 691 105.03 37.15 -23.47
N ASN O 692 105.78 38.06 -24.07
CA ASN O 692 106.99 37.71 -24.85
C ASN O 692 108.04 38.78 -24.59
N TYR O 693 109.15 38.38 -23.98
CA TYR O 693 110.19 39.34 -23.55
C TYR O 693 111.52 38.64 -23.77
N ASN O 694 112.56 39.37 -24.15
CA ASN O 694 113.91 38.73 -24.26
C ASN O 694 114.79 39.07 -23.05
N ASP O 695 115.31 38.06 -22.33
CA ASP O 695 116.17 38.22 -21.11
C ASP O 695 115.53 39.13 -20.04
N PRO O 696 114.26 38.92 -19.60
CA PRO O 696 113.64 39.85 -18.66
C PRO O 696 114.26 40.04 -17.26
N GLN O 697 114.36 41.29 -16.81
CA GLN O 697 114.93 41.58 -15.46
C GLN O 697 113.82 41.77 -14.42
N PHE O 698 112.57 41.76 -14.84
CA PHE O 698 111.42 41.97 -13.93
C PHE O 698 110.26 41.30 -14.59
N VAL O 699 109.20 41.04 -13.86
CA VAL O 699 107.95 40.57 -14.48
C VAL O 699 107.07 41.81 -14.70
N ASP O 700 106.62 42.03 -15.91
CA ASP O 700 105.63 43.09 -16.25
C ASP O 700 104.25 42.78 -15.65
N PHE O 701 103.45 43.80 -15.28
CA PHE O 701 102.11 43.68 -14.61
C PHE O 701 102.24 43.01 -13.24
N ALA O 702 103.29 43.32 -12.51
CA ALA O 702 103.56 42.78 -11.17
C ALA O 702 104.24 43.86 -10.32
N PRO O 703 104.20 43.74 -8.97
CA PRO O 703 104.98 44.64 -8.12
C PRO O 703 106.51 44.47 -8.16
N ASP O 704 107.26 45.53 -7.92
CA ASP O 704 108.76 45.43 -7.85
C ASP O 704 109.28 45.25 -6.41
N SER O 705 110.60 45.34 -6.23
CA SER O 705 111.24 45.15 -4.89
C SER O 705 110.75 46.22 -3.90
N THR O 706 110.54 47.47 -4.32
CA THR O 706 109.93 48.55 -3.50
C THR O 706 108.42 48.40 -3.32
N GLY O 707 107.72 47.56 -4.08
CA GLY O 707 106.25 47.46 -4.04
C GLY O 707 105.47 48.27 -5.05
N GLU O 708 106.13 48.92 -6.00
CA GLU O 708 105.45 49.72 -7.06
C GLU O 708 105.07 48.87 -8.29
N TYR O 709 103.82 48.95 -8.73
CA TYR O 709 103.30 48.21 -9.92
C TYR O 709 103.92 48.67 -11.24
N ARG O 710 104.23 47.73 -12.11
CA ARG O 710 104.86 48.04 -13.42
C ARG O 710 103.92 47.68 -14.56
N SER O 711 103.66 48.61 -15.48
CA SER O 711 102.80 48.39 -16.67
C SER O 711 103.47 48.97 -17.92
N THR O 712 104.49 48.34 -18.48
CA THR O 712 105.29 48.79 -19.67
C THR O 712 104.52 48.93 -20.98
N ARG O 713 103.54 48.08 -21.28
CA ARG O 713 102.89 48.07 -22.63
C ARG O 713 101.41 48.47 -22.69
N PRO O 714 100.96 49.30 -23.67
CA PRO O 714 99.54 49.54 -23.90
C PRO O 714 98.79 48.38 -24.59
N ILE O 715 97.58 47.99 -24.16
CA ILE O 715 96.95 46.82 -24.86
C ILE O 715 95.61 47.16 -25.52
N GLY O 716 95.51 46.94 -26.84
CA GLY O 716 94.30 47.11 -27.65
C GLY O 716 93.47 45.86 -27.73
N THR O 717 92.33 45.93 -28.40
CA THR O 717 91.44 44.77 -28.57
C THR O 717 91.50 44.03 -29.92
N ARG O 718 92.20 44.50 -30.96
CA ARG O 718 92.05 43.84 -32.31
C ARG O 718 93.21 42.89 -32.70
N TYR O 719 93.00 41.58 -32.55
CA TYR O 719 93.99 40.53 -32.89
C TYR O 719 93.38 39.57 -33.89
N LEU O 720 92.07 39.37 -33.80
CA LEU O 720 91.30 38.52 -34.73
C LEU O 720 91.06 39.24 -36.07
N THR O 721 90.82 38.47 -37.11
CA THR O 721 90.68 39.01 -38.47
C THR O 721 89.36 38.55 -39.06
N ARG O 722 88.72 39.39 -39.85
CA ARG O 722 87.48 39.01 -40.57
C ARG O 722 87.52 39.48 -42.01
N PRO O 723 86.91 38.77 -42.99
CA PRO O 723 86.74 39.27 -44.36
C PRO O 723 85.72 40.42 -44.47
N LEU O 724 85.89 41.33 -45.42
CA LEU O 724 84.99 42.51 -45.56
C LEU O 724 83.57 42.10 -45.98
N ASP P 209 67.09 9.89 -58.65
CA ASP P 209 66.33 8.67 -59.02
C ASP P 209 67.09 7.84 -60.06
N GLY P 210 67.18 8.26 -61.33
CA GLY P 210 67.75 7.35 -62.34
C GLY P 210 68.41 7.96 -63.55
N VAL P 211 69.14 7.12 -64.31
CA VAL P 211 69.79 7.51 -65.59
C VAL P 211 68.77 7.96 -66.64
N GLY P 212 67.61 7.32 -66.74
CA GLY P 212 66.59 7.60 -67.77
C GLY P 212 65.53 8.58 -67.36
N ASN P 213 65.62 9.15 -66.16
CA ASN P 213 64.53 10.03 -65.66
C ASN P 213 65.02 11.47 -65.51
N ALA P 214 64.27 12.43 -66.02
CA ALA P 214 64.60 13.87 -65.89
C ALA P 214 64.35 14.46 -64.49
N SER P 215 65.33 15.14 -63.91
CA SER P 215 65.30 15.84 -62.58
C SER P 215 64.37 17.07 -62.51
N GLY P 216 64.24 17.84 -63.58
CA GLY P 216 63.40 19.05 -63.62
C GLY P 216 62.91 19.48 -64.99
N ASP P 217 62.09 20.52 -65.06
CA ASP P 217 61.50 21.07 -66.31
C ASP P 217 61.85 22.54 -66.57
N TRP P 218 61.77 22.99 -67.82
CA TRP P 218 62.06 24.39 -68.23
C TRP P 218 60.94 25.36 -67.85
N HIS P 219 61.27 26.40 -67.09
CA HIS P 219 60.30 27.47 -66.78
C HIS P 219 60.87 28.85 -67.13
N CYS P 220 60.34 29.55 -68.15
CA CYS P 220 60.76 30.95 -68.43
C CYS P 220 59.47 31.76 -68.56
N ASP P 221 59.14 32.61 -67.59
CA ASP P 221 57.85 33.34 -67.61
C ASP P 221 57.75 34.59 -66.73
N SER P 222 56.79 35.47 -66.98
CA SER P 222 56.47 36.62 -66.08
C SER P 222 54.98 36.56 -65.74
N THR P 223 54.60 36.71 -64.48
CA THR P 223 53.18 36.80 -64.07
C THR P 223 52.95 38.10 -63.33
N TRP P 224 51.97 38.89 -63.75
CA TRP P 224 51.64 40.20 -63.12
C TRP P 224 50.33 40.06 -62.35
N MET P 225 50.35 40.34 -61.05
CA MET P 225 49.15 40.20 -60.18
C MET P 225 48.94 41.42 -59.26
N GLY P 226 48.40 42.54 -59.74
CA GLY P 226 48.28 43.75 -58.90
C GLY P 226 49.61 44.34 -58.47
N ASP P 227 49.86 44.45 -57.18
CA ASP P 227 51.11 45.02 -56.60
C ASP P 227 52.34 44.10 -56.77
N ARG P 228 52.18 42.85 -57.16
CA ARG P 228 53.30 41.87 -57.27
C ARG P 228 53.58 41.37 -58.69
N VAL P 229 54.85 41.25 -59.06
CA VAL P 229 55.25 40.61 -60.35
C VAL P 229 56.22 39.45 -59.99
N VAL P 230 56.03 38.26 -60.59
CA VAL P 230 56.95 37.08 -60.41
C VAL P 230 57.71 36.82 -61.72
N THR P 231 59.04 36.70 -61.65
CA THR P 231 59.88 36.40 -62.83
C THR P 231 60.51 35.01 -62.72
N LYS P 232 60.44 34.19 -63.77
CA LYS P 232 61.09 32.86 -63.84
C LYS P 232 62.09 32.84 -65.01
N SER P 233 63.31 32.37 -64.78
CA SER P 233 64.37 32.30 -65.81
C SER P 233 65.08 30.95 -65.80
N THR P 234 65.23 30.29 -66.94
CA THR P 234 65.95 29.01 -67.08
C THR P 234 67.10 29.14 -68.08
N ARG P 235 68.28 28.64 -67.73
CA ARG P 235 69.47 28.65 -68.63
C ARG P 235 70.23 27.30 -68.63
N THR P 236 71.04 27.05 -69.67
CA THR P 236 71.93 25.87 -69.76
C THR P 236 73.36 26.34 -69.52
N TRP P 237 74.09 25.68 -68.63
CA TRP P 237 75.48 26.03 -68.23
C TRP P 237 76.51 24.91 -68.48
N VAL P 238 77.78 25.28 -68.64
CA VAL P 238 78.92 24.33 -68.77
C VAL P 238 79.94 24.62 -67.65
N LEU P 239 80.47 23.57 -66.99
CA LEU P 239 81.55 23.75 -65.97
C LEU P 239 82.88 23.11 -66.35
N PRO P 240 83.97 23.89 -66.50
CA PRO P 240 85.32 23.35 -66.67
C PRO P 240 85.96 22.80 -65.40
N SER P 241 86.93 21.91 -65.52
CA SER P 241 87.71 21.51 -64.30
C SER P 241 88.87 22.51 -64.14
N TYR P 242 88.70 23.57 -63.36
CA TYR P 242 89.70 24.66 -63.21
C TYR P 242 90.90 24.33 -62.33
N ASN P 243 92.11 24.63 -62.76
CA ASN P 243 93.36 24.49 -61.93
C ASN P 243 93.83 23.05 -61.87
N ASN P 244 93.20 22.13 -62.62
CA ASN P 244 93.49 20.67 -62.57
C ASN P 244 93.36 20.14 -61.13
N HIS P 245 92.30 20.53 -60.41
CA HIS P 245 92.01 20.03 -59.03
C HIS P 245 92.95 20.60 -57.94
N GLN P 246 93.53 21.77 -58.16
CA GLN P 246 94.52 22.36 -57.22
C GLN P 246 94.20 23.81 -56.83
N TYR P 247 94.70 24.27 -55.70
CA TYR P 247 94.57 25.68 -55.22
C TYR P 247 95.88 26.34 -55.51
N ARG P 248 95.87 27.52 -56.11
CA ARG P 248 97.13 28.20 -56.49
C ARG P 248 97.28 29.61 -55.86
N GLU P 249 98.45 29.89 -55.31
CA GLU P 249 98.72 31.27 -54.82
C GLU P 249 98.93 32.21 -56.02
N ILE P 250 98.26 33.35 -56.02
CA ILE P 250 98.28 34.33 -57.14
C ILE P 250 98.74 35.69 -56.61
N LYS P 251 99.49 36.45 -57.39
CA LYS P 251 100.03 37.73 -56.87
C LYS P 251 100.38 38.69 -58.01
N SER P 252 100.40 39.98 -57.73
CA SER P 252 100.88 40.95 -58.74
C SER P 252 101.76 42.06 -58.14
N GLY P 253 102.77 42.52 -58.86
CA GLY P 253 103.53 43.75 -58.57
C GLY P 253 102.88 44.95 -59.29
N SER P 254 103.53 46.11 -59.31
CA SER P 254 103.04 47.33 -60.03
C SER P 254 102.95 47.11 -61.56
N VAL P 255 101.85 47.55 -62.20
CA VAL P 255 101.62 47.33 -63.65
C VAL P 255 101.02 48.62 -64.25
N ASP P 256 101.35 48.96 -65.49
CA ASP P 256 100.84 50.18 -66.20
C ASP P 256 101.23 51.43 -65.41
N GLY P 257 102.37 51.39 -64.73
CA GLY P 257 102.83 52.52 -63.91
C GLY P 257 102.19 52.63 -62.53
N SER P 258 101.37 51.70 -62.07
CA SER P 258 100.69 51.93 -60.76
C SER P 258 100.89 50.84 -59.69
N ASN P 259 101.28 51.20 -58.47
CA ASN P 259 101.37 50.28 -57.28
C ASN P 259 99.97 49.91 -56.73
N ALA P 260 98.90 50.65 -57.06
CA ALA P 260 97.49 50.36 -56.68
C ALA P 260 97.08 49.04 -57.34
N ASN P 261 97.70 48.70 -58.46
CA ASN P 261 97.57 47.40 -59.19
C ASN P 261 98.07 46.18 -58.38
N ALA P 262 99.10 46.27 -57.53
CA ALA P 262 99.67 45.16 -56.71
C ALA P 262 98.67 44.48 -55.76
N TYR P 263 98.71 43.15 -55.65
CA TYR P 263 97.81 42.33 -54.79
C TYR P 263 98.44 40.98 -54.43
N PHE P 264 97.96 40.33 -53.37
CA PHE P 264 98.33 38.95 -52.98
C PHE P 264 96.99 38.17 -52.85
N GLY P 265 96.89 36.96 -53.39
CA GLY P 265 95.63 36.20 -53.40
C GLY P 265 95.69 34.70 -53.67
N TYR P 266 94.53 34.05 -53.65
CA TYR P 266 94.39 32.61 -53.99
C TYR P 266 93.42 32.35 -55.18
N SER P 267 93.74 31.43 -56.08
CA SER P 267 92.81 30.95 -57.16
C SER P 267 92.32 29.55 -56.75
N THR P 268 91.08 29.22 -57.05
CA THR P 268 90.46 27.96 -56.56
C THR P 268 89.94 27.06 -57.66
N PRO P 269 89.79 25.75 -57.40
CA PRO P 269 89.18 24.80 -58.33
C PRO P 269 87.70 24.99 -58.65
N TRP P 270 86.92 25.63 -57.80
CA TRP P 270 85.47 25.90 -57.89
C TRP P 270 84.99 26.99 -58.86
N GLY P 271 83.73 26.92 -59.25
CA GLY P 271 83.03 27.90 -60.08
C GLY P 271 81.77 28.35 -59.36
N TYR P 272 81.23 29.49 -59.73
CA TYR P 272 80.05 30.06 -59.01
C TYR P 272 78.96 30.55 -59.98
N PHE P 273 77.73 30.65 -59.50
CA PHE P 273 76.57 31.19 -60.28
C PHE P 273 76.28 32.64 -59.86
N ASP P 274 76.20 33.59 -60.79
CA ASP P 274 75.91 35.03 -60.57
C ASP P 274 74.61 35.44 -61.29
N PHE P 275 73.65 36.00 -60.56
CA PHE P 275 72.39 36.52 -61.15
C PHE P 275 72.22 38.04 -60.94
N ASN P 276 73.24 38.83 -60.55
CA ASN P 276 73.03 40.27 -60.22
C ASN P 276 73.06 41.16 -61.49
N ARG P 277 72.19 40.92 -62.46
CA ARG P 277 71.96 41.79 -63.63
C ARG P 277 70.45 41.74 -63.89
N PHE P 278 69.80 42.84 -64.24
CA PHE P 278 68.33 42.92 -64.53
C PHE P 278 67.90 42.09 -65.77
N HIS P 279 68.69 42.07 -66.86
CA HIS P 279 68.43 41.35 -68.15
C HIS P 279 68.37 39.83 -67.88
N SER P 280 68.99 39.33 -66.83
CA SER P 280 68.92 37.91 -66.37
C SER P 280 67.47 37.54 -65.99
N HIS P 281 66.70 38.43 -65.39
CA HIS P 281 65.29 38.21 -64.98
C HIS P 281 64.23 38.91 -65.85
N TRP P 282 64.58 39.89 -66.66
CA TRP P 282 63.56 40.74 -67.34
C TRP P 282 63.67 40.76 -68.85
N SER P 283 62.56 40.50 -69.54
CA SER P 283 62.48 40.67 -71.01
C SER P 283 62.47 42.18 -71.32
N PRO P 284 62.90 42.60 -72.52
CA PRO P 284 62.82 44.01 -72.89
C PRO P 284 61.38 44.56 -72.91
N ARG P 285 60.40 43.81 -73.39
CA ARG P 285 58.97 44.23 -73.31
C ARG P 285 58.45 44.36 -71.86
N ASP P 286 58.78 43.44 -70.97
CA ASP P 286 58.39 43.47 -69.52
C ASP P 286 59.00 44.68 -68.80
N TRP P 287 60.24 45.01 -69.11
CA TRP P 287 60.92 46.20 -68.56
C TRP P 287 60.23 47.51 -68.99
N GLN P 288 59.77 47.61 -70.24
CA GLN P 288 59.00 48.75 -70.76
C GLN P 288 57.65 48.90 -70.04
N ARG P 289 56.98 47.81 -69.75
CA ARG P 289 55.72 47.83 -69.00
C ARG P 289 55.91 48.40 -67.58
N LEU P 290 56.96 48.01 -66.86
CA LEU P 290 57.28 48.61 -65.55
C LEU P 290 57.69 50.10 -65.51
N ILE P 291 58.56 50.54 -66.41
CA ILE P 291 59.09 51.95 -66.47
C ILE P 291 57.98 52.95 -66.81
N ASN P 292 57.09 52.59 -67.72
CA ASN P 292 55.91 53.37 -68.15
C ASN P 292 54.84 53.57 -67.08
N ASN P 293 54.55 52.58 -66.21
CA ASN P 293 53.36 52.60 -65.31
C ASN P 293 53.55 52.64 -63.78
N TYR P 294 54.76 52.63 -63.24
CA TYR P 294 54.95 52.51 -61.77
C TYR P 294 55.90 53.53 -61.17
N TRP P 295 55.59 54.09 -60.00
CA TRP P 295 56.51 54.97 -59.21
C TRP P 295 57.77 54.26 -58.65
N GLY P 296 57.65 53.02 -58.19
CA GLY P 296 58.76 52.31 -57.57
C GLY P 296 58.69 50.81 -57.59
N PHE P 297 59.82 50.15 -57.36
CA PHE P 297 59.86 48.66 -57.26
C PHE P 297 60.89 48.21 -56.20
N ARG P 298 60.73 47.04 -55.58
CA ARG P 298 61.74 46.44 -54.64
C ARG P 298 61.77 44.88 -54.72
N PRO P 299 62.91 44.18 -54.51
CA PRO P 299 62.94 42.70 -54.38
C PRO P 299 62.39 42.09 -53.07
N ARG P 300 61.73 40.94 -53.11
CA ARG P 300 61.12 40.31 -51.91
C ARG P 300 61.64 38.89 -51.67
N SER P 301 61.61 38.01 -52.67
CA SER P 301 61.99 36.59 -52.48
C SER P 301 62.81 36.01 -53.63
N LEU P 302 63.68 35.03 -53.33
CA LEU P 302 64.46 34.31 -54.37
C LEU P 302 64.39 32.77 -54.20
N ARG P 303 64.19 32.01 -55.28
CA ARG P 303 64.25 30.51 -55.28
C ARG P 303 65.22 30.03 -56.38
N VAL P 304 66.15 29.11 -56.06
CA VAL P 304 67.11 28.54 -57.05
C VAL P 304 67.06 26.99 -57.14
N LYS P 305 67.02 26.43 -58.35
CA LYS P 305 67.10 24.96 -58.59
C LYS P 305 68.22 24.59 -59.60
N ILE P 306 69.05 23.58 -59.29
CA ILE P 306 70.10 23.04 -60.22
C ILE P 306 69.72 21.58 -60.55
N PHE P 307 69.66 21.18 -61.83
CA PHE P 307 69.09 19.87 -62.27
C PHE P 307 69.60 19.39 -63.64
N ASN P 308 69.27 18.14 -64.04
CA ASN P 308 69.64 17.48 -65.35
C ASN P 308 71.16 17.42 -65.56
N ILE P 309 71.88 17.07 -64.50
CA ILE P 309 73.36 17.01 -64.50
C ILE P 309 73.92 15.93 -65.45
N GLN P 310 74.97 16.26 -66.20
CA GLN P 310 75.63 15.32 -67.13
C GLN P 310 77.16 15.48 -67.02
N VAL P 311 77.86 14.41 -66.65
CA VAL P 311 79.34 14.44 -66.49
C VAL P 311 79.95 13.70 -67.69
N LYS P 312 80.94 14.32 -68.34
CA LYS P 312 81.59 13.78 -69.55
C LYS P 312 83.10 13.59 -69.36
N GLU P 313 83.65 12.51 -69.90
CA GLU P 313 85.11 12.27 -69.84
C GLU P 313 85.72 12.48 -71.23
N VAL P 314 86.84 13.19 -71.29
CA VAL P 314 87.49 13.51 -72.58
C VAL P 314 88.81 12.72 -72.63
N THR P 315 89.04 12.00 -73.72
CA THR P 315 90.26 11.19 -73.87
C THR P 315 90.93 11.50 -75.18
N VAL P 316 92.26 11.60 -75.17
CA VAL P 316 92.96 11.79 -76.47
C VAL P 316 93.92 10.63 -76.76
N GLN P 317 93.78 9.96 -77.91
CA GLN P 317 94.79 8.95 -78.33
C GLN P 317 95.26 9.38 -79.72
N ASP P 318 96.54 9.71 -79.87
CA ASP P 318 97.08 10.05 -81.22
C ASP P 318 96.25 11.16 -81.88
N SER P 319 95.77 12.15 -81.12
CA SER P 319 95.05 13.34 -81.68
C SER P 319 93.56 13.10 -82.02
N THR P 320 92.97 11.93 -81.71
CA THR P 320 91.51 11.69 -81.92
C THR P 320 90.57 12.55 -81.09
N THR P 321 90.83 12.82 -79.81
CA THR P 321 89.90 13.57 -78.89
C THR P 321 88.46 13.04 -78.75
N THR P 322 88.24 11.75 -78.46
CA THR P 322 86.87 11.21 -78.16
C THR P 322 86.25 11.74 -76.85
N ILE P 323 84.93 11.98 -76.83
CA ILE P 323 84.17 12.44 -75.63
C ILE P 323 83.09 11.41 -75.25
N ALA P 324 82.97 11.03 -73.97
CA ALA P 324 81.99 10.01 -73.52
C ALA P 324 81.33 10.35 -72.18
N ASN P 325 80.14 9.83 -71.94
CA ASN P 325 79.45 9.97 -70.63
C ASN P 325 80.06 9.15 -69.51
N ASN P 326 80.21 9.69 -68.31
CA ASN P 326 80.58 8.87 -67.12
C ASN P 326 79.39 8.92 -66.17
N LEU P 327 78.65 7.83 -66.02
CA LEU P 327 77.45 7.69 -65.15
C LEU P 327 77.73 7.80 -63.65
N THR P 328 78.83 7.25 -63.18
CA THR P 328 79.16 7.16 -61.74
C THR P 328 79.88 8.40 -61.18
N SER P 329 80.27 9.37 -62.01
CA SER P 329 80.94 10.64 -61.58
C SER P 329 80.00 11.63 -60.83
N THR P 330 80.55 12.47 -59.95
CA THR P 330 79.75 13.40 -59.10
C THR P 330 80.10 14.87 -59.27
N VAL P 331 79.16 15.73 -58.93
CA VAL P 331 79.36 17.21 -58.88
C VAL P 331 79.10 17.60 -57.41
N GLN P 332 79.81 18.60 -56.87
CA GLN P 332 79.65 19.09 -55.46
C GLN P 332 79.12 20.54 -55.38
N VAL P 333 78.07 20.78 -54.62
CA VAL P 333 77.37 22.10 -54.53
C VAL P 333 77.16 22.56 -53.07
N PHE P 334 77.39 23.85 -52.78
CA PHE P 334 77.11 24.46 -51.43
C PHE P 334 76.74 25.96 -51.50
N THR P 335 76.07 26.46 -50.48
CA THR P 335 75.75 27.91 -50.33
C THR P 335 76.44 28.46 -49.09
N ASP P 336 77.07 29.64 -49.18
CA ASP P 336 77.76 30.31 -48.02
C ASP P 336 76.77 31.17 -47.21
N ASP P 337 75.94 30.55 -46.40
CA ASP P 337 74.87 31.21 -45.61
C ASP P 337 75.31 32.22 -44.52
N ASP P 338 76.41 31.97 -43.81
CA ASP P 338 76.90 32.83 -42.69
C ASP P 338 77.92 33.88 -43.16
N TYR P 339 78.22 34.00 -44.44
CA TYR P 339 79.11 35.05 -45.03
C TYR P 339 80.55 34.93 -44.54
N GLN P 340 81.00 33.73 -44.25
CA GLN P 340 82.39 33.42 -43.86
C GLN P 340 83.39 33.69 -45.01
N LEU P 341 83.04 33.37 -46.24
CA LEU P 341 83.88 33.62 -47.42
C LEU P 341 83.90 35.06 -47.90
N PRO P 342 84.98 35.50 -48.57
CA PRO P 342 84.94 36.80 -49.23
C PRO P 342 83.86 36.85 -50.33
N TYR P 343 83.05 37.92 -50.41
CA TYR P 343 81.91 38.02 -51.36
C TYR P 343 82.32 38.85 -52.58
N VAL P 344 82.41 38.19 -53.73
CA VAL P 344 82.90 38.85 -54.96
C VAL P 344 81.75 39.17 -55.93
N VAL P 345 80.51 38.82 -55.59
CA VAL P 345 79.32 38.96 -56.49
C VAL P 345 78.93 40.43 -56.87
N GLY P 346 79.06 41.43 -56.02
CA GLY P 346 78.51 42.80 -56.25
C GLY P 346 79.47 43.84 -56.84
N ASN P 347 80.52 43.45 -57.55
CA ASN P 347 81.62 44.33 -58.03
C ASN P 347 81.62 44.60 -59.56
N GLY P 348 80.50 44.46 -60.30
CA GLY P 348 80.38 44.69 -61.76
C GLY P 348 81.20 43.82 -62.67
N THR P 349 81.32 42.55 -62.32
CA THR P 349 82.13 41.58 -63.09
C THR P 349 81.28 40.70 -64.00
N GLU P 350 81.89 40.21 -65.07
CA GLU P 350 81.26 39.30 -66.08
C GLU P 350 81.04 37.85 -65.60
N GLY P 351 80.23 37.05 -66.30
CA GLY P 351 79.85 35.68 -65.88
C GLY P 351 78.45 35.47 -65.34
N CYS P 352 77.58 36.47 -65.35
CA CYS P 352 76.14 36.35 -64.96
C CYS P 352 75.33 35.58 -66.03
N LEU P 353 74.13 35.11 -65.66
CA LEU P 353 73.25 34.41 -66.63
C LEU P 353 72.93 35.36 -67.80
N PRO P 354 72.90 34.83 -69.04
CA PRO P 354 72.66 35.66 -70.22
C PRO P 354 71.30 36.36 -70.41
N ALA P 355 71.28 37.51 -71.08
CA ALA P 355 70.04 38.27 -71.40
C ALA P 355 69.08 37.45 -72.29
N PHE P 356 69.59 36.68 -73.26
CA PHE P 356 68.76 35.91 -74.21
C PHE P 356 68.66 34.47 -73.74
N PRO P 357 67.43 33.92 -73.49
CA PRO P 357 67.23 32.55 -72.97
C PRO P 357 67.90 31.35 -73.66
N PRO P 358 67.97 31.25 -75.02
CA PRO P 358 68.67 30.20 -75.75
C PRO P 358 70.22 30.14 -75.60
N GLN P 359 70.87 31.24 -75.24
CA GLN P 359 72.36 31.31 -75.11
C GLN P 359 72.90 30.38 -74.00
N VAL P 360 74.02 29.72 -74.29
CA VAL P 360 74.62 28.73 -73.35
C VAL P 360 75.91 29.35 -72.77
N PHE P 361 76.11 29.26 -71.46
CA PHE P 361 77.23 29.99 -70.82
C PHE P 361 78.22 29.18 -69.95
N THR P 362 79.47 29.61 -69.96
CA THR P 362 80.52 29.08 -69.05
C THR P 362 80.49 29.76 -67.69
N LEU P 363 80.52 29.00 -66.59
CA LEU P 363 80.62 29.57 -65.21
C LEU P 363 82.00 30.19 -64.92
N PRO P 364 82.02 31.35 -64.24
CA PRO P 364 83.28 31.94 -63.79
C PRO P 364 84.06 31.18 -62.69
N GLN P 365 85.39 31.20 -62.72
CA GLN P 365 86.22 30.61 -61.63
C GLN P 365 86.31 31.54 -60.39
N TYR P 366 86.11 31.01 -59.18
CA TYR P 366 86.28 31.74 -57.89
C TYR P 366 87.73 32.04 -57.51
N GLY P 367 87.97 33.24 -56.98
CA GLY P 367 89.28 33.72 -56.54
C GLY P 367 89.06 34.90 -55.64
N TYR P 368 90.08 35.33 -54.91
CA TYR P 368 89.99 36.50 -53.99
C TYR P 368 91.33 37.15 -53.77
N ALA P 369 91.32 38.40 -53.33
CA ALA P 369 92.55 39.09 -52.88
C ALA P 369 92.49 39.29 -51.37
N THR P 370 93.56 38.96 -50.64
CA THR P 370 93.72 39.24 -49.19
C THR P 370 94.64 40.45 -49.06
N LEU P 371 95.29 40.59 -47.91
CA LEU P 371 96.28 41.68 -47.65
C LEU P 371 97.62 41.54 -48.38
N ASN P 372 98.22 42.66 -48.75
CA ASN P 372 99.53 42.69 -49.45
C ASN P 372 100.42 43.66 -48.65
N ARG P 373 101.73 43.47 -48.67
CA ARG P 373 102.62 44.29 -47.81
C ARG P 373 103.33 45.43 -48.55
N ASP P 374 103.16 46.67 -48.09
CA ASP P 374 103.83 47.89 -48.63
C ASP P 374 103.61 48.15 -50.13
N ASN P 375 102.41 47.94 -50.66
CA ASN P 375 102.11 48.12 -52.11
C ASN P 375 103.03 47.24 -52.97
N THR P 376 103.26 45.98 -52.57
CA THR P 376 104.11 44.98 -53.26
C THR P 376 103.36 43.64 -53.37
N GLU P 377 103.85 42.64 -54.11
CA GLU P 377 103.20 41.30 -54.30
C GLU P 377 103.27 40.37 -53.05
N ASN P 378 104.11 40.67 -52.07
CA ASN P 378 104.27 39.90 -50.81
C ASN P 378 103.10 39.98 -49.81
N PRO P 379 102.81 38.88 -49.09
CA PRO P 379 101.85 38.85 -47.99
C PRO P 379 102.25 39.41 -46.59
N THR P 380 101.30 39.50 -45.67
CA THR P 380 101.45 39.99 -44.29
C THR P 380 101.03 38.87 -43.35
N GLU P 381 101.36 38.96 -42.06
CA GLU P 381 100.93 38.00 -40.99
C GLU P 381 99.39 37.98 -40.87
N ARG P 382 98.71 39.09 -41.02
CA ARG P 382 97.23 39.22 -41.03
C ARG P 382 96.59 38.55 -42.27
N SER P 383 97.33 38.34 -43.37
CA SER P 383 96.81 37.75 -44.64
C SER P 383 96.24 36.34 -44.41
N SER P 384 95.10 36.03 -45.01
CA SER P 384 94.29 34.81 -44.73
C SER P 384 94.10 33.84 -45.91
N PHE P 385 94.11 32.55 -45.62
CA PHE P 385 93.81 31.49 -46.61
C PHE P 385 92.49 30.83 -46.25
N PHE P 386 91.64 30.65 -47.23
CA PHE P 386 90.33 29.96 -47.02
C PHE P 386 90.23 28.71 -47.89
N CYS P 387 89.89 27.57 -47.30
CA CYS P 387 89.62 26.29 -48.01
C CYS P 387 88.10 26.05 -48.18
N LEU P 388 87.59 25.87 -49.40
CA LEU P 388 86.16 25.57 -49.73
C LEU P 388 85.76 24.15 -49.27
N GLU P 389 86.68 23.18 -49.34
CA GLU P 389 86.45 21.77 -48.96
C GLU P 389 86.24 21.64 -47.44
N TYR P 390 86.65 22.62 -46.65
CA TYR P 390 86.40 22.68 -45.19
C TYR P 390 84.89 22.80 -44.91
N PHE P 391 84.12 23.52 -45.69
CA PHE P 391 82.64 23.59 -45.58
C PHE P 391 81.95 22.29 -45.99
N PRO P 392 80.79 21.91 -45.41
CA PRO P 392 79.99 20.81 -45.97
C PRO P 392 79.29 21.04 -47.35
N SER P 393 79.26 20.06 -48.27
CA SER P 393 78.62 20.19 -49.61
C SER P 393 77.76 18.98 -50.02
N LYS P 394 76.69 19.20 -50.78
CA LYS P 394 75.89 18.10 -51.38
C LYS P 394 76.65 17.43 -52.54
N MET P 395 76.55 16.12 -52.69
CA MET P 395 77.19 15.38 -53.82
C MET P 395 76.10 14.85 -54.78
N LEU P 396 76.24 15.16 -56.07
CA LEU P 396 75.19 14.77 -57.05
C LEU P 396 75.67 13.92 -58.22
N ARG P 397 75.00 12.81 -58.46
CA ARG P 397 75.15 11.99 -59.70
C ARG P 397 74.09 12.50 -60.74
N THR P 398 74.02 11.91 -61.94
CA THR P 398 73.08 12.28 -63.07
C THR P 398 71.61 12.29 -62.68
N GLY P 399 71.11 11.39 -61.84
CA GLY P 399 69.77 11.37 -61.23
C GLY P 399 69.42 12.51 -60.30
N ASN P 400 70.37 13.01 -59.51
CA ASN P 400 70.21 14.02 -58.41
C ASN P 400 69.97 15.50 -58.76
N ASN P 401 69.36 16.26 -57.86
CA ASN P 401 69.03 17.71 -58.04
C ASN P 401 69.32 18.51 -56.74
N PHE P 402 69.51 19.83 -56.82
CA PHE P 402 69.71 20.73 -55.66
C PHE P 402 68.71 21.90 -55.66
N GLU P 403 68.18 22.28 -54.48
CA GLU P 403 67.28 23.46 -54.36
C GLU P 403 67.65 24.40 -53.19
N PHE P 404 67.47 25.73 -53.34
CA PHE P 404 67.67 26.74 -52.24
C PHE P 404 66.54 27.82 -52.24
N THR P 405 66.21 28.39 -51.09
CA THR P 405 65.21 29.51 -50.94
C THR P 405 65.80 30.66 -50.11
N TYR P 406 65.53 31.92 -50.48
CA TYR P 406 66.00 33.11 -49.73
C TYR P 406 64.91 34.20 -49.58
N ASN P 407 64.93 34.96 -48.48
CA ASN P 407 64.03 36.14 -48.28
C ASN P 407 64.87 37.40 -48.15
N PHE P 408 64.51 38.45 -48.87
CA PHE P 408 65.25 39.74 -48.80
C PHE P 408 64.84 40.48 -47.53
N GLU P 409 65.74 41.26 -46.94
CA GLU P 409 65.44 42.15 -45.78
C GLU P 409 64.60 43.36 -46.25
N GLU P 410 63.89 44.02 -45.34
CA GLU P 410 63.17 45.25 -45.74
C GLU P 410 64.16 46.30 -46.27
N VAL P 411 63.83 46.90 -47.40
CA VAL P 411 64.72 47.88 -48.09
C VAL P 411 63.79 48.96 -48.66
N PRO P 412 64.25 50.21 -48.83
CA PRO P 412 63.43 51.21 -49.51
C PRO P 412 63.19 50.95 -51.02
N PHE P 413 62.02 51.31 -51.55
CA PHE P 413 61.72 51.17 -53.01
C PHE P 413 62.61 52.07 -53.84
N HIS P 414 63.10 51.63 -55.00
CA HIS P 414 63.81 52.51 -55.97
C HIS P 414 62.82 53.55 -56.50
N SER P 415 63.26 54.78 -56.76
CA SER P 415 62.38 55.85 -57.30
C SER P 415 62.40 55.92 -58.82
N SER P 416 61.38 55.37 -59.49
CA SER P 416 61.22 55.41 -60.97
C SER P 416 60.39 56.64 -61.40
N PHE P 417 60.90 57.84 -61.17
CA PHE P 417 60.18 59.08 -61.54
C PHE P 417 61.20 60.20 -61.68
N ALA P 418 60.80 61.23 -62.42
CA ALA P 418 61.63 62.45 -62.58
C ALA P 418 60.87 63.60 -61.92
N PRO P 419 61.56 64.49 -61.18
CA PRO P 419 60.91 65.69 -60.65
C PRO P 419 60.36 66.72 -61.67
N SER P 420 59.16 67.22 -61.42
CA SER P 420 58.52 68.24 -62.29
C SER P 420 58.76 69.68 -61.79
N GLN P 421 59.48 69.86 -60.68
CA GLN P 421 59.84 71.21 -60.16
C GLN P 421 61.31 71.35 -59.78
N ASN P 422 61.89 72.53 -59.96
CA ASN P 422 63.24 72.91 -59.47
C ASN P 422 63.21 73.11 -57.94
N LEU P 423 64.27 72.69 -57.22
CA LEU P 423 64.42 72.78 -55.74
C LEU P 423 64.38 74.25 -55.27
N PHE P 424 64.97 75.17 -56.03
CA PHE P 424 65.02 76.62 -55.72
C PHE P 424 63.79 77.46 -56.22
N LYS P 425 62.79 76.91 -56.92
CA LYS P 425 61.62 77.64 -57.50
C LYS P 425 60.27 77.26 -56.82
N LEU P 426 60.22 76.93 -55.53
CA LEU P 426 59.00 76.41 -54.82
C LEU P 426 58.05 77.47 -54.22
N ALA P 427 58.46 78.73 -54.13
CA ALA P 427 57.57 79.81 -53.69
C ALA P 427 56.51 80.07 -54.76
N ASN P 428 55.30 80.50 -54.36
CA ASN P 428 54.25 80.87 -55.33
C ASN P 428 54.79 82.02 -56.19
N PRO P 429 54.64 81.94 -57.53
CA PRO P 429 55.06 83.00 -58.43
C PRO P 429 54.31 84.36 -58.27
N LEU P 430 53.01 84.37 -57.98
CA LEU P 430 52.13 85.53 -57.69
C LEU P 430 52.39 86.33 -56.41
N VAL P 431 52.81 85.70 -55.32
CA VAL P 431 52.92 86.37 -53.99
C VAL P 431 54.35 86.70 -53.49
N ASP P 432 54.57 87.92 -52.99
CA ASP P 432 55.85 88.36 -52.34
C ASP P 432 56.09 87.76 -50.95
N GLN P 433 57.34 87.56 -50.58
CA GLN P 433 57.74 87.12 -49.22
C GLN P 433 57.63 88.22 -48.14
N TYR P 434 57.37 87.90 -46.88
CA TYR P 434 57.43 88.89 -45.76
C TYR P 434 58.88 89.02 -45.22
N LEU P 435 59.89 88.79 -46.04
CA LEU P 435 61.31 88.72 -45.61
C LEU P 435 62.16 89.71 -46.42
N TYR P 436 63.24 90.20 -45.82
CA TYR P 436 64.05 91.26 -46.45
C TYR P 436 65.52 90.88 -46.52
N ARG P 437 66.24 91.46 -47.47
CA ARG P 437 67.67 91.14 -47.70
C ARG P 437 68.53 92.42 -47.72
N PHE P 438 69.81 92.29 -47.38
CA PHE P 438 70.74 93.43 -47.47
C PHE P 438 71.21 93.57 -48.89
N VAL P 439 71.10 94.78 -49.41
CA VAL P 439 71.54 95.05 -50.79
C VAL P 439 72.61 96.13 -50.91
N SER P 440 72.82 96.94 -49.88
CA SER P 440 73.66 98.14 -50.08
C SER P 440 74.23 98.86 -48.85
N THR P 441 75.22 99.69 -49.08
CA THR P 441 75.75 100.58 -48.04
C THR P 441 75.72 101.99 -48.67
N ASN P 442 75.43 103.05 -47.91
CA ASN P 442 75.42 104.46 -48.42
C ASN P 442 76.83 105.13 -48.40
N ASN P 443 76.94 106.43 -48.72
CA ASN P 443 78.25 107.14 -48.80
C ASN P 443 78.93 107.08 -47.43
N THR P 444 78.21 107.22 -46.32
CA THR P 444 78.75 106.88 -44.99
C THR P 444 78.38 105.43 -44.97
N GLY P 445 79.19 104.51 -44.50
CA GLY P 445 78.83 103.09 -44.79
C GLY P 445 77.68 102.52 -43.99
N GLY P 446 76.46 103.02 -44.20
CA GLY P 446 75.26 102.59 -43.45
C GLY P 446 74.45 101.58 -44.22
N VAL P 447 74.05 100.48 -43.58
CA VAL P 447 73.34 99.35 -44.25
C VAL P 447 71.93 99.67 -44.78
N GLN P 448 71.58 99.08 -45.92
CA GLN P 448 70.28 99.35 -46.60
C GLN P 448 69.61 98.01 -46.97
N PHE P 449 68.28 97.98 -47.00
CA PHE P 449 67.53 96.71 -47.21
C PHE P 449 66.40 96.85 -48.23
N ASN P 450 66.05 95.74 -48.89
CA ASN P 450 64.92 95.69 -49.87
C ASN P 450 64.10 94.45 -49.61
N LYS P 451 62.79 94.51 -49.84
CA LYS P 451 61.86 93.35 -49.74
C LYS P 451 62.03 92.35 -50.90
N ASN P 452 61.70 91.09 -50.64
CA ASN P 452 61.81 90.03 -51.68
C ASN P 452 60.50 89.95 -52.49
N LEU P 453 60.56 90.24 -53.79
CA LEU P 453 59.40 90.25 -54.72
C LEU P 453 58.97 88.88 -55.28
N ALA P 454 57.73 88.78 -55.76
CA ALA P 454 57.19 87.53 -56.34
C ALA P 454 57.93 87.09 -57.62
N GLY P 455 58.31 85.81 -57.69
CA GLY P 455 59.00 85.19 -58.84
C GLY P 455 60.50 85.45 -58.92
N ARG P 456 61.08 86.19 -57.98
CA ARG P 456 62.54 86.54 -57.98
C ARG P 456 63.33 85.41 -57.26
N TYR P 457 63.50 84.25 -57.90
CA TYR P 457 64.12 83.01 -57.34
C TYR P 457 65.59 83.21 -57.02
N ALA P 458 66.26 84.10 -57.73
CA ALA P 458 67.64 84.47 -57.45
C ALA P 458 67.78 85.03 -56.01
N ASN P 459 66.81 85.79 -55.49
CA ASN P 459 66.90 86.50 -54.17
C ASN P 459 65.93 86.04 -53.08
N THR P 460 65.53 84.79 -52.97
CA THR P 460 64.43 84.31 -52.10
C THR P 460 65.03 83.49 -50.98
N TYR P 461 64.46 83.54 -49.79
CA TYR P 461 64.90 82.69 -48.64
C TYR P 461 64.57 81.25 -48.98
N LYS P 462 65.46 80.32 -48.64
CA LYS P 462 65.30 78.89 -49.01
C LYS P 462 65.34 77.95 -47.81
N ASN P 463 64.39 77.05 -47.66
CA ASN P 463 64.42 75.93 -46.64
C ASN P 463 65.44 74.81 -46.88
N TRP P 464 65.68 74.40 -48.11
CA TRP P 464 66.40 73.15 -48.42
C TRP P 464 67.54 73.34 -49.38
N PHE P 465 68.50 72.44 -49.32
CA PHE P 465 69.76 72.61 -50.09
C PHE P 465 70.02 71.38 -50.92
N PRO P 466 70.74 71.55 -52.05
CA PRO P 466 71.16 70.44 -52.89
C PRO P 466 72.22 69.50 -52.30
N GLY P 467 72.31 68.28 -52.82
CA GLY P 467 73.23 67.23 -52.34
C GLY P 467 74.71 67.42 -52.65
N PRO P 468 75.59 66.61 -52.02
CA PRO P 468 77.04 66.78 -52.15
C PRO P 468 77.71 66.63 -53.52
N MET P 469 78.75 67.43 -53.79
CA MET P 469 79.39 67.44 -55.12
C MET P 469 80.93 67.42 -55.10
N GLY P 470 81.61 66.80 -56.06
CA GLY P 470 83.07 66.94 -56.28
C GLY P 470 83.33 67.22 -57.75
N ARG P 471 84.09 68.23 -58.14
CA ARG P 471 84.24 68.56 -59.60
C ARG P 471 84.96 67.46 -60.44
N THR P 472 84.42 67.10 -61.61
CA THR P 472 84.96 66.08 -62.54
C THR P 472 84.99 66.66 -63.94
N GLN P 473 86.01 66.36 -64.74
CA GLN P 473 86.20 66.98 -66.08
C GLN P 473 85.07 66.64 -67.07
N GLY P 474 84.67 67.61 -67.89
CA GLY P 474 83.62 67.43 -68.91
C GLY P 474 84.18 67.31 -70.31
N TRP P 475 83.70 66.32 -71.06
CA TRP P 475 84.15 66.07 -72.45
C TRP P 475 82.95 66.11 -73.42
N ASN P 476 83.11 66.80 -74.54
CA ASN P 476 82.06 66.89 -75.59
C ASN P 476 81.96 65.60 -76.41
N LEU P 477 80.76 65.26 -76.86
CA LEU P 477 80.47 64.03 -77.64
C LEU P 477 79.81 64.48 -78.94
N GLY P 478 79.77 63.66 -79.99
CA GLY P 478 79.21 64.09 -81.29
C GLY P 478 80.01 65.20 -81.93
N SER P 479 79.39 66.35 -82.19
CA SER P 479 80.08 67.50 -82.81
C SER P 479 81.22 67.95 -81.88
N GLY P 480 81.03 67.98 -80.55
CA GLY P 480 82.20 68.13 -79.66
C GLY P 480 83.04 69.37 -79.81
N VAL P 481 84.35 69.22 -80.06
CA VAL P 481 85.36 70.34 -80.11
C VAL P 481 86.34 70.26 -78.90
N ASN P 482 86.60 69.09 -78.33
CA ASN P 482 87.58 68.83 -77.22
C ASN P 482 89.07 68.91 -77.59
N ARG P 483 89.97 69.09 -76.60
CA ARG P 483 91.47 69.15 -76.79
C ARG P 483 92.11 67.85 -77.32
N ALA P 484 93.06 67.97 -78.26
CA ALA P 484 93.72 66.85 -78.97
C ALA P 484 94.87 66.13 -78.27
N SER P 485 95.08 64.84 -78.59
CA SER P 485 96.26 64.04 -78.12
C SER P 485 96.46 63.97 -76.60
N VAL P 486 95.39 63.80 -75.84
CA VAL P 486 95.47 63.81 -74.35
C VAL P 486 95.60 62.39 -73.76
N SER P 487 96.48 62.19 -72.78
CA SER P 487 96.48 60.93 -72.00
C SER P 487 95.69 61.25 -70.73
N ALA P 488 94.57 60.59 -70.49
CA ALA P 488 93.63 60.89 -69.38
C ALA P 488 94.11 60.67 -67.93
N PHE P 489 94.91 59.65 -67.59
CA PHE P 489 95.15 59.19 -66.20
C PHE P 489 95.77 60.20 -65.19
N ALA P 490 96.75 61.03 -65.56
CA ALA P 490 97.39 61.99 -64.62
C ALA P 490 96.38 62.99 -64.06
N THR P 491 95.42 63.46 -64.86
CA THR P 491 94.45 64.49 -64.46
C THR P 491 93.13 63.93 -63.95
N THR P 492 92.98 62.61 -63.80
CA THR P 492 91.75 61.96 -63.27
C THR P 492 91.54 62.15 -61.77
N ASN P 493 90.30 62.05 -61.30
CA ASN P 493 89.95 62.12 -59.84
C ASN P 493 90.49 60.90 -59.08
N ARG P 494 90.98 61.11 -57.86
CA ARG P 494 91.61 59.99 -57.11
C ARG P 494 91.36 60.06 -55.60
N MET P 495 91.42 58.92 -54.91
CA MET P 495 91.37 58.87 -53.43
C MET P 495 92.61 58.07 -52.99
N GLU P 496 93.24 58.40 -51.85
CA GLU P 496 94.49 57.74 -51.38
C GLU P 496 94.20 56.73 -50.26
N LEU P 497 94.60 55.46 -50.40
CA LEU P 497 94.46 54.43 -49.33
C LEU P 497 95.79 53.72 -49.11
N GLU P 498 96.29 53.58 -47.88
CA GLU P 498 97.50 52.76 -47.52
C GLU P 498 98.75 53.14 -48.32
N GLY P 499 98.99 54.40 -48.63
CA GLY P 499 100.12 54.79 -49.49
C GLY P 499 99.95 54.67 -51.00
N ALA P 500 98.77 54.37 -51.54
CA ALA P 500 98.62 54.33 -53.02
C ALA P 500 97.46 55.23 -53.52
N SER P 501 97.54 55.74 -54.75
CA SER P 501 96.48 56.59 -55.37
C SER P 501 95.56 55.71 -56.23
N TYR P 502 94.27 55.81 -56.00
CA TYR P 502 93.29 54.97 -56.74
C TYR P 502 92.28 55.79 -57.50
N GLN P 503 92.04 55.43 -58.74
CA GLN P 503 90.89 56.02 -59.45
C GLN P 503 89.63 55.41 -58.81
N VAL P 504 88.58 56.19 -58.69
CA VAL P 504 87.29 55.75 -58.08
C VAL P 504 86.29 56.09 -59.20
N PRO P 505 86.22 55.26 -60.27
CA PRO P 505 85.49 55.58 -61.48
C PRO P 505 84.02 55.85 -61.39
N PRO P 506 83.14 55.22 -60.58
CA PRO P 506 81.79 55.77 -60.46
C PRO P 506 82.09 56.87 -59.43
N GLN P 507 81.65 58.09 -59.60
CA GLN P 507 81.90 59.04 -58.46
C GLN P 507 80.84 58.78 -57.35
N PRO P 508 80.93 59.33 -56.11
CA PRO P 508 79.87 59.21 -55.10
C PRO P 508 78.50 59.91 -55.42
N ASN P 509 77.35 59.45 -54.91
CA ASN P 509 75.98 59.98 -55.25
C ASN P 509 75.66 61.46 -54.95
N GLY P 510 74.67 62.06 -55.62
CA GLY P 510 74.25 63.48 -55.47
C GLY P 510 74.60 64.42 -56.59
N MET P 511 75.14 63.93 -57.69
CA MET P 511 75.46 64.79 -58.84
C MET P 511 74.78 64.35 -60.15
N THR P 512 74.76 65.22 -61.15
CA THR P 512 74.31 64.86 -62.52
C THR P 512 75.47 65.02 -63.50
N ASN P 513 75.81 64.00 -64.29
CA ASN P 513 76.82 64.01 -65.40
C ASN P 513 76.47 64.89 -66.63
N ASN P 514 75.22 64.97 -67.08
CA ASN P 514 74.83 65.67 -68.34
C ASN P 514 73.66 66.63 -68.09
N LEU P 515 73.69 67.85 -68.62
CA LEU P 515 72.57 68.83 -68.51
C LEU P 515 71.20 68.53 -69.22
N GLN P 516 71.11 68.03 -70.46
CA GLN P 516 69.85 67.81 -71.25
C GLN P 516 70.08 68.60 -72.55
N GLY P 517 69.76 68.01 -73.70
CA GLY P 517 70.31 68.69 -74.88
C GLY P 517 71.79 68.47 -74.63
N SER P 518 72.61 69.51 -74.50
CA SER P 518 74.07 69.44 -74.25
C SER P 518 74.84 68.15 -74.59
N ASN P 519 76.02 68.33 -75.17
CA ASN P 519 76.89 67.19 -75.54
C ASN P 519 78.06 67.09 -74.57
N THR P 520 78.05 67.85 -73.47
CA THR P 520 79.07 67.74 -72.42
C THR P 520 78.70 66.66 -71.41
N TYR P 521 79.63 65.75 -71.15
CA TYR P 521 79.41 64.64 -70.20
C TYR P 521 80.59 64.57 -69.30
N ALA P 522 80.33 64.36 -68.02
CA ALA P 522 81.48 64.09 -67.14
C ALA P 522 81.68 62.57 -67.19
N LEU P 523 82.69 62.09 -67.91
CA LEU P 523 82.92 60.65 -68.22
C LEU P 523 83.19 59.74 -66.99
N GLU P 524 83.89 60.24 -65.97
CA GLU P 524 84.18 59.47 -64.74
C GLU P 524 82.95 59.45 -63.80
N ASN P 525 81.88 60.16 -64.07
CA ASN P 525 80.60 60.08 -63.31
C ASN P 525 79.55 59.24 -64.08
N THR P 526 79.91 58.58 -65.18
CA THR P 526 78.91 57.87 -66.03
C THR P 526 79.17 56.38 -66.11
N MET P 527 78.13 55.56 -66.04
CA MET P 527 78.23 54.11 -66.34
C MET P 527 78.40 53.93 -67.86
N ILE P 528 79.46 53.25 -68.29
CA ILE P 528 79.71 52.95 -69.73
C ILE P 528 79.64 51.43 -69.98
N PHE P 529 78.87 51.01 -70.98
CA PHE P 529 78.61 49.57 -71.27
C PHE P 529 78.88 49.29 -72.73
N ASN P 530 79.07 48.02 -73.09
CA ASN P 530 79.24 47.57 -74.50
C ASN P 530 77.94 46.87 -74.93
N SER P 531 77.45 47.12 -76.15
CA SER P 531 76.26 46.42 -76.70
C SER P 531 76.54 44.92 -76.84
N GLN P 532 77.75 44.54 -77.26
CA GLN P 532 78.15 43.12 -77.47
C GLN P 532 79.13 42.66 -76.39
N PRO P 533 79.12 41.37 -75.98
CA PRO P 533 80.12 40.82 -75.06
C PRO P 533 81.53 40.78 -75.67
N ALA P 534 82.54 40.86 -74.84
CA ALA P 534 83.95 40.94 -75.32
C ALA P 534 84.80 39.75 -74.87
N ASN P 535 85.82 39.44 -75.65
CA ASN P 535 86.81 38.40 -75.29
C ASN P 535 87.66 38.86 -74.09
N PRO P 536 88.10 37.95 -73.21
CA PRO P 536 88.96 38.33 -72.10
C PRO P 536 90.34 38.90 -72.42
N GLY P 537 90.75 39.96 -71.70
CA GLY P 537 92.07 40.55 -71.87
C GLY P 537 92.22 41.51 -73.02
N THR P 538 91.13 41.89 -73.68
CA THR P 538 91.23 42.76 -74.87
C THR P 538 91.86 44.10 -74.47
N THR P 539 92.76 44.63 -75.30
CA THR P 539 93.38 45.95 -75.09
C THR P 539 92.98 46.89 -76.22
N ALA P 540 91.99 46.53 -77.03
CA ALA P 540 91.54 47.33 -78.20
C ALA P 540 90.93 48.70 -77.85
N THR P 541 91.22 49.74 -78.65
CA THR P 541 90.57 51.06 -78.47
C THR P 541 89.13 51.00 -78.92
N TYR P 542 88.24 51.67 -78.21
CA TYR P 542 86.81 51.76 -78.61
C TYR P 542 86.41 53.20 -78.77
N LEU P 543 85.79 53.52 -79.89
CA LEU P 543 85.20 54.86 -80.13
C LEU P 543 83.78 54.95 -79.53
N GLU P 544 83.18 56.13 -79.50
CA GLU P 544 81.85 56.42 -78.89
C GLU P 544 80.69 55.63 -79.53
N GLY P 545 80.71 55.40 -80.86
CA GLY P 545 79.64 54.68 -81.56
C GLY P 545 79.47 53.27 -81.07
N ASN P 546 80.55 52.56 -80.78
CA ASN P 546 80.48 51.21 -80.14
C ASN P 546 79.89 51.25 -78.72
N MET P 547 80.16 52.29 -77.92
CA MET P 547 79.76 52.31 -76.49
C MET P 547 78.31 52.70 -76.18
N LEU P 548 77.77 52.22 -75.06
CA LEU P 548 76.43 52.65 -74.59
C LEU P 548 76.68 53.60 -73.42
N ILE P 549 76.35 54.89 -73.55
CA ILE P 549 76.68 55.91 -72.50
C ILE P 549 75.40 56.45 -71.86
N THR P 550 75.27 56.33 -70.55
CA THR P 550 74.10 56.78 -69.76
C THR P 550 74.09 58.27 -69.45
N SER P 551 72.91 58.83 -69.22
CA SER P 551 72.71 60.26 -68.85
C SER P 551 71.84 60.32 -67.60
N GLU P 552 72.12 61.23 -66.68
CA GLU P 552 71.37 61.40 -65.41
C GLU P 552 70.59 62.73 -65.47
N SER P 553 70.27 63.26 -66.64
CA SER P 553 69.67 64.60 -66.86
C SER P 553 68.30 64.79 -66.18
N GLU P 554 67.54 63.73 -65.90
CA GLU P 554 66.25 63.77 -65.15
C GLU P 554 66.43 64.31 -63.72
N THR P 555 67.54 64.04 -63.05
CA THR P 555 67.83 64.45 -61.64
C THR P 555 68.36 65.87 -61.53
N GLN P 556 68.55 66.60 -62.65
CA GLN P 556 69.14 67.97 -62.70
C GLN P 556 68.34 68.99 -61.88
N PRO P 557 66.98 68.98 -61.79
CA PRO P 557 66.25 69.86 -60.87
C PRO P 557 66.69 69.82 -59.39
N VAL P 558 67.19 68.70 -58.84
CA VAL P 558 67.81 68.57 -57.47
C VAL P 558 69.30 68.19 -57.40
N ASN P 559 70.01 67.91 -58.50
CA ASN P 559 71.40 67.40 -58.40
C ASN P 559 72.34 68.35 -59.11
N ARG P 560 73.41 68.74 -58.46
CA ARG P 560 74.40 69.68 -59.06
C ARG P 560 75.19 69.04 -60.23
N VAL P 561 75.56 69.82 -61.22
CA VAL P 561 76.38 69.34 -62.36
C VAL P 561 77.86 69.12 -61.98
N ALA P 562 78.43 67.95 -62.30
CA ALA P 562 79.83 67.54 -61.97
C ALA P 562 80.91 68.40 -62.63
N TYR P 563 80.75 68.77 -63.89
CA TYR P 563 81.75 69.59 -64.64
C TYR P 563 81.91 71.02 -64.04
N ASN P 564 80.83 71.64 -63.57
CA ASN P 564 80.81 73.03 -63.03
C ASN P 564 81.27 73.18 -61.57
N VAL P 565 81.69 74.38 -61.14
CA VAL P 565 81.97 74.73 -59.70
C VAL P 565 80.66 74.72 -58.87
N GLY P 566 80.68 74.28 -57.61
CA GLY P 566 79.52 74.25 -56.68
C GLY P 566 78.87 75.56 -56.22
N GLY P 567 79.64 76.62 -55.93
CA GLY P 567 79.10 77.85 -55.35
C GLY P 567 80.22 78.77 -54.91
N GLN P 568 79.91 79.84 -54.17
CA GLN P 568 80.91 80.81 -53.63
C GLN P 568 80.71 81.07 -52.13
N MET P 569 81.78 81.36 -51.37
CA MET P 569 81.76 81.69 -49.92
C MET P 569 82.67 82.90 -49.64
N ALA P 570 82.49 83.61 -48.51
CA ALA P 570 83.33 84.78 -48.10
C ALA P 570 84.78 84.40 -47.72
N THR P 571 85.74 85.20 -48.18
CA THR P 571 87.17 84.93 -47.94
C THR P 571 87.86 86.03 -47.11
N ASN P 572 87.14 87.02 -46.59
CA ASN P 572 87.78 88.20 -45.95
C ASN P 572 86.82 88.90 -44.99
N ASN P 573 87.31 89.88 -44.27
CA ASN P 573 86.45 90.76 -43.43
C ASN P 573 86.46 92.14 -44.09
N GLN P 574 85.29 92.71 -44.39
CA GLN P 574 85.15 94.08 -44.98
C GLN P 574 85.50 95.16 -43.92
N SER P 575 85.98 96.31 -44.37
CA SER P 575 86.36 97.43 -43.48
C SER P 575 86.26 98.71 -44.33
N SER P 576 86.35 99.88 -43.74
CA SER P 576 86.37 101.10 -44.58
C SER P 576 87.57 101.04 -45.52
N THR P 577 88.74 100.60 -45.06
CA THR P 577 89.92 100.35 -45.92
C THR P 577 89.73 99.21 -46.92
N THR P 578 89.06 98.11 -46.56
CA THR P 578 89.00 96.91 -47.43
C THR P 578 87.63 96.56 -48.00
N ALA P 579 87.53 96.38 -49.32
CA ALA P 579 86.30 95.90 -49.99
C ALA P 579 86.02 94.43 -49.70
N PRO P 580 84.75 93.99 -49.66
CA PRO P 580 84.42 92.57 -49.50
C PRO P 580 84.83 91.64 -50.66
N ALA P 581 85.21 90.39 -50.38
CA ALA P 581 85.69 89.41 -51.40
C ALA P 581 85.04 88.03 -51.26
N THR P 582 84.90 87.30 -52.36
CA THR P 582 84.35 85.92 -52.37
C THR P 582 85.28 84.97 -53.08
N GLY P 583 85.16 83.67 -52.79
CA GLY P 583 85.91 82.64 -53.55
C GLY P 583 85.06 81.45 -53.94
N THR P 584 85.25 80.89 -55.14
CA THR P 584 84.56 79.64 -55.57
C THR P 584 85.12 78.39 -54.91
N TYR P 585 84.30 77.35 -54.74
CA TYR P 585 84.73 76.04 -54.19
C TYR P 585 84.50 74.89 -55.24
N ASN P 586 85.38 73.88 -55.31
CA ASN P 586 85.29 72.74 -56.28
C ASN P 586 84.71 71.48 -55.62
N LEU P 587 84.56 71.47 -54.29
CA LEU P 587 83.98 70.31 -53.57
C LEU P 587 83.14 70.74 -52.35
N GLN P 588 82.08 70.02 -52.04
CA GLN P 588 81.29 70.24 -50.80
C GLN P 588 80.70 68.90 -50.38
N GLU P 589 80.40 68.71 -49.11
CA GLU P 589 79.93 67.41 -48.59
C GLU P 589 78.58 67.67 -47.90
N ILE P 590 78.02 66.68 -47.22
CA ILE P 590 76.67 66.76 -46.60
C ILE P 590 76.52 67.88 -45.57
N VAL P 591 75.39 68.57 -45.62
CA VAL P 591 75.05 69.68 -44.70
C VAL P 591 73.64 69.35 -44.21
N PRO P 592 73.19 69.80 -43.02
CA PRO P 592 71.80 69.58 -42.60
C PRO P 592 70.78 70.27 -43.53
N GLY P 593 69.64 69.63 -43.81
CA GLY P 593 68.66 70.13 -44.79
C GLY P 593 68.96 69.76 -46.24
N SER P 594 69.96 68.93 -46.48
CA SER P 594 70.38 68.41 -47.81
C SER P 594 69.39 67.39 -48.43
N VAL P 595 69.07 67.55 -49.71
CA VAL P 595 68.16 66.62 -50.46
C VAL P 595 68.85 66.24 -51.79
N TRP P 596 68.72 64.99 -52.23
CA TRP P 596 69.29 64.51 -53.53
C TRP P 596 68.56 63.29 -54.06
N MET P 597 68.80 62.95 -55.30
CA MET P 597 68.29 61.71 -55.94
C MET P 597 69.43 60.72 -56.20
N GLU P 598 69.25 59.45 -55.86
CA GLU P 598 70.23 58.35 -56.13
C GLU P 598 70.29 58.00 -57.64
N ARG P 599 71.38 57.39 -58.08
CA ARG P 599 71.57 56.95 -59.49
C ARG P 599 70.49 55.95 -59.96
N ASP P 600 70.07 56.07 -61.22
CA ASP P 600 69.06 55.18 -61.85
C ASP P 600 69.58 53.77 -62.17
N VAL P 601 68.71 52.78 -62.07
CA VAL P 601 69.00 51.38 -62.53
C VAL P 601 68.83 51.23 -64.05
N TYR P 602 69.51 50.27 -64.65
CA TYR P 602 69.45 49.98 -66.11
C TYR P 602 69.15 48.51 -66.28
N LEU P 603 68.55 48.11 -67.39
CA LEU P 603 68.29 46.67 -67.70
C LEU P 603 69.64 45.92 -67.82
N GLN P 604 70.65 46.49 -68.45
CA GLN P 604 72.06 45.99 -68.53
C GLN P 604 72.78 45.98 -67.16
N GLY P 605 72.41 46.83 -66.22
CA GLY P 605 73.02 46.97 -64.88
C GLY P 605 72.75 46.01 -63.73
N PRO P 606 73.56 46.08 -62.64
CA PRO P 606 73.32 45.34 -61.39
C PRO P 606 72.20 45.63 -60.38
N ILE P 607 71.50 44.65 -59.83
CA ILE P 607 70.52 44.82 -58.71
C ILE P 607 71.05 45.17 -57.29
N TRP P 608 72.09 44.52 -56.79
CA TRP P 608 72.48 44.67 -55.37
C TRP P 608 73.99 44.72 -55.11
N ALA P 609 74.39 45.21 -53.94
CA ALA P 609 75.80 45.19 -53.47
C ALA P 609 75.78 44.86 -51.97
N LYS P 610 76.82 44.21 -51.48
CA LYS P 610 76.97 43.91 -50.03
C LYS P 610 77.58 45.10 -49.28
N ILE P 611 76.95 45.52 -48.19
CA ILE P 611 77.55 46.56 -47.30
C ILE P 611 78.76 45.93 -46.58
N PRO P 612 79.94 46.58 -46.55
CA PRO P 612 81.12 46.06 -45.84
C PRO P 612 81.03 46.09 -44.32
N GLU P 613 81.56 45.09 -43.63
CA GLU P 613 81.41 45.02 -42.14
C GLU P 613 82.58 45.73 -41.42
N THR P 614 82.38 46.96 -40.98
CA THR P 614 83.41 47.76 -40.28
C THR P 614 82.90 48.18 -38.93
N GLY P 615 81.60 48.10 -38.72
CA GLY P 615 80.91 48.62 -37.54
C GLY P 615 80.48 50.08 -37.66
N ALA P 616 80.89 50.82 -38.70
CA ALA P 616 80.41 52.21 -38.92
C ALA P 616 80.16 52.52 -40.40
N HIS P 617 79.05 53.13 -40.75
CA HIS P 617 78.76 53.54 -42.16
C HIS P 617 77.76 54.70 -42.18
N PHE P 618 77.72 55.43 -43.29
CA PHE P 618 76.67 56.48 -43.49
C PHE P 618 75.90 56.25 -44.77
N HIS P 619 74.56 56.27 -44.74
CA HIS P 619 73.66 56.23 -45.95
C HIS P 619 74.11 55.17 -46.95
N PRO P 620 73.65 53.92 -46.81
CA PRO P 620 74.23 52.82 -47.60
C PRO P 620 73.66 52.41 -48.95
N SER P 621 73.81 53.32 -49.89
CA SER P 621 73.34 53.11 -51.27
C SER P 621 74.58 52.97 -52.15
N PRO P 622 74.75 51.86 -52.92
CA PRO P 622 75.96 51.71 -53.74
C PRO P 622 76.12 52.67 -54.93
N ALA P 623 77.34 53.08 -55.24
CA ALA P 623 77.61 54.09 -56.30
C ALA P 623 77.20 53.67 -57.72
N MET P 624 77.41 52.41 -58.12
CA MET P 624 77.01 51.85 -59.43
C MET P 624 75.47 51.88 -59.58
N GLY P 625 74.73 51.73 -58.49
CA GLY P 625 73.26 51.73 -58.49
C GLY P 625 72.71 50.54 -57.74
N GLY P 626 71.40 50.48 -57.53
CA GLY P 626 70.76 49.34 -56.86
C GLY P 626 70.54 49.36 -55.37
N PHE P 627 70.41 48.19 -54.76
CA PHE P 627 70.05 48.04 -53.34
C PHE P 627 71.24 47.55 -52.51
N GLY P 628 71.52 48.25 -51.40
CA GLY P 628 72.62 47.90 -50.50
C GLY P 628 72.11 47.00 -49.41
N LEU P 629 72.70 45.83 -49.27
CA LEU P 629 72.17 44.83 -48.31
C LEU P 629 73.19 44.38 -47.28
N LYS P 630 72.83 44.40 -46.00
CA LYS P 630 73.66 43.80 -44.92
C LYS P 630 73.78 42.28 -45.10
N HIS P 631 72.68 41.61 -45.45
CA HIS P 631 72.67 40.14 -45.67
C HIS P 631 72.20 39.85 -47.09
N PRO P 632 73.13 39.86 -48.06
CA PRO P 632 72.82 39.63 -49.47
C PRO P 632 72.47 38.20 -49.90
N PRO P 633 71.86 37.96 -51.07
CA PRO P 633 71.62 36.59 -51.48
C PRO P 633 72.99 35.88 -51.53
N PRO P 634 73.12 34.68 -50.95
CA PRO P 634 74.42 34.02 -50.80
C PRO P 634 75.20 33.43 -51.97
N MET P 635 76.53 33.37 -51.86
CA MET P 635 77.40 32.73 -52.88
C MET P 635 77.09 31.23 -53.08
N MET P 636 76.94 30.83 -54.33
CA MET P 636 76.63 29.42 -54.70
C MET P 636 77.85 28.86 -55.45
N LEU P 637 78.44 27.79 -54.94
CA LEU P 637 79.72 27.25 -55.45
C LEU P 637 79.57 25.80 -55.94
N ILE P 638 80.11 25.51 -57.10
CA ILE P 638 80.03 24.15 -57.71
C ILE P 638 81.43 23.69 -58.18
N LYS P 639 81.74 22.42 -57.94
CA LYS P 639 83.02 21.85 -58.46
C LYS P 639 82.82 20.43 -59.02
N ASN P 640 83.72 20.02 -59.91
CA ASN P 640 83.76 18.60 -60.38
C ASN P 640 84.62 17.80 -59.39
N THR P 641 84.13 16.68 -58.88
CA THR P 641 84.93 15.81 -58.00
C THR P 641 86.14 15.21 -58.72
N PRO P 642 87.36 15.25 -58.11
CA PRO P 642 88.51 14.58 -58.69
C PRO P 642 88.33 13.08 -58.90
N VAL P 643 88.60 12.63 -60.11
CA VAL P 643 88.55 11.17 -60.38
C VAL P 643 89.97 10.75 -60.79
N PRO P 644 90.63 9.88 -60.01
CA PRO P 644 91.99 9.44 -60.33
C PRO P 644 92.34 8.55 -61.53
N GLY P 645 93.52 8.73 -62.13
CA GLY P 645 94.09 7.89 -63.19
C GLY P 645 94.71 6.63 -62.60
N ASN P 646 95.16 5.67 -63.40
CA ASN P 646 95.61 4.37 -62.82
C ASN P 646 96.84 4.52 -61.91
N ILE P 647 96.75 4.01 -60.69
CA ILE P 647 97.90 4.08 -59.72
C ILE P 647 98.21 2.63 -59.33
N THR P 648 99.45 2.19 -59.47
CA THR P 648 99.81 0.77 -59.22
C THR P 648 100.66 0.60 -57.98
N SER P 649 101.18 1.68 -57.42
CA SER P 649 102.11 1.60 -56.26
C SER P 649 101.73 2.61 -55.16
N PHE P 650 102.05 2.33 -53.90
CA PHE P 650 101.82 3.25 -52.76
C PHE P 650 102.82 4.41 -52.65
N SER P 651 102.34 5.63 -52.40
CA SER P 651 103.24 6.74 -52.03
C SER P 651 102.57 7.60 -50.96
N ASP P 652 103.33 8.15 -50.03
CA ASP P 652 102.85 9.19 -49.08
C ASP P 652 102.52 10.46 -49.88
N VAL P 653 103.30 10.76 -50.94
CA VAL P 653 103.08 11.96 -51.78
C VAL P 653 101.71 11.91 -52.48
N PRO P 654 100.92 13.01 -52.46
CA PRO P 654 99.59 13.06 -53.06
C PRO P 654 99.49 12.84 -54.58
N VAL P 655 98.42 12.19 -55.01
CA VAL P 655 98.22 11.92 -56.46
C VAL P 655 98.05 13.21 -57.28
N SER P 656 98.77 13.30 -58.38
CA SER P 656 98.71 14.44 -59.32
C SER P 656 98.13 14.00 -60.68
N SER P 657 97.74 12.74 -60.84
CA SER P 657 97.25 12.21 -62.14
C SER P 657 95.75 11.90 -62.06
N PHE P 658 94.96 12.54 -62.92
CA PHE P 658 93.48 12.42 -62.84
C PHE P 658 92.91 12.28 -64.22
N ILE P 659 91.77 11.61 -64.36
CA ILE P 659 91.07 11.61 -65.69
C ILE P 659 90.48 13.00 -66.01
N THR P 660 90.54 13.48 -67.27
CA THR P 660 89.99 14.80 -67.70
C THR P 660 88.48 14.79 -67.88
N GLN P 661 87.76 15.72 -67.23
CA GLN P 661 86.28 15.71 -67.18
C GLN P 661 85.64 17.11 -67.19
N TYR P 662 84.39 17.24 -67.62
CA TYR P 662 83.64 18.53 -67.61
C TYR P 662 82.18 18.21 -67.24
N SER P 663 81.44 19.20 -66.77
CA SER P 663 80.00 19.01 -66.43
C SER P 663 79.06 20.00 -67.15
N THR P 664 77.81 19.61 -67.35
CA THR P 664 76.79 20.46 -67.99
C THR P 664 75.44 20.26 -67.30
N GLY P 665 74.54 21.24 -67.34
CA GLY P 665 73.19 21.13 -66.76
C GLY P 665 72.28 22.31 -66.99
N GLN P 666 71.15 22.35 -66.29
CA GLN P 666 70.17 23.48 -66.33
C GLN P 666 69.99 24.15 -64.95
N VAL P 667 69.84 25.48 -64.94
CA VAL P 667 69.58 26.25 -63.69
C VAL P 667 68.29 27.09 -63.83
N THR P 668 67.43 27.09 -62.82
CA THR P 668 66.24 27.94 -62.79
C THR P 668 66.28 28.94 -61.64
N VAL P 669 66.02 30.23 -61.88
CA VAL P 669 65.89 31.28 -60.81
C VAL P 669 64.48 31.91 -60.82
N GLU P 670 63.81 31.95 -59.68
CA GLU P 670 62.47 32.57 -59.51
C GLU P 670 62.57 33.75 -58.54
N MET P 671 62.10 34.93 -58.94
CA MET P 671 62.16 36.14 -58.09
C MET P 671 60.80 36.84 -57.95
N GLU P 672 60.50 37.32 -56.76
CA GLU P 672 59.26 38.08 -56.49
C GLU P 672 59.59 39.57 -56.28
N TRP P 673 58.81 40.45 -56.88
CA TRP P 673 59.02 41.91 -56.79
C TRP P 673 57.78 42.63 -56.28
N GLU P 674 57.96 43.64 -55.43
CA GLU P 674 56.84 44.49 -54.95
C GLU P 674 56.82 45.80 -55.74
N LEU P 675 55.65 46.24 -56.18
CA LEU P 675 55.47 47.43 -57.04
C LEU P 675 54.76 48.58 -56.32
N LYS P 676 55.18 49.82 -56.58
CA LYS P 676 54.45 51.00 -56.06
C LYS P 676 53.71 51.68 -57.23
N LYS P 677 52.39 51.80 -57.13
CA LYS P 677 51.52 52.45 -58.17
C LYS P 677 51.61 53.98 -58.29
N GLU P 678 51.52 54.49 -59.51
CA GLU P 678 51.42 55.95 -59.75
C GLU P 678 50.05 56.50 -59.29
N ASN P 679 50.00 57.67 -58.68
CA ASN P 679 48.74 58.36 -58.23
C ASN P 679 48.71 59.81 -58.76
N SER P 680 49.13 60.05 -60.00
CA SER P 680 49.25 61.42 -60.60
C SER P 680 47.94 62.17 -60.89
N LYS P 681 47.93 63.49 -60.69
CA LYS P 681 46.79 64.37 -61.07
C LYS P 681 47.16 65.25 -62.29
N ARG P 682 48.28 65.02 -62.97
CA ARG P 682 48.72 65.74 -64.22
C ARG P 682 47.75 65.56 -65.43
N TRP P 683 47.13 66.63 -65.91
CA TRP P 683 46.18 66.64 -67.04
C TRP P 683 46.75 66.28 -68.42
N ASN P 684 47.90 66.83 -68.74
CA ASN P 684 48.60 66.63 -70.03
C ASN P 684 49.31 65.27 -70.11
N PRO P 685 49.53 64.75 -71.34
CA PRO P 685 50.28 63.51 -71.53
C PRO P 685 51.79 63.47 -71.18
N GLU P 686 52.24 62.39 -70.57
CA GLU P 686 53.65 62.12 -70.19
C GLU P 686 54.63 61.54 -71.23
N ILE P 687 55.93 61.65 -70.98
CA ILE P 687 56.99 60.96 -71.77
C ILE P 687 57.00 59.44 -71.49
N GLN P 688 57.21 58.60 -72.51
CA GLN P 688 57.22 57.11 -72.41
C GLN P 688 58.33 56.50 -73.25
N TYR P 689 58.91 55.37 -72.86
CA TYR P 689 59.86 54.62 -73.70
C TYR P 689 59.06 53.96 -74.86
N THR P 690 59.56 54.11 -76.08
CA THR P 690 58.87 53.57 -77.26
C THR P 690 59.87 52.93 -78.20
N ASN P 691 59.40 52.00 -79.02
CA ASN P 691 60.26 51.45 -80.09
C ASN P 691 60.11 52.43 -81.25
N ASN P 692 61.12 53.22 -81.54
CA ASN P 692 61.01 54.31 -82.54
C ASN P 692 62.34 54.36 -83.31
N TYR P 693 62.29 54.08 -84.60
CA TYR P 693 63.52 53.98 -85.43
C TYR P 693 63.15 54.55 -86.78
N ASN P 694 64.08 55.21 -87.46
CA ASN P 694 63.79 55.69 -88.85
C ASN P 694 64.45 54.78 -89.90
N ASP P 695 63.67 54.22 -90.83
CA ASP P 695 64.15 53.29 -91.91
C ASP P 695 64.96 52.10 -91.36
N PRO P 696 64.47 51.32 -90.37
CA PRO P 696 65.29 50.25 -89.79
C PRO P 696 65.75 49.08 -90.68
N GLN P 697 67.02 48.70 -90.57
CA GLN P 697 67.57 47.56 -91.37
C GLN P 697 67.56 46.26 -90.57
N PHE P 698 67.20 46.31 -89.30
CA PHE P 698 67.19 45.12 -88.42
C PHE P 698 66.20 45.42 -87.35
N VAL P 699 65.76 44.41 -86.63
CA VAL P 699 64.93 44.66 -85.43
C VAL P 699 65.88 44.64 -84.23
N ASP P 700 65.88 45.68 -83.43
CA ASP P 700 66.62 45.75 -82.14
C ASP P 700 66.03 44.78 -81.11
N PHE P 701 66.84 44.22 -80.19
CA PHE P 701 66.44 43.20 -79.17
C PHE P 701 65.96 41.91 -79.82
N ALA P 702 66.59 41.51 -80.91
CA ALA P 702 66.25 40.29 -81.66
C ALA P 702 67.52 39.68 -82.22
N PRO P 703 67.53 38.37 -82.57
CA PRO P 703 68.67 37.78 -83.29
C PRO P 703 68.88 38.25 -84.74
N ASP P 704 70.12 38.24 -85.22
CA ASP P 704 70.40 38.59 -86.66
C ASP P 704 70.49 37.36 -87.57
N SER P 705 70.91 37.55 -88.81
CA SER P 705 71.01 36.44 -89.81
C SER P 705 72.01 35.37 -89.34
N THR P 706 73.12 35.73 -88.71
CA THR P 706 74.09 34.79 -88.06
C THR P 706 73.57 34.19 -86.76
N GLY P 707 72.52 34.71 -86.13
CA GLY P 707 72.06 34.26 -84.80
C GLY P 707 72.56 35.03 -83.60
N GLU P 708 73.26 36.13 -83.78
CA GLU P 708 73.77 36.97 -82.66
C GLU P 708 72.75 38.03 -82.20
N TYR P 709 72.48 38.11 -80.90
CA TYR P 709 71.53 39.10 -80.30
C TYR P 709 72.02 40.54 -80.41
N ARG P 710 71.10 41.45 -80.71
CA ARG P 710 71.45 42.89 -80.87
C ARG P 710 70.76 43.71 -79.79
N SER P 711 71.52 44.54 -79.06
CA SER P 711 70.99 45.44 -78.00
C SER P 711 71.60 46.84 -78.14
N THR P 712 71.20 47.65 -79.10
CA THR P 712 71.73 49.02 -79.41
C THR P 712 71.55 50.06 -78.31
N ARG P 713 70.46 50.07 -77.54
CA ARG P 713 70.17 51.18 -76.59
C ARG P 713 70.18 50.82 -75.09
N PRO P 714 70.78 51.65 -74.20
CA PRO P 714 70.64 51.49 -72.75
C PRO P 714 69.27 51.92 -72.18
N ILE P 715 68.63 51.16 -71.28
CA ILE P 715 67.29 51.64 -70.82
C ILE P 715 67.22 51.91 -69.31
N GLY P 716 66.86 53.14 -68.93
CA GLY P 716 66.65 53.59 -67.55
C GLY P 716 65.23 53.42 -67.09
N THR P 717 64.95 53.74 -65.84
CA THR P 717 63.59 53.64 -65.27
C THR P 717 62.78 54.93 -65.17
N ARG P 718 63.31 56.14 -65.41
CA ARG P 718 62.53 57.38 -65.09
C ARG P 718 61.87 58.07 -66.31
N TYR P 719 60.56 57.84 -66.50
CA TYR P 719 59.77 58.43 -67.62
C TYR P 719 58.61 59.21 -67.04
N LEU P 720 58.09 58.75 -65.90
CA LEU P 720 57.00 59.42 -65.16
C LEU P 720 57.51 60.65 -64.40
N THR P 721 56.62 61.57 -64.11
CA THR P 721 56.98 62.85 -63.46
C THR P 721 56.16 63.03 -62.21
N ARG P 722 56.74 63.63 -61.18
CA ARG P 722 56.00 63.96 -59.95
C ARG P 722 56.34 65.37 -59.47
N PRO P 723 55.41 66.12 -58.83
CA PRO P 723 55.72 67.40 -58.19
C PRO P 723 56.57 67.24 -56.91
N LEU P 724 57.41 68.22 -56.57
CA LEU P 724 58.31 68.12 -55.38
C LEU P 724 57.52 68.11 -54.07
N ASP Q 209 78.50 -40.57 15.24
CA ASP Q 209 77.40 -41.56 15.46
C ASP Q 209 77.94 -42.82 16.16
N GLY Q 210 78.70 -43.68 15.50
CA GLY Q 210 79.04 -44.97 16.14
C GLY Q 210 80.31 -45.66 15.72
N VAL Q 211 80.72 -46.67 16.49
CA VAL Q 211 81.90 -47.54 16.19
C VAL Q 211 81.73 -48.30 14.86
N GLY Q 212 80.53 -48.79 14.54
CA GLY Q 212 80.28 -49.62 13.35
C GLY Q 212 79.81 -48.85 12.15
N ASN Q 213 79.73 -47.53 12.21
CA ASN Q 213 79.17 -46.74 11.09
C ASN Q 213 80.24 -45.85 10.46
N ALA Q 214 80.34 -45.87 9.13
CA ALA Q 214 81.32 -45.01 8.40
C ALA Q 214 80.90 -43.53 8.33
N SER Q 215 81.79 -42.61 8.67
CA SER Q 215 81.65 -41.12 8.62
C SER Q 215 81.54 -40.52 7.21
N GLY Q 216 82.24 -41.05 6.21
CA GLY Q 216 82.23 -40.55 4.83
C GLY Q 216 82.59 -41.55 3.76
N ASP Q 217 82.52 -41.16 2.49
CA ASP Q 217 82.81 -42.00 1.31
C ASP Q 217 83.93 -41.47 0.41
N TRP Q 218 84.56 -42.33 -0.38
CA TRP Q 218 85.67 -41.95 -1.31
C TRP Q 218 85.17 -41.23 -2.57
N HIS Q 219 85.69 -40.03 -2.80
CA HIS Q 219 85.38 -39.30 -4.06
C HIS Q 219 86.67 -38.87 -4.77
N CYS Q 220 86.99 -39.43 -5.93
CA CYS Q 220 88.15 -38.95 -6.74
C CYS Q 220 87.62 -38.75 -8.17
N ASP Q 221 87.45 -37.51 -8.62
CA ASP Q 221 86.83 -37.26 -9.95
C ASP Q 221 87.09 -35.89 -10.57
N SER Q 222 86.90 -35.73 -11.88
CA SER Q 222 86.92 -34.41 -12.57
C SER Q 222 85.61 -34.25 -13.35
N THR Q 223 84.94 -33.11 -13.26
CA THR Q 223 83.74 -32.83 -14.08
C THR Q 223 83.97 -31.55 -14.87
N TRP Q 224 83.77 -31.59 -16.18
CA TRP Q 224 83.96 -30.42 -17.08
C TRP Q 224 82.59 -29.93 -17.54
N MET Q 225 82.27 -28.67 -17.28
CA MET Q 225 80.96 -28.07 -17.63
C MET Q 225 81.10 -26.69 -18.30
N GLY Q 226 81.44 -26.58 -19.58
CA GLY Q 226 81.67 -25.26 -20.20
C GLY Q 226 82.83 -24.50 -19.63
N ASP Q 227 82.61 -23.31 -19.09
CA ASP Q 227 83.66 -22.43 -18.50
C ASP Q 227 84.19 -22.94 -17.13
N ARG Q 228 83.56 -23.93 -16.51
CA ARG Q 228 83.95 -24.42 -15.15
C ARG Q 228 84.43 -25.87 -15.12
N VAL Q 229 85.49 -26.16 -14.37
CA VAL Q 229 85.93 -27.55 -14.12
C VAL Q 229 85.95 -27.77 -12.58
N VAL Q 230 85.41 -28.88 -12.09
CA VAL Q 230 85.44 -29.24 -10.63
C VAL Q 230 86.37 -30.45 -10.41
N THR Q 231 87.31 -30.35 -9.47
CA THR Q 231 88.23 -31.46 -9.13
C THR Q 231 87.95 -32.01 -7.74
N LYS Q 232 87.87 -33.33 -7.59
CA LYS Q 232 87.70 -34.01 -6.27
C LYS Q 232 88.89 -34.95 -6.03
N SER Q 233 89.51 -34.89 -4.86
CA SER Q 233 90.67 -35.73 -4.50
C SER Q 233 90.51 -36.35 -3.10
N THR Q 234 90.71 -37.66 -2.95
CA THR Q 234 90.65 -38.36 -1.66
C THR Q 234 91.96 -39.07 -1.36
N ARG Q 235 92.49 -38.93 -0.15
CA ARG Q 235 93.74 -39.61 0.29
C ARG Q 235 93.64 -40.23 1.70
N THR Q 236 94.50 -41.19 2.02
CA THR Q 236 94.61 -41.79 3.37
C THR Q 236 95.87 -41.24 4.04
N TRP Q 237 95.76 -40.75 5.27
CA TRP Q 237 96.87 -40.12 6.04
C TRP Q 237 97.18 -40.83 7.39
N VAL Q 238 98.41 -40.68 7.87
CA VAL Q 238 98.84 -41.17 9.20
C VAL Q 238 99.36 -39.99 10.04
N LEU Q 239 98.99 -39.90 11.32
CA LEU Q 239 99.53 -38.86 12.24
C LEU Q 239 100.37 -39.42 13.40
N PRO Q 240 101.66 -39.06 13.49
CA PRO Q 240 102.49 -39.38 14.66
C PRO Q 240 102.23 -38.51 15.88
N SER Q 241 102.56 -38.99 17.08
CA SER Q 241 102.51 -38.07 18.27
C SER Q 241 103.85 -37.35 18.38
N TYR Q 242 103.98 -36.16 17.79
CA TYR Q 242 105.27 -35.40 17.73
C TYR Q 242 105.69 -34.72 19.01
N ASN Q 243 106.96 -34.85 19.42
CA ASN Q 243 107.54 -34.11 20.59
C ASN Q 243 107.13 -34.75 21.91
N ASN Q 244 106.44 -35.90 21.89
CA ASN Q 244 105.88 -36.57 23.11
C ASN Q 244 104.98 -35.61 23.89
N HIS Q 245 104.10 -34.87 23.20
CA HIS Q 245 103.11 -33.93 23.84
C HIS Q 245 103.72 -32.65 24.41
N GLN Q 246 104.86 -32.21 23.89
CA GLN Q 246 105.58 -31.03 24.44
C GLN Q 246 105.95 -29.99 23.36
N TYR Q 247 106.16 -28.74 23.75
CA TYR Q 247 106.60 -27.63 22.87
C TYR Q 247 108.07 -27.45 23.14
N ARG Q 248 108.89 -27.38 22.10
CA ARG Q 248 110.36 -27.28 22.29
C ARG Q 248 110.97 -26.02 21.63
N GLU Q 249 111.82 -25.32 22.37
CA GLU Q 249 112.57 -24.18 21.75
C GLU Q 249 113.66 -24.74 20.81
N ILE Q 250 113.73 -24.21 19.60
CA ILE Q 250 114.66 -24.68 18.55
C ILE Q 250 115.54 -23.50 18.08
N LYS Q 251 116.79 -23.75 17.76
CA LYS Q 251 117.68 -22.62 17.40
C LYS Q 251 118.88 -23.10 16.56
N SER Q 252 119.46 -22.22 15.77
CA SER Q 252 120.70 -22.56 15.05
C SER Q 252 121.73 -21.42 15.05
N GLY Q 253 123.02 -21.73 15.11
CA GLY Q 253 124.14 -20.79 14.84
C GLY Q 253 124.53 -20.88 13.35
N SER Q 254 125.64 -20.26 12.95
CA SER Q 254 126.16 -20.32 11.55
C SER Q 254 126.53 -21.75 11.11
N VAL Q 255 126.16 -22.16 9.90
CA VAL Q 255 126.40 -23.54 9.39
C VAL Q 255 126.82 -23.46 7.92
N ASP Q 256 127.72 -24.33 7.46
CA ASP Q 256 128.20 -24.37 6.05
C ASP Q 256 128.88 -23.03 5.70
N GLY Q 257 129.48 -22.38 6.69
CA GLY Q 257 130.12 -21.07 6.47
C GLY Q 257 129.19 -19.88 6.47
N SER Q 258 127.88 -20.01 6.76
CA SER Q 258 127.01 -18.81 6.64
C SER Q 258 126.19 -18.43 7.87
N ASN Q 259 126.23 -17.16 8.29
CA ASN Q 259 125.38 -16.59 9.40
C ASN Q 259 123.91 -16.41 8.96
N ALA Q 260 123.60 -16.40 7.67
CA ALA Q 260 122.22 -16.33 7.10
C ALA Q 260 121.45 -17.58 7.53
N ASN Q 261 122.16 -18.67 7.77
CA ASN Q 261 121.66 -19.96 8.34
C ASN Q 261 121.11 -19.84 9.78
N ALA Q 262 121.64 -18.98 10.66
CA ALA Q 262 121.20 -18.80 12.07
C ALA Q 262 119.73 -18.39 12.24
N TYR Q 263 119.03 -18.96 13.23
CA TYR Q 263 117.60 -18.69 13.52
C TYR Q 263 117.25 -19.00 14.99
N PHE Q 264 116.15 -18.46 15.49
CA PHE Q 264 115.57 -18.78 16.83
C PHE Q 264 114.08 -19.15 16.57
N GLY Q 265 113.58 -20.23 17.15
CA GLY Q 265 112.21 -20.72 16.88
C GLY Q 265 111.59 -21.70 17.85
N TYR Q 266 110.34 -22.10 17.58
CA TYR Q 266 109.62 -23.13 18.38
C TYR Q 266 109.17 -24.35 17.53
N SER Q 267 109.28 -25.56 18.07
CA SER Q 267 108.70 -26.80 17.43
C SER Q 267 107.45 -27.18 18.23
N THR Q 268 106.43 -27.71 17.57
CA THR Q 268 105.12 -27.95 18.22
C THR Q 268 104.66 -29.40 18.14
N PRO Q 269 103.77 -29.83 19.03
CA PRO Q 269 103.14 -31.17 19.00
C PRO Q 269 102.22 -31.46 17.80
N TRP Q 270 101.63 -30.46 17.17
CA TRP Q 270 100.69 -30.52 16.03
C TRP Q 270 101.26 -30.84 14.63
N GLY Q 271 100.37 -31.31 13.75
CA GLY Q 271 100.65 -31.59 12.34
C GLY Q 271 99.66 -30.84 11.48
N TYR Q 272 99.97 -30.62 10.23
CA TYR Q 272 99.09 -29.81 9.32
C TYR Q 272 98.86 -30.49 7.97
N PHE Q 273 97.78 -30.11 7.29
CA PHE Q 273 97.46 -30.60 5.92
C PHE Q 273 97.83 -29.53 4.86
N ASP Q 274 98.62 -29.87 3.84
CA ASP Q 274 99.04 -28.98 2.73
C ASP Q 274 98.53 -29.49 1.38
N PHE Q 275 97.81 -28.66 0.64
CA PHE Q 275 97.33 -29.01 -0.73
C PHE Q 275 97.91 -28.07 -1.83
N ASN Q 276 98.95 -27.26 -1.58
CA ASN Q 276 99.42 -26.27 -2.60
C ASN Q 276 100.36 -26.91 -3.64
N ARG Q 277 99.93 -27.94 -4.36
CA ARG Q 277 100.65 -28.54 -5.51
C ARG Q 277 99.54 -28.90 -6.52
N PHE Q 278 99.75 -28.69 -7.82
CA PHE Q 278 98.77 -29.02 -8.90
C PHE Q 278 98.47 -30.54 -9.02
N HIS Q 279 99.45 -31.43 -8.89
CA HIS Q 279 99.36 -32.92 -9.00
C HIS Q 279 98.43 -33.46 -7.91
N SER Q 280 98.25 -32.75 -6.78
CA SER Q 280 97.30 -33.07 -5.70
C SER Q 280 95.85 -33.04 -6.22
N HIS Q 281 95.49 -32.13 -7.11
CA HIS Q 281 94.13 -32.00 -7.72
C HIS Q 281 94.00 -32.48 -9.17
N TRP Q 282 95.09 -32.66 -9.92
CA TRP Q 282 94.99 -32.90 -11.38
C TRP Q 282 95.63 -34.18 -11.85
N SER Q 283 94.90 -34.99 -12.62
CA SER Q 283 95.48 -36.18 -13.28
C SER Q 283 96.37 -35.69 -14.44
N PRO Q 284 97.36 -36.49 -14.88
CA PRO Q 284 98.15 -36.10 -16.04
C PRO Q 284 97.35 -35.96 -17.33
N ARG Q 285 96.37 -36.81 -17.61
CA ARG Q 285 95.46 -36.64 -18.77
C ARG Q 285 94.59 -35.37 -18.69
N ASP Q 286 94.04 -35.03 -17.53
CA ASP Q 286 93.23 -33.80 -17.30
C ASP Q 286 94.06 -32.53 -17.50
N TRP Q 287 95.30 -32.53 -17.05
CA TRP Q 287 96.24 -31.41 -17.26
C TRP Q 287 96.53 -31.19 -18.75
N GLN Q 288 96.70 -32.24 -19.54
CA GLN Q 288 96.89 -32.18 -21.01
C GLN Q 288 95.67 -31.58 -21.71
N ARG Q 289 94.47 -31.93 -21.26
CA ARG Q 289 93.23 -31.37 -21.83
C ARG Q 289 93.16 -29.85 -21.61
N LEU Q 290 93.50 -29.35 -20.43
CA LEU Q 290 93.57 -27.88 -20.18
C LEU Q 290 94.65 -27.08 -20.95
N ILE Q 291 95.89 -27.56 -21.01
CA ILE Q 291 97.04 -26.86 -21.67
C ILE Q 291 96.83 -26.75 -23.18
N ASN Q 292 96.29 -27.78 -23.80
CA ASN Q 292 95.95 -27.85 -25.25
C ASN Q 292 94.83 -26.91 -25.69
N ASN Q 293 93.77 -26.68 -24.88
CA ASN Q 293 92.54 -25.97 -25.34
C ASN Q 293 92.14 -24.63 -24.73
N TYR Q 294 92.87 -24.07 -23.76
CA TYR Q 294 92.41 -22.85 -23.05
C TYR Q 294 93.45 -21.75 -22.96
N TRP Q 295 93.06 -20.48 -23.12
CA TRP Q 295 93.94 -19.30 -22.89
C TRP Q 295 94.34 -19.07 -21.40
N GLY Q 296 93.43 -19.30 -20.46
CA GLY Q 296 93.69 -19.04 -19.05
C GLY Q 296 92.86 -19.82 -18.06
N PHE Q 297 93.30 -19.86 -16.81
CA PHE Q 297 92.53 -20.52 -15.71
C PHE Q 297 92.71 -19.75 -14.38
N ARG Q 298 91.75 -19.81 -13.45
CA ARG Q 298 91.87 -19.22 -12.08
C ARG Q 298 91.10 -20.07 -11.01
N PRO Q 299 91.55 -20.15 -9.73
CA PRO Q 299 90.75 -20.78 -8.64
C PRO Q 299 89.53 -20.00 -8.11
N ARG Q 300 88.44 -20.67 -7.75
CA ARG Q 300 87.19 -20.00 -7.28
C ARG Q 300 86.77 -20.45 -5.88
N SER Q 301 86.66 -21.76 -5.64
CA SER Q 301 86.14 -22.27 -4.34
C SER Q 301 86.90 -23.50 -3.82
N LEU Q 302 86.95 -23.67 -2.50
CA LEU Q 302 87.56 -24.85 -1.86
C LEU Q 302 86.65 -25.49 -0.78
N ARG Q 303 86.49 -26.82 -0.76
CA ARG Q 303 85.77 -27.56 0.33
C ARG Q 303 86.67 -28.68 0.89
N VAL Q 304 86.79 -28.79 2.22
CA VAL Q 304 87.60 -29.86 2.90
C VAL Q 304 86.78 -30.71 3.89
N LYS Q 305 86.91 -32.04 3.83
CA LYS Q 305 86.29 -32.98 4.82
C LYS Q 305 87.34 -33.94 5.44
N ILE Q 306 87.34 -34.13 6.77
CA ILE Q 306 88.21 -35.12 7.49
C ILE Q 306 87.29 -36.16 8.15
N PHE Q 307 87.51 -37.46 7.94
CA PHE Q 307 86.55 -38.55 8.33
C PHE Q 307 87.19 -39.94 8.52
N ASN Q 308 86.44 -40.93 9.04
CA ASN Q 308 86.87 -42.35 9.28
C ASN Q 308 88.08 -42.45 10.20
N ILE Q 309 88.07 -41.66 11.27
CA ILE Q 309 89.18 -41.58 12.23
C ILE Q 309 89.40 -42.89 13.02
N GLN Q 310 90.65 -43.30 13.19
CA GLN Q 310 91.03 -44.52 13.94
C GLN Q 310 92.25 -44.22 14.84
N VAL Q 311 92.09 -44.40 16.14
CA VAL Q 311 93.18 -44.13 17.12
C VAL Q 311 93.72 -45.49 17.59
N LYS Q 312 95.04 -45.67 17.57
CA LYS Q 312 95.71 -46.93 17.93
C LYS Q 312 96.70 -46.74 19.09
N GLU Q 313 96.77 -47.71 19.99
CA GLU Q 313 97.75 -47.67 21.12
C GLU Q 313 98.84 -48.71 20.86
N VAL Q 314 100.09 -48.33 21.05
CA VAL Q 314 101.24 -49.24 20.79
C VAL Q 314 101.86 -49.57 22.16
N THR Q 315 102.07 -50.85 22.43
CA THR Q 315 102.64 -51.30 23.71
C THR Q 315 103.80 -52.21 23.47
N VAL Q 316 104.88 -52.06 24.24
CA VAL Q 316 106.00 -53.04 24.11
C VAL Q 316 106.24 -53.80 25.42
N GLN Q 317 106.20 -55.13 25.39
CA GLN Q 317 106.62 -55.91 26.58
C GLN Q 317 107.71 -56.88 26.11
N ASP Q 318 108.94 -56.75 26.63
CA ASP Q 318 110.03 -57.70 26.28
C ASP Q 318 110.18 -57.77 24.74
N SER Q 319 110.06 -56.65 24.02
CA SER Q 319 110.33 -56.59 22.54
C SER Q 319 109.18 -57.12 21.66
N THR Q 320 108.00 -57.48 22.20
CA THR Q 320 106.83 -57.91 21.37
C THR Q 320 106.25 -56.83 20.46
N THR Q 321 106.12 -55.56 20.88
CA THR Q 321 105.45 -54.47 20.09
C THR Q 321 104.00 -54.72 19.61
N THR Q 322 103.05 -55.14 20.46
CA THR Q 322 101.62 -55.24 20.07
C THR Q 322 100.94 -53.90 19.76
N ILE Q 323 100.03 -53.85 18.77
CA ILE Q 323 99.24 -52.65 18.39
C ILE Q 323 97.73 -52.92 18.56
N ALA Q 324 96.98 -52.02 19.18
CA ALA Q 324 95.52 -52.21 19.43
C ALA Q 324 94.69 -50.94 19.24
N ASN Q 325 93.42 -51.08 18.93
CA ASN Q 325 92.49 -49.93 18.84
C ASN Q 325 92.11 -49.33 20.19
N ASN Q 326 92.06 -48.01 20.31
CA ASN Q 326 91.50 -47.37 21.53
C ASN Q 326 90.24 -46.61 21.08
N LEU Q 327 89.05 -47.08 21.42
CA LEU Q 327 87.73 -46.50 21.06
C LEU Q 327 87.45 -45.12 21.69
N THR Q 328 87.85 -44.92 22.93
CA THR Q 328 87.51 -43.68 23.69
C THR Q 328 88.52 -42.53 23.48
N SER Q 329 89.63 -42.73 22.77
CA SER Q 329 90.64 -41.68 22.46
C SER Q 329 90.16 -40.61 21.44
N THR Q 330 90.69 -39.38 21.51
CA THR Q 330 90.24 -38.25 20.65
C THR Q 330 91.33 -37.63 19.79
N VAL Q 331 90.93 -36.98 18.73
CA VAL Q 331 91.83 -36.18 17.84
C VAL Q 331 91.30 -34.73 17.92
N GLN Q 332 92.16 -33.72 17.86
CA GLN Q 332 91.78 -32.27 17.91
C GLN Q 332 92.09 -31.52 16.60
N VAL Q 333 91.12 -30.81 16.03
CA VAL Q 333 91.23 -30.13 14.71
C VAL Q 333 90.78 -28.65 14.76
N PHE Q 334 91.52 -27.74 14.12
CA PHE Q 334 91.12 -26.31 13.99
C PHE Q 334 91.63 -25.64 12.68
N THR Q 335 91.00 -24.55 12.27
CA THR Q 335 91.46 -23.73 11.11
C THR Q 335 91.82 -22.32 11.60
N ASP Q 336 92.96 -21.77 11.15
CA ASP Q 336 93.40 -20.39 11.52
C ASP Q 336 92.79 -19.34 10.59
N ASP Q 337 91.52 -19.00 10.76
CA ASP Q 337 90.74 -18.07 9.90
C ASP Q 337 91.22 -16.60 9.86
N ASP Q 338 91.66 -16.01 10.98
CA ASP Q 338 92.08 -14.59 11.07
C ASP Q 338 93.58 -14.38 10.84
N TYR Q 339 94.35 -15.41 10.50
CA TYR Q 339 95.79 -15.32 10.13
C TYR Q 339 96.66 -14.86 11.29
N GLN Q 340 96.28 -15.17 12.51
CA GLN Q 340 97.05 -14.89 13.73
C GLN Q 340 98.39 -15.66 13.78
N LEU Q 341 98.39 -16.91 13.35
CA LEU Q 341 99.61 -17.74 13.31
C LEU Q 341 100.56 -17.44 12.15
N PRO Q 342 101.86 -17.71 12.30
CA PRO Q 342 102.75 -17.64 11.15
C PRO Q 342 102.35 -18.64 10.04
N TYR Q 343 102.31 -18.23 8.77
CA TYR Q 343 101.83 -19.10 7.65
C TYR Q 343 103.02 -19.70 6.91
N VAL Q 344 103.18 -21.01 7.02
CA VAL Q 344 104.36 -21.71 6.45
C VAL Q 344 103.99 -22.46 5.16
N VAL Q 345 102.73 -22.44 4.74
CA VAL Q 345 102.21 -23.23 3.57
C VAL Q 345 102.81 -22.85 2.18
N GLY Q 346 103.12 -21.61 1.86
CA GLY Q 346 103.50 -21.17 0.49
C GLY Q 346 104.99 -21.08 0.17
N ASN Q 347 105.86 -21.81 0.85
CA ASN Q 347 107.35 -21.71 0.78
C ASN Q 347 108.05 -22.89 0.07
N GLY Q 348 107.39 -23.68 -0.80
CA GLY Q 348 107.95 -24.82 -1.55
C GLY Q 348 108.46 -25.99 -0.75
N THR Q 349 107.78 -26.32 0.34
CA THR Q 349 108.17 -27.41 1.25
C THR Q 349 107.41 -28.70 1.01
N GLU Q 350 108.00 -29.83 1.36
CA GLU Q 350 107.43 -31.18 1.25
C GLU Q 350 106.32 -31.52 2.28
N GLY Q 351 105.55 -32.58 2.07
CA GLY Q 351 104.38 -32.94 2.92
C GLY Q 351 103.00 -32.68 2.38
N CYS Q 352 102.85 -32.26 1.13
CA CYS Q 352 101.53 -32.09 0.44
C CYS Q 352 100.90 -33.45 0.08
N LEU Q 353 99.60 -33.48 -0.21
CA LEU Q 353 98.92 -34.71 -0.62
C LEU Q 353 99.59 -35.28 -1.88
N PRO Q 354 99.75 -36.61 -1.96
CA PRO Q 354 100.43 -37.23 -3.11
C PRO Q 354 99.82 -37.15 -4.51
N ALA Q 355 100.64 -37.16 -5.55
CA ALA Q 355 100.20 -37.14 -6.97
C ALA Q 355 99.36 -38.39 -7.32
N PHE Q 356 99.72 -39.57 -6.80
CA PHE Q 356 99.02 -40.85 -7.13
C PHE Q 356 98.02 -41.16 -6.03
N PRO Q 357 96.70 -41.32 -6.34
CA PRO Q 357 95.65 -41.58 -5.34
C PRO Q 357 95.79 -42.73 -4.32
N PRO Q 358 96.29 -43.93 -4.68
CA PRO Q 358 96.57 -45.03 -3.75
C PRO Q 358 97.66 -44.83 -2.69
N GLN Q 359 98.61 -43.91 -2.91
CA GLN Q 359 99.73 -43.66 -1.97
C GLN Q 359 99.28 -43.13 -0.60
N VAL Q 360 99.89 -43.61 0.46
CA VAL Q 360 99.49 -43.25 1.85
C VAL Q 360 100.60 -42.34 2.42
N PHE Q 361 100.22 -41.26 3.09
CA PHE Q 361 101.24 -40.25 3.51
C PHE Q 361 101.25 -39.82 4.99
N THR Q 362 102.45 -39.52 5.48
CA THR Q 362 102.64 -38.93 6.83
C THR Q 362 102.47 -37.42 6.81
N LEU Q 363 101.70 -36.84 7.74
CA LEU Q 363 101.56 -35.36 7.89
C LEU Q 363 102.83 -34.70 8.43
N PRO Q 364 103.20 -33.53 7.88
CA PRO Q 364 104.31 -32.74 8.42
C PRO Q 364 104.11 -32.12 9.82
N GLN Q 365 105.16 -32.04 10.64
CA GLN Q 365 105.09 -31.32 11.94
C GLN Q 365 105.19 -29.79 11.78
N TYR Q 366 104.31 -29.03 12.45
CA TYR Q 366 104.35 -27.54 12.49
C TYR Q 366 105.49 -26.94 13.34
N GLY Q 367 106.09 -25.87 12.84
CA GLY Q 367 107.19 -25.15 13.49
C GLY Q 367 107.29 -23.80 12.85
N TYR Q 368 108.05 -22.88 13.44
CA TYR Q 368 108.24 -21.50 12.89
C TYR Q 368 109.54 -20.89 13.37
N ALA Q 369 110.01 -19.88 12.65
CA ALA Q 369 111.15 -19.06 13.10
C ALA Q 369 110.65 -17.66 13.46
N THR Q 370 111.04 -17.13 14.61
CA THR Q 370 110.78 -15.72 15.02
C THR Q 370 112.06 -14.92 14.82
N LEU Q 371 112.21 -13.80 15.52
CA LEU Q 371 113.44 -12.97 15.48
C LEU Q 371 114.67 -13.58 16.18
N ASN Q 372 115.85 -13.28 15.65
CA ASN Q 372 117.14 -13.78 16.21
C ASN Q 372 118.03 -12.53 16.39
N ARG Q 373 118.95 -12.54 17.33
CA ARG Q 373 119.75 -11.32 17.63
C ARG Q 373 121.16 -11.34 17.02
N ASP Q 374 121.49 -10.34 16.22
CA ASP Q 374 122.86 -10.14 15.61
C ASP Q 374 123.38 -11.32 14.78
N ASN Q 375 122.53 -11.98 13.98
CA ASN Q 375 122.93 -13.16 13.16
C ASN Q 375 123.49 -14.27 14.05
N THR Q 376 122.87 -14.53 15.20
CA THR Q 376 123.26 -15.57 16.20
C THR Q 376 122.03 -16.38 16.62
N GLU Q 377 122.16 -17.49 17.36
CA GLU Q 377 121.04 -18.37 17.83
C GLU Q 377 120.15 -17.75 18.93
N ASN Q 378 120.59 -16.70 19.60
CA ASN Q 378 119.84 -15.99 20.67
C ASN Q 378 118.62 -15.18 20.22
N PRO Q 379 117.57 -15.11 21.05
CA PRO Q 379 116.40 -14.26 20.85
C PRO Q 379 116.49 -12.73 21.19
N THR Q 380 115.46 -11.97 20.85
CA THR Q 380 115.32 -10.53 21.10
C THR Q 380 114.06 -10.30 21.93
N GLU Q 381 113.88 -9.12 22.52
CA GLU Q 381 112.66 -8.73 23.28
C GLU Q 381 111.42 -8.73 22.37
N ARG Q 382 111.53 -8.36 21.11
CA ARG Q 382 110.46 -8.42 20.08
C ARG Q 382 110.08 -9.87 19.71
N SER Q 383 110.94 -10.87 19.95
CA SER Q 383 110.71 -12.30 19.58
C SER Q 383 109.44 -12.84 20.28
N SER Q 384 108.63 -13.61 19.57
CA SER Q 384 107.27 -14.05 19.99
C SER Q 384 107.04 -15.56 20.14
N PHE Q 385 106.28 -15.95 21.14
CA PHE Q 385 105.88 -17.36 21.34
C PHE Q 385 104.37 -17.47 21.09
N PHE Q 386 103.99 -18.48 20.33
CA PHE Q 386 102.55 -18.75 20.06
C PHE Q 386 102.14 -20.12 20.56
N CYS Q 387 101.06 -20.22 21.34
CA CYS Q 387 100.45 -21.49 21.81
C CYS Q 387 99.22 -21.86 20.95
N LEU Q 388 99.18 -23.05 20.34
CA LEU Q 388 98.04 -23.59 19.53
C LEU Q 388 96.83 -23.92 20.41
N GLU Q 389 97.06 -24.41 21.64
CA GLU Q 389 96.00 -24.81 22.61
C GLU Q 389 95.22 -23.58 23.10
N TYR Q 390 95.76 -22.38 22.95
CA TYR Q 390 95.05 -21.10 23.26
C TYR Q 390 93.85 -20.92 22.32
N PHE Q 391 93.92 -21.28 21.06
CA PHE Q 391 92.77 -21.26 20.10
C PHE Q 391 91.73 -22.32 20.42
N PRO Q 392 90.43 -22.11 20.16
CA PRO Q 392 89.44 -23.20 20.23
C PRO Q 392 89.52 -24.33 19.14
N SER Q 393 89.33 -25.61 19.48
CA SER Q 393 89.40 -26.75 18.53
C SER Q 393 88.25 -27.78 18.68
N LYS Q 394 87.82 -28.40 17.59
CA LYS Q 394 86.85 -29.52 17.63
C LYS Q 394 87.53 -30.81 18.17
N MET Q 395 86.83 -31.60 18.98
CA MET Q 395 87.35 -32.89 19.50
C MET Q 395 86.59 -34.07 18.84
N LEU Q 396 87.33 -35.01 18.27
CA LEU Q 396 86.68 -36.13 17.54
C LEU Q 396 87.04 -37.53 18.02
N ARG Q 397 86.03 -38.36 18.28
CA ARG Q 397 86.18 -39.81 18.51
C ARG Q 397 86.01 -40.54 17.13
N THR Q 398 86.09 -41.87 17.08
CA THR Q 398 85.98 -42.74 15.85
C THR Q 398 84.70 -42.51 15.04
N GLY Q 399 83.54 -42.27 15.64
CA GLY Q 399 82.27 -41.85 15.00
C GLY Q 399 82.25 -40.50 14.33
N ASN Q 400 82.96 -39.50 14.85
CA ASN Q 400 82.95 -38.06 14.43
C ASN Q 400 83.66 -37.65 13.13
N ASN Q 401 83.26 -36.53 12.53
CA ASN Q 401 83.82 -35.98 11.26
C ASN Q 401 83.98 -34.45 11.34
N PHE Q 402 84.84 -33.84 10.52
CA PHE Q 402 85.03 -32.38 10.43
C PHE Q 402 84.87 -31.85 8.98
N GLU Q 403 84.23 -30.70 8.79
CA GLU Q 403 84.10 -30.07 7.44
C GLU Q 403 84.44 -28.55 7.43
N PHE Q 404 85.05 -28.03 6.35
CA PHE Q 404 85.32 -26.57 6.15
C PHE Q 404 85.01 -26.11 4.69
N THR Q 405 84.63 -24.85 4.49
CA THR Q 405 84.38 -24.24 3.14
C THR Q 405 85.13 -22.91 2.99
N TYR Q 406 85.70 -22.62 1.82
CA TYR Q 406 86.42 -21.33 1.55
C TYR Q 406 86.08 -20.74 0.17
N ASN Q 407 86.08 -19.42 0.03
CA ASN Q 407 85.93 -18.72 -1.30
C ASN Q 407 87.19 -17.91 -1.59
N PHE Q 408 87.72 -18.04 -2.79
CA PHE Q 408 88.94 -17.28 -3.20
C PHE Q 408 88.53 -15.85 -3.53
N GLU Q 409 89.42 -14.88 -3.28
CA GLU Q 409 89.22 -13.45 -3.70
C GLU Q 409 89.38 -13.32 -5.23
N GLU Q 410 88.83 -12.25 -5.82
CA GLU Q 410 89.07 -12.03 -7.27
C GLU Q 410 90.57 -11.89 -7.56
N VAL Q 411 91.04 -12.60 -8.57
CA VAL Q 411 92.48 -12.64 -8.91
C VAL Q 411 92.55 -12.65 -10.45
N PRO Q 412 93.61 -12.14 -11.09
CA PRO Q 412 93.75 -12.29 -12.54
C PRO Q 412 93.98 -13.74 -13.03
N PHE Q 413 93.47 -14.11 -14.21
CA PHE Q 413 93.70 -15.45 -14.81
C PHE Q 413 95.17 -15.65 -15.16
N HIS Q 414 95.73 -16.84 -14.94
CA HIS Q 414 97.10 -17.17 -15.44
C HIS Q 414 97.07 -17.19 -16.98
N SER Q 415 98.15 -16.76 -17.62
CA SER Q 415 98.22 -16.76 -19.11
C SER Q 415 98.83 -18.05 -19.68
N SER Q 416 98.01 -18.97 -20.18
CA SER Q 416 98.45 -20.24 -20.82
C SER Q 416 98.61 -20.05 -22.34
N PHE Q 417 99.54 -19.22 -22.78
CA PHE Q 417 99.77 -18.96 -24.22
C PHE Q 417 101.19 -18.46 -24.40
N ALA Q 418 101.69 -18.60 -25.61
CA ALA Q 418 103.01 -18.06 -25.99
C ALA Q 418 102.79 -16.99 -27.05
N PRO Q 419 103.51 -15.85 -26.97
CA PRO Q 419 103.43 -14.84 -28.03
C PRO Q 419 103.92 -15.25 -29.43
N SER Q 420 103.16 -14.87 -30.45
CA SER Q 420 103.52 -15.16 -31.87
C SER Q 420 104.27 -13.98 -32.54
N GLN Q 421 104.51 -12.88 -31.83
CA GLN Q 421 105.29 -11.74 -32.35
C GLN Q 421 106.37 -11.23 -31.40
N ASN Q 422 107.49 -10.75 -31.91
CA ASN Q 422 108.54 -10.03 -31.14
C ASN Q 422 108.06 -8.62 -30.76
N LEU Q 423 108.39 -8.13 -29.56
CA LEU Q 423 108.01 -6.79 -29.02
C LEU Q 423 108.57 -5.65 -29.90
N PHE Q 424 109.78 -5.81 -30.43
CA PHE Q 424 110.45 -4.81 -31.29
C PHE Q 424 110.13 -4.92 -32.82
N LYS Q 425 109.33 -5.87 -33.32
CA LYS Q 425 109.02 -6.09 -34.76
C LYS Q 425 107.54 -5.80 -35.12
N LEU Q 426 106.85 -4.85 -34.47
CA LEU Q 426 105.39 -4.59 -34.63
C LEU Q 426 104.98 -3.62 -35.76
N ALA Q 427 105.91 -2.88 -36.35
CA ALA Q 427 105.63 -2.02 -37.50
C ALA Q 427 105.33 -2.90 -38.73
N ASN Q 428 104.47 -2.42 -39.65
CA ASN Q 428 104.22 -3.16 -40.91
C ASN Q 428 105.55 -3.29 -41.66
N PRO Q 429 105.89 -4.50 -42.16
CA PRO Q 429 107.09 -4.71 -42.95
C PRO Q 429 107.16 -3.94 -44.30
N LEU Q 430 106.06 -3.79 -45.04
CA LEU Q 430 105.87 -3.02 -46.31
C LEU Q 430 106.02 -1.49 -46.24
N VAL Q 431 105.60 -0.84 -45.16
CA VAL Q 431 105.54 0.65 -45.10
C VAL Q 431 106.63 1.36 -44.25
N ASP Q 432 107.26 2.41 -44.78
CA ASP Q 432 108.23 3.29 -44.06
C ASP Q 432 107.59 4.21 -43.00
N GLN Q 433 108.32 4.52 -41.94
CA GLN Q 433 107.89 5.51 -40.91
C GLN Q 433 108.00 6.97 -41.37
N TYR Q 434 107.14 7.88 -40.88
CA TYR Q 434 107.30 9.35 -41.13
C TYR Q 434 108.30 9.99 -40.12
N LEU Q 435 109.25 9.24 -39.61
CA LEU Q 435 110.16 9.69 -38.52
C LEU Q 435 111.62 9.55 -38.95
N TYR Q 436 112.48 10.39 -38.39
CA TYR Q 436 113.90 10.44 -38.83
C TYR Q 436 114.86 10.29 -37.66
N ARG Q 437 116.06 9.83 -37.94
CA ARG Q 437 117.09 9.57 -36.89
C ARG Q 437 118.42 10.26 -37.24
N PHE Q 438 119.20 10.59 -36.23
CA PHE Q 438 120.55 11.15 -36.45
C PHE Q 438 121.51 10.03 -36.75
N VAL Q 439 122.24 10.19 -37.84
CA VAL Q 439 123.23 9.16 -38.23
C VAL Q 439 124.66 9.68 -38.33
N SER Q 440 124.87 10.99 -38.42
CA SER Q 440 126.22 11.47 -38.79
C SER Q 440 126.57 12.93 -38.49
N THR Q 441 127.85 13.23 -38.53
CA THR Q 441 128.34 14.62 -38.44
C THR Q 441 129.28 14.77 -39.65
N ASN Q 442 129.33 15.93 -40.32
CA ASN Q 442 130.24 16.20 -41.47
C ASN Q 442 131.66 16.66 -41.04
N ASN Q 443 132.54 17.04 -41.97
CA ASN Q 443 133.96 17.43 -41.68
C ASN Q 443 133.95 18.63 -40.73
N THR Q 444 133.05 19.60 -40.89
CA THR Q 444 132.79 20.63 -39.87
C THR Q 444 131.75 19.89 -39.08
N GLY Q 445 131.73 19.88 -37.76
CA GLY Q 445 130.82 18.91 -37.11
C GLY Q 445 129.34 19.23 -37.16
N GLY Q 446 128.73 19.20 -38.35
CA GLY Q 446 127.31 19.54 -38.56
C GLY Q 446 126.44 18.31 -38.64
N VAL Q 447 125.33 18.28 -37.91
CA VAL Q 447 124.44 17.08 -37.80
C VAL Q 447 123.72 16.68 -39.10
N GLN Q 448 123.57 15.38 -39.31
CA GLN Q 448 122.95 14.83 -40.55
C GLN Q 448 121.88 13.79 -40.18
N PHE Q 449 120.85 13.65 -41.00
CA PHE Q 449 119.68 12.78 -40.67
C PHE Q 449 119.27 11.86 -41.83
N ASN Q 450 118.67 10.72 -41.52
CA ASN Q 450 118.14 9.77 -42.54
C ASN Q 450 116.75 9.31 -42.11
N LYS Q 451 115.86 9.05 -43.06
CA LYS Q 451 114.50 8.48 -42.82
C LYS Q 451 114.54 7.00 -42.41
N ASN Q 452 113.54 6.56 -41.65
CA ASN Q 452 113.46 5.14 -41.21
C ASN Q 452 112.70 4.31 -42.26
N LEU Q 453 113.38 3.33 -42.87
CA LEU Q 453 112.83 2.46 -43.95
C LEU Q 453 112.00 1.26 -43.46
N ALA Q 454 111.17 0.70 -44.34
CA ALA Q 454 110.32 -0.48 -44.02
C ALA Q 454 111.13 -1.75 -43.68
N GLY Q 455 110.77 -2.42 -42.57
CA GLY Q 455 111.42 -3.66 -42.12
C GLY Q 455 112.74 -3.49 -41.39
N ARG Q 456 113.22 -2.27 -41.19
CA ARG Q 456 114.52 -1.99 -40.52
C ARG Q 456 114.29 -1.86 -38.99
N TYR Q 457 114.05 -2.99 -38.30
CA TYR Q 457 113.67 -3.09 -36.84
C TYR Q 457 114.80 -2.58 -35.94
N ALA Q 458 116.03 -2.70 -36.39
CA ALA Q 458 117.19 -2.16 -35.67
C ALA Q 458 117.06 -0.64 -35.47
N ASN Q 459 116.51 0.12 -36.43
CA ASN Q 459 116.47 1.61 -36.41
C ASN Q 459 115.07 2.25 -36.32
N THR Q 460 114.08 1.70 -35.67
CA THR Q 460 112.66 2.12 -35.74
C THR Q 460 112.28 2.71 -34.40
N TYR Q 461 111.43 3.72 -34.38
CA TYR Q 461 110.91 4.32 -33.13
C TYR Q 461 110.03 3.28 -32.44
N LYS Q 462 110.11 3.19 -31.12
CA LYS Q 462 109.38 2.14 -30.36
C LYS Q 462 108.48 2.71 -29.27
N ASN Q 463 107.22 2.31 -29.19
CA ASN Q 463 106.29 2.62 -28.06
C ASN Q 463 106.58 1.94 -26.71
N TRP Q 464 107.02 0.69 -26.70
CA TRP Q 464 107.03 -0.15 -25.48
C TRP Q 464 108.36 -0.80 -25.22
N PHE Q 465 108.62 -1.11 -23.97
CA PHE Q 465 109.96 -1.60 -23.56
C PHE Q 465 109.83 -2.92 -22.83
N PRO Q 466 110.89 -3.75 -22.89
CA PRO Q 466 110.93 -5.00 -22.14
C PRO Q 466 111.04 -4.88 -20.62
N GLY Q 467 110.68 -5.93 -19.90
CA GLY Q 467 110.66 -5.97 -18.42
C GLY Q 467 112.02 -6.04 -17.73
N PRO Q 468 112.05 -5.83 -16.39
CA PRO Q 468 113.30 -5.74 -15.63
C PRO Q 468 114.24 -6.96 -15.58
N MET Q 469 115.56 -6.71 -15.57
CA MET Q 469 116.55 -7.80 -15.64
C MET Q 469 117.72 -7.67 -14.64
N GLY Q 470 118.27 -8.76 -14.12
CA GLY Q 470 119.56 -8.77 -13.36
C GLY Q 470 120.44 -9.88 -13.90
N ARG Q 471 121.71 -9.66 -14.26
CA ARG Q 471 122.52 -10.74 -14.90
C ARG Q 471 122.82 -11.95 -13.97
N THR Q 472 122.64 -13.19 -14.47
CA THR Q 472 122.87 -14.46 -13.75
C THR Q 472 123.71 -15.37 -14.61
N GLN Q 473 124.65 -16.13 -14.04
CA GLN Q 473 125.60 -16.97 -14.81
C GLN Q 473 124.91 -18.08 -15.64
N GLY Q 474 125.42 -18.34 -16.84
CA GLY Q 474 124.89 -19.38 -17.73
C GLY Q 474 125.77 -20.60 -17.79
N TRP Q 475 125.16 -21.78 -17.65
CA TRP Q 475 125.90 -23.07 -17.68
C TRP Q 475 125.36 -23.98 -18.80
N ASN Q 476 126.25 -24.59 -19.58
CA ASN Q 476 125.87 -25.53 -20.67
C ASN Q 476 125.42 -26.88 -20.11
N LEU Q 477 124.49 -27.53 -20.79
CA LEU Q 477 123.91 -28.85 -20.39
C LEU Q 477 124.11 -29.79 -21.58
N GLY Q 478 124.04 -31.11 -21.39
CA GLY Q 478 124.32 -32.05 -22.50
C GLY Q 478 125.75 -31.99 -22.98
N SER Q 479 125.96 -31.69 -24.26
CA SER Q 479 127.32 -31.60 -24.83
C SER Q 479 128.09 -30.49 -24.10
N GLY Q 480 127.47 -29.34 -23.79
CA GLY Q 480 128.12 -28.40 -22.85
C GLY Q 480 129.48 -27.85 -23.21
N VAL Q 481 130.49 -28.04 -22.37
CA VAL Q 481 131.87 -27.45 -22.53
C VAL Q 481 132.15 -26.38 -21.44
N ASN Q 482 131.52 -26.45 -20.26
CA ASN Q 482 131.74 -25.54 -19.08
C ASN Q 482 133.07 -25.70 -18.32
N ARG Q 483 133.49 -24.70 -17.53
CA ARG Q 483 134.74 -24.72 -16.70
C ARG Q 483 134.76 -25.78 -15.58
N ALA Q 484 135.90 -26.46 -15.38
CA ALA Q 484 136.08 -27.59 -14.43
C ALA Q 484 136.34 -27.25 -12.97
N SER Q 485 135.96 -28.15 -12.04
CA SER Q 485 136.28 -28.06 -10.59
C SER Q 485 135.83 -26.77 -9.89
N VAL Q 486 134.63 -26.29 -10.17
CA VAL Q 486 134.15 -24.99 -9.61
C VAL Q 486 133.29 -25.18 -8.35
N SER Q 487 133.51 -24.36 -7.32
CA SER Q 487 132.57 -24.33 -6.17
C SER Q 487 131.66 -23.13 -6.45
N ALA Q 488 130.37 -23.33 -6.62
CA ALA Q 488 129.39 -22.30 -7.03
C ALA Q 488 129.11 -21.12 -6.07
N PHE Q 489 129.07 -21.28 -4.75
CA PHE Q 489 128.50 -20.29 -3.79
C PHE Q 489 129.14 -18.87 -3.75
N ALA Q 490 130.45 -18.69 -3.84
CA ALA Q 490 131.10 -17.37 -3.77
C ALA Q 490 130.64 -16.45 -4.91
N THR Q 491 130.43 -16.98 -6.10
CA THR Q 491 130.07 -16.20 -7.30
C THR Q 491 128.58 -16.13 -7.57
N THR Q 492 127.73 -16.67 -6.71
CA THR Q 492 126.24 -16.64 -6.85
C THR Q 492 125.62 -15.27 -6.59
N ASN Q 493 124.44 -14.99 -7.15
CA ASN Q 493 123.67 -13.73 -6.91
C ASN Q 493 123.17 -13.65 -5.47
N ARG Q 494 123.21 -12.46 -4.87
CA ARG Q 494 122.84 -12.31 -3.44
C ARG Q 494 122.13 -11.00 -3.12
N MET Q 495 121.33 -10.97 -2.06
CA MET Q 495 120.71 -9.71 -1.53
C MET Q 495 121.10 -9.66 -0.04
N GLU Q 496 121.32 -8.45 0.52
CA GLU Q 496 121.78 -8.29 1.93
C GLU Q 496 120.62 -7.85 2.83
N LEU Q 497 120.32 -8.57 3.91
CA LEU Q 497 119.28 -8.17 4.91
C LEU Q 497 119.85 -8.24 6.32
N GLU Q 498 119.72 -7.21 7.16
CA GLU Q 498 120.08 -7.22 8.62
C GLU Q 498 121.54 -7.63 8.87
N GLY Q 499 122.49 -7.24 8.03
CA GLY Q 499 123.90 -7.71 8.19
C GLY Q 499 124.25 -9.09 7.65
N ALA Q 500 123.38 -9.79 6.92
CA ALA Q 500 123.79 -11.10 6.33
C ALA Q 500 123.55 -11.16 4.81
N SER Q 501 124.33 -11.96 4.07
CA SER Q 501 124.18 -12.16 2.60
C SER Q 501 123.34 -13.41 2.32
N TYR Q 502 122.31 -13.25 1.53
CA TYR Q 502 121.39 -14.39 1.23
C TYR Q 502 121.31 -14.70 -0.23
N GLN Q 503 121.40 -15.97 -0.57
CA GLN Q 503 121.08 -16.39 -1.95
C GLN Q 503 119.56 -16.22 -2.10
N VAL Q 504 119.11 -15.81 -3.26
CA VAL Q 504 117.67 -15.61 -3.57
C VAL Q 504 117.49 -16.47 -4.82
N PRO Q 505 117.39 -17.81 -4.66
CA PRO Q 505 117.44 -18.76 -5.76
C PRO Q 505 116.41 -18.66 -6.85
N PRO Q 506 115.11 -18.34 -6.69
CA PRO Q 506 114.32 -18.06 -7.88
C PRO Q 506 114.73 -16.59 -8.10
N GLN Q 507 115.10 -16.17 -9.29
CA GLN Q 507 115.36 -14.69 -9.40
C GLN Q 507 113.98 -13.95 -9.49
N PRO Q 508 113.89 -12.60 -9.39
CA PRO Q 508 112.63 -11.86 -9.62
C PRO Q 508 112.07 -11.89 -11.08
N ASN Q 509 110.75 -11.78 -11.31
CA ASN Q 509 110.10 -11.90 -12.67
C ASN Q 509 110.51 -10.92 -13.78
N GLY Q 510 110.30 -11.27 -15.07
CA GLY Q 510 110.66 -10.47 -16.27
C GLY Q 510 111.83 -10.94 -17.08
N MET Q 511 112.40 -12.09 -16.77
CA MET Q 511 113.51 -12.63 -17.57
C MET Q 511 113.24 -14.02 -18.15
N THR Q 512 114.05 -14.46 -19.12
CA THR Q 512 114.02 -15.86 -19.62
C THR Q 512 115.36 -16.54 -19.34
N ASN Q 513 115.39 -17.71 -18.70
CA ASN Q 513 116.58 -18.59 -18.45
C ASN Q 513 117.22 -19.23 -19.71
N ASN Q 514 116.46 -19.66 -20.70
CA ASN Q 514 116.98 -20.43 -21.88
C ASN Q 514 116.49 -19.82 -23.19
N LEU Q 515 117.34 -19.67 -24.19
CA LEU Q 515 116.94 -19.16 -25.56
C LEU Q 515 116.01 -20.03 -26.46
N GLN Q 516 116.12 -21.36 -26.59
CA GLN Q 516 115.33 -22.25 -27.52
C GLN Q 516 116.39 -22.96 -28.36
N GLY Q 517 116.27 -24.27 -28.56
CA GLY Q 517 117.48 -24.92 -29.09
C GLY Q 517 118.42 -24.68 -27.92
N SER Q 518 119.54 -24.00 -28.08
CA SER Q 518 120.54 -23.70 -27.02
C SER Q 518 120.58 -24.58 -25.75
N ASN Q 519 121.80 -24.89 -25.34
CA ASN Q 519 122.02 -25.73 -24.12
C ASN Q 519 122.52 -24.84 -22.98
N THR Q 520 122.48 -23.52 -23.13
CA THR Q 520 122.84 -22.59 -22.04
C THR Q 520 121.62 -22.29 -21.18
N TYR Q 521 121.78 -22.45 -19.87
CA TYR Q 521 120.68 -22.21 -18.91
C TYR Q 521 121.22 -21.37 -17.81
N ALA Q 522 120.43 -20.40 -17.38
CA ALA Q 522 120.85 -19.68 -16.16
C ALA Q 522 120.23 -20.48 -15.00
N LEU Q 523 121.03 -21.26 -14.27
CA LEU Q 523 120.57 -22.23 -13.23
C LEU Q 523 119.86 -21.61 -12.01
N GLU Q 524 120.28 -20.42 -11.56
CA GLU Q 524 119.65 -19.72 -10.42
C GLU Q 524 118.34 -19.02 -10.84
N ASN Q 525 117.99 -18.98 -12.12
CA ASN Q 525 116.68 -18.46 -12.61
C ASN Q 525 115.73 -19.62 -12.95
N THR Q 526 116.06 -20.86 -12.65
CA THR Q 526 115.23 -22.03 -13.08
C THR Q 526 114.69 -22.83 -11.92
N MET Q 527 113.44 -23.26 -11.99
CA MET Q 527 112.88 -24.23 -11.02
C MET Q 527 113.47 -25.63 -11.31
N ILE Q 528 114.09 -26.25 -10.32
CA ILE Q 528 114.66 -27.63 -10.45
C ILE Q 528 113.90 -28.60 -9.53
N PHE Q 529 113.47 -29.74 -10.07
CA PHE Q 529 112.63 -30.73 -9.35
C PHE Q 529 113.23 -32.11 -9.48
N ASN Q 530 112.84 -33.04 -8.61
CA ASN Q 530 113.26 -34.47 -8.68
C ASN Q 530 112.05 -35.29 -9.17
N SER Q 531 112.26 -36.25 -10.07
CA SER Q 531 111.18 -37.17 -10.53
C SER Q 531 110.67 -38.03 -9.36
N GLN Q 532 111.56 -38.48 -8.48
CA GLN Q 532 111.20 -39.34 -7.32
C GLN Q 532 111.33 -38.57 -6.00
N PRO Q 533 110.50 -38.86 -4.98
CA PRO Q 533 110.64 -38.26 -3.64
C PRO Q 533 111.93 -38.71 -2.93
N ALA Q 534 112.45 -37.86 -2.05
CA ALA Q 534 113.75 -38.13 -1.39
C ALA Q 534 113.63 -38.28 0.12
N ASN Q 535 114.55 -39.03 0.71
CA ASN Q 535 114.63 -39.17 2.19
C ASN Q 535 115.09 -37.84 2.82
N PRO Q 536 114.63 -37.50 4.03
CA PRO Q 536 115.07 -36.28 4.69
C PRO Q 536 116.55 -36.18 5.06
N GLY Q 537 117.15 -35.00 4.84
CA GLY Q 537 118.55 -34.74 5.21
C GLY Q 537 119.59 -35.25 4.24
N THR Q 538 119.18 -35.72 3.06
CA THR Q 538 120.14 -36.29 2.10
C THR Q 538 121.18 -35.23 1.71
N THR Q 539 122.45 -35.61 1.62
CA THR Q 539 123.54 -34.72 1.18
C THR Q 539 124.14 -35.25 -0.11
N ALA Q 540 123.49 -36.21 -0.78
CA ALA Q 540 123.98 -36.86 -2.02
C ALA Q 540 124.10 -35.90 -3.23
N THR Q 541 125.16 -36.05 -4.04
CA THR Q 541 125.27 -35.29 -5.31
C THR Q 541 124.30 -35.82 -6.33
N TYR Q 542 123.70 -34.94 -7.13
CA TYR Q 542 122.80 -35.35 -8.22
C TYR Q 542 123.29 -34.79 -9.53
N LEU Q 543 123.39 -35.65 -10.53
CA LEU Q 543 123.72 -35.23 -11.92
C LEU Q 543 122.44 -34.77 -12.67
N GLU Q 544 122.60 -34.20 -13.86
CA GLU Q 544 121.49 -33.64 -14.69
C GLU Q 544 120.42 -34.67 -15.09
N GLY Q 545 120.81 -35.92 -15.39
CA GLY Q 545 119.87 -36.97 -15.81
C GLY Q 545 118.83 -37.26 -14.75
N ASN Q 546 119.18 -37.29 -13.47
CA ASN Q 546 118.19 -37.41 -12.37
C ASN Q 546 117.23 -36.22 -12.29
N MET Q 547 117.68 -34.99 -12.56
CA MET Q 547 116.87 -33.77 -12.33
C MET Q 547 115.83 -33.42 -13.40
N LEU Q 548 114.75 -32.74 -13.03
CA LEU Q 548 113.76 -32.22 -14.01
C LEU Q 548 114.02 -30.72 -14.11
N ILE Q 549 114.49 -30.21 -15.25
CA ILE Q 549 114.88 -28.76 -15.38
C ILE Q 549 113.93 -28.04 -16.34
N THR Q 550 113.29 -26.98 -15.89
CA THR Q 550 112.33 -26.17 -16.67
C THR Q 550 112.99 -25.14 -17.61
N SER Q 551 112.29 -24.75 -18.66
CA SER Q 551 112.75 -23.74 -19.64
C SER Q 551 111.64 -22.69 -19.80
N GLU Q 552 111.98 -21.43 -19.94
CA GLU Q 552 111.02 -20.30 -20.09
C GLU Q 552 111.14 -19.74 -21.52
N SER Q 553 111.60 -20.52 -22.50
CA SER Q 553 111.91 -20.08 -23.89
C SER Q 553 110.70 -19.50 -24.64
N GLU Q 554 109.46 -19.84 -24.29
CA GLU Q 554 108.21 -19.29 -24.88
C GLU Q 554 108.11 -17.76 -24.65
N THR Q 555 108.57 -17.24 -23.53
CA THR Q 555 108.49 -15.81 -23.13
C THR Q 555 109.59 -14.95 -23.75
N GLN Q 556 110.53 -15.53 -24.51
CA GLN Q 556 111.72 -14.84 -25.10
C GLN Q 556 111.32 -13.68 -26.05
N PRO Q 557 110.24 -13.72 -26.86
CA PRO Q 557 109.79 -12.54 -27.61
C PRO Q 557 109.56 -11.25 -26.79
N VAL Q 558 109.17 -11.31 -25.50
CA VAL Q 558 109.07 -10.14 -24.56
C VAL Q 558 110.01 -10.15 -23.33
N ASN Q 559 110.80 -11.19 -23.06
CA ASN Q 559 111.58 -11.25 -21.79
C ASN Q 559 113.06 -11.32 -22.12
N ARG Q 560 113.85 -10.48 -21.47
CA ARG Q 560 115.32 -10.46 -21.71
C ARG Q 560 116.02 -11.72 -21.17
N VAL Q 561 117.08 -12.16 -21.83
CA VAL Q 561 117.88 -13.32 -21.36
C VAL Q 561 118.77 -12.98 -20.14
N ALA Q 562 118.73 -13.80 -19.08
CA ALA Q 562 119.46 -13.63 -17.80
C ALA Q 562 120.99 -13.68 -17.94
N TYR Q 563 121.52 -14.59 -18.73
CA TYR Q 563 123.00 -14.75 -18.93
C TYR Q 563 123.63 -13.51 -19.62
N ASN Q 564 122.95 -12.88 -20.57
CA ASN Q 564 123.47 -11.73 -21.35
C ASN Q 564 123.36 -10.35 -20.66
N VAL Q 565 124.15 -9.34 -21.07
CA VAL Q 565 124.01 -7.91 -20.64
C VAL Q 565 122.70 -7.30 -21.18
N GLY Q 566 122.02 -6.43 -20.43
CA GLY Q 566 120.76 -5.72 -20.81
C GLY Q 566 120.77 -4.72 -21.96
N GLY Q 567 121.80 -3.89 -22.11
CA GLY Q 567 121.83 -2.80 -23.12
C GLY Q 567 122.99 -1.89 -22.89
N GLN Q 568 123.04 -0.74 -23.57
CA GLN Q 568 124.12 0.28 -23.42
C GLN Q 568 123.54 1.70 -23.20
N MET Q 569 124.23 2.58 -22.46
CA MET Q 569 123.86 4.00 -22.21
C MET Q 569 125.07 4.91 -22.37
N ALA Q 570 124.90 6.22 -22.60
CA ALA Q 570 126.00 7.23 -22.73
C ALA Q 570 126.78 7.48 -21.42
N THR Q 571 128.11 7.55 -21.53
CA THR Q 571 128.99 7.73 -20.35
C THR Q 571 129.77 9.05 -20.39
N ASN Q 572 129.55 9.94 -21.34
CA ASN Q 572 130.41 11.13 -21.53
C ASN Q 572 129.68 12.23 -22.29
N ASN Q 573 130.31 13.39 -22.41
CA ASN Q 573 129.79 14.47 -23.29
C ASN Q 573 130.76 14.61 -24.46
N GLN Q 574 130.27 14.54 -25.70
CA GLN Q 574 131.08 14.71 -26.94
C GLN Q 574 131.52 16.19 -27.10
N SER Q 575 132.65 16.42 -27.74
CA SER Q 575 133.21 17.78 -27.98
C SER Q 575 134.11 17.68 -29.22
N SER Q 576 134.56 18.78 -29.77
CA SER Q 576 135.52 18.66 -30.90
C SER Q 576 136.76 17.91 -30.42
N THR Q 577 137.26 18.17 -29.21
CA THR Q 577 138.36 17.40 -28.59
C THR Q 577 137.99 15.95 -28.27
N THR Q 578 136.77 15.66 -27.81
CA THR Q 578 136.43 14.30 -27.32
C THR Q 578 135.39 13.53 -28.14
N ALA Q 579 135.72 12.31 -28.53
CA ALA Q 579 134.76 11.39 -29.21
C ALA Q 579 133.67 10.88 -28.26
N PRO Q 580 132.45 10.61 -28.75
CA PRO Q 580 131.40 10.01 -27.92
C PRO Q 580 131.66 8.56 -27.42
N ALA Q 581 131.21 8.20 -26.22
CA ALA Q 581 131.45 6.88 -25.59
C ALA Q 581 130.18 6.26 -24.99
N THR Q 582 130.10 4.93 -24.95
CA THR Q 582 128.95 4.20 -24.35
C THR Q 582 129.44 3.17 -23.34
N GLY Q 583 128.57 2.76 -22.42
CA GLY Q 583 128.90 1.66 -21.50
C GLY Q 583 127.77 0.66 -21.36
N THR Q 584 128.07 -0.64 -21.26
CA THR Q 584 127.04 -1.70 -20.98
C THR Q 584 126.57 -1.70 -19.53
N TYR Q 585 125.34 -2.13 -19.26
CA TYR Q 585 124.78 -2.28 -17.89
C TYR Q 585 124.41 -3.79 -17.60
N ASN Q 586 124.58 -4.28 -16.37
CA ASN Q 586 124.28 -5.70 -15.98
C ASN Q 586 122.92 -5.81 -15.25
N LEU Q 587 122.33 -4.68 -14.88
CA LEU Q 587 121.01 -4.68 -14.19
C LEU Q 587 120.14 -3.48 -14.59
N GLN Q 588 118.83 -3.65 -14.66
CA GLN Q 588 117.88 -2.53 -14.88
C GLN Q 588 116.57 -2.89 -14.18
N GLU Q 589 115.77 -1.91 -13.80
CA GLU Q 589 114.54 -2.14 -13.02
C GLU Q 589 113.39 -1.52 -13.79
N ILE Q 590 112.19 -1.47 -13.24
CA ILE Q 590 110.96 -1.00 -13.94
C ILE Q 590 111.05 0.44 -14.45
N VAL Q 591 110.55 0.65 -15.65
CA VAL Q 591 110.52 1.99 -16.32
C VAL Q 591 109.08 2.14 -16.82
N PRO Q 592 108.54 3.35 -17.00
CA PRO Q 592 107.20 3.50 -17.57
C PRO Q 592 107.10 2.97 -19.02
N GLY Q 593 106.00 2.31 -19.40
CA GLY Q 593 105.86 1.65 -20.71
C GLY Q 593 106.44 0.24 -20.77
N SER Q 594 106.86 -0.32 -19.63
CA SER Q 594 107.41 -1.69 -19.48
C SER Q 594 106.34 -2.80 -19.60
N VAL Q 595 106.65 -3.86 -20.36
CA VAL Q 595 105.75 -5.04 -20.55
C VAL Q 595 106.58 -6.32 -20.31
N TRP Q 596 105.98 -7.34 -19.68
CA TRP Q 596 106.66 -8.65 -19.44
C TRP Q 596 105.65 -9.77 -19.24
N MET Q 597 106.12 -11.00 -19.29
CA MET Q 597 105.30 -12.21 -18.97
C MET Q 597 105.78 -12.84 -17.64
N GLU Q 598 104.84 -13.21 -16.76
CA GLU Q 598 105.14 -13.92 -15.49
C GLU Q 598 105.55 -15.38 -15.72
N ARG Q 599 106.25 -15.98 -14.76
CA ARG Q 599 106.68 -17.41 -14.83
C ARG Q 599 105.51 -18.41 -14.98
N ASP Q 600 105.71 -19.45 -15.76
CA ASP Q 600 104.71 -20.52 -16.00
C ASP Q 600 104.48 -21.46 -14.82
N VAL Q 601 103.26 -21.93 -14.64
CA VAL Q 601 102.93 -23.01 -13.65
C VAL Q 601 103.28 -24.42 -14.18
N TYR Q 602 103.53 -25.36 -13.29
CA TYR Q 602 103.87 -26.76 -13.64
C TYR Q 602 102.95 -27.67 -12.86
N LEU Q 603 102.68 -28.88 -13.35
CA LEU Q 603 101.85 -29.88 -12.63
C LEU Q 603 102.54 -30.26 -11.29
N GLN Q 604 103.85 -30.44 -11.27
CA GLN Q 604 104.71 -30.66 -10.06
C GLN Q 604 104.75 -29.42 -9.12
N GLY Q 605 104.57 -28.20 -9.62
CA GLY Q 605 104.61 -26.94 -8.86
C GLY Q 605 103.48 -26.45 -7.97
N PRO Q 606 103.74 -25.42 -7.13
CA PRO Q 606 102.70 -24.73 -6.33
C PRO Q 606 101.63 -23.79 -6.90
N ILE Q 607 100.37 -23.87 -6.46
CA ILE Q 607 99.28 -22.88 -6.83
C ILE Q 607 99.36 -21.45 -6.23
N TRP Q 608 99.63 -21.26 -4.95
CA TRP Q 608 99.49 -19.93 -4.31
C TRP Q 608 100.59 -19.57 -3.30
N ALA Q 609 100.71 -18.28 -2.98
CA ALA Q 609 101.62 -17.78 -1.92
C ALA Q 609 100.89 -16.65 -1.18
N LYS Q 610 101.16 -16.49 0.10
CA LYS Q 610 100.58 -15.37 0.90
C LYS Q 610 101.40 -14.08 0.72
N ILE Q 611 100.74 -12.97 0.41
CA ILE Q 611 101.41 -11.65 0.39
C ILE Q 611 101.75 -11.24 1.83
N PRO Q 612 102.99 -10.80 2.14
CA PRO Q 612 103.36 -10.36 3.48
C PRO Q 612 102.75 -9.04 3.93
N GLU Q 613 102.38 -8.91 5.20
CA GLU Q 613 101.68 -7.67 5.67
C GLU Q 613 102.67 -6.60 6.18
N THR Q 614 103.01 -5.62 5.35
CA THR Q 614 103.96 -4.54 5.68
C THR Q 614 103.28 -3.21 5.54
N GLY Q 615 102.16 -3.17 4.84
CA GLY Q 615 101.46 -1.94 4.47
C GLY Q 615 101.94 -1.34 3.14
N ALA Q 616 103.02 -1.84 2.51
CA ALA Q 616 103.45 -1.37 1.18
C ALA Q 616 103.97 -2.51 0.30
N HIS Q 617 103.56 -2.59 -0.95
CA HIS Q 617 104.07 -3.61 -1.90
C HIS Q 617 103.91 -3.14 -3.36
N PHE Q 618 104.66 -3.72 -4.27
CA PHE Q 618 104.47 -3.46 -5.72
C PHE Q 618 104.23 -4.74 -6.50
N HIS Q 619 103.19 -4.80 -7.36
CA HIS Q 619 102.93 -5.94 -8.31
C HIS Q 619 103.10 -7.29 -7.64
N PRO Q 620 102.04 -7.84 -7.02
CA PRO Q 620 102.20 -9.02 -6.16
C PRO Q 620 102.06 -10.42 -6.71
N SER Q 621 102.99 -10.77 -7.57
CA SER Q 621 103.02 -12.11 -8.20
C SER Q 621 104.24 -12.85 -7.62
N PRO Q 622 104.07 -14.05 -7.02
CA PRO Q 622 105.21 -14.74 -6.43
C PRO Q 622 106.29 -15.27 -7.41
N ALA Q 623 107.56 -15.24 -7.03
CA ALA Q 623 108.68 -15.63 -7.92
C ALA Q 623 108.67 -17.10 -8.38
N MET Q 624 108.32 -18.06 -7.52
CA MET Q 624 108.20 -19.50 -7.84
C MET Q 624 107.10 -19.72 -8.88
N GLY Q 625 106.04 -18.93 -8.87
CA GLY Q 625 104.90 -19.03 -9.79
C GLY Q 625 103.59 -19.03 -9.06
N GLY Q 626 102.48 -18.97 -9.78
CA GLY Q 626 101.14 -19.01 -9.15
C GLY Q 626 100.43 -17.73 -8.78
N PHE Q 627 99.50 -17.80 -7.86
CA PHE Q 627 98.61 -16.67 -7.48
C PHE Q 627 98.98 -16.11 -6.11
N GLY Q 628 99.15 -14.79 -6.03
CA GLY Q 628 99.47 -14.10 -4.77
C GLY Q 628 98.23 -13.65 -4.09
N LEU Q 629 98.01 -14.07 -2.86
CA LEU Q 629 96.73 -13.79 -2.17
C LEU Q 629 96.90 -13.05 -0.85
N LYS Q 630 96.17 -11.96 -0.66
CA LYS Q 630 96.10 -11.27 0.65
C LYS Q 630 95.46 -12.17 1.72
N HIS Q 631 94.40 -12.89 1.37
CA HIS Q 631 93.71 -13.82 2.31
C HIS Q 631 93.72 -15.22 1.72
N PRO Q 632 94.80 -15.99 1.96
CA PRO Q 632 94.96 -17.34 1.44
C PRO Q 632 94.12 -18.45 2.07
N PRO Q 633 93.95 -19.62 1.43
CA PRO Q 633 93.20 -20.68 2.09
C PRO Q 633 93.90 -20.98 3.43
N PRO Q 634 93.17 -21.07 4.55
CA PRO Q 634 93.77 -21.18 5.88
C PRO Q 634 94.50 -22.42 6.38
N MET Q 635 95.45 -22.25 7.30
CA MET Q 635 96.18 -23.37 7.93
C MET Q 635 95.23 -24.33 8.71
N MET Q 636 95.36 -25.63 8.47
CA MET Q 636 94.52 -26.66 9.11
C MET Q 636 95.45 -27.50 10.01
N LEU Q 637 95.16 -27.55 11.30
CA LEU Q 637 96.07 -28.17 12.31
C LEU Q 637 95.37 -29.32 13.05
N ILE Q 638 96.07 -30.44 13.19
CA ILE Q 638 95.53 -31.65 13.86
C ILE Q 638 96.53 -32.18 14.91
N LYS Q 639 96.03 -32.58 16.06
CA LYS Q 639 96.91 -33.22 17.09
C LYS Q 639 96.24 -34.43 17.75
N ASN Q 640 97.03 -35.33 18.30
CA ASN Q 640 96.50 -36.45 19.15
C ASN Q 640 96.38 -35.93 20.58
N THR Q 641 95.25 -36.09 21.23
CA THR Q 641 95.08 -35.69 22.65
C THR Q 641 95.97 -36.52 23.57
N PRO Q 642 96.69 -35.89 24.53
CA PRO Q 642 97.45 -36.63 25.52
C PRO Q 642 96.61 -37.59 26.36
N VAL Q 643 97.03 -38.84 26.43
CA VAL Q 643 96.33 -39.80 27.32
C VAL Q 643 97.37 -40.25 28.37
N PRO Q 644 97.13 -39.97 29.65
CA PRO Q 644 98.07 -40.36 30.72
C PRO Q 644 98.33 -41.82 31.14
N GLY Q 645 99.55 -42.15 31.54
CA GLY Q 645 99.94 -43.45 32.13
C GLY Q 645 99.54 -43.52 33.59
N ASN Q 646 99.69 -44.66 34.27
CA ASN Q 646 99.15 -44.78 35.65
C ASN Q 646 99.84 -43.83 36.64
N ILE Q 647 99.05 -43.02 37.36
CA ILE Q 647 99.62 -42.08 38.37
C ILE Q 647 98.97 -42.44 39.71
N THR Q 648 99.74 -42.69 40.75
CA THR Q 648 99.19 -43.16 42.05
C THR Q 648 99.31 -42.10 43.14
N SER Q 649 100.06 -41.04 42.91
CA SER Q 649 100.31 -40.01 43.96
C SER Q 649 100.13 -38.59 43.40
N PHE Q 650 99.77 -37.61 44.23
CA PHE Q 650 99.65 -36.20 43.84
C PHE Q 650 100.98 -35.44 43.71
N SER Q 651 101.15 -34.65 42.65
CA SER Q 651 102.29 -33.70 42.56
C SER Q 651 101.82 -32.40 41.93
N ASP Q 652 102.35 -31.27 42.34
CA ASP Q 652 102.17 -29.96 41.64
C ASP Q 652 102.87 -30.05 40.28
N VAL Q 653 104.01 -30.75 40.21
CA VAL Q 653 104.79 -30.90 38.94
C VAL Q 653 103.96 -31.62 37.87
N PRO Q 654 103.91 -31.11 36.61
CA PRO Q 654 103.13 -31.72 35.53
C PRO Q 654 103.50 -33.13 35.09
N VAL Q 655 102.50 -33.91 34.71
CA VAL Q 655 102.74 -35.32 34.28
C VAL Q 655 103.58 -35.39 32.99
N SER Q 656 104.58 -36.24 33.00
CA SER Q 656 105.47 -36.48 31.85
C SER Q 656 105.31 -37.92 31.32
N SER Q 657 104.41 -38.71 31.88
CA SER Q 657 104.24 -40.14 31.48
C SER Q 657 102.89 -40.34 30.79
N PHE Q 658 102.92 -40.82 29.55
CA PHE Q 658 101.70 -40.93 28.72
C PHE Q 658 101.69 -42.23 27.98
N ILE Q 659 100.52 -42.77 27.68
CA ILE Q 659 100.46 -43.97 26.78
C ILE Q 659 100.85 -43.60 25.32
N THR Q 660 101.61 -44.43 24.60
CA THR Q 660 102.04 -44.18 23.18
C THR Q 660 100.92 -44.47 22.17
N GLN Q 661 100.62 -43.49 21.31
CA GLN Q 661 99.45 -43.57 20.38
C GLN Q 661 99.70 -42.92 19.00
N TYR Q 662 98.95 -43.32 17.97
CA TYR Q 662 99.03 -42.72 16.61
C TYR Q 662 97.62 -42.68 16.03
N SER Q 663 97.38 -41.83 15.04
CA SER Q 663 96.05 -41.75 14.39
C SER Q 663 96.11 -41.93 12.85
N THR Q 664 95.00 -42.41 12.27
CA THR Q 664 94.90 -42.61 10.81
C THR Q 664 93.50 -42.22 10.33
N GLY Q 665 93.33 -41.82 9.07
CA GLY Q 665 92.02 -41.48 8.50
C GLY Q 665 92.01 -41.15 7.03
N GLN Q 666 90.91 -40.62 6.53
CA GLN Q 666 90.75 -40.16 5.11
C GLN Q 666 90.45 -38.64 5.01
N VAL Q 667 91.02 -37.99 4.00
CA VAL Q 667 90.77 -36.54 3.74
C VAL Q 667 90.25 -36.34 2.29
N THR Q 668 89.22 -35.53 2.09
CA THR Q 668 88.73 -35.17 0.75
C THR Q 668 88.86 -33.67 0.49
N VAL Q 669 89.42 -33.26 -0.66
CA VAL Q 669 89.47 -31.82 -1.09
C VAL Q 669 88.71 -31.61 -2.41
N GLU Q 670 87.79 -30.66 -2.47
CA GLU Q 670 87.03 -30.32 -3.69
C GLU Q 670 87.35 -28.88 -4.10
N MET Q 671 87.74 -28.67 -5.36
CA MET Q 671 88.11 -27.33 -5.87
C MET Q 671 87.38 -26.97 -7.16
N GLU Q 672 86.96 -25.71 -7.27
CA GLU Q 672 86.30 -25.20 -8.50
C GLU Q 672 87.25 -24.24 -9.25
N TRP Q 673 87.31 -24.38 -10.57
CA TRP Q 673 88.21 -23.55 -11.40
C TRP Q 673 87.43 -22.85 -12.52
N GLU Q 674 87.79 -21.60 -12.80
CA GLU Q 674 87.18 -20.84 -13.93
C GLU Q 674 88.14 -20.87 -15.13
N LEU Q 675 87.63 -21.13 -16.32
CA LEU Q 675 88.42 -21.28 -17.57
C LEU Q 675 88.21 -20.14 -18.56
N LYS Q 676 89.27 -19.70 -19.24
CA LYS Q 676 89.13 -18.72 -20.34
C LYS Q 676 89.35 -19.44 -21.69
N LYS Q 677 88.36 -19.40 -22.57
CA LYS Q 677 88.41 -20.03 -23.92
C LYS Q 677 89.31 -19.36 -24.97
N GLU Q 678 89.96 -20.17 -25.80
CA GLU Q 678 90.73 -19.65 -26.96
C GLU Q 678 89.78 -19.08 -28.05
N ASN Q 679 90.13 -17.97 -28.69
CA ASN Q 679 89.35 -17.34 -29.80
C ASN Q 679 90.28 -17.08 -31.01
N SER Q 680 91.18 -18.00 -31.35
CA SER Q 680 92.20 -17.81 -32.42
C SER Q 680 91.69 -17.79 -33.87
N LYS Q 681 92.29 -16.96 -34.72
CA LYS Q 681 92.01 -16.92 -36.18
C LYS Q 681 93.20 -17.52 -36.98
N ARG Q 682 94.20 -18.13 -36.35
CA ARG Q 682 95.37 -18.81 -37.01
C ARG Q 682 94.98 -20.01 -37.90
N TRP Q 683 95.24 -19.95 -39.21
CA TRP Q 683 94.92 -20.99 -40.21
C TRP Q 683 95.69 -22.32 -40.07
N ASN Q 684 96.98 -22.23 -39.84
CA ASN Q 684 97.89 -23.39 -39.71
C ASN Q 684 97.76 -24.09 -38.34
N PRO Q 685 98.11 -25.39 -38.27
CA PRO Q 685 98.11 -26.11 -37.00
C PRO Q 685 99.14 -25.71 -35.91
N GLU Q 686 98.70 -25.70 -34.66
CA GLU Q 686 99.50 -25.39 -33.45
C GLU Q 686 100.33 -26.52 -32.79
N ILE Q 687 101.30 -26.15 -31.96
CA ILE Q 687 102.06 -27.10 -31.07
C ILE Q 687 101.16 -27.61 -29.92
N GLN Q 688 101.27 -28.89 -29.57
CA GLN Q 688 100.47 -29.56 -28.49
C GLN Q 688 101.32 -30.50 -27.65
N TYR Q 689 101.03 -30.68 -26.37
CA TYR Q 689 101.70 -31.72 -25.54
C TYR Q 689 101.16 -33.11 -25.99
N THR Q 690 102.07 -34.05 -26.20
CA THR Q 690 101.68 -35.39 -26.67
C THR Q 690 102.47 -36.43 -25.93
N ASN Q 691 101.93 -37.65 -25.85
CA ASN Q 691 102.71 -38.78 -25.31
C ASN Q 691 103.52 -39.30 -26.48
N ASN Q 692 104.82 -39.08 -26.49
CA ASN Q 692 105.68 -39.41 -27.65
C ASN Q 692 107.00 -39.95 -27.12
N TYR Q 693 107.29 -41.20 -27.41
CA TYR Q 693 108.49 -41.87 -26.85
C TYR Q 693 109.02 -42.79 -27.94
N ASN Q 694 110.32 -42.97 -28.05
CA ASN Q 694 110.86 -43.94 -29.05
C ASN Q 694 111.27 -45.25 -28.37
N ASP Q 695 110.73 -46.41 -28.79
CA ASP Q 695 111.01 -47.77 -28.22
C ASP Q 695 110.82 -47.83 -26.69
N PRO Q 696 109.67 -47.39 -26.12
CA PRO Q 696 109.53 -47.36 -24.66
C PRO Q 696 109.62 -48.68 -23.87
N GLN Q 697 110.35 -48.69 -22.75
CA GLN Q 697 110.48 -49.91 -21.90
C GLN Q 697 109.51 -49.87 -20.72
N PHE Q 698 108.78 -48.78 -20.55
CA PHE Q 698 107.84 -48.62 -19.43
C PHE Q 698 106.83 -47.60 -19.89
N VAL Q 699 105.70 -47.54 -19.23
CA VAL Q 699 104.75 -46.43 -19.50
C VAL Q 699 105.03 -45.34 -18.48
N ASP Q 700 105.27 -44.12 -18.91
CA ASP Q 700 105.41 -42.93 -18.04
C ASP Q 700 104.07 -42.56 -17.39
N PHE Q 701 104.06 -41.98 -16.18
CA PHE Q 701 102.85 -41.65 -15.36
C PHE Q 701 102.04 -42.89 -15.00
N ALA Q 702 102.72 -43.98 -14.70
CA ALA Q 702 102.11 -45.27 -14.35
C ALA Q 702 102.98 -45.96 -13.29
N PRO Q 703 102.44 -46.92 -12.50
CA PRO Q 703 103.27 -47.75 -11.63
C PRO Q 703 104.21 -48.75 -12.32
N ASP Q 704 105.34 -49.08 -11.70
CA ASP Q 704 106.26 -50.11 -12.26
C ASP Q 704 106.03 -51.51 -11.66
N SER Q 705 106.91 -52.46 -11.96
CA SER Q 705 106.79 -53.86 -11.48
C SER Q 705 106.82 -53.92 -9.94
N THR Q 706 107.64 -53.11 -9.27
CA THR Q 706 107.65 -52.95 -7.78
C THR Q 706 106.47 -52.17 -7.24
N GLY Q 707 105.69 -51.45 -8.05
CA GLY Q 707 104.61 -50.56 -7.58
C GLY Q 707 104.95 -49.09 -7.36
N GLU Q 708 106.13 -48.64 -7.75
CA GLU Q 708 106.56 -47.22 -7.62
C GLU Q 708 106.15 -46.38 -8.84
N TYR Q 709 105.50 -45.23 -8.63
CA TYR Q 709 105.05 -44.30 -9.70
C TYR Q 709 106.23 -43.63 -10.42
N ARG Q 710 106.10 -43.50 -11.75
CA ARG Q 710 107.18 -42.90 -12.57
C ARG Q 710 106.68 -41.60 -13.19
N SER Q 711 107.41 -40.51 -13.04
CA SER Q 711 107.09 -39.18 -13.63
C SER Q 711 108.34 -38.55 -14.26
N THR Q 712 108.81 -39.00 -15.41
CA THR Q 712 110.04 -38.55 -16.14
C THR Q 712 110.03 -37.09 -16.59
N ARG Q 713 108.91 -36.50 -17.02
CA ARG Q 713 108.91 -35.15 -17.64
C ARG Q 713 108.19 -34.03 -16.86
N PRO Q 714 108.75 -32.81 -16.75
CA PRO Q 714 108.02 -31.66 -16.22
C PRO Q 714 106.97 -31.05 -17.20
N ILE Q 715 105.76 -30.69 -16.77
CA ILE Q 715 104.80 -30.16 -17.79
C ILE Q 715 104.34 -28.73 -17.49
N GLY Q 716 104.57 -27.81 -18.43
CA GLY Q 716 104.13 -26.41 -18.40
C GLY Q 716 102.77 -26.21 -19.02
N THR Q 717 102.26 -24.99 -18.99
CA THR Q 717 100.96 -24.66 -19.58
C THR Q 717 100.96 -23.98 -20.95
N ARG Q 718 102.08 -23.54 -21.54
CA ARG Q 718 102.00 -22.71 -22.79
C ARG Q 718 102.29 -23.47 -24.10
N TYR Q 719 101.24 -23.84 -24.84
CA TYR Q 719 101.36 -24.57 -26.14
C TYR Q 719 100.64 -23.77 -27.20
N LEU Q 720 99.59 -23.05 -26.81
CA LEU Q 720 98.82 -22.16 -27.72
C LEU Q 720 99.57 -20.85 -27.97
N THR Q 721 99.26 -20.21 -29.08
CA THR Q 721 99.96 -18.98 -29.51
C THR Q 721 98.96 -17.87 -29.73
N ARG Q 722 99.35 -16.65 -29.41
CA ARG Q 722 98.49 -15.46 -29.69
C ARG Q 722 99.31 -14.33 -30.29
N PRO Q 723 98.73 -13.48 -31.18
CA PRO Q 723 99.41 -12.25 -31.63
C PRO Q 723 99.51 -11.17 -30.54
N LEU Q 724 100.54 -10.33 -30.57
CA LEU Q 724 100.75 -9.29 -29.53
C LEU Q 724 99.64 -8.21 -29.57
N ASP R 209 71.62 1.30 -53.92
CA ASP R 209 70.42 1.68 -54.73
C ASP R 209 70.74 1.67 -56.23
N GLY R 210 71.51 2.62 -56.77
CA GLY R 210 71.63 2.70 -58.23
C GLY R 210 72.88 3.30 -58.83
N VAL R 211 73.09 3.11 -60.13
CA VAL R 211 74.22 3.72 -60.90
C VAL R 211 74.15 5.26 -60.88
N GLY R 212 72.98 5.86 -60.98
CA GLY R 212 72.81 7.32 -61.07
C GLY R 212 72.60 8.01 -59.76
N ASN R 213 72.63 7.30 -58.63
CA ASN R 213 72.30 7.91 -57.32
C ASN R 213 73.52 7.94 -56.41
N ALA R 214 73.81 9.08 -55.79
CA ALA R 214 74.94 9.21 -54.84
C ALA R 214 74.68 8.57 -53.47
N SER R 215 75.59 7.75 -52.97
CA SER R 215 75.58 7.04 -51.65
C SER R 215 75.73 7.97 -50.42
N GLY R 216 76.51 9.05 -50.50
CA GLY R 216 76.74 10.00 -49.40
C GLY R 216 77.16 11.40 -49.79
N ASP R 217 77.29 12.29 -48.83
CA ASP R 217 77.66 13.73 -49.02
C ASP R 217 78.95 14.14 -48.30
N TRP R 218 79.60 15.21 -48.74
CA TRP R 218 80.85 15.74 -48.14
C TRP R 218 80.60 16.49 -46.82
N HIS R 219 81.25 16.06 -45.74
CA HIS R 219 81.19 16.80 -44.46
C HIS R 219 82.59 17.11 -43.94
N CYS R 220 83.03 18.37 -43.91
CA CYS R 220 84.31 18.74 -43.26
C CYS R 220 84.01 19.91 -42.32
N ASP R 221 84.03 19.69 -41.01
CA ASP R 221 83.61 20.77 -40.06
C ASP R 221 84.08 20.60 -38.61
N SER R 222 84.08 21.66 -37.81
CA SER R 222 84.32 21.59 -36.34
C SER R 222 83.15 22.28 -35.63
N THR R 223 82.57 21.69 -34.60
CA THR R 223 81.53 22.34 -33.77
C THR R 223 81.98 22.37 -32.33
N TRP R 224 81.97 23.53 -31.69
CA TRP R 224 82.38 23.71 -30.27
C TRP R 224 81.15 23.97 -29.42
N MET R 225 80.91 23.13 -28.42
CA MET R 225 79.71 23.24 -27.54
C MET R 225 80.07 23.10 -26.05
N GLY R 226 80.59 24.13 -25.39
CA GLY R 226 81.02 24.00 -23.97
C GLY R 226 82.16 23.03 -23.77
N ASP R 227 81.98 21.99 -22.97
CA ASP R 227 83.01 20.96 -22.66
C ASP R 227 83.30 20.00 -23.83
N ARG R 228 82.50 19.99 -24.90
CA ARG R 228 82.65 19.05 -26.03
C ARG R 228 83.00 19.71 -27.38
N VAL R 229 83.91 19.12 -28.15
CA VAL R 229 84.19 19.57 -29.54
C VAL R 229 83.97 18.35 -30.47
N VAL R 230 83.27 18.52 -31.59
CA VAL R 230 83.06 17.44 -32.62
C VAL R 230 83.84 17.78 -33.90
N THR R 231 84.64 16.86 -34.40
CA THR R 231 85.41 17.06 -35.66
C THR R 231 84.90 16.15 -36.78
N LYS R 232 84.67 16.69 -37.98
CA LYS R 232 84.26 15.90 -39.18
C LYS R 232 85.31 16.07 -40.27
N SER R 233 85.77 14.98 -40.89
CA SER R 233 86.79 15.01 -41.97
C SER R 233 86.38 14.13 -43.14
N THR R 234 86.44 14.64 -44.37
CA THR R 234 86.14 13.87 -45.60
C THR R 234 87.34 13.88 -46.55
N ARG R 235 87.70 12.72 -47.10
CA ARG R 235 88.81 12.59 -48.09
C ARG R 235 88.45 11.68 -49.28
N THR R 236 89.17 11.82 -50.39
CA THR R 236 89.05 10.96 -51.59
C THR R 236 90.24 10.01 -51.63
N TRP R 237 90.01 8.71 -51.79
CA TRP R 237 91.06 7.64 -51.78
C TRP R 237 91.11 6.82 -53.09
N VAL R 238 92.26 6.24 -53.37
CA VAL R 238 92.46 5.30 -54.51
C VAL R 238 92.97 3.94 -53.97
N LEU R 239 92.43 2.82 -54.48
CA LEU R 239 92.94 1.47 -54.10
C LEU R 239 93.55 0.69 -55.26
N PRO R 240 94.86 0.34 -55.20
CA PRO R 240 95.48 -0.57 -56.16
C PRO R 240 95.13 -2.05 -55.97
N SER R 241 95.25 -2.87 -57.01
CA SER R 241 95.11 -4.33 -56.79
C SER R 241 96.50 -4.90 -56.42
N TYR R 242 96.81 -5.01 -55.13
CA TYR R 242 98.16 -5.41 -54.64
C TYR R 242 98.46 -6.90 -54.73
N ASN R 243 99.64 -7.28 -55.24
CA ASN R 243 100.12 -8.70 -55.25
C ASN R 243 99.47 -9.49 -56.38
N ASN R 244 98.69 -8.85 -57.26
CA ASN R 244 97.91 -9.52 -58.35
C ASN R 244 97.01 -10.61 -57.76
N HIS R 245 96.30 -10.33 -56.67
CA HIS R 245 95.31 -11.26 -56.03
C HIS R 245 95.97 -12.44 -55.28
N GLN R 246 97.20 -12.30 -54.83
CA GLN R 246 97.93 -13.42 -54.18
C GLN R 246 98.55 -13.04 -52.82
N TYR R 247 98.82 -14.01 -51.97
CA TYR R 247 99.48 -13.83 -50.65
C TYR R 247 100.90 -14.27 -50.83
N ARG R 248 101.86 -13.47 -50.39
CA ARG R 248 103.30 -13.79 -50.61
C ARG R 248 104.10 -13.90 -49.30
N GLU R 249 104.90 -14.95 -49.17
CA GLU R 249 105.82 -15.04 -48.01
C GLU R 249 106.97 -14.04 -48.18
N ILE R 250 107.26 -13.26 -47.15
CA ILE R 250 108.29 -12.18 -47.19
C ILE R 250 109.31 -12.43 -46.07
N LYS R 251 110.58 -12.12 -46.31
CA LYS R 251 111.62 -12.44 -45.30
C LYS R 251 112.86 -11.56 -45.48
N SER R 252 113.62 -11.38 -44.41
CA SER R 252 114.91 -10.68 -44.54
C SER R 252 116.04 -11.32 -43.72
N GLY R 253 117.27 -11.31 -44.21
CA GLY R 253 118.48 -11.63 -43.43
C GLY R 253 119.09 -10.34 -42.84
N SER R 254 120.28 -10.38 -42.28
CA SER R 254 120.98 -9.19 -41.72
C SER R 254 121.29 -8.12 -42.79
N VAL R 255 121.04 -6.83 -42.49
CA VAL R 255 121.23 -5.72 -43.48
C VAL R 255 121.85 -4.52 -42.76
N ASP R 256 122.71 -3.76 -43.42
CA ASP R 256 123.39 -2.56 -42.84
C ASP R 256 124.22 -2.98 -41.61
N GLY R 257 124.73 -4.20 -41.62
CA GLY R 257 125.52 -4.72 -40.49
C GLY R 257 124.71 -5.24 -39.32
N SER R 258 123.37 -5.33 -39.38
CA SER R 258 122.63 -5.76 -38.16
C SER R 258 121.70 -6.96 -38.31
N ASN R 259 121.79 -7.96 -37.43
CA ASN R 259 120.85 -9.13 -37.35
C ASN R 259 119.48 -8.74 -36.76
N ALA R 260 119.35 -7.59 -36.08
CA ALA R 260 118.07 -7.04 -35.54
C ALA R 260 117.14 -6.72 -36.72
N ASN R 261 117.71 -6.44 -37.88
CA ASN R 261 117.02 -6.26 -39.19
C ASN R 261 116.30 -7.52 -39.71
N ALA R 262 116.78 -8.74 -39.47
CA ALA R 262 116.17 -10.03 -39.93
C ALA R 262 114.72 -10.27 -39.44
N TYR R 263 113.85 -10.78 -40.31
CA TYR R 263 112.41 -11.06 -40.01
C TYR R 263 111.85 -12.14 -40.94
N PHE R 264 110.74 -12.77 -40.56
CA PHE R 264 109.96 -13.71 -41.40
C PHE R 264 108.49 -13.19 -41.38
N GLY R 265 107.82 -13.12 -42.52
CA GLY R 265 106.46 -12.54 -42.61
C GLY R 265 105.62 -12.84 -43.83
N TYR R 266 104.40 -12.31 -43.86
CA TYR R 266 103.47 -12.44 -45.02
C TYR R 266 103.03 -11.06 -45.59
N SER R 267 102.96 -10.92 -46.92
CA SER R 267 102.36 -9.71 -47.59
C SER R 267 100.98 -10.12 -48.11
N THR R 268 100.03 -9.22 -48.10
CA THR R 268 98.62 -9.56 -48.43
C THR R 268 98.05 -8.73 -49.57
N PRO R 269 97.00 -9.21 -50.26
CA PRO R 269 96.27 -8.47 -51.30
C PRO R 269 95.50 -7.22 -50.83
N TRP R 270 95.10 -7.14 -49.57
CA TRP R 270 94.32 -6.05 -48.93
C TRP R 270 95.04 -4.73 -48.61
N GLY R 271 94.24 -3.67 -48.45
CA GLY R 271 94.70 -2.33 -48.05
C GLY R 271 93.90 -1.90 -46.83
N TYR R 272 94.40 -0.94 -46.09
CA TYR R 272 93.74 -0.51 -44.83
C TYR R 272 93.63 1.02 -44.71
N PHE R 273 92.70 1.51 -43.90
CA PHE R 273 92.51 2.95 -43.61
C PHE R 273 93.13 3.30 -42.23
N ASP R 274 94.01 4.29 -42.14
CA ASP R 274 94.67 4.77 -40.89
C ASP R 274 94.30 6.24 -40.60
N PHE R 275 93.76 6.51 -39.41
CA PHE R 275 93.45 7.90 -38.98
C PHE R 275 94.25 8.34 -37.72
N ASN R 276 95.33 7.64 -37.30
CA ASN R 276 96.02 7.99 -36.03
C ASN R 276 97.04 9.13 -36.22
N ARG R 277 96.61 10.30 -36.68
CA ARG R 277 97.42 11.54 -36.74
C ARG R 277 96.44 12.68 -36.40
N PHE R 278 96.84 13.69 -35.63
CA PHE R 278 95.99 14.86 -35.23
C PHE R 278 95.58 15.75 -36.43
N HIS R 279 96.45 15.99 -37.41
CA HIS R 279 96.24 16.84 -38.63
C HIS R 279 95.12 16.23 -39.49
N SER R 280 94.86 14.93 -39.39
CA SER R 280 93.73 14.22 -40.05
C SER R 280 92.38 14.77 -39.57
N HIS R 281 92.23 15.11 -38.29
CA HIS R 281 90.99 15.66 -37.69
C HIS R 281 91.02 17.17 -37.38
N TRP R 282 92.17 17.83 -37.33
CA TRP R 282 92.26 19.21 -36.80
C TRP R 282 92.84 20.21 -37.79
N SER R 283 92.14 21.33 -38.00
CA SER R 283 92.70 22.46 -38.78
C SER R 283 93.78 23.15 -37.92
N PRO R 284 94.75 23.85 -38.55
CA PRO R 284 95.72 24.59 -37.77
C PRO R 284 95.12 25.69 -36.90
N ARG R 285 94.11 26.44 -37.36
CA ARG R 285 93.39 27.42 -36.51
C ARG R 285 92.64 26.78 -35.32
N ASP R 286 91.97 25.65 -35.52
CA ASP R 286 91.24 24.89 -34.45
C ASP R 286 92.21 24.38 -33.38
N TRP R 287 93.37 23.90 -33.79
CA TRP R 287 94.44 23.44 -32.86
C TRP R 287 94.95 24.60 -31.98
N GLN R 288 95.12 25.79 -32.53
CA GLN R 288 95.52 27.02 -31.79
C GLN R 288 94.47 27.41 -30.75
N ARG R 289 93.19 27.30 -31.09
CA ARG R 289 92.11 27.59 -30.14
C ARG R 289 92.14 26.64 -28.94
N LEU R 290 92.36 25.35 -29.12
CA LEU R 290 92.52 24.40 -28.00
C LEU R 290 93.77 24.58 -27.09
N ILE R 291 94.95 24.79 -27.66
CA ILE R 291 96.24 24.92 -26.91
C ILE R 291 96.26 26.18 -26.04
N ASN R 292 95.72 27.27 -26.55
CA ASN R 292 95.57 28.58 -25.86
C ASN R 292 94.61 28.57 -24.67
N ASN R 293 93.48 27.85 -24.70
CA ASN R 293 92.39 27.98 -23.69
C ASN R 293 92.04 26.80 -22.77
N TYR R 294 92.66 25.64 -22.87
CA TYR R 294 92.23 24.45 -22.10
C TYR R 294 93.35 23.73 -21.35
N TRP R 295 93.11 23.28 -20.12
CA TRP R 295 94.05 22.42 -19.35
C TRP R 295 94.26 21.00 -19.93
N GLY R 296 93.21 20.37 -20.45
CA GLY R 296 93.29 18.99 -20.95
C GLY R 296 92.27 18.59 -21.98
N PHE R 297 92.53 17.50 -22.69
CA PHE R 297 91.56 16.94 -23.68
C PHE R 297 91.62 15.40 -23.68
N ARG R 298 90.53 14.70 -24.05
CA ARG R 298 90.51 13.21 -24.23
C ARG R 298 89.54 12.77 -25.36
N PRO R 299 89.79 11.67 -26.12
CA PRO R 299 88.80 11.10 -27.08
C PRO R 299 87.59 10.34 -26.48
N ARG R 300 86.40 10.46 -27.07
CA ARG R 300 85.17 9.80 -26.54
C ARG R 300 84.53 8.85 -27.55
N SER R 301 84.27 9.31 -28.77
CA SER R 301 83.53 8.49 -29.78
C SER R 301 84.09 8.59 -31.20
N LEU R 302 83.95 7.53 -31.99
CA LEU R 302 84.35 7.53 -33.41
C LEU R 302 83.24 6.99 -34.35
N ARG R 303 82.97 7.64 -35.49
CA ARG R 303 82.04 7.13 -36.54
C ARG R 303 82.75 7.14 -37.92
N VAL R 304 82.66 6.03 -38.68
CA VAL R 304 83.28 5.92 -40.04
C VAL R 304 82.26 5.54 -41.15
N LYS R 305 82.27 6.25 -42.28
CA LYS R 305 81.44 5.91 -43.48
C LYS R 305 82.30 5.79 -44.76
N ILE R 306 82.10 4.73 -45.56
CA ILE R 306 82.77 4.55 -46.89
C ILE R 306 81.68 4.56 -47.98
N PHE R 307 81.80 5.38 -49.03
CA PHE R 307 80.70 5.66 -50.01
C PHE R 307 81.18 6.13 -51.40
N ASN R 308 80.29 6.24 -52.39
CA ASN R 308 80.54 6.72 -53.80
C ASN R 308 81.60 5.87 -54.51
N ILE R 309 81.51 4.57 -54.34
CA ILE R 309 82.48 3.60 -54.91
C ILE R 309 82.47 3.57 -56.46
N GLN R 310 83.65 3.54 -57.08
CA GLN R 310 83.79 3.47 -58.55
C GLN R 310 84.91 2.46 -58.91
N VAL R 311 84.56 1.43 -59.67
CA VAL R 311 85.53 0.37 -60.08
C VAL R 311 85.86 0.60 -61.55
N LYS R 312 87.16 0.61 -61.89
CA LYS R 312 87.65 0.88 -63.25
C LYS R 312 88.48 -0.29 -63.79
N GLU R 313 88.34 -0.59 -65.08
CA GLU R 313 89.15 -1.65 -65.74
C GLU R 313 90.17 -0.99 -66.68
N VAL R 314 91.41 -1.44 -66.62
CA VAL R 314 92.50 -0.86 -67.44
C VAL R 314 92.89 -1.91 -68.49
N THR R 315 92.94 -1.51 -69.75
CA THR R 315 93.28 -2.45 -70.85
C THR R 315 94.38 -1.86 -71.69
N VAL R 316 95.36 -2.67 -72.09
CA VAL R 316 96.40 -2.16 -73.03
C VAL R 316 96.37 -2.92 -74.36
N GLN R 317 96.23 -2.24 -75.49
CA GLN R 317 96.40 -2.90 -76.82
C GLN R 317 97.46 -2.10 -77.56
N ASP R 318 98.60 -2.69 -77.88
CA ASP R 318 99.64 -2.00 -78.70
C ASP R 318 100.00 -0.65 -78.04
N SER R 319 100.08 -0.58 -76.71
CA SER R 319 100.55 0.64 -75.98
C SER R 319 99.49 1.76 -75.82
N THR R 320 98.23 1.57 -76.23
CA THR R 320 97.15 2.57 -76.02
C THR R 320 96.79 2.86 -74.56
N THR R 321 96.72 1.88 -73.65
CA THR R 321 96.27 2.06 -72.23
C THR R 321 94.89 2.71 -72.00
N THR R 322 93.81 2.26 -72.63
CA THR R 322 92.43 2.75 -72.32
C THR R 322 91.92 2.40 -70.91
N ILE R 323 91.17 3.30 -70.27
CA ILE R 323 90.55 3.08 -68.92
C ILE R 323 89.01 3.18 -69.01
N ALA R 324 88.26 2.24 -68.43
CA ALA R 324 86.78 2.24 -68.50
C ALA R 324 86.11 1.84 -67.19
N ASN R 325 84.88 2.27 -66.97
CA ASN R 325 84.07 1.83 -65.81
C ASN R 325 83.57 0.40 -65.89
N ASN R 326 83.63 -0.38 -64.80
CA ASN R 326 82.95 -1.70 -64.77
C ASN R 326 81.85 -1.59 -63.71
N LEU R 327 80.59 -1.56 -64.10
CA LEU R 327 79.39 -1.45 -63.22
C LEU R 327 79.15 -2.65 -62.30
N THR R 328 79.39 -3.85 -62.79
CA THR R 328 79.07 -5.10 -62.04
C THR R 328 80.20 -5.57 -61.10
N SER R 329 81.37 -4.94 -61.09
CA SER R 329 82.51 -5.28 -60.17
C SER R 329 82.26 -4.89 -58.69
N THR R 330 82.90 -5.61 -57.75
CA THR R 330 82.67 -5.40 -56.29
C THR R 330 83.92 -5.05 -55.50
N VAL R 331 83.73 -4.42 -54.37
CA VAL R 331 84.82 -4.13 -53.38
C VAL R 331 84.41 -4.88 -52.09
N GLN R 332 85.36 -5.41 -51.32
CA GLN R 332 85.12 -6.14 -50.04
C GLN R 332 85.67 -5.40 -48.80
N VAL R 333 84.85 -5.20 -47.77
CA VAL R 333 85.21 -4.41 -46.56
C VAL R 333 84.89 -5.16 -45.24
N PHE R 334 85.79 -5.11 -44.26
CA PHE R 334 85.55 -5.69 -42.89
C PHE R 334 86.30 -4.93 -41.76
N THR R 335 85.83 -5.07 -40.53
CA THR R 335 86.51 -4.51 -39.33
C THR R 335 86.93 -5.66 -38.40
N ASP R 336 88.16 -5.65 -37.89
CA ASP R 336 88.67 -6.68 -36.93
C ASP R 336 88.30 -6.36 -35.49
N ASP R 337 87.05 -6.59 -35.10
CA ASP R 337 86.48 -6.25 -33.76
C ASP R 337 87.09 -6.99 -32.54
N ASP R 338 87.43 -8.27 -32.65
CA ASP R 338 87.96 -9.11 -31.53
C ASP R 338 89.49 -9.11 -31.45
N TYR R 339 90.20 -8.36 -32.29
CA TYR R 339 91.69 -8.19 -32.25
C TYR R 339 92.43 -9.50 -32.55
N GLN R 340 91.85 -10.36 -33.35
CA GLN R 340 92.47 -11.62 -33.82
C GLN R 340 93.70 -11.37 -34.70
N LEU R 341 93.66 -10.38 -35.57
CA LEU R 341 94.80 -10.02 -36.45
C LEU R 341 95.92 -9.24 -35.76
N PRO R 342 97.15 -9.32 -36.26
CA PRO R 342 98.19 -8.43 -35.77
C PRO R 342 97.86 -6.94 -36.03
N TYR R 343 98.03 -6.06 -35.06
CA TYR R 343 97.65 -4.62 -35.19
C TYR R 343 98.87 -3.76 -35.52
N VAL R 344 98.88 -3.23 -36.72
CA VAL R 344 100.06 -2.47 -37.22
C VAL R 344 99.81 -0.95 -37.20
N VAL R 345 98.62 -0.50 -36.79
CA VAL R 345 98.19 0.94 -36.82
C VAL R 345 99.02 1.90 -35.91
N GLY R 346 99.47 1.54 -34.73
CA GLY R 346 100.09 2.48 -33.74
C GLY R 346 101.60 2.60 -33.72
N ASN R 347 102.30 2.30 -34.81
CA ASN R 347 103.78 2.21 -34.91
C ASN R 347 104.47 3.36 -35.68
N GLY R 348 103.87 4.56 -35.84
CA GLY R 348 104.42 5.73 -36.55
C GLY R 348 104.70 5.58 -38.03
N THR R 349 103.85 4.86 -38.73
CA THR R 349 104.02 4.58 -40.17
C THR R 349 103.18 5.49 -41.05
N GLU R 350 103.62 5.71 -42.28
CA GLU R 350 102.94 6.53 -43.31
C GLU R 350 101.68 5.89 -43.93
N GLY R 351 100.85 6.66 -44.63
CA GLY R 351 99.54 6.18 -45.18
C GLY R 351 98.28 6.63 -44.49
N CYS R 352 98.34 7.52 -43.50
CA CYS R 352 97.15 8.12 -42.83
C CYS R 352 96.46 9.15 -43.73
N LEU R 353 95.22 9.52 -43.42
CA LEU R 353 94.48 10.55 -44.19
C LEU R 353 95.27 11.87 -44.15
N PRO R 354 95.31 12.58 -45.29
CA PRO R 354 96.09 13.83 -45.36
C PRO R 354 95.68 15.05 -44.52
N ALA R 355 96.64 15.90 -44.14
CA ALA R 355 96.40 17.15 -43.37
C ALA R 355 95.51 18.13 -44.16
N PHE R 356 95.68 18.25 -45.48
CA PHE R 356 94.92 19.22 -46.31
C PHE R 356 93.76 18.50 -46.98
N PRO R 357 92.47 18.94 -46.77
CA PRO R 357 91.29 18.29 -47.31
C PRO R 357 91.18 17.98 -48.82
N PRO R 358 91.61 18.85 -49.76
CA PRO R 358 91.66 18.58 -51.20
C PRO R 358 92.61 17.47 -51.70
N GLN R 359 93.65 17.14 -50.95
CA GLN R 359 94.66 16.12 -51.35
C GLN R 359 94.06 14.72 -51.49
N VAL R 360 94.49 13.99 -52.52
CA VAL R 360 93.94 12.63 -52.83
C VAL R 360 95.02 11.60 -52.49
N PHE R 361 94.66 10.52 -51.81
CA PHE R 361 95.69 9.58 -51.29
C PHE R 361 95.54 8.08 -51.66
N THR R 362 96.68 7.41 -51.81
CA THR R 362 96.74 5.95 -51.99
C THR R 362 96.71 5.22 -50.65
N LEU R 363 95.88 4.19 -50.49
CA LEU R 363 95.86 3.33 -49.27
C LEU R 363 97.09 2.44 -49.15
N PRO R 364 97.65 2.30 -47.93
CA PRO R 364 98.74 1.35 -47.69
C PRO R 364 98.40 -0.15 -47.79
N GLN R 365 99.33 -0.97 -48.28
CA GLN R 365 99.16 -2.45 -48.28
C GLN R 365 99.41 -3.09 -46.90
N TYR R 366 98.52 -3.98 -46.43
CA TYR R 366 98.68 -4.76 -45.18
C TYR R 366 99.74 -5.88 -45.24
N GLY R 367 100.51 -6.03 -44.17
CA GLY R 367 101.57 -7.03 -44.03
C GLY R 367 101.88 -7.16 -42.57
N TYR R 368 102.63 -8.19 -42.18
CA TYR R 368 103.02 -8.42 -40.75
C TYR R 368 104.29 -9.23 -40.65
N ALA R 369 104.95 -9.15 -39.51
CA ALA R 369 106.08 -10.03 -39.18
C ALA R 369 105.67 -11.01 -38.07
N THR R 370 105.95 -12.29 -38.23
CA THR R 370 105.75 -13.33 -37.18
C THR R 370 107.12 -13.65 -36.58
N LEU R 371 107.28 -14.82 -35.98
CA LEU R 371 108.57 -15.30 -35.43
C LEU R 371 109.63 -15.69 -36.47
N ASN R 372 110.89 -15.47 -36.14
CA ASN R 372 112.04 -15.80 -37.02
C ASN R 372 113.01 -16.64 -36.17
N ARG R 373 113.79 -17.52 -36.77
CA ARG R 373 114.65 -18.45 -35.98
C ARG R 373 116.11 -18.02 -35.91
N ASP R 374 116.66 -17.85 -34.71
CA ASP R 374 118.10 -17.53 -34.44
C ASP R 374 118.62 -16.26 -35.13
N ASN R 375 117.83 -15.19 -35.18
CA ASN R 375 118.23 -13.91 -35.86
C ASN R 375 118.57 -14.17 -37.34
N THR R 376 117.76 -14.98 -38.03
CA THR R 376 117.92 -15.35 -39.46
C THR R 376 116.57 -15.21 -40.19
N GLU R 377 116.50 -15.32 -41.52
CA GLU R 377 115.25 -15.19 -42.34
C GLU R 377 114.27 -16.38 -42.22
N ASN R 378 114.72 -17.52 -41.69
CA ASN R 378 113.89 -18.75 -41.49
C ASN R 378 112.83 -18.67 -40.40
N PRO R 379 111.68 -19.34 -40.59
CA PRO R 379 110.63 -19.51 -39.59
C PRO R 379 110.81 -20.57 -38.45
N THR R 380 109.91 -20.58 -37.48
CA THR R 380 109.86 -21.51 -36.33
C THR R 380 108.54 -22.24 -36.36
N GLU R 381 108.38 -23.33 -35.60
CA GLU R 381 107.12 -24.10 -35.44
C GLU R 381 106.02 -23.21 -34.83
N ARG R 382 106.33 -22.33 -33.91
CA ARG R 382 105.41 -21.32 -33.31
C ARG R 382 104.95 -20.25 -34.32
N SER R 383 105.68 -20.02 -35.42
CA SER R 383 105.37 -18.97 -36.44
C SER R 383 103.98 -19.21 -37.07
N SER R 384 103.20 -18.15 -37.26
CA SER R 384 101.76 -18.21 -37.63
C SER R 384 101.38 -17.54 -38.98
N PHE R 385 100.45 -18.16 -39.69
CA PHE R 385 99.90 -17.60 -40.95
C PHE R 385 98.44 -17.21 -40.70
N PHE R 386 98.08 -16.03 -41.15
CA PHE R 386 96.67 -15.55 -41.03
C PHE R 386 96.08 -15.27 -42.40
N CYS R 387 94.89 -15.81 -42.69
CA CYS R 387 94.11 -15.53 -43.93
C CYS R 387 92.98 -14.52 -43.65
N LEU R 388 92.93 -13.39 -44.37
CA LEU R 388 91.86 -12.34 -44.27
C LEU R 388 90.51 -12.84 -44.82
N GLU R 389 90.52 -13.68 -45.86
CA GLU R 389 89.31 -14.24 -46.51
C GLU R 389 88.59 -15.21 -45.58
N TYR R 390 89.25 -15.73 -44.56
CA TYR R 390 88.62 -16.58 -43.50
C TYR R 390 87.58 -15.77 -42.71
N PHE R 391 87.79 -14.51 -42.42
CA PHE R 391 86.79 -13.61 -41.77
C PHE R 391 85.62 -13.29 -42.69
N PRO R 392 84.39 -13.06 -42.18
CA PRO R 392 83.31 -12.50 -43.01
C PRO R 392 83.44 -11.00 -43.46
N SER R 393 83.09 -10.65 -44.71
CA SER R 393 83.18 -9.25 -45.23
C SER R 393 81.94 -8.78 -46.02
N LYS R 394 81.61 -7.50 -45.97
CA LYS R 394 80.54 -6.91 -46.82
C LYS R 394 81.01 -6.77 -48.28
N MET R 395 80.14 -7.02 -49.25
CA MET R 395 80.47 -6.87 -50.69
C MET R 395 79.70 -5.66 -51.27
N LEU R 396 80.42 -4.75 -51.92
CA LEU R 396 79.79 -3.51 -52.43
C LEU R 396 79.94 -3.26 -53.93
N ARG R 397 78.84 -2.99 -54.61
CA ARG R 397 78.82 -2.47 -56.00
C ARG R 397 78.78 -0.90 -55.94
N THR R 398 78.75 -0.20 -57.07
CA THR R 398 78.72 1.31 -57.19
C THR R 398 77.59 1.98 -56.41
N GLY R 399 76.38 1.43 -56.33
CA GLY R 399 75.26 1.87 -55.47
C GLY R 399 75.46 1.78 -53.98
N ASN R 400 76.17 0.77 -53.47
CA ASN R 400 76.36 0.41 -52.04
C ASN R 400 77.27 1.28 -51.15
N ASN R 401 77.06 1.27 -49.84
CA ASN R 401 77.84 2.05 -48.83
C ASN R 401 78.13 1.20 -47.57
N PHE R 402 79.15 1.54 -46.77
CA PHE R 402 79.48 0.87 -45.49
C PHE R 402 79.57 1.87 -44.31
N GLU R 403 79.05 1.51 -43.14
CA GLU R 403 79.18 2.36 -41.91
C GLU R 403 79.66 1.59 -40.66
N PHE R 404 80.45 2.22 -39.77
CA PHE R 404 80.88 1.63 -38.46
C PHE R 404 80.82 2.69 -37.31
N THR R 405 80.59 2.26 -36.07
CA THR R 405 80.58 3.15 -34.85
C THR R 405 81.46 2.55 -33.75
N TYR R 406 82.22 3.36 -33.01
CA TYR R 406 83.08 2.91 -31.87
C TYR R 406 82.99 3.84 -30.64
N ASN R 407 83.12 3.29 -29.43
CA ASN R 407 83.22 4.09 -28.17
C ASN R 407 84.57 3.84 -27.51
N PHE R 408 85.26 4.91 -27.12
CA PHE R 408 86.58 4.79 -26.44
C PHE R 408 86.36 4.38 -24.98
N GLU R 409 87.28 3.63 -24.40
CA GLU R 409 87.27 3.29 -22.95
C GLU R 409 87.66 4.53 -22.11
N GLU R 410 87.30 4.55 -20.82
CA GLU R 410 87.75 5.67 -19.97
C GLU R 410 89.28 5.74 -19.93
N VAL R 411 89.82 6.93 -20.11
CA VAL R 411 91.29 7.14 -20.18
C VAL R 411 91.56 8.46 -19.46
N PRO R 412 92.74 8.69 -18.87
CA PRO R 412 93.07 10.01 -18.31
C PRO R 412 93.23 11.13 -19.35
N PHE R 413 92.85 12.37 -19.03
CA PHE R 413 93.05 13.54 -19.93
C PHE R 413 94.52 13.83 -20.15
N HIS R 414 94.94 14.21 -21.35
CA HIS R 414 96.33 14.69 -21.60
C HIS R 414 96.51 16.03 -20.87
N SER R 415 97.70 16.29 -20.34
CA SER R 415 97.98 17.57 -19.63
C SER R 415 98.54 18.65 -20.55
N SER R 416 97.71 19.61 -20.98
CA SER R 416 98.13 20.76 -21.82
C SER R 416 98.50 21.97 -20.95
N PHE R 417 99.55 21.87 -20.16
CA PHE R 417 100.01 22.97 -19.26
C PHE R 417 101.48 22.77 -18.96
N ALA R 418 102.12 23.85 -18.56
CA ALA R 418 103.53 23.81 -18.12
C ALA R 418 103.55 24.20 -16.64
N PRO R 419 104.35 23.51 -15.80
CA PRO R 419 104.52 23.93 -14.40
C PRO R 419 105.16 25.30 -14.15
N SER R 420 104.58 26.05 -13.21
CA SER R 420 105.10 27.39 -12.83
C SER R 420 106.05 27.32 -11.59
N GLN R 421 106.28 26.14 -11.02
CA GLN R 421 107.24 25.97 -9.90
C GLN R 421 108.21 24.80 -10.09
N ASN R 422 109.43 24.92 -9.59
CA ASN R 422 110.42 23.82 -9.50
C ASN R 422 110.02 22.82 -8.40
N LEU R 423 110.24 21.51 -8.61
CA LEU R 423 109.91 20.41 -7.66
C LEU R 423 110.68 20.55 -6.35
N PHE R 424 111.93 21.00 -6.40
CA PHE R 424 112.81 21.20 -5.22
C PHE R 424 112.69 22.59 -4.51
N LYS R 425 111.88 23.56 -4.98
CA LYS R 425 111.75 24.95 -4.41
C LYS R 425 110.37 25.21 -3.78
N LEU R 426 109.69 24.23 -3.17
CA LEU R 426 108.28 24.35 -2.66
C LEU R 426 108.13 24.88 -1.21
N ALA R 427 109.20 24.94 -0.42
CA ALA R 427 109.16 25.52 0.92
C ALA R 427 108.95 27.04 0.81
N ASN R 428 108.29 27.67 1.79
CA ASN R 428 108.14 29.13 1.80
C ASN R 428 109.53 29.75 1.87
N PRO R 429 109.83 30.77 1.02
CA PRO R 429 111.11 31.46 1.04
C PRO R 429 111.42 32.24 2.35
N LEU R 430 110.46 32.87 3.00
CA LEU R 430 110.52 33.60 4.30
C LEU R 430 110.79 32.77 5.56
N VAL R 431 110.30 31.54 5.67
CA VAL R 431 110.36 30.74 6.93
C VAL R 431 111.39 29.57 6.96
N ASP R 432 112.17 29.47 8.03
CA ASP R 432 113.11 28.33 8.30
C ASP R 432 112.43 27.01 8.67
N GLN R 433 113.02 25.89 8.31
CA GLN R 433 112.55 24.53 8.72
C GLN R 433 112.85 24.18 10.20
N TYR R 434 112.02 23.37 10.86
CA TYR R 434 112.34 22.85 12.23
C TYR R 434 113.24 21.58 12.15
N LEU R 435 114.05 21.44 11.12
CA LEU R 435 114.83 20.21 10.83
C LEU R 435 116.32 20.53 10.70
N TYR R 436 117.18 19.58 11.03
CA TYR R 436 118.64 19.82 11.08
C TYR R 436 119.40 18.81 10.24
N ARG R 437 120.59 19.20 9.80
CA ARG R 437 121.43 18.35 8.92
C ARG R 437 122.86 18.21 9.48
N PHE R 438 123.53 17.11 9.16
CA PHE R 438 124.94 16.92 9.56
C PHE R 438 125.82 17.67 8.60
N VAL R 439 126.70 18.48 9.16
CA VAL R 439 127.64 19.26 8.31
C VAL R 439 129.11 18.97 8.59
N SER R 440 129.44 18.38 9.74
CA SER R 440 130.87 18.35 10.14
C SER R 440 131.31 17.34 11.20
N THR R 441 132.61 17.13 11.28
CA THR R 441 133.21 16.33 12.36
C THR R 441 134.31 17.23 12.94
N ASN R 442 134.55 17.21 14.25
CA ASN R 442 135.64 18.01 14.92
C ASN R 442 137.02 17.30 14.89
N ASN R 443 138.05 17.85 15.55
CA ASN R 443 139.45 17.30 15.53
C ASN R 443 139.41 15.87 16.10
N THR R 444 138.64 15.60 17.15
CA THR R 444 138.33 14.22 17.57
C THR R 444 137.14 13.99 16.70
N GLY R 445 136.92 12.85 16.06
CA GLY R 445 135.85 12.85 15.04
C GLY R 445 134.43 12.84 15.55
N GLY R 446 134.00 13.93 16.20
CA GLY R 446 132.65 14.04 16.81
C GLY R 446 131.69 14.79 15.91
N VAL R 447 130.50 14.26 15.70
CA VAL R 447 129.50 14.83 14.75
C VAL R 447 128.93 16.20 15.14
N GLN R 448 128.68 17.06 14.14
CA GLN R 448 128.20 18.44 14.36
C GLN R 448 126.99 18.72 13.44
N PHE R 449 126.08 19.58 13.88
CA PHE R 449 124.80 19.82 13.14
C PHE R 449 124.47 21.30 12.98
N ASN R 450 123.73 21.64 11.93
CA ASN R 450 123.26 23.05 11.68
C ASN R 450 121.79 23.01 11.29
N LYS R 451 121.02 24.03 11.64
CA LYS R 451 119.60 24.19 11.24
C LYS R 451 119.44 24.58 9.76
N ASN R 452 118.31 24.22 9.17
CA ASN R 452 118.04 24.56 7.75
C ASN R 452 117.37 25.93 7.64
N LEU R 453 118.02 26.91 7.00
CA LEU R 453 117.56 28.32 6.84
C LEU R 453 116.55 28.55 5.71
N ALA R 454 115.81 29.65 5.77
CA ALA R 454 114.82 30.03 4.73
C ALA R 454 115.46 30.31 3.35
N GLY R 455 114.90 29.71 2.30
CA GLY R 455 115.35 29.89 0.90
C GLY R 455 116.57 29.08 0.49
N ARG R 456 117.14 28.26 1.38
CA ARG R 456 118.35 27.45 1.10
C ARG R 456 117.92 26.09 0.50
N TYR R 457 117.49 26.06 -0.76
CA TYR R 457 116.91 24.89 -1.50
C TYR R 457 117.93 23.78 -1.68
N ALA R 458 119.20 24.13 -1.74
CA ALA R 458 120.30 23.15 -1.81
C ALA R 458 120.28 22.24 -0.56
N ASN R 459 119.94 22.72 0.63
CA ASN R 459 120.02 21.96 1.91
C ASN R 459 118.70 21.67 2.63
N THR R 460 117.57 21.46 1.99
CA THR R 460 116.23 21.41 2.59
C THR R 460 115.72 19.98 2.51
N TYR R 461 114.98 19.52 3.50
CA TYR R 461 114.34 18.18 3.48
C TYR R 461 113.28 18.17 2.38
N LYS R 462 113.17 17.08 1.64
CA LYS R 462 112.25 17.00 0.48
C LYS R 462 111.26 15.84 0.56
N ASN R 463 109.98 16.07 0.37
CA ASN R 463 108.93 15.00 0.23
C ASN R 463 108.97 14.15 -1.06
N TRP R 464 109.28 14.74 -2.20
CA TRP R 464 109.06 14.11 -3.51
C TRP R 464 110.28 14.12 -4.40
N PHE R 465 110.33 13.18 -5.32
CA PHE R 465 111.55 12.97 -6.14
C PHE R 465 111.20 13.01 -7.60
N PRO R 466 112.17 13.39 -8.45
CA PRO R 466 112.00 13.36 -9.90
C PRO R 466 111.92 11.99 -10.55
N GLY R 467 111.35 11.92 -11.75
CA GLY R 467 111.14 10.66 -12.51
C GLY R 467 112.37 9.99 -13.09
N PRO R 468 112.23 8.73 -13.58
CA PRO R 468 113.37 7.94 -14.06
C PRO R 468 114.19 8.44 -15.27
N MET R 469 115.50 8.20 -15.25
CA MET R 469 116.40 8.74 -16.30
C MET R 469 117.42 7.73 -16.85
N GLY R 470 117.80 7.77 -18.13
CA GLY R 470 118.96 7.03 -18.68
C GLY R 470 119.80 7.99 -19.51
N ARG R 471 121.11 8.09 -19.33
CA ARG R 471 121.91 9.12 -20.07
C ARG R 471 121.97 8.91 -21.61
N THR R 472 121.75 9.97 -22.41
CA THR R 472 121.76 9.96 -23.89
C THR R 472 122.62 11.10 -24.38
N GLN R 473 123.40 10.92 -25.45
CA GLN R 473 124.37 11.93 -25.94
C GLN R 473 123.71 13.24 -26.39
N GLY R 474 124.35 14.39 -26.10
CA GLY R 474 123.85 15.71 -26.48
C GLY R 474 124.62 16.30 -27.64
N TRP R 475 123.89 16.82 -28.63
CA TRP R 475 124.50 17.44 -29.84
C TRP R 475 124.04 18.90 -30.00
N ASN R 476 124.97 19.80 -30.28
CA ASN R 476 124.66 21.25 -30.49
C ASN R 476 124.03 21.49 -31.87
N LEU R 477 123.12 22.46 -31.97
CA LEU R 477 122.39 22.80 -33.21
C LEU R 477 122.67 24.30 -33.47
N GLY R 478 122.46 24.79 -34.68
CA GLY R 478 122.79 26.20 -35.01
C GLY R 478 124.27 26.48 -34.93
N SER R 479 124.69 27.43 -34.07
CA SER R 479 126.11 27.76 -33.91
C SER R 479 126.87 26.53 -33.42
N GLY R 480 126.33 25.72 -32.50
CA GLY R 480 126.93 24.39 -32.25
C GLY R 480 128.36 24.34 -31.79
N VAL R 481 129.23 23.63 -32.52
CA VAL R 481 130.66 23.37 -32.13
C VAL R 481 130.88 21.87 -31.78
N ASN R 482 130.10 20.94 -32.32
CA ASN R 482 130.23 19.45 -32.16
C ASN R 482 131.42 18.78 -32.86
N ARG R 483 131.82 17.56 -32.43
CA ARG R 483 132.94 16.76 -33.04
C ARG R 483 132.71 16.32 -34.50
N ALA R 484 133.75 16.41 -35.35
CA ALA R 484 133.68 16.14 -36.81
C ALA R 484 133.78 14.68 -37.27
N SER R 485 133.18 14.36 -38.44
CA SER R 485 133.31 13.04 -39.12
C SER R 485 132.89 11.83 -38.28
N VAL R 486 131.79 11.92 -37.55
CA VAL R 486 131.36 10.82 -36.63
C VAL R 486 130.32 9.89 -37.29
N SER R 487 130.46 8.57 -37.11
CA SER R 487 129.39 7.64 -37.50
C SER R 487 128.63 7.35 -36.20
N ALA R 488 127.37 7.69 -36.10
CA ALA R 488 126.54 7.61 -34.87
C ALA R 488 126.25 6.21 -34.28
N PHE R 489 126.02 5.16 -35.05
CA PHE R 489 125.42 3.87 -34.58
C PHE R 489 126.17 3.07 -33.47
N ALA R 490 127.49 2.97 -33.47
CA ALA R 490 128.24 2.19 -32.46
C ALA R 490 128.02 2.76 -31.05
N THR R 491 127.93 4.07 -30.90
CA THR R 491 127.81 4.74 -29.58
C THR R 491 126.38 5.05 -29.18
N THR R 492 125.38 4.64 -29.93
CA THR R 492 123.93 4.85 -29.61
C THR R 492 123.42 3.98 -28.47
N ASN R 493 122.34 4.42 -27.78
CA ASN R 493 121.67 3.64 -26.70
C ASN R 493 120.99 2.39 -27.26
N ARG R 494 121.05 1.27 -26.53
CA ARG R 494 120.50 0.00 -27.05
C ARG R 494 119.89 -0.88 -25.97
N MET R 495 118.94 -1.76 -26.33
CA MET R 495 118.38 -2.78 -25.43
C MET R 495 118.56 -4.14 -26.15
N GLU R 496 118.82 -5.24 -25.43
CA GLU R 496 119.09 -6.56 -26.04
C GLU R 496 117.86 -7.47 -25.92
N LEU R 497 117.35 -8.03 -27.03
CA LEU R 497 116.23 -9.01 -27.02
C LEU R 497 116.58 -10.24 -27.85
N GLU R 498 116.43 -11.47 -27.35
CA GLU R 498 116.60 -12.74 -28.12
C GLU R 498 117.96 -12.87 -28.81
N GLY R 499 119.05 -12.41 -28.21
CA GLY R 499 120.36 -12.42 -28.89
C GLY R 499 120.66 -11.28 -29.87
N ALA R 500 119.85 -10.24 -29.99
CA ALA R 500 120.21 -9.11 -30.89
C ALA R 500 120.17 -7.75 -30.17
N SER R 501 120.97 -6.78 -30.62
CA SER R 501 121.01 -5.39 -30.05
C SER R 501 120.11 -4.47 -30.86
N TYR R 502 119.21 -3.78 -30.19
CA TYR R 502 118.25 -2.89 -30.89
C TYR R 502 118.34 -1.46 -30.44
N GLN R 503 118.36 -0.55 -31.39
CA GLN R 503 118.19 0.89 -31.03
C GLN R 503 116.73 1.04 -30.59
N VAL R 504 116.48 1.88 -29.60
CA VAL R 504 115.12 2.15 -29.06
C VAL R 504 115.04 3.67 -29.17
N PRO R 505 114.80 4.21 -30.39
CA PRO R 505 114.91 5.63 -30.68
C PRO R 505 114.06 6.59 -29.91
N PRO R 506 112.78 6.39 -29.52
CA PRO R 506 112.18 7.34 -28.59
C PRO R 506 112.75 6.76 -27.28
N GLN R 507 113.32 7.54 -26.38
CA GLN R 507 113.72 6.88 -25.10
C GLN R 507 112.46 6.70 -24.20
N PRO R 508 112.48 5.94 -23.08
CA PRO R 508 111.34 5.86 -22.15
C PRO R 508 110.97 7.17 -21.37
N ASN R 509 109.71 7.43 -20.98
CA ASN R 509 109.24 8.70 -20.32
C ASN R 509 109.90 9.14 -18.99
N GLY R 510 109.84 10.45 -18.65
CA GLY R 510 110.43 11.05 -17.42
C GLY R 510 111.66 11.90 -17.60
N MET R 511 112.05 12.17 -18.82
CA MET R 511 113.23 13.05 -19.07
C MET R 511 112.90 14.26 -19.95
N THR R 512 113.80 15.25 -19.97
CA THR R 512 113.71 16.39 -20.93
C THR R 512 114.93 16.38 -21.85
N ASN R 513 114.76 16.42 -23.17
CA ASN R 513 115.82 16.55 -24.23
C ASN R 513 116.58 17.90 -24.26
N ASN R 514 115.92 19.04 -24.04
CA ASN R 514 116.53 20.40 -24.22
C ASN R 514 116.27 21.27 -22.97
N LEU R 515 117.27 22.00 -22.48
CA LEU R 515 117.11 22.95 -21.33
C LEU R 515 116.23 24.23 -21.49
N GLN R 516 116.25 24.99 -22.59
CA GLN R 516 115.52 26.31 -22.79
C GLN R 516 116.61 27.31 -23.14
N GLY R 517 116.40 28.14 -24.15
CA GLY R 517 117.61 28.83 -24.63
C GLY R 517 118.39 27.64 -25.14
N SER R 518 119.58 27.35 -24.64
CA SER R 518 120.45 26.20 -25.05
C SER R 518 120.23 25.56 -26.42
N ASN R 519 121.35 25.26 -27.09
CA ASN R 519 121.32 24.61 -28.42
C ASN R 519 121.74 23.14 -28.29
N THR R 520 121.85 22.62 -27.07
CA THR R 520 122.13 21.18 -26.85
C THR R 520 120.83 20.38 -26.83
N TYR R 521 120.79 19.32 -27.63
CA TYR R 521 119.61 18.46 -27.73
C TYR R 521 120.05 17.04 -27.63
N ALA R 522 119.31 16.25 -26.88
CA ALA R 522 119.62 14.80 -26.91
C ALA R 522 118.79 14.25 -28.07
N LEU R 523 119.40 13.95 -29.22
CA LEU R 523 118.71 13.57 -30.50
C LEU R 523 117.90 12.27 -30.44
N GLU R 524 118.37 11.25 -29.71
CA GLU R 524 117.65 9.96 -29.56
C GLU R 524 116.48 10.07 -28.56
N ASN R 525 116.31 11.18 -27.85
CA ASN R 525 115.13 11.44 -26.97
C ASN R 525 114.14 12.40 -27.66
N THR R 526 114.31 12.73 -28.93
CA THR R 526 113.44 13.75 -29.62
C THR R 526 112.68 13.18 -30.78
N MET R 527 111.41 13.54 -30.93
CA MET R 527 110.63 13.24 -32.15
C MET R 527 111.13 14.15 -33.30
N ILE R 528 111.55 13.56 -34.41
CA ILE R 528 112.01 14.32 -35.62
C ILE R 528 111.04 14.07 -36.80
N PHE R 529 110.59 15.13 -37.45
CA PHE R 529 109.56 15.07 -38.53
C PHE R 529 110.05 15.83 -39.75
N ASN R 530 109.47 15.56 -40.91
CA ASN R 530 109.76 16.31 -42.17
C ASN R 530 108.57 17.23 -42.46
N SER R 531 108.80 18.47 -42.87
CA SER R 531 107.71 19.41 -43.29
C SER R 531 106.97 18.87 -44.51
N GLN R 532 107.69 18.26 -45.47
CA GLN R 532 107.11 17.73 -46.72
C GLN R 532 107.12 16.20 -46.72
N PRO R 533 106.12 15.51 -47.35
CA PRO R 533 106.15 14.05 -47.50
C PRO R 533 107.27 13.57 -48.42
N ALA R 534 107.74 12.35 -48.20
CA ALA R 534 108.91 11.82 -48.94
C ALA R 534 108.56 10.59 -49.78
N ASN R 535 109.32 10.39 -50.85
CA ASN R 535 109.19 9.18 -51.71
C ASN R 535 109.68 7.94 -50.94
N PRO R 536 109.08 6.75 -51.16
CA PRO R 536 109.54 5.54 -50.50
C PRO R 536 110.95 5.06 -50.80
N GLY R 537 111.69 4.62 -49.78
CA GLY R 537 113.03 4.06 -49.94
C GLY R 537 114.15 5.09 -50.06
N THR R 538 113.87 6.36 -49.82
CA THR R 538 114.90 7.40 -49.99
C THR R 538 116.07 7.14 -49.05
N THR R 539 117.30 7.30 -49.52
CA THR R 539 118.52 7.16 -48.69
C THR R 539 119.24 8.51 -48.62
N ALA R 540 118.60 9.60 -49.02
CA ALA R 540 119.20 10.96 -49.04
C ALA R 540 119.57 11.52 -47.66
N THR R 541 120.71 12.21 -47.54
CA THR R 541 121.07 12.92 -46.29
C THR R 541 120.21 14.14 -46.10
N TYR R 542 119.80 14.42 -44.87
CA TYR R 542 119.02 15.64 -44.55
C TYR R 542 119.74 16.46 -43.52
N LEU R 543 119.90 17.74 -43.78
CA LEU R 543 120.44 18.71 -42.79
C LEU R 543 119.34 19.22 -41.84
N GLU R 544 119.70 19.94 -40.80
CA GLU R 544 118.77 20.46 -39.75
C GLU R 544 117.69 21.41 -40.28
N GLY R 545 117.99 22.26 -41.27
CA GLY R 545 117.03 23.22 -41.83
C GLY R 545 115.82 22.53 -42.44
N ASN R 546 116.00 21.42 -43.14
CA ASN R 546 114.86 20.60 -43.63
C ASN R 546 114.02 20.00 -42.50
N MET R 547 114.60 19.59 -41.39
CA MET R 547 113.88 18.83 -40.32
C MET R 547 113.04 19.67 -39.35
N LEU R 548 111.98 19.09 -38.79
CA LEU R 548 111.20 19.75 -37.71
C LEU R 548 111.60 19.06 -36.41
N ILE R 549 112.27 19.76 -35.48
CA ILE R 549 112.80 19.13 -34.23
C ILE R 549 112.06 19.66 -33.01
N THR R 550 111.47 18.79 -32.22
CA THR R 550 110.70 19.12 -31.00
C THR R 550 111.57 19.37 -29.76
N SER R 551 111.06 20.14 -28.80
CA SER R 551 111.73 20.44 -27.52
C SER R 551 110.76 20.14 -26.38
N GLU R 552 111.23 19.59 -25.27
CA GLU R 552 110.42 19.23 -24.09
C GLU R 552 110.78 20.18 -22.92
N SER R 553 111.29 21.38 -23.18
CA SER R 553 111.83 22.34 -22.18
C SER R 553 110.79 22.78 -21.13
N GLU R 554 109.50 22.74 -21.42
CA GLU R 554 108.39 23.08 -20.47
C GLU R 554 108.39 22.11 -19.25
N THR R 555 108.75 20.85 -19.41
CA THR R 555 108.74 19.80 -18.37
C THR R 555 110.00 19.83 -17.49
N GLN R 556 110.97 20.70 -17.75
CA GLN R 556 112.29 20.79 -17.05
C GLN R 556 112.13 21.04 -15.53
N PRO R 557 111.18 21.84 -15.01
CA PRO R 557 110.94 21.94 -13.56
C PRO R 557 110.72 20.61 -12.82
N VAL R 558 110.15 19.54 -13.43
CA VAL R 558 110.03 18.16 -12.88
C VAL R 558 110.78 17.03 -13.63
N ASN R 559 111.43 17.26 -14.76
CA ASN R 559 112.03 16.14 -15.55
C ASN R 559 113.53 16.35 -15.66
N ARG R 560 114.29 15.30 -15.37
CA ARG R 560 115.78 15.39 -15.46
C ARG R 560 116.27 15.51 -16.91
N VAL R 561 117.37 16.22 -17.12
CA VAL R 561 117.99 16.33 -18.47
C VAL R 561 118.73 15.04 -18.90
N ALA R 562 118.46 14.55 -20.12
CA ALA R 562 119.04 13.30 -20.70
C ALA R 562 120.55 13.33 -20.90
N TYR R 563 121.11 14.43 -21.38
CA TYR R 563 122.57 14.57 -21.65
C TYR R 563 123.40 14.49 -20.33
N ASN R 564 122.92 15.05 -19.23
CA ASN R 564 123.64 15.11 -17.91
C ASN R 564 123.56 13.83 -17.05
N VAL R 565 124.50 13.63 -16.11
CA VAL R 565 124.43 12.55 -15.06
C VAL R 565 123.26 12.81 -14.07
N GLY R 566 122.57 11.77 -13.60
CA GLY R 566 121.44 11.85 -12.62
C GLY R 566 121.71 12.34 -11.20
N GLY R 567 122.82 11.97 -10.55
CA GLY R 567 123.07 12.30 -9.14
C GLY R 567 124.29 11.55 -8.63
N GLN R 568 124.53 11.57 -7.32
CA GLN R 568 125.66 10.84 -6.67
C GLN R 568 125.19 9.99 -5.47
N MET R 569 125.86 8.87 -5.17
CA MET R 569 125.58 7.97 -4.02
C MET R 569 126.89 7.55 -3.33
N ALA R 570 126.86 7.11 -2.06
CA ALA R 570 128.05 6.64 -1.31
C ALA R 570 128.67 5.33 -1.85
N THR R 571 130.01 5.28 -1.92
CA THR R 571 130.73 4.12 -2.47
C THR R 571 131.62 3.43 -1.43
N ASN R 572 131.61 3.83 -0.17
CA ASN R 572 132.61 3.33 0.83
C ASN R 572 132.08 3.49 2.25
N ASN R 573 132.82 2.96 3.22
CA ASN R 573 132.53 3.21 4.66
C ASN R 573 133.67 4.08 5.19
N GLN R 574 133.34 5.23 5.82
CA GLN R 574 134.34 6.15 6.44
C GLN R 574 134.92 5.52 7.73
N SER R 575 136.15 5.88 8.08
CA SER R 575 136.85 5.36 9.27
C SER R 575 137.90 6.41 9.65
N SER R 576 138.52 6.30 10.81
CA SER R 576 139.62 7.26 11.12
C SER R 576 140.70 7.13 10.04
N THR R 577 141.05 5.92 9.62
CA THR R 577 141.99 5.69 8.48
C THR R 577 141.45 6.16 7.13
N THR R 578 140.15 6.00 6.84
CA THR R 578 139.61 6.29 5.49
C THR R 578 138.65 7.45 5.37
N ALA R 579 138.90 8.39 4.45
CA ALA R 579 137.97 9.50 4.14
C ALA R 579 136.72 9.02 3.41
N PRO R 580 135.56 9.67 3.58
CA PRO R 580 134.35 9.32 2.82
C PRO R 580 134.41 9.60 1.29
N ALA R 581 133.76 8.77 0.47
CA ALA R 581 133.79 8.87 -1.02
C ALA R 581 132.40 8.76 -1.66
N THR R 582 132.20 9.40 -2.80
CA THR R 582 130.92 9.33 -3.56
C THR R 582 131.17 8.94 -5.00
N GLY R 583 130.14 8.42 -5.67
CA GLY R 583 130.24 8.15 -7.12
C GLY R 583 129.01 8.61 -7.88
N THR R 584 129.18 9.15 -9.09
CA THR R 584 128.03 9.51 -9.99
C THR R 584 127.37 8.29 -10.64
N TYR R 585 126.08 8.38 -10.95
CA TYR R 585 125.33 7.31 -11.67
C TYR R 585 124.78 7.85 -13.05
N ASN R 586 124.74 7.02 -14.10
CA ASN R 586 124.25 7.41 -15.47
C ASN R 586 122.81 6.93 -15.72
N LEU R 587 122.27 6.09 -14.84
CA LEU R 587 120.87 5.59 -14.98
C LEU R 587 120.18 5.40 -13.62
N GLN R 588 118.88 5.64 -13.54
CA GLN R 588 118.07 5.34 -12.32
C GLN R 588 116.66 5.01 -12.78
N GLU R 589 115.91 4.25 -12.01
CA GLU R 589 114.56 3.79 -12.40
C GLU R 589 113.59 4.24 -11.32
N ILE R 590 112.34 3.82 -11.38
CA ILE R 590 111.26 4.28 -10.46
C ILE R 590 111.55 4.00 -8.97
N VAL R 591 111.24 4.97 -8.13
CA VAL R 591 111.43 4.88 -6.66
C VAL R 591 110.09 5.34 -6.07
N PRO R 592 109.69 4.93 -4.85
CA PRO R 592 108.47 5.45 -4.26
C PRO R 592 108.53 6.97 -3.98
N GLY R 593 107.43 7.71 -4.21
CA GLY R 593 107.41 9.18 -4.13
C GLY R 593 107.85 9.89 -5.40
N SER R 594 108.07 9.16 -6.49
CA SER R 594 108.46 9.67 -7.82
C SER R 594 107.33 10.42 -8.56
N VAL R 595 107.64 11.58 -9.15
CA VAL R 595 106.67 12.40 -9.94
C VAL R 595 107.33 12.77 -11.28
N TRP R 596 106.57 12.77 -12.38
CA TRP R 596 107.08 13.17 -13.72
C TRP R 596 105.96 13.64 -14.65
N MET R 597 106.32 14.27 -15.75
CA MET R 597 105.36 14.65 -16.82
C MET R 597 105.59 13.79 -18.08
N GLU R 598 104.52 13.28 -18.68
CA GLU R 598 104.57 12.51 -19.96
C GLU R 598 104.87 13.42 -21.16
N ARG R 599 105.36 12.84 -22.25
CA ARG R 599 105.67 13.58 -23.52
C ARG R 599 104.44 14.28 -24.12
N ASP R 600 104.66 15.47 -24.67
CA ASP R 600 103.61 16.29 -25.33
C ASP R 600 103.14 15.75 -26.69
N VAL R 601 101.87 15.93 -27.00
CA VAL R 601 101.30 15.64 -28.36
C VAL R 601 101.60 16.77 -29.36
N TYR R 602 101.63 16.45 -30.64
CA TYR R 602 101.88 17.43 -31.73
C TYR R 602 100.78 17.28 -32.76
N LEU R 603 100.48 18.34 -33.53
CA LEU R 603 99.47 18.27 -34.61
C LEU R 603 99.94 17.26 -35.69
N GLN R 604 101.21 17.22 -36.05
CA GLN R 604 101.86 16.23 -36.95
C GLN R 604 101.88 14.80 -36.35
N GLY R 605 101.88 14.63 -35.04
CA GLY R 605 101.94 13.34 -34.32
C GLY R 605 100.74 12.42 -34.16
N PRO R 606 100.98 11.15 -33.73
CA PRO R 606 99.92 10.20 -33.36
C PRO R 606 99.02 10.30 -32.13
N ILE R 607 97.71 10.05 -32.22
CA ILE R 607 96.77 9.94 -31.03
C ILE R 607 96.90 8.72 -30.09
N TRP R 608 97.00 7.49 -30.60
CA TRP R 608 96.91 6.29 -29.74
C TRP R 608 97.89 5.16 -30.08
N ALA R 609 98.08 4.23 -29.15
CA ALA R 609 98.87 2.99 -29.37
C ALA R 609 98.14 1.86 -28.64
N LYS R 610 98.25 0.64 -29.17
CA LYS R 610 97.68 -0.56 -28.51
C LYS R 610 98.63 -1.12 -27.43
N ILE R 611 98.11 -1.36 -26.23
CA ILE R 611 98.90 -2.04 -25.18
C ILE R 611 99.08 -3.52 -25.58
N PRO R 612 100.30 -4.09 -25.52
CA PRO R 612 100.52 -5.50 -25.86
C PRO R 612 99.97 -6.51 -24.85
N GLU R 613 99.44 -7.64 -25.31
CA GLU R 613 98.80 -8.61 -24.36
C GLU R 613 99.82 -9.65 -23.83
N THR R 614 100.35 -9.46 -22.63
CA THR R 614 101.34 -10.36 -22.01
C THR R 614 100.81 -10.85 -20.69
N GLY R 615 99.81 -10.18 -20.15
CA GLY R 615 99.28 -10.42 -18.80
C GLY R 615 99.98 -9.61 -17.72
N ALA R 616 101.08 -8.90 -18.00
CA ALA R 616 101.75 -8.01 -17.01
C ALA R 616 102.28 -6.72 -17.64
N HIS R 617 102.03 -5.57 -17.04
CA HIS R 617 102.57 -4.28 -17.54
C HIS R 617 102.66 -3.25 -16.40
N PHE R 618 103.48 -2.23 -16.57
CA PHE R 618 103.52 -1.09 -15.60
C PHE R 618 103.26 0.23 -16.29
N HIS R 619 102.35 1.08 -15.79
CA HIS R 619 102.12 2.49 -16.24
C HIS R 619 102.07 2.58 -17.77
N PRO R 620 100.89 2.40 -18.39
CA PRO R 620 100.83 2.23 -19.84
C PRO R 620 100.63 3.42 -20.77
N SER R 621 101.64 4.26 -20.78
CA SER R 621 101.63 5.47 -21.64
C SER R 621 102.68 5.26 -22.72
N PRO R 622 102.33 5.35 -24.04
CA PRO R 622 103.32 5.10 -25.08
C PRO R 622 104.46 6.13 -25.22
N ALA R 623 105.65 5.70 -25.57
CA ALA R 623 106.85 6.57 -25.64
C ALA R 623 106.78 7.70 -26.68
N MET R 624 106.23 7.46 -27.86
CA MET R 624 106.02 8.47 -28.94
C MET R 624 105.06 9.56 -28.46
N GLY R 625 104.08 9.24 -27.63
CA GLY R 625 103.08 10.17 -27.10
C GLY R 625 101.67 9.64 -27.26
N GLY R 626 100.68 10.30 -26.70
CA GLY R 626 99.28 9.89 -26.84
C GLY R 626 98.65 8.98 -25.80
N PHE R 627 97.60 8.28 -26.19
CA PHE R 627 96.77 7.47 -25.27
C PHE R 627 96.99 5.97 -25.51
N GLY R 628 97.27 5.24 -24.43
CA GLY R 628 97.48 3.78 -24.50
C GLY R 628 96.20 3.06 -24.24
N LEU R 629 95.79 2.23 -25.18
CA LEU R 629 94.44 1.58 -25.09
C LEU R 629 94.50 0.06 -25.11
N LYS R 630 93.85 -0.59 -24.16
CA LYS R 630 93.67 -2.08 -24.20
C LYS R 630 92.80 -2.49 -25.40
N HIS R 631 91.74 -1.76 -25.69
CA HIS R 631 90.85 -2.04 -26.85
C HIS R 631 90.81 -0.83 -27.77
N PRO R 632 91.77 -0.74 -28.69
CA PRO R 632 91.89 0.37 -29.64
C PRO R 632 90.86 0.45 -30.77
N PRO R 633 90.67 1.60 -31.45
CA PRO R 633 89.75 1.61 -32.57
C PRO R 633 90.23 0.55 -33.58
N PRO R 634 89.34 -0.31 -34.10
CA PRO R 634 89.75 -1.46 -34.92
C PRO R 634 90.29 -1.32 -36.34
N MET R 635 91.10 -2.26 -36.78
CA MET R 635 91.63 -2.30 -38.17
C MET R 635 90.51 -2.43 -39.22
N MET R 636 90.55 -1.57 -40.25
CA MET R 636 89.55 -1.55 -41.34
C MET R 636 90.26 -1.98 -42.64
N LEU R 637 89.79 -3.06 -43.26
CA LEU R 637 90.48 -3.68 -44.41
C LEU R 637 89.60 -3.68 -45.67
N ILE R 638 90.17 -3.30 -46.80
CA ILE R 638 89.42 -3.23 -48.10
C ILE R 638 90.22 -3.95 -49.20
N LYS R 639 89.53 -4.71 -50.04
CA LYS R 639 90.20 -5.34 -51.21
C LYS R 639 89.33 -5.26 -52.48
N ASN R 640 89.96 -5.33 -53.65
CA ASN R 640 89.22 -5.46 -54.93
C ASN R 640 88.96 -6.96 -55.17
N THR R 641 87.73 -7.35 -55.45
CA THR R 641 87.40 -8.76 -55.78
C THR R 641 88.07 -9.20 -57.07
N PRO R 642 88.72 -10.40 -57.10
CA PRO R 642 89.27 -10.95 -58.34
C PRO R 642 88.23 -11.14 -59.45
N VAL R 643 88.52 -10.60 -60.61
CA VAL R 643 87.62 -10.84 -61.77
C VAL R 643 88.46 -11.58 -62.82
N PRO R 644 88.07 -12.81 -63.17
CA PRO R 644 88.82 -13.61 -64.15
C PRO R 644 88.88 -13.26 -65.66
N GLY R 645 89.99 -13.53 -66.33
CA GLY R 645 90.19 -13.42 -67.79
C GLY R 645 89.59 -14.62 -68.51
N ASN R 646 89.53 -14.64 -69.82
CA ASN R 646 88.80 -15.74 -70.52
C ASN R 646 89.43 -17.11 -70.29
N ILE R 647 88.64 -18.08 -69.83
CA ILE R 647 89.14 -19.47 -69.59
C ILE R 647 88.27 -20.40 -70.46
N THR R 648 88.87 -21.22 -71.29
CA THR R 648 88.11 -22.08 -72.25
C THR R 648 88.16 -23.54 -71.88
N SER R 649 89.04 -23.94 -70.97
CA SER R 649 89.23 -25.38 -70.63
C SER R 649 89.26 -25.59 -69.11
N PHE R 650 88.88 -26.77 -68.62
CA PHE R 650 88.95 -27.13 -67.18
C PHE R 650 90.35 -27.49 -66.67
N SER R 651 90.72 -26.99 -65.50
CA SER R 651 91.95 -27.48 -64.81
C SER R 651 91.70 -27.54 -63.31
N ASP R 652 92.26 -28.51 -62.62
CA ASP R 652 92.29 -28.55 -61.12
C ASP R 652 93.18 -27.37 -60.64
N VAL R 653 94.25 -27.04 -61.37
CA VAL R 653 95.17 -25.94 -61.00
C VAL R 653 94.44 -24.59 -60.97
N PRO R 654 94.61 -23.75 -59.92
CA PRO R 654 93.93 -22.46 -59.80
C PRO R 654 94.23 -21.41 -60.86
N VAL R 655 93.22 -20.61 -61.21
CA VAL R 655 93.39 -19.55 -62.24
C VAL R 655 94.38 -18.46 -61.79
N SER R 656 95.30 -18.13 -62.69
CA SER R 656 96.31 -17.08 -62.47
C SER R 656 96.10 -15.88 -63.42
N SER R 657 95.06 -15.91 -64.25
CA SER R 657 94.81 -14.84 -65.26
C SER R 657 93.57 -14.04 -64.89
N PHE R 658 93.73 -12.73 -64.70
CA PHE R 658 92.62 -11.88 -64.21
C PHE R 658 92.59 -10.58 -64.97
N ILE R 659 91.43 -9.97 -65.12
CA ILE R 659 91.38 -8.58 -65.70
C ILE R 659 92.00 -7.54 -64.74
N THR R 660 92.78 -6.55 -65.22
CA THR R 660 93.42 -5.49 -64.38
C THR R 660 92.43 -4.40 -63.96
N GLN R 661 92.34 -4.11 -62.66
CA GLN R 661 91.31 -3.19 -62.10
C GLN R 661 91.80 -2.35 -60.91
N TYR R 662 91.17 -1.20 -60.64
CA TYR R 662 91.49 -0.32 -59.47
C TYR R 662 90.18 0.25 -58.95
N SER R 663 90.16 0.70 -57.70
CA SER R 663 88.94 1.33 -57.11
C SER R 663 89.19 2.74 -56.54
N THR R 664 88.15 3.55 -56.50
CA THR R 664 88.23 4.92 -55.94
C THR R 664 86.94 5.25 -55.18
N GLY R 665 87.00 6.15 -54.20
CA GLY R 665 85.81 6.57 -53.43
C GLY R 665 86.03 7.68 -52.43
N GLN R 666 85.06 7.92 -51.57
CA GLN R 666 85.14 8.93 -50.46
C GLN R 666 85.00 8.28 -49.06
N VAL R 667 85.76 8.78 -48.09
CA VAL R 667 85.67 8.30 -46.67
C VAL R 667 85.39 9.49 -45.72
N THR R 668 84.47 9.33 -44.78
CA THR R 668 84.20 10.35 -43.74
C THR R 668 84.50 9.81 -42.34
N VAL R 669 85.25 10.55 -41.52
CA VAL R 669 85.48 10.20 -40.07
C VAL R 669 84.94 11.31 -39.14
N GLU R 670 84.13 10.94 -38.15
CA GLU R 670 83.57 11.88 -37.14
C GLU R 670 84.08 11.49 -35.75
N MET R 671 84.66 12.45 -35.03
CA MET R 671 85.22 12.19 -33.67
C MET R 671 84.70 13.17 -32.62
N GLU R 672 84.42 12.67 -31.43
CA GLU R 672 83.99 13.52 -30.29
C GLU R 672 85.11 13.61 -29.25
N TRP R 673 85.36 14.82 -28.74
CA TRP R 673 86.43 15.06 -27.75
C TRP R 673 85.87 15.72 -26.48
N GLU R 674 86.38 15.32 -25.32
CA GLU R 674 86.00 15.96 -24.02
C GLU R 674 87.11 16.94 -23.61
N LEU R 675 86.75 18.13 -23.17
CA LEU R 675 87.70 19.23 -22.83
C LEU R 675 87.72 19.52 -21.33
N LYS R 676 88.90 19.82 -20.78
CA LYS R 676 89.01 20.29 -19.37
C LYS R 676 89.34 21.80 -19.38
N LYS R 677 88.49 22.61 -18.76
CA LYS R 677 88.66 24.08 -18.65
C LYS R 677 89.76 24.60 -17.71
N GLU R 678 90.45 25.66 -18.09
CA GLU R 678 91.41 26.35 -17.20
C GLU R 678 90.68 27.07 -16.04
N ASN R 679 91.20 27.05 -14.82
CA ASN R 679 90.65 27.74 -13.61
C ASN R 679 91.74 28.59 -12.95
N SER R 680 92.61 29.27 -13.70
CA SER R 680 93.78 30.03 -13.17
C SER R 680 93.48 31.31 -12.37
N LYS R 681 94.26 31.59 -11.32
CA LYS R 681 94.19 32.85 -10.55
C LYS R 681 95.42 33.74 -10.84
N ARG R 682 96.26 33.43 -11.83
CA ARG R 682 97.44 34.25 -12.27
C ARG R 682 97.08 35.66 -12.82
N TRP R 683 97.51 36.73 -12.15
CA TRP R 683 97.24 38.14 -12.52
C TRP R 683 97.86 38.63 -13.84
N ASN R 684 99.11 38.28 -14.07
CA ASN R 684 99.88 38.68 -15.27
C ASN R 684 99.51 37.87 -16.52
N PRO R 685 99.71 38.43 -17.72
CA PRO R 685 99.48 37.70 -18.97
C PRO R 685 100.38 36.48 -19.31
N GLU R 686 99.78 35.43 -19.83
CA GLU R 686 100.43 34.16 -20.29
C GLU R 686 101.06 34.10 -21.68
N ILE R 687 101.93 33.13 -21.92
CA ILE R 687 102.47 32.78 -23.28
C ILE R 687 101.39 32.11 -24.15
N GLN R 688 101.32 32.43 -25.44
CA GLN R 688 100.32 31.89 -26.42
C GLN R 688 100.96 31.58 -27.76
N TYR R 689 100.48 30.58 -28.50
CA TYR R 689 100.93 30.34 -29.89
C TYR R 689 100.33 31.46 -30.79
N THR R 690 101.17 32.05 -31.63
CA THR R 690 100.73 33.15 -32.50
C THR R 690 101.31 32.98 -33.88
N ASN R 691 100.67 33.56 -34.89
CA ASN R 691 101.25 33.60 -36.24
C ASN R 691 102.16 34.81 -36.24
N ASN R 692 103.47 34.61 -36.23
CA ASN R 692 104.44 35.71 -36.08
C ASN R 692 105.63 35.43 -36.99
N TYR R 693 105.84 36.28 -37.97
CA TYR R 693 106.89 36.04 -39.01
C TYR R 693 107.47 37.40 -39.35
N ASN R 694 108.76 37.50 -39.63
CA ASN R 694 109.33 38.80 -40.07
C ASN R 694 109.53 38.84 -41.59
N ASP R 695 108.94 39.82 -42.29
CA ASP R 695 109.02 39.98 -43.78
C ASP R 695 108.61 38.72 -44.55
N PRO R 696 107.45 38.08 -44.29
CA PRO R 696 107.11 36.82 -44.96
C PRO R 696 106.96 36.79 -46.49
N GLN R 697 107.53 35.78 -47.14
CA GLN R 697 107.44 35.64 -48.63
C GLN R 697 106.31 34.67 -49.02
N PHE R 698 105.68 34.04 -48.06
CA PHE R 698 104.60 33.05 -48.31
C PHE R 698 103.76 33.02 -47.08
N VAL R 699 102.57 32.50 -47.18
CA VAL R 699 101.77 32.26 -45.96
C VAL R 699 102.00 30.81 -45.55
N ASP R 700 102.41 30.56 -44.32
CA ASP R 700 102.53 29.20 -43.73
C ASP R 700 101.16 28.56 -43.55
N PHE R 701 101.04 27.22 -43.64
CA PHE R 701 99.76 26.44 -43.57
C PHE R 701 98.80 26.81 -44.70
N ALA R 702 99.34 27.04 -45.88
CA ALA R 702 98.56 27.42 -47.07
C ALA R 702 99.20 26.80 -48.31
N PRO R 703 98.48 26.64 -49.43
CA PRO R 703 99.10 26.24 -50.69
C PRO R 703 100.04 27.27 -51.36
N ASP R 704 101.03 26.81 -52.11
CA ASP R 704 101.92 27.73 -52.86
C ASP R 704 101.48 27.95 -54.33
N SER R 705 102.32 28.61 -55.13
CA SER R 705 101.99 28.91 -56.55
C SER R 705 101.81 27.60 -57.35
N THR R 706 102.60 26.55 -57.11
CA THR R 706 102.42 25.19 -57.69
C THR R 706 101.26 24.42 -57.11
N GLY R 707 100.66 24.82 -55.98
CA GLY R 707 99.61 24.05 -55.29
C GLY R 707 100.05 23.11 -54.18
N GLU R 708 101.31 23.12 -53.78
CA GLU R 708 101.84 22.27 -52.68
C GLU R 708 101.68 22.93 -51.30
N TYR R 709 101.12 22.23 -50.32
CA TYR R 709 100.92 22.70 -48.93
C TYR R 709 102.23 22.91 -48.17
N ARG R 710 102.30 24.00 -47.40
CA ARG R 710 103.53 24.33 -46.64
C ARG R 710 103.23 24.26 -45.14
N SER R 711 104.05 23.52 -44.38
CA SER R 711 103.93 23.39 -42.90
C SER R 711 105.31 23.53 -42.24
N THR R 712 105.88 24.72 -42.14
CA THR R 712 107.24 25.02 -41.58
C THR R 712 107.42 24.68 -40.10
N ARG R 713 106.43 24.84 -39.22
CA ARG R 713 106.65 24.70 -37.75
C ARG R 713 105.92 23.53 -37.06
N PRO R 714 106.57 22.78 -36.14
CA PRO R 714 105.88 21.80 -35.30
C PRO R 714 105.05 22.42 -34.16
N ILE R 715 103.83 21.96 -33.88
CA ILE R 715 103.07 22.64 -32.78
C ILE R 715 102.69 21.71 -31.62
N GLY R 716 103.13 22.04 -30.41
CA GLY R 716 102.82 21.34 -29.15
C GLY R 716 101.59 21.88 -28.48
N THR R 717 101.19 21.28 -27.37
CA THR R 717 100.01 21.72 -26.60
C THR R 717 100.27 22.57 -25.35
N ARG R 718 101.50 22.77 -24.86
CA ARG R 718 101.67 23.44 -23.52
C ARG R 718 102.06 24.93 -23.58
N TYR R 719 101.11 25.83 -23.38
CA TYR R 719 101.33 27.31 -23.40
C TYR R 719 100.84 27.88 -22.08
N LEU R 720 99.82 27.26 -21.50
CA LEU R 720 99.27 27.66 -20.18
C LEU R 720 100.16 27.17 -19.04
N THR R 721 100.06 27.82 -17.89
CA THR R 721 100.92 27.53 -16.74
C THR R 721 100.07 27.24 -15.52
N ARG R 722 100.52 26.32 -14.68
CA ARG R 722 99.82 26.04 -13.41
C ARG R 722 100.81 25.92 -12.26
N PRO R 723 100.45 26.30 -11.00
CA PRO R 723 101.28 26.03 -9.83
C PRO R 723 101.33 24.54 -9.44
N LEU R 724 102.42 24.07 -8.85
CA LEU R 724 102.58 22.64 -8.50
C LEU R 724 101.60 22.21 -7.39
N ASP S 209 78.18 40.56 16.78
CA ASP S 209 77.15 41.15 17.67
C ASP S 209 77.67 42.43 18.35
N GLY S 210 78.58 42.36 19.32
CA GLY S 210 78.92 43.58 20.07
C GLY S 210 80.28 43.68 20.70
N VAL S 211 80.64 44.89 21.14
CA VAL S 211 81.92 45.17 21.86
C VAL S 211 82.00 44.40 23.20
N GLY S 212 80.91 44.26 23.94
CA GLY S 212 80.88 43.62 25.27
C GLY S 212 80.56 42.16 25.25
N ASN S 213 80.37 41.55 24.09
CA ASN S 213 79.92 40.14 24.03
C ASN S 213 81.01 39.25 23.43
N ALA S 214 81.31 38.12 24.07
CA ALA S 214 82.30 37.15 23.55
C ALA S 214 81.79 36.30 22.37
N SER S 215 82.56 36.22 21.29
CA SER S 215 82.30 35.43 20.05
C SER S 215 82.37 33.90 20.23
N GLY S 216 83.23 33.37 21.07
CA GLY S 216 83.39 31.93 21.32
C GLY S 216 83.99 31.54 22.65
N ASP S 217 84.07 30.25 22.93
CA ASP S 217 84.60 29.67 24.21
C ASP S 217 85.80 28.73 24.02
N TRP S 218 86.60 28.54 25.06
CA TRP S 218 87.81 27.66 25.04
C TRP S 218 87.45 26.17 25.10
N HIS S 219 87.90 25.40 24.10
CA HIS S 219 87.73 23.93 24.12
C HIS S 219 89.07 23.22 23.92
N CYS S 220 89.61 22.54 24.93
CA CYS S 220 90.83 21.70 24.75
C CYS S 220 90.51 20.32 25.34
N ASP S 221 90.32 19.30 24.52
CA ASP S 221 89.88 17.97 25.04
C ASP S 221 90.12 16.77 24.11
N SER S 222 90.11 15.54 24.64
CA SER S 222 90.13 14.30 23.83
C SER S 222 88.94 13.43 24.26
N THR S 223 88.18 12.88 23.33
CA THR S 223 87.10 11.91 23.65
C THR S 223 87.35 10.61 22.90
N TRP S 224 87.36 9.49 23.59
CA TRP S 224 87.59 8.15 22.99
C TRP S 224 86.27 7.38 22.99
N MET S 225 85.82 6.95 21.82
CA MET S 225 84.53 6.23 21.64
C MET S 225 84.66 4.98 20.77
N GLY S 226 85.19 3.85 21.25
CA GLY S 226 85.40 2.67 20.38
C GLY S 226 86.41 2.90 19.28
N ASP S 227 86.02 2.74 18.02
CA ASP S 227 86.90 2.91 16.83
C ASP S 227 87.26 4.38 16.54
N ARG S 228 86.62 5.36 17.16
CA ARG S 228 86.84 6.80 16.87
C ARG S 228 87.43 7.61 18.05
N VAL S 229 88.37 8.49 17.79
CA VAL S 229 88.88 9.45 18.81
C VAL S 229 88.69 10.87 18.24
N VAL S 230 88.16 11.81 19.03
CA VAL S 230 88.00 13.25 18.63
C VAL S 230 88.98 14.13 19.44
N THR S 231 89.76 14.98 18.76
CA THR S 231 90.70 15.89 19.44
C THR S 231 90.27 17.35 19.27
N LYS S 232 90.25 18.14 20.35
CA LYS S 232 89.95 19.59 20.32
C LYS S 232 91.16 20.37 20.84
N SER S 233 91.58 21.42 20.14
CA SER S 233 92.75 22.26 20.54
C SER S 233 92.42 23.75 20.41
N THR S 234 92.70 24.55 21.43
CA THR S 234 92.49 26.01 21.42
C THR S 234 93.81 26.74 21.71
N ARG S 235 94.14 27.77 20.92
CA ARG S 235 95.36 28.60 21.13
C ARG S 235 95.09 30.11 20.99
N THR S 236 95.97 30.94 21.54
CA THR S 236 95.93 32.41 21.39
C THR S 236 97.03 32.84 20.42
N TRP S 237 96.71 33.64 19.40
CA TRP S 237 97.63 34.09 18.34
C TRP S 237 97.79 35.63 18.25
N VAL S 238 98.92 36.08 17.72
CA VAL S 238 99.19 37.52 17.44
C VAL S 238 99.48 37.69 15.94
N LEU S 239 98.93 38.73 15.29
CA LEU S 239 99.25 39.04 13.87
C LEU S 239 99.95 40.39 13.67
N PRO S 240 101.18 40.41 13.15
CA PRO S 240 101.84 41.65 12.74
C PRO S 240 101.34 42.24 11.42
N SER S 241 101.54 43.55 11.21
CA SER S 241 101.23 44.10 9.86
C SER S 241 102.49 43.96 8.99
N TYR S 242 102.62 42.88 8.22
CA TYR S 242 103.84 42.56 7.43
C TYR S 242 104.01 43.36 6.16
N ASN S 243 105.21 43.90 5.89
CA ASN S 243 105.57 44.59 4.61
C ASN S 243 105.01 46.00 4.57
N ASN S 244 104.41 46.50 5.67
CA ASN S 244 103.74 47.84 5.73
C ASN S 244 102.66 47.94 4.66
N HIS S 245 101.84 46.90 4.47
CA HIS S 245 100.70 46.89 3.49
C HIS S 245 101.13 46.79 2.02
N GLN S 246 102.29 46.24 1.73
CA GLN S 246 102.83 46.19 0.35
C GLN S 246 103.28 44.77 -0.07
N TYR S 247 103.34 44.50 -1.38
CA TYR S 247 103.82 43.22 -1.95
C TYR S 247 105.20 43.50 -2.45
N ARG S 248 106.17 42.65 -2.12
CA ARG S 248 107.58 42.89 -2.50
C ARG S 248 108.19 41.75 -3.35
N GLU S 249 108.87 42.11 -4.43
CA GLU S 249 109.61 41.08 -5.22
C GLU S 249 110.87 40.65 -4.43
N ILE S 250 111.08 39.35 -4.31
CA ILE S 250 112.19 38.77 -3.52
C ILE S 250 113.03 37.84 -4.42
N LYS S 251 114.33 37.81 -4.23
CA LYS S 251 115.19 37.01 -5.14
C LYS S 251 116.51 36.64 -4.49
N SER S 252 117.14 35.57 -4.96
CA SER S 252 118.51 35.24 -4.48
C SER S 252 119.44 34.75 -5.60
N GLY S 253 120.71 35.08 -5.54
CA GLY S 253 121.78 34.49 -6.37
C GLY S 253 122.40 33.29 -5.63
N SER S 254 123.51 32.74 -6.11
CA SER S 254 124.24 31.60 -5.46
C SER S 254 124.77 31.98 -4.06
N VAL S 255 124.62 31.10 -3.07
CA VAL S 255 125.03 31.38 -1.66
C VAL S 255 125.65 30.10 -1.08
N ASP S 256 126.67 30.23 -0.22
CA ASP S 256 127.37 29.07 0.43
C ASP S 256 127.98 28.17 -0.65
N GLY S 257 128.37 28.75 -1.77
CA GLY S 257 128.95 27.97 -2.88
C GLY S 257 127.94 27.29 -3.79
N SER S 258 126.61 27.48 -3.63
CA SER S 258 125.68 26.69 -4.48
C SER S 258 124.67 27.49 -5.31
N ASN S 259 124.55 27.22 -6.61
CA ASN S 259 123.50 27.81 -7.52
C ASN S 259 122.11 27.22 -7.27
N ALA S 260 121.99 26.07 -6.60
CA ALA S 260 120.70 25.41 -6.19
C ALA S 260 119.98 26.34 -5.21
N ASN S 261 120.73 27.16 -4.49
CA ASN S 261 120.24 28.25 -3.58
C ASN S 261 119.48 29.38 -4.32
N ALA S 262 119.81 29.75 -5.56
CA ALA S 262 119.15 30.84 -6.34
C ALA S 262 117.64 30.64 -6.57
N TYR S 263 116.86 31.71 -6.46
CA TYR S 263 115.37 31.70 -6.64
C TYR S 263 114.84 33.10 -7.04
N PHE S 264 113.64 33.15 -7.61
CA PHE S 264 112.90 34.40 -7.89
C PHE S 264 111.51 34.24 -7.24
N GLY S 265 111.00 35.24 -6.52
CA GLY S 265 109.73 35.12 -5.78
C GLY S 265 109.03 36.39 -5.32
N TYR S 266 107.88 36.25 -4.68
CA TYR S 266 107.13 37.38 -4.08
C TYR S 266 106.89 37.22 -2.55
N SER S 267 107.01 38.30 -1.77
CA SER S 267 106.63 38.31 -0.33
C SER S 267 105.30 39.07 -0.20
N THR S 268 104.44 38.67 0.71
CA THR S 268 103.06 39.24 0.77
C THR S 268 102.74 39.86 2.14
N PRO S 269 101.76 40.76 2.21
CA PRO S 269 101.24 41.34 3.45
C PRO S 269 100.52 40.38 4.42
N TRP S 270 99.97 39.28 3.93
CA TRP S 270 99.22 38.24 4.67
C TRP S 270 99.99 37.25 5.56
N GLY S 271 99.29 36.65 6.51
CA GLY S 271 99.80 35.59 7.39
C GLY S 271 98.89 34.39 7.30
N TYR S 272 99.36 33.22 7.68
CA TYR S 272 98.57 31.97 7.53
C TYR S 272 98.59 31.12 8.81
N PHE S 273 97.60 30.24 8.97
CA PHE S 273 97.52 29.27 10.11
C PHE S 273 97.96 27.87 9.65
N ASP S 274 98.91 27.23 10.33
CA ASP S 274 99.44 25.87 10.04
C ASP S 274 99.16 24.90 11.21
N PHE S 275 98.50 23.79 10.94
CA PHE S 275 98.25 22.74 11.98
C PHE S 275 98.92 21.38 11.62
N ASN S 276 99.85 21.29 10.66
CA ASN S 276 100.39 19.96 10.24
C ASN S 276 101.53 19.47 11.17
N ARG S 277 101.28 19.32 12.46
CA ARG S 277 102.20 18.69 13.45
C ARG S 277 101.28 17.91 14.40
N PHE S 278 101.66 16.70 14.83
CA PHE S 278 100.88 15.84 15.77
C PHE S 278 100.71 16.47 17.19
N HIS S 279 101.74 17.12 17.74
CA HIS S 279 101.77 17.76 19.10
C HIS S 279 100.73 18.89 19.16
N SER S 280 100.34 19.47 18.03
CA SER S 280 99.25 20.49 17.90
C SER S 280 97.91 19.89 18.34
N HIS S 281 97.62 18.64 18.03
CA HIS S 281 96.36 17.93 18.40
C HIS S 281 96.48 16.91 19.53
N TRP S 282 97.66 16.45 19.91
CA TRP S 282 97.80 15.31 20.84
C TRP S 282 98.61 15.60 22.09
N SER S 283 98.06 15.27 23.25
CA SER S 283 98.81 15.35 24.53
C SER S 283 99.82 14.19 24.55
N PRO S 284 100.94 14.29 25.31
CA PRO S 284 101.86 13.19 25.44
C PRO S 284 101.24 11.93 26.04
N ARG S 285 100.38 12.03 27.06
CA ARG S 285 99.64 10.85 27.60
C ARG S 285 98.68 10.21 26.58
N ASP S 286 97.94 10.99 25.80
CA ASP S 286 97.00 10.51 24.74
C ASP S 286 97.76 9.77 23.63
N TRP S 287 98.92 10.27 23.25
CA TRP S 287 99.80 9.61 22.24
C TRP S 287 100.29 8.25 22.73
N GLN S 288 100.64 8.11 24.01
CA GLN S 288 101.04 6.83 24.64
C GLN S 288 99.90 5.81 24.64
N ARG S 289 98.68 6.25 24.88
CA ARG S 289 97.51 5.37 24.85
C ARG S 289 97.28 4.79 23.44
N LEU S 290 97.41 5.60 22.37
CA LEU S 290 97.33 5.08 20.99
C LEU S 290 98.45 4.12 20.51
N ILE S 291 99.72 4.42 20.81
CA ILE S 291 100.90 3.61 20.36
C ILE S 291 100.90 2.23 21.02
N ASN S 292 100.55 2.16 22.29
CA ASN S 292 100.42 0.92 23.10
C ASN S 292 99.31 -0.03 22.64
N ASN S 293 98.14 0.45 22.20
CA ASN S 293 96.93 -0.40 21.99
C ASN S 293 96.36 -0.59 20.58
N TYR S 294 96.89 0.03 19.54
CA TYR S 294 96.23 -0.02 18.20
C TYR S 294 97.16 -0.38 17.06
N TRP S 295 96.71 -1.19 16.11
CA TRP S 295 97.46 -1.50 14.84
C TRP S 295 97.61 -0.30 13.87
N GLY S 296 96.60 0.54 13.74
CA GLY S 296 96.62 1.66 12.79
C GLY S 296 95.72 2.82 13.09
N PHE S 297 95.97 3.96 12.46
CA PHE S 297 95.10 5.16 12.60
C PHE S 297 95.03 5.93 11.27
N ARG S 298 93.94 6.68 11.00
CA ARG S 298 93.81 7.58 9.80
C ARG S 298 92.97 8.84 10.13
N PRO S 299 93.22 10.03 9.52
CA PRO S 299 92.32 11.22 9.63
C PRO S 299 90.98 11.17 8.86
N ARG S 300 89.90 11.72 9.43
CA ARG S 300 88.54 11.67 8.78
C ARG S 300 87.96 13.06 8.55
N SER S 301 87.92 13.91 9.58
CA SER S 301 87.26 15.24 9.47
C SER S 301 88.01 16.38 10.16
N LEU S 302 87.88 17.60 9.66
CA LEU S 302 88.48 18.80 10.29
C LEU S 302 87.46 19.96 10.44
N ARG S 303 87.41 20.63 11.60
CA ARG S 303 86.59 21.87 11.81
C ARG S 303 87.48 23.00 12.38
N VAL S 304 87.41 24.21 11.81
CA VAL S 304 88.19 25.40 12.29
C VAL S 304 87.30 26.62 12.66
N LYS S 305 87.53 27.25 13.82
CA LYS S 305 86.85 28.51 14.23
C LYS S 305 87.87 29.61 14.61
N ILE S 306 87.68 30.85 14.12
CA ILE S 306 88.51 32.05 14.52
C ILE S 306 87.58 33.05 15.21
N PHE S 307 87.92 33.54 16.42
CA PHE S 307 87.00 34.33 17.30
C PHE S 307 87.71 35.24 18.31
N ASN S 308 86.96 36.13 19.02
CA ASN S 308 87.46 37.08 20.07
C ASN S 308 88.52 38.03 19.53
N ILE S 309 88.29 38.55 18.34
CA ILE S 309 89.24 39.45 17.64
C ILE S 309 89.44 40.81 18.36
N GLN S 310 90.68 41.27 18.46
CA GLN S 310 91.02 42.56 19.10
C GLN S 310 92.07 43.29 18.24
N VAL S 311 91.74 44.48 17.77
CA VAL S 311 92.66 45.30 16.92
C VAL S 311 93.21 46.43 17.79
N LYS S 312 94.54 46.62 17.77
CA LYS S 312 95.24 47.63 18.59
C LYS S 312 96.03 48.62 17.74
N GLU S 313 96.04 49.89 18.12
CA GLU S 313 96.83 50.92 17.41
C GLU S 313 98.03 51.33 18.28
N VAL S 314 99.20 51.41 17.68
CA VAL S 314 100.44 51.76 18.42
C VAL S 314 100.87 53.15 17.96
N THR S 315 101.13 54.04 18.91
CA THR S 315 101.54 55.42 18.59
C THR S 315 102.80 55.78 19.35
N VAL S 316 103.73 56.46 18.70
CA VAL S 316 104.93 56.93 19.44
C VAL S 316 105.03 58.46 19.43
N GLN S 317 105.09 59.11 20.59
CA GLN S 317 105.39 60.57 20.64
C GLN S 317 106.61 60.73 21.55
N ASP S 318 107.73 61.22 21.01
CA ASP S 318 108.93 61.50 21.86
C ASP S 318 109.32 60.24 22.64
N SER S 319 109.22 59.04 22.04
CA SER S 319 109.69 57.77 22.68
C SER S 319 108.73 57.15 23.73
N THR S 320 107.52 57.70 23.94
CA THR S 320 106.51 57.09 24.86
C THR S 320 105.99 55.71 24.44
N THR S 321 105.71 55.43 23.17
CA THR S 321 105.09 54.14 22.70
C THR S 321 103.75 53.72 23.36
N THR S 322 102.72 54.57 23.43
CA THR S 322 101.36 54.17 23.91
C THR S 322 100.64 53.16 23.00
N ILE S 323 99.89 52.21 23.57
CA ILE S 323 99.08 51.20 22.81
C ILE S 323 97.59 51.34 23.18
N ALA S 324 96.68 51.36 22.20
CA ALA S 324 95.22 51.54 22.44
C ALA S 324 94.34 50.66 21.55
N ASN S 325 93.14 50.35 22.01
CA ASN S 325 92.15 49.62 21.18
C ASN S 325 91.54 50.45 20.06
N ASN S 326 91.37 49.88 18.86
CA ASN S 326 90.58 50.57 17.80
C ASN S 326 89.36 49.69 17.54
N LEU S 327 88.17 50.11 17.95
CA LEU S 327 86.87 49.38 17.79
C LEU S 327 86.39 49.21 16.34
N THR S 328 86.59 50.20 15.50
CA THR S 328 86.07 50.22 14.11
C THR S 328 87.00 49.55 13.09
N SER S 329 88.22 49.13 13.45
CA SER S 329 89.17 48.44 12.56
C SER S 329 88.77 46.98 12.19
N THR S 330 89.19 46.48 11.03
CA THR S 330 88.80 45.14 10.53
C THR S 330 89.96 44.19 10.27
N VAL S 331 89.67 42.91 10.28
CA VAL S 331 90.62 41.82 9.90
C VAL S 331 89.98 41.12 8.69
N GLN S 332 90.77 40.64 7.72
CA GLN S 332 90.28 39.92 6.49
C GLN S 332 90.72 38.44 6.44
N VAL S 333 89.79 37.52 6.24
CA VAL S 333 90.05 36.04 6.28
C VAL S 333 89.49 35.31 5.04
N PHE S 334 90.23 34.37 4.47
CA PHE S 334 89.76 33.49 3.35
C PHE S 334 90.41 32.08 3.34
N THR S 335 89.77 31.14 2.69
CA THR S 335 90.33 29.77 2.48
C THR S 335 90.51 29.51 0.97
N ASP S 336 91.65 28.96 0.57
CA ASP S 336 91.93 28.62 -0.88
C ASP S 336 91.39 27.24 -1.24
N ASP S 337 90.09 27.12 -1.44
CA ASP S 337 89.38 25.83 -1.72
C ASP S 337 89.75 25.10 -3.03
N ASP S 338 89.98 25.81 -4.14
CA ASP S 338 90.27 25.22 -5.48
C ASP S 338 91.77 25.05 -5.75
N TYR S 339 92.66 25.34 -4.81
CA TYR S 339 94.13 25.11 -4.89
C TYR S 339 94.78 25.96 -5.98
N GLN S 340 94.24 27.13 -6.26
CA GLN S 340 94.80 28.11 -7.20
C GLN S 340 96.16 28.66 -6.74
N LEU S 341 96.33 28.92 -5.46
CA LEU S 341 97.61 29.41 -4.88
C LEU S 341 98.68 28.35 -4.72
N PRO S 342 99.97 28.73 -4.72
CA PRO S 342 101.00 27.79 -4.35
C PRO S 342 100.85 27.30 -2.89
N TYR S 343 100.96 25.99 -2.62
CA TYR S 343 100.73 25.41 -1.26
C TYR S 343 102.06 25.19 -0.55
N VAL S 344 102.28 25.95 0.50
CA VAL S 344 103.59 25.91 1.22
C VAL S 344 103.47 25.15 2.56
N VAL S 345 102.28 24.66 2.92
CA VAL S 345 102.01 24.01 4.24
C VAL S 345 102.78 22.68 4.50
N GLY S 346 103.04 21.81 3.55
CA GLY S 346 103.58 20.44 3.78
C GLY S 346 105.08 20.26 3.65
N ASN S 347 105.90 21.29 3.83
CA ASN S 347 107.37 21.30 3.57
C ASN S 347 108.25 21.35 4.83
N GLY S 348 107.79 20.93 6.03
CA GLY S 348 108.54 20.92 7.32
C GLY S 348 109.01 22.24 7.85
N THR S 349 108.20 23.27 7.71
CA THR S 349 108.54 24.64 8.15
C THR S 349 107.92 25.00 9.48
N GLU S 350 108.54 25.92 10.20
CA GLU S 350 108.08 26.46 11.52
C GLU S 350 106.87 27.41 11.45
N GLY S 351 106.22 27.69 12.57
CA GLY S 351 104.97 28.50 12.62
C GLY S 351 103.66 27.77 12.86
N CYS S 352 103.66 26.47 13.12
CA CYS S 352 102.46 25.67 13.50
C CYS S 352 101.99 25.99 14.93
N LEU S 353 100.76 25.63 15.27
CA LEU S 353 100.22 25.84 16.64
C LEU S 353 101.13 25.09 17.64
N PRO S 354 101.38 25.70 18.81
CA PRO S 354 102.27 25.09 19.80
C PRO S 354 101.87 23.78 20.51
N ALA S 355 102.84 22.96 20.90
CA ALA S 355 102.62 21.69 21.65
C ALA S 355 101.93 21.95 23.01
N PHE S 356 102.29 23.01 23.72
CA PHE S 356 101.75 23.30 25.08
C PHE S 356 100.62 24.32 24.95
N PRO S 357 99.37 24.02 25.42
CA PRO S 357 98.21 24.91 25.30
C PRO S 357 98.29 26.37 25.78
N PRO S 358 98.92 26.71 26.92
CA PRO S 358 99.14 28.07 27.39
C PRO S 358 100.05 28.99 26.53
N GLN S 359 100.94 28.43 25.73
CA GLN S 359 101.90 29.21 24.89
C GLN S 359 101.20 30.09 23.84
N VAL S 360 101.70 31.30 23.65
CA VAL S 360 101.07 32.29 22.71
C VAL S 360 102.00 32.43 21.50
N PHE S 361 101.45 32.42 20.29
CA PHE S 361 102.31 32.36 19.08
C PHE S 361 102.08 33.44 17.99
N THR S 362 103.17 33.82 17.33
CA THR S 362 103.12 34.70 16.14
C THR S 362 102.84 33.91 14.86
N LEU S 363 101.90 34.35 14.03
CA LEU S 363 101.64 33.73 12.69
C LEU S 363 102.75 33.98 11.69
N PRO S 364 103.12 32.95 10.88
CA PRO S 364 104.08 33.13 9.80
C PRO S 364 103.62 34.00 8.60
N GLN S 365 104.53 34.76 7.99
CA GLN S 365 104.22 35.52 6.75
C GLN S 365 104.23 34.63 5.49
N TYR S 366 103.21 34.74 4.63
CA TYR S 366 103.11 34.03 3.31
C TYR S 366 104.07 34.57 2.23
N GLY S 367 104.66 33.66 1.46
CA GLY S 367 105.60 33.96 0.38
C GLY S 367 105.70 32.74 -0.48
N TYR S 368 106.28 32.87 -1.68
CA TYR S 368 106.46 31.72 -2.62
C TYR S 368 107.61 31.94 -3.56
N ALA S 369 108.12 30.86 -4.14
CA ALA S 369 109.11 30.94 -5.23
C ALA S 369 108.46 30.50 -6.54
N THR S 370 108.63 31.27 -7.62
CA THR S 370 108.21 30.89 -9.00
C THR S 370 109.44 30.44 -9.76
N LEU S 371 109.42 30.49 -11.08
CA LEU S 371 110.57 30.15 -11.95
C LEU S 371 111.72 31.18 -11.95
N ASN S 372 112.94 30.68 -12.10
CA ASN S 372 114.16 31.53 -12.13
C ASN S 372 114.92 31.13 -13.40
N ARG S 373 115.70 32.04 -13.99
CA ARG S 373 116.34 31.76 -15.30
C ARG S 373 117.82 31.37 -15.18
N ASP S 374 118.20 30.21 -15.71
CA ASP S 374 119.62 29.71 -15.77
C ASP S 374 120.34 29.63 -14.42
N ASN S 375 119.67 29.20 -13.35
CA ASN S 375 120.27 29.11 -11.97
C ASN S 375 120.79 30.49 -11.53
N THR S 376 120.02 31.56 -11.78
CA THR S 376 120.34 32.96 -11.42
C THR S 376 119.11 33.62 -10.75
N GLU S 377 119.22 34.83 -10.18
CA GLU S 377 118.11 35.56 -9.48
C GLU S 377 117.03 36.13 -10.43
N ASN S 378 117.28 36.21 -11.73
CA ASN S 378 116.34 36.72 -12.77
C ASN S 378 115.13 35.82 -13.08
N PRO S 379 113.97 36.41 -13.38
CA PRO S 379 112.78 35.69 -13.86
C PRO S 379 112.70 35.23 -15.36
N THR S 380 111.69 34.46 -15.70
CA THR S 380 111.40 33.94 -17.06
C THR S 380 110.03 34.43 -17.48
N GLU S 381 109.68 34.33 -18.76
CA GLU S 381 108.33 34.67 -19.31
C GLU S 381 107.24 33.78 -18.69
N ARG S 382 107.51 32.52 -18.42
CA ARG S 382 106.61 31.57 -17.71
C ARG S 382 106.39 31.94 -16.22
N SER S 383 107.28 32.72 -15.60
CA SER S 383 107.21 33.10 -14.16
C SER S 383 105.91 33.86 -13.86
N SER S 384 105.26 33.56 -12.73
CA SER S 384 103.88 34.02 -12.38
C SER S 384 103.76 34.87 -11.11
N PHE S 385 102.89 35.86 -11.16
CA PHE S 385 102.56 36.72 -9.98
C PHE S 385 101.13 36.42 -9.55
N PHE S 386 100.93 36.23 -8.26
CA PHE S 386 99.58 35.99 -7.70
C PHE S 386 99.20 37.08 -6.70
N CYS S 387 98.03 37.69 -6.85
CA CYS S 387 97.45 38.68 -5.89
C CYS S 387 96.39 38.02 -4.98
N LEU S 388 96.54 38.08 -3.66
CA LEU S 388 95.57 37.55 -2.64
C LEU S 388 94.26 38.37 -2.62
N GLU S 389 94.35 39.68 -2.83
CA GLU S 389 93.20 40.61 -2.82
C GLU S 389 92.26 40.36 -4.00
N TYR S 390 92.72 39.68 -5.04
CA TYR S 390 91.88 39.24 -6.20
C TYR S 390 90.82 38.22 -5.73
N PHE S 391 91.11 37.33 -4.81
CA PHE S 391 90.11 36.40 -4.21
C PHE S 391 89.11 37.12 -3.31
N PRO S 392 87.84 36.65 -3.18
CA PRO S 392 86.95 37.17 -2.14
C PRO S 392 87.28 36.80 -0.64
N SER S 393 87.14 37.73 0.32
CA SER S 393 87.43 37.48 1.76
C SER S 393 86.35 38.01 2.73
N LYS S 394 86.13 37.35 3.86
CA LYS S 394 85.25 37.86 4.93
C LYS S 394 85.93 39.02 5.70
N MET S 395 85.18 40.05 6.08
CA MET S 395 85.71 41.19 6.88
C MET S 395 85.16 41.14 8.30
N LEU S 396 86.04 41.19 9.30
CA LEU S 396 85.58 41.06 10.72
C LEU S 396 85.97 42.22 11.64
N ARG S 397 85.00 42.76 12.36
CA ARG S 397 85.23 43.70 13.48
C ARG S 397 85.32 42.86 14.81
N THR S 398 85.50 43.49 15.97
CA THR S 398 85.63 42.85 17.33
C THR S 398 84.48 41.92 17.70
N GLY S 399 83.23 42.22 17.36
CA GLY S 399 82.04 41.35 17.48
C GLY S 399 82.02 40.08 16.66
N ASN S 400 82.56 40.09 15.44
CA ASN S 400 82.51 39.01 14.40
C ASN S 400 83.38 37.75 14.58
N ASN S 401 82.98 36.64 13.97
CA ASN S 401 83.68 35.32 14.03
C ASN S 401 83.71 34.64 12.64
N PHE S 402 84.64 33.70 12.41
CA PHE S 402 84.73 32.91 11.15
C PHE S 402 84.75 31.38 11.42
N GLU S 403 84.05 30.59 10.62
CA GLU S 403 84.09 29.10 10.74
C GLU S 403 84.31 28.36 9.39
N PHE S 404 85.03 27.23 9.39
CA PHE S 404 85.22 26.37 8.19
C PHE S 404 85.09 24.84 8.54
N THR S 405 84.65 24.00 7.60
CA THR S 405 84.57 22.51 7.77
C THR S 405 85.22 21.79 6.59
N TYR S 406 85.94 20.68 6.83
CA TYR S 406 86.59 19.88 5.76
C TYR S 406 86.42 18.36 5.97
N ASN S 407 86.34 17.57 4.89
CA ASN S 407 86.34 16.08 4.95
C ASN S 407 87.56 15.53 4.22
N PHE S 408 88.27 14.61 4.84
CA PHE S 408 89.47 13.99 4.22
C PHE S 408 89.02 12.95 3.20
N GLU S 409 89.77 12.76 2.12
CA GLU S 409 89.53 11.67 1.12
C GLU S 409 89.91 10.30 1.73
N GLU S 410 89.38 9.21 1.17
CA GLU S 410 89.80 7.87 1.65
C GLU S 410 91.32 7.69 1.46
N VAL S 411 91.98 7.22 2.49
CA VAL S 411 93.47 7.06 2.50
C VAL S 411 93.75 5.76 3.25
N PRO S 412 94.86 5.05 2.98
CA PRO S 412 95.22 3.89 3.80
C PRO S 412 95.63 4.21 5.24
N PHE S 413 95.33 3.34 6.22
CA PHE S 413 95.74 3.51 7.64
C PHE S 413 97.26 3.45 7.77
N HIS S 414 97.88 4.27 8.61
CA HIS S 414 99.31 4.14 8.95
C HIS S 414 99.51 2.82 9.72
N SER S 415 100.64 2.14 9.52
CA SER S 415 100.93 0.88 10.23
C SER S 415 101.72 1.08 11.53
N SER S 416 101.05 1.04 12.68
CA SER S 416 101.67 1.15 14.02
C SER S 416 102.04 -0.23 14.58
N PHE S 417 102.95 -0.93 13.96
CA PHE S 417 103.38 -2.28 14.41
C PHE S 417 104.76 -2.57 13.86
N ALA S 418 105.45 -3.50 14.50
CA ALA S 418 106.77 -3.97 14.04
C ALA S 418 106.63 -5.44 13.66
N PRO S 419 107.24 -5.88 12.54
CA PRO S 419 107.25 -7.30 12.19
C PRO S 419 107.96 -8.26 13.16
N SER S 420 107.34 -9.39 13.44
CA SER S 420 107.93 -10.43 14.33
C SER S 420 108.68 -11.53 13.53
N GLN S 421 108.72 -11.44 12.20
CA GLN S 421 109.49 -12.41 11.36
C GLN S 421 110.36 -11.74 10.31
N ASN S 422 111.52 -12.32 9.99
CA ASN S 422 112.39 -11.92 8.85
C ASN S 422 111.75 -12.34 7.52
N LEU S 423 111.88 -11.52 6.46
CA LEU S 423 111.31 -11.76 5.10
C LEU S 423 111.90 -13.03 4.46
N PHE S 424 113.20 -13.29 4.69
CA PHE S 424 113.91 -14.48 4.16
C PHE S 424 113.82 -15.77 5.04
N LYS S 425 113.17 -15.79 6.21
CA LYS S 425 113.11 -16.97 7.14
C LYS S 425 111.66 -17.54 7.27
N LEU S 426 110.82 -17.53 6.24
CA LEU S 426 109.39 -17.93 6.30
C LEU S 426 109.08 -19.42 6.06
N ALA S 427 110.03 -20.21 5.58
CA ALA S 427 109.86 -21.66 5.44
C ALA S 427 109.81 -22.31 6.83
N ASN S 428 109.07 -23.42 6.99
CA ASN S 428 109.06 -24.15 8.27
C ASN S 428 110.49 -24.62 8.56
N PRO S 429 110.99 -24.42 9.80
CA PRO S 429 112.30 -24.87 10.20
C PRO S 429 112.51 -26.42 10.19
N LEU S 430 111.52 -27.23 10.57
CA LEU S 430 111.46 -28.72 10.55
C LEU S 430 111.50 -29.41 9.17
N VAL S 431 110.87 -28.85 8.14
CA VAL S 431 110.70 -29.55 6.83
C VAL S 431 111.60 -29.07 5.66
N ASP S 432 112.21 -30.00 4.93
CA ASP S 432 112.99 -29.72 3.68
C ASP S 432 112.15 -29.33 2.47
N GLN S 433 112.68 -28.51 1.58
CA GLN S 433 112.05 -28.15 0.29
C GLN S 433 112.10 -29.27 -0.77
N TYR S 434 111.12 -29.38 -1.68
CA TYR S 434 111.20 -30.33 -2.84
C TYR S 434 111.97 -29.68 -4.02
N LEU S 435 112.91 -28.77 -3.76
CA LEU S 435 113.61 -27.98 -4.79
C LEU S 435 115.12 -28.15 -4.67
N TYR S 436 115.83 -28.01 -5.78
CA TYR S 436 117.28 -28.29 -5.81
C TYR S 436 118.07 -27.11 -6.39
N ARG S 437 119.34 -27.01 -6.01
CA ARG S 437 120.21 -25.89 -6.44
C ARG S 437 121.53 -26.42 -7.05
N PHE S 438 122.12 -25.63 -7.93
CA PHE S 438 123.45 -25.99 -8.50
C PHE S 438 124.52 -25.60 -7.52
N VAL S 439 125.39 -26.55 -7.22
CA VAL S 439 126.49 -26.28 -6.28
C VAL S 439 127.89 -26.49 -6.88
N SER S 440 128.00 -27.21 -8.00
CA SER S 440 129.36 -27.65 -8.42
C SER S 440 129.55 -28.08 -9.88
N THR S 441 130.79 -28.15 -10.29
CA THR S 441 131.17 -28.72 -11.59
C THR S 441 132.26 -29.76 -11.27
N ASN S 442 132.31 -30.89 -11.95
CA ASN S 442 133.37 -31.95 -11.75
C ASN S 442 134.67 -31.68 -12.54
N ASN S 443 135.65 -32.59 -12.55
CA ASN S 443 136.97 -32.40 -13.22
C ASN S 443 136.73 -32.18 -14.71
N THR S 444 135.80 -32.89 -15.35
CA THR S 444 135.32 -32.54 -16.70
C THR S 444 134.23 -31.60 -16.30
N GLY S 445 134.01 -30.46 -16.93
CA GLY S 445 133.09 -29.49 -16.28
C GLY S 445 131.62 -29.83 -16.33
N GLY S 446 131.20 -30.90 -15.64
CA GLY S 446 129.79 -31.37 -15.64
C GLY S 446 129.04 -30.90 -14.42
N VAL S 447 127.84 -30.37 -14.59
CA VAL S 447 127.04 -29.76 -13.49
C VAL S 447 126.55 -30.74 -12.42
N GLN S 448 126.52 -30.28 -11.17
CA GLN S 448 126.14 -31.13 -10.00
C GLN S 448 125.11 -30.39 -9.14
N PHE S 449 124.22 -31.13 -8.48
CA PHE S 449 123.09 -30.52 -7.73
C PHE S 449 122.91 -31.09 -6.32
N ASN S 450 122.36 -30.30 -5.40
CA ASN S 450 122.06 -30.76 -4.01
C ASN S 450 120.66 -30.29 -3.63
N LYS S 451 119.95 -31.05 -2.82
CA LYS S 451 118.62 -30.68 -2.26
C LYS S 451 118.70 -29.58 -1.18
N ASN S 452 117.63 -28.81 -1.03
CA ASN S 452 117.60 -27.73 -0.02
C ASN S 452 117.07 -28.28 1.31
N LEU S 453 117.90 -28.26 2.36
CA LEU S 453 117.58 -28.79 3.72
C LEU S 453 116.77 -27.85 4.64
N ALA S 454 116.12 -28.41 5.66
CA ALA S 454 115.33 -27.62 6.63
C ALA S 454 116.17 -26.62 7.44
N GLY S 455 115.71 -25.37 7.53
CA GLY S 455 116.37 -24.29 8.30
C GLY S 455 117.55 -23.62 7.61
N ARG S 456 117.91 -24.02 6.39
CA ARG S 456 119.07 -23.47 5.65
C ARG S 456 118.61 -22.23 4.83
N TYR S 457 118.35 -21.10 5.49
CA TYR S 457 117.77 -19.83 4.92
C TYR S 457 118.71 -19.20 3.90
N ALA S 458 120.01 -19.42 4.04
CA ALA S 458 121.00 -18.96 3.08
C ALA S 458 120.74 -19.57 1.69
N ASN S 459 120.28 -20.82 1.57
CA ASN S 459 120.12 -21.54 0.27
C ASN S 459 118.68 -21.92 -0.12
N THR S 460 117.65 -21.18 0.18
CA THR S 460 116.23 -21.57 0.04
C THR S 460 115.61 -20.76 -1.08
N TYR S 461 114.69 -21.31 -1.84
CA TYR S 461 113.95 -20.58 -2.90
C TYR S 461 113.06 -19.56 -2.21
N LYS S 462 112.95 -18.37 -2.78
CA LYS S 462 112.19 -17.26 -2.15
C LYS S 462 111.10 -16.68 -3.04
N ASN S 463 109.88 -16.52 -2.57
CA ASN S 463 108.77 -15.78 -3.26
C ASN S 463 108.91 -14.26 -3.37
N TRP S 464 109.44 -13.59 -2.35
CA TRP S 464 109.32 -12.12 -2.23
C TRP S 464 110.66 -11.46 -1.97
N PHE S 465 110.75 -10.19 -2.34
CA PHE S 465 112.05 -9.47 -2.30
C PHE S 465 111.90 -8.20 -1.50
N PRO S 466 113.01 -7.73 -0.90
CA PRO S 466 113.05 -6.46 -0.20
C PRO S 466 112.93 -5.20 -1.05
N GLY S 467 112.53 -4.09 -0.44
CA GLY S 467 112.31 -2.80 -1.12
C GLY S 467 113.55 -2.04 -1.60
N PRO S 468 113.36 -0.99 -2.43
CA PRO S 468 114.48 -0.26 -3.04
C PRO S 468 115.50 0.47 -2.15
N MET S 469 116.76 0.48 -2.55
CA MET S 469 117.84 1.05 -1.71
C MET S 469 118.84 1.96 -2.46
N GLY S 470 119.38 3.00 -1.86
CA GLY S 470 120.53 3.77 -2.40
C GLY S 470 121.58 3.94 -1.31
N ARG S 471 122.85 3.64 -1.49
CA ARG S 471 123.83 3.70 -0.36
C ARG S 471 124.08 5.13 0.20
N THR S 472 124.07 5.30 1.53
CA THR S 472 124.29 6.58 2.24
C THR S 472 125.31 6.37 3.33
N GLN S 473 126.20 7.34 3.59
CA GLN S 473 127.32 7.18 4.55
C GLN S 473 126.85 6.96 6.00
N GLY S 474 127.55 6.09 6.74
CA GLY S 474 127.23 5.80 8.14
C GLY S 474 128.20 6.44 9.11
N TRP S 475 127.67 7.09 10.14
CA TRP S 475 128.49 7.78 11.18
C TRP S 475 128.19 7.23 12.57
N ASN S 476 129.23 6.95 13.35
CA ASN S 476 129.09 6.43 14.74
C ASN S 476 128.66 7.54 15.71
N LEU S 477 127.89 7.21 16.73
CA LEU S 477 127.36 8.16 17.74
C LEU S 477 127.81 7.62 19.11
N GLY S 478 127.81 8.43 20.16
CA GLY S 478 128.32 7.98 21.48
C GLY S 478 129.79 7.66 21.46
N SER S 479 130.16 6.43 21.80
CA SER S 479 131.58 6.01 21.81
C SER S 479 132.15 6.15 20.39
N GLY S 480 131.41 5.80 19.33
CA GLY S 480 131.85 6.20 17.97
C GLY S 480 133.20 5.73 17.49
N VAL S 481 134.09 6.64 17.11
CA VAL S 481 135.43 6.34 16.48
C VAL S 481 135.45 6.76 14.99
N ASN S 482 134.67 7.75 14.57
CA ASN S 482 134.64 8.35 13.18
C ASN S 482 135.85 9.20 12.77
N ARG S 483 136.08 9.41 11.46
CA ARG S 483 137.18 10.26 10.89
C ARG S 483 137.12 11.76 11.27
N ALA S 484 138.27 12.36 11.60
CA ALA S 484 138.39 13.76 12.08
C ALA S 484 138.41 14.88 11.04
N SER S 485 137.95 16.09 11.43
CA SER S 485 138.06 17.32 10.60
C SER S 485 137.41 17.25 9.20
N VAL S 486 136.24 16.64 9.09
CA VAL S 486 135.58 16.44 7.77
C VAL S 486 134.57 17.54 7.44
N SER S 487 134.56 18.04 6.19
CA SER S 487 133.47 18.93 5.73
C SER S 487 132.52 18.01 4.95
N ALA S 488 131.29 17.85 5.40
CA ALA S 488 130.30 16.88 4.85
C ALA S 488 129.80 17.09 3.40
N PHE S 489 129.58 18.31 2.90
CA PHE S 489 128.81 18.59 1.66
C PHE S 489 129.32 17.97 0.32
N ALA S 490 130.62 17.92 0.03
CA ALA S 490 131.15 17.39 -1.24
C ALA S 490 130.80 15.90 -1.41
N THR S 491 130.81 15.11 -0.34
CA THR S 491 130.56 13.66 -0.39
C THR S 491 129.12 13.26 -0.10
N THR S 492 128.20 14.20 0.07
CA THR S 492 126.75 13.92 0.30
C THR S 492 126.01 13.41 -0.92
N ASN S 493 124.89 12.68 -0.72
CA ASN S 493 124.01 12.19 -1.82
C ASN S 493 123.30 13.34 -2.53
N ARG S 494 123.17 13.27 -3.85
CA ARG S 494 122.57 14.40 -4.62
C ARG S 494 121.73 13.95 -5.81
N MET S 495 120.78 14.77 -6.25
CA MET S 495 120.00 14.54 -7.49
C MET S 495 120.16 15.83 -8.33
N GLU S 496 120.21 15.73 -9.66
CA GLU S 496 120.44 16.90 -10.55
C GLU S 496 119.12 17.35 -11.21
N LEU S 497 118.72 18.62 -11.07
CA LEU S 497 117.52 19.18 -11.76
C LEU S 497 117.88 20.49 -12.47
N GLU S 498 117.55 20.68 -13.74
CA GLU S 498 117.71 21.97 -14.50
C GLU S 498 119.14 22.53 -14.47
N GLY S 499 120.17 21.71 -14.53
CA GLY S 499 121.55 22.20 -14.39
C GLY S 499 122.10 22.45 -12.99
N ALA S 500 121.40 22.09 -11.92
CA ALA S 500 121.98 22.28 -10.55
C ALA S 500 121.98 20.98 -9.73
N SER S 501 122.91 20.82 -8.78
CA SER S 501 123.00 19.64 -7.88
C SER S 501 122.30 19.94 -6.55
N TYR S 502 121.39 19.08 -6.15
CA TYR S 502 120.61 19.32 -4.90
C TYR S 502 120.77 18.20 -3.90
N GLN S 503 121.01 18.56 -2.66
CA GLN S 503 120.93 17.55 -1.58
C GLN S 503 119.44 17.20 -1.44
N VAL S 504 119.13 15.95 -1.17
CA VAL S 504 117.74 15.45 -1.00
C VAL S 504 117.81 14.79 0.39
N PRO S 505 117.79 15.59 1.48
CA PRO S 505 118.07 15.11 2.82
C PRO S 505 117.21 14.04 3.40
N PRO S 506 115.88 13.89 3.23
CA PRO S 506 115.25 12.66 3.68
C PRO S 506 115.59 11.77 2.46
N GLN S 507 116.09 10.57 2.62
CA GLN S 507 116.25 9.77 1.36
C GLN S 507 114.86 9.18 0.95
N PRO S 508 114.65 8.59 -0.25
CA PRO S 508 113.39 7.91 -0.60
C PRO S 508 113.05 6.61 0.21
N ASN S 509 111.78 6.24 0.42
CA ASN S 509 111.33 5.07 1.27
C ASN S 509 111.83 3.65 0.91
N GLY S 510 111.85 2.71 1.87
CA GLY S 510 112.32 1.31 1.71
C GLY S 510 113.63 0.94 2.34
N MET S 511 114.22 1.84 3.12
CA MET S 511 115.49 1.53 3.81
C MET S 511 115.40 1.70 5.34
N THR S 512 116.38 1.16 6.07
CA THR S 512 116.52 1.42 7.52
C THR S 512 117.86 2.13 7.79
N ASN S 513 117.87 3.26 8.48
CA ASN S 513 119.08 4.02 8.96
C ASN S 513 119.95 3.32 10.03
N ASN S 514 119.37 2.62 11.00
CA ASN S 514 120.12 2.04 12.15
C ASN S 514 119.78 0.55 12.34
N LEU S 515 120.77 -0.31 12.58
CA LEU S 515 120.53 -1.78 12.86
C LEU S 515 119.81 -2.20 14.18
N GLN S 516 120.04 -1.64 15.37
CA GLN S 516 119.46 -2.07 16.70
C GLN S 516 120.69 -2.34 17.57
N GLY S 517 120.69 -1.87 18.82
CA GLY S 517 122.01 -1.89 19.46
C GLY S 517 122.75 -0.92 18.57
N SER S 518 123.82 -1.30 17.90
CA SER S 518 124.63 -0.44 16.99
C SER S 518 124.55 1.09 17.13
N ASN S 519 125.71 1.73 17.03
CA ASN S 519 125.81 3.20 17.13
C ASN S 519 126.08 3.80 15.74
N THR S 520 125.97 3.00 14.67
CA THR S 520 126.09 3.51 13.29
C THR S 520 124.73 3.99 12.78
N TYR S 521 124.70 5.20 12.27
CA TYR S 521 123.46 5.82 11.74
C TYR S 521 123.76 6.40 10.41
N ALA S 522 122.86 6.21 9.46
CA ALA S 522 123.04 6.93 8.20
C ALA S 522 122.32 8.27 8.40
N LEU S 523 123.06 9.37 8.62
CA LEU S 523 122.53 10.72 9.01
C LEU S 523 121.59 11.37 7.98
N GLU S 524 121.86 11.22 6.68
CA GLU S 524 121.02 11.79 5.61
C GLU S 524 119.73 10.95 5.38
N ASN S 525 119.56 9.81 6.01
CA ASN S 525 118.31 9.00 5.99
C ASN S 525 117.50 9.19 7.29
N THR S 526 117.89 10.11 8.17
CA THR S 526 117.22 10.25 9.50
C THR S 526 116.58 11.60 9.70
N MET S 527 115.37 11.64 10.28
CA MET S 527 114.75 12.91 10.72
C MET S 527 115.48 13.41 11.99
N ILE S 528 116.00 14.63 11.97
CA ILE S 528 116.68 15.26 13.14
C ILE S 528 115.87 16.46 13.63
N PHE S 529 115.61 16.54 14.93
CA PHE S 529 114.75 17.58 15.56
C PHE S 529 115.46 18.20 16.73
N ASN S 530 115.02 19.38 17.16
CA ASN S 530 115.54 20.08 18.36
C ASN S 530 114.49 19.96 19.48
N SER S 531 114.89 19.68 20.72
CA SER S 531 113.97 19.65 21.89
C SER S 531 113.35 21.04 22.12
N GLN S 532 114.13 22.10 21.97
CA GLN S 532 113.68 23.49 22.19
C GLN S 532 113.55 24.26 20.87
N PRO S 533 112.60 25.21 20.73
CA PRO S 533 112.51 26.08 19.55
C PRO S 533 113.70 27.03 19.41
N ALA S 534 114.02 27.41 18.18
CA ALA S 534 115.23 28.23 17.92
C ALA S 534 114.89 29.59 17.32
N ASN S 535 115.77 30.56 17.55
CA ASN S 535 115.64 31.91 16.95
C ASN S 535 115.90 31.83 15.44
N PRO S 536 115.24 32.66 14.61
CA PRO S 536 115.50 32.66 13.18
C PRO S 536 116.89 33.07 12.71
N GLY S 537 117.43 32.34 11.71
CA GLY S 537 118.73 32.66 11.11
C GLY S 537 119.94 32.16 11.89
N THR S 538 119.74 31.35 12.91
CA THR S 538 120.88 30.90 13.74
C THR S 538 121.88 30.13 12.88
N THR S 539 123.18 30.37 13.08
CA THR S 539 124.25 29.62 12.38
C THR S 539 125.07 28.84 13.38
N ALA S 540 124.60 28.68 14.62
CA ALA S 540 125.31 27.98 15.71
C ALA S 540 125.54 26.48 15.46
N THR S 541 126.71 25.95 15.84
CA THR S 541 126.96 24.50 15.78
C THR S 541 126.20 23.78 16.87
N TYR S 542 125.66 22.60 16.58
CA TYR S 542 124.94 21.78 17.58
C TYR S 542 125.59 20.42 17.67
N LEU S 543 125.90 20.00 18.89
CA LEU S 543 126.39 18.62 19.16
C LEU S 543 125.22 17.63 19.31
N GLU S 544 125.49 16.33 19.37
CA GLU S 544 124.48 15.24 19.44
C GLU S 544 123.57 15.31 20.67
N GLY S 545 124.08 15.72 21.84
CA GLY S 545 123.29 15.79 23.08
C GLY S 545 122.13 16.76 22.97
N ASN S 546 122.30 17.90 22.32
CA ASN S 546 121.17 18.83 22.03
C ASN S 546 120.13 18.21 21.08
N MET S 547 120.52 17.41 20.10
CA MET S 547 119.59 16.92 19.04
C MET S 547 118.70 15.72 19.41
N LEU S 548 117.53 15.61 18.78
CA LEU S 548 116.67 14.41 18.95
C LEU S 548 116.82 13.60 17.66
N ILE S 549 117.41 12.40 17.71
CA ILE S 549 117.71 11.60 16.48
C ILE S 549 116.86 10.32 16.46
N THR S 550 116.09 10.13 15.41
CA THR S 550 115.19 8.97 15.21
C THR S 550 115.90 7.70 14.70
N SER S 551 115.33 6.53 14.97
CA SER S 551 115.86 5.22 14.51
C SER S 551 114.71 4.48 13.83
N GLU S 552 114.98 3.75 12.77
CA GLU S 552 113.97 2.96 12.00
C GLU S 552 114.25 1.46 12.20
N SER S 553 114.90 1.05 13.28
CA SER S 553 115.39 -0.34 13.53
C SER S 553 114.26 -1.39 13.56
N GLU S 554 113.01 -1.03 13.86
CA GLU S 554 111.83 -1.92 13.84
C GLU S 554 111.58 -2.50 12.42
N THR S 555 111.82 -1.75 11.36
CA THR S 555 111.59 -2.14 9.95
C THR S 555 112.71 -2.99 9.36
N GLN S 556 113.78 -3.28 10.10
CA GLN S 556 114.99 -4.01 9.63
C GLN S 556 114.65 -5.45 9.14
N PRO S 557 113.71 -6.24 9.72
CA PRO S 557 113.29 -7.51 9.13
C PRO S 557 112.84 -7.47 7.64
N VAL S 558 112.27 -6.37 7.12
CA VAL S 558 111.95 -6.15 5.67
C VAL S 558 112.69 -4.99 4.95
N ASN S 559 113.51 -4.17 5.61
CA ASN S 559 114.10 -2.98 4.94
C ASN S 559 115.61 -3.09 4.95
N ARG S 560 116.24 -2.88 3.80
CA ARG S 560 117.71 -2.96 3.70
C ARG S 560 118.42 -1.80 4.43
N VAL S 561 119.59 -2.05 4.98
CA VAL S 561 120.41 -1.00 5.65
C VAL S 561 121.08 -0.03 4.64
N ALA S 562 120.94 1.29 4.84
CA ALA S 562 121.46 2.37 3.97
C ALA S 562 122.99 2.42 3.87
N TYR S 563 123.70 2.23 4.97
CA TYR S 563 125.20 2.29 5.00
C TYR S 563 125.83 1.13 4.17
N ASN S 564 125.25 -0.06 4.18
CA ASN S 564 125.79 -1.28 3.49
C ASN S 564 125.48 -1.38 1.99
N VAL S 565 126.25 -2.17 1.21
CA VAL S 565 125.94 -2.52 -0.22
C VAL S 565 124.68 -3.41 -0.30
N GLY S 566 123.83 -3.26 -1.33
CA GLY S 566 122.60 -4.06 -1.57
C GLY S 566 122.71 -5.55 -1.87
N GLY S 567 123.68 -6.01 -2.66
CA GLY S 567 123.77 -7.41 -3.11
C GLY S 567 124.82 -7.57 -4.17
N GLN S 568 124.88 -8.72 -4.84
CA GLN S 568 125.85 -9.00 -5.94
C GLN S 568 125.14 -9.58 -7.20
N MET S 569 125.65 -9.32 -8.41
CA MET S 569 125.13 -9.84 -9.70
C MET S 569 126.30 -10.33 -10.59
N ALA S 570 126.06 -11.19 -11.58
CA ALA S 570 127.08 -11.71 -12.53
C ALA S 570 127.64 -10.64 -13.49
N THR S 571 128.96 -10.64 -13.70
CA THR S 571 129.65 -9.64 -14.53
C THR S 571 130.33 -10.26 -15.76
N ASN S 572 130.18 -11.55 -16.03
CA ASN S 572 130.97 -12.23 -17.09
C ASN S 572 130.28 -13.50 -17.57
N ASN S 573 130.83 -14.12 -18.60
CA ASN S 573 130.37 -15.46 -19.04
C ASN S 573 131.48 -16.46 -18.72
N GLN S 574 131.18 -17.54 -17.99
CA GLN S 574 132.16 -18.61 -17.64
C GLN S 574 132.51 -19.45 -18.90
N SER S 575 133.71 -20.02 -18.94
CA SER S 575 134.18 -20.84 -20.08
C SER S 575 135.26 -21.78 -19.50
N SER S 576 135.72 -22.77 -20.26
CA SER S 576 136.83 -23.58 -19.74
C SER S 576 138.04 -22.69 -19.49
N THR S 577 138.34 -21.74 -20.37
CA THR S 577 139.39 -20.71 -20.16
C THR S 577 139.08 -19.75 -19.02
N THR S 578 137.84 -19.32 -18.82
CA THR S 578 137.52 -18.25 -17.84
C THR S 578 136.68 -18.66 -16.65
N ALA S 579 137.15 -18.35 -15.43
CA ALA S 579 136.38 -18.58 -14.18
C ALA S 579 135.20 -17.60 -14.06
N PRO S 580 134.09 -18.00 -13.41
CA PRO S 580 132.97 -17.07 -13.16
C PRO S 580 133.26 -15.90 -12.19
N ALA S 581 132.66 -14.73 -12.40
CA ALA S 581 132.90 -13.50 -11.60
C ALA S 581 131.61 -12.79 -11.17
N THR S 582 131.63 -12.10 -10.03
CA THR S 582 130.46 -11.32 -9.54
C THR S 582 130.87 -9.90 -9.21
N GLY S 583 129.90 -8.98 -9.19
CA GLY S 583 130.17 -7.60 -8.73
C GLY S 583 129.11 -7.08 -7.78
N THR S 584 129.49 -6.33 -6.75
CA THR S 584 128.51 -5.64 -5.83
C THR S 584 127.83 -4.43 -6.46
N TYR S 585 126.62 -4.10 -6.05
CA TYR S 585 125.88 -2.89 -6.50
C TYR S 585 125.57 -1.94 -5.31
N ASN S 586 125.61 -0.61 -5.50
CA ASN S 586 125.35 0.41 -4.43
C ASN S 586 123.92 0.97 -4.50
N LEU S 587 123.19 0.67 -5.57
CA LEU S 587 121.79 1.15 -5.73
C LEU S 587 120.89 0.12 -6.44
N GLN S 588 119.62 0.03 -6.09
CA GLN S 588 118.64 -0.81 -6.82
C GLN S 588 117.27 -0.14 -6.67
N GLU S 589 116.37 -0.37 -7.59
CA GLU S 589 115.04 0.30 -7.60
C GLU S 589 113.98 -0.79 -7.59
N ILE S 590 112.71 -0.44 -7.75
CA ILE S 590 111.57 -1.39 -7.63
C ILE S 590 111.62 -2.55 -8.65
N VAL S 591 111.29 -3.73 -8.17
CA VAL S 591 111.26 -4.98 -9.00
C VAL S 591 109.91 -5.61 -8.68
N PRO S 592 109.31 -6.42 -9.57
CA PRO S 592 108.06 -7.11 -9.23
C PRO S 592 108.22 -8.10 -8.06
N GLY S 593 107.24 -8.20 -7.16
CA GLY S 593 107.34 -9.01 -5.92
C GLY S 593 108.03 -8.30 -4.77
N SER S 594 108.32 -7.01 -4.89
CA SER S 594 108.93 -6.14 -3.86
C SER S 594 107.99 -5.79 -2.70
N VAL S 595 108.48 -5.89 -1.46
CA VAL S 595 107.70 -5.54 -0.22
C VAL S 595 108.57 -4.61 0.65
N TRP S 596 107.98 -3.62 1.30
CA TRP S 596 108.71 -2.70 2.23
C TRP S 596 107.77 -2.06 3.24
N MET S 597 108.33 -1.44 4.26
CA MET S 597 107.56 -0.63 5.26
C MET S 597 107.88 0.87 5.10
N GLU S 598 106.86 1.72 5.11
CA GLU S 598 107.02 3.20 5.06
C GLU S 598 107.57 3.77 6.38
N ARG S 599 108.15 4.96 6.34
CA ARG S 599 108.70 5.66 7.55
C ARG S 599 107.64 5.92 8.63
N ASP S 600 108.03 5.78 9.90
CA ASP S 600 107.16 6.02 11.07
C ASP S 600 106.83 7.49 11.33
N VAL S 601 105.64 7.77 11.83
CA VAL S 601 105.24 9.13 12.32
C VAL S 601 105.77 9.40 13.74
N TYR S 602 105.95 10.67 14.08
CA TYR S 602 106.44 11.09 15.42
C TYR S 602 105.48 12.14 15.95
N LEU S 603 105.39 12.29 17.28
CA LEU S 603 104.53 13.34 17.90
C LEU S 603 105.05 14.75 17.48
N GLN S 604 106.34 14.98 17.43
CA GLN S 604 107.02 16.20 16.93
C GLN S 604 106.84 16.40 15.40
N GLY S 605 106.63 15.34 14.62
CA GLY S 605 106.48 15.36 13.15
C GLY S 605 105.20 15.79 12.46
N PRO S 606 105.26 16.02 11.11
CA PRO S 606 104.07 16.27 10.27
C PRO S 606 103.02 15.22 9.89
N ILE S 607 101.72 15.52 9.91
CA ILE S 607 100.62 14.61 9.39
C ILE S 607 100.51 14.40 7.85
N TRP S 608 100.57 15.45 7.03
CA TRP S 608 100.25 15.32 5.59
C TRP S 608 101.15 16.10 4.64
N ALA S 609 101.13 15.76 3.36
CA ALA S 609 101.82 16.49 2.28
C ALA S 609 100.91 16.51 1.06
N LYS S 610 100.98 17.55 0.25
CA LYS S 610 100.21 17.62 -1.03
C LYS S 610 100.95 16.90 -2.17
N ILE S 611 100.25 16.02 -2.89
CA ILE S 611 100.82 15.40 -4.10
C ILE S 611 100.91 16.47 -5.21
N PRO S 612 102.07 16.62 -5.90
CA PRO S 612 102.20 17.60 -6.99
C PRO S 612 101.43 17.27 -8.27
N GLU S 613 100.87 18.27 -8.94
CA GLU S 613 100.02 17.99 -10.14
C GLU S 613 100.84 17.98 -11.44
N THR S 614 101.22 16.80 -11.94
CA THR S 614 102.04 16.64 -13.16
C THR S 614 101.29 15.79 -14.14
N GLY S 615 100.29 15.06 -13.69
CA GLY S 615 99.56 14.06 -14.48
C GLY S 615 100.17 12.66 -14.40
N ALA S 616 101.37 12.48 -13.81
CA ALA S 616 101.96 11.12 -13.63
C ALA S 616 102.69 10.99 -12.30
N HIS S 617 102.47 9.91 -11.56
CA HIS S 617 103.19 9.65 -10.28
C HIS S 617 103.21 8.15 -9.97
N PHE S 618 104.13 7.72 -9.12
CA PHE S 618 104.15 6.32 -8.62
C PHE S 618 104.11 6.28 -7.11
N HIS S 619 103.22 5.47 -6.49
CA HIS S 619 103.18 5.19 -5.02
C HIS S 619 103.35 6.46 -4.18
N PRO S 620 102.25 7.17 -3.88
CA PRO S 620 102.38 8.52 -3.30
C PRO S 620 102.41 8.73 -1.80
N SER S 621 103.49 8.25 -1.21
CA SER S 621 103.71 8.38 0.25
C SER S 621 104.88 9.35 0.43
N PRO S 622 104.72 10.46 1.20
CA PRO S 622 105.82 11.42 1.35
C PRO S 622 107.05 10.93 2.14
N ALA S 623 108.25 11.37 1.76
CA ALA S 623 109.52 10.90 2.37
C ALA S 623 109.68 11.23 3.86
N MET S 624 109.28 12.42 4.32
CA MET S 624 109.33 12.86 5.73
C MET S 624 108.40 11.97 6.58
N GLY S 625 107.30 11.49 6.04
CA GLY S 625 106.32 10.64 6.74
C GLY S 625 104.91 11.16 6.56
N GLY S 626 103.91 10.40 7.01
CA GLY S 626 102.51 10.84 6.93
C GLY S 626 101.67 10.44 5.74
N PHE S 627 100.62 11.20 5.48
CA PHE S 627 99.60 10.88 4.44
C PHE S 627 99.72 11.82 3.24
N GLY S 628 99.77 11.24 2.05
CA GLY S 628 99.86 12.01 0.80
C GLY S 628 98.49 12.24 0.24
N LEU S 629 98.14 13.50 0.04
CA LEU S 629 96.75 13.83 -0.37
C LEU S 629 96.67 14.61 -1.68
N LYS S 630 95.83 14.17 -2.61
CA LYS S 630 95.52 14.96 -3.83
C LYS S 630 94.79 16.27 -3.48
N HIS S 631 93.85 16.23 -2.55
CA HIS S 631 93.10 17.43 -2.10
C HIS S 631 93.32 17.63 -0.61
N PRO S 632 94.40 18.32 -0.21
CA PRO S 632 94.73 18.55 1.19
C PRO S 632 93.89 19.58 1.95
N PRO S 633 93.91 19.60 3.30
CA PRO S 633 93.15 20.62 4.00
C PRO S 633 93.68 21.99 3.50
N PRO S 634 92.78 22.94 3.14
CA PRO S 634 93.19 24.19 2.49
C PRO S 634 93.92 25.31 3.23
N MET S 635 94.71 26.10 2.51
CA MET S 635 95.42 27.28 3.07
C MET S 635 94.44 28.33 3.64
N MET S 636 94.71 28.80 4.87
CA MET S 636 93.87 29.79 5.55
C MET S 636 94.71 31.08 5.71
N LEU S 637 94.24 32.18 5.17
CA LEU S 637 95.02 33.44 5.09
C LEU S 637 94.32 34.59 5.83
N ILE S 638 95.06 35.34 6.62
CA ILE S 638 94.52 36.47 7.41
C ILE S 638 95.40 37.72 7.22
N LYS S 639 94.77 38.88 7.07
CA LYS S 639 95.53 40.15 7.01
C LYS S 639 94.86 41.28 7.82
N ASN S 640 95.62 42.27 8.23
CA ASN S 640 95.06 43.50 8.85
C ASN S 640 94.70 44.47 7.72
N THR S 641 93.49 45.01 7.71
CA THR S 641 93.08 46.02 6.69
C THR S 641 93.89 47.30 6.84
N PRO S 642 94.42 47.88 5.73
CA PRO S 642 95.08 49.18 5.78
C PRO S 642 94.18 50.31 6.30
N VAL S 643 94.68 51.02 7.30
CA VAL S 643 93.94 52.21 7.79
C VAL S 643 94.84 53.42 7.53
N PRO S 644 94.39 54.37 6.70
CA PRO S 644 95.19 55.57 6.39
C PRO S 644 95.50 56.69 7.40
N GLY S 645 96.66 57.31 7.33
CA GLY S 645 97.06 58.50 8.11
C GLY S 645 96.46 59.77 7.51
N ASN S 646 96.59 60.92 8.14
CA ASN S 646 95.85 62.13 7.65
C ASN S 646 96.33 62.57 6.25
N ILE S 647 95.39 62.71 5.31
CA ILE S 647 95.72 63.16 3.93
C ILE S 647 94.90 64.43 3.68
N THR S 648 95.54 65.53 3.28
CA THR S 648 94.84 66.83 3.13
C THR S 648 94.71 67.25 1.68
N SER S 649 95.41 66.60 0.76
CA SER S 649 95.42 67.00 -0.67
C SER S 649 95.22 65.79 -1.59
N PHE S 650 94.67 65.99 -2.79
CA PHE S 650 94.51 64.93 -3.82
C PHE S 650 95.79 64.57 -4.58
N SER S 651 96.04 63.27 -4.77
CA SER S 651 97.12 62.83 -5.70
C SER S 651 96.64 61.58 -6.45
N ASP S 652 97.02 61.43 -7.70
CA ASP S 652 96.85 60.15 -8.47
C ASP S 652 97.75 59.09 -7.83
N VAL S 653 98.94 59.48 -7.34
CA VAL S 653 99.91 58.53 -6.71
C VAL S 653 99.29 57.89 -5.46
N PRO S 654 99.40 56.55 -5.27
CA PRO S 654 98.83 55.85 -4.12
C PRO S 654 99.36 56.22 -2.73
N VAL S 655 98.49 56.19 -1.73
CA VAL S 655 98.90 56.54 -0.34
C VAL S 655 99.92 55.54 0.22
N SER S 656 100.97 56.07 0.83
CA SER S 656 102.04 55.28 1.47
C SER S 656 102.06 55.52 2.99
N SER S 657 101.15 56.33 3.52
CA SER S 657 101.15 56.69 4.97
C SER S 657 99.94 56.06 5.67
N PHE S 658 100.18 55.24 6.67
CA PHE S 658 99.11 54.46 7.34
C PHE S 658 99.30 54.47 8.83
N ILE S 659 98.23 54.38 9.61
CA ILE S 659 98.40 54.20 11.09
C ILE S 659 98.97 52.80 11.42
N THR S 660 99.89 52.66 12.39
CA THR S 660 100.50 51.35 12.80
C THR S 660 99.57 50.52 13.68
N GLN S 661 99.33 49.26 13.31
CA GLN S 661 98.31 48.39 13.99
C GLN S 661 98.71 46.91 14.07
N TYR S 662 98.16 46.15 15.01
CA TYR S 662 98.40 44.68 15.15
C TYR S 662 97.08 44.05 15.59
N SER S 663 96.93 42.74 15.37
CA SER S 663 95.71 42.01 15.81
C SER S 663 96.01 40.79 16.70
N THR S 664 95.04 40.43 17.54
CA THR S 664 95.17 39.26 18.44
C THR S 664 93.82 38.52 18.53
N GLY S 665 93.82 37.22 18.82
CA GLY S 665 92.58 36.44 18.99
C GLY S 665 92.77 35.01 19.42
N GLN S 666 91.72 34.21 19.35
CA GLN S 666 91.73 32.75 19.67
C GLN S 666 91.35 31.88 18.46
N VAL S 667 92.01 30.73 18.30
CA VAL S 667 91.68 29.75 17.21
C VAL S 667 91.38 28.36 17.82
N THR S 668 90.33 27.69 17.35
CA THR S 668 90.01 26.32 17.77
C THR S 668 90.06 25.36 16.58
N VAL S 669 90.76 24.21 16.70
CA VAL S 669 90.76 23.13 15.66
C VAL S 669 90.19 21.81 16.24
N GLU S 670 89.22 21.20 15.57
CA GLU S 670 88.62 19.90 15.97
C GLU S 670 88.90 18.86 14.88
N MET S 671 89.45 17.71 15.27
CA MET S 671 89.80 16.63 14.30
C MET S 671 89.23 15.28 14.73
N GLU S 672 88.74 14.51 13.75
CA GLU S 672 88.24 13.14 13.99
C GLU S 672 89.21 12.10 13.39
N TRP S 673 89.49 11.04 14.15
CA TRP S 673 90.44 9.99 13.72
C TRP S 673 89.77 8.61 13.75
N GLU S 674 90.07 7.77 12.77
CA GLU S 674 89.59 6.36 12.74
C GLU S 674 90.72 5.43 13.22
N LEU S 675 90.40 4.49 14.09
CA LEU S 675 91.39 3.57 14.73
C LEU S 675 91.24 2.11 14.25
N LYS S 676 92.35 1.42 14.06
CA LYS S 676 92.30 -0.04 13.77
C LYS S 676 92.76 -0.81 15.02
N LYS S 677 91.91 -1.68 15.55
CA LYS S 677 92.20 -2.54 16.74
C LYS S 677 93.21 -3.69 16.55
N GLU S 678 94.03 -3.94 17.56
CA GLU S 678 94.92 -5.13 17.58
C GLU S 678 94.10 -6.43 17.75
N ASN S 679 94.46 -7.51 17.05
CA ASN S 679 93.81 -8.85 17.15
C ASN S 679 94.88 -9.93 17.39
N SER S 680 95.89 -9.69 18.21
CA SER S 680 97.04 -10.61 18.44
C SER S 680 96.74 -11.93 19.19
N LYS S 681 97.41 -13.02 18.81
CA LYS S 681 97.34 -14.31 19.53
C LYS S 681 98.68 -14.60 20.27
N ARG S 682 99.61 -13.66 20.35
CA ARG S 682 100.91 -13.77 21.10
C ARG S 682 100.75 -13.99 22.63
N TRP S 683 101.19 -15.12 23.17
CA TRP S 683 101.10 -15.49 24.59
C TRP S 683 101.94 -14.63 25.57
N ASN S 684 103.17 -14.36 25.20
CA ASN S 684 104.14 -13.58 26.00
C ASN S 684 103.86 -12.07 25.97
N PRO S 685 104.28 -11.32 27.01
CA PRO S 685 104.16 -9.86 27.02
C PRO S 685 104.98 -9.03 26.00
N GLU S 686 104.36 -8.01 25.44
CA GLU S 686 104.96 -7.04 24.48
C GLU S 686 105.76 -5.83 25.01
N ILE S 687 106.57 -5.22 24.16
CA ILE S 687 107.25 -3.92 24.44
C ILE S 687 106.24 -2.75 24.44
N GLN S 688 106.38 -1.79 25.37
CA GLN S 688 105.48 -0.61 25.52
C GLN S 688 106.27 0.66 25.82
N TYR S 689 105.81 1.83 25.38
CA TYR S 689 106.42 3.13 25.79
C TYR S 689 106.06 3.39 27.28
N THR S 690 107.06 3.75 28.06
CA THR S 690 106.85 3.99 29.50
C THR S 690 107.60 5.22 29.93
N ASN S 691 107.15 5.84 31.02
CA ASN S 691 107.91 6.96 31.63
C ASN S 691 108.93 6.28 32.54
N ASN S 692 110.18 6.27 32.17
CA ASN S 692 111.23 5.52 32.90
C ASN S 692 112.50 6.36 32.93
N TYR S 693 112.92 6.77 34.11
CA TYR S 693 114.07 7.70 34.25
C TYR S 693 114.82 7.26 35.50
N ASN S 694 116.13 7.37 35.53
CA ASN S 694 116.89 7.05 36.78
C ASN S 694 117.29 8.33 37.52
N ASP S 695 116.90 8.50 38.80
CA ASP S 695 117.20 9.69 39.65
C ASP S 695 116.79 11.02 38.99
N PRO S 696 115.54 11.20 38.49
CA PRO S 696 115.19 12.43 37.77
C PRO S 696 115.25 13.77 38.52
N GLN S 697 115.80 14.81 37.88
CA GLN S 697 115.91 16.16 38.49
C GLN S 697 114.76 17.06 38.03
N PHE S 698 113.95 16.61 37.11
CA PHE S 698 112.82 17.40 36.54
C PHE S 698 111.84 16.41 36.04
N VAL S 699 110.62 16.84 35.81
CA VAL S 699 109.64 15.96 35.13
C VAL S 699 109.68 16.32 33.64
N ASP S 700 109.89 15.37 32.77
CA ASP S 700 109.81 15.52 31.29
C ASP S 700 108.37 15.79 30.86
N PHE S 701 108.14 16.54 29.76
CA PHE S 701 106.80 16.97 29.24
C PHE S 701 106.04 17.82 30.26
N ALA S 702 106.75 18.69 30.95
CA ALA S 702 106.19 19.58 31.97
C ALA S 702 106.94 20.91 31.94
N PRO S 703 106.36 22.03 32.46
CA PRO S 703 107.12 23.27 32.63
C PRO S 703 108.22 23.26 33.71
N ASP S 704 109.26 24.06 33.53
CA ASP S 704 110.34 24.18 34.56
C ASP S 704 110.12 25.37 35.52
N SER S 705 111.11 25.67 36.36
CA SER S 705 111.02 26.77 37.36
C SER S 705 110.83 28.12 36.65
N THR S 706 111.48 28.38 35.51
CA THR S 706 111.26 29.58 34.65
C THR S 706 109.95 29.55 33.87
N GLY S 707 109.25 28.41 33.75
CA GLY S 707 108.05 28.29 32.91
C GLY S 707 108.25 27.76 31.49
N GLU S 708 109.44 27.32 31.13
CA GLU S 708 109.72 26.76 29.78
C GLU S 708 109.43 25.24 29.70
N TYR S 709 108.68 24.80 28.69
CA TYR S 709 108.34 23.37 28.47
C TYR S 709 109.55 22.52 28.09
N ARG S 710 109.61 21.30 28.64
CA ARG S 710 110.75 20.39 28.37
C ARG S 710 110.25 19.15 27.63
N SER S 711 110.87 18.81 26.50
CA SER S 711 110.54 17.60 25.68
C SER S 711 111.82 16.87 25.28
N THR S 712 112.48 16.14 26.17
CA THR S 712 113.76 15.40 25.95
C THR S 712 113.72 14.29 24.92
N ARG S 713 112.64 13.52 24.77
CA ARG S 713 112.63 12.30 23.91
C ARG S 713 111.71 12.35 22.67
N PRO S 714 112.17 11.88 21.48
CA PRO S 714 111.28 11.70 20.33
C PRO S 714 110.35 10.46 20.43
N ILE S 715 109.06 10.54 20.08
CA ILE S 715 108.23 9.31 20.24
C ILE S 715 107.62 8.80 18.93
N GLY S 716 107.91 7.56 18.56
CA GLY S 716 107.37 6.84 17.40
C GLY S 716 106.11 6.09 17.71
N THR S 717 105.51 5.46 16.72
CA THR S 717 104.28 4.66 16.90
C THR S 717 104.44 3.14 16.98
N ARG S 718 105.61 2.53 16.73
CA ARG S 718 105.65 1.02 16.62
C ARG S 718 106.19 0.30 17.88
N TYR S 719 105.29 -0.24 18.71
CA TYR S 719 105.65 -0.99 19.95
C TYR S 719 105.04 -2.38 19.88
N LEU S 720 103.89 -2.49 19.22
CA LEU S 720 103.20 -3.79 18.99
C LEU S 720 103.88 -4.60 17.88
N THR S 721 103.69 -5.90 17.91
CA THR S 721 104.34 -6.82 16.96
C THR S 721 103.32 -7.66 16.25
N ARG S 722 103.56 -7.96 14.99
CA ARG S 722 102.66 -8.86 14.23
C ARG S 722 103.48 -9.87 13.41
N PRO S 723 102.98 -11.11 13.19
CA PRO S 723 103.62 -12.06 12.26
C PRO S 723 103.48 -11.65 10.78
N LEU S 724 104.43 -12.00 9.93
CA LEU S 724 104.41 -11.61 8.49
C LEU S 724 103.25 -12.28 7.74
N ASP T 209 -5.15 73.55 51.02
CA ASP T 209 -6.49 73.31 50.40
C ASP T 209 -7.40 74.54 50.59
N GLY T 210 -7.92 74.82 51.79
CA GLY T 210 -8.94 75.88 51.89
C GLY T 210 -9.08 76.63 53.19
N VAL T 211 -9.81 77.74 53.17
CA VAL T 211 -10.14 78.55 54.39
C VAL T 211 -10.96 77.74 55.41
N GLY T 212 -11.90 76.90 54.98
CA GLY T 212 -12.80 76.15 55.87
C GLY T 212 -12.32 74.78 56.23
N ASN T 213 -11.14 74.36 55.78
CA ASN T 213 -10.68 72.97 56.00
C ASN T 213 -9.46 72.94 56.93
N ALA T 214 -9.48 72.08 57.95
CA ALA T 214 -8.34 71.92 58.87
C ALA T 214 -7.15 71.14 58.28
N SER T 215 -5.94 71.67 58.38
CA SER T 215 -4.64 71.09 57.93
C SER T 215 -4.17 69.84 58.70
N GLY T 216 -4.42 69.76 60.01
CA GLY T 216 -4.01 68.62 60.86
C GLY T 216 -4.82 68.41 62.12
N ASP T 217 -4.54 67.35 62.86
CA ASP T 217 -5.24 66.96 64.13
C ASP T 217 -4.33 66.89 65.35
N TRP T 218 -4.89 67.01 66.55
CA TRP T 218 -4.15 66.96 67.84
C TRP T 218 -3.72 65.53 68.22
N HIS T 219 -2.42 65.32 68.41
CA HIS T 219 -1.92 64.02 68.91
C HIS T 219 -1.04 64.21 70.15
N CYS T 220 -1.47 63.77 71.34
CA CYS T 220 -0.59 63.79 72.54
C CYS T 220 -0.67 62.40 73.16
N ASP T 221 0.39 61.59 73.05
CA ASP T 221 0.31 60.17 73.52
C ASP T 221 1.65 59.48 73.79
N SER T 222 1.67 58.39 74.54
CA SER T 222 2.87 57.51 74.70
C SER T 222 2.46 56.08 74.36
N THR T 223 3.23 55.35 73.56
CA THR T 223 2.98 53.92 73.29
C THR T 223 4.21 53.12 73.67
N TRP T 224 4.06 52.08 74.49
CA TRP T 224 5.17 51.22 74.94
C TRP T 224 5.06 49.86 74.25
N MET T 225 6.09 49.45 73.53
CA MET T 225 6.10 48.18 72.76
C MET T 225 7.39 47.38 72.96
N GLY T 226 7.58 46.67 74.07
CA GLY T 226 8.86 45.97 74.33
C GLY T 226 10.05 46.88 74.48
N ASP T 227 11.07 46.75 73.65
CA ASP T 227 12.32 47.57 73.68
C ASP T 227 12.11 49.02 73.19
N ARG T 228 10.98 49.36 72.59
CA ARG T 228 10.73 50.71 72.01
C ARG T 228 9.60 51.49 72.69
N VAL T 229 9.78 52.79 72.91
CA VAL T 229 8.69 53.69 73.39
C VAL T 229 8.56 54.84 72.36
N VAL T 230 7.34 55.18 71.94
CA VAL T 230 7.07 56.34 71.02
C VAL T 230 6.35 57.46 71.78
N THR T 231 6.85 58.68 71.70
CA THR T 231 6.22 59.85 72.36
C THR T 231 5.65 60.84 71.33
N LYS T 232 4.40 61.29 71.51
CA LYS T 232 3.76 62.32 70.64
C LYS T 232 3.40 63.54 71.49
N SER T 233 3.74 64.74 71.04
CA SER T 233 3.44 66.01 71.77
C SER T 233 2.87 67.06 70.83
N THR T 234 1.75 67.70 71.19
CA THR T 234 1.14 68.79 70.41
C THR T 234 1.02 70.07 71.25
N ARG T 235 1.41 71.21 70.69
CA ARG T 235 1.29 72.53 71.38
C ARG T 235 0.74 73.64 70.46
N THR T 236 0.22 74.72 71.05
CA THR T 236 -0.24 75.93 70.33
C THR T 236 0.79 77.04 70.53
N TRP T 237 1.24 77.68 69.45
CA TRP T 237 2.29 78.74 69.48
C TRP T 237 1.81 80.09 68.90
N VAL T 238 2.46 81.17 69.31
CA VAL T 238 2.23 82.54 68.78
C VAL T 238 3.56 83.10 68.22
N LEU T 239 3.52 83.74 67.05
CA LEU T 239 4.73 84.41 66.49
C LEU T 239 4.60 85.93 66.34
N PRO T 240 5.44 86.72 67.04
CA PRO T 240 5.52 88.16 66.84
C PRO T 240 6.26 88.59 65.56
N SER T 241 6.00 89.79 65.05
CA SER T 241 6.85 90.30 63.94
C SER T 241 8.07 91.03 64.56
N TYR T 242 9.19 90.34 64.75
CA TYR T 242 10.38 90.88 65.44
C TYR T 242 11.24 91.84 64.62
N ASN T 243 11.63 92.99 65.20
CA ASN T 243 12.59 93.95 64.56
C ASN T 243 11.88 94.80 63.51
N ASN T 244 10.55 94.70 63.37
CA ASN T 244 9.76 95.41 62.32
C ASN T 244 10.31 95.09 60.92
N HIS T 245 10.61 93.82 60.64
CA HIS T 245 11.08 93.34 59.30
C HIS T 245 12.54 93.73 58.97
N GLN T 246 13.37 93.97 59.97
CA GLN T 246 14.76 94.44 59.74
C GLN T 246 15.82 93.61 60.48
N TYR T 247 17.06 93.63 60.02
CA TYR T 247 18.22 92.96 60.66
C TYR T 247 18.99 94.02 61.37
N ARG T 248 19.34 93.80 62.63
CA ARG T 248 20.03 94.85 63.43
C ARG T 248 21.40 94.39 63.97
N GLU T 249 22.42 95.24 63.82
CA GLU T 249 23.72 94.94 64.45
C GLU T 249 23.63 95.14 65.97
N ILE T 250 24.10 94.17 66.75
CA ILE T 250 23.99 94.18 68.23
C ILE T 250 25.40 94.04 68.83
N LYS T 251 25.68 94.70 69.95
CA LYS T 251 27.06 94.67 70.50
C LYS T 251 27.06 95.00 71.99
N SER T 252 28.08 94.54 72.70
CA SER T 252 28.24 94.94 74.11
C SER T 252 29.69 95.25 74.51
N GLY T 253 29.92 96.21 75.38
CA GLY T 253 31.22 96.45 76.06
C GLY T 253 31.25 95.69 77.40
N SER T 254 32.24 95.93 78.25
CA SER T 254 32.35 95.28 79.60
C SER T 254 31.18 95.66 80.52
N VAL T 255 30.61 94.69 81.25
CA VAL T 255 29.41 94.92 82.12
C VAL T 255 29.60 94.13 83.42
N ASP T 256 29.15 94.65 84.56
CA ASP T 256 29.26 93.98 85.89
C ASP T 256 30.74 93.76 86.24
N GLY T 257 31.61 94.63 85.76
CA GLY T 257 33.06 94.50 85.99
C GLY T 257 33.78 93.53 85.07
N SER T 258 33.15 92.93 84.05
CA SER T 258 33.89 91.91 83.25
C SER T 258 33.96 92.15 81.74
N ASN T 259 35.15 92.08 81.14
CA ASN T 259 35.37 92.13 79.65
C ASN T 259 34.93 90.82 78.95
N ALA T 260 34.77 89.71 79.67
CA ALA T 260 34.26 88.40 79.15
C ALA T 260 32.81 88.60 78.66
N ASN T 261 32.11 89.57 79.24
CA ASN T 261 30.76 90.04 78.84
C ASN T 261 30.70 90.66 77.43
N ALA T 262 31.73 91.36 76.94
CA ALA T 262 31.78 92.01 75.59
C ALA T 262 31.57 91.05 74.40
N TYR T 263 30.80 91.48 73.39
CA TYR T 263 30.48 90.67 72.17
C TYR T 263 30.11 91.58 70.99
N PHE T 264 30.18 91.07 69.77
CA PHE T 264 29.70 91.73 68.52
C PHE T 264 28.76 90.71 67.83
N GLY T 265 27.59 91.13 67.37
CA GLY T 265 26.58 90.22 66.79
C GLY T 265 25.47 90.80 65.94
N TYR T 266 24.59 89.93 65.43
CA TYR T 266 23.40 90.35 64.65
C TYR T 266 22.06 89.83 65.27
N SER T 267 21.01 90.66 65.28
CA SER T 267 19.63 90.22 65.67
C SER T 267 18.81 90.09 64.38
N THR T 268 17.90 89.14 64.32
CA THR T 268 17.17 88.83 63.06
C THR T 268 15.66 88.92 63.20
N PRO T 269 14.92 89.12 62.09
CA PRO T 269 13.45 89.10 62.05
C PRO T 269 12.78 87.76 62.37
N TRP T 270 13.44 86.63 62.18
CA TRP T 270 12.97 85.24 62.39
C TRP T 270 12.84 84.72 63.84
N GLY T 271 12.03 83.68 63.99
CA GLY T 271 11.84 82.96 65.26
C GLY T 271 12.10 81.48 65.02
N TYR T 272 12.38 80.74 66.07
CA TYR T 272 12.73 79.30 65.92
C TYR T 272 11.98 78.40 66.91
N PHE T 273 11.86 77.11 66.60
CA PHE T 273 11.23 76.09 67.48
C PHE T 273 12.33 75.26 68.19
N ASP T 274 12.29 75.15 69.52
CA ASP T 274 13.25 74.38 70.36
C ASP T 274 12.52 73.25 71.12
N PHE T 275 12.97 72.00 70.95
CA PHE T 275 12.41 70.84 71.71
C PHE T 275 13.45 70.15 72.62
N ASN T 276 14.63 70.75 72.92
CA ASN T 276 15.68 70.03 73.69
C ASN T 276 15.44 70.11 75.22
N ARG T 277 14.30 69.63 75.71
CA ARG T 277 13.99 69.47 77.15
C ARG T 277 13.18 68.16 77.24
N PHE T 278 13.40 67.32 78.25
CA PHE T 278 12.68 66.03 78.46
C PHE T 278 11.16 66.22 78.74
N HIS T 279 10.75 67.23 79.52
CA HIS T 279 9.35 67.54 79.93
C HIS T 279 8.52 67.88 78.67
N SER T 280 9.14 68.33 77.58
CA SER T 280 8.50 68.58 76.26
C SER T 280 7.92 67.28 75.68
N HIS T 281 8.58 66.14 75.85
CA HIS T 281 8.14 64.81 75.35
C HIS T 281 7.59 63.85 76.43
N TRP T 282 7.83 64.07 77.72
CA TRP T 282 7.53 63.06 78.74
C TRP T 282 6.59 63.55 79.84
N SER T 283 5.53 62.78 80.10
CA SER T 283 4.65 63.04 81.27
C SER T 283 5.41 62.65 82.55
N PRO T 284 5.06 63.23 83.72
CA PRO T 284 5.70 62.81 84.96
C PRO T 284 5.46 61.34 85.31
N ARG T 285 4.27 60.78 85.09
CA ARG T 285 4.02 59.32 85.27
C ARG T 285 4.84 58.43 84.32
N ASP T 286 4.97 58.79 83.05
CA ASP T 286 5.78 58.05 82.03
C ASP T 286 7.26 58.05 82.39
N TRP T 287 7.78 59.16 82.89
CA TRP T 287 9.18 59.28 83.36
C TRP T 287 9.44 58.35 84.55
N GLN T 288 8.52 58.22 85.49
CA GLN T 288 8.59 57.30 86.65
C GLN T 288 8.63 55.84 86.19
N ARG T 289 7.85 55.48 85.18
CA ARG T 289 7.85 54.12 84.64
C ARG T 289 9.22 53.76 84.03
N LEU T 290 9.86 54.65 83.28
CA LEU T 290 11.23 54.42 82.77
C LEU T 290 12.38 54.33 83.82
N ILE T 291 12.42 55.22 84.80
CA ILE T 291 13.50 55.29 85.84
C ILE T 291 13.47 54.05 86.75
N ASN T 292 12.29 53.59 87.11
CA ASN T 292 12.03 52.38 87.93
C ASN T 292 12.44 51.05 87.26
N ASN T 293 12.25 50.87 85.94
CA ASN T 293 12.39 49.54 85.28
C ASN T 293 13.49 49.30 84.23
N TYR T 294 14.31 50.27 83.87
CA TYR T 294 15.27 50.11 82.75
C TYR T 294 16.71 50.51 83.09
N TRP T 295 17.70 49.75 82.63
CA TRP T 295 19.14 50.12 82.73
C TRP T 295 19.57 51.34 81.87
N GLY T 296 19.03 51.49 80.67
CA GLY T 296 19.42 52.58 79.76
C GLY T 296 18.41 52.97 78.72
N PHE T 297 18.59 54.15 78.13
CA PHE T 297 17.72 54.63 77.02
C PHE T 297 18.55 55.43 75.99
N ARG T 298 18.13 55.49 74.72
CA ARG T 298 18.76 56.35 73.67
C ARG T 298 17.73 56.87 72.63
N PRO T 299 17.88 58.09 72.03
CA PRO T 299 17.02 58.53 70.90
C PRO T 299 17.27 57.88 69.51
N ARG T 300 16.23 57.64 68.72
CA ARG T 300 16.36 56.96 67.39
C ARG T 300 15.82 57.82 66.24
N SER T 301 14.60 58.33 66.34
CA SER T 301 13.96 59.06 65.21
C SER T 301 13.16 60.29 65.65
N LEU T 302 13.07 61.30 64.79
CA LEU T 302 12.26 62.51 65.05
C LEU T 302 11.34 62.87 63.85
N ARG T 303 10.06 63.21 64.07
CA ARG T 303 9.14 63.73 63.02
C ARG T 303 8.49 65.05 63.50
N VAL T 304 8.49 66.10 62.66
CA VAL T 304 7.86 67.42 62.99
C VAL T 304 6.78 67.86 61.96
N LYS T 305 5.61 68.31 62.43
CA LYS T 305 4.54 68.89 61.56
C LYS T 305 4.11 70.29 62.07
N ILE T 306 3.99 71.28 61.16
CA ILE T 306 3.45 72.65 61.48
C ILE T 306 2.15 72.85 60.68
N PHE T 307 1.03 73.24 61.30
CA PHE T 307 -0.32 73.23 60.69
C PHE T 307 -1.33 74.21 61.32
N ASN T 308 -2.52 74.40 60.73
CA ASN T 308 -3.65 75.28 61.21
C ASN T 308 -3.21 76.73 61.36
N ILE T 309 -2.46 77.23 60.40
CA ILE T 309 -1.91 78.60 60.40
C ILE T 309 -3.00 79.70 60.34
N GLN T 310 -2.86 80.75 61.15
CA GLN T 310 -3.80 81.89 61.16
C GLN T 310 -3.01 83.21 61.26
N VAL T 311 -3.18 84.08 60.27
CA VAL T 311 -2.47 85.39 60.22
C VAL T 311 -3.48 86.48 60.58
N LYS T 312 -3.11 87.37 61.52
CA LYS T 312 -3.98 88.44 62.02
C LYS T 312 -3.37 89.83 61.80
N GLU T 313 -4.20 90.81 61.45
CA GLU T 313 -3.73 92.21 61.28
C GLU T 313 -4.27 93.06 62.45
N VAL T 314 -3.40 93.88 63.03
CA VAL T 314 -3.77 94.71 64.19
C VAL T 314 -3.78 96.17 63.72
N THR T 315 -4.87 96.88 64.00
CA THR T 315 -5.00 98.29 63.57
C THR T 315 -5.39 99.15 64.74
N VAL T 316 -4.79 100.33 64.87
CA VAL T 316 -5.23 101.26 65.95
C VAL T 316 -5.79 102.56 65.37
N GLN T 317 -7.02 102.95 65.71
CA GLN T 317 -7.54 104.29 65.33
C GLN T 317 -7.99 104.95 66.64
N ASP T 318 -7.36 106.05 67.03
CA ASP T 318 -7.82 106.80 68.24
C ASP T 318 -7.87 105.85 69.46
N SER T 319 -6.92 104.92 69.60
CA SER T 319 -6.81 104.03 70.80
C SER T 319 -7.79 102.83 70.82
N THR T 320 -8.58 102.58 69.77
CA THR T 320 -9.45 101.37 69.70
C THR T 320 -8.73 100.02 69.67
N THR T 321 -7.61 99.85 68.96
CA THR T 321 -6.90 98.53 68.81
C THR T 321 -7.74 97.34 68.27
N THR T 322 -8.47 97.45 67.16
CA THR T 322 -9.15 96.29 66.51
C THR T 322 -8.21 95.22 65.94
N ILE T 323 -8.57 93.93 66.04
CA ILE T 323 -7.79 92.79 65.48
C ILE T 323 -8.63 92.02 64.45
N ALA T 324 -8.09 91.70 63.28
CA ALA T 324 -8.84 91.00 62.20
C ALA T 324 -8.01 89.94 61.47
N ASN T 325 -8.67 88.94 60.89
CA ASN T 325 -7.99 87.94 60.04
C ASN T 325 -7.55 88.46 58.68
N ASN T 326 -6.34 88.11 58.21
CA ASN T 326 -5.95 88.41 56.82
C ASN T 326 -5.77 87.05 56.12
N LEU T 327 -6.67 86.67 55.22
CA LEU T 327 -6.67 85.39 54.46
C LEU T 327 -5.51 85.22 53.48
N THR T 328 -5.11 86.29 52.80
CA THR T 328 -4.09 86.23 51.72
C THR T 328 -2.64 86.38 52.24
N SER T 329 -2.40 86.65 53.52
CA SER T 329 -1.04 86.75 54.12
C SER T 329 -0.30 85.39 54.26
N THR T 330 1.04 85.42 54.23
CA THR T 330 1.87 84.17 54.26
C THR T 330 2.85 84.08 55.43
N VAL T 331 3.23 82.87 55.76
CA VAL T 331 4.30 82.59 56.77
C VAL T 331 5.41 81.84 55.99
N GLN T 332 6.69 82.05 56.33
CA GLN T 332 7.86 81.39 55.68
C GLN T 332 8.63 80.44 56.62
N VAL T 333 8.87 79.20 56.19
CA VAL T 333 9.49 78.13 57.04
C VAL T 333 10.66 77.42 56.32
N PHE T 334 11.76 77.17 57.03
CA PHE T 334 12.92 76.37 56.49
C PHE T 334 13.69 75.58 57.59
N THR T 335 14.42 74.55 57.18
CA THR T 335 15.31 73.77 58.09
C THR T 335 16.76 73.91 57.62
N ASP T 336 17.70 74.16 58.52
CA ASP T 336 19.16 74.27 58.20
C ASP T 336 19.84 72.91 58.20
N ASP T 337 19.65 72.12 57.15
CA ASP T 337 20.16 70.73 57.01
C ASP T 337 21.70 70.54 56.97
N ASP T 338 22.45 71.44 56.32
CA ASP T 338 23.93 71.34 56.15
C ASP T 338 24.71 72.06 57.25
N TYR T 339 24.06 72.63 58.27
CA TYR T 339 24.70 73.28 59.45
C TYR T 339 25.52 74.51 59.07
N GLN T 340 25.12 75.22 58.03
CA GLN T 340 25.74 76.48 57.60
C GLN T 340 25.56 77.60 58.63
N LEU T 341 24.41 77.70 59.26
CA LEU T 341 24.14 78.71 60.31
C LEU T 341 24.76 78.41 61.67
N PRO T 342 25.02 79.43 62.49
CA PRO T 342 25.41 79.17 63.87
C PRO T 342 24.29 78.44 64.66
N TYR T 343 24.60 77.40 65.42
CA TYR T 343 23.58 76.57 66.14
C TYR T 343 23.48 77.00 67.60
N VAL T 344 22.35 77.58 67.95
CA VAL T 344 22.17 78.15 69.32
C VAL T 344 21.28 77.25 70.19
N VAL T 345 20.77 76.13 69.65
CA VAL T 345 19.80 75.22 70.35
C VAL T 345 20.34 74.52 71.63
N GLY T 346 21.58 74.10 71.74
CA GLY T 346 22.09 73.25 72.86
C GLY T 346 22.76 73.95 74.03
N ASN T 347 22.47 75.21 74.30
CA ASN T 347 23.15 76.08 75.30
C ASN T 347 22.33 76.40 76.58
N GLY T 348 21.31 75.60 76.96
CA GLY T 348 20.45 75.79 78.16
C GLY T 348 19.62 77.05 78.22
N THR T 349 19.08 77.48 77.09
CA THR T 349 18.29 78.70 76.98
C THR T 349 16.79 78.44 76.99
N GLU T 350 16.01 79.42 77.42
CA GLU T 350 14.52 79.38 77.46
C GLU T 350 13.82 79.51 76.10
N GLY T 351 12.53 79.19 76.02
CA GLY T 351 11.77 79.15 74.74
C GLY T 351 11.43 77.80 74.16
N CYS T 352 11.71 76.69 74.84
CA CYS T 352 11.30 75.32 74.42
C CYS T 352 9.80 75.08 74.62
N LEU T 353 9.25 74.05 73.98
CA LEU T 353 7.81 73.69 74.15
C LEU T 353 7.53 73.42 75.63
N PRO T 354 6.37 73.88 76.13
CA PRO T 354 6.04 73.70 77.54
C PRO T 354 5.81 72.29 78.12
N ALA T 355 6.10 72.08 79.41
CA ALA T 355 5.88 70.80 80.13
C ALA T 355 4.39 70.41 80.15
N PHE T 356 3.47 71.37 80.32
CA PHE T 356 2.02 71.07 80.43
C PHE T 356 1.36 71.31 79.07
N PRO T 357 0.67 70.29 78.46
CA PRO T 357 0.06 70.40 77.14
C PRO T 357 -0.90 71.56 76.80
N PRO T 358 -1.81 72.00 77.69
CA PRO T 358 -2.68 73.17 77.50
C PRO T 358 -2.01 74.56 77.40
N GLN T 359 -0.81 74.72 77.95
CA GLN T 359 -0.09 76.03 77.95
C GLN T 359 0.25 76.52 76.54
N VAL T 360 0.10 77.83 76.32
CA VAL T 360 0.32 78.44 74.97
C VAL T 360 1.61 79.27 75.04
N PHE T 361 2.48 79.15 74.06
CA PHE T 361 3.84 79.78 74.16
C PHE T 361 4.27 80.71 73.00
N THR T 362 5.05 81.73 73.36
CA THR T 362 5.71 82.62 72.37
C THR T 362 7.03 82.03 71.89
N LEU T 363 7.29 82.01 70.58
CA LEU T 363 8.59 81.57 70.00
C LEU T 363 9.72 82.56 70.27
N PRO T 364 10.93 82.05 70.60
CA PRO T 364 12.11 82.91 70.74
C PRO T 364 12.65 83.57 69.45
N GLN T 365 13.17 84.79 69.54
CA GLN T 365 13.85 85.45 68.39
C GLN T 365 15.29 84.93 68.16
N TYR T 366 15.66 84.59 66.91
CA TYR T 366 17.03 84.18 66.52
C TYR T 366 18.07 85.32 66.50
N GLY T 367 19.27 85.04 66.99
CA GLY T 367 20.39 85.97 67.06
C GLY T 367 21.65 85.18 67.23
N TYR T 368 22.82 85.80 67.06
CA TYR T 368 24.14 85.11 67.22
C TYR T 368 25.23 86.08 67.58
N ALA T 369 26.31 85.57 68.14
CA ALA T 369 27.54 86.37 68.35
C ALA T 369 28.64 85.86 67.40
N THR T 370 29.32 86.77 66.70
CA THR T 370 30.52 86.44 65.88
C THR T 370 31.76 86.87 66.66
N LEU T 371 32.86 87.13 65.97
CA LEU T 371 34.12 87.63 66.58
C LEU T 371 34.08 89.09 67.05
N ASN T 372 34.81 89.39 68.12
CA ASN T 372 34.89 90.76 68.69
C ASN T 372 36.39 91.07 68.83
N ARG T 373 36.79 92.33 68.76
CA ARG T 373 38.23 92.68 68.76
C ARG T 373 38.76 93.16 70.11
N ASP T 374 39.79 92.51 70.65
CA ASP T 374 40.49 92.88 71.91
C ASP T 374 39.59 93.01 73.15
N ASN T 375 38.62 92.11 73.33
CA ASN T 375 37.67 92.14 74.49
C ASN T 375 36.91 93.48 74.51
N THR T 376 36.45 93.97 73.35
CA THR T 376 35.70 95.23 73.17
C THR T 376 34.47 94.99 72.28
N GLU T 377 33.55 95.94 72.12
CA GLU T 377 32.31 95.81 71.29
C GLU T 377 32.55 95.83 69.75
N ASN T 378 33.72 96.25 69.30
CA ASN T 378 34.11 96.31 67.86
C ASN T 378 34.34 94.97 67.18
N PRO T 379 34.01 94.85 65.88
CA PRO T 379 34.32 93.70 65.03
C PRO T 379 35.76 93.53 64.46
N THR T 380 36.03 92.39 63.83
CA THR T 380 37.31 92.02 63.18
C THR T 380 37.04 91.74 61.72
N GLU T 381 38.07 91.67 60.87
CA GLU T 381 37.98 91.30 59.43
C GLU T 381 37.44 89.87 59.27
N ARG T 382 37.78 88.94 60.14
CA ARG T 382 37.25 87.55 60.19
C ARG T 382 35.76 87.49 60.57
N SER T 383 35.20 88.52 61.23
CA SER T 383 33.79 88.55 61.70
C SER T 383 32.81 88.40 60.53
N SER T 384 31.76 87.61 60.69
CA SER T 384 30.83 87.17 59.61
C SER T 384 29.36 87.60 59.76
N PHE T 385 28.73 87.93 58.64
CA PHE T 385 27.28 88.25 58.61
C PHE T 385 26.56 87.14 57.83
N PHE T 386 25.46 86.68 58.37
CA PHE T 386 24.63 85.65 57.70
C PHE T 386 23.22 86.16 57.43
N CYS T 387 22.74 86.04 56.19
CA CYS T 387 21.34 86.37 55.79
C CYS T 387 20.47 85.09 55.69
N LEU T 388 19.36 85.01 56.41
CA LEU T 388 18.37 83.87 56.38
C LEU T 388 17.61 83.81 55.04
N GLU T 389 17.31 84.97 54.44
CA GLU T 389 16.56 85.10 53.17
C GLU T 389 17.38 84.57 52.00
N TYR T 390 18.69 84.44 52.14
CA TYR T 390 19.59 83.81 51.12
C TYR T 390 19.24 82.31 50.97
N PHE T 391 18.89 81.59 52.00
CA PHE T 391 18.41 80.18 51.91
C PHE T 391 17.04 80.06 51.27
N PRO T 392 16.70 78.97 50.55
CA PRO T 392 15.31 78.72 50.15
C PRO T 392 14.27 78.36 51.27
N SER T 393 13.03 78.88 51.23
CA SER T 393 11.98 78.60 52.25
C SER T 393 10.59 78.28 51.66
N LYS T 394 9.80 77.44 52.31
CA LYS T 394 8.39 77.20 51.94
C LYS T 394 7.50 78.39 52.33
N MET T 395 6.52 78.76 51.50
CA MET T 395 5.58 79.86 51.81
C MET T 395 4.17 79.27 52.08
N LEU T 396 3.58 79.63 53.21
CA LEU T 396 2.27 79.04 53.60
C LEU T 396 1.15 80.05 53.85
N ARG T 397 0.00 79.84 53.22
CA ARG T 397 -1.27 80.54 53.54
C ARG T 397 -2.05 79.70 54.60
N THR T 398 -3.24 80.11 55.03
CA THR T 398 -4.13 79.44 56.05
C THR T 398 -4.45 77.98 55.73
N GLY T 399 -4.68 77.59 54.47
CA GLY T 399 -4.83 76.21 53.99
C GLY T 399 -3.63 75.30 54.11
N ASN T 400 -2.40 75.81 53.94
CA ASN T 400 -1.10 75.07 53.87
C ASN T 400 -0.49 74.48 55.15
N ASN T 401 0.35 73.46 55.03
CA ASN T 401 1.03 72.76 56.15
C ASN T 401 2.51 72.44 55.80
N PHE T 402 3.38 72.23 56.79
CA PHE T 402 4.80 71.83 56.60
C PHE T 402 5.16 70.55 57.39
N GLU T 403 5.94 69.65 56.80
CA GLU T 403 6.43 68.43 57.52
C GLU T 403 7.95 68.18 57.36
N PHE T 404 8.63 67.64 58.38
CA PHE T 404 10.07 67.24 58.33
C PHE T 404 10.31 65.87 59.04
N THR T 405 11.31 65.09 58.62
CA THR T 405 11.72 63.79 59.26
C THR T 405 13.22 63.76 59.50
N TYR T 406 13.69 63.22 60.63
CA TYR T 406 15.14 63.09 60.97
C TYR T 406 15.49 61.72 61.57
N ASN T 407 16.71 61.21 61.32
CA ASN T 407 17.23 59.98 61.99
C ASN T 407 18.47 60.32 62.81
N PHE T 408 18.52 59.86 64.05
CA PHE T 408 19.69 60.12 64.94
C PHE T 408 20.84 59.19 64.53
N GLU T 409 22.08 59.62 64.69
CA GLU T 409 23.28 58.77 64.49
C GLU T 409 23.42 57.75 65.64
N GLU T 410 24.16 56.66 65.43
CA GLU T 410 24.40 55.73 66.56
C GLU T 410 25.12 56.44 67.71
N VAL T 411 24.63 56.25 68.92
CA VAL T 411 25.17 56.94 70.12
C VAL T 411 25.12 55.91 71.25
N PRO T 412 25.98 55.99 72.27
CA PRO T 412 25.85 55.10 73.44
C PRO T 412 24.61 55.35 74.31
N PHE T 413 24.01 54.31 74.90
CA PHE T 413 22.86 54.46 75.83
C PHE T 413 23.25 55.21 77.09
N HIS T 414 22.40 56.09 77.62
CA HIS T 414 22.63 56.72 78.95
C HIS T 414 22.54 55.63 80.02
N SER T 415 23.35 55.73 81.08
CA SER T 415 23.31 54.73 82.18
C SER T 415 22.37 55.12 83.32
N SER T 416 21.17 54.53 83.37
CA SER T 416 20.17 54.75 84.45
C SER T 416 20.34 53.72 85.58
N PHE T 417 21.46 53.76 86.28
CA PHE T 417 21.74 52.81 87.40
C PHE T 417 22.76 53.44 88.33
N ALA T 418 22.79 52.95 89.55
CA ALA T 418 23.79 53.37 90.56
C ALA T 418 24.65 52.15 90.88
N PRO T 419 25.99 52.31 90.99
CA PRO T 419 26.84 51.21 91.44
C PRO T 419 26.61 50.67 92.86
N SER T 420 26.62 49.34 92.99
CA SER T 420 26.45 48.67 94.30
C SER T 420 27.81 48.32 94.96
N GLN T 421 28.94 48.63 94.33
CA GLN T 421 30.28 48.41 94.93
C GLN T 421 31.21 49.62 94.81
N ASN T 422 32.08 49.83 95.79
CA ASN T 422 33.19 50.83 95.75
C ASN T 422 34.30 50.35 94.79
N LEU T 423 34.93 51.26 94.03
CA LEU T 423 36.02 50.98 93.06
C LEU T 423 37.25 50.38 93.74
N PHE T 424 37.57 50.82 94.95
CA PHE T 424 38.73 50.34 95.75
C PHE T 424 38.45 49.08 96.65
N LYS T 425 37.24 48.52 96.73
CA LYS T 425 36.86 47.37 97.62
C LYS T 425 36.51 46.08 96.82
N LEU T 426 37.13 45.80 95.67
CA LEU T 426 36.77 44.67 94.75
C LEU T 426 37.46 43.31 95.04
N ALA T 427 38.49 43.28 95.88
CA ALA T 427 39.13 42.02 96.29
C ALA T 427 38.16 41.23 97.19
N ASN T 428 38.22 39.90 97.16
CA ASN T 428 37.40 39.08 98.08
C ASN T 428 37.79 39.43 99.52
N PRO T 429 36.80 39.66 100.41
CA PRO T 429 37.06 39.96 101.81
C PRO T 429 37.74 38.81 102.61
N LEU T 430 37.41 37.54 102.38
CA LEU T 430 37.99 36.30 102.96
C LEU T 430 39.45 35.97 102.62
N VAL T 431 39.93 36.26 101.41
CA VAL T 431 41.27 35.80 100.94
C VAL T 431 42.38 36.89 100.86
N ASP T 432 43.57 36.59 101.38
CA ASP T 432 44.80 37.45 101.27
C ASP T 432 45.42 37.50 99.88
N GLN T 433 46.03 38.61 99.52
CA GLN T 433 46.80 38.77 98.25
C GLN T 433 48.17 38.05 98.26
N TYR T 434 48.67 37.57 97.13
CA TYR T 434 50.07 37.03 97.02
C TYR T 434 51.10 38.19 96.79
N LEU T 435 50.82 39.39 97.24
CA LEU T 435 51.62 40.60 96.94
C LEU T 435 52.06 41.28 98.24
N TYR T 436 53.20 41.96 98.21
CA TYR T 436 53.80 42.55 99.42
C TYR T 436 54.09 44.03 99.25
N ARG T 437 54.14 44.75 100.36
CA ARG T 437 54.35 46.22 100.35
C ARG T 437 55.50 46.62 101.30
N PHE T 438 56.15 47.74 101.01
CA PHE T 438 57.21 48.27 101.90
C PHE T 438 56.55 49.02 103.04
N VAL T 439 56.95 48.67 104.25
CA VAL T 439 56.39 49.35 105.43
C VAL T 439 57.43 50.04 106.31
N SER T 440 58.71 49.70 106.16
CA SER T 440 59.69 50.16 107.18
C SER T 440 61.17 50.14 106.83
N THR T 441 61.96 50.85 107.61
CA THR T 441 63.42 50.80 107.52
C THR T 441 63.89 50.50 108.96
N ASN T 442 64.95 49.72 109.15
CA ASN T 442 65.53 49.40 110.51
C ASN T 442 66.52 50.47 111.00
N ASN T 443 67.20 50.26 112.14
CA ASN T 443 68.14 51.26 112.76
C ASN T 443 69.26 51.55 111.76
N THR T 444 69.79 50.57 111.05
CA THR T 444 70.65 50.81 109.88
C THR T 444 69.59 50.92 108.84
N GLY T 445 69.62 51.83 107.88
CA GLY T 445 68.39 52.00 107.08
C GLY T 445 68.09 50.92 106.07
N GLY T 446 67.78 49.70 106.53
CA GLY T 446 67.51 48.54 105.65
C GLY T 446 66.03 48.30 105.45
N VAL T 447 65.60 48.11 104.23
CA VAL T 447 64.15 47.99 103.87
C VAL T 447 63.44 46.74 104.43
N GLN T 448 62.17 46.89 104.81
CA GLN T 448 61.38 45.80 105.43
C GLN T 448 60.01 45.69 104.73
N PHE T 449 59.45 44.49 104.68
CA PHE T 449 58.19 44.24 103.91
C PHE T 449 57.15 43.44 104.69
N ASN T 450 55.87 43.64 104.38
CA ASN T 450 54.74 42.87 105.00
C ASN T 450 53.79 42.42 103.91
N LYS T 451 53.15 41.27 104.07
CA LYS T 451 52.11 40.74 103.15
C LYS T 451 50.78 41.51 103.27
N ASN T 452 50.00 41.53 102.19
CA ASN T 452 48.69 42.22 102.20
C ASN T 452 47.58 41.27 102.66
N LEU T 453 46.93 41.56 103.79
CA LEU T 453 45.87 40.73 104.43
C LEU T 453 44.47 40.90 103.84
N ALA T 454 43.59 39.93 104.07
CA ALA T 454 42.18 39.97 103.59
C ALA T 454 41.36 41.12 104.21
N GLY T 455 40.65 41.87 103.36
CA GLY T 455 39.78 42.99 103.78
C GLY T 455 40.49 44.30 104.08
N ARG T 456 41.81 44.37 103.94
CA ARG T 456 42.61 45.59 104.24
C ARG T 456 42.68 46.48 102.98
N TYR T 457 41.59 47.16 102.61
CA TYR T 457 41.40 47.97 101.36
C TYR T 457 42.33 49.17 101.32
N ALA T 458 42.71 49.68 102.48
CA ALA T 458 43.69 50.78 102.59
C ALA T 458 45.04 50.35 101.98
N ASN T 459 45.48 49.09 102.10
CA ASN T 459 46.83 48.62 101.66
C ASN T 459 46.86 47.59 100.52
N THR T 460 45.98 47.58 99.56
CA THR T 460 45.80 46.49 98.57
C THR T 460 46.24 47.00 97.21
N TYR T 461 46.82 46.17 96.38
CA TYR T 461 47.21 46.53 94.99
C TYR T 461 45.93 46.76 94.20
N LYS T 462 45.92 47.77 93.34
CA LYS T 462 44.69 48.15 92.59
C LYS T 462 44.89 48.18 91.08
N ASN T 463 44.02 47.55 90.31
CA ASN T 463 43.98 47.65 88.80
C ASN T 463 43.52 48.99 88.21
N TRP T 464 42.55 49.66 88.82
CA TRP T 464 41.84 50.79 88.18
C TRP T 464 41.78 52.02 89.04
N PHE T 465 41.64 53.16 88.40
CA PHE T 465 41.74 54.46 89.11
C PHE T 465 40.51 55.29 88.85
N PRO T 466 40.17 56.19 89.79
CA PRO T 466 39.07 57.13 89.61
C PRO T 466 39.28 58.23 88.58
N GLY T 467 38.19 58.82 88.09
CA GLY T 467 38.20 59.88 87.05
C GLY T 467 38.71 61.24 87.45
N PRO T 468 38.96 62.14 86.47
CA PRO T 468 39.57 63.46 86.73
C PRO T 468 38.84 64.48 87.63
N MET T 469 39.59 65.24 88.41
CA MET T 469 38.99 66.17 89.40
C MET T 469 39.60 67.58 89.42
N GLY T 470 38.85 68.64 89.70
CA GLY T 470 39.39 69.99 89.99
C GLY T 470 38.71 70.52 91.24
N ARG T 471 39.40 71.01 92.26
CA ARG T 471 38.72 71.41 93.53
C ARG T 471 37.75 72.64 93.39
N THR T 472 36.54 72.55 93.95
CA THR T 472 35.49 73.60 93.91
C THR T 472 34.96 73.82 95.30
N GLN T 473 34.65 75.05 95.71
CA GLN T 473 34.25 75.38 97.10
C GLN T 473 32.93 74.70 97.52
N GLY T 474 32.85 74.26 98.77
CA GLY T 474 31.65 73.61 99.33
C GLY T 474 30.88 74.52 100.27
N TRP T 475 29.57 74.58 100.08
CA TRP T 475 28.67 75.42 100.91
C TRP T 475 27.59 74.58 101.59
N ASN T 476 27.36 74.79 102.87
CA ASN T 476 26.31 74.06 103.65
C ASN T 476 24.91 74.59 103.32
N LEU T 477 23.91 73.71 103.35
CA LEU T 477 22.50 74.03 103.03
C LEU T 477 21.68 73.62 104.26
N GLY T 478 20.45 74.11 104.42
CA GLY T 478 19.65 73.81 105.62
C GLY T 478 20.26 74.36 106.89
N SER T 479 20.57 73.50 107.86
CA SER T 479 21.19 73.94 109.13
C SER T 479 22.54 74.61 108.83
N GLY T 480 23.36 74.08 107.90
CA GLY T 480 24.50 74.88 107.42
C GLY T 480 25.53 75.31 108.43
N VAL T 481 25.80 76.62 108.54
CA VAL T 481 26.89 77.20 109.40
C VAL T 481 28.02 77.82 108.52
N ASN T 482 27.75 78.26 107.30
CA ASN T 482 28.70 78.96 106.36
C ASN T 482 29.11 80.39 106.74
N ARG T 483 30.23 80.90 106.19
CA ARG T 483 30.75 82.30 106.43
C ARG T 483 29.82 83.43 105.92
N ALA T 484 29.67 84.50 106.71
CA ALA T 484 28.74 85.63 106.43
C ALA T 484 29.21 86.73 105.48
N SER T 485 28.26 87.41 104.79
CA SER T 485 28.52 88.61 103.96
C SER T 485 29.54 88.41 102.83
N VAL T 486 29.50 87.30 102.12
CA VAL T 486 30.52 86.98 101.07
C VAL T 486 30.04 87.39 99.67
N SER T 487 30.92 87.99 98.86
CA SER T 487 30.61 88.19 97.42
C SER T 487 31.34 87.04 96.71
N ALA T 488 30.63 86.15 96.04
CA ALA T 488 31.16 84.91 95.43
C ALA T 488 32.16 85.05 94.26
N PHE T 489 32.05 86.00 93.35
CA PHE T 489 32.77 86.01 92.03
C PHE T 489 34.33 86.00 92.05
N ALA T 490 35.00 86.73 92.93
CA ALA T 490 36.48 86.79 92.96
C ALA T 490 37.09 85.41 93.23
N THR T 491 36.48 84.60 94.08
CA THR T 491 37.02 83.28 94.49
C THR T 491 36.46 82.12 93.68
N THR T 492 35.66 82.34 92.66
CA THR T 492 35.09 81.28 91.78
C THR T 492 36.12 80.65 90.83
N ASN T 493 35.87 79.41 90.38
CA ASN T 493 36.73 78.69 89.38
C ASN T 493 36.65 79.36 88.01
N ARG T 494 37.78 79.44 87.30
CA ARG T 494 37.81 80.16 86.00
C ARG T 494 38.74 79.53 84.98
N MET T 495 38.49 79.75 83.68
CA MET T 495 39.40 79.34 82.59
C MET T 495 39.67 80.62 81.76
N GLU T 496 40.88 80.79 81.20
CA GLU T 496 41.26 82.01 80.46
C GLU T 496 41.23 81.77 78.94
N LEU T 497 40.49 82.56 78.16
CA LEU T 497 40.48 82.48 76.68
C LEU T 497 40.69 83.85 76.06
N GLU T 498 41.61 84.03 75.11
CA GLU T 498 41.80 85.30 74.33
C GLU T 498 42.02 86.54 75.20
N GLY T 499 42.73 86.44 76.32
CA GLY T 499 42.86 87.59 77.24
C GLY T 499 41.72 87.86 78.22
N ALA T 500 40.71 87.01 78.36
CA ALA T 500 39.66 87.26 79.37
C ALA T 500 39.44 86.06 80.31
N SER T 501 39.00 86.29 81.55
CA SER T 501 38.70 85.22 82.55
C SER T 501 37.22 84.87 82.52
N TYR T 502 36.92 83.60 82.38
CA TYR T 502 35.50 83.16 82.28
C TYR T 502 35.12 82.17 83.35
N GLN T 503 33.99 82.39 83.97
CA GLN T 503 33.42 81.34 84.86
C GLN T 503 32.96 80.21 83.93
N VAL T 504 33.12 78.97 84.35
CA VAL T 504 32.72 77.76 83.58
C VAL T 504 31.81 77.04 84.56
N PRO T 505 30.55 77.50 84.73
CA PRO T 505 29.65 77.05 85.79
C PRO T 505 29.31 75.61 85.86
N PRO T 506 29.08 74.77 84.82
CA PRO T 506 28.97 73.35 85.07
C PRO T 506 30.47 73.01 85.12
N GLN T 507 30.98 72.27 86.09
CA GLN T 507 32.42 71.91 85.95
C GLN T 507 32.56 70.73 84.94
N PRO T 508 33.76 70.33 84.46
CA PRO T 508 33.92 69.14 83.61
C PRO T 508 33.62 67.76 84.28
N ASN T 509 33.17 66.71 83.55
CA ASN T 509 32.75 65.37 84.12
C ASN T 509 33.79 64.56 84.93
N GLY T 510 33.33 63.63 85.80
CA GLY T 510 34.16 62.77 86.67
C GLY T 510 34.18 63.09 88.15
N MET T 511 33.36 64.01 88.59
CA MET T 511 33.28 64.35 90.04
C MET T 511 31.87 64.19 90.62
N THR T 512 31.77 64.17 91.95
CA THR T 512 30.45 64.22 92.65
C THR T 512 30.38 65.50 93.50
N ASN T 513 29.34 66.31 93.37
CA ASN T 513 29.03 67.53 94.20
C ASN T 513 28.65 67.26 95.67
N ASN T 514 27.91 66.20 96.00
CA ASN T 514 27.37 65.96 97.37
C ASN T 514 27.69 64.52 97.83
N LEU T 515 28.13 64.32 99.07
CA LEU T 515 28.38 62.95 99.64
C LEU T 515 27.19 61.98 99.89
N GLN T 516 26.02 62.38 100.41
CA GLN T 516 24.85 61.49 100.79
C GLN T 516 24.60 61.79 102.25
N GLY T 517 23.34 61.97 102.65
CA GLY T 517 23.21 62.58 103.98
C GLY T 517 23.84 63.93 103.71
N SER T 518 24.92 64.33 104.38
CA SER T 518 25.63 65.63 104.20
C SER T 518 24.88 66.81 103.56
N ASN T 519 25.09 67.99 104.14
CA ASN T 519 24.46 69.23 103.64
C ASN T 519 25.52 70.09 102.92
N THR T 520 26.71 69.55 102.67
CA THR T 520 27.74 70.26 101.88
C THR T 520 27.56 69.99 100.39
N TYR T 521 27.51 71.06 99.61
CA TYR T 521 27.33 70.95 98.15
C TYR T 521 28.35 71.82 97.49
N ALA T 522 28.94 71.31 96.43
CA ALA T 522 29.82 72.22 95.65
C ALA T 522 28.88 72.88 94.63
N LEU T 523 28.51 74.15 94.83
CA LEU T 523 27.47 74.89 94.05
C LEU T 523 27.80 75.08 92.55
N GLU T 524 29.07 75.32 92.21
CA GLU T 524 29.51 75.50 90.79
C GLU T 524 29.61 74.15 90.06
N ASN T 525 29.46 73.00 90.72
CA ASN T 525 29.40 71.66 90.08
C ASN T 525 27.93 71.17 90.00
N THR T 526 26.94 71.97 90.33
CA THR T 526 25.51 71.51 90.40
C THR T 526 24.62 72.22 89.43
N MET T 527 23.72 71.50 88.76
CA MET T 527 22.64 72.11 87.96
C MET T 527 21.59 72.71 88.91
N ILE T 528 21.29 74.00 88.78
CA ILE T 528 20.26 74.70 89.60
C ILE T 528 19.09 75.16 88.70
N PHE T 529 17.87 74.87 89.10
CA PHE T 529 16.64 75.13 88.29
C PHE T 529 15.61 75.85 89.13
N ASN T 530 14.65 76.50 88.50
CA ASN T 530 13.50 77.16 89.19
C ASN T 530 12.25 76.30 88.97
N SER T 531 11.42 76.09 89.98
CA SER T 531 10.12 75.36 89.84
C SER T 531 9.18 76.11 88.90
N GLN T 532 9.15 77.44 88.96
CA GLN T 532 8.27 78.30 88.15
C GLN T 532 9.07 79.07 87.09
N PRO T 533 8.51 79.35 85.89
CA PRO T 533 9.17 80.19 84.89
C PRO T 533 9.29 81.65 85.34
N ALA T 534 10.31 82.34 84.83
CA ALA T 534 10.60 83.72 85.29
C ALA T 534 10.48 84.75 84.16
N ASN T 535 10.17 85.98 84.54
CA ASN T 535 10.13 87.12 83.58
C ASN T 535 11.55 87.45 83.10
N PRO T 536 11.73 87.90 81.84
CA PRO T 536 13.05 88.27 81.35
C PRO T 536 13.76 89.45 82.03
N GLY T 537 15.05 89.33 82.27
CA GLY T 537 15.86 90.40 82.85
C GLY T 537 15.78 90.53 84.35
N THR T 538 15.16 89.59 85.05
CA THR T 538 14.98 89.71 86.50
C THR T 538 16.34 89.77 87.19
N THR T 539 16.51 90.65 88.17
CA THR T 539 17.74 90.76 88.98
C THR T 539 17.44 90.39 90.43
N ALA T 540 16.29 89.81 90.72
CA ALA T 540 15.85 89.45 92.09
C ALA T 540 16.72 88.39 92.79
N THR T 541 16.98 88.54 94.09
CA THR T 541 17.68 87.49 94.87
C THR T 541 16.77 86.31 95.11
N TYR T 542 17.31 85.10 95.04
CA TYR T 542 16.53 83.87 95.33
C TYR T 542 17.19 83.10 96.44
N LEU T 543 16.41 82.72 97.44
CA LEU T 543 16.87 81.82 98.53
C LEU T 543 16.76 80.34 98.11
N GLU T 544 17.30 79.43 98.90
CA GLU T 544 17.35 77.96 98.62
C GLU T 544 15.96 77.31 98.49
N GLY T 545 14.96 77.73 99.27
CA GLY T 545 13.61 77.16 99.22
C GLY T 545 12.95 77.33 97.87
N ASN T 546 13.12 78.46 97.21
CA ASN T 546 12.65 78.63 95.80
C ASN T 546 13.37 77.71 94.81
N MET T 547 14.65 77.44 94.97
CA MET T 547 15.46 76.70 93.96
C MET T 547 15.32 75.17 93.96
N LEU T 548 15.52 74.53 92.81
CA LEU T 548 15.58 73.04 92.73
C LEU T 548 17.05 72.68 92.58
N ILE T 549 17.66 72.02 93.56
CA ILE T 549 19.13 71.73 93.55
C ILE T 549 19.38 70.22 93.42
N THR T 550 20.11 69.81 92.41
CA THR T 550 20.45 68.40 92.12
C THR T 550 21.60 67.85 92.95
N SER T 551 21.65 66.53 93.14
CA SER T 551 22.73 65.82 93.87
C SER T 551 23.23 64.68 92.98
N GLU T 552 24.53 64.41 92.98
CA GLU T 552 25.17 63.35 92.17
C GLU T 552 25.68 62.24 93.12
N SER T 553 25.12 62.09 94.31
CA SER T 553 25.59 61.17 95.39
C SER T 553 25.61 59.69 94.98
N GLU T 554 24.82 59.25 94.02
CA GLU T 554 24.80 57.86 93.48
C GLU T 554 26.16 57.49 92.84
N THR T 555 26.87 58.41 92.21
CA THR T 555 28.16 58.20 91.51
C THR T 555 29.36 58.21 92.46
N GLN T 556 29.19 58.45 93.76
CA GLN T 556 30.26 58.59 94.78
C GLN T 556 31.14 57.31 94.88
N PRO T 557 30.64 56.06 94.77
CA PRO T 557 31.51 54.88 94.70
C PRO T 557 32.63 54.91 93.64
N VAL T 558 32.47 55.58 92.48
CA VAL T 558 33.53 55.83 91.44
C VAL T 558 33.93 57.29 91.18
N ASN T 559 33.32 58.31 91.78
CA ASN T 559 33.62 59.72 91.41
C ASN T 559 34.14 60.46 92.63
N ARG T 560 35.25 61.17 92.46
CA ARG T 560 35.84 61.93 93.58
C ARG T 560 34.99 63.14 93.99
N VAL T 561 34.99 63.49 95.27
CA VAL T 561 34.27 64.70 95.77
C VAL T 561 34.97 66.03 95.38
N ALA T 562 34.24 66.99 94.81
CA ALA T 562 34.74 68.31 94.35
C ALA T 562 35.30 69.21 95.45
N TYR T 563 34.66 69.27 96.61
CA TYR T 563 35.08 70.13 97.74
C TYR T 563 36.46 69.67 98.33
N ASN T 564 36.72 68.38 98.40
CA ASN T 564 37.97 67.79 98.99
C ASN T 564 39.21 67.79 98.07
N VAL T 565 40.42 67.70 98.63
CA VAL T 565 41.70 67.47 97.86
C VAL T 565 41.72 66.06 97.22
N GLY T 566 42.27 65.89 96.02
CA GLY T 566 42.39 64.59 95.29
C GLY T 566 43.27 63.48 95.86
N GLY T 567 44.45 63.78 96.42
CA GLY T 567 45.40 62.75 96.86
C GLY T 567 46.73 63.39 97.23
N GLN T 568 47.77 62.58 97.45
CA GLN T 568 49.15 63.06 97.78
C GLN T 568 50.22 62.41 96.89
N MET T 569 51.33 63.10 96.59
CA MET T 569 52.48 62.60 95.79
C MET T 569 53.81 62.99 96.47
N ALA T 570 54.93 62.31 96.17
CA ALA T 570 56.28 62.62 96.73
C ALA T 570 56.86 63.96 96.24
N THR T 571 57.46 64.72 97.17
CA THR T 571 58.02 66.05 96.87
C THR T 571 59.54 66.11 97.06
N ASN T 572 60.23 65.03 97.37
CA ASN T 572 61.67 65.08 97.77
C ASN T 572 62.35 63.74 97.53
N ASN T 573 63.66 63.70 97.73
CA ASN T 573 64.42 62.42 97.73
C ASN T 573 64.88 62.17 99.16
N GLN T 574 64.58 61.01 99.74
CA GLN T 574 65.02 60.61 101.11
C GLN T 574 66.54 60.33 101.13
N SER T 575 67.19 60.53 102.27
CA SER T 575 68.64 60.30 102.45
C SER T 575 68.86 60.04 103.94
N SER T 576 70.03 59.60 104.35
CA SER T 576 70.28 59.46 105.81
C SER T 576 70.09 60.83 106.48
N THR T 577 70.58 61.91 105.87
CA THR T 577 70.34 63.30 106.35
C THR T 577 68.88 63.73 106.25
N THR T 578 68.14 63.36 105.20
CA THR T 578 66.77 63.89 104.98
C THR T 578 65.63 62.90 105.09
N ALA T 579 64.61 63.21 105.90
CA ALA T 579 63.37 62.40 105.99
C ALA T 579 62.50 62.52 104.74
N PRO T 580 61.74 61.49 104.36
CA PRO T 580 60.80 61.58 103.23
C PRO T 580 59.60 62.54 103.42
N ALA T 581 59.13 63.20 102.36
CA ALA T 581 58.04 64.21 102.41
C ALA T 581 56.98 64.01 101.32
N THR T 582 55.74 64.39 101.59
CA THR T 582 54.64 64.31 100.60
C THR T 582 53.93 65.64 100.46
N GLY T 583 53.23 65.85 99.34
CA GLY T 583 52.39 67.05 99.19
C GLY T 583 51.03 66.73 98.61
N THR T 584 49.96 67.39 99.07
CA THR T 584 48.59 67.26 98.47
C THR T 584 48.45 67.99 97.13
N TYR T 585 47.57 67.51 96.26
CA TYR T 585 47.26 68.16 94.96
C TYR T 585 45.74 68.59 94.90
N ASN T 586 45.40 69.72 94.26
CA ASN T 586 43.99 70.24 94.15
C ASN T 586 43.38 69.92 92.77
N LEU T 587 44.18 69.45 91.82
CA LEU T 587 43.68 69.08 90.47
C LEU T 587 44.42 67.87 89.88
N GLN T 588 43.74 67.04 89.11
CA GLN T 588 44.38 65.92 88.36
C GLN T 588 43.55 65.69 87.09
N GLU T 589 44.14 65.16 86.05
CA GLU T 589 43.46 64.97 84.75
C GLU T 589 43.54 63.49 84.39
N ILE T 590 43.12 63.11 83.20
CA ILE T 590 43.03 61.69 82.77
C ILE T 590 44.37 60.93 82.81
N VAL T 591 44.32 59.70 83.29
CA VAL T 591 45.50 58.81 83.40
C VAL T 591 45.05 57.49 82.77
N PRO T 592 45.94 56.64 82.23
CA PRO T 592 45.52 55.33 81.73
C PRO T 592 44.95 54.41 82.83
N GLY T 593 43.89 53.64 82.55
CA GLY T 593 43.17 52.84 83.56
C GLY T 593 42.11 53.60 84.34
N SER T 594 41.82 54.85 83.96
CA SER T 594 40.78 55.72 84.56
C SER T 594 39.34 55.29 84.25
N VAL T 595 38.46 55.28 85.25
CA VAL T 595 37.01 54.93 85.10
C VAL T 595 36.18 56.03 85.81
N TRP T 596 35.04 56.41 85.23
CA TRP T 596 34.12 57.41 85.84
C TRP T 596 32.68 57.25 85.33
N MET T 597 31.74 57.90 86.00
CA MET T 597 30.33 57.97 85.55
C MET T 597 29.99 59.40 85.08
N GLU T 598 29.31 59.54 83.94
CA GLU T 598 28.83 60.84 83.40
C GLU T 598 27.64 61.39 84.22
N ARG T 599 27.41 62.70 84.15
CA ARG T 599 26.26 63.36 84.85
C ARG T 599 24.88 62.81 84.43
N ASP T 600 23.98 62.72 85.40
CA ASP T 600 22.59 62.23 85.19
C ASP T 600 21.67 63.22 84.45
N VAL T 601 20.76 62.70 83.64
CA VAL T 601 19.68 63.51 83.01
C VAL T 601 18.52 63.80 83.97
N TYR T 602 17.79 64.87 83.74
CA TYR T 602 16.62 65.27 84.57
C TYR T 602 15.45 65.51 83.65
N LEU T 603 14.21 65.37 84.15
CA LEU T 603 12.99 65.65 83.35
C LEU T 603 12.97 67.16 82.95
N GLN T 604 13.33 68.07 83.83
CA GLN T 604 13.51 69.53 83.59
C GLN T 604 14.70 69.84 82.63
N GLY T 605 15.72 68.99 82.55
CA GLY T 605 16.93 69.17 81.71
C GLY T 605 16.95 68.91 80.21
N PRO T 606 18.03 69.36 79.52
CA PRO T 606 18.28 69.04 78.10
C PRO T 606 18.68 67.67 77.56
N ILE T 607 18.12 67.19 76.44
CA ILE T 607 18.58 65.93 75.73
C ILE T 607 19.95 65.95 74.99
N TRP T 608 20.27 66.97 74.20
CA TRP T 608 21.46 66.92 73.32
C TRP T 608 22.26 68.22 73.23
N ALA T 609 23.50 68.13 72.75
CA ALA T 609 24.36 69.31 72.46
C ALA T 609 25.12 69.00 71.16
N LYS T 610 25.43 70.04 70.39
CA LYS T 610 26.25 69.88 69.16
C LYS T 610 27.76 69.88 69.48
N ILE T 611 28.49 68.90 68.97
CA ILE T 611 29.97 68.90 69.09
C ILE T 611 30.54 70.01 68.18
N PRO T 612 31.45 70.88 68.67
CA PRO T 612 32.04 71.94 67.84
C PRO T 612 33.03 71.45 66.77
N GLU T 613 33.04 72.07 65.60
CA GLU T 613 33.91 71.56 64.48
C GLU T 613 35.31 72.23 64.51
N THR T 614 36.31 71.56 65.06
CA THR T 614 37.69 72.08 65.16
C THR T 614 38.63 71.13 64.48
N GLY T 615 38.20 69.91 64.22
CA GLY T 615 39.03 68.81 63.72
C GLY T 615 39.72 68.00 64.82
N ALA T 616 39.67 68.41 66.09
CA ALA T 616 40.23 67.60 67.22
C ALA T 616 39.37 67.67 68.48
N HIS T 617 39.07 66.55 69.11
CA HIS T 617 38.31 66.52 70.39
C HIS T 617 38.63 65.25 71.19
N PHE T 618 38.36 65.27 72.49
CA PHE T 618 38.48 64.05 73.32
C PHE T 618 37.18 63.74 74.04
N HIS T 619 36.67 62.50 73.99
CA HIS T 619 35.51 62.01 74.78
C HIS T 619 34.35 63.00 74.78
N PRO T 620 33.45 62.93 73.78
CA PRO T 620 32.47 64.00 73.59
C PRO T 620 31.10 63.95 74.24
N SER T 621 31.13 64.05 75.55
CA SER T 621 29.89 64.05 76.36
C SER T 621 29.72 65.45 76.95
N PRO T 622 28.58 66.15 76.72
CA PRO T 622 28.43 67.51 77.23
C PRO T 622 28.34 67.67 78.76
N ALA T 623 28.87 68.74 79.31
CA ALA T 623 28.95 68.96 80.79
C ALA T 623 27.58 69.08 81.48
N MET T 624 26.60 69.75 80.89
CA MET T 624 25.21 69.90 81.41
C MET T 624 24.53 68.53 81.49
N GLY T 625 24.83 67.61 80.58
CA GLY T 625 24.25 66.26 80.53
C GLY T 625 23.75 65.93 79.14
N GLY T 626 23.33 64.70 78.90
CA GLY T 626 22.78 64.29 77.60
C GLY T 626 23.69 63.70 76.55
N PHE T 627 23.28 63.78 75.29
CA PHE T 627 23.96 63.13 74.16
C PHE T 627 24.68 64.16 73.27
N GLY T 628 25.95 63.91 72.99
CA GLY T 628 26.76 64.79 72.13
C GLY T 628 26.71 64.32 70.72
N LEU T 629 26.28 65.19 69.82
CA LEU T 629 26.05 64.76 68.40
C LEU T 629 26.85 65.57 67.39
N LYS T 630 27.55 64.90 66.49
CA LYS T 630 28.20 65.57 65.32
C LYS T 630 27.15 66.19 64.38
N HIS T 631 26.07 65.49 64.12
CA HIS T 631 24.97 65.98 63.25
C HIS T 631 23.67 66.01 64.04
N PRO T 632 23.41 67.09 64.77
CA PRO T 632 22.22 67.26 65.60
C PRO T 632 20.89 67.49 64.89
N PRO T 633 19.71 67.30 65.53
CA PRO T 633 18.48 67.62 64.85
C PRO T 633 18.54 69.09 64.44
N PRO T 634 18.19 69.45 63.18
CA PRO T 634 18.39 70.79 62.65
C PRO T 634 17.56 72.00 63.10
N MET T 635 18.12 73.19 63.03
CA MET T 635 17.40 74.45 63.34
C MET T 635 16.19 74.69 62.42
N MET T 636 15.04 75.00 63.01
CA MET T 636 13.77 75.25 62.28
C MET T 636 13.41 76.73 62.45
N LEU T 637 13.31 77.47 61.36
CA LEU T 637 13.13 78.94 61.39
C LEU T 637 11.82 79.37 60.73
N ILE T 638 11.09 80.26 61.37
CA ILE T 638 9.78 80.76 60.85
C ILE T 638 9.74 82.30 60.90
N LYS T 639 9.21 82.92 59.84
CA LYS T 639 9.02 84.39 59.86
C LYS T 639 7.66 84.81 59.26
N ASN T 640 7.17 85.98 59.63
CA ASN T 640 5.97 86.57 58.97
C ASN T 640 6.45 87.34 57.73
N THR T 641 5.87 87.12 56.57
CA THR T 641 6.21 87.89 55.35
C THR T 641 5.84 89.36 55.49
N PRO T 642 6.74 90.31 55.13
CA PRO T 642 6.41 91.73 55.11
C PRO T 642 5.22 92.08 54.20
N VAL T 643 4.26 92.77 54.75
CA VAL T 643 3.13 93.24 53.91
C VAL T 643 3.16 94.78 53.97
N PRO T 644 3.37 95.44 52.83
CA PRO T 644 3.44 96.91 52.78
C PRO T 644 2.21 97.82 53.03
N GLY T 645 2.40 98.99 53.63
CA GLY T 645 1.40 100.06 53.81
C GLY T 645 1.22 100.85 52.52
N ASN T 646 0.27 101.77 52.43
CA ASN T 646 0.00 102.44 51.12
C ASN T 646 1.17 103.28 50.63
N ILE T 647 1.62 103.04 49.40
CA ILE T 647 2.75 103.82 48.81
C ILE T 647 2.20 104.45 47.51
N THR T 648 2.33 105.75 47.35
CA THR T 648 1.72 106.47 46.19
C THR T 648 2.77 106.97 45.22
N SER T 649 4.04 106.97 45.59
CA SER T 649 5.12 107.55 44.75
C SER T 649 6.32 106.61 44.66
N PHE T 650 7.10 106.65 43.58
CA PHE T 650 8.35 105.87 43.42
C PHE T 650 9.56 106.40 44.19
N SER T 651 10.32 105.51 44.84
CA SER T 651 11.64 105.89 45.40
C SER T 651 12.61 104.75 45.21
N ASP T 652 13.88 105.03 44.96
CA ASP T 652 14.98 104.02 45.00
C ASP T 652 15.14 103.54 46.46
N VAL T 653 14.96 104.43 47.45
CA VAL T 653 15.08 104.09 48.89
C VAL T 653 14.06 103.03 49.29
N PRO T 654 14.45 101.95 50.02
CA PRO T 654 13.54 100.88 50.43
C PRO T 654 12.39 101.25 51.36
N VAL T 655 11.25 100.58 51.17
CA VAL T 655 10.04 100.86 52.00
C VAL T 655 10.27 100.51 53.48
N SER T 656 9.89 101.43 54.35
CA SER T 656 9.98 101.27 55.81
C SER T 656 8.59 101.23 56.46
N SER T 657 7.51 101.29 55.68
CA SER T 657 6.12 101.34 56.22
C SER T 657 5.38 100.05 55.88
N PHE T 658 4.92 99.35 56.91
CA PHE T 658 4.30 98.01 56.72
C PHE T 658 3.07 97.89 57.58
N ILE T 659 2.09 97.09 57.17
CA ILE T 659 0.94 96.79 58.08
C ILE T 659 1.38 95.90 59.27
N THR T 660 0.90 96.14 60.50
CA THR T 660 1.25 95.34 61.72
C THR T 660 0.51 94.01 61.78
N GLN T 661 1.24 92.90 61.95
CA GLN T 661 0.68 91.53 61.86
C GLN T 661 1.32 90.52 62.83
N TYR T 662 0.62 89.44 63.18
CA TYR T 662 1.15 88.34 64.05
C TYR T 662 0.60 87.03 63.52
N SER T 663 1.25 85.91 63.85
CA SER T 663 0.77 84.56 63.42
C SER T 663 0.56 83.58 64.60
N THR T 664 -0.32 82.62 64.41
CA THR T 664 -0.60 81.58 65.43
C THR T 664 -0.83 80.23 64.76
N GLY T 665 -0.58 79.12 65.45
CA GLY T 665 -0.82 77.77 64.90
C GLY T 665 -0.57 76.63 65.86
N GLN T 666 -0.54 75.40 65.35
CA GLN T 666 -0.24 74.17 66.13
C GLN T 666 1.03 73.43 65.63
N VAL T 667 1.82 72.89 66.54
CA VAL T 667 3.04 72.09 66.18
C VAL T 667 2.97 70.69 66.83
N THR T 668 3.29 69.64 66.08
CA THR T 668 3.37 68.27 66.62
C THR T 668 4.78 67.70 66.50
N VAL T 669 5.34 67.14 67.57
CA VAL T 669 6.67 66.42 67.54
C VAL T 669 6.50 64.93 67.95
N GLU T 670 7.00 64.01 67.13
CA GLU T 670 6.97 62.55 67.41
C GLU T 670 8.41 62.03 67.54
N MET T 671 8.70 61.33 68.64
CA MET T 671 10.07 60.80 68.90
C MET T 671 10.06 59.31 69.23
N GLU T 672 11.03 58.58 68.71
CA GLU T 672 11.20 57.13 69.02
C GLU T 672 12.43 56.93 69.93
N TRP T 673 12.28 56.09 70.95
CA TRP T 673 13.37 55.82 71.92
C TRP T 673 13.66 54.32 72.01
N GLU T 674 14.94 53.96 72.13
CA GLU T 674 15.35 52.54 72.33
C GLU T 674 15.67 52.33 73.82
N LEU T 675 15.18 51.24 74.40
CA LEU T 675 15.31 50.93 75.85
C LEU T 675 16.24 49.74 76.12
N LYS T 676 17.04 49.81 77.19
CA LYS T 676 17.84 48.64 77.62
C LYS T 676 17.21 48.06 78.91
N LYS T 677 16.82 46.79 78.87
CA LYS T 677 16.23 46.07 80.02
C LYS T 677 17.15 45.70 81.20
N GLU T 678 16.66 45.78 82.42
CA GLU T 678 17.39 45.30 83.61
C GLU T 678 17.49 43.76 83.61
N ASN T 679 18.62 43.18 84.01
CA ASN T 679 18.86 41.71 84.13
C ASN T 679 19.41 41.37 85.52
N SER T 680 18.93 42.00 86.59
CA SER T 680 19.47 41.84 87.98
C SER T 680 19.24 40.49 88.67
N LYS T 681 20.21 40.02 89.45
CA LYS T 681 20.07 38.80 90.30
C LYS T 681 19.98 39.19 91.79
N ARG T 682 19.84 40.46 92.16
CA ARG T 682 19.66 40.96 93.57
C ARG T 682 18.37 40.45 94.26
N TRP T 683 18.49 39.67 95.34
CA TRP T 683 17.37 39.10 96.11
C TRP T 683 16.47 40.09 96.86
N ASN T 684 17.08 41.05 97.52
CA ASN T 684 16.39 42.09 98.31
C ASN T 684 15.74 43.18 97.45
N PRO T 685 14.68 43.85 97.95
CA PRO T 685 14.07 44.97 97.25
C PRO T 685 14.88 46.28 97.03
N GLU T 686 14.77 46.87 95.86
CA GLU T 686 15.41 48.14 95.44
C GLU T 686 14.75 49.47 95.81
N ILE T 687 15.50 50.57 95.76
CA ILE T 687 14.96 51.97 95.87
C ILE T 687 14.18 52.36 94.61
N GLN T 688 13.06 53.08 94.75
CA GLN T 688 12.17 53.52 93.62
C GLN T 688 11.68 54.95 93.84
N TYR T 689 11.44 55.72 92.78
CA TYR T 689 10.79 57.05 92.90
C TYR T 689 9.29 56.82 93.22
N THR T 690 8.78 57.54 94.21
CA THR T 690 7.38 57.37 94.64
C THR T 690 6.76 58.73 94.90
N ASN T 691 5.44 58.81 94.81
CA ASN T 691 4.73 60.04 95.22
C ASN T 691 4.53 59.89 96.72
N ASN T 692 5.26 60.65 97.52
CA ASN T 692 5.26 60.49 98.99
C ASN T 692 5.33 61.87 99.62
N TYR T 693 4.28 62.24 100.34
CA TYR T 693 4.16 63.62 100.90
C TYR T 693 3.49 63.47 102.25
N ASN T 694 3.85 64.28 103.23
CA ASN T 694 3.14 64.22 104.54
C ASN T 694 2.12 65.38 104.67
N ASP T 695 0.84 65.08 104.92
CA ASP T 695 -0.26 66.09 105.05
C ASP T 695 -0.36 67.05 103.85
N PRO T 696 -0.39 66.59 102.58
CA PRO T 696 -0.37 67.52 101.44
C PRO T 696 -1.52 68.53 101.28
N GLN T 697 -1.18 69.78 100.96
CA GLN T 697 -2.22 70.85 100.77
C GLN T 697 -2.53 71.04 99.27
N PHE T 698 -1.82 70.36 98.40
CA PHE T 698 -2.00 70.48 96.93
C PHE T 698 -1.50 69.20 96.35
N VAL T 699 -1.86 68.93 95.12
CA VAL T 699 -1.25 67.78 94.40
C VAL T 699 -0.10 68.34 93.58
N ASP T 700 1.10 67.82 93.74
CA ASP T 700 2.28 68.14 92.89
C ASP T 700 2.10 67.64 91.46
N PHE T 701 2.66 68.31 90.45
CA PHE T 701 2.52 68.01 88.99
C PHE T 701 1.07 68.12 88.52
N ALA T 702 0.36 69.10 89.04
CA ALA T 702 -1.05 69.36 88.71
C ALA T 702 -1.31 70.86 88.71
N PRO T 703 -2.37 71.36 88.05
CA PRO T 703 -2.76 72.77 88.18
C PRO T 703 -3.33 73.20 89.56
N ASP T 704 -3.15 74.46 89.93
CA ASP T 704 -3.75 74.97 91.20
C ASP T 704 -5.11 75.67 90.99
N SER T 705 -5.63 76.33 92.03
CA SER T 705 -6.95 77.01 91.96
C SER T 705 -6.93 78.13 90.90
N THR T 706 -5.84 78.88 90.75
CA THR T 706 -5.63 79.88 89.67
C THR T 706 -5.37 79.27 88.31
N GLY T 707 -5.05 77.97 88.19
CA GLY T 707 -4.66 77.35 86.91
C GLY T 707 -3.17 77.26 86.61
N GLU T 708 -2.30 77.61 87.54
CA GLU T 708 -0.82 77.53 87.35
C GLU T 708 -0.26 76.15 87.73
N TYR T 709 0.54 75.54 86.86
CA TYR T 709 1.19 74.22 87.09
C TYR T 709 2.24 74.25 88.20
N ARG T 710 2.26 73.20 89.02
CA ARG T 710 3.21 73.13 90.15
C ARG T 710 4.17 71.96 89.93
N SER T 711 5.48 72.20 90.03
CA SER T 711 6.55 71.17 89.89
C SER T 711 7.60 71.34 91.00
N THR T 712 7.33 70.96 92.24
CA THR T 712 8.21 71.11 93.44
C THR T 712 9.53 70.34 93.38
N ARG T 713 9.60 69.14 92.80
CA ARG T 713 10.83 68.29 92.89
C ARG T 713 11.58 68.02 91.58
N PRO T 714 12.93 68.07 91.55
CA PRO T 714 13.71 67.63 90.40
C PRO T 714 13.81 66.09 90.25
N ILE T 715 13.67 65.51 89.06
CA ILE T 715 13.74 64.01 89.02
C ILE T 715 14.87 63.48 88.13
N GLY T 716 15.77 62.67 88.71
CA GLY T 716 16.87 61.99 88.03
C GLY T 716 16.49 60.62 87.54
N THR T 717 17.41 59.94 86.87
CA THR T 717 17.16 58.58 86.35
C THR T 717 17.74 57.42 87.15
N ARG T 718 18.56 57.59 88.19
CA ARG T 718 19.25 56.40 88.81
C ARG T 718 18.62 55.90 90.13
N TYR T 719 17.85 54.83 90.07
CA TYR T 719 17.17 54.21 91.25
C TYR T 719 17.58 52.76 91.33
N LEU T 720 17.84 52.13 90.19
CA LEU T 720 18.31 50.73 90.10
C LEU T 720 19.80 50.63 90.43
N THR T 721 20.23 49.45 90.84
CA THR T 721 21.61 49.22 91.29
C THR T 721 22.22 48.08 90.51
N ARG T 722 23.51 48.18 90.22
CA ARG T 722 24.23 47.08 89.55
C ARG T 722 25.58 46.83 90.21
N PRO T 723 26.10 45.57 90.25
CA PRO T 723 27.47 45.31 90.69
C PRO T 723 28.55 45.81 89.70
N LEU T 724 29.73 46.18 90.17
CA LEU T 724 30.80 46.73 89.31
C LEU T 724 31.35 45.66 88.34
N ASP U 209 27.95 7.64 84.85
CA ASP U 209 27.80 6.20 84.54
C ASP U 209 27.86 5.34 85.82
N GLY U 210 29.02 5.17 86.45
CA GLY U 210 29.08 4.19 87.56
C GLY U 210 30.12 4.40 88.63
N VAL U 211 29.98 3.67 89.74
CA VAL U 211 30.95 3.67 90.87
C VAL U 211 32.35 3.16 90.43
N GLY U 212 32.43 2.16 89.57
CA GLY U 212 33.69 1.53 89.14
C GLY U 212 34.29 2.11 87.89
N ASN U 213 33.68 3.13 87.30
CA ASN U 213 34.16 3.65 85.99
C ASN U 213 34.71 5.07 86.15
N ALA U 214 35.89 5.34 85.59
CA ALA U 214 36.49 6.69 85.63
C ALA U 214 35.85 7.68 84.64
N SER U 215 35.49 8.88 85.10
CA SER U 215 34.89 10.01 84.34
C SER U 215 35.84 10.68 83.33
N GLY U 216 37.13 10.79 83.61
CA GLY U 216 38.13 11.42 82.73
C GLY U 216 39.56 10.99 82.92
N ASP U 217 40.47 11.48 82.09
CA ASP U 217 41.93 11.14 82.11
C ASP U 217 42.85 12.34 82.32
N TRP U 218 44.07 12.12 82.79
CA TRP U 218 45.08 13.18 83.04
C TRP U 218 45.72 13.72 81.74
N HIS U 219 45.63 15.02 81.51
CA HIS U 219 46.32 15.65 80.37
C HIS U 219 47.18 16.83 80.84
N CYS U 220 48.51 16.74 80.78
CA CYS U 220 49.39 17.91 81.08
C CYS U 220 50.38 18.02 79.90
N ASP U 221 50.23 19.01 79.03
CA ASP U 221 51.09 19.08 77.81
C ASP U 221 51.16 20.46 77.13
N SER U 222 52.17 20.70 76.28
CA SER U 222 52.24 21.89 75.41
C SER U 222 52.44 21.42 73.97
N THR U 223 51.70 21.97 73.01
CA THR U 223 51.92 21.68 71.57
C THR U 223 52.17 22.98 70.83
N TRP U 224 53.25 23.06 70.07
CA TRP U 224 53.63 24.27 69.29
C TRP U 224 53.40 23.99 67.81
N MET U 225 52.58 24.79 67.16
CA MET U 225 52.22 24.62 65.73
C MET U 225 52.30 25.93 64.93
N GLY U 226 53.48 26.42 64.54
CA GLY U 226 53.57 27.73 63.85
C GLY U 226 53.15 28.90 64.71
N ASP U 227 52.15 29.66 64.28
CA ASP U 227 51.63 30.86 65.00
C ASP U 227 50.83 30.51 66.27
N ARG U 228 50.47 29.26 66.51
CA ARG U 228 49.62 28.86 67.66
C ARG U 228 50.32 27.93 68.66
N VAL U 229 50.12 28.14 69.96
CA VAL U 229 50.59 27.20 71.02
C VAL U 229 49.36 26.80 71.85
N VAL U 230 49.18 25.50 72.14
CA VAL U 230 48.08 24.98 73.02
C VAL U 230 48.67 24.47 74.35
N THR U 231 48.11 24.92 75.48
CA THR U 231 48.56 24.47 76.81
C THR U 231 47.48 23.64 77.51
N LYS U 232 47.83 22.48 78.07
CA LYS U 232 46.92 21.62 78.86
C LYS U 232 47.46 21.47 80.29
N SER U 233 46.61 21.66 81.30
CA SER U 233 47.02 21.56 82.73
C SER U 233 45.99 20.73 83.52
N THR U 234 46.44 19.76 84.31
CA THR U 234 45.57 18.93 85.18
C THR U 234 46.02 19.02 86.64
N ARG U 235 45.09 19.23 87.57
CA ARG U 235 45.39 19.29 89.02
C ARG U 235 44.37 18.50 89.88
N THR U 236 44.75 18.14 91.10
CA THR U 236 43.86 17.49 92.09
C THR U 236 43.48 18.52 93.15
N TRP U 237 42.18 18.67 93.45
CA TRP U 237 41.63 19.66 94.40
C TRP U 237 40.85 19.04 95.58
N VAL U 238 40.76 19.75 96.69
CA VAL U 238 39.95 19.36 97.87
C VAL U 238 38.93 20.49 98.17
N LEU U 239 37.67 20.14 98.47
CA LEU U 239 36.65 21.15 98.88
C LEU U 239 36.13 20.96 100.31
N PRO U 240 36.34 21.95 101.20
CA PRO U 240 35.72 21.95 102.53
C PRO U 240 34.24 22.32 102.55
N SER U 241 33.50 21.92 103.58
CA SER U 241 32.10 22.43 103.71
C SER U 241 32.16 23.75 104.50
N TYR U 242 32.23 24.90 103.82
CA TYR U 242 32.42 26.23 104.45
C TYR U 242 31.17 26.81 105.10
N ASN U 243 31.27 27.33 106.33
CA ASN U 243 30.17 28.07 107.03
C ASN U 243 29.14 27.11 107.61
N ASN U 244 29.40 25.79 107.56
CA ASN U 244 28.42 24.74 107.99
C ASN U 244 27.09 24.89 107.27
N HIS U 245 27.10 25.12 105.95
CA HIS U 245 25.87 25.24 105.10
C HIS U 245 25.08 26.54 105.30
N GLN U 246 25.71 27.61 105.74
CA GLN U 246 25.01 28.87 106.06
C GLN U 246 25.66 30.11 105.38
N TYR U 247 24.90 31.19 105.20
CA TYR U 247 25.38 32.47 104.65
C TYR U 247 25.53 33.39 105.83
N ARG U 248 26.67 34.07 105.94
CA ARG U 248 26.94 34.94 107.11
C ARG U 248 27.22 36.41 106.74
N GLU U 249 26.58 37.34 107.45
CA GLU U 249 26.90 38.77 107.25
C GLU U 249 28.28 39.08 107.88
N ILE U 250 29.14 39.74 107.13
CA ILE U 250 30.54 40.05 107.54
C ILE U 250 30.77 41.57 107.48
N LYS U 251 31.54 42.12 108.40
CA LYS U 251 31.71 43.59 108.44
C LYS U 251 32.99 43.99 109.15
N SER U 252 33.51 45.17 108.85
CA SER U 252 34.67 45.69 109.62
C SER U 252 34.56 47.20 109.92
N GLY U 253 35.05 47.63 111.08
CA GLY U 253 35.26 49.06 111.40
C GLY U 253 36.71 49.46 111.03
N SER U 254 37.17 50.63 111.44
CA SER U 254 38.57 51.11 111.19
C SER U 254 39.62 50.22 111.87
N VAL U 255 40.72 49.88 111.18
CA VAL U 255 41.77 48.97 111.71
C VAL U 255 43.14 49.50 111.29
N ASP U 256 44.16 49.36 112.13
CA ASP U 256 45.56 49.83 111.85
C ASP U 256 45.55 51.35 111.62
N GLY U 257 44.64 52.05 112.28
CA GLY U 257 44.52 53.51 112.13
C GLY U 257 43.74 53.97 110.90
N SER U 258 43.14 53.09 110.09
CA SER U 258 42.49 53.61 108.85
C SER U 258 41.01 53.28 108.65
N ASN U 259 40.17 54.27 108.35
CA ASN U 259 38.73 54.08 107.98
C ASN U 259 38.55 53.49 106.57
N ALA U 260 39.57 53.53 105.70
CA ALA U 260 39.58 52.92 104.33
C ALA U 260 39.46 51.41 104.49
N ASN U 261 39.91 50.87 105.61
CA ASN U 261 39.75 49.44 106.04
C ASN U 261 38.28 49.00 106.26
N ALA U 262 37.37 49.86 106.72
CA ALA U 262 35.93 49.53 106.98
C ALA U 262 35.16 49.03 105.75
N TYR U 263 34.30 48.01 105.93
CA TYR U 263 33.48 47.39 104.85
C TYR U 263 32.22 46.70 105.42
N PHE U 264 31.22 46.46 104.59
CA PHE U 264 30.02 45.66 104.91
C PHE U 264 29.90 44.57 103.81
N GLY U 265 29.66 43.32 104.16
CA GLY U 265 29.65 42.21 103.18
C GLY U 265 28.99 40.90 103.58
N TYR U 266 28.97 39.93 102.66
CA TYR U 266 28.46 38.56 102.92
C TYR U 266 29.52 37.45 102.68
N SER U 267 29.57 36.43 103.53
CA SER U 267 30.41 35.21 103.31
C SER U 267 29.47 34.07 102.88
N THR U 268 29.92 33.20 102.01
CA THR U 268 29.02 32.17 101.42
C THR U 268 29.52 30.74 101.64
N PRO U 269 28.64 29.74 101.57
CA PRO U 269 28.98 28.32 101.63
C PRO U 269 29.83 27.76 100.48
N TRP U 270 29.79 28.36 99.30
CA TRP U 270 30.50 27.98 98.06
C TRP U 270 32.01 28.25 97.95
N GLY U 271 32.66 27.52 97.05
CA GLY U 271 34.08 27.69 96.71
C GLY U 271 34.21 27.90 95.22
N TYR U 272 35.31 28.45 94.76
CA TYR U 272 35.48 28.78 93.32
C TYR U 272 36.84 28.31 92.77
N PHE U 273 36.94 28.14 91.46
CA PHE U 273 38.21 27.79 90.76
C PHE U 273 38.82 29.05 90.09
N ASP U 274 40.09 29.36 90.35
CA ASP U 274 40.83 30.51 89.77
C ASP U 274 42.03 30.04 88.94
N PHE U 275 42.11 30.44 87.67
CA PHE U 275 43.28 30.11 86.80
C PHE U 275 44.05 31.38 86.33
N ASN U 276 43.85 32.58 86.91
CA ASN U 276 44.49 33.80 86.36
C ASN U 276 45.95 33.98 86.87
N ARG U 277 46.83 33.02 86.62
CA ARG U 277 48.29 33.11 86.87
C ARG U 277 48.94 32.37 85.70
N PHE U 278 50.05 32.87 85.14
CA PHE U 278 50.80 32.24 84.01
C PHE U 278 51.40 30.84 84.36
N HIS U 279 51.95 30.64 85.57
CA HIS U 279 52.59 29.39 86.07
C HIS U 279 51.56 28.26 86.10
N SER U 280 50.27 28.56 86.20
CA SER U 280 49.13 27.59 86.12
C SER U 280 49.12 26.90 84.74
N HIS U 281 49.41 27.60 83.66
CA HIS U 281 49.44 27.05 82.27
C HIS U 281 50.84 26.83 81.68
N TRP U 282 51.91 27.39 82.23
CA TRP U 282 53.23 27.39 81.56
C TRP U 282 54.35 26.77 82.37
N SER U 283 55.08 25.84 81.78
CA SER U 283 56.31 25.29 82.40
C SER U 283 57.41 26.37 82.33
N PRO U 284 58.42 26.35 83.22
CA PRO U 284 59.52 27.28 83.12
C PRO U 284 60.31 27.17 81.82
N ARG U 285 60.58 25.97 81.30
CA ARG U 285 61.22 25.80 79.96
C ARG U 285 60.37 26.35 78.80
N ASP U 286 59.06 26.13 78.79
CA ASP U 286 58.11 26.64 77.75
C ASP U 286 58.06 28.18 77.76
N TRP U 287 58.08 28.78 78.92
CA TRP U 287 58.12 30.26 79.08
C TRP U 287 59.41 30.85 78.50
N GLN U 288 60.56 30.20 78.69
CA GLN U 288 61.86 30.60 78.10
C GLN U 288 61.84 30.53 76.57
N ARG U 289 61.21 29.52 76.01
CA ARG U 289 61.09 29.39 74.56
C ARG U 289 60.28 30.55 73.95
N LEU U 290 59.16 30.96 74.58
CA LEU U 290 58.40 32.15 74.12
C LEU U 290 59.09 33.53 74.25
N ILE U 291 59.75 33.82 75.37
CA ILE U 291 60.41 35.14 75.65
C ILE U 291 61.60 35.37 74.72
N ASN U 292 62.37 34.33 74.45
CA ASN U 292 63.53 34.32 73.52
C ASN U 292 63.17 34.55 72.04
N ASN U 293 62.06 34.03 71.53
CA ASN U 293 61.78 33.99 70.05
C ASN U 293 60.60 34.78 69.48
N TYR U 294 59.79 35.47 70.26
CA TYR U 294 58.54 36.10 69.72
C TYR U 294 58.36 37.56 70.11
N TRP U 295 57.89 38.40 69.20
CA TRP U 295 57.50 39.82 69.49
C TRP U 295 56.26 39.98 70.41
N GLY U 296 55.25 39.14 70.26
CA GLY U 296 54.01 39.26 71.02
C GLY U 296 53.20 38.01 71.18
N PHE U 297 52.28 38.01 72.14
CA PHE U 297 51.34 36.87 72.35
C PHE U 297 49.95 37.37 72.80
N ARG U 298 48.87 36.64 72.53
CA ARG U 298 47.48 36.96 73.03
C ARG U 298 46.66 35.68 73.31
N PRO U 299 45.73 35.64 74.30
CA PRO U 299 44.77 34.51 74.48
C PRO U 299 43.61 34.39 73.46
N ARG U 300 43.21 33.17 73.08
CA ARG U 300 42.14 32.96 72.05
C ARG U 300 40.98 32.13 72.59
N SER U 301 41.25 30.97 73.18
CA SER U 301 40.17 30.04 73.62
C SER U 301 40.43 29.37 74.97
N LEU U 302 39.38 29.05 75.71
CA LEU U 302 39.49 28.30 76.99
C LEU U 302 38.51 27.10 77.07
N ARG U 303 38.96 25.93 77.53
CA ARG U 303 38.09 24.74 77.81
C ARG U 303 38.32 24.23 79.24
N VAL U 304 37.25 23.99 80.01
CA VAL U 304 37.35 23.46 81.42
C VAL U 304 36.57 22.14 81.63
N LYS U 305 37.17 21.12 82.26
CA LYS U 305 36.49 19.86 82.65
C LYS U 305 36.67 19.54 84.16
N ILE U 306 35.59 19.19 84.87
CA ILE U 306 35.65 18.73 86.31
C ILE U 306 35.18 17.27 86.36
N PHE U 307 35.95 16.35 86.98
CA PHE U 307 35.73 14.87 86.89
C PHE U 307 36.31 14.07 88.05
N ASN U 308 36.00 12.75 88.15
CA ASN U 308 36.50 11.78 89.20
C ASN U 308 36.12 12.23 90.61
N ILE U 309 34.89 12.69 90.77
CA ILE U 309 34.38 13.21 92.06
C ILE U 309 34.29 12.13 93.16
N GLN U 310 34.70 12.46 94.38
CA GLN U 310 34.65 11.54 95.53
C GLN U 310 34.16 12.30 96.78
N VAL U 311 33.05 11.87 97.36
CA VAL U 311 32.45 12.53 98.56
C VAL U 311 32.74 11.63 99.77
N LYS U 312 33.26 12.22 100.85
CA LYS U 312 33.66 11.50 102.08
C LYS U 312 32.91 12.01 103.31
N GLU U 313 32.53 11.10 104.21
CA GLU U 313 31.86 11.49 105.48
C GLU U 313 32.84 11.28 106.64
N VAL U 314 32.92 12.26 107.53
CA VAL U 314 33.86 12.20 108.67
C VAL U 314 33.02 12.04 109.95
N THR U 315 33.36 11.06 110.77
CA THR U 315 32.60 10.80 112.02
C THR U 315 33.55 10.73 113.19
N VAL U 316 33.18 11.32 114.32
CA VAL U 316 34.04 11.17 115.53
C VAL U 316 33.27 10.47 116.66
N GLN U 317 33.80 9.36 117.19
CA GLN U 317 33.22 8.75 118.41
C GLN U 317 34.36 8.65 119.43
N ASP U 318 34.25 9.35 120.56
CA ASP U 318 35.28 9.22 121.63
C ASP U 318 36.67 9.51 121.07
N SER U 319 36.82 10.47 120.15
CA SER U 319 38.16 10.90 119.62
C SER U 319 38.77 9.98 118.53
N THR U 320 38.06 8.95 118.04
CA THR U 320 38.56 8.09 116.92
C THR U 320 38.73 8.81 115.57
N THR U 321 37.83 9.70 115.14
CA THR U 321 37.87 10.36 113.79
C THR U 321 37.93 9.43 112.55
N THR U 322 37.05 8.43 112.40
CA THR U 322 36.96 7.61 111.16
C THR U 322 36.49 8.38 109.92
N ILE U 323 37.03 8.08 108.74
CA ILE U 323 36.63 8.70 107.43
C ILE U 323 36.12 7.62 106.46
N ALA U 324 34.98 7.83 105.80
CA ALA U 324 34.36 6.84 104.88
C ALA U 324 33.77 7.45 103.61
N ASN U 325 33.69 6.67 102.54
CA ASN U 325 33.01 7.12 101.30
C ASN U 325 31.49 7.18 101.41
N ASN U 326 30.85 8.21 100.87
CA ASN U 326 29.36 8.22 100.74
C ASN U 326 29.06 8.22 99.24
N LEU U 327 28.56 7.12 98.69
CA LEU U 327 28.22 6.93 97.25
C LEU U 327 27.05 7.80 96.74
N THR U 328 26.03 7.98 97.56
CA THR U 328 24.79 8.69 97.15
C THR U 328 24.84 10.22 97.33
N SER U 329 25.89 10.78 97.93
CA SER U 329 26.07 12.26 98.12
C SER U 329 26.38 13.03 96.80
N THR U 330 26.01 14.30 96.74
CA THR U 330 26.16 15.13 95.50
C THR U 330 27.01 16.38 95.67
N VAL U 331 27.55 16.87 94.57
CA VAL U 331 28.29 18.16 94.50
C VAL U 331 27.49 19.03 93.51
N GLN U 332 27.42 20.35 93.72
CA GLN U 332 26.69 21.32 92.84
C GLN U 332 27.63 22.32 92.13
N VAL U 333 27.52 22.45 90.81
CA VAL U 333 28.44 23.30 89.98
C VAL U 333 27.67 24.25 89.03
N PHE U 334 28.10 25.49 88.91
CA PHE U 334 27.54 26.48 87.93
C PHE U 334 28.57 27.52 87.42
N THR U 335 28.29 28.13 86.27
CA THR U 335 29.11 29.24 85.72
C THR U 335 28.26 30.51 85.63
N ASP U 336 28.80 31.66 86.06
CA ASP U 336 28.08 32.98 85.99
C ASP U 336 28.28 33.65 84.63
N ASP U 337 27.59 33.20 83.61
CA ASP U 337 27.72 33.67 82.20
C ASP U 337 27.33 35.15 81.92
N ASP U 338 26.29 35.69 82.55
CA ASP U 338 25.78 37.07 82.32
C ASP U 338 26.39 38.10 83.27
N TYR U 339 27.33 37.75 84.13
CA TYR U 339 28.08 38.67 85.03
C TYR U 339 27.17 39.34 86.06
N GLN U 340 26.12 38.67 86.48
CA GLN U 340 25.21 39.13 87.54
C GLN U 340 25.89 39.23 88.91
N LEU U 341 26.74 38.29 89.25
CA LEU U 341 27.51 38.28 90.52
C LEU U 341 28.68 39.24 90.56
N PRO U 342 29.09 39.70 91.76
CA PRO U 342 30.34 40.45 91.86
C PRO U 342 31.55 39.59 91.44
N TYR U 343 32.48 40.11 90.62
CA TYR U 343 33.64 39.33 90.09
C TYR U 343 34.89 39.61 90.91
N VAL U 344 35.35 38.61 91.62
CA VAL U 344 36.50 38.78 92.56
C VAL U 344 37.79 38.17 91.99
N VAL U 345 37.74 37.56 90.79
CA VAL U 345 38.89 36.82 90.18
C VAL U 345 40.13 37.69 89.82
N GLY U 346 40.02 38.92 89.37
CA GLY U 346 41.16 39.72 88.82
C GLY U 346 41.87 40.66 89.77
N ASN U 347 41.85 40.44 91.08
CA ASN U 347 42.35 41.36 92.14
C ASN U 347 43.65 40.90 92.85
N GLY U 348 44.50 40.03 92.26
CA GLY U 348 45.78 39.52 92.82
C GLY U 348 45.69 38.71 94.09
N THR U 349 44.67 37.89 94.21
CA THR U 349 44.44 37.07 95.42
C THR U 349 44.90 35.64 95.26
N GLU U 350 45.24 34.99 96.36
CA GLU U 350 45.67 33.57 96.44
C GLU U 350 44.56 32.53 96.23
N GLY U 351 44.90 31.27 95.98
CA GLY U 351 43.93 30.19 95.65
C GLY U 351 43.86 29.73 94.21
N CYS U 352 44.72 30.19 93.31
CA CYS U 352 44.83 29.71 91.90
C CYS U 352 45.46 28.32 91.82
N LEU U 353 45.31 27.63 90.70
CA LEU U 353 45.92 26.30 90.49
C LEU U 353 47.46 26.43 90.65
N PRO U 354 48.09 25.43 91.29
CA PRO U 354 49.53 25.49 91.53
C PRO U 354 50.52 25.44 90.35
N ALA U 355 51.69 26.07 90.49
CA ALA U 355 52.77 26.07 89.47
C ALA U 355 53.28 24.65 89.18
N PHE U 356 53.41 23.79 90.20
CA PHE U 356 53.97 22.42 90.05
C PHE U 356 52.82 21.43 89.95
N PRO U 357 52.72 20.61 88.85
CA PRO U 357 51.62 19.66 88.63
C PRO U 357 51.24 18.63 89.71
N PRO U 358 52.18 17.98 90.43
CA PRO U 358 51.90 17.08 91.55
C PRO U 358 51.26 17.69 92.82
N GLN U 359 51.39 18.99 93.05
CA GLN U 359 50.85 19.67 94.26
C GLN U 359 49.31 19.62 94.33
N VAL U 360 48.78 19.39 95.53
CA VAL U 360 47.30 19.24 95.73
C VAL U 360 46.81 20.49 96.47
N PHE U 361 45.70 21.07 96.04
CA PHE U 361 45.27 22.38 96.59
C PHE U 361 43.83 22.49 97.14
N THR U 362 43.67 23.32 98.17
CA THR U 362 42.35 23.69 98.71
C THR U 362 41.72 24.84 97.93
N LEU U 363 40.45 24.72 97.53
CA LEU U 363 39.69 25.83 96.88
C LEU U 363 39.38 26.99 97.83
N PRO U 364 39.51 28.24 97.36
CA PRO U 364 39.09 29.40 98.14
C PRO U 364 37.57 29.58 98.39
N GLN U 365 37.18 30.09 99.55
CA GLN U 365 35.75 30.42 99.82
C GLN U 365 35.32 31.76 99.18
N TYR U 366 34.17 31.79 98.50
CA TYR U 366 33.56 33.01 97.91
C TYR U 366 32.96 33.99 98.93
N GLY U 367 33.17 35.28 98.72
CA GLY U 367 32.68 36.36 99.56
C GLY U 367 32.74 37.64 98.77
N TYR U 368 32.10 38.71 99.25
CA TYR U 368 32.11 40.03 98.55
C TYR U 368 31.87 41.17 99.51
N ALA U 369 32.26 42.37 99.11
CA ALA U 369 31.91 43.60 99.85
C ALA U 369 30.90 44.41 99.04
N THR U 370 29.82 44.87 99.67
CA THR U 370 28.83 45.81 99.07
C THR U 370 29.10 47.20 99.62
N LEU U 371 28.12 48.09 99.61
CA LEU U 371 28.23 49.45 100.18
C LEU U 371 28.24 49.52 101.71
N ASN U 372 28.97 50.49 102.25
CA ASN U 372 29.09 50.71 103.71
C ASN U 372 28.75 52.19 103.95
N ARG U 373 28.23 52.54 105.12
CA ARG U 373 27.75 53.93 105.36
C ARG U 373 28.73 54.79 106.16
N ASP U 374 29.14 55.93 105.61
CA ASP U 374 30.02 56.94 106.28
C ASP U 374 31.37 56.40 106.78
N ASN U 375 32.04 55.53 106.03
CA ASN U 375 33.35 54.91 106.43
C ASN U 375 33.20 54.17 107.78
N THR U 376 32.10 53.43 107.96
CA THR U 376 31.78 52.63 109.17
C THR U 376 31.33 51.22 108.77
N GLU U 377 31.16 50.26 109.70
CA GLU U 377 30.76 48.85 109.42
C GLU U 377 29.28 48.67 109.01
N ASN U 378 28.42 49.68 109.21
CA ASN U 378 26.98 49.67 108.86
C ASN U 378 26.65 49.72 107.36
N PRO U 379 25.58 49.05 106.93
CA PRO U 379 25.04 49.14 105.56
C PRO U 379 24.18 50.38 105.15
N THR U 380 23.86 50.50 103.87
CA THR U 380 23.02 51.56 103.27
C THR U 380 21.82 50.92 102.62
N GLU U 381 20.79 51.68 102.25
CA GLU U 381 19.59 51.21 101.50
C GLU U 381 19.97 50.67 100.13
N ARG U 382 20.95 51.25 99.45
CA ARG U 382 21.51 50.77 98.15
C ARG U 382 22.28 49.43 98.30
N SER U 383 22.74 49.06 99.49
CA SER U 383 23.54 47.82 99.75
C SER U 383 22.74 46.57 99.35
N SER U 384 23.39 45.60 98.70
CA SER U 384 22.75 44.42 98.04
C SER U 384 23.16 43.05 98.57
N PHE U 385 22.20 42.14 98.63
CA PHE U 385 22.44 40.72 99.02
C PHE U 385 22.22 39.84 97.79
N PHE U 386 23.14 38.93 97.56
CA PHE U 386 23.02 37.97 96.43
C PHE U 386 23.00 36.53 96.94
N CYS U 387 22.01 35.73 96.52
CA CYS U 387 21.91 34.28 96.81
C CYS U 387 22.40 33.43 95.61
N LEU U 388 23.38 32.55 95.80
CA LEU U 388 23.92 31.61 94.76
C LEU U 388 22.89 30.52 94.39
N GLU U 389 22.11 30.05 95.36
CA GLU U 389 21.08 28.99 95.17
C GLU U 389 19.93 29.47 94.29
N TYR U 390 19.76 30.77 94.13
CA TYR U 390 18.77 31.38 93.19
C TYR U 390 19.12 31.02 91.73
N PHE U 391 20.38 30.97 91.34
CA PHE U 391 20.81 30.51 90.00
C PHE U 391 20.61 29.01 89.79
N PRO U 392 20.34 28.51 88.56
CA PRO U 392 20.39 27.06 88.30
C PRO U 392 21.81 26.37 88.32
N SER U 393 21.94 25.16 88.89
CA SER U 393 23.24 24.42 88.97
C SER U 393 23.13 22.92 88.59
N LYS U 394 24.18 22.35 88.00
CA LYS U 394 24.26 20.90 87.75
C LYS U 394 24.53 20.12 89.07
N MET U 395 23.91 18.96 89.25
CA MET U 395 24.14 18.10 90.45
C MET U 395 24.92 16.83 90.04
N LEU U 396 26.02 16.57 90.74
CA LEU U 396 26.88 15.41 90.36
C LEU U 396 27.12 14.37 91.47
N ARG U 397 26.90 13.11 91.16
CA ARG U 397 27.32 11.97 92.01
C ARG U 397 28.74 11.50 91.53
N THR U 398 29.33 10.46 92.13
CA THR U 398 30.69 9.89 91.81
C THR U 398 30.89 9.52 90.35
N GLY U 399 29.90 8.97 89.65
CA GLY U 399 29.87 8.72 88.19
C GLY U 399 29.93 9.92 87.27
N ASN U 400 29.32 11.04 87.64
CA ASN U 400 29.11 12.28 86.83
C ASN U 400 30.30 13.23 86.58
N ASN U 401 30.25 14.01 85.50
CA ASN U 401 31.32 14.98 85.10
C ASN U 401 30.69 16.31 84.61
N PHE U 402 31.46 17.42 84.62
CA PHE U 402 31.02 18.74 84.10
C PHE U 402 32.00 19.32 83.06
N GLU U 403 31.51 19.93 81.99
CA GLU U 403 32.39 20.60 80.98
C GLU U 403 31.92 22.03 80.60
N PHE U 404 32.84 22.97 80.33
CA PHE U 404 32.53 24.34 79.84
C PHE U 404 33.51 24.79 78.70
N THR U 405 33.07 25.64 77.77
CA THR U 405 33.92 26.23 76.68
C THR U 405 33.76 27.75 76.62
N TYR U 406 34.84 28.50 76.38
CA TYR U 406 34.81 29.99 76.26
C TYR U 406 35.66 30.51 75.09
N ASN U 407 35.27 31.62 74.46
CA ASN U 407 36.08 32.33 73.42
C ASN U 407 36.42 33.73 73.90
N PHE U 408 37.68 34.12 73.79
CA PHE U 408 38.13 35.47 74.20
C PHE U 408 37.73 36.48 73.13
N GLU U 409 37.42 37.72 73.52
CA GLU U 409 37.15 38.83 72.57
C GLU U 409 38.47 39.29 71.89
N GLU U 410 38.39 39.96 70.74
CA GLU U 410 39.63 40.50 70.14
C GLU U 410 40.31 41.50 71.09
N VAL U 411 41.60 41.35 71.27
CA VAL U 411 42.39 42.17 72.23
C VAL U 411 43.73 42.44 71.55
N PRO U 412 44.43 43.55 71.85
CA PRO U 412 45.79 43.74 71.32
C PRO U 412 46.85 42.77 71.88
N PHE U 413 47.85 42.37 71.09
CA PHE U 413 48.96 41.50 71.54
C PHE U 413 49.81 42.21 72.59
N HIS U 414 50.28 41.52 73.63
CA HIS U 414 51.27 42.08 74.58
C HIS U 414 52.59 42.29 73.83
N SER U 415 53.34 43.36 74.17
CA SER U 415 54.64 43.63 73.51
C SER U 415 55.82 43.02 74.26
N SER U 416 56.35 41.89 73.78
CA SER U 416 57.54 41.21 74.34
C SER U 416 58.83 41.69 73.66
N PHE U 417 59.18 42.95 73.81
CA PHE U 417 60.40 43.52 73.19
C PHE U 417 60.82 44.76 73.98
N ALA U 418 62.08 45.12 73.85
CA ALA U 418 62.62 46.34 74.46
C ALA U 418 63.04 47.28 73.32
N PRO U 419 62.76 48.59 73.42
CA PRO U 419 63.26 49.55 72.44
C PRO U 419 64.78 49.71 72.31
N SER U 420 65.27 49.77 71.09
CA SER U 420 66.73 49.96 70.81
C SER U 420 67.08 51.45 70.57
N GLN U 421 66.11 52.37 70.63
CA GLN U 421 66.38 53.83 70.49
C GLN U 421 65.69 54.67 71.55
N ASN U 422 66.31 55.78 71.98
CA ASN U 422 65.71 56.81 72.84
C ASN U 422 64.67 57.63 72.06
N LEU U 423 63.55 58.03 72.68
CA LEU U 423 62.44 58.81 72.08
C LEU U 423 62.93 60.20 71.61
N PHE U 424 63.84 60.83 72.37
CA PHE U 424 64.41 62.16 72.04
C PHE U 424 65.67 62.14 71.10
N LYS U 425 66.21 61.00 70.65
CA LYS U 425 67.44 60.89 69.81
C LYS U 425 67.15 60.37 68.38
N LEU U 426 66.01 60.66 67.76
CA LEU U 426 65.58 60.09 66.45
C LEU U 426 66.04 60.84 65.18
N ALA U 427 66.56 62.06 65.31
CA ALA U 427 67.13 62.79 64.17
C ALA U 427 68.43 62.12 63.72
N ASN U 428 68.77 62.19 62.43
CA ASN U 428 70.06 61.65 61.95
C ASN U 428 71.18 62.40 62.66
N PRO U 429 72.20 61.69 63.19
CA PRO U 429 73.34 62.30 63.83
C PRO U 429 74.24 63.18 62.91
N LEU U 430 74.46 62.83 61.64
CA LEU U 430 75.19 63.55 60.57
C LEU U 430 74.58 64.87 60.07
N VAL U 431 73.26 65.01 59.99
CA VAL U 431 72.61 66.19 59.35
C VAL U 431 71.95 67.22 60.28
N ASP U 432 72.20 68.51 60.07
CA ASP U 432 71.54 69.65 60.79
C ASP U 432 70.07 69.88 60.42
N GLN U 433 69.27 70.36 61.35
CA GLN U 433 67.87 70.76 61.11
C GLN U 433 67.72 72.09 60.33
N TYR U 434 66.66 72.29 59.54
CA TYR U 434 66.36 73.62 58.91
C TYR U 434 65.55 74.51 59.89
N LEU U 435 65.71 74.35 61.19
CA LEU U 435 64.89 75.03 62.22
C LEU U 435 65.78 75.80 63.19
N TYR U 436 65.26 76.87 63.77
CA TYR U 436 66.07 77.77 64.62
C TYR U 436 65.42 77.99 65.99
N ARG U 437 66.24 78.32 66.98
CA ARG U 437 65.77 78.49 68.37
C ARG U 437 66.23 79.86 68.94
N PHE U 438 65.47 80.39 69.89
CA PHE U 438 65.88 81.63 70.59
C PHE U 438 66.89 81.30 71.65
N VAL U 439 68.01 82.00 71.63
CA VAL U 439 69.05 81.77 72.63
C VAL U 439 69.40 83.00 73.47
N SER U 440 69.03 84.20 73.02
CA SER U 440 69.60 85.41 73.69
C SER U 440 68.87 86.74 73.48
N THR U 441 69.21 87.71 74.33
CA THR U 441 68.76 89.09 74.16
C THR U 441 70.04 89.93 74.23
N ASN U 442 70.17 91.01 73.47
CA ASN U 442 71.36 91.94 73.50
C ASN U 442 71.26 93.01 74.61
N ASN U 443 72.20 93.97 74.68
CA ASN U 443 72.25 95.01 75.74
C ASN U 443 70.96 95.83 75.68
N THR U 444 70.43 96.16 74.50
CA THR U 444 69.06 96.70 74.36
C THR U 444 68.34 95.39 74.25
N GLY U 445 67.20 95.15 74.86
CA GLY U 445 66.72 93.74 74.89
C GLY U 445 66.17 93.20 73.59
N GLY U 446 67.01 93.04 72.56
CA GLY U 446 66.59 92.56 71.22
C GLY U 446 66.86 91.09 71.04
N VAL U 447 65.89 90.34 70.54
CA VAL U 447 65.98 88.84 70.42
C VAL U 447 67.02 88.34 69.42
N GLN U 448 67.66 87.22 69.75
CA GLN U 448 68.75 86.63 68.91
C GLN U 448 68.49 85.13 68.71
N PHE U 449 68.93 84.58 67.57
CA PHE U 449 68.61 83.18 67.21
C PHE U 449 69.83 82.39 66.72
N ASN U 450 69.81 81.07 66.89
CA ASN U 450 70.89 80.16 66.39
C ASN U 450 70.26 78.95 65.72
N LYS U 451 70.90 78.41 64.70
CA LYS U 451 70.47 77.15 64.02
C LYS U 451 70.70 75.89 64.86
N ASN U 452 69.90 74.85 64.64
CA ASN U 452 70.06 73.59 65.39
C ASN U 452 71.03 72.66 64.66
N LEU U 453 72.17 72.33 65.30
CA LEU U 453 73.26 71.48 64.74
C LEU U 453 73.04 69.96 64.83
N ALA U 454 73.75 69.19 64.01
CA ALA U 454 73.65 67.71 64.01
C ALA U 454 74.12 67.07 65.33
N GLY U 455 73.32 66.15 65.87
CA GLY U 455 73.61 65.41 67.11
C GLY U 455 73.34 66.15 68.41
N ARG U 456 72.84 67.39 68.35
CA ARG U 456 72.58 68.23 69.56
C ARG U 456 71.13 67.95 70.06
N TYR U 457 70.89 66.79 70.68
CA TYR U 457 69.56 66.26 71.12
C TYR U 457 68.94 67.13 72.21
N ALA U 458 69.78 67.81 73.00
CA ALA U 458 69.32 68.76 74.01
C ALA U 458 68.52 69.90 73.36
N ASN U 459 68.87 70.37 72.15
CA ASN U 459 68.25 71.57 71.50
C ASN U 459 67.48 71.31 70.20
N THR U 460 66.82 70.20 69.98
CA THR U 460 66.25 69.77 68.67
C THR U 460 64.75 69.83 68.77
N TYR U 461 64.05 70.18 67.70
CA TYR U 461 62.57 70.18 67.65
C TYR U 461 62.11 68.73 67.73
N LYS U 462 61.04 68.48 68.47
CA LYS U 462 60.55 67.10 68.72
C LYS U 462 59.10 66.88 68.30
N ASN U 463 58.77 65.85 67.55
CA ASN U 463 57.37 65.41 67.23
C ASN U 463 56.57 64.79 68.39
N TRP U 464 57.20 64.01 69.27
CA TRP U 464 56.47 63.13 70.20
C TRP U 464 56.94 63.30 71.64
N PHE U 465 56.07 62.97 72.57
CA PHE U 465 56.33 63.24 74.00
C PHE U 465 56.18 61.97 74.80
N PRO U 466 56.89 61.89 75.94
CA PRO U 466 56.75 60.77 76.87
C PRO U 466 55.43 60.68 77.63
N GLY U 467 55.10 59.49 78.14
CA GLY U 467 53.84 59.21 78.86
C GLY U 467 53.69 59.79 80.26
N PRO U 468 52.47 59.76 80.83
CA PRO U 468 52.19 60.39 82.12
C PRO U 468 52.92 59.92 83.39
N MET U 469 53.23 60.84 84.30
CA MET U 469 54.04 60.50 85.49
C MET U 469 53.52 61.09 86.82
N GLY U 470 53.66 60.42 87.95
CA GLY U 470 53.42 60.99 89.29
C GLY U 470 54.61 60.68 90.19
N ARG U 471 55.23 61.61 90.89
CA ARG U 471 56.47 61.28 91.67
C ARG U 471 56.25 60.29 92.86
N THR U 472 57.10 59.27 93.01
CA THR U 472 57.05 58.24 94.07
C THR U 472 58.42 58.10 94.69
N GLN U 473 58.52 57.89 96.01
CA GLN U 473 59.82 57.87 96.73
C GLN U 473 60.74 56.72 96.28
N GLY U 474 62.05 56.99 96.19
CA GLY U 474 63.05 55.99 95.80
C GLY U 474 63.86 55.48 96.97
N TRP U 475 64.01 54.16 97.07
CA TRP U 475 64.78 53.51 98.16
C TRP U 475 65.92 52.66 97.60
N ASN U 476 67.11 52.77 98.17
CA ASN U 476 68.30 51.99 97.75
C ASN U 476 68.21 50.54 98.24
N LEU U 477 68.75 49.59 97.48
CA LEU U 477 68.72 48.14 97.79
C LEU U 477 70.19 47.68 97.77
N GLY U 478 70.52 46.53 98.36
CA GLY U 478 71.93 46.09 98.45
C GLY U 478 72.78 47.01 99.29
N SER U 479 73.84 47.58 98.70
CA SER U 479 74.73 48.50 99.44
C SER U 479 73.91 49.72 99.90
N GLY U 480 72.99 50.26 99.11
CA GLY U 480 72.03 51.24 99.67
C GLY U 480 72.57 52.49 100.29
N VAL U 481 72.24 52.75 101.56
CA VAL U 481 72.59 54.03 102.29
C VAL U 481 71.32 54.88 102.57
N ASN U 482 70.14 54.28 102.68
CA ASN U 482 68.82 54.94 103.03
C ASN U 482 68.66 55.42 104.49
N ARG U 483 67.73 56.34 104.77
CA ARG U 483 67.41 56.88 106.13
C ARG U 483 66.87 55.84 107.13
N ALA U 484 67.34 55.89 108.39
CA ALA U 484 67.01 54.91 109.45
C ALA U 484 65.70 55.08 110.22
N SER U 485 65.13 53.98 110.75
CA SER U 485 63.95 54.00 111.65
C SER U 485 62.69 54.69 111.10
N VAL U 486 62.37 54.48 109.83
CA VAL U 486 61.22 55.17 109.18
C VAL U 486 59.94 54.34 109.21
N SER U 487 58.79 54.96 109.52
CA SER U 487 57.48 54.27 109.33
C SER U 487 56.96 54.81 108.00
N ALA U 488 56.77 53.95 107.00
CA ALA U 488 56.42 54.32 105.61
C ALA U 488 55.04 54.97 105.36
N PHE U 489 53.95 54.61 106.04
CA PHE U 489 52.55 54.95 105.64
C PHE U 489 52.16 56.45 105.54
N ALA U 490 52.59 57.33 106.43
CA ALA U 490 52.22 58.76 106.41
C ALA U 490 52.70 59.45 105.12
N THR U 491 53.88 59.10 104.61
CA THR U 491 54.48 59.74 103.43
C THR U 491 54.21 59.00 102.12
N THR U 492 53.40 57.95 102.11
CA THR U 492 53.03 57.19 100.89
C THR U 492 52.08 57.92 99.96
N ASN U 493 52.06 57.58 98.66
CA ASN U 493 51.12 58.15 97.65
C ASN U 493 49.67 57.71 97.92
N ARG U 494 48.71 58.60 97.74
CA ARG U 494 47.30 58.28 98.08
C ARG U 494 46.28 58.92 97.13
N MET U 495 45.10 58.33 97.00
CA MET U 495 43.97 58.91 96.25
C MET U 495 42.77 58.94 97.23
N GLU U 496 41.90 59.95 97.17
CA GLU U 496 40.77 60.11 98.12
C GLU U 496 39.44 59.68 97.47
N LEU U 497 38.69 58.73 98.07
CA LEU U 497 37.34 58.34 97.58
C LEU U 497 36.33 58.36 98.72
N GLU U 498 35.16 58.99 98.58
CA GLU U 498 34.03 58.95 99.57
C GLU U 498 34.44 59.37 100.99
N GLY U 499 35.32 60.35 101.16
CA GLY U 499 35.81 60.72 102.50
C GLY U 499 36.94 59.88 103.09
N ALA U 500 37.56 58.95 102.38
CA ALA U 500 38.71 58.20 102.96
C ALA U 500 39.97 58.27 102.08
N SER U 501 41.17 58.16 102.67
CA SER U 501 42.46 58.16 101.94
C SER U 501 42.93 56.72 101.67
N TYR U 502 43.22 56.41 100.44
CA TYR U 502 43.62 55.02 100.07
C TYR U 502 44.99 54.96 99.44
N GLN U 503 45.80 54.02 99.89
CA GLN U 503 47.05 53.73 99.16
C GLN U 503 46.63 53.06 97.85
N VAL U 504 47.32 53.34 96.77
CA VAL U 504 47.04 52.76 95.42
C VAL U 504 48.41 52.15 95.05
N PRO U 505 48.75 50.97 95.62
CA PRO U 505 50.10 50.41 95.53
C PRO U 505 50.66 50.11 94.18
N PRO U 506 49.98 49.62 93.12
CA PRO U 506 50.64 49.60 91.82
C PRO U 506 50.39 51.07 91.42
N GLN U 507 51.37 51.82 90.95
CA GLN U 507 50.96 53.18 90.47
C GLN U 507 50.32 53.06 89.06
N PRO U 508 49.67 54.09 88.46
CA PRO U 508 49.18 54.04 87.08
C PRO U 508 50.27 53.95 85.95
N ASN U 509 50.01 53.34 84.78
CA ASN U 509 51.00 53.11 83.67
C ASN U 509 51.72 54.32 83.04
N GLY U 510 52.90 54.12 82.42
CA GLY U 510 53.73 55.17 81.79
C GLY U 510 54.99 55.58 82.49
N MET U 511 55.36 54.89 83.56
CA MET U 511 56.62 55.21 84.27
C MET U 511 57.58 54.01 84.37
N THR U 512 58.84 54.25 84.71
CA THR U 512 59.81 53.18 85.04
C THR U 512 60.26 53.31 86.50
N ASN U 513 60.17 52.27 87.31
CA ASN U 513 60.69 52.17 88.72
C ASN U 513 62.23 52.20 88.90
N ASN U 514 63.01 51.58 88.01
CA ASN U 514 64.49 51.45 88.18
C ASN U 514 65.23 51.88 86.91
N LEU U 515 66.32 52.65 87.02
CA LEU U 515 67.16 53.06 85.84
C LEU U 515 67.98 51.98 85.07
N GLN U 516 68.64 50.99 85.65
CA GLN U 516 69.54 49.97 84.98
C GLN U 516 70.89 50.12 85.69
N GLY U 517 71.53 49.01 86.05
CA GLY U 517 72.63 49.24 87.00
C GLY U 517 71.83 49.76 88.19
N SER U 518 72.06 50.96 88.68
CA SER U 518 71.35 51.58 89.84
C SER U 518 70.62 50.68 90.85
N ASN U 519 70.77 51.02 92.12
CA ASN U 519 70.12 50.26 93.23
C ASN U 519 68.95 51.07 93.78
N THR U 520 68.55 52.17 93.12
CA THR U 520 67.36 52.94 93.52
C THR U 520 66.11 52.37 92.86
N TYR U 521 65.10 52.11 93.67
CA TYR U 521 63.82 51.54 93.19
C TYR U 521 62.72 52.34 93.78
N ALA U 522 61.71 52.64 92.97
CA ALA U 522 60.51 53.25 93.57
C ALA U 522 59.62 52.07 93.99
N LEU U 523 59.56 51.75 95.28
CA LEU U 523 58.89 50.53 95.85
C LEU U 523 57.37 50.46 95.60
N GLU U 524 56.65 51.58 95.66
CA GLU U 524 55.19 51.61 95.41
C GLU U 524 54.86 51.54 93.91
N ASN U 525 55.83 51.59 93.01
CA ASN U 525 55.63 51.37 91.54
C ASN U 525 56.08 49.94 91.14
N THR U 526 56.41 49.07 92.07
CA THR U 526 56.97 47.73 91.72
C THR U 526 56.10 46.58 92.20
N MET U 527 55.92 45.55 91.38
CA MET U 527 55.29 44.29 91.82
C MET U 527 56.28 43.52 92.73
N ILE U 528 55.87 43.18 93.95
CA ILE U 528 56.71 42.40 94.90
C ILE U 528 56.05 41.03 95.17
N PHE U 529 56.81 39.96 95.07
CA PHE U 529 56.31 38.55 95.18
C PHE U 529 57.16 37.78 96.16
N ASN U 530 56.65 36.67 96.68
CA ASN U 530 57.39 35.74 97.57
C ASN U 530 57.74 34.48 96.76
N SER U 531 58.96 33.96 96.89
CA SER U 531 59.38 32.69 96.23
C SER U 531 58.53 31.51 96.75
N GLN U 532 58.24 31.48 98.05
CA GLN U 532 57.46 30.40 98.70
C GLN U 532 56.07 30.88 99.10
N PRO U 533 55.02 30.02 99.08
CA PRO U 533 53.69 30.37 99.58
C PRO U 533 53.67 30.60 101.09
N ALA U 534 52.74 31.43 101.56
CA ALA U 534 52.70 31.82 102.99
C ALA U 534 51.41 31.39 103.67
N ASN U 535 51.49 31.18 104.98
CA ASN U 535 50.30 30.87 105.81
C ASN U 535 49.38 32.10 105.90
N PRO U 536 48.05 31.93 105.98
CA PRO U 536 47.15 33.07 106.13
C PRO U 536 47.27 33.90 107.40
N GLY U 537 47.19 35.24 107.26
CA GLY U 537 47.22 36.16 108.40
C GLY U 537 48.60 36.47 108.94
N THR U 538 49.65 36.07 108.27
CA THR U 538 51.02 36.29 108.79
C THR U 538 51.28 37.78 108.96
N THR U 539 51.91 38.18 110.06
CA THR U 539 52.31 39.59 110.30
C THR U 539 53.81 39.70 110.37
N ALA U 540 54.55 38.67 109.95
CA ALA U 540 56.03 38.61 110.01
C ALA U 540 56.75 39.66 109.12
N THR U 541 57.84 40.24 109.61
CA THR U 541 58.67 41.15 108.78
C THR U 541 59.46 40.35 107.76
N TYR U 542 59.60 40.87 106.55
CA TYR U 542 60.40 40.21 105.49
C TYR U 542 61.48 41.16 105.02
N LEU U 543 62.71 40.67 104.98
CA LEU U 543 63.85 41.42 104.39
C LEU U 543 63.91 41.22 102.86
N GLU U 544 64.76 41.96 102.15
CA GLU U 544 64.90 41.95 100.67
C GLU U 544 65.30 40.58 100.10
N GLY U 545 66.17 39.82 100.78
CA GLY U 545 66.64 38.51 100.29
C GLY U 545 65.52 37.52 100.13
N ASN U 546 64.53 37.49 101.02
CA ASN U 546 63.31 36.66 100.84
C ASN U 546 62.47 37.10 99.64
N MET U 547 62.37 38.40 99.34
CA MET U 547 61.43 38.90 98.31
C MET U 547 61.89 38.79 96.84
N LEU U 548 60.94 38.69 95.90
CA LEU U 548 61.28 38.74 94.46
C LEU U 548 60.85 40.12 93.97
N ILE U 549 61.79 40.99 93.56
CA ILE U 549 61.47 42.40 93.19
C ILE U 549 61.72 42.62 91.70
N THR U 550 60.71 43.07 90.98
CA THR U 550 60.73 43.33 89.52
C THR U 550 61.36 44.68 89.14
N SER U 551 61.89 44.79 87.93
CA SER U 551 62.49 46.04 87.38
C SER U 551 61.86 46.30 86.02
N GLU U 552 61.60 47.55 85.67
CA GLU U 552 60.99 47.97 84.40
C GLU U 552 62.04 48.72 83.56
N SER U 553 63.33 48.50 83.77
CA SER U 553 64.46 49.26 83.16
C SER U 553 64.48 49.20 81.62
N GLU U 554 63.92 48.17 80.98
CA GLU U 554 63.81 48.03 79.51
C GLU U 554 62.98 49.18 78.89
N THR U 555 61.96 49.68 79.56
CA THR U 555 61.04 50.75 79.08
C THR U 555 61.59 52.15 79.28
N GLN U 556 62.78 52.32 79.87
CA GLN U 556 63.40 53.64 80.22
C GLN U 556 63.63 54.53 78.97
N PRO U 557 64.01 54.04 77.76
CA PRO U 557 64.05 54.87 76.56
C PRO U 557 62.76 55.67 76.23
N VAL U 558 61.54 55.19 76.57
CA VAL U 558 60.24 55.94 76.45
C VAL U 558 59.48 56.23 77.77
N ASN U 559 59.91 55.79 78.94
CA ASN U 559 59.10 55.95 80.17
C ASN U 559 59.88 56.77 81.18
N ARG U 560 59.25 57.79 81.75
CA ARG U 560 59.92 58.65 82.76
C ARG U 560 60.17 57.91 84.09
N VAL U 561 61.25 58.25 84.77
CA VAL U 561 61.57 57.67 86.11
C VAL U 561 60.66 58.24 87.23
N ALA U 562 60.06 57.36 88.05
CA ALA U 562 59.12 57.70 89.16
C ALA U 562 59.75 58.53 90.29
N TYR U 563 60.97 58.21 90.70
CA TYR U 563 61.67 58.92 91.82
C TYR U 563 61.98 60.40 91.44
N ASN U 564 62.33 60.69 90.20
CA ASN U 564 62.73 62.06 89.73
C ASN U 564 61.56 63.01 89.39
N VAL U 565 61.78 64.33 89.38
CA VAL U 565 60.79 65.36 88.88
C VAL U 565 60.60 65.22 87.35
N GLY U 566 59.39 65.44 86.82
CA GLY U 566 59.05 65.38 85.37
C GLY U 566 59.66 66.39 84.41
N GLY U 567 59.79 67.67 84.77
CA GLY U 567 60.24 68.72 83.85
C GLY U 567 60.06 70.09 84.47
N GLN U 568 60.21 71.16 83.69
CA GLN U 568 60.04 72.57 84.16
C GLN U 568 59.11 73.38 83.22
N MET U 569 58.35 74.36 83.74
CA MET U 569 57.45 75.26 82.97
C MET U 569 57.63 76.72 83.45
N ALA U 570 57.25 77.72 82.65
CA ALA U 570 57.33 79.17 83.00
C ALA U 570 56.36 79.59 84.13
N THR U 571 56.84 80.41 85.06
CA THR U 571 56.05 80.85 86.23
C THR U 571 55.81 82.36 86.26
N ASN U 572 56.22 83.12 85.25
CA ASN U 572 56.20 84.60 85.32
C ASN U 572 56.19 85.22 83.93
N ASN U 573 56.03 86.54 83.86
CA ASN U 573 56.20 87.28 82.59
C ASN U 573 57.47 88.12 82.71
N GLN U 574 58.41 88.00 81.76
CA GLN U 574 59.68 88.79 81.73
C GLN U 574 59.38 90.26 81.37
N SER U 575 60.21 91.18 81.84
CA SER U 575 60.06 92.64 81.57
C SER U 575 61.46 93.25 81.72
N SER U 576 61.65 94.50 81.34
CA SER U 576 62.97 95.12 81.59
C SER U 576 63.25 95.10 83.08
N THR U 577 62.28 95.40 83.94
CA THR U 577 62.39 95.27 85.41
C THR U 577 62.56 93.83 85.89
N THR U 578 61.89 92.85 85.30
CA THR U 578 61.88 91.46 85.84
C THR U 578 62.55 90.41 84.98
N ALA U 579 63.47 89.64 85.56
CA ALA U 579 64.12 88.47 84.88
C ALA U 579 63.14 87.31 84.71
N PRO U 580 63.28 86.49 83.66
CA PRO U 580 62.46 85.28 83.50
C PRO U 580 62.67 84.16 84.55
N ALA U 581 61.63 83.42 84.93
CA ALA U 581 61.68 82.37 85.97
C ALA U 581 61.00 81.06 85.55
N THR U 582 61.47 79.92 86.07
CA THR U 582 60.86 78.59 85.78
C THR U 582 60.55 77.86 87.07
N GLY U 583 59.64 76.89 87.01
CA GLY U 583 59.38 76.02 88.17
C GLY U 583 59.27 74.55 87.80
N THR U 584 59.80 73.64 88.62
CA THR U 584 59.63 72.16 88.42
C THR U 584 58.24 71.65 88.75
N TYR U 585 57.79 70.59 88.11
CA TYR U 585 56.48 69.92 88.41
C TYR U 585 56.70 68.45 88.89
N ASN U 586 55.89 67.93 89.83
CA ASN U 586 56.00 66.55 90.38
C ASN U 586 54.98 65.59 89.73
N LEU U 587 54.03 66.11 88.97
CA LEU U 587 53.00 65.28 88.29
C LEU U 587 52.61 65.84 86.92
N GLN U 588 52.30 64.99 85.95
CA GLN U 588 51.75 65.43 84.64
C GLN U 588 50.86 64.30 84.12
N GLU U 589 49.90 64.60 83.29
CA GLU U 589 48.92 63.60 82.80
C GLU U 589 48.98 63.59 81.28
N ILE U 590 48.09 62.88 80.60
CA ILE U 590 48.12 62.70 79.12
C ILE U 590 48.03 64.01 78.33
N VAL U 591 48.82 64.11 77.29
CA VAL U 591 48.87 65.29 76.38
C VAL U 591 48.78 64.70 74.97
N PRO U 592 48.28 65.43 73.96
CA PRO U 592 48.29 64.90 72.59
C PRO U 592 49.71 64.66 72.04
N GLY U 593 49.94 63.57 71.29
CA GLY U 593 51.29 63.16 70.84
C GLY U 593 52.07 62.34 71.86
N SER U 594 51.45 61.93 72.96
CA SER U 594 52.02 61.09 74.03
C SER U 594 52.23 59.62 73.62
N VAL U 595 53.39 59.05 73.94
CA VAL U 595 53.72 57.61 73.66
C VAL U 595 54.28 56.97 74.95
N TRP U 596 53.94 55.72 75.23
CA TRP U 596 54.47 54.98 76.42
C TRP U 596 54.41 53.47 76.21
N MET U 597 55.08 52.73 77.07
CA MET U 597 55.02 51.24 77.11
C MET U 597 54.27 50.76 78.37
N GLU U 598 53.36 49.81 78.23
CA GLU U 598 52.63 49.19 79.37
C GLU U 598 53.54 48.26 80.20
N ARG U 599 53.17 47.98 81.44
CA ARG U 599 53.92 47.07 82.35
C ARG U 599 54.05 45.64 81.80
N ASP U 600 55.22 45.02 82.01
CA ASP U 600 55.52 43.63 81.59
C ASP U 600 54.78 42.54 82.38
N VAL U 601 54.43 41.46 81.73
CA VAL U 601 53.88 40.23 82.39
C VAL U 601 55.00 39.37 83.01
N TYR U 602 54.67 38.58 84.02
CA TYR U 602 55.64 37.68 84.71
C TYR U 602 55.02 36.29 84.76
N LEU U 603 55.85 35.24 84.83
CA LEU U 603 55.34 33.84 84.96
C LEU U 603 54.56 33.70 86.29
N GLN U 604 55.02 34.28 87.39
CA GLN U 604 54.34 34.36 88.71
C GLN U 604 53.07 35.24 88.67
N GLY U 605 52.96 36.22 87.77
CA GLY U 605 51.83 37.16 87.64
C GLY U 605 50.51 36.78 86.99
N PRO U 606 49.46 37.63 87.15
CA PRO U 606 48.17 37.50 86.45
C PRO U 606 47.94 37.76 84.96
N ILE U 607 47.19 36.93 84.23
CA ILE U 607 46.77 37.21 82.80
C ILE U 607 45.73 38.33 82.53
N TRP U 608 44.63 38.41 83.28
CA TRP U 608 43.52 39.31 82.92
C TRP U 608 42.86 40.05 84.09
N ALA U 609 42.12 41.12 83.80
CA ALA U 609 41.30 41.85 84.79
C ALA U 609 39.99 42.25 84.09
N LYS U 610 38.90 42.33 84.85
CA LYS U 610 37.60 42.79 84.32
C LYS U 610 37.50 44.33 84.32
N ILE U 611 37.12 44.91 83.19
CA ILE U 611 36.85 46.37 83.13
C ILE U 611 35.55 46.66 83.92
N PRO U 612 35.52 47.65 84.83
CA PRO U 612 34.30 48.00 85.58
C PRO U 612 33.20 48.67 84.75
N GLU U 613 31.93 48.36 85.03
CA GLU U 613 30.82 48.90 84.19
C GLU U 613 30.29 50.24 84.74
N THR U 614 30.73 51.38 84.19
CA THR U 614 30.33 52.72 84.63
C THR U 614 29.72 53.46 83.47
N GLY U 615 29.94 52.99 82.26
CA GLY U 615 29.56 53.68 81.02
C GLY U 615 30.62 54.63 80.50
N ALA U 616 31.70 54.92 81.24
CA ALA U 616 32.82 55.77 80.73
C ALA U 616 34.18 55.27 81.20
N HIS U 617 35.16 55.18 80.32
CA HIS U 617 36.55 54.78 80.69
C HIS U 617 37.55 55.33 79.67
N PHE U 618 38.82 55.41 80.05
CA PHE U 618 39.91 55.77 79.11
C PHE U 618 40.99 54.71 79.09
N HIS U 619 41.43 54.23 77.91
CA HIS U 619 42.60 53.31 77.72
C HIS U 619 42.62 52.18 78.75
N PRO U 620 41.95 51.06 78.46
CA PRO U 620 41.72 50.04 79.50
C PRO U 620 42.70 48.89 79.71
N SER U 621 43.88 49.27 80.17
CA SER U 621 44.95 48.30 80.45
C SER U 621 45.13 48.27 81.98
N PRO U 622 45.03 47.10 82.65
CA PRO U 622 45.16 47.07 84.11
C PRO U 622 46.56 47.38 84.68
N ALA U 623 46.63 48.04 85.84
CA ALA U 623 47.90 48.49 86.44
C ALA U 623 48.87 47.37 86.83
N MET U 624 48.39 46.25 87.38
CA MET U 624 49.20 45.06 87.76
C MET U 624 49.82 44.44 86.49
N GLY U 625 49.16 44.49 85.35
CA GLY U 625 49.64 43.94 84.07
C GLY U 625 48.57 43.09 83.41
N GLY U 626 48.82 42.64 82.18
CA GLY U 626 47.87 41.77 81.48
C GLY U 626 46.83 42.37 80.56
N PHE U 627 45.75 41.64 80.33
CA PHE U 627 44.69 42.01 79.34
C PHE U 627 43.41 42.45 80.05
N GLY U 628 42.88 43.60 79.66
CA GLY U 628 41.64 44.14 80.22
C GLY U 628 40.47 43.71 79.38
N LEU U 629 39.51 43.05 80.00
CA LEU U 629 38.39 42.47 79.22
C LEU U 629 37.01 42.95 79.66
N LYS U 630 36.18 43.40 78.73
CA LYS U 630 34.75 43.71 79.02
C LYS U 630 33.98 42.44 79.41
N HIS U 631 34.22 41.33 78.74
CA HIS U 631 33.56 40.03 79.04
C HIS U 631 34.63 38.99 79.37
N PRO U 632 35.06 38.91 80.64
CA PRO U 632 36.09 37.99 81.09
C PRO U 632 35.71 36.51 81.20
N PRO U 633 36.66 35.57 81.27
CA PRO U 633 36.27 34.18 81.45
C PRO U 633 35.46 34.11 82.77
N PRO U 634 34.28 33.43 82.77
CA PRO U 634 33.38 33.47 83.92
C PRO U 634 33.67 32.77 85.24
N MET U 635 33.11 33.28 86.34
CA MET U 635 33.24 32.66 87.68
C MET U 635 32.64 31.23 87.72
N MET U 636 33.40 30.28 88.27
CA MET U 636 32.97 28.86 88.38
C MET U 636 32.82 28.54 89.87
N LEU U 637 31.63 28.13 90.28
CA LEU U 637 31.30 27.95 91.72
C LEU U 637 30.89 26.51 92.03
N ILE U 638 31.43 25.96 93.11
CA ILE U 638 31.14 24.56 93.53
C ILE U 638 30.77 24.51 95.02
N LYS U 639 29.77 23.72 95.36
CA LYS U 639 29.42 23.51 96.79
C LYS U 639 29.10 22.04 97.11
N ASN U 640 29.24 21.65 98.36
CA ASN U 640 28.77 20.31 98.82
C ASN U 640 27.30 20.44 99.21
N THR U 641 26.44 19.56 98.71
CA THR U 641 25.00 19.56 99.09
C THR U 641 24.82 19.22 100.57
N PRO U 642 23.98 19.98 101.32
CA PRO U 642 23.66 19.63 102.70
C PRO U 642 23.02 18.25 102.85
N VAL U 643 23.59 17.44 103.73
CA VAL U 643 22.98 16.13 104.03
C VAL U 643 22.60 16.16 105.52
N PRO U 644 21.29 16.04 105.83
CA PRO U 644 20.83 16.08 107.23
C PRO U 644 21.11 14.96 108.24
N GLY U 645 21.30 15.29 109.52
CA GLY U 645 21.42 14.34 110.65
C GLY U 645 20.05 13.83 111.07
N ASN U 646 19.96 12.88 111.99
CA ASN U 646 18.64 12.24 112.29
C ASN U 646 17.64 13.23 112.90
N ILE U 647 16.46 13.35 112.29
CA ILE U 647 15.39 14.26 112.81
C ILE U 647 14.17 13.39 113.10
N THR U 648 13.62 13.45 114.30
CA THR U 648 12.51 12.54 114.70
C THR U 648 11.20 13.29 114.87
N SER U 649 11.21 14.61 114.89
CA SER U 649 9.99 15.42 115.14
C SER U 649 9.86 16.57 114.13
N PHE U 650 8.65 17.03 113.84
CA PHE U 650 8.39 18.20 112.96
C PHE U 650 8.64 19.57 113.61
N SER U 651 9.29 20.48 112.89
CA SER U 651 9.37 21.90 113.33
C SER U 651 9.26 22.80 112.11
N ASP U 652 8.63 23.96 112.24
CA ASP U 652 8.66 25.04 111.21
C ASP U 652 10.09 25.58 111.13
N VAL U 653 10.80 25.65 112.27
CA VAL U 653 12.20 26.17 112.33
C VAL U 653 13.13 25.30 111.48
N PRO U 654 14.01 25.89 110.63
CA PRO U 654 14.93 25.14 109.77
C PRO U 654 15.97 24.26 110.44
N VAL U 655 16.29 23.12 109.82
CA VAL U 655 17.29 22.18 110.40
C VAL U 655 18.69 22.81 110.45
N SER U 656 19.35 22.65 111.59
CA SER U 656 20.72 23.14 111.82
C SER U 656 21.69 21.96 112.05
N SER U 657 21.22 20.73 111.97
CA SER U 657 22.06 19.53 112.26
C SER U 657 22.31 18.74 110.96
N PHE U 658 23.57 18.57 110.60
CA PHE U 658 23.93 17.95 109.30
C PHE U 658 25.09 16.99 109.49
N ILE U 659 25.18 15.95 108.68
CA ILE U 659 26.40 15.08 108.71
C ILE U 659 27.64 15.84 108.16
N THR U 660 28.84 15.70 108.75
CA THR U 660 30.10 16.38 108.29
C THR U 660 30.71 15.69 107.07
N GLN U 661 30.99 16.46 106.01
CA GLN U 661 31.44 15.91 104.70
C GLN U 661 32.46 16.80 103.96
N TYR U 662 33.26 16.23 103.06
CA TYR U 662 34.23 16.99 102.21
C TYR U 662 34.25 16.33 100.84
N SER U 663 34.70 17.07 99.82
CA SER U 663 34.81 16.50 98.44
C SER U 663 36.22 16.64 97.83
N THR U 664 36.54 15.74 96.91
CA THR U 664 37.85 15.75 96.22
C THR U 664 37.66 15.38 94.74
N GLY U 665 38.54 15.82 93.84
CA GLY U 665 38.48 15.47 92.42
C GLY U 665 39.62 15.98 91.57
N GLN U 666 39.49 15.88 90.25
CA GLN U 666 40.48 16.40 89.26
C GLN U 666 39.89 17.49 88.34
N VAL U 667 40.68 18.51 88.02
CA VAL U 667 40.25 19.60 87.07
C VAL U 667 41.27 19.71 85.91
N THR U 668 40.78 19.84 84.68
CA THR U 668 41.64 20.08 83.51
C THR U 668 41.32 21.42 82.84
N VAL U 669 42.33 22.26 82.56
CA VAL U 669 42.15 23.53 81.78
C VAL U 669 42.98 23.49 80.47
N GLU U 670 42.36 23.79 79.34
CA GLU U 670 43.03 23.83 78.01
C GLU U 670 42.93 25.27 77.46
N MET U 671 44.06 25.85 77.07
CA MET U 671 44.09 27.25 76.54
C MET U 671 44.83 27.34 75.20
N GLU U 672 44.30 28.16 74.30
CA GLU U 672 44.95 28.42 72.99
C GLU U 672 45.52 29.85 72.95
N TRP U 673 46.73 29.99 72.44
CA TRP U 673 47.42 31.29 72.37
C TRP U 673 47.85 31.63 70.94
N GLU U 674 47.72 32.89 70.55
CA GLU U 674 48.21 33.37 69.22
C GLU U 674 49.57 34.07 69.40
N LEU U 675 50.52 33.77 68.54
CA LEU U 675 51.92 34.28 68.63
C LEU U 675 52.26 35.27 67.50
N LYS U 676 53.02 36.31 67.82
CA LYS U 676 53.54 37.22 66.76
C LYS U 676 55.05 36.97 66.59
N LYS U 677 55.48 36.60 65.39
CA LYS U 677 56.90 36.34 65.04
C LYS U 677 57.84 37.56 64.96
N GLU U 678 59.08 37.39 65.39
CA GLU U 678 60.13 38.43 65.22
C GLU U 678 60.54 38.55 63.73
N ASN U 679 60.77 39.75 63.22
CA ASN U 679 61.23 40.02 61.82
C ASN U 679 62.47 40.94 61.84
N SER U 680 63.41 40.75 62.76
CA SER U 680 64.59 41.63 62.96
C SER U 680 65.67 41.62 61.85
N LYS U 681 66.28 42.77 61.57
CA LYS U 681 67.43 42.87 60.64
C LYS U 681 68.73 43.18 61.42
N ARG U 682 68.75 43.13 62.75
CA ARG U 682 69.96 43.32 63.62
C ARG U 682 71.08 42.27 63.40
N TRP U 683 72.26 42.68 62.94
CA TRP U 683 73.42 41.82 62.66
C TRP U 683 74.07 41.14 63.88
N ASN U 684 74.25 41.88 64.94
CA ASN U 684 74.88 41.42 66.21
C ASN U 684 73.94 40.55 67.05
N PRO U 685 74.49 39.66 67.90
CA PRO U 685 73.68 38.87 68.82
C PRO U 685 72.91 39.58 69.97
N GLU U 686 71.69 39.15 70.22
CA GLU U 686 70.79 39.64 71.29
C GLU U 686 70.92 39.07 72.72
N ILE U 687 70.37 39.77 73.71
CA ILE U 687 70.23 39.27 75.11
C ILE U 687 69.15 38.17 75.19
N GLN U 688 69.37 37.11 75.99
CA GLN U 688 68.44 35.96 76.16
C GLN U 688 68.37 35.51 77.62
N TYR U 689 67.23 35.00 78.08
CA TYR U 689 67.14 34.38 79.44
C TYR U 689 67.90 33.02 79.40
N THR U 690 68.74 32.79 80.39
CA THR U 690 69.54 31.56 80.44
C THR U 690 69.56 31.02 81.85
N ASN U 691 69.81 29.72 81.98
CA ASN U 691 70.02 29.12 83.32
C ASN U 691 71.51 29.33 83.60
N ASN U 692 71.84 30.24 84.49
CA ASN U 692 73.25 30.63 84.74
C ASN U 692 73.43 30.84 86.24
N TYR U 693 74.26 30.02 86.86
CA TYR U 693 74.43 30.04 88.34
C TYR U 693 75.90 29.76 88.60
N ASN U 694 76.48 30.35 89.63
CA ASN U 694 77.90 30.02 89.98
C ASN U 694 77.95 29.06 91.18
N ASP U 695 78.59 27.89 91.04
CA ASP U 695 78.72 26.84 92.12
C ASP U 695 77.36 26.43 92.72
N PRO U 696 76.32 26.06 91.94
CA PRO U 696 75.01 25.78 92.52
C PRO U 696 74.87 24.60 93.51
N GLN U 697 74.15 24.82 94.62
CA GLN U 697 73.93 23.76 95.64
C GLN U 697 72.59 23.06 95.43
N PHE U 698 71.78 23.52 94.50
CA PHE U 698 70.44 22.95 94.23
C PHE U 698 70.12 23.30 92.82
N VAL U 699 69.16 22.62 92.23
CA VAL U 699 68.66 23.04 90.90
C VAL U 699 67.44 23.92 91.14
N ASP U 700 67.41 25.12 90.61
CA ASP U 700 66.24 26.04 90.62
C ASP U 700 65.11 25.48 89.76
N PHE U 701 63.84 25.75 90.09
CA PHE U 701 62.61 25.23 89.40
C PHE U 701 62.53 23.70 89.48
N ALA U 702 62.91 23.14 90.60
CA ALA U 702 62.91 21.69 90.85
C ALA U 702 62.56 21.43 92.32
N PRO U 703 62.07 20.22 92.68
CA PRO U 703 61.91 19.86 94.08
C PRO U 703 63.20 19.67 94.90
N ASP U 704 63.16 19.92 96.20
CA ASP U 704 64.34 19.69 97.09
C ASP U 704 64.30 18.30 97.79
N SER U 705 65.21 18.07 98.73
CA SER U 705 65.30 16.77 99.45
C SER U 705 64.01 16.50 100.23
N THR U 706 63.38 17.50 100.85
CA THR U 706 62.03 17.39 101.50
C THR U 706 60.88 17.29 100.52
N GLY U 707 61.05 17.59 99.23
CA GLY U 707 59.95 17.63 98.25
C GLY U 707 59.30 18.98 97.99
N GLU U 708 59.84 20.07 98.54
CA GLU U 708 59.31 21.44 98.31
C GLU U 708 59.90 22.11 97.05
N TYR U 709 59.05 22.65 96.18
CA TYR U 709 59.47 23.34 94.93
C TYR U 709 60.21 24.66 95.20
N ARG U 710 61.27 24.91 94.42
CA ARG U 710 62.08 26.13 94.60
C ARG U 710 61.96 27.02 93.36
N SER U 711 61.63 28.30 93.54
CA SER U 711 61.52 29.30 92.44
C SER U 711 62.22 30.61 92.84
N THR U 712 63.54 30.69 92.84
CA THR U 712 64.38 31.85 93.25
C THR U 712 64.20 33.12 92.41
N ARG U 713 63.98 33.05 91.10
CA ARG U 713 63.99 34.26 90.22
C ARG U 713 62.65 34.64 89.56
N PRO U 714 62.26 35.94 89.53
CA PRO U 714 61.11 36.39 88.74
C PRO U 714 61.38 36.46 87.21
N ILE U 715 60.49 36.02 86.33
CA ILE U 715 60.85 36.09 84.88
C ILE U 715 59.88 36.96 84.05
N GLY U 716 60.40 37.99 83.39
CA GLY U 716 59.70 38.89 82.47
C GLY U 716 59.71 38.41 81.05
N THR U 717 59.05 39.12 80.17
CA THR U 717 59.00 38.76 78.73
C THR U 717 59.92 39.55 77.78
N ARG U 718 60.62 40.62 78.19
CA ARG U 718 61.34 41.47 77.18
C ARG U 718 62.87 41.22 77.10
N TYR U 719 63.31 40.46 76.10
CA TYR U 719 64.75 40.14 75.87
C TYR U 719 65.13 40.58 74.47
N LEU U 720 64.18 40.51 73.54
CA LEU U 720 64.36 40.97 72.14
C LEU U 720 64.32 42.50 72.04
N THR U 721 64.92 43.03 71.00
CA THR U 721 65.03 44.49 70.81
C THR U 721 64.47 44.89 69.47
N ARG U 722 63.85 46.04 69.40
CA ARG U 722 63.35 46.58 68.11
C ARG U 722 63.68 48.07 67.97
N PRO U 723 63.92 48.59 66.75
CA PRO U 723 64.05 50.04 66.53
C PRO U 723 62.73 50.80 66.67
N LEU U 724 62.75 52.06 67.09
CA LEU U 724 61.52 52.86 67.31
C LEU U 724 60.78 53.13 65.99
N ASP V 209 69.06 49.45 28.74
CA ASP V 209 69.21 49.23 27.28
C ASP V 209 70.62 49.64 26.81
N GLY V 210 70.95 50.93 26.74
CA GLY V 210 72.23 51.29 26.11
C GLY V 210 72.90 52.57 26.52
N VAL V 211 74.16 52.75 26.14
CA VAL V 211 74.96 54.00 26.39
C VAL V 211 74.32 55.22 25.70
N GLY V 212 73.79 55.08 24.48
CA GLY V 212 73.25 56.20 23.70
C GLY V 212 71.77 56.43 23.86
N ASN V 213 71.09 55.68 24.72
CA ASN V 213 69.62 55.78 24.85
C ASN V 213 69.22 56.32 26.21
N ALA V 214 68.33 57.32 26.23
CA ALA V 214 67.82 57.90 27.51
C ALA V 214 66.80 56.99 28.24
N SER V 215 66.99 56.75 29.53
CA SER V 215 66.12 55.96 30.46
C SER V 215 64.75 56.60 30.76
N GLY V 216 64.64 57.91 30.86
CA GLY V 216 63.40 58.64 31.17
C GLY V 216 63.33 60.07 30.70
N ASP V 217 62.18 60.73 30.90
CA ASP V 217 61.92 62.13 30.48
C ASP V 217 61.54 63.06 31.65
N TRP V 218 61.72 64.37 31.48
CA TRP V 218 61.39 65.39 32.51
C TRP V 218 59.88 65.66 32.63
N HIS V 219 59.33 65.49 33.82
CA HIS V 219 57.92 65.85 34.07
C HIS V 219 57.80 66.78 35.28
N CYS V 220 57.41 68.05 35.09
CA CYS V 220 57.13 68.96 36.23
C CYS V 220 55.76 69.60 35.96
N ASP V 221 54.73 69.21 36.69
CA ASP V 221 53.35 69.70 36.37
C ASP V 221 52.32 69.58 37.49
N SER V 222 51.21 70.32 37.43
CA SER V 222 50.05 70.15 38.35
C SER V 222 48.79 69.95 37.49
N THR V 223 47.95 68.98 37.80
CA THR V 223 46.65 68.81 37.11
C THR V 223 45.53 68.84 38.14
N TRP V 224 44.52 69.68 37.94
CA TRP V 224 43.37 69.82 38.86
C TRP V 224 42.14 69.21 38.21
N MET V 225 41.52 68.24 38.86
CA MET V 225 40.34 67.51 38.32
C MET V 225 39.21 67.36 39.36
N GLY V 226 38.41 68.38 39.65
CA GLY V 226 37.39 68.27 40.72
C GLY V 226 37.95 68.08 42.10
N ASP V 227 37.61 66.99 42.77
CA ASP V 227 38.07 66.67 44.16
C ASP V 227 39.56 66.24 44.22
N ARG V 228 40.22 65.97 43.09
CA ARG V 228 41.62 65.46 43.07
C ARG V 228 42.63 66.41 42.41
N VAL V 229 43.81 66.57 42.99
CA VAL V 229 44.93 67.31 42.35
C VAL V 229 46.14 66.35 42.25
N VAL V 230 46.81 66.28 41.11
CA VAL V 230 48.05 65.45 40.92
C VAL V 230 49.28 66.38 40.76
N THR V 231 50.34 66.15 41.53
CA THR V 231 51.59 66.94 41.43
C THR V 231 52.73 66.09 40.88
N LYS V 232 53.49 66.60 39.91
CA LYS V 232 54.70 65.93 39.35
C LYS V 232 55.91 66.84 39.56
N SER V 233 57.01 66.30 40.08
CA SER V 233 58.26 67.05 40.35
C SER V 233 59.49 66.30 39.84
N THR V 234 60.38 66.96 39.07
CA THR V 234 61.63 66.36 38.58
C THR V 234 62.84 67.18 39.04
N ARG V 235 63.88 66.53 39.55
CA ARG V 235 65.14 67.20 39.98
C ARG V 235 66.41 66.46 39.52
N THR V 236 67.55 67.15 39.49
CA THR V 236 68.87 66.57 39.18
C THR V 236 69.66 66.46 40.49
N TRP V 237 70.23 65.30 40.79
CA TRP V 237 70.97 65.01 42.04
C TRP V 237 72.45 64.57 41.81
N VAL V 238 73.29 64.78 42.80
CA VAL V 238 74.70 64.32 42.81
C VAL V 238 74.94 63.40 44.02
N LEU V 239 75.63 62.27 43.85
CA LEU V 239 76.00 61.38 45.00
C LEU V 239 77.50 61.27 45.24
N PRO V 240 78.00 61.68 46.41
CA PRO V 240 79.39 61.44 46.82
C PRO V 240 79.68 60.01 47.27
N SER V 241 80.95 59.59 47.21
CA SER V 241 81.29 58.27 47.83
C SER V 241 81.63 58.51 49.31
N TYR V 242 80.66 58.39 50.22
CA TYR V 242 80.83 58.72 51.66
C TYR V 242 81.59 57.69 52.47
N ASN V 243 82.55 58.10 53.30
CA ASN V 243 83.27 57.21 54.27
C ASN V 243 84.35 56.39 53.56
N ASN V 244 84.60 56.64 52.27
CA ASN V 244 85.56 55.83 51.44
C ASN V 244 85.19 54.35 51.48
N HIS V 245 83.90 54.01 51.33
CA HIS V 245 83.39 52.59 51.28
C HIS V 245 83.43 51.86 52.63
N GLN V 246 83.36 52.59 53.74
CA GLN V 246 83.49 51.98 55.09
C GLN V 246 82.36 52.40 56.05
N TYR V 247 82.08 51.61 57.08
CA TYR V 247 81.09 51.90 58.15
C TYR V 247 81.88 52.36 59.34
N ARG V 248 81.50 53.47 59.95
CA ARG V 248 82.27 54.03 61.08
C ARG V 248 81.45 54.18 62.37
N GLU V 249 82.01 53.74 63.50
CA GLU V 249 81.34 53.98 64.80
C GLU V 249 81.47 55.47 65.18
N ILE V 250 80.37 56.10 65.57
CA ILE V 250 80.31 57.55 65.88
C ILE V 250 79.77 57.73 67.32
N LYS V 251 80.27 58.71 68.04
CA LYS V 251 79.85 58.86 69.46
C LYS V 251 80.06 60.29 69.96
N SER V 252 79.32 60.70 70.97
CA SER V 252 79.58 62.01 71.61
C SER V 252 79.47 61.96 73.14
N GLY V 253 80.28 62.73 73.85
CA GLY V 253 80.14 63.01 75.30
C GLY V 253 79.31 64.30 75.49
N SER V 254 79.23 64.84 76.70
CA SER V 254 78.50 66.11 77.00
C SER V 254 79.11 67.32 76.26
N VAL V 255 78.28 68.19 75.68
CA VAL V 255 78.75 69.36 74.88
C VAL V 255 77.86 70.56 75.20
N ASP V 256 78.41 71.78 75.23
CA ASP V 256 77.66 73.03 75.51
C ASP V 256 77.04 72.95 76.92
N GLY V 257 77.68 72.23 77.83
CA GLY V 257 77.15 72.06 79.18
C GLY V 257 76.09 70.99 79.35
N SER V 258 75.75 70.20 78.32
CA SER V 258 74.63 69.23 78.53
C SER V 258 74.92 67.76 78.23
N ASN V 259 74.59 66.86 79.16
CA ASN V 259 74.67 65.36 78.97
C ASN V 259 73.57 64.83 78.02
N ALA V 260 72.50 65.58 77.77
CA ALA V 260 71.40 65.24 76.81
C ALA V 260 71.99 65.18 75.39
N ASN V 261 73.07 65.91 75.16
CA ASN V 261 73.90 65.90 73.93
C ASN V 261 74.60 64.55 73.66
N ALA V 262 75.04 63.78 74.65
CA ALA V 262 75.74 62.47 74.50
C ALA V 262 74.95 61.39 73.73
N TYR V 263 75.62 60.63 72.86
CA TYR V 263 75.00 59.57 72.02
C TYR V 263 76.05 58.52 71.60
N PHE V 264 75.61 57.33 71.19
CA PHE V 264 76.45 56.27 70.58
C PHE V 264 75.75 55.88 69.25
N GLY V 265 76.49 55.76 68.15
CA GLY V 265 75.90 55.50 66.82
C GLY V 265 76.81 54.98 65.72
N TYR V 266 76.22 54.74 64.54
CA TYR V 266 76.99 54.33 63.33
C TYR V 266 76.80 55.30 62.14
N SER V 267 77.87 55.59 61.38
CA SER V 267 77.78 56.36 60.09
C SER V 267 77.95 55.35 58.95
N THR V 268 77.28 55.57 57.83
CA THR V 268 77.25 54.57 56.73
C THR V 268 77.72 55.12 55.40
N PRO V 269 78.16 54.25 54.48
CA PRO V 269 78.53 54.63 53.10
C PRO V 269 77.39 55.14 52.20
N TRP V 270 76.15 54.78 52.46
CA TRP V 270 74.92 55.14 51.71
C TRP V 270 74.36 56.57 51.86
N GLY V 271 73.55 56.97 50.87
CA GLY V 271 72.83 58.24 50.84
C GLY V 271 71.36 57.96 50.62
N TYR V 272 70.50 58.89 50.96
CA TYR V 272 69.02 58.68 50.88
C TYR V 272 68.30 59.85 50.20
N PHE V 273 67.10 59.59 49.67
CA PHE V 273 66.23 60.63 49.06
C PHE V 273 65.10 61.03 50.04
N ASP V 274 64.92 62.31 50.35
CA ASP V 274 63.87 62.86 51.24
C ASP V 274 62.93 63.80 50.49
N PHE V 275 61.63 63.54 50.52
CA PHE V 275 60.61 64.43 49.90
C PHE V 275 59.62 65.02 50.94
N ASN V 276 59.87 64.97 52.25
CA ASN V 276 58.85 65.44 53.25
C ASN V 276 58.89 66.97 53.46
N ARG V 277 58.70 67.76 52.42
CA ARG V 277 58.53 69.24 52.49
C ARG V 277 57.48 69.57 51.41
N PHE V 278 56.55 70.48 51.67
CA PHE V 278 55.48 70.90 50.71
C PHE V 278 56.04 71.60 49.43
N HIS V 279 57.06 72.44 49.53
CA HIS V 279 57.71 73.22 48.42
C HIS V 279 58.33 72.25 47.41
N SER V 280 58.67 71.02 47.81
CA SER V 280 59.16 69.93 46.93
C SER V 280 58.09 69.55 45.89
N HIS V 281 56.81 69.54 46.24
CA HIS V 281 55.67 69.20 45.34
C HIS V 281 54.82 70.40 44.88
N TRP V 282 54.90 71.57 45.51
CA TRP V 282 53.94 72.66 45.24
C TRP V 282 54.57 73.96 44.79
N SER V 283 54.09 74.52 43.69
CA SER V 283 54.51 75.88 43.26
C SER V 283 53.86 76.91 44.21
N PRO V 284 54.43 78.12 44.36
CA PRO V 284 53.78 79.14 45.16
C PRO V 284 52.41 79.56 44.65
N ARG V 285 52.18 79.69 43.35
CA ARG V 285 50.83 79.96 42.78
C ARG V 285 49.82 78.82 43.04
N ASP V 286 50.21 77.56 42.90
CA ASP V 286 49.35 76.37 43.18
C ASP V 286 48.95 76.30 44.66
N TRP V 287 49.86 76.62 45.56
CA TRP V 287 49.57 76.68 47.01
C TRP V 287 48.53 77.76 47.34
N GLN V 288 48.59 78.92 46.71
CA GLN V 288 47.61 80.03 46.84
C GLN V 288 46.22 79.60 46.36
N ARG V 289 46.15 78.85 45.27
CA ARG V 289 44.87 78.34 44.75
C ARG V 289 44.21 77.38 45.77
N LEU V 290 44.95 76.48 46.39
CA LEU V 290 44.40 75.60 47.46
C LEU V 290 43.94 76.30 48.78
N ILE V 291 44.73 77.21 49.33
CA ILE V 291 44.45 77.90 50.62
C ILE V 291 43.21 78.80 50.51
N ASN V 292 43.05 79.48 49.39
CA ASN V 292 41.90 80.36 49.06
C ASN V 292 40.56 79.62 48.89
N ASN V 293 40.52 78.41 48.31
CA ASN V 293 39.24 77.74 47.91
C ASN V 293 38.79 76.45 48.57
N TYR V 294 39.54 75.86 49.50
CA TYR V 294 39.19 74.51 50.04
C TYR V 294 39.19 74.43 51.56
N TRP V 295 38.23 73.71 52.14
CA TRP V 295 38.20 73.41 53.61
C TRP V 295 39.33 72.45 54.09
N GLY V 296 39.68 71.45 53.31
CA GLY V 296 40.68 70.45 53.71
C GLY V 296 41.39 69.73 52.60
N PHE V 297 42.51 69.10 52.93
CA PHE V 297 43.27 68.26 51.94
C PHE V 297 43.90 67.03 52.63
N ARG V 298 44.14 65.93 51.93
CA ARG V 298 44.87 64.73 52.46
C ARG V 298 45.71 64.02 51.34
N PRO V 299 46.87 63.38 51.64
CA PRO V 299 47.60 62.53 50.66
C PRO V 299 46.99 61.14 50.34
N ARG V 300 47.08 60.67 49.10
CA ARG V 300 46.47 59.38 48.68
C ARG V 300 47.50 58.40 48.10
N SER V 301 48.31 58.83 47.12
CA SER V 301 49.25 57.92 46.42
C SER V 301 50.62 58.55 46.13
N LEU V 302 51.66 57.74 46.09
CA LEU V 302 53.02 58.19 45.72
C LEU V 302 53.69 57.29 44.65
N ARG V 303 54.33 57.86 43.61
CA ARG V 303 55.14 57.10 42.61
C ARG V 303 56.54 57.72 42.50
N VAL V 304 57.61 56.90 42.54
CA VAL V 304 59.03 57.37 42.40
C VAL V 304 59.80 56.69 41.25
N LYS V 305 60.50 57.46 40.41
CA LYS V 305 61.39 56.92 39.35
C LYS V 305 62.83 57.50 39.45
N ILE V 306 63.87 56.66 39.36
CA ILE V 306 65.31 57.09 39.31
C ILE V 306 65.89 56.68 37.94
N PHE V 307 66.51 57.59 37.19
CA PHE V 307 66.90 57.37 35.76
C PHE V 307 68.06 58.26 35.26
N ASN V 308 68.58 58.01 34.05
CA ASN V 308 69.70 58.77 33.38
C ASN V 308 70.98 58.79 34.20
N ILE V 309 71.33 57.64 34.77
CA ILE V 309 72.49 57.48 35.65
C ILE V 309 73.84 57.70 34.92
N GLN V 310 74.76 58.42 35.54
CA GLN V 310 76.11 58.70 34.99
C GLN V 310 77.17 58.54 36.09
N VAL V 311 78.12 57.63 35.89
CA VAL V 311 79.19 57.37 36.89
C VAL V 311 80.49 57.98 36.34
N LYS V 312 81.19 58.76 37.17
CA LYS V 312 82.42 59.48 36.79
C LYS V 312 83.62 59.07 37.67
N GLU V 313 84.79 58.96 37.06
CA GLU V 313 86.04 58.65 37.83
C GLU V 313 86.92 59.90 37.88
N VAL V 314 87.44 60.21 39.05
CA VAL V 314 88.27 61.42 39.24
C VAL V 314 89.71 60.96 39.50
N THR V 315 90.66 61.51 38.76
CA THR V 315 92.08 61.12 38.89
C THR V 315 92.94 62.34 39.09
N VAL V 316 93.91 62.27 39.99
CA VAL V 316 94.86 63.42 40.12
C VAL V 316 96.30 63.00 39.80
N GLN V 317 96.96 63.67 38.85
CA GLN V 317 98.40 63.44 38.63
C GLN V 317 99.09 64.82 38.74
N ASP V 318 99.96 65.00 39.73
CA ASP V 318 100.72 66.28 39.84
C ASP V 318 99.75 67.47 39.87
N SER V 319 98.59 67.36 40.53
CA SER V 319 97.64 68.49 40.72
C SER V 319 96.73 68.80 39.51
N THR V 320 96.75 68.00 38.43
CA THR V 320 95.83 68.20 37.27
C THR V 320 94.34 68.00 37.58
N THR V 321 93.93 67.02 38.37
CA THR V 321 92.48 66.68 38.63
C THR V 321 91.58 66.41 37.40
N THR V 322 91.95 65.55 36.45
CA THR V 322 91.05 65.13 35.33
C THR V 322 89.81 64.34 35.77
N ILE V 323 88.65 64.54 35.11
CA ILE V 323 87.38 63.81 35.37
C ILE V 323 86.93 63.06 34.11
N ALA V 324 86.55 61.79 34.21
CA ALA V 324 86.14 60.97 33.03
C ALA V 324 84.94 60.05 33.31
N ASN V 325 84.20 59.70 32.29
CA ASN V 325 83.09 58.70 32.41
C ASN V 325 83.57 57.27 32.59
N ASN V 326 82.95 56.49 33.48
CA ASN V 326 83.22 55.03 33.55
C ASN V 326 81.91 54.34 33.16
N LEU V 327 81.83 53.73 31.98
CA LEU V 327 80.64 53.01 31.43
C LEU V 327 80.25 51.74 32.20
N THR V 328 81.21 50.97 32.66
CA THR V 328 80.95 49.65 33.30
C THR V 328 80.69 49.73 34.81
N SER V 329 80.81 50.90 35.46
CA SER V 329 80.52 51.10 36.91
C SER V 329 79.01 51.03 37.27
N THR V 330 78.68 50.64 38.51
CA THR V 330 77.27 50.45 38.95
C THR V 330 76.85 51.31 40.14
N VAL V 331 75.56 51.52 40.28
CA VAL V 331 74.94 52.19 41.46
C VAL V 331 74.00 51.15 42.08
N GLN V 332 73.84 51.12 43.40
CA GLN V 332 72.95 50.17 44.13
C GLN V 332 71.77 50.87 44.84
N VAL V 333 70.54 50.42 44.62
CA VAL V 333 69.30 51.06 45.14
C VAL V 333 68.35 50.06 45.84
N PHE V 334 67.78 50.43 46.98
CA PHE V 334 66.75 49.60 47.69
C PHE V 334 65.71 50.45 48.49
N THR V 335 64.56 49.87 48.78
CA THR V 335 63.52 50.50 49.65
C THR V 335 63.32 49.65 50.90
N ASP V 336 63.25 50.26 52.08
CA ASP V 336 63.01 49.53 53.37
C ASP V 336 61.51 49.35 53.64
N ASP V 337 60.86 48.42 52.97
CA ASP V 337 59.39 48.16 53.03
C ASP V 337 58.83 47.69 54.39
N ASP V 338 59.53 46.85 55.15
CA ASP V 338 59.06 46.28 56.44
C ASP V 338 59.49 47.10 57.65
N TYR V 339 60.15 48.25 57.49
CA TYR V 339 60.52 49.19 58.58
C TYR V 339 61.52 48.59 59.55
N GLN V 340 62.37 47.70 59.09
CA GLN V 340 63.46 47.08 59.88
C GLN V 340 64.53 48.11 60.30
N LEU V 341 64.87 49.04 59.43
CA LEU V 341 65.85 50.11 59.73
C LEU V 341 65.32 51.24 60.60
N PRO V 342 66.18 51.95 61.34
CA PRO V 342 65.74 53.17 62.00
C PRO V 342 65.29 54.24 60.99
N TYR V 343 64.15 54.91 61.21
CA TYR V 343 63.57 55.89 60.24
C TYR V 343 63.92 57.31 60.66
N VAL V 344 64.75 57.96 59.86
CA VAL V 344 65.27 59.31 60.21
C VAL V 344 64.57 60.41 59.39
N VAL V 345 63.66 60.05 58.48
CA VAL V 345 62.99 61.01 57.53
C VAL V 345 62.09 62.10 58.19
N GLY V 346 61.37 61.86 59.26
CA GLY V 346 60.34 62.79 59.81
C GLY V 346 60.77 63.73 60.93
N ASN V 347 62.05 64.06 61.07
CA ASN V 347 62.65 64.81 62.21
C ASN V 347 63.09 66.26 61.88
N GLY V 348 62.56 66.93 60.83
CA GLY V 348 62.89 68.31 60.42
C GLY V 348 64.31 68.59 60.00
N THR V 349 64.93 67.64 59.31
CA THR V 349 66.33 67.75 58.86
C THR V 349 66.47 68.17 57.41
N GLU V 350 67.58 68.80 57.07
CA GLU V 350 67.93 69.27 55.70
C GLU V 350 68.31 68.14 54.71
N GLY V 351 68.35 68.43 53.40
CA GLY V 351 68.59 67.42 52.34
C GLY V 351 67.42 66.97 51.51
N CYS V 352 66.23 67.55 51.66
CA CYS V 352 65.03 67.28 50.82
C CYS V 352 65.18 67.89 49.41
N LEU V 353 64.37 67.45 48.45
CA LEU V 353 64.39 68.02 47.08
C LEU V 353 64.11 69.52 47.15
N PRO V 354 64.82 70.33 46.33
CA PRO V 354 64.64 71.78 46.36
C PRO V 354 63.32 72.42 45.94
N ALA V 355 62.97 73.57 46.50
CA ALA V 355 61.74 74.34 46.16
C ALA V 355 61.74 74.78 44.68
N PHE V 356 62.89 75.18 44.13
CA PHE V 356 62.99 75.70 42.73
C PHE V 356 63.47 74.58 41.82
N PRO V 357 62.70 74.20 40.75
CA PRO V 357 63.05 73.10 39.85
C PRO V 357 64.44 73.03 39.18
N PRO V 358 65.04 74.14 38.69
CA PRO V 358 66.40 74.18 38.15
C PRO V 358 67.57 73.88 39.11
N GLN V 359 67.39 74.06 40.42
CA GLN V 359 68.46 73.85 41.43
C GLN V 359 68.94 72.39 41.51
N VAL V 360 70.24 72.20 41.65
CA VAL V 360 70.85 70.84 41.64
C VAL V 360 71.31 70.55 43.08
N PHE V 361 71.05 69.35 43.58
CA PHE V 361 71.30 69.06 45.02
C PHE V 361 72.14 67.82 45.36
N THR V 362 72.90 67.93 46.44
CA THR V 362 73.65 66.79 47.03
C THR V 362 72.77 65.96 47.96
N LEU V 363 72.77 64.63 47.83
CA LEU V 363 72.05 63.72 48.76
C LEU V 363 72.69 63.64 50.15
N PRO V 364 71.86 63.64 51.22
CA PRO V 364 72.37 63.42 52.57
C PRO V 364 72.95 62.03 52.90
N GLN V 365 73.99 61.95 53.73
CA GLN V 365 74.51 60.64 54.22
C GLN V 365 73.65 60.04 55.35
N TYR V 366 73.32 58.74 55.26
CA TYR V 366 72.58 57.99 56.32
C TYR V 366 73.42 57.67 57.58
N GLY V 367 72.80 57.79 58.74
CA GLY V 367 73.41 57.53 60.05
C GLY V 367 72.30 57.36 61.04
N TYR V 368 72.60 56.87 62.24
CA TYR V 368 71.59 56.66 63.32
C TYR V 368 72.23 56.68 64.69
N ALA V 369 71.42 56.92 65.71
CA ALA V 369 71.85 56.77 67.11
C ALA V 369 71.14 55.56 67.73
N THR V 370 71.87 54.69 68.42
CA THR V 370 71.31 53.57 69.21
C THR V 370 71.36 53.96 70.68
N LEU V 371 71.35 53.00 71.59
CA LEU V 371 71.47 53.22 73.05
C LEU V 371 72.87 53.66 73.53
N ASN V 372 72.90 54.48 74.57
CA ASN V 372 74.16 54.99 75.17
C ASN V 372 74.07 54.70 76.68
N ARG V 373 75.18 54.51 77.36
CA ARG V 373 75.14 54.09 78.79
C ARG V 373 75.38 55.24 79.77
N ASP V 374 74.45 55.47 80.69
CA ASP V 374 74.55 56.49 81.79
C ASP V 374 74.83 57.93 81.33
N ASN V 375 74.20 58.39 80.24
CA ASN V 375 74.41 59.76 79.68
C ASN V 375 75.89 59.98 79.35
N THR V 376 76.55 58.98 78.75
CA THR V 376 77.98 59.00 78.33
C THR V 376 78.11 58.49 76.89
N GLU V 377 79.28 58.58 76.23
CA GLU V 377 79.54 58.13 74.83
C GLU V 377 79.58 56.60 74.65
N ASN V 378 79.72 55.83 75.72
CA ASN V 378 79.76 54.34 75.70
C ASN V 378 78.45 53.63 75.37
N PRO V 379 78.51 52.48 74.68
CA PRO V 379 77.36 51.60 74.42
C PRO V 379 76.86 50.64 75.55
N THR V 380 75.73 49.98 75.33
CA THR V 380 75.09 49.01 76.24
C THR V 380 74.97 47.68 75.52
N GLU V 381 74.70 46.58 76.22
CA GLU V 381 74.46 45.24 75.64
C GLU V 381 73.22 45.24 74.71
N ARG V 382 72.18 46.00 75.02
CA ARG V 382 70.97 46.21 74.18
C ARG V 382 71.29 47.00 72.89
N SER V 383 72.38 47.77 72.82
CA SER V 383 72.75 48.62 71.66
C SER V 383 72.93 47.76 70.39
N SER V 384 72.43 48.23 69.25
CA SER V 384 72.32 47.46 67.98
C SER V 384 73.10 48.01 66.78
N PHE V 385 73.65 47.11 65.97
CA PHE V 385 74.34 47.46 64.71
C PHE V 385 73.51 46.93 63.54
N PHE V 386 73.31 47.78 62.55
CA PHE V 386 72.57 47.37 61.33
C PHE V 386 73.45 47.49 60.09
N CYS V 387 73.54 46.45 59.27
CA CYS V 387 74.25 46.45 57.96
C CYS V 387 73.24 46.61 56.79
N LEU V 388 73.40 47.62 55.92
CA LEU V 388 72.57 47.87 54.71
C LEU V 388 72.79 46.80 53.62
N GLU V 389 74.03 46.31 53.49
CA GLU V 389 74.42 45.29 52.48
C GLU V 389 73.77 43.93 52.77
N TYR V 390 73.29 43.71 53.99
CA TYR V 390 72.51 42.49 54.37
C TYR V 390 71.18 42.45 53.62
N PHE V 391 70.51 43.55 53.38
CA PHE V 391 69.27 43.63 52.54
C PHE V 391 69.55 43.40 51.06
N PRO V 392 68.63 42.82 50.26
CA PRO V 392 68.79 42.82 48.80
C PRO V 392 68.64 44.19 48.05
N SER V 393 69.45 44.49 47.03
CA SER V 393 69.39 45.76 46.27
C SER V 393 69.49 45.59 44.73
N LYS V 394 68.84 46.45 43.96
CA LYS V 394 68.99 46.49 42.48
C LYS V 394 70.36 47.10 42.09
N MET V 395 71.01 46.56 41.05
CA MET V 395 72.30 47.12 40.56
C MET V 395 72.08 47.79 39.18
N LEU V 396 72.52 49.03 39.03
CA LEU V 396 72.27 49.77 37.77
C LEU V 396 73.51 50.31 37.07
N ARG V 397 73.64 50.03 35.78
CA ARG V 397 74.63 50.67 34.89
C ARG V 397 73.95 51.92 34.22
N THR V 398 74.64 52.67 33.35
CA THR V 398 74.15 53.90 32.64
C THR V 398 72.85 53.71 31.86
N GLY V 399 72.61 52.57 31.20
CA GLY V 399 71.34 52.17 30.56
C GLY V 399 70.15 51.96 31.47
N ASN V 400 70.34 51.45 32.69
CA ASN V 400 69.29 51.02 33.67
C ASN V 400 68.48 52.09 34.42
N ASN V 401 67.29 51.75 34.90
CA ASN V 401 66.36 52.65 35.65
C ASN V 401 65.70 51.90 36.83
N PHE V 402 65.21 52.62 37.85
CA PHE V 402 64.48 52.05 39.01
C PHE V 402 63.10 52.71 39.21
N GLU V 403 62.06 51.95 39.54
CA GLU V 403 60.72 52.51 39.86
C GLU V 403 60.08 51.94 41.15
N PHE V 404 59.33 52.74 41.92
CA PHE V 404 58.56 52.30 43.13
C PHE V 404 57.14 52.93 43.19
N THR V 405 56.16 52.25 43.77
CA THR V 405 54.76 52.76 43.99
C THR V 405 54.32 52.58 45.44
N TYR V 406 53.61 53.54 46.03
CA TYR V 406 53.09 53.45 47.43
C TYR V 406 51.64 53.97 47.56
N ASN V 407 50.85 53.40 48.47
CA ASN V 407 49.48 53.90 48.82
C ASN V 407 49.44 54.34 50.28
N PHE V 408 48.91 55.52 50.54
CA PHE V 408 48.80 56.04 51.93
C PHE V 408 47.63 55.35 52.63
N GLU V 409 47.72 55.14 53.94
CA GLU V 409 46.59 54.62 54.77
C GLU V 409 45.51 55.70 54.94
N GLU V 410 44.28 55.31 55.27
CA GLU V 410 43.24 56.34 55.56
C GLU V 410 43.68 57.23 56.73
N VAL V 411 43.54 58.54 56.55
CA VAL V 411 44.00 59.53 57.55
C VAL V 411 42.95 60.64 57.55
N PRO V 412 42.73 61.38 58.65
CA PRO V 412 41.84 62.54 58.61
C PRO V 412 42.35 63.73 57.76
N PHE V 413 41.46 64.48 57.10
CA PHE V 413 41.84 65.69 56.32
C PHE V 413 42.39 66.78 57.23
N HIS V 414 43.43 67.52 56.82
CA HIS V 414 43.89 68.72 57.56
C HIS V 414 42.79 69.79 57.48
N SER V 415 42.62 70.58 58.54
CA SER V 415 41.60 71.66 58.55
C SER V 415 42.15 73.01 58.09
N SER V 416 41.88 73.40 56.84
CA SER V 416 42.29 74.71 56.26
C SER V 416 41.19 75.76 56.46
N PHE V 417 40.89 76.13 57.69
CA PHE V 417 39.83 77.12 58.01
C PHE V 417 40.11 77.73 59.37
N ALA V 418 39.56 78.90 59.60
CA ALA V 418 39.64 79.58 60.90
C ALA V 418 38.23 79.66 61.47
N PRO V 419 38.03 79.40 62.78
CA PRO V 419 36.72 79.60 63.39
C PRO V 419 36.16 81.03 63.43
N SER V 420 34.88 81.18 63.12
CA SER V 420 34.19 82.50 63.14
C SER V 420 33.45 82.76 64.47
N GLN V 421 33.51 81.84 65.44
CA GLN V 421 32.91 82.03 66.78
C GLN V 421 33.84 81.65 67.93
N ASN V 422 33.75 82.34 69.06
CA ASN V 422 34.43 81.97 70.34
C ASN V 422 33.74 80.76 70.98
N LEU V 423 34.50 79.84 71.59
CA LEU V 423 34.00 78.60 72.25
C LEU V 423 33.06 78.93 73.42
N PHE V 424 33.33 79.99 74.17
CA PHE V 424 32.52 80.44 75.32
C PHE V 424 31.34 81.40 74.98
N LYS V 425 31.09 81.82 73.73
CA LYS V 425 30.03 82.79 73.32
C LYS V 425 28.93 82.14 72.44
N LEU V 426 28.57 80.86 72.62
CA LEU V 426 27.63 80.11 71.73
C LEU V 426 26.13 80.20 72.09
N ALA V 427 25.77 80.72 73.26
CA ALA V 427 24.37 80.95 73.62
C ALA V 427 23.81 82.11 72.77
N ASN V 428 22.50 82.08 72.46
CA ASN V 428 21.87 83.20 71.73
C ASN V 428 22.02 84.47 72.58
N PRO V 429 22.45 85.59 71.97
CA PRO V 429 22.58 86.86 72.67
C PRO V 429 21.24 87.46 73.22
N LEU V 430 20.12 87.34 72.51
CA LEU V 430 18.73 87.75 72.87
C LEU V 430 18.06 87.02 74.04
N VAL V 431 18.29 85.72 74.23
CA VAL V 431 17.54 84.90 75.22
C VAL V 431 18.29 84.50 76.51
N ASP V 432 17.66 84.67 77.68
CA ASP V 432 18.18 84.22 79.01
C ASP V 432 18.15 82.69 79.21
N GLN V 433 19.09 82.17 79.98
CA GLN V 433 19.11 80.73 80.39
C GLN V 433 18.08 80.37 81.47
N TYR V 434 17.55 79.14 81.50
CA TYR V 434 16.69 78.66 82.62
C TYR V 434 17.54 78.14 83.80
N LEU V 435 18.75 78.64 83.99
CA LEU V 435 19.72 78.11 84.98
C LEU V 435 20.18 79.22 85.92
N TYR V 436 20.55 78.85 87.14
CA TYR V 436 20.88 79.86 88.19
C TYR V 436 22.25 79.59 88.81
N ARG V 437 22.86 80.63 89.34
CA ARG V 437 24.22 80.55 89.93
C ARG V 437 24.24 81.13 91.35
N PHE V 438 25.18 80.66 92.18
CA PHE V 438 25.35 81.21 93.53
C PHE V 438 26.18 82.47 93.44
N VAL V 439 25.66 83.52 94.04
CA VAL V 439 26.39 84.81 94.03
C VAL V 439 26.73 85.34 95.42
N SER V 440 26.08 84.85 96.47
CA SER V 440 26.21 85.56 97.78
C SER V 440 25.83 84.80 99.05
N THR V 441 26.25 85.33 100.17
CA THR V 441 25.83 84.83 101.49
C THR V 441 25.34 86.08 102.24
N ASN V 442 24.28 85.98 103.06
CA ASN V 442 23.75 87.13 103.88
C ASN V 442 24.50 87.31 105.23
N ASN V 443 24.05 88.22 106.10
CA ASN V 443 24.73 88.54 107.40
C ASN V 443 24.78 87.27 108.25
N THR V 444 23.73 86.44 108.27
CA THR V 444 23.81 85.08 108.82
C THR V 444 24.26 84.37 107.59
N GLY V 445 25.19 83.43 107.60
CA GLY V 445 25.73 83.01 106.28
C GLY V 445 24.83 82.13 105.44
N GLY V 446 23.71 82.67 104.95
CA GLY V 446 22.71 81.92 104.16
C GLY V 446 22.87 82.15 102.68
N VAL V 447 22.89 81.09 101.88
CA VAL V 447 23.16 81.16 100.41
C VAL V 447 22.10 81.91 99.58
N GLN V 448 22.55 82.64 98.56
CA GLN V 448 21.67 83.47 97.70
C GLN V 448 21.96 83.17 96.22
N PHE V 449 20.96 83.30 95.36
CA PHE V 449 21.10 82.91 93.92
C PHE V 449 20.55 83.97 92.96
N ASN V 450 21.08 84.02 91.74
CA ASN V 450 20.60 84.94 90.67
C ASN V 450 20.48 84.17 89.37
N LYS V 451 19.52 84.52 88.52
CA LYS V 451 19.34 83.94 87.16
C LYS V 451 20.42 84.41 86.16
N ASN V 452 20.71 83.59 85.16
CA ASN V 452 21.72 83.95 84.13
C ASN V 452 21.05 84.71 82.98
N LEU V 453 21.44 85.98 82.78
CA LEU V 453 20.87 86.89 81.74
C LEU V 453 21.44 86.73 80.32
N ALA V 454 20.71 87.21 79.31
CA ALA V 454 21.15 87.13 77.90
C ALA V 454 22.43 87.94 77.61
N GLY V 455 23.40 87.32 76.93
CA GLY V 455 24.67 87.95 76.54
C GLY V 455 25.73 88.02 77.62
N ARG V 456 25.47 87.52 78.82
CA ARG V 456 26.42 87.57 79.97
C ARG V 456 27.33 86.32 79.93
N TYR V 457 28.29 86.27 79.00
CA TYR V 457 29.20 85.11 78.69
C TYR V 457 30.11 84.79 79.87
N ALA V 458 30.44 85.80 80.67
CA ALA V 458 31.22 85.61 81.90
C ALA V 458 30.51 84.64 82.87
N ASN V 459 29.18 84.66 82.97
CA ASN V 459 28.40 83.87 83.97
C ASN V 459 27.47 82.78 83.41
N THR V 460 27.74 82.10 82.33
CA THR V 460 26.81 81.22 81.61
C THR V 460 27.28 79.79 81.78
N TYR V 461 26.36 78.84 81.87
CA TYR V 461 26.70 77.39 81.94
C TYR V 461 27.31 76.99 80.61
N LYS V 462 28.34 76.14 80.63
CA LYS V 462 29.07 75.76 79.40
C LYS V 462 29.13 74.26 79.17
N ASN V 463 28.79 73.76 78.00
CA ASN V 463 29.00 72.34 77.58
C ASN V 463 30.46 71.89 77.34
N TRP V 464 31.31 72.73 76.79
CA TRP V 464 32.62 72.29 76.25
C TRP V 464 33.77 73.12 76.77
N PHE V 465 34.95 72.53 76.76
CA PHE V 465 36.13 73.16 77.40
C PHE V 465 37.27 73.24 76.41
N PRO V 466 38.16 74.23 76.60
CA PRO V 466 39.36 74.36 75.78
C PRO V 466 40.43 73.29 75.98
N GLY V 467 41.32 73.13 75.01
CA GLY V 467 42.39 72.10 75.01
C GLY V 467 43.56 72.33 75.96
N PRO V 468 44.42 71.30 76.16
CA PRO V 468 45.50 71.36 77.14
C PRO V 468 46.62 72.42 76.98
N MET V 469 47.12 72.95 78.10
CA MET V 469 48.10 74.05 78.05
C MET V 469 49.31 73.88 79.01
N GLY V 470 50.50 74.34 78.66
CA GLY V 470 51.65 74.46 79.60
C GLY V 470 52.26 75.84 79.46
N ARG V 471 52.49 76.63 80.51
CA ARG V 471 52.98 78.03 80.33
C ARG V 471 54.41 78.14 79.73
N THR V 472 54.61 79.02 78.72
CA THR V 472 55.90 79.26 78.03
C THR V 472 56.15 80.75 77.98
N GLN V 473 57.40 81.20 78.14
CA GLN V 473 57.74 82.65 78.22
C GLN V 473 57.40 83.43 76.94
N GLY V 474 56.91 84.67 77.09
CA GLY V 474 56.57 85.54 75.96
C GLY V 474 57.58 86.64 75.75
N TRP V 475 58.00 86.82 74.49
CA TRP V 475 58.99 87.87 74.13
C TRP V 475 58.41 88.83 73.08
N ASN V 476 58.60 90.13 73.28
CA ASN V 476 58.12 91.17 72.32
C ASN V 476 59.01 91.23 71.08
N LEU V 477 58.43 91.56 69.93
CA LEU V 477 59.12 91.64 68.62
C LEU V 477 58.85 93.05 68.08
N GLY V 478 59.64 93.54 67.12
CA GLY V 478 59.47 94.93 66.64
C GLY V 478 59.77 95.97 67.69
N SER V 479 58.81 96.82 68.02
CA SER V 479 59.00 97.87 69.05
C SER V 479 59.30 97.19 70.39
N GLY V 480 58.64 96.08 70.75
CA GLY V 480 59.13 95.28 71.90
C GLY V 480 59.23 95.95 73.24
N VAL V 481 60.40 95.97 73.87
CA VAL V 481 60.64 96.49 75.26
C VAL V 481 60.99 95.33 76.24
N ASN V 482 61.57 94.22 75.77
CA ASN V 482 62.05 93.04 76.58
C ASN V 482 63.30 93.27 77.45
N ARG V 483 63.54 92.43 78.46
CA ARG V 483 64.74 92.48 79.38
C ARG V 483 66.09 92.24 78.68
N ALA V 484 67.12 93.02 79.03
CA ALA V 484 68.47 93.01 78.41
C ALA V 484 69.46 91.95 78.87
N SER V 485 70.41 91.55 77.99
CA SER V 485 71.54 90.65 78.32
C SER V 485 71.16 89.29 78.92
N VAL V 486 70.14 88.64 78.38
CA VAL V 486 69.65 87.35 78.95
C VAL V 486 70.23 86.13 78.23
N SER V 487 70.64 85.10 78.99
CA SER V 487 71.00 83.80 78.37
C SER V 487 69.75 82.93 78.53
N ALA V 488 69.12 82.50 77.46
CA ALA V 488 67.82 81.78 77.46
C ALA V 488 67.77 80.38 78.10
N PHE V 489 68.78 79.51 78.00
CA PHE V 489 68.67 78.05 78.30
C PHE V 489 68.27 77.63 79.74
N ALA V 490 68.73 78.27 80.81
CA ALA V 490 68.41 77.89 82.20
C ALA V 490 66.91 78.00 82.47
N THR V 491 66.23 79.00 81.92
CA THR V 491 64.79 79.26 82.17
C THR V 491 63.86 78.66 81.14
N THR V 492 64.35 77.90 80.17
CA THR V 492 63.53 77.22 79.13
C THR V 492 62.72 76.04 79.64
N ASN V 493 61.62 75.69 78.97
CA ASN V 493 60.76 74.51 79.29
C ASN V 493 61.51 73.20 79.03
N ARG V 494 61.34 72.20 79.90
CA ARG V 494 62.11 70.94 79.77
C ARG V 494 61.32 69.69 80.18
N MET V 495 61.68 68.53 79.65
CA MET V 495 61.12 67.22 80.09
C MET V 495 62.33 66.34 80.45
N GLU V 496 62.21 65.46 81.46
CA GLU V 496 63.34 64.63 81.94
C GLU V 496 63.21 63.18 81.43
N LEU V 497 64.21 62.64 80.74
CA LEU V 497 64.22 61.20 80.30
C LEU V 497 65.53 60.54 80.70
N GLU V 498 65.54 59.37 81.34
CA GLU V 498 66.75 58.53 81.64
C GLU V 498 67.83 59.30 82.41
N GLY V 499 67.49 60.18 83.34
CA GLY V 499 68.50 61.01 84.03
C GLY V 499 69.00 62.27 83.32
N ALA V 500 68.43 62.69 82.18
CA ALA V 500 68.89 63.96 81.56
C ALA V 500 67.72 64.94 81.30
N SER V 501 67.98 66.25 81.28
CA SER V 501 66.97 67.30 81.00
C SER V 501 67.02 67.70 79.52
N TYR V 502 65.88 67.65 78.87
CA TYR V 502 65.83 67.96 77.41
C TYR V 502 64.91 69.11 77.10
N GLN V 503 65.37 70.02 76.27
CA GLN V 503 64.45 71.04 75.72
C GLN V 503 63.53 70.29 74.73
N VAL V 504 62.28 70.67 74.66
CA VAL V 504 61.27 70.05 73.76
C VAL V 504 60.75 71.27 73.00
N PRO V 505 61.51 71.78 72.00
CA PRO V 505 61.24 73.05 71.35
C PRO V 505 59.93 73.24 70.65
N PRO V 506 59.26 72.31 69.94
CA PRO V 506 57.89 72.61 69.53
C PRO V 506 57.17 72.23 70.84
N GLN V 507 56.28 73.04 71.36
CA GLN V 507 55.55 72.51 72.58
C GLN V 507 54.45 71.51 72.10
N PRO V 508 53.78 70.72 72.97
CA PRO V 508 52.64 69.87 72.58
C PRO V 508 51.35 70.62 72.11
N ASN V 509 50.50 70.06 71.23
CA ASN V 509 49.29 70.74 70.64
C ASN V 509 48.18 71.24 71.59
N GLY V 510 47.35 72.22 71.16
CA GLY V 510 46.25 72.84 71.94
C GLY V 510 46.47 74.23 72.44
N MET V 511 47.55 74.88 72.06
CA MET V 511 47.79 76.28 72.47
C MET V 511 47.97 77.24 71.29
N THR V 512 47.89 78.55 71.54
CA THR V 512 48.25 79.59 70.53
C THR V 512 49.44 80.41 71.04
N ASN V 513 50.51 80.55 70.25
CA ASN V 513 51.71 81.43 70.52
C ASN V 513 51.45 82.96 70.50
N ASN V 514 50.61 83.49 69.61
CA ASN V 514 50.42 84.96 69.43
C ASN V 514 48.93 85.33 69.46
N LEU V 515 48.54 86.39 70.16
CA LEU V 515 47.12 86.89 70.19
C LEU V 515 46.48 87.48 68.89
N GLN V 516 47.13 88.29 68.05
CA GLN V 516 46.56 88.99 66.84
C GLN V 516 46.82 90.47 67.09
N GLY V 517 47.31 91.21 66.09
CA GLY V 517 47.84 92.51 66.50
C GLY V 517 48.99 92.05 67.36
N SER V 518 49.05 92.39 68.63
CA SER V 518 50.13 92.01 69.59
C SER V 518 51.51 91.58 69.05
N ASN V 519 52.55 92.07 69.72
CA ASN V 519 53.95 91.74 69.32
C ASN V 519 54.54 90.75 70.33
N THR V 520 53.73 90.18 71.22
CA THR V 520 54.19 89.13 72.15
C THR V 520 54.07 87.75 71.50
N TYR V 521 55.16 87.00 71.54
CA TYR V 521 55.20 85.64 70.93
C TYR V 521 55.80 84.72 71.94
N ALA V 522 55.23 83.54 72.06
CA ALA V 522 55.92 82.54 72.89
C ALA V 522 56.87 81.81 71.92
N LEU V 523 58.18 82.09 71.98
CA LEU V 523 59.20 81.62 70.99
C LEU V 523 59.41 80.09 70.95
N GLU V 524 59.32 79.39 72.09
CA GLU V 524 59.47 77.92 72.15
C GLU V 524 58.18 77.20 71.69
N ASN V 525 57.09 77.90 71.43
CA ASN V 525 55.85 77.32 70.83
C ASN V 525 55.75 77.65 69.33
N THR V 526 56.77 78.24 68.71
CA THR V 526 56.68 78.71 67.30
C THR V 526 57.67 78.01 66.38
N MET V 527 57.24 77.63 65.18
CA MET V 527 58.17 77.16 64.13
C MET V 527 58.96 78.36 63.58
N ILE V 528 60.29 78.30 63.62
CA ILE V 528 61.18 79.36 63.07
C ILE V 528 61.98 78.82 61.87
N PHE V 529 61.99 79.55 60.76
CA PHE V 529 62.61 79.11 59.49
C PHE V 529 63.52 80.20 58.95
N ASN V 530 64.44 79.85 58.06
CA ASN V 530 65.32 80.83 57.36
C ASN V 530 64.83 80.97 55.92
N SER V 531 64.78 82.19 55.37
CA SER V 531 64.43 82.42 53.95
C SER V 531 65.46 81.77 53.01
N GLN V 532 66.74 81.83 53.36
CA GLN V 532 67.84 81.26 52.54
C GLN V 532 68.45 80.02 53.20
N PRO V 533 68.93 79.03 52.43
CA PRO V 533 69.64 77.86 52.98
C PRO V 533 70.99 78.24 53.61
N ALA V 534 71.42 77.46 54.60
CA ALA V 534 72.64 77.80 55.37
C ALA V 534 73.74 76.74 55.22
N ASN V 535 74.99 77.17 55.37
CA ASN V 535 76.15 76.25 55.37
C ASN V 535 76.13 75.38 56.64
N PRO V 536 76.59 74.12 56.58
CA PRO V 536 76.64 73.27 57.76
C PRO V 536 77.55 73.71 58.91
N GLY V 537 77.07 73.59 60.15
CA GLY V 537 77.86 73.91 61.35
C GLY V 537 77.92 75.37 61.71
N THR V 538 77.14 76.22 61.07
CA THR V 538 77.20 77.67 61.34
C THR V 538 76.87 77.94 62.81
N THR V 539 77.61 78.84 63.46
CA THR V 539 77.35 79.26 64.85
C THR V 539 76.99 80.74 64.88
N ALA V 540 76.70 81.35 63.73
CA ALA V 540 76.38 82.80 63.60
C ALA V 540 75.08 83.23 64.31
N THR V 541 75.08 84.41 64.95
CA THR V 541 73.84 84.98 65.53
C THR V 541 72.93 85.46 64.44
N TYR V 542 71.62 85.28 64.59
CA TYR V 542 70.63 85.79 63.63
C TYR V 542 69.63 86.68 64.33
N LEU V 543 69.42 87.86 63.78
CA LEU V 543 68.36 88.79 64.27
C LEU V 543 66.99 88.44 63.66
N GLU V 544 65.91 89.06 64.13
CA GLU V 544 64.51 88.81 63.70
C GLU V 544 64.25 89.07 62.21
N GLY V 545 64.88 90.09 61.62
CA GLY V 545 64.68 90.44 60.19
C GLY V 545 65.08 89.31 59.27
N ASN V 546 66.18 88.61 59.54
CA ASN V 546 66.56 87.40 58.78
C ASN V 546 65.54 86.25 58.92
N MET V 547 64.93 86.06 60.08
CA MET V 547 64.07 84.88 60.35
C MET V 547 62.64 84.93 59.82
N LEU V 548 62.04 83.77 59.52
CA LEU V 548 60.60 83.70 59.15
C LEU V 548 59.88 83.15 60.37
N ILE V 549 59.02 83.93 61.03
CA ILE V 549 58.36 83.50 62.31
C ILE V 549 56.85 83.34 62.11
N THR V 550 56.32 82.16 62.39
CA THR V 550 54.90 81.82 62.25
C THR V 550 54.01 82.29 63.40
N SER V 551 52.72 82.48 63.14
CA SER V 551 51.71 82.89 64.15
C SER V 551 50.54 81.92 64.07
N GLU V 552 49.94 81.56 65.19
CA GLU V 552 48.79 80.62 65.28
C GLU V 552 47.54 81.40 65.72
N SER V 553 47.46 82.71 65.48
CA SER V 553 46.40 83.62 65.97
C SER V 553 44.98 83.24 65.49
N GLU V 554 44.82 82.54 64.37
CA GLU V 554 43.53 82.04 63.84
C GLU V 554 42.85 81.06 64.83
N THR V 555 43.60 80.25 65.55
CA THR V 555 43.10 79.22 66.49
C THR V 555 42.74 79.78 67.87
N GLN V 556 42.94 81.08 68.13
CA GLN V 556 42.73 81.76 69.43
C GLN V 556 41.26 81.64 69.94
N PRO V 557 40.19 81.68 69.11
CA PRO V 557 38.84 81.39 69.58
C PRO V 557 38.64 80.05 70.34
N VAL V 558 39.40 78.97 70.05
CA VAL V 558 39.42 77.68 70.81
C VAL V 558 40.75 77.30 71.51
N ASN V 559 41.85 78.03 71.37
CA ASN V 559 43.16 77.57 71.92
C ASN V 559 43.66 78.58 72.92
N ARG V 560 44.06 78.11 74.10
CA ARG V 560 44.57 79.02 75.16
C ARG V 560 45.95 79.62 74.80
N VAL V 561 46.21 80.84 75.25
CA VAL V 561 47.52 81.50 75.03
C VAL V 561 48.64 80.93 75.93
N ALA V 562 49.80 80.57 75.36
CA ALA V 562 50.97 79.96 76.05
C ALA V 562 51.62 80.86 77.10
N TYR V 563 51.78 82.14 76.84
CA TYR V 563 52.42 83.11 77.78
C TYR V 563 51.59 83.29 79.08
N ASN V 564 50.26 83.30 79.00
CA ASN V 564 49.35 83.52 80.16
C ASN V 564 49.08 82.30 81.05
N VAL V 565 48.64 82.49 82.30
CA VAL V 565 48.13 81.40 83.21
C VAL V 565 46.81 80.81 82.68
N GLY V 566 46.57 79.50 82.81
CA GLY V 566 45.34 78.78 82.39
C GLY V 566 44.01 79.10 83.06
N GLY V 567 43.95 79.30 84.37
CA GLY V 567 42.69 79.48 85.12
C GLY V 567 42.92 79.45 86.60
N GLN V 568 41.87 79.38 87.41
CA GLN V 568 41.96 79.31 88.90
C GLN V 568 41.10 78.15 89.47
N MET V 569 41.50 77.55 90.61
CA MET V 569 40.77 76.47 91.32
C MET V 569 40.76 76.74 92.83
N ALA V 570 39.83 76.16 93.60
CA ALA V 570 39.74 76.31 95.09
C ALA V 570 40.92 75.66 95.86
N THR V 571 41.43 76.37 96.87
CA THR V 571 42.59 75.91 97.66
C THR V 571 42.25 75.67 99.13
N ASN V 572 41.00 75.78 99.56
CA ASN V 572 40.66 75.76 101.01
C ASN V 572 39.20 75.36 101.22
N ASN V 573 38.82 75.19 102.48
CA ASN V 573 37.38 75.00 102.83
C ASN V 573 36.94 76.25 103.59
N GLN V 574 35.86 76.90 103.16
CA GLN V 574 35.28 78.10 103.83
C GLN V 574 34.60 77.70 105.17
N SER V 575 34.56 78.61 106.12
CA SER V 575 33.95 78.38 107.46
C SER V 575 33.55 79.76 108.00
N SER V 576 32.80 79.82 109.08
CA SER V 576 32.51 81.16 109.66
C SER V 576 33.83 81.83 110.05
N THR V 577 34.79 81.10 110.62
CA THR V 577 36.15 81.61 110.89
C THR V 577 36.95 81.92 109.63
N THR V 578 36.86 81.12 108.57
CA THR V 578 37.74 81.29 107.38
C THR V 578 37.07 81.71 106.09
N ALA V 579 37.58 82.77 105.45
CA ALA V 579 37.12 83.23 104.11
C ALA V 579 37.54 82.26 103.00
N PRO V 580 36.76 82.12 101.92
CA PRO V 580 37.17 81.31 100.78
C PRO V 580 38.40 81.80 99.97
N ALA V 581 39.22 80.90 99.42
CA ALA V 581 40.46 81.26 98.70
C ALA V 581 40.62 80.50 97.37
N THR V 582 41.29 81.10 96.39
CA THR V 582 41.56 80.46 95.08
C THR V 582 43.04 80.51 94.74
N GLY V 583 43.49 79.63 93.85
CA GLY V 583 44.87 79.70 93.35
C GLY V 583 44.96 79.53 91.84
N THR V 584 45.84 80.26 91.16
CA THR V 584 46.11 80.07 89.69
C THR V 584 46.92 78.81 89.39
N TYR V 585 46.75 78.22 88.22
CA TYR V 585 47.54 77.05 87.75
C TYR V 585 48.35 77.41 86.44
N ASN V 586 49.56 76.88 86.25
CA ASN V 586 50.43 77.16 85.06
C ASN V 586 50.37 76.02 84.03
N LEU V 587 49.77 74.89 84.39
CA LEU V 587 49.64 73.73 83.46
C LEU V 587 48.32 72.97 83.65
N GLN V 588 47.73 72.44 82.60
CA GLN V 588 46.54 71.56 82.69
C GLN V 588 46.61 70.58 81.52
N GLU V 589 45.99 69.41 81.63
CA GLU V 589 46.08 68.36 80.60
C GLU V 589 44.66 68.01 80.18
N ILE V 590 44.47 66.98 79.37
CA ILE V 590 43.15 66.62 78.79
C ILE V 590 42.07 66.30 79.84
N VAL V 591 40.87 66.79 79.60
CA VAL V 591 39.70 66.57 80.48
C VAL V 591 38.58 66.11 79.54
N PRO V 592 37.56 65.36 79.99
CA PRO V 592 36.45 65.01 79.11
C PRO V 592 35.64 66.24 78.64
N GLY V 593 35.19 66.27 77.38
CA GLY V 593 34.54 67.45 76.78
C GLY V 593 35.50 68.49 76.22
N SER V 594 36.80 68.19 76.17
CA SER V 594 37.88 69.05 75.61
C SER V 594 37.86 69.14 74.07
N VAL V 595 38.01 70.36 73.54
CA VAL V 595 38.06 70.63 72.06
C VAL V 595 39.29 71.53 71.77
N TRP V 596 39.98 71.29 70.66
CA TRP V 596 41.15 72.12 70.25
C TRP V 596 41.40 72.03 68.74
N MET V 597 42.23 72.92 68.23
CA MET V 597 42.69 72.88 66.81
C MET V 597 44.19 72.50 66.75
N GLU V 598 44.56 71.60 65.84
CA GLU V 598 45.98 71.21 65.60
C GLU V 598 46.77 72.31 64.88
N ARG V 599 48.09 72.29 64.98
CA ARG V 599 48.99 73.27 64.30
C ARG V 599 48.84 73.28 62.76
N ASP V 600 48.92 74.46 62.16
CA ASP V 600 48.83 74.65 60.69
C ASP V 600 50.05 74.18 59.91
N VAL V 601 49.85 73.67 58.71
CA VAL V 601 50.95 73.34 57.75
C VAL V 601 51.47 74.60 57.01
N TYR V 602 52.71 74.57 56.56
CA TYR V 602 53.35 75.69 55.83
C TYR V 602 53.94 75.13 54.55
N LEU V 603 54.09 75.94 53.50
CA LEU V 603 54.73 75.52 52.23
C LEU V 603 56.21 75.11 52.50
N GLN V 604 56.94 75.85 53.33
CA GLN V 604 58.32 75.55 53.81
C GLN V 604 58.37 74.29 54.73
N GLY V 605 57.29 73.94 55.42
CA GLY V 605 57.20 72.79 56.36
C GLY V 605 57.04 71.36 55.90
N PRO V 606 57.23 70.38 56.83
CA PRO V 606 56.95 68.95 56.59
C PRO V 606 55.54 68.33 56.45
N ILE V 607 55.31 67.42 55.50
CA ILE V 607 54.02 66.64 55.39
C ILE V 607 53.73 65.55 56.46
N TRP V 608 54.68 64.69 56.82
CA TRP V 608 54.38 63.50 57.66
C TRP V 608 55.43 63.17 58.72
N ALA V 609 55.05 62.37 59.72
CA ALA V 609 55.98 61.83 60.74
C ALA V 609 55.57 60.38 61.02
N LYS V 610 56.53 59.53 61.36
CA LYS V 610 56.25 58.13 61.75
C LYS V 610 55.84 58.02 63.23
N ILE V 611 54.73 57.34 63.51
CA ILE V 611 54.34 57.04 64.91
C ILE V 611 55.32 56.00 65.47
N PRO V 612 55.90 56.19 66.69
CA PRO V 612 56.80 55.22 67.29
C PRO V 612 56.14 53.93 67.78
N GLU V 613 56.81 52.78 67.64
CA GLU V 613 56.17 51.48 68.00
C GLU V 613 56.45 51.10 69.47
N THR V 614 55.51 51.36 70.38
CA THR V 614 55.63 51.07 71.81
C THR V 614 54.52 50.16 72.25
N GLY V 615 53.47 50.06 71.45
CA GLY V 615 52.24 49.35 71.79
C GLY V 615 51.21 50.23 72.51
N ALA V 616 51.53 51.46 72.92
CA ALA V 616 50.55 52.39 73.53
C ALA V 616 50.76 53.84 73.10
N HIS V 617 49.71 54.54 72.70
CA HIS V 617 49.80 55.98 72.33
C HIS V 617 48.45 56.68 72.52
N PHE V 618 48.46 58.00 72.62
CA PHE V 618 47.20 58.79 72.63
C PHE V 618 47.19 59.85 71.55
N HIS V 619 46.12 59.96 70.74
CA HIS V 619 45.91 61.06 69.75
C HIS V 619 47.17 61.35 68.93
N PRO V 620 47.39 60.65 67.81
CA PRO V 620 48.69 60.72 67.13
C PRO V 620 48.96 61.74 66.04
N SER V 621 48.97 62.99 66.44
CA SER V 621 49.23 64.11 65.52
C SER V 621 50.60 64.70 65.90
N PRO V 622 51.57 64.79 64.96
CA PRO V 622 52.89 65.30 65.32
C PRO V 622 52.98 66.80 65.70
N ALA V 623 53.84 67.16 66.64
CA ALA V 623 53.93 68.55 67.16
C ALA V 623 54.36 69.60 66.12
N MET V 624 55.30 69.30 65.22
CA MET V 624 55.77 70.19 64.13
C MET V 624 54.62 70.47 63.16
N GLY V 625 53.72 69.52 62.95
CA GLY V 625 52.57 69.66 62.04
C GLY V 625 52.47 68.47 61.10
N GLY V 626 51.40 68.38 60.33
CA GLY V 626 51.23 67.28 59.35
C GLY V 626 50.50 66.02 59.75
N PHE V 627 50.76 64.94 59.05
CA PHE V 627 50.02 63.65 59.20
C PHE V 627 50.88 62.60 59.89
N GLY V 628 50.33 61.96 60.93
CA GLY V 628 51.03 60.91 61.68
C GLY V 628 50.68 59.57 61.11
N LEU V 629 51.67 58.81 60.70
CA LEU V 629 51.42 57.54 59.99
C LEU V 629 52.05 56.32 60.66
N LYS V 630 51.28 55.27 60.89
CA LYS V 630 51.82 53.97 61.36
C LYS V 630 52.74 53.35 60.30
N HIS V 631 52.36 53.41 59.03
CA HIS V 631 53.19 52.87 57.91
C HIS V 631 53.50 53.99 56.93
N PRO V 632 54.58 54.75 57.18
CA PRO V 632 54.99 55.87 56.35
C PRO V 632 55.60 55.56 54.99
N PRO V 633 55.68 56.51 54.04
CA PRO V 633 56.34 56.20 52.78
C PRO V 633 57.79 55.76 53.11
N PRO V 634 58.28 54.65 52.55
CA PRO V 634 59.57 54.07 52.94
C PRO V 634 60.92 54.71 52.62
N MET V 635 61.93 54.47 53.45
CA MET V 635 63.31 54.95 53.21
C MET V 635 63.91 54.40 51.88
N MET V 636 64.47 55.29 51.07
CA MET V 636 65.08 54.94 49.77
C MET V 636 66.59 55.19 49.88
N LEU V 637 67.40 54.16 49.67
CA LEU V 637 68.87 54.22 49.91
C LEU V 637 69.66 53.93 48.63
N ILE V 638 70.67 54.75 48.36
CA ILE V 638 71.52 54.60 47.15
C ILE V 638 73.01 54.64 47.53
N LYS V 639 73.81 53.78 46.92
CA LYS V 639 75.29 53.82 47.14
C LYS V 639 76.07 53.62 45.84
N ASN V 640 77.30 54.10 45.80
CA ASN V 640 78.23 53.79 44.67
C ASN V 640 78.92 52.47 44.98
N THR V 641 78.94 51.51 44.06
CA THR V 641 79.65 50.23 44.26
C THR V 641 81.17 50.45 44.35
N PRO V 642 81.87 49.83 45.33
CA PRO V 642 83.31 49.89 45.39
C PRO V 642 84.01 49.35 44.14
N VAL V 643 84.90 50.14 43.58
CA VAL V 643 85.70 49.64 42.43
C VAL V 643 87.18 49.66 42.89
N PRO V 644 87.83 48.50 42.95
CA PRO V 644 89.24 48.42 43.38
C PRO V 644 90.42 48.99 42.56
N GLY V 645 91.46 49.49 43.23
CA GLY V 645 92.73 49.93 42.63
C GLY V 645 93.62 48.73 42.33
N ASN V 646 94.76 48.90 41.66
CA ASN V 646 95.55 47.72 41.22
C ASN V 646 96.09 46.90 42.40
N ILE V 647 95.82 45.60 42.42
CA ILE V 647 96.31 44.70 43.51
C ILE V 647 97.14 43.61 42.82
N THR V 648 98.38 43.40 43.24
CA THR V 648 99.29 42.44 42.55
C THR V 648 99.57 41.21 43.39
N SER V 649 99.22 41.22 44.67
CA SER V 649 99.55 40.09 45.59
C SER V 649 98.33 39.68 46.43
N PHE V 650 98.24 38.43 46.87
CA PHE V 650 97.17 37.94 47.75
C PHE V 650 97.32 38.33 49.23
N SER V 651 96.23 38.76 49.88
CA SER V 651 96.22 38.93 51.35
C SER V 651 94.87 38.48 51.90
N ASP V 652 94.83 37.89 53.08
CA ASP V 652 93.57 37.64 53.84
C ASP V 652 92.98 38.99 54.25
N VAL V 653 93.83 39.97 54.58
CA VAL V 653 93.37 41.33 55.00
C VAL V 653 92.59 42.02 53.88
N PRO V 654 91.40 42.63 54.16
CA PRO V 654 90.58 43.30 53.15
C PRO V 654 91.18 44.49 52.43
N VAL V 655 90.84 44.64 51.15
CA VAL V 655 91.37 45.77 50.33
C VAL V 655 90.89 47.14 50.86
N SER V 656 91.81 48.07 50.98
CA SER V 656 91.54 49.44 51.43
C SER V 656 91.83 50.46 50.30
N SER V 657 92.21 50.01 49.12
CA SER V 657 92.59 50.90 47.99
C SER V 657 91.56 50.81 46.87
N PHE V 658 90.94 51.93 46.53
CA PHE V 658 89.83 51.95 45.55
C PHE V 658 89.97 53.11 44.62
N ILE V 659 89.48 53.00 43.40
CA ILE V 659 89.44 54.21 42.49
C ILE V 659 88.39 55.24 42.99
N THR V 660 88.67 56.55 42.94
CA THR V 660 87.74 57.63 43.39
C THR V 660 86.63 57.92 42.36
N GLN V 661 85.37 57.88 42.79
CA GLN V 661 84.20 57.98 41.88
C GLN V 661 82.99 58.75 42.47
N TYR V 662 82.12 59.29 41.63
CA TYR V 662 80.87 59.99 42.07
C TYR V 662 79.77 59.65 41.06
N SER V 663 78.51 59.81 41.45
CA SER V 663 77.37 59.54 40.53
C SER V 663 76.40 60.74 40.41
N THR V 664 75.71 60.83 39.28
CA THR V 664 74.72 61.90 39.02
C THR V 664 73.52 61.33 38.26
N GLY V 665 72.34 61.93 38.39
CA GLY V 665 71.13 61.49 37.66
C GLY V 665 69.91 62.36 37.85
N GLN V 666 68.76 61.89 37.41
CA GLN V 666 67.44 62.57 37.57
C GLN V 666 66.43 61.73 38.41
N VAL V 667 65.65 62.40 39.25
CA VAL V 667 64.59 61.73 40.07
C VAL V 667 63.21 62.39 39.79
N THR V 668 62.16 61.60 39.61
CA THR V 668 60.79 62.11 39.47
C THR V 668 59.89 61.60 40.60
N VAL V 669 59.12 62.49 41.26
CA VAL V 669 58.09 62.10 42.28
C VAL V 669 56.68 62.54 41.84
N GLU V 670 55.71 61.64 41.84
CA GLU V 670 54.30 61.93 41.49
C GLU V 670 53.41 61.67 42.72
N MET V 671 52.60 62.65 43.11
CA MET V 671 51.71 62.52 44.30
C MET V 671 50.26 62.87 43.97
N GLU V 672 49.33 62.11 44.55
CA GLU V 672 47.88 62.38 44.40
C GLU V 672 47.30 62.90 45.73
N TRP V 673 46.46 63.93 45.65
CA TRP V 673 45.87 64.56 46.84
C TRP V 673 44.34 64.60 46.74
N GLU V 674 43.66 64.35 47.85
CA GLU V 674 42.17 64.46 47.92
C GLU V 674 41.78 65.80 48.56
N LEU V 675 40.83 66.51 47.97
CA LEU V 675 40.40 67.86 48.41
C LEU V 675 39.00 67.88 49.02
N LYS V 676 38.79 68.67 50.07
CA LYS V 676 37.43 68.89 50.62
C LYS V 676 36.95 70.30 50.24
N LYS V 677 35.83 70.40 49.53
CA LYS V 677 35.22 71.68 49.10
C LYS V 677 34.55 72.55 50.18
N GLU V 678 34.68 73.86 50.07
CA GLU V 678 33.95 74.81 50.95
C GLU V 678 32.44 74.81 50.63
N ASN V 679 31.57 74.88 51.64
CA ASN V 679 30.08 74.94 51.48
C ASN V 679 29.53 76.13 52.30
N SER V 680 30.19 77.29 52.30
CA SER V 680 29.81 78.46 53.14
C SER V 680 28.52 79.21 52.75
N LYS V 681 27.77 79.70 53.74
CA LYS V 681 26.58 80.56 53.52
C LYS V 681 26.88 82.02 53.94
N ARG V 682 28.13 82.40 54.25
CA ARG V 682 28.56 83.79 54.61
C ARG V 682 28.37 84.82 53.47
N TRP V 683 27.52 85.84 53.67
CA TRP V 683 27.20 86.90 52.69
C TRP V 683 28.35 87.86 52.32
N ASN V 684 29.08 88.31 53.32
CA ASN V 684 30.21 89.26 53.17
C ASN V 684 31.48 88.58 52.63
N PRO V 685 32.37 89.36 51.98
CA PRO V 685 33.65 88.83 51.52
C PRO V 685 34.71 88.39 52.56
N GLU V 686 35.38 87.28 52.29
CA GLU V 686 36.47 86.68 53.11
C GLU V 686 37.91 87.21 52.94
N ILE V 687 38.78 86.93 53.91
CA ILE V 687 40.25 87.17 53.83
C ILE V 687 40.91 86.16 52.86
N GLN V 688 41.88 86.61 52.06
CA GLN V 688 42.61 85.78 51.05
C GLN V 688 44.10 86.09 51.03
N TYR V 689 44.97 85.13 50.73
CA TYR V 689 46.41 85.42 50.50
C TYR V 689 46.57 86.15 49.14
N THR V 690 47.33 87.23 49.14
CA THR V 690 47.50 88.03 47.92
C THR V 690 48.95 88.43 47.78
N ASN V 691 49.38 88.73 46.56
CA ASN V 691 50.72 89.29 46.34
C ASN V 691 50.54 90.79 46.53
N ASN V 692 51.03 91.34 47.62
CA ASN V 692 50.79 92.76 47.98
C ASN V 692 52.07 93.33 48.57
N TYR V 693 52.65 94.30 47.90
CA TYR V 693 53.96 94.86 48.32
C TYR V 693 53.91 96.35 48.03
N ASN V 694 54.55 97.18 48.84
CA ASN V 694 54.59 98.64 48.52
C ASN V 694 55.96 99.02 47.93
N ASP V 695 55.99 99.63 46.73
CA ASP V 695 57.24 100.04 46.00
C ASP V 695 58.27 98.91 45.87
N PRO V 696 57.91 97.70 45.36
CA PRO V 696 58.87 96.60 45.32
C PRO V 696 60.15 96.74 44.48
N GLN V 697 61.30 96.33 45.03
CA GLN V 697 62.60 96.41 44.31
C GLN V 697 62.95 95.07 43.65
N PHE V 698 62.17 94.04 43.90
CA PHE V 698 62.43 92.68 43.36
C PHE V 698 61.10 92.00 43.33
N VAL V 699 61.01 90.93 42.58
CA VAL V 699 59.79 90.08 42.65
C VAL V 699 60.08 88.96 43.64
N ASP V 700 59.26 88.78 44.65
CA ASP V 700 59.32 87.64 45.60
C ASP V 700 58.96 86.33 44.90
N PHE V 701 59.52 85.18 45.33
CA PHE V 701 59.36 83.82 44.71
C PHE V 701 59.88 83.78 43.28
N ALA V 702 60.98 84.46 43.02
CA ALA V 702 61.61 84.54 41.70
C ALA V 702 63.13 84.59 41.87
N PRO V 703 63.93 84.25 40.83
CA PRO V 703 65.37 84.47 40.88
C PRO V 703 65.85 85.93 40.84
N ASP V 704 66.99 86.23 41.45
CA ASP V 704 67.57 87.61 41.38
C ASP V 704 68.61 87.77 40.26
N SER V 705 69.31 88.91 40.23
CA SER V 705 70.32 89.20 39.18
C SER V 705 71.46 88.17 39.20
N THR V 706 71.90 87.71 40.37
CA THR V 706 72.89 86.60 40.53
C THR V 706 72.30 85.22 40.23
N GLY V 707 70.99 85.03 40.16
CA GLY V 707 70.36 83.71 40.00
C GLY V 707 69.91 83.00 41.27
N GLU V 708 69.96 83.65 42.43
CA GLU V 708 69.51 83.06 43.72
C GLU V 708 68.02 83.29 43.97
N TYR V 709 67.27 82.23 44.32
CA TYR V 709 65.81 82.29 44.61
C TYR V 709 65.50 83.06 45.90
N ARG V 710 64.43 83.86 45.87
CA ARG V 710 64.05 84.69 47.04
C ARG V 710 62.69 84.23 47.55
N SER V 711 62.58 83.94 48.85
CA SER V 711 61.31 83.52 49.52
C SER V 711 61.14 84.29 50.84
N THR V 712 60.77 85.56 50.84
CA THR V 712 60.61 86.47 52.02
C THR V 712 59.52 86.05 53.01
N ARG V 713 58.38 85.49 52.60
CA ARG V 713 57.24 85.25 53.53
C ARG V 713 56.87 83.78 53.80
N PRO V 714 56.58 83.37 55.06
CA PRO V 714 56.01 82.06 55.35
C PRO V 714 54.51 81.90 54.98
N ILE V 715 54.06 80.81 54.37
CA ILE V 715 52.60 80.77 54.03
C ILE V 715 51.85 79.61 54.69
N GLY V 716 50.81 79.93 55.47
CA GLY V 716 49.89 78.98 56.13
C GLY V 716 48.71 78.62 55.27
N THR V 717 47.86 77.74 55.75
CA THR V 717 46.65 77.33 55.03
C THR V 717 45.32 77.94 55.46
N ARG V 718 45.21 78.71 56.56
CA ARG V 718 43.85 79.13 57.05
C ARG V 718 43.45 80.58 56.70
N TYR V 719 42.62 80.75 55.66
CA TYR V 719 42.12 82.09 55.21
C TYR V 719 40.61 82.07 55.22
N LEU V 720 40.02 80.90 54.97
CA LEU V 720 38.55 80.70 55.01
C LEU V 720 38.04 80.61 56.45
N THR V 721 36.78 80.90 56.65
CA THR V 721 36.16 80.95 57.99
C THR V 721 34.96 80.04 58.03
N ARG V 722 34.73 79.40 59.17
CA ARG V 722 33.52 78.56 59.36
C ARG V 722 32.89 78.84 60.72
N PRO V 723 31.55 78.74 60.88
CA PRO V 723 30.90 78.79 62.20
C PRO V 723 31.17 77.53 63.06
N LEU V 724 31.20 77.65 64.38
CA LEU V 724 31.50 76.51 65.28
C LEU V 724 30.39 75.44 65.23
N ASP W 209 75.78 -40.46 25.69
CA ASP W 209 75.36 -41.04 24.40
C ASP W 209 76.14 -42.32 24.08
N GLY W 210 77.43 -42.25 23.72
CA GLY W 210 78.10 -43.47 23.24
C GLY W 210 79.59 -43.58 23.40
N VAL W 211 80.14 -44.78 23.21
CA VAL W 211 81.60 -45.06 23.25
C VAL W 211 82.36 -44.28 22.14
N GLY W 212 81.80 -44.15 20.95
CA GLY W 212 82.46 -43.50 19.80
C GLY W 212 82.17 -42.04 19.63
N ASN W 213 81.41 -41.43 20.54
CA ASN W 213 80.98 -40.02 20.36
C ASN W 213 81.61 -39.12 21.43
N ALA W 214 82.20 -38.01 21.04
CA ALA W 214 82.79 -37.03 21.99
C ALA W 214 81.74 -36.18 22.74
N SER W 215 81.84 -36.10 24.07
CA SER W 215 80.99 -35.32 25.01
C SER W 215 81.13 -33.78 24.88
N GLY W 216 82.31 -33.26 24.60
CA GLY W 216 82.57 -31.81 24.47
C GLY W 216 83.77 -31.42 23.63
N ASP W 217 83.98 -30.12 23.43
CA ASP W 217 85.09 -29.54 22.60
C ASP W 217 86.02 -28.61 23.38
N TRP W 218 87.24 -28.42 22.90
CA TRP W 218 88.26 -27.53 23.54
C TRP W 218 87.97 -26.04 23.31
N HIS W 219 87.85 -25.28 24.38
CA HIS W 219 87.72 -23.81 24.28
C HIS W 219 88.77 -23.09 25.14
N CYS W 220 89.74 -22.40 24.55
CA CYS W 220 90.69 -21.57 25.33
C CYS W 220 90.72 -20.19 24.65
N ASP W 221 90.13 -19.17 25.27
CA ASP W 221 90.02 -17.84 24.59
C ASP W 221 89.76 -16.64 25.51
N SER W 222 90.02 -15.41 25.05
CA SER W 222 89.63 -14.18 25.76
C SER W 222 88.81 -13.30 24.78
N THR W 223 87.69 -12.75 25.19
CA THR W 223 86.92 -11.80 24.36
C THR W 223 86.75 -10.49 25.13
N TRP W 224 87.11 -9.36 24.54
CA TRP W 224 86.99 -8.02 25.17
C TRP W 224 85.86 -7.25 24.51
N MET W 225 84.87 -6.83 25.28
CA MET W 225 83.69 -6.11 24.76
C MET W 225 83.34 -4.86 25.59
N GLY W 226 84.03 -3.73 25.44
CA GLY W 226 83.77 -2.55 26.30
C GLY W 226 84.08 -2.78 27.75
N ASP W 227 83.09 -2.61 28.64
CA ASP W 227 83.24 -2.79 30.11
C ASP W 227 83.40 -4.26 30.55
N ARG W 228 83.18 -5.24 29.67
CA ARG W 228 83.21 -6.69 30.04
C ARG W 228 84.33 -7.48 29.33
N VAL W 229 85.00 -8.38 30.05
CA VAL W 229 85.97 -9.32 29.43
C VAL W 229 85.51 -10.75 29.82
N VAL W 230 85.47 -11.70 28.87
CA VAL W 230 85.13 -13.13 29.13
C VAL W 230 86.38 -14.00 28.94
N THR W 231 86.70 -14.84 29.92
CA THR W 231 87.87 -15.77 29.82
C THR W 231 87.40 -17.23 29.74
N LYS W 232 87.94 -18.02 28.81
CA LYS W 232 87.66 -19.47 28.68
C LYS W 232 88.98 -20.25 28.85
N SER W 233 88.99 -21.29 29.67
CA SER W 233 90.19 -22.13 29.94
C SER W 233 89.84 -23.62 29.88
N THR W 234 90.61 -24.42 29.14
CA THR W 234 90.42 -25.89 29.05
C THR W 234 91.70 -26.62 29.47
N ARG W 235 91.58 -27.64 30.31
CA ARG W 235 92.74 -28.47 30.76
C ARG W 235 92.45 -29.98 30.75
N THR W 236 93.48 -30.81 30.72
CA THR W 236 93.36 -32.28 30.83
C THR W 236 93.82 -32.70 32.23
N TRP W 237 93.02 -33.51 32.93
CA TRP W 237 93.28 -33.96 34.33
C TRP W 237 93.37 -35.49 34.48
N VAL W 238 94.06 -35.95 35.52
CA VAL W 238 94.14 -37.38 35.89
C VAL W 238 93.64 -37.56 37.34
N LEU W 239 92.83 -38.59 37.61
CA LEU W 239 92.37 -38.90 38.99
C LEU W 239 92.87 -40.26 39.52
N PRO W 240 93.66 -40.27 40.61
CA PRO W 240 94.02 -41.52 41.30
C PRO W 240 92.93 -42.11 42.17
N SER W 241 92.97 -43.41 42.45
CA SER W 241 92.03 -43.97 43.46
C SER W 241 92.66 -43.82 44.85
N TYR W 242 92.37 -42.74 45.57
CA TYR W 242 93.03 -42.42 46.88
C TYR W 242 92.52 -43.23 48.06
N ASN W 243 93.41 -43.76 48.90
CA ASN W 243 93.05 -44.44 50.18
C ASN W 243 92.55 -45.86 49.93
N ASN W 244 92.61 -46.35 48.69
CA ASN W 244 92.08 -47.70 48.29
C ASN W 244 90.59 -47.80 48.66
N HIS W 245 89.78 -46.77 48.40
CA HIS W 245 88.30 -46.76 48.65
C HIS W 245 87.92 -46.66 50.14
N GLN W 246 88.77 -46.10 50.97
CA GLN W 246 88.52 -46.05 52.44
C GLN W 246 88.69 -44.64 53.04
N TYR W 247 88.07 -44.36 54.17
CA TYR W 247 88.19 -43.09 54.92
C TYR W 247 89.13 -43.35 56.06
N ARG W 248 90.13 -42.51 56.27
CA ARG W 248 91.13 -42.75 57.32
C ARG W 248 91.23 -41.61 58.36
N GLU W 249 91.25 -41.97 59.65
CA GLU W 249 91.48 -40.94 60.69
C GLU W 249 92.96 -40.51 60.67
N ILE W 250 93.21 -39.21 60.67
CA ILE W 250 94.57 -38.62 60.56
C ILE W 250 94.82 -37.70 61.76
N LYS W 251 96.04 -37.66 62.26
CA LYS W 251 96.30 -36.86 63.49
C LYS W 251 97.78 -36.48 63.61
N SER W 252 98.08 -35.42 64.33
CA SER W 252 99.49 -35.08 64.62
C SER W 252 99.71 -34.61 66.06
N GLY W 253 100.85 -34.93 66.67
CA GLY W 253 101.34 -34.33 67.92
C GLY W 253 102.24 -33.12 67.61
N SER W 254 102.94 -32.58 68.59
CA SER W 254 103.90 -31.44 68.40
C SER W 254 105.08 -31.81 67.48
N VAL W 255 105.45 -30.94 66.54
CA VAL W 255 106.53 -31.21 65.55
C VAL W 255 107.36 -29.94 65.36
N ASP W 256 108.67 -30.06 65.15
CA ASP W 256 109.61 -28.91 64.95
C ASP W 256 109.58 -28.00 66.18
N GLY W 257 109.34 -28.58 67.35
CA GLY W 257 109.26 -27.80 68.59
C GLY W 257 107.93 -27.12 68.85
N SER W 258 106.88 -27.31 68.05
CA SER W 258 105.63 -26.53 68.30
C SER W 258 104.35 -27.34 68.48
N ASN W 259 103.58 -27.07 69.55
CA ASN W 259 102.21 -27.65 69.79
C ASN W 259 101.15 -27.06 68.85
N ALA W 260 101.39 -25.91 68.21
CA ALA W 260 100.49 -25.25 67.21
C ALA W 260 100.37 -26.19 66.00
N ASN W 261 101.39 -27.01 65.77
CA ASN W 261 101.43 -28.10 64.74
C ASN W 261 100.40 -29.22 64.98
N ALA W 262 100.05 -29.59 66.22
CA ALA W 262 99.08 -30.68 66.55
C ALA W 262 97.68 -30.49 65.98
N TYR W 263 97.05 -31.56 65.48
CA TYR W 263 95.69 -31.55 64.87
C TYR W 263 95.04 -32.95 64.94
N PHE W 264 93.71 -33.00 64.81
CA PHE W 264 92.93 -34.26 64.68
C PHE W 264 92.06 -34.09 63.40
N GLY W 265 91.99 -35.09 62.53
CA GLY W 265 91.29 -34.98 61.24
C GLY W 265 90.93 -36.26 60.49
N TYR W 266 90.27 -36.10 59.35
CA TYR W 266 89.93 -37.24 58.44
C TYR W 266 90.51 -37.07 57.01
N SER W 267 91.01 -38.16 56.41
CA SER W 267 91.43 -38.17 54.97
C SER W 267 90.35 -38.94 54.18
N THR W 268 90.08 -38.54 52.96
CA THR W 268 88.93 -39.11 52.19
C THR W 268 89.35 -39.72 50.86
N PRO W 269 88.53 -40.63 50.29
CA PRO W 269 88.75 -41.21 48.96
C PRO W 269 88.63 -40.25 47.77
N TRP W 270 87.90 -39.14 47.90
CA TRP W 270 87.62 -38.10 46.87
C TRP W 270 88.75 -37.12 46.51
N GLY W 271 88.63 -36.52 45.34
CA GLY W 271 89.51 -35.45 44.84
C GLY W 271 88.69 -34.26 44.45
N TYR W 272 89.29 -33.09 44.36
CA TYR W 272 88.54 -31.83 44.09
C TYR W 272 89.20 -30.98 43.00
N PHE W 273 88.44 -30.11 42.35
CA PHE W 273 88.95 -29.15 41.34
C PHE W 273 89.08 -27.73 41.96
N ASP W 274 90.26 -27.10 41.86
CA ASP W 274 90.55 -25.74 42.37
C ASP W 274 90.92 -24.77 41.23
N PHE W 275 90.21 -23.66 41.11
CA PHE W 275 90.53 -22.60 40.10
C PHE W 275 90.91 -21.25 40.75
N ASN W 276 91.22 -21.15 42.04
CA ASN W 276 91.47 -19.82 42.68
C ASN W 276 92.91 -19.33 42.47
N ARG W 277 93.37 -19.18 41.24
CA ARG W 277 94.66 -18.56 40.87
C ARG W 277 94.36 -17.76 39.57
N PHE W 278 94.91 -16.56 39.40
CA PHE W 278 94.71 -15.70 38.19
C PHE W 278 95.30 -16.33 36.89
N HIS W 279 96.47 -16.98 36.94
CA HIS W 279 97.19 -17.62 35.80
C HIS W 279 96.32 -18.75 35.21
N SER W 280 95.41 -19.34 35.97
CA SER W 280 94.42 -20.35 35.53
C SER W 280 93.48 -19.75 34.46
N HIS W 281 93.08 -18.50 34.58
CA HIS W 281 92.18 -17.80 33.62
C HIS W 281 92.87 -16.77 32.70
N TRP W 282 94.08 -16.32 32.99
CA TRP W 282 94.67 -15.16 32.27
C TRP W 282 96.01 -15.46 31.60
N SER W 283 96.13 -15.14 30.32
CA SER W 283 97.43 -15.20 29.62
C SER W 283 98.31 -14.05 30.12
N PRO W 284 99.65 -14.15 30.03
CA PRO W 284 100.51 -13.04 30.40
C PRO W 284 100.29 -11.78 29.55
N ARG W 285 100.07 -11.88 28.24
CA ARG W 285 99.71 -10.71 27.40
C ARG W 285 98.36 -10.07 27.78
N ASP W 286 97.33 -10.85 28.07
CA ASP W 286 95.98 -10.36 28.50
C ASP W 286 96.05 -9.63 29.84
N TRP W 287 96.86 -10.13 30.78
CA TRP W 287 97.10 -9.47 32.08
C TRP W 287 97.77 -8.10 31.91
N GLN W 288 98.73 -7.97 31.00
CA GLN W 288 99.40 -6.69 30.65
C GLN W 288 98.41 -5.67 30.07
N ARG W 289 97.49 -6.12 29.23
CA ARG W 289 96.46 -5.23 28.67
C ARG W 289 95.55 -4.67 29.76
N LEU W 290 95.11 -5.46 30.74
CA LEU W 290 94.33 -4.95 31.89
C LEU W 290 95.05 -3.99 32.87
N ILE W 291 96.28 -4.28 33.27
CA ILE W 291 97.06 -3.47 34.26
C ILE W 291 97.42 -2.09 33.69
N ASN W 292 97.76 -2.03 32.42
CA ASN W 292 98.06 -0.78 31.66
C ASN W 292 96.87 0.17 31.47
N ASN W 293 95.65 -0.32 31.25
CA ASN W 293 94.50 0.54 30.83
C ASN W 293 93.28 0.72 31.74
N TYR W 294 93.19 0.10 32.90
CA TYR W 294 91.95 0.14 33.72
C TYR W 294 92.17 0.51 35.18
N TRP W 295 91.29 1.32 35.76
CA TRP W 295 91.28 1.64 37.23
C TRP W 295 90.92 0.43 38.14
N GLY W 296 89.98 -0.41 37.73
CA GLY W 296 89.52 -1.52 38.57
C GLY W 296 88.89 -2.68 37.84
N PHE W 297 88.79 -3.83 38.51
CA PHE W 297 88.12 -5.03 37.95
C PHE W 297 87.36 -5.81 39.05
N ARG W 298 86.30 -6.55 38.72
CA ARG W 298 85.59 -7.45 39.68
C ARG W 298 85.01 -8.72 38.98
N PRO W 299 84.93 -9.91 39.63
CA PRO W 299 84.22 -11.09 39.07
C PRO W 299 82.67 -11.05 39.04
N ARG W 300 82.03 -11.59 38.01
CA ARG W 300 80.55 -11.55 37.86
C ARG W 300 79.93 -12.95 37.77
N SER W 301 80.42 -13.80 36.86
CA SER W 301 79.79 -15.13 36.62
C SER W 301 80.80 -16.26 36.40
N LEU W 302 80.42 -17.48 36.77
CA LEU W 302 81.27 -18.68 36.53
C LEU W 302 80.47 -19.85 35.88
N ARG W 303 81.02 -20.52 34.87
CA ARG W 303 80.43 -21.76 34.27
C ARG W 303 81.48 -22.88 34.24
N VAL W 304 81.13 -24.10 34.69
CA VAL W 304 82.05 -25.28 34.68
C VAL W 304 81.48 -26.50 33.90
N LYS W 305 82.27 -27.13 33.02
CA LYS W 305 81.90 -28.38 32.32
C LYS W 305 82.96 -29.50 32.51
N ILE W 306 82.56 -30.73 32.84
CA ILE W 306 83.47 -31.93 32.93
C ILE W 306 83.03 -32.93 31.85
N PHE W 307 83.95 -33.43 31.00
CA PHE W 307 83.61 -34.21 29.77
C PHE W 307 84.73 -35.12 29.27
N ASN W 308 84.46 -36.00 28.28
CA ASN W 308 85.42 -36.96 27.62
C ASN W 308 86.06 -37.91 28.62
N ILE W 309 85.25 -38.43 29.54
CA ILE W 309 85.71 -39.33 30.62
C ILE W 309 86.26 -40.68 30.11
N GLN W 310 87.37 -41.14 30.66
CA GLN W 310 88.00 -42.43 30.29
C GLN W 310 88.46 -43.16 31.56
N VAL W 311 87.94 -44.36 31.80
CA VAL W 311 88.29 -45.17 33.00
C VAL W 311 89.21 -46.31 32.54
N LYS W 312 90.33 -46.49 33.23
CA LYS W 312 91.36 -47.50 32.89
C LYS W 312 91.60 -48.49 34.03
N GLU W 313 91.81 -49.75 33.71
CA GLU W 313 92.12 -50.79 34.72
C GLU W 313 93.60 -51.20 34.58
N VAL W 314 94.30 -51.28 35.71
CA VAL W 314 95.75 -51.62 35.70
C VAL W 314 95.89 -53.01 36.32
N THR W 315 96.60 -53.90 35.63
CA THR W 315 96.78 -55.29 36.12
C THR W 315 98.25 -55.63 36.12
N VAL W 316 98.71 -56.31 37.16
CA VAL W 316 100.13 -56.79 37.13
C VAL W 316 100.21 -58.32 37.19
N GLN W 317 100.87 -58.96 36.23
CA GLN W 317 101.14 -60.43 36.34
C GLN W 317 102.66 -60.58 36.19
N ASP W 318 103.34 -61.07 37.22
CA ASP W 318 104.80 -61.34 37.10
C ASP W 318 105.54 -60.08 36.64
N SER W 319 105.15 -58.89 37.10
CA SER W 319 105.88 -57.61 36.79
C SER W 319 105.59 -57.00 35.40
N THR W 320 104.66 -57.55 34.60
CA THR W 320 104.27 -56.94 33.29
C THR W 320 103.60 -55.57 33.38
N THR W 321 102.71 -55.28 34.33
CA THR W 321 101.93 -54.00 34.41
C THR W 321 101.12 -53.58 33.16
N THR W 322 100.28 -54.43 32.57
CA THR W 322 99.36 -54.02 31.47
C THR W 322 98.27 -53.02 31.88
N ILE W 323 97.92 -52.07 31.00
CA ILE W 323 96.83 -51.07 31.23
C ILE W 323 95.73 -51.20 30.15
N ALA W 324 94.45 -51.23 30.53
CA ALA W 324 93.33 -51.40 29.58
C ALA W 324 92.12 -50.53 29.88
N ASN W 325 91.31 -50.21 28.88
CA ASN W 325 90.04 -49.48 29.08
C ASN W 325 88.94 -50.32 29.73
N ASN W 326 88.18 -49.77 30.67
CA ASN W 326 86.97 -50.44 31.18
C ASN W 326 85.78 -49.56 30.78
N LEU W 327 84.96 -49.99 29.82
CA LEU W 327 83.77 -49.26 29.28
C LEU W 327 82.62 -49.09 30.28
N THR W 328 82.37 -50.09 31.10
CA THR W 328 81.19 -50.10 32.02
C THR W 328 81.47 -49.43 33.39
N SER W 329 82.70 -49.02 33.69
CA SER W 329 83.06 -48.31 34.97
C SER W 329 82.54 -46.86 35.06
N THR W 330 82.29 -46.37 36.28
CA THR W 330 81.69 -45.01 36.51
C THR W 330 82.55 -44.06 37.33
N VAL W 331 82.32 -42.78 37.17
CA VAL W 331 82.94 -41.71 37.98
C VAL W 331 81.75 -40.99 38.70
N GLN W 332 81.94 -40.52 39.94
CA GLN W 332 80.89 -39.80 40.73
C GLN W 332 81.24 -38.32 40.99
N VAL W 333 80.33 -37.40 40.69
CA VAL W 333 80.58 -35.92 40.80
C VAL W 333 79.46 -35.19 41.57
N PHE W 334 79.81 -34.25 42.44
CA PHE W 334 78.83 -33.38 43.17
C PHE W 334 79.37 -31.97 43.50
N THR W 335 78.48 -31.01 43.73
CA THR W 335 78.86 -29.64 44.21
C THR W 335 78.24 -29.39 45.57
N ASP W 336 79.01 -28.84 46.52
CA ASP W 336 78.51 -28.50 47.89
C ASP W 336 77.86 -27.11 47.93
N ASP W 337 76.64 -27.00 47.44
CA ASP W 337 75.89 -25.71 47.32
C ASP W 337 75.52 -24.99 48.63
N ASP W 338 75.16 -25.70 49.70
CA ASP W 338 74.72 -25.11 51.00
C ASP W 338 75.87 -24.93 52.00
N TYR W 339 77.11 -25.22 51.64
CA TYR W 339 78.33 -24.99 52.47
C TYR W 339 78.33 -25.84 53.75
N GLN W 340 77.75 -27.01 53.70
CA GLN W 340 77.74 -27.99 54.80
C GLN W 340 79.14 -28.54 55.10
N LEU W 341 79.94 -28.79 54.09
CA LEU W 341 81.34 -29.28 54.24
C LEU W 341 82.34 -28.22 54.66
N PRO W 342 83.44 -28.61 55.32
CA PRO W 342 84.52 -27.65 55.53
C PRO W 342 85.14 -27.17 54.20
N TYR W 343 85.37 -25.86 54.03
CA TYR W 343 85.86 -25.28 52.75
C TYR W 343 87.37 -25.05 52.81
N VAL W 344 88.11 -25.82 52.03
CA VAL W 344 89.59 -25.78 52.08
C VAL W 344 90.18 -25.02 50.87
N VAL W 345 89.34 -24.53 49.95
CA VAL W 345 89.79 -23.87 48.67
C VAL W 345 90.58 -22.54 48.84
N GLY W 346 90.30 -21.67 49.80
CA GLY W 346 90.89 -20.30 49.87
C GLY W 346 92.12 -20.11 50.76
N ASN W 347 92.91 -21.15 51.02
CA ASN W 347 94.04 -21.17 52.00
C ASN W 347 95.45 -21.21 51.36
N GLY W 348 95.66 -20.79 50.10
CA GLY W 348 96.97 -20.77 49.38
C GLY W 348 97.65 -22.09 49.16
N THR W 349 96.87 -23.12 48.87
CA THR W 349 97.39 -24.49 48.67
C THR W 349 97.54 -24.86 47.20
N GLU W 350 98.45 -25.78 46.91
CA GLU W 350 98.73 -26.31 45.55
C GLU W 350 97.65 -27.27 44.97
N GLY W 351 97.67 -27.54 43.67
CA GLY W 351 96.63 -28.36 43.00
C GLY W 351 95.63 -27.63 42.13
N CYS W 352 95.76 -26.32 41.89
CA CYS W 352 94.91 -25.54 40.95
C CYS W 352 95.25 -25.86 39.49
N LEU W 353 94.36 -25.48 38.56
CA LEU W 353 94.62 -25.69 37.11
C LEU W 353 95.89 -24.95 36.71
N PRO W 354 96.72 -25.56 35.84
CA PRO W 354 97.99 -24.95 35.45
C PRO W 354 98.01 -23.64 34.63
N ALA W 355 99.04 -22.82 34.78
CA ALA W 355 99.22 -21.54 34.04
C ALA W 355 99.33 -21.80 32.53
N PHE W 356 100.01 -22.86 32.09
CA PHE W 356 100.25 -23.16 30.65
C PHE W 356 99.21 -24.18 30.18
N PRO W 357 98.39 -23.87 29.14
CA PRO W 357 97.32 -24.77 28.65
C PRO W 357 97.63 -26.23 28.27
N PRO W 358 98.77 -26.57 27.62
CA PRO W 358 99.19 -27.94 27.33
C PRO W 358 99.54 -28.85 28.53
N GLN W 359 99.89 -28.30 29.67
CA GLN W 359 100.29 -29.07 30.88
C GLN W 359 99.15 -29.94 31.43
N VAL W 360 99.47 -31.16 31.85
CA VAL W 360 98.47 -32.15 32.33
C VAL W 360 98.64 -32.28 33.85
N PHE W 361 97.55 -32.27 34.61
CA PHE W 361 97.67 -32.22 36.10
C PHE W 361 96.91 -33.30 36.91
N THR W 362 97.50 -33.68 38.04
CA THR W 362 96.85 -34.55 39.03
C THR W 362 95.96 -33.76 39.98
N LEU W 363 94.72 -34.21 40.22
CA LEU W 363 93.80 -33.59 41.23
C LEU W 363 94.26 -33.84 42.67
N PRO W 364 94.16 -32.81 43.54
CA PRO W 364 94.42 -32.99 44.96
C PRO W 364 93.42 -33.86 45.76
N GLN W 365 93.88 -34.62 46.74
CA GLN W 365 92.98 -35.38 47.65
C GLN W 365 92.34 -34.50 48.75
N TYR W 366 91.03 -34.61 48.97
CA TYR W 366 90.28 -33.89 50.04
C TYR W 366 90.54 -34.43 51.46
N GLY W 367 90.66 -33.52 52.42
CA GLY W 367 90.90 -33.82 53.83
C GLY W 367 90.54 -32.60 54.63
N TYR W 368 90.43 -32.73 55.95
CA TYR W 368 90.09 -31.57 56.84
C TYR W 368 90.60 -31.80 58.25
N ALA W 369 90.74 -30.72 59.01
CA ALA W 369 91.03 -30.80 60.45
C ALA W 369 89.80 -30.37 61.24
N THR W 370 89.41 -31.12 62.25
CA THR W 370 88.33 -30.75 63.22
C THR W 370 89.00 -30.30 64.51
N LEU W 371 88.30 -30.35 65.63
CA LEU W 371 88.83 -30.01 66.97
C LEU W 371 89.83 -31.03 67.54
N ASN W 372 90.79 -30.53 68.31
CA ASN W 372 91.83 -31.38 68.96
C ASN W 372 91.83 -30.99 70.44
N ARG W 373 92.20 -31.89 71.34
CA ARG W 373 92.09 -31.61 72.80
C ARG W 373 93.42 -31.22 73.46
N ASP W 374 93.48 -30.06 74.11
CA ASP W 374 94.66 -29.55 74.88
C ASP W 374 95.97 -29.48 74.09
N ASN W 375 95.94 -29.05 72.83
CA ASN W 375 97.15 -28.96 71.96
C ASN W 375 97.83 -30.33 71.84
N THR W 376 97.05 -31.40 71.67
CA THR W 376 97.51 -32.81 71.51
C THR W 376 96.80 -33.47 70.31
N GLU W 377 97.19 -34.68 69.88
CA GLU W 377 96.59 -35.41 68.72
C GLU W 377 95.17 -35.98 68.97
N ASN W 378 94.72 -36.06 70.22
CA ASN W 378 93.38 -36.56 70.62
C ASN W 378 92.20 -35.67 70.28
N PRO W 379 91.03 -36.26 69.95
CA PRO W 379 89.76 -35.55 69.75
C PRO W 379 88.93 -35.09 70.98
N THR W 380 87.89 -34.32 70.76
CA THR W 380 86.94 -33.79 71.78
C THR W 380 85.55 -34.30 71.44
N GLU W 381 84.58 -34.19 72.36
CA GLU W 381 83.15 -34.53 72.13
C GLU W 381 82.53 -33.65 71.04
N ARG W 382 82.90 -32.39 70.95
CA ARG W 382 82.48 -31.44 69.88
C ARG W 382 83.07 -31.81 68.50
N SER W 383 84.15 -32.59 68.41
CA SER W 383 84.83 -32.97 67.15
C SER W 383 83.87 -33.72 66.21
N SER W 384 83.88 -33.42 64.92
CA SER W 384 82.89 -33.89 63.90
C SER W 384 83.44 -34.74 62.75
N PHE W 385 82.66 -35.73 62.35
CA PHE W 385 82.99 -36.58 61.18
C PHE W 385 81.98 -36.29 60.06
N PHE W 386 82.47 -36.10 58.86
CA PHE W 386 81.59 -35.86 57.69
C PHE W 386 81.78 -36.95 56.63
N CYS W 387 80.70 -37.57 56.16
CA CYS W 387 80.69 -38.56 55.04
C CYS W 387 80.25 -37.89 53.72
N LEU W 388 81.05 -37.95 52.66
CA LEU W 388 80.74 -37.42 51.28
C LEU W 388 79.64 -38.24 50.59
N GLU W 389 79.61 -39.56 50.82
CA GLU W 389 78.62 -40.49 50.21
C GLU W 389 77.21 -40.24 50.75
N TYR W 390 77.08 -39.55 51.88
CA TYR W 390 75.77 -39.13 52.44
C TYR W 390 75.09 -38.11 51.51
N PHE W 391 75.80 -37.22 50.86
CA PHE W 391 75.25 -36.28 49.83
C PHE W 391 74.86 -37.00 48.54
N PRO W 392 73.84 -36.54 47.79
CA PRO W 392 73.60 -37.06 46.42
C PRO W 392 74.64 -36.69 45.31
N SER W 393 75.02 -37.61 44.42
CA SER W 393 76.01 -37.36 43.33
C SER W 393 75.59 -37.90 41.95
N LYS W 394 75.98 -37.24 40.87
CA LYS W 394 75.77 -37.75 39.48
C LYS W 394 76.74 -38.91 39.18
N MET W 395 76.30 -39.95 38.47
CA MET W 395 77.17 -41.08 38.06
C MET W 395 77.42 -41.03 36.54
N LEU W 396 78.69 -41.08 36.14
CA LEU W 396 79.03 -40.95 34.70
C LEU W 396 79.83 -42.10 34.11
N ARG W 397 79.37 -42.64 32.99
CA ARG W 397 80.15 -43.58 32.14
C ARG W 397 80.90 -42.75 31.05
N THR W 398 81.66 -43.37 30.15
CA THR W 398 82.46 -42.73 29.05
C THR W 398 81.66 -41.80 28.14
N GLY W 399 80.41 -42.10 27.78
CA GLY W 399 79.45 -41.23 27.06
C GLY W 399 79.01 -39.97 27.77
N ASN W 400 78.85 -39.98 29.09
CA ASN W 400 78.27 -38.91 29.96
C ASN W 400 79.11 -37.63 30.24
N ASN W 401 78.45 -36.53 30.57
CA ASN W 401 79.08 -35.21 30.87
C ASN W 401 78.40 -34.53 32.07
N PHE W 402 79.07 -33.59 32.75
CA PHE W 402 78.51 -32.79 33.88
C PHE W 402 78.66 -31.27 33.65
N GLU W 403 77.64 -30.47 33.99
CA GLU W 403 77.74 -28.99 33.90
C GLU W 403 77.24 -28.25 35.18
N PHE W 404 77.85 -27.11 35.54
CA PHE W 404 77.40 -26.25 36.68
C PHE W 404 77.47 -24.73 36.30
N THR W 405 76.61 -23.88 36.88
CA THR W 405 76.62 -22.39 36.69
C THR W 405 76.57 -21.67 38.04
N TYR W 406 77.30 -20.57 38.22
CA TYR W 406 77.32 -19.76 39.46
C TYR W 406 77.27 -18.24 39.20
N ASN W 407 76.65 -17.46 40.07
CA ASN W 407 76.68 -15.96 40.02
C ASN W 407 77.35 -15.42 41.27
N PHE W 408 78.29 -14.49 41.11
CA PHE W 408 78.99 -13.87 42.25
C PHE W 408 78.08 -12.83 42.91
N GLU W 409 78.18 -12.63 44.22
CA GLU W 409 77.46 -11.55 44.95
C GLU W 409 78.09 -10.18 44.62
N GLU W 410 77.35 -9.09 44.83
CA GLU W 410 77.96 -7.76 44.63
C GLU W 410 79.17 -7.57 45.57
N VAL W 411 80.27 -7.09 45.02
CA VAL W 411 81.54 -6.94 45.78
C VAL W 411 82.17 -5.64 45.28
N PRO W 412 82.98 -4.92 46.08
CA PRO W 412 83.71 -3.76 45.57
C PRO W 412 84.81 -4.08 44.53
N PHE W 413 85.03 -3.21 43.54
CA PHE W 413 86.12 -3.38 42.54
C PHE W 413 87.49 -3.32 43.20
N HIS W 414 88.45 -4.15 42.79
CA HIS W 414 89.87 -4.01 43.24
C HIS W 414 90.43 -2.69 42.68
N SER W 415 91.29 -2.01 43.43
CA SER W 415 91.90 -0.74 42.97
C SER W 415 93.24 -0.95 42.26
N SER W 416 93.26 -0.90 40.92
CA SER W 416 94.48 -1.02 40.09
C SER W 416 95.08 0.37 39.80
N PHE W 417 95.55 1.08 40.81
CA PHE W 417 96.13 2.42 40.64
C PHE W 417 97.05 2.71 41.82
N ALA W 418 97.97 3.64 41.62
CA ALA W 418 98.87 4.11 42.69
C ALA W 418 98.54 5.58 42.94
N PRO W 419 98.49 6.03 44.22
CA PRO W 419 98.32 7.44 44.52
C PRO W 419 99.43 8.40 44.05
N SER W 420 99.03 9.54 43.50
CA SER W 420 99.99 10.59 43.03
C SER W 420 100.23 11.68 44.09
N GLN W 421 99.58 11.60 45.27
CA GLN W 421 99.81 12.55 46.38
C GLN W 421 100.03 11.88 47.74
N ASN W 422 100.85 12.46 48.60
CA ASN W 422 101.02 12.07 50.02
C ASN W 422 99.78 12.48 50.84
N LEU W 423 99.35 11.67 51.81
CA LEU W 423 98.16 11.90 52.69
C LEU W 423 98.34 13.17 53.54
N PHE W 424 99.57 13.45 54.01
CA PHE W 424 99.91 14.62 54.84
C PHE W 424 100.28 15.92 54.04
N LYS W 425 100.33 15.94 52.69
CA LYS W 425 100.75 17.12 51.85
C LYS W 425 99.58 17.70 51.00
N LEU W 426 98.33 17.67 51.47
CA LEU W 426 97.12 18.07 50.67
C LEU W 426 96.73 19.57 50.72
N ALA W 427 97.30 20.36 51.62
CA ALA W 427 97.08 21.81 51.65
C ALA W 427 97.75 22.46 50.43
N ASN W 428 97.20 23.56 49.92
CA ASN W 428 97.84 24.29 48.81
C ASN W 428 99.21 24.77 49.29
N PRO W 429 100.27 24.57 48.48
CA PRO W 429 101.62 25.02 48.82
C PRO W 429 101.79 26.57 48.93
N LEU W 430 101.13 27.38 48.10
CA LEU W 430 101.07 28.87 48.09
C LEU W 430 100.39 29.56 49.28
N VAL W 431 99.33 29.00 49.85
CA VAL W 431 98.51 29.70 50.88
C VAL W 431 98.68 29.22 52.34
N ASP W 432 98.83 30.15 53.30
CA ASP W 432 98.86 29.88 54.76
C ASP W 432 97.51 29.47 55.37
N GLN W 433 97.52 28.66 56.42
CA GLN W 433 96.31 28.30 57.19
C GLN W 433 95.81 29.42 58.13
N TYR W 434 94.50 29.53 58.40
CA TYR W 434 93.97 30.47 59.44
C TYR W 434 94.04 29.83 60.86
N LEU W 435 94.97 28.93 61.11
CA LEU W 435 95.04 28.13 62.35
C LEU W 435 96.40 28.29 63.03
N TYR W 436 96.44 28.16 64.34
CA TYR W 436 97.69 28.44 65.12
C TYR W 436 98.06 27.27 66.02
N ARG W 437 99.34 27.17 66.34
CA ARG W 437 99.86 26.05 67.16
C ARG W 437 100.68 26.57 68.34
N PHE W 438 100.75 25.78 69.42
CA PHE W 438 101.59 26.15 70.59
C PHE W 438 103.02 25.76 70.29
N VAL W 439 103.91 26.72 70.48
CA VAL W 439 105.35 26.44 70.24
C VAL W 439 106.23 26.66 71.47
N SER W 440 105.75 27.37 72.48
CA SER W 440 106.70 27.81 73.55
C SER W 440 106.12 28.25 74.89
N THR W 441 106.98 28.31 75.89
CA THR W 441 106.63 28.90 77.20
C THR W 441 107.73 29.92 77.47
N ASN W 442 107.43 31.07 78.09
CA ASN W 442 108.43 32.13 78.46
C ASN W 442 109.15 31.84 79.81
N ASN W 443 109.98 32.77 80.31
CA ASN W 443 110.77 32.57 81.57
C ASN W 443 109.80 32.36 82.73
N THR W 444 108.67 33.06 82.79
CA THR W 444 107.57 32.71 83.71
C THR W 444 106.85 31.77 82.81
N GLY W 445 106.33 30.63 83.24
CA GLY W 445 105.88 29.66 82.21
C GLY W 445 104.58 30.00 81.50
N GLY W 446 104.58 31.07 80.69
CA GLY W 446 103.37 31.54 79.97
C GLY W 446 103.35 31.07 78.53
N VAL W 447 102.24 30.53 78.07
CA VAL W 447 102.11 29.92 76.72
C VAL W 447 102.24 30.90 75.53
N GLN W 448 102.86 30.45 74.45
CA GLN W 448 103.13 31.30 73.25
C GLN W 448 102.68 30.55 71.98
N PHE W 449 102.26 31.29 70.96
CA PHE W 449 101.67 30.67 69.74
C PHE W 449 102.25 31.25 68.44
N ASN W 450 102.25 30.46 67.37
CA ASN W 450 102.70 30.92 66.02
C ASN W 450 101.70 30.44 64.98
N LYS W 451 101.50 31.21 63.91
CA LYS W 451 100.63 30.84 62.75
C LYS W 451 101.26 29.74 61.87
N ASN W 452 100.42 28.96 61.19
CA ASN W 452 100.91 27.88 60.30
C ASN W 452 101.15 28.44 58.89
N LEU W 453 102.39 28.41 58.41
CA LEU W 453 102.81 28.95 57.08
C LEU W 453 102.59 28.01 55.89
N ALA W 454 102.56 28.56 54.68
CA ALA W 454 102.38 27.77 53.43
C ALA W 454 103.52 26.78 53.17
N GLY W 455 103.17 25.52 52.85
CA GLY W 455 104.14 24.44 52.54
C GLY W 455 104.80 23.78 53.73
N ARG W 456 104.47 24.19 54.96
CA ARG W 456 105.09 23.62 56.20
C ARG W 456 104.28 22.39 56.66
N TYR W 457 104.39 21.25 55.96
CA TYR W 457 103.61 19.99 56.15
C TYR W 457 103.89 19.35 57.52
N ALA W 458 105.08 19.57 58.05
CA ALA W 458 105.44 19.11 59.39
C ALA W 458 104.50 19.72 60.45
N ASN W 459 104.04 20.97 60.32
CA ASN W 459 103.24 21.71 61.34
C ASN W 459 101.80 22.08 60.95
N THR W 460 101.07 21.33 60.16
CA THR W 460 99.78 21.73 59.56
C THR W 460 98.68 20.91 60.20
N TYR W 461 97.49 21.47 60.38
CA TYR W 461 96.31 20.73 60.90
C TYR W 461 95.91 19.70 59.86
N LYS W 462 95.52 18.51 60.30
CA LYS W 462 95.19 17.39 59.36
C LYS W 462 93.81 16.82 59.57
N ASN W 463 93.00 16.67 58.54
CA ASN W 463 91.69 15.93 58.56
C ASN W 463 91.76 14.40 58.72
N TRP W 464 92.73 13.73 58.12
CA TRP W 464 92.71 12.27 57.96
C TRP W 464 93.98 11.60 58.43
N PHE W 465 93.87 10.34 58.78
CA PHE W 465 95.00 9.62 59.42
C PHE W 465 95.30 8.35 58.67
N PRO W 466 96.55 7.88 58.72
CA PRO W 466 96.95 6.61 58.13
C PRO W 466 96.41 5.35 58.80
N GLY W 467 96.38 4.23 58.08
CA GLY W 467 95.84 2.94 58.55
C GLY W 467 96.66 2.19 59.59
N PRO W 468 96.08 1.14 60.21
CA PRO W 468 96.72 0.42 61.31
C PRO W 468 98.06 -0.32 61.07
N MET W 469 98.94 -0.32 62.07
CA MET W 469 100.29 -0.90 61.89
C MET W 469 100.77 -1.80 63.05
N GLY W 470 101.54 -2.85 62.82
CA GLY W 470 102.26 -3.61 63.87
C GLY W 470 103.71 -3.78 63.46
N ARG W 471 104.71 -3.47 64.28
CA ARG W 471 106.14 -3.54 63.81
C ARG W 471 106.63 -4.97 63.45
N THR W 472 107.31 -5.14 62.31
CA THR W 472 107.86 -6.42 61.81
C THR W 472 109.31 -6.21 61.39
N GLN W 473 110.19 -7.16 61.63
CA GLN W 473 111.66 -7.01 61.38
C GLN W 473 111.99 -6.79 59.89
N GLY W 474 112.97 -5.93 59.61
CA GLY W 474 113.42 -5.62 58.25
C GLY W 474 114.75 -6.27 57.91
N TRP W 475 114.82 -6.93 56.76
CA TRP W 475 116.06 -7.60 56.29
C TRP W 475 116.52 -7.05 54.94
N ASN W 476 117.81 -6.77 54.80
CA ASN W 476 118.39 -6.26 53.53
C ASN W 476 118.53 -7.37 52.49
N LEU W 477 118.38 -7.03 51.22
CA LEU W 477 118.45 -7.98 50.07
C LEU W 477 119.54 -7.45 49.12
N GLY W 478 120.08 -8.26 48.22
CA GLY W 478 121.18 -7.81 47.36
C GLY W 478 122.45 -7.49 48.12
N SER W 479 122.94 -6.24 48.02
CA SER W 479 124.16 -5.83 48.75
C SER W 479 123.92 -5.98 50.26
N GLY W 480 122.74 -5.61 50.79
CA GLY W 480 122.43 -6.02 52.18
C GLY W 480 123.32 -5.55 53.27
N VAL W 481 123.90 -6.46 54.06
CA VAL W 481 124.73 -6.15 55.29
C VAL W 481 123.99 -6.58 56.59
N ASN W 482 123.10 -7.57 56.54
CA ASN W 482 122.37 -8.17 57.72
C ASN W 482 123.19 -9.02 58.70
N ARG W 483 122.72 -9.23 59.94
CA ARG W 483 123.38 -10.08 60.99
C ARG W 483 123.52 -11.57 60.65
N ALA W 484 124.67 -12.17 60.95
CA ALA W 484 125.03 -13.58 60.58
C ALA W 484 124.51 -14.70 61.50
N SER W 485 124.32 -15.91 60.93
CA SER W 485 123.99 -17.14 61.69
C SER W 485 122.72 -17.05 62.56
N VAL W 486 121.65 -16.46 62.06
CA VAL W 486 120.41 -16.26 62.86
C VAL W 486 119.37 -17.37 62.62
N SER W 487 118.73 -17.86 63.69
CA SER W 487 117.55 -18.75 63.52
C SER W 487 116.34 -17.83 63.70
N ALA W 488 115.51 -17.66 62.69
CA ALA W 488 114.37 -16.71 62.66
C ALA W 488 113.21 -16.92 63.64
N PHE W 489 112.77 -18.14 63.96
CA PHE W 489 111.46 -18.42 64.64
C PHE W 489 111.22 -17.80 66.04
N ALA W 490 112.18 -17.76 66.95
CA ALA W 490 111.99 -17.21 68.31
C ALA W 490 111.59 -15.73 68.28
N THR W 491 112.15 -14.94 67.36
CA THR W 491 111.92 -13.48 67.28
C THR W 491 110.83 -13.09 66.30
N THR W 492 110.11 -14.03 65.68
CA THR W 492 108.99 -13.75 64.74
C THR W 492 107.72 -13.24 65.40
N ASN W 493 106.87 -12.52 64.67
CA ASN W 493 105.55 -12.03 65.15
C ASN W 493 104.58 -13.17 65.40
N ARG W 494 103.78 -13.10 66.46
CA ARG W 494 102.88 -14.24 66.82
C ARG W 494 101.55 -13.79 67.41
N MET W 495 100.51 -14.61 67.30
CA MET W 495 99.20 -14.38 67.97
C MET W 495 98.91 -15.67 68.77
N GLU W 496 98.27 -15.58 69.94
CA GLU W 496 98.01 -16.74 70.82
C GLU W 496 96.55 -17.20 70.72
N LEU W 497 96.27 -18.47 70.39
CA LEU W 497 94.90 -19.04 70.37
C LEU W 497 94.85 -20.34 71.16
N GLU W 498 93.90 -20.54 72.07
CA GLU W 498 93.65 -21.82 72.80
C GLU W 498 94.89 -22.38 73.52
N GLY W 499 95.75 -21.55 74.10
CA GLY W 499 97.00 -22.04 74.69
C GLY W 499 98.19 -22.29 73.76
N ALA W 500 98.14 -21.94 72.48
CA ALA W 500 99.35 -22.12 71.62
C ALA W 500 99.76 -20.83 70.90
N SER W 501 101.05 -20.67 70.57
CA SER W 501 101.59 -19.48 69.84
C SER W 501 101.66 -19.79 68.34
N TYR W 502 101.09 -18.92 67.53
CA TYR W 502 101.06 -19.16 66.06
C TYR W 502 101.70 -18.04 65.28
N GLN W 503 102.55 -18.40 64.34
CA GLN W 503 103.02 -17.39 63.37
C GLN W 503 101.83 -17.04 62.48
N VAL W 504 101.71 -15.80 62.09
CA VAL W 504 100.59 -15.28 61.23
C VAL W 504 101.36 -14.64 60.08
N PRO W 505 101.90 -15.44 59.14
CA PRO W 505 102.84 -14.97 58.12
C PRO W 505 102.39 -13.89 57.19
N PRO W 506 101.17 -13.74 56.65
CA PRO W 506 100.85 -12.50 55.93
C PRO W 506 100.50 -11.62 57.15
N GLN W 507 101.02 -10.42 57.28
CA GLN W 507 100.51 -9.61 58.44
C GLN W 507 99.12 -9.03 58.08
N PRO W 508 98.32 -8.44 59.00
CA PRO W 508 97.05 -7.76 58.67
C PRO W 508 97.17 -6.47 57.78
N ASN W 509 96.18 -6.10 56.95
CA ASN W 509 96.24 -4.93 56.00
C ASN W 509 96.49 -3.51 56.56
N GLY W 510 96.99 -2.56 55.74
CA GLY W 510 97.30 -1.16 56.12
C GLY W 510 98.76 -0.79 56.25
N MET W 511 99.67 -1.69 55.90
CA MET W 511 101.11 -1.37 55.94
C MET W 511 101.82 -1.54 54.59
N THR W 512 103.02 -1.00 54.46
CA THR W 512 103.90 -1.26 53.29
C THR W 512 105.18 -1.97 53.74
N ASN W 513 105.55 -3.11 53.16
CA ASN W 513 106.83 -3.87 53.37
C ASN W 513 108.12 -3.16 52.89
N ASN W 514 108.13 -2.46 51.76
CA ASN W 514 109.37 -1.87 51.15
C ASN W 514 109.17 -0.39 50.82
N LEU W 515 110.13 0.47 51.12
CA LEU W 515 110.07 1.94 50.77
C LEU W 515 110.12 2.36 49.26
N GLN W 516 110.93 1.81 48.36
CA GLN W 516 111.13 2.23 46.92
C GLN W 516 112.63 2.50 46.79
N GLY W 517 113.26 2.04 45.73
CA GLY W 517 114.73 2.06 45.85
C GLY W 517 114.91 1.08 46.99
N SER W 518 115.49 1.46 48.12
CA SER W 518 115.71 0.60 49.32
C SER W 518 115.72 -0.93 49.16
N ASN W 519 116.66 -1.55 49.84
CA ASN W 519 116.80 -3.03 49.80
C ASN W 519 116.31 -3.63 51.13
N THR W 520 115.68 -2.83 51.99
CA THR W 520 115.07 -3.34 53.23
C THR W 520 113.64 -3.82 52.98
N TYR W 521 113.36 -5.04 53.41
CA TYR W 521 112.02 -5.65 53.23
C TYR W 521 111.60 -6.23 54.52
N ALA W 522 110.34 -6.04 54.87
CA ALA W 522 109.85 -6.77 56.05
C ALA W 522 109.33 -8.11 55.51
N LEU W 523 110.08 -9.21 55.70
CA LEU W 523 109.83 -10.55 55.09
C LEU W 523 108.50 -11.21 55.50
N GLU W 524 108.07 -11.05 56.75
CA GLU W 524 106.78 -11.63 57.24
C GLU W 524 105.57 -10.79 56.77
N ASN W 525 105.75 -9.64 56.14
CA ASN W 525 104.65 -8.85 55.52
C ASN W 525 104.63 -9.04 53.99
N THR W 526 105.41 -9.95 53.43
CA THR W 526 105.52 -10.09 51.94
C THR W 526 105.08 -11.44 51.45
N MET W 527 104.34 -11.49 50.34
CA MET W 527 104.04 -12.76 49.63
C MET W 527 105.31 -13.25 48.93
N ILE W 528 105.74 -14.48 49.21
CA ILE W 528 106.93 -15.10 48.55
C ILE W 528 106.49 -16.31 47.71
N PHE W 529 106.94 -16.38 46.47
CA PHE W 529 106.51 -17.42 45.49
C PHE W 529 107.72 -18.05 44.84
N ASN W 530 107.57 -19.23 44.25
CA ASN W 530 108.64 -19.92 43.48
C ASN W 530 108.31 -19.81 41.99
N SER W 531 109.29 -19.52 41.13
CA SER W 531 109.10 -19.50 39.65
C SER W 531 108.69 -20.87 39.13
N GLN W 532 109.28 -21.94 39.67
CA GLN W 532 109.01 -23.34 39.25
C GLN W 532 108.22 -24.10 40.31
N PRO W 533 107.34 -25.06 39.94
CA PRO W 533 106.65 -25.92 40.91
C PRO W 533 107.60 -26.87 41.64
N ALA W 534 107.25 -27.25 42.86
CA ALA W 534 108.15 -28.07 43.71
C ALA W 534 107.56 -29.44 44.05
N ASN W 535 108.43 -30.40 44.30
CA ASN W 535 108.01 -31.75 44.76
C ASN W 535 107.47 -31.67 46.19
N PRO W 536 106.47 -32.50 46.56
CA PRO W 536 105.95 -32.51 47.92
C PRO W 536 106.91 -32.91 49.05
N GLY W 537 106.87 -32.18 50.17
CA GLY W 537 107.69 -32.50 51.35
C GLY W 537 109.11 -32.01 51.30
N THR W 538 109.48 -31.19 50.33
CA THR W 538 110.87 -30.74 50.19
C THR W 538 111.28 -29.96 51.45
N THR W 539 112.49 -30.20 51.94
CA THR W 539 113.06 -29.46 53.10
C THR W 539 114.28 -28.67 52.66
N ALA W 540 114.51 -28.52 51.34
CA ALA W 540 115.68 -27.81 50.78
C ALA W 540 115.75 -26.31 51.10
N THR W 541 116.94 -25.78 51.37
CA THR W 541 117.13 -24.32 51.56
C THR W 541 117.02 -23.61 50.23
N TYR W 542 116.41 -22.44 50.21
CA TYR W 542 116.31 -21.62 48.98
C TYR W 542 116.91 -20.25 49.22
N LEU W 543 117.80 -19.83 48.34
CA LEU W 543 118.36 -18.45 48.36
C LEU W 543 117.42 -17.45 47.64
N GLU W 544 117.69 -16.17 47.72
CA GLU W 544 116.86 -15.07 47.15
C GLU W 544 116.71 -15.15 45.61
N GLY W 545 117.75 -15.55 44.89
CA GLY W 545 117.71 -15.62 43.41
C GLY W 545 116.66 -16.58 42.91
N ASN W 546 116.47 -17.73 43.56
CA ASN W 546 115.34 -18.66 43.23
C ASN W 546 113.97 -18.04 43.50
N MET W 547 113.80 -17.24 44.55
CA MET W 547 112.45 -16.76 44.98
C MET W 547 111.88 -15.55 44.20
N LEU W 548 110.55 -15.44 44.14
CA LEU W 548 109.90 -14.24 43.56
C LEU W 548 109.36 -13.44 44.74
N ILE W 549 109.90 -12.24 45.00
CA ILE W 549 109.53 -11.44 46.20
C ILE W 549 108.79 -10.16 45.79
N THR W 550 107.58 -9.97 46.29
CA THR W 550 106.70 -8.81 46.01
C THR W 550 107.05 -7.55 46.81
N SER W 551 106.70 -6.38 46.28
CA SER W 551 106.91 -5.07 46.95
C SER W 551 105.58 -4.32 46.93
N GLU W 552 105.26 -3.59 48.00
CA GLU W 552 104.01 -2.81 48.14
C GLU W 552 104.34 -1.31 48.11
N SER W 553 105.46 -0.89 47.52
CA SER W 553 106.00 0.49 47.54
C SER W 553 105.05 1.54 46.95
N GLU W 554 104.14 1.18 46.05
CA GLU W 554 103.11 2.08 45.45
C GLU W 554 102.16 2.65 46.54
N THR W 555 101.83 1.90 47.59
CA THR W 555 100.89 2.29 48.67
C THR W 555 101.56 3.14 49.76
N GLN W 556 102.86 3.43 49.67
CA GLN W 556 103.65 4.17 50.69
C GLN W 556 103.11 5.59 50.94
N PRO W 557 102.60 6.39 49.95
CA PRO W 557 101.93 7.66 50.25
C PRO W 557 100.79 7.61 51.29
N VAL W 558 100.04 6.52 51.45
CA VAL W 558 99.01 6.29 52.53
C VAL W 558 99.29 5.14 53.53
N ASN W 559 100.32 4.32 53.38
CA ASN W 559 100.49 3.13 54.26
C ASN W 559 101.79 3.25 55.02
N ARG W 560 101.74 3.03 56.32
CA ARG W 560 102.95 3.12 57.18
C ARG W 560 103.93 1.95 56.91
N VAL W 561 105.23 2.21 57.04
CA VAL W 561 106.27 1.16 56.89
C VAL W 561 106.32 0.19 58.09
N ALA W 562 106.32 -1.13 57.85
CA ALA W 562 106.32 -2.20 58.87
C ALA W 562 107.58 -2.25 59.74
N TYR W 563 108.76 -2.07 59.16
CA TYR W 563 110.05 -2.12 59.90
C TYR W 563 110.17 -0.96 60.94
N ASN W 564 109.68 0.22 60.63
CA ASN W 564 109.79 1.45 61.50
C ASN W 564 108.75 1.55 62.63
N VAL W 565 109.01 2.33 63.68
CA VAL W 565 108.01 2.68 64.75
C VAL W 565 106.89 3.58 64.18
N GLY W 566 105.64 3.43 64.63
CA GLY W 566 104.45 4.22 64.20
C GLY W 566 104.38 5.71 64.52
N GLY W 567 104.81 6.16 65.70
CA GLY W 567 104.65 7.56 66.13
C GLY W 567 105.01 7.73 67.59
N GLN W 568 104.72 8.88 68.19
CA GLN W 568 104.98 9.17 69.63
C GLN W 568 103.73 9.74 70.33
N MET W 569 103.55 9.48 71.64
CA MET W 569 102.44 10.00 72.49
C MET W 569 102.98 10.48 73.84
N ALA W 570 102.27 11.35 74.57
CA ALA W 570 102.66 11.87 75.92
C ALA W 570 102.66 10.80 77.03
N THR W 571 103.68 10.81 77.88
CA THR W 571 103.84 9.80 78.95
C THR W 571 103.80 10.42 80.36
N ASN W 572 103.53 11.72 80.51
CA ASN W 572 103.67 12.40 81.83
C ASN W 572 102.82 13.66 81.88
N ASN W 573 102.76 14.29 83.05
CA ASN W 573 102.14 15.63 83.18
C ASN W 573 103.27 16.62 83.48
N GLN W 574 103.38 17.70 82.70
CA GLN W 574 104.40 18.78 82.90
C GLN W 574 104.05 19.62 84.16
N SER W 575 105.05 20.18 84.81
CA SER W 575 104.88 21.02 86.03
C SER W 575 106.09 21.95 86.09
N SER W 576 106.10 22.94 86.96
CA SER W 576 107.32 23.76 87.10
C SER W 576 108.49 22.86 87.51
N THR W 577 108.30 21.91 88.42
CA THR W 577 109.30 20.89 88.77
C THR W 577 109.63 19.92 87.64
N THR W 578 108.66 19.49 86.83
CA THR W 578 108.89 18.42 85.82
C THR W 578 108.79 18.84 84.36
N ALA W 579 109.81 18.53 83.56
CA ALA W 579 109.79 18.75 82.09
C ALA W 579 108.85 17.77 81.38
N PRO W 580 108.22 18.17 80.25
CA PRO W 580 107.39 17.24 79.47
C PRO W 580 108.14 16.07 78.78
N ALA W 581 107.52 14.90 78.66
CA ALA W 581 108.14 13.67 78.10
C ALA W 581 107.25 12.95 77.07
N THR W 582 107.85 12.27 76.10
CA THR W 582 107.10 11.49 75.09
C THR W 582 107.62 10.06 75.00
N GLY W 583 106.80 9.15 74.49
CA GLY W 583 107.27 7.78 74.23
C GLY W 583 106.85 7.25 72.87
N THR W 584 107.70 6.48 72.19
CA THR W 584 107.34 5.81 70.90
C THR W 584 106.44 4.59 71.09
N TYR W 585 105.59 4.27 70.12
CA TYR W 585 104.73 3.06 70.13
C TYR W 585 105.09 2.10 68.94
N ASN W 586 105.02 0.77 69.12
CA ASN W 586 105.36 -0.25 68.07
C ASN W 586 104.09 -0.81 67.40
N LEU W 587 102.90 -0.51 67.95
CA LEU W 587 101.62 -0.99 67.37
C LEU W 587 100.50 0.04 67.52
N GLN W 588 99.59 0.12 66.56
CA GLN W 588 98.37 0.97 66.69
C GLN W 588 97.27 0.29 65.87
N GLU W 589 96.01 0.53 66.18
CA GLU W 589 94.87 -0.14 65.52
C GLU W 589 93.97 0.94 64.96
N ILE W 590 92.80 0.58 64.44
CA ILE W 590 91.87 1.53 63.76
C ILE W 590 91.39 2.69 64.65
N VAL W 591 91.35 3.88 64.08
CA VAL W 591 90.91 5.12 64.77
C VAL W 591 89.89 5.75 63.80
N PRO W 592 88.93 6.56 64.26
CA PRO W 592 88.03 7.25 63.33
C PRO W 592 88.77 8.24 62.41
N GLY W 593 88.38 8.34 61.13
CA GLY W 593 89.11 9.15 60.12
C GLY W 593 90.29 8.44 59.48
N SER W 594 90.47 7.15 59.74
CA SER W 594 91.54 6.28 59.16
C SER W 594 91.32 5.94 57.68
N VAL W 595 92.38 6.02 56.87
CA VAL W 595 92.35 5.68 55.41
C VAL W 595 93.54 4.76 55.11
N TRP W 596 93.36 3.77 54.24
CA TRP W 596 94.46 2.84 53.82
C TRP W 596 94.18 2.20 52.46
N MET W 597 95.19 1.59 51.88
CA MET W 597 95.05 0.78 50.64
C MET W 597 95.24 -0.72 50.94
N GLU W 598 94.37 -1.58 50.41
CA GLU W 598 94.48 -3.06 50.53
C GLU W 598 95.63 -3.62 49.68
N ARG W 599 96.12 -4.81 50.01
CA ARG W 599 97.20 -5.50 49.26
C ARG W 599 96.84 -5.77 47.78
N ASP W 600 97.83 -5.64 46.89
CA ASP W 600 97.68 -5.87 45.44
C ASP W 600 97.54 -7.35 45.05
N VAL W 601 96.77 -7.62 44.01
CA VAL W 601 96.69 -8.98 43.39
C VAL W 601 97.86 -9.26 42.44
N TYR W 602 98.20 -10.52 42.24
CA TYR W 602 99.31 -10.95 41.35
C TYR W 602 98.76 -12.00 40.39
N LEU W 603 99.36 -12.15 39.21
CA LEU W 603 98.94 -13.20 38.24
C LEU W 603 99.16 -14.61 38.86
N GLN W 604 100.27 -14.84 39.56
CA GLN W 604 100.59 -16.07 40.35
C GLN W 604 99.65 -16.26 41.57
N GLY W 605 99.06 -15.20 42.13
CA GLY W 605 98.18 -15.22 43.31
C GLY W 605 96.72 -15.65 43.25
N PRO W 606 96.09 -15.88 44.43
CA PRO W 606 94.64 -16.13 44.55
C PRO W 606 93.53 -15.08 44.34
N ILE W 607 92.43 -15.38 43.65
CA ILE W 607 91.23 -14.47 43.54
C ILE W 607 90.33 -14.28 44.80
N TRP W 608 89.97 -15.31 45.54
CA TRP W 608 88.95 -15.18 46.61
C TRP W 608 89.24 -15.97 47.89
N ALA W 609 88.56 -15.62 48.98
CA ALA W 609 88.61 -16.36 50.26
C ALA W 609 87.20 -16.37 50.84
N LYS W 610 86.84 -17.42 51.57
CA LYS W 610 85.54 -17.49 52.27
C LYS W 610 85.57 -16.78 53.63
N ILE W 611 84.62 -15.90 53.88
CA ILE W 611 84.48 -15.26 55.22
C ILE W 611 83.99 -16.34 56.23
N PRO W 612 84.62 -16.49 57.41
CA PRO W 612 84.18 -17.47 58.40
C PRO W 612 82.87 -17.15 59.11
N GLU W 613 82.03 -18.14 59.40
CA GLU W 613 80.70 -17.86 60.00
C GLU W 613 80.74 -17.85 61.54
N THR W 614 80.81 -16.67 62.16
CA THR W 614 80.88 -16.51 63.63
C THR W 614 79.72 -15.66 64.09
N GLY W 615 79.10 -14.94 63.18
CA GLY W 615 78.07 -13.94 63.48
C GLY W 615 78.63 -12.54 63.73
N ALA W 616 79.95 -12.35 63.84
CA ALA W 616 80.56 -11.00 63.99
C ALA W 616 81.87 -10.85 63.22
N HIS W 617 82.06 -9.78 62.47
CA HIS W 617 83.33 -9.51 61.74
C HIS W 617 83.51 -8.02 61.48
N PHE W 618 84.74 -7.59 61.22
CA PHE W 618 85.00 -6.18 60.81
C PHE W 618 85.74 -6.13 59.48
N HIS W 619 85.30 -5.34 58.50
CA HIS W 619 86.03 -5.05 57.22
C HIS W 619 86.59 -6.33 56.59
N PRO W 620 85.81 -7.04 55.76
CA PRO W 620 86.21 -8.38 55.33
C PRO W 620 87.02 -8.60 54.05
N SER W 621 88.24 -8.11 54.10
CA SER W 621 89.18 -8.24 52.98
C SER W 621 90.28 -9.22 53.41
N PRO W 622 90.55 -10.32 52.66
CA PRO W 622 91.56 -11.28 53.10
C PRO W 622 93.02 -10.80 53.05
N ALA W 623 93.86 -11.23 54.00
CA ALA W 623 95.25 -10.76 54.13
C ALA W 623 96.17 -11.10 52.93
N MET W 624 96.05 -12.28 52.34
CA MET W 624 96.82 -12.71 51.14
C MET W 624 96.46 -11.82 49.94
N GLY W 625 95.23 -11.35 49.84
CA GLY W 625 94.75 -10.50 48.74
C GLY W 625 93.45 -11.01 48.16
N GLY W 626 92.82 -10.27 47.26
CA GLY W 626 91.58 -10.70 46.61
C GLY W 626 90.24 -10.31 47.20
N PHE W 627 89.20 -11.07 46.89
CA PHE W 627 87.81 -10.75 47.25
C PHE W 627 87.29 -11.68 48.35
N GLY W 628 86.72 -11.10 49.41
CA GLY W 628 86.16 -11.87 50.52
C GLY W 628 84.70 -12.12 50.30
N LEU W 629 84.30 -13.37 50.29
CA LEU W 629 82.90 -13.71 49.92
C LEU W 629 82.15 -14.49 51.01
N LYS W 630 80.96 -14.05 51.37
CA LYS W 630 80.06 -14.83 52.27
C LYS W 630 79.63 -16.14 51.60
N HIS W 631 79.29 -16.11 50.32
CA HIS W 631 78.88 -17.32 49.55
C HIS W 631 79.83 -17.51 48.37
N PRO W 632 80.95 -18.20 48.59
CA PRO W 632 81.97 -18.44 47.57
C PRO W 632 81.64 -19.46 46.47
N PRO W 633 82.34 -19.48 45.33
CA PRO W 633 82.05 -20.51 44.34
C PRO W 633 82.24 -21.87 45.03
N PRO W 634 81.30 -22.82 44.88
CA PRO W 634 81.32 -24.07 45.65
C PRO W 634 82.33 -25.18 45.39
N MET W 635 82.64 -25.97 46.42
CA MET W 635 83.54 -27.16 46.30
C MET W 635 82.99 -28.21 45.31
N MET W 636 83.84 -28.66 44.40
CA MET W 636 83.48 -29.67 43.37
C MET W 636 84.28 -30.95 43.66
N LEU W 637 83.60 -32.06 43.89
CA LEU W 637 84.24 -33.31 44.36
C LEU W 637 84.01 -34.45 43.37
N ILE W 638 85.07 -35.21 43.07
CA ILE W 638 85.01 -36.35 42.12
C ILE W 638 85.66 -37.60 42.73
N LYS W 639 85.04 -38.75 42.53
CA LYS W 639 85.66 -40.03 42.99
C LYS W 639 85.50 -41.15 41.93
N ASN W 640 86.37 -42.14 41.98
CA ASN W 640 86.21 -43.37 41.16
C ASN W 640 85.32 -44.34 41.95
N THR W 641 84.27 -44.89 41.34
CA THR W 641 83.41 -45.89 42.00
C THR W 641 84.18 -47.18 42.28
N PRO W 642 84.07 -47.75 43.51
CA PRO W 642 84.66 -49.05 43.81
C PRO W 642 84.17 -50.19 42.90
N VAL W 643 85.09 -50.89 42.30
CA VAL W 643 84.71 -52.08 41.50
C VAL W 643 85.36 -53.30 42.18
N PRO W 644 84.55 -54.25 42.66
CA PRO W 644 85.07 -55.44 43.35
C PRO W 644 85.85 -56.55 42.63
N GLY W 645 86.81 -57.18 43.30
CA GLY W 645 87.56 -58.37 42.83
C GLY W 645 86.74 -59.63 43.03
N ASN W 646 87.18 -60.79 42.56
CA ASN W 646 86.30 -62.00 42.61
C ASN W 646 85.99 -62.45 44.04
N ILE W 647 84.70 -62.59 44.37
CA ILE W 647 84.28 -63.04 45.73
C ILE W 647 83.45 -64.31 45.52
N THR W 648 83.79 -65.40 46.19
CA THR W 648 83.12 -66.71 45.97
C THR W 648 82.27 -67.12 47.15
N SER W 649 82.39 -66.47 48.29
CA SER W 649 81.67 -66.88 49.53
C SER W 649 81.02 -65.67 50.22
N PHE W 650 79.93 -65.87 50.96
CA PHE W 650 79.27 -64.81 51.75
C PHE W 650 79.98 -64.44 53.07
N SER W 651 80.09 -63.14 53.37
CA SER W 651 80.53 -62.71 54.72
C SER W 651 79.75 -61.46 55.11
N ASP W 652 79.42 -61.30 56.39
CA ASP W 652 78.88 -60.03 56.96
C ASP W 652 79.99 -58.96 56.87
N VAL W 653 81.25 -59.34 57.05
CA VAL W 653 82.41 -58.40 57.01
C VAL W 653 82.53 -57.77 55.62
N PRO W 654 82.71 -56.42 55.51
CA PRO W 654 82.81 -55.72 54.23
C PRO W 654 83.98 -56.09 53.31
N VAL W 655 83.75 -56.06 52.01
CA VAL W 655 84.81 -56.41 51.03
C VAL W 655 85.97 -55.41 51.05
N SER W 656 87.19 -55.94 51.08
CA SER W 656 88.42 -55.15 51.08
C SER W 656 89.23 -55.39 49.78
N SER W 657 88.72 -56.19 48.85
CA SER W 657 89.46 -56.55 47.62
C SER W 657 88.78 -55.93 46.40
N PHE W 658 89.51 -55.10 45.66
CA PHE W 658 88.93 -54.32 44.53
C PHE W 658 89.85 -54.34 43.35
N ILE W 659 89.33 -54.24 42.15
CA ILE W 659 90.24 -54.06 40.96
C ILE W 659 90.89 -52.66 40.96
N THR W 660 92.18 -52.52 40.60
CA THR W 660 92.91 -51.21 40.56
C THR W 660 92.57 -50.39 39.32
N GLN W 661 92.17 -49.12 39.51
CA GLN W 661 91.64 -48.26 38.42
C GLN W 661 92.02 -46.78 38.55
N TYR W 662 92.03 -46.02 37.46
CA TYR W 662 92.30 -44.55 37.47
C TYR W 662 91.40 -43.91 36.41
N SER W 663 91.16 -42.60 36.53
CA SER W 663 90.33 -41.88 35.52
C SER W 663 91.04 -40.66 34.90
N THR W 664 90.65 -40.30 33.69
CA THR W 664 91.21 -39.13 32.98
C THR W 664 90.11 -38.39 32.21
N GLY W 665 90.25 -37.09 31.96
CA GLY W 665 89.27 -36.32 31.18
C GLY W 665 89.65 -34.88 30.91
N GLN W 666 88.71 -34.09 30.42
CA GLN W 666 88.88 -32.62 30.16
C GLN W 666 87.92 -31.75 31.00
N VAL W 667 88.41 -30.61 31.48
CA VAL W 667 87.58 -29.62 32.24
C VAL W 667 87.62 -28.24 31.57
N THR W 668 86.49 -27.57 31.43
CA THR W 668 86.42 -26.20 30.91
C THR W 668 85.86 -25.23 31.96
N VAL W 669 86.52 -24.08 32.20
CA VAL W 669 85.98 -23.00 33.10
C VAL W 669 85.79 -21.69 32.31
N GLU W 670 84.61 -21.08 32.40
CA GLU W 670 84.31 -19.78 31.73
C GLU W 670 83.98 -18.74 32.82
N MET W 671 84.65 -17.59 32.77
CA MET W 671 84.46 -16.51 33.77
C MET W 671 84.18 -15.15 33.12
N GLU W 672 83.27 -14.40 33.70
CA GLU W 672 82.95 -13.02 33.24
C GLU W 672 83.48 -11.98 34.25
N TRP W 673 84.09 -10.93 33.74
CA TRP W 673 84.68 -9.87 34.60
C TRP W 673 84.14 -8.49 34.22
N GLU W 674 83.88 -7.65 35.22
CA GLU W 674 83.46 -6.24 34.99
C GLU W 674 84.67 -5.31 35.16
N LEU W 675 84.85 -4.36 34.25
CA LEU W 675 86.01 -3.44 34.21
C LEU W 675 85.64 -1.99 34.55
N LYS W 676 86.50 -1.30 35.27
CA LYS W 676 86.30 0.17 35.50
C LYS W 676 87.34 0.94 34.67
N LYS W 677 86.88 1.81 33.78
CA LYS W 677 87.74 2.66 32.90
C LYS W 677 88.50 3.81 33.58
N GLU W 678 89.72 4.08 33.13
CA GLU W 678 90.50 5.26 33.58
C GLU W 678 89.88 6.56 33.01
N ASN W 679 89.84 7.64 33.79
CA ASN W 679 89.32 8.98 33.37
C ASN W 679 90.36 10.07 33.72
N SER W 680 91.65 9.82 33.52
CA SER W 680 92.75 10.74 33.92
C SER W 680 92.89 12.06 33.13
N LYS W 681 93.25 13.16 33.79
CA LYS W 681 93.57 14.44 33.14
C LYS W 681 95.08 14.73 33.20
N ARG W 682 95.94 13.79 33.60
CA ARG W 682 97.43 13.91 33.63
C ARG W 682 98.08 14.12 32.23
N TRP W 683 98.73 15.26 31.99
CA TRP W 683 99.40 15.62 30.71
C TRP W 683 100.61 14.78 30.31
N ASN W 684 101.48 14.51 31.27
CA ASN W 684 102.73 13.73 31.06
C ASN W 684 102.47 12.21 30.96
N PRO W 685 103.37 11.48 30.27
CA PRO W 685 103.28 10.02 30.21
C PRO W 685 103.45 9.18 31.50
N GLU W 686 102.63 8.15 31.67
CA GLU W 686 102.65 7.19 32.80
C GLU W 686 103.62 5.99 32.76
N ILE W 687 103.87 5.36 33.90
CA ILE W 687 104.61 4.07 34.01
C ILE W 687 103.74 2.90 33.49
N GLN W 688 104.34 1.94 32.77
CA GLN W 688 103.65 0.75 32.18
C GLN W 688 104.48 -0.52 32.33
N TYR W 689 103.86 -1.68 32.46
CA TYR W 689 104.59 -2.98 32.42
C TYR W 689 105.04 -3.25 30.97
N THR W 690 106.31 -3.60 30.80
CA THR W 690 106.87 -3.82 29.46
C THR W 690 107.73 -5.07 29.47
N ASN W 691 107.90 -5.69 28.31
CA ASN W 691 108.87 -6.80 28.18
C ASN W 691 110.20 -6.12 27.92
N ASN W 692 111.10 -6.11 28.88
CA ASN W 692 112.38 -5.36 28.79
C ASN W 692 113.48 -6.20 29.42
N TYR W 693 114.44 -6.61 28.62
CA TYR W 693 115.51 -7.54 29.08
C TYR W 693 116.79 -7.10 28.40
N ASN W 694 117.94 -7.21 29.05
CA ASN W 694 119.22 -6.88 28.36
C ASN W 694 119.95 -8.17 27.93
N ASP W 695 120.27 -8.33 26.64
CA ASP W 695 120.97 -9.52 26.06
C ASP W 695 120.27 -10.85 26.41
N PRO W 696 118.95 -11.03 26.20
CA PRO W 696 118.28 -12.27 26.64
C PRO W 696 118.71 -13.61 26.02
N GLN W 697 118.86 -14.64 26.86
CA GLN W 697 119.26 -15.99 26.38
C GLN W 697 118.05 -16.90 26.20
N PHE W 698 116.87 -16.44 26.58
CA PHE W 698 115.62 -17.24 26.49
C PHE W 698 114.51 -16.25 26.41
N VAL W 699 113.35 -16.69 25.98
CA VAL W 699 112.16 -15.81 26.06
C VAL W 699 111.43 -16.17 27.36
N ASP W 700 111.17 -15.20 28.22
CA ASP W 700 110.34 -15.37 29.44
C ASP W 700 108.88 -15.64 29.08
N PHE W 701 108.13 -16.39 29.90
CA PHE W 701 106.70 -16.81 29.66
C PHE W 701 106.57 -17.67 28.40
N ALA W 702 107.54 -18.53 28.17
CA ALA W 702 107.58 -19.44 27.00
C ALA W 702 108.22 -20.76 27.41
N PRO W 703 107.99 -21.87 26.68
CA PRO W 703 108.72 -23.12 26.91
C PRO W 703 110.23 -23.11 26.56
N ASP W 704 111.03 -23.90 27.24
CA ASP W 704 112.48 -24.02 26.90
C ASP W 704 112.79 -25.21 25.98
N SER W 705 114.07 -25.50 25.76
CA SER W 705 114.50 -26.61 24.86
C SER W 705 113.98 -27.97 25.37
N THR W 706 113.95 -28.21 26.68
CA THR W 706 113.33 -29.42 27.31
C THR W 706 111.80 -29.39 27.31
N GLY W 707 111.14 -28.26 27.05
CA GLY W 707 109.68 -28.14 27.16
C GLY W 707 109.11 -27.61 28.47
N GLU W 708 109.95 -27.16 29.40
CA GLU W 708 109.51 -26.60 30.70
C GLU W 708 109.22 -25.09 30.62
N TYR W 709 108.06 -24.65 31.10
CA TYR W 709 107.64 -23.22 31.12
C TYR W 709 108.48 -22.36 32.06
N ARG W 710 108.81 -21.15 31.62
CA ARG W 710 109.65 -20.23 32.44
C ARG W 710 108.84 -19.00 32.81
N SER W 711 108.81 -18.65 34.11
CA SER W 711 108.10 -17.45 34.63
C SER W 711 108.99 -16.71 35.64
N THR W 712 110.00 -15.98 35.21
CA THR W 712 111.01 -15.25 36.05
C THR W 712 110.43 -14.12 36.92
N ARG W 713 109.43 -13.37 36.49
CA ARG W 713 108.98 -12.15 37.23
C ARG W 713 107.55 -12.19 37.82
N PRO W 714 107.32 -11.72 39.08
CA PRO W 714 105.98 -11.54 39.61
C PRO W 714 105.23 -10.31 39.04
N ILE W 715 103.94 -10.39 38.69
CA ILE W 715 103.31 -9.16 38.12
C ILE W 715 102.11 -8.66 38.93
N GLY W 716 102.18 -7.41 39.39
CA GLY W 716 101.12 -6.70 40.12
C GLY W 716 100.19 -5.94 39.20
N THR W 717 99.16 -5.32 39.75
CA THR W 717 98.20 -4.51 38.97
C THR W 717 98.38 -3.00 38.98
N ARG W 718 99.25 -2.38 39.78
CA ARG W 718 99.23 -0.87 39.90
C ARG W 718 100.33 -0.15 39.09
N TYR W 719 99.98 0.39 37.92
CA TYR W 719 100.93 1.14 37.05
C TYR W 719 100.37 2.52 36.79
N LEU W 720 99.05 2.64 36.77
CA LEU W 720 98.33 3.93 36.61
C LEU W 720 98.35 4.74 37.91
N THR W 721 98.19 6.04 37.79
CA THR W 721 98.28 6.96 38.93
C THR W 721 97.03 7.80 39.02
N ARG W 722 96.59 8.10 40.22
CA ARG W 722 95.42 9.00 40.42
C ARG W 722 95.70 10.01 41.54
N PRO W 723 95.17 11.26 41.48
CA PRO W 723 95.24 12.20 42.60
C PRO W 723 94.35 11.79 43.80
N LEU W 724 94.74 12.14 45.02
CA LEU W 724 93.98 11.75 46.24
C LEU W 724 92.60 12.42 46.29
N ASP X 209 75.15 40.67 27.15
CA ASP X 209 74.34 41.66 26.40
C ASP X 209 75.15 42.92 26.06
N GLY X 210 75.46 43.79 27.03
CA GLY X 210 76.07 45.09 26.66
C GLY X 210 76.95 45.78 27.66
N VAL X 211 77.69 46.79 27.21
CA VAL X 211 78.56 47.65 28.07
C VAL X 211 77.73 48.42 29.13
N GLY X 212 76.54 48.91 28.79
CA GLY X 212 75.69 49.73 29.68
C GLY X 212 74.69 48.96 30.48
N ASN X 213 74.66 47.64 30.38
CA ASN X 213 73.60 46.84 31.05
C ASN X 213 74.19 45.96 32.15
N ALA X 214 73.61 45.98 33.34
CA ALA X 214 74.06 45.12 34.47
C ALA X 214 73.66 43.64 34.32
N SER X 215 74.61 42.72 34.48
CA SER X 215 74.47 41.23 34.44
C SER X 215 73.65 40.62 35.61
N GLY X 216 73.74 41.16 36.81
CA GLY X 216 73.02 40.67 38.00
C GLY X 216 72.78 41.66 39.11
N ASP X 217 72.07 41.26 40.16
CA ASP X 217 71.71 42.12 41.33
C ASP X 217 72.22 41.58 42.67
N TRP X 218 72.35 42.44 43.67
CA TRP X 218 72.83 42.07 45.03
C TRP X 218 71.76 41.34 45.85
N HIS X 219 72.07 40.14 46.32
CA HIS X 219 71.18 39.41 47.25
C HIS X 219 71.91 38.98 48.52
N CYS X 220 71.60 39.55 49.69
CA CYS X 220 72.17 39.06 50.97
C CYS X 220 70.98 38.86 51.92
N ASP X 221 70.62 37.62 52.23
CA ASP X 221 69.39 37.37 53.05
C ASP X 221 69.30 35.99 53.72
N SER X 222 68.46 35.84 54.75
CA SER X 222 68.14 34.52 55.34
C SER X 222 66.60 34.36 55.34
N THR X 223 66.07 33.22 54.92
CA THR X 223 64.63 32.94 55.01
C THR X 223 64.42 31.66 55.81
N TRP X 224 63.58 31.70 56.84
CA TRP X 224 63.28 30.52 57.70
C TRP X 224 61.87 30.03 57.41
N MET X 225 61.73 28.77 57.01
CA MET X 225 60.43 28.17 56.64
C MET X 225 60.21 26.79 57.27
N GLY X 226 59.84 26.68 58.55
CA GLY X 226 59.72 25.36 59.21
C GLY X 226 61.02 24.60 59.31
N ASP X 227 61.10 23.40 58.74
CA ASP X 227 62.31 22.53 58.76
C ASP X 227 63.46 23.04 57.87
N ARG X 228 63.23 24.03 57.01
CA ARG X 228 64.27 24.52 56.04
C ARG X 228 64.70 25.98 56.27
N VAL X 229 65.99 26.26 56.15
CA VAL X 229 66.50 27.66 56.18
C VAL X 229 67.30 27.88 54.87
N VAL X 230 67.10 28.99 54.15
CA VAL X 230 67.87 29.35 52.92
C VAL X 230 68.78 30.56 53.21
N THR X 231 70.06 30.45 52.88
CA THR X 231 71.02 31.58 53.07
C THR X 231 71.50 32.13 51.73
N LYS X 232 71.50 33.45 51.55
CA LYS X 232 72.03 34.12 50.33
C LYS X 232 73.17 35.06 50.74
N SER X 233 74.31 35.01 50.05
CA SER X 233 75.50 35.85 50.34
C SER X 233 76.07 36.47 49.05
N THR X 234 76.32 37.77 49.03
CA THR X 234 76.93 38.48 47.88
C THR X 234 78.21 39.19 48.30
N ARG X 235 79.28 39.05 47.53
CA ARG X 235 80.58 39.74 47.80
C ARG X 235 81.22 40.35 46.54
N THR X 236 82.11 41.31 46.71
CA THR X 236 82.90 41.91 45.61
C THR X 236 84.33 41.37 45.68
N TRP X 237 84.88 40.88 44.56
CA TRP X 237 86.22 40.25 44.47
C TRP X 237 87.16 40.96 43.48
N VAL X 238 88.47 40.81 43.68
CA VAL X 238 89.52 41.31 42.76
C VAL X 238 90.40 40.13 42.31
N LEU X 239 90.75 40.04 41.02
CA LEU X 239 91.68 39.00 40.51
C LEU X 239 92.99 39.55 39.94
N PRO X 240 94.14 39.20 40.53
CA PRO X 240 95.46 39.52 39.95
C PRO X 240 95.87 38.65 38.77
N SER X 241 96.76 39.13 37.91
CA SER X 241 97.32 38.22 36.87
C SER X 241 98.53 37.49 37.46
N TYR X 242 98.35 36.29 38.02
CA TYR X 242 99.43 35.55 38.75
C TYR X 242 100.45 34.87 37.86
N ASN X 243 101.75 35.00 38.15
CA ASN X 243 102.84 34.26 37.45
C ASN X 243 103.16 34.89 36.10
N ASN X 244 102.56 36.04 35.77
CA ASN X 244 102.71 36.72 34.44
C ASN X 244 102.33 35.75 33.31
N HIS X 245 101.23 35.01 33.44
CA HIS X 245 100.70 34.08 32.39
C HIS X 245 101.53 32.80 32.22
N GLN X 246 102.23 32.36 33.24
CA GLN X 246 103.13 31.18 33.14
C GLN X 246 102.91 30.14 34.26
N TYR X 247 103.28 28.89 34.03
CA TYR X 247 103.21 27.79 35.02
C TYR X 247 104.60 27.60 35.53
N ARG X 248 104.78 27.53 36.85
CA ARG X 248 106.14 27.43 37.44
C ARG X 248 106.33 26.18 38.32
N GLU X 249 107.44 25.46 38.12
CA GLU X 249 107.77 24.34 39.03
C GLU X 249 108.22 24.89 40.39
N ILE X 250 107.67 24.36 41.47
CA ILE X 250 107.93 24.84 42.86
C ILE X 250 108.43 23.67 43.71
N LYS X 251 109.34 23.91 44.63
CA LYS X 251 109.93 22.78 45.40
C LYS X 251 110.51 23.26 46.73
N SER X 252 110.62 22.37 47.70
CA SER X 252 111.31 22.72 48.96
C SER X 252 112.20 21.58 49.49
N GLY X 253 113.34 21.89 50.10
CA GLY X 253 114.15 20.96 50.90
C GLY X 253 113.73 21.04 52.38
N SER X 254 114.48 20.44 53.29
CA SER X 254 114.21 20.48 54.76
C SER X 254 114.30 21.92 55.33
N VAL X 255 113.36 22.33 56.18
CA VAL X 255 113.31 23.71 56.74
C VAL X 255 112.91 23.63 58.21
N ASP X 256 113.44 24.50 59.07
CA ASP X 256 113.14 24.54 60.54
C ASP X 256 113.54 23.21 61.18
N GLY X 257 114.56 22.55 60.64
CA GLY X 257 115.00 21.25 61.15
C GLY X 257 114.20 20.05 60.67
N SER X 258 113.23 20.18 59.76
CA SER X 258 112.41 18.98 59.41
C SER X 258 112.35 18.59 57.93
N ASN X 259 112.61 17.33 57.59
CA ASN X 259 112.44 16.76 56.21
C ASN X 259 110.95 16.58 55.83
N ALA X 260 110.02 16.57 56.79
CA ALA X 260 108.54 16.50 56.56
C ALA X 260 108.10 17.75 55.81
N ASN X 261 108.85 18.84 55.96
CA ASN X 261 108.70 20.13 55.21
C ASN X 261 108.96 20.00 53.69
N ALA X 262 109.87 19.14 53.22
CA ALA X 262 110.22 18.96 51.78
C ALA X 262 109.05 18.55 50.87
N TYR X 263 108.95 19.12 49.67
CA TYR X 263 107.87 18.85 48.68
C TYR X 263 108.33 19.16 47.25
N PHE X 264 107.64 18.61 46.25
CA PHE X 264 107.83 18.93 44.81
C PHE X 264 106.41 19.31 44.27
N GLY X 265 106.28 20.39 43.50
CA GLY X 265 104.97 20.88 43.04
C GLY X 265 104.93 21.86 41.88
N TYR X 266 103.72 22.25 41.48
CA TYR X 266 103.51 23.28 40.42
C TYR X 266 102.68 24.49 40.91
N SER X 267 103.05 25.71 40.51
CA SER X 267 102.23 26.94 40.76
C SER X 267 101.55 27.32 39.43
N THR X 268 100.35 27.85 39.48
CA THR X 268 99.55 28.09 38.24
C THR X 268 99.12 29.54 38.09
N PRO X 269 98.80 29.98 36.86
CA PRO X 269 98.26 31.31 36.57
C PRO X 269 96.85 31.60 37.11
N TRP X 270 96.02 30.59 37.36
CA TRP X 270 94.62 30.65 37.85
C TRP X 270 94.39 30.99 39.34
N GLY X 271 93.19 31.45 39.64
CA GLY X 271 92.70 31.72 41.00
C GLY X 271 91.41 30.97 41.23
N TYR X 272 91.03 30.75 42.47
CA TYR X 272 89.82 29.94 42.79
C TYR X 272 88.92 30.62 43.83
N PHE X 273 87.65 30.24 43.87
CA PHE X 273 86.67 30.73 44.88
C PHE X 273 86.44 29.66 45.97
N ASP X 274 86.60 30.01 47.26
CA ASP X 274 86.40 29.11 48.42
C ASP X 274 85.26 29.62 49.33
N PHE X 275 84.26 28.79 49.59
CA PHE X 275 83.14 29.13 50.53
C PHE X 275 83.09 28.19 51.76
N ASN X 276 84.10 27.40 52.08
CA ASN X 276 83.99 26.41 53.20
C ASN X 276 84.27 27.04 54.57
N ARG X 277 83.53 28.07 54.97
CA ARG X 277 83.55 28.67 56.32
C ARG X 277 82.07 29.03 56.63
N PHE X 278 81.59 28.82 57.85
CA PHE X 278 80.19 29.14 58.27
C PHE X 278 79.87 30.67 58.22
N HIS X 279 80.79 31.55 58.61
CA HIS X 279 80.65 33.04 58.66
C HIS X 279 80.41 33.58 57.24
N SER X 280 80.83 32.87 56.20
CA SER X 280 80.57 33.19 54.77
C SER X 280 79.05 33.17 54.48
N HIS X 281 78.29 32.25 55.06
CA HIS X 281 76.82 32.12 54.88
C HIS X 281 75.96 32.60 56.06
N TRP X 282 76.51 32.78 57.26
CA TRP X 282 75.67 33.01 58.46
C TRP X 282 75.99 34.30 59.20
N SER X 283 74.97 35.10 59.48
CA SER X 283 75.11 36.29 60.35
C SER X 283 75.29 35.81 61.80
N PRO X 284 75.91 36.60 62.69
CA PRO X 284 76.00 36.22 64.09
C PRO X 284 74.65 36.08 64.78
N ARG X 285 73.66 36.93 64.51
CA ARG X 285 72.28 36.76 65.05
C ARG X 285 71.58 35.49 64.53
N ASP X 286 71.71 35.16 63.26
CA ASP X 286 71.13 33.92 62.64
C ASP X 286 71.74 32.65 63.23
N TRP X 287 73.04 32.65 63.49
CA TRP X 287 73.74 31.53 64.15
C TRP X 287 73.23 31.30 65.59
N GLN X 288 72.96 32.36 66.34
CA GLN X 288 72.37 32.31 67.70
C GLN X 288 70.96 31.71 67.68
N ARG X 289 70.16 32.05 66.69
CA ARG X 289 68.81 31.48 66.54
C ARG X 289 68.86 29.96 66.31
N LEU X 290 69.76 29.46 65.47
CA LEU X 290 69.95 28.00 65.29
C LEU X 290 70.49 27.19 66.50
N ILE X 291 71.51 27.69 67.20
CA ILE X 291 72.16 26.98 68.35
C ILE X 291 71.21 26.87 69.54
N ASN X 292 70.43 27.90 69.79
CA ASN X 292 69.39 27.97 70.86
C ASN X 292 68.20 27.03 70.66
N ASN X 293 67.72 26.80 69.44
CA ASN X 293 66.43 26.08 69.19
C ASN X 293 66.40 24.74 68.47
N TYR X 294 67.51 24.18 68.00
CA TYR X 294 67.48 22.96 67.16
C TYR X 294 68.44 21.86 67.61
N TRP X 295 68.02 20.60 67.55
CA TRP X 295 68.89 19.41 67.81
C TRP X 295 70.00 19.19 66.74
N GLY X 296 69.70 19.42 65.46
CA GLY X 296 70.65 19.16 64.38
C GLY X 296 70.44 19.92 63.11
N PHE X 297 71.46 19.98 62.26
CA PHE X 297 71.36 20.63 60.93
C PHE X 297 72.19 19.87 59.87
N ARG X 298 71.84 19.92 58.59
CA ARG X 298 72.65 19.34 57.47
C ARG X 298 72.54 20.18 56.16
N PRO X 299 73.58 20.27 55.29
CA PRO X 299 73.46 20.89 53.94
C PRO X 299 72.68 20.11 52.86
N ARG X 300 71.92 20.78 51.99
CA ARG X 300 71.09 20.11 50.95
C ARG X 300 71.46 20.56 49.53
N SER X 301 71.48 21.87 49.27
CA SER X 301 71.70 22.38 47.89
C SER X 301 72.62 23.62 47.83
N LEU X 302 73.34 23.77 46.72
CA LEU X 302 74.19 24.97 46.49
C LEU X 302 73.95 25.61 45.09
N ARG X 303 73.83 26.94 44.99
CA ARG X 303 73.77 27.67 43.69
C ARG X 303 74.83 28.79 43.66
N VAL X 304 75.61 28.90 42.58
CA VAL X 304 76.66 29.97 42.42
C VAL X 304 76.46 30.83 41.15
N LYS X 305 76.54 32.16 41.25
CA LYS X 305 76.51 33.10 40.10
C LYS X 305 77.73 34.06 40.10
N ILE X 306 78.41 34.24 38.96
CA ILE X 306 79.52 35.24 38.79
C ILE X 306 79.07 36.27 37.74
N PHE X 307 79.16 37.59 38.04
CA PHE X 307 78.53 38.67 37.22
C PHE X 307 79.17 40.05 37.38
N ASN X 308 78.80 41.05 36.55
CA ASN X 308 79.28 42.47 36.56
C ASN X 308 80.79 42.57 36.39
N ILE X 309 81.33 41.78 35.46
CA ILE X 309 82.78 41.70 35.20
C ILE X 309 83.37 43.01 34.64
N GLN X 310 84.53 43.42 35.14
CA GLN X 310 85.24 44.64 34.68
C GLN X 310 86.74 44.35 34.55
N VAL X 311 87.28 44.52 33.35
CA VAL X 311 88.72 44.26 33.07
C VAL X 311 89.43 45.62 32.93
N LYS X 312 90.54 45.79 33.63
CA LYS X 312 91.31 47.06 33.66
C LYS X 312 92.75 46.88 33.18
N GLU X 313 93.27 47.84 32.44
CA GLU X 313 94.68 47.81 31.98
C GLU X 313 95.49 48.86 32.75
N VAL X 314 96.66 48.46 33.22
CA VAL X 314 97.52 49.38 34.03
C VAL X 314 98.75 49.71 33.19
N THR X 315 99.06 50.99 33.06
CA THR X 315 100.21 51.44 32.24
C THR X 315 101.08 52.36 33.05
N VAL X 316 102.40 52.20 32.95
CA VAL X 316 103.30 53.19 33.63
C VAL X 316 104.17 53.94 32.63
N GLN X 317 104.13 55.28 32.64
CA GLN X 317 105.10 56.07 31.82
C GLN X 317 105.79 57.02 32.80
N ASP X 318 107.10 56.89 32.98
CA ASP X 318 107.85 57.85 33.84
C ASP X 318 107.21 57.92 35.23
N SER X 319 106.74 56.81 35.79
CA SER X 319 106.20 56.75 37.19
C SER X 319 104.75 57.27 37.37
N THR X 320 104.03 57.64 36.30
CA THR X 320 102.60 58.06 36.41
C THR X 320 101.64 56.97 36.89
N THR X 321 101.74 55.71 36.46
CA THR X 321 100.77 54.61 36.79
C THR X 321 99.28 54.86 36.47
N THR X 322 98.89 55.28 35.26
CA THR X 322 97.46 55.38 34.86
C THR X 322 96.72 54.04 34.77
N ILE X 323 95.44 53.99 35.15
CA ILE X 323 94.57 52.78 35.08
C ILE X 323 93.35 53.06 34.17
N ALA X 324 93.03 52.15 33.23
CA ALA X 324 91.91 52.33 32.28
C ALA X 324 91.10 51.07 32.02
N ASN X 325 89.83 51.21 31.64
CA ASN X 325 89.00 50.05 31.23
C ASN X 325 89.37 49.46 29.88
N ASN X 326 89.39 48.13 29.74
CA ASN X 326 89.54 47.50 28.41
C ASN X 326 88.23 46.74 28.16
N LEU X 327 87.38 47.21 27.25
CA LEU X 327 86.06 46.62 26.88
C LEU X 327 86.14 45.24 26.20
N THR X 328 87.12 45.04 25.34
CA THR X 328 87.22 43.80 24.52
C THR X 328 87.98 42.65 25.21
N SER X 329 88.57 42.86 26.39
CA SER X 329 89.28 41.79 27.18
C SER X 329 88.34 40.74 27.81
N THR X 330 88.84 39.51 28.02
CA THR X 330 88.01 38.37 28.52
C THR X 330 88.52 37.76 29.82
N VAL X 331 87.63 37.11 30.54
CA VAL X 331 87.94 36.31 31.75
C VAL X 331 87.53 34.85 31.41
N GLN X 332 88.25 33.84 31.90
CA GLN X 332 87.94 32.40 31.67
C GLN X 332 87.53 31.64 32.95
N VAL X 333 86.40 30.94 32.94
CA VAL X 333 85.83 30.25 34.14
C VAL X 333 85.47 28.78 33.87
N PHE X 334 85.78 27.87 34.79
CA PHE X 334 85.37 26.43 34.70
C PHE X 334 85.14 25.76 36.08
N THR X 335 84.38 24.67 36.12
CA THR X 335 84.19 23.85 37.35
C THR X 335 84.74 22.45 37.11
N ASP X 336 85.49 21.90 38.08
CA ASP X 336 86.06 20.51 37.99
C ASP X 336 85.06 19.46 38.49
N ASP X 337 84.08 19.13 37.67
CA ASP X 337 82.96 18.19 38.02
C ASP X 337 83.35 16.72 38.30
N ASP X 338 84.31 16.14 37.57
CA ASP X 338 84.72 14.71 37.70
C ASP X 338 85.88 14.51 38.67
N TYR X 339 86.37 15.53 39.37
CA TYR X 339 87.42 15.45 40.42
C TYR X 339 88.76 14.98 39.86
N GLN X 340 89.06 15.31 38.62
CA GLN X 340 90.35 15.02 37.97
C GLN X 340 91.51 15.80 38.61
N LEU X 341 91.30 17.04 38.98
CA LEU X 341 92.32 17.88 39.65
C LEU X 341 92.54 17.57 41.11
N PRO X 342 93.74 17.86 41.66
CA PRO X 342 93.90 17.78 43.11
C PRO X 342 93.00 18.78 43.85
N TYR X 343 92.31 18.36 44.92
CA TYR X 343 91.33 19.22 45.64
C TYR X 343 91.97 19.84 46.89
N VAL X 344 92.16 21.15 46.87
CA VAL X 344 92.88 21.84 47.96
C VAL X 344 91.90 22.61 48.88
N VAL X 345 90.60 22.58 48.60
CA VAL X 345 89.56 23.37 49.34
C VAL X 345 89.36 22.99 50.83
N GLY X 346 89.46 21.74 51.26
CA GLY X 346 89.08 21.31 52.64
C GLY X 346 90.20 21.22 53.68
N ASN X 347 91.29 21.95 53.54
CA ASN X 347 92.53 21.85 54.36
C ASN X 347 92.77 23.03 55.34
N GLY X 348 91.75 23.82 55.74
CA GLY X 348 91.85 24.98 56.67
C GLY X 348 92.70 26.14 56.24
N THR X 349 92.67 26.46 54.96
CA THR X 349 93.48 27.55 54.38
C THR X 349 92.69 28.84 54.20
N GLU X 350 93.39 29.96 54.20
CA GLU X 350 92.83 31.33 54.00
C GLU X 350 92.41 31.66 52.54
N GLY X 351 91.63 32.72 52.33
CA GLY X 351 91.08 33.08 51.00
C GLY X 351 89.61 32.81 50.76
N CYS X 352 88.83 32.39 51.76
CA CYS X 352 87.35 32.23 51.66
C CYS X 352 86.63 33.58 51.65
N LEU X 353 85.35 33.60 51.24
CA LEU X 353 84.55 34.85 51.24
C LEU X 353 84.49 35.41 52.67
N PRO X 354 84.58 36.75 52.82
CA PRO X 354 84.59 37.35 54.15
C PRO X 354 83.33 37.28 55.04
N ALA X 355 83.51 37.29 56.36
CA ALA X 355 82.40 37.28 57.36
C ALA X 355 81.50 38.52 57.22
N PHE X 356 82.07 39.70 56.96
CA PHE X 356 81.31 40.97 56.88
C PHE X 356 81.01 41.29 55.42
N PRO X 357 79.71 41.44 55.01
CA PRO X 357 79.33 41.70 53.61
C PRO X 357 79.96 42.85 52.81
N PRO X 358 80.21 44.06 53.37
CA PRO X 358 80.92 45.16 52.72
C PRO X 358 82.41 44.95 52.37
N GLN X 359 83.11 44.05 53.03
CA GLN X 359 84.55 43.79 52.82
C GLN X 359 84.86 43.26 51.41
N VAL X 360 85.94 43.74 50.80
CA VAL X 360 86.32 43.38 49.40
C VAL X 360 87.55 42.48 49.48
N PHE X 361 87.57 41.39 48.72
CA PHE X 361 88.66 40.37 48.88
C PHE X 361 89.44 39.96 47.61
N THR X 362 90.72 39.66 47.80
CA THR X 362 91.57 39.07 46.75
C THR X 362 91.41 37.56 46.68
N LEU X 363 91.23 36.98 45.49
CA LEU X 363 91.19 35.50 45.29
C LEU X 363 92.56 34.84 45.47
N PRO X 364 92.60 33.66 46.14
CA PRO X 364 93.83 32.89 46.25
C PRO X 364 94.38 32.26 44.94
N GLN X 365 95.69 32.18 44.78
CA GLN X 365 96.31 31.47 43.62
C GLN X 365 96.32 29.93 43.80
N TYR X 366 95.91 29.16 42.79
CA TYR X 366 95.95 27.68 42.77
C TYR X 366 97.37 27.08 42.63
N GLY X 367 97.64 26.01 43.36
CA GLY X 367 98.91 25.29 43.37
C GLY X 367 98.68 23.95 43.98
N TYR X 368 99.63 23.03 43.85
CA TYR X 368 99.51 21.65 44.42
C TYR X 368 100.87 21.03 44.67
N ALA X 369 100.92 20.03 45.54
CA ALA X 369 102.12 19.21 45.74
C ALA X 369 101.88 17.81 45.17
N THR X 370 102.80 17.28 44.39
CA THR X 370 102.79 15.87 43.90
C THR X 370 103.79 15.08 44.73
N LEU X 371 104.28 13.96 44.21
CA LEU X 371 105.31 13.12 44.87
C LEU X 371 106.72 13.74 44.90
N ASN X 372 107.47 13.44 45.96
CA ASN X 372 108.86 13.93 46.14
C ASN X 372 109.71 12.70 46.45
N ARG X 373 110.99 12.70 46.10
CA ARG X 373 111.84 11.48 46.26
C ARG X 373 112.73 11.50 47.50
N ASP X 374 112.62 10.50 48.37
CA ASP X 374 113.47 10.30 49.59
C ASP X 374 113.49 11.49 50.56
N ASN X 375 112.35 12.14 50.81
CA ASN X 375 112.26 13.32 51.72
C ASN X 375 113.21 14.44 51.26
N THR X 376 113.27 14.69 49.94
CA THR X 376 114.11 15.74 49.29
C THR X 376 113.26 16.56 48.30
N GLU X 377 113.76 17.65 47.72
CA GLU X 377 113.03 18.54 46.75
C GLU X 377 112.84 17.92 45.34
N ASN X 378 113.56 16.86 45.00
CA ASN X 378 113.46 16.15 43.70
C ASN X 378 112.19 15.34 43.46
N PRO X 379 111.71 15.27 42.20
CA PRO X 379 110.60 14.41 41.77
C PRO X 379 110.85 12.90 41.53
N THR X 380 109.80 12.14 41.30
CA THR X 380 109.80 10.68 41.01
C THR X 380 109.16 10.46 39.65
N GLU X 381 109.31 9.28 39.06
CA GLU X 381 108.64 8.87 37.78
C GLU X 381 107.11 8.89 37.92
N ARG X 382 106.57 8.51 39.06
CA ARG X 382 105.11 8.57 39.39
C ARG X 382 104.60 10.02 39.51
N SER X 383 105.46 11.02 39.76
CA SER X 383 105.08 12.45 39.94
C SER X 383 104.34 13.00 38.70
N SER X 384 103.28 13.76 38.90
CA SER X 384 102.33 14.20 37.82
C SER X 384 102.21 15.71 37.59
N PHE X 385 102.06 16.09 36.34
CA PHE X 385 101.82 17.50 35.96
C PHE X 385 100.40 17.63 35.40
N PHE X 386 99.68 18.63 35.86
CA PHE X 386 98.31 18.88 35.35
C PHE X 386 98.21 20.27 34.71
N CYS X 387 97.68 20.35 33.49
CA CYS X 387 97.40 21.64 32.78
C CYS X 387 95.90 22.00 32.87
N LEU X 388 95.55 23.18 33.39
CA LEU X 388 94.15 23.73 33.49
C LEU X 388 93.56 24.06 32.12
N GLU X 389 94.39 24.54 31.18
CA GLU X 389 93.98 24.94 29.81
C GLU X 389 93.56 23.72 28.99
N TYR X 390 93.95 22.51 29.40
CA TYR X 390 93.51 21.24 28.76
C TYR X 390 91.99 21.05 28.95
N PHE X 391 91.41 21.42 30.07
CA PHE X 391 89.93 21.39 30.31
C PHE X 391 89.19 22.44 29.48
N PRO X 392 87.94 22.23 29.04
CA PRO X 392 87.12 23.33 28.48
C PRO X 392 86.64 24.46 29.46
N SER X 393 86.66 25.73 29.07
CA SER X 393 86.21 26.87 29.92
C SER X 393 85.31 27.90 29.21
N LYS X 394 84.38 28.52 29.93
CA LYS X 394 83.57 29.64 29.38
C LYS X 394 84.41 30.93 29.26
N MET X 395 84.23 31.72 28.21
CA MET X 395 84.95 33.02 28.03
C MET X 395 83.95 34.19 28.21
N LEU X 396 84.29 35.14 29.08
CA LEU X 396 83.36 36.25 29.38
C LEU X 396 83.91 37.65 29.14
N ARG X 397 83.18 38.47 28.40
CA ARG X 397 83.43 39.94 28.29
C ARG X 397 82.58 40.66 29.38
N THR X 398 82.62 41.99 29.46
CA THR X 398 81.89 42.86 30.46
C THR X 398 80.38 42.62 30.51
N GLY X 399 79.68 42.38 29.39
CA GLY X 399 78.27 41.97 29.29
C GLY X 399 77.91 40.61 29.86
N ASN X 400 78.78 39.61 29.77
CA ASN X 400 78.57 38.18 30.13
C ASN X 400 78.50 37.76 31.62
N ASN X 401 77.86 36.65 31.92
CA ASN X 401 77.69 36.10 33.30
C ASN X 401 77.86 34.57 33.31
N PHE X 402 78.18 33.96 34.46
CA PHE X 402 78.31 32.49 34.64
C PHE X 402 77.43 31.96 35.80
N GLU X 403 76.77 30.81 35.63
CA GLU X 403 75.98 30.18 36.72
C GLU X 403 76.27 28.66 36.91
N PHE X 404 76.23 28.15 38.15
CA PHE X 404 76.38 26.69 38.45
C PHE X 404 75.36 26.23 39.55
N THR X 405 74.92 24.96 39.53
CA THR X 405 74.02 24.35 40.57
C THR X 405 74.59 23.02 41.07
N TYR X 406 74.49 22.73 42.37
CA TYR X 406 74.96 21.45 42.97
C TYR X 406 73.96 20.86 43.99
N ASN X 407 73.89 19.53 44.11
CA ASN X 407 73.08 18.84 45.16
C ASN X 407 74.01 18.03 46.06
N PHE X 408 73.86 18.15 47.37
CA PHE X 408 74.69 17.40 48.34
C PHE X 408 74.18 15.95 48.42
N GLU X 409 75.06 14.99 48.66
CA GLU X 409 74.68 13.57 48.92
C GLU X 409 74.03 13.44 50.31
N GLU X 410 73.27 12.37 50.54
CA GLU X 410 72.72 12.15 51.90
C GLU X 410 73.87 12.01 52.92
N VAL X 411 73.75 12.71 54.03
CA VAL X 411 74.81 12.75 55.07
C VAL X 411 74.08 12.77 56.42
N PRO X 412 74.67 12.26 57.52
CA PRO X 412 74.04 12.41 58.83
C PRO X 412 73.99 13.85 59.37
N PHE X 413 72.94 14.23 60.11
CA PHE X 413 72.83 15.58 60.75
C PHE X 413 73.92 15.77 61.80
N HIS X 414 74.51 16.96 61.91
CA HIS X 414 75.43 17.30 63.03
C HIS X 414 74.61 17.32 64.34
N SER X 415 75.21 16.89 65.45
CA SER X 415 74.51 16.89 66.76
C SER X 415 74.74 18.17 67.56
N SER X 416 73.77 19.09 67.57
CA SER X 416 73.83 20.35 68.35
C SER X 416 73.18 20.17 69.73
N PHE X 417 73.75 19.35 70.58
CA PHE X 417 73.21 19.08 71.93
C PHE X 417 74.34 18.58 72.83
N ALA X 418 74.15 18.72 74.12
CA ALA X 418 75.09 18.19 75.13
C ALA X 418 74.36 17.11 75.92
N PRO X 419 75.01 15.97 76.23
CA PRO X 419 74.41 14.97 77.09
C PRO X 419 74.10 15.38 78.55
N SER X 420 72.93 14.99 79.03
CA SER X 420 72.51 15.29 80.43
C SER X 420 72.81 14.11 81.39
N GLN X 421 73.39 13.00 80.91
CA GLN X 421 73.79 11.86 81.76
C GLN X 421 75.21 11.36 81.48
N ASN X 422 75.91 10.87 82.50
CA ASN X 422 77.21 10.16 82.39
C ASN X 422 76.99 8.75 81.81
N LEU X 423 77.90 8.26 80.96
CA LEU X 423 77.84 6.93 80.29
C LEU X 423 77.88 5.78 81.33
N PHE X 424 78.64 5.94 82.41
CA PHE X 424 78.79 4.94 83.49
C PHE X 424 77.72 5.05 84.64
N LYS X 425 76.77 6.00 84.65
CA LYS X 425 75.77 6.22 85.75
C LYS X 425 74.31 5.93 85.28
N LEU X 426 74.06 4.98 84.38
CA LEU X 426 72.71 4.73 83.77
C LEU X 426 71.79 3.75 84.52
N ALA X 427 72.29 3.01 85.51
CA ALA X 427 71.45 2.14 86.36
C ALA X 427 70.57 3.02 87.26
N ASN X 428 69.37 2.55 87.61
CA ASN X 428 68.50 3.28 88.56
C ASN X 428 69.25 3.41 89.88
N PRO X 429 69.28 4.62 90.48
CA PRO X 429 69.92 4.83 91.78
C PRO X 429 69.28 4.07 92.98
N LEU X 430 67.96 3.91 93.05
CA LEU X 430 67.15 3.15 94.04
C LEU X 430 67.31 1.61 94.05
N VAL X 431 67.51 0.96 92.92
CA VAL X 431 67.49 -0.53 92.84
C VAL X 431 68.86 -1.23 92.67
N ASP X 432 69.13 -2.29 93.45
CA ASP X 432 70.33 -3.16 93.32
C ASP X 432 70.33 -4.07 92.09
N GLN X 433 71.50 -4.40 91.55
CA GLN X 433 71.66 -5.37 90.45
C GLN X 433 71.52 -6.85 90.90
N TYR X 434 71.04 -7.76 90.04
CA TYR X 434 71.04 -9.22 90.33
C TYR X 434 72.41 -9.86 89.96
N LEU X 435 73.50 -9.11 90.02
CA LEU X 435 74.83 -9.56 89.55
C LEU X 435 75.88 -9.42 90.67
N TYR X 436 76.89 -10.25 90.64
CA TYR X 436 77.89 -10.31 91.75
C TYR X 436 79.32 -10.16 91.23
N ARG X 437 80.21 -9.69 92.09
CA ARG X 437 81.62 -9.44 91.71
C ARG X 437 82.58 -10.11 92.70
N PHE X 438 83.79 -10.44 92.23
CA PHE X 438 84.82 -11.01 93.12
C PHE X 438 85.49 -9.89 93.86
N VAL X 439 85.56 -10.05 95.18
CA VAL X 439 86.21 -9.01 96.01
C VAL X 439 87.39 -9.53 96.83
N SER X 440 87.51 -10.84 97.01
CA SER X 440 88.50 -11.33 98.02
C SER X 440 88.94 -12.79 97.95
N THR X 441 90.03 -13.08 98.64
CA THR X 441 90.50 -14.47 98.83
C THR X 441 90.68 -14.62 100.34
N ASN X 442 90.38 -15.78 100.93
CA ASN X 442 90.57 -16.05 102.40
C ASN X 442 92.02 -16.50 102.75
N ASN X 443 92.29 -16.89 104.01
CA ASN X 443 93.66 -17.27 104.47
C ASN X 443 94.14 -18.47 103.65
N THR X 444 93.29 -19.44 103.33
CA THR X 444 93.60 -20.47 102.32
C THR X 444 93.11 -19.73 101.12
N GLY X 445 93.76 -19.73 99.96
CA GLY X 445 93.31 -18.75 98.95
C GLY X 445 92.02 -19.07 98.23
N GLY X 446 90.88 -19.04 98.94
CA GLY X 446 89.55 -19.39 98.39
C GLY X 446 88.76 -18.16 98.01
N VAL X 447 88.19 -18.13 96.82
CA VAL X 447 87.48 -16.94 96.27
C VAL X 447 86.19 -16.53 97.01
N GLN X 448 85.95 -15.24 97.11
CA GLN X 448 84.78 -14.68 97.86
C GLN X 448 84.06 -13.64 96.99
N PHE X 449 82.74 -13.50 97.17
CA PHE X 449 81.92 -12.64 96.29
C PHE X 449 80.96 -11.73 97.07
N ASN X 450 80.61 -10.58 96.49
CA ASN X 450 79.62 -9.63 97.09
C ASN X 450 78.66 -9.17 96.02
N LYS X 451 77.41 -8.92 96.38
CA LYS X 451 76.36 -8.35 95.47
C LYS X 451 76.60 -6.86 95.14
N ASN X 452 76.13 -6.42 93.98
CA ASN X 452 76.28 -5.01 93.55
C ASN X 452 75.10 -4.18 94.07
N LEU X 453 75.36 -3.20 94.94
CA LEU X 453 74.33 -2.32 95.58
C LEU X 453 73.86 -1.13 94.74
N ALA X 454 72.71 -0.57 95.07
CA ALA X 454 72.14 0.61 94.36
C ALA X 454 73.00 1.87 94.48
N GLY X 455 73.27 2.54 93.35
CA GLY X 455 74.06 3.80 93.28
C GLY X 455 75.56 3.62 93.34
N ARG X 456 76.08 2.39 93.42
CA ARG X 456 77.54 2.12 93.50
C ARG X 456 78.13 2.00 92.07
N TYR X 457 78.27 3.12 91.35
CA TYR X 457 78.69 3.22 89.92
C TYR X 457 80.13 2.72 89.71
N ALA X 458 80.96 2.83 90.73
CA ALA X 458 82.32 2.31 90.71
C ALA X 458 82.31 0.79 90.48
N ASN X 459 81.35 0.02 91.02
CA ASN X 459 81.32 -1.47 90.97
C ASN X 459 80.18 -2.11 90.19
N THR X 460 79.65 -1.56 89.12
CA THR X 460 78.40 -1.99 88.45
C THR X 460 78.77 -2.59 87.11
N TYR X 461 78.04 -3.59 86.65
CA TYR X 461 78.24 -4.19 85.30
C TYR X 461 77.84 -3.15 84.27
N LYS X 462 78.58 -3.06 83.17
CA LYS X 462 78.34 -2.02 82.15
C LYS X 462 78.13 -2.58 80.75
N ASN X 463 77.09 -2.18 80.04
CA ASN X 463 76.87 -2.49 78.58
C ASN X 463 77.81 -1.81 77.58
N TRP X 464 78.19 -0.56 77.80
CA TRP X 464 78.82 0.27 76.76
C TRP X 464 80.10 0.93 77.22
N PHE X 465 80.96 1.25 76.28
CA PHE X 465 82.32 1.74 76.61
C PHE X 465 82.58 3.05 75.92
N PRO X 466 83.46 3.88 76.50
CA PRO X 466 83.89 5.14 75.89
C PRO X 466 84.76 5.02 74.64
N GLY X 467 84.81 6.07 73.83
CA GLY X 467 85.56 6.12 72.55
C GLY X 467 87.07 6.18 72.65
N PRO X 468 87.79 5.97 71.52
CA PRO X 468 89.25 5.89 71.51
C PRO X 468 90.09 7.10 71.95
N MET X 469 91.22 6.85 72.62
CA MET X 469 92.04 7.95 73.18
C MET X 469 93.55 7.82 72.93
N GLY X 470 94.30 8.92 72.76
CA GLY X 470 95.78 8.92 72.77
C GLY X 470 96.27 10.03 73.69
N ARG X 471 97.16 9.81 74.64
CA ARG X 471 97.54 10.89 75.61
C ARG X 471 98.26 12.11 74.97
N THR X 472 97.86 13.34 75.30
CA THR X 472 98.42 14.61 74.80
C THR X 472 98.70 15.53 75.98
N GLN X 473 99.79 16.29 75.96
CA GLN X 473 100.22 17.13 77.11
C GLN X 473 99.20 18.24 77.46
N GLY X 474 99.02 18.50 78.76
CA GLY X 474 98.11 19.53 79.25
C GLY X 474 98.83 20.77 79.76
N TRP X 475 98.39 21.94 79.32
CA TRP X 475 98.99 23.23 79.73
C TRP X 475 97.96 24.14 80.41
N ASN X 476 98.32 24.75 81.53
CA ASN X 476 97.43 25.69 82.27
C ASN X 476 97.33 27.04 81.57
N LEU X 477 96.18 27.69 81.67
CA LEU X 477 95.89 29.00 81.03
C LEU X 477 95.46 29.95 82.16
N GLY X 478 95.49 31.27 81.95
CA GLY X 478 95.16 32.21 83.04
C GLY X 478 96.14 32.15 84.20
N SER X 479 95.66 31.85 85.40
CA SER X 479 96.54 31.76 86.60
C SER X 479 97.57 30.64 86.36
N GLY X 480 97.21 29.49 85.77
CA GLY X 480 98.26 28.56 85.30
C GLY X 480 99.22 28.01 86.31
N VAL X 481 100.53 28.21 86.11
CA VAL X 481 101.63 27.61 86.95
C VAL X 481 102.43 26.54 86.16
N ASN X 482 102.48 26.61 84.82
CA ASN X 482 103.29 25.71 83.92
C ASN X 482 104.82 25.88 83.95
N ARG X 483 105.58 24.87 83.49
CA ARG X 483 107.09 24.89 83.41
C ARG X 483 107.68 25.95 82.47
N ALA X 484 108.75 26.63 82.88
CA ALA X 484 109.39 27.77 82.15
C ALA X 484 110.38 27.42 81.03
N SER X 485 110.51 28.32 80.04
CA SER X 485 111.53 28.24 78.96
C SER X 485 111.51 26.94 78.13
N VAL X 486 110.34 26.46 77.76
CA VAL X 486 110.21 25.16 77.03
C VAL X 486 110.13 25.36 75.51
N SER X 487 110.84 24.53 74.72
CA SER X 487 110.62 24.50 73.26
C SER X 487 109.70 23.30 73.03
N ALA X 488 108.50 23.50 72.52
CA ALA X 488 107.45 22.46 72.37
C ALA X 488 107.70 21.29 71.41
N PHE X 489 108.36 21.45 70.25
CA PHE X 489 108.36 20.45 69.14
C PHE X 489 108.92 19.04 69.43
N ALA X 490 110.01 18.86 70.18
CA ALA X 490 110.60 17.54 70.45
C ALA X 490 109.62 16.62 71.19
N THR X 491 108.83 17.15 72.12
CA THR X 491 107.91 16.36 72.96
C THR X 491 106.48 16.30 72.42
N THR X 492 106.19 16.84 71.24
CA THR X 492 104.85 16.80 70.60
C THR X 492 104.45 15.43 70.06
N ASN X 493 103.15 15.16 69.93
CA ASN X 493 102.62 13.90 69.34
C ASN X 493 102.92 13.80 67.85
N ARG X 494 103.27 12.62 67.35
CA ARG X 494 103.69 12.47 65.92
C ARG X 494 103.24 11.16 65.29
N MET X 495 103.10 11.12 63.97
CA MET X 495 102.83 9.87 63.20
C MET X 495 103.94 9.81 62.12
N GLU X 496 104.42 8.62 61.76
CA GLU X 496 105.53 8.45 60.79
C GLU X 496 105.00 8.01 59.41
N LEU X 497 105.29 8.73 58.33
CA LEU X 497 104.92 8.33 56.94
C LEU X 497 106.14 8.40 56.02
N GLU X 498 106.44 7.38 55.23
CA GLU X 498 107.51 7.38 54.18
C GLU X 498 108.89 7.79 54.70
N GLY X 499 109.29 7.41 55.91
CA GLY X 499 110.55 7.87 56.49
C GLY X 499 110.58 9.25 57.14
N ALA X 500 109.46 9.95 57.32
CA ALA X 500 109.51 11.26 58.04
C ALA X 500 108.53 11.32 59.21
N SER X 501 108.82 12.12 60.25
CA SER X 501 107.94 12.32 61.43
C SER X 501 107.07 13.56 61.24
N TYR X 502 105.77 13.41 61.40
CA TYR X 502 104.83 14.55 61.18
C TYR X 502 104.01 14.86 62.39
N GLN X 503 103.92 16.13 62.73
CA GLN X 503 102.93 16.54 63.75
C GLN X 503 101.55 16.38 63.11
N VAL X 504 100.57 15.98 63.87
CA VAL X 504 99.17 15.76 63.40
C VAL X 504 98.37 16.63 64.38
N PRO X 505 98.37 17.97 64.18
CA PRO X 505 97.85 18.92 65.16
C PRO X 505 96.41 18.81 65.56
N PRO X 506 95.37 18.49 64.77
CA PRO X 506 94.07 18.21 65.37
C PRO X 506 94.32 16.75 65.77
N GLN X 507 94.03 16.31 66.98
CA GLN X 507 94.20 14.84 67.20
C GLN X 507 92.98 14.09 66.60
N PRO X 508 92.95 12.75 66.45
CA PRO X 508 91.76 12.00 66.01
C PRO X 508 90.52 12.03 66.97
N ASN X 509 89.27 11.93 66.49
CA ASN X 509 88.01 12.04 67.32
C ASN X 509 87.79 11.06 68.49
N GLY X 510 86.96 11.42 69.49
CA GLY X 510 86.65 10.61 70.70
C GLY X 510 87.24 11.07 72.00
N MET X 511 87.88 12.23 72.03
CA MET X 511 88.43 12.77 73.29
C MET X 511 87.89 14.17 73.64
N THR X 512 88.09 14.60 74.88
CA THR X 512 87.81 16.00 75.30
C THR X 512 89.11 16.68 75.75
N ASN X 513 89.45 17.85 75.21
CA ASN X 513 90.60 18.73 75.60
C ASN X 513 90.51 19.37 77.01
N ASN X 514 89.34 19.82 77.48
CA ASN X 514 89.19 20.58 78.75
C ASN X 514 88.09 19.97 79.63
N LEU X 515 88.32 19.82 80.93
CA LEU X 515 87.27 19.30 81.90
C LEU X 515 86.01 20.18 82.19
N GLN X 516 86.04 21.50 82.36
CA GLN X 516 84.88 22.39 82.76
C GLN X 516 85.36 23.10 84.02
N GLY X 517 85.14 24.41 84.13
CA GLY X 517 85.92 25.05 85.20
C GLY X 517 87.32 24.83 84.69
N SER X 518 88.20 24.15 85.39
CA SER X 518 89.61 23.85 84.99
C SER X 518 90.29 24.73 83.93
N ASN X 519 91.54 25.05 84.19
CA ASN X 519 92.35 25.88 83.27
C ASN X 519 93.38 24.99 82.53
N THR X 520 93.27 23.67 82.65
CA THR X 520 94.13 22.75 81.90
C THR X 520 93.53 22.44 80.53
N TYR X 521 94.33 22.60 79.49
CA TYR X 521 93.88 22.36 78.10
C TYR X 521 94.91 21.52 77.43
N ALA X 522 94.46 20.55 76.66
CA ALA X 522 95.44 19.84 75.83
C ALA X 522 95.51 20.63 74.52
N LEU X 523 96.57 21.42 74.30
CA LEU X 523 96.71 22.39 73.17
C LEU X 523 96.72 21.75 71.76
N GLU X 524 97.32 20.58 71.59
CA GLU X 524 97.36 19.88 70.29
C GLU X 524 96.01 19.16 69.98
N ASN X 525 95.06 19.12 70.89
CA ASN X 525 93.69 18.60 70.65
C ASN X 525 92.69 19.76 70.45
N THR X 526 93.13 21.02 70.37
CA THR X 526 92.19 22.18 70.31
C THR X 526 92.33 22.97 69.04
N MET X 527 91.21 23.40 68.44
CA MET X 527 91.23 24.38 67.33
C MET X 527 91.58 25.77 67.88
N ILE X 528 92.62 26.40 67.35
CA ILE X 528 93.04 27.78 67.75
C ILE X 528 92.86 28.75 66.58
N PHE X 529 92.22 29.89 66.82
CA PHE X 529 91.87 30.88 65.76
C PHE X 529 92.30 32.26 66.18
N ASN X 530 92.43 33.19 65.24
CA ASN X 530 92.74 34.61 65.51
C ASN X 530 91.46 35.44 65.31
N SER X 531 91.16 36.39 66.19
CA SER X 531 90.01 37.32 66.03
C SER X 531 90.16 38.17 64.77
N GLN X 532 91.38 38.62 64.46
CA GLN X 532 91.67 39.48 63.29
C GLN X 532 92.45 38.72 62.23
N PRO X 533 92.27 39.01 60.91
CA PRO X 533 93.08 38.41 59.85
C PRO X 533 94.54 38.86 59.89
N ALA X 534 95.44 38.01 59.41
CA ALA X 534 96.89 38.28 59.50
C ALA X 534 97.57 38.43 58.14
N ASN X 535 98.66 39.17 58.11
CA ASN X 535 99.49 39.31 56.88
C ASN X 535 100.20 38.00 56.57
N PRO X 536 100.43 37.65 55.30
CA PRO X 536 101.15 36.43 54.96
C PRO X 536 102.61 36.32 55.40
N GLY X 537 103.02 35.15 55.90
CA GLY X 537 104.41 34.90 56.30
C GLY X 537 104.80 35.41 57.67
N THR X 538 103.85 35.87 58.47
CA THR X 538 104.18 36.44 59.78
C THR X 538 104.87 35.39 60.65
N THR X 539 105.92 35.77 61.37
CA THR X 539 106.63 34.88 62.32
C THR X 539 106.48 35.42 63.74
N ALA X 540 105.57 36.37 63.97
CA ALA X 540 105.36 37.01 65.29
C ALA X 540 104.84 36.07 66.39
N THR X 541 105.33 36.22 67.63
CA THR X 541 104.79 35.45 68.78
C THR X 541 103.43 35.98 69.16
N TYR X 542 102.51 35.10 69.53
CA TYR X 542 101.17 35.50 70.00
C TYR X 542 100.91 34.95 71.39
N LEU X 543 100.49 35.81 72.29
CA LEU X 543 100.06 35.39 73.65
C LEU X 543 98.58 34.92 73.65
N GLU X 544 98.10 34.36 74.74
CA GLU X 544 96.73 33.79 74.88
C GLU X 544 95.60 34.83 74.68
N GLY X 545 95.79 36.07 75.14
CA GLY X 545 94.75 37.12 75.02
C GLY X 545 94.40 37.42 73.58
N ASN X 546 95.37 37.44 72.67
CA ASN X 546 95.08 37.56 71.20
C ASN X 546 94.30 36.37 70.65
N MET X 547 94.55 35.14 71.11
CA MET X 547 93.97 33.92 70.49
C MET X 547 92.52 33.57 70.89
N LEU X 548 91.79 32.88 70.01
CA LEU X 548 90.45 32.36 70.35
C LEU X 548 90.62 30.86 70.56
N ILE X 549 90.44 30.35 71.78
CA ILE X 549 90.70 28.91 72.10
C ILE X 549 89.39 28.19 72.44
N THR X 550 89.08 27.13 71.72
CA THR X 550 87.86 26.30 71.89
C THR X 550 87.95 25.29 73.04
N SER X 551 86.80 24.89 73.59
CA SER X 551 86.69 23.88 74.66
C SER X 551 85.66 22.84 74.22
N GLU X 552 85.89 21.57 74.53
CA GLU X 552 85.00 20.44 74.17
C GLU X 552 84.35 19.88 75.45
N SER X 553 84.25 20.66 76.53
CA SER X 553 83.81 20.22 77.88
C SER X 553 82.38 19.63 77.90
N GLU X 554 81.50 19.98 76.97
CA GLU X 554 80.12 19.43 76.84
C GLU X 554 80.15 17.90 76.59
N THR X 555 81.13 17.37 75.86
CA THR X 555 81.25 15.93 75.48
C THR X 555 81.90 15.09 76.58
N GLN X 556 82.31 15.66 77.71
CA GLN X 556 83.02 14.98 78.83
C GLN X 556 82.21 13.82 79.43
N PRO X 557 80.86 13.85 79.59
CA PRO X 557 80.08 12.67 80.00
C PRO X 557 80.31 11.38 79.17
N VAL X 558 80.63 11.44 77.87
CA VAL X 558 81.04 10.27 77.01
C VAL X 558 82.48 10.29 76.43
N ASN X 559 83.28 11.32 76.61
CA ASN X 559 84.61 11.39 75.92
C ASN X 559 85.71 11.46 76.96
N ARG X 560 86.72 10.62 76.81
CA ARG X 560 87.86 10.60 77.76
C ARG X 560 88.74 11.87 77.65
N VAL X 561 89.31 12.30 78.77
CA VAL X 561 90.24 13.47 78.78
C VAL X 561 91.62 13.13 78.19
N ALA X 562 92.13 13.96 77.25
CA ALA X 562 93.41 13.78 76.54
C ALA X 562 94.66 13.83 77.43
N TYR X 563 94.71 14.75 78.39
CA TYR X 563 95.88 14.91 79.31
C TYR X 563 96.07 13.66 80.23
N ASN X 564 95.00 13.04 80.69
CA ASN X 564 95.04 11.87 81.63
C ASN X 564 95.30 10.50 80.99
N VAL X 565 95.77 9.50 81.75
CA VAL X 565 95.87 8.07 81.30
C VAL X 565 94.47 7.44 81.09
N GLY X 566 94.27 6.58 80.10
CA GLY X 566 93.00 5.88 79.79
C GLY X 566 92.42 4.87 80.78
N GLY X 567 93.23 4.04 81.44
CA GLY X 567 92.74 2.96 82.30
C GLY X 567 93.86 2.04 82.71
N GLN X 568 93.55 0.89 83.32
CA GLN X 568 94.55 -0.13 83.75
C GLN X 568 94.16 -1.55 83.27
N MET X 569 95.15 -2.43 82.99
CA MET X 569 94.95 -3.84 82.58
C MET X 569 95.93 -4.75 83.34
N ALA X 570 95.65 -6.07 83.44
CA ALA X 570 96.53 -7.07 84.12
C ALA X 570 97.88 -7.32 83.40
N THR X 571 98.96 -7.40 84.16
CA THR X 571 100.32 -7.57 83.62
C THR X 571 100.98 -8.89 84.05
N ASN X 572 100.29 -9.78 84.75
CA ASN X 572 100.94 -10.97 85.37
C ASN X 572 99.93 -12.07 85.63
N ASN X 573 100.40 -13.23 86.06
CA ASN X 573 99.51 -14.31 86.54
C ASN X 573 99.74 -14.45 88.05
N GLN X 574 98.68 -14.38 88.86
CA GLN X 574 98.74 -14.55 90.35
C GLN X 574 99.04 -16.02 90.71
N SER X 575 99.69 -16.25 91.84
CA SER X 575 100.04 -17.61 92.33
C SER X 575 100.17 -17.51 93.85
N SER X 576 100.28 -18.61 94.57
CA SER X 576 100.53 -18.50 96.02
C SER X 576 101.84 -17.74 96.24
N THR X 577 102.89 -18.01 95.47
CA THR X 577 104.16 -17.23 95.49
C THR X 577 104.00 -15.78 95.03
N THR X 578 103.19 -15.49 94.01
CA THR X 578 103.13 -14.14 93.41
C THR X 578 101.83 -13.37 93.59
N ALA X 579 101.91 -12.13 94.09
CA ALA X 579 100.74 -11.22 94.18
C ALA X 579 100.29 -10.71 92.81
N PRO X 580 98.99 -10.44 92.60
CA PRO X 580 98.51 -9.85 91.34
C PRO X 580 98.99 -8.40 91.05
N ALA X 581 99.21 -8.05 89.79
CA ALA X 581 99.74 -6.72 89.36
C ALA X 581 98.96 -6.09 88.20
N THR X 582 98.91 -4.77 88.13
CA THR X 582 98.24 -4.04 87.03
C THR X 582 99.16 -3.01 86.41
N GLY X 583 98.88 -2.61 85.17
CA GLY X 583 99.63 -1.50 84.55
C GLY X 583 98.74 -0.50 83.85
N THR X 584 99.05 0.80 83.91
CA THR X 584 98.31 1.86 83.15
C THR X 584 98.65 1.87 81.66
N TYR X 585 97.73 2.28 80.81
CA TYR X 585 97.96 2.44 79.34
C TYR X 585 97.77 3.94 78.90
N ASN X 586 98.56 4.44 77.93
CA ASN X 586 98.49 5.85 77.44
C ASN X 586 97.71 5.97 76.12
N LEU X 587 97.38 4.83 75.49
CA LEU X 587 96.61 4.83 74.22
C LEU X 587 95.66 3.64 74.13
N GLN X 588 94.50 3.80 73.51
CA GLN X 588 93.57 2.67 73.22
C GLN X 588 92.82 3.03 71.94
N GLU X 589 92.32 2.05 71.21
CA GLU X 589 91.66 2.28 69.90
C GLU X 589 90.28 1.66 69.99
N ILE X 590 89.53 1.61 68.89
CA ILE X 590 88.12 1.15 68.85
C ILE X 590 87.93 -0.30 69.34
N VAL X 591 86.89 -0.51 70.12
CA VAL X 591 86.53 -1.84 70.68
C VAL X 591 85.03 -2.00 70.37
N PRO X 592 84.48 -3.21 70.24
CA PRO X 592 83.03 -3.36 70.05
C PRO X 592 82.21 -2.83 71.24
N GLY X 593 81.06 -2.18 71.00
CA GLY X 593 80.28 -1.51 72.06
C GLY X 593 80.74 -0.11 72.40
N SER X 594 81.68 0.45 71.65
CA SER X 594 82.23 1.83 71.79
C SER X 594 81.25 2.93 71.36
N VAL X 595 81.12 3.99 72.17
CA VAL X 595 80.24 5.17 71.86
C VAL X 595 81.08 6.45 72.08
N TRP X 596 80.89 7.46 71.24
CA TRP X 596 81.59 8.78 71.37
C TRP X 596 80.82 9.91 70.68
N MET X 597 81.20 11.14 70.97
CA MET X 597 80.67 12.34 70.28
C MET X 597 81.75 12.97 69.38
N GLU X 598 81.41 13.34 68.15
CA GLU X 598 82.32 14.05 67.20
C GLU X 598 82.55 15.51 67.62
N ARG X 599 83.63 16.12 67.15
CA ARG X 599 83.96 17.55 67.42
C ARG X 599 82.88 18.54 66.95
N ASP X 600 82.65 19.59 67.73
CA ASP X 600 81.67 20.65 67.42
C ASP X 600 82.08 21.59 66.28
N VAL X 601 81.12 22.07 65.51
CA VAL X 601 81.35 23.14 64.49
C VAL X 601 81.37 24.54 65.12
N TYR X 602 82.04 25.48 64.48
CA TYR X 602 82.15 26.90 64.95
C TYR X 602 81.75 27.80 63.82
N LEU X 603 81.28 29.01 64.11
CA LEU X 603 80.93 30.01 63.05
C LEU X 603 82.21 30.40 62.26
N GLN X 604 83.35 30.57 62.91
CA GLN X 604 84.70 30.80 62.31
C GLN X 604 85.22 29.56 61.53
N GLY X 605 84.80 28.34 61.86
CA GLY X 605 85.23 27.07 61.23
C GLY X 605 84.72 26.59 59.89
N PRO X 606 85.37 25.55 59.31
CA PRO X 606 84.91 24.86 58.09
C PRO X 606 83.69 23.92 58.02
N ILE X 607 82.83 23.99 57.00
CA ILE X 607 81.71 23.01 56.76
C ILE X 607 82.09 21.57 56.29
N TRP X 608 82.98 21.39 55.33
CA TRP X 608 83.19 20.06 54.71
C TRP X 608 84.64 19.69 54.41
N ALA X 609 84.92 18.41 54.19
CA ALA X 609 86.24 17.91 53.74
C ALA X 609 85.99 16.79 52.74
N LYS X 610 86.88 16.62 51.77
CA LYS X 610 86.80 15.50 50.80
C LYS X 610 87.41 14.21 51.37
N ILE X 611 86.68 13.11 51.28
CA ILE X 611 87.24 11.78 51.66
C ILE X 611 88.29 11.37 50.59
N PRO X 612 89.50 10.94 50.97
CA PRO X 612 90.51 10.50 50.01
C PRO X 612 90.22 9.18 49.30
N GLU X 613 90.55 9.04 48.02
CA GLU X 613 90.20 7.81 47.27
C GLU X 613 91.31 6.74 47.34
N THR X 614 91.17 5.76 48.22
CA THR X 614 92.17 4.68 48.43
C THR X 614 91.51 3.34 48.20
N GLY X 615 90.19 3.31 48.23
CA GLY X 615 89.40 2.08 48.19
C GLY X 615 89.12 1.48 49.57
N ALA X 616 89.73 1.98 50.66
CA ALA X 616 89.42 1.51 52.03
C ALA X 616 89.41 2.64 53.06
N HIS X 617 88.41 2.73 53.91
CA HIS X 617 88.36 3.75 55.00
C HIS X 617 87.49 3.27 56.15
N PHE X 618 87.66 3.87 57.33
CA PHE X 618 86.76 3.59 58.49
C PHE X 618 86.14 4.87 59.02
N HIS X 619 84.82 4.94 59.22
CA HIS X 619 84.11 6.07 59.91
C HIS X 619 84.58 7.43 59.42
N PRO X 620 84.00 7.98 58.34
CA PRO X 620 84.57 9.15 57.69
C PRO X 620 84.16 10.56 58.08
N SER X 621 84.52 10.90 59.30
CA SER X 621 84.23 12.23 59.86
C SER X 621 85.56 12.98 59.98
N PRO X 622 85.73 14.19 59.39
CA PRO X 622 87.02 14.88 59.46
C PRO X 622 87.43 15.41 60.85
N ALA X 623 88.72 15.38 61.18
CA ALA X 623 89.23 15.77 62.51
C ALA X 623 88.98 17.24 62.90
N MET X 624 89.12 18.19 61.98
CA MET X 624 88.86 19.64 62.21
C MET X 624 87.37 19.85 62.53
N GLY X 625 86.48 19.06 61.97
CA GLY X 625 85.02 19.16 62.19
C GLY X 625 84.26 19.16 60.88
N GLY X 626 82.94 19.10 60.92
CA GLY X 626 82.11 19.15 59.71
C GLY X 626 81.70 17.86 59.04
N PHE X 627 81.37 17.93 57.75
CA PHE X 627 80.80 16.80 56.98
C PHE X 627 81.82 16.24 55.99
N GLY X 628 82.01 14.92 56.01
CA GLY X 628 82.94 14.24 55.10
C GLY X 628 82.21 13.78 53.87
N LEU X 629 82.67 14.20 52.71
CA LEU X 629 81.92 13.92 51.46
C LEU X 629 82.74 13.17 50.41
N LYS X 630 82.21 12.09 49.87
CA LYS X 630 82.83 11.39 48.70
C LYS X 630 82.82 12.30 47.47
N HIS X 631 81.73 13.01 47.21
CA HIS X 631 81.62 13.94 46.06
C HIS X 631 81.32 15.34 46.58
N PRO X 632 82.37 16.11 46.91
CA PRO X 632 82.25 17.47 47.46
C PRO X 632 81.84 18.58 46.48
N PRO X 633 81.37 19.75 46.94
CA PRO X 633 81.07 20.80 45.99
C PRO X 633 82.35 21.10 45.21
N PRO X 634 82.29 21.20 43.86
CA PRO X 634 83.50 21.29 43.02
C PRO X 634 84.37 22.55 42.97
N MET X 635 85.66 22.38 42.67
CA MET X 635 86.61 23.50 42.49
C MET X 635 86.19 24.45 41.35
N MET X 636 86.18 25.75 41.62
CA MET X 636 85.80 26.79 40.63
C MET X 636 87.05 27.63 40.33
N LEU X 637 87.47 27.68 39.08
CA LEU X 637 88.74 28.30 38.68
C LEU X 637 88.53 29.46 37.69
N ILE X 638 89.21 30.58 37.93
CA ILE X 638 89.09 31.79 37.07
C ILE X 638 90.48 32.32 36.69
N LYS X 639 90.65 32.71 35.43
CA LYS X 639 91.92 33.35 35.01
C LYS X 639 91.68 34.57 34.09
N ASN X 640 92.64 35.47 34.03
CA ASN X 640 92.61 36.58 33.03
C ASN X 640 93.26 36.06 31.74
N THR X 641 92.61 36.23 30.59
CA THR X 641 93.19 35.83 29.29
C THR X 641 94.43 36.66 28.96
N PRO X 642 95.55 36.03 28.51
CA PRO X 642 96.71 36.77 28.05
C PRO X 642 96.41 37.72 26.88
N VAL X 643 96.80 38.98 27.05
CA VAL X 643 96.66 39.94 25.92
C VAL X 643 98.09 40.39 25.56
N PRO X 644 98.54 40.12 24.33
CA PRO X 644 99.89 40.50 23.90
C PRO X 644 100.33 41.96 23.68
N GLY X 645 101.58 42.29 23.95
CA GLY X 645 102.22 43.59 23.65
C GLY X 645 102.63 43.66 22.19
N ASN X 646 103.10 44.79 21.68
CA ASN X 646 103.34 44.92 20.21
C ASN X 646 104.45 43.98 19.72
N ILE X 647 104.15 43.17 18.70
CA ILE X 647 105.15 42.23 18.12
C ILE X 647 105.27 42.59 16.63
N THR X 648 106.47 42.83 16.14
CA THR X 648 106.67 43.30 14.74
C THR X 648 107.32 42.25 13.88
N SER X 649 107.85 41.18 14.45
CA SER X 649 108.61 40.15 13.67
C SER X 649 108.17 38.74 14.06
N PHE X 650 108.28 37.76 13.17
CA PHE X 650 107.98 36.34 13.44
C PHE X 650 109.07 35.59 14.25
N SER X 651 108.66 34.79 15.23
CA SER X 651 109.60 33.85 15.89
C SER X 651 108.86 32.55 16.20
N ASP X 652 109.54 31.41 16.11
CA ASP X 652 109.03 30.11 16.62
C ASP X 652 108.94 30.19 18.15
N VAL X 653 109.87 30.90 18.81
CA VAL X 653 109.89 31.05 20.29
C VAL X 653 108.63 31.76 20.78
N PRO X 654 107.94 31.26 21.84
CA PRO X 654 106.72 31.86 22.36
C PRO X 654 106.81 33.28 22.93
N VAL X 655 105.75 34.06 22.74
CA VAL X 655 105.74 35.47 23.23
C VAL X 655 105.79 35.53 24.77
N SER X 656 106.66 36.40 25.28
CA SER X 656 106.84 36.63 26.72
C SER X 656 106.42 38.07 27.10
N SER X 657 105.93 38.87 26.15
CA SER X 657 105.59 40.29 26.40
C SER X 657 104.07 40.49 26.31
N PHE X 658 103.47 40.96 27.39
CA PHE X 658 101.99 41.07 27.48
C PHE X 658 101.59 42.38 28.10
N ILE X 659 100.43 42.91 27.76
CA ILE X 659 99.92 44.11 28.50
C ILE X 659 99.51 43.74 29.96
N THR X 660 99.79 44.58 30.96
CA THR X 660 99.43 44.32 32.40
C THR X 660 97.96 44.60 32.69
N GLN X 661 97.24 43.64 33.29
CA GLN X 661 95.77 43.70 33.48
C GLN X 661 95.28 43.06 34.79
N TYR X 662 94.12 43.46 35.29
CA TYR X 662 93.49 42.85 36.50
C TYR X 662 91.97 42.82 36.27
N SER X 663 91.26 41.96 37.00
CA SER X 663 89.78 41.88 36.88
C SER X 663 89.05 42.07 38.23
N THR X 664 87.81 42.54 38.16
CA THR X 664 86.97 42.73 39.36
C THR X 664 85.51 42.34 39.06
N GLY X 665 84.73 41.95 40.06
CA GLY X 665 83.31 41.61 39.86
C GLY X 665 82.55 41.27 41.13
N GLN X 666 81.34 40.74 40.99
CA GLN X 666 80.48 40.28 42.12
C GLN X 666 80.17 38.76 42.07
N VAL X 667 80.15 38.10 43.22
CA VAL X 667 79.79 36.66 43.32
C VAL X 667 78.62 36.45 44.30
N THR X 668 77.63 35.65 43.94
CA THR X 668 76.52 35.29 44.83
C THR X 668 76.49 33.79 45.13
N VAL X 669 76.39 33.38 46.40
CA VAL X 669 76.21 31.93 46.80
C VAL X 669 74.88 31.73 47.54
N GLU X 670 74.07 30.77 47.12
CA GLU X 670 72.77 30.43 47.79
C GLU X 670 72.85 28.98 48.30
N MET X 671 72.54 28.78 49.58
CA MET X 671 72.61 27.45 50.21
C MET X 671 71.30 27.08 50.94
N GLU X 672 70.90 25.83 50.82
CA GLU X 672 69.70 25.30 51.54
C GLU X 672 70.14 24.35 52.67
N TRP X 673 69.52 24.49 53.83
CA TRP X 673 69.86 23.66 55.01
C TRP X 673 68.62 22.96 55.56
N GLU X 674 68.77 21.70 55.99
CA GLU X 674 67.68 20.95 56.65
C GLU X 674 67.89 20.97 58.18
N LEU X 675 66.83 21.24 58.94
CA LEU X 675 66.88 21.39 60.41
C LEU X 675 66.19 20.24 61.16
N LYS X 676 66.75 19.81 62.29
CA LYS X 676 66.07 18.83 63.16
C LYS X 676 65.56 19.55 64.42
N LYS X 677 64.26 19.51 64.67
CA LYS X 677 63.61 20.14 65.86
C LYS X 677 63.85 19.47 67.22
N GLU X 678 63.98 20.27 68.27
CA GLU X 678 64.04 19.76 69.66
C GLU X 678 62.68 19.19 70.11
N ASN X 679 62.65 18.09 70.84
CA ASN X 679 61.41 17.45 71.39
C ASN X 679 61.58 17.18 72.90
N SER X 680 62.19 18.10 73.65
CA SER X 680 62.51 17.93 75.10
C SER X 680 61.33 17.89 76.09
N LYS X 681 61.41 17.06 77.13
CA LYS X 681 60.43 17.04 78.23
C LYS X 681 61.03 17.62 79.53
N ARG X 682 62.22 18.24 79.50
CA ARG X 682 62.88 18.92 80.66
C ARG X 682 62.08 20.13 81.24
N TRP X 683 61.63 20.05 82.49
CA TRP X 683 60.85 21.11 83.18
C TRP X 683 61.57 22.43 83.46
N ASN X 684 62.81 22.34 83.92
CA ASN X 684 63.66 23.50 84.28
C ASN X 684 64.24 24.20 83.04
N PRO X 685 64.57 25.51 83.15
CA PRO X 685 65.23 26.23 82.07
C PRO X 685 66.67 25.84 81.64
N GLU X 686 66.93 25.82 80.35
CA GLU X 686 68.25 25.51 79.73
C GLU X 686 69.30 26.64 79.59
N ILE X 687 70.56 26.28 79.37
CA ILE X 687 71.65 27.21 79.00
C ILE X 687 71.48 27.73 77.55
N GLN X 688 71.74 29.01 77.30
CA GLN X 688 71.61 29.67 75.96
C GLN X 688 72.77 30.63 75.68
N TYR X 689 73.18 30.80 74.43
CA TYR X 689 74.17 31.84 74.06
C TYR X 689 73.48 33.23 74.16
N THR X 690 74.15 34.17 74.82
CA THR X 690 73.57 35.51 75.02
C THR X 690 74.63 36.56 74.78
N ASN X 691 74.21 37.77 74.45
CA ASN X 691 75.15 38.90 74.37
C ASN X 691 75.25 39.43 75.80
N ASN X 692 76.35 39.21 76.48
CA ASN X 692 76.50 39.54 77.91
C ASN X 692 77.90 40.08 78.14
N TYR X 693 78.01 41.33 78.53
CA TYR X 693 79.32 42.01 78.66
C TYR X 693 79.21 42.92 79.87
N ASN X 694 80.28 43.11 80.64
CA ASN X 694 80.22 44.08 81.77
C ASN X 694 80.93 45.39 81.39
N ASP X 695 80.25 46.54 81.47
CA ASP X 695 80.78 47.90 81.14
C ASP X 695 81.39 47.97 79.72
N PRO X 696 80.71 47.53 78.64
CA PRO X 696 81.34 47.50 77.31
C PRO X 696 81.81 48.82 76.68
N GLN X 697 83.01 48.82 76.10
CA GLN X 697 83.56 50.04 75.43
C GLN X 697 83.32 50.01 73.93
N PHE X 698 82.79 48.91 73.41
CA PHE X 698 82.56 48.75 71.95
C PHE X 698 81.46 47.74 71.83
N VAL X 699 80.83 47.66 70.68
CA VAL X 699 79.87 46.57 70.43
C VAL X 699 80.63 45.47 69.69
N ASP X 700 80.62 44.25 70.20
CA ASP X 700 81.19 43.06 69.52
C ASP X 700 80.37 42.70 68.27
N PHE X 701 81.00 42.12 67.23
CA PHE X 701 80.37 41.77 65.91
C PHE X 701 79.86 43.02 65.18
N ALA X 702 80.60 44.11 65.28
CA ALA X 702 80.25 45.39 64.64
C ALA X 702 81.53 46.09 64.20
N PRO X 703 81.48 47.05 63.24
CA PRO X 703 82.64 47.88 62.91
C PRO X 703 83.09 48.89 63.99
N ASP X 704 84.37 49.21 64.04
CA ASP X 704 84.88 50.24 64.99
C ASP X 704 84.99 51.64 64.36
N SER X 705 85.59 52.59 65.07
CA SER X 705 85.72 54.00 64.59
C SER X 705 86.54 54.05 63.29
N THR X 706 87.59 53.24 63.14
CA THR X 706 88.36 53.09 61.87
C THR X 706 87.63 52.30 60.79
N GLY X 707 86.55 51.59 61.09
CA GLY X 707 85.86 50.69 60.12
C GLY X 707 86.26 49.23 60.12
N GLU X 708 87.09 48.78 61.06
CA GLU X 708 87.51 47.36 61.16
C GLU X 708 86.53 46.51 62.00
N TYR X 709 86.10 45.37 61.49
CA TYR X 709 85.17 44.43 62.17
C TYR X 709 85.80 43.77 63.40
N ARG X 710 85.02 43.64 64.47
CA ARG X 710 85.51 43.03 65.73
C ARG X 710 84.76 41.74 66.01
N SER X 711 85.49 40.64 66.26
CA SER X 711 84.90 39.32 66.60
C SER X 711 85.66 38.69 67.78
N THR X 712 85.45 39.14 69.01
CA THR X 712 86.15 38.69 70.26
C THR X 712 85.91 37.23 70.65
N ARG X 713 84.74 36.64 70.44
CA ARG X 713 84.42 35.28 70.98
C ARG X 713 84.19 34.17 69.94
N PRO X 714 84.73 32.94 70.13
CA PRO X 714 84.38 31.79 69.30
C PRO X 714 82.98 31.19 69.60
N ILE X 715 82.16 30.83 68.62
CA ILE X 715 80.82 30.29 69.00
C ILE X 715 80.57 28.86 68.50
N GLY X 716 80.28 27.95 69.43
CA GLY X 716 79.93 26.54 69.18
C GLY X 716 78.44 26.34 69.01
N THR X 717 78.03 25.12 68.72
CA THR X 717 76.60 24.78 68.56
C THR X 717 75.90 24.10 69.74
N ARG X 718 76.56 23.67 70.82
CA ARG X 718 75.86 22.83 71.85
C ARG X 718 75.44 23.59 73.13
N TYR X 719 74.15 23.96 73.22
CA TYR X 719 73.59 24.69 74.40
C TYR X 719 72.43 23.89 74.95
N LEU X 720 71.73 23.17 74.08
CA LEU X 720 70.61 22.28 74.46
C LEU X 720 71.12 20.97 75.06
N THR X 721 70.29 20.32 75.85
CA THR X 721 70.66 19.11 76.58
C THR X 721 69.69 17.99 76.27
N ARG X 722 70.19 16.77 76.19
CA ARG X 722 69.31 15.59 75.98
C ARG X 722 69.71 14.44 76.92
N PRO X 723 68.77 13.59 77.39
CA PRO X 723 69.12 12.37 78.12
C PRO X 723 69.76 11.29 77.24
N LEU X 724 70.63 10.44 77.79
CA LEU X 724 71.35 9.40 77.01
C LEU X 724 70.38 8.33 76.47
N ASP Y 209 33.85 -1.22 83.02
CA ASP Y 209 32.41 -1.60 83.10
C ASP Y 209 31.90 -1.59 84.55
N GLY Y 210 32.29 -2.55 85.40
CA GLY Y 210 31.64 -2.62 86.73
C GLY Y 210 32.41 -3.23 87.87
N VAL Y 211 31.92 -3.04 89.10
CA VAL Y 211 32.50 -3.63 90.33
C VAL Y 211 32.46 -5.18 90.30
N GLY Y 212 31.40 -5.79 89.77
CA GLY Y 212 31.21 -7.25 89.76
C GLY Y 212 31.70 -7.94 88.52
N ASN Y 213 32.30 -7.23 87.58
CA ASN Y 213 32.69 -7.84 86.28
C ASN Y 213 34.21 -7.86 86.13
N ALA Y 214 34.77 -9.00 85.75
CA ALA Y 214 36.23 -9.14 85.52
C ALA Y 214 36.71 -8.49 84.19
N SER Y 215 37.75 -7.67 84.24
CA SER Y 215 38.42 -6.97 83.11
C SER Y 215 39.18 -7.90 82.13
N GLY Y 216 39.80 -8.97 82.60
CA GLY Y 216 40.56 -9.92 81.76
C GLY Y 216 40.72 -11.32 82.32
N ASP Y 217 41.34 -12.21 81.56
CA ASP Y 217 41.56 -13.65 81.91
C ASP Y 217 43.04 -14.06 81.95
N TRP Y 218 43.37 -15.12 82.67
CA TRP Y 218 44.75 -15.65 82.79
C TRP Y 218 45.21 -16.40 81.53
N HIS Y 219 46.32 -15.98 80.94
CA HIS Y 219 46.93 -16.71 79.81
C HIS Y 219 48.40 -17.02 80.07
N CYS Y 220 48.79 -18.28 80.27
CA CYS Y 220 50.22 -18.65 80.38
C CYS Y 220 50.45 -19.81 79.42
N ASP Y 221 51.14 -19.60 78.30
CA ASP Y 221 51.27 -20.67 77.27
C ASP Y 221 52.42 -20.50 76.26
N SER Y 222 52.84 -21.57 75.58
CA SER Y 222 53.79 -21.49 74.45
C SER Y 222 53.14 -22.19 73.23
N THR Y 223 53.19 -21.59 72.05
CA THR Y 223 52.71 -22.25 70.81
C THR Y 223 53.84 -22.28 69.80
N TRP Y 224 54.16 -23.45 69.24
CA TRP Y 224 55.24 -23.61 68.24
C TRP Y 224 54.62 -23.87 66.87
N MET Y 225 54.92 -23.04 65.89
CA MET Y 225 54.35 -23.14 64.53
C MET Y 225 55.41 -23.01 63.43
N GLY Y 226 56.21 -24.04 63.12
CA GLY Y 226 57.31 -23.90 62.14
C GLY Y 226 58.38 -22.93 62.55
N ASP Y 227 58.63 -21.89 61.76
CA ASP Y 227 59.68 -20.86 62.02
C ASP Y 227 59.32 -19.90 63.18
N ARG Y 228 58.09 -19.91 63.69
CA ARG Y 228 57.63 -18.94 64.74
C ARG Y 228 57.25 -19.62 66.07
N VAL Y 229 57.63 -19.02 67.20
CA VAL Y 229 57.16 -19.48 68.53
C VAL Y 229 56.50 -18.26 69.21
N VAL Y 230 55.31 -18.42 69.83
CA VAL Y 230 54.61 -17.34 70.60
C VAL Y 230 54.63 -17.69 72.10
N THR Y 231 55.05 -16.76 72.94
CA THR Y 231 55.06 -16.96 74.42
C THR Y 231 54.05 -16.05 75.11
N LYS Y 232 53.23 -16.58 76.02
CA LYS Y 232 52.27 -15.80 76.84
C LYS Y 232 52.62 -15.98 78.33
N SER Y 233 52.69 -14.89 79.09
CA SER Y 233 53.03 -14.91 80.54
C SER Y 233 52.05 -14.02 81.34
N THR Y 234 51.49 -14.54 82.42
CA THR Y 234 50.58 -13.77 83.32
C THR Y 234 51.12 -13.77 84.75
N ARG Y 235 51.15 -12.62 85.40
CA ARG Y 235 51.61 -12.49 86.82
C ARG Y 235 50.69 -11.59 87.68
N THR Y 236 50.73 -11.73 88.99
CA THR Y 236 50.02 -10.86 89.94
C THR Y 236 51.02 -9.91 90.60
N TRP Y 237 50.74 -8.61 90.62
CA TRP Y 237 51.64 -7.55 91.15
C TRP Y 237 51.01 -6.73 92.29
N VAL Y 238 51.85 -6.13 93.13
CA VAL Y 238 51.44 -5.20 94.21
C VAL Y 238 52.15 -3.84 94.02
N LEU Y 239 51.44 -2.72 94.17
CA LEU Y 239 52.06 -1.36 94.10
C LEU Y 239 51.99 -0.58 95.42
N PRO Y 240 53.13 -0.23 96.02
CA PRO Y 240 53.17 0.68 97.17
C PRO Y 240 52.98 2.15 96.83
N SER Y 241 52.55 2.97 97.78
CA SER Y 241 52.54 4.44 97.52
C SER Y 241 53.91 5.00 97.91
N TYR Y 242 54.85 5.11 96.96
CA TYR Y 242 56.26 5.52 97.24
C TYR Y 242 56.45 7.01 97.48
N ASN Y 243 57.22 7.39 98.51
CA ASN Y 243 57.62 8.81 98.77
C ASN Y 243 56.48 9.60 99.40
N ASN Y 244 55.36 8.95 99.75
CA ASN Y 244 54.14 9.63 100.30
C ASN Y 244 53.65 10.71 99.33
N HIS Y 245 53.61 10.43 98.02
CA HIS Y 245 53.09 11.37 96.97
C HIS Y 245 54.03 12.55 96.67
N GLN Y 246 55.32 12.41 96.90
CA GLN Y 246 56.28 13.53 96.73
C GLN Y 246 57.51 13.14 95.87
N TYR Y 247 58.18 14.12 95.27
CA TYR Y 247 59.42 13.94 94.48
C TYR Y 247 60.53 14.38 95.36
N ARG Y 248 61.60 13.58 95.48
CA ARG Y 248 62.71 13.91 96.40
C ARG Y 248 64.08 14.01 95.69
N GLU Y 249 64.83 15.08 96.00
CA GLU Y 249 66.22 15.17 95.47
C GLU Y 249 67.12 14.16 96.22
N ILE Y 250 67.90 13.39 95.48
CA ILE Y 250 68.76 12.31 96.04
C ILE Y 250 70.21 12.56 95.60
N LYS Y 251 71.17 12.25 96.45
CA LYS Y 251 72.59 12.57 96.11
C LYS Y 251 73.56 11.70 96.90
N SER Y 252 74.76 11.51 96.39
CA SER Y 252 75.81 10.81 97.16
C SER Y 252 77.19 11.46 97.02
N GLY Y 253 78.00 11.45 98.07
CA GLY Y 253 79.44 11.77 98.04
C GLY Y 253 80.26 10.48 97.83
N SER Y 254 81.57 10.52 97.97
CA SER Y 254 82.47 9.33 97.85
C SER Y 254 82.17 8.26 98.92
N VAL Y 255 82.12 6.98 98.55
CA VAL Y 255 81.78 5.87 99.49
C VAL Y 255 82.68 4.67 99.18
N ASP Y 256 83.09 3.91 100.19
CA ASP Y 256 83.97 2.70 100.04
C ASP Y 256 85.31 3.13 99.43
N GLY Y 257 85.74 4.34 99.69
CA GLY Y 257 86.99 4.86 99.12
C GLY Y 257 86.90 5.39 97.70
N SER Y 258 85.72 5.47 97.07
CA SER Y 258 85.71 5.90 95.63
C SER Y 258 84.82 7.10 95.29
N ASN Y 259 85.36 8.10 94.58
CA ASN Y 259 84.60 9.27 94.03
C ASN Y 259 83.72 8.87 92.82
N ALA Y 260 83.96 7.73 92.17
CA ALA Y 260 83.13 7.18 91.05
C ALA Y 260 81.74 6.86 91.58
N ASN Y 261 81.63 6.59 92.88
CA ASN Y 261 80.36 6.39 93.65
C ASN Y 261 79.47 7.66 93.71
N ALA Y 262 80.01 8.88 93.76
CA ALA Y 262 79.24 10.16 93.84
C ALA Y 262 78.26 10.40 92.69
N TYR Y 263 77.06 10.91 92.98
CA TYR Y 263 75.98 11.19 91.99
C TYR Y 263 75.02 12.28 92.50
N PHE Y 264 74.26 12.90 91.59
CA PHE Y 264 73.16 13.84 91.92
C PHE Y 264 71.92 13.32 91.14
N GLY Y 265 70.75 13.25 91.78
CA GLY Y 265 69.54 12.66 91.16
C GLY Y 265 68.18 12.97 91.78
N TYR Y 266 67.13 12.44 91.18
CA TYR Y 266 65.74 12.56 91.71
C TYR Y 266 65.07 11.18 91.96
N SER Y 267 64.32 11.05 93.07
CA SER Y 267 63.48 9.83 93.34
C SER Y 267 62.01 10.24 93.08
N THR Y 268 61.21 9.33 92.58
CA THR Y 268 59.82 9.67 92.14
C THR Y 268 58.75 8.83 92.83
N PRO Y 269 57.50 9.32 92.87
CA PRO Y 269 56.34 8.58 93.40
C PRO Y 269 55.92 7.34 92.61
N TRP Y 270 56.23 7.24 91.32
CA TRP Y 270 55.88 6.16 90.36
C TRP Y 270 56.66 4.84 90.47
N GLY Y 271 56.06 3.78 89.93
CA GLY Y 271 56.66 2.45 89.80
C GLY Y 271 56.60 2.00 88.36
N TYR Y 272 57.41 1.05 87.96
CA TYR Y 272 57.50 0.62 86.54
C TYR Y 272 57.46 -0.91 86.39
N PHE Y 273 57.07 -1.39 85.22
CA PHE Y 273 57.07 -2.85 84.88
C PHE Y 273 58.31 -3.19 84.00
N ASP Y 274 59.11 -4.19 84.39
CA ASP Y 274 60.31 -4.66 83.66
C ASP Y 274 60.16 -6.13 83.21
N PHE Y 275 60.30 -6.40 81.92
CA PHE Y 275 60.26 -7.79 81.38
C PHE Y 275 61.59 -8.23 80.71
N ASN Y 276 62.72 -7.53 80.91
CA ASN Y 276 63.97 -7.88 80.17
C ASN Y 276 64.75 -9.02 80.85
N ARG Y 277 64.15 -10.20 81.03
CA ARG Y 277 64.82 -11.43 81.50
C ARG Y 277 64.15 -12.57 80.70
N PHE Y 278 64.90 -13.57 80.24
CA PHE Y 278 64.37 -14.74 79.47
C PHE Y 278 63.39 -15.63 80.29
N HIS Y 279 63.65 -15.88 81.58
CA HIS Y 279 62.84 -16.73 82.51
C HIS Y 279 61.44 -16.12 82.67
N SER Y 280 61.26 -14.82 82.46
CA SER Y 280 59.96 -14.12 82.45
C SER Y 280 59.04 -14.67 81.34
N HIS Y 281 59.57 -15.00 80.17
CA HIS Y 281 58.81 -15.56 79.02
C HIS Y 281 59.00 -17.06 78.76
N TRP Y 282 60.02 -17.71 79.31
CA TRP Y 282 60.36 -19.10 78.91
C TRP Y 282 60.37 -20.10 80.05
N SER Y 283 59.66 -21.22 79.87
CA SER Y 283 59.74 -22.35 80.83
C SER Y 283 61.10 -23.03 80.66
N PRO Y 284 61.62 -23.74 81.68
CA PRO Y 284 62.86 -24.49 81.52
C PRO Y 284 62.78 -25.58 80.46
N ARG Y 285 61.68 -26.33 80.34
CA ARG Y 285 61.50 -27.31 79.24
C ARG Y 285 61.46 -26.67 77.84
N ASP Y 286 60.78 -25.55 77.66
CA ASP Y 286 60.71 -24.79 76.37
C ASP Y 286 62.08 -24.26 75.94
N TRP Y 287 62.88 -23.78 76.89
CA TRP Y 287 64.26 -23.33 76.63
C TRP Y 287 65.16 -24.49 76.15
N GLN Y 288 65.02 -25.68 76.71
CA GLN Y 288 65.74 -26.90 76.28
C GLN Y 288 65.37 -27.31 74.85
N ARG Y 289 64.10 -27.19 74.48
CA ARG Y 289 63.65 -27.48 73.11
C ARG Y 289 64.30 -26.54 72.10
N LEU Y 290 64.39 -25.24 72.37
CA LEU Y 290 65.11 -24.29 71.49
C LEU Y 290 66.65 -24.46 71.35
N ILE Y 291 67.37 -24.68 72.44
CA ILE Y 291 68.86 -24.80 72.46
C ILE Y 291 69.32 -26.07 71.72
N ASN Y 292 68.60 -27.16 71.89
CA ASN Y 292 68.83 -28.47 71.22
C ASN Y 292 68.61 -28.46 69.69
N ASN Y 293 67.63 -27.73 69.16
CA ASN Y 293 67.22 -27.86 67.72
C ASN Y 293 67.38 -26.69 66.75
N TYR Y 294 67.87 -25.52 67.16
CA TYR Y 294 67.88 -24.33 66.27
C TYR Y 294 69.23 -23.62 66.21
N TRP Y 295 69.64 -23.16 65.02
CA TRP Y 295 70.85 -22.30 64.83
C TRP Y 295 70.73 -20.87 65.45
N GLY Y 296 69.56 -20.25 65.36
CA GLY Y 296 69.38 -18.88 65.83
C GLY Y 296 67.97 -18.47 66.18
N PHE Y 297 67.82 -17.38 66.93
CA PHE Y 297 66.49 -16.83 67.27
C PHE Y 297 66.53 -15.28 67.32
N ARG Y 298 65.42 -14.59 67.07
CA ARG Y 298 65.31 -13.10 67.22
C ARG Y 298 63.88 -12.66 67.69
N PRO Y 299 63.71 -11.56 68.47
CA PRO Y 299 62.37 -11.00 68.78
C PRO Y 299 61.64 -10.24 67.65
N ARG Y 300 60.32 -10.35 67.55
CA ARG Y 300 59.53 -9.70 66.46
C ARG Y 300 58.46 -8.75 67.00
N SER Y 301 57.61 -9.21 67.92
CA SER Y 301 56.46 -8.38 68.39
C SER Y 301 56.21 -8.49 69.91
N LEU Y 302 55.68 -7.43 70.50
CA LEU Y 302 55.29 -7.43 71.94
C LEU Y 302 53.86 -6.89 72.18
N ARG Y 303 53.05 -7.55 73.01
CA ARG Y 303 51.70 -7.03 73.44
C ARG Y 303 51.61 -7.04 74.98
N VAL Y 304 51.15 -5.93 75.59
CA VAL Y 304 50.98 -5.83 77.08
C VAL Y 304 49.53 -5.46 77.50
N LYS Y 305 48.96 -6.16 78.49
CA LYS Y 305 47.64 -5.83 79.09
C LYS Y 305 47.71 -5.70 80.63
N ILE Y 306 47.13 -4.64 81.22
CA ILE Y 306 47.02 -4.45 82.70
C ILE Y 306 45.52 -4.47 83.07
N PHE Y 307 45.09 -5.29 84.05
CA PHE Y 307 43.65 -5.57 84.32
C PHE Y 307 43.36 -6.05 85.75
N ASN Y 308 42.07 -6.16 86.14
CA ASN Y 308 41.57 -6.63 87.49
C ASN Y 308 42.11 -5.79 88.64
N ILE Y 309 42.12 -4.48 88.45
CA ILE Y 309 42.66 -3.52 89.44
C ILE Y 309 41.86 -3.48 90.76
N GLN Y 310 42.56 -3.45 91.89
CA GLN Y 310 41.93 -3.38 93.23
C GLN Y 310 42.69 -2.37 94.11
N VAL Y 311 42.01 -1.34 94.58
CA VAL Y 311 42.63 -0.28 95.43
C VAL Y 311 42.16 -0.51 96.87
N LYS Y 312 43.09 -0.52 97.82
CA LYS Y 312 42.83 -0.78 99.25
C LYS Y 312 43.26 0.38 100.15
N GLU Y 313 42.48 0.68 101.18
CA GLU Y 313 42.84 1.74 102.15
C GLU Y 313 43.22 1.08 103.48
N VAL Y 314 44.32 1.54 104.07
CA VAL Y 314 44.83 0.95 105.34
C VAL Y 314 44.64 2.00 106.43
N THR Y 315 44.03 1.61 107.54
CA THR Y 315 43.76 2.54 108.66
C THR Y 315 44.27 1.95 109.94
N VAL Y 316 44.90 2.77 110.78
CA VAL Y 316 45.31 2.26 112.13
C VAL Y 316 44.61 3.03 113.25
N GLN Y 317 43.91 2.34 114.15
CA GLN Y 317 43.37 3.01 115.37
C GLN Y 317 43.91 2.19 116.56
N ASP Y 318 44.72 2.80 117.42
CA ASP Y 318 45.19 2.09 118.65
C ASP Y 318 45.84 0.76 118.27
N SER Y 319 46.60 0.68 117.17
CA SER Y 319 47.37 -0.54 116.78
C SER Y 319 46.54 -1.67 116.11
N THR Y 320 45.25 -1.46 115.81
CA THR Y 320 44.43 -2.48 115.08
C THR Y 320 44.88 -2.76 113.64
N THR Y 321 45.28 -1.78 112.83
CA THR Y 321 45.62 -1.96 111.38
C THR Y 321 44.55 -2.61 110.47
N THR Y 322 43.29 -2.17 110.45
CA THR Y 322 42.28 -2.66 109.48
C THR Y 322 42.56 -2.30 108.02
N ILE Y 323 42.25 -3.20 107.08
CA ILE Y 323 42.41 -2.98 105.60
C ILE Y 323 41.04 -3.10 104.88
N ALA Y 324 40.69 -2.16 104.01
CA ALA Y 324 39.39 -2.15 103.30
C ALA Y 324 39.48 -1.75 101.84
N ASN Y 325 38.53 -2.19 101.01
CA ASN Y 325 38.44 -1.75 99.60
C ASN Y 325 37.97 -0.31 99.42
N ASN Y 326 38.57 0.46 98.52
CA ASN Y 326 38.02 1.78 98.14
C ASN Y 326 37.61 1.67 96.67
N LEU Y 327 36.32 1.65 96.36
CA LEU Y 327 35.74 1.53 94.99
C LEU Y 327 36.00 2.74 94.07
N THR Y 328 35.96 3.93 94.61
CA THR Y 328 36.06 5.18 93.81
C THR Y 328 37.51 5.65 93.57
N SER Y 329 38.52 5.03 94.17
CA SER Y 329 39.97 5.37 93.96
C SER Y 329 40.53 4.98 92.57
N THR Y 330 41.55 5.70 92.09
CA THR Y 330 42.11 5.49 90.72
C THR Y 330 43.59 5.14 90.68
N VAL Y 331 44.01 4.51 89.61
CA VAL Y 331 45.44 4.22 89.32
C VAL Y 331 45.76 4.98 88.00
N GLN Y 332 46.97 5.50 87.83
CA GLN Y 332 47.41 6.24 86.60
C GLN Y 332 48.52 5.50 85.81
N VAL Y 333 48.34 5.29 84.52
CA VAL Y 333 49.28 4.50 83.66
C VAL Y 333 49.68 5.25 82.37
N PHE Y 334 50.95 5.21 81.98
CA PHE Y 334 51.45 5.79 80.69
C PHE Y 334 52.66 5.03 80.09
N THR Y 335 52.89 5.17 78.80
CA THR Y 335 54.11 4.62 78.12
C THR Y 335 54.93 5.77 77.54
N ASP Y 336 56.25 5.74 77.72
CA ASP Y 336 57.18 6.79 77.17
C ASP Y 336 57.61 6.46 75.73
N ASP Y 337 56.73 6.69 74.76
CA ASP Y 337 56.94 6.35 73.33
C ASP Y 337 58.08 7.09 72.59
N ASP Y 338 58.32 8.38 72.86
CA ASP Y 338 59.34 9.21 72.17
C ASP Y 338 60.69 9.22 72.89
N TYR Y 339 60.89 8.47 73.97
CA TYR Y 339 62.17 8.30 74.70
C TYR Y 339 62.66 9.61 75.33
N GLN Y 340 61.75 10.47 75.73
CA GLN Y 340 62.05 11.72 76.44
C GLN Y 340 62.64 11.48 77.84
N LEU Y 341 62.17 10.49 78.55
CA LEU Y 341 62.70 10.12 79.90
C LEU Y 341 64.00 9.36 79.87
N PRO Y 342 64.81 9.44 80.95
CA PRO Y 342 65.95 8.55 81.05
C PRO Y 342 65.54 7.06 81.12
N TYR Y 343 66.19 6.17 80.35
CA TYR Y 343 65.79 4.74 80.26
C TYR Y 343 66.67 3.89 81.19
N VAL Y 344 66.06 3.34 82.23
CA VAL Y 344 66.82 2.59 83.26
C VAL Y 344 66.61 1.07 83.11
N VAL Y 345 65.81 0.61 82.15
CA VAL Y 345 65.43 -0.83 81.97
C VAL Y 345 66.60 -1.79 81.60
N GLY Y 346 67.60 -1.41 80.82
CA GLY Y 346 68.63 -2.36 80.28
C GLY Y 346 69.94 -2.47 81.05
N ASN Y 347 69.98 -2.18 82.34
CA ASN Y 347 71.21 -2.08 83.18
C ASN Y 347 71.40 -3.23 84.20
N GLY Y 348 70.80 -4.43 84.03
CA GLY Y 348 70.91 -5.61 84.93
C GLY Y 348 70.40 -5.46 86.33
N THR Y 349 69.31 -4.74 86.49
CA THR Y 349 68.71 -4.46 87.82
C THR Y 349 67.54 -5.38 88.14
N GLU Y 350 67.30 -5.59 89.42
CA GLU Y 350 66.18 -6.42 89.96
C GLU Y 350 64.77 -5.78 89.86
N GLY Y 351 63.71 -6.54 90.03
CA GLY Y 351 62.31 -6.07 89.84
C GLY Y 351 61.58 -6.52 88.59
N CYS Y 352 62.14 -7.41 87.76
CA CYS Y 352 61.45 -8.01 86.58
C CYS Y 352 60.40 -9.04 87.01
N LEU Y 353 59.50 -9.41 86.09
CA LEU Y 353 58.47 -10.45 86.38
C LEU Y 353 59.17 -11.75 86.76
N PRO Y 354 58.62 -12.48 87.76
CA PRO Y 354 59.26 -13.72 88.22
C PRO Y 354 59.33 -14.95 87.29
N ALA Y 355 60.35 -15.79 87.46
CA ALA Y 355 60.55 -17.04 86.67
C ALA Y 355 59.38 -18.02 86.89
N PHE Y 356 58.85 -18.14 88.11
CA PHE Y 356 57.78 -19.11 88.44
C PHE Y 356 56.43 -18.39 88.41
N PRO Y 357 55.44 -18.84 87.58
CA PRO Y 357 54.13 -18.18 87.43
C PRO Y 357 53.27 -17.87 88.67
N PRO Y 358 53.16 -18.75 89.70
CA PRO Y 358 52.46 -18.48 90.96
C PRO Y 358 53.02 -17.38 91.88
N GLN Y 359 54.30 -17.04 91.77
CA GLN Y 359 54.96 -16.02 92.62
C GLN Y 359 54.37 -14.61 92.44
N VAL Y 360 54.21 -13.88 93.54
CA VAL Y 360 53.58 -12.53 93.53
C VAL Y 360 54.69 -11.49 93.79
N PHE Y 361 54.72 -10.41 93.02
CA PHE Y 361 55.87 -9.47 93.11
C PHE Y 361 55.55 -7.97 93.34
N THR Y 362 56.45 -7.30 94.06
CA THR Y 362 56.41 -5.84 94.24
C THR Y 362 57.07 -5.12 93.07
N LEU Y 363 56.43 -4.09 92.51
CA LEU Y 363 57.04 -3.22 91.45
C LEU Y 363 58.16 -2.33 91.99
N PRO Y 364 59.27 -2.19 91.21
CA PRO Y 364 60.33 -1.25 91.57
C PRO Y 364 59.98 0.26 91.48
N GLN Y 365 60.53 1.08 92.38
CA GLN Y 365 60.36 2.56 92.29
C GLN Y 365 61.30 3.21 91.24
N TYR Y 366 60.78 4.10 90.39
CA TYR Y 366 61.56 4.87 89.38
C TYR Y 366 62.43 5.99 89.99
N GLY Y 367 63.64 6.14 89.46
CA GLY Y 367 64.62 7.15 89.88
C GLY Y 367 65.64 7.28 88.79
N TYR Y 368 66.47 8.31 88.83
CA TYR Y 368 67.54 8.53 87.81
C TYR Y 368 68.68 9.36 88.36
N ALA Y 369 69.84 9.27 87.73
CA ALA Y 369 70.98 10.16 88.03
C ALA Y 369 71.19 11.13 86.87
N THR Y 370 71.34 12.42 87.14
CA THR Y 370 71.72 13.46 86.14
C THR Y 370 73.19 13.78 86.33
N LEU Y 371 73.64 14.95 85.90
CA LEU Y 371 75.03 15.43 86.07
C LEU Y 371 75.40 15.82 87.52
N ASN Y 372 76.66 15.61 87.88
CA ASN Y 372 77.19 15.94 89.23
C ASN Y 372 78.46 16.77 88.99
N ARG Y 373 78.81 17.66 89.91
CA ARG Y 373 79.95 18.58 89.67
C ARG Y 373 81.26 18.16 90.36
N ASP Y 374 82.34 18.00 89.61
CA ASP Y 374 83.71 17.67 90.11
C ASP Y 374 83.80 16.40 90.98
N ASN Y 375 83.10 15.33 90.62
CA ASN Y 375 83.10 14.05 91.39
C ASN Y 375 82.63 14.30 92.84
N THR Y 376 81.59 15.12 93.03
CA THR Y 376 80.99 15.48 94.34
C THR Y 376 79.45 15.35 94.26
N GLU Y 377 78.71 15.45 95.38
CA GLU Y 377 77.22 15.32 95.44
C GLU Y 377 76.44 16.52 94.83
N ASN Y 378 77.09 17.66 94.60
CA ASN Y 378 76.48 18.88 94.01
C ASN Y 378 76.13 18.81 92.53
N PRO Y 379 75.04 19.48 92.10
CA PRO Y 379 74.66 19.64 90.70
C PRO Y 379 75.39 20.70 89.82
N THR Y 380 75.12 20.70 88.53
CA THR Y 380 75.67 21.64 87.51
C THR Y 380 74.51 22.38 86.86
N GLU Y 381 74.77 23.46 86.13
CA GLU Y 381 73.76 24.22 85.34
C GLU Y 381 73.12 23.34 84.25
N ARG Y 382 73.87 22.45 83.63
CA ARG Y 382 73.39 21.45 82.63
C ARG Y 382 72.48 20.38 83.27
N SER Y 383 72.54 20.14 84.59
CA SER Y 383 71.76 19.11 85.31
C SER Y 383 70.24 19.33 85.13
N SER Y 384 69.48 18.27 84.89
CA SER Y 384 68.04 18.32 84.49
C SER Y 384 67.04 17.67 85.45
N PHE Y 385 65.88 18.28 85.58
CA PHE Y 385 64.76 17.72 86.37
C PHE Y 385 63.62 17.33 85.42
N PHE Y 386 63.09 16.14 85.61
CA PHE Y 386 61.95 15.67 84.78
C PHE Y 386 60.72 15.38 85.65
N CYS Y 387 59.56 15.92 85.30
CA CYS Y 387 58.25 15.64 85.96
C CYS Y 387 57.42 14.63 85.15
N LEU Y 388 57.02 13.50 85.73
CA LEU Y 388 56.14 12.45 85.10
C LEU Y 388 54.71 12.95 84.88
N GLU Y 389 54.19 13.78 85.78
CA GLU Y 389 52.81 14.33 85.72
C GLU Y 389 52.66 15.31 84.54
N TYR Y 390 53.76 15.82 84.00
CA TYR Y 390 53.76 16.68 82.79
C TYR Y 390 53.27 15.87 81.57
N PHE Y 391 53.60 14.61 81.43
CA PHE Y 391 53.09 13.71 80.35
C PHE Y 391 51.60 13.38 80.55
N PRO Y 392 50.81 13.15 79.48
CA PRO Y 392 49.45 12.59 79.63
C PRO Y 392 49.33 11.10 80.09
N SER Y 393 48.40 10.74 80.98
CA SER Y 393 48.21 9.35 81.48
C SER Y 393 46.74 8.88 81.52
N LYS Y 394 46.49 7.59 81.30
CA LYS Y 394 45.14 7.00 81.48
C LYS Y 394 44.78 6.87 82.98
N MET Y 395 43.54 7.12 83.37
CA MET Y 395 43.08 6.95 84.78
C MET Y 395 42.13 5.74 84.88
N LEU Y 396 42.42 4.83 85.81
CA LEU Y 396 41.61 3.59 85.92
C LEU Y 396 40.98 3.34 87.28
N ARG Y 397 39.68 3.07 87.30
CA ARG Y 397 38.96 2.55 88.50
C ARG Y 397 38.95 0.99 88.42
N THR Y 398 38.34 0.27 89.37
CA THR Y 398 38.26 -1.22 89.47
C THR Y 398 37.70 -1.90 88.22
N GLY Y 399 36.70 -1.35 87.52
CA GLY Y 399 36.17 -1.79 86.22
C GLY Y 399 37.11 -1.70 85.03
N ASN Y 400 37.98 -0.69 84.96
CA ASN Y 400 38.88 -0.33 83.83
C ASN Y 400 40.12 -1.20 83.53
N ASN Y 401 40.61 -1.19 82.30
CA ASN Y 401 41.79 -1.96 81.83
C ASN Y 401 42.68 -1.12 80.90
N PHE Y 402 43.96 -1.46 80.74
CA PHE Y 402 44.92 -0.79 79.81
C PHE Y 402 45.59 -1.78 78.84
N GLU Y 403 45.76 -1.42 77.57
CA GLU Y 403 46.49 -2.27 76.59
C GLU Y 403 47.55 -1.50 75.75
N PHE Y 404 48.68 -2.13 75.39
CA PHE Y 404 49.72 -1.54 74.49
C PHE Y 404 50.25 -2.60 73.47
N THR Y 405 50.70 -2.17 72.28
CA THR Y 405 51.32 -3.05 71.24
C THR Y 405 52.64 -2.46 70.74
N TYR Y 406 53.67 -3.26 70.49
CA TYR Y 406 54.98 -2.81 69.96
C TYR Y 406 55.54 -3.74 68.85
N ASN Y 407 56.28 -3.20 67.89
CA ASN Y 407 57.01 -4.00 66.86
C ASN Y 407 58.51 -3.75 66.99
N PHE Y 408 59.30 -4.81 67.00
CA PHE Y 408 60.78 -4.69 67.10
C PHE Y 408 61.34 -4.28 65.73
N GLU Y 409 62.43 -3.52 65.70
CA GLU Y 409 63.17 -3.19 64.45
C GLU Y 409 63.92 -4.42 63.93
N GLU Y 410 64.28 -4.44 62.64
CA GLU Y 410 65.10 -5.56 62.14
C GLU Y 410 66.44 -5.63 62.89
N VAL Y 411 66.81 -6.82 63.32
CA VAL Y 411 68.04 -7.03 64.14
C VAL Y 411 68.64 -8.35 63.66
N PRO Y 412 69.96 -8.57 63.76
CA PRO Y 412 70.53 -9.89 63.44
C PRO Y 412 70.14 -11.02 64.43
N PHE Y 413 69.98 -12.25 63.96
CA PHE Y 413 69.68 -13.43 64.82
C PHE Y 413 70.84 -13.71 65.77
N HIS Y 414 70.58 -14.08 67.02
CA HIS Y 414 71.64 -14.57 67.95
C HIS Y 414 72.18 -15.91 67.41
N SER Y 415 73.47 -16.18 67.56
CA SER Y 415 74.07 -17.45 67.10
C SER Y 415 74.09 -18.53 68.18
N SER Y 416 73.16 -19.49 68.12
CA SER Y 416 73.09 -20.64 69.05
C SER Y 416 73.86 -21.85 68.50
N PHE Y 417 75.16 -21.75 68.36
CA PHE Y 417 76.00 -22.84 67.83
C PHE Y 417 77.43 -22.65 68.31
N ALA Y 418 78.20 -23.72 68.31
CA ALA Y 418 79.63 -23.68 68.64
C ALA Y 418 80.41 -24.07 67.39
N PRO Y 419 81.53 -23.38 67.07
CA PRO Y 419 82.38 -23.79 65.97
C PRO Y 419 83.06 -25.17 66.07
N SER Y 420 83.05 -25.92 64.97
CA SER Y 420 83.69 -27.26 64.91
C SER Y 420 85.13 -27.19 64.34
N GLN Y 421 85.63 -26.01 63.97
CA GLN Y 421 87.02 -25.83 63.49
C GLN Y 421 87.76 -24.66 64.15
N ASN Y 422 89.07 -24.78 64.35
CA ASN Y 422 89.97 -23.68 64.78
C ASN Y 422 90.18 -22.68 63.63
N LEU Y 423 90.26 -21.38 63.92
CA LEU Y 423 90.45 -20.27 62.94
C LEU Y 423 91.80 -20.41 62.20
N PHE Y 424 92.85 -20.86 62.89
CA PHE Y 424 94.21 -21.04 62.33
C PHE Y 424 94.47 -22.45 61.66
N LYS Y 425 93.53 -23.41 61.65
CA LYS Y 425 93.72 -24.80 61.10
C LYS Y 425 92.85 -25.07 59.84
N LEU Y 426 92.58 -24.09 58.98
CA LEU Y 426 91.64 -24.22 57.81
C LEU Y 426 92.25 -24.72 56.49
N ALA Y 427 93.56 -24.80 56.36
CA ALA Y 427 94.23 -25.38 55.19
C ALA Y 427 93.99 -26.90 55.18
N ASN Y 428 93.92 -27.52 54.00
CA ASN Y 428 93.80 -29.00 53.91
C ASN Y 428 95.04 -29.60 54.57
N PRO Y 429 94.85 -30.62 55.45
CA PRO Y 429 95.96 -31.31 56.09
C PRO Y 429 96.91 -32.09 55.13
N LEU Y 430 96.42 -32.73 54.07
CA LEU Y 430 97.13 -33.46 52.98
C LEU Y 430 98.02 -32.62 52.04
N VAL Y 431 97.64 -31.40 51.70
CA VAL Y 431 98.35 -30.60 50.65
C VAL Y 431 99.24 -29.43 51.15
N ASP Y 432 100.47 -29.32 50.62
CA ASP Y 432 101.40 -28.18 50.88
C ASP Y 432 101.00 -26.86 50.22
N GLN Y 433 101.34 -25.73 50.82
CA GLN Y 433 101.14 -24.39 50.23
C GLN Y 433 102.15 -24.04 49.11
N TYR Y 434 101.78 -23.22 48.12
CA TYR Y 434 102.75 -22.70 47.11
C TYR Y 434 103.47 -21.42 47.64
N LEU Y 435 103.64 -21.29 48.95
CA LEU Y 435 104.17 -20.06 49.58
C LEU Y 435 105.38 -20.38 50.46
N TYR Y 436 106.28 -19.43 50.62
CA TYR Y 436 107.57 -19.67 51.33
C TYR Y 436 107.79 -18.65 52.44
N ARG Y 437 108.58 -19.04 53.43
CA ARG Y 437 108.85 -18.19 54.61
C ARG Y 437 110.36 -18.05 54.86
N PHE Y 438 110.77 -16.95 55.48
CA PHE Y 438 112.19 -16.75 55.86
C PHE Y 438 112.45 -17.50 57.14
N VAL Y 439 113.50 -18.31 57.11
CA VAL Y 439 113.87 -19.08 58.32
C VAL Y 439 115.28 -18.80 58.83
N SER Y 440 116.14 -18.21 58.01
CA SER Y 440 117.58 -18.19 58.41
C SER Y 440 118.50 -17.17 57.72
N THR Y 441 119.66 -16.95 58.32
CA THR Y 441 120.73 -16.15 57.70
C THR Y 441 121.98 -17.05 57.76
N ASN Y 442 122.85 -17.03 56.76
CA ASN Y 442 124.13 -17.83 56.74
C ASN Y 442 125.30 -17.12 57.48
N ASN Y 443 126.52 -17.67 57.44
CA ASN Y 443 127.70 -17.10 58.18
C ASN Y 443 127.96 -15.69 57.67
N THR Y 444 127.84 -15.41 56.37
CA THR Y 444 127.80 -14.03 55.85
C THR Y 444 126.32 -13.81 55.98
N GLY Y 445 125.81 -12.67 56.42
CA GLY Y 445 124.37 -12.67 56.75
C GLY Y 445 123.41 -12.66 55.58
N GLY Y 446 123.37 -13.75 54.80
CA GLY Y 446 122.52 -13.86 53.59
C GLY Y 446 121.24 -14.61 53.86
N VAL Y 447 120.11 -14.08 53.44
CA VAL Y 447 118.76 -14.65 53.74
C VAL Y 447 118.47 -16.03 53.12
N GLN Y 448 117.76 -16.88 53.85
CA GLN Y 448 117.45 -18.27 53.41
C GLN Y 448 115.94 -18.55 53.58
N PHE Y 449 115.38 -19.41 52.74
CA PHE Y 449 113.92 -19.65 52.72
C PHE Y 449 113.55 -21.13 52.68
N ASN Y 450 112.37 -21.48 53.21
CA ASN Y 450 111.84 -22.88 53.18
C ASN Y 450 110.38 -22.85 52.77
N LYS Y 451 109.91 -23.87 52.07
CA LYS Y 451 108.47 -24.04 51.68
C LYS Y 451 107.58 -24.43 52.88
N ASN Y 452 106.30 -24.07 52.81
CA ASN Y 452 105.34 -24.40 53.89
C ASN Y 452 104.72 -25.78 53.63
N LEU Y 453 104.95 -26.75 54.52
CA LEU Y 453 104.47 -28.16 54.41
C LEU Y 453 103.03 -28.40 54.87
N ALA Y 454 102.43 -29.49 54.44
CA ALA Y 454 101.04 -29.87 54.83
C ALA Y 454 100.89 -30.16 56.33
N GLY Y 455 99.86 -29.56 56.96
CA GLY Y 455 99.53 -29.74 58.39
C GLY Y 455 100.37 -28.93 59.35
N ARG Y 456 101.31 -28.11 58.87
CA ARG Y 456 102.21 -27.29 59.74
C ARG Y 456 101.53 -25.94 60.04
N TYR Y 457 100.50 -25.91 60.90
CA TYR Y 457 99.63 -24.74 61.23
C TYR Y 457 100.42 -23.62 61.91
N ALA Y 458 101.48 -23.97 62.63
CA ALA Y 458 102.39 -23.00 63.24
C ALA Y 458 103.01 -22.08 62.17
N ASN Y 459 103.33 -22.56 60.96
CA ASN Y 459 104.06 -21.80 59.90
C ASN Y 459 103.29 -21.51 58.61
N THR Y 460 101.99 -21.31 58.59
CA THR Y 460 101.15 -21.26 57.37
C THR Y 460 100.67 -19.83 57.19
N TYR Y 461 100.53 -19.37 55.96
CA TYR Y 461 99.97 -18.03 55.65
C TYR Y 461 98.50 -18.02 56.05
N LYS Y 462 98.03 -16.92 56.62
CA LYS Y 462 96.64 -16.85 57.14
C LYS Y 462 95.84 -15.69 56.57
N ASN Y 463 94.63 -15.92 56.08
CA ASN Y 463 93.66 -14.86 55.66
C ASN Y 463 93.03 -14.02 56.79
N TRP Y 464 92.72 -14.60 57.93
CA TRP Y 464 91.85 -13.97 58.93
C TRP Y 464 92.44 -13.97 60.32
N PHE Y 465 92.01 -13.03 61.14
CA PHE Y 465 92.64 -12.82 62.47
C PHE Y 465 91.59 -12.87 63.55
N PRO Y 466 91.99 -13.24 64.77
CA PRO Y 466 91.10 -13.23 65.93
C PRO Y 466 90.69 -11.84 66.45
N GLY Y 467 89.59 -11.77 67.19
CA GLY Y 467 89.02 -10.52 67.73
C GLY Y 467 89.77 -9.85 68.86
N PRO Y 468 89.41 -8.59 69.21
CA PRO Y 468 90.14 -7.80 70.20
C PRO Y 468 90.23 -8.29 71.67
N MET Y 469 91.36 -8.05 72.32
CA MET Y 469 91.58 -8.59 73.68
C MET Y 469 92.19 -7.58 74.68
N GLY Y 470 91.85 -7.62 75.96
CA GLY Y 470 92.56 -6.88 77.04
C GLY Y 470 92.87 -7.83 78.18
N ARG Y 471 94.08 -7.93 78.70
CA ARG Y 471 94.39 -8.97 79.74
C ARG Y 471 93.64 -8.76 81.09
N THR Y 472 93.05 -9.81 81.66
CA THR Y 472 92.30 -9.81 82.94
C THR Y 472 92.80 -10.95 83.81
N GLN Y 473 92.91 -10.77 85.12
CA GLN Y 473 93.49 -11.78 86.05
C GLN Y 473 92.69 -13.09 86.09
N GLY Y 474 93.39 -14.23 86.17
CA GLY Y 474 92.78 -15.56 86.24
C GLY Y 474 92.84 -16.16 87.63
N TRP Y 475 91.71 -16.67 88.12
CA TRP Y 475 91.61 -17.30 89.46
C TRP Y 475 91.14 -18.75 89.36
N ASN Y 476 91.80 -19.65 90.08
CA ASN Y 476 91.42 -21.10 90.11
C ASN Y 476 90.17 -21.33 90.96
N LEU Y 477 89.35 -22.30 90.59
CA LEU Y 477 88.08 -22.66 91.27
C LEU Y 477 88.19 -24.15 91.65
N GLY Y 478 87.38 -24.65 92.57
CA GLY Y 478 87.51 -26.05 93.02
C GLY Y 478 88.82 -26.33 93.72
N SER Y 479 89.60 -27.27 93.19
CA SER Y 479 90.93 -27.62 93.79
C SER Y 479 91.82 -26.37 93.75
N GLY Y 480 91.83 -25.57 92.68
CA GLY Y 480 92.47 -24.24 92.78
C GLY Y 480 93.94 -24.18 93.11
N VAL Y 481 94.30 -23.47 94.19
CA VAL Y 481 95.74 -23.21 94.59
C VAL Y 481 96.11 -21.71 94.40
N ASN Y 482 95.15 -20.79 94.46
CA ASN Y 482 95.35 -19.29 94.39
C ASN Y 482 96.01 -18.62 95.60
N ARG Y 483 96.57 -17.40 95.44
CA ARG Y 483 97.21 -16.59 96.54
C ARG Y 483 96.27 -16.16 97.68
N ALA Y 484 96.72 -16.24 98.92
CA ALA Y 484 95.92 -15.98 100.16
C ALA Y 484 95.76 -14.52 100.60
N SER Y 485 94.65 -14.20 101.30
CA SER Y 485 94.41 -12.89 101.94
C SER Y 485 94.48 -11.67 101.00
N VAL Y 486 93.91 -11.76 99.81
CA VAL Y 486 94.01 -10.67 98.81
C VAL Y 486 92.78 -9.74 98.84
N SER Y 487 92.99 -8.41 98.76
CA SER Y 487 91.86 -7.48 98.54
C SER Y 487 91.89 -7.19 97.04
N ALA Y 488 90.85 -7.54 96.30
CA ALA Y 488 90.78 -7.45 94.82
C ALA Y 488 90.83 -6.06 94.16
N PHE Y 489 90.23 -5.00 94.71
CA PHE Y 489 89.96 -3.71 94.00
C PHE Y 489 91.16 -2.93 93.43
N ALA Y 490 92.30 -2.81 94.11
CA ALA Y 490 93.46 -2.04 93.62
C ALA Y 490 94.00 -2.60 92.30
N THR Y 491 94.00 -3.92 92.12
CA THR Y 491 94.58 -4.58 90.93
C THR Y 491 93.55 -4.90 89.85
N THR Y 492 92.29 -4.49 89.98
CA THR Y 492 91.23 -4.70 88.97
C THR Y 492 91.36 -3.83 87.72
N ASN Y 493 90.80 -4.26 86.60
CA ASN Y 493 90.77 -3.49 85.32
C ASN Y 493 89.90 -2.24 85.44
N ARG Y 494 90.33 -1.12 84.85
CA ARG Y 494 89.59 0.16 85.01
C ARG Y 494 89.60 1.03 83.76
N MET Y 495 88.61 1.90 83.60
CA MET Y 495 88.59 2.93 82.52
C MET Y 495 88.38 4.28 83.24
N GLU Y 496 88.96 5.38 82.75
CA GLU Y 496 88.89 6.71 83.41
C GLU Y 496 87.88 7.63 82.69
N LEU Y 497 86.87 8.17 83.37
CA LEU Y 497 85.92 9.16 82.79
C LEU Y 497 85.80 10.39 83.69
N GLU Y 498 85.91 11.61 83.18
CA GLU Y 498 85.67 12.88 83.92
C GLU Y 498 86.49 13.01 85.21
N GLY Y 499 87.73 12.56 85.26
CA GLY Y 499 88.51 12.56 86.51
C GLY Y 499 88.26 11.43 87.50
N ALA Y 500 87.50 10.40 87.19
CA ALA Y 500 87.36 9.26 88.15
C ALA Y 500 87.70 7.90 87.52
N SER Y 501 88.15 6.92 88.31
CA SER Y 501 88.48 5.54 87.85
C SER Y 501 87.28 4.62 88.08
N TYR Y 502 86.87 3.92 87.04
CA TYR Y 502 85.68 3.03 87.15
C TYR Y 502 85.99 1.60 86.80
N GLN Y 503 85.53 0.69 87.64
CA GLN Y 503 85.57 -0.74 87.23
C GLN Y 503 84.54 -0.91 86.11
N VAL Y 504 84.83 -1.74 85.14
CA VAL Y 504 83.95 -2.00 83.97
C VAL Y 504 83.81 -3.53 84.03
N PRO Y 505 82.98 -4.07 84.95
CA PRO Y 505 82.94 -5.49 85.26
C PRO Y 505 82.60 -6.45 84.16
N PRO Y 506 81.71 -6.26 83.17
CA PRO Y 506 81.67 -7.21 82.06
C PRO Y 506 82.83 -6.63 81.23
N GLN Y 507 83.77 -7.40 80.75
CA GLN Y 507 84.77 -6.75 79.85
C GLN Y 507 84.16 -6.56 78.45
N PRO Y 508 84.74 -5.80 77.49
CA PRO Y 508 84.24 -5.72 76.10
C PRO Y 508 84.32 -7.04 75.26
N ASN Y 509 83.44 -7.29 74.27
CA ASN Y 509 83.38 -8.57 73.47
C ASN Y 509 84.62 -9.01 72.66
N GLY Y 510 84.75 -10.31 72.34
CA GLY Y 510 85.88 -10.91 71.58
C GLY Y 510 86.85 -11.76 72.36
N MET Y 511 86.57 -12.04 73.63
CA MET Y 511 87.45 -12.90 74.44
C MET Y 511 86.72 -14.12 75.03
N THR Y 512 87.47 -15.11 75.50
CA THR Y 512 86.92 -16.25 76.28
C THR Y 512 87.49 -16.24 77.70
N ASN Y 513 86.66 -16.27 78.74
CA ASN Y 513 87.04 -16.41 80.19
C ASN Y 513 87.67 -17.76 80.61
N ASN Y 514 87.22 -18.90 80.09
CA ASN Y 514 87.66 -20.26 80.54
C ASN Y 514 88.08 -21.13 79.35
N LEU Y 515 89.19 -21.85 79.44
CA LEU Y 515 89.65 -22.80 78.36
C LEU Y 515 88.80 -24.08 78.06
N GLN Y 516 88.26 -24.85 79.00
CA GLN Y 516 87.52 -26.16 78.81
C GLN Y 516 88.28 -27.16 79.68
N GLY Y 517 87.59 -28.00 80.43
CA GLY Y 517 88.38 -28.68 81.46
C GLY Y 517 88.79 -27.49 82.30
N SER Y 518 90.06 -27.20 82.48
CA SER Y 518 90.60 -26.05 83.28
C SER Y 518 89.71 -25.41 84.35
N ASN Y 519 90.33 -25.11 85.48
CA ASN Y 519 89.62 -24.47 86.61
C ASN Y 519 90.04 -22.99 86.72
N THR Y 520 90.76 -22.47 85.73
CA THR Y 520 91.11 -21.04 85.68
C THR Y 520 90.01 -20.23 85.00
N TYR Y 521 89.56 -19.18 85.66
CA TYR Y 521 88.49 -18.30 85.13
C TYR Y 521 88.93 -16.90 85.28
N ALA Y 522 88.67 -16.10 84.26
CA ALA Y 522 88.92 -14.66 84.45
C ALA Y 522 87.61 -14.10 85.01
N LEU Y 523 87.55 -13.80 86.32
CA LEU Y 523 86.30 -13.43 87.06
C LEU Y 523 85.63 -12.12 86.59
N GLU Y 524 86.40 -11.11 86.21
CA GLU Y 524 85.86 -9.82 85.71
C GLU Y 524 85.38 -9.92 84.24
N ASN Y 525 85.59 -11.04 83.55
CA ASN Y 525 85.04 -11.30 82.19
C ASN Y 525 83.82 -12.25 82.27
N THR Y 526 83.32 -12.59 83.45
CA THR Y 526 82.23 -13.61 83.59
C THR Y 526 80.98 -13.04 84.21
N MET Y 527 79.81 -13.41 83.68
CA MET Y 527 78.52 -13.11 84.34
C MET Y 527 78.35 -14.01 85.57
N ILE Y 528 78.14 -13.43 86.75
CA ILE Y 528 77.92 -14.18 88.02
C ILE Y 528 76.49 -13.93 88.53
N PHE Y 529 75.77 -14.99 88.87
CA PHE Y 529 74.33 -14.93 89.27
C PHE Y 529 74.12 -15.69 90.55
N ASN Y 530 73.03 -15.43 91.26
CA ASN Y 530 72.63 -16.18 92.48
C ASN Y 530 71.46 -17.10 92.13
N SER Y 531 71.45 -18.35 92.60
CA SER Y 531 70.31 -19.28 92.41
C SER Y 531 69.04 -18.75 93.07
N GLN Y 532 69.16 -18.14 94.26
CA GLN Y 532 68.02 -17.61 95.03
C GLN Y 532 68.03 -16.07 95.04
N PRO Y 533 66.85 -15.39 95.07
CA PRO Y 533 66.79 -13.93 95.21
C PRO Y 533 67.28 -13.45 96.57
N ALA Y 534 67.81 -12.23 96.62
CA ALA Y 534 68.42 -11.69 97.86
C ALA Y 534 67.69 -10.47 98.41
N ASN Y 535 67.80 -10.26 99.71
CA ASN Y 535 67.24 -9.06 100.37
C ASN Y 535 68.04 -7.82 99.97
N PRO Y 536 67.43 -6.63 99.85
CA PRO Y 536 68.16 -5.42 99.52
C PRO Y 536 69.22 -4.93 100.51
N GLY Y 537 70.38 -4.49 100.01
CA GLY Y 537 71.45 -3.93 100.84
C GLY Y 537 72.34 -4.95 101.51
N THR Y 538 72.23 -6.23 101.17
CA THR Y 538 73.02 -7.27 101.84
C THR Y 538 74.51 -7.00 101.62
N THR Y 539 75.33 -7.17 102.66
CA THR Y 539 76.80 -7.02 102.58
C THR Y 539 77.46 -8.36 102.88
N ALA Y 540 76.71 -9.47 102.90
CA ALA Y 540 77.21 -10.82 103.22
C ALA Y 540 78.24 -11.38 102.23
N THR Y 541 79.27 -12.08 102.71
CA THR Y 541 80.23 -12.77 101.83
C THR Y 541 79.58 -14.00 101.22
N TYR Y 542 79.87 -14.28 99.96
CA TYR Y 542 79.36 -15.49 99.28
C TYR Y 542 80.51 -16.32 98.76
N LEU Y 543 80.51 -17.60 99.07
CA LEU Y 543 81.49 -18.56 98.50
C LEU Y 543 81.03 -19.08 97.11
N GLU Y 544 81.87 -19.81 96.41
CA GLU Y 544 81.63 -20.32 95.03
C GLU Y 544 80.41 -21.27 94.93
N GLY Y 545 80.17 -22.11 95.94
CA GLY Y 545 79.05 -23.08 95.93
C GLY Y 545 77.71 -22.40 95.84
N ASN Y 546 77.51 -21.28 96.52
CA ASN Y 546 76.26 -20.46 96.37
C ASN Y 546 76.12 -19.87 94.96
N MET Y 547 77.20 -19.45 94.30
CA MET Y 547 77.12 -18.70 93.02
C MET Y 547 76.90 -19.54 91.74
N LEU Y 548 76.28 -18.95 90.72
CA LEU Y 548 76.16 -19.62 89.40
C LEU Y 548 77.17 -18.92 88.49
N ILE Y 549 78.22 -19.62 88.03
CA ILE Y 549 79.32 -18.99 87.24
C ILE Y 549 79.31 -19.53 85.80
N THR Y 550 79.20 -18.65 84.82
CA THR Y 550 79.17 -18.98 83.38
C THR Y 550 80.56 -19.23 82.76
N SER Y 551 80.60 -20.00 81.68
CA SER Y 551 81.85 -20.30 80.93
C SER Y 551 81.59 -20.00 79.45
N GLU Y 552 82.57 -19.46 78.74
CA GLU Y 552 82.47 -19.11 77.30
C GLU Y 552 83.37 -20.05 76.49
N SER Y 553 83.69 -21.24 76.98
CA SER Y 553 84.67 -22.20 76.39
C SER Y 553 84.32 -22.64 74.96
N GLU Y 554 83.06 -22.61 74.54
CA GLU Y 554 82.59 -22.94 73.16
C GLU Y 554 83.22 -21.99 72.12
N THR Y 555 83.44 -20.71 72.43
CA THR Y 555 83.97 -19.67 71.52
C THR Y 555 85.50 -19.69 71.43
N GLN Y 556 86.20 -20.56 72.15
CA GLN Y 556 87.69 -20.64 72.22
C GLN Y 556 88.33 -20.90 70.85
N PRO Y 557 87.78 -21.71 69.90
CA PRO Y 557 88.32 -21.80 68.53
C PRO Y 557 88.51 -20.46 67.78
N VAL Y 558 87.71 -19.41 68.02
CA VAL Y 558 87.89 -18.02 67.47
C VAL Y 558 88.15 -16.89 68.51
N ASN Y 559 88.12 -17.12 69.81
CA ASN Y 559 88.23 -16.00 70.79
C ASN Y 559 89.45 -16.20 71.66
N ARG Y 560 90.27 -15.17 71.81
CA ARG Y 560 91.49 -15.25 72.63
C ARG Y 560 91.17 -15.36 74.14
N VAL Y 561 92.01 -16.07 74.89
CA VAL Y 561 91.86 -16.19 76.36
C VAL Y 561 92.26 -14.90 77.10
N ALA Y 562 91.41 -14.40 78.02
CA ALA Y 562 91.60 -13.16 78.80
C ALA Y 562 92.80 -13.18 79.76
N TYR Y 563 93.03 -14.28 80.46
CA TYR Y 563 94.16 -14.42 81.43
C TYR Y 563 95.55 -14.34 80.73
N ASN Y 564 95.69 -14.90 79.55
CA ASN Y 564 96.99 -14.95 78.79
C ASN Y 564 97.36 -13.68 78.00
N VAL Y 565 98.64 -13.48 77.67
CA VAL Y 565 99.12 -12.39 76.74
C VAL Y 565 98.63 -12.66 75.30
N GLY Y 566 98.28 -11.62 74.52
CA GLY Y 566 97.81 -11.70 73.11
C GLY Y 566 98.76 -12.19 72.02
N GLY Y 567 100.05 -11.82 72.04
CA GLY Y 567 100.99 -12.14 70.96
C GLY Y 567 102.29 -11.40 71.14
N GLN Y 568 103.18 -11.40 70.13
CA GLN Y 568 104.48 -10.68 70.16
C GLN Y 568 104.69 -9.84 68.89
N MET Y 569 105.42 -8.70 68.98
CA MET Y 569 105.76 -7.80 67.84
C MET Y 569 107.24 -7.38 67.92
N ALA Y 570 107.87 -6.94 66.83
CA ALA Y 570 109.28 -6.47 66.78
C ALA Y 570 109.54 -5.16 67.56
N THR Y 571 110.63 -5.10 68.31
CA THR Y 571 110.98 -3.95 69.15
C THR Y 571 112.28 -3.26 68.72
N ASN Y 572 112.92 -3.65 67.62
CA ASN Y 572 114.28 -3.16 67.28
C ASN Y 572 114.56 -3.31 65.80
N ASN Y 573 115.69 -2.78 65.34
CA ASN Y 573 116.17 -3.04 63.96
C ASN Y 573 117.43 -3.91 64.07
N GLN Y 574 117.47 -5.05 63.38
CA GLN Y 574 118.64 -5.98 63.35
C GLN Y 574 119.81 -5.34 62.55
N SER Y 575 121.04 -5.70 62.88
CA SER Y 575 122.25 -5.18 62.21
C SER Y 575 123.35 -6.23 62.42
N SER Y 576 124.49 -6.12 61.75
CA SER Y 576 125.57 -7.07 62.04
C SER Y 576 125.96 -6.94 63.52
N THR Y 577 126.05 -5.74 64.08
CA THR Y 577 126.26 -5.50 65.52
C THR Y 577 125.10 -5.98 66.40
N THR Y 578 123.84 -5.82 66.00
CA THR Y 578 122.69 -6.10 66.87
C THR Y 578 121.80 -7.26 66.48
N ALA Y 579 121.55 -8.20 67.40
CA ALA Y 579 120.59 -9.32 67.19
C ALA Y 579 119.14 -8.84 67.19
N PRO Y 580 118.23 -9.49 66.44
CA PRO Y 580 116.80 -9.14 66.47
C PRO Y 580 116.07 -9.42 67.81
N ALA Y 581 115.10 -8.60 68.18
CA ALA Y 581 114.35 -8.69 69.47
C ALA Y 581 112.83 -8.59 69.31
N THR Y 582 112.07 -9.23 70.20
CA THR Y 582 110.59 -9.16 70.19
C THR Y 582 110.05 -8.77 71.55
N GLY Y 583 108.83 -8.24 71.60
CA GLY Y 583 108.17 -7.98 72.89
C GLY Y 583 106.73 -8.44 72.92
N THR Y 584 106.25 -8.99 74.04
CA THR Y 584 104.81 -9.35 74.23
C THR Y 584 103.90 -8.14 74.45
N TYR Y 585 102.64 -8.22 74.04
CA TYR Y 585 101.63 -7.15 74.28
C TYR Y 585 100.45 -7.68 75.18
N ASN Y 586 99.87 -6.86 76.07
CA ASN Y 586 98.76 -7.25 76.99
C ASN Y 586 97.39 -6.77 76.47
N LEU Y 587 97.37 -5.93 75.43
CA LEU Y 587 96.10 -5.44 74.83
C LEU Y 587 96.20 -5.26 73.32
N GLN Y 588 95.13 -5.49 72.58
CA GLN Y 588 95.07 -5.20 71.13
C GLN Y 588 93.61 -4.87 70.79
N GLU Y 589 93.37 -4.11 69.74
CA GLU Y 589 92.00 -3.64 69.38
C GLU Y 589 91.73 -4.10 67.96
N ILE Y 590 90.62 -3.68 67.37
CA ILE Y 590 90.17 -4.14 66.03
C ILE Y 590 91.17 -3.85 64.90
N VAL Y 591 91.35 -4.82 64.02
CA VAL Y 591 92.27 -4.74 62.85
C VAL Y 591 91.41 -5.20 61.66
N PRO Y 592 91.70 -4.78 60.42
CA PRO Y 592 90.95 -5.31 59.26
C PRO Y 592 91.14 -6.83 59.08
N GLY Y 593 90.08 -7.56 58.69
CA GLY Y 593 90.12 -9.05 58.62
C GLY Y 593 89.85 -9.75 59.94
N SER Y 594 89.47 -9.02 60.98
CA SER Y 594 89.12 -9.53 62.33
C SER Y 594 87.77 -10.28 62.39
N VAL Y 595 87.74 -11.44 63.05
CA VAL Y 595 86.50 -12.26 63.23
C VAL Y 595 86.38 -12.63 64.72
N TRP Y 596 85.17 -12.64 65.27
CA TRP Y 596 84.92 -13.04 66.69
C TRP Y 596 83.48 -13.51 66.90
N MET Y 597 83.22 -14.13 68.04
CA MET Y 597 81.86 -14.52 68.47
C MET Y 597 81.40 -13.66 69.66
N GLU Y 598 80.17 -13.15 69.63
CA GLU Y 598 79.55 -12.38 70.76
C GLU Y 598 79.21 -13.28 71.95
N ARG Y 599 79.07 -12.71 73.14
CA ARG Y 599 78.68 -13.45 74.37
C ARG Y 599 77.32 -14.15 74.27
N ASP Y 600 77.22 -15.35 74.85
CA ASP Y 600 75.98 -16.16 74.88
C ASP Y 600 74.88 -15.63 75.80
N VAL Y 601 73.63 -15.81 75.42
CA VAL Y 601 72.46 -15.51 76.29
C VAL Y 601 72.19 -16.65 77.30
N TYR Y 602 71.56 -16.33 78.42
CA TYR Y 602 71.22 -17.31 79.50
C TYR Y 602 69.75 -17.16 79.81
N LEU Y 603 69.11 -18.21 80.31
CA LEU Y 603 67.68 -18.15 80.72
C LEU Y 603 67.51 -17.13 81.89
N GLN Y 604 68.42 -17.10 82.85
CA GLN Y 604 68.52 -16.11 83.97
C GLN Y 604 68.86 -14.68 83.46
N GLY Y 605 69.52 -14.51 82.32
CA GLY Y 605 69.94 -13.22 81.74
C GLY Y 605 68.99 -12.29 80.99
N PRO Y 606 69.42 -11.04 80.73
CA PRO Y 606 68.69 -10.08 79.88
C PRO Y 606 68.55 -10.18 78.35
N ILE Y 607 67.39 -9.93 77.76
CA ILE Y 607 67.19 -9.84 76.27
C ILE Y 607 67.78 -8.60 75.52
N TRP Y 608 67.61 -7.38 76.01
CA TRP Y 608 67.96 -6.18 75.22
C TRP Y 608 68.62 -5.04 76.01
N ALA Y 609 69.26 -4.11 75.31
CA ALA Y 609 69.83 -2.87 75.90
C ALA Y 609 69.57 -1.74 74.92
N LYS Y 610 69.40 -0.52 75.42
CA LYS Y 610 69.25 0.68 74.56
C LYS Y 610 70.61 1.24 74.12
N ILE Y 611 70.78 1.48 72.83
CA ILE Y 611 72.00 2.16 72.32
C ILE Y 611 71.95 3.65 72.76
N PRO Y 612 73.02 4.22 73.34
CA PRO Y 612 73.04 5.62 73.74
C PRO Y 612 73.08 6.64 72.60
N GLU Y 613 72.39 7.77 72.71
CA GLU Y 613 72.33 8.73 71.57
C GLU Y 613 73.46 9.78 71.64
N THR Y 614 74.54 9.58 70.88
CA THR Y 614 75.71 10.48 70.86
C THR Y 614 75.93 10.97 69.45
N GLY Y 615 75.34 10.31 68.47
CA GLY Y 615 75.58 10.55 67.05
C GLY Y 615 76.74 9.73 66.47
N ALA Y 616 77.54 9.03 67.28
CA ALA Y 616 78.62 8.14 66.77
C ALA Y 616 78.76 6.85 67.58
N HIS Y 617 78.85 5.70 66.94
CA HIS Y 617 79.07 4.41 67.64
C HIS Y 617 79.72 3.39 66.71
N PHE Y 618 80.34 2.35 67.28
CA PHE Y 618 80.88 1.22 66.47
C PHE Y 618 80.30 -0.10 66.93
N HIS Y 619 79.79 -0.95 66.03
CA HIS Y 619 79.35 -2.36 66.32
C HIS Y 619 78.52 -2.46 67.59
N PRO Y 620 77.19 -2.27 67.51
CA PRO Y 620 76.39 -2.10 68.73
C PRO Y 620 75.75 -3.29 69.43
N SER Y 621 76.61 -4.14 69.96
CA SER Y 621 76.17 -5.34 70.68
C SER Y 621 76.51 -5.13 72.16
N PRO Y 622 75.54 -5.23 73.11
CA PRO Y 622 75.85 -4.97 74.52
C PRO Y 622 76.75 -6.00 75.21
N ALA Y 623 77.61 -5.56 76.14
CA ALA Y 623 78.60 -6.43 76.81
C ALA Y 623 78.00 -7.57 77.66
N MET Y 624 76.92 -7.33 78.39
CA MET Y 624 76.20 -8.35 79.21
C MET Y 624 75.62 -9.44 78.30
N GLY Y 625 75.20 -9.10 77.09
CA GLY Y 625 74.62 -10.04 76.12
C GLY Y 625 73.33 -9.51 75.54
N GLY Y 626 72.76 -10.18 74.55
CA GLY Y 626 71.48 -9.77 73.95
C GLY Y 626 71.48 -8.87 72.74
N PHE Y 627 70.37 -8.17 72.52
CA PHE Y 627 70.13 -7.35 71.31
C PHE Y 627 70.20 -5.85 71.63
N GLY Y 628 70.99 -5.12 70.84
CA GLY Y 628 71.14 -3.67 71.02
C GLY Y 628 70.16 -2.94 70.14
N LEU Y 629 69.33 -2.11 70.73
CA LEU Y 629 68.23 -1.47 69.96
C LEU Y 629 68.26 0.05 70.01
N LYS Y 630 68.18 0.71 68.86
CA LYS Y 630 68.00 2.19 68.79
C LYS Y 630 66.65 2.60 69.39
N HIS Y 631 65.59 1.87 69.09
CA HIS Y 631 64.23 2.16 69.63
C HIS Y 631 63.73 0.94 70.40
N PRO Y 632 64.07 0.85 71.70
CA PRO Y 632 63.69 -0.27 72.56
C PRO Y 632 62.23 -0.34 73.01
N PRO Y 633 61.73 -1.49 73.50
CA PRO Y 633 60.36 -1.51 73.99
C PRO Y 633 60.26 -0.45 75.09
N PRO Y 634 59.22 0.42 75.08
CA PRO Y 634 59.14 1.56 76.00
C PRO Y 634 58.87 1.41 77.49
N MET Y 635 59.36 2.36 78.29
CA MET Y 635 59.09 2.41 79.76
C MET Y 635 57.59 2.52 80.08
N MET Y 636 57.11 1.68 80.99
CA MET Y 636 55.68 1.66 81.40
C MET Y 636 55.62 2.08 82.88
N LEU Y 637 54.91 3.15 83.18
CA LEU Y 637 54.91 3.77 84.52
C LEU Y 637 53.50 3.78 85.14
N ILE Y 638 53.41 3.40 86.41
CA ILE Y 638 52.12 3.33 87.14
C ILE Y 638 52.23 4.05 88.51
N LYS Y 639 51.21 4.81 88.87
CA LYS Y 639 51.18 5.44 90.21
C LYS Y 639 49.78 5.35 90.86
N ASN Y 640 49.72 5.43 92.18
CA ASN Y 640 48.43 5.56 92.90
C ASN Y 640 48.08 7.05 92.97
N THR Y 641 46.87 7.45 92.59
CA THR Y 641 46.43 8.85 92.70
C THR Y 641 46.34 9.30 94.16
N PRO Y 642 46.88 10.49 94.51
CA PRO Y 642 46.71 11.04 95.85
C PRO Y 642 45.25 11.23 96.28
N VAL Y 643 44.91 10.69 97.41
CA VAL Y 643 43.54 10.93 97.96
C VAL Y 643 43.72 11.68 99.29
N PRO Y 644 43.20 12.90 99.39
CA PRO Y 644 43.34 13.70 100.62
C PRO Y 644 42.63 13.36 101.93
N GLY Y 645 43.24 13.63 103.08
CA GLY Y 645 42.66 13.51 104.43
C GLY Y 645 41.77 14.71 104.73
N ASN Y 646 41.05 14.74 105.85
CA ASN Y 646 40.06 15.83 106.07
C ASN Y 646 40.71 17.21 106.20
N ILE Y 647 40.27 18.17 105.40
CA ILE Y 647 40.82 19.56 105.45
C ILE Y 647 39.62 20.49 105.74
N THR Y 648 39.72 21.32 106.77
CA THR Y 648 38.57 22.17 107.20
C THR Y 648 38.81 23.63 106.92
N SER Y 649 40.02 24.03 106.57
CA SER Y 649 40.36 25.47 106.38
C SER Y 649 41.17 25.68 105.09
N PHE Y 650 41.09 26.86 104.47
CA PHE Y 650 41.88 27.22 103.28
C PHE Y 650 43.35 27.59 103.56
N SER Y 651 44.28 27.09 102.74
CA SER Y 651 45.68 27.58 102.78
C SER Y 651 46.22 27.63 101.36
N ASP Y 652 47.07 28.60 101.05
CA ASP Y 652 47.87 28.65 99.79
C ASP Y 652 48.87 27.48 99.82
N VAL Y 653 49.41 27.14 101.00
CA VAL Y 653 50.40 26.04 101.16
C VAL Y 653 49.79 24.70 100.76
N PRO Y 654 50.47 23.86 99.94
CA PRO Y 654 49.95 22.57 99.49
C PRO Y 654 49.67 21.50 100.56
N VAL Y 655 48.63 20.71 100.34
CA VAL Y 655 48.24 19.65 101.31
C VAL Y 655 49.32 18.57 101.44
N SER Y 656 49.65 18.22 102.68
CA SER Y 656 50.64 17.19 103.00
C SER Y 656 49.96 15.99 103.71
N SER Y 657 48.65 16.01 103.89
CA SER Y 657 47.92 14.94 104.64
C SER Y 657 47.04 14.14 103.68
N PHE Y 658 47.27 12.83 103.60
CA PHE Y 658 46.58 11.97 102.61
C PHE Y 658 46.16 10.68 103.26
N ILE Y 659 45.10 10.06 102.78
CA ILE Y 659 44.76 8.68 103.28
C ILE Y 659 45.79 7.64 102.75
N THR Y 660 46.21 6.65 103.56
CA THR Y 660 47.19 5.59 103.16
C THR Y 660 46.56 4.50 102.30
N GLN Y 661 47.14 4.21 101.14
CA GLN Y 661 46.55 3.28 100.13
C GLN Y 661 47.58 2.44 99.36
N TYR Y 662 47.18 1.30 98.81
CA TYR Y 662 48.06 0.43 97.97
C TYR Y 662 47.19 -0.15 96.85
N SER Y 663 47.83 -0.60 95.76
CA SER Y 663 47.08 -1.23 94.64
C SER Y 663 47.59 -2.64 94.28
N THR Y 664 46.71 -3.46 93.71
CA THR Y 664 47.06 -4.82 93.27
C THR Y 664 46.36 -5.16 91.95
N GLY Y 665 46.91 -6.06 91.13
CA GLY Y 665 46.28 -6.47 89.87
C GLY Y 665 46.99 -7.58 89.13
N GLN Y 666 46.60 -7.83 87.89
CA GLN Y 666 47.23 -8.83 86.98
C GLN Y 666 47.83 -8.19 85.70
N VAL Y 667 48.99 -8.68 85.26
CA VAL Y 667 49.64 -8.21 84.00
C VAL Y 667 49.88 -9.40 83.03
N THR Y 668 49.58 -9.23 81.76
CA THR Y 668 49.87 -10.25 80.74
C THR Y 668 50.85 -9.72 79.68
N VAL Y 669 51.92 -10.46 79.35
CA VAL Y 669 52.87 -10.10 78.24
C VAL Y 669 52.87 -11.20 77.16
N GLU Y 670 52.68 -10.84 75.90
CA GLU Y 670 52.72 -11.79 74.75
C GLU Y 670 53.88 -11.39 73.81
N MET Y 671 54.74 -12.34 73.48
CA MET Y 671 55.92 -12.09 72.62
C MET Y 671 56.01 -13.08 71.44
N GLU Y 672 56.38 -12.57 70.28
CA GLU Y 672 56.59 -13.42 69.08
C GLU Y 672 58.10 -13.51 68.76
N TRP Y 673 58.56 -14.71 68.44
CA TRP Y 673 59.99 -14.95 68.14
C TRP Y 673 60.17 -15.62 66.78
N GLU Y 674 61.19 -15.22 66.03
CA GLU Y 674 61.54 -15.86 64.73
C GLU Y 674 62.71 -16.84 64.94
N LEU Y 675 62.61 -18.03 64.39
CA LEU Y 675 63.61 -19.12 64.57
C LEU Y 675 64.41 -19.42 63.29
N LYS Y 676 65.70 -19.71 63.43
CA LYS Y 676 66.50 -20.18 62.27
C LYS Y 676 66.79 -21.69 62.45
N LYS Y 677 66.37 -22.50 61.49
CA LYS Y 677 66.58 -23.98 61.49
C LYS Y 677 68.02 -24.48 61.23
N GLU Y 678 68.41 -25.55 61.91
CA GLU Y 678 69.69 -26.24 61.64
C GLU Y 678 69.66 -26.96 60.27
N ASN Y 679 70.74 -26.93 59.50
CA ASN Y 679 70.88 -27.63 58.18
C ASN Y 679 72.17 -28.47 58.17
N SER Y 680 72.52 -29.15 59.25
CA SER Y 680 73.79 -29.91 59.41
C SER Y 680 73.96 -31.19 58.56
N LYS Y 681 75.17 -31.47 58.06
CA LYS Y 681 75.50 -32.73 57.37
C LYS Y 681 76.40 -33.62 58.25
N ARG Y 682 76.62 -33.31 59.53
CA ARG Y 682 77.41 -34.12 60.51
C ARG Y 682 76.82 -35.54 60.79
N TRP Y 683 77.53 -36.61 60.44
CA TRP Y 683 77.11 -38.02 60.63
C TRP Y 683 76.97 -38.50 62.07
N ASN Y 684 77.93 -38.16 62.91
CA ASN Y 684 77.98 -38.56 64.34
C ASN Y 684 77.01 -37.75 65.21
N PRO Y 685 76.57 -38.31 66.36
CA PRO Y 685 75.74 -37.58 67.31
C PRO Y 685 76.32 -36.35 68.06
N GLU Y 686 75.54 -35.30 68.20
CA GLU Y 686 75.87 -34.04 68.92
C GLU Y 686 75.69 -33.97 70.45
N ILE Y 687 76.31 -33.00 71.10
CA ILE Y 687 76.09 -32.65 72.53
C ILE Y 687 74.70 -31.98 72.72
N GLN Y 688 73.98 -32.31 73.80
CA GLN Y 688 72.63 -31.77 74.13
C GLN Y 688 72.48 -31.46 75.61
N TYR Y 689 71.70 -30.46 75.99
CA TYR Y 689 71.36 -30.22 77.42
C TYR Y 689 70.39 -31.34 77.90
N THR Y 690 70.69 -31.93 79.04
CA THR Y 690 69.87 -33.03 79.57
C THR Y 690 69.65 -32.85 81.05
N ASN Y 691 68.59 -33.44 81.58
CA ASN Y 691 68.39 -33.47 83.04
C ASN Y 691 69.17 -34.69 83.51
N ASN Y 692 70.30 -34.49 84.17
CA ASN Y 692 71.22 -35.59 84.54
C ASN Y 692 71.77 -35.31 85.93
N TYR Y 693 71.44 -36.15 86.88
CA TYR Y 693 71.81 -35.92 88.31
C TYR Y 693 72.15 -37.28 88.89
N ASN Y 694 73.10 -37.37 89.81
CA ASN Y 694 73.38 -38.67 90.47
C ASN Y 694 72.76 -38.71 91.88
N ASP Y 695 71.90 -39.69 92.19
CA ASP Y 695 71.21 -39.86 93.51
C ASP Y 695 70.46 -38.59 93.95
N PRO Y 696 69.59 -37.96 93.13
CA PRO Y 696 68.96 -36.69 93.53
C PRO Y 696 68.04 -36.67 94.77
N GLN Y 697 68.20 -35.66 95.62
CA GLN Y 697 67.35 -35.51 96.84
C GLN Y 697 66.18 -34.56 96.61
N PHE Y 698 66.13 -33.92 95.46
CA PHE Y 698 65.07 -32.93 95.13
C PHE Y 698 64.99 -32.90 93.64
N VAL Y 699 63.90 -32.38 93.10
CA VAL Y 699 63.85 -32.14 91.65
C VAL Y 699 64.25 -30.69 91.41
N ASP Y 700 65.24 -30.44 90.57
CA ASP Y 700 65.64 -29.08 90.13
C ASP Y 700 64.55 -28.44 89.27
N PHE Y 701 64.41 -27.10 89.29
CA PHE Y 701 63.35 -26.32 88.56
C PHE Y 701 61.94 -26.69 89.04
N ALA Y 702 61.80 -26.93 90.32
CA ALA Y 702 60.51 -27.30 90.95
C ALA Y 702 60.44 -26.69 92.35
N PRO Y 703 59.24 -26.53 92.95
CA PRO Y 703 59.12 -26.12 94.35
C PRO Y 703 59.59 -27.15 95.40
N ASP Y 704 60.05 -26.70 96.55
CA ASP Y 704 60.44 -27.62 97.66
C ASP Y 704 59.31 -27.83 98.68
N SER Y 705 59.61 -28.50 99.80
CA SER Y 705 58.60 -28.79 100.86
C SER Y 705 58.04 -27.49 101.46
N THR Y 706 58.84 -26.44 101.64
CA THR Y 706 58.39 -25.08 102.06
C THR Y 706 57.68 -24.30 100.95
N GLY Y 707 57.75 -24.71 99.68
CA GLY Y 707 57.21 -23.93 98.56
C GLY Y 707 58.15 -22.99 97.82
N GLU Y 708 59.44 -23.01 98.13
CA GLU Y 708 60.45 -22.15 97.45
C GLU Y 708 61.03 -22.82 96.19
N TYR Y 709 61.05 -22.10 95.06
CA TYR Y 709 61.57 -22.59 93.76
C TYR Y 709 63.10 -22.80 93.79
N ARG Y 710 63.55 -23.88 93.15
CA ARG Y 710 65.00 -24.21 93.13
C ARG Y 710 65.52 -24.15 91.70
N SER Y 711 66.61 -23.40 91.46
CA SER Y 711 67.25 -23.27 90.13
C SER Y 711 68.78 -23.41 90.27
N THR Y 712 69.33 -24.59 90.47
CA THR Y 712 70.78 -24.90 90.69
C THR Y 712 71.70 -24.56 89.52
N ARG Y 713 71.30 -24.71 88.26
CA ARG Y 713 72.24 -24.58 87.10
C ARG Y 713 71.97 -23.40 86.14
N PRO Y 714 73.00 -22.65 85.68
CA PRO Y 714 72.84 -21.67 84.61
C PRO Y 714 72.70 -22.30 83.19
N ILE Y 715 71.80 -21.83 82.33
CA ILE Y 715 71.71 -22.52 81.00
C ILE Y 715 71.98 -21.58 79.81
N GLY Y 716 72.98 -21.92 79.00
CA GLY Y 716 73.36 -21.22 77.76
C GLY Y 716 72.64 -21.75 76.54
N THR Y 717 72.87 -21.16 75.39
CA THR Y 717 72.25 -21.60 74.13
C THR Y 717 73.12 -22.44 73.19
N ARG Y 718 74.42 -22.65 73.39
CA ARG Y 718 75.26 -23.31 72.33
C ARG Y 718 75.57 -24.80 72.59
N TYR Y 719 74.84 -25.69 71.93
CA TYR Y 719 75.04 -27.18 72.05
C TYR Y 719 75.29 -27.75 70.68
N LEU Y 720 74.71 -27.14 69.65
CA LEU Y 720 74.91 -27.53 68.23
C LEU Y 720 76.27 -27.04 67.71
N THR Y 721 76.77 -27.69 66.68
CA THR Y 721 78.09 -27.41 66.13
C THR Y 721 77.99 -27.12 64.65
N ARG Y 722 78.80 -26.20 64.16
CA ARG Y 722 78.85 -25.91 62.70
C ARG Y 722 80.30 -25.79 62.22
N PRO Y 723 80.64 -26.17 60.96
CA PRO Y 723 81.95 -25.91 60.38
C PRO Y 723 82.19 -24.41 60.07
N LEU Y 724 83.43 -23.94 60.13
CA LEU Y 724 83.75 -22.50 59.90
C LEU Y 724 83.47 -22.09 58.45
N ASP Z 209 -60.40 -6.75 65.92
CA ASP Z 209 -61.09 -6.22 64.71
C ASP Z 209 -62.49 -5.68 65.06
N GLY Z 210 -63.48 -6.52 65.34
CA GLY Z 210 -64.85 -5.99 65.49
C GLY Z 210 -65.82 -6.74 66.37
N VAL Z 211 -66.95 -6.10 66.68
CA VAL Z 211 -68.06 -6.70 67.47
C VAL Z 211 -68.68 -7.92 66.74
N GLY Z 212 -68.82 -7.89 65.42
CA GLY Z 212 -69.47 -8.95 64.63
C GLY Z 212 -68.54 -9.99 64.09
N ASN Z 213 -67.25 -9.92 64.38
CA ASN Z 213 -66.27 -10.84 63.76
C ASN Z 213 -65.66 -11.76 64.82
N ALA Z 214 -65.61 -13.07 64.55
CA ALA Z 214 -64.99 -14.05 65.47
C ALA Z 214 -63.45 -14.03 65.46
N SER Z 215 -62.82 -13.97 66.63
CA SER Z 215 -61.35 -13.98 66.87
C SER Z 215 -60.65 -15.31 66.55
N GLY Z 216 -61.28 -16.46 66.78
CA GLY Z 216 -60.71 -17.79 66.53
C GLY Z 216 -61.70 -18.91 66.31
N ASP Z 217 -61.22 -20.11 66.00
CA ASP Z 217 -62.05 -21.33 65.72
C ASP Z 217 -61.76 -22.50 66.66
N TRP Z 218 -62.71 -23.43 66.80
CA TRP Z 218 -62.58 -24.63 67.67
C TRP Z 218 -61.67 -25.71 67.06
N HIS Z 219 -60.63 -26.10 67.79
CA HIS Z 219 -59.77 -27.22 67.36
C HIS Z 219 -59.64 -28.28 68.47
N CYS Z 220 -60.21 -29.47 68.30
CA CYS Z 220 -59.99 -30.58 69.28
C CYS Z 220 -59.56 -31.81 68.46
N ASP Z 221 -58.30 -32.22 68.51
CA ASP Z 221 -57.82 -33.33 67.64
C ASP Z 221 -56.52 -34.01 68.07
N SER Z 222 -56.23 -35.22 67.57
CA SER Z 222 -54.92 -35.89 67.76
C SER Z 222 -54.39 -36.27 66.37
N THR Z 223 -53.12 -36.01 66.08
CA THR Z 223 -52.49 -36.48 64.82
C THR Z 223 -51.27 -37.32 65.16
N TRP Z 224 -51.17 -38.52 64.62
CA TRP Z 224 -50.03 -39.45 64.86
C TRP Z 224 -49.18 -39.53 63.60
N MET Z 225 -47.91 -39.19 63.70
CA MET Z 225 -46.96 -39.17 62.56
C MET Z 225 -45.63 -39.87 62.87
N GLY Z 226 -45.53 -41.20 62.87
CA GLY Z 226 -44.28 -41.88 63.26
C GLY Z 226 -43.88 -41.66 64.70
N ASP Z 227 -42.71 -41.10 64.95
CA ASP Z 227 -42.17 -40.83 66.32
C ASP Z 227 -42.89 -39.67 67.04
N ARG Z 228 -43.71 -38.87 66.37
CA ARG Z 228 -44.36 -37.68 66.97
C ARG Z 228 -45.90 -37.76 67.04
N VAL Z 229 -46.49 -37.33 68.14
CA VAL Z 229 -47.98 -37.19 68.25
C VAL Z 229 -48.27 -35.73 68.63
N VAL Z 230 -49.23 -35.08 67.97
CA VAL Z 230 -49.68 -33.68 68.30
C VAL Z 230 -51.11 -33.72 68.89
N THR Z 231 -51.31 -33.08 70.05
CA THR Z 231 -52.64 -33.01 70.69
C THR Z 231 -53.18 -31.58 70.68
N LYS Z 232 -54.44 -31.39 70.28
CA LYS Z 232 -55.14 -30.07 70.31
C LYS Z 232 -56.36 -30.16 71.23
N SER Z 233 -56.54 -29.20 72.12
CA SER Z 233 -57.69 -29.18 73.08
C SER Z 233 -58.31 -27.78 73.14
N THR Z 234 -59.64 -27.68 73.03
CA THR Z 234 -60.38 -26.40 73.13
C THR Z 234 -61.43 -26.48 74.25
N ARG Z 235 -61.51 -25.46 75.10
CA ARG Z 235 -62.52 -25.39 76.19
C ARG Z 235 -63.17 -23.99 76.32
N THR Z 236 -64.33 -23.91 76.95
CA THR Z 236 -65.03 -22.65 77.26
C THR Z 236 -64.87 -22.36 78.75
N TRP Z 237 -64.44 -21.15 79.12
CA TRP Z 237 -64.17 -20.73 80.52
C TRP Z 237 -65.01 -19.51 80.98
N VAL Z 238 -65.22 -19.40 82.28
CA VAL Z 238 -65.90 -18.23 82.92
C VAL Z 238 -64.93 -17.59 83.94
N LEU Z 239 -64.84 -16.25 83.97
CA LEU Z 239 -64.03 -15.54 85.01
C LEU Z 239 -64.86 -14.65 85.95
N PRO Z 240 -64.86 -14.94 87.26
CA PRO Z 240 -65.45 -14.04 88.25
C PRO Z 240 -64.62 -12.80 88.58
N SER Z 241 -65.24 -11.74 89.09
CA SER Z 241 -64.42 -10.60 89.60
C SER Z 241 -64.08 -10.88 91.07
N TYR Z 242 -62.92 -11.48 91.36
CA TYR Z 242 -62.53 -11.92 92.72
C TYR Z 242 -62.05 -10.81 93.64
N ASN Z 243 -62.53 -10.76 94.89
CA ASN Z 243 -62.05 -9.82 95.95
C ASN Z 243 -62.63 -8.43 95.76
N ASN Z 244 -63.57 -8.24 94.80
CA ASN Z 244 -64.15 -6.91 94.45
C ASN Z 244 -63.04 -5.92 94.08
N HIS Z 245 -62.05 -6.34 93.27
CA HIS Z 245 -60.93 -5.47 92.79
C HIS Z 245 -59.88 -5.11 93.85
N GLN Z 246 -59.73 -5.93 94.88
CA GLN Z 246 -58.81 -5.62 96.00
C GLN Z 246 -57.84 -6.77 96.33
N TYR Z 247 -56.71 -6.47 96.97
CA TYR Z 247 -55.71 -7.46 97.42
C TYR Z 247 -55.92 -7.61 98.90
N ARG Z 248 -56.01 -8.84 99.40
CA ARG Z 248 -56.30 -9.07 100.84
C ARG Z 248 -55.21 -9.89 101.56
N GLU Z 249 -54.79 -9.44 102.74
CA GLU Z 249 -53.85 -10.24 103.55
C GLU Z 249 -54.62 -11.44 104.16
N ILE Z 250 -54.05 -12.63 104.04
CA ILE Z 250 -54.68 -13.90 104.49
C ILE Z 250 -53.74 -14.61 105.48
N LYS Z 251 -54.28 -15.26 106.49
CA LYS Z 251 -53.41 -15.88 107.52
C LYS Z 251 -54.12 -17.01 108.26
N SER Z 252 -53.37 -17.94 108.82
CA SER Z 252 -53.99 -18.98 109.69
C SER Z 252 -53.15 -19.28 110.94
N GLY Z 253 -53.79 -19.58 112.05
CA GLY Z 253 -53.16 -20.15 113.26
C GLY Z 253 -53.25 -21.69 113.20
N SER Z 254 -52.93 -22.39 114.29
CA SER Z 254 -53.02 -23.89 114.37
C SER Z 254 -54.47 -24.39 114.22
N VAL Z 255 -54.70 -25.45 113.43
CA VAL Z 255 -56.06 -25.98 113.14
C VAL Z 255 -56.00 -27.52 113.15
N ASP Z 256 -57.04 -28.19 113.62
CA ASP Z 256 -57.11 -29.69 113.68
C ASP Z 256 -55.98 -30.23 114.56
N GLY Z 257 -55.57 -29.46 115.56
CA GLY Z 257 -54.47 -29.86 116.44
C GLY Z 257 -53.07 -29.61 115.90
N SER Z 258 -52.88 -28.98 114.73
CA SER Z 258 -51.49 -28.86 114.21
C SER Z 258 -50.98 -27.45 113.90
N ASN Z 259 -49.79 -27.08 114.39
CA ASN Z 259 -49.10 -25.79 114.05
C ASN Z 259 -48.52 -25.80 112.63
N ALA Z 260 -48.35 -26.95 111.98
CA ALA Z 260 -47.88 -27.11 110.57
C ALA Z 260 -48.92 -26.47 109.65
N ASN Z 261 -50.17 -26.43 110.08
CA ASN Z 261 -51.32 -25.72 109.43
C ASN Z 261 -51.14 -24.18 109.35
N ALA Z 262 -50.51 -23.50 110.31
CA ALA Z 262 -50.31 -22.02 110.33
C ALA Z 262 -49.54 -21.45 109.12
N TYR Z 263 -49.97 -20.31 108.60
CA TYR Z 263 -49.35 -19.63 107.42
C TYR Z 263 -49.66 -18.11 107.42
N PHE Z 264 -48.87 -17.33 106.69
CA PHE Z 264 -49.12 -15.89 106.43
C PHE Z 264 -49.08 -15.72 104.89
N GLY Z 265 -50.03 -15.00 104.29
CA GLY Z 265 -50.13 -14.87 102.82
C GLY Z 265 -50.97 -13.75 102.25
N TYR Z 266 -51.01 -13.65 100.92
CA TYR Z 266 -51.87 -12.68 100.19
C TYR Z 266 -52.87 -13.35 99.21
N SER Z 267 -54.11 -12.84 99.13
CA SER Z 267 -55.10 -13.28 98.11
C SER Z 267 -55.20 -12.16 97.06
N THR Z 268 -55.40 -12.51 95.81
CA THR Z 268 -55.33 -11.50 94.70
C THR Z 268 -56.62 -11.44 93.87
N PRO Z 269 -56.86 -10.33 93.17
CA PRO Z 269 -57.97 -10.16 92.23
C PRO Z 269 -57.95 -11.05 90.97
N TRP Z 270 -56.78 -11.50 90.53
CA TRP Z 270 -56.53 -12.34 89.33
C TRP Z 270 -56.90 -13.83 89.38
N GLY Z 271 -57.07 -14.42 88.20
CA GLY Z 271 -57.32 -15.86 88.01
C GLY Z 271 -56.28 -16.41 87.05
N TYR Z 272 -56.08 -17.70 87.05
CA TYR Z 272 -55.01 -18.33 86.22
C TYR Z 272 -55.52 -19.56 85.44
N PHE Z 273 -54.84 -19.92 84.36
CA PHE Z 273 -55.14 -21.14 83.56
C PHE Z 273 -54.14 -22.27 83.90
N ASP Z 274 -54.61 -23.46 84.26
CA ASP Z 274 -53.79 -24.66 84.59
C ASP Z 274 -54.06 -25.81 83.61
N PHE Z 275 -53.02 -26.33 82.96
CA PHE Z 275 -53.15 -27.51 82.05
C PHE Z 275 -52.33 -28.74 82.54
N ASN Z 276 -51.84 -28.80 83.79
CA ASN Z 276 -50.95 -29.92 84.20
C ASN Z 276 -51.75 -31.18 84.63
N ARG Z 277 -52.58 -31.73 83.76
CA ARG Z 277 -53.27 -33.03 83.94
C ARG Z 277 -53.27 -33.68 82.54
N PHE Z 278 -53.05 -34.99 82.44
CA PHE Z 278 -53.03 -35.76 81.15
C PHE Z 278 -54.42 -35.77 80.43
N HIS Z 279 -55.53 -35.90 81.15
CA HIS Z 279 -56.94 -35.96 80.63
C HIS Z 279 -57.29 -34.64 79.92
N SER Z 280 -56.62 -33.54 80.26
CA SER Z 280 -56.75 -32.21 79.58
C SER Z 280 -56.32 -32.32 78.11
N HIS Z 281 -55.29 -33.08 77.78
CA HIS Z 281 -54.78 -33.28 76.40
C HIS Z 281 -55.11 -34.63 75.75
N TRP Z 282 -55.53 -35.65 76.49
CA TRP Z 282 -55.64 -37.02 75.94
C TRP Z 282 -57.02 -37.64 76.07
N SER Z 283 -57.55 -38.16 74.97
CA SER Z 283 -58.81 -38.95 75.00
C SER Z 283 -58.50 -40.32 75.64
N PRO Z 284 -59.49 -41.01 76.23
CA PRO Z 284 -59.26 -42.34 76.75
C PRO Z 284 -58.83 -43.35 75.69
N ARG Z 285 -59.39 -43.34 74.48
CA ARG Z 285 -58.91 -44.21 73.37
C ARG Z 285 -57.47 -43.90 72.93
N ASP Z 286 -57.07 -42.63 72.83
CA ASP Z 286 -55.69 -42.19 72.46
C ASP Z 286 -54.67 -42.64 73.52
N TRP Z 287 -55.02 -42.56 74.78
CA TRP Z 287 -54.17 -43.04 75.90
C TRP Z 287 -53.94 -44.55 75.82
N GLN Z 288 -54.95 -45.34 75.47
CA GLN Z 288 -54.84 -46.81 75.27
C GLN Z 288 -53.91 -47.15 74.10
N ARG Z 289 -53.96 -46.39 73.03
CA ARG Z 289 -53.06 -46.60 71.88
C ARG Z 289 -51.59 -46.38 72.27
N LEU Z 290 -51.26 -45.34 73.05
CA LEU Z 290 -49.89 -45.15 73.57
C LEU Z 290 -49.34 -46.19 74.57
N ILE Z 291 -50.14 -46.60 75.56
CA ILE Z 291 -49.72 -47.56 76.64
C ILE Z 291 -49.45 -48.95 76.07
N ASN Z 292 -50.28 -49.39 75.13
CA ASN Z 292 -50.17 -50.68 74.39
C ASN Z 292 -48.93 -50.79 73.49
N ASN Z 293 -48.49 -49.74 72.80
CA ASN Z 293 -47.46 -49.83 71.72
C ASN Z 293 -46.10 -49.16 71.88
N TYR Z 294 -45.82 -48.44 72.96
CA TYR Z 294 -44.56 -47.65 73.05
C TYR Z 294 -43.77 -47.86 74.33
N TRP Z 295 -42.45 -47.92 74.27
CA TRP Z 295 -41.55 -47.96 75.47
C TRP Z 295 -41.52 -46.65 76.30
N GLY Z 296 -41.56 -45.49 75.66
CA GLY Z 296 -41.47 -44.20 76.35
C GLY Z 296 -42.06 -43.02 75.64
N PHE Z 297 -42.30 -41.94 76.38
CA PHE Z 297 -42.80 -40.66 75.79
C PHE Z 297 -42.19 -39.45 76.52
N ARG Z 298 -42.06 -38.29 75.87
CA ARG Z 298 -41.60 -37.00 76.51
C ARG Z 298 -42.28 -35.77 75.87
N PRO Z 299 -42.56 -34.65 76.61
CA PRO Z 299 -43.03 -33.37 76.01
C PRO Z 299 -41.99 -32.53 75.23
N ARG Z 300 -42.38 -31.87 74.14
CA ARG Z 300 -41.43 -31.08 73.29
C ARG Z 300 -41.85 -29.61 73.16
N SER Z 301 -43.09 -29.34 72.79
CA SER Z 301 -43.54 -27.94 72.52
C SER Z 301 -44.95 -27.63 73.03
N LEU Z 302 -45.20 -26.38 73.40
CA LEU Z 302 -46.55 -25.92 73.82
C LEU Z 302 -46.99 -24.62 73.09
N ARG Z 303 -48.23 -24.54 72.61
CA ARG Z 303 -48.83 -23.29 72.04
C ARG Z 303 -50.18 -22.98 72.73
N VAL Z 304 -50.39 -21.73 73.17
CA VAL Z 304 -51.67 -21.30 73.82
C VAL Z 304 -52.35 -20.10 73.11
N LYS Z 305 -53.67 -20.17 72.85
CA LYS Z 305 -54.47 -19.04 72.31
C LYS Z 305 -55.71 -18.73 73.19
N ILE Z 306 -55.96 -17.45 73.50
CA ILE Z 306 -57.20 -16.99 74.24
C ILE Z 306 -58.00 -16.08 73.29
N PHE Z 307 -59.30 -16.33 73.08
CA PHE Z 307 -60.12 -15.68 72.02
C PHE Z 307 -61.63 -15.66 72.29
N ASN Z 308 -62.43 -14.93 71.48
CA ASN Z 308 -63.93 -14.80 71.56
C ASN Z 308 -64.39 -14.25 72.90
N ILE Z 309 -63.69 -13.24 73.40
CA ILE Z 309 -63.96 -12.61 74.70
C ILE Z 309 -65.34 -11.90 74.78
N GLN Z 310 -66.07 -12.08 75.87
CA GLN Z 310 -67.38 -11.45 76.09
C GLN Z 310 -67.47 -10.94 77.54
N VAL Z 311 -67.67 -9.64 77.71
CA VAL Z 311 -67.76 -9.01 79.06
C VAL Z 311 -69.24 -8.68 79.32
N LYS Z 312 -69.75 -9.08 80.49
CA LYS Z 312 -71.17 -8.90 80.88
C LYS Z 312 -71.32 -8.07 82.15
N GLU Z 313 -72.33 -7.21 82.20
CA GLU Z 313 -72.61 -6.41 83.42
C GLU Z 313 -73.89 -6.94 84.09
N VAL Z 314 -73.84 -7.11 85.40
CA VAL Z 314 -75.00 -7.66 86.15
C VAL Z 314 -75.57 -6.52 87.01
N THR Z 315 -76.88 -6.30 86.93
CA THR Z 315 -77.53 -5.22 87.69
C THR Z 315 -78.71 -5.77 88.46
N VAL Z 316 -78.89 -5.34 89.70
CA VAL Z 316 -80.10 -5.77 90.44
C VAL Z 316 -80.98 -4.57 90.82
N GLN Z 317 -82.25 -4.56 90.42
CA GLN Z 317 -83.20 -3.52 90.92
C GLN Z 317 -84.38 -4.28 91.55
N ASP Z 318 -84.59 -4.12 92.86
CA ASP Z 318 -85.78 -4.75 93.51
C ASP Z 318 -85.80 -6.25 93.23
N SER Z 319 -84.64 -6.94 93.21
CA SER Z 319 -84.56 -8.42 93.06
C SER Z 319 -84.72 -8.95 91.62
N THR Z 320 -84.80 -8.10 90.59
CA THR Z 320 -84.85 -8.56 89.16
C THR Z 320 -83.59 -9.28 88.67
N THR Z 321 -82.37 -8.86 89.00
CA THR Z 321 -81.09 -9.44 88.46
C THR Z 321 -80.93 -9.51 86.92
N THR Z 322 -81.14 -8.42 86.16
CA THR Z 322 -80.85 -8.38 84.70
C THR Z 322 -79.36 -8.51 84.34
N ILE Z 323 -79.02 -9.21 83.25
CA ILE Z 323 -77.62 -9.37 82.74
C ILE Z 323 -77.50 -8.79 81.31
N ALA Z 324 -76.48 -7.99 81.03
CA ALA Z 324 -76.30 -7.34 79.70
C ALA Z 324 -74.84 -7.31 79.22
N ASN Z 325 -74.64 -7.26 77.92
CA ASN Z 325 -73.28 -7.09 77.34
C ASN Z 325 -72.69 -5.69 77.52
N ASN Z 326 -71.40 -5.58 77.86
CA ASN Z 326 -70.72 -4.25 77.84
C ASN Z 326 -69.64 -4.35 76.76
N LEU Z 327 -69.81 -3.68 75.63
CA LEU Z 327 -68.87 -3.67 74.46
C LEU Z 327 -67.51 -3.01 74.73
N THR Z 328 -67.49 -1.93 75.50
CA THR Z 328 -66.27 -1.12 75.73
C THR Z 328 -65.41 -1.62 76.90
N SER Z 329 -65.84 -2.62 77.69
CA SER Z 329 -65.07 -3.21 78.81
C SER Z 329 -63.85 -4.06 78.38
N THR Z 330 -62.81 -4.16 79.21
CA THR Z 330 -61.55 -4.87 78.87
C THR Z 330 -61.19 -6.01 79.81
N VAL Z 331 -60.39 -6.93 79.32
CA VAL Z 331 -59.80 -8.04 80.12
C VAL Z 331 -58.27 -7.84 80.03
N GLN Z 332 -57.51 -8.15 81.09
CA GLN Z 332 -56.02 -8.02 81.14
C GLN Z 332 -55.29 -9.37 81.26
N VAL Z 333 -54.33 -9.65 80.40
CA VAL Z 333 -53.61 -10.97 80.33
C VAL Z 333 -52.08 -10.81 80.32
N PHE Z 334 -51.35 -11.64 81.06
CA PHE Z 334 -49.85 -11.69 81.05
C PHE Z 334 -49.27 -13.09 81.34
N THR Z 335 -48.03 -13.32 80.93
CA THR Z 335 -47.29 -14.57 81.26
C THR Z 335 -46.05 -14.22 82.10
N ASP Z 336 -45.79 -14.97 83.17
CA ASP Z 336 -44.58 -14.76 84.05
C ASP Z 336 -43.36 -15.50 83.51
N ASP Z 337 -42.72 -14.98 82.49
CA ASP Z 337 -41.57 -15.61 81.78
C ASP Z 337 -40.27 -15.80 82.60
N ASP Z 338 -39.89 -14.86 83.47
CA ASP Z 338 -38.63 -14.90 84.27
C ASP Z 338 -38.81 -15.55 85.64
N TYR Z 339 -39.97 -16.08 85.99
CA TYR Z 339 -40.25 -16.84 87.24
C TYR Z 339 -40.09 -15.97 88.48
N GLN Z 340 -40.37 -14.69 88.38
CA GLN Z 340 -40.38 -13.73 89.50
C GLN Z 340 -41.47 -14.05 90.54
N LEU Z 341 -42.64 -14.44 90.11
CA LEU Z 341 -43.77 -14.82 91.00
C LEU Z 341 -43.64 -16.19 91.64
N PRO Z 342 -44.26 -16.42 92.81
CA PRO Z 342 -44.35 -17.77 93.33
C PRO Z 342 -45.14 -18.70 92.39
N TYR Z 343 -44.65 -19.92 92.11
CA TYR Z 343 -45.29 -20.86 91.14
C TYR Z 343 -46.15 -21.89 91.89
N VAL Z 344 -47.44 -21.81 91.70
CA VAL Z 344 -48.39 -22.68 92.46
C VAL Z 344 -48.95 -23.80 91.56
N VAL Z 345 -48.57 -23.85 90.28
CA VAL Z 345 -49.13 -24.82 89.28
C VAL Z 345 -48.83 -26.33 89.56
N GLY Z 346 -47.70 -26.74 90.08
CA GLY Z 346 -47.29 -28.17 90.18
C GLY Z 346 -47.56 -28.89 91.48
N ASN Z 347 -48.53 -28.47 92.29
CA ASN Z 347 -48.81 -28.96 93.67
C ASN Z 347 -50.09 -29.81 93.81
N GLY Z 348 -50.63 -30.46 92.75
CA GLY Z 348 -51.84 -31.32 92.76
C GLY Z 348 -53.14 -30.66 93.14
N THR Z 349 -53.34 -29.44 92.71
CA THR Z 349 -54.55 -28.66 93.04
C THR Z 349 -55.58 -28.66 91.92
N GLU Z 350 -56.84 -28.48 92.27
CA GLU Z 350 -58.00 -28.40 91.34
C GLU Z 350 -58.10 -27.10 90.52
N GLY Z 351 -58.91 -27.07 89.46
CA GLY Z 351 -59.00 -25.92 88.52
C GLY Z 351 -58.36 -26.06 87.16
N CYS Z 352 -57.83 -27.22 86.79
CA CYS Z 352 -57.30 -27.52 85.43
C CYS Z 352 -58.42 -27.67 84.39
N LEU Z 353 -58.08 -27.59 83.11
CA LEU Z 353 -59.08 -27.77 82.02
C LEU Z 353 -59.72 -29.17 82.16
N PRO Z 354 -61.04 -29.27 81.92
CA PRO Z 354 -61.74 -30.54 82.08
C PRO Z 354 -61.42 -31.72 81.14
N ALA Z 355 -61.57 -32.96 81.63
CA ALA Z 355 -61.36 -34.21 80.84
C ALA Z 355 -62.33 -34.28 79.64
N PHE Z 356 -63.58 -33.87 79.79
CA PHE Z 356 -64.61 -33.97 78.71
C PHE Z 356 -64.72 -32.63 78.01
N PRO Z 357 -64.52 -32.55 76.66
CA PRO Z 357 -64.55 -31.29 75.89
C PRO Z 357 -65.76 -30.34 76.00
N PRO Z 358 -67.03 -30.81 76.04
CA PRO Z 358 -68.22 -29.99 76.25
C PRO Z 358 -68.36 -29.28 77.61
N GLN Z 359 -67.72 -29.76 78.66
CA GLN Z 359 -67.82 -29.18 80.04
C GLN Z 359 -67.28 -27.74 80.12
N VAL Z 360 -67.97 -26.89 80.86
CA VAL Z 360 -67.60 -25.44 80.97
C VAL Z 360 -67.05 -25.21 82.38
N PHE Z 361 -65.95 -24.49 82.50
CA PHE Z 361 -65.26 -24.38 83.82
C PHE Z 361 -64.95 -22.96 84.36
N THR Z 362 -65.01 -22.83 85.68
CA THR Z 362 -64.57 -21.60 86.38
C THR Z 362 -63.06 -21.60 86.62
N LEU Z 363 -62.37 -20.50 86.31
CA LEU Z 363 -60.92 -20.33 86.63
C LEU Z 363 -60.64 -20.18 88.12
N PRO Z 364 -59.57 -20.83 88.63
CA PRO Z 364 -59.15 -20.63 90.02
C PRO Z 364 -58.57 -19.23 90.37
N GLN Z 365 -58.82 -18.75 91.59
CA GLN Z 365 -58.19 -17.48 92.07
C GLN Z 365 -56.73 -17.68 92.53
N TYR Z 366 -55.81 -16.81 92.11
CA TYR Z 366 -54.38 -16.79 92.54
C TYR Z 366 -54.15 -16.31 93.98
N GLY Z 367 -53.25 -16.97 94.69
CA GLY Z 367 -52.88 -16.66 96.08
C GLY Z 367 -51.57 -17.33 96.36
N TYR Z 368 -50.91 -16.97 97.46
CA TYR Z 368 -49.60 -17.58 97.86
C TYR Z 368 -49.37 -17.49 99.34
N ALA Z 369 -48.49 -18.33 99.86
CA ALA Z 369 -48.01 -18.22 101.25
C ALA Z 369 -46.56 -17.76 101.26
N THR Z 370 -46.22 -16.76 102.08
CA THR Z 370 -44.82 -16.32 102.32
C THR Z 370 -44.37 -16.88 103.66
N LEU Z 371 -43.38 -16.27 104.30
CA LEU Z 371 -42.89 -16.67 105.64
C LEU Z 371 -43.84 -16.32 106.81
N ASN Z 372 -43.83 -17.16 107.83
CA ASN Z 372 -44.67 -16.98 109.04
C ASN Z 372 -43.71 -17.08 110.24
N ARG Z 373 -44.02 -16.43 111.36
CA ARG Z 373 -43.07 -16.38 112.49
C ARG Z 373 -43.41 -17.35 113.63
N ASP Z 374 -42.48 -18.23 113.99
CA ASP Z 374 -42.60 -19.20 115.13
C ASP Z 374 -43.82 -20.13 115.07
N ASN Z 375 -44.19 -20.65 113.90
CA ASN Z 375 -45.38 -21.54 113.72
C ASN Z 375 -46.66 -20.83 114.20
N THR Z 376 -46.82 -19.53 113.87
CA THR Z 376 -47.98 -18.68 114.22
C THR Z 376 -48.47 -17.92 112.98
N GLU Z 377 -49.62 -17.22 113.01
CA GLU Z 377 -50.21 -16.47 111.86
C GLU Z 377 -49.46 -15.16 111.50
N ASN Z 378 -48.58 -14.65 112.38
CA ASN Z 378 -47.78 -13.43 112.18
C ASN Z 378 -46.65 -13.52 111.13
N PRO Z 379 -46.38 -12.43 110.40
CA PRO Z 379 -45.23 -12.31 109.49
C PRO Z 379 -43.80 -12.03 110.07
N THR Z 380 -42.78 -12.09 109.23
CA THR Z 380 -41.36 -11.82 109.55
C THR Z 380 -40.88 -10.68 108.69
N GLU Z 381 -39.73 -10.08 108.99
CA GLU Z 381 -39.08 -9.02 108.17
C GLU Z 381 -38.71 -9.54 106.78
N ARG Z 382 -38.30 -10.78 106.64
CA ARG Z 382 -38.02 -11.47 105.35
C ARG Z 382 -39.30 -11.70 104.51
N SER Z 383 -40.49 -11.70 105.10
CA SER Z 383 -41.79 -11.96 104.41
C SER Z 383 -42.03 -10.94 103.30
N SER Z 384 -42.51 -11.38 102.13
CA SER Z 384 -42.60 -10.58 100.87
C SER Z 384 -44.01 -10.37 100.31
N PHE Z 385 -44.25 -9.19 99.77
CA PHE Z 385 -45.52 -8.85 99.08
C PHE Z 385 -45.23 -8.68 97.59
N PHE Z 386 -46.05 -9.28 96.76
CA PHE Z 386 -45.91 -9.15 95.28
C PHE Z 386 -47.17 -8.53 94.67
N CYS Z 387 -47.02 -7.48 93.86
CA CYS Z 387 -48.12 -6.84 93.09
C CYS Z 387 -48.12 -7.32 91.61
N LEU Z 388 -49.21 -7.88 91.10
CA LEU Z 388 -49.38 -8.33 89.68
C LEU Z 388 -49.44 -7.13 88.71
N GLU Z 389 -50.04 -6.02 89.13
CA GLU Z 389 -50.21 -4.79 88.31
C GLU Z 389 -48.86 -4.11 88.05
N TYR Z 390 -47.83 -4.42 88.82
CA TYR Z 390 -46.43 -3.95 88.60
C TYR Z 390 -45.89 -4.52 87.27
N PHE Z 391 -46.18 -5.75 86.90
CA PHE Z 391 -45.80 -6.33 85.59
C PHE Z 391 -46.58 -5.71 84.42
N PRO Z 392 -46.01 -5.61 83.20
CA PRO Z 392 -46.81 -5.26 82.02
C PRO Z 392 -47.85 -6.32 81.50
N SER Z 393 -49.06 -5.91 81.08
CA SER Z 393 -50.12 -6.83 80.57
C SER Z 393 -50.82 -6.35 79.28
N LYS Z 394 -51.24 -7.27 78.42
CA LYS Z 394 -52.07 -6.94 77.24
C LYS Z 394 -53.52 -6.60 77.66
N MET Z 395 -54.15 -5.62 77.02
CA MET Z 395 -55.57 -5.25 77.30
C MET Z 395 -56.46 -5.66 76.12
N LEU Z 396 -57.53 -6.40 76.39
CA LEU Z 396 -58.40 -6.90 75.28
C LEU Z 396 -59.87 -6.51 75.37
N ARG Z 397 -60.42 -5.98 74.30
CA ARG Z 397 -61.87 -5.78 74.12
C ARG Z 397 -62.45 -7.05 73.39
N THR Z 398 -63.75 -7.10 73.09
CA THR Z 398 -64.48 -8.24 72.42
C THR Z 398 -63.87 -8.66 71.08
N GLY Z 399 -63.38 -7.76 70.24
CA GLY Z 399 -62.61 -8.02 69.00
C GLY Z 399 -61.26 -8.69 69.16
N ASN Z 400 -60.51 -8.40 70.22
CA ASN Z 400 -59.09 -8.82 70.48
C ASN Z 400 -58.80 -10.27 70.89
N ASN Z 401 -57.59 -10.75 70.65
CA ASN Z 401 -57.12 -12.13 70.97
C ASN Z 401 -55.69 -12.11 71.55
N PHE Z 402 -55.28 -13.17 72.29
CA PHE Z 402 -53.90 -13.32 72.83
C PHE Z 402 -53.26 -14.67 72.43
N GLU Z 403 -51.98 -14.69 72.08
CA GLU Z 403 -51.25 -15.96 71.77
C GLU Z 403 -49.88 -16.08 72.49
N PHE Z 404 -49.47 -17.30 72.89
CA PHE Z 404 -48.13 -17.57 73.48
C PHE Z 404 -47.51 -18.90 72.92
N THR Z 405 -46.18 -19.00 72.84
CA THR Z 405 -45.45 -20.25 72.41
C THR Z 405 -44.35 -20.60 73.41
N TYR Z 406 -44.14 -21.90 73.70
CA TYR Z 406 -43.08 -22.37 74.63
C TYR Z 406 -42.34 -23.61 74.10
N ASN Z 407 -41.05 -23.77 74.41
CA ASN Z 407 -40.25 -25.00 74.10
C ASN Z 407 -39.78 -25.65 75.40
N PHE Z 408 -39.97 -26.94 75.53
CA PHE Z 408 -39.53 -27.69 76.74
C PHE Z 408 -38.02 -27.92 76.66
N GLU Z 409 -37.33 -27.94 77.80
CA GLU Z 409 -35.88 -28.30 77.88
C GLU Z 409 -35.69 -29.81 77.65
N GLU Z 410 -34.49 -30.25 77.27
CA GLU Z 410 -34.24 -31.70 77.15
C GLU Z 410 -34.48 -32.40 78.50
N VAL Z 411 -35.22 -33.49 78.47
CA VAL Z 411 -35.61 -34.23 79.70
C VAL Z 411 -35.54 -35.72 79.33
N PRO Z 412 -35.30 -36.64 80.28
CA PRO Z 412 -35.39 -38.07 79.97
C PRO Z 412 -36.80 -38.59 79.67
N PHE Z 413 -36.97 -39.57 78.78
CA PHE Z 413 -38.28 -40.19 78.46
C PHE Z 413 -38.83 -40.93 79.68
N HIS Z 414 -40.14 -40.87 79.95
CA HIS Z 414 -40.78 -41.72 80.98
C HIS Z 414 -40.70 -43.19 80.52
N SER Z 415 -40.52 -44.12 81.46
CA SER Z 415 -40.45 -45.56 81.12
C SER Z 415 -41.81 -46.26 81.19
N SER Z 416 -42.45 -46.50 80.05
CA SER Z 416 -43.74 -47.22 79.95
C SER Z 416 -43.51 -48.73 79.73
N PHE Z 417 -42.93 -49.42 80.68
CA PHE Z 417 -42.66 -50.87 80.57
C PHE Z 417 -42.52 -51.45 81.96
N ALA Z 418 -42.71 -52.76 82.07
CA ALA Z 418 -42.52 -53.49 83.33
C ALA Z 418 -41.36 -54.46 83.12
N PRO Z 419 -40.45 -54.61 84.11
CA PRO Z 419 -39.39 -55.61 84.02
C PRO Z 419 -39.83 -57.09 83.98
N SER Z 420 -39.20 -57.86 83.10
CA SER Z 420 -39.49 -59.32 82.97
C SER Z 420 -38.50 -60.19 83.79
N GLN Z 421 -37.55 -59.58 84.50
CA GLN Z 421 -36.61 -60.33 85.39
C GLN Z 421 -36.46 -59.71 86.77
N ASN Z 422 -36.26 -60.53 87.81
CA ASN Z 422 -35.88 -60.09 89.18
C ASN Z 422 -34.43 -59.61 89.20
N LEU Z 423 -34.11 -58.56 89.99
CA LEU Z 423 -32.76 -57.95 90.12
C LEU Z 423 -31.75 -58.96 90.71
N PHE Z 424 -32.19 -59.80 91.65
CA PHE Z 424 -31.34 -60.83 92.29
C PHE Z 424 -31.27 -62.21 91.54
N LYS Z 425 -31.95 -62.45 90.42
CA LYS Z 425 -31.99 -63.76 89.69
C LYS Z 425 -31.30 -63.68 88.29
N LEU Z 426 -30.25 -62.89 88.08
CA LEU Z 426 -29.62 -62.63 86.76
C LEU Z 426 -28.50 -63.62 86.33
N ALA Z 427 -28.00 -64.45 87.23
CA ALA Z 427 -27.02 -65.50 86.88
C ALA Z 427 -27.71 -66.57 86.04
N ASN Z 428 -26.98 -67.23 85.13
CA ASN Z 428 -27.54 -68.35 84.35
C ASN Z 428 -27.96 -69.44 85.34
N PRO Z 429 -29.18 -70.01 85.19
CA PRO Z 429 -29.66 -71.09 86.03
C PRO Z 429 -28.85 -72.42 85.93
N LEU Z 430 -28.36 -72.82 84.75
CA LEU Z 430 -27.50 -73.99 84.43
C LEU Z 430 -26.07 -73.99 85.01
N VAL Z 431 -25.40 -72.85 85.08
CA VAL Z 431 -23.95 -72.80 85.45
C VAL Z 431 -23.60 -72.29 86.88
N ASP Z 432 -22.72 -72.99 87.59
CA ASP Z 432 -22.17 -72.58 88.91
C ASP Z 432 -21.19 -71.41 88.86
N GLN Z 433 -21.14 -70.60 89.90
CA GLN Z 433 -20.15 -69.50 90.06
C GLN Z 433 -18.73 -69.99 90.41
N TYR Z 434 -17.66 -69.29 90.01
CA TYR Z 434 -16.27 -69.60 90.47
C TYR Z 434 -15.97 -68.90 91.83
N LEU Z 435 -16.97 -68.67 92.66
CA LEU Z 435 -16.85 -67.89 93.91
C LEU Z 435 -17.33 -68.71 95.11
N TYR Z 436 -16.78 -68.43 96.28
CA TYR Z 436 -17.07 -69.24 97.48
C TYR Z 436 -17.53 -68.38 98.65
N ARG Z 437 -18.28 -68.99 99.57
CA ARG Z 437 -18.86 -68.27 100.73
C ARG Z 437 -18.52 -68.99 102.05
N PHE Z 438 -18.47 -68.23 103.14
CA PHE Z 438 -18.26 -68.83 104.48
C PHE Z 438 -19.57 -69.37 104.99
N VAL Z 439 -19.54 -70.63 105.40
CA VAL Z 439 -20.76 -71.25 105.93
C VAL Z 439 -20.63 -71.76 107.37
N SER Z 440 -19.41 -71.92 107.88
CA SER Z 440 -19.27 -72.66 109.16
C SER Z 440 -17.97 -72.49 109.96
N THR Z 441 -18.02 -72.89 111.21
CA THR Z 441 -16.82 -72.97 112.06
C THR Z 441 -16.83 -74.39 112.64
N ASN Z 442 -15.70 -75.05 112.81
CA ASN Z 442 -15.59 -76.43 113.41
C ASN Z 442 -15.55 -76.41 114.96
N ASN Z 443 -15.35 -77.56 115.62
CA ASN Z 443 -15.36 -77.67 117.11
C ASN Z 443 -14.26 -76.77 117.68
N THR Z 444 -13.08 -76.70 117.07
CA THR Z 444 -12.09 -75.65 117.39
C THR Z 444 -12.58 -74.60 116.44
N GLY Z 445 -12.66 -73.32 116.78
CA GLY Z 445 -13.41 -72.43 115.85
C GLY Z 445 -12.71 -72.07 114.56
N GLY Z 446 -12.51 -73.05 113.66
CA GLY Z 446 -11.79 -72.84 112.38
C GLY Z 446 -12.75 -72.66 111.23
N VAL Z 447 -12.54 -71.66 110.39
CA VAL Z 447 -13.47 -71.29 109.28
C VAL Z 447 -13.59 -72.33 108.16
N GLN Z 448 -14.79 -72.47 107.61
CA GLN Z 448 -15.09 -73.48 106.55
C GLN Z 448 -15.83 -72.81 105.39
N PHE Z 449 -15.64 -73.32 104.17
CA PHE Z 449 -16.20 -72.66 102.96
C PHE Z 449 -16.90 -73.64 102.01
N ASN Z 450 -17.87 -73.16 101.24
CA ASN Z 450 -18.59 -73.98 100.21
C ASN Z 450 -18.69 -73.18 98.92
N LYS Z 451 -18.66 -73.84 97.77
CA LYS Z 451 -18.87 -73.21 96.44
C LYS Z 451 -20.33 -72.81 96.18
N ASN Z 452 -20.55 -71.80 95.34
CA ASN Z 452 -21.91 -71.34 95.02
C ASN Z 452 -22.46 -72.12 93.81
N LEU Z 453 -23.54 -72.89 94.01
CA LEU Z 453 -24.18 -73.75 92.97
C LEU Z 453 -25.15 -73.04 92.01
N ALA Z 454 -25.41 -73.64 90.86
CA ALA Z 454 -26.35 -73.07 89.85
C ALA Z 454 -27.79 -72.96 90.35
N GLY Z 455 -28.42 -71.80 90.15
CA GLY Z 455 -29.82 -71.52 90.54
C GLY Z 455 -30.04 -71.18 92.00
N ARG Z 456 -28.99 -71.14 92.83
CA ARG Z 456 -29.10 -70.87 94.29
C ARG Z 456 -29.02 -69.34 94.52
N TYR Z 457 -30.08 -68.59 94.20
CA TYR Z 457 -30.17 -67.09 94.22
C TYR Z 457 -30.04 -66.54 95.64
N ALA Z 458 -30.44 -67.32 96.63
CA ALA Z 458 -30.27 -66.96 98.03
C ALA Z 458 -28.78 -66.76 98.38
N ASN Z 459 -27.85 -67.53 97.81
CA ASN Z 459 -26.40 -67.51 98.17
C ASN Z 459 -25.42 -67.05 97.07
N THR Z 460 -25.74 -66.15 96.18
CA THR Z 460 -24.96 -65.82 94.97
C THR Z 460 -24.37 -64.44 95.14
N TYR Z 461 -23.18 -64.18 94.63
CA TYR Z 461 -22.55 -62.84 94.65
C TYR Z 461 -23.36 -61.93 93.74
N LYS Z 462 -23.56 -60.69 94.15
CA LYS Z 462 -24.42 -59.74 93.41
C LYS Z 462 -23.71 -58.44 93.02
N ASN Z 463 -23.77 -58.01 91.78
CA ASN Z 463 -23.30 -56.66 91.31
C ASN Z 463 -24.11 -55.45 91.77
N TRP Z 464 -25.43 -55.54 91.84
CA TRP Z 464 -26.31 -54.37 91.95
C TRP Z 464 -27.31 -54.49 93.09
N PHE Z 465 -27.76 -53.35 93.58
CA PHE Z 465 -28.60 -53.32 94.80
C PHE Z 465 -29.88 -52.58 94.52
N PRO Z 466 -30.95 -52.90 95.26
CA PRO Z 466 -32.22 -52.19 95.19
C PRO Z 466 -32.23 -50.76 95.74
N GLY Z 467 -33.19 -49.95 95.31
CA GLY Z 467 -33.32 -48.53 95.69
C GLY Z 467 -33.78 -48.23 97.12
N PRO Z 468 -33.66 -46.97 97.56
CA PRO Z 468 -33.96 -46.59 98.95
C PRO Z 468 -35.38 -46.79 99.52
N MET Z 469 -35.48 -47.14 100.79
CA MET Z 469 -36.79 -47.47 101.40
C MET Z 469 -37.03 -46.85 102.79
N GLY Z 470 -38.25 -46.49 103.16
CA GLY Z 470 -38.63 -46.11 104.54
C GLY Z 470 -39.90 -46.87 104.93
N ARG Z 471 -39.99 -47.57 106.05
CA ARG Z 471 -41.20 -48.39 106.34
C ARG Z 471 -42.51 -47.57 106.54
N THR Z 472 -43.62 -47.99 105.91
CA THR Z 472 -44.95 -47.34 105.99
C THR Z 472 -46.00 -48.39 106.28
N GLN Z 473 -47.01 -48.09 107.10
CA GLN Z 473 -48.02 -49.08 107.55
C GLN Z 473 -48.86 -49.67 106.40
N GLY Z 474 -49.16 -50.97 106.47
CA GLY Z 474 -49.97 -51.66 105.46
C GLY Z 474 -51.38 -51.94 105.93
N TRP Z 475 -52.36 -51.62 105.10
CA TRP Z 475 -53.80 -51.85 105.41
C TRP Z 475 -54.47 -52.75 104.38
N ASN Z 476 -55.24 -53.73 104.83
CA ASN Z 476 -55.97 -54.67 103.93
C ASN Z 476 -57.19 -54.00 103.30
N LEU Z 477 -57.54 -54.37 102.08
CA LEU Z 477 -58.68 -53.81 101.31
C LEU Z 477 -59.57 -55.00 100.92
N GLY Z 478 -60.83 -54.78 100.56
CA GLY Z 478 -61.75 -55.90 100.26
C GLY Z 478 -62.03 -56.77 101.46
N SER Z 479 -61.71 -58.06 101.38
CA SER Z 479 -61.94 -58.99 102.51
C SER Z 479 -61.11 -58.52 103.72
N GLY Z 480 -59.87 -58.06 103.54
CA GLY Z 480 -59.19 -57.35 104.66
C GLY Z 480 -58.99 -58.09 105.95
N VAL Z 481 -59.49 -57.57 107.07
CA VAL Z 481 -59.27 -58.11 108.46
C VAL Z 481 -58.37 -57.15 109.29
N ASN Z 482 -58.35 -55.85 109.01
CA ASN Z 482 -57.61 -54.78 109.78
C ASN Z 482 -58.16 -54.42 111.17
N ARG Z 483 -57.34 -53.80 112.04
CA ARG Z 483 -57.74 -53.34 113.42
C ARG Z 483 -58.84 -52.26 113.46
N ALA Z 484 -59.79 -52.39 114.39
CA ALA Z 484 -60.99 -51.51 114.51
C ALA Z 484 -60.82 -50.18 115.25
N SER Z 485 -61.65 -49.17 114.90
CA SER Z 485 -61.73 -47.88 115.62
C SER Z 485 -60.42 -47.09 115.74
N VAL Z 486 -59.62 -47.04 114.69
CA VAL Z 486 -58.29 -46.38 114.74
C VAL Z 486 -58.33 -44.93 114.24
N SER Z 487 -57.65 -44.00 114.94
CA SER Z 487 -57.45 -42.64 114.40
C SER Z 487 -56.04 -42.66 113.80
N ALA Z 488 -55.90 -42.47 112.50
CA ALA Z 488 -54.62 -42.61 111.75
C ALA Z 488 -53.47 -41.62 112.07
N PHE Z 489 -53.70 -40.34 112.36
CA PHE Z 489 -52.66 -39.28 112.37
C PHE Z 489 -51.45 -39.43 113.33
N ALA Z 490 -51.61 -39.89 114.58
CA ALA Z 490 -50.51 -40.02 115.55
C ALA Z 490 -49.44 -40.99 115.05
N THR Z 491 -49.82 -42.09 114.39
CA THR Z 491 -48.89 -43.14 113.94
C THR Z 491 -48.44 -42.98 112.49
N THR Z 492 -48.79 -41.90 111.80
CA THR Z 492 -48.36 -41.63 110.41
C THR Z 492 -46.90 -41.22 110.27
N ASN Z 493 -46.28 -41.43 109.09
CA ASN Z 493 -44.89 -41.00 108.79
C ASN Z 493 -44.76 -39.48 108.75
N ARG Z 494 -43.67 -38.93 109.26
CA ARG Z 494 -43.52 -37.45 109.35
C ARG Z 494 -42.09 -36.97 109.13
N MET Z 495 -41.91 -35.73 108.68
CA MET Z 495 -40.59 -35.07 108.58
C MET Z 495 -40.71 -33.74 109.37
N GLU Z 496 -39.65 -33.29 110.05
CA GLU Z 496 -39.70 -32.07 110.90
C GLU Z 496 -39.03 -30.88 110.19
N LEU Z 497 -39.72 -29.74 110.01
CA LEU Z 497 -39.12 -28.50 109.43
C LEU Z 497 -39.42 -27.31 110.33
N GLU Z 498 -38.45 -26.48 110.70
CA GLU Z 498 -38.65 -25.18 111.45
C GLU Z 498 -39.44 -25.34 112.75
N GLY Z 499 -39.26 -26.41 113.51
CA GLY Z 499 -40.07 -26.65 114.71
C GLY Z 499 -41.46 -27.26 114.53
N ALA Z 500 -41.86 -27.70 113.35
CA ALA Z 500 -43.19 -28.36 113.21
C ALA Z 500 -43.10 -29.75 112.56
N SER Z 501 -44.03 -30.67 112.87
CA SER Z 501 -44.09 -32.03 112.28
C SER Z 501 -45.05 -32.06 111.09
N TYR Z 502 -44.59 -32.53 109.96
CA TYR Z 502 -45.43 -32.54 108.73
C TYR Z 502 -45.63 -33.93 108.17
N GLN Z 503 -46.85 -34.25 107.82
CA GLN Z 503 -47.09 -35.48 107.04
C GLN Z 503 -46.53 -35.21 105.64
N VAL Z 504 -45.94 -36.20 105.01
CA VAL Z 504 -45.34 -36.10 103.65
C VAL Z 504 -46.06 -37.24 102.91
N PRO Z 505 -47.34 -37.03 102.50
CA PRO Z 505 -48.19 -38.10 102.00
C PRO Z 505 -47.76 -38.85 100.78
N PRO Z 506 -47.12 -38.35 99.70
CA PRO Z 506 -46.58 -39.27 98.72
C PRO Z 506 -45.26 -39.62 99.43
N GLN Z 507 -44.86 -40.86 99.56
CA GLN Z 507 -43.50 -41.05 100.17
C GLN Z 507 -42.42 -40.78 99.08
N PRO Z 508 -41.10 -40.67 99.37
CA PRO Z 508 -40.06 -40.55 98.35
C PRO Z 508 -39.84 -41.80 97.42
N ASN Z 509 -39.38 -41.65 96.16
CA ASN Z 509 -39.24 -42.76 95.15
C ASN Z 509 -38.33 -43.97 95.49
N GLY Z 510 -38.55 -45.14 94.86
CA GLY Z 510 -37.79 -46.39 95.08
C GLY Z 510 -38.48 -47.50 95.82
N MET Z 511 -39.77 -47.35 96.10
CA MET Z 511 -40.53 -48.42 96.79
C MET Z 511 -41.77 -48.88 96.00
N THR Z 512 -42.34 -50.03 96.37
CA THR Z 512 -43.64 -50.48 95.83
C THR Z 512 -44.67 -50.58 96.97
N ASN Z 513 -45.83 -49.96 96.85
CA ASN Z 513 -47.00 -50.04 97.79
C ASN Z 513 -47.72 -51.41 97.88
N ASN Z 514 -47.88 -52.15 96.78
CA ASN Z 514 -48.68 -53.41 96.74
C ASN Z 514 -47.88 -54.55 96.08
N LEU Z 515 -47.89 -55.76 96.64
CA LEU Z 515 -47.21 -56.96 96.03
C LEU Z 515 -47.76 -57.55 94.70
N GLN Z 516 -49.05 -57.69 94.41
CA GLN Z 516 -49.65 -58.35 93.19
C GLN Z 516 -50.56 -59.45 93.76
N GLY Z 517 -51.78 -59.59 93.23
CA GLY Z 517 -52.68 -60.42 94.04
C GLY Z 517 -52.77 -59.57 95.28
N SER Z 518 -52.39 -60.04 96.46
CA SER Z 518 -52.43 -59.30 97.76
C SER Z 518 -53.37 -58.09 97.90
N ASN Z 519 -54.02 -58.02 99.06
CA ASN Z 519 -54.95 -56.91 99.37
C ASN Z 519 -54.30 -55.96 100.39
N THR Z 520 -53.00 -56.12 100.67
CA THR Z 520 -52.27 -55.18 101.54
C THR Z 520 -51.71 -54.01 100.72
N TYR Z 521 -51.99 -52.81 101.17
CA TYR Z 521 -51.53 -51.58 100.49
C TYR Z 521 -50.94 -50.68 101.50
N ALA Z 522 -49.82 -50.06 101.16
CA ALA Z 522 -49.31 -49.02 102.08
C ALA Z 522 -49.99 -47.72 101.61
N LEU Z 523 -51.00 -47.24 102.34
CA LEU Z 523 -51.89 -46.09 101.94
C LEU Z 523 -51.16 -44.74 101.78
N GLU Z 524 -50.17 -44.43 102.61
CA GLU Z 524 -49.40 -43.17 102.52
C GLU Z 524 -48.35 -43.22 101.38
N ASN Z 525 -48.14 -44.34 100.72
CA ASN Z 525 -47.27 -44.46 99.51
C ASN Z 525 -48.12 -44.51 98.22
N THR Z 526 -49.43 -44.30 98.29
CA THR Z 526 -50.32 -44.46 97.10
C THR Z 526 -51.02 -43.18 96.70
N MET Z 527 -51.10 -42.89 95.40
CA MET Z 527 -51.95 -41.79 94.89
C MET Z 527 -53.43 -42.22 94.98
N ILE Z 528 -54.26 -41.44 95.66
CA ILE Z 528 -55.72 -41.71 95.79
C ILE Z 528 -56.52 -40.60 95.08
N PHE Z 529 -57.47 -40.97 94.24
CA PHE Z 529 -58.26 -40.04 93.39
C PHE Z 529 -59.73 -40.32 93.53
N ASN Z 530 -60.58 -39.36 93.17
CA ASN Z 530 -62.06 -39.51 93.15
C ASN Z 530 -62.51 -39.63 91.69
N SER Z 531 -63.43 -40.55 91.38
CA SER Z 531 -64.02 -40.68 90.01
C SER Z 531 -64.77 -39.40 89.62
N GLN Z 532 -65.50 -38.79 90.56
CA GLN Z 532 -66.30 -37.57 90.33
C GLN Z 532 -65.68 -36.35 91.01
N PRO Z 533 -65.80 -35.13 90.44
CA PRO Z 533 -65.35 -33.90 91.11
C PRO Z 533 -66.16 -33.57 92.37
N ALA Z 534 -65.54 -32.88 93.31
CA ALA Z 534 -66.18 -32.62 94.62
C ALA Z 534 -66.37 -31.12 94.88
N ASN Z 535 -67.37 -30.80 95.70
CA ASN Z 535 -67.62 -29.40 96.14
C ASN Z 535 -66.50 -28.95 97.08
N PRO Z 536 -66.12 -27.65 97.08
CA PRO Z 536 -65.11 -27.17 98.00
C PRO Z 536 -65.42 -27.22 99.49
N GLY Z 537 -64.42 -27.61 100.30
CA GLY Z 537 -64.56 -27.65 101.76
C GLY Z 537 -65.26 -28.88 102.32
N THR Z 538 -65.52 -29.88 101.50
CA THR Z 538 -66.26 -31.07 101.98
C THR Z 538 -65.49 -31.74 103.11
N THR Z 539 -66.19 -32.17 104.16
CA THR Z 539 -65.58 -32.93 105.28
C THR Z 539 -66.17 -34.32 105.34
N ALA Z 540 -66.88 -34.77 104.30
CA ALA Z 540 -67.55 -36.09 104.25
C ALA Z 540 -66.60 -37.30 104.28
N THR Z 541 -66.97 -38.36 104.99
CA THR Z 541 -66.18 -39.62 104.97
C THR Z 541 -66.37 -40.34 103.65
N TYR Z 542 -65.32 -40.94 103.11
CA TYR Z 542 -65.40 -41.72 101.86
C TYR Z 542 -64.92 -43.13 102.11
N LEU Z 543 -65.71 -44.11 101.70
CA LEU Z 543 -65.31 -45.54 101.73
C LEU Z 543 -64.49 -45.91 100.48
N GLU Z 544 -63.90 -47.10 100.44
CA GLU Z 544 -63.02 -47.59 99.34
C GLU Z 544 -63.71 -47.67 97.98
N GLY Z 545 -65.00 -48.04 97.91
CA GLY Z 545 -65.74 -48.17 96.65
C GLY Z 545 -65.83 -46.86 95.89
N ASN Z 546 -66.02 -45.73 96.57
CA ASN Z 546 -65.95 -44.39 95.92
C ASN Z 546 -64.55 -44.07 95.38
N MET Z 547 -63.48 -44.47 96.05
CA MET Z 547 -62.10 -44.04 95.68
C MET Z 547 -61.42 -44.79 94.52
N LEU Z 548 -60.51 -44.13 93.81
CA LEU Z 548 -59.70 -44.81 92.77
C LEU Z 548 -58.31 -44.99 93.38
N ILE Z 549 -57.86 -46.23 93.64
CA ILE Z 549 -56.57 -46.49 94.35
C ILE Z 549 -55.56 -47.15 93.39
N THR Z 550 -54.41 -46.56 93.21
CA THR Z 550 -53.32 -47.03 92.33
C THR Z 550 -52.45 -48.14 92.95
N SER Z 551 -51.82 -48.96 92.12
CA SER Z 551 -50.90 -50.04 92.55
C SER Z 551 -49.60 -49.89 91.76
N GLU Z 552 -48.47 -50.14 92.38
CA GLU Z 552 -47.12 -50.04 91.75
C GLU Z 552 -46.52 -51.45 91.61
N SER Z 553 -47.32 -52.51 91.56
CA SER Z 553 -46.90 -53.93 91.59
C SER Z 553 -45.97 -54.32 90.42
N GLU Z 554 -46.01 -53.64 89.28
CA GLU Z 554 -45.12 -53.86 88.11
C GLU Z 554 -43.63 -53.63 88.49
N THR Z 555 -43.31 -52.69 89.36
CA THR Z 555 -41.94 -52.31 89.78
C THR Z 555 -41.37 -53.22 90.86
N GLN Z 556 -42.11 -54.21 91.36
CA GLN Z 556 -41.73 -55.11 92.48
C GLN Z 556 -40.44 -55.93 92.17
N PRO Z 557 -40.14 -56.41 90.93
CA PRO Z 557 -38.85 -57.02 90.63
C PRO Z 557 -37.59 -56.18 90.98
N VAL Z 558 -37.63 -54.84 90.96
CA VAL Z 558 -36.54 -53.92 91.44
C VAL Z 558 -36.87 -52.99 92.63
N ASN Z 559 -38.09 -52.95 93.16
CA ASN Z 559 -38.43 -51.95 94.21
C ASN Z 559 -38.86 -52.68 95.47
N ARG Z 560 -38.29 -52.29 96.61
CA ARG Z 560 -38.65 -52.92 97.90
C ARG Z 560 -40.08 -52.58 98.36
N VAL Z 561 -40.73 -53.51 99.04
CA VAL Z 561 -42.09 -53.27 99.61
C VAL Z 561 -42.07 -52.35 100.85
N ALA Z 562 -42.92 -51.31 100.88
CA ALA Z 562 -43.02 -50.29 101.95
C ALA Z 562 -43.45 -50.84 103.31
N TYR Z 563 -44.42 -51.75 103.35
CA TYR Z 563 -44.95 -52.34 104.62
C TYR Z 563 -43.87 -53.19 105.34
N ASN Z 564 -43.03 -53.92 104.63
CA ASN Z 564 -42.00 -54.84 105.20
C ASN Z 564 -40.69 -54.17 105.65
N VAL Z 565 -39.90 -54.80 106.54
CA VAL Z 565 -38.51 -54.36 106.91
C VAL Z 565 -37.55 -54.52 105.71
N GLY Z 566 -36.57 -53.62 105.52
CA GLY Z 566 -35.55 -53.65 104.44
C GLY Z 566 -34.52 -54.77 104.40
N GLY Z 567 -33.97 -55.22 105.53
CA GLY Z 567 -32.87 -56.20 105.56
C GLY Z 567 -32.30 -56.32 106.95
N GLN Z 568 -31.16 -56.99 107.12
CA GLN Z 568 -30.47 -57.17 108.43
C GLN Z 568 -28.96 -56.82 108.34
N MET Z 569 -28.34 -56.31 109.42
CA MET Z 569 -26.90 -55.98 109.51
C MET Z 569 -26.32 -56.49 110.84
N ALA Z 570 -25.00 -56.67 110.96
CA ALA Z 570 -24.31 -57.12 112.20
C ALA Z 570 -24.35 -56.09 113.35
N THR Z 571 -24.61 -56.56 114.57
CA THR Z 571 -24.75 -55.69 115.76
C THR Z 571 -23.68 -55.95 116.83
N ASN Z 572 -22.70 -56.82 116.58
CA ASN Z 572 -21.76 -57.26 117.65
C ASN Z 572 -20.47 -57.80 117.06
N ASN Z 573 -19.50 -58.10 117.92
CA ASN Z 573 -18.27 -58.81 117.50
C ASN Z 573 -18.32 -60.21 118.10
N GLN Z 574 -18.17 -61.27 117.29
CA GLN Z 574 -18.15 -62.68 117.75
C GLN Z 574 -16.83 -62.98 118.51
N SER Z 575 -16.87 -63.92 119.44
CA SER Z 575 -15.68 -64.31 120.25
C SER Z 575 -15.95 -65.76 120.71
N SER Z 576 -14.96 -66.43 121.29
CA SER Z 576 -15.25 -67.77 121.84
C SER Z 576 -16.33 -67.65 122.90
N THR Z 577 -16.29 -66.64 123.77
CA THR Z 577 -17.35 -66.34 124.75
C THR Z 577 -18.67 -65.91 124.11
N THR Z 578 -18.66 -65.12 123.03
CA THR Z 578 -19.91 -64.54 122.48
C THR Z 578 -20.32 -65.02 121.11
N ALA Z 579 -21.58 -65.47 120.96
CA ALA Z 579 -22.17 -65.85 119.66
C ALA Z 579 -22.43 -64.63 118.77
N PRO Z 580 -22.35 -64.75 117.43
CA PRO Z 580 -22.70 -63.65 116.53
C PRO Z 580 -24.20 -63.22 116.52
N ALA Z 581 -24.50 -61.94 116.34
CA ALA Z 581 -25.88 -61.38 116.37
C ALA Z 581 -26.19 -60.45 115.20
N THR Z 582 -27.45 -60.38 114.78
CA THR Z 582 -27.89 -59.46 113.69
C THR Z 582 -29.06 -58.62 114.14
N GLY Z 583 -29.29 -57.49 113.47
CA GLY Z 583 -30.50 -56.68 113.74
C GLY Z 583 -31.18 -56.20 112.46
N THR Z 584 -32.51 -56.18 112.42
CA THR Z 584 -33.28 -55.60 111.27
C THR Z 584 -33.27 -54.09 111.22
N TYR Z 585 -33.37 -53.49 110.05
CA TYR Z 585 -33.47 -52.01 109.87
C TYR Z 585 -34.82 -51.61 109.20
N ASN Z 586 -35.43 -50.47 109.57
CA ASN Z 586 -36.74 -49.99 109.02
C ASN Z 586 -36.54 -48.91 107.93
N LEU Z 587 -35.32 -48.40 107.78
CA LEU Z 587 -35.02 -47.36 106.75
C LEU Z 587 -33.61 -47.53 106.15
N GLN Z 588 -33.43 -47.22 104.88
CA GLN Z 588 -32.09 -47.18 104.24
C GLN Z 588 -32.14 -46.14 103.13
N GLU Z 589 -31.01 -45.56 102.77
CA GLU Z 589 -30.96 -44.47 101.77
C GLU Z 589 -30.02 -44.90 100.65
N ILE Z 590 -29.69 -44.03 99.72
CA ILE Z 590 -28.89 -44.37 98.51
C ILE Z 590 -27.48 -44.91 98.83
N VAL Z 591 -27.08 -45.92 98.10
CA VAL Z 591 -25.74 -46.57 98.25
C VAL Z 591 -25.19 -46.66 96.82
N PRO Z 592 -23.87 -46.69 96.60
CA PRO Z 592 -23.35 -46.87 95.24
C PRO Z 592 -23.74 -48.22 94.62
N GLY Z 593 -24.06 -48.27 93.32
CA GLY Z 593 -24.59 -49.48 92.65
C GLY Z 593 -26.09 -49.68 92.81
N SER Z 594 -26.81 -48.70 93.35
CA SER Z 594 -28.28 -48.68 93.53
C SER Z 594 -29.07 -48.50 92.23
N VAL Z 595 -30.12 -49.30 92.02
CA VAL Z 595 -31.01 -49.21 90.82
C VAL Z 595 -32.48 -49.18 91.30
N TRP Z 596 -33.34 -48.41 90.66
CA TRP Z 596 -34.80 -48.35 91.00
C TRP Z 596 -35.63 -47.86 89.82
N MET Z 597 -36.93 -48.02 89.91
CA MET Z 597 -37.91 -47.47 88.93
C MET Z 597 -38.72 -46.32 89.55
N GLU Z 598 -38.89 -45.21 88.84
CA GLU Z 598 -39.72 -44.06 89.27
C GLU Z 598 -41.23 -44.38 89.20
N ARG Z 599 -42.05 -43.65 89.94
CA ARG Z 599 -43.54 -43.81 89.94
C ARG Z 599 -44.17 -43.61 88.56
N ASP Z 600 -45.19 -44.42 88.25
CA ASP Z 600 -45.95 -44.35 86.97
C ASP Z 600 -46.87 -43.13 86.83
N VAL Z 601 -47.02 -42.62 85.63
CA VAL Z 601 -48.03 -41.56 85.30
C VAL Z 601 -49.44 -42.15 85.11
N TYR Z 602 -50.46 -41.34 85.33
CA TYR Z 602 -51.88 -41.76 85.18
C TYR Z 602 -52.57 -40.74 84.29
N LEU Z 603 -53.64 -41.13 83.59
CA LEU Z 603 -54.43 -40.18 82.75
C LEU Z 603 -55.06 -39.09 83.65
N GLN Z 604 -55.57 -39.42 84.83
CA GLN Z 604 -56.08 -38.50 85.88
C GLN Z 604 -54.96 -37.64 86.51
N GLY Z 605 -53.71 -38.07 86.52
CA GLY Z 605 -52.55 -37.38 87.11
C GLY Z 605 -51.85 -36.21 86.44
N PRO Z 606 -50.96 -35.50 87.19
CA PRO Z 606 -50.08 -34.44 86.64
C PRO Z 606 -48.86 -34.69 85.73
N ILE Z 607 -48.64 -33.93 84.67
CA ILE Z 607 -47.38 -33.98 83.83
C ILE Z 607 -46.05 -33.46 84.45
N TRP Z 608 -46.02 -32.30 85.09
CA TRP Z 608 -44.75 -31.67 85.50
C TRP Z 608 -44.74 -31.02 86.88
N ALA Z 609 -43.56 -30.75 87.42
CA ALA Z 609 -43.37 -30.00 88.68
C ALA Z 609 -42.15 -29.10 88.50
N LYS Z 610 -42.14 -27.95 89.16
CA LYS Z 610 -40.96 -27.04 89.14
C LYS Z 610 -39.91 -27.45 90.19
N ILE Z 611 -38.65 -27.57 89.78
CA ILE Z 611 -37.56 -27.81 90.75
C ILE Z 611 -37.34 -26.51 91.57
N PRO Z 612 -37.26 -26.59 92.92
CA PRO Z 612 -37.01 -25.40 93.75
C PRO Z 612 -35.60 -24.81 93.65
N GLU Z 613 -35.47 -23.48 93.70
CA GLU Z 613 -34.13 -22.86 93.50
C GLU Z 613 -33.38 -22.67 94.84
N THR Z 614 -32.46 -23.57 95.19
CA THR Z 614 -31.70 -23.53 96.45
C THR Z 614 -30.23 -23.50 96.14
N GLY Z 615 -29.85 -23.85 94.93
CA GLY Z 615 -28.46 -24.03 94.51
C GLY Z 615 -27.93 -25.45 94.73
N ALA Z 616 -28.66 -26.34 95.43
CA ALA Z 616 -28.23 -27.76 95.59
C ALA Z 616 -29.41 -28.73 95.54
N HIS Z 617 -29.30 -29.81 94.79
CA HIS Z 617 -30.37 -30.86 94.72
C HIS Z 617 -29.77 -32.21 94.31
N PHE Z 618 -30.47 -33.30 94.60
CA PHE Z 618 -30.08 -34.64 94.11
C PHE Z 618 -31.20 -35.29 93.32
N HIS Z 619 -30.94 -35.83 92.11
CA HIS Z 619 -31.90 -36.65 91.31
C HIS Z 619 -33.30 -36.05 91.28
N PRO Z 620 -33.58 -35.14 90.33
CA PRO Z 620 -34.82 -34.35 90.40
C PRO Z 620 -36.10 -34.81 89.74
N SER Z 621 -36.63 -35.90 90.28
CA SER Z 621 -37.88 -36.49 89.77
C SER Z 621 -38.94 -36.27 90.86
N PRO Z 622 -40.10 -35.63 90.56
CA PRO Z 622 -41.10 -35.37 91.59
C PRO Z 622 -41.82 -36.61 92.17
N ALA Z 623 -42.16 -36.60 93.46
CA ALA Z 623 -42.76 -37.76 94.16
C ALA Z 623 -44.14 -38.18 93.62
N MET Z 624 -45.03 -37.24 93.28
CA MET Z 624 -46.38 -37.50 92.71
C MET Z 624 -46.23 -38.18 91.34
N GLY Z 625 -45.20 -37.89 90.57
CA GLY Z 625 -44.94 -38.46 89.24
C GLY Z 625 -44.65 -37.38 88.22
N GLY Z 626 -44.26 -37.76 87.01
CA GLY Z 626 -43.99 -36.79 85.94
C GLY Z 626 -42.59 -36.26 85.73
N PHE Z 627 -42.48 -35.10 85.10
CA PHE Z 627 -41.18 -34.51 84.68
C PHE Z 627 -40.82 -33.30 85.55
N GLY Z 628 -39.60 -33.29 86.07
CA GLY Z 628 -39.11 -32.19 86.90
C GLY Z 628 -38.38 -31.20 86.04
N LEU Z 629 -38.82 -29.95 86.09
CA LEU Z 629 -38.24 -28.93 85.16
C LEU Z 629 -37.65 -27.72 85.88
N LYS Z 630 -36.42 -27.34 85.53
CA LYS Z 630 -35.83 -26.06 86.02
C LYS Z 630 -36.60 -24.85 85.47
N HIS Z 631 -36.99 -24.88 84.21
CA HIS Z 631 -37.77 -23.78 83.58
C HIS Z 631 -39.09 -24.34 83.06
N PRO Z 632 -40.12 -24.40 83.91
CA PRO Z 632 -41.43 -24.93 83.56
C PRO Z 632 -42.32 -24.06 82.65
N PRO Z 633 -43.37 -24.62 82.02
CA PRO Z 633 -44.24 -23.77 81.22
C PRO Z 633 -44.79 -22.67 82.17
N PRO Z 634 -44.76 -21.38 81.75
CA PRO Z 634 -45.09 -20.28 82.65
C PRO Z 634 -46.52 -19.98 83.12
N MET Z 635 -46.65 -19.37 84.30
CA MET Z 635 -47.97 -18.95 84.85
C MET Z 635 -48.68 -17.93 83.93
N MET Z 636 -49.97 -18.17 83.64
CA MET Z 636 -50.78 -17.31 82.77
C MET Z 636 -51.89 -16.69 83.65
N LEU Z 637 -51.94 -15.37 83.72
CA LEU Z 637 -52.83 -14.65 84.66
C LEU Z 637 -53.81 -13.73 83.91
N ILE Z 638 -55.08 -13.77 84.30
CA ILE Z 638 -56.15 -12.95 83.66
C ILE Z 638 -56.98 -12.23 84.74
N LYS Z 639 -57.31 -10.97 84.48
CA LYS Z 639 -58.21 -10.23 85.40
C LYS Z 639 -59.25 -9.38 84.65
N ASN Z 640 -60.36 -9.07 85.28
CA ASN Z 640 -61.34 -8.10 84.72
C ASN Z 640 -60.91 -6.70 85.15
N THR Z 641 -60.81 -5.75 84.22
CA THR Z 641 -60.47 -4.34 84.56
C THR Z 641 -61.56 -3.70 85.42
N PRO Z 642 -61.20 -2.99 86.52
CA PRO Z 642 -62.18 -2.24 87.30
C PRO Z 642 -62.92 -1.17 86.49
N VAL Z 643 -64.24 -1.22 86.56
CA VAL Z 643 -65.04 -0.15 85.91
C VAL Z 643 -65.81 0.56 87.03
N PRO Z 644 -65.56 1.86 87.23
CA PRO Z 644 -66.25 2.63 88.28
C PRO Z 644 -67.74 2.98 88.26
N GLY Z 645 -68.41 3.03 89.40
CA GLY Z 645 -69.80 3.50 89.58
C GLY Z 645 -69.86 5.03 89.60
N ASN Z 646 -71.03 5.64 89.61
CA ASN Z 646 -71.09 7.13 89.45
C ASN Z 646 -70.42 7.87 90.63
N ILE Z 647 -69.48 8.76 90.30
CA ILE Z 647 -68.78 9.57 91.35
C ILE Z 647 -69.04 11.04 91.01
N THR Z 648 -69.54 11.82 91.95
CA THR Z 648 -69.94 13.23 91.68
C THR Z 648 -69.02 14.23 92.36
N SER Z 649 -68.17 13.79 93.28
CA SER Z 649 -67.31 14.71 94.07
C SER Z 649 -65.86 14.20 94.12
N PHE Z 650 -64.88 15.09 94.27
CA PHE Z 650 -63.45 14.73 94.44
C PHE Z 650 -63.07 14.22 95.84
N SER Z 651 -62.28 13.15 95.91
CA SER Z 651 -61.66 12.73 97.20
C SER Z 651 -60.24 12.24 96.92
N ASP Z 652 -59.32 12.47 97.84
CA ASP Z 652 -57.96 11.84 97.83
C ASP Z 652 -58.14 10.33 98.08
N VAL Z 653 -59.11 9.95 98.93
CA VAL Z 653 -59.37 8.52 99.27
C VAL Z 653 -59.79 7.74 98.01
N PRO Z 654 -59.21 6.53 97.76
CA PRO Z 654 -59.52 5.72 96.58
C PRO Z 654 -60.95 5.22 96.43
N VAL Z 655 -61.43 5.14 95.19
CA VAL Z 655 -62.82 4.68 94.92
C VAL Z 655 -63.01 3.21 95.33
N SER Z 656 -64.11 2.94 96.02
CA SER Z 656 -64.50 1.60 96.47
C SER Z 656 -65.81 1.15 95.80
N SER Z 657 -66.38 1.95 94.91
CA SER Z 657 -67.68 1.64 94.27
C SER Z 657 -67.48 1.34 92.77
N PHE Z 658 -67.87 0.16 92.34
CA PHE Z 658 -67.60 -0.30 90.95
C PHE Z 658 -68.82 -0.99 90.39
N ILE Z 659 -69.01 -0.94 89.08
CA ILE Z 659 -70.10 -1.77 88.46
C ILE Z 659 -69.75 -3.28 88.53
N THR Z 660 -70.71 -4.18 88.81
CA THR Z 660 -70.49 -5.66 88.88
C THR Z 660 -70.41 -6.31 87.50
N GLN Z 661 -69.34 -7.08 87.24
CA GLN Z 661 -69.05 -7.64 85.89
C GLN Z 661 -68.41 -9.04 85.91
N TYR Z 662 -68.53 -9.81 84.84
CA TYR Z 662 -67.89 -11.16 84.70
C TYR Z 662 -67.45 -11.31 83.24
N SER Z 663 -66.51 -12.21 82.98
CA SER Z 663 -66.04 -12.47 81.59
C SER Z 663 -66.14 -13.95 81.18
N THR Z 664 -66.27 -14.19 79.88
CA THR Z 664 -66.35 -15.56 79.33
C THR Z 664 -65.58 -15.64 78.00
N GLY Z 665 -65.07 -16.81 77.62
CA GLY Z 665 -64.38 -17.00 76.34
C GLY Z 665 -63.97 -18.42 76.02
N GLN Z 666 -63.13 -18.59 75.00
CA GLN Z 666 -62.56 -19.91 74.59
C GLN Z 666 -61.03 -19.95 74.69
N VAL Z 667 -60.47 -21.08 75.12
CA VAL Z 667 -58.99 -21.28 75.19
C VAL Z 667 -58.58 -22.54 74.38
N THR Z 668 -57.51 -22.45 73.59
CA THR Z 668 -56.96 -23.60 72.86
C THR Z 668 -55.53 -23.90 73.31
N VAL Z 669 -55.21 -25.17 73.63
CA VAL Z 669 -53.81 -25.62 73.94
C VAL Z 669 -53.33 -26.68 72.92
N GLU Z 670 -52.17 -26.49 72.32
CA GLU Z 670 -51.56 -27.46 71.36
C GLU Z 670 -50.23 -27.96 71.94
N MET Z 671 -50.06 -29.28 72.01
CA MET Z 671 -48.83 -29.89 72.58
C MET Z 671 -48.21 -30.93 71.63
N GLU Z 672 -46.88 -30.94 71.55
CA GLU Z 672 -46.14 -31.94 70.75
C GLU Z 672 -45.41 -32.93 71.68
N TRP Z 673 -45.49 -34.22 71.35
CA TRP Z 673 -44.87 -35.28 72.17
C TRP Z 673 -43.92 -36.14 71.33
N GLU Z 674 -42.79 -36.53 71.91
CA GLU Z 674 -41.83 -37.46 71.25
C GLU Z 674 -42.03 -38.88 71.81
N LEU Z 675 -42.07 -39.87 70.93
CA LEU Z 675 -42.36 -41.29 71.29
C LEU Z 675 -41.13 -42.20 71.13
N LYS Z 676 -40.96 -43.15 72.04
CA LYS Z 676 -39.89 -44.19 71.86
C LYS Z 676 -40.57 -45.52 71.51
N LYS Z 677 -40.22 -46.09 70.36
CA LYS Z 677 -40.75 -47.40 69.86
C LYS Z 677 -40.28 -48.67 70.60
N GLU Z 678 -41.17 -49.64 70.76
CA GLU Z 678 -40.80 -50.98 71.29
C GLU Z 678 -39.94 -51.76 70.27
N ASN Z 679 -38.93 -52.49 70.71
CA ASN Z 679 -38.04 -53.34 69.86
C ASN Z 679 -37.96 -54.76 70.45
N SER Z 680 -39.05 -55.33 70.95
CA SER Z 680 -39.08 -56.64 71.65
C SER Z 680 -38.82 -57.90 70.79
N LYS Z 681 -38.13 -58.90 71.34
CA LYS Z 681 -37.94 -60.22 70.68
C LYS Z 681 -38.76 -61.31 71.41
N ARG Z 682 -39.65 -60.98 72.34
CA ARG Z 682 -40.57 -61.92 73.06
C ARG Z 682 -41.57 -62.66 72.13
N TRP Z 683 -41.49 -63.99 72.03
CA TRP Z 683 -42.35 -64.84 71.19
C TRP Z 683 -43.84 -64.91 71.59
N ASN Z 684 -44.11 -65.05 72.87
CA ASN Z 684 -45.46 -65.15 73.44
C ASN Z 684 -46.20 -63.81 73.50
N PRO Z 685 -47.54 -63.81 73.49
CA PRO Z 685 -48.33 -62.58 73.66
C PRO Z 685 -48.27 -61.83 75.00
N GLU Z 686 -48.21 -60.51 74.94
CA GLU Z 686 -48.22 -59.57 76.10
C GLU Z 686 -49.55 -59.16 76.75
N ILE Z 687 -49.50 -58.63 77.97
CA ILE Z 687 -50.66 -57.99 78.65
C ILE Z 687 -50.99 -56.63 78.01
N GLN Z 688 -52.28 -56.29 77.85
CA GLN Z 688 -52.77 -55.03 77.23
C GLN Z 688 -53.96 -54.45 78.00
N TYR Z 689 -54.13 -53.13 78.03
CA TYR Z 689 -55.37 -52.51 78.60
C TYR Z 689 -56.53 -52.77 77.61
N THR Z 690 -57.66 -53.22 78.14
CA THR Z 690 -58.82 -53.54 77.31
C THR Z 690 -60.08 -53.03 77.96
N ASN Z 691 -61.12 -52.80 77.16
CA ASN Z 691 -62.45 -52.47 77.71
C ASN Z 691 -63.10 -53.83 78.01
N ASN Z 692 -63.21 -54.20 79.26
CA ASN Z 692 -63.68 -55.55 79.65
C ASN Z 692 -64.57 -55.41 80.88
N TYR Z 693 -65.84 -55.75 80.73
CA TYR Z 693 -66.84 -55.53 81.82
C TYR Z 693 -67.78 -56.72 81.76
N ASN Z 694 -68.29 -57.19 82.89
CA ASN Z 694 -69.31 -58.28 82.86
C ASN Z 694 -70.72 -57.72 83.08
N ASP Z 695 -71.66 -57.96 82.15
CA ASP Z 695 -73.08 -57.47 82.21
C ASP Z 695 -73.19 -55.95 82.43
N PRO Z 696 -72.50 -55.08 81.64
CA PRO Z 696 -72.53 -53.64 81.93
C PRO Z 696 -73.88 -52.89 81.86
N GLN Z 697 -74.14 -52.02 82.84
CA GLN Z 697 -75.40 -51.22 82.88
C GLN Z 697 -75.19 -49.83 82.30
N PHE Z 698 -73.96 -49.47 81.97
CA PHE Z 698 -73.61 -48.13 81.44
C PHE Z 698 -72.36 -48.31 80.66
N VAL Z 699 -72.03 -47.36 79.81
CA VAL Z 699 -70.71 -47.37 79.15
C VAL Z 699 -69.79 -46.48 79.98
N ASP Z 700 -68.66 -46.98 80.41
CA ASP Z 700 -67.59 -46.20 81.09
C ASP Z 700 -66.94 -45.20 80.13
N PHE Z 701 -66.45 -44.05 80.61
CA PHE Z 701 -65.86 -42.93 79.80
C PHE Z 701 -66.88 -42.34 78.81
N ALA Z 702 -68.12 -42.23 79.24
CA ALA Z 702 -69.22 -41.70 78.43
C ALA Z 702 -70.19 -40.93 79.33
N PRO Z 703 -71.01 -40.00 78.79
CA PRO Z 703 -72.09 -39.38 79.58
C PRO Z 703 -73.25 -40.30 79.99
N ASP Z 704 -73.90 -40.01 81.11
CA ASP Z 704 -75.10 -40.79 81.55
C ASP Z 704 -76.42 -40.14 81.11
N SER Z 705 -77.55 -40.66 81.61
CA SER Z 705 -78.90 -40.14 81.24
C SER Z 705 -79.05 -38.68 81.68
N THR Z 706 -78.53 -38.27 82.84
CA THR Z 706 -78.47 -36.85 83.30
C THR Z 706 -77.44 -36.00 82.55
N GLY Z 707 -76.50 -36.58 81.81
CA GLY Z 707 -75.40 -35.83 81.18
C GLY Z 707 -74.08 -35.74 81.94
N GLU Z 708 -73.94 -36.44 83.05
CA GLU Z 708 -72.68 -36.46 83.84
C GLU Z 708 -71.68 -37.53 83.36
N TYR Z 709 -70.42 -37.15 83.13
CA TYR Z 709 -69.35 -38.07 82.68
C TYR Z 709 -68.96 -39.10 83.74
N ARG Z 710 -68.72 -40.34 83.30
CA ARG Z 710 -68.37 -41.44 84.23
C ARG Z 710 -66.95 -41.92 83.94
N SER Z 711 -66.09 -41.99 84.96
CA SER Z 711 -64.68 -42.49 84.85
C SER Z 711 -64.37 -43.44 86.00
N THR Z 712 -64.86 -44.68 86.00
CA THR Z 712 -64.69 -45.72 87.05
C THR Z 712 -63.26 -46.17 87.32
N ARG Z 713 -62.38 -46.28 86.32
CA ARG Z 713 -61.03 -46.90 86.51
C ARG Z 713 -59.82 -45.96 86.34
N PRO Z 714 -58.79 -46.03 87.23
CA PRO Z 714 -57.52 -45.33 87.01
C PRO Z 714 -56.61 -45.98 85.93
N ILE Z 715 -55.98 -45.24 85.02
CA ILE Z 715 -55.15 -45.96 84.00
C ILE Z 715 -53.66 -45.56 84.03
N GLY Z 716 -52.78 -46.54 84.22
CA GLY Z 716 -51.32 -46.41 84.20
C GLY Z 716 -50.73 -46.62 82.84
N THR Z 717 -49.43 -46.46 82.70
CA THR Z 717 -48.74 -46.68 81.41
C THR Z 717 -47.99 -48.01 81.22
N ARG Z 718 -47.83 -48.88 82.23
CA ARG Z 718 -46.92 -50.07 82.04
C ARG Z 718 -47.66 -51.40 81.75
N TYR Z 719 -47.70 -51.81 80.47
CA TYR Z 719 -48.35 -53.08 80.04
C TYR Z 719 -47.32 -53.92 79.29
N LEU Z 720 -46.39 -53.26 78.61
CA LEU Z 720 -45.27 -53.93 77.89
C LEU Z 720 -44.18 -54.40 78.87
N THR Z 721 -43.42 -55.38 78.45
CA THR Z 721 -42.39 -56.01 79.30
C THR Z 721 -41.04 -55.96 78.62
N ARG Z 722 -39.99 -55.78 79.38
CA ARG Z 722 -38.61 -55.82 78.83
C ARG Z 722 -37.68 -56.63 79.73
N PRO Z 723 -36.67 -57.34 79.19
CA PRO Z 723 -35.63 -57.98 80.01
C PRO Z 723 -34.68 -56.98 80.69
N LEU Z 724 -34.13 -57.30 81.86
CA LEU Z 724 -33.24 -56.38 82.61
C LEU Z 724 -31.93 -56.12 81.87
N ASP AA 209 -13.98 -71.81 51.85
CA ASP AA 209 -13.25 -72.24 50.63
C ASP AA 209 -13.25 -73.77 50.51
N GLY AA 210 -12.50 -74.52 51.32
CA GLY AA 210 -12.38 -75.96 51.06
C GLY AA 210 -12.07 -76.88 52.21
N VAL AA 211 -12.23 -78.18 51.99
CA VAL AA 211 -11.89 -79.25 52.99
C VAL AA 211 -10.39 -79.24 53.35
N GLY AA 212 -9.49 -79.01 52.40
CA GLY AA 212 -8.04 -79.07 52.61
C GLY AA 212 -7.40 -77.76 52.95
N ASN AA 213 -8.16 -76.68 53.09
CA ASN AA 213 -7.57 -75.34 53.31
C ASN AA 213 -7.92 -74.81 54.69
N ALA AA 214 -6.93 -74.31 55.43
CA ALA AA 214 -7.15 -73.72 56.78
C ALA AA 214 -7.80 -72.31 56.73
N SER AA 215 -8.85 -72.09 57.50
CA SER AA 215 -9.60 -70.81 57.67
C SER AA 215 -8.82 -69.68 58.38
N GLY AA 216 -7.99 -69.99 59.37
CA GLY AA 216 -7.21 -69.00 60.14
C GLY AA 216 -5.94 -69.52 60.78
N ASP AA 217 -5.16 -68.63 61.42
CA ASP AA 217 -3.88 -68.95 62.08
C ASP AA 217 -3.85 -68.62 63.58
N TRP AA 218 -2.96 -69.24 64.34
CA TRP AA 218 -2.81 -69.01 65.81
C TRP AA 218 -2.10 -67.69 66.14
N HIS AA 219 -2.75 -66.84 66.92
CA HIS AA 219 -2.10 -65.60 67.40
C HIS AA 219 -2.21 -65.49 68.93
N CYS AA 220 -1.10 -65.59 69.67
CA CYS AA 220 -1.12 -65.35 71.14
C CYS AA 220 0.03 -64.37 71.43
N ASP AA 221 -0.27 -63.11 71.74
CA ASP AA 221 0.81 -62.10 71.91
C ASP AA 221 0.43 -60.84 72.69
N SER AA 222 1.41 -60.08 73.19
CA SER AA 222 1.19 -58.74 73.80
C SER AA 222 2.12 -57.74 73.09
N THR AA 223 1.63 -56.58 72.68
CA THR AA 223 2.48 -55.51 72.11
C THR AA 223 2.30 -54.24 72.94
N TRP AA 224 3.39 -53.64 73.41
CA TRP AA 224 3.36 -52.40 74.22
C TRP AA 224 3.87 -51.25 73.38
N MET AA 225 3.08 -50.20 73.21
CA MET AA 225 3.42 -49.03 72.37
C MET AA 225 3.12 -47.69 73.07
N GLY AA 226 3.93 -47.21 74.02
CA GLY AA 226 3.59 -45.98 74.76
C GLY AA 226 2.36 -46.09 75.61
N ASP AA 227 1.36 -45.26 75.38
CA ASP AA 227 0.07 -45.23 76.15
C ASP AA 227 -0.85 -46.43 75.84
N ARG AA 228 -0.58 -47.23 74.80
CA ARG AA 228 -1.47 -48.35 74.39
C ARG AA 228 -0.83 -49.74 74.51
N VAL AA 229 -1.58 -50.72 74.99
CA VAL AA 229 -1.14 -52.14 74.99
C VAL AA 229 -2.20 -52.96 74.21
N VAL AA 230 -1.79 -53.84 73.30
CA VAL AA 230 -2.70 -54.75 72.54
C VAL AA 230 -2.50 -56.21 73.00
N THR AA 231 -3.58 -56.91 73.36
CA THR AA 231 -3.51 -58.33 73.78
C THR AA 231 -4.17 -59.24 72.75
N LYS AA 232 -3.53 -60.34 72.36
CA LYS AA 232 -4.10 -61.36 71.44
C LYS AA 232 -4.14 -62.72 72.17
N SER AA 233 -5.27 -63.42 72.13
CA SER AA 233 -5.44 -64.74 72.79
C SER AA 233 -6.11 -65.74 71.86
N THR AA 234 -5.56 -66.95 71.71
CA THR AA 234 -6.14 -68.03 70.89
C THR AA 234 -6.39 -69.28 71.73
N ARG AA 235 -7.57 -69.89 71.61
CA ARG AA 235 -7.92 -71.15 72.34
C ARG AA 235 -8.62 -72.19 71.45
N THR AA 236 -8.61 -73.45 71.84
CA THR AA 236 -9.33 -74.55 71.17
C THR AA 236 -10.56 -74.91 72.01
N TRP AA 237 -11.74 -74.98 71.41
CA TRP AA 237 -13.03 -75.25 72.10
C TRP AA 237 -13.77 -76.52 71.57
N VAL AA 238 -14.61 -77.10 72.40
CA VAL AA 238 -15.49 -78.24 72.03
C VAL AA 238 -16.96 -77.85 72.28
N LEU AA 239 -17.87 -78.16 71.35
CA LEU AA 239 -19.33 -77.93 71.56
C LEU AA 239 -20.17 -79.21 71.60
N PRO AA 240 -20.85 -79.50 72.72
CA PRO AA 240 -21.83 -80.58 72.79
C PRO AA 240 -23.18 -80.28 72.13
N SER AA 241 -23.93 -81.31 71.74
CA SER AA 241 -25.33 -81.04 71.29
C SER AA 241 -26.25 -81.06 72.51
N TYR AA 242 -26.51 -79.91 73.13
CA TYR AA 242 -27.29 -79.81 74.40
C TYR AA 242 -28.79 -79.97 74.26
N ASN AA 243 -29.43 -80.77 75.11
CA ASN AA 243 -30.92 -80.90 75.17
C ASN AA 243 -31.45 -81.79 74.05
N ASN AA 244 -30.57 -82.43 73.27
CA ASN AA 244 -30.96 -83.25 72.07
C ASN AA 244 -31.80 -82.42 71.09
N HIS AA 245 -31.41 -81.17 70.82
CA HIS AA 245 -32.10 -80.27 69.84
C HIS AA 245 -33.45 -79.73 70.32
N GLN AA 246 -33.66 -79.62 71.63
CA GLN AA 246 -34.97 -79.20 72.19
C GLN AA 246 -34.84 -78.07 73.23
N TYR AA 247 -35.91 -77.31 73.45
CA TYR AA 247 -35.99 -76.23 74.46
C TYR AA 247 -36.77 -76.80 75.61
N ARG AA 248 -36.28 -76.66 76.83
CA ARG AA 248 -36.94 -77.26 78.01
C ARG AA 248 -37.34 -76.23 79.08
N GLU AA 249 -38.56 -76.32 79.58
CA GLU AA 249 -38.97 -75.46 80.73
C GLU AA 249 -38.28 -75.97 82.01
N ILE AA 250 -37.68 -75.07 82.77
CA ILE AA 250 -36.90 -75.40 83.99
C ILE AA 250 -37.48 -74.61 85.19
N LYS AA 251 -37.50 -75.20 86.37
CA LYS AA 251 -38.13 -74.51 87.51
C LYS AA 251 -37.61 -75.04 88.85
N SER AA 252 -37.68 -74.24 89.89
CA SER AA 252 -37.33 -74.74 91.24
C SER AA 252 -38.29 -74.25 92.34
N GLY AA 253 -38.58 -75.06 93.34
CA GLY AA 253 -39.25 -74.65 94.60
C GLY AA 253 -38.19 -74.26 95.65
N SER AA 254 -38.58 -74.06 96.91
CA SER AA 254 -37.64 -73.74 98.02
C SER AA 254 -36.62 -74.87 98.29
N VAL AA 255 -35.35 -74.54 98.49
CA VAL AA 255 -34.26 -75.54 98.69
C VAL AA 255 -33.32 -75.04 99.78
N ASP AA 256 -32.76 -75.93 100.60
CA ASP AA 256 -31.81 -75.57 101.71
C ASP AA 256 -32.51 -74.63 102.70
N GLY AA 257 -33.82 -74.76 102.85
CA GLY AA 257 -34.59 -73.88 103.74
C GLY AA 257 -34.96 -72.52 103.17
N SER AA 258 -34.69 -72.21 101.89
CA SER AA 258 -34.99 -70.82 101.43
C SER AA 258 -35.89 -70.69 100.20
N ASN AA 259 -36.93 -69.86 100.27
CA ASN AA 259 -37.83 -69.51 99.11
C ASN AA 259 -37.13 -68.57 98.10
N ALA AA 260 -36.04 -67.89 98.47
CA ALA AA 260 -35.20 -67.02 97.59
C ALA AA 260 -34.59 -67.89 96.49
N ASN AA 261 -34.39 -69.17 96.77
CA ASN AA 261 -33.95 -70.24 95.83
C ASN AA 261 -34.94 -70.51 94.68
N ALA AA 262 -36.26 -70.41 94.86
CA ALA AA 262 -37.31 -70.66 93.83
C ALA AA 262 -37.20 -69.79 92.56
N TYR AA 263 -37.42 -70.38 91.38
CA TYR AA 263 -37.33 -69.67 90.07
C TYR AA 263 -38.17 -70.40 89.00
N PHE AA 264 -38.51 -69.71 87.91
CA PHE AA 264 -39.17 -70.29 86.71
C PHE AA 264 -38.29 -69.86 85.50
N GLY AA 265 -37.98 -70.77 84.58
CA GLY AA 265 -37.05 -70.48 83.46
C GLY AA 265 -37.06 -71.42 82.27
N TYR AA 266 -36.22 -71.10 81.27
CA TYR AA 266 -36.03 -71.97 80.07
C TYR AA 266 -34.55 -72.41 79.87
N SER AA 267 -34.33 -73.66 79.48
CA SER AA 267 -32.96 -74.16 79.07
C SER AA 267 -32.96 -74.28 77.54
N THR AA 268 -31.84 -74.01 76.90
CA THR AA 268 -31.79 -73.93 75.42
C THR AA 268 -30.77 -74.88 74.80
N PRO AA 269 -30.92 -75.23 73.52
CA PRO AA 269 -29.95 -76.03 72.75
C PRO AA 269 -28.58 -75.38 72.50
N TRP AA 270 -28.47 -74.07 72.49
CA TRP AA 270 -27.26 -73.25 72.24
C TRP AA 270 -26.19 -73.16 73.34
N GLY AA 271 -24.97 -72.81 72.93
CA GLY AA 271 -23.83 -72.56 73.81
C GLY AA 271 -23.27 -71.18 73.52
N TYR AA 272 -22.53 -70.61 74.45
CA TYR AA 272 -22.02 -69.22 74.29
C TYR AA 272 -20.52 -69.11 74.63
N PHE AA 273 -19.87 -68.06 74.12
CA PHE AA 273 -18.44 -67.76 74.43
C PHE AA 273 -18.35 -66.60 75.46
N ASP AA 274 -17.63 -66.78 76.56
CA ASP AA 274 -17.42 -65.77 77.64
C ASP AA 274 -15.93 -65.41 77.77
N PHE AA 275 -15.60 -64.13 77.67
CA PHE AA 275 -14.21 -63.64 77.87
C PHE AA 275 -14.08 -62.66 79.07
N ASN AA 276 -15.05 -62.55 79.98
CA ASN AA 276 -14.97 -61.52 81.07
C ASN AA 276 -14.11 -62.00 82.26
N ARG AA 277 -12.85 -62.35 82.06
CA ARG AA 277 -11.86 -62.65 83.13
C ARG AA 277 -10.53 -62.06 82.61
N PHE AA 278 -9.72 -61.44 83.46
CA PHE AA 278 -8.40 -60.84 83.09
C PHE AA 278 -7.36 -61.90 82.61
N HIS AA 279 -7.28 -63.08 83.22
CA HIS AA 279 -6.33 -64.20 82.91
C HIS AA 279 -6.57 -64.70 81.49
N SER AA 280 -7.77 -64.52 80.92
CA SER AA 280 -8.12 -64.84 79.52
C SER AA 280 -7.28 -64.00 78.54
N HIS AA 281 -6.99 -62.74 78.85
CA HIS AA 281 -6.17 -61.81 78.01
C HIS AA 281 -4.74 -61.54 78.52
N TRP AA 282 -4.41 -61.83 79.78
CA TRP AA 282 -3.13 -61.37 80.37
C TRP AA 282 -2.26 -62.48 80.90
N SER AA 283 -0.98 -62.50 80.51
CA SER AA 283 0.00 -63.43 81.11
C SER AA 283 0.34 -62.93 82.52
N PRO AA 284 0.80 -63.80 83.44
CA PRO AA 284 1.22 -63.33 84.75
C PRO AA 284 2.38 -62.35 84.72
N ARG AA 285 3.39 -62.51 83.87
CA ARG AA 285 4.48 -61.51 83.69
C ARG AA 285 3.97 -60.16 83.15
N ASP AA 286 3.07 -60.14 82.17
CA ASP AA 286 2.46 -58.90 81.59
C ASP AA 286 1.64 -58.13 82.63
N TRP AA 287 0.91 -58.84 83.48
CA TRP AA 287 0.14 -58.24 84.59
C TRP AA 287 1.07 -57.56 85.61
N GLN AA 288 2.20 -58.15 85.94
CA GLN AA 288 3.24 -57.57 86.83
C GLN AA 288 3.83 -56.28 86.25
N ARG AA 289 4.06 -56.26 84.94
CA ARG AA 289 4.58 -55.05 84.27
C ARG AA 289 3.58 -53.88 84.39
N LEU AA 290 2.28 -54.11 84.19
CA LEU AA 290 1.25 -53.06 84.40
C LEU AA 290 1.05 -52.54 85.85
N ILE AA 291 0.98 -53.42 86.84
CA ILE AA 291 0.72 -53.06 88.27
C ILE AA 291 1.88 -52.25 88.85
N ASN AA 292 3.11 -52.60 88.51
CA ASN AA 292 4.36 -51.91 88.91
C ASN AA 292 4.53 -50.50 88.35
N ASN AA 293 4.12 -50.21 87.10
CA ASN AA 293 4.46 -48.93 86.40
C ASN AA 293 3.37 -47.94 86.02
N TYR AA 294 2.09 -48.19 86.26
CA TYR AA 294 1.01 -47.31 85.75
C TYR AA 294 -0.01 -46.90 86.80
N TRP AA 295 -0.47 -45.64 86.78
CA TRP AA 295 -1.58 -45.15 87.64
C TRP AA 295 -2.98 -45.75 87.29
N GLY AA 296 -3.28 -45.95 86.02
CA GLY AA 296 -4.59 -46.44 85.59
C GLY AA 296 -4.65 -47.13 84.26
N PHE AA 297 -5.72 -47.87 84.01
CA PHE AA 297 -5.95 -48.54 82.69
C PHE AA 297 -7.46 -48.54 82.34
N ARG AA 298 -7.83 -48.58 81.05
CA ARG AA 298 -9.25 -48.73 80.59
C ARG AA 298 -9.34 -49.54 79.26
N PRO AA 299 -10.42 -50.32 79.00
CA PRO AA 299 -10.65 -50.96 77.67
C PRO AA 299 -11.11 -50.04 76.51
N ARG AA 300 -10.66 -50.28 75.28
CA ARG AA 300 -11.00 -49.41 74.11
C ARG AA 300 -11.69 -50.18 72.99
N SER AA 301 -11.11 -51.30 72.53
CA SER AA 301 -11.64 -52.04 71.36
C SER AA 301 -11.60 -53.57 71.52
N LEU AA 302 -12.53 -54.26 70.89
CA LEU AA 302 -12.55 -55.75 70.87
C LEU AA 302 -12.73 -56.33 69.45
N ARG AA 303 -11.96 -57.35 69.05
CA ARG AA 303 -12.14 -58.10 67.77
C ARG AA 303 -12.23 -59.62 68.06
N VAL AA 304 -13.23 -60.31 67.48
CA VAL AA 304 -13.41 -61.79 67.65
C VAL AA 304 -13.44 -62.56 66.30
N LYS AA 305 -12.69 -63.66 66.19
CA LYS AA 305 -12.72 -64.57 65.01
C LYS AA 305 -12.99 -66.04 65.41
N ILE AA 306 -13.91 -66.75 64.73
CA ILE AA 306 -14.18 -68.21 64.94
C ILE AA 306 -13.81 -68.95 63.63
N PHE AA 307 -12.99 -70.00 63.68
CA PHE AA 307 -12.38 -70.64 62.48
C PHE AA 307 -11.96 -72.11 62.67
N ASN AA 308 -11.55 -72.81 61.59
CA ASN AA 308 -11.08 -74.24 61.57
C ASN AA 308 -12.12 -75.21 62.13
N ILE AA 309 -13.37 -75.01 61.75
CA ILE AA 309 -14.51 -75.82 62.24
C ILE AA 309 -14.45 -77.29 61.80
N GLN AA 310 -14.74 -78.21 62.70
CA GLN AA 310 -14.76 -79.67 62.43
C GLN AA 310 -16.00 -80.31 63.08
N VAL AA 311 -16.85 -80.93 62.28
CA VAL AA 311 -18.09 -81.58 62.78
C VAL AA 311 -17.87 -83.10 62.75
N LYS AA 312 -18.17 -83.78 63.85
CA LYS AA 312 -17.96 -85.23 64.02
C LYS AA 312 -19.27 -85.97 64.33
N GLU AA 313 -19.44 -87.16 63.76
CA GLU AA 313 -20.64 -88.01 64.05
C GLU AA 313 -20.21 -89.20 64.91
N VAL AA 314 -20.96 -89.48 65.95
CA VAL AA 314 -20.62 -90.59 66.89
C VAL AA 314 -21.68 -91.69 66.69
N THR AA 315 -21.23 -92.92 66.50
CA THR AA 315 -22.15 -94.06 66.27
C THR AA 315 -21.82 -95.17 67.20
N VAL AA 316 -22.84 -95.82 67.78
CA VAL AA 316 -22.55 -97.02 68.62
C VAL AA 316 -23.20 -98.28 68.03
N GLN AA 317 -22.43 -99.34 67.77
CA GLN AA 317 -23.03 -100.63 67.39
C GLN AA 317 -22.48 -101.67 68.38
N ASP AA 318 -23.34 -102.29 69.19
CA ASP AA 318 -22.89 -103.37 70.12
C ASP AA 318 -21.72 -102.85 70.99
N SER AA 319 -21.76 -101.60 71.45
CA SER AA 319 -20.74 -101.05 72.40
C SER AA 319 -19.40 -100.62 71.77
N THR AA 320 -19.24 -100.65 70.43
CA THR AA 320 -18.00 -100.16 69.76
C THR AA 320 -17.72 -98.67 69.91
N THR AA 321 -18.71 -97.77 69.84
CA THR AA 321 -18.50 -96.28 69.85
C THR AA 321 -17.53 -95.67 68.81
N THR AA 322 -17.64 -95.97 67.51
CA THR AA 322 -16.84 -95.29 66.45
C THR AA 322 -17.13 -93.80 66.28
N ILE AA 323 -16.11 -92.97 65.99
CA ILE AA 323 -16.24 -91.51 65.73
C ILE AA 323 -15.74 -91.17 64.32
N ALA AA 324 -16.48 -90.39 63.54
CA ALA AA 324 -16.10 -90.04 62.14
C ALA AA 324 -16.40 -88.59 61.76
N ASN AA 325 -15.67 -88.04 60.80
CA ASN AA 325 -15.95 -86.69 60.27
C ASN AA 325 -17.20 -86.62 59.40
N ASN AA 326 -18.02 -85.57 59.54
CA ASN AA 326 -19.13 -85.33 58.58
C ASN AA 326 -18.81 -84.01 57.87
N LEU AA 327 -18.43 -84.04 56.60
CA LEU AA 327 -18.06 -82.86 55.76
C LEU AA 327 -19.22 -81.90 55.47
N THR AA 328 -20.41 -82.42 55.24
CA THR AA 328 -21.58 -81.59 54.81
C THR AA 328 -22.38 -81.00 55.99
N SER AA 329 -22.08 -81.32 57.24
CA SER AA 329 -22.75 -80.76 58.45
C SER AA 329 -22.41 -79.27 58.74
N THR AA 330 -23.32 -78.53 59.39
CA THR AA 330 -23.15 -77.07 59.63
C THR AA 330 -23.19 -76.67 61.10
N VAL AA 331 -22.61 -75.53 61.40
CA VAL AA 331 -22.67 -74.89 62.75
C VAL AA 331 -23.37 -73.53 62.53
N GLN AA 332 -24.16 -73.05 63.48
CA GLN AA 332 -24.88 -71.74 63.40
C GLN AA 332 -24.40 -70.71 64.45
N VAL AA 333 -24.06 -69.50 64.03
CA VAL AA 333 -23.46 -68.45 64.90
C VAL AA 333 -24.18 -67.09 64.77
N PHE AA 334 -24.43 -66.39 65.88
CA PHE AA 334 -25.01 -65.01 65.87
C PHE AA 334 -24.54 -64.14 67.07
N THR AA 335 -24.64 -62.82 66.94
CA THR AA 335 -24.35 -61.87 68.04
C THR AA 335 -25.63 -61.09 68.38
N ASP AA 336 -25.96 -60.92 69.67
CA ASP AA 336 -27.15 -60.15 70.12
C ASP AA 336 -26.83 -58.66 70.26
N ASP AA 337 -26.75 -57.93 69.15
CA ASP AA 337 -26.36 -56.49 69.08
C ASP AA 337 -27.31 -55.49 69.78
N ASP AA 338 -28.63 -55.66 69.72
CA ASP AA 338 -29.63 -54.73 70.30
C ASP AA 338 -30.05 -55.08 71.73
N TYR AA 339 -29.45 -56.10 72.36
CA TYR AA 339 -29.68 -56.47 73.79
C TYR AA 339 -31.10 -56.94 74.04
N GLN AA 340 -31.74 -57.54 73.06
CA GLN AA 340 -33.08 -58.14 73.17
C GLN AA 340 -33.11 -59.34 74.14
N LEU AA 341 -32.09 -60.18 74.13
CA LEU AA 341 -31.98 -61.34 75.03
C LEU AA 341 -31.56 -61.00 76.45
N PRO AA 342 -31.94 -61.84 77.44
CA PRO AA 342 -31.38 -61.66 78.78
C PRO AA 342 -29.85 -61.84 78.80
N TYR AA 343 -29.09 -60.97 79.46
CA TYR AA 343 -27.59 -61.00 79.44
C TYR AA 343 -27.07 -61.67 80.71
N VAL AA 344 -26.48 -62.85 80.54
CA VAL AA 344 -26.02 -63.66 81.69
C VAL AA 344 -24.50 -63.58 81.87
N VAL AA 345 -23.78 -62.86 81.00
CA VAL AA 345 -22.28 -62.80 80.99
C VAL AA 345 -21.62 -62.16 82.26
N GLY AA 346 -22.17 -61.16 82.90
CA GLY AA 346 -21.48 -60.38 83.98
C GLY AA 346 -21.76 -60.80 85.42
N ASN AA 347 -22.15 -62.04 85.69
CA ASN AA 347 -22.63 -62.54 87.02
C ASN AA 347 -21.65 -63.50 87.74
N GLY AA 348 -20.33 -63.49 87.46
CA GLY AA 348 -19.29 -64.34 88.09
C GLY AA 348 -19.42 -65.83 87.92
N THR AA 349 -19.85 -66.27 86.74
CA THR AA 349 -20.06 -67.69 86.42
C THR AA 349 -18.92 -68.31 85.66
N GLU AA 350 -18.74 -69.62 85.78
CA GLU AA 350 -17.72 -70.43 85.09
C GLU AA 350 -17.97 -70.67 83.58
N GLY AA 351 -16.96 -71.12 82.83
CA GLY AA 351 -17.05 -71.27 81.35
C GLY AA 351 -16.34 -70.27 80.49
N CYS AA 352 -15.57 -69.34 81.05
CA CYS AA 352 -14.72 -68.36 80.30
C CYS AA 352 -13.48 -69.06 79.68
N LEU AA 353 -12.83 -68.41 78.71
CA LEU AA 353 -11.60 -68.96 78.10
C LEU AA 353 -10.54 -69.17 79.19
N PRO AA 354 -9.78 -70.28 79.12
CA PRO AA 354 -8.78 -70.58 80.14
C PRO AA 354 -7.55 -69.68 80.32
N ALA AA 355 -7.01 -69.59 81.53
CA ALA AA 355 -5.79 -68.81 81.86
C ALA AA 355 -4.56 -69.32 81.08
N PHE AA 356 -4.41 -70.64 80.91
CA PHE AA 356 -3.22 -71.25 80.24
C PHE AA 356 -3.58 -71.54 78.79
N PRO AA 357 -2.83 -70.99 77.78
CA PRO AA 357 -3.12 -71.18 76.35
C PRO AA 357 -3.30 -72.59 75.76
N PRO AA 358 -2.51 -73.62 76.14
CA PRO AA 358 -2.69 -75.01 75.71
C PRO AA 358 -3.97 -75.75 76.16
N GLN AA 359 -4.61 -75.31 77.25
CA GLN AA 359 -5.83 -75.96 77.80
C GLN AA 359 -7.03 -75.91 76.84
N VAL AA 360 -7.78 -77.00 76.75
CA VAL AA 360 -8.91 -77.13 75.79
C VAL AA 360 -10.20 -77.09 76.62
N PHE AA 361 -11.20 -76.33 76.18
CA PHE AA 361 -12.41 -76.12 77.03
C PHE AA 361 -13.79 -76.39 76.39
N THR AA 362 -14.72 -76.85 77.22
CA THR AA 362 -16.13 -77.03 76.84
C THR AA 362 -16.91 -75.72 76.99
N LEU AA 363 -17.70 -75.32 75.98
CA LEU AA 363 -18.60 -74.13 76.07
C LEU AA 363 -19.79 -74.35 77.00
N PRO AA 364 -20.14 -73.33 77.81
CA PRO AA 364 -21.35 -73.38 78.64
C PRO AA 364 -22.70 -73.38 77.90
N GLN AA 365 -23.71 -74.09 78.40
CA GLN AA 365 -25.09 -74.02 77.84
C GLN AA 365 -25.85 -72.76 78.29
N TYR AA 366 -26.51 -72.06 77.35
CA TYR AA 366 -27.38 -70.88 77.64
C TYR AA 366 -28.73 -71.23 78.31
N GLY AA 367 -29.14 -70.41 79.27
CA GLY AA 367 -30.39 -70.56 80.02
C GLY AA 367 -30.68 -69.24 80.67
N TYR AA 368 -31.90 -69.06 81.19
CA TYR AA 368 -32.30 -67.79 81.88
C TYR AA 368 -33.43 -68.04 82.86
N ALA AA 369 -33.59 -67.13 83.81
CA ALA AA 369 -34.75 -67.12 84.71
C ALA AA 369 -35.66 -65.93 84.37
N THR AA 370 -36.95 -66.14 84.24
CA THR AA 370 -37.97 -65.06 84.08
C THR AA 370 -38.67 -64.87 85.42
N LEU AA 371 -39.88 -64.32 85.41
CA LEU AA 371 -40.71 -64.15 86.63
C LEU AA 371 -41.30 -65.44 87.22
N ASN AA 372 -41.43 -65.47 88.54
CA ASN AA 372 -42.00 -66.64 89.27
C ASN AA 372 -43.11 -66.08 90.18
N ARG AA 373 -44.12 -66.86 90.50
CA ARG AA 373 -45.29 -66.33 91.26
C ARG AA 373 -45.26 -66.68 92.75
N ASP AA 374 -45.31 -65.68 93.62
CA ASP AA 374 -45.39 -65.83 95.11
C ASP AA 374 -44.26 -66.66 95.75
N ASN AA 375 -43.01 -66.50 95.29
CA ASN AA 375 -41.84 -67.27 95.81
C ASN AA 375 -42.09 -68.78 95.65
N THR AA 376 -42.63 -69.22 94.51
CA THR AA 376 -42.93 -70.63 94.16
C THR AA 376 -42.41 -70.95 92.75
N GLU AA 377 -42.40 -72.21 92.30
CA GLU AA 377 -41.91 -72.65 90.95
C GLU AA 377 -42.81 -72.24 89.76
N ASN AA 378 -44.05 -71.85 90.01
CA ASN AA 378 -45.03 -71.41 88.98
C ASN AA 378 -44.75 -70.06 88.31
N PRO AA 379 -45.09 -69.92 87.02
CA PRO AA 379 -45.04 -68.66 86.28
C PRO AA 379 -46.18 -67.60 86.47
N THR AA 380 -46.02 -66.42 85.90
CA THR AA 380 -46.97 -65.29 85.93
C THR AA 380 -47.33 -64.94 84.50
N GLU AA 381 -48.39 -64.16 84.27
CA GLU AA 381 -48.80 -63.64 82.94
C GLU AA 381 -47.71 -62.75 82.32
N ARG AA 382 -46.99 -61.97 83.10
CA ARG AA 382 -45.82 -61.14 82.69
C ARG AA 382 -44.61 -62.01 82.27
N SER AA 383 -44.50 -63.27 82.70
CA SER AA 383 -43.36 -64.17 82.42
C SER AA 383 -43.19 -64.38 80.90
N SER AA 384 -41.95 -64.36 80.41
CA SER AA 384 -41.60 -64.32 78.96
C SER AA 384 -40.79 -65.51 78.42
N PHE AA 385 -41.09 -65.93 77.20
CA PHE AA 385 -40.34 -66.98 76.50
C PHE AA 385 -39.60 -66.35 75.32
N PHE AA 386 -38.33 -66.69 75.18
CA PHE AA 386 -37.51 -66.19 74.04
C PHE AA 386 -37.01 -67.34 73.19
N CYS AA 387 -37.21 -67.29 71.87
CA CYS AA 387 -36.66 -68.26 70.88
C CYS AA 387 -35.40 -67.69 70.19
N LEU AA 388 -34.25 -68.38 70.23
CA LEU AA 388 -32.97 -68.01 69.56
C LEU AA 388 -33.08 -68.14 68.03
N GLU AA 389 -33.82 -69.14 67.54
CA GLU AA 389 -34.00 -69.42 66.09
C GLU AA 389 -34.81 -68.32 65.41
N TYR AA 390 -35.54 -67.50 66.16
CA TYR AA 390 -36.26 -66.30 65.64
C TYR AA 390 -35.27 -65.26 65.12
N PHE AA 391 -34.12 -65.06 65.72
CA PHE AA 391 -33.04 -64.17 65.22
C PHE AA 391 -32.36 -64.73 63.97
N PRO AA 392 -31.86 -63.90 63.04
CA PRO AA 392 -30.99 -64.41 61.96
C PRO AA 392 -29.54 -64.90 62.35
N SER AA 393 -29.03 -65.99 61.79
CA SER AA 393 -27.69 -66.54 62.10
C SER AA 393 -26.86 -66.96 60.85
N LYS AA 394 -25.55 -66.83 60.91
CA LYS AA 394 -24.64 -67.35 59.85
C LYS AA 394 -24.55 -68.89 59.92
N MET AA 395 -24.50 -69.58 58.78
CA MET AA 395 -24.35 -71.06 58.74
C MET AA 395 -22.94 -71.42 58.20
N LEU AA 396 -22.21 -72.25 58.92
CA LEU AA 396 -20.82 -72.58 58.52
C LEU AA 396 -20.52 -74.06 58.33
N ARG AA 397 -19.94 -74.42 57.19
CA ARG AA 397 -19.35 -75.75 56.94
C ARG AA 397 -17.84 -75.70 57.33
N THR AA 398 -17.07 -76.78 57.18
CA THR AA 398 -15.61 -76.92 57.53
C THR AA 398 -14.71 -75.87 56.88
N GLY AA 399 -14.94 -75.44 55.63
CA GLY AA 399 -14.28 -74.31 54.94
C GLY AA 399 -14.51 -72.93 55.51
N ASN AA 400 -15.70 -72.63 56.04
CA ASN AA 400 -16.18 -71.29 56.51
C ASN AA 400 -15.63 -70.71 57.82
N ASN AA 401 -15.67 -69.39 57.99
CA ASN AA 401 -15.18 -68.65 59.19
C ASN AA 401 -16.16 -67.51 59.57
N PHE AA 402 -16.14 -67.04 60.82
CA PHE AA 402 -16.95 -65.90 61.30
C PHE AA 402 -16.09 -64.80 61.96
N GLU AA 403 -16.38 -63.52 61.73
CA GLU AA 403 -15.66 -62.40 62.40
C GLU AA 403 -16.60 -61.31 62.98
N PHE AA 404 -16.26 -60.69 64.12
CA PHE AA 404 -17.01 -59.54 64.72
C PHE AA 404 -16.05 -58.44 65.26
N THR AA 405 -16.48 -57.17 65.26
CA THR AA 405 -15.71 -56.01 65.83
C THR AA 405 -16.58 -55.19 66.78
N TYR AA 406 -16.03 -54.70 67.90
CA TYR AA 406 -16.77 -53.85 68.88
C TYR AA 406 -15.93 -52.66 69.38
N ASN AA 407 -16.56 -51.53 69.70
CA ASN AA 407 -15.89 -50.35 70.35
C ASN AA 407 -16.52 -50.10 71.72
N PHE AA 408 -15.70 -49.93 72.73
CA PHE AA 408 -16.20 -49.64 74.11
C PHE AA 408 -16.62 -48.18 74.19
N GLU AA 409 -17.63 -47.86 75.01
CA GLU AA 409 -18.04 -46.46 75.30
C GLU AA 409 -17.00 -45.78 76.21
N GLU AA 410 -16.97 -44.44 76.24
CA GLU AA 410 -16.06 -43.76 77.19
C GLU AA 410 -16.39 -44.15 78.63
N VAL AA 411 -15.37 -44.49 79.40
CA VAL AA 411 -15.55 -44.98 80.79
C VAL AA 411 -14.39 -44.38 81.60
N PRO AA 412 -14.51 -44.14 82.91
CA PRO AA 412 -13.37 -43.72 83.71
C PRO AA 412 -12.26 -44.78 83.88
N PHE AA 413 -10.99 -44.38 83.95
CA PHE AA 413 -9.84 -45.31 84.19
C PHE AA 413 -9.93 -45.94 85.58
N HIS AA 414 -9.61 -47.22 85.73
CA HIS AA 414 -9.49 -47.85 87.08
C HIS AA 414 -8.29 -47.21 87.80
N SER AA 415 -8.38 -47.04 89.11
CA SER AA 415 -7.26 -46.46 89.90
C SER AA 415 -6.30 -47.51 90.46
N SER AA 416 -5.14 -47.70 89.84
CA SER AA 416 -4.08 -48.64 90.29
C SER AA 416 -3.07 -47.93 91.20
N PHE AA 417 -3.49 -47.46 92.36
CA PHE AA 417 -2.61 -46.74 93.31
C PHE AA 417 -3.20 -46.86 94.71
N ALA AA 418 -2.35 -46.67 95.70
CA ALA AA 418 -2.78 -46.63 97.12
C ALA AA 418 -2.51 -45.23 97.64
N PRO AA 419 -3.43 -44.63 98.43
CA PRO AA 419 -3.16 -43.35 99.06
C PRO AA 419 -2.02 -43.30 100.09
N SER AA 420 -1.20 -42.25 100.02
CA SER AA 420 -0.07 -42.04 100.97
C SER AA 420 -0.45 -41.12 102.15
N GLN AA 421 -1.69 -40.64 102.21
CA GLN AA 421 -2.18 -39.81 103.35
C GLN AA 421 -3.54 -40.25 103.89
N ASN AA 422 -3.77 -40.11 105.19
CA ASN AA 422 -5.10 -40.29 105.84
C ASN AA 422 -6.02 -39.11 105.51
N LEU AA 423 -7.33 -39.35 105.29
CA LEU AA 423 -8.36 -38.33 104.95
C LEU AA 423 -8.50 -37.29 106.07
N PHE AA 424 -8.40 -37.69 107.33
CA PHE AA 424 -8.51 -36.81 108.51
C PHE AA 424 -7.17 -36.12 108.96
N LYS AA 425 -6.01 -36.35 108.35
CA LYS AA 425 -4.68 -35.80 108.76
C LYS AA 425 -4.10 -34.79 107.72
N LEU AA 426 -4.90 -34.01 106.99
CA LEU AA 426 -4.46 -33.13 105.87
C LEU AA 426 -4.00 -31.70 106.26
N ALA AA 427 -4.27 -31.25 107.48
CA ALA AA 427 -3.78 -29.95 107.96
C ALA AA 427 -2.24 -30.03 108.15
N ASN AA 428 -1.54 -28.90 107.96
CA ASN AA 428 -0.08 -28.87 108.22
C ASN AA 428 0.15 -29.21 109.70
N PRO AA 429 1.10 -30.12 110.01
CA PRO AA 429 1.43 -30.47 111.38
C PRO AA 429 2.02 -29.30 112.24
N LEU AA 430 2.85 -28.42 111.69
CA LEU AA 430 3.45 -27.19 112.30
C LEU AA 430 2.50 -26.05 112.68
N VAL AA 431 1.44 -25.80 111.92
CA VAL AA 431 0.58 -24.60 112.11
C VAL AA 431 -0.82 -24.83 112.75
N ASP AA 432 -1.20 -24.02 113.74
CA ASP AA 432 -2.55 -24.02 114.38
C ASP AA 432 -3.67 -23.45 113.49
N GLN AA 433 -4.89 -23.94 113.65
CA GLN AA 433 -6.09 -23.40 112.96
C GLN AA 433 -6.60 -22.07 113.55
N TYR AA 434 -7.21 -21.18 112.75
CA TYR AA 434 -7.88 -19.96 113.28
C TYR AA 434 -9.33 -20.27 113.75
N LEU AA 435 -9.61 -21.48 114.17
CA LEU AA 435 -10.98 -21.96 114.50
C LEU AA 435 -11.04 -22.50 115.92
N TYR AA 436 -12.21 -22.41 116.54
CA TYR AA 436 -12.35 -22.78 117.98
C TYR AA 436 -13.48 -23.78 118.19
N ARG AA 437 -13.39 -24.54 119.27
CA ARG AA 437 -14.37 -25.61 119.58
C ARG AA 437 -14.91 -25.46 121.01
N PHE AA 438 -16.12 -25.95 121.25
CA PHE AA 438 -16.69 -25.96 122.61
C PHE AA 438 -16.14 -27.14 123.37
N VAL AA 439 -15.63 -26.86 124.55
CA VAL AA 439 -15.07 -27.94 125.39
C VAL AA 439 -15.74 -28.08 126.76
N SER AA 440 -16.47 -27.07 127.22
CA SER AA 440 -16.88 -27.08 128.64
C SER AA 440 -18.04 -26.18 129.07
N THR AA 441 -18.58 -26.45 130.23
CA THR AA 441 -19.58 -25.57 130.87
C THR AA 441 -19.04 -25.34 132.29
N ASN AA 442 -19.20 -24.14 132.87
CA ASN AA 442 -18.75 -23.82 134.27
C ASN AA 442 -19.79 -24.22 135.34
N ASN AA 443 -19.57 -23.89 136.62
CA ASN AA 443 -20.47 -24.28 137.76
C ASN AA 443 -21.86 -23.71 137.50
N THR AA 444 -21.99 -22.48 137.00
CA THR AA 444 -23.27 -21.97 136.47
C THR AA 444 -23.13 -22.46 135.06
N GLY AA 445 -24.13 -23.01 134.39
CA GLY AA 445 -23.79 -23.69 133.12
C GLY AA 445 -23.46 -22.80 131.94
N GLY AA 446 -22.34 -22.07 132.01
CA GLY AA 446 -21.92 -21.12 130.96
C GLY AA 446 -20.89 -21.71 130.03
N VAL AA 447 -21.08 -21.58 128.72
CA VAL AA 447 -20.21 -22.22 127.68
C VAL AA 447 -18.76 -21.71 127.64
N GLN AA 448 -17.83 -22.60 127.37
CA GLN AA 448 -16.37 -22.28 127.35
C GLN AA 448 -15.74 -22.83 126.06
N PHE AA 449 -14.70 -22.17 125.55
CA PHE AA 449 -14.09 -22.53 124.24
C PHE AA 449 -12.56 -22.61 124.28
N ASN AA 450 -11.97 -23.41 123.41
CA ASN AA 450 -10.49 -23.54 123.28
C ASN AA 450 -10.12 -23.51 121.81
N LYS AA 451 -8.96 -22.96 121.46
CA LYS AA 451 -8.40 -22.95 120.08
C LYS AA 451 -7.89 -24.33 119.63
N ASN AA 452 -7.91 -24.58 118.33
CA ASN AA 452 -7.43 -25.88 117.78
C ASN AA 452 -5.93 -25.80 117.49
N LEU AA 453 -5.12 -26.62 118.19
CA LEU AA 453 -3.63 -26.65 118.08
C LEU AA 453 -3.07 -27.47 116.91
N ALA AA 454 -1.82 -27.21 116.54
CA ALA AA 454 -1.14 -27.95 115.43
C ALA AA 454 -0.95 -29.44 115.72
N GLY AA 455 -1.31 -30.30 114.76
CA GLY AA 455 -1.17 -31.76 114.85
C GLY AA 455 -2.24 -32.48 115.65
N ARG AA 456 -3.23 -31.78 116.19
CA ARG AA 456 -4.32 -32.37 117.02
C ARG AA 456 -5.48 -32.81 116.10
N TYR AA 457 -5.31 -33.91 115.35
CA TYR AA 457 -6.24 -34.44 114.30
C TYR AA 457 -7.57 -34.88 114.90
N ALA AA 458 -7.56 -35.30 116.16
CA ALA AA 458 -8.78 -35.64 116.89
C ALA AA 458 -9.74 -34.44 116.97
N ASN AA 459 -9.26 -33.21 117.11
CA ASN AA 459 -10.09 -31.99 117.33
C ASN AA 459 -10.07 -30.93 116.22
N THR AA 460 -9.94 -31.23 114.96
CA THR AA 460 -9.68 -30.27 113.86
C THR AA 460 -10.92 -30.19 112.99
N TYR AA 461 -11.22 -29.03 112.44
CA TYR AA 461 -12.35 -28.85 111.49
C TYR AA 461 -12.02 -29.61 110.22
N LYS AA 462 -13.00 -30.27 109.62
CA LYS AA 462 -12.76 -31.13 108.43
C LYS AA 462 -13.63 -30.75 107.23
N ASN AA 463 -13.07 -30.58 106.05
CA ASN AA 463 -13.81 -30.42 104.77
C ASN AA 463 -14.55 -31.66 104.23
N TRP AA 464 -14.00 -32.85 104.36
CA TRP AA 464 -14.47 -34.03 103.62
C TRP AA 464 -14.73 -35.23 104.51
N PHE AA 465 -15.59 -36.11 104.06
CA PHE AA 465 -16.06 -37.23 104.90
C PHE AA 465 -15.84 -38.54 104.19
N PRO AA 466 -15.68 -39.63 104.96
CA PRO AA 466 -15.56 -40.97 104.41
C PRO AA 466 -16.83 -41.56 103.77
N GLY AA 467 -16.68 -42.55 102.92
CA GLY AA 467 -17.78 -43.20 102.17
C GLY AA 467 -18.70 -44.11 102.97
N PRO AA 468 -19.85 -44.51 102.38
CA PRO AA 468 -20.88 -45.27 103.09
C PRO AA 468 -20.54 -46.68 103.65
N MET AA 469 -21.11 -47.02 104.81
CA MET AA 469 -20.76 -48.29 105.49
C MET AA 469 -21.97 -49.09 106.02
N GLY AA 470 -21.93 -50.42 106.03
CA GLY AA 470 -22.92 -51.27 106.75
C GLY AA 470 -22.17 -52.31 107.56
N ARG AA 471 -22.42 -52.51 108.86
CA ARG AA 471 -21.59 -53.45 109.66
C ARG AA 471 -21.71 -54.95 109.24
N THR AA 472 -20.58 -55.66 109.09
CA THR AA 472 -20.50 -57.09 108.70
C THR AA 472 -19.60 -57.82 109.67
N GLN AA 473 -19.91 -59.06 110.05
CA GLN AA 473 -19.15 -59.81 111.08
C GLN AA 473 -17.68 -60.08 110.69
N GLY AA 474 -16.77 -59.99 111.67
CA GLY AA 474 -15.34 -60.24 111.46
C GLY AA 474 -14.89 -61.58 112.01
N TRP AA 475 -14.15 -62.33 111.20
CA TRP AA 475 -13.63 -63.66 111.61
C TRP AA 475 -12.10 -63.71 111.52
N ASN AA 476 -11.45 -64.25 112.55
CA ASN AA 476 -9.96 -64.39 112.59
C ASN AA 476 -9.49 -65.53 111.68
N LEU AA 477 -8.32 -65.39 111.10
CA LEU AA 477 -7.70 -66.38 110.17
C LEU AA 477 -6.32 -66.73 110.75
N GLY AA 478 -5.71 -67.84 110.35
CA GLY AA 478 -4.43 -68.26 110.95
C GLY AA 478 -4.54 -68.61 112.42
N SER AA 479 -3.80 -67.92 113.28
CA SER AA 479 -3.85 -68.17 114.73
C SER AA 479 -5.27 -67.90 115.24
N GLY AA 480 -5.96 -66.84 114.77
CA GLY AA 480 -7.41 -66.75 115.04
C GLY AA 480 -7.87 -66.71 116.47
N VAL AA 481 -8.73 -67.64 116.90
CA VAL AA 481 -9.37 -67.67 118.25
C VAL AA 481 -10.90 -67.37 118.16
N ASN AA 482 -11.56 -67.66 117.03
CA ASN AA 482 -13.05 -67.51 116.80
C ASN AA 482 -13.96 -68.51 117.54
N ARG AA 483 -15.25 -68.21 117.69
CA ARG AA 483 -16.28 -69.09 118.35
C ARG AA 483 -16.55 -70.42 117.62
N ALA AA 484 -16.68 -71.52 118.37
CA ALA AA 484 -16.85 -72.91 117.85
C ALA AA 484 -18.24 -73.36 117.42
N SER AA 485 -18.32 -74.31 116.47
CA SER AA 485 -19.58 -74.97 116.05
C SER AA 485 -20.69 -74.03 115.56
N VAL AA 486 -20.37 -73.03 114.77
CA VAL AA 486 -21.37 -72.02 114.33
C VAL AA 486 -21.95 -72.34 112.94
N SER AA 487 -23.27 -72.20 112.77
CA SER AA 487 -23.87 -72.26 111.42
C SER AA 487 -24.04 -70.79 111.00
N ALA AA 488 -23.39 -70.35 109.95
CA ALA AA 488 -23.33 -68.93 109.51
C ALA AA 488 -24.64 -68.27 109.02
N PHE AA 489 -25.55 -68.93 108.31
CA PHE AA 489 -26.66 -68.29 107.54
C PHE AA 489 -27.68 -67.43 108.32
N ALA AA 490 -28.13 -67.79 109.52
CA ALA AA 490 -29.13 -67.02 110.29
C ALA AA 490 -28.63 -65.62 110.62
N THR AA 491 -27.35 -65.46 110.93
CA THR AA 491 -26.75 -64.17 111.36
C THR AA 491 -26.10 -63.39 110.23
N THR AA 492 -26.19 -63.83 108.98
CA THR AA 492 -25.64 -63.13 107.79
C THR AA 492 -26.40 -61.87 107.39
N ASN AA 493 -25.75 -60.92 106.71
CA ASN AA 493 -26.39 -59.68 106.17
C ASN AA 493 -27.39 -60.01 105.06
N ARG AA 494 -28.53 -59.31 105.01
CA ARG AA 494 -29.58 -59.64 104.02
C ARG AA 494 -30.34 -58.41 103.51
N MET AA 495 -30.91 -58.50 102.31
CA MET AA 495 -31.82 -57.45 101.76
C MET AA 495 -33.12 -58.18 101.37
N GLU AA 496 -34.28 -57.54 101.51
CA GLU AA 496 -35.60 -58.18 101.25
C GLU AA 496 -36.17 -57.72 99.89
N LEU AA 497 -36.50 -58.63 98.98
CA LEU AA 497 -37.16 -58.29 97.68
C LEU AA 497 -38.38 -59.17 97.46
N GLU AA 498 -39.56 -58.63 97.13
CA GLU AA 498 -40.78 -59.40 96.72
C GLU AA 498 -41.21 -60.44 97.76
N GLY AA 499 -41.09 -60.18 99.05
CA GLY AA 499 -41.40 -61.20 100.09
C GLY AA 499 -40.32 -62.24 100.40
N ALA AA 500 -39.10 -62.14 99.88
CA ALA AA 500 -38.04 -63.12 100.28
C ALA AA 500 -36.77 -62.44 100.81
N SER AA 501 -36.00 -63.10 101.68
CA SER AA 501 -34.72 -62.59 102.23
C SER AA 501 -33.54 -63.14 101.43
N TYR AA 502 -32.69 -62.24 100.96
CA TYR AA 502 -31.54 -62.66 100.12
C TYR AA 502 -30.22 -62.26 100.71
N GLN AA 503 -29.28 -63.19 100.71
CA GLN AA 503 -27.88 -62.82 101.04
C GLN AA 503 -27.37 -61.99 99.85
N VAL AA 504 -26.57 -60.99 100.11
CA VAL AA 504 -25.99 -60.10 99.08
C VAL AA 504 -24.50 -60.20 99.37
N PRO AA 505 -23.83 -61.31 98.96
CA PRO AA 505 -22.48 -61.64 99.36
C PRO AA 505 -21.38 -60.67 99.04
N PRO AA 506 -21.26 -59.93 97.91
CA PRO AA 506 -20.25 -58.88 97.88
C PRO AA 506 -21.04 -57.78 98.60
N GLN AA 507 -20.48 -57.10 99.58
CA GLN AA 507 -21.31 -55.96 100.13
C GLN AA 507 -21.21 -54.75 99.15
N PRO AA 508 -22.01 -53.66 99.27
CA PRO AA 508 -21.85 -52.45 98.45
C PRO AA 508 -20.54 -51.63 98.68
N ASN AA 509 -20.00 -50.89 97.68
CA ASN AA 509 -18.68 -50.16 97.77
C ASN AA 509 -18.52 -49.06 98.85
N GLY AA 510 -17.26 -48.73 99.24
CA GLY AA 510 -16.91 -47.73 100.28
C GLY AA 510 -16.40 -48.26 101.59
N MET AA 511 -16.17 -49.55 101.70
CA MET AA 511 -15.62 -50.12 102.95
C MET AA 511 -14.30 -50.89 102.74
N THR AA 512 -13.57 -51.17 103.82
CA THR AA 512 -12.40 -52.09 103.78
C THR AA 512 -12.66 -53.31 104.66
N ASN AA 513 -12.51 -54.54 104.15
CA ASN AA 513 -12.59 -55.84 104.88
C ASN AA 513 -11.47 -56.11 105.92
N ASN AA 514 -10.23 -55.73 105.68
CA ASN AA 514 -9.06 -56.07 106.56
C ASN AA 514 -8.23 -54.83 106.89
N LEU AA 515 -7.83 -54.65 108.14
CA LEU AA 515 -6.94 -53.50 108.56
C LEU AA 515 -5.46 -53.43 108.05
N GLN AA 516 -4.66 -54.50 107.96
CA GLN AA 516 -3.20 -54.50 107.58
C GLN AA 516 -2.50 -55.16 108.76
N GLY AA 517 -1.57 -56.09 108.52
CA GLY AA 517 -1.19 -56.89 109.68
C GLY AA 517 -2.52 -57.58 109.95
N SER AA 518 -3.13 -57.43 111.11
CA SER AA 518 -4.43 -58.05 111.50
C SER AA 518 -4.92 -59.31 110.75
N ASN AA 519 -5.45 -60.24 111.53
CA ASN AA 519 -5.99 -61.52 110.96
C ASN AA 519 -7.52 -61.48 111.00
N THR AA 520 -8.13 -60.33 111.28
CA THR AA 520 -9.59 -60.19 111.23
C THR AA 520 -10.03 -59.80 109.82
N TYR AA 521 -10.99 -60.53 109.29
CA TYR AA 521 -11.51 -60.29 107.92
C TYR AA 521 -13.00 -60.29 108.00
N ALA AA 522 -13.62 -59.35 107.30
CA ALA AA 522 -15.09 -59.46 107.19
C ALA AA 522 -15.34 -60.33 105.95
N LEU AA 523 -15.71 -61.60 106.13
CA LEU AA 523 -15.82 -62.63 105.04
C LEU AA 523 -16.87 -62.33 103.96
N GLU AA 524 -18.02 -61.74 104.32
CA GLU AA 524 -19.08 -61.38 103.35
C GLU AA 524 -18.73 -60.10 102.58
N ASN AA 525 -17.67 -59.39 102.91
CA ASN AA 525 -17.16 -58.22 102.13
C ASN AA 525 -15.95 -58.61 101.27
N THR AA 526 -15.59 -59.88 101.18
CA THR AA 526 -14.34 -60.31 100.46
C THR AA 526 -14.62 -61.21 99.28
N MET AA 527 -13.93 -61.00 98.17
CA MET AA 527 -13.95 -61.96 97.04
C MET AA 527 -13.13 -63.21 97.42
N ILE AA 528 -13.73 -64.39 97.35
CA ILE AA 528 -13.05 -65.68 97.64
C ILE AA 528 -12.96 -66.54 96.37
N PHE AA 529 -11.78 -67.06 96.05
CA PHE AA 529 -11.52 -67.81 94.80
C PHE AA 529 -10.82 -69.12 95.12
N ASN AA 530 -10.86 -70.07 94.19
CA ASN AA 530 -10.13 -71.37 94.31
C ASN AA 530 -8.92 -71.32 93.37
N SER AA 531 -7.76 -71.81 93.81
CA SER AA 531 -6.55 -71.92 92.95
C SER AA 531 -6.80 -72.88 91.78
N GLN AA 532 -7.51 -73.98 92.02
CA GLN AA 532 -7.80 -75.01 90.99
C GLN AA 532 -9.28 -75.00 90.59
N PRO AA 533 -9.64 -75.31 89.33
CA PRO AA 533 -11.04 -75.45 88.91
C PRO AA 533 -11.74 -76.64 89.58
N ALA AA 534 -13.06 -76.54 89.75
CA ALA AA 534 -13.83 -77.57 90.48
C ALA AA 534 -14.86 -78.27 89.60
N ASN AA 535 -15.19 -79.51 89.96
CA ASN AA 535 -16.26 -80.27 89.28
C ASN AA 535 -17.64 -79.65 89.61
N PRO AA 536 -18.61 -79.68 88.69
CA PRO AA 536 -19.94 -79.16 88.97
C PRO AA 536 -20.75 -79.85 90.06
N GLY AA 537 -21.43 -79.06 90.91
CA GLY AA 537 -22.31 -79.58 91.97
C GLY AA 537 -21.61 -80.02 93.23
N THR AA 538 -20.31 -79.74 93.37
CA THR AA 538 -19.57 -80.20 94.56
C THR AA 538 -20.19 -79.61 95.83
N THR AA 539 -20.31 -80.41 96.89
CA THR AA 539 -20.82 -79.96 98.20
C THR AA 539 -19.72 -80.10 99.23
N ALA AA 540 -18.47 -80.33 98.84
CA ALA AA 540 -17.31 -80.54 99.74
C ALA AA 540 -16.96 -79.31 100.61
N THR AA 541 -16.59 -79.53 101.88
CA THR AA 541 -16.08 -78.44 102.74
C THR AA 541 -14.69 -78.03 102.32
N TYR AA 542 -14.39 -76.74 102.36
CA TYR AA 542 -13.03 -76.24 102.05
C TYR AA 542 -12.49 -75.45 103.21
N LEU AA 543 -11.28 -75.77 103.63
CA LEU AA 543 -10.55 -74.99 104.66
C LEU AA 543 -9.84 -73.77 104.03
N GLU AA 544 -9.29 -72.88 104.85
CA GLU AA 544 -8.62 -71.62 104.42
C GLU AA 544 -7.39 -71.84 103.52
N GLY AA 545 -6.60 -72.89 103.76
CA GLY AA 545 -5.38 -73.17 102.97
C GLY AA 545 -5.70 -73.41 101.51
N ASN AA 546 -6.77 -74.11 101.17
CA ASN AA 546 -7.23 -74.26 99.78
C ASN AA 546 -7.66 -72.93 99.14
N MET AA 547 -8.28 -72.01 99.88
CA MET AA 547 -8.88 -70.78 99.30
C MET AA 547 -7.92 -69.63 99.01
N LEU AA 548 -8.24 -68.78 98.03
CA LEU AA 548 -7.47 -67.54 97.77
C LEU AA 548 -8.32 -66.39 98.32
N ILE AA 549 -7.88 -65.70 99.37
CA ILE AA 549 -8.71 -64.64 100.04
C ILE AA 549 -8.07 -63.26 99.83
N THR AA 550 -8.81 -62.32 99.27
CA THR AA 550 -8.36 -60.94 98.97
C THR AA 550 -8.43 -60.00 100.19
N SER AA 551 -7.61 -58.95 100.18
CA SER AA 551 -7.58 -57.91 101.24
C SER AA 551 -7.69 -56.54 100.56
N GLU AA 552 -8.40 -55.60 101.16
CA GLU AA 552 -8.60 -54.23 100.63
C GLU AA 552 -7.86 -53.23 101.53
N SER AA 553 -6.82 -53.64 102.26
CA SER AA 553 -6.10 -52.84 103.28
C SER AA 553 -5.47 -51.55 102.73
N GLU AA 554 -5.15 -51.46 101.45
CA GLU AA 554 -4.61 -50.25 100.77
C GLU AA 554 -5.61 -49.07 100.85
N THR AA 555 -6.91 -49.30 100.79
CA THR AA 555 -7.98 -48.28 100.80
C THR AA 555 -8.34 -47.79 102.20
N GLN AA 556 -7.73 -48.33 103.27
CA GLN AA 556 -8.04 -48.03 104.70
C GLN AA 556 -7.84 -46.52 105.04
N PRO AA 557 -6.85 -45.76 104.50
CA PRO AA 557 -6.79 -44.31 104.71
C PRO AA 557 -8.07 -43.52 104.35
N VAL AA 558 -8.90 -43.94 103.38
CA VAL AA 558 -10.24 -43.34 103.05
C VAL AA 558 -11.48 -44.26 103.24
N ASN AA 559 -11.36 -45.54 103.59
CA ASN AA 559 -12.54 -46.44 103.62
C ASN AA 559 -12.72 -46.98 105.03
N ARG AA 560 -13.94 -46.90 105.55
CA ARG AA 560 -14.23 -47.39 106.92
C ARG AA 560 -14.16 -48.93 107.01
N VAL AA 561 -13.75 -49.45 108.15
CA VAL AA 561 -13.72 -50.91 108.40
C VAL AA 561 -15.12 -51.52 108.62
N ALA AA 562 -15.46 -52.61 107.91
CA ALA AA 562 -16.78 -53.31 107.94
C ALA AA 562 -17.13 -53.93 109.29
N TYR AA 563 -16.18 -54.56 109.97
CA TYR AA 563 -16.41 -55.22 111.30
C TYR AA 563 -16.77 -54.19 112.40
N ASN AA 564 -16.18 -53.01 112.41
CA ASN AA 564 -16.39 -51.96 113.44
C ASN AA 564 -17.66 -51.09 113.27
N VAL AA 565 -18.16 -50.43 114.33
CA VAL AA 565 -19.24 -49.39 114.26
C VAL AA 565 -18.76 -48.13 113.53
N GLY AA 566 -19.60 -47.46 112.74
CA GLY AA 566 -19.30 -46.20 111.99
C GLY AA 566 -18.98 -44.92 112.75
N GLY AA 567 -19.66 -44.61 113.85
CA GLY AA 567 -19.51 -43.33 114.57
C GLY AA 567 -20.56 -43.16 115.62
N GLN AA 568 -20.70 -41.98 116.21
CA GLN AA 568 -21.73 -41.66 117.25
C GLN AA 568 -22.51 -40.36 116.91
N MET AA 569 -23.78 -40.25 117.30
CA MET AA 569 -24.65 -39.05 117.12
C MET AA 569 -25.43 -38.75 118.40
N ALA AA 570 -25.92 -37.53 118.61
CA ALA AA 570 -26.74 -37.12 119.80
C ALA AA 570 -28.13 -37.79 119.87
N THR AA 571 -28.51 -38.23 121.07
CA THR AA 571 -29.79 -38.95 121.28
C THR AA 571 -30.75 -38.19 122.20
N ASN AA 572 -30.44 -36.98 122.65
CA ASN AA 572 -31.24 -36.30 123.70
C ASN AA 572 -31.04 -34.79 123.65
N ASN AA 573 -31.80 -34.07 124.46
CA ASN AA 573 -31.57 -32.61 124.65
C ASN AA 573 -31.05 -32.41 126.07
N GLN AA 574 -29.91 -31.74 126.25
CA GLN AA 574 -29.32 -31.44 127.58
C GLN AA 574 -30.16 -30.36 128.31
N SER AA 575 -30.15 -30.37 129.63
CA SER AA 575 -30.91 -29.41 130.47
C SER AA 575 -30.19 -29.35 131.83
N SER AA 576 -30.53 -28.41 132.69
CA SER AA 576 -29.91 -28.44 134.04
C SER AA 576 -30.25 -29.76 134.72
N THR AA 577 -31.48 -30.26 134.60
CA THR AA 577 -31.87 -31.60 135.09
C THR AA 577 -31.19 -32.75 134.35
N THR AA 578 -31.00 -32.67 133.03
CA THR AA 578 -30.50 -33.83 132.25
C THR AA 578 -29.11 -33.68 131.62
N ALA AA 579 -28.23 -34.64 131.86
CA ALA AA 579 -26.89 -34.70 131.21
C ALA AA 579 -26.99 -35.05 129.73
N PRO AA 580 -26.07 -34.56 128.88
CA PRO AA 580 -26.04 -34.96 127.46
C PRO AA 580 -25.70 -36.44 127.17
N ALA AA 581 -26.27 -37.05 126.13
CA ALA AA 581 -26.09 -38.47 125.78
C ALA AA 581 -25.80 -38.70 124.28
N THR AA 582 -25.05 -39.76 123.95
CA THR AA 582 -24.75 -40.12 122.55
C THR AA 582 -25.10 -41.57 122.28
N GLY AA 583 -25.29 -41.92 121.01
CA GLY AA 583 -25.49 -43.33 120.63
C GLY AA 583 -24.68 -43.73 119.41
N THR AA 584 -24.13 -44.95 119.38
CA THR AA 584 -23.42 -45.50 118.16
C THR AA 584 -24.38 -45.91 117.05
N TYR AA 585 -23.95 -45.85 115.80
CA TYR AA 585 -24.74 -46.31 114.63
C TYR AA 585 -24.00 -47.49 113.88
N ASN AA 586 -24.72 -48.48 113.34
CA ASN AA 586 -24.13 -49.66 112.62
C ASN AA 586 -24.20 -49.50 111.09
N LEU AA 587 -24.93 -48.49 110.61
CA LEU AA 587 -25.04 -48.23 109.15
C LEU AA 587 -25.12 -46.73 108.83
N GLN AA 588 -24.56 -46.29 107.71
CA GLN AA 588 -24.71 -44.90 107.23
C GLN AA 588 -24.63 -44.93 105.70
N GLU AA 589 -25.22 -43.97 105.01
CA GLU AA 589 -25.29 -43.97 103.54
C GLU AA 589 -24.68 -42.66 103.05
N ILE AA 590 -24.75 -42.36 101.77
CA ILE AA 590 -24.09 -41.18 101.15
C ILE AA 590 -24.53 -39.83 101.75
N VAL AA 591 -23.56 -38.96 101.95
CA VAL AA 591 -23.79 -37.59 102.50
C VAL AA 591 -23.04 -36.66 101.54
N PRO AA 592 -23.40 -35.38 101.40
CA PRO AA 592 -22.62 -34.46 100.57
C PRO AA 592 -21.18 -34.24 101.10
N GLY AA 593 -20.18 -34.15 100.22
CA GLY AA 593 -18.76 -34.09 100.62
C GLY AA 593 -18.11 -35.45 100.88
N SER AA 594 -18.80 -36.55 100.58
CA SER AA 594 -18.33 -37.95 100.71
C SER AA 594 -17.27 -38.35 99.66
N VAL AA 595 -16.20 -39.02 100.10
CA VAL AA 595 -15.10 -39.51 99.20
C VAL AA 595 -14.84 -40.99 99.55
N TRP AA 596 -14.56 -41.83 98.55
CA TRP AA 596 -14.23 -43.27 98.76
C TRP AA 596 -13.43 -43.84 97.59
N MET AA 597 -12.86 -45.01 97.80
CA MET AA 597 -12.16 -45.78 96.72
C MET AA 597 -12.98 -47.04 96.35
N GLU AA 598 -13.15 -47.32 95.06
CA GLU AA 598 -13.82 -48.55 94.55
C GLU AA 598 -12.96 -49.80 94.75
N ARG AA 599 -13.58 -50.98 94.76
CA ARG AA 599 -12.87 -52.28 94.89
C ARG AA 599 -11.82 -52.54 93.78
N ASP AA 600 -10.70 -53.14 94.14
CA ASP AA 600 -9.61 -53.49 93.21
C ASP AA 600 -9.91 -54.65 92.26
N VAL AA 601 -9.40 -54.59 91.05
CA VAL AA 601 -9.45 -55.74 90.08
C VAL AA 601 -8.36 -56.80 90.38
N TYR AA 602 -8.61 -58.04 89.98
CA TYR AA 602 -7.66 -59.16 90.18
C TYR AA 602 -7.45 -59.84 88.84
N LEU AA 603 -6.32 -60.50 88.63
CA LEU AA 603 -6.04 -61.27 87.38
C LEU AA 603 -7.08 -62.42 87.24
N GLN AA 604 -7.41 -63.12 88.32
CA GLN AA 604 -8.48 -64.16 88.41
C GLN AA 604 -9.91 -63.57 88.22
N GLY AA 605 -10.15 -62.30 88.53
CA GLY AA 605 -11.46 -61.61 88.43
C GLY AA 605 -12.04 -61.11 87.12
N PRO AA 606 -13.35 -60.74 87.12
CA PRO AA 606 -14.02 -60.09 85.98
C PRO AA 606 -13.77 -58.64 85.52
N ILE AA 607 -13.66 -58.36 84.22
CA ILE AA 607 -13.58 -56.96 83.65
C ILE AA 607 -14.86 -56.08 83.70
N TRP AA 608 -16.04 -56.58 83.33
CA TRP AA 608 -17.22 -55.71 83.15
C TRP AA 608 -18.55 -56.30 83.66
N ALA AA 609 -19.56 -55.44 83.85
CA ALA AA 609 -20.94 -55.86 84.19
C ALA AA 609 -21.89 -54.95 83.41
N LYS AA 610 -23.06 -55.47 83.05
CA LYS AA 610 -24.11 -54.65 82.37
C LYS AA 610 -24.96 -53.88 83.40
N ILE AA 611 -25.13 -52.58 83.19
CA ILE AA 611 -26.06 -51.78 84.02
C ILE AA 611 -27.50 -52.20 83.68
N PRO AA 612 -28.38 -52.48 84.67
CA PRO AA 612 -29.77 -52.83 84.41
C PRO AA 612 -30.66 -51.70 83.91
N GLU AA 613 -31.59 -51.97 83.00
CA GLU AA 613 -32.41 -50.88 82.40
C GLU AA 613 -33.72 -50.64 83.20
N THR AA 614 -33.74 -49.64 84.08
CA THR AA 614 -34.90 -49.30 84.92
C THR AA 614 -35.32 -47.89 84.67
N GLY AA 615 -34.45 -47.10 84.06
CA GLY AA 615 -34.63 -45.65 83.87
C GLY AA 615 -34.10 -44.82 85.04
N ALA AA 616 -33.68 -45.41 86.17
CA ALA AA 616 -33.06 -44.66 87.28
C ALA AA 616 -31.91 -45.42 87.95
N HIS AA 617 -30.78 -44.80 88.19
CA HIS AA 617 -29.64 -45.43 88.90
C HIS AA 617 -28.75 -44.38 89.57
N PHE AA 618 -27.96 -44.78 90.55
CA PHE AA 618 -26.94 -43.89 91.15
C PHE AA 618 -25.55 -44.50 91.08
N HIS AA 619 -24.53 -43.76 90.61
CA HIS AA 619 -23.08 -44.17 90.64
C HIS AA 619 -22.89 -45.61 90.20
N PRO AA 620 -22.72 -45.87 88.90
CA PRO AA 620 -22.77 -47.25 88.39
C PRO AA 620 -21.52 -48.10 88.28
N SER AA 621 -20.96 -48.41 89.43
CA SER AA 621 -19.75 -49.24 89.51
C SER AA 621 -20.16 -50.58 90.13
N PRO AA 622 -19.89 -51.74 89.47
CA PRO AA 622 -20.32 -53.01 90.03
C PRO AA 622 -19.63 -53.49 91.32
N ALA AA 623 -20.33 -54.15 92.22
CA ALA AA 623 -19.79 -54.56 93.54
C ALA AA 623 -18.61 -55.55 93.49
N MET AA 624 -18.63 -56.53 92.58
CA MET AA 624 -17.54 -57.52 92.38
C MET AA 624 -16.27 -56.80 91.91
N GLY AA 625 -16.38 -55.73 91.15
CA GLY AA 625 -15.25 -54.95 90.61
C GLY AA 625 -15.40 -54.71 89.13
N GLY AA 626 -14.53 -53.90 88.55
CA GLY AA 626 -14.55 -53.64 87.09
C GLY AA 626 -15.33 -52.46 86.55
N PHE AA 627 -15.70 -52.52 85.29
CA PHE AA 627 -16.34 -51.39 84.56
C PHE AA 627 -17.82 -51.67 84.31
N GLY AA 628 -18.67 -50.70 84.65
CA GLY AA 628 -20.12 -50.81 84.44
C GLY AA 628 -20.50 -50.20 83.13
N LEU AA 629 -21.14 -50.97 82.27
CA LEU AA 629 -21.41 -50.50 80.89
C LEU AA 629 -22.89 -50.51 80.53
N LYS AA 630 -23.42 -49.41 80.01
CA LYS AA 630 -24.79 -49.37 79.44
C LYS AA 630 -24.90 -50.28 78.20
N HIS AA 631 -23.89 -50.27 77.34
CA HIS AA 631 -23.87 -51.13 76.12
C HIS AA 631 -22.64 -52.02 76.16
N PRO AA 632 -22.73 -53.19 76.81
CA PRO AA 632 -21.63 -54.13 76.96
C PRO AA 632 -21.23 -54.93 75.72
N PRO AA 633 -20.03 -55.55 75.68
CA PRO AA 633 -19.70 -56.37 74.52
C PRO AA 633 -20.79 -57.46 74.40
N PRO AA 634 -21.36 -57.69 73.21
CA PRO AA 634 -22.51 -58.59 73.05
C PRO AA 634 -22.43 -60.10 73.20
N MET AA 635 -23.53 -60.74 73.59
CA MET AA 635 -23.62 -62.22 73.69
C MET AA 635 -23.38 -62.92 72.32
N MET AA 636 -22.51 -63.92 72.31
CA MET AA 636 -22.16 -64.68 71.09
C MET AA 636 -22.67 -66.12 71.29
N LEU AA 637 -23.55 -66.58 70.40
CA LEU AA 637 -24.26 -67.88 70.56
C LEU AA 637 -23.95 -68.83 69.39
N ILE AA 638 -23.66 -70.08 69.71
CA ILE AA 638 -23.33 -71.11 68.69
C ILE AA 638 -24.15 -72.39 68.94
N LYS AA 639 -24.65 -72.99 67.87
CA LYS AA 639 -25.36 -74.30 68.00
C LYS AA 639 -24.98 -75.28 66.87
N ASN AA 640 -25.14 -76.56 67.12
CA ASN AA 640 -25.00 -77.59 66.04
C ASN AA 640 -26.35 -77.72 65.34
N THR AA 641 -26.40 -77.66 64.02
CA THR AA 641 -27.65 -77.85 63.25
C THR AA 641 -28.18 -79.28 63.41
N PRO AA 642 -29.50 -79.47 63.67
CA PRO AA 642 -30.08 -80.80 63.70
C PRO AA 642 -29.93 -81.57 62.39
N VAL AA 643 -29.41 -82.78 62.48
CA VAL AA 643 -29.33 -83.64 61.27
C VAL AA 643 -30.21 -84.88 61.55
N PRO AA 644 -31.27 -85.08 60.78
CA PRO AA 644 -32.17 -86.23 60.98
C PRO AA 644 -31.76 -87.70 60.72
N GLY AA 645 -32.28 -88.64 61.51
CA GLY AA 645 -32.13 -90.10 61.31
C GLY AA 645 -33.08 -90.60 60.24
N ASN AA 646 -33.00 -91.86 59.82
CA ASN AA 646 -33.82 -92.31 58.66
C ASN AA 646 -35.33 -92.24 58.94
N ILE AA 647 -36.08 -91.57 58.07
CA ILE AA 647 -37.57 -91.46 58.23
C ILE AA 647 -38.18 -92.04 56.96
N THR AA 648 -39.08 -92.99 57.06
CA THR AA 648 -39.65 -93.69 55.87
C THR AA 648 -41.10 -93.33 55.63
N SER AA 649 -41.77 -92.70 56.58
CA SER AA 649 -43.22 -92.40 56.47
C SER AA 649 -43.53 -90.95 56.85
N PHE AA 650 -44.59 -90.35 56.32
CA PHE AA 650 -45.05 -89.00 56.67
C PHE AA 650 -45.80 -88.89 58.01
N SER AA 651 -45.48 -87.87 58.82
CA SER AA 651 -46.31 -87.55 60.01
C SER AA 651 -46.40 -86.04 60.16
N ASP AA 652 -47.52 -85.51 60.62
CA ASP AA 652 -47.66 -84.09 61.05
C ASP AA 652 -46.79 -83.89 62.31
N VAL AA 653 -46.70 -84.89 63.18
CA VAL AA 653 -45.90 -84.81 64.44
C VAL AA 653 -44.41 -84.60 64.12
N PRO AA 654 -43.71 -83.64 64.79
CA PRO AA 654 -42.30 -83.36 64.55
C PRO AA 654 -41.30 -84.47 64.81
N VAL AA 655 -40.25 -84.53 64.00
CA VAL AA 655 -39.20 -85.59 64.15
C VAL AA 655 -38.45 -85.45 65.49
N SER AA 656 -38.29 -86.57 66.17
CA SER AA 656 -37.57 -86.65 67.45
C SER AA 656 -36.30 -87.52 67.31
N SER AA 657 -36.00 -88.02 66.12
CA SER AA 657 -34.85 -88.95 65.91
C SER AA 657 -33.77 -88.25 65.06
N PHE AA 658 -32.57 -88.14 65.60
CA PHE AA 658 -31.48 -87.37 64.95
C PHE AA 658 -30.18 -88.11 65.06
N ILE AA 659 -29.28 -87.93 64.11
CA ILE AA 659 -27.90 -88.50 64.28
C ILE AA 659 -27.12 -87.76 65.39
N THR AA 660 -26.34 -88.45 66.24
CA THR AA 660 -25.53 -87.83 67.34
C THR AA 660 -24.24 -87.17 66.84
N GLN AA 661 -24.03 -85.90 67.18
CA GLN AA 661 -22.91 -85.09 66.62
C GLN AA 661 -22.29 -84.10 67.63
N TYR AA 662 -21.04 -83.68 67.43
CA TYR AA 662 -20.36 -82.66 68.27
C TYR AA 662 -19.49 -81.80 67.36
N SER AA 663 -19.13 -80.60 67.80
CA SER AA 663 -18.25 -79.70 67.00
C SER AA 663 -16.99 -79.24 67.77
N THR AA 664 -15.93 -78.92 67.02
CA THR AA 664 -14.66 -78.43 67.61
C THR AA 664 -14.07 -77.34 66.72
N GLY AA 665 -13.28 -76.41 67.28
CA GLY AA 665 -12.61 -75.36 66.50
C GLY AA 665 -11.66 -74.48 67.28
N GLN AA 666 -11.23 -73.38 66.69
CA GLN AA 666 -10.35 -72.35 67.32
C GLN AA 666 -11.02 -70.96 67.40
N VAL AA 667 -10.80 -70.25 68.51
CA VAL AA 667 -11.33 -68.86 68.69
C VAL AA 667 -10.16 -67.88 68.99
N THR AA 668 -10.14 -66.72 68.36
CA THR AA 668 -9.16 -65.66 68.66
C THR AA 668 -9.84 -64.39 69.18
N VAL AA 669 -9.36 -63.81 70.30
CA VAL AA 669 -9.85 -62.49 70.83
C VAL AA 669 -8.72 -61.46 70.86
N GLU AA 670 -8.91 -60.28 70.29
CA GLU AA 670 -7.92 -59.18 70.30
C GLU AA 670 -8.52 -57.98 71.04
N MET AA 671 -7.79 -57.45 72.03
CA MET AA 671 -8.28 -56.30 72.85
C MET AA 671 -7.25 -55.17 72.92
N GLU AA 672 -7.74 -53.94 72.85
CA GLU AA 672 -6.87 -52.73 72.98
C GLU AA 672 -7.14 -52.04 74.34
N TRP AA 673 -6.07 -51.63 75.01
CA TRP AA 673 -6.18 -50.99 76.34
C TRP AA 673 -5.47 -49.63 76.36
N GLU AA 674 -6.07 -48.65 77.02
CA GLU AA 674 -5.43 -47.31 77.21
C GLU AA 674 -4.80 -47.24 78.61
N LEU AA 675 -3.58 -46.73 78.71
CA LEU AA 675 -2.79 -46.67 79.96
C LEU AA 675 -2.61 -45.24 80.48
N LYS AA 676 -2.67 -45.05 81.80
CA LYS AA 676 -2.33 -43.74 82.41
C LYS AA 676 -0.97 -43.86 83.11
N LYS AA 677 0.00 -43.04 82.71
CA LYS AA 677 1.37 -43.01 83.29
C LYS AA 677 1.52 -42.40 84.71
N GLU AA 678 2.40 -42.98 85.51
CA GLU AA 678 2.75 -42.40 86.83
C GLU AA 678 3.57 -41.09 86.66
N ASN AA 679 3.33 -40.07 87.49
CA ASN AA 679 4.07 -38.77 87.48
C ASN AA 679 4.56 -38.45 88.91
N SER AA 680 5.04 -39.42 89.67
CA SER AA 680 5.43 -39.25 91.10
C SER AA 680 6.69 -38.41 91.38
N LYS AA 681 6.69 -37.64 92.46
CA LYS AA 681 7.88 -36.88 92.95
C LYS AA 681 8.44 -37.52 94.24
N ARG AA 682 7.99 -38.70 94.67
CA ARG AA 682 8.50 -39.46 95.86
C ARG AA 682 9.98 -39.90 95.74
N TRP AA 683 10.86 -39.41 96.62
CA TRP AA 683 12.31 -39.70 96.64
C TRP AA 683 12.70 -41.15 96.98
N ASN AA 684 12.07 -41.71 97.98
CA ASN AA 684 12.32 -43.09 98.48
C ASN AA 684 11.71 -44.16 97.57
N PRO AA 685 12.27 -45.39 97.59
CA PRO AA 685 11.70 -46.50 96.84
C PRO AA 685 10.31 -47.07 97.25
N GLU AA 686 9.49 -47.39 96.27
CA GLU AA 686 8.14 -47.98 96.42
C GLU AA 686 8.00 -49.51 96.59
N ILE AA 687 6.84 -49.97 97.07
CA ILE AA 687 6.46 -51.41 97.11
C ILE AA 687 6.15 -51.93 95.69
N GLN AA 688 6.55 -53.16 95.37
CA GLN AA 688 6.36 -53.82 94.04
C GLN AA 688 5.97 -55.28 94.18
N TYR AA 689 5.18 -55.84 93.26
CA TYR AA 689 4.92 -57.30 93.24
C TYR AA 689 6.21 -58.02 92.74
N THR AA 690 6.61 -59.06 93.44
CA THR AA 690 7.84 -59.79 93.09
C THR AA 690 7.60 -61.27 93.20
N ASN AA 691 8.40 -62.07 92.49
CA ASN AA 691 8.36 -63.53 92.67
C ASN AA 691 9.30 -63.80 93.84
N ASN AA 692 8.77 -64.16 94.99
CA ASN AA 692 9.57 -64.30 96.23
C ASN AA 692 9.04 -65.50 97.00
N TYR AA 693 9.87 -66.52 97.15
CA TYR AA 693 9.43 -67.79 97.78
C TYR AA 693 10.61 -68.30 98.59
N ASN AA 694 10.39 -68.94 99.72
CA ASN AA 694 11.52 -69.53 100.48
C ASN AA 694 11.60 -71.05 100.26
N ASP AA 695 12.74 -71.58 99.79
CA ASP AA 695 12.97 -73.04 99.50
C ASP AA 695 11.90 -73.64 98.57
N PRO AA 696 11.58 -73.05 97.39
CA PRO AA 696 10.49 -73.58 96.57
C PRO AA 696 10.60 -75.01 96.00
N GLN AA 697 9.51 -75.78 96.08
CA GLN AA 697 9.50 -77.18 95.55
C GLN AA 697 8.89 -77.24 94.15
N PHE AA 698 8.37 -76.13 93.65
CA PHE AA 698 7.73 -76.06 92.33
C PHE AA 698 7.84 -74.63 91.88
N VAL AA 699 7.65 -74.39 90.61
CA VAL AA 699 7.55 -72.98 90.14
C VAL AA 699 6.06 -72.64 90.08
N ASP AA 700 5.64 -71.58 90.72
CA ASP AA 700 4.26 -71.03 90.64
C ASP AA 700 3.98 -70.45 89.25
N PHE AA 701 2.73 -70.49 88.75
CA PHE AA 701 2.30 -70.06 87.38
C PHE AA 701 2.98 -70.87 86.29
N ALA AA 702 3.15 -72.16 86.52
CA ALA AA 702 3.79 -73.09 85.58
C ALA AA 702 3.09 -74.46 85.68
N PRO AA 703 3.20 -75.34 84.65
CA PRO AA 703 2.73 -76.71 84.78
C PRO AA 703 3.52 -77.63 85.73
N ASP AA 704 2.87 -78.61 86.33
CA ASP AA 704 3.58 -79.60 87.20
C ASP AA 704 3.98 -80.89 86.45
N SER AA 705 4.45 -81.89 87.17
CA SER AA 705 4.91 -83.18 86.57
C SER AA 705 3.75 -83.88 85.83
N THR AA 706 2.52 -83.85 86.34
CA THR AA 706 1.29 -84.34 85.66
C THR AA 706 0.82 -83.44 84.53
N GLY AA 707 1.28 -82.20 84.40
CA GLY AA 707 0.77 -81.24 83.41
C GLY AA 707 -0.32 -80.28 83.87
N GLU AA 708 -0.66 -80.25 85.15
CA GLU AA 708 -1.69 -79.33 85.71
C GLU AA 708 -1.09 -77.97 86.12
N TYR AA 709 -1.69 -76.86 85.68
CA TYR AA 709 -1.25 -75.47 85.99
C TYR AA 709 -1.44 -75.12 87.47
N ARG AA 710 -0.46 -74.41 88.04
CA ARG AA 710 -0.51 -74.03 89.47
C ARG AA 710 -0.60 -72.51 89.59
N SER AA 711 -1.56 -72.00 90.35
CA SER AA 711 -1.75 -70.54 90.60
C SER AA 711 -2.01 -70.30 92.10
N THR AA 712 -1.03 -70.37 92.98
CA THR AA 712 -1.12 -70.22 94.46
C THR AA 712 -1.58 -68.84 94.95
N ARG AA 713 -1.23 -67.73 94.32
CA ARG AA 713 -1.51 -66.37 94.87
C ARG AA 713 -2.50 -65.49 94.08
N PRO AA 714 -3.45 -64.78 94.73
CA PRO AA 714 -4.26 -63.77 94.07
C PRO AA 714 -3.52 -62.44 93.76
N ILE AA 715 -3.67 -61.83 92.59
CA ILE AA 715 -2.88 -60.57 92.37
C ILE AA 715 -3.76 -59.35 92.09
N GLY AA 716 -3.62 -58.30 92.92
CA GLY AA 716 -4.29 -57.00 92.80
C GLY AA 716 -3.50 -56.02 91.97
N THR AA 717 -4.04 -54.84 91.75
CA THR AA 717 -3.36 -53.78 91.00
C THR AA 717 -2.68 -52.66 91.80
N ARG AA 718 -2.84 -52.52 93.12
CA ARG AA 718 -2.32 -51.30 93.82
C ARG AA 718 -0.98 -51.49 94.57
N TYR AA 719 0.12 -51.04 93.97
CA TYR AA 719 1.48 -51.14 94.57
C TYR AA 719 2.08 -49.75 94.63
N LEU AA 720 1.72 -48.90 93.68
CA LEU AA 720 2.16 -47.47 93.63
C LEU AA 720 1.38 -46.63 94.63
N THR AA 721 1.96 -45.51 95.03
CA THR AA 721 1.39 -44.63 96.07
C THR AA 721 1.26 -43.23 95.53
N ARG AA 722 0.21 -42.53 95.93
CA ARG AA 722 0.03 -41.11 95.55
C ARG AA 722 -0.40 -40.28 96.76
N PRO AA 723 -0.02 -38.98 96.86
CA PRO AA 723 -0.57 -38.08 97.89
C PRO AA 723 -2.05 -37.70 97.64
N LEU AA 724 -2.82 -37.44 98.69
CA LEU AA 724 -4.27 -37.12 98.55
C LEU AA 724 -4.48 -35.78 97.83
N ASP BA 209 17.77 -6.28 87.65
CA ASP BA 209 18.55 -5.13 87.10
C ASP BA 209 19.61 -4.65 88.11
N GLY BA 210 19.24 -3.97 89.20
CA GLY BA 210 20.28 -3.35 90.04
C GLY BA 210 20.00 -3.14 91.51
N VAL BA 211 21.04 -2.84 92.28
CA VAL BA 211 20.93 -2.50 93.74
C VAL BA 211 20.08 -1.23 93.96
N GLY BA 212 20.18 -0.21 93.12
CA GLY BA 212 19.49 1.08 93.29
C GLY BA 212 18.17 1.18 92.59
N ASN BA 213 17.70 0.12 91.94
CA ASN BA 213 16.46 0.20 91.13
C ASN BA 213 15.36 -0.66 91.73
N ALA BA 214 14.15 -0.12 91.88
CA ALA BA 214 12.99 -0.88 92.41
C ALA BA 214 12.38 -1.86 91.39
N SER BA 215 12.17 -3.11 91.77
CA SER BA 215 11.56 -4.23 90.99
C SER BA 215 10.05 -4.05 90.69
N GLY BA 216 9.26 -3.47 91.59
CA GLY BA 216 7.81 -3.26 91.41
C GLY BA 216 7.20 -2.14 92.23
N ASP BA 217 5.92 -1.87 92.03
CA ASP BA 217 5.14 -0.79 92.72
C ASP BA 217 3.95 -1.29 93.54
N TRP BA 218 3.49 -0.52 94.50
CA TRP BA 218 2.33 -0.86 95.37
C TRP BA 218 0.98 -0.70 94.66
N HIS BA 219 0.19 -1.77 94.60
CA HIS BA 219 -1.19 -1.67 94.05
C HIS BA 219 -2.21 -2.23 95.05
N CYS BA 220 -3.08 -1.40 95.64
CA CYS BA 220 -4.18 -1.91 96.49
C CYS BA 220 -5.46 -1.23 95.99
N ASP BA 221 -6.35 -1.96 95.32
CA ASP BA 221 -7.55 -1.32 94.70
C ASP BA 221 -8.71 -2.25 94.36
N SER BA 222 -9.92 -1.72 94.17
CA SER BA 222 -11.08 -2.50 93.63
C SER BA 222 -11.64 -1.74 92.42
N THR BA 223 -11.91 -2.41 91.31
CA THR BA 223 -12.58 -1.79 90.14
C THR BA 223 -13.85 -2.56 89.82
N TRP BA 224 -14.98 -1.88 89.72
CA TRP BA 224 -16.29 -2.51 89.41
C TRP BA 224 -16.70 -2.14 87.99
N MET BA 225 -16.92 -3.13 87.14
CA MET BA 225 -17.27 -2.91 85.71
C MET BA 225 -18.45 -3.79 85.26
N GLY BA 226 -19.70 -3.46 85.57
CA GLY BA 226 -20.85 -4.33 85.22
C GLY BA 226 -20.82 -5.67 85.91
N ASP BA 227 -20.79 -6.77 85.17
CA ASP BA 227 -20.79 -8.16 85.70
C ASP BA 227 -19.44 -8.57 86.34
N ARG BA 228 -18.37 -7.79 86.19
CA ARG BA 228 -17.02 -8.15 86.69
C ARG BA 228 -16.47 -7.20 87.77
N VAL BA 229 -15.84 -7.73 88.81
CA VAL BA 229 -15.11 -6.90 89.82
C VAL BA 229 -13.65 -7.41 89.86
N VAL BA 230 -12.66 -6.52 89.84
CA VAL BA 230 -11.21 -6.87 89.97
C VAL BA 230 -10.67 -6.39 91.32
N THR BA 231 -10.02 -7.26 92.08
CA THR BA 231 -9.42 -6.90 93.39
C THR BA 231 -7.89 -6.95 93.33
N LYS BA 232 -7.19 -5.92 93.82
CA LYS BA 232 -5.71 -5.88 93.92
C LYS BA 232 -5.30 -5.73 95.38
N SER BA 233 -4.37 -6.54 95.87
CA SER BA 233 -3.88 -6.50 97.27
C SER BA 233 -2.36 -6.55 97.34
N THR BA 234 -1.72 -5.65 98.08
CA THR BA 234 -0.25 -5.63 98.28
C THR BA 234 0.09 -5.72 99.77
N ARG BA 235 1.04 -6.59 100.13
CA ARG BA 235 1.52 -6.74 101.54
C ARG BA 235 3.05 -6.82 101.65
N THR BA 236 3.60 -6.55 102.84
CA THR BA 236 5.03 -6.69 103.16
C THR BA 236 5.21 -7.94 104.02
N TRP BA 237 6.14 -8.83 103.65
CA TRP BA 237 6.39 -10.13 104.35
C TRP BA 237 7.84 -10.28 104.88
N VAL BA 238 8.02 -11.10 105.88
CA VAL BA 238 9.35 -11.47 106.44
C VAL BA 238 9.53 -13.01 106.36
N LEU BA 239 10.72 -13.47 105.94
CA LEU BA 239 11.02 -14.94 105.94
C LEU BA 239 12.15 -15.34 106.88
N PRO BA 240 11.88 -16.19 107.90
CA PRO BA 240 12.93 -16.78 108.73
C PRO BA 240 13.72 -17.92 108.06
N SER BA 241 14.94 -18.19 108.52
CA SER BA 241 15.64 -19.41 108.02
C SER BA 241 15.22 -20.60 108.92
N TYR BA 242 14.20 -21.35 108.53
CA TYR BA 242 13.62 -22.44 109.36
C TYR BA 242 14.43 -23.74 109.39
N ASN BA 243 14.65 -24.32 110.57
CA ASN BA 243 15.30 -25.67 110.72
C ASN BA 243 16.81 -25.56 110.58
N ASN BA 244 17.38 -24.35 110.46
CA ASN BA 244 18.83 -24.12 110.21
C ASN BA 244 19.28 -24.86 108.95
N HIS BA 245 18.51 -24.80 107.86
CA HIS BA 245 18.86 -25.41 106.54
C HIS BA 245 18.74 -26.95 106.50
N GLN BA 246 17.92 -27.53 107.36
CA GLN BA 246 17.81 -29.01 107.45
C GLN BA 246 16.37 -29.53 107.38
N TYR BA 247 16.17 -30.78 107.02
CA TYR BA 247 14.85 -31.46 106.97
C TYR BA 247 14.78 -32.33 108.18
N ARG BA 248 13.69 -32.27 108.94
CA ARG BA 248 13.58 -33.04 110.21
C ARG BA 248 12.39 -34.00 110.23
N GLU BA 249 12.62 -35.24 110.66
CA GLU BA 249 11.49 -36.18 110.85
C GLU BA 249 10.70 -35.78 112.11
N ILE BA 250 9.37 -35.70 111.99
CA ILE BA 250 8.47 -35.23 113.09
C ILE BA 250 7.43 -36.32 113.37
N LYS BA 251 7.04 -36.51 114.62
CA LYS BA 251 6.11 -37.62 114.94
C LYS BA 251 5.37 -37.35 116.25
N SER BA 252 4.21 -37.96 116.41
CA SER BA 252 3.50 -37.88 117.71
C SER BA 252 2.86 -39.21 118.15
N GLY BA 253 2.85 -39.51 119.43
CA GLY BA 253 2.05 -40.60 120.03
C GLY BA 253 0.68 -40.05 120.49
N SER BA 254 -0.11 -40.81 121.23
CA SER BA 254 -1.42 -40.38 121.77
C SER BA 254 -1.30 -39.19 122.76
N VAL BA 255 -2.17 -38.18 122.64
CA VAL BA 255 -2.09 -36.94 123.49
C VAL BA 255 -3.51 -36.54 123.89
N ASP BA 256 -3.71 -36.00 125.09
CA ASP BA 256 -5.04 -35.56 125.61
C ASP BA 256 -6.01 -36.75 125.63
N GLY BA 257 -5.48 -37.95 125.85
CA GLY BA 257 -6.31 -39.17 125.87
C GLY BA 257 -6.65 -39.74 124.51
N SER BA 258 -6.14 -39.23 123.38
CA SER BA 258 -6.59 -39.78 122.07
C SER BA 258 -5.51 -40.30 121.13
N ASN BA 259 -5.66 -41.51 120.59
CA ASN BA 259 -4.77 -42.10 119.53
C ASN BA 259 -5.00 -41.45 118.15
N ALA BA 260 -6.12 -40.76 117.92
CA ALA BA 260 -6.43 -40.01 116.67
C ALA BA 260 -5.42 -38.87 116.51
N ASN BA 261 -4.86 -38.40 117.62
CA ASN BA 261 -3.74 -37.42 117.70
C ASN BA 261 -2.41 -37.92 117.11
N ALA BA 262 -2.06 -39.21 117.18
CA ALA BA 262 -0.80 -39.80 116.64
C ALA BA 262 -0.58 -39.60 115.13
N TYR BA 263 0.65 -39.28 114.72
CA TYR BA 263 1.03 -39.04 113.29
C TYR BA 263 2.53 -39.29 113.06
N PHE BA 264 2.95 -39.50 111.82
CA PHE BA 264 4.37 -39.58 111.38
C PHE BA 264 4.53 -38.56 110.22
N GLY BA 265 5.57 -37.75 110.22
CA GLY BA 265 5.75 -36.67 109.22
C GLY BA 265 7.12 -36.06 109.04
N TYR BA 266 7.24 -35.11 108.11
CA TYR BA 266 8.49 -34.34 107.87
C TYR BA 266 8.30 -32.81 108.04
N SER BA 267 9.26 -32.11 108.65
CA SER BA 267 9.29 -30.61 108.69
C SER BA 267 10.36 -30.14 107.69
N THR BA 268 10.14 -29.02 107.04
CA THR BA 268 11.04 -28.58 105.95
C THR BA 268 11.63 -27.19 106.18
N PRO BA 269 12.76 -26.86 105.53
CA PRO BA 269 13.37 -25.52 105.55
C PRO BA 269 12.56 -24.39 104.89
N TRP BA 270 11.68 -24.68 103.95
CA TRP BA 270 10.82 -23.75 103.18
C TRP BA 270 9.61 -23.10 103.88
N GLY BA 271 9.16 -21.99 103.32
CA GLY BA 271 7.95 -21.26 103.76
C GLY BA 271 7.03 -21.09 102.57
N TYR BA 272 5.77 -20.83 102.81
CA TYR BA 272 4.77 -20.73 101.70
C TYR BA 272 3.86 -19.50 101.84
N PHE BA 273 3.27 -19.06 100.74
CA PHE BA 273 2.30 -17.93 100.71
C PHE BA 273 0.85 -18.49 100.62
N ASP BA 274 -0.06 -18.08 101.51
CA ASP BA 274 -1.49 -18.50 101.56
C ASP BA 274 -2.41 -17.28 101.37
N PHE BA 275 -3.30 -17.33 100.38
CA PHE BA 275 -4.31 -16.25 100.16
C PHE BA 275 -5.77 -16.76 100.31
N ASN BA 276 -6.05 -17.95 100.89
CA ASN BA 276 -7.44 -18.48 100.92
C ASN BA 276 -8.26 -17.91 102.09
N ARG BA 277 -8.42 -16.59 102.17
CA ARG BA 277 -9.32 -15.90 103.13
C ARG BA 277 -9.91 -14.71 102.33
N PHE BA 278 -11.19 -14.39 102.48
CA PHE BA 278 -11.88 -13.26 101.78
C PHE BA 278 -11.32 -11.86 102.18
N HIS BA 279 -10.99 -11.62 103.45
CA HIS BA 279 -10.47 -10.34 104.03
C HIS BA 279 -9.11 -10.00 103.38
N SER BA 280 -8.37 -10.99 102.87
CA SER BA 280 -7.11 -10.82 102.10
C SER BA 280 -7.36 -10.02 100.81
N HIS BA 281 -8.48 -10.21 100.13
CA HIS BA 281 -8.86 -9.50 98.87
C HIS BA 281 -9.95 -8.42 99.03
N TRP BA 282 -10.72 -8.39 100.11
CA TRP BA 282 -11.92 -7.53 100.18
C TRP BA 282 -11.91 -6.55 101.34
N SER BA 283 -12.15 -5.27 101.06
CA SER BA 283 -12.37 -4.26 102.13
C SER BA 283 -13.75 -4.51 102.76
N PRO BA 284 -13.97 -4.09 104.02
CA PRO BA 284 -15.29 -4.22 104.61
C PRO BA 284 -16.38 -3.44 103.87
N ARG BA 285 -16.13 -2.23 103.38
CA ARG BA 285 -17.10 -1.48 102.53
C ARG BA 285 -17.41 -2.19 101.19
N ASP BA 286 -16.41 -2.74 100.51
CA ASP BA 286 -16.57 -3.49 99.22
C ASP BA 286 -17.41 -4.75 99.42
N TRP BA 287 -17.21 -5.46 100.53
CA TRP BA 287 -18.00 -6.66 100.89
C TRP BA 287 -19.48 -6.30 101.11
N GLN BA 288 -19.79 -5.19 101.75
CA GLN BA 288 -21.16 -4.66 101.96
C GLN BA 288 -21.84 -4.34 100.63
N ARG BA 289 -21.11 -3.76 99.68
CA ARG BA 289 -21.66 -3.47 98.35
C ARG BA 289 -22.06 -4.75 97.61
N LEU BA 290 -21.26 -5.81 97.64
CA LEU BA 290 -21.65 -7.11 97.06
C LEU BA 290 -22.84 -7.86 97.71
N ILE BA 291 -22.90 -7.95 99.03
CA ILE BA 291 -23.95 -8.69 99.79
C ILE BA 291 -25.33 -8.04 99.61
N ASN BA 292 -25.38 -6.72 99.61
CA ASN BA 292 -26.59 -5.89 99.39
C ASN BA 292 -27.19 -6.00 97.98
N ASN BA 293 -26.40 -6.10 96.90
CA ASN BA 293 -26.90 -5.97 95.50
C ASN BA 293 -26.84 -7.16 94.53
N TYR BA 294 -26.31 -8.31 94.90
CA TYR BA 294 -26.10 -9.41 93.93
C TYR BA 294 -26.63 -10.77 94.38
N TRP BA 295 -27.24 -11.54 93.49
CA TRP BA 295 -27.65 -12.95 93.75
C TRP BA 295 -26.47 -13.95 93.95
N GLY BA 296 -25.39 -13.81 93.19
CA GLY BA 296 -24.26 -14.75 93.26
C GLY BA 296 -22.93 -14.21 92.81
N PHE BA 297 -21.86 -14.91 93.18
CA PHE BA 297 -20.48 -14.54 92.73
C PHE BA 297 -19.63 -15.81 92.50
N ARG BA 298 -18.62 -15.77 91.63
CA ARG BA 298 -17.64 -16.89 91.42
C ARG BA 298 -16.22 -16.37 91.06
N PRO BA 299 -15.10 -17.04 91.44
CA PRO BA 299 -13.74 -16.69 90.97
C PRO BA 299 -13.38 -17.06 89.50
N ARG BA 300 -12.61 -16.22 88.80
CA ARG BA 300 -12.27 -16.46 87.37
C ARG BA 300 -10.75 -16.54 87.14
N SER BA 301 -9.99 -15.55 87.60
CA SER BA 301 -8.53 -15.49 87.31
C SER BA 301 -7.68 -15.05 88.51
N LEU BA 302 -6.43 -15.51 88.57
CA LEU BA 302 -5.47 -15.09 89.62
C LEU BA 302 -4.10 -14.68 89.03
N ARG BA 303 -3.50 -13.56 89.47
CA ARG BA 303 -2.11 -13.15 89.10
C ARG BA 303 -1.29 -12.86 90.38
N VAL BA 304 -0.07 -13.40 90.47
CA VAL BA 304 0.84 -13.18 91.65
C VAL BA 304 2.23 -12.60 91.25
N LYS BA 305 2.70 -11.56 91.95
CA LYS BA 305 4.07 -10.99 91.76
C LYS BA 305 4.84 -10.91 93.10
N ILE BA 306 6.11 -11.35 93.12
CA ILE BA 306 7.02 -11.22 94.31
C ILE BA 306 8.19 -10.30 93.92
N PHE BA 307 8.50 -9.25 94.69
CA PHE BA 307 9.44 -8.16 94.29
C PHE BA 307 10.09 -7.40 95.46
N ASN BA 308 11.08 -6.53 95.21
CA ASN BA 308 11.80 -5.66 96.21
C ASN BA 308 12.48 -6.49 97.29
N ILE BA 309 13.11 -7.57 96.89
CA ILE BA 309 13.78 -8.52 97.82
C ILE BA 309 14.99 -7.90 98.56
N GLN BA 310 15.10 -8.16 99.87
CA GLN BA 310 16.22 -7.66 100.69
C GLN BA 310 16.71 -8.79 101.63
N VAL BA 311 17.97 -9.16 101.52
CA VAL BA 311 18.57 -10.24 102.34
C VAL BA 311 19.46 -9.58 103.40
N LYS BA 312 19.30 -9.98 104.66
CA LYS BA 312 20.04 -9.40 105.80
C LYS BA 312 20.84 -10.46 106.56
N GLU BA 313 22.05 -10.11 107.01
CA GLU BA 313 22.88 -11.03 107.83
C GLU BA 313 22.91 -10.52 109.28
N VAL BA 314 22.72 -11.43 110.22
CA VAL BA 314 22.68 -11.07 111.66
C VAL BA 314 23.94 -11.65 112.31
N THR BA 315 24.67 -10.82 113.05
CA THR BA 315 25.92 -11.26 113.70
C THR BA 315 25.90 -10.90 115.16
N VAL BA 316 26.34 -11.79 116.03
CA VAL BA 316 26.44 -11.42 117.48
C VAL BA 316 27.90 -11.47 117.97
N GLN BA 317 28.43 -10.38 118.53
CA GLN BA 317 29.76 -10.44 119.19
C GLN BA 317 29.54 -9.92 120.61
N ASP BA 318 29.76 -10.74 121.63
CA ASP BA 318 29.66 -10.27 123.04
C ASP BA 318 28.29 -9.61 123.28
N SER BA 319 27.20 -10.14 122.71
CA SER BA 319 25.81 -9.65 122.98
C SER BA 319 25.40 -8.37 122.21
N THR BA 320 26.23 -7.83 121.30
CA THR BA 320 25.84 -6.66 120.46
C THR BA 320 24.68 -6.89 119.49
N THR BA 321 24.56 -8.03 118.81
CA THR BA 321 23.51 -8.29 117.76
C THR BA 321 23.41 -7.28 116.60
N THR BA 322 24.49 -6.93 115.90
CA THR BA 322 24.42 -6.09 114.66
C THR BA 322 23.70 -6.75 113.47
N ILE BA 323 22.94 -5.98 112.69
CA ILE BA 323 22.23 -6.46 111.45
C ILE BA 323 22.73 -5.70 110.21
N ALA BA 324 23.05 -6.39 109.11
CA ALA BA 324 23.58 -5.75 107.89
C ALA BA 324 23.01 -6.34 106.60
N ASN BA 325 22.99 -5.57 105.52
CA ASN BA 325 22.60 -6.07 104.18
C ASN BA 325 23.63 -6.99 103.53
N ASN BA 326 23.21 -8.09 102.90
CA ASN BA 326 24.14 -8.89 102.06
C ASN BA 326 23.62 -8.79 100.63
N LEU BA 327 24.30 -8.08 99.75
CA LEU BA 327 23.95 -7.85 98.32
C LEU BA 327 23.99 -9.10 97.44
N THR BA 328 24.96 -9.98 97.66
CA THR BA 328 25.19 -11.16 96.79
C THR BA 328 24.38 -12.41 97.20
N SER BA 329 23.64 -12.39 98.31
CA SER BA 329 22.77 -13.52 98.77
C SER BA 329 21.49 -13.72 97.91
N THR BA 330 20.97 -14.95 97.85
CA THR BA 330 19.81 -15.30 96.98
C THR BA 330 18.61 -15.87 97.73
N VAL BA 331 17.45 -15.75 97.13
CA VAL BA 331 16.19 -16.38 97.63
C VAL BA 331 15.74 -17.35 96.51
N GLN BA 332 15.15 -18.50 96.84
CA GLN BA 332 14.65 -19.52 95.87
C GLN BA 332 13.12 -19.67 95.87
N VAL BA 333 12.48 -19.60 94.70
CA VAL BA 333 10.99 -19.61 94.56
C VAL BA 333 10.51 -20.63 93.51
N PHE BA 334 9.44 -21.38 93.80
CA PHE BA 334 8.79 -22.32 92.82
C PHE BA 334 7.26 -22.48 93.04
N THR BA 335 6.55 -22.92 92.01
CA THR BA 335 5.10 -23.25 92.11
C THR BA 335 4.90 -24.74 91.80
N ASP BA 336 4.11 -25.46 92.60
CA ASP BA 336 3.79 -26.90 92.37
C ASP BA 336 2.62 -27.09 91.41
N ASP BA 337 2.85 -26.92 90.12
CA ASP BA 337 1.82 -26.97 89.03
C ASP BA 337 1.10 -28.33 88.82
N ASP BA 338 1.80 -29.46 88.93
CA ASP BA 338 1.24 -30.82 88.67
C ASP BA 338 0.69 -31.49 89.94
N TYR BA 339 0.68 -30.83 91.09
CA TYR BA 339 0.09 -31.33 92.37
C TYR BA 339 0.81 -32.57 92.90
N GLN BA 340 2.09 -32.69 92.65
CA GLN BA 340 2.95 -33.77 93.17
C GLN BA 340 3.10 -33.71 94.70
N LEU BA 341 3.23 -32.54 95.27
CA LEU BA 341 3.33 -32.35 96.74
C LEU BA 341 2.02 -32.48 97.49
N PRO BA 342 2.06 -32.85 98.78
CA PRO BA 342 0.85 -32.77 99.59
C PRO BA 342 0.32 -31.31 99.72
N TYR BA 343 -0.97 -31.08 99.54
CA TYR BA 343 -1.56 -29.70 99.55
C TYR BA 343 -2.16 -29.38 100.91
N VAL BA 344 -1.55 -28.45 101.61
CA VAL BA 344 -1.97 -28.12 103.00
C VAL BA 344 -2.75 -26.80 103.06
N VAL BA 345 -2.94 -26.11 101.92
CA VAL BA 345 -3.59 -24.76 101.85
C VAL BA 345 -5.08 -24.71 102.28
N GLY BA 346 -5.93 -25.67 102.02
CA GLY BA 346 -7.41 -25.58 102.24
C GLY BA 346 -7.97 -26.13 103.54
N ASN BA 347 -7.19 -26.20 104.62
CA ASN BA 347 -7.54 -26.85 105.91
C ASN BA 347 -7.81 -25.89 107.09
N GLY BA 348 -8.16 -24.60 106.87
CA GLY BA 348 -8.45 -23.58 107.91
C GLY BA 348 -7.33 -23.21 108.85
N THR BA 349 -6.11 -23.14 108.33
CA THR BA 349 -4.91 -22.84 109.12
C THR BA 349 -4.48 -21.39 109.01
N GLU BA 350 -3.80 -20.88 110.03
CA GLU BA 350 -3.25 -19.50 110.11
C GLU BA 350 -2.01 -19.24 109.22
N GLY BA 351 -1.64 -17.98 109.00
CA GLY BA 351 -0.54 -17.59 108.07
C GLY BA 351 -0.93 -16.99 106.74
N CYS BA 352 -2.19 -16.72 106.47
CA CYS BA 352 -2.66 -16.01 105.24
C CYS BA 352 -2.33 -14.51 105.28
N LEU BA 353 -2.38 -13.83 104.14
CA LEU BA 353 -2.14 -12.37 104.08
C LEU BA 353 -3.15 -11.65 104.98
N PRO BA 354 -2.69 -10.62 105.71
CA PRO BA 354 -3.58 -9.90 106.63
C PRO BA 354 -4.78 -9.10 106.10
N ALA BA 355 -5.85 -8.97 106.89
CA ALA BA 355 -7.06 -8.18 106.54
C ALA BA 355 -6.72 -6.69 106.35
N PHE BA 356 -5.83 -6.11 107.17
CA PHE BA 356 -5.50 -4.66 107.11
C PHE BA 356 -4.21 -4.48 106.31
N PRO BA 357 -4.21 -3.68 105.20
CA PRO BA 357 -3.05 -3.49 104.33
C PRO BA 357 -1.68 -3.06 104.92
N PRO BA 358 -1.59 -2.15 105.91
CA PRO BA 358 -0.36 -1.78 106.60
C PRO BA 358 0.34 -2.87 107.45
N GLN BA 359 -0.38 -3.88 107.91
CA GLN BA 359 0.18 -4.96 108.78
C GLN BA 359 1.26 -5.79 108.07
N VAL BA 360 2.32 -6.12 108.80
CA VAL BA 360 3.49 -6.86 108.24
C VAL BA 360 3.46 -8.29 108.80
N PHE BA 361 3.66 -9.29 107.96
CA PHE BA 361 3.46 -10.70 108.41
C PHE BA 361 4.63 -11.69 108.18
N THR BA 362 4.76 -12.65 109.11
CA THR BA 362 5.70 -13.78 108.97
C THR BA 362 5.08 -14.91 108.15
N LEU BA 363 5.80 -15.47 107.18
CA LEU BA 363 5.35 -16.66 106.40
C LEU BA 363 5.37 -17.94 107.23
N PRO BA 364 4.33 -18.80 107.07
CA PRO BA 364 4.33 -20.12 107.71
C PRO BA 364 5.36 -21.15 107.20
N GLN BA 365 5.90 -21.99 108.07
CA GLN BA 365 6.78 -23.12 107.65
C GLN BA 365 6.00 -24.32 107.07
N TYR BA 366 6.42 -24.86 105.92
CA TYR BA 366 5.85 -26.08 105.30
C TYR BA 366 6.19 -27.40 106.02
N GLY BA 367 5.20 -28.29 106.13
CA GLY BA 367 5.31 -29.59 106.77
C GLY BA 367 4.17 -30.43 106.30
N TYR BA 368 4.21 -31.75 106.55
CA TYR BA 368 3.12 -32.69 106.15
C TYR BA 368 3.09 -33.91 107.02
N ALA BA 369 1.96 -34.59 107.04
CA ALA BA 369 1.84 -35.92 107.68
C ALA BA 369 1.67 -37.00 106.60
N THR BA 370 2.42 -38.08 106.69
CA THR BA 370 2.26 -39.28 105.81
C THR BA 370 1.54 -40.36 106.62
N LEU BA 371 1.69 -41.62 106.25
CA LEU BA 371 1.13 -42.77 106.98
C LEU BA 371 1.80 -43.10 108.32
N ASN BA 372 1.02 -43.59 109.28
CA ASN BA 372 1.52 -43.96 110.63
C ASN BA 372 1.02 -45.40 110.88
N ARG BA 373 1.73 -46.18 111.68
CA ARG BA 373 1.38 -47.62 111.85
C ARG BA 373 0.61 -47.91 113.14
N ASP BA 374 -0.58 -48.51 113.04
CA ASP BA 374 -1.42 -48.96 114.20
C ASP BA 374 -1.76 -47.86 115.22
N ASN BA 375 -2.07 -46.64 114.77
CA ASN BA 375 -2.40 -45.49 115.68
C ASN BA 375 -1.23 -45.23 116.64
N THR BA 376 0.02 -45.26 116.15
CA THR BA 376 1.26 -45.02 116.92
C THR BA 376 2.18 -44.05 116.15
N GLU BA 377 3.28 -43.55 116.72
CA GLU BA 377 4.22 -42.58 116.08
C GLU BA 377 5.11 -43.19 114.96
N ASN BA 378 5.20 -44.52 114.88
CA ASN BA 378 6.00 -45.25 113.85
C ASN BA 378 5.46 -45.20 112.42
N PRO BA 379 6.35 -45.18 111.41
CA PRO BA 379 6.01 -45.30 109.99
C PRO BA 379 5.67 -46.71 109.39
N THR BA 380 5.22 -46.75 108.15
CA THR BA 380 4.87 -47.95 107.37
C THR BA 380 5.73 -47.99 106.12
N GLU BA 381 5.80 -49.11 105.42
CA GLU BA 381 6.51 -49.27 104.12
C GLU BA 381 5.90 -48.35 103.04
N ARG BA 382 4.60 -48.15 103.02
CA ARG BA 382 3.87 -47.21 102.14
C ARG BA 382 4.20 -45.73 102.44
N SER BA 383 4.68 -45.39 103.64
CA SER BA 383 4.97 -43.99 104.07
C SER BA 383 6.03 -43.35 103.15
N SER BA 384 5.83 -42.09 102.77
CA SER BA 384 6.60 -41.37 101.72
C SER BA 384 7.38 -40.12 102.18
N PHE BA 385 8.57 -39.93 101.62
CA PHE BA 385 9.39 -38.73 101.88
C PHE BA 385 9.45 -37.91 100.58
N PHE BA 386 9.25 -36.61 100.71
CA PHE BA 386 9.34 -35.70 99.55
C PHE BA 386 10.42 -34.64 99.76
N CYS BA 387 11.33 -34.47 98.79
CA CYS BA 387 12.37 -33.40 98.79
C CYS BA 387 11.95 -32.22 97.88
N LEU BA 388 11.88 -31.00 98.39
CA LEU BA 388 11.56 -29.74 97.63
C LEU BA 388 12.68 -29.36 96.66
N GLU BA 389 13.95 -29.61 97.02
CA GLU BA 389 15.15 -29.28 96.21
C GLU BA 389 15.21 -30.15 94.95
N TYR BA 390 14.50 -31.27 94.92
CA TYR BA 390 14.37 -32.15 93.71
C TYR BA 390 13.64 -31.39 92.59
N PHE BA 391 12.65 -30.57 92.86
CA PHE BA 391 11.97 -29.70 91.85
C PHE BA 391 12.86 -28.57 91.36
N PRO BA 392 12.74 -28.09 90.11
CA PRO BA 392 13.40 -26.84 89.70
C PRO BA 392 12.87 -25.50 90.31
N SER BA 393 13.74 -24.54 90.69
CA SER BA 393 13.33 -23.24 91.29
C SER BA 393 14.06 -22.01 90.70
N LYS BA 394 13.42 -20.86 90.63
CA LYS BA 394 14.07 -19.58 90.24
C LYS BA 394 14.97 -19.06 91.39
N MET BA 395 16.13 -18.49 91.08
CA MET BA 395 17.04 -17.91 92.09
C MET BA 395 17.05 -16.37 91.95
N LEU BA 396 16.81 -15.66 93.05
CA LEU BA 396 16.71 -14.18 92.99
C LEU BA 396 17.67 -13.42 93.90
N ARG BA 397 18.39 -12.46 93.34
CA ARG BA 397 19.17 -11.45 94.11
C ARG BA 397 18.26 -10.20 94.34
N THR BA 398 18.75 -9.14 94.99
CA THR BA 398 18.01 -7.86 95.30
C THR BA 398 17.39 -7.17 94.09
N GLY BA 399 18.02 -7.15 92.92
CA GLY BA 399 17.48 -6.68 91.63
C GLY BA 399 16.33 -7.46 91.04
N ASN BA 400 16.27 -8.78 91.22
CA ASN BA 400 15.31 -9.75 90.60
C ASN BA 400 13.86 -9.80 91.11
N ASN BA 401 12.92 -10.27 90.29
CA ASN BA 401 11.47 -10.38 90.60
C ASN BA 401 10.88 -11.71 90.07
N PHE BA 402 9.76 -12.19 90.61
CA PHE BA 402 9.05 -13.41 90.14
C PHE BA 402 7.56 -13.12 89.83
N GLU BA 403 7.03 -13.70 88.74
CA GLU BA 403 5.57 -13.57 88.41
C GLU BA 403 4.89 -14.92 88.06
N PHE BA 404 3.61 -15.10 88.42
CA PHE BA 404 2.79 -16.31 88.04
C PHE BA 404 1.35 -15.91 87.61
N THR BA 405 0.70 -16.67 86.73
CA THR BA 405 -0.73 -16.46 86.29
C THR BA 405 -1.51 -17.77 86.39
N TYR BA 406 -2.77 -17.73 86.82
CA TYR BA 406 -3.67 -18.94 86.92
C TYR BA 406 -5.09 -18.66 86.41
N ASN BA 407 -5.76 -19.67 85.83
CA ASN BA 407 -7.20 -19.58 85.45
C ASN BA 407 -8.00 -20.62 86.23
N PHE BA 408 -9.11 -20.21 86.82
CA PHE BA 408 -9.99 -21.14 87.59
C PHE BA 408 -10.81 -21.98 86.61
N GLU BA 409 -11.12 -23.22 86.97
CA GLU BA 409 -12.04 -24.09 86.19
C GLU BA 409 -13.50 -23.60 86.34
N GLU BA 410 -14.38 -23.97 85.41
CA GLU BA 410 -15.81 -23.61 85.58
C GLU BA 410 -16.37 -24.21 86.87
N VAL BA 411 -17.06 -23.40 87.64
CA VAL BA 411 -17.60 -23.81 88.97
C VAL BA 411 -18.97 -23.15 89.09
N PRO BA 412 -19.92 -23.71 89.85
CA PRO BA 412 -21.19 -23.01 90.11
C PRO BA 412 -21.08 -21.74 90.96
N PHE BA 413 -21.90 -20.71 90.71
CA PHE BA 413 -21.92 -19.47 91.53
C PHE BA 413 -22.39 -19.76 92.95
N HIS BA 414 -21.81 -19.13 93.97
CA HIS BA 414 -22.33 -19.21 95.36
C HIS BA 414 -23.70 -18.51 95.40
N SER BA 415 -24.63 -19.02 96.21
CA SER BA 415 -25.97 -18.39 96.34
C SER BA 415 -26.05 -17.37 97.47
N SER BA 416 -25.99 -16.07 97.15
CA SER BA 416 -26.13 -14.96 98.13
C SER BA 416 -27.59 -14.50 98.25
N PHE BA 417 -28.47 -15.36 98.74
CA PHE BA 417 -29.92 -15.03 98.89
C PHE BA 417 -30.51 -15.93 99.95
N ALA BA 418 -31.62 -15.49 100.51
CA ALA BA 418 -32.39 -16.29 101.49
C ALA BA 418 -33.75 -16.60 100.85
N PRO BA 419 -34.26 -17.84 100.99
CA PRO BA 419 -35.61 -18.16 100.53
C PRO BA 419 -36.78 -17.42 101.20
N SER BA 420 -37.73 -16.96 100.39
CA SER BA 420 -38.94 -16.26 100.90
C SER BA 420 -40.15 -17.22 101.09
N GLN BA 421 -40.00 -18.51 100.79
CA GLN BA 421 -41.07 -19.51 101.02
C GLN BA 421 -40.58 -20.79 101.72
N ASN BA 422 -41.42 -21.41 102.54
CA ASN BA 422 -41.19 -22.74 103.14
C ASN BA 422 -41.34 -23.85 102.07
N LEU BA 423 -40.52 -24.91 102.12
CA LEU BA 423 -40.52 -26.05 101.17
C LEU BA 423 -41.85 -26.81 101.21
N PHE BA 424 -42.46 -26.94 102.38
CA PHE BA 424 -43.76 -27.64 102.58
C PHE BA 424 -45.04 -26.76 102.39
N LYS BA 425 -44.97 -25.45 102.12
CA LYS BA 425 -46.14 -24.51 101.99
C LYS BA 425 -46.33 -23.98 100.54
N LEU BA 426 -46.03 -24.74 99.49
CA LEU BA 426 -46.04 -24.28 98.06
C LEU BA 426 -47.40 -24.39 97.32
N ALA BA 427 -48.37 -25.12 97.86
CA ALA BA 427 -49.72 -25.19 97.27
C ALA BA 427 -50.41 -23.83 97.43
N ASN BA 428 -51.30 -23.45 96.50
CA ASN BA 428 -52.08 -22.21 96.64
C ASN BA 428 -52.92 -22.32 97.91
N PRO BA 429 -52.94 -21.27 98.77
CA PRO BA 429 -53.74 -21.25 99.98
C PRO BA 429 -55.28 -21.30 99.75
N LEU BA 430 -55.83 -20.66 98.73
CA LEU BA 430 -57.25 -20.64 98.27
C LEU BA 430 -57.84 -21.94 97.74
N VAL BA 431 -57.08 -22.78 97.04
CA VAL BA 431 -57.61 -23.98 96.33
C VAL BA 431 -57.31 -25.36 96.97
N ASP BA 432 -58.32 -26.22 97.09
CA ASP BA 432 -58.19 -27.64 97.55
C ASP BA 432 -57.52 -28.58 96.54
N GLN BA 433 -56.81 -29.58 97.01
CA GLN BA 433 -56.21 -30.65 96.16
C GLN BA 433 -57.24 -31.67 95.62
N TYR BA 434 -57.03 -32.26 94.44
CA TYR BA 434 -57.89 -33.39 93.94
C TYR BA 434 -57.40 -34.75 94.52
N LEU BA 435 -56.79 -34.77 95.69
CA LEU BA 435 -56.13 -35.97 96.26
C LEU BA 435 -56.69 -36.28 97.65
N TYR BA 436 -56.69 -37.54 98.05
CA TYR BA 436 -57.32 -37.97 99.31
C TYR BA 436 -56.36 -38.76 100.18
N ARG BA 437 -56.61 -38.75 101.49
CA ARG BA 437 -55.74 -39.43 102.47
C ARG BA 437 -56.54 -40.37 103.39
N PHE BA 438 -55.89 -41.40 103.92
CA PHE BA 438 -56.54 -42.31 104.89
C PHE BA 438 -56.50 -41.67 106.25
N VAL BA 439 -57.67 -41.61 106.87
CA VAL BA 439 -57.75 -41.02 108.23
C VAL BA 439 -58.28 -41.98 109.30
N SER BA 440 -58.93 -43.08 108.91
CA SER BA 440 -59.67 -43.86 109.92
C SER BA 440 -60.06 -45.30 109.58
N THR BA 441 -60.42 -46.05 110.61
CA THR BA 441 -60.99 -47.39 110.45
C THR BA 441 -62.29 -47.37 111.27
N ASN BA 442 -63.36 -48.03 110.83
CA ASN BA 442 -64.66 -48.11 111.58
C ASN BA 442 -64.68 -49.24 112.63
N ASN BA 443 -65.82 -49.51 113.29
CA ASN BA 443 -65.94 -50.53 114.39
C ASN BA 443 -65.57 -51.90 113.81
N THR BA 444 -65.97 -52.24 112.60
CA THR BA 444 -65.42 -53.40 111.87
C THR BA 444 -64.25 -52.73 111.23
N GLY BA 445 -63.06 -53.29 111.15
CA GLY BA 445 -61.94 -52.43 110.74
C GLY BA 445 -61.88 -52.05 109.27
N GLY BA 446 -62.84 -51.26 108.79
CA GLY BA 446 -62.94 -50.87 107.36
C GLY BA 446 -62.37 -49.49 107.12
N VAL BA 447 -61.53 -49.33 106.12
CA VAL BA 447 -60.80 -48.06 105.84
C VAL BA 447 -61.68 -46.87 105.42
N GLN BA 448 -61.32 -45.67 105.86
CA GLN BA 448 -62.11 -44.44 105.59
C GLN BA 448 -61.18 -43.33 105.06
N PHE BA 449 -61.70 -42.44 104.23
CA PHE BA 449 -60.86 -41.40 103.55
C PHE BA 449 -61.46 -40.00 103.62
N ASN BA 450 -60.61 -38.97 103.57
CA ASN BA 450 -61.05 -37.54 103.55
C ASN BA 450 -60.27 -36.80 102.49
N LYS BA 451 -60.86 -35.80 101.85
CA LYS BA 451 -60.19 -34.91 100.86
C LYS BA 451 -59.23 -33.91 101.53
N ASN BA 452 -58.21 -33.48 100.79
CA ASN BA 452 -57.23 -32.51 101.32
C ASN BA 452 -57.70 -31.07 101.05
N LEU BA 453 -57.96 -30.29 102.11
CA LEU BA 453 -58.48 -28.90 102.04
C LEU BA 453 -57.42 -27.81 101.79
N ALA BA 454 -57.85 -26.64 101.33
CA ALA BA 454 -56.95 -25.49 101.07
C ALA BA 454 -56.26 -24.96 102.34
N GLY BA 455 -54.93 -24.76 102.27
CA GLY BA 455 -54.11 -24.22 103.37
C GLY BA 455 -53.73 -25.22 104.46
N ARG BA 456 -54.14 -26.49 104.35
CA ARG BA 456 -53.85 -27.53 105.37
C ARG BA 456 -52.50 -28.20 105.05
N TYR BA 457 -51.38 -27.52 105.29
CA TYR BA 457 -49.97 -27.92 104.94
C TYR BA 457 -49.54 -29.16 105.69
N ALA BA 458 -50.09 -29.39 106.87
CA ALA BA 458 -49.84 -30.60 107.66
C ALA BA 458 -50.28 -31.85 106.86
N ASN BA 459 -51.36 -31.82 106.08
CA ASN BA 459 -51.94 -33.00 105.38
C ASN BA 459 -51.90 -32.99 103.84
N THR BA 460 -50.93 -32.42 103.16
CA THR BA 460 -50.95 -32.15 101.71
C THR BA 460 -49.92 -33.06 101.05
N TYR BA 461 -50.18 -33.53 99.85
CA TYR BA 461 -49.22 -34.35 99.07
C TYR BA 461 -48.03 -33.45 98.71
N LYS BA 462 -46.82 -33.98 98.77
CA LYS BA 462 -45.60 -33.18 98.53
C LYS BA 462 -44.70 -33.74 97.44
N ASN BA 463 -44.27 -32.94 96.48
CA ASN BA 463 -43.23 -33.31 95.46
C ASN BA 463 -41.79 -33.47 95.97
N TRP BA 464 -41.34 -32.65 96.90
CA TRP BA 464 -39.90 -32.52 97.24
C TRP BA 464 -39.62 -32.65 98.71
N PHE BA 465 -38.41 -33.05 99.03
CA PHE BA 465 -38.05 -33.39 100.43
C PHE BA 465 -36.84 -32.60 100.86
N PRO BA 466 -36.72 -32.34 102.17
CA PRO BA 466 -35.54 -31.68 102.73
C PRO BA 466 -34.24 -32.49 102.72
N GLY BA 467 -33.11 -31.81 102.82
CA GLY BA 467 -31.75 -32.42 102.78
C GLY BA 467 -31.32 -33.23 103.98
N PRO BA 468 -30.21 -33.99 103.87
CA PRO BA 468 -29.76 -34.91 104.93
C PRO BA 468 -29.37 -34.34 106.32
N MET BA 469 -29.67 -35.08 107.37
CA MET BA 469 -29.45 -34.58 108.75
C MET BA 469 -28.79 -35.59 109.71
N GLY BA 470 -27.95 -35.19 110.66
CA GLY BA 470 -27.49 -36.03 111.78
C GLY BA 470 -27.66 -35.27 113.08
N ARG BA 471 -28.27 -35.81 114.13
CA ARG BA 471 -28.53 -35.00 115.37
C ARG BA 471 -27.25 -34.55 116.13
N THR BA 472 -27.17 -33.27 116.54
CA THR BA 472 -26.03 -32.66 117.26
C THR BA 472 -26.56 -31.90 118.45
N GLN BA 473 -25.89 -31.91 119.60
CA GLN BA 473 -26.39 -31.30 120.86
C GLN BA 473 -26.57 -29.78 120.76
N GLY BA 474 -27.63 -29.24 121.37
CA GLY BA 474 -27.92 -27.80 121.38
C GLY BA 474 -27.61 -27.16 122.72
N TRP BA 475 -26.91 -26.03 122.68
CA TRP BA 475 -26.53 -25.28 123.90
C TRP BA 475 -27.07 -23.84 123.86
N ASN BA 476 -27.66 -23.38 124.96
CA ASN BA 476 -28.21 -22.00 125.07
C ASN BA 476 -27.08 -20.97 125.24
N LEU BA 477 -27.26 -19.76 124.71
CA LEU BA 477 -26.27 -18.66 124.75
C LEU BA 477 -27.00 -17.47 125.40
N GLY BA 478 -26.28 -16.47 125.90
CA GLY BA 478 -26.92 -15.33 126.61
C GLY BA 478 -27.61 -15.76 127.88
N SER BA 479 -28.92 -15.52 127.99
CA SER BA 479 -29.69 -15.91 129.19
C SER BA 479 -29.62 -17.42 129.37
N GLY BA 480 -29.70 -18.24 128.30
CA GLY BA 480 -29.34 -19.66 128.45
C GLY BA 480 -30.12 -20.49 129.43
N VAL BA 481 -29.44 -21.13 130.40
CA VAL BA 481 -30.05 -22.09 131.38
C VAL BA 481 -29.54 -23.55 131.11
N ASN BA 482 -28.37 -23.75 130.54
CA ASN BA 482 -27.70 -25.07 130.29
C ASN BA 482 -27.16 -25.82 131.53
N ARG BA 483 -26.94 -27.14 131.43
CA ARG BA 483 -26.38 -28.01 132.53
C ARG BA 483 -24.94 -27.65 132.97
N ALA BA 484 -24.68 -27.66 134.29
CA ALA BA 484 -23.39 -27.25 134.90
C ALA BA 484 -22.24 -28.27 134.93
N SER BA 485 -20.98 -27.80 134.94
CA SER BA 485 -19.77 -28.63 135.14
C SER BA 485 -19.60 -29.78 134.14
N VAL BA 486 -19.86 -29.56 132.86
CA VAL BA 486 -19.81 -30.65 131.84
C VAL BA 486 -18.46 -30.69 131.11
N SER BA 487 -17.90 -31.90 130.90
CA SER BA 487 -16.73 -32.04 130.00
C SER BA 487 -17.33 -32.50 128.66
N ALA BA 488 -17.19 -31.74 127.60
CA ALA BA 488 -17.83 -31.98 126.28
C ALA BA 488 -17.41 -33.23 125.48
N PHE BA 489 -16.15 -33.67 125.47
CA PHE BA 489 -15.60 -34.65 124.48
C PHE BA 489 -16.25 -36.07 124.43
N ALA BA 490 -16.61 -36.70 125.54
CA ALA BA 490 -17.19 -38.06 125.54
C ALA BA 490 -18.51 -38.11 124.77
N THR BA 491 -19.34 -37.07 124.86
CA THR BA 491 -20.68 -37.03 124.23
C THR BA 491 -20.70 -36.35 122.88
N THR BA 492 -19.58 -35.95 122.32
CA THR BA 492 -19.48 -35.31 120.97
C THR BA 492 -19.71 -36.28 119.81
N ASN BA 493 -20.14 -35.76 118.64
CA ASN BA 493 -20.31 -36.57 117.39
C ASN BA 493 -18.97 -37.05 116.85
N ARG BA 494 -18.93 -38.29 116.34
CA ARG BA 494 -17.63 -38.87 115.89
C ARG BA 494 -17.78 -39.77 114.67
N MET BA 495 -16.71 -39.94 113.88
CA MET BA 495 -16.65 -40.91 112.77
C MET BA 495 -15.40 -41.78 113.03
N GLU BA 496 -15.42 -43.08 112.69
CA GLU BA 496 -14.30 -44.01 112.97
C GLU BA 496 -13.48 -44.28 111.69
N LEU BA 497 -12.16 -44.05 111.70
CA LEU BA 497 -11.27 -44.39 110.56
C LEU BA 497 -10.06 -45.18 111.04
N GLU BA 498 -9.71 -46.32 110.43
CA GLU BA 498 -8.46 -47.10 110.72
C GLU BA 498 -8.29 -47.48 112.19
N GLY BA 499 -9.36 -47.81 112.91
CA GLY BA 499 -9.24 -48.08 114.36
C GLY BA 499 -9.23 -46.88 115.31
N ALA BA 500 -9.46 -45.65 114.87
CA ALA BA 500 -9.52 -44.51 115.83
C ALA BA 500 -10.81 -43.69 115.70
N SER BA 501 -11.27 -43.05 116.78
CA SER BA 501 -12.49 -42.19 116.79
C SER BA 501 -12.10 -40.73 116.59
N TYR BA 502 -12.72 -40.08 115.62
CA TYR BA 502 -12.37 -38.67 115.31
C TYR BA 502 -13.54 -37.73 115.44
N GLN BA 503 -13.33 -36.61 116.08
CA GLN BA 503 -14.36 -35.54 116.04
C GLN BA 503 -14.31 -34.98 114.61
N VAL BA 504 -15.46 -34.62 114.06
CA VAL BA 504 -15.60 -34.06 112.69
C VAL BA 504 -16.33 -32.75 112.95
N PRO BA 505 -15.62 -31.70 113.45
CA PRO BA 505 -16.23 -30.48 113.95
C PRO BA 505 -17.08 -29.68 113.03
N PRO BA 506 -16.87 -29.46 111.71
CA PRO BA 506 -17.92 -28.84 110.92
C PRO BA 506 -18.78 -30.09 110.66
N GLN BA 507 -20.09 -30.07 110.85
CA GLN BA 507 -20.82 -31.31 110.44
C GLN BA 507 -21.01 -31.30 108.89
N PRO BA 508 -21.45 -32.39 108.21
CA PRO BA 508 -21.76 -32.37 106.77
C PRO BA 508 -22.96 -31.48 106.33
N ASN BA 509 -23.01 -30.91 105.10
CA ASN BA 509 -24.07 -29.96 104.62
C ASN BA 509 -25.54 -30.43 104.61
N GLY BA 510 -26.52 -29.49 104.64
CA GLY BA 510 -27.98 -29.76 104.65
C GLY BA 510 -28.71 -29.52 105.94
N MET BA 511 -28.06 -28.95 106.93
CA MET BA 511 -28.73 -28.63 108.21
C MET BA 511 -28.63 -27.14 108.59
N THR BA 512 -29.45 -26.71 109.55
CA THR BA 512 -29.33 -25.35 110.15
C THR BA 512 -29.00 -25.48 111.64
N ASN BA 513 -27.96 -24.83 112.15
CA ASN BA 513 -27.56 -24.73 113.60
C ASN BA 513 -28.53 -23.93 114.51
N ASN BA 514 -29.13 -22.83 114.06
CA ASN BA 514 -29.94 -21.91 114.91
C ASN BA 514 -31.30 -21.63 114.25
N LEU BA 515 -32.41 -21.66 114.99
CA LEU BA 515 -33.77 -21.30 114.46
C LEU BA 515 -34.08 -19.83 114.04
N GLN BA 516 -33.67 -18.76 114.73
CA GLN BA 516 -34.02 -17.32 114.45
C GLN BA 516 -34.66 -16.82 115.73
N GLY BA 517 -34.28 -15.63 116.21
CA GLY BA 517 -34.68 -15.38 117.60
C GLY BA 517 -33.88 -16.45 118.29
N SER BA 518 -34.48 -17.39 119.01
CA SER BA 518 -33.80 -18.51 119.73
C SER BA 518 -32.32 -18.37 120.11
N ASN BA 519 -32.00 -18.79 121.33
CA ASN BA 519 -30.61 -18.75 121.83
C ASN BA 519 -30.02 -20.17 121.85
N THR BA 520 -30.70 -21.15 121.25
CA THR BA 520 -30.15 -22.51 121.12
C THR BA 520 -29.31 -22.63 119.85
N TYR BA 521 -28.09 -23.13 120.02
CA TYR BA 521 -27.15 -23.30 118.89
C TYR BA 521 -26.58 -24.67 118.96
N ALA BA 522 -26.48 -25.32 117.82
CA ALA BA 522 -25.74 -26.60 117.83
C ALA BA 522 -24.28 -26.21 117.58
N LEU BA 523 -23.42 -26.24 118.61
CA LEU BA 523 -22.02 -25.72 118.58
C LEU BA 523 -21.07 -26.46 117.61
N GLU BA 524 -21.21 -27.78 117.47
CA GLU BA 524 -20.37 -28.59 116.54
C GLU BA 524 -20.83 -28.43 115.08
N ASN BA 525 -21.94 -27.76 114.79
CA ASN BA 525 -22.39 -27.43 113.40
C ASN BA 525 -22.07 -25.95 113.07
N THR BA 526 -21.35 -25.22 113.90
CA THR BA 526 -21.11 -23.76 113.69
C THR BA 526 -19.66 -23.41 113.51
N MET BA 527 -19.35 -22.53 112.56
CA MET BA 527 -17.99 -21.94 112.45
C MET BA 527 -17.78 -20.93 113.60
N ILE BA 528 -16.73 -21.12 114.39
CA ILE BA 528 -16.38 -20.19 115.51
C ILE BA 528 -15.03 -19.50 115.22
N PHE BA 529 -14.98 -18.19 115.36
CA PHE BA 529 -13.79 -17.36 115.00
C PHE BA 529 -13.44 -16.43 116.15
N ASN BA 530 -12.22 -15.93 116.17
CA ASN BA 530 -11.76 -14.92 117.18
C ASN BA 530 -11.67 -13.56 116.47
N SER BA 531 -12.13 -12.48 117.11
CA SER BA 531 -11.98 -11.09 116.56
C SER BA 531 -10.51 -10.71 116.42
N GLN BA 532 -9.66 -11.10 117.39
CA GLN BA 532 -8.23 -10.77 117.41
C GLN BA 532 -7.37 -12.01 117.13
N PRO BA 533 -6.19 -11.89 116.47
CA PRO BA 533 -5.27 -13.02 116.29
C PRO BA 533 -4.65 -13.49 117.61
N ALA BA 534 -4.29 -14.77 117.67
CA ALA BA 534 -3.80 -15.37 118.94
C ALA BA 534 -2.35 -15.87 118.82
N ASN BA 535 -1.67 -15.89 119.95
CA ASN BA 535 -0.29 -16.47 120.03
C ASN BA 535 -0.34 -17.99 119.84
N PRO BA 536 0.68 -18.61 119.22
CA PRO BA 536 0.70 -20.05 119.07
C PRO BA 536 0.75 -20.91 120.33
N GLY BA 537 -0.01 -22.00 120.37
CA GLY BA 537 -0.01 -22.94 121.50
C GLY BA 537 -0.84 -22.52 122.69
N THR BA 538 -1.65 -21.48 122.58
CA THR BA 538 -2.43 -20.99 123.73
C THR BA 538 -3.38 -22.09 124.22
N THR BA 539 -3.50 -22.27 125.52
CA THR BA 539 -4.44 -23.23 126.13
C THR BA 539 -5.48 -22.48 126.96
N ALA BA 540 -5.58 -21.16 126.82
CA ALA BA 540 -6.51 -20.30 127.59
C ALA BA 540 -8.01 -20.58 127.33
N THR BA 541 -8.84 -20.55 128.37
CA THR BA 541 -10.31 -20.65 128.20
C THR BA 541 -10.86 -19.38 127.60
N TYR BA 542 -11.84 -19.50 126.70
CA TYR BA 542 -12.51 -18.32 126.11
C TYR BA 542 -13.99 -18.39 126.36
N LEU BA 543 -14.56 -17.30 126.87
CA LEU BA 543 -16.03 -17.17 127.03
C LEU BA 543 -16.69 -16.69 125.71
N GLU BA 544 -18.01 -16.69 125.65
CA GLU BA 544 -18.80 -16.33 124.44
C GLU BA 544 -18.58 -14.88 123.96
N GLY BA 545 -18.40 -13.91 124.86
CA GLY BA 545 -18.20 -12.50 124.49
C GLY BA 545 -16.96 -12.30 123.63
N ASN BA 546 -15.86 -12.98 123.92
CA ASN BA 546 -14.66 -12.97 123.04
C ASN BA 546 -14.92 -13.57 121.65
N MET BA 547 -15.73 -14.61 121.53
CA MET BA 547 -15.90 -15.37 120.26
C MET BA 547 -16.84 -14.74 119.22
N LEU BA 548 -16.61 -15.01 117.93
CA LEU BA 548 -17.56 -14.60 116.86
C LEU BA 548 -18.30 -15.86 116.43
N ILE BA 549 -19.60 -15.96 116.68
CA ILE BA 549 -20.38 -17.22 116.40
C ILE BA 549 -21.39 -16.99 115.27
N THR BA 550 -21.31 -17.77 114.22
CA THR BA 550 -22.19 -17.70 113.03
C THR BA 550 -23.55 -18.37 113.21
N SER BA 551 -24.55 -17.94 112.45
CA SER BA 551 -25.92 -18.51 112.45
C SER BA 551 -26.31 -18.82 111.01
N GLU BA 552 -27.00 -19.92 110.77
CA GLU BA 552 -27.45 -20.37 109.42
C GLU BA 552 -28.99 -20.24 109.34
N SER BA 553 -29.62 -19.38 110.13
CA SER BA 553 -31.09 -19.24 110.27
C SER BA 553 -31.81 -18.88 108.96
N GLU BA 554 -31.16 -18.26 107.99
CA GLU BA 554 -31.73 -17.93 106.64
C GLU BA 554 -32.12 -19.21 105.87
N THR BA 555 -31.40 -20.32 106.01
CA THR BA 555 -31.62 -21.60 105.30
C THR BA 555 -32.70 -22.46 105.95
N GLN BA 556 -33.30 -22.06 107.07
CA GLN BA 556 -34.30 -22.82 107.86
C GLN BA 556 -35.56 -23.19 107.03
N PRO BA 557 -36.10 -22.36 106.11
CA PRO BA 557 -37.18 -22.78 105.22
C PRO BA 557 -36.94 -24.08 104.42
N VAL BA 558 -35.70 -24.45 104.04
CA VAL BA 558 -35.31 -25.75 103.41
C VAL BA 558 -34.34 -26.66 104.20
N ASN BA 559 -33.81 -26.27 105.36
CA ASN BA 559 -32.77 -27.10 106.04
C ASN BA 559 -33.28 -27.50 107.41
N ARG BA 560 -33.16 -28.79 107.73
CA ARG BA 560 -33.61 -29.30 109.05
C ARG BA 560 -32.73 -28.81 110.20
N VAL BA 561 -33.32 -28.60 111.38
CA VAL BA 561 -32.54 -28.21 112.59
C VAL BA 561 -31.72 -29.37 113.19
N ALA BA 562 -30.43 -29.15 113.46
CA ALA BA 562 -29.47 -30.16 114.00
C ALA BA 562 -29.81 -30.68 115.40
N TYR BA 563 -30.25 -29.83 116.31
CA TYR BA 563 -30.58 -30.21 117.71
C TYR BA 563 -31.81 -31.17 117.76
N ASN BA 564 -32.81 -30.98 116.92
CA ASN BA 564 -34.08 -31.78 116.90
C ASN BA 564 -34.00 -33.13 116.17
N VAL BA 565 -34.91 -34.08 116.47
CA VAL BA 565 -35.08 -35.36 115.70
C VAL BA 565 -35.61 -35.08 114.27
N GLY BA 566 -35.18 -35.83 113.25
CA GLY BA 566 -35.61 -35.71 111.83
C GLY BA 566 -37.06 -36.01 111.45
N GLY BA 567 -37.71 -37.04 112.01
CA GLY BA 567 -39.04 -37.47 111.59
C GLY BA 567 -39.41 -38.79 112.24
N GLN BA 568 -40.50 -39.43 111.81
CA GLN BA 568 -40.95 -40.75 112.32
C GLN BA 568 -41.24 -41.74 111.17
N MET BA 569 -41.06 -43.06 111.39
CA MET BA 569 -41.34 -44.15 110.41
C MET BA 569 -42.05 -45.32 111.12
N ALA BA 570 -42.77 -46.19 110.39
CA ALA BA 570 -43.47 -47.38 110.95
C ALA BA 570 -42.52 -48.47 111.49
N THR BA 571 -42.86 -49.03 112.66
CA THR BA 571 -42.02 -50.05 113.33
C THR BA 571 -42.72 -51.41 113.45
N ASN BA 572 -43.90 -51.61 112.90
CA ASN BA 572 -44.70 -52.84 113.17
C ASN BA 572 -45.71 -53.09 112.05
N ASN BA 573 -46.39 -54.22 112.11
CA ASN BA 573 -47.54 -54.50 111.20
C ASN BA 573 -48.80 -54.49 112.07
N GLN BA 574 -49.82 -53.69 111.70
CA GLN BA 574 -51.13 -53.62 112.41
C GLN BA 574 -51.94 -54.91 112.17
N SER BA 575 -52.80 -55.28 113.11
CA SER BA 575 -53.65 -56.49 113.02
C SER BA 575 -54.86 -56.23 113.93
N SER BA 576 -55.89 -57.06 113.87
CA SER BA 576 -57.01 -56.87 114.83
C SER BA 576 -56.46 -56.98 116.25
N THR BA 577 -55.57 -57.92 116.54
CA THR BA 577 -54.86 -58.03 117.84
C THR BA 577 -53.92 -56.86 118.13
N THR BA 578 -53.20 -56.33 117.14
CA THR BA 578 -52.15 -55.31 117.40
C THR BA 578 -52.41 -53.92 116.85
N ALA BA 579 -52.30 -52.88 117.69
CA ALA BA 579 -52.39 -51.47 117.26
C ALA BA 579 -51.16 -51.03 116.46
N PRO BA 580 -51.29 -50.10 115.50
CA PRO BA 580 -50.13 -49.55 114.79
C PRO BA 580 -49.13 -48.72 115.63
N ALA BA 581 -47.83 -48.77 115.33
CA ALA BA 581 -46.76 -48.08 116.11
C ALA BA 581 -45.77 -47.33 115.22
N THR BA 582 -45.19 -46.25 115.72
CA THR BA 582 -44.16 -45.46 114.99
C THR BA 582 -42.92 -45.28 115.83
N GLY BA 583 -41.78 -44.99 115.19
CA GLY BA 583 -40.56 -44.64 115.93
C GLY BA 583 -39.84 -43.45 115.35
N THR BA 584 -39.27 -42.57 116.19
CA THR BA 584 -38.42 -41.43 115.71
C THR BA 584 -37.03 -41.87 115.24
N TYR BA 585 -36.42 -41.13 114.31
CA TYR BA 585 -35.04 -41.38 113.83
C TYR BA 585 -34.11 -40.15 114.13
N ASN BA 586 -32.82 -40.36 114.46
CA ASN BA 586 -31.84 -39.28 114.79
C ASN BA 586 -30.92 -38.96 113.59
N LEU BA 587 -30.96 -39.77 112.54
CA LEU BA 587 -30.12 -39.54 111.33
C LEU BA 587 -30.84 -39.97 110.04
N GLN BA 588 -30.62 -39.28 108.94
CA GLN BA 588 -31.13 -39.68 107.60
C GLN BA 588 -30.15 -39.17 106.56
N GLU BA 589 -30.07 -39.80 105.41
CA GLU BA 589 -29.08 -39.45 104.36
C GLU BA 589 -29.86 -39.12 103.09
N ILE BA 590 -29.18 -38.92 101.97
CA ILE BA 590 -29.80 -38.48 100.69
C ILE BA 590 -30.87 -39.45 100.15
N VAL BA 591 -31.96 -38.89 99.66
CA VAL BA 591 -33.09 -39.66 99.08
C VAL BA 591 -33.37 -38.97 97.74
N PRO BA 592 -33.95 -39.65 96.73
CA PRO BA 592 -34.31 -38.96 95.49
C PRO BA 592 -35.39 -37.87 95.69
N GLY BA 593 -35.28 -36.73 95.00
CA GLY BA 593 -36.16 -35.56 95.21
C GLY BA 593 -35.72 -34.64 96.35
N SER BA 594 -34.54 -34.87 96.94
CA SER BA 594 -33.94 -34.06 98.02
C SER BA 594 -33.43 -32.68 97.55
N VAL BA 595 -33.72 -31.62 98.32
CA VAL BA 595 -33.27 -30.23 98.03
C VAL BA 595 -32.66 -29.64 99.32
N TRP BA 596 -31.58 -28.87 99.21
CA TRP BA 596 -30.94 -28.20 100.38
C TRP BA 596 -30.13 -26.96 99.96
N MET BA 597 -29.75 -26.15 100.92
CA MET BA 597 -28.85 -25.00 100.70
C MET BA 597 -27.47 -25.26 101.36
N GLU BA 598 -26.38 -24.97 100.65
CA GLU BA 598 -24.99 -25.09 101.17
C GLU BA 598 -24.67 -23.98 102.19
N ARG BA 599 -23.67 -24.20 103.03
CA ARG BA 599 -23.22 -23.20 104.05
C ARG BA 599 -22.75 -21.87 103.43
N ASP BA 600 -23.06 -20.77 104.11
CA ASP BA 600 -22.68 -19.39 103.69
C ASP BA 600 -21.19 -19.06 103.85
N VAL BA 601 -20.66 -18.26 102.96
CA VAL BA 601 -19.27 -17.70 103.09
C VAL BA 601 -19.23 -16.49 104.04
N TYR BA 602 -18.08 -16.23 104.63
CA TYR BA 602 -17.87 -15.09 105.56
C TYR BA 602 -16.65 -14.32 105.10
N LEU BA 603 -16.56 -13.02 105.41
CA LEU BA 603 -15.37 -12.20 105.07
C LEU BA 603 -14.12 -12.76 105.82
N GLN BA 604 -14.24 -13.17 107.07
CA GLN BA 604 -13.20 -13.87 107.88
C GLN BA 604 -12.86 -15.29 107.34
N GLY BA 605 -13.78 -15.97 106.66
CA GLY BA 605 -13.63 -17.34 106.12
C GLY BA 605 -12.85 -17.65 104.85
N PRO BA 606 -12.55 -18.95 104.61
CA PRO BA 606 -11.96 -19.43 103.35
C PRO BA 606 -12.67 -19.49 101.99
N ILE BA 607 -12.05 -19.11 100.87
CA ILE BA 607 -12.60 -19.30 99.48
C ILE BA 607 -12.68 -20.74 98.90
N TRP BA 608 -11.63 -21.56 99.00
CA TRP BA 608 -11.59 -22.85 98.29
C TRP BA 608 -11.01 -24.03 99.07
N ALA BA 609 -11.26 -25.24 98.60
CA ALA BA 609 -10.65 -26.48 99.16
C ALA BA 609 -10.35 -27.40 97.97
N LYS BA 610 -9.30 -28.21 98.09
CA LYS BA 610 -8.95 -29.22 97.06
C LYS BA 610 -9.76 -30.51 97.23
N ILE BA 611 -10.38 -30.99 96.17
CA ILE BA 611 -11.06 -32.31 96.19
C ILE BA 611 -9.98 -33.42 96.27
N PRO BA 612 -10.09 -34.41 97.17
CA PRO BA 612 -9.12 -35.49 97.27
C PRO BA 612 -9.15 -36.51 96.11
N GLU BA 613 -8.00 -37.01 95.68
CA GLU BA 613 -7.98 -37.92 94.49
C GLU BA 613 -8.13 -39.41 94.90
N THR BA 614 -9.32 -39.97 94.80
CA THR BA 614 -9.61 -41.37 95.17
C THR BA 614 -10.18 -42.09 93.99
N GLY BA 615 -10.65 -41.36 92.99
CA GLY BA 615 -11.38 -41.90 91.84
C GLY BA 615 -12.88 -41.99 92.05
N ALA BA 616 -13.41 -41.76 93.26
CA ALA BA 616 -14.88 -41.73 93.51
C ALA BA 616 -15.29 -40.65 94.51
N HIS BA 617 -16.31 -39.86 94.22
CA HIS BA 617 -16.83 -38.83 95.16
C HIS BA 617 -18.30 -38.52 94.86
N PHE BA 618 -19.01 -37.96 95.84
CA PHE BA 618 -20.39 -37.46 95.61
C PHE BA 618 -20.52 -35.99 95.97
N HIS BA 619 -21.09 -35.14 95.11
CA HIS BA 619 -21.46 -33.72 95.40
C HIS BA 619 -20.32 -32.98 96.13
N PRO BA 620 -19.37 -32.38 95.39
CA PRO BA 620 -18.15 -31.89 96.01
C PRO BA 620 -18.04 -30.46 96.52
N SER BA 621 -18.82 -30.19 97.54
CA SER BA 621 -18.83 -28.85 98.18
C SER BA 621 -18.22 -29.01 99.57
N PRO BA 622 -17.15 -28.24 99.93
CA PRO BA 622 -16.53 -28.42 101.24
C PRO BA 622 -17.36 -28.00 102.47
N ALA BA 623 -17.23 -28.70 103.58
CA ALA BA 623 -18.05 -28.47 104.79
C ALA BA 623 -17.86 -27.09 105.45
N MET BA 624 -16.65 -26.56 105.52
CA MET BA 624 -16.32 -25.21 106.06
C MET BA 624 -16.99 -24.12 105.20
N GLY BA 625 -17.14 -24.33 103.90
CA GLY BA 625 -17.75 -23.38 102.97
C GLY BA 625 -16.88 -23.16 101.75
N GLY BA 626 -17.36 -22.44 100.75
CA GLY BA 626 -16.57 -22.13 99.55
C GLY BA 626 -16.66 -23.04 98.34
N PHE BA 627 -15.64 -23.00 97.50
CA PHE BA 627 -15.63 -23.70 96.19
C PHE BA 627 -14.68 -24.90 96.22
N GLY BA 628 -15.18 -26.06 95.79
CA GLY BA 628 -14.38 -27.29 95.73
C GLY BA 628 -13.77 -27.45 94.38
N LEU BA 629 -12.45 -27.56 94.34
CA LEU BA 629 -11.74 -27.57 93.03
C LEU BA 629 -10.89 -28.81 92.81
N LYS BA 630 -11.04 -29.46 91.66
CA LYS BA 630 -10.12 -30.57 91.25
C LYS BA 630 -8.69 -30.04 91.02
N HIS BA 631 -8.54 -28.89 90.40
CA HIS BA 631 -7.22 -28.27 90.15
C HIS BA 631 -7.17 -26.89 90.79
N PRO BA 632 -6.82 -26.82 92.08
CA PRO BA 632 -6.76 -25.59 92.85
C PRO BA 632 -5.61 -24.62 92.54
N PRO BA 633 -5.67 -23.33 92.94
CA PRO BA 633 -4.53 -22.47 92.70
C PRO BA 633 -3.31 -23.10 93.41
N PRO BA 634 -2.15 -23.22 92.75
CA PRO BA 634 -1.01 -23.97 93.28
C PRO BA 634 -0.17 -23.49 94.46
N MET BA 635 0.43 -24.40 95.20
CA MET BA 635 1.35 -24.08 96.31
C MET BA 635 2.58 -23.27 95.85
N MET BA 636 2.88 -22.18 96.55
CA MET BA 636 4.02 -21.28 96.23
C MET BA 636 5.03 -21.39 97.39
N LEU BA 637 6.25 -21.80 97.10
CA LEU BA 637 7.27 -22.11 98.14
C LEU BA 637 8.50 -21.22 98.00
N ILE BA 638 8.98 -20.68 99.11
CA ILE BA 638 10.18 -19.77 99.12
C ILE BA 638 11.16 -20.22 100.21
N LYS BA 639 12.45 -20.20 99.89
CA LYS BA 639 13.49 -20.50 100.92
C LYS BA 639 14.69 -19.55 100.82
N ASN BA 640 15.42 -19.38 101.91
CA ASN BA 640 16.72 -18.64 101.88
C ASN BA 640 17.81 -19.65 101.50
N THR BA 641 18.65 -19.33 100.52
CA THR BA 641 19.79 -20.19 100.14
C THR BA 641 20.81 -20.29 101.26
N PRO BA 642 21.30 -21.52 101.60
CA PRO BA 642 22.38 -21.67 102.57
C PRO BA 642 23.67 -20.93 102.20
N VAL BA 643 24.16 -20.14 103.11
CA VAL BA 643 25.47 -19.47 102.87
C VAL BA 643 26.42 -19.98 103.97
N PRO BA 644 27.50 -20.67 103.57
CA PRO BA 644 28.46 -21.22 104.54
C PRO BA 644 29.40 -20.33 105.40
N GLY BA 645 29.71 -20.73 106.63
CA GLY BA 645 30.70 -20.12 107.53
C GLY BA 645 32.11 -20.54 107.15
N ASN BA 646 33.15 -19.98 107.74
CA ASN BA 646 34.54 -20.28 107.25
C ASN BA 646 34.93 -21.74 107.42
N ILE BA 647 35.37 -22.38 106.34
CA ILE BA 647 35.80 -23.81 106.39
C ILE BA 647 37.26 -23.84 105.90
N THR BA 648 38.16 -24.41 106.67
CA THR BA 648 39.62 -24.39 106.34
C THR BA 648 40.14 -25.75 105.93
N SER BA 649 39.38 -26.81 106.15
CA SER BA 649 39.87 -28.20 105.88
C SER BA 649 38.81 -29.01 105.12
N PHE BA 650 39.21 -30.01 104.34
CA PHE BA 650 38.30 -30.93 103.63
C PHE BA 650 37.66 -32.02 104.50
N SER BA 651 36.36 -32.26 104.34
CA SER BA 651 35.72 -33.45 104.96
C SER BA 651 34.69 -34.02 103.99
N ASP BA 652 34.52 -35.33 103.95
CA ASP BA 652 33.38 -36.00 103.24
C ASP BA 652 32.08 -35.62 103.98
N VAL BA 653 32.11 -35.49 105.31
CA VAL BA 653 30.91 -35.14 106.12
C VAL BA 653 30.38 -33.76 105.73
N PRO BA 654 29.04 -33.59 105.51
CA PRO BA 654 28.45 -32.31 105.12
C PRO BA 654 28.58 -31.14 106.10
N VAL BA 655 28.72 -29.93 105.55
CA VAL BA 655 28.86 -28.72 106.39
C VAL BA 655 27.60 -28.44 107.23
N SER BA 656 27.80 -28.17 108.51
CA SER BA 656 26.73 -27.84 109.46
C SER BA 656 26.85 -26.39 109.96
N SER BA 657 27.83 -25.63 109.48
CA SER BA 657 28.08 -24.24 109.96
C SER BA 657 27.75 -23.23 108.87
N PHE BA 658 26.83 -22.32 109.16
CA PHE BA 658 26.32 -21.37 108.13
C PHE BA 658 26.20 -20.00 108.72
N ILE BA 659 26.33 -18.95 107.92
CA ILE BA 659 26.02 -17.57 108.43
C ILE BA 659 24.50 -17.39 108.67
N THR BA 660 24.07 -16.72 109.75
CA THR BA 660 22.63 -16.48 110.08
C THR BA 660 22.02 -15.35 109.24
N GLN BA 661 20.89 -15.63 108.58
CA GLN BA 661 20.27 -14.69 107.60
C GLN BA 661 18.73 -14.70 107.59
N TYR BA 662 18.09 -13.63 107.14
CA TYR BA 662 16.60 -13.54 107.00
C TYR BA 662 16.30 -12.75 105.74
N SER BA 663 15.09 -12.90 105.18
CA SER BA 663 14.68 -12.13 103.98
C SER BA 663 13.37 -11.33 104.17
N THR BA 664 13.22 -10.26 103.42
CA THR BA 664 12.00 -9.42 103.47
C THR BA 664 11.64 -8.94 102.06
N GLY BA 665 10.37 -8.64 101.79
CA GLY BA 665 9.93 -8.13 100.48
C GLY BA 665 8.47 -7.74 100.39
N GLN BA 666 7.98 -7.50 99.18
CA GLN BA 666 6.55 -7.18 98.89
C GLN BA 666 5.88 -8.23 97.97
N VAL BA 667 4.62 -8.55 98.23
CA VAL BA 667 3.83 -9.49 97.37
C VAL BA 667 2.52 -8.81 96.89
N THR BA 668 2.18 -8.95 95.62
CA THR BA 668 0.91 -8.44 95.07
C THR BA 668 0.04 -9.59 94.53
N VAL BA 669 -1.24 -9.64 94.91
CA VAL BA 669 -2.23 -10.63 94.33
C VAL BA 669 -3.39 -9.89 93.63
N GLU BA 670 -3.68 -10.26 92.38
CA GLU BA 670 -4.80 -9.69 91.58
C GLU BA 670 -5.81 -10.80 91.27
N MET BA 671 -7.08 -10.57 91.58
CA MET BA 671 -8.15 -11.58 91.35
C MET BA 671 -9.34 -11.00 90.57
N GLU BA 672 -9.88 -11.79 89.66
CA GLU BA 672 -11.10 -11.40 88.89
C GLU BA 672 -12.31 -12.23 89.35
N TRP BA 673 -13.44 -11.57 89.53
CA TRP BA 673 -14.68 -12.23 90.01
C TRP BA 673 -15.84 -11.99 89.04
N GLU BA 674 -16.67 -13.01 88.83
CA GLU BA 674 -17.90 -12.88 87.99
C GLU BA 674 -19.12 -12.72 88.92
N LEU BA 675 -20.00 -11.79 88.62
CA LEU BA 675 -21.18 -11.44 89.45
C LEU BA 675 -22.50 -11.84 88.80
N LYS BA 676 -23.47 -12.32 89.59
CA LYS BA 676 -24.84 -12.57 89.07
C LYS BA 676 -25.78 -11.48 89.64
N LYS BA 677 -26.43 -10.73 88.77
CA LYS BA 677 -27.40 -9.66 89.13
C LYS BA 677 -28.76 -10.10 89.70
N GLU BA 678 -29.28 -9.36 90.67
CA GLU BA 678 -30.66 -9.58 91.18
C GLU BA 678 -31.71 -9.17 90.12
N ASN BA 679 -32.80 -9.92 89.97
CA ASN BA 679 -33.93 -9.63 89.04
C ASN BA 679 -35.27 -9.68 89.80
N SER BA 680 -35.35 -9.18 91.03
CA SER BA 680 -36.55 -9.27 91.92
C SER BA 680 -37.78 -8.45 91.50
N LYS BA 681 -38.99 -8.98 91.71
CA LYS BA 681 -40.26 -8.25 91.50
C LYS BA 681 -40.92 -7.93 92.86
N ARG BA 682 -40.26 -8.11 94.01
CA ARG BA 682 -40.77 -7.76 95.38
C ARG BA 682 -41.01 -6.24 95.59
N TRP BA 683 -42.26 -5.83 95.83
CA TRP BA 683 -42.68 -4.43 96.05
C TRP BA 683 -42.14 -3.74 97.32
N ASN BA 684 -42.17 -4.44 98.43
CA ASN BA 684 -41.72 -3.95 99.75
C ASN BA 684 -40.19 -3.92 99.89
N PRO BA 685 -39.65 -3.05 100.76
CA PRO BA 685 -38.21 -3.03 101.04
C PRO BA 685 -37.55 -4.25 101.74
N GLU BA 686 -36.38 -4.63 101.29
CA GLU BA 686 -35.53 -5.73 101.83
C GLU BA 686 -34.62 -5.46 103.04
N ILE BA 687 -34.18 -6.51 103.72
CA ILE BA 687 -33.11 -6.45 104.78
C ILE BA 687 -31.73 -6.18 104.16
N GLN BA 688 -30.89 -5.35 104.79
CA GLN BA 688 -29.53 -4.97 104.32
C GLN BA 688 -28.53 -4.92 105.47
N TYR BA 689 -27.25 -5.22 105.23
CA TYR BA 689 -26.20 -5.02 106.25
C TYR BA 689 -25.94 -3.50 106.39
N THR BA 690 -25.89 -3.02 107.63
CA THR BA 690 -25.71 -1.59 107.88
C THR BA 690 -24.73 -1.39 109.03
N ASN BA 691 -24.09 -0.23 109.08
CA ASN BA 691 -23.25 0.13 110.24
C ASN BA 691 -24.22 0.72 111.24
N ASN BA 692 -24.53 0.02 112.31
CA ASN BA 692 -25.58 0.44 113.27
C ASN BA 692 -25.10 0.09 114.68
N TYR BA 693 -24.89 1.10 115.50
CA TYR BA 693 -24.29 0.91 116.85
C TYR BA 693 -24.99 1.91 117.76
N ASN BA 694 -25.23 1.56 119.02
CA ASN BA 694 -25.80 2.56 119.96
C ASN BA 694 -24.72 3.14 120.89
N ASP BA 695 -24.55 4.47 120.92
CA ASP BA 695 -23.52 5.19 121.74
C ASP BA 695 -22.10 4.66 121.53
N PRO BA 696 -21.57 4.52 120.30
CA PRO BA 696 -20.25 3.92 120.10
C PRO BA 696 -19.01 4.60 120.72
N GLN BA 697 -18.13 3.81 121.33
CA GLN BA 697 -16.88 4.36 121.96
C GLN BA 697 -15.68 4.21 121.01
N PHE BA 698 -15.86 3.57 119.88
CA PHE BA 698 -14.77 3.32 118.91
C PHE BA 698 -15.44 3.13 117.58
N VAL BA 699 -14.69 3.25 116.51
CA VAL BA 699 -15.23 2.88 115.19
C VAL BA 699 -14.80 1.44 114.92
N ASP BA 700 -15.74 0.56 114.62
CA ASP BA 700 -15.47 -0.84 114.18
C ASP BA 700 -14.81 -0.87 112.81
N PHE BA 701 -13.96 -1.86 112.50
CA PHE BA 701 -13.17 -1.99 111.22
C PHE BA 701 -12.20 -0.82 111.03
N ALA BA 702 -11.60 -0.36 112.11
CA ALA BA 702 -10.65 0.76 112.10
C ALA BA 702 -9.56 0.51 113.14
N PRO BA 703 -8.39 1.15 113.05
CA PRO BA 703 -7.39 1.09 114.12
C PRO BA 703 -7.75 1.82 115.44
N ASP BA 704 -7.24 1.34 116.57
CA ASP BA 704 -7.47 2.03 117.87
C ASP BA 704 -6.32 3.00 118.25
N SER BA 705 -6.34 3.53 119.48
CA SER BA 705 -5.32 4.49 119.95
C SER BA 705 -3.91 3.84 119.94
N THR BA 706 -3.77 2.57 120.30
CA THR BA 706 -2.51 1.79 120.18
C THR BA 706 -2.15 1.41 118.76
N GLY BA 707 -3.05 1.50 117.78
CA GLY BA 707 -2.81 1.03 116.40
C GLY BA 707 -3.27 -0.38 116.06
N GLU BA 708 -3.99 -1.06 116.94
CA GLU BA 708 -4.53 -2.42 116.69
C GLU BA 708 -5.90 -2.40 116.00
N TYR BA 709 -6.08 -3.14 114.92
CA TYR BA 709 -7.35 -3.25 114.15
C TYR BA 709 -8.46 -3.94 114.93
N ARG BA 710 -9.68 -3.42 114.82
CA ARG BA 710 -10.84 -3.98 115.55
C ARG BA 710 -11.85 -4.54 114.55
N SER BA 711 -12.29 -5.79 114.73
CA SER BA 711 -13.31 -6.46 113.88
C SER BA 711 -14.33 -7.20 114.76
N THR BA 712 -15.25 -6.52 115.42
CA THR BA 712 -16.28 -7.08 116.36
C THR BA 712 -17.28 -8.04 115.73
N ARG BA 713 -17.73 -7.87 114.49
CA ARG BA 713 -18.84 -8.69 113.92
C ARG BA 713 -18.49 -9.61 112.75
N PRO BA 714 -18.98 -10.87 112.71
CA PRO BA 714 -18.86 -11.73 111.53
C PRO BA 714 -19.81 -11.36 110.38
N ILE BA 715 -19.38 -11.34 109.12
CA ILE BA 715 -20.36 -10.93 108.05
C ILE BA 715 -20.60 -12.01 106.99
N GLY BA 716 -21.86 -12.43 106.83
CA GLY BA 716 -22.33 -13.39 105.83
C GLY BA 716 -22.76 -12.72 104.55
N THR BA 717 -23.14 -13.51 103.56
CA THR BA 717 -23.60 -12.98 102.26
C THR BA 717 -25.12 -12.92 102.02
N ARG BA 718 -25.99 -13.47 102.86
CA ARG BA 718 -27.45 -13.56 102.48
C ARG BA 718 -28.36 -12.50 103.12
N TYR BA 719 -28.71 -11.46 102.37
CA TYR BA 719 -29.60 -10.35 102.84
C TYR BA 719 -30.77 -10.23 101.90
N LEU BA 720 -30.55 -10.55 100.62
CA LEU BA 720 -31.60 -10.55 99.58
C LEU BA 720 -32.49 -11.79 99.69
N THR BA 721 -33.69 -11.71 99.17
CA THR BA 721 -34.69 -12.78 99.28
C THR BA 721 -35.19 -13.16 97.91
N ARG BA 722 -35.47 -14.44 97.71
CA ARG BA 722 -36.05 -14.91 96.43
C ARG BA 722 -37.19 -15.90 96.69
N PRO BA 723 -38.25 -15.96 95.84
CA PRO BA 723 -39.26 -17.01 95.93
C PRO BA 723 -38.74 -18.40 95.50
N LEU BA 724 -39.27 -19.49 96.05
CA LEU BA 724 -38.80 -20.86 95.75
C LEU BA 724 -39.10 -21.25 94.29
N ASP CA 209 69.70 -49.15 27.66
CA ASP CA 209 70.15 -48.30 26.54
C ASP CA 209 71.54 -48.74 26.02
N GLY CA 210 72.63 -48.50 26.74
CA GLY CA 210 73.95 -48.76 26.15
C GLY CA 210 75.10 -49.09 27.07
N VAL CA 211 76.20 -49.57 26.48
CA VAL CA 211 77.47 -49.88 27.22
C VAL CA 211 78.08 -48.60 27.86
N GLY CA 212 78.02 -47.45 27.19
CA GLY CA 212 78.64 -46.20 27.66
C GLY CA 212 77.73 -45.31 28.46
N ASN CA 213 76.49 -45.71 28.71
CA ASN CA 213 75.52 -44.81 29.38
C ASN CA 213 75.15 -45.36 30.77
N ALA CA 214 75.18 -44.50 31.79
CA ALA CA 214 74.79 -44.89 33.16
C ALA CA 214 73.27 -45.02 33.36
N SER CA 215 72.81 -46.13 33.94
CA SER CA 215 71.40 -46.46 34.28
C SER CA 215 70.78 -45.61 35.40
N GLY CA 216 71.53 -45.20 36.41
CA GLY CA 216 71.05 -44.40 37.55
C GLY CA 216 72.09 -43.58 38.28
N ASP CA 217 71.68 -42.78 39.25
CA ASP CA 217 72.55 -41.89 40.07
C ASP CA 217 72.51 -42.17 41.57
N TRP CA 218 73.54 -41.76 42.31
CA TRP CA 218 73.65 -41.97 43.78
C TRP CA 218 72.75 -40.99 44.58
N HIS CA 219 71.87 -41.53 45.41
CA HIS CA 219 71.06 -40.70 46.31
C HIS CA 219 71.19 -41.18 47.77
N CYS CA 220 71.82 -40.41 48.65
CA CYS CA 220 71.84 -40.76 50.11
C CYS CA 220 71.42 -39.48 50.86
N ASP CA 221 70.22 -39.45 51.42
CA ASP CA 221 69.71 -38.20 52.06
C ASP CA 221 68.55 -38.36 53.04
N SER CA 222 68.30 -37.38 53.92
CA SER CA 222 67.09 -37.33 54.78
C SER CA 222 66.40 -35.98 54.55
N THR CA 223 65.09 -35.96 54.37
CA THR CA 223 64.32 -34.69 54.29
C THR CA 223 63.24 -34.69 55.36
N TRP CA 224 63.16 -33.65 56.17
CA TRP CA 224 62.16 -33.52 57.26
C TRP CA 224 61.15 -32.46 56.86
N MET CA 225 59.88 -32.82 56.81
CA MET CA 225 58.78 -31.90 56.40
C MET CA 225 57.57 -31.96 57.34
N GLY CA 226 57.59 -31.34 58.52
CA GLY CA 226 56.47 -31.46 59.48
C GLY CA 226 56.27 -32.86 60.01
N ASP CA 227 55.10 -33.45 59.81
CA ASP CA 227 54.74 -34.82 60.29
C ASP CA 227 55.45 -35.94 59.50
N ARG CA 228 56.10 -35.66 58.37
CA ARG CA 228 56.72 -36.71 57.51
C ARG CA 228 58.25 -36.59 57.40
N VAL CA 229 58.96 -37.71 57.44
CA VAL CA 229 60.43 -37.74 57.16
C VAL CA 229 60.65 -38.75 56.01
N VAL CA 230 61.45 -38.40 54.99
CA VAL CA 230 61.82 -39.31 53.86
C VAL CA 230 63.31 -39.69 53.96
N THR CA 231 63.62 -40.99 53.90
CA THR CA 231 65.01 -41.47 53.95
C THR CA 231 65.43 -42.09 52.61
N LYS CA 232 66.60 -41.73 52.08
CA LYS CA 232 67.17 -42.32 50.84
C LYS CA 232 68.52 -42.97 51.17
N SER CA 233 68.75 -44.20 50.72
CA SER CA 233 70.00 -44.96 50.97
C SER CA 233 70.51 -45.61 49.69
N THR CA 234 71.79 -45.45 49.35
CA THR CA 234 72.42 -46.08 48.17
C THR CA 234 73.63 -46.93 48.61
N ARG CA 235 73.74 -48.16 48.10
CA ARG CA 235 74.89 -49.06 48.40
C ARG CA 235 75.43 -49.78 47.14
N THR CA 236 76.66 -50.27 47.19
CA THR CA 236 77.28 -51.08 46.13
C THR CA 236 77.32 -52.53 46.59
N TRP CA 237 76.84 -53.48 45.77
CA TRP CA 237 76.75 -54.92 46.09
C TRP CA 237 77.54 -55.83 45.12
N VAL CA 238 77.92 -57.01 45.59
CA VAL CA 238 78.58 -58.06 44.77
C VAL CA 238 77.72 -59.35 44.82
N LEU CA 239 77.52 -60.03 43.67
CA LEU CA 239 76.81 -61.34 43.65
C LEU CA 239 77.68 -62.51 43.19
N PRO CA 240 77.90 -63.52 44.05
CA PRO CA 240 78.55 -64.77 43.64
C PRO CA 240 77.67 -65.72 42.83
N SER CA 241 78.27 -66.62 42.05
CA SER CA 241 77.43 -67.68 41.40
C SER CA 241 77.33 -68.86 42.38
N TYR CA 242 76.28 -68.92 43.20
CA TYR CA 242 76.14 -69.94 44.28
C TYR CA 242 75.71 -71.32 43.81
N ASN CA 243 76.36 -72.39 44.27
CA ASN CA 243 75.95 -73.81 44.01
C ASN CA 243 76.38 -74.25 42.62
N ASN CA 244 77.14 -73.43 41.88
CA ASN CA 244 77.54 -73.71 40.47
C ASN CA 244 76.31 -73.95 39.59
N HIS CA 245 75.26 -73.13 39.73
CA HIS CA 245 74.01 -73.22 38.90
C HIS CA 245 73.10 -74.41 39.24
N GLN CA 246 73.17 -74.93 40.45
CA GLN CA 246 72.40 -76.15 40.83
C GLN CA 246 71.59 -75.96 42.13
N TYR CA 247 70.54 -76.76 42.33
CA TYR CA 247 69.71 -76.77 43.55
C TYR CA 247 70.15 -77.98 44.33
N ARG CA 248 70.41 -77.82 45.63
CA ARG CA 248 70.93 -78.94 46.45
C ARG CA 248 70.03 -79.27 47.66
N GLU CA 249 69.75 -80.55 47.87
CA GLU CA 249 69.01 -80.97 49.09
C GLU CA 249 69.96 -80.86 50.31
N ILE CA 250 69.49 -80.23 51.37
CA ILE CA 250 70.29 -79.97 52.60
C ILE CA 250 69.56 -80.57 53.82
N LYS CA 251 70.30 -81.10 54.78
CA LYS CA 251 69.65 -81.78 55.92
C LYS CA 251 70.55 -81.82 57.14
N SER CA 252 69.97 -81.94 58.33
CA SER CA 252 70.80 -82.15 59.55
C SER CA 252 70.18 -83.17 60.52
N GLY CA 253 71.01 -83.95 61.20
CA GLY CA 253 70.60 -84.78 62.35
C GLY CA 253 70.82 -83.99 63.66
N SER CA 254 70.72 -84.63 64.82
CA SER CA 254 70.95 -83.98 66.15
C SER CA 254 72.40 -83.48 66.31
N VAL CA 255 72.60 -82.26 66.84
CA VAL CA 255 73.95 -81.64 66.97
C VAL CA 255 74.02 -80.92 68.33
N ASP CA 256 75.18 -80.92 68.99
CA ASP CA 256 75.40 -80.25 70.31
C ASP CA 256 74.44 -80.86 71.35
N GLY CA 257 74.12 -82.13 71.20
CA GLY CA 257 73.20 -82.81 72.12
C GLY CA 257 71.72 -82.58 71.86
N SER CA 258 71.31 -81.88 70.79
CA SER CA 258 69.85 -81.59 70.65
C SER CA 258 69.18 -82.04 69.34
N ASN CA 259 68.05 -82.75 69.42
CA ASN CA 259 67.20 -83.13 68.24
C ASN CA 259 66.42 -81.94 67.67
N ALA CA 260 66.26 -80.83 68.40
CA ALA CA 260 65.61 -79.56 67.96
C ALA CA 260 66.45 -78.98 66.82
N ASN CA 261 67.74 -79.26 66.80
CA ASN CA 261 68.71 -78.93 65.71
C ASN CA 261 68.40 -79.61 64.35
N ALA CA 262 67.85 -80.83 64.30
CA ALA CA 262 67.53 -81.57 63.04
C ALA CA 262 66.54 -80.85 62.10
N TYR CA 263 66.79 -80.91 60.79
CA TYR CA 263 65.95 -80.25 59.74
C TYR CA 263 66.13 -80.95 58.37
N PHE CA 264 65.18 -80.75 57.47
CA PHE CA 264 65.26 -81.19 56.05
C PHE CA 264 64.98 -79.94 55.19
N GLY CA 265 65.77 -79.67 54.15
CA GLY CA 265 65.64 -78.44 53.34
C GLY CA 265 66.28 -78.40 51.97
N TYR CA 266 66.13 -77.28 51.26
CA TYR CA 266 66.78 -77.04 49.95
C TYR CA 266 67.69 -75.78 49.94
N SER CA 267 68.85 -75.84 49.28
CA SER CA 267 69.72 -74.65 49.04
C SER CA 267 69.56 -74.25 47.56
N THR CA 268 69.61 -72.98 47.26
CA THR CA 268 69.29 -72.50 45.88
C THR CA 268 70.43 -71.69 45.26
N PRO CA 269 70.48 -71.59 43.92
CA PRO CA 269 71.42 -70.75 43.18
C PRO CA 269 71.29 -69.23 43.37
N TRP CA 270 70.12 -68.73 43.74
CA TRP CA 270 69.77 -67.30 43.94
C TRP CA 270 70.27 -66.59 45.22
N GLY CA 271 70.31 -65.27 45.16
CA GLY CA 271 70.65 -64.39 46.29
C GLY CA 271 69.55 -63.38 46.48
N TYR CA 272 69.45 -62.78 47.65
CA TYR CA 272 68.34 -61.85 47.97
C TYR CA 272 68.84 -60.54 48.60
N PHE CA 273 68.03 -59.48 48.52
CA PHE CA 273 68.32 -58.17 49.17
C PHE CA 273 67.48 -58.01 50.46
N ASP CA 274 68.11 -57.72 51.60
CA ASP CA 274 67.45 -57.51 52.92
C ASP CA 274 67.67 -56.07 53.43
N PHE CA 275 66.60 -55.35 53.74
CA PHE CA 275 66.70 -53.98 54.32
C PHE CA 275 66.07 -53.89 55.75
N ASN CA 276 65.77 -55.00 56.45
CA ASN CA 276 65.05 -54.90 57.75
C ASN CA 276 66.01 -54.60 58.93
N ARG CA 277 66.74 -53.51 58.90
CA ARG CA 277 67.57 -52.98 60.01
C ARG CA 277 67.42 -51.45 59.94
N PHE CA 278 67.30 -50.76 61.07
CA PHE CA 278 67.17 -49.27 61.14
C PHE CA 278 68.43 -48.51 60.61
N HIS CA 279 69.65 -48.99 60.90
CA HIS CA 279 70.96 -48.38 60.51
C HIS CA 279 71.08 -48.36 58.98
N SER CA 280 70.38 -49.24 58.27
CA SER CA 280 70.29 -49.27 56.77
C SER CA 280 69.67 -47.96 56.25
N HIS CA 281 68.67 -47.40 56.91
CA HIS CA 281 67.98 -46.14 56.52
C HIS CA 281 68.33 -44.91 57.35
N TRP CA 282 68.94 -45.03 58.53
CA TRP CA 282 69.09 -43.88 59.45
C TRP CA 282 70.52 -43.58 59.86
N SER CA 283 70.93 -42.33 59.72
CA SER CA 283 72.24 -41.87 60.24
C SER CA 283 72.15 -41.80 61.78
N PRO CA 284 73.27 -41.90 62.52
CA PRO CA 284 73.24 -41.74 63.95
C PRO CA 284 72.74 -40.36 64.41
N ARG CA 285 73.12 -39.26 63.76
CA ARG CA 285 72.56 -37.91 64.07
C ARG CA 285 71.05 -37.81 63.80
N ASP CA 286 70.53 -38.35 62.71
CA ASP CA 286 69.08 -38.36 62.36
C ASP CA 286 68.26 -39.16 63.39
N TRP CA 287 68.79 -40.27 63.85
CA TRP CA 287 68.15 -41.10 64.91
C TRP CA 287 68.04 -40.33 66.23
N GLN CA 288 69.06 -39.56 66.61
CA GLN CA 288 69.05 -38.69 67.81
C GLN CA 288 67.99 -37.59 67.71
N ARG CA 289 67.82 -37.01 66.54
CA ARG CA 289 66.79 -35.98 66.32
C ARG CA 289 65.37 -36.56 66.53
N LEU CA 290 65.08 -37.76 66.02
CA LEU CA 290 63.78 -38.43 66.29
C LEU CA 290 63.48 -38.85 67.75
N ILE CA 291 64.44 -39.45 68.46
CA ILE CA 291 64.27 -39.98 69.86
C ILE CA 291 64.05 -38.83 70.84
N ASN CA 292 64.76 -37.73 70.67
CA ASN CA 292 64.65 -36.48 71.47
C ASN CA 292 63.32 -35.74 71.34
N ASN CA 293 62.69 -35.69 70.16
CA ASN CA 293 61.52 -34.78 69.89
C ASN CA 293 60.15 -35.37 69.57
N TYR CA 294 59.97 -36.67 69.49
CA TYR CA 294 58.67 -37.24 69.02
C TYR CA 294 58.10 -38.33 69.91
N TRP CA 295 56.79 -38.36 70.13
CA TRP CA 295 56.08 -39.47 70.84
C TRP CA 295 56.06 -40.82 70.08
N GLY CA 296 55.91 -40.81 68.77
CA GLY CA 296 55.80 -42.04 67.98
C GLY CA 296 56.18 -41.94 66.53
N PHE CA 297 56.43 -43.07 65.89
CA PHE CA 297 56.72 -43.12 64.43
C PHE CA 297 56.13 -44.40 63.80
N ARG CA 298 55.80 -44.39 62.50
CA ARG CA 298 55.34 -45.60 61.74
C ARG CA 298 55.81 -45.58 60.26
N PRO CA 299 56.09 -46.73 59.59
CA PRO CA 299 56.35 -46.78 58.13
C PRO CA 299 55.14 -46.59 57.18
N ARG CA 300 55.31 -45.91 56.04
CA ARG CA 300 54.18 -45.63 55.10
C ARG CA 300 54.45 -46.19 53.70
N SER CA 301 55.60 -45.88 53.10
CA SER CA 301 55.88 -46.28 51.69
C SER CA 301 57.31 -46.75 51.45
N LEU CA 302 57.51 -47.65 50.49
CA LEU CA 302 58.86 -48.12 50.08
C LEU CA 302 59.07 -48.07 48.55
N ARG CA 303 60.22 -47.57 48.07
CA ARG CA 303 60.62 -47.62 46.63
C ARG CA 303 62.02 -48.26 46.48
N VAL CA 304 62.19 -49.22 45.57
CA VAL CA 304 63.51 -49.88 45.30
C VAL CA 304 63.97 -49.77 43.83
N LYS CA 305 65.23 -49.40 43.58
CA LYS CA 305 65.84 -49.39 42.22
C LYS CA 305 67.17 -50.21 42.18
N ILE CA 306 67.35 -51.06 41.17
CA ILE CA 306 68.64 -51.82 40.93
C ILE CA 306 69.21 -51.36 39.58
N PHE CA 307 70.48 -50.95 39.51
CA PHE CA 307 71.08 -50.25 38.32
C PHE CA 307 72.60 -50.38 38.21
N ASN CA 308 73.21 -49.94 37.08
CA ASN CA 308 74.69 -49.94 36.79
C ASN CA 308 75.29 -51.34 36.87
N ILE CA 309 74.59 -52.32 36.31
CA ILE CA 309 74.99 -53.73 36.33
C ILE CA 309 76.29 -54.02 35.54
N GLN CA 310 77.19 -54.83 36.11
CA GLN CA 310 78.46 -55.20 35.46
C GLN CA 310 78.72 -56.71 35.67
N VAL CA 311 78.82 -57.46 34.59
CA VAL CA 311 79.06 -58.93 34.65
C VAL CA 311 80.52 -59.19 34.27
N LYS CA 312 81.23 -59.98 35.08
CA LYS CA 312 82.67 -60.28 34.90
C LYS CA 312 82.93 -61.77 34.74
N GLU CA 313 83.86 -62.15 33.86
CA GLU CA 313 84.24 -63.57 33.69
C GLU CA 313 85.65 -63.79 34.27
N VAL CA 314 85.80 -64.85 35.03
CA VAL CA 314 87.10 -65.15 35.70
C VAL CA 314 87.69 -66.39 35.01
N THR CA 315 88.95 -66.31 34.60
CA THR CA 315 89.61 -67.44 33.91
C THR CA 315 90.93 -67.75 34.57
N VAL CA 316 91.25 -69.02 34.75
CA VAL CA 316 92.60 -69.36 35.29
C VAL CA 316 93.41 -70.19 34.28
N GLN CA 317 94.60 -69.74 33.91
CA GLN CA 317 95.52 -70.59 33.10
C GLN CA 317 96.84 -70.67 33.88
N ASP CA 318 97.22 -71.87 34.31
CA ASP CA 318 98.54 -72.04 35.00
C ASP CA 318 98.65 -71.07 36.18
N SER CA 319 97.57 -70.83 36.93
CA SER CA 319 97.60 -70.00 38.18
C SER CA 319 97.59 -68.46 37.95
N THR CA 320 97.44 -67.97 36.72
CA THR CA 320 97.32 -66.49 36.45
C THR CA 320 96.07 -65.83 37.03
N THR CA 321 94.88 -66.42 36.99
CA THR CA 321 93.59 -65.79 37.44
C THR CA 321 93.22 -64.42 36.81
N THR CA 322 93.22 -64.26 35.48
CA THR CA 322 92.72 -63.03 34.81
C THR CA 322 91.21 -62.78 34.97
N ILE CA 323 90.78 -61.53 35.12
CA ILE CA 323 89.34 -61.12 35.23
C ILE CA 323 88.96 -60.16 34.09
N ALA CA 324 87.84 -60.39 33.40
CA ALA CA 324 87.41 -59.55 32.24
C ALA CA 324 85.91 -59.27 32.21
N ASN CA 325 85.52 -58.17 31.58
CA ASN CA 325 84.08 -57.87 31.37
C ASN CA 325 83.40 -58.75 30.32
N ASN CA 326 82.18 -59.21 30.56
CA ASN CA 326 81.38 -59.88 29.49
C ASN CA 326 80.17 -58.98 29.23
N LEU CA 327 80.11 -58.30 28.10
CA LEU CA 327 79.02 -57.37 27.68
C LEU CA 327 77.66 -58.04 27.43
N THR CA 328 77.67 -59.23 26.85
CA THR CA 328 76.41 -59.92 26.43
C THR CA 328 75.78 -60.78 27.53
N SER CA 329 76.41 -60.95 28.70
CA SER CA 329 75.86 -61.72 29.85
C SER CA 329 74.67 -61.04 30.57
N THR CA 330 73.79 -61.81 31.19
CA THR CA 330 72.55 -61.29 31.84
C THR CA 330 72.43 -61.59 33.33
N VAL CA 331 71.65 -60.79 34.03
CA VAL CA 331 71.28 -61.01 35.45
C VAL CA 331 69.74 -61.17 35.45
N GLN CA 332 69.18 -62.01 36.33
CA GLN CA 332 67.70 -62.25 36.45
C GLN CA 332 67.12 -61.77 37.80
N VAL CA 333 66.07 -60.96 37.77
CA VAL CA 333 65.47 -60.34 39.00
C VAL CA 333 63.94 -60.54 39.08
N PHE CA 334 63.40 -60.85 40.26
CA PHE CA 334 61.93 -60.95 40.51
C PHE CA 334 61.51 -60.58 41.96
N THR CA 335 60.25 -60.23 42.15
CA THR CA 335 59.68 -59.98 43.50
C THR CA 335 58.55 -60.99 43.77
N ASP CA 336 58.52 -61.59 44.96
CA ASP CA 336 57.44 -62.57 45.36
C ASP CA 336 56.22 -61.84 45.93
N ASP CA 337 55.40 -61.25 45.09
CA ASP CA 337 54.21 -60.43 45.48
C ASP CA 337 53.07 -61.17 46.22
N ASP CA 338 52.74 -62.41 45.86
CA ASP CA 338 51.61 -63.20 46.44
C ASP CA 338 52.04 -64.07 47.62
N TYR CA 339 53.29 -64.03 48.08
CA TYR CA 339 53.81 -64.73 49.28
C TYR CA 339 53.76 -66.25 49.12
N GLN CA 340 53.90 -66.75 47.91
CA GLN CA 340 53.99 -68.18 47.59
C GLN CA 340 55.25 -68.84 48.19
N LEU CA 341 56.38 -68.17 48.17
CA LEU CA 341 57.65 -68.68 48.74
C LEU CA 341 57.73 -68.59 50.26
N PRO CA 342 58.54 -69.46 50.90
CA PRO CA 342 58.81 -69.26 52.32
C PRO CA 342 59.54 -67.93 52.58
N TYR CA 343 59.12 -67.14 53.59
CA TYR CA 343 59.70 -65.79 53.87
C TYR CA 343 60.73 -65.87 54.99
N VAL CA 344 61.98 -65.64 54.65
CA VAL CA 344 63.10 -65.80 55.62
C VAL CA 344 63.62 -64.43 56.10
N VAL CA 345 63.06 -63.32 55.61
CA VAL CA 345 63.55 -61.93 55.91
C VAL CA 345 63.43 -61.49 57.40
N GLY CA 346 62.42 -61.85 58.16
CA GLY CA 346 62.16 -61.28 59.52
C GLY CA 346 62.68 -62.06 60.71
N ASN CA 347 63.72 -62.88 60.58
CA ASN CA 347 64.24 -63.82 61.61
C ASN CA 347 65.59 -63.43 62.24
N GLY CA 348 66.02 -62.15 62.23
CA GLY CA 348 67.29 -61.64 62.81
C GLY CA 348 68.57 -62.17 62.22
N THR CA 349 68.60 -62.36 60.92
CA THR CA 349 69.78 -62.92 60.22
C THR CA 349 70.63 -61.85 59.55
N GLU CA 350 71.91 -62.14 59.37
CA GLU CA 350 72.91 -61.25 58.70
C GLU CA 350 72.77 -61.16 57.17
N GLY CA 351 73.41 -60.18 56.54
CA GLY CA 351 73.27 -59.89 55.08
C GLY CA 351 72.45 -58.69 54.67
N CYS CA 352 71.98 -57.86 55.59
CA CYS CA 352 71.27 -56.58 55.30
C CYS CA 352 72.24 -55.50 54.79
N LEU CA 353 71.72 -54.44 54.17
CA LEU CA 353 72.56 -53.32 53.68
C LEU CA 353 73.33 -52.72 54.88
N PRO CA 354 74.60 -52.34 54.66
CA PRO CA 354 75.43 -51.81 55.75
C PRO CA 354 75.08 -50.46 56.39
N ALA CA 355 75.41 -50.28 57.67
CA ALA CA 355 75.19 -49.01 58.43
C ALA CA 355 75.97 -47.84 57.80
N PHE CA 356 77.20 -48.06 57.32
CA PHE CA 356 78.06 -46.99 56.77
C PHE CA 356 77.96 -47.00 55.25
N PRO CA 357 77.55 -45.88 54.58
CA PRO CA 357 77.36 -45.80 53.12
C PRO CA 357 78.49 -46.24 52.17
N PRO CA 358 79.79 -45.95 52.41
CA PRO CA 358 80.92 -46.42 51.62
C PRO CA 358 81.20 -47.94 51.61
N GLN CA 359 80.76 -48.68 52.61
CA GLN CA 359 81.01 -50.15 52.73
C GLN CA 359 80.36 -50.95 51.58
N VAL CA 360 81.08 -51.95 51.08
CA VAL CA 360 80.60 -52.77 49.92
C VAL CA 360 80.25 -54.16 50.45
N PHE CA 361 79.11 -54.71 50.04
CA PHE CA 361 78.62 -55.97 50.65
C PHE CA 361 78.27 -57.14 49.71
N THR CA 362 78.50 -58.36 50.20
CA THR CA 362 78.07 -59.60 49.51
C THR CA 362 76.62 -59.94 49.84
N LEU CA 363 75.79 -60.25 48.83
CA LEU CA 363 74.39 -60.74 49.04
C LEU CA 363 74.33 -62.14 49.64
N PRO CA 364 73.41 -62.37 50.60
CA PRO CA 364 73.17 -63.71 51.13
C PRO CA 364 72.53 -64.74 50.16
N GLN CA 365 72.90 -66.01 50.26
CA GLN CA 365 72.25 -67.09 49.47
C GLN CA 365 70.89 -67.53 50.07
N TYR CA 366 69.85 -67.65 49.24
CA TYR CA 366 68.50 -68.15 49.64
C TYR CA 366 68.44 -69.68 49.92
N GLY CA 367 67.72 -70.06 50.95
CA GLY CA 367 67.53 -71.45 51.38
C GLY CA 367 66.34 -71.49 52.28
N TYR CA 368 65.82 -72.68 52.58
CA TYR CA 368 64.64 -72.85 53.48
C TYR CA 368 64.62 -74.21 54.12
N ALA CA 369 63.90 -74.34 55.23
CA ALA CA 369 63.62 -75.65 55.85
C ALA CA 369 62.14 -76.00 55.66
N THR CA 370 61.84 -77.22 55.22
CA THR CA 370 60.46 -77.77 55.15
C THR CA 370 60.26 -78.72 56.32
N LEU CA 371 59.33 -79.65 56.23
CA LEU CA 371 59.08 -80.68 57.26
C LEU CA 371 60.14 -81.78 57.37
N ASN CA 372 60.36 -82.28 58.58
CA ASN CA 372 61.34 -83.35 58.86
C ASN CA 372 60.59 -84.43 59.64
N ARG CA 373 60.99 -85.69 59.54
CA ARG CA 373 60.21 -86.79 60.16
C ARG CA 373 60.81 -87.29 61.49
N ASP CA 374 60.02 -87.26 62.56
CA ASP CA 374 60.39 -87.79 63.92
C ASP CA 374 61.66 -87.19 64.53
N ASN CA 375 61.90 -85.88 64.38
CA ASN CA 375 63.12 -85.19 64.91
C ASN CA 375 64.39 -85.85 64.32
N THR CA 376 64.39 -86.16 63.01
CA THR CA 376 65.51 -86.77 62.26
C THR CA 376 65.75 -86.01 60.95
N GLU CA 377 66.83 -86.27 60.19
CA GLU CA 377 67.17 -85.58 58.91
C GLU CA 377 66.26 -85.95 57.71
N ASN CA 378 65.48 -87.03 57.80
CA ASN CA 378 64.56 -87.51 56.75
C ASN CA 378 63.31 -86.65 56.52
N PRO CA 379 62.83 -86.56 55.26
CA PRO CA 379 61.56 -85.92 54.90
C PRO CA 379 60.21 -86.68 55.13
N THR CA 380 59.09 -86.01 54.94
CA THR CA 380 57.72 -86.54 55.07
C THR CA 380 57.02 -86.37 53.74
N GLU CA 381 55.87 -87.02 53.52
CA GLU CA 381 55.01 -86.87 52.30
C GLU CA 381 54.50 -85.44 52.17
N ARG CA 382 54.18 -84.76 53.25
CA ARG CA 382 53.77 -83.33 53.30
C ARG CA 382 54.93 -82.37 52.92
N SER CA 383 56.19 -82.78 53.03
CA SER CA 383 57.40 -81.94 52.75
C SER CA 383 57.38 -81.44 51.30
N SER CA 384 57.73 -80.17 51.07
CA SER CA 384 57.56 -79.44 49.78
C SER CA 384 58.85 -78.92 49.13
N PHE CA 385 58.91 -79.00 47.81
CA PHE CA 385 60.03 -78.44 47.01
C PHE CA 385 59.51 -77.25 46.21
N PHE CA 386 60.25 -76.16 46.24
CA PHE CA 386 59.89 -74.95 45.45
C PHE CA 386 60.99 -74.60 44.45
N CYS CA 387 60.63 -74.41 43.18
CA CYS CA 387 61.55 -73.94 42.10
C CYS CA 387 61.37 -72.42 41.84
N LEU CA 388 62.42 -71.61 41.93
CA LEU CA 388 62.43 -70.14 41.64
C LEU CA 388 62.24 -69.85 40.14
N GLU CA 389 62.79 -70.71 39.27
CA GLU CA 389 62.73 -70.56 37.79
C GLU CA 389 61.31 -70.77 37.28
N TYR CA 390 60.44 -71.39 38.05
CA TYR CA 390 58.98 -71.54 37.74
C TYR CA 390 58.30 -70.16 37.71
N PHE CA 391 58.64 -69.22 38.56
CA PHE CA 391 58.13 -67.83 38.52
C PHE CA 391 58.67 -67.04 37.32
N PRO CA 392 57.92 -66.06 36.75
CA PRO CA 392 58.51 -65.13 35.78
C PRO CA 392 59.55 -64.08 36.32
N SER CA 393 60.65 -63.81 35.59
CA SER CA 393 61.70 -62.83 36.01
C SER CA 393 62.16 -61.87 34.89
N LYS CA 394 62.53 -60.64 35.23
CA LYS CA 394 63.15 -59.70 34.27
C LYS CA 394 64.61 -60.09 33.96
N MET CA 395 65.05 -59.95 32.72
CA MET CA 395 66.46 -60.25 32.32
C MET CA 395 67.20 -58.95 31.99
N LEU CA 396 68.36 -58.74 32.61
CA LEU CA 396 69.09 -57.45 32.42
C LEU CA 396 70.53 -57.59 31.90
N ARG CA 397 70.86 -56.86 30.86
CA ARG CA 397 72.25 -56.66 30.39
C ARG CA 397 72.83 -55.38 31.08
N THR CA 398 74.07 -54.97 30.80
CA THR CA 398 74.79 -53.78 31.37
C THR CA 398 74.03 -52.47 31.21
N GLY CA 399 73.34 -52.20 30.11
CA GLY CA 399 72.43 -51.05 29.88
C GLY CA 399 71.18 -50.99 30.73
N ASN CA 400 70.57 -52.12 31.07
CA ASN CA 400 69.25 -52.28 31.76
C ASN CA 400 69.15 -51.97 33.27
N ASN CA 401 67.95 -51.63 33.75
CA ASN CA 401 67.66 -51.29 35.18
C ASN CA 401 66.33 -51.93 35.64
N PHE CA 402 66.13 -52.11 36.96
CA PHE CA 402 64.86 -52.63 37.54
C PHE CA 402 64.29 -51.69 38.63
N GLU CA 403 62.98 -51.49 38.67
CA GLU CA 403 62.33 -50.68 39.74
C GLU CA 403 61.09 -51.36 40.38
N PHE CA 404 60.85 -51.17 41.69
CA PHE CA 404 59.64 -51.67 42.40
C PHE CA 404 59.06 -50.60 43.39
N THR CA 405 57.75 -50.59 43.64
CA THR CA 405 57.07 -49.69 44.63
C THR CA 405 56.17 -50.49 45.57
N TYR CA 406 56.11 -50.15 46.86
CA TYR CA 406 55.25 -50.83 47.87
C TYR CA 406 54.54 -49.83 48.81
N ASN CA 407 53.33 -50.14 49.28
CA ASN CA 407 52.61 -49.35 50.33
C ASN CA 407 52.39 -50.22 51.56
N PHE CA 408 52.71 -49.70 52.73
CA PHE CA 408 52.51 -50.44 54.00
C PHE CA 408 51.03 -50.39 54.39
N GLU CA 409 50.52 -51.44 55.03
CA GLU CA 409 49.15 -51.47 55.60
C GLU CA 409 49.05 -50.55 56.84
N GLU CA 410 47.85 -50.12 57.22
CA GLU CA 410 47.72 -49.34 58.47
C GLU CA 410 48.20 -50.16 59.67
N VAL CA 411 49.03 -49.54 60.51
CA VAL CA 411 49.65 -50.24 61.67
C VAL CA 411 49.66 -49.22 62.80
N PRO CA 412 49.63 -49.62 64.09
CA PRO CA 412 49.80 -48.66 65.18
C PRO CA 412 51.21 -48.02 65.29
N PHE CA 413 51.32 -46.76 65.71
CA PHE CA 413 52.62 -46.08 65.91
C PHE CA 413 53.41 -46.74 67.04
N HIS CA 414 54.72 -46.89 66.93
CA HIS CA 414 55.58 -47.33 68.05
C HIS CA 414 55.56 -46.24 69.14
N SER CA 415 55.60 -46.63 70.41
CA SER CA 415 55.61 -45.65 71.52
C SER CA 415 57.02 -45.26 71.98
N SER CA 416 57.51 -44.09 71.56
CA SER CA 416 58.83 -43.54 71.96
C SER CA 416 58.70 -42.65 73.21
N PHE CA 417 58.33 -43.21 74.34
CA PHE CA 417 58.17 -42.44 75.59
C PHE CA 417 58.29 -43.39 76.77
N ALA CA 418 58.61 -42.85 77.93
CA ALA CA 418 58.66 -43.61 79.18
C ALA CA 418 57.57 -43.07 80.11
N PRO CA 419 56.83 -43.94 80.82
CA PRO CA 419 55.86 -43.48 81.81
C PRO CA 419 56.41 -42.69 83.02
N SER CA 420 55.74 -41.62 83.38
CA SER CA 420 56.13 -40.78 84.55
C SER CA 420 55.35 -41.17 85.83
N GLN CA 421 54.46 -42.17 85.77
CA GLN CA 421 53.73 -42.66 86.97
C GLN CA 421 53.73 -44.18 87.10
N ASN CA 422 53.75 -44.72 88.32
CA ASN CA 422 53.54 -46.15 88.63
C ASN CA 422 52.07 -46.53 88.43
N LEU CA 423 51.78 -47.74 87.92
CA LEU CA 423 50.42 -48.27 87.65
C LEU CA 423 49.59 -48.39 88.94
N PHE CA 424 50.24 -48.77 90.06
CA PHE CA 424 49.59 -48.92 91.38
C PHE CA 424 49.52 -47.61 92.25
N LYS CA 425 50.05 -46.45 91.83
CA LYS CA 425 50.09 -45.18 92.63
C LYS CA 425 49.21 -44.06 92.01
N LEU CA 426 48.07 -44.35 91.38
CA LEU CA 426 47.24 -43.36 90.64
C LEU CA 426 46.16 -42.62 91.46
N ALA CA 427 45.87 -43.05 92.68
CA ALA CA 427 44.95 -42.33 93.57
C ALA CA 427 45.59 -41.02 94.03
N ASN CA 428 44.80 -39.98 94.28
CA ASN CA 428 45.34 -38.71 94.82
C ASN CA 428 45.99 -39.02 96.18
N PRO CA 429 47.21 -38.52 96.42
CA PRO CA 429 47.90 -38.69 97.69
C PRO CA 429 47.21 -38.03 98.92
N LEU CA 430 46.60 -36.86 98.80
CA LEU CA 430 45.80 -36.09 99.80
C LEU CA 430 44.47 -36.72 100.27
N VAL CA 431 43.72 -37.39 99.41
CA VAL CA 431 42.34 -37.86 99.74
C VAL CA 431 42.16 -39.38 100.01
N ASP CA 432 41.46 -39.74 101.08
CA ASP CA 432 41.07 -41.15 101.41
C ASP CA 432 40.00 -41.75 100.51
N GLN CA 433 40.03 -43.05 100.29
CA GLN CA 433 38.98 -43.79 99.55
C GLN CA 433 37.67 -43.99 100.34
N TYR CA 434 36.50 -44.07 99.70
CA TYR CA 434 35.22 -44.44 100.39
C TYR CA 434 35.07 -45.99 100.45
N LEU CA 435 36.16 -46.74 100.49
CA LEU CA 435 36.15 -48.22 100.40
C LEU CA 435 36.87 -48.83 101.60
N TYR CA 436 36.47 -50.04 101.98
CA TYR CA 436 37.00 -50.68 103.21
C TYR CA 436 37.55 -52.07 102.93
N ARG CA 437 38.47 -52.52 103.77
CA ARG CA 437 39.15 -53.82 103.59
C ARG CA 437 39.07 -54.67 104.89
N PHE CA 438 39.12 -55.98 104.74
CA PHE CA 438 39.16 -56.89 105.91
C PHE CA 438 40.57 -56.95 106.44
N VAL CA 439 40.71 -56.72 107.73
CA VAL CA 439 42.04 -56.78 108.34
C VAL CA 439 42.17 -57.81 109.47
N SER CA 440 41.05 -58.28 110.02
CA SER CA 440 41.17 -59.06 111.29
C SER CA 440 39.99 -59.96 111.69
N THR CA 441 40.25 -60.85 112.61
CA THR CA 441 39.20 -61.66 113.25
C THR CA 441 39.42 -61.48 114.76
N ASN CA 442 38.38 -61.42 115.58
CA ASN CA 442 38.48 -61.30 117.08
C ASN CA 442 38.67 -62.67 117.79
N ASN CA 443 38.67 -62.72 119.13
CA ASN CA 443 38.91 -63.96 119.91
C ASN CA 443 37.83 -64.98 119.55
N THR CA 444 36.57 -64.59 119.37
CA THR CA 444 35.54 -65.45 118.75
C THR CA 444 35.80 -65.08 117.32
N GLY CA 445 35.82 -65.98 116.35
CA GLY CA 445 36.34 -65.53 115.03
C GLY CA 445 35.43 -64.63 114.22
N GLY CA 446 35.19 -63.40 114.69
CA GLY CA 446 34.28 -62.44 114.02
C GLY CA 446 35.04 -61.44 113.19
N VAL CA 447 34.61 -61.20 111.96
CA VAL CA 447 35.35 -60.33 110.98
C VAL CA 447 35.39 -58.84 111.35
N GLN CA 448 36.51 -58.18 111.05
CA GLN CA 448 36.73 -56.75 111.40
C GLN CA 448 37.24 -55.99 110.17
N PHE CA 449 36.92 -54.70 110.07
CA PHE CA 449 37.24 -53.90 108.86
C PHE CA 449 37.88 -52.54 109.17
N ASN CA 450 38.68 -52.02 108.25
CA ASN CA 450 39.30 -50.66 108.39
C ASN CA 450 39.15 -49.91 107.08
N LYS CA 451 39.01 -48.60 107.13
CA LYS CA 451 38.97 -47.71 105.93
C LYS CA 451 40.34 -47.55 105.25
N ASN CA 452 40.34 -47.28 103.95
CA ASN CA 452 41.60 -47.10 103.20
C ASN CA 452 42.03 -45.63 103.24
N LEU CA 453 43.19 -45.34 103.84
CA LEU CA 453 43.75 -43.96 104.03
C LEU CA 453 44.50 -43.38 102.81
N ALA CA 454 44.64 -42.06 102.77
CA ALA CA 454 45.37 -41.37 101.67
C ALA CA 454 46.85 -41.74 101.60
N GLY CA 455 47.34 -42.06 100.40
CA GLY CA 455 48.76 -42.41 100.13
C GLY CA 455 49.16 -43.83 100.48
N ARG CA 456 48.25 -44.66 100.99
CA ARG CA 456 48.54 -46.06 101.40
C ARG CA 456 48.36 -47.01 100.18
N TYR CA 457 49.29 -46.99 99.22
CA TYR CA 457 49.25 -47.70 97.91
C TYR CA 457 49.28 -49.23 98.11
N ALA CA 458 49.89 -49.68 99.19
CA ALA CA 458 49.90 -51.10 99.55
C ALA CA 458 48.46 -51.63 99.75
N ASN CA 459 47.52 -50.84 100.30
CA ASN CA 459 46.15 -51.29 100.66
C ASN CA 459 44.99 -50.64 99.89
N THR CA 460 45.09 -50.26 98.64
CA THR CA 460 44.12 -49.43 97.90
C THR CA 460 43.44 -50.29 96.86
N TYR CA 461 42.17 -50.06 96.57
CA TYR CA 461 41.43 -50.78 95.50
C TYR CA 461 42.02 -50.35 94.17
N LYS CA 462 42.17 -51.29 93.25
CA LYS CA 462 42.83 -51.02 91.94
C LYS CA 462 41.96 -51.36 90.74
N ASN CA 463 41.80 -50.47 89.77
CA ASN CA 463 41.15 -50.74 88.45
C ASN CA 463 41.91 -51.66 87.47
N TRP CA 464 43.24 -51.56 87.40
CA TRP CA 464 44.02 -52.14 86.30
C TRP CA 464 45.17 -52.99 86.78
N PHE CA 465 45.59 -53.92 85.95
CA PHE CA 465 46.60 -54.93 86.37
C PHE CA 465 47.76 -54.94 85.40
N PRO CA 466 48.95 -55.33 85.88
CA PRO CA 466 50.12 -55.50 85.03
C PRO CA 466 50.08 -56.66 84.03
N GLY CA 467 50.90 -56.59 82.99
CA GLY CA 467 50.96 -57.59 81.91
C GLY CA 467 51.59 -58.94 82.24
N PRO CA 468 51.44 -59.94 81.35
CA PRO CA 468 51.90 -61.31 81.63
C PRO CA 468 53.39 -61.59 81.86
N MET CA 469 53.71 -62.53 82.74
CA MET CA 469 55.11 -62.79 83.13
C MET CA 469 55.50 -64.28 83.19
N GLY CA 470 56.72 -64.66 82.86
CA GLY CA 470 57.27 -66.02 83.12
C GLY CA 470 58.64 -65.89 83.78
N ARG CA 471 58.95 -66.53 84.89
CA ARG CA 471 60.27 -66.28 85.58
C ARG CA 471 61.51 -66.74 84.76
N THR CA 472 62.55 -65.89 84.67
CA THR CA 472 63.82 -66.15 83.94
C THR CA 472 64.98 -65.82 84.85
N GLN CA 473 66.08 -66.59 84.82
CA GLN CA 473 67.22 -66.42 85.75
C GLN CA 473 67.93 -65.06 85.60
N GLY CA 474 68.35 -64.47 86.73
CA GLY CA 474 69.06 -63.19 86.75
C GLY CA 474 70.54 -63.35 87.01
N TRP CA 475 71.36 -62.68 86.20
CA TRP CA 475 72.84 -62.73 86.33
C TRP CA 475 73.43 -61.32 86.55
N ASN CA 476 74.34 -61.19 87.50
CA ASN CA 476 75.01 -59.89 87.80
C ASN CA 476 76.06 -59.56 86.74
N LEU CA 477 76.27 -58.28 86.45
CA LEU CA 477 77.23 -57.78 85.44
C LEU CA 477 78.15 -56.79 86.17
N GLY CA 478 79.32 -56.47 85.63
CA GLY CA 478 80.28 -55.60 86.34
C GLY CA 478 80.81 -56.21 87.61
N SER CA 479 80.60 -55.55 88.75
CA SER CA 479 81.06 -56.07 90.06
C SER CA 479 80.38 -57.42 90.32
N GLY CA 480 79.09 -57.60 90.02
CA GLY CA 480 78.53 -58.97 90.01
C GLY CA 480 78.58 -59.76 91.29
N VAL CA 481 79.19 -60.95 91.28
CA VAL CA 481 79.21 -61.92 92.42
C VAL CA 481 78.37 -63.19 92.10
N ASN CA 482 78.20 -63.57 90.84
CA ASN CA 482 77.48 -64.81 90.37
C ASN CA 482 78.20 -66.15 90.62
N ARG CA 483 77.48 -67.29 90.60
CA ARG CA 483 78.02 -68.67 90.78
C ARG CA 483 79.01 -69.13 89.70
N ALA CA 484 80.10 -69.80 90.10
CA ALA CA 484 81.22 -70.22 89.21
C ALA CA 484 81.05 -71.52 88.41
N SER CA 485 81.73 -71.62 87.25
CA SER CA 485 81.80 -72.87 86.43
C SER CA 485 80.46 -73.45 86.00
N VAL CA 486 79.51 -72.63 85.58
CA VAL CA 486 78.15 -73.10 85.22
C VAL CA 486 77.99 -73.35 83.72
N SER CA 487 77.35 -74.46 83.33
CA SER CA 487 76.95 -74.66 81.92
C SER CA 487 75.47 -74.25 81.86
N ALA CA 488 75.12 -73.22 81.11
CA ALA CA 488 73.77 -72.61 81.07
C ALA CA 488 72.60 -73.46 80.53
N PHE CA 489 72.75 -74.31 79.51
CA PHE CA 489 71.64 -74.91 78.73
C PHE CA 489 70.60 -75.78 79.49
N ALA CA 490 70.98 -76.64 80.44
CA ALA CA 490 70.05 -77.52 81.16
C ALA CA 490 69.01 -76.72 81.94
N THR CA 491 69.38 -75.59 82.54
CA THR CA 491 68.49 -74.77 83.38
C THR CA 491 67.82 -73.62 82.64
N THR CA 492 67.97 -73.50 81.33
CA THR CA 492 67.32 -72.45 80.50
C THR CA 492 65.82 -72.65 80.29
N ASN CA 493 65.07 -71.57 80.02
CA ASN CA 493 63.60 -71.63 79.71
C ASN CA 493 63.35 -72.34 78.38
N ARG CA 494 62.30 -73.14 78.29
CA ARG CA 494 62.03 -73.94 77.06
C ARG CA 494 60.55 -74.10 76.75
N MET CA 495 60.20 -74.32 75.48
CA MET CA 495 58.83 -74.66 75.05
C MET CA 495 58.94 -75.97 74.24
N GLU CA 496 57.96 -76.87 74.31
CA GLU CA 496 58.03 -78.19 73.63
C GLU CA 496 57.16 -78.20 72.36
N LEU CA 497 57.72 -78.52 71.18
CA LEU CA 497 56.94 -78.66 69.92
C LEU CA 497 57.26 -79.99 69.24
N GLU CA 498 56.28 -80.80 68.83
CA GLU CA 498 56.47 -82.05 68.02
C GLU CA 498 57.45 -83.05 68.64
N GLY CA 499 57.48 -83.22 69.96
CA GLY CA 499 58.48 -84.08 70.60
C GLY CA 499 59.87 -83.51 70.85
N ALA CA 500 60.14 -82.23 70.63
CA ALA CA 500 61.49 -81.68 70.95
C ALA CA 500 61.42 -80.46 71.88
N SER CA 501 62.46 -80.21 72.69
CA SER CA 501 62.56 -79.03 73.60
C SER CA 501 63.33 -77.91 72.92
N TYR CA 502 62.76 -76.72 72.89
CA TYR CA 502 63.40 -75.57 72.21
C TYR CA 502 63.63 -74.40 73.13
N GLN CA 503 64.82 -73.84 73.08
CA GLN CA 503 65.04 -72.55 73.76
C GLN CA 503 64.26 -71.51 72.95
N VAL CA 504 63.68 -70.53 73.61
CA VAL CA 504 62.88 -69.44 72.98
C VAL CA 504 63.58 -68.19 73.53
N PRO CA 505 64.76 -67.82 72.97
CA PRO CA 505 65.62 -66.79 73.55
C PRO CA 505 65.09 -65.41 73.70
N PRO CA 506 64.26 -64.76 72.85
CA PRO CA 506 63.66 -63.51 73.29
C PRO CA 506 62.49 -64.09 74.11
N GLN CA 507 62.23 -63.64 75.32
CA GLN CA 507 61.00 -64.19 75.96
C GLN CA 507 59.75 -63.46 75.37
N PRO CA 508 58.48 -63.89 75.61
CA PRO CA 508 57.29 -63.14 75.18
C PRO CA 508 57.05 -61.75 75.87
N ASN CA 509 56.41 -60.76 75.23
CA ASN CA 509 56.21 -59.36 75.76
C ASN CA 509 55.47 -59.16 77.10
N GLY CA 510 55.69 -58.03 77.80
CA GLY CA 510 55.09 -57.69 79.10
C GLY CA 510 55.98 -57.74 80.31
N MET CA 511 57.27 -57.96 80.13
CA MET CA 511 58.21 -57.98 81.27
C MET CA 511 59.35 -56.96 81.13
N THR CA 512 60.07 -56.68 82.22
CA THR CA 512 61.32 -55.88 82.18
C THR CA 512 62.51 -56.74 82.64
N ASN CA 513 63.58 -56.84 81.87
CA ASN CA 513 64.88 -57.51 82.21
C ASN CA 513 65.72 -56.87 83.35
N ASN CA 514 65.78 -55.55 83.46
CA ASN CA 514 66.67 -54.85 84.43
C ASN CA 514 65.89 -53.79 85.23
N LEU CA 515 66.09 -53.71 86.55
CA LEU CA 515 65.44 -52.66 87.42
C LEU CA 515 65.83 -51.16 87.23
N GLN CA 516 67.07 -50.73 87.04
CA GLN CA 516 67.55 -49.29 86.96
C GLN CA 516 68.61 -49.19 88.05
N GLY CA 517 69.75 -48.56 87.75
CA GLY CA 517 70.83 -48.79 88.73
C GLY CA 517 71.03 -50.27 88.54
N SER CA 518 70.87 -51.11 89.55
CA SER CA 518 71.03 -52.59 89.51
C SER CA 518 71.87 -53.22 88.37
N ASN CA 519 72.67 -54.21 88.75
CA ASN CA 519 73.55 -54.93 87.79
C ASN CA 519 72.97 -56.33 87.53
N THR CA 520 71.74 -56.61 87.98
CA THR CA 520 71.06 -57.88 87.68
C THR CA 520 70.29 -57.77 86.36
N TYR CA 521 70.53 -58.72 85.47
CA TYR CA 521 69.87 -58.75 84.14
C TYR CA 521 69.35 -60.12 83.91
N ALA CA 522 68.15 -60.20 83.38
CA ALA CA 522 67.69 -61.55 82.97
C ALA CA 522 68.18 -61.70 81.52
N LEU CA 523 69.24 -62.48 81.28
CA LEU CA 523 69.95 -62.61 79.97
C LEU CA 523 69.10 -63.17 78.82
N GLU CA 524 68.21 -64.13 79.08
CA GLU CA 524 67.33 -64.73 78.05
C GLU CA 524 66.14 -63.80 77.72
N ASN CA 525 65.93 -62.70 78.42
CA ASN CA 525 64.91 -61.66 78.09
C ASN CA 525 65.57 -60.44 77.41
N THR CA 526 66.84 -60.48 77.07
CA THR CA 526 67.56 -59.29 76.53
C THR CA 526 68.08 -59.49 75.13
N MET CA 527 67.95 -58.49 74.26
CA MET CA 527 68.62 -58.49 72.94
C MET CA 527 70.13 -58.24 73.14
N ILE CA 528 70.98 -59.13 72.65
CA ILE CA 528 72.46 -58.99 72.73
C ILE CA 528 73.05 -58.83 71.32
N PHE CA 529 73.90 -57.83 71.12
CA PHE CA 529 74.46 -57.47 69.79
C PHE CA 529 75.96 -57.33 69.89
N ASN CA 530 76.66 -57.40 68.76
CA ASN CA 530 78.13 -57.18 68.67
C ASN CA 530 78.37 -55.81 68.03
N SER CA 531 79.31 -55.02 68.55
CA SER CA 531 79.71 -53.71 67.95
C SER CA 531 80.28 -53.92 66.54
N GLN CA 532 81.08 -54.97 66.34
CA GLN CA 532 81.74 -55.27 65.05
C GLN CA 532 81.11 -56.50 64.39
N PRO CA 533 81.06 -56.58 63.03
CA PRO CA 533 80.60 -57.78 62.34
C PRO CA 533 81.55 -58.98 62.51
N ALA CA 534 81.01 -60.19 62.44
CA ALA CA 534 81.80 -61.41 62.72
C ALA CA 534 81.90 -62.33 61.51
N ASN CA 535 82.98 -63.10 61.46
CA ASN CA 535 83.17 -64.13 60.41
C ASN CA 535 82.16 -65.28 60.61
N PRO CA 536 81.67 -65.92 59.53
CA PRO CA 536 80.77 -67.05 59.68
C PRO CA 536 81.29 -68.30 60.37
N GLY CA 537 80.46 -68.91 61.24
CA GLY CA 537 80.81 -70.16 61.93
C GLY CA 537 81.69 -69.99 63.15
N THR CA 538 81.92 -68.78 63.61
CA THR CA 538 82.82 -68.56 64.76
C THR CA 538 82.29 -69.30 65.99
N THR CA 539 83.17 -69.95 66.75
CA THR CA 539 82.79 -70.63 68.02
C THR CA 539 83.50 -69.96 69.18
N ALA CA 540 84.09 -68.78 68.99
CA ALA CA 540 84.86 -68.04 70.02
C ALA CA 540 84.03 -67.58 71.23
N THR CA 541 84.59 -67.66 72.44
CA THR CA 541 83.92 -67.11 73.64
C THR CA 541 83.98 -65.59 73.63
N TYR CA 542 82.92 -64.93 74.06
CA TYR CA 542 82.89 -63.45 74.15
C TYR CA 542 82.57 -63.04 75.57
N LEU CA 543 83.37 -62.15 76.12
CA LEU CA 543 83.11 -61.52 77.44
C LEU CA 543 82.15 -60.32 77.31
N GLU CA 544 81.66 -59.78 78.41
CA GLU CA 544 80.68 -58.66 78.46
C GLU CA 544 81.17 -57.36 77.79
N GLY CA 545 82.47 -57.02 77.91
CA GLY CA 545 83.02 -55.79 77.32
C GLY CA 545 82.88 -55.74 75.82
N ASN CA 546 83.07 -56.85 75.11
CA ASN CA 546 82.79 -56.93 73.66
C ASN CA 546 81.31 -56.74 73.32
N MET CA 547 80.37 -57.22 74.14
CA MET CA 547 78.93 -57.23 73.79
C MET CA 547 78.16 -55.92 74.01
N LEU CA 548 77.10 -55.69 73.23
CA LEU CA 548 76.21 -54.52 73.47
C LEU CA 548 74.94 -55.09 74.11
N ILE CA 549 74.65 -54.76 75.38
CA ILE CA 549 73.50 -55.37 76.12
C ILE CA 549 72.43 -54.31 76.40
N THR CA 550 71.21 -54.54 75.97
CA THR CA 550 70.05 -53.63 76.13
C THR CA 550 69.38 -53.72 77.51
N SER CA 551 68.72 -52.66 77.93
CA SER CA 551 67.96 -52.59 79.22
C SER CA 551 66.56 -52.09 78.91
N GLU CA 552 65.54 -52.61 79.58
CA GLU CA 552 64.12 -52.23 79.40
C GLU CA 552 63.63 -51.48 80.65
N SER CA 553 64.50 -50.87 81.43
CA SER CA 553 64.22 -50.25 82.76
C SER CA 553 63.17 -49.12 82.69
N GLU CA 554 62.98 -48.44 81.56
CA GLU CA 554 61.95 -47.40 81.34
C GLU CA 554 60.51 -47.96 81.53
N THR CA 555 60.25 -49.20 81.16
CA THR CA 555 58.92 -49.86 81.22
C THR CA 555 58.60 -50.42 82.60
N GLN CA 556 59.49 -50.33 83.59
CA GLN CA 556 59.35 -50.91 84.95
C GLN CA 556 58.11 -50.36 85.71
N PRO CA 557 57.68 -49.07 85.60
CA PRO CA 557 56.41 -48.63 86.18
C PRO CA 557 55.15 -49.45 85.79
N VAL CA 558 55.06 -50.07 84.60
CA VAL CA 558 53.98 -51.02 84.18
C VAL CA 558 54.40 -52.47 83.87
N ASN CA 559 55.68 -52.86 83.90
CA ASN CA 559 56.08 -54.22 83.47
C ASN CA 559 56.75 -54.94 84.63
N ARG CA 560 56.32 -56.16 84.89
CA ARG CA 560 56.91 -56.96 86.00
C ARG CA 560 58.36 -57.40 85.70
N VAL CA 561 59.18 -57.50 86.73
CA VAL CA 561 60.59 -57.99 86.59
C VAL CA 561 60.66 -59.52 86.36
N ALA CA 562 61.42 -59.96 85.34
CA ALA CA 562 61.58 -61.38 84.93
C ALA CA 562 62.26 -62.27 85.99
N TYR CA 563 63.29 -61.78 86.65
CA TYR CA 563 64.05 -62.57 87.68
C TYR CA 563 63.16 -62.89 88.92
N ASN CA 564 62.30 -61.98 89.35
CA ASN CA 564 61.44 -62.13 90.57
C ASN CA 564 60.15 -62.97 90.37
N VAL CA 565 59.56 -63.51 91.45
CA VAL CA 565 58.21 -64.16 91.44
C VAL CA 565 57.10 -63.12 91.17
N GLY CA 566 56.04 -63.47 90.43
CA GLY CA 566 54.87 -62.60 90.11
C GLY CA 566 53.95 -62.12 91.23
N GLY CA 567 53.61 -62.95 92.22
CA GLY CA 567 52.62 -62.60 93.25
C GLY CA 567 52.27 -63.81 94.08
N GLN CA 568 51.23 -63.73 94.91
CA GLN CA 568 50.75 -64.85 95.77
C GLN CA 568 49.22 -65.06 95.64
N MET CA 569 48.73 -66.31 95.79
CA MET CA 569 47.28 -66.67 95.75
C MET CA 569 46.95 -67.64 96.90
N ALA CA 570 45.68 -67.78 97.31
CA ALA CA 570 45.22 -68.71 98.38
C ALA CA 570 45.35 -70.20 98.00
N THR CA 571 45.82 -71.02 98.93
CA THR CA 571 46.05 -72.46 98.70
C THR CA 571 45.17 -73.36 99.59
N ASN CA 572 44.25 -72.82 100.38
CA ASN CA 572 43.52 -73.62 101.39
C ASN CA 572 42.20 -72.97 101.78
N ASN CA 573 41.40 -73.65 102.58
CA ASN CA 573 40.19 -73.05 103.18
C ASN CA 573 40.44 -72.91 104.68
N GLN CA 574 40.27 -71.71 105.25
CA GLN CA 574 40.45 -71.43 106.70
C GLN CA 574 39.28 -72.07 107.50
N SER CA 575 39.53 -72.43 108.76
CA SER CA 575 38.52 -73.05 109.64
C SER CA 575 38.96 -72.76 111.08
N SER CA 576 38.14 -73.01 112.08
CA SER CA 576 38.62 -72.83 113.46
C SER CA 576 39.83 -73.72 113.70
N THR CA 577 39.82 -74.97 113.22
CA THR CA 577 40.99 -75.88 113.25
C THR CA 577 42.16 -75.41 112.39
N THR CA 578 41.92 -74.84 111.21
CA THR CA 578 43.03 -74.53 110.26
C THR CA 578 43.28 -73.06 109.98
N ALA CA 579 44.53 -72.61 110.13
CA ALA CA 579 44.95 -71.24 109.77
C ALA CA 579 44.98 -71.02 108.25
N PRO CA 580 44.72 -69.80 107.76
CA PRO CA 580 44.84 -69.51 106.32
C PRO CA 580 46.27 -69.58 105.73
N ALA CA 581 46.43 -70.00 104.47
CA ALA CA 581 47.74 -70.18 103.80
C ALA CA 581 47.80 -69.57 102.40
N THR CA 582 48.98 -69.13 101.96
CA THR CA 582 49.17 -68.57 100.59
C THR CA 582 50.32 -69.27 99.90
N GLY CA 583 50.35 -69.21 98.56
CA GLY CA 583 51.51 -69.72 97.80
C GLY CA 583 51.95 -68.78 96.70
N THR CA 584 53.26 -68.63 96.47
CA THR CA 584 53.80 -67.83 95.31
C THR CA 584 53.65 -68.52 93.97
N TYR CA 585 53.53 -67.77 92.88
CA TYR CA 585 53.47 -68.31 91.49
C TYR CA 585 54.67 -67.80 90.64
N ASN CA 586 55.22 -68.61 89.72
CA ASN CA 586 56.39 -68.25 88.85
C ASN CA 586 55.94 -67.83 87.44
N LEU CA 587 54.68 -68.05 87.10
CA LEU CA 587 54.14 -67.67 85.76
C LEU CA 587 52.68 -67.19 85.83
N GLN CA 588 52.29 -66.24 85.00
CA GLN CA 588 50.87 -65.82 84.87
C GLN CA 588 50.67 -65.34 83.43
N GLU CA 589 49.46 -65.39 82.92
CA GLU CA 589 49.16 -65.05 81.51
C GLU CA 589 48.12 -63.95 81.51
N ILE CA 590 47.58 -63.58 80.36
CA ILE CA 590 46.64 -62.42 80.22
C ILE CA 590 45.34 -62.57 81.04
N VAL CA 591 44.93 -61.49 81.65
CA VAL CA 591 43.69 -61.42 82.48
C VAL CA 591 42.95 -60.18 81.97
N PRO CA 592 41.62 -60.09 82.09
CA PRO CA 592 40.92 -58.85 81.69
C PRO CA 592 41.34 -57.63 82.54
N GLY CA 593 41.47 -56.45 81.93
CA GLY CA 593 42.00 -55.25 82.60
C GLY CA 593 43.51 -55.15 82.62
N SER CA 594 44.22 -56.03 81.92
CA SER CA 594 45.69 -56.07 81.77
C SER CA 594 46.26 -54.94 80.89
N VAL CA 595 47.33 -54.29 81.34
CA VAL CA 595 48.03 -53.21 80.57
C VAL CA 595 49.55 -53.51 80.57
N TRP CA 596 50.24 -53.25 79.46
CA TRP CA 596 51.72 -53.45 79.36
C TRP CA 596 52.33 -52.58 78.27
N MET CA 597 53.64 -52.47 78.26
CA MET CA 597 54.41 -51.78 77.18
C MET CA 597 55.20 -52.81 76.34
N GLU CA 598 55.16 -52.70 75.02
CA GLU CA 598 55.95 -53.56 74.09
C GLU CA 598 57.45 -53.21 74.12
N ARG CA 599 58.30 -54.13 73.70
CA ARG CA 599 59.78 -53.93 73.63
C ARG CA 599 60.19 -52.76 72.72
N ASP CA 600 61.22 -52.01 73.14
CA ASP CA 600 61.78 -50.87 72.38
C ASP CA 600 62.55 -51.25 71.11
N VAL CA 601 62.49 -50.43 70.09
CA VAL CA 601 63.34 -50.56 68.86
C VAL CA 601 64.75 -49.99 69.08
N TYR CA 602 65.73 -50.48 68.33
CA TYR CA 602 67.14 -50.02 68.42
C TYR CA 602 67.60 -49.67 67.01
N LEU CA 603 68.59 -48.78 66.88
CA LEU CA 603 69.16 -48.43 65.55
C LEU CA 603 69.82 -49.69 64.92
N GLN CA 604 70.52 -50.51 65.68
CA GLN CA 604 71.10 -51.83 65.29
C GLN CA 604 70.01 -52.89 64.98
N GLY CA 605 68.81 -52.80 65.56
CA GLY CA 605 67.69 -53.75 65.39
C GLY CA 605 66.80 -53.78 64.16
N PRO CA 606 65.98 -54.85 64.01
CA PRO CA 606 64.94 -54.95 62.96
C PRO CA 606 63.63 -54.14 62.94
N ILE CA 607 63.19 -53.60 61.81
CA ILE CA 607 61.83 -52.94 61.65
C ILE CA 607 60.56 -53.85 61.68
N TRP CA 608 60.53 -54.97 60.96
CA TRP CA 608 59.28 -55.74 60.78
C TRP CA 608 59.42 -57.26 60.85
N ALA CA 609 58.31 -57.96 61.05
CA ALA CA 609 58.24 -59.44 61.00
C ALA CA 609 56.92 -59.82 60.31
N LYS CA 610 56.91 -60.94 59.60
CA LYS CA 610 55.67 -61.46 58.97
C LYS CA 610 54.83 -62.28 59.97
N ILE CA 611 53.54 -61.97 60.07
CA ILE CA 611 52.62 -62.80 60.88
C ILE CA 611 52.41 -64.15 60.17
N PRO CA 612 52.53 -65.31 60.86
CA PRO CA 612 52.31 -66.62 60.24
C PRO CA 612 50.85 -66.94 59.89
N GLU CA 613 50.61 -67.62 58.77
CA GLU CA 613 49.21 -67.87 58.33
C GLU CA 613 48.65 -69.19 58.89
N THR CA 614 47.87 -69.15 59.98
CA THR CA 614 47.31 -70.33 60.64
C THR CA 614 45.80 -70.21 60.67
N GLY CA 615 45.29 -69.01 60.48
CA GLY CA 615 43.87 -68.68 60.65
C GLY CA 615 43.51 -68.24 62.07
N ALA CA 616 44.40 -68.36 63.06
CA ALA CA 616 44.12 -67.87 64.44
C ALA CA 616 45.37 -67.25 65.09
N HIS CA 617 45.24 -66.09 65.71
CA HIS CA 617 46.37 -65.44 66.44
C HIS CA 617 45.84 -64.49 67.51
N PHE CA 618 46.67 -64.16 68.49
CA PHE CA 618 46.33 -63.12 69.50
C PHE CA 618 47.38 -62.03 69.55
N HIS CA 619 46.99 -60.74 69.49
CA HIS CA 619 47.89 -59.55 69.70
C HIS CA 619 49.22 -59.70 68.95
N PRO CA 620 49.28 -59.28 67.68
CA PRO CA 620 50.44 -59.61 66.84
C PRO CA 620 51.64 -58.69 66.75
N SER CA 621 52.33 -58.60 67.87
CA SER CA 621 53.55 -57.77 67.98
C SER CA 621 54.73 -58.73 68.13
N PRO CA 622 55.77 -58.67 67.27
CA PRO CA 622 56.88 -59.62 67.38
C PRO CA 622 57.79 -59.46 68.62
N ALA CA 623 58.31 -60.57 69.15
CA ALA CA 623 59.11 -60.57 70.41
C ALA CA 623 60.43 -59.78 70.33
N MET CA 624 61.17 -59.85 69.22
CA MET CA 624 62.44 -59.12 68.98
C MET CA 624 62.15 -57.60 68.97
N GLY CA 625 61.00 -57.17 68.50
CA GLY CA 625 60.60 -55.75 68.43
C GLY CA 625 60.07 -55.39 67.06
N GLY CA 626 59.54 -54.19 66.88
CA GLY CA 626 59.04 -53.74 65.58
C GLY CA 626 57.58 -53.93 65.22
N PHE CA 627 57.28 -53.95 63.93
CA PHE CA 627 55.89 -53.98 63.41
C PHE CA 627 55.56 -55.35 62.80
N GLY CA 628 54.43 -55.91 63.21
CA GLY CA 628 53.97 -57.21 62.71
C GLY CA 628 53.04 -57.00 61.55
N LEU CA 629 53.37 -57.59 60.41
CA LEU CA 629 52.58 -57.32 59.18
C LEU CA 629 52.00 -58.57 58.54
N LYS CA 630 50.70 -58.56 58.23
CA LYS CA 630 50.07 -59.65 57.42
C LYS CA 630 50.65 -59.67 56.00
N HIS CA 631 50.86 -58.53 55.38
CA HIS CA 631 51.43 -58.43 54.01
C HIS CA 631 52.71 -57.60 54.07
N PRO CA 632 53.86 -58.23 54.36
CA PRO CA 632 55.15 -57.56 54.47
C PRO CA 632 55.81 -57.10 53.17
N PRO CA 633 56.80 -56.19 53.21
CA PRO CA 633 57.46 -55.82 51.97
C PRO CA 633 58.05 -57.12 51.37
N PRO CA 634 57.85 -57.38 50.05
CA PRO CA 634 58.22 -58.67 49.46
C PRO CA 634 59.66 -59.09 49.21
N MET CA 635 59.91 -60.40 49.20
CA MET CA 635 61.25 -60.97 48.89
C MET CA 635 61.73 -60.59 47.46
N MET CA 636 62.98 -60.11 47.36
CA MET CA 636 63.59 -59.70 46.09
C MET CA 636 64.75 -60.66 45.79
N LEU CA 637 64.69 -61.35 44.66
CA LEU CA 637 65.65 -62.43 44.34
C LEU CA 637 66.42 -62.13 43.05
N ILE CA 638 67.73 -62.34 43.08
CA ILE CA 638 68.62 -62.08 41.92
C ILE CA 638 69.53 -63.30 41.66
N LYS CA 639 69.71 -63.65 40.39
CA LYS CA 639 70.67 -64.72 40.04
C LYS CA 639 71.51 -64.38 38.80
N ASN CA 640 72.67 -64.98 38.66
CA ASN CA 640 73.47 -64.88 37.40
C ASN CA 640 72.98 -65.96 36.44
N THR CA 641 72.67 -65.61 35.20
CA THR CA 641 72.26 -66.61 34.17
C THR CA 641 73.40 -67.57 33.85
N PRO CA 642 73.15 -68.90 33.79
CA PRO CA 642 74.16 -69.85 33.35
C PRO CA 642 74.68 -69.59 31.94
N VAL CA 643 76.00 -69.52 31.82
CA VAL CA 643 76.60 -69.39 30.47
C VAL CA 643 77.46 -70.64 30.26
N PRO CA 644 77.13 -71.46 29.25
CA PRO CA 644 77.89 -72.69 28.96
C PRO CA 644 79.32 -72.70 28.43
N GLY CA 645 80.15 -73.67 28.82
CA GLY CA 645 81.50 -73.93 28.28
C GLY CA 645 81.42 -74.66 26.95
N ASN CA 646 82.53 -74.87 26.25
CA ASN CA 646 82.44 -75.44 24.87
C ASN CA 646 81.89 -76.87 24.86
N ILE CA 647 80.84 -77.10 24.07
CA ILE CA 647 80.23 -78.46 23.95
C ILE CA 647 80.31 -78.85 22.47
N THR CA 648 80.87 -80.00 22.15
CA THR CA 648 81.10 -80.40 20.73
C THR CA 648 80.21 -81.55 20.30
N SER CA 649 79.55 -82.22 21.23
CA SER CA 649 78.73 -83.42 20.92
C SER CA 649 77.36 -83.35 21.60
N PHE CA 650 76.33 -83.99 21.04
CA PHE CA 650 74.98 -84.09 21.64
C PHE CA 650 74.84 -85.11 22.79
N SER CA 651 74.17 -84.72 23.87
CA SER CA 651 73.79 -85.71 24.92
C SER CA 651 72.40 -85.35 25.44
N ASP CA 652 71.59 -86.34 25.79
CA ASP CA 652 70.32 -86.15 26.54
C ASP CA 652 70.66 -85.64 27.94
N VAL CA 653 71.77 -86.11 28.53
CA VAL CA 653 72.20 -85.70 29.90
C VAL CA 653 72.49 -84.19 29.94
N PRO CA 654 71.99 -83.45 30.96
CA PRO CA 654 72.21 -82.01 31.08
C PRO CA 654 73.63 -81.50 31.24
N VAL CA 655 73.93 -80.34 30.66
CA VAL CA 655 75.31 -79.77 30.74
C VAL CA 655 75.68 -79.39 32.19
N SER CA 656 76.88 -79.79 32.58
CA SER CA 656 77.45 -79.51 33.91
C SER CA 656 78.68 -78.59 33.80
N SER CA 657 79.04 -78.14 32.60
CA SER CA 657 80.26 -77.32 32.39
C SER CA 657 79.87 -75.89 31.99
N PHE CA 658 80.30 -74.91 32.76
CA PHE CA 658 79.87 -73.51 32.56
C PHE CA 658 81.04 -72.58 32.73
N ILE CA 659 81.05 -71.44 32.05
CA ILE CA 659 82.10 -70.41 32.33
C ILE CA 659 81.90 -69.77 33.73
N THR CA 660 82.96 -69.50 34.51
CA THR CA 660 82.88 -68.88 35.88
C THR CA 660 82.66 -67.37 35.82
N GLN CA 661 81.63 -66.87 36.52
CA GLN CA 661 81.20 -65.45 36.42
C GLN CA 661 80.69 -64.86 37.75
N TYR CA 662 80.73 -63.54 37.91
CA TYR CA 662 80.19 -62.83 39.12
C TYR CA 662 79.56 -61.52 38.64
N SER CA 663 78.67 -60.94 39.45
CA SER CA 663 78.03 -59.64 39.10
C SER CA 663 78.19 -58.57 40.19
N THR CA 664 78.16 -57.31 39.78
CA THR CA 664 78.28 -56.16 40.71
C THR CA 664 77.33 -55.03 40.27
N GLY CA 665 76.88 -54.17 41.19
CA GLY CA 665 76.02 -53.03 40.86
C GLY CA 665 75.69 -52.11 42.01
N GLN CA 666 74.73 -51.21 41.82
CA GLN CA 666 74.23 -50.27 42.86
C GLN CA 666 72.73 -50.47 43.17
N VAL CA 667 72.35 -50.36 44.44
CA VAL CA 667 70.91 -50.45 44.86
C VAL CA 667 70.50 -49.18 45.64
N THR CA 668 69.33 -48.63 45.35
CA THR CA 668 68.78 -47.48 46.10
C THR CA 668 67.46 -47.85 46.78
N VAL CA 669 67.30 -47.56 48.08
CA VAL CA 669 66.00 -47.74 48.82
C VAL CA 669 65.48 -46.38 49.35
N GLU CA 670 64.23 -46.04 49.07
CA GLU CA 670 63.58 -44.80 49.56
C GLU CA 670 62.39 -45.18 50.47
N MET CA 671 62.35 -44.62 51.67
CA MET CA 671 61.27 -44.94 52.66
C MET CA 671 60.61 -43.67 53.21
N GLU CA 672 59.29 -43.71 53.37
CA GLU CA 672 58.53 -42.59 53.99
C GLU CA 672 58.04 -43.00 55.39
N TRP CA 673 58.17 -42.09 56.35
CA TRP CA 673 57.78 -42.35 57.75
C TRP CA 673 56.79 -41.29 58.25
N GLU CA 674 55.79 -41.71 59.02
CA GLU CA 674 54.83 -40.76 59.67
C GLU CA 674 55.24 -40.56 61.14
N LEU CA 675 55.23 -39.32 61.59
CA LEU CA 675 55.69 -38.93 62.96
C LEU CA 675 54.54 -38.46 63.86
N LYS CA 676 54.58 -38.82 65.14
CA LYS CA 676 53.61 -38.26 66.11
C LYS CA 676 54.33 -37.25 67.02
N LYS CA 677 53.87 -36.01 67.04
CA LYS CA 677 54.43 -34.90 67.88
C LYS CA 677 54.19 -34.98 69.40
N GLU CA 678 55.16 -34.58 70.18
CA GLU CA 678 55.00 -34.44 71.65
C GLU CA 678 54.07 -33.24 71.99
N ASN CA 679 53.20 -33.37 72.98
CA ASN CA 679 52.27 -32.30 73.46
C ASN CA 679 52.40 -32.14 74.99
N SER CA 680 53.60 -32.22 75.56
CA SER CA 680 53.84 -32.19 77.03
C SER CA 680 53.57 -30.86 77.77
N LYS CA 681 53.06 -30.93 79.00
CA LYS CA 681 52.89 -29.74 79.87
C LYS CA 681 53.90 -29.78 81.05
N ARG CA 682 54.89 -30.68 81.05
CA ARG CA 682 55.98 -30.78 82.08
C ARG CA 682 56.90 -29.53 82.15
N TRP CA 683 56.92 -28.81 83.28
CA TRP CA 683 57.72 -27.59 83.51
C TRP CA 683 59.25 -27.78 83.53
N ASN CA 684 59.70 -28.81 84.21
CA ASN CA 684 61.14 -29.14 84.37
C ASN CA 684 61.75 -29.77 83.11
N PRO CA 685 63.08 -29.65 82.92
CA PRO CA 685 63.76 -30.31 81.81
C PRO CA 685 63.84 -31.86 81.78
N GLU CA 686 63.66 -32.43 80.61
CA GLU CA 686 63.74 -33.89 80.32
C GLU CA 686 65.13 -34.54 80.07
N ILE CA 687 65.21 -35.87 80.18
CA ILE CA 687 66.39 -36.67 79.77
C ILE CA 687 66.51 -36.73 78.23
N GLN CA 688 67.73 -36.64 77.68
CA GLN CA 688 68.01 -36.66 76.21
C GLN CA 688 69.25 -37.50 75.89
N TYR CA 689 69.30 -38.15 74.73
CA TYR CA 689 70.55 -38.83 74.27
C TYR CA 689 71.58 -37.74 73.87
N THR CA 690 72.81 -37.89 74.34
CA THR CA 690 73.86 -36.91 74.07
C THR CA 690 75.15 -37.61 73.74
N ASN CA 691 76.03 -36.93 73.02
CA ASN CA 691 77.40 -37.46 72.79
C ASN CA 691 78.19 -37.02 74.01
N ASN CA 692 78.52 -37.92 74.91
CA ASN CA 692 79.16 -37.58 76.20
C ASN CA 692 80.20 -38.64 76.52
N TYR CA 693 81.46 -38.24 76.56
CA TYR CA 693 82.58 -39.21 76.73
C TYR CA 693 83.61 -38.51 77.60
N ASN CA 694 84.32 -39.22 78.46
CA ASN CA 694 85.41 -38.59 79.26
C ASN CA 694 86.79 -38.92 78.67
N ASP CA 695 87.59 -37.92 78.31
CA ASP CA 695 88.97 -38.08 77.70
C ASP CA 695 88.97 -38.99 76.46
N PRO CA 696 88.11 -38.77 75.43
CA PRO CA 696 88.05 -39.71 74.31
C PRO CA 696 89.30 -39.89 73.42
N GLN CA 697 89.63 -41.14 73.07
CA GLN CA 697 90.80 -41.45 72.21
C GLN CA 697 90.39 -41.62 70.75
N PHE CA 698 89.10 -41.62 70.47
CA PHE CA 698 88.56 -41.82 69.10
C PHE CA 698 87.23 -41.16 69.08
N VAL CA 699 86.71 -40.91 67.90
CA VAL CA 699 85.31 -40.43 67.80
C VAL CA 699 84.44 -41.66 67.53
N ASP CA 700 83.43 -41.89 68.34
CA ASP CA 700 82.41 -42.96 68.13
C ASP CA 700 81.55 -42.65 66.90
N PHE CA 701 81.04 -43.67 66.18
CA PHE CA 701 80.24 -43.55 64.92
C PHE CA 701 81.05 -42.88 63.80
N ALA CA 702 82.32 -43.20 63.72
CA ALA CA 702 83.24 -42.64 62.72
C ALA CA 702 84.26 -43.72 62.32
N PRO CA 703 84.91 -43.62 61.14
CA PRO CA 703 86.02 -44.51 60.81
C PRO CA 703 87.32 -44.33 61.63
N ASP CA 704 88.09 -45.39 61.81
CA ASP CA 704 89.41 -45.29 62.52
C ASP CA 704 90.60 -45.11 61.55
N SER CA 705 91.82 -45.19 62.07
CA SER CA 705 93.05 -45.01 61.26
C SER CA 705 93.14 -46.07 60.15
N THR CA 706 92.76 -47.33 60.41
CA THR CA 706 92.65 -48.41 59.39
C THR CA 706 91.45 -48.26 58.46
N GLY CA 707 90.46 -47.41 58.75
CA GLY CA 707 89.22 -47.31 57.97
C GLY CA 707 88.02 -48.14 58.43
N GLU CA 708 88.11 -48.78 59.58
CA GLU CA 708 86.98 -49.58 60.14
C GLU CA 708 86.02 -48.73 61.00
N TYR CA 709 84.71 -48.82 60.75
CA TYR CA 709 83.67 -48.08 61.50
C TYR CA 709 83.53 -48.54 62.95
N ARG CA 710 83.34 -47.59 63.87
CA ARG CA 710 83.22 -47.91 65.30
C ARG CA 710 81.82 -47.55 65.80
N SER CA 711 81.13 -48.48 66.45
CA SER CA 711 79.78 -48.28 67.04
C SER CA 711 79.71 -48.85 68.46
N THR CA 712 80.30 -48.21 69.47
CA THR CA 712 80.38 -48.66 70.89
C THR CA 712 79.05 -48.79 71.62
N ARG CA 713 78.04 -47.95 71.38
CA ARG CA 713 76.79 -47.94 72.20
C ARG CA 713 75.49 -48.34 71.48
N PRO CA 714 74.61 -49.17 72.10
CA PRO CA 714 73.27 -49.42 71.57
C PRO CA 714 72.27 -48.25 71.78
N ILE CA 715 71.45 -47.87 70.80
CA ILE CA 715 70.55 -46.70 71.07
C ILE CA 715 69.06 -47.05 70.95
N GLY CA 716 68.30 -46.83 72.03
CA GLY CA 716 66.85 -46.99 72.12
C GLY CA 716 66.09 -45.75 71.75
N THR CA 717 64.77 -45.82 71.74
CA THR CA 717 63.92 -44.65 71.43
C THR CA 717 63.27 -43.92 72.61
N ARG CA 718 63.34 -44.39 73.87
CA ARG CA 718 62.52 -43.73 74.95
C ARG CA 718 63.31 -42.78 75.87
N TYR CA 719 63.21 -41.47 75.64
CA TYR CA 719 63.89 -40.43 76.45
C TYR CA 719 62.85 -39.46 76.99
N LEU CA 720 61.77 -39.26 76.24
CA LEU CA 720 60.62 -38.41 76.65
C LEU CA 720 59.73 -39.14 77.67
N THR CA 721 59.00 -38.37 78.45
CA THR CA 721 58.16 -38.90 79.53
C THR CA 721 56.73 -38.45 79.38
N ARG CA 722 55.79 -39.30 79.72
CA ARG CA 722 54.36 -38.91 79.70
C ARG CA 722 53.65 -39.39 80.97
N PRO CA 723 52.62 -38.67 81.48
CA PRO CA 723 51.78 -39.16 82.57
C PRO CA 723 50.85 -40.32 82.15
N LEU CA 724 50.51 -41.24 83.05
CA LEU CA 724 49.67 -42.42 82.72
C LEU CA 724 48.24 -42.00 82.34
N ASP DA 209 27.55 -9.82 84.76
CA ASP DA 209 26.69 -8.60 84.69
C ASP DA 209 26.81 -7.77 85.97
N GLY DA 210 26.25 -8.20 87.10
CA GLY DA 210 26.21 -7.29 88.26
C GLY DA 210 26.16 -7.88 89.64
N VAL DA 211 26.40 -7.05 90.66
CA VAL DA 211 26.30 -7.45 92.10
C VAL DA 211 24.88 -7.90 92.48
N GLY DA 212 23.83 -7.25 91.96
CA GLY DA 212 22.44 -7.54 92.33
C GLY DA 212 21.74 -8.51 91.43
N ASN DA 213 22.42 -9.08 90.45
CA ASN DA 213 21.76 -9.97 89.46
C ASN DA 213 22.25 -11.40 89.58
N ALA DA 214 21.33 -12.37 89.63
CA ALA DA 214 21.70 -13.82 89.70
C ALA DA 214 22.21 -14.39 88.36
N SER DA 215 23.34 -15.07 88.37
CA SER DA 215 24.00 -15.78 87.22
C SER DA 215 23.23 -17.00 86.68
N GLY DA 216 22.58 -17.79 87.52
CA GLY DA 216 21.83 -19.00 87.13
C GLY DA 216 20.72 -19.42 88.06
N ASP DA 217 19.98 -20.46 87.71
CA ASP DA 217 18.83 -21.01 88.47
C ASP DA 217 19.00 -22.48 88.87
N TRP DA 218 18.28 -22.93 89.90
CA TRP DA 218 18.33 -24.34 90.41
C TRP DA 218 17.56 -25.32 89.51
N HIS DA 219 18.24 -26.34 89.03
CA HIS DA 219 17.56 -27.42 88.26
C HIS DA 219 17.88 -28.79 88.86
N CYS DA 220 16.91 -29.49 89.46
CA CYS DA 220 17.12 -30.89 89.92
C CYS DA 220 15.94 -31.71 89.37
N ASP DA 221 16.17 -32.55 88.36
CA ASP DA 221 15.04 -33.28 87.71
C ASP DA 221 15.41 -34.53 86.92
N SER DA 222 14.46 -35.42 86.63
CA SER DA 222 14.65 -36.57 85.71
C SER DA 222 13.55 -36.51 84.64
N THR DA 223 13.87 -36.66 83.36
CA THR DA 223 12.86 -36.75 82.29
C THR DA 223 13.05 -38.06 81.54
N TRP DA 224 11.99 -38.85 81.39
CA TRP DA 224 12.02 -40.16 80.68
C TRP DA 224 11.30 -40.01 79.35
N MET DA 225 11.97 -40.30 78.25
CA MET DA 225 11.40 -40.15 76.88
C MET DA 225 11.69 -41.38 75.99
N GLY DA 226 10.99 -42.50 76.13
CA GLY DA 226 11.32 -43.72 75.35
C GLY DA 226 12.67 -44.30 75.66
N ASP DA 227 13.55 -44.41 74.68
CA ASP DA 227 14.92 -44.98 74.82
C ASP DA 227 15.89 -44.05 75.59
N ARG DA 228 15.54 -42.79 75.85
CA ARG DA 228 16.46 -41.82 76.51
C ARG DA 228 15.96 -41.32 77.87
N VAL DA 229 16.86 -41.20 78.85
CA VAL DA 229 16.55 -40.56 80.15
C VAL DA 229 17.55 -39.39 80.35
N VAL DA 230 17.09 -38.21 80.76
CA VAL DA 230 17.97 -37.04 81.07
C VAL DA 230 17.96 -36.76 82.60
N THR DA 231 19.13 -36.65 83.21
CA THR DA 231 19.24 -36.34 84.66
C THR DA 231 19.83 -34.95 84.88
N LYS DA 232 19.23 -34.14 85.75
CA LYS DA 232 19.76 -32.80 86.14
C LYS DA 232 20.01 -32.79 87.66
N SER DA 233 21.18 -32.32 88.09
CA SER DA 233 21.57 -32.25 89.52
C SER DA 233 22.18 -30.89 89.87
N THR DA 234 21.72 -30.23 90.94
CA THR DA 234 22.27 -28.95 91.42
C THR DA 234 22.74 -29.07 92.87
N ARG DA 235 23.93 -28.57 93.17
CA ARG DA 235 24.49 -28.58 94.55
C ARG DA 235 25.15 -27.24 94.95
N THR DA 236 25.30 -26.98 96.24
CA THR DA 236 26.01 -25.80 96.78
C THR DA 236 27.37 -26.26 97.31
N TRP DA 237 28.46 -25.60 96.92
CA TRP DA 237 29.85 -25.96 97.29
C TRP DA 237 30.61 -24.84 98.04
N VAL DA 238 31.62 -25.21 98.82
CA VAL DA 238 32.53 -24.26 99.52
C VAL DA 238 33.98 -24.54 99.08
N LEU DA 239 34.77 -23.50 98.79
CA LEU DA 239 36.22 -23.66 98.46
C LEU DA 239 37.16 -23.02 99.48
N PRO DA 240 38.02 -23.80 100.16
CA PRO DA 240 39.09 -23.26 100.99
C PRO DA 240 40.30 -22.71 100.23
N SER DA 241 41.07 -21.81 100.84
CA SER DA 241 42.36 -21.42 100.19
C SER DA 241 43.45 -22.41 100.64
N TYR DA 242 43.69 -23.47 99.88
CA TYR DA 242 44.63 -24.56 100.27
C TYR DA 242 46.11 -24.23 100.13
N ASN DA 243 46.94 -24.53 101.12
CA ASN DA 243 48.43 -24.40 101.06
C ASN DA 243 48.86 -22.95 101.24
N ASN DA 244 47.94 -22.03 101.56
CA ASN DA 244 48.21 -20.56 101.66
C ASN DA 244 48.83 -20.03 100.36
N HIS DA 245 48.29 -20.42 99.20
CA HIS DA 245 48.76 -19.93 97.86
C HIS DA 245 50.11 -20.49 97.41
N GLN DA 246 50.49 -21.67 97.90
CA GLN DA 246 51.83 -22.25 97.60
C GLN DA 246 51.76 -23.71 97.10
N TYR DA 247 52.77 -24.17 96.39
CA TYR DA 247 52.91 -25.57 95.90
C TYR DA 247 53.90 -26.23 96.82
N ARG DA 248 53.57 -27.41 97.33
CA ARG DA 248 54.46 -28.09 98.31
C ARG DA 248 54.91 -29.49 97.85
N GLU DA 249 56.20 -29.78 97.98
CA GLU DA 249 56.69 -31.16 97.70
C GLU DA 249 56.25 -32.10 98.84
N ILE DA 250 55.68 -33.24 98.49
CA ILE DA 250 55.12 -34.22 99.46
C ILE DA 250 55.80 -35.59 99.24
N LYS DA 251 56.04 -36.34 100.30
CA LYS DA 251 56.77 -37.61 100.13
C LYS DA 251 56.49 -38.57 101.29
N SER DA 252 56.64 -39.87 101.07
CA SER DA 252 56.54 -40.84 102.18
C SER DA 252 57.60 -41.95 102.11
N GLY DA 253 58.10 -42.41 103.25
CA GLY DA 253 58.92 -43.64 103.38
C GLY DA 253 57.99 -44.84 103.68
N SER DA 254 58.54 -46.00 104.03
CA SER DA 254 57.75 -47.22 104.40
C SER DA 254 56.88 -47.00 105.66
N VAL DA 255 55.62 -47.44 105.64
CA VAL DA 255 54.67 -47.23 106.77
C VAL DA 255 53.85 -48.50 106.97
N ASP DA 256 53.50 -48.85 108.21
CA ASP DA 256 52.70 -50.07 108.55
C ASP DA 256 53.45 -51.32 108.09
N GLY DA 257 54.77 -51.28 108.07
CA GLY DA 257 55.57 -52.41 107.61
C GLY DA 257 55.75 -52.53 106.11
N SER DA 258 55.26 -51.59 105.28
CA SER DA 258 55.38 -51.82 103.81
C SER DA 258 56.07 -50.73 102.99
N ASN DA 259 57.04 -51.09 102.15
CA ASN DA 259 57.72 -50.17 101.17
C ASN DA 259 56.80 -49.80 99.99
N ALA DA 260 55.72 -50.54 99.72
CA ALA DA 260 54.70 -50.25 98.67
C ALA DA 260 54.00 -48.93 99.02
N ASN DA 261 53.97 -48.58 100.29
CA ASN DA 261 53.49 -47.29 100.86
C ASN DA 261 54.33 -46.07 100.42
N ALA DA 262 55.64 -46.16 100.22
CA ALA DA 262 56.55 -45.04 99.82
C ALA DA 262 56.18 -44.37 98.48
N TYR DA 263 56.27 -43.03 98.41
CA TYR DA 263 55.94 -42.22 97.21
C TYR DA 263 56.67 -40.87 97.22
N PHE DA 264 56.78 -40.22 96.07
CA PHE DA 264 57.31 -38.84 95.92
C PHE DA 264 56.23 -38.06 95.11
N GLY DA 265 55.86 -36.85 95.53
CA GLY DA 265 54.77 -36.09 94.89
C GLY DA 265 54.68 -34.60 95.16
N TYR DA 266 53.69 -33.94 94.54
CA TYR DA 266 53.40 -32.50 94.77
C TYR DA 266 51.96 -32.25 95.28
N SER DA 267 51.77 -31.32 96.23
CA SER DA 267 50.42 -30.85 96.67
C SER DA 267 50.20 -29.45 96.06
N THR DA 268 48.98 -29.12 95.69
CA THR DA 268 48.70 -27.87 94.95
C THR DA 268 47.69 -26.96 95.63
N PRO DA 269 47.69 -25.66 95.32
CA PRO DA 269 46.69 -24.69 95.82
C PRO DA 269 45.24 -24.90 95.33
N TRP DA 270 45.03 -25.53 94.19
CA TRP DA 270 43.72 -25.81 93.54
C TRP DA 270 42.82 -26.91 94.13
N GLY DA 271 41.53 -26.83 93.80
CA GLY DA 271 40.51 -27.81 94.16
C GLY DA 271 39.80 -28.27 92.90
N TYR DA 272 39.15 -29.41 92.94
CA TYR DA 272 38.51 -29.98 91.72
C TYR DA 272 37.07 -30.46 92.00
N PHE DA 273 36.27 -30.57 90.94
CA PHE DA 273 34.88 -31.11 91.03
C PHE DA 273 34.83 -32.57 90.51
N ASP DA 274 34.30 -33.51 91.28
CA ASP DA 274 34.16 -34.95 90.93
C ASP DA 274 32.69 -35.37 90.89
N PHE DA 275 32.23 -35.92 89.77
CA PHE DA 275 30.84 -36.45 89.64
C PHE DA 275 30.80 -37.98 89.36
N ASN DA 276 31.88 -38.75 89.54
CA ASN DA 276 31.87 -40.20 89.16
C ASN DA 276 31.25 -41.09 90.26
N ARG DA 277 30.01 -40.85 90.65
CA ARG DA 277 29.21 -41.72 91.55
C ARG DA 277 27.77 -41.67 90.99
N PHE DA 278 27.05 -42.77 90.96
CA PHE DA 278 25.64 -42.86 90.46
C PHE DA 278 24.63 -42.02 91.31
N HIS DA 279 24.75 -42.00 92.63
CA HIS DA 279 23.86 -41.29 93.60
C HIS DA 279 23.94 -39.77 93.36
N SER DA 280 25.02 -39.26 92.76
CA SER DA 280 25.19 -37.85 92.33
C SER DA 280 24.14 -37.47 91.27
N HIS DA 281 23.80 -38.36 90.35
CA HIS DA 281 22.78 -38.14 89.28
C HIS DA 281 21.43 -38.85 89.48
N TRP DA 282 21.31 -39.83 90.37
CA TRP DA 282 20.10 -40.68 90.42
C TRP DA 282 19.41 -40.70 91.77
N SER DA 283 18.11 -40.45 91.79
CA SER DA 283 17.29 -40.61 93.02
C SER DA 283 17.13 -42.12 93.29
N PRO DA 284 16.88 -42.55 94.54
CA PRO DA 284 16.61 -43.95 94.80
C PRO DA 284 15.38 -44.50 94.09
N ARG DA 285 14.28 -43.76 93.99
CA ARG DA 285 13.09 -44.18 93.19
C ARG DA 285 13.39 -44.31 91.68
N ASP DA 286 14.13 -43.39 91.08
CA ASP DA 286 14.54 -43.42 89.64
C ASP DA 286 15.44 -44.62 89.34
N TRP DA 287 16.35 -44.96 90.24
CA TRP DA 287 17.21 -46.15 90.12
C TRP DA 287 16.39 -47.45 90.13
N GLN DA 288 15.37 -47.55 90.96
CA GLN DA 288 14.43 -48.70 91.02
C GLN DA 288 13.65 -48.86 89.71
N ARG DA 289 13.22 -47.75 89.12
CA ARG DA 289 12.51 -47.78 87.82
C ARG DA 289 13.42 -48.35 86.71
N LEU DA 290 14.68 -47.96 86.63
CA LEU DA 290 15.64 -48.56 85.66
C LEU DA 290 16.00 -50.06 85.85
N ILE DA 291 16.29 -50.50 87.06
CA ILE DA 291 16.72 -51.90 87.38
C ILE DA 291 15.59 -52.89 87.10
N ASN DA 292 14.36 -52.53 87.43
CA ASN DA 292 13.13 -53.32 87.20
C ASN DA 292 12.76 -53.51 85.73
N ASN DA 293 12.95 -52.53 84.84
CA ASN DA 293 12.41 -52.56 83.45
C ASN DA 293 13.34 -52.60 82.24
N TYR DA 294 14.66 -52.58 82.39
CA TYR DA 294 15.58 -52.47 81.22
C TYR DA 294 16.70 -53.49 81.20
N TRP DA 295 17.03 -54.03 80.03
CA TRP DA 295 18.22 -54.92 79.83
C TRP DA 295 19.59 -54.21 80.00
N GLY DA 296 19.72 -52.97 79.54
CA GLY DA 296 21.00 -52.25 79.57
C GLY DA 296 20.92 -50.75 79.55
N PHE DA 297 22.01 -50.09 79.93
CA PHE DA 297 22.10 -48.60 79.87
C PHE DA 297 23.53 -48.15 79.49
N ARG DA 298 23.71 -46.98 78.87
CA ARG DA 298 25.06 -46.38 78.59
C ARG DA 298 25.03 -44.82 78.67
N PRO DA 299 26.12 -44.13 79.07
CA PRO DA 299 26.21 -42.64 78.98
C PRO DA 299 26.41 -42.03 77.57
N ARG DA 300 25.82 -40.88 77.27
CA ARG DA 300 25.90 -40.24 75.93
C ARG DA 300 26.48 -38.83 75.98
N SER DA 301 25.94 -37.95 76.83
CA SER DA 301 26.36 -36.52 76.85
C SER DA 301 26.47 -35.94 78.27
N LEU DA 302 27.36 -34.97 78.45
CA LEU DA 302 27.51 -34.24 79.74
C LEU DA 302 27.53 -32.71 79.57
N ARG DA 303 26.80 -31.94 80.39
CA ARG DA 303 26.86 -30.45 80.42
C ARG DA 303 27.13 -29.96 81.87
N VAL DA 304 28.09 -29.05 82.06
CA VAL DA 304 28.41 -28.47 83.40
C VAL DA 304 28.31 -26.92 83.45
N LYS DA 305 27.65 -26.36 84.47
CA LYS DA 305 27.59 -24.89 84.71
C LYS DA 305 28.04 -24.52 86.15
N ILE DA 306 28.91 -23.51 86.32
CA ILE DA 306 29.33 -22.97 87.65
C ILE DA 306 28.84 -21.50 87.74
N PHE DA 307 28.14 -21.12 88.80
CA PHE DA 307 27.42 -19.81 88.90
C PHE DA 307 27.15 -19.31 90.33
N ASN DA 308 26.66 -18.07 90.50
CA ASN DA 308 26.31 -17.41 91.82
C ASN DA 308 27.50 -17.35 92.77
N ILE DA 309 28.66 -17.00 92.24
CA ILE DA 309 29.93 -16.95 93.00
C ILE DA 309 29.93 -15.86 94.10
N GLN DA 310 30.44 -16.18 95.28
CA GLN DA 310 30.54 -15.25 96.42
C GLN DA 310 31.91 -15.40 97.10
N VAL DA 311 32.68 -14.34 97.15
CA VAL DA 311 34.04 -14.35 97.77
C VAL DA 311 33.95 -13.62 99.11
N LYS DA 312 34.47 -14.24 100.18
CA LYS DA 312 34.40 -13.71 101.56
C LYS DA 312 35.81 -13.51 102.15
N GLU DA 313 35.99 -12.42 102.91
CA GLU DA 313 37.29 -12.18 103.61
C GLU DA 313 37.09 -12.40 105.11
N VAL DA 314 38.02 -13.10 105.73
CA VAL DA 314 37.91 -13.43 107.18
C VAL DA 314 39.02 -12.64 107.90
N THR DA 315 38.66 -11.92 108.95
CA THR DA 315 39.63 -11.10 109.70
C THR DA 315 39.54 -11.41 111.16
N VAL DA 316 40.68 -11.51 111.85
CA VAL DA 316 40.62 -11.70 113.33
C VAL DA 316 41.29 -10.53 114.06
N GLN DA 317 40.58 -9.86 114.98
CA GLN DA 317 41.23 -8.86 115.85
C GLN DA 317 40.92 -9.27 117.29
N ASP DA 318 41.94 -9.62 118.09
CA ASP DA 318 41.72 -9.95 119.52
C ASP DA 318 40.66 -11.06 119.64
N SER DA 319 40.65 -12.05 118.76
CA SER DA 319 39.74 -13.24 118.86
C SER DA 319 38.29 -13.00 118.39
N THR DA 320 37.94 -11.84 117.82
CA THR DA 320 36.57 -11.59 117.26
C THR DA 320 36.19 -12.46 116.07
N THR DA 321 37.07 -12.74 115.10
CA THR DA 321 36.75 -13.48 113.84
C THR DA 321 35.59 -12.94 112.96
N THR DA 322 35.53 -11.65 112.61
CA THR DA 322 34.52 -11.13 111.64
C THR DA 322 34.66 -11.65 110.22
N ILE DA 323 33.54 -11.89 109.51
CA ILE DA 323 33.50 -12.35 108.09
C ILE DA 323 32.77 -11.32 107.21
N ALA DA 324 33.32 -10.95 106.06
CA ALA DA 324 32.72 -9.92 105.16
C ALA DA 324 32.83 -10.27 103.67
N ASN DA 325 31.93 -9.75 102.86
CA ASN DA 325 32.01 -9.90 101.39
C ASN DA 325 33.11 -9.07 100.74
N ASN DA 326 33.84 -9.62 99.77
CA ASN DA 326 34.78 -8.80 98.95
C ASN DA 326 34.24 -8.84 97.52
N LEU DA 327 33.69 -7.75 97.02
CA LEU DA 327 33.10 -7.61 95.65
C LEU DA 327 34.11 -7.72 94.50
N THR DA 328 35.30 -7.17 94.68
CA THR DA 328 36.32 -7.08 93.59
C THR DA 328 37.22 -8.32 93.49
N SER DA 329 37.14 -9.29 94.40
CA SER DA 329 37.93 -10.56 94.38
C SER DA 329 37.51 -11.55 93.25
N THR DA 330 38.44 -12.38 92.78
CA THR DA 330 38.19 -13.32 91.64
C THR DA 330 38.39 -14.79 91.96
N VAL DA 331 37.77 -15.65 91.19
CA VAL DA 331 37.97 -17.12 91.25
C VAL DA 331 38.50 -17.53 89.85
N GLN DA 332 39.38 -18.52 89.76
CA GLN DA 332 39.97 -19.01 88.47
C GLN DA 332 39.55 -20.45 88.13
N VAL DA 333 39.05 -20.70 86.92
CA VAL DA 333 38.50 -22.02 86.49
C VAL DA 333 39.07 -22.49 85.14
N PHE DA 334 39.42 -23.77 85.00
CA PHE DA 334 39.86 -24.37 83.71
C PHE DA 334 39.50 -25.88 83.57
N THR DA 335 39.46 -26.38 82.35
CA THR DA 335 39.26 -27.83 82.06
C THR DA 335 40.50 -28.38 81.35
N ASP DA 336 40.99 -29.56 81.76
CA ASP DA 336 42.18 -30.22 81.12
C ASP DA 336 41.75 -31.08 79.92
N ASP DA 337 41.45 -30.47 78.78
CA ASP DA 337 40.93 -31.13 77.55
C ASP DA 337 41.87 -32.13 76.86
N ASP DA 338 43.18 -31.89 76.80
CA ASP DA 338 44.17 -32.75 76.10
C ASP DA 338 44.81 -33.80 77.01
N TYR DA 339 44.41 -33.92 78.28
CA TYR DA 339 44.88 -34.96 79.23
C TYR DA 339 46.36 -34.84 79.56
N GLN DA 340 46.89 -33.64 79.53
CA GLN DA 340 48.29 -33.33 79.92
C GLN DA 340 48.56 -33.60 81.41
N LEU DA 341 47.63 -33.28 82.28
CA LEU DA 341 47.74 -33.53 83.73
C LEU DA 341 47.53 -34.97 84.16
N PRO DA 342 48.10 -35.40 85.29
CA PRO DA 342 47.73 -36.70 85.84
C PRO DA 342 46.24 -36.76 86.23
N TYR DA 343 45.51 -37.83 85.88
CA TYR DA 343 44.04 -37.93 86.11
C TYR DA 343 43.76 -38.75 87.37
N VAL DA 344 43.26 -38.10 88.40
CA VAL DA 344 43.05 -38.76 89.71
C VAL DA 344 41.57 -39.08 89.95
N VAL DA 345 40.66 -38.73 89.02
CA VAL DA 345 39.18 -38.89 89.18
C VAL DA 345 38.66 -40.35 89.30
N GLY DA 346 39.21 -41.35 88.64
CA GLY DA 346 38.62 -42.72 88.57
C GLY DA 346 39.14 -43.76 89.56
N ASN DA 347 39.68 -43.37 90.71
CA ASN DA 347 40.38 -44.24 91.69
C ASN DA 347 39.59 -44.51 93.00
N GLY DA 348 38.26 -44.38 93.06
CA GLY DA 348 37.40 -44.62 94.25
C GLY DA 348 37.63 -43.74 95.45
N THR DA 349 37.92 -42.46 95.22
CA THR DA 349 38.21 -41.49 96.29
C THR DA 349 37.03 -40.62 96.65
N GLU DA 350 36.98 -40.12 97.87
CA GLU DA 350 35.93 -39.22 98.41
C GLU DA 350 35.99 -37.77 97.88
N GLY DA 351 34.93 -36.98 98.07
CA GLY DA 351 34.82 -35.60 97.52
C GLY DA 351 33.90 -35.39 96.34
N CYS DA 352 33.14 -36.39 95.90
CA CYS DA 352 32.11 -36.27 94.82
C CYS DA 352 30.87 -35.51 95.32
N LEU DA 353 30.02 -35.03 94.40
CA LEU DA 353 28.77 -34.35 94.77
C LEU DA 353 27.90 -35.29 95.62
N PRO DA 354 27.24 -34.75 96.67
CA PRO DA 354 26.43 -35.59 97.55
C PRO DA 354 25.17 -36.29 97.02
N ALA DA 355 24.80 -37.44 97.59
CA ALA DA 355 23.58 -38.20 97.23
C ALA DA 355 22.30 -37.38 97.49
N PHE DA 356 22.24 -36.62 98.59
CA PHE DA 356 21.02 -35.85 98.98
C PHE DA 356 21.19 -34.41 98.52
N PRO DA 357 20.25 -33.86 97.68
CA PRO DA 357 20.35 -32.49 97.14
C PRO DA 357 20.56 -31.28 98.07
N PRO DA 358 19.93 -31.19 99.27
CA PRO DA 358 20.17 -30.14 100.26
C PRO DA 358 21.55 -30.08 100.92
N GLN DA 359 22.31 -31.17 100.95
CA GLN DA 359 23.65 -31.23 101.60
C GLN DA 359 24.69 -30.31 100.93
N VAL DA 360 25.50 -29.65 101.74
CA VAL DA 360 26.49 -28.66 101.24
C VAL DA 360 27.89 -29.28 101.41
N PHE DA 361 28.74 -29.17 100.39
CA PHE DA 361 30.04 -29.91 100.42
C PHE DA 361 31.32 -29.10 100.17
N THR DA 362 32.39 -29.53 100.82
CA THR DA 362 33.76 -28.99 100.59
C THR DA 362 34.43 -29.68 99.40
N LEU DA 363 35.03 -28.92 98.47
CA LEU DA 363 35.82 -29.48 97.34
C LEU DA 363 37.15 -30.10 97.79
N PRO DA 364 37.52 -31.26 97.22
CA PRO DA 364 38.84 -31.85 97.47
C PRO DA 364 40.07 -31.09 96.93
N GLN DA 365 41.19 -31.10 97.64
CA GLN DA 365 42.47 -30.52 97.12
C GLN DA 365 43.17 -31.45 96.11
N TYR DA 366 43.63 -30.91 94.98
CA TYR DA 366 44.43 -31.65 93.95
C TYR DA 366 45.88 -31.95 94.37
N GLY DA 367 46.35 -33.14 94.04
CA GLY DA 367 47.70 -33.62 94.33
C GLY DA 367 47.97 -34.79 93.44
N TYR DA 368 49.23 -35.24 93.34
CA TYR DA 368 49.62 -36.41 92.50
C TYR DA 368 50.90 -37.05 93.01
N ALA DA 369 51.11 -38.30 92.62
CA ALA DA 369 52.39 -38.99 92.87
C ALA DA 369 53.13 -39.18 91.54
N THR DA 370 54.41 -38.86 91.47
CA THR DA 370 55.29 -39.14 90.31
C THR DA 370 56.16 -40.34 90.66
N LEU DA 371 57.30 -40.49 90.00
CA LEU DA 371 58.28 -41.57 90.29
C LEU DA 371 59.06 -41.42 91.61
N ASN DA 372 59.39 -42.54 92.23
CA ASN DA 372 60.15 -42.58 93.51
C ASN DA 372 61.33 -43.54 93.27
N ARG DA 373 62.44 -43.36 93.96
CA ARG DA 373 63.66 -44.17 93.68
C ARG DA 373 63.87 -45.31 94.68
N ASP DA 374 63.97 -46.55 94.19
CA ASP DA 374 64.27 -47.78 95.01
C ASP DA 374 63.32 -48.03 96.19
N ASN DA 375 62.01 -47.82 96.03
CA ASN DA 375 61.00 -48.01 97.11
C ASN DA 375 61.36 -47.12 98.32
N THR DA 376 61.76 -45.87 98.09
CA THR DA 376 62.13 -44.86 99.13
C THR DA 376 61.43 -43.53 98.82
N GLU DA 377 61.47 -42.52 99.72
CA GLU DA 377 60.83 -41.18 99.55
C GLU DA 377 61.51 -40.26 98.51
N ASN DA 378 62.74 -40.56 98.11
CA ASN DA 378 63.52 -39.78 97.10
C ASN DA 378 63.03 -39.86 95.65
N PRO DA 379 63.16 -38.77 94.88
CA PRO DA 379 62.89 -38.73 93.44
C PRO DA 379 63.95 -39.31 92.44
N THR DA 380 63.60 -39.39 91.17
CA THR DA 380 64.45 -39.87 90.06
C THR DA 380 64.57 -38.75 89.03
N GLU DA 381 65.51 -38.85 88.09
CA GLU DA 381 65.68 -37.88 86.96
C GLU DA 381 64.43 -37.86 86.06
N ARG DA 382 63.77 -38.98 85.84
CA ARG DA 382 62.49 -39.11 85.09
C ARG DA 382 61.31 -38.44 85.83
N SER DA 383 61.37 -38.22 87.15
CA SER DA 383 60.28 -37.64 87.98
C SER DA 383 59.91 -36.23 87.48
N SER DA 384 58.62 -35.92 87.42
CA SER DA 384 58.06 -34.70 86.76
C SER DA 384 57.29 -33.73 87.67
N PHE DA 385 57.45 -32.44 87.43
CA PHE DA 385 56.69 -31.39 88.13
C PHE DA 385 55.74 -30.72 87.14
N PHE DA 386 54.50 -30.55 87.55
CA PHE DA 386 53.49 -29.86 86.71
C PHE DA 386 52.96 -28.61 87.39
N CYS DA 387 52.96 -27.46 86.71
CA CYS DA 387 52.36 -26.19 87.18
C CYS DA 387 50.96 -25.96 86.54
N LEU DA 388 49.90 -25.77 87.33
CA LEU DA 388 48.51 -25.47 86.88
C LEU DA 388 48.40 -24.06 86.27
N GLU DA 389 49.15 -23.09 86.81
CA GLU DA 389 49.14 -21.67 86.36
C GLU DA 389 49.74 -21.53 84.96
N TYR DA 390 50.51 -22.52 84.49
CA TYR DA 390 51.04 -22.58 83.10
C TYR DA 390 49.89 -22.70 82.10
N PHE DA 391 48.83 -23.43 82.37
CA PHE DA 391 47.61 -23.51 81.50
C PHE DA 391 46.81 -22.20 81.52
N PRO DA 392 46.11 -21.83 80.43
CA PRO DA 392 45.14 -20.72 80.50
C PRO DA 392 43.82 -20.95 81.32
N SER DA 393 43.33 -19.98 82.09
CA SER DA 393 42.09 -20.11 82.91
C SER DA 393 41.13 -18.89 82.82
N LYS DA 394 39.83 -19.11 82.92
CA LYS DA 394 38.83 -18.02 83.02
C LYS DA 394 38.89 -17.36 84.42
N MET DA 395 38.73 -16.03 84.50
CA MET DA 395 38.70 -15.30 85.80
C MET DA 395 37.27 -14.78 86.06
N LEU DA 396 36.73 -15.08 87.23
CA LEU DA 396 35.33 -14.69 87.53
C LEU DA 396 35.14 -13.84 88.79
N ARG DA 397 34.43 -12.73 88.66
CA ARG DA 397 33.92 -11.92 89.79
C ARG DA 397 32.48 -12.42 90.14
N THR DA 398 31.80 -11.84 91.13
CA THR DA 398 30.43 -12.20 91.63
C THR DA 398 29.35 -12.21 90.53
N GLY DA 399 29.36 -11.31 89.55
CA GLY DA 399 28.51 -11.31 88.34
C GLY DA 399 28.70 -12.44 87.36
N ASN DA 400 29.92 -12.95 87.17
CA ASN DA 400 30.35 -13.95 86.15
C ASN DA 400 29.95 -15.42 86.33
N ASN DA 401 29.90 -16.19 85.25
CA ASN DA 401 29.53 -17.64 85.23
C ASN DA 401 30.44 -18.43 84.26
N PHE DA 402 30.56 -19.75 84.43
CA PHE DA 402 31.33 -20.66 83.54
C PHE DA 402 30.49 -21.83 83.01
N GLU DA 403 30.62 -22.21 81.75
CA GLU DA 403 29.92 -23.40 81.17
C GLU DA 403 30.84 -24.34 80.36
N PHE DA 404 30.61 -25.66 80.40
CA PHE DA 404 31.34 -26.67 79.56
C PHE DA 404 30.38 -27.75 78.98
N THR DA 405 30.69 -28.32 77.82
CA THR DA 405 29.91 -29.44 77.18
C THR DA 405 30.83 -30.59 76.77
N TYR DA 406 30.42 -31.84 76.94
CA TYR DA 406 31.21 -33.05 76.54
C TYR DA 406 30.36 -34.13 75.85
N ASN DA 407 30.93 -34.89 74.92
CA ASN DA 407 30.26 -36.08 74.29
C ASN DA 407 31.05 -37.34 74.61
N PHE DA 408 30.38 -38.38 75.05
CA PHE DA 408 31.04 -39.68 75.37
C PHE DA 408 31.34 -40.41 74.07
N GLU DA 409 32.43 -41.19 74.02
CA GLU DA 409 32.76 -42.07 72.88
C GLU DA 409 31.81 -43.29 72.85
N GLU DA 410 31.66 -43.95 71.70
CA GLU DA 410 30.84 -45.19 71.67
C GLU DA 410 31.42 -46.24 72.64
N VAL DA 411 30.55 -46.84 73.44
CA VAL DA 411 30.97 -47.80 74.49
C VAL DA 411 29.89 -48.89 74.50
N PRO DA 412 30.18 -50.14 74.88
CA PRO DA 412 29.14 -51.15 75.05
C PRO DA 412 28.16 -50.88 76.22
N PHE DA 413 26.88 -51.25 76.08
CA PHE DA 413 25.87 -51.11 77.17
C PHE DA 413 26.22 -52.02 78.35
N HIS DA 414 26.03 -51.56 79.59
CA HIS DA 414 26.16 -52.46 80.79
C HIS DA 414 25.02 -53.49 80.73
N SER DA 415 25.29 -54.72 81.18
CA SER DA 415 24.26 -55.78 81.20
C SER DA 415 23.48 -55.85 82.52
N SER DA 416 22.27 -55.31 82.57
CA SER DA 416 21.37 -55.35 83.75
C SER DA 416 20.44 -56.58 83.70
N PHE DA 417 20.99 -57.78 83.77
CA PHE DA 417 20.20 -59.02 83.71
C PHE DA 417 20.99 -60.14 84.36
N ALA DA 418 20.28 -61.17 84.79
CA ALA DA 418 20.90 -62.39 85.35
C ALA DA 418 20.59 -63.55 84.40
N PRO DA 419 21.56 -64.44 84.11
CA PRO DA 419 21.28 -65.63 83.32
C PRO DA 419 20.30 -66.66 83.92
N SER DA 420 19.39 -67.17 83.09
CA SER DA 420 18.39 -68.19 83.51
C SER DA 420 18.86 -69.63 83.20
N GLN DA 421 20.05 -69.81 82.62
CA GLN DA 421 20.62 -71.15 82.36
C GLN DA 421 22.08 -71.30 82.79
N ASN DA 422 22.48 -72.48 83.24
CA ASN DA 422 23.91 -72.85 83.51
C ASN DA 422 24.66 -73.04 82.18
N LEU DA 423 25.94 -72.63 82.11
CA LEU DA 423 26.82 -72.72 80.91
C LEU DA 423 27.04 -74.18 80.50
N PHE DA 424 27.15 -75.10 81.44
CA PHE DA 424 27.35 -76.55 81.20
C PHE DA 424 26.04 -77.39 81.01
N LYS DA 425 24.82 -76.85 81.09
CA LYS DA 425 23.52 -77.58 80.99
C LYS DA 425 22.71 -77.20 79.72
N LEU DA 426 23.33 -76.87 78.58
CA LEU DA 426 22.65 -76.35 77.36
C LEU DA 426 22.14 -77.41 76.35
N ALA DA 427 22.54 -78.67 76.48
CA ALA DA 427 22.01 -79.75 75.64
C ALA DA 427 20.54 -80.02 76.02
N ASN DA 428 19.71 -80.45 75.05
CA ASN DA 428 18.31 -80.82 75.35
C ASN DA 428 18.33 -81.97 76.37
N PRO DA 429 17.52 -81.89 77.44
CA PRO DA 429 17.42 -82.95 78.43
C PRO DA 429 16.87 -84.30 77.90
N LEU DA 430 15.89 -84.33 76.99
CA LEU DA 430 15.28 -85.49 76.29
C LEU DA 430 16.18 -86.29 75.32
N VAL DA 431 17.09 -85.65 74.60
CA VAL DA 431 17.87 -86.32 73.51
C VAL DA 431 19.35 -86.65 73.81
N ASP DA 432 19.80 -87.87 73.51
CA ASP DA 432 21.22 -88.31 73.60
C ASP DA 432 22.14 -87.70 72.53
N GLN DA 433 23.41 -87.50 72.86
CA GLN DA 433 24.45 -87.06 71.89
C GLN DA 433 24.92 -88.16 70.93
N TYR DA 434 25.33 -87.84 69.69
CA TYR DA 434 25.96 -88.83 68.76
C TYR DA 434 27.48 -88.96 69.05
N LEU DA 435 27.93 -88.73 70.27
CA LEU DA 435 29.37 -88.66 70.63
C LEU DA 435 29.69 -89.64 71.76
N TYR DA 436 30.91 -90.14 71.79
CA TYR DA 436 31.30 -91.20 72.76
C TYR DA 436 32.52 -90.80 73.57
N ARG DA 437 32.66 -91.39 74.75
CA ARG DA 437 33.76 -91.07 75.69
C ARG DA 437 34.48 -92.34 76.14
N PHE DA 438 35.76 -92.21 76.50
CA PHE DA 438 36.52 -93.35 77.06
C PHE DA 438 36.20 -93.50 78.52
N VAL DA 439 35.83 -94.71 78.90
CA VAL DA 439 35.50 -94.97 80.32
C VAL DA 439 36.38 -96.05 80.97
N SER DA 440 37.07 -96.87 80.19
CA SER DA 440 37.69 -98.07 80.81
C SER DA 440 38.81 -98.77 80.04
N THR DA 441 39.54 -99.62 80.74
CA THR DA 441 40.54 -100.50 80.12
C THR DA 441 40.19 -101.90 80.65
N ASN DA 442 40.33 -102.97 79.85
CA ASN DA 442 40.06 -104.38 80.28
C ASN DA 442 41.28 -105.04 80.98
N ASN DA 443 41.21 -106.33 81.32
CA ASN DA 443 42.30 -107.06 82.06
C ASN DA 443 43.59 -107.00 81.24
N THR DA 444 43.53 -107.13 79.91
CA THR DA 444 44.67 -106.80 79.04
C THR DA 444 44.37 -105.35 78.84
N GLY DA 445 45.31 -104.41 78.85
CA GLY DA 445 44.85 -103.00 78.91
C GLY DA 445 44.27 -102.44 77.63
N GLY DA 446 43.11 -102.93 77.19
CA GLY DA 446 42.47 -102.50 75.93
C GLY DA 446 41.37 -101.50 76.17
N VAL DA 447 41.35 -100.41 75.42
CA VAL DA 447 40.41 -99.26 75.63
C VAL DA 447 38.93 -99.60 75.37
N GLN DA 448 38.03 -99.01 76.17
CA GLN DA 448 36.57 -99.28 76.08
C GLN DA 448 35.81 -97.94 76.05
N PHE DA 449 34.66 -97.91 75.39
CA PHE DA 449 33.90 -96.64 75.19
C PHE DA 449 32.41 -96.77 75.50
N ASN DA 450 31.77 -95.67 75.88
CA ASN DA 450 30.29 -95.63 76.15
C ASN DA 450 29.71 -94.39 75.50
N LYS DA 451 28.48 -94.45 75.02
CA LYS DA 451 27.72 -93.29 74.46
C LYS DA 451 27.28 -92.29 75.53
N ASN DA 452 27.13 -91.02 75.15
CA ASN DA 452 26.69 -89.97 76.10
C ASN DA 452 25.16 -89.89 76.12
N LEU DA 453 24.54 -90.18 77.27
CA LEU DA 453 23.06 -90.20 77.46
C LEU DA 453 22.40 -88.83 77.72
N ALA DA 454 21.09 -88.73 77.50
CA ALA DA 454 20.33 -87.48 77.73
C ALA DA 454 20.31 -87.03 79.20
N GLY DA 455 20.61 -85.75 79.45
CA GLY DA 455 20.60 -85.14 80.79
C GLY DA 455 21.84 -85.40 81.64
N ARG DA 456 22.83 -86.12 81.13
CA ARG DA 456 24.07 -86.47 81.88
C ARG DA 456 25.12 -85.36 81.67
N TYR DA 457 24.94 -84.19 82.30
CA TYR DA 457 25.75 -82.94 82.14
C TYR DA 457 27.19 -83.14 82.61
N ALA DA 458 27.40 -84.04 83.56
CA ALA DA 458 28.74 -84.41 84.03
C ALA DA 458 29.59 -84.97 82.87
N ASN DA 459 29.03 -85.72 81.93
CA ASN DA 459 29.77 -86.43 80.84
C ASN DA 459 29.50 -85.97 79.41
N THR DA 460 29.22 -84.73 79.10
CA THR DA 460 28.72 -84.25 77.80
C THR DA 460 29.80 -83.42 77.14
N TYR DA 461 29.92 -83.47 75.83
CA TYR DA 461 30.88 -82.63 75.07
C TYR DA 461 30.43 -81.18 75.19
N LYS DA 462 31.38 -80.25 75.35
CA LYS DA 462 31.04 -78.82 75.58
C LYS DA 462 31.69 -77.88 74.57
N ASN DA 463 30.95 -76.98 73.96
CA ASN DA 463 31.49 -75.87 73.11
C ASN DA 463 32.24 -74.74 73.83
N TRP DA 464 31.82 -74.34 75.02
CA TRP DA 464 32.27 -73.08 75.64
C TRP DA 464 32.76 -73.27 77.06
N PHE DA 465 33.62 -72.38 77.50
CA PHE DA 465 34.31 -72.54 78.80
C PHE DA 465 34.10 -71.31 79.65
N PRO DA 466 34.14 -71.48 80.99
CA PRO DA 466 34.07 -70.36 81.92
C PRO DA 466 35.27 -69.42 81.95
N GLY DA 467 35.08 -68.21 82.45
CA GLY DA 467 36.12 -67.15 82.51
C GLY DA 467 37.23 -67.34 83.54
N PRO DA 468 38.31 -66.53 83.45
CA PRO DA 468 39.49 -66.69 84.29
C PRO DA 468 39.36 -66.54 85.83
N MET DA 469 40.12 -67.34 86.58
CA MET DA 469 39.98 -67.36 88.06
C MET DA 469 41.32 -67.34 88.83
N GLY DA 470 41.40 -66.71 90.00
CA GLY DA 470 42.56 -66.85 90.93
C GLY DA 470 42.02 -67.13 92.33
N ARG DA 471 42.48 -68.15 93.07
CA ARG DA 471 41.85 -68.47 94.38
C ARG DA 471 42.04 -67.38 95.48
N THR DA 472 40.97 -67.01 96.20
CA THR DA 472 40.96 -65.99 97.28
C THR DA 472 40.27 -66.57 98.49
N GLN DA 473 40.74 -66.28 99.71
CA GLN DA 473 40.21 -66.88 100.96
C GLN DA 473 38.73 -66.55 101.22
N GLY DA 474 37.97 -67.52 101.73
CA GLY DA 474 36.54 -67.35 102.06
C GLY DA 474 36.30 -67.23 103.55
N TRP DA 475 35.52 -66.23 103.94
CA TRP DA 475 35.18 -65.99 105.37
C TRP DA 475 33.67 -66.02 105.59
N ASN DA 476 33.22 -66.72 106.64
CA ASN DA 476 31.77 -66.81 106.99
C ASN DA 476 31.28 -65.52 107.64
N LEU DA 477 30.01 -65.18 107.42
CA LEU DA 477 29.37 -63.95 107.94
C LEU DA 477 28.12 -64.41 108.71
N GLY DA 478 27.56 -63.58 109.59
CA GLY DA 478 26.42 -64.01 110.43
C GLY DA 478 26.77 -65.12 111.39
N SER DA 479 26.11 -66.27 111.29
CA SER DA 479 26.38 -67.42 112.18
C SER DA 479 27.83 -67.87 111.96
N GLY DA 480 28.35 -67.90 110.73
CA GLY DA 480 29.82 -68.06 110.56
C GLY DA 480 30.48 -69.29 111.13
N VAL DA 481 31.46 -69.14 112.01
CA VAL DA 481 32.30 -70.25 112.57
C VAL DA 481 33.77 -70.18 112.04
N ASN DA 482 34.28 -69.00 111.68
CA ASN DA 482 35.69 -68.74 111.23
C ASN DA 482 36.78 -68.83 112.31
N ARG DA 483 38.06 -69.00 111.93
CA ARG DA 483 39.25 -69.06 112.85
C ARG DA 483 39.52 -67.77 113.64
N ALA DA 484 39.86 -67.88 114.93
CA ALA DA 484 40.06 -66.75 115.88
C ALA DA 484 41.41 -66.04 115.86
N SER DA 485 41.43 -64.75 116.25
CA SER DA 485 42.67 -63.95 116.45
C SER DA 485 43.62 -63.88 115.24
N VAL DA 486 43.09 -63.70 114.04
CA VAL DA 486 43.93 -63.70 112.81
C VAL DA 486 44.33 -62.29 112.37
N SER DA 487 45.60 -62.10 111.97
CA SER DA 487 46.00 -60.83 111.31
C SER DA 487 45.97 -61.15 109.81
N ALA DA 488 45.14 -60.50 109.03
CA ALA DA 488 44.90 -60.79 107.59
C ALA DA 488 46.05 -60.58 106.59
N PHE DA 489 46.91 -59.55 106.72
CA PHE DA 489 47.83 -59.09 105.64
C PHE DA 489 48.88 -60.10 105.09
N ALA DA 490 49.52 -60.93 105.90
CA ALA DA 490 50.56 -61.88 105.44
C ALA DA 490 49.99 -62.89 104.44
N THR DA 491 48.76 -63.34 104.63
CA THR DA 491 48.12 -64.38 103.79
C THR DA 491 47.25 -63.83 102.68
N THR DA 492 47.20 -62.52 102.47
CA THR DA 492 46.41 -61.86 101.39
C THR DA 492 47.00 -62.05 99.99
N ASN DA 493 46.18 -61.96 98.94
CA ASN DA 493 46.62 -62.03 97.52
C ASN DA 493 47.47 -60.81 97.14
N ARG DA 494 48.53 -61.00 96.35
CA ARG DA 494 49.45 -59.89 96.02
C ARG DA 494 50.02 -59.96 94.60
N MET DA 495 50.41 -58.83 94.04
CA MET DA 495 51.14 -58.77 92.74
C MET DA 495 52.42 -57.96 93.01
N GLU DA 496 53.54 -58.29 92.34
CA GLU DA 496 54.86 -57.64 92.59
C GLU DA 496 55.18 -56.63 91.48
N LEU DA 497 55.44 -55.36 91.80
CA LEU DA 497 55.88 -54.33 90.80
C LEU DA 497 57.12 -53.61 91.30
N GLU DA 498 58.19 -53.48 90.50
CA GLU DA 498 59.41 -52.65 90.80
C GLU DA 498 60.07 -53.03 92.14
N GLY DA 499 60.12 -54.29 92.52
CA GLY DA 499 60.66 -54.68 93.85
C GLY DA 499 59.73 -54.55 95.06
N ALA DA 500 58.44 -54.26 94.91
CA ALA DA 500 57.55 -54.22 96.10
C ALA DA 500 56.31 -55.12 95.93
N SER DA 501 55.74 -55.63 97.03
CA SER DA 501 54.51 -56.47 97.02
C SER DA 501 53.28 -55.61 97.30
N TYR DA 502 52.30 -55.71 96.43
CA TYR DA 502 51.08 -54.87 96.57
C TYR DA 502 49.82 -55.68 96.69
N GLN DA 503 48.98 -55.33 97.64
CA GLN DA 503 47.62 -55.92 97.67
C GLN DA 503 46.87 -55.31 96.46
N VAL DA 504 46.03 -56.09 95.83
CA VAL DA 504 45.24 -55.66 94.65
C VAL DA 504 43.81 -56.00 95.10
N PRO DA 505 43.20 -55.17 95.97
CA PRO DA 505 41.95 -55.48 96.64
C PRO DA 505 40.73 -55.76 95.80
N PRO DA 506 40.39 -55.13 94.66
CA PRO DA 506 39.30 -55.69 93.87
C PRO DA 506 40.08 -56.79 93.13
N GLN DA 507 39.61 -58.01 93.06
CA GLN DA 507 40.41 -58.96 92.20
C GLN DA 507 40.07 -58.69 90.70
N PRO DA 508 40.78 -59.25 89.69
CA PRO DA 508 40.40 -59.12 88.27
C PRO DA 508 39.07 -59.83 87.85
N ASN DA 509 38.33 -59.36 86.83
CA ASN DA 509 36.98 -59.90 86.42
C ASN DA 509 36.88 -61.38 85.99
N GLY DA 510 35.67 -61.99 86.06
CA GLY DA 510 35.39 -63.41 85.72
C GLY DA 510 35.12 -64.35 86.86
N MET DA 511 35.02 -63.85 88.08
CA MET DA 511 34.71 -64.71 89.23
C MET DA 511 33.45 -64.28 90.00
N THR DA 512 32.91 -65.15 90.85
CA THR DA 512 31.83 -64.78 91.80
C THR DA 512 32.32 -64.94 93.24
N ASN DA 513 32.20 -63.92 94.10
CA ASN DA 513 32.50 -63.93 95.57
C ASN DA 513 31.57 -64.82 96.45
N ASN DA 514 30.27 -64.89 96.18
CA ASN DA 514 29.29 -65.59 97.07
C ASN DA 514 28.41 -66.55 96.25
N LEU DA 515 28.17 -67.77 96.72
CA LEU DA 515 27.26 -68.76 96.05
C LEU DA 515 25.73 -68.47 95.96
N GLN DA 516 25.02 -67.95 96.97
CA GLN DA 516 23.52 -67.75 97.01
C GLN DA 516 23.06 -68.53 98.24
N GLY DA 517 22.19 -67.95 99.07
CA GLY DA 517 22.06 -68.62 100.37
C GLY DA 517 23.46 -68.41 100.90
N SER DA 518 24.22 -69.44 101.22
CA SER DA 518 25.61 -69.38 101.75
C SER DA 518 26.10 -68.08 102.43
N ASN DA 519 26.81 -68.26 103.53
CA ASN DA 519 27.37 -67.11 104.31
C ASN DA 519 28.88 -67.02 104.07
N THR DA 520 29.42 -67.77 103.11
CA THR DA 520 30.84 -67.66 102.74
C THR DA 520 31.04 -66.58 101.68
N TYR DA 521 31.97 -65.68 101.94
CA TYR DA 521 32.27 -64.56 101.02
C TYR DA 521 33.74 -64.50 100.84
N ALA DA 522 34.17 -64.28 99.61
CA ALA DA 522 35.61 -64.01 99.44
C ALA DA 522 35.75 -62.48 99.59
N LEU DA 523 36.26 -62.00 100.72
CA LEU DA 523 36.29 -60.55 101.11
C LEU DA 523 37.15 -59.65 100.19
N GLU DA 524 38.28 -60.15 99.68
CA GLU DA 524 39.16 -59.38 98.76
C GLU DA 524 38.59 -59.35 97.33
N ASN DA 525 37.53 -60.07 97.02
CA ASN DA 525 36.81 -60.00 95.71
C ASN DA 525 35.53 -59.16 95.83
N THR DA 526 35.27 -58.50 96.95
CA THR DA 526 33.97 -57.79 97.17
C THR DA 526 34.15 -56.30 97.37
N MET DA 527 33.29 -55.48 96.78
CA MET DA 527 33.23 -54.03 97.09
C MET DA 527 32.58 -53.85 98.48
N ILE DA 528 33.27 -53.17 99.39
CA ILE DA 528 32.75 -52.87 100.76
C ILE DA 528 32.56 -51.35 100.92
N PHE DA 529 31.40 -50.93 101.41
CA PHE DA 529 31.01 -49.50 101.52
C PHE DA 529 30.49 -49.21 102.91
N ASN DA 530 30.47 -47.94 103.31
CA ASN DA 530 29.89 -47.49 104.60
C ASN DA 530 28.55 -46.80 104.31
N SER DA 531 27.51 -47.05 105.10
CA SER DA 531 26.21 -46.34 104.97
C SER DA 531 26.37 -44.84 105.24
N GLN DA 532 27.19 -44.46 106.21
CA GLN DA 532 27.42 -43.05 106.59
C GLN DA 532 28.82 -42.58 106.18
N PRO DA 533 29.02 -41.30 105.82
CA PRO DA 533 30.35 -40.74 105.54
C PRO DA 533 31.25 -40.69 106.79
N ALA DA 534 32.56 -40.78 106.58
CA ALA DA 534 33.51 -40.86 107.71
C ALA DA 534 34.47 -39.67 107.77
N ASN DA 535 34.95 -39.36 108.97
CA ASN DA 535 35.97 -38.31 109.17
C ASN DA 535 37.32 -38.77 108.58
N PRO DA 536 38.15 -37.86 108.04
CA PRO DA 536 39.45 -38.25 107.52
C PRO DA 536 40.47 -38.81 108.51
N GLY DA 537 41.20 -39.86 108.11
CA GLY DA 537 42.26 -40.46 108.93
C GLY DA 537 41.78 -41.41 110.00
N THR DA 538 40.51 -41.79 110.01
CA THR DA 538 39.99 -42.67 111.06
C THR DA 538 40.74 -44.01 111.05
N THR DA 539 41.08 -44.54 112.22
CA THR DA 539 41.73 -45.85 112.37
C THR DA 539 40.82 -46.79 113.13
N ALA DA 540 39.54 -46.44 113.32
CA ALA DA 540 38.55 -47.23 114.09
C ALA DA 540 38.22 -48.61 113.48
N THR DA 541 38.06 -49.65 114.31
CA THR DA 541 37.59 -50.97 113.83
C THR DA 541 36.13 -50.91 113.48
N TYR DA 542 35.72 -51.59 112.41
CA TYR DA 542 34.30 -51.67 112.02
C TYR DA 542 33.86 -53.12 111.95
N LEU DA 543 32.76 -53.43 112.60
CA LEU DA 543 32.12 -54.78 112.50
C LEU DA 543 31.22 -54.87 111.25
N GLU DA 544 30.72 -56.06 110.93
CA GLU DA 544 29.89 -56.34 109.72
C GLU DA 544 28.57 -55.55 109.68
N GLY DA 545 27.91 -55.33 110.82
CA GLY DA 545 26.62 -54.61 110.88
C GLY DA 545 26.74 -53.19 110.37
N ASN DA 546 27.81 -52.47 110.67
CA ASN DA 546 28.08 -51.14 110.09
C ASN DA 546 28.29 -51.18 108.57
N MET DA 547 28.93 -52.21 108.02
CA MET DA 547 29.33 -52.24 106.59
C MET DA 547 28.24 -52.62 105.58
N LEU DA 548 28.34 -52.14 104.34
CA LEU DA 548 27.44 -52.57 103.25
C LEU DA 548 28.25 -53.53 102.37
N ILE DA 549 27.91 -54.82 102.32
CA ILE DA 549 28.73 -55.84 101.58
C ILE DA 549 27.96 -56.37 100.37
N THR DA 550 28.52 -56.26 99.18
CA THR DA 550 27.92 -56.70 97.90
C THR DA 550 28.07 -58.21 97.63
N SER DA 551 27.18 -58.77 96.83
CA SER DA 551 27.21 -60.20 96.42
C SER DA 551 27.10 -60.25 94.89
N GLU DA 552 27.80 -61.16 94.25
CA GLU DA 552 27.81 -61.33 92.77
C GLU DA 552 27.13 -62.67 92.42
N SER DA 553 26.24 -63.19 93.27
CA SER DA 553 25.61 -64.53 93.15
C SER DA 553 24.80 -64.72 91.86
N GLU DA 554 24.29 -63.67 91.22
CA GLU DA 554 23.55 -63.70 89.93
C GLU DA 554 24.45 -64.25 88.79
N THR DA 555 25.74 -63.98 88.78
CA THR DA 555 26.71 -64.37 87.73
C THR DA 555 27.23 -65.80 87.90
N GLN DA 556 26.83 -66.53 88.96
CA GLN DA 556 27.30 -67.89 89.31
C GLN DA 556 27.03 -68.93 88.18
N PRO DA 557 25.91 -68.91 87.41
CA PRO DA 557 25.76 -69.79 86.25
C PRO DA 557 26.90 -69.75 85.20
N VAL DA 558 27.61 -68.62 85.00
CA VAL DA 558 28.83 -68.50 84.13
C VAL DA 558 30.16 -68.13 84.84
N ASN DA 559 30.20 -67.83 86.14
CA ASN DA 559 31.45 -67.33 86.77
C ASN DA 559 31.88 -68.28 87.87
N ARG DA 560 33.15 -68.67 87.86
CA ARG DA 560 33.68 -69.61 88.88
C ARG DA 560 33.76 -68.96 90.28
N VAL DA 561 33.57 -69.75 91.32
CA VAL DA 561 33.69 -69.26 92.72
C VAL DA 561 35.16 -69.04 93.15
N ALA DA 562 35.49 -67.87 93.73
CA ALA DA 562 36.85 -67.45 94.16
C ALA DA 562 37.45 -68.31 95.28
N TYR DA 563 36.67 -68.69 96.28
CA TYR DA 563 37.14 -69.51 97.44
C TYR DA 563 37.57 -70.93 97.00
N ASN DA 564 36.89 -71.55 96.05
CA ASN DA 564 37.16 -72.95 95.58
C ASN DA 564 38.30 -73.09 94.56
N VAL DA 565 38.89 -74.29 94.40
CA VAL DA 565 39.86 -74.64 93.31
C VAL DA 565 39.17 -74.64 91.94
N GLY DA 566 39.83 -74.20 90.86
CA GLY DA 566 39.31 -74.17 89.46
C GLY DA 566 39.00 -75.47 88.73
N GLY DA 567 39.80 -76.53 88.88
CA GLY DA 567 39.64 -77.78 88.11
C GLY DA 567 40.82 -78.69 88.30
N GLN DA 568 40.93 -79.75 87.51
CA GLN DA 568 42.07 -80.72 87.57
C GLN DA 568 42.68 -80.98 86.16
N MET DA 569 43.98 -81.27 86.06
CA MET DA 569 44.70 -81.60 84.81
C MET DA 569 45.63 -82.80 85.03
N ALA DA 570 46.05 -83.53 83.98
CA ALA DA 570 46.99 -84.69 84.06
C ALA DA 570 48.43 -84.31 84.47
N THR DA 571 49.02 -85.11 85.36
CA THR DA 571 50.37 -84.84 85.90
C THR DA 571 51.38 -85.93 85.52
N ASN DA 572 51.04 -86.92 84.72
CA ASN DA 572 51.92 -88.10 84.49
C ASN DA 572 51.58 -88.79 83.17
N ASN DA 573 52.39 -89.78 82.80
CA ASN DA 573 52.06 -90.66 81.65
C ASN DA 573 51.74 -92.05 82.22
N GLN DA 574 50.58 -92.62 81.88
CA GLN DA 574 50.17 -93.98 82.31
C GLN DA 574 51.00 -95.06 81.58
N SER DA 575 51.20 -96.21 82.21
CA SER DA 575 51.98 -97.34 81.65
C SER DA 575 51.45 -98.61 82.33
N SER DA 576 51.84 -99.79 81.86
CA SER DA 576 51.42 -101.01 82.60
C SER DA 576 51.98 -100.94 84.02
N THR DA 577 53.21 -100.49 84.22
CA THR DA 577 53.79 -100.25 85.57
C THR DA 577 53.11 -99.11 86.32
N THR DA 578 52.72 -98.01 85.67
CA THR DA 578 52.21 -96.82 86.39
C THR DA 578 50.75 -96.46 86.17
N ALA DA 579 49.99 -96.28 87.26
CA ALA DA 579 48.58 -95.81 87.20
C ALA DA 579 48.49 -94.33 86.81
N PRO DA 580 47.43 -93.90 86.12
CA PRO DA 580 47.22 -92.48 85.81
C PRO DA 580 46.97 -91.54 87.02
N ALA DA 581 47.44 -90.30 86.99
CA ALA DA 581 47.34 -89.32 88.11
C ALA DA 581 46.85 -87.93 87.65
N THR DA 582 46.16 -87.21 88.53
CA THR DA 582 45.68 -85.83 88.24
C THR DA 582 46.11 -84.88 89.33
N GLY DA 583 46.16 -83.58 89.02
CA GLY DA 583 46.41 -82.56 90.05
C GLY DA 583 45.48 -81.37 89.96
N THR DA 584 45.03 -80.81 91.08
CA THR DA 584 44.21 -79.55 91.10
C THR DA 584 45.02 -78.30 90.81
N TYR DA 585 44.42 -77.27 90.24
CA TYR DA 585 45.06 -75.95 89.98
C TYR DA 585 44.33 -74.80 90.78
N ASN DA 586 45.04 -73.79 91.29
CA ASN DA 586 44.46 -72.65 92.07
C ASN DA 586 44.29 -71.39 91.21
N LEU DA 587 44.85 -71.38 90.00
CA LEU DA 587 44.72 -70.22 89.08
C LEU DA 587 44.63 -70.64 87.61
N GLN DA 588 43.88 -69.93 86.79
CA GLN DA 588 43.84 -70.16 85.32
C GLN DA 588 43.54 -68.81 84.66
N GLU DA 589 43.93 -68.62 83.41
CA GLU DA 589 43.79 -67.33 82.72
C GLU DA 589 43.00 -67.58 81.44
N ILE DA 590 42.86 -66.60 80.57
CA ILE DA 590 42.01 -66.68 79.35
C ILE DA 590 42.42 -67.80 78.39
N VAL DA 591 41.42 -68.48 77.85
CA VAL DA 591 41.61 -69.60 76.88
C VAL DA 591 40.64 -69.27 75.73
N PRO DA 592 40.87 -69.72 74.49
CA PRO DA 592 39.90 -69.50 73.42
C PRO DA 592 38.55 -70.20 73.68
N GLY DA 593 37.42 -69.55 73.34
CA GLY DA 593 36.07 -70.06 73.68
C GLY DA 593 35.59 -69.69 75.08
N SER DA 594 36.32 -68.85 75.80
CA SER DA 594 35.99 -68.34 77.16
C SER DA 594 34.84 -67.32 77.17
N VAL DA 595 33.90 -67.47 78.12
CA VAL DA 595 32.73 -66.55 78.30
C VAL DA 595 32.64 -66.17 79.79
N TRP DA 596 32.30 -64.92 80.10
CA TRP DA 596 32.13 -64.45 81.50
C TRP DA 596 31.23 -63.21 81.58
N MET DA 597 30.79 -62.89 82.78
CA MET DA 597 30.02 -61.64 83.05
C MET DA 597 30.88 -60.64 83.87
N GLU DA 598 30.88 -59.37 83.48
CA GLU DA 598 31.58 -58.28 84.23
C GLU DA 598 30.87 -57.93 85.54
N ARG DA 599 31.58 -57.32 86.48
CA ARG DA 599 31.01 -56.87 87.79
C ARG DA 599 29.84 -55.87 87.65
N ASP DA 600 28.84 -56.00 88.50
CA ASP DA 600 27.66 -55.11 88.54
C ASP DA 600 27.92 -53.70 89.07
N VAL DA 601 27.23 -52.71 88.53
CA VAL DA 601 27.24 -51.31 89.08
C VAL DA 601 26.31 -51.16 90.30
N TYR DA 602 26.60 -50.20 91.16
CA TYR DA 602 25.79 -49.92 92.38
C TYR DA 602 25.45 -48.44 92.39
N LEU DA 603 24.35 -48.04 93.03
CA LEU DA 603 23.97 -46.61 93.16
C LEU DA 603 25.07 -45.85 93.95
N GLN DA 604 25.62 -46.43 95.01
CA GLN DA 604 26.78 -45.92 95.81
C GLN DA 604 28.11 -45.90 94.99
N GLY DA 605 28.27 -46.77 94.00
CA GLY DA 605 29.49 -46.89 93.16
C GLY DA 605 29.84 -45.94 92.03
N PRO DA 606 31.10 -46.00 91.52
CA PRO DA 606 31.53 -45.26 90.32
C PRO DA 606 31.09 -45.57 88.88
N ILE DA 607 30.77 -44.57 88.05
CA ILE DA 607 30.49 -44.75 86.58
C ILE DA 607 31.68 -45.10 85.64
N TRP DA 608 32.83 -44.44 85.73
CA TRP DA 608 33.90 -44.59 84.72
C TRP DA 608 35.33 -44.64 85.27
N ALA DA 609 36.27 -45.13 84.46
CA ALA DA 609 37.72 -45.11 84.79
C ALA DA 609 38.47 -44.78 83.49
N LYS DA 610 39.61 -44.11 83.60
CA LYS DA 610 40.48 -43.82 82.43
C LYS DA 610 41.40 -45.01 82.11
N ILE DA 611 41.42 -45.44 80.84
CA ILE DA 611 42.39 -46.46 80.39
C ILE DA 611 43.80 -45.84 80.39
N PRO DA 612 44.83 -46.50 80.97
CA PRO DA 612 46.20 -45.98 80.96
C PRO DA 612 46.90 -46.01 79.61
N GLU DA 613 47.71 -44.99 79.29
CA GLU DA 613 48.34 -44.93 77.94
C GLU DA 613 49.72 -45.63 77.91
N THR DA 614 49.78 -46.87 77.44
CA THR DA 614 51.02 -47.66 77.37
C THR DA 614 51.27 -48.09 75.95
N GLY DA 615 50.26 -48.01 75.10
CA GLY DA 615 50.28 -48.52 73.73
C GLY DA 615 49.85 -49.99 73.62
N ALA DA 616 49.66 -50.73 74.71
CA ALA DA 616 49.15 -52.11 74.66
C ALA DA 616 48.19 -52.43 75.81
N HIS DA 617 47.04 -53.04 75.54
CA HIS DA 617 46.07 -53.45 76.59
C HIS DA 617 45.20 -54.62 76.11
N PHE DA 618 44.60 -55.35 77.03
CA PHE DA 618 43.61 -56.39 76.67
C PHE DA 618 42.28 -56.16 77.37
N HIS DA 619 41.14 -56.19 76.66
CA HIS DA 619 39.76 -56.15 77.24
C HIS DA 619 39.63 -55.09 78.33
N PRO DA 620 39.30 -53.84 77.98
CA PRO DA 620 39.39 -52.74 78.94
C PRO DA 620 38.21 -52.34 79.81
N SER DA 621 37.86 -53.25 80.70
CA SER DA 621 36.75 -53.03 81.64
C SER DA 621 37.36 -52.89 83.04
N PRO DA 622 37.10 -51.78 83.78
CA PRO DA 622 37.72 -51.62 85.09
C PRO DA 622 37.26 -52.59 86.21
N ALA DA 623 38.14 -53.00 87.10
CA ALA DA 623 37.84 -54.01 88.15
C ALA DA 623 36.75 -53.59 89.16
N MET DA 624 36.72 -52.33 89.60
CA MET DA 624 35.71 -51.77 90.53
C MET DA 624 34.32 -51.81 89.86
N GLY DA 625 34.24 -51.65 88.56
CA GLY DA 625 32.97 -51.65 87.79
C GLY DA 625 32.88 -50.46 86.88
N GLY DA 626 31.86 -50.41 86.02
CA GLY DA 626 31.66 -49.26 85.12
C GLY DA 626 32.24 -49.29 83.73
N PHE DA 627 32.43 -48.12 83.14
CA PHE DA 627 32.85 -47.96 81.72
C PHE DA 627 34.30 -47.48 81.63
N GLY DA 628 35.11 -48.17 80.82
CA GLY DA 628 36.52 -47.81 80.60
C GLY DA 628 36.64 -46.93 79.41
N LEU DA 629 37.22 -45.75 79.59
CA LEU DA 629 37.24 -44.75 78.50
C LEU DA 629 38.65 -44.29 78.13
N LYS DA 630 39.00 -44.32 76.86
CA LYS DA 630 40.26 -43.72 76.35
C LYS DA 630 40.27 -42.20 76.56
N HIS DA 631 39.15 -41.53 76.30
CA HIS DA 631 39.03 -40.06 76.49
C HIS DA 631 37.90 -39.77 77.46
N PRO DA 632 38.19 -39.78 78.77
CA PRO DA 632 37.21 -39.55 79.82
C PRO DA 632 36.69 -38.12 80.01
N PRO DA 633 35.56 -37.90 80.71
CA PRO DA 633 35.14 -36.52 80.93
C PRO DA 633 36.29 -35.80 81.68
N PRO DA 634 36.70 -34.60 81.24
CA PRO DA 634 37.89 -33.94 81.78
C PRO DA 634 37.96 -33.35 83.19
N MET DA 635 39.16 -33.29 83.77
CA MET DA 635 39.39 -32.66 85.09
C MET DA 635 39.01 -31.15 85.11
N MET DA 636 38.24 -30.74 86.11
CA MET DA 636 37.79 -29.34 86.25
C MET DA 636 38.45 -28.77 87.53
N LEU DA 637 39.22 -27.71 87.39
CA LEU DA 637 40.05 -27.16 88.50
C LEU DA 637 39.67 -25.71 88.83
N ILE DA 638 39.53 -25.42 90.12
CA ILE DA 638 39.15 -24.07 90.60
C ILE DA 638 40.10 -23.60 91.71
N LYS DA 639 40.50 -22.34 91.67
CA LYS DA 639 41.33 -21.76 92.77
C LYS DA 639 40.87 -20.35 93.16
N ASN DA 640 41.18 -19.93 94.37
CA ASN DA 640 40.98 -18.51 94.79
C ASN DA 640 42.21 -17.72 94.39
N THR DA 641 42.07 -16.59 93.71
CA THR DA 641 43.21 -15.72 93.34
C THR DA 641 43.87 -15.13 94.59
N PRO DA 642 45.22 -15.15 94.68
CA PRO DA 642 45.92 -14.49 95.77
C PRO DA 642 45.64 -12.99 95.86
N VAL DA 643 45.25 -12.53 97.04
CA VAL DA 643 45.07 -11.07 97.24
C VAL DA 643 46.09 -10.65 98.32
N PRO DA 644 47.05 -9.78 97.99
CA PRO DA 644 48.06 -9.34 98.96
C PRO DA 644 47.74 -8.45 100.18
N GLY DA 645 48.45 -8.64 101.30
CA GLY DA 645 48.40 -7.78 102.50
C GLY DA 645 49.22 -6.53 102.30
N ASN DA 646 49.20 -5.57 103.22
CA ASN DA 646 49.88 -4.27 102.96
C ASN DA 646 51.39 -4.41 102.81
N ILE DA 647 51.95 -3.90 101.70
CA ILE DA 647 53.43 -3.97 101.47
C ILE DA 647 53.90 -2.52 101.30
N THR DA 648 54.89 -2.08 102.05
CA THR DA 648 55.33 -0.66 102.02
C THR DA 648 56.70 -0.49 101.39
N SER DA 649 57.44 -1.57 101.18
CA SER DA 649 58.83 -1.49 100.65
C SER DA 649 59.06 -2.49 99.52
N PHE DA 650 59.98 -2.21 98.60
CA PHE DA 650 60.36 -3.13 97.51
C PHE DA 650 61.29 -4.29 97.93
N SER DA 651 61.01 -5.51 97.46
CA SER DA 651 61.96 -6.63 97.61
C SER DA 651 61.94 -7.48 96.34
N ASP DA 652 63.07 -8.04 95.93
CA ASP DA 652 63.14 -9.08 94.87
C ASP DA 652 62.45 -10.35 95.40
N VAL DA 653 62.58 -10.65 96.69
CA VAL DA 653 61.96 -11.84 97.32
C VAL DA 653 60.43 -11.80 97.21
N PRO DA 654 59.76 -12.90 96.78
CA PRO DA 654 58.31 -12.95 96.63
C PRO DA 654 57.46 -12.73 97.87
N VAL DA 655 56.31 -12.08 97.69
CA VAL DA 655 55.39 -11.80 98.84
C VAL DA 655 54.83 -13.10 99.45
N SER DA 656 54.87 -13.19 100.77
CA SER DA 656 54.35 -14.33 101.54
C SER DA 656 53.16 -13.90 102.42
N SER DA 657 52.73 -12.64 102.35
CA SER DA 657 51.64 -12.12 103.23
C SER DA 657 50.40 -11.80 102.38
N PHE DA 658 49.29 -12.43 102.71
CA PHE DA 658 48.05 -12.32 101.89
C PHE DA 658 46.85 -12.18 102.77
N ILE DA 659 45.81 -11.51 102.32
CA ILE DA 659 44.52 -11.50 103.09
C ILE DA 659 43.84 -12.91 103.07
N THR DA 660 43.26 -13.38 104.18
CA THR DA 660 42.58 -14.71 104.27
C THR DA 660 41.18 -14.69 103.65
N GLN DA 661 40.90 -15.62 102.72
CA GLN DA 661 39.65 -15.62 101.93
C GLN DA 661 39.10 -17.03 101.61
N TYR DA 662 37.80 -17.16 101.33
CA TYR DA 662 37.16 -18.45 100.93
C TYR DA 662 36.10 -18.13 99.88
N SER DA 663 35.71 -19.12 99.09
CA SER DA 663 34.64 -18.93 98.06
C SER DA 663 33.48 -19.93 98.20
N THR DA 664 32.30 -19.53 97.73
CA THR DA 664 31.09 -20.38 97.75
C THR DA 664 30.28 -20.18 96.47
N GLY DA 665 29.50 -21.17 96.04
CA GLY DA 665 28.64 -21.05 94.85
C GLY DA 665 27.74 -22.24 94.58
N GLN DA 666 27.13 -22.28 93.41
CA GLN DA 666 26.27 -23.40 92.93
C GLN DA 666 26.82 -24.08 91.65
N VAL DA 667 26.70 -25.41 91.57
CA VAL DA 667 27.13 -26.18 90.37
C VAL DA 667 25.94 -27.02 89.82
N THR DA 668 25.72 -27.03 88.52
CA THR DA 668 24.70 -27.88 87.88
C THR DA 668 25.35 -28.88 86.91
N VAL DA 669 24.99 -30.17 86.99
CA VAL DA 669 25.43 -31.22 86.01
C VAL DA 669 24.22 -31.85 85.29
N GLU DA 670 24.23 -31.89 83.96
CA GLU DA 670 23.16 -32.51 83.15
C GLU DA 670 23.76 -33.68 82.35
N MET DA 671 23.14 -34.86 82.46
CA MET DA 671 23.63 -36.08 81.76
C MET DA 671 22.53 -36.77 80.95
N GLU DA 672 22.90 -37.26 79.77
CA GLU DA 672 21.96 -38.03 78.91
C GLU DA 672 22.36 -39.52 78.89
N TRP DA 673 21.38 -40.40 79.00
CA TRP DA 673 21.61 -41.85 79.04
C TRP DA 673 20.80 -42.58 77.96
N GLU DA 674 21.40 -43.58 77.33
CA GLU DA 674 20.68 -44.44 76.34
C GLU DA 674 20.26 -45.75 77.01
N LEU DA 675 19.03 -46.18 76.79
CA LEU DA 675 18.44 -47.38 77.43
C LEU DA 675 18.20 -48.53 76.45
N LYS DA 676 18.43 -49.76 76.88
CA LYS DA 676 18.07 -50.95 76.07
C LYS DA 676 16.84 -51.63 76.70
N LYS DA 677 15.75 -51.75 75.94
CA LYS DA 677 14.49 -52.40 76.38
C LYS DA 677 14.50 -53.94 76.52
N GLU DA 678 13.80 -54.45 77.53
CA GLU DA 678 13.59 -55.91 77.68
C GLU DA 678 12.65 -56.45 76.58
N ASN DA 679 12.91 -57.64 76.04
CA ASN DA 679 12.07 -58.32 75.00
C ASN DA 679 11.77 -59.76 75.45
N SER DA 680 11.48 -60.01 76.73
CA SER DA 680 11.29 -61.37 77.30
C SER DA 680 10.02 -62.13 76.88
N LYS DA 681 10.11 -63.45 76.70
CA LYS DA 681 8.95 -64.33 76.44
C LYS DA 681 8.63 -65.20 77.68
N ARG DA 682 9.25 -64.98 78.84
CA ARG DA 682 8.98 -65.70 80.13
C ARG DA 682 7.54 -65.52 80.68
N TRP DA 683 6.76 -66.59 80.78
CA TRP DA 683 5.36 -66.60 81.26
C TRP DA 683 5.15 -66.24 82.74
N ASN DA 684 5.97 -66.79 83.60
CA ASN DA 684 5.91 -66.59 85.07
C ASN DA 684 6.48 -65.23 85.50
N PRO DA 685 6.03 -64.71 86.67
CA PRO DA 685 6.58 -63.47 87.21
C PRO DA 685 8.05 -63.44 87.69
N GLU DA 686 8.75 -62.36 87.40
CA GLU DA 686 10.16 -62.08 87.79
C GLU DA 686 10.45 -61.49 89.19
N ILE DA 687 11.70 -61.60 89.64
CA ILE DA 687 12.22 -60.91 90.87
C ILE DA 687 12.36 -59.39 90.62
N GLN DA 688 12.02 -58.56 91.60
CA GLN DA 688 12.07 -57.07 91.53
C GLN DA 688 12.60 -56.45 92.82
N TYR DA 689 13.30 -55.32 92.77
CA TYR DA 689 13.67 -54.57 94.00
C TYR DA 689 12.40 -53.91 94.58
N THR DA 690 12.20 -54.06 95.88
CA THR DA 690 10.99 -53.52 96.53
C THR DA 690 11.37 -52.88 97.84
N ASN DA 691 10.55 -51.94 98.32
CA ASN DA 691 10.74 -51.40 99.68
C ASN DA 691 10.01 -52.38 100.59
N ASN DA 692 10.73 -53.17 101.36
CA ASN DA 692 10.14 -54.25 102.17
C ASN DA 692 10.88 -54.30 103.51
N TYR DA 693 10.17 -54.03 104.59
CA TYR DA 693 10.80 -53.93 105.93
C TYR DA 693 9.80 -54.50 106.91
N ASN DA 694 10.24 -55.16 107.97
CA ASN DA 694 9.29 -55.64 109.00
C ASN DA 694 9.31 -54.73 110.24
N ASP DA 695 8.16 -54.17 110.65
CA ASP DA 695 8.02 -53.23 111.82
C ASP DA 695 8.99 -52.04 111.77
N PRO DA 696 9.08 -51.27 110.66
CA PRO DA 696 10.08 -50.20 110.58
C PRO DA 696 10.02 -49.03 111.58
N GLN DA 697 11.17 -48.63 112.14
CA GLN DA 697 11.23 -47.51 113.11
C GLN DA 697 11.63 -46.20 112.43
N PHE DA 698 11.97 -46.25 111.15
CA PHE DA 698 12.41 -45.06 110.38
C PHE DA 698 12.11 -45.37 108.95
N VAL DA 699 12.09 -44.36 108.11
CA VAL DA 699 12.00 -44.61 106.65
C VAL DA 699 13.43 -44.59 106.11
N ASP DA 700 13.84 -45.63 105.41
CA ASP DA 700 15.14 -45.69 104.70
C ASP DA 700 15.15 -44.72 103.51
N PHE DA 701 16.33 -44.17 103.13
CA PHE DA 701 16.51 -43.14 102.06
C PHE DA 701 15.76 -41.85 102.36
N ALA DA 702 15.74 -41.45 103.62
CA ALA DA 702 15.06 -40.24 104.10
C ALA DA 702 15.87 -39.62 105.23
N PRO DA 703 15.69 -38.31 105.54
CA PRO DA 703 16.29 -37.72 106.73
C PRO DA 703 15.73 -38.19 108.09
N ASP DA 704 16.55 -38.18 109.13
CA ASP DA 704 16.06 -38.53 110.50
C ASP DA 704 15.67 -37.29 111.34
N SER DA 705 15.39 -37.49 112.62
CA SER DA 705 14.96 -36.38 113.53
C SER DA 705 16.06 -35.30 113.63
N THR DA 706 17.34 -35.66 113.66
CA THR DA 706 18.50 -34.72 113.60
C THR DA 706 18.73 -34.12 112.23
N GLY DA 707 18.15 -34.64 111.14
CA GLY DA 707 18.42 -34.20 109.77
C GLY DA 707 19.48 -34.96 108.99
N GLU DA 708 19.99 -36.06 109.50
CA GLU DA 708 21.01 -36.90 108.81
C GLU DA 708 20.35 -37.97 107.90
N TYR DA 709 20.79 -38.05 106.63
CA TYR DA 709 20.28 -39.03 105.63
C TYR DA 709 20.65 -40.47 105.98
N ARG DA 710 19.72 -41.39 105.76
CA ARG DA 710 19.93 -42.82 106.09
C ARG DA 710 19.90 -43.64 104.81
N SER DA 711 20.92 -44.47 104.56
CA SER DA 711 21.01 -45.37 103.38
C SER DA 711 21.47 -46.77 103.82
N THR DA 712 20.64 -47.59 104.43
CA THR DA 712 20.93 -48.95 104.98
C THR DA 712 21.34 -50.00 103.93
N ARG DA 713 20.80 -50.01 102.72
CA ARG DA 713 21.04 -51.11 101.75
C ARG DA 713 21.82 -50.76 100.47
N PRO DA 714 22.79 -51.58 100.01
CA PRO DA 714 23.41 -51.42 98.70
C PRO DA 714 22.52 -51.85 97.51
N ILE DA 715 22.44 -51.10 96.40
CA ILE DA 715 21.52 -51.58 95.32
C ILE DA 715 22.24 -51.85 93.99
N GLY DA 716 22.14 -53.08 93.49
CA GLY DA 716 22.66 -53.54 92.19
C GLY DA 716 21.68 -53.35 91.07
N THR DA 717 22.08 -53.68 89.85
CA THR DA 717 21.20 -53.58 88.67
C THR DA 717 20.56 -54.87 88.16
N ARG DA 718 20.89 -56.08 88.64
CA ARG DA 718 20.38 -57.33 87.97
C ARG DA 718 19.18 -58.01 88.67
N TYR DA 719 17.97 -57.79 88.16
CA TYR DA 719 16.72 -58.39 88.72
C TYR DA 719 16.02 -59.15 87.62
N LEU DA 720 16.17 -58.70 86.39
CA LEU DA 720 15.60 -59.37 85.18
C LEU DA 720 16.44 -60.59 84.79
N THR DA 721 15.83 -61.52 84.09
CA THR DA 721 16.47 -62.80 83.72
C THR DA 721 16.40 -62.98 82.22
N ARG DA 722 17.43 -63.58 81.65
CA ARG DA 722 17.43 -63.91 80.20
C ARG DA 722 17.96 -65.32 79.97
N PRO DA 723 17.48 -66.07 78.94
CA PRO DA 723 18.09 -67.34 78.55
C PRO DA 723 19.48 -67.18 77.89
N LEU DA 724 20.37 -68.16 78.03
CA LEU DA 724 21.75 -68.06 77.48
C LEU DA 724 21.74 -68.06 75.94
N ASP EA 209 -4.23 -75.18 48.67
CA ASP EA 209 -5.18 -75.31 47.52
C ASP EA 209 -6.12 -76.51 47.72
N GLY EA 210 -5.65 -77.76 47.58
CA GLY EA 210 -6.61 -78.88 47.58
C GLY EA 210 -6.14 -80.24 48.03
N VAL EA 211 -7.08 -81.16 48.28
CA VAL EA 211 -6.78 -82.57 48.64
C VAL EA 211 -6.03 -83.30 47.51
N GLY EA 212 -6.34 -83.06 46.25
CA GLY EA 212 -5.75 -83.77 45.10
C GLY EA 212 -4.55 -83.09 44.50
N ASN EA 213 -4.09 -81.97 45.05
CA ASN EA 213 -3.00 -81.20 44.42
C ASN EA 213 -1.75 -81.21 45.30
N ALA EA 214 -0.58 -81.50 44.71
CA ALA EA 214 0.70 -81.50 45.46
C ALA EA 214 1.24 -80.09 45.75
N SER EA 215 1.61 -79.81 46.99
CA SER EA 215 2.21 -78.54 47.52
C SER EA 215 3.63 -78.22 47.00
N GLY EA 216 4.49 -79.22 46.80
CA GLY EA 216 5.87 -79.04 46.33
C GLY EA 216 6.49 -80.24 45.63
N ASP EA 217 7.71 -80.08 45.12
CA ASP EA 217 8.47 -81.13 44.38
C ASP EA 217 9.81 -81.50 45.03
N TRP EA 218 10.34 -82.68 44.73
CA TRP EA 218 11.64 -83.17 45.26
C TRP EA 218 12.85 -82.51 44.59
N HIS EA 219 13.71 -81.89 45.38
CA HIS EA 219 14.98 -81.33 44.85
C HIS EA 219 16.18 -81.85 45.65
N CYS EA 220 17.05 -82.68 45.08
CA CYS EA 220 18.31 -83.09 45.75
C CYS EA 220 19.44 -82.87 44.74
N ASP EA 221 20.28 -81.85 44.94
CA ASP EA 221 21.32 -81.51 43.91
C ASP EA 221 22.49 -80.67 44.40
N SER EA 222 23.61 -80.64 43.68
CA SER EA 222 24.74 -79.71 43.94
C SER EA 222 25.05 -78.96 42.64
N THR EA 223 25.22 -77.64 42.67
CA THR EA 223 25.65 -76.86 41.49
C THR EA 223 26.92 -76.11 41.83
N TRP EA 224 27.97 -76.24 41.02
CA TRP EA 224 29.27 -75.56 41.23
C TRP EA 224 29.42 -74.45 40.19
N MET EA 225 29.61 -73.22 40.63
CA MET EA 225 29.73 -72.04 39.73
C MET EA 225 30.90 -71.13 40.12
N GLY EA 226 32.15 -71.45 39.79
CA GLY EA 226 33.31 -70.63 40.22
C GLY EA 226 33.50 -70.60 41.72
N ASP EA 227 33.46 -69.42 42.34
CA ASP EA 227 33.65 -69.22 43.81
C ASP EA 227 32.45 -69.71 44.66
N ARG EA 228 31.30 -70.03 44.06
CA ARG EA 228 30.08 -70.42 44.80
C ARG EA 228 29.62 -71.87 44.55
N VAL EA 229 29.19 -72.58 45.59
CA VAL EA 229 28.55 -73.92 45.44
C VAL EA 229 27.16 -73.84 46.12
N VAL EA 230 26.10 -74.33 45.47
CA VAL EA 230 24.72 -74.40 46.05
C VAL EA 230 24.34 -75.87 46.33
N THR EA 231 23.89 -76.17 47.54
CA THR EA 231 23.45 -77.54 47.91
C THR EA 231 21.94 -77.60 48.16
N LYS EA 232 21.24 -78.58 47.58
CA LYS EA 232 19.79 -78.81 47.81
C LYS EA 232 19.58 -80.19 48.41
N SER EA 233 18.80 -80.32 49.48
CA SER EA 233 18.52 -81.60 50.17
C SER EA 233 17.04 -81.77 50.46
N THR EA 234 16.44 -82.91 50.11
CA THR EA 234 15.02 -83.21 50.41
C THR EA 234 14.91 -84.50 51.23
N ARG EA 235 14.10 -84.49 52.29
CA ARG EA 235 13.85 -85.69 53.14
C ARG EA 235 12.35 -85.88 53.49
N THR EA 236 11.97 -87.09 53.88
CA THR EA 236 10.62 -87.43 54.36
C THR EA 236 10.67 -87.60 55.88
N TRP EA 237 9.78 -86.94 56.62
CA TRP EA 237 9.75 -86.95 58.11
C TRP EA 237 8.41 -87.46 58.70
N VAL EA 238 8.45 -87.97 59.91
CA VAL EA 238 7.25 -88.39 60.69
C VAL EA 238 7.19 -87.61 62.02
N LEU EA 239 6.01 -87.12 62.40
CA LEU EA 239 5.84 -86.45 63.72
C LEU EA 239 4.89 -87.17 64.68
N PRO EA 240 5.37 -87.62 65.86
CA PRO EA 240 4.52 -88.16 66.91
C PRO EA 240 3.74 -87.11 67.71
N SER EA 241 2.63 -87.49 68.34
CA SER EA 241 1.97 -86.53 69.27
C SER EA 241 2.61 -86.71 70.67
N TYR EA 242 3.64 -85.93 71.00
CA TYR EA 242 4.42 -86.08 72.25
C TYR EA 242 3.74 -85.55 73.51
N ASN EA 243 3.74 -86.33 74.60
CA ASN EA 243 3.24 -85.87 75.94
C ASN EA 243 1.72 -85.93 76.00
N ASN EA 244 1.04 -86.46 74.97
CA ASN EA 244 -0.45 -86.47 74.87
C ASN EA 244 -1.01 -85.05 75.00
N HIS EA 245 -0.42 -84.06 74.32
CA HIS EA 245 -0.90 -82.64 74.30
C HIS EA 245 -0.65 -81.87 75.61
N GLN EA 246 0.33 -82.27 76.40
CA GLN EA 246 0.58 -81.64 77.72
C GLN EA 246 2.04 -81.20 77.93
N TYR EA 247 2.29 -80.26 78.83
CA TYR EA 247 3.64 -79.78 79.20
C TYR EA 247 3.96 -80.43 80.52
N ARG EA 248 5.14 -81.02 80.65
CA ARG EA 248 5.50 -81.75 81.90
C ARG EA 248 6.76 -81.21 82.58
N GLU EA 249 6.71 -81.01 83.90
CA GLU EA 249 7.92 -80.64 84.64
C GLU EA 249 8.86 -81.86 84.75
N ILE EA 250 10.14 -81.68 84.44
CA ILE EA 250 11.13 -82.78 84.41
C ILE EA 250 12.31 -82.41 85.34
N LYS EA 251 12.89 -83.38 86.03
CA LYS EA 251 13.95 -83.05 87.02
C LYS EA 251 14.84 -84.26 87.28
N SER EA 252 16.07 -84.01 87.72
CA SER EA 252 16.94 -85.13 88.15
C SER EA 252 17.75 -84.82 89.42
N GLY EA 253 17.98 -85.80 90.27
CA GLY EA 253 18.95 -85.73 91.39
C GLY EA 253 20.32 -86.28 90.92
N SER EA 254 21.27 -86.49 91.82
CA SER EA 254 22.62 -87.06 91.49
C SER EA 254 22.52 -88.50 90.93
N VAL EA 255 23.28 -88.80 89.87
CA VAL EA 255 23.21 -90.14 89.19
C VAL EA 255 24.64 -90.56 88.81
N ASP EA 256 24.96 -91.85 88.88
CA ASP EA 256 26.31 -92.40 88.53
C ASP EA 256 27.37 -91.77 89.45
N GLY EA 257 26.99 -91.43 90.67
CA GLY EA 257 27.91 -90.79 91.62
C GLY EA 257 28.10 -89.30 91.45
N SER EA 258 27.38 -88.60 90.55
CA SER EA 258 27.69 -87.16 90.36
C SER EA 258 26.53 -86.17 90.53
N ASN EA 259 26.71 -85.12 91.32
CA ASN EA 259 25.72 -83.98 91.48
C ASN EA 259 25.69 -83.07 90.24
N ALA EA 260 26.70 -83.09 89.36
CA ALA EA 260 26.77 -82.34 88.08
C ALA EA 260 25.64 -82.83 87.16
N ASN EA 261 25.21 -84.07 87.35
CA ASN EA 261 24.04 -84.71 86.68
C ASN EA 261 22.69 -84.07 87.04
N ALA EA 262 22.46 -83.54 88.25
CA ALA EA 262 21.19 -82.90 88.70
C ALA EA 262 20.74 -81.69 87.86
N TYR EA 263 19.44 -81.59 87.57
CA TYR EA 263 18.83 -80.50 86.75
C TYR EA 263 17.34 -80.31 87.08
N PHE EA 264 16.77 -79.16 86.75
CA PHE EA 264 15.32 -78.86 86.83
C PHE EA 264 14.91 -78.34 85.42
N GLY EA 265 13.81 -78.82 84.86
CA GLY EA 265 13.39 -78.47 83.48
C GLY EA 265 11.96 -78.73 83.06
N TYR EA 266 11.63 -78.38 81.82
CA TYR EA 266 10.29 -78.65 81.22
C TYR EA 266 10.37 -79.51 79.93
N SER EA 267 9.45 -80.46 79.74
CA SER EA 267 9.30 -81.21 78.45
C SER EA 267 8.06 -80.66 77.74
N THR EA 268 8.08 -80.61 76.42
CA THR EA 268 7.00 -79.94 75.66
C THR EA 268 6.33 -80.85 74.64
N PRO EA 269 5.09 -80.54 74.21
CA PRO EA 269 4.38 -81.26 73.14
C PRO EA 269 4.98 -81.15 71.73
N TRP EA 270 5.74 -80.11 71.42
CA TRP EA 270 6.39 -79.81 70.12
C TRP EA 270 7.63 -80.63 69.71
N GLY EA 271 7.90 -80.63 68.41
CA GLY EA 271 9.09 -81.25 67.80
C GLY EA 271 9.80 -80.21 66.96
N TYR EA 272 11.06 -80.44 66.67
CA TYR EA 272 11.88 -79.43 65.92
C TYR EA 272 12.69 -80.06 64.78
N PHE EA 273 13.08 -79.25 63.79
CA PHE EA 273 13.93 -79.68 62.66
C PHE EA 273 15.39 -79.21 62.89
N ASP EA 274 16.38 -80.11 62.82
CA ASP EA 274 17.82 -79.82 62.99
C ASP EA 274 18.61 -80.16 61.71
N PHE EA 275 19.35 -79.19 61.16
CA PHE EA 275 20.22 -79.43 59.97
C PHE EA 275 21.72 -79.19 60.27
N ASN EA 276 22.18 -79.11 61.54
CA ASN EA 276 23.60 -78.76 61.82
C ASN EA 276 24.54 -79.99 61.74
N ARG EA 277 24.59 -80.67 60.60
CA ARG EA 277 25.56 -81.76 60.31
C ARG EA 277 25.92 -81.58 58.81
N PHE EA 278 27.18 -81.75 58.42
CA PHE EA 278 27.65 -81.62 57.00
C PHE EA 278 27.03 -82.69 56.05
N HIS EA 279 26.87 -83.94 56.48
CA HIS EA 279 26.34 -85.10 55.70
C HIS EA 279 24.87 -84.81 55.30
N SER EA 280 24.16 -83.96 56.04
CA SER EA 280 22.78 -83.48 55.71
C SER EA 280 22.77 -82.71 54.38
N HIS EA 281 23.79 -81.93 54.07
CA HIS EA 281 23.92 -81.14 52.81
C HIS EA 281 24.92 -81.69 51.78
N TRP EA 282 25.84 -82.58 52.14
CA TRP EA 282 26.95 -82.95 51.25
C TRP EA 282 27.04 -84.44 50.94
N SER EA 283 27.12 -84.78 49.65
CA SER EA 283 27.40 -86.18 49.23
C SER EA 283 28.88 -86.49 49.54
N PRO EA 284 29.24 -87.78 49.72
CA PRO EA 284 30.64 -88.11 49.92
C PRO EA 284 31.54 -87.75 48.74
N ARG EA 285 31.11 -87.92 47.48
CA ARG EA 285 31.88 -87.45 46.30
C ARG EA 285 32.05 -85.91 46.25
N ASP EA 286 31.02 -85.14 46.56
CA ASP EA 286 31.06 -83.64 46.60
C ASP EA 286 32.03 -83.13 47.68
N TRP EA 287 32.04 -83.79 48.83
CA TRP EA 287 32.98 -83.46 49.94
C TRP EA 287 34.44 -83.70 49.51
N GLN EA 288 34.74 -84.76 48.79
CA GLN EA 288 36.08 -85.08 48.22
C GLN EA 288 36.53 -84.01 47.23
N ARG EA 289 35.62 -83.52 46.39
CA ARG EA 289 35.94 -82.45 45.43
C ARG EA 289 36.34 -81.15 46.15
N LEU EA 290 35.65 -80.75 47.21
CA LEU EA 290 36.06 -79.58 48.02
C LEU EA 290 37.39 -79.69 48.81
N ILE EA 291 37.65 -80.80 49.49
CA ILE EA 291 38.86 -81.01 50.34
C ILE EA 291 40.14 -81.05 49.49
N ASN EA 292 40.07 -81.67 48.33
CA ASN EA 292 41.16 -81.77 47.32
C ASN EA 292 41.57 -80.43 46.67
N ASN EA 293 40.63 -79.51 46.38
CA ASN EA 293 40.91 -78.31 45.54
C ASN EA 293 40.81 -76.90 46.14
N TYR EA 294 40.45 -76.71 47.39
CA TYR EA 294 40.19 -75.36 47.94
C TYR EA 294 40.90 -75.06 49.26
N TRP EA 295 41.44 -73.86 49.43
CA TRP EA 295 42.00 -73.38 50.73
C TRP EA 295 40.96 -73.18 51.86
N GLY EA 296 39.77 -72.68 51.54
CA GLY EA 296 38.75 -72.38 52.56
C GLY EA 296 37.32 -72.36 52.08
N PHE EA 297 36.38 -72.45 53.01
CA PHE EA 297 34.92 -72.35 52.69
C PHE EA 297 34.16 -71.61 53.81
N ARG EA 298 33.04 -70.96 53.52
CA ARG EA 298 32.13 -70.33 54.55
C ARG EA 298 30.64 -70.39 54.14
N PRO EA 299 29.65 -70.50 55.06
CA PRO EA 299 28.21 -70.36 54.73
C PRO EA 299 27.68 -68.94 54.42
N ARG EA 300 26.75 -68.79 53.48
CA ARG EA 300 26.22 -67.46 53.08
C ARG EA 300 24.69 -67.35 53.25
N SER EA 301 23.92 -68.29 52.72
CA SER EA 301 22.44 -68.19 52.74
C SER EA 301 21.74 -69.53 53.03
N LEU EA 302 20.56 -69.47 53.65
CA LEU EA 302 19.73 -70.67 53.91
C LEU EA 302 18.25 -70.47 53.47
N ARG EA 303 17.63 -71.44 52.79
CA ARG EA 303 16.17 -71.44 52.45
C ARG EA 303 15.52 -72.77 52.92
N VAL EA 304 14.38 -72.69 53.61
CA VAL EA 304 13.64 -73.91 54.09
C VAL EA 304 12.16 -73.96 53.60
N LYS EA 305 11.71 -75.10 53.08
CA LYS EA 305 10.28 -75.33 52.70
C LYS EA 305 9.71 -76.61 53.36
N ILE EA 306 8.50 -76.53 53.94
CA ILE EA 306 7.76 -77.71 54.51
C ILE EA 306 6.47 -77.90 53.69
N PHE EA 307 6.18 -79.11 53.18
CA PHE EA 307 5.10 -79.35 52.18
C PHE EA 307 4.57 -80.80 52.15
N ASN EA 308 3.49 -81.08 51.41
CA ASN EA 308 2.84 -82.43 51.22
C ASN EA 308 2.40 -83.04 52.55
N ILE EA 309 1.82 -82.23 53.40
CA ILE EA 309 1.37 -82.65 54.76
C ILE EA 309 0.24 -83.70 54.73
N GLN EA 310 0.34 -84.73 55.58
CA GLN EA 310 -0.69 -85.78 55.69
C GLN EA 310 -0.93 -86.11 57.18
N VAL EA 311 -2.16 -85.94 57.64
CA VAL EA 311 -2.54 -86.20 59.06
C VAL EA 311 -3.33 -87.51 59.10
N LYS EA 312 -2.95 -88.42 60.00
CA LYS EA 312 -3.56 -89.75 60.13
C LYS EA 312 -4.15 -89.99 61.52
N GLU EA 313 -5.30 -90.65 61.60
CA GLU EA 313 -5.92 -90.99 62.91
C GLU EA 313 -5.78 -92.50 63.14
N VAL EA 314 -5.39 -92.88 64.35
CA VAL EA 314 -5.16 -94.31 64.69
C VAL EA 314 -6.26 -94.71 65.68
N THR EA 315 -6.95 -95.81 65.41
CA THR EA 315 -8.05 -96.28 66.28
C THR EA 315 -7.84 -97.73 66.63
N VAL EA 316 -8.07 -98.10 67.88
CA VAL EA 316 -8.00 -99.55 68.23
C VAL EA 316 -9.35 -100.08 68.72
N GLN EA 317 -9.89 -101.13 68.11
CA GLN EA 317 -11.10 -101.80 68.66
C GLN EA 317 -10.73 -103.28 68.82
N ASP EA 318 -10.72 -103.79 70.05
CA ASP EA 318 -10.46 -105.25 70.28
C ASP EA 318 -9.13 -105.65 69.61
N SER EA 319 -8.10 -104.80 69.65
CA SER EA 319 -6.73 -105.15 69.15
C SER EA 319 -6.55 -105.05 67.61
N THR EA 320 -7.55 -104.59 66.84
CA THR EA 320 -7.39 -104.38 65.37
C THR EA 320 -6.37 -103.32 64.95
N THR EA 321 -6.25 -102.17 65.62
CA THR EA 321 -5.34 -101.04 65.21
C THR EA 321 -5.50 -100.50 63.77
N THR EA 322 -6.69 -100.14 63.29
CA THR EA 322 -6.88 -99.46 61.98
C THR EA 322 -6.28 -98.04 61.90
N ILE EA 323 -5.72 -97.65 60.76
CA ILE EA 323 -5.16 -96.29 60.50
C ILE EA 323 -5.89 -95.61 59.33
N ALA EA 324 -6.30 -94.35 59.47
CA ALA EA 324 -7.06 -93.62 58.42
C ALA EA 324 -6.64 -92.17 58.26
N ASN EA 325 -6.84 -91.59 57.08
CA ASN EA 325 -6.61 -90.15 56.84
C ASN EA 325 -7.64 -89.23 57.49
N ASN EA 326 -7.22 -88.12 58.10
CA ASN EA 326 -8.18 -87.08 58.55
C ASN EA 326 -7.89 -85.83 57.73
N LEU EA 327 -8.76 -85.47 56.79
CA LEU EA 327 -8.64 -84.29 55.88
C LEU EA 327 -8.69 -82.92 56.57
N THR EA 328 -9.54 -82.79 57.58
CA THR EA 328 -9.80 -81.47 58.25
C THR EA 328 -8.82 -81.17 59.41
N SER EA 329 -7.94 -82.10 59.80
CA SER EA 329 -6.91 -81.87 60.87
C SER EA 329 -5.76 -80.91 60.47
N THR EA 330 -5.16 -80.23 61.44
CA THR EA 330 -4.10 -79.20 61.17
C THR EA 330 -2.76 -79.48 61.84
N VAL EA 331 -1.72 -78.91 61.29
CA VAL EA 331 -0.34 -78.93 61.89
C VAL EA 331 0.01 -77.45 62.16
N GLN EA 332 0.75 -77.15 63.23
CA GLN EA 332 1.18 -75.76 63.60
C GLN EA 332 2.71 -75.56 63.51
N VAL EA 333 3.17 -74.52 62.81
CA VAL EA 333 4.61 -74.26 62.54
C VAL EA 333 5.03 -72.81 62.88
N PHE EA 334 6.19 -72.61 63.51
CA PHE EA 334 6.76 -71.25 63.78
C PHE EA 334 8.32 -71.24 63.81
N THR EA 335 8.91 -70.07 63.61
CA THR EA 335 10.38 -69.87 63.73
C THR EA 335 10.66 -68.87 64.86
N ASP EA 336 11.62 -69.16 65.74
CA ASP EA 336 12.02 -68.24 66.85
C ASP EA 336 13.05 -67.20 66.40
N ASP EA 337 12.62 -66.18 65.69
CA ASP EA 337 13.49 -65.12 65.08
C ASP EA 337 14.28 -64.22 66.06
N ASP EA 338 13.71 -63.83 67.20
CA ASP EA 338 14.34 -62.91 68.20
C ASP EA 338 15.12 -63.65 69.29
N TYR EA 339 15.24 -64.97 69.25
CA TYR EA 339 16.06 -65.81 70.19
C TYR EA 339 15.53 -65.74 71.63
N GLN EA 340 14.24 -65.57 71.80
CA GLN EA 340 13.56 -65.58 73.11
C GLN EA 340 13.64 -66.96 73.78
N LEU EA 341 13.49 -68.03 73.04
CA LEU EA 341 13.58 -69.41 73.57
C LEU EA 341 15.00 -69.90 73.84
N PRO EA 342 15.18 -70.85 74.77
CA PRO EA 342 16.48 -71.49 74.90
C PRO EA 342 16.89 -72.25 73.61
N TYR EA 343 18.12 -72.10 73.13
CA TYR EA 343 18.58 -72.71 71.84
C TYR EA 343 19.35 -74.01 72.11
N VAL EA 344 18.77 -75.12 71.71
CA VAL EA 344 19.35 -76.45 72.00
C VAL EA 344 20.02 -77.06 70.76
N VAL EA 345 19.98 -76.38 69.60
CA VAL EA 345 20.49 -76.91 68.29
C VAL EA 345 22.02 -77.18 68.23
N GLY EA 346 22.90 -76.42 68.84
CA GLY EA 346 24.38 -76.52 68.64
C GLY EA 346 25.17 -77.36 69.64
N ASN EA 347 24.57 -78.33 70.31
CA ASN EA 347 25.15 -79.12 71.43
C ASN EA 347 25.51 -80.58 71.09
N GLY EA 348 25.71 -80.98 69.82
CA GLY EA 348 26.06 -82.34 69.37
C GLY EA 348 25.06 -83.44 69.64
N THR EA 349 23.78 -83.13 69.52
CA THR EA 349 22.68 -84.07 69.79
C THR EA 349 22.12 -84.71 68.53
N GLU EA 350 21.55 -85.90 68.66
CA GLU EA 350 20.90 -86.67 67.58
C GLU EA 350 19.53 -86.13 67.11
N GLY EA 351 19.02 -86.56 65.97
CA GLY EA 351 17.77 -86.03 65.36
C GLY EA 351 17.90 -85.12 64.16
N CYS EA 352 19.09 -84.91 63.61
CA CYS EA 352 19.31 -84.13 62.35
C CYS EA 352 18.86 -84.91 61.11
N LEU EA 353 18.68 -84.23 59.98
CA LEU EA 353 18.30 -84.90 58.71
C LEU EA 353 19.37 -85.95 58.35
N PRO EA 354 18.94 -87.11 57.85
CA PRO EA 354 19.88 -88.18 57.53
C PRO EA 354 20.92 -88.00 56.40
N ALA EA 355 22.07 -88.66 56.50
CA ALA EA 355 23.15 -88.63 55.47
C ALA EA 355 22.66 -89.20 54.13
N PHE EA 356 21.85 -90.27 54.13
CA PHE EA 356 21.39 -90.94 52.89
C PHE EA 356 19.99 -90.44 52.54
N PRO EA 357 19.76 -89.85 51.33
CA PRO EA 357 18.47 -89.28 50.93
C PRO EA 357 17.17 -90.12 51.03
N PRO EA 358 17.15 -91.43 50.70
CA PRO EA 358 16.00 -92.32 50.88
C PRO EA 358 15.52 -92.60 52.32
N GLN EA 359 16.39 -92.46 53.32
CA GLN EA 359 16.06 -92.75 54.74
C GLN EA 359 14.96 -91.83 55.30
N VAL EA 360 14.06 -92.40 56.08
CA VAL EA 360 12.88 -91.65 56.64
C VAL EA 360 13.12 -91.46 58.14
N PHE EA 361 12.89 -90.27 58.66
CA PHE EA 361 13.27 -89.97 60.07
C PHE EA 361 12.17 -89.40 61.00
N THR EA 362 12.27 -89.77 62.28
CA THR EA 362 11.42 -89.18 63.34
C THR EA 362 12.01 -87.87 63.87
N LEU EA 363 11.20 -86.82 64.01
CA LEU EA 363 11.63 -85.53 64.63
C LEU EA 363 11.85 -85.64 66.13
N PRO EA 364 12.92 -85.01 66.66
CA PRO EA 364 13.13 -84.94 68.11
C PRO EA 364 12.14 -84.08 68.92
N GLN EA 365 11.81 -84.50 70.14
CA GLN EA 365 10.97 -83.67 71.06
C GLN EA 365 11.76 -82.52 71.72
N TYR EA 366 11.22 -81.30 71.72
CA TYR EA 366 11.80 -80.12 72.42
C TYR EA 366 11.69 -80.15 73.96
N GLY EA 367 12.75 -79.73 74.64
CA GLY EA 367 12.85 -79.68 76.09
C GLY EA 367 13.98 -78.76 76.45
N TYR EA 368 14.09 -78.36 77.72
CA TYR EA 368 15.19 -77.46 78.19
C TYR EA 368 15.46 -77.64 79.66
N ALA EA 369 16.63 -77.23 80.11
CA ALA EA 369 16.95 -77.15 81.55
C ALA EA 369 17.06 -75.68 81.96
N THR EA 370 16.42 -75.29 83.06
CA THR EA 370 16.56 -73.94 83.68
C THR EA 370 17.48 -74.07 84.89
N LEU EA 371 17.39 -73.16 85.84
CA LEU EA 371 18.15 -73.20 87.11
C LEU EA 371 17.71 -74.28 88.11
N ASN EA 372 18.66 -74.81 88.87
CA ASN EA 372 18.40 -75.86 89.89
C ASN EA 372 19.05 -75.35 91.20
N ARG EA 373 18.53 -75.73 92.35
CA ARG EA 373 19.03 -75.16 93.63
C ARG EA 373 20.00 -76.09 94.38
N ASP EA 374 21.21 -75.62 94.68
CA ASP EA 374 22.25 -76.34 95.49
C ASP EA 374 22.64 -77.72 94.95
N ASN EA 375 22.77 -77.89 93.63
CA ASN EA 375 23.13 -79.20 93.00
C ASN EA 375 22.09 -80.27 93.39
N THR EA 376 20.79 -79.94 93.37
CA THR EA 376 19.66 -80.82 93.70
C THR EA 376 18.56 -80.70 92.62
N GLU EA 377 17.52 -81.53 92.61
CA GLU EA 377 16.40 -81.52 91.61
C GLU EA 377 15.42 -80.33 91.75
N ASN EA 378 15.44 -79.63 92.88
CA ASN EA 378 14.56 -78.44 93.16
C ASN EA 378 14.88 -77.18 92.38
N PRO EA 379 13.86 -76.38 92.02
CA PRO EA 379 14.00 -75.05 91.42
C PRO EA 379 14.36 -73.82 92.33
N THR EA 380 14.64 -72.68 91.72
CA THR EA 380 14.97 -71.40 92.36
C THR EA 380 13.94 -70.36 91.94
N GLU EA 381 13.87 -69.21 92.61
CA GLU EA 381 12.99 -68.06 92.25
C GLU EA 381 13.36 -67.51 90.86
N ARG EA 382 14.62 -67.48 90.48
CA ARG EA 382 15.13 -67.09 89.14
C ARG EA 382 14.72 -68.08 88.04
N SER EA 383 14.39 -69.34 88.36
CA SER EA 383 14.05 -70.41 87.38
C SER EA 383 12.82 -70.01 86.54
N SER EA 384 12.85 -70.26 85.24
CA SER EA 384 11.87 -69.75 84.24
C SER EA 384 11.06 -70.82 83.47
N PHE EA 385 9.79 -70.52 83.23
CA PHE EA 385 8.91 -71.39 82.41
C PHE EA 385 8.59 -70.65 81.10
N PHE EA 386 8.70 -71.37 80.00
CA PHE EA 386 8.36 -70.79 78.67
C PHE EA 386 7.24 -71.58 78.01
N CYS EA 387 6.19 -70.89 77.54
CA CYS EA 387 5.07 -71.49 76.76
C CYS EA 387 5.25 -71.22 75.24
N LEU EA 388 5.28 -72.25 74.40
CA LEU EA 388 5.38 -72.16 72.90
C LEU EA 388 4.10 -71.59 72.28
N GLU EA 389 2.93 -71.89 72.85
CA GLU EA 389 1.60 -71.44 72.36
C GLU EA 389 1.43 -69.94 72.55
N TYR EA 390 2.22 -69.31 73.41
CA TYR EA 390 2.25 -67.82 73.59
C TYR EA 390 2.74 -67.14 72.30
N PHE EA 391 3.69 -67.68 71.57
CA PHE EA 391 4.13 -67.16 70.25
C PHE EA 391 3.08 -67.35 69.16
N PRO EA 392 2.98 -66.47 68.14
CA PRO EA 392 2.16 -66.77 66.96
C PRO EA 392 2.66 -67.90 65.99
N SER EA 393 1.77 -68.76 65.46
CA SER EA 393 2.15 -69.87 64.54
C SER EA 393 1.23 -70.00 63.29
N LYS EA 394 1.76 -70.43 62.17
CA LYS EA 394 0.94 -70.77 60.96
C LYS EA 394 0.18 -72.10 61.17
N MET EA 395 -1.06 -72.20 60.69
CA MET EA 395 -1.86 -73.44 60.79
C MET EA 395 -2.02 -74.05 59.37
N LEU EA 396 -1.69 -75.33 59.23
CA LEU EA 396 -1.72 -75.97 57.89
C LEU EA 396 -2.60 -77.22 57.79
N ARG EA 397 -3.48 -77.25 56.80
CA ARG EA 397 -4.22 -78.47 56.38
C ARG EA 397 -3.40 -79.19 55.26
N THR EA 398 -3.87 -80.31 54.71
CA THR EA 398 -3.21 -81.13 53.63
C THR EA 398 -2.84 -80.35 52.38
N GLY EA 399 -3.64 -79.39 51.91
CA GLY EA 399 -3.34 -78.43 50.82
C GLY EA 399 -2.21 -77.45 51.06
N ASN EA 400 -2.02 -76.97 52.29
CA ASN EA 400 -1.08 -75.89 52.71
C ASN EA 400 0.43 -76.18 52.78
N ASN EA 401 1.27 -75.16 52.67
CA ASN EA 401 2.76 -75.25 52.70
C ASN EA 401 3.38 -74.10 53.54
N PHE EA 402 4.61 -74.24 54.04
CA PHE EA 402 5.35 -73.19 54.79
C PHE EA 402 6.75 -72.92 54.18
N GLU EA 403 7.16 -71.65 54.10
CA GLU EA 403 8.54 -71.30 53.62
C GLU EA 403 9.27 -70.29 54.54
N PHE EA 404 10.60 -70.40 54.68
CA PHE EA 404 11.46 -69.42 55.44
C PHE EA 404 12.79 -69.12 54.68
N THR EA 405 13.36 -67.92 54.84
CA THR EA 405 14.69 -67.52 54.25
C THR EA 405 15.59 -66.91 55.32
N TYR EA 406 16.89 -67.20 55.31
CA TYR EA 406 17.89 -66.63 56.28
C TYR EA 406 19.20 -66.19 55.59
N ASN EA 407 19.86 -65.14 56.11
CA ASN EA 407 21.22 -64.73 55.65
C ASN EA 407 22.20 -64.85 56.80
N PHE EA 408 23.35 -65.46 56.55
CA PHE EA 408 24.41 -65.62 57.59
C PHE EA 408 25.15 -64.29 57.77
N GLU EA 409 25.62 -63.98 58.96
CA GLU EA 409 26.49 -62.80 59.23
C GLU EA 409 27.90 -63.04 58.66
N GLU EA 410 28.67 -61.97 58.43
CA GLU EA 410 30.07 -62.17 57.98
C GLU EA 410 30.86 -62.97 59.03
N VAL EA 411 31.59 -63.97 58.57
CA VAL EA 411 32.34 -64.88 59.47
C VAL EA 411 33.65 -65.18 58.75
N PRO EA 412 34.75 -65.50 59.45
CA PRO EA 412 35.98 -65.95 58.77
C PRO EA 412 35.88 -67.31 58.07
N PHE EA 413 36.56 -67.51 56.94
CA PHE EA 413 36.60 -68.82 56.23
C PHE EA 413 37.29 -69.88 57.07
N HIS EA 414 36.81 -71.13 57.08
CA HIS EA 414 37.54 -72.26 57.72
C HIS EA 414 38.83 -72.51 56.93
N SER EA 415 39.91 -72.89 57.61
CA SER EA 415 41.19 -73.19 56.92
C SER EA 415 41.35 -74.66 56.54
N SER EA 416 41.13 -75.01 55.27
CA SER EA 416 41.31 -76.38 54.73
C SER EA 416 42.73 -76.57 54.17
N PHE EA 417 43.74 -76.52 55.02
CA PHE EA 417 45.16 -76.68 54.59
C PHE EA 417 45.98 -77.13 55.78
N ALA EA 418 47.12 -77.73 55.50
CA ALA EA 418 48.09 -78.14 56.54
C ALA EA 418 49.36 -77.31 56.32
N PRO EA 419 49.99 -76.80 57.40
CA PRO EA 419 51.29 -76.13 57.26
C PRO EA 419 52.47 -76.97 56.76
N SER EA 420 53.25 -76.39 55.84
CA SER EA 420 54.45 -77.07 55.29
C SER EA 420 55.74 -76.67 56.04
N GLN EA 421 55.67 -75.80 57.05
CA GLN EA 421 56.85 -75.43 57.88
C GLN EA 421 56.58 -75.48 59.39
N ASN EA 422 57.58 -75.83 60.19
CA ASN EA 422 57.56 -75.73 61.67
C ASN EA 422 57.65 -74.26 62.12
N LEU EA 423 56.94 -73.86 63.18
CA LEU EA 423 56.90 -72.49 63.74
C LEU EA 423 58.29 -72.05 64.23
N PHE EA 424 59.06 -72.95 64.80
CA PHE EA 424 60.43 -72.68 65.32
C PHE EA 424 61.60 -72.83 64.27
N LYS EA 425 61.37 -73.22 63.01
CA LYS EA 425 62.42 -73.46 61.96
C LYS EA 425 62.35 -72.43 60.80
N LEU EA 426 61.97 -71.17 61.02
CA LEU EA 426 61.74 -70.14 59.95
C LEU EA 426 62.97 -69.32 59.51
N ALA EA 427 64.07 -69.36 60.26
CA ALA EA 427 65.32 -68.70 59.85
C ALA EA 427 65.91 -69.42 58.63
N ASN EA 428 66.61 -68.71 57.75
CA ASN EA 428 67.30 -69.36 56.61
C ASN EA 428 68.33 -70.35 57.17
N PRO EA 429 68.37 -71.60 56.65
CA PRO EA 429 69.34 -72.59 57.08
C PRO EA 429 70.83 -72.24 56.79
N LEU EA 430 71.17 -71.60 55.67
CA LEU EA 430 72.50 -71.09 55.24
C LEU EA 430 73.11 -69.95 56.05
N VAL EA 431 72.33 -69.01 56.56
CA VAL EA 431 72.86 -67.76 57.20
C VAL EA 431 72.78 -67.69 58.75
N ASP EA 432 73.87 -67.30 59.42
CA ASP EA 432 73.92 -67.03 60.89
C ASP EA 432 73.20 -65.76 61.34
N GLN EA 433 72.66 -65.76 62.54
CA GLN EA 433 72.04 -64.55 63.17
C GLN EA 433 73.06 -63.50 63.66
N TYR EA 434 72.74 -62.21 63.65
CA TYR EA 434 73.61 -61.16 64.29
C TYR EA 434 73.33 -61.05 65.82
N LEU EA 435 72.90 -62.12 66.47
CA LEU EA 435 72.43 -62.10 67.88
C LEU EA 435 73.22 -63.13 68.71
N TYR EA 436 73.38 -62.87 69.99
CA TYR EA 436 74.22 -63.71 70.86
C TYR EA 436 73.47 -64.18 72.10
N ARG EA 437 73.91 -65.30 72.66
CA ARG EA 437 73.25 -65.92 73.83
C ARG EA 437 74.25 -66.20 74.96
N PHE EA 438 73.78 -66.23 76.20
CA PHE EA 438 74.64 -66.58 77.35
C PHE EA 438 74.75 -68.08 77.43
N VAL EA 439 75.98 -68.56 77.50
CA VAL EA 439 76.21 -70.02 77.60
C VAL EA 439 76.96 -70.44 78.86
N SER EA 440 77.64 -69.53 79.54
CA SER EA 440 78.59 -69.98 80.58
C SER EA 440 79.05 -68.96 81.63
N THR EA 441 79.62 -69.47 82.71
CA THR EA 441 80.27 -68.63 83.73
C THR EA 441 81.68 -69.24 83.90
N ASN EA 442 82.72 -68.46 84.11
CA ASN EA 442 84.12 -68.95 84.34
C ASN EA 442 84.39 -69.34 85.82
N ASN EA 443 85.63 -69.69 86.19
CA ASN EA 443 86.00 -70.15 87.57
C ASN EA 443 85.67 -69.02 88.56
N THR EA 444 85.92 -67.76 88.23
CA THR EA 444 85.38 -66.62 89.00
C THR EA 444 84.07 -66.49 88.28
N GLY EA 445 82.93 -66.25 88.91
CA GLY EA 445 81.69 -66.40 88.12
C GLY EA 445 81.38 -65.30 87.13
N GLY EA 446 82.19 -65.17 86.07
CA GLY EA 446 82.05 -64.11 85.05
C GLY EA 446 81.33 -64.61 83.82
N VAL EA 447 80.35 -63.87 83.34
CA VAL EA 447 79.48 -64.30 82.20
C VAL EA 447 80.18 -64.42 80.84
N GLN EA 448 79.77 -65.41 80.04
CA GLN EA 448 80.42 -65.70 78.73
C GLN EA 448 79.32 -65.85 77.65
N PHE EA 449 79.64 -65.50 76.41
CA PHE EA 449 78.62 -65.48 75.31
C PHE EA 449 79.10 -66.15 74.03
N ASN EA 450 78.17 -66.68 73.24
CA ASN EA 450 78.48 -67.30 71.91
C ASN EA 450 77.49 -66.80 70.88
N LYS EA 451 77.89 -66.66 69.63
CA LYS EA 451 77.01 -66.28 68.49
C LYS EA 451 76.07 -67.43 68.06
N ASN EA 452 74.93 -67.07 67.49
CA ASN EA 452 73.95 -68.09 67.03
C ASN EA 452 74.25 -68.50 65.58
N LEU EA 453 74.59 -69.77 65.35
CA LEU EA 453 74.98 -70.34 64.03
C LEU EA 453 73.80 -70.73 63.11
N ALA EA 454 74.06 -70.84 61.81
CA ALA EA 454 73.03 -71.25 60.82
C ALA EA 454 72.48 -72.67 61.05
N GLY EA 455 71.15 -72.81 61.03
CA GLY EA 455 70.45 -74.11 61.19
C GLY EA 455 70.33 -74.62 62.62
N ARG EA 456 70.82 -73.88 63.62
CA ARG EA 456 70.78 -74.30 65.05
C ARG EA 456 69.45 -73.81 65.68
N TYR EA 457 68.33 -74.45 65.36
CA TYR EA 457 66.93 -74.08 65.75
C TYR EA 457 66.72 -74.18 67.25
N ALA EA 458 67.45 -75.05 67.91
CA ALA EA 458 67.43 -75.18 69.37
C ALA EA 458 67.85 -73.85 70.03
N ASN EA 459 68.80 -73.09 69.49
CA ASN EA 459 69.37 -71.86 70.12
C ASN EA 459 69.11 -70.53 69.39
N THR EA 460 68.01 -70.29 68.72
CA THR EA 460 67.79 -69.15 67.81
C THR EA 460 66.76 -68.22 68.45
N TYR EA 461 66.88 -66.93 68.27
CA TYR EA 461 65.89 -65.94 68.76
C TYR EA 461 64.60 -66.15 67.98
N LYS EA 462 63.45 -66.06 68.65
CA LYS EA 462 62.14 -66.34 68.01
C LYS EA 462 61.14 -65.20 68.13
N ASN EA 463 60.51 -64.78 67.05
CA ASN EA 463 59.37 -63.79 67.05
C ASN EA 463 58.04 -64.29 67.64
N TRP EA 464 57.66 -65.54 67.42
CA TRP EA 464 56.28 -66.01 67.67
C TRP EA 464 56.23 -67.27 68.51
N PHE EA 465 55.12 -67.46 69.18
CA PHE EA 465 55.00 -68.56 70.17
C PHE EA 465 53.80 -69.41 69.86
N PRO EA 466 53.85 -70.70 70.26
CA PRO EA 466 52.71 -71.60 70.11
C PRO EA 466 51.50 -71.32 71.01
N GLY EA 467 50.33 -71.82 70.62
CA GLY EA 467 49.05 -71.61 71.34
C GLY EA 467 48.87 -72.32 72.66
N PRO EA 468 47.82 -71.96 73.44
CA PRO EA 468 47.61 -72.48 74.79
C PRO EA 468 47.38 -74.00 75.00
N MET EA 469 47.89 -74.54 76.09
CA MET EA 469 47.83 -76.01 76.32
C MET EA 469 47.41 -76.42 77.75
N GLY EA 470 46.70 -77.52 77.95
CA GLY EA 470 46.46 -78.13 79.28
C GLY EA 470 46.76 -79.62 79.19
N ARG EA 471 47.56 -80.23 80.06
CA ARG EA 471 47.93 -81.67 79.89
C ARG EA 471 46.73 -82.67 80.03
N THR EA 472 46.60 -83.64 79.11
CA THR EA 472 45.53 -84.66 79.08
C THR EA 472 46.16 -86.02 78.89
N GLN EA 473 45.67 -87.08 79.53
CA GLN EA 473 46.29 -88.42 79.51
C GLN EA 473 46.32 -89.05 78.10
N GLY EA 474 47.40 -89.74 77.77
CA GLY EA 474 47.57 -90.42 76.47
C GLY EA 474 47.40 -91.92 76.57
N TRP EA 475 46.61 -92.49 75.67
CA TRP EA 475 46.35 -93.95 75.63
C TRP EA 475 46.75 -94.55 74.28
N ASN EA 476 47.45 -95.68 74.30
CA ASN EA 476 47.89 -96.39 73.06
C ASN EA 476 46.71 -97.13 72.40
N LEU EA 477 46.72 -97.22 71.07
CA LEU EA 477 45.65 -97.88 70.28
C LEU EA 477 46.35 -98.95 69.43
N GLY EA 478 45.62 -99.93 68.89
CA GLY EA 478 46.27 -101.03 68.13
C GLY EA 478 47.17 -101.88 68.99
N SER EA 479 48.46 -101.98 68.65
CA SER EA 479 49.42 -102.77 69.43
C SER EA 479 49.50 -102.21 70.85
N GLY EA 480 49.50 -100.88 71.06
CA GLY EA 480 49.29 -100.36 72.42
C GLY EA 480 50.27 -100.76 73.49
N VAL EA 481 49.80 -101.35 74.59
CA VAL EA 481 50.62 -101.70 75.80
C VAL EA 481 50.22 -100.82 77.02
N ASN EA 482 48.99 -100.32 77.10
CA ASN EA 482 48.41 -99.53 78.24
C ASN EA 482 48.12 -100.30 79.55
N ARG EA 483 48.00 -99.61 80.69
CA ARG EA 483 47.69 -100.20 82.03
C ARG EA 483 46.31 -100.88 82.14
N ALA EA 484 46.24 -102.05 82.79
CA ALA EA 484 45.02 -102.89 82.90
C ALA EA 484 43.99 -102.54 83.98
N SER EA 485 42.70 -102.88 83.75
CA SER EA 485 41.61 -102.76 84.75
C SER EA 485 41.40 -101.35 85.32
N VAL EA 486 41.45 -100.32 84.49
CA VAL EA 486 41.35 -98.91 84.98
C VAL EA 486 39.91 -98.36 84.88
N SER EA 487 39.43 -97.65 85.91
CA SER EA 487 38.17 -96.90 85.78
C SER EA 487 38.60 -95.46 85.49
N ALA EA 488 38.24 -94.91 84.35
CA ALA EA 488 38.70 -93.58 83.86
C ALA EA 488 38.28 -92.32 84.64
N PHE EA 489 37.08 -92.21 85.20
CA PHE EA 489 36.47 -90.93 85.68
C PHE EA 489 37.23 -90.15 86.80
N ALA EA 490 37.80 -90.79 87.81
CA ALA EA 490 38.49 -90.09 88.92
C ALA EA 490 39.69 -89.28 88.41
N THR EA 491 40.42 -89.78 87.43
CA THR EA 491 41.65 -89.13 86.91
C THR EA 491 41.42 -88.27 85.68
N THR EA 492 40.19 -88.07 85.24
CA THR EA 492 39.85 -87.21 84.07
C THR EA 492 39.98 -85.72 84.34
N ASN EA 493 40.19 -84.90 83.29
CA ASN EA 493 40.25 -83.41 83.39
C ASN EA 493 38.90 -82.82 83.76
N ARG EA 494 38.89 -81.79 84.61
CA ARG EA 494 37.60 -81.22 85.10
C ARG EA 494 37.64 -79.72 85.30
N MET EA 495 36.49 -79.04 85.24
CA MET EA 495 36.35 -77.61 85.58
C MET EA 495 35.23 -77.52 86.64
N GLU EA 496 35.31 -76.61 87.61
CA GLU EA 496 34.33 -76.50 88.72
C GLU EA 496 33.36 -75.33 88.49
N LEU EA 497 32.04 -75.56 88.48
CA LEU EA 497 31.02 -74.48 88.37
C LEU EA 497 29.98 -74.63 89.47
N GLU EA 498 29.64 -73.58 90.23
CA GLU EA 498 28.52 -73.57 91.23
C GLU EA 498 28.60 -74.69 92.27
N GLY EA 499 29.78 -75.07 92.74
CA GLY EA 499 29.90 -76.22 93.66
C GLY EA 499 29.92 -77.62 93.05
N ALA EA 500 29.98 -77.80 91.74
CA ALA EA 500 30.08 -79.18 91.18
C ALA EA 500 31.27 -79.35 90.21
N SER EA 501 31.81 -80.56 90.09
CA SER EA 501 32.94 -80.87 89.16
C SER EA 501 32.40 -81.43 87.85
N TYR EA 502 32.82 -80.84 86.74
CA TYR EA 502 32.30 -81.28 85.41
C TYR EA 502 33.40 -81.72 84.49
N GLN EA 503 33.19 -82.85 83.84
CA GLN EA 503 34.10 -83.23 82.72
C GLN EA 503 33.80 -82.25 81.59
N VAL EA 504 34.82 -81.85 80.85
CA VAL EA 504 34.70 -80.90 79.71
C VAL EA 504 35.35 -81.69 78.57
N PRO EA 505 34.64 -82.69 77.99
CA PRO EA 505 35.20 -83.66 77.06
C PRO EA 505 35.84 -83.16 75.81
N PRO EA 506 35.42 -82.13 75.05
CA PRO EA 506 36.29 -81.65 73.98
C PRO EA 506 37.20 -80.75 74.83
N GLN EA 507 38.52 -80.81 74.71
CA GLN EA 507 39.29 -79.79 75.49
C GLN EA 507 39.25 -78.43 74.75
N PRO EA 508 39.68 -77.28 75.32
CA PRO EA 508 39.77 -76.00 74.59
C PRO EA 508 40.82 -75.93 73.43
N ASN EA 509 40.63 -75.13 72.36
CA ASN EA 509 41.53 -75.07 71.15
C ASN EA 509 43.02 -74.71 71.35
N GLY EA 510 43.90 -75.09 70.40
CA GLY EA 510 45.36 -74.84 70.42
C GLY EA 510 46.25 -76.03 70.70
N MET EA 511 45.70 -77.22 70.76
CA MET EA 511 46.53 -78.44 70.98
C MET EA 511 46.36 -79.49 69.86
N THR EA 512 47.26 -80.46 69.81
CA THR EA 512 47.11 -81.65 68.92
C THR EA 512 47.02 -82.92 69.77
N ASN EA 513 46.01 -83.76 69.59
CA ASN EA 513 45.82 -85.11 70.23
C ASN EA 513 46.84 -86.21 69.81
N ASN EA 514 47.27 -86.29 68.55
CA ASN EA 514 48.11 -87.40 68.03
C ASN EA 514 49.33 -86.84 67.27
N LEU EA 515 50.53 -87.38 67.48
CA LEU EA 515 51.77 -86.96 66.73
C LEU EA 515 51.88 -87.27 65.21
N GLN EA 516 51.49 -88.42 64.65
CA GLN EA 516 51.67 -88.83 63.20
C GLN EA 516 52.44 -90.14 63.27
N GLY EA 517 52.03 -91.16 62.50
CA GLY EA 517 52.61 -92.46 62.87
C GLY EA 517 52.01 -92.62 64.25
N SER EA 518 52.79 -92.74 65.32
CA SER EA 518 52.32 -92.90 66.73
C SER EA 518 50.90 -93.43 66.99
N ASN EA 519 50.80 -94.32 67.97
CA ASN EA 519 49.50 -94.90 68.37
C ASN EA 519 49.05 -94.30 69.70
N THR EA 520 49.71 -93.24 70.19
CA THR EA 520 49.27 -92.52 71.40
C THR EA 520 48.27 -91.43 71.04
N TYR EA 521 47.13 -91.44 71.73
CA TYR EA 521 46.06 -90.46 71.49
C TYR EA 521 45.63 -89.91 72.81
N ALA EA 522 45.41 -88.61 72.85
CA ALA EA 522 44.81 -88.08 74.09
C ALA EA 522 43.30 -88.17 73.85
N LEU EA 523 42.60 -89.14 74.47
CA LEU EA 523 41.17 -89.48 74.21
C LEU EA 523 40.16 -88.36 74.54
N GLU EA 524 40.39 -87.59 75.61
CA GLU EA 524 39.50 -86.47 76.01
C GLU EA 524 39.73 -85.22 75.13
N ASN EA 525 40.72 -85.20 74.25
CA ASN EA 525 40.93 -84.10 73.25
C ASN EA 525 40.43 -84.54 71.85
N THR EA 526 39.78 -85.68 71.70
CA THR EA 526 39.39 -86.22 70.36
C THR EA 526 37.91 -86.35 70.18
N MET EA 527 37.38 -85.97 69.02
CA MET EA 527 35.98 -86.27 68.64
C MET EA 527 35.85 -87.77 68.33
N ILE EA 528 34.95 -88.47 69.01
CA ILE EA 528 34.68 -89.93 68.77
C ILE EA 528 33.25 -90.12 68.23
N PHE EA 529 33.10 -90.87 67.15
CA PHE EA 529 31.81 -91.05 66.43
C PHE EA 529 31.56 -92.52 66.21
N ASN EA 530 30.31 -92.90 65.96
CA ASN EA 530 29.92 -94.30 65.60
C ASN EA 530 29.61 -94.34 64.10
N SER EA 531 30.05 -95.37 63.38
CA SER EA 531 29.71 -95.57 61.94
C SER EA 531 28.21 -95.76 61.76
N GLN EA 532 27.55 -96.49 62.67
CA GLN EA 532 26.10 -96.79 62.60
C GLN EA 532 25.33 -96.03 63.68
N PRO EA 533 24.06 -95.61 63.44
CA PRO EA 533 23.23 -95.00 64.47
C PRO EA 533 22.85 -95.98 65.58
N ALA EA 534 22.61 -95.45 66.79
CA ALA EA 534 22.36 -96.31 67.97
C ALA EA 534 20.97 -96.10 68.56
N ASN EA 535 20.46 -97.14 69.21
CA ASN EA 535 19.16 -97.05 69.95
C ASN EA 535 19.32 -96.16 71.18
N PRO EA 536 18.27 -95.40 71.58
CA PRO EA 536 18.35 -94.58 72.78
C PRO EA 536 18.56 -95.28 74.12
N GLY EA 537 19.41 -94.74 74.98
CA GLY EA 537 19.66 -95.27 76.32
C GLY EA 537 20.62 -96.44 76.39
N THR EA 538 21.30 -96.77 75.31
CA THR EA 538 22.20 -97.94 75.31
C THR EA 538 23.30 -97.76 76.35
N THR EA 539 23.62 -98.80 77.10
CA THR EA 539 24.73 -98.79 78.09
C THR EA 539 25.81 -99.78 77.67
N ALA EA 540 25.77 -100.28 76.43
CA ALA EA 540 26.72 -101.28 75.90
C ALA EA 540 28.18 -100.80 75.81
N THR EA 541 29.15 -101.66 76.13
CA THR EA 541 30.58 -101.33 75.93
C THR EA 541 30.93 -101.36 74.46
N TYR EA 542 31.77 -100.43 74.01
CA TYR EA 542 32.25 -100.42 72.60
C TYR EA 542 33.75 -100.48 72.57
N LEU EA 543 34.29 -101.38 71.78
CA LEU EA 543 35.75 -101.47 71.51
C LEU EA 543 36.16 -100.49 70.39
N GLU EA 544 37.45 -100.32 70.17
CA GLU EA 544 38.03 -99.36 69.17
C GLU EA 544 37.62 -99.65 67.72
N GLY EA 545 37.48 -100.92 67.32
CA GLY EA 545 37.11 -101.28 65.94
C GLY EA 545 35.75 -100.74 65.55
N ASN EA 546 34.77 -100.76 66.44
CA ASN EA 546 33.45 -100.11 66.19
C ASN EA 546 33.56 -98.58 66.04
N MET EA 547 34.44 -97.90 66.78
CA MET EA 547 34.48 -96.42 66.82
C MET EA 547 35.20 -95.73 65.65
N LEU EA 548 34.81 -94.50 65.33
CA LEU EA 548 35.55 -93.67 64.33
C LEU EA 548 36.33 -92.63 65.14
N ILE EA 549 37.66 -92.68 65.15
CA ILE EA 549 38.50 -91.78 66.00
C ILE EA 549 39.30 -90.81 65.13
N THR EA 550 39.15 -89.52 65.34
CA THR EA 550 39.83 -88.44 64.60
C THR EA 550 41.25 -88.16 65.07
N SER EA 551 42.10 -87.61 64.20
CA SER EA 551 43.49 -87.22 64.50
C SER EA 551 43.69 -85.78 64.04
N GLU EA 552 44.44 -84.98 64.80
CA GLU EA 552 44.73 -83.56 64.50
C GLU EA 552 46.21 -83.41 64.12
N SER EA 553 46.88 -84.46 63.64
CA SER EA 553 48.34 -84.52 63.38
C SER EA 553 48.83 -83.48 62.35
N GLU EA 554 47.99 -82.98 61.45
CA GLU EA 554 48.32 -81.92 60.46
C GLU EA 554 48.71 -80.59 61.16
N THR EA 555 48.12 -80.25 62.30
CA THR EA 555 48.34 -79.00 63.06
C THR EA 555 49.58 -79.06 63.95
N GLN EA 556 50.30 -80.18 64.03
CA GLN EA 556 51.46 -80.42 64.93
C GLN EA 556 52.61 -79.41 64.68
N PRO EA 557 52.94 -78.96 63.45
CA PRO EA 557 53.92 -77.88 63.25
C PRO EA 557 53.67 -76.58 64.05
N VAL EA 558 52.42 -76.18 64.37
CA VAL EA 558 52.06 -75.05 65.28
C VAL EA 558 51.30 -75.39 66.57
N ASN EA 559 50.91 -76.63 66.85
CA ASN EA 559 50.06 -76.92 68.04
C ASN EA 559 50.79 -77.88 68.96
N ARG EA 560 50.84 -77.56 70.25
CA ARG EA 560 51.52 -78.42 71.24
C ARG EA 560 50.77 -79.75 71.47
N VAL EA 561 51.51 -80.82 71.75
CA VAL EA 561 50.89 -82.14 72.07
C VAL EA 561 50.26 -82.17 73.50
N ALA EA 562 49.01 -82.63 73.62
CA ALA EA 562 48.24 -82.71 74.89
C ALA EA 562 48.82 -83.65 75.94
N TYR EA 563 49.30 -84.82 75.55
CA TYR EA 563 49.87 -85.82 76.49
C TYR EA 563 51.17 -85.32 77.16
N ASN EA 564 52.01 -84.58 76.47
CA ASN EA 564 53.34 -84.07 76.97
C ASN EA 564 53.27 -82.79 77.83
N VAL EA 565 54.29 -82.52 78.67
CA VAL EA 565 54.46 -81.22 79.40
C VAL EA 565 54.75 -80.05 78.42
N GLY EA 566 54.24 -78.84 78.67
CA GLY EA 566 54.45 -77.62 77.83
C GLY EA 566 55.85 -77.02 77.71
N GLY EA 567 56.65 -76.96 78.78
CA GLY EA 567 57.95 -76.28 78.77
C GLY EA 567 58.52 -76.18 80.17
N GLN EA 568 59.59 -75.40 80.37
CA GLN EA 568 60.22 -75.18 81.70
C GLN EA 568 60.43 -73.68 81.99
N MET EA 569 60.39 -73.25 83.27
CA MET EA 569 60.63 -71.86 83.73
C MET EA 569 61.53 -71.85 84.97
N ALA EA 570 62.20 -70.74 85.29
CA ALA EA 570 63.08 -70.59 86.50
C ALA EA 570 62.31 -70.63 87.84
N THR EA 571 62.87 -71.36 88.82
CA THR EA 571 62.23 -71.53 90.14
C THR EA 571 63.05 -70.92 91.28
N ASN EA 572 64.15 -70.24 91.03
CA ASN EA 572 65.09 -69.82 92.11
C ASN EA 572 65.94 -68.64 91.67
N ASN EA 573 66.72 -68.09 92.59
CA ASN EA 573 67.74 -67.07 92.24
C ASN EA 573 69.12 -67.72 92.46
N GLN EA 574 69.99 -67.69 91.44
CA GLN EA 574 71.38 -68.23 91.51
C GLN EA 574 72.26 -67.33 92.41
N SER EA 575 73.28 -67.90 93.04
CA SER EA 575 74.21 -67.17 93.94
C SER EA 575 75.51 -67.98 93.95
N SER EA 576 76.58 -67.45 94.50
CA SER EA 576 77.81 -68.28 94.62
C SER EA 576 77.49 -69.52 95.45
N THR EA 577 76.73 -69.40 96.54
CA THR EA 577 76.24 -70.55 97.34
C THR EA 577 75.25 -71.44 96.59
N THR EA 578 74.35 -70.89 95.77
CA THR EA 578 73.26 -71.70 95.15
C THR EA 578 73.31 -71.85 93.65
N ALA EA 579 73.25 -73.10 93.14
CA ALA EA 579 73.15 -73.39 91.70
C ALA EA 579 71.78 -73.01 91.12
N PRO EA 580 71.69 -72.60 89.84
CA PRO EA 580 70.39 -72.34 89.20
C PRO EA 580 69.46 -73.56 89.01
N ALA EA 581 68.14 -73.39 89.11
CA ALA EA 581 67.14 -74.48 89.02
C ALA EA 581 65.96 -74.16 88.09
N THR EA 582 65.37 -75.16 87.47
CA THR EA 582 64.18 -74.99 86.59
C THR EA 582 63.06 -75.92 87.00
N GLY EA 583 61.82 -75.59 86.61
CA GLY EA 583 60.69 -76.51 86.83
C GLY EA 583 59.80 -76.64 85.62
N THR EA 584 59.28 -77.84 85.33
CA THR EA 584 58.27 -78.04 84.23
C THR EA 584 56.88 -77.54 84.60
N TYR EA 585 56.08 -77.13 83.61
CA TYR EA 585 54.67 -76.71 83.81
C TYR EA 585 53.69 -77.65 83.00
N ASN EA 586 52.49 -77.94 83.53
CA ASN EA 586 51.48 -78.84 82.88
C ASN EA 586 50.37 -78.02 82.18
N LEU EA 587 50.32 -76.71 82.40
CA LEU EA 587 49.30 -75.83 81.75
C LEU EA 587 49.86 -74.44 81.43
N GLN EA 588 49.42 -73.83 80.34
CA GLN EA 588 49.77 -72.42 80.01
C GLN EA 588 48.60 -71.84 79.22
N GLU EA 589 48.41 -70.54 79.24
CA GLU EA 589 47.26 -69.87 78.59
C GLU EA 589 47.81 -68.85 77.61
N ILE EA 590 46.96 -68.03 77.01
CA ILE EA 590 47.34 -67.06 75.95
C ILE EA 590 48.40 -66.04 76.39
N VAL EA 591 49.36 -65.78 75.51
CA VAL EA 591 50.46 -64.81 75.75
C VAL EA 591 50.48 -63.94 74.49
N PRO EA 592 50.96 -62.68 74.53
CA PRO EA 592 51.07 -61.89 73.30
C PRO EA 592 52.07 -62.50 72.28
N GLY EA 593 51.77 -62.45 70.98
CA GLY EA 593 52.56 -63.12 69.93
C GLY EA 593 52.22 -64.59 69.72
N SER EA 594 51.17 -65.09 70.37
CA SER EA 594 50.65 -66.48 70.24
C SER EA 594 49.96 -66.78 68.89
N VAL EA 595 50.27 -67.92 68.28
CA VAL EA 595 49.66 -68.38 66.99
C VAL EA 595 49.20 -69.84 67.17
N TRP EA 596 48.05 -70.21 66.60
CA TRP EA 596 47.53 -71.61 66.65
C TRP EA 596 46.57 -71.90 65.49
N MET EA 597 46.26 -73.16 65.28
CA MET EA 597 45.24 -73.60 64.30
C MET EA 597 44.00 -74.16 65.04
N GLU EA 598 42.80 -73.78 64.62
CA GLU EA 598 41.51 -74.30 65.16
C GLU EA 598 41.25 -75.75 64.71
N ARG EA 599 40.41 -76.46 65.43
CA ARG EA 599 40.02 -77.88 65.10
C ARG EA 599 39.35 -78.01 63.72
N ASP EA 600 39.66 -79.10 63.02
CA ASP EA 600 39.11 -79.42 61.68
C ASP EA 600 37.63 -79.85 61.69
N VAL EA 601 36.90 -79.49 60.65
CA VAL EA 601 35.51 -80.00 60.42
C VAL EA 601 35.50 -81.41 59.81
N TYR EA 602 34.43 -82.16 60.02
CA TYR EA 602 34.27 -83.53 59.48
C TYR EA 602 32.93 -83.60 58.78
N LEU EA 603 32.77 -84.50 57.80
CA LEU EA 603 31.48 -84.70 57.10
C LEU EA 603 30.40 -85.19 58.12
N GLN EA 604 30.72 -86.08 59.04
CA GLN EA 604 29.89 -86.55 60.17
C GLN EA 604 29.60 -85.43 61.21
N GLY EA 605 30.47 -84.43 61.36
CA GLY EA 605 30.36 -83.32 62.33
C GLY EA 605 29.43 -82.13 62.12
N PRO EA 606 29.22 -81.32 63.19
CA PRO EA 606 28.49 -80.03 63.12
C PRO EA 606 29.00 -78.76 62.44
N ILE EA 607 28.19 -78.02 61.68
CA ILE EA 607 28.56 -76.67 61.11
C ILE EA 607 28.67 -75.46 62.09
N TRP EA 608 27.73 -75.25 63.01
CA TRP EA 608 27.69 -74.01 63.82
C TRP EA 608 27.33 -74.18 65.29
N ALA EA 609 27.62 -73.17 66.10
CA ALA EA 609 27.21 -73.12 67.53
C ALA EA 609 26.80 -71.67 67.83
N LYS EA 610 25.87 -71.48 68.74
CA LYS EA 610 25.46 -70.13 69.20
C LYS EA 610 26.40 -69.59 70.29
N ILE EA 611 26.90 -68.37 70.13
CA ILE EA 611 27.68 -67.71 71.19
C ILE EA 611 26.73 -67.34 72.35
N PRO EA 612 27.05 -67.65 73.62
CA PRO EA 612 26.20 -67.29 74.76
C PRO EA 612 26.16 -65.80 75.11
N GLU EA 613 25.01 -65.28 75.51
CA GLU EA 613 24.89 -63.80 75.76
C GLU EA 613 25.22 -63.44 77.22
N THR EA 614 26.44 -62.99 77.49
CA THR EA 614 26.90 -62.61 78.85
C THR EA 614 27.35 -61.19 78.85
N GLY EA 615 27.59 -60.62 77.69
CA GLY EA 615 28.20 -59.29 77.52
C GLY EA 615 29.72 -59.31 77.47
N ALA EA 616 30.40 -60.43 77.75
CA ALA EA 616 31.88 -60.53 77.63
C ALA EA 616 32.33 -61.89 77.09
N HIS EA 617 33.23 -61.92 76.11
CA HIS EA 617 33.79 -63.19 75.58
C HIS EA 617 35.17 -62.96 74.95
N PHE EA 618 35.96 -64.01 74.81
CA PHE EA 618 37.24 -63.93 74.07
C PHE EA 618 37.30 -64.94 72.94
N HIS EA 619 37.66 -64.54 71.71
CA HIS EA 619 37.93 -65.44 70.55
C HIS EA 619 36.86 -66.53 70.40
N PRO EA 620 35.77 -66.25 69.68
CA PRO EA 620 34.61 -67.14 69.71
C PRO EA 620 34.45 -68.27 68.71
N SER EA 621 35.34 -69.23 68.83
CA SER EA 621 35.34 -70.42 67.96
C SER EA 621 34.95 -71.61 68.83
N PRO EA 622 33.88 -72.39 68.48
CA PRO EA 622 33.47 -73.50 69.33
C PRO EA 622 34.43 -74.70 69.42
N ALA EA 623 34.53 -75.35 70.56
CA ALA EA 623 35.49 -76.46 70.80
C ALA EA 623 35.28 -77.70 69.93
N MET EA 624 34.05 -78.13 69.67
CA MET EA 624 33.68 -79.27 68.79
C MET EA 624 34.13 -78.98 67.35
N GLY EA 625 34.10 -77.73 66.91
CA GLY EA 625 34.48 -77.31 65.55
C GLY EA 625 33.43 -76.43 64.92
N GLY EA 626 33.70 -75.86 63.76
CA GLY EA 626 32.72 -75.02 63.05
C GLY EA 626 32.71 -73.53 63.27
N PHE EA 627 31.58 -72.89 63.00
CA PHE EA 627 31.44 -71.42 63.00
C PHE EA 627 30.61 -70.96 64.20
N GLY EA 628 31.14 -69.98 64.94
CA GLY EA 628 30.45 -69.41 66.11
C GLY EA 628 29.67 -68.21 65.71
N LEU EA 629 28.37 -68.23 65.98
CA LEU EA 629 27.48 -67.14 65.48
C LEU EA 629 26.72 -66.43 66.59
N LYS EA 630 26.76 -65.11 66.61
CA LYS EA 630 25.89 -64.30 67.52
C LYS EA 630 24.40 -64.48 67.16
N HIS EA 631 24.06 -64.49 65.89
CA HIS EA 631 22.67 -64.69 65.42
C HIS EA 631 22.60 -65.91 64.52
N PRO EA 632 22.43 -67.11 65.10
CA PRO EA 632 22.38 -68.37 64.39
C PRO EA 632 21.12 -68.67 63.57
N PRO EA 633 21.12 -69.61 62.62
CA PRO EA 633 19.88 -69.93 61.92
C PRO EA 633 18.86 -70.35 62.98
N PRO EA 634 17.61 -69.81 62.94
CA PRO EA 634 16.63 -70.02 64.01
C PRO EA 634 15.94 -71.35 64.26
N MET EA 635 15.53 -71.61 65.49
CA MET EA 635 14.76 -72.82 65.85
C MET EA 635 13.40 -72.91 65.12
N MET EA 636 13.12 -74.07 64.52
CA MET EA 636 11.87 -74.32 63.76
C MET EA 636 11.05 -75.37 64.54
N LEU EA 637 9.84 -75.03 64.94
CA LEU EA 637 9.02 -75.87 65.84
C LEU EA 637 7.70 -76.29 65.18
N ILE EA 638 7.35 -77.55 65.29
CA ILE EA 638 6.10 -78.10 64.67
C ILE EA 638 5.32 -78.93 65.72
N LYS EA 639 4.00 -78.77 65.73
CA LYS EA 639 3.15 -79.61 66.62
C LYS EA 639 1.87 -80.08 65.92
N ASN EA 640 1.30 -81.18 66.39
CA ASN EA 640 -0.05 -81.62 65.92
C ASN EA 640 -1.10 -80.90 66.78
N THR EA 641 -2.09 -80.27 66.17
CA THR EA 641 -3.20 -79.62 66.91
C THR EA 641 -4.03 -80.64 67.67
N PRO EA 642 -4.36 -80.40 68.96
CA PRO EA 642 -5.26 -81.27 69.71
C PRO EA 642 -6.66 -81.41 69.07
N VAL EA 643 -7.08 -82.63 68.87
CA VAL EA 643 -8.46 -82.85 68.37
C VAL EA 643 -9.19 -83.65 69.46
N PRO EA 644 -10.26 -83.07 70.04
CA PRO EA 644 -11.02 -83.75 71.10
C PRO EA 644 -11.89 -84.99 70.87
N GLY EA 645 -11.98 -85.90 71.83
CA GLY EA 645 -12.88 -87.07 71.85
C GLY EA 645 -14.29 -86.66 72.25
N ASN EA 646 -15.28 -87.53 72.19
CA ASN EA 646 -16.69 -87.08 72.42
C ASN EA 646 -16.92 -86.57 73.84
N ILE EA 647 -17.45 -85.34 73.97
CA ILE EA 647 -17.75 -84.75 75.30
C ILE EA 647 -19.26 -84.43 75.31
N THR EA 648 -19.99 -84.92 76.30
CA THR EA 648 -21.47 -84.76 76.33
C THR EA 648 -21.93 -83.80 77.40
N SER EA 649 -21.06 -83.42 78.33
CA SER EA 649 -21.45 -82.56 79.48
C SER EA 649 -20.46 -81.42 79.70
N PHE EA 650 -20.88 -80.29 80.26
CA PHE EA 650 -20.00 -79.15 80.61
C PHE EA 650 -19.15 -79.34 81.87
N SER EA 651 -17.87 -78.97 81.81
CA SER EA 651 -17.04 -78.89 83.04
C SER EA 651 -16.12 -77.69 82.95
N ASP EA 652 -15.84 -77.01 84.05
CA ASP EA 652 -14.77 -75.97 84.14
C ASP EA 652 -13.41 -76.68 83.96
N VAL EA 653 -13.26 -77.91 84.47
CA VAL EA 653 -11.99 -78.68 84.36
C VAL EA 653 -11.64 -78.96 82.90
N PRO EA 654 -10.37 -78.73 82.45
CA PRO EA 654 -9.96 -78.94 81.07
C PRO EA 654 -10.04 -80.37 80.52
N VAL EA 655 -10.36 -80.48 79.23
CA VAL EA 655 -10.49 -81.81 78.58
C VAL EA 655 -9.15 -82.56 78.53
N SER EA 656 -9.18 -83.83 78.93
CA SER EA 656 -8.01 -84.72 78.92
C SER EA 656 -8.19 -85.87 77.90
N SER EA 657 -9.30 -85.89 77.15
CA SER EA 657 -9.59 -87.00 76.20
C SER EA 657 -9.51 -86.50 74.77
N PHE EA 658 -8.64 -87.10 73.97
CA PHE EA 658 -8.37 -86.62 72.60
C PHE EA 658 -8.28 -87.78 71.65
N ILE EA 659 -8.62 -87.59 70.38
CA ILE EA 659 -8.36 -88.66 69.36
C ILE EA 659 -6.84 -88.83 69.10
N THR EA 660 -6.32 -90.06 68.94
CA THR EA 660 -4.87 -90.34 68.68
C THR EA 660 -4.49 -90.09 67.21
N GLN EA 661 -3.45 -89.28 66.99
CA GLN EA 661 -3.07 -88.82 65.62
C GLN EA 661 -1.55 -88.67 65.41
N TYR EA 662 -1.07 -88.73 64.17
CA TYR EA 662 0.37 -88.52 63.81
C TYR EA 662 0.41 -87.77 62.49
N SER EA 663 1.53 -87.11 62.19
CA SER EA 663 1.69 -86.38 60.90
C SER EA 663 2.94 -86.82 60.10
N THR EA 664 2.89 -86.66 58.79
CA THR EA 664 4.03 -87.00 57.90
C THR EA 664 4.14 -85.96 56.78
N GLY EA 665 5.32 -85.77 56.20
CA GLY EA 665 5.52 -84.83 55.09
C GLY EA 665 6.91 -84.81 54.49
N GLN EA 666 7.19 -83.82 53.65
CA GLN EA 666 8.54 -83.59 53.03
C GLN EA 666 9.16 -82.23 53.42
N VAL EA 667 10.46 -82.20 53.64
CA VAL EA 667 11.20 -80.93 53.95
C VAL EA 667 12.36 -80.72 52.94
N THR EA 668 12.52 -79.51 52.42
CA THR EA 668 13.65 -79.17 51.55
C THR EA 668 14.53 -78.08 52.17
N VAL EA 669 15.85 -78.26 52.21
CA VAL EA 669 16.83 -77.20 52.66
C VAL EA 669 17.81 -76.84 51.52
N GLU EA 670 17.94 -75.55 51.22
CA GLU EA 670 18.88 -75.02 50.19
C GLU EA 670 19.93 -74.13 50.87
N MET EA 671 21.21 -74.40 50.63
CA MET EA 671 22.32 -73.63 51.25
C MET EA 671 23.32 -73.12 50.21
N GLU EA 672 23.79 -71.90 50.39
CA GLU EA 672 24.85 -71.30 49.52
C GLU EA 672 26.17 -71.21 50.29
N TRP EA 673 27.27 -71.58 49.63
CA TRP EA 673 28.61 -71.58 50.25
C TRP EA 673 29.59 -70.74 49.42
N GLU EA 674 30.47 -70.00 50.09
CA GLU EA 674 31.55 -69.22 49.41
C GLU EA 674 32.87 -70.00 49.53
N LEU EA 675 33.62 -70.11 48.44
CA LEU EA 675 34.87 -70.90 48.36
C LEU EA 675 36.11 -70.02 48.21
N LYS EA 676 37.22 -70.41 48.85
CA LYS EA 676 38.51 -69.72 48.63
C LYS EA 676 39.43 -70.65 47.81
N LYS EA 677 39.88 -70.19 46.65
CA LYS EA 677 40.79 -70.94 45.75
C LYS EA 677 42.26 -71.10 46.19
N GLU EA 678 42.85 -72.26 45.93
CA GLU EA 678 44.30 -72.48 46.15
C GLU EA 678 45.15 -71.66 45.15
N ASN EA 679 46.26 -71.08 45.58
CA ASN EA 679 47.22 -70.31 44.73
C ASN EA 679 48.65 -70.82 44.93
N SER EA 680 48.86 -72.14 45.05
CA SER EA 680 50.18 -72.76 45.36
C SER EA 680 51.26 -72.68 44.27
N LYS EA 681 52.52 -72.50 44.67
CA LYS EA 681 53.70 -72.56 43.74
C LYS EA 681 54.52 -73.85 43.99
N ARG EA 682 54.05 -74.82 44.78
CA ARG EA 682 54.71 -76.14 45.03
C ARG EA 682 54.86 -77.03 43.77
N TRP EA 683 56.09 -77.33 43.34
CA TRP EA 683 56.40 -78.15 42.16
C TRP EA 683 56.00 -79.64 42.22
N ASN EA 684 56.25 -80.27 43.35
CA ASN EA 684 55.95 -81.70 43.59
C ASN EA 684 54.47 -81.97 43.85
N PRO EA 685 53.98 -83.19 43.57
CA PRO EA 685 52.60 -83.57 43.89
C PRO EA 685 52.16 -83.66 45.38
N GLU EA 686 50.96 -83.18 45.68
CA GLU EA 686 50.31 -83.21 47.01
C GLU EA 686 49.57 -84.47 47.46
N ILE EA 687 49.32 -84.60 48.77
CA ILE EA 687 48.42 -85.65 49.35
C ILE EA 687 46.94 -85.36 49.03
N GLN EA 688 46.14 -86.38 48.72
CA GLN EA 688 44.70 -86.27 48.37
C GLN EA 688 43.87 -87.38 49.00
N TYR EA 689 42.61 -87.14 49.34
CA TYR EA 689 41.70 -88.22 49.79
C TYR EA 689 41.33 -89.09 48.56
N THR EA 690 41.42 -90.41 48.72
CA THR EA 690 41.15 -91.33 47.62
C THR EA 690 40.34 -92.51 48.11
N ASN EA 691 39.61 -93.16 47.22
CA ASN EA 691 38.93 -94.42 47.57
C ASN EA 691 39.98 -95.50 47.37
N ASN EA 692 40.50 -96.07 48.44
CA ASN EA 692 41.63 -97.02 48.37
C ASN EA 692 41.39 -98.12 49.39
N TYR EA 693 41.22 -99.34 48.91
CA TYR EA 693 40.85 -100.49 49.80
C TYR EA 693 41.57 -101.70 49.25
N ASN EA 694 42.02 -102.61 50.10
CA ASN EA 694 42.64 -103.86 49.58
C ASN EA 694 41.65 -105.04 49.65
N ASP EA 695 41.38 -105.72 48.52
CA ASP EA 695 40.42 -106.87 48.43
C ASP EA 695 39.03 -106.56 49.00
N PRO EA 696 38.35 -105.46 48.63
CA PRO EA 696 37.07 -105.11 49.25
C PRO EA 696 35.88 -106.09 49.13
N GLN EA 697 35.17 -106.33 50.23
CA GLN EA 697 33.99 -107.24 50.22
C GLN EA 697 32.68 -106.45 50.09
N PHE EA 698 32.74 -105.14 50.10
CA PHE EA 698 31.55 -104.26 50.02
C PHE EA 698 32.03 -102.96 49.48
N VAL EA 699 31.12 -102.14 48.99
CA VAL EA 699 31.50 -100.76 48.62
C VAL EA 699 31.17 -99.87 49.82
N ASP EA 700 32.12 -99.11 50.32
CA ASP EA 700 31.91 -98.08 51.37
C ASP EA 700 31.07 -96.92 50.85
N PHE EA 701 30.27 -96.26 51.70
CA PHE EA 701 29.31 -95.15 51.34
C PHE EA 701 28.23 -95.62 50.37
N ALA EA 702 27.76 -96.83 50.56
CA ALA EA 702 26.73 -97.45 49.71
C ALA EA 702 25.82 -98.33 50.56
N PRO EA 703 24.59 -98.66 50.13
CA PRO EA 703 23.77 -99.65 50.82
C PRO EA 703 24.26 -101.12 50.75
N ASP EA 704 23.96 -101.92 51.76
CA ASP EA 704 24.31 -103.37 51.73
C ASP EA 704 23.16 -104.27 51.23
N SER EA 705 23.31 -105.58 51.33
CA SER EA 705 22.28 -106.55 50.86
C SER EA 705 20.95 -106.36 51.62
N THR EA 706 20.97 -106.07 52.92
CA THR EA 706 19.78 -105.71 53.74
C THR EA 706 19.25 -104.32 53.46
N GLY EA 707 19.99 -103.42 52.79
CA GLY EA 707 19.59 -102.01 52.60
C GLY EA 707 20.13 -101.00 53.61
N GLU EA 708 21.02 -101.39 54.50
CA GLU EA 708 21.63 -100.47 55.50
C GLU EA 708 22.88 -99.76 54.96
N TYR EA 709 22.95 -98.44 55.09
CA TYR EA 709 24.11 -97.60 54.64
C TYR EA 709 25.38 -97.86 55.45
N ARG EA 710 26.52 -97.91 54.76
CA ARG EA 710 27.82 -98.18 55.43
C ARG EA 710 28.72 -96.95 55.30
N SER EA 711 29.29 -96.48 56.42
CA SER EA 711 30.23 -95.33 56.46
C SER EA 711 31.42 -95.65 57.36
N THR EA 712 32.37 -96.47 56.94
CA THR EA 712 33.57 -96.94 57.72
C THR EA 712 34.55 -95.84 58.12
N ARG EA 713 34.79 -94.80 57.33
CA ARG EA 713 35.88 -93.81 57.62
C ARG EA 713 35.44 -92.38 57.94
N PRO EA 714 36.03 -91.70 58.95
CA PRO EA 714 35.81 -90.27 59.17
C PRO EA 714 36.55 -89.35 58.17
N ILE EA 715 35.94 -88.30 57.64
CA ILE EA 715 36.72 -87.48 56.65
C ILE EA 715 36.90 -86.02 57.06
N GLY EA 716 38.15 -85.56 57.17
CA GLY EA 716 38.55 -84.19 57.47
C GLY EA 716 38.72 -83.35 56.24
N THR EA 717 39.03 -82.08 56.41
CA THR EA 717 39.25 -81.15 55.28
C THR EA 717 40.70 -80.84 54.90
N ARG EA 718 41.74 -81.24 55.64
CA ARG EA 718 43.13 -80.72 55.34
C ARG EA 718 44.03 -81.72 54.57
N TYR EA 719 44.17 -81.54 53.26
CA TYR EA 719 45.01 -82.40 52.38
C TYR EA 719 46.02 -81.53 51.67
N LEU EA 720 45.64 -80.29 51.38
CA LEU EA 720 46.54 -79.28 50.75
C LEU EA 720 47.53 -78.70 51.76
N THR EA 721 48.64 -78.18 51.27
CA THR EA 721 49.73 -77.68 52.11
C THR EA 721 50.06 -76.26 51.74
N ARG EA 722 50.41 -75.45 52.73
CA ARG EA 722 50.84 -74.05 52.46
C ARG EA 722 52.08 -73.72 53.28
N PRO EA 723 53.01 -72.85 52.78
CA PRO EA 723 54.11 -72.33 53.60
C PRO EA 723 53.66 -71.34 54.69
N LEU EA 724 54.36 -71.26 55.82
CA LEU EA 724 53.96 -70.38 56.94
C LEU EA 724 54.08 -68.89 56.57
N ASP FA 209 4.88 -73.83 -50.65
CA ASP FA 209 5.83 -73.97 -49.51
C ASP FA 209 6.78 -75.16 -49.75
N GLY FA 210 6.33 -76.41 -49.64
CA GLY FA 210 7.30 -77.52 -49.67
C GLY FA 210 6.84 -78.86 -50.15
N VAL FA 211 7.78 -79.77 -50.42
CA VAL FA 211 7.50 -81.18 -50.82
C VAL FA 211 6.75 -81.95 -49.72
N GLY FA 212 7.06 -81.74 -48.44
CA GLY FA 212 6.47 -82.48 -47.32
C GLY FA 212 5.28 -81.83 -46.70
N ASN FA 213 4.80 -80.70 -47.22
CA ASN FA 213 3.70 -79.96 -46.57
C ASN FA 213 2.46 -79.96 -47.45
N ALA FA 214 1.30 -80.27 -46.87
CA ALA FA 214 0.01 -80.26 -47.61
C ALA FA 214 -0.54 -78.84 -47.87
N SER FA 215 -0.92 -78.54 -49.11
CA SER FA 215 -1.53 -77.26 -49.59
C SER FA 215 -2.95 -76.98 -49.07
N GLY FA 216 -3.80 -77.98 -48.90
CA GLY FA 216 -5.18 -77.83 -48.42
C GLY FA 216 -5.79 -79.04 -47.76
N ASP FA 217 -7.02 -78.92 -47.24
CA ASP FA 217 -7.76 -79.99 -46.53
C ASP FA 217 -9.10 -80.35 -47.18
N TRP FA 218 -9.62 -81.54 -46.91
CA TRP FA 218 -10.92 -82.03 -47.46
C TRP FA 218 -12.14 -81.40 -46.77
N HIS FA 219 -13.00 -80.76 -47.55
CA HIS FA 219 -14.27 -80.24 -47.00
C HIS FA 219 -15.47 -80.74 -47.82
N CYS FA 220 -16.33 -81.59 -47.26
CA CYS FA 220 -17.59 -82.00 -47.95
C CYS FA 220 -18.72 -81.81 -46.93
N ASP FA 221 -19.56 -80.79 -47.11
CA ASP FA 221 -20.61 -80.50 -46.08
C ASP FA 221 -21.79 -79.64 -46.55
N SER FA 222 -22.91 -79.65 -45.82
CA SER FA 222 -24.05 -78.73 -46.06
C SER FA 222 -24.36 -78.01 -44.73
N THR FA 223 -24.54 -76.70 -44.74
CA THR FA 223 -24.98 -75.95 -43.53
C THR FA 223 -26.26 -75.19 -43.85
N TRP FA 224 -27.30 -75.36 -43.04
CA TRP FA 224 -28.61 -74.69 -43.24
C TRP FA 224 -28.77 -73.61 -42.17
N MET FA 225 -28.98 -72.37 -42.58
CA MET FA 225 -29.10 -71.22 -41.65
C MET FA 225 -30.29 -70.30 -42.00
N GLY FA 226 -31.53 -70.64 -41.69
CA GLY FA 226 -32.69 -69.82 -42.11
C GLY FA 226 -32.89 -69.75 -43.59
N ASP FA 227 -32.86 -68.56 -44.18
CA ASP FA 227 -33.05 -68.32 -45.65
C ASP FA 227 -31.84 -68.78 -46.51
N ARG FA 228 -30.69 -69.11 -45.92
CA ARG FA 228 -29.46 -69.47 -46.68
C ARG FA 228 -28.99 -70.91 -46.45
N VAL FA 229 -28.56 -71.60 -47.51
CA VAL FA 229 -27.91 -72.92 -47.40
C VAL FA 229 -26.52 -72.82 -48.07
N VAL FA 230 -25.46 -73.33 -47.44
CA VAL FA 230 -24.08 -73.36 -48.02
C VAL FA 230 -23.68 -74.82 -48.34
N THR FA 231 -23.22 -75.09 -49.56
CA THR FA 231 -22.77 -76.44 -49.97
C THR FA 231 -21.27 -76.47 -50.21
N LYS FA 232 -20.56 -77.46 -49.67
CA LYS FA 232 -19.10 -77.66 -49.90
C LYS FA 232 -18.89 -79.05 -50.54
N SER FA 233 -18.11 -79.13 -51.61
CA SER FA 233 -17.82 -80.39 -52.32
C SER FA 233 -16.33 -80.54 -52.63
N THR FA 234 -15.71 -81.69 -52.31
CA THR FA 234 -14.30 -81.97 -52.60
C THR FA 234 -14.17 -83.23 -53.46
N ARG FA 235 -13.36 -83.19 -54.52
CA ARG FA 235 -13.10 -84.35 -55.40
C ARG FA 235 -11.61 -84.53 -55.76
N THR FA 236 -11.21 -85.73 -56.18
CA THR FA 236 -9.85 -86.03 -56.67
C THR FA 236 -9.91 -86.16 -58.19
N TRP FA 237 -9.03 -85.47 -58.92
CA TRP FA 237 -8.99 -85.45 -60.41
C TRP FA 237 -7.65 -85.94 -61.01
N VAL FA 238 -7.69 -86.41 -62.24
CA VAL FA 238 -6.49 -86.81 -63.02
C VAL FA 238 -6.43 -85.99 -64.33
N LEU FA 239 -5.26 -85.47 -64.71
CA LEU FA 239 -5.08 -84.76 -66.01
C LEU FA 239 -4.13 -85.46 -66.98
N PRO FA 240 -4.61 -85.88 -68.16
CA PRO FA 240 -3.75 -86.38 -69.24
C PRO FA 240 -2.98 -85.30 -70.00
N SER FA 241 -1.87 -85.66 -70.64
CA SER FA 241 -1.22 -84.67 -71.56
C SER FA 241 -1.86 -84.81 -72.95
N TYR FA 242 -2.89 -84.03 -73.26
CA TYR FA 242 -3.67 -84.15 -74.53
C TYR FA 242 -2.99 -83.60 -75.76
N ASN FA 243 -2.99 -84.33 -76.88
CA ASN FA 243 -2.50 -83.85 -78.21
C ASN FA 243 -0.97 -83.88 -78.27
N ASN FA 244 -0.30 -84.43 -77.26
CA ASN FA 244 1.20 -84.44 -77.15
C ASN FA 244 1.76 -83.01 -77.24
N HIS FA 245 1.14 -82.05 -76.53
CA HIS FA 245 1.61 -80.62 -76.47
C HIS FA 245 1.37 -79.82 -77.76
N GLN FA 246 0.37 -80.20 -78.56
CA GLN FA 246 0.13 -79.54 -79.87
C GLN FA 246 -1.34 -79.11 -80.06
N TYR FA 247 -1.60 -78.15 -80.93
CA TYR FA 247 -2.95 -77.66 -81.31
C TYR FA 247 -3.26 -78.28 -82.64
N ARG FA 248 -4.43 -78.88 -82.78
CA ARG FA 248 -4.79 -79.58 -84.04
C ARG FA 248 -6.06 -79.03 -84.71
N GLU FA 249 -6.00 -78.80 -86.02
CA GLU FA 249 -7.24 -78.42 -86.77
C GLU FA 249 -8.15 -79.65 -86.91
N ILE FA 250 -9.43 -79.49 -86.59
CA ILE FA 250 -10.42 -80.59 -86.59
C ILE FA 250 -11.59 -80.21 -87.52
N LYS FA 251 -12.16 -81.17 -88.23
CA LYS FA 251 -13.22 -80.82 -89.20
C LYS FA 251 -14.12 -82.03 -89.50
N SER FA 252 -15.34 -81.79 -89.93
CA SER FA 252 -16.21 -82.90 -90.39
C SER FA 252 -17.01 -82.56 -91.65
N GLY FA 253 -17.24 -83.51 -92.53
CA GLY FA 253 -18.21 -83.43 -93.65
C GLY FA 253 -19.57 -83.99 -93.19
N SER FA 254 -20.52 -84.19 -94.10
CA SER FA 254 -21.86 -84.79 -93.79
C SER FA 254 -21.76 -86.24 -93.26
N VAL FA 255 -22.50 -86.58 -92.21
CA VAL FA 255 -22.44 -87.93 -91.57
C VAL FA 255 -23.85 -88.37 -91.20
N ASP FA 256 -24.16 -89.66 -91.30
CA ASP FA 256 -25.51 -90.23 -90.97
C ASP FA 256 -26.58 -89.59 -91.87
N GLY FA 257 -26.20 -89.21 -93.09
CA GLY FA 257 -27.13 -88.55 -94.01
C GLY FA 257 -27.33 -87.07 -93.80
N SER FA 258 -26.62 -86.40 -92.88
CA SER FA 258 -26.94 -84.96 -92.66
C SER FA 258 -25.79 -83.96 -92.79
N ASN FA 259 -25.97 -82.89 -93.56
CA ASN FA 259 -25.00 -81.74 -93.69
C ASN FA 259 -24.97 -80.86 -92.43
N ALA FA 260 -25.98 -80.92 -91.55
CA ALA FA 260 -26.06 -80.19 -90.25
C ALA FA 260 -24.93 -80.69 -89.35
N ASN FA 261 -24.49 -81.93 -89.56
CA ASN FA 261 -23.31 -82.58 -88.92
C ASN FA 261 -21.96 -81.91 -89.25
N ALA FA 262 -21.74 -81.35 -90.45
CA ALA FA 262 -20.47 -80.69 -90.88
C ALA FA 262 -20.03 -79.50 -90.00
N TYR FA 263 -18.72 -79.40 -89.72
CA TYR FA 263 -18.14 -78.32 -88.87
C TYR FA 263 -16.65 -78.11 -89.20
N PHE FA 264 -16.09 -76.96 -88.83
CA PHE FA 264 -14.64 -76.65 -88.90
C PHE FA 264 -14.23 -76.16 -87.48
N GLY FA 265 -13.12 -76.65 -86.94
CA GLY FA 265 -12.72 -76.33 -85.55
C GLY FA 265 -11.28 -76.59 -85.14
N TYR FA 266 -10.95 -76.26 -83.88
CA TYR FA 266 -9.61 -76.55 -83.30
C TYR FA 266 -9.68 -77.44 -82.02
N SER FA 267 -8.75 -78.37 -81.87
CA SER FA 267 -8.60 -79.17 -80.59
C SER FA 267 -7.36 -78.63 -79.87
N THR FA 268 -7.38 -78.61 -78.54
CA THR FA 268 -6.31 -77.95 -77.77
C THR FA 268 -5.63 -78.89 -76.77
N PRO FA 269 -4.40 -78.57 -76.34
CA PRO FA 269 -3.68 -79.31 -75.28
C PRO FA 269 -4.28 -79.25 -73.88
N TRP FA 270 -5.04 -78.23 -73.53
CA TRP FA 270 -5.70 -77.97 -72.22
C TRP FA 270 -6.93 -78.80 -71.84
N GLY FA 271 -7.20 -78.85 -70.53
CA GLY FA 271 -8.38 -79.49 -69.94
C GLY FA 271 -9.10 -78.49 -69.07
N TYR FA 272 -10.36 -78.72 -68.78
CA TYR FA 272 -11.19 -77.74 -68.01
C TYR FA 272 -11.99 -78.42 -66.89
N PHE FA 273 -12.38 -77.63 -65.89
CA PHE FA 273 -13.24 -78.11 -64.76
C PHE FA 273 -14.71 -77.64 -64.97
N ASP FA 274 -15.68 -78.55 -64.94
CA ASP FA 274 -17.14 -78.27 -65.09
C ASP FA 274 -17.91 -78.64 -63.83
N PHE FA 275 -18.66 -77.71 -63.25
CA PHE FA 275 -19.53 -77.98 -62.08
C PHE FA 275 -21.04 -77.74 -62.37
N ASN FA 276 -21.49 -77.63 -63.62
CA ASN FA 276 -22.92 -77.28 -63.90
C ASN FA 276 -23.84 -78.52 -63.84
N ARG FA 277 -23.89 -79.24 -62.74
CA ARG FA 277 -24.85 -80.34 -62.47
C ARG FA 277 -25.21 -80.21 -60.97
N PHE FA 278 -26.47 -80.40 -60.59
CA PHE FA 278 -26.94 -80.31 -59.17
C PHE FA 278 -26.31 -81.40 -58.24
N HIS FA 279 -26.14 -82.64 -58.70
CA HIS FA 279 -25.59 -83.81 -57.94
C HIS FA 279 -24.14 -83.52 -57.54
N SER FA 280 -23.42 -82.64 -58.25
CA SER FA 280 -22.06 -82.17 -57.92
C SER FA 280 -22.05 -81.43 -56.57
N HIS FA 281 -23.08 -80.66 -56.24
CA HIS FA 281 -23.22 -79.91 -54.96
C HIS FA 281 -24.21 -80.49 -53.95
N TRP FA 282 -25.12 -81.39 -54.33
CA TRP FA 282 -26.24 -81.79 -53.45
C TRP FA 282 -26.30 -83.28 -53.17
N SER FA 283 -26.39 -83.66 -51.89
CA SER FA 283 -26.65 -85.07 -51.52
C SER FA 283 -28.12 -85.39 -51.83
N PRO FA 284 -28.48 -86.67 -52.05
CA PRO FA 284 -29.88 -87.02 -52.25
C PRO FA 284 -30.78 -86.69 -51.06
N ARG FA 285 -30.35 -86.89 -49.82
CA ARG FA 285 -31.12 -86.46 -48.62
C ARG FA 285 -31.30 -84.93 -48.53
N ASP FA 286 -30.28 -84.13 -48.82
CA ASP FA 286 -30.34 -82.64 -48.82
C ASP FA 286 -31.30 -82.11 -49.88
N TRP FA 287 -31.32 -82.73 -51.06
CA TRP FA 287 -32.26 -82.39 -52.14
C TRP FA 287 -33.72 -82.64 -51.73
N GLN FA 288 -34.00 -83.73 -51.03
CA GLN FA 288 -35.34 -84.07 -50.48
C GLN FA 288 -35.80 -83.03 -49.45
N ARG FA 289 -34.89 -82.56 -48.61
CA ARG FA 289 -35.21 -81.52 -47.61
C ARG FA 289 -35.63 -80.21 -48.31
N LEU FA 290 -34.95 -79.78 -49.35
CA LEU FA 290 -35.36 -78.58 -50.14
C LEU FA 290 -36.70 -78.68 -50.92
N ILE FA 291 -36.95 -79.78 -51.63
CA ILE FA 291 -38.16 -79.98 -52.49
C ILE FA 291 -39.43 -80.05 -51.63
N ASN FA 292 -39.36 -80.70 -50.48
CA ASN FA 292 -40.45 -80.83 -49.49
C ASN FA 292 -40.86 -79.53 -48.80
N ASN FA 293 -39.94 -78.60 -48.49
CA ASN FA 293 -40.23 -77.42 -47.62
C ASN FA 293 -40.14 -76.00 -48.17
N TYR FA 294 -39.78 -75.78 -49.43
CA TYR FA 294 -39.54 -74.40 -49.94
C TYR FA 294 -40.25 -74.08 -51.25
N TRP FA 295 -40.79 -72.87 -51.39
CA TRP FA 295 -41.36 -72.36 -52.67
C TRP FA 295 -40.31 -72.12 -53.80
N GLY FA 296 -39.14 -71.63 -53.47
CA GLY FA 296 -38.12 -71.30 -54.47
C GLY FA 296 -36.69 -71.28 -53.99
N PHE FA 297 -35.75 -71.33 -54.93
CA PHE FA 297 -34.29 -71.22 -54.60
C PHE FA 297 -33.54 -70.45 -55.71
N ARG FA 298 -32.42 -69.79 -55.40
CA ARG FA 298 -31.53 -69.13 -56.41
C ARG FA 298 -30.02 -69.19 -55.99
N PRO FA 299 -29.04 -69.26 -56.93
CA PRO FA 299 -27.60 -69.13 -56.59
C PRO FA 299 -27.08 -67.71 -56.24
N ARG FA 300 -26.15 -67.58 -55.31
CA ARG FA 300 -25.63 -66.25 -54.86
C ARG FA 300 -24.12 -66.11 -55.03
N SER FA 301 -23.33 -67.07 -54.52
CA SER FA 301 -21.84 -66.96 -54.55
C SER FA 301 -21.13 -68.27 -54.87
N LEU FA 302 -19.96 -68.19 -55.48
CA LEU FA 302 -19.11 -69.37 -55.77
C LEU FA 302 -17.64 -69.18 -55.33
N ARG FA 303 -17.01 -70.16 -54.67
CA ARG FA 303 -15.55 -70.15 -54.34
C ARG FA 303 -14.89 -71.46 -54.84
N VAL FA 304 -13.75 -71.36 -55.54
CA VAL FA 304 -12.99 -72.55 -56.05
C VAL FA 304 -11.52 -72.60 -55.55
N LYS FA 305 -11.06 -73.76 -55.06
CA LYS FA 305 -9.63 -73.98 -54.69
C LYS FA 305 -9.04 -75.23 -55.39
N ILE FA 306 -7.83 -75.14 -55.96
CA ILE FA 306 -7.08 -76.30 -56.57
C ILE FA 306 -5.79 -76.50 -55.75
N PHE FA 307 -5.50 -77.71 -55.27
CA PHE FA 307 -4.41 -77.98 -54.28
C PHE FA 307 -3.87 -79.42 -54.29
N ASN FA 308 -2.78 -79.71 -53.55
CA ASN FA 308 -2.12 -81.06 -53.40
C ASN FA 308 -1.68 -81.63 -54.74
N ILE FA 309 -1.10 -80.80 -55.58
CA ILE FA 309 -0.66 -81.18 -56.94
C ILE FA 309 0.48 -82.21 -56.95
N GLN FA 310 0.40 -83.21 -57.81
CA GLN FA 310 1.43 -84.26 -57.96
C GLN FA 310 1.68 -84.54 -59.46
N VAL FA 311 2.91 -84.35 -59.91
CA VAL FA 311 3.29 -84.56 -61.33
C VAL FA 311 4.09 -85.87 -61.41
N LYS FA 312 3.72 -86.76 -62.34
CA LYS FA 312 4.34 -88.09 -62.50
C LYS FA 312 4.93 -88.27 -63.91
N GLU FA 313 6.08 -88.92 -63.99
CA GLU FA 313 6.71 -89.23 -65.31
C GLU FA 313 6.59 -90.73 -65.59
N VAL FA 314 6.19 -91.08 -66.80
CA VAL FA 314 5.98 -92.51 -67.18
C VAL FA 314 7.08 -92.87 -68.18
N THR FA 315 7.78 -93.97 -67.94
CA THR FA 315 8.88 -94.42 -68.81
C THR FA 315 8.69 -95.84 -69.21
N VAL FA 316 8.93 -96.19 -70.47
CA VAL FA 316 8.87 -97.62 -70.86
C VAL FA 316 10.23 -98.13 -71.36
N GLN FA 317 10.77 -99.19 -70.77
CA GLN FA 317 11.98 -99.83 -71.34
C GLN FA 317 11.63 -101.31 -71.55
N ASP FA 318 11.62 -101.79 -72.79
CA ASP FA 318 11.37 -103.24 -73.06
C ASP FA 318 10.05 -103.67 -72.40
N SER FA 319 9.01 -102.84 -72.42
CA SER FA 319 7.64 -103.21 -71.92
C SER FA 319 7.47 -103.16 -70.39
N THR FA 320 8.45 -102.69 -69.60
CA THR FA 320 8.30 -102.53 -68.12
C THR FA 320 7.26 -101.50 -67.69
N THR FA 321 7.13 -100.33 -68.32
CA THR FA 321 6.22 -99.22 -67.88
C THR FA 321 6.37 -98.70 -66.43
N THR FA 322 7.57 -98.35 -65.94
CA THR FA 322 7.74 -97.70 -64.61
C THR FA 322 7.13 -96.30 -64.49
N ILE FA 323 6.57 -95.94 -63.33
CA ILE FA 323 5.99 -94.59 -63.05
C ILE FA 323 6.72 -93.94 -61.86
N ALA FA 324 7.12 -92.67 -61.96
CA ALA FA 324 7.88 -91.97 -60.89
C ALA FA 324 7.44 -90.51 -60.69
N ASN FA 325 7.65 -89.97 -59.50
CA ASN FA 325 7.39 -88.54 -59.23
C ASN FA 325 8.41 -87.60 -59.85
N ASN FA 326 7.98 -86.47 -60.43
CA ASN FA 326 8.93 -85.41 -60.86
C ASN FA 326 8.63 -84.19 -59.99
N LEU FA 327 9.50 -83.84 -59.05
CA LEU FA 327 9.37 -82.69 -58.10
C LEU FA 327 9.42 -81.31 -58.77
N THR FA 328 10.26 -81.14 -59.77
CA THR FA 328 10.50 -79.81 -60.40
C THR FA 328 9.53 -79.48 -61.54
N SER FA 329 8.65 -80.39 -61.97
CA SER FA 329 7.63 -80.16 -63.03
C SER FA 329 6.47 -79.22 -62.60
N THR FA 330 5.85 -78.51 -63.56
CA THR FA 330 4.79 -77.51 -63.26
C THR FA 330 3.45 -77.78 -63.94
N VAL FA 331 2.40 -77.22 -63.38
CA VAL FA 331 1.02 -77.24 -63.97
C VAL FA 331 0.66 -75.76 -64.21
N GLN FA 332 -0.09 -75.44 -65.26
CA GLN FA 332 -0.52 -74.05 -65.59
C GLN FA 332 -2.05 -73.86 -65.50
N VAL FA 333 -2.52 -72.84 -64.78
CA VAL FA 333 -3.97 -72.60 -64.50
C VAL FA 333 -4.40 -71.15 -64.79
N PHE FA 334 -5.56 -70.95 -65.42
CA PHE FA 334 -6.14 -69.59 -65.65
C PHE FA 334 -7.70 -69.58 -65.68
N THR FA 335 -8.30 -68.42 -65.45
CA THR FA 335 -9.77 -68.23 -65.58
C THR FA 335 -10.06 -67.21 -66.68
N ASP FA 336 -11.03 -67.47 -67.56
CA ASP FA 336 -11.43 -66.54 -68.66
C ASP FA 336 -12.47 -65.52 -68.17
N ASP FA 337 -12.06 -64.51 -67.43
CA ASP FA 337 -12.93 -63.48 -66.80
C ASP FA 337 -13.72 -62.57 -67.75
N ASP FA 338 -13.16 -62.13 -68.88
CA ASP FA 338 -13.81 -61.20 -69.85
C ASP FA 338 -14.57 -61.91 -70.97
N TYR FA 339 -14.68 -63.24 -70.96
CA TYR FA 339 -15.49 -64.04 -71.92
C TYR FA 339 -14.97 -63.94 -73.35
N GLN FA 340 -13.68 -63.75 -73.52
CA GLN FA 340 -13.00 -63.72 -74.83
C GLN FA 340 -13.06 -65.08 -75.56
N LEU FA 341 -12.91 -66.18 -74.83
CA LEU FA 341 -12.99 -67.54 -75.39
C LEU FA 341 -14.39 -68.04 -75.68
N PRO FA 342 -14.57 -68.96 -76.64
CA PRO FA 342 -15.87 -69.61 -76.78
C PRO FA 342 -16.27 -70.41 -75.52
N TYR FA 343 -17.51 -70.29 -75.03
CA TYR FA 343 -17.95 -70.93 -73.76
C TYR FA 343 -18.71 -72.22 -74.06
N VAL FA 344 -18.12 -73.35 -73.69
CA VAL FA 344 -18.68 -74.67 -74.02
C VAL FA 344 -19.35 -75.32 -72.79
N VAL FA 345 -19.32 -74.67 -71.62
CA VAL FA 345 -19.82 -75.24 -70.33
C VAL FA 345 -21.35 -75.53 -70.26
N GLY FA 346 -22.24 -74.76 -70.86
CA GLY FA 346 -23.72 -74.87 -70.66
C GLY FA 346 -24.50 -75.69 -71.68
N ASN FA 347 -23.89 -76.64 -72.38
CA ASN FA 347 -24.47 -77.40 -73.53
C ASN FA 347 -24.80 -78.88 -73.22
N GLY FA 348 -25.01 -79.31 -71.96
CA GLY FA 348 -25.35 -80.69 -71.55
C GLY FA 348 -24.34 -81.77 -71.85
N THR FA 349 -23.06 -81.45 -71.71
CA THR FA 349 -21.95 -82.38 -72.01
C THR FA 349 -21.38 -83.04 -70.77
N GLU FA 350 -20.81 -84.22 -70.93
CA GLU FA 350 -20.15 -85.01 -69.86
C GLU FA 350 -18.78 -84.47 -69.39
N GLY FA 351 -18.27 -84.94 -68.24
CA GLY FA 351 -17.03 -84.42 -67.62
C GLY FA 351 -17.15 -83.54 -66.41
N CYS FA 352 -18.35 -83.34 -65.85
CA CYS FA 352 -18.59 -82.60 -64.58
C CYS FA 352 -18.12 -83.41 -63.35
N LEU FA 353 -17.95 -82.76 -62.20
CA LEU FA 353 -17.57 -83.46 -60.96
C LEU FA 353 -18.62 -84.52 -60.63
N PRO FA 354 -18.18 -85.71 -60.15
CA PRO FA 354 -19.12 -86.79 -59.85
C PRO FA 354 -20.15 -86.65 -58.73
N ALA FA 355 -21.30 -87.31 -58.85
CA ALA FA 355 -22.38 -87.32 -57.82
C ALA FA 355 -21.88 -87.92 -56.49
N PHE FA 356 -21.06 -88.98 -56.52
CA PHE FA 356 -20.59 -89.68 -55.30
C PHE FA 356 -19.20 -89.17 -54.94
N PRO FA 357 -18.98 -88.62 -53.71
CA PRO FA 357 -17.69 -88.05 -53.29
C PRO FA 357 -16.39 -88.87 -53.42
N PRO FA 358 -16.35 -90.19 -53.12
CA PRO FA 358 -15.19 -91.06 -53.33
C PRO FA 358 -14.71 -91.31 -54.77
N GLN FA 359 -15.59 -91.14 -55.77
CA GLN FA 359 -15.25 -91.39 -57.20
C GLN FA 359 -14.16 -90.45 -57.74
N VAL FA 360 -13.25 -90.99 -58.53
CA VAL FA 360 -12.09 -90.22 -59.05
C VAL FA 360 -12.33 -89.99 -60.56
N PHE FA 361 -12.10 -88.78 -61.05
CA PHE FA 361 -12.48 -88.46 -62.45
C PHE FA 361 -11.40 -87.84 -63.36
N THR FA 362 -11.49 -88.17 -64.65
CA THR FA 362 -10.65 -87.56 -65.70
C THR FA 362 -11.24 -86.25 -66.19
N LEU FA 363 -10.44 -85.18 -66.30
CA LEU FA 363 -10.89 -83.88 -66.89
C LEU FA 363 -11.11 -83.95 -68.40
N PRO FA 364 -12.19 -83.31 -68.90
CA PRO FA 364 -12.40 -83.20 -70.35
C PRO FA 364 -11.40 -82.32 -71.14
N GLN FA 365 -11.07 -82.69 -72.37
CA GLN FA 365 -10.24 -81.83 -73.26
C GLN FA 365 -11.04 -80.68 -73.89
N TYR FA 366 -10.51 -79.45 -73.87
CA TYR FA 366 -11.11 -78.25 -74.53
C TYR FA 366 -11.00 -78.25 -76.07
N GLY FA 367 -12.06 -77.82 -76.74
CA GLY FA 367 -12.16 -77.73 -78.20
C GLY FA 367 -13.30 -76.82 -78.52
N TYR FA 368 -13.42 -76.38 -79.78
CA TYR FA 368 -14.52 -75.48 -80.23
C TYR FA 368 -14.78 -75.62 -81.71
N ALA FA 369 -15.96 -75.21 -82.15
CA ALA FA 369 -16.29 -75.09 -83.58
C ALA FA 369 -16.40 -73.61 -83.96
N THR FA 370 -15.77 -73.19 -85.04
CA THR FA 370 -15.92 -71.83 -85.62
C THR FA 370 -16.84 -71.94 -86.84
N LEU FA 371 -16.75 -70.99 -87.77
CA LEU FA 371 -17.52 -71.01 -89.03
C LEU FA 371 -17.06 -72.06 -90.07
N ASN FA 372 -18.01 -72.58 -90.83
CA ASN FA 372 -17.74 -73.59 -91.89
C ASN FA 372 -18.39 -73.05 -93.17
N ARG FA 373 -17.88 -73.40 -94.34
CA ARG FA 373 -18.38 -72.80 -95.61
C ARG FA 373 -19.34 -73.72 -96.38
N ASP FA 374 -20.55 -73.25 -96.66
CA ASP FA 374 -21.59 -73.96 -97.49
C ASP FA 374 -21.97 -75.36 -96.99
N ASN FA 375 -22.10 -75.57 -95.68
CA ASN FA 375 -22.44 -76.90 -95.08
C ASN FA 375 -21.40 -77.94 -95.49
N THR FA 376 -20.11 -77.59 -95.47
CA THR FA 376 -18.96 -78.46 -95.82
C THR FA 376 -17.87 -78.35 -94.74
N GLU FA 377 -16.81 -79.19 -94.75
CA GLU FA 377 -15.69 -79.18 -93.75
C GLU FA 377 -14.73 -77.98 -93.86
N ASN FA 378 -14.74 -77.26 -94.97
CA ASN FA 378 -13.89 -76.06 -95.22
C ASN FA 378 -14.21 -74.81 -94.40
N PRO FA 379 -13.20 -74.01 -94.03
CA PRO FA 379 -13.35 -72.71 -93.39
C PRO FA 379 -13.73 -71.46 -94.26
N THR FA 380 -14.01 -70.33 -93.62
CA THR FA 380 -14.35 -69.04 -94.24
C THR FA 380 -13.34 -68.00 -93.78
N GLU FA 381 -13.27 -66.84 -94.42
CA GLU FA 381 -12.40 -65.70 -94.03
C GLU FA 381 -12.78 -65.17 -92.63
N ARG FA 382 -14.04 -65.17 -92.25
CA ARG FA 382 -14.55 -64.81 -90.90
C ARG FA 382 -14.13 -65.84 -89.83
N SER FA 383 -13.80 -67.08 -90.18
CA SER FA 383 -13.44 -68.18 -89.23
C SER FA 383 -12.21 -67.78 -88.38
N SER FA 384 -12.24 -68.08 -87.08
CA SER FA 384 -11.27 -67.59 -86.07
C SER FA 384 -10.44 -68.66 -85.34
N PHE FA 385 -9.18 -68.36 -85.08
CA PHE FA 385 -8.30 -69.24 -84.28
C PHE FA 385 -7.98 -68.54 -82.96
N PHE FA 386 -8.09 -69.28 -81.88
CA PHE FA 386 -7.75 -68.74 -80.53
C PHE FA 386 -6.62 -69.53 -79.89
N CYS FA 387 -5.57 -68.85 -79.40
CA CYS FA 387 -4.45 -69.46 -78.64
C CYS FA 387 -4.64 -69.23 -77.12
N LEU FA 388 -4.65 -70.28 -76.29
CA LEU FA 388 -4.75 -70.23 -74.80
C LEU FA 388 -3.48 -69.66 -74.16
N GLU FA 389 -2.30 -69.96 -74.74
CA GLU FA 389 -0.98 -69.50 -74.24
C GLU FA 389 -0.82 -67.99 -74.39
N TYR FA 390 -1.62 -67.34 -75.23
CA TYR FA 390 -1.66 -65.85 -75.37
C TYR FA 390 -2.16 -65.21 -74.07
N PHE FA 391 -3.10 -65.78 -73.36
CA PHE FA 391 -3.56 -65.29 -72.02
C PHE FA 391 -2.51 -65.51 -70.93
N PRO FA 392 -2.41 -64.66 -69.89
CA PRO FA 392 -1.58 -64.98 -68.72
C PRO FA 392 -2.07 -66.14 -67.77
N SER FA 393 -1.18 -67.00 -67.27
CA SER FA 393 -1.54 -68.14 -66.38
C SER FA 393 -0.62 -68.30 -65.14
N LYS FA 394 -1.15 -68.77 -64.02
CA LYS FA 394 -0.34 -69.12 -62.83
C LYS FA 394 0.44 -70.44 -63.07
N MET FA 395 1.68 -70.54 -62.60
CA MET FA 395 2.50 -71.78 -62.72
C MET FA 395 2.66 -72.43 -61.33
N LEU FA 396 2.34 -73.71 -61.22
CA LEU FA 396 2.39 -74.38 -59.89
C LEU FA 396 3.27 -75.63 -59.82
N ARG FA 397 4.15 -75.69 -58.84
CA ARG FA 397 4.91 -76.90 -58.46
C ARG FA 397 4.09 -77.65 -57.35
N THR FA 398 4.57 -78.78 -56.82
CA THR FA 398 3.92 -79.65 -55.78
C THR FA 398 3.54 -78.89 -54.50
N GLY FA 399 4.33 -77.94 -54.00
CA GLY FA 399 4.01 -77.01 -52.89
C GLY FA 399 2.88 -76.04 -53.11
N ASN FA 400 2.69 -75.52 -54.33
CA ASN FA 400 1.73 -74.43 -54.71
C ASN FA 400 0.23 -74.74 -54.79
N ASN FA 401 -0.62 -73.73 -54.65
CA ASN FA 401 -2.11 -73.83 -54.69
C ASN FA 401 -2.73 -72.66 -55.49
N PHE FA 402 -3.96 -72.81 -56.00
CA PHE FA 402 -4.71 -71.75 -56.72
C PHE FA 402 -6.11 -71.50 -56.10
N GLU FA 403 -6.55 -70.25 -56.00
CA GLU FA 403 -7.91 -69.92 -55.50
C GLU FA 403 -8.67 -68.89 -56.39
N PHE FA 404 -10.00 -69.01 -56.54
CA PHE FA 404 -10.86 -68.02 -57.26
C PHE FA 404 -12.20 -67.75 -56.50
N THR FA 405 -12.77 -66.55 -56.63
CA THR FA 405 -14.10 -66.17 -56.04
C THR FA 405 -15.01 -65.54 -57.09
N TYR FA 406 -16.31 -65.84 -57.08
CA TYR FA 406 -17.31 -65.25 -58.03
C TYR FA 406 -18.62 -64.84 -57.35
N ASN FA 407 -19.29 -63.80 -57.83
CA ASN FA 407 -20.66 -63.40 -57.36
C ASN FA 407 -21.65 -63.51 -58.51
N PHE FA 408 -22.79 -64.13 -58.28
CA PHE FA 408 -23.84 -64.27 -59.32
C PHE FA 408 -24.59 -62.95 -59.45
N GLU FA 409 -25.07 -62.61 -60.66
CA GLU FA 409 -25.95 -61.43 -60.89
C GLU FA 409 -27.36 -61.69 -60.32
N GLU FA 410 -28.13 -60.64 -60.06
CA GLU FA 410 -29.53 -60.86 -59.62
C GLU FA 410 -30.31 -61.64 -60.69
N VAL FA 411 -31.04 -62.66 -60.26
CA VAL FA 411 -31.77 -63.56 -61.18
C VAL FA 411 -33.09 -63.89 -60.47
N PRO FA 412 -34.19 -64.20 -61.18
CA PRO FA 412 -35.41 -64.67 -60.52
C PRO FA 412 -35.29 -66.06 -59.85
N PHE FA 413 -35.98 -66.29 -58.73
CA PHE FA 413 -36.01 -67.62 -58.05
C PHE FA 413 -36.69 -68.66 -58.92
N HIS FA 414 -36.19 -69.90 -58.96
CA HIS FA 414 -36.91 -71.02 -59.63
C HIS FA 414 -38.20 -71.30 -58.84
N SER FA 415 -39.27 -71.68 -59.53
CA SER FA 415 -40.56 -72.00 -58.86
C SER FA 415 -40.70 -73.48 -58.51
N SER FA 416 -40.49 -73.86 -57.25
CA SER FA 416 -40.64 -75.25 -56.75
C SER FA 416 -42.06 -75.47 -56.20
N PHE FA 417 -43.08 -75.41 -57.04
CA PHE FA 417 -44.49 -75.59 -56.62
C PHE FA 417 -45.31 -76.02 -57.83
N ALA FA 418 -46.44 -76.64 -57.56
CA ALA FA 418 -47.41 -77.01 -58.61
C ALA FA 418 -48.68 -76.22 -58.37
N PRO FA 419 -49.33 -75.68 -59.44
CA PRO FA 419 -50.61 -75.02 -59.28
C PRO FA 419 -51.80 -75.88 -58.80
N SER FA 420 -52.58 -75.34 -57.87
CA SER FA 420 -53.79 -76.04 -57.33
C SER FA 420 -55.08 -75.63 -58.06
N GLN FA 421 -55.01 -74.75 -59.06
CA GLN FA 421 -56.19 -74.35 -59.88
C GLN FA 421 -55.92 -74.36 -61.39
N ASN FA 422 -56.92 -74.70 -62.19
CA ASN FA 422 -56.90 -74.56 -63.68
C ASN FA 422 -57.01 -73.08 -64.08
N LEU FA 423 -56.29 -72.65 -65.13
CA LEU FA 423 -56.27 -71.25 -65.65
C LEU FA 423 -57.67 -70.81 -66.13
N PHE FA 424 -58.44 -71.71 -66.73
CA PHE FA 424 -59.80 -71.44 -67.24
C PHE FA 424 -60.96 -71.63 -66.20
N LYS FA 425 -60.73 -72.04 -64.95
CA LYS FA 425 -61.78 -72.32 -63.91
C LYS FA 425 -61.73 -71.32 -62.72
N LEU FA 426 -61.35 -70.05 -62.90
CA LEU FA 426 -61.13 -69.06 -61.81
C LEU FA 426 -62.37 -68.25 -61.35
N ALA FA 427 -63.47 -68.29 -62.09
CA ALA FA 427 -64.72 -67.64 -61.67
C ALA FA 427 -65.31 -68.42 -60.47
N ASN FA 428 -66.02 -67.73 -59.56
CA ASN FA 428 -66.70 -68.41 -58.44
C ASN FA 428 -67.71 -69.40 -59.04
N PRO FA 429 -67.74 -70.66 -58.55
CA PRO FA 429 -68.71 -71.65 -59.00
C PRO FA 429 -70.20 -71.31 -58.71
N LEU FA 430 -70.54 -70.72 -57.57
CA LEU FA 430 -71.88 -70.23 -57.12
C LEU FA 430 -72.51 -69.07 -57.91
N VAL FA 431 -71.73 -68.10 -58.39
CA VAL FA 431 -72.28 -66.86 -58.99
C VAL FA 431 -72.19 -66.73 -60.54
N ASP FA 432 -73.28 -66.33 -61.20
CA ASP FA 432 -73.34 -66.03 -62.66
C ASP FA 432 -72.62 -64.74 -63.07
N GLN FA 433 -72.08 -64.70 -64.28
CA GLN FA 433 -71.48 -63.47 -64.87
C GLN FA 433 -72.51 -62.43 -65.34
N TYR FA 434 -72.20 -61.12 -65.30
CA TYR FA 434 -73.07 -60.07 -65.91
C TYR FA 434 -72.80 -59.92 -67.44
N LEU FA 435 -72.35 -60.96 -68.10
CA LEU FA 435 -71.90 -60.91 -69.52
C LEU FA 435 -72.67 -61.91 -70.37
N TYR FA 436 -72.82 -61.62 -71.65
CA TYR FA 436 -73.67 -62.45 -72.54
C TYR FA 436 -72.91 -62.88 -73.79
N ARG FA 437 -73.34 -63.99 -74.38
CA ARG FA 437 -72.67 -64.57 -75.57
C ARG FA 437 -73.68 -64.82 -76.71
N PHE FA 438 -73.20 -64.81 -77.94
CA PHE FA 438 -74.06 -65.15 -79.10
C PHE FA 438 -74.16 -66.65 -79.22
N VAL FA 439 -75.38 -67.13 -79.31
CA VAL FA 439 -75.59 -68.59 -79.45
C VAL FA 439 -76.35 -68.98 -80.72
N SER FA 440 -77.04 -68.06 -81.37
CA SER FA 440 -77.99 -68.49 -82.43
C SER FA 440 -78.45 -67.45 -83.45
N THR FA 441 -79.02 -67.93 -84.54
CA THR FA 441 -79.68 -67.07 -85.54
C THR FA 441 -81.07 -67.70 -85.73
N ASN FA 442 -82.13 -66.91 -85.92
CA ASN FA 442 -83.52 -67.42 -86.17
C ASN FA 442 -83.79 -67.76 -87.66
N ASN FA 443 -85.03 -68.12 -88.03
CA ASN FA 443 -85.39 -68.54 -89.42
C ASN FA 443 -85.08 -67.39 -90.38
N THR FA 444 -85.33 -66.13 -90.01
CA THR FA 444 -84.81 -64.97 -90.75
C THR FA 444 -83.50 -64.84 -90.03
N GLY FA 445 -82.36 -64.58 -90.66
CA GLY FA 445 -81.11 -64.75 -89.87
C GLY FA 445 -80.82 -63.67 -88.85
N GLY FA 446 -81.63 -63.57 -87.79
CA GLY FA 446 -81.49 -62.54 -86.74
C GLY FA 446 -80.78 -63.06 -85.52
N VAL FA 447 -79.79 -62.33 -85.02
CA VAL FA 447 -78.91 -62.78 -83.89
C VAL FA 447 -79.63 -62.94 -82.54
N GLN FA 448 -79.22 -63.95 -81.77
CA GLN FA 448 -79.85 -64.28 -80.46
C GLN FA 448 -78.75 -64.45 -79.40
N PHE FA 449 -79.07 -64.14 -78.14
CA PHE FA 449 -78.05 -64.14 -77.04
C PHE FA 449 -78.53 -64.86 -75.78
N ASN FA 450 -77.59 -65.39 -75.00
CA ASN FA 450 -77.90 -66.05 -73.69
C ASN FA 450 -76.91 -65.57 -72.65
N LYS FA 451 -77.32 -65.46 -71.40
CA LYS FA 451 -76.44 -65.11 -70.23
C LYS FA 451 -75.49 -66.25 -69.84
N ASN FA 452 -74.34 -65.91 -69.27
CA ASN FA 452 -73.36 -66.93 -68.83
C ASN FA 452 -73.66 -67.37 -67.39
N LEU FA 453 -73.99 -68.65 -67.20
CA LEU FA 453 -74.37 -69.25 -65.89
C LEU FA 453 -73.19 -69.67 -64.99
N ALA FA 454 -73.44 -69.82 -63.69
CA ALA FA 454 -72.40 -70.24 -62.71
C ALA FA 454 -71.85 -71.65 -62.96
N GLY FA 455 -70.51 -71.79 -62.96
CA GLY FA 455 -69.81 -73.06 -63.16
C GLY FA 455 -69.68 -73.53 -64.60
N ARG FA 456 -70.17 -72.78 -65.57
CA ARG FA 456 -70.13 -73.15 -67.01
C ARG FA 456 -68.81 -72.64 -67.63
N TYR FA 457 -67.68 -73.28 -67.33
CA TYR FA 457 -66.28 -72.88 -67.70
C TYR FA 457 -66.08 -72.93 -69.22
N ALA FA 458 -66.81 -73.80 -69.90
CA ALA FA 458 -66.78 -73.88 -71.36
C ALA FA 458 -67.21 -72.54 -71.99
N ASN FA 459 -68.16 -71.80 -71.42
CA ASN FA 459 -68.75 -70.57 -72.01
C ASN FA 459 -68.50 -69.26 -71.26
N THR FA 460 -67.40 -69.02 -70.58
CA THR FA 460 -67.18 -67.91 -69.64
C THR FA 460 -66.17 -66.96 -70.26
N TYR FA 461 -66.30 -65.67 -70.03
CA TYR FA 461 -65.31 -64.66 -70.50
C TYR FA 461 -64.02 -64.88 -69.73
N LYS FA 462 -62.88 -64.75 -70.40
CA LYS FA 462 -61.56 -65.05 -69.77
C LYS FA 462 -60.58 -63.89 -69.85
N ASN FA 463 -59.95 -63.49 -68.76
CA ASN FA 463 -58.82 -62.51 -68.73
C ASN FA 463 -57.48 -62.98 -69.33
N TRP FA 464 -57.09 -64.23 -69.15
CA TRP FA 464 -55.71 -64.68 -69.41
C TRP FA 464 -55.64 -65.91 -70.29
N PHE FA 465 -54.53 -66.07 -70.96
CA PHE FA 465 -54.40 -67.14 -71.99
C PHE FA 465 -53.19 -67.99 -71.69
N PRO FA 466 -53.23 -69.26 -72.13
CA PRO FA 466 -52.09 -70.16 -72.01
C PRO FA 466 -50.87 -69.84 -72.89
N GLY FA 467 -49.71 -70.35 -72.53
CA GLY FA 467 -48.42 -70.11 -73.22
C GLY FA 467 -48.24 -70.79 -74.57
N PRO FA 468 -47.20 -70.39 -75.33
CA PRO FA 468 -46.98 -70.87 -76.70
C PRO FA 468 -46.73 -72.38 -76.94
N MET FA 469 -47.25 -72.90 -78.06
CA MET FA 469 -47.17 -74.36 -78.33
C MET FA 469 -46.75 -74.72 -79.77
N GLY FA 470 -46.02 -75.81 -79.99
CA GLY FA 470 -45.78 -76.40 -81.34
C GLY FA 470 -46.06 -77.89 -81.29
N ARG FA 471 -46.86 -78.49 -82.18
CA ARG FA 471 -47.22 -79.93 -82.04
C ARG FA 471 -46.02 -80.91 -82.22
N THR FA 472 -45.87 -81.90 -81.31
CA THR FA 472 -44.80 -82.92 -81.32
C THR FA 472 -45.42 -84.29 -81.16
N GLN FA 473 -44.91 -85.32 -81.84
CA GLN FA 473 -45.52 -86.67 -81.84
C GLN FA 473 -45.55 -87.34 -80.45
N GLY FA 474 -46.63 -88.06 -80.14
CA GLY FA 474 -46.79 -88.77 -78.86
C GLY FA 474 -46.61 -90.26 -79.00
N TRP FA 475 -45.80 -90.84 -78.11
CA TRP FA 475 -45.53 -92.30 -78.12
C TRP FA 475 -45.93 -92.94 -76.78
N ASN FA 476 -46.62 -94.08 -76.83
CA ASN FA 476 -47.04 -94.83 -75.61
C ASN FA 476 -45.86 -95.57 -74.97
N LEU FA 477 -45.87 -95.70 -73.66
CA LEU FA 477 -44.80 -96.36 -72.87
C LEU FA 477 -45.49 -97.46 -72.04
N GLY FA 478 -44.75 -98.45 -71.53
CA GLY FA 478 -45.39 -99.57 -70.81
C GLY FA 478 -46.28 -100.42 -71.69
N SER FA 479 -47.56 -100.53 -71.35
CA SER FA 479 -48.52 -101.32 -72.15
C SER FA 479 -48.61 -100.72 -73.56
N GLY FA 480 -48.62 -99.38 -73.72
CA GLY FA 480 -48.42 -98.81 -75.07
C GLY FA 480 -49.39 -99.19 -76.16
N VAL FA 481 -48.92 -99.76 -77.27
CA VAL FA 481 -49.74 -100.08 -78.49
C VAL FA 481 -49.34 -99.17 -79.69
N ASN FA 482 -48.11 -98.66 -79.75
CA ASN FA 482 -47.55 -97.82 -80.88
C ASN FA 482 -47.26 -98.56 -82.20
N ARG FA 483 -47.14 -97.84 -83.32
CA ARG FA 483 -46.82 -98.39 -84.68
C ARG FA 483 -45.43 -99.06 -84.81
N ALA FA 484 -45.34 -100.20 -85.49
CA ALA FA 484 -44.12 -101.04 -85.63
C ALA FA 484 -43.10 -100.64 -86.69
N SER FA 485 -41.81 -100.98 -86.47
CA SER FA 485 -40.72 -100.82 -87.46
C SER FA 485 -40.51 -99.39 -88.00
N VAL FA 486 -40.58 -98.39 -87.14
CA VAL FA 486 -40.48 -96.97 -87.59
C VAL FA 486 -39.06 -96.41 -87.47
N SER FA 487 -38.59 -95.67 -88.48
CA SER FA 487 -37.32 -94.91 -88.35
C SER FA 487 -37.77 -93.48 -88.01
N ALA FA 488 -37.42 -92.96 -86.86
CA ALA FA 488 -37.89 -91.64 -86.33
C ALA FA 488 -37.47 -90.36 -87.08
N PHE FA 489 -36.27 -90.23 -87.63
CA PHE FA 489 -35.69 -88.93 -88.08
C PHE FA 489 -36.44 -88.13 -89.18
N ALA FA 490 -37.01 -88.73 -90.21
CA ALA FA 490 -37.71 -88.02 -91.30
C ALA FA 490 -38.91 -87.23 -90.77
N THR FA 491 -39.64 -87.76 -89.80
CA THR FA 491 -40.88 -87.15 -89.26
C THR FA 491 -40.66 -86.31 -88.01
N THR FA 492 -39.43 -86.11 -87.56
CA THR FA 492 -39.09 -85.28 -86.37
C THR FA 492 -39.24 -83.78 -86.59
N ASN FA 493 -39.46 -83.00 -85.53
CA ASN FA 493 -39.54 -81.51 -85.58
C ASN FA 493 -38.18 -80.89 -85.94
N ARG FA 494 -38.18 -79.84 -86.76
CA ARG FA 494 -36.90 -79.25 -87.24
C ARG FA 494 -36.95 -77.73 -87.40
N MET FA 495 -35.81 -77.06 -87.32
CA MET FA 495 -35.68 -75.61 -87.63
C MET FA 495 -34.56 -75.50 -88.68
N GLU FA 496 -34.65 -74.55 -89.62
CA GLU FA 496 -33.67 -74.41 -90.74
C GLU FA 496 -32.71 -73.24 -90.47
N LEU FA 497 -31.39 -73.45 -90.47
CA LEU FA 497 -30.38 -72.36 -90.33
C LEU FA 497 -29.33 -72.48 -91.43
N GLU FA 498 -29.00 -71.41 -92.17
CA GLU FA 498 -27.88 -71.35 -93.16
C GLU FA 498 -27.95 -72.45 -94.23
N GLY FA 499 -29.13 -72.83 -94.71
CA GLY FA 499 -29.25 -73.96 -95.66
C GLY FA 499 -29.25 -75.37 -95.10
N ALA FA 500 -29.30 -75.59 -93.78
CA ALA FA 500 -29.39 -76.98 -93.26
C ALA FA 500 -30.59 -77.18 -92.30
N SER FA 501 -31.12 -78.40 -92.20
CA SER FA 501 -32.24 -78.75 -91.29
C SER FA 501 -31.70 -79.35 -89.99
N TYR FA 502 -32.11 -78.78 -88.88
CA TYR FA 502 -31.60 -79.25 -87.56
C TYR FA 502 -32.69 -79.72 -86.64
N GLN FA 503 -32.48 -80.87 -86.02
CA GLN FA 503 -33.38 -81.28 -84.92
C GLN FA 503 -33.09 -80.33 -83.75
N VAL FA 504 -34.11 -79.96 -83.01
CA VAL FA 504 -34.00 -79.05 -81.85
C VAL FA 504 -34.64 -79.88 -80.73
N PRO FA 505 -33.92 -80.88 -80.17
CA PRO FA 505 -34.48 -81.88 -79.28
C PRO FA 505 -35.12 -81.42 -78.00
N PRO FA 506 -34.70 -80.40 -77.22
CA PRO FA 506 -35.58 -79.96 -76.14
C PRO FA 506 -36.51 -79.04 -76.96
N GLN FA 507 -37.81 -79.13 -76.84
CA GLN FA 507 -38.61 -78.09 -77.60
C GLN FA 507 -38.56 -76.75 -76.81
N PRO FA 508 -39.01 -75.59 -77.35
CA PRO FA 508 -39.11 -74.33 -76.59
C PRO FA 508 -40.16 -74.31 -75.43
N ASN FA 509 -39.98 -73.52 -74.35
CA ASN FA 509 -40.88 -73.51 -73.13
C ASN FA 509 -42.37 -73.15 -73.31
N GLY FA 510 -43.25 -73.57 -72.38
CA GLY FA 510 -44.72 -73.34 -72.40
C GLY FA 510 -45.59 -74.52 -72.70
N MET FA 511 -45.03 -75.71 -72.80
CA MET FA 511 -45.84 -76.92 -73.05
C MET FA 511 -45.67 -78.00 -71.97
N THR FA 512 -46.57 -78.99 -71.93
CA THR FA 512 -46.40 -80.20 -71.08
C THR FA 512 -46.31 -81.45 -71.96
N ASN FA 513 -45.28 -82.28 -71.81
CA ASN FA 513 -45.09 -83.61 -72.48
C ASN FA 513 -46.09 -84.73 -72.09
N ASN FA 514 -46.51 -84.83 -70.83
CA ASN FA 514 -47.36 -85.97 -70.34
C ASN FA 514 -48.58 -85.44 -69.57
N LEU FA 515 -49.77 -85.99 -69.80
CA LEU FA 515 -51.01 -85.60 -69.04
C LEU FA 515 -51.12 -85.95 -67.51
N GLN FA 516 -50.72 -87.11 -66.98
CA GLN FA 516 -50.89 -87.56 -65.55
C GLN FA 516 -51.65 -88.88 -65.66
N GLY FA 517 -51.24 -89.91 -64.92
CA GLY FA 517 -51.80 -91.21 -65.31
C GLY FA 517 -51.20 -91.32 -66.71
N SER FA 518 -51.98 -91.43 -67.77
CA SER FA 518 -51.52 -91.55 -69.18
C SER FA 518 -50.08 -92.05 -69.46
N ASN FA 519 -49.99 -92.91 -70.47
CA ASN FA 519 -48.67 -93.48 -70.89
C ASN FA 519 -48.23 -92.83 -72.20
N THR FA 520 -48.90 -91.77 -72.65
CA THR FA 520 -48.47 -91.02 -73.84
C THR FA 520 -47.47 -89.93 -73.46
N TYR FA 521 -46.34 -89.91 -74.15
CA TYR FA 521 -45.27 -88.92 -73.88
C TYR FA 521 -44.85 -88.33 -75.18
N ALA FA 522 -44.64 -87.03 -75.19
CA ALA FA 522 -44.04 -86.46 -76.41
C ALA FA 522 -42.52 -86.54 -76.18
N LEU FA 523 -41.83 -87.48 -76.82
CA LEU FA 523 -40.39 -87.82 -76.57
C LEU FA 523 -39.39 -86.69 -76.88
N GLU FA 524 -39.63 -85.89 -77.92
CA GLU FA 524 -38.75 -84.75 -78.29
C GLU FA 524 -38.99 -83.53 -77.38
N ASN FA 525 -39.98 -83.54 -76.50
CA ASN FA 525 -40.20 -82.48 -75.47
C ASN FA 525 -39.70 -82.95 -74.09
N THR FA 526 -39.03 -84.09 -73.97
CA THR FA 526 -38.65 -84.65 -72.64
C THR FA 526 -37.15 -84.77 -72.46
N MET FA 527 -36.64 -84.43 -71.29
CA MET FA 527 -35.23 -84.72 -70.93
C MET FA 527 -35.09 -86.23 -70.65
N ILE FA 528 -34.18 -86.90 -71.36
CA ILE FA 528 -33.90 -88.36 -71.15
C ILE FA 528 -32.47 -88.55 -70.61
N PHE FA 529 -32.31 -89.33 -69.55
CA PHE FA 529 -31.02 -89.52 -68.85
C PHE FA 529 -30.75 -91.00 -68.66
N ASN FA 530 -29.50 -91.37 -68.41
CA ASN FA 530 -29.10 -92.77 -68.09
C ASN FA 530 -28.79 -92.85 -66.59
N SER FA 531 -29.22 -93.91 -65.91
CA SER FA 531 -28.88 -94.14 -64.48
C SER FA 531 -27.37 -94.33 -64.30
N GLN FA 532 -26.72 -95.03 -65.22
CA GLN FA 532 -25.26 -95.30 -65.16
C GLN FA 532 -24.49 -94.51 -66.22
N PRO FA 533 -23.24 -94.09 -65.97
CA PRO FA 533 -22.39 -93.44 -66.98
C PRO FA 533 -22.01 -94.39 -68.13
N ALA FA 534 -21.78 -93.83 -69.31
CA ALA FA 534 -21.52 -94.65 -70.52
C ALA FA 534 -20.13 -94.42 -71.10
N ASN FA 535 -19.61 -95.43 -71.78
CA ASN FA 535 -18.32 -95.32 -72.51
C ASN FA 535 -18.48 -94.39 -73.73
N PRO FA 536 -17.44 -93.62 -74.11
CA PRO FA 536 -17.53 -92.76 -75.28
C PRO FA 536 -17.73 -93.44 -76.64
N GLY FA 537 -18.60 -92.87 -77.48
CA GLY FA 537 -18.84 -93.37 -78.84
C GLY FA 537 -19.78 -94.54 -78.95
N THR FA 538 -20.46 -94.91 -77.86
CA THR FA 538 -21.35 -96.08 -77.89
C THR FA 538 -22.45 -95.88 -78.94
N THR FA 539 -22.77 -96.92 -79.71
CA THR FA 539 -23.87 -96.89 -80.70
C THR FA 539 -24.93 -97.89 -80.30
N ALA FA 540 -24.90 -98.43 -79.08
CA ALA FA 540 -25.84 -99.46 -78.57
C ALA FA 540 -27.31 -98.98 -78.47
N THR FA 541 -28.27 -99.84 -78.82
CA THR FA 541 -29.70 -99.53 -78.61
C THR FA 541 -30.05 -99.60 -77.14
N TYR FA 542 -30.90 -98.70 -76.66
CA TYR FA 542 -31.37 -98.73 -75.26
C TYR FA 542 -32.88 -98.80 -75.23
N LEU FA 543 -33.40 -99.74 -74.46
CA LEU FA 543 -34.87 -99.84 -74.20
C LEU FA 543 -35.29 -98.89 -73.05
N GLU FA 544 -36.59 -98.74 -72.82
CA GLU FA 544 -37.18 -97.82 -71.80
C GLU FA 544 -36.76 -98.13 -70.36
N GLY FA 545 -36.61 -99.41 -69.99
CA GLY FA 545 -36.23 -99.82 -68.63
C GLY FA 545 -34.88 -99.27 -68.22
N ASN FA 546 -33.89 -99.25 -69.11
CA ASN FA 546 -32.59 -98.60 -68.84
C ASN FA 546 -32.71 -97.08 -68.65
N MET FA 547 -33.59 -96.39 -69.36
CA MET FA 547 -33.65 -94.91 -69.36
C MET FA 547 -34.37 -94.25 -68.19
N LEU FA 548 -33.99 -93.02 -67.83
CA LEU FA 548 -34.73 -92.23 -66.81
C LEU FA 548 -35.52 -91.18 -67.59
N ILE FA 549 -36.86 -91.24 -67.60
CA ILE FA 549 -37.70 -90.31 -68.44
C ILE FA 549 -38.51 -89.38 -67.54
N THR FA 550 -38.37 -88.08 -67.71
CA THR FA 550 -39.06 -87.03 -66.93
C THR FA 550 -40.49 -86.75 -67.41
N SER FA 551 -41.33 -86.24 -66.52
CA SER FA 551 -42.74 -85.85 -66.81
C SER FA 551 -42.95 -84.42 -66.32
N GLU FA 552 -43.71 -83.61 -67.04
CA GLU FA 552 -44.00 -82.20 -66.70
C GLU FA 552 -45.49 -82.07 -66.33
N SER FA 553 -46.15 -83.14 -65.87
CA SER FA 553 -47.61 -83.22 -65.61
C SER FA 553 -48.11 -82.21 -64.56
N GLU FA 554 -47.27 -81.73 -63.64
CA GLU FA 554 -47.61 -80.70 -62.63
C GLU FA 554 -48.01 -79.36 -63.30
N THR FA 555 -47.42 -78.99 -64.42
CA THR FA 555 -47.65 -77.72 -65.15
C THR FA 555 -48.89 -77.75 -66.05
N GLN FA 556 -49.60 -78.89 -66.16
CA GLN FA 556 -50.76 -79.11 -67.06
C GLN FA 556 -51.92 -78.12 -66.78
N PRO FA 557 -52.26 -77.70 -65.53
CA PRO FA 557 -53.24 -76.64 -65.31
C PRO FA 557 -53.01 -75.31 -66.08
N VAL FA 558 -51.76 -74.90 -66.39
CA VAL FA 558 -51.41 -73.73 -67.25
C VAL FA 558 -50.66 -74.03 -68.57
N ASN FA 559 -50.25 -75.26 -68.88
CA ASN FA 559 -49.39 -75.51 -70.07
C ASN FA 559 -50.11 -76.45 -71.01
N ARG FA 560 -50.17 -76.10 -72.29
CA ARG FA 560 -50.85 -76.95 -73.30
C ARG FA 560 -50.08 -78.26 -73.58
N VAL FA 561 -50.80 -79.32 -73.89
CA VAL FA 561 -50.17 -80.63 -74.25
C VAL FA 561 -49.55 -80.63 -75.66
N ALA FA 562 -48.30 -81.07 -75.81
CA ALA FA 562 -47.51 -81.09 -77.07
C ALA FA 562 -48.09 -82.02 -78.15
N TYR FA 563 -48.56 -83.20 -77.79
CA TYR FA 563 -49.13 -84.19 -78.76
C TYR FA 563 -50.43 -83.67 -79.42
N ASN FA 564 -51.29 -82.96 -78.70
CA ASN FA 564 -52.60 -82.46 -79.19
C ASN FA 564 -52.55 -81.16 -80.02
N VAL FA 565 -53.57 -80.86 -80.84
CA VAL FA 565 -53.76 -79.54 -81.54
C VAL FA 565 -54.05 -78.42 -80.54
N GLY FA 566 -53.56 -77.19 -80.74
CA GLY FA 566 -53.78 -75.99 -79.89
C GLY FA 566 -55.18 -75.40 -79.75
N GLY FA 567 -55.98 -75.33 -80.81
CA GLY FA 567 -57.30 -74.66 -80.79
C GLY FA 567 -57.86 -74.53 -82.17
N GLN FA 568 -58.93 -73.76 -82.35
CA GLN FA 568 -59.57 -73.51 -83.68
C GLN FA 568 -59.79 -71.99 -83.94
N MET FA 569 -59.75 -71.53 -85.20
CA MET FA 569 -60.00 -70.13 -85.62
C MET FA 569 -60.91 -70.10 -86.86
N ALA FA 570 -61.59 -68.99 -87.16
CA ALA FA 570 -62.47 -68.82 -88.36
C ALA FA 570 -61.71 -68.80 -89.70
N THR FA 571 -62.25 -69.50 -90.70
CA THR FA 571 -61.61 -69.64 -92.02
C THR FA 571 -62.44 -69.01 -93.15
N ASN FA 572 -63.55 -68.35 -92.88
CA ASN FA 572 -64.48 -67.90 -93.95
C ASN FA 572 -65.35 -66.74 -93.47
N ASN FA 573 -66.13 -66.18 -94.38
CA ASN FA 573 -67.17 -65.18 -94.01
C ASN FA 573 -68.53 -65.83 -94.23
N GLN FA 574 -69.41 -65.84 -93.22
CA GLN FA 574 -70.78 -66.39 -93.31
C GLN FA 574 -71.68 -65.47 -94.18
N SER FA 575 -72.68 -66.04 -94.83
CA SER FA 575 -73.63 -65.30 -95.70
C SER FA 575 -74.93 -66.11 -95.75
N SER FA 576 -76.00 -65.58 -96.28
CA SER FA 576 -77.22 -66.42 -96.41
C SER FA 576 -76.89 -67.63 -97.29
N THR FA 577 -76.13 -67.47 -98.37
CA THR FA 577 -75.63 -68.59 -99.19
C THR FA 577 -74.64 -69.50 -98.46
N THR FA 578 -73.74 -68.96 -97.64
CA THR FA 578 -72.65 -69.78 -97.04
C THR FA 578 -72.69 -69.98 -95.53
N ALA FA 579 -72.62 -71.22 -95.07
CA ALA FA 579 -72.51 -71.55 -93.63
C ALA FA 579 -71.15 -71.18 -93.05
N PRO FA 580 -71.06 -70.81 -91.76
CA PRO FA 580 -69.76 -70.55 -91.11
C PRO FA 580 -68.82 -71.77 -90.95
N ALA FA 581 -67.51 -71.59 -91.04
CA ALA FA 581 -66.50 -72.67 -90.99
C ALA FA 581 -65.32 -72.35 -90.05
N THR FA 582 -64.71 -73.38 -89.45
CA THR FA 582 -63.53 -73.21 -88.56
C THR FA 582 -62.40 -74.13 -89.00
N GLY FA 583 -61.17 -73.80 -88.61
CA GLY FA 583 -60.03 -74.70 -88.85
C GLY FA 583 -59.13 -74.85 -87.64
N THR FA 584 -58.61 -76.05 -87.38
CA THR FA 584 -57.59 -76.28 -86.29
C THR FA 584 -56.21 -75.75 -86.63
N TYR FA 585 -55.42 -75.36 -85.65
CA TYR FA 585 -54.01 -74.92 -85.83
C TYR FA 585 -53.01 -75.87 -85.06
N ASN FA 586 -51.81 -76.14 -85.59
CA ASN FA 586 -50.80 -77.04 -84.95
C ASN FA 586 -49.69 -76.24 -84.23
N LEU FA 587 -49.66 -74.92 -84.43
CA LEU FA 587 -48.65 -74.06 -83.76
C LEU FA 587 -49.21 -72.68 -83.39
N GLN FA 588 -48.79 -72.09 -82.28
CA GLN FA 588 -49.14 -70.70 -81.92
C GLN FA 588 -47.98 -70.13 -81.11
N GLU FA 589 -47.80 -68.82 -81.09
CA GLU FA 589 -46.65 -68.17 -80.43
C GLU FA 589 -47.21 -67.17 -79.43
N ILE FA 590 -46.37 -66.36 -78.81
CA ILE FA 590 -46.77 -65.43 -77.72
C ILE FA 590 -47.83 -64.40 -78.13
N VAL FA 591 -48.79 -64.18 -77.25
CA VAL FA 591 -49.90 -63.21 -77.46
C VAL FA 591 -49.93 -62.37 -76.17
N PRO FA 592 -50.42 -61.12 -76.18
CA PRO FA 592 -50.54 -60.36 -74.94
C PRO FA 592 -51.53 -61.00 -73.93
N GLY FA 593 -51.22 -60.98 -72.62
CA GLY FA 593 -52.02 -61.69 -71.60
C GLY FA 593 -51.66 -63.16 -71.43
N SER FA 594 -50.60 -63.64 -72.08
CA SER FA 594 -50.07 -65.03 -72.00
C SER FA 594 -49.38 -65.35 -70.66
N VAL FA 595 -49.68 -66.52 -70.08
CA VAL FA 595 -49.07 -67.00 -68.80
C VAL FA 595 -48.59 -68.45 -69.02
N TRP FA 596 -47.44 -68.83 -68.45
CA TRP FA 596 -46.91 -70.22 -68.54
C TRP FA 596 -45.95 -70.53 -67.39
N MET FA 597 -45.63 -71.80 -67.22
CA MET FA 597 -44.59 -72.26 -66.25
C MET FA 597 -43.35 -72.78 -67.00
N GLU FA 598 -42.15 -72.39 -66.56
CA GLU FA 598 -40.86 -72.90 -67.12
C GLU FA 598 -40.59 -74.35 -66.71
N ARG FA 599 -39.74 -75.05 -67.46
CA ARG FA 599 -39.34 -76.46 -67.16
C ARG FA 599 -38.68 -76.63 -65.78
N ASP FA 600 -38.97 -77.74 -65.11
CA ASP FA 600 -38.41 -78.09 -63.79
C ASP FA 600 -36.94 -78.50 -63.79
N VAL FA 601 -36.21 -78.17 -62.75
CA VAL FA 601 -34.81 -78.66 -62.53
C VAL FA 601 -34.79 -80.10 -61.95
N TYR FA 602 -33.72 -80.83 -62.19
CA TYR FA 602 -33.55 -82.22 -61.70
C TYR FA 602 -32.20 -82.30 -60.99
N LEU FA 603 -32.04 -83.21 -60.04
CA LEU FA 603 -30.74 -83.42 -59.34
C LEU FA 603 -29.66 -83.87 -60.37
N GLN FA 604 -29.99 -84.74 -61.31
CA GLN FA 604 -29.14 -85.17 -62.46
C GLN FA 604 -28.86 -84.02 -63.47
N GLY FA 605 -29.74 -83.02 -63.60
CA GLY FA 605 -29.63 -81.88 -64.53
C GLY FA 605 -28.72 -80.70 -64.30
N PRO FA 606 -28.51 -79.85 -65.34
CA PRO FA 606 -27.79 -78.57 -65.23
C PRO FA 606 -28.32 -77.31 -64.52
N ILE FA 607 -27.51 -76.59 -63.74
CA ILE FA 607 -27.89 -75.25 -63.14
C ILE FA 607 -28.01 -74.03 -64.09
N TRP FA 608 -27.07 -73.79 -65.00
CA TRP FA 608 -27.04 -72.52 -65.76
C TRP FA 608 -26.69 -72.65 -67.24
N ALA FA 609 -26.99 -71.62 -68.03
CA ALA FA 609 -26.58 -71.53 -69.46
C ALA FA 609 -26.19 -70.07 -69.72
N LYS FA 610 -25.25 -69.85 -70.63
CA LYS FA 610 -24.85 -68.47 -71.04
C LYS FA 610 -25.80 -67.92 -72.13
N ILE FA 611 -26.31 -66.71 -71.93
CA ILE FA 611 -27.10 -66.02 -72.98
C ILE FA 611 -26.14 -65.62 -74.12
N PRO FA 612 -26.46 -65.90 -75.40
CA PRO FA 612 -25.62 -65.49 -76.53
C PRO FA 612 -25.59 -64.00 -76.83
N GLU FA 613 -24.45 -63.45 -77.23
CA GLU FA 613 -24.34 -61.98 -77.43
C GLU FA 613 -24.67 -61.58 -78.89
N THR FA 614 -25.89 -61.13 -79.15
CA THR FA 614 -26.36 -60.72 -80.49
C THR FA 614 -26.82 -59.30 -80.46
N GLY FA 615 -27.07 -58.77 -79.27
CA GLY FA 615 -27.68 -57.45 -79.07
C GLY FA 615 -29.21 -57.48 -79.03
N ALA FA 616 -29.88 -58.60 -79.34
CA ALA FA 616 -31.35 -58.72 -79.22
C ALA FA 616 -31.79 -60.09 -78.71
N HIS FA 617 -32.69 -60.16 -77.75
CA HIS FA 617 -33.24 -61.44 -77.24
C HIS FA 617 -34.63 -61.24 -76.61
N PHE FA 618 -35.40 -62.30 -76.49
CA PHE FA 618 -36.68 -62.25 -75.75
C PHE FA 618 -36.73 -63.29 -74.65
N HIS FA 619 -37.11 -62.93 -73.41
CA HIS FA 619 -37.37 -63.88 -72.27
C HIS FA 619 -36.29 -64.94 -72.16
N PRO FA 620 -35.20 -64.67 -71.43
CA PRO FA 620 -34.02 -65.56 -71.48
C PRO FA 620 -33.86 -66.72 -70.51
N SER FA 621 -34.74 -67.68 -70.66
CA SER FA 621 -34.73 -68.89 -69.82
C SER FA 621 -34.32 -70.06 -70.72
N PRO FA 622 -33.25 -70.83 -70.39
CA PRO FA 622 -32.83 -71.91 -71.27
C PRO FA 622 -33.78 -73.13 -71.39
N ALA FA 623 -33.87 -73.75 -72.56
CA ALA FA 623 -34.83 -74.85 -72.82
C ALA FA 623 -34.61 -76.12 -71.97
N MET FA 624 -33.36 -76.53 -71.73
CA MET FA 624 -33.00 -77.69 -70.88
C MET FA 624 -33.45 -77.45 -69.44
N GLY FA 625 -33.42 -76.22 -68.96
CA GLY FA 625 -33.81 -75.83 -67.59
C GLY FA 625 -32.76 -74.96 -66.94
N GLY FA 626 -33.05 -74.43 -65.77
CA GLY FA 626 -32.07 -73.60 -65.03
C GLY FA 626 -32.07 -72.10 -65.21
N PHE FA 627 -30.95 -71.46 -64.92
CA PHE FA 627 -30.82 -69.98 -64.89
C PHE FA 627 -30.00 -69.48 -66.08
N GLY FA 628 -30.53 -68.49 -66.80
CA GLY FA 628 -29.85 -67.88 -67.95
C GLY FA 628 -29.07 -66.69 -67.51
N LEU FA 629 -27.78 -66.69 -67.78
CA LEU FA 629 -26.90 -65.62 -67.25
C LEU FA 629 -26.14 -64.86 -68.34
N LYS FA 630 -26.19 -63.54 -68.33
CA LYS FA 630 -25.34 -62.70 -69.20
C LYS FA 630 -23.85 -62.87 -68.86
N HIS FA 631 -23.51 -62.92 -67.58
CA HIS FA 631 -22.11 -63.12 -67.12
C HIS FA 631 -22.03 -64.36 -66.26
N PRO FA 632 -21.85 -65.54 -66.88
CA PRO FA 632 -21.78 -66.82 -66.19
C PRO FA 632 -20.52 -67.13 -65.38
N PRO FA 633 -20.52 -68.10 -64.46
CA PRO FA 633 -19.28 -68.42 -63.76
C PRO FA 633 -18.24 -68.80 -64.83
N PRO FA 634 -17.01 -68.25 -64.78
CA PRO FA 634 -16.02 -68.43 -65.85
C PRO FA 634 -15.32 -69.75 -66.13
N MET FA 635 -14.91 -69.97 -67.38
CA MET FA 635 -14.13 -71.17 -67.78
C MET FA 635 -12.77 -71.27 -67.04
N MET FA 636 -12.48 -72.44 -66.48
CA MET FA 636 -11.23 -72.68 -65.72
C MET FA 636 -10.41 -73.72 -66.53
N LEU FA 637 -9.20 -73.35 -66.92
CA LEU FA 637 -8.36 -74.17 -67.84
C LEU FA 637 -7.04 -74.58 -67.19
N ILE FA 638 -6.67 -75.85 -67.33
CA ILE FA 638 -5.42 -76.40 -66.74
C ILE FA 638 -4.63 -77.19 -67.80
N LYS FA 639 -3.32 -77.02 -67.81
CA LYS FA 639 -2.46 -77.84 -68.72
C LYS FA 639 -1.18 -78.32 -68.03
N ASN FA 640 -0.59 -79.39 -68.53
CA ASN FA 640 0.76 -79.83 -68.07
C ASN FA 640 1.80 -79.08 -68.90
N THR FA 641 2.79 -78.45 -68.28
CA THR FA 641 3.88 -77.77 -69.01
C THR FA 641 4.73 -78.77 -69.80
N PRO FA 642 5.06 -78.49 -71.09
CA PRO FA 642 5.97 -79.33 -71.85
C PRO FA 642 7.35 -79.47 -71.22
N VAL FA 643 7.79 -80.70 -71.05
CA VAL FA 643 9.17 -80.93 -70.55
C VAL FA 643 9.93 -81.68 -71.67
N PRO FA 644 10.98 -81.08 -72.23
CA PRO FA 644 11.75 -81.72 -73.31
C PRO FA 644 12.63 -82.97 -73.10
N GLY FA 645 12.72 -83.84 -74.10
CA GLY FA 645 13.64 -85.00 -74.15
C GLY FA 645 15.04 -84.56 -74.53
N ASN FA 646 16.04 -85.43 -74.49
CA ASN FA 646 17.44 -84.97 -74.71
C ASN FA 646 17.67 -84.41 -76.12
N ILE FA 647 18.20 -83.18 -76.21
CA ILE FA 647 18.49 -82.55 -77.53
C ILE FA 647 19.98 -82.23 -77.53
N THR FA 648 20.73 -82.67 -78.53
CA THR FA 648 22.21 -82.50 -78.56
C THR FA 648 22.66 -81.51 -79.61
N SER FA 649 21.78 -81.11 -80.53
CA SER FA 649 22.17 -80.22 -81.66
C SER FA 649 21.16 -79.08 -81.83
N PHE FA 650 21.57 -77.93 -82.37
CA PHE FA 650 20.69 -76.80 -82.68
C PHE FA 650 19.84 -76.96 -83.95
N SER FA 651 18.55 -76.60 -83.90
CA SER FA 651 17.72 -76.50 -85.12
C SER FA 651 16.79 -75.30 -84.99
N ASP FA 652 16.50 -74.60 -86.07
CA ASP FA 652 15.42 -73.57 -86.13
C ASP FA 652 14.07 -74.29 -85.97
N VAL FA 653 13.94 -75.51 -86.51
CA VAL FA 653 12.68 -76.30 -86.43
C VAL FA 653 12.33 -76.62 -84.97
N PRO FA 654 11.06 -76.41 -84.52
CA PRO FA 654 10.64 -76.67 -83.15
C PRO FA 654 10.74 -78.10 -82.63
N VAL FA 655 11.06 -78.24 -81.34
CA VAL FA 655 11.20 -79.59 -80.73
C VAL FA 655 9.86 -80.36 -80.71
N SER FA 656 9.90 -81.61 -81.13
CA SER FA 656 8.74 -82.51 -81.15
C SER FA 656 8.94 -83.68 -80.16
N SER FA 657 10.03 -83.71 -79.42
CA SER FA 657 10.34 -84.85 -78.50
C SER FA 657 10.26 -84.38 -77.04
N PHE FA 658 9.40 -85.02 -76.26
CA PHE FA 658 9.12 -84.58 -74.87
C PHE FA 658 9.04 -85.76 -73.96
N ILE FA 659 9.38 -85.60 -72.69
CA ILE FA 659 9.13 -86.71 -71.70
C ILE FA 659 7.62 -86.90 -71.44
N THR FA 660 7.10 -88.13 -71.32
CA THR FA 660 5.66 -88.43 -71.07
C THR FA 660 5.27 -88.22 -69.59
N GLN FA 661 4.22 -87.42 -69.34
CA GLN FA 661 3.84 -87.01 -67.97
C GLN FA 661 2.32 -86.87 -67.75
N TYR FA 662 1.84 -86.97 -66.51
CA TYR FA 662 0.40 -86.79 -66.15
C TYR FA 662 0.35 -86.07 -64.80
N SER FA 663 -0.77 -85.44 -64.49
CA SER FA 663 -0.94 -84.74 -63.18
C SER FA 663 -2.19 -85.21 -62.40
N THR FA 664 -2.14 -85.09 -61.07
CA THR FA 664 -3.27 -85.46 -60.19
C THR FA 664 -3.38 -84.45 -59.05
N GLY FA 665 -4.58 -84.27 -58.47
CA GLY FA 665 -4.78 -83.37 -57.33
C GLY FA 665 -6.17 -83.38 -56.74
N GLN FA 666 -6.47 -82.43 -55.87
CA GLN FA 666 -7.81 -82.23 -55.24
C GLN FA 666 -8.44 -80.85 -55.60
N VAL FA 667 -9.75 -80.83 -55.82
CA VAL FA 667 -10.50 -79.56 -56.10
C VAL FA 667 -11.65 -79.39 -55.07
N THR FA 668 -11.83 -78.19 -54.53
CA THR FA 668 -12.96 -77.88 -53.64
C THR FA 668 -13.85 -76.78 -54.24
N VAL FA 669 -15.18 -76.98 -54.28
CA VAL FA 669 -16.16 -75.93 -54.71
C VAL FA 669 -17.13 -75.58 -53.56
N GLU FA 670 -17.29 -74.30 -53.23
CA GLU FA 670 -18.23 -73.83 -52.19
C GLU FA 670 -19.28 -72.92 -52.83
N MET FA 671 -20.56 -73.21 -52.60
CA MET FA 671 -21.67 -72.42 -53.20
C MET FA 671 -22.69 -71.97 -52.15
N GLU FA 672 -23.17 -70.74 -52.30
CA GLU FA 672 -24.22 -70.18 -51.41
C GLU FA 672 -25.56 -70.07 -52.17
N TRP FA 673 -26.64 -70.47 -51.51
CA TRP FA 673 -27.98 -70.46 -52.14
C TRP FA 673 -28.98 -69.66 -51.29
N GLU FA 674 -29.85 -68.90 -51.94
CA GLU FA 674 -30.94 -68.16 -51.24
C GLU FA 674 -32.26 -68.94 -51.38
N LEU FA 675 -33.00 -69.09 -50.29
CA LEU FA 675 -34.25 -69.89 -50.23
C LEU FA 675 -35.50 -69.03 -50.06
N LYS FA 676 -36.60 -69.40 -50.72
CA LYS FA 676 -37.91 -68.73 -50.48
C LYS FA 676 -38.82 -69.69 -49.69
N LYS FA 677 -39.27 -69.26 -48.51
CA LYS FA 677 -40.18 -70.05 -47.63
C LYS FA 677 -41.64 -70.21 -48.08
N GLU FA 678 -42.22 -71.38 -47.83
CA GLU FA 678 -43.66 -71.60 -48.07
C GLU FA 678 -44.52 -70.82 -47.05
N ASN FA 679 -45.65 -70.24 -47.47
CA ASN FA 679 -46.61 -69.49 -46.59
C ASN FA 679 -48.03 -70.03 -46.81
N SER FA 680 -48.23 -71.34 -46.95
CA SER FA 680 -49.54 -71.96 -47.29
C SER FA 680 -50.63 -71.92 -46.20
N LYS FA 681 -51.89 -71.75 -46.59
CA LYS FA 681 -53.06 -71.83 -45.67
C LYS FA 681 -53.87 -73.13 -45.94
N ARG FA 682 -53.40 -74.07 -46.76
CA ARG FA 682 -54.05 -75.39 -47.05
C ARG FA 682 -54.18 -76.31 -45.82
N TRP FA 683 -55.41 -76.64 -45.40
CA TRP FA 683 -55.73 -77.50 -44.23
C TRP FA 683 -55.30 -78.97 -44.34
N ASN FA 684 -55.55 -79.58 -45.47
CA ASN FA 684 -55.24 -81.00 -45.76
C ASN FA 684 -53.75 -81.24 -46.03
N PRO FA 685 -53.25 -82.47 -45.79
CA PRO FA 685 -51.88 -82.82 -46.11
C PRO FA 685 -51.44 -82.87 -47.60
N GLU FA 686 -50.25 -82.38 -47.88
CA GLU FA 686 -49.59 -82.36 -49.22
C GLU FA 686 -48.83 -83.61 -49.70
N ILE FA 687 -48.58 -83.70 -51.01
CA ILE FA 687 -47.68 -84.72 -51.63
C ILE FA 687 -46.20 -84.42 -51.29
N GLN FA 688 -45.39 -85.45 -51.02
CA GLN FA 688 -43.95 -85.34 -50.65
C GLN FA 688 -43.11 -86.42 -51.32
N TYR FA 689 -41.85 -86.16 -51.65
CA TYR FA 689 -40.93 -87.22 -52.13
C TYR FA 689 -40.55 -88.13 -50.93
N THR FA 690 -40.63 -89.44 -51.12
CA THR FA 690 -40.36 -90.39 -50.04
C THR FA 690 -39.53 -91.54 -50.57
N ASN FA 691 -38.79 -92.21 -49.69
CA ASN FA 691 -38.11 -93.45 -50.08
C ASN FA 691 -39.15 -94.55 -49.91
N ASN FA 692 -39.66 -95.09 -50.99
CA ASN FA 692 -40.78 -96.06 -50.94
C ASN FA 692 -40.53 -97.13 -51.99
N TYR FA 693 -40.35 -98.36 -51.55
CA TYR FA 693 -39.98 -99.47 -52.46
C TYR FA 693 -40.69 -100.71 -51.95
N ASN FA 694 -41.12 -101.61 -52.82
CA ASN FA 694 -41.74 -102.87 -52.33
C ASN FA 694 -40.74 -104.04 -52.44
N ASP FA 695 -40.45 -104.75 -51.34
CA ASP FA 695 -39.49 -105.90 -51.27
C ASP FA 695 -38.10 -105.56 -51.84
N PRO FA 696 -37.43 -104.45 -51.42
CA PRO FA 696 -36.15 -104.08 -52.04
C PRO FA 696 -34.96 -105.05 -51.94
N GLN FA 697 -34.24 -105.26 -53.05
CA GLN FA 697 -33.05 -106.16 -53.06
C GLN FA 697 -31.75 -105.37 -52.91
N PHE FA 698 -31.82 -104.04 -52.89
CA PHE FA 698 -30.64 -103.17 -52.78
C PHE FA 698 -31.13 -101.88 -52.21
N VAL FA 699 -30.24 -101.07 -51.70
CA VAL FA 699 -30.63 -99.70 -51.29
C VAL FA 699 -30.30 -98.78 -52.47
N ASP FA 700 -31.25 -98.01 -52.95
CA ASP FA 700 -31.05 -96.96 -53.98
C ASP FA 700 -30.22 -95.80 -53.42
N PHE FA 701 -29.43 -95.10 -54.25
CA PHE FA 701 -28.48 -94.00 -53.87
C PHE FA 701 -27.40 -94.49 -52.91
N ALA FA 702 -26.91 -95.69 -53.12
CA ALA FA 702 -25.88 -96.32 -52.28
C ALA FA 702 -24.97 -97.18 -53.18
N PRO FA 703 -23.73 -97.50 -52.75
CA PRO FA 703 -22.90 -98.47 -53.47
C PRO FA 703 -23.37 -99.93 -53.43
N ASP FA 704 -23.07 -100.71 -54.46
CA ASP FA 704 -23.41 -102.17 -54.47
C ASP FA 704 -22.24 -103.06 -54.00
N SER FA 705 -22.39 -104.37 -54.13
CA SER FA 705 -21.35 -105.35 -53.69
C SER FA 705 -20.03 -105.13 -54.44
N THR FA 706 -20.05 -104.80 -55.73
CA THR FA 706 -18.86 -104.40 -56.54
C THR FA 706 -18.35 -103.01 -56.22
N GLY FA 707 -19.08 -102.14 -55.54
CA GLY FA 707 -18.71 -100.74 -55.31
C GLY FA 707 -19.24 -99.71 -56.29
N GLU FA 708 -20.14 -100.07 -57.19
CA GLU FA 708 -20.75 -99.13 -58.17
C GLU FA 708 -22.02 -98.46 -57.61
N TYR FA 709 -22.10 -97.12 -57.70
CA TYR FA 709 -23.26 -96.32 -57.22
C TYR FA 709 -24.53 -96.57 -58.04
N ARG FA 710 -25.67 -96.64 -57.35
CA ARG FA 710 -26.97 -96.91 -58.02
C ARG FA 710 -27.88 -95.70 -57.88
N SER FA 711 -28.44 -95.20 -58.97
CA SER FA 711 -29.39 -94.05 -58.98
C SER FA 711 -30.59 -94.37 -59.90
N THR FA 712 -31.53 -95.20 -59.50
CA THR FA 712 -32.72 -95.66 -60.28
C THR FA 712 -33.72 -94.55 -60.66
N ARG FA 713 -33.97 -93.54 -59.84
CA ARG FA 713 -35.06 -92.56 -60.10
C ARG FA 713 -34.63 -91.11 -60.39
N PRO FA 714 -35.22 -90.41 -61.38
CA PRO FA 714 -35.02 -88.98 -61.57
C PRO FA 714 -35.77 -88.08 -60.54
N ILE FA 715 -35.17 -87.04 -59.97
CA ILE FA 715 -35.96 -86.26 -58.96
C ILE FA 715 -36.15 -84.78 -59.35
N GLY FA 716 -37.41 -84.35 -59.44
CA GLY FA 716 -37.83 -82.96 -59.71
C GLY FA 716 -38.00 -82.16 -58.45
N THR FA 717 -38.32 -80.88 -58.58
CA THR FA 717 -38.55 -80.00 -57.43
C THR FA 717 -40.00 -79.71 -57.04
N ARG FA 718 -41.04 -80.08 -57.80
CA ARG FA 718 -42.43 -79.60 -57.47
C ARG FA 718 -43.32 -80.62 -56.73
N TYR FA 719 -43.46 -80.47 -55.41
CA TYR FA 719 -44.30 -81.37 -54.57
C TYR FA 719 -45.31 -80.52 -53.83
N LEU FA 720 -44.94 -79.28 -53.51
CA LEU FA 720 -45.84 -78.30 -52.85
C LEU FA 720 -46.84 -77.71 -53.85
N THR FA 721 -47.95 -77.22 -53.34
CA THR FA 721 -49.05 -76.70 -54.17
C THR FA 721 -49.38 -75.28 -53.76
N ARG FA 722 -49.75 -74.45 -54.72
CA ARG FA 722 -50.20 -73.07 -54.42
C ARG FA 722 -51.45 -72.72 -55.22
N PRO FA 723 -52.37 -71.88 -54.71
CA PRO FA 723 -53.48 -71.35 -55.51
C PRO FA 723 -53.04 -70.32 -56.58
N LEU FA 724 -53.74 -70.23 -57.70
CA LEU FA 724 -53.35 -69.31 -58.81
C LEU FA 724 -53.48 -67.83 -58.39
N ASP GA 209 -69.26 -49.01 -28.96
CA ASP GA 209 -69.73 -48.18 -27.81
C ASP GA 209 -71.11 -48.65 -27.31
N GLY GA 210 -72.20 -48.41 -28.04
CA GLY GA 210 -73.52 -48.69 -27.45
C GLY GA 210 -74.68 -49.01 -28.37
N VAL GA 211 -75.77 -49.52 -27.81
CA VAL GA 211 -77.04 -49.81 -28.55
C VAL GA 211 -77.65 -48.52 -29.15
N GLY GA 212 -77.60 -47.39 -28.46
CA GLY GA 212 -78.24 -46.14 -28.89
C GLY GA 212 -77.34 -45.21 -29.66
N ASN GA 213 -76.09 -45.60 -29.93
CA ASN GA 213 -75.13 -44.68 -30.58
C ASN GA 213 -74.75 -45.17 -31.97
N ALA GA 214 -74.79 -44.29 -32.97
CA ALA GA 214 -74.40 -44.64 -34.36
C ALA GA 214 -72.88 -44.76 -34.56
N SER GA 215 -72.41 -45.84 -35.16
CA SER GA 215 -70.99 -46.16 -35.51
C SER GA 215 -70.37 -45.26 -36.61
N GLY GA 216 -71.13 -44.85 -37.62
CA GLY GA 216 -70.66 -44.00 -38.73
C GLY GA 216 -71.71 -43.18 -39.44
N ASP GA 217 -71.30 -42.35 -40.39
CA ASP GA 217 -72.19 -41.43 -41.18
C ASP GA 217 -72.15 -41.69 -42.69
N TRP GA 218 -73.18 -41.27 -43.42
CA TRP GA 218 -73.29 -41.42 -44.89
C TRP GA 218 -72.40 -40.43 -45.66
N HIS GA 219 -71.51 -40.95 -46.50
CA HIS GA 219 -70.70 -40.07 -47.39
C HIS GA 219 -70.83 -40.51 -48.85
N CYS GA 220 -71.47 -39.73 -49.73
CA CYS GA 220 -71.48 -40.03 -51.18
C CYS GA 220 -71.08 -38.74 -51.90
N ASP GA 221 -69.87 -38.68 -52.46
CA ASP GA 221 -69.37 -37.40 -53.06
C ASP GA 221 -68.22 -37.53 -54.06
N SER GA 222 -67.98 -36.52 -54.89
CA SER GA 222 -66.77 -36.44 -55.76
C SER GA 222 -66.09 -35.10 -55.50
N THR GA 223 -64.77 -35.06 -55.32
CA THR GA 223 -64.01 -33.80 -55.20
C THR GA 223 -62.94 -33.76 -56.27
N TRP GA 224 -62.88 -32.70 -57.05
CA TRP GA 224 -61.87 -32.52 -58.14
C TRP GA 224 -60.86 -31.46 -57.72
N MET GA 225 -59.59 -31.81 -57.67
CA MET GA 225 -58.50 -30.90 -57.23
C MET GA 225 -57.29 -30.93 -58.18
N GLY GA 226 -57.32 -30.27 -59.33
CA GLY GA 226 -56.20 -30.35 -60.30
C GLY GA 226 -55.98 -31.74 -60.87
N ASP GA 227 -54.81 -32.33 -60.69
CA ASP GA 227 -54.44 -33.68 -61.20
C ASP GA 227 -55.14 -34.83 -60.44
N ARG GA 228 -55.79 -34.59 -59.31
CA ARG GA 228 -56.41 -35.65 -58.48
C ARG GA 228 -57.94 -35.55 -58.36
N VAL GA 229 -58.64 -36.68 -58.43
CA VAL GA 229 -60.10 -36.74 -58.15
C VAL GA 229 -60.32 -37.77 -57.02
N VAL GA 230 -61.12 -37.45 -56.00
CA VAL GA 230 -61.48 -38.39 -54.89
C VAL GA 230 -62.96 -38.80 -55.01
N THR GA 231 -63.26 -40.09 -54.99
CA THR GA 231 -64.65 -40.59 -55.04
C THR GA 231 -65.07 -41.24 -53.72
N LYS GA 232 -66.24 -40.90 -53.18
CA LYS GA 232 -66.81 -41.53 -51.96
C LYS GA 232 -68.14 -42.19 -52.30
N SER GA 233 -68.36 -43.44 -51.89
CA SER GA 233 -69.61 -44.19 -52.16
C SER GA 233 -70.12 -44.89 -50.90
N THR GA 234 -71.40 -44.74 -50.55
CA THR GA 234 -72.03 -45.42 -49.40
C THR GA 234 -73.22 -46.26 -49.85
N ARG GA 235 -73.32 -47.50 -49.38
CA ARG GA 235 -74.46 -48.41 -49.69
C ARG GA 235 -74.99 -49.16 -48.46
N THR GA 236 -76.23 -49.66 -48.53
CA THR GA 236 -76.84 -50.51 -47.49
C THR GA 236 -76.87 -51.95 -47.98
N TRP GA 237 -76.38 -52.90 -47.18
CA TRP GA 237 -76.27 -54.35 -47.55
C TRP GA 237 -77.05 -55.29 -46.60
N VAL GA 238 -77.42 -56.45 -47.10
CA VAL GA 238 -78.07 -57.54 -46.30
C VAL GA 238 -77.20 -58.82 -46.40
N LEU GA 239 -77.00 -59.52 -45.26
CA LEU GA 239 -76.27 -60.82 -45.28
C LEU GA 239 -77.13 -62.01 -44.85
N PRO GA 240 -77.35 -63.01 -45.74
CA PRO GA 240 -77.98 -64.27 -45.36
C PRO GA 240 -77.10 -65.24 -44.57
N SER GA 241 -77.68 -66.16 -43.82
CA SER GA 241 -76.84 -67.22 -43.20
C SER GA 241 -76.73 -68.39 -44.21
N TYR GA 242 -75.69 -68.41 -45.04
CA TYR GA 242 -75.53 -69.40 -46.14
C TYR GA 242 -75.08 -70.79 -45.70
N ASN GA 243 -75.73 -71.85 -46.20
CA ASN GA 243 -75.30 -73.27 -45.97
C ASN GA 243 -75.73 -73.75 -44.59
N ASN GA 244 -76.50 -72.96 -43.83
CA ASN GA 244 -76.90 -73.27 -42.42
C ASN GA 244 -75.66 -73.54 -41.56
N HIS GA 245 -74.62 -72.71 -41.67
CA HIS GA 245 -73.37 -72.80 -40.84
C HIS GA 245 -72.45 -73.98 -41.22
N GLN GA 246 -72.52 -74.47 -42.44
CA GLN GA 246 -71.73 -75.66 -42.85
C GLN GA 246 -70.93 -75.44 -44.15
N TYR GA 247 -69.88 -76.22 -44.37
CA TYR GA 247 -69.04 -76.20 -45.59
C TYR GA 247 -69.47 -77.38 -46.41
N ARG GA 248 -69.73 -77.19 -47.70
CA ARG GA 248 -70.24 -78.30 -48.55
C ARG GA 248 -69.34 -78.59 -49.76
N GLU GA 249 -69.04 -79.86 -50.01
CA GLU GA 249 -68.32 -80.23 -51.23
C GLU GA 249 -69.25 -80.10 -52.45
N ILE GA 250 -68.78 -79.44 -53.51
CA ILE GA 250 -69.59 -79.14 -54.72
C ILE GA 250 -68.86 -79.71 -55.95
N LYS GA 251 -69.59 -80.22 -56.93
CA LYS GA 251 -68.93 -80.87 -58.09
C LYS GA 251 -69.84 -80.88 -59.32
N SER GA 252 -69.26 -80.96 -60.50
CA SER GA 252 -70.07 -81.14 -61.72
C SER GA 252 -69.46 -82.14 -62.72
N GLY GA 253 -70.27 -82.91 -63.42
CA GLY GA 253 -69.87 -83.70 -64.60
C GLY GA 253 -70.09 -82.88 -65.89
N SER GA 254 -69.97 -83.48 -67.06
CA SER GA 254 -70.22 -82.80 -68.37
C SER GA 254 -71.67 -82.31 -68.52
N VAL GA 255 -71.88 -81.08 -69.02
CA VAL GA 255 -73.24 -80.47 -69.14
C VAL GA 255 -73.32 -79.71 -70.47
N ASP GA 256 -74.47 -79.70 -71.13
CA ASP GA 256 -74.70 -79.00 -72.43
C ASP GA 256 -73.74 -79.58 -73.49
N GLY GA 257 -73.41 -80.85 -73.37
CA GLY GA 257 -72.48 -81.50 -74.31
C GLY GA 257 -71.00 -81.26 -74.04
N SER GA 258 -70.59 -80.59 -72.95
CA SER GA 258 -69.14 -80.29 -72.81
C SER GA 258 -68.47 -80.77 -71.52
N ASN GA 259 -67.33 -81.47 -71.61
CA ASN GA 259 -66.47 -81.87 -70.44
C ASN GA 259 -65.71 -80.68 -69.83
N ALA GA 260 -65.56 -79.55 -70.55
CA ALA GA 260 -64.92 -78.29 -70.07
C ALA GA 260 -65.76 -77.73 -68.91
N ASN GA 261 -67.05 -78.05 -68.89
CA ASN GA 261 -68.02 -77.75 -67.80
C ASN GA 261 -67.71 -78.46 -66.46
N ALA GA 262 -67.15 -79.68 -66.44
CA ALA GA 262 -66.81 -80.46 -65.21
C ALA GA 262 -65.83 -79.76 -64.24
N TYR GA 263 -66.09 -79.84 -62.94
CA TYR GA 263 -65.26 -79.21 -61.87
C TYR GA 263 -65.42 -79.94 -60.53
N PHE GA 264 -64.48 -79.76 -59.60
CA PHE GA 264 -64.55 -80.24 -58.20
C PHE GA 264 -64.28 -79.00 -57.30
N GLY GA 265 -65.07 -78.77 -56.26
CA GLY GA 265 -64.96 -77.56 -55.42
C GLY GA 265 -65.60 -77.56 -54.05
N TYR GA 266 -65.46 -76.46 -53.32
CA TYR GA 266 -66.10 -76.26 -51.99
C TYR GA 266 -67.02 -75.01 -51.95
N SER GA 267 -68.19 -75.10 -51.30
CA SER GA 267 -69.07 -73.92 -51.02
C SER GA 267 -68.91 -73.57 -49.53
N THR GA 268 -68.97 -72.30 -49.19
CA THR GA 268 -68.66 -71.85 -47.81
C THR GA 268 -69.80 -71.08 -47.16
N PRO GA 269 -69.85 -71.01 -45.82
CA PRO GA 269 -70.81 -70.19 -45.06
C PRO GA 269 -70.68 -68.67 -45.21
N TRP GA 270 -69.52 -68.14 -45.56
CA TRP GA 270 -69.18 -66.71 -45.74
C TRP GA 270 -69.69 -65.98 -46.99
N GLY GA 271 -69.74 -64.66 -46.89
CA GLY GA 271 -70.09 -63.75 -48.00
C GLY GA 271 -68.99 -62.73 -48.17
N TYR GA 272 -68.91 -62.10 -49.32
CA TYR GA 272 -67.81 -61.14 -49.60
C TYR GA 272 -68.31 -59.82 -50.22
N PHE GA 273 -67.52 -58.76 -50.10
CA PHE GA 273 -67.82 -57.43 -50.71
C PHE GA 273 -66.98 -57.24 -52.00
N ASP GA 274 -67.60 -56.91 -53.13
CA ASP GA 274 -66.95 -56.67 -54.45
C ASP GA 274 -67.19 -55.22 -54.92
N PHE GA 275 -66.12 -54.48 -55.20
CA PHE GA 275 -66.23 -53.10 -55.76
C PHE GA 275 -65.60 -52.96 -57.16
N ASN GA 276 -65.29 -54.05 -57.90
CA ASN GA 276 -64.57 -53.91 -59.20
C ASN GA 276 -65.53 -53.60 -60.37
N ARG GA 277 -66.28 -52.49 -60.30
CA ARG GA 277 -67.11 -51.96 -61.41
C ARG GA 277 -66.97 -50.42 -61.30
N PHE GA 278 -66.86 -49.70 -62.41
CA PHE GA 278 -66.74 -48.20 -62.44
C PHE GA 278 -68.01 -47.47 -61.90
N HIS GA 279 -69.22 -47.95 -62.19
CA HIS GA 279 -70.54 -47.37 -61.80
C HIS GA 279 -70.66 -47.39 -60.26
N SER GA 280 -69.95 -48.28 -59.56
CA SER GA 280 -69.86 -48.35 -58.08
C SER GA 280 -69.25 -47.06 -57.51
N HIS GA 281 -68.26 -46.47 -58.16
CA HIS GA 281 -67.58 -45.21 -57.74
C HIS GA 281 -67.95 -43.95 -58.54
N TRP GA 282 -68.55 -44.05 -59.72
CA TRP GA 282 -68.71 -42.89 -60.62
C TRP GA 282 -70.14 -42.59 -61.00
N SER GA 283 -70.56 -41.33 -60.83
CA SER GA 283 -71.88 -40.88 -61.35
C SER GA 283 -71.78 -40.76 -62.88
N PRO GA 284 -72.91 -40.85 -63.61
CA PRO GA 284 -72.87 -40.66 -65.05
C PRO GA 284 -72.40 -39.27 -65.47
N ARG GA 285 -72.78 -38.19 -64.79
CA ARG GA 285 -72.23 -36.83 -65.06
C ARG GA 285 -70.72 -36.71 -64.80
N ASP GA 286 -70.20 -37.28 -63.72
CA ASP GA 286 -68.74 -37.29 -63.36
C ASP GA 286 -67.93 -38.05 -64.41
N TRP GA 287 -68.44 -39.16 -64.91
CA TRP GA 287 -67.80 -39.96 -65.99
C TRP GA 287 -67.70 -39.14 -67.29
N GLN GA 288 -68.71 -38.38 -67.66
CA GLN GA 288 -68.73 -37.47 -68.83
C GLN GA 288 -67.67 -36.37 -68.70
N ARG GA 289 -67.51 -35.81 -67.51
CA ARG GA 289 -66.47 -34.79 -67.26
C ARG GA 289 -65.06 -35.35 -67.48
N LEU GA 290 -64.75 -36.55 -67.02
CA LEU GA 290 -63.45 -37.20 -67.30
C LEU GA 290 -63.15 -37.58 -68.77
N ILE GA 291 -64.09 -38.18 -69.49
CA ILE GA 291 -63.92 -38.66 -70.89
C ILE GA 291 -63.72 -37.49 -71.86
N ASN GA 292 -64.43 -36.40 -71.66
CA ASN GA 292 -64.34 -35.13 -72.43
C ASN GA 292 -63.01 -34.38 -72.27
N ASN GA 293 -62.38 -34.34 -71.09
CA ASN GA 293 -61.23 -33.44 -70.80
C ASN GA 293 -59.84 -34.02 -70.49
N TYR GA 294 -59.64 -35.33 -70.44
CA TYR GA 294 -58.35 -35.90 -69.99
C TYR GA 294 -57.77 -36.97 -70.92
N TRP GA 295 -56.46 -36.97 -71.14
CA TRP GA 295 -55.74 -38.05 -71.88
C TRP GA 295 -55.71 -39.43 -71.16
N GLY GA 296 -55.56 -39.44 -69.84
CA GLY GA 296 -55.44 -40.70 -69.09
C GLY GA 296 -55.82 -40.64 -67.63
N PHE GA 297 -56.06 -41.80 -67.03
CA PHE GA 297 -56.36 -41.89 -65.57
C PHE GA 297 -55.74 -43.17 -64.97
N ARG GA 298 -55.42 -43.20 -63.67
CA ARG GA 298 -54.95 -44.42 -62.94
C ARG GA 298 -55.41 -44.45 -61.46
N PRO GA 299 -55.68 -45.61 -60.82
CA PRO GA 299 -55.95 -45.70 -59.36
C PRO GA 299 -54.73 -45.53 -58.41
N ARG GA 300 -54.91 -44.88 -57.26
CA ARG GA 300 -53.79 -44.62 -56.30
C ARG GA 300 -54.06 -45.22 -54.91
N SER GA 301 -55.20 -44.93 -54.31
CA SER GA 301 -55.48 -45.37 -52.91
C SER GA 301 -56.91 -45.86 -52.69
N LEU GA 302 -57.10 -46.79 -51.75
CA LEU GA 302 -58.44 -47.28 -51.36
C LEU GA 302 -58.66 -47.27 -49.82
N ARG GA 303 -59.81 -46.80 -49.33
CA ARG GA 303 -60.20 -46.89 -47.89
C ARG GA 303 -61.60 -47.54 -47.76
N VAL GA 304 -61.76 -48.52 -46.86
CA VAL GA 304 -63.08 -49.21 -46.63
C VAL GA 304 -63.54 -49.15 -45.14
N LYS GA 305 -64.80 -48.80 -44.89
CA LYS GA 305 -65.41 -48.83 -43.53
C LYS GA 305 -66.73 -49.65 -43.51
N ILE GA 306 -66.90 -50.54 -42.52
CA ILE GA 306 -68.18 -51.31 -42.30
C ILE GA 306 -68.76 -50.89 -40.94
N PHE GA 307 -70.04 -50.49 -40.86
CA PHE GA 307 -70.64 -49.84 -39.66
C PHE GA 307 -72.17 -49.98 -39.54
N ASN GA 308 -72.78 -49.58 -38.41
CA ASN GA 308 -74.26 -49.59 -38.12
C ASN GA 308 -74.84 -51.00 -38.23
N ILE GA 309 -74.13 -51.97 -37.70
CA ILE GA 309 -74.52 -53.40 -37.75
C ILE GA 309 -75.82 -53.71 -36.98
N GLN GA 310 -76.71 -54.51 -37.57
CA GLN GA 310 -77.98 -54.92 -36.93
C GLN GA 310 -78.22 -56.43 -37.18
N VAL GA 311 -78.33 -57.21 -36.12
CA VAL GA 311 -78.55 -58.68 -36.21
C VAL GA 311 -80.01 -58.95 -35.85
N LYS GA 312 -80.71 -59.73 -36.68
CA LYS GA 312 -82.14 -60.04 -36.50
C LYS GA 312 -82.38 -61.55 -36.38
N GLU GA 313 -83.31 -61.96 -35.52
CA GLU GA 313 -83.68 -63.39 -35.38
C GLU GA 313 -85.08 -63.59 -35.97
N VAL GA 314 -85.24 -64.65 -36.76
CA VAL GA 314 -86.53 -64.94 -37.43
C VAL GA 314 -87.10 -66.20 -36.79
N THR GA 315 -88.36 -66.14 -36.37
CA THR GA 315 -89.02 -67.29 -35.71
C THR GA 315 -90.33 -67.59 -36.38
N VAL GA 316 -90.64 -68.87 -36.59
CA VAL GA 316 -91.99 -69.21 -37.14
C VAL GA 316 -92.79 -70.06 -36.15
N GLN GA 317 -94.00 -69.64 -35.77
CA GLN GA 317 -94.90 -70.51 -34.97
C GLN GA 317 -96.21 -70.59 -35.76
N ASP GA 318 -96.60 -71.77 -36.23
CA ASP GA 318 -97.92 -71.94 -36.91
C ASP GA 318 -98.03 -70.94 -38.07
N SER GA 319 -96.95 -70.67 -38.82
CA SER GA 319 -96.98 -69.81 -40.04
C SER GA 319 -96.98 -68.28 -39.77
N THR GA 320 -96.85 -67.82 -38.53
CA THR GA 320 -96.74 -66.36 -38.23
C THR GA 320 -95.50 -65.65 -38.78
N THR GA 321 -94.30 -66.24 -38.76
CA THR GA 321 -93.02 -65.58 -39.20
C THR GA 321 -92.66 -64.24 -38.52
N THR GA 322 -92.66 -64.11 -37.19
CA THR GA 322 -92.16 -62.89 -36.49
C THR GA 322 -90.65 -62.63 -36.65
N ILE GA 323 -90.24 -61.36 -36.76
CA ILE GA 323 -88.80 -60.94 -36.85
C ILE GA 323 -88.43 -60.01 -35.68
N ALA GA 324 -87.31 -60.25 -35.00
CA ALA GA 324 -86.90 -59.44 -33.83
C ALA GA 324 -85.40 -59.14 -33.79
N ASN GA 325 -85.00 -58.06 -33.14
CA ASN GA 325 -83.57 -57.75 -32.90
C ASN GA 325 -82.89 -58.64 -31.88
N ASN GA 326 -81.66 -59.10 -32.14
CA ASN GA 326 -80.86 -59.78 -31.08
C ASN GA 326 -79.65 -58.89 -30.81
N LEU GA 327 -79.60 -58.23 -29.66
CA LEU GA 327 -78.51 -57.30 -29.21
C LEU GA 327 -77.15 -57.96 -28.98
N THR GA 328 -77.15 -59.17 -28.43
CA THR GA 328 -75.89 -59.85 -28.03
C THR GA 328 -75.25 -60.69 -29.15
N SER GA 329 -75.87 -60.84 -30.32
CA SER GA 329 -75.32 -61.57 -31.50
C SER GA 329 -74.14 -60.85 -32.20
N THR GA 330 -73.24 -61.61 -32.85
CA THR GA 330 -72.01 -61.04 -33.47
C THR GA 330 -71.88 -61.31 -34.97
N VAL GA 331 -71.12 -60.49 -35.64
CA VAL GA 331 -70.74 -60.68 -37.08
C VAL GA 331 -69.20 -60.81 -37.08
N GLN GA 332 -68.63 -61.63 -37.97
CA GLN GA 332 -67.16 -61.84 -38.10
C GLN GA 332 -66.58 -61.33 -39.44
N VAL GA 333 -65.53 -60.52 -39.40
CA VAL GA 333 -64.94 -59.85 -40.60
C VAL GA 333 -63.41 -60.03 -40.69
N PHE GA 334 -62.88 -60.31 -41.88
CA PHE GA 334 -61.39 -60.39 -42.12
C PHE GA 334 -60.99 -59.98 -43.57
N THR GA 335 -59.72 -59.61 -43.75
CA THR GA 335 -59.15 -59.32 -45.09
C THR GA 335 -58.02 -60.31 -45.39
N ASP GA 336 -57.98 -60.88 -46.59
CA ASP GA 336 -56.90 -61.83 -47.02
C ASP GA 336 -55.68 -61.09 -47.58
N ASP GA 337 -54.86 -60.51 -46.71
CA ASP GA 337 -53.68 -59.67 -47.08
C ASP GA 337 -52.53 -60.38 -47.84
N ASP GA 338 -52.19 -61.63 -47.51
CA ASP GA 338 -51.06 -62.39 -48.11
C ASP GA 338 -51.48 -63.23 -49.32
N TYR GA 339 -52.73 -63.18 -49.77
CA TYR GA 339 -53.25 -63.87 -51.00
C TYR GA 339 -53.19 -65.39 -50.87
N GLN GA 340 -53.33 -65.92 -49.67
CA GLN GA 340 -53.40 -67.36 -49.40
C GLN GA 340 -54.65 -68.01 -50.01
N LEU GA 341 -55.79 -67.36 -49.96
CA LEU GA 341 -57.05 -67.86 -50.56
C LEU GA 341 -57.14 -67.73 -52.08
N PRO GA 342 -57.93 -68.58 -52.74
CA PRO GA 342 -58.21 -68.35 -54.15
C PRO GA 342 -58.95 -67.01 -54.39
N TYR GA 343 -58.54 -66.21 -55.36
CA TYR GA 343 -59.13 -64.85 -55.61
C TYR GA 343 -60.16 -64.91 -56.73
N VAL GA 344 -61.41 -64.71 -56.38
CA VAL GA 344 -62.52 -64.84 -57.36
C VAL GA 344 -63.05 -63.48 -57.81
N VAL GA 345 -62.51 -62.37 -57.28
CA VAL GA 345 -63.00 -60.97 -57.55
C VAL GA 345 -62.89 -60.49 -59.02
N GLY GA 346 -61.88 -60.81 -59.79
CA GLY GA 346 -61.62 -60.21 -61.14
C GLY GA 346 -62.14 -60.97 -62.36
N ASN GA 347 -63.17 -61.79 -62.24
CA ASN GA 347 -63.68 -62.72 -63.29
C ASN GA 347 -65.04 -62.31 -63.92
N GLY GA 348 -65.48 -61.04 -63.87
CA GLY GA 348 -66.75 -60.53 -64.44
C GLY GA 348 -68.04 -61.09 -63.87
N THR GA 349 -68.07 -61.32 -62.57
CA THR GA 349 -69.22 -61.91 -61.88
C THR GA 349 -70.09 -60.87 -61.19
N GLU GA 350 -71.37 -61.16 -61.01
CA GLU GA 350 -72.37 -60.31 -60.32
C GLU GA 350 -72.23 -60.24 -58.79
N GLY GA 351 -72.88 -59.29 -58.13
CA GLY GA 351 -72.74 -59.05 -56.67
C GLY GA 351 -71.93 -57.85 -56.23
N CYS GA 352 -71.48 -56.98 -57.13
CA CYS GA 352 -70.78 -55.71 -56.79
C CYS GA 352 -71.76 -54.65 -56.25
N LEU GA 353 -71.25 -53.60 -55.61
CA LEU GA 353 -72.10 -52.50 -55.10
C LEU GA 353 -72.87 -51.87 -56.27
N PRO GA 354 -74.15 -51.53 -56.04
CA PRO GA 354 -74.97 -50.97 -57.12
C PRO GA 354 -74.63 -49.59 -57.73
N ALA GA 355 -74.97 -49.38 -59.00
CA ALA GA 355 -74.76 -48.09 -59.72
C ALA GA 355 -75.55 -46.95 -59.06
N PHE GA 356 -76.79 -47.19 -58.59
CA PHE GA 356 -77.66 -46.13 -58.01
C PHE GA 356 -77.55 -46.19 -56.49
N PRO GA 357 -77.15 -45.08 -55.80
CA PRO GA 357 -76.97 -45.05 -54.35
C PRO GA 357 -78.08 -45.52 -53.39
N PRO GA 358 -79.38 -45.23 -53.63
CA PRO GA 358 -80.51 -45.74 -52.85
C PRO GA 358 -80.78 -47.26 -52.87
N GLN GA 359 -80.33 -47.97 -53.90
CA GLN GA 359 -80.58 -49.43 -54.05
C GLN GA 359 -79.92 -50.26 -52.93
N VAL GA 360 -80.63 -51.28 -52.46
CA VAL GA 360 -80.15 -52.12 -51.31
C VAL GA 360 -79.78 -53.50 -51.88
N PHE GA 361 -78.64 -54.04 -51.49
CA PHE GA 361 -78.13 -55.29 -52.14
C PHE GA 361 -77.77 -56.48 -51.22
N THR GA 362 -77.99 -57.69 -51.74
CA THR GA 362 -77.55 -58.94 -51.08
C THR GA 362 -76.09 -59.26 -51.42
N LEU GA 363 -75.27 -59.60 -50.43
CA LEU GA 363 -73.86 -60.05 -50.66
C LEU GA 363 -73.78 -61.44 -51.28
N PRO GA 364 -72.86 -61.64 -52.25
CA PRO GA 364 -72.61 -62.97 -52.81
C PRO GA 364 -71.96 -64.01 -51.88
N GLN GA 365 -72.33 -65.28 -52.00
CA GLN GA 365 -71.67 -66.38 -51.26
C GLN GA 365 -70.30 -66.79 -51.85
N TYR GA 366 -69.25 -66.92 -51.03
CA TYR GA 366 -67.91 -67.41 -51.44
C TYR GA 366 -67.83 -68.91 -51.76
N GLY GA 367 -67.10 -69.27 -52.81
CA GLY GA 367 -66.91 -70.64 -53.28
C GLY GA 367 -65.71 -70.65 -54.17
N TYR GA 368 -65.18 -71.83 -54.51
CA TYR GA 368 -64.00 -71.97 -55.41
C TYR GA 368 -63.97 -73.30 -56.10
N ALA GA 369 -63.24 -73.40 -57.19
CA ALA GA 369 -62.96 -74.69 -57.85
C ALA GA 369 -61.48 -75.04 -57.67
N THR GA 370 -61.17 -76.26 -57.27
CA THR GA 370 -59.78 -76.80 -57.21
C THR GA 370 -59.57 -77.70 -58.41
N LEU GA 371 -58.63 -78.63 -58.34
CA LEU GA 371 -58.36 -79.64 -59.40
C LEU GA 371 -59.42 -80.74 -59.54
N ASN GA 372 -59.63 -81.21 -60.76
CA ASN GA 372 -60.62 -82.28 -61.07
C ASN GA 372 -59.85 -83.34 -61.88
N ARG GA 373 -60.25 -84.60 -61.81
CA ARG GA 373 -59.46 -85.68 -62.47
C ARG GA 373 -60.04 -86.14 -63.81
N ASP GA 374 -59.26 -86.09 -64.88
CA ASP GA 374 -59.62 -86.58 -66.25
C ASP GA 374 -60.91 -85.98 -66.84
N ASN GA 375 -61.15 -84.68 -66.66
CA ASN GA 375 -62.39 -83.99 -67.16
C ASN GA 375 -63.64 -84.67 -66.59
N THR GA 376 -63.64 -85.01 -65.29
CA THR GA 376 -64.76 -85.65 -64.57
C THR GA 376 -65.00 -84.92 -63.23
N GLU GA 377 -66.07 -85.22 -62.48
CA GLU GA 377 -66.42 -84.57 -61.18
C GLU GA 377 -65.51 -84.96 -59.99
N ASN GA 378 -64.73 -86.03 -60.12
CA ASN GA 378 -63.79 -86.52 -59.07
C ASN GA 378 -62.55 -85.67 -58.82
N PRO GA 379 -62.07 -85.60 -57.56
CA PRO GA 379 -60.81 -84.96 -57.18
C PRO GA 379 -59.46 -85.71 -57.43
N THR GA 380 -58.34 -85.04 -57.22
CA THR GA 380 -56.96 -85.54 -57.36
C THR GA 380 -56.26 -85.40 -56.02
N GLU GA 381 -55.11 -86.05 -55.82
CA GLU GA 381 -54.25 -85.93 -54.61
C GLU GA 381 -53.75 -84.49 -54.44
N ARG GA 382 -53.43 -83.78 -55.50
CA ARG GA 382 -53.05 -82.34 -55.51
C ARG GA 382 -54.21 -81.41 -55.11
N SER GA 383 -55.48 -81.83 -55.22
CA SER GA 383 -56.68 -81.01 -54.92
C SER GA 383 -56.67 -80.54 -53.45
N SER GA 384 -57.02 -79.28 -53.20
CA SER GA 384 -56.87 -78.59 -51.89
C SER GA 384 -58.17 -78.09 -51.22
N PHE GA 385 -58.22 -78.21 -49.90
CA PHE GA 385 -59.35 -77.68 -49.10
C PHE GA 385 -58.83 -76.50 -48.26
N PHE GA 386 -59.59 -75.43 -48.26
CA PHE GA 386 -59.24 -74.23 -47.44
C PHE GA 386 -60.34 -73.92 -46.43
N CYS GA 387 -59.98 -73.76 -45.15
CA CYS GA 387 -60.91 -73.33 -44.07
C CYS GA 387 -60.73 -71.82 -43.76
N LEU GA 388 -61.79 -71.01 -43.84
CA LEU GA 388 -61.81 -69.55 -43.51
C LEU GA 388 -61.64 -69.30 -42.00
N GLU GA 389 -62.18 -70.18 -41.15
CA GLU GA 389 -62.12 -70.08 -39.67
C GLU GA 389 -60.69 -70.28 -39.16
N TYR GA 390 -59.81 -70.88 -39.95
CA TYR GA 390 -58.35 -71.02 -39.64
C TYR GA 390 -57.69 -69.64 -39.56
N PHE GA 391 -58.04 -68.68 -40.39
CA PHE GA 391 -57.54 -67.28 -40.32
C PHE GA 391 -58.08 -66.53 -39.11
N PRO GA 392 -57.35 -65.57 -38.51
CA PRO GA 392 -57.95 -64.66 -37.51
C PRO GA 392 -59.00 -63.61 -38.02
N SER GA 393 -60.10 -63.36 -37.28
CA SER GA 393 -61.15 -62.39 -37.68
C SER GA 393 -61.62 -61.45 -36.54
N LYS GA 394 -62.01 -60.23 -36.84
CA LYS GA 394 -62.63 -59.30 -35.86
C LYS GA 394 -64.09 -59.73 -35.56
N MET GA 395 -64.53 -59.63 -34.31
CA MET GA 395 -65.93 -59.96 -33.92
C MET GA 395 -66.68 -58.66 -33.56
N LEU GA 396 -67.85 -58.44 -34.17
CA LEU GA 396 -68.59 -57.18 -33.95
C LEU GA 396 -70.02 -57.34 -33.44
N ARG GA 397 -70.36 -56.64 -32.37
CA ARG GA 397 -71.76 -56.46 -31.90
C ARG GA 397 -72.34 -55.17 -32.55
N THR GA 398 -73.59 -54.79 -32.26
CA THR GA 398 -74.31 -53.57 -32.80
C THR GA 398 -73.57 -52.26 -32.61
N GLY GA 399 -72.88 -52.02 -31.49
CA GLY GA 399 -71.98 -50.87 -31.23
C GLY GA 399 -70.74 -50.78 -32.07
N ASN GA 400 -70.11 -51.90 -32.45
CA ASN GA 400 -68.80 -52.03 -33.15
C ASN GA 400 -68.69 -51.67 -34.64
N ASN GA 401 -67.51 -51.32 -35.12
CA ASN GA 401 -67.22 -50.93 -36.54
C ASN GA 401 -65.88 -51.55 -37.02
N PHE GA 402 -65.67 -51.69 -38.33
CA PHE GA 402 -64.40 -52.18 -38.94
C PHE GA 402 -63.85 -51.20 -40.00
N GLU GA 403 -62.53 -50.99 -40.03
CA GLU GA 403 -61.89 -50.14 -41.08
C GLU GA 403 -60.65 -50.80 -41.74
N PHE GA 404 -60.41 -50.57 -43.04
CA PHE GA 404 -59.18 -51.04 -43.77
C PHE GA 404 -58.62 -49.94 -44.72
N THR GA 405 -57.31 -49.92 -44.98
CA THR GA 405 -56.64 -48.98 -45.95
C THR GA 405 -55.73 -49.74 -46.90
N TYR GA 406 -55.68 -49.37 -48.19
CA TYR GA 406 -54.80 -50.01 -49.22
C TYR GA 406 -54.11 -48.98 -50.13
N ASN GA 407 -52.89 -49.28 -50.60
CA ASN GA 407 -52.19 -48.45 -51.63
C ASN GA 407 -51.95 -49.28 -52.88
N PHE GA 408 -52.28 -48.73 -54.04
CA PHE GA 408 -52.07 -49.44 -55.34
C PHE GA 408 -50.59 -49.38 -55.72
N GLU GA 409 -50.07 -50.39 -56.39
CA GLU GA 409 -48.70 -50.39 -56.96
C GLU GA 409 -48.62 -49.45 -58.18
N GLU GA 410 -47.42 -48.99 -58.54
CA GLU GA 410 -47.29 -48.18 -59.77
C GLU GA 410 -47.78 -48.97 -61.00
N VAL GA 411 -48.60 -48.34 -61.81
CA VAL GA 411 -49.21 -49.01 -62.99
C VAL GA 411 -49.24 -47.96 -64.10
N PRO GA 412 -49.21 -48.33 -65.39
CA PRO GA 412 -49.38 -47.34 -66.47
C PRO GA 412 -50.79 -46.72 -66.55
N PHE GA 413 -50.91 -45.44 -66.93
CA PHE GA 413 -52.22 -44.77 -67.13
C PHE GA 413 -53.00 -45.40 -68.27
N HIS GA 414 -54.32 -45.56 -68.16
CA HIS GA 414 -55.17 -45.99 -69.30
C HIS GA 414 -55.16 -44.87 -70.36
N SER GA 415 -55.20 -45.23 -71.64
CA SER GA 415 -55.22 -44.21 -72.73
C SER GA 415 -56.63 -43.83 -73.16
N SER GA 416 -57.13 -42.67 -72.71
CA SER GA 416 -58.46 -42.13 -73.10
C SER GA 416 -58.34 -41.20 -74.32
N PHE GA 417 -57.96 -41.72 -75.47
CA PHE GA 417 -57.80 -40.92 -76.71
C PHE GA 417 -57.92 -41.84 -77.91
N ALA GA 418 -58.24 -41.26 -79.05
CA ALA GA 418 -58.29 -42.00 -80.32
C ALA GA 418 -57.20 -41.42 -81.23
N PRO GA 419 -56.45 -42.27 -81.96
CA PRO GA 419 -55.49 -41.76 -82.95
C PRO GA 419 -56.05 -40.96 -84.14
N SER GA 420 -55.38 -39.86 -84.47
CA SER GA 420 -55.77 -39.00 -85.61
C SER GA 420 -55.00 -39.35 -86.91
N GLN GA 421 -54.10 -40.33 -86.88
CA GLN GA 421 -53.37 -40.80 -88.09
C GLN GA 421 -53.35 -42.32 -88.25
N ASN GA 422 -53.37 -42.81 -89.48
CA ASN GA 422 -53.15 -44.24 -89.83
C ASN GA 422 -51.67 -44.62 -89.64
N LEU GA 423 -51.37 -45.84 -89.16
CA LEU GA 423 -50.00 -46.36 -88.91
C LEU GA 423 -49.19 -46.44 -90.21
N PHE GA 424 -49.82 -46.79 -91.32
CA PHE GA 424 -49.17 -46.90 -92.66
C PHE GA 424 -49.11 -45.57 -93.49
N LYS GA 425 -49.65 -44.43 -93.05
CA LYS GA 425 -49.71 -43.13 -93.81
C LYS GA 425 -48.84 -42.02 -93.17
N LEU GA 426 -47.70 -42.32 -92.53
CA LEU GA 426 -46.86 -41.34 -91.76
C LEU GA 426 -45.80 -40.56 -92.57
N ALA GA 427 -45.49 -40.97 -93.80
CA ALA GA 427 -44.58 -40.22 -94.68
C ALA GA 427 -45.24 -38.89 -95.09
N ASN GA 428 -44.45 -37.84 -95.32
CA ASN GA 428 -45.01 -36.57 -95.83
C ASN GA 428 -45.65 -36.83 -97.19
N PRO GA 429 -46.89 -36.33 -97.42
CA PRO GA 429 -47.57 -36.49 -98.70
C PRO GA 429 -46.88 -35.79 -99.91
N LEU GA 430 -46.28 -34.62 -99.75
CA LEU GA 430 -45.49 -33.82 -100.74
C LEU GA 430 -44.16 -34.41 -101.22
N VAL GA 431 -43.40 -35.11 -100.38
CA VAL GA 431 -42.02 -35.56 -100.71
C VAL GA 431 -41.83 -37.07 -101.03
N ASP GA 432 -41.12 -37.39 -102.11
CA ASP GA 432 -40.72 -38.79 -102.48
C ASP GA 432 -39.64 -39.40 -101.59
N GLN GA 433 -39.67 -40.71 -101.41
CA GLN GA 433 -38.61 -41.47 -100.68
C GLN GA 433 -37.29 -41.64 -101.48
N TYR GA 434 -36.13 -41.71 -100.84
CA TYR GA 434 -34.84 -42.06 -101.53
C TYR GA 434 -34.68 -43.60 -101.65
N LEU GA 435 -35.75 -44.36 -101.71
CA LEU GA 435 -35.73 -45.84 -101.65
C LEU GA 435 -36.45 -46.43 -102.87
N TYR GA 436 -36.05 -47.62 -103.29
CA TYR GA 436 -36.57 -48.23 -104.53
C TYR GA 436 -37.11 -49.63 -104.28
N ARG GA 437 -38.03 -50.07 -105.14
CA ARG GA 437 -38.68 -51.39 -105.00
C ARG GA 437 -38.61 -52.20 -106.31
N PHE GA 438 -38.64 -53.52 -106.20
CA PHE GA 438 -38.67 -54.39 -107.40
C PHE GA 438 -40.08 -54.45 -107.92
N VAL GA 439 -40.22 -54.18 -109.21
CA VAL GA 439 -41.56 -54.24 -109.83
C VAL GA 439 -41.67 -55.24 -110.98
N SER GA 440 -40.56 -55.69 -111.55
CA SER GA 440 -40.65 -56.43 -112.82
C SER GA 440 -39.47 -57.30 -113.26
N THR GA 441 -39.73 -58.18 -114.20
CA THR GA 441 -38.67 -58.96 -114.86
C THR GA 441 -38.90 -58.74 -116.36
N ASN GA 442 -37.85 -58.65 -117.18
CA ASN GA 442 -37.96 -58.49 -118.68
C ASN GA 442 -38.13 -59.83 -119.42
N ASN GA 443 -38.13 -59.85 -120.76
CA ASN GA 443 -38.35 -61.08 -121.59
C ASN GA 443 -37.26 -62.10 -121.25
N THR GA 444 -36.02 -61.70 -121.06
CA THR GA 444 -34.98 -62.57 -120.45
C THR GA 444 -35.25 -62.24 -119.02
N GLY GA 445 -35.25 -63.16 -118.07
CA GLY GA 445 -35.77 -62.76 -116.75
C GLY GA 445 -34.88 -61.87 -115.91
N GLY GA 446 -34.65 -60.63 -116.34
CA GLY GA 446 -33.74 -59.67 -115.65
C GLY GA 446 -34.51 -58.70 -114.79
N VAL GA 447 -34.09 -58.50 -113.56
CA VAL GA 447 -34.82 -57.66 -112.56
C VAL GA 447 -34.88 -56.16 -112.89
N GLN GA 448 -36.01 -55.52 -112.57
CA GLN GA 448 -36.24 -54.08 -112.88
C GLN GA 448 -36.76 -53.35 -111.63
N PHE GA 449 -36.45 -52.07 -111.50
CA PHE GA 449 -36.78 -51.30 -110.26
C PHE GA 449 -37.42 -49.95 -110.54
N ASN GA 450 -38.23 -49.45 -109.60
CA ASN GA 450 -38.87 -48.10 -109.70
C ASN GA 450 -38.73 -47.38 -108.38
N LYS GA 451 -38.60 -46.06 -108.38
CA LYS GA 451 -38.56 -45.21 -107.17
C LYS GA 451 -39.93 -45.08 -106.48
N ASN GA 452 -39.93 -44.85 -105.18
CA ASN GA 452 -41.19 -44.69 -104.42
C ASN GA 452 -41.64 -43.23 -104.42
N LEU GA 453 -42.80 -42.92 -105.02
CA LEU GA 453 -43.37 -41.55 -105.17
C LEU GA 453 -44.12 -41.01 -103.94
N ALA GA 454 -44.28 -39.70 -103.86
CA ALA GA 454 -45.02 -39.04 -102.75
C ALA GA 454 -46.50 -39.42 -102.68
N GLY GA 455 -46.98 -39.79 -101.49
CA GLY GA 455 -48.39 -40.15 -101.23
C GLY GA 455 -48.79 -41.57 -101.62
N ARG GA 456 -47.86 -42.38 -102.15
CA ARG GA 456 -48.15 -43.77 -102.60
C ARG GA 456 -47.96 -44.73 -101.41
N TYR GA 457 -48.89 -44.75 -100.45
CA TYR GA 457 -48.84 -45.51 -99.16
C TYR GA 457 -48.86 -47.02 -99.39
N ALA GA 458 -49.46 -47.45 -100.48
CA ALA GA 458 -49.46 -48.87 -100.88
C ALA GA 458 -48.02 -49.36 -101.10
N ASN GA 459 -47.09 -48.56 -101.62
CA ASN GA 459 -45.71 -48.99 -101.99
C ASN GA 459 -44.56 -48.35 -101.21
N THR GA 460 -44.66 -48.01 -99.94
CA THR GA 460 -43.69 -47.18 -99.19
C THR GA 460 -43.01 -48.07 -98.17
N TYR GA 461 -41.74 -47.84 -97.89
CA TYR GA 461 -40.99 -48.58 -96.83
C TYR GA 461 -41.59 -48.19 -95.48
N LYS GA 462 -41.73 -49.15 -94.58
CA LYS GA 462 -42.39 -48.91 -93.27
C LYS GA 462 -41.52 -49.29 -92.07
N ASN GA 463 -41.37 -48.42 -91.09
CA ASN GA 463 -40.71 -48.73 -89.77
C ASN GA 463 -41.47 -49.67 -88.82
N TRP GA 464 -42.79 -49.58 -88.75
CA TRP GA 464 -43.57 -50.21 -87.66
C TRP GA 464 -44.72 -51.05 -88.17
N PHE GA 465 -45.13 -52.01 -87.37
CA PHE GA 465 -46.13 -53.01 -87.81
C PHE GA 465 -47.28 -53.06 -86.85
N PRO GA 466 -48.47 -53.45 -87.33
CA PRO GA 466 -49.64 -53.64 -86.48
C PRO GA 466 -49.59 -54.83 -85.52
N GLY GA 467 -50.41 -54.80 -84.48
CA GLY GA 467 -50.47 -55.83 -83.42
C GLY GA 467 -51.07 -57.17 -83.79
N PRO GA 468 -50.92 -58.20 -82.93
CA PRO GA 468 -51.36 -59.57 -83.23
C PRO GA 468 -52.86 -59.85 -83.48
N MET GA 469 -53.16 -60.77 -84.39
CA MET GA 469 -54.57 -61.03 -84.78
C MET GA 469 -54.94 -62.52 -84.87
N GLY GA 470 -56.17 -62.94 -84.56
CA GLY GA 470 -56.70 -64.28 -84.86
C GLY GA 470 -58.07 -64.14 -85.51
N ARG GA 471 -58.38 -64.75 -86.64
CA ARG GA 471 -59.69 -64.51 -87.32
C ARG GA 471 -60.94 -64.99 -86.52
N THR GA 472 -61.99 -64.16 -86.41
CA THR GA 472 -63.25 -64.45 -85.68
C THR GA 472 -64.41 -64.10 -86.58
N GLN GA 473 -65.50 -64.88 -86.57
CA GLN GA 473 -66.64 -64.70 -87.49
C GLN GA 473 -67.36 -63.35 -87.32
N GLY GA 474 -67.79 -62.73 -88.43
CA GLY GA 474 -68.51 -61.45 -88.41
C GLY GA 474 -69.99 -61.62 -88.68
N TRP GA 475 -70.82 -60.98 -87.85
CA TRP GA 475 -72.30 -61.04 -87.98
C TRP GA 475 -72.90 -59.64 -88.16
N ASN GA 476 -73.80 -59.48 -89.11
CA ASN GA 476 -74.49 -58.18 -89.38
C ASN GA 476 -75.56 -57.89 -88.31
N LEU GA 477 -75.76 -56.62 -87.98
CA LEU GA 477 -76.73 -56.16 -86.95
C LEU GA 477 -77.66 -55.16 -87.67
N GLY GA 478 -78.83 -54.86 -87.11
CA GLY GA 478 -79.80 -53.97 -87.80
C GLY GA 478 -80.32 -54.56 -89.09
N SER GA 479 -80.12 -53.87 -90.22
CA SER GA 479 -80.58 -54.36 -91.53
C SER GA 479 -79.89 -55.69 -91.83
N GLY GA 480 -78.59 -55.87 -91.53
CA GLY GA 480 -78.02 -57.23 -91.56
C GLY GA 480 -78.06 -57.99 -92.86
N VAL GA 481 -78.66 -59.19 -92.87
CA VAL GA 481 -78.68 -60.12 -94.05
C VAL GA 481 -77.83 -61.40 -93.76
N ASN GA 482 -77.65 -61.81 -92.52
CA ASN GA 482 -76.93 -63.05 -92.07
C ASN GA 482 -77.63 -64.40 -92.36
N ARG GA 483 -76.89 -65.52 -92.37
CA ARG GA 483 -77.43 -66.91 -92.59
C ARG GA 483 -78.42 -67.41 -91.52
N ALA GA 484 -79.51 -68.07 -91.94
CA ALA GA 484 -80.61 -68.53 -91.06
C ALA GA 484 -80.44 -69.84 -90.30
N SER GA 485 -81.10 -69.99 -89.14
CA SER GA 485 -81.18 -71.25 -88.35
C SER GA 485 -79.83 -71.84 -87.93
N VAL GA 486 -78.89 -71.01 -87.49
CA VAL GA 486 -77.51 -71.49 -87.15
C VAL GA 486 -77.36 -71.78 -85.65
N SER GA 487 -76.70 -72.90 -85.29
CA SER GA 487 -76.30 -73.12 -83.88
C SER GA 487 -74.83 -72.70 -83.82
N ALA GA 488 -74.49 -71.69 -83.05
CA ALA GA 488 -73.14 -71.07 -82.99
C ALA GA 488 -71.97 -71.92 -82.47
N PHE GA 489 -72.11 -72.79 -81.47
CA PHE GA 489 -70.98 -73.41 -80.70
C PHE GA 489 -69.94 -74.26 -81.49
N ALA GA 490 -70.33 -75.08 -82.46
CA ALA GA 490 -69.38 -75.94 -83.21
C ALA GA 490 -68.34 -75.11 -83.97
N THR GA 491 -68.73 -73.96 -84.52
CA THR GA 491 -67.84 -73.11 -85.35
C THR GA 491 -67.18 -71.99 -84.58
N THR GA 492 -67.33 -71.90 -83.27
CA THR GA 492 -66.69 -70.86 -82.41
C THR GA 492 -65.19 -71.06 -82.21
N ASN GA 493 -64.44 -69.98 -81.91
CA ASN GA 493 -62.98 -70.04 -81.60
C ASN GA 493 -62.72 -70.76 -80.28
N ARG GA 494 -61.66 -71.57 -80.23
CA ARG GA 494 -61.39 -72.39 -79.01
C ARG GA 494 -59.91 -72.55 -78.71
N MET GA 495 -59.55 -72.80 -77.44
CA MET GA 495 -58.18 -73.15 -77.03
C MET GA 495 -58.29 -74.48 -76.24
N GLU GA 496 -57.30 -75.37 -76.34
CA GLU GA 496 -57.35 -76.71 -75.69
C GLU GA 496 -56.48 -76.74 -74.43
N LEU GA 497 -57.03 -77.11 -73.26
CA LEU GA 497 -56.26 -77.27 -72.00
C LEU GA 497 -56.56 -78.62 -71.36
N GLU GA 498 -55.58 -79.43 -70.97
CA GLU GA 498 -55.75 -80.70 -70.19
C GLU GA 498 -56.72 -81.69 -70.84
N GLY GA 499 -56.75 -81.82 -72.17
CA GLY GA 499 -57.75 -82.68 -72.83
C GLY GA 499 -59.15 -82.11 -73.06
N ALA GA 500 -59.43 -80.84 -72.81
CA ALA GA 500 -60.78 -80.30 -73.11
C ALA GA 500 -60.72 -79.04 -74.00
N SER GA 501 -61.76 -78.79 -74.80
CA SER GA 501 -61.87 -77.58 -75.68
C SER GA 501 -62.66 -76.48 -74.99
N TYR GA 502 -62.08 -75.30 -74.92
CA TYR GA 502 -62.74 -74.17 -74.20
C TYR GA 502 -62.99 -72.98 -75.09
N GLN GA 503 -64.18 -72.44 -75.02
CA GLN GA 503 -64.41 -71.12 -75.67
C GLN GA 503 -63.64 -70.09 -74.83
N VAL GA 504 -63.07 -69.09 -75.47
CA VAL GA 504 -62.28 -68.02 -74.81
C VAL GA 504 -62.98 -66.76 -75.33
N PRO GA 505 -64.17 -66.42 -74.77
CA PRO GA 505 -65.05 -65.38 -75.30
C PRO GA 505 -64.52 -63.99 -75.43
N PRO GA 506 -63.69 -63.36 -74.56
CA PRO GA 506 -63.11 -62.09 -74.96
C PRO GA 506 -61.94 -62.63 -75.79
N GLN GA 507 -61.67 -62.15 -76.99
CA GLN GA 507 -60.43 -62.67 -77.65
C GLN GA 507 -59.20 -61.95 -77.05
N PRO GA 508 -57.93 -62.36 -77.29
CA PRO GA 508 -56.74 -61.62 -76.85
C PRO GA 508 -56.51 -60.21 -77.49
N ASN GA 509 -55.88 -59.22 -76.82
CA ASN GA 509 -55.70 -57.81 -77.32
C ASN GA 509 -54.96 -57.57 -78.66
N GLY GA 510 -55.19 -56.42 -79.32
CA GLY GA 510 -54.59 -56.03 -80.62
C GLY GA 510 -55.48 -56.07 -81.83
N MET GA 511 -56.76 -56.30 -81.65
CA MET GA 511 -57.71 -56.30 -82.80
C MET GA 511 -58.86 -55.29 -82.62
N THR GA 512 -59.58 -55.00 -83.71
CA THR GA 512 -60.84 -54.20 -83.65
C THR GA 512 -62.01 -55.07 -84.13
N ASN GA 513 -63.09 -55.19 -83.37
CA ASN GA 513 -64.39 -55.87 -83.72
C ASN GA 513 -65.22 -55.21 -84.84
N ASN GA 514 -65.30 -53.88 -84.92
CA ASN GA 514 -66.20 -53.15 -85.86
C ASN GA 514 -65.42 -52.08 -86.64
N LEU GA 515 -65.63 -51.95 -87.95
CA LEU GA 515 -64.99 -50.88 -88.79
C LEU GA 515 -65.38 -49.39 -88.57
N GLN GA 516 -66.64 -48.98 -88.37
CA GLN GA 516 -67.12 -47.55 -88.26
C GLN GA 516 -68.19 -47.42 -89.34
N GLY GA 517 -69.33 -46.81 -89.03
CA GLY GA 517 -70.41 -47.02 -90.00
C GLY GA 517 -70.59 -48.51 -89.86
N SER GA 518 -70.42 -49.32 -90.90
CA SER GA 518 -70.57 -50.81 -90.88
C SER GA 518 -71.41 -51.46 -89.77
N ASN GA 519 -72.21 -52.45 -90.18
CA ASN GA 519 -73.06 -53.21 -89.24
C ASN GA 519 -72.47 -54.60 -89.01
N THR GA 520 -71.25 -54.86 -89.47
CA THR GA 520 -70.56 -56.14 -89.19
C THR GA 520 -69.79 -56.06 -87.88
N TYR GA 521 -70.02 -57.04 -87.01
CA TYR GA 521 -69.37 -57.09 -85.69
C TYR GA 521 -68.83 -58.47 -85.50
N ALA GA 522 -67.63 -58.56 -84.97
CA ALA GA 522 -67.16 -59.91 -84.58
C ALA GA 522 -67.64 -60.10 -83.15
N LEU GA 523 -68.70 -60.90 -82.93
CA LEU GA 523 -69.41 -61.06 -81.62
C LEU GA 523 -68.56 -61.65 -80.48
N GLU GA 524 -67.67 -62.60 -80.77
CA GLU GA 524 -66.77 -63.21 -79.75
C GLU GA 524 -65.59 -62.28 -79.40
N ASN GA 525 -65.39 -61.16 -80.08
CA ASN GA 525 -64.37 -60.13 -79.71
C ASN GA 525 -65.05 -58.92 -79.01
N THR GA 526 -66.32 -58.98 -78.66
CA THR GA 526 -67.05 -57.81 -78.09
C THR GA 526 -67.57 -58.06 -76.70
N MET GA 527 -67.44 -57.08 -75.80
CA MET GA 527 -68.11 -57.12 -74.48
C MET GA 527 -69.62 -56.88 -74.68
N ILE GA 528 -70.46 -57.79 -74.21
CA ILE GA 528 -71.95 -57.66 -74.28
C ILE GA 528 -72.54 -57.54 -72.87
N PHE GA 529 -73.40 -56.56 -72.64
CA PHE GA 529 -73.96 -56.23 -71.30
C PHE GA 529 -75.47 -56.11 -71.39
N ASN GA 530 -76.16 -56.22 -70.27
CA ASN GA 530 -77.64 -56.01 -70.19
C ASN GA 530 -77.89 -54.66 -69.51
N SER GA 531 -78.83 -53.86 -70.01
CA SER GA 531 -79.24 -52.57 -69.36
C SER GA 531 -79.81 -52.82 -67.97
N GLN GA 532 -80.61 -53.89 -67.79
CA GLN GA 532 -81.26 -54.23 -66.52
C GLN GA 532 -80.63 -55.47 -65.88
N PRO GA 533 -80.56 -55.59 -64.53
CA PRO GA 533 -80.09 -56.81 -63.87
C PRO GA 533 -81.03 -57.99 -64.08
N ALA GA 534 -80.48 -59.21 -64.04
CA ALA GA 534 -81.27 -60.42 -64.35
C ALA GA 534 -81.36 -61.38 -63.16
N ASN GA 535 -82.43 -62.16 -63.13
CA ASN GA 535 -82.61 -63.23 -62.10
C ASN GA 535 -81.60 -64.36 -62.34
N PRO GA 536 -81.10 -65.02 -61.28
CA PRO GA 536 -80.18 -66.14 -61.45
C PRO GA 536 -80.69 -67.37 -62.19
N GLY GA 537 -79.87 -67.96 -63.06
CA GLY GA 537 -80.21 -69.18 -63.78
C GLY GA 537 -81.09 -69.00 -65.00
N THR GA 538 -81.32 -67.77 -65.44
CA THR GA 538 -82.23 -67.54 -66.57
C THR GA 538 -81.69 -68.23 -67.83
N THR GA 539 -82.55 -68.88 -68.60
CA THR GA 539 -82.18 -69.51 -69.89
C THR GA 539 -82.90 -68.82 -71.04
N ALA GA 540 -83.50 -67.65 -70.80
CA ALA GA 540 -84.27 -66.89 -71.82
C ALA GA 540 -83.44 -66.39 -73.01
N THR GA 541 -84.00 -66.44 -74.23
CA THR GA 541 -83.34 -65.84 -75.41
C THR GA 541 -83.41 -64.33 -75.36
N TYR GA 542 -82.35 -63.65 -75.77
CA TYR GA 542 -82.34 -62.17 -75.83
C TYR GA 542 -82.02 -61.72 -77.23
N LEU GA 543 -82.84 -60.82 -77.76
CA LEU GA 543 -82.57 -60.16 -79.06
C LEU GA 543 -81.62 -58.96 -78.89
N GLU GA 544 -81.15 -58.38 -79.98
CA GLU GA 544 -80.17 -57.25 -80.00
C GLU GA 544 -80.68 -55.97 -79.31
N GLY GA 545 -81.97 -55.64 -79.41
CA GLY GA 545 -82.54 -54.43 -78.80
C GLY GA 545 -82.39 -54.42 -77.29
N ASN GA 546 -82.58 -55.55 -76.62
CA ASN GA 546 -82.30 -55.67 -75.17
C ASN GA 546 -80.82 -55.47 -74.82
N MET GA 547 -79.89 -55.93 -75.64
CA MET GA 547 -78.43 -55.94 -75.30
C MET GA 547 -77.68 -54.60 -75.48
N LEU GA 548 -76.63 -54.38 -74.70
CA LEU GA 548 -75.73 -53.21 -74.91
C LEU GA 548 -74.46 -53.75 -75.56
N ILE GA 549 -74.18 -53.38 -76.82
CA ILE GA 549 -73.02 -53.96 -77.58
C ILE GA 549 -71.96 -52.88 -77.84
N THR GA 550 -70.74 -53.11 -77.40
CA THR GA 550 -69.59 -52.19 -77.55
C THR GA 550 -68.92 -52.24 -78.92
N SER GA 551 -68.26 -51.16 -79.32
CA SER GA 551 -67.51 -51.05 -80.60
C SER GA 551 -66.10 -50.54 -80.28
N GLU GA 552 -65.08 -51.04 -80.96
CA GLU GA 552 -63.66 -50.66 -80.77
C GLU GA 552 -63.18 -49.87 -82.01
N SER GA 553 -64.06 -49.24 -82.77
CA SER GA 553 -63.78 -48.58 -84.07
C SER GA 553 -62.75 -47.44 -83.98
N GLU GA 554 -62.56 -46.81 -82.83
CA GLU GA 554 -61.53 -45.74 -82.59
C GLU GA 554 -60.10 -46.30 -82.78
N THR GA 555 -59.82 -47.55 -82.45
CA THR GA 555 -58.49 -48.20 -82.52
C THR GA 555 -58.16 -48.71 -83.93
N GLN GA 556 -59.05 -48.60 -84.91
CA GLN GA 556 -58.92 -49.14 -86.29
C GLN GA 556 -57.67 -48.57 -87.02
N PRO GA 557 -57.26 -47.28 -86.88
CA PRO GA 557 -55.99 -46.80 -87.44
C PRO GA 557 -54.73 -47.62 -87.09
N VAL GA 558 -54.63 -48.28 -85.91
CA VAL GA 558 -53.55 -49.23 -85.51
C VAL GA 558 -53.95 -50.69 -85.25
N ASN GA 559 -55.22 -51.09 -85.29
CA ASN GA 559 -55.61 -52.47 -84.89
C ASN GA 559 -56.28 -53.16 -86.07
N ARG GA 560 -55.84 -54.38 -86.36
CA ARG GA 560 -56.42 -55.15 -87.49
C ARG GA 560 -57.86 -55.60 -87.21
N VAL GA 561 -58.69 -55.68 -88.25
CA VAL GA 561 -60.08 -56.19 -88.11
C VAL GA 561 -60.15 -57.72 -87.92
N ALA GA 562 -60.89 -58.20 -86.92
CA ALA GA 562 -61.05 -59.63 -86.55
C ALA GA 562 -61.72 -60.50 -87.62
N TYR GA 563 -62.76 -60.01 -88.28
CA TYR GA 563 -63.51 -60.76 -89.32
C TYR GA 563 -62.62 -61.04 -90.57
N ASN GA 564 -61.77 -60.12 -90.97
CA ASN GA 564 -60.90 -60.23 -92.20
C ASN GA 564 -59.61 -61.06 -92.03
N VAL GA 565 -59.02 -61.57 -93.12
CA VAL GA 565 -57.66 -62.21 -93.13
C VAL GA 565 -56.55 -61.17 -92.83
N GLY GA 566 -55.49 -61.53 -92.10
CA GLY GA 566 -54.33 -60.65 -91.75
C GLY GA 566 -53.42 -60.14 -92.85
N GLY GA 567 -53.06 -60.94 -93.87
CA GLY GA 567 -52.08 -60.55 -94.88
C GLY GA 567 -51.72 -61.74 -95.75
N GLN GA 568 -50.68 -61.62 -96.59
CA GLN GA 568 -50.19 -62.72 -97.47
C GLN GA 568 -48.66 -62.92 -97.35
N MET GA 569 -48.15 -64.15 -97.54
CA MET GA 569 -46.71 -64.50 -97.51
C MET GA 569 -46.37 -65.44 -98.67
N ALA GA 570 -45.09 -65.55 -99.09
CA ALA GA 570 -44.63 -66.46 -100.18
C ALA GA 570 -44.74 -67.96 -99.83
N THR GA 571 -45.21 -68.76 -100.80
CA THR GA 571 -45.42 -70.20 -100.61
C THR GA 571 -44.53 -71.06 -101.51
N ASN GA 572 -43.63 -70.50 -102.29
CA ASN GA 572 -42.89 -71.27 -103.33
C ASN GA 572 -41.58 -70.59 -103.69
N ASN GA 573 -40.77 -71.25 -104.51
CA ASN GA 573 -39.55 -70.62 -105.10
C ASN GA 573 -39.82 -70.45 -106.59
N GLN GA 574 -39.66 -69.22 -107.13
CA GLN GA 574 -39.83 -68.92 -108.58
C GLN GA 574 -38.66 -69.52 -109.39
N SER GA 575 -38.90 -69.85 -110.65
CA SER GA 575 -37.89 -70.44 -111.56
C SER GA 575 -38.34 -70.10 -112.99
N SER GA 576 -37.51 -70.33 -113.99
CA SER GA 576 -37.99 -70.11 -115.38
C SER GA 576 -39.19 -71.02 -115.62
N THR GA 577 -39.17 -72.27 -115.18
CA THR GA 577 -40.33 -73.19 -115.24
C THR GA 577 -41.51 -72.76 -114.37
N THR GA 578 -41.28 -72.21 -113.16
CA THR GA 578 -42.38 -71.93 -112.21
C THR GA 578 -42.65 -70.48 -111.90
N ALA GA 579 -43.91 -70.03 -112.03
CA ALA GA 579 -44.34 -68.68 -111.63
C ALA GA 579 -44.37 -68.50 -110.11
N PRO GA 580 -44.12 -67.29 -109.58
CA PRO GA 580 -44.24 -67.04 -108.14
C PRO GA 580 -45.67 -67.13 -107.55
N ALA GA 581 -45.82 -67.59 -106.30
CA ALA GA 581 -47.14 -67.80 -105.64
C ALA GA 581 -47.20 -67.23 -104.22
N THR GA 582 -48.37 -66.82 -103.77
CA THR GA 582 -48.58 -66.30 -102.39
C THR GA 582 -49.72 -67.02 -101.71
N GLY GA 583 -49.76 -66.99 -100.37
CA GLY GA 583 -50.91 -67.53 -99.63
C GLY GA 583 -51.36 -66.62 -98.51
N THR GA 584 -52.67 -66.50 -98.27
CA THR GA 584 -53.22 -65.73 -97.10
C THR GA 584 -53.05 -66.47 -95.77
N TYR GA 585 -52.94 -65.74 -94.66
CA TYR GA 585 -52.87 -66.31 -93.30
C TYR GA 585 -54.09 -65.83 -92.42
N ASN GA 586 -54.63 -66.68 -91.53
CA ASN GA 586 -55.80 -66.34 -90.65
C ASN GA 586 -55.36 -65.97 -89.22
N LEU GA 587 -54.09 -66.18 -88.89
CA LEU GA 587 -53.55 -65.83 -87.54
C LEU GA 587 -52.10 -65.34 -87.60
N GLN GA 588 -51.71 -64.41 -86.75
CA GLN GA 588 -50.30 -63.97 -86.60
C GLN GA 588 -50.10 -63.53 -85.15
N GLU GA 589 -48.89 -63.59 -84.64
CA GLU GA 589 -48.60 -63.28 -83.22
C GLU GA 589 -47.56 -62.17 -83.20
N ILE GA 590 -47.04 -61.82 -82.04
CA ILE GA 590 -46.10 -60.68 -81.86
C ILE GA 590 -44.81 -60.79 -82.68
N VAL GA 591 -44.39 -59.68 -83.26
CA VAL GA 591 -43.16 -59.58 -84.09
C VAL GA 591 -42.43 -58.35 -83.54
N PRO GA 592 -41.10 -58.23 -83.67
CA PRO GA 592 -40.41 -57.02 -83.24
C PRO GA 592 -40.83 -55.77 -84.05
N GLY GA 593 -40.98 -54.60 -83.41
CA GLY GA 593 -41.52 -53.38 -84.04
C GLY GA 593 -43.04 -53.29 -84.06
N SER GA 594 -43.74 -54.22 -83.39
CA SER GA 594 -45.21 -54.27 -83.25
C SER GA 594 -45.79 -53.16 -82.33
N VAL GA 595 -46.87 -52.51 -82.76
CA VAL GA 595 -47.58 -51.45 -81.97
C VAL GA 595 -49.09 -51.77 -81.98
N TRP GA 596 -49.78 -51.55 -80.87
CA TRP GA 596 -51.25 -51.76 -80.76
C TRP GA 596 -51.88 -50.92 -79.64
N MET GA 597 -53.19 -50.83 -79.64
CA MET GA 597 -53.95 -50.18 -78.55
C MET GA 597 -54.74 -51.24 -77.74
N GLU GA 598 -54.71 -51.16 -76.42
CA GLU GA 598 -55.49 -52.05 -75.50
C GLU GA 598 -56.99 -51.71 -75.52
N ARG GA 599 -57.83 -52.66 -75.13
CA ARG GA 599 -59.32 -52.46 -75.05
C ARG GA 599 -59.73 -51.32 -74.11
N ASP GA 600 -60.77 -50.59 -74.50
CA ASP GA 600 -61.33 -49.46 -73.71
C ASP GA 600 -62.12 -49.88 -72.46
N VAL GA 601 -62.05 -49.09 -71.42
CA VAL GA 601 -62.90 -49.26 -70.20
C VAL GA 601 -64.32 -48.70 -70.40
N TYR GA 602 -65.29 -49.21 -69.66
CA TYR GA 602 -66.70 -48.76 -69.73
C TYR GA 602 -67.17 -48.46 -68.33
N LEU GA 603 -68.17 -47.58 -68.16
CA LEU GA 603 -68.74 -47.27 -66.83
C LEU GA 603 -69.39 -48.55 -66.23
N GLN GA 604 -70.09 -49.36 -67.02
CA GLN GA 604 -70.65 -50.69 -66.66
C GLN GA 604 -69.55 -51.75 -66.37
N GLY GA 605 -68.36 -51.64 -66.95
CA GLY GA 605 -67.23 -52.58 -66.81
C GLY GA 605 -66.33 -52.63 -65.58
N PRO GA 606 -65.51 -53.70 -65.45
CA PRO GA 606 -64.46 -53.81 -64.42
C PRO GA 606 -63.16 -53.00 -64.37
N ILE GA 607 -62.72 -52.48 -63.22
CA ILE GA 607 -61.37 -51.83 -63.05
C ILE GA 607 -60.10 -52.71 -63.09
N TRP GA 608 -60.05 -53.85 -62.41
CA TRP GA 608 -58.80 -54.62 -62.26
C TRP GA 608 -58.92 -56.14 -62.37
N ALA GA 609 -57.80 -56.82 -62.58
CA ALA GA 609 -57.73 -58.31 -62.57
C ALA GA 609 -56.41 -58.68 -61.89
N LYS GA 610 -56.38 -59.82 -61.21
CA LYS GA 610 -55.14 -60.35 -60.60
C LYS GA 610 -54.29 -61.13 -61.62
N ILE GA 611 -53.01 -60.82 -61.71
CA ILE GA 611 -52.07 -61.61 -62.54
C ILE GA 611 -51.86 -62.99 -61.87
N PRO GA 612 -51.96 -64.11 -62.59
CA PRO GA 612 -51.73 -65.44 -62.01
C PRO GA 612 -50.27 -65.77 -61.66
N GLU GA 613 -50.02 -66.47 -60.56
CA GLU GA 613 -48.61 -66.72 -60.13
C GLU GA 613 -48.05 -68.03 -60.73
N THR GA 614 -47.28 -67.94 -61.81
CA THR GA 614 -46.69 -69.11 -62.50
C THR GA 614 -45.20 -68.96 -62.53
N GLY GA 615 -44.69 -67.76 -62.31
CA GLY GA 615 -43.28 -67.41 -62.47
C GLY GA 615 -42.91 -66.95 -63.87
N ALA GA 616 -43.80 -67.04 -64.87
CA ALA GA 616 -43.54 -66.51 -66.24
C ALA GA 616 -44.78 -65.88 -66.87
N HIS GA 617 -44.67 -64.70 -67.45
CA HIS GA 617 -45.80 -64.05 -68.17
C HIS GA 617 -45.28 -63.06 -69.21
N PHE GA 618 -46.12 -62.72 -70.19
CA PHE GA 618 -45.78 -61.65 -71.16
C PHE GA 618 -46.84 -60.56 -71.18
N HIS GA 619 -46.47 -59.27 -71.09
CA HIS GA 619 -47.37 -58.09 -71.28
C HIS GA 619 -48.70 -58.27 -70.53
N PRO GA 620 -48.77 -57.87 -69.24
CA PRO GA 620 -49.92 -58.25 -68.42
C PRO GA 620 -51.14 -57.35 -68.31
N SER GA 621 -51.82 -57.23 -69.42
CA SER GA 621 -53.05 -56.41 -69.50
C SER GA 621 -54.22 -57.37 -69.69
N PRO GA 622 -55.27 -57.35 -68.81
CA PRO GA 622 -56.37 -58.29 -68.95
C PRO GA 622 -57.28 -58.12 -70.18
N ALA GA 623 -57.78 -59.21 -70.75
CA ALA GA 623 -58.58 -59.18 -72.00
C ALA GA 623 -59.91 -58.42 -71.90
N MET GA 624 -60.65 -58.53 -70.80
CA MET GA 624 -61.92 -57.80 -70.53
C MET GA 624 -61.66 -56.29 -70.49
N GLY GA 625 -60.50 -55.85 -70.01
CA GLY GA 625 -60.12 -54.44 -69.90
C GLY GA 625 -59.59 -54.11 -68.52
N GLY GA 626 -59.07 -52.92 -68.31
CA GLY GA 626 -58.58 -52.49 -66.99
C GLY GA 626 -57.12 -52.68 -66.64
N PHE GA 627 -56.81 -52.73 -65.36
CA PHE GA 627 -55.43 -52.75 -64.83
C PHE GA 627 -55.08 -54.13 -64.26
N GLY GA 628 -53.95 -54.68 -64.69
CA GLY GA 628 -53.47 -55.99 -64.21
C GLY GA 628 -52.54 -55.80 -63.06
N LEU GA 629 -52.86 -56.42 -61.94
CA LEU GA 629 -52.08 -56.18 -60.69
C LEU GA 629 -51.49 -57.44 -60.09
N LYS GA 630 -50.20 -57.43 -59.77
CA LYS GA 630 -49.56 -58.53 -59.00
C LYS GA 630 -50.14 -58.61 -57.57
N HIS GA 631 -50.35 -57.48 -56.93
CA HIS GA 631 -50.93 -57.42 -55.56
C HIS GA 631 -52.21 -56.60 -55.58
N PRO GA 632 -53.34 -57.23 -55.90
CA PRO GA 632 -54.64 -56.57 -55.99
C PRO GA 632 -55.31 -56.14 -54.69
N PRO GA 633 -56.32 -55.24 -54.69
CA PRO GA 633 -56.98 -54.92 -53.44
C PRO GA 633 -57.55 -56.23 -52.87
N PRO GA 634 -57.35 -56.53 -51.57
CA PRO GA 634 -57.70 -57.84 -51.01
C PRO GA 634 -59.14 -58.29 -50.78
N MET GA 635 -59.39 -59.59 -50.80
CA MET GA 635 -60.72 -60.17 -50.50
C MET GA 635 -61.21 -59.85 -49.08
N MET GA 636 -62.45 -59.37 -48.96
CA MET GA 636 -63.07 -58.99 -47.67
C MET GA 636 -64.22 -59.98 -47.40
N LEU GA 637 -64.15 -60.70 -46.29
CA LEU GA 637 -65.10 -61.81 -45.99
C LEU GA 637 -65.89 -61.54 -44.70
N ILE GA 638 -67.18 -61.76 -44.74
CA ILE GA 638 -68.08 -61.54 -43.56
C ILE GA 638 -68.98 -62.77 -43.34
N LYS GA 639 -69.16 -63.15 -42.08
CA LYS GA 639 -70.10 -64.25 -41.75
C LYS GA 639 -70.94 -63.94 -40.50
N ASN GA 640 -72.11 -64.56 -40.38
CA ASN GA 640 -72.91 -64.50 -39.13
C ASN GA 640 -72.41 -65.61 -38.20
N THR GA 641 -72.10 -65.29 -36.95
CA THR GA 641 -71.68 -66.30 -35.95
C THR GA 641 -72.81 -67.28 -35.65
N PRO GA 642 -72.55 -68.61 -35.63
CA PRO GA 642 -73.55 -69.59 -35.21
C PRO GA 642 -74.08 -69.37 -33.79
N VAL GA 643 -75.39 -69.32 -33.67
CA VAL GA 643 -75.99 -69.22 -32.32
C VAL GA 643 -76.85 -70.49 -32.13
N PRO GA 644 -76.50 -71.33 -31.15
CA PRO GA 644 -77.25 -72.57 -30.91
C PRO GA 644 -78.69 -72.61 -30.37
N GLY GA 645 -79.51 -73.57 -30.78
CA GLY GA 645 -80.86 -73.86 -30.26
C GLY GA 645 -80.78 -74.63 -28.95
N ASN GA 646 -81.87 -74.86 -28.25
CA ASN GA 646 -81.78 -75.47 -26.88
C ASN GA 646 -81.22 -76.89 -26.91
N ILE GA 647 -80.17 -77.14 -26.12
CA ILE GA 647 -79.54 -78.50 -26.05
C ILE GA 647 -79.62 -78.92 -24.57
N THR GA 648 -80.18 -80.09 -24.28
CA THR GA 648 -80.40 -80.53 -22.87
C THR GA 648 -79.49 -81.67 -22.48
N SER GA 649 -78.82 -82.31 -23.43
CA SER GA 649 -78.00 -83.52 -23.15
C SER GA 649 -76.63 -83.43 -23.82
N PHE GA 650 -75.60 -84.07 -23.28
CA PHE GA 650 -74.25 -84.14 -23.89
C PHE GA 650 -74.11 -85.12 -25.06
N SER GA 651 -73.43 -84.70 -26.13
CA SER GA 651 -73.03 -85.65 -27.21
C SER GA 651 -71.65 -85.28 -27.72
N ASP GA 652 -70.84 -86.25 -28.09
CA ASP GA 652 -69.56 -86.02 -28.83
C ASP GA 652 -69.91 -85.48 -30.23
N VAL GA 653 -71.01 -85.95 -30.83
CA VAL GA 653 -71.45 -85.50 -32.18
C VAL GA 653 -71.76 -84.00 -32.19
N PRO GA 654 -71.26 -83.22 -33.19
CA PRO GA 654 -71.48 -81.77 -33.26
C PRO GA 654 -72.92 -81.29 -33.42
N VAL GA 655 -73.23 -80.15 -32.81
CA VAL GA 655 -74.60 -79.57 -32.87
C VAL GA 655 -74.99 -79.17 -34.30
N SER GA 656 -76.19 -79.57 -34.71
CA SER GA 656 -76.75 -79.25 -36.03
C SER GA 656 -77.99 -78.34 -35.90
N SER GA 657 -78.36 -77.93 -34.68
CA SER GA 657 -79.59 -77.12 -34.45
C SER GA 657 -79.21 -75.71 -34.01
N PHE GA 658 -79.64 -74.71 -34.77
CA PHE GA 658 -79.23 -73.31 -34.52
C PHE GA 658 -80.41 -72.39 -34.66
N ILE GA 659 -80.42 -71.27 -33.95
CA ILE GA 659 -81.48 -70.23 -34.21
C ILE GA 659 -81.28 -69.56 -35.59
N THR GA 660 -82.35 -69.28 -36.36
CA THR GA 660 -82.28 -68.63 -37.71
C THR GA 660 -82.07 -67.11 -37.61
N GLN GA 661 -81.05 -66.59 -38.30
CA GLN GA 661 -80.63 -65.16 -38.17
C GLN GA 661 -80.12 -64.53 -39.48
N TYR GA 662 -80.17 -63.21 -39.60
CA TYR GA 662 -79.64 -62.46 -40.79
C TYR GA 662 -79.02 -61.17 -40.28
N SER GA 663 -78.13 -60.56 -41.06
CA SER GA 663 -77.50 -59.26 -40.68
C SER GA 663 -77.68 -58.16 -41.74
N THR GA 664 -77.66 -56.91 -41.30
CA THR GA 664 -77.78 -55.74 -42.21
C THR GA 664 -76.85 -54.62 -41.73
N GLY GA 665 -76.41 -53.73 -42.63
CA GLY GA 665 -75.56 -52.59 -42.26
C GLY GA 665 -75.24 -51.63 -43.40
N GLN GA 666 -74.29 -50.73 -43.17
CA GLN GA 666 -73.79 -49.76 -44.19
C GLN GA 666 -72.28 -49.94 -44.50
N VAL GA 667 -71.91 -49.78 -45.77
CA VAL GA 667 -70.47 -49.86 -46.20
C VAL GA 667 -70.07 -48.56 -46.95
N THR GA 668 -68.91 -48.00 -46.64
CA THR GA 668 -68.37 -46.84 -47.36
C THR GA 668 -67.04 -47.18 -48.05
N VAL GA 669 -66.89 -46.84 -49.34
CA VAL GA 669 -65.58 -46.99 -50.08
C VAL GA 669 -65.08 -45.62 -50.59
N GLU GA 670 -63.83 -45.28 -50.29
CA GLU GA 670 -63.18 -44.02 -50.75
C GLU GA 670 -62.00 -44.36 -51.66
N MET GA 671 -61.96 -43.77 -52.85
CA MET GA 671 -60.88 -44.05 -53.84
C MET GA 671 -60.23 -42.77 -54.37
N GLU GA 672 -58.91 -42.79 -54.52
CA GLU GA 672 -58.15 -41.65 -55.11
C GLU GA 672 -57.66 -42.01 -56.52
N TRP GA 673 -57.81 -41.08 -57.46
CA TRP GA 673 -57.41 -41.30 -58.87
C TRP GA 673 -56.43 -40.22 -59.34
N GLU GA 674 -55.44 -40.61 -60.12
CA GLU GA 674 -54.48 -39.64 -60.74
C GLU GA 674 -54.89 -39.40 -62.20
N LEU GA 675 -54.90 -38.15 -62.63
CA LEU GA 675 -55.36 -37.73 -63.99
C LEU GA 675 -54.21 -37.22 -64.86
N LYS GA 676 -54.24 -37.54 -66.16
CA LYS GA 676 -53.27 -36.95 -67.12
C LYS GA 676 -54.01 -35.92 -68.00
N LYS GA 677 -53.56 -34.68 -67.99
CA LYS GA 677 -54.13 -33.57 -68.79
C LYS GA 677 -53.89 -33.59 -70.31
N GLU GA 678 -54.87 -33.18 -71.09
CA GLU GA 678 -54.71 -33.00 -72.55
C GLU GA 678 -53.79 -31.79 -72.86
N ASN GA 679 -52.91 -31.88 -73.85
CA ASN GA 679 -51.99 -30.79 -74.31
C ASN GA 679 -52.12 -30.59 -75.82
N SER GA 680 -53.33 -30.66 -76.40
CA SER GA 680 -53.57 -30.60 -77.88
C SER GA 680 -53.32 -29.25 -78.57
N LYS GA 681 -52.79 -29.27 -79.80
CA LYS GA 681 -52.63 -28.06 -80.65
C LYS GA 681 -53.64 -28.09 -81.82
N ARG GA 682 -54.63 -28.99 -81.85
CA ARG GA 682 -55.72 -29.07 -82.88
C ARG GA 682 -56.65 -27.83 -82.92
N TRP GA 683 -56.67 -27.08 -84.02
CA TRP GA 683 -57.48 -25.86 -84.22
C TRP GA 683 -59.01 -26.06 -84.25
N ASN GA 684 -59.46 -27.08 -84.96
CA ASN GA 684 -60.89 -27.42 -85.12
C ASN GA 684 -61.50 -28.09 -83.89
N PRO GA 685 -62.82 -27.97 -83.69
CA PRO GA 685 -63.51 -28.67 -82.60
C PRO GA 685 -63.57 -30.22 -82.61
N GLU GA 686 -63.39 -30.83 -81.46
CA GLU GA 686 -63.46 -32.30 -81.21
C GLU GA 686 -64.82 -32.96 -80.97
N ILE GA 687 -64.90 -34.28 -81.12
CA ILE GA 687 -66.08 -35.11 -80.72
C ILE GA 687 -66.20 -35.21 -79.19
N GLN GA 688 -67.41 -35.15 -78.64
CA GLN GA 688 -67.70 -35.22 -77.17
C GLN GA 688 -68.92 -36.07 -76.87
N TYR GA 689 -68.98 -36.75 -75.73
CA TYR GA 689 -70.21 -37.45 -75.29
C TYR GA 689 -71.25 -36.39 -74.85
N THR GA 690 -72.48 -36.53 -75.33
CA THR GA 690 -73.54 -35.56 -75.03
C THR GA 690 -74.83 -36.28 -74.73
N ASN GA 691 -75.72 -35.64 -73.99
CA ASN GA 691 -77.08 -36.18 -73.78
C ASN GA 691 -77.87 -35.71 -74.99
N ASN GA 692 -78.20 -36.60 -75.90
CA ASN GA 692 -78.84 -36.23 -77.19
C ASN GA 692 -79.87 -37.29 -77.53
N TYR GA 693 -81.13 -36.90 -77.57
CA TYR GA 693 -82.25 -37.87 -77.76
C TYR GA 693 -83.28 -37.16 -78.61
N ASN GA 694 -83.97 -37.86 -79.50
CA ASN GA 694 -85.07 -37.21 -80.26
C ASN GA 694 -86.45 -37.57 -79.69
N ASP GA 695 -87.27 -36.58 -79.30
CA ASP GA 695 -88.63 -36.77 -78.70
C ASP GA 695 -88.63 -37.71 -77.48
N PRO GA 696 -87.77 -37.52 -76.45
CA PRO GA 696 -87.71 -38.48 -75.34
C PRO GA 696 -88.95 -38.70 -74.47
N GLN GA 697 -89.27 -39.96 -74.16
CA GLN GA 697 -90.45 -40.29 -73.31
C GLN GA 697 -90.02 -40.52 -71.85
N PHE GA 698 -88.74 -40.50 -71.56
CA PHE GA 698 -88.20 -40.74 -70.21
C PHE GA 698 -86.87 -40.07 -70.16
N VAL GA 699 -86.35 -39.84 -68.97
CA VAL GA 699 -84.96 -39.36 -68.86
C VAL GA 699 -84.08 -40.59 -68.63
N ASP GA 700 -83.07 -40.79 -69.45
CA ASP GA 700 -82.04 -41.85 -69.26
C ASP GA 700 -81.17 -41.57 -68.03
N PHE GA 701 -80.66 -42.59 -67.34
CA PHE GA 701 -79.86 -42.50 -66.06
C PHE GA 701 -80.67 -41.87 -64.93
N ALA GA 702 -81.95 -42.20 -64.86
CA ALA GA 702 -82.87 -41.69 -63.84
C ALA GA 702 -83.88 -42.78 -63.47
N PRO GA 703 -84.53 -42.71 -62.30
CA PRO GA 703 -85.64 -43.62 -61.98
C PRO GA 703 -86.94 -43.43 -62.81
N ASP GA 704 -87.70 -44.50 -63.01
CA ASP GA 704 -89.01 -44.39 -63.71
C ASP GA 704 -90.21 -44.24 -62.75
N SER GA 705 -91.44 -44.32 -63.27
CA SER GA 705 -92.66 -44.17 -62.45
C SER GA 705 -92.74 -45.27 -61.37
N THR GA 706 -92.35 -46.51 -61.65
CA THR GA 706 -92.22 -47.62 -60.67
C THR GA 706 -91.04 -47.48 -59.74
N GLY GA 707 -90.05 -46.62 -60.01
CA GLY GA 707 -88.80 -46.53 -59.21
C GLY GA 707 -87.61 -47.33 -59.70
N GLU GA 708 -87.68 -47.95 -60.87
CA GLU GA 708 -86.55 -48.72 -61.46
C GLU GA 708 -85.60 -47.84 -62.29
N TYR GA 709 -84.30 -47.92 -62.05
CA TYR GA 709 -83.24 -47.16 -62.77
C TYR GA 709 -83.10 -47.58 -64.23
N ARG GA 710 -82.92 -46.60 -65.11
CA ARG GA 710 -82.80 -46.88 -66.57
C ARG GA 710 -81.40 -46.49 -67.05
N SER GA 711 -80.70 -47.40 -67.74
CA SER GA 711 -79.35 -47.16 -68.32
C SER GA 711 -79.29 -47.70 -69.75
N THR GA 712 -79.88 -47.04 -70.74
CA THR GA 712 -79.96 -47.46 -72.17
C THR GA 712 -78.62 -47.55 -72.90
N ARG GA 713 -77.62 -46.71 -72.64
CA ARG GA 713 -76.38 -46.67 -73.47
C ARG GA 713 -75.08 -47.08 -72.76
N PRO GA 714 -74.18 -47.88 -73.40
CA PRO GA 714 -72.84 -48.13 -72.87
C PRO GA 714 -71.86 -46.95 -73.05
N ILE GA 715 -71.04 -46.59 -72.06
CA ILE GA 715 -70.14 -45.41 -72.30
C ILE GA 715 -68.65 -45.74 -72.19
N GLY GA 716 -67.89 -45.49 -73.26
CA GLY GA 716 -66.44 -45.64 -73.34
C GLY GA 716 -65.69 -44.40 -72.96
N THR GA 717 -64.38 -44.46 -72.95
CA THR GA 717 -63.53 -43.30 -72.60
C THR GA 717 -62.90 -42.52 -73.77
N ARG GA 718 -62.96 -42.96 -75.03
CA ARG GA 718 -62.15 -42.26 -76.10
C ARG GA 718 -62.94 -41.29 -76.99
N TYR GA 719 -62.84 -39.99 -76.73
CA TYR GA 719 -63.54 -38.92 -77.51
C TYR GA 719 -62.51 -37.95 -78.02
N LEU GA 720 -61.43 -37.76 -77.27
CA LEU GA 720 -60.29 -36.89 -77.66
C LEU GA 720 -59.40 -37.57 -78.69
N THR GA 721 -58.66 -36.78 -79.45
CA THR GA 721 -57.83 -37.28 -80.55
C THR GA 721 -56.41 -36.81 -80.38
N ARG GA 722 -55.45 -37.65 -80.75
CA ARG GA 722 -54.03 -37.25 -80.71
C ARG GA 722 -53.32 -37.68 -81.99
N PRO GA 723 -52.29 -36.94 -82.49
CA PRO GA 723 -51.44 -37.40 -83.59
C PRO GA 723 -50.51 -38.57 -83.20
N LEU GA 724 -50.15 -39.45 -84.12
CA LEU GA 724 -49.31 -40.63 -83.82
C LEU GA 724 -47.87 -40.21 -83.44
N ASP HA 209 -27.47 -7.80 -84.99
CA ASP HA 209 -26.63 -6.59 -84.89
C ASP HA 209 -26.75 -5.71 -86.15
N GLY HA 210 -26.18 -6.09 -87.29
CA GLY HA 210 -26.16 -5.16 -88.43
C GLY HA 210 -26.10 -5.73 -89.82
N VAL HA 211 -26.34 -4.86 -90.82
CA VAL HA 211 -26.25 -5.22 -92.27
C VAL HA 211 -24.81 -5.65 -92.66
N GLY HA 212 -23.78 -5.01 -92.13
CA GLY HA 212 -22.37 -5.26 -92.49
C GLY HA 212 -21.67 -6.27 -91.63
N ASN HA 213 -22.35 -6.87 -90.66
CA ASN HA 213 -21.67 -7.77 -89.70
C ASN HA 213 -22.16 -9.21 -89.86
N ALA HA 214 -21.24 -10.17 -89.93
CA ALA HA 214 -21.59 -11.60 -90.04
C ALA HA 214 -22.08 -12.22 -88.72
N SER HA 215 -23.22 -12.92 -88.74
CA SER HA 215 -23.87 -13.64 -87.61
C SER HA 215 -23.10 -14.88 -87.11
N GLY HA 216 -22.43 -15.64 -87.96
CA GLY HA 216 -21.67 -16.85 -87.61
C GLY HA 216 -20.56 -17.25 -88.55
N ASP HA 217 -19.81 -18.29 -88.22
CA ASP HA 217 -18.65 -18.81 -89.01
C ASP HA 217 -18.81 -20.27 -89.44
N TRP HA 218 -18.09 -20.69 -90.49
CA TRP HA 218 -18.13 -22.07 -91.03
C TRP HA 218 -17.35 -23.07 -90.16
N HIS HA 219 -18.02 -24.12 -89.70
CA HIS HA 219 -17.34 -25.21 -88.96
C HIS HA 219 -17.64 -26.58 -89.60
N CYS HA 220 -16.66 -27.24 -90.22
CA CYS HA 220 -16.86 -28.63 -90.71
C CYS HA 220 -15.68 -29.46 -90.18
N ASP HA 221 -15.89 -30.33 -89.21
CA ASP HA 221 -14.76 -31.06 -88.58
C ASP HA 221 -15.12 -32.34 -87.81
N SER HA 222 -14.16 -33.23 -87.55
CA SER HA 222 -14.34 -34.39 -86.64
C SER HA 222 -13.24 -34.35 -85.58
N THR HA 223 -13.56 -34.54 -84.31
CA THR HA 223 -12.54 -34.66 -83.24
C THR HA 223 -12.71 -35.99 -82.52
N TRP HA 224 -11.66 -36.78 -82.40
CA TRP HA 224 -11.69 -38.10 -81.72
C TRP HA 224 -10.95 -37.99 -80.40
N MET HA 225 -11.62 -38.29 -79.30
CA MET HA 225 -11.06 -38.19 -77.92
C MET HA 225 -11.33 -39.44 -77.07
N GLY HA 226 -10.62 -40.55 -77.24
CA GLY HA 226 -10.94 -41.79 -76.48
C GLY HA 226 -12.29 -42.37 -76.82
N ASP HA 227 -13.17 -42.52 -75.83
CA ASP HA 227 -14.54 -43.09 -76.00
C ASP HA 227 -15.51 -42.16 -76.74
N ARG HA 228 -15.18 -40.89 -76.96
CA ARG HA 228 -16.10 -39.91 -77.59
C ARG HA 228 -15.61 -39.36 -78.95
N VAL HA 229 -16.51 -39.23 -79.92
CA VAL HA 229 -16.20 -38.54 -81.21
C VAL HA 229 -17.21 -37.40 -81.37
N VAL HA 230 -16.77 -36.19 -81.75
CA VAL HA 230 -17.65 -35.02 -82.03
C VAL HA 230 -17.64 -34.70 -83.55
N THR HA 231 -18.82 -34.58 -84.16
CA THR HA 231 -18.92 -34.24 -85.60
C THR HA 231 -19.54 -32.85 -85.79
N LYS HA 232 -18.94 -32.01 -86.63
CA LYS HA 232 -19.47 -30.67 -86.99
C LYS HA 232 -19.74 -30.61 -88.50
N SER HA 233 -20.91 -30.13 -88.92
CA SER HA 233 -21.29 -30.04 -90.36
C SER HA 233 -21.91 -28.67 -90.66
N THR HA 234 -21.47 -27.99 -91.71
CA THR HA 234 -22.02 -26.69 -92.15
C THR HA 234 -22.50 -26.79 -93.61
N ARG HA 235 -23.70 -26.29 -93.91
CA ARG HA 235 -24.25 -26.26 -95.29
C ARG HA 235 -24.92 -24.92 -95.64
N THR HA 236 -25.08 -24.63 -96.93
CA THR HA 236 -25.80 -23.45 -97.44
C THR HA 236 -27.15 -23.90 -97.99
N TRP HA 237 -28.25 -23.26 -97.58
CA TRP HA 237 -29.64 -23.61 -97.95
C TRP HA 237 -30.40 -22.47 -98.67
N VAL HA 238 -31.40 -22.83 -99.46
CA VAL HA 238 -32.33 -21.88 -100.13
C VAL HA 238 -33.77 -22.19 -99.69
N LEU HA 239 -34.58 -21.15 -99.38
CA LEU HA 239 -36.02 -21.35 -99.06
C LEU HA 239 -36.98 -20.68 -100.07
N PRO HA 240 -37.82 -21.46 -100.76
CA PRO HA 240 -38.90 -20.90 -101.58
C PRO HA 240 -40.11 -20.39 -100.81
N SER HA 241 -40.89 -19.48 -101.39
CA SER HA 241 -42.18 -19.11 -100.73
C SER HA 241 -43.26 -20.09 -101.21
N TYR HA 242 -43.51 -21.18 -100.47
CA TYR HA 242 -44.43 -22.27 -100.89
C TYR HA 242 -45.91 -21.95 -100.73
N ASN HA 243 -46.74 -22.23 -101.74
CA ASN HA 243 -48.23 -22.12 -101.68
C ASN HA 243 -48.67 -20.67 -101.82
N ASN HA 244 -47.75 -19.73 -102.11
CA ASN HA 244 -48.04 -18.27 -102.19
C ASN HA 244 -48.66 -17.78 -100.87
N HIS HA 245 -48.13 -18.19 -99.71
CA HIS HA 245 -48.60 -17.75 -98.36
C HIS HA 245 -49.94 -18.34 -97.93
N GLN HA 246 -50.33 -19.49 -98.45
CA GLN HA 246 -51.65 -20.09 -98.16
C GLN HA 246 -51.56 -21.56 -97.71
N TYR HA 247 -52.58 -22.06 -97.00
CA TYR HA 247 -52.69 -23.47 -96.56
C TYR HA 247 -53.67 -24.11 -97.49
N ARG HA 248 -53.35 -25.27 -98.04
CA ARG HA 248 -54.22 -25.94 -99.03
C ARG HA 248 -54.66 -27.36 -98.61
N GLU HA 249 -55.95 -27.65 -98.75
CA GLU HA 249 -56.43 -29.03 -98.50
C GLU HA 249 -55.98 -29.94 -99.67
N ILE HA 250 -55.40 -31.09 -99.35
CA ILE HA 250 -54.84 -32.04 -100.34
C ILE HA 250 -55.49 -33.42 -100.16
N LYS HA 251 -55.73 -34.14 -101.23
CA LYS HA 251 -56.45 -35.43 -101.11
C LYS HA 251 -56.16 -36.35 -102.29
N SER HA 252 -56.31 -37.65 -102.09
CA SER HA 252 -56.20 -38.60 -103.24
C SER HA 252 -57.25 -39.72 -103.19
N GLY HA 253 -57.74 -40.15 -104.34
CA GLY HA 253 -58.54 -41.38 -104.51
C GLY HA 253 -57.61 -42.57 -104.84
N SER HA 254 -58.14 -43.72 -105.23
CA SER HA 254 -57.35 -44.92 -105.63
C SER HA 254 -56.48 -44.66 -106.88
N VAL HA 255 -55.22 -45.10 -106.88
CA VAL HA 255 -54.27 -44.83 -108.00
C VAL HA 255 -53.44 -46.11 -108.24
N ASP HA 256 -53.09 -46.42 -109.48
CA ASP HA 256 -52.27 -47.62 -109.85
C ASP HA 256 -53.01 -48.89 -109.41
N GLY HA 257 -54.33 -48.85 -109.41
CA GLY HA 257 -55.13 -50.01 -108.98
C GLY HA 257 -55.30 -50.16 -107.48
N SER HA 258 -54.82 -49.24 -106.63
CA SER HA 258 -54.93 -49.51 -105.16
C SER HA 258 -55.64 -48.45 -104.32
N ASN HA 259 -56.61 -48.85 -103.48
CA ASN HA 259 -57.28 -47.96 -102.48
C ASN HA 259 -56.38 -47.61 -101.29
N ALA HA 260 -55.29 -48.35 -101.04
CA ALA HA 260 -54.27 -48.08 -99.98
C ALA HA 260 -53.59 -46.75 -100.30
N ASN HA 261 -53.55 -46.37 -101.57
CA ASN HA 261 -53.08 -45.05 -102.09
C ASN HA 261 -53.93 -43.84 -101.62
N ALA HA 262 -55.25 -43.96 -101.42
CA ALA HA 262 -56.16 -42.86 -100.98
C ALA HA 262 -55.79 -42.22 -99.63
N TYR HA 263 -55.90 -40.89 -99.53
CA TYR HA 263 -55.57 -40.11 -98.30
C TYR HA 263 -56.32 -38.76 -98.28
N PHE HA 264 -56.45 -38.15 -97.11
CA PHE HA 264 -56.97 -36.77 -96.93
C PHE HA 264 -55.91 -36.01 -96.11
N GLY HA 265 -55.55 -34.78 -96.49
CA GLY HA 265 -54.46 -34.03 -95.83
C GLY HA 265 -54.38 -32.53 -96.05
N TYR HA 266 -53.40 -31.88 -95.42
CA TYR HA 266 -53.12 -30.43 -95.61
C TYR HA 266 -51.68 -30.15 -96.11
N SER HA 267 -51.51 -29.19 -97.03
CA SER HA 267 -50.16 -28.70 -97.46
C SER HA 267 -49.95 -27.32 -96.82
N THR HA 268 -48.73 -26.99 -96.44
CA THR HA 268 -48.48 -25.75 -95.65
C THR HA 268 -47.46 -24.82 -96.33
N PRO HA 269 -47.47 -23.53 -95.99
CA PRO HA 269 -46.49 -22.54 -96.44
C PRO HA 269 -45.04 -22.74 -95.97
N TRP HA 270 -44.82 -23.41 -94.85
CA TRP HA 270 -43.51 -23.69 -94.20
C TRP HA 270 -42.59 -24.76 -94.81
N GLY HA 271 -41.31 -24.67 -94.49
CA GLY HA 271 -40.28 -25.65 -94.87
C GLY HA 271 -39.57 -26.13 -93.63
N TYR HA 272 -38.91 -27.26 -93.69
CA TYR HA 272 -38.26 -27.87 -92.49
C TYR HA 272 -36.82 -28.32 -92.78
N PHE HA 273 -36.01 -28.45 -91.73
CA PHE HA 273 -34.61 -28.98 -91.82
C PHE HA 273 -34.56 -30.44 -91.35
N ASP HA 274 -34.02 -31.36 -92.15
CA ASP HA 274 -33.87 -32.81 -91.84
C ASP HA 274 -32.38 -33.22 -91.80
N PHE HA 275 -31.93 -33.80 -90.69
CA PHE HA 275 -30.53 -34.31 -90.58
C PHE HA 275 -30.48 -35.86 -90.35
N ASN HA 276 -31.56 -36.63 -90.55
CA ASN HA 276 -31.53 -38.08 -90.20
C ASN HA 276 -30.90 -38.94 -91.33
N ARG HA 277 -29.66 -38.68 -91.71
CA ARG HA 277 -28.85 -39.52 -92.63
C ARG HA 277 -27.42 -39.46 -92.07
N PHE HA 278 -26.68 -40.57 -92.07
CA PHE HA 278 -25.27 -40.66 -91.57
C PHE HA 278 -24.27 -39.79 -92.40
N HIS HA 279 -24.39 -39.73 -93.73
CA HIS HA 279 -23.52 -38.98 -94.68
C HIS HA 279 -23.60 -37.48 -94.38
N SER HA 280 -24.69 -37.00 -93.78
CA SER HA 280 -24.87 -35.59 -93.31
C SER HA 280 -23.82 -35.24 -92.24
N HIS HA 281 -23.47 -36.15 -91.35
CA HIS HA 281 -22.46 -35.95 -90.26
C HIS HA 281 -21.11 -36.63 -90.49
N TRP HA 282 -20.97 -37.59 -91.39
CA TRP HA 282 -19.75 -38.42 -91.47
C TRP HA 282 -19.06 -38.40 -92.83
N SER HA 283 -17.76 -38.14 -92.84
CA SER HA 283 -16.94 -38.27 -94.07
C SER HA 283 -16.76 -39.77 -94.37
N PRO HA 284 -16.51 -40.16 -95.64
CA PRO HA 284 -16.24 -41.55 -95.95
C PRO HA 284 -15.00 -42.11 -95.24
N ARG HA 285 -13.90 -41.36 -95.13
CA ARG HA 285 -12.72 -41.79 -94.34
C ARG HA 285 -13.01 -41.96 -92.83
N ASP HA 286 -13.77 -41.06 -92.21
CA ASP HA 286 -14.17 -41.13 -90.77
C ASP HA 286 -15.06 -42.36 -90.50
N TRP HA 287 -15.96 -42.67 -91.41
CA TRP HA 287 -16.82 -43.88 -91.32
C TRP HA 287 -15.99 -45.17 -91.36
N GLN HA 288 -14.96 -45.24 -92.20
CA GLN HA 288 -14.01 -46.38 -92.28
C GLN HA 288 -13.23 -46.56 -90.99
N ARG HA 289 -12.82 -45.48 -90.36
CA ARG HA 289 -12.11 -45.54 -89.07
C ARG HA 289 -13.00 -46.14 -87.97
N LEU HA 290 -14.28 -45.76 -87.88
CA LEU HA 290 -15.22 -46.39 -86.92
C LEU HA 290 -15.58 -47.88 -87.15
N ILE HA 291 -15.85 -48.30 -88.38
CA ILE HA 291 -16.28 -49.70 -88.73
C ILE HA 291 -15.14 -50.69 -88.48
N ASN HA 292 -13.92 -50.31 -88.81
CA ASN HA 292 -12.67 -51.09 -88.59
C ASN HA 292 -12.31 -51.32 -87.12
N ASN HA 293 -12.51 -50.36 -86.21
CA ASN HA 293 -11.95 -50.42 -84.82
C ASN HA 293 -12.89 -50.51 -83.61
N TYR HA 294 -14.20 -50.50 -83.77
CA TYR HA 294 -15.12 -50.42 -82.59
C TYR HA 294 -16.24 -51.45 -82.59
N TRP HA 295 -16.57 -52.02 -81.44
CA TRP HA 295 -17.75 -52.93 -81.27
C TRP HA 295 -19.13 -52.22 -81.41
N GLY HA 296 -19.27 -51.01 -80.92
CA GLY HA 296 -20.55 -50.29 -80.94
C GLY HA 296 -20.49 -48.79 -80.88
N PHE HA 297 -21.58 -48.13 -81.24
CA PHE HA 297 -21.68 -46.65 -81.14
C PHE HA 297 -23.11 -46.22 -80.75
N ARG HA 298 -23.31 -45.07 -80.10
CA ARG HA 298 -24.66 -44.48 -79.79
C ARG HA 298 -24.64 -42.93 -79.83
N PRO HA 299 -25.74 -42.23 -80.22
CA PRO HA 299 -25.85 -40.75 -80.09
C PRO HA 299 -26.05 -40.17 -78.66
N ARG HA 300 -25.46 -39.03 -78.34
CA ARG HA 300 -25.56 -38.43 -76.96
C ARG HA 300 -26.15 -37.02 -76.99
N SER HA 301 -25.62 -36.12 -77.81
CA SER HA 301 -26.05 -34.69 -77.80
C SER HA 301 -26.17 -34.07 -79.20
N LEU HA 302 -27.07 -33.10 -79.36
CA LEU HA 302 -27.22 -32.35 -80.62
C LEU HA 302 -27.25 -30.81 -80.41
N ARG HA 303 -26.53 -30.03 -81.21
CA ARG HA 303 -26.60 -28.53 -81.21
C ARG HA 303 -26.88 -28.01 -82.64
N VAL HA 304 -27.84 -27.10 -82.80
CA VAL HA 304 -28.17 -26.49 -84.14
C VAL HA 304 -28.08 -24.94 -84.14
N LYS HA 305 -27.43 -24.34 -85.15
CA LYS HA 305 -27.39 -22.86 -85.36
C LYS HA 305 -27.84 -22.46 -86.78
N ILE HA 306 -28.72 -21.45 -86.91
CA ILE HA 306 -29.14 -20.88 -88.24
C ILE HA 306 -28.67 -19.41 -88.29
N PHE HA 307 -27.96 -18.99 -89.35
CA PHE HA 307 -27.24 -17.67 -89.40
C PHE HA 307 -26.99 -17.14 -90.82
N ASN HA 308 -26.51 -15.88 -90.96
CA ASN HA 308 -26.17 -15.19 -92.26
C ASN HA 308 -27.36 -15.11 -93.20
N ILE HA 309 -28.53 -14.79 -92.66
CA ILE HA 309 -29.79 -14.72 -93.42
C ILE HA 309 -29.81 -13.60 -94.49
N GLN HA 310 -30.31 -13.90 -95.68
CA GLN HA 310 -30.41 -12.94 -96.79
C GLN HA 310 -31.78 -13.09 -97.48
N VAL HA 311 -32.57 -12.03 -97.50
CA VAL HA 311 -33.93 -12.04 -98.12
C VAL HA 311 -33.84 -11.27 -99.44
N LYS HA 312 -34.36 -11.86 -100.53
CA LYS HA 312 -34.30 -11.29 -101.89
C LYS HA 312 -35.69 -11.09 -102.48
N GLU HA 313 -35.89 -10.00 -103.21
CA GLU HA 313 -37.18 -9.74 -103.90
C GLU HA 313 -36.99 -9.91 -105.41
N VAL HA 314 -37.91 -10.61 -106.05
CA VAL HA 314 -37.81 -10.89 -107.51
C VAL HA 314 -38.92 -10.09 -108.19
N THR HA 315 -38.57 -9.34 -109.23
CA THR HA 315 -39.55 -8.51 -109.96
C THR HA 315 -39.45 -8.78 -111.44
N VAL HA 316 -40.59 -8.88 -112.12
CA VAL HA 316 -40.53 -9.03 -113.60
C VAL HA 316 -41.21 -7.85 -114.31
N GLN HA 317 -40.51 -7.15 -115.20
CA GLN HA 317 -41.17 -6.13 -116.05
C GLN HA 317 -40.85 -6.51 -117.51
N ASP HA 318 -41.87 -6.84 -118.30
CA ASP HA 318 -41.64 -7.12 -119.75
C ASP HA 318 -40.58 -8.22 -119.91
N SER HA 319 -40.55 -9.24 -119.04
CA SER HA 319 -39.64 -10.41 -119.18
C SER HA 319 -38.18 -10.17 -118.70
N THR HA 320 -37.84 -9.03 -118.11
CA THR HA 320 -36.48 -8.78 -117.53
C THR HA 320 -36.10 -9.68 -116.35
N THR HA 321 -36.97 -9.98 -115.40
CA THR HA 321 -36.65 -10.77 -114.15
C THR HA 321 -35.48 -10.24 -113.28
N THR HA 322 -35.44 -8.96 -112.88
CA THR HA 322 -34.44 -8.44 -111.91
C THR HA 322 -34.57 -9.02 -110.49
N ILE HA 323 -33.45 -9.26 -109.80
CA ILE HA 323 -33.41 -9.76 -108.38
C ILE HA 323 -32.68 -8.75 -107.48
N ALA HA 324 -33.24 -8.41 -106.31
CA ALA HA 324 -32.64 -7.41 -105.39
C ALA HA 324 -32.75 -7.79 -103.91
N ASN HA 325 -31.85 -7.28 -103.09
CA ASN HA 325 -31.93 -7.48 -101.62
C ASN HA 325 -33.04 -6.67 -100.94
N ASN HA 326 -33.77 -7.25 -99.99
CA ASN HA 326 -34.72 -6.45 -99.15
C ASN HA 326 -34.18 -6.53 -97.72
N LEU HA 327 -33.63 -5.45 -97.19
CA LEU HA 327 -33.04 -5.34 -95.82
C LEU HA 327 -34.05 -5.49 -94.67
N THR HA 328 -35.25 -4.95 -94.83
CA THR HA 328 -36.27 -4.90 -93.75
C THR HA 328 -37.16 -6.15 -93.68
N SER HA 329 -37.06 -7.10 -94.62
CA SER HA 329 -37.84 -8.37 -94.62
C SER HA 329 -37.42 -9.39 -93.53
N THR HA 330 -38.33 -10.24 -93.07
CA THR HA 330 -38.08 -11.20 -91.97
C THR HA 330 -38.28 -12.67 -92.33
N VAL HA 331 -37.64 -13.54 -91.58
CA VAL HA 331 -37.82 -15.02 -91.68
C VAL HA 331 -38.35 -15.45 -90.29
N GLN HA 332 -39.23 -16.46 -90.22
CA GLN HA 332 -39.82 -16.99 -88.95
C GLN HA 332 -39.38 -18.44 -88.65
N VAL HA 333 -38.87 -18.70 -87.45
CA VAL HA 333 -38.31 -20.04 -87.05
C VAL HA 333 -38.88 -20.55 -85.71
N PHE HA 334 -39.22 -21.83 -85.61
CA PHE HA 334 -39.66 -22.49 -84.33
C PHE HA 334 -39.28 -23.99 -84.24
N THR HA 335 -39.24 -24.52 -83.03
CA THR HA 335 -39.02 -25.97 -82.79
C THR HA 335 -40.26 -26.56 -82.08
N ASP HA 336 -40.74 -27.72 -82.53
CA ASP HA 336 -41.92 -28.42 -81.89
C ASP HA 336 -41.48 -29.30 -80.72
N ASP HA 337 -41.19 -28.71 -79.58
CA ASP HA 337 -40.66 -29.41 -78.36
C ASP HA 337 -41.59 -30.44 -77.70
N ASP HA 338 -42.91 -30.21 -77.62
CA ASP HA 338 -43.90 -31.10 -76.95
C ASP HA 338 -44.53 -32.12 -77.89
N TYR HA 339 -44.13 -32.21 -79.15
CA TYR HA 339 -44.58 -33.24 -80.14
C TYR HA 339 -46.06 -33.11 -80.46
N GLN HA 340 -46.61 -31.92 -80.40
CA GLN HA 340 -48.00 -31.61 -80.78
C GLN HA 340 -48.27 -31.85 -82.28
N LEU HA 341 -47.35 -31.49 -83.14
CA LEU HA 341 -47.46 -31.70 -84.61
C LEU HA 341 -47.22 -33.13 -85.07
N PRO HA 342 -47.80 -33.54 -86.21
CA PRO HA 342 -47.41 -34.81 -86.79
C PRO HA 342 -45.92 -34.85 -87.18
N TYR HA 343 -45.18 -35.91 -86.85
CA TYR HA 343 -43.71 -36.01 -87.10
C TYR HA 343 -43.43 -36.79 -88.38
N VAL HA 344 -42.92 -36.11 -89.38
CA VAL HA 344 -42.72 -36.73 -90.72
C VAL HA 344 -41.22 -37.03 -90.97
N VAL HA 345 -40.33 -36.70 -90.02
CA VAL HA 345 -38.85 -36.83 -90.19
C VAL HA 345 -38.32 -38.29 -90.36
N GLY HA 346 -38.85 -39.31 -89.72
CA GLY HA 346 -38.25 -40.68 -89.69
C GLY HA 346 -38.76 -41.69 -90.69
N ASN HA 347 -39.30 -41.28 -91.83
CA ASN HA 347 -40.00 -42.14 -92.84
C ASN HA 347 -39.22 -42.36 -94.16
N GLY HA 348 -37.88 -42.21 -94.22
CA GLY HA 348 -37.02 -42.41 -95.41
C GLY HA 348 -37.26 -41.49 -96.59
N THR HA 349 -37.56 -40.24 -96.32
CA THR HA 349 -37.86 -39.24 -97.37
C THR HA 349 -36.68 -38.35 -97.70
N GLU HA 350 -36.64 -37.83 -98.91
CA GLU HA 350 -35.60 -36.89 -99.42
C GLU HA 350 -35.67 -35.46 -98.87
N GLY HA 351 -34.63 -34.66 -99.03
CA GLY HA 351 -34.52 -33.30 -98.44
C GLY HA 351 -33.60 -33.11 -97.25
N CYS HA 352 -32.83 -34.11 -96.83
CA CYS HA 352 -31.79 -34.01 -95.77
C CYS HA 352 -30.56 -33.23 -96.24
N LEU HA 353 -29.73 -32.77 -95.31
CA LEU HA 353 -28.48 -32.05 -95.66
C LEU HA 353 -27.60 -32.97 -96.53
N PRO HA 354 -26.94 -32.40 -97.56
CA PRO HA 354 -26.13 -33.21 -98.47
C PRO HA 354 -24.85 -33.90 -97.96
N ALA HA 355 -24.48 -35.04 -98.56
CA ALA HA 355 -23.25 -35.81 -98.22
C ALA HA 355 -21.98 -34.96 -98.47
N PHE HA 356 -21.93 -34.17 -99.53
CA PHE HA 356 -20.72 -33.38 -99.91
C PHE HA 356 -20.89 -31.95 -99.41
N PRO HA 357 -19.97 -31.41 -98.55
CA PRO HA 357 -20.08 -30.06 -97.97
C PRO HA 357 -20.30 -28.83 -98.88
N PRO HA 358 -19.67 -28.70 -100.07
CA PRO HA 358 -19.91 -27.63 -101.03
C PRO HA 358 -21.31 -27.57 -101.69
N GLN HA 359 -22.05 -28.66 -101.75
CA GLN HA 359 -23.39 -28.72 -102.40
C GLN HA 359 -24.43 -27.82 -101.71
N VAL HA 360 -25.25 -27.15 -102.50
CA VAL HA 360 -26.26 -26.18 -101.97
C VAL HA 360 -27.65 -26.81 -102.15
N PHE HA 361 -28.49 -26.74 -101.14
CA PHE HA 361 -29.78 -27.49 -101.18
C PHE HA 361 -31.08 -26.69 -100.91
N THR HA 362 -32.15 -27.12 -101.58
CA THR HA 362 -33.51 -26.60 -101.33
C THR HA 362 -34.18 -27.32 -100.16
N LEU HA 363 -34.78 -26.59 -99.21
CA LEU HA 363 -35.58 -27.19 -98.10
C LEU HA 363 -36.89 -27.81 -98.57
N PRO HA 364 -37.26 -28.99 -98.02
CA PRO HA 364 -38.57 -29.58 -98.31
C PRO HA 364 -39.81 -28.84 -97.73
N GLN HA 365 -40.93 -28.85 -98.44
CA GLN HA 365 -42.21 -28.29 -97.91
C GLN HA 365 -42.91 -29.26 -96.93
N TYR HA 366 -43.37 -28.76 -95.78
CA TYR HA 366 -44.16 -29.52 -94.76
C TYR HA 366 -45.61 -29.82 -95.19
N GLY HA 367 -46.07 -31.03 -94.89
CA GLY HA 367 -47.42 -31.51 -95.20
C GLY HA 367 -47.68 -32.71 -94.35
N TYR HA 368 -48.94 -33.16 -94.26
CA TYR HA 368 -49.32 -34.36 -93.45
C TYR HA 368 -50.58 -35.00 -93.96
N ALA HA 369 -50.78 -36.26 -93.62
CA ALA HA 369 -52.06 -36.96 -93.88
C ALA HA 369 -52.78 -37.19 -92.56
N THR HA 370 -54.08 -36.87 -92.48
CA THR HA 370 -54.96 -37.20 -91.32
C THR HA 370 -55.82 -38.39 -91.71
N LEU HA 371 -56.96 -38.58 -91.06
CA LEU HA 371 -57.92 -39.66 -91.38
C LEU HA 371 -58.71 -39.47 -92.69
N ASN HA 372 -59.03 -40.58 -93.34
CA ASN HA 372 -59.79 -40.59 -94.61
C ASN HA 372 -60.95 -41.57 -94.41
N ARG HA 373 -62.07 -41.38 -95.09
CA ARG HA 373 -63.27 -42.21 -94.83
C ARG HA 373 -63.49 -43.33 -95.86
N ASP HA 374 -63.57 -44.58 -95.41
CA ASP HA 374 -63.87 -45.79 -96.25
C ASP HA 374 -62.91 -46.00 -97.43
N ASN HA 375 -61.61 -45.78 -97.27
CA ASN HA 375 -60.59 -45.93 -98.36
C ASN HA 375 -60.95 -45.02 -99.56
N THR HA 376 -61.37 -43.77 -99.28
CA THR HA 376 -61.74 -42.75 -100.29
C THR HA 376 -61.06 -41.41 -99.96
N GLU HA 377 -61.11 -40.38 -100.82
CA GLU HA 377 -60.47 -39.05 -100.62
C GLU HA 377 -61.16 -38.16 -99.56
N ASN HA 378 -62.39 -38.47 -99.15
CA ASN HA 378 -63.18 -37.73 -98.14
C ASN HA 378 -62.69 -37.84 -96.68
N PRO HA 379 -62.82 -36.77 -95.89
CA PRO HA 379 -62.56 -36.77 -94.44
C PRO HA 379 -63.61 -37.38 -93.46
N THR HA 380 -63.26 -37.50 -92.19
CA THR HA 380 -64.11 -38.01 -91.09
C THR HA 380 -64.24 -36.93 -90.05
N GLU HA 381 -65.17 -37.05 -89.10
CA GLU HA 381 -65.35 -36.12 -87.94
C GLU HA 381 -64.11 -36.12 -87.05
N ARG HA 382 -63.44 -37.24 -86.86
CA ARG HA 382 -62.16 -37.37 -86.12
C ARG HA 382 -60.97 -36.67 -86.84
N SER HA 383 -61.05 -36.43 -88.14
CA SER HA 383 -59.96 -35.81 -88.96
C SER HA 383 -59.60 -34.41 -88.43
N SER HA 384 -58.31 -34.08 -88.35
CA SER HA 384 -57.77 -32.88 -87.66
C SER HA 384 -57.00 -31.89 -88.55
N PHE HA 385 -57.17 -30.60 -88.26
CA PHE HA 385 -56.43 -29.51 -88.95
C PHE HA 385 -55.48 -28.87 -87.94
N PHE HA 386 -54.24 -28.68 -88.34
CA PHE HA 386 -53.23 -28.01 -87.48
C PHE HA 386 -52.71 -26.73 -88.14
N CYS HA 387 -52.72 -25.61 -87.42
CA CYS HA 387 -52.13 -24.31 -87.86
C CYS HA 387 -50.74 -24.08 -87.22
N LEU HA 388 -49.69 -23.87 -88.00
CA LEU HA 388 -48.29 -23.57 -87.54
C LEU HA 388 -48.20 -22.17 -86.89
N GLU HA 389 -48.95 -21.20 -87.40
CA GLU HA 389 -48.96 -19.80 -86.91
C GLU HA 389 -49.57 -19.70 -85.51
N TYR HA 390 -50.31 -20.70 -85.07
CA TYR HA 390 -50.85 -20.80 -83.68
C TYR HA 390 -49.69 -20.94 -82.67
N PHE HA 391 -48.63 -21.65 -82.97
CA PHE HA 391 -47.42 -21.74 -82.11
C PHE HA 391 -46.63 -20.43 -82.08
N PRO HA 392 -45.92 -20.07 -80.98
CA PRO HA 392 -44.96 -18.96 -81.02
C PRO HA 392 -43.64 -19.17 -81.85
N SER HA 393 -43.17 -18.16 -82.60
CA SER HA 393 -41.92 -18.25 -83.43
C SER HA 393 -40.98 -17.04 -83.30
N LYS HA 394 -39.67 -17.25 -83.41
CA LYS HA 394 -38.69 -16.14 -83.48
C LYS HA 394 -38.74 -15.44 -84.86
N MET HA 395 -38.60 -14.12 -84.90
CA MET HA 395 -38.57 -13.35 -86.17
C MET HA 395 -37.15 -12.81 -86.42
N LEU HA 396 -36.61 -13.07 -87.61
CA LEU HA 396 -35.20 -12.66 -87.90
C LEU HA 396 -35.02 -11.77 -89.12
N ARG HA 397 -34.32 -10.66 -88.96
CA ARG HA 397 -33.83 -9.82 -90.08
C ARG HA 397 -32.38 -10.30 -90.45
N THR HA 398 -31.71 -9.68 -91.42
CA THR HA 398 -30.32 -10.01 -91.92
C THR HA 398 -29.26 -10.05 -90.83
N GLY HA 399 -29.27 -9.18 -89.83
CA GLY HA 399 -28.43 -9.19 -88.61
C GLY HA 399 -28.60 -10.36 -87.67
N ASN HA 400 -29.81 -10.88 -87.50
CA ASN HA 400 -30.23 -11.92 -86.50
C ASN HA 400 -29.83 -13.38 -86.72
N ASN HA 401 -29.76 -14.17 -85.66
CA ASN HA 401 -29.38 -15.62 -85.67
C ASN HA 401 -30.29 -16.45 -84.73
N PHE HA 402 -30.40 -17.77 -84.94
CA PHE HA 402 -31.16 -18.70 -84.06
C PHE HA 402 -30.30 -19.88 -83.57
N GLU HA 403 -30.44 -20.29 -82.31
CA GLU HA 403 -29.72 -21.49 -81.78
C GLU HA 403 -30.64 -22.46 -80.98
N PHE HA 404 -30.39 -23.78 -81.06
CA PHE HA 404 -31.12 -24.80 -80.25
C PHE HA 404 -30.14 -25.90 -79.70
N THR HA 405 -30.45 -26.51 -78.54
CA THR HA 405 -29.66 -27.64 -77.94
C THR HA 405 -30.58 -28.80 -77.56
N TYR HA 406 -30.14 -30.05 -77.77
CA TYR HA 406 -30.93 -31.27 -77.41
C TYR HA 406 -30.06 -32.36 -76.75
N ASN HA 407 -30.62 -33.15 -75.83
CA ASN HA 407 -29.95 -34.34 -75.23
C ASN HA 407 -30.74 -35.61 -75.58
N PHE HA 408 -30.05 -36.63 -76.05
CA PHE HA 408 -30.70 -37.92 -76.40
C PHE HA 408 -31.00 -38.70 -75.12
N GLU HA 409 -32.08 -39.48 -75.09
CA GLU HA 409 -32.40 -40.41 -73.97
C GLU HA 409 -31.43 -41.61 -73.98
N GLU HA 410 -31.28 -42.30 -72.85
CA GLU HA 410 -30.45 -43.53 -72.85
C GLU HA 410 -31.02 -44.56 -73.84
N VAL HA 411 -30.15 -45.12 -74.66
CA VAL HA 411 -30.56 -46.07 -75.74
C VAL HA 411 -29.47 -47.14 -75.77
N PRO HA 412 -29.75 -48.39 -76.20
CA PRO HA 412 -28.69 -49.38 -76.39
C PRO HA 412 -27.72 -49.08 -77.55
N PHE HA 413 -26.44 -49.43 -77.43
CA PHE HA 413 -25.43 -49.26 -78.51
C PHE HA 413 -25.77 -50.13 -79.72
N HIS HA 414 -25.59 -49.66 -80.95
CA HIS HA 414 -25.71 -50.50 -82.15
C HIS HA 414 -24.56 -51.54 -82.14
N SER HA 415 -24.81 -52.75 -82.62
CA SER HA 415 -23.77 -53.80 -82.66
C SER HA 415 -23.00 -53.84 -83.98
N SER HA 416 -21.79 -53.28 -84.02
CA SER HA 416 -20.90 -53.29 -85.20
C SER HA 416 -19.96 -54.51 -85.18
N PHE HA 417 -20.49 -55.71 -85.28
CA PHE HA 417 -19.68 -56.95 -85.26
C PHE HA 417 -20.47 -58.05 -85.93
N ALA HA 418 -19.76 -59.07 -86.39
CA ALA HA 418 -20.37 -60.27 -86.98
C ALA HA 418 -20.04 -61.46 -86.07
N PRO HA 419 -21.00 -62.36 -85.80
CA PRO HA 419 -20.71 -63.57 -85.05
C PRO HA 419 -19.71 -64.57 -85.67
N SER HA 420 -18.81 -65.09 -84.85
CA SER HA 420 -17.80 -66.09 -85.31
C SER HA 420 -18.26 -67.55 -85.03
N GLN HA 421 -19.45 -67.75 -84.45
CA GLN HA 421 -20.01 -69.11 -84.23
C GLN HA 421 -21.46 -69.26 -84.66
N ASN HA 422 -21.86 -70.43 -85.15
CA ASN HA 422 -23.27 -70.81 -85.42
C ASN HA 422 -24.03 -71.03 -84.10
N LEU HA 423 -25.31 -70.64 -84.02
CA LEU HA 423 -26.19 -70.77 -82.83
C LEU HA 423 -26.40 -72.25 -82.44
N PHE HA 424 -26.50 -73.14 -83.43
CA PHE HA 424 -26.69 -74.59 -83.22
C PHE HA 424 -25.37 -75.43 -83.04
N LYS HA 425 -24.16 -74.87 -83.11
CA LYS HA 425 -22.85 -75.60 -83.03
C LYS HA 425 -22.05 -75.24 -81.75
N LEU HA 426 -22.66 -74.95 -80.60
CA LEU HA 426 -21.99 -74.46 -79.37
C LEU HA 426 -21.47 -75.54 -78.39
N ALA HA 427 -21.86 -76.80 -78.56
CA ALA HA 427 -21.31 -77.90 -77.75
C ALA HA 427 -19.85 -78.14 -78.12
N ASN HA 428 -19.02 -78.59 -77.18
CA ASN HA 428 -17.62 -78.94 -77.49
C ASN HA 428 -17.63 -80.06 -78.53
N PRO HA 429 -16.82 -79.95 -79.60
CA PRO HA 429 -16.70 -80.97 -80.62
C PRO HA 429 -16.13 -82.34 -80.13
N LEU HA 430 -15.16 -82.38 -79.21
CA LEU HA 430 -14.54 -83.55 -78.54
C LEU HA 430 -15.43 -84.38 -77.60
N VAL HA 431 -16.34 -83.77 -76.86
CA VAL HA 431 -17.12 -84.49 -75.79
C VAL HA 431 -18.60 -84.82 -76.10
N ASP HA 432 -19.03 -86.04 -75.83
CA ASP HA 432 -20.46 -86.49 -75.93
C ASP HA 432 -21.39 -85.93 -74.85
N GLN HA 433 -22.65 -85.73 -75.17
CA GLN HA 433 -23.69 -85.33 -74.20
C GLN HA 433 -24.15 -86.45 -73.25
N TYR HA 434 -24.57 -86.17 -72.01
CA TYR HA 434 -25.19 -87.19 -71.11
C TYR HA 434 -26.71 -87.32 -71.40
N LEU HA 435 -27.16 -87.06 -72.61
CA LEU HA 435 -28.60 -87.00 -72.97
C LEU HA 435 -28.90 -87.96 -74.12
N TYR HA 436 -30.13 -88.45 -74.18
CA TYR HA 436 -30.51 -89.49 -75.16
C TYR HA 436 -31.74 -89.09 -75.97
N ARG HA 437 -31.86 -89.65 -77.17
CA ARG HA 437 -32.97 -89.31 -78.09
C ARG HA 437 -33.69 -90.59 -78.58
N PHE HA 438 -34.96 -90.45 -78.94
CA PHE HA 438 -35.71 -91.58 -79.53
C PHE HA 438 -35.38 -91.68 -80.99
N VAL HA 439 -35.01 -92.89 -81.41
CA VAL HA 439 -34.68 -93.10 -82.82
C VAL HA 439 -35.54 -94.17 -83.51
N SER HA 440 -36.23 -95.02 -82.74
CA SER HA 440 -36.83 -96.21 -83.40
C SER HA 440 -37.96 -96.94 -82.65
N THR HA 441 -38.67 -97.76 -83.37
CA THR HA 441 -39.67 -98.68 -82.78
C THR HA 441 -39.30 -100.07 -83.34
N ASN HA 442 -39.43 -101.14 -82.58
CA ASN HA 442 -39.16 -102.55 -83.04
C ASN HA 442 -40.36 -103.20 -83.76
N ASN HA 443 -40.30 -104.49 -84.13
CA ASN HA 443 -41.37 -105.20 -84.89
C ASN HA 443 -42.65 -105.16 -84.07
N THR HA 444 -42.61 -105.34 -82.75
CA THR HA 444 -43.75 -105.04 -81.86
C THR HA 444 -43.46 -103.59 -81.62
N GLY HA 445 -44.40 -102.67 -81.62
CA GLY HA 445 -43.96 -101.25 -81.63
C GLY HA 445 -43.39 -100.71 -80.34
N GLY HA 446 -42.22 -101.21 -79.91
CA GLY HA 446 -41.58 -100.81 -78.64
C GLY HA 446 -40.49 -99.78 -78.86
N VAL HA 447 -40.48 -98.71 -78.08
CA VAL HA 447 -39.54 -97.56 -78.25
C VAL HA 447 -38.06 -97.88 -78.00
N GLN HA 448 -37.18 -97.27 -78.78
CA GLN HA 448 -35.71 -97.52 -78.70
C GLN HA 448 -34.96 -96.19 -78.65
N PHE HA 449 -33.80 -96.17 -77.98
CA PHE HA 449 -33.06 -94.90 -77.74
C PHE HA 449 -31.56 -95.00 -78.06
N ASN HA 450 -30.94 -93.89 -78.41
CA ASN HA 450 -29.46 -93.82 -78.67
C ASN HA 450 -28.89 -92.60 -77.98
N LYS HA 451 -27.65 -92.66 -77.51
CA LYS HA 451 -26.91 -91.51 -76.92
C LYS HA 451 -26.48 -90.47 -77.97
N ASN HA 452 -26.33 -89.22 -77.55
CA ASN HA 452 -25.90 -88.14 -78.47
C ASN HA 452 -24.37 -88.04 -78.49
N LEU HA 453 -23.75 -88.29 -79.65
CA LEU HA 453 -22.27 -88.30 -79.85
C LEU HA 453 -21.63 -86.91 -80.07
N ALA HA 454 -20.32 -86.81 -79.84
CA ALA HA 454 -19.57 -85.55 -80.04
C ALA HA 454 -19.56 -85.06 -81.49
N GLY HA 455 -19.85 -83.78 -81.71
CA GLY HA 455 -19.86 -83.13 -83.04
C GLY HA 455 -21.10 -83.38 -83.89
N ARG HA 456 -22.09 -84.13 -83.40
CA ARG HA 456 -23.32 -84.47 -84.16
C ARG HA 456 -24.38 -83.36 -83.91
N TYR HA 457 -24.22 -82.18 -84.51
CA TYR HA 457 -25.04 -80.94 -84.32
C TYR HA 457 -26.48 -81.15 -84.80
N ALA HA 458 -26.67 -82.02 -85.77
CA ALA HA 458 -28.00 -82.38 -86.25
C ALA HA 458 -28.85 -82.99 -85.12
N ASN HA 459 -28.28 -83.76 -84.19
CA ASN HA 459 -29.03 -84.50 -83.13
C ASN HA 459 -28.76 -84.08 -81.67
N THR HA 460 -28.48 -82.84 -81.34
CA THR HA 460 -27.99 -82.39 -80.02
C THR HA 460 -29.07 -81.60 -79.34
N TYR HA 461 -29.20 -81.67 -78.03
CA TYR HA 461 -30.17 -80.86 -77.25
C TYR HA 461 -29.73 -79.41 -77.33
N LYS HA 462 -30.67 -78.49 -77.47
CA LYS HA 462 -30.36 -77.05 -77.66
C LYS HA 462 -31.01 -76.14 -76.63
N ASN HA 463 -30.29 -75.25 -75.99
CA ASN HA 463 -30.83 -74.16 -75.11
C ASN HA 463 -31.60 -73.03 -75.80
N TRP HA 464 -31.18 -72.59 -76.98
CA TRP HA 464 -31.65 -71.32 -77.56
C TRP HA 464 -32.13 -71.48 -78.99
N PHE HA 465 -33.00 -70.57 -79.40
CA PHE HA 465 -33.68 -70.71 -80.72
C PHE HA 465 -33.48 -69.46 -81.53
N PRO HA 466 -33.52 -69.58 -82.86
CA PRO HA 466 -33.46 -68.45 -83.77
C PRO HA 466 -34.68 -67.52 -83.78
N GLY HA 467 -34.49 -66.29 -84.25
CA GLY HA 467 -35.54 -65.24 -84.28
C GLY HA 467 -36.65 -65.41 -85.31
N PRO HA 468 -37.74 -64.62 -85.19
CA PRO HA 468 -38.92 -64.77 -86.06
C PRO HA 468 -38.79 -64.58 -87.58
N MET HA 469 -39.54 -65.35 -88.35
CA MET HA 469 -39.40 -65.33 -89.83
C MET HA 469 -40.74 -65.30 -90.60
N GLY HA 470 -40.83 -64.65 -91.75
CA GLY HA 470 -41.97 -64.77 -92.69
C GLY HA 470 -41.44 -65.02 -94.09
N ARG HA 471 -41.89 -66.01 -94.85
CA ARG HA 471 -41.26 -66.29 -96.18
C ARG HA 471 -41.46 -65.17 -97.24
N THR HA 472 -40.39 -64.78 -97.96
CA THR HA 472 -40.39 -63.73 -99.01
C THR HA 472 -39.69 -64.27 -100.24
N GLN HA 473 -40.16 -63.95 -101.45
CA GLN HA 473 -39.63 -64.52 -102.71
C GLN HA 473 -38.16 -64.16 -102.97
N GLY HA 474 -37.39 -65.12 -103.50
CA GLY HA 474 -35.97 -64.92 -103.82
C GLY HA 474 -35.72 -64.76 -105.31
N TRP HA 475 -34.95 -63.74 -105.68
CA TRP HA 475 -34.61 -63.46 -107.10
C TRP HA 475 -33.10 -63.48 -107.33
N ASN HA 476 -32.65 -64.14 -108.39
CA ASN HA 476 -31.20 -64.22 -108.74
C ASN HA 476 -30.71 -62.90 -109.35
N LEU HA 477 -29.45 -62.55 -109.12
CA LEU HA 477 -28.82 -61.30 -109.61
C LEU HA 477 -27.57 -61.73 -110.40
N GLY HA 478 -27.02 -60.88 -111.25
CA GLY HA 478 -25.87 -61.28 -112.10
C GLY HA 478 -26.21 -62.36 -113.09
N SER HA 479 -25.53 -63.51 -113.02
CA SER HA 479 -25.80 -64.64 -113.94
C SER HA 479 -27.25 -65.10 -113.73
N GLY HA 480 -27.78 -65.17 -112.50
CA GLY HA 480 -29.24 -65.34 -112.35
C GLY HA 480 -29.88 -66.57 -112.94
N VAL HA 481 -30.87 -66.40 -113.82
CA VAL HA 481 -31.70 -67.51 -114.41
C VAL HA 481 -33.16 -67.46 -113.87
N ASN HA 482 -33.68 -66.30 -113.48
CA ASN HA 482 -35.11 -66.06 -113.03
C ASN HA 482 -36.19 -66.12 -114.11
N ARG HA 483 -37.47 -66.32 -113.73
CA ARG HA 483 -38.65 -66.37 -114.65
C ARG HA 483 -38.94 -65.05 -115.42
N ALA HA 484 -39.27 -65.15 -116.70
CA ALA HA 484 -39.48 -63.99 -117.61
C ALA HA 484 -40.84 -63.29 -117.59
N SER HA 485 -40.87 -61.98 -117.94
CA SER HA 485 -42.12 -61.20 -118.12
C SER HA 485 -43.07 -61.16 -116.91
N VAL HA 486 -42.55 -61.01 -115.71
CA VAL HA 486 -43.38 -61.06 -114.47
C VAL HA 486 -43.79 -59.66 -113.99
N SER HA 487 -45.06 -59.48 -113.59
CA SER HA 487 -45.47 -58.24 -112.90
C SER HA 487 -45.45 -58.60 -111.40
N ALA HA 488 -44.61 -57.96 -110.61
CA ALA HA 488 -44.37 -58.29 -109.18
C ALA HA 488 -45.53 -58.11 -108.18
N PHE HA 489 -46.39 -57.10 -108.27
CA PHE HA 489 -47.32 -56.67 -107.19
C PHE HA 489 -48.36 -57.71 -106.67
N ALA HA 490 -49.01 -58.52 -107.50
CA ALA HA 490 -50.03 -59.49 -107.06
C ALA HA 490 -49.45 -60.52 -106.09
N THR HA 491 -48.21 -60.97 -106.29
CA THR HA 491 -47.57 -62.02 -105.47
C THR HA 491 -46.70 -61.47 -104.35
N THR HA 492 -46.66 -60.17 -104.11
CA THR HA 492 -45.88 -59.54 -103.01
C THR HA 492 -46.46 -59.77 -101.62
N ASN HA 493 -45.64 -59.70 -100.56
CA ASN HA 493 -46.09 -59.81 -99.14
C ASN HA 493 -46.95 -58.61 -98.73
N ARG HA 494 -48.00 -58.84 -97.95
CA ARG HA 494 -48.94 -57.74 -97.59
C ARG HA 494 -49.50 -57.85 -96.18
N MET HA 495 -49.91 -56.74 -95.58
CA MET HA 495 -50.62 -56.72 -94.28
C MET HA 495 -51.93 -55.92 -94.52
N GLU HA 496 -53.03 -56.28 -93.87
CA GLU HA 496 -54.35 -55.63 -94.10
C GLU HA 496 -54.69 -54.65 -92.95
N LEU HA 497 -54.97 -53.37 -93.25
CA LEU HA 497 -55.40 -52.37 -92.22
C LEU HA 497 -56.66 -51.65 -92.70
N GLU HA 498 -57.73 -51.55 -91.90
CA GLU HA 498 -58.96 -50.73 -92.19
C GLU HA 498 -59.62 -51.07 -93.53
N GLY HA 499 -59.65 -52.33 -93.95
CA GLY HA 499 -60.18 -52.68 -95.28
C GLY HA 499 -59.27 -52.52 -96.49
N ALA HA 500 -57.98 -52.22 -96.33
CA ALA HA 500 -57.08 -52.14 -97.52
C ALA HA 500 -55.84 -53.03 -97.38
N SER HA 501 -55.26 -53.51 -98.49
CA SER HA 501 -54.03 -54.35 -98.51
C SER HA 501 -52.80 -53.47 -98.75
N TYR HA 502 -51.82 -53.58 -97.89
CA TYR HA 502 -50.60 -52.72 -98.00
C TYR HA 502 -49.34 -53.52 -98.15
N GLN HA 503 -48.50 -53.13 -99.09
CA GLN HA 503 -47.14 -53.70 -99.14
C GLN HA 503 -46.40 -53.13 -97.92
N VAL HA 504 -45.55 -53.92 -97.29
CA VAL HA 504 -44.76 -53.51 -96.10
C VAL HA 504 -43.32 -53.83 -96.56
N PRO HA 505 -42.72 -52.96 -97.41
CA PRO HA 505 -41.47 -53.26 -98.09
C PRO HA 505 -40.25 -53.54 -97.26
N PRO HA 506 -39.91 -52.94 -96.10
CA PRO HA 506 -38.81 -53.51 -95.33
C PRO HA 506 -39.59 -54.63 -94.62
N GLN HA 507 -39.12 -55.86 -94.58
CA GLN HA 507 -39.90 -56.83 -93.75
C GLN HA 507 -39.57 -56.60 -92.24
N PRO HA 508 -40.27 -57.19 -91.25
CA PRO HA 508 -39.89 -57.10 -89.83
C PRO HA 508 -38.55 -57.81 -89.42
N ASN HA 509 -37.81 -57.36 -88.39
CA ASN HA 509 -36.47 -57.90 -87.98
C ASN HA 509 -36.34 -59.39 -87.60
N GLY HA 510 -35.13 -59.98 -87.69
CA GLY HA 510 -34.84 -61.40 -87.38
C GLY HA 510 -34.57 -62.32 -88.54
N MET HA 511 -34.46 -61.78 -89.75
CA MET HA 511 -34.15 -62.61 -90.93
C MET HA 511 -32.89 -62.14 -91.69
N THR HA 512 -32.35 -62.99 -92.57
CA THR HA 512 -31.27 -62.59 -93.50
C THR HA 512 -31.76 -62.71 -94.95
N ASN HA 513 -31.65 -61.67 -95.77
CA ASN HA 513 -31.94 -61.64 -97.24
C ASN HA 513 -31.02 -62.50 -98.14
N ASN HA 514 -29.71 -62.56 -97.88
CA ASN HA 514 -28.73 -63.24 -98.78
C ASN HA 514 -27.84 -64.21 -97.99
N LEU HA 515 -27.59 -65.42 -98.50
CA LEU HA 515 -26.67 -66.42 -97.85
C LEU HA 515 -25.14 -66.11 -97.77
N GLN HA 516 -24.43 -65.57 -98.75
CA GLN HA 516 -22.94 -65.34 -98.79
C GLN HA 516 -22.47 -66.09 -100.04
N GLY HA 517 -21.60 -65.47 -100.85
CA GLY HA 517 -21.47 -66.11 -102.16
C GLY HA 517 -22.87 -65.90 -102.70
N SER HA 518 -23.63 -66.93 -103.04
CA SER HA 518 -25.02 -66.86 -103.57
C SER HA 518 -25.51 -65.55 -104.21
N ASN HA 519 -26.23 -65.70 -105.32
CA ASN HA 519 -26.79 -64.55 -106.06
C ASN HA 519 -28.30 -64.47 -105.83
N THR HA 520 -28.84 -65.26 -104.89
CA THR HA 520 -30.27 -65.17 -104.52
C THR HA 520 -30.47 -64.12 -103.42
N TYR HA 521 -31.40 -63.22 -103.66
CA TYR HA 521 -31.71 -62.12 -102.71
C TYR HA 521 -33.18 -62.07 -102.53
N ALA HA 522 -33.62 -61.90 -101.29
CA ALA HA 522 -35.06 -61.64 -101.12
C ALA HA 522 -35.22 -60.12 -101.22
N LEU HA 523 -35.72 -59.61 -102.35
CA LEU HA 523 -35.78 -58.15 -102.70
C LEU HA 523 -36.64 -57.29 -101.75
N GLU HA 524 -37.77 -57.80 -101.25
CA GLU HA 524 -38.65 -57.07 -100.32
C GLU HA 524 -38.08 -57.07 -98.88
N ASN HA 525 -37.01 -57.79 -98.58
CA ASN HA 525 -36.30 -57.74 -97.27
C ASN HA 525 -35.01 -56.89 -97.37
N THR HA 526 -34.76 -56.21 -98.48
CA THR HA 526 -33.48 -55.47 -98.68
C THR HA 526 -33.67 -53.98 -98.85
N MET HA 527 -32.81 -53.17 -98.23
CA MET HA 527 -32.76 -51.72 -98.50
C MET HA 527 -32.12 -51.48 -99.88
N ILE HA 528 -32.82 -50.79 -100.78
CA ILE HA 528 -32.30 -50.45 -102.14
C ILE HA 528 -32.12 -48.93 -102.26
N PHE HA 529 -30.96 -48.48 -102.73
CA PHE HA 529 -30.59 -47.04 -102.81
C PHE HA 529 -30.07 -46.72 -104.19
N ASN HA 530 -30.06 -45.44 -104.55
CA ASN HA 530 -29.49 -44.94 -105.84
C ASN HA 530 -28.16 -44.24 -105.52
N SER HA 531 -27.11 -44.46 -106.32
CA SER HA 531 -25.81 -43.75 -106.18
C SER HA 531 -25.99 -42.25 -106.40
N GLN HA 532 -26.81 -41.85 -107.36
CA GLN HA 532 -27.06 -40.43 -107.71
C GLN HA 532 -28.46 -39.99 -107.28
N PRO HA 533 -28.67 -38.71 -106.88
CA PRO HA 533 -30.01 -38.18 -106.60
C PRO HA 533 -30.90 -38.10 -107.84
N ALA HA 534 -32.21 -38.20 -107.64
CA ALA HA 534 -33.16 -38.27 -108.78
C ALA HA 534 -34.13 -37.08 -108.79
N ASN HA 535 -34.61 -36.75 -109.98
CA ASN HA 535 -35.65 -35.70 -110.15
C ASN HA 535 -36.99 -36.19 -109.58
N PRO HA 536 -37.83 -35.30 -109.01
CA PRO HA 536 -39.13 -35.71 -108.51
C PRO HA 536 -40.14 -36.25 -109.51
N GLY HA 537 -40.86 -37.32 -109.13
CA GLY HA 537 -41.92 -37.91 -109.97
C GLY HA 537 -41.43 -38.84 -111.07
N THR HA 538 -40.16 -39.19 -111.08
CA THR HA 538 -39.63 -40.04 -112.17
C THR HA 538 -40.36 -41.38 -112.19
N THR HA 539 -40.70 -41.88 -113.38
CA THR HA 539 -41.33 -43.21 -113.55
C THR HA 539 -40.41 -44.12 -114.34
N ALA HA 540 -39.14 -43.75 -114.52
CA ALA HA 540 -38.15 -44.51 -115.31
C ALA HA 540 -37.80 -45.90 -114.74
N THR HA 541 -37.63 -46.90 -115.60
CA THR HA 541 -37.17 -48.24 -115.16
C THR HA 541 -35.69 -48.19 -114.80
N TYR HA 542 -35.28 -48.89 -113.76
CA TYR HA 542 -33.85 -48.96 -113.36
C TYR HA 542 -33.42 -50.41 -113.33
N LEU HA 543 -32.30 -50.70 -113.99
CA LEU HA 543 -31.65 -52.03 -113.93
C LEU HA 543 -30.75 -52.15 -112.69
N GLU HA 544 -30.24 -53.34 -112.38
CA GLU HA 544 -29.41 -53.65 -111.19
C GLU HA 544 -28.10 -52.85 -111.12
N GLY HA 545 -27.43 -52.59 -112.26
CA GLY HA 545 -26.16 -51.86 -112.29
C GLY HA 545 -26.28 -50.46 -111.75
N ASN HA 546 -27.36 -49.74 -112.04
CA ASN HA 546 -27.64 -48.42 -111.42
C ASN HA 546 -27.86 -48.51 -109.90
N MET HA 547 -28.49 -49.56 -109.39
CA MET HA 547 -28.88 -49.63 -107.95
C MET HA 547 -27.79 -50.04 -106.95
N LEU HA 548 -27.91 -49.59 -105.69
CA LEU HA 548 -26.98 -50.05 -104.62
C LEU HA 548 -27.80 -51.02 -103.77
N ILE HA 549 -27.44 -52.31 -103.75
CA ILE HA 549 -28.25 -53.36 -103.04
C ILE HA 549 -27.47 -53.92 -101.84
N THR HA 550 -28.03 -53.84 -100.66
CA THR HA 550 -27.44 -54.31 -99.38
C THR HA 550 -27.57 -55.82 -99.15
N SER HA 551 -26.68 -56.40 -98.36
CA SER HA 551 -26.69 -57.84 -97.99
C SER HA 551 -26.59 -57.93 -96.47
N GLU HA 552 -27.28 -58.86 -95.85
CA GLU HA 552 -27.29 -59.08 -94.38
C GLU HA 552 -26.58 -60.41 -94.06
N SER HA 553 -25.70 -60.91 -94.92
CA SER HA 553 -25.06 -62.25 -94.84
C SER HA 553 -24.24 -62.46 -93.55
N GLU HA 554 -23.74 -61.42 -92.89
CA GLU HA 554 -23.00 -61.48 -91.60
C GLU HA 554 -23.89 -62.07 -90.48
N THR HA 555 -25.19 -61.81 -90.46
CA THR HA 555 -26.15 -62.25 -89.42
C THR HA 555 -26.65 -63.67 -89.64
N GLN HA 556 -26.25 -64.37 -90.70
CA GLN HA 556 -26.72 -65.72 -91.09
C GLN HA 556 -26.44 -66.79 -89.99
N PRO HA 557 -25.32 -66.79 -89.22
CA PRO HA 557 -25.16 -67.70 -88.08
C PRO HA 557 -26.30 -67.69 -87.03
N VAL HA 558 -27.02 -66.58 -86.80
CA VAL HA 558 -28.24 -66.49 -85.93
C VAL HA 558 -29.57 -66.10 -86.63
N ASN HA 559 -29.62 -65.78 -87.92
CA ASN HA 559 -30.87 -65.26 -88.54
C ASN HA 559 -31.29 -66.20 -89.66
N ARG HA 560 -32.56 -66.59 -89.66
CA ARG HA 560 -33.08 -67.50 -90.71
C ARG HA 560 -33.17 -66.82 -92.10
N VAL HA 561 -32.97 -67.58 -93.16
CA VAL HA 561 -33.10 -67.06 -94.55
C VAL HA 561 -34.57 -66.84 -94.96
N ALA HA 562 -34.90 -65.66 -95.51
CA ALA HA 562 -36.27 -65.24 -95.93
C ALA HA 562 -36.86 -66.07 -97.07
N TYR HA 563 -36.07 -66.42 -98.08
CA TYR HA 563 -36.54 -67.20 -99.26
C TYR HA 563 -36.96 -68.64 -98.86
N ASN HA 564 -36.28 -69.28 -97.93
CA ASN HA 564 -36.53 -70.70 -97.50
C ASN HA 564 -37.67 -70.88 -96.48
N VAL HA 565 -38.25 -72.09 -96.36
CA VAL HA 565 -39.22 -72.47 -95.27
C VAL HA 565 -38.52 -72.50 -93.90
N GLY HA 566 -39.19 -72.10 -92.81
CA GLY HA 566 -38.67 -72.10 -91.41
C GLY HA 566 -38.34 -73.42 -90.72
N GLY HA 567 -39.13 -74.48 -90.89
CA GLY HA 567 -38.96 -75.74 -90.15
C GLY HA 567 -40.13 -76.66 -90.37
N GLN HA 568 -40.24 -77.74 -89.61
CA GLN HA 568 -41.37 -78.72 -89.70
C GLN HA 568 -41.97 -79.03 -88.30
N MET HA 569 -43.28 -79.33 -88.21
CA MET HA 569 -44.00 -79.70 -86.96
C MET HA 569 -44.92 -80.91 -87.21
N ALA HA 570 -45.33 -81.66 -86.18
CA ALA HA 570 -46.25 -82.82 -86.28
C ALA HA 570 -47.69 -82.45 -86.69
N THR HA 571 -48.28 -83.23 -87.60
CA THR HA 571 -49.63 -82.96 -88.13
C THR HA 571 -50.64 -84.07 -87.80
N ASN HA 572 -50.28 -85.08 -87.01
CA ASN HA 572 -51.15 -86.27 -86.81
C ASN HA 572 -50.81 -87.00 -85.52
N ASN HA 573 -51.61 -88.00 -85.17
CA ASN HA 573 -51.28 -88.90 -84.05
C ASN HA 573 -50.94 -90.27 -84.64
N GLN HA 574 -49.78 -90.85 -84.32
CA GLN HA 574 -49.34 -92.19 -84.79
C GLN HA 574 -50.18 -93.29 -84.09
N SER HA 575 -50.36 -94.43 -84.76
CA SER HA 575 -51.13 -95.58 -84.22
C SER HA 575 -50.60 -96.83 -84.94
N SER HA 576 -50.97 -98.02 -84.50
CA SER HA 576 -50.55 -99.21 -85.27
C SER HA 576 -51.09 -99.11 -86.69
N THR HA 577 -52.33 -98.68 -86.89
CA THR HA 577 -52.92 -98.39 -88.21
C THR HA 577 -52.25 -97.23 -88.94
N THR HA 578 -51.87 -96.15 -88.27
CA THR HA 578 -51.37 -94.93 -88.95
C THR HA 578 -49.92 -94.58 -88.72
N ALA HA 579 -49.16 -94.36 -89.80
CA ALA HA 579 -47.76 -93.88 -89.74
C ALA HA 579 -47.68 -92.41 -89.30
N PRO HA 580 -46.61 -91.98 -88.60
CA PRO HA 580 -46.42 -90.57 -88.25
C PRO HA 580 -46.18 -89.60 -89.44
N ALA HA 581 -46.66 -88.36 -89.36
CA ALA HA 581 -46.56 -87.35 -90.45
C ALA HA 581 -46.08 -85.97 -89.97
N THR HA 582 -45.40 -85.22 -90.83
CA THR HA 582 -44.93 -83.84 -90.50
C THR HA 582 -45.38 -82.87 -91.56
N GLY HA 583 -45.43 -81.57 -91.22
CA GLY HA 583 -45.70 -80.53 -92.23
C GLY HA 583 -44.77 -79.33 -92.09
N THR HA 584 -44.33 -78.74 -93.20
CA THR HA 584 -43.52 -77.47 -93.19
C THR HA 584 -44.34 -76.23 -92.87
N TYR HA 585 -43.74 -75.22 -92.28
CA TYR HA 585 -44.40 -73.91 -91.99
C TYR HA 585 -43.68 -72.74 -92.74
N ASN HA 586 -44.41 -71.72 -93.23
CA ASN HA 586 -43.84 -70.55 -93.98
C ASN HA 586 -43.68 -69.31 -93.08
N LEU HA 587 -44.23 -69.35 -91.88
CA LEU HA 587 -44.12 -68.21 -90.93
C LEU HA 587 -44.01 -68.68 -89.46
N GLN HA 588 -43.27 -67.97 -88.63
CA GLN HA 588 -43.23 -68.24 -87.16
C GLN HA 588 -42.95 -66.91 -86.47
N GLU HA 589 -43.35 -66.76 -85.22
CA GLU HA 589 -43.21 -65.48 -84.49
C GLU HA 589 -42.42 -65.75 -83.22
N ILE HA 590 -42.29 -64.79 -82.32
CA ILE HA 590 -41.43 -64.90 -81.11
C ILE HA 590 -41.83 -66.06 -80.17
N VAL HA 591 -40.83 -66.74 -79.66
CA VAL HA 591 -41.00 -67.88 -78.71
C VAL HA 591 -40.04 -67.58 -77.56
N PRO HA 592 -40.27 -68.07 -76.33
CA PRO HA 592 -39.29 -67.86 -75.25
C PRO HA 592 -37.94 -68.54 -75.53
N GLY HA 593 -36.82 -67.90 -75.18
CA GLY HA 593 -35.46 -68.38 -75.53
C GLY HA 593 -34.99 -67.98 -76.92
N SER HA 594 -35.72 -67.12 -77.62
CA SER HA 594 -35.40 -66.57 -78.96
C SER HA 594 -34.25 -65.54 -78.95
N VAL HA 595 -33.32 -65.67 -79.89
CA VAL HA 595 -32.16 -64.72 -80.04
C VAL HA 595 -32.08 -64.29 -81.53
N TRP HA 596 -31.75 -63.04 -81.81
CA TRP HA 596 -31.58 -62.53 -83.20
C TRP HA 596 -30.68 -61.30 -83.24
N MET HA 597 -30.25 -60.92 -84.43
CA MET HA 597 -29.49 -59.66 -84.67
C MET HA 597 -30.36 -58.65 -85.46
N GLU HA 598 -30.37 -57.39 -85.04
CA GLU HA 598 -31.09 -56.29 -85.75
C GLU HA 598 -30.37 -55.89 -87.06
N ARG HA 599 -31.08 -55.27 -87.98
CA ARG HA 599 -30.52 -54.78 -89.28
C ARG HA 599 -29.37 -53.78 -89.11
N ASP HA 600 -28.36 -53.88 -89.97
CA ASP HA 600 -27.18 -52.97 -89.98
C ASP HA 600 -27.46 -51.55 -90.47
N VAL HA 601 -26.78 -50.57 -89.92
CA VAL HA 601 -26.80 -49.16 -90.42
C VAL HA 601 -25.88 -48.97 -91.64
N TYR HA 602 -26.17 -47.98 -92.47
CA TYR HA 602 -25.36 -47.67 -93.68
C TYR HA 602 -25.04 -46.18 -93.64
N LEU HA 603 -23.94 -45.76 -94.28
CA LEU HA 603 -23.58 -44.32 -94.37
C LEU HA 603 -24.68 -43.55 -95.14
N GLN HA 604 -25.23 -44.09 -96.21
CA GLN HA 604 -26.39 -43.58 -96.99
C GLN HA 604 -27.71 -43.61 -96.19
N GLY HA 605 -27.87 -44.49 -95.20
CA GLY HA 605 -29.08 -44.66 -94.38
C GLY HA 605 -29.45 -43.73 -93.24
N PRO HA 606 -30.70 -43.83 -92.71
CA PRO HA 606 -31.14 -43.11 -91.49
C PRO HA 606 -30.70 -43.44 -90.07
N ILE HA 607 -30.39 -42.47 -89.21
CA ILE HA 607 -30.11 -42.69 -87.73
C ILE HA 607 -31.30 -43.08 -86.81
N TRP HA 608 -32.45 -42.42 -86.89
CA TRP HA 608 -33.52 -42.61 -85.89
C TRP HA 608 -34.94 -42.66 -86.43
N ALA HA 609 -35.88 -43.17 -85.64
CA ALA HA 609 -37.33 -43.17 -85.96
C ALA HA 609 -38.09 -42.87 -84.66
N LYS HA 610 -39.23 -42.22 -84.76
CA LYS HA 610 -40.10 -41.97 -83.57
C LYS HA 610 -41.01 -43.17 -83.28
N ILE HA 611 -41.03 -43.62 -82.03
CA ILE HA 611 -41.99 -44.67 -81.61
C ILE HA 611 -43.41 -44.06 -81.59
N PRO HA 612 -44.43 -44.72 -82.19
CA PRO HA 612 -45.80 -44.20 -82.17
C PRO HA 612 -46.51 -44.28 -80.81
N GLU HA 613 -47.33 -43.28 -80.47
CA GLU HA 613 -47.96 -43.25 -79.12
C GLU HA 613 -49.33 -43.97 -79.10
N THR HA 614 -49.38 -45.23 -78.66
CA THR HA 614 -50.61 -46.03 -78.62
C THR HA 614 -50.85 -46.49 -77.21
N GLY HA 615 -49.85 -46.43 -76.36
CA GLY HA 615 -49.87 -46.98 -75.00
C GLY HA 615 -49.42 -48.44 -74.93
N ALA HA 616 -49.22 -49.15 -76.05
CA ALA HA 616 -48.69 -50.54 -76.03
C ALA HA 616 -47.73 -50.81 -77.19
N HIS HA 617 -46.59 -51.41 -76.93
CA HIS HA 617 -45.62 -51.79 -78.00
C HIS HA 617 -44.74 -52.96 -77.54
N PHE HA 618 -44.12 -53.66 -78.48
CA PHE HA 618 -43.12 -54.71 -78.15
C PHE HA 618 -41.80 -54.44 -78.85
N HIS HA 619 -40.66 -54.48 -78.13
CA HIS HA 619 -39.27 -54.41 -78.71
C HIS HA 619 -39.15 -53.33 -79.78
N PRO HA 620 -38.84 -52.08 -79.38
CA PRO HA 620 -38.94 -50.95 -80.32
C PRO HA 620 -37.76 -50.52 -81.18
N SER HA 621 -37.40 -51.40 -82.09
CA SER HA 621 -36.28 -51.15 -83.02
C SER HA 621 -36.90 -50.98 -84.41
N PRO HA 622 -36.66 -49.86 -85.14
CA PRO HA 622 -37.28 -49.67 -86.44
C PRO HA 622 -36.80 -50.60 -87.58
N ALA HA 623 -37.69 -50.99 -88.49
CA ALA HA 623 -37.38 -51.97 -89.56
C ALA HA 623 -36.29 -51.51 -90.56
N MET HA 624 -36.27 -50.24 -90.97
CA MET HA 624 -35.27 -49.65 -91.88
C MET HA 624 -33.88 -49.69 -91.22
N GLY HA 625 -33.79 -49.56 -89.91
CA GLY HA 625 -32.53 -49.58 -89.15
C GLY HA 625 -32.45 -48.41 -88.19
N GLY HA 626 -31.43 -48.37 -87.34
CA GLY HA 626 -31.23 -47.25 -86.41
C GLY HA 626 -31.81 -47.32 -85.01
N PHE HA 627 -32.02 -46.17 -84.40
CA PHE HA 627 -32.44 -46.05 -82.97
C PHE HA 627 -33.90 -45.58 -82.87
N GLY HA 628 -34.69 -46.30 -82.08
CA GLY HA 628 -36.10 -45.97 -81.86
C GLY HA 628 -36.23 -45.11 -80.63
N LEU HA 629 -36.82 -43.94 -80.80
CA LEU HA 629 -36.87 -42.97 -79.66
C LEU HA 629 -38.28 -42.53 -79.29
N LYS HA 630 -38.62 -42.60 -78.01
CA LYS HA 630 -39.89 -42.01 -77.50
C LYS HA 630 -39.91 -40.49 -77.66
N HIS HA 631 -38.80 -39.82 -77.38
CA HIS HA 631 -38.68 -38.34 -77.53
C HIS HA 631 -37.55 -38.03 -78.50
N PRO HA 632 -37.84 -38.00 -79.81
CA PRO HA 632 -36.86 -37.74 -80.85
C PRO HA 632 -36.37 -36.29 -81.01
N PRO HA 633 -35.24 -36.04 -81.69
CA PRO HA 633 -34.83 -34.66 -81.88
C PRO HA 633 -35.99 -33.94 -82.61
N PRO HA 634 -36.40 -32.73 -82.14
CA PRO HA 634 -37.60 -32.08 -82.66
C PRO HA 634 -37.67 -31.45 -84.05
N MET HA 635 -38.87 -31.38 -84.63
CA MET HA 635 -39.11 -30.72 -85.94
C MET HA 635 -38.74 -29.22 -85.91
N MET HA 636 -37.98 -28.76 -86.90
CA MET HA 636 -37.54 -27.36 -87.01
C MET HA 636 -38.21 -26.76 -88.27
N LEU HA 637 -38.98 -25.71 -88.10
CA LEU HA 637 -39.82 -25.15 -89.19
C LEU HA 637 -39.45 -23.69 -89.49
N ILE HA 638 -39.32 -23.35 -90.76
CA ILE HA 638 -38.95 -21.98 -91.21
C ILE HA 638 -39.91 -21.50 -92.31
N LYS HA 639 -40.32 -20.24 -92.23
CA LYS HA 639 -41.14 -19.65 -93.32
C LYS HA 639 -40.71 -18.21 -93.67
N ASN HA 640 -41.02 -17.76 -94.87
CA ASN HA 640 -40.82 -16.33 -95.25
C ASN HA 640 -42.07 -15.56 -94.83
N THR HA 641 -41.92 -14.45 -94.12
CA THR HA 641 -43.08 -13.60 -93.73
C THR HA 641 -43.74 -12.98 -94.96
N PRO HA 642 -45.10 -13.02 -95.06
CA PRO HA 642 -45.80 -12.33 -96.14
C PRO HA 642 -45.54 -10.82 -96.17
N VAL HA 643 -45.15 -10.34 -97.34
CA VAL HA 643 -44.99 -8.87 -97.51
C VAL HA 643 -46.00 -8.44 -98.58
N PRO HA 644 -46.96 -7.58 -98.22
CA PRO HA 644 -47.98 -7.11 -99.18
C PRO HA 644 -47.68 -6.19 -100.38
N GLY HA 645 -48.37 -6.36 -101.49
CA GLY HA 645 -48.33 -5.47 -102.67
C GLY HA 645 -49.18 -4.22 -102.45
N ASN HA 646 -49.16 -3.24 -103.34
CA ASN HA 646 -49.85 -1.95 -103.04
C ASN HA 646 -51.38 -2.12 -102.91
N ILE HA 647 -51.93 -1.66 -101.78
CA ILE HA 647 -53.40 -1.73 -101.55
C ILE HA 647 -53.88 -0.29 -101.33
N THR HA 648 -54.88 0.16 -102.07
CA THR HA 648 -55.33 1.57 -102.01
C THR HA 648 -56.70 1.72 -101.38
N SER HA 649 -57.43 0.63 -101.19
CA SER HA 649 -58.82 0.68 -100.67
C SER HA 649 -59.04 -0.35 -99.56
N PHE HA 650 -59.97 -0.11 -98.63
CA PHE HA 650 -60.35 -1.07 -97.56
C PHE HA 650 -61.26 -2.22 -98.02
N SER HA 651 -60.96 -3.44 -97.58
CA SER HA 651 -61.92 -4.57 -97.76
C SER HA 651 -61.88 -5.45 -96.51
N ASP HA 652 -63.00 -6.03 -96.13
CA ASP HA 652 -63.07 -7.10 -95.09
C ASP HA 652 -62.37 -8.34 -95.64
N VAL HA 653 -62.49 -8.61 -96.96
CA VAL HA 653 -61.88 -9.79 -97.61
C VAL HA 653 -60.34 -9.73 -97.49
N PRO HA 654 -59.66 -10.84 -97.10
CA PRO HA 654 -58.20 -10.88 -96.94
C PRO HA 654 -57.35 -10.62 -98.18
N VAL HA 655 -56.20 -9.96 -98.00
CA VAL HA 655 -55.30 -9.65 -99.13
C VAL HA 655 -54.73 -10.92 -99.77
N SER HA 656 -54.76 -10.97 -101.09
CA SER HA 656 -54.23 -12.09 -101.89
C SER HA 656 -53.05 -11.62 -102.76
N SER HA 657 -52.63 -10.37 -102.66
CA SER HA 657 -51.55 -9.81 -103.52
C SER HA 657 -50.31 -9.51 -102.67
N PHE HA 658 -49.19 -10.12 -103.01
CA PHE HA 658 -47.96 -10.02 -102.18
C PHE HA 658 -46.75 -9.84 -103.07
N ILE HA 659 -45.71 -9.18 -102.59
CA ILE HA 659 -44.43 -9.14 -103.37
C ILE HA 659 -43.75 -10.53 -103.38
N THR HA 660 -43.15 -10.98 -104.50
CA THR HA 660 -42.46 -12.30 -104.63
C THR HA 660 -41.06 -12.28 -104.01
N GLN HA 661 -40.77 -13.24 -103.11
CA GLN HA 661 -39.52 -13.24 -102.30
C GLN HA 661 -38.96 -14.65 -102.03
N TYR HA 662 -37.66 -14.78 -101.76
CA TYR HA 662 -37.01 -16.07 -101.39
C TYR HA 662 -35.95 -15.77 -100.33
N SER HA 663 -35.54 -16.79 -99.57
CA SER HA 663 -34.48 -16.61 -98.54
C SER HA 663 -33.31 -17.60 -98.69
N THR HA 664 -32.14 -17.19 -98.22
CA THR HA 664 -30.92 -18.04 -98.27
C THR HA 664 -30.11 -17.87 -96.97
N GLY HA 665 -29.32 -18.86 -96.57
CA GLY HA 665 -28.46 -18.77 -95.38
C GLY HA 665 -27.56 -19.96 -95.14
N GLN HA 666 -26.94 -20.02 -93.97
CA GLN HA 666 -26.07 -21.15 -93.53
C GLN HA 666 -26.61 -21.87 -92.28
N VAL HA 667 -26.49 -23.19 -92.22
CA VAL HA 667 -26.90 -24.00 -91.03
C VAL HA 667 -25.71 -24.84 -90.52
N THR HA 668 -25.50 -24.88 -89.21
CA THR HA 668 -24.47 -25.74 -88.59
C THR HA 668 -25.10 -26.77 -87.65
N VAL HA 669 -24.74 -28.06 -87.77
CA VAL HA 669 -25.17 -29.13 -86.81
C VAL HA 669 -23.95 -29.77 -86.11
N GLU HA 670 -23.96 -29.84 -84.78
CA GLU HA 670 -22.88 -30.48 -83.97
C GLU HA 670 -23.47 -31.69 -83.22
N MET HA 671 -22.83 -32.85 -83.36
CA MET HA 671 -23.32 -34.10 -82.70
C MET HA 671 -22.21 -34.79 -81.90
N GLU HA 672 -22.58 -35.32 -80.73
CA GLU HA 672 -21.63 -36.11 -79.89
C GLU HA 672 -22.02 -37.59 -79.91
N TRP HA 673 -21.03 -38.47 -80.06
CA TRP HA 673 -21.26 -39.93 -80.13
C TRP HA 673 -20.44 -40.66 -79.07
N GLU HA 674 -21.03 -41.69 -78.46
CA GLU HA 674 -20.31 -42.56 -77.49
C GLU HA 674 -19.87 -43.86 -78.20
N LEU HA 675 -18.63 -44.28 -77.99
CA LEU HA 675 -18.02 -45.46 -78.68
C LEU HA 675 -17.78 -46.64 -77.72
N LYS HA 676 -18.00 -47.86 -78.19
CA LYS HA 676 -17.63 -49.06 -77.40
C LYS HA 676 -16.40 -49.71 -78.05
N LYS HA 677 -15.31 -49.84 -77.30
CA LYS HA 677 -14.03 -50.47 -77.74
C LYS HA 677 -14.03 -52.00 -77.94
N GLU HA 678 -13.33 -52.48 -78.95
CA GLU HA 678 -13.10 -53.93 -79.15
C GLU HA 678 -12.16 -54.50 -78.06
N ASN HA 679 -12.41 -55.70 -77.55
CA ASN HA 679 -11.57 -56.40 -76.53
C ASN HA 679 -11.25 -57.83 -77.02
N SER HA 680 -10.97 -58.04 -78.30
CA SER HA 680 -10.76 -59.38 -78.91
C SER HA 680 -9.48 -60.15 -78.50
N LYS HA 681 -9.56 -61.47 -78.37
CA LYS HA 681 -8.39 -62.34 -78.13
C LYS HA 681 -8.07 -63.19 -79.39
N ARG HA 682 -8.69 -62.93 -80.55
CA ARG HA 682 -8.41 -63.61 -81.86
C ARG HA 682 -6.97 -63.41 -82.39
N TRP HA 683 -6.18 -64.47 -82.52
CA TRP HA 683 -4.78 -64.45 -83.00
C TRP HA 683 -4.58 -64.05 -84.48
N ASN HA 684 -5.39 -64.58 -85.36
CA ASN HA 684 -5.34 -64.35 -86.81
C ASN HA 684 -5.91 -62.98 -87.21
N PRO HA 685 -5.47 -62.42 -88.36
CA PRO HA 685 -6.03 -61.17 -88.88
C PRO HA 685 -7.51 -61.14 -89.35
N GLU HA 686 -8.21 -60.08 -89.03
CA GLU HA 686 -9.63 -59.80 -89.42
C GLU HA 686 -9.93 -59.18 -90.80
N ILE HA 687 -11.17 -59.29 -91.25
CA ILE HA 687 -11.69 -58.57 -92.46
C ILE HA 687 -11.85 -57.06 -92.17
N GLN HA 688 -11.51 -56.19 -93.13
CA GLN HA 688 -11.58 -54.71 -93.01
C GLN HA 688 -12.11 -54.06 -94.29
N TYR HA 689 -12.82 -52.94 -94.21
CA TYR HA 689 -13.21 -52.16 -95.42
C TYR HA 689 -11.93 -51.48 -95.98
N THR HA 690 -11.73 -51.59 -97.29
CA THR HA 690 -10.54 -51.02 -97.93
C THR HA 690 -10.93 -50.35 -99.22
N ASN HA 691 -10.11 -49.40 -99.67
CA ASN HA 691 -10.30 -48.81 -101.01
C ASN HA 691 -9.56 -49.76 -101.96
N ASN HA 692 -10.28 -50.53 -102.74
CA ASN HA 692 -9.67 -51.60 -103.58
C ASN HA 692 -10.41 -51.62 -104.92
N TYR HA 693 -9.70 -51.30 -105.99
CA TYR HA 693 -10.34 -51.16 -107.33
C TYR HA 693 -9.32 -51.71 -108.33
N ASN HA 694 -9.77 -52.35 -109.40
CA ASN HA 694 -8.81 -52.80 -110.46
C ASN HA 694 -8.84 -51.85 -111.66
N ASP HA 695 -7.70 -51.26 -112.06
CA ASP HA 695 -7.56 -50.30 -113.20
C ASP HA 695 -8.54 -49.12 -113.11
N PRO HA 696 -8.65 -48.37 -111.99
CA PRO HA 696 -9.66 -47.32 -111.88
C PRO HA 696 -9.60 -46.12 -112.85
N GLN HA 697 -10.75 -45.72 -113.40
CA GLN HA 697 -10.83 -44.57 -114.34
C GLN HA 697 -11.23 -43.29 -113.62
N PHE HA 698 -11.57 -43.37 -112.35
CA PHE HA 698 -12.02 -42.21 -111.54
C PHE HA 698 -11.73 -42.55 -110.12
N VAL HA 699 -11.71 -41.57 -109.26
CA VAL HA 699 -11.62 -41.85 -107.81
C VAL HA 699 -13.04 -41.86 -107.26
N ASP HA 700 -13.46 -42.91 -106.60
CA ASP HA 700 -14.76 -43.01 -105.88
C ASP HA 700 -14.78 -42.08 -104.67
N PHE HA 701 -15.95 -41.54 -104.27
CA PHE HA 701 -16.15 -40.55 -103.17
C PHE HA 701 -15.39 -39.24 -103.44
N ALA HA 702 -15.39 -38.81 -104.68
CA ALA HA 702 -14.71 -37.58 -105.13
C ALA HA 702 -15.53 -36.94 -106.25
N PRO HA 703 -15.37 -35.62 -106.52
CA PRO HA 703 -15.98 -35.00 -107.70
C PRO HA 703 -15.41 -35.43 -109.07
N ASP HA 704 -16.22 -35.40 -110.11
CA ASP HA 704 -15.74 -35.71 -111.49
C ASP HA 704 -15.35 -34.45 -112.29
N SER HA 705 -15.08 -34.60 -113.59
CA SER HA 705 -14.66 -33.47 -114.46
C SER HA 705 -15.76 -32.41 -114.53
N THR HA 706 -17.04 -32.78 -114.58
CA THR HA 706 -18.21 -31.84 -114.49
C THR HA 706 -18.44 -31.28 -113.09
N GLY HA 707 -17.85 -31.83 -112.03
CA GLY HA 707 -18.13 -31.42 -110.65
C GLY HA 707 -19.19 -32.21 -109.88
N GLU HA 708 -19.69 -33.30 -110.44
CA GLU HA 708 -20.69 -34.17 -109.75
C GLU HA 708 -20.04 -35.25 -108.86
N TYR HA 709 -20.47 -35.38 -107.61
CA TYR HA 709 -19.96 -36.37 -106.64
C TYR HA 709 -20.31 -37.81 -107.02
N ARG HA 710 -19.36 -38.73 -106.84
CA ARG HA 710 -19.57 -40.15 -107.19
C ARG HA 710 -19.53 -41.01 -105.94
N SER HA 711 -20.55 -41.84 -105.72
CA SER HA 711 -20.63 -42.79 -104.55
C SER HA 711 -21.08 -44.17 -105.03
N THR HA 712 -20.23 -44.97 -105.67
CA THR HA 712 -20.51 -46.32 -106.24
C THR HA 712 -20.92 -47.39 -105.24
N ARG HA 713 -20.38 -47.43 -104.02
CA ARG HA 713 -20.60 -48.57 -103.08
C ARG HA 713 -21.38 -48.25 -101.79
N PRO HA 714 -22.35 -49.10 -101.36
CA PRO HA 714 -22.97 -48.97 -100.04
C PRO HA 714 -22.07 -49.43 -98.86
N ILE HA 715 -22.00 -48.71 -97.74
CA ILE HA 715 -21.08 -49.21 -96.66
C ILE HA 715 -21.79 -49.52 -95.34
N GLY HA 716 -21.68 -50.76 -94.86
CA GLY HA 716 -22.20 -51.25 -93.59
C GLY HA 716 -21.22 -51.10 -92.46
N THR HA 717 -21.61 -51.45 -91.25
CA THR HA 717 -20.74 -51.38 -90.07
C THR HA 717 -20.08 -52.68 -89.59
N ARG HA 718 -20.41 -53.88 -90.11
CA ARG HA 718 -19.89 -55.13 -89.46
C ARG HA 718 -18.69 -55.78 -90.19
N TYR HA 719 -17.48 -55.57 -89.68
CA TYR HA 719 -16.23 -56.14 -90.25
C TYR HA 719 -15.51 -56.94 -89.17
N LEU HA 720 -15.66 -56.51 -87.92
CA LEU HA 720 -15.09 -57.21 -86.74
C LEU HA 720 -15.92 -58.46 -86.38
N THR HA 721 -15.29 -59.39 -85.71
CA THR HA 721 -15.92 -60.68 -85.36
C THR HA 721 -15.86 -60.92 -83.87
N ARG HA 722 -16.88 -61.53 -83.32
CA ARG HA 722 -16.87 -61.90 -81.88
C ARG HA 722 -17.40 -63.32 -81.68
N PRO HA 723 -16.92 -64.09 -80.68
CA PRO HA 723 -17.52 -65.38 -80.32
C PRO HA 723 -18.90 -65.25 -79.66
N LEU HA 724 -19.79 -66.23 -79.82
CA LEU HA 724 -21.16 -66.16 -79.27
C LEU HA 724 -21.15 -66.19 -77.73
N ASP IA 209 -75.50 40.72 -26.06
CA ASP IA 209 -74.70 41.70 -25.28
C ASP IA 209 -75.53 42.94 -24.92
N GLY IA 210 -75.84 43.84 -25.86
CA GLY IA 210 -76.47 45.11 -25.45
C GLY IA 210 -77.35 45.82 -26.45
N VAL IA 211 -78.10 46.82 -25.96
CA VAL IA 211 -78.97 47.69 -26.80
C VAL IA 211 -78.15 48.49 -27.84
N GLY IA 212 -76.96 48.99 -27.48
CA GLY IA 212 -76.13 49.83 -28.36
C GLY IA 212 -75.12 49.10 -29.18
N ASN IA 213 -75.08 47.77 -29.11
CA ASN IA 213 -74.01 47.01 -29.80
C ASN IA 213 -74.60 46.15 -30.92
N ALA IA 214 -74.00 46.20 -32.11
CA ALA IA 214 -74.45 45.37 -33.26
C ALA IA 214 -74.05 43.89 -33.16
N SER IA 215 -74.98 42.97 -33.34
CA SER IA 215 -74.83 41.48 -33.33
C SER IA 215 -74.01 40.91 -34.52
N GLY IA 216 -74.10 41.48 -35.71
CA GLY IA 216 -73.38 41.02 -36.91
C GLY IA 216 -73.14 42.05 -37.99
N ASP IA 217 -72.43 41.69 -39.05
CA ASP IA 217 -72.08 42.57 -40.20
C ASP IA 217 -72.58 42.07 -41.55
N TRP IA 218 -72.73 42.95 -42.53
CA TRP IA 218 -73.20 42.62 -43.90
C TRP IA 218 -72.13 41.92 -44.74
N HIS IA 219 -72.43 40.73 -45.25
CA HIS IA 219 -71.52 40.03 -46.19
C HIS IA 219 -72.26 39.62 -47.47
N CYS IA 220 -71.94 40.23 -48.62
CA CYS IA 220 -72.51 39.78 -49.91
C CYS IA 220 -71.34 39.60 -50.88
N ASP IA 221 -70.94 38.38 -51.22
CA ASP IA 221 -69.73 38.16 -52.05
C ASP IA 221 -69.62 36.81 -52.76
N SER IA 222 -68.78 36.68 -53.78
CA SER IA 222 -68.44 35.38 -54.41
C SER IA 222 -66.91 35.24 -54.42
N THR IA 223 -66.37 34.10 -54.02
CA THR IA 223 -64.92 33.82 -54.12
C THR IA 223 -64.70 32.57 -54.95
N TRP IA 224 -63.86 32.65 -55.98
CA TRP IA 224 -63.56 31.50 -56.88
C TRP IA 224 -62.15 31.01 -56.59
N MET IA 225 -62.00 29.74 -56.23
CA MET IA 225 -60.68 29.15 -55.87
C MET IA 225 -60.44 27.78 -56.55
N GLY IA 226 -60.08 27.71 -57.83
CA GLY IA 226 -59.95 26.41 -58.52
C GLY IA 226 -61.24 25.64 -58.64
N ASP IA 227 -61.31 24.43 -58.10
CA ASP IA 227 -62.51 23.54 -58.15
C ASP IA 227 -63.67 24.03 -57.24
N ARG IA 228 -63.45 24.98 -56.35
CA ARG IA 228 -64.49 25.44 -55.38
C ARG IA 228 -64.94 26.90 -55.56
N VAL IA 229 -66.22 27.17 -55.45
CA VAL IA 229 -66.75 28.57 -55.43
C VAL IA 229 -67.56 28.73 -54.11
N VAL IA 230 -67.35 29.84 -53.37
CA VAL IA 230 -68.13 30.16 -52.12
C VAL IA 230 -69.04 31.36 -52.39
N THR IA 231 -70.33 31.24 -52.06
CA THR IA 231 -71.31 32.35 -52.22
C THR IA 231 -71.79 32.86 -50.86
N LYS IA 232 -71.80 34.18 -50.65
CA LYS IA 232 -72.34 34.82 -49.42
C LYS IA 232 -73.49 35.76 -49.80
N SER IA 233 -74.62 35.67 -49.10
CA SER IA 233 -75.81 36.52 -49.37
C SER IA 233 -76.39 37.10 -48.08
N THR IA 234 -76.65 38.40 -48.01
CA THR IA 234 -77.27 39.07 -46.85
C THR IA 234 -78.55 39.78 -47.25
N ARG IA 235 -79.63 39.61 -46.49
CA ARG IA 235 -80.93 40.29 -46.74
C ARG IA 235 -81.56 40.87 -45.45
N THR IA 236 -82.48 41.82 -45.60
CA THR IA 236 -83.28 42.39 -44.47
C THR IA 236 -84.69 41.83 -44.56
N TRP IA 237 -85.23 41.31 -43.47
CA TRP IA 237 -86.57 40.67 -43.39
C TRP IA 237 -87.52 41.33 -42.38
N VAL IA 238 -88.83 41.18 -42.59
CA VAL IA 238 -89.88 41.65 -41.65
C VAL IA 238 -90.76 40.44 -41.24
N LEU IA 239 -91.09 40.32 -39.94
CA LEU IA 239 -92.03 39.26 -39.47
C LEU IA 239 -93.34 39.78 -38.88
N PRO IA 240 -94.50 39.44 -39.49
CA PRO IA 240 -95.80 39.73 -38.89
C PRO IA 240 -96.21 38.82 -37.74
N SER IA 241 -97.10 39.27 -36.86
CA SER IA 241 -97.65 38.33 -35.84
C SER IA 241 -98.87 37.61 -36.47
N TYR IA 242 -98.67 36.43 -37.06
CA TYR IA 242 -99.74 35.70 -37.80
C TYR IA 242 -100.76 34.98 -36.93
N ASN IA 243 -102.04 35.11 -37.21
CA ASN IA 243 -103.14 34.34 -36.53
C ASN IA 243 -103.47 34.94 -35.17
N ASN IA 244 -102.87 36.08 -34.80
CA ASN IA 244 -103.03 36.72 -33.46
C ASN IA 244 -102.65 35.73 -32.35
N HIS IA 245 -101.53 35.00 -32.51
CA HIS IA 245 -101.00 34.05 -31.48
C HIS IA 245 -101.81 32.75 -31.33
N GLN IA 246 -102.52 32.33 -32.38
CA GLN IA 246 -103.41 31.15 -32.31
C GLN IA 246 -103.17 30.14 -33.45
N TYR IA 247 -103.54 28.88 -33.26
CA TYR IA 247 -103.46 27.80 -34.28
C TYR IA 247 -104.85 27.62 -34.80
N ARG IA 248 -105.03 27.59 -36.11
CA ARG IA 248 -106.39 27.49 -36.70
C ARG IA 248 -106.56 26.26 -37.62
N GLU IA 249 -107.67 25.53 -37.44
CA GLU IA 249 -107.98 24.42 -38.38
C GLU IA 249 -108.44 25.00 -39.73
N ILE IA 250 -107.87 24.52 -40.82
CA ILE IA 250 -108.15 25.03 -42.19
C ILE IA 250 -108.64 23.87 -43.07
N LYS IA 251 -109.56 24.13 -43.99
CA LYS IA 251 -110.12 23.02 -44.79
C LYS IA 251 -110.72 23.52 -46.10
N SER IA 252 -110.81 22.66 -47.10
CA SER IA 252 -111.52 23.04 -48.35
C SER IA 252 -112.39 21.91 -48.91
N GLY IA 253 -113.53 22.23 -49.51
CA GLY IA 253 -114.34 21.32 -50.33
C GLY IA 253 -113.92 21.44 -51.81
N SER IA 254 -114.66 20.84 -52.74
CA SER IA 254 -114.39 20.93 -54.21
C SER IA 254 -114.50 22.38 -54.74
N VAL IA 255 -113.55 22.82 -55.58
CA VAL IA 255 -113.52 24.22 -56.09
C VAL IA 255 -113.12 24.18 -57.58
N ASP IA 256 -113.66 25.08 -58.41
CA ASP IA 256 -113.36 25.15 -59.88
C ASP IA 256 -113.74 23.83 -60.55
N GLY IA 257 -114.76 23.15 -60.03
CA GLY IA 257 -115.19 21.86 -60.57
C GLY IA 257 -114.38 20.66 -60.12
N SER IA 258 -113.41 20.77 -59.21
CA SER IA 258 -112.58 19.57 -58.91
C SER IA 258 -112.52 19.15 -57.43
N ASN IA 259 -112.76 17.86 -57.13
CA ASN IA 259 -112.59 17.26 -55.76
C ASN IA 259 -111.11 17.08 -55.38
N ALA IA 260 -110.17 17.11 -56.34
CA ALA IA 260 -108.69 17.04 -56.12
C ALA IA 260 -108.26 18.28 -55.33
N ASN IA 261 -109.01 19.37 -55.45
CA ASN IA 261 -108.88 20.64 -54.67
C ASN IA 261 -109.15 20.47 -53.16
N ALA IA 262 -110.04 19.59 -52.70
CA ALA IA 262 -110.39 19.36 -51.26
C ALA IA 262 -109.21 18.94 -50.37
N TYR IA 263 -109.12 19.48 -49.16
CA TYR IA 263 -108.04 19.19 -48.17
C TYR IA 263 -108.49 19.47 -46.73
N PHE IA 264 -107.81 18.90 -45.74
CA PHE IA 264 -108.00 19.18 -44.30
C PHE IA 264 -106.59 19.55 -43.75
N GLY IA 265 -106.46 20.61 -42.96
CA GLY IA 265 -105.15 21.10 -42.48
C GLY IA 265 -105.12 22.04 -41.29
N TYR IA 266 -103.92 22.44 -40.88
CA TYR IA 266 -103.72 23.44 -39.80
C TYR IA 266 -102.90 24.68 -40.26
N SER IA 267 -103.27 25.88 -39.82
CA SER IA 267 -102.46 27.13 -40.04
C SER IA 267 -101.80 27.48 -38.71
N THR IA 268 -100.59 28.01 -38.73
CA THR IA 268 -99.80 28.24 -37.50
C THR IA 268 -99.37 29.68 -37.29
N PRO IA 269 -99.07 30.09 -36.05
CA PRO IA 269 -98.53 31.41 -35.74
C PRO IA 269 -97.13 31.73 -36.27
N TRP IA 270 -96.29 30.74 -36.55
CA TRP IA 270 -94.90 30.82 -37.03
C TRP IA 270 -94.66 31.19 -38.51
N GLY IA 271 -93.46 31.68 -38.80
CA GLY IA 271 -92.98 31.99 -40.15
C GLY IA 271 -91.68 31.25 -40.39
N TYR IA 272 -91.30 31.08 -41.64
CA TYR IA 272 -90.08 30.29 -41.98
C TYR IA 272 -89.19 31.00 -43.01
N PHE IA 273 -87.92 30.63 -43.06
CA PHE IA 273 -86.93 31.15 -44.06
C PHE IA 273 -86.71 30.12 -45.18
N ASP IA 274 -86.86 30.49 -46.45
CA ASP IA 274 -86.66 29.63 -47.65
C ASP IA 274 -85.52 30.18 -48.53
N PHE IA 275 -84.52 29.36 -48.82
CA PHE IA 275 -83.41 29.74 -49.73
C PHE IA 275 -83.33 28.84 -50.99
N ASN IA 276 -84.35 28.03 -51.35
CA ASN IA 276 -84.22 27.07 -52.48
C ASN IA 276 -84.51 27.75 -53.85
N ARG IA 277 -83.77 28.79 -54.21
CA ARG IA 277 -83.80 29.43 -55.55
C ARG IA 277 -82.34 29.81 -55.84
N PHE IA 278 -81.85 29.64 -57.07
CA PHE IA 278 -80.45 29.99 -57.49
C PHE IA 278 -80.14 31.51 -57.39
N HIS IA 279 -81.07 32.39 -57.76
CA HIS IA 279 -80.94 33.89 -57.77
C HIS IA 279 -80.71 34.39 -56.33
N SER IA 280 -81.12 33.65 -55.31
CA SER IA 280 -80.86 33.93 -53.87
C SER IA 280 -79.34 33.91 -53.58
N HIS IA 281 -78.58 33.02 -54.19
CA HIS IA 281 -77.10 32.89 -54.01
C HIS IA 281 -76.25 33.41 -55.18
N TRP IA 282 -76.80 33.62 -56.37
CA TRP IA 282 -75.97 33.90 -57.57
C TRP IA 282 -76.29 35.20 -58.27
N SER IA 283 -75.28 36.02 -58.52
CA SER IA 283 -75.43 37.23 -59.37
C SER IA 283 -75.60 36.79 -60.83
N PRO IA 284 -76.23 37.60 -61.69
CA PRO IA 284 -76.33 37.25 -63.11
C PRO IA 284 -74.96 37.14 -63.80
N ARG IA 285 -73.99 37.99 -63.52
CA ARG IA 285 -72.61 37.85 -64.05
C ARG IA 285 -71.90 36.57 -63.57
N ASP IA 286 -72.02 36.20 -62.31
CA ASP IA 286 -71.43 34.95 -61.72
C ASP IA 286 -72.02 33.70 -62.35
N TRP IA 287 -73.33 33.70 -62.61
CA TRP IA 287 -74.01 32.59 -63.29
C TRP IA 287 -73.51 32.40 -64.73
N GLN IA 288 -73.25 33.48 -65.47
CA GLN IA 288 -72.66 33.46 -66.82
C GLN IA 288 -71.25 32.87 -66.81
N ARG IA 289 -70.45 33.20 -65.82
CA ARG IA 289 -69.09 32.64 -65.68
C ARG IA 289 -69.13 31.11 -65.49
N LEU IA 290 -70.03 30.58 -64.67
CA LEU IA 290 -70.20 29.12 -64.53
C LEU IA 290 -70.73 28.34 -65.76
N ILE IA 291 -71.76 28.83 -66.44
CA ILE IA 291 -72.41 28.17 -67.61
C ILE IA 291 -71.45 28.09 -68.81
N ASN IA 292 -70.67 29.14 -69.04
CA ASN IA 292 -69.65 29.24 -70.10
C ASN IA 292 -68.45 28.30 -69.93
N ASN IA 293 -67.95 28.04 -68.71
CA ASN IA 293 -66.66 27.33 -68.49
C ASN IA 293 -66.62 25.97 -67.78
N TYR IA 294 -67.73 25.40 -67.35
CA TYR IA 294 -67.69 24.15 -66.54
C TYR IA 294 -68.63 23.06 -67.01
N TRP IA 295 -68.20 21.80 -67.00
CA TRP IA 295 -69.07 20.61 -67.27
C TRP IA 295 -70.18 20.35 -66.21
N GLY IA 296 -69.87 20.54 -64.93
CA GLY IA 296 -70.82 20.24 -63.86
C GLY IA 296 -70.61 20.99 -62.57
N PHE IA 297 -71.65 21.00 -61.72
CA PHE IA 297 -71.54 21.63 -60.36
C PHE IA 297 -72.37 20.82 -59.33
N ARG IA 298 -72.02 20.85 -58.04
CA ARG IA 298 -72.83 20.23 -56.93
C ARG IA 298 -72.72 21.04 -55.60
N PRO IA 299 -73.76 21.09 -54.73
CA PRO IA 299 -73.64 21.68 -53.37
C PRO IA 299 -72.86 20.88 -52.31
N ARG IA 300 -72.11 21.52 -51.42
CA ARG IA 300 -71.28 20.84 -50.40
C ARG IA 300 -71.64 21.25 -48.97
N SER IA 301 -71.68 22.55 -48.67
CA SER IA 301 -71.90 23.03 -47.29
C SER IA 301 -72.83 24.24 -47.19
N LEU IA 302 -73.55 24.37 -46.07
CA LEU IA 302 -74.41 25.55 -45.81
C LEU IA 302 -74.18 26.15 -44.40
N ARG IA 303 -74.08 27.47 -44.26
CA ARG IA 303 -74.01 28.18 -42.94
C ARG IA 303 -75.08 29.29 -42.89
N VAL IA 304 -75.86 29.36 -41.81
CA VAL IA 304 -76.92 30.43 -41.62
C VAL IA 304 -76.74 31.25 -40.31
N LYS IA 305 -76.83 32.57 -40.39
CA LYS IA 305 -76.81 33.48 -39.20
C LYS IA 305 -78.03 34.44 -39.19
N ILE IA 306 -78.71 34.58 -38.05
CA ILE IA 306 -79.84 35.56 -37.85
C ILE IA 306 -79.39 36.57 -36.77
N PHE IA 307 -79.48 37.89 -37.03
CA PHE IA 307 -78.87 38.95 -36.18
C PHE IA 307 -79.53 40.34 -36.31
N ASN IA 308 -79.16 41.31 -35.45
CA ASN IA 308 -79.65 42.73 -35.43
C ASN IA 308 -81.17 42.82 -35.25
N ILE IA 309 -81.70 42.00 -34.35
CA ILE IA 309 -83.15 41.90 -34.09
C ILE IA 309 -83.75 43.20 -33.49
N GLN IA 310 -84.92 43.60 -33.98
CA GLN IA 310 -85.63 44.80 -33.49
C GLN IA 310 -87.13 44.50 -33.36
N VAL IA 311 -87.67 44.63 -32.16
CA VAL IA 311 -89.11 44.34 -31.89
C VAL IA 311 -89.83 45.69 -31.71
N LYS IA 312 -90.94 45.88 -32.40
CA LYS IA 312 -91.72 47.14 -32.40
C LYS IA 312 -93.16 46.93 -31.93
N GLU IA 313 -93.69 47.88 -31.16
CA GLU IA 313 -95.11 47.81 -30.70
C GLU IA 313 -95.92 48.87 -31.44
N VAL IA 314 -97.09 48.48 -31.93
CA VAL IA 314 -97.94 49.41 -32.71
C VAL IA 314 -99.19 49.71 -31.86
N THR IA 315 -99.51 50.98 -31.69
CA THR IA 315 -100.66 51.40 -30.88
C THR IA 315 -101.54 52.34 -31.65
N VAL IA 316 -102.86 52.17 -31.55
CA VAL IA 316 -103.76 53.15 -32.22
C VAL IA 316 -104.64 53.88 -31.20
N GLN IA 317 -104.61 55.22 -31.16
CA GLN IA 317 -105.59 55.97 -30.33
C GLN IA 317 -106.29 56.95 -31.28
N ASP IA 318 -107.60 56.81 -31.45
CA ASP IA 318 -108.36 57.78 -32.29
C ASP IA 318 -107.73 57.90 -33.69
N SER IA 319 -107.24 56.80 -34.28
CA SER IA 319 -106.70 56.79 -35.67
C SER IA 319 -105.26 57.33 -35.85
N THR IA 320 -104.54 57.67 -34.77
CA THR IA 320 -103.11 58.10 -34.86
C THR IA 320 -102.13 57.04 -35.37
N THR IA 321 -102.23 55.76 -34.98
CA THR IA 321 -101.25 54.69 -35.34
C THR IA 321 -99.75 54.94 -35.01
N THR IA 322 -99.38 55.33 -33.79
CA THR IA 322 -97.95 55.44 -33.38
C THR IA 322 -97.19 54.10 -33.33
N ILE IA 323 -95.91 54.07 -33.71
CA ILE IA 323 -95.03 52.87 -33.67
C ILE IA 323 -93.82 53.12 -32.75
N ALA IA 324 -93.48 52.20 -31.85
CA ALA IA 324 -92.36 52.38 -30.88
C ALA IA 324 -91.55 51.11 -30.66
N ASN IA 325 -90.29 51.24 -30.27
CA ASN IA 325 -89.43 50.09 -29.89
C ASN IA 325 -89.81 49.46 -28.56
N ASN IA 326 -89.82 48.13 -28.46
CA ASN IA 326 -89.95 47.44 -27.14
C ASN IA 326 -88.64 46.70 -26.91
N LEU IA 327 -87.79 47.16 -25.99
CA LEU IA 327 -86.47 46.56 -25.64
C LEU IA 327 -86.53 45.17 -25.00
N THR IA 328 -87.51 44.93 -24.14
CA THR IA 328 -87.61 43.68 -23.35
C THR IA 328 -88.35 42.54 -24.08
N SER IA 329 -88.94 42.77 -25.25
CA SER IA 329 -89.65 41.72 -26.06
C SER IA 329 -88.70 40.68 -26.72
N THR IA 330 -89.18 39.47 -26.96
CA THR IA 330 -88.35 38.34 -27.50
C THR IA 330 -88.85 37.76 -28.81
N VAL IA 331 -87.95 37.13 -29.55
CA VAL IA 331 -88.26 36.37 -30.79
C VAL IA 331 -87.83 34.92 -30.48
N GLN IA 332 -88.53 33.91 -31.00
CA GLN IA 332 -88.22 32.46 -30.80
C GLN IA 332 -87.81 31.74 -32.12
N VAL IA 333 -86.68 31.05 -32.11
CA VAL IA 333 -86.10 30.40 -33.33
C VAL IA 333 -85.72 28.93 -33.09
N PHE IA 334 -86.02 28.03 -34.05
CA PHE IA 334 -85.60 26.59 -34.00
C PHE IA 334 -85.37 25.97 -35.40
N THR IA 335 -84.60 24.89 -35.46
CA THR IA 335 -84.39 24.09 -36.71
C THR IA 335 -84.94 22.69 -36.51
N ASP IA 336 -85.68 22.15 -37.49
CA ASP IA 336 -86.25 20.76 -37.44
C ASP IA 336 -85.24 19.73 -37.96
N ASP IA 337 -84.24 19.39 -37.16
CA ASP IA 337 -83.11 18.46 -37.53
C ASP IA 337 -83.49 17.00 -37.85
N ASP IA 338 -84.45 16.39 -37.14
CA ASP IA 338 -84.85 14.96 -37.30
C ASP IA 338 -86.01 14.78 -38.29
N TYR IA 339 -86.50 15.82 -38.94
CA TYR IA 339 -87.56 15.76 -40.00
C TYR IA 339 -88.90 15.26 -39.47
N GLN IA 340 -89.19 15.55 -38.21
CA GLN IA 340 -90.48 15.23 -37.56
C GLN IA 340 -91.65 16.02 -38.18
N LEU IA 341 -91.46 17.28 -38.52
CA LEU IA 341 -92.48 18.12 -39.17
C LEU IA 341 -92.70 17.84 -40.65
N PRO IA 342 -93.90 18.13 -41.18
CA PRO IA 342 -94.07 18.09 -42.63
C PRO IA 342 -93.16 19.12 -43.34
N TYR IA 343 -92.47 18.75 -44.43
CA TYR IA 343 -91.50 19.63 -45.12
C TYR IA 343 -92.14 20.27 -46.35
N VAL IA 344 -92.34 21.58 -46.30
CA VAL IA 344 -93.07 22.30 -47.37
C VAL IA 344 -92.10 23.09 -48.27
N VAL IA 345 -90.80 23.07 -47.99
CA VAL IA 345 -89.77 23.89 -48.70
C VAL IA 345 -89.57 23.56 -50.22
N GLY IA 346 -89.65 22.32 -50.68
CA GLY IA 346 -89.27 21.92 -52.06
C GLY IA 346 -90.39 21.85 -53.11
N ASN IA 347 -91.49 22.57 -52.94
CA ASN IA 347 -92.73 22.48 -53.77
C ASN IA 347 -92.97 23.68 -54.71
N GLY IA 348 -91.97 24.49 -55.10
CA GLY IA 348 -92.07 25.67 -56.00
C GLY IA 348 -92.94 26.81 -55.53
N THR IA 349 -92.91 27.11 -54.24
CA THR IA 349 -93.72 28.17 -53.64
C THR IA 349 -92.95 29.46 -53.42
N GLU IA 350 -93.65 30.58 -53.39
CA GLU IA 350 -93.10 31.94 -53.16
C GLU IA 350 -92.69 32.24 -51.70
N GLY IA 351 -91.93 33.30 -51.44
CA GLY IA 351 -91.37 33.62 -50.10
C GLY IA 351 -89.90 33.37 -49.87
N CYS IA 352 -89.12 32.98 -50.88
CA CYS IA 352 -87.64 32.82 -50.80
C CYS IA 352 -86.93 34.19 -50.74
N LEU IA 353 -85.66 34.20 -50.33
CA LEU IA 353 -84.86 35.46 -50.31
C LEU IA 353 -84.80 36.06 -51.72
N PRO IA 354 -84.90 37.40 -51.83
CA PRO IA 354 -84.91 38.05 -53.14
C PRO IA 354 -83.66 38.00 -54.04
N ALA IA 355 -83.83 38.04 -55.36
CA ALA IA 355 -82.73 38.06 -56.35
C ALA IA 355 -81.84 39.31 -56.18
N PHE IA 356 -82.42 40.49 -55.88
CA PHE IA 356 -81.66 41.76 -55.78
C PHE IA 356 -81.38 42.04 -54.31
N PRO IA 357 -80.08 42.20 -53.90
CA PRO IA 357 -79.69 42.41 -52.49
C PRO IA 357 -80.35 43.53 -51.66
N PRO IA 358 -80.60 44.76 -52.19
CA PRO IA 358 -81.31 45.84 -51.51
C PRO IA 358 -82.81 45.60 -51.16
N GLN IA 359 -83.50 44.71 -51.86
CA GLN IA 359 -84.95 44.44 -51.64
C GLN IA 359 -85.24 43.86 -50.24
N VAL IA 360 -86.33 44.33 -49.63
CA VAL IA 360 -86.70 43.93 -48.24
C VAL IA 360 -87.93 43.01 -48.34
N PHE IA 361 -87.94 41.90 -47.62
CA PHE IA 361 -89.01 40.89 -47.80
C PHE IA 361 -89.79 40.43 -46.54
N THR IA 362 -91.06 40.12 -46.74
CA THR IA 362 -91.92 39.49 -45.70
C THR IA 362 -91.75 37.98 -45.67
N LEU IA 363 -91.56 37.37 -44.50
CA LEU IA 363 -91.50 35.89 -44.34
C LEU IA 363 -92.87 35.22 -44.54
N PRO IA 364 -92.90 34.07 -45.24
CA PRO IA 364 -94.12 33.29 -45.37
C PRO IA 364 -94.66 32.62 -44.07
N GLN IA 365 -95.98 32.52 -43.92
CA GLN IA 365 -96.59 31.77 -42.77
C GLN IA 365 -96.58 30.24 -43.00
N TYR IA 366 -96.16 29.45 -42.01
CA TYR IA 366 -96.20 27.97 -42.02
C TYR IA 366 -97.60 27.36 -41.90
N GLY IA 367 -97.87 26.30 -42.66
CA GLY IA 367 -99.13 25.58 -42.69
C GLY IA 367 -98.89 24.25 -43.34
N TYR IA 368 -99.83 23.31 -43.23
CA TYR IA 368 -99.71 21.95 -43.84
C TYR IA 368 -101.05 21.34 -44.11
N ALA IA 369 -101.09 20.35 -45.00
CA ALA IA 369 -102.29 19.53 -45.22
C ALA IA 369 -102.03 18.12 -44.70
N THR IA 370 -102.95 17.55 -43.92
CA THR IA 370 -102.93 16.13 -43.47
C THR IA 370 -103.92 15.35 -44.33
N LEU IA 371 -104.41 14.23 -43.83
CA LEU IA 371 -105.43 13.39 -44.52
C LEU IA 371 -106.85 13.99 -44.54
N ASN IA 372 -107.59 13.72 -45.60
CA ASN IA 372 -108.99 14.21 -45.76
C ASN IA 372 -109.83 12.96 -46.11
N ARG IA 373 -111.11 12.95 -45.76
CA ARG IA 373 -111.93 11.74 -45.95
C ARG IA 373 -112.84 11.78 -47.19
N ASP IA 374 -112.71 10.80 -48.08
CA ASP IA 374 -113.56 10.63 -49.30
C ASP IA 374 -113.59 11.83 -50.25
N ASN IA 375 -112.46 12.51 -50.49
CA ASN IA 375 -112.38 13.71 -51.36
C ASN IA 375 -113.34 14.81 -50.86
N THR IA 376 -113.40 15.03 -49.54
CA THR IA 376 -114.26 16.04 -48.86
C THR IA 376 -113.41 16.84 -47.85
N GLU IA 377 -113.91 17.92 -47.25
CA GLU IA 377 -113.19 18.79 -46.25
C GLU IA 377 -112.99 18.14 -44.86
N ASN IA 378 -113.70 17.06 -44.55
CA ASN IA 378 -113.61 16.31 -43.26
C ASN IA 378 -112.33 15.50 -43.04
N PRO IA 379 -111.84 15.42 -41.79
CA PRO IA 379 -110.73 14.56 -41.39
C PRO IA 379 -110.97 13.03 -41.18
N THR IA 380 -109.90 12.27 -40.97
CA THR IA 380 -109.89 10.81 -40.73
C THR IA 380 -109.25 10.56 -39.38
N GLU IA 381 -109.39 9.36 -38.81
CA GLU IA 381 -108.73 8.93 -37.54
C GLU IA 381 -107.20 8.96 -37.69
N ARG IA 382 -106.64 8.62 -38.83
CA ARG IA 382 -105.19 8.70 -39.16
C ARG IA 382 -104.68 10.16 -39.24
N SER IA 383 -105.56 11.15 -39.46
CA SER IA 383 -105.18 12.59 -39.61
C SER IA 383 -104.46 13.11 -38.35
N SER IA 384 -103.39 13.88 -38.52
CA SER IA 384 -102.45 14.29 -37.45
C SER IA 384 -102.35 15.81 -37.17
N PHE IA 385 -102.21 16.16 -35.91
CA PHE IA 385 -101.98 17.57 -35.48
C PHE IA 385 -100.55 17.68 -34.93
N PHE IA 386 -99.84 18.70 -35.36
CA PHE IA 386 -98.47 18.96 -34.85
C PHE IA 386 -98.38 20.32 -34.17
N CYS IA 387 -97.86 20.38 -32.95
CA CYS IA 387 -97.58 21.64 -32.20
C CYS IA 387 -96.09 22.03 -32.29
N LEU IA 388 -95.75 23.23 -32.77
CA LEU IA 388 -94.36 23.78 -32.86
C LEU IA 388 -93.78 24.09 -31.47
N GLU IA 389 -94.61 24.54 -30.53
CA GLU IA 389 -94.20 24.90 -29.15
C GLU IA 389 -93.77 23.66 -28.36
N TYR IA 390 -94.15 22.46 -28.79
CA TYR IA 390 -93.69 21.17 -28.20
C TYR IA 390 -92.17 21.00 -28.39
N PHE IA 391 -91.59 21.41 -29.51
CA PHE IA 391 -90.11 21.40 -29.73
C PHE IA 391 -89.39 22.45 -28.88
N PRO IA 392 -88.13 22.22 -28.45
CA PRO IA 392 -87.33 23.31 -27.86
C PRO IA 392 -86.85 24.47 -28.80
N SER IA 393 -86.87 25.74 -28.38
CA SER IA 393 -86.45 26.90 -29.20
C SER IA 393 -85.56 27.92 -28.46
N LYS IA 394 -84.63 28.57 -29.16
CA LYS IA 394 -83.83 29.69 -28.59
C LYS IA 394 -84.69 30.96 -28.44
N MET IA 395 -84.50 31.72 -27.37
CA MET IA 395 -85.23 33.01 -27.16
C MET IA 395 -84.25 34.19 -27.30
N LEU IA 396 -84.60 35.16 -28.14
CA LEU IA 396 -83.68 36.30 -28.41
C LEU IA 396 -84.24 37.68 -28.14
N ARG IA 397 -83.52 38.48 -27.38
CA ARG IA 397 -83.77 39.94 -27.22
C ARG IA 397 -82.93 40.70 -28.30
N THR IA 398 -82.99 42.04 -28.34
CA THR IA 398 -82.26 42.94 -29.32
C THR IA 398 -80.75 42.71 -29.37
N GLY IA 399 -80.06 42.45 -28.26
CA GLY IA 399 -78.64 42.04 -28.17
C GLY IA 399 -78.27 40.72 -28.77
N ASN IA 400 -79.13 39.70 -28.71
CA ASN IA 400 -78.90 38.28 -29.11
C ASN IA 400 -78.84 37.90 -30.60
N ASN IA 401 -78.18 36.80 -30.94
CA ASN IA 401 -78.00 36.29 -32.33
C ASN IA 401 -78.17 34.76 -32.38
N PHE IA 402 -78.48 34.17 -33.55
CA PHE IA 402 -78.59 32.71 -33.77
C PHE IA 402 -77.71 32.23 -34.94
N GLU IA 403 -77.04 31.07 -34.80
CA GLU IA 403 -76.24 30.48 -35.91
C GLU IA 403 -76.52 28.98 -36.14
N PHE IA 404 -76.49 28.49 -37.39
CA PHE IA 404 -76.61 27.03 -37.74
C PHE IA 404 -75.59 26.61 -38.85
N THR IA 405 -75.14 25.35 -38.86
CA THR IA 405 -74.23 24.78 -39.91
C THR IA 405 -74.80 23.46 -40.45
N TYR IA 406 -74.69 23.20 -41.76
CA TYR IA 406 -75.15 21.93 -42.39
C TYR IA 406 -74.16 21.37 -43.43
N ASN IA 407 -74.07 20.05 -43.59
CA ASN IA 407 -73.26 19.39 -44.66
C ASN IA 407 -74.18 18.60 -45.58
N PHE IA 408 -74.02 18.76 -46.87
CA PHE IA 408 -74.85 18.02 -47.86
C PHE IA 408 -74.33 16.59 -47.99
N GLU IA 409 -75.20 15.63 -48.26
CA GLU IA 409 -74.81 14.21 -48.54
C GLU IA 409 -74.16 14.12 -49.94
N GLU IA 410 -73.38 13.07 -50.20
CA GLU IA 410 -72.83 12.89 -51.57
C GLU IA 410 -73.98 12.77 -52.59
N VAL IA 411 -73.87 13.50 -53.68
CA VAL IA 411 -74.93 13.55 -54.72
C VAL IA 411 -74.19 13.62 -56.07
N PRO IA 412 -74.78 13.13 -57.18
CA PRO IA 412 -74.15 13.32 -58.48
C PRO IA 412 -74.11 14.79 -58.99
N PHE IA 413 -73.07 15.18 -59.72
CA PHE IA 413 -72.97 16.55 -60.32
C PHE IA 413 -74.06 16.77 -61.37
N HIS IA 414 -74.66 17.95 -61.44
CA HIS IA 414 -75.58 18.31 -62.56
C HIS IA 414 -74.77 18.36 -63.86
N SER IA 415 -75.36 17.97 -64.99
CA SER IA 415 -74.66 18.01 -66.30
C SER IA 415 -74.91 19.31 -67.06
N SER IA 416 -73.95 20.24 -67.04
CA SER IA 416 -74.01 21.52 -67.79
C SER IA 416 -73.36 21.38 -69.18
N PHE IA 417 -73.93 20.57 -70.05
CA PHE IA 417 -73.39 20.36 -71.41
C PHE IA 417 -74.51 19.86 -72.31
N ALA IA 418 -74.32 20.05 -73.61
CA ALA IA 418 -75.25 19.54 -74.63
C ALA IA 418 -74.51 18.48 -75.44
N PRO IA 419 -75.16 17.34 -75.78
CA PRO IA 419 -74.55 16.37 -76.68
C PRO IA 419 -74.25 16.81 -78.12
N SER IA 420 -73.07 16.45 -78.62
CA SER IA 420 -72.65 16.78 -80.00
C SER IA 420 -72.95 15.64 -81.00
N GLN IA 421 -73.51 14.52 -80.54
CA GLN IA 421 -73.91 13.39 -81.43
C GLN IA 421 -75.31 12.86 -81.16
N ASN IA 422 -76.01 12.41 -82.19
CA ASN IA 422 -77.30 11.68 -82.10
C ASN IA 422 -77.07 10.25 -81.56
N LEU IA 423 -77.97 9.73 -80.71
CA LEU IA 423 -77.91 8.38 -80.09
C LEU IA 423 -77.93 7.27 -81.15
N PHE IA 424 -78.71 7.44 -82.23
CA PHE IA 424 -78.83 6.48 -83.34
C PHE IA 424 -77.77 6.62 -84.48
N LYS IA 425 -76.83 7.58 -84.48
CA LYS IA 425 -75.83 7.84 -85.56
C LYS IA 425 -74.37 7.55 -85.11
N LEU IA 426 -74.11 6.58 -84.23
CA LEU IA 426 -72.75 6.31 -83.62
C LEU IA 426 -71.82 5.36 -84.41
N ALA IA 427 -72.32 4.65 -85.40
CA ALA IA 427 -71.47 3.82 -86.28
C ALA IA 427 -70.60 4.73 -87.15
N ASN IA 428 -69.40 4.28 -87.52
CA ASN IA 428 -68.53 5.04 -88.45
C ASN IA 428 -69.29 5.20 -89.78
N PRO IA 429 -69.33 6.42 -90.34
CA PRO IA 429 -69.97 6.67 -91.62
C PRO IA 429 -69.32 5.93 -92.85
N LEU IA 430 -68.00 5.79 -92.92
CA LEU IA 430 -67.19 5.06 -93.93
C LEU IA 430 -67.33 3.54 -93.99
N VAL IA 431 -67.53 2.85 -92.87
CA VAL IA 431 -67.50 1.36 -92.82
C VAL IA 431 -68.86 0.64 -92.67
N ASP IA 432 -69.11 -0.40 -93.48
CA ASP IA 432 -70.32 -1.29 -93.37
C ASP IA 432 -70.31 -2.24 -92.18
N GLN IA 433 -71.47 -2.58 -91.65
CA GLN IA 433 -71.62 -3.59 -90.57
C GLN IA 433 -71.46 -5.05 -91.05
N TYR IA 434 -70.98 -5.97 -90.22
CA TYR IA 434 -70.97 -7.43 -90.56
C TYR IA 434 -72.34 -8.09 -90.21
N LEU IA 435 -73.43 -7.35 -90.25
CA LEU IA 435 -74.76 -7.82 -89.79
C LEU IA 435 -75.80 -7.66 -90.89
N TYR IA 436 -76.82 -8.51 -90.89
CA TYR IA 436 -77.80 -8.54 -91.99
C TYR IA 436 -79.23 -8.42 -91.48
N ARG IA 437 -80.13 -7.93 -92.32
CA ARG IA 437 -81.54 -7.70 -91.94
C ARG IA 437 -82.50 -8.36 -92.94
N PHE IA 438 -83.71 -8.72 -92.48
CA PHE IA 438 -84.73 -9.27 -93.39
C PHE IA 438 -85.41 -8.13 -94.10
N VAL IA 439 -85.48 -8.25 -95.42
CA VAL IA 439 -86.14 -7.20 -96.23
C VAL IA 439 -87.31 -7.71 -97.07
N SER IA 440 -87.44 -9.02 -97.28
CA SER IA 440 -88.40 -9.49 -98.30
C SER IA 440 -88.85 -10.95 -98.27
N THR IA 441 -89.92 -11.23 -98.96
CA THR IA 441 -90.38 -12.62 -99.18
C THR IA 441 -90.56 -12.73 -100.70
N ASN IA 442 -90.25 -13.87 -101.32
CA ASN IA 442 -90.44 -14.10 -102.80
C ASN IA 442 -91.88 -14.56 -103.16
N ASN IA 443 -92.15 -14.91 -104.43
CA ASN IA 443 -93.52 -15.30 -104.90
C ASN IA 443 -93.98 -16.53 -104.12
N THR IA 444 -93.13 -17.50 -103.82
CA THR IA 444 -93.43 -18.55 -102.84
C THR IA 444 -92.94 -17.84 -101.61
N GLY IA 445 -93.59 -17.87 -100.47
CA GLY IA 445 -93.16 -16.92 -99.42
C GLY IA 445 -91.85 -17.25 -98.71
N GLY IA 446 -90.72 -17.19 -99.42
CA GLY IA 446 -89.39 -17.54 -98.88
C GLY IA 446 -88.62 -16.32 -98.47
N VAL IA 447 -88.04 -16.32 -97.27
CA VAL IA 447 -87.34 -15.13 -96.69
C VAL IA 447 -86.06 -14.70 -97.43
N GLN IA 448 -85.82 -13.39 -97.50
CA GLN IA 448 -84.67 -12.81 -98.22
C GLN IA 448 -83.95 -11.79 -97.33
N PHE IA 449 -82.63 -11.63 -97.50
CA PHE IA 449 -81.81 -10.78 -96.61
C PHE IA 449 -80.86 -9.85 -97.36
N ASN IA 450 -80.52 -8.72 -96.75
CA ASN IA 450 -79.54 -7.74 -97.33
C ASN IA 450 -78.58 -7.30 -96.24
N LYS IA 451 -77.34 -7.02 -96.59
CA LYS IA 451 -76.30 -6.47 -95.66
C LYS IA 451 -76.54 -5.00 -95.30
N ASN IA 452 -76.08 -4.59 -94.13
CA ASN IA 452 -76.25 -3.18 -93.67
C ASN IA 452 -75.07 -2.32 -94.16
N LEU IA 453 -75.34 -1.33 -95.00
CA LEU IA 453 -74.33 -0.42 -95.61
C LEU IA 453 -73.87 0.76 -94.74
N ALA IA 454 -72.71 1.33 -95.06
CA ALA IA 454 -72.15 2.49 -94.31
C ALA IA 454 -73.03 3.75 -94.41
N GLY IA 455 -73.30 4.39 -93.26
CA GLY IA 455 -74.10 5.63 -93.15
C GLY IA 455 -75.61 5.45 -93.21
N ARG IA 456 -76.11 4.22 -93.33
CA ARG IA 456 -77.57 3.94 -93.43
C ARG IA 456 -78.15 3.77 -91.99
N TYR IA 457 -78.31 4.87 -91.25
CA TYR IA 457 -78.73 4.93 -89.80
C TYR IA 457 -80.16 4.41 -89.62
N ALA IA 458 -80.99 4.55 -90.64
CA ALA IA 458 -82.35 4.00 -90.63
C ALA IA 458 -82.33 2.48 -90.43
N ASN IA 459 -81.36 1.74 -91.00
CA ASN IA 459 -81.31 0.24 -90.99
C ASN IA 459 -80.16 -0.41 -90.22
N THR IA 460 -79.65 0.12 -89.14
CA THR IA 460 -78.39 -0.31 -88.48
C THR IA 460 -78.75 -0.95 -87.16
N TYR IA 461 -78.02 -1.97 -86.72
CA TYR IA 461 -78.21 -2.60 -85.39
C TYR IA 461 -77.81 -1.59 -84.33
N LYS IA 462 -78.56 -1.53 -83.24
CA LYS IA 462 -78.33 -0.50 -82.18
C LYS IA 462 -78.12 -1.11 -80.80
N ASN IA 463 -77.08 -0.72 -80.08
CA ASN IA 463 -76.86 -1.08 -78.63
C ASN IA 463 -77.80 -0.43 -77.61
N TRP IA 464 -78.18 0.83 -77.79
CA TRP IA 464 -78.83 1.63 -76.73
C TRP IA 464 -80.11 2.28 -77.17
N PHE IA 465 -80.98 2.56 -76.23
CA PHE IA 465 -82.34 3.06 -76.55
C PHE IA 465 -82.61 4.35 -75.82
N PRO IA 466 -83.49 5.19 -76.38
CA PRO IA 466 -83.93 6.42 -75.74
C PRO IA 466 -84.81 6.27 -74.49
N GLY IA 467 -84.87 7.29 -73.65
CA GLY IA 467 -85.62 7.30 -72.38
C GLY IA 467 -87.14 7.35 -72.47
N PRO IA 468 -87.85 7.11 -71.35
CA PRO IA 468 -89.31 7.01 -71.34
C PRO IA 468 -90.16 8.23 -71.74
N MET IA 469 -91.29 7.98 -72.42
CA MET IA 469 -92.11 9.09 -72.95
C MET IA 469 -93.62 8.94 -72.70
N GLY IA 470 -94.38 10.03 -72.51
CA GLY IA 470 -95.86 10.02 -72.52
C GLY IA 470 -96.36 11.15 -73.41
N ARG IA 471 -97.25 10.94 -74.36
CA ARG IA 471 -97.64 12.05 -75.30
C ARG IA 471 -98.38 13.25 -74.63
N THR IA 472 -97.98 14.49 -74.93
CA THR IA 472 -98.56 15.74 -74.40
C THR IA 472 -98.85 16.69 -75.54
N GLN IA 473 -99.94 17.44 -75.50
CA GLN IA 473 -100.38 18.30 -76.64
C GLN IA 473 -99.37 19.43 -76.96
N GLY IA 474 -99.19 19.72 -78.25
CA GLY IA 474 -98.28 20.78 -78.72
C GLY IA 474 -99.02 22.02 -79.18
N TRP IA 475 -98.58 23.18 -78.73
CA TRP IA 475 -99.20 24.48 -79.09
C TRP IA 475 -98.17 25.42 -79.75
N ASN IA 476 -98.55 26.05 -80.85
CA ASN IA 476 -97.67 27.01 -81.57
C ASN IA 476 -97.57 28.36 -80.83
N LEU IA 477 -96.43 29.02 -80.91
CA LEU IA 477 -96.15 30.31 -80.24
C LEU IA 477 -95.73 31.29 -81.33
N GLY IA 478 -95.77 32.60 -81.11
CA GLY IA 478 -95.45 33.58 -82.17
C GLY IA 478 -96.43 33.54 -83.32
N SER IA 479 -95.94 33.27 -84.53
CA SER IA 479 -96.82 33.20 -85.73
C SER IA 479 -97.85 32.08 -85.53
N GLY IA 480 -97.47 30.92 -84.97
CA GLY IA 480 -98.51 29.96 -84.51
C GLY IA 480 -99.47 29.44 -85.54
N VAL IA 481 -100.78 29.61 -85.34
CA VAL IA 481 -101.88 29.03 -86.20
C VAL IA 481 -102.66 27.93 -85.42
N ASN IA 482 -102.73 27.96 -84.10
CA ASN IA 482 -103.52 27.03 -83.21
C ASN IA 482 -105.05 27.19 -83.25
N ARG IA 483 -105.81 26.16 -82.81
CA ARG IA 483 -107.31 26.16 -82.73
C ARG IA 483 -107.91 27.20 -81.75
N ALA IA 484 -108.99 27.88 -82.15
CA ALA IA 484 -109.65 28.98 -81.40
C ALA IA 484 -110.62 28.61 -80.28
N SER IA 485 -110.76 29.48 -79.27
CA SER IA 485 -111.79 29.35 -78.18
C SER IA 485 -111.75 28.04 -77.39
N VAL IA 486 -110.57 27.55 -77.04
CA VAL IA 486 -110.44 26.24 -76.34
C VAL IA 486 -110.35 26.39 -74.82
N SER IA 487 -111.06 25.55 -74.06
CA SER IA 487 -110.84 25.47 -72.60
C SER IA 487 -109.91 24.27 -72.40
N ALA IA 488 -108.71 24.48 -71.88
CA ALA IA 488 -107.65 23.45 -71.76
C ALA IA 488 -107.89 22.25 -70.83
N PHE IA 489 -108.55 22.36 -69.67
CA PHE IA 489 -108.54 21.34 -68.58
C PHE IA 489 -109.09 19.93 -68.91
N ALA IA 490 -110.17 19.77 -69.67
CA ALA IA 490 -110.76 18.44 -69.97
C ALA IA 490 -109.77 17.55 -70.74
N THR IA 491 -108.98 18.11 -71.65
CA THR IA 491 -108.05 17.36 -72.51
C THR IA 491 -106.63 17.29 -71.98
N THR IA 492 -106.34 17.80 -70.78
CA THR IA 492 -105.00 17.76 -70.14
C THR IA 492 -104.59 16.38 -69.64
N ASN IA 493 -103.29 16.11 -69.52
CA ASN IA 493 -102.74 14.84 -68.95
C ASN IA 493 -103.05 14.70 -67.46
N ARG IA 494 -103.38 13.50 -67.00
CA ARG IA 494 -103.80 13.32 -65.59
C ARG IA 494 -103.35 11.99 -64.98
N MET IA 495 -103.20 11.92 -63.66
CA MET IA 495 -102.93 10.66 -62.93
C MET IA 495 -104.02 10.55 -61.85
N GLU IA 496 -104.50 9.34 -61.52
CA GLU IA 496 -105.61 9.14 -60.55
C GLU IA 496 -105.07 8.67 -59.19
N LEU IA 497 -105.37 9.37 -58.08
CA LEU IA 497 -104.99 8.93 -56.71
C LEU IA 497 -106.21 8.96 -55.79
N GLU IA 498 -106.51 7.91 -55.03
CA GLU IA 498 -107.58 7.88 -53.97
C GLU IA 498 -108.96 8.29 -54.49
N GLY IA 499 -109.35 7.94 -55.70
CA GLY IA 499 -110.62 8.41 -56.27
C GLY IA 499 -110.66 9.80 -56.89
N ALA IA 500 -109.56 10.52 -57.05
CA ALA IA 500 -109.62 11.84 -57.73
C ALA IA 500 -108.63 11.95 -58.91
N SER IA 501 -108.93 12.78 -59.91
CA SER IA 501 -108.04 13.00 -61.10
C SER IA 501 -107.19 14.26 -60.86
N TYR IA 502 -105.89 14.12 -61.03
CA TYR IA 502 -104.97 15.25 -60.78
C TYR IA 502 -104.14 15.61 -61.99
N GLN IA 503 -104.06 16.89 -62.29
CA GLN IA 503 -103.08 17.33 -63.30
C GLN IA 503 -101.70 17.17 -62.66
N VAL IA 504 -100.71 16.79 -63.43
CA VAL IA 504 -99.31 16.57 -62.96
C VAL IA 504 -98.52 17.48 -63.92
N PRO IA 505 -98.53 18.82 -63.70
CA PRO IA 505 -98.02 19.79 -64.64
C PRO IA 505 -96.58 19.70 -65.05
N PRO IA 506 -95.54 19.38 -64.26
CA PRO IA 506 -94.24 19.12 -64.88
C PRO IA 506 -94.48 17.67 -65.31
N GLN IA 507 -94.18 17.27 -66.53
CA GLN IA 507 -94.34 15.80 -66.79
C GLN IA 507 -93.11 15.05 -66.21
N PRO IA 508 -93.06 13.70 -66.09
CA PRO IA 508 -91.87 12.96 -65.68
C PRO IA 508 -90.62 13.02 -66.64
N ASN IA 509 -89.37 12.90 -66.16
CA ASN IA 509 -88.12 13.06 -66.99
C ASN IA 509 -87.90 12.11 -68.19
N GLY IA 510 -87.06 12.51 -69.17
CA GLY IA 510 -86.75 11.73 -70.40
C GLY IA 510 -87.35 12.22 -71.70
N MET IA 511 -87.99 13.38 -71.69
CA MET IA 511 -88.55 13.95 -72.93
C MET IA 511 -88.03 15.36 -73.25
N THR IA 512 -88.23 15.82 -74.48
CA THR IA 512 -87.95 17.24 -74.86
C THR IA 512 -89.26 17.91 -75.29
N ASN IA 513 -89.61 19.06 -74.71
CA ASN IA 513 -90.77 19.94 -75.09
C ASN IA 513 -90.68 20.62 -76.48
N ASN IA 514 -89.53 21.09 -76.94
CA ASN IA 514 -89.38 21.89 -78.19
C ASN IA 514 -88.27 21.31 -79.08
N LEU IA 515 -88.49 21.19 -80.39
CA LEU IA 515 -87.45 20.72 -81.36
C LEU IA 515 -86.19 21.61 -81.63
N GLN IA 516 -86.23 22.94 -81.77
CA GLN IA 516 -85.09 23.84 -82.14
C GLN IA 516 -85.57 24.58 -83.39
N GLY IA 517 -85.37 25.90 -83.46
CA GLY IA 517 -86.14 26.56 -84.51
C GLY IA 517 -87.55 26.31 -84.00
N SER IA 518 -88.42 25.64 -84.72
CA SER IA 518 -89.82 25.32 -84.34
C SER IA 518 -90.51 26.17 -83.25
N ASN IA 519 -91.78 26.48 -83.51
CA ASN IA 519 -92.59 27.28 -82.56
C ASN IA 519 -93.60 26.37 -81.85
N THR IA 520 -93.49 25.05 -82.01
CA THR IA 520 -94.34 24.09 -81.27
C THR IA 520 -93.73 23.76 -79.92
N TYR IA 521 -94.53 23.89 -78.87
CA TYR IA 521 -94.08 23.61 -77.49
C TYR IA 521 -95.11 22.75 -76.84
N ALA IA 522 -94.65 21.76 -76.10
CA ALA IA 522 -95.63 21.01 -75.29
C ALA IA 522 -95.70 21.77 -73.95
N LEU IA 523 -96.76 22.54 -73.72
CA LEU IA 523 -96.91 23.48 -72.57
C LEU IA 523 -96.91 22.81 -71.17
N GLU IA 524 -97.50 21.62 -71.03
CA GLU IA 524 -97.54 20.89 -69.75
C GLU IA 524 -96.19 20.18 -69.46
N ASN IA 525 -95.24 20.17 -70.37
CA ASN IA 525 -93.86 19.66 -70.13
C ASN IA 525 -92.86 20.83 -69.91
N THR IA 526 -93.31 22.06 -69.79
CA THR IA 526 -92.40 23.24 -69.71
C THR IA 526 -92.54 24.00 -68.41
N MET IA 527 -91.42 24.42 -67.80
CA MET IA 527 -91.44 25.36 -66.66
C MET IA 527 -91.81 26.76 -67.18
N ILE IA 528 -92.86 27.37 -66.63
CA ILE IA 528 -93.29 28.76 -67.00
C ILE IA 528 -93.11 29.70 -65.80
N PHE IA 529 -92.49 30.85 -66.01
CA PHE IA 529 -92.14 31.81 -64.93
C PHE IA 529 -92.59 33.20 -65.31
N ASN IA 530 -92.72 34.10 -64.34
CA ASN IA 530 -93.05 35.53 -64.58
C ASN IA 530 -91.77 36.36 -64.35
N SER IA 531 -91.49 37.34 -65.21
CA SER IA 531 -90.34 38.27 -65.02
C SER IA 531 -90.50 39.09 -63.74
N GLN IA 532 -91.72 39.52 -63.42
CA GLN IA 532 -92.02 40.35 -62.22
C GLN IA 532 -92.79 39.55 -61.17
N PRO IA 533 -92.62 39.80 -59.86
CA PRO IA 533 -93.42 39.17 -58.81
C PRO IA 533 -94.88 39.61 -58.85
N ALA IA 534 -95.78 38.75 -58.39
CA ALA IA 534 -97.24 39.00 -58.47
C ALA IA 534 -97.90 39.11 -57.11
N ASN IA 535 -99.00 39.85 -57.05
CA ASN IA 535 -99.83 39.95 -55.83
C ASN IA 535 -100.54 38.61 -55.55
N PRO IA 536 -100.76 38.23 -54.29
CA PRO IA 536 -101.48 37.00 -53.98
C PRO IA 536 -102.94 36.89 -54.42
N GLY IA 537 -103.33 35.73 -54.95
CA GLY IA 537 -104.71 35.47 -55.36
C GLY IA 537 -105.11 36.01 -56.71
N THR IA 538 -104.16 36.50 -57.50
CA THR IA 538 -104.50 37.11 -58.80
C THR IA 538 -105.19 36.07 -59.70
N THR IA 539 -106.23 36.46 -60.41
CA THR IA 539 -106.94 35.60 -61.38
C THR IA 539 -106.79 36.17 -62.79
N ALA IA 540 -105.90 37.13 -62.99
CA ALA IA 540 -105.69 37.81 -64.30
C ALA IA 540 -105.16 36.90 -65.42
N THR IA 541 -105.65 37.09 -66.65
CA THR IA 541 -105.11 36.35 -67.82
C THR IA 541 -103.74 36.90 -68.19
N TYR IA 542 -102.82 36.04 -68.58
CA TYR IA 542 -101.48 36.47 -69.04
C TYR IA 542 -101.23 35.95 -70.44
N LEU IA 543 -100.81 36.83 -71.33
CA LEU IA 543 -100.38 36.46 -72.69
C LEU IA 543 -98.90 36.01 -72.70
N GLU IA 544 -98.41 35.47 -73.81
CA GLU IA 544 -97.03 34.92 -73.97
C GLU IA 544 -95.92 35.96 -73.74
N GLY IA 545 -96.11 37.23 -74.16
CA GLY IA 545 -95.09 38.27 -74.01
C GLY IA 545 -94.73 38.53 -72.57
N ASN IA 546 -95.69 38.53 -71.66
CA ASN IA 546 -95.41 38.62 -70.19
C ASN IA 546 -94.63 37.41 -69.66
N MET IA 547 -94.87 36.19 -70.15
CA MET IA 547 -94.27 34.96 -69.57
C MET IA 547 -92.82 34.63 -69.98
N LEU IA 548 -92.09 33.93 -69.11
CA LEU IA 548 -90.74 33.43 -69.48
C LEU IA 548 -90.89 31.93 -69.73
N ILE IA 549 -90.71 31.46 -70.96
CA ILE IA 549 -90.96 30.03 -71.31
C ILE IA 549 -89.64 29.32 -71.68
N THR IA 550 -89.33 28.25 -70.98
CA THR IA 550 -88.10 27.44 -71.18
C THR IA 550 -88.17 26.46 -72.34
N SER IA 551 -87.03 26.08 -72.91
CA SER IA 551 -86.90 25.10 -74.01
C SER IA 551 -85.87 24.05 -73.60
N GLU IA 552 -86.09 22.79 -73.94
CA GLU IA 552 -85.18 21.66 -73.60
C GLU IA 552 -84.53 21.14 -74.91
N SER IA 553 -84.44 21.95 -75.96
CA SER IA 553 -83.99 21.56 -77.33
C SER IA 553 -82.56 20.98 -77.36
N GLU IA 554 -81.68 21.32 -76.42
CA GLU IA 554 -80.30 20.75 -76.30
C GLU IA 554 -80.32 19.23 -76.09
N THR IA 555 -81.29 18.67 -75.38
CA THR IA 555 -81.40 17.23 -75.03
C THR IA 555 -82.04 16.40 -76.16
N GLN IA 556 -82.44 17.01 -77.28
CA GLN IA 556 -83.16 16.35 -78.41
C GLN IA 556 -82.33 15.21 -79.05
N PRO IA 557 -80.98 15.26 -79.20
CA PRO IA 557 -80.21 14.11 -79.64
C PRO IA 557 -80.42 12.78 -78.85
N VAL IA 558 -80.74 12.80 -77.55
CA VAL IA 558 -81.13 11.61 -76.71
C VAL IA 558 -82.56 11.60 -76.13
N ASN IA 559 -83.40 12.63 -76.29
CA ASN IA 559 -84.71 12.67 -75.60
C ASN IA 559 -85.82 12.76 -76.63
N ARG IA 560 -86.83 11.91 -76.51
CA ARG IA 560 -87.95 11.90 -77.46
C ARG IA 560 -88.85 13.15 -77.33
N VAL IA 561 -89.42 13.61 -78.42
CA VAL IA 561 -90.36 14.78 -78.41
C VAL IA 561 -91.74 14.40 -77.82
N ALA IA 562 -92.25 15.21 -76.86
CA ALA IA 562 -93.55 14.99 -76.15
C ALA IA 562 -94.79 15.06 -77.05
N TYR IA 563 -94.84 16.00 -77.98
CA TYR IA 563 -96.01 16.18 -78.90
C TYR IA 563 -96.20 14.96 -79.84
N ASN IA 564 -95.12 14.35 -80.33
CA ASN IA 564 -95.15 13.21 -81.30
C ASN IA 564 -95.40 11.82 -80.69
N VAL IA 565 -95.86 10.84 -81.47
CA VAL IA 565 -95.96 9.39 -81.07
C VAL IA 565 -94.54 8.78 -80.87
N GLY IA 566 -94.33 7.89 -79.90
CA GLY IA 566 -93.06 7.19 -79.61
C GLY IA 566 -92.47 6.21 -80.63
N GLY IA 567 -93.27 5.39 -81.32
CA GLY IA 567 -92.76 4.34 -82.20
C GLY IA 567 -93.88 3.42 -82.64
N GLN IA 568 -93.56 2.29 -83.28
CA GLN IA 568 -94.55 1.27 -83.73
C GLN IA 568 -94.16 -0.15 -83.29
N MET IA 569 -95.13 -1.04 -83.04
CA MET IA 569 -94.92 -2.47 -82.66
C MET IA 569 -95.89 -3.37 -83.45
N ALA IA 570 -95.61 -4.68 -83.58
CA ALA IA 570 -96.48 -5.67 -84.29
C ALA IA 570 -97.82 -5.95 -83.57
N THR IA 571 -98.90 -6.01 -84.34
CA THR IA 571 -100.26 -6.22 -83.79
C THR IA 571 -100.91 -7.53 -84.27
N ASN IA 572 -100.21 -8.39 -84.99
CA ASN IA 572 -100.85 -9.57 -85.64
C ASN IA 572 -99.82 -10.66 -85.94
N ASN IA 573 -100.29 -11.81 -86.39
CA ASN IA 573 -99.39 -12.88 -86.90
C ASN IA 573 -99.62 -12.97 -88.42
N GLN IA 574 -98.56 -12.87 -89.22
CA GLN IA 574 -98.63 -13.00 -90.71
C GLN IA 574 -98.91 -14.47 -91.11
N SER IA 575 -99.55 -14.67 -92.26
CA SER IA 575 -99.89 -16.02 -92.77
C SER IA 575 -100.03 -15.87 -94.30
N SER IA 576 -100.13 -16.97 -95.04
CA SER IA 576 -100.38 -16.81 -96.49
C SER IA 576 -101.69 -16.06 -96.70
N THR IA 577 -102.74 -16.35 -95.93
CA THR IA 577 -104.01 -15.59 -95.93
C THR IA 577 -103.87 -14.16 -95.43
N THR IA 578 -103.06 -13.88 -94.40
CA THR IA 578 -103.02 -12.54 -93.76
C THR IA 578 -101.73 -11.76 -93.91
N ALA IA 579 -101.81 -10.51 -94.39
CA ALA IA 579 -100.65 -9.59 -94.46
C ALA IA 579 -100.20 -9.12 -93.07
N PRO IA 580 -98.90 -8.83 -92.86
CA PRO IA 580 -98.43 -8.27 -91.59
C PRO IA 580 -98.92 -6.84 -91.26
N ALA IA 581 -99.15 -6.52 -89.97
CA ALA IA 581 -99.69 -5.21 -89.52
C ALA IA 581 -98.91 -4.61 -88.34
N THR IA 582 -98.87 -3.29 -88.24
CA THR IA 582 -98.20 -2.57 -87.12
C THR IA 582 -99.14 -1.58 -86.48
N GLY IA 583 -98.86 -1.20 -85.22
CA GLY IA 583 -99.62 -0.12 -84.57
C GLY IA 583 -98.74 0.87 -83.83
N THR IA 584 -99.06 2.17 -83.87
CA THR IA 584 -98.33 3.21 -83.08
C THR IA 584 -98.68 3.18 -81.60
N TYR IA 585 -97.75 3.59 -80.73
CA TYR IA 585 -97.98 3.70 -79.26
C TYR IA 585 -97.81 5.18 -78.78
N ASN IA 586 -98.60 5.65 -77.80
CA ASN IA 586 -98.55 7.06 -77.27
C ASN IA 586 -97.77 7.14 -75.94
N LEU IA 587 -97.44 5.99 -75.34
CA LEU IA 587 -96.65 5.97 -74.08
C LEU IA 587 -95.70 4.77 -74.01
N GLN IA 588 -94.54 4.92 -73.39
CA GLN IA 588 -93.59 3.80 -73.12
C GLN IA 588 -92.84 4.14 -71.84
N GLU IA 589 -92.35 3.14 -71.13
CA GLU IA 589 -91.69 3.34 -69.83
C GLU IA 589 -90.29 2.73 -69.93
N ILE IA 590 -89.56 2.67 -68.83
CA ILE IA 590 -88.13 2.20 -68.81
C ILE IA 590 -87.93 0.78 -69.33
N VAL IA 591 -86.88 0.59 -70.12
CA VAL IA 591 -86.52 -0.71 -70.72
C VAL IA 591 -85.02 -0.86 -70.41
N PRO IA 592 -84.45 -2.08 -70.31
CA PRO IA 592 -83.01 -2.22 -70.13
C PRO IA 592 -82.19 -1.65 -71.31
N GLY IA 593 -81.05 -1.00 -71.04
CA GLY IA 593 -80.27 -0.30 -72.08
C GLY IA 593 -80.74 1.12 -72.39
N SER IA 594 -81.69 1.64 -71.62
CA SER IA 594 -82.25 3.02 -71.73
C SER IA 594 -81.28 4.13 -71.27
N VAL IA 595 -81.16 5.20 -72.04
CA VAL IA 595 -80.29 6.38 -71.71
C VAL IA 595 -81.14 7.67 -71.89
N TRP IA 596 -80.96 8.66 -71.02
CA TRP IA 596 -81.68 9.96 -71.13
C TRP IA 596 -80.92 11.08 -70.41
N MET IA 597 -81.31 12.31 -70.65
CA MET IA 597 -80.79 13.50 -69.93
C MET IA 597 -81.87 14.11 -69.02
N GLU IA 598 -81.53 14.44 -67.78
CA GLU IA 598 -82.44 15.11 -66.81
C GLU IA 598 -82.69 16.59 -67.19
N ARG IA 599 -83.77 17.17 -66.70
CA ARG IA 599 -84.13 18.60 -66.94
C ARG IA 599 -83.04 19.58 -66.44
N ASP IA 600 -82.82 20.67 -67.19
CA ASP IA 600 -81.85 21.73 -66.86
C ASP IA 600 -82.28 22.63 -65.70
N VAL IA 601 -81.32 23.10 -64.91
CA VAL IA 601 -81.55 24.13 -63.86
C VAL IA 601 -81.59 25.55 -64.45
N TYR IA 602 -82.27 26.48 -63.79
CA TYR IA 602 -82.39 27.89 -64.23
C TYR IA 602 -82.00 28.78 -63.06
N LEU IA 603 -81.53 29.99 -63.32
CA LEU IA 603 -81.19 30.97 -62.24
C LEU IA 603 -82.48 31.32 -61.44
N GLN IA 604 -83.62 31.50 -62.08
CA GLN IA 604 -84.97 31.69 -61.48
C GLN IA 604 -85.48 30.44 -60.73
N GLY IA 605 -85.06 29.23 -61.09
CA GLY IA 605 -85.47 27.95 -60.50
C GLY IA 605 -84.95 27.42 -59.17
N PRO IA 606 -85.61 26.37 -58.61
CA PRO IA 606 -85.12 25.65 -57.42
C PRO IA 606 -83.90 24.72 -57.37
N ILE IA 607 -83.04 24.78 -56.35
CA ILE IA 607 -81.92 23.79 -56.13
C ILE IA 607 -82.28 22.34 -55.70
N TRP IA 608 -83.17 22.13 -54.74
CA TRP IA 608 -83.36 20.78 -54.16
C TRP IA 608 -84.81 20.40 -53.87
N ALA IA 609 -85.08 19.10 -53.70
CA ALA IA 609 -86.40 18.58 -53.26
C ALA IA 609 -86.13 17.43 -52.28
N LYS IA 610 -87.03 17.23 -51.33
CA LYS IA 610 -86.94 16.09 -50.38
C LYS IA 610 -87.54 14.81 -50.98
N ILE IA 611 -86.79 13.71 -50.93
CA ILE IA 611 -87.35 12.38 -51.34
C ILE IA 611 -88.38 11.95 -50.28
N PRO IA 612 -89.60 11.50 -50.67
CA PRO IA 612 -90.61 11.03 -49.72
C PRO IA 612 -90.30 9.70 -49.05
N GLU IA 613 -90.64 9.52 -47.77
CA GLU IA 613 -90.27 8.27 -47.05
C GLU IA 613 -91.37 7.21 -47.16
N THR IA 614 -91.23 6.24 -48.06
CA THR IA 614 -92.21 5.17 -48.29
C THR IA 614 -91.54 3.83 -48.11
N GLY IA 615 -90.23 3.80 -48.13
CA GLY IA 615 -89.42 2.57 -48.13
C GLY IA 615 -89.14 2.02 -49.53
N ALA IA 616 -89.75 2.54 -50.60
CA ALA IA 616 -89.44 2.11 -51.98
C ALA IA 616 -89.44 3.28 -52.98
N HIS IA 617 -88.44 3.38 -53.84
CA HIS IA 617 -88.39 4.45 -54.89
C HIS IA 617 -87.52 4.00 -56.06
N PHE IA 618 -87.69 4.62 -57.22
CA PHE IA 618 -86.79 4.39 -58.38
C PHE IA 618 -86.19 5.69 -58.88
N HIS IA 619 -84.87 5.77 -59.08
CA HIS IA 619 -84.16 6.92 -59.74
C HIS IA 619 -84.65 8.27 -59.21
N PRO IA 620 -84.07 8.78 -58.12
CA PRO IA 620 -84.66 9.94 -57.44
C PRO IA 620 -84.26 11.37 -57.79
N SER IA 621 -84.63 11.74 -59.00
CA SER IA 621 -84.35 13.09 -59.51
C SER IA 621 -85.68 13.82 -59.62
N PRO IA 622 -85.87 15.01 -58.99
CA PRO IA 622 -87.16 15.69 -59.06
C PRO IA 622 -87.57 16.26 -60.42
N ALA IA 623 -88.86 16.23 -60.76
CA ALA IA 623 -89.37 16.65 -62.08
C ALA IA 623 -89.14 18.13 -62.43
N MET IA 624 -89.29 19.06 -61.49
CA MET IA 624 -89.04 20.51 -61.67
C MET IA 624 -87.55 20.75 -61.98
N GLY IA 625 -86.64 19.95 -61.46
CA GLY IA 625 -85.20 20.07 -61.67
C GLY IA 625 -84.44 20.04 -60.36
N GLY IA 626 -83.11 19.99 -60.40
CA GLY IA 626 -82.28 20.01 -59.19
C GLY IA 626 -81.85 18.71 -58.54
N PHE IA 627 -81.54 18.75 -57.27
CA PHE IA 627 -80.96 17.61 -56.52
C PHE IA 627 -81.97 17.01 -55.54
N GLY IA 628 -82.14 15.68 -55.60
CA GLY IA 628 -83.07 14.97 -54.71
C GLY IA 628 -82.33 14.49 -53.50
N LEU IA 629 -82.79 14.88 -52.32
CA LEU IA 629 -82.04 14.56 -51.08
C LEU IA 629 -82.86 13.78 -50.06
N LYS IA 630 -82.32 12.68 -49.54
CA LYS IA 630 -82.93 11.96 -48.39
C LYS IA 630 -82.94 12.83 -47.13
N HIS IA 631 -81.85 13.55 -46.86
CA HIS IA 631 -81.75 14.45 -45.68
C HIS IA 631 -81.46 15.87 -46.16
N PRO IA 632 -82.52 16.63 -46.48
CA PRO IA 632 -82.40 18.00 -46.98
C PRO IA 632 -82.00 19.09 -45.98
N PRO IA 633 -81.54 20.28 -46.40
CA PRO IA 633 -81.24 21.31 -45.43
C PRO IA 633 -82.54 21.58 -44.63
N PRO IA 634 -82.48 21.63 -43.29
CA PRO IA 634 -83.68 21.70 -42.45
C PRO IA 634 -84.57 22.94 -42.37
N MET IA 635 -85.86 22.75 -42.07
CA MET IA 635 -86.81 23.87 -41.86
C MET IA 635 -86.40 24.79 -40.68
N MET IA 636 -86.41 26.10 -40.93
CA MET IA 636 -86.03 27.12 -39.92
C MET IA 636 -87.29 27.94 -39.60
N LEU IA 637 -87.71 27.95 -38.34
CA LEU IA 637 -89.00 28.54 -37.92
C LEU IA 637 -88.79 29.67 -36.90
N ILE IA 638 -89.47 30.79 -37.10
CA ILE IA 638 -89.36 31.97 -36.22
C ILE IA 638 -90.76 32.48 -35.82
N LYS IA 639 -90.93 32.85 -34.55
CA LYS IA 639 -92.22 33.47 -34.12
C LYS IA 639 -91.98 34.65 -33.16
N ASN IA 640 -92.95 35.55 -33.08
CA ASN IA 640 -92.94 36.63 -32.06
C ASN IA 640 -93.57 36.08 -30.77
N THR IA 641 -92.92 36.21 -29.63
CA THR IA 641 -93.51 35.78 -28.34
C THR IA 641 -94.75 36.59 -27.98
N PRO IA 642 -95.86 35.95 -27.55
CA PRO IA 642 -97.03 36.66 -27.07
C PRO IA 642 -96.74 37.59 -25.88
N VAL IA 643 -97.15 38.83 -26.01
CA VAL IA 643 -97.01 39.77 -24.86
C VAL IA 643 -98.44 40.20 -24.48
N PRO IA 644 -98.90 39.88 -23.26
CA PRO IA 644 -100.24 40.25 -22.83
C PRO IA 644 -100.69 41.69 -22.55
N GLY IA 645 -101.95 42.03 -22.82
CA GLY IA 645 -102.60 43.31 -22.49
C GLY IA 645 -103.01 43.34 -21.02
N ASN IA 646 -103.49 44.45 -20.49
CA ASN IA 646 -103.74 44.53 -19.02
C ASN IA 646 -104.83 43.56 -18.55
N ILE IA 647 -104.52 42.74 -17.56
CA ILE IA 647 -105.51 41.77 -17.00
C ILE IA 647 -105.64 42.09 -15.51
N THR IA 648 -106.85 42.31 -15.01
CA THR IA 648 -107.05 42.74 -13.60
C THR IA 648 -107.69 41.66 -12.75
N SER IA 649 -108.22 40.60 -13.36
CA SER IA 649 -108.95 39.55 -12.61
C SER IA 649 -108.50 38.15 -13.04
N PHE IA 650 -108.61 37.15 -12.17
CA PHE IA 650 -108.30 35.74 -12.48
C PHE IA 650 -109.37 35.00 -13.30
N SER IA 651 -108.96 34.23 -14.32
CA SER IA 651 -109.89 33.30 -14.99
C SER IA 651 -109.15 32.02 -15.34
N ASP IA 652 -109.81 30.88 -15.28
CA ASP IA 652 -109.30 29.59 -15.82
C ASP IA 652 -109.20 29.71 -17.35
N VAL IA 653 -110.14 30.42 -17.99
CA VAL IA 653 -110.16 30.61 -19.46
C VAL IA 653 -108.90 31.36 -19.94
N PRO IA 654 -108.22 30.89 -21.01
CA PRO IA 654 -106.99 31.51 -21.52
C PRO IA 654 -107.10 32.94 -22.04
N VAL IA 655 -106.05 33.73 -21.83
CA VAL IA 655 -106.05 35.14 -22.29
C VAL IA 655 -106.10 35.25 -23.83
N SER IA 656 -106.98 36.11 -24.31
CA SER IA 656 -107.16 36.40 -25.75
C SER IA 656 -106.75 37.84 -26.08
N SER IA 657 -106.27 38.62 -25.12
CA SER IA 657 -105.94 40.06 -25.32
C SER IA 657 -104.42 40.26 -25.23
N PHE IA 658 -103.83 40.77 -26.31
CA PHE IA 658 -102.34 40.89 -26.38
C PHE IA 658 -101.96 42.21 -26.98
N ILE IA 659 -100.81 42.76 -26.63
CA ILE IA 659 -100.31 43.98 -27.34
C ILE IA 659 -99.90 43.65 -28.79
N THR IA 660 -100.18 44.51 -29.78
CA THR IA 660 -99.82 44.29 -31.22
C THR IA 660 -98.35 44.61 -31.50
N GLN IA 661 -97.63 43.65 -32.12
CA GLN IA 661 -96.16 43.74 -32.31
C GLN IA 661 -95.66 43.13 -33.63
N TYR IA 662 -94.50 43.55 -34.13
CA TYR IA 662 -93.86 43.00 -35.36
C TYR IA 662 -92.35 42.96 -35.12
N SER IA 663 -91.63 42.14 -35.88
CA SER IA 663 -90.15 42.06 -35.76
C SER IA 663 -89.42 42.29 -37.10
N THR IA 664 -88.18 42.77 -37.03
CA THR IA 664 -87.34 43.01 -38.22
C THR IA 664 -85.89 42.61 -37.92
N GLY IA 665 -85.09 42.25 -38.93
CA GLY IA 665 -83.67 41.92 -38.75
C GLY IA 665 -82.91 41.63 -40.03
N GLN IA 666 -81.70 41.11 -39.90
CA GLN IA 666 -80.83 40.69 -41.05
C GLN IA 666 -80.51 39.17 -41.02
N VAL IA 667 -80.48 38.54 -42.20
CA VAL IA 667 -80.11 37.10 -42.34
C VAL IA 667 -78.94 36.94 -43.32
N THR IA 668 -77.94 36.13 -42.98
CA THR IA 668 -76.83 35.80 -43.89
C THR IA 668 -76.80 34.31 -44.22
N VAL IA 669 -76.68 33.93 -45.50
CA VAL IA 669 -76.49 32.50 -45.94
C VAL IA 669 -75.15 32.33 -46.70
N GLU IA 670 -74.33 31.37 -46.30
CA GLU IA 670 -73.05 31.05 -46.96
C GLU IA 670 -73.11 29.63 -47.52
N MET IA 671 -72.80 29.46 -48.81
CA MET IA 671 -72.84 28.13 -49.47
C MET IA 671 -71.54 27.80 -50.21
N GLU IA 672 -71.12 26.55 -50.12
CA GLU IA 672 -69.92 26.06 -50.85
C GLU IA 672 -70.35 25.13 -52.00
N TRP IA 673 -69.74 25.30 -53.17
CA TRP IA 673 -70.06 24.51 -54.37
C TRP IA 673 -68.83 23.83 -54.94
N GLU IA 674 -68.97 22.58 -55.40
CA GLU IA 674 -67.87 21.86 -56.09
C GLU IA 674 -68.08 21.92 -57.61
N LEU IA 675 -67.02 22.21 -58.36
CA LEU IA 675 -67.08 22.40 -59.83
C LEU IA 675 -66.38 21.29 -60.60
N LYS IA 676 -66.93 20.89 -61.74
CA LYS IA 676 -66.24 19.93 -62.64
C LYS IA 676 -65.74 20.69 -63.88
N LYS IA 677 -64.45 20.66 -64.13
CA LYS IA 677 -63.79 21.33 -65.31
C LYS IA 677 -64.02 20.70 -66.69
N GLU IA 678 -64.16 21.53 -67.71
CA GLU IA 678 -64.22 21.05 -69.12
C GLU IA 678 -62.85 20.50 -69.58
N ASN IA 679 -62.81 19.42 -70.33
CA ASN IA 679 -61.57 18.80 -70.91
C ASN IA 679 -61.74 18.58 -72.43
N SER IA 680 -62.36 19.51 -73.15
CA SER IA 680 -62.68 19.38 -74.61
C SER IA 680 -61.49 19.38 -75.59
N LYS IA 681 -61.57 18.58 -76.66
CA LYS IA 681 -60.58 18.59 -77.77
C LYS IA 681 -61.20 19.20 -79.04
N ARG IA 682 -62.38 19.81 -78.99
CA ARG IA 682 -63.06 20.52 -80.14
C ARG IA 682 -62.27 21.75 -80.68
N TRP IA 683 -61.81 21.71 -81.93
CA TRP IA 683 -61.04 22.78 -82.60
C TRP IA 683 -61.78 24.10 -82.84
N ASN IA 684 -63.00 24.02 -83.30
CA ASN IA 684 -63.87 25.18 -83.62
C ASN IA 684 -64.46 25.84 -82.37
N PRO IA 685 -64.80 27.15 -82.45
CA PRO IA 685 -65.47 27.84 -81.35
C PRO IA 685 -66.90 27.42 -80.93
N GLU IA 686 -67.16 27.36 -79.64
CA GLU IA 686 -68.47 27.04 -79.03
C GLU IA 686 -69.54 28.14 -78.86
N ILE IA 687 -70.79 27.76 -78.65
CA ILE IA 687 -71.90 28.69 -78.25
C ILE IA 687 -71.73 29.16 -76.79
N GLN IA 688 -72.01 30.44 -76.50
CA GLN IA 688 -71.88 31.06 -75.15
C GLN IA 688 -73.04 31.99 -74.84
N TYR IA 689 -73.45 32.14 -73.59
CA TYR IA 689 -74.45 33.15 -73.19
C TYR IA 689 -73.78 34.55 -73.26
N THR IA 690 -74.46 35.50 -73.89
CA THR IA 690 -73.90 36.85 -74.06
C THR IA 690 -74.96 37.89 -73.80
N ASN IA 691 -74.55 39.09 -73.43
CA ASN IA 691 -75.50 40.22 -73.32
C ASN IA 691 -75.60 40.77 -74.73
N ASN IA 692 -76.70 40.57 -75.41
CA ASN IA 692 -76.85 40.93 -76.84
C ASN IA 692 -78.26 41.46 -77.05
N TYR IA 693 -78.38 42.73 -77.41
CA TYR IA 693 -79.69 43.39 -77.53
C TYR IA 693 -79.59 44.34 -78.71
N ASN IA 694 -80.66 44.53 -79.47
CA ASN IA 694 -80.62 45.54 -80.57
C ASN IA 694 -81.34 46.84 -80.16
N ASP IA 695 -80.66 47.99 -80.22
CA ASP IA 695 -81.20 49.34 -79.83
C ASP IA 695 -81.82 49.36 -78.42
N PRO IA 696 -81.13 48.90 -77.36
CA PRO IA 696 -81.76 48.83 -76.03
C PRO IA 696 -82.24 50.13 -75.36
N GLN IA 697 -83.45 50.11 -74.78
CA GLN IA 697 -84.00 51.30 -74.08
C GLN IA 697 -83.77 51.23 -72.57
N PHE IA 698 -83.23 50.12 -72.08
CA PHE IA 698 -82.99 49.92 -70.64
C PHE IA 698 -81.88 48.92 -70.55
N VAL IA 699 -81.25 48.82 -69.40
CA VAL IA 699 -80.28 47.72 -69.18
C VAL IA 699 -81.05 46.60 -68.46
N ASP IA 700 -81.02 45.41 -69.00
CA ASP IA 700 -81.57 44.18 -68.36
C ASP IA 700 -80.75 43.79 -67.12
N PHE IA 701 -81.37 43.18 -66.09
CA PHE IA 701 -80.74 42.82 -64.78
C PHE IA 701 -80.24 44.05 -64.03
N ALA IA 702 -80.99 45.13 -64.09
CA ALA IA 702 -80.66 46.40 -63.42
C ALA IA 702 -81.95 47.07 -62.96
N PRO IA 703 -81.89 48.00 -61.98
CA PRO IA 703 -83.06 48.81 -61.63
C PRO IA 703 -83.52 49.84 -62.68
N ASP IA 704 -84.81 50.16 -62.71
CA ASP IA 704 -85.32 51.22 -63.64
C ASP IA 704 -85.44 52.60 -62.97
N SER IA 705 -86.05 53.56 -63.66
CA SER IA 705 -86.20 54.95 -63.14
C SER IA 705 -87.02 54.96 -61.83
N THR IA 706 -88.06 54.14 -61.69
CA THR IA 706 -88.84 53.95 -60.44
C THR IA 706 -88.09 53.14 -59.38
N GLY IA 707 -87.01 52.43 -59.70
CA GLY IA 707 -86.31 51.52 -58.76
C GLY IA 707 -86.70 50.06 -58.80
N GLU IA 708 -87.52 49.63 -59.75
CA GLU IA 708 -87.93 48.20 -59.89
C GLU IA 708 -86.95 47.39 -60.75
N TYR IA 709 -86.50 46.24 -60.26
CA TYR IA 709 -85.56 45.33 -60.98
C TYR IA 709 -86.18 44.69 -62.22
N ARG IA 710 -85.40 44.59 -63.29
CA ARG IA 710 -85.89 44.02 -64.57
C ARG IA 710 -85.13 42.74 -64.88
N SER IA 711 -85.84 41.64 -65.17
CA SER IA 711 -85.24 40.33 -65.54
C SER IA 711 -85.99 39.73 -66.74
N THR IA 712 -85.81 40.22 -67.95
CA THR IA 712 -86.49 39.79 -69.21
C THR IA 712 -86.25 38.34 -69.64
N ARG IA 713 -85.06 37.76 -69.45
CA ARG IA 713 -84.73 36.42 -70.02
C ARG IA 713 -84.49 35.28 -69.01
N PRO IA 714 -85.03 34.05 -69.24
CA PRO IA 714 -84.67 32.88 -68.44
C PRO IA 714 -83.27 32.30 -68.76
N ILE IA 715 -82.44 31.93 -67.77
CA ILE IA 715 -81.09 31.41 -68.17
C ILE IA 715 -80.83 29.97 -67.71
N GLY IA 716 -80.53 29.08 -68.67
CA GLY IA 716 -80.16 27.67 -68.45
C GLY IA 716 -78.68 27.48 -68.29
N THR IA 717 -78.25 26.26 -68.04
CA THR IA 717 -76.82 25.93 -67.88
C THR IA 717 -76.12 25.28 -69.09
N ARG IA 718 -76.78 24.88 -70.17
CA ARG IA 718 -76.07 24.08 -71.23
C ARG IA 718 -75.65 24.87 -72.49
N TYR IA 719 -74.38 25.26 -72.57
CA TYR IA 719 -73.81 26.02 -73.72
C TYR IA 719 -72.64 25.24 -74.30
N LEU IA 720 -71.93 24.51 -73.45
CA LEU IA 720 -70.81 23.64 -73.85
C LEU IA 720 -71.30 22.34 -74.49
N THR IA 721 -70.47 21.72 -75.29
CA THR IA 721 -70.84 20.52 -76.06
C THR IA 721 -69.86 19.40 -75.76
N ARG IA 722 -70.34 18.18 -75.72
CA ARG IA 722 -69.45 17.00 -75.55
C ARG IA 722 -69.84 15.88 -76.51
N PRO IA 723 -68.90 15.05 -77.01
CA PRO IA 723 -69.23 13.84 -77.78
C PRO IA 723 -69.87 12.73 -76.92
N LEU IA 724 -70.73 11.89 -77.50
CA LEU IA 724 -71.43 10.82 -76.73
C LEU IA 724 -70.46 9.75 -76.23
N ASP JA 209 -33.84 0.69 -83.02
CA ASP JA 209 -32.40 0.33 -83.11
C ASP JA 209 -31.90 0.38 -84.57
N GLY JA 210 -32.27 -0.55 -85.44
CA GLY JA 210 -31.64 -0.58 -86.77
C GLY JA 210 -32.40 -1.17 -87.92
N VAL JA 211 -31.90 -0.94 -89.15
CA VAL JA 211 -32.47 -1.51 -90.40
C VAL JA 211 -32.42 -3.05 -90.40
N GLY JA 212 -31.36 -3.67 -89.90
CA GLY JA 212 -31.16 -5.13 -89.92
C GLY JA 212 -31.64 -5.86 -88.71
N ASN JA 213 -32.25 -5.17 -87.75
CA ASN JA 213 -32.63 -5.82 -86.47
C ASN JA 213 -34.15 -5.86 -86.31
N ALA JA 214 -34.70 -7.02 -85.96
CA ALA JA 214 -36.16 -7.17 -85.73
C ALA JA 214 -36.65 -6.57 -84.39
N SER JA 215 -37.69 -5.75 -84.42
CA SER JA 215 -38.37 -5.08 -83.26
C SER JA 215 -39.12 -6.04 -82.32
N GLY JA 216 -39.73 -7.11 -82.81
CA GLY JA 216 -40.49 -8.09 -82.01
C GLY JA 216 -40.63 -9.48 -82.59
N ASP JA 217 -41.24 -10.40 -81.85
CA ASP JA 217 -41.45 -11.81 -82.26
C ASP JA 217 -42.92 -12.24 -82.29
N TRP JA 218 -43.24 -13.29 -83.04
CA TRP JA 218 -44.62 -13.83 -83.18
C TRP JA 218 -45.08 -14.62 -81.95
N HIS JA 219 -46.19 -14.22 -81.34
CA HIS JA 219 -46.79 -14.99 -80.23
C HIS JA 219 -48.26 -15.30 -80.50
N CYS JA 220 -48.64 -16.56 -80.73
CA CYS JA 220 -50.08 -16.94 -80.86
C CYS JA 220 -50.29 -18.13 -79.93
N ASP JA 221 -50.97 -17.95 -78.80
CA ASP JA 221 -51.11 -19.05 -77.80
C ASP JA 221 -52.25 -18.92 -76.79
N SER JA 222 -52.65 -20.00 -76.14
CA SER JA 222 -53.61 -19.97 -74.99
C SER JA 222 -52.95 -20.69 -73.80
N THR JA 223 -53.00 -20.13 -72.61
CA THR JA 223 -52.52 -20.81 -71.38
C THR JA 223 -53.65 -20.87 -70.37
N TRP JA 224 -53.96 -22.06 -69.86
CA TRP JA 224 -55.04 -22.27 -68.86
C TRP JA 224 -54.42 -22.56 -67.50
N MET JA 225 -54.73 -21.75 -66.50
CA MET JA 225 -54.15 -21.89 -65.13
C MET JA 225 -55.21 -21.80 -64.02
N GLY JA 226 -56.00 -22.84 -63.75
CA GLY JA 226 -57.09 -22.73 -62.76
C GLY JA 226 -58.19 -21.76 -63.14
N ASP JA 227 -58.45 -20.75 -62.33
CA ASP JA 227 -59.50 -19.72 -62.56
C ASP JA 227 -59.15 -18.73 -63.70
N ARG JA 228 -57.92 -18.71 -64.20
CA ARG JA 228 -57.48 -17.72 -65.23
C ARG JA 228 -57.08 -18.34 -66.58
N VAL JA 229 -57.47 -17.73 -67.68
CA VAL JA 229 -56.99 -18.14 -69.04
C VAL JA 229 -56.35 -16.89 -69.69
N VAL JA 230 -55.16 -17.04 -70.30
CA VAL JA 230 -54.46 -15.93 -71.04
C VAL JA 230 -54.47 -16.24 -72.55
N THR JA 231 -54.91 -15.29 -73.38
CA THR JA 231 -54.93 -15.45 -74.85
C THR JA 231 -53.92 -14.51 -75.52
N LYS JA 232 -53.10 -15.02 -76.44
CA LYS JA 232 -52.14 -14.20 -77.25
C LYS JA 232 -52.48 -14.34 -78.73
N SER JA 233 -52.56 -13.23 -79.46
CA SER JA 233 -52.89 -13.22 -80.91
C SER JA 233 -51.94 -12.31 -81.69
N THR JA 234 -51.36 -12.78 -82.79
CA THR JA 234 -50.47 -11.99 -83.66
C THR JA 234 -51.01 -11.96 -85.09
N ARG JA 235 -51.05 -10.79 -85.72
CA ARG JA 235 -51.51 -10.62 -87.13
C ARG JA 235 -50.59 -9.69 -87.95
N THR JA 236 -50.64 -9.79 -89.28
CA THR JA 236 -49.92 -8.89 -90.21
C THR JA 236 -50.94 -7.94 -90.83
N TRP JA 237 -50.67 -6.64 -90.82
CA TRP JA 237 -51.57 -5.57 -91.33
C TRP JA 237 -50.97 -4.71 -92.44
N VAL JA 238 -51.81 -4.10 -93.27
CA VAL JA 238 -51.40 -3.14 -94.32
C VAL JA 238 -52.12 -1.79 -94.09
N LEU JA 239 -51.41 -0.66 -94.21
CA LEU JA 239 -52.06 0.69 -94.11
C LEU JA 239 -51.99 1.51 -95.40
N PRO JA 240 -53.15 1.86 -96.00
CA PRO JA 240 -53.19 2.80 -97.12
C PRO JA 240 -53.01 4.27 -96.74
N SER JA 241 -52.58 5.12 -97.67
CA SER JA 241 -52.58 6.58 -97.38
C SER JA 241 -53.97 7.14 -97.75
N TYR JA 242 -54.90 7.21 -96.80
CA TYR JA 242 -56.31 7.62 -97.07
C TYR JA 242 -56.53 9.11 -97.26
N ASN JA 243 -57.28 9.52 -98.28
CA ASN JA 243 -57.70 10.93 -98.50
C ASN JA 243 -56.57 11.75 -99.12
N ASN JA 244 -55.45 11.13 -99.49
CA ASN JA 244 -54.23 11.82 -100.01
C ASN JA 244 -53.76 12.90 -99.02
N HIS JA 245 -53.71 12.57 -97.71
CA HIS JA 245 -53.20 13.48 -96.64
C HIS JA 245 -54.15 14.66 -96.30
N GLN JA 246 -55.44 14.51 -96.54
CA GLN JA 246 -56.42 15.61 -96.34
C GLN JA 246 -57.64 15.20 -95.49
N TYR JA 247 -58.31 16.15 -94.87
CA TYR JA 247 -59.55 15.93 -94.08
C TYR JA 247 -60.67 16.39 -94.96
N ARG JA 248 -61.72 15.59 -95.10
CA ARG JA 248 -62.84 15.93 -96.01
C ARG JA 248 -64.21 16.00 -95.29
N GLU JA 249 -64.97 17.06 -95.57
CA GLU JA 249 -66.36 17.13 -95.04
C GLU JA 249 -67.25 16.14 -95.81
N ILE JA 250 -68.02 15.33 -95.09
CA ILE JA 250 -68.87 14.26 -95.68
C ILE JA 250 -70.33 14.49 -95.24
N LYS JA 251 -71.29 14.20 -96.10
CA LYS JA 251 -72.70 14.49 -95.75
C LYS JA 251 -73.67 13.64 -96.56
N SER JA 252 -74.87 13.42 -96.05
CA SER JA 252 -75.91 12.74 -96.85
C SER JA 252 -77.30 13.36 -96.69
N GLY JA 253 -78.11 13.38 -97.75
CA GLY JA 253 -79.55 13.68 -97.70
C GLY JA 253 -80.36 12.38 -97.53
N SER JA 254 -81.67 12.42 -97.66
CA SER JA 254 -82.56 11.21 -97.57
C SER JA 254 -82.26 10.17 -98.68
N VAL JA 255 -82.19 8.88 -98.34
CA VAL JA 255 -81.83 7.81 -99.31
C VAL JA 255 -82.73 6.59 -99.03
N ASP JA 256 -83.13 5.85 -100.07
CA ASP JA 256 -84.01 4.63 -99.95
C ASP JA 256 -85.34 5.03 -99.31
N GLY JA 257 -85.80 6.25 -99.55
CA GLY JA 257 -87.05 6.75 -98.97
C GLY JA 257 -86.95 7.24 -97.52
N SER JA 258 -85.78 7.31 -96.90
CA SER JA 258 -85.77 7.69 -95.45
C SER JA 258 -84.90 8.90 -95.08
N ASN JA 259 -85.45 9.87 -94.34
CA ASN JA 259 -84.69 11.04 -93.76
C ASN JA 259 -83.81 10.62 -92.56
N ALA JA 260 -84.03 9.46 -91.94
CA ALA JA 260 -83.21 8.88 -90.83
C ALA JA 260 -81.81 8.58 -91.37
N ASN JA 261 -81.70 8.34 -92.67
CA ASN JA 261 -80.43 8.18 -93.46
C ASN JA 261 -79.55 9.45 -93.49
N ALA JA 262 -80.10 10.67 -93.50
CA ALA JA 262 -79.34 11.97 -93.55
C ALA JA 262 -78.36 12.19 -92.38
N TYR JA 263 -77.16 12.71 -92.67
CA TYR JA 263 -76.09 12.98 -91.67
C TYR JA 263 -75.13 14.07 -92.15
N PHE JA 264 -74.38 14.69 -91.23
CA PHE JA 264 -73.29 15.65 -91.53
C PHE JA 264 -72.04 15.11 -90.77
N GLY JA 265 -70.87 15.07 -91.40
CA GLY JA 265 -69.66 14.48 -90.80
C GLY JA 265 -68.31 14.82 -91.41
N TYR JA 266 -67.24 14.28 -90.82
CA TYR JA 266 -65.86 14.42 -91.35
C TYR JA 266 -65.18 13.06 -91.65
N SER JA 267 -64.43 12.96 -92.74
CA SER JA 267 -63.57 11.76 -93.05
C SER JA 267 -62.11 12.17 -92.79
N THR JA 268 -61.29 11.26 -92.30
CA THR JA 268 -59.91 11.59 -91.87
C THR JA 268 -58.83 10.79 -92.57
N PRO JA 269 -57.59 11.29 -92.61
CA PRO JA 269 -56.43 10.57 -93.14
C PRO JA 269 -55.99 9.31 -92.38
N TRP JA 270 -56.29 9.18 -91.10
CA TRP JA 270 -55.94 8.08 -90.17
C TRP JA 270 -56.71 6.75 -90.31
N GLY JA 271 -56.11 5.68 -89.80
CA GLY JA 271 -56.69 4.34 -89.71
C GLY JA 271 -56.62 3.87 -88.28
N TYR JA 272 -57.43 2.88 -87.92
CA TYR JA 272 -57.50 2.42 -86.50
C TYR JA 272 -57.46 0.89 -86.40
N PHE JA 273 -57.07 0.38 -85.23
CA PHE JA 273 -57.06 -1.09 -84.92
C PHE JA 273 -58.29 -1.46 -84.07
N ASP JA 274 -59.08 -2.45 -84.47
CA ASP JA 274 -60.29 -2.96 -83.76
C ASP JA 274 -60.11 -4.44 -83.35
N PHE JA 275 -60.25 -4.74 -82.07
CA PHE JA 275 -60.19 -6.14 -81.57
C PHE JA 275 -61.52 -6.60 -80.92
N ASN JA 276 -62.67 -5.92 -81.08
CA ASN JA 276 -63.91 -6.30 -80.35
C ASN JA 276 -64.68 -7.43 -81.07
N ARG JA 277 -64.07 -8.59 -81.28
CA ARG JA 277 -64.72 -9.82 -81.78
C ARG JA 277 -64.05 -10.97 -81.02
N PHE JA 278 -64.78 -11.99 -80.58
CA PHE JA 278 -64.25 -13.18 -79.84
C PHE JA 278 -63.26 -14.05 -80.69
N HIS JA 279 -63.52 -14.26 -81.98
CA HIS JA 279 -62.70 -15.08 -82.94
C HIS JA 279 -61.30 -14.44 -83.08
N SER JA 280 -61.14 -13.16 -82.83
CA SER JA 280 -59.84 -12.43 -82.81
C SER JA 280 -58.92 -13.01 -81.70
N HIS JA 281 -59.45 -13.38 -80.55
CA HIS JA 281 -58.69 -13.96 -79.41
C HIS JA 281 -58.86 -15.47 -79.19
N TRP JA 282 -59.86 -16.12 -79.76
CA TRP JA 282 -60.20 -17.52 -79.40
C TRP JA 282 -60.19 -18.49 -80.56
N SER JA 283 -59.48 -19.60 -80.42
CA SER JA 283 -59.54 -20.71 -81.40
C SER JA 283 -60.90 -21.42 -81.25
N PRO JA 284 -61.41 -22.09 -82.29
CA PRO JA 284 -62.65 -22.85 -82.15
C PRO JA 284 -62.56 -23.98 -81.12
N ARG JA 285 -61.46 -24.72 -81.01
CA ARG JA 285 -61.26 -25.73 -79.95
C ARG JA 285 -61.23 -25.12 -78.53
N ASP JA 286 -60.57 -24.00 -78.32
CA ASP JA 286 -60.50 -23.28 -77.01
C ASP JA 286 -61.88 -22.78 -76.57
N TRP JA 287 -62.67 -22.28 -77.51
CA TRP JA 287 -64.06 -21.85 -77.24
C TRP JA 287 -64.95 -23.01 -76.78
N GLN JA 288 -64.81 -24.20 -77.38
CA GLN JA 288 -65.51 -25.43 -76.98
C GLN JA 288 -65.14 -25.87 -75.56
N ARG JA 289 -63.88 -25.75 -75.19
CA ARG JA 289 -63.42 -26.08 -73.83
C ARG JA 289 -64.07 -25.17 -72.78
N LEU JA 290 -64.17 -23.86 -73.03
CA LEU JA 290 -64.90 -22.95 -72.12
C LEU JA 290 -66.44 -23.14 -71.98
N ILE JA 291 -67.15 -23.33 -73.08
CA ILE JA 291 -68.65 -23.47 -73.11
C ILE JA 291 -69.09 -24.76 -72.40
N ASN JA 292 -68.37 -25.84 -72.59
CA ASN JA 292 -68.59 -27.16 -71.96
C ASN JA 292 -68.38 -27.19 -70.44
N ASN JA 293 -67.39 -26.47 -69.87
CA ASN JA 293 -66.97 -26.64 -68.45
C ASN JA 293 -67.15 -25.49 -67.45
N TYR JA 294 -67.65 -24.32 -67.83
CA TYR JA 294 -67.68 -23.16 -66.89
C TYR JA 294 -69.02 -22.45 -66.82
N TRP JA 295 -69.45 -22.03 -65.63
CA TRP JA 295 -70.66 -21.18 -65.42
C TRP JA 295 -70.55 -19.74 -65.99
N GLY JA 296 -69.39 -19.10 -65.88
CA GLY JA 296 -69.22 -17.72 -66.32
C GLY JA 296 -67.81 -17.31 -66.66
N PHE JA 297 -67.68 -16.19 -67.38
CA PHE JA 297 -66.34 -15.61 -67.71
C PHE JA 297 -66.40 -14.07 -67.71
N ARG JA 298 -65.29 -13.37 -67.44
CA ARG JA 298 -65.19 -11.87 -67.55
C ARG JA 298 -63.78 -11.41 -68.01
N PRO JA 299 -63.61 -10.29 -68.77
CA PRO JA 299 -62.28 -9.70 -69.06
C PRO JA 299 -61.55 -8.97 -67.91
N ARG JA 300 -60.23 -9.07 -67.81
CA ARG JA 300 -59.46 -8.44 -66.70
C ARG JA 300 -58.38 -7.47 -67.21
N SER JA 301 -57.53 -7.89 -68.14
CA SER JA 301 -56.39 -7.05 -68.60
C SER JA 301 -56.15 -7.12 -70.11
N LEU JA 302 -55.62 -6.03 -70.68
CA LEU JA 302 -55.23 -5.99 -72.12
C LEU JA 302 -53.81 -5.43 -72.34
N ARG JA 303 -52.99 -6.05 -73.19
CA ARG JA 303 -51.65 -5.53 -73.61
C ARG JA 303 -51.55 -5.48 -75.14
N VAL JA 304 -51.11 -4.37 -75.73
CA VAL JA 304 -50.93 -4.22 -77.22
C VAL JA 304 -49.49 -3.82 -77.63
N LYS JA 305 -48.91 -4.49 -78.63
CA LYS JA 305 -47.59 -4.13 -79.22
C LYS JA 305 -47.68 -3.97 -80.76
N ILE JA 306 -47.10 -2.89 -81.31
CA ILE JA 306 -47.00 -2.66 -82.80
C ILE JA 306 -45.49 -2.65 -83.16
N PHE JA 307 -45.05 -3.44 -84.16
CA PHE JA 307 -43.60 -3.70 -84.44
C PHE JA 307 -43.31 -4.14 -85.89
N ASN JA 308 -42.03 -4.22 -86.29
CA ASN JA 308 -41.52 -4.66 -87.64
C ASN JA 308 -42.07 -3.80 -88.77
N ILE JA 309 -42.09 -2.49 -88.55
CA ILE JA 309 -42.64 -1.50 -89.50
C ILE JA 309 -41.84 -1.43 -90.83
N GLN JA 310 -42.53 -1.36 -91.96
CA GLN JA 310 -41.91 -1.26 -93.29
C GLN JA 310 -42.67 -0.23 -94.14
N VAL JA 311 -42.00 0.82 -94.59
CA VAL JA 311 -42.64 1.89 -95.41
C VAL JA 311 -42.16 1.71 -96.86
N LYS JA 312 -43.10 1.71 -97.80
CA LYS JA 312 -42.82 1.49 -99.24
C LYS JA 312 -43.27 2.66 -100.11
N GLU JA 313 -42.49 3.00 -101.13
CA GLU JA 313 -42.86 4.09 -102.08
C GLU JA 313 -43.24 3.46 -103.42
N VAL JA 314 -44.35 3.92 -103.99
CA VAL JA 314 -44.84 3.37 -105.27
C VAL JA 314 -44.66 4.45 -106.35
N THR JA 315 -44.05 4.09 -107.46
CA THR JA 315 -43.79 5.05 -108.55
C THR JA 315 -44.30 4.50 -109.86
N VAL JA 316 -44.93 5.33 -110.68
CA VAL JA 316 -45.34 4.85 -112.03
C VAL JA 316 -44.65 5.65 -113.14
N GLN JA 317 -43.93 4.99 -114.06
CA GLN JA 317 -43.41 5.69 -115.26
C GLN JA 317 -43.93 4.91 -116.47
N ASP JA 318 -44.75 5.54 -117.31
CA ASP JA 318 -45.22 4.87 -118.55
C ASP JA 318 -45.87 3.51 -118.22
N SER JA 319 -46.61 3.40 -117.12
CA SER JA 319 -47.38 2.16 -116.76
C SER JA 319 -46.54 1.03 -116.12
N THR JA 320 -45.25 1.23 -115.81
CA THR JA 320 -44.42 0.21 -115.10
C THR JA 320 -44.86 -0.12 -113.68
N THR JA 321 -45.27 0.84 -112.84
CA THR JA 321 -45.62 0.61 -111.40
C THR JA 321 -44.55 -0.06 -110.50
N THR JA 322 -43.29 0.40 -110.48
CA THR JA 322 -42.26 -0.11 -109.52
C THR JA 322 -42.55 0.20 -108.04
N ILE JA 323 -42.23 -0.71 -107.13
CA ILE JA 323 -42.39 -0.54 -105.65
C ILE JA 323 -41.03 -0.65 -104.94
N ALA JA 324 -40.69 0.26 -104.03
CA ALA JA 324 -39.38 0.26 -103.33
C ALA JA 324 -39.47 0.62 -101.85
N ASN JA 325 -38.53 0.18 -101.05
CA ASN JA 325 -38.43 0.57 -99.61
C ASN JA 325 -37.97 2.01 -99.40
N ASN JA 326 -38.58 2.74 -98.48
CA ASN JA 326 -38.03 4.07 -98.06
C ASN JA 326 -37.63 3.93 -96.59
N LEU JA 327 -36.34 3.89 -96.28
CA LEU JA 327 -35.76 3.75 -94.92
C LEU JA 327 -36.04 4.92 -93.97
N THR JA 328 -36.00 6.14 -94.47
CA THR JA 328 -36.12 7.37 -93.65
C THR JA 328 -37.57 7.82 -93.39
N SER JA 329 -38.58 7.20 -94.01
CA SER JA 329 -40.03 7.52 -93.80
C SER JA 329 -40.58 7.09 -92.41
N THR JA 330 -41.60 7.78 -91.91
CA THR JA 330 -42.16 7.54 -90.54
C THR JA 330 -43.64 7.18 -90.52
N VAL JA 331 -44.06 6.52 -89.46
CA VAL JA 331 -45.49 6.20 -89.18
C VAL JA 331 -45.80 6.91 -87.84
N GLN JA 332 -47.02 7.42 -87.65
CA GLN JA 332 -47.47 8.13 -86.41
C GLN JA 332 -48.58 7.36 -85.64
N VAL JA 333 -48.40 7.12 -84.35
CA VAL JA 333 -49.33 6.30 -83.52
C VAL JA 333 -49.73 7.01 -82.21
N PHE JA 334 -51.01 6.94 -81.82
CA PHE JA 334 -51.50 7.48 -80.51
C PHE JA 334 -52.72 6.70 -79.94
N THR JA 335 -52.95 6.80 -78.64
CA THR JA 335 -54.15 6.23 -77.97
C THR JA 335 -54.98 7.35 -77.37
N ASP JA 336 -56.31 7.32 -77.54
CA ASP JA 336 -57.25 8.34 -76.97
C ASP JA 336 -57.67 7.98 -75.54
N ASP JA 337 -56.80 8.19 -74.57
CA ASP JA 337 -57.00 7.81 -73.13
C ASP JA 337 -58.15 8.52 -72.38
N ASP JA 338 -58.40 9.80 -72.61
CA ASP JA 338 -59.43 10.61 -71.90
C ASP JA 338 -60.78 10.63 -72.62
N TYR JA 339 -60.96 9.91 -73.72
CA TYR JA 339 -62.26 9.75 -74.46
C TYR JA 339 -62.75 11.06 -75.05
N GLN JA 340 -61.85 11.95 -75.42
CA GLN JA 340 -62.15 13.22 -76.11
C GLN JA 340 -62.75 13.00 -77.51
N LEU JA 341 -62.26 12.04 -78.26
CA LEU JA 341 -62.79 11.70 -79.60
C LEU JA 341 -64.09 10.92 -79.60
N PRO JA 342 -64.90 11.03 -80.67
CA PRO JA 342 -66.04 10.13 -80.80
C PRO JA 342 -65.61 8.65 -80.90
N TYR JA 343 -66.25 7.72 -80.17
CA TYR JA 343 -65.84 6.30 -80.12
C TYR JA 343 -66.71 5.47 -81.06
N VAL JA 344 -66.09 4.95 -82.11
CA VAL JA 344 -66.84 4.22 -83.17
C VAL JA 344 -66.63 2.70 -83.05
N VAL JA 345 -65.82 2.23 -82.11
CA VAL JA 345 -65.43 0.79 -81.97
C VAL JA 345 -66.60 -0.20 -81.63
N GLY JA 346 -67.60 0.15 -80.84
CA GLY JA 346 -68.61 -0.82 -80.32
C GLY JA 346 -69.93 -0.93 -81.10
N ASN JA 347 -69.97 -0.60 -82.38
CA ASN JA 347 -71.20 -0.49 -83.22
C ASN JA 347 -71.38 -1.62 -84.26
N GLY JA 348 -70.77 -2.81 -84.13
CA GLY JA 348 -70.87 -3.97 -85.05
C GLY JA 348 -70.37 -3.77 -86.46
N THR JA 349 -69.27 -3.03 -86.61
CA THR JA 349 -68.68 -2.72 -87.91
C THR JA 349 -67.50 -3.62 -88.26
N GLU JA 350 -67.25 -3.79 -89.55
CA GLU JA 350 -66.12 -4.60 -90.11
C GLU JA 350 -64.73 -3.95 -89.99
N GLY JA 351 -63.65 -4.70 -90.18
CA GLY JA 351 -62.26 -4.22 -89.97
C GLY JA 351 -61.53 -4.69 -88.74
N CYS JA 352 -62.08 -5.60 -87.94
CA CYS JA 352 -61.40 -6.23 -86.77
C CYS JA 352 -60.32 -7.25 -87.23
N LEU JA 353 -59.43 -7.64 -86.32
CA LEU JA 353 -58.39 -8.65 -86.63
C LEU JA 353 -59.07 -9.96 -87.05
N PRO JA 354 -58.52 -10.66 -88.07
CA PRO JA 354 -59.14 -11.88 -88.56
C PRO JA 354 -59.22 -13.13 -87.66
N ALA JA 355 -60.23 -13.97 -87.84
CA ALA JA 355 -60.41 -15.25 -87.10
C ALA JA 355 -59.23 -16.22 -87.34
N PHE JA 356 -58.69 -16.30 -88.57
CA PHE JA 356 -57.61 -17.26 -88.92
C PHE JA 356 -56.28 -16.52 -88.88
N PRO JA 357 -55.29 -16.98 -88.05
CA PRO JA 357 -53.98 -16.32 -87.89
C PRO JA 357 -53.12 -15.96 -89.12
N PRO JA 358 -53.01 -16.81 -90.18
CA PRO JA 358 -52.30 -16.51 -91.42
C PRO JA 358 -52.88 -15.38 -92.31
N GLN JA 359 -54.16 -15.06 -92.19
CA GLN JA 359 -54.83 -14.02 -93.03
C GLN JA 359 -54.26 -12.61 -92.80
N VAL JA 360 -54.10 -11.85 -93.88
CA VAL JA 360 -53.47 -10.50 -93.83
C VAL JA 360 -54.59 -9.47 -94.06
N PHE JA 361 -54.64 -8.41 -93.27
CA PHE JA 361 -55.79 -7.47 -93.33
C PHE JA 361 -55.49 -5.97 -93.53
N THR JA 362 -56.39 -5.29 -94.23
CA THR JA 362 -56.37 -3.81 -94.36
C THR JA 362 -57.04 -3.12 -93.18
N LEU JA 363 -56.40 -2.11 -92.59
CA LEU JA 363 -57.02 -1.28 -91.51
C LEU JA 363 -58.15 -0.38 -92.02
N PRO JA 364 -59.26 -0.27 -91.25
CA PRO JA 364 -60.32 0.67 -91.57
C PRO JA 364 -59.99 2.17 -91.45
N GLN JA 365 -60.55 3.01 -92.32
CA GLN JA 365 -60.39 4.50 -92.20
C GLN JA 365 -61.33 5.10 -91.13
N TYR JA 366 -60.82 5.97 -90.25
CA TYR JA 366 -61.60 6.72 -89.23
C TYR JA 366 -62.49 7.84 -89.80
N GLY JA 367 -63.70 7.97 -89.27
CA GLY JA 367 -64.69 8.97 -89.66
C GLY JA 367 -65.71 9.06 -88.57
N TYR JA 368 -66.56 10.09 -88.58
CA TYR JA 368 -67.62 10.28 -87.56
C TYR JA 368 -68.77 11.10 -88.09
N ALA JA 369 -69.93 11.00 -87.45
CA ALA JA 369 -71.08 11.88 -87.73
C ALA JA 369 -71.29 12.81 -86.55
N THR JA 370 -71.46 14.11 -86.78
CA THR JA 370 -71.84 15.12 -85.76
C THR JA 370 -73.32 15.43 -85.94
N LEU JA 371 -73.77 16.59 -85.48
CA LEU JA 371 -75.17 17.06 -85.65
C LEU JA 371 -75.55 17.48 -87.07
N ASN JA 372 -76.80 17.27 -87.44
CA ASN JA 372 -77.33 17.63 -88.78
C ASN JA 372 -78.61 18.45 -88.52
N ARG JA 373 -78.97 19.36 -89.41
CA ARG JA 373 -80.12 20.27 -89.16
C ARG JA 373 -81.42 19.85 -89.86
N ASP JA 374 -82.50 19.66 -89.10
CA ASP JA 374 -83.87 19.33 -89.62
C ASP JA 374 -83.95 18.09 -90.52
N ASN JA 375 -83.25 17.00 -90.18
CA ASN JA 375 -83.23 15.75 -91.00
C ASN JA 375 -82.77 16.05 -92.44
N THR JA 376 -81.73 16.89 -92.60
CA THR JA 376 -81.13 17.29 -93.91
C THR JA 376 -79.60 17.16 -93.83
N GLU JA 377 -78.85 17.30 -94.94
CA GLU JA 377 -77.36 17.18 -95.00
C GLU JA 377 -76.59 18.37 -94.37
N ASN JA 378 -77.25 19.49 -94.11
CA ASN JA 378 -76.66 20.71 -93.49
C ASN JA 378 -76.30 20.60 -92.00
N PRO JA 379 -75.21 21.26 -91.56
CA PRO JA 379 -74.84 21.39 -90.15
C PRO JA 379 -75.57 22.43 -89.25
N THR JA 380 -75.31 22.40 -87.95
CA THR JA 380 -75.87 23.29 -86.92
C THR JA 380 -74.72 24.02 -86.24
N GLU JA 381 -74.98 25.09 -85.49
CA GLU JA 381 -73.98 25.84 -84.68
C GLU JA 381 -73.34 24.93 -83.61
N ARG JA 382 -74.07 24.03 -83.01
CA ARG JA 382 -73.59 23.00 -82.04
C ARG JA 382 -72.66 21.95 -82.70
N SER JA 383 -72.73 21.75 -84.03
CA SER JA 383 -71.93 20.74 -84.78
C SER JA 383 -70.42 20.98 -84.60
N SER JA 384 -69.64 19.92 -84.38
CA SER JA 384 -68.21 19.97 -83.97
C SER JA 384 -67.20 19.35 -84.95
N PHE JA 385 -66.04 19.97 -85.07
CA PHE JA 385 -64.91 19.45 -85.88
C PHE JA 385 -63.78 19.04 -84.93
N PHE JA 386 -63.24 17.87 -85.15
CA PHE JA 386 -62.09 17.38 -84.34
C PHE JA 386 -60.87 17.12 -85.22
N CYS JA 387 -59.71 17.67 -84.85
CA CYS JA 387 -58.40 17.42 -85.52
C CYS JA 387 -57.56 16.39 -84.74
N LEU JA 388 -57.14 15.27 -85.35
CA LEU JA 388 -56.26 14.21 -84.75
C LEU JA 388 -54.83 14.72 -84.51
N GLU JA 389 -54.32 15.59 -85.39
CA GLU JA 389 -52.95 16.15 -85.32
C GLU JA 389 -52.81 17.10 -84.12
N TYR JA 390 -53.90 17.59 -83.56
CA TYR JA 390 -53.92 18.41 -82.31
C TYR JA 390 -53.42 17.57 -81.12
N PHE JA 391 -53.74 16.30 -81.01
CA PHE JA 391 -53.20 15.38 -79.97
C PHE JA 391 -51.72 15.07 -80.16
N PRO JA 392 -50.93 14.82 -79.10
CA PRO JA 392 -49.58 14.28 -79.27
C PRO JA 392 -49.44 12.80 -79.77
N SER JA 393 -48.50 12.47 -80.67
CA SER JA 393 -48.30 11.10 -81.20
C SER JA 393 -46.83 10.64 -81.26
N LYS JA 394 -46.56 9.35 -81.08
CA LYS JA 394 -45.21 8.77 -81.28
C LYS JA 394 -44.86 8.69 -82.78
N MET JA 395 -43.61 8.95 -83.15
CA MET JA 395 -43.15 8.83 -84.57
C MET JA 395 -42.19 7.63 -84.70
N LEU JA 396 -42.47 6.74 -85.66
CA LEU JA 396 -41.65 5.51 -85.80
C LEU JA 396 -41.02 5.30 -87.17
N ARG JA 397 -39.72 5.05 -87.20
CA ARG JA 397 -38.99 4.57 -88.39
C ARG JA 397 -38.98 3.00 -88.36
N THR JA 398 -38.35 2.33 -89.34
CA THR JA 398 -38.26 0.83 -89.47
C THR JA 398 -37.69 0.12 -88.24
N GLY JA 399 -36.70 0.66 -87.54
CA GLY JA 399 -36.17 0.19 -86.23
C GLY JA 399 -37.10 0.24 -85.06
N ASN JA 400 -37.98 1.24 -84.96
CA ASN JA 400 -38.88 1.56 -83.80
C ASN JA 400 -40.12 0.68 -83.54
N ASN JA 401 -40.60 0.65 -82.30
CA ASN JA 401 -41.79 -0.15 -81.86
C ASN JA 401 -42.69 0.68 -80.90
N PHE JA 402 -43.96 0.31 -80.75
CA PHE JA 402 -44.92 0.95 -79.81
C PHE JA 402 -45.58 -0.08 -78.87
N GLU JA 403 -45.76 0.24 -77.58
CA GLU JA 403 -46.48 -0.64 -76.62
C GLU JA 403 -47.54 0.10 -75.77
N PHE JA 404 -48.67 -0.55 -75.44
CA PHE JA 404 -49.72 0.01 -74.51
C PHE JA 404 -50.25 -1.08 -73.52
N THR JA 405 -50.68 -0.69 -72.32
CA THR JA 405 -51.30 -1.61 -71.30
C THR JA 405 -52.62 -1.03 -70.79
N TYR JA 406 -53.65 -1.86 -70.56
CA TYR JA 406 -54.96 -1.42 -70.02
C TYR JA 406 -55.52 -2.38 -68.95
N ASN JA 407 -56.27 -1.88 -67.96
CA ASN JA 407 -56.98 -2.71 -66.95
C ASN JA 407 -58.49 -2.48 -67.07
N PHE JA 408 -59.26 -3.54 -67.11
CA PHE JA 408 -60.74 -3.43 -67.21
C PHE JA 408 -61.31 -3.07 -65.83
N GLU JA 409 -62.40 -2.31 -65.78
CA GLU JA 409 -63.15 -2.02 -64.52
C GLU JA 409 -63.89 -3.27 -64.03
N GLU JA 410 -64.25 -3.33 -62.74
CA GLU JA 410 -65.06 -4.47 -62.27
C GLU JA 410 -66.40 -4.53 -63.02
N VAL JA 411 -66.76 -5.71 -63.49
CA VAL JA 411 -67.99 -5.91 -64.31
C VAL JA 411 -68.57 -7.26 -63.86
N PRO JA 412 -69.89 -7.48 -63.97
CA PRO JA 412 -70.45 -8.81 -63.69
C PRO JA 412 -70.05 -9.91 -64.71
N PHE JA 413 -69.88 -11.16 -64.26
CA PHE JA 413 -69.57 -12.30 -65.16
C PHE JA 413 -70.72 -12.58 -66.12
N HIS JA 414 -70.47 -12.92 -67.38
CA HIS JA 414 -71.52 -13.39 -68.32
C HIS JA 414 -72.05 -14.74 -67.81
N SER JA 415 -73.34 -15.02 -67.98
CA SER JA 415 -73.93 -16.31 -67.55
C SER JA 415 -73.94 -17.36 -68.65
N SER JA 416 -72.99 -18.31 -68.63
CA SER JA 416 -72.91 -19.44 -69.59
C SER JA 416 -73.67 -20.67 -69.07
N PHE JA 417 -74.98 -20.57 -68.93
CA PHE JA 417 -75.81 -21.69 -68.43
C PHE JA 417 -77.24 -21.49 -68.90
N ALA JA 418 -77.99 -22.58 -68.93
CA ALA JA 418 -79.43 -22.54 -69.27
C ALA JA 418 -80.20 -22.96 -68.01
N PRO JA 419 -81.32 -22.29 -67.69
CA PRO JA 419 -82.18 -22.75 -66.59
C PRO JA 419 -82.85 -24.13 -66.73
N SER JA 420 -82.83 -24.90 -65.65
CA SER JA 420 -83.46 -26.25 -65.62
C SER JA 420 -84.90 -26.21 -65.05
N GLN JA 421 -85.40 -25.04 -64.66
CA GLN JA 421 -86.80 -24.89 -64.17
C GLN JA 421 -87.54 -23.71 -64.79
N ASN JA 422 -88.85 -23.84 -65.00
CA ASN JA 422 -89.77 -22.74 -65.41
C ASN JA 422 -89.99 -21.76 -64.22
N LEU JA 423 -90.08 -20.46 -64.48
CA LEU JA 423 -90.28 -19.38 -63.46
C LEU JA 423 -91.62 -19.55 -62.74
N PHE JA 424 -92.67 -19.98 -63.44
CA PHE JA 424 -94.02 -20.21 -62.88
C PHE JA 424 -94.27 -21.62 -62.25
N LYS JA 425 -93.33 -22.58 -62.26
CA LYS JA 425 -93.50 -23.98 -61.76
C LYS JA 425 -92.64 -24.28 -60.50
N LEU JA 426 -92.37 -23.32 -59.60
CA LEU JA 426 -91.43 -23.47 -58.44
C LEU JA 426 -92.04 -24.02 -57.13
N ALA JA 427 -93.35 -24.11 -57.02
CA ALA JA 427 -94.00 -24.73 -55.85
C ALA JA 427 -93.76 -26.24 -55.89
N ASN JA 428 -93.68 -26.90 -54.72
CA ASN JA 428 -93.55 -28.37 -54.67
C ASN JA 428 -94.78 -28.98 -55.36
N PRO JA 429 -94.59 -29.96 -56.25
CA PRO JA 429 -95.69 -30.64 -56.92
C PRO JA 429 -96.63 -31.46 -55.98
N LEU JA 430 -96.13 -32.12 -54.94
CA LEU JA 430 -96.84 -32.88 -53.87
C LEU JA 430 -97.73 -32.08 -52.91
N VAL JA 431 -97.37 -30.87 -52.53
CA VAL JA 431 -98.08 -30.10 -51.46
C VAL JA 431 -98.98 -28.93 -51.93
N ASP JA 432 -100.21 -28.84 -51.40
CA ASP JA 432 -101.16 -27.70 -51.63
C ASP JA 432 -100.77 -26.40 -50.93
N GLN JA 433 -101.11 -25.26 -51.50
CA GLN JA 433 -100.92 -23.93 -50.87
C GLN JA 433 -101.93 -23.61 -49.75
N TYR JA 434 -101.58 -22.83 -48.74
CA TYR JA 434 -102.56 -22.33 -47.71
C TYR JA 434 -103.29 -21.05 -48.21
N LEU JA 435 -103.45 -20.88 -49.51
CA LEU JA 435 -103.99 -19.64 -50.11
C LEU JA 435 -105.20 -19.95 -51.00
N TYR JA 436 -106.11 -18.99 -51.13
CA TYR JA 436 -107.39 -19.23 -51.84
C TYR JA 436 -107.63 -18.20 -52.92
N ARG JA 437 -108.42 -18.56 -53.93
CA ARG JA 437 -108.69 -17.68 -55.09
C ARG JA 437 -110.20 -17.55 -55.33
N PHE JA 438 -110.63 -16.43 -55.93
CA PHE JA 438 -112.04 -16.25 -56.30
C PHE JA 438 -112.30 -16.96 -57.60
N VAL JA 439 -113.34 -17.78 -57.60
CA VAL JA 439 -113.70 -18.52 -58.82
C VAL JA 439 -115.12 -18.24 -59.33
N SER JA 440 -115.99 -17.67 -58.50
CA SER JA 440 -117.42 -17.65 -58.88
C SER JA 440 -118.36 -16.66 -58.17
N THR JA 441 -119.51 -16.44 -58.76
CA THR JA 441 -120.58 -15.66 -58.12
C THR JA 441 -121.83 -16.57 -58.21
N ASN JA 442 -122.71 -16.59 -57.21
CA ASN JA 442 -123.97 -17.40 -57.22
C ASN JA 442 -125.15 -16.67 -57.93
N ASN JA 443 -126.37 -17.24 -57.91
CA ASN JA 443 -127.55 -16.67 -58.62
C ASN JA 443 -127.83 -15.26 -58.07
N THR JA 444 -127.71 -15.02 -56.78
CA THR JA 444 -127.68 -13.66 -56.23
C THR JA 444 -126.20 -13.41 -56.35
N GLY JA 445 -125.71 -12.27 -56.75
CA GLY JA 445 -124.26 -12.24 -57.09
C GLY JA 445 -123.30 -12.26 -55.91
N GLY JA 446 -123.25 -13.37 -55.16
CA GLY JA 446 -122.40 -13.50 -53.96
C GLY JA 446 -121.12 -14.23 -54.25
N VAL JA 447 -119.98 -13.70 -53.81
CA VAL JA 447 -118.63 -14.26 -54.13
C VAL JA 447 -118.33 -15.64 -53.54
N GLN JA 448 -117.61 -16.47 -54.29
CA GLN JA 448 -117.29 -17.87 -53.89
C GLN JA 448 -115.79 -18.12 -54.07
N PHE JA 449 -115.21 -19.01 -53.25
CA PHE JA 449 -113.74 -19.24 -53.24
C PHE JA 449 -113.36 -20.72 -53.24
N ASN JA 450 -112.19 -21.04 -53.77
CA ASN JA 450 -111.64 -22.43 -53.78
C ASN JA 450 -110.18 -22.40 -53.37
N LYS JA 451 -109.70 -23.43 -52.70
CA LYS JA 451 -108.27 -23.59 -52.32
C LYS JA 451 -107.37 -23.95 -53.51
N ASN JA 452 -106.10 -23.58 -53.44
CA ASN JA 452 -105.13 -23.88 -54.53
C ASN JA 452 -104.50 -25.26 -54.31
N LEU JA 453 -104.73 -26.20 -55.22
CA LEU JA 453 -104.23 -27.61 -55.15
C LEU JA 453 -102.78 -27.83 -55.63
N ALA JA 454 -102.17 -28.93 -55.22
CA ALA JA 454 -100.78 -29.29 -55.61
C ALA JA 454 -100.62 -29.53 -57.13
N GLY JA 455 -99.60 -28.91 -57.74
CA GLY JA 455 -99.27 -29.04 -59.17
C GLY JA 455 -100.12 -28.21 -60.12
N ARG JA 456 -101.07 -27.42 -59.62
CA ARG JA 456 -101.98 -26.58 -60.46
C ARG JA 456 -101.30 -25.21 -60.72
N TYR JA 457 -100.28 -25.16 -61.59
CA TYR JA 457 -99.42 -23.97 -61.89
C TYR JA 457 -100.22 -22.84 -62.54
N ALA JA 458 -101.28 -23.18 -63.26
CA ALA JA 458 -102.19 -22.20 -63.84
C ALA JA 458 -102.82 -21.31 -62.75
N ASN JA 459 -103.14 -21.84 -61.55
CA ASN JA 459 -103.87 -21.11 -60.47
C ASN JA 459 -103.10 -20.85 -59.18
N THR JA 460 -101.81 -20.63 -59.15
CA THR JA 460 -100.96 -20.61 -57.94
C THR JA 460 -100.50 -19.18 -57.70
N TYR JA 461 -100.36 -18.75 -56.47
CA TYR JA 461 -99.82 -17.41 -56.12
C TYR JA 461 -98.35 -17.39 -56.52
N LYS JA 462 -97.88 -16.27 -57.07
CA LYS JA 462 -96.50 -16.17 -57.59
C LYS JA 462 -95.71 -15.02 -56.98
N ASN JA 463 -94.50 -15.25 -56.49
CA ASN JA 463 -93.53 -14.18 -56.05
C ASN JA 463 -92.92 -13.31 -57.15
N TRP JA 464 -92.59 -13.86 -58.31
CA TRP JA 464 -91.72 -13.20 -59.30
C TRP JA 464 -92.32 -13.16 -60.68
N PHE JA 465 -91.90 -12.20 -61.47
CA PHE JA 465 -92.53 -11.96 -62.80
C PHE JA 465 -91.48 -11.96 -63.87
N PRO JA 466 -91.88 -12.32 -65.11
CA PRO JA 466 -91.00 -12.25 -66.27
C PRO JA 466 -90.59 -10.86 -66.75
N GLY JA 467 -89.50 -10.76 -67.49
CA GLY JA 467 -88.93 -9.49 -67.99
C GLY JA 467 -89.69 -8.79 -69.11
N PRO JA 468 -89.34 -7.53 -69.42
CA PRO JA 468 -90.08 -6.72 -70.40
C PRO JA 468 -90.15 -7.16 -71.87
N MET JA 469 -91.30 -6.93 -72.52
CA MET JA 469 -91.51 -7.42 -73.89
C MET JA 469 -92.12 -6.39 -74.86
N GLY JA 470 -91.79 -6.41 -76.15
CA GLY JA 470 -92.50 -5.64 -77.20
C GLY JA 470 -92.80 -6.57 -78.37
N ARG JA 471 -94.02 -6.66 -78.89
CA ARG JA 471 -94.32 -7.67 -79.96
C ARG JA 471 -93.57 -7.42 -81.31
N THR JA 472 -92.98 -8.45 -81.91
CA THR JA 472 -92.22 -8.41 -83.19
C THR JA 472 -92.71 -9.53 -84.09
N GLN JA 473 -92.81 -9.30 -85.39
CA GLN JA 473 -93.40 -10.30 -86.34
C GLN JA 473 -92.59 -11.61 -86.42
N GLY JA 474 -93.28 -12.74 -86.53
CA GLY JA 474 -92.64 -14.06 -86.64
C GLY JA 474 -92.71 -14.62 -88.05
N TRP JA 475 -91.57 -15.12 -88.54
CA TRP JA 475 -91.47 -15.70 -89.90
C TRP JA 475 -90.98 -17.16 -89.84
N ASN JA 476 -91.63 -18.04 -90.58
CA ASN JA 476 -91.24 -19.48 -90.65
C ASN JA 476 -89.99 -19.69 -91.51
N LEU JA 477 -89.17 -20.67 -91.16
CA LEU JA 477 -87.89 -20.99 -91.85
C LEU JA 477 -87.99 -22.47 -92.27
N GLY JA 478 -87.18 -22.93 -93.21
CA GLY JA 478 -87.29 -24.33 -93.69
C GLY JA 478 -88.60 -24.60 -94.39
N SER JA 479 -89.38 -25.56 -93.89
CA SER JA 479 -90.69 -25.90 -94.50
C SER JA 479 -91.60 -24.67 -94.44
N GLY JA 480 -91.61 -23.89 -93.34
CA GLY JA 480 -92.26 -22.56 -93.40
C GLY JA 480 -93.72 -22.52 -93.74
N VAL JA 481 -94.11 -21.78 -94.79
CA VAL JA 481 -95.54 -21.52 -95.19
C VAL JA 481 -95.92 -20.02 -94.95
N ASN JA 482 -94.98 -19.09 -94.99
CA ASN JA 482 -95.18 -17.60 -94.87
C ASN JA 482 -95.85 -16.91 -96.08
N ARG JA 483 -96.42 -15.70 -95.88
CA ARG JA 483 -97.08 -14.86 -96.96
C ARG JA 483 -96.13 -14.39 -98.08
N ALA JA 484 -96.58 -14.44 -99.34
CA ALA JA 484 -95.79 -14.14 -100.56
C ALA JA 484 -95.64 -12.67 -100.96
N SER JA 485 -94.54 -12.33 -101.65
CA SER JA 485 -94.31 -10.98 -102.26
C SER JA 485 -94.38 -9.80 -101.29
N VAL JA 486 -93.82 -9.92 -100.10
CA VAL JA 486 -93.92 -8.85 -99.06
C VAL JA 486 -92.71 -7.91 -99.07
N SER JA 487 -92.92 -6.60 -98.97
CA SER JA 487 -91.81 -5.66 -98.71
C SER JA 487 -91.83 -5.41 -97.20
N ALA JA 488 -90.79 -5.77 -96.48
CA ALA JA 488 -90.73 -5.72 -95.00
C ALA JA 488 -90.78 -4.35 -94.30
N PHE JA 489 -90.19 -3.26 -94.82
CA PHE JA 489 -89.92 -2.00 -94.07
C PHE JA 489 -91.14 -1.23 -93.48
N ALA JA 490 -92.27 -1.12 -94.16
CA ALA JA 490 -93.45 -0.36 -93.65
C ALA JA 490 -93.98 -0.96 -92.35
N THR JA 491 -93.98 -2.28 -92.20
CA THR JA 491 -94.54 -2.98 -91.03
C THR JA 491 -93.52 -3.32 -89.96
N THR JA 492 -92.26 -2.89 -90.08
CA THR JA 492 -91.19 -3.12 -89.08
C THR JA 492 -91.34 -2.30 -87.81
N ASN JA 493 -90.76 -2.76 -86.69
CA ASN JA 493 -90.75 -2.01 -85.39
C ASN JA 493 -89.88 -0.75 -85.47
N ARG JA 494 -90.33 0.35 -84.86
CA ARG JA 494 -89.59 1.63 -84.99
C ARG JA 494 -89.62 2.48 -83.72
N MET JA 495 -88.63 3.36 -83.53
CA MET JA 495 -88.62 4.35 -82.43
C MET JA 495 -88.42 5.73 -83.11
N GLU JA 496 -89.02 6.81 -82.59
CA GLU JA 496 -88.95 8.15 -83.22
C GLU JA 496 -87.96 9.06 -82.46
N LEU JA 497 -86.95 9.63 -83.14
CA LEU JA 497 -86.00 10.60 -82.52
C LEU JA 497 -85.90 11.86 -83.39
N GLU JA 498 -86.03 13.07 -82.85
CA GLU JA 498 -85.79 14.37 -83.56
C GLU JA 498 -86.61 14.52 -84.84
N GLY JA 499 -87.84 14.06 -84.91
CA GLY JA 499 -88.62 14.09 -86.15
C GLY JA 499 -88.38 12.98 -87.18
N ALA JA 500 -87.60 11.94 -86.90
CA ALA JA 500 -87.45 10.84 -87.89
C ALA JA 500 -87.77 9.45 -87.29
N SER JA 501 -88.21 8.51 -88.11
CA SER JA 501 -88.54 7.11 -87.67
C SER JA 501 -87.33 6.20 -87.94
N TYR JA 502 -86.90 5.48 -86.92
CA TYR JA 502 -85.71 4.61 -87.05
C TYR JA 502 -86.01 3.16 -86.75
N GLN JA 503 -85.54 2.27 -87.59
CA GLN JA 503 -85.57 0.84 -87.23
C GLN JA 503 -84.54 0.65 -86.12
N VAL JA 504 -84.82 -0.21 -85.16
CA VAL JA 504 -83.93 -0.50 -84.01
C VAL JA 504 -83.78 -2.02 -84.10
N PRO JA 505 -82.95 -2.54 -85.04
CA PRO JA 505 -82.89 -3.94 -85.39
C PRO JA 505 -82.55 -4.92 -84.31
N PRO JA 506 -81.65 -4.76 -83.32
CA PRO JA 506 -81.61 -5.73 -82.23
C PRO JA 506 -82.78 -5.18 -81.39
N GLN JA 507 -83.71 -5.98 -80.93
CA GLN JA 507 -84.72 -5.35 -80.02
C GLN JA 507 -84.10 -5.20 -78.61
N PRO JA 508 -84.70 -4.48 -77.62
CA PRO JA 508 -84.19 -4.43 -76.24
C PRO JA 508 -84.26 -5.77 -75.43
N ASN JA 509 -83.39 -6.04 -74.44
CA ASN JA 509 -83.31 -7.34 -73.68
C ASN JA 509 -84.55 -7.81 -72.89
N GLY JA 510 -84.66 -9.12 -72.59
CA GLY JA 510 -85.79 -9.75 -71.86
C GLY JA 510 -86.75 -10.59 -72.66
N MET JA 511 -86.47 -10.82 -73.93
CA MET JA 511 -87.34 -11.68 -74.77
C MET JA 511 -86.61 -12.88 -75.39
N THR JA 512 -87.35 -13.86 -75.89
CA THR JA 512 -86.78 -14.97 -76.70
C THR JA 512 -87.36 -14.93 -78.11
N ASN JA 513 -86.53 -14.92 -79.16
CA ASN JA 513 -86.90 -15.02 -80.61
C ASN JA 513 -87.52 -16.37 -81.06
N ASN JA 514 -87.06 -17.52 -80.58
CA ASN JA 514 -87.49 -18.87 -81.07
C ASN JA 514 -87.90 -19.77 -79.90
N LEU JA 515 -89.00 -20.51 -80.01
CA LEU JA 515 -89.45 -21.49 -78.95
C LEU JA 515 -88.59 -22.77 -78.68
N GLN JA 516 -88.04 -23.50 -79.65
CA GLN JA 516 -87.30 -24.81 -79.48
C GLN JA 516 -88.06 -25.80 -80.37
N GLY JA 517 -87.34 -26.61 -81.16
CA GLY JA 517 -88.13 -27.27 -82.20
C GLY JA 517 -88.55 -26.06 -83.02
N SER JA 518 -89.83 -25.77 -83.19
CA SER JA 518 -90.38 -24.62 -83.95
C SER JA 518 -89.49 -23.93 -85.01
N ASN JA 519 -90.12 -23.62 -86.14
CA ASN JA 519 -89.41 -22.93 -87.25
C ASN JA 519 -89.84 -21.47 -87.31
N THR JA 520 -90.58 -20.97 -86.31
CA THR JA 520 -90.93 -19.54 -86.23
C THR JA 520 -89.84 -18.75 -85.52
N TYR JA 521 -89.40 -17.67 -86.15
CA TYR JA 521 -88.34 -16.81 -85.60
C TYR JA 521 -88.79 -15.39 -85.72
N ALA JA 522 -88.54 -14.62 -84.67
CA ALA JA 522 -88.80 -13.18 -84.82
C ALA JA 522 -87.49 -12.60 -85.37
N LEU JA 523 -87.44 -12.26 -86.66
CA LEU JA 523 -86.20 -11.86 -87.39
C LEU JA 523 -85.53 -10.55 -86.89
N GLU JA 524 -86.32 -9.56 -86.47
CA GLU JA 524 -85.78 -8.28 -85.95
C GLU JA 524 -85.30 -8.42 -84.48
N ASN JA 525 -85.50 -9.55 -83.82
CA ASN JA 525 -84.94 -9.85 -82.48
C ASN JA 525 -83.72 -10.79 -82.58
N THR JA 526 -83.22 -11.09 -83.77
CA THR JA 526 -82.12 -12.10 -83.94
C THR JA 526 -80.87 -11.50 -84.54
N MET JA 527 -79.70 -11.87 -84.02
CA MET JA 527 -78.40 -11.54 -84.67
C MET JA 527 -78.24 -12.41 -85.93
N ILE JA 528 -78.03 -11.79 -87.09
CA ILE JA 528 -77.80 -12.51 -88.37
C ILE JA 528 -76.37 -12.24 -88.88
N PHE JA 529 -75.64 -13.28 -89.24
CA PHE JA 529 -74.21 -13.20 -89.64
C PHE JA 529 -74.00 -13.93 -90.95
N ASN JA 530 -72.90 -13.64 -91.65
CA ASN JA 530 -72.50 -14.34 -92.89
C ASN JA 530 -71.31 -15.26 -92.55
N SER JA 531 -71.29 -16.49 -93.07
CA SER JA 531 -70.15 -17.43 -92.90
C SER JA 531 -68.89 -16.86 -93.55
N GLN JA 532 -69.01 -16.23 -94.71
CA GLN JA 532 -67.88 -15.65 -95.48
C GLN JA 532 -67.90 -14.12 -95.44
N PRO JA 533 -66.73 -13.43 -95.45
CA PRO JA 533 -66.68 -11.97 -95.56
C PRO JA 533 -67.18 -11.46 -96.91
N ALA JA 534 -67.71 -10.24 -96.93
CA ALA JA 534 -68.33 -9.67 -98.15
C ALA JA 534 -67.61 -8.43 -98.66
N ASN JA 535 -67.71 -8.19 -99.96
CA ASN JA 535 -67.17 -6.97 -100.59
C ASN JA 535 -67.99 -5.74 -100.15
N PRO JA 536 -67.38 -4.56 -100.00
CA PRO JA 536 -68.12 -3.35 -99.64
C PRO JA 536 -69.19 -2.85 -100.62
N GLY JA 537 -70.35 -2.43 -100.10
CA GLY JA 537 -71.42 -1.88 -100.91
C GLY JA 537 -72.31 -2.88 -101.61
N THR JA 538 -72.18 -4.16 -101.30
CA THR JA 538 -72.97 -5.19 -102.00
C THR JA 538 -74.46 -4.94 -101.78
N THR JA 539 -75.28 -5.08 -102.82
CA THR JA 539 -76.75 -4.96 -102.74
C THR JA 539 -77.39 -6.30 -103.08
N ALA JA 540 -76.63 -7.38 -103.12
CA ALA JA 540 -77.13 -8.74 -103.49
C ALA JA 540 -78.15 -9.34 -102.50
N THR JA 541 -79.17 -10.03 -103.01
CA THR JA 541 -80.13 -10.76 -102.14
C THR JA 541 -79.47 -12.00 -101.56
N TYR JA 542 -79.75 -12.31 -100.31
CA TYR JA 542 -79.23 -13.54 -99.67
C TYR JA 542 -80.38 -14.38 -99.17
N LEU JA 543 -80.38 -15.66 -99.51
CA LEU JA 543 -81.34 -16.64 -98.98
C LEU JA 543 -80.87 -17.19 -97.61
N GLU JA 544 -81.71 -17.94 -96.91
CA GLU JA 544 -81.46 -18.49 -95.54
C GLU JA 544 -80.24 -19.43 -95.48
N GLY JA 545 -79.98 -20.25 -96.51
CA GLY JA 545 -78.86 -21.20 -96.52
C GLY JA 545 -77.52 -20.52 -96.41
N ASN JA 546 -77.32 -19.39 -97.06
CA ASN JA 546 -76.09 -18.56 -96.89
C ASN JA 546 -75.95 -17.99 -95.46
N MET JA 547 -77.04 -17.60 -94.80
CA MET JA 547 -76.96 -16.89 -93.49
C MET JA 547 -76.74 -17.76 -92.24
N LEU JA 548 -76.12 -17.19 -91.20
CA LEU JA 548 -76.00 -17.89 -89.90
C LEU JA 548 -77.01 -17.23 -88.97
N ILE JA 549 -78.05 -17.95 -88.53
CA ILE JA 549 -79.16 -17.35 -87.72
C ILE JA 549 -79.16 -17.93 -86.29
N THR JA 550 -79.05 -17.07 -85.30
CA THR JA 550 -79.02 -17.44 -83.87
C THR JA 550 -80.39 -17.73 -83.26
N SER JA 551 -80.43 -18.52 -82.19
CA SER JA 551 -81.68 -18.86 -81.44
C SER JA 551 -81.42 -18.59 -79.96
N GLU JA 552 -82.41 -18.07 -79.24
CA GLU JA 552 -82.31 -17.75 -77.79
C GLU JA 552 -83.21 -18.73 -77.01
N SER JA 553 -83.51 -19.91 -77.53
CA SER JA 553 -84.48 -20.90 -76.97
C SER JA 553 -84.12 -21.37 -75.55
N GLU JA 554 -82.86 -21.35 -75.13
CA GLU JA 554 -82.41 -21.71 -73.75
C GLU JA 554 -83.03 -20.78 -72.69
N THR JA 555 -83.26 -19.50 -72.97
CA THR JA 555 -83.81 -18.49 -72.03
C THR JA 555 -85.34 -18.53 -71.94
N GLN JA 556 -86.02 -19.39 -72.68
CA GLN JA 556 -87.51 -19.48 -72.76
C GLN JA 556 -88.16 -19.78 -71.39
N PRO JA 557 -87.60 -20.61 -70.47
CA PRO JA 557 -88.14 -20.74 -69.11
C PRO JA 557 -88.34 -19.42 -68.31
N VAL JA 558 -87.55 -18.36 -68.52
CA VAL JA 558 -87.73 -16.98 -67.94
C VAL JA 558 -88.00 -15.83 -68.94
N ASN JA 559 -87.98 -16.02 -70.26
CA ASN JA 559 -88.09 -14.88 -71.20
C ASN JA 559 -89.31 -15.06 -72.08
N ARG JA 560 -90.13 -14.03 -72.20
CA ARG JA 560 -91.37 -14.11 -73.02
C ARG JA 560 -91.05 -14.17 -74.53
N VAL JA 561 -91.87 -14.87 -75.30
CA VAL JA 561 -91.72 -14.95 -76.78
C VAL JA 561 -92.13 -13.65 -77.49
N ALA JA 562 -91.28 -13.12 -78.39
CA ALA JA 562 -91.49 -11.84 -79.14
C ALA JA 562 -92.69 -11.86 -80.10
N TYR JA 563 -92.91 -12.95 -80.82
CA TYR JA 563 -94.04 -13.07 -81.80
C TYR JA 563 -95.42 -13.02 -81.10
N ASN JA 564 -95.57 -13.61 -79.92
CA ASN JA 564 -96.86 -13.70 -79.17
C ASN JA 564 -97.24 -12.45 -78.36
N VAL JA 565 -98.53 -12.27 -78.02
CA VAL JA 565 -99.02 -11.21 -77.05
C VAL JA 565 -98.52 -11.50 -75.62
N GLY JA 566 -98.18 -10.49 -74.82
CA GLY JA 566 -97.72 -10.60 -73.40
C GLY JA 566 -98.67 -11.13 -72.33
N GLY JA 567 -99.95 -10.78 -72.34
CA GLY JA 567 -100.89 -11.13 -71.27
C GLY JA 567 -102.19 -10.39 -71.43
N GLN JA 568 -103.08 -10.44 -70.43
CA GLN JA 568 -104.39 -9.73 -70.43
C GLN JA 568 -104.61 -8.91 -69.14
N MET JA 569 -105.34 -7.78 -69.20
CA MET JA 569 -105.70 -6.92 -68.04
C MET JA 569 -107.18 -6.51 -68.11
N ALA JA 570 -107.81 -6.10 -67.00
CA ALA JA 570 -109.23 -5.64 -66.95
C ALA JA 570 -109.49 -4.31 -67.68
N THR JA 571 -110.59 -4.26 -68.43
CA THR JA 571 -110.94 -3.07 -69.24
C THR JA 571 -112.25 -2.40 -68.80
N ASN JA 572 -112.89 -2.83 -67.72
CA ASN JA 572 -114.25 -2.36 -67.35
C ASN JA 572 -114.54 -2.56 -65.87
N ASN JA 573 -115.67 -2.06 -65.41
CA ASN JA 573 -116.15 -2.35 -64.04
C ASN JA 573 -117.39 -3.23 -64.17
N GLN JA 574 -117.42 -4.39 -63.51
CA GLN JA 574 -118.59 -5.32 -63.50
C GLN JA 574 -119.76 -4.72 -62.69
N SER JA 575 -120.99 -5.08 -63.03
CA SER JA 575 -122.21 -4.59 -62.34
C SER JA 575 -123.30 -5.64 -62.58
N SER JA 576 -124.42 -5.56 -61.91
CA SER JA 576 -125.52 -6.52 -62.23
C SER JA 576 -125.91 -6.36 -63.70
N THR JA 577 -126.00 -5.13 -64.22
CA THR JA 577 -126.21 -4.86 -65.66
C THR JA 577 -125.06 -5.30 -66.55
N THR JA 578 -123.79 -5.14 -66.14
CA THR JA 578 -122.64 -5.39 -67.03
C THR JA 578 -121.73 -6.56 -66.67
N ALA JA 579 -121.48 -7.47 -67.61
CA ALA JA 579 -120.51 -8.58 -67.43
C ALA JA 579 -119.07 -8.08 -67.41
N PRO JA 580 -118.15 -8.75 -66.68
CA PRO JA 580 -116.73 -8.40 -66.71
C PRO JA 580 -116.00 -8.62 -68.05
N ALA JA 581 -115.02 -7.78 -68.40
CA ALA JA 581 -114.28 -7.84 -69.69
C ALA JA 581 -112.76 -7.73 -69.53
N THR JA 582 -111.99 -8.34 -70.42
CA THR JA 582 -110.51 -8.25 -70.42
C THR JA 582 -109.99 -7.83 -71.77
N GLY JA 583 -108.76 -7.29 -71.81
CA GLY JA 583 -108.10 -6.99 -73.09
C GLY JA 583 -106.65 -7.43 -73.14
N THR JA 584 -106.17 -7.93 -74.27
CA THR JA 584 -104.72 -8.28 -74.46
C THR JA 584 -103.84 -7.06 -74.65
N TYR JA 585 -102.57 -7.15 -74.25
CA TYR JA 585 -101.56 -6.06 -74.46
C TYR JA 585 -100.38 -6.56 -75.37
N ASN JA 586 -99.82 -5.70 -76.23
CA ASN JA 586 -98.69 -6.06 -77.17
C ASN JA 586 -97.34 -5.58 -76.63
N LEU JA 587 -97.32 -4.77 -75.57
CA LEU JA 587 -96.06 -4.28 -74.96
C LEU JA 587 -96.16 -4.14 -73.44
N GLN JA 588 -95.09 -4.38 -72.71
CA GLN JA 588 -95.02 -4.14 -71.25
C GLN JA 588 -93.57 -3.79 -70.91
N GLU JA 589 -93.33 -3.06 -69.84
CA GLU JA 589 -91.98 -2.60 -69.47
C GLU JA 589 -91.70 -3.09 -68.06
N ILE JA 590 -90.59 -2.67 -67.46
CA ILE JA 590 -90.14 -3.17 -66.12
C ILE JA 590 -91.15 -2.92 -64.99
N VAL JA 591 -91.31 -3.92 -64.13
CA VAL JA 591 -92.23 -3.87 -62.97
C VAL JA 591 -91.37 -4.35 -61.79
N PRO JA 592 -91.65 -3.97 -60.53
CA PRO JA 592 -90.91 -4.52 -59.40
C PRO JA 592 -91.08 -6.05 -59.25
N GLY JA 593 -90.02 -6.78 -58.89
CA GLY JA 593 -90.04 -8.26 -58.85
C GLY JA 593 -89.76 -8.94 -60.19
N SER JA 594 -89.40 -8.18 -61.21
CA SER JA 594 -89.04 -8.65 -62.58
C SER JA 594 -87.68 -9.38 -62.65
N VAL JA 595 -87.64 -10.52 -63.34
CA VAL JA 595 -86.39 -11.33 -63.55
C VAL JA 595 -86.27 -11.66 -65.05
N TRP JA 596 -85.06 -11.65 -65.60
CA TRP JA 596 -84.80 -12.00 -67.03
C TRP JA 596 -83.37 -12.45 -67.25
N MET JA 597 -83.10 -13.04 -68.40
CA MET JA 597 -81.73 -13.40 -68.85
C MET JA 597 -81.28 -12.51 -70.02
N GLU JA 598 -80.06 -11.99 -69.97
CA GLU JA 598 -79.45 -11.18 -71.07
C GLU JA 598 -79.09 -12.05 -72.29
N ARG JA 599 -78.96 -11.44 -73.46
CA ARG JA 599 -78.58 -12.14 -74.72
C ARG JA 599 -77.20 -12.85 -74.62
N ASP JA 600 -77.09 -14.03 -75.25
CA ASP JA 600 -75.84 -14.83 -75.29
C ASP JA 600 -74.76 -14.26 -76.20
N VAL JA 601 -73.50 -14.43 -75.82
CA VAL JA 601 -72.32 -14.10 -76.69
C VAL JA 601 -72.06 -15.22 -77.73
N TYR JA 602 -71.43 -14.86 -78.84
CA TYR JA 602 -71.08 -15.81 -79.93
C TYR JA 602 -69.61 -15.64 -80.24
N LEU JA 603 -68.95 -16.67 -80.77
CA LEU JA 603 -67.52 -16.59 -81.19
C LEU JA 603 -67.38 -15.53 -82.33
N GLN JA 604 -68.28 -15.48 -83.28
CA GLN JA 604 -68.39 -14.46 -84.37
C GLN JA 604 -68.73 -13.05 -83.83
N GLY JA 605 -69.40 -12.92 -82.69
CA GLY JA 605 -69.83 -11.65 -82.07
C GLY JA 605 -68.89 -10.73 -81.29
N PRO JA 606 -69.33 -9.48 -81.01
CA PRO JA 606 -68.61 -8.55 -80.12
C PRO JA 606 -68.47 -8.68 -78.60
N ILE JA 607 -67.30 -8.45 -78.01
CA ILE JA 607 -67.11 -8.38 -76.51
C ILE JA 607 -67.71 -7.17 -75.73
N TRP JA 608 -67.55 -5.94 -76.19
CA TRP JA 608 -67.91 -4.76 -75.37
C TRP JA 608 -68.58 -3.62 -76.13
N ALA JA 609 -69.24 -2.71 -75.40
CA ALA JA 609 -69.81 -1.46 -75.97
C ALA JA 609 -69.57 -0.35 -74.94
N LYS JA 610 -69.41 0.88 -75.41
CA LYS JA 610 -69.26 2.06 -74.52
C LYS JA 610 -70.62 2.59 -74.07
N ILE JA 611 -70.80 2.79 -72.77
CA ILE JA 611 -72.03 3.46 -72.24
C ILE JA 611 -71.97 4.95 -72.65
N PRO JA 612 -73.06 5.53 -73.21
CA PRO JA 612 -73.09 6.95 -73.57
C PRO JA 612 -73.14 7.92 -72.40
N GLU JA 613 -72.47 9.07 -72.49
CA GLU JA 613 -72.41 10.00 -71.32
C GLU JA 613 -73.55 11.05 -71.36
N THR JA 614 -74.62 10.81 -70.61
CA THR JA 614 -75.80 11.70 -70.56
C THR JA 614 -76.03 12.15 -69.14
N GLY JA 615 -75.44 11.47 -68.18
CA GLY JA 615 -75.68 11.66 -66.75
C GLY JA 615 -76.83 10.82 -66.20
N ALA JA 616 -77.63 10.14 -67.03
CA ALA JA 616 -78.70 9.23 -66.54
C ALA JA 616 -78.82 7.96 -67.39
N HIS JA 617 -78.91 6.80 -66.77
CA HIS JA 617 -79.11 5.51 -67.51
C HIS JA 617 -79.76 4.47 -66.61
N PHE JA 618 -80.36 3.44 -67.20
CA PHE JA 618 -80.88 2.29 -66.42
C PHE JA 618 -80.31 0.98 -66.92
N HIS JA 619 -79.79 0.10 -66.04
CA HIS JA 619 -79.33 -1.29 -66.36
C HIS JA 619 -78.51 -1.34 -67.64
N PRO JA 620 -77.18 -1.14 -67.56
CA PRO JA 620 -76.38 -0.94 -68.77
C PRO JA 620 -75.72 -2.11 -69.50
N SER JA 621 -76.58 -2.94 -70.05
CA SER JA 621 -76.13 -4.12 -70.81
C SER JA 621 -76.47 -3.87 -72.28
N PRO JA 622 -75.50 -3.93 -73.23
CA PRO JA 622 -75.81 -3.65 -74.63
C PRO JA 622 -76.71 -4.67 -75.36
N ALA JA 623 -77.57 -4.21 -76.27
CA ALA JA 623 -78.55 -5.08 -76.96
C ALA JA 623 -77.94 -6.18 -77.84
N MET JA 624 -76.86 -5.92 -78.57
CA MET JA 624 -76.14 -6.89 -79.41
C MET JA 624 -75.53 -8.01 -78.54
N GLY JA 625 -75.13 -7.71 -77.31
CA GLY JA 625 -74.54 -8.66 -76.38
C GLY JA 625 -73.26 -8.13 -75.78
N GLY JA 626 -72.68 -8.83 -74.80
CA GLY JA 626 -71.41 -8.42 -74.19
C GLY JA 626 -71.40 -7.55 -72.96
N PHE JA 627 -70.31 -6.85 -72.73
CA PHE JA 627 -70.08 -6.06 -71.50
C PHE JA 627 -70.16 -4.55 -71.77
N GLY JA 628 -70.95 -3.84 -70.96
CA GLY JA 628 -71.11 -2.39 -71.10
C GLY JA 628 -70.14 -1.69 -70.20
N LEU JA 629 -69.31 -0.83 -70.78
CA LEU JA 629 -68.22 -0.20 -69.98
C LEU JA 629 -68.27 1.32 -69.99
N LYS JA 630 -68.20 1.95 -68.83
CA LYS JA 630 -68.03 3.43 -68.72
C LYS JA 630 -66.68 3.87 -69.30
N HIS JA 631 -65.61 3.14 -69.03
CA HIS JA 631 -64.26 3.45 -69.55
C HIS JA 631 -63.74 2.26 -70.36
N PRO JA 632 -64.09 2.20 -71.66
CA PRO JA 632 -63.69 1.11 -72.54
C PRO JA 632 -62.23 1.05 -73.00
N PRO JA 633 -61.71 -0.07 -73.52
CA PRO JA 633 -60.35 -0.07 -74.00
C PRO JA 633 -60.25 1.03 -75.09
N PRO JA 634 -59.23 1.91 -75.05
CA PRO JA 634 -59.16 3.07 -75.93
C PRO JA 634 -58.89 2.97 -77.43
N MET JA 635 -59.39 3.93 -78.21
CA MET JA 635 -59.12 4.01 -79.67
C MET JA 635 -57.61 4.16 -79.99
N MET JA 636 -57.13 3.34 -80.92
CA MET JA 636 -55.70 3.34 -81.34
C MET JA 636 -55.65 3.80 -82.80
N LEU JA 637 -54.94 4.88 -83.08
CA LEU JA 637 -54.95 5.55 -84.40
C LEU JA 637 -53.54 5.58 -85.02
N ILE JA 638 -53.45 5.23 -86.29
CA ILE JA 638 -52.15 5.20 -87.02
C ILE JA 638 -52.27 5.95 -88.36
N LYS JA 639 -51.26 6.72 -88.72
CA LYS JA 639 -51.23 7.39 -90.05
C LYS JA 639 -49.83 7.34 -90.69
N ASN JA 640 -49.78 7.45 -92.00
CA ASN JA 640 -48.49 7.61 -92.73
C ASN JA 640 -48.14 9.11 -92.75
N THR JA 641 -46.94 9.50 -92.36
CA THR JA 641 -46.51 10.91 -92.43
C THR JA 641 -46.43 11.40 -93.88
N PRO JA 642 -46.99 12.60 -94.21
CA PRO JA 642 -46.81 13.18 -95.53
C PRO JA 642 -45.36 13.40 -95.94
N VAL JA 643 -45.01 12.90 -97.10
CA VAL JA 643 -43.64 13.15 -97.64
C VAL JA 643 -43.83 13.93 -98.95
N PRO JA 644 -43.33 15.18 -99.02
CA PRO JA 644 -43.47 16.00 -100.22
C PRO JA 644 -42.75 15.69 -101.55
N GLY JA 645 -43.37 16.00 -102.69
CA GLY JA 645 -42.79 15.92 -104.04
C GLY JA 645 -41.91 17.14 -104.31
N ASN JA 646 -41.19 17.20 -105.42
CA ASN JA 646 -40.21 18.31 -105.62
C ASN JA 646 -40.88 19.68 -105.70
N ILE JA 647 -40.44 20.62 -104.88
CA ILE JA 647 -41.00 22.01 -104.88
C ILE JA 647 -39.82 22.95 -105.16
N THR JA 648 -39.92 23.81 -106.17
CA THR JA 648 -38.78 24.68 -106.57
C THR JA 648 -39.03 26.13 -106.25
N SER JA 649 -40.24 26.52 -105.90
CA SER JA 649 -40.60 27.94 -105.67
C SER JA 649 -41.40 28.12 -104.37
N PHE JA 650 -41.33 29.28 -103.72
CA PHE JA 650 -42.13 29.60 -102.52
C PHE JA 650 -43.60 29.96 -102.78
N SER JA 651 -44.53 29.42 -101.98
CA SER JA 651 -45.92 29.90 -102.01
C SER JA 651 -46.48 29.92 -100.59
N ASP JA 652 -47.33 30.87 -100.26
CA ASP JA 652 -48.12 30.88 -99.01
C ASP JA 652 -49.12 29.70 -99.06
N VAL JA 653 -49.66 29.40 -100.25
CA VAL JA 653 -50.64 28.29 -100.43
C VAL JA 653 -50.00 26.93 -100.08
N PRO JA 654 -50.69 26.07 -99.29
CA PRO JA 654 -50.16 24.77 -98.86
C PRO JA 654 -49.86 23.75 -99.96
N VAL JA 655 -48.81 22.95 -99.75
CA VAL JA 655 -48.42 21.92 -100.76
C VAL JA 655 -49.50 20.84 -100.92
N SER JA 656 -49.83 20.52 -102.16
CA SER JA 656 -50.80 19.48 -102.52
C SER JA 656 -50.11 18.31 -103.25
N SER JA 657 -48.80 18.34 -103.43
CA SER JA 657 -48.06 17.30 -104.21
C SER JA 657 -47.17 16.48 -103.27
N PHE JA 658 -47.40 15.17 -103.23
CA PHE JA 658 -46.69 14.29 -102.26
C PHE JA 658 -46.27 13.02 -102.93
N ILE JA 659 -45.20 12.40 -102.48
CA ILE JA 659 -44.85 11.03 -103.00
C ILE JA 659 -45.87 9.98 -102.52
N THR JA 660 -46.27 9.01 -103.35
CA THR JA 660 -47.24 7.93 -102.98
C THR JA 660 -46.61 6.81 -102.16
N GLN JA 661 -47.19 6.49 -101.00
CA GLN JA 661 -46.59 5.55 -100.01
C GLN JA 661 -47.61 4.68 -99.27
N TYR JA 662 -47.20 3.52 -98.75
CA TYR JA 662 -48.07 2.62 -97.94
C TYR JA 662 -47.20 2.02 -96.83
N SER JA 663 -47.83 1.53 -95.76
CA SER JA 663 -47.07 0.88 -94.64
C SER JA 663 -47.58 -0.54 -94.32
N THR JA 664 -46.69 -1.37 -93.77
CA THR JA 664 -47.03 -2.76 -93.37
C THR JA 664 -46.33 -3.10 -92.06
N GLY JA 665 -46.86 -4.03 -91.26
CA GLY JA 665 -46.23 -4.48 -90.02
C GLY JA 665 -46.93 -5.62 -89.30
N GLN JA 666 -46.54 -5.89 -88.07
CA GLN JA 666 -47.17 -6.93 -87.19
C GLN JA 666 -47.76 -6.32 -85.90
N VAL JA 667 -48.92 -6.84 -85.46
CA VAL JA 667 -49.57 -6.40 -84.19
C VAL JA 667 -49.81 -7.62 -83.27
N THR JA 668 -49.50 -7.49 -81.98
CA THR JA 668 -49.79 -8.53 -80.98
C THR JA 668 -50.77 -8.03 -79.92
N VAL JA 669 -51.83 -8.79 -79.61
CA VAL JA 669 -52.79 -8.48 -78.48
C VAL JA 669 -52.78 -9.61 -77.43
N GLU JA 670 -52.60 -9.28 -76.17
CA GLU JA 670 -52.62 -10.24 -75.04
C GLU JA 670 -53.78 -9.89 -74.10
N MET JA 671 -54.64 -10.86 -73.79
CA MET JA 671 -55.82 -10.64 -72.91
C MET JA 671 -55.90 -11.65 -71.77
N GLU JA 672 -56.27 -11.19 -70.59
CA GLU JA 672 -56.48 -12.07 -69.41
C GLU JA 672 -57.98 -12.19 -69.10
N TRP JA 673 -58.44 -13.39 -68.82
CA TRP JA 673 -59.87 -13.66 -68.52
C TRP JA 673 -60.04 -14.36 -67.18
N GLU JA 674 -61.07 -13.99 -66.42
CA GLU JA 674 -61.41 -14.67 -65.14
C GLU JA 674 -62.57 -15.64 -65.38
N LEU JA 675 -62.47 -16.85 -64.85
CA LEU JA 675 -63.45 -17.94 -65.06
C LEU JA 675 -64.24 -18.29 -63.80
N LYS JA 676 -65.53 -18.59 -63.94
CA LYS JA 676 -66.33 -19.10 -62.80
C LYS JA 676 -66.60 -20.60 -63.01
N LYS JA 677 -66.19 -21.43 -62.08
CA LYS JA 677 -66.38 -22.91 -62.10
C LYS JA 677 -67.80 -23.44 -61.87
N GLU JA 678 -68.19 -24.49 -62.58
CA GLU JA 678 -69.47 -25.19 -62.32
C GLU JA 678 -69.43 -25.95 -60.98
N ASN JA 679 -70.50 -25.96 -60.21
CA ASN JA 679 -70.64 -26.69 -58.90
C ASN JA 679 -71.92 -27.54 -58.91
N SER JA 680 -72.27 -28.19 -60.02
CA SER JA 680 -73.54 -28.96 -60.19
C SER JA 680 -73.68 -30.26 -59.38
N LYS JA 681 -74.89 -30.56 -58.90
CA LYS JA 681 -75.22 -31.85 -58.23
C LYS JA 681 -76.12 -32.73 -59.13
N ARG JA 682 -76.33 -32.38 -60.40
CA ARG JA 682 -77.12 -33.18 -61.41
C ARG JA 682 -76.51 -34.58 -61.72
N TRP JA 683 -77.21 -35.66 -61.41
CA TRP JA 683 -76.79 -37.07 -61.63
C TRP JA 683 -76.63 -37.51 -63.09
N ASN JA 684 -77.59 -37.15 -63.91
CA ASN JA 684 -77.64 -37.51 -65.35
C ASN JA 684 -76.69 -36.67 -66.20
N PRO JA 685 -76.24 -37.19 -67.37
CA PRO JA 685 -75.41 -36.43 -68.29
C PRO JA 685 -76.00 -35.19 -69.01
N GLU JA 686 -75.23 -34.13 -69.12
CA GLU JA 686 -75.57 -32.86 -69.81
C GLU JA 686 -75.40 -32.74 -71.34
N ILE JA 687 -76.03 -31.75 -71.96
CA ILE JA 687 -75.80 -31.37 -73.39
C ILE JA 687 -74.42 -30.69 -73.56
N GLN JA 688 -73.71 -30.98 -74.65
CA GLN JA 688 -72.35 -30.42 -74.95
C GLN JA 688 -72.22 -30.07 -76.43
N TYR JA 689 -71.43 -29.06 -76.79
CA TYR JA 689 -71.10 -28.77 -78.21
C TYR JA 689 -70.12 -29.86 -78.71
N THR JA 690 -70.41 -30.43 -79.88
CA THR JA 690 -69.59 -31.51 -80.43
C THR JA 690 -69.37 -31.29 -81.91
N ASN JA 691 -68.30 -31.86 -82.45
CA ASN JA 691 -68.10 -31.85 -83.91
C ASN JA 691 -68.88 -33.05 -84.41
N ASN JA 692 -70.00 -32.85 -85.07
CA ASN JA 692 -70.91 -33.95 -85.47
C ASN JA 692 -71.47 -33.62 -86.85
N TYR JA 693 -71.13 -34.45 -87.83
CA TYR JA 693 -71.50 -34.18 -89.24
C TYR JA 693 -71.82 -35.53 -89.85
N ASN JA 694 -72.78 -35.60 -90.77
CA ASN JA 694 -73.04 -36.89 -91.48
C ASN JA 694 -72.43 -36.88 -92.89
N ASP JA 695 -71.56 -37.85 -93.22
CA ASP JA 695 -70.86 -37.97 -94.55
C ASP JA 695 -70.13 -36.68 -94.96
N PRO JA 696 -69.26 -36.07 -94.11
CA PRO JA 696 -68.64 -34.79 -94.49
C PRO JA 696 -67.73 -34.72 -95.72
N GLN JA 697 -67.90 -33.69 -96.55
CA GLN JA 697 -67.05 -33.51 -97.77
C GLN JA 697 -65.89 -32.55 -97.50
N PHE JA 698 -65.84 -31.93 -96.33
CA PHE JA 698 -64.79 -30.95 -95.98
C PHE JA 698 -64.71 -30.97 -94.49
N VAL JA 699 -63.64 -30.45 -93.94
CA VAL JA 699 -63.58 -30.25 -92.48
C VAL JA 699 -63.99 -28.80 -92.21
N ASP JA 700 -64.98 -28.59 -91.37
CA ASP JA 700 -65.40 -27.24 -90.89
C ASP JA 700 -64.31 -26.61 -90.00
N PHE JA 701 -64.17 -25.27 -89.98
CA PHE JA 701 -63.12 -24.50 -89.24
C PHE JA 701 -61.72 -24.85 -89.73
N ALA JA 702 -61.56 -25.05 -91.02
CA ALA JA 702 -60.28 -25.40 -91.66
C ALA JA 702 -60.22 -24.74 -93.04
N PRO JA 703 -59.01 -24.56 -93.62
CA PRO JA 703 -58.91 -24.12 -95.02
C PRO JA 703 -59.36 -25.12 -96.10
N ASP JA 704 -59.83 -24.63 -97.23
CA ASP JA 704 -60.20 -25.54 -98.37
C ASP JA 704 -59.08 -25.71 -99.40
N SER JA 705 -59.37 -26.34 -100.53
CA SER JA 705 -58.36 -26.60 -101.60
C SER JA 705 -57.81 -25.28 -102.16
N THR JA 706 -58.61 -24.23 -102.32
CA THR JA 706 -58.18 -22.86 -102.70
C THR JA 706 -57.47 -22.11 -101.57
N GLY JA 707 -57.55 -22.54 -100.31
CA GLY JA 707 -57.00 -21.79 -99.16
C GLY JA 707 -57.96 -20.89 -98.41
N GLU JA 708 -59.25 -20.91 -98.71
CA GLU JA 708 -60.27 -20.08 -98.01
C GLU JA 708 -60.84 -20.78 -96.76
N TYR JA 709 -60.85 -20.09 -95.62
CA TYR JA 709 -61.39 -20.63 -94.33
C TYR JA 709 -62.91 -20.85 -94.36
N ARG JA 710 -63.35 -21.94 -93.77
CA ARG JA 710 -64.80 -22.29 -93.75
C ARG JA 710 -65.31 -22.26 -92.31
N SER JA 711 -66.41 -21.54 -92.06
CA SER JA 711 -67.06 -21.46 -90.72
C SER JA 711 -68.58 -21.60 -90.87
N THR JA 712 -69.12 -22.78 -91.11
CA THR JA 712 -70.57 -23.09 -91.33
C THR JA 712 -71.50 -22.79 -90.16
N ARG JA 713 -71.09 -22.98 -88.90
CA ARG JA 713 -72.02 -22.87 -87.74
C ARG JA 713 -71.77 -21.73 -86.74
N PRO JA 714 -72.81 -21.00 -86.27
CA PRO JA 714 -72.66 -20.05 -85.16
C PRO JA 714 -72.51 -20.70 -83.77
N ILE JA 715 -71.61 -20.26 -82.89
CA ILE JA 715 -71.52 -20.97 -81.58
C ILE JA 715 -71.79 -20.07 -80.37
N GLY JA 716 -72.79 -20.45 -79.56
CA GLY JA 716 -73.17 -19.78 -78.30
C GLY JA 716 -72.46 -20.34 -77.11
N THR JA 717 -72.69 -19.78 -75.94
CA THR JA 717 -72.07 -20.25 -74.68
C THR JA 717 -72.93 -21.13 -73.76
N ARG JA 718 -74.23 -21.33 -73.98
CA ARG JA 718 -75.06 -22.03 -72.94
C ARG JA 718 -75.37 -23.52 -73.23
N TYR JA 719 -74.63 -24.43 -72.60
CA TYR JA 719 -74.80 -25.90 -72.76
C TYR JA 719 -75.06 -26.52 -71.40
N LEU JA 720 -74.48 -25.93 -70.36
CA LEU JA 720 -74.67 -26.36 -68.95
C LEU JA 720 -76.03 -25.90 -68.41
N THR JA 721 -76.53 -26.57 -67.40
CA THR JA 721 -77.86 -26.32 -66.85
C THR JA 721 -77.75 -26.06 -65.36
N ARG JA 722 -78.57 -25.17 -64.84
CA ARG JA 722 -78.63 -24.92 -63.38
C ARG JA 722 -80.07 -24.83 -62.89
N PRO JA 723 -80.41 -25.24 -61.65
CA PRO JA 723 -81.73 -25.00 -61.06
C PRO JA 723 -81.98 -23.52 -60.71
N LEU JA 724 -83.23 -23.06 -60.75
CA LEU JA 724 -83.55 -21.63 -60.49
C LEU JA 724 -83.28 -21.25 -59.02
N ASP KA 209 -75.43 -40.41 -26.77
CA ASP KA 209 -74.99 -41.04 -25.49
C ASP KA 209 -75.77 -42.33 -25.22
N GLY KA 210 -77.06 -42.28 -24.85
CA GLY KA 210 -77.72 -43.52 -24.41
C GLY KA 210 -79.21 -43.63 -24.57
N VAL KA 211 -79.74 -44.85 -24.41
CA VAL KA 211 -81.21 -45.14 -24.45
C VAL KA 211 -81.97 -44.39 -23.33
N GLY KA 212 -81.41 -44.28 -22.13
CA GLY KA 212 -82.08 -43.68 -20.96
C GLY KA 212 -81.80 -42.22 -20.76
N ASN KA 213 -81.04 -41.58 -21.65
CA ASN KA 213 -80.64 -40.18 -21.43
C ASN KA 213 -81.27 -39.25 -22.48
N ALA KA 214 -81.86 -38.15 -22.06
CA ALA KA 214 -82.46 -37.15 -22.98
C ALA KA 214 -81.43 -36.28 -23.71
N SER KA 215 -81.53 -36.16 -25.03
CA SER KA 215 -80.68 -35.34 -25.95
C SER KA 215 -80.83 -33.82 -25.79
N GLY KA 216 -82.02 -33.31 -25.48
CA GLY KA 216 -82.30 -31.87 -25.32
C GLY KA 216 -83.49 -31.51 -24.46
N ASP KA 217 -83.72 -30.22 -24.23
CA ASP KA 217 -84.82 -29.67 -23.39
C ASP KA 217 -85.76 -28.74 -24.14
N TRP KA 218 -86.99 -28.56 -23.66
CA TRP KA 218 -88.02 -27.67 -24.27
C TRP KA 218 -87.75 -26.19 -24.00
N HIS KA 219 -87.63 -25.39 -25.06
CA HIS KA 219 -87.51 -23.92 -24.92
C HIS KA 219 -88.56 -23.20 -25.76
N CYS KA 220 -89.54 -22.53 -25.14
CA CYS KA 220 -90.50 -21.68 -25.91
C CYS KA 220 -90.54 -20.32 -25.20
N ASP KA 221 -89.96 -19.28 -25.78
CA ASP KA 221 -89.87 -17.97 -25.08
C ASP KA 221 -89.62 -16.74 -25.96
N SER KA 222 -89.88 -15.53 -25.47
CA SER KA 222 -89.50 -14.26 -26.14
C SER KA 222 -88.70 -13.41 -25.14
N THR KA 223 -87.57 -12.85 -25.53
CA THR KA 223 -86.81 -11.90 -24.68
C THR KA 223 -86.65 -10.58 -25.41
N TRP KA 224 -87.03 -9.48 -24.79
CA TRP KA 224 -86.93 -8.11 -25.38
C TRP KA 224 -85.80 -7.35 -24.70
N MET KA 225 -84.82 -6.90 -25.46
CA MET KA 225 -83.63 -6.18 -24.92
C MET KA 225 -83.29 -4.91 -25.71
N GLY KA 226 -84.00 -3.79 -25.53
CA GLY KA 226 -83.75 -2.59 -26.36
C GLY KA 226 -84.05 -2.77 -27.83
N ASP KA 227 -83.07 -2.58 -28.70
CA ASP KA 227 -83.22 -2.71 -30.18
C ASP KA 227 -83.37 -4.18 -30.66
N ARG KA 228 -83.13 -5.17 -29.81
CA ARG KA 228 -83.16 -6.61 -30.21
C ARG KA 228 -84.26 -7.43 -29.53
N VAL KA 229 -84.93 -8.31 -30.27
CA VAL KA 229 -85.89 -9.29 -29.68
C VAL KA 229 -85.41 -10.70 -30.11
N VAL KA 230 -85.37 -11.67 -29.17
CA VAL KA 230 -85.01 -13.10 -29.48
C VAL KA 230 -86.26 -13.98 -29.31
N THR KA 231 -86.57 -14.81 -30.31
CA THR KA 231 -87.73 -15.74 -30.25
C THR KA 231 -87.25 -17.20 -30.21
N LYS KA 232 -87.79 -18.01 -29.29
CA LYS KA 232 -87.50 -19.47 -29.20
C LYS KA 232 -88.80 -20.25 -29.39
N SER KA 233 -88.80 -21.27 -30.25
CA SER KA 233 -89.99 -22.11 -30.52
C SER KA 233 -89.64 -23.60 -30.50
N THR KA 234 -90.39 -24.43 -29.79
CA THR KA 234 -90.20 -25.90 -29.73
C THR KA 234 -91.47 -26.62 -30.18
N ARG KA 235 -91.34 -27.62 -31.05
CA ARG KA 235 -92.49 -28.45 -31.52
C ARG KA 235 -92.17 -29.96 -31.54
N THR KA 236 -93.21 -30.80 -31.55
CA THR KA 236 -93.08 -32.27 -31.69
C THR KA 236 -93.52 -32.65 -33.10
N TRP KA 237 -92.73 -33.43 -33.82
CA TRP KA 237 -92.97 -33.84 -35.22
C TRP KA 237 -93.05 -35.37 -35.43
N VAL KA 238 -93.74 -35.81 -36.48
CA VAL KA 238 -93.82 -37.24 -36.89
C VAL KA 238 -93.31 -37.37 -38.34
N LEU KA 239 -92.48 -38.39 -38.63
CA LEU KA 239 -92.04 -38.66 -40.03
C LEU KA 239 -92.51 -39.99 -40.59
N PRO KA 240 -93.32 -39.99 -41.68
CA PRO KA 240 -93.66 -41.22 -42.40
C PRO KA 240 -92.56 -41.78 -43.30
N SER KA 241 -92.59 -43.07 -43.61
CA SER KA 241 -91.64 -43.60 -44.63
C SER KA 241 -92.28 -43.42 -46.02
N TYR KA 242 -92.00 -42.32 -46.71
CA TYR KA 242 -92.66 -41.97 -48.00
C TYR KA 242 -92.14 -42.74 -49.22
N ASN KA 243 -93.02 -43.26 -50.06
CA ASN KA 243 -92.66 -43.90 -51.36
C ASN KA 243 -92.16 -45.32 -51.15
N ASN KA 244 -92.21 -45.86 -49.92
CA ASN KA 244 -91.65 -47.19 -49.55
C ASN KA 244 -90.17 -47.28 -49.94
N HIS KA 245 -89.38 -46.24 -49.64
CA HIS KA 245 -87.90 -46.22 -49.89
C HIS KA 245 -87.51 -46.08 -51.38
N GLN KA 246 -88.37 -45.50 -52.20
CA GLN KA 246 -88.13 -45.41 -53.66
C GLN KA 246 -88.30 -43.98 -54.22
N TYR KA 247 -87.69 -43.68 -55.35
CA TYR KA 247 -87.82 -42.37 -56.07
C TYR KA 247 -88.75 -42.63 -57.20
N ARG KA 248 -89.76 -41.79 -57.39
CA ARG KA 248 -90.77 -42.01 -58.46
C ARG KA 248 -90.87 -40.84 -59.46
N GLU KA 249 -90.89 -41.16 -60.76
CA GLU KA 249 -91.13 -40.11 -61.78
C GLU KA 249 -92.61 -39.69 -61.74
N ILE KA 250 -92.87 -38.39 -61.70
CA ILE KA 250 -94.24 -37.82 -61.57
C ILE KA 250 -94.49 -36.87 -62.76
N LYS KA 251 -95.71 -36.83 -63.26
CA LYS KA 251 -95.98 -36.00 -64.46
C LYS KA 251 -97.46 -35.63 -64.57
N SER KA 252 -97.76 -34.55 -65.26
CA SER KA 252 -99.18 -34.22 -65.54
C SER KA 252 -99.41 -33.70 -66.97
N GLY KA 253 -100.54 -34.03 -67.59
CA GLY KA 253 -101.04 -33.40 -68.82
C GLY KA 253 -101.96 -32.21 -68.48
N SER KA 254 -102.66 -31.64 -69.45
CA SER KA 254 -103.62 -30.52 -69.23
C SER KA 254 -104.81 -30.92 -68.31
N VAL KA 255 -105.19 -30.07 -67.35
CA VAL KA 255 -106.26 -30.39 -66.37
C VAL KA 255 -107.11 -29.12 -66.15
N ASP KA 256 -108.42 -29.27 -65.94
CA ASP KA 256 -109.36 -28.12 -65.71
C ASP KA 256 -109.33 -27.18 -66.92
N GLY KA 257 -109.10 -27.73 -68.11
CA GLY KA 257 -109.02 -26.92 -69.33
C GLY KA 257 -107.69 -26.22 -69.57
N SER KA 258 -106.65 -26.43 -68.76
CA SER KA 258 -105.41 -25.62 -68.99
C SER KA 258 -104.11 -26.41 -69.21
N ASN KA 259 -103.34 -26.11 -70.26
CA ASN KA 259 -101.98 -26.68 -70.52
C ASN KA 259 -100.91 -26.10 -69.57
N ALA KA 260 -101.16 -24.97 -68.89
CA ALA KA 260 -100.27 -24.34 -67.88
C ALA KA 260 -100.15 -25.30 -66.69
N ASN KA 261 -101.15 -26.12 -66.48
CA ASN KA 261 -101.20 -27.25 -65.48
C ASN KA 261 -100.15 -28.36 -65.75
N ALA KA 262 -99.80 -28.69 -66.99
CA ALA KA 262 -98.82 -29.77 -67.36
C ALA KA 262 -97.41 -29.58 -66.78
N TYR KA 263 -96.78 -30.65 -66.31
CA TYR KA 263 -95.42 -30.65 -65.70
C TYR KA 263 -94.75 -32.03 -65.80
N PHE KA 264 -93.42 -32.09 -65.68
CA PHE KA 264 -92.64 -33.34 -65.58
C PHE KA 264 -91.77 -33.20 -64.29
N GLY KA 265 -91.69 -34.22 -63.45
CA GLY KA 265 -90.98 -34.13 -62.16
C GLY KA 265 -90.61 -35.43 -61.45
N TYR KA 266 -89.95 -35.30 -60.29
CA TYR KA 266 -89.60 -36.45 -59.42
C TYR KA 266 -90.19 -36.34 -57.99
N SER KA 267 -90.68 -37.43 -57.41
CA SER KA 267 -91.10 -37.49 -55.97
C SER KA 267 -90.02 -38.27 -55.21
N THR KA 268 -89.74 -37.90 -53.98
CA THR KA 268 -88.60 -38.48 -53.22
C THR KA 268 -89.00 -39.13 -51.91
N PRO KA 269 -88.19 -40.05 -51.37
CA PRO KA 269 -88.39 -40.66 -50.05
C PRO KA 269 -88.27 -39.73 -48.84
N TRP KA 270 -87.56 -38.62 -48.93
CA TRP KA 270 -87.29 -37.61 -47.88
C TRP KA 270 -88.42 -36.64 -47.50
N GLY KA 271 -88.32 -36.07 -46.31
CA GLY KA 271 -89.21 -35.04 -45.78
C GLY KA 271 -88.38 -33.84 -45.36
N TYR KA 272 -89.00 -32.68 -45.23
CA TYR KA 272 -88.26 -31.43 -44.92
C TYR KA 272 -88.94 -30.61 -43.82
N PHE KA 273 -88.17 -29.74 -43.15
CA PHE KA 273 -88.69 -28.81 -42.11
C PHE KA 273 -88.85 -27.39 -42.70
N ASP KA 274 -90.01 -26.76 -42.58
CA ASP KA 274 -90.33 -25.39 -43.06
C ASP KA 274 -90.70 -24.46 -41.89
N PHE KA 275 -90.01 -23.34 -41.74
CA PHE KA 275 -90.33 -22.32 -40.70
C PHE KA 275 -90.72 -20.95 -41.31
N ASN KA 276 -91.04 -20.82 -42.61
CA ASN KA 276 -91.29 -19.48 -43.21
C ASN KA 276 -92.75 -19.01 -42.98
N ARG KA 277 -93.20 -18.90 -41.74
CA ARG KA 277 -94.49 -18.29 -41.35
C ARG KA 277 -94.21 -17.53 -40.05
N PHE KA 278 -94.76 -16.34 -39.85
CA PHE KA 278 -94.58 -15.51 -38.61
C PHE KA 278 -95.15 -16.18 -37.32
N HIS KA 279 -96.32 -16.83 -37.39
CA HIS KA 279 -97.04 -17.51 -36.26
C HIS KA 279 -96.16 -18.65 -35.71
N SER KA 280 -95.25 -19.21 -36.49
CA SER KA 280 -94.25 -20.23 -36.07
C SER KA 280 -93.31 -19.65 -34.99
N HIS KA 281 -92.92 -18.39 -35.07
CA HIS KA 281 -92.03 -17.70 -34.09
C HIS KA 281 -92.72 -16.71 -33.15
N TRP KA 282 -93.94 -16.26 -33.42
CA TRP KA 282 -94.54 -15.13 -32.67
C TRP KA 282 -95.87 -15.46 -32.02
N SER KA 283 -95.99 -15.17 -30.72
CA SER KA 283 -97.30 -15.26 -30.02
C SER KA 283 -98.18 -14.10 -30.49
N PRO KA 284 -99.52 -14.22 -30.40
CA PRO KA 284 -100.39 -13.10 -30.75
C PRO KA 284 -100.18 -11.87 -29.86
N ARG KA 285 -99.96 -12.00 -28.56
CA ARG KA 285 -99.62 -10.86 -27.68
C ARG KA 285 -98.27 -10.19 -28.05
N ASP KA 286 -97.24 -10.95 -28.36
CA ASP KA 286 -95.89 -10.44 -28.78
C ASP KA 286 -95.98 -9.67 -30.10
N TRP KA 287 -96.77 -10.15 -31.04
CA TRP KA 287 -97.02 -9.47 -32.32
C TRP KA 287 -97.70 -8.10 -32.13
N GLN KA 288 -98.66 -8.00 -31.21
CA GLN KA 288 -99.34 -6.74 -30.84
C GLN KA 288 -98.36 -5.73 -30.23
N ARG KA 289 -97.44 -6.19 -29.40
CA ARG KA 289 -96.41 -5.32 -28.81
C ARG KA 289 -95.50 -4.71 -29.89
N LEU KA 290 -95.06 -5.47 -30.88
CA LEU KA 290 -94.29 -4.93 -32.02
C LEU KA 290 -95.02 -3.94 -32.97
N ILE KA 291 -96.24 -4.24 -33.38
CA ILE KA 291 -97.04 -3.41 -34.35
C ILE KA 291 -97.39 -2.04 -33.74
N ASN KA 292 -97.74 -2.01 -32.47
CA ASN KA 292 -98.06 -0.80 -31.68
C ASN KA 292 -96.88 0.16 -31.47
N ASN KA 293 -95.64 -0.32 -31.26
CA ASN KA 293 -94.50 0.54 -30.80
C ASN KA 293 -93.28 0.75 -31.71
N TYR KA 294 -93.20 0.16 -32.90
CA TYR KA 294 -91.95 0.23 -33.72
C TYR KA 294 -92.17 0.64 -35.16
N TRP KA 295 -91.31 1.48 -35.73
CA TRP KA 295 -91.30 1.82 -37.18
C TRP KA 295 -90.93 0.65 -38.13
N GLY KA 296 -89.97 -0.19 -37.75
CA GLY KA 296 -89.51 -1.28 -38.61
C GLY KA 296 -88.88 -2.46 -37.91
N PHE KA 297 -88.77 -3.58 -38.61
CA PHE KA 297 -88.08 -4.79 -38.07
C PHE KA 297 -87.32 -5.53 -39.20
N ARG KA 298 -86.25 -6.27 -38.89
CA ARG KA 298 -85.51 -7.15 -39.88
C ARG KA 298 -84.94 -8.43 -39.20
N PRO KA 299 -84.84 -9.60 -39.89
CA PRO KA 299 -84.12 -10.79 -39.36
C PRO KA 299 -82.58 -10.73 -39.33
N ARG KA 300 -81.93 -11.30 -38.32
CA ARG KA 300 -80.44 -11.25 -38.18
C ARG KA 300 -79.81 -12.64 -38.10
N SER KA 301 -80.29 -13.52 -37.23
CA SER KA 301 -79.66 -14.84 -37.01
C SER KA 301 -80.66 -15.99 -36.84
N LEU KA 302 -80.27 -17.20 -37.24
CA LEU KA 302 -81.10 -18.42 -37.03
C LEU KA 302 -80.30 -19.59 -36.42
N ARG KA 303 -80.84 -20.29 -35.42
CA ARG KA 303 -80.24 -21.54 -34.84
C ARG KA 303 -81.28 -22.68 -34.85
N VAL KA 304 -80.92 -23.88 -35.33
CA VAL KA 304 -81.83 -25.06 -35.34
C VAL KA 304 -81.24 -26.30 -34.61
N LYS KA 305 -82.03 -26.96 -33.75
CA LYS KA 305 -81.65 -28.23 -33.08
C LYS KA 305 -82.71 -29.34 -33.30
N ILE KA 306 -82.29 -30.57 -33.66
CA ILE KA 306 -83.19 -31.76 -33.78
C ILE KA 306 -82.74 -32.80 -32.73
N PHE KA 307 -83.65 -33.32 -31.89
CA PHE KA 307 -83.30 -34.14 -30.68
C PHE KA 307 -84.43 -35.08 -30.20
N ASN KA 308 -84.14 -35.97 -29.24
CA ASN KA 308 -85.10 -36.95 -28.60
C ASN KA 308 -85.74 -37.89 -29.64
N ILE KA 309 -84.92 -38.38 -30.56
CA ILE KA 309 -85.37 -39.25 -31.67
C ILE KA 309 -85.90 -40.62 -31.18
N GLN KA 310 -87.01 -41.08 -31.76
CA GLN KA 310 -87.62 -42.38 -31.42
C GLN KA 310 -88.09 -43.08 -32.71
N VAL KA 311 -87.55 -44.27 -32.98
CA VAL KA 311 -87.89 -45.04 -34.20
C VAL KA 311 -88.81 -46.20 -33.78
N LYS KA 312 -89.92 -46.38 -34.47
CA LYS KA 312 -90.95 -47.40 -34.15
C LYS KA 312 -91.18 -48.36 -35.32
N GLU KA 313 -91.37 -49.64 -35.03
CA GLU KA 313 -91.68 -50.65 -36.08
C GLU KA 313 -93.15 -51.07 -35.95
N VAL KA 314 -93.85 -51.13 -37.07
CA VAL KA 314 -95.29 -51.48 -37.07
C VAL KA 314 -95.42 -52.86 -37.73
N THR KA 315 -96.12 -53.78 -37.07
CA THR KA 315 -96.30 -55.14 -37.59
C THR KA 315 -97.76 -55.52 -37.60
N VAL KA 316 -98.22 -56.17 -38.66
CA VAL KA 316 -99.63 -56.65 -38.64
C VAL KA 316 -99.70 -58.18 -38.74
N GLN KA 317 -100.35 -58.86 -37.80
CA GLN KA 317 -100.61 -60.31 -37.95
C GLN KA 317 -102.13 -60.50 -37.80
N ASP KA 318 -102.80 -60.97 -38.85
CA ASP KA 318 -104.26 -61.25 -38.74
C ASP KA 318 -105.02 -60.01 -38.24
N SER KA 319 -104.64 -58.80 -38.67
CA SER KA 319 -105.37 -57.54 -38.33
C SER KA 319 -105.09 -56.96 -36.93
N THR KA 320 -104.15 -57.52 -36.14
CA THR KA 320 -103.77 -56.94 -34.81
C THR KA 320 -103.12 -55.56 -34.86
N THR KA 321 -102.22 -55.25 -35.80
CA THR KA 321 -101.46 -53.95 -35.85
C THR KA 321 -100.65 -53.55 -34.59
N THR KA 322 -99.80 -54.42 -34.03
CA THR KA 322 -98.89 -54.03 -32.90
C THR KA 322 -97.80 -53.01 -33.29
N ILE KA 323 -97.46 -52.08 -32.40
CA ILE KA 323 -96.38 -51.06 -32.59
C ILE KA 323 -95.29 -51.22 -31.52
N ALA KA 324 -94.01 -51.22 -31.90
CA ALA KA 324 -92.88 -51.42 -30.94
C ALA KA 324 -91.68 -50.52 -31.23
N ASN KA 325 -90.88 -50.23 -30.22
CA ASN KA 325 -89.60 -49.48 -30.40
C ASN KA 325 -88.50 -50.29 -31.07
N ASN KA 326 -87.75 -49.70 -32.00
CA ASN KA 326 -86.51 -50.36 -32.52
C ASN KA 326 -85.34 -49.48 -32.10
N LEU KA 327 -84.53 -49.92 -31.15
CA LEU KA 327 -83.34 -49.20 -30.60
C LEU KA 327 -82.20 -48.98 -31.59
N THR KA 328 -81.92 -49.96 -32.43
CA THR KA 328 -80.76 -49.94 -33.36
C THR KA 328 -81.04 -49.24 -34.70
N SER KA 329 -82.27 -48.83 -35.00
CA SER KA 329 -82.64 -48.09 -36.25
C SER KA 329 -82.12 -46.63 -36.31
N THR KA 330 -81.89 -46.09 -37.51
CA THR KA 330 -81.30 -44.74 -37.70
C THR KA 330 -82.17 -43.77 -38.50
N VAL KA 331 -81.94 -42.49 -38.31
CA VAL KA 331 -82.58 -41.40 -39.10
C VAL KA 331 -81.40 -40.67 -39.78
N GLN KA 332 -81.58 -40.15 -41.00
CA GLN KA 332 -80.54 -39.41 -41.78
C GLN KA 332 -80.91 -37.92 -42.02
N VAL KA 333 -80.01 -37.00 -41.68
CA VAL KA 333 -80.27 -35.53 -41.75
C VAL KA 333 -79.15 -34.77 -42.49
N PHE KA 334 -79.51 -33.80 -43.35
CA PHE KA 334 -78.53 -32.91 -44.05
C PHE KA 334 -79.10 -31.49 -44.35
N THR KA 335 -78.22 -30.52 -44.55
CA THR KA 335 -78.60 -29.14 -44.99
C THR KA 335 -77.99 -28.86 -46.35
N ASP KA 336 -78.76 -28.27 -47.28
CA ASP KA 336 -78.27 -27.90 -48.65
C ASP KA 336 -77.62 -26.51 -48.65
N ASP KA 337 -76.41 -26.39 -48.15
CA ASP KA 337 -75.66 -25.11 -48.00
C ASP KA 337 -75.30 -24.34 -49.29
N ASP KA 338 -74.94 -25.02 -50.38
CA ASP KA 338 -74.50 -24.39 -51.66
C ASP KA 338 -75.66 -24.20 -52.65
N TYR KA 339 -76.90 -24.51 -52.30
CA TYR KA 339 -78.12 -24.27 -53.13
C TYR KA 339 -78.12 -25.08 -54.43
N GLN KA 340 -77.51 -26.24 -54.41
CA GLN KA 340 -77.49 -27.20 -55.53
C GLN KA 340 -78.90 -27.75 -55.85
N LEU KA 341 -79.70 -28.04 -54.85
CA LEU KA 341 -81.08 -28.54 -55.02
C LEU KA 341 -82.09 -27.47 -55.40
N PRO KA 342 -83.20 -27.85 -56.08
CA PRO KA 342 -84.28 -26.90 -56.27
C PRO KA 342 -84.90 -26.45 -54.92
N TYR KA 343 -85.15 -25.15 -54.71
CA TYR KA 343 -85.64 -24.62 -53.41
C TYR KA 343 -87.15 -24.40 -53.47
N VAL KA 344 -87.88 -25.19 -52.70
CA VAL KA 344 -89.37 -25.17 -52.75
C VAL KA 344 -89.96 -24.44 -51.53
N VAL KA 345 -89.13 -23.97 -50.60
CA VAL KA 345 -89.57 -23.35 -49.31
C VAL KA 345 -90.39 -22.02 -49.44
N GLY KA 346 -90.12 -21.13 -50.37
CA GLY KA 346 -90.71 -19.76 -50.40
C GLY KA 346 -91.95 -19.56 -51.28
N ASN KA 347 -92.73 -20.59 -51.58
CA ASN KA 347 -93.86 -20.59 -52.55
C ASN KA 347 -95.27 -20.66 -51.92
N GLY KA 348 -95.49 -20.28 -50.64
CA GLY KA 348 -96.79 -20.30 -49.92
C GLY KA 348 -97.46 -21.63 -49.74
N THR KA 349 -96.67 -22.66 -49.48
CA THR KA 349 -97.18 -24.04 -49.31
C THR KA 349 -97.33 -24.44 -47.86
N GLU KA 350 -98.22 -25.38 -47.59
CA GLU KA 350 -98.50 -25.95 -46.23
C GLU KA 350 -97.42 -26.91 -45.70
N GLY KA 351 -97.43 -27.23 -44.41
CA GLY KA 351 -96.38 -28.05 -43.75
C GLY KA 351 -95.39 -27.34 -42.86
N CYS KA 352 -95.54 -26.04 -42.59
CA CYS KA 352 -94.69 -25.27 -41.63
C CYS KA 352 -95.02 -25.63 -40.17
N LEU KA 353 -94.14 -25.28 -39.24
CA LEU KA 353 -94.39 -25.52 -37.79
C LEU KA 353 -95.68 -24.80 -37.37
N PRO KA 354 -96.50 -25.44 -36.52
CA PRO KA 354 -97.77 -24.85 -36.11
C PRO KA 354 -97.80 -23.57 -35.27
N ALA KA 355 -98.84 -22.75 -35.40
CA ALA KA 355 -99.04 -21.50 -34.61
C ALA KA 355 -99.14 -21.79 -33.10
N PHE KA 356 -99.81 -22.88 -32.70
CA PHE KA 356 -100.04 -23.21 -31.27
C PHE KA 356 -99.00 -24.24 -30.83
N PRO KA 357 -98.18 -23.95 -29.78
CA PRO KA 357 -97.10 -24.84 -29.31
C PRO KA 357 -97.40 -26.32 -28.98
N PRO KA 358 -98.53 -26.69 -28.33
CA PRO KA 358 -98.95 -28.07 -28.07
C PRO KA 358 -99.28 -28.95 -29.30
N GLN KA 359 -99.65 -28.36 -30.43
CA GLN KA 359 -100.04 -29.11 -31.66
C GLN KA 359 -98.88 -29.96 -32.24
N VAL KA 360 -99.20 -31.17 -32.68
CA VAL KA 360 -98.18 -32.14 -33.18
C VAL KA 360 -98.36 -32.24 -34.71
N PHE KA 361 -97.27 -32.19 -35.47
CA PHE KA 361 -97.38 -32.10 -36.95
C PHE KA 361 -96.62 -33.15 -37.79
N THR KA 362 -97.21 -33.50 -38.93
CA THR KA 362 -96.54 -34.35 -39.95
C THR KA 362 -95.66 -33.53 -40.88
N LEU KA 363 -94.42 -33.96 -41.12
CA LEU KA 363 -93.51 -33.30 -42.12
C LEU KA 363 -93.96 -33.51 -43.57
N PRO KA 364 -93.87 -32.46 -44.41
CA PRO KA 364 -94.13 -32.60 -45.84
C PRO KA 364 -93.12 -33.45 -46.65
N GLN KA 365 -93.59 -34.18 -47.66
CA GLN KA 365 -92.67 -34.92 -48.59
C GLN KA 365 -92.04 -33.99 -49.66
N TYR KA 366 -90.72 -34.08 -49.88
CA TYR KA 366 -89.98 -33.34 -50.94
C TYR KA 366 -90.24 -33.84 -52.36
N GLY KA 367 -90.36 -32.91 -53.30
CA GLY KA 367 -90.61 -33.17 -54.72
C GLY KA 367 -90.26 -31.93 -55.49
N TYR KA 368 -90.15 -32.01 -56.81
CA TYR KA 368 -89.82 -30.84 -57.68
C TYR KA 368 -90.33 -31.03 -59.08
N ALA KA 369 -90.47 -29.93 -59.82
CA ALA KA 369 -90.77 -29.97 -61.26
C ALA KA 369 -89.54 -29.50 -62.04
N THR KA 370 -89.13 -30.23 -63.07
CA THR KA 370 -88.06 -29.83 -64.03
C THR KA 370 -88.74 -29.34 -65.30
N LEU KA 371 -88.03 -29.37 -66.42
CA LEU KA 371 -88.58 -28.99 -67.76
C LEU KA 371 -89.57 -30.00 -68.36
N ASN KA 372 -90.53 -29.50 -69.11
CA ASN KA 372 -91.57 -30.34 -69.78
C ASN KA 372 -91.56 -29.90 -71.26
N ARG KA 373 -91.92 -30.78 -72.18
CA ARG KA 373 -91.82 -30.46 -73.62
C ARG KA 373 -93.15 -30.07 -74.27
N ASP KA 374 -93.22 -28.89 -74.89
CA ASP KA 374 -94.40 -28.38 -75.65
C ASP KA 374 -95.71 -28.33 -74.86
N ASN KA 375 -95.70 -27.93 -73.59
CA ASN KA 375 -96.91 -27.88 -72.72
C ASN KA 375 -97.57 -29.27 -72.64
N THR KA 376 -96.78 -30.33 -72.49
CA THR KA 376 -97.22 -31.75 -72.38
C THR KA 376 -96.51 -32.43 -71.19
N GLU KA 377 -96.89 -33.66 -70.79
CA GLU KA 377 -96.28 -34.41 -69.64
C GLU KA 377 -94.86 -34.96 -69.92
N ASN KA 378 -94.41 -35.01 -71.17
CA ASN KA 378 -93.07 -35.49 -71.59
C ASN KA 378 -91.88 -34.59 -71.21
N PRO KA 379 -90.72 -35.18 -70.89
CA PRO KA 379 -89.46 -34.46 -70.68
C PRO KA 379 -88.63 -33.97 -71.90
N THR KA 380 -87.58 -33.19 -71.66
CA THR KA 380 -86.65 -32.63 -72.66
C THR KA 380 -85.26 -33.12 -72.33
N GLU KA 381 -84.29 -32.99 -73.25
CA GLU KA 381 -82.85 -33.33 -73.04
C GLU KA 381 -82.25 -32.47 -71.92
N ARG KA 382 -82.63 -31.21 -71.79
CA ARG KA 382 -82.22 -30.28 -70.70
C ARG KA 382 -82.79 -30.70 -69.32
N SER KA 383 -83.87 -31.48 -69.27
CA SER KA 383 -84.55 -31.91 -68.00
C SER KA 383 -83.58 -32.69 -67.09
N SER KA 384 -83.60 -32.41 -65.79
CA SER KA 384 -82.60 -32.89 -64.80
C SER KA 384 -83.14 -33.79 -63.67
N PHE KA 385 -82.36 -34.78 -63.29
CA PHE KA 385 -82.66 -35.66 -62.13
C PHE KA 385 -81.66 -35.39 -61.01
N PHE KA 386 -82.15 -35.23 -59.81
CA PHE KA 386 -81.27 -35.02 -58.63
C PHE KA 386 -81.46 -36.14 -57.60
N CYS KA 387 -80.37 -36.76 -57.15
CA CYS KA 387 -80.36 -37.78 -56.06
C CYS KA 387 -79.92 -37.15 -54.71
N LEU KA 388 -80.73 -37.24 -53.66
CA LEU KA 388 -80.42 -36.75 -52.27
C LEU KA 388 -79.31 -37.58 -51.60
N GLU KA 389 -79.27 -38.89 -51.87
CA GLU KA 389 -78.28 -39.83 -51.29
C GLU KA 389 -76.86 -39.54 -51.82
N TYR KA 390 -76.73 -38.84 -52.93
CA TYR KA 390 -75.43 -38.37 -53.48
C TYR KA 390 -74.76 -37.38 -52.51
N PHE KA 391 -75.48 -36.51 -51.83
CA PHE KA 391 -74.94 -35.60 -50.79
C PHE KA 391 -74.54 -36.34 -49.52
N PRO KA 392 -73.52 -35.90 -48.75
CA PRO KA 392 -73.28 -36.44 -47.41
C PRO KA 392 -74.32 -36.12 -46.28
N SER KA 393 -74.69 -37.07 -45.41
CA SER KA 393 -75.68 -36.86 -44.32
C SER KA 393 -75.26 -37.43 -42.95
N LYS KA 394 -75.65 -36.79 -41.85
CA LYS KA 394 -75.45 -37.35 -40.48
C LYS KA 394 -76.40 -38.53 -40.22
N MET KA 395 -75.95 -39.56 -39.53
CA MET KA 395 -76.81 -40.72 -39.15
C MET KA 395 -77.06 -40.72 -37.63
N LEU KA 396 -78.33 -40.79 -37.23
CA LEU KA 396 -78.67 -40.70 -35.78
C LEU KA 396 -79.46 -41.87 -35.23
N ARG KA 397 -79.00 -42.44 -34.13
CA ARG KA 397 -79.76 -43.41 -33.30
C ARG KA 397 -80.52 -42.60 -32.19
N THR KA 398 -81.28 -43.27 -31.30
CA THR KA 398 -82.09 -42.66 -30.19
C THR KA 398 -81.30 -41.75 -29.25
N GLY KA 399 -80.04 -42.04 -28.91
CA GLY KA 399 -79.09 -41.19 -28.17
C GLY KA 399 -78.66 -39.91 -28.84
N ASN KA 400 -78.50 -39.88 -30.16
CA ASN KA 400 -77.93 -38.78 -30.99
C ASN KA 400 -78.77 -37.51 -31.25
N ASN KA 401 -78.13 -36.39 -31.54
CA ASN KA 401 -78.78 -35.06 -31.81
C ASN KA 401 -78.10 -34.35 -33.00
N PHE KA 402 -78.77 -33.40 -33.65
CA PHE KA 402 -78.22 -32.56 -34.76
C PHE KA 402 -78.39 -31.06 -34.48
N GLU KA 403 -77.37 -30.24 -34.81
CA GLU KA 403 -77.48 -28.75 -34.67
C GLU KA 403 -76.99 -27.99 -35.92
N PHE KA 404 -77.62 -26.84 -36.26
CA PHE KA 404 -77.16 -25.93 -37.38
C PHE KA 404 -77.26 -24.43 -36.96
N THR KA 405 -76.40 -23.57 -37.51
CA THR KA 405 -76.42 -22.08 -37.28
C THR KA 405 -76.38 -21.33 -38.62
N TYR KA 406 -77.13 -20.22 -38.76
CA TYR KA 406 -77.14 -19.38 -39.99
C TYR KA 406 -77.12 -17.86 -39.68
N ASN KA 407 -76.51 -17.05 -40.54
CA ASN KA 407 -76.55 -15.56 -40.44
C ASN KA 407 -77.22 -14.98 -41.68
N PHE KA 408 -78.16 -14.08 -41.49
CA PHE KA 408 -78.87 -13.43 -42.62
C PHE KA 408 -77.97 -12.37 -43.24
N GLU KA 409 -78.08 -12.14 -44.54
CA GLU KA 409 -77.36 -11.03 -45.25
C GLU KA 409 -78.00 -9.67 -44.89
N GLU KA 410 -77.27 -8.57 -45.06
CA GLU KA 410 -77.89 -7.25 -44.83
C GLU KA 410 -79.10 -7.05 -45.76
N VAL KA 411 -80.21 -6.60 -45.21
CA VAL KA 411 -81.48 -6.43 -45.96
C VAL KA 411 -82.12 -5.14 -45.42
N PRO KA 412 -82.94 -4.42 -46.21
CA PRO KA 412 -83.67 -3.28 -45.66
C PRO KA 412 -84.77 -3.63 -44.63
N PHE KA 413 -85.01 -2.79 -43.63
CA PHE KA 413 -86.09 -3.00 -42.63
C PHE KA 413 -87.46 -2.93 -43.28
N HIS KA 414 -88.42 -3.78 -42.89
CA HIS KA 414 -89.84 -3.64 -43.34
C HIS KA 414 -90.41 -2.34 -42.75
N SER KA 415 -91.28 -1.65 -43.48
CA SER KA 415 -91.90 -0.40 -42.98
C SER KA 415 -93.24 -0.63 -42.28
N SER KA 416 -93.25 -0.63 -40.94
CA SER KA 416 -94.48 -0.78 -40.11
C SER KA 416 -95.09 0.60 -39.78
N PHE KA 417 -95.56 1.32 -40.78
CA PHE KA 417 -96.16 2.66 -40.57
C PHE KA 417 -97.07 2.97 -41.74
N ALA KA 418 -98.00 3.89 -41.51
CA ALA KA 418 -98.91 4.38 -42.57
C ALA KA 418 -98.59 5.86 -42.79
N PRO KA 419 -98.54 6.33 -44.06
CA PRO KA 419 -98.39 7.76 -44.32
C PRO KA 419 -99.51 8.71 -43.83
N SER KA 420 -99.12 9.83 -43.24
CA SER KA 420 -100.08 10.85 -42.75
C SER KA 420 -100.33 11.98 -43.78
N GLN KA 421 -99.69 11.92 -44.95
CA GLN KA 421 -99.93 12.91 -46.04
C GLN KA 421 -100.13 12.27 -47.41
N ASN KA 422 -100.96 12.87 -48.26
CA ASN KA 422 -101.13 12.51 -49.69
C ASN KA 422 -99.89 12.97 -50.50
N LEU KA 423 -99.44 12.17 -51.49
CA LEU KA 423 -98.27 12.45 -52.37
C LEU KA 423 -98.47 13.73 -53.18
N PHE KA 424 -99.69 14.01 -53.64
CA PHE KA 424 -100.04 15.21 -54.43
C PHE KA 424 -100.42 16.48 -53.60
N LYS KA 425 -100.48 16.47 -52.26
CA LYS KA 425 -100.90 17.60 -51.39
C LYS KA 425 -99.74 18.18 -50.52
N LEU KA 426 -98.48 18.18 -50.99
CA LEU KA 426 -97.27 18.57 -50.18
C LEU KA 426 -96.90 20.07 -50.19
N ALA KA 427 -97.48 20.87 -51.07
CA ALA KA 427 -97.27 22.33 -51.06
C ALA KA 427 -97.95 22.93 -49.83
N ASN KA 428 -97.41 24.03 -49.28
CA ASN KA 428 -98.05 24.74 -48.15
C ASN KA 428 -99.44 25.21 -48.63
N PRO KA 429 -100.49 24.97 -47.82
CA PRO KA 429 -101.84 25.42 -48.14
C PRO KA 429 -102.03 26.97 -48.21
N LEU KA 430 -101.37 27.77 -47.37
CA LEU KA 430 -101.32 29.25 -47.32
C LEU KA 430 -100.65 29.98 -48.48
N VAL KA 431 -99.59 29.45 -49.07
CA VAL KA 431 -98.77 30.17 -50.08
C VAL KA 431 -98.93 29.73 -51.56
N ASP KA 432 -99.09 30.69 -52.48
CA ASP KA 432 -99.13 30.45 -53.96
C ASP KA 432 -97.78 30.09 -54.58
N GLN KA 433 -97.77 29.30 -55.64
CA GLN KA 433 -96.56 28.97 -56.42
C GLN KA 433 -96.06 30.12 -57.33
N TYR KA 434 -94.77 30.24 -57.61
CA TYR KA 434 -94.25 31.22 -58.62
C TYR KA 434 -94.30 30.61 -60.05
N LEU KA 435 -95.23 29.71 -60.32
CA LEU KA 435 -95.29 28.95 -61.59
C LEU KA 435 -96.65 29.11 -62.26
N TYR KA 436 -96.70 29.02 -63.58
CA TYR KA 436 -97.93 29.31 -64.34
C TYR KA 436 -98.30 28.16 -65.27
N ARG KA 437 -99.58 28.06 -65.60
CA ARG KA 437 -100.10 26.95 -66.45
C ARG KA 437 -100.92 27.50 -67.62
N PHE KA 438 -100.98 26.74 -68.73
CA PHE KA 438 -101.83 27.13 -69.87
C PHE KA 438 -103.25 26.72 -69.59
N VAL KA 439 -104.16 27.67 -69.75
CA VAL KA 439 -105.58 27.38 -69.53
C VAL KA 439 -106.48 27.62 -70.74
N SER KA 440 -106.00 28.36 -71.74
CA SER KA 440 -106.95 28.82 -72.78
C SER KA 440 -106.38 29.31 -74.13
N THR KA 441 -107.23 29.39 -75.12
CA THR KA 441 -106.89 30.00 -76.41
C THR KA 441 -108.00 31.04 -76.66
N ASN KA 442 -107.71 32.20 -77.25
CA ASN KA 442 -108.72 33.25 -77.58
C ASN KA 442 -109.43 33.01 -78.95
N ASN KA 443 -110.28 33.93 -79.42
CA ASN KA 443 -111.06 33.77 -80.68
C ASN KA 443 -110.08 33.59 -81.85
N THR KA 444 -108.96 34.31 -81.90
CA THR KA 444 -107.87 33.99 -82.82
C THR KA 444 -107.13 33.02 -81.94
N GLY KA 445 -106.60 31.91 -82.41
CA GLY KA 445 -106.14 30.91 -81.40
C GLY KA 445 -104.86 31.24 -80.68
N GLY KA 446 -104.85 32.29 -79.84
CA GLY KA 446 -103.65 32.75 -79.11
C GLY KA 446 -103.63 32.25 -77.70
N VAL KA 447 -102.50 31.71 -77.24
CA VAL KA 447 -102.38 31.06 -75.90
C VAL KA 447 -102.52 32.01 -74.70
N GLN KA 448 -103.13 31.52 -73.62
CA GLN KA 448 -103.40 32.33 -72.41
C GLN KA 448 -102.95 31.56 -71.16
N PHE KA 449 -102.54 32.27 -70.11
CA PHE KA 449 -101.95 31.63 -68.90
C PHE KA 449 -102.52 32.17 -67.60
N ASN KA 450 -102.51 31.36 -66.54
CA ASN KA 450 -102.97 31.76 -65.18
C ASN KA 450 -101.97 31.27 -64.16
N LYS KA 451 -101.77 32.01 -63.07
CA LYS KA 451 -100.91 31.61 -61.92
C LYS KA 451 -101.53 30.49 -61.07
N ASN KA 452 -100.68 29.70 -60.42
CA ASN KA 452 -101.16 28.59 -59.55
C ASN KA 452 -101.40 29.11 -58.12
N LEU KA 453 -102.64 29.06 -57.65
CA LEU KA 453 -103.07 29.55 -56.31
C LEU KA 453 -102.84 28.59 -55.13
N ALA KA 454 -102.81 29.11 -53.91
CA ALA KA 454 -102.62 28.29 -52.69
C ALA KA 454 -103.76 27.28 -52.44
N GLY KA 455 -103.40 26.02 -52.17
CA GLY KA 455 -104.35 24.92 -51.87
C GLY KA 455 -105.00 24.28 -53.09
N ARG KA 456 -104.69 24.72 -54.31
CA ARG KA 456 -105.31 24.20 -55.57
C ARG KA 456 -104.47 22.98 -56.05
N TYR KA 457 -104.59 21.82 -55.38
CA TYR KA 457 -103.79 20.57 -55.61
C TYR KA 457 -104.07 19.97 -56.99
N ALA KA 458 -105.26 20.19 -57.52
CA ALA KA 458 -105.61 19.77 -58.87
C ALA KA 458 -104.67 20.41 -59.92
N ASN KA 459 -104.23 21.66 -59.75
CA ASN KA 459 -103.43 22.43 -60.75
C ASN KA 459 -102.00 22.80 -60.35
N THR KA 460 -101.26 22.04 -59.58
CA THR KA 460 -99.97 22.43 -58.96
C THR KA 460 -98.86 21.64 -59.63
N TYR KA 461 -97.69 22.21 -59.80
CA TYR KA 461 -96.50 21.50 -60.34
C TYR KA 461 -96.08 20.45 -59.33
N LYS KA 462 -95.69 19.27 -59.79
CA LYS KA 462 -95.36 18.14 -58.89
C LYS KA 462 -93.96 17.58 -59.12
N ASN KA 463 -93.15 17.41 -58.08
CA ASN KA 463 -91.83 16.68 -58.14
C ASN KA 463 -91.89 15.16 -58.33
N TRP KA 464 -92.85 14.47 -57.74
CA TRP KA 464 -92.82 12.99 -57.62
C TRP KA 464 -94.08 12.33 -58.10
N PHE KA 465 -93.96 11.08 -58.50
CA PHE KA 465 -95.09 10.37 -59.15
C PHE KA 465 -95.37 9.08 -58.43
N PRO KA 466 -96.63 8.60 -58.50
CA PRO KA 466 -97.01 7.31 -57.95
C PRO KA 466 -96.46 6.07 -58.65
N GLY KA 467 -96.42 4.94 -57.96
CA GLY KA 467 -95.87 3.66 -58.46
C GLY KA 467 -96.68 2.93 -59.52
N PRO KA 468 -96.09 1.90 -60.17
CA PRO KA 468 -96.73 1.20 -61.28
C PRO KA 468 -98.05 0.45 -61.06
N MET KA 469 -98.94 0.47 -62.06
CA MET KA 469 -100.28 -0.13 -61.90
C MET KA 469 -100.75 -1.00 -63.09
N GLY KA 470 -101.53 -2.06 -62.88
CA GLY KA 470 -102.23 -2.80 -63.95
C GLY KA 470 -103.68 -2.99 -63.55
N ARG KA 471 -104.68 -2.68 -64.36
CA ARG KA 471 -106.11 -2.76 -63.89
C ARG KA 471 -106.60 -4.21 -63.57
N THR KA 472 -107.27 -4.42 -62.44
CA THR KA 472 -107.81 -5.72 -61.97
C THR KA 472 -109.26 -5.53 -61.55
N GLN KA 473 -110.13 -6.49 -61.82
CA GLN KA 473 -111.60 -6.35 -61.56
C GLN KA 473 -111.94 -6.17 -60.06
N GLY KA 474 -112.91 -5.32 -59.76
CA GLY KA 474 -113.37 -5.07 -58.39
C GLY KA 474 -114.69 -5.73 -58.08
N TRP KA 475 -114.76 -6.41 -56.93
CA TRP KA 475 -115.99 -7.12 -56.49
C TRP KA 475 -116.45 -6.60 -55.11
N ASN KA 476 -117.75 -6.34 -54.98
CA ASN KA 476 -118.34 -5.87 -53.69
C ASN KA 476 -118.47 -7.01 -52.68
N LEU KA 477 -118.33 -6.70 -51.40
CA LEU KA 477 -118.39 -7.68 -50.28
C LEU KA 477 -119.47 -7.18 -49.33
N GLY KA 478 -120.01 -8.02 -48.44
CA GLY KA 478 -121.12 -7.60 -47.56
C GLY KA 478 -122.38 -7.27 -48.32
N SER KA 479 -122.88 -6.04 -48.19
CA SER KA 479 -124.11 -5.62 -48.90
C SER KA 479 -123.87 -5.72 -50.41
N GLY KA 480 -122.70 -5.34 -50.93
CA GLY KA 480 -122.37 -5.70 -52.33
C GLY KA 480 -123.28 -5.20 -53.41
N VAL KA 481 -123.85 -6.10 -54.23
CA VAL KA 481 -124.68 -5.77 -55.45
C VAL KA 481 -123.93 -6.16 -56.76
N ASN KA 482 -123.03 -7.14 -56.75
CA ASN KA 482 -122.29 -7.70 -57.94
C ASN KA 482 -123.12 -8.53 -58.93
N ARG KA 483 -122.64 -8.70 -60.18
CA ARG KA 483 -123.30 -9.53 -61.26
C ARG KA 483 -123.42 -11.03 -60.94
N ALA KA 484 -124.57 -11.64 -61.26
CA ALA KA 484 -124.91 -13.05 -60.95
C ALA KA 484 -124.38 -14.15 -61.87
N SER KA 485 -124.19 -15.36 -61.35
CA SER KA 485 -123.83 -16.58 -62.14
C SER KA 485 -122.57 -16.46 -63.01
N VAL KA 486 -121.51 -15.87 -62.49
CA VAL KA 486 -120.27 -15.63 -63.29
C VAL KA 486 -119.22 -16.73 -63.08
N SER KA 487 -118.58 -17.21 -64.15
CA SER KA 487 -117.39 -18.08 -64.01
C SER KA 487 -116.19 -17.14 -64.16
N ALA KA 488 -115.36 -17.00 -63.15
CA ALA KA 488 -114.24 -16.03 -63.10
C ALA KA 488 -113.07 -16.21 -64.08
N PHE KA 489 -112.61 -17.42 -64.44
CA PHE KA 489 -111.30 -17.66 -65.11
C PHE KA 489 -111.06 -17.01 -66.50
N ALA KA 490 -112.03 -16.95 -67.41
CA ALA KA 490 -111.84 -16.37 -68.76
C ALA KA 490 -111.46 -14.88 -68.68
N THR KA 491 -112.02 -14.12 -67.75
CA THR KA 491 -111.80 -12.67 -67.63
C THR KA 491 -110.72 -12.29 -66.64
N THR KA 492 -109.99 -13.24 -66.05
CA THR KA 492 -108.88 -12.98 -65.09
C THR KA 492 -107.61 -12.44 -65.75
N ASN KA 493 -106.77 -11.73 -64.98
CA ASN KA 493 -105.45 -11.21 -65.46
C ASN KA 493 -104.47 -12.35 -65.74
N ARG KA 494 -103.67 -12.23 -66.80
CA ARG KA 494 -102.76 -13.35 -67.18
C ARG KA 494 -101.43 -12.87 -67.76
N MET KA 495 -100.39 -13.70 -67.67
CA MET KA 495 -99.09 -13.44 -68.34
C MET KA 495 -98.77 -14.70 -69.17
N GLU KA 496 -98.14 -14.57 -70.34
CA GLU KA 496 -97.87 -15.71 -71.26
C GLU KA 496 -96.40 -16.15 -71.16
N LEU KA 497 -96.12 -17.43 -70.87
CA LEU KA 497 -94.74 -17.99 -70.86
C LEU KA 497 -94.67 -19.26 -71.68
N GLU KA 498 -93.73 -19.43 -72.61
CA GLU KA 498 -93.47 -20.70 -73.37
C GLU KA 498 -94.70 -21.24 -74.10
N GLY KA 499 -95.57 -20.41 -74.65
CA GLY KA 499 -96.81 -20.89 -75.26
C GLY KA 499 -98.00 -21.17 -74.34
N ALA KA 500 -97.96 -20.86 -73.05
CA ALA KA 500 -99.16 -21.08 -72.19
C ALA KA 500 -99.59 -19.80 -71.43
N SER KA 501 -100.87 -19.66 -71.10
CA SER KA 501 -101.41 -18.49 -70.34
C SER KA 501 -101.49 -18.85 -68.85
N TYR KA 502 -100.93 -18.01 -68.02
CA TYR KA 502 -100.90 -18.28 -66.56
C TYR KA 502 -101.56 -17.19 -65.75
N GLN KA 503 -102.39 -17.58 -64.81
CA GLN KA 503 -102.88 -16.59 -63.82
C GLN KA 503 -101.68 -16.26 -62.92
N VAL KA 504 -101.56 -15.02 -62.50
CA VAL KA 504 -100.46 -14.54 -61.63
C VAL KA 504 -101.23 -13.92 -60.46
N PRO KA 505 -101.78 -14.74 -59.53
CA PRO KA 505 -102.71 -14.31 -58.51
C PRO KA 505 -102.27 -13.25 -57.55
N PRO KA 506 -101.05 -13.11 -57.00
CA PRO KA 506 -100.74 -11.89 -56.26
C PRO KA 506 -100.41 -10.98 -57.45
N GLN KA 507 -100.93 -9.78 -57.55
CA GLN KA 507 -100.43 -8.94 -58.69
C GLN KA 507 -99.04 -8.35 -58.31
N PRO KA 508 -98.24 -7.72 -59.22
CA PRO KA 508 -96.99 -7.05 -58.86
C PRO KA 508 -97.12 -5.77 -57.94
N ASN KA 509 -96.13 -5.41 -57.11
CA ASN KA 509 -96.21 -4.27 -56.12
C ASN KA 509 -96.46 -2.84 -56.64
N GLY KA 510 -96.97 -1.93 -55.80
CA GLY KA 510 -97.30 -0.52 -56.14
C GLY KA 510 -98.75 -0.16 -56.26
N MET KA 511 -99.66 -1.07 -55.93
CA MET KA 511 -101.10 -0.77 -55.97
C MET KA 511 -101.81 -0.98 -54.63
N THR KA 512 -103.03 -0.45 -54.48
CA THR KA 512 -103.89 -0.75 -53.31
C THR KA 512 -105.16 -1.45 -53.79
N ASN KA 513 -105.52 -2.61 -53.23
CA ASN KA 513 -106.80 -3.37 -53.47
C ASN KA 513 -108.10 -2.70 -52.97
N ASN KA 514 -108.12 -2.02 -51.83
CA ASN KA 514 -109.36 -1.47 -51.20
C ASN KA 514 -109.16 0.01 -50.83
N LEU KA 515 -110.14 0.87 -51.10
CA LEU KA 515 -110.09 2.32 -50.71
C LEU KA 515 -110.14 2.71 -49.19
N GLN KA 516 -110.96 2.12 -48.30
CA GLN KA 516 -111.15 2.51 -46.86
C GLN KA 516 -112.65 2.77 -46.72
N GLY KA 517 -113.28 2.26 -45.67
CA GLY KA 517 -114.75 2.28 -45.79
C GLY KA 517 -114.91 1.33 -46.96
N SER KA 518 -115.50 1.73 -48.08
CA SER KA 518 -115.72 0.91 -49.30
C SER KA 518 -115.71 -0.63 -49.18
N ASN KA 519 -116.66 -1.25 -49.87
CA ASN KA 519 -116.78 -2.74 -49.88
C ASN KA 519 -116.28 -3.28 -51.22
N THR KA 520 -115.66 -2.45 -52.06
CA THR KA 520 -115.04 -2.93 -53.32
C THR KA 520 -113.61 -3.40 -53.08
N TYR KA 521 -113.31 -4.60 -53.53
CA TYR KA 521 -111.97 -5.20 -53.37
C TYR KA 521 -111.55 -5.76 -54.69
N ALA KA 522 -110.29 -5.54 -55.02
CA ALA KA 522 -109.79 -6.24 -56.23
C ALA KA 522 -109.27 -7.59 -55.71
N LEU KA 523 -110.00 -8.68 -55.94
CA LEU KA 523 -109.74 -10.03 -55.36
C LEU KA 523 -108.40 -10.68 -55.79
N GLU KA 524 -107.97 -10.48 -57.04
CA GLU KA 524 -106.69 -11.03 -57.54
C GLU KA 524 -105.48 -10.19 -57.05
N ASN KA 525 -105.67 -9.07 -56.40
CA ASN KA 525 -104.58 -8.28 -55.75
C ASN KA 525 -104.56 -8.51 -54.22
N THR KA 526 -105.33 -9.44 -53.69
CA THR KA 526 -105.44 -9.63 -52.21
C THR KA 526 -104.98 -10.98 -51.74
N MET KA 527 -104.24 -11.06 -50.64
CA MET KA 527 -103.92 -12.34 -49.97
C MET KA 527 -105.19 -12.86 -49.28
N ILE KA 528 -105.61 -14.08 -49.59
CA ILE KA 528 -106.80 -14.74 -48.95
C ILE KA 528 -106.35 -15.97 -48.14
N PHE KA 529 -106.79 -16.07 -46.89
CA PHE KA 529 -106.36 -17.13 -45.95
C PHE KA 529 -107.57 -17.79 -45.32
N ASN KA 530 -107.40 -18.98 -44.76
CA ASN KA 530 -108.47 -19.70 -44.01
C ASN KA 530 -108.13 -19.62 -42.51
N SER KA 531 -109.12 -19.38 -41.65
CA SER KA 531 -108.92 -19.38 -40.18
C SER KA 531 -108.51 -20.77 -39.69
N GLN KA 532 -109.09 -21.83 -40.25
CA GLN KA 532 -108.80 -23.24 -39.87
C GLN KA 532 -108.01 -23.97 -40.96
N PRO KA 533 -107.12 -24.93 -40.62
CA PRO KA 533 -106.43 -25.76 -41.60
C PRO KA 533 -107.37 -26.69 -42.36
N ALA KA 534 -107.02 -27.04 -43.58
CA ALA KA 534 -107.91 -27.85 -44.46
C ALA KA 534 -107.30 -29.19 -44.83
N ASN KA 535 -108.16 -30.16 -45.10
CA ASN KA 535 -107.74 -31.49 -45.60
C ASN KA 535 -107.19 -31.37 -47.03
N PRO KA 536 -106.19 -32.19 -47.42
CA PRO KA 536 -105.67 -32.15 -48.78
C PRO KA 536 -106.63 -32.53 -49.92
N GLY KA 537 -106.58 -31.77 -51.02
CA GLY KA 537 -107.39 -32.06 -52.21
C GLY KA 537 -108.83 -31.58 -52.15
N THR KA 538 -109.20 -30.79 -51.15
CA THR KA 538 -110.60 -30.36 -51.01
C THR KA 538 -111.02 -29.56 -52.24
N THR KA 539 -112.23 -29.79 -52.75
CA THR KA 539 -112.80 -29.03 -53.88
C THR KA 539 -114.03 -28.26 -53.41
N ALA KA 540 -114.25 -28.14 -52.11
CA ALA KA 540 -115.44 -27.46 -51.52
C ALA KA 540 -115.52 -25.95 -51.80
N THR KA 541 -116.72 -25.42 -52.06
CA THR KA 541 -116.92 -23.96 -52.20
C THR KA 541 -116.82 -23.28 -50.85
N TYR KA 542 -116.21 -22.11 -50.80
CA TYR KA 542 -116.12 -21.32 -49.55
C TYR KA 542 -116.73 -19.96 -49.76
N LEU KA 543 -117.63 -19.56 -48.87
CA LEU KA 543 -118.20 -18.19 -48.85
C LEU KA 543 -117.27 -17.21 -48.10
N GLU KA 544 -117.55 -15.92 -48.16
CA GLU KA 544 -116.73 -14.83 -47.55
C GLU KA 544 -116.58 -14.94 -46.02
N GLY KA 545 -117.62 -15.38 -45.29
CA GLY KA 545 -117.57 -15.49 -43.83
C GLY KA 545 -116.51 -16.45 -43.35
N ASN KA 546 -116.31 -17.58 -44.02
CA ASN KA 546 -115.19 -18.51 -43.72
C ASN KA 546 -113.81 -17.87 -43.98
N MET KA 547 -113.64 -17.04 -45.01
CA MET KA 547 -112.30 -16.53 -45.42
C MET KA 547 -111.74 -15.35 -44.62
N LEU KA 548 -110.41 -15.23 -44.55
CA LEU KA 548 -109.78 -14.04 -43.94
C LEU KA 548 -109.25 -13.20 -45.10
N ILE KA 549 -109.80 -12.00 -45.32
CA ILE KA 549 -109.43 -11.17 -46.51
C ILE KA 549 -108.70 -9.89 -46.07
N THR KA 550 -107.49 -9.68 -46.56
CA THR KA 550 -106.63 -8.51 -46.24
C THR KA 550 -106.99 -7.24 -47.00
N SER KA 551 -106.65 -6.08 -46.45
CA SER KA 551 -106.86 -4.75 -47.08
C SER KA 551 -105.54 -3.99 -47.05
N GLU KA 552 -105.23 -3.23 -48.09
CA GLU KA 552 -103.98 -2.44 -48.21
C GLU KA 552 -104.34 -0.94 -48.14
N SER KA 553 -105.46 -0.55 -47.54
CA SER KA 553 -106.01 0.83 -47.53
C SER KA 553 -105.07 1.87 -46.89
N GLU KA 554 -104.15 1.49 -46.01
CA GLU KA 554 -103.12 2.39 -45.40
C GLU KA 554 -102.19 2.99 -46.47
N THR KA 555 -101.85 2.28 -47.53
CA THR KA 555 -100.91 2.70 -48.61
C THR KA 555 -101.58 3.58 -49.67
N GLN KA 556 -102.90 3.86 -49.57
CA GLN KA 556 -103.70 4.61 -50.57
C GLN KA 556 -103.17 6.05 -50.78
N PRO KA 557 -102.66 6.81 -49.78
CA PRO KA 557 -102.01 8.10 -50.03
C PRO KA 557 -100.86 8.10 -51.08
N VAL KA 558 -100.09 7.01 -51.27
CA VAL KA 558 -99.07 6.82 -52.35
C VAL KA 558 -99.33 5.69 -53.37
N ASN KA 559 -100.37 4.86 -53.26
CA ASN KA 559 -100.52 3.70 -54.17
C ASN KA 559 -101.82 3.81 -54.93
N ARG KA 560 -101.77 3.65 -56.24
CA ARG KA 560 -102.98 3.74 -57.09
C ARG KA 560 -103.96 2.56 -56.85
N VAL KA 561 -105.25 2.81 -56.98
CA VAL KA 561 -106.28 1.74 -56.84
C VAL KA 561 -106.34 0.80 -58.08
N ALA KA 562 -106.31 -0.52 -57.87
CA ALA KA 562 -106.30 -1.57 -58.93
C ALA KA 562 -107.56 -1.60 -59.79
N TYR KA 563 -108.74 -1.45 -59.21
CA TYR KA 563 -110.04 -1.48 -59.95
C TYR KA 563 -110.17 -0.30 -60.95
N ASN KA 564 -109.69 0.89 -60.62
CA ASN KA 564 -109.80 2.12 -61.45
C ASN KA 564 -108.77 2.26 -62.58
N VAL KA 565 -109.03 3.07 -63.61
CA VAL KA 565 -108.04 3.47 -64.68
C VAL KA 565 -106.91 4.34 -64.08
N GLY KA 566 -105.66 4.22 -64.52
CA GLY KA 566 -104.49 5.01 -64.08
C GLY KA 566 -104.43 6.52 -64.36
N GLY KA 567 -104.87 7.00 -65.52
CA GLY KA 567 -104.72 8.41 -65.91
C GLY KA 567 -105.08 8.60 -67.36
N GLN KA 568 -104.80 9.78 -67.94
CA GLN KA 568 -105.06 10.10 -69.37
C GLN KA 568 -103.82 10.70 -70.07
N MET KA 569 -103.64 10.48 -71.38
CA MET KA 569 -102.53 11.03 -72.21
C MET KA 569 -103.09 11.55 -73.55
N ALA KA 570 -102.37 12.44 -74.26
CA ALA KA 570 -102.77 12.98 -75.59
C ALA KA 570 -102.75 11.94 -76.73
N THR KA 571 -103.78 11.97 -77.57
CA THR KA 571 -103.93 10.99 -78.67
C THR KA 571 -103.89 11.65 -80.06
N ASN KA 572 -103.63 12.94 -80.18
CA ASN KA 572 -103.78 13.66 -81.48
C ASN KA 572 -102.95 14.94 -81.50
N ASN KA 573 -102.90 15.60 -82.64
CA ASN KA 573 -102.28 16.94 -82.76
C ASN KA 573 -103.42 17.93 -83.02
N GLN KA 574 -103.54 18.99 -82.21
CA GLN KA 574 -104.56 20.07 -82.39
C GLN KA 574 -104.23 20.94 -83.62
N SER KA 575 -105.24 21.52 -84.25
CA SER KA 575 -105.07 22.38 -85.45
C SER KA 575 -106.30 23.30 -85.49
N SER KA 576 -106.30 24.31 -86.33
CA SER KA 576 -107.54 25.13 -86.44
C SER KA 576 -108.70 24.24 -86.88
N THR KA 577 -108.49 23.31 -87.81
CA THR KA 577 -109.49 22.29 -88.20
C THR KA 577 -109.81 21.29 -87.09
N THR KA 578 -108.83 20.84 -86.29
CA THR KA 578 -109.06 19.75 -85.32
C THR KA 578 -108.96 20.12 -83.84
N ALA KA 579 -109.98 19.79 -83.05
CA ALA KA 579 -109.96 19.96 -81.58
C ALA KA 579 -109.01 18.98 -80.89
N PRO KA 580 -108.39 19.34 -79.75
CA PRO KA 580 -107.56 18.42 -78.99
C PRO KA 580 -108.29 17.22 -78.35
N ALA KA 581 -107.65 16.04 -78.25
CA ALA KA 581 -108.26 14.80 -77.71
C ALA KA 581 -107.36 14.07 -76.71
N THR KA 582 -107.95 13.35 -75.76
CA THR KA 582 -107.21 12.55 -74.76
C THR KA 582 -107.71 11.12 -74.72
N GLY KA 583 -106.89 10.19 -74.23
CA GLY KA 583 -107.34 8.81 -74.01
C GLY KA 583 -106.91 8.25 -72.67
N THR KA 584 -107.76 7.46 -72.00
CA THR KA 584 -107.39 6.76 -70.73
C THR KA 584 -106.49 5.56 -70.96
N TYR KA 585 -105.65 5.21 -69.99
CA TYR KA 585 -104.77 4.01 -70.03
C TYR KA 585 -105.11 3.01 -68.86
N ASN KA 586 -105.03 1.69 -69.09
CA ASN KA 586 -105.36 0.64 -68.06
C ASN KA 586 -104.08 0.07 -67.41
N LEU KA 587 -102.90 0.39 -67.95
CA LEU KA 587 -101.62 -0.08 -67.38
C LEU KA 587 -100.50 0.95 -67.51
N GLN KA 588 -99.59 1.03 -66.55
CA GLN KA 588 -98.37 1.88 -66.64
C GLN KA 588 -97.27 1.20 -65.84
N GLU KA 589 -96.02 1.45 -66.16
CA GLU KA 589 -94.88 0.77 -65.51
C GLU KA 589 -93.97 1.85 -64.92
N ILE KA 590 -92.80 1.49 -64.41
CA ILE KA 590 -91.88 2.43 -63.71
C ILE KA 590 -91.42 3.61 -64.57
N VAL KA 591 -91.39 4.79 -63.96
CA VAL KA 591 -90.96 6.04 -64.62
C VAL KA 591 -89.95 6.66 -63.64
N PRO KA 592 -88.99 7.49 -64.07
CA PRO KA 592 -88.10 8.17 -63.12
C PRO KA 592 -88.85 9.12 -62.17
N GLY KA 593 -88.45 9.20 -60.89
CA GLY KA 593 -89.19 9.97 -59.87
C GLY KA 593 -90.37 9.23 -59.23
N SER KA 594 -90.54 7.95 -59.54
CA SER KA 594 -91.59 7.05 -58.99
C SER KA 594 -91.38 6.67 -57.51
N VAL KA 595 -92.43 6.73 -56.70
CA VAL KA 595 -92.40 6.35 -55.25
C VAL KA 595 -93.59 5.41 -54.97
N TRP KA 596 -93.40 4.40 -54.13
CA TRP KA 596 -94.50 3.45 -53.73
C TRP KA 596 -94.20 2.77 -52.40
N MET KA 597 -95.20 2.13 -51.83
CA MET KA 597 -95.06 1.30 -50.62
C MET KA 597 -95.24 -0.20 -50.95
N GLU KA 598 -94.36 -1.06 -50.44
CA GLU KA 598 -94.45 -2.54 -50.61
C GLU KA 598 -95.60 -3.14 -49.77
N ARG KA 599 -96.07 -4.32 -50.13
CA ARG KA 599 -97.15 -5.05 -49.40
C ARG KA 599 -96.79 -5.34 -47.93
N ASP KA 600 -97.78 -5.24 -47.04
CA ASP KA 600 -97.63 -5.51 -45.59
C ASP KA 600 -97.48 -7.00 -45.24
N VAL KA 601 -96.70 -7.30 -44.21
CA VAL KA 601 -96.60 -8.67 -43.63
C VAL KA 601 -97.78 -8.98 -42.69
N TYR KA 602 -98.11 -10.26 -42.52
CA TYR KA 602 -99.21 -10.72 -41.63
C TYR KA 602 -98.65 -11.78 -40.71
N LEU KA 603 -99.24 -11.97 -39.53
CA LEU KA 603 -98.82 -13.04 -38.58
C LEU KA 603 -99.04 -14.43 -39.25
N GLN KA 604 -100.13 -14.65 -39.95
CA GLN KA 604 -100.45 -15.86 -40.78
C GLN KA 604 -99.50 -16.02 -42.00
N GLY KA 605 -98.94 -14.94 -42.54
CA GLY KA 605 -98.04 -14.92 -43.71
C GLY KA 605 -96.58 -15.33 -43.67
N PRO KA 606 -95.95 -15.53 -44.86
CA PRO KA 606 -94.49 -15.76 -44.97
C PRO KA 606 -93.40 -14.71 -44.74
N ILE KA 607 -92.30 -15.02 -44.06
CA ILE KA 607 -91.10 -14.11 -43.93
C ILE KA 607 -90.21 -13.86 -45.18
N TRP KA 608 -89.84 -14.88 -45.94
CA TRP KA 608 -88.82 -14.71 -47.00
C TRP KA 608 -89.10 -15.47 -48.30
N ALA KA 609 -88.43 -15.08 -49.39
CA ALA KA 609 -88.48 -15.79 -50.69
C ALA KA 609 -87.05 -15.77 -51.27
N LYS KA 610 -86.70 -16.79 -52.03
CA LYS KA 610 -85.39 -16.84 -52.73
C LYS KA 610 -85.44 -16.09 -54.06
N ILE KA 611 -84.48 -15.19 -54.29
CA ILE KA 611 -84.34 -14.52 -55.63
C ILE KA 611 -83.85 -15.57 -56.64
N PRO KA 612 -84.48 -15.70 -57.83
CA PRO KA 612 -84.03 -16.64 -58.86
C PRO KA 612 -82.72 -16.29 -59.55
N GLU KA 613 -81.88 -17.26 -59.88
CA GLU KA 613 -80.54 -16.96 -60.46
C GLU KA 613 -80.59 -16.91 -62.01
N THR KA 614 -80.67 -15.72 -62.59
CA THR KA 614 -80.74 -15.52 -64.05
C THR KA 614 -79.60 -14.64 -64.49
N GLY KA 615 -78.97 -13.94 -63.56
CA GLY KA 615 -77.96 -12.92 -63.83
C GLY KA 615 -78.53 -11.52 -64.05
N ALA KA 616 -79.85 -11.34 -64.17
CA ALA KA 616 -80.47 -10.00 -64.27
C ALA KA 616 -81.79 -9.88 -63.49
N HIS KA 617 -81.98 -8.83 -62.72
CA HIS KA 617 -83.25 -8.59 -61.98
C HIS KA 617 -83.44 -7.11 -61.69
N PHE KA 618 -84.67 -6.70 -61.42
CA PHE KA 618 -84.95 -5.30 -60.95
C PHE KA 618 -85.70 -5.30 -59.64
N HIS KA 619 -85.25 -4.53 -58.63
CA HIS KA 619 -85.98 -4.28 -57.34
C HIS KA 619 -86.54 -5.57 -56.75
N PRO KA 620 -85.75 -6.30 -55.94
CA PRO KA 620 -86.15 -7.66 -55.54
C PRO KA 620 -86.95 -7.92 -54.27
N SER KA 621 -88.17 -7.45 -54.31
CA SER KA 621 -89.11 -7.61 -53.19
C SER KA 621 -90.20 -8.58 -53.64
N PRO KA 622 -90.45 -9.71 -52.94
CA PRO KA 622 -91.47 -10.66 -53.39
C PRO KA 622 -92.93 -10.20 -53.34
N ALA KA 623 -93.76 -10.61 -54.29
CA ALA KA 623 -95.16 -10.14 -54.40
C ALA KA 623 -96.07 -10.52 -53.21
N MET KA 624 -95.95 -11.72 -52.66
CA MET KA 624 -96.71 -12.19 -51.47
C MET KA 624 -96.36 -11.34 -50.24
N GLY KA 625 -95.13 -10.85 -50.13
CA GLY KA 625 -94.66 -10.03 -49.01
C GLY KA 625 -93.36 -10.54 -48.46
N GLY KA 626 -92.73 -9.81 -47.53
CA GLY KA 626 -91.49 -10.26 -46.89
C GLY KA 626 -90.15 -9.84 -47.47
N PHE KA 627 -89.11 -10.60 -47.18
CA PHE KA 627 -87.72 -10.26 -47.54
C PHE KA 627 -87.19 -11.16 -48.66
N GLY KA 628 -86.62 -10.54 -49.70
CA GLY KA 628 -86.06 -11.28 -50.84
C GLY KA 628 -84.60 -11.51 -50.61
N LEU KA 629 -84.18 -12.77 -50.64
CA LEU KA 629 -82.77 -13.10 -50.29
C LEU KA 629 -82.03 -13.84 -51.39
N LYS KA 630 -80.84 -13.38 -51.75
CA LYS KA 630 -79.94 -14.13 -52.66
C LYS KA 630 -79.49 -15.46 -52.03
N HIS KA 631 -79.15 -15.45 -50.73
CA HIS KA 631 -78.73 -16.68 -50.01
C HIS KA 631 -79.67 -16.91 -48.83
N PRO KA 632 -80.80 -17.60 -49.07
CA PRO KA 632 -81.81 -17.88 -48.05
C PRO KA 632 -81.47 -18.92 -46.98
N PRO KA 633 -82.17 -18.99 -45.84
CA PRO KA 633 -81.87 -20.04 -44.88
C PRO KA 633 -82.05 -21.38 -45.61
N PRO KA 634 -81.10 -22.33 -45.49
CA PRO KA 634 -81.11 -23.55 -46.28
C PRO KA 634 -82.11 -24.68 -46.06
N MET KA 635 -82.42 -25.45 -47.11
CA MET KA 635 -83.30 -26.65 -47.01
C MET KA 635 -82.74 -27.72 -46.05
N MET KA 636 -83.60 -28.20 -45.15
CA MET KA 636 -83.22 -29.24 -44.15
C MET KA 636 -84.01 -30.50 -44.48
N LEU KA 637 -83.33 -31.61 -44.74
CA LEU KA 637 -83.94 -32.85 -45.24
C LEU KA 637 -83.71 -34.03 -44.29
N ILE KA 638 -84.75 -34.79 -44.01
CA ILE KA 638 -84.68 -35.95 -43.08
C ILE KA 638 -85.33 -37.19 -43.72
N LYS KA 639 -84.70 -38.35 -43.56
CA LYS KA 639 -85.31 -39.62 -44.04
C LYS KA 639 -85.14 -40.76 -43.02
N ASN KA 640 -86.00 -41.76 -43.10
CA ASN KA 640 -85.83 -43.01 -42.31
C ASN KA 640 -84.93 -43.96 -43.12
N THR KA 641 -83.87 -44.50 -42.53
CA THR KA 641 -83.01 -45.48 -43.22
C THR KA 641 -83.76 -46.77 -43.54
N PRO KA 642 -83.65 -47.31 -44.78
CA PRO KA 642 -84.23 -48.61 -45.10
C PRO KA 642 -83.72 -49.75 -44.23
N VAL KA 643 -84.65 -50.49 -43.66
CA VAL KA 643 -84.26 -51.70 -42.88
C VAL KA 643 -84.89 -52.91 -43.59
N PRO KA 644 -84.07 -53.83 -44.11
CA PRO KA 644 -84.59 -55.00 -44.82
C PRO KA 644 -85.35 -56.15 -44.13
N GLY KA 645 -86.32 -56.77 -44.81
CA GLY KA 645 -87.06 -57.97 -44.38
C GLY KA 645 -86.22 -59.22 -44.62
N ASN KA 646 -86.65 -60.39 -44.18
CA ASN KA 646 -85.76 -61.60 -44.26
C ASN KA 646 -85.44 -61.99 -45.71
N ILE KA 647 -84.16 -62.12 -46.03
CA ILE KA 647 -83.73 -62.53 -47.41
C ILE KA 647 -82.89 -63.80 -47.23
N THR KA 648 -83.22 -64.88 -47.93
CA THR KA 648 -82.53 -66.18 -47.74
C THR KA 648 -81.68 -66.56 -48.93
N SER KA 649 -81.81 -65.88 -50.05
CA SER KA 649 -81.08 -66.24 -51.30
C SER KA 649 -80.45 -65.01 -51.96
N PHE KA 650 -79.36 -65.18 -52.71
CA PHE KA 650 -78.70 -64.10 -53.47
C PHE KA 650 -79.40 -63.70 -54.77
N SER KA 651 -79.55 -62.40 -55.05
CA SER KA 651 -79.98 -61.93 -56.37
C SER KA 651 -79.22 -60.66 -56.74
N ASP KA 652 -78.89 -60.47 -58.01
CA ASP KA 652 -78.36 -59.19 -58.54
C ASP KA 652 -79.47 -58.12 -58.43
N VAL KA 653 -80.74 -58.52 -58.63
CA VAL KA 653 -81.90 -57.58 -58.55
C VAL KA 653 -82.03 -56.98 -57.14
N PRO KA 654 -82.22 -55.65 -57.00
CA PRO KA 654 -82.33 -54.98 -55.70
C PRO KA 654 -83.50 -55.38 -54.80
N VAL KA 655 -83.25 -55.39 -53.50
CA VAL KA 655 -84.31 -55.77 -52.52
C VAL KA 655 -85.49 -54.78 -52.53
N SER KA 656 -86.70 -55.32 -52.57
CA SER KA 656 -87.95 -54.54 -52.54
C SER KA 656 -88.74 -54.82 -51.25
N SER KA 657 -88.23 -55.64 -50.35
CA SER KA 657 -88.96 -56.05 -49.11
C SER KA 657 -88.29 -55.45 -47.87
N PHE KA 658 -89.04 -54.65 -47.12
CA PHE KA 658 -88.45 -53.90 -45.97
C PHE KA 658 -89.38 -53.95 -44.80
N ILE KA 659 -88.86 -53.88 -43.58
CA ILE KA 659 -89.77 -53.74 -42.39
C ILE KA 659 -90.44 -52.34 -42.37
N THR KA 660 -91.72 -52.22 -42.00
CA THR KA 660 -92.46 -50.93 -41.92
C THR KA 660 -92.13 -50.13 -40.67
N GLN KA 661 -91.74 -48.86 -40.82
CA GLN KA 661 -91.22 -48.02 -39.71
C GLN KA 661 -91.61 -46.54 -39.80
N TYR KA 662 -91.63 -45.81 -38.69
CA TYR KA 662 -91.92 -44.35 -38.65
C TYR KA 662 -91.01 -43.73 -37.58
N SER KA 663 -90.79 -42.42 -37.65
CA SER KA 663 -89.96 -41.71 -36.64
C SER KA 663 -90.68 -40.51 -35.99
N THR KA 664 -90.29 -40.17 -34.76
CA THR KA 664 -90.87 -39.03 -34.02
C THR KA 664 -89.77 -38.31 -33.24
N GLY KA 665 -89.92 -37.02 -32.95
CA GLY KA 665 -88.95 -36.25 -32.15
C GLY KA 665 -89.35 -34.83 -31.83
N GLN KA 666 -88.41 -34.04 -31.33
CA GLN KA 666 -88.60 -32.58 -31.03
C GLN KA 666 -87.65 -31.68 -31.84
N VAL KA 667 -88.14 -30.52 -32.29
CA VAL KA 667 -87.32 -29.52 -33.03
C VAL KA 667 -87.38 -28.15 -32.32
N THR KA 668 -86.25 -27.48 -32.16
CA THR KA 668 -86.19 -26.12 -31.61
C THR KA 668 -85.64 -25.13 -32.63
N VAL KA 669 -86.30 -23.98 -32.85
CA VAL KA 669 -85.78 -22.86 -33.71
C VAL KA 669 -85.60 -21.56 -32.88
N GLU KA 670 -84.43 -20.95 -32.95
CA GLU KA 670 -84.13 -19.67 -32.26
C GLU KA 670 -83.82 -18.59 -33.31
N MET KA 671 -84.50 -17.45 -33.24
CA MET KA 671 -84.31 -16.34 -34.21
C MET KA 671 -84.04 -15.00 -33.52
N GLU KA 672 -83.13 -14.22 -34.08
CA GLU KA 672 -82.83 -12.85 -33.58
C GLU KA 672 -83.37 -11.80 -34.56
N TRP KA 673 -84.00 -10.76 -34.04
CA TRP KA 673 -84.60 -9.68 -34.85
C TRP KA 673 -84.07 -8.31 -34.45
N GLU KA 674 -83.82 -7.44 -35.43
CA GLU KA 674 -83.41 -6.04 -35.16
C GLU KA 674 -84.63 -5.11 -35.30
N LEU KA 675 -84.81 -4.19 -34.37
CA LEU KA 675 -85.98 -3.29 -34.31
C LEU KA 675 -85.62 -1.83 -34.60
N LYS KA 676 -86.49 -1.11 -35.31
CA LYS KA 676 -86.30 0.35 -35.49
C LYS KA 676 -87.35 1.10 -34.64
N LYS KA 677 -86.90 1.95 -33.73
CA LYS KA 677 -87.77 2.77 -32.83
C LYS KA 677 -88.54 3.93 -33.47
N GLU KA 678 -89.76 4.17 -33.02
CA GLU KA 678 -90.54 5.36 -33.44
C GLU KA 678 -89.94 6.65 -32.84
N ASN KA 679 -89.90 7.75 -33.58
CA ASN KA 679 -89.40 9.09 -33.13
C ASN KA 679 -90.44 10.18 -33.44
N SER KA 680 -91.74 9.91 -33.27
CA SER KA 680 -92.85 10.83 -33.63
C SER KA 680 -92.99 12.12 -32.80
N LYS KA 681 -93.37 13.23 -33.44
CA LYS KA 681 -93.70 14.51 -32.75
C LYS KA 681 -95.22 14.78 -32.80
N ARG KA 682 -96.06 13.84 -33.23
CA ARG KA 682 -97.57 13.95 -33.25
C ARG KA 682 -98.21 14.12 -31.85
N TRP KA 683 -98.87 15.24 -31.58
CA TRP KA 683 -99.54 15.57 -30.30
C TRP KA 683 -100.74 14.70 -29.92
N ASN KA 684 -101.61 14.45 -30.87
CA ASN KA 684 -102.84 13.65 -30.70
C ASN KA 684 -102.58 12.15 -30.63
N PRO KA 685 -103.47 11.37 -29.98
CA PRO KA 685 -103.36 9.92 -29.94
C PRO KA 685 -103.53 9.10 -31.25
N GLU KA 686 -102.70 8.10 -31.45
CA GLU KA 686 -102.72 7.16 -32.60
C GLU KA 686 -103.67 5.95 -32.60
N ILE KA 687 -103.92 5.35 -33.76
CA ILE KA 687 -104.64 4.06 -33.90
C ILE KA 687 -103.77 2.88 -33.41
N GLN KA 688 -104.36 1.89 -32.72
CA GLN KA 688 -103.65 0.70 -32.16
C GLN KA 688 -104.47 -0.57 -32.35
N TYR KA 689 -103.85 -1.73 -32.50
CA TYR KA 689 -104.56 -3.03 -32.51
C TYR KA 689 -105.02 -3.33 -31.05
N THR KA 690 -106.28 -3.71 -30.90
CA THR KA 690 -106.84 -3.98 -29.57
C THR KA 690 -107.69 -5.23 -29.61
N ASN KA 691 -107.86 -5.88 -28.46
CA ASN KA 691 -108.81 -7.00 -28.36
C ASN KA 691 -110.15 -6.34 -28.09
N ASN KA 692 -111.05 -6.32 -29.05
CA ASN KA 692 -112.32 -5.57 -28.93
C ASN KA 692 -113.42 -6.41 -29.59
N TYR KA 693 -114.39 -6.85 -28.80
CA TYR KA 693 -115.44 -7.77 -29.29
C TYR KA 693 -116.72 -7.36 -28.59
N ASN KA 694 -117.87 -7.46 -29.24
CA ASN KA 694 -119.16 -7.17 -28.54
C ASN KA 694 -119.88 -8.48 -28.15
N ASP KA 695 -120.19 -8.67 -26.87
CA ASP KA 695 -120.88 -9.89 -26.31
C ASP KA 695 -120.17 -11.20 -26.71
N PRO KA 696 -118.85 -11.37 -26.50
CA PRO KA 696 -118.17 -12.59 -26.97
C PRO KA 696 -118.59 -13.95 -26.39
N GLN KA 697 -118.74 -14.95 -27.26
CA GLN KA 697 -119.13 -16.33 -26.81
C GLN KA 697 -117.90 -17.23 -26.66
N PHE KA 698 -116.72 -16.75 -27.02
CA PHE KA 698 -115.48 -17.54 -26.95
C PHE KA 698 -114.37 -16.54 -26.84
N VAL KA 699 -113.20 -16.98 -26.43
CA VAL KA 699 -112.02 -16.09 -26.49
C VAL KA 699 -111.29 -16.42 -27.80
N ASP KA 700 -111.04 -15.43 -28.62
CA ASP KA 700 -110.21 -15.55 -29.85
C ASP KA 700 -108.74 -15.81 -29.50
N PHE KA 701 -107.98 -16.54 -30.34
CA PHE KA 701 -106.56 -16.95 -30.11
C PHE KA 701 -106.42 -17.84 -28.88
N ALA KA 702 -107.38 -18.72 -28.66
CA ALA KA 702 -107.41 -19.66 -27.52
C ALA KA 702 -108.04 -20.96 -27.97
N PRO KA 703 -107.79 -22.10 -27.26
CA PRO KA 703 -108.53 -23.34 -27.53
C PRO KA 703 -110.02 -23.35 -27.18
N ASP KA 704 -110.82 -24.14 -27.89
CA ASP KA 704 -112.27 -24.28 -27.55
C ASP KA 704 -112.56 -25.50 -26.65
N SER KA 705 -113.84 -25.81 -26.45
CA SER KA 705 -114.26 -26.94 -25.57
C SER KA 705 -113.73 -28.28 -26.12
N THR KA 706 -113.70 -28.50 -27.43
CA THR KA 706 -113.07 -29.67 -28.10
C THR KA 706 -111.54 -29.63 -28.09
N GLY KA 707 -110.89 -28.50 -27.81
CA GLY KA 707 -109.42 -28.36 -27.92
C GLY KA 707 -108.87 -27.80 -29.21
N GLU KA 708 -109.71 -27.33 -30.13
CA GLU KA 708 -109.27 -26.73 -31.41
C GLU KA 708 -109.00 -25.21 -31.29
N TYR KA 709 -107.84 -24.76 -31.76
CA TYR KA 709 -107.44 -23.32 -31.73
C TYR KA 709 -108.28 -22.45 -32.66
N ARG KA 710 -108.63 -21.25 -32.19
CA ARG KA 710 -109.47 -20.32 -32.98
C ARG KA 710 -108.67 -19.07 -33.33
N SER KA 711 -108.64 -18.69 -34.61
CA SER KA 711 -107.94 -17.46 -35.09
C SER KA 711 -108.84 -16.70 -36.08
N THR KA 712 -109.87 -16.00 -35.64
CA THR KA 712 -110.87 -15.25 -36.46
C THR KA 712 -110.31 -14.10 -37.30
N ARG KA 713 -109.31 -13.34 -36.84
CA ARG KA 713 -108.86 -12.11 -37.55
C ARG KA 713 -107.45 -12.12 -38.14
N PRO KA 714 -107.22 -11.62 -39.39
CA PRO KA 714 -105.88 -11.41 -39.92
C PRO KA 714 -105.14 -10.19 -39.32
N ILE KA 715 -103.85 -10.27 -38.96
CA ILE KA 715 -103.23 -9.05 -38.36
C ILE KA 715 -102.03 -8.51 -39.16
N GLY KA 716 -102.11 -7.25 -39.59
CA GLY KA 716 -101.05 -6.51 -40.29
C GLY KA 716 -100.14 -5.77 -39.36
N THR KA 717 -99.12 -5.13 -39.89
CA THR KA 717 -98.16 -4.34 -39.08
C THR KA 717 -98.35 -2.82 -39.06
N ARG KA 718 -99.23 -2.19 -39.84
CA ARG KA 718 -99.22 -0.69 -39.92
C ARG KA 718 -100.34 0.01 -39.10
N TYR KA 719 -99.99 0.52 -37.91
CA TYR KA 719 -100.94 1.23 -37.01
C TYR KA 719 -100.39 2.62 -36.72
N LEU KA 720 -99.07 2.75 -36.70
CA LEU KA 720 -98.37 4.04 -36.50
C LEU KA 720 -98.39 4.89 -37.78
N THR KA 721 -98.25 6.19 -37.63
CA THR KA 721 -98.34 7.13 -38.74
C THR KA 721 -97.09 7.98 -38.81
N ARG KA 722 -96.65 8.32 -40.00
CA ARG KA 722 -95.51 9.23 -40.18
C ARG KA 722 -95.79 10.28 -41.26
N PRO KA 723 -95.27 11.52 -41.17
CA PRO KA 723 -95.35 12.50 -42.27
C PRO KA 723 -94.46 12.13 -43.48
N LEU KA 724 -94.84 12.51 -44.69
CA LEU KA 724 -94.08 12.15 -45.92
C LEU KA 724 -92.71 12.83 -45.95
N ASP LA 209 -21.18 -74.94 44.44
CA ASP LA 209 -19.73 -74.70 44.60
C ASP LA 209 -19.02 -75.93 45.19
N GLY LA 210 -19.19 -76.25 46.47
CA GLY LA 210 -18.35 -77.32 47.06
C GLY LA 210 -18.89 -78.09 48.23
N VAL LA 211 -18.25 -79.22 48.56
CA VAL LA 211 -18.59 -80.07 49.73
C VAL LA 211 -18.42 -79.29 51.07
N GLY LA 212 -17.40 -78.45 51.20
CA GLY LA 212 -17.08 -77.72 52.45
C GLY LA 212 -17.69 -76.35 52.55
N ASN LA 213 -18.48 -75.93 51.58
CA ASN LA 213 -19.00 -74.53 51.56
C ASN LA 213 -20.51 -74.51 51.74
N ALA LA 214 -21.02 -73.69 52.64
CA ALA LA 214 -22.49 -73.55 52.86
C ALA LA 214 -23.21 -72.74 51.75
N SER LA 215 -24.30 -73.27 51.21
CA SER LA 215 -25.18 -72.67 50.17
C SER LA 215 -25.99 -71.43 50.64
N GLY LA 216 -26.44 -71.39 51.88
CA GLY LA 216 -27.23 -70.27 52.44
C GLY LA 216 -27.19 -70.10 53.94
N ASP LA 217 -27.83 -69.06 54.46
CA ASP LA 217 -27.87 -68.71 55.91
C ASP LA 217 -29.29 -68.67 56.50
N TRP LA 218 -29.42 -68.82 57.81
CA TRP LA 218 -30.73 -68.79 58.53
C TRP LA 218 -31.29 -67.37 58.67
N HIS LA 219 -32.50 -67.16 58.19
CA HIS LA 219 -33.20 -65.87 58.39
C HIS LA 219 -34.60 -66.09 59.00
N CYS LA 220 -34.84 -65.68 60.25
CA CYS LA 220 -36.20 -65.73 60.83
C CYS LA 220 -36.46 -64.35 61.44
N ASP LA 221 -37.32 -63.54 60.83
CA ASP LA 221 -37.51 -62.13 61.31
C ASP LA 221 -38.80 -61.44 60.86
N SER LA 222 -39.22 -60.36 61.55
CA SER LA 222 -40.32 -59.49 61.09
C SER LA 222 -39.81 -58.04 61.04
N THR LA 223 -40.07 -57.30 59.98
CA THR LA 223 -39.73 -55.86 59.91
C THR LA 223 -40.99 -55.06 59.63
N TRP LA 224 -41.28 -54.05 60.44
CA TRP LA 224 -42.47 -53.18 60.28
C TRP LA 224 -42.04 -51.81 59.78
N MET LA 225 -42.55 -51.38 58.64
CA MET LA 225 -42.18 -50.09 58.02
C MET LA 225 -43.40 -49.28 57.55
N GLY LA 226 -44.14 -48.59 58.42
CA GLY LA 226 -45.37 -47.89 58.00
C GLY LA 226 -46.46 -48.80 57.50
N ASP LA 227 -46.91 -48.63 56.26
CA ASP LA 227 -47.99 -49.45 55.63
C ASP LA 227 -47.55 -50.88 55.28
N ARG LA 228 -46.27 -51.22 55.34
CA ARG LA 228 -45.75 -52.56 54.92
C ARG LA 228 -45.12 -53.36 56.07
N VAL LA 229 -45.38 -54.67 56.13
CA VAL LA 229 -44.68 -55.58 57.08
C VAL LA 229 -44.04 -56.70 56.23
N VAL LA 230 -42.77 -57.06 56.48
CA VAL LA 230 -42.06 -58.18 55.80
C VAL LA 230 -41.83 -59.33 56.80
N THR LA 231 -42.20 -60.55 56.43
CA THR LA 231 -41.99 -61.74 57.30
C THR LA 231 -40.96 -62.70 56.68
N LYS LA 232 -39.98 -63.17 57.44
CA LYS LA 232 -38.98 -64.17 57.00
C LYS LA 232 -39.09 -65.42 57.89
N SER LA 233 -39.14 -66.61 57.30
CA SER LA 233 -39.26 -67.90 58.04
C SER LA 233 -38.27 -68.93 57.50
N THR LA 234 -37.50 -69.59 58.36
CA THR LA 234 -36.55 -70.66 57.98
C THR LA 234 -36.87 -71.96 58.72
N ARG LA 235 -36.91 -73.08 58.02
CA ARG LA 235 -37.16 -74.43 58.63
C ARG LA 235 -36.21 -75.52 58.10
N THR LA 236 -36.05 -76.60 58.85
CA THR LA 236 -35.28 -77.79 58.42
C THR LA 236 -36.26 -78.90 58.04
N TRP LA 237 -36.09 -79.52 56.87
CA TRP LA 237 -36.99 -80.57 56.32
C TRP LA 237 -36.28 -81.91 56.04
N VAL LA 238 -37.04 -83.00 56.03
CA VAL LA 238 -36.55 -84.35 55.66
C VAL LA 238 -37.40 -84.89 54.48
N LEU LA 239 -36.77 -85.50 53.47
CA LEU LA 239 -37.51 -86.13 52.35
C LEU LA 239 -37.32 -87.66 52.26
N PRO LA 240 -38.39 -88.45 52.40
CA PRO LA 240 -38.34 -89.89 52.14
C PRO LA 240 -38.33 -90.29 50.66
N SER LA 241 -37.83 -91.47 50.33
CA SER LA 241 -37.99 -91.95 48.92
C SER LA 241 -39.34 -92.67 48.81
N TYR LA 242 -40.41 -91.98 48.41
CA TYR LA 242 -41.79 -92.54 48.39
C TYR LA 242 -42.08 -93.47 47.23
N ASN LA 243 -42.72 -94.63 47.48
CA ASN LA 243 -43.20 -95.56 46.42
C ASN LA 243 -42.05 -96.40 45.85
N ASN LA 244 -40.85 -96.30 46.42
CA ASN LA 244 -39.62 -96.99 45.91
C ASN LA 244 -39.37 -96.62 44.43
N HIS LA 245 -39.50 -95.33 44.07
CA HIS LA 245 -39.22 -94.81 42.69
C HIS LA 245 -40.29 -95.20 41.65
N GLN LA 246 -41.51 -95.45 42.07
CA GLN LA 246 -42.59 -95.92 41.15
C GLN LA 246 -43.89 -95.09 41.27
N TYR LA 247 -44.72 -95.08 40.23
CA TYR LA 247 -46.04 -94.42 40.20
C TYR LA 247 -47.06 -95.50 40.39
N ARG LA 248 -48.01 -95.31 41.30
CA ARG LA 248 -49.00 -96.37 41.60
C ARG LA 248 -50.46 -95.92 41.38
N GLU LA 249 -51.26 -96.76 40.70
CA GLU LA 249 -52.70 -96.46 40.58
C GLU LA 249 -53.39 -96.71 41.93
N ILE LA 250 -54.21 -95.77 42.38
CA ILE LA 250 -54.88 -95.81 43.71
C ILE LA 250 -56.39 -95.68 43.51
N LYS LA 251 -57.19 -96.36 44.30
CA LYS LA 251 -58.66 -96.34 44.07
C LYS LA 251 -59.43 -96.69 45.34
N SER LA 252 -60.67 -96.26 45.44
CA SER LA 252 -61.53 -96.69 46.57
C SER LA 252 -62.97 -97.00 46.14
N GLY LA 253 -63.62 -97.99 46.75
CA GLY LA 253 -65.07 -98.23 46.66
C GLY LA 253 -65.79 -97.50 47.81
N SER LA 254 -67.07 -97.76 48.03
CA SER LA 254 -67.87 -97.16 49.15
C SER LA 254 -67.33 -97.57 50.54
N VAL LA 255 -67.22 -96.62 51.48
CA VAL LA 255 -66.65 -96.89 52.83
C VAL LA 255 -67.48 -96.13 53.87
N ASP LA 256 -67.67 -96.68 55.06
CA ASP LA 256 -68.46 -96.05 56.17
C ASP LA 256 -69.90 -95.83 55.71
N GLY LA 257 -70.40 -96.68 54.83
CA GLY LA 257 -71.76 -96.53 54.30
C GLY LA 257 -71.91 -95.54 53.16
N SER LA 258 -70.85 -94.92 52.63
CA SER LA 258 -71.09 -93.87 51.59
C SER LA 258 -70.37 -94.07 50.25
N ASN LA 259 -71.09 -93.98 49.13
CA ASN LA 259 -70.52 -93.98 47.74
C ASN LA 259 -69.79 -92.66 47.40
N ALA LA 260 -70.02 -91.57 48.13
CA ALA LA 260 -69.33 -90.25 47.98
C ALA LA 260 -67.84 -90.45 48.29
N ASN LA 261 -67.53 -91.44 49.12
CA ASN LA 261 -66.15 -91.91 49.46
C ASN LA 261 -65.37 -92.49 48.26
N ALA LA 262 -66.00 -93.16 47.29
CA ALA LA 262 -65.35 -93.77 46.09
C ALA LA 262 -64.57 -92.80 45.21
N TYR LA 263 -63.38 -93.19 44.73
CA TYR LA 263 -62.49 -92.37 43.87
C TYR LA 263 -61.56 -93.25 43.01
N PHE LA 264 -61.00 -92.69 41.94
CA PHE LA 264 -59.95 -93.33 41.10
C PHE LA 264 -58.79 -92.29 41.02
N GLY LA 265 -57.54 -92.71 41.21
CA GLY LA 265 -56.39 -91.79 41.26
C GLY LA 265 -54.99 -92.36 41.08
N TYR LA 266 -53.99 -91.48 41.11
CA TYR LA 266 -52.55 -91.89 41.05
C TYR LA 266 -51.74 -91.39 42.27
N SER LA 267 -50.83 -92.23 42.79
CA SER LA 267 -49.85 -91.81 43.86
C SER LA 267 -48.48 -91.65 43.17
N THR LA 268 -47.68 -90.71 43.62
CA THR LA 268 -46.41 -90.37 42.91
C THR LA 268 -45.18 -90.48 43.81
N PRO LA 269 -43.98 -90.64 43.22
CA PRO LA 269 -42.70 -90.65 43.95
C PRO LA 269 -42.29 -89.32 44.60
N TRP LA 270 -42.77 -88.18 44.13
CA TRP LA 270 -42.48 -86.80 44.59
C TRP LA 270 -43.11 -86.32 45.91
N GLY LA 271 -42.51 -85.29 46.50
CA GLY LA 271 -43.01 -84.60 47.69
C GLY LA 271 -43.11 -83.12 47.40
N TYR LA 272 -43.89 -82.39 48.17
CA TYR LA 272 -44.14 -80.95 47.90
C TYR LA 272 -44.00 -80.09 49.16
N PHE LA 273 -43.75 -78.80 48.98
CA PHE LA 273 -43.67 -77.80 50.09
C PHE LA 273 -44.98 -76.98 50.17
N ASP LA 274 -45.63 -76.91 51.34
CA ASP LA 274 -46.88 -76.15 51.59
C ASP LA 274 -46.66 -75.04 52.64
N PHE LA 275 -46.97 -73.80 52.30
CA PHE LA 275 -46.88 -72.66 53.27
C PHE LA 275 -48.26 -71.99 53.52
N ASN LA 276 -49.40 -72.58 53.17
CA ASN LA 276 -50.71 -71.88 53.32
C ASN LA 276 -51.28 -72.00 54.74
N ARG LA 277 -50.57 -71.55 55.76
CA ARG LA 277 -51.04 -71.43 57.16
C ARG LA 277 -50.40 -70.12 57.69
N PHE LA 278 -51.12 -69.31 58.46
CA PHE LA 278 -50.61 -68.03 59.04
C PHE LA 278 -49.45 -68.24 60.06
N HIS LA 279 -49.49 -69.27 60.92
CA HIS LA 279 -48.49 -69.61 61.97
C HIS LA 279 -47.13 -69.92 61.31
N SER LA 280 -47.10 -70.33 60.05
CA SER LA 280 -45.88 -70.55 59.24
C SER LA 280 -45.09 -69.23 59.07
N HIS LA 281 -45.76 -68.10 58.90
CA HIS LA 281 -45.13 -66.76 58.74
C HIS LA 281 -45.22 -65.84 59.97
N TRP LA 282 -46.09 -66.09 60.94
CA TRP LA 282 -46.36 -65.11 62.02
C TRP LA 282 -46.12 -65.63 63.42
N SER LA 283 -45.35 -64.88 64.21
CA SER LA 283 -45.19 -65.18 65.65
C SER LA 283 -46.50 -64.82 66.37
N PRO LA 284 -46.80 -65.42 67.54
CA PRO LA 284 -47.98 -65.04 68.30
C PRO LA 284 -47.96 -63.58 68.76
N ARG LA 285 -46.83 -63.02 69.19
CA ARG LA 285 -46.73 -61.57 69.52
C ARG LA 285 -46.95 -60.65 68.30
N ASP LA 286 -46.40 -60.98 67.14
CA ASP LA 286 -46.58 -60.20 65.87
C ASP LA 286 -48.04 -60.20 65.41
N TRP LA 287 -48.73 -61.32 65.54
CA TRP LA 287 -50.17 -61.44 65.23
C TRP LA 287 -51.03 -60.54 66.14
N GLN LA 288 -50.70 -60.45 67.43
CA GLN LA 288 -51.37 -59.55 68.41
C GLN LA 288 -51.17 -58.08 68.04
N ARG LA 289 -49.99 -57.70 67.59
CA ARG LA 289 -49.72 -56.32 67.14
C ARG LA 289 -50.59 -55.94 65.94
N LEU LA 290 -50.75 -56.81 64.94
CA LEU LA 290 -51.67 -56.55 63.81
C LEU LA 290 -53.19 -56.48 64.12
N ILE LA 291 -53.72 -57.40 64.92
CA ILE LA 291 -55.18 -57.48 65.25
C ILE LA 291 -55.63 -56.28 66.09
N ASN LA 292 -54.80 -55.84 67.01
CA ASN LA 292 -55.01 -54.64 67.88
C ASN LA 292 -55.02 -53.30 67.13
N ASN LA 293 -54.20 -53.09 66.10
CA ASN LA 293 -53.99 -51.74 65.49
C ASN LA 293 -54.39 -51.47 64.04
N TYR LA 294 -54.91 -52.42 63.28
CA TYR LA 294 -55.16 -52.21 61.83
C TYR LA 294 -56.56 -52.61 61.37
N TRP LA 295 -57.17 -51.84 60.49
CA TRP LA 295 -58.47 -52.19 59.82
C TRP LA 295 -58.38 -53.40 58.84
N GLY LA 296 -57.30 -53.51 58.08
CA GLY LA 296 -57.17 -54.56 57.08
C GLY LA 296 -55.77 -54.94 56.68
N PHE LA 297 -55.61 -56.10 56.05
CA PHE LA 297 -54.29 -56.55 55.53
C PHE LA 297 -54.46 -57.33 54.21
N ARG LA 298 -53.46 -57.35 53.32
CA ARG LA 298 -53.46 -58.18 52.08
C ARG LA 298 -52.03 -58.68 51.70
N PRO LA 299 -51.84 -59.88 51.08
CA PRO LA 299 -50.52 -60.30 50.54
C PRO LA 299 -50.03 -59.61 49.24
N ARG LA 300 -48.73 -59.35 49.10
CA ARG LA 300 -48.17 -58.64 47.91
C ARG LA 300 -47.12 -59.47 47.17
N SER LA 301 -46.11 -59.98 47.88
CA SER LA 301 -44.97 -60.70 47.21
C SER LA 301 -44.50 -61.94 47.97
N LEU LA 302 -43.98 -62.93 47.24
CA LEU LA 302 -43.40 -64.15 47.85
C LEU LA 302 -41.99 -64.49 47.28
N ARG LA 303 -41.02 -64.83 48.12
CA ARG LA 303 -39.67 -65.34 47.68
C ARG LA 303 -39.36 -66.67 48.38
N VAL LA 304 -38.91 -67.70 47.63
CA VAL LA 304 -38.54 -69.03 48.21
C VAL LA 304 -37.08 -69.45 47.87
N LYS LA 305 -36.31 -69.93 48.85
CA LYS LA 305 -34.95 -70.50 48.65
C LYS LA 305 -34.81 -71.92 49.26
N ILE LA 306 -34.24 -72.88 48.52
CA ILE LA 306 -33.93 -74.26 49.03
C ILE LA 306 -32.41 -74.45 48.99
N PHE LA 307 -31.77 -74.87 50.10
CA PHE LA 307 -30.28 -74.85 50.27
C PHE LA 307 -29.74 -75.85 51.31
N ASN LA 308 -28.41 -76.03 51.39
CA ASN LA 308 -27.68 -76.93 52.36
C ASN LA 308 -28.12 -78.38 52.24
N ILE LA 309 -28.27 -78.85 51.00
CA ILE LA 309 -28.74 -80.22 50.70
C ILE LA 309 -27.77 -81.32 51.16
N GLN LA 310 -28.29 -82.39 51.76
CA GLN LA 310 -27.48 -83.54 52.23
C GLN LA 310 -28.20 -84.85 51.86
N VAL LA 311 -27.54 -85.70 51.08
CA VAL LA 311 -28.12 -87.00 50.64
C VAL LA 311 -27.43 -88.11 51.44
N LYS LA 312 -28.21 -89.02 52.02
CA LYS LA 312 -27.72 -90.12 52.88
C LYS LA 312 -28.11 -91.49 52.34
N GLU LA 313 -27.22 -92.47 52.44
CA GLU LA 313 -27.52 -93.85 52.02
C GLU LA 313 -27.65 -94.74 53.26
N VAL LA 314 -28.69 -95.57 53.29
CA VAL LA 314 -28.96 -96.44 54.47
C VAL LA 314 -28.70 -97.88 54.03
N THR LA 315 -27.90 -98.61 54.80
CA THR LA 315 -27.56 -100.01 54.47
C THR LA 315 -27.83 -100.90 55.65
N VAL LA 316 -28.39 -102.08 55.41
CA VAL LA 316 -28.55 -103.04 56.54
C VAL LA 316 -27.77 -104.33 56.29
N GLN LA 317 -26.89 -104.73 57.21
CA GLN LA 317 -26.24 -106.07 57.11
C GLN LA 317 -26.52 -106.77 58.45
N ASP LA 318 -27.26 -107.88 58.44
CA ASP LA 318 -27.48 -108.65 59.69
C ASP LA 318 -28.06 -107.75 60.78
N SER LA 319 -28.96 -106.81 60.44
CA SER LA 319 -29.67 -105.96 61.45
C SER LA 319 -28.85 -104.76 62.00
N THR LA 320 -27.64 -104.49 61.49
CA THR LA 320 -26.85 -103.28 61.92
C THR LA 320 -27.47 -101.93 61.56
N THR LA 321 -28.07 -101.73 60.39
CA THR LA 321 -28.60 -100.40 59.93
C THR LA 321 -27.63 -99.21 59.92
N THR LA 322 -26.43 -99.29 59.34
CA THR LA 322 -25.52 -98.12 59.17
C THR LA 322 -26.05 -97.03 58.23
N ILE LA 323 -25.80 -95.75 58.53
CA ILE LA 323 -26.19 -94.58 57.68
C ILE LA 323 -24.94 -93.78 57.25
N ALA LA 324 -24.80 -93.44 55.97
CA ALA LA 324 -23.62 -92.71 55.45
C ALA LA 324 -23.96 -91.63 54.43
N ASN LA 325 -23.11 -90.62 54.30
CA ASN LA 325 -23.26 -89.58 53.25
C ASN LA 325 -22.94 -90.07 51.84
N ASN LA 326 -23.73 -89.70 50.84
CA ASN LA 326 -23.36 -89.95 49.42
C ASN LA 326 -23.16 -88.58 48.77
N LEU LA 327 -21.93 -88.18 48.47
CA LEU LA 327 -21.55 -86.88 47.85
C LEU LA 327 -22.05 -86.68 46.41
N THR LA 328 -22.04 -87.72 45.61
CA THR LA 328 -22.36 -87.62 44.16
C THR LA 328 -23.86 -87.77 43.85
N SER LA 329 -24.72 -88.08 44.82
CA SER LA 329 -26.21 -88.19 44.63
C SER LA 329 -26.92 -86.83 44.41
N THR LA 330 -28.05 -86.84 43.70
CA THR LA 330 -28.79 -85.59 43.33
C THR LA 330 -30.23 -85.52 43.84
N VAL LA 331 -30.75 -84.32 43.95
CA VAL LA 331 -32.17 -84.05 44.28
C VAL LA 331 -32.74 -83.29 43.05
N GLN LA 332 -34.01 -83.49 42.69
CA GLN LA 332 -34.68 -82.81 41.55
C GLN LA 332 -35.82 -81.86 41.99
N VAL LA 333 -35.82 -80.62 41.54
CA VAL LA 333 -36.80 -79.57 41.97
C VAL LA 333 -37.45 -78.84 40.78
N PHE LA 334 -38.76 -78.59 40.82
CA PHE LA 334 -39.48 -77.78 39.79
C PHE LA 334 -40.70 -77.00 40.35
N THR LA 335 -41.13 -75.95 39.66
CA THR LA 335 -42.38 -75.20 40.00
C THR LA 335 -43.37 -75.31 38.85
N ASP LA 336 -44.65 -75.58 39.15
CA ASP LA 336 -45.73 -75.67 38.11
C ASP LA 336 -46.33 -74.30 37.80
N ASP LA 337 -45.63 -73.49 37.02
CA ASP LA 337 -46.01 -72.09 36.68
C ASP LA 337 -47.30 -71.90 35.86
N ASP LA 338 -47.62 -72.76 34.89
CA ASP LA 338 -48.79 -72.65 34.00
C ASP LA 338 -50.02 -73.40 34.52
N TYR LA 339 -49.98 -74.00 35.70
CA TYR LA 339 -51.14 -74.67 36.37
C TYR LA 339 -51.64 -75.89 35.59
N GLN LA 340 -50.76 -76.57 34.90
CA GLN LA 340 -51.06 -77.82 34.17
C GLN LA 340 -51.42 -78.97 35.12
N LEU LA 341 -50.77 -79.09 36.25
CA LEU LA 341 -51.06 -80.13 37.27
C LEU LA 341 -52.28 -79.86 38.11
N PRO LA 342 -52.93 -80.91 38.66
CA PRO LA 342 -53.96 -80.67 39.65
C PRO LA 342 -53.42 -79.98 40.92
N TYR LA 343 -54.08 -78.95 41.44
CA TYR LA 343 -53.59 -78.15 42.59
C TYR LA 343 -54.24 -78.63 43.89
N VAL LA 344 -53.45 -79.22 44.77
CA VAL LA 344 -53.98 -79.83 46.01
C VAL LA 344 -53.67 -78.96 47.24
N VAL LA 345 -52.97 -77.83 47.07
CA VAL LA 345 -52.50 -76.95 48.20
C VAL LA 345 -53.63 -76.27 49.04
N GLY LA 346 -54.76 -75.85 48.49
CA GLY LA 346 -55.76 -75.02 49.22
C GLY LA 346 -56.94 -75.75 49.87
N ASN LA 347 -56.82 -77.02 50.22
CA ASN LA 347 -57.91 -77.92 50.69
C ASN LA 347 -57.86 -78.27 52.20
N GLY LA 348 -57.19 -77.50 53.08
CA GLY LA 348 -57.07 -77.72 54.55
C GLY LA 348 -56.37 -78.98 54.99
N THR LA 349 -55.33 -79.38 54.28
CA THR LA 349 -54.57 -80.61 54.56
C THR LA 349 -53.29 -80.36 55.34
N GLU LA 350 -52.84 -81.36 56.08
CA GLU LA 350 -51.59 -81.34 56.89
C GLU LA 350 -50.28 -81.43 56.08
N GLY LA 351 -49.13 -81.11 56.68
CA GLY LA 351 -47.82 -81.06 55.97
C GLY LA 351 -47.25 -79.69 55.68
N CYS LA 352 -47.84 -78.59 56.15
CA CYS LA 352 -47.29 -77.21 56.04
C CYS LA 352 -46.10 -76.99 56.98
N LEU LA 353 -45.31 -75.94 56.75
CA LEU LA 353 -44.17 -75.61 57.64
C LEU LA 353 -44.69 -75.38 59.06
N PRO LA 354 -43.94 -75.85 60.08
CA PRO LA 354 -44.39 -75.72 61.46
C PRO LA 354 -44.49 -74.33 62.12
N ALA LA 355 -45.40 -74.16 63.08
CA ALA LA 355 -45.60 -72.89 63.84
C ALA LA 355 -44.33 -72.52 64.62
N PHE LA 356 -43.62 -73.48 65.22
CA PHE LA 356 -42.43 -73.21 66.07
C PHE LA 356 -41.17 -73.41 65.23
N PRO LA 357 -40.28 -72.38 65.10
CA PRO LA 357 -39.07 -72.46 64.25
C PRO LA 357 -38.06 -73.61 64.43
N PRO LA 358 -37.73 -74.09 65.66
CA PRO LA 358 -36.88 -75.25 65.91
C PRO LA 358 -37.40 -76.63 65.45
N GLN LA 359 -38.70 -76.81 65.29
CA GLN LA 359 -39.32 -78.10 64.89
C GLN LA 359 -38.89 -78.56 63.49
N VAL LA 360 -38.63 -79.86 63.33
CA VAL LA 360 -38.13 -80.44 62.06
C VAL LA 360 -39.27 -81.25 61.44
N PHE LA 361 -39.50 -81.10 60.14
CA PHE LA 361 -40.72 -81.73 59.52
C PHE LA 361 -40.49 -82.62 58.27
N THR LA 362 -41.34 -83.65 58.15
CA THR LA 362 -41.39 -84.50 56.95
C THR LA 362 -42.28 -83.88 55.87
N LEU LA 363 -41.82 -83.83 54.62
CA LEU LA 363 -42.65 -83.37 53.46
C LEU LA 363 -43.76 -84.36 53.09
N PRO LA 364 -44.97 -83.85 52.77
CA PRO LA 364 -46.04 -84.70 52.27
C PRO LA 364 -45.84 -85.32 50.86
N GLN LA 365 -46.32 -86.53 50.63
CA GLN LA 365 -46.30 -87.15 49.28
C GLN LA 365 -47.43 -86.63 48.36
N TYR LA 366 -47.12 -86.26 47.11
CA TYR LA 366 -48.10 -85.82 46.08
C TYR LA 366 -48.97 -86.95 45.51
N GLY LA 367 -50.25 -86.67 45.31
CA GLY LA 367 -51.24 -87.60 44.77
C GLY LA 367 -52.42 -86.80 44.30
N TYR LA 368 -53.33 -87.40 43.54
CA TYR LA 368 -54.55 -86.71 43.02
C TYR LA 368 -55.66 -87.68 42.73
N ALA LA 369 -56.89 -87.19 42.68
CA ALA LA 369 -58.05 -87.98 42.20
C ALA LA 369 -58.50 -87.44 40.85
N THR LA 370 -58.73 -88.31 39.87
CA THR LA 370 -59.33 -87.96 38.55
C THR LA 370 -60.79 -88.41 38.58
N LEU LA 371 -61.39 -88.64 37.42
CA LEU LA 371 -62.77 -89.13 37.28
C LEU LA 371 -62.96 -90.62 37.66
N ASN LA 372 -64.14 -90.94 38.20
CA ASN LA 372 -64.49 -92.32 38.61
C ASN LA 372 -65.85 -92.63 37.96
N ARG LA 373 -66.14 -93.88 37.66
CA ARG LA 373 -67.39 -94.22 36.90
C ARG LA 373 -68.53 -94.73 37.78
N ASP LA 374 -69.69 -94.09 37.73
CA ASP LA 374 -70.94 -94.49 38.46
C ASP LA 374 -70.80 -94.65 39.97
N ASN LA 375 -70.06 -93.76 40.64
CA ASN LA 375 -69.83 -93.83 42.12
C ASN LA 375 -69.19 -95.18 42.50
N THR LA 376 -68.21 -95.64 41.72
CA THR LA 376 -67.45 -96.91 41.93
C THR LA 376 -65.94 -96.64 41.78
N GLU LA 377 -65.06 -97.60 42.11
CA GLU LA 377 -63.57 -97.46 42.03
C GLU LA 377 -62.99 -97.44 40.58
N ASN LA 378 -63.76 -97.84 39.58
CA ASN LA 378 -63.35 -97.85 38.15
C ASN LA 378 -63.22 -96.49 37.48
N PRO LA 379 -62.27 -96.34 36.54
CA PRO LA 379 -62.11 -95.16 35.68
C PRO LA 379 -63.04 -94.96 34.46
N THR LA 380 -62.97 -93.81 33.82
CA THR LA 380 -63.74 -93.41 32.61
C THR LA 380 -62.76 -93.10 31.50
N GLU LA 381 -63.21 -93.00 30.25
CA GLU LA 381 -62.39 -92.58 29.07
C GLU LA 381 -61.85 -91.16 29.25
N ARG LA 382 -62.60 -90.25 29.84
CA ARG LA 382 -62.18 -88.86 30.18
C ARG LA 382 -61.10 -88.83 31.29
N SER LA 383 -60.95 -89.88 32.11
CA SER LA 383 -59.98 -89.94 33.24
C SER LA 383 -58.54 -89.76 32.74
N SER LA 384 -57.72 -88.98 33.44
CA SER LA 384 -56.37 -88.52 33.00
C SER LA 384 -55.18 -88.96 33.87
N PHE LA 385 -54.08 -89.27 33.23
CA PHE LA 385 -52.81 -89.60 33.92
C PHE LA 385 -51.80 -88.48 33.66
N PHE LA 386 -51.14 -88.03 34.70
CA PHE LA 386 -50.09 -86.98 34.57
C PHE LA 386 -48.74 -87.50 35.05
N CYS LA 387 -47.69 -87.35 34.24
CA CYS LA 387 -46.28 -87.69 34.60
C CYS LA 387 -45.49 -86.41 34.99
N LEU LA 388 -44.91 -86.35 36.19
CA LEU LA 388 -44.05 -85.22 36.69
C LEU LA 388 -42.71 -85.14 35.95
N GLU LA 389 -42.14 -86.28 35.56
CA GLU LA 389 -40.84 -86.37 34.85
C GLU LA 389 -40.94 -85.80 33.42
N TYR LA 390 -42.15 -85.67 32.88
CA TYR LA 390 -42.40 -85.01 31.57
C TYR LA 390 -42.04 -83.52 31.65
N PHE LA 391 -42.26 -82.82 32.74
CA PHE LA 391 -41.82 -81.41 32.94
C PHE LA 391 -40.31 -81.29 33.11
N PRO LA 392 -39.66 -80.18 32.69
CA PRO LA 392 -38.26 -79.93 33.06
C PRO LA 392 -37.95 -79.60 34.56
N SER LA 393 -36.87 -80.14 35.15
CA SER LA 393 -36.48 -79.89 36.57
C SER LA 393 -34.99 -79.57 36.79
N LYS LA 394 -34.66 -78.75 37.77
CA LYS LA 394 -33.25 -78.50 38.18
C LYS LA 394 -32.67 -79.72 38.94
N MET LA 395 -31.41 -80.07 38.72
CA MET LA 395 -30.74 -81.18 39.45
C MET LA 395 -29.68 -80.61 40.42
N LEU LA 396 -29.76 -81.01 41.69
CA LEU LA 396 -28.83 -80.44 42.70
C LEU LA 396 -27.99 -81.46 43.46
N ARG LA 397 -26.69 -81.24 43.51
CA ARG LA 397 -25.75 -81.97 44.42
C ARG LA 397 -25.63 -81.16 45.75
N THR LA 398 -24.83 -81.60 46.72
CA THR LA 398 -24.60 -80.96 48.07
C THR LA 398 -24.17 -79.49 48.00
N GLY LA 399 -23.34 -79.06 47.05
CA GLY LA 399 -22.97 -77.66 46.75
C GLY LA 399 -24.07 -76.75 46.26
N ASN LA 400 -25.02 -77.25 45.48
CA ASN LA 400 -26.10 -76.51 44.76
C ASN LA 400 -27.30 -75.94 45.57
N ASN LA 401 -27.95 -74.91 45.06
CA ASN LA 401 -29.13 -74.23 45.69
C ASN LA 401 -30.21 -73.90 44.65
N PHE LA 402 -31.47 -73.71 45.06
CA PHE LA 402 -32.60 -73.30 44.18
C PHE LA 402 -33.32 -72.04 44.70
N GLU LA 403 -33.70 -71.11 43.82
CA GLU LA 403 -34.50 -69.91 44.22
C GLU LA 403 -35.73 -69.64 43.31
N PHE LA 404 -36.84 -69.12 43.86
CA PHE LA 404 -38.05 -68.71 43.08
C PHE LA 404 -38.63 -67.36 43.61
N THR LA 405 -39.27 -66.56 42.74
CA THR LA 405 -39.96 -65.28 43.12
C THR LA 405 -41.39 -65.24 42.56
N TYR LA 406 -42.37 -64.73 43.30
CA TYR LA 406 -43.78 -64.60 42.85
C TYR LA 406 -44.41 -63.24 43.23
N ASN LA 407 -45.32 -62.71 42.41
CA ASN LA 407 -46.12 -61.49 42.74
C ASN LA 407 -47.60 -61.85 42.80
N PHE LA 408 -48.29 -61.43 43.85
CA PHE LA 408 -49.74 -61.70 44.01
C PHE LA 408 -50.53 -60.75 43.10
N GLU LA 409 -51.68 -61.18 42.58
CA GLU LA 409 -52.62 -60.31 41.82
C GLU LA 409 -53.33 -59.32 42.77
N GLU LA 410 -53.86 -58.23 42.24
CA GLU LA 410 -54.65 -57.32 43.10
C GLU LA 410 -55.85 -58.06 43.70
N VAL LA 411 -56.05 -57.90 45.00
CA VAL LA 411 -57.12 -58.63 45.74
C VAL LA 411 -57.67 -57.63 46.76
N PRO LA 412 -58.94 -57.72 47.19
CA PRO LA 412 -59.43 -56.87 48.28
C PRO LA 412 -58.81 -57.16 49.67
N PHE LA 413 -58.61 -56.14 50.50
CA PHE LA 413 -58.09 -56.31 51.89
C PHE LA 413 -59.07 -57.10 52.75
N HIS LA 414 -58.60 -58.00 53.61
CA HIS LA 414 -59.47 -58.67 54.62
C HIS LA 414 -59.96 -57.60 55.62
N SER LA 415 -61.19 -57.72 56.12
CA SER LA 415 -61.74 -56.76 57.10
C SER LA 415 -61.50 -57.19 58.55
N SER LA 416 -60.51 -56.60 59.22
CA SER LA 416 -60.20 -56.86 60.65
C SER LA 416 -60.94 -55.86 61.56
N PHE LA 417 -62.26 -55.91 61.60
CA PHE LA 417 -63.07 -54.99 62.42
C PHE LA 417 -64.43 -55.64 62.69
N ALA LA 418 -65.08 -55.18 63.74
CA ALA LA 418 -66.45 -55.62 64.07
C ALA LA 418 -67.36 -54.41 63.94
N PRO LA 419 -68.58 -54.55 63.35
CA PRO LA 419 -69.54 -53.47 63.32
C PRO LA 419 -70.07 -52.95 64.68
N SER LA 420 -70.15 -51.64 64.82
CA SER LA 420 -70.69 -51.00 66.06
C SER LA 420 -72.19 -50.66 65.94
N GLN LA 421 -72.84 -50.94 64.81
CA GLN LA 421 -74.30 -50.73 64.64
C GLN LA 421 -75.03 -51.93 64.02
N ASN LA 422 -76.28 -52.16 64.41
CA ASN LA 422 -77.20 -53.14 63.79
C ASN LA 422 -77.66 -52.63 62.41
N LEU LA 423 -77.81 -53.52 61.41
CA LEU LA 423 -78.24 -53.20 60.02
C LEU LA 423 -79.66 -52.61 59.99
N PHE LA 424 -80.56 -53.09 60.86
CA PHE LA 424 -81.96 -52.62 60.96
C PHE LA 424 -82.19 -51.40 61.91
N LYS LA 425 -81.19 -50.84 62.61
CA LYS LA 425 -81.33 -49.72 63.60
C LYS LA 425 -80.64 -48.40 63.12
N LEU LA 426 -80.58 -48.09 61.83
CA LEU LA 426 -79.81 -46.94 61.27
C LEU LA 426 -80.57 -45.59 61.19
N ALA LA 427 -81.87 -45.56 61.38
CA ALA LA 427 -82.64 -44.31 61.44
C ALA LA 427 -82.28 -43.55 62.74
N ASN LA 428 -82.33 -42.22 62.72
CA ASN LA 428 -82.09 -41.43 63.95
C ASN LA 428 -83.16 -41.82 64.97
N PRO LA 429 -82.77 -42.09 66.23
CA PRO LA 429 -83.71 -42.42 67.30
C PRO LA 429 -84.71 -41.29 67.67
N LEU LA 430 -84.32 -40.02 67.67
CA LEU LA 430 -85.13 -38.78 67.91
C LEU LA 430 -86.21 -38.43 66.86
N VAL LA 431 -85.99 -38.68 65.58
CA VAL LA 431 -86.91 -38.21 64.51
C VAL LA 431 -87.82 -39.28 63.84
N ASP LA 432 -89.12 -38.98 63.68
CA ASP LA 432 -90.10 -39.83 62.94
C ASP LA 432 -89.91 -39.85 61.42
N GLN LA 433 -90.25 -40.94 60.76
CA GLN LA 433 -90.26 -41.05 59.28
C GLN LA 433 -91.45 -40.33 58.61
N TYR LA 434 -91.30 -39.82 57.38
CA TYR LA 434 -92.45 -39.27 56.59
C TYR LA 434 -93.20 -40.41 55.83
N LEU LA 435 -93.19 -41.62 56.35
CA LEU LA 435 -93.71 -42.82 55.64
C LEU LA 435 -94.76 -43.54 56.50
N TYR LA 436 -95.70 -44.20 55.87
CA TYR LA 436 -96.85 -44.82 56.60
C TYR LA 436 -97.00 -46.30 56.26
N ARG LA 437 -97.60 -47.05 57.17
CA ARG LA 437 -97.77 -48.51 57.01
C ARG LA 437 -99.23 -48.92 57.23
N PHE LA 438 -99.64 -50.04 56.61
CA PHE LA 438 -101.00 -50.58 56.82
C PHE LA 438 -101.01 -51.36 58.11
N VAL LA 439 -101.97 -51.04 58.96
CA VAL LA 439 -102.09 -51.76 60.24
C VAL LA 439 -103.44 -52.46 60.44
N SER LA 440 -104.46 -52.11 59.66
CA SER LA 440 -105.82 -52.60 60.03
C SER LA 440 -106.91 -52.55 58.96
N THR LA 441 -107.98 -53.28 59.22
CA THR LA 441 -109.20 -53.21 58.39
C THR LA 441 -110.33 -52.95 59.38
N ASN LA 442 -111.35 -52.16 59.03
CA ASN LA 442 -112.54 -51.88 59.91
C ASN LA 442 -113.65 -52.96 59.80
N ASN LA 443 -114.81 -52.77 60.44
CA ASN LA 443 -115.92 -53.78 60.46
C ASN LA 443 -116.38 -54.04 59.02
N THR LA 444 -116.46 -53.03 58.16
CA THR LA 444 -116.62 -53.23 56.71
C THR LA 444 -115.17 -53.32 56.36
N GLY LA 445 -114.70 -54.21 55.49
CA GLY LA 445 -113.23 -54.37 55.43
C GLY LA 445 -112.45 -53.26 54.74
N GLY LA 446 -112.43 -52.06 55.33
CA GLY LA 446 -111.76 -50.87 54.75
C GLY LA 446 -110.39 -50.64 55.34
N VAL LA 447 -109.39 -50.43 54.52
CA VAL LA 447 -107.97 -50.30 54.96
C VAL LA 447 -107.64 -49.07 55.83
N GLN LA 448 -106.76 -49.25 56.81
CA GLN LA 448 -106.41 -48.17 57.78
C GLN LA 448 -104.87 -48.06 57.88
N PHE LA 449 -104.37 -46.86 58.16
CA PHE LA 449 -102.90 -46.60 58.15
C PHE LA 449 -102.41 -45.83 59.38
N ASN LA 450 -101.15 -46.02 59.76
CA ASN LA 450 -100.52 -45.28 60.89
C ASN LA 450 -99.14 -44.81 60.45
N LYS LA 451 -98.69 -43.67 60.95
CA LYS LA 451 -97.31 -43.12 60.71
C LYS LA 451 -96.22 -43.90 61.48
N ASN LA 452 -95.00 -43.90 60.95
CA ASN LA 452 -93.87 -44.61 61.60
C ASN LA 452 -93.18 -43.67 62.60
N LEU LA 453 -93.19 -44.01 63.89
CA LEU LA 453 -92.61 -43.19 65.00
C LEU LA 453 -91.10 -43.36 65.22
N ALA LA 454 -90.48 -42.40 65.89
CA ALA LA 454 -89.02 -42.44 66.20
C ALA LA 454 -88.63 -43.60 67.11
N GLY LA 455 -87.57 -44.35 66.74
CA GLY LA 455 -87.03 -45.49 67.51
C GLY LA 455 -87.79 -46.79 67.37
N ARG LA 456 -88.85 -46.85 66.57
CA ARG LA 456 -89.68 -48.07 66.38
C ARG LA 456 -89.09 -48.93 65.23
N TYR LA 457 -87.95 -49.60 65.46
CA TYR LA 457 -87.15 -50.37 64.47
C TYR LA 457 -87.92 -51.58 63.92
N ALA LA 458 -88.83 -52.12 64.71
CA ALA LA 458 -89.72 -53.20 64.27
C ALA LA 458 -90.57 -52.75 63.07
N ASN LA 459 -91.02 -51.50 62.98
CA ASN LA 459 -91.95 -51.00 61.93
C ASN LA 459 -91.41 -49.94 60.96
N THR LA 460 -90.15 -49.91 60.59
CA THR LA 460 -89.50 -48.79 59.86
C THR LA 460 -89.19 -49.27 58.45
N TYR LA 461 -89.26 -48.40 57.46
CA TYR LA 461 -88.87 -48.72 56.06
C TYR LA 461 -87.37 -48.95 56.03
N LYS LA 462 -86.92 -49.94 55.27
CA LYS LA 462 -85.47 -50.31 55.24
C LYS LA 462 -84.87 -50.29 53.85
N ASN LA 463 -83.74 -49.64 53.64
CA ASN LA 463 -82.93 -49.70 52.38
C ASN LA 463 -82.22 -51.03 52.08
N TRP LA 464 -81.69 -51.72 53.07
CA TRP LA 464 -80.74 -52.83 52.86
C TRP LA 464 -81.13 -54.10 53.59
N PHE LA 465 -80.66 -55.22 53.08
CA PHE LA 465 -81.11 -56.54 53.60
C PHE LA 465 -79.92 -57.37 53.99
N PRO LA 466 -80.10 -58.29 54.94
CA PRO LA 466 -79.06 -59.24 55.33
C PRO LA 466 -78.70 -60.31 54.31
N GLY LA 467 -77.51 -60.90 54.43
CA GLY LA 467 -76.98 -61.92 53.50
C GLY LA 467 -77.61 -63.30 53.55
N PRO LA 468 -77.32 -64.17 52.56
CA PRO LA 468 -77.96 -65.47 52.44
C PRO LA 468 -77.79 -66.53 53.55
N MET LA 469 -78.84 -67.31 53.81
CA MET LA 469 -78.81 -68.27 54.94
C MET LA 469 -79.35 -69.68 54.61
N GLY LA 470 -78.83 -70.75 55.19
CA GLY LA 470 -79.43 -72.10 55.15
C GLY LA 470 -79.48 -72.67 56.55
N ARG LA 471 -80.61 -73.18 57.06
CA ARG LA 471 -80.66 -73.63 58.49
C ARG LA 471 -79.75 -74.84 58.82
N THR LA 472 -78.99 -74.79 59.93
CA THR LA 472 -78.07 -75.85 60.41
C THR LA 472 -78.33 -76.10 61.88
N GLN LA 473 -78.26 -77.34 62.34
CA GLN LA 473 -78.62 -77.72 63.74
C GLN LA 473 -77.70 -77.06 64.79
N GLY LA 474 -78.28 -76.65 65.92
CA GLY LA 474 -77.55 -76.03 67.03
C GLY LA 474 -77.36 -76.96 68.21
N TRP LA 475 -76.13 -77.04 68.71
CA TRP LA 475 -75.79 -77.91 69.87
C TRP LA 475 -75.21 -77.09 71.03
N ASN LA 476 -75.67 -77.34 72.24
CA ASN LA 476 -75.17 -76.64 73.46
C ASN LA 476 -73.80 -77.16 73.88
N LEU LA 477 -72.96 -76.30 74.44
CA LEU LA 477 -71.58 -76.62 74.89
C LEU LA 477 -71.50 -76.25 76.37
N GLY LA 478 -70.52 -76.75 77.12
CA GLY LA 478 -70.46 -76.49 78.57
C GLY LA 478 -71.64 -77.07 79.33
N SER LA 479 -72.41 -76.23 80.03
CA SER LA 479 -73.59 -76.70 80.80
C SER LA 479 -74.58 -77.35 79.82
N GLY LA 480 -74.82 -76.79 78.62
CA GLY LA 480 -75.55 -77.57 77.60
C GLY LA 480 -76.94 -78.02 77.92
N VAL LA 481 -77.22 -79.32 77.85
CA VAL LA 481 -78.59 -79.93 78.01
C VAL LA 481 -79.12 -80.51 76.67
N ASN LA 482 -78.24 -80.92 75.75
CA ASN LA 482 -78.58 -81.59 74.44
C ASN LA 482 -79.11 -83.03 74.51
N ARG LA 483 -79.79 -83.52 73.45
CA ARG LA 483 -80.34 -84.92 73.35
C ARG LA 483 -79.28 -86.04 73.36
N ALA LA 484 -79.54 -87.13 74.07
CA ALA LA 484 -78.59 -88.26 74.30
C ALA LA 484 -78.50 -89.33 73.20
N SER LA 485 -77.33 -90.00 73.09
CA SER LA 485 -77.12 -91.17 72.20
C SER LA 485 -77.43 -90.93 70.71
N VAL LA 486 -77.03 -89.80 70.16
CA VAL LA 486 -77.37 -89.45 68.75
C VAL LA 486 -76.23 -89.82 67.78
N SER LA 487 -76.57 -90.40 66.61
CA SER LA 487 -75.57 -90.56 65.53
C SER LA 487 -75.83 -89.39 64.58
N ALA LA 488 -74.89 -88.48 64.40
CA ALA LA 488 -75.04 -87.22 63.62
C ALA LA 488 -75.31 -87.32 62.11
N PHE LA 489 -74.72 -88.26 61.35
CA PHE LA 489 -74.67 -88.22 59.86
C PHE LA 489 -76.01 -88.20 59.08
N ALA LA 490 -77.04 -88.95 59.46
CA ALA LA 490 -78.33 -88.99 58.73
C ALA LA 490 -79.00 -87.62 58.68
N THR LA 491 -78.92 -86.83 59.75
CA THR LA 491 -79.60 -85.52 59.86
C THR LA 491 -78.72 -84.34 59.49
N THR LA 492 -77.50 -84.54 59.01
CA THR LA 492 -76.57 -83.46 58.57
C THR LA 492 -76.96 -82.80 57.26
N ASN LA 493 -76.53 -81.56 57.03
CA ASN LA 493 -76.76 -80.81 55.76
C ASN LA 493 -75.99 -81.43 54.60
N ARG LA 494 -76.60 -81.49 53.41
CA ARG LA 494 -75.95 -82.18 52.25
C ARG LA 494 -76.23 -81.51 50.91
N MET LA 495 -75.35 -81.70 49.93
CA MET LA 495 -75.58 -81.24 48.53
C MET LA 495 -75.37 -82.50 47.65
N GLU LA 496 -76.12 -82.64 46.55
CA GLU LA 496 -76.06 -83.84 45.68
C GLU LA 496 -75.26 -83.56 44.40
N LEU LA 497 -74.21 -84.33 44.09
CA LEU LA 497 -73.44 -84.21 42.82
C LEU LA 497 -73.31 -85.58 42.15
N GLU LA 498 -73.59 -85.72 40.86
CA GLU LA 498 -73.36 -86.96 40.05
C GLU LA 498 -73.99 -88.22 40.66
N GLY LA 499 -75.17 -88.16 41.26
CA GLY LA 499 -75.74 -89.32 41.94
C GLY LA 499 -75.27 -89.62 43.36
N ALA LA 500 -74.47 -88.79 44.02
CA ALA LA 500 -74.09 -89.08 45.43
C ALA LA 500 -74.40 -87.90 46.37
N SER LA 501 -74.64 -88.18 47.66
CA SER LA 501 -74.92 -87.13 48.70
C SER LA 501 -73.62 -86.79 49.44
N TYR LA 502 -73.30 -85.51 49.51
CA TYR LA 502 -72.04 -85.08 50.16
C TYR LA 502 -72.27 -84.12 51.30
N GLN LA 503 -71.62 -84.37 52.42
CA GLN LA 503 -71.59 -83.35 53.48
C GLN LA 503 -70.73 -82.19 52.96
N VAL LA 504 -71.08 -80.98 53.28
CA VAL LA 504 -70.36 -79.74 52.85
C VAL LA 504 -70.08 -79.06 54.19
N PRO LA 505 -69.08 -79.54 54.96
CA PRO LA 505 -68.87 -79.13 56.34
C PRO LA 505 -68.61 -77.68 56.62
N PRO LA 506 -67.90 -76.82 55.87
CA PRO LA 506 -67.94 -75.39 56.18
C PRO LA 506 -69.25 -75.04 55.45
N GLN LA 507 -70.19 -74.34 56.05
CA GLN LA 507 -71.36 -73.96 55.20
C GLN LA 507 -70.97 -72.76 54.30
N PRO LA 508 -71.75 -72.33 53.27
CA PRO LA 508 -71.47 -71.12 52.49
C PRO LA 508 -71.56 -69.75 53.27
N ASN LA 509 -70.81 -68.70 52.90
CA ASN LA 509 -70.75 -67.38 53.63
C ASN LA 509 -72.06 -66.57 53.83
N GLY LA 510 -72.12 -65.68 54.83
CA GLY LA 510 -73.29 -64.83 55.18
C GLY LA 510 -74.06 -65.19 56.42
N MET LA 511 -73.58 -66.15 57.20
CA MET LA 511 -74.25 -66.51 58.46
C MET LA 511 -73.35 -66.38 59.70
N THR LA 512 -73.93 -66.38 60.89
CA THR LA 512 -73.16 -66.48 62.16
C THR LA 512 -73.53 -67.77 62.90
N ASN LA 513 -72.56 -68.60 63.29
CA ASN LA 513 -72.70 -69.83 64.13
C ASN LA 513 -73.14 -69.60 65.60
N ASN LA 514 -72.67 -68.56 66.29
CA ASN LA 514 -72.93 -68.35 67.75
C ASN LA 514 -73.44 -66.93 68.02
N LEU LA 515 -74.46 -66.76 68.86
CA LEU LA 515 -74.99 -65.40 69.25
C LEU LA 515 -74.08 -64.46 70.11
N GLN LA 516 -73.34 -64.87 71.14
CA GLN LA 516 -72.54 -64.01 72.09
C GLN LA 516 -73.07 -64.36 73.48
N GLY LA 517 -72.20 -64.55 74.46
CA GLY LA 517 -72.77 -65.20 75.65
C GLY LA 517 -73.16 -66.53 75.06
N SER LA 518 -74.42 -66.94 75.07
CA SER LA 518 -74.93 -68.23 74.51
C SER LA 518 -73.95 -69.40 74.31
N ASN LA 519 -74.42 -70.58 74.67
CA ASN LA 519 -73.61 -71.82 74.53
C ASN LA 519 -74.14 -72.65 73.35
N THR LA 520 -75.04 -72.10 72.54
CA THR LA 520 -75.52 -72.78 71.32
C THR LA 520 -74.60 -72.47 70.14
N TYR LA 521 -74.16 -73.52 69.46
CA TYR LA 521 -73.25 -73.37 68.29
C TYR LA 521 -73.79 -74.21 67.19
N ALA LA 522 -73.75 -73.68 65.99
CA ALA LA 522 -74.09 -74.55 64.85
C ALA LA 522 -72.76 -75.20 64.43
N LEU LA 523 -72.54 -76.47 64.77
CA LEU LA 523 -71.24 -77.20 64.60
C LEU LA 523 -70.76 -77.35 63.14
N GLU LA 524 -71.67 -77.56 62.19
CA GLU LA 524 -71.31 -77.70 60.76
C GLU LA 524 -71.04 -76.32 60.10
N ASN LA 525 -71.26 -75.20 60.78
CA ASN LA 525 -70.88 -73.85 60.30
C ASN LA 525 -69.59 -73.36 60.99
N THR LA 526 -68.90 -74.18 61.77
CA THR LA 526 -67.71 -73.73 62.56
C THR LA 526 -66.44 -74.42 62.17
N MET LA 527 -65.33 -73.69 62.08
CA MET LA 527 -63.99 -74.30 61.93
C MET LA 527 -63.57 -74.93 63.27
N ILE LA 528 -63.24 -76.22 63.27
CA ILE LA 528 -62.77 -76.94 64.49
C ILE LA 528 -61.31 -77.39 64.30
N PHE LA 529 -60.46 -77.11 65.28
CA PHE LA 529 -58.99 -77.37 65.20
C PHE LA 529 -58.53 -78.11 66.43
N ASN LA 530 -57.37 -78.76 66.37
CA ASN LA 530 -56.74 -79.43 67.53
C ASN LA 530 -55.55 -78.59 68.00
N SER LA 531 -55.37 -78.40 69.31
CA SER LA 531 -54.19 -77.69 69.88
C SER LA 531 -52.89 -78.41 69.53
N GLN LA 532 -52.89 -79.75 69.57
CA GLN LA 532 -51.70 -80.59 69.29
C GLN LA 532 -51.84 -81.32 67.95
N PRO LA 533 -50.74 -81.57 67.20
CA PRO LA 533 -50.78 -82.39 65.99
C PRO LA 533 -51.11 -83.85 66.26
N ALA LA 534 -51.73 -84.52 65.29
CA ALA LA 534 -52.19 -85.92 65.49
C ALA LA 534 -51.51 -86.92 64.57
N ASN LA 535 -51.44 -88.16 65.01
CA ASN LA 535 -50.90 -89.27 64.17
C ASN LA 535 -51.87 -89.57 63.03
N PRO LA 536 -51.37 -89.99 61.84
CA PRO LA 536 -52.24 -90.34 60.73
C PRO LA 536 -53.19 -91.53 60.92
N GLY LA 537 -54.44 -91.40 60.47
CA GLY LA 537 -55.43 -92.49 60.53
C GLY LA 537 -56.12 -92.66 61.86
N THR LA 538 -55.94 -91.75 62.80
CA THR LA 538 -56.54 -91.90 64.13
C THR LA 538 -58.06 -91.97 64.02
N THR LA 539 -58.70 -92.87 64.76
CA THR LA 539 -60.18 -92.99 64.81
C THR LA 539 -60.66 -92.68 66.22
N ALA LA 540 -59.81 -92.11 67.08
CA ALA LA 540 -60.15 -91.78 68.49
C ALA LA 540 -61.26 -90.74 68.67
N THR LA 541 -62.15 -90.92 69.65
CA THR LA 541 -63.16 -89.89 69.99
C THR LA 541 -62.51 -88.72 70.68
N TYR LA 542 -62.95 -87.51 70.39
CA TYR LA 542 -62.44 -86.29 71.06
C TYR LA 542 -63.58 -85.54 71.71
N LEU LA 543 -63.43 -85.20 72.97
CA LEU LA 543 -64.39 -84.33 73.69
C LEU LA 543 -64.09 -82.83 73.44
N GLU LA 544 -64.96 -81.94 73.87
CA GLU LA 544 -64.87 -80.47 73.64
C GLU LA 544 -63.60 -79.82 74.25
N GLY LA 545 -63.16 -80.28 75.42
CA GLY LA 545 -61.97 -79.71 76.10
C GLY LA 545 -60.72 -79.84 75.26
N ASN LA 546 -60.51 -80.96 74.57
CA ASN LA 546 -59.38 -81.10 73.60
C ASN LA 546 -59.50 -80.14 72.41
N MET LA 547 -60.69 -79.86 71.90
CA MET LA 547 -60.87 -79.09 70.64
C MET LA 547 -60.76 -77.55 70.75
N LEU LA 548 -60.35 -76.89 69.67
CA LEU LA 548 -60.37 -75.40 69.62
C LEU LA 548 -61.56 -75.03 68.74
N ILE LA 549 -62.59 -74.39 69.29
CA ILE LA 549 -63.84 -74.09 68.53
C ILE LA 549 -64.00 -72.58 68.34
N THR LA 550 -64.11 -72.13 67.10
CA THR LA 550 -64.26 -70.71 66.71
C THR LA 550 -65.70 -70.17 66.85
N SER LA 551 -65.83 -68.85 67.03
CA SER LA 551 -67.14 -68.16 67.13
C SER LA 551 -67.13 -67.00 66.14
N GLU LA 552 -68.25 -66.72 65.48
CA GLU LA 552 -68.39 -65.63 64.49
C GLU LA 552 -69.31 -64.54 65.07
N SER LA 553 -69.45 -64.42 66.39
CA SER LA 553 -70.42 -63.54 67.10
C SER LA 553 -70.24 -62.04 66.77
N GLU LA 554 -69.06 -61.58 66.36
CA GLU LA 554 -68.77 -60.18 65.95
C GLU LA 554 -69.63 -59.78 64.72
N THR LA 555 -69.91 -60.68 63.78
CA THR LA 555 -70.66 -60.43 62.52
C THR LA 555 -72.18 -60.47 62.72
N GLN LA 556 -72.69 -60.74 63.92
CA GLN LA 556 -74.14 -60.90 64.24
C GLN LA 556 -74.95 -59.63 63.92
N PRO LA 557 -74.47 -58.37 64.11
CA PRO LA 557 -75.20 -57.18 63.63
C PRO LA 557 -75.61 -57.17 62.14
N VAL LA 558 -74.88 -57.81 61.22
CA VAL LA 558 -75.25 -58.03 59.78
C VAL LA 558 -75.46 -59.48 59.31
N ASN LA 559 -75.22 -60.51 60.11
CA ASN LA 559 -75.28 -61.91 59.59
C ASN LA 559 -76.34 -62.68 60.35
N ARG LA 560 -77.20 -63.38 59.64
CA ARG LA 560 -78.29 -64.17 60.27
C ARG LA 560 -77.75 -65.40 61.02
N VAL LA 561 -78.40 -65.79 62.10
CA VAL LA 561 -78.03 -67.00 62.87
C VAL LA 561 -78.42 -68.31 62.14
N ALA LA 562 -77.50 -69.28 62.01
CA ALA LA 562 -77.69 -70.57 61.31
C ALA LA 562 -78.72 -71.50 61.95
N TYR LA 563 -78.76 -71.60 63.27
CA TYR LA 563 -79.71 -72.49 64.00
C TYR LA 563 -81.19 -72.03 63.82
N ASN LA 564 -81.46 -70.74 63.77
CA ASN LA 564 -82.84 -70.16 63.66
C ASN LA 564 -83.43 -70.12 62.24
N VAL LA 565 -84.76 -70.03 62.09
CA VAL LA 565 -85.46 -69.78 60.78
C VAL LA 565 -85.16 -68.35 60.27
N GLY LA 566 -85.02 -68.14 58.96
CA GLY LA 566 -84.76 -66.82 58.30
C GLY LA 566 -85.81 -65.73 58.36
N GLY LA 567 -87.11 -66.03 58.24
CA GLY LA 567 -88.17 -65.02 58.16
C GLY LA 567 -89.49 -65.63 57.78
N GLN LA 568 -90.50 -64.83 57.45
CA GLN LA 568 -91.85 -65.31 57.02
C GLN LA 568 -92.31 -64.62 55.72
N MET LA 569 -93.11 -65.30 54.87
CA MET LA 569 -93.70 -64.77 53.61
C MET LA 569 -95.18 -65.17 53.50
N ALA LA 570 -96.00 -64.48 52.70
CA ALA LA 570 -97.43 -64.79 52.47
C ALA LA 570 -97.69 -66.12 51.72
N THR LA 571 -98.67 -66.89 52.18
CA THR LA 571 -98.98 -68.21 51.60
C THR LA 571 -100.39 -68.27 50.99
N ASN LA 572 -101.14 -67.18 50.92
CA ASN LA 572 -102.58 -67.24 50.53
C ASN LA 572 -103.05 -65.89 50.01
N ASN LA 573 -104.28 -65.84 49.51
CA ASN LA 573 -104.94 -64.56 49.16
C ASN LA 573 -106.08 -64.35 50.16
N GLN LA 574 -106.12 -63.20 50.84
CA GLN LA 574 -107.20 -62.83 51.81
C GLN LA 574 -108.52 -62.54 51.05
N SER LA 575 -109.65 -62.77 51.69
CA SER LA 575 -111.00 -62.53 51.11
C SER LA 575 -111.95 -62.31 52.28
N SER LA 576 -113.18 -61.87 52.04
CA SER LA 576 -114.13 -61.77 53.17
C SER LA 576 -114.31 -63.16 53.80
N THR LA 577 -114.42 -64.23 53.01
CA THR LA 577 -114.43 -65.62 53.50
C THR LA 577 -113.13 -66.07 54.16
N THR LA 578 -111.96 -65.68 53.65
CA THR LA 578 -110.67 -66.21 54.14
C THR LA 578 -109.75 -65.22 54.84
N ALA LA 579 -109.29 -65.57 56.05
CA ALA LA 579 -108.28 -64.77 56.79
C ALA LA 579 -106.89 -64.87 56.16
N PRO LA 580 -106.05 -63.82 56.25
CA PRO LA 580 -104.66 -63.89 55.76
C PRO LA 580 -103.72 -64.86 56.51
N ALA LA 581 -102.78 -65.50 55.82
CA ALA LA 581 -101.86 -66.52 56.40
C ALA LA 581 -100.38 -66.30 56.01
N THR LA 582 -99.45 -66.69 56.87
CA THR LA 582 -98.00 -66.59 56.59
C THR LA 582 -97.31 -67.92 56.80
N GLY LA 583 -96.14 -68.11 56.19
CA GLY LA 583 -95.33 -69.30 56.46
C GLY LA 583 -93.86 -68.99 56.66
N THR LA 584 -93.18 -69.68 57.59
CA THR LA 584 -91.69 -69.53 57.78
C THR LA 584 -90.88 -70.22 56.69
N TYR LA 585 -89.68 -69.72 56.39
CA TYR LA 585 -88.75 -70.35 55.42
C TYR LA 585 -87.41 -70.78 56.13
N ASN LA 586 -86.78 -71.90 55.74
CA ASN LA 586 -85.51 -72.43 56.35
C ASN LA 586 -84.28 -72.08 55.49
N LEU LA 587 -84.49 -71.57 54.27
CA LEU LA 587 -83.37 -71.18 53.38
C LEU LA 587 -83.70 -69.94 52.53
N GLN LA 588 -82.73 -69.09 52.24
CA GLN LA 588 -82.91 -67.96 51.30
C GLN LA 588 -81.56 -67.70 50.64
N GLU LA 589 -81.53 -67.12 49.46
CA GLU LA 589 -80.28 -66.91 48.69
C GLU LA 589 -80.17 -65.43 48.39
N ILE LA 590 -79.20 -65.01 47.59
CA ILE LA 590 -78.92 -63.58 47.31
C ILE LA 590 -80.09 -62.82 46.67
N VAL LA 591 -80.31 -61.60 47.14
CA VAL LA 591 -81.39 -60.70 46.66
C VAL LA 591 -80.68 -59.36 46.39
N PRO LA 592 -81.18 -58.50 45.49
CA PRO LA 592 -80.56 -57.18 45.31
C PRO LA 592 -80.64 -56.30 46.57
N GLY LA 593 -79.59 -55.53 46.89
CA GLY LA 593 -79.51 -54.76 48.16
C GLY LA 593 -79.00 -55.55 49.34
N SER LA 594 -78.53 -56.78 49.13
CA SER LA 594 -77.95 -57.68 50.16
C SER LA 594 -76.55 -57.26 50.64
N VAL LA 595 -76.31 -57.29 51.95
CA VAL LA 595 -74.99 -56.94 52.58
C VAL LA 595 -74.63 -58.06 53.57
N TRP LA 596 -73.36 -58.42 53.66
CA TRP LA 596 -72.87 -59.46 54.63
C TRP LA 596 -71.37 -59.29 54.93
N MET LA 597 -70.91 -59.96 55.96
CA MET LA 597 -69.46 -60.04 56.30
C MET LA 597 -68.92 -61.45 56.03
N GLU LA 598 -67.75 -61.56 55.40
CA GLU LA 598 -67.05 -62.86 55.16
C GLU LA 598 -66.45 -63.44 56.45
N ARG LA 599 -66.19 -64.74 56.48
CA ARG LA 599 -65.57 -65.43 57.64
C ARG LA 599 -64.18 -64.88 58.01
N ASP LA 600 -63.89 -64.82 59.31
CA ASP LA 600 -62.60 -64.34 59.85
C ASP LA 600 -61.43 -65.31 59.65
N VAL LA 601 -60.24 -64.78 59.45
CA VAL LA 601 -58.98 -65.59 59.43
C VAL LA 601 -58.47 -65.91 60.85
N TYR LA 602 -57.72 -66.98 61.00
CA TYR LA 602 -57.15 -67.42 62.30
C TYR LA 602 -55.66 -67.63 62.11
N LEU LA 603 -54.86 -67.51 63.16
CA LEU LA 603 -53.39 -67.79 63.09
C LEU LA 603 -53.15 -69.28 62.71
N GLN LA 604 -53.91 -70.21 63.27
CA GLN LA 604 -53.93 -71.67 62.93
C GLN LA 604 -54.46 -71.94 61.50
N GLY LA 605 -55.29 -71.07 60.92
CA GLY LA 605 -55.90 -71.22 59.58
C GLY LA 605 -55.15 -70.93 58.29
N PRO LA 606 -55.73 -71.34 57.13
CA PRO LA 606 -55.21 -70.99 55.79
C PRO LA 606 -55.29 -69.60 55.15
N ILE LA 607 -54.25 -69.09 54.49
CA ILE LA 607 -54.28 -67.82 53.69
C ILE LA 607 -55.07 -67.81 52.35
N TRP LA 608 -54.95 -68.80 51.48
CA TRP LA 608 -55.51 -68.72 50.12
C TRP LA 608 -56.15 -70.00 49.59
N ALA LA 609 -56.96 -69.90 48.54
CA ALA LA 609 -57.54 -71.05 47.81
C ALA LA 609 -57.53 -70.72 46.33
N LYS LA 610 -57.39 -71.72 45.47
CA LYS LA 610 -57.47 -71.53 44.00
C LYS LA 610 -58.92 -71.53 43.50
N ILE LA 611 -59.30 -70.52 42.73
CA ILE LA 611 -60.64 -70.51 42.07
C ILE LA 611 -60.65 -71.60 40.96
N PRO LA 612 -61.67 -72.48 40.89
CA PRO LA 612 -61.75 -73.50 39.85
C PRO LA 612 -62.05 -72.98 38.44
N GLU LA 613 -61.45 -73.56 37.40
CA GLU LA 613 -61.64 -73.03 36.03
C GLU LA 613 -62.84 -73.68 35.31
N THR LA 614 -63.99 -73.02 35.28
CA THR LA 614 -65.23 -73.53 34.66
C THR LA 614 -65.69 -72.55 33.60
N GLY LA 615 -65.20 -71.33 33.65
CA GLY LA 615 -65.66 -70.22 32.82
C GLY LA 615 -66.81 -69.43 33.43
N ALA LA 616 -67.43 -69.87 34.54
CA ALA LA 616 -68.49 -69.10 35.23
C ALA LA 616 -68.40 -69.19 36.75
N HIS LA 617 -68.48 -68.10 37.48
CA HIS LA 617 -68.48 -68.11 38.97
C HIS LA 617 -69.17 -66.86 39.52
N PHE LA 618 -69.61 -66.92 40.78
CA PHE LA 618 -70.16 -65.72 41.47
C PHE LA 618 -69.40 -65.43 42.76
N HIS LA 619 -68.96 -64.20 43.01
CA HIS LA 619 -68.36 -63.74 44.31
C HIS LA 619 -67.35 -64.74 44.86
N PRO LA 620 -66.07 -64.65 44.47
CA PRO LA 620 -65.12 -65.72 44.77
C PRO LA 620 -64.27 -65.70 46.04
N SER LA 621 -64.98 -65.84 47.15
CA SER LA 621 -64.34 -65.86 48.48
C SER LA 621 -64.47 -67.28 49.02
N PRO LA 622 -63.37 -67.98 49.41
CA PRO LA 622 -63.49 -69.36 49.88
C PRO LA 622 -64.19 -69.56 51.24
N ALA LA 623 -64.94 -70.65 51.41
CA ALA LA 623 -65.75 -70.90 52.62
C ALA LA 623 -64.93 -71.05 53.92
N MET LA 624 -63.78 -71.71 53.89
CA MET LA 624 -62.87 -71.88 55.06
C MET LA 624 -62.33 -70.52 55.50
N GLY LA 625 -62.13 -69.58 54.59
CA GLY LA 625 -61.61 -68.23 54.88
C GLY LA 625 -60.47 -67.87 53.96
N GLY LA 626 -59.99 -66.63 54.00
CA GLY LA 626 -58.86 -66.20 53.18
C GLY LA 626 -59.10 -65.57 51.83
N PHE LA 627 -58.11 -65.61 50.95
CA PHE LA 627 -58.12 -64.93 49.65
C PHE LA 627 -58.27 -65.92 48.49
N GLY LA 628 -59.23 -65.66 47.60
CA GLY LA 628 -59.47 -66.51 46.44
C GLY LA 628 -58.69 -66.01 45.26
N LEU LA 629 -57.86 -66.85 44.68
CA LEU LA 629 -56.95 -66.39 43.61
C LEU LA 629 -57.11 -67.16 42.30
N LYS LA 630 -57.25 -66.46 41.18
CA LYS LA 630 -57.21 -67.10 39.83
C LYS LA 630 -55.83 -67.69 39.55
N HIS LA 631 -54.76 -66.99 39.89
CA HIS LA 631 -53.37 -67.49 39.70
C HIS LA 631 -52.65 -67.53 41.05
N PRO LA 632 -52.80 -68.66 41.77
CA PRO LA 632 -52.21 -68.84 43.10
C PRO LA 632 -50.69 -69.08 43.16
N PRO LA 633 -50.03 -68.91 44.31
CA PRO LA 633 -48.60 -69.21 44.36
C PRO LA 633 -48.43 -70.67 43.93
N PRO LA 634 -47.49 -70.99 43.02
CA PRO LA 634 -47.38 -72.33 42.43
C PRO LA 634 -46.88 -73.54 43.21
N MET LA 635 -47.33 -74.73 42.82
CA MET LA 635 -46.86 -76.01 43.42
C MET LA 635 -45.34 -76.22 43.25
N MET LA 636 -44.66 -76.57 44.34
CA MET LA 636 -43.19 -76.80 44.34
C MET LA 636 -42.96 -78.28 44.65
N LEU LA 637 -42.30 -79.00 43.75
CA LEU LA 637 -42.16 -80.46 43.83
C LEU LA 637 -40.69 -80.89 43.91
N ILE LA 638 -40.37 -81.81 44.81
CA ILE LA 638 -38.99 -82.31 45.02
C ILE LA 638 -38.96 -83.85 45.04
N LYS LA 639 -37.97 -84.44 44.39
CA LYS LA 639 -37.80 -85.91 44.47
C LYS LA 639 -36.32 -86.32 44.64
N ASN LA 640 -36.08 -87.50 45.17
CA ASN LA 640 -34.71 -88.08 45.20
C ASN LA 640 -34.49 -88.83 43.88
N THR LA 641 -33.39 -88.58 43.18
CA THR LA 641 -33.05 -89.31 41.94
C THR LA 641 -32.79 -90.79 42.21
N PRO LA 642 -33.38 -91.71 41.42
CA PRO LA 642 -33.07 -93.13 41.53
C PRO LA 642 -31.58 -93.47 41.35
N VAL LA 643 -31.03 -94.17 42.30
CA VAL LA 643 -29.62 -94.64 42.14
C VAL LA 643 -29.67 -96.18 42.13
N PRO LA 644 -29.26 -96.81 41.03
CA PRO LA 644 -29.28 -98.28 40.92
C PRO LA 644 -28.36 -99.20 41.73
N GLY LA 645 -28.82 -100.38 42.11
CA GLY LA 645 -28.04 -101.46 42.75
C GLY LA 645 -27.23 -102.22 41.71
N ASN LA 646 -26.36 -103.15 42.10
CA ASN LA 646 -25.44 -103.78 41.11
C ASN LA 646 -26.19 -104.61 40.06
N ILE LA 647 -25.95 -104.32 38.78
CA ILE LA 647 -26.60 -105.08 37.67
C ILE LA 647 -25.46 -105.67 36.82
N THR LA 648 -25.48 -106.98 36.58
CA THR LA 648 -24.36 -107.66 35.88
C THR LA 648 -24.76 -108.13 34.50
N SER LA 649 -26.04 -108.13 34.16
CA SER LA 649 -26.53 -108.68 32.87
C SER LA 649 -27.53 -107.72 32.20
N PHE LA 650 -27.64 -107.73 30.87
CA PHE LA 650 -28.63 -106.93 30.12
C PHE LA 650 -30.07 -107.48 30.14
N SER LA 651 -31.06 -106.60 30.34
CA SER LA 651 -32.48 -107.00 30.13
C SER LA 651 -33.23 -105.83 29.51
N ASP LA 652 -34.19 -106.10 28.63
CA ASP LA 652 -35.16 -105.09 28.13
C ASP LA 652 -36.04 -104.64 29.31
N VAL LA 653 -36.38 -105.55 30.23
CA VAL LA 653 -37.23 -105.26 31.41
C VAL LA 653 -36.57 -104.21 32.31
N PRO LA 654 -37.29 -103.16 32.77
CA PRO LA 654 -36.73 -102.10 33.61
C PRO LA 654 -36.20 -102.50 34.99
N VAL LA 655 -35.14 -101.84 35.44
CA VAL LA 655 -34.53 -102.15 36.75
C VAL LA 655 -35.48 -101.84 37.91
N SER LA 656 -35.59 -102.79 38.84
CA SER LA 656 -36.43 -102.66 40.04
C SER LA 656 -35.56 -102.65 41.32
N SER LA 657 -34.23 -102.70 41.19
CA SER LA 657 -33.32 -102.78 42.36
C SER LA 657 -32.52 -101.48 42.49
N PHE LA 658 -32.65 -100.81 43.63
CA PHE LA 658 -32.04 -99.47 43.83
C PHE LA 658 -31.42 -99.38 45.19
N ILE LA 659 -30.38 -98.58 45.36
CA ILE LA 659 -29.86 -98.32 46.75
C ILE LA 659 -30.86 -97.46 47.56
N THR LA 660 -31.07 -97.73 48.86
CA THR LA 660 -32.00 -96.96 49.75
C THR LA 660 -31.41 -95.63 50.22
N GLN LA 661 -32.13 -94.52 50.02
CA GLN LA 661 -31.60 -93.16 50.27
C GLN LA 661 -32.66 -92.17 50.80
N TYR LA 662 -32.25 -91.11 51.49
CA TYR LA 662 -33.16 -90.04 51.98
C TYR LA 662 -32.42 -88.70 51.85
N SER LA 663 -33.17 -87.59 51.83
CA SER LA 663 -32.54 -86.24 51.75
C SER LA 663 -32.97 -85.30 52.89
N THR LA 664 -32.12 -84.33 53.22
CA THR LA 664 -32.41 -83.33 54.25
C THR LA 664 -31.89 -81.95 53.83
N GLY LA 665 -32.46 -80.86 54.32
CA GLY LA 665 -31.99 -79.50 54.01
C GLY LA 665 -32.70 -78.38 54.74
N GLN LA 666 -32.48 -77.15 54.32
CA GLN LA 666 -33.15 -75.93 54.87
C GLN LA 666 -33.98 -75.17 53.80
N VAL LA 667 -35.13 -74.65 54.19
CA VAL LA 667 -36.01 -73.83 53.30
C VAL LA 667 -36.27 -72.45 53.92
N THR LA 668 -36.18 -71.37 53.14
CA THR LA 668 -36.53 -70.02 53.60
C THR LA 668 -37.69 -69.44 52.79
N VAL LA 669 -38.73 -68.89 53.44
CA VAL LA 669 -39.86 -68.17 52.75
C VAL LA 669 -39.92 -66.70 53.21
N GLU LA 670 -39.95 -65.75 52.28
CA GLU LA 670 -40.07 -64.30 52.59
C GLU LA 670 -41.38 -63.77 51.97
N MET LA 671 -42.20 -63.10 52.78
CA MET LA 671 -43.51 -62.57 52.33
C MET LA 671 -43.68 -61.08 52.66
N GLU LA 672 -44.26 -60.34 51.74
CA GLU LA 672 -44.57 -58.90 51.95
C GLU LA 672 -46.10 -58.70 52.10
N TRP LA 673 -46.49 -57.89 53.07
CA TRP LA 673 -47.92 -57.64 53.35
C TRP LA 673 -48.24 -56.15 53.33
N GLU LA 674 -49.39 -55.77 52.78
CA GLU LA 674 -49.87 -54.37 52.79
C GLU LA 674 -50.91 -54.18 53.91
N LEU LA 675 -50.79 -53.12 54.69
CA LEU LA 675 -51.65 -52.84 55.86
C LEU LA 675 -52.59 -51.65 55.65
N LYS LA 676 -53.81 -51.75 56.16
CA LYS LA 676 -54.74 -50.58 56.15
C LYS LA 676 -54.87 -50.04 57.59
N LYS LA 677 -54.53 -48.78 57.79
CA LYS LA 677 -54.61 -48.09 59.11
C LYS LA 677 -56.01 -47.75 59.64
N GLU LA 678 -56.21 -47.86 60.95
CA GLU LA 678 -57.45 -47.41 61.61
C GLU LA 678 -57.55 -45.87 61.61
N ASN LA 679 -58.73 -45.30 61.39
CA ASN LA 679 -59.00 -43.83 61.41
C ASN LA 679 -60.20 -43.53 62.32
N SER LA 680 -60.33 -44.18 63.47
CA SER LA 680 -61.49 -44.06 64.39
C SER LA 680 -61.67 -42.72 65.14
N LYS LA 681 -62.91 -42.26 65.33
CA LYS LA 681 -63.23 -41.08 66.16
C LYS LA 681 -63.92 -41.50 67.47
N ARG LA 682 -63.97 -42.79 67.83
CA ARG LA 682 -64.54 -43.33 69.11
C ARG LA 682 -63.79 -42.84 70.39
N TRP LA 683 -64.45 -42.09 71.26
CA TRP LA 683 -63.89 -41.55 72.53
C TRP LA 683 -63.49 -42.57 73.60
N ASN LA 684 -64.35 -43.55 73.82
CA ASN LA 684 -64.16 -44.61 74.84
C ASN LA 684 -63.14 -45.68 74.39
N PRO LA 685 -62.49 -46.37 75.35
CA PRO LA 685 -61.60 -47.48 75.03
C PRO LA 685 -62.17 -48.77 74.39
N GLU LA 686 -61.47 -49.33 73.42
CA GLU LA 686 -61.80 -50.58 72.71
C GLU LA 686 -61.41 -51.94 73.33
N ILE LA 687 -62.01 -53.03 72.87
CA ILE LA 687 -61.61 -54.43 73.20
C ILE LA 687 -60.28 -54.80 72.49
N GLN LA 688 -59.38 -55.51 73.18
CA GLN LA 688 -58.05 -55.94 72.66
C GLN LA 688 -57.71 -57.38 73.06
N TYR LA 689 -56.97 -58.12 72.25
CA TYR LA 689 -56.45 -59.45 72.65
C TYR LA 689 -55.33 -59.25 73.70
N THR LA 690 -55.41 -60.00 74.79
CA THR LA 690 -54.43 -59.85 75.89
C THR LA 690 -54.01 -61.22 76.38
N ASN LA 691 -52.84 -61.31 76.98
CA ASN LA 691 -52.42 -62.55 77.66
C ASN LA 691 -53.03 -62.45 79.06
N ASN LA 692 -54.05 -63.21 79.36
CA ASN LA 692 -54.81 -63.10 80.62
C ASN LA 692 -55.18 -64.50 81.10
N TYR LA 693 -54.64 -64.90 82.23
CA TYR LA 693 -54.82 -66.29 82.74
C TYR LA 693 -54.95 -66.18 84.24
N ASN LA 694 -55.75 -67.02 84.89
CA ASN LA 694 -55.81 -67.00 86.38
C ASN LA 694 -54.99 -68.16 86.97
N ASP LA 695 -54.02 -67.89 87.84
CA ASP LA 695 -53.13 -68.90 88.50
C ASP LA 695 -52.44 -69.83 87.49
N PRO LA 696 -51.75 -69.34 86.43
CA PRO LA 696 -51.18 -70.24 85.42
C PRO LA 696 -50.10 -71.25 85.84
N GLN LA 697 -50.21 -72.49 85.37
CA GLN LA 697 -49.22 -73.55 85.69
C GLN LA 697 -48.19 -73.70 84.58
N PHE LA 698 -48.36 -73.00 83.48
CA PHE LA 698 -47.45 -73.09 82.30
C PHE LA 698 -47.58 -71.80 81.58
N VAL LA 699 -46.64 -71.49 80.72
CA VAL LA 699 -46.82 -70.32 79.83
C VAL LA 699 -47.37 -70.85 78.50
N ASP LA 700 -48.49 -70.31 78.04
CA ASP LA 700 -49.06 -70.62 76.71
C ASP LA 700 -48.18 -70.07 75.59
N PHE LA 701 -48.15 -70.71 74.41
CA PHE LA 701 -47.28 -70.36 73.23
C PHE LA 701 -45.79 -70.47 73.58
N ALA LA 702 -45.44 -71.47 74.36
CA ALA LA 702 -44.05 -71.73 74.79
C ALA LA 702 -43.83 -73.24 74.89
N PRO LA 703 -42.57 -73.74 74.85
CA PRO LA 703 -42.29 -75.15 75.12
C PRO LA 703 -42.50 -75.62 76.58
N ASP LA 704 -42.84 -76.88 76.79
CA ASP LA 704 -42.97 -77.43 78.16
C ASP LA 704 -41.70 -78.14 78.66
N SER LA 705 -41.77 -78.82 79.80
CA SER LA 705 -40.60 -79.52 80.40
C SER LA 705 -40.07 -80.62 79.46
N THR LA 706 -40.93 -81.34 78.75
CA THR LA 706 -40.54 -82.32 77.68
C THR LA 706 -40.07 -81.67 76.39
N GLY LA 707 -40.29 -80.36 76.16
CA GLY LA 707 -39.98 -79.70 74.88
C GLY LA 707 -41.10 -79.59 73.86
N GLU LA 708 -42.32 -79.97 74.20
CA GLU LA 708 -43.49 -79.87 73.29
C GLU LA 708 -44.18 -78.49 73.37
N TYR LA 709 -44.43 -77.85 72.22
CA TYR LA 709 -45.11 -76.53 72.12
C TYR LA 709 -46.58 -76.59 72.54
N ARG LA 710 -47.02 -75.56 73.26
CA ARG LA 710 -48.43 -75.50 73.74
C ARG LA 710 -49.15 -74.33 73.10
N SER LA 711 -50.32 -74.57 72.50
CA SER LA 711 -51.16 -73.52 71.87
C SER LA 711 -52.64 -73.72 72.27
N THR LA 712 -53.04 -73.37 73.48
CA THR LA 712 -54.42 -73.55 74.06
C THR LA 712 -55.53 -72.76 73.35
N ARG LA 713 -55.30 -71.55 72.85
CA ARG LA 713 -56.40 -70.69 72.33
C ARG LA 713 -56.38 -70.38 70.81
N PRO LA 714 -57.53 -70.43 70.09
CA PRO LA 714 -57.61 -69.94 68.72
C PRO LA 714 -57.62 -68.40 68.59
N ILE LA 715 -56.90 -67.78 67.65
CA ILE LA 715 -56.95 -66.29 67.62
C ILE LA 715 -57.47 -65.72 66.29
N GLY LA 716 -58.54 -64.93 66.36
CA GLY LA 716 -59.16 -64.22 65.23
C GLY LA 716 -58.58 -62.84 65.03
N THR LA 717 -59.02 -62.14 64.01
CA THR LA 717 -58.57 -60.76 63.72
C THR LA 717 -59.48 -59.62 64.14
N ARG LA 718 -60.71 -59.81 64.61
CA ARG LA 718 -61.64 -58.63 64.82
C ARG LA 718 -61.78 -58.18 66.28
N TYR LA 719 -61.07 -57.10 66.66
CA TYR LA 719 -61.12 -56.53 68.03
C TYR LA 719 -61.52 -55.07 67.94
N LEU LA 720 -61.15 -54.42 66.84
CA LEU LA 720 -61.53 -53.01 66.55
C LEU LA 720 -62.98 -52.91 66.08
N THR LA 721 -63.56 -51.74 66.25
CA THR LA 721 -64.98 -51.51 65.94
C THR LA 721 -65.12 -50.34 64.98
N ARG LA 722 -66.07 -50.42 64.07
CA ARG LA 722 -66.35 -49.29 63.15
C ARG LA 722 -67.86 -49.05 63.03
N PRO LA 723 -68.34 -47.80 62.84
CA PRO LA 723 -69.74 -47.54 62.53
C PRO LA 723 -70.15 -48.00 61.11
N LEU LA 724 -71.41 -48.38 60.90
CA LEU LA 724 -71.88 -48.90 59.59
C LEU LA 724 -71.85 -47.80 58.51
N ASP MA 209 -67.44 -9.73 58.28
CA ASP MA 209 -67.16 -8.28 58.14
C ASP MA 209 -67.87 -7.45 59.22
N GLY MA 210 -69.19 -7.29 59.18
CA GLY MA 210 -69.82 -6.34 60.12
C GLY MA 210 -71.26 -6.56 60.50
N VAL MA 211 -71.72 -5.87 61.55
CA VAL MA 211 -73.13 -5.89 62.02
C VAL MA 211 -74.11 -5.36 60.94
N GLY MA 212 -73.74 -4.33 60.19
CA GLY MA 212 -74.61 -3.69 59.18
C GLY MA 212 -74.48 -4.22 57.79
N ASN MA 213 -73.65 -5.24 57.57
CA ASN MA 213 -73.38 -5.72 56.19
C ASN MA 213 -73.92 -7.14 55.99
N ALA MA 214 -74.65 -7.38 54.92
CA ALA MA 214 -75.18 -8.73 54.59
C ALA MA 214 -74.11 -9.70 54.05
N SER MA 215 -74.03 -10.91 54.60
CA SER MA 215 -73.12 -12.03 54.23
C SER MA 215 -73.41 -12.67 52.85
N GLY MA 216 -74.66 -12.77 52.43
CA GLY MA 216 -75.06 -13.37 51.14
C GLY MA 216 -76.40 -12.92 50.58
N ASP MA 217 -76.75 -13.39 49.39
CA ASP MA 217 -78.01 -13.04 48.66
C ASP MA 217 -78.90 -14.24 48.35
N TRP MA 218 -80.19 -14.02 48.13
CA TRP MA 218 -81.17 -15.09 47.80
C TRP MA 218 -81.05 -15.58 46.35
N HIS MA 219 -80.85 -16.87 46.16
CA HIS MA 219 -80.86 -17.48 44.81
C HIS MA 219 -81.83 -18.66 44.74
N CYS MA 220 -82.94 -18.55 44.00
CA CYS MA 220 -83.83 -19.72 43.77
C CYS MA 220 -84.07 -19.78 42.25
N ASP MA 221 -83.50 -20.77 41.56
CA ASP MA 221 -83.60 -20.80 40.07
C ASP MA 221 -83.31 -22.15 39.41
N SER MA 222 -83.75 -22.36 38.16
CA SER MA 222 -83.36 -23.53 37.35
C SER MA 222 -82.78 -23.02 36.02
N THR MA 223 -81.65 -23.55 35.56
CA THR MA 223 -81.10 -23.21 34.23
C THR MA 223 -80.93 -24.50 33.42
N TRP MA 224 -81.47 -24.54 32.21
CA TRP MA 224 -81.38 -25.73 31.32
C TRP MA 224 -80.43 -25.42 30.17
N MET MA 225 -79.38 -26.21 30.01
CA MET MA 225 -78.35 -26.00 28.97
C MET MA 225 -77.99 -27.28 28.21
N GLY MA 226 -78.79 -27.75 27.25
CA GLY MA 226 -78.52 -29.05 26.58
C GLY MA 226 -78.59 -30.24 27.50
N ASP MA 227 -77.50 -31.01 27.62
CA ASP MA 227 -77.42 -32.22 28.48
C ASP MA 227 -77.38 -31.91 29.99
N ARG MA 228 -77.21 -30.66 30.41
CA ARG MA 228 -77.07 -30.30 31.85
C ARG MA 228 -78.20 -29.39 32.38
N VAL MA 229 -78.68 -29.65 33.59
CA VAL MA 229 -79.64 -28.74 34.27
C VAL MA 229 -79.01 -28.36 35.64
N VAL MA 230 -79.02 -27.07 36.02
CA VAL MA 230 -78.53 -26.59 37.34
C VAL MA 230 -79.71 -26.12 38.20
N THR MA 231 -79.81 -26.59 39.43
CA THR MA 231 -80.89 -26.17 40.37
C THR MA 231 -80.32 -25.36 41.54
N LYS MA 232 -80.92 -24.22 41.87
CA LYS MA 232 -80.54 -23.39 43.05
C LYS MA 232 -81.74 -23.28 43.99
N SER MA 233 -81.54 -23.50 45.29
CA SER MA 233 -82.62 -23.44 46.32
C SER MA 233 -82.15 -22.64 47.55
N THR MA 234 -82.95 -21.68 48.01
CA THR MA 234 -82.65 -20.88 49.23
C THR MA 234 -83.78 -21.02 50.25
N ARG MA 235 -83.45 -21.25 51.51
CA ARG MA 235 -84.46 -21.35 52.61
C ARG MA 235 -84.04 -20.59 53.89
N THR MA 236 -84.99 -20.26 54.75
CA THR MA 236 -84.73 -19.65 56.07
C THR MA 236 -84.94 -20.71 57.15
N TRP MA 237 -83.98 -20.87 58.07
CA TRP MA 237 -83.99 -21.89 59.14
C TRP MA 237 -83.93 -21.30 60.56
N VAL MA 238 -84.42 -22.05 61.55
CA VAL MA 238 -84.32 -21.70 62.98
C VAL MA 238 -83.60 -22.84 63.74
N LEU MA 239 -82.67 -22.51 64.65
CA LEU MA 239 -82.00 -23.53 65.50
C LEU MA 239 -82.29 -23.39 67.00
N PRO MA 240 -82.91 -24.40 67.63
CA PRO MA 240 -83.06 -24.44 69.09
C PRO MA 240 -81.80 -24.83 69.86
N SER MA 241 -81.69 -24.46 71.12
CA SER MA 241 -80.57 -24.99 71.94
C SER MA 241 -81.00 -26.33 72.55
N TYR MA 242 -80.70 -27.46 71.90
CA TYR MA 242 -81.19 -28.80 72.32
C TYR MA 242 -80.44 -29.41 73.50
N ASN MA 243 -81.16 -29.97 74.48
CA ASN MA 243 -80.56 -30.73 75.62
C ASN MA 243 -79.98 -29.79 76.67
N ASN MA 244 -80.18 -28.47 76.53
CA ASN MA 244 -79.59 -27.43 77.44
C ASN MA 244 -78.06 -27.58 77.50
N HIS MA 245 -77.39 -27.78 76.35
CA HIS MA 245 -75.90 -27.87 76.24
C HIS MA 245 -75.31 -29.18 76.79
N GLN MA 246 -76.08 -30.26 76.81
CA GLN MA 246 -75.62 -31.54 77.41
C GLN MA 246 -75.83 -32.75 76.48
N TYR MA 247 -75.08 -33.83 76.67
CA TYR MA 247 -75.19 -35.10 75.92
C TYR MA 247 -75.93 -36.04 76.83
N ARG MA 248 -76.96 -36.72 76.32
CA ARG MA 248 -77.78 -37.61 77.17
C ARG MA 248 -77.81 -39.07 76.66
N GLU MA 249 -77.62 -40.03 77.58
CA GLU MA 249 -77.79 -41.45 77.20
C GLU MA 249 -79.28 -41.76 77.02
N ILE MA 250 -79.64 -42.41 75.92
CA ILE MA 250 -81.05 -42.71 75.56
C ILE MA 250 -81.20 -44.22 75.35
N LYS MA 251 -82.33 -44.79 75.72
CA LYS MA 251 -82.48 -46.27 75.63
C LYS MA 251 -83.95 -46.68 75.57
N SER MA 252 -84.24 -47.84 75.02
CA SER MA 252 -85.61 -48.38 75.06
C SER MA 252 -85.67 -49.89 75.34
N GLY MA 253 -86.67 -50.36 76.07
CA GLY MA 253 -87.02 -51.79 76.20
C GLY MA 253 -88.07 -52.17 75.13
N SER MA 254 -88.66 -53.34 75.21
CA SER MA 254 -89.73 -53.81 74.27
C SER MA 254 -90.99 -52.92 74.34
N VAL MA 255 -91.57 -52.55 73.19
CA VAL MA 255 -92.76 -51.65 73.13
C VAL MA 255 -93.72 -52.17 72.05
N ASP MA 256 -95.03 -52.04 72.25
CA ASP MA 256 -96.08 -52.50 71.28
C ASP MA 256 -95.95 -54.00 71.06
N GLY MA 257 -95.50 -54.73 72.07
CA GLY MA 257 -95.30 -56.18 71.95
C GLY MA 257 -94.01 -56.62 71.28
N SER MA 258 -93.07 -55.73 70.92
CA SER MA 258 -91.88 -56.22 70.18
C SER MA 258 -90.51 -55.88 70.78
N ASN MA 259 -89.63 -56.87 70.93
CA ASN MA 259 -88.19 -56.69 71.35
C ASN MA 259 -87.33 -56.06 70.24
N ALA MA 260 -87.76 -56.07 68.98
CA ALA MA 260 -87.08 -55.42 67.81
C ALA MA 260 -87.06 -53.92 68.04
N ASN MA 261 -88.02 -53.40 68.81
CA ASN MA 261 -88.12 -51.99 69.29
C ASN MA 261 -86.97 -51.57 70.23
N ALA MA 262 -86.42 -52.45 71.08
CA ALA MA 262 -85.32 -52.14 72.05
C ALA MA 262 -84.03 -51.61 71.42
N TYR MA 263 -83.40 -50.60 72.02
CA TYR MA 263 -82.15 -49.95 71.54
C TYR MA 263 -81.37 -49.30 72.70
N PHE MA 264 -80.07 -49.04 72.49
CA PHE MA 264 -79.21 -48.26 73.42
C PHE MA 264 -78.56 -47.14 72.55
N GLY MA 265 -78.53 -45.89 73.01
CA GLY MA 265 -78.03 -44.76 72.21
C GLY MA 265 -77.68 -43.46 72.93
N TYR MA 266 -77.21 -42.48 72.17
CA TYR MA 266 -76.91 -41.12 72.70
C TYR MA 266 -77.70 -40.00 71.97
N SER MA 267 -78.18 -38.99 72.71
CA SER MA 267 -78.81 -37.77 72.12
C SER MA 267 -77.79 -36.62 72.27
N THR MA 268 -77.74 -35.72 71.32
CA THR MA 268 -76.67 -34.67 71.29
C THR MA 268 -77.22 -33.26 71.26
N PRO MA 269 -76.42 -32.26 71.67
CA PRO MA 269 -76.77 -30.83 71.60
C PRO MA 269 -76.91 -30.24 70.19
N TRP MA 270 -76.27 -30.82 69.18
CA TRP MA 270 -76.24 -30.39 67.76
C TRP MA 270 -77.48 -30.64 66.89
N GLY MA 271 -77.59 -29.89 65.80
CA GLY MA 271 -78.62 -30.04 64.78
C GLY MA 271 -77.97 -30.20 63.42
N TYR MA 272 -78.68 -30.74 62.45
CA TYR MA 272 -78.09 -31.03 61.12
C TYR MA 272 -78.98 -30.54 59.97
N PHE MA 273 -78.39 -30.33 58.80
CA PHE MA 273 -79.12 -29.94 57.55
C PHE MA 273 -79.29 -31.18 56.62
N ASP MA 274 -80.52 -31.49 56.20
CA ASP MA 274 -80.84 -32.62 55.28
C ASP MA 274 -81.46 -32.12 53.96
N PHE MA 275 -80.88 -32.48 52.84
CA PHE MA 275 -81.43 -32.13 51.49
C PHE MA 275 -81.84 -33.37 50.67
N ASN MA 276 -81.96 -34.58 51.22
CA ASN MA 276 -82.22 -35.79 50.39
C ASN MA 276 -83.72 -35.96 50.08
N ARG MA 277 -84.36 -35.00 49.44
CA ARG MA 277 -85.74 -35.08 48.91
C ARG MA 277 -85.71 -34.31 47.57
N PHE MA 278 -86.37 -34.78 46.52
CA PHE MA 278 -86.43 -34.12 45.18
C PHE MA 278 -87.14 -32.73 45.22
N HIS MA 279 -88.23 -32.56 45.98
CA HIS MA 279 -89.05 -31.32 46.11
C HIS MA 279 -88.19 -30.19 46.70
N SER MA 280 -87.13 -30.50 47.44
CA SER MA 280 -86.13 -29.54 47.97
C SER MA 280 -85.41 -28.81 46.82
N HIS MA 281 -85.10 -29.48 45.72
CA HIS MA 281 -84.42 -28.90 44.53
C HIS MA 281 -85.32 -28.64 43.31
N TRP MA 282 -86.51 -29.22 43.22
CA TRP MA 282 -87.30 -29.19 41.96
C TRP MA 282 -88.69 -28.59 42.11
N SER MA 283 -89.02 -27.63 41.25
CA SER MA 283 -90.40 -27.09 41.17
C SER MA 283 -91.29 -28.16 40.52
N PRO MA 284 -92.62 -28.15 40.76
CA PRO MA 284 -93.51 -29.08 40.08
C PRO MA 284 -93.52 -28.92 38.56
N ARG MA 285 -93.48 -27.70 38.01
CA ARG MA 285 -93.36 -27.50 36.55
C ARG MA 285 -92.03 -28.02 35.96
N ASP MA 286 -90.91 -27.81 36.63
CA ASP MA 286 -89.56 -28.30 36.21
C ASP MA 286 -89.49 -29.83 36.20
N TRP MA 287 -90.11 -30.48 37.19
CA TRP MA 287 -90.21 -31.96 37.25
C TRP MA 287 -91.02 -32.52 36.07
N GLN MA 288 -92.11 -31.87 35.67
CA GLN MA 288 -92.93 -32.23 34.49
C GLN MA 288 -92.13 -32.13 33.19
N ARG MA 289 -91.30 -31.10 33.05
CA ARG MA 289 -90.44 -30.94 31.87
C ARG MA 289 -89.44 -32.09 31.75
N LEU MA 290 -88.80 -32.52 32.83
CA LEU MA 290 -87.91 -33.71 32.81
C LEU MA 290 -88.55 -35.09 32.53
N ILE MA 291 -89.69 -35.40 33.14
CA ILE MA 291 -90.38 -36.72 33.01
C ILE MA 291 -90.93 -36.92 31.59
N ASN MA 292 -91.45 -35.86 30.99
CA ASN MA 292 -91.98 -35.82 29.60
C ASN MA 292 -90.92 -36.00 28.51
N ASN MA 293 -89.70 -35.48 28.65
CA ASN MA 293 -88.70 -35.42 27.54
C ASN MA 293 -87.38 -36.19 27.62
N TYR MA 294 -87.07 -36.91 28.70
CA TYR MA 294 -85.73 -37.53 28.86
C TYR MA 294 -85.77 -39.00 29.24
N TRP MA 295 -84.89 -39.82 28.68
CA TRP MA 295 -84.70 -41.26 29.08
C TRP MA 295 -84.11 -41.45 30.51
N GLY MA 296 -83.16 -40.61 30.91
CA GLY MA 296 -82.49 -40.76 32.20
C GLY MA 296 -81.88 -39.52 32.79
N PHE MA 297 -81.59 -39.55 34.09
CA PHE MA 297 -80.89 -38.43 34.77
C PHE MA 297 -79.92 -38.95 35.86
N ARG MA 298 -78.86 -38.22 36.20
CA ARG MA 298 -77.94 -38.56 37.33
C ARG MA 298 -77.37 -37.29 38.04
N PRO MA 299 -77.08 -37.29 39.36
CA PRO MA 299 -76.36 -36.17 40.03
C PRO MA 299 -74.84 -36.04 39.75
N ARG MA 300 -74.32 -34.81 39.66
CA ARG MA 300 -72.88 -34.58 39.34
C ARG MA 300 -72.16 -33.78 40.43
N SER MA 301 -72.70 -32.62 40.82
CA SER MA 301 -72.00 -31.72 41.78
C SER MA 301 -72.94 -31.08 42.82
N LEU MA 302 -72.40 -30.79 44.00
CA LEU MA 302 -73.16 -30.07 45.06
C LEU MA 302 -72.37 -28.88 45.67
N ARG MA 303 -73.01 -27.72 45.86
CA ARG MA 303 -72.40 -26.55 46.58
C ARG MA 303 -73.34 -26.08 47.70
N VAL MA 304 -72.82 -25.86 48.93
CA VAL MA 304 -73.64 -25.37 50.09
C VAL MA 304 -73.07 -24.06 50.71
N LYS MA 305 -73.93 -23.06 50.97
CA LYS MA 305 -73.55 -21.81 51.69
C LYS MA 305 -74.48 -21.54 52.90
N ILE MA 306 -73.92 -21.20 54.08
CA ILE MA 306 -74.71 -20.79 55.29
C ILE MA 306 -74.34 -19.33 55.61
N PHE MA 307 -75.33 -18.43 55.78
CA PHE MA 307 -75.10 -16.95 55.85
C PHE MA 307 -76.21 -16.17 56.57
N ASN MA 308 -76.01 -14.86 56.85
CA ASN MA 308 -76.97 -13.92 57.52
C ASN MA 308 -77.37 -14.39 58.91
N ILE MA 309 -76.39 -14.87 59.67
CA ILE MA 309 -76.61 -15.43 61.02
C ILE MA 309 -77.10 -14.38 62.05
N GLN MA 310 -78.08 -14.74 62.86
CA GLN MA 310 -78.64 -13.86 63.92
C GLN MA 310 -78.85 -14.66 65.21
N VAL MA 311 -78.20 -14.26 66.29
CA VAL MA 311 -78.30 -14.94 67.61
C VAL MA 311 -79.18 -14.08 68.52
N LYS MA 312 -80.16 -14.70 69.17
CA LYS MA 312 -81.14 -14.01 70.04
C LYS MA 312 -81.13 -14.55 71.47
N GLU MA 313 -81.27 -13.68 72.45
CA GLU MA 313 -81.34 -14.10 73.87
C GLU MA 313 -82.77 -13.91 74.38
N VAL MA 314 -83.29 -14.92 75.07
CA VAL MA 314 -84.70 -14.87 75.58
C VAL MA 314 -84.62 -14.76 77.10
N THR MA 315 -85.34 -13.80 77.66
CA THR MA 315 -85.34 -13.58 79.13
C THR MA 315 -86.75 -13.54 79.64
N VAL MA 316 -87.00 -14.17 80.79
CA VAL MA 316 -88.36 -14.03 81.40
C VAL MA 316 -88.29 -13.37 82.78
N GLN MA 317 -89.03 -12.27 82.99
CA GLN MA 317 -89.15 -11.70 84.36
C GLN MA 317 -90.66 -11.62 84.65
N ASP MA 318 -91.14 -12.35 85.65
CA ASP MA 318 -92.57 -12.24 86.05
C ASP MA 318 -93.48 -12.50 84.84
N SER MA 319 -93.13 -13.44 83.95
CA SER MA 319 -94.00 -13.85 82.80
C SER MA 319 -93.96 -12.90 81.57
N THR MA 320 -93.12 -11.86 81.55
CA THR MA 320 -92.99 -10.96 80.35
C THR MA 320 -92.43 -11.64 79.10
N THR MA 321 -91.44 -12.53 79.16
CA THR MA 321 -90.77 -13.14 77.96
C THR MA 321 -90.19 -12.19 76.90
N THR MA 322 -89.38 -11.19 77.24
CA THR MA 322 -88.66 -10.34 76.24
C THR MA 322 -87.61 -11.08 75.40
N ILE MA 323 -87.47 -10.74 74.11
CA ILE MA 323 -86.46 -11.33 73.18
C ILE MA 323 -85.53 -10.22 72.64
N ALA MA 324 -84.20 -10.42 72.66
CA ALA MA 324 -83.22 -9.42 72.20
C ALA MA 324 -82.06 -9.99 71.40
N ASN MA 325 -81.44 -9.20 70.54
CA ASN MA 325 -80.22 -9.61 69.81
C ASN MA 325 -78.96 -9.68 70.69
N ASN MA 326 -78.12 -10.71 70.53
CA ASN MA 326 -76.80 -10.72 71.18
C ASN MA 326 -75.76 -10.69 70.05
N LEU MA 327 -75.06 -9.57 69.86
CA LEU MA 327 -74.03 -9.35 68.80
C LEU MA 327 -72.76 -10.21 68.95
N THR MA 328 -72.31 -10.43 70.17
CA THR MA 328 -71.02 -11.12 70.43
C THR MA 328 -71.15 -12.66 70.52
N SER MA 329 -72.35 -13.23 70.48
CA SER MA 329 -72.58 -14.71 70.51
C SER MA 329 -72.18 -15.44 69.20
N THR MA 330 -71.81 -16.73 69.30
CA THR MA 330 -71.30 -17.51 68.13
C THR MA 330 -72.11 -18.76 67.81
N VAL MA 331 -72.01 -19.21 66.58
CA VAL MA 331 -72.60 -20.49 66.11
C VAL MA 331 -71.39 -21.36 65.65
N GLN MA 332 -71.43 -22.68 65.83
CA GLN MA 332 -70.34 -23.62 65.42
C GLN MA 332 -70.78 -24.59 64.30
N VAL MA 333 -70.01 -24.69 63.22
CA VAL MA 333 -70.37 -25.51 62.01
C VAL MA 333 -69.22 -26.44 61.57
N PHE MA 334 -69.52 -27.68 61.20
CA PHE MA 334 -68.52 -28.64 60.63
C PHE MA 334 -69.13 -29.66 59.63
N THR MA 335 -68.30 -30.24 58.77
CA THR MA 335 -68.72 -31.34 57.85
C THR MA 335 -67.93 -32.60 58.18
N ASP MA 336 -68.60 -33.76 58.24
CA ASP MA 336 -67.94 -35.08 58.51
C ASP MA 336 -67.42 -35.72 57.22
N ASP MA 337 -66.30 -35.24 56.72
CA ASP MA 337 -65.68 -35.68 55.43
C ASP MA 337 -65.20 -37.14 55.34
N ASP MA 338 -64.62 -37.71 56.41
CA ASP MA 338 -64.05 -39.08 56.43
C ASP MA 338 -65.06 -40.14 56.90
N TYR MA 339 -66.31 -39.81 57.17
CA TYR MA 339 -67.41 -40.74 57.54
C TYR MA 339 -67.15 -41.45 58.87
N GLN MA 340 -66.47 -40.80 59.79
CA GLN MA 340 -66.22 -41.30 61.15
C GLN MA 340 -67.52 -41.41 61.98
N LEU MA 341 -68.43 -40.48 61.84
CA LEU MA 341 -69.74 -40.50 62.54
C LEU MA 341 -70.75 -41.46 61.96
N PRO MA 342 -71.72 -41.95 62.76
CA PRO MA 342 -72.83 -42.68 62.18
C PRO MA 342 -73.68 -41.81 61.23
N TYR MA 343 -74.04 -42.30 60.03
CA TYR MA 343 -74.76 -41.50 59.01
C TYR MA 343 -76.26 -41.80 59.06
N VAL MA 344 -77.04 -40.81 59.47
CA VAL MA 344 -78.49 -41.00 59.68
C VAL MA 344 -79.31 -40.36 58.54
N VAL MA 345 -78.67 -39.71 57.56
CA VAL MA 345 -79.34 -38.95 56.46
C VAL MA 345 -80.22 -39.80 55.49
N GLY MA 346 -79.87 -41.03 55.13
CA GLY MA 346 -80.57 -41.80 54.05
C GLY MA 346 -81.67 -42.77 54.48
N ASN MA 347 -82.32 -42.58 55.62
CA ASN MA 347 -83.28 -43.52 56.25
C ASN MA 347 -84.77 -43.07 56.20
N GLY MA 348 -85.20 -42.18 55.28
CA GLY MA 348 -86.59 -41.67 55.12
C GLY MA 348 -87.18 -40.90 56.27
N THR MA 349 -86.36 -40.10 56.93
CA THR MA 349 -86.78 -39.31 58.11
C THR MA 349 -87.12 -37.86 57.77
N GLU MA 350 -87.97 -37.25 58.57
CA GLU MA 350 -88.40 -35.83 58.44
C GLU MA 350 -87.34 -34.78 58.86
N GLY MA 351 -87.52 -33.51 58.50
CA GLY MA 351 -86.52 -32.44 58.75
C GLY MA 351 -85.73 -31.94 57.57
N CYS MA 352 -86.01 -32.37 56.33
CA CYS MA 352 -85.37 -31.85 55.09
C CYS MA 352 -85.89 -30.45 54.74
N LEU MA 353 -85.18 -29.74 53.85
CA LEU MA 353 -85.63 -28.39 53.40
C LEU MA 353 -87.01 -28.51 52.75
N PRO MA 354 -87.90 -27.53 53.01
CA PRO MA 354 -89.26 -27.59 52.47
C PRO MA 354 -89.50 -27.50 50.95
N ALA MA 355 -90.58 -28.11 50.46
CA ALA MA 355 -90.98 -28.08 49.02
C ALA MA 355 -91.28 -26.65 48.56
N PHE MA 356 -91.92 -25.82 49.39
CA PHE MA 356 -92.33 -24.44 49.01
C PHE MA 356 -91.29 -23.45 49.54
N PRO MA 357 -90.65 -22.62 48.66
CA PRO MA 357 -89.61 -21.67 49.07
C PRO MA 357 -89.83 -20.67 50.21
N PRO MA 358 -91.02 -20.03 50.37
CA PRO MA 358 -91.37 -19.16 51.50
C PRO MA 358 -91.46 -19.80 52.90
N GLN MA 359 -91.68 -21.10 53.00
CA GLN MA 359 -91.83 -21.82 54.29
C GLN MA 359 -90.55 -21.79 55.14
N VAL MA 360 -90.70 -21.60 56.45
CA VAL MA 360 -89.55 -21.47 57.39
C VAL MA 360 -89.50 -22.74 58.24
N PHE MA 361 -88.31 -23.31 58.42
CA PHE MA 361 -88.21 -24.65 59.08
C PHE MA 361 -87.25 -24.78 60.29
N THR MA 362 -87.64 -25.63 61.23
CA THR MA 362 -86.78 -26.03 62.36
C THR MA 362 -85.83 -27.16 61.98
N LEU MA 363 -84.54 -27.05 62.30
CA LEU MA 363 -83.54 -28.15 62.10
C LEU MA 363 -83.75 -29.33 63.05
N PRO MA 364 -83.62 -30.57 62.54
CA PRO MA 364 -83.66 -31.76 63.39
C PRO MA 364 -82.48 -31.95 64.37
N GLN MA 365 -82.73 -32.49 65.56
CA GLN MA 365 -81.64 -32.84 66.52
C GLN MA 365 -80.93 -34.16 66.16
N TYR MA 366 -79.59 -34.19 66.16
CA TYR MA 366 -78.76 -35.40 65.93
C TYR MA 366 -78.77 -36.41 67.09
N GLY MA 367 -78.82 -37.69 66.76
CA GLY MA 367 -78.83 -38.80 67.71
C GLY MA 367 -78.46 -40.05 66.96
N TYR MA 368 -78.15 -41.14 67.67
CA TYR MA 368 -77.79 -42.43 67.03
C TYR MA 368 -78.07 -43.61 67.95
N ALA MA 369 -78.19 -44.80 67.37
CA ALA MA 369 -78.26 -46.05 68.16
C ALA MA 369 -76.97 -46.84 67.96
N THR MA 370 -76.37 -47.33 69.04
CA THR MA 370 -75.20 -48.26 69.00
C THR MA 370 -75.71 -49.66 69.30
N LEU MA 371 -74.85 -50.55 69.77
CA LEU MA 371 -75.21 -51.93 70.16
C LEU MA 371 -76.03 -52.03 71.47
N ASN MA 372 -76.90 -53.03 71.53
CA ASN MA 372 -77.76 -53.28 72.72
C ASN MA 372 -77.58 -54.76 73.06
N ARG MA 373 -77.73 -55.15 74.32
CA ARG MA 373 -77.43 -56.55 74.74
C ARG MA 373 -78.68 -57.42 74.89
N ASP MA 374 -78.75 -58.55 74.19
CA ASP MA 374 -79.85 -59.57 74.27
C ASP MA 374 -81.26 -59.03 74.04
N ASN MA 375 -81.45 -58.13 73.07
CA ASN MA 375 -82.78 -57.52 72.76
C ASN MA 375 -83.35 -56.82 74.01
N THR MA 376 -82.50 -56.09 74.75
CA THR MA 376 -82.86 -55.32 75.98
C THR MA 376 -82.28 -53.89 75.90
N GLU MA 377 -82.61 -52.98 76.80
CA GLU MA 377 -82.14 -51.55 76.82
C GLU MA 377 -80.64 -51.38 77.23
N ASN MA 378 -80.02 -52.40 77.82
CA ASN MA 378 -78.60 -52.39 78.24
C ASN MA 378 -77.56 -52.41 77.13
N PRO MA 379 -76.40 -51.74 77.32
CA PRO MA 379 -75.24 -51.80 76.43
C PRO MA 379 -74.29 -53.03 76.47
N THR MA 380 -73.35 -53.11 75.55
CA THR MA 380 -72.32 -54.17 75.42
C THR MA 380 -70.95 -53.51 75.51
N GLU MA 381 -69.88 -54.28 75.70
CA GLU MA 381 -68.47 -53.79 75.68
C GLU MA 381 -68.10 -53.20 74.32
N ARG MA 382 -68.58 -53.76 73.23
CA ARG MA 382 -68.41 -53.24 71.83
C ARG MA 382 -69.15 -51.90 71.61
N SER MA 383 -70.17 -51.56 72.41
CA SER MA 383 -70.99 -50.32 72.25
C SER MA 383 -70.10 -49.05 72.34
N SER MA 384 -70.34 -48.08 71.48
CA SER MA 384 -69.46 -46.88 71.27
C SER MA 384 -70.10 -45.52 71.57
N PHE MA 385 -69.31 -44.62 72.13
CA PHE MA 385 -69.72 -43.22 72.37
C PHE MA 385 -68.91 -42.30 71.46
N PHE MA 386 -69.59 -41.38 70.81
CA PHE MA 386 -68.91 -40.39 69.93
C PHE MA 386 -69.16 -38.96 70.42
N CYS MA 387 -68.11 -38.17 70.58
CA CYS MA 387 -68.19 -36.71 70.93
C CYS MA 387 -67.99 -35.83 69.67
N LEU MA 388 -68.94 -34.95 69.34
CA LEU MA 388 -68.87 -33.97 68.20
C LEU MA 388 -67.82 -32.88 68.44
N GLU MA 389 -67.64 -32.46 69.69
CA GLU MA 389 -66.68 -31.39 70.08
C GLU MA 389 -65.23 -31.86 69.90
N TYR MA 390 -64.99 -33.16 69.81
CA TYR MA 390 -63.65 -33.74 69.51
C TYR MA 390 -63.21 -33.35 68.09
N PHE MA 391 -64.09 -33.27 67.11
CA PHE MA 391 -63.78 -32.78 65.74
C PHE MA 391 -63.50 -31.27 65.71
N PRO MA 392 -62.65 -30.74 64.81
CA PRO MA 392 -62.58 -29.28 64.60
C PRO MA 392 -63.80 -28.58 63.91
N SER MA 393 -64.22 -27.39 64.36
CA SER MA 393 -65.37 -26.64 63.78
C SER MA 393 -65.11 -25.14 63.55
N LYS MA 394 -65.71 -24.55 62.52
CA LYS MA 394 -65.66 -23.07 62.30
C LYS MA 394 -66.56 -22.33 63.32
N MET MA 395 -66.14 -21.18 63.83
CA MET MA 395 -66.96 -20.36 64.76
C MET MA 395 -67.43 -19.07 64.05
N LEU MA 396 -68.74 -18.81 64.09
CA LEU MA 396 -69.29 -17.64 63.36
C LEU MA 396 -70.07 -16.65 64.20
N ARG MA 397 -69.72 -15.37 64.09
CA ARG MA 397 -70.53 -14.24 64.64
C ARG MA 397 -71.51 -13.76 63.51
N THR MA 398 -72.32 -12.74 63.75
CA THR MA 398 -73.34 -12.15 62.80
C THR MA 398 -72.76 -11.73 61.45
N GLY MA 399 -71.55 -11.17 61.36
CA GLY MA 399 -70.79 -10.87 60.13
C GLY MA 399 -70.36 -12.05 59.29
N ASN MA 400 -70.01 -13.18 59.88
CA ASN MA 400 -69.41 -14.41 59.27
C ASN MA 400 -70.30 -15.33 58.40
N ASN MA 401 -69.71 -16.10 57.49
CA ASN MA 401 -70.40 -17.04 56.58
C ASN MA 401 -69.61 -18.36 56.43
N PHE MA 402 -70.25 -19.46 56.03
CA PHE MA 402 -69.61 -20.78 55.77
C PHE MA 402 -69.92 -21.32 54.36
N GLU MA 403 -68.94 -21.90 53.67
CA GLU MA 403 -69.17 -22.55 52.35
C GLU MA 403 -68.56 -23.97 52.22
N PHE MA 404 -69.20 -24.88 51.48
CA PHE MA 404 -68.67 -26.25 51.18
C PHE MA 404 -68.92 -26.65 49.69
N THR MA 405 -68.07 -27.49 49.10
CA THR MA 405 -68.23 -28.04 47.71
C THR MA 405 -68.06 -29.56 47.70
N TYR MA 406 -68.86 -30.30 46.93
CA TYR MA 406 -68.75 -31.78 46.79
C TYR MA 406 -68.89 -32.26 45.33
N ASN MA 407 -68.21 -33.35 44.96
CA ASN MA 407 -68.37 -34.02 43.63
C ASN MA 407 -68.90 -35.44 43.83
N PHE MA 408 -69.92 -35.82 43.09
CA PHE MA 408 -70.51 -37.18 43.18
C PHE MA 408 -69.60 -38.16 42.44
N GLU MA 409 -69.53 -39.42 42.89
CA GLU MA 409 -68.81 -40.51 42.17
C GLU MA 409 -69.59 -40.92 40.92
N GLU MA 410 -68.93 -41.57 39.95
CA GLU MA 410 -69.68 -42.08 38.78
C GLU MA 410 -70.74 -43.10 39.23
N VAL MA 411 -71.95 -42.94 38.72
CA VAL MA 411 -73.10 -43.79 39.12
C VAL MA 411 -73.91 -44.03 37.84
N PRO MA 412 -74.66 -45.14 37.71
CA PRO MA 412 -75.55 -45.32 36.56
C PRO MA 412 -76.75 -44.35 36.52
N PHE MA 413 -77.20 -43.92 35.33
CA PHE MA 413 -78.41 -43.05 35.18
C PHE MA 413 -79.66 -43.78 35.62
N HIS MA 414 -80.60 -43.11 36.30
CA HIS MA 414 -81.94 -43.69 36.59
C HIS MA 414 -82.69 -43.88 35.26
N SER MA 415 -83.49 -44.94 35.14
CA SER MA 415 -84.27 -45.20 33.91
C SER MA 415 -85.67 -44.59 33.95
N SER MA 416 -85.89 -43.44 33.29
CA SER MA 416 -87.20 -42.77 33.19
C SER MA 416 -87.96 -43.23 31.93
N PHE MA 417 -88.33 -44.49 31.84
CA PHE MA 417 -89.04 -45.04 30.68
C PHE MA 417 -89.81 -46.28 31.10
N ALA MA 418 -90.82 -46.63 30.33
CA ALA MA 418 -91.59 -47.87 30.54
C ALA MA 418 -91.36 -48.77 29.33
N PRO MA 419 -91.16 -50.09 29.52
CA PRO MA 419 -91.08 -51.01 28.40
C PRO MA 419 -92.32 -51.16 27.50
N SER MA 420 -92.10 -51.18 26.20
CA SER MA 420 -93.21 -51.35 25.21
C SER MA 420 -93.39 -52.83 24.78
N GLN MA 421 -92.58 -53.76 25.30
CA GLN MA 421 -92.72 -55.21 25.01
C GLN MA 421 -92.68 -56.10 26.26
N ASN MA 422 -93.41 -57.20 26.27
CA ASN MA 422 -93.34 -58.27 27.30
C ASN MA 422 -92.03 -59.07 27.13
N LEU MA 423 -91.40 -59.49 28.23
CA LEU MA 423 -90.12 -60.27 28.26
C LEU MA 423 -90.29 -61.64 27.58
N PHE MA 424 -91.45 -62.28 27.73
CA PHE MA 424 -91.77 -63.60 27.13
C PHE MA 424 -92.37 -63.56 25.68
N LYS MA 425 -92.61 -62.39 25.04
CA LYS MA 425 -93.25 -62.25 23.69
C LYS MA 425 -92.26 -61.69 22.62
N LEU MA 426 -90.96 -61.97 22.67
CA LEU MA 426 -89.92 -61.36 21.78
C LEU MA 426 -89.66 -62.09 20.44
N ALA MA 427 -90.16 -63.30 20.25
CA ALA MA 427 -90.07 -64.01 18.96
C ALA MA 427 -90.96 -63.31 17.92
N ASN MA 428 -90.59 -63.34 16.64
CA ASN MA 428 -91.45 -62.78 15.58
C ASN MA 428 -92.77 -63.54 15.59
N PRO MA 429 -93.91 -62.83 15.55
CA PRO MA 429 -95.23 -63.46 15.50
C PRO MA 429 -95.52 -64.31 14.23
N LEU MA 430 -95.06 -63.91 13.04
CA LEU MA 430 -95.13 -64.61 11.72
C LEU MA 430 -94.34 -65.92 11.57
N VAL MA 431 -93.17 -66.06 12.17
CA VAL MA 431 -92.27 -67.22 11.92
C VAL MA 431 -92.18 -68.29 13.04
N ASP MA 432 -92.27 -69.58 12.68
CA ASP MA 432 -92.07 -70.73 13.61
C ASP MA 432 -90.62 -70.95 14.05
N GLN MA 433 -90.40 -71.48 15.24
CA GLN MA 433 -89.06 -71.88 15.74
C GLN MA 433 -88.53 -73.19 15.12
N TYR MA 434 -87.21 -73.37 14.97
CA TYR MA 434 -86.62 -74.68 14.55
C TYR MA 434 -86.42 -75.61 15.78
N LEU MA 435 -87.23 -75.48 16.82
CA LEU MA 435 -87.05 -76.20 18.10
C LEU MA 435 -88.31 -76.99 18.47
N TYR MA 436 -88.15 -78.07 19.19
CA TYR MA 436 -89.28 -79.00 19.49
C TYR MA 436 -89.42 -79.25 20.99
N ARG MA 437 -90.62 -79.60 21.41
CA ARG MA 437 -90.93 -79.83 22.84
C ARG MA 437 -91.61 -81.19 23.06
N PHE MA 438 -91.45 -81.76 24.25
CA PHE MA 438 -92.14 -83.02 24.59
C PHE MA 438 -93.55 -82.70 25.01
N VAL MA 439 -94.49 -83.40 24.39
CA VAL MA 439 -95.92 -83.19 24.73
C VAL MA 439 -96.63 -84.44 25.23
N SER MA 440 -96.08 -85.62 25.01
CA SER MA 440 -96.89 -86.85 25.26
C SER MA 440 -96.16 -88.18 25.41
N THR MA 441 -96.87 -89.16 25.94
CA THR MA 441 -96.39 -90.55 25.99
C THR MA 441 -97.52 -91.38 25.37
N ASN MA 442 -97.23 -92.44 24.62
CA ASN MA 442 -98.26 -93.36 24.01
C ASN MA 442 -98.74 -94.46 24.98
N ASN MA 443 -99.57 -95.41 24.52
CA ASN MA 443 -100.15 -96.49 25.40
C ASN MA 443 -99.00 -97.32 25.98
N THR MA 444 -97.94 -97.61 25.23
CA THR MA 444 -96.69 -98.15 25.80
C THR MA 444 -96.03 -96.85 26.11
N GLY MA 445 -95.35 -96.64 27.23
CA GLY MA 445 -94.98 -95.24 27.53
C GLY MA 445 -93.84 -94.66 26.72
N GLY MA 446 -94.04 -94.46 25.41
CA GLY MA 446 -93.00 -93.96 24.48
C GLY MA 446 -93.14 -92.48 24.23
N VAL MA 447 -92.07 -91.72 24.32
CA VAL MA 447 -92.08 -90.23 24.21
C VAL MA 447 -92.47 -89.68 22.83
N GLN MA 448 -93.19 -88.57 22.81
CA GLN MA 448 -93.71 -87.95 21.55
C GLN MA 448 -93.39 -86.44 21.55
N PHE MA 449 -93.19 -85.86 20.37
CA PHE MA 449 -92.73 -84.45 20.26
C PHE MA 449 -93.54 -83.64 19.23
N ASN MA 450 -93.63 -82.33 19.43
CA ASN MA 450 -94.30 -81.40 18.47
C ASN MA 450 -93.43 -80.18 18.26
N LYS MA 451 -93.45 -79.60 17.07
CA LYS MA 451 -92.74 -78.33 16.73
C LYS MA 451 -93.39 -77.09 17.37
N ASN MA 452 -92.60 -76.05 17.62
CA ASN MA 452 -93.11 -74.80 18.22
C ASN MA 452 -93.60 -73.85 17.11
N LEU MA 453 -94.89 -73.53 17.10
CA LEU MA 453 -95.55 -72.66 16.07
C LEU MA 453 -95.42 -71.15 16.30
N ALA MA 454 -95.62 -70.35 15.26
CA ALA MA 454 -95.55 -68.86 15.34
C ALA MA 454 -96.62 -68.26 16.25
N GLY MA 455 -96.22 -67.36 17.16
CA GLY MA 455 -97.12 -66.65 18.10
C GLY MA 455 -97.54 -67.43 19.32
N ARG MA 456 -97.08 -68.67 19.49
CA ARG MA 456 -97.46 -69.54 20.65
C ARG MA 456 -96.48 -69.29 21.82
N TYR MA 457 -96.60 -68.14 22.51
CA TYR MA 457 -95.70 -67.63 23.59
C TYR MA 457 -95.71 -68.55 24.82
N ALA MA 458 -96.82 -69.23 25.05
CA ALA MA 458 -96.95 -70.21 26.12
C ALA MA 458 -95.92 -71.34 25.94
N ASN MA 459 -95.59 -71.79 24.72
CA ASN MA 459 -94.72 -72.96 24.43
C ASN MA 459 -93.39 -72.67 23.72
N THR MA 460 -92.72 -71.56 23.90
CA THR MA 460 -91.57 -71.11 23.09
C THR MA 460 -90.32 -71.19 23.94
N TYR MA 461 -89.18 -71.51 23.36
CA TYR MA 461 -87.87 -71.51 24.08
C TYR MA 461 -87.53 -70.07 24.44
N LYS MA 462 -86.99 -69.85 25.63
CA LYS MA 462 -86.71 -68.48 26.12
C LYS MA 462 -85.26 -68.26 26.52
N ASN MA 463 -84.60 -67.21 26.06
CA ASN MA 463 -83.24 -66.77 26.52
C ASN MA 463 -83.16 -66.19 27.94
N TRP MA 464 -84.14 -65.43 28.39
CA TRP MA 464 -84.01 -64.58 29.59
C TRP MA 464 -85.14 -64.78 30.58
N PHE MA 465 -84.87 -64.48 31.83
CA PHE MA 465 -85.83 -64.79 32.92
C PHE MA 465 -86.12 -63.55 33.72
N PRO MA 466 -87.31 -63.49 34.34
CA PRO MA 466 -87.68 -62.40 35.24
C PRO MA 466 -86.93 -62.34 36.57
N GLY MA 467 -86.92 -61.17 37.20
CA GLY MA 467 -86.20 -60.91 38.48
C GLY MA 467 -86.79 -61.54 39.73
N PRO MA 468 -86.04 -61.53 40.85
CA PRO MA 468 -86.46 -62.20 42.09
C PRO MA 468 -87.73 -61.76 42.81
N MET MA 469 -88.46 -62.71 43.41
CA MET MA 469 -89.77 -62.39 44.03
C MET MA 469 -89.99 -63.02 45.42
N GLY MA 470 -90.71 -62.38 46.34
CA GLY MA 470 -91.19 -62.99 47.60
C GLY MA 470 -92.66 -62.68 47.77
N ARG MA 471 -93.56 -63.63 48.03
CA ARG MA 471 -95.02 -63.31 48.07
C ARG MA 471 -95.44 -62.36 49.23
N THR MA 472 -96.26 -61.34 48.95
CA THR MA 472 -96.77 -60.34 49.92
C THR MA 472 -98.27 -60.20 49.75
N GLN MA 473 -99.02 -60.03 50.82
CA GLN MA 473 -100.52 -60.01 50.79
C GLN MA 473 -101.08 -58.84 49.95
N GLY MA 474 -102.16 -59.09 49.21
CA GLY MA 474 -102.83 -58.09 48.38
C GLY MA 474 -104.13 -57.60 48.97
N TRP MA 475 -104.31 -56.28 49.03
CA TRP MA 475 -105.54 -55.66 49.58
C TRP MA 475 -106.24 -54.78 48.54
N ASN MA 476 -107.55 -54.91 48.42
CA ASN MA 476 -108.36 -54.09 47.47
C ASN MA 476 -108.55 -52.66 47.98
N LEU MA 477 -108.62 -51.70 47.08
CA LEU MA 477 -108.77 -50.25 47.38
C LEU MA 477 -110.03 -49.77 46.64
N GLY MA 478 -110.62 -48.64 47.01
CA GLY MA 478 -111.87 -48.20 46.37
C GLY MA 478 -113.04 -49.13 46.63
N SER MA 479 -113.64 -49.67 45.57
CA SER MA 479 -114.78 -50.62 45.72
C SER MA 479 -114.31 -51.85 46.51
N GLY MA 480 -113.10 -52.38 46.27
CA GLY MA 480 -112.55 -53.37 47.23
C GLY MA 480 -113.32 -54.64 47.44
N VAL MA 481 -113.69 -54.94 48.70
CA VAL MA 481 -114.36 -56.23 49.11
C VAL MA 481 -113.40 -57.10 49.98
N ASN MA 482 -112.44 -56.51 50.69
CA ASN MA 482 -111.50 -57.19 51.66
C ASN MA 482 -112.10 -57.71 52.97
N ARG MA 483 -111.43 -58.65 53.66
CA ARG MA 483 -111.86 -59.23 54.99
C ARG MA 483 -111.92 -58.22 56.15
N ALA MA 484 -112.96 -58.30 56.99
CA ALA MA 484 -113.24 -57.34 58.10
C ALA MA 484 -112.50 -57.56 59.43
N SER MA 485 -112.29 -56.47 60.20
CA SER MA 485 -111.74 -56.52 61.58
C SER MA 485 -110.37 -57.21 61.72
N VAL MA 486 -109.44 -56.96 60.82
CA VAL MA 486 -108.12 -57.65 60.82
C VAL MA 486 -107.04 -56.82 61.54
N SER MA 487 -106.20 -57.46 62.37
CA SER MA 487 -105.00 -56.79 62.90
C SER MA 487 -103.86 -57.28 62.00
N ALA MA 488 -103.20 -56.40 61.26
CA ALA MA 488 -102.17 -56.74 60.25
C ALA MA 488 -100.85 -57.39 60.72
N PHE MA 489 -100.27 -57.05 61.87
CA PHE MA 489 -98.86 -57.39 62.24
C PHE MA 489 -98.47 -58.89 62.31
N ALA MA 490 -99.29 -59.80 62.84
CA ALA MA 490 -98.95 -61.23 62.96
C ALA MA 490 -98.69 -61.87 61.59
N THR MA 491 -99.44 -61.49 60.56
CA THR MA 491 -99.35 -62.10 59.22
C THR MA 491 -98.45 -61.34 58.25
N THR MA 492 -97.76 -60.28 58.69
CA THR MA 492 -96.82 -59.49 57.85
C THR MA 492 -95.51 -60.21 57.52
N ASN MA 493 -94.85 -59.84 56.43
CA ASN MA 493 -93.52 -60.38 56.03
C ASN MA 493 -92.42 -59.96 57.00
N ARG MA 494 -91.49 -60.86 57.32
CA ARG MA 494 -90.45 -60.56 58.35
C ARG MA 494 -89.09 -61.17 58.03
N MET MA 495 -88.01 -60.59 58.55
CA MET MA 495 -86.64 -61.17 58.47
C MET MA 495 -86.13 -61.23 59.93
N GLU MA 496 -85.34 -62.24 60.29
CA GLU MA 496 -84.86 -62.43 61.69
C GLU MA 496 -83.38 -61.99 61.82
N LEU MA 497 -83.05 -61.08 62.74
CA LEU MA 497 -81.65 -60.67 63.03
C LEU MA 497 -81.37 -60.74 64.53
N GLU MA 498 -80.29 -61.36 64.98
CA GLU MA 498 -79.83 -61.36 66.41
C GLU MA 498 -80.90 -61.83 67.40
N GLY MA 499 -81.73 -62.81 67.08
CA GLY MA 499 -82.84 -63.20 67.96
C GLY MA 499 -84.12 -62.37 67.92
N ALA MA 500 -84.29 -61.41 67.01
CA ALA MA 500 -85.59 -60.67 66.95
C ALA MA 500 -86.21 -60.70 65.54
N SER MA 501 -87.54 -60.61 65.44
CA SER MA 501 -88.28 -60.58 64.14
C SER MA 501 -88.55 -59.13 63.72
N TYR MA 502 -88.17 -58.78 62.51
CA TYR MA 502 -88.34 -57.38 62.03
C TYR MA 502 -89.18 -57.29 60.79
N GLN MA 503 -90.12 -56.37 60.79
CA GLN MA 503 -90.82 -56.05 59.52
C GLN MA 503 -89.80 -55.33 58.63
N VAL MA 504 -89.84 -55.57 57.35
CA VAL MA 504 -88.91 -54.97 56.34
C VAL MA 504 -89.90 -54.34 55.35
N PRO MA 505 -90.50 -53.18 55.70
CA PRO MA 505 -91.61 -52.60 54.95
C PRO MA 505 -91.40 -52.25 53.51
N PRO MA 506 -90.28 -51.75 52.95
CA PRO MA 506 -90.18 -51.69 51.49
C PRO MA 506 -89.75 -53.14 51.24
N GLN MA 507 -90.33 -53.88 50.32
CA GLN MA 507 -89.73 -55.23 50.08
C GLN MA 507 -88.46 -55.07 49.20
N PRO MA 508 -87.59 -56.09 48.99
CA PRO MA 508 -86.45 -56.01 48.06
C PRO MA 508 -86.81 -55.87 46.54
N ASN MA 509 -85.99 -55.23 45.69
CA ASN MA 509 -86.29 -54.96 44.23
C ASN MA 509 -86.57 -56.16 43.29
N GLY MA 510 -87.27 -55.93 42.16
CA GLY MA 510 -87.64 -56.96 41.15
C GLY MA 510 -89.09 -57.38 41.10
N MET MA 511 -89.96 -56.72 41.85
CA MET MA 511 -91.40 -57.04 41.80
C MET MA 511 -92.28 -55.83 41.43
N THR MA 512 -93.53 -56.08 41.07
CA THR MA 512 -94.55 -55.01 40.88
C THR MA 512 -95.68 -55.18 41.90
N ASN MA 513 -96.03 -54.15 42.68
CA ASN MA 513 -97.20 -54.09 43.62
C ASN MA 513 -98.60 -54.12 42.97
N ASN MA 514 -98.83 -53.47 41.83
CA ASN MA 514 -100.19 -53.32 41.22
C ASN MA 514 -100.17 -53.72 39.74
N LEU MA 515 -101.15 -54.48 39.27
CA LEU MA 515 -101.28 -54.87 37.81
C LEU MA 515 -101.58 -53.75 36.76
N GLN MA 516 -102.46 -52.77 36.94
CA GLN MA 516 -102.90 -51.73 35.93
C GLN MA 516 -104.42 -51.88 35.85
N GLY MA 517 -105.16 -50.79 35.85
CA GLY MA 517 -106.59 -51.03 36.11
C GLY MA 517 -106.51 -51.58 37.51
N SER MA 518 -106.95 -52.79 37.79
CA SER MA 518 -106.93 -53.46 39.13
C SER MA 518 -106.82 -52.58 40.39
N ASN MA 519 -107.60 -52.96 41.39
CA ASN MA 519 -107.61 -52.24 42.69
C ASN MA 519 -106.88 -53.07 43.76
N THR MA 520 -106.21 -54.14 43.36
CA THR MA 520 -105.38 -54.94 44.29
C THR MA 520 -103.97 -54.37 44.39
N TYR MA 521 -103.52 -54.13 45.62
CA TYR MA 521 -102.18 -53.57 45.87
C TYR MA 521 -101.52 -54.39 46.92
N ALA MA 522 -100.25 -54.66 46.73
CA ALA MA 522 -99.53 -55.30 47.84
C ALA MA 522 -98.99 -54.15 48.69
N LEU MA 523 -99.60 -53.86 49.85
CA LEU MA 523 -99.32 -52.66 50.70
C LEU MA 523 -97.89 -52.59 51.28
N GLU MA 524 -97.30 -53.71 51.66
CA GLU MA 524 -95.91 -53.76 52.19
C GLU MA 524 -94.86 -53.65 51.07
N ASN MA 525 -95.23 -53.66 49.80
CA ASN MA 525 -94.31 -53.41 48.65
C ASN MA 525 -94.49 -51.97 48.12
N THR MA 526 -95.27 -51.11 48.77
CA THR MA 526 -95.58 -49.75 48.22
C THR MA 526 -95.09 -48.64 49.10
N MET MA 527 -94.52 -47.58 48.52
CA MET MA 527 -94.22 -46.34 49.26
C MET MA 527 -95.52 -45.59 49.55
N ILE MA 528 -95.81 -45.29 50.81
CA ILE MA 528 -97.02 -44.52 51.23
C ILE MA 528 -96.60 -43.17 51.83
N PHE MA 529 -97.22 -42.09 51.38
CA PHE MA 529 -96.85 -40.70 51.78
C PHE MA 529 -98.08 -39.94 52.20
N ASN MA 530 -97.92 -38.85 52.94
CA ASN MA 530 -99.02 -37.94 53.34
C ASN MA 530 -98.92 -36.66 52.51
N SER MA 531 -100.04 -36.13 52.00
CA SER MA 531 -100.07 -34.83 51.27
C SER MA 531 -99.62 -33.68 52.17
N GLN MA 532 -100.03 -33.69 53.44
CA GLN MA 532 -99.71 -32.63 54.43
C GLN MA 532 -98.71 -33.13 55.47
N PRO MA 533 -97.81 -32.27 56.01
CA PRO MA 533 -96.92 -32.65 57.11
C PRO MA 533 -97.67 -32.92 58.42
N ALA MA 534 -97.11 -33.78 59.26
CA ALA MA 534 -97.80 -34.20 60.51
C ALA MA 534 -97.05 -33.79 61.77
N ASN MA 535 -97.79 -33.63 62.86
CA ASN MA 535 -97.19 -33.35 64.19
C ASN MA 535 -96.45 -34.58 64.70
N PRO MA 536 -95.35 -34.43 65.45
CA PRO MA 536 -94.64 -35.57 66.01
C PRO MA 536 -95.38 -36.45 67.02
N GLY MA 537 -95.24 -37.77 66.91
CA GLY MA 537 -95.85 -38.72 67.85
C GLY MA 537 -97.30 -39.04 67.60
N THR MA 538 -97.87 -38.61 66.49
CA THR MA 538 -99.30 -38.83 66.23
C THR MA 538 -99.60 -40.33 66.20
N THR MA 539 -100.70 -40.76 66.81
CA THR MA 539 -101.15 -42.17 66.78
C THR MA 539 -102.49 -42.27 66.06
N ALA MA 540 -102.91 -41.22 65.35
CA ALA MA 540 -104.22 -41.16 64.64
C ALA MA 540 -104.36 -42.17 63.49
N THR MA 541 -105.55 -42.76 63.33
CA THR MA 541 -105.83 -43.63 62.16
C THR MA 541 -105.98 -42.80 60.91
N TYR MA 542 -105.48 -43.29 59.79
CA TYR MA 542 -105.64 -42.59 58.49
C TYR MA 542 -106.32 -43.52 57.49
N LEU MA 543 -107.35 -43.03 56.84
CA LEU MA 543 -108.02 -43.75 55.73
C LEU MA 543 -107.29 -43.51 54.39
N GLU MA 544 -107.66 -44.22 53.34
CA GLU MA 544 -107.01 -44.17 52.00
C GLU MA 544 -107.08 -42.78 51.33
N GLY MA 545 -108.18 -42.04 51.49
CA GLY MA 545 -108.35 -40.71 50.87
C GLY MA 545 -107.30 -39.73 51.33
N ASN MA 546 -106.92 -39.73 52.60
CA ASN MA 546 -105.78 -38.90 53.10
C ASN MA 546 -104.43 -39.31 52.48
N MET MA 547 -104.18 -40.59 52.24
CA MET MA 547 -102.84 -41.09 51.82
C MET MA 547 -102.49 -40.94 50.33
N LEU MA 548 -101.20 -40.82 50.01
CA LEU MA 548 -100.74 -40.82 48.60
C LEU MA 548 -100.12 -42.20 48.37
N ILE MA 549 -100.71 -43.04 47.51
CA ILE MA 549 -100.24 -44.44 47.32
C ILE MA 549 -99.68 -44.63 45.90
N THR MA 550 -98.43 -45.05 45.79
CA THR MA 550 -97.71 -45.28 44.52
C THR MA 550 -98.05 -46.62 43.84
N SER MA 551 -97.88 -46.68 42.52
CA SER MA 551 -98.11 -47.91 41.71
C SER MA 551 -96.86 -48.14 40.86
N GLU MA 552 -96.46 -49.39 40.67
CA GLU MA 552 -95.27 -49.78 39.87
C GLU MA 552 -95.73 -50.49 38.59
N SER MA 553 -96.96 -50.28 38.12
CA SER MA 553 -97.61 -51.01 37.00
C SER MA 553 -96.84 -50.90 35.66
N GLU MA 554 -96.04 -49.86 35.43
CA GLU MA 554 -95.19 -49.68 34.22
C GLU MA 554 -94.16 -50.82 34.08
N THR MA 555 -93.61 -51.35 35.18
CA THR MA 555 -92.56 -52.41 35.20
C THR MA 555 -93.14 -53.82 35.06
N GLN MA 556 -94.45 -54.00 34.95
CA GLN MA 556 -95.15 -55.31 34.89
C GLN MA 556 -94.71 -56.16 33.69
N PRO MA 557 -94.42 -55.63 32.46
CA PRO MA 557 -93.82 -56.44 31.39
C PRO MA 557 -92.54 -57.23 31.75
N VAL MA 558 -91.68 -56.78 32.67
CA VAL MA 558 -90.50 -57.53 33.22
C VAL MA 558 -90.52 -57.87 34.73
N ASN MA 559 -91.49 -57.45 35.52
CA ASN MA 559 -91.42 -57.66 37.00
C ASN MA 559 -92.61 -58.50 37.44
N ARG MA 560 -92.36 -59.53 38.22
CA ARG MA 560 -93.43 -60.42 38.72
C ARG MA 560 -94.33 -59.71 39.76
N VAL MA 561 -95.61 -60.06 39.78
CA VAL MA 561 -96.57 -59.52 40.77
C VAL MA 561 -96.37 -60.12 42.19
N ALA MA 562 -96.28 -59.27 43.23
CA ALA MA 562 -96.04 -59.65 44.64
C ALA MA 562 -97.15 -60.50 45.27
N TYR MA 563 -98.41 -60.18 45.02
CA TYR MA 563 -99.58 -60.92 45.59
C TYR MA 563 -99.64 -62.39 45.07
N ASN MA 564 -99.31 -62.64 43.82
CA ASN MA 564 -99.39 -63.99 43.17
C ASN MA 564 -98.21 -64.94 43.46
N VAL MA 565 -98.38 -66.26 43.30
CA VAL MA 565 -97.27 -67.28 43.34
C VAL MA 565 -96.32 -67.11 42.13
N GLY MA 566 -95.02 -67.31 42.29
CA GLY MA 566 -93.98 -67.22 41.22
C GLY MA 566 -93.99 -68.20 40.06
N GLY MA 567 -94.28 -69.49 40.27
CA GLY MA 567 -94.19 -70.51 39.23
C GLY MA 567 -94.34 -71.90 39.81
N GLN MA 568 -94.07 -72.95 39.03
CA GLN MA 568 -94.15 -74.37 39.49
C GLN MA 568 -92.86 -75.15 39.13
N MET MA 569 -92.47 -76.16 39.94
CA MET MA 569 -91.30 -77.05 39.71
C MET MA 569 -91.68 -78.51 40.00
N ALA MA 570 -90.94 -79.50 39.48
CA ALA MA 570 -91.18 -80.95 39.71
C ALA MA 570 -90.92 -81.42 41.16
N THR MA 571 -91.80 -82.25 41.70
CA THR MA 571 -91.72 -82.73 43.09
C THR MA 571 -91.53 -84.24 43.19
N ASN MA 572 -91.35 -84.97 42.09
CA ASN MA 572 -91.36 -86.46 42.13
C ASN MA 572 -90.62 -87.04 40.93
N ASN MA 573 -90.45 -88.35 40.91
CA ASN MA 573 -89.93 -89.06 39.71
C ASN MA 573 -91.09 -89.89 39.14
N GLN MA 574 -91.41 -89.74 37.85
CA GLN MA 574 -92.47 -90.52 37.15
C GLN MA 574 -92.02 -91.98 36.95
N SER MA 575 -92.97 -92.91 36.90
CA SER MA 575 -92.69 -94.36 36.71
C SER MA 575 -93.96 -94.96 36.10
N SER MA 576 -93.92 -96.20 35.64
CA SER MA 576 -95.17 -96.82 35.16
C SER MA 576 -96.19 -96.85 36.31
N THR MA 577 -95.78 -97.17 37.53
CA THR MA 577 -96.64 -97.08 38.74
C THR MA 577 -97.04 -95.65 39.11
N THR MA 578 -96.17 -94.66 38.97
CA THR MA 578 -96.44 -93.29 39.47
C THR MA 578 -96.59 -92.20 38.41
N ALA MA 579 -97.69 -91.44 38.46
CA ALA MA 579 -97.90 -90.26 37.59
C ALA MA 579 -97.00 -89.09 37.97
N PRO MA 580 -96.58 -88.24 37.01
CA PRO MA 580 -95.79 -87.04 37.34
C PRO MA 580 -96.52 -85.94 38.16
N ALA MA 581 -95.83 -85.23 39.03
CA ALA MA 581 -96.41 -84.19 39.94
C ALA MA 581 -95.62 -82.88 39.96
N THR MA 582 -96.30 -81.76 40.19
CA THR MA 582 -95.64 -80.43 40.30
C THR MA 582 -96.04 -79.72 41.58
N GLY MA 583 -95.23 -78.77 42.02
CA GLY MA 583 -95.61 -77.93 43.17
C GLY MA 583 -95.34 -76.45 42.94
N THR MA 584 -96.22 -75.56 43.42
CA THR MA 584 -95.99 -74.08 43.36
C THR MA 584 -94.97 -73.59 44.38
N TYR MA 585 -94.25 -72.51 44.08
CA TYR MA 585 -93.29 -71.87 45.03
C TYR MA 585 -93.73 -70.40 45.37
N ASN MA 586 -93.52 -69.92 46.60
CA ASN MA 586 -93.91 -68.54 47.05
C ASN MA 586 -92.72 -67.58 47.06
N LEU MA 587 -91.50 -68.09 46.87
CA LEU MA 587 -90.28 -67.25 46.84
C LEU MA 587 -89.24 -67.77 45.85
N GLN MA 588 -88.49 -66.90 45.19
CA GLN MA 588 -87.33 -67.31 44.33
C GLN MA 588 -86.32 -66.17 44.38
N GLU MA 589 -85.05 -66.45 44.14
CA GLU MA 589 -83.97 -65.45 44.26
C GLU MA 589 -83.25 -65.40 42.93
N ILE MA 590 -82.14 -64.67 42.82
CA ILE MA 590 -81.41 -64.45 41.55
C ILE MA 590 -80.91 -65.74 40.88
N VAL MA 591 -81.06 -65.81 39.57
CA VAL MA 591 -80.63 -66.97 38.74
C VAL MA 591 -79.82 -66.34 37.59
N PRO MA 592 -78.87 -67.04 36.95
CA PRO MA 592 -78.18 -66.48 35.78
C PRO MA 592 -79.13 -66.21 34.60
N GLY MA 593 -78.94 -65.10 33.86
CA GLY MA 593 -79.88 -64.67 32.80
C GLY MA 593 -81.07 -63.87 33.29
N SER MA 594 -81.11 -63.50 34.57
CA SER MA 594 -82.16 -62.68 35.21
C SER MA 594 -82.14 -61.19 34.80
N VAL MA 595 -83.31 -60.63 34.49
CA VAL MA 595 -83.46 -59.17 34.11
C VAL MA 595 -84.60 -58.58 34.96
N TRP MA 596 -84.46 -57.33 35.39
CA TRP MA 596 -85.52 -56.62 36.17
C TRP MA 596 -85.38 -55.10 36.06
N MET MA 597 -86.42 -54.38 36.48
CA MET MA 597 -86.39 -52.90 36.58
C MET MA 597 -86.40 -52.47 38.06
N GLU MA 598 -85.54 -51.52 38.44
CA GLU MA 598 -85.51 -50.92 39.81
C GLU MA 598 -86.72 -50.01 40.08
N ARG MA 599 -87.04 -49.77 41.34
CA ARG MA 599 -88.15 -48.87 41.75
C ARG MA 599 -88.00 -47.42 41.25
N ASP MA 600 -89.11 -46.80 40.86
CA ASP MA 600 -89.16 -45.41 40.38
C ASP MA 600 -88.95 -44.34 41.46
N VAL MA 601 -88.32 -43.24 41.11
CA VAL MA 601 -88.20 -42.05 42.00
C VAL MA 601 -89.48 -41.18 41.98
N TYR MA 602 -89.73 -40.43 43.03
CA TYR MA 602 -90.92 -39.54 43.16
C TYR MA 602 -90.42 -38.16 43.55
N LEU MA 603 -91.17 -37.11 43.22
CA LEU MA 603 -90.81 -35.72 43.63
C LEU MA 603 -90.83 -35.61 45.18
N GLN MA 604 -91.78 -36.21 45.87
CA GLN MA 604 -91.88 -36.34 47.35
C GLN MA 604 -90.76 -37.23 47.95
N GLY MA 605 -90.19 -38.18 47.20
CA GLY MA 605 -89.15 -39.12 47.64
C GLY MA 605 -87.68 -38.74 47.77
N PRO MA 606 -86.86 -39.61 48.42
CA PRO MA 606 -85.40 -39.46 48.49
C PRO MA 606 -84.43 -39.69 47.31
N ILE MA 607 -83.42 -38.85 47.10
CA ILE MA 607 -82.33 -39.08 46.08
C ILE MA 607 -81.28 -40.20 46.36
N TRP MA 608 -80.73 -40.31 47.55
CA TRP MA 608 -79.58 -41.22 47.79
C TRP MA 608 -79.60 -41.99 49.11
N ALA MA 609 -78.81 -43.05 49.21
CA ALA MA 609 -78.60 -43.82 50.46
C ALA MA 609 -77.13 -44.20 50.53
N LYS MA 610 -76.58 -44.31 51.73
CA LYS MA 610 -75.19 -44.78 51.94
C LYS MA 610 -75.09 -46.31 51.93
N ILE MA 611 -74.18 -46.86 51.15
CA ILE MA 611 -73.91 -48.33 51.20
C ILE MA 611 -73.19 -48.65 52.54
N PRO MA 612 -73.63 -49.66 53.31
CA PRO MA 612 -72.96 -50.04 54.55
C PRO MA 612 -71.59 -50.69 54.41
N GLU MA 613 -70.64 -50.40 55.29
CA GLU MA 613 -69.26 -50.93 55.13
C GLU MA 613 -69.08 -52.29 55.85
N THR MA 614 -69.16 -53.40 55.11
CA THR MA 614 -69.03 -54.77 55.66
C THR MA 614 -67.90 -55.47 54.96
N GLY MA 615 -67.48 -54.97 53.82
CA GLY MA 615 -66.51 -55.62 52.93
C GLY MA 615 -67.15 -56.56 51.91
N ALA MA 616 -68.45 -56.86 51.98
CA ALA MA 616 -69.15 -57.69 50.96
C ALA MA 616 -70.56 -57.20 50.66
N HIS MA 617 -70.94 -57.07 49.41
CA HIS MA 617 -72.33 -56.67 49.02
C HIS MA 617 -72.67 -57.18 47.62
N PHE MA 618 -73.96 -57.26 47.30
CA PHE MA 618 -74.40 -57.59 45.92
C PHE MA 618 -75.33 -56.52 45.37
N HIS MA 619 -75.10 -56.00 44.16
CA HIS MA 619 -76.03 -55.08 43.42
C HIS MA 619 -76.57 -53.97 44.33
N PRO MA 620 -75.86 -52.83 44.45
CA PRO MA 620 -76.20 -51.85 45.48
C PRO MA 620 -77.16 -50.71 45.20
N SER MA 621 -78.40 -51.09 44.98
CA SER MA 621 -79.48 -50.12 44.70
C SER MA 621 -80.41 -50.13 45.91
N PRO MA 622 -80.69 -48.98 46.57
CA PRO MA 622 -81.54 -48.98 47.76
C PRO MA 622 -83.03 -49.31 47.53
N ALA MA 623 -83.68 -50.00 48.47
CA ALA MA 623 -85.08 -50.46 48.32
C ALA MA 623 -86.12 -49.32 48.19
N MET MA 624 -85.99 -48.23 48.93
CA MET MA 624 -86.89 -47.05 48.87
C MET MA 624 -86.79 -46.39 47.48
N GLY MA 625 -85.63 -46.42 46.85
CA GLY MA 625 -85.39 -45.82 45.52
C GLY MA 625 -84.14 -44.97 45.51
N GLY MA 626 -83.72 -44.48 44.36
CA GLY MA 626 -82.55 -43.59 44.26
C GLY MA 626 -81.19 -44.18 43.99
N PHE MA 627 -80.14 -43.46 44.35
CA PHE MA 627 -78.74 -43.80 44.04
C PHE MA 627 -77.99 -44.27 45.29
N GLY MA 628 -77.32 -45.43 45.19
CA GLY MA 628 -76.55 -45.98 46.30
C GLY MA 628 -75.12 -45.54 46.20
N LEU MA 629 -74.61 -44.90 47.23
CA LEU MA 629 -73.25 -44.30 47.16
C LEU MA 629 -72.29 -44.81 48.23
N LYS MA 630 -71.10 -45.23 47.84
CA LYS MA 630 -70.02 -45.57 48.81
C LYS MA 630 -69.58 -44.32 49.58
N HIS MA 631 -69.44 -43.19 48.91
CA HIS MA 631 -69.04 -41.90 49.56
C HIS MA 631 -70.13 -40.87 49.31
N PRO MA 632 -71.14 -40.82 50.18
CA PRO MA 632 -72.28 -39.90 50.06
C PRO MA 632 -72.02 -38.42 50.40
N PRO MA 633 -72.88 -37.48 49.99
CA PRO MA 633 -72.64 -36.10 50.39
C PRO MA 633 -72.62 -36.07 51.93
N PRO MA 634 -71.62 -35.40 52.55
CA PRO MA 634 -71.42 -35.48 54.01
C PRO MA 634 -72.36 -34.81 55.01
N MET MA 635 -72.44 -35.36 56.22
CA MET MA 635 -73.23 -34.77 57.33
C MET MA 635 -72.76 -33.35 57.71
N MET MA 636 -73.69 -32.41 57.81
CA MET MA 636 -73.39 -31.00 58.16
C MET MA 636 -74.03 -30.71 59.53
N LEU MA 637 -73.23 -30.33 60.51
CA LEU MA 637 -73.68 -30.19 61.91
C LEU MA 637 -73.50 -28.75 62.42
N ILE MA 638 -74.52 -28.23 63.09
CA ILE MA 638 -74.50 -26.84 63.64
C ILE MA 638 -74.95 -26.84 65.11
N LYS MA 639 -74.27 -26.06 65.94
CA LYS MA 639 -74.70 -25.90 67.35
C LYS MA 639 -74.60 -24.43 67.82
N ASN MA 640 -75.37 -24.08 68.83
CA ASN MA 640 -75.21 -22.76 69.50
C ASN MA 640 -74.14 -22.90 70.60
N THR MA 641 -73.15 -22.02 70.64
CA THR MA 641 -72.12 -22.04 71.69
C THR MA 641 -72.72 -21.74 73.07
N PRO MA 642 -72.38 -22.53 74.12
CA PRO MA 642 -72.81 -22.22 75.48
C PRO MA 642 -72.35 -20.85 75.97
N VAL MA 643 -73.31 -20.07 76.45
CA VAL MA 643 -72.94 -18.76 77.07
C VAL MA 643 -73.37 -18.84 78.54
N PRO MA 644 -72.42 -18.73 79.48
CA PRO MA 644 -72.73 -18.81 80.91
C PRO MA 644 -73.52 -17.72 81.66
N GLY MA 645 -74.30 -18.09 82.66
CA GLY MA 645 -75.01 -17.17 83.59
C GLY MA 645 -74.05 -16.68 84.67
N ASN MA 646 -74.45 -15.75 85.53
CA ASN MA 646 -73.48 -15.13 86.48
C ASN MA 646 -72.92 -16.15 87.49
N ILE MA 647 -71.60 -16.25 87.58
CA ILE MA 647 -70.94 -17.19 88.54
C ILE MA 647 -70.04 -16.33 89.44
N THR MA 648 -70.19 -16.43 90.75
CA THR MA 648 -69.44 -15.55 91.69
C THR MA 648 -68.40 -16.30 92.48
N SER MA 649 -68.41 -17.63 92.45
CA SER MA 649 -67.48 -18.45 93.28
C SER MA 649 -66.85 -19.57 92.45
N PHE MA 650 -65.65 -20.04 92.80
CA PHE MA 650 -64.97 -21.18 92.15
C PHE MA 650 -65.51 -22.57 92.54
N SER MA 651 -65.69 -23.46 91.56
CA SER MA 651 -65.97 -24.88 91.87
C SER MA 651 -65.25 -25.75 90.84
N ASP MA 652 -64.76 -26.92 91.26
CA ASP MA 652 -64.25 -27.98 90.33
C ASP MA 652 -65.45 -28.50 89.51
N VAL MA 653 -66.64 -28.59 90.12
CA VAL MA 653 -67.86 -29.10 89.44
C VAL MA 653 -68.24 -28.21 88.26
N PRO MA 654 -68.55 -28.76 87.06
CA PRO MA 654 -68.90 -27.99 85.87
C PRO MA 654 -70.15 -27.12 85.93
N VAL MA 655 -70.11 -25.97 85.27
CA VAL MA 655 -71.27 -25.03 85.28
C VAL MA 655 -72.49 -25.64 84.58
N SER MA 656 -73.65 -25.51 85.24
CA SER MA 656 -74.94 -26.00 84.72
C SER MA 656 -75.90 -24.82 84.45
N SER MA 657 -75.46 -23.58 84.65
CA SER MA 657 -76.34 -22.39 84.50
C SER MA 657 -75.90 -21.56 83.29
N PHE MA 658 -76.80 -21.38 82.33
CA PHE MA 658 -76.46 -20.71 81.04
C PHE MA 658 -77.54 -19.75 80.65
N ILE MA 659 -77.21 -18.70 79.93
CA ILE MA 659 -78.28 -17.82 79.35
C ILE MA 659 -79.06 -18.55 78.22
N THR MA 660 -80.39 -18.42 78.12
CA THR MA 660 -81.23 -19.07 77.06
C THR MA 660 -81.14 -18.35 75.72
N GLN MA 661 -80.83 -19.09 74.64
CA GLN MA 661 -80.55 -18.50 73.30
C GLN MA 661 -81.03 -19.36 72.12
N TYR MA 662 -81.27 -18.76 70.96
CA TYR MA 662 -81.65 -19.49 69.72
C TYR MA 662 -80.98 -18.80 68.54
N SER MA 663 -80.83 -19.50 67.41
CA SER MA 663 -80.23 -18.90 66.19
C SER MA 663 -81.12 -19.00 64.95
N THR MA 664 -80.94 -18.08 64.01
CA THR MA 664 -81.70 -18.07 62.74
C THR MA 664 -80.79 -17.65 61.58
N GLY MA 665 -81.08 -18.06 60.35
CA GLY MA 665 -80.30 -17.67 59.17
C GLY MA 665 -80.84 -18.15 57.84
N GLN MA 666 -80.05 -18.02 56.79
CA GLN MA 666 -80.38 -18.50 55.41
C GLN MA 666 -79.39 -19.58 54.89
N VAL MA 667 -79.90 -20.58 54.19
CA VAL MA 667 -79.06 -21.65 53.56
C VAL MA 667 -79.32 -21.73 52.04
N THR MA 668 -78.28 -21.82 51.23
CA THR MA 668 -78.41 -22.02 49.78
C THR MA 668 -77.79 -23.35 49.33
N VAL MA 669 -78.50 -24.16 48.54
CA VAL MA 669 -77.94 -25.42 47.93
C VAL MA 669 -77.97 -25.34 46.39
N GLU MA 670 -76.85 -25.60 45.73
CA GLU MA 670 -76.76 -25.61 44.24
C GLU MA 670 -76.37 -27.04 43.79
N MET MA 671 -77.14 -27.60 42.86
CA MET MA 671 -76.90 -28.97 42.35
C MET MA 671 -76.84 -29.03 40.82
N GLU MA 672 -75.92 -29.82 40.30
CA GLU MA 672 -75.79 -30.05 38.83
C GLU MA 672 -76.26 -31.47 38.47
N TRP MA 673 -77.03 -31.58 37.40
CA TRP MA 673 -77.58 -32.89 36.96
C TRP MA 673 -77.22 -33.17 35.50
N GLU MA 674 -76.89 -34.42 35.19
CA GLU MA 674 -76.63 -34.86 33.79
C GLU MA 674 -77.88 -35.56 33.23
N LEU MA 675 -78.27 -35.22 32.01
CA LEU MA 675 -79.50 -35.73 31.36
C LEU MA 675 -79.21 -36.69 30.19
N LYS MA 676 -80.01 -37.74 30.04
CA LYS MA 676 -79.91 -38.61 28.84
C LYS MA 676 -81.12 -38.34 27.92
N LYS MA 677 -80.87 -37.94 26.69
CA LYS MA 677 -81.93 -37.66 25.67
C LYS MA 677 -82.67 -38.86 25.08
N GLU MA 678 -83.97 -38.71 24.82
CA GLU MA 678 -84.77 -39.72 24.11
C GLU MA 678 -84.36 -39.80 22.62
N ASN MA 679 -84.29 -40.99 22.03
CA ASN MA 679 -83.96 -41.22 20.59
C ASN MA 679 -85.02 -42.13 19.94
N SER MA 680 -86.31 -41.96 20.26
CA SER MA 680 -87.42 -42.84 19.80
C SER MA 680 -87.78 -42.79 18.30
N LYS MA 681 -88.14 -43.93 17.70
CA LYS MA 681 -88.66 -43.99 16.32
C LYS MA 681 -90.17 -44.32 16.31
N ARG MA 682 -90.87 -44.29 17.45
CA ARG MA 682 -92.35 -44.51 17.57
C ARG MA 682 -93.21 -43.44 16.83
N TRP MA 683 -93.98 -43.83 15.82
CA TRP MA 683 -94.86 -42.95 15.01
C TRP MA 683 -96.04 -42.29 15.74
N ASN MA 684 -96.73 -43.08 16.55
CA ASN MA 684 -97.92 -42.64 17.31
C ASN MA 684 -97.55 -41.80 18.55
N PRO MA 685 -98.48 -40.92 19.01
CA PRO MA 685 -98.26 -40.16 20.24
C PRO MA 685 -98.17 -40.90 21.60
N GLU MA 686 -97.26 -40.49 22.46
CA GLU MA 686 -97.03 -41.02 23.82
C GLU MA 686 -97.89 -40.50 24.99
N ILE MA 687 -97.91 -41.22 26.11
CA ILE MA 687 -98.51 -40.76 27.40
C ILE MA 687 -97.62 -39.67 28.06
N GLN MA 688 -98.24 -38.64 28.64
CA GLN MA 688 -97.54 -37.49 29.31
C GLN MA 688 -98.23 -37.09 30.61
N TYR MA 689 -97.50 -36.60 31.60
CA TYR MA 689 -98.11 -36.01 32.82
C TYR MA 689 -98.75 -34.65 32.45
N THR MA 690 -99.99 -34.44 32.87
CA THR MA 690 -100.71 -33.20 32.52
C THR MA 690 -101.45 -32.70 33.74
N ASN MA 691 -101.74 -31.40 33.77
CA ASN MA 691 -102.61 -30.84 34.82
C ASN MA 691 -104.02 -31.05 34.30
N ASN MA 692 -104.77 -31.97 34.86
CA ASN MA 692 -106.10 -32.37 34.35
C ASN MA 692 -107.03 -32.61 35.54
N TYR MA 693 -108.06 -31.80 35.67
CA TYR MA 693 -108.96 -31.86 36.85
C TYR MA 693 -110.36 -31.58 36.33
N ASN MA 694 -111.39 -32.19 36.90
CA ASN MA 694 -112.78 -31.86 36.47
C ASN MA 694 -113.45 -30.93 37.51
N ASP MA 695 -113.94 -29.76 37.10
CA ASP MA 695 -114.61 -28.74 37.97
C ASP MA 695 -113.76 -28.35 39.20
N PRO MA 696 -112.47 -27.97 39.06
CA PRO MA 696 -111.63 -27.70 40.25
C PRO MA 696 -112.04 -26.56 41.20
N GLN MA 697 -111.98 -26.82 42.51
CA GLN MA 697 -112.32 -25.79 43.53
C GLN MA 697 -111.08 -25.08 44.06
N PHE MA 698 -109.90 -25.53 43.66
CA PHE MA 698 -108.61 -24.96 44.15
C PHE MA 698 -107.61 -25.27 43.08
N VAL MA 699 -106.48 -24.59 43.09
CA VAL MA 699 -105.38 -24.97 42.19
C VAL MA 699 -104.44 -25.87 43.00
N ASP MA 700 -104.15 -27.06 42.52
CA ASP MA 700 -103.13 -27.98 43.11
C ASP MA 700 -101.72 -27.41 42.96
N PHE MA 701 -100.80 -27.70 43.89
CA PHE MA 701 -99.39 -27.17 43.95
C PHE MA 701 -99.37 -25.65 44.09
N ALA MA 702 -100.29 -25.12 44.88
CA ALA MA 702 -100.41 -23.67 45.13
C ALA MA 702 -100.87 -23.45 46.57
N PRO MA 703 -100.66 -22.26 47.17
CA PRO MA 703 -101.23 -21.93 48.48
C PRO MA 703 -102.77 -21.76 48.52
N ASP MA 704 -103.40 -22.04 49.65
CA ASP MA 704 -104.86 -21.82 49.80
C ASP MA 704 -105.20 -20.47 50.46
N SER MA 705 -106.46 -20.25 50.81
CA SER MA 705 -106.92 -18.97 51.42
C SER MA 705 -106.21 -18.73 52.77
N THR MA 706 -105.98 -19.75 53.58
CA THR MA 706 -105.17 -19.67 54.84
C THR MA 706 -103.67 -19.55 54.59
N GLY MA 707 -103.16 -19.80 53.39
CA GLY MA 707 -101.70 -19.84 53.12
C GLY MA 707 -101.00 -21.18 53.18
N GLU MA 708 -101.73 -22.28 53.34
CA GLU MA 708 -101.15 -23.65 53.39
C GLU MA 708 -101.01 -24.27 51.99
N TYR MA 709 -99.84 -24.81 51.66
CA TYR MA 709 -99.54 -25.46 50.36
C TYR MA 709 -100.32 -26.77 50.17
N ARG MA 710 -100.82 -26.99 48.95
CA ARG MA 710 -101.59 -28.22 48.65
C ARG MA 710 -100.85 -29.06 47.62
N SER MA 711 -100.66 -30.36 47.91
CA SER MA 711 -99.99 -31.33 47.00
C SER MA 711 -100.79 -32.64 46.95
N THR MA 712 -101.91 -32.71 46.27
CA THR MA 712 -102.84 -33.88 46.16
C THR MA 712 -102.25 -35.13 45.50
N ARG MA 713 -101.38 -35.02 44.49
CA ARG MA 713 -100.94 -36.21 43.70
C ARG MA 713 -99.44 -36.59 43.81
N PRO MA 714 -99.08 -37.88 43.94
CA PRO MA 714 -97.69 -38.32 43.84
C PRO MA 714 -97.14 -38.34 42.39
N ILE MA 715 -95.92 -37.88 42.11
CA ILE MA 715 -95.48 -37.92 40.68
C ILE MA 715 -94.23 -38.77 40.44
N GLY MA 716 -94.33 -39.77 39.57
CA GLY MA 716 -93.25 -40.66 39.13
C GLY MA 716 -92.53 -40.14 37.91
N THR MA 717 -91.49 -40.82 37.47
CA THR MA 717 -90.73 -40.43 36.27
C THR MA 717 -91.03 -41.19 34.97
N ARG MA 718 -91.83 -42.26 34.93
CA ARG MA 718 -91.92 -43.07 33.67
C ARG MA 718 -93.19 -42.82 32.82
N TYR MA 719 -93.06 -42.02 31.75
CA TYR MA 719 -94.19 -41.70 30.83
C TYR MA 719 -93.79 -42.09 29.43
N LEU MA 720 -92.50 -42.01 29.12
CA LEU MA 720 -91.94 -42.42 27.81
C LEU MA 720 -91.83 -43.95 27.71
N THR MA 721 -91.81 -44.45 26.50
CA THR MA 721 -91.81 -45.89 26.23
C THR MA 721 -90.63 -46.26 25.35
N ARG MA 722 -90.05 -47.42 25.58
CA ARG MA 722 -88.95 -47.93 24.72
C ARG MA 722 -89.16 -49.41 24.39
N PRO MA 723 -88.74 -49.90 23.20
CA PRO MA 723 -88.73 -51.34 22.91
C PRO MA 723 -87.65 -52.11 23.69
N LEU MA 724 -87.88 -53.39 24.00
CA LEU MA 724 -86.93 -54.20 24.80
C LEU MA 724 -85.61 -54.44 24.04
N ASP NA 209 -73.65 -49.69 -12.06
CA ASP NA 209 -73.05 -49.43 -13.39
C ASP NA 209 -74.00 -49.81 -14.53
N GLY NA 210 -74.24 -51.10 -14.80
CA GLY NA 210 -75.01 -51.45 -16.02
C GLY NA 210 -75.79 -52.73 -16.03
N VAL NA 211 -76.68 -52.88 -17.02
CA VAL NA 211 -77.48 -54.12 -17.24
C VAL NA 211 -76.58 -55.34 -17.55
N GLY NA 212 -75.50 -55.17 -18.30
CA GLY NA 212 -74.61 -56.27 -18.73
C GLY NA 212 -73.43 -56.52 -17.84
N ASN NA 213 -73.30 -55.80 -16.73
CA ASN NA 213 -72.09 -55.91 -15.88
C ASN NA 213 -72.44 -56.50 -14.51
N ALA NA 214 -71.69 -57.50 -14.06
CA ALA NA 214 -71.90 -58.11 -12.72
C ALA NA 214 -71.40 -57.24 -11.55
N SER NA 215 -72.23 -57.03 -10.53
CA SER NA 215 -71.97 -56.27 -9.28
C SER NA 215 -70.94 -56.93 -8.32
N GLY NA 216 -70.90 -58.24 -8.22
CA GLY NA 216 -69.97 -58.98 -7.34
C GLY NA 216 -69.66 -60.41 -7.74
N ASP NA 217 -68.78 -61.07 -7.00
CA ASP NA 217 -68.32 -62.48 -7.26
C ASP NA 217 -68.59 -63.43 -6.09
N TRP NA 218 -68.65 -64.73 -6.36
CA TRP NA 218 -68.89 -65.78 -5.34
C TRP NA 218 -67.65 -66.06 -4.47
N HIS NA 219 -67.79 -65.93 -3.16
CA HIS NA 219 -66.70 -66.31 -2.22
C HIS NA 219 -67.20 -67.28 -1.16
N CYS NA 220 -66.77 -68.54 -1.15
CA CYS NA 220 -67.11 -69.48 -0.06
C CYS NA 220 -65.79 -70.12 0.39
N ASP NA 221 -65.27 -69.76 1.57
CA ASP NA 221 -63.93 -70.26 1.98
C ASP NA 221 -63.62 -70.18 3.48
N SER NA 222 -62.64 -70.93 3.98
CA SER NA 222 -62.11 -70.79 5.35
C SER NA 222 -60.58 -70.58 5.27
N THR NA 223 -60.03 -69.62 6.00
CA THR NA 223 -58.56 -69.44 6.07
C THR NA 223 -58.13 -69.51 7.53
N TRP NA 224 -57.15 -70.35 7.86
CA TRP NA 224 -56.63 -70.52 9.24
C TRP NA 224 -55.24 -69.90 9.33
N MET NA 225 -55.06 -68.94 10.22
CA MET NA 225 -53.78 -68.22 10.38
C MET NA 225 -53.34 -68.10 11.85
N GLY NA 226 -52.78 -69.13 12.49
CA GLY NA 226 -52.46 -69.07 13.93
C GLY NA 226 -53.66 -68.91 14.83
N ASP NA 227 -53.71 -67.84 15.62
CA ASP NA 227 -54.83 -67.55 16.57
C ASP NA 227 -56.13 -67.11 15.88
N ARG NA 228 -56.12 -66.81 14.58
CA ARG NA 228 -57.32 -66.28 13.86
C ARG NA 228 -57.84 -67.22 12.75
N VAL NA 229 -59.16 -67.37 12.63
CA VAL NA 229 -59.78 -68.10 11.50
C VAL NA 229 -60.77 -67.12 10.83
N VAL NA 230 -60.78 -67.02 9.48
CA VAL NA 230 -61.75 -66.18 8.71
C VAL NA 230 -62.71 -67.09 7.93
N THR NA 231 -64.01 -66.86 8.05
CA THR NA 231 -65.02 -67.65 7.30
C THR NA 231 -65.74 -66.78 6.26
N LYS NA 232 -65.88 -67.25 5.02
CA LYS NA 232 -66.64 -66.56 3.95
C LYS NA 232 -67.79 -67.46 3.48
N SER NA 233 -69.00 -66.93 3.37
CA SER NA 233 -70.21 -67.69 2.94
C SER NA 233 -71.01 -66.91 1.89
N THR NA 234 -71.37 -67.54 0.78
CA THR NA 234 -72.20 -66.91 -0.29
C THR NA 234 -73.46 -67.74 -0.53
N ARG NA 235 -74.62 -67.09 -0.61
CA ARG NA 235 -75.92 -67.77 -0.89
C ARG NA 235 -76.79 -67.01 -1.92
N THR NA 236 -77.73 -67.70 -2.55
CA THR NA 236 -78.72 -67.09 -3.47
C THR NA 236 -80.07 -67.02 -2.76
N TRP NA 237 -80.72 -65.86 -2.77
CA TRP NA 237 -82.01 -65.59 -2.07
C TRP NA 237 -83.14 -65.14 -3.00
N VAL NA 238 -84.39 -65.36 -2.59
CA VAL NA 238 -85.61 -64.89 -3.30
C VAL NA 238 -86.44 -64.00 -2.35
N LEU NA 239 -86.96 -62.87 -2.82
CA LEU NA 239 -87.86 -62.00 -2.00
C LEU NA 239 -89.28 -61.89 -2.57
N PRO NA 240 -90.30 -62.33 -1.82
CA PRO NA 240 -91.70 -62.09 -2.18
C PRO NA 240 -92.21 -60.68 -1.90
N SER NA 241 -93.26 -60.23 -2.58
CA SER NA 241 -93.87 -58.94 -2.19
C SER NA 241 -94.92 -59.21 -1.11
N TYR NA 242 -94.56 -59.12 0.17
CA TYR NA 242 -95.45 -59.49 1.31
C TYR NA 242 -96.52 -58.47 1.64
N ASN NA 243 -97.77 -58.91 1.86
CA ASN NA 243 -98.89 -58.04 2.34
C ASN NA 243 -99.45 -57.19 1.21
N ASN NA 244 -99.01 -57.39 -0.04
CA ASN NA 244 -99.41 -56.57 -1.22
C ASN NA 244 -99.12 -55.08 -0.96
N HIS NA 245 -97.95 -54.74 -0.41
CA HIS NA 245 -97.50 -53.34 -0.16
C HIS NA 245 -98.23 -52.65 1.00
N GLN NA 246 -98.74 -53.40 1.96
CA GLN NA 246 -99.54 -52.82 3.08
C GLN NA 246 -99.06 -53.28 4.47
N TYR NA 247 -99.35 -52.52 5.52
CA TYR NA 247 -99.04 -52.85 6.93
C TYR NA 247 -100.32 -53.33 7.53
N ARG NA 248 -100.31 -54.47 8.22
CA ARG NA 248 -101.55 -55.05 8.78
C ARG NA 248 -101.50 -55.24 10.31
N GLU NA 249 -102.56 -54.82 11.01
CA GLU NA 249 -102.65 -55.10 12.46
C GLU NA 249 -102.95 -56.60 12.67
N ILE NA 250 -102.20 -57.24 13.56
CA ILE NA 250 -102.30 -58.70 13.82
C ILE NA 250 -102.57 -58.93 15.31
N LYS NA 251 -103.35 -59.93 15.66
CA LYS NA 251 -103.72 -60.12 17.09
C LYS NA 251 -104.15 -61.56 17.37
N SER NA 252 -104.03 -61.99 18.61
CA SER NA 252 -104.56 -63.32 18.99
C SER NA 252 -105.26 -63.32 20.36
N GLY NA 253 -106.32 -64.10 20.53
CA GLY NA 253 -106.93 -64.43 21.84
C GLY NA 253 -106.31 -65.72 22.39
N SER NA 254 -106.86 -66.29 23.45
CA SER NA 254 -106.38 -67.58 24.05
C SER NA 254 -106.52 -68.76 23.07
N VAL NA 255 -105.49 -69.62 22.97
CA VAL NA 255 -105.49 -70.77 22.02
C VAL NA 255 -104.87 -71.98 22.72
N ASP NA 256 -105.35 -73.19 22.43
CA ASP NA 256 -104.84 -74.47 23.03
C ASP NA 256 -105.03 -74.43 24.54
N GLY NA 257 -106.05 -73.73 25.01
CA GLY NA 257 -106.30 -73.59 26.45
C GLY NA 257 -105.48 -72.54 27.17
N SER NA 258 -104.66 -71.72 26.49
CA SER NA 258 -103.80 -70.77 27.26
C SER NA 258 -103.93 -69.29 26.90
N ASN NA 259 -104.12 -68.41 27.89
CA ASN NA 259 -104.10 -66.91 27.73
C ASN NA 259 -102.68 -66.37 27.49
N ALA NA 260 -101.62 -67.12 27.80
CA ALA NA 260 -100.19 -66.76 27.55
C ALA NA 260 -99.97 -66.66 26.04
N ASN NA 261 -100.78 -67.37 25.26
CA ASN NA 261 -100.86 -67.32 23.77
C ASN NA 261 -101.33 -65.96 23.22
N ALA NA 262 -102.22 -65.21 23.88
CA ALA NA 262 -102.75 -63.89 23.42
C ALA NA 262 -101.69 -62.81 23.20
N TYR NA 263 -101.82 -62.02 22.12
CA TYR NA 263 -100.87 -60.93 21.74
C TYR NA 263 -101.57 -59.87 20.87
N PHE NA 264 -100.98 -58.67 20.79
CA PHE NA 264 -101.41 -57.58 19.87
C PHE NA 264 -100.12 -57.17 19.09
N GLY NA 265 -100.19 -57.00 17.77
CA GLY NA 265 -99.01 -56.72 16.94
C GLY NA 265 -99.23 -56.16 15.53
N TYR NA 266 -98.13 -55.90 14.83
CA TYR NA 266 -98.16 -55.45 13.41
C TYR NA 266 -97.38 -56.38 12.46
N SER NA 267 -97.90 -56.64 11.26
CA SER NA 267 -97.17 -57.38 10.18
C SER NA 267 -96.73 -56.34 9.13
N THR NA 268 -95.58 -56.53 8.52
CA THR NA 268 -94.99 -55.50 7.62
C THR NA 268 -94.72 -56.02 6.22
N PRO NA 269 -94.62 -55.12 5.22
CA PRO NA 269 -94.24 -55.46 3.84
C PRO NA 269 -92.80 -55.95 3.63
N TRP NA 270 -91.86 -55.62 4.51
CA TRP NA 270 -90.42 -55.95 4.48
C TRP NA 270 -90.01 -57.39 4.85
N GLY NA 271 -88.81 -57.77 4.41
CA GLY NA 271 -88.16 -59.04 4.73
C GLY NA 271 -86.79 -58.77 5.30
N TYR NA 272 -86.21 -59.72 6.01
CA TYR NA 272 -84.91 -59.51 6.70
C TYR NA 272 -83.93 -60.67 6.46
N PHE NA 273 -82.64 -60.41 6.61
CA PHE NA 273 -81.56 -61.44 6.51
C PHE NA 273 -81.09 -61.86 7.93
N ASP NA 274 -81.09 -63.17 8.24
CA ASP NA 274 -80.64 -63.75 9.53
C ASP NA 274 -79.43 -64.68 9.34
N PHE NA 275 -78.34 -64.42 10.05
CA PHE NA 275 -77.14 -65.30 10.02
C PHE NA 275 -76.80 -65.93 11.40
N ASN NA 276 -77.71 -65.92 12.40
CA ASN NA 276 -77.34 -66.41 13.76
C ASN NA 276 -77.47 -67.94 13.87
N ARG NA 277 -76.76 -68.72 13.06
CA ARG NA 277 -76.65 -70.19 13.16
C ARG NA 277 -75.18 -70.50 12.77
N PHE NA 278 -74.51 -71.43 13.45
CA PHE NA 278 -73.10 -71.83 13.16
C PHE NA 278 -72.92 -72.49 11.76
N HIS NA 279 -73.85 -73.33 11.30
CA HIS NA 279 -73.82 -74.07 10.00
C HIS NA 279 -73.84 -73.06 8.84
N SER NA 280 -74.35 -71.85 9.03
CA SER NA 280 -74.32 -70.73 8.06
C SER NA 280 -72.87 -70.33 7.72
N HIS NA 281 -71.96 -70.34 8.68
CA HIS NA 281 -70.52 -69.99 8.50
C HIS NA 281 -69.55 -71.18 8.50
N TRP NA 282 -69.93 -72.36 8.98
CA TRP NA 282 -68.95 -73.45 9.21
C TRP NA 282 -69.27 -74.74 8.47
N SER NA 283 -68.29 -75.27 7.75
CA SER NA 283 -68.41 -76.62 7.14
C SER NA 283 -68.33 -77.67 8.25
N PRO NA 284 -68.88 -78.88 8.06
CA PRO NA 284 -68.74 -79.93 9.06
C PRO NA 284 -67.29 -80.35 9.31
N ARG NA 285 -66.43 -80.44 8.29
CA ARG NA 285 -64.98 -80.70 8.49
C ARG NA 285 -64.25 -79.58 9.27
N ASP NA 286 -64.53 -78.32 8.98
CA ASP NA 286 -63.94 -77.14 9.69
C ASP NA 286 -64.35 -77.10 11.17
N TRP NA 287 -65.59 -77.44 11.47
CA TRP NA 287 -66.09 -77.55 12.86
C TRP NA 287 -65.36 -78.65 13.65
N GLN NA 288 -65.07 -79.79 13.03
CA GLN NA 288 -64.29 -80.90 13.63
C GLN NA 288 -62.85 -80.47 13.94
N ARG NA 289 -62.24 -79.70 13.06
CA ARG NA 289 -60.88 -79.18 13.30
C ARG NA 289 -60.84 -78.26 14.52
N LEU NA 290 -61.80 -77.37 14.71
CA LEU NA 290 -61.88 -76.53 15.93
C LEU NA 290 -62.17 -77.25 17.27
N ILE NA 291 -63.11 -78.18 17.31
CA ILE NA 291 -63.53 -78.91 18.55
C ILE NA 291 -62.41 -79.82 19.07
N ASN NA 292 -61.70 -80.47 18.16
CA ASN NA 292 -60.52 -81.34 18.45
C ASN NA 292 -59.29 -80.60 19.01
N ASN NA 293 -58.98 -79.39 18.57
CA ASN NA 293 -57.68 -78.72 18.90
C ASN NA 293 -57.64 -77.44 19.73
N TYR NA 294 -58.76 -76.86 20.17
CA TYR NA 294 -58.74 -75.54 20.84
C TYR NA 294 -59.53 -75.50 22.15
N TRP NA 295 -59.01 -74.81 23.16
CA TRP NA 295 -59.73 -74.54 24.45
C TRP NA 295 -60.96 -73.59 24.30
N GLY NA 296 -60.87 -72.56 23.47
CA GLY NA 296 -61.94 -71.57 23.34
C GLY NA 296 -61.98 -70.81 22.05
N PHE NA 297 -63.11 -70.17 21.75
CA PHE NA 297 -63.26 -69.32 20.55
C PHE NA 297 -64.18 -68.10 20.85
N ARG NA 298 -64.02 -66.97 20.16
CA ARG NA 298 -64.93 -65.79 20.26
C ARG NA 298 -65.09 -65.03 18.91
N PRO NA 299 -66.24 -64.41 18.58
CA PRO NA 299 -66.37 -63.52 17.39
C PRO NA 299 -65.69 -62.13 17.46
N ARG NA 300 -65.13 -61.63 16.36
CA ARG NA 300 -64.41 -60.32 16.35
C ARG NA 300 -65.01 -59.33 15.35
N SER NA 301 -65.19 -59.73 14.09
CA SER NA 301 -65.65 -58.78 13.03
C SER NA 301 -66.67 -59.40 12.06
N LEU NA 302 -67.55 -58.57 11.51
CA LEU NA 302 -68.53 -59.01 10.48
C LEU NA 302 -68.55 -58.07 9.24
N ARG NA 303 -68.57 -58.61 8.02
CA ARG NA 303 -68.76 -57.82 6.76
C ARG NA 303 -69.90 -58.42 5.93
N VAL NA 304 -70.84 -57.59 5.44
CA VAL NA 304 -71.99 -58.06 4.58
C VAL NA 304 -72.06 -57.34 3.21
N LYS NA 305 -72.23 -58.08 2.11
CA LYS NA 305 -72.46 -57.51 0.75
C LYS NA 305 -73.74 -58.07 0.09
N ILE NA 306 -74.59 -57.22 -0.50
CA ILE NA 306 -75.80 -57.65 -1.29
C ILE NA 306 -75.60 -57.19 -2.74
N PHE NA 307 -75.75 -58.08 -3.74
CA PHE NA 307 -75.34 -57.82 -5.16
C PHE NA 307 -76.08 -58.68 -6.20
N ASN NA 308 -75.91 -58.40 -7.50
CA ASN NA 308 -76.51 -59.13 -8.68
C ASN NA 308 -78.03 -59.16 -8.62
N ILE NA 309 -78.63 -58.02 -8.28
CA ILE NA 309 -80.09 -57.88 -8.13
C ILE NA 309 -80.87 -58.07 -9.44
N GLN NA 310 -81.98 -58.80 -9.40
CA GLN NA 310 -82.84 -59.05 -10.58
C GLN NA 310 -84.32 -58.92 -10.17
N VAL NA 311 -85.04 -58.00 -10.79
CA VAL NA 311 -86.48 -57.75 -10.49
C VAL NA 311 -87.31 -58.34 -11.63
N LYS NA 312 -88.32 -59.13 -11.30
CA LYS NA 312 -89.19 -59.84 -12.28
C LYS NA 312 -90.66 -59.45 -12.14
N GLU NA 313 -91.37 -59.31 -13.25
CA GLU NA 313 -92.82 -59.01 -13.22
C GLU NA 313 -93.60 -60.25 -13.67
N VAL NA 314 -94.65 -60.59 -12.94
CA VAL NA 314 -95.46 -61.80 -13.23
C VAL NA 314 -96.82 -61.33 -13.74
N THR NA 315 -97.26 -61.86 -14.87
CA THR NA 315 -98.55 -61.46 -15.48
C THR NA 315 -99.36 -62.68 -15.78
N VAL NA 316 -100.67 -62.63 -15.50
CA VAL NA 316 -101.54 -63.78 -15.91
C VAL NA 316 -102.61 -63.34 -16.91
N GLN NA 317 -102.68 -63.97 -18.08
CA GLN NA 317 -103.83 -63.72 -19.01
C GLN NA 317 -104.45 -65.10 -19.29
N ASP NA 318 -105.70 -65.30 -18.90
CA ASP NA 318 -106.40 -66.58 -19.23
C ASP NA 318 -105.58 -67.78 -18.74
N SER NA 319 -104.93 -67.69 -17.57
CA SER NA 319 -104.19 -68.84 -16.95
C SER NA 319 -102.79 -69.12 -17.54
N THR NA 320 -102.26 -68.30 -18.46
CA THR NA 320 -100.87 -68.47 -18.98
C THR NA 320 -99.75 -68.28 -17.95
N THR NA 321 -99.81 -67.32 -17.03
CA THR NA 321 -98.71 -67.00 -16.06
C THR NA 321 -97.31 -66.71 -16.65
N THR NA 322 -97.14 -65.82 -17.63
CA THR NA 322 -95.79 -65.39 -18.11
C THR NA 322 -94.97 -64.60 -17.08
N ILE NA 323 -93.64 -64.81 -17.06
CA ILE NA 323 -92.69 -64.09 -16.16
C ILE NA 323 -91.64 -63.31 -16.99
N ALA NA 324 -91.38 -62.04 -16.69
CA ALA NA 324 -90.43 -61.20 -17.45
C ALA NA 324 -89.56 -60.30 -16.58
N ASN NA 325 -88.39 -59.92 -17.06
CA ASN NA 325 -87.52 -58.94 -16.36
C ASN NA 325 -88.03 -57.50 -16.41
N ASN NA 326 -87.97 -56.76 -15.32
CA ASN NA 326 -88.24 -55.30 -15.36
C ASN NA 326 -86.92 -54.60 -15.00
N LEU NA 327 -86.26 -53.96 -15.96
CA LEU NA 327 -84.96 -53.24 -15.80
C LEU NA 327 -85.01 -51.99 -14.91
N THR NA 328 -86.09 -51.23 -14.98
CA THR NA 328 -86.20 -49.93 -14.27
C THR NA 328 -86.75 -50.05 -12.83
N SER NA 329 -87.18 -51.23 -12.38
CA SER NA 329 -87.67 -51.47 -10.98
C SER NA 329 -86.56 -51.44 -9.90
N THR NA 330 -86.92 -51.08 -8.65
CA THR NA 330 -85.93 -50.90 -7.55
C THR NA 330 -86.18 -51.79 -6.34
N VAL NA 331 -85.15 -52.03 -5.56
CA VAL NA 331 -85.21 -52.74 -4.26
C VAL NA 331 -84.72 -51.71 -3.20
N GLN NA 332 -85.27 -51.72 -1.99
CA GLN NA 332 -84.88 -50.79 -0.88
C GLN NA 332 -84.22 -51.53 0.32
N VAL NA 333 -83.06 -51.08 0.76
CA VAL NA 333 -82.26 -51.75 1.84
C VAL NA 333 -81.82 -50.77 2.95
N PHE NA 334 -81.90 -51.18 4.21
CA PHE NA 334 -81.39 -50.38 5.38
C PHE NA 334 -80.90 -51.24 6.56
N THR NA 335 -80.06 -50.69 7.42
CA THR NA 335 -79.62 -51.35 8.69
C THR NA 335 -80.07 -50.53 9.88
N ASP NA 336 -80.63 -51.17 10.92
CA ASP NA 336 -81.08 -50.48 12.17
C ASP NA 336 -79.93 -50.33 13.17
N ASP NA 337 -79.04 -49.38 12.94
CA ASP NA 337 -77.82 -49.13 13.76
C ASP NA 337 -78.03 -48.70 15.23
N ASP NA 338 -79.03 -47.88 15.54
CA ASP NA 338 -79.29 -47.34 16.91
C ASP NA 338 -80.28 -48.20 17.71
N TYR NA 339 -80.75 -49.33 17.21
CA TYR NA 339 -81.63 -50.31 17.91
C TYR NA 339 -82.99 -49.72 18.26
N GLN NA 340 -83.49 -48.81 17.45
CA GLN NA 340 -84.83 -48.22 17.59
C GLN NA 340 -85.95 -49.24 17.37
N LEU NA 341 -85.80 -50.15 16.43
CA LEU NA 341 -86.79 -51.22 16.15
C LEU NA 341 -86.76 -52.37 17.13
N PRO NA 342 -87.89 -53.09 17.31
CA PRO NA 342 -87.83 -54.33 18.07
C PRO NA 342 -86.92 -55.39 17.41
N TYR NA 343 -86.04 -56.06 18.17
CA TYR NA 343 -85.04 -57.01 17.60
C TYR NA 343 -85.55 -58.45 17.74
N VAL NA 344 -85.85 -59.08 16.61
CA VAL NA 344 -86.46 -60.43 16.61
C VAL NA 344 -85.43 -61.51 16.23
N VAL NA 345 -84.19 -61.14 15.93
CA VAL NA 345 -83.12 -62.07 15.43
C VAL NA 345 -82.68 -63.19 16.43
N GLY NA 346 -82.60 -62.97 17.73
CA GLY NA 346 -81.99 -63.93 18.69
C GLY NA 346 -82.94 -64.90 19.42
N ASN NA 347 -84.10 -65.22 18.87
CA ASN NA 347 -85.19 -65.99 19.52
C ASN NA 347 -85.39 -67.43 18.98
N GLY NA 348 -84.40 -68.08 18.33
CA GLY NA 348 -84.46 -69.45 17.76
C GLY NA 348 -85.46 -69.70 16.67
N THR NA 349 -85.64 -68.73 15.79
CA THR NA 349 -86.62 -68.81 14.68
C THR NA 349 -85.98 -69.21 13.36
N GLU NA 350 -86.76 -69.80 12.48
CA GLU NA 350 -86.36 -70.23 11.11
C GLU NA 350 -86.19 -69.08 10.08
N GLY NA 351 -85.56 -69.33 8.95
CA GLY NA 351 -85.23 -68.29 7.94
C GLY NA 351 -83.79 -67.83 7.85
N CYS NA 352 -82.84 -68.43 8.56
CA CYS NA 352 -81.38 -68.15 8.45
C CYS NA 352 -80.79 -68.72 7.15
N LEU NA 353 -79.60 -68.26 6.77
CA LEU NA 353 -78.91 -68.79 5.55
C LEU NA 353 -78.69 -70.29 5.72
N PRO NA 354 -78.88 -71.07 4.63
CA PRO NA 354 -78.74 -72.53 4.71
C PRO NA 354 -77.37 -73.16 5.00
N ALA NA 355 -77.35 -74.34 5.63
CA ALA NA 355 -76.10 -75.10 5.95
C ALA NA 355 -75.36 -75.50 4.67
N PHE NA 356 -76.05 -75.88 3.60
CA PHE NA 356 -75.42 -76.36 2.34
C PHE NA 356 -75.37 -75.20 1.34
N PRO NA 357 -74.17 -74.81 0.82
CA PRO NA 357 -74.01 -73.67 -0.10
C PRO NA 357 -74.86 -73.58 -1.38
N PRO NA 358 -75.12 -74.67 -2.14
CA PRO NA 358 -76.01 -74.69 -3.30
C PRO NA 358 -77.51 -74.41 -3.07
N GLN NA 359 -78.02 -74.62 -1.87
CA GLN NA 359 -79.46 -74.43 -1.53
C GLN NA 359 -79.92 -72.97 -1.68
N VAL NA 360 -81.12 -72.77 -2.22
CA VAL NA 360 -81.66 -71.41 -2.50
C VAL NA 360 -82.80 -71.15 -1.49
N PHE NA 361 -82.82 -69.96 -0.89
CA PHE NA 361 -83.78 -69.72 0.23
C PHE NA 361 -84.70 -68.47 0.12
N THR NA 362 -85.91 -68.61 0.65
CA THR NA 362 -86.85 -67.48 0.80
C THR NA 362 -86.57 -66.69 2.07
N LEU NA 363 -86.51 -65.36 2.00
CA LEU NA 363 -86.38 -64.46 3.19
C LEU NA 363 -87.65 -64.44 4.05
N PRO NA 364 -87.48 -64.46 5.40
CA PRO NA 364 -88.61 -64.29 6.30
C PRO NA 364 -89.28 -62.89 6.33
N GLN NA 365 -90.60 -62.83 6.51
CA GLN NA 365 -91.31 -61.53 6.69
C GLN NA 365 -91.17 -60.96 8.12
N TYR NA 366 -90.84 -59.67 8.26
CA TYR NA 366 -90.76 -58.94 9.56
C TYR NA 366 -92.12 -58.66 10.21
N GLY NA 367 -92.18 -58.81 11.53
CA GLY NA 367 -93.38 -58.59 12.35
C GLY NA 367 -92.94 -58.45 13.77
N TYR NA 368 -93.82 -57.98 14.66
CA TYR NA 368 -93.50 -57.82 16.10
C TYR NA 368 -94.75 -57.86 16.96
N ALA NA 369 -94.58 -58.15 18.25
CA ALA NA 369 -95.67 -58.03 19.23
C ALA NA 369 -95.39 -56.85 20.16
N THR NA 370 -96.37 -55.99 20.39
CA THR NA 370 -96.30 -54.88 21.40
C THR NA 370 -97.10 -55.32 22.62
N LEU NA 371 -97.57 -54.38 23.43
CA LEU NA 371 -98.41 -54.64 24.61
C LEU NA 371 -99.85 -55.09 24.29
N ASN NA 372 -100.41 -55.93 25.16
CA ASN NA 372 -101.79 -56.45 25.01
C ASN NA 372 -102.48 -56.20 26.36
N ARG NA 373 -103.79 -56.01 26.38
CA ARG NA 373 -104.49 -55.64 27.64
C ARG NA 373 -105.20 -56.81 28.33
N ASP NA 374 -104.88 -57.08 29.59
CA ASP NA 374 -105.52 -58.13 30.45
C ASP NA 374 -105.50 -59.55 29.87
N ASN NA 375 -104.40 -59.97 29.25
CA ASN NA 375 -104.28 -61.33 28.63
C ASN NA 375 -105.38 -61.54 27.57
N THR NA 376 -105.65 -60.52 26.75
CA THR NA 376 -106.67 -60.52 25.65
C THR NA 376 -106.04 -59.96 24.36
N GLU NA 377 -106.72 -60.04 23.20
CA GLU NA 377 -106.22 -59.54 21.88
C GLU NA 377 -106.17 -58.00 21.73
N ASN NA 378 -106.84 -57.25 22.61
CA ASN NA 378 -106.88 -55.77 22.61
C ASN NA 378 -105.59 -55.06 23.02
N PRO NA 379 -105.29 -53.89 22.43
CA PRO NA 379 -104.19 -53.01 22.82
C PRO NA 379 -104.33 -52.10 24.07
N THR NA 380 -103.27 -51.44 24.47
CA THR NA 380 -103.18 -50.49 25.62
C THR NA 380 -102.73 -49.14 25.08
N GLU NA 381 -102.86 -48.07 25.86
CA GLU NA 381 -102.35 -46.70 25.53
C GLU NA 381 -100.83 -46.70 25.36
N ARG NA 382 -100.10 -47.47 26.14
CA ARG NA 382 -98.62 -47.66 26.03
C ARG NA 382 -98.22 -48.42 24.74
N SER NA 383 -99.12 -49.18 24.10
CA SER NA 383 -98.84 -49.99 22.89
C SER NA 383 -98.34 -49.10 21.72
N SER NA 384 -97.32 -49.54 21.00
CA SER NA 384 -96.59 -48.73 19.98
C SER NA 384 -96.64 -49.25 18.53
N PHE NA 385 -96.71 -48.32 17.59
CA PHE NA 385 -96.65 -48.64 16.15
C PHE NA 385 -95.34 -48.09 15.58
N PHE NA 386 -94.65 -48.90 14.81
CA PHE NA 386 -93.39 -48.47 14.15
C PHE NA 386 -93.51 -48.55 12.63
N CYS NA 387 -93.17 -47.48 11.91
CA CYS NA 387 -93.11 -47.44 10.42
C CYS NA 387 -91.65 -47.58 9.93
N LEU NA 388 -91.33 -48.56 9.08
CA LEU NA 388 -89.99 -48.79 8.45
C LEU NA 388 -89.64 -47.69 7.44
N GLU NA 389 -90.63 -47.18 6.71
CA GLU NA 389 -90.45 -46.14 5.66
C GLU NA 389 -90.05 -44.79 6.29
N TYR NA 390 -90.28 -44.61 7.59
CA TYR NA 390 -89.82 -43.41 8.34
C TYR NA 390 -88.28 -43.35 8.38
N PHE NA 391 -87.58 -44.46 8.49
CA PHE NA 391 -86.09 -44.51 8.41
C PHE NA 391 -85.58 -44.24 6.99
N PRO NA 392 -84.38 -43.65 6.79
CA PRO NA 392 -83.75 -43.61 5.46
C PRO NA 392 -83.23 -44.95 4.86
N SER NA 393 -83.42 -45.23 3.56
CA SER NA 393 -82.96 -46.48 2.89
C SER NA 393 -82.26 -46.27 1.53
N LYS NA 394 -81.29 -47.11 1.19
CA LYS NA 394 -80.66 -47.10 -0.16
C LYS NA 394 -81.63 -47.68 -1.22
N MET NA 395 -81.67 -47.13 -2.43
CA MET NA 395 -82.51 -47.66 -3.54
C MET NA 395 -81.61 -48.29 -4.62
N LEU NA 396 -81.90 -49.53 -5.00
CA LEU NA 396 -81.04 -50.24 -5.98
C LEU NA 396 -81.74 -50.75 -7.23
N ARG NA 397 -81.19 -50.43 -8.39
CA ARG NA 397 -81.58 -51.05 -9.69
C ARG NA 397 -80.65 -52.27 -9.94
N THR NA 398 -80.78 -53.00 -11.06
CA THR NA 398 -80.00 -54.21 -11.46
C THR NA 398 -78.49 -54.01 -11.45
N GLY NA 399 -77.94 -52.86 -11.86
CA GLY NA 399 -76.53 -52.44 -11.75
C GLY NA 399 -75.97 -52.27 -10.36
N ASN NA 400 -76.75 -51.79 -9.40
CA ASN NA 400 -76.37 -51.39 -8.01
C ASN NA 400 -76.06 -52.49 -6.97
N ASN NA 401 -75.27 -52.17 -5.94
CA ASN NA 401 -74.86 -53.09 -4.85
C ASN NA 401 -74.90 -52.39 -3.48
N PHE NA 402 -75.00 -53.14 -2.37
CA PHE NA 402 -74.96 -52.60 -0.98
C PHE NA 402 -73.88 -53.29 -0.11
N GLU NA 403 -73.17 -52.53 0.72
CA GLU NA 403 -72.17 -53.12 1.67
C GLU NA 403 -72.30 -52.58 3.12
N PHE NA 404 -72.03 -53.41 4.14
CA PHE NA 404 -72.00 -53.00 5.58
C PHE NA 404 -70.80 -53.64 6.33
N THR NA 405 -70.26 -52.99 7.37
CA THR NA 405 -69.17 -53.52 8.26
C THR NA 405 -69.54 -53.38 9.73
N TYR NA 406 -69.23 -54.36 10.58
CA TYR NA 406 -69.50 -54.32 12.04
C TYR NA 406 -68.31 -54.84 12.89
N ASN NA 407 -68.11 -54.31 14.09
CA ASN NA 407 -67.10 -54.83 15.07
C ASN NA 407 -67.82 -55.30 16.33
N PHE NA 408 -67.49 -56.49 16.80
CA PHE NA 408 -68.10 -57.06 18.03
C PHE NA 408 -67.46 -56.39 19.26
N GLU NA 409 -68.21 -56.22 20.34
CA GLU NA 409 -67.67 -55.73 21.65
C GLU NA 409 -66.82 -56.83 22.31
N GLU NA 410 -65.94 -56.46 23.24
CA GLU NA 410 -65.19 -57.49 23.98
C GLU NA 410 -66.15 -58.42 24.74
N VAL NA 411 -65.94 -59.71 24.63
CA VAL NA 411 -66.84 -60.73 25.23
C VAL NA 411 -65.92 -61.86 25.73
N PRO NA 412 -66.29 -62.63 26.77
CA PRO NA 412 -65.50 -63.79 27.16
C PRO NA 412 -65.50 -64.96 26.14
N PHE NA 413 -64.39 -65.69 26.00
CA PHE NA 413 -64.31 -66.88 25.10
C PHE NA 413 -65.24 -67.98 25.58
N HIS NA 414 -65.91 -68.70 24.67
CA HIS NA 414 -66.69 -69.92 25.03
C HIS NA 414 -65.69 -71.00 25.50
N SER NA 415 -66.07 -71.82 26.48
CA SER NA 415 -65.20 -72.90 26.98
C SER NA 415 -65.42 -74.23 26.27
N SER NA 416 -64.54 -74.60 25.32
CA SER NA 416 -64.59 -75.88 24.59
C SER NA 416 -63.74 -76.95 25.30
N PHE NA 417 -64.11 -77.35 26.50
CA PHE NA 417 -63.36 -78.36 27.27
C PHE NA 417 -64.29 -79.01 28.29
N ALA NA 418 -63.93 -80.19 28.74
CA ALA NA 418 -64.67 -80.89 29.80
C ALA NA 418 -63.74 -81.01 31.01
N PRO NA 419 -64.24 -80.78 32.25
CA PRO NA 419 -63.43 -81.01 33.43
C PRO NA 419 -62.95 -82.45 33.71
N SER NA 420 -61.69 -82.59 34.09
CA SER NA 420 -61.10 -83.92 34.42
C SER NA 420 -61.16 -84.22 35.94
N GLN NA 421 -61.70 -83.32 36.77
CA GLN NA 421 -61.87 -83.56 38.22
C GLN NA 421 -63.27 -83.19 38.74
N ASN NA 422 -63.77 -83.92 39.74
CA ASN NA 422 -65.00 -83.59 40.50
C ASN NA 422 -64.75 -82.39 41.43
N LEU NA 423 -65.72 -81.49 41.59
CA LEU NA 423 -65.65 -80.27 42.45
C LEU NA 423 -65.44 -80.63 43.93
N PHE NA 424 -66.05 -81.71 44.40
CA PHE NA 424 -65.95 -82.20 45.80
C PHE NA 424 -64.74 -83.16 46.09
N LYS NA 425 -63.88 -83.55 45.12
CA LYS NA 425 -62.75 -84.52 45.29
C LYS NA 425 -61.36 -83.85 45.12
N LEU NA 426 -61.16 -82.58 45.49
CA LEU NA 426 -59.89 -81.81 45.23
C LEU NA 426 -58.79 -81.92 46.31
N ALA NA 427 -59.08 -82.47 47.48
CA ALA NA 427 -58.06 -82.73 48.51
C ALA NA 427 -57.13 -83.86 48.03
N ASN NA 428 -55.85 -83.84 48.43
CA ASN NA 428 -54.93 -84.95 48.10
C ASN NA 428 -55.48 -86.22 48.71
N PRO NA 429 -55.53 -87.33 47.94
CA PRO NA 429 -55.99 -88.62 48.44
C PRO NA 429 -55.12 -89.25 49.57
N LEU NA 430 -53.79 -89.12 49.55
CA LEU NA 430 -52.78 -89.55 50.56
C LEU NA 430 -52.81 -88.85 51.93
N VAL NA 431 -53.11 -87.56 52.01
CA VAL NA 431 -52.98 -86.78 53.27
C VAL NA 431 -54.29 -86.41 54.00
N ASP NA 432 -54.35 -86.61 55.33
CA ASP NA 432 -55.48 -86.19 56.21
C ASP NA 432 -55.58 -84.67 56.43
N GLN NA 433 -56.79 -84.15 56.64
CA GLN NA 433 -57.02 -82.74 57.01
C GLN NA 433 -56.68 -82.41 58.48
N TYR NA 434 -56.26 -81.18 58.81
CA TYR NA 434 -56.08 -80.74 60.22
C TYR NA 434 -57.44 -80.23 60.81
N LEU NA 435 -58.56 -80.74 60.34
CA LEU NA 435 -59.91 -80.23 60.71
C LEU NA 435 -60.79 -81.36 61.25
N TYR NA 436 -61.72 -81.03 62.12
CA TYR NA 436 -62.54 -82.06 62.82
C TYR NA 436 -64.03 -81.79 62.66
N ARG NA 437 -64.83 -82.84 62.78
CA ARG NA 437 -66.29 -82.76 62.59
C ARG NA 437 -67.04 -83.38 63.78
N PHE NA 438 -68.26 -82.93 64.02
CA PHE NA 438 -69.11 -83.52 65.08
C PHE NA 438 -69.76 -84.76 64.54
N VAL NA 439 -69.62 -85.84 65.30
CA VAL NA 439 -70.23 -87.12 64.88
C VAL NA 439 -71.23 -87.70 65.88
N SER NA 440 -71.21 -87.23 67.13
CA SER NA 440 -71.98 -87.98 68.16
C SER NA 440 -72.31 -87.25 69.47
N THR NA 441 -73.27 -87.81 70.20
CA THR NA 441 -73.57 -87.35 71.57
C THR NA 441 -73.52 -88.62 72.43
N ASN NA 442 -73.04 -88.56 73.68
CA ASN NA 442 -72.99 -89.72 74.62
C ASN NA 442 -74.33 -89.94 75.38
N ASN NA 443 -74.37 -90.88 76.35
CA ASN NA 443 -75.63 -91.22 77.10
C ASN NA 443 -76.11 -89.97 77.83
N THR NA 444 -75.24 -89.15 78.41
CA THR NA 444 -75.60 -87.81 78.89
C THR NA 444 -75.35 -87.07 77.61
N GLY NA 445 -76.16 -86.12 77.17
CA GLY NA 445 -75.96 -85.65 75.78
C GLY NA 445 -74.76 -84.76 75.54
N GLY NA 446 -73.54 -85.30 75.68
CA GLY NA 446 -72.28 -84.53 75.53
C GLY NA 446 -71.66 -84.72 74.17
N VAL NA 447 -71.27 -83.65 73.51
CA VAL NA 447 -70.75 -83.67 72.11
C VAL NA 447 -69.42 -84.40 71.91
N GLN NA 448 -69.28 -85.10 70.79
CA GLN NA 448 -68.06 -85.91 70.48
C GLN NA 448 -67.56 -85.58 69.06
N PHE NA 449 -66.26 -85.69 68.83
CA PHE NA 449 -65.64 -85.26 67.55
C PHE NA 449 -64.67 -86.30 66.98
N ASN NA 450 -64.50 -86.31 65.66
CA ASN NA 450 -63.53 -87.20 64.96
C ASN NA 450 -62.76 -86.40 63.92
N LYS NA 451 -61.51 -86.74 63.68
CA LYS NA 451 -60.66 -86.11 62.61
C LYS NA 451 -61.07 -86.56 61.19
N ASN NA 452 -60.81 -85.71 60.20
CA ASN NA 452 -61.15 -86.02 58.80
C ASN NA 452 -59.98 -86.77 58.14
N LEU NA 453 -60.20 -88.02 57.72
CA LEU NA 453 -59.17 -88.91 57.10
C LEU NA 453 -58.93 -88.70 55.60
N ALA NA 454 -57.80 -89.16 55.09
CA ALA NA 454 -57.45 -89.05 53.65
C ALA NA 454 -58.38 -89.84 52.74
N GLY NA 455 -58.87 -89.19 51.66
CA GLY NA 455 -59.76 -89.80 50.65
C GLY NA 455 -61.22 -89.89 51.04
N ARG NA 456 -61.61 -89.42 52.23
CA ARG NA 456 -63.02 -89.50 52.72
C ARG NA 456 -63.79 -88.24 52.25
N TYR NA 457 -64.14 -88.15 50.96
CA TYR NA 457 -64.77 -86.98 50.27
C TYR NA 457 -66.16 -86.69 50.82
N ALA NA 458 -66.86 -87.71 51.30
CA ALA NA 458 -68.15 -87.56 51.96
C ALA NA 458 -68.04 -86.63 53.18
N ASN NA 459 -66.95 -86.65 53.96
CA ASN NA 459 -66.80 -85.90 55.24
C ASN NA 459 -65.73 -84.80 55.27
N THR NA 460 -65.41 -84.09 54.21
CA THR NA 460 -64.24 -83.19 54.10
C THR NA 460 -64.75 -81.76 54.05
N TYR NA 461 -64.02 -80.82 54.62
CA TYR NA 461 -64.35 -79.37 54.54
C TYR NA 461 -64.19 -78.93 53.10
N LYS NA 462 -65.10 -78.08 52.62
CA LYS NA 462 -65.10 -77.66 51.20
C LYS NA 462 -65.05 -76.15 51.01
N ASN NA 463 -64.16 -75.63 50.18
CA ASN NA 463 -64.13 -74.19 49.75
C ASN NA 463 -65.25 -73.72 48.82
N TRP NA 464 -65.70 -74.54 47.88
CA TRP NA 464 -66.55 -74.08 46.77
C TRP NA 464 -67.80 -74.91 46.60
N PHE NA 465 -68.81 -74.31 46.00
CA PHE NA 465 -70.15 -74.95 45.93
C PHE NA 465 -70.61 -75.01 44.49
N PRO NA 466 -71.47 -75.98 44.17
CA PRO NA 466 -72.08 -76.09 42.85
C PRO NA 466 -73.12 -75.02 42.50
N GLY NA 467 -73.38 -74.81 41.21
CA GLY NA 467 -74.31 -73.78 40.69
C GLY NA 467 -75.80 -74.03 40.90
N PRO NA 468 -76.65 -73.00 40.66
CA PRO NA 468 -78.08 -73.09 40.94
C PRO NA 468 -78.96 -74.13 40.21
N MET NA 469 -79.95 -74.68 40.90
CA MET NA 469 -80.77 -75.77 40.32
C MET NA 469 -82.28 -75.62 40.53
N GLY NA 470 -83.14 -76.05 39.61
CA GLY NA 470 -84.60 -76.20 39.83
C GLY NA 470 -85.04 -77.57 39.35
N ARG NA 471 -85.77 -78.38 40.11
CA ARG NA 471 -86.09 -79.78 39.67
C ARG NA 471 -87.00 -79.86 38.42
N THR NA 472 -86.66 -80.70 37.43
CA THR NA 472 -87.40 -80.92 36.17
C THR NA 472 -87.59 -82.41 35.95
N GLN NA 473 -88.73 -82.85 35.44
CA GLN NA 473 -89.06 -84.30 35.30
C GLN NA 473 -88.10 -85.05 34.35
N GLY NA 474 -87.75 -86.29 34.69
CA GLY NA 474 -86.87 -87.14 33.89
C GLY NA 474 -87.61 -88.23 33.15
N TRP NA 475 -87.34 -88.37 31.85
CA TRP NA 475 -87.99 -89.40 31.00
C TRP NA 475 -86.95 -90.34 30.37
N ASN NA 476 -87.21 -91.64 30.41
CA ASN NA 476 -86.30 -92.66 29.81
C ASN NA 476 -86.42 -92.68 28.28
N LEU NA 477 -85.33 -92.98 27.59
CA LEU NA 477 -85.25 -93.02 26.11
C LEU NA 477 -84.74 -94.42 25.73
N GLY NA 478 -84.92 -94.87 24.50
CA GLY NA 478 -84.52 -96.25 24.13
C GLY NA 478 -85.31 -97.31 24.86
N SER NA 479 -84.63 -98.18 25.61
CA SER NA 479 -85.32 -99.26 26.37
C SER NA 479 -86.27 -98.61 27.38
N GLY NA 480 -85.90 -97.52 28.07
CA GLY NA 480 -86.93 -96.75 28.82
C GLY NA 480 -87.68 -97.45 29.91
N VAL NA 481 -89.01 -97.48 29.83
CA VAL NA 481 -89.93 -98.03 30.90
C VAL NA 481 -90.73 -96.89 31.59
N ASN NA 482 -90.99 -95.78 30.91
CA ASN NA 482 -91.84 -94.62 31.40
C ASN NA 482 -93.35 -94.85 31.49
N ARG NA 483 -94.09 -94.04 32.27
CA ARG NA 483 -95.58 -94.11 32.43
C ARG NA 483 -96.40 -93.84 31.16
N ALA NA 484 -97.45 -94.62 30.91
CA ALA NA 484 -98.29 -94.58 29.67
C ALA NA 484 -99.39 -93.53 29.60
N SER NA 485 -99.75 -93.10 28.37
CA SER NA 485 -100.90 -92.21 28.09
C SER NA 485 -100.88 -90.86 28.84
N VAL NA 486 -99.74 -90.20 28.92
CA VAL NA 486 -99.61 -88.94 29.69
C VAL NA 486 -99.77 -87.69 28.81
N SER NA 487 -100.51 -86.67 29.27
CA SER NA 487 -100.51 -85.36 28.59
C SER NA 487 -99.53 -84.51 29.40
N ALA NA 488 -98.44 -84.05 28.81
CA ALA NA 488 -97.33 -83.33 29.50
C ALA NA 488 -97.62 -81.95 30.12
N PHE NA 489 -98.44 -81.07 29.53
CA PHE NA 489 -98.53 -79.63 29.89
C PHE NA 489 -98.92 -79.25 31.34
N ALA NA 490 -99.86 -79.92 32.00
CA ALA NA 490 -100.29 -79.57 33.37
C ALA NA 490 -99.14 -79.70 34.37
N THR NA 491 -98.26 -80.69 34.22
CA THR NA 491 -97.17 -80.97 35.17
C THR NA 491 -95.83 -80.35 34.77
N THR NA 492 -95.77 -79.55 33.70
CA THR NA 492 -94.53 -78.85 33.25
C THR NA 492 -94.10 -77.69 34.14
N ASN NA 493 -92.82 -77.33 34.13
CA ASN NA 493 -92.27 -76.17 34.88
C ASN NA 493 -92.78 -74.85 34.31
N ARG NA 494 -93.09 -73.87 35.17
CA ARG NA 494 -93.69 -72.60 34.70
C ARG NA 494 -93.23 -71.38 35.48
N MET NA 495 -93.27 -70.20 34.88
CA MET NA 495 -93.02 -68.90 35.59
C MET NA 495 -94.26 -68.02 35.30
N GLU NA 496 -94.69 -67.18 36.24
CA GLU NA 496 -95.90 -66.34 36.11
C GLU NA 496 -95.54 -64.88 35.77
N LEU NA 497 -96.05 -64.31 34.68
CA LEU NA 497 -95.85 -62.87 34.34
C LEU NA 497 -97.19 -62.21 34.03
N GLU NA 498 -97.52 -61.05 34.60
CA GLU NA 498 -98.72 -60.23 34.26
C GLU NA 498 -100.05 -61.00 34.35
N GLY NA 499 -100.23 -61.91 35.30
CA GLY NA 499 -101.43 -62.75 35.35
C GLY NA 499 -101.48 -63.98 34.45
N ALA NA 500 -100.42 -64.37 33.76
CA ALA NA 500 -100.48 -65.63 32.95
C ALA NA 500 -99.34 -66.60 33.30
N SER NA 501 -99.54 -67.92 33.12
CA SER NA 501 -98.52 -68.97 33.37
C SER NA 501 -97.80 -69.31 32.06
N TYR NA 502 -96.48 -69.27 32.09
CA TYR NA 502 -95.69 -69.54 30.85
C TYR NA 502 -94.73 -70.68 31.02
N GLN NA 503 -94.71 -71.57 30.05
CA GLN NA 503 -93.62 -72.58 30.02
C GLN NA 503 -92.34 -71.82 29.66
N VAL NA 504 -91.22 -72.21 30.23
CA VAL NA 504 -89.90 -71.56 30.00
C VAL NA 504 -89.04 -72.77 29.57
N PRO NA 505 -89.18 -73.24 28.31
CA PRO NA 505 -88.61 -74.50 27.86
C PRO NA 505 -87.13 -74.67 27.93
N PRO NA 506 -86.19 -73.74 27.69
CA PRO NA 506 -84.80 -74.02 28.03
C PRO NA 506 -84.85 -73.69 29.53
N GLN NA 507 -84.36 -74.51 30.43
CA GLN NA 507 -84.35 -74.02 31.84
C GLN NA 507 -83.18 -73.03 32.04
N PRO NA 508 -83.06 -72.26 33.14
CA PRO NA 508 -81.88 -71.41 33.41
C PRO NA 508 -80.52 -72.16 33.65
N ASN NA 509 -79.35 -71.58 33.34
CA ASN NA 509 -78.00 -72.25 33.44
C ASN NA 509 -77.53 -72.79 34.81
N GLY NA 510 -76.60 -73.76 34.84
CA GLY NA 510 -76.04 -74.40 36.06
C GLY NA 510 -76.48 -75.81 36.35
N MET NA 511 -77.20 -76.45 35.43
CA MET NA 511 -77.61 -77.85 35.63
C MET NA 511 -77.15 -78.78 34.49
N THR NA 512 -77.20 -80.09 34.72
CA THR NA 512 -76.99 -81.10 33.65
C THR NA 512 -78.26 -81.93 33.45
N ASN NA 513 -78.78 -82.04 32.22
CA ASN NA 513 -79.93 -82.91 31.81
C ASN NA 513 -79.69 -84.44 31.89
N ASN NA 514 -78.52 -84.96 31.54
CA ASN NA 514 -78.25 -86.43 31.45
C ASN NA 514 -76.98 -86.81 32.23
N LEU NA 515 -77.00 -87.89 33.00
CA LEU NA 515 -75.79 -88.40 33.74
C LEU NA 515 -74.57 -88.96 32.92
N GLN NA 516 -74.69 -89.75 31.86
CA GLN NA 516 -73.58 -90.42 31.09
C GLN NA 516 -73.93 -91.91 31.12
N GLY NA 517 -73.81 -92.60 30.00
CA GLY NA 517 -74.47 -93.92 30.04
C GLY NA 517 -75.91 -93.48 30.20
N SER NA 518 -76.61 -93.85 31.26
CA SER NA 518 -78.04 -93.48 31.54
C SER NA 518 -78.94 -93.03 30.37
N ASN NA 519 -80.16 -93.52 30.40
CA ASN NA 519 -81.17 -93.18 29.36
C ASN NA 519 -82.20 -92.20 29.94
N THR NA 520 -81.97 -91.67 31.14
CA THR NA 520 -82.85 -90.64 31.72
C THR NA 520 -82.42 -89.25 31.27
N TYR NA 521 -83.37 -88.49 30.76
CA TYR NA 521 -83.12 -87.11 30.27
C TYR NA 521 -84.16 -86.22 30.84
N ALA NA 522 -83.74 -85.04 31.26
CA ALA NA 522 -84.77 -84.06 31.65
C ALA NA 522 -85.09 -83.29 30.36
N LEU NA 523 -86.24 -83.57 29.72
CA LEU NA 523 -86.62 -83.06 28.37
C LEU NA 523 -86.78 -81.53 28.27
N GLU NA 524 -87.30 -80.87 29.30
CA GLU NA 524 -87.46 -79.40 29.32
C GLU NA 524 -86.13 -78.67 29.61
N ASN NA 525 -85.04 -79.37 29.93
CA ASN NA 525 -83.68 -78.79 30.07
C ASN NA 525 -82.83 -79.08 28.82
N THR NA 526 -83.38 -79.64 27.76
CA THR NA 526 -82.57 -80.07 26.57
C THR NA 526 -82.96 -79.35 25.31
N MET NA 527 -81.98 -78.94 24.50
CA MET NA 527 -82.24 -78.43 23.13
C MET NA 527 -82.63 -79.61 22.22
N ILE NA 528 -83.79 -79.54 21.57
CA ILE NA 528 -84.26 -80.58 20.62
C ILE NA 528 -84.34 -80.00 19.20
N PHE NA 529 -83.78 -80.70 18.22
CA PHE NA 529 -83.66 -80.22 16.81
C PHE NA 529 -84.15 -81.28 15.86
N ASN NA 530 -84.49 -80.91 14.63
CA ASN NA 530 -84.88 -81.86 13.56
C ASN NA 530 -83.73 -81.96 12.56
N SER NA 531 -83.39 -83.17 12.09
CA SER NA 531 -82.36 -83.37 11.03
C SER NA 531 -82.76 -82.68 9.73
N GLN NA 532 -84.04 -82.74 9.37
CA GLN NA 532 -84.57 -82.15 8.11
C GLN NA 532 -85.44 -80.92 8.41
N PRO NA 533 -85.47 -79.89 7.52
CA PRO NA 533 -86.37 -78.75 7.67
C PRO NA 533 -87.85 -79.13 7.51
N ALA NA 534 -88.73 -78.38 8.16
CA ALA NA 534 -90.17 -78.72 8.17
C ALA NA 534 -91.04 -77.66 7.51
N ASN NA 535 -92.19 -78.08 7.00
CA ASN NA 535 -93.19 -77.15 6.43
C ASN NA 535 -93.83 -76.31 7.54
N PRO NA 536 -94.21 -75.05 7.29
CA PRO NA 536 -94.87 -74.23 8.30
C PRO NA 536 -96.24 -74.70 8.81
N GLY NA 537 -96.46 -74.61 10.13
CA GLY NA 537 -97.75 -74.96 10.74
C GLY NA 537 -97.98 -76.43 10.98
N THR NA 538 -96.97 -77.27 10.81
CA THR NA 538 -97.15 -78.72 10.97
C THR NA 538 -97.61 -79.04 12.39
N THR NA 539 -98.58 -79.94 12.54
CA THR NA 539 -99.06 -80.40 13.87
C THR NA 539 -98.75 -81.88 14.03
N ALA NA 540 -97.91 -82.47 13.17
CA ALA NA 540 -97.56 -83.91 13.19
C ALA NA 540 -96.81 -84.38 14.45
N THR NA 541 -97.12 -85.57 14.96
CA THR NA 541 -96.36 -86.16 16.09
C THR NA 541 -95.01 -86.63 15.60
N TYR NA 542 -93.98 -86.45 16.41
CA TYR NA 542 -92.62 -86.94 16.08
C TYR NA 542 -92.12 -87.87 17.17
N LEU NA 543 -91.64 -89.03 16.78
CA LEU NA 543 -90.98 -89.98 17.71
C LEU NA 543 -89.48 -89.63 17.90
N GLU NA 544 -88.81 -90.27 18.83
CA GLU NA 544 -87.39 -90.01 19.20
C GLU NA 544 -86.39 -90.23 18.03
N GLY NA 545 -86.62 -91.23 17.19
CA GLY NA 545 -85.71 -91.54 16.06
C GLY NA 545 -85.60 -90.39 15.09
N ASN NA 546 -86.68 -89.69 14.78
CA ASN NA 546 -86.62 -88.45 13.95
C ASN NA 546 -85.83 -87.32 14.63
N MET NA 547 -85.90 -87.16 15.95
CA MET NA 547 -85.32 -85.99 16.65
C MET NA 547 -83.80 -86.04 16.93
N LEU NA 548 -83.15 -84.88 17.01
CA LEU NA 548 -81.73 -84.82 17.44
C LEU NA 548 -81.74 -84.30 18.87
N ILE NA 549 -81.33 -85.11 19.85
CA ILE NA 549 -81.43 -84.72 21.30
C ILE NA 549 -80.02 -84.56 21.90
N THR NA 550 -79.73 -83.40 22.45
CA THR NA 550 -78.43 -83.04 23.07
C THR NA 550 -78.26 -83.57 24.50
N SER NA 551 -77.01 -83.76 24.93
CA SER NA 551 -76.67 -84.21 26.30
C SER NA 551 -75.62 -83.24 26.86
N GLU NA 552 -75.69 -82.92 28.14
CA GLU NA 552 -74.76 -81.99 28.83
C GLU NA 552 -73.90 -82.78 29.82
N SER NA 553 -73.70 -84.09 29.63
CA SER NA 553 -73.03 -85.02 30.57
C SER NA 553 -71.57 -84.64 30.89
N GLU NA 554 -70.87 -83.91 30.03
CA GLU NA 554 -69.48 -83.41 30.25
C GLU NA 554 -69.42 -82.47 31.47
N THR NA 555 -70.44 -81.66 31.74
CA THR NA 555 -70.50 -80.66 32.84
C THR NA 555 -70.90 -81.27 34.18
N GLN NA 556 -71.18 -82.57 34.26
CA GLN NA 556 -71.67 -83.28 35.48
C GLN NA 556 -70.68 -83.18 36.65
N PRO NA 557 -69.33 -83.22 36.50
CA PRO NA 557 -68.40 -82.94 37.61
C PRO NA 557 -68.63 -81.63 38.39
N VAL NA 558 -69.15 -80.55 37.78
CA VAL NA 558 -69.56 -79.27 38.46
C VAL NA 558 -71.07 -78.90 38.39
N ASN NA 559 -71.93 -79.62 37.68
CA ASN NA 559 -73.34 -79.16 37.50
C ASN NA 559 -74.28 -80.20 38.08
N ARG NA 560 -75.23 -79.76 38.89
CA ARG NA 560 -76.21 -80.68 39.52
C ARG NA 560 -77.20 -81.26 38.48
N VAL NA 561 -77.64 -82.50 38.70
CA VAL NA 561 -78.65 -83.15 37.83
C VAL NA 561 -80.07 -82.58 38.05
N ALA NA 562 -80.79 -82.21 36.97
CA ALA NA 562 -82.14 -81.61 36.98
C ALA NA 562 -83.24 -82.52 37.53
N TYR NA 563 -83.23 -83.80 37.18
CA TYR NA 563 -84.26 -84.79 37.63
C TYR NA 563 -84.21 -85.01 39.17
N ASN NA 564 -83.04 -85.02 39.77
CA ASN NA 564 -82.84 -85.29 41.24
C ASN NA 564 -83.07 -84.09 42.18
N VAL NA 565 -83.33 -84.32 43.47
CA VAL NA 565 -83.38 -83.26 44.53
C VAL NA 565 -81.97 -82.66 44.77
N GLY NA 566 -81.84 -81.36 45.05
CA GLY NA 566 -80.57 -80.64 45.33
C GLY NA 566 -79.76 -80.98 46.58
N GLY NA 567 -80.40 -81.22 47.73
CA GLY NA 567 -79.70 -81.42 49.01
C GLY NA 567 -80.66 -81.44 50.17
N GLN NA 568 -80.16 -81.39 51.41
CA GLN NA 568 -81.01 -81.37 52.64
C GLN NA 568 -80.57 -80.24 53.60
N MET NA 569 -81.50 -79.66 54.39
CA MET NA 569 -81.25 -78.60 55.40
C MET NA 569 -82.01 -78.91 56.70
N ALA NA 570 -81.62 -78.36 57.86
CA ALA NA 570 -82.30 -78.55 59.17
C ALA NA 570 -83.71 -77.92 59.25
N THR NA 571 -84.66 -78.64 59.83
CA THR NA 571 -86.06 -78.20 59.92
C THR NA 571 -86.53 -78.01 61.37
N ASN NA 572 -85.68 -78.14 62.38
CA ASN NA 572 -86.13 -78.16 63.80
C ASN NA 572 -84.99 -77.78 64.73
N ASN NA 573 -85.30 -77.64 66.02
CA ASN NA 573 -84.25 -77.47 67.06
C ASN NA 573 -84.25 -78.74 67.91
N GLN NA 574 -83.09 -79.39 68.07
CA GLN NA 574 -82.93 -80.62 68.91
C GLN NA 574 -83.04 -80.25 70.42
N SER NA 575 -83.49 -81.19 71.23
CA SER NA 575 -83.65 -81.00 72.70
C SER NA 575 -83.57 -82.39 73.33
N SER NA 576 -83.49 -82.49 74.65
CA SER NA 576 -83.52 -83.84 75.25
C SER NA 576 -84.85 -84.51 74.89
N THR NA 577 -85.98 -83.81 74.91
CA THR NA 577 -87.28 -84.31 74.43
C THR NA 577 -87.32 -84.58 72.92
N THR NA 578 -86.70 -83.75 72.08
CA THR NA 578 -86.84 -83.87 70.61
C THR NA 578 -85.61 -84.27 69.84
N ALA NA 579 -85.71 -85.31 68.99
CA ALA NA 579 -84.62 -85.73 68.07
C ALA NA 579 -84.43 -84.74 66.93
N PRO NA 580 -83.19 -84.57 66.40
CA PRO NA 580 -82.96 -83.71 65.23
C PRO NA 580 -83.60 -84.18 63.90
N ALA NA 581 -84.03 -83.27 63.04
CA ALA NA 581 -84.73 -83.58 61.76
C ALA NA 581 -84.18 -82.79 60.56
N THR NA 582 -84.26 -83.37 59.36
CA THR NA 582 -83.82 -82.69 58.12
C THR NA 582 -84.91 -82.72 57.06
N GLY NA 583 -84.85 -81.80 56.10
CA GLY NA 583 -85.78 -81.85 54.95
C GLY NA 583 -85.08 -81.64 53.62
N THR NA 584 -85.49 -82.35 52.56
CA THR NA 584 -84.97 -82.12 51.17
C THR NA 584 -85.52 -80.85 50.52
N TYR NA 585 -84.77 -80.22 49.63
CA TYR NA 585 -85.22 -79.04 48.85
C TYR NA 585 -85.24 -79.35 47.31
N ASN NA 586 -86.20 -78.82 46.53
CA ASN NA 586 -86.33 -79.06 45.06
C ASN NA 586 -85.76 -77.88 44.24
N LEU NA 587 -85.43 -76.76 44.89
CA LEU NA 587 -84.84 -75.59 44.19
C LEU NA 587 -83.82 -74.85 45.05
N GLN NA 588 -82.78 -74.29 44.46
CA GLN NA 588 -81.81 -73.42 45.17
C GLN NA 588 -81.28 -72.41 44.16
N GLU NA 589 -80.82 -71.25 44.60
CA GLU NA 589 -80.37 -70.16 43.71
C GLU NA 589 -78.94 -69.82 44.08
N ILE NA 590 -78.37 -68.77 43.50
CA ILE NA 590 -76.94 -68.40 43.69
C ILE NA 590 -76.56 -68.11 45.16
N VAL NA 591 -75.40 -68.60 45.56
CA VAL NA 591 -74.85 -68.43 46.92
C VAL NA 591 -73.40 -67.95 46.69
N PRO NA 592 -72.77 -67.21 47.62
CA PRO NA 592 -71.36 -66.85 47.45
C PRO NA 592 -70.42 -68.07 47.42
N GLY NA 593 -69.38 -68.07 46.57
CA GLY NA 593 -68.51 -69.25 46.36
C GLY NA 593 -69.04 -70.26 45.36
N SER NA 594 -70.13 -69.95 44.66
CA SER NA 594 -70.76 -70.78 43.61
C SER NA 594 -69.96 -70.84 42.30
N VAL NA 595 -69.81 -72.05 41.73
CA VAL NA 595 -69.09 -72.27 40.42
C VAL NA 595 -69.99 -73.13 39.53
N TRP NA 596 -70.02 -72.87 38.23
CA TRP NA 596 -70.81 -73.68 37.24
C TRP NA 596 -70.24 -73.55 35.82
N MET NA 597 -70.68 -74.42 34.93
CA MET NA 597 -70.37 -74.35 33.49
C MET NA 597 -71.62 -73.96 32.67
N GLU NA 598 -71.49 -73.02 31.74
CA GLU NA 598 -72.58 -72.61 30.80
C GLU NA 598 -72.88 -73.69 29.75
N ARG NA 599 -74.06 -73.67 29.16
CA ARG NA 599 -74.47 -74.62 28.09
C ARG NA 599 -73.57 -74.58 26.85
N ASP NA 600 -73.31 -75.75 26.25
CA ASP NA 600 -72.48 -75.90 25.04
C ASP NA 600 -73.14 -75.39 23.75
N VAL NA 601 -72.34 -74.86 22.84
CA VAL NA 601 -72.81 -74.50 21.47
C VAL NA 601 -72.86 -75.72 20.53
N TYR NA 602 -73.70 -75.67 19.51
CA TYR NA 602 -73.86 -76.77 18.51
C TYR NA 602 -73.71 -76.17 17.13
N LEU NA 603 -73.31 -76.96 16.14
CA LEU NA 603 -73.21 -76.48 14.73
C LEU NA 603 -74.61 -76.08 14.21
N GLN NA 604 -75.66 -76.84 14.52
CA GLN NA 604 -77.10 -76.54 14.24
C GLN NA 604 -77.62 -75.31 15.04
N GLY NA 605 -77.04 -74.98 16.20
CA GLY NA 605 -77.45 -73.87 17.08
C GLY NA 605 -77.10 -72.41 16.80
N PRO NA 606 -77.74 -71.47 17.54
CA PRO NA 606 -77.39 -70.03 17.50
C PRO NA 606 -76.12 -69.42 18.12
N ILE NA 607 -75.44 -68.49 17.46
CA ILE NA 607 -74.28 -67.71 18.05
C ILE NA 607 -74.59 -66.65 19.15
N TRP NA 608 -75.59 -65.79 18.98
CA TRP NA 608 -75.78 -64.63 19.89
C TRP NA 608 -77.22 -64.32 20.28
N ALA NA 609 -77.41 -63.54 21.34
CA ALA NA 609 -78.74 -63.02 21.77
C ALA NA 609 -78.54 -61.59 22.24
N LYS NA 610 -79.55 -60.75 22.08
CA LYS NA 610 -79.51 -59.35 22.59
C LYS NA 610 -79.92 -59.29 24.07
N ILE NA 611 -79.12 -58.62 24.89
CA ILE NA 611 -79.50 -58.37 26.31
C ILE NA 611 -80.65 -57.33 26.32
N PRO NA 612 -81.76 -57.56 27.05
CA PRO NA 612 -82.85 -56.59 27.14
C PRO NA 612 -82.55 -55.32 27.92
N GLU NA 613 -83.06 -54.16 27.49
CA GLU NA 613 -82.70 -52.88 28.17
C GLU NA 613 -83.70 -52.54 29.30
N THR NA 614 -83.35 -52.83 30.55
CA THR NA 614 -84.21 -52.58 31.73
C THR NA 614 -83.47 -51.68 32.70
N GLY NA 615 -82.17 -51.57 32.55
CA GLY NA 615 -81.29 -50.88 33.50
C GLY NA 615 -80.76 -51.78 34.61
N ALA NA 616 -81.24 -53.02 34.77
CA ALA NA 616 -80.70 -53.98 35.78
C ALA NA 616 -80.64 -55.41 35.26
N HIS NA 617 -79.54 -56.11 35.43
CA HIS NA 617 -79.42 -57.55 35.04
C HIS NA 617 -78.35 -58.25 35.86
N PHE NA 618 -78.40 -59.58 35.91
CA PHE NA 618 -77.32 -60.38 36.56
C PHE NA 618 -76.75 -61.40 35.60
N HIS NA 619 -75.42 -61.50 35.44
CA HIS NA 619 -74.71 -62.58 34.67
C HIS NA 619 -75.37 -62.84 33.32
N PRO NA 620 -74.99 -62.10 32.26
CA PRO NA 620 -75.76 -62.14 31.01
C PRO NA 620 -75.43 -63.13 29.90
N SER NA 621 -75.63 -64.39 30.22
CA SER NA 621 -75.38 -65.49 29.27
C SER NA 621 -76.74 -66.07 28.87
N PRO NA 622 -77.10 -66.14 27.56
CA PRO NA 622 -78.42 -66.65 27.18
C PRO NA 622 -78.66 -68.15 27.42
N ALA NA 623 -79.89 -68.54 27.78
CA ALA NA 623 -80.23 -69.93 28.14
C ALA NA 623 -80.06 -70.96 26.99
N MET NA 624 -80.41 -70.62 25.76
CA MET NA 624 -80.24 -71.48 24.56
C MET NA 624 -78.75 -71.74 24.30
N GLY NA 625 -77.88 -70.79 24.60
CA GLY NA 625 -76.42 -70.91 24.40
C GLY NA 625 -75.86 -69.70 23.69
N GLY NA 626 -74.55 -69.59 23.57
CA GLY NA 626 -73.91 -68.48 22.85
C GLY NA 626 -73.49 -67.24 23.60
N PHE NA 627 -73.36 -66.12 22.90
CA PHE NA 627 -72.82 -64.86 23.44
C PHE NA 627 -73.92 -63.81 23.63
N GLY NA 628 -73.98 -63.21 24.82
CA GLY NA 628 -74.97 -62.18 25.13
C GLY NA 628 -74.39 -60.82 24.85
N LEU NA 629 -75.04 -60.05 24.01
CA LEU NA 629 -74.46 -58.75 23.57
C LEU NA 629 -75.36 -57.55 23.86
N LYS NA 630 -74.82 -56.51 24.48
CA LYS NA 630 -75.54 -55.21 24.63
C LYS NA 630 -75.80 -54.56 23.27
N HIS NA 631 -74.82 -54.59 22.37
CA HIS NA 631 -74.96 -54.01 21.00
C HIS NA 631 -74.71 -55.12 19.98
N PRO NA 632 -75.77 -55.86 19.61
CA PRO NA 632 -75.68 -56.97 18.66
C PRO NA 632 -75.52 -56.61 17.18
N PRO NA 633 -75.09 -57.54 16.30
CA PRO NA 633 -75.02 -57.18 14.89
C PRO NA 633 -76.43 -56.75 14.46
N PRO NA 634 -76.57 -55.61 13.74
CA PRO NA 634 -77.88 -55.04 13.44
C PRO NA 634 -78.86 -55.67 12.45
N MET NA 635 -80.16 -55.43 12.65
CA MET NA 635 -81.23 -55.90 11.72
C MET NA 635 -81.06 -55.31 10.30
N MET NA 636 -81.13 -56.17 9.29
CA MET NA 636 -80.98 -55.77 7.86
C MET NA 636 -82.33 -56.02 7.17
N LEU NA 637 -82.93 -54.98 6.61
CA LEU NA 637 -84.30 -55.04 6.07
C LEU NA 637 -84.33 -54.71 4.56
N ILE NA 638 -85.06 -55.51 3.80
CA ILE NA 638 -85.18 -55.33 2.33
C ILE NA 638 -86.65 -55.37 1.89
N LYS NA 639 -87.03 -54.47 0.99
CA LYS NA 639 -88.40 -54.52 0.42
C LYS NA 639 -88.41 -54.27 -1.11
N ASN NA 640 -89.44 -54.74 -1.79
CA ASN NA 640 -89.65 -54.39 -3.22
C ASN NA 640 -90.43 -53.07 -3.27
N THR NA 641 -89.98 -52.09 -4.04
CA THR NA 641 -90.70 -50.82 -4.22
C THR NA 641 -92.04 -51.03 -4.92
N PRO NA 642 -93.15 -50.44 -4.41
CA PRO NA 642 -94.43 -50.48 -5.11
C PRO NA 642 -94.40 -49.89 -6.52
N VAL NA 643 -94.86 -50.66 -7.48
CA VAL NA 643 -94.97 -50.13 -8.86
C VAL NA 643 -96.46 -50.15 -9.22
N PRO NA 644 -97.07 -48.99 -9.49
CA PRO NA 644 -98.50 -48.91 -9.82
C PRO NA 644 -99.08 -49.44 -11.13
N GLY NA 645 -100.31 -49.95 -11.12
CA GLY NA 645 -101.09 -50.37 -12.31
C GLY NA 645 -101.71 -49.16 -12.98
N ASN NA 646 -102.35 -49.30 -14.14
CA ASN NA 646 -102.82 -48.10 -14.89
C ASN NA 646 -103.90 -47.31 -14.14
N ILE NA 647 -103.67 -46.01 -13.95
CA ILE NA 647 -104.67 -45.14 -13.24
C ILE NA 647 -105.03 -44.02 -14.23
N THR NA 648 -106.31 -43.82 -14.50
CA THR NA 648 -106.75 -42.83 -15.53
C THR NA 648 -107.43 -41.63 -14.92
N SER NA 649 -107.77 -41.66 -13.64
CA SER NA 649 -108.54 -40.56 -12.99
C SER NA 649 -107.93 -40.19 -11.64
N PHE NA 650 -108.08 -38.95 -11.18
CA PHE NA 650 -107.63 -38.49 -9.85
C PHE NA 650 -108.51 -38.92 -8.67
N SER NA 651 -107.90 -39.37 -7.57
CA SER NA 651 -108.65 -39.58 -6.31
C SER NA 651 -107.76 -39.17 -5.14
N ASP NA 652 -108.34 -38.60 -4.09
CA ASP NA 652 -107.66 -38.38 -2.78
C ASP NA 652 -107.35 -39.75 -2.16
N VAL NA 653 -108.23 -40.74 -2.33
CA VAL NA 653 -108.06 -42.11 -1.78
C VAL NA 653 -106.80 -42.77 -2.36
N PRO NA 654 -105.92 -43.39 -1.53
CA PRO NA 654 -104.69 -44.03 -1.99
C PRO NA 654 -104.82 -45.22 -2.95
N VAL NA 655 -103.88 -45.34 -3.88
CA VAL NA 655 -103.91 -46.43 -4.88
C VAL NA 655 -103.75 -47.81 -4.22
N SER NA 656 -104.61 -48.75 -4.61
CA SER NA 656 -104.59 -50.13 -4.12
C SER NA 656 -104.25 -51.11 -5.27
N SER NA 657 -103.98 -50.62 -6.47
CA SER NA 657 -103.72 -51.49 -7.65
C SER NA 657 -102.26 -51.37 -8.09
N PHE NA 658 -101.54 -52.50 -8.10
CA PHE NA 658 -100.09 -52.50 -8.36
C PHE NA 658 -99.72 -53.63 -9.27
N ILE NA 659 -98.68 -53.49 -10.06
CA ILE NA 659 -98.17 -54.67 -10.85
C ILE NA 659 -97.52 -55.72 -9.91
N THR NA 660 -97.72 -57.03 -10.13
CA THR NA 660 -97.14 -58.13 -9.29
C THR NA 660 -95.67 -58.39 -9.62
N GLN NA 661 -94.79 -58.39 -8.60
CA GLN NA 661 -93.32 -58.46 -8.78
C GLN NA 661 -92.59 -59.25 -7.69
N TYR NA 662 -91.40 -59.78 -7.97
CA TYR NA 662 -90.55 -60.50 -6.97
C TYR NA 662 -89.09 -60.14 -7.27
N SER NA 663 -88.21 -60.31 -6.28
CA SER NA 663 -86.76 -60.05 -6.49
C SER NA 663 -85.86 -61.24 -6.13
N THR NA 664 -84.69 -61.31 -6.76
CA THR NA 664 -83.70 -62.37 -6.49
C THR NA 664 -82.28 -61.80 -6.50
N GLY NA 665 -81.32 -62.41 -5.81
CA GLY NA 665 -79.93 -61.96 -5.81
C GLY NA 665 -78.96 -62.84 -5.04
N GLN NA 666 -77.75 -62.36 -4.81
CA GLN NA 666 -76.69 -63.06 -4.01
C GLN NA 666 -76.27 -62.25 -2.76
N VAL NA 667 -76.02 -62.94 -1.65
CA VAL NA 667 -75.53 -62.31 -0.39
C VAL NA 667 -74.20 -62.97 0.07
N THR NA 668 -73.22 -62.18 0.47
CA THR NA 668 -71.96 -62.70 1.03
C THR NA 668 -71.77 -62.23 2.48
N VAL NA 669 -71.44 -63.14 3.41
CA VAL NA 669 -71.08 -62.78 4.83
C VAL NA 669 -69.64 -63.22 5.16
N GLU NA 670 -68.82 -62.33 5.69
CA GLU NA 670 -67.42 -62.63 6.10
C GLU NA 670 -67.30 -62.40 7.62
N MET NA 671 -66.79 -63.39 8.34
CA MET NA 671 -66.64 -63.31 9.81
C MET NA 671 -65.22 -63.66 10.28
N GLU NA 672 -64.73 -62.92 11.26
CA GLU NA 672 -63.40 -63.20 11.88
C GLU NA 672 -63.58 -63.76 13.30
N TRP NA 673 -62.82 -64.79 13.62
CA TRP NA 673 -62.91 -65.46 14.94
C TRP NA 673 -61.55 -65.50 15.63
N GLU NA 674 -61.53 -65.29 16.95
CA GLU NA 674 -60.29 -65.41 17.76
C GLU NA 674 -60.28 -66.78 18.47
N LEU NA 675 -59.16 -67.47 18.44
CA LEU NA 675 -59.00 -68.84 19.00
C LEU NA 675 -58.10 -68.88 20.25
N LYS NA 676 -58.46 -69.72 21.23
CA LYS NA 676 -57.57 -69.95 22.39
C LYS NA 676 -56.95 -71.36 22.27
N LYS NA 677 -55.63 -71.44 22.23
CA LYS NA 677 -54.87 -72.72 22.14
C LYS NA 677 -54.85 -73.61 23.39
N GLU NA 678 -54.89 -74.93 23.20
CA GLU NA 678 -54.71 -75.90 24.29
C GLU NA 678 -53.25 -75.90 24.80
N ASN NA 679 -53.02 -76.01 26.10
CA ASN NA 679 -51.66 -76.08 26.73
C ASN NA 679 -51.60 -77.30 27.68
N SER NA 680 -52.16 -78.44 27.33
CA SER NA 680 -52.25 -79.65 28.19
C SER NA 680 -50.94 -80.40 28.51
N LYS NA 681 -50.79 -80.92 29.73
CA LYS NA 681 -49.66 -81.78 30.12
C LYS NA 681 -50.13 -83.24 30.30
N ARG NA 682 -51.35 -83.62 29.91
CA ARG NA 682 -51.89 -85.02 29.95
C ARG NA 682 -51.13 -86.03 29.05
N TRP NA 683 -50.49 -87.04 29.63
CA TRP NA 683 -49.72 -88.09 28.92
C TRP NA 683 -50.50 -89.02 27.99
N ASN NA 684 -51.64 -89.49 28.47
CA ASN NA 684 -52.53 -90.43 27.74
C ASN NA 684 -53.34 -89.74 26.63
N PRO NA 685 -53.76 -90.49 25.59
CA PRO NA 685 -54.64 -89.95 24.55
C PRO NA 685 -56.08 -89.51 24.91
N GLU NA 686 -56.53 -88.39 24.37
CA GLU NA 686 -57.89 -87.81 24.54
C GLU NA 686 -59.04 -88.32 23.65
N ILE NA 687 -60.29 -88.07 24.04
CA ILE NA 687 -61.50 -88.29 23.21
C ILE NA 687 -61.59 -87.25 22.06
N GLN NA 688 -61.99 -87.67 20.86
CA GLN NA 688 -62.11 -86.80 19.65
C GLN NA 688 -63.38 -87.11 18.85
N TYR NA 689 -63.98 -86.14 18.18
CA TYR NA 689 -65.10 -86.40 17.24
C TYR NA 689 -64.53 -87.09 15.97
N THR NA 690 -65.18 -88.17 15.56
CA THR NA 690 -64.70 -88.94 14.40
C THR NA 690 -65.86 -89.32 13.52
N ASN NA 691 -65.60 -89.57 12.25
CA ASN NA 691 -66.64 -90.13 11.35
C ASN NA 691 -66.57 -91.63 11.57
N ASN NA 692 -67.55 -92.22 12.24
CA ASN NA 692 -67.51 -93.64 12.63
C ASN NA 692 -68.90 -94.22 12.47
N TYR NA 693 -69.06 -95.17 11.57
CA TYR NA 693 -70.39 -95.73 11.23
C TYR NA 693 -70.19 -97.21 10.98
N ASN NA 694 -71.14 -98.06 11.33
CA ASN NA 694 -71.01 -99.51 11.00
C ASN NA 694 -71.87 -99.86 9.77
N ASP NA 695 -71.29 -100.43 8.71
CA ASP NA 695 -71.98 -100.83 7.44
C ASP NA 695 -72.79 -99.68 6.82
N PRO NA 696 -72.24 -98.46 6.60
CA PRO NA 696 -73.06 -97.34 6.10
C PRO NA 696 -73.72 -97.46 4.72
N GLN NA 697 -74.99 -97.06 4.62
CA GLN NA 697 -75.73 -97.10 3.33
C GLN NA 697 -75.72 -95.75 2.63
N PHE NA 698 -75.18 -94.73 3.27
CA PHE NA 698 -75.14 -93.35 2.71
C PHE NA 698 -73.99 -92.67 3.37
N VAL NA 699 -73.52 -91.58 2.81
CA VAL NA 699 -72.53 -90.75 3.52
C VAL NA 699 -73.29 -89.65 4.24
N ASP NA 700 -73.10 -89.51 5.55
CA ASP NA 700 -73.65 -88.39 6.35
C ASP NA 700 -73.00 -87.06 5.97
N PHE NA 701 -73.72 -85.93 6.09
CA PHE NA 701 -73.26 -84.55 5.68
C PHE NA 701 -72.97 -84.47 4.18
N ALA NA 702 -73.78 -85.14 3.39
CA ALA NA 702 -73.64 -85.17 1.92
C ALA NA 702 -75.03 -85.22 1.29
N PRO NA 703 -75.20 -84.84 0.00
CA PRO NA 703 -76.46 -85.04 -0.71
C PRO NA 703 -76.84 -86.51 -1.03
N ASP NA 704 -78.12 -86.82 -1.10
CA ASP NA 704 -78.57 -88.19 -1.49
C ASP NA 704 -78.88 -88.32 -2.99
N SER NA 705 -79.46 -89.44 -3.41
CA SER NA 705 -79.79 -89.70 -4.84
C SER NA 705 -80.79 -88.67 -5.37
N THR NA 706 -81.77 -88.23 -4.58
CA THR NA 706 -82.71 -87.11 -4.92
C THR NA 706 -82.07 -85.73 -4.83
N GLY NA 707 -80.89 -85.56 -4.22
CA GLY NA 707 -80.29 -84.24 -4.00
C GLY NA 707 -80.56 -83.56 -2.66
N GLU NA 708 -81.19 -84.24 -1.71
CA GLU NA 708 -81.47 -83.69 -0.36
C GLU NA 708 -80.32 -83.94 0.62
N TYR NA 709 -79.86 -82.90 1.33
CA TYR NA 709 -78.76 -82.97 2.32
C TYR NA 709 -79.15 -83.78 3.57
N ARG NA 710 -78.20 -84.58 4.06
CA ARG NA 710 -78.46 -85.44 5.25
C ARG NA 710 -77.57 -85.01 6.40
N SER NA 711 -78.15 -84.76 7.59
CA SER NA 711 -77.41 -84.37 8.81
C SER NA 711 -77.93 -85.18 10.02
N THR NA 712 -77.59 -86.44 10.16
CA THR NA 712 -78.05 -87.39 11.24
C THR NA 712 -77.64 -87.01 12.66
N ARG NA 713 -76.46 -86.44 12.90
CA ARG NA 713 -75.95 -86.24 14.30
C ARG NA 713 -75.78 -84.77 14.76
N PRO NA 714 -76.17 -84.40 16.00
CA PRO NA 714 -75.85 -83.10 16.57
C PRO NA 714 -74.38 -82.96 17.02
N ILE NA 715 -73.69 -81.84 16.77
CA ILE NA 715 -72.25 -81.81 17.22
C ILE NA 715 -71.96 -80.67 18.21
N GLY NA 716 -71.46 -81.02 19.39
CA GLY NA 716 -71.03 -80.10 20.46
C GLY NA 716 -69.57 -79.72 20.34
N THR NA 717 -69.09 -78.86 21.21
CA THR NA 717 -67.68 -78.43 21.22
C THR NA 717 -66.76 -79.08 22.26
N ARG NA 718 -67.22 -79.87 23.23
CA ARG NA 718 -66.30 -80.31 24.34
C ARG NA 718 -65.77 -81.75 24.21
N TYR NA 719 -64.53 -81.90 23.74
CA TYR NA 719 -63.86 -83.23 23.57
C TYR NA 719 -62.57 -83.22 24.35
N LEU NA 720 -61.94 -82.06 24.47
CA LEU NA 720 -60.70 -81.87 25.27
C LEU NA 720 -61.00 -81.82 26.77
N THR NA 721 -60.01 -82.12 27.58
CA THR NA 721 -60.17 -82.21 29.03
C THR NA 721 -59.17 -81.32 29.72
N ARG NA 722 -59.56 -80.72 30.83
CA ARG NA 722 -58.62 -79.89 31.63
C ARG NA 722 -58.78 -80.20 33.13
N PRO NA 723 -57.71 -80.12 33.96
CA PRO NA 723 -57.84 -80.21 35.41
C PRO NA 723 -58.51 -78.97 36.04
N LEU NA 724 -59.22 -79.13 37.16
CA LEU NA 724 -59.94 -78.01 37.81
C LEU NA 724 -58.97 -76.95 38.36
N ASP OA 209 -78.53 40.31 -15.70
CA ASP OA 209 -77.51 40.93 -16.59
C ASP OA 209 -78.04 42.23 -17.22
N GLY OA 210 -78.95 42.17 -18.19
CA GLY OA 210 -79.30 43.40 -18.92
C GLY OA 210 -80.67 43.52 -19.54
N VAL OA 211 -81.04 44.74 -19.95
CA VAL OA 211 -82.32 45.02 -20.67
C VAL OA 211 -82.39 44.28 -22.02
N GLY OA 212 -81.30 44.17 -22.76
CA GLY OA 212 -81.27 43.57 -24.11
C GLY OA 212 -80.93 42.11 -24.13
N ASN OA 213 -80.73 41.47 -22.98
CA ASN OA 213 -80.27 40.06 -22.96
C ASN OA 213 -81.34 39.14 -22.38
N ALA OA 214 -81.64 38.03 -23.05
CA ALA OA 214 -82.63 37.04 -22.56
C ALA OA 214 -82.11 36.17 -21.41
N SER OA 215 -82.87 36.05 -20.33
CA SER OA 215 -82.62 35.23 -19.10
C SER OA 215 -82.66 33.70 -19.32
N GLY OA 216 -83.53 33.19 -20.18
CA GLY OA 216 -83.67 31.75 -20.47
C GLY OA 216 -84.27 31.39 -21.81
N ASP OA 217 -84.34 30.11 -22.13
CA ASP OA 217 -84.86 29.56 -23.42
C ASP OA 217 -86.05 28.61 -23.26
N TRP OA 218 -86.85 28.44 -24.30
CA TRP OA 218 -88.05 27.55 -24.31
C TRP OA 218 -87.68 26.06 -24.39
N HIS OA 219 -88.12 25.27 -23.42
CA HIS OA 219 -87.93 23.80 -23.48
C HIS OA 219 -89.27 23.07 -23.31
N CYS OA 220 -89.80 22.40 -24.33
CA CYS OA 220 -91.01 21.55 -24.17
C CYS OA 220 -90.68 20.20 -24.80
N ASP OA 221 -90.48 19.15 -24.00
CA ASP OA 221 -90.03 17.84 -24.56
C ASP OA 221 -90.27 16.62 -23.67
N SER OA 222 -90.24 15.41 -24.23
CA SER OA 222 -90.26 14.14 -23.45
C SER OA 222 -89.06 13.29 -23.90
N THR OA 223 -88.29 12.72 -22.98
CA THR OA 223 -87.20 11.78 -23.33
C THR OA 223 -87.44 10.46 -22.62
N TRP OA 224 -87.44 9.34 -23.34
CA TRP OA 224 -87.65 7.99 -22.77
C TRP OA 224 -86.33 7.23 -22.79
N MET OA 225 -85.88 6.78 -21.63
CA MET OA 225 -84.58 6.06 -21.49
C MET OA 225 -84.70 4.79 -20.63
N GLY OA 226 -85.21 3.67 -21.14
CA GLY OA 226 -85.43 2.46 -20.31
C GLY OA 226 -86.43 2.65 -19.20
N ASP OA 227 -86.04 2.46 -17.95
CA ASP OA 227 -86.93 2.59 -16.75
C ASP OA 227 -87.30 4.05 -16.42
N ARG OA 228 -86.66 5.06 -17.03
CA ARG OA 228 -86.90 6.48 -16.70
C ARG OA 228 -87.49 7.31 -17.85
N VAL OA 229 -88.45 8.19 -17.56
CA VAL OA 229 -88.97 9.17 -18.56
C VAL OA 229 -88.78 10.59 -17.95
N VAL OA 230 -88.26 11.55 -18.72
CA VAL OA 230 -88.11 12.98 -18.29
C VAL OA 230 -89.10 13.86 -19.06
N THR OA 231 -89.89 14.68 -18.37
CA THR OA 231 -90.84 15.61 -19.02
C THR OA 231 -90.42 17.07 -18.82
N LYS OA 232 -90.41 17.88 -19.87
CA LYS OA 232 -90.12 19.34 -19.80
C LYS OA 232 -91.33 20.12 -20.30
N SER OA 233 -91.77 21.14 -19.57
CA SER OA 233 -92.94 21.99 -19.94
C SER OA 233 -92.63 23.47 -19.78
N THR OA 234 -92.91 24.30 -20.79
CA THR OA 234 -92.73 25.76 -20.72
C THR OA 234 -94.04 26.49 -21.00
N ARG OA 235 -94.38 27.49 -20.18
CA ARG OA 235 -95.61 28.32 -20.37
C ARG OA 235 -95.35 29.83 -20.19
N THR OA 236 -96.24 30.67 -20.72
CA THR OA 236 -96.21 32.13 -20.53
C THR OA 236 -97.31 32.52 -19.55
N TRP OA 237 -96.99 33.30 -18.52
CA TRP OA 237 -97.94 33.71 -17.44
C TRP OA 237 -98.09 35.24 -17.31
N VAL OA 238 -99.22 35.67 -16.76
CA VAL OA 238 -99.51 37.10 -16.44
C VAL OA 238 -99.82 37.23 -14.93
N LEU OA 239 -99.26 38.25 -14.27
CA LEU OA 239 -99.59 38.52 -12.84
C LEU OA 239 -100.29 39.86 -12.60
N PRO OA 240 -101.54 39.87 -12.08
CA PRO OA 240 -102.21 41.08 -11.64
C PRO OA 240 -101.71 41.65 -10.30
N SER OA 241 -101.91 42.94 -10.05
CA SER OA 241 -101.61 43.46 -8.69
C SER OA 241 -102.88 43.28 -7.82
N TYR OA 242 -102.99 42.18 -7.09
CA TYR OA 242 -104.21 41.83 -6.31
C TYR OA 242 -104.39 42.60 -5.00
N ASN OA 243 -105.60 43.12 -4.74
CA ASN OA 243 -105.95 43.76 -3.43
C ASN OA 243 -105.40 45.19 -3.36
N ASN OA 244 -104.82 45.72 -4.44
CA ASN OA 244 -104.15 47.06 -4.47
C ASN OA 244 -103.08 47.14 -3.38
N HIS OA 245 -102.25 46.12 -3.22
CA HIS OA 245 -101.10 46.09 -2.25
C HIS OA 245 -101.54 45.94 -0.78
N GLN OA 246 -102.69 45.37 -0.51
CA GLN OA 246 -103.23 45.27 0.87
C GLN OA 246 -103.67 43.85 1.26
N TYR OA 247 -103.72 43.54 2.54
CA TYR OA 247 -104.20 42.25 3.09
C TYR OA 247 -105.59 42.49 3.60
N ARG OA 248 -106.54 41.64 3.24
CA ARG OA 248 -107.96 41.86 3.63
C ARG OA 248 -108.55 40.70 4.45
N GLU OA 249 -109.24 41.02 5.55
CA GLU OA 249 -109.96 39.97 6.29
C GLU OA 249 -111.21 39.54 5.50
N ILE OA 250 -111.42 38.24 5.34
CA ILE OA 250 -112.52 37.68 4.53
C ILE OA 250 -113.35 36.72 5.41
N LYS OA 251 -114.66 36.68 5.22
CA LYS OA 251 -115.51 35.85 6.12
C LYS OA 251 -116.83 35.49 5.45
N SER OA 252 -117.44 34.40 5.89
CA SER OA 252 -118.80 34.07 5.41
C SER OA 252 -119.74 33.55 6.51
N GLY OA 253 -121.02 33.87 6.46
CA GLY OA 253 -122.09 33.24 7.27
C GLY OA 253 -122.70 32.05 6.50
N SER OA 254 -123.80 31.48 6.97
CA SER OA 254 -124.50 30.35 6.29
C SER OA 254 -125.05 30.76 4.90
N VAL OA 255 -124.88 29.90 3.88
CA VAL OA 255 -125.30 30.22 2.48
C VAL OA 255 -125.91 28.96 1.86
N ASP OA 256 -126.93 29.10 1.01
CA ASP OA 256 -127.61 27.96 0.33
C ASP OA 256 -128.22 27.02 1.38
N GLY OA 257 -128.62 27.56 2.52
CA GLY OA 257 -129.18 26.76 3.61
C GLY OA 257 -128.17 26.06 4.50
N SER OA 258 -126.85 26.26 4.35
CA SER OA 258 -125.91 25.46 5.18
C SER OA 258 -124.90 26.25 6.03
N ASN OA 259 -124.78 25.95 7.32
CA ASN OA 259 -123.74 26.52 8.25
C ASN OA 259 -122.34 25.94 7.97
N ALA OA 260 -122.21 24.81 7.27
CA ALA OA 260 -120.92 24.18 6.85
C ALA OA 260 -120.20 25.14 5.89
N ASN OA 261 -120.96 25.98 5.19
CA ASN OA 261 -120.49 27.09 4.33
C ASN OA 261 -119.74 28.21 5.08
N ALA OA 262 -120.07 28.54 6.33
CA ALA OA 262 -119.42 29.61 7.15
C ALA OA 262 -117.91 29.42 7.38
N TYR OA 263 -117.13 30.50 7.30
CA TYR OA 263 -115.65 30.50 7.47
C TYR OA 263 -115.13 31.88 7.91
N PHE OA 264 -113.93 31.95 8.47
CA PHE OA 264 -113.19 33.20 8.80
C PHE OA 264 -111.79 33.05 8.14
N GLY OA 265 -111.30 34.07 7.45
CA GLY OA 265 -110.03 33.99 6.70
C GLY OA 265 -109.35 35.28 6.28
N TYR OA 266 -108.19 35.16 5.62
CA TYR OA 266 -107.45 36.32 5.06
C TYR OA 266 -107.21 36.20 3.53
N SER OA 267 -107.35 37.29 2.78
CA SER OA 267 -106.96 37.35 1.33
C SER OA 267 -105.63 38.13 1.24
N THR OA 268 -104.77 37.76 0.32
CA THR OA 268 -103.41 38.34 0.26
C THR OA 268 -103.08 38.99 -1.08
N PRO OA 269 -102.11 39.92 -1.13
CA PRO OA 269 -101.60 40.53 -2.37
C PRO OA 269 -100.88 39.60 -3.35
N TRP OA 270 -100.31 38.49 -2.90
CA TRP OA 270 -99.55 37.47 -3.66
C TRP OA 270 -100.32 36.51 -4.57
N GLY OA 271 -99.60 35.93 -5.53
CA GLY OA 271 -100.11 34.90 -6.45
C GLY OA 271 -99.18 33.70 -6.39
N TYR OA 272 -99.66 32.54 -6.81
CA TYR OA 272 -98.85 31.29 -6.70
C TYR OA 272 -98.86 30.47 -7.99
N PHE OA 273 -97.87 29.61 -8.18
CA PHE OA 273 -97.77 28.68 -9.34
C PHE OA 273 -98.20 27.26 -8.91
N ASP OA 274 -99.14 26.63 -9.61
CA ASP OA 274 -99.66 25.26 -9.35
C ASP OA 274 -99.38 24.33 -10.55
N PHE OA 275 -98.70 23.21 -10.32
CA PHE OA 275 -98.45 22.19 -11.38
C PHE OA 275 -99.10 20.82 -11.06
N ASN OA 276 -100.03 20.69 -10.10
CA ASN OA 276 -100.56 19.34 -9.72
C ASN OA 276 -101.70 18.87 -10.66
N ARG OA 277 -101.44 18.76 -11.96
CA ARG OA 277 -102.36 18.15 -12.95
C ARG OA 277 -101.44 17.39 -13.93
N PHE OA 278 -101.81 16.20 -14.39
CA PHE OA 278 -101.02 15.37 -15.36
C PHE OA 278 -100.86 16.04 -16.75
N HIS OA 279 -101.88 16.70 -17.29
CA HIS OA 279 -101.93 17.37 -18.63
C HIS OA 279 -100.89 18.51 -18.66
N SER OA 280 -100.51 19.07 -17.51
CA SER OA 280 -99.43 20.09 -17.36
C SER OA 280 -98.08 19.52 -17.81
N HIS OA 281 -97.78 18.26 -17.54
CA HIS OA 281 -96.51 17.57 -17.93
C HIS OA 281 -96.63 16.58 -19.09
N TRP OA 282 -97.81 16.12 -19.48
CA TRP OA 282 -97.94 15.00 -20.43
C TRP OA 282 -98.75 15.32 -21.68
N SER OA 283 -98.18 15.03 -22.85
CA SER OA 283 -98.95 15.12 -24.12
C SER OA 283 -99.95 13.96 -24.17
N PRO OA 284 -101.05 14.08 -24.94
CA PRO OA 284 -101.97 12.96 -25.08
C PRO OA 284 -101.34 11.73 -25.73
N ARG OA 285 -100.48 11.86 -26.74
CA ARG OA 285 -99.73 10.71 -27.31
C ARG OA 285 -98.76 10.05 -26.31
N ASP OA 286 -98.03 10.82 -25.52
CA ASP OA 286 -97.09 10.31 -24.46
C ASP OA 286 -97.84 9.54 -23.38
N TRP OA 287 -99.01 10.02 -22.97
CA TRP OA 287 -99.88 9.33 -21.99
C TRP OA 287 -100.36 7.97 -22.52
N GLN OA 288 -100.72 7.86 -23.79
CA GLN OA 288 -101.11 6.60 -24.47
C GLN OA 288 -99.95 5.59 -24.48
N ARG OA 289 -98.73 6.06 -24.72
CA ARG OA 289 -97.55 5.18 -24.70
C ARG OA 289 -97.33 4.57 -23.31
N LEU OA 290 -97.46 5.34 -22.23
CA LEU OA 290 -97.37 4.79 -20.86
C LEU OA 290 -98.48 3.80 -20.41
N ILE OA 291 -99.75 4.09 -20.69
CA ILE OA 291 -100.92 3.27 -20.27
C ILE OA 291 -100.93 1.90 -20.97
N ASN OA 292 -100.57 1.88 -22.23
CA ASN OA 292 -100.43 0.66 -23.08
C ASN OA 292 -99.31 -0.30 -22.65
N ASN OA 293 -98.14 0.18 -22.20
CA ASN OA 293 -96.93 -0.67 -22.00
C ASN OA 293 -96.34 -0.89 -20.60
N TYR OA 294 -96.88 -0.30 -19.54
CA TYR OA 294 -96.23 -0.37 -18.21
C TYR OA 294 -97.17 -0.78 -17.07
N TRP OA 295 -96.71 -1.61 -16.14
CA TRP OA 295 -97.45 -1.96 -14.90
C TRP OA 295 -97.62 -0.79 -13.89
N GLY OA 296 -96.60 0.06 -13.73
CA GLY OA 296 -96.64 1.15 -12.75
C GLY OA 296 -95.74 2.32 -13.02
N PHE OA 297 -96.01 3.45 -12.36
CA PHE OA 297 -95.15 4.66 -12.47
C PHE OA 297 -95.07 5.40 -11.11
N ARG OA 298 -94.00 6.14 -10.83
CA ARG OA 298 -93.88 7.02 -9.62
C ARG OA 298 -93.04 8.30 -9.90
N PRO OA 299 -93.31 9.47 -9.25
CA PRO OA 299 -92.42 10.66 -9.34
C PRO OA 299 -91.07 10.60 -8.57
N ARG OA 300 -90.01 11.18 -9.12
CA ARG OA 300 -88.65 11.13 -8.48
C ARG OA 300 -88.08 12.52 -8.22
N SER OA 301 -88.04 13.40 -9.21
CA SER OA 301 -87.39 14.73 -9.07
C SER OA 301 -88.16 15.87 -9.74
N LEU OA 302 -88.04 17.08 -9.20
CA LEU OA 302 -88.65 18.29 -9.80
C LEU OA 302 -87.64 19.47 -9.92
N ARG OA 303 -87.59 20.18 -11.06
CA ARG OA 303 -86.78 21.42 -11.24
C ARG OA 303 -87.68 22.56 -11.78
N VAL OA 304 -87.62 23.76 -11.17
CA VAL OA 304 -88.42 24.94 -11.62
C VAL OA 304 -87.54 26.18 -11.95
N LYS OA 305 -87.77 26.84 -13.09
CA LYS OA 305 -87.09 28.11 -13.47
C LYS OA 305 -88.12 29.22 -13.83
N ILE OA 306 -87.94 30.44 -13.30
CA ILE OA 306 -88.78 31.64 -13.66
C ILE OA 306 -87.87 32.68 -14.34
N PHE OA 307 -88.21 33.20 -15.53
CA PHE OA 307 -87.30 34.01 -16.38
C PHE OA 307 -88.01 34.96 -17.37
N ASN OA 308 -87.28 35.85 -18.05
CA ASN OA 308 -87.78 36.83 -19.09
C ASN OA 308 -88.85 37.76 -18.52
N ILE OA 309 -88.63 38.25 -17.32
CA ILE OA 309 -89.58 39.13 -16.59
C ILE OA 309 -89.79 40.50 -17.29
N GLN OA 310 -91.05 40.95 -17.37
CA GLN OA 310 -91.39 42.26 -17.97
C GLN OA 310 -92.46 42.96 -17.09
N VAL OA 311 -92.14 44.14 -16.59
CA VAL OA 311 -93.05 44.92 -15.72
C VAL OA 311 -93.62 46.08 -16.55
N LYS OA 312 -94.95 46.25 -16.53
CA LYS OA 312 -95.65 47.27 -17.32
C LYS OA 312 -96.45 48.23 -16.44
N GLU OA 313 -96.47 49.51 -16.79
CA GLU OA 313 -97.28 50.52 -16.05
C GLU OA 313 -98.47 50.94 -16.92
N VAL OA 314 -99.65 51.00 -16.31
CA VAL OA 314 -100.89 51.34 -17.05
C VAL OA 314 -101.34 52.72 -16.55
N THR OA 315 -101.61 53.63 -17.48
CA THR OA 315 -102.02 55.01 -17.12
C THR OA 315 -103.28 55.37 -17.86
N VAL OA 316 -104.22 56.02 -17.19
CA VAL OA 316 -105.43 56.51 -17.93
C VAL OA 316 -105.54 58.04 -17.88
N GLN OA 317 -105.62 58.72 -19.02
CA GLN OA 317 -105.92 60.17 -19.03
C GLN OA 317 -107.14 60.35 -19.93
N ASP OA 318 -108.26 60.81 -19.39
CA ASP OA 318 -109.46 61.11 -20.23
C ASP OA 318 -109.84 59.86 -21.04
N SER OA 319 -109.74 58.65 -20.48
CA SER OA 319 -110.19 57.39 -21.14
C SER OA 319 -109.22 56.81 -22.20
N THR OA 320 -108.03 57.37 -22.40
CA THR OA 320 -107.02 56.79 -23.34
C THR OA 320 -106.47 55.41 -22.97
N THR OA 321 -106.19 55.10 -21.70
CA THR OA 321 -105.56 53.80 -21.26
C THR OA 321 -104.22 53.41 -21.93
N THR OA 322 -103.20 54.27 -21.99
CA THR OA 322 -101.84 53.89 -22.47
C THR OA 322 -101.11 52.87 -21.58
N ILE OA 323 -100.34 51.94 -22.18
CA ILE OA 323 -99.52 50.92 -21.45
C ILE OA 323 -98.03 51.08 -21.81
N ALA OA 324 -97.13 51.09 -20.83
CA ALA OA 324 -95.68 51.28 -21.07
C ALA OA 324 -94.79 50.39 -20.21
N ASN OA 325 -93.58 50.09 -20.67
CA ASN OA 325 -92.58 49.36 -19.86
C ASN OA 325 -91.97 50.16 -18.72
N ASN OA 326 -91.80 49.57 -17.53
CA ASN OA 326 -91.03 50.23 -16.46
C ASN OA 326 -89.79 49.35 -16.22
N LEU OA 327 -88.61 49.79 -16.61
CA LEU OA 327 -87.30 49.07 -16.48
C LEU OA 327 -86.83 48.86 -15.04
N THR OA 328 -87.03 49.84 -14.17
CA THR OA 328 -86.50 49.82 -12.78
C THR OA 328 -87.44 49.12 -11.77
N SER OA 329 -88.65 48.70 -12.15
CA SER OA 329 -89.60 47.97 -11.26
C SER OA 329 -89.18 46.51 -10.95
N THR OA 330 -89.60 45.98 -9.79
CA THR OA 330 -89.18 44.61 -9.33
C THR OA 330 -90.35 43.65 -9.09
N VAL OA 331 -90.04 42.38 -9.15
CA VAL OA 331 -90.99 41.28 -8.78
C VAL OA 331 -90.34 40.54 -7.59
N GLN OA 332 -91.12 40.04 -6.64
CA GLN OA 332 -90.63 39.29 -5.44
C GLN OA 332 -91.06 37.81 -5.43
N VAL OA 333 -90.12 36.88 -5.24
CA VAL OA 333 -90.36 35.41 -5.33
C VAL OA 333 -89.79 34.65 -4.11
N PHE OA 334 -90.54 33.69 -3.57
CA PHE OA 334 -90.05 32.79 -2.46
C PHE OA 334 -90.69 31.37 -2.49
N THR OA 335 -90.04 30.40 -1.86
CA THR OA 335 -90.58 29.03 -1.70
C THR OA 335 -90.76 28.73 -0.20
N ASP OA 336 -91.89 28.16 0.20
CA ASP OA 336 -92.18 27.78 1.62
C ASP OA 336 -91.63 26.39 1.96
N ASP OA 337 -90.33 26.28 2.16
CA ASP OA 337 -89.60 24.99 2.40
C ASP OA 337 -89.96 24.22 3.70
N ASP OA 338 -90.20 24.90 4.82
CA ASP OA 338 -90.48 24.28 6.14
C ASP OA 338 -91.98 24.08 6.41
N TYR OA 339 -92.87 24.39 5.46
CA TYR OA 339 -94.34 24.15 5.55
C TYR OA 339 -95.00 24.96 6.66
N GLN OA 340 -94.47 26.13 6.96
CA GLN OA 340 -95.04 27.08 7.93
C GLN OA 340 -96.41 27.63 7.48
N LEU OA 341 -96.58 27.92 6.21
CA LEU OA 341 -97.86 28.42 5.65
C LEU OA 341 -98.93 27.35 5.46
N PRO OA 342 -100.21 27.72 5.47
CA PRO OA 342 -101.24 26.77 5.08
C PRO OA 342 -101.08 26.32 3.60
N TYR OA 343 -101.18 25.03 3.31
CA TYR OA 343 -100.95 24.49 1.93
C TYR OA 343 -102.27 24.27 1.21
N VAL OA 344 -102.51 25.06 0.18
CA VAL OA 344 -103.81 25.03 -0.54
C VAL OA 344 -103.69 24.31 -1.89
N VAL OA 345 -102.49 23.84 -2.27
CA VAL OA 345 -102.21 23.21 -3.60
C VAL OA 345 -102.97 21.89 -3.90
N GLY OA 346 -103.22 20.99 -2.97
CA GLY OA 346 -103.76 19.62 -3.25
C GLY OA 346 -105.26 19.42 -3.12
N ASN OA 347 -106.08 20.45 -3.27
CA ASN OA 347 -107.55 20.45 -3.02
C ASN OA 347 -108.44 20.52 -4.28
N GLY OA 348 -107.97 20.14 -5.49
CA GLY OA 348 -108.72 20.15 -6.76
C GLY OA 348 -109.20 21.49 -7.27
N THR OA 349 -108.40 22.53 -7.09
CA THR OA 349 -108.75 23.89 -7.49
C THR OA 349 -108.14 24.30 -8.82
N GLU OA 350 -108.76 25.24 -9.52
CA GLU OA 350 -108.30 25.81 -10.81
C GLU OA 350 -107.11 26.77 -10.72
N GLY OA 351 -106.46 27.09 -11.84
CA GLY OA 351 -105.21 27.91 -11.87
C GLY OA 351 -103.90 27.19 -12.12
N CYS OA 352 -103.89 25.90 -12.42
CA CYS OA 352 -102.68 25.13 -12.82
C CYS OA 352 -102.22 25.49 -14.24
N LEU OA 353 -100.98 25.14 -14.59
CA LEU OA 353 -100.45 25.39 -15.96
C LEU OA 353 -101.34 24.66 -16.98
N PRO OA 354 -101.61 25.31 -18.13
CA PRO OA 354 -102.49 24.71 -19.13
C PRO OA 354 -102.07 23.42 -19.87
N ALA OA 355 -103.04 22.61 -20.30
CA ALA OA 355 -102.80 21.36 -21.07
C ALA OA 355 -102.12 21.65 -22.42
N PHE OA 356 -102.49 22.74 -23.12
CA PHE OA 356 -101.95 23.06 -24.46
C PHE OA 356 -100.84 24.09 -24.31
N PRO OA 357 -99.58 23.81 -24.79
CA PRO OA 357 -98.43 24.71 -24.64
C PRO OA 357 -98.52 26.18 -25.08
N PRO OA 358 -99.16 26.55 -26.21
CA PRO OA 358 -99.39 27.93 -26.64
C PRO OA 358 -100.30 28.81 -25.76
N GLN OA 359 -101.19 28.22 -24.97
CA GLN OA 359 -102.16 28.98 -24.12
C GLN OA 359 -101.46 29.82 -23.04
N VAL OA 360 -101.97 31.03 -22.82
CA VAL OA 360 -101.35 32.00 -21.86
C VAL OA 360 -102.28 32.10 -20.64
N PHE OA 361 -101.73 32.05 -19.44
CA PHE OA 361 -102.60 31.96 -18.22
C PHE OA 361 -102.37 33.01 -17.11
N THR OA 362 -103.46 33.36 -16.43
CA THR OA 362 -103.41 34.22 -15.22
C THR OA 362 -103.13 33.39 -13.97
N LEU OA 363 -102.20 33.82 -13.11
CA LEU OA 363 -101.93 33.16 -11.80
C LEU OA 363 -103.04 33.38 -10.79
N PRO OA 364 -103.40 32.32 -10.01
CA PRO OA 364 -104.36 32.47 -8.92
C PRO OA 364 -103.91 33.31 -7.70
N GLN OA 365 -104.83 34.05 -7.08
CA GLN OA 365 -104.53 34.77 -5.81
C GLN OA 365 -104.52 33.85 -4.57
N TYR OA 366 -103.50 33.94 -3.71
CA TYR OA 366 -103.41 33.21 -2.42
C TYR OA 366 -104.36 33.70 -1.32
N GLY OA 367 -104.96 32.77 -0.58
CA GLY OA 367 -105.89 33.03 0.51
C GLY OA 367 -105.98 31.79 1.35
N TYR OA 368 -106.57 31.88 2.54
CA TYR OA 368 -106.73 30.70 3.46
C TYR OA 368 -107.89 30.89 4.40
N ALA OA 369 -108.38 29.79 4.95
CA ALA OA 369 -109.38 29.83 6.04
C ALA OA 369 -108.72 29.37 7.35
N THR OA 370 -108.91 30.10 8.44
CA THR OA 370 -108.47 29.69 9.81
C THR OA 370 -109.70 29.19 10.56
N LEU OA 371 -109.67 29.22 11.88
CA LEU OA 371 -110.82 28.85 12.75
C LEU OA 371 -111.98 29.86 12.76
N ASN OA 372 -113.20 29.35 12.91
CA ASN OA 372 -114.43 30.18 12.95
C ASN OA 372 -115.19 29.75 14.22
N ARG OA 373 -115.97 30.64 14.82
CA ARG OA 373 -116.62 30.32 16.12
C ARG OA 373 -118.09 29.92 16.00
N ASP OA 374 -118.47 28.74 16.49
CA ASP OA 374 -119.87 28.22 16.54
C ASP OA 374 -120.60 28.18 15.19
N ASN OA 375 -119.92 27.78 14.11
CA ASN OA 375 -120.53 27.73 12.73
C ASN OA 375 -121.05 29.11 12.33
N THR OA 376 -120.29 30.18 12.60
CA THR OA 376 -120.62 31.59 12.28
C THR OA 376 -119.41 32.28 11.62
N GLU OA 377 -119.52 33.50 11.09
CA GLU OA 377 -118.42 34.26 10.42
C GLU OA 377 -117.33 34.81 11.38
N ASN OA 378 -117.59 34.85 12.67
CA ASN OA 378 -116.65 35.34 13.73
C ASN OA 378 -115.45 34.44 14.01
N PRO OA 379 -114.28 35.03 14.34
CA PRO OA 379 -113.09 34.32 14.80
C PRO OA 379 -113.01 33.82 16.28
N THR OA 380 -111.99 33.05 16.61
CA THR OA 380 -111.69 32.49 17.94
C THR OA 380 -110.32 32.99 18.38
N GLU OA 381 -109.97 32.85 19.66
CA GLU OA 381 -108.63 33.19 20.22
C GLU OA 381 -107.53 32.33 19.57
N ARG OA 382 -107.78 31.07 19.27
CA ARG OA 382 -106.88 30.15 18.53
C ARG OA 382 -106.67 30.57 17.06
N SER OA 383 -107.56 31.35 16.45
CA SER OA 383 -107.50 31.77 15.02
C SER OA 383 -106.20 32.54 14.74
N SER OA 384 -105.55 32.28 13.61
CA SER OA 384 -104.18 32.76 13.27
C SER OA 384 -104.07 33.66 12.02
N PHE OA 385 -103.19 34.65 12.10
CA PHE OA 385 -102.88 35.53 10.94
C PHE OA 385 -101.44 35.26 10.51
N PHE OA 386 -101.25 35.11 9.21
CA PHE OA 386 -99.89 34.90 8.65
C PHE OA 386 -99.53 36.02 7.67
N CYS OA 387 -98.35 36.64 7.84
CA CYS OA 387 -97.79 37.65 6.91
C CYS OA 387 -96.72 37.03 5.99
N LEU OA 388 -96.87 37.12 4.66
CA LEU OA 388 -95.90 36.62 3.63
C LEU OA 388 -94.60 37.45 3.62
N GLU OA 389 -94.69 38.76 3.88
CA GLU OA 389 -93.54 39.71 3.88
C GLU OA 389 -92.61 39.43 5.06
N TYR OA 390 -93.07 38.72 6.08
CA TYR OA 390 -92.22 38.25 7.23
C TYR OA 390 -91.16 37.26 6.73
N PHE OA 391 -91.43 36.39 5.79
CA PHE OA 391 -90.42 35.48 5.16
C PHE OA 391 -89.43 36.23 4.29
N PRO OA 392 -88.16 35.79 4.15
CA PRO OA 392 -87.27 36.34 3.12
C PRO OA 392 -87.60 36.00 1.62
N SER OA 393 -87.46 36.96 0.68
CA SER OA 393 -87.75 36.74 -0.77
C SER OA 393 -86.68 37.31 -1.73
N LYS OA 394 -86.46 36.69 -2.87
CA LYS OA 394 -85.59 37.24 -3.94
C LYS OA 394 -86.27 38.41 -4.67
N MET OA 395 -85.53 39.46 -5.03
CA MET OA 395 -86.08 40.61 -5.78
C MET OA 395 -85.51 40.60 -7.22
N LEU OA 396 -86.40 40.68 -8.21
CA LEU OA 396 -85.94 40.58 -9.62
C LEU OA 396 -86.34 41.76 -10.51
N ARG OA 397 -85.38 42.32 -11.22
CA ARG OA 397 -85.61 43.29 -12.33
C ARG OA 397 -85.70 42.50 -13.67
N THR OA 398 -85.88 43.14 -14.82
CA THR OA 398 -86.00 42.54 -16.19
C THR OA 398 -84.84 41.64 -16.58
N GLY OA 399 -83.59 41.93 -16.24
CA GLY OA 399 -82.40 41.08 -16.39
C GLY OA 399 -82.37 39.80 -15.59
N ASN OA 400 -82.91 39.77 -14.37
CA ASN OA 400 -82.85 38.67 -13.36
C ASN OA 400 -83.70 37.40 -13.58
N ASN OA 401 -83.30 36.28 -12.99
CA ASN OA 401 -83.99 34.95 -13.10
C ASN OA 401 -84.02 34.23 -11.72
N PHE OA 402 -84.93 33.28 -11.51
CA PHE OA 402 -85.02 32.45 -10.28
C PHE OA 402 -85.02 30.94 -10.60
N GLU OA 403 -84.31 30.13 -9.81
CA GLU OA 403 -84.34 28.64 -9.97
C GLU OA 403 -84.56 27.87 -8.64
N PHE OA 404 -85.26 26.73 -8.67
CA PHE OA 404 -85.45 25.82 -7.49
C PHE OA 404 -85.31 24.32 -7.88
N THR OA 405 -84.86 23.45 -6.97
CA THR OA 405 -84.76 21.96 -7.18
C THR OA 405 -85.41 21.21 -6.02
N TYR OA 406 -86.12 20.11 -6.28
CA TYR OA 406 -86.77 19.26 -5.23
C TYR OA 406 -86.57 17.75 -5.49
N ASN OA 407 -86.48 16.94 -4.43
CA ASN OA 407 -86.47 15.45 -4.53
C ASN OA 407 -87.68 14.87 -3.81
N PHE OA 408 -88.39 13.96 -4.46
CA PHE OA 408 -89.59 13.31 -3.85
C PHE OA 408 -89.13 12.25 -2.85
N GLU OA 409 -89.88 12.02 -1.79
CA GLU OA 409 -89.64 10.91 -0.83
C GLU OA 409 -89.99 9.55 -1.47
N GLU OA 410 -89.46 8.45 -0.93
CA GLU OA 410 -89.88 7.13 -1.45
C GLU OA 410 -91.39 6.93 -1.27
N VAL OA 411 -92.05 6.47 -2.32
CA VAL OA 411 -93.52 6.30 -2.32
C VAL OA 411 -93.80 5.02 -3.11
N PRO OA 412 -94.90 4.30 -2.86
CA PRO OA 412 -95.26 3.15 -3.70
C PRO OA 412 -95.67 3.51 -5.15
N PHE OA 413 -95.35 2.66 -6.14
CA PHE OA 413 -95.78 2.88 -7.54
C PHE OA 413 -97.29 2.80 -7.68
N HIS OA 414 -97.91 3.64 -8.51
CA HIS OA 414 -99.36 3.50 -8.85
C HIS OA 414 -99.54 2.21 -9.65
N SER OA 415 -100.66 1.52 -9.46
CA SER OA 415 -100.94 0.26 -10.22
C SER OA 415 -101.73 0.50 -11.51
N SER OA 416 -101.05 0.49 -12.66
CA SER OA 416 -101.68 0.64 -14.00
C SER OA 416 -102.03 -0.73 -14.60
N PHE OA 417 -102.94 -1.46 -13.99
CA PHE OA 417 -103.36 -2.81 -14.47
C PHE OA 417 -104.74 -3.11 -13.94
N ALA OA 418 -105.42 -4.03 -14.61
CA ALA OA 418 -106.74 -4.53 -14.17
C ALA OA 418 -106.58 -6.01 -13.81
N PRO OA 419 -107.18 -6.48 -12.70
CA PRO OA 419 -107.18 -7.91 -12.40
C PRO OA 419 -107.89 -8.85 -13.39
N SER OA 420 -107.25 -9.98 -13.70
CA SER OA 420 -107.82 -10.99 -14.61
C SER OA 420 -108.57 -12.12 -13.84
N GLN OA 421 -108.62 -12.08 -12.51
CA GLN OA 421 -109.38 -13.06 -11.71
C GLN OA 421 -110.27 -12.42 -10.63
N ASN OA 422 -111.41 -13.02 -10.32
CA ASN OA 422 -112.29 -12.66 -9.18
C ASN OA 422 -111.64 -13.11 -7.85
N LEU OA 423 -111.77 -12.32 -6.77
CA LEU OA 423 -111.21 -12.59 -5.42
C LEU OA 423 -111.79 -13.88 -4.82
N PHE OA 424 -113.07 -14.15 -5.06
CA PHE OA 424 -113.78 -15.36 -4.55
C PHE OA 424 -113.68 -16.63 -5.46
N LYS OA 425 -113.04 -16.62 -6.64
CA LYS OA 425 -112.96 -17.76 -7.61
C LYS OA 425 -111.51 -18.32 -7.75
N LEU OA 426 -110.67 -18.32 -6.71
CA LEU OA 426 -109.22 -18.71 -6.79
C LEU OA 426 -108.90 -20.21 -6.59
N ALA OA 427 -109.85 -21.02 -6.13
CA ALA OA 427 -109.67 -22.48 -6.02
C ALA OA 427 -109.61 -23.09 -7.43
N ASN OA 428 -108.86 -24.17 -7.62
CA ASN OA 428 -108.85 -24.88 -8.92
C ASN OA 428 -110.26 -25.36 -9.23
N PRO OA 429 -110.76 -25.13 -10.47
CA PRO OA 429 -112.08 -25.58 -10.88
C PRO OA 429 -112.27 -27.12 -10.90
N LEU OA 430 -111.28 -27.92 -11.30
CA LEU OA 430 -111.21 -29.41 -11.32
C LEU OA 430 -111.23 -30.13 -9.98
N VAL OA 431 -110.62 -29.60 -8.92
CA VAL OA 431 -110.43 -30.32 -7.63
C VAL OA 431 -111.34 -29.88 -6.45
N ASP OA 432 -111.95 -30.84 -5.74
CA ASP OA 432 -112.73 -30.61 -4.48
C ASP OA 432 -111.89 -30.24 -3.26
N GLN OA 433 -112.43 -29.45 -2.36
CA GLN OA 433 -111.79 -29.11 -1.05
C GLN OA 433 -111.84 -30.27 -0.02
N TYR OA 434 -110.86 -30.39 0.87
CA TYR OA 434 -110.92 -31.36 2.02
C TYR OA 434 -111.72 -30.76 3.22
N LEU OA 435 -112.65 -29.86 2.98
CA LEU OA 435 -113.35 -29.09 4.04
C LEU OA 435 -114.86 -29.27 3.90
N TYR OA 436 -115.58 -29.17 5.02
CA TYR OA 436 -117.03 -29.45 5.04
C TYR OA 436 -117.82 -28.31 5.65
N ARG OA 437 -119.09 -28.21 5.27
CA ARG OA 437 -119.97 -27.11 5.74
C ARG OA 437 -121.28 -27.66 6.32
N PHE OA 438 -121.90 -26.91 7.23
CA PHE OA 438 -123.22 -27.28 7.79
C PHE OA 438 -124.29 -26.88 6.82
N VAL OA 439 -125.15 -27.83 6.50
CA VAL OA 439 -126.26 -27.55 5.56
C VAL OA 439 -127.65 -27.78 6.16
N SER OA 440 -127.76 -28.53 7.25
CA SER OA 440 -129.10 -28.99 7.67
C SER OA 440 -129.29 -29.48 9.11
N THR OA 441 -130.54 -29.56 9.52
CA THR OA 441 -130.91 -30.17 10.81
C THR OA 441 -131.99 -31.20 10.45
N ASN OA 442 -132.04 -32.36 11.10
CA ASN OA 442 -133.08 -33.43 10.88
C ASN OA 442 -134.38 -33.18 11.68
N ASN OA 443 -135.35 -34.10 11.65
CA ASN OA 443 -136.68 -33.95 12.34
C ASN OA 443 -136.43 -33.76 13.84
N THR OA 444 -135.51 -34.48 14.45
CA THR OA 444 -135.02 -34.16 15.81
C THR OA 444 -133.95 -33.19 15.43
N GLY OA 445 -133.73 -32.07 16.10
CA GLY OA 445 -132.82 -31.08 15.48
C GLY OA 445 -131.35 -31.41 15.51
N GLY OA 446 -130.92 -32.45 14.80
CA GLY OA 446 -129.51 -32.92 14.79
C GLY OA 446 -128.76 -32.41 13.58
N VAL OA 447 -127.57 -31.87 13.77
CA VAL OA 447 -126.77 -31.23 12.69
C VAL OA 447 -126.27 -32.17 11.58
N GLN OA 448 -126.25 -31.68 10.34
CA GLN OA 448 -125.86 -32.50 9.16
C GLN OA 448 -124.83 -31.72 8.32
N PHE OA 449 -123.94 -32.43 7.64
CA PHE OA 449 -122.81 -31.79 6.89
C PHE OA 449 -122.63 -32.33 5.48
N ASN OA 450 -122.09 -31.51 4.58
CA ASN OA 450 -121.78 -31.92 3.17
C ASN OA 450 -120.39 -31.43 2.81
N LYS OA 451 -119.67 -32.16 1.97
CA LYS OA 451 -118.34 -31.77 1.44
C LYS OA 451 -118.44 -30.64 0.39
N ASN OA 452 -117.37 -29.86 0.26
CA ASN OA 452 -117.34 -28.75 -0.73
C ASN OA 452 -116.82 -29.26 -2.08
N LEU OA 453 -117.64 -29.22 -3.13
CA LEU OA 453 -117.32 -29.72 -4.50
C LEU OA 453 -116.52 -28.75 -5.38
N ALA OA 454 -115.87 -29.26 -6.42
CA ALA OA 454 -115.09 -28.44 -7.38
C ALA OA 454 -115.94 -27.43 -8.16
N GLY OA 455 -115.48 -26.17 -8.21
CA GLY OA 455 -116.15 -25.08 -8.96
C GLY OA 455 -117.34 -24.44 -8.26
N ARG OA 456 -117.70 -24.88 -7.05
CA ARG OA 456 -118.86 -24.35 -6.29
C ARG OA 456 -118.41 -23.14 -5.44
N TYR OA 457 -118.17 -21.98 -6.06
CA TYR OA 457 -117.60 -20.73 -5.46
C TYR OA 457 -118.54 -20.13 -4.43
N ALA OA 458 -119.83 -20.36 -4.58
CA ALA OA 458 -120.84 -19.92 -3.60
C ALA OA 458 -120.56 -20.58 -2.23
N ASN OA 459 -120.09 -21.82 -2.14
CA ASN OA 459 -119.92 -22.58 -0.87
C ASN OA 459 -118.48 -22.96 -0.47
N THR OA 460 -117.46 -22.19 -0.75
CA THR OA 460 -116.03 -22.59 -0.63
C THR OA 460 -115.42 -21.79 0.51
N TYR OA 461 -114.50 -22.36 1.26
CA TYR OA 461 -113.77 -21.65 2.34
C TYR OA 461 -112.88 -20.60 1.67
N LYS OA 462 -112.78 -19.42 2.28
CA LYS OA 462 -112.03 -18.29 1.67
C LYS OA 462 -110.95 -17.72 2.58
N ASN OA 463 -109.73 -17.55 2.11
CA ASN OA 463 -108.63 -16.82 2.83
C ASN OA 463 -108.78 -15.30 2.97
N TRP OA 464 -109.31 -14.61 1.98
CA TRP OA 464 -109.22 -13.14 1.89
C TRP OA 464 -110.55 -12.47 1.65
N PHE OA 465 -110.65 -11.23 2.05
CA PHE OA 465 -111.95 -10.51 2.03
C PHE OA 465 -111.83 -9.22 1.27
N PRO OA 466 -112.94 -8.75 0.68
CA PRO OA 466 -112.98 -7.46 0.01
C PRO OA 466 -112.88 -6.22 0.90
N GLY OA 467 -112.49 -5.09 0.32
CA GLY OA 467 -112.28 -3.80 1.03
C GLY OA 467 -113.52 -3.08 1.53
N PRO OA 468 -113.35 -2.05 2.39
CA PRO OA 468 -114.47 -1.35 3.02
C PRO OA 468 -115.50 -0.60 2.15
N MET OA 469 -116.76 -0.62 2.55
CA MET OA 469 -117.84 -0.03 1.73
C MET OA 469 -118.85 0.85 2.50
N GLY OA 470 -119.41 1.90 1.92
CA GLY OA 470 -120.56 2.65 2.48
C GLY OA 470 -121.60 2.84 1.39
N ARG OA 471 -122.88 2.52 1.57
CA ARG OA 471 -123.85 2.60 0.45
C ARG OA 471 -124.12 4.05 -0.08
N THR OA 472 -124.12 4.26 -1.40
CA THR OA 472 -124.34 5.55 -2.08
C THR OA 472 -125.36 5.37 -3.18
N GLN OA 473 -126.26 6.32 -3.41
CA GLN OA 473 -127.38 6.18 -4.37
C GLN OA 473 -126.90 6.00 -5.83
N GLY OA 474 -127.59 5.16 -6.59
CA GLY OA 474 -127.27 4.90 -8.00
C GLY OA 474 -128.25 5.56 -8.95
N TRP OA 475 -127.73 6.24 -9.96
CA TRP OA 475 -128.55 6.94 -10.98
C TRP OA 475 -128.25 6.43 -12.39
N ASN OA 476 -129.28 6.16 -13.17
CA ASN OA 476 -129.14 5.68 -14.58
C ASN OA 476 -128.73 6.83 -15.52
N LEU OA 477 -127.95 6.52 -16.55
CA LEU OA 477 -127.43 7.51 -17.53
C LEU OA 477 -127.88 7.00 -18.91
N GLY OA 478 -127.88 7.84 -19.94
CA GLY OA 478 -128.38 7.43 -21.27
C GLY OA 478 -129.86 7.10 -21.27
N SER OA 479 -130.22 5.86 -21.64
CA SER OA 479 -131.63 5.44 -21.65
C SER OA 479 -132.21 5.54 -20.24
N GLY OA 480 -131.46 5.16 -19.18
CA GLY OA 480 -131.90 5.53 -17.82
C GLY OA 480 -133.24 5.02 -17.35
N VAL OA 481 -134.14 5.92 -16.94
CA VAL OA 481 -135.47 5.59 -16.33
C VAL OA 481 -135.51 5.98 -14.82
N ASN OA 482 -134.74 6.95 -14.37
CA ASN OA 482 -134.71 7.52 -12.97
C ASN OA 482 -135.92 8.35 -12.54
N ARG OA 483 -136.15 8.52 -11.22
CA ARG OA 483 -137.28 9.34 -10.63
C ARG OA 483 -137.23 10.85 -10.96
N ALA OA 484 -138.38 11.45 -11.28
CA ALA OA 484 -138.50 12.86 -11.73
C ALA OA 484 -138.54 13.96 -10.66
N SER OA 485 -138.09 15.18 -11.00
CA SER OA 485 -138.21 16.40 -10.15
C SER OA 485 -137.56 16.28 -8.76
N VAL OA 486 -136.38 15.69 -8.66
CA VAL OA 486 -135.72 15.45 -7.34
C VAL OA 486 -134.72 16.56 -6.98
N SER OA 487 -134.72 17.02 -5.72
CA SER OA 487 -133.63 17.90 -5.25
C SER OA 487 -132.68 16.97 -4.49
N ALA OA 488 -131.44 16.83 -4.94
CA ALA OA 488 -130.45 15.86 -4.41
C ALA OA 488 -129.95 16.04 -2.96
N PHE OA 489 -129.74 17.24 -2.43
CA PHE OA 489 -128.97 17.50 -1.17
C PHE OA 489 -129.48 16.84 0.15
N ALA OA 490 -130.77 16.78 0.42
CA ALA OA 490 -131.30 16.20 1.69
C ALA OA 490 -130.93 14.71 1.81
N THR OA 491 -130.93 13.96 0.72
CA THR OA 491 -130.68 12.50 0.73
C THR OA 491 -129.24 12.12 0.44
N THR OA 492 -128.32 13.07 0.30
CA THR OA 492 -126.87 12.81 0.05
C THR OA 492 -126.12 12.27 1.27
N ASN OA 493 -125.01 11.56 1.05
CA ASN OA 493 -124.11 11.04 2.14
C ASN OA 493 -123.41 12.19 2.87
N ARG OA 494 -123.27 12.08 4.19
CA ARG OA 494 -122.69 13.19 4.99
C ARG OA 494 -121.85 12.72 6.16
N MET OA 495 -120.90 13.53 6.63
CA MET OA 495 -120.12 13.28 7.86
C MET OA 495 -120.29 14.55 8.74
N GLU OA 496 -120.34 14.42 10.07
CA GLU OA 496 -120.58 15.56 10.98
C GLU OA 496 -119.27 16.01 11.66
N LEU OA 497 -118.88 17.28 11.55
CA LEU OA 497 -117.69 17.83 12.26
C LEU OA 497 -118.06 19.11 13.00
N GLU OA 498 -117.72 19.28 14.28
CA GLU OA 498 -117.89 20.54 15.06
C GLU OA 498 -119.32 21.09 15.05
N GLY OA 499 -120.36 20.25 15.09
CA GLY OA 499 -121.74 20.74 14.97
C GLY OA 499 -122.28 21.03 13.57
N ALA OA 500 -121.59 20.70 12.48
CA ALA OA 500 -122.17 20.92 11.13
C ALA OA 500 -122.15 19.65 10.26
N SER OA 501 -123.09 19.50 9.32
CA SER OA 501 -123.16 18.34 8.38
C SER OA 501 -122.47 18.69 7.07
N TYR OA 502 -121.55 17.84 6.65
CA TYR OA 502 -120.78 18.12 5.40
C TYR OA 502 -120.93 17.03 4.37
N GLN OA 503 -121.16 17.42 3.14
CA GLN OA 503 -121.07 16.44 2.03
C GLN OA 503 -119.59 16.11 1.88
N VAL OA 504 -119.27 14.87 1.58
CA VAL OA 504 -117.87 14.38 1.39
C VAL OA 504 -117.93 13.76 0.00
N PRO OA 505 -117.92 14.59 -1.07
CA PRO OA 505 -118.20 14.16 -2.44
C PRO OA 505 -117.33 13.10 -3.04
N PRO OA 506 -115.99 12.96 -2.87
CA PRO OA 506 -115.36 11.74 -3.35
C PRO OA 506 -115.68 10.83 -2.16
N GLN OA 507 -116.17 9.62 -2.34
CA GLN OA 507 -116.33 8.78 -1.11
C GLN OA 507 -114.94 8.19 -0.72
N PRO OA 508 -114.72 7.57 0.47
CA PRO OA 508 -113.46 6.89 0.80
C PRO OA 508 -113.10 5.63 -0.04
N ASN OA 509 -111.82 5.27 -0.27
CA ASN OA 509 -111.37 4.13 -1.15
C ASN OA 509 -111.87 2.70 -0.82
N GLY OA 510 -111.87 1.78 -1.81
CA GLY OA 510 -112.32 0.37 -1.68
C GLY OA 510 -113.64 0.01 -2.33
N MET OA 511 -114.23 0.91 -3.07
CA MET OA 511 -115.50 0.61 -3.78
C MET OA 511 -115.41 0.83 -5.30
N THR OA 512 -116.38 0.30 -6.04
CA THR OA 512 -116.53 0.60 -7.50
C THR OA 512 -117.87 1.30 -7.74
N ASN OA 513 -117.90 2.45 -8.41
CA ASN OA 513 -119.11 3.22 -8.86
C ASN OA 513 -119.97 2.54 -9.95
N ASN OA 514 -119.39 1.86 -10.94
CA ASN OA 514 -120.13 1.31 -12.12
C ASN OA 514 -119.78 -0.17 -12.34
N LEU OA 515 -120.76 -1.03 -12.60
CA LEU OA 515 -120.51 -2.48 -12.92
C LEU OA 515 -119.78 -2.87 -14.24
N GLN OA 516 -120.02 -2.28 -15.42
CA GLN OA 516 -119.45 -2.67 -16.76
C GLN OA 516 -120.66 -2.94 -17.64
N GLY OA 517 -120.67 -2.43 -18.87
CA GLY OA 517 -121.98 -2.45 -19.52
C GLY OA 517 -122.73 -1.50 -18.60
N SER OA 518 -123.81 -1.91 -17.94
CA SER OA 518 -124.62 -1.08 -17.00
C SER OA 518 -124.56 0.45 -17.11
N ASN OA 519 -125.73 1.08 -17.00
CA ASN OA 519 -125.84 2.55 -17.05
C ASN OA 519 -126.10 3.11 -15.64
N THR OA 520 -125.99 2.28 -14.60
CA THR OA 520 -126.11 2.76 -13.21
C THR OA 520 -124.76 3.23 -12.69
N TYR OA 521 -124.74 4.44 -12.14
CA TYR OA 521 -123.51 5.04 -11.60
C TYR OA 521 -123.82 5.59 -10.25
N ALA OA 522 -122.91 5.38 -9.32
CA ALA OA 522 -123.10 6.07 -8.02
C ALA OA 522 -122.39 7.42 -8.20
N LEU OA 523 -123.13 8.51 -8.38
CA LEU OA 523 -122.61 9.88 -8.74
C LEU OA 523 -121.68 10.52 -7.69
N GLU OA 524 -121.95 10.33 -6.40
CA GLU OA 524 -121.11 10.87 -5.30
C GLU OA 524 -119.83 10.05 -5.10
N ASN OA 525 -119.64 8.91 -5.77
CA ASN OA 525 -118.38 8.12 -5.76
C ASN OA 525 -117.58 8.36 -7.06
N THR OA 526 -117.97 9.29 -7.92
CA THR OA 526 -117.30 9.48 -9.25
C THR OA 526 -116.67 10.83 -9.40
N MET OA 527 -115.47 10.90 -9.97
CA MET OA 527 -114.86 12.18 -10.39
C MET OA 527 -115.59 12.71 -11.64
N ILE OA 528 -116.11 13.93 -11.58
CA ILE OA 528 -116.81 14.58 -12.74
C ILE OA 528 -116.01 15.81 -13.21
N PHE OA 529 -115.75 15.92 -14.50
CA PHE OA 529 -114.89 16.98 -15.10
C PHE OA 529 -115.61 17.63 -16.26
N ASN OA 530 -115.19 18.83 -16.64
CA ASN OA 530 -115.72 19.55 -17.84
C ASN OA 530 -114.67 19.47 -18.95
N SER OA 531 -115.06 19.21 -20.20
CA SER OA 531 -114.14 19.23 -21.37
C SER OA 531 -113.53 20.62 -21.57
N GLN OA 532 -114.32 21.68 -21.38
CA GLN OA 532 -113.89 23.08 -21.57
C GLN OA 532 -113.77 23.81 -20.23
N PRO OA 533 -112.82 24.77 -20.07
CA PRO OA 533 -112.74 25.60 -18.86
C PRO OA 533 -113.94 26.54 -18.70
N ALA OA 534 -114.26 26.88 -17.46
CA ALA OA 534 -115.48 27.69 -17.18
C ALA OA 534 -115.15 29.04 -16.54
N ASN OA 535 -116.03 30.00 -16.75
CA ASN OA 535 -115.91 31.34 -16.11
C ASN OA 535 -116.18 31.22 -14.60
N PRO OA 536 -115.52 32.03 -13.75
CA PRO OA 536 -115.78 31.99 -12.32
C PRO OA 536 -117.18 32.36 -11.83
N GLY OA 537 -117.71 31.62 -10.86
CA GLY OA 537 -119.01 31.91 -10.26
C GLY OA 537 -120.21 31.43 -11.04
N THR OA 538 -120.02 30.63 -12.09
CA THR OA 538 -121.15 30.20 -12.93
C THR OA 538 -122.14 29.39 -12.09
N THR OA 539 -123.44 29.62 -12.27
CA THR OA 539 -124.51 28.86 -11.59
C THR OA 539 -125.32 28.09 -12.63
N ALA OA 540 -124.85 27.97 -13.86
CA ALA OA 540 -125.55 27.29 -14.97
C ALA OA 540 -125.77 25.78 -14.77
N THR OA 541 -126.94 25.25 -15.15
CA THR OA 541 -127.17 23.79 -15.14
C THR OA 541 -126.40 23.11 -16.25
N TYR OA 542 -125.85 21.94 -15.98
CA TYR OA 542 -125.13 21.15 -17.01
C TYR OA 542 -125.76 19.79 -17.14
N LEU OA 543 -126.07 19.39 -18.37
CA LEU OA 543 -126.55 18.02 -18.67
C LEU OA 543 -125.36 17.04 -18.84
N GLU OA 544 -125.63 15.75 -18.94
CA GLU OA 544 -124.61 14.66 -19.03
C GLU OA 544 -123.70 14.78 -20.27
N GLY OA 545 -124.22 15.20 -21.43
CA GLY OA 545 -123.43 15.32 -22.66
C GLY OA 545 -122.28 16.29 -22.52
N ASN OA 546 -122.46 17.41 -21.85
CA ASN OA 546 -121.34 18.34 -21.53
C ASN OA 546 -120.28 17.71 -20.60
N MET OA 547 -120.67 16.88 -19.64
CA MET OA 547 -119.74 16.37 -18.59
C MET OA 547 -118.83 15.19 -19.00
N LEU OA 548 -117.66 15.07 -18.38
CA LEU OA 548 -116.79 13.88 -18.57
C LEU OA 548 -116.94 13.04 -17.31
N ILE OA 549 -117.52 11.84 -17.39
CA ILE OA 549 -117.81 11.00 -16.18
C ILE OA 549 -116.95 9.73 -16.19
N THR OA 550 -116.18 9.51 -15.15
CA THR OA 550 -115.27 8.36 -14.98
C THR OA 550 -115.97 7.08 -14.51
N SER OA 551 -115.39 5.92 -14.80
CA SER OA 551 -115.90 4.59 -14.38
C SER OA 551 -114.74 3.83 -13.73
N GLU OA 552 -115.00 3.08 -12.67
CA GLU OA 552 -113.99 2.28 -11.92
C GLU OA 552 -114.26 0.78 -12.16
N SER OA 553 -114.91 0.40 -13.25
CA SER OA 553 -115.38 -0.99 -13.55
C SER OA 553 -114.24 -2.02 -13.61
N GLU OA 554 -113.01 -1.65 -13.89
CA GLU OA 554 -111.81 -2.54 -13.90
C GLU OA 554 -111.54 -3.14 -12.50
N THR OA 555 -111.81 -2.43 -11.41
CA THR OA 555 -111.56 -2.84 -10.01
C THR OA 555 -112.67 -3.73 -9.45
N GLN OA 556 -113.75 -4.01 -10.19
CA GLN OA 556 -114.95 -4.77 -9.75
C GLN OA 556 -114.60 -6.20 -9.29
N PRO OA 557 -113.65 -6.96 -9.89
CA PRO OA 557 -113.22 -8.25 -9.34
C PRO OA 557 -112.77 -8.25 -7.86
N VAL OA 558 -112.21 -7.15 -7.30
CA VAL OA 558 -111.90 -6.96 -5.85
C VAL OA 558 -112.64 -5.84 -5.10
N ASN OA 559 -113.47 -5.01 -5.73
CA ASN OA 559 -114.07 -3.84 -5.03
C ASN OA 559 -115.58 -3.97 -5.05
N ARG OA 560 -116.21 -3.79 -3.89
CA ARG OA 560 -117.68 -3.89 -3.79
C ARG OA 560 -118.40 -2.72 -4.49
N VAL OA 561 -119.58 -2.97 -5.05
CA VAL OA 561 -120.40 -1.91 -5.69
C VAL OA 561 -121.07 -0.97 -4.65
N ALA OA 562 -120.94 0.35 -4.82
CA ALA OA 562 -121.48 1.41 -3.92
C ALA OA 562 -123.00 1.44 -3.82
N TYR OA 563 -123.72 1.28 -4.92
CA TYR OA 563 -125.21 1.32 -4.95
C TYR OA 563 -125.83 0.13 -4.15
N ASN OA 564 -125.25 -1.04 -4.20
CA ASN OA 564 -125.77 -2.29 -3.54
C ASN OA 564 -125.46 -2.43 -2.04
N VAL OA 565 -126.22 -3.23 -1.29
CA VAL OA 565 -125.91 -3.63 0.13
C VAL OA 565 -124.64 -4.52 0.20
N GLY OA 566 -123.80 -4.38 1.23
CA GLY OA 566 -122.55 -5.17 1.45
C GLY OA 566 -122.65 -6.67 1.71
N GLY OA 567 -123.62 -7.16 2.49
CA GLY OA 567 -123.69 -8.57 2.90
C GLY OA 567 -124.75 -8.76 3.96
N GLN OA 568 -124.80 -9.94 4.60
CA GLN OA 568 -125.76 -10.26 5.69
C GLN OA 568 -125.05 -10.86 6.92
N MET OA 569 -125.57 -10.64 8.15
CA MET OA 569 -125.04 -11.20 9.42
C MET OA 569 -126.20 -11.71 10.30
N ALA OA 570 -125.94 -12.61 11.27
CA ALA OA 570 -126.97 -13.15 12.20
C ALA OA 570 -127.54 -12.10 13.19
N THR OA 571 -128.87 -12.13 13.38
CA THR OA 571 -129.56 -11.16 14.25
C THR OA 571 -130.23 -11.82 15.47
N ASN OA 572 -130.07 -13.11 15.70
CA ASN OA 572 -130.86 -13.83 16.74
C ASN OA 572 -130.15 -15.10 17.19
N ASN OA 573 -130.69 -15.76 18.20
CA ASN OA 573 -130.22 -17.11 18.61
C ASN OA 573 -131.33 -18.10 18.26
N GLN OA 574 -131.03 -19.16 17.50
CA GLN OA 574 -131.99 -20.24 17.13
C GLN OA 574 -132.33 -21.11 18.36
N SER OA 575 -133.52 -21.69 18.39
CA SER OA 575 -133.99 -22.55 19.50
C SER OA 575 -135.06 -23.47 18.90
N SER OA 576 -135.50 -24.49 19.63
CA SER OA 576 -136.62 -25.31 19.09
C SER OA 576 -137.84 -24.41 18.86
N THR OA 577 -138.13 -23.48 19.77
CA THR OA 577 -139.20 -22.46 19.59
C THR OA 577 -138.90 -21.46 18.47
N THR OA 578 -137.65 -21.02 18.29
CA THR OA 578 -137.35 -19.92 17.33
C THR OA 578 -136.51 -20.29 16.13
N ALA OA 579 -136.98 -19.96 14.91
CA ALA OA 579 -136.21 -20.14 13.67
C ALA OA 579 -135.04 -19.16 13.56
N PRO OA 580 -133.93 -19.52 12.91
CA PRO OA 580 -132.81 -18.58 12.68
C PRO OA 580 -133.11 -17.39 11.74
N ALA OA 581 -132.52 -16.21 11.99
CA ALA OA 581 -132.78 -14.97 11.21
C ALA OA 581 -131.49 -14.23 10.81
N THR OA 582 -131.51 -13.52 9.69
CA THR OA 582 -130.36 -12.71 9.22
C THR OA 582 -130.77 -11.28 8.93
N GLY OA 583 -129.81 -10.36 8.92
CA GLY OA 583 -130.09 -8.97 8.51
C GLY OA 583 -129.04 -8.42 7.57
N THR OA 584 -129.43 -7.64 6.56
CA THR OA 584 -128.46 -6.93 5.66
C THR OA 584 -127.79 -5.72 6.33
N TYR OA 585 -126.58 -5.37 5.92
CA TYR OA 585 -125.85 -4.18 6.42
C TYR OA 585 -125.55 -3.18 5.23
N ASN OA 586 -125.60 -1.85 5.46
CA ASN OA 586 -125.35 -0.80 4.42
C ASN OA 586 -123.92 -0.23 4.51
N LEU OA 587 -123.19 -0.55 5.57
CA LEU OA 587 -121.79 -0.07 5.74
C LEU OA 587 -120.90 -1.11 6.43
N GLN OA 588 -119.62 -1.18 6.08
CA GLN OA 588 -118.62 -2.03 6.78
C GLN OA 588 -117.27 -1.35 6.65
N GLU OA 589 -116.35 -1.59 7.57
CA GLU OA 589 -115.04 -0.91 7.59
C GLU OA 589 -113.96 -1.99 7.56
N ILE OA 590 -112.70 -1.63 7.72
CA ILE OA 590 -111.55 -2.56 7.58
C ILE OA 590 -111.59 -3.75 8.56
N VAL OA 591 -111.25 -4.93 8.06
CA VAL OA 591 -111.21 -6.18 8.85
C VAL OA 591 -109.85 -6.80 8.52
N PRO OA 592 -109.24 -7.63 9.39
CA PRO OA 592 -107.99 -8.30 9.03
C PRO OA 592 -108.14 -9.27 7.83
N GLY OA 593 -107.16 -9.33 6.93
CA GLY OA 593 -107.25 -10.10 5.67
C GLY OA 593 -107.94 -9.37 4.52
N SER OA 594 -108.25 -8.08 4.70
CA SER OA 594 -108.87 -7.20 3.68
C SER OA 594 -107.93 -6.81 2.52
N VAL OA 595 -108.42 -6.87 1.28
CA VAL OA 595 -107.65 -6.49 0.06
C VAL OA 595 -108.53 -5.55 -0.79
N TRP OA 596 -107.94 -4.54 -1.41
CA TRP OA 596 -108.67 -3.60 -2.31
C TRP OA 596 -107.74 -2.91 -3.31
N MET OA 597 -108.31 -2.28 -4.32
CA MET OA 597 -107.56 -1.45 -5.29
C MET OA 597 -107.89 0.05 -5.08
N GLU OA 598 -106.88 0.91 -5.08
CA GLU OA 598 -107.04 2.40 -4.98
C GLU OA 598 -107.60 2.99 -6.29
N ARG OA 599 -108.20 4.17 -6.21
CA ARG OA 599 -108.74 4.90 -7.41
C ARG OA 599 -107.68 5.20 -8.48
N ASP OA 600 -108.08 5.10 -9.74
CA ASP OA 600 -107.21 5.37 -10.92
C ASP OA 600 -106.89 6.86 -11.15
N VAL OA 601 -105.70 7.16 -11.62
CA VAL OA 601 -105.32 8.53 -12.08
C VAL OA 601 -105.85 8.84 -13.49
N TYR OA 602 -106.04 10.11 -13.80
CA TYR OA 602 -106.53 10.57 -15.13
C TYR OA 602 -105.59 11.64 -15.63
N LEU OA 603 -105.49 11.83 -16.96
CA LEU OA 603 -104.65 12.89 -17.55
C LEU OA 603 -105.18 14.29 -17.10
N GLN OA 604 -106.48 14.51 -17.04
CA GLN OA 604 -107.17 15.71 -16.50
C GLN OA 604 -106.98 15.87 -14.97
N GLY OA 605 -106.77 14.79 -14.21
CA GLY OA 605 -106.62 14.78 -12.74
C GLY OA 605 -105.33 15.19 -12.04
N PRO OA 606 -105.39 15.39 -10.70
CA PRO OA 606 -104.21 15.62 -9.85
C PRO OA 606 -103.15 14.57 -9.49
N ILE OA 607 -101.85 14.88 -9.51
CA ILE OA 607 -100.75 13.97 -9.00
C ILE OA 607 -100.63 13.73 -7.48
N TRP OA 608 -100.70 14.75 -6.63
CA TRP OA 608 -100.37 14.58 -5.19
C TRP OA 608 -101.28 15.33 -4.22
N ALA OA 609 -101.26 14.94 -2.95
CA ALA OA 609 -101.97 15.66 -1.85
C ALA OA 609 -101.05 15.64 -0.62
N LYS OA 610 -101.14 16.67 0.21
CA LYS OA 610 -100.37 16.71 1.48
C LYS OA 610 -101.09 15.95 2.61
N ILE OA 611 -100.39 15.07 3.30
CA ILE OA 611 -100.95 14.40 4.50
C ILE OA 611 -101.06 15.44 5.63
N PRO OA 612 -102.20 15.56 6.33
CA PRO OA 612 -102.35 16.51 7.44
C PRO OA 612 -101.58 16.15 8.72
N GLU OA 613 -101.02 17.14 9.41
CA GLU OA 613 -100.17 16.83 10.61
C GLU OA 613 -101.00 16.78 11.91
N THR OA 614 -101.37 15.59 12.37
CA THR OA 614 -102.18 15.39 13.59
C THR OA 614 -101.42 14.52 14.55
N GLY OA 615 -100.41 13.82 14.08
CA GLY OA 615 -99.68 12.79 14.83
C GLY OA 615 -100.28 11.40 14.73
N ALA OA 616 -101.47 11.21 14.14
CA ALA OA 616 -102.06 9.86 13.91
C ALA OA 616 -102.78 9.75 12.57
N HIS OA 617 -102.55 8.70 11.81
CA HIS OA 617 -103.27 8.47 10.52
C HIS OA 617 -103.27 6.97 10.17
N PHE OA 618 -104.19 6.56 9.31
CA PHE OA 618 -104.19 5.17 8.78
C PHE OA 618 -104.15 5.17 7.26
N HIS OA 619 -103.26 4.40 6.62
CA HIS OA 619 -103.22 4.15 5.15
C HIS OA 619 -103.41 5.44 4.34
N PRO OA 620 -102.31 6.17 4.05
CA PRO OA 620 -102.45 7.52 3.52
C PRO OA 620 -102.49 7.78 2.02
N SER OA 621 -103.56 7.31 1.42
CA SER OA 621 -103.78 7.48 -0.04
C SER OA 621 -104.96 8.44 -0.20
N PRO OA 622 -104.81 9.58 -0.94
CA PRO OA 622 -105.91 10.52 -1.06
C PRO OA 622 -107.15 10.05 -1.86
N ALA OA 623 -108.34 10.46 -1.47
CA ALA OA 623 -109.62 10.00 -2.09
C ALA OA 623 -109.78 10.37 -3.57
N MET OA 624 -109.39 11.57 -3.99
CA MET OA 624 -109.43 12.05 -5.41
C MET OA 624 -108.51 11.20 -6.28
N GLY OA 625 -107.40 10.70 -5.75
CA GLY OA 625 -106.41 9.88 -6.46
C GLY OA 625 -105.00 10.40 -6.27
N GLY OA 626 -104.00 9.68 -6.74
CA GLY OA 626 -102.61 10.12 -6.65
C GLY OA 626 -101.76 9.70 -5.47
N PHE OA 627 -100.71 10.46 -5.19
CA PHE OA 627 -99.69 10.12 -4.17
C PHE OA 627 -99.82 11.02 -2.94
N GLY OA 628 -99.87 10.41 -1.76
CA GLY OA 628 -99.96 11.15 -0.49
C GLY OA 628 -98.60 11.38 0.07
N LEU OA 629 -98.26 12.64 0.31
CA LEU OA 629 -96.86 12.98 0.73
C LEU OA 629 -96.80 13.72 2.05
N LYS OA 630 -95.95 13.26 2.97
CA LYS OA 630 -95.64 14.01 4.22
C LYS OA 630 -94.94 15.34 3.90
N HIS OA 631 -94.00 15.34 2.97
CA HIS OA 631 -93.26 16.56 2.55
C HIS OA 631 -93.46 16.79 1.07
N PRO OA 632 -94.55 17.47 0.69
CA PRO OA 632 -94.90 17.76 -0.69
C PRO OA 632 -94.06 18.80 -1.44
N PRO OA 633 -94.07 18.86 -2.79
CA PRO OA 633 -93.33 19.91 -3.45
C PRO OA 633 -93.86 21.25 -2.93
N PRO OA 634 -92.98 22.21 -2.54
CA PRO OA 634 -93.39 23.43 -1.86
C PRO OA 634 -94.15 24.56 -2.56
N MET OA 635 -94.94 25.33 -1.82
CA MET OA 635 -95.65 26.52 -2.35
C MET OA 635 -94.69 27.59 -2.89
N MET OA 636 -94.96 28.08 -4.11
CA MET OA 636 -94.13 29.11 -4.78
C MET OA 636 -94.98 30.39 -4.90
N LEU OA 637 -94.52 31.48 -4.31
CA LEU OA 637 -95.31 32.73 -4.20
C LEU OA 637 -94.62 33.90 -4.92
N ILE OA 638 -95.38 34.66 -5.69
CA ILE OA 638 -94.84 35.82 -6.46
C ILE OA 638 -95.73 37.06 -6.23
N LYS OA 639 -95.10 38.22 -6.05
CA LYS OA 639 -95.87 39.49 -5.94
C LYS OA 639 -95.21 40.64 -6.73
N ASN OA 640 -96.00 41.63 -7.12
CA ASN OA 640 -95.44 42.88 -7.70
C ASN OA 640 -95.08 43.82 -6.54
N THR OA 641 -93.88 44.37 -6.51
CA THR OA 641 -93.48 45.36 -5.48
C THR OA 641 -94.30 46.64 -5.59
N PRO OA 642 -94.83 47.19 -4.46
CA PRO OA 642 -95.50 48.48 -4.48
C PRO OA 642 -94.63 49.64 -4.97
N VAL OA 643 -95.13 50.36 -5.94
CA VAL OA 643 -94.39 51.57 -6.40
C VAL OA 643 -95.31 52.77 -6.12
N PRO OA 644 -94.87 53.70 -5.26
CA PRO OA 644 -95.68 54.88 -4.91
C PRO OA 644 -95.99 56.02 -5.90
N GLY OA 645 -97.16 56.64 -5.81
CA GLY OA 645 -97.57 57.84 -6.56
C GLY OA 645 -96.97 59.09 -5.93
N ASN OA 646 -97.12 60.26 -6.53
CA ASN OA 646 -96.40 61.47 -5.99
C ASN OA 646 -96.87 61.86 -4.60
N ILE OA 647 -95.94 61.99 -3.65
CA ILE OA 647 -96.27 62.40 -2.26
C ILE OA 647 -95.46 63.68 -1.97
N THR OA 648 -96.11 64.75 -1.55
CA THR OA 648 -95.42 66.06 -1.36
C THR OA 648 -95.29 66.43 0.10
N SER OA 649 -95.99 65.75 1.00
CA SER OA 649 -96.00 66.12 2.44
C SER OA 649 -95.79 64.90 3.34
N PHE OA 650 -95.24 65.06 4.54
CA PHE OA 650 -95.08 63.97 5.53
C PHE OA 650 -96.35 63.58 6.29
N SER OA 651 -96.59 62.28 6.45
CA SER OA 651 -97.66 61.80 7.37
C SER OA 651 -97.18 60.54 8.08
N ASP OA 652 -97.55 60.35 9.33
CA ASP OA 652 -97.37 59.06 10.06
C ASP OA 652 -98.27 58.00 9.39
N VAL OA 653 -99.46 58.38 8.92
CA VAL OA 653 -100.41 57.45 8.26
C VAL OA 653 -99.80 56.85 6.99
N PRO OA 654 -99.89 55.51 6.77
CA PRO OA 654 -99.31 54.86 5.59
C PRO OA 654 -99.86 55.25 4.22
N VAL OA 655 -98.98 55.26 3.22
CA VAL OA 655 -99.39 55.65 1.84
C VAL OA 655 -100.40 54.65 1.24
N SER OA 656 -101.46 55.19 0.66
CA SER OA 656 -102.52 54.41 0.00
C SER OA 656 -102.55 54.68 -1.52
N SER OA 657 -101.64 55.52 -2.04
CA SER OA 657 -101.64 55.91 -3.47
C SER OA 657 -100.43 55.31 -4.18
N PHE OA 658 -100.67 54.51 -5.21
CA PHE OA 658 -99.59 53.76 -5.89
C PHE OA 658 -99.78 53.82 -7.39
N ILE OA 659 -98.71 53.76 -8.16
CA ILE OA 659 -98.87 53.61 -9.65
C ILE OA 659 -99.43 52.21 -10.02
N THR OA 660 -100.35 52.09 -10.99
CA THR OA 660 -100.95 50.79 -11.44
C THR OA 660 -100.02 50.00 -12.35
N GLN OA 661 -99.75 48.73 -12.01
CA GLN OA 661 -98.74 47.89 -12.70
C GLN OA 661 -99.12 46.40 -12.82
N TYR OA 662 -98.56 45.68 -13.79
CA TYR OA 662 -98.78 44.21 -13.97
C TYR OA 662 -97.47 43.59 -14.42
N SER OA 663 -97.31 42.28 -14.23
CA SER OA 663 -96.07 41.57 -14.68
C SER OA 663 -96.36 40.38 -15.62
N THR OA 664 -95.40 40.04 -16.46
CA THR OA 664 -95.51 38.90 -17.39
C THR OA 664 -94.16 38.18 -17.51
N GLY OA 665 -94.15 36.89 -17.84
CA GLY OA 665 -92.90 36.13 -18.02
C GLY OA 665 -93.08 34.70 -18.49
N GLN OA 666 -92.01 33.91 -18.45
CA GLN OA 666 -92.02 32.46 -18.80
C GLN OA 666 -91.62 31.55 -17.61
N VAL OA 667 -92.27 30.40 -17.48
CA VAL OA 667 -91.94 29.40 -16.42
C VAL OA 667 -91.63 28.02 -17.06
N THR OA 668 -90.57 27.36 -16.62
CA THR OA 668 -90.24 25.99 -17.07
C THR OA 668 -90.28 25.00 -15.91
N VAL OA 669 -90.97 23.86 -16.06
CA VAL OA 669 -90.96 22.74 -15.05
C VAL OA 669 -90.39 21.44 -15.67
N GLU OA 670 -89.41 20.82 -15.01
CA GLU OA 670 -88.79 19.54 -15.45
C GLU OA 670 -89.06 18.47 -14.39
N MET OA 671 -89.61 17.33 -14.80
CA MET OA 671 -89.95 16.22 -13.87
C MET OA 671 -89.36 14.88 -14.32
N GLU OA 672 -88.87 14.10 -13.37
CA GLU OA 672 -88.35 12.73 -13.64
C GLU OA 672 -89.32 11.68 -13.08
N TRP OA 673 -89.59 10.64 -13.86
CA TRP OA 673 -90.52 9.56 -13.46
C TRP OA 673 -89.85 8.19 -13.53
N GLU OA 674 -90.14 7.32 -12.57
CA GLU OA 674 -89.64 5.91 -12.58
C GLU OA 674 -90.76 4.99 -13.08
N LEU OA 675 -90.44 4.07 -13.98
CA LEU OA 675 -91.42 3.16 -14.64
C LEU OA 675 -91.25 1.71 -14.20
N LYS OA 676 -92.36 0.98 -14.03
CA LYS OA 676 -92.30 -0.48 -13.78
C LYS OA 676 -92.76 -1.22 -15.05
N LYS OA 677 -91.90 -2.08 -15.60
CA LYS OA 677 -92.18 -2.89 -16.81
C LYS OA 677 -93.17 -4.06 -16.66
N GLU OA 678 -94.00 -4.30 -17.67
CA GLU OA 678 -94.88 -5.49 -17.72
C GLU OA 678 -94.05 -6.78 -17.92
N ASN OA 679 -94.39 -7.88 -17.26
CA ASN OA 679 -93.73 -9.22 -17.38
C ASN OA 679 -94.78 -10.30 -17.66
N SER OA 680 -95.80 -10.04 -18.48
CA SER OA 680 -96.95 -10.97 -18.73
C SER OA 680 -96.64 -12.25 -19.52
N LYS OA 681 -97.29 -13.36 -19.16
CA LYS OA 681 -97.21 -14.65 -19.92
C LYS OA 681 -98.55 -14.92 -20.65
N ARG OA 682 -99.49 -13.98 -20.72
CA ARG OA 682 -100.79 -14.10 -21.47
C ARG OA 682 -100.63 -14.25 -23.00
N TRP OA 683 -101.05 -15.39 -23.57
CA TRP OA 683 -100.97 -15.71 -25.01
C TRP OA 683 -101.81 -14.84 -25.96
N ASN OA 684 -103.05 -14.59 -25.58
CA ASN OA 684 -104.02 -13.80 -26.37
C ASN OA 684 -103.76 -12.28 -26.30
N PRO OA 685 -104.18 -11.52 -27.32
CA PRO OA 685 -104.07 -10.06 -27.29
C PRO OA 685 -104.90 -9.25 -26.25
N GLU OA 686 -104.29 -8.24 -25.65
CA GLU OA 686 -104.90 -7.30 -24.67
C GLU OA 686 -105.71 -6.10 -25.17
N ILE OA 687 -106.52 -5.51 -24.30
CA ILE OA 687 -107.22 -4.20 -24.55
C ILE OA 687 -106.22 -3.03 -24.52
N GLN OA 688 -106.37 -2.04 -25.41
CA GLN OA 688 -105.48 -0.85 -25.54
C GLN OA 688 -106.28 0.42 -25.80
N TYR OA 689 -105.83 1.58 -25.34
CA TYR OA 689 -106.45 2.88 -25.71
C TYR OA 689 -106.09 3.19 -27.18
N THR OA 690 -107.09 3.56 -27.97
CA THR OA 690 -106.88 3.83 -29.39
C THR OA 690 -107.64 5.08 -29.80
N ASN OA 691 -107.20 5.73 -30.87
CA ASN OA 691 -107.97 6.85 -31.45
C ASN OA 691 -108.98 6.19 -32.37
N ASN OA 692 -110.24 6.16 -32.01
CA ASN OA 692 -111.28 5.42 -32.76
C ASN OA 692 -112.56 6.25 -32.75
N TYR OA 693 -112.98 6.68 -33.93
CA TYR OA 693 -114.14 7.61 -34.05
C TYR OA 693 -114.88 7.20 -35.31
N ASN OA 694 -116.20 7.30 -35.33
CA ASN OA 694 -116.94 7.01 -36.59
C ASN OA 694 -117.36 8.31 -37.30
N ASP OA 695 -116.98 8.50 -38.57
CA ASP OA 695 -117.29 9.72 -39.39
C ASP OA 695 -116.88 11.03 -38.70
N PRO OA 696 -115.64 11.21 -38.19
CA PRO OA 696 -115.29 12.42 -37.45
C PRO OA 696 -115.37 13.79 -38.15
N GLN OA 697 -115.93 14.79 -37.48
CA GLN OA 697 -116.05 16.16 -38.07
C GLN OA 697 -114.91 17.07 -37.57
N PHE OA 698 -114.09 16.59 -36.66
CA PHE OA 698 -112.98 17.37 -36.07
C PHE OA 698 -111.98 16.38 -35.60
N VAL OA 699 -110.76 16.82 -35.36
CA VAL OA 699 -109.77 15.93 -34.70
C VAL OA 699 -109.82 16.25 -33.21
N ASP OA 700 -110.03 15.26 -32.37
CA ASP OA 700 -109.94 15.39 -30.88
C ASP OA 700 -108.51 15.65 -30.44
N PHE OA 701 -108.29 16.38 -29.33
CA PHE OA 701 -106.95 16.80 -28.79
C PHE OA 701 -106.20 17.70 -29.78
N ALA OA 702 -106.92 18.57 -30.45
CA ALA OA 702 -106.36 19.50 -31.45
C ALA OA 702 -107.12 20.82 -31.39
N PRO OA 703 -106.55 21.94 -31.88
CA PRO OA 703 -107.31 23.19 -32.02
C PRO OA 703 -108.43 23.20 -33.09
N ASP OA 704 -109.47 23.99 -32.89
CA ASP OA 704 -110.54 24.12 -33.92
C ASP OA 704 -110.34 25.34 -34.85
N SER OA 705 -111.34 25.65 -35.68
CA SER OA 705 -111.25 26.78 -36.64
C SER OA 705 -111.07 28.12 -35.90
N THR OA 706 -111.72 28.34 -34.75
CA THR OA 706 -111.52 29.51 -33.86
C THR OA 706 -110.22 29.48 -33.09
N GLY OA 707 -109.50 28.34 -33.00
CA GLY OA 707 -108.30 28.21 -32.15
C GLY OA 707 -108.49 27.65 -30.75
N GLU OA 708 -109.67 27.18 -30.40
CA GLU OA 708 -109.96 26.58 -29.07
C GLU OA 708 -109.66 25.07 -29.03
N TYR OA 709 -108.90 24.61 -28.04
CA TYR OA 709 -108.54 23.17 -27.85
C TYR OA 709 -109.74 22.30 -27.49
N ARG OA 710 -109.80 21.10 -28.07
CA ARG OA 710 -110.93 20.17 -27.82
C ARG OA 710 -110.41 18.92 -27.12
N SER OA 711 -111.04 18.53 -26.00
CA SER OA 711 -110.69 17.31 -25.22
C SER OA 711 -111.97 16.55 -24.83
N THR OA 712 -112.62 15.84 -25.74
CA THR OA 712 -113.90 15.09 -25.55
C THR OA 712 -113.85 13.94 -24.54
N ARG OA 713 -112.75 13.19 -24.41
CA ARG OA 713 -112.74 11.95 -23.58
C ARG OA 713 -111.82 11.97 -22.35
N PRO OA 714 -112.26 11.46 -21.17
CA PRO OA 714 -111.38 11.25 -20.02
C PRO OA 714 -110.44 10.03 -20.16
N ILE OA 715 -109.16 10.12 -19.80
CA ILE OA 715 -108.31 8.90 -20.00
C ILE OA 715 -107.69 8.37 -18.70
N GLY OA 716 -107.97 7.10 -18.37
CA GLY OA 716 -107.42 6.37 -17.22
C GLY OA 716 -106.16 5.63 -17.55
N THR OA 717 -105.56 4.98 -16.57
CA THR OA 717 -104.32 4.20 -16.78
C THR OA 717 -104.46 2.68 -16.90
N ARG OA 718 -105.62 2.05 -16.67
CA ARG OA 718 -105.65 0.54 -16.61
C ARG OA 718 -106.18 -0.15 -17.89
N TYR OA 719 -105.29 -0.67 -18.72
CA TYR OA 719 -105.64 -1.38 -19.98
C TYR OA 719 -105.02 -2.76 -19.95
N LEU OA 720 -103.87 -2.90 -19.29
CA LEU OA 720 -103.17 -4.19 -19.10
C LEU OA 720 -103.84 -5.03 -18.01
N THR OA 721 -103.63 -6.33 -18.06
CA THR OA 721 -104.29 -7.28 -17.15
C THR OA 721 -103.25 -8.13 -16.46
N ARG OA 722 -103.49 -8.47 -15.20
CA ARG OA 722 -102.59 -9.38 -14.47
C ARG OA 722 -103.39 -10.41 -13.69
N PRO OA 723 -102.88 -11.67 -13.50
CA PRO OA 723 -103.51 -12.63 -12.59
C PRO OA 723 -103.37 -12.26 -11.10
N LEU OA 724 -104.32 -12.65 -10.26
CA LEU OA 724 -104.30 -12.29 -8.82
C LEU OA 724 -103.14 -12.97 -8.08
N ASP PA 209 -78.14 -40.83 -16.33
CA ASP PA 209 -77.04 -41.80 -16.58
C ASP PA 209 -77.56 -43.06 -17.31
N GLY PA 210 -78.32 -43.94 -16.67
CA GLY PA 210 -78.65 -45.22 -17.34
C GLY PA 210 -79.91 -45.93 -16.94
N VAL PA 211 -80.31 -46.93 -17.74
CA VAL PA 211 -81.48 -47.80 -17.47
C VAL PA 211 -81.30 -48.61 -16.15
N GLY PA 212 -80.11 -49.09 -15.85
CA GLY PA 212 -79.83 -49.94 -14.68
C GLY PA 212 -79.39 -49.21 -13.45
N ASN PA 213 -79.31 -47.88 -13.49
CA ASN PA 213 -78.76 -47.12 -12.35
C ASN PA 213 -79.84 -46.26 -11.69
N ALA PA 214 -79.95 -46.30 -10.36
CA ALA PA 214 -80.92 -45.48 -9.61
C ALA PA 214 -80.51 -44.00 -9.49
N SER PA 215 -81.42 -43.08 -9.81
CA SER PA 215 -81.28 -41.60 -9.73
C SER PA 215 -81.18 -41.03 -8.30
N GLY PA 216 -81.86 -41.59 -7.32
CA GLY PA 216 -81.87 -41.13 -5.92
C GLY PA 216 -82.22 -42.16 -4.88
N ASP PA 217 -82.15 -41.80 -3.60
CA ASP PA 217 -82.44 -42.68 -2.43
C ASP PA 217 -83.57 -42.18 -1.53
N TRP PA 218 -84.19 -43.06 -0.76
CA TRP PA 218 -85.30 -42.73 0.17
C TRP PA 218 -84.81 -42.02 1.46
N HIS PA 219 -85.33 -40.83 1.73
CA HIS PA 219 -85.03 -40.13 2.99
C HIS PA 219 -86.32 -39.74 3.72
N CYS PA 220 -86.65 -40.34 4.87
CA CYS PA 220 -87.81 -39.89 5.69
C CYS PA 220 -87.28 -39.72 7.13
N ASP PA 221 -87.13 -38.49 7.61
CA ASP PA 221 -86.51 -38.28 8.95
C ASP PA 221 -86.77 -36.92 9.60
N SER PA 222 -86.58 -36.79 10.92
CA SER PA 222 -86.61 -35.49 11.63
C SER PA 222 -85.30 -35.35 12.42
N THR PA 223 -84.63 -34.20 12.36
CA THR PA 223 -83.44 -33.93 13.20
C THR PA 223 -83.68 -32.67 14.02
N TRP PA 224 -83.49 -32.74 15.33
CA TRP PA 224 -83.69 -31.60 16.25
C TRP PA 224 -82.33 -31.11 16.73
N MET PA 225 -82.01 -29.85 16.50
CA MET PA 225 -80.71 -29.24 16.86
C MET PA 225 -80.85 -27.89 17.57
N GLY PA 226 -81.20 -27.81 18.85
CA GLY PA 226 -81.44 -26.51 19.52
C GLY PA 226 -82.61 -25.74 18.95
N ASP PA 227 -82.40 -24.53 18.45
CA ASP PA 227 -83.46 -23.65 17.88
C ASP PA 227 -83.98 -24.13 16.51
N ARG PA 228 -83.34 -25.09 15.85
CA ARG PA 228 -83.73 -25.54 14.49
C ARG PA 228 -84.20 -27.00 14.42
N VAL PA 229 -85.25 -27.28 13.66
CA VAL PA 229 -85.69 -28.68 13.36
C VAL PA 229 -85.70 -28.84 11.83
N VAL PA 230 -85.15 -29.94 11.30
CA VAL PA 230 -85.18 -30.26 9.83
C VAL PA 230 -86.10 -31.47 9.59
N THR PA 231 -87.04 -31.35 8.64
CA THR PA 231 -87.95 -32.46 8.29
C THR PA 231 -87.67 -32.97 6.87
N LYS PA 232 -87.57 -34.29 6.68
CA LYS PA 232 -87.40 -34.93 5.35
C LYS PA 232 -88.58 -35.87 5.09
N SER PA 233 -89.19 -35.79 3.91
CA SER PA 233 -90.36 -36.64 3.53
C SER PA 233 -90.18 -37.21 2.12
N THR PA 234 -90.38 -38.51 1.94
CA THR PA 234 -90.30 -39.18 0.62
C THR PA 234 -91.62 -39.90 0.30
N ARG PA 235 -92.15 -39.73 -0.91
CA ARG PA 235 -93.39 -40.41 -1.36
C ARG PA 235 -93.28 -40.99 -2.79
N THR PA 236 -94.14 -41.94 -3.13
CA THR PA 236 -94.25 -42.51 -4.49
C THR PA 236 -95.51 -41.96 -5.15
N TRP PA 237 -95.41 -41.43 -6.37
CA TRP PA 237 -96.52 -40.80 -7.12
C TRP PA 237 -96.82 -41.46 -8.48
N VAL PA 238 -98.05 -41.32 -8.96
CA VAL PA 238 -98.48 -41.78 -10.31
C VAL PA 238 -99.01 -40.57 -11.11
N LEU PA 239 -98.64 -40.46 -12.40
CA LEU PA 239 -99.19 -39.39 -13.29
C LEU PA 239 -100.02 -39.92 -14.45
N PRO PA 240 -101.32 -39.58 -14.53
CA PRO PA 240 -102.14 -39.87 -15.71
C PRO PA 240 -101.89 -38.96 -16.91
N SER PA 241 -102.22 -39.42 -18.12
CA SER PA 241 -102.17 -38.47 -19.28
C SER PA 241 -103.52 -37.75 -19.37
N TYR PA 242 -103.67 -36.57 -18.77
CA TYR PA 242 -104.96 -35.84 -18.67
C TYR PA 242 -105.38 -35.12 -19.94
N ASN PA 243 -106.64 -35.25 -20.36
CA ASN PA 243 -107.25 -34.49 -21.51
C ASN PA 243 -106.82 -35.09 -22.84
N ASN PA 244 -106.13 -36.23 -22.85
CA ASN PA 244 -105.56 -36.86 -24.09
C ASN PA 244 -104.67 -35.88 -24.84
N HIS PA 245 -103.79 -35.15 -24.14
CA HIS PA 245 -102.81 -34.19 -24.75
C HIS PA 245 -103.44 -32.89 -25.28
N GLN PA 246 -104.58 -32.48 -24.76
CA GLN PA 246 -105.31 -31.29 -25.27
C GLN PA 246 -105.68 -30.28 -24.17
N TYR PA 247 -105.91 -29.02 -24.52
CA TYR PA 247 -106.36 -27.95 -23.61
C TYR PA 247 -107.82 -27.77 -23.88
N ARG PA 248 -108.65 -27.74 -22.84
CA ARG PA 248 -110.12 -27.64 -23.02
C ARG PA 248 -110.74 -26.41 -22.33
N GLU PA 249 -111.60 -25.69 -23.04
CA GLU PA 249 -112.35 -24.58 -22.41
C GLU PA 249 -113.44 -25.17 -21.48
N ILE PA 250 -113.52 -24.67 -20.26
CA ILE PA 250 -114.45 -25.18 -19.22
C ILE PA 250 -115.33 -24.02 -18.71
N LYS PA 251 -116.58 -24.28 -18.40
CA LYS PA 251 -117.49 -23.18 -18.00
C LYS PA 251 -118.67 -23.69 -17.18
N SER PA 252 -119.26 -22.82 -16.37
CA SER PA 252 -120.51 -23.21 -15.66
C SER PA 252 -121.54 -22.07 -15.62
N GLY PA 253 -122.83 -22.41 -15.70
CA GLY PA 253 -123.94 -21.48 -15.41
C GLY PA 253 -124.34 -21.60 -13.92
N SER PA 254 -125.46 -21.02 -13.51
CA SER PA 254 -125.98 -21.11 -12.11
C SER PA 254 -126.34 -22.55 -11.71
N VAL PA 255 -125.96 -22.99 -10.50
CA VAL PA 255 -126.20 -24.39 -10.03
C VAL PA 255 -126.61 -24.35 -8.56
N ASP PA 256 -127.50 -25.24 -8.12
CA ASP PA 256 -127.99 -25.33 -6.71
C ASP PA 256 -128.67 -24.00 -6.33
N GLY PA 257 -129.27 -23.33 -7.30
CA GLY PA 257 -129.93 -22.04 -7.04
C GLY PA 257 -129.00 -20.83 -7.02
N SER PA 258 -127.70 -20.95 -7.30
CA SER PA 258 -126.83 -19.74 -7.15
C SER PA 258 -126.03 -19.32 -8.38
N ASN PA 259 -126.08 -18.04 -8.76
CA ASN PA 259 -125.23 -17.44 -9.85
C ASN PA 259 -123.77 -17.25 -9.41
N ALA PA 260 -123.45 -17.28 -8.12
CA ALA PA 260 -122.06 -17.20 -7.54
C ALA PA 260 -121.30 -18.44 -8.01
N ASN PA 261 -122.00 -19.53 -8.27
CA ASN PA 261 -121.48 -20.80 -8.89
C ASN PA 261 -120.93 -20.63 -10.32
N ALA PA 262 -121.47 -19.75 -11.17
CA ALA PA 262 -121.03 -19.53 -12.58
C ALA PA 262 -119.57 -19.10 -12.74
N TYR PA 263 -118.86 -19.64 -13.74
CA TYR PA 263 -117.43 -19.35 -14.02
C TYR PA 263 -117.08 -19.62 -15.51
N PHE PA 264 -115.99 -19.05 -16.00
CA PHE PA 264 -115.41 -19.34 -17.33
C PHE PA 264 -113.91 -19.71 -17.09
N GLY PA 265 -113.40 -20.76 -17.70
CA GLY PA 265 -112.03 -21.25 -17.44
C GLY PA 265 -111.39 -22.19 -18.44
N TYR PA 266 -110.15 -22.59 -18.18
CA TYR PA 266 -109.42 -23.59 -19.00
C TYR PA 266 -108.95 -24.83 -18.18
N SER PA 267 -109.05 -26.03 -18.75
CA SER PA 267 -108.46 -27.27 -18.15
C SER PA 267 -107.20 -27.63 -18.95
N THR PA 268 -106.19 -28.16 -18.31
CA THR PA 268 -104.87 -28.37 -18.97
C THR PA 268 -104.40 -29.82 -18.92
N PRO PA 269 -103.51 -30.23 -19.83
CA PRO PA 269 -102.87 -31.55 -19.83
C PRO PA 269 -101.95 -31.87 -18.65
N TRP PA 270 -101.37 -30.88 -17.99
CA TRP PA 270 -100.42 -30.96 -16.85
C TRP PA 270 -100.98 -31.33 -15.46
N GLY PA 271 -100.09 -31.81 -14.60
CA GLY PA 271 -100.37 -32.13 -13.19
C GLY PA 271 -99.39 -31.39 -12.31
N TYR PA 272 -99.70 -31.21 -11.05
CA TYR PA 272 -98.83 -30.41 -10.13
C TYR PA 272 -98.59 -31.13 -8.80
N PHE PA 273 -97.51 -30.76 -8.10
CA PHE PA 273 -97.18 -31.28 -6.74
C PHE PA 273 -97.57 -30.25 -5.66
N ASP PA 274 -98.35 -30.63 -4.65
CA ASP PA 274 -98.79 -29.76 -3.52
C ASP PA 274 -98.26 -30.30 -2.17
N PHE PA 275 -97.55 -29.48 -1.41
CA PHE PA 275 -97.07 -29.87 -0.06
C PHE PA 275 -97.66 -28.96 1.07
N ASN PA 276 -98.71 -28.16 0.84
CA ASN PA 276 -99.18 -27.21 1.88
C ASN PA 276 -100.13 -27.88 2.91
N ARG PA 277 -99.68 -28.92 3.60
CA ARG PA 277 -100.39 -29.56 4.74
C ARG PA 277 -99.29 -29.94 5.74
N PHE PA 278 -99.49 -29.77 7.04
CA PHE PA 278 -98.51 -30.11 8.11
C PHE PA 278 -98.19 -31.64 8.20
N HIS PA 279 -99.18 -32.53 8.03
CA HIS PA 279 -99.07 -34.02 8.10
C HIS PA 279 -98.13 -34.52 7.00
N SER PA 280 -97.97 -33.77 5.91
CA SER PA 280 -97.00 -34.05 4.80
C SER PA 280 -95.55 -34.04 5.33
N HIS PA 281 -95.21 -33.14 6.24
CA HIS PA 281 -93.85 -33.02 6.85
C HIS PA 281 -93.71 -33.53 8.28
N TRP PA 282 -94.79 -33.75 9.03
CA TRP PA 282 -94.70 -34.02 10.49
C TRP PA 282 -95.33 -35.33 10.92
N SER PA 283 -94.59 -36.14 11.66
CA SER PA 283 -95.15 -37.35 12.30
C SER PA 283 -96.05 -36.91 13.48
N PRO PA 284 -97.04 -37.72 13.90
CA PRO PA 284 -97.83 -37.38 15.05
C PRO PA 284 -97.03 -37.26 16.35
N ARG PA 285 -96.04 -38.12 16.61
CA ARG PA 285 -95.13 -37.97 17.78
C ARG PA 285 -94.28 -36.68 17.72
N ASP PA 286 -93.73 -36.31 16.57
CA ASP PA 286 -92.92 -35.07 16.37
C ASP PA 286 -93.77 -33.81 16.61
N TRP PA 287 -95.01 -33.82 16.17
CA TRP PA 287 -95.96 -32.71 16.40
C TRP PA 287 -96.25 -32.52 17.89
N GLN PA 288 -96.41 -33.60 18.66
CA GLN PA 288 -96.60 -33.58 20.13
C GLN PA 288 -95.38 -32.99 20.85
N ARG PA 289 -94.19 -33.31 20.40
CA ARG PA 289 -92.96 -32.76 20.98
C ARG PA 289 -92.89 -31.23 20.80
N LEU PA 290 -93.24 -30.70 19.62
CA LEU PA 290 -93.32 -29.23 19.42
C LEU PA 290 -94.40 -28.45 20.20
N ILE PA 291 -95.64 -28.96 20.27
CA ILE PA 291 -96.79 -28.29 20.93
C ILE PA 291 -96.59 -28.21 22.45
N ASN PA 292 -96.05 -29.25 23.04
CA ASN PA 292 -95.70 -29.36 24.49
C ASN PA 292 -94.58 -28.41 24.95
N ASN PA 293 -93.54 -28.15 24.15
CA ASN PA 293 -92.30 -27.44 24.63
C ASN PA 293 -91.92 -26.08 24.05
N TYR PA 294 -92.65 -25.51 23.10
CA TYR PA 294 -92.20 -24.26 22.43
C TYR PA 294 -93.25 -23.17 22.35
N TRP PA 295 -92.87 -21.91 22.55
CA TRP PA 295 -93.77 -20.72 22.35
C TRP PA 295 -94.16 -20.46 20.87
N GLY PA 296 -93.26 -20.65 19.93
CA GLY PA 296 -93.52 -20.36 18.52
C GLY PA 296 -92.68 -21.10 17.51
N PHE PA 297 -93.12 -21.12 16.26
CA PHE PA 297 -92.34 -21.74 15.15
C PHE PA 297 -92.53 -20.94 13.84
N ARG PA 298 -91.57 -20.97 12.91
CA ARG PA 298 -91.69 -20.34 11.54
C ARG PA 298 -90.92 -21.15 10.47
N PRO PA 299 -91.36 -21.21 9.18
CA PRO PA 299 -90.56 -21.80 8.07
C PRO PA 299 -89.34 -20.99 7.56
N ARG PA 300 -88.25 -21.64 7.19
CA ARG PA 300 -87.00 -20.94 6.73
C ARG PA 300 -86.58 -21.35 5.32
N SER PA 301 -86.47 -22.65 5.05
CA SER PA 301 -85.95 -23.14 3.74
C SER PA 301 -86.69 -24.35 3.18
N LEU PA 302 -86.74 -24.48 1.86
CA LEU PA 302 -87.34 -25.66 1.19
C LEU PA 302 -86.41 -26.26 0.09
N ARG PA 303 -86.26 -27.58 0.03
CA ARG PA 303 -85.53 -28.29 -1.07
C ARG PA 303 -86.41 -29.41 -1.67
N VAL PA 304 -86.53 -29.48 -3.00
CA VAL PA 304 -87.34 -30.53 -3.70
C VAL PA 304 -86.51 -31.36 -4.72
N LYS PA 305 -86.62 -32.70 -4.70
CA LYS PA 305 -86.00 -33.59 -5.71
C LYS PA 305 -87.04 -34.55 -6.36
N ILE PA 306 -87.04 -34.69 -7.69
CA ILE PA 306 -87.90 -35.68 -8.43
C ILE PA 306 -86.97 -36.69 -9.12
N PHE PA 307 -87.18 -38.01 -8.94
CA PHE PA 307 -86.21 -39.07 -9.36
C PHE PA 307 -86.84 -40.45 -9.58
N ASN PA 308 -86.08 -41.43 -10.14
CA ASN PA 308 -86.50 -42.85 -10.41
C ASN PA 308 -87.71 -42.93 -11.34
N ILE PA 309 -87.70 -42.11 -12.38
CA ILE PA 309 -88.81 -42.02 -13.35
C ILE PA 309 -89.02 -43.31 -14.17
N GLN PA 310 -90.28 -43.73 -14.35
CA GLN PA 310 -90.63 -44.93 -15.13
C GLN PA 310 -91.85 -44.62 -16.02
N VAL PA 311 -91.70 -44.75 -17.33
CA VAL PA 311 -92.79 -44.47 -18.30
C VAL PA 311 -93.32 -45.82 -18.81
N LYS PA 312 -94.64 -46.01 -18.79
CA LYS PA 312 -95.30 -47.27 -19.19
C LYS PA 312 -96.29 -47.06 -20.34
N GLU PA 313 -96.35 -48.01 -21.27
CA GLU PA 313 -97.33 -47.95 -22.39
C GLU PA 313 -98.41 -49.01 -22.17
N VAL PA 314 -99.66 -48.62 -22.35
CA VAL PA 314 -100.80 -49.54 -22.12
C VAL PA 314 -101.42 -49.85 -23.49
N THR PA 315 -101.62 -51.13 -23.79
CA THR PA 315 -102.18 -51.54 -25.09
C THR PA 315 -103.34 -52.48 -24.87
N VAL PA 316 -104.42 -52.32 -25.63
CA VAL PA 316 -105.54 -53.31 -25.52
C VAL PA 316 -105.77 -54.03 -26.85
N GLN PA 317 -105.72 -55.36 -26.87
CA GLN PA 317 -106.13 -56.12 -28.08
C GLN PA 317 -107.22 -57.10 -27.62
N ASP PA 318 -108.44 -56.96 -28.14
CA ASP PA 318 -109.52 -57.94 -27.81
C ASP PA 318 -109.69 -58.05 -26.30
N SER PA 319 -109.57 -56.95 -25.53
CA SER PA 319 -109.83 -56.94 -24.06
C SER PA 319 -108.67 -57.48 -23.18
N THR PA 320 -107.50 -57.82 -23.73
CA THR PA 320 -106.32 -58.25 -22.91
C THR PA 320 -105.74 -57.18 -21.98
N THR PA 321 -105.63 -55.91 -22.37
CA THR PA 321 -104.97 -54.83 -21.55
C THR PA 321 -103.53 -55.09 -21.07
N THR PA 322 -102.57 -55.47 -21.93
CA THR PA 322 -101.13 -55.58 -21.55
C THR PA 322 -100.46 -54.24 -21.20
N ILE PA 323 -99.56 -54.21 -20.21
CA ILE PA 323 -98.78 -53.00 -19.80
C ILE PA 323 -97.27 -53.26 -19.96
N ALA PA 324 -96.52 -52.33 -20.57
CA ALA PA 324 -95.07 -52.50 -20.83
C ALA PA 324 -94.25 -51.23 -20.60
N ASN PA 325 -92.97 -51.38 -20.29
CA ASN PA 325 -92.05 -50.22 -20.17
C ASN PA 325 -91.68 -49.58 -21.51
N ASN PA 326 -91.64 -48.26 -21.60
CA ASN PA 326 -91.07 -47.58 -22.81
C ASN PA 326 -89.83 -46.82 -22.33
N LEU PA 327 -88.63 -47.28 -22.69
CA LEU PA 327 -87.32 -46.68 -22.31
C LEU PA 327 -87.04 -45.29 -22.89
N THR PA 328 -87.45 -45.06 -24.13
CA THR PA 328 -87.13 -43.80 -24.86
C THR PA 328 -88.14 -42.66 -24.62
N SER PA 329 -89.25 -42.89 -23.91
CA SER PA 329 -90.28 -41.85 -23.57
C SER PA 329 -89.80 -40.81 -22.53
N THR PA 330 -90.34 -39.60 -22.57
CA THR PA 330 -89.90 -38.47 -21.68
C THR PA 330 -91.01 -37.89 -20.80
N VAL PA 331 -90.61 -37.26 -19.72
CA VAL PA 331 -91.51 -36.50 -18.81
C VAL PA 331 -90.99 -35.05 -18.85
N GLN PA 332 -91.87 -34.04 -18.77
CA GLN PA 332 -91.50 -32.58 -18.78
C GLN PA 332 -91.81 -31.87 -17.44
N VAL PA 333 -90.84 -31.17 -16.87
CA VAL PA 333 -90.97 -30.52 -15.52
C VAL PA 333 -90.53 -29.04 -15.53
N PHE PA 334 -91.27 -28.16 -14.87
CA PHE PA 334 -90.89 -26.72 -14.69
C PHE PA 334 -91.41 -26.09 -13.36
N THR PA 335 -90.78 -25.01 -12.93
CA THR PA 335 -91.25 -24.23 -11.75
C THR PA 335 -91.62 -22.81 -12.20
N ASP PA 336 -92.76 -22.29 -11.74
CA ASP PA 336 -93.21 -20.88 -12.07
C ASP PA 336 -92.61 -19.86 -11.11
N ASP PA 337 -91.36 -19.51 -11.28
CA ASP PA 337 -90.58 -18.59 -10.39
C ASP PA 337 -91.07 -17.13 -10.31
N ASP PA 338 -91.52 -16.52 -11.41
CA ASP PA 338 -91.96 -15.09 -11.47
C ASP PA 338 -93.45 -14.91 -11.22
N TYR PA 339 -94.22 -15.94 -10.91
CA TYR PA 339 -95.66 -15.89 -10.54
C TYR PA 339 -96.53 -15.40 -11.69
N GLN PA 340 -96.14 -15.67 -12.92
CA GLN PA 340 -96.93 -15.37 -14.13
C GLN PA 340 -98.24 -16.15 -14.20
N LEU PA 341 -98.25 -17.40 -13.81
CA LEU PA 341 -99.46 -18.26 -13.79
C LEU PA 341 -100.41 -17.98 -12.63
N PRO PA 342 -101.71 -18.28 -12.78
CA PRO PA 342 -102.60 -18.23 -11.63
C PRO PA 342 -102.18 -19.26 -10.55
N TYR PA 343 -102.15 -18.88 -9.26
CA TYR PA 343 -101.67 -19.78 -8.16
C TYR PA 343 -102.86 -20.42 -7.44
N VAL PA 344 -102.99 -21.71 -7.59
CA VAL PA 344 -104.17 -22.44 -7.04
C VAL PA 344 -103.79 -23.23 -5.77
N VAL PA 345 -102.52 -23.21 -5.35
CA VAL PA 345 -102.00 -24.03 -4.20
C VAL PA 345 -102.62 -23.69 -2.80
N GLY PA 346 -102.93 -22.46 -2.45
CA GLY PA 346 -103.31 -22.06 -1.06
C GLY PA 346 -104.79 -21.99 -0.75
N ASN PA 347 -105.66 -22.71 -1.45
CA ASN PA 347 -107.15 -22.62 -1.36
C ASN PA 347 -107.84 -23.82 -0.70
N GLY PA 348 -107.18 -24.63 0.16
CA GLY PA 348 -107.73 -25.81 0.88
C GLY PA 348 -108.22 -26.96 0.03
N THR PA 349 -107.54 -27.25 -1.05
CA THR PA 349 -107.93 -28.32 -1.99
C THR PA 349 -107.15 -29.60 -1.79
N GLU PA 350 -107.74 -30.72 -2.16
CA GLU PA 350 -107.14 -32.09 -2.09
C GLU PA 350 -106.05 -32.38 -3.13
N GLY PA 351 -105.26 -33.44 -2.95
CA GLY PA 351 -104.09 -33.76 -3.81
C GLY PA 351 -102.71 -33.51 -3.26
N CYS PA 352 -102.55 -33.12 -2.00
CA CYS PA 352 -101.25 -32.96 -1.30
C CYS PA 352 -100.61 -34.32 -0.99
N LEU PA 353 -99.31 -34.34 -0.69
CA LEU PA 353 -98.60 -35.59 -0.32
C LEU PA 353 -99.28 -36.19 0.93
N PRO PA 354 -99.42 -37.53 0.98
CA PRO PA 354 -100.10 -38.18 2.10
C PRO PA 354 -99.48 -38.14 3.51
N ALA PA 355 -100.31 -38.17 4.55
CA ALA PA 355 -99.87 -38.19 5.98
C ALA PA 355 -99.02 -39.44 6.29
N PHE PA 356 -99.36 -40.61 5.74
CA PHE PA 356 -98.66 -41.89 6.03
C PHE PA 356 -97.66 -42.17 4.92
N PRO PA 357 -96.33 -42.33 5.22
CA PRO PA 357 -95.28 -42.54 4.21
C PRO PA 357 -95.41 -43.67 3.17
N PRO PA 358 -95.90 -44.88 3.49
CA PRO PA 358 -96.17 -45.96 2.55
C PRO PA 358 -97.27 -45.73 1.49
N GLN PA 359 -98.22 -44.84 1.73
CA GLN PA 359 -99.35 -44.57 0.80
C GLN PA 359 -98.89 -44.00 -0.56
N VAL PA 360 -99.51 -44.46 -1.63
CA VAL PA 360 -99.11 -44.05 -3.02
C VAL PA 360 -100.22 -43.14 -3.57
N PHE PA 361 -99.86 -42.03 -4.20
CA PHE PA 361 -100.87 -41.02 -4.59
C PHE PA 361 -100.90 -40.56 -6.07
N THR PA 362 -102.10 -40.26 -6.55
CA THR PA 362 -102.30 -39.63 -7.88
C THR PA 362 -102.14 -38.12 -7.81
N LEU PA 363 -101.37 -37.51 -8.72
CA LEU PA 363 -101.24 -36.03 -8.84
C LEU PA 363 -102.52 -35.37 -9.36
N PRO PA 364 -102.91 -34.21 -8.78
CA PRO PA 364 -104.02 -33.43 -9.30
C PRO PA 364 -103.83 -32.76 -10.69
N GLN PA 365 -104.88 -32.66 -11.50
CA GLN PA 365 -104.82 -31.91 -12.78
C GLN PA 365 -104.93 -30.39 -12.59
N TYR PA 366 -104.07 -29.60 -13.23
CA TYR PA 366 -104.10 -28.10 -13.24
C TYR PA 366 -105.24 -27.50 -14.07
N GLY PA 367 -105.86 -26.45 -13.54
CA GLY PA 367 -106.96 -25.72 -14.17
C GLY PA 367 -107.09 -24.39 -13.49
N TYR PA 368 -107.85 -23.45 -14.07
CA TYR PA 368 -108.05 -22.10 -13.48
C TYR PA 368 -109.34 -21.48 -13.94
N ALA PA 369 -109.84 -20.51 -13.19
CA ALA PA 369 -110.98 -19.67 -13.62
C ALA PA 369 -110.49 -18.26 -13.93
N THR PA 370 -110.89 -17.70 -15.08
CA THR PA 370 -110.64 -16.28 -15.45
C THR PA 370 -111.92 -15.51 -15.23
N LEU PA 371 -112.10 -14.37 -15.89
CA LEU PA 371 -113.33 -13.55 -15.83
C LEU PA 371 -114.55 -14.15 -16.55
N ASN PA 372 -115.73 -13.88 -16.02
CA ASN PA 372 -117.02 -14.36 -16.59
C ASN PA 372 -117.92 -13.13 -16.72
N ARG PA 373 -118.84 -13.12 -17.68
CA ARG PA 373 -119.64 -11.90 -17.94
C ARG PA 373 -121.05 -11.94 -17.34
N ASP PA 374 -121.40 -10.96 -16.51
CA ASP PA 374 -122.76 -10.79 -15.89
C ASP PA 374 -123.27 -12.00 -15.09
N ASN PA 375 -122.42 -12.67 -14.31
CA ASN PA 375 -122.80 -13.88 -13.51
C ASN PA 375 -123.37 -14.97 -14.44
N THR PA 376 -122.74 -15.19 -15.61
CA THR PA 376 -123.12 -16.21 -16.62
C THR PA 376 -121.89 -17.00 -17.06
N GLU PA 377 -122.01 -18.09 -17.84
CA GLU PA 377 -120.88 -18.95 -18.31
C GLU PA 377 -119.99 -18.30 -19.41
N ASN PA 378 -120.44 -17.22 -20.05
CA ASN PA 378 -119.71 -16.48 -21.11
C ASN PA 378 -118.48 -15.67 -20.64
N PRO PA 379 -117.43 -15.59 -21.47
CA PRO PA 379 -116.27 -14.72 -21.24
C PRO PA 379 -116.37 -13.19 -21.54
N THR PA 380 -115.35 -12.43 -21.16
CA THR PA 380 -115.22 -10.97 -21.38
C THR PA 380 -113.98 -10.72 -22.21
N GLU PA 381 -113.80 -9.52 -22.76
CA GLU PA 381 -112.58 -9.09 -23.51
C GLU PA 381 -111.34 -9.11 -22.61
N ARG PA 382 -111.46 -8.77 -21.34
CA ARG PA 382 -110.38 -8.84 -20.31
C ARG PA 382 -109.99 -10.31 -19.98
N SER PA 383 -110.84 -11.30 -20.24
CA SER PA 383 -110.60 -12.74 -19.92
C SER PA 383 -109.34 -13.26 -20.63
N SER PA 384 -108.50 -14.03 -19.94
CA SER PA 384 -107.14 -14.44 -20.38
C SER PA 384 -106.91 -15.95 -20.55
N PHE PA 385 -106.14 -16.31 -21.57
CA PHE PA 385 -105.72 -17.71 -21.82
C PHE PA 385 -104.22 -17.82 -21.57
N PHE PA 386 -103.82 -18.84 -20.83
CA PHE PA 386 -102.38 -19.10 -20.56
C PHE PA 386 -101.97 -20.47 -21.10
N CYS PA 387 -100.88 -20.52 -21.88
CA CYS PA 387 -100.26 -21.78 -22.38
C CYS PA 387 -99.02 -22.17 -21.54
N LEU PA 388 -98.98 -23.37 -20.96
CA LEU PA 388 -97.84 -23.92 -20.16
C LEU PA 388 -96.61 -24.22 -21.06
N GLU PA 389 -96.84 -24.67 -22.29
CA GLU PA 389 -95.79 -25.03 -23.27
C GLU PA 389 -95.01 -23.79 -23.73
N TYR PA 390 -95.56 -22.60 -23.55
CA TYR PA 390 -94.87 -21.30 -23.82
C TYR PA 390 -93.66 -21.13 -22.87
N PHE PA 391 -93.73 -21.54 -21.62
CA PHE PA 391 -92.59 -21.53 -20.68
C PHE PA 391 -91.53 -22.57 -21.03
N PRO PA 392 -90.22 -22.35 -20.75
CA PRO PA 392 -89.23 -23.43 -20.85
C PRO PA 392 -89.30 -24.59 -19.78
N SER PA 393 -89.11 -25.86 -20.18
CA SER PA 393 -89.16 -27.03 -19.24
C SER PA 393 -88.00 -28.04 -19.42
N LYS PA 394 -87.57 -28.69 -18.35
CA LYS PA 394 -86.60 -29.80 -18.43
C LYS PA 394 -87.25 -31.08 -18.99
N MET PA 395 -86.54 -31.84 -19.82
CA MET PA 395 -87.05 -33.13 -20.37
C MET PA 395 -86.29 -34.31 -19.75
N LEU PA 396 -87.02 -35.27 -19.20
CA LEU PA 396 -86.36 -36.41 -18.50
C LEU PA 396 -86.70 -37.80 -19.03
N ARG PA 397 -85.69 -38.61 -19.31
CA ARG PA 397 -85.83 -40.06 -19.57
C ARG PA 397 -85.66 -40.82 -18.21
N THR PA 398 -85.72 -42.16 -18.20
CA THR PA 398 -85.60 -43.05 -16.99
C THR PA 398 -84.33 -42.83 -16.18
N GLY PA 399 -83.17 -42.57 -16.78
CA GLY PA 399 -81.90 -42.15 -16.13
C GLY PA 399 -81.90 -40.83 -15.41
N ASN PA 400 -82.61 -39.82 -15.90
CA ASN PA 400 -82.61 -38.39 -15.45
C ASN PA 400 -83.33 -38.02 -14.14
N ASN PA 401 -82.93 -36.91 -13.50
CA ASN PA 401 -83.50 -36.41 -12.22
C ASN PA 401 -83.67 -34.87 -12.27
N PHE PA 402 -84.54 -34.29 -11.42
CA PHE PA 402 -84.74 -32.82 -11.29
C PHE PA 402 -84.59 -32.33 -9.83
N GLU PA 403 -83.95 -31.19 -9.61
CA GLU PA 403 -83.83 -30.60 -8.25
C GLU PA 403 -84.19 -29.08 -8.20
N PHE PA 404 -84.80 -28.60 -7.10
CA PHE PA 404 -85.09 -27.15 -6.87
C PHE PA 404 -84.78 -26.72 -5.40
N THR PA 405 -84.40 -25.46 -5.16
CA THR PA 405 -84.17 -24.89 -3.79
C THR PA 405 -84.92 -23.57 -3.61
N TYR PA 406 -85.50 -23.31 -2.43
CA TYR PA 406 -86.23 -22.05 -2.13
C TYR PA 406 -85.90 -21.49 -0.73
N ASN PA 407 -85.91 -20.17 -0.55
CA ASN PA 407 -85.77 -19.50 0.78
C ASN PA 407 -87.03 -18.71 1.10
N PHE PA 408 -87.56 -18.88 2.29
CA PHE PA 408 -88.78 -18.14 2.72
C PHE PA 408 -88.39 -16.71 3.10
N GLU PA 409 -89.29 -15.74 2.88
CA GLU PA 409 -89.10 -14.34 3.32
C GLU PA 409 -89.25 -14.23 4.86
N GLU PA 410 -88.72 -13.18 5.48
CA GLU PA 410 -88.96 -13.01 6.93
C GLU PA 410 -90.46 -12.88 7.23
N VAL PA 411 -90.92 -13.61 8.21
CA VAL PA 411 -92.37 -13.68 8.57
C VAL PA 411 -92.42 -13.73 10.09
N PRO PA 412 -93.49 -13.26 10.75
CA PRO PA 412 -93.63 -13.44 12.20
C PRO PA 412 -93.86 -14.90 12.65
N PHE PA 413 -93.34 -15.31 13.81
CA PHE PA 413 -93.56 -16.67 14.38
C PHE PA 413 -95.03 -16.89 14.72
N HIS PA 414 -95.59 -18.07 14.48
CA HIS PA 414 -96.94 -18.43 14.96
C HIS PA 414 -96.91 -18.49 16.50
N SER PA 415 -98.00 -18.08 17.17
CA SER PA 415 -98.07 -18.13 18.64
C SER PA 415 -98.67 -19.43 19.18
N SER PA 416 -97.84 -20.36 19.65
CA SER PA 416 -98.27 -21.64 20.26
C SER PA 416 -98.42 -21.50 21.78
N PHE PA 417 -99.36 -20.70 22.24
CA PHE PA 417 -99.59 -20.48 23.69
C PHE PA 417 -101.02 -19.99 23.89
N ALA PA 418 -101.52 -20.17 25.10
CA ALA PA 418 -102.84 -19.66 25.49
C ALA PA 418 -102.63 -18.60 26.58
N PRO PA 419 -103.36 -17.47 26.53
CA PRO PA 419 -103.29 -16.49 27.61
C PRO PA 419 -103.77 -16.94 29.00
N SER PA 420 -103.02 -16.58 30.03
CA SER PA 420 -103.38 -16.92 31.44
C SER PA 420 -104.14 -15.76 32.14
N GLN PA 421 -104.39 -14.64 31.46
CA GLN PA 421 -105.18 -13.52 32.02
C GLN PA 421 -106.25 -12.99 31.07
N ASN PA 422 -107.39 -12.53 31.60
CA ASN PA 422 -108.44 -11.80 30.85
C ASN PA 422 -107.97 -10.38 30.51
N LEU PA 423 -108.31 -9.86 29.32
CA LEU PA 423 -107.94 -8.51 28.82
C LEU PA 423 -108.51 -7.40 29.72
N PHE PA 424 -109.73 -7.58 30.24
CA PHE PA 424 -110.40 -6.61 31.14
C PHE PA 424 -110.07 -6.75 32.66
N LYS PA 425 -109.27 -7.72 33.13
CA LYS PA 425 -108.95 -7.97 34.58
C LYS PA 425 -107.47 -7.67 34.93
N LEU PA 426 -106.80 -6.70 34.32
CA LEU PA 426 -105.34 -6.44 34.49
C LEU PA 426 -104.94 -5.50 35.64
N ALA PA 427 -105.88 -4.78 36.24
CA ALA PA 427 -105.60 -3.95 37.43
C ALA PA 427 -105.29 -4.85 38.63
N ASN PA 428 -104.45 -4.40 39.56
CA ASN PA 428 -104.19 -5.17 40.79
C ASN PA 428 -105.51 -5.32 41.54
N PRO PA 429 -105.84 -6.54 42.02
CA PRO PA 429 -107.04 -6.80 42.79
C PRO PA 429 -107.11 -6.06 44.17
N LEU PA 430 -106.01 -5.92 44.91
CA LEU PA 430 -105.83 -5.18 46.19
C LEU PA 430 -105.99 -3.66 46.16
N VAL PA 431 -105.58 -2.97 45.11
CA VAL PA 431 -105.55 -1.47 45.09
C VAL PA 431 -106.63 -0.76 44.25
N ASP PA 432 -107.27 0.27 44.82
CA ASP PA 432 -108.25 1.16 44.11
C ASP PA 432 -107.63 2.11 43.09
N GLN PA 433 -108.35 2.45 42.04
CA GLN PA 433 -107.94 3.46 41.03
C GLN PA 433 -108.04 4.92 41.53
N TYR PA 434 -107.21 5.85 41.06
CA TYR PA 434 -107.37 7.31 41.36
C TYR PA 434 -108.37 7.96 40.35
N LEU PA 435 -109.32 7.23 39.82
CA LEU PA 435 -110.23 7.69 38.75
C LEU PA 435 -111.69 7.53 39.17
N TYR PA 436 -112.57 8.37 38.64
CA TYR PA 436 -113.98 8.41 39.08
C TYR PA 436 -114.94 8.28 37.90
N ARG PA 437 -116.14 7.80 38.17
CA ARG PA 437 -117.16 7.56 37.13
C ARG PA 437 -118.50 8.22 37.50
N PHE PA 438 -119.29 8.57 36.48
CA PHE PA 438 -120.64 9.12 36.72
C PHE PA 438 -121.59 7.99 36.99
N VAL PA 439 -122.32 8.10 38.09
CA VAL PA 439 -123.30 7.06 38.44
C VAL PA 439 -124.74 7.56 38.56
N SER PA 440 -124.95 8.87 38.68
CA SER PA 440 -126.31 9.33 39.07
C SER PA 440 -126.67 10.80 38.80
N THR PA 441 -127.96 11.08 38.86
CA THR PA 441 -128.46 12.46 38.81
C THR PA 441 -129.40 12.58 40.02
N ASN PA 442 -129.46 13.71 40.70
CA ASN PA 442 -130.38 13.95 41.88
C ASN PA 442 -131.80 14.40 41.45
N ASN PA 443 -132.68 14.75 42.40
CA ASN PA 443 -134.10 15.13 42.11
C ASN PA 443 -134.10 16.36 41.19
N THR PA 444 -133.21 17.33 41.38
CA THR PA 444 -132.96 18.40 40.38
C THR PA 444 -131.92 17.68 39.58
N GLY PA 445 -131.89 17.71 38.26
CA GLY PA 445 -130.97 16.76 37.58
C GLY PA 445 -129.50 17.10 37.65
N GLY PA 446 -128.89 17.04 38.84
CA GLY PA 446 -127.47 17.39 39.05
C GLY PA 446 -126.59 16.16 39.09
N VAL PA 447 -125.48 16.17 38.38
CA VAL PA 447 -124.58 14.98 38.23
C VAL PA 447 -123.86 14.55 39.51
N GLN PA 448 -123.69 13.24 39.69
CA GLN PA 448 -123.07 12.66 40.92
C GLN PA 448 -121.99 11.64 40.52
N PHE PA 449 -120.95 11.50 41.34
CA PHE PA 449 -119.79 10.64 40.99
C PHE PA 449 -119.36 9.70 42.12
N ASN PA 450 -118.75 8.57 41.77
CA ASN PA 450 -118.21 7.59 42.77
C ASN PA 450 -116.82 7.16 42.34
N LYS PA 451 -115.93 6.88 43.28
CA LYS PA 451 -114.57 6.33 43.01
C LYS PA 451 -114.59 4.86 42.57
N ASN PA 452 -113.58 4.45 41.80
CA ASN PA 452 -113.49 3.05 41.33
C ASN PA 452 -112.73 2.19 42.34
N LEU PA 453 -113.40 1.19 42.93
CA LEU PA 453 -112.84 0.29 43.99
C LEU PA 453 -111.99 -0.89 43.47
N ALA PA 454 -111.16 -1.46 44.33
CA ALA PA 454 -110.30 -2.62 43.97
C ALA PA 454 -111.10 -3.88 43.61
N GLY PA 455 -110.74 -4.52 42.49
CA GLY PA 455 -111.38 -5.76 41.99
C GLY PA 455 -112.69 -5.58 41.26
N ARG PA 456 -113.19 -4.35 41.10
CA ARG PA 456 -114.50 -4.07 40.44
C ARG PA 456 -114.26 -3.91 38.91
N TYR PA 457 -114.01 -5.00 38.19
CA TYR PA 457 -113.63 -5.06 36.73
C TYR PA 457 -114.76 -4.55 35.84
N ALA PA 458 -116.00 -4.68 36.29
CA ALA PA 458 -117.16 -4.14 35.58
C ALA PA 458 -117.05 -2.61 35.43
N ASN PA 459 -116.50 -1.88 36.40
CA ASN PA 459 -116.47 -0.38 36.42
C ASN PA 459 -115.08 0.27 36.36
N THR PA 460 -114.09 -0.25 35.70
CA THR PA 460 -112.67 0.18 35.77
C THR PA 460 -112.30 0.82 34.45
N TYR PA 461 -111.45 1.83 34.45
CA TYR PA 461 -110.94 2.47 33.21
C TYR PA 461 -110.05 1.46 32.51
N LYS PA 462 -110.13 1.39 31.19
CA LYS PA 462 -109.39 0.37 30.39
C LYS PA 462 -108.49 0.98 29.32
N ASN PA 463 -107.24 0.60 29.22
CA ASN PA 463 -106.30 0.95 28.10
C ASN PA 463 -106.59 0.30 26.74
N TRP PA 464 -107.02 -0.96 26.70
CA TRP PA 464 -107.02 -1.76 25.46
C TRP PA 464 -108.35 -2.42 25.18
N PHE PA 465 -108.60 -2.71 23.92
CA PHE PA 465 -109.94 -3.19 23.50
C PHE PA 465 -109.79 -4.49 22.74
N PRO PA 466 -110.85 -5.33 22.77
CA PRO PA 466 -110.88 -6.56 21.99
C PRO PA 466 -111.00 -6.40 20.47
N GLY PA 467 -110.62 -7.43 19.72
CA GLY PA 467 -110.61 -7.44 18.25
C GLY PA 467 -111.96 -7.49 17.54
N PRO PA 468 -111.99 -7.25 16.22
CA PRO PA 468 -113.25 -7.16 15.46
C PRO PA 468 -114.19 -8.37 15.38
N MET PA 469 -115.49 -8.14 15.37
CA MET PA 469 -116.48 -9.24 15.41
C MET PA 469 -117.65 -9.10 14.42
N GLY PA 470 -118.19 -10.17 13.87
CA GLY PA 470 -119.47 -10.17 13.11
C GLY PA 470 -120.35 -11.30 13.62
N ARG PA 471 -121.61 -11.10 13.98
CA ARG PA 471 -122.42 -12.20 14.59
C ARG PA 471 -122.70 -13.40 13.64
N THR PA 472 -122.52 -14.64 14.10
CA THR PA 472 -122.74 -15.90 13.34
C THR PA 472 -123.58 -16.84 14.18
N GLN PA 473 -124.50 -17.60 13.59
CA GLN PA 473 -125.44 -18.46 14.34
C GLN PA 473 -124.75 -19.59 15.13
N GLY PA 474 -125.25 -19.88 16.34
CA GLY PA 474 -124.71 -20.93 17.19
C GLY PA 474 -125.58 -22.17 17.22
N TRP PA 475 -124.97 -23.34 17.05
CA TRP PA 475 -125.68 -24.64 17.05
C TRP PA 475 -125.14 -25.58 18.13
N ASN PA 476 -126.03 -26.21 18.89
CA ASN PA 476 -125.64 -27.17 19.97
C ASN PA 476 -125.18 -28.50 19.38
N LEU PA 477 -124.24 -29.17 20.03
CA LEU PA 477 -123.66 -30.46 19.59
C LEU PA 477 -123.85 -31.44 20.76
N GLY PA 478 -123.77 -32.75 20.54
CA GLY PA 478 -124.04 -33.73 21.61
C GLY PA 478 -125.46 -33.70 22.11
N SER PA 479 -125.67 -33.43 23.39
CA SER PA 479 -127.03 -33.36 23.97
C SER PA 479 -127.81 -32.24 23.27
N GLY PA 480 -127.21 -31.08 22.98
CA GLY PA 480 -127.88 -30.12 22.06
C GLY PA 480 -129.23 -29.60 22.45
N VAL PA 481 -130.24 -29.78 21.60
CA VAL PA 481 -131.62 -29.19 21.77
C VAL PA 481 -131.91 -28.10 20.71
N ASN PA 482 -131.28 -28.13 19.54
CA ASN PA 482 -131.50 -27.20 18.37
C ASN PA 482 -132.83 -27.36 17.61
N ARG PA 483 -133.27 -26.34 16.85
CA ARG PA 483 -134.51 -26.34 16.01
C ARG PA 483 -134.52 -27.37 14.87
N ALA PA 484 -135.66 -28.05 14.66
CA ALA PA 484 -135.83 -29.15 13.68
C ALA PA 484 -136.09 -28.78 12.22
N SER PA 485 -135.70 -29.66 11.27
CA SER PA 485 -136.03 -29.52 9.83
C SER PA 485 -135.59 -28.21 9.15
N VAL PA 486 -134.40 -27.73 9.46
CA VAL PA 486 -133.92 -26.41 8.93
C VAL PA 486 -133.07 -26.57 7.67
N SER PA 487 -133.29 -25.72 6.65
CA SER PA 487 -132.35 -25.65 5.50
C SER PA 487 -131.45 -24.44 5.81
N ALA PA 488 -130.16 -24.64 5.98
CA ALA PA 488 -129.18 -23.61 6.43
C ALA PA 488 -128.92 -22.41 5.49
N PHE PA 489 -128.88 -22.53 4.17
CA PHE PA 489 -128.33 -21.51 3.24
C PHE PA 489 -128.97 -20.09 3.24
N ALA PA 490 -130.28 -19.93 3.32
CA ALA PA 490 -130.95 -18.61 3.29
C ALA PA 490 -130.49 -17.72 4.45
N THR PA 491 -130.28 -18.28 5.64
CA THR PA 491 -129.92 -17.52 6.86
C THR PA 491 -128.42 -17.46 7.13
N THR PA 492 -127.57 -17.97 6.25
CA THR PA 492 -126.09 -17.92 6.39
C THR PA 492 -125.48 -16.54 6.17
N ASN PA 493 -124.30 -16.27 6.73
CA ASN PA 493 -123.54 -14.99 6.53
C ASN PA 493 -123.04 -14.86 5.08
N ARG PA 494 -123.10 -13.67 4.52
CA ARG PA 494 -122.73 -13.48 3.08
C ARG PA 494 -122.03 -12.15 2.80
N MET PA 495 -121.23 -12.08 1.75
CA MET PA 495 -120.62 -10.82 1.26
C MET PA 495 -121.00 -10.70 -0.23
N GLU PA 496 -121.24 -9.50 -0.76
CA GLU PA 496 -121.70 -9.30 -2.16
C GLU PA 496 -120.54 -8.83 -3.05
N LEU PA 497 -120.23 -9.53 -4.16
CA LEU PA 497 -119.21 -9.08 -5.14
C LEU PA 497 -119.77 -9.12 -6.55
N GLU PA 498 -119.64 -8.07 -7.37
CA GLU PA 498 -120.02 -8.04 -8.82
C GLU PA 498 -121.48 -8.46 -9.09
N GLY PA 499 -122.43 -8.10 -8.24
CA GLY PA 499 -123.82 -8.57 -8.41
C GLY PA 499 -124.17 -9.96 -7.90
N ALA PA 500 -123.30 -10.68 -7.19
CA ALA PA 500 -123.69 -12.00 -6.64
C ALA PA 500 -123.45 -12.11 -5.12
N SER PA 501 -124.22 -12.94 -4.41
CA SER PA 501 -124.07 -13.17 -2.95
C SER PA 501 -123.22 -14.42 -2.69
N TYR PA 502 -122.19 -14.28 -1.89
CA TYR PA 502 -121.26 -15.41 -1.63
C TYR PA 502 -121.18 -15.77 -0.17
N GLN PA 503 -121.26 -17.05 0.13
CA GLN PA 503 -120.94 -17.50 1.50
C GLN PA 503 -119.42 -17.33 1.66
N VAL PA 504 -118.97 -16.94 2.83
CA VAL PA 504 -117.53 -16.73 3.14
C VAL PA 504 -117.34 -17.63 4.37
N PRO PA 505 -117.23 -18.97 4.17
CA PRO PA 505 -117.27 -19.94 5.25
C PRO PA 505 -116.24 -19.86 6.33
N PRO PA 506 -114.94 -19.52 6.19
CA PRO PA 506 -114.15 -19.27 7.39
C PRO PA 506 -114.58 -17.82 7.64
N GLN PA 507 -114.95 -17.42 8.84
CA GLN PA 507 -115.22 -15.95 8.99
C GLN PA 507 -113.86 -15.19 9.11
N PRO PA 508 -113.78 -13.84 9.04
CA PRO PA 508 -112.53 -13.10 9.29
C PRO PA 508 -111.96 -13.16 10.75
N ASN PA 509 -110.64 -13.05 10.99
CA ASN PA 509 -109.98 -13.20 12.33
C ASN PA 509 -110.40 -12.25 13.48
N GLY PA 510 -110.20 -12.64 14.76
CA GLY PA 510 -110.56 -11.87 15.96
C GLY PA 510 -111.73 -12.36 16.77
N MET PA 511 -112.28 -13.52 16.44
CA MET PA 511 -113.40 -14.08 17.22
C MET PA 511 -113.11 -15.49 17.76
N THR PA 512 -113.92 -15.97 18.72
CA THR PA 512 -113.87 -17.37 19.18
C THR PA 512 -115.21 -18.07 18.88
N ASN PA 513 -115.22 -19.21 18.21
CA ASN PA 513 -116.41 -20.09 17.94
C ASN PA 513 -117.05 -20.77 19.17
N ASN PA 514 -116.28 -21.23 20.15
CA ASN PA 514 -116.80 -22.03 21.31
C ASN PA 514 -116.30 -21.46 22.64
N LEU PA 515 -117.17 -21.34 23.65
CA LEU PA 515 -116.77 -20.86 25.03
C LEU PA 515 -115.83 -21.75 25.90
N GLN PA 516 -115.93 -23.07 26.00
CA GLN PA 516 -115.13 -23.99 26.90
C GLN PA 516 -116.19 -24.72 27.73
N GLY PA 517 -116.05 -26.04 27.90
CA GLY PA 517 -117.26 -26.71 28.40
C GLY PA 517 -118.20 -26.45 27.24
N SER PA 518 -119.32 -25.78 27.42
CA SER PA 518 -120.33 -25.47 26.36
C SER PA 518 -120.36 -26.31 25.08
N ASN PA 519 -121.57 -26.63 24.64
CA ASN PA 519 -121.79 -27.44 23.41
C ASN PA 519 -122.30 -26.52 22.29
N THR PA 520 -122.28 -25.20 22.48
CA THR PA 520 -122.64 -24.25 21.41
C THR PA 520 -121.42 -23.91 20.56
N TYR PA 521 -121.57 -24.04 19.26
CA TYR PA 521 -120.47 -23.76 18.30
C TYR PA 521 -121.02 -22.90 17.22
N ALA PA 522 -120.25 -21.91 16.81
CA ALA PA 522 -120.67 -21.16 15.61
C ALA PA 522 -120.05 -21.92 14.43
N LEU PA 523 -120.84 -22.69 13.69
CA LEU PA 523 -120.38 -23.64 12.61
C LEU PA 523 -119.67 -22.96 11.42
N GLU PA 524 -120.10 -21.78 10.99
CA GLU PA 524 -119.47 -21.04 9.87
C GLU PA 524 -118.17 -20.33 10.32
N ASN PA 525 -117.82 -20.32 11.59
CA ASN PA 525 -116.51 -19.80 12.10
C ASN PA 525 -115.54 -20.97 12.41
N THR PA 526 -115.87 -22.21 12.08
CA THR PA 526 -115.04 -23.38 12.48
C THR PA 526 -114.48 -24.15 11.29
N MET PA 527 -113.23 -24.56 11.35
CA MET PA 527 -112.66 -25.50 10.35
C MET PA 527 -113.23 -26.91 10.61
N ILE PA 528 -113.85 -27.52 9.61
CA ILE PA 528 -114.41 -28.90 9.70
C ILE PA 528 -113.64 -29.84 8.76
N PHE PA 529 -113.21 -30.99 9.26
CA PHE PA 529 -112.35 -31.96 8.51
C PHE PA 529 -112.94 -33.35 8.62
N ASN PA 530 -112.55 -34.25 7.72
CA ASN PA 530 -112.95 -35.68 7.74
C ASN PA 530 -111.74 -36.50 8.20
N SER PA 531 -111.93 -37.49 9.08
CA SER PA 531 -110.85 -38.42 9.52
C SER PA 531 -110.33 -39.23 8.33
N GLN PA 532 -111.21 -39.67 7.44
CA GLN PA 532 -110.85 -40.49 6.26
C GLN PA 532 -110.98 -39.69 4.96
N PRO PA 533 -110.15 -39.95 3.92
CA PRO PA 533 -110.31 -39.32 2.60
C PRO PA 533 -111.59 -39.76 1.88
N ALA PA 534 -112.11 -38.89 1.03
CA ALA PA 534 -113.42 -39.16 0.37
C ALA PA 534 -113.29 -39.25 -1.16
N ASN PA 535 -114.19 -40.00 -1.77
CA ASN PA 535 -114.28 -40.10 -3.25
C ASN PA 535 -114.75 -38.76 -3.84
N PRO PA 536 -114.29 -38.38 -5.04
CA PRO PA 536 -114.75 -37.15 -5.67
C PRO PA 536 -116.23 -37.05 -6.04
N GLY PA 537 -116.84 -35.88 -5.79
CA GLY PA 537 -118.24 -35.63 -6.15
C GLY PA 537 -119.27 -36.17 -5.18
N THR PA 538 -118.86 -36.66 -4.03
CA THR PA 538 -119.82 -37.27 -3.08
C THR PA 538 -120.87 -36.23 -2.67
N THR PA 539 -122.13 -36.63 -2.59
CA THR PA 539 -123.23 -35.76 -2.11
C THR PA 539 -123.82 -36.33 -0.84
N ALA PA 540 -123.17 -37.30 -0.20
CA ALA PA 540 -123.65 -37.98 1.02
C ALA PA 540 -123.78 -37.07 2.26
N THR PA 541 -124.83 -37.25 3.06
CA THR PA 541 -124.97 -36.52 4.34
C THR PA 541 -123.99 -37.07 5.37
N TYR PA 542 -123.40 -36.20 6.18
CA TYR PA 542 -122.47 -36.63 7.26
C TYR PA 542 -122.98 -36.11 8.58
N LEU PA 543 -123.07 -37.00 9.56
CA LEU PA 543 -123.40 -36.62 10.96
C LEU PA 543 -122.14 -36.17 11.72
N GLU PA 544 -122.28 -35.63 12.93
CA GLU PA 544 -121.18 -35.08 13.77
C GLU PA 544 -120.11 -36.11 14.14
N GLY PA 545 -120.48 -37.38 14.41
CA GLY PA 545 -119.53 -38.42 14.80
C GLY PA 545 -118.49 -38.69 13.74
N ASN PA 546 -118.84 -38.68 12.46
CA ASN PA 546 -117.85 -38.76 11.35
C ASN PA 546 -116.91 -37.56 11.30
N MET PA 547 -117.37 -36.34 11.61
CA MET PA 547 -116.57 -35.11 11.41
C MET PA 547 -115.53 -34.78 12.50
N LEU PA 548 -114.46 -34.08 12.13
CA LEU PA 548 -113.48 -33.58 13.14
C LEU PA 548 -113.75 -32.08 13.27
N ILE PA 549 -114.22 -31.60 14.43
CA ILE PA 549 -114.62 -30.17 14.60
C ILE PA 549 -113.68 -29.47 15.58
N THR PA 550 -113.05 -28.39 15.16
CA THR PA 550 -112.09 -27.58 15.94
C THR PA 550 -112.76 -26.59 16.92
N SER PA 551 -112.06 -26.23 17.98
CA SER PA 551 -112.53 -25.24 18.99
C SER PA 551 -111.43 -24.19 19.16
N GLU PA 552 -111.78 -22.93 19.35
CA GLU PA 552 -110.84 -21.80 19.53
C GLU PA 552 -110.95 -21.28 20.97
N SER PA 553 -111.41 -22.09 21.93
CA SER PA 553 -111.72 -21.69 23.33
C SER PA 553 -110.52 -21.11 24.09
N GLU PA 554 -109.28 -21.44 23.74
CA GLU PA 554 -108.03 -20.89 24.34
C GLU PA 554 -107.93 -19.36 24.15
N THR PA 555 -108.41 -18.80 23.04
CA THR PA 555 -108.34 -17.36 22.69
C THR PA 555 -109.46 -16.54 23.33
N GLN PA 556 -110.39 -17.14 24.08
CA GLN PA 556 -111.59 -16.49 24.68
C GLN PA 556 -111.19 -15.34 25.66
N PRO PA 557 -110.11 -15.39 26.48
CA PRO PA 557 -109.68 -14.23 27.26
C PRO PA 557 -109.45 -12.91 26.47
N VAL PA 558 -109.07 -12.93 25.18
CA VAL PA 558 -108.98 -11.74 24.27
C VAL PA 558 -109.91 -11.74 23.03
N ASN PA 559 -110.70 -12.77 22.74
CA ASN PA 559 -111.47 -12.81 21.47
C ASN PA 559 -112.95 -12.89 21.80
N ARG PA 560 -113.75 -12.04 21.17
CA ARG PA 560 -115.22 -12.05 21.41
C ARG PA 560 -115.91 -13.30 20.83
N VAL PA 561 -116.96 -13.76 21.48
CA VAL PA 561 -117.77 -14.92 20.99
C VAL PA 561 -118.65 -14.55 19.77
N ALA PA 562 -118.60 -15.35 18.69
CA ALA PA 562 -119.34 -15.15 17.42
C ALA PA 562 -120.86 -15.21 17.55
N TYR PA 563 -121.39 -16.15 18.33
CA TYR PA 563 -122.86 -16.33 18.51
C TYR PA 563 -123.50 -15.11 19.23
N ASN PA 564 -122.83 -14.50 20.19
CA ASN PA 564 -123.36 -13.37 21.02
C ASN PA 564 -123.26 -11.98 20.37
N VAL PA 565 -124.06 -10.99 20.80
CA VAL PA 565 -123.93 -9.54 20.40
C VAL PA 565 -122.63 -8.94 20.96
N GLY PA 566 -121.96 -8.03 20.23
CA GLY PA 566 -120.71 -7.33 20.64
C GLY PA 566 -120.73 -6.37 21.82
N GLY PA 567 -121.76 -5.54 21.99
CA GLY PA 567 -121.79 -4.49 23.02
C GLY PA 567 -122.97 -3.58 22.82
N GLN PA 568 -123.02 -2.45 23.52
CA GLN PA 568 -124.11 -1.43 23.41
C GLN PA 568 -123.55 0.00 23.23
N MET PA 569 -124.25 0.89 22.51
CA MET PA 569 -123.88 2.32 22.29
C MET PA 569 -125.12 3.22 22.48
N ALA PA 570 -124.95 4.53 22.74
CA ALA PA 570 -126.05 5.51 22.90
C ALA PA 570 -126.84 5.78 21.60
N THR PA 571 -128.16 5.86 21.70
CA THR PA 571 -129.06 6.05 20.54
C THR PA 571 -129.85 7.36 20.61
N ASN PA 572 -129.62 8.23 21.59
CA ASN PA 572 -130.50 9.41 21.81
C ASN PA 572 -129.78 10.50 22.60
N ASN PA 573 -130.42 11.65 22.74
CA ASN PA 573 -129.91 12.71 23.64
C ASN PA 573 -130.87 12.81 24.83
N GLN PA 574 -130.38 12.72 26.07
CA GLN PA 574 -131.20 12.84 27.31
C GLN PA 574 -131.65 14.30 27.50
N SER PA 575 -132.79 14.51 28.16
CA SER PA 575 -133.35 15.85 28.42
C SER PA 575 -134.25 15.70 29.66
N SER PA 576 -134.72 16.80 30.25
CA SER PA 576 -135.68 16.64 31.36
C SER PA 576 -136.91 15.89 30.87
N THR PA 577 -137.42 16.18 29.67
CA THR PA 577 -138.51 15.42 29.02
C THR PA 577 -138.12 13.98 28.67
N THR PA 578 -136.90 13.71 28.20
CA THR PA 578 -136.54 12.37 27.67
C THR PA 578 -135.51 11.60 28.47
N ALA PA 579 -135.82 10.35 28.83
CA ALA PA 579 -134.85 9.42 29.49
C ALA PA 579 -133.76 8.95 28.53
N PRO PA 580 -132.54 8.67 29.01
CA PRO PA 580 -131.48 8.11 28.16
C PRO PA 580 -131.73 6.68 27.62
N ALA PA 581 -131.27 6.36 26.41
CA ALA PA 581 -131.50 5.04 25.74
C ALA PA 581 -130.23 4.44 25.13
N THR PA 582 -130.14 3.12 25.07
CA THR PA 582 -128.98 2.42 24.44
C THR PA 582 -129.46 1.42 23.41
N GLY PA 583 -128.58 1.04 22.48
CA GLY PA 583 -128.90 -0.04 21.52
C GLY PA 583 -127.76 -1.03 21.35
N THR PA 584 -128.05 -2.32 21.22
CA THR PA 584 -127.01 -3.37 20.90
C THR PA 584 -126.54 -3.34 19.46
N TYR PA 585 -125.31 -3.75 19.19
CA TYR PA 585 -124.75 -3.86 17.81
C TYR PA 585 -124.36 -5.34 17.49
N ASN PA 586 -124.54 -5.81 16.24
CA ASN PA 586 -124.22 -7.21 15.80
C ASN PA 586 -122.87 -7.29 15.07
N LEU PA 587 -122.27 -6.15 14.73
CA LEU PA 587 -120.96 -6.12 14.04
C LEU PA 587 -120.10 -4.92 14.48
N GLN PA 588 -118.79 -5.08 14.54
CA GLN PA 588 -117.85 -3.95 14.79
C GLN PA 588 -116.54 -4.28 14.08
N GLU PA 589 -115.76 -3.29 13.72
CA GLU PA 589 -114.51 -3.49 12.94
C GLU PA 589 -113.37 -2.88 13.73
N ILE PA 590 -112.17 -2.80 13.17
CA ILE PA 590 -110.94 -2.35 13.89
C ILE PA 590 -111.04 -0.92 14.45
N VAL PA 591 -110.55 -0.74 15.65
CA VAL PA 591 -110.53 0.58 16.35
C VAL PA 591 -109.09 0.73 16.86
N PRO PA 592 -108.57 1.94 17.07
CA PRO PA 592 -107.22 2.08 17.65
C PRO PA 592 -107.12 1.52 19.08
N GLY PA 593 -106.01 0.86 19.44
CA GLY PA 593 -105.87 0.16 20.73
C GLY PA 593 -106.44 -1.25 20.75
N SER PA 594 -106.85 -1.78 19.60
CA SER PA 594 -107.39 -3.15 19.41
C SER PA 594 -106.32 -4.25 19.51
N VAL PA 595 -106.61 -5.33 20.24
CA VAL PA 595 -105.70 -6.51 20.39
C VAL PA 595 -106.51 -7.80 20.11
N TRP PA 596 -105.91 -8.79 19.46
CA TRP PA 596 -106.58 -10.10 19.19
C TRP PA 596 -105.56 -11.21 18.96
N MET PA 597 -106.02 -12.44 18.97
CA MET PA 597 -105.19 -13.64 18.62
C MET PA 597 -105.66 -14.24 17.28
N GLU PA 598 -104.73 -14.57 16.39
CA GLU PA 598 -105.02 -15.24 15.09
C GLU PA 598 -105.42 -16.72 15.29
N ARG PA 599 -106.10 -17.30 14.32
CA ARG PA 599 -106.52 -18.74 14.35
C ARG PA 599 -105.34 -19.72 14.46
N ASP PA 600 -105.54 -20.79 15.23
CA ASP PA 600 -104.53 -21.86 15.44
C ASP PA 600 -104.29 -22.76 14.22
N VAL PA 601 -103.07 -23.22 14.04
CA VAL PA 601 -102.72 -24.27 13.02
C VAL PA 601 -103.07 -25.69 13.51
N TYR PA 602 -103.30 -26.60 12.59
CA TYR PA 602 -103.63 -28.02 12.91
C TYR PA 602 -102.70 -28.91 12.10
N LEU PA 603 -102.43 -30.13 12.57
CA LEU PA 603 -101.58 -31.10 11.81
C LEU PA 603 -102.27 -31.45 10.47
N GLN PA 604 -103.59 -31.63 10.43
CA GLN PA 604 -104.43 -31.83 9.23
C GLN PA 604 -104.49 -30.57 8.32
N GLY PA 605 -104.30 -29.37 8.85
CA GLY PA 605 -104.37 -28.08 8.13
C GLY PA 605 -103.24 -27.57 7.25
N PRO PA 606 -103.51 -26.51 6.44
CA PRO PA 606 -102.48 -25.79 5.66
C PRO PA 606 -101.41 -24.86 6.24
N ILE PA 607 -100.16 -24.91 5.81
CA ILE PA 607 -99.08 -23.92 6.20
C ILE PA 607 -99.17 -22.47 5.65
N TRP PA 608 -99.44 -22.25 4.37
CA TRP PA 608 -99.32 -20.91 3.76
C TRP PA 608 -100.41 -20.53 2.77
N ALA PA 609 -100.56 -19.24 2.48
CA ALA PA 609 -101.46 -18.72 1.43
C ALA PA 609 -100.73 -17.56 0.73
N LYS PA 610 -101.01 -17.36 -0.55
CA LYS PA 610 -100.44 -16.22 -1.32
C LYS PA 610 -101.27 -14.94 -1.11
N ILE PA 611 -100.61 -13.84 -0.78
CA ILE PA 611 -101.30 -12.53 -0.71
C ILE PA 611 -101.64 -12.08 -2.15
N PRO PA 612 -102.90 -11.64 -2.43
CA PRO PA 612 -103.27 -11.17 -3.77
C PRO PA 612 -102.66 -9.82 -4.18
N GLU PA 613 -102.30 -9.67 -5.46
CA GLU PA 613 -101.61 -8.41 -5.89
C GLU PA 613 -102.61 -7.34 -6.36
N THR PA 614 -102.96 -6.37 -5.51
CA THR PA 614 -103.92 -5.31 -5.81
C THR PA 614 -103.25 -3.97 -5.63
N GLY PA 615 -102.14 -3.93 -4.94
CA GLY PA 615 -101.45 -2.71 -4.53
C GLY PA 615 -101.92 -2.16 -3.18
N ALA PA 616 -102.99 -2.68 -2.57
CA ALA PA 616 -103.43 -2.25 -1.22
C ALA PA 616 -103.95 -3.41 -0.38
N HIS PA 617 -103.53 -3.52 0.87
CA HIS PA 617 -104.03 -4.58 1.80
C HIS PA 617 -103.88 -4.14 3.25
N PHE PA 618 -104.62 -4.75 4.16
CA PHE PA 618 -104.44 -4.52 5.61
C PHE PA 618 -104.18 -5.83 6.35
N HIS PA 619 -103.15 -5.90 7.21
CA HIS PA 619 -102.87 -7.05 8.13
C HIS PA 619 -103.03 -8.40 7.43
N PRO PA 620 -101.97 -8.91 6.79
CA PRO PA 620 -102.12 -10.07 5.90
C PRO PA 620 -101.95 -11.49 6.42
N SER PA 621 -102.89 -11.87 7.26
CA SER PA 621 -102.91 -13.22 7.86
C SER PA 621 -104.11 -13.95 7.26
N PRO PA 622 -103.95 -15.14 6.63
CA PRO PA 622 -105.09 -15.82 6.02
C PRO PA 622 -106.15 -16.39 6.99
N ALA PA 623 -107.42 -16.37 6.60
CA ALA PA 623 -108.54 -16.79 7.48
C ALA PA 623 -108.51 -18.26 7.91
N MET PA 624 -108.15 -19.20 7.02
CA MET PA 624 -108.04 -20.65 7.30
C MET PA 624 -106.92 -20.88 8.34
N GLY PA 625 -105.87 -20.09 8.34
CA GLY PA 625 -104.73 -20.20 9.27
C GLY PA 625 -103.41 -20.17 8.53
N GLY PA 626 -102.30 -20.12 9.25
CA GLY PA 626 -100.97 -20.14 8.63
C GLY PA 626 -100.27 -18.84 8.30
N PHE PA 627 -99.34 -18.88 7.37
CA PHE PA 627 -98.46 -17.73 7.02
C PHE PA 627 -98.83 -17.14 5.66
N GLY PA 628 -99.01 -15.82 5.62
CA GLY PA 628 -99.35 -15.10 4.39
C GLY PA 628 -98.09 -14.61 3.72
N LEU PA 629 -97.89 -15.01 2.47
CA LEU PA 629 -96.61 -14.68 1.79
C LEU PA 629 -96.78 -13.91 0.50
N LYS PA 630 -96.05 -12.81 0.33
CA LYS PA 630 -95.99 -12.09 -0.97
C LYS PA 630 -95.34 -12.95 -2.06
N HIS PA 631 -94.28 -13.67 -1.73
CA HIS PA 631 -93.58 -14.57 -2.69
C HIS PA 631 -93.59 -15.99 -2.13
N PRO PA 632 -94.65 -16.76 -2.39
CA PRO PA 632 -94.81 -18.13 -1.91
C PRO PA 632 -93.95 -19.21 -2.57
N PRO PA 633 -93.78 -20.40 -1.96
CA PRO PA 633 -93.02 -21.43 -2.64
C PRO PA 633 -93.72 -21.70 -3.99
N PRO PA 634 -92.97 -21.76 -5.12
CA PRO PA 634 -93.59 -21.83 -6.45
C PRO PA 634 -94.30 -23.07 -6.98
N MET PA 635 -95.25 -22.88 -7.89
CA MET PA 635 -95.97 -24.00 -8.56
C MET PA 635 -95.01 -24.92 -9.36
N MET PA 636 -95.14 -26.23 -9.16
CA MET PA 636 -94.30 -27.24 -9.84
C MET PA 636 -95.21 -28.06 -10.76
N LEU PA 637 -94.92 -28.07 -12.05
CA LEU PA 637 -95.81 -28.67 -13.07
C LEU PA 637 -95.11 -29.80 -13.83
N ILE PA 638 -95.81 -30.92 -14.01
CA ILE PA 638 -95.25 -32.11 -14.72
C ILE PA 638 -96.25 -32.61 -15.77
N LYS PA 639 -95.75 -32.98 -16.94
CA LYS PA 639 -96.62 -33.60 -17.97
C LYS PA 639 -95.94 -34.79 -18.68
N ASN PA 640 -96.72 -35.68 -19.25
CA ASN PA 640 -96.17 -36.76 -20.12
C ASN PA 640 -96.07 -36.21 -21.54
N THR PA 641 -94.93 -36.35 -22.20
CA THR PA 641 -94.76 -35.91 -23.61
C THR PA 641 -95.65 -36.72 -24.54
N PRO PA 642 -96.38 -36.08 -25.49
CA PRO PA 642 -97.14 -36.80 -26.50
C PRO PA 642 -96.28 -37.71 -27.38
N VAL PA 643 -96.68 -38.97 -27.47
CA VAL PA 643 -95.98 -39.90 -28.39
C VAL PA 643 -97.02 -40.34 -29.43
N PRO PA 644 -96.78 -40.02 -30.72
CA PRO PA 644 -97.72 -40.39 -31.79
C PRO PA 644 -97.96 -41.83 -32.25
N GLY PA 645 -99.18 -42.17 -32.66
CA GLY PA 645 -99.56 -43.45 -33.29
C GLY PA 645 -99.16 -43.48 -34.75
N ASN PA 646 -99.30 -44.59 -35.45
CA ASN PA 646 -98.75 -44.68 -36.85
C ASN PA 646 -99.46 -43.72 -37.81
N ILE PA 647 -98.68 -42.88 -38.50
CA ILE PA 647 -99.25 -41.91 -39.49
C ILE PA 647 -98.59 -42.23 -40.84
N THR PA 648 -99.37 -42.45 -41.89
CA THR PA 648 -98.82 -42.89 -43.19
C THR PA 648 -98.94 -41.81 -44.26
N SER PA 649 -99.70 -40.76 -44.01
CA SER PA 649 -99.96 -39.70 -45.02
C SER PA 649 -99.79 -38.30 -44.42
N PHE PA 650 -99.44 -37.30 -45.23
CA PHE PA 650 -99.34 -35.88 -44.80
C PHE PA 650 -100.68 -35.14 -44.65
N SER PA 651 -100.84 -34.38 -43.57
CA SER PA 651 -102.00 -33.45 -43.46
C SER PA 651 -101.53 -32.17 -42.78
N ASP PA 652 -102.08 -31.03 -43.17
CA ASP PA 652 -101.90 -29.74 -42.44
C ASP PA 652 -102.60 -29.86 -41.08
N VAL PA 653 -103.74 -30.58 -41.02
CA VAL PA 653 -104.52 -30.76 -39.76
C VAL PA 653 -103.68 -31.50 -38.71
N PRO PA 654 -103.64 -31.03 -37.44
CA PRO PA 654 -102.85 -31.66 -36.38
C PRO PA 654 -103.21 -33.09 -35.98
N VAL PA 655 -102.20 -33.88 -35.62
CA VAL PA 655 -102.43 -35.30 -35.22
C VAL PA 655 -103.26 -35.40 -33.94
N SER PA 656 -104.26 -36.27 -33.96
CA SER PA 656 -105.15 -36.54 -32.82
C SER PA 656 -104.98 -37.99 -32.33
N SER PA 657 -104.07 -38.77 -32.91
CA SER PA 657 -103.89 -40.20 -32.56
C SER PA 657 -102.54 -40.41 -31.86
N PHE PA 658 -102.56 -40.92 -30.64
CA PHE PA 658 -101.34 -41.03 -29.81
C PHE PA 658 -101.32 -42.36 -29.10
N ILE PA 659 -100.14 -42.90 -28.82
CA ILE PA 659 -100.07 -44.13 -27.95
C ILE PA 659 -100.47 -43.79 -26.49
N THR PA 660 -101.22 -44.65 -25.78
CA THR PA 660 -101.65 -44.44 -24.36
C THR PA 660 -100.53 -44.74 -23.37
N GLN PA 661 -100.24 -43.79 -22.46
CA GLN PA 661 -99.06 -43.88 -21.55
C GLN PA 661 -99.33 -43.27 -20.15
N TYR PA 662 -98.57 -43.69 -19.13
CA TYR PA 662 -98.65 -43.13 -17.75
C TYR PA 662 -97.24 -43.10 -17.18
N SER PA 663 -97.01 -42.27 -16.16
CA SER PA 663 -95.68 -42.19 -15.50
C SER PA 663 -95.74 -42.41 -13.98
N THR PA 664 -94.63 -42.89 -13.41
CA THR PA 664 -94.52 -43.14 -11.96
C THR PA 664 -93.12 -42.74 -11.46
N GLY PA 665 -92.96 -42.37 -10.19
CA GLY PA 665 -91.65 -42.05 -9.61
C GLY PA 665 -91.65 -41.75 -8.13
N GLN PA 666 -90.55 -41.22 -7.62
CA GLN PA 666 -90.39 -40.80 -6.19
C GLN PA 666 -90.11 -39.30 -6.04
N VAL PA 667 -90.69 -38.67 -5.02
CA VAL PA 667 -90.44 -37.22 -4.72
C VAL PA 667 -89.93 -37.06 -3.26
N THR PA 668 -88.91 -36.24 -3.05
CA THR PA 668 -88.41 -35.92 -1.70
C THR PA 668 -88.55 -34.42 -1.40
N VAL PA 669 -89.13 -34.04 -0.24
CA VAL PA 669 -89.18 -32.62 0.23
C VAL PA 669 -88.42 -32.45 1.56
N GLU PA 670 -87.52 -31.48 1.64
CA GLU PA 670 -86.75 -31.17 2.87
C GLU PA 670 -87.10 -29.73 3.32
N MET PA 671 -87.48 -29.58 4.59
CA MET PA 671 -87.87 -28.24 5.13
C MET PA 671 -87.13 -27.92 6.43
N GLU PA 672 -86.73 -26.66 6.58
CA GLU PA 672 -86.08 -26.17 7.82
C GLU PA 672 -87.03 -25.24 8.59
N TRP PA 673 -87.10 -25.41 9.90
CA TRP PA 673 -88.00 -24.62 10.76
C TRP PA 673 -87.23 -23.93 11.89
N GLU PA 674 -87.59 -22.70 12.21
CA GLU PA 674 -86.99 -21.96 13.36
C GLU PA 674 -87.96 -22.03 14.56
N LEU PA 675 -87.43 -22.32 15.74
CA LEU PA 675 -88.24 -22.52 16.99
C LEU PA 675 -88.03 -21.39 18.01
N LYS PA 676 -89.10 -20.99 18.69
CA LYS PA 676 -88.96 -20.04 19.82
C LYS PA 676 -89.17 -20.80 21.15
N LYS PA 677 -88.18 -20.78 22.03
CA LYS PA 677 -88.22 -21.43 23.37
C LYS PA 677 -89.14 -20.80 24.43
N GLU PA 678 -89.77 -21.63 25.24
CA GLU PA 678 -90.55 -21.16 26.42
C GLU PA 678 -89.61 -20.61 27.52
N ASN PA 679 -89.97 -19.53 28.19
CA ASN PA 679 -89.19 -18.91 29.31
C ASN PA 679 -90.12 -18.70 30.53
N SER PA 680 -91.02 -19.62 30.85
CA SER PA 680 -92.03 -19.49 31.92
C SER PA 680 -91.52 -19.48 33.38
N LYS PA 681 -92.14 -18.69 34.25
CA LYS PA 681 -91.85 -18.69 35.70
C LYS PA 681 -93.04 -19.31 36.49
N ARG PA 682 -94.03 -19.92 35.84
CA ARG PA 682 -95.19 -20.63 36.48
C ARG PA 682 -94.79 -21.85 37.35
N TRP PA 683 -95.05 -21.82 38.66
CA TRP PA 683 -94.72 -22.89 39.62
C TRP PA 683 -95.49 -24.22 39.45
N ASN PA 684 -96.77 -24.13 39.22
CA ASN PA 684 -97.68 -25.29 39.05
C ASN PA 684 -97.54 -25.96 37.68
N PRO PA 685 -97.87 -27.26 37.56
CA PRO PA 685 -97.87 -27.95 36.28
C PRO PA 685 -98.90 -27.53 35.19
N GLU PA 686 -98.46 -27.48 33.95
CA GLU PA 686 -99.27 -27.15 32.75
C GLU PA 686 -100.09 -28.26 32.06
N ILE PA 687 -101.06 -27.88 31.23
CA ILE PA 687 -101.81 -28.81 30.33
C ILE PA 687 -100.91 -29.28 29.17
N GLN PA 688 -101.00 -30.56 28.77
CA GLN PA 688 -100.20 -31.18 27.68
C GLN PA 688 -101.05 -32.12 26.82
N TYR PA 689 -100.75 -32.25 25.53
CA TYR PA 689 -101.41 -33.28 24.67
C TYR PA 689 -100.86 -34.67 25.09
N THR PA 690 -101.76 -35.62 25.27
CA THR PA 690 -101.37 -36.97 25.70
C THR PA 690 -102.15 -38.00 24.93
N ASN PA 691 -101.60 -39.21 24.83
CA ASN PA 691 -102.36 -40.34 24.24
C ASN PA 691 -103.17 -40.91 25.41
N ASN PA 692 -104.46 -40.69 25.43
CA ASN PA 692 -105.32 -41.06 26.58
C ASN PA 692 -106.64 -41.59 26.04
N TYR PA 693 -106.92 -42.86 26.29
CA TYR PA 693 -108.12 -43.53 25.71
C TYR PA 693 -108.63 -44.47 26.78
N ASN PA 694 -109.93 -44.67 26.89
CA ASN PA 694 -110.47 -45.68 27.86
C ASN PA 694 -110.87 -46.97 27.14
N ASP PA 695 -110.31 -48.12 27.53
CA ASP PA 695 -110.59 -49.48 26.92
C ASP PA 695 -110.39 -49.49 25.40
N PRO PA 696 -109.25 -49.03 24.82
CA PRO PA 696 -109.12 -48.96 23.37
C PRO PA 696 -109.18 -50.27 22.55
N GLN PA 697 -109.92 -50.24 21.43
CA GLN PA 697 -110.04 -51.44 20.54
C GLN PA 697 -109.06 -51.37 19.38
N PHE PA 698 -108.35 -50.27 19.23
CA PHE PA 698 -107.40 -50.05 18.11
C PHE PA 698 -106.41 -49.06 18.60
N VAL PA 699 -105.28 -48.95 17.94
CA VAL PA 699 -104.34 -47.86 18.24
C VAL PA 699 -104.62 -46.73 17.25
N ASP PA 700 -104.88 -45.53 17.71
CA ASP PA 700 -105.02 -44.31 16.88
C ASP PA 700 -103.69 -43.93 16.24
N PHE PA 701 -103.69 -43.32 15.03
CA PHE PA 701 -102.48 -42.94 14.23
C PHE PA 701 -101.66 -44.17 13.84
N ALA PA 702 -102.33 -45.25 13.51
CA ALA PA 702 -101.71 -46.53 13.12
C ALA PA 702 -102.57 -47.20 12.05
N PRO PA 703 -102.02 -48.13 11.23
CA PRO PA 703 -102.84 -48.94 10.34
C PRO PA 703 -103.78 -49.97 11.01
N ASP PA 704 -104.90 -50.29 10.38
CA ASP PA 704 -105.82 -51.35 10.91
C ASP PA 704 -105.57 -52.74 10.27
N SER PA 705 -106.45 -53.70 10.55
CA SER PA 705 -106.31 -55.09 10.03
C SER PA 705 -106.34 -55.10 8.49
N THR PA 706 -107.17 -54.28 7.84
CA THR PA 706 -107.19 -54.08 6.36
C THR PA 706 -106.00 -53.27 5.83
N GLY PA 707 -105.24 -52.57 6.67
CA GLY PA 707 -104.17 -51.66 6.21
C GLY PA 707 -104.51 -50.19 6.04
N GLU PA 708 -105.71 -49.77 6.43
CA GLU PA 708 -106.14 -48.34 6.35
C GLU PA 708 -105.73 -47.52 7.59
N TYR PA 709 -105.10 -46.37 7.40
CA TYR PA 709 -104.66 -45.46 8.49
C TYR PA 709 -105.84 -44.82 9.24
N ARG PA 710 -105.72 -44.73 10.57
CA ARG PA 710 -106.80 -44.16 11.40
C ARG PA 710 -106.31 -42.88 12.07
N SER PA 711 -107.05 -41.78 11.94
CA SER PA 711 -106.74 -40.46 12.57
C SER PA 711 -108.00 -39.86 13.21
N THR PA 712 -108.46 -40.35 14.36
CA THR PA 712 -109.69 -39.93 15.08
C THR PA 712 -109.70 -38.48 15.58
N ARG PA 713 -108.59 -37.90 16.02
CA ARG PA 713 -108.60 -36.56 16.69
C ARG PA 713 -107.87 -35.42 15.94
N PRO PA 714 -108.46 -34.20 15.86
CA PRO PA 714 -107.74 -33.02 15.36
C PRO PA 714 -106.69 -32.44 16.35
N ILE PA 715 -105.49 -32.06 15.93
CA ILE PA 715 -104.53 -31.54 16.96
C ILE PA 715 -104.08 -30.10 16.71
N GLY PA 716 -104.31 -29.21 17.67
CA GLY PA 716 -103.88 -27.81 17.68
C GLY PA 716 -102.53 -27.61 18.30
N THR PA 717 -102.04 -26.38 18.30
CA THR PA 717 -100.73 -26.06 18.91
C THR PA 717 -100.73 -25.41 20.30
N ARG PA 718 -101.87 -25.00 20.89
CA ARG PA 718 -101.80 -24.20 22.16
C ARG PA 718 -102.08 -25.00 23.45
N TYR PA 719 -101.03 -25.38 24.18
CA TYR PA 719 -101.14 -26.14 25.46
C TYR PA 719 -100.43 -25.36 26.55
N LEU PA 720 -99.38 -24.63 26.18
CA LEU PA 720 -98.62 -23.76 27.11
C LEU PA 720 -99.38 -22.46 27.40
N THR PA 721 -99.08 -21.84 28.52
CA THR PA 721 -99.78 -20.63 28.98
C THR PA 721 -98.80 -19.52 29.24
N ARG PA 722 -99.19 -18.30 28.95
CA ARG PA 722 -98.34 -17.12 29.26
C ARG PA 722 -99.18 -16.00 29.88
N PRO PA 723 -98.61 -15.17 30.79
CA PRO PA 723 -99.29 -13.96 31.28
C PRO PA 723 -99.41 -12.85 30.22
N LEU PA 724 -100.44 -12.02 30.27
CA LEU PA 724 -100.66 -10.95 29.26
C LEU PA 724 -99.56 -9.87 29.33
N ASP QA 209 -71.62 -0.77 53.94
CA ASP QA 209 -70.43 -0.39 54.74
C ASP QA 209 -70.75 -0.45 56.25
N GLY QA 210 -71.52 0.48 56.81
CA GLY QA 210 -71.65 0.50 58.28
C GLY QA 210 -72.90 1.09 58.88
N VAL QA 211 -73.10 0.86 60.18
CA VAL QA 211 -74.24 1.44 60.96
C VAL QA 211 -74.20 2.98 60.99
N GLY QA 212 -73.02 3.59 61.10
CA GLY QA 212 -72.87 5.05 61.23
C GLY QA 212 -72.65 5.78 59.94
N ASN QA 213 -72.68 5.10 58.80
CA ASN QA 213 -72.36 5.74 57.50
C ASN QA 213 -73.58 5.78 56.59
N ALA QA 214 -73.87 6.94 56.01
CA ALA QA 214 -75.01 7.09 55.06
C ALA QA 214 -74.74 6.48 53.67
N SER QA 215 -75.65 5.67 53.16
CA SER QA 215 -75.65 5.00 51.81
C SER QA 215 -75.79 5.97 50.61
N GLY QA 216 -76.57 7.03 50.71
CA GLY QA 216 -76.82 8.00 49.64
C GLY QA 216 -77.24 9.39 50.07
N ASP QA 217 -77.39 10.32 49.12
CA ASP QA 217 -77.78 11.73 49.36
C ASP QA 217 -79.06 12.15 48.64
N TRP QA 218 -79.72 13.21 49.12
CA TRP QA 218 -80.98 13.74 48.52
C TRP QA 218 -80.74 14.53 47.23
N HIS QA 219 -81.38 14.12 46.15
CA HIS QA 219 -81.33 14.90 44.89
C HIS QA 219 -82.73 15.21 44.37
N CYS QA 220 -83.17 16.47 44.37
CA CYS QA 220 -84.47 16.84 43.74
C CYS QA 220 -84.18 18.04 42.83
N ASP QA 221 -84.20 17.85 41.51
CA ASP QA 221 -83.79 18.96 40.59
C ASP QA 221 -84.25 18.82 39.14
N SER QA 222 -84.27 19.90 38.36
CA SER QA 222 -84.51 19.87 36.89
C SER QA 222 -83.34 20.59 36.20
N THR QA 223 -82.76 20.03 35.15
CA THR QA 223 -81.72 20.72 34.35
C THR QA 223 -82.18 20.78 32.90
N TRP QA 224 -82.17 21.96 32.30
CA TRP QA 224 -82.59 22.17 30.89
C TRP QA 224 -81.35 22.46 30.05
N MET QA 225 -81.11 21.66 29.02
CA MET QA 225 -79.91 21.79 28.15
C MET QA 225 -80.27 21.70 26.65
N GLY QA 226 -80.80 22.74 26.01
CA GLY QA 226 -81.23 22.63 24.60
C GLY QA 226 -82.37 21.67 24.37
N ASP QA 227 -82.17 20.65 23.54
CA ASP QA 227 -83.19 19.62 23.20
C ASP QA 227 -83.47 18.63 24.35
N ARG QA 228 -82.67 18.60 25.42
CA ARG QA 228 -82.82 17.62 26.53
C ARG QA 228 -83.16 18.25 27.89
N VAL QA 229 -84.07 17.64 28.64
CA VAL QA 229 -84.35 18.04 30.04
C VAL QA 229 -84.12 16.80 30.94
N VAL QA 230 -83.42 16.94 32.07
CA VAL QA 230 -83.21 15.84 33.05
C VAL QA 230 -83.99 16.14 34.36
N THR QA 231 -84.79 15.19 34.84
CA THR QA 231 -85.56 15.35 36.09
C THR QA 231 -85.03 14.42 37.18
N LYS QA 232 -84.81 14.92 38.40
CA LYS QA 232 -84.39 14.11 39.57
C LYS QA 232 -85.45 14.25 40.68
N SER QA 233 -85.89 13.14 41.26
CA SER QA 233 -86.92 13.12 42.33
C SER QA 233 -86.50 12.21 43.49
N THR QA 234 -86.56 12.69 44.74
CA THR QA 234 -86.25 11.89 45.94
C THR QA 234 -87.44 11.86 46.90
N ARG QA 235 -87.80 10.69 47.41
CA ARG QA 235 -88.91 10.52 48.39
C ARG QA 235 -88.55 9.59 49.57
N THR QA 236 -89.27 9.69 50.68
CA THR QA 236 -89.13 8.80 51.85
C THR QA 236 -90.32 7.84 51.86
N TRP QA 237 -90.09 6.54 51.98
CA TRP QA 237 -91.11 5.47 51.95
C TRP QA 237 -91.16 4.60 53.24
N VAL QA 238 -92.31 4.00 53.51
CA VAL QA 238 -92.50 3.04 54.62
C VAL QA 238 -93.00 1.69 54.05
N LEU QA 239 -92.45 0.56 54.52
CA LEU QA 239 -92.95 -0.79 54.11
C LEU QA 239 -93.55 -1.60 55.25
N PRO QA 240 -94.84 -1.97 55.18
CA PRO QA 240 -95.46 -2.91 56.11
C PRO QA 240 -95.10 -4.37 55.88
N SER QA 241 -95.22 -5.22 56.91
CA SER QA 241 -95.07 -6.69 56.64
C SER QA 241 -96.44 -7.25 56.26
N TYR QA 242 -96.76 -7.32 54.96
CA TYR QA 242 -98.10 -7.73 54.47
C TYR QA 242 -98.39 -9.22 54.53
N ASN QA 243 -99.56 -9.63 55.01
CA ASN QA 243 -100.04 -11.05 54.99
C ASN QA 243 -99.38 -11.87 56.09
N ASN QA 244 -98.61 -11.23 56.99
CA ASN QA 244 -97.82 -11.93 58.06
C ASN QA 244 -96.91 -13.00 57.45
N HIS QA 245 -96.20 -12.67 56.36
CA HIS QA 245 -95.21 -13.59 55.69
C HIS QA 245 -95.84 -14.76 54.93
N GLN QA 246 -97.08 -14.60 54.46
CA GLN QA 246 -97.81 -15.71 53.79
C GLN QA 246 -98.42 -15.30 52.44
N TYR QA 247 -98.68 -16.25 51.56
CA TYR QA 247 -99.34 -16.05 50.24
C TYR QA 247 -100.76 -16.51 50.42
N ARG QA 248 -101.73 -15.70 50.00
CA ARG QA 248 -103.16 -16.04 50.21
C ARG QA 248 -103.96 -16.12 48.90
N GLU QA 249 -104.76 -17.17 48.75
CA GLU QA 249 -105.68 -17.25 47.58
C GLU QA 249 -106.84 -16.25 47.78
N ILE QA 250 -107.14 -15.45 46.77
CA ILE QA 250 -108.17 -14.38 46.83
C ILE QA 250 -109.20 -14.61 45.71
N LYS QA 251 -110.46 -14.33 45.96
CA LYS QA 251 -111.49 -14.63 44.94
C LYS QA 251 -112.75 -13.77 45.14
N SER QA 252 -113.51 -13.55 44.09
CA SER QA 252 -114.82 -12.87 44.24
C SER QA 252 -115.93 -13.49 43.39
N GLY QA 253 -117.16 -13.51 43.87
CA GLY QA 253 -118.38 -13.83 43.09
C GLY QA 253 -118.98 -12.52 42.53
N SER QA 254 -120.19 -12.56 41.97
CA SER QA 254 -120.90 -11.35 41.45
C SER QA 254 -121.20 -10.31 42.55
N VAL QA 255 -120.97 -9.03 42.29
CA VAL QA 255 -121.17 -7.94 43.30
C VAL QA 255 -121.80 -6.74 42.61
N ASP QA 256 -122.68 -5.99 43.29
CA ASP QA 256 -123.36 -4.78 42.74
C ASP QA 256 -124.19 -5.18 41.51
N GLY QA 257 -124.69 -6.41 41.48
CA GLY QA 257 -125.46 -6.89 40.33
C GLY QA 257 -124.65 -7.38 39.15
N SER QA 258 -123.32 -7.45 39.21
CA SER QA 258 -122.58 -7.85 37.98
C SER QA 258 -121.62 -9.04 38.09
N ASN QA 259 -121.72 -10.01 37.19
CA ASN QA 259 -120.77 -11.18 37.08
C ASN QA 259 -119.40 -10.76 36.51
N ALA QA 260 -119.28 -9.60 35.85
CA ALA QA 260 -118.00 -9.02 35.33
C ALA QA 260 -117.07 -8.72 36.51
N ASN QA 261 -117.64 -8.49 37.68
CA ASN QA 261 -116.96 -8.32 38.99
C ASN QA 261 -116.22 -9.60 39.47
N ALA QA 262 -116.69 -10.81 39.21
CA ALA QA 262 -116.07 -12.10 39.64
C ALA QA 262 -114.62 -12.32 39.15
N TYR QA 263 -113.75 -12.85 40.00
CA TYR QA 263 -112.32 -13.10 39.69
C TYR QA 263 -111.73 -14.21 40.59
N PHE QA 264 -110.62 -14.81 40.19
CA PHE QA 264 -109.83 -15.78 41.01
C PHE QA 264 -108.37 -15.24 41.00
N GLY QA 265 -107.69 -15.19 42.14
CA GLY QA 265 -106.34 -14.60 42.24
C GLY QA 265 -105.50 -14.94 43.46
N TYR QA 266 -104.27 -14.39 43.49
CA TYR QA 266 -103.36 -14.54 44.66
C TYR QA 266 -102.93 -13.18 45.27
N SER QA 267 -102.85 -13.07 46.60
CA SER QA 267 -102.27 -11.88 47.30
C SER QA 267 -100.89 -12.29 47.82
N THR QA 268 -99.93 -11.37 47.83
CA THR QA 268 -98.53 -11.71 48.15
C THR QA 268 -97.96 -10.90 49.31
N PRO QA 269 -96.91 -11.40 49.98
CA PRO QA 269 -96.18 -10.68 51.04
C PRO QA 269 -95.42 -9.41 50.61
N TRP QA 270 -95.02 -9.29 49.35
CA TRP QA 270 -94.26 -8.18 48.74
C TRP QA 270 -94.99 -6.85 48.46
N GLY QA 271 -94.20 -5.78 48.33
CA GLY QA 271 -94.66 -4.45 47.96
C GLY QA 271 -93.87 -3.97 46.76
N TYR QA 272 -94.38 -3.00 46.04
CA TYR QA 272 -93.72 -2.52 44.78
C TYR QA 272 -93.63 -0.99 44.72
N PHE QA 273 -92.69 -0.48 43.91
CA PHE QA 273 -92.54 0.98 43.66
C PHE QA 273 -93.15 1.36 42.29
N ASP QA 274 -94.04 2.35 42.23
CA ASP QA 274 -94.70 2.85 40.99
C ASP QA 274 -94.35 4.32 40.74
N PHE QA 275 -93.81 4.64 39.56
CA PHE QA 275 -93.51 6.04 39.17
C PHE QA 275 -94.32 6.50 37.92
N ASN QA 276 -95.38 5.81 37.48
CA ASN QA 276 -96.08 6.19 36.21
C ASN QA 276 -97.11 7.32 36.43
N ARG QA 277 -96.70 8.47 36.93
CA ARG QA 277 -97.52 9.71 37.02
C ARG QA 277 -96.54 10.86 36.72
N PHE QA 278 -96.96 11.88 35.96
CA PHE QA 278 -96.11 13.06 35.60
C PHE QA 278 -95.71 13.92 36.84
N HIS QA 279 -96.58 14.14 37.81
CA HIS QA 279 -96.37 14.96 39.05
C HIS QA 279 -95.25 14.35 39.90
N SER QA 280 -94.98 13.04 39.77
CA SER QA 280 -93.85 12.33 40.41
C SER QA 280 -92.50 12.89 39.94
N HIS QA 281 -92.36 13.27 38.67
CA HIS QA 281 -91.12 13.85 38.08
C HIS QA 281 -91.16 15.36 37.81
N TRP QA 282 -92.32 16.01 37.78
CA TRP QA 282 -92.42 17.41 37.29
C TRP QA 282 -93.01 18.38 38.29
N SER QA 283 -92.33 19.49 38.53
CA SER QA 283 -92.89 20.60 39.35
C SER QA 283 -93.98 21.30 38.52
N PRO QA 284 -94.95 21.98 39.16
CA PRO QA 284 -95.93 22.74 38.40
C PRO QA 284 -95.34 23.87 37.56
N ARG QA 285 -94.34 24.61 38.03
CA ARG QA 285 -93.63 25.63 37.22
C ARG QA 285 -92.87 25.02 36.02
N ASP QA 286 -92.19 23.90 36.18
CA ASP QA 286 -91.46 23.17 35.09
C ASP QA 286 -92.42 22.67 34.00
N TRP QA 287 -93.58 22.17 34.40
CA TRP QA 287 -94.63 21.73 33.46
C TRP QA 287 -95.16 22.91 32.61
N GLN QA 288 -95.34 24.08 33.19
CA GLN QA 288 -95.75 25.33 32.49
C GLN QA 288 -94.70 25.76 31.46
N ARG QA 289 -93.42 25.64 31.80
CA ARG QA 289 -92.33 25.97 30.86
C ARG QA 289 -92.37 25.06 29.63
N LEU QA 290 -92.57 23.76 29.78
CA LEU QA 290 -92.73 22.83 28.63
C LEU QA 290 -93.98 23.03 27.73
N ILE QA 291 -95.16 23.21 28.30
CA ILE QA 291 -96.45 23.35 27.55
C ILE QA 291 -96.47 24.63 26.72
N ASN QA 292 -95.95 25.72 27.26
CA ASN QA 292 -95.82 27.05 26.60
C ASN QA 292 -94.84 27.07 25.41
N ASN QA 293 -93.72 26.36 25.43
CA ASN QA 293 -92.63 26.52 24.41
C ASN QA 293 -92.27 25.38 23.47
N TYR QA 294 -92.89 24.21 23.54
CA TYR QA 294 -92.44 23.04 22.73
C TYR QA 294 -93.55 22.34 21.96
N TRP QA 295 -93.29 21.92 20.73
CA TRP QA 295 -94.24 21.07 19.93
C TRP QA 295 -94.43 19.63 20.48
N GLY QA 296 -93.38 19.00 20.98
CA GLY QA 296 -93.45 17.61 21.44
C GLY QA 296 -92.42 17.19 22.46
N PHE QA 297 -92.68 16.07 23.14
CA PHE QA 297 -91.69 15.50 24.11
C PHE QA 297 -91.74 13.95 24.08
N ARG QA 298 -90.66 13.26 24.42
CA ARG QA 298 -90.63 11.76 24.56
C ARG QA 298 -89.65 11.30 25.69
N PRO QA 299 -89.89 10.18 26.41
CA PRO QA 299 -88.89 9.60 27.35
C PRO QA 299 -87.68 8.87 26.74
N ARG QA 300 -86.50 8.96 27.33
CA ARG QA 300 -85.25 8.34 26.78
C ARG QA 300 -84.60 7.37 27.76
N SER QA 301 -84.34 7.79 29.00
CA SER QA 301 -83.59 6.95 29.98
C SER QA 301 -84.16 7.02 31.41
N LEU QA 302 -84.00 5.94 32.17
CA LEU QA 302 -84.41 5.89 33.59
C LEU QA 302 -83.30 5.34 34.52
N ARG QA 303 -83.02 5.96 35.67
CA ARG QA 303 -82.09 5.43 36.71
C ARG QA 303 -82.80 5.40 38.08
N VAL QA 304 -82.72 4.27 38.81
CA VAL QA 304 -83.32 4.12 40.18
C VAL QA 304 -82.31 3.73 41.27
N LYS QA 305 -82.31 4.40 42.42
CA LYS QA 305 -81.48 4.04 43.61
C LYS QA 305 -82.34 3.87 44.89
N ILE QA 306 -82.13 2.80 45.66
CA ILE QA 306 -82.80 2.57 47.00
C ILE QA 306 -81.70 2.57 48.08
N PHE QA 307 -81.84 3.35 49.15
CA PHE QA 307 -80.75 3.61 50.14
C PHE QA 307 -81.23 4.05 51.54
N ASN QA 308 -80.32 4.14 52.53
CA ASN QA 308 -80.59 4.57 53.95
C ASN QA 308 -81.64 3.71 54.63
N ILE QA 309 -81.54 2.40 54.44
CA ILE QA 309 -82.50 1.42 54.98
C ILE QA 309 -82.49 1.34 56.52
N GLN QA 310 -83.66 1.28 57.14
CA GLN QA 310 -83.82 1.17 58.61
C GLN QA 310 -84.92 0.14 58.94
N VAL QA 311 -84.56 -0.90 59.68
CA VAL QA 311 -85.52 -1.98 60.05
C VAL QA 311 -85.86 -1.79 61.54
N LYS QA 312 -87.15 -1.80 61.87
CA LYS QA 312 -87.65 -1.57 63.24
C LYS QA 312 -88.47 -2.77 63.76
N GLU QA 313 -88.32 -3.09 65.03
CA GLU QA 313 -89.13 -4.18 65.66
C GLU QA 313 -90.15 -3.56 66.62
N VAL QA 314 -91.38 -4.02 66.55
CA VAL QA 314 -92.47 -3.46 67.39
C VAL QA 314 -92.87 -4.54 68.40
N THR QA 315 -92.92 -4.18 69.68
CA THR QA 315 -93.25 -5.15 70.75
C THR QA 315 -94.35 -4.60 71.60
N VAL QA 316 -95.32 -5.44 71.98
CA VAL QA 316 -96.36 -4.95 72.94
C VAL QA 316 -96.34 -5.75 74.24
N GLN QA 317 -96.19 -5.09 75.40
CA GLN QA 317 -96.36 -5.79 76.69
C GLN QA 317 -97.43 -5.01 77.47
N ASP QA 318 -98.57 -5.64 77.77
CA ASP QA 318 -99.61 -4.97 78.60
C ASP QA 318 -99.98 -3.61 77.98
N SER QA 319 -100.07 -3.50 76.65
CA SER QA 319 -100.54 -2.26 75.95
C SER QA 319 -99.49 -1.13 75.83
N THR QA 320 -98.23 -1.33 76.23
CA THR QA 320 -97.16 -0.30 76.05
C THR QA 320 -96.81 0.02 74.60
N THR QA 321 -96.73 -0.93 73.67
CA THR QA 321 -96.28 -0.71 72.25
C THR QA 321 -94.90 -0.04 72.03
N THR QA 322 -93.82 -0.50 72.66
CA THR QA 322 -92.44 0.01 72.36
C THR QA 322 -91.93 -0.30 70.94
N ILE QA 323 -91.18 0.62 70.32
CA ILE QA 323 -90.56 0.45 68.97
C ILE QA 323 -89.03 0.56 69.06
N ALA QA 324 -88.27 -0.35 68.46
CA ALA QA 324 -86.79 -0.35 68.53
C ALA QA 324 -86.11 -0.71 67.20
N ASN QA 325 -84.89 -0.26 67.00
CA ASN QA 325 -84.07 -0.66 65.82
C ASN QA 325 -83.57 -2.09 65.87
N ASN QA 326 -83.61 -2.83 64.76
CA ASN QA 326 -82.93 -4.15 64.68
C ASN QA 326 -81.83 -4.00 63.63
N LEU QA 327 -80.57 -3.97 64.03
CA LEU QA 327 -79.36 -3.83 63.15
C LEU QA 327 -79.12 -5.00 62.20
N THR QA 328 -79.34 -6.22 62.65
CA THR QA 328 -79.01 -7.45 61.88
C THR QA 328 -80.13 -7.90 60.92
N SER QA 329 -81.32 -7.29 60.93
CA SER QA 329 -82.45 -7.60 60.01
C SER QA 329 -82.21 -7.18 58.53
N THR QA 330 -82.83 -7.88 57.57
CA THR QA 330 -82.62 -7.63 56.12
C THR QA 330 -83.87 -7.26 55.34
N VAL QA 331 -83.69 -6.61 54.22
CA VAL QA 331 -84.77 -6.30 53.24
C VAL QA 331 -84.36 -7.01 51.93
N GLN QA 332 -85.31 -7.52 51.15
CA GLN QA 332 -85.05 -8.21 49.85
C GLN QA 332 -85.61 -7.45 48.63
N VAL QA 333 -84.80 -7.22 47.60
CA VAL QA 333 -85.16 -6.40 46.41
C VAL QA 333 -84.84 -7.10 45.08
N PHE QA 334 -85.73 -7.04 44.09
CA PHE QA 334 -85.49 -7.58 42.72
C PHE QA 334 -86.24 -6.79 41.60
N THR QA 335 -85.77 -6.90 40.37
CA THR QA 335 -86.46 -6.32 39.18
C THR QA 335 -86.87 -7.45 38.23
N ASP QA 336 -88.10 -7.42 37.71
CA ASP QA 336 -88.61 -8.45 36.73
C ASP QA 336 -88.23 -8.08 35.29
N ASP QA 337 -86.99 -8.28 34.89
CA ASP QA 337 -86.43 -7.91 33.57
C ASP QA 337 -87.02 -8.62 32.34
N ASP QA 338 -87.36 -9.90 32.41
CA ASP QA 338 -87.88 -10.71 31.26
C ASP QA 338 -89.40 -10.73 31.19
N TYR QA 339 -90.13 -10.01 32.05
CA TYR QA 339 -91.61 -9.85 32.01
C TYR QA 339 -92.34 -11.17 32.27
N GLN QA 340 -91.75 -12.05 33.05
CA GLN QA 340 -92.36 -13.32 33.48
C GLN QA 340 -93.60 -13.11 34.37
N LEU QA 341 -93.57 -12.14 35.26
CA LEU QA 341 -94.70 -11.81 36.15
C LEU QA 341 -95.83 -11.04 35.48
N PRO QA 342 -97.07 -11.14 35.99
CA PRO QA 342 -98.11 -10.24 35.52
C PRO QA 342 -97.80 -8.76 35.82
N TYR QA 343 -97.97 -7.84 34.87
CA TYR QA 343 -97.59 -6.41 35.03
C TYR QA 343 -98.82 -5.58 35.40
N VAL QA 344 -98.84 -5.07 36.61
CA VAL QA 344 -100.03 -4.34 37.13
C VAL QA 344 -99.79 -2.82 37.14
N VAL QA 345 -98.60 -2.34 36.75
CA VAL QA 345 -98.20 -0.90 36.82
C VAL QA 345 -99.03 0.08 35.93
N GLY QA 346 -99.48 -0.26 34.74
CA GLY QA 346 -100.10 0.70 33.78
C GLY QA 346 -101.62 0.80 33.77
N ASN QA 347 -102.31 0.48 34.85
CA ASN QA 347 -103.80 0.37 34.94
C ASN QA 347 -104.49 1.49 35.75
N GLY QA 348 -103.90 2.69 35.94
CA GLY QA 348 -104.46 3.84 36.67
C GLY QA 348 -104.75 3.65 38.14
N THR QA 349 -103.88 2.92 38.83
CA THR QA 349 -104.04 2.61 40.27
C THR QA 349 -103.22 3.49 41.17
N GLU QA 350 -103.66 3.68 42.40
CA GLU QA 350 -102.98 4.48 43.46
C GLU QA 350 -101.72 3.83 44.06
N GLY QA 351 -100.89 4.59 44.79
CA GLY QA 351 -99.59 4.11 45.32
C GLY QA 351 -98.33 4.58 44.65
N CYS QA 352 -98.40 5.49 43.67
CA CYS QA 352 -97.21 6.12 43.01
C CYS QA 352 -96.53 7.14 43.95
N LEU QA 353 -95.29 7.52 43.64
CA LEU QA 353 -94.56 8.54 44.43
C LEU QA 353 -95.37 9.84 44.44
N PRO QA 354 -95.42 10.54 45.60
CA PRO QA 354 -96.19 11.77 45.70
C PRO QA 354 -95.80 13.02 44.90
N ALA QA 355 -96.77 13.86 44.54
CA ALA QA 355 -96.54 15.14 43.80
C ALA QA 355 -95.66 16.11 44.61
N PHE QA 356 -95.83 16.18 45.94
CA PHE QA 356 -95.08 17.14 46.80
C PHE QA 356 -93.91 16.41 47.44
N PRO QA 357 -92.63 16.88 47.24
CA PRO QA 357 -91.43 16.22 47.78
C PRO QA 357 -91.33 15.86 49.27
N PRO QA 358 -91.77 16.71 50.23
CA PRO QA 358 -91.81 16.40 51.67
C PRO QA 358 -92.75 15.28 52.14
N GLN QA 359 -93.79 14.96 51.37
CA GLN QA 359 -94.79 13.91 51.75
C GLN QA 359 -94.19 12.50 51.85
N VAL QA 360 -94.60 11.75 52.86
CA VAL QA 360 -94.03 10.40 53.13
C VAL QA 360 -95.11 9.37 52.76
N PHE QA 361 -94.74 8.30 52.06
CA PHE QA 361 -95.77 7.36 51.52
C PHE QA 361 -95.60 5.87 51.84
N THR QA 362 -96.73 5.19 51.98
CA THR QA 362 -96.79 3.71 52.12
C THR QA 362 -96.75 3.02 50.76
N LEU QA 363 -95.90 2.00 50.58
CA LEU QA 363 -95.88 1.18 49.33
C LEU QA 363 -97.11 0.27 49.18
N PRO QA 364 -97.66 0.16 47.96
CA PRO QA 364 -98.74 -0.78 47.69
C PRO QA 364 -98.39 -2.29 47.76
N GLN QA 365 -99.31 -3.13 48.22
CA GLN QA 365 -99.12 -4.61 48.19
C GLN QA 365 -99.38 -5.21 46.79
N TYR QA 366 -98.48 -6.08 46.31
CA TYR QA 366 -98.63 -6.83 45.02
C TYR QA 366 -99.69 -7.96 45.06
N GLY QA 367 -100.45 -8.09 43.98
CA GLY QA 367 -101.50 -9.09 43.82
C GLY QA 367 -101.81 -9.18 42.35
N TYR QA 368 -102.55 -10.21 41.93
CA TYR QA 368 -102.94 -10.40 40.50
C TYR QA 368 -104.20 -11.23 40.37
N ALA QA 369 -104.86 -11.12 39.23
CA ALA QA 369 -105.99 -12.00 38.89
C ALA QA 369 -105.56 -12.95 37.75
N THR QA 370 -105.83 -14.23 37.88
CA THR QA 370 -105.63 -15.24 36.80
C THR QA 370 -107.00 -15.56 36.19
N LEU QA 371 -107.15 -16.72 35.56
CA LEU QA 371 -108.42 -17.19 35.00
C LEU QA 371 -109.49 -17.62 36.03
N ASN QA 372 -110.75 -17.40 35.70
CA ASN QA 372 -111.90 -17.77 36.58
C ASN QA 372 -112.86 -18.59 35.70
N ARG QA 373 -113.63 -19.50 36.28
CA ARG QA 373 -114.48 -20.41 35.47
C ARG QA 373 -115.95 -19.99 35.41
N ASP QA 374 -116.49 -19.80 34.21
CA ASP QA 374 -117.93 -19.48 33.95
C ASP QA 374 -118.47 -18.23 34.67
N ASN QA 375 -117.69 -17.14 34.75
CA ASN QA 375 -118.10 -15.89 35.46
C ASN QA 375 -118.43 -16.20 36.93
N THR QA 376 -117.63 -17.02 37.60
CA THR QA 376 -117.78 -17.43 39.02
C THR QA 376 -116.43 -17.30 39.75
N GLU QA 377 -116.35 -17.44 41.09
CA GLU QA 377 -115.11 -17.32 41.91
C GLU QA 377 -114.12 -18.50 41.75
N ASN QA 378 -114.55 -19.63 41.20
CA ASN QA 378 -113.72 -20.84 40.97
C ASN QA 378 -112.65 -20.73 39.87
N PRO QA 379 -111.50 -21.40 40.05
CA PRO QA 379 -110.45 -21.52 39.04
C PRO QA 379 -110.62 -22.56 37.88
N THR QA 380 -109.72 -22.53 36.90
CA THR QA 380 -109.67 -23.43 35.73
C THR QA 380 -108.33 -24.15 35.74
N GLU QA 381 -108.17 -25.22 34.96
CA GLU QA 381 -106.90 -25.97 34.78
C GLU QA 381 -105.80 -25.06 34.19
N ARG QA 382 -106.13 -24.15 33.29
CA ARG QA 382 -105.22 -23.12 32.71
C ARG QA 382 -104.77 -22.08 33.76
N SER QA 383 -105.49 -21.88 34.86
CA SER QA 383 -105.20 -20.86 35.91
C SER QA 383 -103.80 -21.10 36.53
N SER QA 384 -103.04 -20.04 36.75
CA SER QA 384 -101.59 -20.08 37.13
C SER QA 384 -101.23 -19.47 38.49
N PHE QA 385 -100.29 -20.09 39.18
CA PHE QA 385 -99.74 -19.56 40.45
C PHE QA 385 -98.28 -19.16 40.22
N PHE QA 386 -97.93 -17.98 40.69
CA PHE QA 386 -96.53 -17.49 40.58
C PHE QA 386 -95.93 -17.24 41.96
N CYS QA 387 -94.74 -17.78 42.24
CA CYS QA 387 -93.97 -17.52 43.49
C CYS QA 387 -92.84 -16.49 43.24
N LEU QA 388 -92.79 -15.38 43.98
CA LEU QA 388 -91.74 -14.32 43.92
C LEU QA 388 -90.39 -14.83 44.44
N GLU QA 389 -90.40 -15.69 45.47
CA GLU QA 389 -89.18 -16.25 46.11
C GLU QA 389 -88.44 -17.20 45.16
N TYR QA 390 -89.10 -17.69 44.11
CA TYR QA 390 -88.46 -18.51 43.03
C TYR QA 390 -87.44 -17.67 42.26
N PHE QA 391 -87.66 -16.41 42.01
CA PHE QA 391 -86.66 -15.48 41.38
C PHE QA 391 -85.49 -15.16 42.31
N PRO QA 392 -84.26 -14.92 41.80
CA PRO QA 392 -83.20 -14.37 42.65
C PRO QA 392 -83.34 -12.88 43.15
N SER QA 393 -82.99 -12.56 44.39
CA SER QA 393 -83.09 -11.19 44.96
C SER QA 393 -81.85 -10.73 45.76
N LYS QA 394 -81.53 -9.44 45.74
CA LYS QA 394 -80.47 -8.86 46.60
C LYS QA 394 -80.95 -8.77 48.07
N MET QA 395 -80.06 -9.04 49.03
CA MET QA 395 -80.40 -8.92 50.48
C MET QA 395 -79.65 -7.72 51.09
N LEU QA 396 -80.37 -6.83 51.76
CA LEU QA 396 -79.74 -5.60 52.31
C LEU QA 396 -79.90 -5.39 53.81
N ARG QA 397 -78.79 -5.14 54.50
CA ARG QA 397 -78.79 -4.65 55.90
C ARG QA 397 -78.76 -3.09 55.88
N THR QA 398 -78.73 -2.41 57.03
CA THR QA 398 -78.72 -0.91 57.20
C THR QA 398 -77.60 -0.20 56.43
N GLY QA 399 -76.39 -0.75 56.34
CA GLY QA 399 -75.27 -0.27 55.49
C GLY QA 399 -75.46 -0.32 54.00
N ASN QA 400 -76.17 -1.33 53.47
CA ASN QA 400 -76.36 -1.64 52.01
C ASN QA 400 -77.27 -0.76 51.16
N ASN QA 401 -77.06 -0.74 49.84
CA ASN QA 401 -77.84 0.07 48.85
C ASN QA 401 -78.12 -0.76 47.57
N PHE QA 402 -79.15 -0.40 46.79
CA PHE QA 402 -79.48 -1.04 45.49
C PHE QA 402 -79.57 -0.01 44.34
N GLU QA 403 -79.06 -0.33 43.15
CA GLU QA 403 -79.19 0.55 41.96
C GLU QA 403 -79.66 -0.19 40.67
N PHE QA 404 -80.46 0.45 39.81
CA PHE QA 404 -80.90 -0.10 38.48
C PHE QA 404 -80.84 0.99 37.36
N THR QA 405 -80.59 0.60 36.11
CA THR QA 405 -80.60 1.51 34.91
C THR QA 405 -81.47 0.94 33.79
N TYR QA 406 -82.23 1.77 33.07
CA TYR QA 406 -83.09 1.33 31.93
C TYR QA 406 -83.02 2.29 30.73
N ASN QA 407 -83.15 1.78 29.50
CA ASN QA 407 -83.25 2.61 28.26
C ASN QA 407 -84.61 2.38 27.59
N PHE QA 408 -85.30 3.43 27.23
CA PHE QA 408 -86.62 3.33 26.55
C PHE QA 408 -86.39 2.97 25.08
N GLU QA 409 -87.31 2.21 24.48
CA GLU QA 409 -87.30 1.91 23.01
C GLU QA 409 -87.68 3.17 22.21
N GLU QA 410 -87.33 3.23 20.93
CA GLU QA 410 -87.79 4.37 20.10
C GLU QA 410 -89.33 4.42 20.06
N VAL QA 411 -89.88 5.61 20.27
CA VAL QA 411 -91.34 5.80 20.36
C VAL QA 411 -91.63 7.14 19.67
N PRO QA 412 -92.81 7.37 19.08
CA PRO QA 412 -93.15 8.69 18.56
C PRO QA 412 -93.33 9.79 19.63
N PHE QA 413 -92.96 11.04 19.34
CA PHE QA 413 -93.16 12.19 20.27
C PHE QA 413 -94.64 12.46 20.50
N HIS QA 414 -95.07 12.80 21.72
CA HIS QA 414 -96.45 13.27 21.97
C HIS QA 414 -96.64 14.63 21.27
N SER QA 415 -97.83 14.89 20.75
CA SER QA 415 -98.12 16.18 20.08
C SER QA 415 -98.70 17.24 21.03
N SER QA 416 -97.88 18.19 21.48
CA SER QA 416 -98.30 19.32 22.36
C SER QA 416 -98.69 20.54 21.52
N PHE QA 417 -99.74 20.45 20.72
CA PHE QA 417 -100.20 21.56 19.86
C PHE QA 417 -101.67 21.37 19.54
N ALA QA 418 -102.33 22.45 19.18
CA ALA QA 418 -103.73 22.42 18.73
C ALA QA 418 -103.76 22.84 17.27
N PRO QA 419 -104.56 22.16 16.40
CA PRO QA 419 -104.72 22.61 15.03
C PRO QA 419 -105.37 23.99 14.80
N SER QA 420 -104.80 24.77 13.89
CA SER QA 420 -105.34 26.12 13.54
C SER QA 420 -106.28 26.08 12.31
N GLN QA 421 -106.51 24.90 11.71
CA GLN QA 421 -107.46 24.75 10.58
C GLN QA 421 -108.42 23.57 10.73
N ASN QA 422 -109.64 23.70 10.24
CA ASN QA 422 -110.63 22.59 10.12
C ASN QA 422 -110.22 21.63 8.99
N LEU QA 423 -110.42 20.31 9.17
CA LEU QA 423 -110.08 19.24 8.19
C LEU QA 423 -110.86 19.41 6.87
N PHE QA 424 -112.11 19.84 6.94
CA PHE QA 424 -112.99 20.06 5.77
C PHE QA 424 -112.88 21.48 5.10
N LYS QA 425 -112.08 22.43 5.59
CA LYS QA 425 -111.97 23.83 5.07
C LYS QA 425 -110.58 24.13 4.43
N LEU QA 426 -109.89 23.18 3.80
CA LEU QA 426 -108.49 23.33 3.30
C LEU QA 426 -108.34 23.88 1.86
N ALA QA 427 -109.42 23.96 1.07
CA ALA QA 427 -109.38 24.58 -0.25
C ALA QA 427 -109.19 26.10 -0.10
N ASN QA 428 -108.53 26.75 -1.06
CA ASN QA 428 -108.38 28.22 -1.04
C ASN QA 428 -109.79 28.83 -1.08
N PRO QA 429 -110.10 29.82 -0.21
CA PRO QA 429 -111.38 30.50 -0.21
C PRO QA 429 -111.71 31.31 -1.51
N LEU QA 430 -110.74 31.98 -2.14
CA LEU QA 430 -110.81 32.74 -3.42
C LEU QA 430 -111.08 31.93 -4.70
N VAL QA 431 -110.57 30.71 -4.84
CA VAL QA 431 -110.63 29.95 -6.12
C VAL QA 431 -111.64 28.77 -6.18
N ASP QA 432 -112.43 28.68 -7.26
CA ASP QA 432 -113.36 27.55 -7.55
C ASP QA 432 -112.65 26.24 -7.96
N GLN QA 433 -113.25 25.11 -7.63
CA GLN QA 433 -112.76 23.77 -8.08
C GLN QA 433 -113.06 23.46 -9.56
N TYR QA 434 -112.22 22.67 -10.25
CA TYR QA 434 -112.54 22.18 -11.63
C TYR QA 434 -113.43 20.91 -11.57
N LEU QA 435 -114.23 20.73 -10.55
CA LEU QA 435 -115.01 19.48 -10.30
C LEU QA 435 -116.49 19.80 -10.17
N TYR QA 436 -117.34 18.84 -10.52
CA TYR QA 436 -118.81 19.07 -10.56
C TYR QA 436 -119.56 18.03 -9.75
N ARG QA 437 -120.75 18.40 -9.29
CA ARG QA 437 -121.59 17.52 -8.44
C ARG QA 437 -123.01 17.38 -9.01
N PHE QA 438 -123.68 16.27 -8.71
CA PHE QA 438 -125.08 16.08 -9.12
C PHE QA 438 -125.97 16.79 -8.14
N VAL QA 439 -126.86 17.60 -8.67
CA VAL QA 439 -127.80 18.35 -7.80
C VAL QA 439 -129.27 18.06 -8.10
N SER QA 440 -129.59 17.50 -9.26
CA SER QA 440 -131.03 17.47 -9.66
C SER QA 440 -131.46 16.48 -10.74
N THR QA 441 -132.75 16.27 -10.84
CA THR QA 441 -133.35 15.48 -11.93
C THR QA 441 -134.46 16.39 -12.49
N ASN QA 442 -134.70 16.41 -13.81
CA ASN QA 442 -135.80 17.21 -14.45
C ASN QA 442 -137.17 16.49 -14.44
N ASN QA 443 -138.20 17.05 -15.08
CA ASN QA 443 -139.60 16.48 -15.08
C ASN QA 443 -139.55 15.08 -15.69
N THR QA 444 -138.77 14.84 -16.74
CA THR QA 444 -138.46 13.47 -17.20
C THR QA 444 -137.26 13.23 -16.34
N GLY QA 445 -137.04 12.08 -15.73
CA GLY QA 445 -135.97 12.06 -14.70
C GLY QA 445 -134.54 12.07 -15.22
N GLY QA 446 -134.12 13.18 -15.84
CA GLY QA 446 -132.77 13.32 -16.44
C GLY QA 446 -131.82 14.06 -15.53
N VAL QA 447 -130.62 13.53 -15.33
CA VAL QA 447 -129.62 14.08 -14.36
C VAL QA 447 -129.07 15.47 -14.72
N GLN QA 448 -128.83 16.30 -13.70
CA GLN QA 448 -128.36 17.70 -13.88
C GLN QA 448 -127.16 17.95 -12.96
N PHE QA 449 -126.25 18.83 -13.36
CA PHE QA 449 -124.97 19.06 -12.61
C PHE QA 449 -124.66 20.55 -12.41
N ASN QA 450 -123.92 20.87 -11.36
CA ASN QA 450 -123.46 22.27 -11.07
C ASN QA 450 -122.00 22.24 -10.68
N LYS QA 451 -121.23 23.26 -11.01
CA LYS QA 451 -119.81 23.44 -10.61
C LYS QA 451 -119.65 23.79 -9.11
N ASN QA 452 -118.52 23.42 -8.53
CA ASN QA 452 -118.26 23.72 -7.10
C ASN QA 452 -117.59 25.10 -6.96
N LEU QA 453 -118.26 26.04 -6.29
CA LEU QA 453 -117.80 27.45 -6.11
C LEU QA 453 -116.80 27.67 -4.95
N ALA QA 454 -116.07 28.78 -4.99
CA ALA QA 454 -115.08 29.13 -3.93
C ALA QA 454 -115.72 29.37 -2.56
N GLY QA 455 -115.16 28.75 -1.51
CA GLY QA 455 -115.61 28.89 -0.12
C GLY QA 455 -116.82 28.06 0.26
N ARG QA 456 -117.38 27.26 -0.64
CA ARG QA 456 -118.58 26.43 -0.39
C ARG QA 456 -118.15 25.06 0.18
N TYR QA 457 -117.71 25.00 1.45
CA TYR QA 457 -117.12 23.82 2.15
C TYR QA 457 -118.14 22.69 2.29
N ALA QA 458 -119.41 23.03 2.37
CA ALA QA 458 -120.50 22.04 2.40
C ALA QA 458 -120.47 21.15 1.14
N ASN QA 459 -120.14 21.67 -0.04
CA ASN QA 459 -120.22 20.95 -1.35
C ASN QA 459 -118.88 20.69 -2.07
N THR QA 460 -117.76 20.47 -1.43
CA THR QA 460 -116.42 20.45 -2.03
C THR QA 460 -115.90 19.03 -1.99
N TYR QA 461 -115.14 18.60 -2.98
CA TYR QA 461 -114.49 17.27 -3.00
C TYR QA 461 -113.44 17.24 -1.91
N LYS QA 462 -113.32 16.12 -1.20
CA LYS QA 462 -112.40 16.02 -0.04
C LYS QA 462 -111.40 14.87 -0.16
N ASN QA 463 -110.11 15.10 0.04
CA ASN QA 463 -109.06 14.04 0.15
C ASN QA 463 -109.09 13.17 1.43
N TRP QA 464 -109.41 13.72 2.58
CA TRP QA 464 -109.17 13.06 3.88
C TRP QA 464 -110.40 13.02 4.76
N PHE QA 465 -110.44 12.06 5.65
CA PHE QA 465 -111.66 11.81 6.47
C PHE QA 465 -111.31 11.82 7.94
N PRO QA 466 -112.29 12.17 8.79
CA PRO QA 466 -112.12 12.11 10.24
C PRO QA 466 -112.01 10.72 10.85
N GLY QA 467 -111.46 10.63 12.05
CA GLY QA 467 -111.23 9.35 12.77
C GLY QA 467 -112.45 8.66 13.35
N PRO QA 468 -112.30 7.38 13.79
CA PRO QA 468 -113.43 6.57 14.25
C PRO QA 468 -114.25 7.02 15.47
N MET QA 469 -115.57 6.78 15.45
CA MET QA 469 -116.47 7.28 16.51
C MET QA 469 -117.48 6.24 17.03
N GLY QA 470 -117.86 6.26 18.31
CA GLY QA 470 -119.01 5.49 18.85
C GLY QA 470 -119.87 6.41 19.70
N ARG QA 471 -121.19 6.51 19.53
CA ARG QA 471 -121.99 7.52 20.29
C ARG QA 471 -122.04 7.26 21.83
N THR QA 472 -121.82 8.30 22.65
CA THR QA 472 -121.84 8.26 24.13
C THR QA 472 -122.72 9.37 24.65
N GLN QA 473 -123.49 9.15 25.72
CA GLN QA 473 -124.46 10.15 26.23
C GLN QA 473 -123.81 11.46 26.72
N GLY QA 474 -124.47 12.59 26.46
CA GLY QA 474 -123.98 13.91 26.88
C GLY QA 474 -124.75 14.47 28.05
N TRP QA 475 -124.03 14.97 29.06
CA TRP QA 475 -124.65 15.55 30.28
C TRP QA 475 -124.19 17.00 30.48
N ASN QA 476 -125.13 17.90 30.78
CA ASN QA 476 -124.84 19.33 31.04
C ASN QA 476 -124.20 19.53 32.41
N LEU QA 477 -123.32 20.52 32.54
CA LEU QA 477 -122.58 20.84 33.78
C LEU QA 477 -122.87 22.32 34.09
N GLY QA 478 -122.66 22.79 35.32
CA GLY QA 478 -123.01 24.18 35.67
C GLY QA 478 -124.50 24.45 35.60
N SER QA 479 -124.92 25.41 34.78
CA SER QA 479 -126.35 25.75 34.63
C SER QA 479 -127.10 24.51 34.11
N GLY QA 480 -126.54 23.74 33.16
CA GLY QA 480 -127.13 22.41 32.87
C GLY QA 480 -128.56 22.35 32.41
N VAL QA 481 -129.43 21.62 33.12
CA VAL QA 481 -130.85 21.36 32.73
C VAL QA 481 -131.07 19.86 32.34
N ASN QA 482 -130.27 18.93 32.85
CA ASN QA 482 -130.39 17.44 32.64
C ASN QA 482 -131.58 16.74 33.32
N ARG QA 483 -131.96 15.54 32.88
CA ARG QA 483 -133.08 14.70 33.46
C ARG QA 483 -132.84 14.23 34.91
N ALA QA 484 -133.87 14.29 35.76
CA ALA QA 484 -133.82 13.97 37.21
C ALA QA 484 -133.89 12.51 37.63
N SER QA 485 -133.30 12.16 38.79
CA SER QA 485 -133.41 10.83 39.43
C SER QA 485 -132.98 9.64 38.56
N VAL QA 486 -131.89 9.76 37.84
CA VAL QA 486 -131.44 8.69 36.90
C VAL QA 486 -130.40 7.76 37.52
N SER QA 487 -130.53 6.44 37.31
CA SER QA 487 -129.44 5.50 37.68
C SER QA 487 -128.69 5.25 36.37
N ALA QA 488 -127.43 5.61 36.28
CA ALA QA 488 -126.60 5.56 35.04
C ALA QA 488 -126.30 4.19 34.42
N PHE QA 489 -126.05 3.11 35.16
CA PHE QA 489 -125.44 1.85 34.65
C PHE QA 489 -126.18 1.07 33.53
N ALA QA 490 -127.50 0.96 33.52
CA ALA QA 490 -128.25 0.20 32.49
C ALA QA 490 -128.04 0.80 31.10
N THR QA 491 -127.97 2.12 30.98
CA THR QA 491 -127.85 2.83 29.68
C THR QA 491 -126.42 3.16 29.28
N THR QA 492 -125.41 2.74 30.03
CA THR QA 492 -123.97 2.97 29.72
C THR QA 492 -123.44 2.14 28.55
N ASN QA 493 -122.38 2.60 27.88
CA ASN QA 493 -121.70 1.86 26.78
C ASN QA 493 -121.01 0.60 27.30
N ARG QA 494 -121.06 -0.50 26.54
CA ARG QA 494 -120.50 -1.78 27.03
C ARG QA 494 -119.87 -2.63 25.92
N MET QA 495 -118.92 -3.50 26.27
CA MET QA 495 -118.35 -4.50 25.33
C MET QA 495 -118.52 -5.87 26.02
N GLU QA 496 -118.76 -6.95 25.26
CA GLU QA 496 -119.03 -8.30 25.84
C GLU QA 496 -117.79 -9.20 25.70
N LEU QA 497 -117.27 -9.77 26.80
CA LEU QA 497 -116.14 -10.75 26.75
C LEU QA 497 -116.49 -12.00 27.55
N GLU QA 498 -116.32 -13.21 27.02
CA GLU QA 498 -116.47 -14.51 27.75
C GLU QA 498 -117.84 -14.66 28.44
N GLY QA 499 -118.93 -14.20 27.85
CA GLY QA 499 -120.24 -14.24 28.53
C GLY QA 499 -120.56 -13.13 29.54
N ALA QA 500 -119.74 -12.09 29.69
CA ALA QA 500 -120.12 -10.98 30.62
C ALA QA 500 -120.10 -9.60 29.94
N SER QA 501 -120.90 -8.65 30.41
CA SER QA 501 -120.95 -7.25 29.88
C SER QA 501 -120.06 -6.34 30.73
N TYR QA 502 -119.17 -5.63 30.06
CA TYR QA 502 -118.21 -4.75 30.79
C TYR QA 502 -118.32 -3.31 30.37
N GLN QA 503 -118.34 -2.42 31.34
CA GLN QA 503 -118.19 -0.98 31.02
C GLN QA 503 -116.73 -0.79 30.59
N VAL QA 504 -116.49 0.06 29.62
CA VAL QA 504 -115.13 0.36 29.09
C VAL QA 504 -115.06 1.88 29.25
N PRO QA 505 -114.83 2.39 30.48
CA PRO QA 505 -114.95 3.80 30.80
C PRO QA 505 -114.11 4.79 30.06
N PRO QA 506 -112.83 4.61 29.66
CA PRO QA 506 -112.25 5.59 28.75
C PRO QA 506 -112.81 5.04 27.43
N GLN QA 507 -113.38 5.85 26.56
CA GLN QA 507 -113.78 5.21 25.25
C GLN QA 507 -112.51 5.06 24.36
N PRO QA 508 -112.52 4.34 23.22
CA PRO QA 508 -111.38 4.29 22.28
C PRO QA 508 -111.03 5.63 21.55
N ASN QA 509 -109.77 5.90 21.15
CA ASN QA 509 -109.31 7.20 20.54
C ASN QA 509 -109.97 7.66 19.22
N GLY QA 510 -109.92 8.98 18.90
CA GLY QA 510 -110.52 9.61 17.70
C GLY QA 510 -111.75 10.45 17.90
N MET QA 511 -112.16 10.68 19.14
CA MET QA 511 -113.33 11.53 19.40
C MET QA 511 -113.03 12.74 20.31
N THR QA 512 -113.92 13.72 20.36
CA THR QA 512 -113.85 14.83 21.35
C THR QA 512 -115.07 14.79 22.27
N ASN QA 513 -114.89 14.78 23.59
CA ASN QA 513 -115.97 14.88 24.64
C ASN QA 513 -116.73 16.24 24.72
N ASN QA 514 -116.07 17.38 24.53
CA ASN QA 514 -116.70 18.73 24.73
C ASN QA 514 -116.45 19.63 23.52
N LEU QA 515 -117.46 20.36 23.05
CA LEU QA 515 -117.31 21.34 21.91
C LEU QA 515 -116.44 22.63 22.12
N GLN QA 516 -116.46 23.36 23.24
CA GLN QA 516 -115.74 24.67 23.47
C GLN QA 516 -116.84 25.65 23.85
N GLY QA 517 -116.64 26.46 24.88
CA GLY QA 517 -117.85 27.13 25.38
C GLY QA 517 -118.62 25.92 25.85
N SER QA 518 -119.81 25.63 25.35
CA SER QA 518 -120.67 24.47 25.72
C SER QA 518 -120.45 23.78 27.08
N ASN QA 519 -121.57 23.46 27.73
CA ASN QA 519 -121.53 22.78 29.06
C ASN QA 519 -121.93 21.31 28.88
N THR QA 520 -122.04 20.82 27.65
CA THR QA 520 -122.31 19.39 27.39
C THR QA 520 -121.01 18.60 27.35
N TYR QA 521 -120.96 17.52 28.12
CA TYR QA 521 -119.75 16.66 28.20
C TYR QA 521 -120.20 15.25 28.05
N ALA QA 522 -119.44 14.48 27.28
CA ALA QA 522 -119.74 13.04 27.28
C ALA QA 522 -118.90 12.45 28.43
N LEU QA 523 -119.51 12.12 29.56
CA LEU QA 523 -118.82 11.72 30.83
C LEU QA 523 -118.00 10.41 30.74
N GLU QA 524 -118.45 9.42 29.98
CA GLU QA 524 -117.72 8.14 29.80
C GLU QA 524 -116.56 8.29 28.80
N ASN QA 525 -116.40 9.41 28.13
CA ASN QA 525 -115.23 9.71 27.25
C ASN QA 525 -114.24 10.64 27.97
N THR QA 526 -114.41 10.95 29.25
CA THR QA 526 -113.57 11.96 29.95
C THR QA 526 -112.79 11.36 31.11
N MET QA 527 -111.52 11.74 31.27
CA MET QA 527 -110.74 11.40 32.49
C MET QA 527 -111.25 12.28 33.65
N ILE QA 528 -111.66 11.66 34.75
CA ILE QA 528 -112.12 12.38 35.98
C ILE QA 528 -111.16 12.11 37.14
N PHE QA 529 -110.72 13.15 37.83
CA PHE QA 529 -109.69 13.07 38.91
C PHE QA 529 -110.18 13.80 40.14
N ASN QA 530 -109.59 13.51 41.30
CA ASN QA 530 -109.89 14.22 42.57
C ASN QA 530 -108.71 15.14 42.89
N SER QA 531 -108.95 16.37 43.34
CA SER QA 531 -107.88 17.30 43.78
C SER QA 531 -107.13 16.74 44.99
N GLN QA 532 -107.84 16.10 45.93
CA GLN QA 532 -107.24 15.53 47.16
C GLN QA 532 -107.25 14.00 47.12
N PRO QA 533 -106.25 13.32 47.73
CA PRO QA 533 -106.25 11.85 47.84
C PRO QA 533 -107.38 11.33 48.76
N ALA QA 534 -107.84 10.11 48.49
CA ALA QA 534 -109.00 9.55 49.22
C ALA QA 534 -108.64 8.31 50.03
N ASN QA 535 -109.40 8.07 51.10
CA ASN QA 535 -109.26 6.84 51.92
C ASN QA 535 -109.73 5.62 51.12
N PRO QA 536 -109.13 4.43 51.31
CA PRO QA 536 -109.58 3.23 50.61
C PRO QA 536 -110.99 2.73 50.91
N GLY QA 537 -111.72 2.31 49.87
CA GLY QA 537 -113.07 1.74 50.01
C GLY QA 537 -114.18 2.75 50.16
N THR QA 538 -113.91 4.03 49.97
CA THR QA 538 -114.95 5.06 50.16
C THR QA 538 -116.13 4.81 49.20
N THR QA 539 -117.36 4.95 49.68
CA THR QA 539 -118.57 4.82 48.86
C THR QA 539 -119.31 6.15 48.81
N ALA QA 540 -118.68 7.25 49.24
CA ALA QA 540 -119.28 8.60 49.30
C ALA QA 540 -119.66 9.20 47.93
N THR QA 541 -120.81 9.89 47.84
CA THR QA 541 -121.17 10.62 46.60
C THR QA 541 -120.32 11.85 46.45
N TYR QA 542 -119.92 12.17 45.22
CA TYR QA 542 -119.15 13.40 44.94
C TYR QA 542 -119.87 14.25 43.92
N LEU QA 543 -120.04 15.52 44.23
CA LEU QA 543 -120.59 16.50 43.26
C LEU QA 543 -119.50 17.05 42.33
N GLU QA 544 -119.86 17.80 41.30
CA GLU QA 544 -118.95 18.36 40.26
C GLU QA 544 -117.87 19.30 40.82
N GLY QA 545 -118.19 20.11 41.83
CA GLY QA 545 -117.23 21.07 42.42
C GLY QA 545 -116.02 20.38 43.01
N ASN QA 546 -116.18 19.24 43.68
CA ASN QA 546 -115.04 18.42 44.15
C ASN QA 546 -114.18 17.86 43.01
N MET QA 547 -114.77 17.47 41.88
CA MET QA 547 -114.04 16.76 40.80
C MET QA 547 -113.21 17.62 39.85
N LEU QA 548 -112.14 17.06 39.27
CA LEU QA 548 -111.36 17.76 38.21
C LEU QA 548 -111.76 17.10 36.89
N ILE QA 549 -112.43 17.82 35.98
CA ILE QA 549 -112.96 17.21 34.71
C ILE QA 549 -112.23 17.79 33.50
N THR QA 550 -111.63 16.94 32.69
CA THR QA 550 -110.86 17.32 31.48
C THR QA 550 -111.73 17.59 30.25
N SER QA 551 -111.23 18.39 29.32
CA SER QA 551 -111.91 18.72 28.04
C SER QA 551 -110.93 18.45 26.89
N GLU QA 552 -111.40 17.94 25.77
CA GLU QA 552 -110.58 17.62 24.58
C GLU QA 552 -110.95 18.59 23.44
N SER QA 553 -111.47 19.78 23.73
CA SER QA 553 -112.02 20.76 22.76
C SER QA 553 -110.99 21.24 21.72
N GLU QA 554 -109.69 21.21 22.00
CA GLU QA 554 -108.59 21.57 21.06
C GLU QA 554 -108.59 20.64 19.82
N THR QA 555 -108.92 19.37 19.95
CA THR QA 555 -108.91 18.35 18.87
C THR QA 555 -110.17 18.38 18.00
N GLN QA 556 -111.15 19.25 18.28
CA GLN QA 556 -112.46 19.34 17.59
C GLN QA 556 -112.31 19.64 16.07
N PRO QA 557 -111.36 20.46 15.57
CA PRO QA 557 -111.13 20.59 14.13
C PRO QA 557 -110.90 19.28 13.35
N VAL QA 558 -110.32 18.21 13.94
CA VAL QA 558 -110.18 16.85 13.34
C VAL QA 558 -110.93 15.69 14.06
N ASN QA 559 -111.58 15.88 15.20
CA ASN QA 559 -112.16 14.73 15.96
C ASN QA 559 -113.66 14.93 16.08
N ARG QA 560 -114.42 13.89 15.76
CA ARG QA 560 -115.90 13.97 15.85
C ARG QA 560 -116.40 14.03 17.30
N VAL QA 561 -117.50 14.72 17.53
CA VAL QA 561 -118.13 14.80 18.88
C VAL QA 561 -118.86 13.50 19.28
N ALA QA 562 -118.59 12.97 20.48
CA ALA QA 562 -119.14 11.70 21.03
C ALA QA 562 -120.66 11.71 21.24
N TYR QA 563 -121.23 12.79 21.74
CA TYR QA 563 -122.69 12.91 22.01
C TYR QA 563 -123.52 12.87 20.70
N ASN QA 564 -123.05 13.46 19.61
CA ASN QA 564 -123.77 13.54 18.30
C ASN QA 564 -123.68 12.29 17.41
N VAL QA 565 -124.61 12.10 16.45
CA VAL QA 565 -124.53 11.05 15.37
C VAL QA 565 -123.38 11.34 14.40
N GLY QA 566 -122.67 10.33 13.89
CA GLY QA 566 -121.54 10.44 12.91
C GLY QA 566 -121.82 10.97 11.51
N GLY QA 567 -122.92 10.61 10.86
CA GLY QA 567 -123.18 10.97 9.45
C GLY QA 567 -124.38 10.24 8.92
N GLN QA 568 -124.62 10.28 7.61
CA GLN QA 568 -125.76 9.56 6.95
C GLN QA 568 -125.27 8.74 5.72
N MET QA 569 -125.93 7.62 5.39
CA MET QA 569 -125.64 6.75 4.22
C MET QA 569 -126.95 6.35 3.52
N ALA QA 570 -126.92 5.94 2.24
CA ALA QA 570 -128.11 5.48 1.47
C ALA QA 570 -128.71 4.15 1.97
N THR QA 571 -130.04 4.09 2.04
CA THR QA 571 -130.76 2.90 2.56
C THR QA 571 -131.64 2.24 1.51
N ASN QA 572 -131.64 2.67 0.25
CA ASN QA 572 -132.63 2.19 -0.75
C ASN QA 572 -132.11 2.38 -2.17
N ASN QA 573 -132.85 1.88 -3.15
CA ASN QA 573 -132.56 2.18 -4.58
C ASN QA 573 -133.69 3.06 -5.10
N GLN QA 574 -133.39 4.21 -5.69
CA GLN QA 574 -134.38 5.14 -6.29
C GLN QA 574 -134.97 4.54 -7.59
N SER QA 575 -136.20 4.90 -7.92
CA SER QA 575 -136.90 4.40 -9.14
C SER QA 575 -137.95 5.46 -9.49
N SER QA 576 -138.58 5.38 -10.65
CA SER QA 576 -139.68 6.33 -10.93
C SER QA 576 -140.76 6.16 -9.87
N THR QA 577 -141.10 4.94 -9.47
CA THR QA 577 -142.03 4.67 -8.34
C THR QA 577 -141.49 5.11 -6.99
N THR QA 578 -140.20 4.95 -6.70
CA THR QA 578 -139.67 5.21 -5.33
C THR QA 578 -138.71 6.37 -5.19
N ALA QA 579 -138.97 7.29 -4.24
CA ALA QA 579 -138.05 8.40 -3.90
C ALA QA 579 -136.80 7.90 -3.18
N PRO QA 580 -135.64 8.57 -3.34
CA PRO QA 580 -134.44 8.22 -2.58
C PRO QA 580 -134.49 8.45 -1.05
N ALA QA 581 -133.83 7.61 -0.25
CA ALA QA 581 -133.87 7.67 1.23
C ALA QA 581 -132.47 7.55 1.87
N THR QA 582 -132.27 8.17 3.04
CA THR QA 582 -131.00 8.08 3.79
C THR QA 582 -131.24 7.65 5.23
N GLY QA 583 -130.21 7.12 5.88
CA GLY QA 583 -130.30 6.81 7.32
C GLY QA 583 -129.08 7.26 8.10
N THR QA 584 -129.25 7.77 9.32
CA THR QA 584 -128.10 8.12 10.23
C THR QA 584 -127.43 6.90 10.84
N TYR QA 585 -126.15 6.97 11.16
CA TYR QA 585 -125.38 5.90 11.84
C TYR QA 585 -124.84 6.39 13.24
N ASN QA 586 -124.79 5.54 14.27
CA ASN QA 586 -124.31 5.91 15.64
C ASN QA 586 -122.86 5.43 15.88
N LEU QA 587 -122.32 4.62 14.98
CA LEU QA 587 -120.92 4.13 15.11
C LEU QA 587 -120.22 3.99 13.75
N GLN QA 588 -118.92 4.24 13.67
CA GLN QA 588 -118.12 3.98 12.45
C GLN QA 588 -116.70 3.65 12.90
N GLU QA 589 -115.94 2.92 12.10
CA GLU QA 589 -114.59 2.45 12.49
C GLU QA 589 -113.62 2.94 11.42
N ILE QA 590 -112.36 2.53 11.46
CA ILE QA 590 -111.30 3.03 10.55
C ILE QA 590 -111.58 2.78 9.06
N VAL QA 591 -111.29 3.77 8.25
CA VAL QA 591 -111.47 3.72 6.77
C VAL QA 591 -110.13 4.21 6.19
N PRO QA 592 -109.73 3.84 4.97
CA PRO QA 592 -108.51 4.38 4.38
C PRO QA 592 -108.58 5.91 4.15
N GLY QA 593 -107.49 6.65 4.40
CA GLY QA 593 -107.48 8.13 4.35
C GLY QA 593 -107.94 8.80 5.64
N SER QA 594 -108.15 8.04 6.72
CA SER QA 594 -108.54 8.51 8.07
C SER QA 594 -107.41 9.24 8.82
N VAL QA 595 -107.74 10.38 9.44
CA VAL QA 595 -106.77 11.19 10.26
C VAL QA 595 -107.44 11.53 11.61
N TRP QA 596 -106.67 11.51 12.70
CA TRP QA 596 -107.19 11.87 14.05
C TRP QA 596 -106.07 12.32 14.98
N MET QA 597 -106.44 12.90 16.11
CA MET QA 597 -105.48 13.28 17.19
C MET QA 597 -105.70 12.37 18.43
N GLU QA 598 -104.62 11.86 19.02
CA GLU QA 598 -104.66 11.06 20.28
C GLU QA 598 -104.98 11.92 21.50
N ARG QA 599 -105.47 11.31 22.58
CA ARG QA 599 -105.78 12.02 23.86
C ARG QA 599 -104.56 12.72 24.49
N ASP QA 600 -104.78 13.89 25.07
CA ASP QA 600 -103.74 14.69 25.75
C ASP QA 600 -103.26 14.14 27.09
N VAL QA 601 -102.00 14.31 27.40
CA VAL QA 601 -101.43 13.98 28.75
C VAL QA 601 -101.73 15.09 29.79
N TYR QA 602 -101.77 14.74 31.06
CA TYR QA 602 -102.03 15.69 32.17
C TYR QA 602 -100.93 15.52 33.20
N LEU QA 603 -100.63 16.56 33.99
CA LEU QA 603 -99.62 16.47 35.08
C LEU QA 603 -100.07 15.42 36.13
N GLN QA 604 -101.35 15.37 36.48
CA GLN QA 604 -102.00 14.35 37.36
C GLN QA 604 -102.01 12.93 36.73
N GLY QA 605 -102.00 12.80 35.40
CA GLY QA 605 -102.05 11.52 34.65
C GLY QA 605 -100.84 10.62 34.47
N PRO QA 606 -101.07 9.36 34.00
CA PRO QA 606 -99.99 8.42 33.61
C PRO QA 606 -99.09 8.56 32.37
N ILE QA 607 -97.79 8.33 32.46
CA ILE QA 607 -96.85 8.28 31.27
C ILE QA 607 -96.97 7.06 30.30
N TRP QA 608 -97.06 5.83 30.78
CA TRP QA 608 -96.95 4.65 29.89
C TRP QA 608 -97.92 3.50 30.20
N ALA QA 609 -98.11 2.59 29.24
CA ALA QA 609 -98.89 1.34 29.43
C ALA QA 609 -98.16 0.23 28.67
N LYS QA 610 -98.25 -1.00 29.16
CA LYS QA 610 -97.67 -2.17 28.48
C LYS QA 610 -98.61 -2.71 27.38
N ILE QA 611 -98.10 -2.91 26.17
CA ILE QA 611 -98.87 -3.58 25.10
C ILE QA 611 -99.04 -5.07 25.47
N PRO QA 612 -100.26 -5.66 25.40
CA PRO QA 612 -100.46 -7.07 25.69
C PRO QA 612 -99.91 -8.04 24.65
N GLU QA 613 -99.37 -9.19 25.07
CA GLU QA 613 -98.72 -10.12 24.11
C GLU QA 613 -99.72 -11.16 23.55
N THR QA 614 -100.26 -10.94 22.36
CA THR QA 614 -101.24 -11.82 21.71
C THR QA 614 -100.71 -12.28 20.38
N GLY QA 615 -99.71 -11.59 19.86
CA GLY QA 615 -99.18 -11.79 18.51
C GLY QA 615 -99.90 -10.95 17.44
N ALA QA 616 -101.00 -10.26 17.74
CA ALA QA 616 -101.67 -9.36 16.78
C ALA QA 616 -102.22 -8.09 17.44
N HIS QA 617 -101.97 -6.92 16.88
CA HIS QA 617 -102.52 -5.64 17.41
C HIS QA 617 -102.63 -4.59 16.29
N PHE QA 618 -103.45 -3.57 16.49
CA PHE QA 618 -103.50 -2.42 15.56
C PHE QA 618 -103.25 -1.11 16.28
N HIS QA 619 -102.36 -0.24 15.79
CA HIS QA 619 -102.14 1.16 16.30
C HIS QA 619 -102.09 1.21 17.82
N PRO QA 620 -100.91 1.02 18.43
CA PRO QA 620 -100.84 0.82 19.88
C PRO QA 620 -100.65 1.98 20.84
N SER QA 621 -101.67 2.82 20.88
CA SER QA 621 -101.67 4.00 21.76
C SER QA 621 -102.72 3.75 22.85
N PRO QA 622 -102.37 3.81 24.16
CA PRO QA 622 -103.35 3.53 25.20
C PRO QA 622 -104.51 4.54 25.37
N ALA QA 623 -105.71 4.08 25.71
CA ALA QA 623 -106.90 4.95 25.79
C ALA QA 623 -106.84 6.06 26.86
N MET QA 624 -106.28 5.79 28.04
CA MET QA 624 -106.09 6.77 29.14
C MET QA 624 -105.13 7.88 28.69
N GLY QA 625 -104.16 7.57 27.85
CA GLY QA 625 -103.17 8.54 27.35
C GLY QA 625 -101.76 8.01 27.50
N GLY QA 626 -100.77 8.71 26.95
CA GLY QA 626 -99.36 8.30 27.08
C GLY QA 626 -98.72 7.43 26.03
N PHE QA 627 -97.66 6.73 26.38
CA PHE QA 627 -96.82 5.94 25.44
C PHE QA 627 -97.04 4.44 25.64
N GLY QA 628 -97.31 3.72 24.55
CA GLY QA 628 -97.51 2.27 24.58
C GLY QA 628 -96.22 1.57 24.31
N LEU QA 629 -95.79 0.71 25.22
CA LEU QA 629 -94.46 0.09 25.11
C LEU QA 629 -94.49 -1.44 25.09
N LYS QA 630 -93.84 -2.06 24.13
CA LYS QA 630 -93.64 -3.53 24.12
C LYS QA 630 -92.77 -3.98 25.31
N HIS QA 631 -91.72 -3.24 25.62
CA HIS QA 631 -90.82 -3.56 26.77
C HIS QA 631 -90.80 -2.37 27.72
N PRO QA 632 -91.75 -2.31 28.66
CA PRO QA 632 -91.88 -1.22 29.63
C PRO QA 632 -90.85 -1.17 30.76
N PRO QA 633 -90.69 -0.04 31.47
CA PRO QA 633 -89.76 -0.04 32.59
C PRO QA 633 -90.23 -1.13 33.57
N PRO QA 634 -89.33 -2.00 34.06
CA PRO QA 634 -89.72 -3.17 34.86
C PRO QA 634 -90.26 -3.08 36.29
N MET QA 635 -91.08 -4.04 36.70
CA MET QA 635 -91.61 -4.12 38.09
C MET QA 635 -90.48 -4.26 39.14
N MET QA 636 -90.53 -3.44 40.18
CA MET QA 636 -89.53 -3.44 41.27
C MET QA 636 -90.23 -3.91 42.55
N LEU QA 637 -89.76 -4.99 43.15
CA LEU QA 637 -90.44 -5.65 44.29
C LEU QA 637 -89.55 -5.68 45.54
N ILE QA 638 -90.12 -5.33 46.68
CA ILE QA 638 -89.39 -5.30 47.98
C ILE QA 638 -90.18 -6.05 49.07
N LYS QA 639 -89.48 -6.82 49.88
CA LYS QA 639 -90.14 -7.49 51.04
C LYS QA 639 -89.28 -7.43 52.31
N ASN QA 640 -89.90 -7.55 53.47
CA ASN QA 640 -89.16 -7.71 54.75
C ASN QA 640 -88.88 -9.20 54.95
N THR QA 641 -87.65 -9.60 55.23
CA THR QA 641 -87.31 -11.01 55.51
C THR QA 641 -87.99 -11.50 56.80
N PRO QA 642 -88.62 -12.70 56.79
CA PRO QA 642 -89.16 -13.28 58.01
C PRO QA 642 -88.12 -13.49 59.12
N VAL QA 643 -88.42 -12.99 60.30
CA VAL QA 643 -87.51 -13.24 61.45
C VAL QA 643 -88.34 -14.03 62.48
N PRO QA 644 -87.95 -15.27 62.79
CA PRO QA 644 -88.69 -16.09 63.76
C PRO QA 644 -88.75 -15.79 65.28
N GLY QA 645 -89.87 -16.09 65.93
CA GLY QA 645 -90.06 -16.02 67.39
C GLY QA 645 -89.45 -17.23 68.07
N ASN QA 646 -89.39 -17.29 69.40
CA ASN QA 646 -88.65 -18.39 70.07
C ASN QA 646 -89.27 -19.77 69.80
N ILE QA 647 -88.47 -20.72 69.32
CA ILE QA 647 -88.95 -22.10 69.04
C ILE QA 647 -88.08 -23.04 69.88
N THR QA 648 -88.67 -23.90 70.69
CA THR QA 648 -87.90 -24.77 71.62
C THR QA 648 -87.95 -26.23 71.22
N SER QA 649 -88.82 -26.61 70.30
CA SER QA 649 -89.00 -28.04 69.92
C SER QA 649 -89.02 -28.21 68.39
N PHE QA 650 -88.63 -29.37 67.87
CA PHE QA 650 -88.69 -29.69 66.43
C PHE QA 650 -90.10 -30.06 65.91
N SER QA 651 -90.48 -29.52 64.74
CA SER QA 651 -91.70 -30.00 64.05
C SER QA 651 -91.44 -30.02 62.54
N ASP QA 652 -92.00 -30.97 61.82
CA ASP QA 652 -92.04 -30.97 60.33
C ASP QA 652 -92.93 -29.80 59.88
N VAL QA 653 -93.99 -29.50 60.62
CA VAL QA 653 -94.93 -28.39 60.28
C VAL QA 653 -94.21 -27.03 60.29
N PRO QA 654 -94.38 -26.17 59.26
CA PRO QA 654 -93.73 -24.87 59.17
C PRO QA 654 -94.03 -23.85 60.26
N VAL QA 655 -93.03 -23.05 60.62
CA VAL QA 655 -93.20 -22.02 61.69
C VAL QA 655 -94.22 -20.94 61.27
N SER QA 656 -95.13 -20.62 62.17
CA SER QA 656 -96.15 -19.59 61.98
C SER QA 656 -95.95 -18.41 62.96
N SER QA 657 -94.91 -18.44 63.78
CA SER QA 657 -94.67 -17.41 64.82
C SER QA 657 -93.43 -16.59 64.48
N PHE QA 658 -93.60 -15.28 64.33
CA PHE QA 658 -92.50 -14.39 63.86
C PHE QA 658 -92.49 -13.12 64.65
N ILE QA 659 -91.33 -12.50 64.82
CA ILE QA 659 -91.30 -11.13 65.44
C ILE QA 659 -91.93 -10.07 64.50
N THR QA 660 -92.71 -9.11 65.01
CA THR QA 660 -93.36 -8.03 64.19
C THR QA 660 -92.38 -6.91 63.81
N GLN QA 661 -92.29 -6.59 62.52
CA GLN QA 661 -91.27 -5.65 61.99
C GLN QA 661 -91.77 -4.77 60.82
N TYR QA 662 -91.15 -3.62 60.58
CA TYR QA 662 -91.48 -2.72 59.43
C TYR QA 662 -90.17 -2.11 58.93
N SER QA 663 -90.16 -1.63 57.69
CA SER QA 663 -88.94 -0.98 57.12
C SER QA 663 -89.21 0.44 56.58
N THR QA 664 -88.17 1.27 56.56
CA THR QA 664 -88.26 2.66 56.05
C THR QA 664 -86.98 3.01 55.29
N GLY QA 665 -87.03 3.94 54.33
CA GLY QA 665 -85.85 4.39 53.58
C GLY QA 665 -86.09 5.52 52.61
N GLN QA 666 -85.13 5.80 51.75
CA GLN QA 666 -85.21 6.83 50.67
C GLN QA 666 -85.06 6.22 49.25
N VAL QA 667 -85.83 6.74 48.29
CA VAL QA 667 -85.74 6.30 46.86
C VAL QA 667 -85.46 7.52 45.95
N THR QA 668 -84.55 7.39 45.00
CA THR QA 668 -84.28 8.43 44.00
C THR QA 668 -84.58 7.93 42.58
N VAL QA 669 -85.34 8.70 41.77
CA VAL QA 669 -85.57 8.38 40.32
C VAL QA 669 -85.03 9.50 39.41
N GLU QA 670 -84.22 9.18 38.42
CA GLU QA 670 -83.67 10.15 37.44
C GLU QA 670 -84.18 9.79 36.04
N MET QA 671 -84.77 10.77 35.34
CA MET QA 671 -85.32 10.53 33.98
C MET QA 671 -84.81 11.55 32.96
N GLU QA 672 -84.53 11.09 31.75
CA GLU QA 672 -84.10 11.97 30.64
C GLU QA 672 -85.23 12.08 29.59
N TRP QA 673 -85.47 13.29 29.10
CA TRP QA 673 -86.55 13.56 28.13
C TRP QA 673 -86.01 14.26 26.89
N GLU QA 674 -86.50 13.88 25.71
CA GLU QA 674 -86.14 14.56 24.44
C GLU QA 674 -87.26 15.54 24.04
N LEU QA 675 -86.90 16.75 23.65
CA LEU QA 675 -87.86 17.84 23.31
C LEU QA 675 -87.89 18.18 21.83
N LYS QA 676 -89.07 18.48 21.29
CA LYS QA 676 -89.18 18.99 19.90
C LYS QA 676 -89.52 20.49 19.94
N LYS QA 677 -88.68 21.32 19.35
CA LYS QA 677 -88.87 22.80 19.28
C LYS QA 677 -89.97 23.33 18.34
N GLU QA 678 -90.66 24.38 18.75
CA GLU QA 678 -91.63 25.08 17.88
C GLU QA 678 -90.91 25.84 16.74
N ASN QA 679 -91.44 25.84 15.52
CA ASN QA 679 -90.88 26.58 14.34
C ASN QA 679 -92.00 27.43 13.69
N SER QA 680 -92.85 28.09 14.47
CA SER QA 680 -94.03 28.84 13.96
C SER QA 680 -93.74 30.14 13.19
N LYS QA 681 -94.53 30.44 12.16
CA LYS QA 681 -94.47 31.73 11.41
C LYS QA 681 -95.71 32.60 11.73
N ARG QA 682 -96.55 32.26 12.71
CA ARG QA 682 -97.74 33.06 13.16
C ARG QA 682 -97.38 34.45 13.75
N TRP QA 683 -97.83 35.53 13.12
CA TRP QA 683 -97.57 36.94 13.52
C TRP QA 683 -98.19 37.38 14.86
N ASN QA 684 -99.44 37.03 15.07
CA ASN QA 684 -100.22 37.38 16.29
C ASN QA 684 -99.83 36.54 17.51
N PRO QA 685 -100.05 37.06 18.73
CA PRO QA 685 -99.81 36.30 19.95
C PRO QA 685 -100.69 35.07 20.26
N GLU QA 686 -100.08 34.01 20.76
CA GLU QA 686 -100.72 32.73 21.17
C GLU QA 686 -101.35 32.62 22.58
N ILE QA 687 -102.21 31.63 22.79
CA ILE QA 687 -102.75 31.25 24.13
C ILE QA 687 -101.65 30.56 24.98
N GLN QA 688 -101.60 30.85 26.28
CA GLN QA 688 -100.60 30.30 27.25
C GLN QA 688 -101.23 29.94 28.58
N TYR QA 689 -100.74 28.93 29.29
CA TYR QA 689 -101.18 28.66 30.68
C TYR QA 689 -100.60 29.75 31.61
N THR QA 690 -101.45 30.31 32.46
CA THR QA 690 -101.02 31.39 33.36
C THR QA 690 -101.59 31.17 34.74
N ASN QA 691 -100.96 31.74 35.76
CA ASN QA 691 -101.54 31.73 37.11
C ASN QA 691 -102.46 32.94 37.14
N ASN QA 692 -103.76 32.72 37.13
CA ASN QA 692 -104.75 33.82 37.01
C ASN QA 692 -105.93 33.50 37.91
N TYR QA 693 -106.15 34.32 38.92
CA TYR QA 693 -107.19 34.05 39.94
C TYR QA 693 -107.79 35.40 40.31
N ASN QA 694 -109.08 35.47 40.61
CA ASN QA 694 -109.66 36.76 41.07
C ASN QA 694 -109.86 36.75 42.60
N ASP QA 695 -109.29 37.72 43.33
CA ASP QA 695 -109.36 37.84 44.83
C ASP QA 695 -108.95 36.55 45.56
N PRO QA 696 -107.77 35.94 45.27
CA PRO QA 696 -107.43 34.67 45.91
C PRO QA 696 -107.27 34.60 47.44
N GLN QA 697 -107.83 33.56 48.07
CA GLN QA 697 -107.74 33.39 49.54
C GLN QA 697 -106.60 32.42 49.92
N PHE QA 698 -105.96 31.81 48.94
CA PHE QA 698 -104.87 30.84 49.17
C PHE QA 698 -104.04 30.85 47.93
N VAL QA 699 -102.84 30.34 48.02
CA VAL QA 699 -102.04 30.13 46.79
C VAL QA 699 -102.26 28.68 46.34
N ASP QA 700 -102.67 28.46 45.12
CA ASP QA 700 -102.78 27.12 44.49
C ASP QA 700 -101.39 26.50 44.29
N PHE QA 701 -101.27 25.16 44.33
CA PHE QA 701 -99.98 24.39 44.25
C PHE QA 701 -99.03 24.74 45.38
N ALA QA 702 -99.56 24.94 46.57
CA ALA QA 702 -98.79 25.30 47.77
C ALA QA 702 -99.43 24.63 48.99
N PRO QA 703 -98.70 24.45 50.12
CA PRO QA 703 -99.32 24.01 51.37
C PRO QA 703 -100.26 25.01 52.06
N ASP QA 704 -101.25 24.52 52.79
CA ASP QA 704 -102.16 25.42 53.57
C ASP QA 704 -101.72 25.59 55.05
N SER QA 705 -102.56 26.23 55.86
CA SER QA 705 -102.24 26.49 57.29
C SER QA 705 -102.04 25.16 58.06
N THR QA 706 -102.82 24.12 57.78
CA THR QA 706 -102.64 22.75 58.33
C THR QA 706 -101.45 22.00 57.73
N GLY QA 707 -100.87 22.43 56.61
CA GLY QA 707 -99.81 21.69 55.90
C GLY QA 707 -100.24 20.77 54.76
N GLU QA 708 -101.51 20.79 54.37
CA GLU QA 708 -102.02 19.96 53.24
C GLU QA 708 -101.88 20.67 51.88
N TYR QA 709 -101.31 19.98 50.88
CA TYR QA 709 -101.10 20.51 49.50
C TYR QA 709 -102.42 20.73 48.76
N ARG QA 710 -102.50 21.82 48.01
CA ARG QA 710 -103.73 22.17 47.26
C ARG QA 710 -103.44 22.15 45.77
N SER QA 711 -104.24 21.42 44.98
CA SER QA 711 -104.12 21.33 43.50
C SER QA 711 -105.50 21.47 42.85
N THR QA 712 -106.09 22.65 42.77
CA THR QA 712 -107.45 22.96 42.22
C THR QA 712 -107.63 22.66 40.73
N ARG QA 713 -106.64 22.86 39.86
CA ARG QA 713 -106.85 22.75 38.39
C ARG QA 713 -106.12 21.60 37.67
N PRO QA 714 -106.76 20.87 36.73
CA PRO QA 714 -106.07 19.92 35.86
C PRO QA 714 -105.23 20.58 34.73
N ILE QA 715 -104.01 20.13 34.44
CA ILE QA 715 -103.26 20.86 33.36
C ILE QA 715 -102.88 19.95 32.18
N GLY QA 716 -103.32 20.32 30.97
CA GLY QA 716 -103.00 19.66 29.69
C GLY QA 716 -101.77 20.22 29.04
N THR QA 717 -101.37 19.66 27.92
CA THR QA 717 -100.20 20.13 27.16
C THR QA 717 -100.45 21.00 25.93
N ARG QA 718 -101.69 21.21 25.44
CA ARG QA 718 -101.87 21.91 24.12
C ARG QA 718 -102.28 23.40 24.22
N TYR QA 719 -101.32 24.31 24.05
CA TYR QA 719 -101.56 25.78 24.10
C TYR QA 719 -101.08 26.39 22.81
N LEU QA 720 -100.05 25.80 22.21
CA LEU QA 720 -99.50 26.24 20.90
C LEU QA 720 -100.39 25.77 19.74
N THR QA 721 -100.30 26.45 18.62
CA THR QA 721 -101.16 26.19 17.45
C THR QA 721 -100.30 25.94 16.24
N ARG QA 722 -100.74 25.04 15.37
CA ARG QA 722 -100.04 24.79 14.08
C ARG QA 722 -101.03 24.70 12.93
N PRO QA 723 -100.67 25.12 11.69
CA PRO QA 723 -101.51 24.88 10.51
C PRO QA 723 -101.54 23.39 10.08
N LEU QA 724 -102.63 22.93 9.48
CA LEU QA 724 -102.78 21.50 9.08
C LEU QA 724 -101.79 21.12 7.96
N ASP RA 209 18.02 4.53 87.71
CA ASP RA 209 19.23 4.01 87.02
C ASP RA 209 20.26 3.46 88.02
N GLY RA 210 20.96 4.29 88.80
CA GLY RA 210 22.05 3.74 89.61
C GLY RA 210 22.44 4.45 90.88
N VAL RA 211 23.25 3.79 91.71
CA VAL RA 211 23.81 4.37 92.97
C VAL RA 211 24.69 5.60 92.70
N GLY RA 212 25.49 5.60 91.64
CA GLY RA 212 26.44 6.68 91.32
C GLY RA 212 25.92 7.74 90.41
N ASN RA 213 24.66 7.67 90.00
CA ASN RA 213 24.13 8.62 88.99
C ASN RA 213 23.05 9.52 89.60
N ALA RA 214 23.14 10.82 89.39
CA ALA RA 214 22.14 11.80 89.88
C ALA RA 214 20.81 11.79 89.09
N SER RA 215 19.68 11.69 89.76
CA SER RA 215 18.28 11.71 89.22
C SER RA 215 17.84 13.06 88.62
N GLY RA 216 18.26 14.19 89.17
CA GLY RA 216 17.89 15.54 88.70
C GLY RA 216 18.85 16.66 89.04
N ASP RA 217 18.58 17.87 88.57
CA ASP RA 217 19.42 19.08 88.78
C ASP RA 217 18.69 20.23 89.47
N TRP RA 218 19.42 21.15 90.10
CA TRP RA 218 18.86 22.32 90.82
C TRP RA 218 18.38 23.42 89.86
N HIS RA 219 17.11 23.80 89.96
CA HIS RA 219 16.58 24.95 89.18
C HIS RA 219 15.90 25.97 90.10
N CYS RA 220 16.46 27.17 90.27
CA CYS RA 220 15.76 28.25 91.03
C CYS RA 220 15.81 29.50 90.15
N ASP RA 221 14.70 29.92 89.55
CA ASP RA 221 14.72 31.05 88.59
C ASP RA 221 13.38 31.74 88.31
N SER RA 222 13.38 32.95 87.77
CA SER RA 222 12.16 33.64 87.28
C SER RA 222 12.40 34.07 85.82
N THR RA 223 11.47 33.82 84.92
CA THR RA 223 11.56 34.32 83.52
C THR RA 223 10.34 35.16 83.21
N TRP RA 224 10.53 36.38 82.73
CA TRP RA 224 9.42 37.31 82.38
C TRP RA 224 9.33 37.42 80.86
N MET RA 225 8.18 37.10 80.29
CA MET RA 225 7.96 37.12 78.82
C MET RA 225 6.65 37.81 78.41
N GLY RA 226 6.56 39.14 78.40
CA GLY RA 226 5.28 39.82 78.11
C GLY RA 226 4.20 39.56 79.14
N ASP RA 227 3.06 39.01 78.74
CA ASP RA 227 1.90 38.71 79.63
C ASP RA 227 2.16 37.52 80.59
N ARG RA 228 3.21 36.74 80.41
CA ARG RA 228 3.48 35.52 81.23
C ARG RA 228 4.76 35.60 82.08
N VAL RA 229 4.71 35.13 83.32
CA VAL RA 229 5.93 34.98 84.17
C VAL RA 229 5.99 33.49 84.61
N VAL RA 230 7.18 32.86 84.52
CA VAL RA 230 7.40 31.45 84.99
C VAL RA 230 8.31 31.46 86.23
N THR RA 231 7.90 30.79 87.31
CA THR RA 231 8.71 30.69 88.55
C THR RA 231 9.20 29.26 88.77
N LYS RA 232 10.48 29.07 89.07
CA LYS RA 232 11.08 27.74 89.42
C LYS RA 232 11.66 27.80 90.83
N SER RA 233 11.35 26.82 91.67
CA SER RA 233 11.84 26.75 93.07
C SER RA 233 12.37 25.36 93.41
N THR RA 234 13.56 25.24 93.99
CA THR RA 234 14.16 23.96 94.43
C THR RA 234 14.48 24.00 95.91
N ARG RA 235 14.12 22.97 96.66
CA ARG RA 235 14.43 22.85 98.12
C ARG RA 235 14.94 21.45 98.52
N THR RA 236 15.61 21.34 99.66
CA THR RA 236 16.06 20.05 100.25
C THR RA 236 15.16 19.74 101.43
N TRP RA 237 14.62 18.53 101.50
CA TRP RA 237 13.67 18.07 102.55
C TRP RA 237 14.16 16.84 103.35
N VAL RA 238 13.67 16.68 104.57
CA VAL RA 238 13.94 15.49 105.43
C VAL RA 238 12.59 14.83 105.80
N LEU RA 239 12.51 13.49 105.74
CA LEU RA 239 11.28 12.76 106.20
C LEU RA 239 11.51 11.84 107.39
N PRO RA 240 10.84 12.09 108.54
CA PRO RA 240 10.84 11.16 109.67
C PRO RA 240 9.97 9.92 109.49
N SER RA 241 10.25 8.84 110.21
CA SER RA 241 9.30 7.69 110.20
C SER RA 241 8.24 7.94 111.30
N TYR RA 242 7.11 8.54 110.97
CA TYR RA 242 6.07 8.95 111.96
C TYR RA 242 5.19 7.82 112.48
N ASN RA 243 4.97 7.73 113.78
CA ASN RA 243 4.02 6.76 114.41
C ASN RA 243 4.63 5.37 114.51
N ASN RA 244 5.92 5.20 114.17
CA ASN RA 244 6.60 3.88 114.12
C ASN RA 244 5.84 2.91 113.21
N HIS RA 245 5.41 3.36 112.03
CA HIS RA 245 4.71 2.51 111.01
C HIS RA 245 3.26 2.12 111.38
N GLN RA 246 2.60 2.92 112.20
CA GLN RA 246 1.24 2.59 112.69
C GLN RA 246 0.22 3.73 112.51
N TYR RA 247 -1.06 3.42 112.46
CA TYR RA 247 -2.17 4.42 112.37
C TYR RA 247 -2.74 4.52 113.75
N ARG RA 248 -2.93 5.73 114.26
CA ARG RA 248 -3.42 5.92 115.65
C ARG RA 248 -4.74 6.73 115.73
N GLU RA 249 -5.69 6.24 116.51
CA GLU RA 249 -6.92 7.03 116.75
C GLU RA 249 -6.60 8.21 117.69
N ILE RA 250 -7.02 9.41 117.33
CA ILE RA 250 -6.71 10.66 118.08
C ILE RA 250 -8.03 11.35 118.46
N LYS RA 251 -8.10 11.98 119.63
CA LYS RA 251 -9.38 12.57 120.07
C LYS RA 251 -9.16 13.67 121.11
N SER RA 252 -10.10 14.59 121.22
CA SER RA 252 -10.02 15.60 122.31
C SER RA 252 -11.38 15.88 122.97
N GLY RA 253 -11.41 16.14 124.28
CA GLY RA 253 -12.56 16.69 125.00
C GLY RA 253 -12.47 18.23 125.04
N SER RA 254 -13.31 18.90 125.81
CA SER RA 254 -13.29 20.39 125.97
C SER RA 254 -11.96 20.90 126.60
N VAL RA 255 -11.37 21.97 126.06
CA VAL RA 255 -10.06 22.49 126.54
C VAL RA 255 -10.13 24.03 126.55
N ASP RA 256 -9.48 24.69 127.51
CA ASP RA 256 -9.46 26.19 127.64
C ASP RA 256 -10.89 26.70 127.83
N GLY RA 257 -11.75 25.91 128.46
CA GLY RA 257 -13.15 26.29 128.66
C GLY RA 257 -14.07 26.07 127.46
N SER RA 258 -13.63 25.47 126.36
CA SER RA 258 -14.55 25.39 125.18
C SER RA 258 -14.82 23.98 124.63
N ASN RA 259 -16.09 23.60 124.43
CA ASN RA 259 -16.51 22.33 123.75
C ASN RA 259 -16.28 22.38 122.22
N ALA RA 260 -16.09 23.56 121.61
CA ALA RA 260 -15.78 23.76 120.17
C ALA RA 260 -14.40 23.13 119.89
N ASN RA 261 -13.56 23.07 120.90
CA ASN RA 261 -12.23 22.37 120.92
C ASN RA 261 -12.32 20.84 120.71
N ALA RA 262 -13.35 20.14 121.19
CA ALA RA 262 -13.54 18.66 121.07
C ALA RA 262 -13.57 18.13 119.62
N TYR RA 263 -12.92 16.99 119.36
CA TYR RA 263 -12.84 16.35 118.02
C TYR RA 263 -12.56 14.84 118.13
N PHE RA 264 -12.85 14.07 117.08
CA PHE RA 264 -12.50 12.64 116.95
C PHE RA 264 -11.74 12.51 115.60
N GLY RA 265 -10.62 11.80 115.55
CA GLY RA 265 -9.78 11.72 114.34
C GLY RA 265 -8.76 10.59 114.25
N TYR RA 266 -8.03 10.54 113.13
CA TYR RA 266 -6.93 9.58 112.91
C TYR RA 266 -5.57 10.27 112.61
N SER RA 267 -4.47 9.76 113.16
CA SER RA 267 -3.08 10.22 112.80
C SER RA 267 -2.45 9.12 111.92
N THR RA 268 -1.64 9.49 110.95
CA THR RA 268 -1.12 8.53 109.95
C THR RA 268 0.40 8.48 109.89
N PRO RA 269 0.98 7.38 109.38
CA PRO RA 269 2.42 7.24 109.15
C PRO RA 269 3.03 8.15 108.08
N TRP RA 270 2.26 8.64 107.11
CA TRP RA 270 2.65 9.49 105.97
C TRP RA 270 2.93 10.98 106.24
N GLY RA 271 3.67 11.61 105.34
CA GLY RA 271 3.98 13.04 105.34
C GLY RA 271 3.58 13.62 103.99
N TYR RA 272 3.40 14.93 103.93
CA TYR RA 272 2.90 15.58 102.68
C TYR RA 272 3.72 16.83 102.32
N PHE RA 273 3.68 17.22 101.05
CA PHE RA 273 4.35 18.47 100.54
C PHE RA 273 3.31 19.59 100.36
N ASP RA 274 3.52 20.77 100.93
CA ASP RA 274 2.64 21.97 100.84
C ASP RA 274 3.37 23.14 100.16
N PHE RA 275 2.81 23.69 99.09
CA PHE RA 275 3.37 24.88 98.41
C PHE RA 275 2.41 26.10 98.43
N ASN RA 276 1.35 26.14 99.26
CA ASN RA 276 0.36 27.25 99.19
C ASN RA 276 0.82 28.49 100.00
N ARG RA 277 1.98 29.06 99.69
CA ARG RA 277 2.46 30.35 100.23
C ARG RA 277 3.17 31.04 99.06
N PHE RA 278 3.02 32.35 98.89
CA PHE RA 278 3.67 33.16 97.79
C PHE RA 278 5.23 33.17 97.88
N HIS RA 279 5.81 33.28 99.08
CA HIS RA 279 7.29 33.35 99.36
C HIS RA 279 7.95 32.03 98.89
N SER RA 280 7.22 30.93 98.81
CA SER RA 280 7.69 29.63 98.26
C SER RA 280 8.07 29.77 96.77
N HIS RA 281 7.36 30.55 95.99
CA HIS RA 281 7.62 30.80 94.54
C HIS RA 281 8.23 32.16 94.20
N TRP RA 282 8.19 33.15 95.07
CA TRP RA 282 8.56 34.54 94.70
C TRP RA 282 9.67 35.14 95.53
N SER RA 283 10.70 35.68 94.87
CA SER RA 283 11.75 36.47 95.57
C SER RA 283 11.15 37.82 95.99
N PRO RA 284 11.70 38.48 97.02
CA PRO RA 284 11.22 39.81 97.39
C PRO RA 284 11.39 40.86 96.28
N ARG RA 285 12.48 40.86 95.54
CA ARG RA 285 12.65 41.76 94.36
C ARG RA 285 11.63 41.48 93.23
N ASP RA 286 11.35 40.23 92.91
CA ASP RA 286 10.35 39.81 91.87
C ASP RA 286 8.93 40.23 92.26
N TRP RA 287 8.59 40.11 93.53
CA TRP RA 287 7.29 40.57 94.06
C TRP RA 287 7.10 42.09 93.93
N GLN RA 288 8.15 42.88 94.17
CA GLN RA 288 8.16 44.35 93.98
C GLN RA 288 7.94 44.72 92.51
N ARG RA 289 8.55 44.00 91.59
CA ARG RA 289 8.36 44.23 90.15
C ARG RA 289 6.90 44.02 89.72
N LEU RA 290 6.23 42.97 90.19
CA LEU RA 290 4.79 42.77 89.93
C LEU RA 290 3.80 43.79 90.55
N ILE RA 291 3.96 44.16 91.81
CA ILE RA 291 3.05 45.10 92.55
C ILE RA 291 3.11 46.51 91.95
N ASN RA 292 4.29 46.97 91.58
CA ASN RA 292 4.56 48.27 90.93
C ASN RA 292 3.96 48.43 89.53
N ASN RA 293 3.95 47.39 88.67
CA ASN RA 293 3.62 47.53 87.22
C ASN RA 293 2.37 46.84 86.65
N TYR RA 294 1.57 46.11 87.41
CA TYR RA 294 0.45 45.32 86.82
C TYR RA 294 -0.88 45.50 87.53
N TRP RA 295 -1.98 45.59 86.80
CA TRP RA 295 -3.37 45.59 87.36
C TRP RA 295 -3.81 44.26 88.03
N GLY RA 296 -3.43 43.12 87.46
CA GLY RA 296 -3.86 41.81 87.98
C GLY RA 296 -2.98 40.64 87.65
N PHE RA 297 -3.15 39.54 88.37
CA PHE RA 297 -2.40 38.28 88.08
C PHE RA 297 -3.30 37.05 88.36
N ARG RA 298 -3.07 35.91 87.70
CA ARG RA 298 -3.77 34.61 87.99
C ARG RA 298 -2.85 33.37 87.76
N PRO RA 299 -2.98 32.25 88.50
CA PRO RA 299 -2.26 30.99 88.19
C PRO RA 299 -2.75 30.17 86.96
N ARG RA 300 -1.86 29.54 86.21
CA ARG RA 300 -2.23 28.78 84.98
C ARG RA 300 -1.79 27.31 85.04
N SER RA 301 -0.53 27.03 85.35
CA SER RA 301 0.00 25.65 85.31
C SER RA 301 0.95 25.32 86.47
N LEU RA 302 0.99 24.04 86.87
CA LEU RA 302 1.94 23.56 87.92
C LEU RA 302 2.69 22.28 87.49
N ARG RA 303 4.01 22.20 87.70
CA ARG RA 303 4.82 20.96 87.48
C ARG RA 303 5.63 20.63 88.76
N VAL RA 304 5.60 19.37 89.22
CA VAL RA 304 6.37 18.91 90.42
C VAL RA 304 7.33 17.72 90.12
N LYS RA 305 8.58 17.79 90.58
CA LYS RA 305 9.56 16.67 90.49
C LYS RA 305 10.18 16.33 91.87
N ILE RA 306 10.24 15.04 92.24
CA ILE RA 306 10.92 14.56 93.49
C ILE RA 306 12.11 13.66 93.06
N PHE RA 307 13.33 13.90 93.56
CA PHE RA 307 14.59 13.27 93.04
C PHE RA 307 15.74 13.23 94.06
N ASN RA 308 16.85 12.53 93.74
CA ASN RA 308 18.10 12.39 94.58
C ASN RA 308 17.81 11.80 95.96
N ILE RA 309 16.97 10.77 95.99
CA ILE RA 309 16.53 10.11 97.24
C ILE RA 309 17.68 9.39 97.98
N GLN RA 310 17.74 9.54 99.30
CA GLN RA 310 18.76 8.89 100.15
C GLN RA 310 18.11 8.34 101.43
N VAL RA 311 18.20 7.03 101.64
CA VAL RA 311 17.59 6.37 102.83
C VAL RA 311 18.72 6.02 103.81
N LYS RA 312 18.56 6.38 105.07
CA LYS RA 312 19.58 6.18 106.13
C LYS RA 312 19.06 5.32 107.28
N GLU RA 313 19.91 4.44 107.82
CA GLU RA 313 19.53 3.61 108.98
C GLU RA 313 20.28 4.11 110.22
N VAL RA 314 19.57 4.24 111.33
CA VAL RA 314 20.18 4.77 112.58
C VAL RA 314 20.23 3.60 113.59
N THR RA 315 21.40 3.38 114.18
CA THR RA 315 21.58 2.28 115.14
C THR RA 315 22.19 2.79 116.41
N VAL RA 316 21.71 2.32 117.56
CA VAL RA 316 22.38 2.72 118.83
C VAL RA 316 22.95 1.51 119.57
N GLN RA 317 24.24 1.50 119.89
CA GLN RA 317 24.80 0.44 120.77
C GLN RA 317 25.48 1.17 121.93
N ASP RA 318 25.00 0.97 123.16
CA ASP RA 318 25.68 1.58 124.35
C ASP RA 318 25.83 3.10 124.16
N SER RA 319 24.84 3.78 123.57
CA SER RA 319 24.83 5.27 123.44
C SER RA 319 25.70 5.85 122.30
N THR RA 320 26.31 5.02 121.43
CA THR RA 320 27.07 5.51 120.25
C THR RA 320 26.25 6.26 119.19
N THR RA 321 25.03 5.84 118.84
CA THR RA 321 24.21 6.45 117.74
C THR RA 321 24.85 6.55 116.34
N THR RA 322 25.43 5.49 115.77
CA THR RA 322 25.93 5.49 114.36
C THR RA 322 24.83 5.64 113.29
N ILE RA 323 25.10 6.36 112.20
CA ILE RA 323 24.16 6.55 111.05
C ILE RA 323 24.79 6.01 109.75
N ALA RA 324 24.07 5.22 108.96
CA ALA RA 324 24.60 4.61 107.71
C ALA RA 324 23.60 4.61 106.56
N ASN RA 325 24.08 4.59 105.33
CA ASN RA 325 23.22 4.44 104.12
C ASN RA 325 22.63 3.05 103.95
N ASN RA 326 21.36 2.93 103.58
CA ASN RA 326 20.79 1.62 103.17
C ASN RA 326 20.41 1.75 101.70
N LEU RA 327 21.15 1.12 100.79
CA LEU RA 327 20.93 1.14 99.31
C LEU RA 327 19.64 0.49 98.83
N THR RA 328 19.24 -0.61 99.44
CA THR RA 328 18.07 -1.42 98.99
C THR RA 328 16.73 -0.95 99.57
N SER RA 329 16.69 0.02 100.49
CA SER RA 329 15.44 0.59 101.08
C SER RA 329 14.62 1.47 100.10
N THR RA 330 13.30 1.55 100.29
CA THR RA 330 12.38 2.28 99.37
C THR RA 330 11.57 3.39 100.02
N VAL RA 331 11.13 4.34 99.22
CA VAL RA 331 10.21 5.43 99.64
C VAL RA 331 8.94 5.24 98.77
N GLN RA 332 7.75 5.53 99.29
CA GLN RA 332 6.44 5.40 98.56
C GLN RA 332 5.74 6.77 98.34
N VAL RA 333 5.36 7.07 97.11
CA VAL RA 333 4.77 8.39 96.72
C VAL RA 333 3.47 8.25 95.92
N PHE RA 334 2.45 9.07 96.21
CA PHE RA 334 1.17 9.11 95.42
C PHE RA 334 0.50 10.51 95.42
N THR RA 335 -0.35 10.77 94.44
CA THR RA 335 -1.17 12.02 94.36
C THR RA 335 -2.65 11.65 94.44
N ASP RA 336 -3.44 12.38 95.25
CA ASP RA 336 -4.92 12.15 95.39
C ASP RA 336 -5.70 12.92 94.31
N ASP RA 337 -5.71 12.43 93.09
CA ASP RA 337 -6.35 13.08 91.91
C ASP RA 337 -7.89 13.26 91.95
N ASP RA 338 -8.65 12.30 92.48
CA ASP RA 338 -10.14 12.33 92.52
C ASP RA 338 -10.69 12.95 93.81
N TYR RA 339 -9.87 13.45 94.71
CA TYR RA 339 -10.29 14.17 95.96
C TYR RA 339 -11.06 13.28 96.93
N GLN RA 340 -10.75 12.00 96.94
CA GLN RA 340 -11.32 11.01 97.88
C GLN RA 340 -10.91 11.29 99.34
N LEU RA 341 -9.68 11.69 99.58
CA LEU RA 341 -9.18 12.03 100.93
C LEU RA 341 -9.63 13.39 101.45
N PRO RA 342 -9.70 13.57 102.78
CA PRO RA 342 -9.91 14.91 103.31
C PRO RA 342 -8.75 15.87 102.93
N TYR RA 343 -9.03 17.09 102.48
CA TYR RA 343 -7.99 18.04 102.00
C TYR RA 343 -7.65 19.05 103.09
N VAL RA 344 -6.44 18.96 103.61
CA VAL RA 344 -6.02 19.80 104.76
C VAL RA 344 -5.09 20.95 104.31
N VAL RA 345 -4.76 21.04 103.02
CA VAL RA 345 -3.77 22.03 102.47
C VAL RA 345 -4.18 23.53 102.61
N GLY RA 346 -5.43 23.93 102.48
CA GLY RA 346 -5.84 25.37 102.38
C GLY RA 346 -6.28 26.05 103.68
N ASN RA 347 -5.85 25.60 104.85
CA ASN RA 347 -6.32 26.05 106.19
C ASN RA 347 -5.30 26.90 106.99
N GLY RA 348 -4.30 27.56 106.37
CA GLY RA 348 -3.27 28.41 107.02
C GLY RA 348 -2.35 27.74 108.01
N THR RA 349 -1.95 26.52 107.70
CA THR RA 349 -1.07 25.73 108.59
C THR RA 349 0.38 25.75 108.15
N GLU RA 350 1.29 25.54 109.10
CA GLU RA 350 2.77 25.49 108.88
C GLU RA 350 3.28 24.21 108.20
N GLY RA 351 4.52 24.19 107.70
CA GLY RA 351 5.08 23.07 106.92
C GLY RA 351 5.23 23.26 105.42
N CYS RA 352 4.96 24.44 104.87
CA CYS RA 352 5.19 24.77 103.43
C CYS RA 352 6.70 24.93 103.12
N LEU RA 353 7.06 24.90 101.84
CA LEU RA 353 8.47 25.11 101.43
C LEU RA 353 8.94 26.49 101.90
N PRO RA 354 10.20 26.59 102.39
CA PRO RA 354 10.70 27.85 102.91
C PRO RA 354 10.89 29.06 101.98
N ALA RA 355 10.77 30.28 102.50
CA ALA RA 355 10.99 31.54 101.75
C ALA RA 355 12.43 31.65 101.21
N PHE RA 356 13.44 31.22 101.98
CA PHE RA 356 14.87 31.35 101.60
C PHE RA 356 15.34 30.02 101.01
N PRO RA 357 15.85 29.99 99.74
CA PRO RA 357 16.28 28.75 99.06
C PRO RA 357 17.27 27.79 99.75
N PRO RA 358 18.34 28.24 100.45
CA PRO RA 358 19.26 27.40 101.21
C PRO RA 358 18.69 26.65 102.44
N GLN RA 359 17.60 27.12 103.03
CA GLN RA 359 16.99 26.50 104.24
C GLN RA 359 16.48 25.06 103.99
N VAL RA 360 16.71 24.18 104.96
CA VAL RA 360 16.36 22.74 104.83
C VAL RA 360 15.16 22.47 105.76
N PHE RA 361 14.14 21.76 105.27
CA PHE RA 361 12.88 21.62 106.05
C PHE RA 361 12.36 20.19 106.31
N THR RA 362 11.72 20.02 107.46
CA THR RA 362 10.99 18.78 107.81
C THR RA 362 9.58 18.77 107.25
N LEU RA 363 9.15 17.69 106.59
CA LEU RA 363 7.75 17.53 106.11
C LEU RA 363 6.74 17.33 107.25
N PRO RA 364 5.56 17.98 107.16
CA PRO RA 364 4.49 17.75 108.12
C PRO RA 364 3.82 16.35 108.10
N GLN RA 365 3.41 15.83 109.26
CA GLN RA 365 2.64 14.55 109.32
C GLN RA 365 1.14 14.74 108.96
N TYR RA 366 0.57 13.89 108.10
CA TYR RA 366 -0.87 13.88 107.75
C TYR RA 366 -1.80 13.36 108.85
N GLY RA 367 -2.95 14.00 109.02
CA GLY RA 367 -3.97 13.67 110.01
C GLY RA 367 -5.25 14.33 109.60
N TYR RA 368 -6.38 13.95 110.20
CA TYR RA 368 -7.71 14.56 109.88
C TYR RA 368 -8.66 14.43 111.04
N ALA RA 369 -9.70 15.26 111.05
CA ALA RA 369 -10.82 15.12 112.00
C ALA RA 369 -12.06 14.67 111.25
N THR RA 370 -12.78 13.66 111.74
CA THR RA 370 -14.09 13.21 111.22
C THR RA 370 -15.17 13.75 112.16
N LEU RA 371 -16.34 13.12 112.18
CA LEU RA 371 -17.46 13.48 113.10
C LEU RA 371 -17.24 13.11 114.57
N ASN RA 372 -17.78 13.92 115.47
CA ASN RA 372 -17.67 13.69 116.94
C ASN RA 372 -19.11 13.77 117.48
N ARG RA 373 -19.41 13.08 118.57
CA ARG RA 373 -20.81 13.01 119.06
C ARG RA 373 -21.10 13.95 120.24
N ASP RA 374 -22.10 14.83 120.10
CA ASP RA 374 -22.58 15.76 121.16
C ASP RA 374 -21.51 16.69 121.76
N ASN RA 375 -20.60 17.24 120.96
CA ASN RA 375 -19.49 18.11 121.44
C ASN RA 375 -18.64 17.38 122.49
N THR RA 376 -18.32 16.10 122.25
CA THR RA 376 -17.49 15.22 123.13
C THR RA 376 -16.43 14.50 122.29
N GLU RA 377 -15.46 13.79 122.89
CA GLU RA 377 -14.36 13.06 122.18
C GLU RA 377 -14.81 11.77 121.45
N ASN RA 378 -16.00 11.25 121.74
CA ASN RA 378 -16.59 10.03 121.12
C ASN RA 378 -17.02 10.17 119.65
N PRO RA 379 -16.87 9.10 118.85
CA PRO RA 379 -17.39 9.02 117.48
C PRO RA 379 -18.90 8.72 117.25
N THR RA 380 -19.35 8.81 116.00
CA THR RA 380 -20.73 8.56 115.54
C THR RA 380 -20.69 7.44 114.52
N GLU RA 381 -21.83 6.83 114.18
CA GLU RA 381 -21.97 5.80 113.11
C GLU RA 381 -21.57 6.36 111.74
N ARG RA 382 -21.86 7.61 111.44
CA ARG RA 382 -21.45 8.34 110.21
C ARG RA 382 -19.93 8.58 110.14
N SER RA 383 -19.20 8.56 111.27
CA SER RA 383 -17.74 8.83 111.35
C SER RA 383 -16.94 7.83 110.48
N SER RA 384 -15.94 8.30 109.75
CA SER RA 384 -15.22 7.54 108.69
C SER RA 384 -13.71 7.33 108.93
N PHE RA 385 -13.22 6.16 108.56
CA PHE RA 385 -11.77 5.84 108.59
C PHE RA 385 -11.25 5.71 107.17
N PHE RA 386 -10.14 6.33 106.89
CA PHE RA 386 -9.49 6.22 105.55
C PHE RA 386 -8.10 5.62 105.65
N CYS RA 387 -7.80 4.59 104.86
CA CYS RA 387 -6.45 3.97 104.74
C CYS RA 387 -5.71 4.47 103.48
N LEU RA 388 -4.51 5.05 103.62
CA LEU RA 388 -3.64 5.54 102.50
C LEU RA 388 -3.07 4.37 101.67
N GLU RA 389 -2.77 3.23 102.31
CA GLU RA 389 -2.19 2.03 101.66
C GLU RA 389 -3.22 1.37 100.72
N TYR RA 390 -4.50 1.66 100.87
CA TYR RA 390 -5.58 1.21 99.94
C TYR RA 390 -5.38 1.82 98.54
N PHE RA 391 -4.93 3.05 98.41
CA PHE RA 391 -4.59 3.68 97.10
C PHE RA 391 -3.33 3.08 96.48
N PRO RA 392 -3.19 3.02 95.14
CA PRO RA 392 -1.89 2.69 94.52
C PRO RA 392 -0.73 3.75 94.64
N SER RA 393 0.52 3.35 94.89
CA SER RA 393 1.68 4.28 95.02
C SER RA 393 2.95 3.83 94.27
N LYS RA 394 3.74 4.77 93.77
CA LYS RA 394 5.07 4.46 93.17
C LYS RA 394 6.09 4.10 94.26
N MET RA 395 6.97 3.13 94.01
CA MET RA 395 8.05 2.75 94.97
C MET RA 395 9.42 3.17 94.41
N LEU RA 396 10.20 3.90 95.22
CA LEU RA 396 11.50 4.43 94.73
C LEU RA 396 12.71 4.03 95.55
N ARG RA 397 13.74 3.51 94.90
CA ARG RA 397 15.09 3.31 95.48
C ARG RA 397 15.94 4.59 95.18
N THR RA 398 17.22 4.64 95.60
CA THR RA 398 18.17 5.80 95.43
C THR RA 398 18.33 6.26 93.98
N GLY RA 399 18.35 5.39 92.98
CA GLY RA 399 18.32 5.69 91.53
C GLY RA 399 17.08 6.36 90.99
N ASN RA 400 15.89 6.04 91.50
CA ASN RA 400 14.54 6.46 91.02
C ASN RA 400 14.06 7.91 91.26
N ASN RA 401 13.14 8.40 90.44
CA ASN RA 401 12.57 9.78 90.52
C ASN RA 401 11.04 9.76 90.28
N PHE RA 402 10.30 10.79 90.72
CA PHE RA 402 8.84 10.95 90.50
C PHE RA 402 8.50 12.31 89.86
N GLU RA 403 7.56 12.34 88.90
CA GLU RA 403 7.10 13.62 88.29
C GLU RA 403 5.56 13.74 88.21
N PHE RA 404 4.99 14.95 88.38
CA PHE RA 404 3.52 15.22 88.20
C PHE RA 404 3.27 16.57 87.44
N THR RA 405 2.17 16.69 86.70
CA THR RA 405 1.75 17.94 85.98
C THR RA 405 0.29 18.28 86.29
N TYR RA 406 -0.05 19.57 86.48
CA TYR RA 406 -1.44 20.02 86.73
C TYR RA 406 -1.82 21.30 85.93
N ASN RA 407 -3.08 21.44 85.55
CA ASN RA 407 -3.61 22.69 84.91
C ASN RA 407 -4.69 23.31 85.79
N PHE RA 408 -4.60 24.59 86.04
CA PHE RA 408 -5.61 25.31 86.87
C PHE RA 408 -6.87 25.55 86.04
N GLU RA 409 -8.04 25.55 86.66
CA GLU RA 409 -9.33 25.91 86.00
C GLU RA 409 -9.39 27.43 85.74
N GLU RA 410 -10.22 27.89 84.81
CA GLU RA 410 -10.38 29.35 84.62
C GLU RA 410 -10.87 30.01 85.92
N VAL RA 411 -10.23 31.09 86.31
CA VAL RA 411 -10.54 31.80 87.58
C VAL RA 411 -10.41 33.30 87.27
N PRO RA 412 -11.12 34.19 87.98
CA PRO RA 412 -10.90 35.63 87.80
C PRO RA 412 -9.52 36.15 88.29
N PHE RA 413 -8.94 37.14 87.62
CA PHE RA 413 -7.66 37.77 88.05
C PHE RA 413 -7.81 38.47 89.39
N HIS RA 414 -6.82 38.39 90.28
CA HIS RA 414 -6.81 39.21 91.53
C HIS RA 414 -6.67 40.69 91.14
N SER RA 415 -7.30 41.60 91.87
CA SER RA 415 -7.20 43.05 91.59
C SER RA 415 -6.07 43.74 92.36
N SER RA 416 -4.93 44.00 91.72
CA SER RA 416 -3.77 44.72 92.31
C SER RA 416 -3.87 46.23 92.04
N PHE RA 417 -4.87 46.90 92.59
CA PHE RA 417 -5.06 48.36 92.39
C PHE RA 417 -5.90 48.90 93.53
N ALA RA 418 -5.79 50.20 93.75
CA ALA RA 418 -6.60 50.91 94.76
C ALA RA 418 -7.51 51.88 94.00
N PRO RA 419 -8.80 52.00 94.39
CA PRO RA 419 -9.66 53.03 93.80
C PRO RA 419 -9.28 54.51 94.03
N SER RA 420 -9.38 55.30 92.97
CA SER RA 420 -9.07 56.76 93.04
C SER RA 420 -10.34 57.62 93.27
N GLN RA 421 -11.52 57.00 93.38
CA GLN RA 421 -12.79 57.72 93.68
C GLN RA 421 -13.62 57.06 94.77
N ASN RA 422 -14.33 57.86 95.57
CA ASN RA 422 -15.35 57.40 96.56
C ASN RA 422 -16.62 56.92 95.82
N LEU RA 423 -17.27 55.84 96.29
CA LEU RA 423 -18.51 55.25 95.70
C LEU RA 423 -19.67 56.25 95.72
N PHE RA 424 -19.79 57.06 96.76
CA PHE RA 424 -20.86 58.08 96.92
C PHE RA 424 -20.55 59.48 96.27
N LYS RA 425 -19.39 59.75 95.66
CA LYS RA 425 -18.98 61.07 95.09
C LYS RA 425 -18.86 61.04 93.53
N LEU RA 426 -19.65 60.26 92.80
CA LEU RA 426 -19.52 60.05 91.32
C LEU RA 426 -20.26 61.05 90.41
N ALA RA 427 -21.16 61.86 90.95
CA ALA RA 427 -21.83 62.92 90.18
C ALA RA 427 -20.81 64.02 89.84
N ASN RA 428 -20.98 64.70 88.70
CA ASN RA 428 -20.10 65.84 88.35
C ASN RA 428 -20.26 66.91 89.45
N PRO RA 429 -19.14 67.46 89.96
CA PRO RA 429 -19.17 68.51 90.95
C PRO RA 429 -19.82 69.86 90.49
N LEU RA 430 -19.64 70.29 89.24
CA LEU RA 430 -20.23 71.48 88.56
C LEU RA 430 -21.74 71.47 88.31
N VAL RA 431 -22.35 70.34 88.01
CA VAL RA 431 -23.78 70.28 87.58
C VAL RA 431 -24.80 69.74 88.61
N ASP RA 432 -25.93 70.43 88.78
CA ASP RA 432 -27.09 69.98 89.63
C ASP RA 432 -27.89 68.82 89.06
N GLN RA 433 -28.47 67.98 89.90
CA GLN RA 433 -29.38 66.89 89.49
C GLN RA 433 -30.79 67.38 89.08
N TYR RA 434 -31.49 66.70 88.17
CA TYR RA 434 -32.92 67.00 87.86
C TYR RA 434 -33.88 66.28 88.86
N LEU RA 435 -33.44 66.02 90.07
CA LEU RA 435 -34.18 65.20 91.06
C LEU RA 435 -34.38 65.97 92.36
N TYR RA 436 -35.46 65.67 93.08
CA TYR RA 436 -35.83 66.46 94.28
C TYR RA 436 -36.03 65.56 95.49
N ARG RA 437 -35.86 66.13 96.68
CA ARG RA 437 -35.95 65.37 97.96
C ARG RA 437 -36.93 66.06 98.93
N PHE RA 438 -37.53 65.28 99.83
CA PHE RA 438 -38.40 65.85 100.88
C PHE RA 438 -37.53 66.36 102.00
N VAL RA 439 -37.78 67.60 102.38
CA VAL RA 439 -37.01 68.21 103.49
C VAL RA 439 -37.86 68.68 104.66
N SER RA 440 -39.17 68.83 104.48
CA SER RA 440 -39.95 69.54 105.52
C SER RA 440 -41.48 69.36 105.54
N THR RA 441 -42.08 69.72 106.65
CA THR RA 441 -43.55 69.78 106.76
C THR RA 441 -43.84 71.19 107.30
N ASN RA 442 -44.92 71.85 106.88
CA ASN RA 442 -45.32 73.22 107.39
C ASN RA 442 -46.15 73.16 108.70
N ASN RA 443 -46.67 74.29 109.19
CA ASN RA 443 -47.43 74.36 110.48
C ASN RA 443 -48.66 73.46 110.38
N THR RA 444 -49.35 73.40 109.24
CA THR RA 444 -50.35 72.36 108.99
C THR RA 444 -49.44 71.32 108.39
N GLY RA 445 -49.54 70.05 108.68
CA GLY RA 445 -48.42 69.17 108.26
C GLY RA 445 -48.35 68.85 106.78
N GLY RA 446 -48.07 69.85 105.93
CA GLY RA 446 -48.02 69.69 104.46
C GLY RA 446 -46.62 69.54 103.96
N VAL RA 447 -46.36 68.55 103.10
CA VAL RA 447 -44.99 68.21 102.62
C VAL RA 447 -44.32 69.27 101.74
N GLN RA 448 -43.00 69.43 101.89
CA GLN RA 448 -42.22 70.46 101.16
C GLN RA 448 -40.98 69.81 100.53
N PHE RA 449 -40.51 70.35 99.40
CA PHE RA 449 -39.40 69.73 98.62
C PHE RA 449 -38.34 70.73 98.19
N ASN RA 450 -37.10 70.26 98.01
CA ASN RA 450 -35.96 71.10 97.52
C ASN RA 450 -35.21 70.33 96.46
N LYS RA 451 -34.65 71.02 95.47
CA LYS RA 451 -33.78 70.43 94.41
C LYS RA 451 -32.39 70.03 94.94
N ASN RA 452 -31.78 69.05 94.30
CA ASN RA 452 -30.42 68.58 94.71
C ASN RA 452 -29.34 69.39 93.97
N LEU RA 453 -28.53 70.14 94.71
CA LEU RA 453 -27.45 71.02 94.18
C LEU RA 453 -26.12 70.33 93.83
N ALA RA 454 -25.31 70.96 92.99
CA ALA RA 454 -23.99 70.42 92.59
C ALA RA 454 -23.00 70.29 93.76
N GLY RA 455 -22.35 69.12 93.88
CA GLY RA 455 -21.35 68.81 94.92
C GLY RA 455 -21.91 68.44 96.28
N ARG RA 456 -23.22 68.40 96.46
CA ARG RA 456 -23.88 68.08 97.76
C ARG RA 456 -24.05 66.54 97.87
N TYR RA 457 -22.97 65.80 98.11
CA TYR RA 457 -22.90 64.30 98.13
C TYR RA 457 -23.73 63.71 99.27
N ALA RA 458 -23.90 64.45 100.35
CA ALA RA 458 -24.76 64.06 101.46
C ALA RA 458 -26.21 63.86 100.98
N ASN RA 459 -26.73 64.66 100.04
CA ASN RA 459 -28.16 64.64 99.60
C ASN RA 459 -28.43 64.21 98.16
N THR RA 460 -27.70 63.33 97.53
CA THR RA 460 -27.74 63.04 96.08
C THR RA 460 -28.33 61.66 95.88
N TYR RA 461 -29.09 61.43 94.83
CA TYR RA 461 -29.63 60.09 94.48
C TYR RA 461 -28.46 59.20 94.10
N LYS RA 462 -28.49 57.94 94.52
CA LYS RA 462 -27.36 57.01 94.29
C LYS RA 462 -27.76 55.73 93.57
N ASN RA 463 -27.07 55.33 92.51
CA ASN RA 463 -27.23 54.00 91.84
C ASN RA 463 -26.75 52.77 92.61
N TRP RA 464 -25.65 52.85 93.35
CA TRP RA 464 -24.94 51.67 93.88
C TRP RA 464 -24.68 51.74 95.36
N PHE RA 465 -24.53 50.59 95.98
CA PHE RA 465 -24.43 50.53 97.46
C PHE RA 465 -23.20 49.77 97.86
N PRO RA 466 -22.65 50.08 99.05
CA PRO RA 466 -21.52 49.35 99.61
C PRO RA 466 -21.78 47.91 100.05
N GLY RA 467 -20.74 47.10 100.16
CA GLY RA 467 -20.81 45.68 100.51
C GLY RA 467 -21.15 45.34 101.96
N PRO RA 468 -21.46 44.06 102.26
CA PRO RA 468 -21.91 43.64 103.58
C PRO RA 468 -20.99 43.81 104.80
N MET RA 469 -21.57 44.14 105.96
CA MET RA 469 -20.76 44.44 107.16
C MET RA 469 -21.26 43.77 108.46
N GLY RA 470 -20.38 43.39 109.39
CA GLY RA 470 -20.77 42.99 110.77
C GLY RA 470 -19.88 43.72 111.76
N ARG RA 471 -20.38 44.38 112.79
CA ARG RA 471 -19.50 45.19 113.69
C ARG RA 471 -18.47 44.36 114.52
N THR RA 472 -17.20 44.78 114.56
CA THR RA 472 -16.09 44.12 115.28
C THR RA 472 -15.35 45.15 116.11
N GLN RA 473 -14.90 44.82 117.31
CA GLN RA 473 -14.27 45.80 118.25
C GLN RA 473 -12.97 46.41 117.70
N GLY RA 474 -12.75 47.70 117.95
CA GLY RA 474 -11.54 48.42 117.52
C GLY RA 474 -10.58 48.68 118.65
N TRP RA 475 -9.30 48.38 118.43
CA TRP RA 475 -8.23 48.58 119.45
C TRP RA 475 -7.13 49.51 118.91
N ASN RA 476 -6.72 50.47 119.73
CA ASN RA 476 -5.63 51.42 119.36
C ASN RA 476 -4.25 50.76 119.43
N LEU RA 477 -3.33 51.17 118.57
CA LEU RA 477 -1.95 50.62 118.48
C LEU RA 477 -1.00 51.80 118.63
N GLY RA 478 0.27 51.59 118.96
CA GLY RA 478 1.21 52.71 119.20
C GLY RA 478 0.82 53.55 120.41
N SER RA 479 0.58 54.84 120.21
CA SER RA 479 0.19 55.74 121.32
C SER RA 479 -1.14 55.24 121.92
N GLY RA 480 -2.11 54.80 121.12
CA GLY RA 480 -3.25 54.06 121.70
C GLY RA 480 -4.10 54.77 122.72
N VAL RA 481 -4.24 54.21 123.94
CA VAL RA 481 -5.15 54.72 125.03
C VAL RA 481 -6.34 53.74 125.26
N ASN RA 482 -6.21 52.45 124.97
CA ASN RA 482 -7.22 51.36 125.22
C ASN RA 482 -7.45 50.97 126.69
N ARG RA 483 -8.60 50.33 127.01
CA ARG RA 483 -8.97 49.83 128.38
C ARG RA 483 -8.04 48.74 128.95
N ALA RA 484 -7.69 48.82 130.24
CA ALA RA 484 -6.72 47.94 130.94
C ALA RA 484 -7.23 46.59 131.44
N SER RA 485 -6.33 45.59 131.54
CA SER RA 485 -6.62 44.26 132.16
C SER RA 485 -7.81 43.49 131.58
N VAL RA 486 -7.95 43.47 130.26
CA VAL RA 486 -9.12 42.82 129.60
C VAL RA 486 -8.82 41.39 129.16
N SER RA 487 -9.74 40.45 129.39
CA SER RA 487 -9.63 39.10 128.78
C SER RA 487 -10.54 39.16 127.54
N ALA RA 488 -9.99 39.00 126.35
CA ALA RA 488 -10.71 39.17 125.06
C ALA RA 488 -11.85 38.19 124.72
N PHE RA 489 -11.80 36.89 125.05
CA PHE RA 489 -12.68 35.83 124.48
C PHE RA 489 -14.21 35.97 124.70
N ALA RA 490 -14.70 36.39 125.87
CA ALA RA 490 -16.16 36.50 126.14
C ALA RA 490 -16.84 37.50 125.19
N THR RA 491 -16.18 38.61 124.85
CA THR RA 491 -16.75 39.68 124.01
C THR RA 491 -16.40 39.56 122.54
N THR RA 492 -15.74 38.50 122.09
CA THR RA 492 -15.39 38.27 120.66
C THR RA 492 -16.57 37.88 119.79
N ASN RA 493 -16.49 38.12 118.47
CA ASN RA 493 -17.53 37.71 117.48
C ASN RA 493 -17.61 36.19 117.34
N ARG RA 494 -18.81 35.64 117.20
CA ARG RA 494 -18.96 34.16 117.16
C ARG RA 494 -20.08 33.69 116.22
N MET RA 495 -19.99 32.46 115.72
CA MET RA 495 -21.08 31.82 114.94
C MET RA 495 -21.36 30.47 115.64
N GLU RA 496 -22.62 30.00 115.67
CA GLU RA 496 -23.00 28.76 116.39
C GLU RA 496 -23.21 27.60 115.40
N LEU RA 497 -22.51 26.46 115.58
CA LEU RA 497 -22.72 25.24 114.74
C LEU RA 497 -22.91 24.02 115.63
N GLU RA 498 -23.93 23.19 115.43
CA GLU RA 498 -24.14 21.87 116.13
C GLU RA 498 -24.14 21.99 117.66
N GLY RA 499 -24.68 23.04 118.25
CA GLY RA 499 -24.60 23.24 119.70
C GLY RA 499 -23.32 23.84 120.28
N ALA RA 500 -22.36 24.32 119.48
CA ALA RA 500 -21.16 24.97 120.07
C ALA RA 500 -20.91 26.38 119.50
N SER RA 501 -20.28 27.28 120.26
CA SER RA 501 -19.94 28.66 119.82
C SER RA 501 -18.50 28.69 119.30
N TYR RA 502 -18.32 29.21 118.10
CA TYR RA 502 -16.97 29.25 117.48
C TYR RA 502 -16.53 30.65 117.13
N GLN RA 503 -15.30 30.97 117.48
CA GLN RA 503 -14.71 32.23 116.95
C GLN RA 503 -14.47 32.00 115.46
N VAL RA 504 -14.66 33.01 114.64
CA VAL RA 504 -14.47 32.94 113.17
C VAL RA 504 -13.49 34.09 112.93
N PRO RA 505 -12.18 33.90 113.23
CA PRO RA 505 -11.20 34.96 113.27
C PRO RA 505 -10.95 35.75 112.02
N PRO RA 506 -10.94 35.28 110.76
CA PRO RA 506 -10.91 36.24 109.65
C PRO RA 506 -12.41 36.57 109.60
N GLN RA 507 -12.83 37.81 109.54
CA GLN RA 507 -14.30 38.00 109.37
C GLN RA 507 -14.67 37.77 107.88
N PRO RA 508 -15.96 37.66 107.45
CA PRO RA 508 -16.33 37.57 106.03
C PRO RA 508 -16.04 38.85 105.15
N ASN RA 509 -15.80 38.74 103.83
CA ASN RA 509 -15.40 39.89 102.94
C ASN RA 509 -16.36 41.08 102.79
N GLY RA 510 -15.86 42.27 102.38
CA GLY RA 510 -16.64 43.52 102.21
C GLY RA 510 -16.42 44.61 103.24
N MET RA 511 -15.48 44.44 104.14
CA MET RA 511 -15.18 45.48 105.15
C MET RA 511 -13.72 45.96 105.12
N THR RA 512 -13.43 47.09 105.76
CA THR RA 512 -12.03 47.55 105.98
C THR RA 512 -11.74 47.60 107.48
N ASN RA 513 -10.67 46.97 107.96
CA ASN RA 513 -10.15 47.02 109.37
C ASN RA 513 -9.59 48.39 109.84
N ASN RA 514 -8.89 49.16 109.01
CA ASN RA 514 -8.19 50.42 109.42
C ASN RA 514 -8.55 51.57 108.48
N LEU RA 515 -8.83 52.77 109.00
CA LEU RA 515 -9.12 53.99 108.16
C LEU RA 515 -7.97 54.60 107.30
N GLN RA 516 -6.71 54.75 107.73
CA GLN RA 516 -5.58 55.44 107.01
C GLN RA 516 -5.10 56.52 107.98
N GLY RA 517 -3.78 56.65 108.16
CA GLY RA 517 -3.43 57.46 109.34
C GLY RA 517 -3.98 56.57 110.44
N SER RA 518 -4.91 57.01 111.26
CA SER RA 518 -5.54 56.25 112.38
C SER RA 518 -4.80 55.02 112.95
N ASN RA 519 -4.83 54.92 114.27
CA ASN RA 519 -4.18 53.79 114.99
C ASN RA 519 -5.25 52.82 115.49
N THR RA 520 -6.51 52.98 115.08
CA THR RA 520 -7.58 52.02 115.42
C THR RA 520 -7.63 50.89 114.41
N TYR RA 521 -7.62 49.66 114.90
CA TYR RA 521 -7.65 48.46 114.05
C TYR RA 521 -8.68 47.53 114.60
N ALA RA 522 -9.46 46.94 113.70
CA ALA RA 522 -10.35 45.87 114.21
C ALA RA 522 -9.52 44.58 114.12
N LEU RA 523 -9.03 44.07 115.24
CA LEU RA 523 -8.06 42.94 115.32
C LEU RA 523 -8.58 41.58 114.78
N GLU RA 524 -9.86 41.27 114.97
CA GLU RA 524 -10.46 40.02 114.47
C GLU RA 524 -10.78 40.11 112.96
N ASN RA 525 -10.63 41.25 112.31
CA ASN RA 525 -10.76 41.40 110.84
C ASN RA 525 -9.37 41.48 110.16
N THR RA 526 -8.27 41.26 110.88
CA THR RA 526 -6.90 41.45 110.32
C THR RA 526 -6.09 40.18 110.30
N MET RA 527 -5.36 39.91 109.23
CA MET RA 527 -4.35 38.83 109.19
C MET RA 527 -3.14 39.24 110.04
N ILE RA 528 -2.76 38.43 111.03
CA ILE RA 528 -1.57 38.68 111.89
C ILE RA 528 -0.51 37.59 111.67
N PHE RA 529 0.73 37.99 111.43
CA PHE RA 529 1.84 37.06 111.09
C PHE RA 529 3.04 37.32 111.98
N ASN RA 530 3.96 36.37 112.08
CA ASN RA 530 5.23 36.52 112.83
C ASN RA 530 6.37 36.68 111.80
N SER RA 531 7.32 37.59 112.03
CA SER RA 531 8.51 37.75 111.16
C SER RA 531 9.37 36.48 111.18
N GLN RA 532 9.52 35.85 112.35
CA GLN RA 532 10.34 34.62 112.53
C GLN RA 532 9.46 33.39 112.75
N PRO RA 533 9.87 32.18 112.31
CA PRO RA 533 9.16 30.94 112.60
C PRO RA 533 9.20 30.57 114.09
N ALA RA 534 8.19 29.87 114.56
CA ALA RA 534 8.07 29.54 116.01
C ALA RA 534 8.12 28.05 116.29
N ASN RA 535 8.56 27.70 117.48
CA ASN RA 535 8.56 26.30 117.96
C ASN RA 535 7.11 25.81 118.19
N PRO RA 536 6.80 24.53 117.95
CA PRO RA 536 5.46 24.01 118.21
C PRO RA 536 4.95 24.03 119.65
N GLY RA 537 3.68 24.42 119.84
CA GLY RA 537 3.06 24.41 121.17
C GLY RA 537 3.36 25.61 122.04
N THR RA 538 4.00 26.64 121.51
CA THR RA 538 4.39 27.80 122.32
C THR RA 538 3.14 28.45 122.92
N THR RA 539 3.18 28.85 124.19
CA THR RA 539 2.09 29.58 124.86
C THR RA 539 2.56 30.97 125.25
N ALA RA 540 3.69 31.43 124.74
CA ALA RA 540 4.29 32.76 125.07
C ALA RA 540 3.44 33.97 124.64
N THR RA 541 3.39 35.02 125.47
CA THR RA 541 2.72 36.28 125.08
C THR RA 541 3.56 37.03 124.06
N TYR RA 542 2.92 37.64 123.08
CA TYR RA 542 3.63 38.47 122.07
C TYR RA 542 3.07 39.87 122.08
N LEU RA 543 3.95 40.86 122.16
CA LEU RA 543 3.58 42.28 122.02
C LEU RA 543 3.51 42.70 120.53
N GLU RA 544 3.02 43.89 120.23
CA GLU RA 544 2.82 44.42 118.85
C GLU RA 544 4.12 44.53 118.03
N GLY RA 545 5.26 44.89 118.65
CA GLY RA 545 6.53 45.05 117.95
C GLY RA 545 7.00 43.77 117.31
N ASN RA 546 6.84 42.63 117.95
CA ASN RA 546 7.12 41.30 117.33
C ASN RA 546 6.20 40.99 116.14
N MET RA 547 4.93 41.38 116.17
CA MET RA 547 3.94 40.97 115.13
C MET RA 547 3.95 41.76 113.81
N LEU RA 548 3.53 41.12 112.71
CA LEU RA 548 3.36 41.84 111.43
C LEU RA 548 1.85 42.02 111.24
N ILE RA 549 1.33 43.25 111.27
CA ILE RA 549 -0.14 43.49 111.22
C ILE RA 549 -0.52 44.20 109.92
N THR RA 550 -1.42 43.61 109.15
CA THR RA 550 -1.91 44.12 107.85
C THR RA 550 -2.97 45.21 107.96
N SER RA 551 -3.09 46.06 106.94
CA SER RA 551 -4.11 47.14 106.86
C SER RA 551 -4.82 47.02 105.52
N GLU RA 552 -6.12 47.27 105.48
CA GLU RA 552 -6.95 47.18 104.25
C GLU RA 552 -7.41 48.61 103.86
N SER RA 553 -6.70 49.66 104.26
CA SER RA 553 -7.09 51.09 104.10
C SER RA 553 -7.28 51.52 102.64
N GLU RA 554 -6.66 50.86 101.66
CA GLU RA 554 -6.84 51.12 100.20
C GLU RA 554 -8.30 50.89 99.76
N THR RA 555 -9.02 49.93 100.32
CA THR RA 555 -10.41 49.55 99.95
C THR RA 555 -11.46 50.44 100.62
N GLN RA 556 -11.08 51.41 101.46
CA GLN RA 556 -11.99 52.29 102.24
C GLN RA 556 -12.94 53.11 101.34
N PRO RA 557 -12.56 53.63 100.15
CA PRO RA 557 -13.52 54.26 99.24
C PRO RA 557 -14.78 53.42 98.87
N VAL RA 558 -14.73 52.08 98.83
CA VAL RA 558 -15.90 51.15 98.66
C VAL RA 558 -16.22 50.19 99.82
N ASN RA 559 -15.45 50.13 100.91
CA ASN RA 559 -15.69 49.10 101.96
C ASN RA 559 -15.97 49.78 103.28
N ARG RA 560 -17.03 49.37 103.95
CA ARG RA 560 -17.41 49.97 105.26
C ARG RA 560 -16.41 49.61 106.38
N VAL RA 561 -16.20 50.50 107.33
CA VAL RA 561 -15.32 50.24 108.50
C VAL RA 561 -15.96 49.29 109.53
N ALA RA 562 -15.24 48.24 109.96
CA ALA RA 562 -15.71 47.19 110.91
C ALA RA 562 -16.03 47.71 112.31
N TYR RA 563 -15.22 48.60 112.86
CA TYR RA 563 -15.43 49.16 114.23
C TYR RA 563 -16.73 50.00 114.34
N ASN RA 564 -17.09 50.76 113.30
CA ASN RA 564 -18.28 51.66 113.28
C ASN RA 564 -19.63 50.98 112.99
N VAL RA 565 -20.76 51.60 113.36
CA VAL RA 565 -22.15 51.16 112.95
C VAL RA 565 -22.36 51.35 111.44
N GLY RA 566 -23.08 50.47 110.75
CA GLY RA 566 -23.41 50.54 109.30
C GLY RA 566 -24.29 51.67 108.77
N GLY RA 567 -25.35 52.09 109.47
CA GLY RA 567 -26.31 53.07 108.96
C GLY RA 567 -27.51 53.16 109.87
N GLN RA 568 -28.58 53.85 109.44
CA GLN RA 568 -29.85 53.99 110.21
C GLN RA 568 -31.09 53.65 109.35
N MET RA 569 -32.17 53.12 109.95
CA MET RA 569 -33.46 52.80 109.28
C MET RA 569 -34.64 53.28 110.15
N ALA RA 570 -35.85 53.46 109.57
CA ALA RA 570 -37.08 53.88 110.31
C ALA RA 570 -37.62 52.82 111.28
N THR RA 571 -38.02 53.26 112.47
CA THR RA 571 -38.51 52.34 113.53
C THR RA 571 -39.98 52.60 113.91
N ASN RA 572 -40.70 53.47 113.23
CA ASN RA 572 -42.06 53.90 113.68
C ASN RA 572 -42.87 54.46 112.52
N ASN RA 573 -44.13 54.75 112.77
CA ASN RA 573 -44.99 55.47 111.78
C ASN RA 573 -45.26 56.86 112.37
N GLN RA 574 -44.97 57.93 111.63
CA GLN RA 574 -45.25 59.34 112.05
C GLN RA 574 -46.77 59.63 112.04
N SER RA 575 -47.22 60.54 112.88
CA SER RA 575 -48.66 60.92 112.97
C SER RA 575 -48.68 62.35 113.55
N SER RA 576 -49.82 63.01 113.54
CA SER RA 576 -49.86 64.35 114.20
C SER RA 576 -49.49 64.19 115.68
N THR RA 577 -49.97 63.15 116.36
CA THR RA 577 -49.55 62.81 117.74
C THR RA 577 -48.09 62.39 117.86
N THR RA 578 -47.53 61.63 116.91
CA THR RA 578 -46.18 61.05 117.06
C THR RA 578 -45.11 61.57 116.11
N ALA RA 579 -43.97 62.02 116.64
CA ALA RA 579 -42.80 62.42 115.83
C ALA RA 579 -42.11 61.23 115.17
N PRO RA 580 -41.49 61.38 113.99
CA PRO RA 580 -40.71 60.31 113.36
C PRO RA 580 -39.43 59.87 114.11
N ALA RA 581 -39.06 58.58 114.06
CA ALA RA 581 -37.89 58.02 114.79
C ALA RA 581 -37.02 57.11 113.92
N THR RA 582 -35.72 57.04 114.20
CA THR RA 582 -34.77 56.16 113.47
C THR RA 582 -34.00 55.30 114.44
N GLY RA 583 -33.45 54.18 113.96
CA GLY RA 583 -32.54 53.36 114.77
C GLY RA 583 -31.30 52.91 114.02
N THR RA 584 -30.13 52.88 114.66
CA THR RA 584 -28.88 52.33 114.05
C THR RA 584 -28.86 50.82 113.97
N TYR RA 585 -28.16 50.25 113.00
CA TYR RA 585 -27.98 48.77 112.85
C TYR RA 585 -26.46 48.38 112.95
N ASN RA 586 -26.12 47.23 113.55
CA ASN RA 586 -24.71 46.75 113.74
C ASN RA 586 -24.32 45.70 112.69
N LEU RA 587 -25.29 45.20 111.91
CA LEU RA 587 -25.01 44.20 110.84
C LEU RA 587 -25.92 44.39 109.62
N GLN RA 588 -25.42 44.12 108.42
CA GLN RA 588 -26.24 44.11 107.18
C GLN RA 588 -25.62 43.09 106.23
N GLU RA 589 -26.39 42.53 105.32
CA GLU RA 589 -25.92 41.47 104.41
C GLU RA 589 -26.16 41.95 102.98
N ILE RA 590 -25.95 41.10 101.99
CA ILE RA 590 -26.03 41.47 100.54
C ILE RA 590 -27.40 42.01 100.12
N VAL RA 591 -27.39 43.05 99.31
CA VAL RA 591 -28.61 43.71 98.78
C VAL RA 591 -28.35 43.83 97.27
N PRO RA 592 -29.37 43.88 96.40
CA PRO RA 592 -29.13 44.11 94.97
C PRO RA 592 -28.48 45.47 94.68
N GLY RA 593 -27.54 45.55 93.72
CA GLY RA 593 -26.76 46.77 93.46
C GLY RA 593 -25.53 46.96 94.36
N SER RA 594 -25.20 45.96 95.17
CA SER RA 594 -24.03 45.93 96.08
C SER RA 594 -22.68 45.77 95.36
N VAL RA 595 -21.68 46.56 95.74
CA VAL RA 595 -20.29 46.51 95.16
C VAL RA 595 -19.28 46.46 96.33
N TRP RA 596 -18.21 45.69 96.20
CA TRP RA 596 -17.13 45.61 97.24
C TRP RA 596 -15.81 45.15 96.64
N MET RA 597 -14.74 45.29 97.39
CA MET RA 597 -13.40 44.77 97.04
C MET RA 597 -13.01 43.60 97.96
N GLU RA 598 -12.49 42.51 97.40
CA GLU RA 598 -11.99 41.33 98.16
C GLU RA 598 -10.66 41.65 98.89
N ARG RA 599 -10.32 40.88 99.92
CA ARG RA 599 -9.06 41.04 100.69
C ARG RA 599 -7.80 40.87 99.81
N ASP RA 600 -6.76 41.67 100.09
CA ASP RA 600 -5.46 41.64 99.38
C ASP RA 600 -4.60 40.42 99.71
N VAL RA 601 -3.84 39.94 98.74
CA VAL RA 601 -2.81 38.87 98.95
C VAL RA 601 -1.50 39.46 99.52
N TYR RA 602 -0.72 38.64 100.22
CA TYR RA 602 0.58 39.05 100.83
C TYR RA 602 1.63 38.06 100.39
N LEU RA 603 2.89 38.45 100.34
CA LEU RA 603 4.02 37.52 100.00
C LEU RA 603 4.10 36.40 101.08
N GLN RA 604 3.94 36.70 102.35
CA GLN RA 604 3.83 35.75 103.50
C GLN RA 604 2.56 34.87 103.44
N GLY RA 605 1.48 35.32 102.82
CA GLY RA 605 0.18 34.61 102.70
C GLY RA 605 -0.08 33.47 101.73
N PRO RA 606 -1.21 32.74 101.91
CA PRO RA 606 -1.67 31.72 100.95
C PRO RA 606 -2.26 32.00 99.56
N ILE RA 607 -1.90 31.27 98.51
CA ILE RA 607 -2.55 31.35 97.15
C ILE RA 607 -4.00 30.82 96.98
N TRP RA 608 -4.34 29.65 97.50
CA TRP RA 608 -5.64 29.02 97.17
C TRP RA 608 -6.35 28.32 98.33
N ALA RA 609 -7.65 28.06 98.19
CA ALA RA 609 -8.44 27.26 99.16
C ALA RA 609 -9.40 26.38 98.34
N LYS RA 610 -9.74 25.22 98.87
CA LYS RA 610 -10.73 24.31 98.23
C LYS RA 610 -12.16 24.70 98.60
N ILE RA 611 -13.04 24.85 97.61
CA ILE RA 611 -14.49 25.06 97.88
C ILE RA 611 -15.07 23.75 98.44
N PRO RA 612 -15.84 23.78 99.55
CA PRO RA 612 -16.47 22.58 100.11
C PRO RA 612 -17.62 22.00 99.30
N GLU RA 613 -17.76 20.68 99.22
CA GLU RA 613 -18.81 20.07 98.36
C GLU RA 613 -20.13 19.85 99.13
N THR RA 614 -21.09 20.75 98.97
CA THR RA 614 -22.40 20.68 99.66
C THR RA 614 -23.51 20.66 98.64
N GLY RA 615 -23.20 21.05 97.41
CA GLY RA 615 -24.19 21.27 96.34
C GLY RA 615 -24.77 22.68 96.31
N ALA RA 616 -24.52 23.54 97.30
CA ALA RA 616 -24.97 24.95 97.26
C ALA RA 616 -23.93 25.92 97.84
N HIS RA 617 -23.66 27.02 97.17
CA HIS RA 617 -22.71 28.07 97.69
C HIS RA 617 -23.03 29.43 97.07
N PHE RA 618 -22.57 30.49 97.71
CA PHE RA 618 -22.67 31.86 97.11
C PHE RA 618 -21.32 32.53 97.03
N HIS RA 619 -20.92 33.09 95.88
CA HIS RA 619 -19.69 33.94 95.70
C HIS RA 619 -18.47 33.31 96.38
N PRO RA 620 -17.73 32.44 95.69
CA PRO RA 620 -16.70 31.64 96.36
C PRO RA 620 -15.26 32.11 96.46
N SER RA 621 -15.10 33.17 97.22
CA SER RA 621 -13.77 33.76 97.46
C SER RA 621 -13.41 33.51 98.92
N PRO RA 622 -12.26 32.86 99.24
CA PRO RA 622 -11.93 32.58 100.63
C PRO RA 622 -11.61 33.78 101.53
N ALA RA 623 -11.99 33.74 102.81
CA ALA RA 623 -11.83 34.88 103.74
C ALA RA 623 -10.37 35.30 104.01
N MET RA 624 -9.44 34.37 104.15
CA MET RA 624 -7.99 34.63 104.34
C MET RA 624 -7.40 35.35 103.12
N GLY RA 625 -7.91 35.09 101.92
CA GLY RA 625 -7.45 35.70 100.67
C GLY RA 625 -7.17 34.65 99.61
N GLY RA 626 -6.89 35.06 98.38
CA GLY RA 626 -6.56 34.13 97.30
C GLY RA 626 -7.64 33.61 96.38
N PHE RA 627 -7.42 32.47 95.76
CA PHE RA 627 -8.30 31.90 94.72
C PHE RA 627 -9.05 30.67 95.24
N GLY RA 628 -10.37 30.66 95.06
CA GLY RA 628 -11.22 29.53 95.49
C GLY RA 628 -11.39 28.57 94.36
N LEU RA 629 -11.03 27.32 94.58
CA LEU RA 629 -11.04 26.33 93.47
C LEU RA 629 -11.90 25.11 93.75
N LYS RA 630 -12.78 24.75 92.82
CA LYS RA 630 -13.53 23.47 92.89
C LYS RA 630 -12.58 22.26 92.79
N HIS RA 631 -11.59 22.32 91.90
CA HIS RA 631 -10.60 21.23 91.73
C HIS RA 631 -9.20 21.79 91.97
N PRO RA 632 -8.75 21.82 93.24
CA PRO RA 632 -7.45 22.34 93.63
C PRO RA 632 -6.21 21.51 93.28
N PRO RA 633 -4.99 22.06 93.29
CA PRO RA 633 -3.83 21.23 93.02
C PRO RA 633 -3.83 20.10 94.08
N PRO RA 634 -3.64 18.83 93.69
CA PRO RA 634 -3.81 17.70 94.59
C PRO RA 634 -2.83 17.39 95.73
N MET RA 635 -3.31 16.74 96.79
CA MET RA 635 -2.44 16.28 97.92
C MET RA 635 -1.35 15.28 97.47
N MET RA 636 -0.12 15.54 97.88
CA MET RA 636 1.05 14.68 97.54
C MET RA 636 1.55 14.04 98.83
N LEU RA 637 1.57 12.72 98.89
CA LEU RA 637 1.85 11.96 100.13
C LEU RA 637 3.08 11.06 99.97
N ILE RA 638 3.97 11.08 100.95
CA ILE RA 638 5.22 10.27 100.93
C ILE RA 638 5.39 9.51 102.26
N LYS RA 639 5.82 8.25 102.18
CA LYS RA 639 6.13 7.48 103.41
C LYS RA 639 7.41 6.65 103.26
N ASN RA 640 8.04 6.31 104.37
CA ASN RA 640 9.18 5.35 104.38
C ASN RA 640 8.60 3.93 104.47
N THR RA 641 8.99 3.01 103.61
CA THR RA 641 8.54 1.61 103.69
C THR RA 641 9.04 0.93 104.96
N PRO RA 642 8.17 0.20 105.71
CA PRO RA 642 8.62 -0.59 106.85
C PRO RA 642 9.67 -1.63 106.51
N VAL RA 643 10.77 -1.60 107.25
CA VAL RA 643 11.81 -2.65 107.07
C VAL RA 643 11.90 -3.41 108.41
N PRO RA 644 11.59 -4.71 108.42
CA PRO RA 644 11.64 -5.50 109.65
C PRO RA 644 12.94 -5.87 110.38
N GLY RA 645 12.93 -5.96 111.71
CA GLY RA 645 14.03 -6.44 112.56
C GLY RA 645 14.08 -7.96 112.56
N ASN RA 646 15.08 -8.59 113.16
CA ASN RA 646 15.23 -10.07 113.02
C ASN RA 646 14.06 -10.84 113.65
N ILE RA 647 13.43 -11.72 112.88
CA ILE RA 647 12.29 -12.55 113.40
C ILE RA 647 12.70 -14.01 113.20
N THR RA 648 12.66 -14.82 114.25
CA THR RA 648 13.15 -16.22 114.17
C THR RA 648 12.02 -17.23 114.25
N SER RA 649 10.82 -16.82 114.62
CA SER RA 649 9.68 -17.75 114.83
C SER RA 649 8.40 -17.23 114.15
N PHE RA 650 7.49 -18.12 113.75
CA PHE RA 650 6.18 -17.75 113.18
C PHE RA 650 5.13 -17.28 114.18
N SER RA 651 4.40 -16.20 113.89
CA SER RA 651 3.21 -15.82 114.67
C SER RA 651 2.13 -15.29 113.74
N ASP RA 652 0.87 -15.56 114.03
CA ASP RA 652 -0.29 -14.91 113.35
C ASP RA 652 -0.29 -13.41 113.70
N VAL RA 653 0.11 -13.06 114.93
CA VAL RA 653 0.16 -11.64 115.39
C VAL RA 653 1.15 -10.83 114.55
N PRO RA 654 0.77 -9.61 114.08
CA PRO RA 654 1.64 -8.77 113.24
C PRO RA 654 2.95 -8.28 113.86
N VAL RA 655 3.98 -8.17 113.04
CA VAL RA 655 5.31 -7.71 113.54
C VAL RA 655 5.27 -6.25 114.02
N SER RA 656 5.83 -6.02 115.19
CA SER RA 656 5.93 -4.68 115.82
C SER RA 656 7.40 -4.23 115.91
N SER RA 657 8.36 -5.01 115.42
CA SER RA 657 9.81 -4.70 115.54
C SER RA 657 10.40 -4.36 114.17
N PHE RA 658 10.94 -3.15 114.04
CA PHE RA 658 11.42 -2.66 112.72
C PHE RA 658 12.74 -1.97 112.87
N ILE RA 659 13.58 -1.97 111.85
CA ILE RA 659 14.83 -1.13 111.90
C ILE RA 659 14.48 0.37 111.82
N THR RA 660 15.16 1.26 112.57
CA THR RA 660 14.92 2.73 112.56
C THR RA 660 15.55 3.43 111.36
N GLN RA 661 14.76 4.20 110.61
CA GLN RA 661 15.20 4.80 109.32
C GLN RA 661 14.62 6.20 109.04
N TYR RA 662 15.28 7.01 108.21
CA TYR RA 662 14.79 8.35 107.80
C TYR RA 662 15.15 8.55 106.32
N SER RA 663 14.48 9.47 105.64
CA SER RA 663 14.78 9.76 104.21
C SER RA 663 15.07 11.26 103.95
N THR RA 664 15.85 11.54 102.91
CA THR RA 664 16.19 12.93 102.51
C THR RA 664 16.20 13.04 100.99
N GLY RA 665 15.96 14.22 100.42
CA GLY RA 665 16.01 14.45 98.97
C GLY RA 665 15.82 15.88 98.53
N GLN RA 666 15.62 16.09 97.23
CA GLN RA 666 15.33 17.42 96.62
C GLN RA 666 13.96 17.47 95.92
N VAL RA 667 13.25 18.60 96.03
CA VAL RA 667 11.94 18.81 95.34
C VAL RA 667 12.00 20.08 94.47
N THR RA 668 11.49 20.02 93.25
CA THR RA 668 11.38 21.19 92.37
C THR RA 668 9.92 21.50 92.03
N VAL RA 669 9.47 22.75 92.17
CA VAL RA 669 8.10 23.21 91.72
C VAL RA 669 8.21 24.31 90.64
N GLU RA 670 7.53 24.14 89.52
CA GLU RA 670 7.48 25.13 88.42
C GLU RA 670 6.04 25.63 88.25
N MET RA 671 5.85 26.95 88.26
CA MET RA 671 4.50 27.56 88.12
C MET RA 671 4.43 28.62 87.02
N GLU RA 672 3.34 28.64 86.28
CA GLU RA 672 3.11 29.67 85.23
C GLU RA 672 2.01 30.64 85.68
N TRP RA 673 2.22 31.93 85.48
CA TRP RA 673 1.27 32.98 85.88
C TRP RA 673 0.87 33.87 84.71
N GLU RA 674 -0.40 34.25 84.64
CA GLU RA 674 -0.88 35.21 83.60
C GLU RA 674 -1.01 36.61 84.22
N LEU RA 675 -0.54 37.63 83.52
CA LEU RA 675 -0.49 39.02 84.01
C LEU RA 675 -1.46 39.95 83.27
N LYS RA 676 -2.08 40.88 83.98
CA LYS RA 676 -2.91 41.93 83.32
C LYS RA 676 -2.16 43.27 83.39
N LYS RA 677 -1.89 43.88 82.24
CA LYS RA 677 -1.18 45.19 82.13
C LYS RA 677 -1.97 46.44 82.55
N GLU RA 678 -1.29 47.40 83.17
CA GLU RA 678 -1.89 48.72 83.47
C GLU RA 678 -2.12 49.54 82.18
N ASN RA 679 -3.22 50.26 82.05
CA ASN RA 679 -3.55 51.15 80.89
C ASN RA 679 -3.94 52.56 81.39
N SER RA 680 -3.26 53.10 82.41
CA SER RA 680 -3.60 54.40 83.05
C SER RA 680 -3.39 55.67 82.22
N LYS RA 681 -4.27 56.67 82.36
CA LYS RA 681 -4.11 58.01 81.74
C LYS RA 681 -3.78 59.07 82.81
N ARG RA 682 -3.49 58.70 84.06
CA ARG RA 682 -3.08 59.62 85.18
C ARG RA 682 -1.75 60.38 84.91
N TRP RA 683 -1.78 61.70 84.82
CA TRP RA 683 -0.61 62.58 84.56
C TRP RA 683 0.46 62.62 85.66
N ASN RA 684 0.03 62.73 86.90
CA ASN RA 684 0.91 62.81 88.09
C ASN RA 684 1.50 61.46 88.48
N PRO RA 685 2.67 61.45 89.17
CA PRO RA 685 3.27 60.22 89.67
C PRO RA 685 2.54 59.41 90.78
N GLU RA 686 2.53 58.10 90.67
CA GLU RA 686 1.94 57.14 91.63
C GLU RA 686 2.75 56.69 92.87
N ILE RA 687 2.09 56.13 93.87
CA ILE RA 687 2.74 55.46 95.03
C ILE RA 687 3.37 54.11 94.62
N GLN RA 688 4.56 53.78 95.14
CA GLN RA 688 5.31 52.53 94.82
C GLN RA 688 5.94 51.92 96.07
N TYR RA 689 6.09 50.60 96.16
CA TYR RA 689 6.85 49.95 97.25
C TYR RA 689 8.36 50.23 97.01
N THR RA 690 9.05 50.66 98.06
CA THR RA 690 10.48 51.00 97.95
C THR RA 690 11.23 50.46 99.14
N ASN RA 691 12.53 50.24 98.97
CA ASN RA 691 13.39 49.89 100.12
C ASN RA 691 13.77 51.22 100.74
N ASN RA 692 13.23 51.57 101.89
CA ASN RA 692 13.43 52.90 102.50
C ASN RA 692 13.56 52.72 104.01
N TYR RA 693 14.73 53.05 104.55
CA TYR RA 693 15.03 52.80 105.98
C TYR RA 693 15.86 53.98 106.44
N ASN RA 694 15.71 54.41 107.68
CA ASN RA 694 16.60 55.50 108.21
C ASN RA 694 17.70 54.92 109.11
N ASP RA 695 18.98 55.18 108.80
CA ASP RA 695 20.18 54.68 109.57
C ASP RA 695 20.16 53.16 109.76
N PRO RA 696 19.99 52.32 108.72
CA PRO RA 696 19.88 50.86 108.94
C PRO RA 696 21.07 50.11 109.55
N GLN RA 697 20.80 49.22 110.50
CA GLN RA 697 21.87 48.41 111.15
C GLN RA 697 21.99 47.02 110.51
N PHE RA 698 21.10 46.69 109.59
CA PHE RA 698 21.09 45.36 108.93
C PHE RA 698 20.42 45.57 107.61
N VAL RA 699 20.58 44.64 106.70
CA VAL RA 699 19.79 44.68 105.45
C VAL RA 699 18.58 43.77 105.67
N ASP RA 700 17.38 44.28 105.47
CA ASP RA 700 16.12 43.49 105.49
C ASP RA 700 16.06 42.52 104.30
N PHE RA 701 15.41 41.35 104.43
CA PHE RA 701 15.33 40.26 103.41
C PHE RA 701 16.70 39.70 103.07
N ALA RA 702 17.55 39.56 104.06
CA ALA RA 702 18.92 39.03 103.92
C ALA RA 702 19.28 38.25 105.16
N PRO RA 703 20.29 37.33 105.10
CA PRO RA 703 20.80 36.68 106.31
C PRO RA 703 21.58 37.57 107.29
N ASP RA 704 21.56 37.25 108.58
CA ASP RA 704 22.38 38.01 109.58
C ASP RA 704 23.73 37.36 109.87
N SER RA 705 24.45 37.86 110.88
CA SER RA 705 25.80 37.34 111.25
C SER RA 705 25.72 35.86 111.67
N THR RA 706 24.68 35.42 112.38
CA THR RA 706 24.41 34.00 112.71
C THR RA 706 23.90 33.18 111.52
N GLY RA 707 23.47 33.78 110.41
CA GLY RA 707 22.85 33.05 109.28
C GLY RA 707 21.34 32.96 109.26
N GLU RA 708 20.63 33.64 110.16
CA GLU RA 708 19.15 33.64 110.20
C GLU RA 708 18.53 34.73 109.30
N TYR RA 709 17.58 34.36 108.45
CA TYR RA 709 16.87 35.30 107.53
C TYR RA 709 15.99 36.32 108.27
N ARG RA 710 16.00 37.56 107.80
CA ARG RA 710 15.21 38.64 108.44
C ARG RA 710 14.14 39.14 107.48
N SER RA 711 12.88 39.19 107.93
CA SER RA 711 11.73 39.70 107.12
C SER RA 711 10.86 40.63 107.97
N THR RA 712 11.27 41.85 108.25
CA THR RA 712 10.58 42.87 109.11
C THR RA 712 9.20 43.33 108.62
N ARG RA 713 8.96 43.47 107.31
CA ARG RA 713 7.70 44.08 106.80
C ARG RA 713 6.75 43.17 106.01
N PRO RA 714 5.41 43.22 106.24
CA PRO RA 714 4.44 42.54 105.38
C PRO RA 714 4.21 43.22 104.01
N ILE RA 715 4.14 42.50 102.89
CA ILE RA 715 3.94 43.26 101.60
C ILE RA 715 2.66 42.87 100.85
N GLY RA 716 1.80 43.86 100.60
CA GLY RA 716 0.55 43.73 99.82
C GLY RA 716 0.75 43.99 98.36
N THR RA 717 -0.30 43.84 97.57
CA THR RA 717 -0.24 44.09 96.11
C THR RA 717 -0.79 45.43 95.61
N ARG RA 718 -1.44 46.29 96.41
CA ARG RA 718 -2.13 47.48 95.81
C ARG RA 718 -1.37 48.82 95.97
N TYR RA 719 -0.69 49.26 94.92
CA TYR RA 719 0.09 50.53 94.90
C TYR RA 719 -0.42 51.41 93.76
N LEU RA 720 -0.87 50.78 92.68
CA LEU RA 720 -1.46 51.46 91.52
C LEU RA 720 -2.90 51.92 91.80
N THR RA 721 -3.35 52.92 91.08
CA THR RA 721 -4.67 53.53 91.30
C THR RA 721 -5.48 53.50 90.02
N ARG RA 722 -6.77 53.31 90.13
CA ARG RA 722 -7.67 53.37 88.96
C ARG RA 722 -8.93 54.17 89.27
N PRO RA 723 -9.55 54.90 88.31
CA PRO RA 723 -10.86 55.53 88.50
C PRO RA 723 -12.02 54.51 88.56
N LEU RA 724 -13.09 54.81 89.30
CA LEU RA 724 -14.23 53.87 89.46
C LEU RA 724 -14.98 53.64 88.14
N ASP SA 209 -15.12 70.26 53.60
CA ASP SA 209 -15.11 70.75 52.19
C ASP SA 209 -15.06 72.28 52.13
N GLY SA 210 -16.14 73.01 52.46
CA GLY SA 210 -16.11 74.46 52.21
C GLY SA 210 -16.98 75.34 53.08
N VAL SA 211 -16.74 76.66 53.00
CA VAL SA 211 -17.54 77.70 53.71
C VAL SA 211 -19.02 77.69 53.26
N GLY SA 212 -19.30 77.50 51.96
CA GLY SA 212 -20.66 77.55 51.41
C GLY SA 212 -21.38 76.24 51.34
N ASN SA 213 -20.78 75.16 51.82
CA ASN SA 213 -21.39 73.82 51.67
C ASN SA 213 -21.80 73.24 53.02
N ALA SA 214 -23.02 72.72 53.13
CA ALA SA 214 -23.51 72.09 54.38
C ALA SA 214 -22.94 70.69 54.64
N SER SA 215 -22.42 70.44 55.83
CA SER SA 215 -21.84 69.15 56.33
C SER SA 215 -22.87 68.01 56.52
N GLY SA 216 -24.10 68.30 56.93
CA GLY SA 216 -25.16 67.30 57.16
C GLY SA 216 -26.58 67.80 57.08
N ASP SA 217 -27.56 66.91 57.20
CA ASP SA 217 -29.01 67.22 57.13
C ASP SA 217 -29.79 66.84 58.39
N TRP SA 218 -30.96 67.45 58.61
CA TRP SA 218 -31.83 67.19 59.78
C TRP SA 218 -32.60 65.87 59.66
N HIS SA 219 -32.44 64.98 60.64
CA HIS SA 219 -33.24 63.74 60.70
C HIS SA 219 -33.92 63.58 62.05
N CYS SA 220 -35.26 63.68 62.13
CA CYS SA 220 -35.99 63.39 63.39
C CYS SA 220 -37.11 62.42 63.03
N ASP SA 221 -37.02 61.14 63.41
CA ASP SA 221 -38.02 60.14 62.98
C ASP SA 221 -38.10 58.85 63.80
N SER SA 222 -39.18 58.09 63.72
CA SER SA 222 -39.29 56.73 64.30
C SER SA 222 -39.72 55.76 63.19
N THR SA 223 -39.08 54.61 63.06
CA THR SA 223 -39.51 53.55 62.11
C THR SA 223 -39.76 52.26 62.88
N TRP SA 224 -40.94 51.67 62.71
CA TRP SA 224 -41.33 50.40 63.39
C TRP SA 224 -41.33 49.27 62.38
N MET SA 225 -40.54 48.23 62.61
CA MET SA 225 -40.41 47.08 61.68
C MET SA 225 -40.49 45.72 62.39
N GLY SA 226 -41.67 45.22 62.77
CA GLY SA 226 -41.75 43.97 63.55
C GLY SA 226 -41.12 44.04 64.93
N ASP SA 227 -40.14 43.20 65.22
CA ASP SA 227 -39.43 43.15 66.53
C ASP SA 227 -38.49 44.36 66.77
N ARG SA 228 -38.20 45.18 65.77
CA ARG SA 228 -37.24 46.31 65.89
C ARG SA 228 -37.85 47.70 65.72
N VAL SA 229 -37.46 48.66 66.54
CA VAL SA 229 -37.86 50.09 66.35
C VAL SA 229 -36.54 50.91 66.25
N VAL SA 230 -36.44 51.84 65.27
CA VAL SA 230 -35.26 52.76 65.12
C VAL SA 230 -35.70 54.19 65.45
N THR SA 231 -34.96 54.88 66.32
CA THR SA 231 -35.25 56.29 66.69
C THR SA 231 -34.15 57.23 66.18
N LYS SA 232 -34.51 58.33 65.54
CA LYS SA 232 -33.56 59.38 65.08
C LYS SA 232 -33.91 60.71 65.75
N SER SA 233 -32.92 61.41 66.31
CA SER SA 233 -33.12 62.70 67.00
C SER SA 233 -32.08 63.73 66.57
N THR SA 234 -32.48 64.94 66.20
CA THR SA 234 -31.57 66.05 65.82
C THR SA 234 -31.80 67.26 66.71
N ARG SA 235 -30.74 67.87 67.22
CA ARG SA 235 -30.82 69.10 68.06
C ARG SA 235 -29.76 70.16 67.68
N THR SA 236 -29.99 71.42 68.06
CA THR SA 236 -29.02 72.53 67.88
C THR SA 236 -28.41 72.85 69.23
N TRP SA 237 -27.09 72.93 69.33
CA TRP SA 237 -26.33 73.19 70.58
C TRP SA 237 -25.44 74.44 70.54
N VAL SA 238 -25.14 75.01 71.71
CA VAL SA 238 -24.21 76.15 71.86
C VAL SA 238 -23.07 75.74 72.84
N LEU SA 239 -21.81 76.07 72.50
CA LEU SA 239 -20.67 75.82 73.43
C LEU SA 239 -19.97 77.09 73.93
N PRO SA 240 -19.97 77.35 75.26
CA PRO SA 240 -19.17 78.42 75.84
C PRO SA 240 -17.68 78.13 75.96
N SER SA 241 -16.84 79.15 76.03
CA SER SA 241 -15.40 78.89 76.35
C SER SA 241 -15.24 78.87 77.88
N TYR SA 242 -15.32 77.70 78.51
CA TYR SA 242 -15.31 77.57 80.00
C TYR SA 242 -13.94 77.72 80.65
N ASN SA 243 -13.83 78.49 81.72
CA ASN SA 243 -12.58 78.61 82.55
C ASN SA 243 -11.57 79.52 81.88
N ASN SA 244 -11.92 80.19 80.77
CA ASN SA 244 -10.99 81.04 79.97
C ASN SA 244 -9.75 80.24 79.54
N HIS SA 245 -9.94 78.99 79.07
CA HIS SA 245 -8.84 78.12 78.56
C HIS SA 245 -7.92 77.55 79.65
N GLN SA 246 -8.41 77.41 80.88
CA GLN SA 246 -7.57 76.96 82.01
C GLN SA 246 -8.20 75.80 82.82
N TYR SA 247 -7.39 75.03 83.53
CA TYR SA 247 -7.84 73.92 84.42
C TYR SA 247 -7.77 74.46 85.81
N ARG SA 248 -8.81 74.29 86.60
CA ARG SA 248 -8.84 74.85 87.98
C ARG SA 248 -9.06 73.79 89.07
N GLU SA 249 -8.25 73.85 90.13
CA GLU SA 249 -8.48 72.95 91.29
C GLU SA 249 -9.73 73.43 92.07
N ILE SA 250 -10.64 72.52 92.37
CA ILE SA 250 -11.94 72.83 93.04
C ILE SA 250 -12.05 72.00 94.33
N LYS SA 251 -12.64 72.55 95.37
CA LYS SA 251 -12.68 71.83 96.66
C LYS SA 251 -13.82 72.32 97.55
N SER SA 252 -14.28 71.49 98.47
CA SER SA 252 -15.27 71.96 99.47
C SER SA 252 -15.01 71.43 100.88
N GLY SA 253 -15.28 72.22 101.91
CA GLY SA 253 -15.35 71.78 103.32
C GLY SA 253 -16.80 71.36 103.67
N SER SA 254 -17.10 71.13 104.94
CA SER SA 254 -18.47 70.77 105.41
C SER SA 254 -19.50 71.91 105.15
N VAL SA 255 -20.70 71.58 104.65
CA VAL SA 255 -21.73 72.59 104.30
C VAL SA 255 -23.11 72.06 104.73
N ASP SA 256 -24.01 72.93 105.18
CA ASP SA 256 -25.39 72.55 105.64
C ASP SA 256 -25.29 71.57 106.81
N GLY SA 257 -24.24 71.69 107.62
CA GLY SA 257 -24.03 70.79 108.76
C GLY SA 257 -23.41 69.44 108.41
N SER SA 258 -22.99 69.17 107.18
CA SER SA 258 -22.49 67.78 106.90
C SER SA 258 -21.08 67.69 106.30
N ASN SA 259 -20.20 66.84 106.87
CA ASN SA 259 -18.84 66.51 106.33
C ASN SA 259 -18.92 65.61 105.08
N ALA SA 260 -20.04 64.93 104.81
CA ALA SA 260 -20.29 64.09 103.61
C ALA SA 260 -20.28 64.99 102.37
N ASN SA 261 -20.60 66.27 102.56
CA ASN SA 261 -20.50 67.37 101.55
C ASN SA 261 -19.06 67.66 101.07
N ALA SA 262 -18.02 67.54 101.90
CA ALA SA 262 -16.59 67.82 101.56
C ALA SA 262 -16.03 66.98 100.40
N TYR SA 263 -15.25 67.59 99.51
CA TYR SA 263 -14.63 66.94 98.32
C TYR SA 263 -13.38 67.68 97.84
N PHE SA 264 -12.51 67.02 97.07
CA PHE SA 264 -11.34 67.63 96.39
C PHE SA 264 -11.48 67.24 94.89
N GLY SA 265 -11.28 68.17 93.96
CA GLY SA 265 -11.50 67.92 92.53
C GLY SA 265 -10.88 68.89 91.53
N TYR SA 266 -11.08 68.62 90.23
CA TYR SA 266 -10.64 69.51 89.14
C TYR SA 266 -11.81 69.97 88.22
N SER SA 267 -11.82 71.23 87.79
CA SER SA 267 -12.79 71.75 86.76
C SER SA 267 -12.01 71.91 85.44
N THR SA 268 -12.63 71.66 84.31
CA THR SA 268 -11.92 71.63 83.01
C THR SA 268 -12.49 72.59 81.98
N PRO SA 269 -11.70 72.98 80.97
CA PRO SA 269 -12.15 73.81 79.85
C PRO SA 269 -13.19 73.18 78.91
N TRP SA 270 -13.28 71.87 78.81
CA TRP SA 270 -14.17 71.06 77.95
C TRP SA 270 -15.65 70.96 78.34
N GLY SA 271 -16.49 70.63 77.36
CA GLY SA 271 -17.92 70.36 77.53
C GLY SA 271 -18.23 68.99 76.95
N TYR SA 272 -19.35 68.40 77.34
CA TYR SA 272 -19.69 67.02 76.91
C TYR SA 272 -21.15 66.90 76.44
N PHE SA 273 -21.44 65.88 75.64
CA PHE SA 273 -22.82 65.57 75.16
C PHE SA 273 -23.42 64.40 75.97
N ASP SA 274 -24.61 64.55 76.54
CA ASP SA 274 -25.33 63.53 77.34
C ASP SA 274 -26.68 63.16 76.67
N PHE SA 275 -26.90 61.89 76.39
CA PHE SA 275 -28.19 61.40 75.83
C PHE SA 275 -28.91 60.40 76.76
N ASN SA 276 -28.55 60.25 78.05
CA ASN SA 276 -29.16 59.20 78.91
C ASN SA 276 -30.52 59.65 79.51
N ARG SA 277 -31.50 60.01 78.69
CA ARG SA 277 -32.89 60.29 79.10
C ARG SA 277 -33.76 59.73 77.96
N PHE SA 278 -34.89 59.09 78.27
CA PHE SA 278 -35.84 58.51 77.25
C PHE SA 278 -36.49 59.58 76.34
N HIS SA 279 -36.88 60.75 76.86
CA HIS SA 279 -37.55 61.88 76.14
C HIS SA 279 -36.60 62.43 75.05
N SER SA 280 -35.30 62.25 75.18
CA SER SA 280 -34.27 62.60 74.16
C SER SA 280 -34.50 61.79 72.86
N HIS SA 281 -34.89 60.53 72.94
CA HIS SA 281 -35.16 59.63 71.78
C HIS SA 281 -36.64 59.36 71.48
N TRP SA 282 -37.56 59.61 72.39
CA TRP SA 282 -38.97 59.15 72.23
C TRP SA 282 -40.00 60.25 72.28
N SER SA 283 -40.88 60.30 71.28
CA SER SA 283 -42.06 61.21 71.32
C SER SA 283 -43.06 60.67 72.34
N PRO SA 284 -43.93 61.52 72.91
CA PRO SA 284 -44.96 61.03 73.82
C PRO SA 284 -45.94 60.05 73.17
N ARG SA 285 -46.37 60.24 71.92
CA ARG SA 285 -47.20 59.27 71.19
C ARG SA 285 -46.48 57.92 70.94
N ASP SA 286 -45.21 57.92 70.57
CA ASP SA 286 -44.38 56.69 70.35
C ASP SA 286 -44.21 55.89 71.64
N TRP SA 287 -44.01 56.57 72.76
CA TRP SA 287 -43.92 55.94 74.09
C TRP SA 287 -45.22 55.23 74.49
N GLN SA 288 -46.38 55.82 74.19
CA GLN SA 288 -47.72 55.23 74.42
C GLN SA 288 -47.91 53.96 73.57
N ARG SA 289 -47.46 53.97 72.34
CA ARG SA 289 -47.54 52.78 71.46
C ARG SA 289 -46.73 51.60 72.03
N LEU SA 290 -45.52 51.83 72.54
CA LEU SA 290 -44.74 50.77 73.22
C LEU SA 290 -45.29 50.21 74.55
N ILE SA 291 -45.75 51.05 75.47
CA ILE SA 291 -46.27 50.66 76.82
C ILE SA 291 -47.56 49.84 76.70
N ASN SA 292 -48.44 50.21 75.78
CA ASN SA 292 -49.71 49.53 75.48
C ASN SA 292 -49.55 48.12 74.87
N ASN SA 293 -48.56 47.86 73.99
CA ASN SA 293 -48.49 46.61 73.19
C ASN SA 293 -47.34 45.62 73.38
N TYR SA 294 -46.38 45.86 74.26
CA TYR SA 294 -45.18 44.97 74.35
C TYR SA 294 -44.83 44.53 75.76
N TRP SA 295 -44.43 43.28 75.95
CA TRP SA 295 -43.89 42.75 77.24
C TRP SA 295 -42.53 43.35 77.68
N GLY SA 296 -41.61 43.58 76.74
CA GLY SA 296 -40.27 44.07 77.07
C GLY SA 296 -39.55 44.79 75.96
N PHE SA 297 -38.51 45.54 76.33
CA PHE SA 297 -37.64 46.24 75.33
C PHE SA 297 -36.17 46.24 75.79
N ARG SA 298 -35.19 46.31 74.88
CA ARG SA 298 -33.73 46.46 75.21
C ARG SA 298 -32.97 47.31 74.15
N PRO SA 299 -31.92 48.10 74.49
CA PRO SA 299 -31.05 48.76 73.49
C PRO SA 299 -30.05 47.87 72.71
N ARG SA 300 -29.81 48.14 71.43
CA ARG SA 300 -28.91 47.31 70.57
C ARG SA 300 -27.75 48.11 69.98
N SER SA 301 -28.02 49.23 69.32
CA SER SA 301 -26.97 50.00 68.61
C SER SA 301 -27.11 51.52 68.77
N LEU SA 302 -25.98 52.23 68.72
CA LEU SA 302 -25.97 53.72 68.76
C LEU SA 302 -25.09 54.34 67.64
N ARG SA 303 -25.56 55.37 66.95
CA ARG SA 303 -24.75 56.15 65.95
C ARG SA 303 -24.82 57.66 66.29
N VAL SA 304 -23.68 58.36 66.32
CA VAL SA 304 -23.63 59.84 66.60
C VAL SA 304 -22.92 60.65 65.47
N LYS SA 305 -23.51 61.75 65.03
CA LYS SA 305 -22.88 62.70 64.06
C LYS SA 305 -22.88 64.16 64.59
N ILE SA 306 -21.75 64.86 64.49
CA ILE SA 306 -21.63 66.32 64.84
C ILE SA 306 -21.28 67.09 63.55
N PHE SA 307 -22.01 68.16 63.20
CA PHE SA 307 -21.92 68.83 61.87
C PHE SA 307 -22.40 70.30 61.86
N ASN SA 308 -22.19 71.04 60.75
CA ASN SA 308 -22.61 72.46 60.53
C ASN SA 308 -22.01 73.41 61.57
N ILE SA 309 -20.74 73.22 61.87
CA ILE SA 309 -20.00 73.99 62.90
C ILE SA 309 -19.85 75.49 62.52
N GLN SA 310 -20.06 76.38 63.49
CA GLN SA 310 -19.92 77.84 63.29
C GLN SA 310 -19.20 78.46 64.50
N VAL SA 311 -18.06 79.09 64.27
CA VAL SA 311 -17.26 79.71 65.36
C VAL SA 311 -17.44 81.24 65.26
N LYS SA 312 -17.75 81.88 66.38
CA LYS SA 312 -18.03 83.33 66.45
C LYS SA 312 -17.08 84.06 67.40
N GLU SA 313 -16.65 85.26 67.04
CA GLU SA 313 -15.77 86.09 67.92
C GLU SA 313 -16.59 87.26 68.47
N VAL SA 314 -16.48 87.51 69.77
CA VAL SA 314 -17.25 88.59 70.42
C VAL SA 314 -16.25 89.69 70.82
N THR SA 315 -16.54 90.92 70.46
CA THR SA 315 -15.65 92.06 70.77
C THR SA 315 -16.42 93.16 71.43
N VAL SA 316 -15.85 93.78 72.46
CA VAL SA 316 -16.54 94.96 73.07
C VAL SA 316 -15.69 96.23 72.94
N GLN SA 317 -16.22 97.30 72.34
CA GLN SA 317 -15.52 98.61 72.37
C GLN SA 317 -16.51 99.61 72.96
N ASP SA 318 -16.19 100.20 74.11
CA ASP SA 318 -17.07 101.26 74.70
C ASP SA 318 -18.51 100.74 74.85
N SER SA 319 -18.71 99.47 75.22
CA SER SA 319 -20.06 98.90 75.50
C SER SA 319 -20.89 98.50 74.26
N THR SA 320 -20.34 98.57 73.03
CA THR SA 320 -21.05 98.10 71.80
C THR SA 320 -21.36 96.60 71.75
N THR SA 321 -20.46 95.70 72.16
CA THR SA 321 -20.64 94.21 72.04
C THR SA 321 -20.94 93.64 70.63
N THR SA 322 -20.17 93.98 69.58
CA THR SA 322 -20.32 93.34 68.23
C THR SA 322 -19.97 91.84 68.19
N ILE SA 323 -20.69 91.04 67.41
CA ILE SA 323 -20.43 89.58 67.21
C ILE SA 323 -20.14 89.28 65.73
N ALA SA 324 -19.10 88.51 65.41
CA ALA SA 324 -18.70 88.21 64.01
C ALA SA 324 -18.25 86.77 63.81
N ASN SA 325 -18.37 86.25 62.60
CA ASN SA 325 -17.84 84.91 62.23
C ASN SA 325 -16.32 84.85 62.13
N ASN SA 326 -15.68 83.80 62.65
CA ASN SA 326 -14.23 83.57 62.39
C ASN SA 326 -14.14 82.28 61.58
N LEU SA 327 -13.82 82.34 60.29
CA LEU SA 327 -13.69 81.19 59.36
C LEU SA 327 -12.55 80.22 59.67
N THR SA 328 -11.41 80.73 60.09
CA THR SA 328 -10.19 79.92 60.31
C THR SA 328 -10.09 79.28 61.70
N SER SA 329 -11.00 79.58 62.64
CA SER SA 329 -11.03 78.98 64.01
C SER SA 329 -11.46 77.48 64.04
N THR SA 330 -11.01 76.73 65.04
CA THR SA 330 -11.26 75.26 65.13
C THR SA 330 -11.98 74.82 66.40
N VAL SA 331 -12.63 73.67 66.33
CA VAL SA 331 -13.27 73.00 67.50
C VAL SA 331 -12.54 71.64 67.62
N GLN SA 332 -12.34 71.12 68.84
CA GLN SA 332 -11.67 69.81 69.11
C GLN SA 332 -12.62 68.76 69.73
N VAL SA 333 -12.69 67.57 69.16
CA VAL SA 333 -13.64 66.50 69.58
C VAL SA 333 -12.94 65.13 69.78
N PHE SA 334 -13.29 64.40 70.85
CA PHE SA 334 -12.78 63.01 71.11
C PHE SA 334 -13.79 62.12 71.88
N THR SA 335 -13.64 60.81 71.77
CA THR SA 335 -14.43 59.82 72.55
C THR SA 335 -13.51 59.02 73.46
N ASP SA 336 -13.88 58.82 74.73
CA ASP SA 336 -13.08 58.02 75.72
C ASP SA 336 -13.41 56.53 75.63
N ASP SA 337 -12.91 55.84 74.62
CA ASP SA 337 -13.20 54.40 74.33
C ASP SA 337 -12.73 53.37 75.38
N ASP SA 338 -11.58 53.54 76.02
CA ASP SA 338 -11.00 52.58 77.00
C ASP SA 338 -11.39 52.90 78.45
N TYR SA 339 -12.22 53.89 78.71
CA TYR SA 339 -12.76 54.24 80.07
C TYR SA 339 -11.67 54.69 81.03
N GLN SA 340 -10.64 55.31 80.52
CA GLN SA 340 -9.54 55.90 81.32
C GLN SA 340 -10.02 57.07 82.20
N LEU SA 341 -10.90 57.92 81.69
CA LEU SA 341 -11.47 59.05 82.44
C LEU SA 341 -12.54 58.67 83.45
N PRO SA 342 -12.74 59.48 84.51
CA PRO SA 342 -13.90 59.27 85.36
C PRO SA 342 -15.22 59.46 84.59
N TYR SA 343 -16.22 58.58 84.75
CA TYR SA 343 -17.48 58.62 83.97
C TYR SA 343 -18.59 59.26 84.81
N VAL SA 344 -19.02 60.44 84.39
CA VAL SA 344 -20.01 61.23 85.17
C VAL SA 344 -21.41 61.16 84.54
N VAL SA 345 -21.58 60.47 83.41
CA VAL SA 345 -22.85 60.42 82.63
C VAL SA 345 -24.07 59.76 83.36
N GLY SA 346 -23.92 58.73 84.16
CA GLY SA 346 -25.06 57.93 84.71
C GLY SA 346 -25.56 58.30 86.11
N ASN SA 347 -25.37 59.53 86.58
CA ASN SA 347 -25.64 60.00 87.97
C ASN SA 347 -26.87 60.93 88.11
N GLY SA 348 -27.86 60.95 87.19
CA GLY SA 348 -29.08 61.80 87.22
C GLY SA 348 -28.88 63.29 87.18
N THR SA 349 -27.91 63.75 86.40
CA THR SA 349 -27.58 65.18 86.29
C THR SA 349 -28.18 65.82 85.05
N GLU SA 350 -28.39 67.13 85.11
CA GLU SA 350 -28.94 67.96 84.01
C GLU SA 350 -27.95 68.25 82.85
N GLY SA 351 -28.42 68.73 81.70
CA GLY SA 351 -27.59 68.92 80.48
C GLY SA 351 -27.76 67.94 79.35
N CYS SA 352 -28.70 67.00 79.41
CA CYS SA 352 -29.04 66.06 78.30
C CYS SA 352 -29.78 66.79 77.16
N LEU SA 353 -29.85 66.16 75.98
CA LEU SA 353 -30.60 66.73 74.83
C LEU SA 353 -32.07 66.92 75.23
N PRO SA 354 -32.69 68.04 74.80
CA PRO SA 354 -34.07 68.33 75.18
C PRO SA 354 -35.22 67.42 74.69
N ALA SA 355 -36.30 67.30 75.45
CA ALA SA 355 -37.51 66.52 75.08
C ALA SA 355 -38.17 67.07 73.80
N PHE SA 356 -38.22 68.39 73.60
CA PHE SA 356 -38.90 69.02 72.44
C PHE SA 356 -37.85 69.36 71.38
N PRO SA 357 -37.98 68.84 70.13
CA PRO SA 357 -36.99 69.06 69.05
C PRO SA 357 -36.55 70.48 68.67
N PRO SA 358 -37.42 71.52 68.62
CA PRO SA 358 -37.07 72.91 68.38
C PRO SA 358 -36.20 73.62 69.45
N GLN SA 359 -36.20 73.16 70.69
CA GLN SA 359 -35.45 73.79 71.81
C GLN SA 359 -33.92 73.75 71.59
N VAL SA 360 -33.24 74.85 71.93
CA VAL SA 360 -31.78 74.99 71.70
C VAL SA 360 -31.09 74.91 73.07
N PHE SA 361 -30.01 74.15 73.19
CA PHE SA 361 -29.40 73.91 74.52
C PHE SA 361 -27.89 74.20 74.69
N THR SA 362 -27.53 74.63 75.89
CA THR SA 362 -26.11 74.79 76.30
C THR SA 362 -25.51 73.48 76.79
N LEU SA 363 -24.32 73.10 76.32
CA LEU SA 363 -23.58 71.91 76.82
C LEU SA 363 -23.04 72.09 78.24
N PRO SA 364 -23.15 71.04 79.09
CA PRO SA 364 -22.54 71.07 80.41
C PRO SA 364 -20.99 71.07 80.47
N GLN SA 365 -20.39 71.76 81.44
CA GLN SA 365 -18.91 71.71 81.66
C GLN SA 365 -18.47 70.43 82.40
N TYR SA 366 -17.43 69.74 81.93
CA TYR SA 366 -16.82 68.55 82.58
C TYR SA 366 -16.01 68.87 83.85
N GLY SA 367 -16.14 68.03 84.87
CA GLY SA 367 -15.46 68.14 86.15
C GLY SA 367 -15.53 66.81 86.84
N TYR SA 368 -14.75 66.60 87.90
CA TYR SA 368 -14.75 65.32 88.66
C TYR SA 368 -14.29 65.52 90.08
N ALA SA 369 -14.63 64.58 90.96
CA ALA SA 369 -14.09 64.55 92.33
C ALA SA 369 -13.14 63.36 92.47
N THR SA 370 -11.94 63.56 93.03
CA THR SA 370 -10.98 62.48 93.38
C THR SA 370 -11.07 62.25 94.88
N LEU SA 371 -10.02 61.70 95.48
CA LEU SA 371 -9.94 61.47 96.95
C LEU SA 371 -9.75 62.74 97.79
N ASN SA 372 -10.30 62.74 98.99
CA ASN SA 372 -10.20 63.89 99.94
C ASN SA 372 -9.71 63.29 101.27
N ARG SA 373 -9.01 64.06 102.09
CA ARG SA 373 -8.40 63.51 103.32
C ARG SA 373 -9.19 63.81 104.60
N ASP SA 374 -9.57 62.78 105.35
CA ASP SA 374 -10.28 62.89 106.67
C ASP SA 374 -11.57 63.71 106.66
N ASN SA 375 -12.42 63.58 105.62
CA ASN SA 375 -13.69 64.35 105.49
C ASN SA 375 -13.41 65.86 105.53
N THR SA 376 -12.36 66.32 104.83
CA THR SA 376 -11.93 67.74 104.73
C THR SA 376 -11.67 68.10 103.25
N GLU SA 377 -11.45 69.37 102.89
CA GLU SA 377 -11.19 69.85 101.49
C GLU SA 377 -9.80 69.47 100.93
N ASN SA 378 -8.85 69.06 101.77
CA ASN SA 378 -7.48 68.64 101.38
C ASN SA 378 -7.36 67.31 100.62
N PRO SA 379 -6.42 67.21 99.67
CA PRO SA 379 -6.07 65.96 98.99
C PRO SA 379 -5.18 64.90 99.70
N THR SA 380 -5.02 63.72 99.10
CA THR SA 380 -4.22 62.59 99.58
C THR SA 380 -3.17 62.28 98.53
N GLU SA 381 -2.14 61.49 98.86
CA GLU SA 381 -1.09 61.01 97.92
C GLU SA 381 -1.71 60.15 96.80
N ARG SA 382 -2.72 59.35 97.08
CA ARG SA 382 -3.50 58.54 96.10
C ARG SA 382 -4.34 59.42 95.14
N SER SA 383 -4.66 60.67 95.50
CA SER SA 383 -5.50 61.60 94.69
C SER SA 383 -4.88 61.85 93.30
N SER SA 384 -5.68 61.85 92.25
CA SER SA 384 -5.24 61.85 90.83
C SER SA 384 -5.67 63.07 89.98
N PHE SA 385 -4.79 63.51 89.11
CA PHE SA 385 -5.08 64.60 88.14
C PHE SA 385 -5.11 64.00 86.73
N PHE SA 386 -6.12 64.34 85.97
CA PHE SA 386 -6.23 63.88 84.56
C PHE SA 386 -6.25 65.06 83.60
N CYS SA 387 -5.40 65.04 82.57
CA CYS SA 387 -5.37 66.04 81.47
C CYS SA 387 -6.09 65.51 80.20
N LEU SA 388 -7.11 66.20 79.69
CA LEU SA 388 -7.86 65.85 78.43
C LEU SA 388 -6.99 66.04 77.18
N GLU SA 389 -6.10 67.04 77.16
CA GLU SA 389 -5.21 67.36 76.03
C GLU SA 389 -4.15 66.25 75.82
N TYR SA 390 -3.90 65.42 76.82
CA TYR SA 390 -3.01 64.23 76.72
C TYR SA 390 -3.59 63.21 75.73
N PHE SA 391 -4.89 63.01 75.65
CA PHE SA 391 -5.55 62.14 74.64
C PHE SA 391 -5.49 62.73 73.23
N PRO SA 392 -5.43 61.93 72.15
CA PRO SA 392 -5.64 62.46 70.79
C PRO SA 392 -7.07 62.96 70.41
N SER SA 393 -7.24 64.08 69.69
CA SER SA 393 -8.55 64.63 69.28
C SER SA 393 -8.63 65.09 67.81
N LYS SA 394 -9.79 64.97 67.17
CA LYS SA 394 -10.03 65.53 65.82
C LYS SA 394 -10.15 67.07 65.87
N MET SA 395 -9.62 67.78 64.88
CA MET SA 395 -9.74 69.26 64.80
C MET SA 395 -10.67 69.64 63.62
N LEU SA 396 -11.68 70.47 63.90
CA LEU SA 396 -12.67 70.82 62.85
C LEU SA 396 -12.83 72.30 62.58
N ARG SA 397 -12.75 72.69 61.32
CA ARG SA 397 -13.14 74.04 60.83
C ARG SA 397 -14.64 73.98 60.39
N THR SA 398 -15.23 75.09 59.90
CA THR SA 398 -16.66 75.22 59.44
C THR SA 398 -17.09 74.19 58.41
N GLY SA 399 -16.26 73.80 57.45
CA GLY SA 399 -16.46 72.69 56.48
C GLY SA 399 -16.54 71.30 57.05
N ASN SA 400 -15.79 70.97 58.10
CA ASN SA 400 -15.61 69.62 58.71
C ASN SA 400 -16.74 69.00 59.56
N ASN SA 401 -16.78 67.68 59.67
CA ASN SA 401 -17.82 66.91 60.44
C ASN SA 401 -17.16 65.76 61.23
N PHE SA 402 -17.82 65.24 62.28
CA PHE SA 402 -17.36 64.08 63.08
C PHE SA 402 -18.44 62.98 63.18
N GLU SA 403 -18.05 61.70 63.08
CA GLU SA 403 -19.01 60.57 63.26
C GLU SA 403 -18.49 59.47 64.21
N PHE SA 404 -19.36 58.82 65.00
CA PHE SA 404 -19.01 57.64 65.88
C PHE SA 404 -20.11 56.53 65.81
N THR SA 405 -19.74 55.26 66.00
CA THR SA 405 -20.68 54.09 66.06
C THR SA 405 -20.41 53.24 67.30
N TYR SA 406 -21.45 52.73 67.97
CA TYR SA 406 -21.31 51.84 69.16
C TYR SA 406 -22.29 50.65 69.14
N ASN SA 407 -21.89 49.50 69.70
CA ASN SA 407 -22.79 48.32 69.88
C ASN SA 407 -22.95 48.02 71.36
N PHE SA 408 -24.17 47.82 71.81
CA PHE SA 408 -24.45 47.50 73.24
C PHE SA 408 -24.12 46.03 73.50
N GLU SA 409 -23.67 45.68 74.70
CA GLU SA 409 -23.45 44.27 75.13
C GLU SA 409 -24.81 43.57 75.36
N GLU SA 410 -24.84 42.24 75.33
CA GLU SA 410 -26.10 41.54 75.65
C GLU SA 410 -26.56 41.89 77.08
N VAL SA 411 -27.83 42.22 77.22
CA VAL SA 411 -28.41 42.66 78.53
C VAL SA 411 -29.81 42.05 78.59
N PRO SA 412 -30.37 41.78 79.79
CA PRO SA 412 -31.76 41.34 79.87
C PRO SA 412 -32.81 42.40 79.48
N PHE SA 413 -33.93 42.01 78.87
CA PHE SA 413 -35.04 42.95 78.52
C PHE SA 413 -35.68 43.53 79.77
N HIS SA 414 -36.04 44.81 79.78
CA HIS SA 414 -36.85 45.41 80.88
C HIS SA 414 -38.24 44.76 80.87
N SER SA 415 -38.85 44.55 82.04
CA SER SA 415 -40.20 43.95 82.13
C SER SA 415 -41.31 45.00 82.15
N SER SA 416 -41.99 45.22 81.02
CA SER SA 416 -43.14 46.15 80.90
C SER SA 416 -44.47 45.42 81.14
N PHE SA 417 -44.70 44.92 82.34
CA PHE SA 417 -45.94 44.19 82.68
C PHE SA 417 -46.14 44.25 84.18
N ALA SA 418 -47.39 44.05 84.60
CA ALA SA 418 -47.75 43.98 86.03
C ALA SA 418 -48.23 42.55 86.30
N PRO SA 419 -47.84 41.93 87.44
CA PRO SA 419 -48.39 40.63 87.81
C PRO SA 419 -49.91 40.56 88.11
N SER SA 420 -50.56 39.52 87.60
CA SER SA 420 -52.01 39.29 87.82
C SER SA 420 -52.28 38.35 89.01
N GLN SA 421 -51.24 37.84 89.68
CA GLN SA 421 -51.41 36.99 90.89
C GLN SA 421 -50.51 37.40 92.05
N ASN SA 422 -50.98 37.23 93.28
CA ASN SA 422 -50.19 37.38 94.54
C ASN SA 422 -49.21 36.19 94.69
N LEU SA 423 -47.98 36.44 95.18
CA LEU SA 423 -46.91 35.42 95.39
C LEU SA 423 -47.35 34.34 96.39
N PHE SA 424 -48.08 34.72 97.44
CA PHE SA 424 -48.59 33.80 98.48
C PHE SA 424 -49.96 33.10 98.17
N LYS SA 425 -50.66 33.37 97.05
CA LYS SA 425 -52.00 32.81 96.70
C LYS SA 425 -51.96 31.84 95.48
N LEU SA 426 -50.90 31.07 95.26
CA LEU SA 426 -50.70 30.22 94.03
C LEU SA 426 -51.27 28.78 94.10
N ALA SA 427 -51.66 28.30 95.27
CA ALA SA 427 -52.33 26.99 95.39
C ALA SA 427 -53.73 27.08 94.78
N ASN SA 428 -54.24 25.97 94.22
CA ASN SA 428 -55.62 25.93 93.69
C ASN SA 428 -56.58 26.24 94.86
N PRO SA 429 -57.55 27.14 94.65
CA PRO SA 429 -58.55 27.46 95.67
C PRO SA 429 -59.49 26.28 96.09
N LEU SA 430 -59.91 25.41 95.16
CA LEU SA 430 -60.72 24.18 95.34
C LEU SA 430 -60.10 23.02 96.12
N VAL SA 431 -58.80 22.78 96.01
CA VAL SA 431 -58.14 21.56 96.58
C VAL SA 431 -57.28 21.77 97.85
N ASP SA 432 -57.46 20.93 98.87
CA ASP SA 432 -56.62 20.90 100.12
C ASP SA 432 -55.20 20.35 99.92
N GLN SA 433 -54.24 20.82 100.69
CA GLN SA 433 -52.86 20.29 100.70
C GLN SA 433 -52.71 18.93 101.42
N TYR SA 434 -51.77 18.07 101.03
CA TYR SA 434 -51.45 16.83 101.80
C TYR SA 434 -50.45 17.12 102.95
N LEU SA 435 -50.44 18.32 103.49
CA LEU SA 435 -49.43 18.77 104.48
C LEU SA 435 -50.11 19.28 105.75
N TYR SA 436 -49.43 19.16 106.89
CA TYR SA 436 -50.04 19.48 108.19
C TYR SA 436 -49.20 20.47 108.98
N ARG SA 437 -49.83 21.21 109.88
CA ARG SA 437 -49.15 22.26 110.68
C ARG SA 437 -49.43 22.07 112.18
N PHE SA 438 -48.51 22.55 113.03
CA PHE SA 438 -48.72 22.51 114.49
C PHE SA 438 -49.59 23.67 114.88
N VAL SA 439 -50.64 23.37 115.63
CA VAL SA 439 -51.55 24.43 116.09
C VAL SA 439 -51.68 24.52 117.61
N SER SA 440 -51.27 23.49 118.36
CA SER SA 440 -51.65 23.46 119.79
C SER SA 440 -50.86 22.54 120.73
N THR SA 441 -51.00 22.78 122.01
CA THR SA 441 -50.46 21.88 123.04
C THR SA 441 -51.65 21.60 123.98
N ASN SA 442 -51.80 20.40 124.51
CA ASN SA 442 -52.91 20.04 125.48
C ASN SA 442 -52.57 20.41 126.95
N ASN SA 443 -53.42 20.04 127.93
CA ASN SA 443 -53.22 20.40 129.36
C ASN SA 443 -51.89 19.81 129.85
N THR SA 444 -51.51 18.61 129.46
CA THR SA 444 -50.14 18.11 129.64
C THR SA 444 -49.55 18.64 128.37
N GLY SA 445 -48.35 19.19 128.32
CA GLY SA 445 -47.99 19.91 127.08
C GLY SA 445 -47.67 19.05 125.87
N GLY SA 446 -48.66 18.33 125.33
CA GLY SA 446 -48.47 17.41 124.19
C GLY SA 446 -48.88 18.04 122.89
N VAL SA 447 -48.04 17.93 121.86
CA VAL SA 447 -48.26 18.61 120.54
C VAL SA 447 -49.48 18.11 119.74
N GLN SA 448 -50.16 19.02 119.05
CA GLN SA 448 -51.39 18.71 118.28
C GLN SA 448 -51.27 19.29 116.86
N PHE SA 449 -51.91 18.65 115.88
CA PHE SA 449 -51.76 19.05 114.45
C PHE SA 449 -53.09 19.13 113.71
N ASN SA 450 -53.16 19.97 112.67
CA ASN SA 450 -54.36 20.11 111.80
C ASN SA 450 -53.93 20.12 110.35
N LYS SA 451 -54.74 19.60 109.45
CA LYS SA 451 -54.51 19.63 107.98
C LYS SA 451 -54.73 21.02 107.37
N ASN SA 452 -54.05 21.32 106.27
CA ASN SA 452 -54.19 22.63 105.59
C ASN SA 452 -55.35 22.58 104.57
N LEU SA 453 -56.39 23.37 104.77
CA LEU SA 453 -57.61 23.42 103.92
C LEU SA 453 -57.51 24.28 102.65
N ALA SA 454 -58.38 24.04 101.68
CA ALA SA 454 -58.40 24.80 100.40
C ALA SA 454 -58.73 26.30 100.59
N GLY SA 455 -57.93 27.18 99.98
CA GLY SA 455 -58.11 28.64 100.02
C GLY SA 455 -57.59 29.33 101.27
N ARG SA 456 -57.03 28.60 102.23
CA ARG SA 456 -56.53 29.16 103.51
C ARG SA 456 -55.05 29.62 103.33
N TYR SA 457 -54.83 30.74 102.63
CA TYR SA 457 -53.49 31.29 102.21
C TYR SA 457 -52.66 31.70 103.43
N ALA SA 458 -53.32 32.09 104.51
CA ALA SA 458 -52.65 32.41 105.78
C ALA SA 458 -51.86 31.20 106.30
N ASN SA 459 -52.34 29.96 106.14
CA ASN SA 459 -51.73 28.73 106.73
C ASN SA 459 -51.16 27.70 105.74
N THR SA 460 -50.63 28.04 104.59
CA THR SA 460 -50.29 27.11 103.49
C THR SA 460 -48.78 27.04 103.38
N TYR SA 461 -48.22 25.89 103.04
CA TYR SA 461 -46.76 25.73 102.80
C TYR SA 461 -46.40 26.53 101.55
N LYS SA 462 -45.26 27.20 101.56
CA LYS SA 462 -44.86 28.09 100.44
C LYS SA 462 -43.50 27.74 99.85
N ASN SA 463 -43.37 27.61 98.54
CA ASN SA 463 -42.06 27.47 97.81
C ASN SA 463 -41.16 28.71 97.76
N TRP SA 464 -41.72 29.90 97.62
CA TRP SA 464 -40.95 31.11 97.26
C TRP SA 464 -41.19 32.27 98.19
N PHE SA 465 -40.22 33.16 98.27
CA PHE SA 465 -40.27 34.26 99.26
C PHE SA 465 -40.10 35.59 98.58
N PRO SA 466 -40.65 36.66 99.18
CA PRO SA 466 -40.47 38.02 98.69
C PRO SA 466 -39.06 38.62 98.81
N GLY SA 467 -38.76 39.63 98.02
CA GLY SA 467 -37.44 40.29 97.97
C GLY SA 467 -37.05 41.16 99.15
N PRO SA 468 -35.77 41.58 99.25
CA PRO SA 468 -35.26 42.32 100.40
C PRO SA 468 -35.84 43.70 100.75
N MET SA 469 -35.96 44.01 102.04
CA MET SA 469 -36.61 45.26 102.47
C MET SA 469 -35.85 46.04 103.57
N GLY SA 470 -35.89 47.37 103.60
CA GLY SA 470 -35.43 48.19 104.74
C GLY SA 470 -36.50 49.21 105.09
N ARG SA 471 -36.94 49.37 106.33
CA ARG SA 471 -38.08 50.31 106.62
C ARG SA 471 -37.77 51.81 106.36
N THR SA 472 -38.67 52.54 105.69
CA THR SA 472 -38.55 53.97 105.34
C THR SA 472 -39.83 54.69 105.73
N GLN SA 473 -39.76 55.92 106.23
CA GLN SA 473 -40.95 56.64 106.77
C GLN SA 473 -42.01 56.93 105.69
N GLY SA 474 -43.29 56.82 106.05
CA GLY SA 474 -44.42 57.09 105.14
C GLY SA 474 -45.09 58.42 105.42
N TRP SA 475 -45.33 59.20 104.38
CA TRP SA 475 -45.99 60.53 104.49
C TRP SA 475 -47.26 60.58 103.63
N ASN SA 476 -48.34 61.10 104.20
CA ASN SA 476 -49.63 61.25 103.47
C ASN SA 476 -49.60 62.42 102.48
N LEU SA 477 -50.31 62.30 101.37
CA LEU SA 477 -50.36 63.32 100.29
C LEU SA 477 -51.83 63.66 100.09
N GLY SA 478 -52.17 64.79 99.47
CA GLY SA 478 -53.58 65.21 99.33
C GLY SA 478 -54.24 65.51 100.66
N SER SA 479 -55.31 64.80 101.00
CA SER SA 479 -56.02 65.01 102.28
C SER SA 479 -55.06 64.71 103.43
N GLY SA 480 -54.22 63.67 103.36
CA GLY SA 480 -53.10 63.56 104.33
C GLY SA 480 -53.45 63.48 105.79
N VAL SA 481 -52.94 64.39 106.62
CA VAL SA 481 -53.08 64.38 108.13
C VAL SA 481 -51.71 64.07 108.81
N ASN SA 482 -50.57 64.38 108.19
CA ASN SA 482 -49.18 64.23 108.75
C ASN SA 482 -48.78 65.21 109.88
N ARG SA 483 -47.75 64.88 110.67
CA ARG SA 483 -47.20 65.74 111.78
C ARG SA 483 -46.61 67.09 111.33
N ALA SA 484 -46.88 68.17 112.07
CA ALA SA 484 -46.50 69.57 111.74
C ALA SA 484 -45.08 70.02 112.09
N SER SA 485 -44.54 70.99 111.35
CA SER SA 485 -43.23 71.66 111.65
C SER SA 485 -42.02 70.73 111.78
N VAL SA 486 -41.89 69.75 110.91
CA VAL SA 486 -40.80 68.74 111.02
C VAL SA 486 -39.59 69.10 110.14
N SER SA 487 -38.37 68.95 110.66
CA SER SA 487 -37.16 69.04 109.81
C SER SA 487 -36.79 67.58 109.50
N ALA SA 488 -36.81 67.18 108.24
CA ALA SA 488 -36.62 65.77 107.80
C ALA SA 488 -35.25 65.11 108.03
N PHE SA 489 -34.10 65.79 107.91
CA PHE SA 489 -32.75 65.16 107.80
C PHE SA 489 -32.26 64.27 108.97
N ALA SA 490 -32.50 64.60 110.23
CA ALA SA 490 -32.02 63.80 111.39
C ALA SA 490 -32.62 62.39 111.38
N THR SA 491 -33.88 62.23 110.99
CA THR SA 491 -34.59 60.94 111.02
C THR SA 491 -34.57 60.19 109.69
N THR SA 492 -33.85 60.66 108.67
CA THR SA 492 -33.72 60.00 107.35
C THR SA 492 -32.84 58.75 107.37
N ASN SA 493 -33.04 57.83 106.42
CA ASN SA 493 -32.21 56.60 106.26
C ASN SA 493 -30.78 56.94 105.81
N ARG SA 494 -29.78 56.24 106.35
CA ARG SA 494 -28.37 56.58 106.05
C ARG SA 494 -27.45 55.37 105.96
N MET SA 495 -26.34 55.48 105.23
CA MET SA 495 -25.28 54.44 105.19
C MET SA 495 -23.96 55.17 105.54
N GLU SA 496 -23.03 54.52 106.25
CA GLU SA 496 -21.76 55.16 106.71
C GLU SA 496 -20.58 54.72 105.83
N LEU SA 497 -19.83 55.67 105.23
CA LEU SA 497 -18.61 55.36 104.44
C LEU SA 497 -17.45 56.23 104.91
N GLU SA 498 -16.26 55.70 105.21
CA GLU SA 498 -15.01 56.46 105.52
C GLU SA 498 -15.18 57.47 106.66
N GLY SA 499 -15.95 57.18 107.70
CA GLY SA 499 -16.22 58.16 108.76
C GLY SA 499 -17.31 59.20 108.51
N ALA SA 500 -18.10 59.13 107.44
CA ALA SA 500 -19.21 60.10 107.27
C ALA SA 500 -20.57 59.42 107.04
N SER SA 501 -21.68 60.07 107.42
CA SER SA 501 -23.06 59.54 107.23
C SER SA 501 -23.66 60.12 105.94
N TYR SA 502 -24.15 59.25 105.09
CA TYR SA 502 -24.71 59.69 103.78
C TYR SA 502 -26.15 59.30 103.60
N GLN SA 503 -26.96 60.23 103.15
CA GLN SA 503 -28.33 59.85 102.70
C GLN SA 503 -28.15 59.07 101.40
N VAL SA 504 -28.96 58.06 101.18
CA VAL SA 504 -28.92 57.20 99.97
C VAL SA 504 -30.36 57.31 99.46
N PRO SA 505 -30.73 58.43 98.80
CA PRO SA 505 -32.10 58.76 98.46
C PRO SA 505 -32.86 57.81 97.60
N PRO SA 506 -32.39 57.11 96.55
CA PRO SA 506 -33.23 56.06 95.96
C PRO SA 506 -32.92 54.94 96.96
N GLN SA 507 -33.88 54.23 97.50
CA GLN SA 507 -33.44 53.08 98.36
C GLN SA 507 -33.02 51.89 97.45
N PRO SA 508 -32.38 50.80 97.92
CA PRO SA 508 -32.09 49.61 97.11
C PRO SA 508 -33.33 48.78 96.60
N ASN SA 509 -33.28 48.08 95.46
CA ASN SA 509 -34.45 47.35 94.84
C ASN SA 509 -35.15 46.23 95.65
N GLY SA 510 -36.41 45.91 95.33
CA GLY SA 510 -37.24 44.88 96.01
C GLY SA 510 -38.36 45.36 96.90
N MET SA 511 -38.63 46.66 96.91
CA MET SA 511 -39.74 47.21 97.71
C MET SA 511 -40.77 47.99 96.88
N THR SA 512 -41.95 48.25 97.44
CA THR SA 512 -42.94 49.17 96.83
C THR SA 512 -43.17 50.36 97.75
N ASN SA 513 -43.05 51.60 97.26
CA ASN SA 513 -43.37 52.89 97.97
C ASN SA 513 -44.86 53.13 98.30
N ASN SA 514 -45.81 52.78 97.44
CA ASN SA 514 -47.26 53.11 97.61
C ASN SA 514 -48.13 51.86 97.44
N LEU SA 515 -49.13 51.64 98.30
CA LEU SA 515 -50.09 50.49 98.18
C LEU SA 515 -51.09 50.45 96.96
N GLN SA 516 -51.75 51.53 96.51
CA GLN SA 516 -52.81 51.55 95.44
C GLN SA 516 -54.03 52.18 96.11
N GLY SA 517 -54.69 53.12 95.45
CA GLY SA 517 -55.62 53.90 96.28
C GLY SA 517 -54.63 54.58 97.21
N SER SA 518 -54.69 54.38 98.51
CA SER SA 518 -53.79 54.98 99.53
C SER SA 518 -52.99 56.26 99.17
N ASN SA 519 -52.94 57.17 100.13
CA ASN SA 519 -52.20 58.44 99.96
C ASN SA 519 -50.90 58.41 100.76
N THR SA 520 -50.52 57.25 101.31
CA THR SA 520 -49.22 57.09 102.00
C THR SA 520 -48.13 56.73 101.01
N TYR SA 521 -47.04 57.47 101.05
CA TYR SA 521 -45.89 57.25 100.15
C TYR SA 521 -44.65 57.26 100.98
N ALA SA 522 -43.75 56.34 100.67
CA ALA SA 522 -42.44 56.43 101.34
C ALA SA 522 -41.59 57.33 100.42
N LEU SA 523 -41.37 58.59 100.80
CA LEU SA 523 -40.74 59.64 99.96
C LEU SA 523 -39.27 59.37 99.55
N GLU SA 524 -38.47 58.76 100.43
CA GLU SA 524 -37.06 58.43 100.14
C GLU SA 524 -36.95 57.16 99.26
N ASN SA 525 -38.02 56.45 98.98
CA ASN SA 525 -38.05 55.31 98.02
C ASN SA 525 -38.66 55.73 96.66
N THR SA 526 -38.93 57.01 96.44
CA THR SA 526 -39.64 57.46 95.20
C THR SA 526 -38.80 58.40 94.35
N MET SA 527 -38.82 58.22 93.03
CA MET SA 527 -38.23 59.21 92.09
C MET SA 527 -39.14 60.45 92.05
N ILE SA 528 -38.59 61.63 92.32
CA ILE SA 528 -39.35 62.92 92.26
C ILE SA 528 -38.77 63.81 91.14
N PHE SA 529 -39.62 64.35 90.29
CA PHE SA 529 -39.22 65.13 89.09
C PHE SA 529 -39.98 66.44 89.04
N ASN SA 530 -39.49 67.42 88.29
CA ASN SA 530 -40.18 68.71 88.06
C ASN SA 530 -40.74 68.71 86.63
N SER SA 531 -41.96 69.19 86.42
CA SER SA 531 -42.56 69.33 85.07
C SER SA 531 -41.75 70.32 84.22
N GLN SA 532 -41.28 71.41 84.81
CA GLN SA 532 -40.50 72.47 84.12
C GLN SA 532 -39.03 72.45 84.52
N PRO SA 533 -38.07 72.80 83.64
CA PRO SA 533 -36.66 72.94 84.01
C PRO SA 533 -36.41 74.10 84.96
N ALA SA 534 -35.37 73.99 85.78
CA ALA SA 534 -35.09 75.00 86.83
C ALA SA 534 -33.76 75.70 86.63
N ASN SA 535 -33.67 76.93 87.13
CA ASN SA 535 -32.41 77.70 87.13
C ASN SA 535 -31.39 77.07 88.09
N PRO SA 536 -30.08 77.12 87.80
CA PRO SA 536 -29.08 76.58 88.71
C PRO SA 536 -28.95 77.23 90.09
N GLY SA 537 -28.79 76.42 91.14
CA GLY SA 537 -28.58 76.90 92.50
C GLY SA 537 -29.84 77.30 93.24
N THR SA 538 -31.02 77.03 92.70
CA THR SA 538 -32.27 77.46 93.35
C THR SA 538 -32.38 76.84 94.74
N THR SA 539 -32.82 77.61 95.73
CA THR SA 539 -33.06 77.12 97.10
C THR SA 539 -34.54 77.24 97.44
N ALA SA 540 -35.40 77.49 96.45
CA ALA SA 540 -36.87 77.68 96.65
C ALA SA 540 -37.61 76.44 97.18
N THR SA 541 -38.58 76.63 98.08
CA THR SA 541 -39.45 75.51 98.54
C THR SA 541 -40.42 75.13 97.45
N TYR SA 542 -40.69 73.84 97.29
CA TYR SA 542 -41.68 73.35 96.31
C TYR SA 542 -42.74 72.54 97.02
N LEU SA 543 -44.00 72.85 96.77
CA LEU SA 543 -45.15 72.05 97.26
C LEU SA 543 -45.44 70.86 96.32
N GLU SA 544 -46.31 69.94 96.71
CA GLU SA 544 -46.66 68.70 95.97
C GLU SA 544 -47.25 68.96 94.57
N GLY SA 545 -48.07 70.01 94.39
CA GLY SA 545 -48.70 70.32 93.11
C GLY SA 545 -47.70 70.60 92.01
N ASN SA 546 -46.61 71.30 92.30
CA ASN SA 546 -45.49 71.49 91.33
C ASN SA 546 -44.79 70.17 90.98
N MET SA 547 -44.62 69.23 91.91
CA MET SA 547 -43.80 68.00 91.68
C MET SA 547 -44.47 66.86 90.91
N LEU SA 548 -43.68 66.04 90.22
CA LEU SA 548 -44.21 64.82 89.57
C LEU SA 548 -43.75 63.64 90.44
N ILE SA 549 -44.67 62.93 91.09
CA ILE SA 549 -44.29 61.85 92.06
C ILE SA 549 -44.73 60.47 91.53
N THR SA 550 -43.79 59.56 91.39
CA THR SA 550 -44.01 58.18 90.88
C THR SA 550 -44.57 57.21 91.91
N SER SA 551 -45.25 56.16 91.47
CA SER SA 551 -45.82 55.09 92.33
C SER SA 551 -45.37 53.75 91.77
N GLU SA 552 -45.06 52.79 92.63
CA GLU SA 552 -44.60 51.43 92.24
C GLU SA 552 -45.70 50.41 92.60
N SER SA 553 -46.96 50.81 92.71
CA SER SA 553 -48.10 49.98 93.20
C SER SA 553 -48.35 48.72 92.36
N GLU SA 554 -47.97 48.67 91.09
CA GLU SA 554 -48.07 47.46 90.20
C GLU SA 554 -47.25 46.28 90.75
N THR SA 555 -46.10 46.51 91.38
CA THR SA 555 -45.18 45.47 91.89
C THR SA 555 -45.58 44.95 93.28
N GLN SA 556 -46.67 45.46 93.89
CA GLN SA 556 -47.13 45.11 95.26
C GLN SA 556 -47.46 43.61 95.42
N PRO SA 557 -48.03 42.87 94.44
CA PRO SA 557 -48.18 41.42 94.54
C PRO SA 557 -46.89 40.62 94.87
N VAL SA 558 -45.68 41.05 94.47
CA VAL SA 558 -44.35 40.47 94.85
C VAL SA 558 -43.40 41.37 95.67
N ASN SA 559 -43.69 42.64 95.95
CA ASN SA 559 -42.70 43.53 96.61
C ASN SA 559 -43.26 44.03 97.92
N ARG SA 560 -42.49 43.93 98.99
CA ARG SA 560 -42.94 44.38 100.32
C ARG SA 560 -43.06 45.91 100.42
N VAL SA 561 -44.00 46.40 101.21
CA VAL SA 561 -44.17 47.87 101.43
C VAL SA 561 -43.08 48.45 102.36
N ALA SA 562 -42.43 49.56 101.94
CA ALA SA 562 -41.33 50.24 102.67
C ALA SA 562 -41.73 50.83 104.03
N TYR SA 563 -42.89 51.44 104.14
CA TYR SA 563 -43.38 52.06 105.41
C TYR SA 563 -43.62 51.01 106.53
N ASN SA 564 -44.12 49.82 106.20
CA ASN SA 564 -44.46 48.74 107.16
C ASN SA 564 -43.28 47.88 107.64
N VAL SA 565 -43.40 47.19 108.78
CA VAL SA 565 -42.42 46.15 109.27
C VAL SA 565 -42.45 44.90 108.34
N GLY SA 566 -41.32 44.24 108.08
CA GLY SA 566 -41.18 43.02 107.25
C GLY SA 566 -41.84 41.71 107.70
N GLY SA 567 -41.82 41.37 108.99
CA GLY SA 567 -42.30 40.07 109.48
C GLY SA 567 -41.93 39.87 110.94
N GLN SA 568 -42.11 38.66 111.47
CA GLN SA 568 -41.76 38.31 112.88
C GLN SA 568 -40.91 37.02 112.96
N MET SA 569 -40.01 36.89 113.95
CA MET SA 569 -39.17 35.69 114.20
C MET SA 569 -39.16 35.35 115.71
N ALA SA 570 -38.82 34.11 116.10
CA ALA SA 570 -38.72 33.67 117.52
C ALA SA 570 -37.57 34.33 118.31
N THR SA 571 -37.86 34.74 119.54
CA THR SA 571 -36.88 35.43 120.40
C THR SA 571 -36.53 34.65 121.68
N ASN SA 572 -37.01 33.43 121.86
CA ASN SA 572 -36.86 32.71 123.16
C ASN SA 572 -37.00 31.20 122.97
N ASN SA 573 -36.75 30.45 124.03
CA ASN SA 573 -37.03 28.99 124.04
C ASN SA 573 -38.21 28.76 124.99
N GLN SA 574 -39.27 28.10 124.53
CA GLN SA 574 -40.46 27.75 125.37
C GLN SA 574 -40.11 26.65 126.40
N SER SA 575 -40.79 26.63 127.53
CA SER SA 575 -40.56 25.64 128.61
C SER SA 575 -41.88 25.55 129.40
N SER SA 576 -42.02 24.58 130.29
CA SER SA 576 -43.25 24.58 131.13
C SER SA 576 -43.31 25.88 131.92
N THR SA 577 -42.20 26.38 132.47
CA THR SA 577 -42.12 27.70 133.13
C THR SA 577 -42.33 28.87 132.18
N THR SA 578 -41.83 28.84 130.93
CA THR SA 578 -41.86 30.01 130.04
C THR SA 578 -42.72 29.89 128.79
N ALA SA 579 -43.62 30.86 128.57
CA ALA SA 579 -44.43 30.94 127.33
C ALA SA 579 -43.59 31.33 126.11
N PRO SA 580 -43.94 30.88 124.89
CA PRO SA 580 -43.25 31.31 123.68
C PRO SA 580 -43.40 32.79 123.30
N ALA SA 581 -42.37 33.42 122.70
CA ALA SA 581 -42.36 34.87 122.35
C ALA SA 581 -41.85 35.13 120.93
N THR SA 582 -42.32 36.20 120.29
CA THR SA 582 -41.88 36.61 118.94
C THR SA 582 -41.45 38.06 118.93
N GLY SA 583 -40.63 38.44 117.94
CA GLY SA 583 -40.28 39.87 117.75
C GLY SA 583 -40.34 40.31 116.30
N THR SA 584 -40.81 41.52 116.03
CA THR SA 584 -40.80 42.10 114.64
C THR SA 584 -39.42 42.55 114.20
N TYR SA 585 -39.15 42.52 112.89
CA TYR SA 585 -37.87 43.02 112.30
C TYR SA 585 -38.13 44.21 111.32
N ASN SA 586 -37.24 45.22 111.25
CA ASN SA 586 -37.39 46.42 110.36
C ASN SA 586 -36.54 46.29 109.09
N LEU SA 587 -35.65 45.29 109.01
CA LEU SA 587 -34.82 45.07 107.80
C LEU SA 587 -34.57 43.58 107.54
N GLN SA 588 -34.47 43.18 106.28
CA GLN SA 588 -34.08 41.79 105.89
C GLN SA 588 -33.37 41.88 104.55
N GLU SA 589 -32.50 40.93 104.24
CA GLU SA 589 -31.68 40.96 103.01
C GLU SA 589 -31.97 39.67 102.24
N ILE SA 590 -31.23 39.41 101.17
CA ILE SA 590 -31.48 38.24 100.27
C ILE SA 590 -31.39 36.89 100.97
N VAL SA 591 -32.32 36.00 100.62
CA VAL SA 591 -32.40 34.63 101.18
C VAL SA 591 -32.55 33.73 99.94
N PRO SA 592 -32.14 32.45 99.97
CA PRO SA 592 -32.39 31.57 98.83
C PRO SA 592 -33.89 31.34 98.55
N GLY SA 593 -34.30 31.28 97.28
CA GLY SA 593 -35.73 31.22 96.89
C GLY SA 593 -36.43 32.58 96.81
N SER SA 594 -35.69 33.67 96.94
CA SER SA 594 -36.17 35.07 96.85
C SER SA 594 -36.55 35.51 95.42
N VAL SA 595 -37.69 36.17 95.26
CA VAL SA 595 -38.18 36.70 93.94
C VAL SA 595 -38.60 38.18 94.14
N TRP SA 596 -38.33 39.04 93.17
CA TRP SA 596 -38.74 40.48 93.22
C TRP SA 596 -38.83 41.09 91.82
N MET SA 597 -39.43 42.26 91.73
CA MET SA 597 -39.47 43.06 90.48
C MET SA 597 -38.60 44.33 90.61
N GLU SA 598 -37.79 44.63 89.60
CA GLU SA 598 -36.96 45.87 89.55
C GLU SA 598 -37.81 47.13 89.31
N ARG SA 599 -37.29 48.30 89.65
CA ARG SA 599 -37.98 49.60 89.45
C ARG SA 599 -38.31 49.88 87.97
N ASP SA 600 -39.47 50.50 87.71
CA ASP SA 600 -39.94 50.87 86.36
C ASP SA 600 -39.19 52.06 85.74
N VAL SA 601 -39.02 52.05 84.43
CA VAL SA 601 -38.48 53.21 83.66
C VAL SA 601 -39.57 54.27 83.39
N TYR SA 602 -39.17 55.52 83.20
CA TYR SA 602 -40.09 56.65 82.91
C TYR SA 602 -39.59 57.36 81.67
N LEU SA 603 -40.46 58.03 80.94
CA LEU SA 603 -40.06 58.84 79.74
C LEU SA 603 -39.11 59.98 80.19
N GLN SA 604 -39.37 60.65 81.29
CA GLN SA 604 -38.51 61.68 81.96
C GLN SA 604 -37.19 61.09 82.51
N GLY SA 605 -37.13 59.80 82.87
CA GLY SA 605 -35.96 59.11 83.42
C GLY SA 605 -34.77 58.64 82.59
N PRO SA 606 -33.65 58.26 83.26
CA PRO SA 606 -32.49 57.63 82.60
C PRO SA 606 -32.45 56.21 82.03
N ILE SA 607 -31.88 55.96 80.86
CA ILE SA 607 -31.64 54.58 80.30
C ILE SA 607 -30.56 53.68 80.97
N TRP SA 608 -29.37 54.19 81.27
CA TRP SA 608 -28.25 53.31 81.70
C TRP SA 608 -27.38 53.87 82.82
N ALA SA 609 -26.61 53.01 83.48
CA ALA SA 609 -25.60 53.41 84.49
C ALA SA 609 -24.37 52.50 84.29
N LYS SA 610 -23.19 53.02 84.60
CA LYS SA 610 -21.94 52.23 84.54
C LYS SA 610 -21.73 51.42 85.82
N ILE SA 611 -21.46 50.12 85.69
CA ILE SA 611 -21.08 49.28 86.87
C ILE SA 611 -19.67 49.71 87.32
N PRO SA 612 -19.43 49.95 88.63
CA PRO SA 612 -18.10 50.32 89.13
C PRO SA 612 -17.07 49.19 89.13
N GLU SA 613 -15.81 49.48 88.83
CA GLU SA 613 -14.79 48.39 88.71
C GLU SA 613 -14.08 48.13 90.05
N THR SA 614 -14.50 47.10 90.79
CA THR SA 614 -13.94 46.73 92.10
C THR SA 614 -13.43 45.32 92.06
N GLY SA 615 -13.86 44.55 91.07
CA GLY SA 615 -13.61 43.11 90.97
C GLY SA 615 -14.66 42.25 91.67
N ALA SA 616 -15.59 42.81 92.45
CA ALA SA 616 -16.69 42.03 93.06
C ALA SA 616 -18.03 42.79 93.07
N HIS SA 617 -19.11 42.16 92.68
CA HIS SA 617 -20.47 42.79 92.71
C HIS SA 617 -21.56 41.73 92.81
N PHE SA 618 -22.75 42.11 93.24
CA PHE SA 618 -23.93 41.20 93.22
C PHE SA 618 -25.09 41.82 92.46
N HIS SA 619 -25.71 41.11 91.52
CA HIS SA 619 -26.98 41.52 90.81
C HIS SA 619 -26.93 42.99 90.37
N PRO SA 620 -26.40 43.28 89.18
CA PRO SA 620 -26.12 44.67 88.81
C PRO SA 620 -27.14 45.54 88.08
N SER SA 621 -28.20 45.82 88.80
CA SER SA 621 -29.30 46.66 88.28
C SER SA 621 -29.27 47.97 89.05
N PRO SA 622 -29.16 49.15 88.38
CA PRO SA 622 -29.10 50.42 89.12
C PRO SA 622 -30.36 50.85 89.87
N ALA SA 623 -30.22 51.49 91.03
CA ALA SA 623 -31.36 51.86 91.90
C ALA SA 623 -32.35 52.87 91.27
N MET SA 624 -31.89 53.87 90.54
CA MET SA 624 -32.72 54.87 89.83
C MET SA 624 -33.57 54.18 88.74
N GLY SA 625 -33.07 53.12 88.13
CA GLY SA 625 -33.76 52.37 87.07
C GLY SA 625 -32.88 52.16 85.87
N GLY SA 626 -33.32 51.37 84.89
CA GLY SA 626 -32.55 51.15 83.65
C GLY SA 626 -31.60 49.99 83.55
N PHE SA 627 -30.63 50.08 82.67
CA PHE SA 627 -29.70 48.97 82.33
C PHE SA 627 -28.29 49.24 82.88
N GLY SA 628 -27.74 48.25 83.59
CA GLY SA 628 -26.39 48.35 84.16
C GLY SA 628 -25.40 47.78 83.20
N LEU SA 629 -24.41 48.57 82.82
CA LEU SA 629 -23.46 48.12 81.77
C LEU SA 629 -22.00 48.14 82.22
N LYS SA 630 -21.28 47.05 82.01
CA LYS SA 630 -19.80 47.02 82.22
C LYS SA 630 -19.08 47.96 81.24
N HIS SA 631 -19.50 47.99 79.97
CA HIS SA 631 -18.90 48.87 78.94
C HIS SA 631 -19.99 49.77 78.36
N PRO SA 632 -20.25 50.92 79.02
CA PRO SA 632 -21.28 51.87 78.60
C PRO SA 632 -21.01 52.71 77.34
N PRO SA 633 -22.01 53.34 76.71
CA PRO SA 633 -21.71 54.19 75.57
C PRO SA 633 -20.72 55.27 76.06
N PRO SA 634 -19.62 55.54 75.34
CA PRO SA 634 -18.56 56.41 75.82
C PRO SA 634 -18.72 57.93 75.94
N MET SA 635 -17.98 58.55 76.86
CA MET SA 635 -17.96 60.03 77.02
C MET SA 635 -17.47 60.76 75.75
N MET SA 636 -18.23 61.78 75.33
CA MET SA 636 -17.90 62.58 74.12
C MET SA 636 -17.57 64.00 74.58
N LEU SA 637 -16.37 64.48 74.28
CA LEU SA 637 -15.85 65.76 74.82
C LEU SA 637 -15.52 66.74 73.69
N ILE SA 638 -15.94 67.99 73.84
CA ILE SA 638 -15.71 69.05 72.83
C ILE SA 638 -15.14 70.32 73.50
N LYS SA 639 -14.16 70.95 72.85
CA LYS SA 639 -13.64 72.25 73.37
C LYS SA 639 -13.39 73.25 72.22
N ASN SA 640 -13.39 74.53 72.56
CA ASN SA 640 -12.97 75.59 71.59
C ASN SA 640 -11.45 75.73 71.68
N THR SA 641 -10.73 75.69 70.57
CA THR SA 641 -9.27 75.91 70.56
C THR SA 641 -8.90 77.33 71.00
N PRO SA 642 -7.91 77.51 71.91
CA PRO SA 642 -7.43 78.83 72.26
C PRO SA 642 -6.89 79.63 71.08
N VAL SA 643 -7.39 80.84 70.94
CA VAL SA 643 -6.85 81.74 69.88
C VAL SA 643 -6.25 82.96 70.60
N PRO SA 644 -4.93 83.18 70.49
CA PRO SA 644 -4.29 84.31 71.16
C PRO SA 644 -4.51 85.78 70.76
N GLY SA 645 -4.48 86.70 71.72
CA GLY SA 645 -4.53 88.17 71.52
C GLY SA 645 -3.15 88.69 71.10
N ASN SA 646 -3.02 89.96 70.75
CA ASN SA 646 -1.71 90.44 70.18
C ASN SA 646 -0.57 90.35 71.19
N ILE SA 647 0.53 89.70 70.81
CA ILE SA 647 1.72 89.56 71.70
C ILE SA 647 2.90 90.18 70.93
N THR SA 648 3.61 91.13 71.52
CA THR SA 648 4.70 91.84 70.80
C THR SA 648 6.07 91.49 71.33
N SER SA 649 6.17 90.81 72.47
CA SER SA 649 7.47 90.52 73.11
C SER SA 649 7.55 89.05 73.56
N PHE SA 650 8.74 88.46 73.63
CA PHE SA 650 8.97 87.09 74.14
C PHE SA 650 8.92 86.94 75.66
N SER SA 651 8.24 85.90 76.17
CA SER SA 651 8.35 85.55 77.60
C SER SA 651 8.35 84.03 77.74
N ASP SA 652 9.08 83.48 78.69
CA ASP SA 652 9.00 82.06 79.10
C ASP SA 652 7.61 81.82 79.72
N VAL SA 653 7.07 82.81 80.46
CA VAL SA 653 5.74 82.69 81.12
C VAL SA 653 4.63 82.50 80.08
N PRO SA 654 3.69 81.54 80.27
CA PRO SA 654 2.61 81.26 79.33
C PRO SA 654 1.60 82.39 79.07
N VAL SA 655 1.12 82.47 77.83
CA VAL SA 655 0.14 83.53 77.47
C VAL SA 655 -1.20 83.36 78.21
N SER SA 656 -1.69 84.46 78.76
CA SER SA 656 -2.97 84.52 79.49
C SER SA 656 -3.99 85.40 78.74
N SER SA 657 -3.64 85.94 77.57
CA SER SA 657 -4.52 86.87 76.82
C SER SA 657 -5.01 86.21 75.52
N PHE SA 658 -6.33 86.09 75.38
CA PHE SA 658 -6.92 85.34 74.24
C PHE SA 658 -8.09 86.09 73.69
N ILE SA 659 -8.39 85.94 72.40
CA ILE SA 659 -9.66 86.52 71.86
C ILE SA 659 -10.89 85.75 72.40
N THR SA 660 -12.01 86.42 72.73
CA THR SA 660 -13.25 85.78 73.26
C THR SA 660 -14.10 85.16 72.14
N GLN SA 661 -14.45 83.87 72.29
CA GLN SA 661 -15.12 83.08 71.22
C GLN SA 661 -16.15 82.07 71.74
N TYR SA 662 -17.12 81.67 70.91
CA TYR SA 662 -18.14 80.63 71.26
C TYR SA 662 -18.40 79.80 70.01
N SER SA 663 -18.93 78.60 70.17
CA SER SA 663 -19.27 77.72 69.00
C SER SA 663 -20.74 77.25 69.01
N THR SA 664 -21.27 76.96 67.82
CA THR SA 664 -22.66 76.46 67.66
C THR SA 664 -22.70 75.39 66.57
N GLY SA 665 -23.66 74.47 66.60
CA GLY SA 665 -23.82 73.44 65.57
C GLY SA 665 -25.03 72.54 65.73
N GLN SA 666 -25.09 71.46 64.96
CA GLN SA 666 -26.17 70.43 65.04
C GLN SA 666 -25.62 69.03 65.41
N VAL SA 667 -26.37 68.28 66.23
CA VAL SA 667 -26.00 66.89 66.61
C VAL SA 667 -27.15 65.91 66.26
N THR SA 668 -26.84 64.77 65.67
CA THR SA 668 -27.83 63.71 65.40
C THR SA 668 -27.50 62.43 66.15
N VAL SA 669 -28.47 61.82 66.85
CA VAL SA 669 -28.31 60.47 67.52
C VAL SA 669 -29.31 59.45 66.94
N GLU SA 670 -28.83 58.29 66.51
CA GLU SA 670 -29.67 57.19 65.99
C GLU SA 670 -29.54 55.97 66.90
N MET SA 671 -30.67 55.42 67.37
CA MET SA 671 -30.66 54.25 68.28
C MET SA 671 -31.57 53.11 67.78
N GLU SA 672 -31.10 51.88 67.94
CA GLU SA 672 -31.90 50.68 67.58
C GLU SA 672 -32.36 49.96 68.86
N TRP SA 673 -33.62 49.54 68.89
CA TRP SA 673 -34.21 48.85 70.06
C TRP SA 673 -34.81 47.51 69.68
N GLU SA 674 -34.64 46.50 70.53
CA GLU SA 674 -35.27 45.17 70.33
C GLU SA 674 -36.52 45.06 71.20
N LEU SA 675 -37.62 44.56 70.64
CA LEU SA 675 -38.93 44.47 71.33
C LEU SA 675 -39.35 43.03 71.63
N LYS SA 676 -39.98 42.81 72.79
CA LYS SA 676 -40.57 41.48 73.09
C LYS SA 676 -42.10 41.59 73.00
N LYS SA 677 -42.71 40.79 72.14
CA LYS SA 677 -44.20 40.75 71.94
C LYS SA 677 -45.04 40.11 73.06
N GLU SA 678 -46.21 40.67 73.32
CA GLU SA 678 -47.19 40.05 74.25
C GLU SA 678 -47.79 38.76 73.66
N ASN SA 679 -48.00 37.72 74.45
CA ASN SA 679 -48.63 36.42 74.04
C ASN SA 679 -49.77 36.06 75.00
N SER SA 680 -50.58 37.02 75.44
CA SER SA 680 -51.66 36.82 76.46
C SER SA 680 -52.88 35.98 76.03
N LYS SA 681 -53.43 35.17 76.95
CA LYS SA 681 -54.69 34.42 76.73
C LYS SA 681 -55.84 35.02 77.57
N ARG SA 682 -55.67 36.19 78.20
CA ARG SA 682 -56.73 36.93 78.98
C ARG SA 682 -57.95 37.37 78.13
N TRP SA 683 -59.14 36.86 78.41
CA TRP SA 683 -60.41 37.17 77.70
C TRP SA 683 -60.93 38.60 77.83
N ASN SA 684 -60.90 39.14 79.03
CA ASN SA 684 -61.38 40.49 79.36
C ASN SA 684 -60.40 41.59 78.93
N PRO SA 685 -60.90 42.83 78.69
CA PRO SA 685 -60.04 43.96 78.37
C PRO SA 685 -59.05 44.50 79.43
N GLU SA 686 -57.85 44.84 79.03
CA GLU SA 686 -56.77 45.43 79.87
C GLU SA 686 -56.75 46.94 80.14
N ILE SA 687 -56.01 47.38 81.15
CA ILE SA 687 -55.71 48.82 81.42
C ILE SA 687 -54.72 49.38 80.37
N GLN SA 688 -54.91 50.62 79.92
CA GLN SA 688 -54.06 51.30 78.89
C GLN SA 688 -53.82 52.76 79.25
N TYR SA 689 -52.68 53.34 78.89
CA TYR SA 689 -52.44 54.80 79.03
C TYR SA 689 -53.30 55.54 77.97
N THR SA 690 -54.01 56.56 78.40
CA THR SA 690 -54.90 57.31 77.50
C THR SA 690 -54.76 58.79 77.75
N ASN SA 691 -55.09 59.60 76.75
CA ASN SA 691 -55.16 61.07 76.95
C ASN SA 691 -56.56 61.31 77.49
N ASN SA 692 -56.70 61.63 78.75
CA ASN SA 692 -58.02 61.74 79.42
C ASN SA 692 -57.97 62.92 80.38
N TYR SA 693 -58.78 63.94 80.11
CA TYR SA 693 -58.73 65.19 80.90
C TYR SA 693 -60.16 65.68 81.01
N ASN SA 694 -60.55 66.29 82.11
CA ASN SA 694 -61.92 66.88 82.21
C ASN SA 694 -61.88 68.41 82.01
N ASP SA 695 -62.63 68.95 81.04
CA ASP SA 695 -62.69 70.41 80.71
C ASP SA 695 -61.30 71.04 80.48
N PRO SA 696 -60.42 70.48 79.62
CA PRO SA 696 -59.06 71.02 79.49
C PRO SA 696 -58.87 72.46 78.98
N GLN SA 697 -57.99 73.23 79.63
CA GLN SA 697 -57.71 74.63 79.22
C GLN SA 697 -56.47 74.72 78.33
N PHE SA 698 -55.76 73.62 78.14
CA PHE SA 698 -54.53 73.59 77.33
C PHE SA 698 -54.39 72.18 76.85
N VAL SA 699 -53.57 71.96 75.85
CA VAL SA 699 -53.23 70.58 75.46
C VAL SA 699 -51.91 70.23 76.16
N ASP SA 700 -51.89 69.15 76.90
CA ASP SA 700 -50.65 68.58 77.52
C ASP SA 700 -49.69 68.04 76.45
N PHE SA 701 -48.37 68.09 76.67
CA PHE SA 701 -47.30 67.68 75.70
C PHE SA 701 -47.32 68.54 74.44
N ALA SA 702 -47.59 69.82 74.59
CA ALA SA 702 -47.66 70.78 73.48
C ALA SA 702 -47.13 72.14 73.96
N PRO SA 703 -46.70 73.04 73.04
CA PRO SA 703 -46.38 74.41 73.43
C PRO SA 703 -47.55 75.31 73.87
N ASP SA 704 -47.30 76.27 74.74
CA ASP SA 704 -48.37 77.25 75.15
C ASP SA 704 -48.33 78.55 74.33
N SER SA 705 -49.12 79.54 74.74
CA SER SA 705 -49.21 80.84 74.02
C SER SA 705 -47.84 81.56 74.00
N THR SA 706 -47.05 81.50 75.07
CA THR SA 706 -45.65 82.01 75.13
C THR SA 706 -44.66 81.13 74.38
N GLY SA 707 -44.98 79.90 74.00
CA GLY SA 707 -44.02 78.95 73.39
C GLY SA 707 -43.32 77.98 74.31
N GLU SA 708 -43.69 77.91 75.58
CA GLU SA 708 -43.09 76.96 76.56
C GLU SA 708 -43.80 75.59 76.57
N TYR SA 709 -43.04 74.51 76.47
CA TYR SA 709 -43.57 73.11 76.48
C TYR SA 709 -44.17 72.71 77.83
N ARG SA 710 -45.29 72.00 77.80
CA ARG SA 710 -45.98 71.57 79.04
C ARG SA 710 -45.96 70.05 79.15
N SER SA 711 -45.51 69.51 80.29
CA SER SA 711 -45.48 68.05 80.56
C SER SA 711 -46.01 67.76 81.97
N THR SA 712 -47.30 67.82 82.22
CA THR SA 712 -47.98 67.62 83.53
C THR SA 712 -47.82 66.24 84.17
N ARG SA 713 -47.80 65.15 83.40
CA ARG SA 713 -47.83 63.77 83.99
C ARG SA 713 -46.58 62.90 83.79
N PRO SA 714 -46.09 62.17 84.82
CA PRO SA 714 -45.04 61.17 84.64
C PRO SA 714 -45.50 59.86 83.97
N ILE SA 715 -44.78 59.28 83.01
CA ILE SA 715 -45.33 58.03 82.39
C ILE SA 715 -44.42 56.80 82.56
N GLY SA 716 -44.96 55.74 83.17
CA GLY SA 716 -44.31 54.44 83.37
C GLY SA 716 -44.56 53.48 82.24
N THR SA 717 -43.97 52.30 82.29
CA THR SA 717 -44.16 51.26 81.26
C THR SA 717 -45.14 50.13 81.58
N ARG SA 718 -45.69 49.97 82.79
CA ARG SA 718 -46.48 48.73 83.09
C ARG SA 718 -48.02 48.91 83.06
N TYR SA 719 -48.65 48.49 81.96
CA TYR SA 719 -50.13 48.57 81.78
C TYR SA 719 -50.67 47.18 81.49
N LEU SA 720 -49.87 46.36 80.83
CA LEU SA 720 -50.20 44.95 80.53
C LEU SA 720 -50.05 44.06 81.77
N THR SA 721 -50.75 42.94 81.78
CA THR SA 721 -50.78 42.03 82.94
C THR SA 721 -50.37 40.64 82.51
N ARG SA 722 -49.67 39.93 83.37
CA ARG SA 722 -49.32 38.51 83.09
C ARG SA 722 -49.55 37.65 84.33
N PRO SA 723 -49.93 36.35 84.20
CA PRO SA 723 -49.97 35.42 85.33
C PRO SA 723 -48.58 35.03 85.86
N LEU SA 724 -48.45 34.73 87.16
CA LEU SA 724 -47.13 34.41 87.77
C LEU SA 724 -46.56 33.08 87.22
N ASP TA 209 -60.23 4.03 66.29
CA ASP TA 209 -60.62 2.92 65.38
C ASP TA 209 -62.04 2.42 65.69
N GLY TA 210 -62.28 1.70 66.79
CA GLY TA 210 -63.60 1.08 66.96
C GLY TA 210 -64.09 0.82 68.36
N VAL TA 211 -65.39 0.49 68.49
CA VAL TA 211 -66.04 0.12 69.78
C VAL TA 211 -65.41 -1.15 70.38
N GLY TA 212 -65.06 -2.15 69.57
CA GLY TA 212 -64.54 -3.45 70.04
C GLY TA 212 -63.05 -3.54 70.12
N ASN TA 213 -62.33 -2.47 69.82
CA ASN TA 213 -60.85 -2.54 69.76
C ASN TA 213 -60.21 -1.70 70.87
N ALA TA 214 -59.25 -2.26 71.60
CA ALA TA 214 -58.53 -1.53 72.67
C ALA TA 214 -57.49 -0.52 72.14
N SER TA 215 -57.52 0.72 72.61
CA SER TA 215 -56.59 1.86 72.28
C SER TA 215 -55.15 1.67 72.79
N GLY TA 216 -54.93 1.06 73.95
CA GLY TA 216 -53.60 0.85 74.54
C GLY TA 216 -53.47 -0.31 75.51
N ASP TA 217 -52.27 -0.57 76.00
CA ASP TA 217 -51.95 -1.67 76.95
C ASP TA 217 -51.34 -1.20 78.27
N TRP TA 218 -51.44 -2.01 79.33
CA TRP TA 218 -50.89 -1.70 80.68
C TRP TA 218 -49.37 -1.86 80.75
N HIS TA 219 -48.67 -0.80 81.13
CA HIS TA 219 -47.21 -0.88 81.37
C HIS TA 219 -46.85 -0.35 82.76
N CYS TA 220 -46.39 -1.21 83.69
CA CYS TA 220 -45.89 -0.73 85.01
C CYS TA 220 -44.53 -1.40 85.22
N ASP TA 221 -43.42 -0.67 85.11
CA ASP TA 221 -42.07 -1.30 85.18
C ASP TA 221 -40.90 -0.36 85.51
N SER TA 222 -39.77 -0.89 85.95
CA SER TA 222 -38.50 -0.12 86.11
C SER TA 222 -37.40 -0.84 85.32
N THR TA 223 -36.60 -0.15 84.54
CA THR TA 223 -35.42 -0.74 83.85
C THR TA 223 -34.18 0.03 84.25
N TRP TA 224 -33.15 -0.66 84.73
CA TRP TA 224 -31.87 -0.04 85.16
C TRP TA 224 -30.79 -0.36 84.13
N MET TA 225 -30.17 0.65 83.54
CA MET TA 225 -29.13 0.47 82.49
C MET TA 225 -27.89 1.34 82.72
N GLY TA 226 -26.97 0.99 83.63
CA GLY TA 226 -25.82 1.87 83.93
C GLY TA 226 -26.21 3.20 84.55
N ASP TA 227 -25.85 4.31 83.93
CA ASP TA 227 -26.15 5.69 84.42
C ASP TA 227 -27.64 6.08 84.30
N ARG TA 228 -28.46 5.32 83.59
CA ARG TA 228 -29.89 5.67 83.35
C ARG TA 228 -30.91 4.70 83.97
N VAL TA 229 -31.98 5.21 84.55
CA VAL TA 229 -33.12 4.36 85.02
C VAL TA 229 -34.40 4.89 84.32
N VAL TA 230 -35.24 3.99 83.77
CA VAL TA 230 -36.55 4.36 83.14
C VAL TA 230 -37.70 3.83 84.02
N THR TA 231 -38.66 4.69 84.36
CA THR TA 231 -39.84 4.30 85.16
C THR TA 231 -41.13 4.37 84.33
N LYS TA 232 -41.96 3.33 84.36
CA LYS TA 232 -43.29 3.30 83.68
C LYS TA 232 -44.39 3.11 84.73
N SER TA 233 -45.45 3.92 84.68
CA SER TA 233 -46.58 3.84 85.64
C SER TA 233 -47.93 3.89 84.91
N THR TA 234 -48.85 2.98 85.20
CA THR TA 234 -50.21 2.96 84.62
C THR TA 234 -51.26 3.03 85.72
N ARG TA 235 -52.27 3.88 85.57
CA ARG TA 235 -53.40 4.00 86.54
C ARG TA 235 -54.78 4.09 85.86
N THR TA 236 -55.85 3.79 86.59
CA THR TA 236 -57.25 3.95 86.12
C THR TA 236 -57.85 5.17 86.80
N TRP TA 237 -58.46 6.07 86.05
CA TRP TA 237 -59.06 7.35 86.54
C TRP TA 237 -60.56 7.49 86.26
N VAL TA 238 -61.25 8.30 87.06
CA VAL TA 238 -62.68 8.65 86.86
C VAL TA 238 -62.81 10.19 86.74
N LEU TA 239 -63.61 10.69 85.79
CA LEU TA 239 -63.88 12.15 85.67
C LEU TA 239 -65.34 12.54 85.91
N PRO TA 240 -65.63 13.36 86.94
CA PRO TA 240 -66.96 13.94 87.13
C PRO TA 240 -67.31 15.09 86.19
N SER TA 241 -68.59 15.36 85.96
CA SER TA 241 -68.95 16.60 85.21
C SER TA 241 -69.05 17.76 86.23
N TYR TA 242 -67.98 18.52 86.45
CA TYR TA 242 -67.93 19.58 87.49
C TYR TA 242 -68.64 20.88 87.13
N ASN TA 243 -69.44 21.43 88.03
CA ASN TA 243 -70.09 22.77 87.87
C ASN TA 243 -71.31 22.69 86.97
N ASN TA 244 -71.72 21.48 86.54
CA ASN TA 244 -72.84 21.27 85.58
C ASN TA 244 -72.60 22.06 84.29
N HIS TA 245 -71.36 22.01 83.75
CA HIS TA 245 -70.99 22.66 82.45
C HIS TA 245 -70.89 24.20 82.52
N GLN TA 246 -70.63 24.76 83.69
CA GLN TA 246 -70.60 26.23 83.88
C GLN TA 246 -69.32 26.74 84.57
N TYR TA 247 -68.97 28.00 84.38
CA TYR TA 247 -67.81 28.67 85.04
C TYR TA 247 -68.39 29.50 86.14
N ARG TA 248 -67.84 29.41 87.34
CA ARG TA 248 -68.41 30.14 88.50
C ARG TA 248 -67.39 31.10 89.17
N GLU TA 249 -67.82 32.33 89.45
CA GLU TA 249 -66.96 33.26 90.22
C GLU TA 249 -66.92 32.82 91.69
N ILE TA 250 -65.73 32.72 92.27
CA ILE TA 250 -65.51 32.23 93.66
C ILE TA 250 -64.77 33.31 94.46
N LYS TA 251 -65.07 33.45 95.74
CA LYS TA 251 -64.45 34.54 96.52
C LYS TA 251 -64.48 34.24 98.02
N SER TA 252 -63.57 34.83 98.77
CA SER TA 252 -63.64 34.72 100.25
C SER TA 252 -63.32 36.02 100.98
N GLY TA 253 -63.97 36.30 102.11
CA GLY TA 253 -63.60 37.35 103.06
C GLY TA 253 -62.65 36.78 104.14
N SER TA 254 -62.36 37.53 105.20
CA SER TA 254 -61.50 37.06 106.33
C SER TA 254 -62.11 35.85 107.08
N VAL TA 255 -61.30 34.83 107.39
CA VAL TA 255 -61.79 33.58 108.04
C VAL TA 255 -60.76 33.15 109.11
N ASP TA 256 -61.21 32.58 110.23
CA ASP TA 256 -60.32 32.11 111.35
C ASP TA 256 -59.52 33.30 111.89
N GLY TA 257 -60.09 34.50 111.85
CA GLY TA 257 -59.40 35.70 112.31
C GLY TA 257 -58.41 36.31 111.33
N SER TA 258 -58.27 35.83 110.09
CA SER TA 258 -57.21 36.41 109.22
C SER TA 258 -57.66 36.96 107.87
N ASN TA 259 -57.26 38.19 107.52
CA ASN TA 259 -57.50 38.82 106.17
C ASN TA 259 -56.59 38.21 105.08
N ALA TA 260 -55.50 37.51 105.43
CA ALA TA 260 -54.58 36.80 104.50
C ALA TA 260 -55.36 35.67 103.81
N ASN TA 261 -56.40 35.17 104.47
CA ASN TA 261 -57.41 34.19 103.95
C ASN TA 261 -58.24 34.72 102.76
N ALA TA 262 -58.59 36.01 102.67
CA ALA TA 262 -59.41 36.63 101.58
C ALA TA 262 -58.82 36.47 100.17
N TYR TA 263 -59.66 36.17 99.17
CA TYR TA 263 -59.26 35.97 97.75
C TYR TA 263 -60.43 36.23 96.79
N PHE TA 264 -60.15 36.48 95.51
CA PHE TA 264 -61.15 36.59 94.43
C PHE TA 264 -60.68 35.60 93.32
N GLY TA 265 -61.57 34.79 92.75
CA GLY TA 265 -61.19 33.75 91.78
C GLY TA 265 -62.28 33.16 90.90
N TYR TA 266 -61.90 32.23 90.02
CA TYR TA 266 -62.85 31.48 89.16
C TYR TA 266 -62.75 29.94 89.35
N SER TA 267 -63.88 29.24 89.36
CA SER TA 267 -63.92 27.73 89.35
C SER TA 267 -64.33 27.30 87.93
N THR TA 268 -63.80 26.19 87.45
CA THR TA 268 -64.00 25.77 86.04
C THR TA 268 -64.61 24.39 85.89
N PRO TA 269 -65.25 24.09 84.75
CA PRO TA 269 -65.77 22.76 84.42
C PRO TA 269 -64.74 21.64 84.24
N TRP TA 270 -63.50 21.94 83.90
CA TRP TA 270 -62.36 21.03 83.64
C TRP TA 270 -61.68 20.36 84.84
N GLY TA 271 -61.00 19.26 84.58
CA GLY TA 271 -60.18 18.51 85.54
C GLY TA 271 -58.78 18.35 84.98
N TYR TA 272 -57.81 18.08 85.83
CA TYR TA 272 -56.39 18.01 85.39
C TYR TA 272 -55.67 16.77 85.94
N PHE TA 273 -54.59 16.36 85.29
CA PHE TA 273 -53.72 15.22 85.74
C PHE TA 273 -52.45 15.77 86.42
N ASP TA 274 -52.12 15.33 87.63
CA ASP TA 274 -50.92 15.73 88.42
C ASP TA 274 -50.02 14.51 88.70
N PHE TA 275 -48.75 14.58 88.31
CA PHE TA 275 -47.76 13.51 88.60
C PHE TA 275 -46.59 14.00 89.49
N ASN TA 276 -46.65 15.17 90.17
CA ASN TA 276 -45.48 15.69 90.92
C ASN TA 276 -45.37 15.07 92.34
N ARG TA 277 -45.26 13.75 92.45
CA ARG TA 277 -44.97 13.03 93.71
C ARG TA 277 -44.06 11.87 93.30
N PHE TA 278 -43.03 11.54 94.07
CA PHE TA 278 -42.07 10.41 93.79
C PHE TA 278 -42.75 9.00 93.82
N HIS TA 279 -43.68 8.74 94.73
CA HIS TA 279 -44.41 7.44 94.92
C HIS TA 279 -45.25 7.14 93.65
N SER TA 280 -45.62 8.14 92.87
CA SER TA 280 -46.32 8.00 91.56
C SER TA 280 -45.43 7.23 90.56
N HIS TA 281 -44.12 7.44 90.55
CA HIS TA 281 -43.15 6.76 89.65
C HIS TA 281 -42.28 5.67 90.31
N TRP TA 282 -42.18 5.60 91.62
CA TRP TA 282 -41.18 4.72 92.28
C TRP TA 282 -41.77 3.73 93.25
N SER TA 283 -41.41 2.45 93.10
CA SER TA 283 -41.77 1.41 94.09
C SER TA 283 -40.91 1.62 95.36
N PRO TA 284 -41.35 1.17 96.54
CA PRO TA 284 -40.52 1.28 97.74
C PRO TA 284 -39.20 0.51 97.63
N ARG TA 285 -39.16 -0.69 97.05
CA ARG TA 285 -37.90 -1.42 96.80
C ARG TA 285 -36.95 -0.68 95.82
N ASP TA 286 -37.45 -0.10 94.75
CA ASP TA 286 -36.65 0.69 93.75
C ASP TA 286 -36.05 1.94 94.38
N TRP TA 287 -36.80 2.61 95.24
CA TRP TA 287 -36.31 3.79 95.99
C TRP TA 287 -35.15 3.43 96.93
N GLN TA 288 -35.21 2.28 97.61
CA GLN TA 288 -34.13 1.75 98.47
C GLN TA 288 -32.86 1.45 97.67
N ARG TA 289 -33.00 0.91 96.48
CA ARG TA 289 -31.85 0.64 95.59
C ARG TA 289 -31.13 1.94 95.20
N LEU TA 290 -31.85 3.01 94.86
CA LEU TA 290 -31.22 4.32 94.59
C LEU TA 290 -30.54 5.05 95.77
N ILE TA 291 -31.17 5.10 96.94
CA ILE TA 291 -30.66 5.81 98.16
C ILE TA 291 -29.37 5.15 98.69
N ASN TA 292 -29.32 3.84 98.68
CA ASN TA 292 -28.17 3.01 99.09
C ASN TA 292 -26.92 3.15 98.19
N ASN TA 293 -27.05 3.28 96.86
CA ASN TA 293 -25.90 3.18 95.91
C ASN TA 293 -25.47 4.39 95.08
N TYR TA 294 -26.12 5.55 95.16
CA TYR TA 294 -25.80 6.68 94.24
C TYR TA 294 -25.60 8.01 94.94
N TRP TA 295 -24.62 8.81 94.51
CA TRP TA 295 -24.42 10.21 94.98
C TRP TA 295 -25.54 11.21 94.57
N GLY TA 296 -26.08 11.10 93.36
CA GLY TA 296 -27.09 12.04 92.87
C GLY TA 296 -27.99 11.52 91.79
N PHE TA 297 -29.12 12.22 91.58
CA PHE TA 297 -30.06 11.87 90.47
C PHE TA 297 -30.68 13.15 89.87
N ARG TA 298 -31.10 13.15 88.60
CA ARG TA 298 -31.85 14.29 87.95
C ARG TA 298 -32.88 13.78 86.90
N PRO TA 299 -34.04 14.45 86.68
CA PRO TA 299 -34.96 14.13 85.56
C PRO TA 299 -34.52 14.53 84.13
N ARG TA 300 -34.81 13.73 83.11
CA ARG TA 300 -34.38 14.01 81.71
C ARG TA 300 -35.56 14.10 80.74
N SER TA 301 -36.45 13.11 80.71
CA SER TA 301 -37.55 13.06 79.72
C SER TA 301 -38.89 12.60 80.30
N LEU TA 302 -39.99 13.07 79.72
CA LEU TA 302 -41.36 12.62 80.12
C LEU TA 302 -42.23 12.24 78.90
N ARG TA 303 -42.96 11.12 78.94
CA ARG TA 303 -43.96 10.72 77.90
C ARG TA 303 -45.32 10.41 78.57
N VAL TA 304 -46.42 10.96 78.04
CA VAL TA 304 -47.81 10.70 78.58
C VAL TA 304 -48.78 10.14 77.51
N LYS TA 305 -49.53 9.09 77.83
CA LYS TA 305 -50.61 8.53 76.96
C LYS TA 305 -51.97 8.43 77.71
N ILE TA 306 -53.06 8.87 77.10
CA ILE TA 306 -54.46 8.72 77.65
C ILE TA 306 -55.25 7.82 76.67
N PHE TA 307 -55.91 6.75 77.15
CA PHE TA 307 -56.51 5.68 76.29
C PHE TA 307 -57.65 4.89 76.96
N ASN TA 308 -58.37 4.03 76.20
CA ASN TA 308 -59.49 3.14 76.66
C ASN TA 308 -60.64 3.94 77.28
N ILE TA 309 -60.99 5.05 76.64
CA ILE TA 309 -62.04 5.98 77.11
C ILE TA 309 -63.45 5.34 77.12
N GLN TA 310 -64.22 5.57 78.17
CA GLN TA 310 -65.60 5.06 78.31
C GLN TA 310 -66.51 6.16 78.88
N VAL TA 311 -67.54 6.55 78.15
CA VAL TA 311 -68.48 7.62 78.59
C VAL TA 311 -69.79 6.93 79.02
N LYS TA 312 -70.30 7.29 80.19
CA LYS TA 312 -71.52 6.68 80.78
C LYS TA 312 -72.60 7.72 81.05
N GLU TA 313 -73.86 7.37 80.81
CA GLU TA 313 -75.01 8.28 81.11
C GLU TA 313 -75.77 7.74 82.32
N VAL TA 314 -76.10 8.62 83.26
CA VAL TA 314 -76.79 8.21 84.49
C VAL TA 314 -78.22 8.78 84.43
N THR TA 315 -79.22 7.94 84.66
CA THR TA 315 -80.63 8.37 84.60
C THR TA 315 -81.35 7.97 85.85
N VAL TA 316 -82.19 8.84 86.39
CA VAL TA 316 -83.01 8.43 87.57
C VAL TA 316 -84.51 8.48 87.25
N GLN TA 317 -85.25 7.38 87.42
CA GLN TA 317 -86.72 7.43 87.32
C GLN TA 317 -87.27 6.87 88.64
N ASP TA 318 -87.98 7.68 89.41
CA ASP TA 318 -88.61 7.16 90.67
C ASP TA 318 -87.56 6.49 91.56
N SER TA 319 -86.33 7.02 91.64
CA SER TA 319 -85.28 6.51 92.57
C SER TA 319 -84.52 5.26 92.08
N THR TA 320 -84.76 4.75 90.86
CA THR TA 320 -83.99 3.59 90.31
C THR TA 320 -82.50 3.84 90.08
N THR TA 321 -82.05 5.00 89.59
CA THR TA 321 -80.62 5.28 89.24
C THR TA 321 -79.92 4.30 88.26
N THR TA 322 -80.49 3.98 87.09
CA THR TA 322 -79.79 3.17 86.05
C THR TA 322 -78.57 3.86 85.41
N ILE TA 323 -77.51 3.11 85.11
CA ILE TA 323 -76.27 3.61 84.43
C ILE TA 323 -76.06 2.89 83.09
N ALA TA 324 -75.77 3.60 82.00
CA ALA TA 324 -75.59 3.00 80.65
C ALA TA 324 -74.45 3.63 79.85
N ASN TA 325 -73.88 2.89 78.92
CA ASN TA 325 -72.85 3.42 77.98
C ASN TA 325 -73.41 4.36 76.93
N ASN TA 326 -72.74 5.47 76.63
CA ASN TA 326 -73.11 6.31 75.45
C ASN TA 326 -71.93 6.25 74.49
N LEU TA 327 -72.07 5.55 73.36
CA LEU TA 327 -71.03 5.37 72.31
C LEU TA 327 -70.62 6.64 71.57
N THR TA 328 -71.56 7.51 71.28
CA THR TA 328 -71.33 8.73 70.45
C THR TA 328 -70.85 9.95 71.25
N SER TA 329 -70.79 9.90 72.58
CA SER TA 329 -70.28 11.01 73.45
C SER TA 329 -68.75 11.23 73.37
N THR TA 330 -68.28 12.45 73.63
CA THR TA 330 -66.84 12.83 73.49
C THR TA 330 -66.20 13.36 74.76
N VAL TA 331 -64.89 13.26 74.84
CA VAL TA 331 -64.06 13.86 75.93
C VAL TA 331 -63.12 14.85 75.22
N GLN TA 332 -62.78 15.98 75.84
CA GLN TA 332 -61.87 17.03 75.28
C GLN TA 332 -60.55 17.18 76.08
N VAL TA 333 -59.41 17.12 75.41
CA VAL TA 333 -58.06 17.13 76.05
C VAL TA 333 -57.11 18.17 75.42
N PHE TA 334 -56.34 18.91 76.24
CA PHE TA 334 -55.30 19.86 75.75
C PHE TA 334 -54.10 20.02 76.73
N THR TA 335 -52.96 20.47 76.23
CA THR TA 335 -51.77 20.80 77.06
C THR TA 335 -51.46 22.28 76.93
N ASP TA 336 -51.17 22.97 78.05
CA ASP TA 336 -50.81 24.43 78.05
C ASP TA 336 -49.31 24.63 77.83
N ASP TA 337 -48.85 24.50 76.60
CA ASP TA 337 -47.40 24.57 76.21
C ASP TA 337 -46.69 25.93 76.42
N ASP TA 338 -47.34 27.06 76.20
CA ASP TA 338 -46.74 28.42 76.30
C ASP TA 338 -46.94 29.05 77.67
N TYR TA 339 -47.52 28.37 78.65
CA TYR TA 339 -47.67 28.83 80.08
C TYR TA 339 -48.56 30.06 80.20
N GLN TA 340 -49.53 30.20 79.32
CA GLN TA 340 -50.55 31.26 79.35
C GLN TA 340 -51.46 31.17 80.59
N LEU TA 341 -51.85 29.98 80.98
CA LEU TA 341 -52.69 29.74 82.19
C LEU TA 341 -51.95 29.85 83.51
N PRO TA 342 -52.65 30.18 84.61
CA PRO TA 342 -52.02 30.08 85.92
C PRO TA 342 -51.63 28.62 86.25
N TYR TA 343 -50.42 28.36 86.77
CA TYR TA 343 -49.91 26.99 87.03
C TYR TA 343 -50.09 26.63 88.50
N VAL TA 344 -50.97 25.67 88.76
CA VAL TA 344 -51.32 25.31 90.16
C VAL TA 344 -50.66 23.98 90.58
N VAL TA 345 -49.92 23.32 89.69
CA VAL TA 345 -49.32 21.97 89.92
C VAL TA 345 -48.25 21.89 91.06
N GLY TA 346 -47.40 22.87 91.29
CA GLY TA 346 -46.24 22.75 92.22
C GLY TA 346 -46.43 23.26 93.65
N ASN TA 347 -47.65 23.31 94.18
CA ASN TA 347 -48.02 23.93 95.48
C ASN TA 347 -48.38 22.92 96.60
N GLY TA 348 -47.96 21.64 96.57
CA GLY TA 348 -48.24 20.59 97.58
C GLY TA 348 -49.68 20.21 97.80
N THR TA 349 -50.46 20.16 96.73
CA THR TA 349 -51.89 19.84 96.78
C THR TA 349 -52.19 18.40 96.43
N GLU TA 350 -53.29 17.88 96.94
CA GLU TA 350 -53.79 16.49 96.68
C GLU TA 350 -54.40 16.26 95.29
N GLY TA 351 -54.60 15.01 94.86
CA GLY TA 351 -55.07 14.66 93.50
C GLY TA 351 -54.05 14.09 92.53
N CYS TA 352 -52.82 13.82 92.95
CA CYS TA 352 -51.78 13.14 92.11
C CYS TA 352 -52.08 11.64 91.93
N LEU TA 353 -51.44 10.99 90.97
CA LEU TA 353 -51.61 9.54 90.75
C LEU TA 353 -51.20 8.78 92.02
N PRO TA 354 -51.95 7.72 92.39
CA PRO TA 354 -51.67 6.99 93.61
C PRO TA 354 -50.36 6.19 93.75
N ALA TA 355 -49.84 6.04 94.97
CA ALA TA 355 -48.62 5.24 95.27
C ALA TA 355 -48.79 3.76 94.90
N PHE TA 356 -49.98 3.17 95.12
CA PHE TA 356 -50.22 1.72 94.86
C PHE TA 356 -50.92 1.58 93.51
N PRO TA 357 -50.34 0.81 92.54
CA PRO TA 357 -50.89 0.64 91.18
C PRO TA 357 -52.36 0.22 90.98
N PRO TA 358 -52.94 -0.73 91.76
CA PRO TA 358 -54.35 -1.11 91.71
C PRO TA 358 -55.40 -0.03 92.12
N GLN TA 359 -55.02 0.96 92.91
CA GLN TA 359 -55.95 2.02 93.40
C GLN TA 359 -56.53 2.88 92.25
N VAL TA 360 -57.82 3.20 92.35
CA VAL TA 360 -58.53 3.95 91.28
C VAL TA 360 -58.80 5.37 91.82
N PHE TA 361 -58.55 6.40 91.03
CA PHE TA 361 -58.63 7.79 91.55
C PHE TA 361 -59.52 8.80 90.79
N THR TA 362 -60.11 9.72 91.54
CA THR TA 362 -60.85 10.88 90.97
C THR TA 362 -59.92 12.03 90.62
N LEU TA 363 -60.04 12.60 89.42
CA LEU TA 363 -59.26 13.82 89.02
C LEU TA 363 -59.71 15.08 89.76
N PRO TA 364 -58.75 15.93 90.18
CA PRO TA 364 -59.08 17.23 90.77
C PRO TA 364 -59.71 18.28 89.82
N GLN TA 365 -60.62 19.11 90.33
CA GLN TA 365 -61.18 20.25 89.53
C GLN TA 365 -60.22 21.46 89.47
N TYR TA 366 -60.00 22.04 88.28
CA TYR TA 366 -59.19 23.27 88.07
C TYR TA 366 -59.86 24.56 88.56
N GLY TA 367 -59.08 25.44 89.17
CA GLY TA 367 -59.52 26.73 89.71
C GLY TA 367 -58.30 27.58 89.92
N TYR TA 368 -58.47 28.89 90.14
CA TYR TA 368 -57.33 29.82 90.38
C TYR TA 368 -57.76 31.03 91.18
N ALA TA 369 -56.81 31.71 91.79
CA ALA TA 369 -57.05 33.01 92.44
C ALA TA 369 -56.36 34.11 91.64
N THR TA 370 -57.05 35.21 91.34
CA THR TA 370 -56.47 36.43 90.71
C THR TA 370 -56.28 37.47 91.80
N LEU TA 371 -56.24 38.74 91.44
CA LEU TA 371 -56.13 39.88 92.40
C LEU TA 371 -57.40 40.17 93.21
N ASN TA 372 -57.22 40.62 94.44
CA ASN TA 372 -58.35 40.96 95.35
C ASN TA 372 -58.05 42.39 95.86
N ARG TA 373 -59.08 43.16 96.19
CA ARG TA 373 -58.87 44.58 96.57
C ARG TA 373 -58.89 44.84 98.08
N ASP TA 374 -57.82 45.43 98.62
CA ASP TA 374 -57.69 45.84 100.05
C ASP TA 374 -57.91 44.71 101.07
N ASN TA 375 -57.40 43.50 100.83
CA ASN TA 375 -57.58 42.33 101.73
C ASN TA 375 -59.07 42.04 101.96
N THR TA 376 -59.89 42.11 100.90
CA THR TA 376 -61.36 41.86 100.91
C THR TA 376 -61.73 40.91 99.75
N GLU TA 377 -62.97 40.40 99.66
CA GLU TA 377 -63.45 39.46 98.60
C GLU TA 377 -63.65 40.11 97.21
N ASN TA 378 -63.69 41.43 97.12
CA ASN TA 378 -63.85 42.20 95.85
C ASN TA 378 -62.65 42.19 94.89
N PRO TA 379 -62.90 42.19 93.57
CA PRO TA 379 -61.87 42.35 92.54
C PRO TA 379 -61.30 43.77 92.23
N THR TA 380 -60.27 43.84 91.40
CA THR TA 380 -59.58 45.06 90.95
C THR TA 380 -59.68 45.13 89.44
N GLU TA 381 -59.39 46.29 88.82
CA GLU TA 381 -59.34 46.49 87.35
C GLU TA 381 -58.25 45.59 86.72
N ARG TA 382 -57.13 45.38 87.36
CA ARG TA 382 -56.03 44.46 86.94
C ARG TA 382 -56.45 42.97 87.00
N SER TA 383 -57.48 42.60 87.78
CA SER TA 383 -57.95 41.20 87.95
C SER TA 383 -58.37 40.58 86.61
N SER TA 384 -58.00 39.33 86.35
CA SER TA 384 -58.12 38.65 85.03
C SER TA 384 -59.03 37.40 85.00
N PHE TA 385 -59.75 37.24 83.91
CA PHE TA 385 -60.58 36.03 83.66
C PHE TA 385 -59.96 35.24 82.50
N PHE TA 386 -59.83 33.95 82.68
CA PHE TA 386 -59.31 33.07 81.61
C PHE TA 386 -60.34 32.01 81.21
N CYS TA 387 -60.63 31.87 79.91
CA CYS TA 387 -61.50 30.81 79.34
C CYS TA 387 -60.68 29.65 78.74
N LEU TA 388 -60.87 28.41 79.19
CA LEU TA 388 -60.19 27.17 78.66
C LEU TA 388 -60.66 26.83 77.24
N GLU TA 389 -61.93 27.08 76.92
CA GLU TA 389 -62.54 26.78 75.60
C GLU TA 389 -61.96 27.69 74.50
N TYR TA 390 -61.34 28.80 74.86
CA TYR TA 390 -60.61 29.70 73.93
C TYR TA 390 -59.40 28.98 73.31
N PHE TA 391 -58.69 28.14 74.03
CA PHE TA 391 -57.58 27.30 73.50
C PHE TA 391 -58.09 26.18 72.59
N PRO TA 392 -57.33 25.73 71.57
CA PRO TA 392 -57.68 24.51 70.83
C PRO TA 392 -57.54 23.14 71.59
N SER TA 393 -58.46 22.18 71.45
CA SER TA 393 -58.41 20.86 72.13
C SER TA 393 -58.74 19.66 71.22
N LYS TA 394 -58.13 18.50 71.46
CA LYS TA 394 -58.49 17.24 70.77
C LYS TA 394 -59.84 16.70 71.27
N MET TA 395 -60.67 16.15 70.39
CA MET TA 395 -61.97 15.53 70.78
C MET TA 395 -61.89 14.00 70.61
N LEU TA 396 -62.25 13.26 71.66
CA LEU TA 396 -62.12 11.78 71.62
C LEU TA 396 -63.40 11.00 71.89
N ARG TA 397 -63.73 10.07 71.01
CA ARG TA 397 -64.78 9.04 71.24
C ARG TA 397 -64.10 7.78 71.87
N THR TA 398 -64.86 6.70 72.16
CA THR TA 398 -64.37 5.42 72.78
C THR TA 398 -63.22 4.76 72.03
N GLY TA 399 -63.16 4.77 70.70
CA GLY TA 399 -62.02 4.34 69.85
C GLY TA 399 -60.74 5.12 69.97
N ASN TA 400 -60.80 6.44 70.18
CA ASN TA 400 -59.66 7.41 70.17
C ASN TA 400 -58.67 7.44 71.35
N ASN TA 401 -57.45 7.92 71.13
CA ASN TA 401 -56.36 8.01 72.15
C ASN TA 401 -55.61 9.36 72.03
N PHE TA 402 -54.92 9.81 73.08
CA PHE TA 402 -54.07 11.03 73.09
C PHE TA 402 -52.64 10.75 73.57
N GLU TA 403 -51.62 11.35 72.94
CA GLU TA 403 -50.21 11.22 73.38
C GLU TA 403 -49.45 12.56 73.47
N PHE TA 404 -48.54 12.73 74.44
CA PHE TA 404 -47.65 13.94 74.56
C PHE TA 404 -46.18 13.54 74.93
N THR TA 405 -45.18 14.32 74.52
CA THR TA 405 -43.73 14.12 74.87
C THR TA 405 -43.12 15.42 75.39
N TYR TA 406 -42.25 15.36 76.42
CA TYR TA 406 -41.55 16.55 76.98
C TYR TA 406 -40.06 16.29 77.28
N ASN TA 407 -39.20 17.30 77.15
CA ASN TA 407 -37.76 17.21 77.55
C ASN TA 407 -37.48 18.22 78.67
N PHE TA 408 -36.83 17.79 79.72
CA PHE TA 408 -36.48 18.68 80.86
C PHE TA 408 -35.28 19.55 80.47
N GLU TA 409 -35.20 20.78 80.96
CA GLU TA 409 -34.02 21.67 80.79
C GLU TA 409 -32.84 21.16 81.65
N GLU TA 410 -31.61 21.55 81.31
CA GLU TA 410 -30.47 21.17 82.18
C GLU TA 410 -30.66 21.73 83.60
N VAL TA 411 -30.46 20.90 84.60
CA VAL TA 411 -30.68 21.27 86.02
C VAL TA 411 -29.55 20.59 86.81
N PRO TA 412 -29.13 21.13 87.97
CA PRO TA 412 -28.16 20.41 88.81
C PRO TA 412 -28.70 19.11 89.46
N PHE TA 413 -27.85 18.09 89.63
CA PHE TA 413 -28.24 16.83 90.32
C PHE TA 413 -28.57 17.07 91.78
N HIS TA 414 -29.59 16.42 92.35
CA HIS TA 414 -29.86 16.45 93.81
C HIS TA 414 -28.70 15.75 94.52
N SER TA 415 -28.31 16.22 95.71
CA SER TA 415 -27.22 15.59 96.49
C SER TA 415 -27.72 14.53 97.47
N SER TA 416 -27.60 13.24 97.14
CA SER TA 416 -27.98 12.10 98.01
C SER TA 416 -26.78 11.64 98.85
N PHE TA 417 -26.28 12.47 99.75
CA PHE TA 417 -25.13 12.12 100.61
C PHE TA 417 -25.16 13.00 101.85
N ALA TA 418 -24.49 12.53 102.89
CA ALA TA 418 -24.34 13.30 104.14
C ALA TA 418 -22.85 13.62 104.29
N PRO TA 419 -22.49 14.86 104.71
CA PRO TA 419 -21.10 15.17 105.02
C PRO TA 419 -20.43 14.40 106.18
N SER TA 420 -19.19 13.97 105.96
CA SER TA 420 -18.40 13.24 106.99
C SER TA 420 -17.48 14.18 107.80
N GLN TA 421 -17.47 15.48 107.50
CA GLN TA 421 -16.67 16.48 108.27
C GLN TA 421 -17.46 17.72 108.65
N ASN TA 422 -17.17 18.31 109.80
CA ASN TA 422 -17.68 19.64 110.25
C ASN TA 422 -17.00 20.77 109.43
N LEU TA 423 -17.74 21.82 109.08
CA LEU TA 423 -17.26 23.00 108.29
C LEU TA 423 -16.14 23.75 109.03
N PHE TA 424 -16.22 23.86 110.36
CA PHE TA 424 -15.22 24.53 111.21
C PHE TA 424 -14.02 23.65 111.68
N LYS TA 425 -13.93 22.34 111.38
CA LYS TA 425 -12.86 21.40 111.84
C LYS TA 425 -11.95 20.91 110.69
N LEU TA 426 -11.66 21.70 109.65
CA LEU TA 426 -10.91 21.28 108.42
C LEU TA 426 -9.38 21.41 108.47
N ALA TA 427 -8.82 22.10 109.46
CA ALA TA 427 -7.36 22.17 109.64
C ALA TA 427 -6.85 20.81 110.11
N ASN TA 428 -5.60 20.45 109.75
CA ASN TA 428 -4.99 19.20 110.23
C ASN TA 428 -4.92 19.27 111.77
N PRO TA 429 -5.34 18.20 112.47
CA PRO TA 429 -5.27 18.14 113.92
C PRO TA 429 -3.83 18.18 114.53
N LEU TA 430 -2.83 17.56 113.91
CA LEU TA 430 -1.38 17.55 114.24
C LEU TA 430 -0.61 18.86 114.12
N VAL TA 431 -0.91 19.72 113.15
CA VAL TA 431 -0.10 20.93 112.85
C VAL TA 431 -0.69 22.29 113.28
N ASP TA 432 0.11 23.15 113.92
CA ASP TA 432 -0.26 24.56 114.29
C ASP TA 432 -0.32 25.53 113.11
N GLN TA 433 -1.17 26.53 113.17
CA GLN TA 433 -1.25 27.62 112.17
C GLN TA 433 -0.10 28.64 112.26
N TYR TA 434 0.32 29.27 111.17
CA TYR TA 434 1.29 30.41 111.21
C TYR TA 434 0.57 31.76 111.48
N LEU TA 435 -0.55 31.74 112.17
CA LEU TA 435 -1.41 32.93 112.36
C LEU TA 435 -1.65 33.19 113.85
N TYR TA 436 -1.87 34.45 114.21
CA TYR TA 436 -1.97 34.84 115.63
C TYR TA 436 -3.25 35.61 115.92
N ARG TA 437 -3.70 35.57 117.17
CA ARG TA 437 -4.98 36.22 117.58
C ARG TA 437 -4.75 37.13 118.80
N PHE TA 438 -5.59 38.16 118.95
CA PHE TA 438 -5.53 39.03 120.14
C PHE TA 438 -6.26 38.36 121.27
N VAL TA 439 -5.59 38.27 122.41
CA VAL TA 439 -6.21 37.65 123.59
C VAL TA 439 -6.30 38.57 124.81
N SER TA 440 -5.56 39.67 124.83
CA SER TA 440 -5.44 40.42 126.10
C SER TA 440 -4.95 41.88 126.06
N THR TA 441 -5.17 42.59 127.14
CA THR TA 441 -4.61 43.94 127.33
C THR TA 441 -3.91 43.88 128.70
N ASN TA 442 -2.77 44.54 128.90
CA ASN TA 442 -2.04 44.60 130.20
C ASN TA 442 -2.57 45.71 131.15
N ASN TA 443 -1.93 45.93 132.31
CA ASN TA 443 -2.40 46.93 133.33
C ASN TA 443 -2.43 48.32 132.69
N THR TA 444 -1.47 48.69 131.86
CA THR TA 444 -1.57 49.87 130.99
C THR TA 444 -2.25 49.22 129.82
N GLY TA 445 -3.22 49.80 129.16
CA GLY TA 445 -3.99 48.95 128.20
C GLY TA 445 -3.28 48.62 126.91
N GLY TA 446 -2.20 47.83 126.96
CA GLY TA 446 -1.38 47.47 125.78
C GLY TA 446 -1.74 46.11 125.25
N VAL TA 447 -1.94 45.98 123.94
CA VAL TA 447 -2.42 44.72 123.29
C VAL TA 447 -1.43 43.54 123.35
N GLN TA 448 -1.96 42.33 123.51
CA GLN TA 448 -1.14 41.10 123.65
C GLN TA 448 -1.66 40.02 122.70
N PHE TA 449 -0.78 39.14 122.22
CA PHE TA 449 -1.14 38.13 121.19
C PHE TA 449 -0.65 36.73 121.52
N ASN TA 450 -1.34 35.70 121.01
CA ASN TA 450 -0.94 34.27 121.18
C ASN TA 450 -1.07 33.56 119.84
N LYS TA 451 -0.22 32.59 119.57
CA LYS TA 451 -0.29 31.72 118.36
C LYS TA 451 -1.44 30.71 118.41
N ASN TA 452 -1.94 30.31 117.25
CA ASN TA 452 -3.05 29.32 117.17
C ASN TA 452 -2.49 27.89 117.15
N LEU TA 453 -2.80 27.09 118.16
CA LEU TA 453 -2.32 25.69 118.33
C LEU TA 453 -3.09 24.61 117.55
N ALA TA 454 -2.47 23.46 117.34
CA ALA TA 454 -3.10 22.33 116.62
C ALA TA 454 -4.35 21.76 117.34
N GLY TA 455 -5.45 21.57 116.60
CA GLY TA 455 -6.72 21.02 117.10
C GLY TA 455 -7.60 21.99 117.87
N ARG TA 456 -7.21 23.25 118.02
CA ARG TA 456 -7.98 24.28 118.78
C ARG TA 456 -8.99 24.96 117.82
N TYR TA 457 -10.07 24.27 117.44
CA TYR TA 457 -11.10 24.70 116.43
C TYR TA 457 -11.87 25.93 116.89
N ALA TA 458 -12.00 26.11 118.19
CA ALA TA 458 -12.62 27.30 118.77
C ALA TA 458 -11.85 28.58 118.34
N ASN TA 459 -10.52 28.56 118.22
CA ASN TA 459 -9.67 29.75 117.95
C ASN TA 459 -8.91 29.78 116.62
N THR TA 460 -9.40 29.24 115.53
CA THR TA 460 -8.64 29.01 114.27
C THR TA 460 -9.18 29.94 113.21
N TYR TA 461 -8.35 30.45 112.32
CA TYR TA 461 -8.78 31.29 111.17
C TYR TA 461 -9.60 30.41 110.24
N LYS TA 462 -10.68 30.95 109.68
CA LYS TA 462 -11.61 30.16 108.84
C LYS TA 462 -11.82 30.76 107.45
N ASN TA 463 -11.69 29.99 106.38
CA ASN TA 463 -12.07 30.40 104.98
C ASN TA 463 -13.56 30.55 104.68
N TRP TA 464 -14.42 29.71 105.23
CA TRP TA 464 -15.83 29.58 104.78
C TRP TA 464 -16.83 29.68 105.90
N PHE TA 465 -18.03 30.07 105.56
CA PHE TA 465 -19.06 30.37 106.59
C PHE TA 465 -20.31 29.59 106.32
N PRO TA 466 -21.09 29.29 107.38
CA PRO TA 466 -22.39 28.64 107.24
C PRO TA 466 -23.50 29.45 106.59
N GLY TA 467 -24.52 28.78 106.07
CA GLY TA 467 -25.66 29.39 105.36
C GLY TA 467 -26.66 30.18 106.19
N PRO TA 468 -27.56 30.95 105.55
CA PRO TA 468 -28.50 31.83 106.25
C PRO TA 468 -29.54 31.24 107.22
N MET TA 469 -29.83 31.95 108.31
CA MET TA 469 -30.72 31.41 109.35
C MET TA 469 -31.78 32.41 109.87
N GLY TA 470 -32.99 31.97 110.25
CA GLY TA 470 -33.97 32.79 110.99
C GLY TA 470 -34.48 31.99 112.18
N ARG TA 471 -34.50 32.50 113.41
CA ARG TA 471 -34.90 31.65 114.58
C ARG TA 471 -36.39 31.19 114.57
N THR TA 472 -36.66 29.91 114.83
CA THR TA 472 -38.01 29.29 114.86
C THR TA 472 -38.15 28.48 116.14
N GLN TA 473 -39.32 28.48 116.77
CA GLN TA 473 -39.53 27.83 118.10
C GLN TA 473 -39.31 26.30 118.06
N GLY TA 474 -38.71 25.75 119.11
CA GLY TA 474 -38.46 24.31 119.23
C GLY TA 474 -39.40 23.63 120.20
N TRP TA 475 -39.98 22.50 119.79
CA TRP TA 475 -40.93 21.72 120.62
C TRP TA 475 -40.42 20.28 120.82
N ASN TA 476 -40.48 19.79 122.05
CA ASN TA 476 -40.07 18.40 122.38
C ASN TA 476 -41.11 17.37 121.93
N LEU TA 477 -40.66 16.19 121.54
CA LEU TA 477 -41.53 15.08 121.04
C LEU TA 477 -41.24 13.87 121.93
N GLY TA 478 -42.10 12.86 121.97
CA GLY TA 478 -41.90 11.71 122.87
C GLY TA 478 -41.96 12.09 124.33
N SER TA 479 -40.89 11.84 125.08
CA SER TA 479 -40.85 12.19 126.53
C SER TA 479 -41.02 13.71 126.68
N GLY TA 480 -40.41 14.54 125.83
CA GLY TA 480 -40.80 15.97 125.80
C GLY TA 480 -40.64 16.76 127.06
N VAL TA 481 -41.72 17.37 127.57
CA VAL TA 481 -41.72 18.31 128.75
C VAL TA 481 -42.02 19.78 128.30
N ASN TA 482 -42.74 20.00 127.21
CA ASN TA 482 -43.19 21.34 126.69
C ASN TA 482 -44.29 22.05 127.50
N ARG TA 483 -44.45 23.38 127.34
CA ARG TA 483 -45.50 24.22 128.02
C ARG TA 483 -46.96 23.86 127.64
N ALA TA 484 -47.86 23.84 128.63
CA ALA TA 484 -49.28 23.42 128.50
C ALA TA 484 -50.28 24.44 127.96
N SER TA 485 -51.36 23.97 127.32
CA SER TA 485 -52.51 24.82 126.87
C SER TA 485 -52.16 26.00 125.97
N VAL TA 486 -51.28 25.81 125.00
CA VAL TA 486 -50.80 26.93 124.13
C VAL TA 486 -51.59 27.00 122.81
N SER TA 487 -51.98 28.20 122.38
CA SER TA 487 -52.51 28.39 121.00
C SER TA 487 -51.32 28.89 120.18
N ALA TA 488 -50.89 28.14 119.18
CA ALA TA 488 -49.66 28.42 118.38
C ALA TA 488 -49.62 29.69 117.51
N PHE TA 489 -50.71 30.14 116.86
CA PHE TA 489 -50.68 31.15 115.77
C PHE TA 489 -50.11 32.56 116.08
N ALA TA 490 -50.36 33.16 117.24
CA ALA TA 490 -49.88 34.53 117.57
C ALA TA 490 -48.35 34.58 117.59
N THR TA 491 -47.67 33.54 118.07
CA THR TA 491 -46.21 33.51 118.22
C THR TA 491 -45.48 32.86 117.05
N THR TA 492 -46.16 32.48 115.97
CA THR TA 492 -45.55 31.88 114.76
C THR TA 492 -44.77 32.87 113.90
N ASN TA 493 -43.80 32.39 113.11
CA ASN TA 493 -43.02 33.22 112.15
C ASN TA 493 -43.88 33.74 111.00
N ARG TA 494 -43.67 34.99 110.58
CA ARG TA 494 -44.56 35.59 109.54
C ARG TA 494 -43.82 36.53 108.59
N MET TA 495 -44.34 36.72 107.38
CA MET TA 495 -43.82 37.73 106.42
C MET TA 495 -45.03 38.59 106.02
N GLU TA 496 -44.84 39.90 105.78
CA GLU TA 496 -45.96 40.83 105.47
C GLU TA 496 -46.01 41.15 103.96
N LEU TA 497 -47.15 40.92 103.28
CA LEU TA 497 -47.33 41.29 101.85
C LEU TA 497 -48.62 42.09 101.67
N GLU TA 498 -48.63 43.24 101.00
CA GLU TA 498 -49.85 44.02 100.62
C GLU TA 498 -50.75 44.37 101.82
N GLY TA 499 -50.21 44.67 102.99
CA GLY TA 499 -51.04 44.90 104.18
C GLY TA 499 -51.53 43.68 104.96
N ALA TA 500 -51.11 42.45 104.66
CA ALA TA 500 -51.54 41.29 105.48
C ALA TA 500 -50.35 40.47 106.02
N SER TA 501 -50.51 39.80 107.15
CA SER TA 501 -49.45 38.93 107.77
C SER TA 501 -49.69 37.47 107.35
N TYR TA 502 -48.66 36.84 106.83
CA TYR TA 502 -48.78 35.44 106.34
C TYR TA 502 -47.83 34.50 107.03
N GLN TA 503 -48.33 33.36 107.45
CA GLN TA 503 -47.42 32.29 107.90
C GLN TA 503 -46.71 31.76 106.64
N VAL TA 504 -45.45 31.41 106.75
CA VAL TA 504 -44.64 30.89 105.62
C VAL TA 504 -44.13 29.56 106.19
N PRO TA 505 -44.98 28.50 106.23
CA PRO TA 505 -44.71 27.27 106.94
C PRO TA 505 -43.49 26.48 106.56
N PRO TA 506 -43.00 26.30 105.31
CA PRO TA 506 -41.68 25.69 105.16
C PRO TA 506 -40.83 26.94 105.41
N GLN TA 507 -39.80 26.91 106.23
CA GLN TA 507 -38.97 28.15 106.30
C GLN TA 507 -38.02 28.19 105.07
N PRO TA 508 -37.30 29.29 104.74
CA PRO TA 508 -36.30 29.30 103.66
C PRO TA 508 -35.02 28.41 103.87
N ASN TA 509 -34.35 27.89 102.83
CA ASN TA 509 -33.19 26.94 102.94
C ASN TA 509 -31.92 27.39 103.69
N GLY TA 510 -31.09 26.45 104.18
CA GLY TA 510 -29.85 26.71 104.95
C GLY TA 510 -29.88 26.42 106.43
N MET TA 511 -30.95 25.84 106.94
CA MET TA 511 -31.02 25.48 108.36
C MET TA 511 -31.29 23.98 108.61
N THR TA 512 -31.07 23.51 109.84
CA THR TA 512 -31.48 22.14 110.25
C THR TA 512 -32.51 22.24 111.37
N ASN TA 513 -33.67 21.59 111.25
CA ASN TA 513 -34.75 21.44 112.29
C ASN TA 513 -34.38 20.61 113.54
N ASN TA 514 -33.63 19.52 113.43
CA ASN TA 514 -33.36 18.58 114.56
C ASN TA 514 -31.85 18.30 114.68
N LEU TA 515 -31.28 18.30 115.89
CA LEU TA 515 -29.84 17.96 116.12
C LEU TA 515 -29.35 16.49 115.86
N GLN TA 516 -30.04 15.40 116.22
CA GLN TA 516 -29.59 13.97 116.12
C GLN TA 516 -29.70 13.42 117.55
N GLY TA 517 -30.26 12.23 117.72
CA GLY TA 517 -30.62 11.94 119.12
C GLY TA 517 -31.68 13.00 119.33
N SER TA 518 -31.54 13.92 120.27
CA SER TA 518 -32.49 15.01 120.59
C SER TA 518 -33.96 14.87 120.14
N ASN TA 519 -34.86 15.27 121.04
CA ASN TA 519 -36.31 15.22 120.75
C ASN TA 519 -36.84 16.64 120.51
N THR TA 520 -35.96 17.63 120.37
CA THR TA 520 -36.37 19.00 120.00
C THR TA 520 -36.45 19.16 118.49
N TYR TA 521 -37.57 19.67 118.02
CA TYR TA 521 -37.80 19.87 116.57
C TYR TA 521 -38.34 21.25 116.39
N ALA TA 522 -37.85 21.93 115.36
CA ALA TA 522 -38.50 23.21 115.04
C ALA TA 522 -39.62 22.85 114.06
N LEU TA 523 -40.88 22.85 114.51
CA LEU TA 523 -42.07 22.34 113.75
C LEU TA 523 -42.40 23.12 112.45
N GLU TA 524 -42.21 24.44 112.43
CA GLU TA 524 -42.46 25.27 111.24
C GLU TA 524 -41.31 25.16 110.20
N ASN TA 525 -40.21 24.49 110.51
CA ASN TA 525 -39.12 24.18 109.54
C ASN TA 525 -39.20 22.72 109.05
N THR TA 526 -40.25 21.97 109.37
CA THR TA 526 -40.33 20.52 109.04
C THR TA 526 -41.48 20.19 108.12
N MET TA 527 -41.26 19.33 107.12
CA MET TA 527 -42.36 18.75 106.31
C MET TA 527 -43.12 17.73 107.17
N ILE TA 528 -44.43 17.90 107.32
CA ILE TA 528 -45.30 16.94 108.07
C ILE TA 528 -46.30 16.27 107.11
N PHE TA 529 -46.41 14.95 107.17
CA PHE TA 529 -47.24 14.15 106.23
C PHE TA 529 -48.12 13.19 107.01
N ASN TA 530 -49.18 12.69 106.40
CA ASN TA 530 -50.08 11.66 106.99
C ASN TA 530 -49.78 10.32 106.30
N SER TA 531 -49.72 9.21 107.05
CA SER TA 531 -49.55 7.85 106.48
C SER TA 531 -50.74 7.49 105.59
N GLN TA 532 -51.96 7.85 106.00
CA GLN TA 532 -53.21 7.54 105.26
C GLN TA 532 -53.80 8.79 104.62
N PRO TA 533 -54.48 8.70 103.45
CA PRO TA 533 -55.19 9.83 102.85
C PRO TA 533 -56.39 10.27 103.68
N ALA TA 534 -56.75 11.54 103.59
CA ALA TA 534 -57.83 12.12 104.43
C ALA TA 534 -59.01 12.63 103.61
N ASN TA 535 -60.18 12.64 104.22
CA ASN TA 535 -61.40 13.21 103.61
C ASN TA 535 -61.27 14.75 103.51
N PRO TA 536 -61.84 15.38 102.47
CA PRO TA 536 -61.80 16.84 102.36
C PRO TA 536 -62.50 17.65 103.45
N GLY TA 537 -61.86 18.74 103.91
CA GLY TA 537 -62.44 19.64 104.90
C GLY TA 537 -62.34 19.20 106.33
N THR TA 538 -61.58 18.15 106.62
CA THR TA 538 -61.50 17.62 108.00
C THR TA 538 -60.94 18.70 108.93
N THR TA 539 -61.50 18.85 110.12
CA THR TA 539 -61.02 19.78 111.16
C THR TA 539 -60.54 19.00 112.37
N ALA TA 540 -60.38 17.69 112.26
CA ALA TA 540 -59.96 16.81 113.39
C ALA TA 540 -58.55 17.08 113.94
N THR TA 541 -58.37 16.99 115.26
CA THR TA 541 -57.02 17.10 115.87
C THR TA 541 -56.22 15.84 115.60
N TYR TA 542 -54.94 15.97 115.33
CA TYR TA 542 -54.04 14.81 115.13
C TYR TA 542 -52.90 14.87 116.11
N LEU TA 543 -52.66 13.77 116.81
CA LEU TA 543 -51.49 13.61 117.70
C LEU TA 543 -50.24 13.16 116.90
N GLU TA 544 -49.07 13.15 117.51
CA GLU TA 544 -47.76 12.82 116.88
C GLU TA 544 -47.70 11.39 116.30
N GLY TA 545 -48.32 10.39 116.96
CA GLY TA 545 -48.29 9.00 116.50
C GLY TA 545 -48.90 8.83 115.13
N ASN TA 546 -50.00 9.51 114.83
CA ASN TA 546 -50.58 9.52 113.46
C ASN TA 546 -49.65 10.16 112.42
N MET TA 547 -48.90 11.21 112.76
CA MET TA 547 -48.11 11.99 111.76
C MET TA 547 -46.76 11.39 111.34
N LEU TA 548 -46.30 11.70 110.12
CA LEU TA 548 -44.94 11.31 109.69
C LEU TA 548 -44.09 12.58 109.73
N ILE TA 549 -43.10 12.66 110.61
CA ILE TA 549 -42.31 13.91 110.81
C ILE TA 549 -40.85 13.71 110.35
N THR TA 550 -40.39 14.52 109.43
CA THR TA 550 -39.03 14.48 108.85
C THR TA 550 -37.95 15.13 109.72
N SER TA 551 -36.70 14.71 109.57
CA SER TA 551 -35.53 15.27 110.29
C SER TA 551 -34.46 15.62 109.26
N GLU TA 552 -33.75 16.72 109.45
CA GLU TA 552 -32.68 17.20 108.53
C GLU TA 552 -31.31 17.05 109.24
N SER TA 553 -31.17 16.17 110.22
CA SER TA 553 -29.98 16.02 111.10
C SER TA 553 -28.68 15.70 110.32
N GLU TA 554 -28.74 15.09 109.15
CA GLU TA 554 -27.56 14.80 108.27
C GLU TA 554 -26.84 16.10 107.84
N THR TA 555 -27.54 17.21 107.63
CA THR TA 555 -26.99 18.51 107.16
C THR TA 555 -26.40 19.35 108.30
N GLN TA 556 -26.45 18.90 109.55
CA GLN TA 556 -26.01 19.64 110.76
C GLN TA 556 -24.52 20.02 110.71
N PRO TA 557 -23.56 19.21 110.18
CA PRO TA 557 -22.18 19.65 109.98
C PRO TA 557 -21.99 20.98 109.20
N VAL TA 558 -22.86 21.36 108.25
CA VAL TA 558 -22.88 22.68 107.53
C VAL TA 558 -24.12 23.57 107.75
N ASN TA 559 -25.17 23.17 108.46
CA ASN TA 559 -26.42 23.98 108.53
C ASN TA 559 -26.70 24.34 109.97
N ARG TA 560 -26.97 25.61 110.23
CA ARG TA 560 -27.25 26.09 111.61
C ARG TA 560 -28.61 25.58 112.13
N VAL TA 561 -28.71 25.34 113.43
CA VAL TA 561 -29.98 24.90 114.07
C VAL TA 561 -31.00 26.06 114.19
N ALA TA 562 -32.26 25.85 113.76
CA ALA TA 562 -33.36 26.85 113.76
C ALA TA 562 -33.79 27.33 115.15
N TYR TA 563 -33.88 26.44 116.12
CA TYR TA 563 -34.30 26.79 117.52
C TYR TA 563 -33.29 27.74 118.22
N ASN TA 564 -31.99 27.56 118.00
CA ASN TA 564 -30.90 28.35 118.65
C ASN TA 564 -30.61 29.72 118.03
N VAL TA 565 -29.99 30.65 118.77
CA VAL TA 565 -29.45 31.96 118.23
C VAL TA 565 -28.27 31.71 117.26
N GLY TA 566 -28.11 32.48 116.19
CA GLY TA 566 -27.01 32.40 115.19
C GLY TA 566 -25.57 32.71 115.61
N GLY TA 567 -25.32 33.71 116.46
CA GLY TA 567 -23.96 34.15 116.80
C GLY TA 567 -24.00 35.44 117.57
N GLN TA 568 -22.84 36.09 117.77
CA GLN TA 568 -22.72 37.39 118.48
C GLN TA 568 -21.89 38.42 117.68
N MET TA 569 -22.18 39.72 117.80
CA MET TA 569 -21.43 40.84 117.14
C MET TA 569 -21.20 41.99 118.14
N ALA TA 570 -20.22 42.87 117.91
CA ALA TA 570 -19.91 44.05 118.78
C ALA TA 570 -21.01 45.13 118.79
N THR TA 571 -21.32 45.65 119.97
CA THR TA 571 -22.39 46.66 120.14
C THR TA 571 -21.87 48.01 120.65
N ASN TA 572 -20.57 48.22 120.78
CA ASN TA 572 -20.02 49.43 121.46
C ASN TA 572 -18.59 49.70 121.03
N ASN TA 573 -18.04 50.82 121.46
CA ASN TA 573 -16.60 51.12 121.28
C ASN TA 573 -15.95 51.07 122.66
N GLN TA 574 -14.89 50.28 122.84
CA GLN TA 574 -14.13 50.18 124.13
C GLN TA 574 -13.31 51.47 124.37
N SER TA 575 -13.06 51.80 125.63
CA SER TA 575 -12.30 53.01 126.02
C SER TA 575 -11.72 52.72 127.41
N SER TA 576 -10.82 53.54 127.91
CA SER TA 576 -10.35 53.32 129.31
C SER TA 576 -11.54 53.39 130.25
N THR TA 577 -12.46 54.34 130.07
CA THR TA 577 -13.74 54.41 130.82
C THR TA 577 -14.68 53.25 130.56
N THR TA 578 -14.80 52.74 129.32
CA THR TA 578 -15.82 51.73 128.98
C THR TA 578 -15.31 50.35 128.60
N ALA TA 579 -15.81 49.29 129.25
CA ALA TA 579 -15.51 47.89 128.88
C ALA TA 579 -16.16 47.48 127.56
N PRO TA 580 -15.55 46.57 126.77
CA PRO TA 580 -16.17 46.05 125.56
C PRO TA 580 -17.45 45.21 125.74
N ALA TA 581 -18.42 45.28 124.81
CA ALA TA 581 -19.73 44.58 124.91
C ALA TA 581 -20.12 43.85 123.62
N THR TA 582 -20.87 42.77 123.72
CA THR TA 582 -21.37 42.01 122.54
C THR TA 582 -22.87 41.81 122.63
N GLY TA 583 -23.51 41.55 121.49
CA GLY TA 583 -24.94 41.19 121.49
C GLY TA 583 -25.26 40.01 120.58
N THR TA 584 -26.17 39.12 120.98
CA THR TA 584 -26.64 38.00 120.11
C THR TA 584 -27.59 38.45 119.02
N TYR TA 585 -27.62 37.75 117.89
CA TYR TA 585 -28.58 38.03 116.77
C TYR TA 585 -29.52 36.79 116.51
N ASN TA 586 -30.79 37.01 116.14
CA ASN TA 586 -31.80 35.91 115.89
C ASN TA 586 -31.97 35.64 114.39
N LEU TA 587 -31.41 36.49 113.52
CA LEU TA 587 -31.50 36.29 112.06
C LEU TA 587 -30.23 36.75 111.33
N GLN TA 588 -29.85 36.09 110.25
CA GLN TA 588 -28.72 36.52 109.38
C GLN TA 588 -29.04 36.05 107.96
N GLU TA 589 -28.51 36.71 106.95
CA GLU TA 589 -28.82 36.39 105.54
C GLU TA 589 -27.50 36.10 104.83
N ILE TA 590 -27.51 35.94 103.52
CA ILE TA 590 -26.31 35.53 102.73
C ILE TA 590 -25.13 36.50 102.84
N VAL TA 591 -23.93 35.95 102.96
CA VAL TA 591 -22.67 36.72 103.07
C VAL TA 591 -21.74 36.07 102.04
N PRO TA 592 -20.74 36.76 101.48
CA PRO TA 592 -19.78 36.11 100.59
C PRO TA 592 -18.96 35.00 101.28
N GLY TA 593 -18.68 33.89 100.60
CA GLY TA 593 -18.03 32.71 101.21
C GLY TA 593 -18.98 31.76 101.94
N SER TA 594 -20.28 31.98 101.84
CA SER TA 594 -21.36 31.15 102.43
C SER TA 594 -21.55 29.78 101.73
N VAL TA 595 -21.68 28.71 102.52
CA VAL TA 595 -21.91 27.32 102.00
C VAL TA 595 -23.10 26.70 102.78
N TRP TA 596 -23.95 25.94 102.11
CA TRP TA 596 -25.11 25.24 102.77
C TRP TA 596 -25.57 24.03 101.96
N MET TA 597 -26.39 23.20 102.57
CA MET TA 597 -27.05 22.05 101.89
C MET TA 597 -28.56 22.31 101.75
N GLU TA 598 -29.13 22.05 100.57
CA GLU TA 598 -30.59 22.16 100.31
C GLU TA 598 -31.38 21.03 100.99
N ARG TA 599 -32.68 21.22 101.21
CA ARG TA 599 -33.58 20.21 101.83
C ARG TA 599 -33.64 18.90 101.02
N ASP TA 600 -33.72 17.76 101.73
CA ASP TA 600 -33.82 16.41 101.13
C ASP TA 600 -35.18 16.09 100.51
N VAL TA 601 -35.18 15.32 99.43
CA VAL TA 601 -36.43 14.77 98.82
C VAL TA 601 -36.94 13.53 99.59
N TYR TA 602 -38.24 13.26 99.50
CA TYR TA 602 -38.89 12.09 100.17
C TYR TA 602 -39.68 11.34 99.12
N LEU TA 603 -39.91 10.05 99.31
CA LEU TA 603 -40.76 9.24 98.38
C LEU TA 603 -42.21 9.80 98.39
N GLN TA 604 -42.76 10.16 99.53
CA GLN TA 604 -44.07 10.85 99.72
C GLN TA 604 -44.10 12.28 99.13
N GLY TA 605 -42.97 12.97 99.03
CA GLY TA 605 -42.83 14.35 98.52
C GLY TA 605 -42.85 14.72 97.04
N PRO TA 606 -42.99 16.03 96.72
CA PRO TA 606 -42.85 16.54 95.34
C PRO TA 606 -41.55 16.64 94.54
N ILE TA 607 -41.51 16.29 93.26
CA ILE TA 607 -40.32 16.51 92.36
C ILE TA 607 -39.97 17.97 91.93
N TRP TA 608 -40.93 18.79 91.52
CA TRP TA 608 -40.60 20.10 90.90
C TRP TA 608 -41.51 21.25 91.31
N ALA TA 609 -41.06 22.49 91.08
CA ALA TA 609 -41.88 23.71 91.27
C ALA TA 609 -41.54 24.66 90.12
N LYS TA 610 -42.51 25.49 89.72
CA LYS TA 610 -42.29 26.52 88.68
C LYS TA 610 -41.69 27.80 89.28
N ILE TA 611 -40.61 28.30 88.68
CA ILE TA 611 -40.05 29.62 89.09
C ILE TA 611 -41.03 30.72 88.63
N PRO TA 612 -41.41 31.69 89.49
CA PRO TA 612 -42.30 32.79 89.10
C PRO TA 612 -41.69 33.82 88.16
N GLU TA 613 -42.45 34.36 87.21
CA GLU TA 613 -41.87 35.29 86.21
C GLU TA 613 -41.97 36.77 86.67
N THR TA 614 -40.89 37.32 87.21
CA THR TA 614 -40.84 38.70 87.72
C THR TA 614 -39.75 39.46 87.01
N GLY TA 615 -38.84 38.76 86.37
CA GLY TA 615 -37.62 39.31 85.78
C GLY TA 615 -36.44 39.38 86.74
N ALA TA 616 -36.61 39.13 88.04
CA ALA TA 616 -35.47 39.07 89.00
C ALA TA 616 -35.62 37.96 90.04
N HIS TA 617 -34.59 37.18 90.30
CA HIS TA 617 -34.62 36.11 91.34
C HIS TA 617 -33.21 35.81 91.84
N PHE TA 618 -33.09 35.20 93.01
CA PHE TA 618 -31.78 34.71 93.51
C PHE TA 618 -31.85 33.23 93.86
N HIS TA 619 -30.90 32.40 93.40
CA HIS TA 619 -30.74 30.96 93.78
C HIS TA 619 -32.07 30.22 93.80
N PRO TA 620 -32.51 29.65 92.66
CA PRO TA 620 -33.88 29.15 92.55
C PRO TA 620 -34.22 27.69 92.90
N SER TA 621 -34.07 27.40 94.17
CA SER TA 621 -34.37 26.05 94.70
C SER TA 621 -35.62 26.17 95.57
N PRO TA 622 -36.71 25.41 95.32
CA PRO TA 622 -37.92 25.55 96.13
C PRO TA 622 -37.84 25.09 97.60
N ALA TA 623 -38.52 25.77 98.50
CA ALA TA 623 -38.44 25.49 99.95
C ALA TA 623 -38.92 24.09 100.38
N MET TA 624 -40.00 23.57 99.80
CA MET TA 624 -40.54 22.22 100.07
C MET TA 624 -39.52 21.14 99.64
N GLY TA 625 -38.73 21.39 98.61
CA GLY TA 625 -37.72 20.46 98.09
C GLY TA 625 -37.84 20.28 96.60
N GLY TA 626 -36.90 19.58 95.97
CA GLY TA 626 -36.96 19.31 94.52
C GLY TA 626 -36.28 20.24 93.55
N PHE TA 627 -36.72 20.24 92.31
CA PHE TA 627 -36.07 20.98 91.20
C PHE TA 627 -36.91 22.19 90.77
N GLY TA 628 -36.26 23.36 90.69
CA GLY TA 628 -36.93 24.60 90.27
C GLY TA 628 -36.77 24.78 88.80
N LEU TA 629 -37.88 24.91 88.08
CA LEU TA 629 -37.81 24.96 86.60
C LEU TA 629 -38.44 26.21 86.01
N LYS TA 630 -37.73 26.90 85.12
CA LYS TA 630 -38.31 28.02 84.32
C LYS TA 630 -39.42 27.51 83.38
N HIS TA 631 -39.22 26.37 82.74
CA HIS TA 631 -40.23 25.77 81.83
C HIS TA 631 -40.58 24.37 82.32
N PRO TA 632 -41.55 24.28 83.25
CA PRO TA 632 -41.98 23.01 83.84
C PRO TA 632 -42.81 22.06 82.96
N PRO TA 633 -42.95 20.77 83.29
CA PRO TA 633 -43.80 19.92 82.48
C PRO TA 633 -45.21 20.55 82.49
N PRO TA 634 -45.87 20.69 81.32
CA PRO TA 634 -47.12 21.43 81.21
C PRO TA 634 -48.44 20.92 81.78
N MET TA 635 -49.35 21.83 82.14
CA MET TA 635 -50.72 21.47 82.62
C MET TA 635 -51.53 20.69 81.56
N MET TA 636 -52.13 19.58 81.99
CA MET TA 636 -52.94 18.70 81.10
C MET TA 636 -54.39 18.78 81.58
N LEU TA 637 -55.31 19.20 80.72
CA LEU TA 637 -56.71 19.50 81.10
C LEU TA 637 -57.70 18.63 80.31
N ILE TA 638 -58.67 18.05 81.01
CA ILE TA 638 -59.69 17.17 80.39
C ILE TA 638 -61.10 17.59 80.83
N LYS TA 639 -62.05 17.58 79.90
CA LYS TA 639 -63.47 17.86 80.25
C LYS TA 639 -64.44 16.92 79.52
N ASN TA 640 -65.62 16.74 80.07
CA ASN TA 640 -66.72 16.01 79.37
C ASN TA 640 -67.47 17.02 78.50
N THR TA 641 -67.68 16.74 77.22
CA THR TA 641 -68.47 17.63 76.34
C THR TA 641 -69.93 17.71 76.78
N PRO TA 642 -70.53 18.93 76.87
CA PRO TA 642 -71.95 19.05 77.14
C PRO TA 642 -72.85 18.34 76.14
N VAL TA 643 -73.75 17.52 76.65
CA VAL TA 643 -74.75 16.86 75.76
C VAL TA 643 -76.13 17.36 76.22
N PRO TA 644 -76.87 18.07 75.35
CA PRO TA 644 -78.19 18.59 75.70
C PRO TA 644 -79.42 17.69 75.93
N GLY TA 645 -80.32 18.07 76.84
CA GLY TA 645 -81.63 17.43 77.09
C GLY TA 645 -82.64 17.88 76.04
N ASN TA 646 -83.84 17.32 76.01
CA ASN TA 646 -84.79 17.63 74.89
C ASN TA 646 -85.21 19.10 74.87
N ILE TA 647 -85.04 19.76 73.73
CA ILE TA 647 -85.45 21.20 73.59
C ILE TA 647 -86.45 21.25 72.43
N THR TA 648 -87.64 21.81 72.64
CA THR TA 648 -88.70 21.80 71.61
C THR TA 648 -88.96 23.17 71.03
N SER TA 649 -88.43 24.23 71.63
CA SER TA 649 -88.71 25.62 71.19
C SER TA 649 -87.42 26.45 71.10
N PHE TA 650 -87.38 27.47 70.25
CA PHE TA 650 -86.24 28.40 70.13
C PHE TA 650 -86.14 29.47 71.23
N SER TA 651 -84.94 29.70 71.78
CA SER TA 651 -84.72 30.86 72.66
C SER TA 651 -83.34 31.45 72.39
N ASP TA 652 -83.18 32.76 72.47
CA ASP TA 652 -81.86 33.44 72.47
C ASP TA 652 -81.10 33.04 73.74
N VAL TA 653 -81.82 32.87 74.87
CA VAL TA 653 -81.20 32.49 76.17
C VAL TA 653 -80.53 31.10 76.08
N PRO TA 654 -79.28 30.94 76.57
CA PRO TA 654 -78.55 29.67 76.50
C PRO TA 654 -79.16 28.47 77.24
N VAL TA 655 -78.98 27.28 76.67
CA VAL TA 655 -79.54 26.05 77.29
C VAL TA 655 -78.88 25.74 78.64
N SER TA 656 -79.70 25.44 79.63
CA SER TA 656 -79.26 25.07 80.99
C SER TA 656 -79.62 23.61 81.31
N SER TA 657 -80.20 22.87 80.38
CA SER TA 657 -80.67 21.47 80.63
C SER TA 657 -79.81 20.48 79.83
N PHE TA 658 -79.16 19.56 80.53
CA PHE TA 658 -78.19 18.63 79.88
C PHE TA 658 -78.37 17.25 80.42
N ILE TA 659 -78.07 16.22 79.63
CA ILE TA 659 -78.05 14.83 80.19
C ILE TA 659 -76.87 14.64 81.18
N THR TA 660 -77.05 13.92 82.30
CA THR TA 660 -75.98 13.66 83.31
C THR TA 660 -75.02 12.56 82.89
N GLN TA 661 -73.70 12.84 82.90
CA GLN TA 661 -72.67 11.93 82.34
C GLN TA 661 -71.35 11.93 83.12
N TYR TA 662 -70.55 10.86 83.04
CA TYR TA 662 -69.21 10.77 83.68
C TYR TA 662 -68.29 10.01 82.73
N SER TA 663 -66.98 10.16 82.88
CA SER TA 663 -66.00 9.43 82.03
C SER TA 663 -64.97 8.62 82.85
N THR TA 664 -64.44 7.55 82.26
CA THR TA 664 -63.42 6.70 82.89
C THR TA 664 -62.38 6.27 81.86
N GLY TA 665 -61.14 5.96 82.26
CA GLY TA 665 -60.09 5.48 81.36
C GLY TA 665 -58.79 5.09 82.02
N GLN TA 666 -57.75 4.87 81.23
CA GLN TA 666 -56.37 4.55 81.71
C GLN TA 666 -55.33 5.62 81.28
N VAL TA 667 -54.38 5.93 82.17
CA VAL TA 667 -53.27 6.88 81.86
C VAL TA 667 -51.90 6.20 82.10
N THR TA 668 -50.96 6.37 81.18
CA THR TA 668 -49.58 5.88 81.35
C THR TA 668 -48.58 7.03 81.37
N VAL TA 669 -47.65 7.07 82.34
CA VAL TA 669 -46.52 8.06 82.39
C VAL TA 669 -45.15 7.34 82.35
N GLU TA 670 -44.27 7.73 81.45
CA GLU TA 670 -42.91 7.18 81.32
C GLU TA 670 -41.88 8.29 81.60
N MET TA 671 -40.94 8.05 82.51
CA MET TA 671 -39.91 9.05 82.89
C MET TA 671 -38.49 8.48 82.82
N GLU TA 672 -37.56 9.29 82.33
CA GLU TA 672 -36.13 8.91 82.28
C GLU TA 672 -35.33 9.71 83.32
N TRP TA 673 -34.44 9.05 84.04
CA TRP TA 673 -33.62 9.68 85.10
C TRP TA 673 -32.13 9.46 84.86
N GLU TA 674 -31.32 10.48 85.12
CA GLU TA 674 -29.84 10.36 85.04
C GLU TA 674 -29.26 10.17 86.45
N LEU TA 675 -28.34 9.24 86.62
CA LEU TA 675 -27.76 8.87 87.93
C LEU TA 675 -26.29 9.27 88.06
N LYS TA 676 -25.87 9.72 89.25
CA LYS TA 676 -24.43 9.97 89.51
C LYS TA 676 -23.90 8.87 90.45
N LYS TA 677 -22.90 8.14 90.02
CA LYS TA 677 -22.24 7.04 90.79
C LYS TA 677 -21.36 7.45 91.99
N GLU TA 678 -21.41 6.69 93.07
CA GLU TA 678 -20.49 6.88 94.22
C GLU TA 678 -19.04 6.50 93.85
N ASN TA 679 -18.04 7.24 94.29
CA ASN TA 679 -16.58 6.97 94.07
C ASN TA 679 -15.82 6.99 95.41
N SER TA 680 -16.39 6.45 96.49
CA SER TA 680 -15.81 6.50 97.87
C SER TA 680 -14.53 5.69 98.12
N LYS TA 681 -13.61 6.21 98.94
CA LYS TA 681 -12.41 5.48 99.39
C LYS TA 681 -12.52 5.10 100.89
N ARG TA 682 -13.68 5.27 101.53
CA ARG TA 682 -13.96 4.87 102.96
C ARG TA 682 -13.83 3.35 103.23
N TRP TA 683 -12.89 2.92 104.06
CA TRP TA 683 -12.63 1.51 104.43
C TRP TA 683 -13.74 0.79 105.21
N ASN TA 684 -14.28 1.46 106.21
CA ASN TA 684 -15.34 0.94 107.10
C ASN TA 684 -16.72 0.92 106.43
N PRO TA 685 -17.64 0.04 106.88
CA PRO TA 685 -19.01 0.01 106.38
C PRO TA 685 -19.95 1.21 106.67
N GLU TA 686 -20.73 1.62 105.69
CA GLU TA 686 -21.74 2.71 105.76
C GLU TA 686 -23.14 2.42 106.32
N ILE TA 687 -23.88 3.46 106.70
CA ILE TA 687 -25.33 3.37 107.07
C ILE TA 687 -26.20 3.12 105.81
N GLN TA 688 -27.23 2.28 105.91
CA GLN TA 688 -28.16 1.92 104.80
C GLN TA 688 -29.60 1.85 105.27
N TYR TA 689 -30.58 2.17 104.42
CA TYR TA 689 -32.01 1.95 104.74
C TYR TA 689 -32.30 0.43 104.70
N THR TA 690 -32.96 -0.08 105.72
CA THR TA 690 -33.25 -1.52 105.81
C THR TA 690 -34.67 -1.74 106.28
N ASN TA 691 -35.23 -2.90 105.96
CA ASN TA 691 -36.55 -3.28 106.52
C ASN TA 691 -36.22 -3.90 107.87
N ASN TA 692 -36.51 -3.23 108.96
CA ASN TA 692 -36.10 -3.69 110.31
C ASN TA 692 -37.24 -3.38 111.28
N TYR TA 693 -37.83 -4.41 111.85
CA TYR TA 693 -39.02 -4.25 112.71
C TYR TA 693 -38.89 -5.27 113.82
N ASN TA 694 -39.34 -4.97 115.03
CA ASN TA 694 -39.32 -6.00 116.12
C ASN TA 694 -40.73 -6.59 116.33
N ASP TA 695 -40.87 -7.92 116.23
CA ASP TA 695 -42.18 -8.66 116.40
C ASP TA 695 -43.30 -8.10 115.50
N PRO TA 696 -43.11 -7.93 114.17
CA PRO TA 696 -44.16 -7.31 113.34
C PRO TA 696 -45.53 -8.00 113.22
N GLN TA 697 -46.61 -7.23 113.32
CA GLN TA 697 -47.99 -7.78 113.20
C GLN TA 697 -48.53 -7.60 111.78
N PHE TA 698 -47.81 -6.92 110.91
CA PHE TA 698 -48.25 -6.65 109.53
C PHE TA 698 -47.00 -6.43 108.74
N VAL TA 699 -47.09 -6.50 107.43
CA VAL TA 699 -45.95 -6.10 106.58
C VAL TA 699 -46.19 -4.65 106.17
N ASP TA 700 -45.25 -3.77 106.42
CA ASP TA 700 -45.26 -2.36 105.95
C ASP TA 700 -45.11 -2.29 104.42
N PHE TA 701 -45.70 -1.29 103.75
CA PHE TA 701 -45.73 -1.11 102.25
C PHE TA 701 -46.44 -2.27 101.57
N ALA TA 702 -47.51 -2.76 102.17
CA ALA TA 702 -48.32 -3.87 101.64
C ALA TA 702 -49.78 -3.64 102.00
N PRO TA 703 -50.74 -4.27 101.28
CA PRO TA 703 -52.15 -4.23 101.70
C PRO TA 703 -52.51 -4.99 102.99
N ASP TA 704 -53.53 -4.55 103.71
CA ASP TA 704 -54.00 -5.28 104.93
C ASP TA 704 -55.17 -6.24 104.64
N SER TA 705 -55.77 -6.80 105.68
CA SER TA 705 -56.89 -7.77 105.54
C SER TA 705 -58.10 -7.11 104.84
N THR TA 706 -58.41 -5.85 105.10
CA THR TA 706 -59.45 -5.05 104.38
C THR TA 706 -59.02 -4.63 102.98
N GLY TA 707 -57.75 -4.70 102.60
CA GLY TA 707 -57.25 -4.19 101.30
C GLY TA 707 -56.68 -2.78 101.29
N GLU TA 708 -56.52 -2.13 102.43
CA GLU TA 708 -55.95 -0.77 102.52
C GLU TA 708 -54.41 -0.78 102.64
N TYR TA 709 -53.72 -0.01 101.81
CA TYR TA 709 -52.23 0.11 101.81
C TYR TA 709 -51.68 0.77 103.08
N ARG TA 710 -50.57 0.24 103.59
CA ARG TA 710 -49.95 0.77 104.83
C ARG TA 710 -48.58 1.35 104.51
N SER TA 711 -48.31 2.60 104.92
CA SER TA 711 -47.00 3.27 104.73
C SER TA 711 -46.58 3.98 106.02
N THR TA 712 -46.13 3.29 107.05
CA THR TA 712 -45.72 3.80 108.39
C THR TA 712 -44.55 4.78 108.40
N ARG TA 713 -43.53 4.63 107.56
CA ARG TA 713 -42.29 5.46 107.66
C ARG TA 713 -42.00 6.42 106.50
N PRO TA 714 -41.57 7.69 106.75
CA PRO TA 714 -41.07 8.58 105.71
C PRO TA 714 -39.66 8.23 105.18
N ILE TA 715 -39.38 8.24 103.88
CA ILE TA 715 -37.99 7.86 103.46
C ILE TA 715 -37.25 8.96 102.70
N GLY TA 716 -36.09 9.37 103.23
CA GLY TA 716 -35.17 10.36 102.63
C GLY TA 716 -34.15 9.72 101.73
N THR TA 717 -33.32 10.53 101.10
CA THR TA 717 -32.25 10.03 100.20
C THR TA 717 -30.83 9.98 100.78
N ARG TA 718 -30.51 10.50 101.97
CA ARG TA 718 -29.07 10.59 102.38
C ARG TA 718 -28.60 9.50 103.38
N TYR TA 719 -27.92 8.47 102.89
CA TYR TA 719 -27.39 7.35 103.71
C TYR TA 719 -25.89 7.25 103.50
N LEU TA 720 -25.43 7.59 102.30
CA LEU TA 720 -24.00 7.62 101.94
C LEU TA 720 -23.30 8.85 102.53
N THR TA 721 -22.00 8.77 102.69
CA THR TA 721 -21.20 9.83 103.33
C THR TA 721 -20.08 10.25 102.41
N ARG TA 722 -19.75 11.52 102.41
CA ARG TA 722 -18.58 12.02 101.64
C ARG TA 722 -17.76 13.00 102.47
N PRO TA 723 -16.41 13.08 102.29
CA PRO TA 723 -15.59 14.12 102.91
C PRO TA 723 -15.83 15.53 102.31
N LEU TA 724 -15.66 16.59 103.10
CA LEU TA 724 -15.93 17.98 102.62
C LEU TA 724 -14.93 18.41 101.53
N ASP UA 209 -74.39 48.91 -10.67
CA ASP UA 209 -74.20 48.08 -11.89
C ASP UA 209 -75.12 48.55 -13.02
N GLY UA 210 -76.43 48.31 -12.96
CA GLY UA 210 -77.26 48.59 -14.15
C GLY UA 210 -78.71 48.90 -13.95
N VAL UA 211 -79.37 49.41 -14.99
CA VAL UA 211 -80.84 49.70 -15.00
C VAL UA 211 -81.67 48.41 -14.80
N GLY UA 212 -81.28 47.28 -15.38
CA GLY UA 212 -82.05 46.03 -15.32
C GLY UA 212 -81.66 45.10 -14.21
N ASN UA 213 -80.74 45.49 -13.34
CA ASN UA 213 -80.24 44.56 -12.28
C ASN UA 213 -80.63 45.06 -10.90
N ALA UA 214 -81.17 44.18 -10.06
CA ALA UA 214 -81.55 44.53 -8.66
C ALA UA 214 -80.34 44.65 -7.71
N SER UA 215 -80.25 45.73 -6.95
CA SER UA 215 -79.22 46.05 -5.92
C SER UA 215 -79.25 45.15 -4.66
N GLY UA 216 -80.41 44.73 -4.19
CA GLY UA 216 -80.58 43.90 -2.99
C GLY UA 216 -81.84 43.07 -2.93
N ASP UA 217 -81.99 42.24 -1.90
CA ASP UA 217 -83.14 41.33 -1.68
C ASP UA 217 -83.89 41.57 -0.36
N TRP UA 218 -85.14 41.15 -0.26
CA TRP UA 218 -85.99 41.31 0.96
C TRP UA 218 -85.63 40.31 2.07
N HIS UA 219 -85.29 40.83 3.24
CA HIS UA 219 -85.06 39.96 4.42
C HIS UA 219 -85.92 40.40 5.61
N CYS UA 220 -86.90 39.61 6.03
CA CYS UA 220 -87.67 39.92 7.27
C CYS UA 220 -87.69 38.62 8.10
N ASP UA 221 -86.94 38.57 9.20
CA ASP UA 221 -86.82 37.30 9.97
C ASP UA 221 -86.33 37.43 11.42
N SER UA 222 -86.56 36.42 12.26
CA SER UA 222 -85.97 36.34 13.63
C SER UA 222 -85.24 34.99 13.75
N THR UA 223 -84.02 34.96 14.27
CA THR UA 223 -83.31 33.70 14.56
C THR UA 223 -82.93 33.66 16.03
N TRP UA 224 -83.28 32.59 16.73
CA TRP UA 224 -82.97 32.42 18.18
C TRP UA 224 -81.89 31.36 18.33
N MET UA 225 -80.78 31.72 18.95
CA MET UA 225 -79.61 30.81 19.13
C MET UA 225 -79.06 30.83 20.57
N GLY UA 226 -79.67 30.17 21.55
CA GLY UA 226 -79.21 30.27 22.95
C GLY UA 226 -79.32 31.64 23.54
N ASP UA 227 -78.22 32.23 23.99
CA ASP UA 227 -78.16 33.58 24.62
C ASP UA 227 -78.38 34.74 23.61
N ARG UA 228 -78.36 34.49 22.30
CA ARG UA 228 -78.46 35.56 21.27
C ARG UA 228 -79.71 35.45 20.38
N VAL UA 229 -80.36 36.58 20.09
CA VAL UA 229 -81.46 36.63 19.10
C VAL UA 229 -81.07 37.67 18.02
N VAL UA 230 -81.24 37.35 16.73
CA VAL UA 230 -80.98 38.29 15.60
C VAL UA 230 -82.32 38.69 14.93
N THR UA 231 -82.56 39.99 14.76
CA THR UA 231 -83.79 40.49 14.09
C THR UA 231 -83.46 41.14 12.75
N LYS UA 232 -84.19 40.80 11.69
CA LYS UA 232 -84.04 41.43 10.34
C LYS UA 232 -85.38 42.08 9.95
N SER UA 233 -85.35 43.33 9.49
CA SER UA 233 -86.57 44.07 9.07
C SER UA 233 -86.36 44.78 7.73
N THR UA 234 -87.28 44.63 6.78
CA THR UA 234 -87.23 45.30 5.46
C THR UA 234 -88.49 46.14 5.24
N ARG UA 235 -88.33 47.38 4.78
CA ARG UA 235 -89.47 48.29 4.47
C ARG UA 235 -89.30 49.05 3.14
N THR UA 236 -90.39 49.54 2.56
CA THR UA 236 -90.38 50.39 1.35
C THR UA 236 -90.66 51.83 1.77
N TRP UA 237 -89.84 52.79 1.34
CA TRP UA 237 -89.93 54.22 1.70
C TRP UA 237 -90.12 55.17 0.49
N VAL UA 238 -90.69 56.34 0.72
CA VAL UA 238 -90.85 57.42 -0.29
C VAL UA 238 -90.15 58.70 0.22
N LEU UA 239 -89.40 59.40 -0.63
CA LEU UA 239 -88.79 60.71 -0.26
C LEU UA 239 -89.31 61.89 -1.07
N PRO UA 240 -89.93 62.89 -0.42
CA PRO UA 240 -90.29 64.15 -1.07
C PRO UA 240 -89.13 65.12 -1.28
N SER UA 241 -89.25 66.04 -2.24
CA SER UA 241 -88.21 67.12 -2.33
C SER UA 241 -88.63 68.27 -1.40
N TYR UA 242 -88.16 68.29 -0.16
CA TYR UA 242 -88.59 69.29 0.86
C TYR UA 242 -88.00 70.67 0.71
N ASN UA 243 -88.80 71.73 0.81
CA ASN UA 243 -88.32 73.15 0.83
C ASN UA 243 -87.98 73.64 -0.57
N ASN UA 244 -88.25 72.85 -1.62
CA ASN UA 244 -87.87 73.16 -3.03
C ASN UA 244 -86.37 73.43 -3.14
N HIS UA 245 -85.53 72.59 -2.51
CA HIS UA 245 -84.03 72.68 -2.58
C HIS UA 245 -83.43 73.87 -1.80
N GLN UA 246 -84.11 74.35 -0.76
CA GLN UA 246 -83.66 75.55 -0.01
C GLN UA 246 -83.63 75.33 1.51
N TYR UA 247 -82.84 76.11 2.24
CA TYR UA 247 -82.75 76.09 3.72
C TYR UA 247 -83.54 77.27 4.20
N ARG UA 248 -84.42 77.08 5.16
CA ARG UA 248 -85.30 78.18 5.64
C ARG UA 248 -85.15 78.47 7.14
N GLU UA 249 -85.03 79.75 7.50
CA GLU UA 249 -85.02 80.12 8.94
C GLU UA 249 -86.45 79.99 9.50
N ILE UA 250 -86.60 79.33 10.64
CA ILE UA 250 -87.91 79.03 11.27
C ILE UA 250 -87.92 79.61 12.70
N LYS UA 251 -89.04 80.11 13.16
CA LYS UA 251 -89.06 80.75 14.50
C LYS UA 251 -90.48 80.78 15.08
N SER UA 252 -90.59 80.85 16.40
CA SER UA 252 -91.92 81.03 17.03
C SER UA 252 -91.90 82.01 18.21
N GLY UA 253 -92.96 82.79 18.39
CA GLY UA 253 -93.22 83.60 19.61
C GLY UA 253 -94.06 82.76 20.60
N SER UA 254 -94.57 83.37 21.67
CA SER UA 254 -95.46 82.68 22.67
C SER UA 254 -96.78 82.19 22.05
N VAL UA 255 -97.21 80.97 22.36
CA VAL UA 255 -98.44 80.35 21.78
C VAL UA 255 -99.18 79.60 22.88
N ASP UA 256 -100.52 79.58 22.85
CA ASP UA 256 -101.37 78.88 23.86
C ASP UA 256 -101.10 79.46 25.25
N GLY UA 257 -100.75 80.73 25.34
CA GLY UA 257 -100.43 81.38 26.61
C GLY UA 257 -99.03 81.14 27.14
N SER UA 258 -98.12 80.46 26.41
CA SER UA 258 -96.79 80.18 27.03
C SER UA 258 -95.55 80.65 26.27
N ASN UA 259 -94.64 81.35 26.92
CA ASN UA 259 -93.30 81.76 26.36
C ASN UA 259 -92.33 80.57 26.24
N ALA UA 260 -92.56 79.45 26.92
CA ALA UA 260 -91.77 78.18 26.84
C ALA UA 260 -91.89 77.63 25.42
N ASN UA 261 -92.99 77.93 24.74
CA ASN UA 261 -93.27 77.64 23.31
C ASN UA 261 -92.31 78.34 22.32
N ALA UA 262 -91.82 79.56 22.58
CA ALA UA 262 -90.91 80.34 21.69
C ALA UA 262 -89.57 79.64 21.37
N TYR UA 263 -89.11 79.73 20.11
CA TYR UA 263 -87.86 79.11 19.62
C TYR UA 263 -87.30 79.84 18.39
N PHE UA 264 -86.02 79.65 18.08
CA PHE UA 264 -85.37 80.14 16.83
C PHE UA 264 -84.67 78.89 16.21
N GLY UA 265 -84.81 78.67 14.91
CA GLY UA 265 -84.28 77.46 14.25
C GLY UA 265 -84.14 77.46 12.74
N TYR UA 266 -83.63 76.36 12.18
CA TYR UA 266 -83.52 76.16 10.72
C TYR UA 266 -84.28 74.90 10.21
N SER UA 267 -84.94 75.00 9.06
CA SER UA 267 -85.56 73.81 8.36
C SER UA 267 -84.66 73.46 7.16
N THR UA 268 -84.53 72.19 6.84
CA THR UA 268 -83.56 71.75 5.81
C THR UA 268 -84.20 70.97 4.67
N PRO UA 269 -83.55 70.90 3.50
CA PRO UA 269 -83.98 70.08 2.35
C PRO UA 269 -83.95 68.57 2.55
N TRP UA 270 -83.13 68.03 3.44
CA TRP UA 270 -82.93 66.60 3.77
C TRP UA 270 -84.01 65.87 4.59
N GLY UA 271 -84.01 64.54 4.48
CA GLY UA 271 -84.87 63.64 5.24
C GLY UA 271 -84.01 62.62 5.95
N TYR UA 272 -84.53 61.98 6.98
CA TYR UA 272 -83.73 61.03 7.80
C TYR UA 272 -84.48 59.71 8.06
N PHE UA 273 -83.73 58.65 8.37
CA PHE UA 273 -84.30 57.33 8.75
C PHE UA 273 -84.24 57.13 10.28
N ASP UA 274 -85.36 56.81 10.94
CA ASP UA 274 -85.47 56.55 12.40
C ASP UA 274 -85.91 55.12 12.68
N PHE UA 275 -85.15 54.37 13.47
CA PHE UA 275 -85.52 52.99 13.89
C PHE UA 275 -85.70 52.86 15.43
N ASN UA 276 -85.81 53.94 16.21
CA ASN UA 276 -85.86 53.80 17.70
C ASN UA 276 -87.29 53.48 18.21
N ARG UA 277 -87.89 52.39 17.77
CA ARG UA 277 -89.17 51.85 18.30
C ARG UA 277 -89.00 50.32 18.27
N PHE UA 278 -89.47 49.59 19.28
CA PHE UA 278 -89.38 48.10 19.37
C PHE UA 278 -90.19 47.37 18.25
N HIS UA 279 -91.38 47.83 17.89
CA HIS UA 279 -92.30 47.24 16.87
C HIS UA 279 -91.63 47.27 15.48
N SER UA 280 -90.66 48.17 15.25
CA SER UA 280 -89.83 48.23 14.02
C SER UA 280 -89.00 46.95 13.85
N HIS UA 281 -88.49 46.36 14.92
CA HIS UA 281 -87.68 45.10 14.91
C HIS UA 281 -88.41 43.84 15.41
N TRP UA 282 -89.53 43.95 16.11
CA TRP UA 282 -90.13 42.78 16.80
C TRP UA 282 -91.55 42.47 16.40
N SER UA 283 -91.83 41.22 16.04
CA SER UA 283 -93.22 40.77 15.80
C SER UA 283 -93.93 40.65 17.16
N PRO UA 284 -95.27 40.74 17.21
CA PRO UA 284 -95.97 40.53 18.47
C PRO UA 284 -95.78 39.15 19.07
N ARG UA 285 -95.75 38.07 18.30
CA ARG UA 285 -95.43 36.71 18.81
C ARG UA 285 -93.99 36.59 19.36
N ASP UA 286 -92.99 37.17 18.70
CA ASP UA 286 -91.56 37.18 19.15
C ASP UA 286 -91.39 37.94 20.46
N TRP UA 287 -92.09 39.05 20.63
CA TRP UA 287 -92.10 39.83 21.88
C TRP UA 287 -92.67 39.03 23.05
N GLN UA 288 -93.73 38.26 22.84
CA GLN UA 288 -94.35 37.35 23.85
C GLN UA 288 -93.37 36.25 24.27
N ARG UA 289 -92.62 35.70 23.33
CA ARG UA 289 -91.60 34.67 23.64
C ARG UA 289 -90.51 35.24 24.56
N LEU UA 290 -90.01 36.45 24.32
CA LEU UA 290 -89.03 37.10 25.24
C LEU UA 290 -89.53 37.48 26.66
N ILE UA 291 -90.71 38.08 26.78
CA ILE UA 291 -91.28 38.55 28.08
C ILE UA 291 -91.59 37.38 29.01
N ASN UA 292 -92.10 36.28 28.47
CA ASN UA 292 -92.43 35.02 29.18
C ASN UA 292 -91.19 34.27 29.72
N ASN UA 293 -90.05 34.24 29.03
CA ASN UA 293 -88.91 33.34 29.38
C ASN UA 293 -87.57 33.92 29.82
N TYR UA 294 -87.37 35.23 29.88
CA TYR UA 294 -86.03 35.80 30.16
C TYR UA 294 -86.01 36.87 31.25
N TRP UA 295 -84.99 36.87 32.11
CA TRP UA 295 -84.76 37.95 33.12
C TRP UA 295 -84.37 39.33 32.51
N GLY UA 296 -83.57 39.35 31.46
CA GLY UA 296 -83.08 40.60 30.87
C GLY UA 296 -82.66 40.54 29.43
N PHE UA 297 -82.56 41.69 28.79
CA PHE UA 297 -82.06 41.79 27.38
C PHE UA 297 -81.22 43.08 27.18
N ARG UA 298 -80.28 43.10 26.24
CA ARG UA 298 -79.50 44.34 25.85
C ARG UA 298 -79.15 44.35 24.33
N PRO UA 299 -79.05 45.52 23.65
CA PRO UA 299 -78.53 45.61 22.26
C PRO UA 299 -77.01 45.43 22.06
N ARG UA 300 -76.56 44.80 20.99
CA ARG UA 300 -75.11 44.53 20.74
C ARG UA 300 -74.62 45.12 19.42
N SER UA 301 -75.30 44.84 18.30
CA SER UA 301 -74.82 45.28 16.96
C SER UA 301 -75.94 45.77 16.03
N LEU UA 302 -75.62 46.69 15.13
CA LEU UA 302 -76.57 47.18 14.11
C LEU UA 302 -75.97 47.18 12.68
N ARG UA 303 -76.70 46.70 11.66
CA ARG UA 303 -76.30 46.80 10.23
C ARG UA 303 -77.44 47.44 9.39
N VAL UA 304 -77.12 48.43 8.55
CA VAL UA 304 -78.12 49.11 7.67
C VAL UA 304 -77.77 49.05 6.17
N LYS UA 305 -78.71 48.69 5.30
CA LYS UA 305 -78.54 48.72 3.82
C LYS UA 305 -79.66 49.54 3.12
N ILE UA 306 -79.31 50.43 2.18
CA ILE UA 306 -80.29 51.20 1.34
C ILE UA 306 -80.09 50.78 -0.13
N PHE UA 307 -81.14 50.39 -0.85
CA PHE UA 307 -81.05 49.74 -2.19
C PHE UA 307 -82.30 49.87 -3.08
N ASN UA 308 -82.24 49.46 -4.36
CA ASN UA 308 -83.36 49.48 -5.36
C ASN UA 308 -83.92 50.88 -5.57
N ILE UA 309 -83.05 51.87 -5.67
CA ILE UA 309 -83.41 53.28 -5.81
C ILE UA 309 -84.13 53.60 -7.14
N GLN UA 310 -85.19 54.39 -7.10
CA GLN UA 310 -85.96 54.81 -8.30
C GLN UA 310 -86.29 56.31 -8.21
N VAL UA 311 -85.84 57.08 -9.17
CA VAL UA 311 -86.08 58.56 -9.20
C VAL UA 311 -87.15 58.84 -10.27
N LYS UA 312 -88.18 59.61 -9.92
CA LYS UA 312 -89.32 59.92 -10.80
C LYS UA 312 -89.47 61.44 -11.03
N GLU UA 313 -89.82 61.83 -12.25
CA GLU UA 313 -90.07 63.27 -12.56
C GLU UA 313 -91.57 63.48 -12.77
N VAL UA 314 -92.11 64.52 -12.17
CA VAL UA 314 -93.57 64.80 -12.26
C VAL UA 314 -93.74 66.07 -13.10
N THR UA 315 -94.60 66.01 -14.11
CA THR UA 315 -94.82 67.16 -15.01
C THR UA 315 -96.29 67.46 -15.11
N VAL UA 316 -96.66 68.74 -15.09
CA VAL UA 316 -98.11 69.07 -15.31
C VAL UA 316 -98.29 69.93 -16.57
N GLN UA 317 -99.13 69.49 -17.51
CA GLN UA 317 -99.50 70.37 -18.65
C GLN UA 317 -101.04 70.45 -18.66
N ASP UA 318 -101.60 71.64 -18.46
CA ASP UA 318 -103.08 71.80 -18.54
C ASP UA 318 -103.77 70.79 -17.60
N SER UA 319 -103.23 70.53 -16.41
CA SER UA 319 -103.89 69.67 -15.37
C SER UA 319 -103.75 68.15 -15.61
N THR UA 320 -102.99 67.68 -16.61
CA THR UA 320 -102.74 66.21 -16.81
C THR UA 320 -101.97 65.52 -15.69
N THR UA 321 -100.93 66.11 -15.09
CA THR UA 321 -100.05 65.45 -14.07
C THR UA 321 -99.38 64.10 -14.46
N THR UA 322 -98.71 63.98 -15.60
CA THR UA 322 -97.92 62.75 -15.95
C THR UA 322 -96.71 62.50 -15.05
N ILE UA 323 -96.40 61.23 -14.73
CA ILE UA 323 -95.22 60.81 -13.91
C ILE UA 323 -94.30 59.89 -14.73
N ALA UA 324 -92.99 60.12 -14.74
CA ALA UA 324 -92.03 59.31 -15.54
C ALA UA 324 -90.71 59.02 -14.80
N ASN UA 325 -90.05 57.94 -15.16
CA ASN UA 325 -88.69 57.62 -14.62
C ASN UA 325 -87.59 58.53 -15.15
N ASN UA 326 -86.66 58.97 -14.30
CA ASN UA 326 -85.44 59.67 -14.79
C ASN UA 326 -84.26 58.77 -14.41
N LEU UA 327 -83.62 58.12 -15.38
CA LEU UA 327 -82.47 57.18 -15.20
C LEU UA 327 -81.18 57.86 -14.70
N THR UA 328 -80.88 59.05 -15.17
CA THR UA 328 -79.60 59.75 -14.87
C THR UA 328 -79.63 60.58 -13.58
N SER UA 329 -80.77 60.73 -12.90
CA SER UA 329 -80.90 61.46 -11.60
C SER UA 329 -80.24 60.74 -10.39
N THR UA 330 -79.80 61.50 -9.38
CA THR UA 330 -79.07 60.93 -8.21
C THR UA 330 -79.73 61.20 -6.86
N VAL UA 331 -79.41 60.38 -5.88
CA VAL UA 331 -79.82 60.57 -4.47
C VAL UA 331 -78.51 60.71 -3.66
N GLN UA 332 -78.48 61.52 -2.61
CA GLN UA 332 -77.28 61.74 -1.75
C GLN UA 332 -77.46 61.22 -0.30
N VAL UA 333 -76.54 60.41 0.21
CA VAL UA 333 -76.65 59.75 1.54
C VAL UA 333 -75.38 59.93 2.40
N PHE UA 334 -75.53 60.21 3.70
CA PHE UA 334 -74.39 60.29 4.66
C PHE UA 334 -74.77 59.88 6.11
N THR UA 335 -73.79 59.51 6.92
CA THR UA 335 -73.98 59.23 8.36
C THR UA 335 -73.17 60.22 9.19
N ASP UA 336 -73.74 60.79 10.26
CA ASP UA 336 -73.04 61.75 11.17
C ASP UA 336 -72.28 61.00 12.27
N ASP UA 337 -71.13 60.42 11.96
CA ASP UA 337 -70.30 59.58 12.88
C ASP UA 337 -69.71 60.29 14.11
N ASP UA 338 -69.26 61.55 14.00
CA ASP UA 338 -68.59 62.30 15.11
C ASP UA 338 -69.57 63.15 15.93
N TYR UA 339 -70.88 63.10 15.67
CA TYR UA 339 -71.94 63.78 16.46
C TYR UA 339 -71.83 65.30 16.38
N GLN UA 340 -71.34 65.82 15.28
CA GLN UA 340 -71.26 67.27 15.01
C GLN UA 340 -72.65 67.93 14.90
N LEU UA 341 -73.60 67.26 14.28
CA LEU UA 341 -74.99 67.76 14.14
C LEU UA 341 -75.84 67.63 15.39
N PRO UA 342 -76.87 68.49 15.55
CA PRO UA 342 -77.83 68.26 16.62
C PRO UA 342 -78.59 66.92 16.45
N TYR UA 343 -78.74 66.11 17.50
CA TYR UA 343 -79.36 64.75 17.40
C TYR UA 343 -80.82 64.81 17.84
N VAL UA 344 -81.71 64.60 16.89
CA VAL UA 344 -83.17 64.74 17.16
C VAL UA 344 -83.85 63.37 17.27
N VAL UA 345 -83.12 62.27 17.11
CA VAL UA 345 -83.68 60.87 17.08
C VAL UA 345 -84.34 60.38 18.41
N GLY UA 346 -83.87 60.72 19.59
CA GLY UA 346 -84.33 60.11 20.88
C GLY UA 346 -85.41 60.86 21.65
N ASN UA 347 -86.23 61.69 21.02
CA ASN UA 347 -87.21 62.62 21.66
C ASN UA 347 -88.69 62.20 21.51
N GLY UA 348 -89.05 60.93 21.24
CA GLY UA 348 -90.43 60.42 21.08
C GLY UA 348 -91.24 60.97 19.94
N THR UA 349 -90.60 61.21 18.80
CA THR UA 349 -91.25 61.78 17.61
C THR UA 349 -91.63 60.75 16.57
N GLU UA 350 -92.64 61.04 15.77
CA GLU UA 350 -93.14 60.19 14.67
C GLU UA 350 -92.24 60.12 13.42
N GLY UA 351 -92.46 59.16 12.51
CA GLY UA 351 -91.59 58.93 11.33
C GLY UA 351 -90.67 57.73 11.36
N CYS UA 352 -90.73 56.87 12.37
CA CYS UA 352 -89.96 55.59 12.46
C CYS UA 352 -90.52 54.53 11.48
N LEU UA 353 -89.75 53.49 11.19
CA LEU UA 353 -90.21 52.39 10.32
C LEU UA 353 -91.48 51.76 10.93
N PRO UA 354 -92.47 51.41 10.08
CA PRO UA 354 -93.72 50.85 10.58
C PRO UA 354 -93.74 49.48 11.27
N ALA UA 355 -94.68 49.26 12.20
CA ALA UA 355 -94.87 47.98 12.92
C ALA UA 355 -95.21 46.83 11.95
N PHE UA 356 -96.02 47.07 10.92
CA PHE UA 356 -96.48 46.02 9.97
C PHE UA 356 -95.60 46.07 8.72
N PRO UA 357 -94.90 44.96 8.33
CA PRO UA 357 -94.00 44.92 7.17
C PRO UA 357 -94.47 45.40 5.79
N PRO UA 358 -95.71 45.11 5.32
CA PRO UA 358 -96.28 45.61 4.07
C PRO UA 358 -96.53 47.13 3.96
N GLN UA 359 -96.67 47.84 5.07
CA GLN UA 359 -96.95 49.31 5.07
C GLN UA 359 -95.82 50.15 4.45
N VAL UA 360 -96.18 51.16 3.68
CA VAL UA 360 -95.19 51.99 2.94
C VAL UA 360 -95.17 53.38 3.62
N PHE UA 361 -93.98 53.93 3.86
CA PHE UA 361 -93.89 55.17 4.68
C PHE UA 361 -93.11 56.36 4.08
N THR UA 362 -93.56 57.56 4.42
CA THR UA 362 -92.85 58.82 4.08
C THR UA 362 -91.78 59.14 5.11
N LEU UA 363 -90.55 59.48 4.68
CA LEU UA 363 -89.46 59.94 5.60
C LEU UA 363 -89.72 61.33 6.18
N PRO UA 364 -89.42 61.52 7.48
CA PRO UA 364 -89.49 62.85 8.09
C PRO UA 364 -88.47 63.90 7.61
N GLN UA 365 -88.85 65.17 7.54
CA GLN UA 365 -87.89 66.27 7.23
C GLN UA 365 -87.04 66.67 8.45
N TYR UA 366 -85.71 66.81 8.28
CA TYR UA 366 -84.77 67.30 9.33
C TYR UA 366 -84.87 68.81 9.63
N GLY UA 367 -84.78 69.16 10.91
CA GLY UA 367 -84.85 70.53 11.41
C GLY UA 367 -84.28 70.54 12.79
N TYR UA 368 -84.00 71.72 13.35
CA TYR UA 368 -83.45 71.86 14.74
C TYR UA 368 -83.78 73.21 15.33
N ALA UA 369 -83.72 73.30 16.65
CA ALA UA 369 -83.82 74.59 17.36
C ALA UA 369 -82.45 74.94 17.96
N THR UA 370 -81.98 76.16 17.78
CA THR UA 370 -80.76 76.70 18.44
C THR UA 370 -81.20 77.61 19.58
N LEU UA 371 -80.35 78.54 20.00
CA LEU UA 371 -80.67 79.54 21.04
C LEU UA 371 -81.65 80.64 20.61
N ASN UA 372 -82.46 81.11 21.56
CA ASN UA 372 -83.47 82.18 21.32
C ASN UA 372 -83.22 83.24 22.40
N ARG UA 373 -83.53 84.50 22.15
CA ARG UA 373 -83.19 85.58 23.11
C ARG UA 373 -84.38 86.04 23.96
N ASP UA 374 -84.25 85.98 25.28
CA ASP UA 374 -85.27 86.48 26.27
C ASP UA 374 -86.68 85.87 26.12
N ASN UA 375 -86.80 84.57 25.84
CA ASN UA 375 -88.11 83.88 25.65
C ASN UA 375 -88.89 84.55 24.51
N THR UA 376 -88.23 84.90 23.40
CA THR UA 376 -88.81 85.55 22.19
C THR UA 376 -88.33 84.82 20.93
N GLU UA 377 -88.87 85.10 19.73
CA GLU UA 377 -88.50 84.46 18.43
C GLU UA 377 -87.11 84.85 17.89
N ASN UA 378 -86.51 85.92 18.38
CA ASN UA 378 -85.17 86.42 17.97
C ASN UA 378 -83.97 85.56 18.39
N PRO UA 379 -82.92 85.50 17.56
CA PRO UA 379 -81.64 84.86 17.88
C PRO UA 379 -80.61 85.61 18.79
N THR UA 380 -79.54 84.93 19.18
CA THR UA 380 -78.43 85.45 20.01
C THR UA 380 -77.14 85.31 19.22
N GLU UA 381 -76.05 85.96 19.65
CA GLU UA 381 -74.70 85.84 19.03
C GLU UA 381 -74.17 84.40 19.15
N ARG UA 382 -74.45 83.68 20.22
CA ARG UA 382 -74.11 82.25 20.43
C ARG UA 382 -74.91 81.32 19.48
N SER UA 383 -76.05 81.74 18.93
CA SER UA 383 -76.93 80.91 18.06
C SER UA 383 -76.17 80.44 16.80
N SER UA 384 -76.35 79.18 16.41
CA SER UA 384 -75.54 78.49 15.36
C SER UA 384 -76.31 78.01 14.12
N PHE UA 385 -75.68 78.11 12.96
CA PHE UA 385 -76.23 77.58 11.70
C PHE UA 385 -75.36 76.41 11.24
N PHE UA 386 -76.00 75.33 10.86
CA PHE UA 386 -75.29 74.13 10.33
C PHE UA 386 -75.70 73.83 8.90
N CYS UA 387 -74.75 73.66 7.98
CA CYS UA 387 -74.99 73.23 6.58
C CYS UA 387 -74.67 71.72 6.41
N LEU UA 388 -75.62 70.91 5.92
CA LEU UA 388 -75.46 69.45 5.63
C LEU UA 388 -74.53 69.21 4.43
N GLU UA 389 -74.58 70.08 3.42
CA GLU UA 389 -73.77 69.98 2.18
C GLU UA 389 -72.27 70.19 2.47
N TYR UA 390 -71.93 70.79 3.61
CA TYR UA 390 -70.52 70.93 4.08
C TYR UA 390 -69.91 69.55 4.37
N PHE UA 391 -70.63 68.60 4.90
CA PHE UA 391 -70.16 67.19 5.10
C PHE UA 391 -70.01 66.44 3.77
N PRO UA 392 -69.07 65.47 3.64
CA PRO UA 392 -69.07 64.58 2.47
C PRO UA 392 -70.23 63.52 2.36
N SER UA 393 -70.80 63.26 1.18
CA SER UA 393 -71.90 62.29 0.98
C SER UA 393 -71.72 61.36 -0.25
N LYS UA 394 -72.20 60.13 -0.18
CA LYS UA 394 -72.24 59.21 -1.35
C LYS UA 394 -73.33 59.64 -2.35
N MET UA 395 -73.07 59.53 -3.66
CA MET UA 395 -74.08 59.86 -4.70
C MET UA 395 -74.54 58.56 -5.40
N LEU UA 396 -75.84 58.34 -5.47
CA LEU UA 396 -76.37 57.08 -6.05
C LEU UA 396 -77.34 57.24 -7.21
N ARG UA 397 -77.08 56.53 -8.31
CA ARG UA 397 -78.03 56.36 -9.43
C ARG UA 397 -78.86 55.06 -9.17
N THR UA 398 -79.79 54.67 -10.05
CA THR UA 398 -80.69 53.47 -9.96
C THR UA 398 -79.95 52.15 -9.75
N GLY UA 399 -78.79 51.91 -10.35
CA GLY UA 399 -77.88 50.77 -10.11
C GLY UA 399 -77.24 50.68 -8.74
N ASN UA 400 -76.90 51.79 -8.10
CA ASN UA 400 -76.13 51.92 -6.82
C ASN UA 400 -76.81 51.56 -5.50
N ASN UA 401 -76.03 51.21 -4.47
CA ASN UA 401 -76.51 50.83 -3.11
C ASN UA 401 -75.61 51.45 -2.02
N PHE UA 402 -76.10 51.59 -0.78
CA PHE UA 402 -75.33 52.08 0.39
C PHE UA 402 -75.39 51.10 1.58
N GLU UA 403 -74.28 50.90 2.30
CA GLU UA 403 -74.26 50.04 3.53
C GLU UA 403 -73.54 50.70 4.72
N PHE UA 404 -74.00 50.47 5.97
CA PHE UA 404 -73.33 50.95 7.22
C PHE UA 404 -73.33 49.84 8.33
N THR UA 405 -72.33 49.82 9.21
CA THR UA 405 -72.25 48.89 10.39
C THR UA 405 -71.96 49.65 11.68
N TYR UA 406 -72.58 49.28 12.80
CA TYR UA 406 -72.34 49.92 14.13
C TYR UA 406 -72.23 48.90 15.28
N ASN UA 407 -71.42 49.19 16.31
CA ASN UA 407 -71.34 48.36 17.56
C ASN UA 407 -71.79 49.19 18.75
N PHE UA 408 -72.66 48.65 19.58
CA PHE UA 408 -73.15 49.35 20.79
C PHE UA 408 -72.07 49.28 21.88
N GLU UA 409 -71.97 50.31 22.72
CA GLU UA 409 -71.08 50.31 23.91
C GLU UA 409 -71.62 49.36 25.00
N GLU UA 410 -70.79 48.91 25.93
CA GLU UA 410 -71.31 48.09 27.05
C GLU UA 410 -72.36 48.89 27.85
N VAL UA 411 -73.49 48.26 28.14
CA VAL UA 411 -74.62 48.92 28.82
C VAL UA 411 -75.21 47.87 29.77
N PRO UA 412 -75.84 48.24 30.90
CA PRO UA 412 -76.53 47.25 31.72
C PRO UA 412 -77.79 46.63 31.08
N PHE UA 413 -78.09 45.36 31.35
CA PHE UA 413 -79.31 44.67 30.84
C PHE UA 413 -80.57 45.31 31.43
N HIS UA 414 -81.65 45.47 30.65
CA HIS UA 414 -82.96 45.89 31.20
C HIS UA 414 -83.49 44.77 32.11
N SER UA 415 -84.18 45.13 33.19
CA SER UA 415 -84.75 44.12 34.11
C SER UA 415 -86.19 43.72 33.76
N SER UA 416 -86.39 42.57 33.12
CA SER UA 416 -87.72 42.02 32.77
C SER UA 416 -88.25 41.09 33.88
N PHE UA 417 -88.51 41.62 35.06
CA PHE UA 417 -89.00 40.82 36.20
C PHE UA 417 -89.73 41.74 37.17
N ALA UA 418 -90.59 41.16 37.99
CA ALA UA 418 -91.28 41.89 39.07
C ALA UA 418 -90.81 41.32 40.40
N PRO UA 419 -90.55 42.17 41.42
CA PRO UA 419 -90.22 41.66 42.74
C PRO UA 419 -91.31 40.86 43.48
N SER UA 420 -90.91 39.76 44.11
CA SER UA 420 -91.83 38.89 44.89
C SER UA 420 -91.83 39.24 46.40
N GLN UA 421 -91.05 40.23 46.83
CA GLN UA 421 -91.03 40.70 48.24
C GLN UA 421 -91.11 42.22 48.40
N ASN UA 422 -91.76 42.70 49.44
CA ASN UA 422 -91.75 44.14 49.86
C ASN UA 422 -90.39 44.52 50.46
N LEU UA 423 -89.88 45.73 50.19
CA LEU UA 423 -88.58 46.26 50.68
C LEU UA 423 -88.55 46.34 52.21
N PHE UA 424 -89.65 46.68 52.85
CA PHE UA 424 -89.78 46.80 54.32
C PHE UA 424 -90.16 45.47 55.07
N LYS UA 425 -90.39 44.33 54.42
CA LYS UA 425 -90.83 43.04 55.03
C LYS UA 425 -89.75 41.92 54.94
N LEU UA 426 -88.45 42.22 54.97
CA LEU UA 426 -87.34 41.25 54.74
C LEU UA 426 -86.84 40.47 55.98
N ALA UA 427 -87.21 40.87 57.19
CA ALA UA 427 -86.87 40.13 58.41
C ALA UA 427 -87.66 38.80 58.43
N ASN UA 428 -87.09 37.75 59.03
CA ASN UA 428 -87.82 36.47 59.18
C ASN UA 428 -89.08 36.74 60.02
N PRO UA 429 -90.26 36.24 59.58
CA PRO UA 429 -91.50 36.39 60.33
C PRO UA 429 -91.52 35.70 61.72
N LEU UA 430 -90.93 34.52 61.90
CA LEU UA 430 -90.75 33.72 63.15
C LEU UA 430 -89.86 34.32 64.25
N VAL UA 431 -88.78 35.01 63.91
CA VAL UA 431 -87.77 35.46 64.91
C VAL UA 431 -87.76 36.97 65.28
N ASP UA 432 -87.71 37.31 66.57
CA ASP UA 432 -87.56 38.70 67.09
C ASP UA 432 -86.17 39.31 66.88
N GLN UA 433 -86.10 40.62 66.71
CA GLN UA 433 -84.81 41.37 66.63
C GLN UA 433 -84.11 41.55 67.99
N TYR UA 434 -82.77 41.62 68.04
CA TYR UA 434 -82.03 41.97 69.30
C TYR UA 434 -81.95 43.52 69.48
N LEU UA 435 -82.91 44.27 68.97
CA LEU UA 435 -82.86 45.76 68.94
C LEU UA 435 -84.10 46.35 69.60
N TYR UA 436 -83.96 47.53 70.18
CA TYR UA 436 -85.06 48.14 70.98
C TYR UA 436 -85.40 49.55 70.49
N ARG UA 437 -86.62 49.98 70.75
CA ARG UA 437 -87.12 51.30 70.29
C ARG UA 437 -87.71 52.10 71.46
N PHE UA 438 -87.70 53.43 71.35
CA PHE UA 438 -88.33 54.29 72.36
C PHE UA 438 -89.81 54.36 72.08
N VAL UA 439 -90.59 54.09 73.11
CA VAL UA 439 -92.06 54.14 72.96
C VAL UA 439 -92.75 55.15 73.89
N SER UA 440 -92.08 55.59 74.95
CA SER UA 440 -92.84 56.34 75.99
C SER UA 440 -92.04 57.21 76.97
N THR UA 441 -92.74 58.08 77.66
CA THR UA 441 -92.16 58.87 78.76
C THR UA 441 -93.14 58.66 79.94
N ASN UA 442 -92.66 58.56 81.18
CA ASN UA 442 -93.52 58.40 82.40
C ASN UA 442 -94.05 59.75 82.96
N ASN UA 443 -94.73 59.75 84.10
CA ASN UA 443 -95.35 60.98 84.70
C ASN UA 443 -94.25 62.01 84.97
N THR UA 444 -93.07 61.60 85.44
CA THR UA 444 -91.88 62.48 85.46
C THR UA 444 -91.36 62.15 84.09
N GLY UA 445 -90.89 63.07 83.27
CA GLY UA 445 -90.66 62.67 81.86
C GLY UA 445 -89.45 61.78 81.61
N GLY UA 446 -89.48 60.54 82.10
CA GLY UA 446 -88.35 59.59 81.97
C GLY UA 446 -88.57 58.61 80.84
N VAL UA 447 -87.58 58.41 80.00
CA VAL UA 447 -87.69 57.57 78.75
C VAL UA 447 -87.91 56.07 79.01
N GLN UA 448 -88.71 55.43 78.17
CA GLN UA 448 -89.07 53.99 78.31
C GLN UA 448 -88.86 53.27 76.97
N PHE UA 449 -88.53 51.98 77.01
CA PHE UA 449 -88.18 51.22 75.78
C PHE UA 449 -88.88 49.86 75.69
N ASN UA 450 -89.09 49.36 74.48
CA ASN UA 450 -89.69 48.01 74.24
C ASN UA 450 -88.89 47.30 73.17
N LYS UA 451 -88.77 45.98 73.25
CA LYS UA 451 -88.12 45.11 72.22
C LYS UA 451 -88.95 44.99 70.93
N ASN UA 452 -88.27 44.76 69.81
CA ASN UA 452 -88.97 44.60 68.51
C ASN UA 452 -89.35 43.13 68.28
N LEU UA 453 -90.65 42.84 68.20
CA LEU UA 453 -91.21 41.46 68.04
C LEU UA 453 -91.23 40.92 66.60
N ALA UA 454 -91.33 39.60 66.45
CA ALA UA 454 -91.38 38.94 65.12
C ALA UA 454 -92.63 39.32 64.30
N GLY UA 455 -92.43 39.68 63.02
CA GLY UA 455 -93.50 40.06 62.09
C GLY UA 455 -94.04 41.47 62.22
N ARG UA 456 -93.53 42.28 63.14
CA ARG UA 456 -94.00 43.67 63.38
C ARG UA 456 -93.23 44.64 62.46
N TYR UA 457 -93.54 44.65 61.15
CA TYR UA 457 -92.84 45.41 60.07
C TYR UA 457 -92.97 46.92 60.27
N ALA UA 458 -94.05 47.36 60.89
CA ALA UA 458 -94.25 48.77 61.24
C ALA UA 458 -93.12 49.27 62.16
N ASN UA 459 -92.60 48.47 63.08
CA ASN UA 459 -91.60 48.89 64.12
C ASN UA 459 -90.21 48.25 64.03
N THR UA 460 -89.65 47.92 62.90
CA THR UA 460 -88.44 47.09 62.74
C THR UA 460 -87.33 47.98 62.21
N TYR UA 461 -86.09 47.75 62.62
CA TYR UA 461 -84.91 48.48 62.10
C TYR UA 461 -84.73 48.10 60.64
N LYS UA 462 -84.38 49.07 59.79
CA LYS UA 462 -84.28 48.83 58.32
C LYS UA 462 -82.92 49.20 57.74
N ASN UA 463 -82.29 48.33 56.98
CA ASN UA 463 -81.05 48.64 56.18
C ASN UA 463 -81.22 49.58 54.97
N TRP UA 464 -82.31 49.49 54.23
CA TRP UA 464 -82.42 50.12 52.90
C TRP UA 464 -83.67 50.96 52.75
N PHE UA 465 -83.61 51.92 51.85
CA PHE UA 465 -84.69 52.93 51.72
C PHE UA 465 -85.19 52.97 50.29
N PRO UA 466 -86.46 53.36 50.11
CA PRO UA 466 -87.03 53.55 48.78
C PRO UA 466 -86.50 54.74 47.97
N GLY UA 467 -86.66 54.71 46.66
CA GLY UA 467 -86.17 55.74 45.72
C GLY UA 467 -86.89 57.07 45.73
N PRO UA 468 -86.31 58.10 45.07
CA PRO UA 468 -86.85 59.47 45.11
C PRO UA 468 -88.26 59.75 44.54
N MET UA 469 -88.99 60.67 45.17
CA MET UA 469 -90.40 60.93 44.79
C MET UA 469 -90.77 62.42 44.68
N GLY UA 470 -91.66 62.82 43.78
CA GLY UA 470 -92.28 64.18 43.76
C GLY UA 470 -93.78 64.03 43.61
N ARG UA 471 -94.64 64.65 44.43
CA ARG UA 471 -96.10 64.39 44.34
C ARG UA 471 -96.76 64.88 43.01
N THR UA 472 -97.60 64.05 42.37
CA THR UA 472 -98.32 64.33 41.11
C THR UA 472 -99.78 63.99 41.28
N GLN UA 473 -100.71 64.77 40.72
CA GLN UA 473 -102.16 64.58 40.92
C GLN UA 473 -102.69 63.22 40.40
N GLY UA 474 -103.63 62.61 41.13
CA GLY UA 474 -104.24 61.33 40.76
C GLY UA 474 -105.64 61.49 40.22
N TRP UA 475 -105.93 60.86 39.09
CA TRP UA 475 -107.26 60.92 38.45
C TRP UA 475 -107.86 59.51 38.29
N ASN UA 476 -109.14 59.35 38.64
CA ASN UA 476 -109.86 58.05 38.51
C ASN UA 476 -110.22 57.76 37.05
N LEU UA 477 -110.23 56.50 36.68
CA LEU UA 477 -110.54 56.02 35.30
C LEU UA 477 -111.69 55.02 35.42
N GLY UA 478 -112.42 54.72 34.35
CA GLY UA 478 -113.60 53.84 34.44
C GLY UA 478 -114.71 54.42 35.28
N SER UA 479 -115.11 53.73 36.35
CA SER UA 479 -116.19 54.22 37.24
C SER UA 479 -115.75 55.55 37.86
N GLY UA 480 -114.48 55.73 38.26
CA GLY UA 480 -114.00 57.09 38.59
C GLY UA 480 -114.70 57.86 39.68
N VAL UA 481 -115.23 59.05 39.39
CA VAL UA 481 -115.85 59.99 40.38
C VAL UA 481 -114.98 61.26 40.58
N ASN UA 482 -114.18 61.67 39.59
CA ASN UA 482 -113.33 62.92 39.58
C ASN UA 482 -114.09 64.26 39.48
N ARG UA 483 -113.46 65.39 39.85
CA ARG UA 483 -114.03 66.77 39.77
C ARG UA 483 -114.34 67.27 38.34
N ALA UA 484 -115.48 67.93 38.14
CA ALA UA 484 -115.99 68.40 36.82
C ALA UA 484 -115.44 69.70 36.26
N SER UA 485 -115.43 69.85 34.92
CA SER UA 485 -115.08 71.11 34.21
C SER UA 485 -113.71 71.70 34.54
N VAL UA 486 -112.68 70.88 34.64
CA VAL UA 486 -111.33 71.36 35.05
C VAL UA 486 -110.42 71.65 33.84
N SER UA 487 -109.68 72.76 33.87
CA SER UA 487 -108.61 72.99 32.87
C SER UA 487 -107.32 72.57 33.57
N ALA UA 488 -106.63 71.56 33.08
CA ALA UA 488 -105.44 70.95 33.73
C ALA UA 488 -104.17 71.80 33.89
N PHE UA 489 -103.78 72.67 32.94
CA PHE UA 489 -102.41 73.28 32.87
C PHE UA 489 -101.93 74.13 34.08
N ALA UA 490 -102.75 74.96 34.71
CA ALA UA 490 -102.33 75.82 35.84
C ALA UA 490 -101.82 74.99 37.02
N THR UA 491 -102.45 73.85 37.30
CA THR UA 491 -102.11 72.99 38.47
C THR UA 491 -101.14 71.87 38.15
N THR UA 492 -100.60 71.78 36.95
CA THR UA 492 -99.60 70.75 36.53
C THR UA 492 -98.22 70.94 37.13
N ASN UA 493 -97.42 69.87 37.26
CA ASN UA 493 -96.01 69.92 37.74
C ASN UA 493 -95.11 70.65 36.75
N ARG UA 494 -94.16 71.46 37.23
CA ARG UA 494 -93.32 72.28 36.34
C ARG UA 494 -91.88 72.45 36.83
N MET UA 495 -90.94 72.69 35.92
CA MET UA 495 -89.54 73.05 36.28
C MET UA 495 -89.24 74.37 35.54
N GLU UA 496 -88.43 75.26 36.14
CA GLU UA 496 -88.15 76.61 35.56
C GLU UA 496 -86.75 76.64 34.91
N LEU UA 497 -86.63 77.01 33.63
CA LEU UA 497 -85.31 77.17 32.95
C LEU UA 497 -85.26 78.51 32.23
N GLU UA 498 -84.21 79.33 32.41
CA GLU UA 498 -83.96 80.60 31.64
C GLU UA 498 -85.13 81.59 31.71
N GLY UA 499 -85.83 81.72 32.82
CA GLY UA 499 -87.03 82.58 32.89
C GLY UA 499 -88.35 82.02 32.37
N ALA UA 500 -88.45 80.73 32.01
CA ALA UA 500 -89.78 80.19 31.58
C ALA UA 500 -90.18 78.94 32.38
N SER UA 501 -91.48 78.67 32.53
CA SER UA 501 -92.02 77.47 33.23
C SER UA 501 -92.34 76.37 32.22
N TYR UA 502 -91.81 75.20 32.46
CA TYR UA 502 -92.01 74.06 31.51
C TYR UA 502 -92.67 72.88 32.15
N GLN UA 503 -93.66 72.32 31.48
CA GLN UA 503 -94.19 71.01 31.92
C GLN UA 503 -93.10 69.98 31.59
N VAL UA 504 -92.93 68.99 32.44
CA VAL UA 504 -91.92 67.91 32.27
C VAL UA 504 -92.79 66.65 32.35
N PRO UA 505 -93.52 66.30 31.27
CA PRO UA 505 -94.54 65.27 31.28
C PRO UA 505 -94.15 63.88 31.66
N PRO UA 506 -93.00 63.25 31.33
CA PRO UA 506 -92.70 61.98 31.98
C PRO UA 506 -92.12 62.52 33.30
N GLN UA 507 -92.52 62.04 34.45
CA GLN UA 507 -91.78 62.57 35.66
C GLN UA 507 -90.41 61.84 35.77
N PRO UA 508 -89.45 62.25 36.63
CA PRO UA 508 -88.19 61.51 36.86
C PRO UA 508 -88.33 60.10 37.53
N ASN UA 509 -87.44 59.12 37.29
CA ASN UA 509 -87.55 57.71 37.80
C ASN UA 509 -87.59 57.47 39.32
N GLY UA 510 -88.13 56.32 39.79
CA GLY UA 510 -88.28 55.94 41.21
C GLY UA 510 -89.66 55.96 41.79
N MET UA 511 -90.68 56.20 40.98
CA MET UA 511 -92.07 56.19 41.47
C MET UA 511 -92.98 55.19 40.74
N THR UA 512 -94.15 54.88 41.30
CA THR UA 512 -95.19 54.10 40.60
C THR UA 512 -96.45 54.95 40.42
N ASN UA 513 -96.98 55.07 39.20
CA ASN UA 513 -98.28 55.76 38.85
C ASN UA 513 -99.57 55.08 39.38
N ASN UA 514 -99.67 53.76 39.41
CA ASN UA 514 -100.93 53.04 39.75
C ASN UA 514 -100.67 51.96 40.82
N LEU UA 515 -101.51 51.84 41.84
CA LEU UA 515 -101.39 50.77 42.89
C LEU UA 515 -101.61 49.27 42.50
N GLN UA 516 -102.59 48.86 41.67
CA GLN UA 516 -102.94 47.43 41.34
C GLN UA 516 -104.41 47.30 41.72
N GLY UA 517 -105.23 46.69 40.87
CA GLY UA 517 -106.66 46.89 41.15
C GLY UA 517 -106.74 48.39 40.93
N SER UA 518 -107.13 49.19 41.91
CA SER UA 518 -107.26 50.68 41.82
C SER UA 518 -107.41 51.34 40.43
N ASN UA 519 -108.30 52.33 40.39
CA ASN UA 519 -108.55 53.08 39.12
C ASN UA 519 -107.93 54.48 39.23
N THR UA 520 -107.12 54.73 40.26
CA THR UA 520 -106.39 56.01 40.38
C THR UA 520 -105.06 55.94 39.64
N TYR UA 521 -104.81 56.92 38.78
CA TYR UA 521 -103.57 56.97 37.98
C TYR UA 521 -103.01 58.35 38.09
N ALA UA 522 -101.70 58.44 38.25
CA ALA UA 522 -101.11 59.78 38.16
C ALA UA 522 -100.78 59.98 36.67
N LEU UA 523 -101.58 60.78 35.95
CA LEU UA 523 -101.52 60.93 34.46
C LEU UA 523 -100.20 61.53 33.92
N GLU UA 524 -99.58 62.47 34.63
CA GLU UA 524 -98.30 63.09 34.21
C GLU UA 524 -97.10 62.16 34.51
N ASN UA 525 -97.28 61.04 35.20
CA ASN UA 525 -96.23 60.01 35.41
C ASN UA 525 -96.43 58.82 34.46
N THR UA 526 -97.35 58.87 33.51
CA THR UA 526 -97.69 57.70 32.65
C THR UA 526 -97.41 57.94 31.18
N MET UA 527 -96.84 56.97 30.48
CA MET UA 527 -96.74 57.01 29.00
C MET UA 527 -98.14 56.76 28.40
N ILE UA 528 -98.62 57.68 27.56
CA ILE UA 528 -99.93 57.54 26.86
C ILE UA 528 -99.71 57.42 25.34
N PHE UA 529 -100.33 56.43 24.71
CA PHE UA 529 -100.13 56.12 23.27
C PHE UA 529 -101.47 55.99 22.58
N ASN UA 530 -101.49 56.09 21.26
CA ASN UA 530 -102.71 55.88 20.43
C ASN UA 530 -102.58 54.53 19.73
N SER UA 531 -103.65 53.73 19.66
CA SER UA 531 -103.66 52.45 18.91
C SER UA 531 -103.45 52.69 17.41
N GLN UA 532 -104.04 53.76 16.86
CA GLN UA 532 -103.93 54.10 15.42
C GLN UA 532 -103.07 55.35 15.20
N PRO UA 533 -102.33 55.46 14.08
CA PRO UA 533 -101.58 56.68 13.75
C PRO UA 533 -102.50 57.87 13.44
N ALA UA 534 -102.01 59.08 13.69
CA ALA UA 534 -102.84 60.30 13.55
C ALA UA 534 -102.32 61.25 12.48
N ASN UA 535 -103.22 62.04 11.91
CA ASN UA 535 -102.85 63.10 10.94
C ASN UA 535 -102.10 64.23 11.66
N PRO UA 536 -101.14 64.90 11.00
CA PRO UA 536 -100.43 66.01 11.62
C PRO UA 536 -101.25 67.25 11.98
N GLY UA 537 -100.99 67.83 13.17
CA GLY UA 537 -101.66 69.06 13.62
C GLY UA 537 -103.03 68.88 14.21
N THR UA 538 -103.46 67.64 14.45
CA THR UA 538 -104.82 67.40 14.97
C THR UA 538 -105.00 68.10 16.33
N THR UA 539 -106.14 68.74 16.55
CA THR UA 539 -106.48 69.38 17.84
C THR UA 539 -107.68 68.69 18.46
N ALA UA 540 -108.08 67.52 17.96
CA ALA UA 540 -109.26 66.75 18.42
C ALA UA 540 -109.16 66.25 19.88
N THR UA 541 -110.26 66.30 20.64
CA THR UA 541 -110.30 65.70 21.99
C THR UA 541 -110.33 64.20 21.90
N TYR UA 542 -109.63 63.51 22.80
CA TYR UA 542 -109.66 62.04 22.86
C TYR UA 542 -110.10 61.58 24.23
N LEU UA 543 -111.07 60.69 24.26
CA LEU UA 543 -111.50 60.02 25.52
C LEU UA 543 -110.60 58.82 25.86
N GLU UA 544 -110.75 58.23 27.04
CA GLU UA 544 -109.93 57.11 27.56
C GLU UA 544 -110.00 55.84 26.70
N GLY UA 545 -111.17 55.51 26.13
CA GLY UA 545 -111.34 54.30 25.31
C GLY UA 545 -110.44 54.29 24.10
N ASN UA 546 -110.25 55.42 23.42
CA ASN UA 546 -109.27 55.54 22.32
C ASN UA 546 -107.82 55.34 22.78
N MET UA 547 -107.44 55.79 23.97
CA MET UA 547 -106.02 55.80 24.42
C MET UA 547 -105.47 54.48 24.95
N LEU UA 548 -104.16 54.25 24.83
CA LEU UA 548 -103.49 53.08 25.46
C LEU UA 548 -102.75 53.63 26.67
N ILE UA 549 -103.14 53.26 27.90
CA ILE UA 549 -102.53 53.84 29.15
C ILE UA 549 -101.76 52.77 29.91
N THR UA 550 -100.49 53.00 30.17
CA THR UA 550 -99.58 52.07 30.88
C THR UA 550 -99.70 52.12 32.41
N SER UA 551 -99.35 51.04 33.08
CA SER UA 551 -99.35 50.94 34.57
C SER UA 551 -97.98 50.43 35.01
N GLU UA 552 -97.46 50.92 36.12
CA GLU UA 552 -96.14 50.54 36.68
C GLU UA 552 -96.36 49.76 37.99
N SER UA 553 -97.51 49.12 38.20
CA SER UA 553 -97.93 48.47 39.46
C SER UA 553 -96.99 47.34 39.91
N GLU UA 554 -96.24 46.69 39.03
CA GLU UA 554 -95.24 45.64 39.34
C GLU UA 554 -94.11 46.19 40.24
N THR UA 555 -93.70 47.44 40.10
CA THR UA 555 -92.60 48.09 40.84
C THR UA 555 -93.02 48.61 42.21
N GLN UA 556 -94.30 48.50 42.60
CA GLN UA 556 -94.89 49.04 43.86
C GLN UA 556 -94.20 48.45 45.13
N PRO UA 557 -93.77 47.17 45.22
CA PRO UA 557 -92.97 46.70 46.35
C PRO UA 557 -91.71 47.52 46.69
N VAL UA 558 -91.02 48.17 45.73
CA VAL UA 558 -89.88 49.12 45.95
C VAL UA 558 -90.10 50.59 45.52
N ASN UA 559 -91.21 50.98 44.89
CA ASN UA 559 -91.34 52.36 44.35
C ASN UA 559 -92.51 53.05 45.01
N ARG UA 560 -92.30 54.27 45.50
CA ARG UA 560 -93.37 55.04 46.17
C ARG UA 560 -94.47 55.49 45.19
N VAL UA 561 -95.70 55.58 45.65
CA VAL UA 561 -96.83 56.08 44.82
C VAL UA 561 -96.80 57.61 44.62
N ALA UA 562 -96.92 58.09 43.38
CA ALA UA 562 -96.87 59.53 42.98
C ALA UA 562 -98.00 60.39 43.56
N TYR UA 563 -99.22 59.89 43.59
CA TYR UA 563 -100.40 60.65 44.11
C TYR UA 563 -100.29 60.93 45.63
N ASN UA 564 -99.76 60.01 46.42
CA ASN UA 564 -99.64 60.12 47.90
C ASN UA 564 -98.45 60.95 48.42
N VAL UA 565 -98.49 61.46 49.66
CA VAL UA 565 -97.33 62.10 50.37
C VAL UA 565 -96.23 61.07 50.68
N GLY UA 566 -94.95 61.42 50.60
CA GLY UA 566 -93.77 60.55 50.90
C GLY UA 566 -93.55 60.04 52.31
N GLY UA 567 -93.77 60.83 53.35
CA GLY UA 567 -93.44 60.45 54.75
C GLY UA 567 -93.58 61.63 55.67
N GLN UA 568 -93.12 61.52 56.91
CA GLN UA 568 -93.16 62.62 57.93
C GLN UA 568 -91.77 62.82 58.60
N MET UA 569 -91.43 64.05 59.02
CA MET UA 569 -90.18 64.41 59.74
C MET UA 569 -90.49 65.34 60.91
N ALA UA 570 -89.61 65.45 61.92
CA ALA UA 570 -89.77 66.36 63.10
C ALA UA 570 -89.69 67.87 62.75
N THR UA 571 -90.59 68.66 63.34
CA THR UA 571 -90.67 70.11 63.06
C THR UA 571 -90.37 70.97 64.29
N ASN UA 572 -89.99 70.41 65.43
CA ASN UA 572 -89.89 71.18 66.70
C ASN UA 572 -88.95 70.50 67.68
N ASN UA 573 -88.68 71.16 68.80
CA ASN UA 573 -87.94 70.53 69.92
C ASN UA 573 -88.93 70.35 71.07
N GLN UA 574 -89.07 69.14 71.61
CA GLN UA 574 -89.96 68.83 72.77
C GLN UA 574 -89.37 69.43 74.07
N SER UA 575 -90.23 69.76 75.02
CA SER UA 575 -89.82 70.35 76.33
C SER UA 575 -90.94 70.02 77.33
N SER UA 576 -90.74 70.23 78.61
CA SER UA 576 -91.87 70.01 79.55
C SER UA 576 -93.03 70.92 79.15
N THR UA 577 -92.78 72.18 78.78
CA THR UA 577 -93.81 73.09 78.24
C THR UA 577 -94.37 72.65 76.88
N THR UA 578 -93.56 72.12 75.97
CA THR UA 578 -94.02 71.84 74.58
C THR UA 578 -94.09 70.38 74.17
N ALA UA 579 -95.23 69.94 73.65
CA ALA UA 579 -95.40 68.57 73.08
C ALA UA 579 -94.64 68.40 71.76
N PRO UA 580 -94.15 67.20 71.44
CA PRO UA 580 -93.52 66.95 70.14
C PRO UA 580 -94.44 67.04 68.89
N ALA UA 581 -93.93 67.49 67.74
CA ALA UA 581 -94.73 67.71 66.50
C ALA UA 581 -94.05 67.14 65.25
N THR UA 582 -94.83 66.71 64.26
CA THR UA 582 -94.30 66.20 62.97
C THR UA 582 -94.93 66.92 61.81
N GLY UA 583 -94.28 66.90 60.64
CA GLY UA 583 -94.88 67.44 59.41
C GLY UA 583 -94.69 66.52 58.21
N THR UA 584 -95.69 66.40 57.34
CA THR UA 584 -95.56 65.63 56.05
C THR UA 584 -94.74 66.36 55.00
N TYR UA 585 -94.08 65.64 54.11
CA TYR UA 585 -93.31 66.21 52.97
C TYR UA 585 -93.91 65.73 51.59
N ASN UA 586 -93.92 66.57 50.54
CA ASN UA 586 -94.48 66.23 49.19
C ASN UA 586 -93.36 65.86 48.19
N LEU UA 587 -92.10 66.08 48.56
CA LEU UA 587 -90.96 65.73 47.68
C LEU UA 587 -89.73 65.24 48.47
N GLN UA 588 -88.96 64.31 47.93
CA GLN UA 588 -87.68 63.88 48.54
C GLN UA 588 -86.76 63.43 47.40
N GLU UA 589 -85.46 63.49 47.58
CA GLU UA 589 -84.48 63.18 46.51
C GLU UA 589 -83.57 62.08 47.02
N ILE UA 590 -82.52 61.73 46.30
CA ILE UA 590 -81.63 60.59 46.62
C ILE UA 590 -80.95 60.70 47.99
N VAL UA 591 -80.89 59.59 48.70
CA VAL UA 591 -80.25 59.50 50.05
C VAL UA 591 -79.34 58.26 49.96
N PRO UA 592 -78.26 58.15 50.74
CA PRO UA 592 -77.45 56.94 50.73
C PRO UA 592 -78.23 55.68 51.20
N GLY UA 593 -78.02 54.52 50.58
CA GLY UA 593 -78.81 53.30 50.85
C GLY UA 593 -80.13 53.21 50.09
N SER UA 594 -80.38 54.12 49.15
CA SER UA 594 -81.57 54.17 48.27
C SER UA 594 -81.59 53.08 47.18
N VAL UA 595 -82.74 52.43 47.00
CA VAL UA 595 -82.94 51.36 45.96
C VAL UA 595 -84.24 51.68 45.20
N TRP UA 596 -84.26 51.45 43.88
CA TRP UA 596 -85.48 51.66 43.04
C TRP UA 596 -85.44 50.83 41.76
N MET UA 597 -86.56 50.73 41.09
CA MET UA 597 -86.66 50.08 39.75
C MET UA 597 -86.92 51.14 38.65
N GLU UA 598 -86.21 51.06 37.53
CA GLU UA 598 -86.42 51.95 36.35
C GLU UA 598 -87.71 51.61 35.60
N ARG UA 599 -88.24 52.56 34.83
CA ARG UA 599 -89.47 52.36 34.00
C ARG UA 599 -89.36 51.22 32.98
N ASP UA 600 -90.43 50.47 32.78
CA ASP UA 600 -90.51 49.35 31.82
C ASP UA 600 -90.55 49.77 30.35
N VAL UA 601 -89.95 48.98 29.48
CA VAL UA 601 -90.06 49.15 27.99
C VAL UA 601 -91.38 48.58 27.44
N TYR UA 602 -91.84 49.10 26.31
CA TYR UA 602 -93.09 48.65 25.65
C TYR UA 602 -92.77 48.35 24.20
N LEU UA 603 -93.53 47.47 23.55
CA LEU UA 603 -93.35 47.16 22.11
C LEU UA 603 -93.59 48.44 21.26
N GLN UA 604 -94.60 49.24 21.58
CA GLN UA 604 -94.90 50.57 20.99
C GLN UA 604 -93.81 51.64 21.30
N GLY UA 605 -93.08 51.53 22.42
CA GLY UA 605 -92.04 52.47 22.86
C GLY UA 605 -90.64 52.52 22.27
N PRO UA 606 -89.87 53.59 22.58
CA PRO UA 606 -88.44 53.71 22.23
C PRO UA 606 -87.29 52.89 22.87
N ILE UA 607 -86.33 52.38 22.10
CA ILE UA 607 -85.09 51.72 22.64
C ILE UA 607 -84.02 52.61 23.33
N TRP UA 608 -83.64 53.75 22.77
CA TRP UA 608 -82.47 54.52 23.28
C TRP UA 608 -82.64 56.03 23.31
N ALA UA 609 -81.79 56.72 24.07
CA ALA UA 609 -81.72 58.21 24.10
C ALA UA 609 -80.24 58.59 24.19
N LYS UA 610 -79.87 59.73 23.62
CA LYS UA 610 -78.49 60.26 23.73
C LYS UA 610 -78.28 61.04 25.04
N ILE UA 611 -77.23 60.72 25.78
CA ILE UA 611 -76.85 61.52 26.97
C ILE UA 611 -76.32 62.89 26.50
N PRO UA 612 -76.79 64.02 27.07
CA PRO UA 612 -76.29 65.35 26.69
C PRO UA 612 -74.87 65.67 27.14
N GLU UA 613 -74.09 66.38 26.32
CA GLU UA 613 -72.65 66.63 26.67
C GLU UA 613 -72.48 67.94 27.47
N THR UA 614 -72.37 67.86 28.80
CA THR UA 614 -72.22 69.02 29.69
C THR UA 614 -70.96 68.88 30.49
N GLY UA 615 -70.40 67.68 30.55
CA GLY UA 615 -69.27 67.33 31.41
C GLY UA 615 -69.68 66.87 32.81
N ALA UA 616 -70.96 66.96 33.22
CA ALA UA 616 -71.43 66.43 34.51
C ALA UA 616 -72.82 65.80 34.42
N HIS UA 617 -73.02 64.62 34.98
CA HIS UA 617 -74.35 63.97 35.02
C HIS UA 617 -74.45 62.98 36.19
N PHE UA 618 -75.66 62.63 36.59
CA PHE UA 618 -75.87 61.56 37.60
C PHE UA 618 -76.79 60.47 37.07
N HIS UA 619 -76.42 59.18 37.19
CA HIS UA 619 -77.30 58.00 36.88
C HIS UA 619 -78.05 58.18 35.56
N PRO UA 620 -77.45 57.79 34.43
CA PRO UA 620 -78.01 58.15 33.12
C PRO UA 620 -79.00 57.26 32.40
N SER UA 621 -80.16 57.14 33.01
CA SER UA 621 -81.26 56.31 32.45
C SER UA 621 -82.36 57.28 32.00
N PRO UA 622 -82.81 57.25 30.72
CA PRO UA 622 -83.82 58.19 30.27
C PRO UA 622 -85.24 58.03 30.86
N ALA UA 623 -85.96 59.11 31.09
CA ALA UA 623 -87.29 59.08 31.75
C ALA UA 623 -88.38 58.31 30.99
N MET UA 624 -88.45 58.41 29.66
CA MET UA 624 -89.40 57.69 28.78
C MET UA 624 -89.15 56.18 28.89
N GLY UA 625 -87.92 55.75 29.07
CA GLY UA 625 -87.53 54.33 29.17
C GLY UA 625 -86.37 54.01 28.25
N GLY UA 626 -85.82 52.81 28.34
CA GLY UA 626 -84.71 52.39 27.46
C GLY UA 626 -83.28 52.58 27.91
N PHE UA 627 -82.36 52.62 26.96
CA PHE UA 627 -80.89 52.66 27.22
C PHE UA 627 -80.31 54.04 26.92
N GLY UA 628 -79.55 54.59 27.86
CA GLY UA 628 -78.91 55.90 27.70
C GLY UA 628 -77.52 55.71 27.18
N LEU UA 629 -77.21 56.33 26.05
CA LEU UA 629 -75.91 56.08 25.38
C LEU UA 629 -75.09 57.35 25.16
N LYS UA 630 -73.83 57.34 25.56
CA LYS UA 630 -72.87 58.44 25.23
C LYS UA 630 -72.64 58.52 23.71
N HIS UA 631 -72.49 57.38 23.04
CA HIS UA 631 -72.29 57.34 21.56
C HIS UA 631 -73.39 56.51 20.94
N PRO UA 632 -74.54 57.14 20.62
CA PRO UA 632 -75.70 56.48 20.03
C PRO UA 632 -75.60 56.05 18.57
N PRO UA 633 -76.46 55.15 18.07
CA PRO UA 633 -76.39 54.82 16.65
C PRO UA 633 -76.59 56.14 15.86
N PRO UA 634 -75.75 56.44 14.86
CA PRO UA 634 -75.77 57.73 14.18
C PRO UA 634 -76.89 58.19 13.25
N MET UA 635 -77.11 59.50 13.14
CA MET UA 635 -78.11 60.08 12.21
C MET UA 635 -77.79 59.74 10.72
N MET UA 636 -78.80 59.27 9.99
CA MET UA 636 -78.66 58.89 8.57
C MET UA 636 -79.52 59.88 7.75
N LEU UA 637 -78.89 60.60 6.83
CA LEU UA 637 -79.56 61.71 6.09
C LEU UA 637 -79.56 61.44 4.57
N ILE UA 638 -80.70 61.66 3.94
CA ILE UA 638 -80.87 61.44 2.48
C ILE UA 638 -81.53 62.66 1.81
N LYS UA 639 -81.03 63.04 0.65
CA LYS UA 639 -81.69 64.15 -0.12
C LYS UA 639 -81.77 63.83 -1.63
N ASN UA 640 -82.69 64.46 -2.32
CA ASN UA 640 -82.74 64.39 -3.81
C ASN UA 640 -81.83 65.49 -4.36
N THR UA 641 -80.93 65.18 -5.27
CA THR UA 641 -80.06 66.20 -5.91
C THR UA 641 -80.88 67.18 -6.75
N PRO UA 642 -80.64 68.51 -6.64
CA PRO UA 642 -81.29 69.48 -7.50
C PRO UA 642 -81.02 69.26 -8.99
N VAL UA 643 -82.08 69.20 -9.77
CA VAL UA 643 -81.91 69.10 -11.24
C VAL UA 643 -82.54 70.38 -11.84
N PRO UA 644 -81.75 71.22 -12.51
CA PRO UA 644 -82.27 72.46 -13.10
C PRO UA 644 -83.23 72.49 -14.31
N GLY UA 645 -84.14 73.46 -14.36
CA GLY UA 645 -85.03 73.75 -15.51
C GLY UA 645 -84.29 74.51 -16.59
N ASN UA 646 -84.87 74.75 -17.76
CA ASN UA 646 -84.10 75.35 -18.88
C ASN UA 646 -83.62 76.77 -18.57
N ILE UA 647 -82.32 77.03 -18.70
CA ILE UA 647 -81.75 78.38 -18.45
C ILE UA 647 -81.06 78.81 -19.75
N THR UA 648 -81.39 79.97 -20.29
CA THR UA 648 -80.86 80.41 -21.61
C THR UA 648 -79.88 81.56 -21.49
N SER UA 649 -79.80 82.20 -20.33
CA SER UA 649 -78.94 83.41 -20.14
C SER UA 649 -78.11 83.31 -18.86
N PHE UA 650 -76.95 83.96 -18.80
CA PHE UA 650 -76.10 84.03 -17.60
C PHE UA 650 -76.58 85.01 -16.52
N SER UA 651 -76.56 84.60 -15.24
CA SER UA 651 -76.77 85.54 -14.12
C SER UA 651 -75.84 85.18 -12.97
N ASP UA 652 -75.33 86.15 -12.23
CA ASP UA 652 -74.62 85.92 -10.94
C ASP UA 652 -75.63 85.38 -9.93
N VAL UA 653 -76.89 85.83 -9.97
CA VAL UA 653 -77.96 85.39 -9.04
C VAL UA 653 -78.23 83.89 -9.19
N PRO UA 654 -78.31 83.11 -8.08
CA PRO UA 654 -78.54 81.67 -8.12
C PRO UA 654 -79.85 81.18 -8.73
N VAL UA 655 -79.79 80.04 -9.41
CA VAL UA 655 -81.00 79.46 -10.06
C VAL UA 655 -82.08 79.06 -9.03
N SER UA 656 -83.31 79.45 -9.29
CA SER UA 656 -84.47 79.14 -8.45
C SER UA 656 -85.47 78.23 -9.20
N SER UA 657 -85.16 77.82 -10.42
CA SER UA 657 -86.09 77.01 -11.26
C SER UA 657 -85.53 75.59 -11.44
N PHE UA 658 -86.30 74.59 -11.02
CA PHE UA 658 -85.82 73.19 -11.02
C PHE UA 658 -86.90 72.27 -11.50
N ILE UA 659 -86.55 71.15 -12.10
CA ILE UA 659 -87.59 70.12 -12.43
C ILE UA 659 -88.13 69.44 -11.14
N THR UA 660 -89.43 69.16 -11.03
CA THR UA 660 -90.06 68.51 -9.84
C THR UA 660 -89.84 66.99 -9.82
N GLN UA 661 -89.31 66.47 -8.70
CA GLN UA 661 -88.88 65.05 -8.60
C GLN UA 661 -89.11 64.41 -7.21
N TYR UA 662 -89.22 63.09 -7.13
CA TYR UA 662 -89.37 62.34 -5.84
C TYR UA 662 -88.57 61.05 -5.96
N SER UA 663 -88.22 60.44 -4.83
CA SER UA 663 -87.48 59.15 -4.84
C SER UA 663 -88.18 58.05 -4.01
N THR UA 664 -87.93 56.78 -4.38
CA THR UA 664 -88.49 55.62 -3.67
C THR UA 664 -87.45 54.50 -3.60
N GLY UA 665 -87.52 53.62 -2.60
CA GLY UA 665 -86.60 52.48 -2.47
C GLY UA 665 -86.91 51.52 -1.34
N GLN UA 666 -85.99 50.62 -1.04
CA GLN UA 666 -86.08 49.65 0.09
C GLN UA 666 -84.94 49.83 1.13
N VAL UA 667 -85.27 49.68 2.41
CA VAL UA 667 -84.26 49.75 3.51
C VAL UA 667 -84.29 48.45 4.35
N THR UA 668 -83.14 47.90 4.69
CA THR UA 668 -83.03 46.73 5.59
C THR UA 668 -82.26 47.08 6.86
N VAL UA 669 -82.78 46.73 8.05
CA VAL UA 669 -82.05 46.89 9.36
C VAL UA 669 -81.86 45.52 10.04
N GLU UA 670 -80.64 45.18 10.44
CA GLU UA 670 -80.32 43.92 11.15
C GLU UA 670 -79.77 44.27 12.55
N MET UA 671 -80.36 43.68 13.60
CA MET UA 671 -79.93 43.96 14.99
C MET UA 671 -79.64 42.67 15.77
N GLU UA 672 -78.60 42.70 16.59
CA GLU UA 672 -78.24 41.56 17.47
C GLU UA 672 -78.54 41.91 18.94
N TRP UA 673 -79.14 40.98 19.67
CA TRP UA 673 -79.52 41.20 21.08
C TRP UA 673 -78.93 40.12 21.99
N GLU UA 674 -78.47 40.51 23.18
CA GLU UA 674 -77.97 39.55 24.20
C GLU UA 674 -79.07 39.30 25.25
N LEU UA 675 -79.30 38.05 25.61
CA LEU UA 675 -80.38 37.62 26.54
C LEU UA 675 -79.85 37.12 27.88
N LYS UA 676 -80.54 37.44 28.97
CA LYS UA 676 -80.20 36.86 30.30
C LYS UA 676 -81.28 35.83 30.68
N LYS UA 677 -80.89 34.58 30.90
CA LYS UA 677 -81.79 33.47 31.29
C LYS UA 677 -82.35 33.49 32.73
N GLU UA 678 -83.60 33.08 32.89
CA GLU UA 678 -84.21 32.90 34.23
C GLU UA 678 -83.58 31.69 34.96
N ASN UA 679 -83.33 31.78 36.27
CA ASN UA 679 -82.78 30.68 37.12
C ASN UA 679 -83.67 30.49 38.36
N SER UA 680 -84.99 30.55 38.24
CA SER UA 680 -85.95 30.50 39.38
C SER UA 680 -86.10 29.15 40.11
N LYS UA 681 -86.28 29.18 41.42
CA LYS UA 681 -86.57 27.97 42.24
C LYS UA 681 -88.05 27.98 42.72
N ARG UA 682 -88.91 28.89 42.25
CA ARG UA 682 -90.37 28.97 42.58
C ARG UA 682 -91.18 27.73 42.13
N TRP UA 683 -91.77 26.98 43.07
CA TRP UA 683 -92.58 25.76 42.83
C TRP UA 683 -93.90 25.95 42.07
N ASN UA 684 -94.65 26.96 42.44
CA ASN UA 684 -95.97 27.30 41.85
C ASN UA 684 -95.84 27.98 40.48
N PRO UA 685 -96.89 27.87 39.63
CA PRO UA 685 -96.91 28.56 38.35
C PRO UA 685 -96.97 30.11 38.32
N GLU UA 686 -96.23 30.72 37.42
CA GLU UA 686 -96.16 32.19 37.17
C GLU UA 686 -97.22 32.85 36.26
N ILE UA 687 -97.36 34.17 36.35
CA ILE UA 687 -98.17 35.00 35.41
C ILE UA 687 -97.48 35.09 34.03
N GLN UA 688 -98.24 35.04 32.94
CA GLN UA 688 -97.75 35.09 31.53
C GLN UA 688 -98.63 35.95 30.65
N TYR UA 689 -98.10 36.63 29.63
CA TYR UA 689 -98.93 37.33 28.63
C TYR UA 689 -99.61 36.27 27.72
N THR UA 690 -100.90 36.41 27.50
CA THR UA 690 -101.66 35.44 26.70
C THR UA 690 -102.60 36.16 25.78
N ASN UA 691 -103.00 35.51 24.68
CA ASN UA 691 -104.05 36.06 23.81
C ASN UA 691 -105.35 35.58 24.44
N ASN UA 692 -106.10 36.47 25.06
CA ASN UA 692 -107.31 36.10 25.83
C ASN UA 692 -108.37 37.16 25.59
N TYR UA 693 -109.47 36.77 24.98
CA TYR UA 693 -110.53 37.73 24.58
C TYR UA 693 -111.85 37.02 24.78
N ASN UA 694 -112.91 37.72 25.17
CA ASN UA 694 -114.24 37.07 25.28
C ASN UA 694 -115.12 37.43 24.07
N ASP UA 695 -115.64 36.44 23.32
CA ASP UA 695 -116.50 36.63 22.10
C ASP UA 695 -115.87 37.57 21.06
N PRO UA 696 -114.60 37.38 20.62
CA PRO UA 696 -113.99 38.33 19.71
C PRO UA 696 -114.60 38.56 18.31
N GLN UA 697 -114.72 39.82 17.88
CA GLN UA 697 -115.29 40.15 16.55
C GLN UA 697 -114.18 40.37 15.51
N PHE UA 698 -112.93 40.36 15.93
CA PHE UA 698 -111.77 40.60 15.03
C PHE UA 698 -110.61 39.92 15.68
N VAL UA 699 -109.56 39.70 14.93
CA VAL UA 699 -108.30 39.22 15.54
C VAL UA 699 -107.43 40.46 15.80
N ASP UA 700 -106.97 40.66 17.02
CA ASP UA 700 -106.00 41.72 17.38
C ASP UA 700 -104.62 41.44 16.77
N PHE UA 701 -103.82 42.46 16.44
CA PHE UA 701 -102.49 42.37 15.75
C PHE UA 701 -102.61 41.75 14.37
N ALA UA 702 -103.67 42.07 13.65
CA ALA UA 702 -103.94 41.55 12.30
C ALA UA 702 -104.61 42.65 11.47
N PRO UA 703 -104.58 42.58 10.12
CA PRO UA 703 -105.37 43.48 9.29
C PRO UA 703 -106.89 43.30 9.33
N ASP UA 704 -107.66 44.36 9.12
CA ASP UA 704 -109.15 44.25 9.05
C ASP UA 704 -109.68 44.11 7.60
N SER UA 705 -110.99 44.18 7.43
CA SER UA 705 -111.63 44.03 6.08
C SER UA 705 -111.15 45.13 5.12
N THR UA 706 -110.96 46.36 5.57
CA THR UA 706 -110.35 47.48 4.78
C THR UA 706 -108.85 47.34 4.59
N GLY UA 707 -108.13 46.49 5.33
CA GLY UA 707 -106.67 46.39 5.29
C GLY UA 707 -105.89 47.20 6.32
N GLU UA 708 -106.56 47.81 7.29
CA GLU UA 708 -105.88 48.59 8.37
C GLU UA 708 -105.50 47.71 9.58
N TYR UA 709 -104.24 47.79 10.03
CA TYR UA 709 -103.71 47.02 11.19
C TYR UA 709 -104.35 47.45 12.52
N ARG UA 710 -104.64 46.46 13.37
CA ARG UA 710 -105.29 46.75 14.68
C ARG UA 710 -104.33 46.37 15.81
N SER UA 711 -104.08 47.27 16.75
CA SER UA 711 -103.22 47.03 17.94
C SER UA 711 -103.90 47.57 19.21
N THR UA 712 -104.91 46.92 19.76
CA THR UA 712 -105.72 47.32 20.95
C THR UA 712 -104.94 47.42 22.26
N ARG UA 713 -103.95 46.58 22.55
CA ARG UA 713 -103.30 46.54 23.89
C ARG UA 713 -101.82 46.96 23.96
N PRO UA 714 -101.38 47.76 24.95
CA PRO UA 714 -99.97 48.01 25.20
C PRO UA 714 -99.20 46.83 25.85
N ILE UA 715 -97.99 46.47 25.42
CA ILE UA 715 -97.35 45.29 26.09
C ILE UA 715 -96.01 45.63 26.76
N GLY UA 716 -95.92 45.37 28.07
CA GLY UA 716 -94.70 45.53 28.90
C GLY UA 716 -93.87 44.29 28.93
N THR UA 717 -92.73 44.34 29.60
CA THR UA 717 -91.83 43.19 29.75
C THR UA 717 -91.87 42.41 31.06
N ARG UA 718 -92.58 42.84 32.13
CA ARG UA 718 -92.43 42.16 33.46
C ARG UA 718 -93.58 41.18 33.82
N TYR UA 719 -93.35 39.88 33.64
CA TYR UA 719 -94.35 38.81 33.95
C TYR UA 719 -93.72 37.84 34.92
N LEU UA 720 -92.41 37.65 34.82
CA LEU UA 720 -91.62 36.78 35.74
C LEU UA 720 -91.39 37.47 37.09
N THR UA 721 -91.15 36.67 38.11
CA THR UA 721 -91.00 37.17 39.49
C THR UA 721 -89.69 36.71 40.07
N ARG UA 722 -89.06 37.54 40.88
CA ARG UA 722 -87.81 37.15 41.58
C ARG UA 722 -87.86 37.58 43.05
N PRO UA 723 -87.23 36.84 43.99
CA PRO UA 723 -87.07 37.30 45.38
C PRO UA 723 -86.07 38.47 45.52
N LEU UA 724 -86.24 39.35 46.49
CA LEU UA 724 -85.36 40.53 46.67
C LEU UA 724 -83.94 40.12 47.08
N ASP VA 209 -67.17 7.74 58.88
CA ASP VA 209 -66.39 6.51 59.23
C ASP VA 209 -67.15 5.64 60.25
N GLY VA 210 -67.24 6.04 61.52
CA GLY VA 210 -67.80 5.10 62.51
C GLY VA 210 -68.48 5.65 63.74
N VAL VA 211 -69.20 4.80 64.47
CA VAL VA 211 -69.86 5.16 65.75
C VAL VA 211 -68.82 5.58 66.83
N GLY VA 212 -67.66 4.94 66.90
CA GLY VA 212 -66.65 5.20 67.94
C GLY VA 212 -65.60 6.20 67.56
N ASN VA 213 -65.68 6.81 66.37
CA ASN VA 213 -64.61 7.71 65.89
C ASN VA 213 -65.11 9.14 65.78
N ALA VA 214 -64.36 10.11 66.32
CA ALA VA 214 -64.72 11.54 66.23
C ALA VA 214 -64.47 12.16 64.84
N SER VA 215 -65.45 12.86 64.28
CA SER VA 215 -65.43 13.58 62.97
C SER VA 215 -64.51 14.82 62.93
N GLY VA 216 -64.38 15.58 64.02
CA GLY VA 216 -63.55 16.79 64.09
C GLY VA 216 -63.08 17.19 65.48
N ASP VA 217 -62.26 18.23 65.57
CA ASP VA 217 -61.67 18.76 66.85
C ASP VA 217 -62.03 20.21 67.14
N TRP VA 218 -61.96 20.63 68.40
CA TRP VA 218 -62.27 22.01 68.85
C TRP VA 218 -61.15 23.01 68.50
N HIS VA 219 -61.50 24.06 67.76
CA HIS VA 219 -60.53 25.15 67.48
C HIS VA 219 -61.11 26.52 67.87
N CYS VA 220 -60.59 27.19 68.90
CA CYS VA 220 -61.02 28.57 69.22
C CYS VA 220 -59.74 29.40 69.38
N ASP VA 221 -59.43 30.28 68.42
CA ASP VA 221 -58.12 31.01 68.46
C ASP VA 221 -58.05 32.29 67.63
N SER VA 222 -57.09 33.17 67.89
CA SER VA 222 -56.78 34.34 67.02
C SER VA 222 -55.29 34.31 66.68
N THR VA 223 -54.91 34.50 65.42
CA THR VA 223 -53.49 34.61 65.02
C THR VA 223 -53.27 35.94 64.32
N TRP VA 224 -52.31 36.73 64.75
CA TRP VA 224 -51.98 38.05 64.15
C TRP VA 224 -50.67 37.95 63.39
N MET VA 225 -50.69 38.25 62.10
CA MET VA 225 -49.49 38.15 61.22
C MET VA 225 -49.30 39.39 60.34
N GLY VA 226 -48.77 40.51 60.85
CA GLY VA 226 -48.66 41.75 60.05
C GLY VA 226 -49.98 42.33 59.64
N ASP VA 227 -50.24 42.47 58.34
CA ASP VA 227 -51.50 43.05 57.78
C ASP VA 227 -52.72 42.11 57.91
N ARG VA 228 -52.55 40.84 58.28
CA ARG VA 228 -53.65 39.86 58.35
C ARG VA 228 -53.94 39.32 59.76
N VAL VA 229 -55.21 39.17 60.13
CA VAL VA 229 -55.60 38.50 61.40
C VAL VA 229 -56.56 37.33 61.02
N VAL VA 230 -56.36 36.14 61.58
CA VAL VA 230 -57.26 34.96 61.37
C VAL VA 230 -58.03 34.65 62.66
N THR VA 231 -59.35 34.53 62.60
CA THR VA 231 -60.18 34.19 63.77
C THR VA 231 -60.81 32.79 63.63
N LYS VA 232 -60.72 31.95 64.66
CA LYS VA 232 -61.36 30.61 64.70
C LYS VA 232 -62.36 30.55 65.85
N SER VA 233 -63.58 30.08 65.62
CA SER VA 233 -64.65 29.97 66.64
C SER VA 233 -65.34 28.62 66.59
N THR VA 234 -65.48 27.93 67.72
CA THR VA 234 -66.20 26.64 67.82
C THR VA 234 -67.35 26.72 68.83
N ARG VA 235 -68.53 26.23 68.46
CA ARG VA 235 -69.72 26.19 69.36
C ARG VA 235 -70.47 24.85 69.32
N THR VA 236 -71.26 24.56 70.35
CA THR VA 236 -72.14 23.38 70.43
C THR VA 236 -73.58 23.83 70.20
N TRP VA 237 -74.31 23.18 69.28
CA TRP VA 237 -75.71 23.54 68.89
C TRP VA 237 -76.72 22.40 69.11
N VAL VA 238 -77.98 22.76 69.28
CA VAL VA 238 -79.12 21.80 69.38
C VAL VA 238 -80.15 22.11 68.26
N LEU VA 239 -80.67 21.07 67.59
CA LEU VA 239 -81.75 21.26 66.57
C LEU VA 239 -83.08 20.60 66.94
N PRO VA 240 -84.17 21.38 67.11
CA PRO VA 240 -85.51 20.82 67.27
C PRO VA 240 -86.15 20.29 65.98
N SER VA 241 -87.11 19.39 66.07
CA SER VA 241 -87.88 19.02 64.85
C SER VA 241 -89.06 20.00 64.70
N TYR VA 242 -88.90 21.09 63.95
CA TYR VA 242 -89.91 22.17 63.84
C TYR VA 242 -91.10 21.86 62.94
N ASN VA 243 -92.33 22.14 63.39
CA ASN VA 243 -93.57 22.02 62.55
C ASN VA 243 -94.02 20.57 62.45
N ASN VA 244 -93.38 19.63 63.18
CA ASN VA 244 -93.66 18.17 63.09
C ASN VA 244 -93.53 17.68 61.64
N HIS VA 245 -92.48 18.09 60.93
CA HIS VA 245 -92.18 17.64 59.53
C HIS VA 245 -93.11 18.24 58.46
N GLN VA 246 -93.71 19.39 58.71
CA GLN VA 246 -94.70 19.99 57.78
C GLN VA 246 -94.40 21.46 57.44
N TYR VA 247 -94.90 21.95 56.32
CA TYR VA 247 -94.78 23.36 55.88
C TYR VA 247 -96.10 24.01 56.17
N ARG VA 248 -96.10 25.17 56.81
CA ARG VA 248 -97.37 25.84 57.21
C ARG VA 248 -97.53 27.25 56.62
N GLU VA 249 -98.71 27.54 56.08
CA GLU VA 249 -98.99 28.92 55.63
C GLU VA 249 -99.20 29.83 56.85
N ILE VA 250 -98.54 30.98 56.88
CA ILE VA 250 -98.56 31.93 58.03
C ILE VA 250 -99.03 33.31 57.53
N LYS VA 251 -99.79 34.03 58.33
CA LYS VA 251 -100.35 35.32 57.85
C LYS VA 251 -100.71 36.24 59.02
N SER VA 252 -100.74 37.54 58.77
CA SER VA 252 -101.23 38.48 59.80
C SER VA 252 -102.12 39.60 59.24
N GLY VA 253 -103.13 40.03 59.97
CA GLY VA 253 -103.90 41.27 59.70
C GLY VA 253 -103.27 42.46 60.46
N SER VA 254 -103.93 43.61 60.51
CA SER VA 254 -103.45 44.80 61.26
C SER VA 254 -103.35 44.55 62.78
N VAL VA 255 -102.26 44.99 63.43
CA VAL VA 255 -102.02 44.73 64.89
C VAL VA 255 -101.43 45.99 65.51
N ASP VA 256 -101.77 46.31 66.76
CA ASP VA 256 -101.26 47.51 67.50
C ASP VA 256 -101.68 48.78 66.75
N GLY VA 257 -102.80 48.74 66.06
CA GLY VA 257 -103.28 49.89 65.28
C GLY VA 257 -102.65 50.05 63.90
N SER VA 258 -101.81 49.13 63.41
CA SER VA 258 -101.14 49.40 62.10
C SER VA 258 -101.32 48.35 61.01
N ASN VA 259 -101.72 48.73 59.80
CA ASN VA 259 -101.79 47.85 58.59
C ASN VA 259 -100.39 47.50 58.03
N ALA VA 260 -99.34 48.24 58.38
CA ALA VA 260 -97.92 47.98 58.00
C ALA VA 260 -97.49 46.64 58.62
N ASN VA 261 -98.12 46.26 59.73
CA ASN VA 261 -97.98 44.94 60.42
C ASN VA 261 -98.46 43.74 59.58
N ALA VA 262 -99.50 43.85 58.73
CA ALA VA 262 -100.06 42.76 57.89
C ALA VA 262 -99.05 42.11 56.91
N TYR VA 263 -99.08 40.78 56.78
CA TYR VA 263 -98.16 40.00 55.89
C TYR VA 263 -98.79 38.65 55.50
N PHE VA 264 -98.31 38.03 54.42
CA PHE VA 264 -98.66 36.66 53.99
C PHE VA 264 -97.32 35.89 53.83
N GLY VA 265 -97.21 34.68 54.34
CA GLY VA 265 -95.94 33.92 54.34
C GLY VA 265 -95.98 32.42 54.57
N TYR VA 266 -94.81 31.78 54.54
CA TYR VA 266 -94.68 30.33 54.84
C TYR VA 266 -93.69 30.04 56.01
N SER VA 267 -94.01 29.10 56.89
CA SER VA 267 -93.07 28.60 57.95
C SER VA 267 -92.56 27.22 57.49
N THR VA 268 -91.32 26.89 57.79
CA THR VA 268 -90.70 25.66 57.26
C THR VA 268 -90.17 24.73 58.35
N PRO VA 269 -90.00 23.43 58.06
CA PRO VA 269 -89.39 22.44 58.96
C PRO VA 269 -87.90 22.65 59.29
N TRP VA 270 -87.13 23.32 58.45
CA TRP VA 270 -85.69 23.60 58.55
C TRP VA 270 -85.22 24.67 59.56
N GLY VA 271 -83.95 24.59 59.93
CA GLY VA 271 -83.26 25.56 60.79
C GLY VA 271 -82.01 26.05 60.08
N TYR VA 272 -81.48 27.18 60.48
CA TYR VA 272 -80.31 27.78 59.79
C TYR VA 272 -79.22 28.25 60.77
N PHE VA 273 -77.99 28.37 60.29
CA PHE VA 273 -76.84 28.89 61.08
C PHE VA 273 -76.55 30.37 60.69
N ASP VA 274 -76.49 31.28 61.66
CA ASP VA 274 -76.21 32.74 61.47
C ASP VA 274 -74.92 33.14 62.20
N PHE VA 275 -73.95 33.72 61.48
CA PHE VA 275 -72.70 34.24 62.10
C PHE VA 275 -72.53 35.77 61.92
N ASN VA 276 -73.57 36.55 61.55
CA ASN VA 276 -73.37 38.01 61.26
C ASN VA 276 -73.41 38.86 62.55
N ARG VA 277 -72.53 38.60 63.51
CA ARG VA 277 -72.32 39.44 64.72
C ARG VA 277 -70.80 39.40 64.97
N PHE VA 278 -70.17 40.51 65.35
CA PHE VA 278 -68.70 40.59 65.65
C PHE VA 278 -68.27 39.73 66.87
N HIS VA 279 -69.05 39.66 67.95
CA HIS VA 279 -68.79 38.92 69.22
C HIS VA 279 -68.71 37.41 68.92
N SER VA 280 -69.33 36.93 67.84
CA SER VA 280 -69.24 35.52 67.35
C SER VA 280 -67.79 35.17 66.96
N HIS VA 281 -67.03 36.09 66.38
CA HIS VA 281 -65.61 35.89 65.97
C HIS VA 281 -64.56 36.57 66.86
N TRP VA 282 -64.91 37.54 67.70
CA TRP VA 282 -63.91 38.37 68.40
C TRP VA 282 -64.02 38.34 69.91
N SER VA 283 -62.90 38.08 70.59
CA SER VA 283 -62.83 38.22 72.07
C SER VA 283 -62.83 39.72 72.41
N PRO VA 284 -63.27 40.10 73.63
CA PRO VA 284 -63.19 41.49 74.02
C PRO VA 284 -61.77 42.05 74.06
N ARG VA 285 -60.76 41.30 74.52
CA ARG VA 285 -59.34 41.74 74.45
C ARG VA 285 -58.82 41.91 73.01
N ASP VA 286 -59.15 41.01 72.10
CA ASP VA 286 -58.76 41.08 70.65
C ASP VA 286 -59.38 42.31 69.96
N TRP VA 287 -60.63 42.62 70.28
CA TRP VA 287 -61.32 43.82 69.76
C TRP VA 287 -60.63 45.11 70.23
N GLN VA 288 -60.18 45.19 71.47
CA GLN VA 288 -59.41 46.33 72.04
C GLN VA 288 -58.07 46.51 71.31
N ARG VA 289 -57.39 45.42 70.99
CA ARG VA 289 -56.12 45.49 70.24
C ARG VA 289 -56.33 46.09 68.84
N LEU VA 290 -57.37 45.71 68.11
CA LEU VA 290 -57.69 46.34 66.81
C LEU VA 290 -58.12 47.83 66.82
N ILE VA 291 -58.99 48.25 67.73
CA ILE VA 291 -59.53 49.63 67.82
C ILE VA 291 -58.44 50.64 68.19
N ASN VA 292 -57.55 50.26 69.09
CA ASN VA 292 -56.37 51.04 69.55
C ASN VA 292 -55.30 51.27 68.47
N ASN VA 293 -55.00 50.31 67.59
CA ASN VA 293 -53.82 50.38 66.68
C ASN VA 293 -54.00 50.46 65.15
N TYR VA 294 -55.21 50.44 64.61
CA TYR VA 294 -55.40 50.36 63.14
C TYR VA 294 -56.36 51.40 62.57
N TRP VA 295 -56.05 51.98 61.41
CA TRP VA 295 -56.98 52.87 60.66
C TRP VA 295 -58.24 52.17 60.07
N GLY VA 296 -58.10 50.95 59.58
CA GLY VA 296 -59.21 50.24 58.93
C GLY VA 296 -59.12 48.74 58.91
N PHE VA 297 -60.25 48.07 58.67
CA PHE VA 297 -60.28 46.59 58.53
C PHE VA 297 -61.31 46.17 57.46
N ARG VA 298 -61.14 45.01 56.81
CA ARG VA 298 -62.14 44.42 55.85
C ARG VA 298 -62.15 42.87 55.89
N PRO VA 299 -63.29 42.17 55.66
CA PRO VA 299 -63.30 40.69 55.49
C PRO VA 299 -62.75 40.11 54.16
N ARG VA 300 -62.08 38.97 54.19
CA ARG VA 300 -61.46 38.37 52.96
C ARG VA 300 -61.98 36.95 52.68
N SER VA 301 -61.94 36.06 53.66
CA SER VA 301 -62.30 34.63 53.43
C SER VA 301 -63.12 34.01 54.57
N LEU VA 302 -63.97 33.04 54.25
CA LEU VA 302 -64.75 32.29 55.26
C LEU VA 302 -64.66 30.75 55.05
N ARG VA 303 -64.46 29.96 56.11
CA ARG VA 303 -64.51 28.47 56.07
C ARG VA 303 -65.48 27.94 57.16
N VAL VA 304 -66.40 27.02 56.81
CA VAL VA 304 -67.36 26.42 57.78
C VAL VA 304 -67.29 24.87 57.83
N LYS VA 305 -67.24 24.27 59.03
CA LYS VA 305 -67.30 22.79 59.22
C LYS VA 305 -68.42 22.40 60.22
N ILE VA 306 -69.24 21.38 59.89
CA ILE VA 306 -70.29 20.81 60.80
C ILE VA 306 -69.91 19.34 61.09
N PHE VA 307 -69.84 18.91 62.36
CA PHE VA 307 -69.25 17.60 62.77
C PHE VA 307 -69.76 17.06 64.12
N ASN VA 308 -69.43 15.82 64.49
CA ASN VA 308 -69.79 15.12 65.79
C ASN VA 308 -71.30 15.04 65.98
N ILE VA 309 -72.01 14.72 64.92
CA ILE VA 309 -73.50 14.64 64.92
C ILE VA 309 -74.05 13.53 65.84
N GLN VA 310 -75.10 13.83 66.61
CA GLN VA 310 -75.76 12.86 67.50
C GLN VA 310 -77.29 13.01 67.40
N VAL VA 311 -77.98 11.95 67.01
CA VAL VA 311 -79.45 11.96 66.84
C VAL VA 311 -80.06 11.20 68.03
N LYS VA 312 -81.05 11.79 68.69
CA LYS VA 312 -81.70 11.21 69.88
C LYS VA 312 -83.20 11.00 69.68
N GLU VA 313 -83.75 9.91 70.20
CA GLU VA 313 -85.21 9.65 70.13
C GLU VA 313 -85.81 9.82 71.53
N VAL VA 314 -86.94 10.52 71.60
CA VAL VA 314 -87.60 10.81 72.90
C VAL VA 314 -88.91 10.01 72.93
N THR VA 315 -89.13 9.26 74.00
CA THR VA 315 -90.34 8.42 74.12
C THR VA 315 -91.02 8.69 75.44
N VAL VA 316 -92.35 8.79 75.44
CA VAL VA 316 -93.06 8.94 76.75
C VAL VA 316 -94.00 7.75 77.01
N GLN VA 317 -93.86 7.06 78.13
CA GLN VA 317 -94.86 6.03 78.52
C GLN VA 317 -95.33 6.41 79.93
N ASP VA 318 -96.61 6.74 80.10
CA ASP VA 318 -97.16 7.02 81.46
C ASP VA 318 -96.33 8.12 82.14
N SER VA 319 -95.87 9.14 81.40
CA SER VA 319 -95.15 10.32 81.99
C SER VA 319 -93.65 10.09 82.32
N THR VA 320 -93.06 8.93 81.99
CA THR VA 320 -91.60 8.69 82.20
C THR VA 320 -90.66 9.59 81.39
N THR VA 321 -90.93 9.89 80.11
CA THR VA 321 -90.00 10.68 79.21
C THR VA 321 -88.56 10.15 79.06
N THR VA 322 -88.32 8.88 78.74
CA THR VA 322 -86.96 8.36 78.42
C THR VA 322 -86.34 8.93 77.13
N ILE VA 323 -85.02 9.18 77.11
CA ILE VA 323 -84.27 9.67 75.92
C ILE VA 323 -83.18 8.67 75.51
N ALA VA 324 -83.06 8.32 74.23
CA ALA VA 324 -82.08 7.33 73.75
C ALA VA 324 -81.41 7.71 72.43
N ASN VA 325 -80.21 7.21 72.17
CA ASN VA 325 -79.53 7.39 70.87
C ASN VA 325 -80.13 6.59 69.72
N ASN VA 326 -80.28 7.17 68.53
CA ASN VA 326 -80.66 6.37 67.33
C ASN VA 326 -79.46 6.46 66.37
N LEU VA 327 -78.71 5.37 66.20
CA LEU VA 327 -77.51 5.27 65.32
C LEU VA 327 -77.78 5.42 63.82
N THR VA 328 -78.89 4.87 63.34
CA THR VA 328 -79.20 4.83 61.89
C THR VA 328 -79.95 6.07 61.38
N SER VA 329 -80.35 7.01 62.24
CA SER VA 329 -81.02 8.29 61.83
C SER VA 329 -80.09 9.31 61.11
N THR VA 330 -80.65 10.16 60.25
CA THR VA 330 -79.85 11.12 59.42
C THR VA 330 -80.22 12.59 59.64
N VAL VA 331 -79.29 13.45 59.32
CA VAL VA 331 -79.50 14.94 59.31
C VAL VA 331 -79.24 15.37 57.85
N GLN VA 332 -79.96 16.37 57.34
CA GLN VA 332 -79.81 16.91 55.95
C GLN VA 332 -79.29 18.36 55.91
N VAL VA 333 -78.24 18.63 55.14
CA VAL VA 333 -77.55 19.96 55.09
C VAL VA 333 -77.36 20.47 53.64
N PHE VA 334 -77.60 21.76 53.39
CA PHE VA 334 -77.32 22.40 52.06
C PHE VA 334 -76.95 23.91 52.17
N THR VA 335 -76.29 24.44 51.15
CA THR VA 335 -75.98 25.89 51.06
C THR VA 335 -76.68 26.48 49.83
N ASP VA 336 -77.32 27.63 49.95
CA ASP VA 336 -78.01 28.33 48.81
C ASP VA 336 -77.04 29.22 48.03
N ASP VA 337 -76.20 28.63 47.19
CA ASP VA 337 -75.13 29.33 46.42
C ASP VA 337 -75.58 30.36 45.36
N ASP VA 338 -76.68 30.12 44.64
CA ASP VA 338 -77.18 31.00 43.54
C ASP VA 338 -78.21 32.04 44.03
N TYR VA 339 -78.51 32.12 45.32
CA TYR VA 339 -79.41 33.14 45.94
C TYR VA 339 -80.85 33.02 45.45
N GLN VA 340 -81.29 31.82 45.13
CA GLN VA 340 -82.68 31.52 44.73
C GLN VA 340 -83.67 31.75 45.88
N LEU VA 341 -83.32 31.39 47.10
CA LEU VA 341 -84.17 31.60 48.29
C LEU VA 341 -84.20 33.04 48.81
N PRO VA 342 -85.28 33.44 49.50
CA PRO VA 342 -85.25 34.72 50.19
C PRO VA 342 -84.17 34.76 51.30
N TYR VA 343 -83.37 35.82 51.39
CA TYR VA 343 -82.24 35.91 52.36
C TYR VA 343 -82.65 36.70 53.59
N VAL VA 344 -82.74 36.02 54.71
CA VAL VA 344 -83.23 36.65 55.97
C VAL VA 344 -82.09 36.95 56.95
N VAL VA 345 -80.84 36.61 56.60
CA VAL VA 345 -79.64 36.75 57.49
C VAL VA 345 -79.28 38.20 57.91
N GLY VA 346 -79.40 39.22 57.09
CA GLY VA 346 -78.88 40.60 57.37
C GLY VA 346 -79.84 41.61 57.98
N ASN VA 347 -80.89 41.20 58.68
CA ASN VA 347 -82.00 42.05 59.19
C ASN VA 347 -82.00 42.28 60.72
N GLY VA 348 -80.88 42.13 61.45
CA GLY VA 348 -80.76 42.32 62.91
C GLY VA 348 -81.57 41.41 63.81
N THR VA 349 -81.69 40.15 63.43
CA THR VA 349 -82.48 39.16 64.16
C THR VA 349 -81.64 38.27 65.05
N GLU VA 350 -82.23 37.74 66.12
CA GLU VA 350 -81.59 36.80 67.09
C GLU VA 350 -81.36 35.37 66.57
N GLY VA 351 -80.55 34.57 67.25
CA GLY VA 351 -80.15 33.21 66.80
C GLY VA 351 -78.75 33.03 66.25
N CYS VA 352 -77.88 34.04 66.29
CA CYS VA 352 -76.45 33.93 65.90
C CYS VA 352 -75.63 33.15 66.94
N LEU VA 353 -74.44 32.69 66.57
CA LEU VA 353 -73.54 31.98 67.52
C LEU VA 353 -73.23 32.90 68.72
N PRO VA 354 -73.20 32.33 69.93
CA PRO VA 354 -72.96 33.15 71.13
C PRO VA 354 -71.61 33.84 71.34
N ALA VA 355 -71.59 34.97 72.05
CA ALA VA 355 -70.37 35.74 72.39
C ALA VA 355 -69.40 34.90 73.25
N PHE VA 356 -69.91 34.10 74.20
CA PHE VA 356 -69.06 33.32 75.14
C PHE VA 356 -68.95 31.89 74.62
N PRO VA 357 -67.72 31.35 74.36
CA PRO VA 357 -67.51 30.01 73.81
C PRO VA 357 -68.16 28.77 74.47
N PRO VA 358 -68.23 28.64 75.81
CA PRO VA 358 -68.93 27.57 76.52
C PRO VA 358 -70.47 27.49 76.37
N GLN VA 359 -71.13 28.60 76.04
CA GLN VA 359 -72.62 28.65 75.91
C GLN VA 359 -73.15 27.75 74.79
N VAL VA 360 -74.27 27.08 75.05
CA VAL VA 360 -74.87 26.10 74.08
C VAL VA 360 -76.15 26.73 73.52
N PHE VA 361 -76.35 26.67 72.21
CA PHE VA 361 -77.48 27.42 71.58
C PHE VA 361 -78.46 26.61 70.69
N THR VA 362 -79.72 27.04 70.71
CA THR VA 362 -80.76 26.51 69.80
C THR VA 362 -80.73 27.24 68.45
N LEU VA 363 -80.77 26.51 67.33
CA LEU VA 363 -80.87 27.11 65.97
C LEU VA 363 -82.25 27.71 65.70
N PRO VA 364 -82.29 28.90 65.04
CA PRO VA 364 -83.56 29.49 64.61
C PRO VA 364 -84.32 28.76 63.48
N GLN VA 365 -85.65 28.76 63.52
CA GLN VA 365 -86.48 28.21 62.41
C GLN VA 365 -86.58 29.16 61.20
N TYR VA 366 -86.37 28.66 59.98
CA TYR VA 366 -86.54 29.42 58.71
C TYR VA 366 -88.00 29.72 58.33
N GLY VA 367 -88.25 30.93 57.83
CA GLY VA 367 -89.56 31.42 57.41
C GLY VA 367 -89.35 32.61 56.54
N TYR VA 368 -90.39 33.06 55.82
CA TYR VA 368 -90.30 34.26 54.93
C TYR VA 368 -91.65 34.90 54.73
N ALA VA 369 -91.65 36.16 54.33
CA ALA VA 369 -92.88 36.85 53.89
C ALA VA 369 -92.83 37.09 52.38
N THR VA 370 -93.89 36.77 51.67
CA THR VA 370 -94.06 37.09 50.21
C THR VA 370 -94.98 38.29 50.10
N LEU VA 371 -95.64 38.47 48.96
CA LEU VA 371 -96.63 39.55 48.73
C LEU VA 371 -97.97 39.37 49.46
N ASN VA 372 -98.58 40.47 49.85
CA ASN VA 372 -99.89 40.48 50.56
C ASN VA 372 -100.79 41.46 49.79
N ARG VA 373 -102.10 41.27 49.80
CA ARG VA 373 -103.01 42.10 48.96
C ARG VA 373 -103.71 43.21 49.73
N ASP VA 374 -103.56 44.46 49.31
CA ASP VA 374 -104.24 45.67 49.87
C ASP VA 374 -104.04 45.89 51.38
N ASN VA 375 -102.83 45.66 51.90
CA ASN VA 375 -102.52 45.82 53.37
C ASN VA 375 -103.44 44.90 54.20
N THR VA 376 -103.65 43.66 53.77
CA THR VA 376 -104.49 42.63 54.43
C THR VA 376 -103.73 41.29 54.50
N GLU VA 377 -104.22 40.27 55.21
CA GLU VA 377 -103.56 38.93 55.37
C GLU VA 377 -103.61 38.04 54.10
N ASN VA 378 -104.45 38.36 53.12
CA ASN VA 378 -104.60 37.61 51.84
C ASN VA 378 -103.44 37.73 50.86
N PRO VA 379 -103.15 36.66 50.10
CA PRO VA 379 -102.19 36.66 48.99
C PRO VA 379 -102.59 37.27 47.61
N THR VA 380 -101.64 37.39 46.70
CA THR VA 380 -101.79 37.89 45.32
C THR VA 380 -101.37 36.81 44.35
N GLU VA 381 -101.69 36.93 43.06
CA GLU VA 381 -101.25 36.01 41.98
C GLU VA 381 -99.72 36.01 41.85
N ARG VA 382 -99.04 37.11 42.03
CA ARG VA 382 -97.57 37.26 42.06
C ARG VA 382 -96.92 36.56 43.27
N SER VA 383 -97.66 36.31 44.36
CA SER VA 383 -97.14 35.70 45.62
C SER VA 383 -96.55 34.30 45.34
N SER VA 384 -95.41 33.98 45.94
CA SER VA 384 -94.59 32.78 45.63
C SER VA 384 -94.38 31.78 46.79
N PHE VA 385 -94.38 30.49 46.45
CA PHE VA 385 -94.09 29.42 47.43
C PHE VA 385 -92.75 28.77 47.04
N PHE VA 386 -91.90 28.57 48.03
CA PHE VA 386 -90.59 27.90 47.80
C PHE VA 386 -90.48 26.63 48.63
N CYS VA 387 -90.12 25.51 48.01
CA CYS VA 387 -89.84 24.21 48.69
C CYS VA 387 -88.32 23.98 48.85
N LEU VA 388 -87.81 23.78 50.07
CA LEU VA 388 -86.38 23.48 50.39
C LEU VA 388 -85.96 22.08 49.88
N GLU VA 389 -86.87 21.10 49.93
CA GLU VA 389 -86.62 19.70 49.51
C GLU VA 389 -86.42 19.61 48.00
N TYR VA 390 -86.85 20.61 47.23
CA TYR VA 390 -86.59 20.71 45.76
C TYR VA 390 -85.08 20.84 45.49
N PHE VA 391 -84.32 21.56 46.29
CA PHE VA 391 -82.83 21.64 46.18
C PHE VA 391 -82.14 20.34 46.56
N PRO VA 392 -80.98 19.98 45.97
CA PRO VA 392 -80.17 18.87 46.51
C PRO VA 392 -79.46 19.08 47.89
N SER VA 393 -79.43 18.07 48.78
CA SER VA 393 -78.79 18.17 50.12
C SER VA 393 -77.91 16.96 50.50
N LYS VA 394 -76.85 17.17 51.26
CA LYS VA 394 -76.04 16.05 51.83
C LYS VA 394 -76.79 15.35 52.99
N MET VA 395 -76.69 14.03 53.10
CA MET VA 395 -77.32 13.26 54.20
C MET VA 395 -76.23 12.72 55.15
N LEU VA 396 -76.37 12.99 56.44
CA LEU VA 396 -75.31 12.59 57.41
C LEU VA 396 -75.78 11.69 58.56
N ARG VA 397 -75.10 10.59 58.78
CA ARG VA 397 -75.24 9.74 59.99
C ARG VA 397 -74.19 10.22 61.05
N THR VA 398 -74.11 9.60 62.22
CA THR VA 398 -73.18 9.94 63.37
C THR VA 398 -71.70 9.98 62.97
N GLY VA 399 -71.20 9.10 62.11
CA GLY VA 399 -69.85 9.13 61.51
C GLY VA 399 -69.52 10.28 60.60
N ASN VA 400 -70.47 10.80 59.82
CA ASN VA 400 -70.33 11.84 58.76
C ASN VA 400 -70.09 13.31 59.15
N ASN VA 401 -69.49 14.11 58.27
CA ASN VA 401 -69.18 15.55 58.48
C ASN VA 401 -69.47 16.38 57.21
N PHE VA 402 -69.67 17.70 57.33
CA PHE VA 402 -69.88 18.62 56.18
C PHE VA 402 -68.89 19.81 56.21
N GLU VA 403 -68.36 20.21 55.05
CA GLU VA 403 -67.48 21.42 54.96
C GLU VA 403 -67.86 22.38 53.81
N PHE VA 404 -67.69 23.70 53.99
CA PHE VA 404 -67.90 24.74 52.93
C PHE VA 404 -66.78 25.83 52.95
N THR VA 405 -66.46 26.44 51.81
CA THR VA 405 -65.46 27.57 51.70
C THR VA 405 -66.06 28.73 50.91
N TYR VA 406 -65.80 29.98 51.30
CA TYR VA 406 -66.29 31.20 50.59
C TYR VA 406 -65.20 32.29 50.46
N ASN VA 407 -65.22 33.08 49.38
CA ASN VA 407 -64.34 34.27 49.22
C ASN VA 407 -65.19 35.53 49.12
N PHE VA 408 -64.84 36.56 49.87
CA PHE VA 408 -65.59 37.85 49.84
C PHE VA 408 -65.19 38.63 48.58
N GLU VA 409 -66.10 39.41 48.01
CA GLU VA 409 -65.80 40.33 46.89
C GLU VA 409 -64.97 41.54 47.39
N GLU VA 410 -64.27 42.23 46.49
CA GLU VA 410 -63.56 43.46 46.92
C GLU VA 410 -64.56 44.49 47.48
N VAL VA 411 -64.23 45.05 48.63
CA VAL VA 411 -65.13 46.01 49.33
C VAL VA 411 -64.21 47.08 49.93
N PRO VA 412 -64.68 48.32 50.15
CA PRO VA 412 -63.87 49.32 50.86
C PRO VA 412 -63.62 49.01 52.35
N PHE VA 413 -62.46 49.37 52.90
CA PHE VA 413 -62.16 49.20 54.35
C PHE VA 413 -63.06 50.07 55.20
N HIS VA 414 -63.54 49.59 56.36
CA HIS VA 414 -64.27 50.45 57.34
C HIS VA 414 -63.28 51.48 57.90
N SER VA 415 -63.74 52.69 58.18
CA SER VA 415 -62.87 53.75 58.76
C SER VA 415 -62.88 53.77 60.29
N SER VA 416 -61.86 53.22 60.94
CA SER VA 416 -61.70 53.23 62.42
C SER VA 416 -60.88 54.45 62.88
N PHE VA 417 -61.39 55.65 62.69
CA PHE VA 417 -60.69 56.90 63.08
C PHE VA 417 -61.71 58.00 63.27
N ALA VA 418 -61.33 59.01 64.02
CA ALA VA 418 -62.17 60.21 64.22
C ALA VA 418 -61.41 61.40 63.60
N PRO VA 419 -62.11 62.30 62.87
CA PRO VA 419 -61.47 63.52 62.38
C PRO VA 419 -60.94 64.51 63.42
N SER VA 420 -59.74 65.03 63.18
CA SER VA 420 -59.11 66.03 64.08
C SER VA 420 -59.36 67.49 63.62
N GLN VA 421 -60.08 67.70 62.51
CA GLN VA 421 -60.45 69.06 62.04
C GLN VA 421 -61.93 69.20 61.66
N ASN VA 422 -62.52 70.37 61.87
CA ASN VA 422 -63.88 70.74 61.38
C ASN VA 422 -63.85 70.97 59.86
N LEU VA 423 -64.91 70.58 59.13
CA LEU VA 423 -65.05 70.71 57.65
C LEU VA 423 -65.03 72.18 57.22
N PHE VA 424 -65.62 73.07 58.01
CA PHE VA 424 -65.68 74.53 57.73
C PHE VA 424 -64.46 75.37 58.25
N LYS VA 425 -63.46 74.81 58.94
CA LYS VA 425 -62.29 75.54 59.55
C LYS VA 425 -60.94 75.18 58.86
N LEU VA 426 -60.89 74.89 57.55
CA LEU VA 426 -59.67 74.40 56.83
C LEU VA 426 -58.72 75.48 56.27
N ALA VA 427 -59.14 76.74 56.21
CA ALA VA 427 -58.27 77.85 55.79
C ALA VA 427 -57.20 78.08 56.86
N ASN VA 428 -56.00 78.54 56.48
CA ASN VA 428 -54.96 78.89 57.46
C ASN VA 428 -55.50 80.01 58.35
N PRO VA 429 -55.35 79.90 59.69
CA PRO VA 429 -55.78 80.93 60.62
C PRO VA 429 -55.04 82.29 60.48
N LEU VA 430 -53.75 82.33 60.20
CA LEU VA 430 -52.87 83.51 59.94
C LEU VA 430 -53.14 84.33 58.69
N VAL VA 431 -53.55 83.72 57.58
CA VAL VA 431 -53.66 84.43 56.26
C VAL VA 431 -55.10 84.76 55.77
N ASP VA 432 -55.33 85.99 55.31
CA ASP VA 432 -56.61 86.44 54.67
C ASP VA 432 -56.85 85.88 53.27
N GLN VA 433 -58.10 85.68 52.90
CA GLN VA 433 -58.50 85.26 51.52
C GLN VA 433 -58.41 86.40 50.47
N TYR VA 434 -58.13 86.10 49.20
CA TYR VA 434 -58.20 87.13 48.10
C TYR VA 434 -59.66 87.26 47.57
N LEU VA 435 -60.66 87.00 48.38
CA LEU VA 435 -62.08 86.93 47.95
C LEU VA 435 -62.93 87.89 48.78
N TYR VA 436 -64.02 88.39 48.21
CA TYR VA 436 -64.85 89.42 48.86
C TYR VA 436 -66.31 89.02 48.92
N ARG VA 437 -67.04 89.58 49.88
CA ARG VA 437 -68.46 89.24 50.10
C ARG VA 437 -69.33 90.50 50.16
N PHE VA 438 -70.61 90.38 49.82
CA PHE VA 438 -71.56 91.51 49.93
C PHE VA 438 -72.02 91.61 51.36
N VAL VA 439 -71.91 92.81 51.90
CA VAL VA 439 -72.36 93.03 53.30
C VAL VA 439 -73.45 94.09 53.44
N SER VA 440 -73.66 94.94 52.44
CA SER VA 440 -74.51 96.12 52.68
C SER VA 440 -75.08 96.86 51.46
N THR VA 441 -76.08 97.69 51.71
CA THR VA 441 -76.63 98.60 50.70
C THR VA 441 -76.61 99.99 51.36
N ASN VA 442 -76.33 101.06 50.64
CA ASN VA 442 -76.33 102.47 51.18
C ASN VA 442 -77.73 103.12 51.18
N ASN VA 443 -77.86 104.40 51.53
CA ASN VA 443 -79.18 105.12 51.63
C ASN VA 443 -79.86 105.08 50.26
N THR VA 444 -79.15 105.25 49.16
CA THR VA 444 -79.67 104.95 47.81
C THR VA 444 -79.30 103.50 47.76
N GLY VA 445 -80.10 102.57 47.27
CA GLY VA 445 -79.73 101.16 47.51
C GLY VA 445 -78.57 100.62 46.70
N GLY VA 446 -77.35 101.13 46.92
CA GLY VA 446 -76.15 100.73 46.16
C GLY VA 446 -75.32 99.70 46.90
N VAL VA 447 -74.92 98.64 46.24
CA VAL VA 447 -74.20 97.49 46.87
C VAL VA 447 -72.80 97.81 47.41
N GLN VA 448 -72.44 97.20 48.54
CA GLN VA 448 -71.14 97.45 49.22
C GLN VA 448 -70.46 96.11 49.56
N PHE VA 449 -69.13 96.10 49.58
CA PHE VA 449 -68.36 94.82 49.76
C PHE VA 449 -67.24 94.93 50.79
N ASN VA 450 -66.89 93.82 51.42
CA ASN VA 450 -65.76 93.75 52.40
C ASN VA 450 -64.91 92.53 52.10
N LYS VA 451 -63.61 92.59 52.34
CA LYS VA 451 -62.67 91.45 52.20
C LYS VA 451 -62.83 90.41 53.33
N ASN VA 452 -62.49 89.16 53.04
CA ASN VA 452 -62.59 88.08 54.05
C ASN VA 452 -61.29 87.98 54.86
N LEU VA 453 -61.34 88.23 56.17
CA LEU VA 453 -60.18 88.24 57.10
C LEU VA 453 -59.73 86.86 57.62
N ALA VA 454 -58.50 86.76 58.10
CA ALA VA 454 -57.95 85.50 58.66
C ALA VA 454 -58.69 85.01 59.91
N GLY VA 455 -59.05 83.72 59.94
CA GLY VA 455 -59.74 83.07 61.08
C GLY VA 455 -61.24 83.32 61.18
N ARG VA 456 -61.83 84.07 60.25
CA ARG VA 456 -63.28 84.41 60.26
C ARG VA 456 -64.06 83.30 59.52
N TYR VA 457 -64.23 82.12 60.12
CA TYR VA 457 -64.84 80.88 59.53
C TYR VA 457 -66.31 81.08 59.21
N ALA VA 458 -66.98 81.95 59.93
CA ALA VA 458 -68.38 82.31 59.67
C ALA VA 458 -68.51 82.92 58.26
N ASN VA 459 -67.55 83.69 57.75
CA ASN VA 459 -67.65 84.43 56.45
C ASN VA 459 -66.68 84.01 55.35
N THR VA 460 -66.27 82.77 55.20
CA THR VA 460 -65.16 82.33 54.32
C THR VA 460 -65.75 81.52 53.18
N TYR VA 461 -65.19 81.61 51.99
CA TYR VA 461 -65.62 80.80 50.82
C TYR VA 461 -65.28 79.34 51.12
N LYS VA 462 -66.16 78.42 50.75
CA LYS VA 462 -65.98 76.98 51.08
C LYS VA 462 -66.02 76.07 49.86
N ASN VA 463 -65.06 75.18 49.69
CA ASN VA 463 -65.07 74.10 48.65
C ASN VA 463 -66.09 72.96 48.85
N TRP VA 464 -66.33 72.52 50.07
CA TRP VA 464 -67.04 71.25 50.34
C TRP VA 464 -68.18 71.40 51.32
N PHE VA 465 -69.13 70.50 51.23
CA PHE VA 465 -70.39 70.64 52.00
C PHE VA 465 -70.64 69.39 52.80
N PRO VA 466 -71.36 69.52 53.93
CA PRO VA 466 -71.76 68.37 54.74
C PRO VA 466 -72.81 67.45 54.13
N GLY VA 467 -72.89 66.21 54.61
CA GLY VA 467 -73.81 65.17 54.10
C GLY VA 467 -75.28 65.33 54.42
N PRO VA 468 -76.17 64.53 53.77
CA PRO VA 468 -77.62 64.68 53.90
C PRO VA 468 -78.29 64.49 55.28
N MET VA 469 -79.33 65.27 55.56
CA MET VA 469 -79.97 65.25 56.89
C MET VA 469 -81.51 65.21 56.87
N GLY VA 470 -82.19 64.56 57.81
CA GLY VA 470 -83.65 64.69 58.03
C GLY VA 470 -83.91 64.92 59.51
N ARG VA 471 -84.68 65.92 59.93
CA ARG VA 471 -84.82 66.20 61.39
C ARG VA 471 -85.54 65.08 62.21
N THR VA 472 -84.99 64.69 63.37
CA THR VA 472 -85.52 63.64 64.27
C THR VA 472 -85.56 64.18 65.68
N GLN VA 473 -86.58 63.86 66.48
CA GLN VA 473 -86.78 64.43 67.83
C GLN VA 473 -85.63 64.08 68.81
N GLY VA 474 -85.25 65.03 69.67
CA GLY VA 474 -84.20 64.83 70.67
C GLY VA 474 -84.75 64.67 72.07
N TRP VA 475 -84.27 63.66 72.79
CA TRP VA 475 -84.71 63.37 74.18
C TRP VA 475 -83.53 63.40 75.15
N ASN VA 476 -83.69 64.06 76.29
CA ASN VA 476 -82.62 64.14 77.34
C ASN VA 476 -82.52 62.82 78.12
N LEU VA 477 -81.32 62.46 78.56
CA LEU VA 477 -81.03 61.22 79.30
C LEU VA 477 -80.36 61.66 80.62
N GLY VA 478 -80.32 60.80 81.65
CA GLY VA 478 -79.76 61.20 82.96
C GLY VA 478 -80.57 62.29 83.63
N SER VA 479 -79.95 63.43 83.92
CA SER VA 479 -80.66 64.56 84.56
C SER VA 479 -81.80 65.03 83.66
N GLY VA 480 -81.62 65.10 82.32
CA GLY VA 480 -82.79 65.26 81.44
C GLY VA 480 -83.64 66.49 81.63
N VAL VA 481 -84.95 66.32 81.86
CA VAL VA 481 -85.96 67.43 81.95
C VAL VA 481 -86.95 67.37 80.74
N ASN VA 482 -87.19 66.22 80.13
CA ASN VA 482 -88.17 65.97 79.02
C ASN VA 482 -89.66 66.03 79.39
N ARG VA 483 -90.57 66.23 78.41
CA ARG VA 483 -92.06 66.28 78.60
C ARG VA 483 -92.69 64.96 79.10
N ALA VA 484 -93.64 65.05 80.04
CA ALA VA 484 -94.29 63.89 80.71
C ALA VA 484 -95.44 63.19 80.00
N SER VA 485 -95.65 61.89 80.27
CA SER VA 485 -96.82 61.09 79.79
C SER VA 485 -97.00 61.06 78.27
N VAL VA 486 -95.94 60.91 77.50
CA VAL VA 486 -96.01 60.96 76.01
C VAL VA 486 -96.13 59.56 75.39
N SER VA 487 -97.01 59.38 74.39
CA SER VA 487 -97.00 58.14 73.59
C SER VA 487 -96.22 58.50 72.33
N ALA VA 488 -95.09 57.86 72.07
CA ALA VA 488 -94.15 58.19 70.97
C ALA VA 488 -94.63 58.01 69.51
N PHE VA 489 -95.42 57.00 69.15
CA PHE VA 489 -95.67 56.57 67.74
C PHE VA 489 -96.29 57.60 66.76
N ALA VA 490 -97.27 58.41 67.15
CA ALA VA 490 -97.93 59.38 66.24
C ALA VA 490 -96.92 60.42 65.71
N THR VA 491 -95.97 60.85 66.52
CA THR VA 491 -95.00 61.91 66.14
C THR VA 491 -93.68 61.38 65.62
N THR VA 492 -93.52 60.08 65.44
CA THR VA 492 -92.28 59.45 64.89
C THR VA 492 -92.08 59.67 63.40
N ASN VA 493 -90.83 59.61 62.91
CA ASN VA 493 -90.49 59.71 61.46
C ASN VA 493 -91.00 58.51 60.67
N ARG VA 494 -91.51 58.74 59.46
CA ARG VA 494 -92.13 57.64 58.67
C ARG VA 494 -91.88 57.76 57.18
N MET VA 495 -91.92 56.64 56.44
CA MET VA 495 -91.88 56.62 54.96
C MET VA 495 -93.12 55.82 54.50
N GLU VA 496 -93.74 56.17 53.37
CA GLU VA 496 -94.99 55.52 52.89
C GLU VA 496 -94.68 54.55 51.75
N LEU VA 497 -95.07 53.27 51.85
CA LEU VA 497 -94.93 52.27 50.75
C LEU VA 497 -96.25 51.55 50.51
N GLU VA 498 -96.75 51.44 49.28
CA GLU VA 498 -97.95 50.62 48.90
C GLU VA 498 -99.21 50.96 49.71
N GLY VA 499 -99.45 52.22 50.05
CA GLY VA 499 -100.59 52.57 50.92
C GLY VA 499 -100.41 52.41 52.43
N ALA VA 500 -99.24 52.11 52.96
CA ALA VA 500 -99.08 52.03 54.44
C ALA VA 500 -97.93 52.92 54.96
N SER VA 501 -98.02 53.40 56.20
CA SER VA 501 -96.96 54.24 56.85
C SER VA 501 -96.04 53.36 57.69
N TYR VA 502 -94.75 53.47 57.45
CA TYR VA 502 -93.76 52.62 58.17
C TYR VA 502 -92.76 53.43 58.94
N GLN VA 503 -92.52 53.03 60.18
CA GLN VA 503 -91.37 53.61 60.92
C GLN VA 503 -90.11 53.03 60.26
N VAL VA 504 -89.06 53.82 60.16
CA VAL VA 504 -87.77 53.42 59.54
C VAL VA 504 -86.77 53.74 60.66
N PRO VA 505 -86.69 52.88 61.71
CA PRO VA 505 -85.96 53.16 62.94
C PRO VA 505 -84.50 53.45 62.85
N PRO VA 506 -83.61 52.85 62.02
CA PRO VA 506 -82.27 53.42 61.92
C PRO VA 506 -82.57 54.54 60.91
N GLN VA 507 -82.15 55.77 61.12
CA GLN VA 507 -82.40 56.74 60.00
C GLN VA 507 -81.34 56.52 58.89
N PRO VA 508 -81.44 57.11 57.67
CA PRO VA 508 -80.38 57.02 56.65
C PRO VA 508 -79.03 57.72 56.98
N ASN VA 509 -77.86 57.27 56.48
CA ASN VA 509 -76.49 57.82 56.82
C ASN VA 509 -76.20 59.31 56.55
N GLY VA 510 -75.21 59.91 57.25
CA GLY VA 510 -74.79 61.33 57.13
C GLY VA 510 -75.16 62.24 58.28
N MET VA 511 -75.68 61.71 59.35
CA MET VA 511 -76.02 62.54 60.54
C MET VA 511 -75.33 62.06 61.82
N THR VA 512 -75.32 62.91 62.86
CA THR VA 512 -74.86 62.51 64.22
C THR VA 512 -76.03 62.63 65.20
N ASN VA 513 -76.35 61.60 65.97
CA ASN VA 513 -77.37 61.56 67.08
C ASN VA 513 -77.03 62.42 68.33
N ASN VA 514 -75.77 62.49 68.78
CA ASN VA 514 -75.39 63.16 70.06
C ASN VA 514 -74.23 64.14 69.83
N LEU VA 515 -74.28 65.34 70.40
CA LEU VA 515 -73.15 66.34 70.30
C LEU VA 515 -71.80 66.04 71.02
N GLN VA 516 -71.70 65.50 72.24
CA GLN VA 516 -70.43 65.28 73.03
C GLN VA 516 -70.66 66.02 74.34
N GLY VA 517 -70.34 65.41 75.48
CA GLY VA 517 -70.89 66.04 76.68
C GLY VA 517 -72.37 65.83 76.42
N SER VA 518 -73.20 66.86 76.32
CA SER VA 518 -74.67 66.79 76.06
C SER VA 518 -75.41 65.48 76.37
N ASN VA 519 -76.60 65.63 76.95
CA ASN VA 519 -77.46 64.48 77.30
C ASN VA 519 -78.64 64.40 76.33
N THR VA 520 -78.62 65.18 75.24
CA THR VA 520 -79.66 65.09 74.19
C THR VA 520 -79.27 64.04 73.15
N TYR VA 521 -80.20 63.13 72.87
CA TYR VA 521 -79.97 62.05 71.90
C TYR VA 521 -81.15 61.99 70.99
N ALA VA 522 -80.88 61.81 69.71
CA ALA VA 522 -82.03 61.56 68.81
C ALA VA 522 -82.21 60.04 68.83
N LEU VA 523 -83.22 59.52 69.53
CA LEU VA 523 -83.45 58.07 69.81
C LEU VA 523 -83.70 57.20 68.55
N GLU VA 524 -84.42 57.72 67.55
CA GLU VA 524 -84.69 56.98 66.29
C GLU VA 524 -83.47 56.99 65.34
N ASN VA 525 -82.39 57.71 65.64
CA ASN VA 525 -81.11 57.66 64.88
C ASN VA 525 -80.06 56.81 65.63
N THR VA 526 -80.41 56.12 66.71
CA THR VA 526 -79.41 55.38 67.54
C THR VA 526 -79.66 53.90 67.58
N MET VA 527 -78.61 53.09 67.49
CA MET VA 527 -78.69 51.64 67.75
C MET VA 527 -78.86 51.41 69.26
N ILE VA 528 -79.91 50.71 69.67
CA ILE VA 528 -80.16 50.37 71.11
C ILE VA 528 -80.07 48.84 71.31
N PHE VA 529 -79.32 48.40 72.31
CA PHE VA 529 -79.03 46.96 72.56
C PHE VA 529 -79.30 46.64 74.01
N ASN VA 530 -79.48 45.36 74.33
CA ASN VA 530 -79.64 44.87 75.73
C ASN VA 530 -78.34 44.17 76.15
N SER VA 531 -77.85 44.39 77.37
CA SER VA 531 -76.65 43.68 77.91
C SER VA 531 -76.91 42.18 78.01
N GLN VA 532 -78.12 41.77 78.41
CA GLN VA 532 -78.51 40.36 78.59
C GLN VA 532 -79.49 39.91 77.50
N PRO VA 533 -79.47 38.63 77.05
CA PRO VA 533 -80.47 38.11 76.11
C PRO VA 533 -81.87 38.02 76.73
N ALA VA 534 -82.89 38.12 75.88
CA ALA VA 534 -84.29 38.18 76.37
C ALA VA 534 -85.13 37.00 75.89
N ASN VA 535 -86.15 36.66 76.67
CA ASN VA 535 -87.13 35.61 76.28
C ASN VA 535 -87.99 36.10 75.10
N PRO VA 536 -88.41 35.22 74.18
CA PRO VA 536 -89.27 35.62 73.08
C PRO VA 536 -90.67 36.17 73.42
N GLY VA 537 -91.09 37.23 72.74
CA GLY VA 537 -92.42 37.81 72.91
C GLY VA 537 -92.57 38.73 74.10
N THR VA 538 -91.49 39.10 74.76
CA THR VA 538 -91.59 39.95 75.97
C THR VA 538 -92.22 41.29 75.62
N THR VA 539 -93.14 41.79 76.45
CA THR VA 539 -93.77 43.11 76.28
C THR VA 539 -93.38 44.03 77.43
N ALA VA 540 -92.38 43.65 78.24
CA ALA VA 540 -91.93 44.42 79.42
C ALA VA 540 -91.35 45.81 79.11
N THR VA 541 -91.65 46.82 79.94
CA THR VA 541 -91.01 48.15 79.79
C THR VA 541 -89.57 48.09 80.25
N TYR VA 542 -88.68 48.80 79.55
CA TYR VA 542 -87.25 48.88 79.95
C TYR VA 542 -86.86 50.32 80.15
N LEU VA 543 -86.24 50.62 81.27
CA LEU VA 543 -85.66 51.95 81.56
C LEU VA 543 -84.24 52.07 80.95
N GLU VA 544 -83.66 53.26 80.96
CA GLU VA 544 -82.33 53.57 80.36
C GLU VA 544 -81.17 52.77 80.98
N GLY VA 545 -81.18 52.52 82.30
CA GLY VA 545 -80.10 51.79 82.98
C GLY VA 545 -79.94 50.38 82.45
N ASN VA 546 -81.00 49.67 82.14
CA ASN VA 546 -80.92 48.35 81.47
C ASN VA 546 -80.33 48.44 80.05
N MET VA 547 -80.60 49.48 79.28
CA MET VA 547 -80.22 49.56 77.84
C MET VA 547 -78.76 49.96 77.55
N LEU VA 548 -78.21 49.51 76.43
CA LEU VA 548 -76.87 49.97 75.96
C LEU VA 548 -77.14 50.96 74.82
N ILE VA 549 -76.82 52.24 74.98
CA ILE VA 549 -77.15 53.29 73.96
C ILE VA 549 -75.87 53.84 73.33
N THR VA 550 -75.75 53.77 72.03
CA THR VA 550 -74.59 54.24 71.25
C THR VA 550 -74.59 55.75 70.98
N SER VA 551 -73.41 56.33 70.75
CA SER VA 551 -73.23 57.77 70.42
C SER VA 551 -72.36 57.86 69.18
N GLU VA 552 -72.64 58.79 68.28
CA GLU VA 552 -71.90 59.01 67.01
C GLU VA 552 -71.13 60.35 67.10
N SER VA 553 -70.82 60.84 68.29
CA SER VA 553 -70.22 62.18 68.55
C SER VA 553 -68.85 62.39 67.87
N GLU VA 554 -68.10 61.36 67.56
CA GLU VA 554 -66.79 61.43 66.83
C GLU VA 554 -66.98 62.00 65.40
N THR VA 555 -68.09 61.74 64.72
CA THR VA 555 -68.39 62.18 63.34
C THR VA 555 -68.92 63.61 63.27
N GLN VA 556 -69.13 64.30 64.38
CA GLN VA 556 -69.73 65.66 64.48
C GLN VA 556 -68.93 66.72 63.68
N PRO VA 557 -67.58 66.72 63.60
CA PRO VA 557 -66.86 67.62 62.70
C PRO VA 557 -67.29 67.62 61.22
N VAL VA 558 -67.79 66.51 60.64
CA VAL VA 558 -68.40 66.41 59.28
C VAL VA 558 -69.89 66.02 59.19
N ASN VA 559 -70.59 65.70 60.28
CA ASN VA 559 -71.99 65.19 60.17
C ASN VA 559 -72.92 66.13 60.91
N ARG VA 560 -74.02 66.51 60.26
CA ARG VA 560 -75.00 67.42 60.89
C ARG VA 560 -75.78 66.74 62.03
N VAL VA 561 -76.15 67.51 63.05
CA VAL VA 561 -76.98 66.98 64.18
C VAL VA 561 -78.46 66.76 63.78
N ALA VA 562 -79.01 65.57 64.08
CA ALA VA 562 -80.41 65.16 63.75
C ALA VA 562 -81.50 65.99 64.42
N TYR VA 563 -81.35 66.34 65.69
CA TYR VA 563 -82.35 67.12 66.45
C TYR VA 563 -82.51 68.56 65.90
N ASN VA 564 -81.45 69.20 65.45
CA ASN VA 564 -81.44 70.62 64.94
C ASN VA 564 -81.90 70.80 63.49
N VAL VA 565 -82.34 72.00 63.09
CA VAL VA 565 -82.61 72.38 61.66
C VAL VA 565 -81.31 72.42 60.83
N GLY VA 566 -81.33 72.01 59.56
CA GLY VA 566 -80.16 72.01 58.63
C GLY VA 566 -79.53 73.33 58.21
N GLY VA 567 -80.30 74.40 57.94
CA GLY VA 567 -79.77 75.65 57.39
C GLY VA 567 -80.90 76.57 56.98
N GLN VA 568 -80.60 77.67 56.27
CA GLN VA 568 -81.61 78.64 55.76
C GLN VA 568 -81.41 78.94 54.26
N MET VA 569 -82.49 79.24 53.51
CA MET VA 569 -82.46 79.61 52.07
C MET VA 569 -83.39 80.82 51.81
N ALA VA 570 -83.20 81.56 50.72
CA ALA VA 570 -84.06 82.73 50.33
C ALA VA 570 -85.50 82.35 49.95
N THR VA 571 -86.48 83.13 50.43
CA THR VA 571 -87.91 82.86 50.19
C THR VA 571 -88.59 83.97 49.38
N ASN VA 572 -87.89 84.97 48.89
CA ASN VA 572 -88.54 86.17 48.28
C ASN VA 572 -87.59 86.89 47.34
N ASN VA 573 -88.09 87.90 46.63
CA ASN VA 573 -87.23 88.80 45.84
C ASN VA 573 -87.25 90.17 46.52
N GLN VA 574 -86.09 90.75 46.84
CA GLN VA 574 -85.97 92.10 47.46
C GLN VA 574 -86.32 93.20 46.44
N SER VA 575 -86.82 94.34 46.91
CA SER VA 575 -87.21 95.48 46.05
C SER VA 575 -87.12 96.73 46.94
N SER VA 576 -87.21 97.92 46.37
CA SER VA 576 -87.25 99.12 47.25
C SER VA 576 -88.45 99.01 48.19
N THR VA 577 -89.61 98.58 47.72
CA THR VA 577 -90.79 98.29 48.57
C THR VA 577 -90.60 97.13 49.54
N THR VA 578 -89.91 96.05 49.15
CA THR VA 578 -89.83 94.83 49.99
C THR VA 578 -88.47 94.48 50.54
N ALA VA 579 -88.37 94.26 51.87
CA ALA VA 579 -87.13 93.78 52.52
C ALA VA 579 -86.84 92.31 52.19
N PRO VA 580 -85.57 91.89 52.14
CA PRO VA 580 -85.22 90.47 51.93
C PRO VA 580 -85.62 89.51 53.08
N ALA VA 581 -85.99 88.26 52.77
CA ALA VA 581 -86.47 87.25 53.76
C ALA VA 581 -85.81 85.88 53.58
N THR VA 582 -85.66 85.13 54.66
CA THR VA 582 -85.10 83.75 54.63
C THR VA 582 -86.02 82.77 55.31
N GLY VA 583 -85.88 81.48 54.99
CA GLY VA 583 -86.62 80.44 55.72
C GLY VA 583 -85.76 79.25 56.08
N THR VA 584 -85.95 78.65 57.27
CA THR VA 584 -85.24 77.39 57.67
C THR VA 584 -85.80 76.14 56.97
N TYR VA 585 -84.97 75.12 56.77
CA TYR VA 585 -85.38 73.82 56.18
C TYR VA 585 -85.15 72.65 57.21
N ASN VA 586 -86.02 71.63 57.25
CA ASN VA 586 -85.92 70.46 58.19
C ASN VA 586 -85.32 69.22 57.49
N LEU VA 587 -85.18 69.25 56.18
CA LEU VA 587 -84.58 68.11 55.41
C LEU VA 587 -83.76 68.59 54.21
N GLN VA 588 -82.69 67.89 53.87
CA GLN VA 588 -81.89 68.15 52.64
C GLN VA 588 -81.30 66.82 52.19
N GLU VA 589 -81.00 66.67 50.92
CA GLU VA 589 -80.51 65.39 50.35
C GLU VA 589 -79.17 65.67 49.68
N ILE VA 590 -78.60 64.71 48.98
CA ILE VA 590 -77.25 64.81 48.37
C ILE VA 590 -77.10 65.97 47.36
N VAL VA 591 -75.98 66.66 47.42
CA VAL VA 591 -75.65 67.80 46.53
C VAL VA 591 -74.23 67.49 46.03
N PRO VA 592 -73.80 67.99 44.86
CA PRO VA 592 -72.41 67.78 44.43
C PRO VA 592 -71.39 68.47 45.37
N GLY VA 593 -70.25 67.83 45.65
CA GLY VA 593 -69.26 68.30 46.64
C GLY VA 593 -69.56 67.90 48.08
N SER VA 594 -70.56 67.05 48.29
CA SER VA 594 -70.97 66.49 49.61
C SER VA 594 -69.97 65.47 50.20
N VAL VA 595 -69.65 65.59 51.49
CA VAL VA 595 -68.74 64.65 52.21
C VAL VA 595 -69.42 64.23 53.53
N TRP VA 596 -69.28 62.97 53.93
CA TRP VA 596 -69.85 62.46 55.21
C TRP VA 596 -69.10 61.22 55.72
N MET VA 597 -69.34 60.85 56.96
CA MET VA 597 -68.81 59.60 57.55
C MET VA 597 -69.96 58.59 57.79
N GLU VA 598 -69.76 57.33 57.42
CA GLU VA 598 -70.73 56.22 57.66
C GLU VA 598 -70.78 55.82 59.15
N ARG VA 599 -71.88 55.20 59.58
CA ARG VA 599 -72.05 54.71 60.99
C ARG VA 599 -70.97 53.70 61.42
N ASP VA 600 -70.56 53.80 62.68
CA ASP VA 600 -69.54 52.91 63.29
C ASP VA 600 -70.04 51.48 63.58
N VAL VA 601 -69.16 50.51 63.45
CA VAL VA 601 -69.44 49.10 63.87
C VAL VA 601 -69.27 48.90 65.39
N TYR VA 602 -69.94 47.92 65.95
CA TYR VA 602 -69.87 47.59 67.40
C TYR VA 602 -69.57 46.12 67.54
N LEU VA 603 -68.96 45.69 68.65
CA LEU VA 603 -68.68 44.26 68.91
C LEU VA 603 -70.03 43.48 69.02
N GLN VA 604 -71.05 44.03 69.66
CA GLN VA 604 -72.45 43.51 69.73
C GLN VA 604 -73.17 43.53 68.35
N GLY VA 605 -72.81 44.42 67.43
CA GLY VA 605 -73.43 44.58 66.10
C GLY VA 605 -73.14 43.65 64.93
N PRO VA 606 -73.95 43.74 63.85
CA PRO VA 606 -73.71 43.04 62.57
C PRO VA 606 -72.59 43.38 61.57
N ILE VA 607 -71.88 42.40 60.99
CA ILE VA 607 -70.90 42.61 59.88
C ILE VA 607 -71.44 43.01 58.47
N TRP VA 608 -72.47 42.35 57.94
CA TRP VA 608 -72.87 42.54 56.53
C TRP VA 608 -74.37 42.59 56.27
N ALA VA 609 -74.77 43.10 55.11
CA ALA VA 609 -76.19 43.08 54.65
C ALA VA 609 -76.16 42.80 53.14
N LYS VA 610 -77.20 42.14 52.64
CA LYS VA 610 -77.34 41.88 51.18
C LYS VA 610 -77.96 43.09 50.45
N ILE VA 611 -77.35 43.54 49.38
CA ILE VA 611 -77.95 44.59 48.52
C ILE VA 611 -79.16 43.98 47.77
N PRO VA 612 -80.34 44.63 47.76
CA PRO VA 612 -81.51 44.12 47.05
C PRO VA 612 -81.43 44.19 45.52
N GLU VA 613 -81.94 43.19 44.81
CA GLU VA 613 -81.79 43.16 43.32
C GLU VA 613 -82.97 43.88 42.61
N THR VA 614 -82.79 45.13 42.20
CA THR VA 614 -83.83 45.94 41.53
C THR VA 614 -83.32 46.39 40.19
N GLY VA 615 -82.01 46.34 39.98
CA GLY VA 615 -81.33 46.89 38.81
C GLY VA 615 -80.91 48.34 38.97
N ALA VA 616 -81.32 49.05 40.03
CA ALA VA 616 -80.86 50.45 40.29
C ALA VA 616 -80.62 50.72 41.78
N HIS VA 617 -79.50 51.33 42.14
CA HIS VA 617 -79.22 51.70 43.56
C HIS VA 617 -78.23 52.87 43.62
N PHE VA 618 -78.19 53.58 44.74
CA PHE VA 618 -77.16 54.62 44.97
C PHE VA 618 -76.38 54.36 46.24
N HIS VA 619 -75.04 54.39 46.22
CA HIS VA 619 -74.15 54.34 47.42
C HIS VA 619 -74.59 53.25 48.40
N PRO VA 620 -74.11 52.00 48.23
CA PRO VA 620 -74.68 50.88 48.97
C PRO VA 620 -74.11 50.45 50.32
N SER VA 621 -74.27 51.33 51.28
CA SER VA 621 -73.79 51.07 52.66
C SER VA 621 -75.03 50.91 53.54
N PRO VA 622 -75.19 49.77 54.28
CA PRO VA 622 -76.39 49.59 55.08
C PRO VA 622 -76.57 50.52 56.30
N ALA VA 623 -77.79 50.91 56.63
CA ALA VA 623 -78.09 51.89 57.71
C ALA VA 623 -77.67 51.43 59.12
N MET VA 624 -77.85 50.16 59.49
CA MET VA 624 -77.45 49.56 60.79
C MET VA 624 -75.92 49.61 60.93
N GLY VA 625 -75.17 49.49 59.85
CA GLY VA 625 -73.70 49.51 59.84
C GLY VA 625 -73.13 48.34 59.06
N GLY VA 626 -71.83 48.30 58.85
CA GLY VA 626 -71.18 47.18 58.15
C GLY VA 626 -70.97 47.25 56.65
N PHE VA 627 -70.83 46.10 56.02
CA PHE VA 627 -70.46 45.98 54.59
C PHE VA 627 -71.65 45.51 53.75
N GLY VA 628 -71.93 46.23 52.67
CA GLY VA 628 -73.03 45.88 51.75
C GLY VA 628 -72.52 45.04 50.64
N LEU VA 629 -73.10 43.86 50.47
CA LEU VA 629 -72.55 42.88 49.48
C LEU VA 629 -73.57 42.46 48.44
N LYS VA 630 -73.21 42.52 47.16
CA LYS VA 630 -74.03 41.93 46.07
C LYS VA 630 -74.14 40.41 46.20
N HIS VA 631 -73.04 39.74 46.53
CA HIS VA 631 -73.01 38.27 46.72
C HIS VA 631 -72.54 37.94 48.13
N PRO VA 632 -73.46 37.92 49.11
CA PRO VA 632 -73.17 37.66 50.50
C PRO VA 632 -72.80 36.22 50.89
N PRO VA 633 -72.18 35.96 52.05
CA PRO VA 633 -71.94 34.58 52.43
C PRO VA 633 -73.29 33.85 52.46
N PRO VA 634 -73.42 32.66 51.85
CA PRO VA 634 -74.71 31.99 51.67
C PRO VA 634 -75.49 31.37 52.83
N MET VA 635 -76.80 31.30 52.72
CA MET VA 635 -77.68 30.63 53.72
C MET VA 635 -77.36 29.14 53.88
N MET VA 636 -77.20 28.69 55.12
CA MET VA 636 -76.88 27.28 55.46
C MET VA 636 -78.10 26.68 56.19
N LEU VA 637 -78.68 25.62 55.65
CA LEU VA 637 -79.96 25.06 56.14
C LEU VA 637 -79.79 23.61 56.60
N ILE VA 638 -80.33 23.28 57.76
CA ILE VA 638 -80.23 21.89 58.33
C ILE VA 638 -81.62 21.41 58.78
N LYS VA 639 -81.93 20.15 58.51
CA LYS VA 639 -83.20 19.55 59.01
C LYS VA 639 -83.00 18.12 59.54
N ASN VA 640 -83.88 17.68 60.41
CA ASN VA 640 -83.91 16.25 60.85
C ASN VA 640 -84.76 15.47 59.83
N THR VA 641 -84.27 14.37 59.30
CA THR VA 641 -85.06 13.51 58.39
C THR VA 641 -86.26 12.89 59.09
N PRO VA 642 -87.47 12.93 58.49
CA PRO VA 642 -88.63 12.23 59.04
C PRO VA 642 -88.43 10.72 59.22
N VAL VA 643 -88.70 10.25 60.41
CA VAL VA 643 -88.63 8.78 60.64
C VAL VA 643 -90.05 8.34 61.05
N PRO VA 644 -90.69 7.48 60.25
CA PRO VA 644 -92.06 7.02 60.55
C PRO VA 644 -92.41 6.10 61.73
N GLY VA 645 -93.58 6.25 62.33
CA GLY VA 645 -94.15 5.37 63.37
C GLY VA 645 -94.75 4.12 62.74
N ASN VA 646 -95.19 3.15 63.51
CA ASN VA 646 -95.64 1.85 62.90
C ASN VA 646 -96.87 2.01 62.01
N ILE VA 647 -96.78 1.55 60.75
CA ILE VA 647 -97.92 1.63 59.80
C ILE VA 647 -98.22 0.18 59.37
N THR VA 648 -99.45 -0.27 59.50
CA THR VA 648 -99.81 -1.69 59.21
C THR VA 648 -100.65 -1.83 57.96
N SER VA 649 -101.19 -0.74 57.43
CA SER VA 649 -102.12 -0.80 56.27
C SER VA 649 -101.74 0.24 55.20
N PHE VA 650 -102.06 0.00 53.93
CA PHE VA 650 -101.84 0.96 52.82
C PHE VA 650 -102.85 2.11 52.74
N SER VA 651 -102.38 3.33 52.51
CA SER VA 651 -103.28 4.45 52.18
C SER VA 651 -102.62 5.34 51.13
N ASP VA 652 -103.39 5.91 50.22
CA ASP VA 652 -102.91 6.98 49.29
C ASP VA 652 -102.60 8.23 50.14
N VAL VA 653 -103.38 8.50 51.19
CA VAL VA 653 -103.18 9.68 52.08
C VAL VA 653 -101.81 9.62 52.76
N PRO VA 654 -101.02 10.73 52.77
CA PRO VA 654 -99.69 10.76 53.38
C PRO VA 654 -99.60 10.51 54.88
N VAL VA 655 -98.52 9.86 55.31
CA VAL VA 655 -98.32 9.54 56.75
C VAL VA 655 -98.15 10.82 57.60
N SER VA 656 -98.87 10.87 58.71
CA SER VA 656 -98.82 11.98 59.67
C SER VA 656 -98.25 11.52 61.02
N SER VA 657 -97.84 10.26 61.15
CA SER VA 657 -97.34 9.70 62.44
C SER VA 657 -95.85 9.40 62.35
N PHE VA 658 -95.06 10.03 63.22
CA PHE VA 658 -93.58 9.93 63.14
C PHE VA 658 -93.00 9.75 64.52
N ILE VA 659 -91.86 9.08 64.64
CA ILE VA 659 -91.15 9.05 65.96
C ILE VA 659 -90.58 10.44 66.33
N THR VA 660 -90.65 10.88 67.59
CA THR VA 660 -90.12 12.20 68.06
C THR VA 660 -88.60 12.19 68.24
N GLN VA 661 -87.89 13.14 67.62
CA GLN VA 661 -86.40 13.16 67.57
C GLN VA 661 -85.78 14.57 67.61
N TYR VA 662 -84.53 14.69 68.05
CA TYR VA 662 -83.78 15.99 68.07
C TYR VA 662 -82.33 15.69 67.70
N SER VA 663 -81.60 16.71 67.25
CA SER VA 663 -80.15 16.53 66.91
C SER VA 663 -79.22 17.51 67.65
N THR VA 664 -77.97 17.12 67.84
CA THR VA 664 -76.96 17.97 68.50
C THR VA 664 -75.60 17.80 67.81
N GLY VA 665 -74.72 18.79 67.88
CA GLY VA 665 -73.37 18.69 67.29
C GLY VA 665 -72.46 19.88 67.55
N GLN VA 666 -71.34 19.94 66.86
CA GLN VA 666 -70.36 21.09 66.92
C GLN VA 666 -70.19 21.80 65.56
N VAL VA 667 -70.06 23.12 65.58
CA VAL VA 667 -69.80 23.93 64.35
C VAL VA 667 -68.52 24.78 64.52
N THR VA 668 -67.66 24.82 63.51
CA THR VA 668 -66.47 25.68 63.51
C THR VA 668 -66.52 26.70 62.37
N VAL VA 669 -66.27 27.99 62.66
CA VAL VA 669 -66.15 29.07 61.61
C VAL VA 669 -64.75 29.71 61.64
N GLU VA 670 -64.08 29.79 60.50
CA GLU VA 670 -62.74 30.43 60.35
C GLU VA 670 -62.86 31.62 59.41
N MET VA 671 -62.39 32.79 59.85
CA MET VA 671 -62.47 34.03 59.03
C MET VA 671 -61.11 34.74 58.91
N GLU VA 672 -60.82 35.26 57.73
CA GLU VA 672 -59.58 36.05 57.48
C GLU VA 672 -59.93 37.53 57.31
N TRP VA 673 -59.15 38.41 57.94
CA TRP VA 673 -59.39 39.87 57.88
C TRP VA 673 -58.14 40.61 57.39
N GLU VA 674 -58.34 41.64 56.57
CA GLU VA 674 -57.22 42.51 56.10
C GLU VA 674 -57.21 43.80 56.93
N LEU VA 675 -56.05 44.23 57.39
CA LEU VA 675 -55.88 45.41 58.29
C LEU VA 675 -55.18 46.58 57.59
N LYS VA 676 -55.61 47.81 57.88
CA LYS VA 676 -54.89 49.01 57.40
C LYS VA 676 -54.15 49.66 58.59
N LYS VA 677 -52.84 49.80 58.49
CA LYS VA 677 -51.98 50.43 59.53
C LYS VA 677 -52.07 51.95 59.70
N GLU VA 678 -52.00 52.44 60.93
CA GLU VA 678 -51.91 53.89 61.22
C GLU VA 678 -50.54 54.45 60.77
N ASN VA 679 -50.49 55.65 60.19
CA ASN VA 679 -49.25 56.36 59.76
C ASN VA 679 -49.22 57.78 60.33
N SER VA 680 -49.64 58.00 61.58
CA SER VA 680 -49.78 59.35 62.21
C SER VA 680 -48.48 60.10 62.52
N LYS VA 681 -48.47 61.43 62.36
CA LYS VA 681 -47.34 62.31 62.76
C LYS VA 681 -47.72 63.15 64.00
N ARG VA 682 -48.84 62.89 64.68
CA ARG VA 682 -49.28 63.58 65.94
C ARG VA 682 -48.33 63.37 67.15
N TRP VA 683 -47.70 64.44 67.65
CA TRP VA 683 -46.76 64.42 68.79
C TRP VA 683 -47.33 64.02 70.16
N ASN VA 684 -48.48 64.56 70.49
CA ASN VA 684 -49.18 64.31 71.77
C ASN VA 684 -49.88 62.94 71.83
N PRO VA 685 -50.08 62.38 73.03
CA PRO VA 685 -50.83 61.13 73.19
C PRO VA 685 -52.34 61.10 72.84
N GLU VA 686 -52.78 60.04 72.21
CA GLU VA 686 -54.19 59.76 71.81
C GLU VA 686 -55.15 59.14 72.84
N ILE VA 687 -56.46 59.25 72.60
CA ILE VA 687 -57.52 58.52 73.37
C ILE VA 687 -57.51 57.01 73.04
N GLN VA 688 -57.71 56.14 74.04
CA GLN VA 688 -57.71 54.65 73.90
C GLN VA 688 -58.82 54.02 74.72
N TYR VA 689 -59.39 52.89 74.29
CA TYR VA 689 -60.33 52.12 75.13
C TYR VA 689 -59.53 51.42 76.26
N THR VA 690 -60.02 51.54 77.49
CA THR VA 690 -59.32 50.97 78.65
C THR VA 690 -60.32 50.30 79.57
N ASN VA 691 -59.86 49.35 80.38
CA ASN VA 691 -60.70 48.76 81.43
C ASN VA 691 -60.55 49.71 82.61
N ASN VA 692 -61.57 50.49 82.92
CA ASN VA 692 -61.49 51.54 83.95
C ASN VA 692 -62.80 51.57 84.72
N TYR VA 693 -62.74 51.26 86.00
CA TYR VA 693 -63.98 51.12 86.83
C TYR VA 693 -63.62 51.65 88.21
N ASN VA 694 -64.55 52.30 88.90
CA ASN VA 694 -64.27 52.74 90.29
C ASN VA 694 -64.91 51.80 91.32
N ASP VA 695 -64.13 51.22 92.24
CA ASP VA 695 -64.60 50.25 93.29
C ASP VA 695 -65.39 49.07 92.72
N PRO VA 696 -64.91 48.32 91.70
CA PRO VA 696 -65.72 47.26 91.09
C PRO VA 696 -66.17 46.07 91.95
N GLN VA 697 -67.43 45.67 91.82
CA GLN VA 697 -67.98 44.52 92.59
C GLN VA 697 -67.96 43.23 91.76
N PHE VA 698 -67.59 43.32 90.50
CA PHE VA 698 -67.57 42.16 89.58
C PHE VA 698 -66.58 42.50 88.51
N VAL VA 699 -66.13 41.51 87.78
CA VAL VA 699 -65.30 41.79 86.58
C VAL VA 699 -66.25 41.80 85.39
N ASP VA 700 -66.26 42.87 84.61
CA ASP VA 700 -67.01 42.96 83.32
C ASP VA 700 -66.41 42.02 82.27
N PHE VA 701 -67.22 41.49 81.34
CA PHE VA 701 -66.82 40.49 80.29
C PHE VA 701 -66.31 39.18 80.90
N ALA VA 702 -66.94 38.76 81.97
CA ALA VA 702 -66.59 37.52 82.70
C ALA VA 702 -67.86 36.87 83.24
N PRO VA 703 -67.85 35.56 83.56
CA PRO VA 703 -68.98 34.94 84.26
C PRO VA 703 -69.20 35.37 85.73
N ASP VA 704 -70.44 35.34 86.21
CA ASP VA 704 -70.72 35.65 87.64
C ASP VA 704 -70.80 34.39 88.53
N SER VA 705 -71.23 34.55 89.78
CA SER VA 705 -71.31 33.41 90.74
C SER VA 705 -72.30 32.34 90.24
N THR VA 706 -73.42 32.71 89.62
CA THR VA 706 -74.38 31.78 88.95
C THR VA 706 -73.87 31.22 87.64
N GLY VA 707 -72.81 31.77 87.02
CA GLY VA 707 -72.34 31.35 85.69
C GLY VA 707 -72.85 32.15 84.49
N GLU VA 708 -73.57 33.24 84.70
CA GLU VA 708 -74.09 34.11 83.61
C GLU VA 708 -73.07 35.18 83.18
N TYR VA 709 -72.80 35.31 81.89
CA TYR VA 709 -71.86 36.31 81.31
C TYR VA 709 -72.36 37.75 81.45
N ARG VA 710 -71.45 38.66 81.78
CA ARG VA 710 -71.82 40.09 81.98
C ARG VA 710 -71.13 40.94 80.91
N SER VA 711 -71.89 41.79 80.21
CA SER VA 711 -71.38 42.72 79.17
C SER VA 711 -72.00 44.11 79.35
N THR VA 712 -71.60 44.91 80.34
CA THR VA 712 -72.15 46.25 80.68
C THR VA 712 -71.97 47.33 79.61
N ARG VA 713 -70.89 47.36 78.84
CA ARG VA 713 -70.61 48.51 77.91
C ARG VA 713 -70.61 48.19 76.41
N PRO VA 714 -71.22 49.04 75.54
CA PRO VA 714 -71.08 48.90 74.09
C PRO VA 714 -69.71 49.37 73.54
N ILE VA 715 -69.07 48.65 72.62
CA ILE VA 715 -67.73 49.15 72.16
C ILE VA 715 -67.67 49.45 70.67
N GLY VA 716 -67.32 50.69 70.31
CA GLY VA 716 -67.11 51.18 68.94
C GLY VA 716 -65.69 51.03 68.48
N THR VA 717 -65.42 51.39 67.24
CA THR VA 717 -64.05 51.32 66.68
C THR VA 717 -63.25 52.63 66.61
N ARG VA 718 -63.80 53.81 66.88
CA ARG VA 718 -63.02 55.08 66.59
C ARG VA 718 -62.36 55.73 67.82
N TYR VA 719 -61.06 55.52 68.01
CA TYR VA 719 -60.27 56.09 69.15
C TYR VA 719 -59.12 56.88 68.59
N LEU VA 720 -58.60 56.46 67.44
CA LEU VA 720 -57.51 57.17 66.72
C LEU VA 720 -58.03 58.40 65.98
N THR VA 721 -57.15 59.34 65.71
CA THR VA 721 -57.52 60.63 65.10
C THR VA 721 -56.70 60.87 63.86
N ARG VA 722 -57.30 61.48 62.85
CA ARG VA 722 -56.55 61.85 61.62
C ARG VA 722 -56.90 63.27 61.19
N PRO VA 723 -55.97 64.04 60.57
CA PRO VA 723 -56.31 65.33 59.96
C PRO VA 723 -57.16 65.19 58.67
N LEU VA 724 -58.00 66.17 58.36
CA LEU VA 724 -58.90 66.10 57.18
C LEU VA 724 -58.11 66.14 55.86
N ASP WA 209 -21.88 73.81 45.96
CA ASP WA 209 -20.48 73.96 45.48
C ASP WA 209 -19.78 75.15 46.16
N GLY WA 210 -20.12 76.40 45.84
CA GLY WA 210 -19.30 77.51 46.36
C GLY WA 210 -19.96 78.86 46.53
N VAL WA 211 -19.28 79.76 47.25
CA VAL WA 211 -19.72 81.17 47.46
C VAL WA 211 -19.81 81.95 46.12
N GLY WA 212 -18.88 81.73 45.18
CA GLY WA 212 -18.81 82.47 43.91
C GLY WA 212 -19.53 81.82 42.76
N ASN WA 213 -20.19 80.69 42.97
CA ASN WA 213 -20.80 79.94 41.85
C ASN WA 213 -22.33 79.95 41.97
N ALA WA 214 -23.03 80.26 40.88
CA ALA WA 214 -24.51 80.24 40.85
C ALA WA 214 -25.11 78.82 40.79
N SER WA 215 -26.07 78.52 41.66
CA SER WA 215 -26.83 77.24 41.77
C SER WA 215 -27.79 76.96 40.59
N GLY WA 216 -28.42 77.95 40.00
CA GLY WA 216 -29.37 77.80 38.89
C GLY WA 216 -29.56 79.01 38.00
N ASP WA 217 -30.35 78.89 36.94
CA ASP WA 217 -30.63 79.96 35.94
C ASP WA 217 -32.11 80.32 35.81
N TRP WA 218 -32.42 81.51 35.31
CA TRP WA 218 -33.82 82.00 35.13
C TRP WA 218 -34.51 81.37 33.91
N HIS WA 219 -35.65 80.72 34.12
CA HIS WA 219 -36.46 80.19 33.01
C HIS WA 219 -37.90 80.70 33.09
N CYS WA 220 -38.36 81.56 32.18
CA CYS WA 220 -39.80 81.96 32.13
C CYS WA 220 -40.25 81.77 30.67
N ASP WA 221 -41.06 80.76 30.38
CA ASP WA 221 -41.43 80.46 28.96
C ASP WA 221 -42.68 79.60 28.76
N SER WA 222 -43.27 79.60 27.56
CA SER WA 222 -44.36 78.67 27.18
C SER WA 222 -43.95 77.96 25.88
N THR WA 223 -44.10 76.65 25.79
CA THR WA 223 -43.87 75.91 24.53
C THR WA 223 -45.13 75.14 24.15
N TRP WA 224 -45.61 75.31 22.93
CA TRP WA 224 -46.84 74.63 22.43
C TRP WA 224 -46.43 73.57 21.42
N MET WA 225 -46.80 72.32 21.67
CA MET WA 225 -46.44 71.16 20.81
C MET WA 225 -47.63 70.25 20.51
N GLY WA 226 -48.54 70.59 19.60
CA GLY WA 226 -49.75 69.76 19.36
C GLY WA 226 -50.68 69.69 20.55
N ASP WA 227 -50.95 68.50 21.06
CA ASP WA 227 -51.86 68.27 22.22
C ASP WA 227 -51.27 68.72 23.57
N ARG WA 228 -49.99 69.05 23.66
CA ARG WA 228 -49.32 69.41 24.94
C ARG WA 228 -48.80 70.86 25.00
N VAL WA 229 -48.97 71.54 26.12
CA VAL WA 229 -48.35 72.88 26.36
C VAL WA 229 -47.51 72.76 27.64
N VAL WA 230 -46.28 73.27 27.65
CA VAL WA 230 -45.39 73.31 28.86
C VAL WA 230 -45.22 74.77 29.33
N THR WA 231 -45.45 75.03 30.62
CA THR WA 231 -45.27 76.39 31.19
C THR WA 231 -44.10 76.42 32.18
N LYS WA 232 -43.22 77.41 32.07
CA LYS WA 232 -42.09 77.63 33.02
C LYS WA 232 -42.24 79.00 33.68
N SER WA 233 -42.10 79.08 35.00
CA SER WA 233 -42.23 80.35 35.77
C SER WA 233 -41.10 80.49 36.78
N THR WA 234 -40.42 81.64 36.83
CA THR WA 234 -39.35 81.93 37.80
C THR WA 234 -39.68 83.19 38.60
N ARG WA 235 -39.53 83.15 39.93
CA ARG WA 235 -39.77 84.32 40.82
C ARG WA 235 -38.67 84.50 41.89
N THR WA 236 -38.55 85.69 42.45
CA THR WA 236 -37.63 86.00 43.57
C THR WA 236 -38.46 86.13 44.85
N TRP WA 237 -38.08 85.44 45.93
CA TRP WA 237 -38.80 85.41 47.22
C TRP WA 237 -37.96 85.90 48.43
N VAL WA 238 -38.63 86.38 49.47
CA VAL WA 238 -37.99 86.78 50.75
C VAL WA 238 -38.62 85.95 51.90
N LEU WA 239 -37.80 85.44 52.83
CA LEU WA 239 -38.32 84.73 54.04
C LEU WA 239 -38.00 85.43 55.36
N PRO WA 240 -39.02 85.86 56.12
CA PRO WA 240 -38.83 86.35 57.49
C PRO WA 240 -38.57 85.27 58.54
N SER WA 241 -37.94 85.63 59.66
CA SER WA 241 -37.85 84.64 60.78
C SER WA 241 -39.11 84.78 61.64
N TYR WA 242 -40.16 83.99 61.39
CA TYR WA 242 -41.48 84.12 62.07
C TYR WA 242 -41.53 83.56 63.48
N ASN WA 243 -42.10 84.30 64.44
CA ASN WA 243 -42.35 83.82 65.84
C ASN WA 243 -41.08 83.85 66.67
N ASN WA 244 -39.98 84.41 66.14
CA ASN WA 244 -38.64 84.42 66.82
C ASN WA 244 -38.20 82.99 67.18
N HIS WA 245 -38.37 82.02 66.26
CA HIS WA 245 -37.94 80.59 66.46
C HIS WA 245 -38.81 79.79 67.43
N GLN WA 246 -40.06 80.18 67.61
CA GLN WA 246 -40.95 79.51 68.61
C GLN WA 246 -42.31 79.08 68.02
N TYR WA 247 -42.98 78.11 68.64
CA TYR WA 247 -44.32 77.63 68.26
C TYR WA 247 -45.27 78.24 69.24
N ARG WA 248 -46.36 78.85 68.78
CA ARG WA 248 -47.31 79.54 69.67
C ARG WA 248 -48.75 78.99 69.59
N GLU WA 249 -49.37 78.76 70.74
CA GLU WA 249 -50.80 78.37 70.76
C GLU WA 249 -51.66 79.61 70.41
N ILE WA 250 -52.59 79.44 69.48
CA ILE WA 250 -53.45 80.54 68.97
C ILE WA 250 -54.93 80.16 69.16
N LYS WA 251 -55.78 81.12 69.48
CA LYS WA 251 -57.20 80.78 69.77
C LYS WA 251 -58.12 81.98 69.57
N SER WA 252 -59.39 81.73 69.31
CA SER WA 252 -60.37 82.85 69.26
C SER WA 252 -61.71 82.49 69.93
N GLY WA 253 -62.36 83.45 70.57
CA GLY WA 253 -63.76 83.37 71.03
C GLY WA 253 -64.69 83.93 69.94
N SER WA 254 -65.97 84.14 70.24
CA SER WA 254 -66.97 84.73 69.29
C SER WA 254 -66.61 86.17 68.89
N VAL WA 255 -66.71 86.52 67.60
CA VAL WA 255 -66.33 87.87 67.09
C VAL WA 255 -67.36 88.30 66.04
N ASP WA 256 -67.68 89.60 65.96
CA ASP WA 256 -68.67 90.16 64.98
C ASP WA 256 -70.04 89.52 65.22
N GLY WA 257 -70.33 89.14 66.45
CA GLY WA 257 -71.61 88.49 66.77
C GLY WA 257 -71.66 86.99 66.49
N SER WA 258 -70.59 86.33 66.06
CA SER WA 258 -70.74 84.89 65.70
C SER WA 258 -69.83 83.89 66.42
N ASN WA 259 -70.38 82.81 66.98
CA ASN WA 259 -69.60 81.68 67.58
C ASN WA 259 -68.94 80.79 66.52
N ALA WA 260 -69.35 80.85 65.25
CA ALA WA 260 -68.75 80.12 64.09
C ALA WA 260 -67.32 80.63 63.90
N ASN WA 261 -67.06 81.87 64.30
CA ASN WA 261 -65.71 82.52 64.36
C ASN WA 261 -64.72 81.85 65.34
N ALA WA 262 -65.15 81.29 66.48
CA ALA WA 262 -64.28 80.63 67.49
C ALA WA 262 -63.45 79.44 66.97
N TYR WA 263 -62.18 79.34 67.39
CA TYR WA 263 -61.24 78.26 66.97
C TYR WA 263 -60.12 78.05 68.02
N PHE WA 264 -59.46 76.90 67.98
CA PHE WA 264 -58.25 76.60 68.79
C PHE WA 264 -57.17 76.12 67.79
N GLY WA 265 -55.94 76.60 67.88
CA GLY WA 265 -54.88 76.28 66.90
C GLY WA 265 -53.44 76.54 67.28
N TYR WA 266 -52.51 76.22 66.38
CA TYR WA 266 -51.06 76.50 66.56
C TYR WA 266 -50.47 77.39 65.43
N SER WA 267 -49.59 78.34 65.76
CA SER WA 267 -48.81 79.13 64.76
C SER WA 267 -47.37 78.59 64.76
N THR WA 268 -46.72 78.57 63.62
CA THR WA 268 -45.39 77.91 63.50
C THR WA 268 -44.30 78.86 62.99
N PRO WA 269 -43.02 78.55 63.25
CA PRO WA 269 -41.86 79.27 62.73
C PRO WA 269 -41.65 79.22 61.20
N TRP WA 270 -42.14 78.19 60.52
CA TRP WA 270 -42.02 77.93 59.06
C TRP WA 270 -42.88 78.76 58.09
N GLY WA 271 -42.45 78.81 56.84
CA GLY WA 271 -43.16 79.45 55.72
C GLY WA 271 -43.34 78.45 54.61
N TYR WA 272 -44.27 78.68 53.71
CA TYR WA 272 -44.59 77.70 52.63
C TYR WA 272 -44.69 78.37 51.25
N PHE WA 273 -44.52 77.59 50.19
CA PHE WA 273 -44.68 78.06 48.78
C PHE WA 273 -46.05 77.60 48.22
N ASP WA 274 -46.86 78.50 47.68
CA ASP WA 274 -48.19 78.23 47.08
C ASP WA 274 -48.21 78.60 45.58
N PHE WA 275 -48.56 77.65 44.71
CA PHE WA 275 -48.69 77.93 43.25
C PHE WA 275 -50.15 77.70 42.73
N ASN WA 276 -51.18 77.58 43.58
CA ASN WA 276 -52.54 77.23 43.08
C ASN WA 276 -53.31 78.47 42.56
N ARG WA 277 -52.78 79.19 41.58
CA ARG WA 277 -53.47 80.29 40.86
C ARG WA 277 -53.01 80.15 39.40
N PHE WA 278 -53.89 80.34 38.42
CA PHE WA 278 -53.57 80.25 36.95
C PHE WA 278 -52.56 81.35 36.48
N HIS WA 279 -52.65 82.58 36.97
CA HIS WA 279 -51.79 83.76 36.60
C HIS WA 279 -50.34 83.47 37.00
N SER WA 280 -50.10 82.59 37.97
CA SER WA 280 -48.74 82.11 38.39
C SER WA 280 -48.05 81.39 37.22
N HIS WA 281 -48.76 80.61 36.42
CA HIS WA 281 -48.22 79.86 35.25
C HIS WA 281 -48.55 80.44 33.88
N TRP WA 282 -49.52 81.33 33.74
CA TRP WA 282 -50.04 81.74 32.41
C TRP WA 282 -49.95 83.23 32.13
N SER WA 283 -49.38 83.61 31.00
CA SER WA 283 -49.40 85.01 30.53
C SER WA 283 -50.83 85.34 30.05
N PRO WA 284 -51.26 86.62 30.05
CA PRO WA 284 -52.55 86.97 29.51
C PRO WA 284 -52.72 86.63 28.03
N ARG WA 285 -51.71 86.84 27.18
CA ARG WA 285 -51.76 86.40 25.75
C ARG WA 285 -51.87 84.87 25.58
N ASP WA 286 -51.14 84.07 26.36
CA ASP WA 286 -51.18 82.58 26.33
C ASP WA 286 -52.56 82.06 26.75
N TRP WA 287 -53.17 82.67 27.74
CA TRP WA 287 -54.53 82.33 28.20
C TRP WA 287 -55.57 82.58 27.10
N GLN WA 288 -55.46 83.67 26.35
CA GLN WA 288 -56.33 84.00 25.19
C GLN WA 288 -56.19 82.97 24.07
N ARG WA 289 -54.99 82.50 23.81
CA ARG WA 289 -54.76 81.46 22.79
C ARG WA 289 -55.47 80.14 23.16
N LEU WA 290 -55.41 79.71 24.43
CA LEU WA 290 -56.17 78.52 24.88
C LEU WA 290 -57.72 78.61 24.88
N ILE WA 291 -58.30 79.71 25.35
CA ILE WA 291 -59.77 79.91 25.46
C ILE WA 291 -60.44 79.97 24.08
N ASN WA 292 -59.79 80.63 23.14
CA ASN WA 292 -60.21 80.76 21.71
C ASN WA 292 -60.21 79.45 20.92
N ASN WA 293 -59.26 78.53 21.13
CA ASN WA 293 -59.05 77.36 20.23
C ASN WA 293 -59.27 75.93 20.75
N TYR WA 294 -59.60 75.71 22.01
CA TYR WA 294 -59.65 74.33 22.57
C TYR WA 294 -60.92 74.00 23.33
N TRP WA 295 -61.46 72.80 23.18
CA TRP WA 295 -62.61 72.29 23.99
C TRP WA 295 -62.29 72.05 25.49
N GLY WA 296 -61.11 71.55 25.82
CA GLY WA 296 -60.75 71.22 27.20
C GLY WA 296 -59.28 71.21 27.52
N PHE WA 297 -58.95 71.26 28.80
CA PHE WA 297 -57.53 71.15 29.27
C PHE WA 297 -57.45 70.39 30.60
N ARG WA 298 -56.33 69.73 30.92
CA ARG WA 298 -56.08 69.07 32.24
C ARG WA 298 -54.58 69.12 32.65
N PRO WA 299 -54.21 69.21 33.96
CA PRO WA 299 -52.80 69.07 34.41
C PRO WA 299 -52.17 67.65 34.38
N ARG WA 300 -50.89 67.52 34.05
CA ARG WA 300 -50.22 66.18 33.93
C ARG WA 300 -49.01 66.06 34.86
N SER WA 301 -48.08 67.02 34.82
CA SER WA 301 -46.81 66.91 35.60
C SER WA 301 -46.36 68.22 36.25
N LEU WA 302 -45.67 68.14 37.38
CA LEU WA 302 -45.09 69.32 38.06
C LEU WA 302 -43.60 69.13 38.44
N ARG WA 303 -42.74 70.12 38.19
CA ARG WA 303 -41.31 70.11 38.66
C ARG WA 303 -40.99 71.41 39.42
N VAL WA 304 -40.38 71.32 40.60
CA VAL WA 304 -39.99 72.51 41.43
C VAL WA 304 -38.47 72.57 41.76
N LYS WA 305 -37.82 73.73 41.58
CA LYS WA 305 -36.41 73.96 41.99
C LYS WA 305 -36.25 75.20 42.89
N ILE WA 306 -35.52 75.10 44.00
CA ILE WA 306 -35.18 76.27 44.91
C ILE WA 306 -33.66 76.47 44.87
N PHE WA 307 -33.16 77.69 44.61
CA PHE WA 307 -31.72 77.96 44.31
C PHE WA 307 -31.27 79.39 44.60
N ASN WA 308 -29.95 79.69 44.52
CA ASN WA 308 -29.31 81.04 44.73
C ASN WA 308 -29.62 81.61 46.11
N ILE WA 309 -29.55 80.77 47.13
CA ILE WA 309 -29.87 81.15 48.52
C ILE WA 309 -28.89 82.19 49.12
N GLN WA 310 -29.41 83.19 49.82
CA GLN WA 310 -28.60 84.24 50.46
C GLN WA 310 -29.15 84.52 51.88
N VAL WA 311 -28.33 84.33 52.90
CA VAL WA 311 -28.74 84.55 54.31
C VAL WA 311 -28.09 85.85 54.79
N LYS WA 312 -28.88 86.74 55.40
CA LYS WA 312 -28.44 88.07 55.86
C LYS WA 312 -28.65 88.26 57.36
N GLU WA 313 -27.70 88.91 58.03
CA GLU WA 313 -27.84 89.22 59.48
C GLU WA 313 -28.09 90.72 59.65
N VAL WA 314 -29.06 91.06 60.49
CA VAL WA 314 -29.43 92.49 60.71
C VAL WA 314 -29.00 92.85 62.14
N THR WA 315 -28.27 93.96 62.28
CA THR WA 315 -27.78 94.39 63.60
C THR WA 315 -28.15 95.84 63.84
N VAL WA 316 -28.59 96.18 65.04
CA VAL WA 316 -28.85 97.61 65.34
C VAL WA 316 -27.94 98.11 66.48
N GLN WA 317 -27.17 99.17 66.25
CA GLN WA 317 -26.43 99.83 67.36
C GLN WA 317 -26.84 101.30 67.35
N ASP WA 318 -27.48 101.78 68.42
CA ASP WA 318 -27.83 103.23 68.51
C ASP WA 318 -28.63 103.66 67.29
N SER WA 319 -29.54 102.82 66.76
CA SER WA 319 -30.45 103.19 65.63
C SER WA 319 -29.81 103.14 64.22
N THR WA 320 -28.57 102.68 64.05
CA THR WA 320 -27.94 102.52 62.70
C THR WA 320 -28.60 101.48 61.79
N THR WA 321 -29.03 100.31 62.27
CA THR WA 321 -29.60 99.20 61.43
C THR WA 321 -28.72 98.69 60.26
N THR WA 322 -27.44 98.34 60.46
CA THR WA 322 -26.60 97.69 59.40
C THR WA 322 -27.07 96.28 58.99
N ILE WA 323 -26.96 95.93 57.71
CA ILE WA 323 -27.31 94.57 57.17
C ILE WA 323 -26.08 93.93 56.52
N ALA WA 324 -25.78 92.66 56.82
CA ALA WA 324 -24.58 91.95 56.29
C ALA WA 324 -24.85 90.50 55.89
N ASN WA 325 -24.06 89.97 54.97
CA ASN WA 325 -24.14 88.53 54.61
C ASN WA 325 -23.58 87.58 55.67
N ASN WA 326 -24.24 86.46 55.94
CA ASN WA 326 -23.64 85.40 56.80
C ASN WA 326 -23.46 84.18 55.90
N LEU WA 327 -22.22 83.83 55.54
CA LEU WA 327 -21.86 82.68 54.66
C LEU WA 327 -22.15 81.29 55.25
N THR WA 328 -21.94 81.12 56.54
CA THR WA 328 -22.06 79.80 57.22
C THR WA 328 -23.48 79.47 57.70
N SER WA 329 -24.45 80.38 57.60
CA SER WA 329 -25.88 80.15 57.99
C SER WA 329 -26.65 79.20 57.03
N THR WA 330 -27.67 78.50 57.53
CA THR WA 330 -28.43 77.49 56.75
C THR WA 330 -29.92 77.76 56.64
N VAL WA 331 -30.54 77.21 55.61
CA VAL WA 331 -32.02 77.23 55.42
C VAL WA 331 -32.45 75.74 55.43
N GLN WA 332 -33.63 75.42 55.96
CA GLN WA 332 -34.18 74.02 56.02
C GLN WA 332 -35.45 73.83 55.15
N VAL WA 333 -35.46 72.82 54.29
CA VAL WA 333 -36.58 72.58 53.31
C VAL WA 333 -37.09 71.12 53.35
N PHE WA 334 -38.40 70.91 53.30
CA PHE WA 334 -39.03 69.56 53.19
C PHE WA 334 -40.38 69.55 52.42
N THR WA 335 -40.77 68.39 51.92
CA THR WA 335 -42.10 68.19 51.27
C THR WA 335 -42.91 67.16 52.06
N ASP WA 336 -44.19 67.44 52.32
CA ASP WA 336 -45.10 66.49 53.06
C ASP WA 336 -45.74 65.48 52.11
N ASP WA 337 -45.00 64.47 51.69
CA ASP WA 337 -45.43 63.44 50.70
C ASP WA 337 -46.61 62.52 51.11
N ASP WA 338 -46.70 62.09 52.37
CA ASP WA 338 -47.75 61.15 52.87
C ASP WA 338 -48.98 61.87 53.43
N TYR WA 339 -49.07 63.19 53.38
CA TYR WA 339 -50.26 64.00 53.78
C TYR WA 339 -50.54 63.89 55.27
N GLN WA 340 -49.52 63.70 56.09
CA GLN WA 340 -49.62 63.68 57.56
C GLN WA 340 -50.04 65.04 58.14
N LEU WA 341 -49.54 66.13 57.60
CA LEU WA 341 -49.90 67.51 58.05
C LEU WA 341 -51.26 67.99 57.57
N PRO WA 342 -51.89 68.92 58.30
CA PRO WA 342 -53.09 69.57 57.76
C PRO WA 342 -52.77 70.36 56.47
N TYR WA 343 -53.60 70.24 55.42
CA TYR WA 343 -53.33 70.88 54.09
C TYR WA 343 -54.13 72.18 53.96
N VAL WA 344 -53.43 73.29 53.94
CA VAL WA 344 -54.10 74.62 53.94
C VAL WA 344 -54.03 75.27 52.54
N VAL WA 345 -53.40 74.62 51.55
CA VAL WA 345 -53.17 75.19 50.19
C VAL WA 345 -54.46 75.48 49.35
N GLY WA 346 -55.52 74.71 49.41
CA GLY WA 346 -56.69 74.82 48.48
C GLY WA 346 -57.88 75.63 48.95
N ASN WA 347 -57.72 76.58 49.87
CA ASN WA 347 -58.81 77.34 50.55
C ASN WA 347 -58.94 78.82 50.12
N GLY WA 348 -58.47 79.25 48.93
CA GLY WA 348 -58.55 80.64 48.40
C GLY WA 348 -57.83 81.71 49.18
N THR WA 349 -56.67 81.39 49.71
CA THR WA 349 -55.88 82.33 50.53
C THR WA 349 -54.75 82.99 49.76
N GLU WA 350 -54.35 84.17 50.19
CA GLU WA 350 -53.23 84.96 49.61
C GLU WA 350 -51.81 84.43 49.91
N GLY WA 351 -50.79 84.89 49.20
CA GLY WA 351 -49.40 84.37 49.30
C GLY WA 351 -48.89 83.49 48.18
N CYS WA 352 -49.62 83.29 47.10
CA CYS WA 352 -49.17 82.55 45.89
C CYS WA 352 -48.15 83.37 45.07
N LEU WA 353 -47.42 82.72 44.17
CA LEU WA 353 -46.44 83.41 43.30
C LEU WA 353 -47.19 84.48 42.47
N PRO WA 354 -46.56 85.66 42.28
CA PRO WA 354 -47.21 86.75 41.56
C PRO WA 354 -47.52 86.61 40.05
N ALA WA 355 -48.57 87.26 39.57
CA ALA WA 355 -48.98 87.27 38.13
C ALA WA 355 -47.87 87.88 37.25
N PHE WA 356 -47.18 88.93 37.69
CA PHE WA 356 -46.15 89.63 36.89
C PHE WA 356 -44.77 89.13 37.29
N PRO WA 357 -43.94 88.58 36.35
CA PRO WA 357 -42.62 88.01 36.65
C PRO WA 357 -41.57 88.83 37.43
N PRO WA 358 -41.39 90.15 37.19
CA PRO WA 358 -40.51 91.03 37.95
C PRO WA 358 -40.85 91.27 39.44
N GLN WA 359 -42.10 91.10 39.85
CA GLN WA 359 -42.55 91.35 41.25
C GLN WA 359 -41.88 90.41 42.27
N VAL WA 360 -41.51 90.95 43.42
CA VAL WA 360 -40.78 90.18 44.48
C VAL WA 360 -41.75 89.95 45.64
N PHE WA 361 -41.81 88.74 46.18
CA PHE WA 361 -42.86 88.41 47.18
C PHE WA 361 -42.39 87.81 48.53
N THR WA 362 -43.13 88.14 49.59
CA THR WA 362 -42.95 87.53 50.92
C THR WA 362 -43.71 86.21 51.04
N LEU WA 363 -43.07 85.14 51.53
CA LEU WA 363 -43.75 83.84 51.81
C LEU WA 363 -44.72 83.92 52.99
N PRO WA 364 -45.90 83.27 52.88
CA PRO WA 364 -46.82 83.17 54.00
C PRO WA 364 -46.37 82.28 55.20
N GLN WA 365 -46.73 82.65 56.42
CA GLN WA 365 -46.46 81.79 57.62
C GLN WA 365 -47.48 80.64 57.75
N TYR WA 366 -47.01 79.41 58.00
CA TYR WA 366 -47.86 78.21 58.26
C TYR WA 366 -48.55 78.20 59.64
N GLY WA 367 -49.80 77.77 59.67
CA GLY WA 367 -50.63 77.68 60.87
C GLY WA 367 -51.78 76.78 60.57
N TYR WA 368 -52.52 76.34 61.59
CA TYR WA 368 -53.70 75.44 61.41
C TYR WA 368 -54.68 75.57 62.55
N ALA WA 369 -55.92 75.16 62.31
CA ALA WA 369 -56.94 75.04 63.38
C ALA WA 369 -57.23 73.56 63.64
N THR WA 370 -57.23 73.13 64.90
CA THR WA 370 -57.67 71.77 65.32
C THR WA 370 -59.07 71.88 65.90
N LEU WA 371 -59.48 70.95 66.74
CA LEU WA 371 -60.79 70.96 67.43
C LEU WA 371 -60.92 72.00 68.55
N ASN WA 372 -62.13 72.53 68.73
CA ASN WA 372 -62.44 73.53 69.77
C ASN WA 372 -63.66 73.00 70.53
N ARG WA 373 -63.82 73.34 71.80
CA ARG WA 373 -64.90 72.74 72.63
C ARG WA 373 -66.12 73.66 72.80
N ASP WA 374 -67.31 73.18 72.43
CA ASP WA 374 -68.62 73.89 72.61
C ASP WA 374 -68.69 75.29 71.98
N ASN WA 375 -68.13 75.50 70.78
CA ASN WA 375 -68.12 76.83 70.09
C ASN WA 375 -67.44 77.89 70.99
N THR WA 376 -66.32 77.53 71.63
CA THR WA 376 -65.51 78.41 72.52
C THR WA 376 -64.02 78.30 72.16
N GLU WA 377 -63.12 79.13 72.70
CA GLU WA 377 -61.65 79.13 72.41
C GLU WA 377 -60.87 77.93 73.00
N ASN WA 378 -61.45 77.19 73.95
CA ASN WA 378 -60.85 76.01 74.60
C ASN WA 378 -60.70 74.76 73.73
N PRO WA 379 -59.63 73.97 73.94
CA PRO WA 379 -59.44 72.65 73.31
C PRO WA 379 -60.20 71.40 73.86
N THR WA 380 -60.12 70.28 73.16
CA THR WA 380 -60.73 68.98 73.52
C THR WA 380 -59.63 67.96 73.65
N GLU WA 381 -59.90 66.79 74.23
CA GLU WA 381 -58.94 65.64 74.34
C GLU WA 381 -58.55 65.13 72.95
N ARG WA 382 -59.44 65.12 71.98
CA ARG WA 382 -59.18 64.76 70.56
C ARG WA 382 -58.28 65.79 69.84
N SER WA 383 -58.17 67.03 70.33
CA SER WA 383 -57.38 68.13 69.70
C SER WA 383 -55.89 67.74 69.60
N SER WA 384 -55.25 68.03 68.47
CA SER WA 384 -53.89 67.54 68.10
C SER WA 384 -52.82 68.61 67.89
N PHE WA 385 -51.60 68.32 68.31
CA PHE WA 385 -50.42 69.20 68.09
C PHE WA 385 -49.48 68.50 67.11
N PHE WA 386 -49.01 69.23 66.13
CA PHE WA 386 -48.04 68.70 65.14
C PHE WA 386 -46.74 69.50 65.17
N CYS WA 387 -45.59 68.82 65.29
CA CYS WA 387 -44.23 69.43 65.20
C CYS WA 387 -43.61 69.20 63.80
N LEU WA 388 -43.21 70.25 63.09
CA LEU WA 388 -42.53 70.20 61.76
C LEU WA 388 -41.10 69.63 61.87
N GLU WA 389 -40.39 69.92 62.96
CA GLU WA 389 -39.00 69.47 63.21
C GLU WA 389 -38.94 67.95 63.42
N TYR WA 390 -40.05 67.31 63.74
CA TYR WA 390 -40.16 65.82 63.84
C TYR WA 390 -39.92 65.18 62.46
N PHE WA 391 -40.36 65.75 61.36
CA PHE WA 391 -40.06 65.26 59.99
C PHE WA 391 -38.60 65.48 59.60
N PRO WA 392 -37.98 64.63 58.74
CA PRO WA 392 -36.67 64.94 58.16
C PRO WA 392 -36.62 66.11 57.10
N SER WA 393 -35.59 66.98 57.13
CA SER WA 393 -35.44 68.12 56.17
C SER WA 393 -34.02 68.27 55.58
N LYS WA 394 -33.90 68.74 54.35
CA LYS WA 394 -32.60 69.10 53.75
C LYS WA 394 -32.05 70.42 54.34
N MET WA 395 -30.75 70.52 54.58
CA MET WA 395 -30.11 71.76 55.09
C MET WA 395 -29.25 72.40 53.99
N LEU WA 396 -29.48 73.69 53.73
CA LEU WA 396 -28.76 74.37 52.61
C LEU WA 396 -27.96 75.61 53.01
N ARG WA 397 -26.70 75.67 52.61
CA ARG WA 397 -25.86 76.89 52.67
C ARG WA 397 -26.00 77.64 51.30
N THR WA 398 -25.32 78.77 51.10
CA THR WA 398 -25.33 79.63 49.86
C THR WA 398 -25.01 78.88 48.58
N GLY WA 399 -24.08 77.93 48.56
CA GLY WA 399 -23.78 77.00 47.44
C GLY WA 399 -24.86 76.03 47.04
N ASN WA 400 -25.65 75.51 47.98
CA ASN WA 400 -26.67 74.42 47.83
C ASN WA 400 -28.00 74.73 47.13
N ASN WA 401 -28.65 73.71 46.58
CA ASN WA 401 -29.95 73.81 45.84
C ASN WA 401 -30.89 72.64 46.22
N PHE WA 402 -32.22 72.79 46.02
CA PHE WA 402 -33.22 71.72 46.25
C PHE WA 402 -34.11 71.47 45.01
N GLU WA 403 -34.42 70.22 44.69
CA GLU WA 403 -35.34 69.89 43.56
C GLU WA 403 -36.45 68.86 43.95
N PHE WA 404 -37.66 68.98 43.39
CA PHE WA 404 -38.77 67.99 43.58
C PHE WA 404 -39.53 67.71 42.23
N THR WA 405 -40.09 66.51 42.05
CA THR WA 405 -40.93 66.13 40.86
C THR WA 405 -42.24 65.50 41.30
N TYR WA 406 -43.36 65.79 40.63
CA TYR WA 406 -44.70 65.22 40.93
C TYR WA 406 -45.47 64.80 39.66
N ASN WA 407 -46.30 63.76 39.73
CA ASN WA 407 -47.23 63.35 38.63
C ASN WA 407 -48.67 63.45 39.11
N PHE WA 408 -49.53 64.08 38.33
CA PHE WA 408 -50.97 64.22 38.69
C PHE WA 408 -51.68 62.89 38.41
N GLU WA 409 -52.71 62.56 39.20
CA GLU WA 409 -53.58 61.37 38.95
C GLU WA 409 -54.50 61.63 37.74
N GLU WA 410 -55.03 60.58 37.12
CA GLU WA 410 -56.00 60.79 36.02
C GLU WA 410 -57.22 61.57 36.54
N VAL WA 411 -57.62 62.59 35.79
CA VAL WA 411 -58.73 63.50 36.21
C VAL WA 411 -59.50 63.82 34.93
N PRO WA 412 -60.80 64.13 34.97
CA PRO WA 412 -61.51 64.60 33.78
C PRO WA 412 -61.08 65.99 33.26
N PHE WA 413 -61.08 66.22 31.95
CA PHE WA 413 -60.76 67.55 31.35
C PHE WA 413 -61.79 68.60 31.75
N HIS WA 414 -61.40 69.83 32.04
CA HIS WA 414 -62.35 70.95 32.24
C HIS WA 414 -63.06 71.23 30.90
N SER WA 415 -64.34 71.61 30.95
CA SER WA 415 -65.10 71.93 29.71
C SER WA 415 -65.05 73.41 29.34
N SER WA 416 -64.21 73.79 28.37
CA SER WA 416 -64.10 75.17 27.85
C SER WA 416 -65.03 75.40 26.65
N PHE WA 417 -66.33 75.33 26.86
CA PHE WA 417 -67.32 75.52 25.77
C PHE WA 417 -68.65 75.93 26.39
N ALA WA 418 -69.49 76.55 25.58
CA ALA WA 418 -70.85 76.93 25.98
C ALA WA 418 -71.83 76.13 25.12
N PRO WA 419 -72.92 75.59 25.71
CA PRO WA 419 -73.95 74.93 24.91
C PRO WA 419 -74.71 75.79 23.89
N SER WA 420 -74.92 75.25 22.70
CA SER WA 420 -75.67 75.96 21.62
C SER WA 420 -77.16 75.54 21.59
N GLN WA 421 -77.61 74.65 22.48
CA GLN WA 421 -79.04 74.26 22.57
C GLN WA 421 -79.58 74.26 24.00
N ASN WA 422 -80.86 74.60 24.19
CA ASN WA 422 -81.60 74.46 25.46
C ASN WA 422 -81.89 72.98 25.75
N LEU WA 423 -81.82 72.55 27.02
CA LEU WA 423 -82.06 71.16 27.49
C LEU WA 423 -83.51 70.71 27.19
N PHE WA 424 -84.48 71.62 27.31
CA PHE WA 424 -85.91 71.34 27.04
C PHE WA 424 -86.37 71.52 25.55
N LYS WA 425 -85.53 71.95 24.59
CA LYS WA 425 -85.90 72.21 23.17
C LYS WA 425 -85.24 71.22 22.18
N LEU WA 426 -85.02 69.95 22.52
CA LEU WA 426 -84.27 68.96 21.70
C LEU WA 426 -85.09 68.15 20.67
N ALA WA 427 -86.41 68.18 20.74
CA ALA WA 427 -87.27 67.55 19.73
C ALA WA 427 -87.16 68.30 18.41
N ASN WA 428 -87.31 67.62 17.27
CA ASN WA 428 -87.32 68.31 15.96
C ASN WA 428 -88.50 69.29 15.95
N PRO WA 429 -88.28 70.54 15.51
CA PRO WA 429 -89.33 71.54 15.40
C PRO WA 429 -90.46 71.21 14.38
N LEU WA 430 -90.17 70.60 13.23
CA LEU WA 430 -91.09 70.11 12.16
C LEU WA 430 -92.02 68.95 12.52
N VAL WA 431 -91.61 67.99 13.33
CA VAL WA 431 -92.39 66.74 13.57
C VAL WA 431 -93.10 66.61 14.93
N ASP WA 432 -94.38 66.22 14.94
CA ASP WA 432 -95.18 65.91 16.17
C ASP WA 432 -94.78 64.62 16.89
N GLN WA 433 -94.93 64.58 18.20
CA GLN WA 433 -94.71 63.36 19.02
C GLN WA 433 -95.83 62.31 18.89
N TYR WA 434 -95.56 61.00 19.03
CA TYR WA 434 -96.62 59.95 19.09
C TYR WA 434 -97.15 59.80 20.55
N LEU WA 435 -97.12 60.84 21.36
CA LEU WA 435 -97.45 60.79 22.80
C LEU WA 435 -98.55 61.79 23.13
N TYR WA 436 -99.34 61.50 24.15
CA TYR WA 436 -100.53 62.32 24.48
C TYR WA 436 -100.52 62.76 25.95
N ARG WA 437 -101.20 63.86 26.23
CA ARG WA 437 -101.22 64.45 27.59
C ARG WA 437 -102.68 64.70 28.05
N PHE WA 438 -102.90 64.69 29.36
CA PHE WA 438 -104.23 65.03 29.92
C PHE WA 438 -104.38 66.53 29.96
N VAL WA 439 -105.47 67.01 29.41
CA VAL WA 439 -105.73 68.45 29.42
C VAL WA 439 -107.03 68.86 30.12
N SER WA 440 -107.95 67.92 30.33
CA SER WA 440 -109.31 68.36 30.75
C SER WA 440 -110.23 67.31 31.40
N THR WA 441 -111.28 67.80 32.04
CA THR WA 441 -112.35 66.94 32.56
C THR WA 441 -113.65 67.56 32.00
N ASN WA 442 -114.65 66.78 31.64
CA ASN WA 442 -115.98 67.27 31.13
C ASN WA 442 -116.97 67.62 32.27
N ASN WA 443 -118.23 67.98 31.96
CA ASN WA 443 -119.24 68.40 32.97
C ASN WA 443 -119.46 67.25 33.95
N THR WA 444 -119.51 65.99 33.51
CA THR WA 444 -119.43 64.82 34.41
C THR WA 444 -117.93 64.70 34.46
N GLY WA 445 -117.28 64.44 35.58
CA GLY WA 445 -115.80 64.60 35.55
C GLY WA 445 -115.03 63.53 34.82
N GLY WA 446 -115.18 63.44 33.49
CA GLY WA 446 -114.52 62.40 32.66
C GLY WA 446 -113.28 62.92 31.99
N VAL WA 447 -112.17 62.20 32.06
CA VAL WA 447 -110.84 62.65 31.54
C VAL WA 447 -110.76 62.81 30.01
N GLN WA 448 -110.01 63.82 29.56
CA GLN WA 448 -109.88 64.15 28.12
C GLN WA 448 -108.40 64.32 27.76
N PHE WA 449 -108.03 64.01 26.52
CA PHE WA 449 -106.60 64.00 26.10
C PHE WA 449 -106.36 64.72 24.77
N ASN WA 450 -105.15 65.25 24.58
CA ASN WA 450 -104.75 65.92 23.30
C ASN WA 450 -103.36 65.44 22.91
N LYS WA 451 -103.07 65.33 21.62
CA LYS WA 451 -101.73 64.99 21.09
C LYS WA 451 -100.71 66.13 21.23
N ASN WA 452 -99.43 65.78 21.32
CA ASN WA 452 -98.36 66.80 21.45
C ASN WA 452 -97.88 67.25 20.07
N LEU WA 453 -98.07 68.54 19.73
CA LEU WA 453 -97.72 69.14 18.41
C LEU WA 453 -96.24 69.55 18.24
N ALA WA 454 -95.80 69.70 17.00
CA ALA WA 454 -94.40 70.12 16.69
C ALA WA 454 -94.06 71.52 17.19
N GLY WA 455 -92.92 71.67 17.87
CA GLY WA 455 -92.41 72.96 18.40
C GLY WA 455 -93.04 73.42 19.71
N ARG WA 456 -93.97 72.66 20.28
CA ARG WA 456 -94.67 73.04 21.55
C ARG WA 456 -93.85 72.52 22.76
N TYR WA 457 -92.72 73.16 23.08
CA TYR WA 457 -91.71 72.77 24.11
C TYR WA 457 -92.31 72.82 25.52
N ALA WA 458 -93.29 73.69 25.73
CA ALA WA 458 -94.02 73.77 27.00
C ALA WA 458 -94.71 72.44 27.32
N ASN WA 459 -95.23 71.69 26.34
CA ASN WA 459 -96.04 70.46 26.55
C ASN WA 459 -95.44 69.14 26.03
N THR WA 460 -94.15 68.91 26.01
CA THR WA 460 -93.47 67.79 25.32
C THR WA 460 -92.92 66.85 26.36
N TYR WA 461 -92.91 65.55 26.11
CA TYR WA 461 -92.30 64.55 27.02
C TYR WA 461 -90.80 64.77 27.01
N LYS WA 462 -90.17 64.65 28.17
CA LYS WA 462 -88.72 64.94 28.31
C LYS WA 462 -87.91 63.78 28.89
N ASN WA 463 -86.81 63.39 28.28
CA ASN WA 463 -85.82 62.41 28.84
C ASN WA 463 -84.99 62.87 30.04
N TRP WA 464 -84.56 64.12 30.08
CA TRP WA 464 -83.50 64.57 31.00
C TRP WA 464 -83.90 65.81 31.79
N PHE WA 465 -83.29 65.98 32.94
CA PHE WA 465 -83.70 67.04 33.89
C PHE WA 465 -82.52 67.90 34.25
N PRO WA 466 -82.78 69.17 34.61
CA PRO WA 466 -81.74 70.07 35.09
C PRO WA 466 -81.15 69.76 36.47
N GLY WA 467 -79.95 70.27 36.75
CA GLY WA 467 -79.21 70.02 38.01
C GLY WA 467 -79.74 70.70 39.27
N PRO WA 468 -79.24 70.30 40.45
CA PRO WA 468 -79.76 70.79 41.74
C PRO WA 468 -79.68 72.29 42.07
N MET WA 469 -80.68 72.82 42.77
CA MET WA 469 -80.75 74.27 43.04
C MET WA 469 -81.13 74.64 44.49
N GLY WA 470 -80.63 75.73 45.05
CA GLY WA 470 -81.11 76.30 46.33
C GLY WA 470 -81.34 77.80 46.15
N ARG WA 471 -82.47 78.39 46.50
CA ARG WA 471 -82.71 79.84 46.19
C ARG WA 471 -81.76 80.82 46.95
N THR WA 472 -81.18 81.81 46.26
CA THR WA 472 -80.27 82.83 46.82
C THR WA 472 -80.73 84.20 46.36
N GLN WA 473 -80.63 85.23 47.20
CA GLN WA 473 -81.16 86.58 46.89
C GLN WA 473 -80.47 87.25 45.69
N GLY WA 474 -81.24 87.96 44.86
CA GLY WA 474 -80.72 88.67 43.69
C GLY WA 474 -80.64 90.17 43.89
N TRP WA 475 -79.50 90.75 43.55
CA TRP WA 475 -79.26 92.21 43.68
C TRP WA 475 -78.92 92.86 42.33
N ASN WA 476 -79.54 93.99 42.03
CA ASN WA 476 -79.28 94.74 40.76
C ASN WA 476 -77.95 95.48 40.82
N LEU WA 477 -77.27 95.62 39.68
CA LEU WA 477 -75.95 96.28 39.55
C LEU WA 477 -76.12 97.38 38.49
N GLY WA 478 -75.23 98.37 38.44
CA GLY WA 478 -75.40 99.49 37.49
C GLY WA 478 -76.63 100.33 37.78
N SER WA 479 -77.55 100.44 36.83
CA SER WA 479 -78.79 101.23 37.02
C SER WA 479 -79.58 100.62 38.19
N GLY WA 480 -79.67 99.29 38.33
CA GLY WA 480 -80.19 98.73 39.60
C GLY WA 480 -81.58 99.11 40.02
N VAL WA 481 -81.74 99.67 41.22
CA VAL WA 481 -83.08 99.99 41.86
C VAL WA 481 -83.35 99.07 43.08
N ASN WA 482 -82.33 98.56 43.77
CA ASN WA 482 -82.41 97.74 45.03
C ASN WA 482 -82.84 98.47 46.30
N ARG WA 483 -83.33 97.74 47.33
CA ARG WA 483 -83.74 98.30 48.66
C ARG WA 483 -82.61 98.97 49.48
N ALA WA 484 -82.90 100.11 50.11
CA ALA WA 484 -81.92 100.95 50.85
C ALA WA 484 -81.58 100.55 52.29
N SER WA 485 -80.36 100.90 52.76
CA SER WA 485 -79.94 100.73 54.18
C SER WA 485 -80.03 99.31 54.74
N VAL WA 486 -79.65 98.30 53.98
CA VAL WA 486 -79.80 96.88 54.40
C VAL WA 486 -78.51 96.33 55.03
N SER WA 487 -78.62 95.59 56.14
CA SER WA 487 -77.46 94.82 56.67
C SER WA 487 -77.68 93.39 56.17
N ALA WA 488 -76.78 92.88 55.35
CA ALA WA 488 -76.91 91.57 54.65
C ALA WA 488 -76.94 90.29 55.51
N PHE WA 489 -76.19 90.15 56.61
CA PHE WA 489 -75.92 88.86 57.29
C PHE WA 489 -77.13 88.05 57.84
N ALA WA 490 -78.14 88.65 58.44
CA ALA WA 490 -79.30 87.93 59.02
C ALA WA 490 -80.06 87.15 57.94
N THR WA 491 -80.20 87.68 56.73
CA THR WA 491 -80.98 87.06 55.64
C THR WA 491 -80.14 86.23 54.68
N THR WA 492 -78.85 86.03 54.93
CA THR WA 492 -77.96 85.20 54.08
C THR WA 492 -78.20 83.70 54.20
N ASN WA 493 -77.83 82.91 53.17
CA ASN WA 493 -77.93 81.43 53.18
C ASN WA 493 -76.95 80.80 54.18
N ARG WA 494 -77.36 79.77 54.89
CA ARG WA 494 -76.51 79.17 55.96
C ARG WA 494 -76.64 77.65 56.07
N MET WA 495 -75.61 76.98 56.58
CA MET WA 495 -75.66 75.53 56.90
C MET WA 495 -75.23 75.42 58.39
N GLU WA 496 -75.80 74.47 59.15
CA GLU WA 496 -75.53 74.33 60.61
C GLU WA 496 -74.57 73.16 60.87
N LEU WA 497 -73.43 73.38 61.55
CA LEU WA 497 -72.50 72.29 61.95
C LEU WA 497 -72.15 72.40 63.43
N GLU WA 498 -72.25 71.34 64.23
CA GLU WA 498 -71.79 71.29 65.66
C GLU WA 498 -72.41 72.39 66.54
N GLY WA 499 -73.66 72.76 66.35
CA GLY WA 499 -74.25 73.88 67.11
C GLY WA 499 -73.97 75.30 66.62
N ALA WA 500 -73.35 75.51 65.47
CA ALA WA 500 -73.15 76.91 64.97
C ALA WA 500 -73.69 77.11 63.54
N SER WA 501 -74.10 78.33 63.18
CA SER WA 501 -74.60 78.68 61.81
C SER WA 501 -73.46 79.26 60.98
N TYR WA 502 -73.24 78.72 59.81
CA TYR WA 502 -72.13 79.18 58.94
C TYR WA 502 -72.59 79.66 57.59
N GLN WA 503 -72.09 80.80 57.17
CA GLN WA 503 -72.31 81.22 55.77
C GLN WA 503 -71.46 80.26 54.92
N VAL WA 504 -71.95 79.89 53.75
CA VAL WA 504 -71.25 78.97 52.80
C VAL WA 504 -71.24 79.81 51.51
N PRO WA 505 -70.33 80.81 51.41
CA PRO WA 505 -70.36 81.80 50.35
C PRO WA 505 -70.25 81.35 48.93
N PRO WA 506 -69.49 80.33 48.46
CA PRO WA 506 -69.69 79.89 47.10
C PRO WA 506 -70.91 78.97 47.33
N GLN WA 507 -71.97 79.05 46.55
CA GLN WA 507 -73.03 78.02 46.80
C GLN WA 507 -72.60 76.67 46.15
N PRO WA 508 -73.25 75.51 46.39
CA PRO WA 508 -72.94 74.26 45.68
C PRO WA 508 -73.26 74.23 44.13
N ASN WA 509 -72.54 73.45 43.30
CA ASN WA 509 -72.69 73.43 41.80
C ASN WA 509 -74.06 73.07 41.19
N GLY WA 510 -74.34 73.49 39.93
CA GLY WA 510 -75.61 73.26 39.20
C GLY WA 510 -76.52 74.43 39.02
N MET WA 511 -76.08 75.63 39.38
CA MET WA 511 -76.91 76.84 39.19
C MET WA 511 -76.21 77.92 38.35
N THR WA 512 -76.97 78.90 37.85
CA THR WA 512 -76.39 80.11 37.20
C THR WA 512 -76.75 81.36 38.01
N ASN WA 513 -75.81 82.19 38.40
CA ASN WA 513 -75.98 83.52 39.08
C ASN WA 513 -76.65 84.64 38.23
N ASN WA 514 -76.36 84.75 36.93
CA ASN WA 514 -76.84 85.88 36.08
C ASN WA 514 -77.49 85.35 34.79
N LEU WA 515 -78.63 85.90 34.37
CA LEU WA 515 -79.31 85.51 33.08
C LEU WA 515 -78.62 85.86 31.72
N GLN WA 516 -78.01 87.02 31.47
CA GLN WA 516 -77.42 87.47 30.16
C GLN WA 516 -78.13 88.79 29.86
N GLY WA 517 -77.39 89.82 29.43
CA GLY WA 517 -78.09 91.11 29.49
C GLY WA 517 -78.28 91.24 30.98
N SER WA 518 -79.50 91.34 31.50
CA SER WA 518 -79.82 91.46 32.95
C SER WA 518 -78.75 91.96 33.93
N ASN WA 519 -79.17 92.82 34.84
CA ASN WA 519 -78.26 93.39 35.87
C ASN WA 519 -78.55 92.75 37.23
N THR WA 520 -79.36 91.68 37.27
CA THR WA 520 -79.60 90.93 38.52
C THR WA 520 -78.54 89.84 38.69
N TYR WA 521 -77.92 89.82 39.86
CA TYR WA 521 -76.86 88.83 40.18
C TYR WA 521 -77.17 88.25 41.52
N ALA WA 522 -77.00 86.95 41.63
CA ALA WA 522 -77.10 86.37 42.99
C ALA WA 522 -75.68 86.45 43.57
N LEU WA 523 -75.42 87.40 44.47
CA LEU WA 523 -74.05 87.74 45.01
C LEU WA 523 -73.36 86.61 45.78
N GLU WA 524 -74.09 85.81 46.55
CA GLU WA 524 -73.52 84.67 47.32
C GLU WA 524 -73.26 83.45 46.41
N ASN WA 525 -73.65 83.45 45.15
CA ASN WA 525 -73.31 82.39 44.16
C ASN WA 525 -72.18 82.86 43.21
N THR WA 526 -71.55 84.01 43.46
CA THR WA 526 -70.54 84.57 42.52
C THR WA 526 -69.16 84.70 43.13
N MET WA 527 -68.11 84.35 42.39
CA MET WA 527 -66.72 84.65 42.80
C MET WA 527 -66.46 86.16 42.64
N ILE WA 528 -66.04 86.84 43.70
CA ILE WA 528 -65.70 88.29 43.67
C ILE WA 528 -64.20 88.48 43.94
N PHE WA 529 -63.52 89.26 43.12
CA PHE WA 529 -62.04 89.46 43.17
C PHE WA 529 -61.73 90.94 43.14
N ASN WA 530 -60.52 91.31 43.57
CA ASN WA 530 -60.02 92.71 43.52
C ASN WA 530 -58.98 92.79 42.39
N SER WA 531 -59.00 93.85 41.57
CA SER WA 531 -57.98 94.09 40.51
C SER WA 531 -56.59 94.26 41.14
N GLN WA 532 -56.49 94.96 42.27
CA GLN WA 532 -55.22 95.25 42.96
C GLN WA 532 -55.11 94.46 44.26
N PRO WA 533 -53.89 94.03 44.69
CA PRO WA 533 -53.70 93.40 45.99
C PRO WA 533 -53.95 94.34 47.17
N ALA WA 534 -54.36 93.78 48.31
CA ALA WA 534 -54.76 94.60 49.48
C ALA WA 534 -53.86 94.37 50.69
N ASN WA 535 -53.76 95.38 51.54
CA ASN WA 535 -53.03 95.27 52.83
C ASN WA 535 -53.79 94.33 53.78
N PRO WA 536 -53.10 93.57 54.65
CA PRO WA 536 -53.77 92.72 55.61
C PRO WA 536 -54.64 93.39 56.67
N GLY WA 537 -55.81 92.81 56.95
CA GLY WA 537 -56.72 93.31 58.00
C GLY WA 537 -57.59 94.49 57.59
N THR WA 538 -57.61 94.85 56.33
CA THR WA 538 -58.39 96.03 55.89
C THR WA 538 -59.87 95.83 56.23
N THR WA 539 -60.54 96.86 56.73
CA THR WA 539 -62.00 96.83 57.00
C THR WA 539 -62.71 97.83 56.12
N ALA WA 540 -62.05 98.37 55.09
CA ALA WA 540 -62.61 99.39 54.17
C ALA WA 540 -63.81 98.92 53.33
N THR WA 541 -64.81 99.78 53.14
CA THR WA 541 -65.94 99.46 52.23
C THR WA 541 -65.49 99.54 50.78
N TYR WA 542 -65.97 98.64 49.94
CA TYR WA 542 -65.65 98.65 48.49
C TYR WA 542 -66.93 98.73 47.69
N LEU WA 543 -66.99 99.66 46.76
CA LEU WA 543 -68.11 99.77 45.79
C LEU WA 543 -67.89 98.83 44.59
N GLU WA 544 -68.88 98.66 43.73
CA GLU WA 544 -68.86 97.74 42.56
C GLU WA 544 -67.76 98.06 41.53
N GLY WA 545 -67.44 99.34 41.28
CA GLY WA 545 -66.42 99.73 40.31
C GLY WA 545 -65.05 99.21 40.65
N ASN WA 546 -64.65 99.19 41.92
CA ASN WA 546 -63.39 98.53 42.36
C ASN WA 546 -63.40 97.01 42.13
N MET WA 547 -64.53 96.33 42.30
CA MET WA 547 -64.57 94.84 42.27
C MET WA 547 -64.60 94.17 40.88
N LEU WA 548 -64.09 92.95 40.78
CA LEU WA 548 -64.20 92.17 39.52
C LEU WA 548 -65.27 91.11 39.78
N ILE WA 549 -66.43 91.17 39.10
CA ILE WA 549 -67.57 90.24 39.39
C ILE WA 549 -67.81 89.30 38.20
N THR WA 550 -67.77 88.01 38.43
CA THR WA 550 -67.97 86.95 37.42
C THR WA 550 -69.44 86.67 37.08
N SER WA 551 -69.70 86.15 35.88
CA SER WA 551 -71.06 85.77 35.42
C SER WA 551 -70.99 84.34 34.89
N GLU WA 552 -72.00 83.54 35.12
CA GLU WA 552 -72.09 82.12 34.68
C GLU WA 552 -73.16 81.99 33.59
N SER WA 553 -73.50 83.05 32.87
CA SER WA 553 -74.62 83.13 31.89
C SER WA 553 -74.51 82.12 30.74
N GLU WA 554 -73.32 81.65 30.37
CA GLU WA 554 -73.09 80.61 29.33
C GLU WA 554 -73.77 79.27 29.70
N THR WA 555 -73.85 78.90 30.97
CA THR WA 555 -74.42 77.63 31.47
C THR WA 555 -75.94 77.67 31.61
N GLN WA 556 -76.60 78.80 31.33
CA GLN WA 556 -78.07 79.02 31.52
C GLN WA 556 -78.92 78.02 30.68
N PRO WA 557 -78.58 77.60 29.44
CA PRO WA 557 -79.31 76.54 28.75
C PRO WA 557 -79.49 75.21 29.52
N VAL WA 558 -78.58 74.80 30.43
CA VAL WA 558 -78.73 73.63 31.36
C VAL WA 558 -78.74 73.94 32.87
N ASN WA 559 -78.56 75.17 33.35
CA ASN WA 559 -78.43 75.42 34.80
C ASN WA 559 -79.54 76.36 35.24
N ARG WA 560 -80.24 76.00 36.31
CA ARG WA 560 -81.33 76.85 36.84
C ARG WA 560 -80.82 78.17 37.47
N VAL WA 561 -81.60 79.23 37.36
CA VAL WA 561 -81.25 80.54 37.99
C VAL WA 561 -81.45 80.53 39.52
N ALA WA 562 -80.44 80.98 40.29
CA ALA WA 562 -80.41 81.01 41.78
C ALA WA 562 -81.47 81.93 42.41
N TYR WA 563 -81.69 83.11 41.85
CA TYR WA 563 -82.67 84.10 42.40
C TYR WA 563 -84.13 83.57 42.30
N ASN WA 564 -84.49 82.86 41.24
CA ASN WA 564 -85.88 82.36 40.99
C ASN WA 564 -86.26 81.05 41.73
N VAL WA 565 -87.56 80.76 41.91
CA VAL WA 565 -88.07 79.44 42.42
C VAL WA 565 -87.80 78.32 41.40
N GLY WA 566 -87.49 77.09 41.83
CA GLY WA 566 -87.24 75.90 40.98
C GLY WA 566 -88.37 75.31 40.14
N GLY WA 567 -89.60 75.23 40.64
CA GLY WA 567 -90.71 74.56 39.95
C GLY WA 567 -91.90 74.42 40.86
N GLN WA 568 -92.91 73.64 40.47
CA GLN WA 568 -94.14 73.40 41.27
C GLN WA 568 -94.47 71.88 41.38
N MET WA 569 -95.08 71.43 42.49
CA MET WA 569 -95.51 70.02 42.72
C MET WA 569 -96.92 69.99 43.32
N ALA WA 570 -97.66 68.87 43.23
CA ALA WA 570 -99.02 68.70 43.80
C ALA WA 570 -99.06 68.69 45.34
N THR WA 571 -100.04 69.39 45.92
CA THR WA 571 -100.17 69.53 47.39
C THR WA 571 -101.46 68.90 47.94
N ASN WA 572 -102.27 68.23 47.13
CA ASN WA 572 -103.62 67.79 47.57
C ASN WA 572 -104.12 66.62 46.73
N ASN WA 573 -105.26 66.06 47.10
CA ASN WA 573 -105.95 65.06 46.25
C ASN WA 573 -107.24 65.70 45.74
N GLN WA 574 -107.47 65.71 44.42
CA GLN WA 574 -108.70 66.26 43.79
C GLN WA 574 -109.91 65.34 44.08
N SER WA 575 -111.11 65.91 44.12
CA SER WA 575 -112.36 65.16 44.39
C SER WA 575 -113.50 65.98 43.76
N SER WA 576 -114.70 65.44 43.67
CA SER WA 576 -115.81 66.28 43.17
C SER WA 576 -115.98 67.49 44.07
N THR WA 577 -115.89 67.34 45.40
CA THR WA 577 -115.88 68.46 46.36
C THR WA 577 -114.65 69.36 46.24
N THR WA 578 -113.46 68.84 45.99
CA THR WA 578 -112.21 69.65 46.04
C THR WA 578 -111.49 69.84 44.73
N ALA WA 579 -111.18 71.09 44.37
CA ALA WA 579 -110.35 71.42 43.18
C ALA WA 579 -108.88 71.05 43.38
N PRO WA 580 -108.15 70.69 42.32
CA PRO WA 580 -106.70 70.42 42.43
C PRO WA 580 -105.82 71.65 42.78
N ALA WA 581 -104.73 71.46 43.53
CA ALA WA 581 -103.83 72.55 43.99
C ALA WA 581 -102.34 72.24 43.79
N THR WA 582 -101.52 73.26 43.58
CA THR WA 582 -100.05 73.09 43.43
C THR WA 582 -99.31 74.01 44.38
N GLY WA 583 -98.05 73.68 44.68
CA GLY WA 583 -97.20 74.59 45.48
C GLY WA 583 -95.80 74.74 44.90
N THR WA 584 -95.22 75.94 44.94
CA THR WA 584 -93.79 76.17 44.53
C THR WA 584 -92.77 75.65 45.53
N TYR WA 585 -91.59 75.26 45.09
CA TYR WA 585 -90.47 74.82 45.97
C TYR WA 585 -89.23 75.77 45.81
N ASN WA 586 -88.47 76.05 46.88
CA ASN WA 586 -87.27 76.94 46.87
C ASN WA 586 -85.95 76.14 46.81
N LEU WA 587 -86.01 74.83 46.99
CA LEU WA 587 -84.81 73.97 46.94
C LEU WA 587 -85.10 72.58 46.33
N GLN WA 588 -84.17 72.00 45.60
CA GLN WA 588 -84.28 70.60 45.11
C GLN WA 588 -82.87 70.03 45.01
N GLU WA 589 -82.71 68.73 45.10
CA GLU WA 589 -81.38 68.08 45.11
C GLU WA 589 -81.34 67.08 43.96
N ILE WA 590 -80.30 66.27 43.87
CA ILE WA 590 -80.09 65.34 42.72
C ILE WA 590 -81.21 64.31 42.53
N VAL WA 591 -81.58 64.08 41.29
CA VAL WA 591 -82.64 63.11 40.89
C VAL WA 591 -82.01 62.28 39.77
N PRO WA 592 -82.43 61.03 39.53
CA PRO WA 592 -81.89 60.27 38.39
C PRO WA 592 -82.22 60.91 37.03
N GLY WA 593 -81.29 60.89 36.07
CA GLY WA 593 -81.45 61.60 34.78
C GLY WA 593 -81.06 63.07 34.82
N SER WA 594 -80.48 63.55 35.91
CA SER WA 594 -79.99 64.93 36.12
C SER WA 594 -78.71 65.26 35.32
N VAL WA 595 -78.68 66.42 34.67
CA VAL WA 595 -77.49 66.91 33.89
C VAL WA 595 -77.19 68.36 34.32
N TRP WA 596 -75.92 68.74 34.42
CA TRP WA 596 -75.51 70.14 34.77
C TRP WA 596 -74.10 70.45 34.28
N MET WA 597 -73.73 71.71 34.29
CA MET WA 597 -72.34 72.18 33.99
C MET WA 597 -71.66 72.70 35.27
N GLU WA 598 -70.41 72.32 35.51
CA GLU WA 598 -69.59 72.82 36.65
C GLU WA 598 -69.15 74.28 36.44
N ARG WA 599 -68.80 74.97 37.51
CA ARG WA 599 -68.31 76.38 37.46
C ARG WA 599 -67.04 76.56 36.62
N ASP WA 600 -66.95 77.66 35.88
CA ASP WA 600 -65.79 78.02 35.03
C ASP WA 600 -64.53 78.43 35.80
N VAL WA 601 -63.37 78.10 35.28
CA VAL WA 601 -62.05 78.60 35.81
C VAL WA 601 -61.75 80.03 35.33
N TYR WA 602 -60.94 80.76 36.08
CA TYR WA 602 -60.54 82.15 35.74
C TYR WA 602 -59.02 82.23 35.82
N LEU WA 603 -58.40 83.16 35.09
CA LEU WA 603 -56.92 83.36 35.16
C LEU WA 603 -56.53 83.81 36.59
N GLN WA 604 -57.29 84.67 37.24
CA GLN WA 604 -57.15 85.11 38.65
C GLN WA 604 -57.44 83.96 39.66
N GLY WA 605 -58.24 82.96 39.31
CA GLY WA 605 -58.63 81.82 40.17
C GLY WA 605 -57.73 80.64 40.45
N PRO WA 606 -58.09 79.79 41.45
CA PRO WA 606 -57.41 78.51 41.73
C PRO WA 606 -57.49 77.25 40.85
N ILE WA 607 -56.40 76.53 40.59
CA ILE WA 607 -56.42 75.19 39.88
C ILE WA 607 -57.01 73.96 40.63
N TRP WA 608 -56.67 73.73 41.90
CA TRP WA 608 -57.03 72.46 42.57
C TRP WA 608 -57.49 72.59 44.02
N ALA WA 609 -58.15 71.57 44.55
CA ALA WA 609 -58.53 71.46 45.97
C ALA WA 609 -58.32 70.01 46.41
N LYS WA 610 -57.98 69.79 47.67
CA LYS WA 610 -57.86 68.41 48.23
C LYS WA 610 -59.22 67.86 48.67
N ILE WA 611 -59.55 66.65 48.24
CA ILE WA 611 -60.77 65.96 48.74
C ILE WA 611 -60.53 65.55 50.21
N PRO WA 612 -61.47 65.83 51.15
CA PRO WA 612 -61.32 65.44 52.55
C PRO WA 612 -61.45 63.94 52.82
N GLU WA 613 -60.66 63.40 53.75
CA GLU WA 613 -60.68 61.92 53.98
C GLU WA 613 -61.71 61.52 55.06
N THR WA 614 -62.90 61.06 54.66
CA THR WA 614 -63.98 60.67 55.57
C THR WA 614 -64.35 59.23 55.31
N GLY WA 615 -63.97 58.70 54.16
CA GLY WA 615 -64.39 57.38 53.67
C GLY WA 615 -65.67 57.41 52.85
N ALA WA 616 -66.41 58.54 52.77
CA ALA WA 616 -67.61 58.64 51.92
C ALA WA 616 -67.73 60.02 51.26
N HIS WA 617 -68.01 60.08 49.96
CA HIS WA 617 -68.22 61.38 49.25
C HIS WA 617 -69.09 61.17 48.01
N PHE WA 618 -69.69 62.23 47.50
CA PHE WA 618 -70.42 62.18 46.21
C PHE WA 618 -69.90 63.22 45.23
N HIS WA 619 -69.58 62.85 43.98
CA HIS WA 619 -69.22 63.79 42.87
C HIS WA 619 -68.23 64.87 43.32
N PRO WA 620 -66.92 64.60 43.26
CA PRO WA 620 -65.94 65.49 43.90
C PRO WA 620 -65.31 66.64 43.15
N SER WA 621 -66.15 67.61 42.83
CA SER WA 621 -65.71 68.82 42.11
C SER WA 621 -65.82 69.98 43.09
N PRO WA 622 -64.74 70.76 43.36
CA PRO WA 622 -64.83 71.85 44.33
C PRO WA 622 -65.70 73.05 43.94
N ALA WA 623 -66.38 73.68 44.90
CA ALA WA 623 -67.34 74.78 44.64
C ALA WA 623 -66.72 76.04 44.02
N MET WA 624 -65.52 76.46 44.45
CA MET WA 624 -64.78 77.63 43.91
C MET WA 624 -64.42 77.38 42.44
N GLY WA 625 -64.15 76.14 42.05
CA GLY WA 625 -63.79 75.77 40.67
C GLY WA 625 -62.55 74.90 40.64
N GLY WA 626 -62.18 74.36 39.49
CA GLY WA 626 -60.97 73.54 39.36
C GLY WA 626 -61.06 72.03 39.51
N PHE WA 627 -59.95 71.40 39.84
CA PHE WA 627 -59.82 69.92 39.89
C PHE WA 627 -59.72 69.41 41.33
N GLY WA 628 -60.55 68.43 41.67
CA GLY WA 628 -60.56 67.83 43.00
C GLY WA 628 -59.66 66.63 43.03
N LEU WA 629 -58.69 66.64 43.93
CA LEU WA 629 -57.67 65.55 43.93
C LEU WA 629 -57.57 64.80 45.25
N LYS WA 630 -57.60 63.47 45.20
CA LYS WA 630 -57.32 62.64 46.41
C LYS WA 630 -55.86 62.82 46.86
N HIS WA 631 -54.92 62.87 45.94
CA HIS WA 631 -53.48 63.06 46.27
C HIS WA 631 -52.98 64.32 45.56
N PRO WA 632 -53.13 65.49 46.19
CA PRO WA 632 -52.73 66.77 45.63
C PRO WA 632 -51.22 67.08 45.59
N PRO WA 633 -50.76 68.06 44.79
CA PRO WA 633 -49.34 68.37 44.83
C PRO WA 633 -49.00 68.76 46.29
N PRO WA 634 -47.90 68.21 46.87
CA PRO WA 634 -47.62 68.38 48.29
C PRO WA 634 -47.15 69.71 48.90
N MET WA 635 -47.44 69.93 50.18
CA MET WA 635 -46.97 71.13 50.92
C MET WA 635 -45.43 71.22 50.98
N MET WA 636 -44.89 72.40 50.66
CA MET WA 636 -43.44 72.65 50.65
C MET WA 636 -43.14 73.68 51.76
N LEU WA 637 -42.30 73.32 52.71
CA LEU WA 637 -42.06 74.14 53.92
C LEU WA 637 -40.59 74.55 54.05
N ILE WA 638 -40.35 75.81 54.36
CA ILE WA 638 -38.97 76.36 54.49
C ILE WA 638 -38.85 77.16 55.81
N LYS WA 639 -37.73 76.99 56.50
CA LYS WA 639 -37.46 77.81 57.71
C LYS WA 639 -36.00 78.29 57.78
N ASN WA 640 -35.75 79.36 58.50
CA ASN WA 640 -34.35 79.80 58.80
C ASN WA 640 -33.89 79.06 60.05
N THR WA 641 -32.71 78.44 60.02
CA THR WA 641 -32.15 77.75 61.22
C THR WA 641 -31.83 78.75 62.32
N PRO WA 642 -32.21 78.48 63.60
CA PRO WA 642 -31.82 79.32 64.72
C PRO WA 642 -30.30 79.45 64.89
N VAL WA 643 -29.84 80.69 64.96
CA VAL WA 643 -28.40 80.91 65.25
C VAL WA 643 -28.34 81.67 66.58
N PRO WA 644 -27.72 81.07 67.61
CA PRO WA 644 -27.62 81.71 68.93
C PRO WA 644 -26.75 82.96 69.21
N GLY WA 645 -27.18 83.83 70.11
CA GLY WA 645 -26.42 84.99 70.62
C GLY WA 645 -25.40 84.56 71.67
N ASN WA 646 -24.54 85.43 72.16
CA ASN WA 646 -23.44 84.97 73.06
C ASN WA 646 -23.96 84.41 74.39
N ILE WA 647 -23.56 83.18 74.73
CA ILE WA 647 -23.98 82.55 76.01
C ILE WA 647 -22.70 82.23 76.78
N THR WA 648 -22.58 82.67 78.03
CA THR WA 648 -21.32 82.50 78.80
C THR WA 648 -21.47 81.52 79.94
N SER WA 649 -22.69 81.11 80.28
CA SER WA 649 -22.94 80.22 81.44
C SER WA 649 -23.90 79.08 81.08
N PHE WA 650 -23.81 77.94 81.75
CA PHE WA 650 -24.74 76.79 81.57
C PHE WA 650 -26.12 76.96 82.23
N SER WA 651 -27.18 76.60 81.51
CA SER WA 651 -28.53 76.49 82.14
C SER WA 651 -29.26 75.29 81.54
N ASP WA 652 -30.06 74.59 82.33
CA ASP WA 652 -31.02 73.56 81.83
C ASP WA 652 -32.09 74.28 81.00
N VAL WA 653 -32.49 75.50 81.39
CA VAL WA 653 -33.54 76.28 80.68
C VAL WA 653 -33.08 76.60 79.24
N PRO WA 654 -33.95 76.39 78.21
CA PRO WA 654 -33.60 76.65 76.81
C PRO WA 654 -33.25 78.08 76.41
N VAL WA 655 -32.31 78.23 75.48
CA VAL WA 655 -31.89 79.58 75.02
C VAL WA 655 -33.02 80.34 74.32
N SER WA 656 -33.20 81.59 74.70
CA SER WA 656 -34.21 82.49 74.12
C SER WA 656 -33.54 83.67 73.38
N SER WA 657 -32.22 83.70 73.30
CA SER WA 657 -31.48 84.84 72.68
C SER WA 657 -30.80 84.37 71.38
N PHE WA 658 -31.15 85.00 70.26
CA PHE WA 658 -30.67 84.55 68.93
C PHE WA 658 -30.27 85.75 68.10
N ILE WA 659 -29.33 85.59 67.18
CA ILE WA 659 -29.03 86.69 66.21
C ILE WA 659 -30.21 86.88 65.21
N THR WA 660 -30.59 88.11 64.84
CA THR WA 660 -31.70 88.41 63.88
C THR WA 660 -31.28 88.20 62.43
N GLN WA 661 -32.05 87.41 61.67
CA GLN WA 661 -31.67 86.98 60.29
C GLN WA 661 -32.87 86.86 59.33
N TYR WA 662 -32.63 86.95 58.02
CA TYR WA 662 -33.68 86.76 56.97
C TYR WA 662 -33.03 86.05 55.79
N SER WA 663 -33.85 85.41 54.94
CA SER WA 663 -33.32 84.72 53.72
C SER WA 663 -33.99 85.19 52.42
N THR WA 664 -33.26 85.06 51.31
CA THR WA 664 -33.78 85.44 49.98
C THR WA 664 -33.29 84.43 48.93
N GLY WA 665 -34.02 84.25 47.82
CA GLY WA 665 -33.61 83.35 46.73
C GLY WA 665 -34.51 83.35 45.52
N GLN WA 666 -34.31 82.39 44.62
CA GLN WA 666 -35.14 82.20 43.39
C GLN WA 666 -35.86 80.83 43.37
N VAL WA 667 -37.10 80.80 42.89
CA VAL WA 667 -37.88 79.52 42.75
C VAL WA 667 -38.35 79.36 41.28
N THR WA 668 -38.22 78.16 40.72
CA THR WA 668 -38.73 77.84 39.38
C THR WA 668 -39.80 76.74 39.44
N VAL WA 669 -40.96 76.94 38.79
CA VAL WA 669 -42.02 75.88 38.65
C VAL WA 669 -42.27 75.54 37.17
N GLU WA 670 -42.24 74.27 36.81
CA GLU WA 670 -42.50 73.78 35.42
C GLU WA 670 -43.74 72.87 35.45
N MET WA 671 -44.71 73.17 34.59
CA MET WA 671 -45.98 72.38 34.53
C MET WA 671 -46.31 71.92 33.11
N GLU WA 672 -46.80 70.68 32.99
CA GLU WA 672 -47.25 70.13 31.69
C GLU WA 672 -48.78 70.02 31.66
N TRP WA 673 -49.39 70.42 30.54
CA TRP WA 673 -50.85 70.40 30.39
C TRP WA 673 -51.27 69.60 29.15
N GLU WA 674 -52.35 68.84 29.26
CA GLU WA 674 -52.93 68.10 28.10
C GLU WA 674 -54.14 68.88 27.55
N LEU WA 675 -54.21 69.02 26.24
CA LEU WA 675 -55.25 69.83 25.54
C LEU WA 675 -56.25 68.96 24.74
N LYS WA 676 -57.52 69.34 24.75
CA LYS WA 676 -58.52 68.66 23.88
C LYS WA 676 -58.89 69.62 22.73
N LYS WA 677 -58.67 69.20 21.49
CA LYS WA 677 -59.00 69.97 20.26
C LYS WA 677 -60.49 70.14 19.91
N GLU WA 678 -60.87 71.30 19.40
CA GLU WA 678 -62.23 71.54 18.86
C GLU WA 678 -62.44 70.75 17.54
N ASN WA 679 -63.62 70.17 17.32
CA ASN WA 679 -63.99 69.42 16.08
C ASN WA 679 -65.33 69.95 15.54
N SER WA 680 -65.58 71.26 15.56
CA SER WA 680 -66.87 71.88 15.17
C SER WA 680 -67.25 71.83 13.67
N LYS WA 681 -68.54 71.67 13.36
CA LYS WA 681 -69.06 71.75 11.98
C LYS WA 681 -69.91 73.04 11.80
N ARG WA 682 -69.92 73.98 12.74
CA ARG WA 682 -70.62 75.30 12.66
C ARG WA 682 -70.11 76.22 11.52
N TRP WA 683 -70.95 76.55 10.54
CA TRP WA 683 -70.62 77.40 9.37
C TRP WA 683 -70.31 78.88 9.68
N ASN WA 684 -71.11 79.49 10.53
CA ASN WA 684 -70.99 80.91 10.93
C ASN WA 684 -69.85 81.15 11.93
N PRO WA 685 -69.30 82.38 11.97
CA PRO WA 685 -68.29 82.74 12.97
C PRO WA 685 -68.67 82.78 14.46
N GLU WA 686 -67.79 82.29 15.31
CA GLU WA 686 -67.91 82.28 16.80
C GLU WA 686 -67.51 83.53 17.61
N ILE WA 687 -67.97 83.62 18.86
CA ILE WA 687 -67.51 84.64 19.84
C ILE WA 687 -66.07 84.34 20.32
N GLN WA 688 -65.23 85.37 20.49
CA GLN WA 688 -63.81 85.26 20.92
C GLN WA 688 -63.44 86.35 21.92
N TYR WA 689 -62.52 86.09 22.86
CA TYR WA 689 -61.98 87.15 23.74
C TYR WA 689 -61.04 88.06 22.89
N THR WA 690 -61.22 89.36 23.02
CA THR WA 690 -60.42 90.32 22.24
C THR WA 690 -59.99 91.47 23.12
N ASN WA 691 -58.91 92.14 22.73
CA ASN WA 691 -58.51 93.38 23.43
C ASN WA 691 -59.32 94.48 22.75
N ASN WA 692 -60.31 95.02 23.40
CA ASN WA 692 -61.26 95.99 22.79
C ASN WA 692 -61.59 97.06 23.81
N TYR WA 693 -61.20 98.29 23.53
CA TYR WA 693 -61.35 99.41 24.51
C TYR WA 693 -61.70 100.64 23.69
N ASN WA 694 -62.52 101.53 24.22
CA ASN WA 694 -62.81 102.81 23.49
C ASN WA 694 -62.00 103.97 24.09
N ASP WA 695 -61.19 104.68 23.30
CA ASP WA 695 -60.33 105.83 23.73
C ASP WA 695 -59.43 105.49 24.93
N PRO WA 696 -58.63 104.39 24.92
CA PRO WA 696 -57.87 104.02 26.12
C PRO WA 696 -56.78 104.99 26.63
N GLN WA 697 -56.74 105.19 27.96
CA GLN WA 697 -55.72 106.09 28.58
C GLN WA 697 -54.52 105.30 29.10
N PHE WA 698 -54.58 103.99 29.06
CA PHE WA 698 -53.50 103.10 29.57
C PHE WA 698 -53.63 101.82 28.83
N VAL WA 699 -52.60 101.01 28.85
CA VAL WA 699 -52.72 99.64 28.30
C VAL WA 699 -53.04 98.72 29.47
N ASP WA 700 -54.10 97.96 29.39
CA ASP WA 700 -54.47 96.89 30.38
C ASP WA 700 -53.46 95.74 30.33
N PHE WA 701 -53.21 95.04 31.45
CA PHE WA 701 -52.20 93.94 31.61
C PHE WA 701 -50.77 94.43 31.33
N ALA WA 702 -50.47 95.63 31.77
CA ALA WA 702 -49.15 96.27 31.59
C ALA WA 702 -48.83 97.12 32.82
N PRO WA 703 -47.54 97.44 33.09
CA PRO WA 703 -47.21 98.42 34.13
C PRO WA 703 -47.60 99.89 33.85
N ASP WA 704 -47.86 100.66 34.89
CA ASP WA 704 -48.16 102.12 34.73
C ASP WA 704 -46.92 103.01 34.91
N SER WA 705 -47.11 104.33 34.96
CA SER WA 705 -45.99 105.30 35.11
C SER WA 705 -45.25 105.08 36.43
N THR WA 706 -45.94 104.76 37.53
CA THR WA 706 -45.32 104.36 38.84
C THR WA 706 -44.71 102.96 38.83
N GLY WA 707 -45.00 102.10 37.85
CA GLY WA 707 -44.55 100.70 37.86
C GLY WA 707 -45.51 99.66 38.42
N GLU WA 708 -46.74 100.04 38.74
CA GLU WA 708 -47.77 99.09 39.26
C GLU WA 708 -48.57 98.40 38.13
N TYR WA 709 -48.69 97.07 38.17
CA TYR WA 709 -49.43 96.27 37.17
C TYR WA 709 -50.95 96.52 37.21
N ARG WA 710 -51.58 96.59 36.04
CA ARG WA 710 -53.02 96.85 35.96
C ARG WA 710 -53.73 95.65 35.35
N SER WA 711 -54.78 95.14 36.02
CA SER WA 711 -55.60 93.98 35.54
C SER WA 711 -57.10 94.30 35.71
N THR WA 712 -57.70 95.14 34.88
CA THR WA 712 -59.13 95.58 34.94
C THR WA 712 -60.17 94.50 34.76
N ARG WA 713 -59.97 93.47 33.93
CA ARG WA 713 -61.04 92.49 33.58
C ARG WA 713 -60.81 91.04 34.05
N PRO WA 714 -61.84 90.35 34.60
CA PRO WA 714 -61.75 88.90 34.87
C PRO WA 714 -61.87 88.02 33.60
N ILE WA 715 -61.06 86.97 33.42
CA ILE WA 715 -61.21 86.19 32.15
C ILE WA 715 -61.58 84.71 32.38
N GLY WA 716 -62.70 84.27 31.82
CA GLY WA 716 -63.19 82.89 31.83
C GLY WA 716 -62.70 82.09 30.67
N THR WA 717 -63.04 80.81 30.62
CA THR WA 717 -62.64 79.92 29.51
C THR WA 717 -63.69 79.63 28.43
N ARG WA 718 -64.97 80.01 28.55
CA ARG WA 718 -66.00 79.52 27.57
C ARG WA 718 -66.39 80.55 26.48
N TYR WA 719 -65.83 80.40 25.27
CA TYR WA 719 -66.12 81.29 24.11
C TYR WA 719 -66.61 80.44 22.95
N LEU WA 720 -66.12 79.20 22.87
CA LEU WA 720 -66.56 78.22 21.84
C LEU WA 720 -67.93 77.62 22.18
N THR WA 721 -68.62 77.14 21.18
CA THR WA 721 -69.99 76.61 21.32
C THR WA 721 -70.07 75.20 20.80
N ARG WA 722 -70.86 74.36 21.45
CA ARG WA 722 -71.09 72.99 20.95
C ARG WA 722 -72.58 72.63 21.02
N PRO WA 723 -73.11 71.79 20.10
CA PRO WA 723 -74.48 71.26 20.21
C PRO WA 723 -74.64 70.24 21.36
N LEU WA 724 -75.82 70.13 21.96
CA LEU WA 724 -76.05 69.21 23.11
C LEU WA 724 -75.94 67.74 22.68
N ASP XA 209 68.31 54.75 19.37
CA ASP XA 209 68.87 53.38 19.11
C ASP XA 209 70.34 53.30 19.55
N GLY XA 210 71.29 53.90 18.84
CA GLY XA 210 72.70 53.64 19.17
C GLY XA 210 73.73 54.69 18.86
N VAL XA 211 74.94 54.54 19.41
CA VAL XA 211 76.09 55.44 19.13
C VAL XA 211 76.50 55.40 17.64
N GLY XA 212 76.46 54.25 16.98
CA GLY XA 212 76.92 54.09 15.58
C GLY XA 212 75.84 54.24 14.55
N ASN XA 213 74.61 54.56 14.95
CA ASN XA 213 73.48 54.60 13.98
C ASN XA 213 72.95 56.01 13.82
N ALA XA 214 72.77 56.47 12.58
CA ALA XA 214 72.21 57.82 12.31
C ALA XA 214 70.69 57.92 12.53
N SER XA 215 70.23 58.92 13.27
CA SER XA 215 68.81 59.26 13.60
C SER XA 215 67.96 59.74 12.39
N GLY XA 216 68.53 60.48 11.45
CA GLY XA 216 67.83 61.01 10.26
C GLY XA 216 68.70 61.33 9.06
N ASP XA 217 68.08 61.73 7.95
CA ASP XA 217 68.76 62.06 6.66
C ASP XA 217 68.52 63.49 6.18
N TRP XA 218 69.40 64.02 5.34
CA TRP XA 218 69.30 65.39 4.78
C TRP XA 218 68.23 65.52 3.68
N HIS XA 219 67.28 66.42 3.87
CA HIS XA 219 66.28 66.71 2.81
C HIS XA 219 66.23 68.21 2.49
N CYS XA 220 66.66 68.65 1.31
CA CYS XA 220 66.49 70.07 0.90
C CYS XA 220 65.87 70.05 -0.50
N ASP XA 221 64.59 70.41 -0.64
CA ASP XA 221 63.91 70.28 -1.96
C ASP XA 221 62.64 71.11 -2.14
N SER XA 222 62.19 71.34 -3.37
CA SER XA 222 60.87 71.95 -3.67
C SER XA 222 60.11 71.03 -4.63
N THR XA 223 58.84 70.73 -4.38
CA THR XA 223 58.00 69.96 -5.32
C THR XA 223 56.78 70.78 -5.69
N TRP XA 224 56.52 70.95 -6.98
CA TRP XA 224 55.35 71.73 -7.48
C TRP XA 224 54.33 70.77 -8.07
N MET XA 225 53.11 70.79 -7.56
CA MET XA 225 52.02 69.88 -7.99
C MET XA 225 50.69 70.61 -8.23
N GLY XA 226 50.49 71.31 -9.35
CA GLY XA 226 49.26 72.10 -9.56
C GLY XA 226 49.09 73.23 -8.58
N ASP XA 227 48.00 73.25 -7.81
CA ASP XA 227 47.69 74.32 -6.81
C ASP XA 227 48.58 74.27 -5.55
N ARG XA 228 49.37 73.21 -5.34
CA ARG XA 228 50.19 73.05 -4.12
C ARG XA 228 51.71 73.03 -4.37
N VAL XA 229 52.49 73.70 -3.51
CA VAL XA 229 53.98 73.61 -3.55
C VAL XA 229 54.44 73.13 -2.15
N VAL XA 230 55.35 72.16 -2.07
CA VAL XA 230 55.95 71.67 -0.79
C VAL XA 230 57.42 72.09 -0.71
N THR XA 231 57.84 72.71 0.39
CA THR XA 231 59.25 73.12 0.59
C THR XA 231 59.90 72.32 1.72
N LYS XA 232 61.11 71.78 1.50
CA LYS XA 232 61.90 71.06 2.54
C LYS XA 232 63.22 71.79 2.76
N SER XA 233 63.61 72.05 4.01
CA SER XA 233 64.87 72.75 4.36
C SER XA 233 65.61 72.03 5.48
N THR XA 234 66.90 71.76 5.32
CA THR XA 234 67.75 71.14 6.36
C THR XA 234 68.94 72.04 6.71
N ARG XA 235 69.21 72.23 8.00
CA ARG XA 235 70.37 73.03 8.48
C ARG XA 235 71.14 72.36 9.64
N THR XA 236 72.39 72.76 9.86
CA THR XA 236 73.22 72.31 11.00
C THR XA 236 73.29 73.44 12.03
N TRP XA 237 73.02 73.15 13.30
CA TRP XA 237 72.98 74.15 14.41
C TRP XA 237 73.97 73.83 15.55
N VAL XA 238 74.36 74.86 16.29
CA VAL XA 238 75.21 74.74 17.51
C VAL XA 238 74.45 75.36 18.72
N LEU XA 239 74.48 74.68 19.88
CA LEU XA 239 73.88 75.26 21.12
C LEU XA 239 74.89 75.53 22.24
N PRO XA 240 75.05 76.80 22.66
CA PRO XA 240 75.85 77.13 23.84
C PRO XA 240 75.17 76.82 25.19
N SER XA 241 75.93 76.64 26.26
CA SER XA 241 75.29 76.55 27.60
C SER XA 241 75.13 77.98 28.17
N TYR XA 242 73.99 78.62 27.95
CA TYR XA 242 73.76 80.04 28.33
C TYR XA 242 73.50 80.29 29.81
N ASN XA 243 74.16 81.28 30.41
CA ASN XA 243 73.90 81.72 31.82
C ASN XA 243 74.56 80.79 32.82
N ASN XA 244 75.36 79.81 32.37
CA ASN XA 244 75.99 78.76 33.24
C ASN XA 244 74.91 78.03 34.05
N HIS XA 245 73.80 77.64 33.43
CA HIS XA 245 72.70 76.84 34.07
C HIS XA 245 71.84 77.66 35.06
N GLN XA 246 71.77 78.96 34.91
CA GLN XA 246 71.04 79.83 35.87
C GLN XA 246 70.04 80.79 35.20
N TYR XA 247 69.04 81.25 35.93
CA TYR XA 247 68.04 82.25 35.47
C TYR XA 247 68.44 83.56 36.06
N ARG XA 248 68.50 84.62 35.26
CA ARG XA 248 68.97 85.94 35.76
C ARG XA 248 67.93 87.06 35.58
N GLU XA 249 67.72 87.86 36.63
CA GLU XA 249 66.85 89.04 36.49
C GLU XA 249 67.58 90.13 35.67
N ILE XA 250 66.91 90.69 34.67
CA ILE XA 250 67.51 91.68 33.73
C ILE XA 250 66.66 92.97 33.77
N LYS XA 251 67.28 94.13 33.65
CA LYS XA 251 66.51 95.39 33.78
C LYS XA 251 67.24 96.55 33.09
N SER XA 252 66.49 97.57 32.70
CA SER XA 252 67.14 98.80 32.17
C SER XA 252 66.48 100.10 32.67
N GLY XA 253 67.24 101.14 32.90
CA GLY XA 253 66.74 102.53 33.11
C GLY XA 253 66.70 103.28 31.76
N SER XA 254 66.47 104.58 31.76
CA SER XA 254 66.46 105.42 30.53
C SER XA 254 67.83 105.44 29.81
N VAL XA 255 67.85 105.31 28.48
CA VAL XA 255 69.12 105.24 27.69
C VAL XA 255 68.94 106.05 26.40
N ASP XA 256 69.98 106.72 25.92
CA ASP XA 256 69.95 107.54 24.67
C ASP XA 256 68.91 108.66 24.82
N GLY XA 257 68.70 109.13 26.04
CA GLY XA 257 67.71 110.18 26.31
C GLY XA 257 66.27 109.70 26.43
N SER XA 258 65.97 108.40 26.41
CA SER XA 258 64.53 108.00 26.43
C SER XA 258 64.10 107.05 27.54
N ASN XA 259 63.03 107.36 28.27
CA ASN XA 259 62.39 106.45 29.30
C ASN XA 259 61.61 105.29 28.64
N ALA XA 260 61.27 105.36 27.35
CA ALA XA 260 60.60 104.29 26.56
C ALA XA 260 61.55 103.08 26.49
N ASN XA 261 62.85 103.33 26.59
CA ASN XA 261 63.94 102.32 26.69
C ASN XA 261 63.88 101.46 27.98
N ALA XA 262 63.44 101.97 29.13
CA ALA XA 262 63.36 101.24 30.43
C ALA XA 262 62.47 99.98 30.41
N TYR XA 263 62.92 98.89 31.05
CA TYR XA 263 62.20 97.59 31.11
C TYR XA 263 62.63 96.77 32.35
N PHE XA 264 61.82 95.80 32.76
CA PHE XA 264 62.13 94.81 33.82
C PHE XA 264 61.89 93.41 33.18
N GLY XA 265 62.79 92.46 33.36
CA GLY XA 265 62.70 91.14 32.70
C GLY XA 265 63.54 89.99 33.25
N TYR XA 266 63.40 88.82 32.64
CA TYR XA 266 64.22 87.62 32.99
C TYR XA 266 65.02 87.06 31.78
N SER XA 267 66.27 86.64 31.99
CA SER XA 267 67.08 85.91 30.95
C SER XA 267 67.10 84.42 31.37
N THR XA 268 67.10 83.52 30.41
CA THR XA 268 66.96 82.08 30.70
C THR XA 268 68.11 81.23 30.15
N PRO XA 269 68.35 80.03 30.71
CA PRO XA 269 69.34 79.06 30.21
C PRO XA 269 69.05 78.46 28.82
N TRP XA 270 67.81 78.41 28.37
CA TRP XA 270 67.32 77.85 27.09
C TRP XA 270 67.58 78.65 25.80
N GLY XA 271 67.53 77.93 24.67
CA GLY XA 271 67.64 78.50 23.32
C GLY XA 271 66.44 78.06 22.51
N TYR XA 272 66.14 78.76 21.43
CA TYR XA 272 64.93 78.46 20.63
C TYR XA 272 65.22 78.41 19.12
N PHE XA 273 64.37 77.73 18.35
CA PHE XA 273 64.46 77.65 16.87
C PHE XA 273 63.42 78.61 16.23
N ASP XA 274 63.84 79.50 15.32
CA ASP XA 274 62.99 80.48 14.59
C ASP XA 274 63.03 80.22 13.08
N PHE XA 275 61.87 80.02 12.45
CA PHE XA 275 61.79 79.86 10.97
C PHE XA 275 60.94 80.97 10.29
N ASN XA 276 60.63 82.11 10.95
CA ASN XA 276 59.72 83.12 10.33
C ASN XA 276 60.47 84.07 9.37
N ARG XA 277 61.12 83.55 8.33
CA ARG XA 277 61.73 84.33 7.23
C ARG XA 277 61.48 83.49 5.96
N PHE XA 278 61.14 84.11 4.83
CA PHE XA 278 60.89 83.40 3.52
C PHE XA 278 62.15 82.70 2.95
N HIS XA 279 63.35 83.28 3.05
CA HIS XA 279 64.66 82.77 2.54
C HIS XA 279 65.00 81.45 3.26
N SER XA 280 64.48 81.21 4.46
CA SER XA 280 64.62 79.93 5.22
C SER XA 280 63.98 78.77 4.45
N HIS XA 281 62.86 78.97 3.77
CA HIS XA 281 62.14 77.94 2.96
C HIS XA 281 62.28 78.07 1.44
N TRP XA 282 62.71 79.21 0.89
CA TRP XA 282 62.63 79.45 -0.57
C TRP XA 282 63.96 79.77 -1.21
N SER XA 283 64.30 79.05 -2.29
CA SER XA 283 65.48 79.40 -3.12
C SER XA 283 65.15 80.68 -3.92
N PRO XA 284 66.16 81.45 -4.34
CA PRO XA 284 65.90 82.62 -5.17
C PRO XA 284 65.25 82.28 -6.51
N ARG XA 285 65.63 81.20 -7.20
CA ARG XA 285 64.93 80.74 -8.43
C ARG XA 285 63.47 80.33 -8.19
N ASP XA 286 63.17 79.61 -7.12
CA ASP XA 286 61.78 79.18 -6.74
C ASP XA 286 60.88 80.39 -6.44
N TRP XA 287 61.42 81.40 -5.77
CA TRP XA 287 60.70 82.66 -5.48
C TRP XA 287 60.34 83.40 -6.78
N GLN XA 288 61.22 83.45 -7.77
CA GLN XA 288 60.99 84.04 -9.11
C GLN XA 288 59.87 83.31 -9.85
N ARG XA 289 59.83 81.98 -9.76
CA ARG XA 289 58.76 81.20 -10.40
C ARG XA 289 57.38 81.53 -9.80
N LEU XA 290 57.25 81.67 -8.49
CA LEU XA 290 55.98 82.12 -7.87
C LEU XA 290 55.51 83.56 -8.17
N ILE XA 291 56.39 84.55 -8.12
CA ILE XA 291 56.06 86.00 -8.33
C ILE XA 291 55.61 86.26 -9.77
N ASN XA 292 56.25 85.63 -10.73
CA ASN XA 292 55.94 85.69 -12.18
C ASN XA 292 54.58 85.07 -12.57
N ASN XA 293 54.13 83.97 -11.96
CA ASN XA 293 52.96 83.19 -12.45
C ASN XA 293 51.68 83.08 -11.60
N TYR XA 294 51.61 83.64 -10.40
CA TYR XA 294 50.45 83.40 -9.51
C TYR XA 294 49.84 84.67 -8.92
N TRP XA 295 48.52 84.76 -8.83
CA TRP XA 295 47.80 85.85 -8.13
C TRP XA 295 47.99 85.88 -6.59
N GLY XA 296 48.03 84.72 -5.94
CA GLY XA 296 48.14 84.65 -4.47
C GLY XA 296 48.72 83.39 -3.91
N PHE XA 297 49.14 83.43 -2.65
CA PHE XA 297 49.65 82.23 -1.93
C PHE XA 297 49.24 82.26 -0.45
N ARG XA 298 49.11 81.11 0.22
CA ARG XA 298 48.86 81.02 1.70
C ARG XA 298 49.54 79.77 2.34
N PRO XA 299 50.01 79.80 3.62
CA PRO XA 299 50.48 78.58 4.33
C PRO XA 299 49.41 77.56 4.80
N ARG XA 300 49.70 76.27 4.74
CA ARG XA 300 48.71 75.21 5.12
C ARG XA 300 49.22 74.30 6.25
N SER XA 301 50.42 73.74 6.11
CA SER XA 301 50.93 72.74 7.10
C SER XA 301 52.42 72.91 7.42
N LEU XA 302 52.82 72.54 8.64
CA LEU XA 302 54.24 72.56 9.06
C LEU XA 302 54.68 71.23 9.73
N ARG XA 303 55.85 70.67 9.38
CA ARG XA 303 56.45 69.49 10.07
C ARG XA 303 57.90 69.81 10.49
N VAL XA 304 58.28 69.52 11.75
CA VAL XA 304 59.66 69.75 12.26
C VAL XA 304 60.33 68.46 12.83
N LYS XA 305 61.58 68.18 12.45
CA LYS XA 305 62.38 67.05 13.02
C LYS XA 305 63.75 67.54 13.56
N ILE XA 306 64.15 67.12 14.77
CA ILE XA 306 65.50 67.41 15.36
C ILE XA 306 66.24 66.07 15.54
N PHE XA 307 67.47 65.92 15.04
CA PHE XA 307 68.18 64.61 14.94
C PHE XA 307 69.72 64.71 14.89
N ASN XA 308 70.45 63.58 14.98
CA ASN XA 308 71.95 63.46 14.91
C ASN XA 308 72.63 64.28 16.01
N ILE XA 309 72.09 64.22 17.21
CA ILE XA 309 72.59 64.98 18.37
C ILE XA 309 74.02 64.56 18.81
N GLN XA 310 74.88 65.54 19.11
CA GLN XA 310 76.26 65.29 19.58
C GLN XA 310 76.59 66.25 20.74
N VAL XA 311 76.92 65.70 21.90
CA VAL XA 311 77.25 66.51 23.11
C VAL XA 311 78.76 66.44 23.31
N LYS XA 312 79.40 67.60 23.51
CA LYS XA 312 80.86 67.72 23.65
C LYS XA 312 81.26 68.36 24.99
N GLU XA 313 82.32 67.88 25.61
CA GLU XA 313 82.84 68.47 26.87
C GLU XA 313 84.15 69.21 26.58
N VAL XA 314 84.28 70.41 27.11
CA VAL XA 314 85.48 71.25 26.86
C VAL XA 314 86.25 71.34 28.18
N THR XA 315 87.55 71.06 28.14
CA THR XA 315 88.38 71.08 29.36
C THR XA 315 89.61 71.93 29.12
N VAL XA 316 89.99 72.75 30.09
CA VAL XA 316 91.27 73.51 29.94
C VAL XA 316 92.28 73.12 31.02
N GLN XA 317 93.49 72.69 30.66
CA GLN XA 317 94.56 72.50 31.66
C GLN XA 317 95.76 73.33 31.17
N ASP XA 318 96.17 74.34 31.93
CA ASP XA 318 97.39 75.13 31.57
C ASP XA 318 97.24 75.68 30.14
N SER XA 319 96.04 76.11 29.72
CA SER XA 319 95.83 76.77 28.39
C SER XA 319 95.73 75.81 27.18
N THR XA 320 95.74 74.48 27.37
CA THR XA 320 95.55 73.51 26.25
C THR XA 320 94.19 73.56 25.56
N THR XA 321 93.06 73.72 26.26
CA THR XA 321 91.67 73.67 25.66
C THR XA 321 91.30 72.41 24.85
N THR XA 322 91.49 71.18 25.36
CA THR XA 322 90.99 69.94 24.69
C THR XA 322 89.46 69.82 24.61
N ILE XA 323 88.92 69.28 23.50
CA ILE XA 323 87.46 69.04 23.31
C ILE XA 323 87.18 67.54 23.09
N ALA XA 324 86.20 66.95 23.77
CA ALA XA 324 85.89 65.51 23.67
C ALA XA 324 84.39 65.20 23.65
N ASN XA 325 84.00 64.08 23.06
CA ASN XA 325 82.60 63.60 23.10
C ASN XA 325 82.15 63.08 24.46
N ASN XA 326 80.94 63.41 24.92
CA ASN XA 326 80.37 62.75 26.12
C ASN XA 326 79.14 61.97 25.64
N LEU XA 327 79.20 60.65 25.60
CA LEU XA 327 78.11 59.73 25.16
C LEU XA 327 76.86 59.72 26.04
N THR XA 328 77.04 59.81 27.35
CA THR XA 328 75.92 59.68 28.32
C THR XA 328 75.20 61.01 28.62
N SER XA 329 75.66 62.15 28.12
CA SER XA 329 75.00 63.49 28.30
C SER XA 329 73.67 63.65 27.51
N THR XA 330 72.76 64.50 28.00
CA THR XA 330 71.40 64.67 27.40
C THR XA 330 71.09 66.10 26.97
N VAL XA 331 70.17 66.22 26.04
CA VAL XA 331 69.60 67.54 25.60
C VAL XA 331 68.10 67.47 25.93
N GLN XA 332 67.47 68.59 26.32
CA GLN XA 332 66.02 68.68 26.66
C GLN XA 332 65.22 69.56 25.67
N VAL XA 333 64.11 69.04 25.14
CA VAL XA 333 63.30 69.72 24.08
C VAL XA 333 61.79 69.75 24.42
N PHE XA 334 61.11 70.88 24.20
CA PHE XA 334 59.63 71.00 24.37
C PHE XA 334 58.98 72.03 23.40
N THR XA 335 57.68 71.90 23.17
CA THR XA 335 56.89 72.89 22.38
C THR XA 335 55.83 73.52 23.27
N ASP XA 336 55.65 74.84 23.22
CA ASP XA 336 54.61 75.58 24.01
C ASP XA 336 53.27 75.61 23.28
N ASP XA 337 52.54 74.51 23.30
CA ASP XA 337 51.24 74.32 22.57
C ASP XA 337 50.06 75.22 23.00
N ASP XA 338 49.89 75.50 24.29
CA ASP XA 338 48.75 76.29 24.84
C ASP XA 338 49.06 77.79 24.96
N TYR XA 339 50.22 78.26 24.52
CA TYR XA 339 50.61 79.71 24.48
C TYR XA 339 50.70 80.33 25.88
N GLN XA 340 51.07 79.54 26.87
CA GLN XA 340 51.30 80.00 28.25
C GLN XA 340 52.50 80.95 28.36
N LEU XA 341 53.57 80.70 27.64
CA LEU XA 341 54.77 81.57 27.62
C LEU XA 341 54.63 82.84 26.79
N PRO XA 342 55.39 83.89 27.11
CA PRO XA 342 55.43 85.04 26.22
C PRO XA 342 56.02 84.67 24.83
N TYR XA 343 55.40 85.11 23.73
CA TYR XA 343 55.82 84.72 22.35
C TYR XA 343 56.68 85.82 21.73
N VAL XA 344 57.95 85.53 21.54
CA VAL XA 344 58.91 86.54 21.04
C VAL XA 344 59.26 86.33 19.56
N VAL XA 345 58.70 85.29 18.91
CA VAL XA 345 59.03 84.90 17.50
C VAL XA 345 58.66 85.95 16.41
N GLY XA 346 57.58 86.70 16.48
CA GLY XA 346 57.08 87.57 15.37
C GLY XA 346 57.48 89.03 15.39
N ASN XA 347 58.58 89.41 16.02
CA ASN XA 347 59.01 90.82 16.26
C ASN XA 347 60.22 91.29 15.42
N GLY XA 348 60.55 90.68 14.27
CA GLY XA 348 61.68 91.04 13.37
C GLY XA 348 63.08 90.92 13.94
N THR XA 349 63.32 89.90 14.74
CA THR XA 349 64.61 89.68 15.40
C THR XA 349 65.47 88.65 14.69
N GLU XA 350 66.78 88.75 14.84
CA GLU XA 350 67.80 87.82 14.27
C GLU XA 350 67.88 86.44 14.94
N GLY XA 351 68.53 85.47 14.32
CA GLY XA 351 68.58 84.06 14.81
C GLY XA 351 67.75 83.03 14.08
N CYS XA 352 67.09 83.36 12.97
CA CYS XA 352 66.34 82.40 12.11
C CYS XA 352 67.30 81.51 11.30
N LEU XA 353 66.79 80.41 10.76
CA LEU XA 353 67.61 79.50 9.90
C LEU XA 353 68.15 80.30 8.70
N PRO XA 354 69.41 80.05 8.32
CA PRO XA 354 70.01 80.79 7.21
C PRO XA 354 69.47 80.64 5.78
N ALA XA 355 69.60 81.68 4.95
CA ALA XA 355 69.18 81.67 3.52
C ALA XA 355 69.96 80.62 2.71
N PHE XA 356 71.26 80.43 2.96
CA PHE XA 356 72.11 79.50 2.18
C PHE XA 356 72.23 78.18 2.95
N PRO XA 357 71.85 77.01 2.36
CA PRO XA 357 71.87 75.71 3.03
C PRO XA 357 73.15 75.20 3.72
N PRO XA 358 74.37 75.38 3.17
CA PRO XA 358 75.64 75.04 3.81
C PRO XA 358 76.03 75.81 5.09
N GLN XA 359 75.51 77.01 5.30
CA GLN XA 359 75.85 77.86 6.48
C GLN XA 359 75.43 77.22 7.81
N VAL XA 360 76.29 77.35 8.82
CA VAL XA 360 76.06 76.72 10.16
C VAL XA 360 75.73 77.84 11.15
N PHE XA 361 74.71 77.65 11.97
CA PHE XA 361 74.22 78.78 12.83
C PHE XA 361 74.11 78.51 14.35
N THR XA 362 74.35 79.56 15.14
CA THR XA 362 74.12 79.54 16.60
C THR XA 362 72.67 79.86 16.93
N LEU XA 363 72.03 79.09 17.81
CA LEU XA 363 70.65 79.38 18.31
C LEU XA 363 70.60 80.58 19.24
N PRO XA 364 69.56 81.45 19.10
CA PRO XA 364 69.35 82.55 20.04
C PRO XA 364 68.94 82.17 21.48
N GLN XA 365 69.40 82.93 22.48
CA GLN XA 365 68.95 82.74 23.88
C GLN XA 365 67.55 83.34 24.16
N TYR XA 366 66.66 82.59 24.81
CA TYR XA 366 65.31 83.07 25.24
C TYR XA 366 65.32 84.05 26.42
N GLY XA 367 64.48 85.08 26.35
CA GLY XA 367 64.33 86.12 27.36
C GLY XA 367 63.02 86.81 27.13
N TYR XA 368 62.56 87.62 28.08
CA TYR XA 368 61.27 88.37 27.96
C TYR XA 368 61.26 89.61 28.81
N ALA XA 369 60.39 90.55 28.49
CA ALA XA 369 60.13 91.72 29.35
C ALA XA 369 58.72 91.59 29.96
N THR XA 370 58.59 91.81 31.26
CA THR XA 370 57.27 91.88 31.96
C THR XA 370 56.97 93.35 32.22
N LEU XA 371 56.13 93.65 33.21
CA LEU XA 371 55.80 95.03 33.63
C LEU XA 371 56.93 95.77 34.37
N ASN XA 372 57.00 97.08 34.19
CA ASN XA 372 58.01 97.95 34.84
C ASN XA 372 57.23 99.10 35.50
N ARG XA 373 57.74 99.68 36.58
CA ARG XA 373 56.97 100.70 37.34
C ARG XA 373 57.38 102.14 37.03
N ASP XA 374 56.45 102.98 36.60
CA ASP XA 374 56.65 104.44 36.34
C ASP XA 374 57.78 104.78 35.36
N ASN XA 375 57.93 104.03 34.27
CA ASN XA 375 59.02 104.25 33.26
C ASN XA 375 60.40 104.18 33.93
N THR XA 376 60.62 103.21 34.83
CA THR XA 376 61.88 102.98 35.57
C THR XA 376 62.25 101.48 35.51
N GLU XA 377 63.44 101.06 35.96
CA GLU XA 377 63.92 99.64 35.95
C GLU XA 377 63.23 98.71 36.98
N ASN XA 378 62.53 99.26 37.96
CA ASN XA 378 61.80 98.50 39.02
C ASN XA 378 60.54 97.77 38.56
N PRO XA 379 60.24 96.60 39.16
CA PRO XA 379 59.00 95.85 38.96
C PRO XA 379 57.70 96.31 39.70
N THR XA 380 56.57 95.71 39.36
CA THR XA 380 55.23 95.95 39.94
C THR XA 380 54.72 94.65 40.54
N GLU XA 381 53.68 94.69 41.37
CA GLU XA 381 53.00 93.50 41.95
C GLU XA 381 52.40 92.61 40.84
N ARG XA 382 51.88 93.17 39.77
CA ARG XA 382 51.37 92.46 38.57
C ARG XA 382 52.49 91.77 37.78
N SER XA 383 53.76 92.18 37.91
CA SER XA 383 54.91 91.63 37.15
C SER XA 383 55.08 90.12 37.42
N SER XA 384 55.35 89.33 36.39
CA SER XA 384 55.33 87.84 36.41
C SER XA 384 56.67 87.14 36.10
N PHE XA 385 56.92 86.04 36.80
CA PHE XA 385 58.10 85.18 36.55
C PHE XA 385 57.61 83.84 35.98
N PHE XA 386 58.27 83.39 34.93
CA PHE XA 386 57.94 82.07 34.32
C PHE XA 386 59.14 81.14 34.36
N CYS XA 387 58.96 79.91 34.85
CA CYS XA 387 59.99 78.84 34.85
C CYS XA 387 59.73 77.83 33.70
N LEU XA 388 60.70 77.61 32.80
CA LEU XA 388 60.64 76.62 31.67
C LEU XA 388 60.66 75.16 32.18
N GLU XA 389 61.39 74.89 33.26
CA GLU XA 389 61.54 73.54 33.87
C GLU XA 389 60.23 73.07 34.49
N TYR XA 390 59.30 73.98 34.77
CA TYR XA 390 57.92 73.64 35.26
C TYR XA 390 57.15 72.86 34.18
N PHE XA 391 57.29 73.16 32.90
CA PHE XA 391 56.69 72.38 31.78
C PHE XA 391 57.34 71.01 31.61
N PRO XA 392 56.62 69.96 31.15
CA PRO XA 392 57.27 68.71 30.74
C PRO XA 392 58.14 68.74 29.43
N SER XA 393 59.31 68.07 29.39
CA SER XA 393 60.21 68.05 28.20
C SER XA 393 60.76 66.64 27.85
N LYS XA 394 60.98 66.36 26.58
CA LYS XA 394 61.67 65.12 26.14
C LYS XA 394 63.18 65.18 26.44
N MET XA 395 63.80 64.07 26.86
CA MET XA 395 65.26 64.02 27.13
C MET XA 395 65.94 63.14 26.05
N LEU XA 396 66.98 63.68 25.41
CA LEU XA 396 67.63 62.94 24.30
C LEU XA 396 69.13 62.70 24.47
N ARG XA 397 69.56 61.46 24.30
CA ARG XA 397 70.99 61.08 24.16
C ARG XA 397 71.36 61.09 22.64
N THR XA 398 72.59 60.75 22.26
CA THR XA 398 73.12 60.72 20.85
C THR XA 398 72.31 59.85 19.90
N GLY XA 399 71.77 58.70 20.30
CA GLY XA 399 70.82 57.86 19.55
C GLY XA 399 69.46 58.44 19.26
N ASN XA 400 68.89 59.25 20.15
CA ASN XA 400 67.50 59.80 20.13
C ASN XA 400 67.15 60.93 19.14
N ASN XA 401 65.88 61.08 18.79
CA ASN XA 401 65.36 62.10 17.84
C ASN XA 401 64.03 62.71 18.34
N PHE XA 402 63.64 63.90 17.89
CA PHE XA 402 62.35 64.56 18.22
C PHE XA 402 61.56 64.97 16.96
N GLU XA 403 60.24 64.78 16.95
CA GLU XA 403 59.38 65.24 15.82
C GLU XA 403 58.12 66.02 16.27
N PHE XA 404 57.67 67.03 15.50
CA PHE XA 404 56.40 67.79 15.75
C PHE XA 404 55.61 68.04 14.43
N THR XA 405 54.28 68.15 14.48
CA THR XA 405 53.40 68.48 13.31
C THR XA 405 52.43 69.60 13.67
N TYR XA 406 52.17 70.54 12.76
CA TYR XA 406 51.20 71.67 12.97
C TYR XA 406 50.30 71.92 11.74
N ASN XA 407 49.05 72.37 11.96
CA ASN XA 407 48.14 72.81 10.86
C ASN XA 407 47.80 74.28 11.04
N PHE XA 408 47.90 75.06 9.98
CA PHE XA 408 47.57 76.52 10.03
C PHE XA 408 46.05 76.69 10.01
N GLU XA 409 45.53 77.72 10.66
CA GLU XA 409 44.09 78.09 10.60
C GLU XA 409 43.75 78.69 9.21
N GLU XA 410 42.48 78.70 8.83
CA GLU XA 410 42.11 79.38 7.56
C GLU XA 410 42.47 80.86 7.62
N VAL XA 411 43.11 81.35 6.58
CA VAL XA 411 43.60 82.75 6.52
C VAL XA 411 43.37 83.22 5.08
N PRO XA 412 43.19 84.52 4.82
CA PRO XA 412 43.12 85.01 3.43
C PRO XA 412 44.44 84.90 2.64
N PHE XA 413 44.39 84.64 1.33
CA PHE XA 413 45.60 84.61 0.46
C PHE XA 413 46.26 85.97 0.37
N HIS XA 414 47.59 86.07 0.37
CA HIS XA 414 48.30 87.35 0.09
C HIS XA 414 48.04 87.73 -1.37
N SER XA 415 47.92 89.03 -1.66
CA SER XA 415 47.69 89.50 -3.05
C SER XA 415 48.99 89.81 -3.80
N SER XA 416 49.45 88.91 -4.68
CA SER XA 416 50.65 89.11 -5.52
C SER XA 416 50.27 89.72 -6.88
N PHE XA 417 49.77 90.94 -6.90
CA PHE XA 417 49.37 91.63 -8.15
C PHE XA 417 49.39 93.13 -7.92
N ALA XA 418 49.49 93.87 -9.00
CA ALA XA 418 49.43 95.35 -8.95
C ALA XA 418 48.17 95.77 -9.72
N PRO XA 419 47.39 96.75 -9.21
CA PRO XA 419 46.26 97.29 -9.97
C PRO XA 419 46.57 97.99 -11.30
N SER XA 420 45.77 97.69 -12.32
CA SER XA 420 45.91 98.31 -13.66
C SER XA 420 45.00 99.55 -13.85
N GLN XA 421 44.19 99.92 -12.84
CA GLN XA 421 43.34 101.13 -12.89
C GLN XA 421 43.43 102.00 -11.63
N ASN XA 422 43.31 103.32 -11.77
CA ASN XA 422 43.17 104.29 -10.65
C ASN XA 422 41.77 104.17 -10.02
N LEU XA 423 41.65 104.31 -8.69
CA LEU XA 423 40.39 104.22 -7.91
C LEU XA 423 39.40 105.32 -8.33
N PHE XA 424 39.89 106.51 -8.63
CA PHE XA 424 39.06 107.67 -9.06
C PHE XA 424 38.77 107.77 -10.60
N LYS XA 425 39.27 106.88 -11.47
CA LYS XA 425 39.11 106.94 -12.96
C LYS XA 425 38.24 105.76 -13.51
N LEU XA 426 37.24 105.25 -12.79
CA LEU XA 426 36.44 104.04 -13.17
C LEU XA 426 35.20 104.28 -14.07
N ALA XA 427 34.76 105.53 -14.24
CA ALA XA 427 33.67 105.85 -15.16
C ALA XA 427 34.14 105.64 -16.61
N ASN XA 428 33.25 105.27 -17.53
CA ASN XA 428 33.61 105.15 -18.95
C ASN XA 428 34.07 106.53 -19.44
N PRO XA 429 35.21 106.60 -20.17
CA PRO XA 429 35.71 107.85 -20.72
C PRO XA 429 34.79 108.51 -21.79
N LEU XA 430 34.12 107.77 -22.66
CA LEU XA 430 33.13 108.18 -23.70
C LEU XA 430 31.80 108.76 -23.21
N VAL XA 431 31.25 108.29 -22.11
CA VAL XA 431 29.86 108.68 -21.67
C VAL XA 431 29.77 109.66 -20.46
N ASP XA 432 28.94 110.70 -20.58
CA ASP XA 432 28.61 111.66 -19.47
C ASP XA 432 27.73 111.08 -18.36
N GLN XA 433 27.89 111.54 -17.14
CA GLN XA 433 27.02 111.18 -15.99
C GLN XA 433 25.62 111.85 -16.02
N TYR XA 434 24.58 111.21 -15.49
CA TYR XA 434 23.24 111.88 -15.32
C TYR XA 434 23.19 112.71 -14.00
N LEU XA 435 24.31 113.21 -13.52
CA LEU XA 435 24.42 113.87 -12.19
C LEU XA 435 25.01 115.27 -12.35
N TYR XA 436 24.65 116.18 -11.44
CA TYR XA 436 25.04 117.60 -11.56
C TYR XA 436 25.73 118.10 -10.30
N ARG XA 437 26.55 119.13 -10.45
CA ARG XA 437 27.33 119.70 -9.33
C ARG XA 437 27.13 121.21 -9.22
N PHE XA 438 27.29 121.77 -8.02
CA PHE XA 438 27.22 123.23 -7.81
C PHE XA 438 28.54 123.84 -8.20
N VAL XA 439 28.47 124.85 -9.05
CA VAL XA 439 29.71 125.53 -9.49
C VAL XA 439 29.74 127.03 -9.16
N SER XA 440 28.60 127.64 -8.87
CA SER XA 440 28.58 129.12 -8.83
C SER XA 440 27.42 129.81 -8.10
N THR XA 441 27.61 131.08 -7.80
CA THR XA 441 26.54 131.94 -7.26
C THR XA 441 26.52 133.17 -8.19
N ASN XA 442 25.37 133.75 -8.50
CA ASN XA 442 25.24 134.99 -9.35
C ASN XA 442 25.42 136.29 -8.54
N ASN XA 443 25.22 137.47 -9.15
CA ASN XA 443 25.43 138.80 -8.49
C ASN XA 443 24.50 138.90 -7.28
N THR XA 444 23.26 138.43 -7.36
CA THR XA 444 22.41 138.23 -6.17
C THR XA 444 22.85 136.84 -5.83
N GLY XA 445 23.07 136.45 -4.59
CA GLY XA 445 23.74 135.15 -4.40
C GLY XA 445 22.91 133.91 -4.66
N GLY XA 446 22.50 133.68 -5.92
CA GLY XA 446 21.63 132.54 -6.30
C GLY XA 446 22.43 131.39 -6.87
N VAL XA 447 22.18 130.18 -6.41
CA VAL XA 447 22.97 128.97 -6.79
C VAL XA 447 22.85 128.55 -8.26
N GLN XA 448 23.95 128.06 -8.83
CA GLN XA 448 24.01 127.67 -10.26
C GLN XA 448 24.64 126.27 -10.39
N PHE XA 449 24.24 125.52 -11.41
CA PHE XA 449 24.68 124.09 -11.56
C PHE XA 449 25.16 123.75 -12.97
N ASN XA 450 26.04 122.76 -13.08
CA ASN XA 450 26.55 122.26 -14.41
C ASN XA 450 26.53 120.75 -14.40
N LYS XA 451 26.29 120.11 -15.54
CA LYS XA 451 26.35 118.63 -15.71
C LYS XA 451 27.80 118.10 -15.71
N ASN XA 452 27.96 116.84 -15.31
CA ASN XA 452 29.31 116.21 -15.28
C ASN XA 452 29.62 115.55 -16.62
N LEU XA 453 30.65 116.03 -17.33
CA LEU XA 453 31.07 115.56 -18.68
C LEU XA 453 31.95 114.29 -18.70
N ALA XA 454 32.00 113.61 -19.83
CA ALA XA 454 32.82 112.39 -20.00
C ALA XA 454 34.33 112.64 -19.85
N GLY XA 455 35.01 111.81 -19.05
CA GLY XA 455 36.47 111.88 -18.81
C GLY XA 455 36.92 112.93 -17.82
N ARG XA 456 36.01 113.70 -17.22
CA ARG XA 456 36.34 114.79 -16.25
C ARG XA 456 36.42 114.19 -14.83
N TYR XA 457 37.47 113.44 -14.50
CA TYR XA 457 37.68 112.67 -13.23
C TYR XA 457 37.79 113.59 -12.03
N ALA XA 458 38.26 114.80 -12.24
CA ALA XA 458 38.33 115.83 -11.18
C ALA XA 458 36.92 116.13 -10.64
N ASN XA 459 35.86 116.13 -11.45
CA ASN XA 459 34.48 116.54 -11.05
C ASN XA 459 33.40 115.44 -11.08
N THR XA 460 33.66 114.19 -10.80
CA THR XA 460 32.75 113.05 -11.04
C THR XA 460 32.29 112.52 -9.69
N TYR XA 461 31.07 112.05 -9.58
CA TYR XA 461 30.55 111.42 -8.34
C TYR XA 461 31.30 110.10 -8.13
N LYS XA 462 31.65 109.79 -6.90
CA LYS XA 462 32.47 108.59 -6.60
C LYS XA 462 31.82 107.64 -5.59
N ASN XA 463 31.74 106.36 -5.87
CA ASN XA 463 31.31 105.29 -4.89
C ASN XA 463 32.28 104.98 -3.74
N TRP XA 464 33.58 104.98 -3.97
CA TRP XA 464 34.57 104.41 -3.03
C TRP XA 464 35.70 105.35 -2.70
N PHE XA 465 36.30 105.14 -1.55
CA PHE XA 465 37.30 106.09 -1.02
C PHE XA 465 38.58 105.38 -0.70
N PRO XA 466 39.72 106.09 -0.76
CA PRO XA 466 41.01 105.54 -0.37
C PRO XA 466 41.21 105.27 1.12
N GLY XA 467 42.16 104.40 1.46
CA GLY XA 467 42.46 103.98 2.85
C GLY XA 467 43.12 104.99 3.75
N PRO XA 468 43.19 104.72 5.08
CA PRO XA 468 43.70 105.68 6.07
C PRO XA 468 45.16 106.16 5.98
N MET XA 469 45.41 107.42 6.32
CA MET XA 469 46.76 108.01 6.16
C MET XA 469 47.24 108.83 7.37
N GLY XA 470 48.53 108.86 7.70
CA GLY XA 470 49.13 109.82 8.65
C GLY XA 470 50.38 110.43 8.03
N ARG XA 471 50.57 111.74 8.00
CA ARG XA 471 51.74 112.32 7.27
C ARG XA 471 53.13 111.97 7.89
N THR XA 472 54.11 111.57 7.07
CA THR XA 472 55.48 111.18 7.47
C THR XA 472 56.47 111.90 6.59
N GLN XA 473 57.61 112.36 7.11
CA GLN XA 473 58.59 113.18 6.36
C GLN XA 473 59.20 112.44 5.15
N GLY XA 474 59.41 113.16 4.04
CA GLY XA 474 60.01 112.59 2.82
C GLY XA 474 61.45 113.04 2.63
N TRP XA 475 62.33 112.08 2.34
CA TRP XA 475 63.77 112.35 2.11
C TRP XA 475 64.21 111.89 0.72
N ASN XA 476 64.95 112.73 0.01
CA ASN XA 476 65.48 112.39 -1.36
C ASN XA 476 66.66 111.42 -1.27
N LEU XA 477 66.80 110.54 -2.26
CA LEU XA 477 67.86 109.50 -2.33
C LEU XA 477 68.59 109.73 -3.66
N GLY XA 478 69.81 109.21 -3.84
CA GLY XA 478 70.58 109.46 -5.07
C GLY XA 478 70.95 110.92 -5.24
N SER XA 479 70.53 111.56 -6.33
CA SER XA 479 70.83 112.98 -6.58
C SER XA 479 70.23 113.83 -5.45
N GLY XA 480 69.01 113.53 -4.97
CA GLY XA 480 68.56 114.16 -3.71
C GLY XA 480 68.48 115.66 -3.66
N VAL XA 481 69.17 116.30 -2.70
CA VAL XA 481 69.10 117.77 -2.43
C VAL XA 481 68.41 118.06 -1.06
N ASN XA 482 68.45 117.15 -0.10
CA ASN XA 482 67.91 117.29 1.30
C ASN XA 482 68.68 118.24 2.24
N ARG XA 483 68.05 118.72 3.33
CA ARG XA 483 68.66 119.63 4.36
C ARG XA 483 69.84 119.01 5.15
N ALA XA 484 70.91 119.79 5.38
CA ALA XA 484 72.17 119.34 6.02
C ALA XA 484 72.22 119.28 7.55
N SER XA 485 73.06 118.40 8.12
CA SER XA 485 73.35 118.32 9.58
C SER XA 485 72.13 118.12 10.48
N VAL XA 486 71.20 117.26 10.10
CA VAL XA 486 69.93 117.06 10.87
C VAL XA 486 70.03 115.88 11.85
N SER XA 487 69.53 116.04 13.08
CA SER XA 487 69.36 114.89 13.99
C SER XA 487 67.88 114.50 13.86
N ALA XA 488 67.57 113.31 13.39
CA ALA XA 488 66.20 112.85 13.07
C ALA XA 488 65.19 112.70 14.23
N PHE XA 489 65.55 112.26 15.43
CA PHE XA 489 64.60 111.78 16.49
C PHE XA 489 63.54 112.79 17.02
N ALA XA 490 63.85 114.06 17.23
CA ALA XA 490 62.88 115.04 17.78
C ALA XA 490 61.67 115.22 16.84
N THR XA 491 61.88 115.19 15.53
CA THR XA 491 60.81 115.43 14.53
C THR XA 491 60.17 114.16 14.00
N THR XA 492 60.50 112.99 14.51
CA THR XA 492 59.90 111.68 14.09
C THR XA 492 58.48 111.47 14.57
N ASN XA 493 57.69 110.64 13.88
CA ASN XA 493 56.30 110.26 14.29
C ASN XA 493 56.29 109.43 15.57
N ARG XA 494 55.32 109.67 16.45
CA ARG XA 494 55.31 108.98 17.77
C ARG XA 494 53.91 108.66 18.27
N MET XA 495 53.76 107.65 19.13
CA MET XA 495 52.50 107.33 19.82
C MET XA 495 52.83 107.29 21.33
N GLU XA 496 51.92 107.71 22.21
CA GLU XA 496 52.17 107.80 23.68
C GLU XA 496 51.51 106.62 24.41
N LEU XA 497 52.26 105.83 25.19
CA LEU XA 497 51.69 104.74 26.04
C LEU XA 497 52.20 104.85 27.46
N GLU XA 498 51.36 104.81 28.49
CA GLU XA 498 51.76 104.75 29.94
C GLU XA 498 52.70 105.88 30.37
N GLY XA 499 52.55 107.10 29.86
CA GLY XA 499 53.51 108.17 30.16
C GLY XA 499 54.81 108.23 29.35
N ALA XA 500 55.00 107.43 28.32
CA ALA XA 500 56.25 107.55 27.51
C ALA XA 500 55.96 107.72 26.00
N SER XA 501 56.84 108.39 25.26
CA SER XA 501 56.71 108.59 23.78
C SER XA 501 57.50 107.53 23.03
N TYR XA 502 56.84 106.85 22.11
CA TYR XA 502 57.50 105.75 21.36
C TYR XA 502 57.49 105.98 19.88
N GLN XA 503 58.64 105.76 19.26
CA GLN XA 503 58.66 105.72 17.77
C GLN XA 503 57.94 104.43 17.37
N VAL XA 504 57.19 104.46 16.29
CA VAL XA 504 56.42 103.30 15.76
C VAL XA 504 56.92 103.21 14.32
N PRO XA 505 58.15 102.66 14.11
CA PRO XA 505 58.84 102.71 12.83
C PRO XA 505 58.18 102.11 11.64
N PRO XA 506 57.44 100.98 11.61
CA PRO XA 506 56.70 100.67 10.40
C PRO XA 506 55.47 101.55 10.65
N GLN XA 507 54.99 102.35 9.71
CA GLN XA 507 53.72 103.07 10.05
C GLN XA 507 52.52 102.09 9.87
N PRO XA 508 51.28 102.39 10.31
CA PRO XA 508 50.10 101.54 10.03
C PRO XA 508 49.66 101.41 8.54
N ASN XA 509 49.05 100.30 8.07
CA ASN XA 509 48.68 100.04 6.63
C ASN XA 509 47.74 101.04 5.92
N GLY XA 510 47.77 101.09 4.57
CA GLY XA 510 46.95 101.99 3.71
C GLY XA 510 47.66 103.14 3.06
N MET XA 511 48.96 103.20 3.15
CA MET XA 511 49.74 104.29 2.48
C MET XA 511 50.81 103.75 1.52
N THR XA 512 51.33 104.63 0.66
CA THR XA 512 52.51 104.30 -0.19
C THR XA 512 53.67 105.23 0.17
N ASN XA 513 54.86 104.72 0.47
CA ASN XA 513 56.14 105.47 0.72
C ASN XA 513 56.74 106.20 -0.51
N ASN XA 514 56.69 105.64 -1.72
CA ASN XA 514 57.39 106.20 -2.92
C ASN XA 514 56.41 106.30 -4.11
N LEU XA 515 56.41 107.41 -4.85
CA LEU XA 515 55.56 107.57 -6.08
C LEU XA 515 55.86 106.70 -7.34
N GLN XA 516 57.09 106.44 -7.79
CA GLN XA 516 57.46 105.70 -9.06
C GLN XA 516 58.34 106.67 -9.83
N GLY XA 517 59.46 106.21 -10.38
CA GLY XA 517 60.39 107.25 -10.81
C GLY XA 517 60.73 107.86 -9.46
N SER XA 518 60.48 109.14 -9.21
CA SER XA 518 60.76 109.85 -7.93
C SER XA 518 61.80 109.27 -6.96
N ASN XA 519 62.61 110.16 -6.40
CA ASN XA 519 63.66 109.77 -5.43
C ASN XA 519 63.24 110.19 -4.02
N THR XA 520 61.98 110.61 -3.83
CA THR XA 520 61.45 110.92 -2.48
C THR XA 520 60.88 109.66 -1.83
N TYR XA 521 61.32 109.40 -0.61
CA TYR XA 521 60.87 108.21 0.15
C TYR XA 521 60.49 108.65 1.52
N ALA XA 522 59.39 108.12 2.02
CA ALA XA 522 59.10 108.39 3.45
C ALA XA 522 59.80 107.27 4.20
N LEU XA 523 60.94 107.55 4.85
CA LEU XA 523 61.85 106.55 5.49
C LEU XA 523 61.23 105.75 6.66
N GLU XA 524 60.39 106.39 7.48
CA GLU XA 524 59.70 105.71 8.62
C GLU XA 524 58.51 104.86 8.15
N ASN XA 525 58.12 104.89 6.88
CA ASN XA 525 57.08 104.00 6.29
C ASN XA 525 57.74 102.87 5.47
N THR XA 526 59.05 102.70 5.50
CA THR XA 526 59.76 101.70 4.63
C THR XA 526 60.49 100.65 5.42
N MET XA 527 60.41 99.39 5.00
CA MET XA 527 61.26 98.31 5.54
C MET XA 527 62.70 98.50 5.02
N ILE XA 528 63.68 98.60 5.92
CA ILE XA 528 65.12 98.73 5.55
C ILE XA 528 65.90 97.48 6.01
N PHE XA 529 66.69 96.89 5.14
CA PHE XA 529 67.42 95.61 5.39
C PHE XA 529 68.87 95.77 5.02
N ASN XA 530 69.73 94.90 5.54
CA ASN XA 530 71.18 94.86 5.18
C ASN XA 530 71.41 93.64 4.27
N SER XA 531 72.20 93.77 3.21
CA SER XA 531 72.58 92.63 2.32
C SER XA 531 73.37 91.58 3.10
N GLN XA 532 74.27 92.00 4.00
CA GLN XA 532 75.13 91.11 4.80
C GLN XA 532 74.71 91.10 6.27
N PRO XA 533 74.85 89.96 7.00
CA PRO XA 533 74.58 89.93 8.44
C PRO XA 533 75.59 90.75 9.25
N ALA XA 534 75.15 91.25 10.41
CA ALA XA 534 75.99 92.17 11.21
C ALA XA 534 76.34 91.59 12.59
N ASN XA 535 77.47 92.04 13.13
CA ASN XA 535 77.88 91.66 14.51
C ASN XA 535 76.95 92.32 15.54
N PRO XA 536 76.67 91.67 16.68
CA PRO XA 536 75.84 92.27 17.71
C PRO XA 536 76.34 93.56 18.38
N GLY XA 537 75.45 94.52 18.60
CA GLY XA 537 75.79 95.77 19.29
C GLY XA 537 76.46 96.82 18.44
N THR XA 538 76.53 96.64 17.13
CA THR XA 538 77.23 97.60 16.26
C THR XA 538 76.58 98.97 16.37
N THR XA 539 77.37 100.04 16.45
CA THR XA 539 76.87 101.43 16.46
C THR XA 539 77.35 102.17 15.22
N ALA XA 540 77.88 101.46 14.22
CA ALA XA 540 78.42 102.05 12.97
C ALA XA 540 77.39 102.79 12.10
N THR XA 541 77.77 103.92 11.50
CA THR XA 541 76.89 104.62 10.53
C THR XA 541 76.85 103.85 9.22
N TYR XA 542 75.68 103.79 8.59
CA TYR XA 542 75.53 103.14 7.27
C TYR XA 542 74.98 104.12 6.27
N LEU XA 543 75.61 104.22 5.12
CA LEU XA 543 75.11 105.02 3.98
C LEU XA 543 74.09 104.22 3.14
N GLU XA 544 73.42 104.86 2.20
CA GLU XA 544 72.36 104.25 1.35
C GLU XA 544 72.85 103.07 0.48
N GLY XA 545 74.08 103.12 -0.05
CA GLY XA 545 74.62 102.05 -0.90
C GLY XA 545 74.70 100.73 -0.18
N ASN XA 546 75.08 100.69 1.08
CA ASN XA 546 75.03 99.45 1.90
C ASN XA 546 73.59 98.93 2.10
N MET XA 547 72.59 99.78 2.26
CA MET XA 547 71.21 99.36 2.63
C MET XA 547 70.33 98.81 1.49
N LEU XA 548 69.39 97.94 1.81
CA LEU XA 548 68.37 97.48 0.82
C LEU XA 548 67.08 98.21 1.17
N ILE XA 549 66.58 99.10 0.32
CA ILE XA 549 65.38 99.94 0.63
C ILE XA 549 64.20 99.56 -0.27
N THR XA 550 63.08 99.18 0.31
CA THR XA 550 61.85 98.77 -0.40
C THR XA 550 61.00 99.94 -0.89
N SER XA 551 60.19 99.71 -1.93
CA SER XA 551 59.25 100.71 -2.50
C SER XA 551 57.87 100.06 -2.60
N GLU XA 552 56.81 100.81 -2.33
CA GLU XA 552 55.40 100.33 -2.37
C GLU XA 552 54.68 101.00 -3.56
N SER XA 553 55.39 101.45 -4.59
CA SER XA 553 54.86 102.24 -5.73
C SER XA 553 53.76 101.53 -6.53
N GLU XA 554 53.68 100.21 -6.53
CA GLU XA 554 52.62 99.40 -7.20
C GLU XA 554 51.22 99.70 -6.60
N THR XA 555 51.11 99.99 -5.31
CA THR XA 555 49.84 100.25 -4.58
C THR XA 555 49.35 101.69 -4.74
N GLN XA 556 50.08 102.57 -5.41
CA GLN XA 556 49.79 104.03 -5.57
C GLN XA 556 48.41 104.29 -6.22
N PRO XA 557 47.92 103.51 -7.22
CA PRO XA 557 46.54 103.67 -7.71
C PRO XA 557 45.42 103.63 -6.66
N VAL XA 558 45.55 102.91 -5.52
CA VAL XA 558 44.62 102.92 -4.35
C VAL XA 558 45.19 103.42 -3.01
N ASN XA 559 46.47 103.76 -2.86
CA ASN XA 559 47.03 104.10 -1.53
C ASN XA 559 47.57 105.52 -1.57
N ARG XA 560 47.21 106.33 -0.57
CA ARG XA 560 47.67 107.72 -0.51
C ARG XA 560 49.18 107.83 -0.19
N VAL XA 561 49.85 108.84 -0.72
CA VAL XA 561 51.29 109.09 -0.42
C VAL XA 561 51.52 109.66 1.00
N ALA XA 562 52.44 109.07 1.78
CA ALA XA 562 52.77 109.45 3.18
C ALA XA 562 53.35 110.86 3.34
N TYR XA 563 54.24 111.29 2.46
CA TYR XA 563 54.88 112.63 2.52
C TYR XA 563 53.86 113.77 2.32
N ASN XA 564 52.88 113.61 1.45
CA ASN XA 564 51.85 114.66 1.11
C ASN XA 564 50.68 114.79 2.10
N VAL XA 565 49.98 115.94 2.13
CA VAL XA 565 48.69 116.14 2.87
C VAL XA 565 47.55 115.28 2.27
N GLY XA 566 46.65 114.72 3.08
CA GLY XA 566 45.48 113.90 2.64
C GLY XA 566 44.37 114.54 1.81
N GLY XA 567 43.94 115.78 2.09
CA GLY XA 567 42.79 116.39 1.43
C GLY XA 567 42.42 117.69 2.11
N GLN XA 568 41.26 118.28 1.77
CA GLN XA 568 40.75 119.53 2.40
C GLN XA 568 39.28 119.38 2.85
N MET XA 569 38.85 120.09 3.91
CA MET XA 569 37.46 120.11 4.45
C MET XA 569 37.04 121.55 4.78
N ALA XA 570 35.74 121.85 4.86
CA ALA XA 570 35.20 123.20 5.22
C ALA XA 570 35.49 123.62 6.67
N THR XA 571 35.88 124.89 6.85
CA THR XA 571 36.24 125.43 8.18
C THR XA 571 35.31 126.56 8.64
N ASN XA 572 34.25 126.89 7.93
CA ASN XA 572 33.44 128.11 8.22
C ASN XA 572 32.04 127.98 7.65
N ASN XA 573 31.18 128.94 7.96
CA ASN XA 573 29.85 129.04 7.31
C ASN XA 573 29.87 130.29 6.43
N GLN XA 574 29.53 130.17 5.14
CA GLN XA 574 29.46 131.30 4.18
C GLN XA 574 28.24 132.20 4.50
N SER XA 575 28.32 133.48 4.17
CA SER XA 575 27.24 134.47 4.41
C SER XA 575 27.45 135.59 3.39
N SER XA 576 26.51 136.50 3.24
CA SER XA 576 26.76 137.65 2.34
C SER XA 576 27.99 138.41 2.84
N THR XA 577 28.14 138.62 4.14
CA THR XA 577 29.36 139.21 4.75
C THR XA 577 30.60 138.34 4.61
N THR XA 578 30.51 137.01 4.72
CA THR XA 578 31.71 136.14 4.76
C THR XA 578 31.89 135.19 3.60
N ALA XA 579 33.08 135.21 2.96
CA ALA XA 579 33.44 134.25 1.90
C ALA XA 579 33.67 132.84 2.44
N PRO XA 580 33.40 131.78 1.67
CA PRO XA 580 33.71 130.40 2.10
C PRO XA 580 35.21 130.05 2.24
N ALA XA 581 35.58 129.20 3.20
CA ALA XA 581 37.00 128.83 3.50
C ALA XA 581 37.21 127.33 3.65
N THR XA 582 38.40 126.84 3.32
CA THR XA 582 38.76 125.40 3.48
C THR XA 582 40.04 125.25 4.26
N GLY XA 583 40.27 124.07 4.85
CA GLY XA 583 41.56 123.78 5.50
C GLY XA 583 42.08 122.40 5.16
N THR XA 584 43.40 122.25 4.97
CA THR XA 584 44.04 120.91 4.76
C THR XA 584 44.14 120.08 6.05
N TYR XA 585 44.13 118.76 5.93
CA TYR XA 585 44.31 117.83 7.08
C TYR XA 585 45.60 116.94 6.89
N ASN XA 586 46.33 116.61 7.96
CA ASN XA 586 47.59 115.79 7.91
C ASN XA 586 47.32 114.32 8.31
N LEU XA 587 46.14 114.02 8.83
CA LEU XA 587 45.78 112.62 9.23
C LEU XA 587 44.29 112.32 8.98
N GLN XA 588 43.95 111.09 8.62
CA GLN XA 588 42.54 110.63 8.51
C GLN XA 588 42.52 109.14 8.83
N GLU XA 589 41.41 108.62 9.29
CA GLU XA 589 41.30 107.20 9.72
C GLU XA 589 40.18 106.56 8.91
N ILE XA 590 39.80 105.33 9.22
CA ILE XA 590 38.81 104.55 8.44
C ILE XA 590 37.42 105.21 8.34
N VAL XA 591 36.84 105.15 7.16
CA VAL XA 591 35.49 105.72 6.87
C VAL XA 591 34.75 104.59 6.16
N PRO XA 592 33.40 104.53 6.19
CA PRO XA 592 32.69 103.51 5.42
C PRO XA 592 32.87 103.67 3.89
N GLY XA 593 33.01 102.56 3.15
CA GLY XA 593 33.34 102.58 1.71
C GLY XA 593 34.83 102.69 1.41
N SER XA 594 35.69 102.60 2.43
CA SER XA 594 37.17 102.62 2.32
C SER XA 594 37.78 101.35 1.69
N VAL XA 595 38.73 101.50 0.77
CA VAL XA 595 39.45 100.37 0.10
C VAL XA 595 40.96 100.66 0.16
N TRP XA 596 41.78 99.64 0.38
CA TRP XA 596 43.27 99.78 0.40
C TRP XA 596 43.98 98.45 0.10
N MET XA 597 45.26 98.52 -0.18
CA MET XA 597 46.12 97.32 -0.35
C MET XA 597 47.10 97.19 0.83
N GLU XA 598 47.26 95.99 1.39
CA GLU XA 598 48.23 95.69 2.48
C GLU XA 598 49.68 95.67 1.95
N ARG XA 599 50.65 95.86 2.84
CA ARG XA 599 52.11 95.82 2.49
C ARG XA 599 52.56 94.49 1.87
N ASP XA 600 53.45 94.57 0.89
CA ASP XA 600 54.03 93.39 0.19
C ASP XA 600 55.02 92.57 1.02
N VAL XA 601 55.04 91.27 0.82
CA VAL XA 601 56.07 90.36 1.41
C VAL XA 601 57.39 90.39 0.62
N TYR XA 602 58.50 90.08 1.27
CA TYR XA 602 59.84 90.05 0.64
C TYR XA 602 60.48 88.71 0.96
N LEU XA 603 61.41 88.23 0.12
CA LEU XA 603 62.14 86.97 0.38
C LEU XA 603 62.98 87.12 1.69
N GLN XA 604 63.62 88.25 1.93
CA GLN XA 604 64.35 88.62 3.18
C GLN XA 604 63.39 88.78 4.40
N GLY XA 605 62.13 89.13 4.20
CA GLY XA 605 61.11 89.36 5.26
C GLY XA 605 60.41 88.23 6.00
N PRO XA 606 59.72 88.56 7.12
CA PRO XA 606 58.84 87.62 7.85
C PRO XA 606 57.50 87.08 7.34
N ILE XA 607 57.18 85.79 7.49
CA ILE XA 607 55.83 85.20 7.19
C ILE XA 607 54.64 85.56 8.13
N TRP XA 608 54.79 85.50 9.45
CA TRP XA 608 53.64 85.61 10.37
C TRP XA 608 53.88 86.45 11.63
N ALA XA 609 52.81 86.87 12.29
CA ALA XA 609 52.87 87.56 13.61
C ALA XA 609 51.69 87.04 14.44
N LYS XA 610 51.87 86.99 15.76
CA LYS XA 610 50.78 86.59 16.68
C LYS XA 610 49.86 87.78 17.02
N ILE XA 611 48.56 87.60 16.89
CA ILE XA 611 47.58 88.63 17.33
C ILE XA 611 47.59 88.67 18.88
N PRO XA 612 47.68 89.85 19.51
CA PRO XA 612 47.66 89.96 20.97
C PRO XA 612 46.30 89.68 21.63
N GLU XA 613 46.27 89.04 22.79
CA GLU XA 613 44.96 88.65 23.42
C GLU XA 613 44.44 89.76 24.36
N THR XA 614 43.52 90.59 23.90
CA THR XA 614 42.93 91.70 24.69
C THR XA 614 41.45 91.53 24.76
N GLY XA 615 40.87 90.72 23.89
CA GLY XA 615 39.43 90.57 23.72
C GLY XA 615 38.83 91.54 22.71
N ALA XA 616 39.56 92.54 22.20
CA ALA XA 616 39.06 93.45 21.14
C ALA XA 616 40.13 93.82 20.12
N HIS XA 617 39.84 93.75 18.83
CA HIS XA 617 40.80 94.16 17.77
C HIS XA 617 40.05 94.56 16.49
N PHE XA 618 40.69 95.32 15.62
CA PHE XA 618 40.13 95.63 14.28
C PHE XA 618 41.07 95.22 13.17
N HIS XA 619 40.62 94.49 12.14
CA HIS XA 619 41.38 94.17 10.89
C HIS XA 619 42.81 93.72 11.20
N PRO XA 620 43.03 92.41 11.44
CA PRO XA 620 44.31 91.97 11.98
C PRO XA 620 45.45 91.55 11.07
N SER XA 621 45.96 92.52 10.35
CA SER XA 621 47.09 92.31 9.42
C SER XA 621 48.30 93.03 10.00
N PRO XA 622 49.45 92.35 10.24
CA PRO XA 622 50.60 93.02 10.84
C PRO XA 622 51.30 94.09 9.99
N ALA XA 623 51.81 95.15 10.60
CA ALA XA 623 52.42 96.31 9.89
C ALA XA 623 53.67 95.97 9.07
N MET XA 624 54.57 95.12 9.56
CA MET XA 624 55.80 94.65 8.86
C MET XA 624 55.42 93.86 7.60
N GLY XA 625 54.31 93.14 7.61
CA GLY XA 625 53.82 92.33 6.48
C GLY XA 625 53.47 90.92 6.92
N GLY XA 626 52.89 90.12 6.04
CA GLY XA 626 52.55 88.73 6.35
C GLY XA 626 51.18 88.39 6.89
N PHE XA 627 51.08 87.26 7.57
CA PHE XA 627 49.79 86.69 8.04
C PHE XA 627 49.65 86.82 9.56
N GLY XA 628 48.51 87.36 10.00
CA GLY XA 628 48.23 87.52 11.44
C GLY XA 628 47.47 86.35 11.95
N LEU XA 629 48.00 85.69 12.96
CA LEU XA 629 47.39 84.41 13.44
C LEU XA 629 47.00 84.44 14.91
N LYS XA 630 45.78 84.05 15.23
CA LYS XA 630 45.35 83.83 16.64
C LYS XA 630 46.13 82.68 17.29
N HIS XA 631 46.34 81.59 16.57
CA HIS XA 631 47.11 80.42 17.07
C HIS XA 631 48.29 80.16 16.15
N PRO XA 632 49.43 80.83 16.39
CA PRO XA 632 50.63 80.72 15.59
C PRO XA 632 51.44 79.43 15.72
N PRO XA 633 52.34 79.09 14.78
CA PRO XA 633 53.16 77.90 14.99
C PRO XA 633 53.92 78.08 16.31
N PRO XA 634 53.94 77.07 17.21
CA PRO XA 634 54.48 77.22 18.55
C PRO XA 634 55.97 77.37 18.84
N MET XA 635 56.32 78.03 19.94
CA MET XA 635 57.73 78.16 20.39
C MET XA 635 58.39 76.80 20.70
N MET XA 636 59.59 76.58 20.15
CA MET XA 636 60.35 75.33 20.33
C MET XA 636 61.61 75.66 21.15
N LEU XA 637 61.78 75.03 22.31
CA LEU XA 637 62.84 75.38 23.28
C LEU XA 637 63.78 74.20 23.53
N ILE XA 638 65.08 74.45 23.51
CA ILE XA 638 66.11 73.38 23.73
C ILE XA 638 67.14 73.86 24.78
N LYS XA 639 67.53 72.95 25.67
CA LYS XA 639 68.60 73.28 26.65
C LYS XA 639 69.59 72.11 26.83
N ASN XA 640 70.80 72.41 27.27
CA ASN XA 640 71.77 71.35 27.67
C ASN XA 640 71.50 71.01 29.14
N THR XA 641 71.35 69.74 29.49
CA THR XA 641 71.18 69.32 30.90
C THR XA 641 72.42 69.62 31.73
N PRO XA 642 72.28 70.22 32.94
CA PRO XA 642 73.41 70.41 33.84
C PRO XA 642 74.13 69.11 34.23
N VAL XA 643 75.42 69.09 34.05
CA VAL XA 643 76.21 67.91 34.51
C VAL XA 643 77.19 68.43 35.57
N PRO XA 644 77.07 67.95 36.81
CA PRO XA 644 77.95 68.39 37.90
C PRO XA 644 79.45 68.06 37.98
N GLY XA 645 80.28 68.95 38.51
CA GLY XA 645 81.71 68.75 38.81
C GLY XA 645 81.88 67.96 40.10
N ASN XA 646 83.09 67.56 40.47
CA ASN XA 646 83.25 66.65 41.65
C ASN XA 646 82.81 67.30 42.96
N ILE XA 647 81.90 66.65 43.70
CA ILE XA 647 81.43 67.17 45.00
C ILE XA 647 81.75 66.09 46.05
N THR XA 648 82.45 66.44 47.12
CA THR XA 648 82.91 65.44 48.12
C THR XA 648 82.17 65.56 49.44
N SER XA 649 81.43 66.64 49.66
CA SER XA 649 80.76 66.90 50.96
C SER XA 649 79.30 67.33 50.77
N PHE XA 650 78.42 67.07 51.73
CA PHE XA 650 77.01 67.52 51.71
C PHE XA 650 76.79 69.00 52.04
N SER XA 651 75.93 69.68 51.28
CA SER XA 651 75.46 71.03 51.67
C SER XA 651 74.00 71.18 51.31
N ASP XA 652 73.22 71.90 52.10
CA ASP XA 652 71.84 72.33 51.75
C ASP XA 652 71.93 73.32 50.57
N VAL XA 653 72.97 74.17 50.54
CA VAL XA 653 73.17 75.18 49.46
C VAL XA 653 73.34 74.50 48.10
N PRO XA 654 72.63 74.95 47.03
CA PRO XA 654 72.72 74.34 45.70
C PRO XA 654 74.07 74.37 45.00
N VAL XA 655 74.36 73.32 44.23
CA VAL XA 655 75.66 73.22 43.51
C VAL XA 655 75.80 74.31 42.43
N SER XA 656 76.95 74.96 42.42
CA SER XA 656 77.29 76.01 41.45
C SER XA 656 78.45 75.57 40.53
N SER XA 657 78.96 74.35 40.69
CA SER XA 657 80.13 73.86 39.90
C SER XA 657 79.70 72.77 38.93
N PHE XA 658 79.93 72.99 37.64
CA PHE XA 658 79.43 72.07 36.59
C PHE XA 658 80.50 71.86 35.55
N ILE XA 659 80.51 70.71 34.89
CA ILE XA 659 81.43 70.53 33.72
C ILE XA 659 80.98 71.40 32.51
N THR XA 660 81.89 72.03 31.76
CA THR XA 660 81.57 72.89 30.58
C THR XA 660 81.25 72.07 29.33
N GLN XA 661 80.10 72.32 28.70
CA GLN XA 661 79.58 71.49 27.58
C GLN XA 661 78.83 72.29 26.49
N TYR XA 662 78.75 71.77 25.27
CA TYR XA 662 77.99 72.41 24.14
C TYR XA 662 77.34 71.29 23.34
N SER XA 663 76.30 71.61 22.57
CA SER XA 663 75.62 70.60 21.71
C SER XA 663 75.55 71.01 20.22
N THR XA 664 75.47 70.03 19.34
CA THR XA 664 75.36 70.28 17.88
C THR XA 664 74.41 69.25 17.26
N GLY XA 665 73.78 69.57 16.13
CA GLY XA 665 72.89 68.63 15.42
C GLY XA 665 72.33 69.13 14.11
N GLN XA 666 71.35 68.42 13.56
CA GLN XA 666 70.62 68.81 12.31
C GLN XA 666 69.11 69.04 12.55
N VAL XA 667 68.54 70.03 11.88
CA VAL XA 667 67.07 70.32 11.95
C VAL XA 667 66.45 70.32 10.53
N THR XA 668 65.30 69.68 10.35
CA THR XA 668 64.56 69.71 9.08
C THR XA 668 63.19 70.36 9.25
N VAL XA 669 62.82 71.31 8.38
CA VAL XA 669 61.44 71.92 8.36
C VAL XA 669 60.75 71.66 7.00
N GLU XA 670 59.53 71.14 7.01
CA GLU XA 670 58.71 70.88 5.80
C GLU XA 670 57.45 71.73 5.85
N MET XA 671 57.19 72.50 4.79
CA MET XA 671 56.00 73.40 4.73
C MET XA 671 55.17 73.19 3.46
N GLU XA 672 53.86 73.22 3.60
CA GLU XA 672 52.92 73.12 2.44
C GLU XA 672 52.27 74.49 2.17
N TRP XA 673 52.19 74.87 0.90
CA TRP XA 673 51.61 76.17 0.50
C TRP XA 673 50.49 75.98 -0.52
N GLU XA 674 49.43 76.78 -0.40
CA GLU XA 674 48.31 76.77 -1.39
C GLU XA 674 48.47 77.96 -2.34
N LEU XA 675 48.31 77.74 -3.64
CA LEU XA 675 48.53 78.77 -4.70
C LEU XA 675 47.23 79.20 -5.37
N LYS XA 676 47.11 80.48 -5.70
CA LYS XA 676 45.96 80.96 -6.52
C LYS XA 676 46.47 81.30 -7.94
N LYS XA 677 45.91 80.65 -8.96
CA LYS XA 677 46.27 80.87 -10.38
C LYS XA 677 45.81 82.19 -11.03
N GLU XA 678 46.63 82.77 -11.89
CA GLU XA 678 46.24 83.94 -12.71
C GLU XA 678 45.18 83.55 -13.77
N ASN XA 679 44.18 84.39 -14.02
CA ASN XA 679 43.13 84.18 -15.06
C ASN XA 679 43.01 85.42 -15.95
N SER XA 680 44.11 86.07 -16.33
CA SER XA 680 44.13 87.35 -17.10
C SER XA 680 43.67 87.29 -18.56
N LYS XA 681 42.97 88.33 -19.04
CA LYS XA 681 42.59 88.48 -20.47
C LYS XA 681 43.42 89.60 -21.13
N ARG XA 682 44.46 90.15 -20.50
CA ARG XA 682 45.39 91.18 -21.07
C ARG XA 682 46.20 90.70 -22.30
N TRP XA 683 45.99 91.31 -23.47
CA TRP XA 683 46.66 90.98 -24.74
C TRP XA 683 48.18 91.23 -24.82
N ASN XA 684 48.61 92.37 -24.32
CA ASN XA 684 50.02 92.80 -24.31
C ASN XA 684 50.86 92.10 -23.23
N PRO XA 685 52.18 91.98 -23.43
CA PRO XA 685 53.08 91.42 -22.42
C PRO XA 685 53.28 92.17 -21.08
N GLU XA 686 53.31 91.45 -19.98
CA GLU XA 686 53.55 91.93 -18.59
C GLU XA 686 54.98 92.16 -18.11
N ILE XA 687 55.15 92.93 -17.03
CA ILE XA 687 56.45 93.08 -16.29
C ILE XA 687 56.79 91.80 -15.51
N GLN XA 688 58.07 91.39 -15.48
CA GLN XA 688 58.56 90.16 -14.80
C GLN XA 688 59.89 90.42 -14.08
N TYR XA 689 60.17 89.75 -12.97
CA TYR XA 689 61.51 89.81 -12.33
C TYR XA 689 62.50 89.01 -13.21
N THR XA 690 63.66 89.61 -13.48
CA THR XA 690 64.66 88.97 -14.35
C THR XA 690 66.04 89.16 -13.76
N ASN XA 691 66.97 88.28 -14.11
CA ASN XA 691 68.38 88.48 -13.74
C ASN XA 691 68.95 89.38 -14.82
N ASN XA 692 69.21 90.63 -14.52
CA ASN XA 692 69.63 91.63 -15.53
C ASN XA 692 70.69 92.53 -14.91
N TYR XA 693 71.89 92.49 -15.45
CA TYR XA 693 73.05 93.21 -14.86
C TYR XA 693 73.88 93.71 -16.02
N ASN XA 694 74.50 94.88 -15.92
CA ASN XA 694 75.41 95.33 -17.00
C ASN XA 694 76.88 95.12 -16.62
N ASP XA 695 77.66 94.38 -17.43
CA ASP XA 695 79.11 94.07 -17.18
C ASP XA 695 79.37 93.44 -15.80
N PRO XA 696 78.66 92.38 -15.36
CA PRO XA 696 78.83 91.86 -14.00
C PRO XA 696 80.21 91.31 -13.58
N GLN XA 697 80.67 91.67 -12.38
CA GLN XA 697 81.98 91.19 -11.86
C GLN XA 697 81.80 89.98 -10.93
N PHE XA 698 80.58 89.62 -10.63
CA PHE XA 698 80.26 88.50 -9.71
C PHE XA 698 78.90 88.02 -10.09
N VAL XA 699 78.54 86.83 -9.66
CA VAL XA 699 77.14 86.37 -9.83
C VAL XA 699 76.42 86.69 -8.52
N ASP XA 700 75.32 87.41 -8.58
CA ASP XA 700 74.42 87.66 -7.41
C ASP XA 700 73.73 86.38 -6.96
N PHE XA 701 73.41 86.22 -5.67
CA PHE XA 701 72.80 85.00 -5.04
C PHE XA 701 73.71 83.77 -5.19
N ALA XA 702 75.00 83.98 -5.05
CA ALA XA 702 76.02 82.92 -5.17
C ALA XA 702 77.16 83.20 -4.19
N PRO XA 703 77.97 82.21 -3.80
CA PRO XA 703 79.18 82.46 -3.02
C PRO XA 703 80.33 83.21 -3.75
N ASP XA 704 81.14 83.96 -3.02
CA ASP XA 704 82.32 84.63 -3.64
C ASP XA 704 83.63 83.82 -3.49
N SER XA 705 84.76 84.42 -3.84
CA SER XA 705 86.08 83.74 -3.77
C SER XA 705 86.41 83.32 -2.32
N THR XA 706 86.09 84.14 -1.31
CA THR XA 706 86.21 83.79 0.13
C THR XA 706 85.17 82.81 0.62
N GLY XA 707 84.07 82.55 -0.12
CA GLY XA 707 82.96 81.71 0.35
C GLY XA 707 81.78 82.41 0.99
N GLU XA 708 81.73 83.73 0.98
CA GLU XA 708 80.60 84.52 1.55
C GLU XA 708 79.47 84.74 0.54
N TYR XA 709 78.22 84.45 0.91
CA TYR XA 709 77.02 84.63 0.06
C TYR XA 709 76.70 86.10 -0.23
N ARG XA 710 76.31 86.39 -1.46
CA ARG XA 710 76.00 87.78 -1.87
C ARG XA 710 74.52 87.89 -2.24
N SER XA 711 73.81 88.87 -1.66
CA SER XA 711 72.38 89.14 -1.94
C SER XA 711 72.15 90.65 -2.13
N THR XA 712 72.53 91.25 -3.24
CA THR XA 712 72.44 92.71 -3.56
C THR XA 712 71.02 93.28 -3.61
N ARG XA 713 70.00 92.56 -4.08
CA ARG XA 713 68.65 93.15 -4.32
C ARG XA 713 67.51 92.62 -3.45
N PRO XA 714 66.60 93.48 -2.91
CA PRO XA 714 65.38 93.02 -2.26
C PRO XA 714 64.28 92.53 -3.23
N ILE XA 715 63.59 91.42 -2.97
CA ILE XA 715 62.57 90.99 -3.98
C ILE XA 715 61.15 90.92 -3.42
N GLY XA 716 60.22 91.67 -4.03
CA GLY XA 716 58.79 91.69 -3.72
C GLY XA 716 58.00 90.69 -4.52
N THR XA 717 56.71 90.60 -4.27
CA THR XA 717 55.82 89.67 -5.01
C THR XA 717 54.96 90.27 -6.13
N ARG XA 718 54.87 91.58 -6.34
CA ARG XA 718 53.85 92.11 -7.33
C ARG XA 718 54.42 92.50 -8.71
N TYR XA 719 54.26 91.64 -9.71
CA TYR XA 719 54.74 91.87 -11.10
C TYR XA 719 53.56 91.76 -12.04
N LEU XA 720 52.60 90.92 -11.70
CA LEU XA 720 51.34 90.75 -12.48
C LEU XA 720 50.37 91.90 -12.23
N THR XA 721 49.47 92.12 -13.17
CA THR XA 721 48.53 93.25 -13.12
C THR XA 721 47.11 92.75 -13.24
N ARG XA 722 46.19 93.40 -12.55
CA ARG XA 722 44.75 93.05 -12.67
C ARG XA 722 43.90 94.31 -12.78
N PRO XA 723 42.75 94.30 -13.51
CA PRO XA 723 41.80 95.41 -13.49
C PRO XA 723 41.04 95.54 -12.16
N LEU XA 724 40.63 96.74 -11.76
CA LEU XA 724 39.94 96.97 -10.47
C LEU XA 724 38.55 96.31 -10.44
N ASP YA 209 15.39 80.42 -36.53
CA ASP YA 209 14.48 79.67 -37.43
C ASP YA 209 14.34 80.37 -38.80
N GLY YA 210 13.65 81.51 -38.90
CA GLY YA 210 13.38 82.05 -40.25
C GLY YA 210 13.17 83.53 -40.39
N VAL YA 211 13.19 84.02 -41.63
CA VAL YA 211 12.92 85.44 -41.99
C VAL YA 211 11.48 85.87 -41.59
N GLY YA 212 10.48 85.00 -41.75
CA GLY YA 212 9.07 85.32 -41.49
C GLY YA 212 8.59 84.99 -40.11
N ASN YA 213 9.45 84.48 -39.23
CA ASN YA 213 9.00 84.01 -37.90
C ASN YA 213 9.58 84.89 -36.79
N ALA YA 214 8.75 85.33 -35.85
CA ALA YA 214 9.20 86.14 -34.70
C ALA YA 214 9.93 85.32 -33.61
N SER YA 215 11.11 85.77 -33.18
CA SER YA 215 11.97 85.18 -32.12
C SER YA 215 11.40 85.27 -30.69
N GLY YA 216 10.68 86.32 -30.33
CA GLY YA 216 10.09 86.52 -28.99
C GLY YA 216 8.90 87.44 -28.92
N ASP YA 217 8.29 87.58 -27.75
CA ASP YA 217 7.08 88.42 -27.49
C ASP YA 217 7.30 89.51 -26.44
N TRP YA 218 6.48 90.56 -26.45
CA TRP YA 218 6.56 91.70 -25.50
C TRP YA 218 6.00 91.35 -24.11
N HIS YA 219 6.82 91.51 -23.07
CA HIS YA 219 6.35 91.32 -21.68
C HIS YA 219 6.67 92.55 -20.83
N CYS YA 220 5.68 93.33 -20.39
CA CYS YA 220 5.92 94.45 -19.43
C CYS YA 220 4.90 94.27 -18.29
N ASP YA 221 5.33 93.86 -17.11
CA ASP YA 221 4.37 93.56 -16.01
C ASP YA 221 4.95 93.52 -14.59
N SER YA 222 4.12 93.64 -13.55
CA SER YA 222 4.53 93.42 -12.15
C SER YA 222 3.59 92.38 -11.53
N THR YA 223 4.11 91.39 -10.82
CA THR YA 223 3.27 90.42 -10.07
C THR YA 223 3.66 90.44 -8.60
N TRP YA 224 2.71 90.61 -7.70
CA TRP YA 224 2.95 90.66 -6.24
C TRP YA 224 2.41 89.38 -5.62
N MET YA 225 3.26 88.63 -4.94
CA MET YA 225 2.89 87.33 -4.30
C MET YA 225 3.39 87.20 -2.87
N GLY YA 226 2.76 87.82 -1.86
CA GLY YA 226 3.29 87.78 -0.48
C GLY YA 226 4.63 88.46 -0.32
N ASP YA 227 5.65 87.75 0.14
CA ASP YA 227 7.02 88.28 0.37
C ASP YA 227 7.79 88.57 -0.94
N ARG YA 228 7.33 88.14 -2.10
CA ARG YA 228 8.06 88.30 -3.39
C ARG YA 228 7.33 89.18 -4.42
N VAL YA 229 8.06 90.04 -5.12
CA VAL YA 229 7.51 90.82 -6.27
C VAL YA 229 8.39 90.50 -7.49
N VAL YA 230 7.79 90.21 -8.66
CA VAL YA 230 8.52 89.98 -9.95
C VAL YA 230 8.26 91.15 -10.92
N THR YA 231 9.32 91.73 -11.48
CA THR YA 231 9.18 92.83 -12.46
C THR YA 231 9.64 92.39 -13.86
N LYS YA 232 8.86 92.67 -14.89
CA LYS YA 232 9.21 92.39 -16.31
C LYS YA 232 9.25 93.71 -17.09
N SER YA 233 10.30 93.95 -17.88
CA SER YA 233 10.47 95.19 -18.68
C SER YA 233 10.91 94.86 -20.11
N THR YA 234 10.26 95.41 -21.12
CA THR YA 234 10.63 95.23 -22.54
C THR YA 234 10.89 96.58 -23.21
N ARG YA 235 11.99 96.71 -23.96
CA ARG YA 235 12.33 97.96 -24.70
C ARG YA 235 12.82 97.68 -26.14
N THR YA 236 12.77 98.69 -27.00
CA THR YA 236 13.30 98.63 -28.38
C THR YA 236 14.59 99.44 -28.43
N TRP YA 237 15.68 98.87 -28.96
CA TRP YA 237 17.03 99.49 -29.03
C TRP YA 237 17.58 99.64 -30.47
N VAL YA 238 18.48 100.59 -30.67
CA VAL YA 238 19.21 100.80 -31.95
C VAL YA 238 20.73 100.69 -31.68
N LEU YA 239 21.47 99.99 -32.56
CA LEU YA 239 22.96 99.93 -32.45
C LEU YA 239 23.70 100.57 -33.64
N PRO YA 240 24.50 101.63 -33.40
CA PRO YA 240 25.39 102.17 -34.43
C PRO YA 240 26.65 101.35 -34.69
N SER YA 241 27.26 101.50 -35.87
CA SER YA 241 28.59 100.85 -36.07
C SER YA 241 29.67 101.84 -35.59
N TYR YA 242 30.12 101.74 -34.34
CA TYR YA 242 31.06 102.70 -33.72
C TYR YA 242 32.51 102.54 -34.13
N ASN YA 243 33.21 103.63 -34.48
CA ASN YA 243 34.68 103.65 -34.76
C ASN YA 243 34.97 103.12 -36.16
N ASN YA 244 33.94 102.85 -36.98
CA ASN YA 244 34.08 102.24 -38.34
C ASN YA 244 34.84 100.91 -38.25
N HIS YA 245 34.52 100.05 -37.27
CA HIS YA 245 35.14 98.69 -37.10
C HIS YA 245 36.58 98.71 -36.58
N GLN YA 246 36.97 99.76 -35.87
CA GLN YA 246 38.38 99.90 -35.41
C GLN YA 246 38.49 100.20 -33.89
N TYR YA 247 39.64 99.91 -33.28
CA TYR YA 247 39.94 100.20 -31.86
C TYR YA 247 40.83 101.41 -31.87
N ARG YA 248 40.52 102.42 -31.06
CA ARG YA 248 41.30 103.68 -31.07
C ARG YA 248 41.92 104.02 -29.69
N GLU YA 249 43.19 104.40 -29.69
CA GLU YA 249 43.82 104.88 -28.43
C GLU YA 249 43.29 106.30 -28.12
N ILE YA 250 42.86 106.51 -26.88
CA ILE YA 250 42.24 107.79 -26.43
C ILE YA 250 43.03 108.34 -25.23
N LYS YA 251 43.18 109.65 -25.14
CA LYS YA 251 44.01 110.22 -24.06
C LYS YA 251 43.64 111.67 -23.75
N SER YA 252 43.93 112.13 -22.55
CA SER YA 252 43.73 113.57 -22.24
C SER YA 252 44.88 114.16 -21.39
N GLY YA 253 45.22 115.42 -21.61
CA GLY YA 253 46.10 116.21 -20.73
C GLY YA 253 45.23 116.99 -19.71
N SER YA 254 45.81 117.92 -18.97
CA SER YA 254 45.07 118.78 -17.98
C SER YA 254 44.01 119.68 -18.67
N VAL YA 255 42.80 119.77 -18.10
CA VAL YA 255 41.69 120.55 -18.70
C VAL YA 255 40.94 121.29 -17.58
N ASP YA 256 40.44 122.50 -17.84
CA ASP YA 256 39.69 123.32 -16.84
C ASP YA 256 40.59 123.61 -15.63
N GLY YA 257 41.89 123.70 -15.86
CA GLY YA 257 42.84 123.95 -14.77
C GLY YA 257 43.24 122.72 -13.96
N SER YA 258 42.81 121.50 -14.30
CA SER YA 258 43.15 120.36 -13.40
C SER YA 258 43.88 119.18 -14.04
N ASN YA 259 44.99 118.71 -13.44
CA ASN YA 259 45.73 117.47 -13.86
C ASN YA 259 44.98 116.19 -13.48
N ALA YA 260 44.01 116.23 -12.56
CA ALA YA 260 43.13 115.09 -12.15
C ALA YA 260 42.30 114.67 -13.37
N ASN YA 261 42.04 115.59 -14.28
CA ASN YA 261 41.39 115.38 -15.62
C ASN YA 261 42.19 114.46 -16.57
N ALA YA 262 43.53 114.46 -16.56
CA ALA YA 262 44.39 113.63 -17.46
C ALA YA 262 44.18 112.12 -17.34
N TYR YA 263 44.18 111.40 -18.47
CA TYR YA 263 43.97 109.92 -18.54
C TYR YA 263 44.59 109.33 -19.82
N PHE YA 264 44.83 108.02 -19.83
CA PHE YA 264 45.26 107.25 -21.02
C PHE YA 264 44.26 106.07 -21.16
N GLY YA 265 43.75 105.79 -22.35
CA GLY YA 265 42.70 104.76 -22.55
C GLY YA 265 42.46 104.23 -23.95
N TYR YA 266 41.53 103.29 -24.09
CA TYR YA 266 41.10 102.74 -25.40
C TYR YA 266 39.58 102.91 -25.67
N SER YA 267 39.20 103.25 -26.90
CA SER YA 267 37.76 103.27 -27.33
C SER YA 267 37.53 102.03 -28.22
N THR YA 268 36.36 101.44 -28.15
CA THR YA 268 36.11 100.13 -28.83
C THR YA 268 34.93 100.20 -29.81
N PRO YA 269 34.88 99.28 -30.79
CA PRO YA 269 33.76 99.12 -31.72
C PRO YA 269 32.42 98.68 -31.11
N TRP YA 270 32.42 98.00 -29.98
CA TRP YA 270 31.25 97.45 -29.24
C TRP YA 270 30.35 98.42 -28.46
N GLY YA 271 29.12 97.98 -28.20
CA GLY YA 271 28.14 98.69 -27.37
C GLY YA 271 27.66 97.77 -26.27
N TYR YA 272 27.10 98.31 -25.21
CA TYR YA 272 26.69 97.50 -24.04
C TYR YA 272 25.27 97.84 -23.56
N PHE YA 273 24.63 96.91 -22.85
CA PHE YA 273 23.28 97.12 -22.23
C PHE YA 273 23.43 97.41 -20.71
N ASP YA 274 22.86 98.50 -20.20
CA ASP YA 274 22.88 98.90 -18.77
C ASP YA 274 21.46 98.93 -18.18
N PHE YA 275 21.22 98.21 -17.09
CA PHE YA 275 19.91 98.23 -16.39
C PHE YA 275 20.02 98.76 -14.93
N ASN YA 276 21.13 99.40 -14.50
CA ASN YA 276 21.27 99.79 -13.07
C ASN YA 276 20.56 101.13 -12.75
N ARG YA 277 19.26 101.23 -12.97
CA ARG YA 277 18.41 102.36 -12.54
C ARG YA 277 17.08 101.73 -12.12
N PHE YA 278 16.44 102.19 -11.05
CA PHE YA 278 15.13 101.67 -10.54
C PHE YA 278 13.94 101.89 -11.54
N HIS YA 279 13.88 103.03 -12.22
CA HIS YA 279 12.80 103.44 -13.19
C HIS YA 279 12.80 102.46 -14.38
N SER YA 280 13.91 101.80 -14.67
CA SER YA 280 14.04 100.73 -15.71
C SER YA 280 13.13 99.54 -15.37
N HIS YA 281 12.99 99.17 -14.11
CA HIS YA 281 12.14 98.04 -13.64
C HIS YA 281 10.83 98.44 -12.95
N TRP YA 282 10.65 99.68 -12.51
CA TRP YA 282 9.51 100.05 -11.64
C TRP YA 282 8.63 101.15 -12.19
N SER YA 283 7.33 100.92 -12.23
CA SER YA 283 6.35 101.99 -12.57
C SER YA 283 6.26 102.96 -11.38
N PRO YA 284 5.86 104.23 -11.58
CA PRO YA 284 5.67 105.14 -10.47
C PRO YA 284 4.60 104.68 -9.48
N ARG YA 285 3.47 104.13 -9.92
CA ARG YA 285 2.45 103.54 -9.00
C ARG YA 285 2.98 102.33 -8.20
N ASP YA 286 3.74 101.42 -8.81
CA ASP YA 286 4.35 100.23 -8.14
C ASP YA 286 5.37 100.66 -7.07
N TRP YA 287 6.15 101.68 -7.35
CA TRP YA 287 7.11 102.25 -6.38
C TRP YA 287 6.40 102.84 -5.15
N GLN YA 288 5.27 103.51 -5.32
CA GLN YA 288 4.43 104.05 -4.23
C GLN YA 288 3.86 102.93 -3.36
N ARG YA 289 3.45 101.83 -3.95
CA ARG YA 289 2.94 100.67 -3.20
C ARG YA 289 4.03 100.07 -2.29
N LEU YA 290 5.27 99.92 -2.77
CA LEU YA 290 6.39 99.47 -1.91
C LEU YA 290 6.85 100.41 -0.76
N ILE YA 291 6.97 101.71 -1.01
CA ILE YA 291 7.46 102.72 -0.02
C ILE YA 291 6.46 102.88 1.14
N ASN YA 292 5.18 102.88 0.83
CA ASN YA 292 4.05 102.96 1.79
C ASN YA 292 3.92 101.75 2.73
N ASN YA 293 4.17 100.51 2.29
CA ASN YA 293 3.83 99.28 3.06
C ASN YA 293 4.94 98.34 3.56
N TYR YA 294 6.21 98.59 3.28
CA TYR YA 294 7.28 97.60 3.63
C TYR YA 294 8.47 98.19 4.37
N TRP YA 295 9.01 97.49 5.36
CA TRP YA 295 10.28 97.87 6.05
C TRP YA 295 11.56 97.78 5.17
N GLY YA 296 11.66 96.78 4.32
CA GLY YA 296 12.86 96.57 3.50
C GLY YA 296 12.67 95.79 2.22
N PHE YA 297 13.64 95.89 1.32
CA PHE YA 297 13.63 95.10 0.05
C PHE YA 297 15.06 94.68 -0.35
N ARG YA 298 15.24 93.58 -1.08
CA ARG YA 298 16.56 93.15 -1.65
C ARG YA 298 16.41 92.44 -3.02
N PRO YA 299 17.38 92.54 -3.98
CA PRO YA 299 17.37 91.72 -5.22
C PRO YA 299 17.74 90.22 -5.09
N ARG YA 300 17.10 89.34 -5.86
CA ARG YA 300 17.34 87.86 -5.76
C ARG YA 300 17.80 87.26 -7.09
N SER YA 301 17.08 87.51 -8.18
CA SER YA 301 17.38 86.85 -9.49
C SER YA 301 17.24 87.78 -10.70
N LEU YA 302 18.02 87.54 -11.75
CA LEU YA 302 17.92 88.30 -13.02
C LEU YA 302 17.85 87.38 -14.26
N ARG YA 303 16.95 87.65 -15.22
CA ARG YA 303 16.89 86.94 -16.54
C ARG YA 303 16.91 87.95 -17.70
N VAL YA 304 17.76 87.75 -18.71
CA VAL YA 304 17.84 88.65 -19.91
C VAL YA 304 17.61 87.91 -21.25
N LYS YA 305 16.77 88.45 -22.15
CA LYS YA 305 16.57 87.92 -23.53
C LYS YA 305 16.77 89.01 -24.60
N ILE YA 306 17.53 88.73 -25.67
CA ILE YA 306 17.71 89.65 -26.85
C ILE YA 306 17.11 88.95 -28.09
N PHE YA 307 16.22 89.61 -28.84
CA PHE YA 307 15.39 88.97 -29.92
C PHE YA 307 14.90 89.93 -31.00
N ASN YA 308 14.29 89.41 -32.10
CA ASN YA 308 13.70 90.19 -33.25
C ASN YA 308 14.74 91.08 -33.93
N ILE YA 309 15.94 90.55 -34.13
CA ILE YA 309 17.06 91.29 -34.73
C ILE YA 309 16.83 91.70 -36.20
N GLN YA 310 17.18 92.93 -36.57
CA GLN YA 310 17.03 93.44 -37.94
C GLN YA 310 18.29 94.24 -38.33
N VAL YA 311 18.98 93.81 -39.37
CA VAL YA 311 20.22 94.48 -39.84
C VAL YA 311 19.88 95.26 -41.12
N LYS YA 312 20.28 96.54 -41.18
CA LYS YA 312 19.98 97.45 -42.30
C LYS YA 312 21.24 98.00 -42.96
N GLU YA 313 21.24 98.13 -44.28
CA GLU YA 313 22.39 98.72 -45.01
C GLU YA 313 22.00 100.11 -45.53
N VAL YA 314 22.88 101.08 -45.35
CA VAL YA 314 22.59 102.48 -45.77
C VAL YA 314 23.51 102.79 -46.94
N THR YA 315 22.95 103.31 -48.03
CA THR YA 315 23.74 103.63 -49.24
C THR YA 315 23.45 105.05 -49.67
N VAL YA 316 24.48 105.79 -50.06
CA VAL YA 316 24.22 107.15 -50.61
C VAL YA 316 24.68 107.27 -52.07
N GLN YA 317 23.80 107.65 -52.99
CA GLN YA 317 24.24 107.97 -54.38
C GLN YA 317 23.75 109.39 -54.67
N ASP YA 318 24.67 110.33 -54.90
CA ASP YA 318 24.26 111.71 -55.28
C ASP YA 318 23.29 112.28 -54.25
N SER YA 319 23.47 112.01 -52.95
CA SER YA 319 22.65 112.61 -51.85
C SER YA 319 21.26 111.95 -51.63
N THR YA 320 20.92 110.85 -52.31
CA THR YA 320 19.63 110.12 -52.06
C THR YA 320 19.51 109.48 -50.67
N THR YA 321 20.54 108.87 -50.09
CA THR YA 321 20.46 108.13 -48.78
C THR YA 321 19.40 107.01 -48.67
N THR YA 322 19.31 106.05 -49.60
CA THR YA 322 18.41 104.86 -49.46
C THR YA 322 18.79 103.91 -48.31
N ILE YA 323 17.81 103.32 -47.62
CA ILE YA 323 18.03 102.32 -46.52
C ILE YA 323 17.35 100.98 -46.87
N ALA YA 324 18.04 99.85 -46.72
CA ALA YA 324 17.50 98.51 -47.08
C ALA YA 324 17.85 97.41 -46.08
N ASN YA 325 17.04 96.37 -46.01
CA ASN YA 325 17.35 95.19 -45.17
C ASN YA 325 18.47 94.31 -45.73
N ASN YA 326 19.38 93.82 -44.88
CA ASN YA 326 20.37 92.79 -45.33
C ASN YA 326 20.05 91.53 -44.52
N LEU YA 327 19.49 90.49 -45.14
CA LEU YA 327 19.11 89.19 -44.51
C LEU YA 327 20.28 88.35 -44.00
N THR YA 328 21.39 88.33 -44.71
CA THR YA 328 22.55 87.45 -44.40
C THR YA 328 23.55 88.07 -43.41
N SER YA 329 23.40 89.33 -43.00
CA SER YA 329 24.28 90.02 -42.00
C SER YA 329 24.10 89.50 -40.55
N THR YA 330 25.14 89.59 -39.72
CA THR YA 330 25.14 89.06 -38.33
C THR YA 330 25.41 90.10 -37.25
N VAL YA 331 24.96 89.81 -36.05
CA VAL YA 331 25.25 90.61 -34.83
C VAL YA 331 26.02 89.65 -33.88
N GLN YA 332 26.98 90.15 -33.10
CA GLN YA 332 27.79 89.34 -32.13
C GLN YA 332 27.53 89.73 -30.66
N VAL YA 333 27.23 88.76 -29.80
CA VAL YA 333 26.85 89.01 -28.36
C VAL YA 333 27.65 88.13 -27.38
N PHE YA 334 28.11 88.68 -26.27
CA PHE YA 334 28.78 87.92 -25.16
C PHE YA 334 28.56 88.52 -23.75
N THR YA 335 28.74 87.71 -22.72
CA THR YA 335 28.69 88.17 -21.31
C THR YA 335 30.05 87.94 -20.64
N ASP YA 336 30.56 88.93 -19.91
CA ASP YA 336 31.88 88.81 -19.17
C ASP YA 336 31.69 88.17 -17.80
N ASP YA 337 31.52 86.87 -17.74
CA ASP YA 337 31.24 86.09 -16.49
C ASP YA 337 32.35 86.08 -15.41
N ASP YA 338 33.63 86.02 -15.78
CA ASP YA 338 34.78 85.94 -14.83
C ASP YA 338 35.35 87.31 -14.46
N TYR YA 339 34.79 88.42 -14.91
CA TYR YA 339 35.17 89.81 -14.54
C TYR YA 339 36.58 90.16 -15.01
N GLN YA 340 37.03 89.59 -16.11
CA GLN YA 340 38.32 89.90 -16.75
C GLN YA 340 38.38 91.34 -17.28
N LEU YA 341 37.31 91.84 -17.85
CA LEU YA 341 37.23 93.23 -18.37
C LEU YA 341 37.06 94.30 -17.30
N PRO YA 342 37.49 95.54 -17.55
CA PRO YA 342 37.14 96.63 -16.65
C PRO YA 342 35.62 96.85 -16.59
N TYR YA 343 35.03 97.02 -15.39
CA TYR YA 343 33.55 97.14 -15.21
C TYR YA 343 33.16 98.62 -15.08
N VAL YA 344 32.45 99.12 -16.06
CA VAL YA 344 32.10 100.57 -16.11
C VAL YA 344 30.63 100.80 -15.74
N VAL YA 345 29.85 99.74 -15.47
CA VAL YA 345 28.38 99.81 -15.22
C VAL YA 345 27.96 100.61 -13.94
N GLY YA 346 28.66 100.59 -12.83
CA GLY YA 346 28.20 101.16 -11.53
C GLY YA 346 28.64 102.57 -11.19
N ASN YA 347 28.98 103.42 -12.16
CA ASN YA 347 29.59 104.77 -11.97
C ASN YA 347 28.65 105.96 -12.28
N GLY YA 348 27.31 105.82 -12.24
CA GLY YA 348 26.30 106.88 -12.50
C GLY YA 348 26.29 107.50 -13.87
N THR YA 349 26.51 106.69 -14.89
CA THR YA 349 26.57 107.16 -16.29
C THR YA 349 25.28 106.92 -17.05
N GLU YA 350 25.02 107.72 -18.06
CA GLU YA 350 23.84 107.63 -18.97
C GLU YA 350 23.87 106.47 -19.97
N GLY YA 351 22.74 106.14 -20.60
CA GLY YA 351 22.60 104.96 -21.50
C GLY YA 351 21.86 103.75 -20.98
N CYS YA 352 21.25 103.80 -19.80
CA CYS YA 352 20.38 102.73 -19.24
C CYS YA 352 19.02 102.66 -19.96
N LEU YA 353 18.29 101.56 -19.81
CA LEU YA 353 16.95 101.41 -20.42
C LEU YA 353 16.04 102.54 -19.89
N PRO YA 354 15.19 103.11 -20.77
CA PRO YA 354 14.32 104.22 -20.37
C PRO YA 354 13.20 103.99 -19.34
N ALA YA 355 12.85 105.03 -18.57
CA ALA YA 355 11.75 104.99 -17.56
C ALA YA 355 10.39 104.70 -18.23
N PHE YA 356 10.11 105.24 -19.41
CA PHE YA 356 8.81 105.08 -20.10
C PHE YA 356 8.92 103.98 -21.14
N PRO YA 357 8.09 102.90 -21.09
CA PRO YA 357 8.16 101.76 -22.01
C PRO YA 357 8.14 101.98 -23.54
N PRO YA 358 7.34 102.90 -24.11
CA PRO YA 358 7.34 103.25 -25.52
C PRO YA 358 8.61 103.92 -26.10
N GLN YA 359 9.43 104.56 -25.27
CA GLN YA 359 10.66 105.27 -25.71
C GLN YA 359 11.71 104.33 -26.33
N VAL YA 360 12.35 104.78 -27.40
CA VAL YA 360 13.33 103.93 -28.16
C VAL YA 360 14.73 104.52 -27.89
N PHE YA 361 15.71 103.67 -27.61
CA PHE YA 361 17.03 104.17 -27.16
C PHE YA 361 18.29 103.67 -27.92
N THR YA 362 19.28 104.56 -28.01
CA THR YA 362 20.61 104.20 -28.55
C THR YA 362 21.51 103.58 -27.47
N LEU YA 363 22.17 102.46 -27.75
CA LEU YA 363 23.16 101.83 -26.83
C LEU YA 363 24.45 102.66 -26.70
N PRO YA 364 25.00 102.78 -25.47
CA PRO YA 364 26.29 103.42 -25.28
C PRO YA 364 27.53 102.67 -25.83
N GLN YA 365 28.54 103.40 -26.31
CA GLN YA 365 29.82 102.78 -26.74
C GLN YA 365 30.74 102.44 -25.55
N TYR YA 366 31.32 101.24 -25.52
CA TYR YA 366 32.30 100.79 -24.50
C TYR YA 366 33.71 101.42 -24.65
N GLY YA 367 34.31 101.78 -23.52
CA GLY YA 367 35.63 102.39 -23.44
C GLY YA 367 36.12 102.25 -22.03
N TYR YA 368 37.41 102.50 -21.77
CA TYR YA 368 38.01 102.39 -20.41
C TYR YA 368 39.23 103.26 -20.27
N ALA YA 369 39.59 103.58 -19.04
CA ALA YA 369 40.88 104.25 -18.73
C ALA YA 369 41.80 103.27 -18.02
N THR YA 370 43.06 103.16 -18.46
CA THR YA 370 44.12 102.38 -17.76
C THR YA 370 45.02 103.36 -17.02
N LEU YA 371 46.25 102.99 -16.72
CA LEU YA 371 47.25 103.86 -16.07
C LEU YA 371 47.82 104.98 -16.95
N ASN YA 372 48.13 106.12 -16.33
CA ASN YA 372 48.70 107.30 -17.02
C ASN YA 372 49.96 107.69 -16.24
N ARG YA 373 50.95 108.29 -16.89
CA ARG YA 373 52.24 108.56 -16.21
C ARG YA 373 52.40 110.02 -15.74
N ASP YA 374 52.66 110.22 -14.45
CA ASP YA 374 52.93 111.56 -13.83
C ASP YA 374 51.84 112.62 -14.05
N ASN YA 375 50.56 112.25 -13.98
CA ASN YA 375 49.41 113.19 -14.20
C ASN YA 375 49.51 113.83 -15.61
N THR YA 376 49.85 113.04 -16.63
CA THR YA 376 49.99 113.46 -18.05
C THR YA 376 49.25 112.48 -18.96
N GLU YA 377 49.08 112.74 -20.27
CA GLU YA 377 48.36 111.87 -21.25
C GLU YA 377 49.12 110.58 -21.64
N ASN YA 378 50.42 110.48 -21.35
CA ASN YA 378 51.28 109.31 -21.64
C ASN YA 378 51.01 108.05 -20.80
N PRO YA 379 51.17 106.85 -21.39
CA PRO YA 379 51.12 105.57 -20.68
C PRO YA 379 52.36 105.09 -19.85
N THR YA 380 52.20 104.01 -19.10
CA THR YA 380 53.24 103.36 -18.27
C THR YA 380 53.43 101.94 -18.75
N GLU YA 381 54.50 101.26 -18.34
CA GLU YA 381 54.76 99.81 -18.65
C GLU YA 381 53.67 98.92 -18.06
N ARG YA 382 53.13 99.23 -16.89
CA ARG YA 382 51.99 98.53 -16.25
C ARG YA 382 50.66 98.73 -17.02
N SER YA 383 50.52 99.76 -17.85
CA SER YA 383 49.27 100.08 -18.61
C SER YA 383 48.88 98.92 -19.53
N SER YA 384 47.59 98.58 -19.59
CA SER YA 384 47.05 97.36 -20.25
C SER YA 384 46.08 97.59 -21.41
N PHE YA 385 46.18 96.75 -22.43
CA PHE YA 385 45.25 96.76 -23.59
C PHE YA 385 44.40 95.49 -23.55
N PHE YA 386 43.11 95.64 -23.73
CA PHE YA 386 42.18 94.48 -23.76
C PHE YA 386 41.46 94.40 -25.11
N CYS YA 387 41.48 93.23 -25.76
CA CYS YA 387 40.72 92.95 -27.01
C CYS YA 387 39.43 92.16 -26.71
N LEU YA 388 38.26 92.65 -27.11
CA LEU YA 388 36.92 91.98 -26.95
C LEU YA 388 36.80 90.74 -27.86
N GLU YA 389 37.39 90.79 -29.06
CA GLU YA 389 37.35 89.69 -30.06
C GLU YA 389 38.13 88.47 -29.58
N TYR YA 390 39.02 88.63 -28.62
CA TYR YA 390 39.77 87.51 -27.96
C TYR YA 390 38.78 86.60 -27.20
N PHE YA 391 37.75 87.10 -26.56
CA PHE YA 391 36.69 86.29 -25.92
C PHE YA 391 35.80 85.57 -26.93
N PRO YA 392 35.23 84.38 -26.63
CA PRO YA 392 34.19 83.80 -27.48
C PRO YA 392 32.78 84.51 -27.49
N SER YA 393 32.11 84.64 -28.66
CA SER YA 393 30.78 85.30 -28.77
C SER YA 393 29.76 84.52 -29.64
N LYS YA 394 28.47 84.61 -29.32
CA LYS YA 394 27.40 84.05 -30.18
C LYS YA 394 27.19 84.92 -31.43
N MET YA 395 26.93 84.32 -32.59
CA MET YA 395 26.65 85.06 -33.85
C MET YA 395 25.16 84.89 -34.23
N LEU YA 396 24.48 86.02 -34.46
CA LEU YA 396 23.02 85.95 -34.75
C LEU YA 396 22.58 86.58 -36.08
N ARG YA 397 21.82 85.85 -36.87
CA ARG YA 397 21.10 86.38 -38.05
C ARG YA 397 19.66 86.81 -37.59
N THR YA 398 18.80 87.30 -38.49
CA THR YA 398 17.40 87.78 -38.23
C THR YA 398 16.51 86.76 -37.53
N GLY YA 399 16.59 85.46 -37.84
CA GLY YA 399 15.93 84.34 -37.13
C GLY YA 399 16.34 84.08 -35.70
N ASN YA 400 17.61 84.28 -35.35
CA ASN YA 400 18.26 83.94 -34.04
C ASN YA 400 17.96 84.80 -32.80
N ASN YA 401 18.11 84.24 -31.61
CA ASN YA 401 17.86 84.91 -30.29
C ASN YA 401 18.97 84.56 -29.27
N PHE YA 402 19.16 85.39 -28.22
CA PHE YA 402 20.12 85.13 -27.12
C PHE YA 402 19.45 85.19 -25.72
N GLU YA 403 19.80 84.29 -24.81
CA GLU YA 403 19.27 84.33 -23.41
C GLU YA 403 20.38 84.19 -22.33
N PHE YA 404 20.24 84.86 -21.17
CA PHE YA 404 21.16 84.71 -20.01
C PHE YA 404 20.38 84.66 -18.65
N THR YA 405 20.90 83.97 -17.63
CA THR YA 405 20.31 83.92 -16.25
C THR YA 405 21.36 84.22 -15.19
N TYR YA 406 21.03 84.96 -14.13
CA TYR YA 406 21.95 85.30 -13.01
C TYR YA 406 21.29 85.16 -11.63
N ASN YA 407 22.04 84.79 -10.59
CA ASN YA 407 21.57 84.78 -9.17
C ASN YA 407 22.40 85.75 -8.34
N PHE YA 408 21.75 86.59 -7.57
CA PHE YA 408 22.45 87.57 -6.70
C PHE YA 408 22.99 86.85 -5.46
N GLU YA 409 24.13 87.30 -4.92
CA GLU YA 409 24.69 86.78 -3.64
C GLU YA 409 23.84 87.28 -2.45
N GLU YA 410 23.92 86.61 -1.30
CA GLU YA 410 23.20 87.13 -0.11
C GLU YA 410 23.71 88.53 0.25
N VAL YA 411 22.78 89.44 0.49
CA VAL YA 411 23.11 90.87 0.76
C VAL YA 411 22.12 91.32 1.84
N PRO YA 412 22.45 92.31 2.69
CA PRO YA 412 21.46 92.86 3.62
C PRO YA 412 20.30 93.65 2.97
N PHE YA 413 19.09 93.60 3.51
CA PHE YA 413 17.93 94.38 3.01
C PHE YA 413 18.17 95.87 3.16
N HIS YA 414 17.77 96.71 2.20
CA HIS YA 414 17.78 98.18 2.37
C HIS YA 414 16.75 98.56 3.45
N SER YA 415 17.04 99.58 4.25
CA SER YA 415 16.09 100.03 5.31
C SER YA 415 15.14 101.13 4.83
N SER YA 416 13.90 100.79 4.51
CA SER YA 416 12.84 101.75 4.09
C SER YA 416 12.02 102.23 5.31
N PHE YA 417 12.64 102.94 6.23
CA PHE YA 417 11.95 103.45 7.44
C PHE YA 417 12.73 104.64 7.98
N ALA YA 418 12.04 105.46 8.76
CA ALA YA 418 12.67 106.60 9.45
C ALA YA 418 12.58 106.34 10.95
N PRO YA 419 13.65 106.62 11.73
CA PRO YA 419 13.57 106.52 13.18
C PRO YA 419 12.59 107.45 13.91
N SER YA 420 11.86 106.90 14.87
CA SER YA 420 10.89 107.70 15.69
C SER YA 420 11.51 108.19 17.02
N GLN YA 421 12.78 107.88 17.29
CA GLN YA 421 13.48 108.39 18.51
C GLN YA 421 14.86 108.96 18.22
N ASN YA 422 15.29 109.98 18.96
CA ASN YA 422 16.67 110.52 18.96
C ASN YA 422 17.63 109.54 19.66
N LEU YA 423 18.86 109.39 19.17
CA LEU YA 423 19.92 108.49 19.70
C LEU YA 423 20.31 108.87 21.15
N PHE YA 424 20.35 110.17 21.45
CA PHE YA 424 20.69 110.70 22.80
C PHE YA 424 19.49 110.83 23.80
N LYS YA 425 18.23 110.52 23.45
CA LYS YA 425 17.02 110.68 24.32
C LYS YA 425 16.38 109.32 24.71
N LEU YA 426 17.13 108.23 24.90
CA LEU YA 426 16.61 106.86 25.14
C LEU YA 426 16.33 106.48 26.61
N ALA YA 427 16.79 107.26 27.58
CA ALA YA 427 16.47 107.03 29.00
C ALA YA 427 14.99 107.34 29.25
N ASN YA 428 14.35 106.66 30.20
CA ASN YA 428 12.96 106.97 30.56
C ASN YA 428 12.91 108.42 31.06
N PRO YA 429 11.95 109.23 30.59
CA PRO YA 429 11.78 110.61 31.03
C PRO YA 429 11.41 110.78 32.54
N LEU YA 430 10.58 109.91 33.13
CA LEU YA 430 10.17 109.83 34.56
C LEU YA 430 11.26 109.48 35.58
N VAL YA 431 12.21 108.62 35.27
CA VAL YA 431 13.19 108.10 36.27
C VAL YA 431 14.63 108.65 36.20
N ASP YA 432 15.21 109.04 37.34
CA ASP YA 432 16.64 109.47 37.48
C ASP YA 432 17.66 108.34 37.35
N GLN YA 433 18.84 108.63 36.85
CA GLN YA 433 19.98 107.68 36.79
C GLN YA 433 20.66 107.43 38.15
N TYR YA 434 21.23 106.24 38.41
CA TYR YA 434 22.06 106.00 39.63
C TYR YA 434 23.53 106.44 39.39
N LEU YA 435 23.78 107.42 38.54
CA LEU YA 435 25.13 107.83 38.11
C LEU YA 435 25.35 109.32 38.37
N TYR YA 436 26.60 109.71 38.60
CA TYR YA 436 26.91 111.10 39.00
C TYR YA 436 27.98 111.72 38.09
N ARG YA 437 27.97 113.05 38.01
CA ARG YA 437 28.90 113.79 37.12
C ARG YA 437 29.64 114.89 37.91
N PHE YA 438 30.84 115.25 37.44
CA PHE YA 438 31.59 116.37 38.04
C PHE YA 438 31.06 117.67 37.51
N VAL YA 439 30.74 118.57 38.42
CA VAL YA 439 30.22 119.88 38.00
C VAL YA 439 31.07 121.07 38.49
N SER YA 440 31.93 120.87 39.48
CA SER YA 440 32.54 122.06 40.14
C SER YA 440 33.82 121.85 40.96
N THR YA 441 34.49 122.95 41.24
CA THR YA 441 35.63 122.95 42.17
C THR YA 441 35.31 124.07 43.18
N ASN YA 442 35.65 123.93 44.45
CA ASN YA 442 35.43 124.98 45.51
C ASN YA 442 36.57 126.03 45.57
N ASN YA 443 36.56 126.96 46.53
CA ASN YA 443 37.57 128.05 46.64
C ASN YA 443 38.95 127.43 46.81
N THR YA 444 39.11 126.36 47.58
CA THR YA 444 40.35 125.53 47.56
C THR YA 444 39.96 124.61 46.45
N GLY YA 445 40.81 124.25 45.51
CA GLY YA 445 40.25 123.54 44.32
C GLY YA 445 39.83 122.11 44.54
N GLY YA 446 38.79 121.87 45.34
CA GLY YA 446 38.30 120.51 45.67
C GLY YA 446 37.12 120.11 44.83
N VAL YA 447 37.12 118.92 44.26
CA VAL YA 447 36.07 118.44 43.31
C VAL YA 447 34.68 118.25 43.92
N GLN YA 448 33.63 118.56 43.15
CA GLN YA 448 32.23 118.49 43.62
C GLN YA 448 31.38 117.73 42.59
N PHE YA 449 30.33 117.04 43.05
CA PHE YA 449 29.53 116.16 42.16
C PHE YA 449 28.01 116.36 42.32
N ASN YA 450 27.25 116.08 41.27
CA ASN YA 450 25.75 116.15 41.31
C ASN YA 450 25.18 114.91 40.64
N LYS YA 451 24.04 114.43 41.09
CA LYS YA 451 23.29 113.30 40.47
C LYS YA 451 22.62 113.68 39.14
N ASN YA 452 22.43 112.70 38.26
CA ASN YA 452 21.78 112.95 36.95
C ASN YA 452 20.26 112.79 37.08
N LEU YA 453 19.50 113.87 36.85
CA LEU YA 453 18.01 113.91 36.98
C LEU YA 453 17.22 113.39 35.76
N ALA YA 454 15.96 113.03 35.96
CA ALA YA 454 15.08 112.53 34.88
C ALA YA 454 14.82 113.57 33.78
N GLY YA 455 14.97 113.18 32.51
CA GLY YA 455 14.72 114.03 31.33
C GLY YA 455 15.84 114.99 30.98
N ARG YA 456 16.94 115.01 31.72
CA ARG YA 456 18.09 115.94 31.48
C ARG YA 456 19.07 115.29 30.47
N TYR YA 457 18.72 115.24 29.19
CA TYR YA 457 19.44 114.55 28.07
C TYR YA 457 20.81 115.19 27.82
N ALA YA 458 20.94 116.48 28.11
CA ALA YA 458 22.22 117.19 28.01
C ALA YA 458 23.27 116.55 28.94
N ASN YA 459 22.91 116.05 30.13
CA ASN YA 459 23.86 115.55 31.16
C ASN YA 459 23.77 114.06 31.50
N THR YA 460 23.44 113.15 30.62
CA THR YA 460 23.10 111.73 30.90
C THR YA 460 24.21 110.86 30.37
N TYR YA 461 24.53 109.76 31.02
CA TYR YA 461 25.53 108.78 30.53
C TYR YA 461 24.96 108.11 29.29
N LYS YA 462 25.78 107.88 28.29
CA LYS YA 462 25.33 107.33 26.99
C LYS YA 462 26.04 106.05 26.57
N ASN YA 463 25.34 105.00 26.19
CA ASN YA 463 25.91 103.76 25.57
C ASN YA 463 26.47 103.89 24.15
N TRP YA 464 25.85 104.67 23.28
CA TRP YA 464 26.11 104.62 21.83
C TRP YA 464 26.39 105.98 21.24
N PHE YA 465 27.11 105.99 20.13
CA PHE YA 465 27.60 107.26 19.54
C PHE YA 465 27.18 107.36 18.10
N PRO YA 466 27.04 108.60 17.59
CA PRO YA 466 26.74 108.83 16.18
C PRO YA 466 27.86 108.51 15.19
N GLY YA 467 27.51 108.31 13.92
CA GLY YA 467 28.44 107.93 12.84
C GLY YA 467 29.41 109.01 12.35
N PRO YA 468 30.42 108.62 11.55
CA PRO YA 468 31.47 109.55 11.11
C PRO YA 468 31.11 110.78 10.26
N MET YA 469 31.80 111.89 10.47
CA MET YA 469 31.45 113.16 9.79
C MET YA 469 32.65 113.94 9.21
N GLY YA 470 32.52 114.64 8.10
CA GLY YA 470 33.52 115.61 7.60
C GLY YA 470 32.82 116.91 7.24
N ARG YA 471 33.23 118.09 7.69
CA ARG YA 471 32.44 119.33 7.42
C ARG YA 471 32.38 119.74 5.91
N THR YA 472 31.20 120.09 5.40
CA THR YA 472 30.95 120.50 4.00
C THR YA 472 30.14 121.78 4.00
N GLN YA 473 30.39 122.72 3.08
CA GLN YA 473 29.74 124.05 3.08
C GLN YA 473 28.22 123.98 2.86
N GLY YA 474 27.46 124.83 3.56
CA GLY YA 474 26.00 124.90 3.44
C GLY YA 474 25.53 126.10 2.65
N TRP YA 475 24.63 125.87 1.70
CA TRP YA 475 24.06 126.94 0.85
C TRP YA 475 22.53 127.03 0.98
N ASN YA 476 21.99 128.23 1.13
CA ASN YA 476 20.53 128.45 1.25
C ASN YA 476 19.84 128.32 -0.11
N LEU YA 477 18.60 127.83 -0.14
CA LEU YA 477 17.79 127.61 -1.36
C LEU YA 477 16.49 128.40 -1.17
N GLY YA 478 15.75 128.69 -2.23
CA GLY YA 478 14.53 129.52 -2.11
C GLY YA 478 14.82 130.93 -1.66
N SER YA 479 14.25 131.36 -0.53
CA SER YA 479 14.49 132.72 -0.01
C SER YA 479 15.99 132.89 0.28
N GLY YA 480 16.68 131.90 0.83
CA GLY YA 480 18.17 131.97 0.85
C GLY YA 480 18.81 133.13 1.55
N VAL YA 481 19.65 133.90 0.85
CA VAL YA 481 20.48 135.02 1.42
C VAL YA 481 21.99 134.66 1.42
N ASN YA 482 22.47 133.80 0.51
CA ASN YA 482 23.91 133.42 0.30
C ASN YA 482 24.83 134.49 -0.30
N ARG YA 483 26.16 134.36 -0.13
CA ARG YA 483 27.19 135.29 -0.70
C ARG YA 483 27.25 135.35 -2.24
N ALA YA 484 27.40 136.55 -2.80
CA ALA YA 484 27.37 136.82 -4.27
C ALA YA 484 28.66 136.57 -5.07
N SER YA 485 28.52 136.26 -6.37
CA SER YA 485 29.67 136.15 -7.32
C SER YA 485 30.76 135.17 -6.94
N VAL YA 486 30.42 133.99 -6.43
CA VAL YA 486 31.42 133.01 -5.94
C VAL YA 486 31.78 131.96 -7.00
N SER YA 487 33.07 131.63 -7.15
CA SER YA 487 33.46 130.46 -7.98
C SER YA 487 33.70 129.33 -6.97
N ALA YA 488 32.93 128.26 -7.04
CA ALA YA 488 32.92 127.15 -6.05
C ALA YA 488 34.20 126.29 -5.92
N PHE YA 489 34.95 125.96 -6.97
CA PHE YA 489 35.98 124.89 -6.98
C PHE YA 489 37.17 125.02 -5.98
N ALA YA 490 37.76 126.18 -5.75
CA ALA YA 490 38.91 126.36 -4.85
C ALA YA 490 38.57 125.95 -3.41
N THR YA 491 37.36 126.23 -2.93
CA THR YA 491 36.94 125.96 -1.54
C THR YA 491 36.20 124.64 -1.37
N THR YA 492 36.08 123.81 -2.39
CA THR YA 492 35.42 122.48 -2.32
C THR YA 492 36.22 121.42 -1.57
N ASN YA 493 35.56 120.39 -1.02
CA ASN YA 493 36.21 119.25 -0.33
C ASN YA 493 37.01 118.38 -1.31
N ARG YA 494 38.18 117.91 -0.90
CA ARG YA 494 39.07 117.15 -1.83
C ARG YA 494 39.83 116.02 -1.16
N MET YA 495 40.23 114.99 -1.91
CA MET YA 495 41.11 113.91 -1.43
C MET YA 495 42.30 113.85 -2.44
N GLU YA 496 43.51 113.55 -1.98
CA GLU YA 496 44.72 113.55 -2.85
C GLU YA 496 45.13 112.11 -3.22
N LEU YA 497 45.25 111.79 -4.52
CA LEU YA 497 45.75 110.46 -4.97
C LEU YA 497 46.86 110.63 -6.01
N GLU YA 498 48.01 109.97 -5.89
CA GLU YA 498 49.11 109.95 -6.91
C GLU YA 498 49.60 111.34 -7.33
N GLY YA 499 49.68 112.31 -6.43
CA GLY YA 499 50.04 113.68 -6.82
C GLY YA 499 48.95 114.58 -7.38
N ALA YA 500 47.68 114.19 -7.39
CA ALA YA 500 46.62 115.12 -7.87
C ALA YA 500 45.49 115.31 -6.85
N SER YA 501 44.80 116.47 -6.87
CA SER YA 501 43.65 116.77 -5.96
C SER YA 501 42.34 116.45 -6.67
N TYR YA 502 41.49 115.67 -6.03
CA TYR YA 502 40.21 115.26 -6.65
C TYR YA 502 39.01 115.66 -5.84
N GLN YA 503 38.02 116.22 -6.49
CA GLN YA 503 36.72 116.41 -5.81
C GLN YA 503 36.12 115.01 -5.64
N VAL YA 504 35.44 114.77 -4.54
CA VAL YA 504 34.79 113.46 -4.23
C VAL YA 504 33.34 113.89 -3.96
N PRO YA 505 32.55 114.17 -5.02
CA PRO YA 505 31.24 114.79 -4.89
C PRO YA 505 30.18 114.10 -4.09
N PRO YA 506 29.96 112.77 -4.02
CA PRO YA 506 29.05 112.27 -3.01
C PRO YA 506 30.02 112.25 -1.81
N GLN YA 507 29.66 112.76 -0.65
CA GLN YA 507 30.64 112.57 0.47
C GLN YA 507 30.51 111.12 1.02
N PRO YA 508 31.40 110.59 1.88
CA PRO YA 508 31.22 109.27 2.52
C PRO YA 508 30.02 109.13 3.53
N ASN YA 509 29.40 107.96 3.71
CA ASN YA 509 28.18 107.74 4.57
C ASN YA 509 28.24 108.10 6.07
N GLY YA 510 27.09 108.36 6.72
CA GLY YA 510 26.97 108.75 8.15
C GLY YA 510 26.61 110.17 8.45
N MET YA 511 26.29 110.96 7.43
CA MET YA 511 25.88 112.37 7.66
C MET YA 511 24.49 112.70 7.08
N THR YA 512 23.90 113.82 7.50
CA THR YA 512 22.66 114.35 6.87
C THR YA 512 22.95 115.72 6.23
N ASN YA 513 22.63 115.93 4.97
CA ASN YA 513 22.71 117.23 4.21
C ASN YA 513 21.73 118.35 4.67
N ASN YA 514 20.49 118.03 5.04
CA ASN YA 514 19.45 119.06 5.36
C ASN YA 514 18.77 118.75 6.71
N LEU YA 515 18.56 119.75 7.56
CA LEU YA 515 17.83 119.58 8.87
C LEU YA 515 16.31 119.23 8.86
N GLN YA 516 15.42 119.77 8.04
CA GLN YA 516 13.92 119.57 8.04
C GLN YA 516 13.35 120.98 8.18
N GLY YA 517 12.32 121.32 7.40
CA GLY YA 517 12.05 122.76 7.36
C GLY YA 517 13.34 123.24 6.73
N SER YA 518 14.12 124.10 7.36
CA SER YA 518 15.41 124.65 6.85
C SER YA 518 15.69 124.64 5.34
N ASN YA 519 16.25 125.73 4.85
CA ASN YA 519 16.59 125.88 3.42
C ASN YA 519 18.11 125.77 3.24
N THR YA 520 18.85 125.37 4.28
CA THR YA 520 20.30 125.13 4.17
C THR YA 520 20.57 123.69 3.73
N TYR YA 521 21.38 123.55 2.70
CA TYR YA 521 21.72 122.22 2.14
C TYR YA 521 23.20 122.17 1.96
N ALA YA 522 23.78 121.04 2.32
CA ALA YA 522 25.22 120.89 1.97
C ALA YA 522 25.22 120.27 0.57
N LEU YA 523 25.51 121.05 -0.48
CA LEU YA 523 25.39 120.67 -1.93
C LEU YA 523 26.30 119.50 -2.36
N GLU YA 524 27.52 119.41 -1.85
CA GLU YA 524 28.46 118.31 -2.19
C GLU YA 524 28.12 117.01 -1.43
N ASN YA 525 27.17 117.00 -0.51
CA ASN YA 525 26.66 115.77 0.16
C ASN YA 525 25.30 115.34 -0.45
N THR YA 526 24.83 115.96 -1.52
CA THR YA 526 23.47 115.68 -2.07
C THR YA 526 23.50 115.12 -3.48
N MET YA 527 22.68 114.12 -3.78
CA MET YA 527 22.47 113.66 -5.17
C MET YA 527 21.62 114.70 -5.92
N ILE YA 528 22.11 115.21 -7.04
CA ILE YA 528 21.37 116.19 -7.89
C ILE YA 528 21.04 115.56 -9.26
N PHE YA 529 19.79 115.66 -9.69
CA PHE YA 529 19.29 115.00 -10.94
C PHE YA 529 18.55 116.01 -11.78
N ASN YA 530 18.38 115.72 -13.07
CA ASN YA 530 17.59 116.55 -14.01
C ASN YA 530 16.26 115.83 -14.29
N SER YA 531 15.13 116.55 -14.31
CA SER YA 531 13.81 115.97 -14.68
C SER YA 531 13.82 115.45 -16.12
N GLN YA 532 14.46 116.17 -17.04
CA GLN YA 532 14.52 115.82 -18.47
C GLN YA 532 15.93 115.36 -18.86
N PRO YA 533 16.09 114.42 -19.83
CA PRO YA 533 17.39 114.04 -20.35
C PRO YA 533 18.09 115.16 -21.13
N ALA YA 534 19.42 115.15 -21.14
CA ALA YA 534 20.20 116.25 -21.75
C ALA YA 534 21.05 115.79 -22.93
N ASN YA 535 21.32 116.71 -23.84
CA ASN YA 535 22.23 116.45 -24.99
C ASN YA 535 23.67 116.30 -24.49
N PRO YA 536 24.51 115.45 -25.12
CA PRO YA 536 25.90 115.32 -24.72
C PRO YA 536 26.79 116.54 -24.86
N GLY YA 537 27.65 116.79 -23.85
CA GLY YA 537 28.62 117.89 -23.88
C GLY YA 537 28.06 119.25 -23.51
N THR YA 538 26.84 119.32 -23.02
CA THR YA 538 26.23 120.63 -22.70
C THR YA 538 27.07 121.36 -21.65
N THR YA 539 27.27 122.66 -21.81
CA THR YA 539 27.99 123.50 -20.82
C THR YA 539 27.04 124.54 -20.26
N ALA YA 540 25.73 124.42 -20.48
CA ALA YA 540 24.71 125.38 -20.04
C ALA YA 540 24.57 125.52 -18.50
N THR YA 541 24.37 126.74 -18.00
CA THR YA 541 24.08 126.94 -16.56
C THR YA 541 22.67 126.48 -16.23
N TYR YA 542 22.49 125.87 -15.07
CA TYR YA 542 21.14 125.43 -14.61
C TYR YA 542 20.84 126.06 -13.27
N LEU YA 543 19.68 126.68 -13.16
CA LEU YA 543 19.16 127.20 -11.87
C LEU YA 543 18.46 126.10 -11.06
N GLU YA 544 18.11 126.35 -9.81
CA GLU YA 544 17.49 125.38 -8.87
C GLU YA 544 16.13 124.83 -9.34
N GLY YA 545 15.29 125.65 -10.00
CA GLY YA 545 13.96 125.21 -10.47
C GLY YA 545 14.04 124.08 -11.47
N ASN YA 546 15.01 124.08 -12.38
CA ASN YA 546 15.25 122.93 -13.29
C ASN YA 546 15.70 121.67 -12.53
N MET YA 547 16.48 121.78 -11.47
CA MET YA 547 17.09 120.59 -10.80
C MET YA 547 16.19 119.81 -9.82
N LEU YA 548 16.45 118.51 -9.65
CA LEU YA 548 15.74 117.71 -8.62
C LEU YA 548 16.75 117.50 -7.49
N ILE YA 549 16.51 118.07 -6.30
CA ILE YA 549 17.50 118.02 -5.18
C ILE YA 549 16.95 117.17 -4.02
N THR YA 550 17.68 116.15 -3.62
CA THR YA 550 17.32 115.21 -2.54
C THR YA 550 17.61 115.74 -1.13
N SER YA 551 16.90 115.25 -0.12
CA SER YA 551 17.09 115.61 1.30
C SER YA 551 17.21 114.32 2.10
N GLU YA 552 18.07 114.28 3.10
CA GLU YA 552 18.31 113.10 3.97
C GLU YA 552 17.77 113.40 5.38
N SER YA 553 16.82 114.31 5.55
CA SER YA 553 16.32 114.82 6.86
C SER YA 553 15.72 113.73 7.76
N GLU YA 554 15.23 112.61 7.22
CA GLU YA 554 14.70 111.45 7.99
C GLU YA 554 15.79 110.81 8.89
N THR YA 555 17.05 110.79 8.48
CA THR YA 555 18.19 110.18 9.21
C THR YA 555 18.77 111.09 10.28
N GLN YA 556 18.28 112.32 10.45
CA GLN YA 556 18.81 113.35 11.39
C GLN YA 556 18.78 112.87 12.87
N PRO YA 557 17.79 112.10 13.39
CA PRO YA 557 17.87 111.53 14.73
C PRO YA 557 19.15 110.70 15.05
N VAL YA 558 19.80 110.03 14.08
CA VAL YA 558 21.12 109.34 14.22
C VAL YA 558 22.29 109.88 13.37
N ASN YA 559 22.12 110.85 12.48
CA ASN YA 559 23.22 111.25 11.56
C ASN YA 559 23.56 112.72 11.81
N ARG YA 560 24.84 113.02 11.96
CA ARG YA 560 25.28 114.42 12.19
C ARG YA 560 25.11 115.31 10.94
N VAL YA 561 24.82 116.58 11.15
CA VAL YA 561 24.70 117.56 10.03
C VAL YA 561 26.08 117.95 9.43
N ALA YA 562 26.22 117.89 8.10
CA ALA YA 562 27.47 118.18 7.34
C ALA YA 562 27.96 119.62 7.45
N TYR YA 563 27.06 120.60 7.40
CA TYR YA 563 27.43 122.05 7.47
C TYR YA 563 28.03 122.42 8.86
N ASN YA 564 27.54 121.85 9.95
CA ASN YA 564 27.97 122.18 11.35
C ASN YA 564 29.27 121.47 11.81
N VAL YA 565 29.95 121.99 12.84
CA VAL YA 565 31.10 121.31 13.54
C VAL YA 565 30.61 120.06 14.30
N GLY YA 566 31.40 118.98 14.36
CA GLY YA 566 31.08 117.71 15.08
C GLY YA 566 30.98 117.71 16.60
N GLY YA 567 31.83 118.43 17.33
CA GLY YA 567 31.87 118.38 18.80
C GLY YA 567 33.08 119.11 19.33
N GLN YA 568 33.39 118.97 20.62
CA GLN YA 568 34.57 119.61 21.27
C GLN YA 568 35.40 118.58 22.10
N MET YA 569 36.73 118.76 22.21
CA MET YA 569 37.65 117.91 23.01
C MET YA 569 38.62 118.79 23.82
N ALA YA 570 39.24 118.28 24.89
CA ALA YA 570 40.23 119.01 25.73
C ALA YA 570 41.56 119.31 25.00
N THR YA 571 42.08 120.53 25.18
CA THR YA 571 43.31 120.99 24.50
C THR YA 571 44.45 121.31 25.48
N ASN YA 572 44.30 121.07 26.78
CA ASN YA 572 45.29 121.54 27.78
C ASN YA 572 45.21 120.73 29.06
N ASN YA 573 46.13 120.97 29.99
CA ASN YA 573 46.04 120.40 31.35
C ASN YA 573 45.74 121.54 32.32
N GLN YA 574 44.69 121.43 33.14
CA GLN YA 574 44.32 122.45 34.16
C GLN YA 574 45.34 122.44 35.32
N SER YA 575 45.51 123.58 35.99
CA SER YA 575 46.46 123.72 37.12
C SER YA 575 45.94 124.89 37.96
N SER YA 576 46.47 125.12 39.15
CA SER YA 576 46.05 126.32 39.90
C SER YA 576 46.37 127.56 39.08
N THR YA 577 47.53 127.63 38.42
CA THR YA 577 47.88 128.71 37.48
C THR YA 577 47.01 128.74 36.22
N THR YA 578 46.64 127.59 35.65
CA THR YA 578 45.94 127.56 34.33
C THR YA 578 44.52 127.07 34.34
N ALA YA 579 43.59 127.84 33.76
CA ALA YA 579 42.17 127.43 33.57
C ALA YA 579 42.04 126.34 32.50
N PRO YA 580 41.05 125.44 32.61
CA PRO YA 580 40.79 124.44 31.56
C PRO YA 580 40.30 125.00 30.20
N ALA YA 581 40.67 124.38 29.08
CA ALA YA 581 40.33 124.84 27.71
C ALA YA 581 39.81 123.72 26.80
N THR YA 582 38.95 124.05 25.84
CA THR YA 582 38.42 123.06 24.86
C THR YA 582 38.61 123.57 23.45
N GLY YA 583 38.60 122.66 22.47
CA GLY YA 583 38.63 123.06 21.05
C GLY YA 583 37.63 122.29 20.20
N THR YA 584 36.98 122.94 19.23
CA THR YA 584 36.08 122.25 18.25
C THR YA 584 36.83 121.45 17.19
N TYR YA 585 36.23 120.40 16.66
CA TYR YA 585 36.81 119.58 15.56
C TYR YA 585 35.89 119.62 14.29
N ASN YA 586 36.44 119.62 13.07
CA ASN YA 586 35.68 119.67 11.79
C ASN YA 586 35.54 118.28 11.14
N LEU YA 587 36.26 117.28 11.65
CA LEU YA 587 36.19 115.90 11.11
C LEU YA 587 36.34 114.84 12.21
N GLN YA 588 35.67 113.70 12.09
CA GLN YA 588 35.87 112.55 13.01
C GLN YA 588 35.57 111.28 12.21
N GLU YA 589 36.14 110.16 12.59
CA GLU YA 589 36.00 108.89 11.83
C GLU YA 589 35.42 107.85 12.78
N ILE YA 590 35.34 106.59 12.37
CA ILE YA 590 34.68 105.50 13.16
C ILE YA 590 35.31 105.27 14.54
N VAL YA 591 34.46 105.06 15.52
CA VAL YA 591 34.87 104.79 16.94
C VAL YA 591 34.06 103.56 17.35
N PRO YA 592 34.51 102.74 18.31
CA PRO YA 592 33.68 101.61 18.77
C PRO YA 592 32.36 102.06 19.42
N GLY YA 593 31.25 101.35 19.19
CA GLY YA 593 29.92 101.77 19.64
C GLY YA 593 29.21 102.75 18.72
N SER YA 594 29.76 103.02 17.54
CA SER YA 594 29.20 103.90 16.48
C SER YA 594 27.98 103.30 15.76
N VAL YA 595 26.93 104.10 15.57
CA VAL YA 595 25.69 103.68 14.84
C VAL YA 595 25.35 104.77 13.79
N TRP YA 596 24.88 104.38 12.61
CA TRP YA 596 24.46 105.35 11.54
C TRP YA 596 23.46 104.72 10.58
N MET YA 597 22.83 105.54 9.76
CA MET YA 597 21.94 105.08 8.65
C MET YA 597 22.59 105.36 7.28
N GLU YA 598 22.56 104.40 6.37
CA GLU YA 598 23.06 104.56 4.98
C GLU YA 598 22.14 105.45 4.13
N ARG YA 599 22.65 106.02 3.05
CA ARG YA 599 21.86 106.87 2.11
C ARG YA 599 20.67 106.14 1.48
N ASP YA 600 19.55 106.86 1.31
CA ASP YA 600 18.31 106.33 0.69
C ASP YA 600 18.40 106.10 -0.83
N VAL YA 601 17.72 105.09 -1.33
CA VAL YA 601 17.54 104.85 -2.80
C VAL YA 601 16.44 105.75 -3.39
N TYR YA 602 16.52 106.03 -4.68
CA TYR YA 602 15.52 106.87 -5.40
C TYR YA 602 15.08 106.10 -6.63
N LEU YA 603 13.87 106.36 -7.14
CA LEU YA 603 13.37 105.72 -8.39
C LEU YA 603 14.28 106.12 -9.58
N GLN YA 604 14.72 107.37 -9.67
CA GLN YA 604 15.69 107.90 -10.66
C GLN YA 604 17.12 107.33 -10.45
N GLY YA 605 17.50 106.90 -9.25
CA GLY YA 605 18.83 106.36 -8.90
C GLY YA 605 19.27 104.95 -9.23
N PRO YA 606 20.59 104.65 -9.09
CA PRO YA 606 21.14 103.29 -9.21
C PRO YA 606 20.94 102.16 -8.19
N ILE YA 607 20.67 100.92 -8.60
CA ILE YA 607 20.64 99.71 -7.68
C ILE YA 607 21.97 99.19 -7.09
N TRP YA 608 23.04 99.04 -7.87
CA TRP YA 608 24.25 98.35 -7.40
C TRP YA 608 25.58 98.98 -7.81
N ALA YA 609 26.67 98.62 -7.14
CA ALA YA 609 28.05 99.01 -7.50
C ALA YA 609 28.96 97.80 -7.27
N LYS YA 610 30.02 97.67 -8.05
CA LYS YA 610 31.02 96.59 -7.84
C LYS YA 610 32.07 96.99 -6.79
N ILE YA 611 32.31 96.11 -5.81
CA ILE YA 611 33.40 96.33 -4.84
C ILE YA 611 34.75 96.14 -5.57
N PRO YA 612 35.74 97.07 -5.43
CA PRO YA 612 37.04 96.93 -6.07
C PRO YA 612 37.94 95.84 -5.47
N GLU YA 613 38.71 95.13 -6.31
CA GLU YA 613 39.52 93.99 -5.80
C GLU YA 613 40.94 94.44 -5.37
N THR YA 614 41.16 94.66 -4.07
CA THR YA 614 42.45 95.12 -3.52
C THR YA 614 42.95 94.12 -2.51
N GLY YA 615 42.06 93.26 -2.02
CA GLY YA 615 42.33 92.34 -0.91
C GLY YA 615 42.02 92.93 0.46
N ALA YA 616 41.73 94.23 0.59
CA ALA YA 616 41.33 94.83 1.89
C ALA YA 616 40.24 95.89 1.73
N HIS YA 617 39.20 95.86 2.55
CA HIS YA 617 38.12 96.89 2.52
C HIS YA 617 37.42 96.97 3.88
N PHE YA 618 36.74 98.08 4.15
CA PHE YA 618 35.89 98.20 5.37
C PHE YA 618 34.46 98.57 5.00
N HIS YA 619 33.45 97.86 5.53
CA HIS YA 619 31.99 98.21 5.41
C HIS YA 619 31.62 98.62 3.98
N PRO YA 620 31.26 97.65 3.12
CA PRO YA 620 31.13 97.94 1.69
C PRO YA 620 29.81 98.38 1.08
N SER YA 621 29.40 99.57 1.48
CA SER YA 621 28.14 100.17 1.00
C SER YA 621 28.53 101.35 0.11
N PRO YA 622 28.09 101.43 -1.17
CA PRO YA 622 28.49 102.54 -2.03
C PRO YA 622 27.93 103.93 -1.67
N ALA YA 623 28.71 104.99 -1.88
CA ALA YA 623 28.33 106.36 -1.48
C ALA YA 623 27.08 106.93 -2.18
N MET YA 624 26.89 106.68 -3.48
CA MET YA 624 25.71 107.11 -4.27
C MET YA 624 24.45 106.42 -3.72
N GLY YA 625 24.55 105.21 -3.22
CA GLY YA 625 23.41 104.44 -2.67
C GLY YA 625 23.36 103.04 -3.24
N GLY YA 626 22.48 102.19 -2.73
CA GLY YA 626 22.33 100.82 -3.25
C GLY YA 626 23.11 99.69 -2.63
N PHE YA 627 23.30 98.61 -3.38
CA PHE YA 627 23.92 97.35 -2.88
C PHE YA 627 25.32 97.16 -3.45
N GLY YA 628 26.28 96.89 -2.58
CA GLY YA 628 27.68 96.66 -2.97
C GLY YA 628 27.91 95.19 -3.17
N LEU YA 629 28.36 94.82 -4.36
CA LEU YA 629 28.49 93.37 -4.69
C LEU YA 629 29.89 92.96 -5.10
N LYS YA 630 30.42 91.90 -4.50
CA LYS YA 630 31.70 91.28 -4.96
C LYS YA 630 31.55 90.70 -6.37
N HIS YA 631 30.45 90.04 -6.66
CA HIS YA 631 30.18 89.45 -8.01
C HIS YA 631 28.90 90.06 -8.57
N PRO YA 632 29.00 91.21 -9.24
CA PRO YA 632 27.86 91.91 -9.81
C PRO YA 632 27.22 91.32 -11.07
N PRO YA 633 25.99 91.69 -11.45
CA PRO YA 633 25.44 91.16 -12.68
C PRO YA 633 26.41 91.56 -13.82
N PRO YA 634 26.78 90.61 -14.72
CA PRO YA 634 27.83 90.86 -15.70
C PRO YA 634 27.64 91.77 -16.91
N MET YA 635 28.74 92.35 -17.41
CA MET YA 635 28.72 93.21 -18.63
C MET YA 635 28.25 92.42 -19.88
N MET YA 636 27.31 93.02 -20.62
CA MET YA 636 26.73 92.40 -21.83
C MET YA 636 27.16 93.28 -23.04
N LEU YA 637 27.85 92.69 -23.99
CA LEU YA 637 28.47 93.45 -25.11
C LEU YA 637 27.93 92.98 -26.47
N ILE YA 638 27.59 93.93 -27.33
CA ILE YA 638 27.04 93.63 -28.69
C ILE YA 638 27.79 94.44 -29.76
N LYS YA 639 28.09 93.80 -30.88
CA LYS YA 639 28.69 94.54 -32.02
C LYS YA 639 28.09 94.13 -33.38
N ASN YA 640 28.18 94.99 -34.37
CA ASN YA 640 27.81 94.62 -35.77
C ASN YA 640 29.04 94.00 -36.43
N THR YA 641 28.89 92.83 -37.05
CA THR YA 641 30.02 92.18 -37.78
C THR YA 641 30.44 93.02 -38.99
N PRO YA 642 31.76 93.25 -39.20
CA PRO YA 642 32.24 93.92 -40.41
C PRO YA 642 31.85 93.21 -41.70
N VAL YA 643 31.25 93.96 -42.61
CA VAL YA 643 30.94 93.39 -43.94
C VAL YA 643 31.74 94.21 -44.96
N PRO YA 644 32.67 93.57 -45.69
CA PRO YA 644 33.50 94.28 -46.68
C PRO YA 644 32.94 94.86 -48.00
N GLY YA 645 33.48 95.97 -48.48
CA GLY YA 645 33.19 96.58 -49.80
C GLY YA 645 33.95 95.86 -50.91
N ASN YA 646 33.72 96.17 -52.17
CA ASN YA 646 34.33 95.35 -53.26
C ASN YA 646 35.86 95.43 -53.28
N ILE YA 647 36.53 94.29 -53.24
CA ILE YA 647 38.03 94.24 -53.28
C ILE YA 647 38.41 93.41 -54.51
N THR YA 648 39.24 93.93 -55.39
CA THR YA 648 39.57 93.24 -56.67
C THR YA 648 41.00 92.74 -56.70
N SER YA 649 41.84 93.15 -55.76
CA SER YA 649 43.29 92.80 -55.77
C SER YA 649 43.75 92.34 -54.38
N PHE YA 650 44.78 91.49 -54.30
CA PHE YA 650 45.39 91.05 -53.03
C PHE YA 650 46.32 92.08 -52.36
N SER YA 651 46.20 92.25 -51.04
CA SER YA 651 47.21 93.03 -50.28
C SER YA 651 47.43 92.35 -48.93
N ASP YA 652 48.65 92.39 -48.41
CA ASP YA 652 48.96 92.00 -47.00
C ASP YA 652 48.29 93.02 -46.07
N VAL YA 653 48.25 94.30 -46.46
CA VAL YA 653 47.65 95.39 -45.64
C VAL YA 653 46.15 95.12 -45.42
N PRO YA 654 45.63 95.25 -44.17
CA PRO YA 654 44.22 95.00 -43.85
C PRO YA 654 43.18 95.89 -44.52
N VAL YA 655 42.02 95.32 -44.84
CA VAL YA 655 40.93 96.08 -45.51
C VAL YA 655 40.38 97.20 -44.61
N SER YA 656 40.24 98.38 -45.19
CA SER YA 656 39.69 99.57 -44.50
C SER YA 656 38.36 100.00 -45.14
N SER YA 657 37.86 99.28 -46.13
CA SER YA 657 36.62 99.67 -46.86
C SER YA 657 35.49 98.67 -46.55
N PHE YA 658 34.39 99.16 -46.01
CA PHE YA 658 33.29 98.29 -45.53
C PHE YA 658 31.95 98.88 -45.93
N ILE YA 659 30.94 98.05 -46.13
CA ILE YA 659 29.56 98.60 -46.35
C ILE YA 659 29.01 99.22 -45.03
N THR YA 660 28.30 100.36 -45.07
CA THR YA 660 27.71 101.03 -43.87
C THR YA 660 26.42 100.36 -43.40
N GLN YA 661 26.35 100.01 -42.11
CA GLN YA 661 25.23 99.20 -41.55
C GLN YA 661 24.85 99.59 -40.10
N TYR YA 662 23.62 99.29 -39.68
CA TYR YA 662 23.14 99.53 -38.28
C TYR YA 662 22.22 98.37 -37.91
N SER YA 663 22.02 98.15 -36.60
CA SER YA 663 21.11 97.08 -36.13
C SER YA 663 20.01 97.58 -35.17
N THR YA 664 18.89 96.87 -35.13
CA THR YA 664 17.76 97.21 -34.24
C THR YA 664 17.14 95.93 -33.67
N GLY YA 665 16.49 95.99 -32.50
CA GLY YA 665 15.82 94.83 -31.90
C GLY YA 665 15.06 95.11 -30.62
N GLN YA 666 14.64 94.06 -29.93
CA GLN YA 666 13.94 94.13 -28.61
C GLN YA 666 14.72 93.43 -27.49
N VAL YA 667 14.72 94.00 -26.29
CA VAL YA 667 15.37 93.38 -25.09
C VAL YA 667 14.34 93.24 -23.94
N THR YA 668 14.32 92.09 -23.27
CA THR YA 668 13.48 91.87 -22.09
C THR YA 668 14.32 91.59 -20.84
N VAL YA 669 14.06 92.28 -19.71
CA VAL YA 669 14.72 91.99 -18.39
C VAL YA 669 13.67 91.58 -17.33
N GLU YA 670 13.89 90.47 -16.65
CA GLU YA 670 12.99 89.96 -15.57
C GLU YA 670 13.79 89.93 -14.25
N MET YA 671 13.24 90.55 -13.21
CA MET YA 671 13.93 90.61 -11.88
C MET YA 671 13.01 90.15 -10.74
N GLU YA 672 13.58 89.41 -9.79
CA GLU YA 672 12.85 88.97 -8.58
C GLU YA 672 13.35 89.73 -7.35
N TRP YA 673 12.43 90.19 -6.50
CA TRP YA 673 12.77 90.96 -5.30
C TRP YA 673 12.19 90.32 -4.04
N GLU YA 674 12.94 90.33 -2.95
CA GLU YA 674 12.44 89.84 -1.62
C GLU YA 674 12.03 91.05 -0.76
N LEU YA 675 10.88 90.95 -0.12
CA LEU YA 675 10.28 92.06 0.69
C LEU YA 675 10.28 91.77 2.20
N LYS YA 676 10.54 92.78 3.01
CA LYS YA 676 10.39 92.63 4.49
C LYS YA 676 9.13 93.40 4.93
N LYS YA 677 8.18 92.71 5.55
CA LYS YA 677 6.91 93.29 6.08
C LYS YA 677 7.02 94.20 7.33
N GLU YA 678 6.22 95.24 7.38
CA GLU YA 678 6.10 96.10 8.59
C GLU YA 678 5.37 95.33 9.72
N ASN YA 679 5.80 95.48 10.97
CA ASN YA 679 5.17 94.85 12.18
C ASN YA 679 4.92 95.93 13.25
N SER YA 680 4.47 97.13 12.89
CA SER YA 680 4.29 98.28 13.80
C SER YA 680 3.16 98.18 14.85
N LYS YA 681 3.37 98.71 16.05
CA LYS YA 681 2.33 98.81 17.10
C LYS YA 681 1.90 100.29 17.30
N ARG YA 682 2.32 101.23 16.45
CA ARG YA 682 1.92 102.68 16.48
C ARG YA 682 0.40 102.92 16.26
N TRP YA 683 -0.30 103.48 17.25
CA TRP YA 683 -1.75 103.76 17.21
C TRP YA 683 -2.20 104.85 16.21
N ASN YA 684 -1.48 105.94 16.15
CA ASN YA 684 -1.76 107.09 15.27
C ASN YA 684 -1.38 106.84 13.81
N PRO YA 685 -2.03 107.53 12.85
CA PRO YA 685 -1.66 107.44 11.44
C PRO YA 685 -0.27 107.97 10.98
N GLU YA 686 0.37 107.24 10.10
CA GLU YA 686 1.69 107.57 9.47
C GLU YA 686 1.73 108.51 8.24
N ILE YA 687 2.90 109.07 7.95
CA ILE YA 687 3.17 109.82 6.69
C ILE YA 687 3.24 108.86 5.48
N GLN YA 688 2.68 109.26 4.32
CA GLN YA 688 2.65 108.45 3.07
C GLN YA 688 2.93 109.31 1.83
N TYR YA 689 3.54 108.76 0.79
CA TYR YA 689 3.68 109.48 -0.51
C TYR YA 689 2.28 109.53 -1.18
N THR YA 690 1.91 110.71 -1.66
CA THR YA 690 0.59 110.90 -2.28
C THR YA 690 0.72 111.74 -3.52
N ASN YA 691 -0.23 111.61 -4.44
CA ASN YA 691 -0.29 112.52 -5.61
C ASN YA 691 -1.06 113.73 -5.11
N ASN YA 692 -0.41 114.85 -4.90
CA ASN YA 692 -1.04 116.04 -4.27
C ASN YA 692 -0.51 117.29 -4.97
N TYR YA 693 -1.39 118.01 -5.65
CA TYR YA 693 -0.96 119.18 -6.48
C TYR YA 693 -2.06 120.22 -6.32
N ASN YA 694 -1.73 121.50 -6.32
CA ASN YA 694 -2.79 122.55 -6.28
C ASN YA 694 -3.01 123.15 -7.67
N ASP YA 695 -4.24 123.12 -8.20
CA ASP YA 695 -4.63 123.65 -9.55
C ASP YA 695 -3.75 123.10 -10.68
N PRO YA 696 -3.56 121.76 -10.83
CA PRO YA 696 -2.63 121.26 -11.85
C PRO YA 696 -2.93 121.53 -13.34
N GLN YA 697 -1.91 121.92 -14.11
CA GLN YA 697 -2.07 122.19 -15.57
C GLN YA 697 -1.68 120.98 -16.41
N PHE YA 698 -1.16 119.94 -15.80
CA PHE YA 698 -0.69 118.72 -16.50
C PHE YA 698 -0.75 117.62 -15.51
N VAL YA 699 -0.72 116.39 -15.96
CA VAL YA 699 -0.58 115.25 -15.03
C VAL YA 699 0.90 114.90 -14.98
N ASP YA 700 1.49 114.86 -13.81
CA ASP YA 700 2.89 114.39 -13.58
C ASP YA 700 3.01 112.89 -13.84
N PHE YA 701 4.17 112.39 -14.29
CA PHE YA 701 4.44 110.97 -14.68
C PHE YA 701 3.55 110.52 -15.84
N ALA YA 702 3.32 111.40 -16.79
CA ALA YA 702 2.49 111.14 -17.97
C ALA YA 702 3.07 111.88 -19.17
N PRO YA 703 2.76 111.47 -20.43
CA PRO YA 703 3.14 112.27 -21.60
C PRO YA 703 2.41 113.61 -21.78
N ASP YA 704 3.06 114.58 -22.41
CA ASP YA 704 2.41 115.90 -22.71
C ASP YA 704 1.80 115.96 -24.12
N SER YA 705 1.36 117.14 -24.55
CA SER YA 705 0.72 117.33 -25.88
C SER YA 705 1.70 116.98 -27.01
N THR YA 706 2.99 117.31 -26.89
CA THR YA 706 4.07 116.89 -27.83
C THR YA 706 4.45 115.41 -27.71
N GLY YA 707 4.07 114.70 -26.65
CA GLY YA 707 4.52 113.32 -26.41
C GLY YA 707 5.73 113.11 -25.52
N GLU YA 708 6.25 114.17 -24.89
CA GLU YA 708 7.41 114.08 -23.96
C GLU YA 708 6.99 113.75 -22.51
N TYR YA 709 7.61 112.75 -21.89
CA TYR YA 709 7.33 112.34 -20.49
C TYR YA 709 7.74 113.39 -19.46
N ARG YA 710 6.92 113.58 -18.43
CA ARG YA 710 7.20 114.59 -17.39
C ARG YA 710 7.41 113.90 -16.05
N SER YA 711 8.52 114.19 -15.36
CA SER YA 711 8.86 113.63 -14.01
C SER YA 711 9.35 114.76 -13.09
N THR YA 712 8.48 115.62 -12.57
CA THR YA 712 8.80 116.79 -11.69
C THR YA 712 9.43 116.46 -10.35
N ARG YA 713 9.08 115.36 -9.67
CA ARG YA 713 9.54 115.10 -8.27
C ARG YA 713 10.47 113.89 -8.07
N PRO YA 714 11.56 114.01 -7.27
CA PRO YA 714 12.36 112.84 -6.86
C PRO YA 714 11.68 111.95 -5.78
N ILE YA 715 11.71 110.62 -5.88
CA ILE YA 715 11.00 109.84 -4.81
C ILE YA 715 11.93 108.90 -4.03
N GLY YA 716 11.99 109.06 -2.71
CA GLY YA 716 12.73 108.23 -1.76
C GLY YA 716 11.91 107.08 -1.23
N THR YA 717 12.51 106.24 -0.42
CA THR YA 717 11.81 105.08 0.19
C THR YA 717 11.35 105.23 1.65
N ARG YA 718 11.70 106.28 2.40
CA ARG YA 718 11.39 106.27 3.88
C ARG YA 718 10.16 107.12 4.28
N TYR YA 719 9.02 106.46 4.51
CA TYR YA 719 7.75 107.13 4.93
C TYR YA 719 7.27 106.50 6.22
N LEU YA 720 7.56 105.22 6.41
CA LEU YA 720 7.23 104.47 7.66
C LEU YA 720 8.21 104.82 8.79
N THR YA 721 7.78 104.63 10.01
CA THR YA 721 8.56 104.99 11.20
C THR YA 721 8.73 103.80 12.11
N ARG YA 722 9.88 103.69 12.75
CA ARG YA 722 10.10 102.61 13.74
C ARG YA 722 10.78 103.17 15.00
N PRO YA 723 10.51 102.61 16.21
CA PRO YA 723 11.26 102.97 17.42
C PRO YA 723 12.72 102.45 17.41
N LEU YA 724 13.65 103.14 18.05
CA LEU YA 724 15.08 102.74 18.06
C LEU YA 724 15.30 101.41 18.80
N ASP ZA 209 -5.76 79.12 41.79
CA ASP ZA 209 -6.53 78.11 42.59
C ASP ZA 209 -7.39 78.80 43.66
N GLY ZA 210 -6.82 79.34 44.73
CA GLY ZA 210 -7.69 79.82 45.83
C GLY ZA 210 -7.18 80.92 46.71
N VAL ZA 211 -8.07 81.50 47.52
CA VAL ZA 211 -7.73 82.55 48.53
C VAL ZA 211 -6.76 82.02 49.60
N GLY ZA 212 -6.90 80.78 50.05
CA GLY ZA 212 -6.09 80.21 51.14
C GLY ZA 212 -4.88 79.45 50.68
N ASN ZA 213 -4.60 79.41 49.39
CA ASN ZA 213 -3.47 78.58 48.88
C ASN ZA 213 -2.37 79.45 48.29
N ALA ZA 214 -1.12 79.20 48.66
CA ALA ZA 214 0.05 79.95 48.12
C ALA ZA 214 0.42 79.56 46.68
N SER ZA 215 0.59 80.52 45.79
CA SER ZA 215 1.01 80.39 44.36
C SER ZA 215 2.46 79.92 44.14
N GLY ZA 216 3.41 80.31 44.97
CA GLY ZA 216 4.83 79.96 44.87
C GLY ZA 216 5.63 80.00 46.15
N ASP ZA 217 6.90 79.61 46.10
CA ASP ZA 217 7.83 79.56 47.25
C ASP ZA 217 9.09 80.41 47.08
N TRP ZA 218 9.75 80.80 48.16
CA TRP ZA 218 10.99 81.62 48.15
C TRP ZA 218 12.24 80.82 47.74
N HIS ZA 219 12.92 81.27 46.70
CA HIS ZA 219 14.20 80.65 46.30
C HIS ZA 219 15.31 81.71 46.19
N CYS ZA 220 16.31 81.71 47.07
CA CYS ZA 220 17.48 82.61 46.93
C CYS ZA 220 18.74 81.73 47.07
N ASP ZA 221 19.46 81.48 45.98
CA ASP ZA 221 20.60 80.52 46.04
C ASP ZA 221 21.62 80.63 44.91
N SER ZA 222 22.84 80.09 45.09
CA SER ZA 222 23.85 79.95 44.00
C SER ZA 222 24.28 78.48 43.94
N THR ZA 223 24.35 77.87 42.77
CA THR ZA 223 24.89 76.50 42.61
C THR ZA 223 26.04 76.53 41.61
N TRP ZA 224 27.19 76.00 41.98
CA TRP ZA 224 28.40 75.95 41.11
C TRP ZA 224 28.62 74.52 40.65
N MET ZA 225 28.65 74.30 39.34
CA MET ZA 225 28.81 72.95 38.74
C MET ZA 225 29.85 72.93 37.61
N GLY ZA 226 31.15 72.92 37.87
CA GLY ZA 226 32.16 73.00 36.79
C GLY ZA 226 32.13 74.28 36.01
N ASP ZA 227 31.91 74.22 34.70
CA ASP ZA 227 31.87 75.41 33.79
C ASP ZA 227 30.60 76.27 33.97
N ARG ZA 228 29.58 75.81 34.69
CA ARG ZA 228 28.29 76.55 34.84
C ARG ZA 228 27.97 76.99 36.27
N VAL ZA 229 27.46 78.21 36.44
CA VAL ZA 229 26.95 78.69 37.75
C VAL ZA 229 25.47 79.10 37.55
N VAL ZA 230 24.56 78.70 38.44
CA VAL ZA 230 23.12 79.11 38.40
C VAL ZA 230 22.81 80.05 39.58
N THR ZA 231 22.20 81.21 39.32
CA THR ZA 231 21.82 82.17 40.37
C THR ZA 231 20.30 82.26 40.51
N LYS ZA 232 19.77 82.20 41.73
CA LYS ZA 232 18.31 82.38 42.01
C LYS ZA 232 18.14 83.57 42.96
N SER ZA 233 17.22 84.48 42.65
CA SER ZA 233 16.94 85.69 43.46
C SER ZA 233 15.43 85.89 43.67
N THR ZA 234 14.98 86.11 44.90
CA THR ZA 234 13.56 86.38 45.23
C THR ZA 234 13.42 87.72 45.95
N ARG ZA 235 12.47 88.55 45.54
CA ARG ZA 235 12.18 89.86 46.18
C ARG ZA 235 10.68 90.13 46.39
N THR ZA 236 10.33 91.03 47.30
CA THR ZA 236 8.94 91.49 47.54
C THR ZA 236 8.79 92.89 46.94
N TRP ZA 237 7.76 93.13 46.13
CA TRP ZA 237 7.50 94.40 45.42
C TRP ZA 237 6.14 95.04 45.76
N VAL ZA 238 6.04 96.35 45.60
CA VAL ZA 238 4.77 97.12 45.76
C VAL ZA 238 4.45 97.86 44.45
N LEU ZA 239 3.20 97.85 43.99
CA LEU ZA 239 2.78 98.64 42.80
C LEU ZA 239 1.76 99.73 43.10
N PRO ZA 240 2.09 101.01 42.85
CA PRO ZA 240 1.13 102.11 42.91
C PRO ZA 240 0.17 102.20 41.72
N SER ZA 241 -0.99 102.83 41.90
CA SER ZA 241 -1.84 103.11 40.70
C SER ZA 241 -1.40 104.44 40.09
N TYR ZA 242 -0.50 104.43 39.12
CA TYR ZA 242 0.10 105.67 38.52
C TYR ZA 242 -0.80 106.43 37.57
N ASN ZA 243 -0.90 107.75 37.69
CA ASN ZA 243 -1.62 108.64 36.72
C ASN ZA 243 -3.13 108.58 36.94
N ASN ZA 244 -3.60 107.89 38.00
CA ASN ZA 244 -5.06 107.67 38.26
C ASN ZA 244 -5.74 107.03 37.06
N HIS ZA 245 -5.12 106.00 36.45
CA HIS ZA 245 -5.70 105.22 35.30
C HIS ZA 245 -5.72 105.99 33.97
N GLN ZA 246 -4.82 106.96 33.78
CA GLN ZA 246 -4.82 107.81 32.57
C GLN ZA 246 -3.44 107.90 31.89
N TYR ZA 247 -3.40 108.22 30.61
CA TYR ZA 247 -2.16 108.43 29.81
C TYR ZA 247 -1.99 109.92 29.69
N ARG ZA 248 -0.81 110.43 29.98
CA ARG ZA 248 -0.59 111.90 29.95
C ARG ZA 248 0.53 112.33 28.98
N GLU ZA 249 0.26 113.36 28.18
CA GLU ZA 249 1.33 113.93 27.32
C GLU ZA 249 2.32 114.73 28.20
N ILE ZA 250 3.61 114.49 28.02
CA ILE ZA 250 4.69 115.10 28.84
C ILE ZA 250 5.67 115.83 27.91
N LYS ZA 251 6.21 116.95 28.33
CA LYS ZA 251 7.09 117.73 27.43
C LYS ZA 251 8.03 118.65 28.21
N SER ZA 252 9.15 119.02 27.63
CA SER ZA 252 10.04 120.03 28.26
C SER ZA 252 10.63 121.03 27.26
N GLY ZA 253 10.80 122.28 27.65
CA GLY ZA 253 11.58 123.30 26.92
C GLY ZA 253 13.04 123.29 27.43
N SER ZA 254 13.86 124.26 27.04
CA SER ZA 254 15.28 124.39 27.51
C SER ZA 254 15.38 124.61 29.04
N VAL ZA 255 16.29 123.92 29.72
CA VAL ZA 255 16.44 124.00 31.20
C VAL ZA 255 17.93 124.01 31.55
N ASP ZA 256 18.33 124.74 32.59
CA ASP ZA 256 19.76 124.84 33.04
C ASP ZA 256 20.62 125.42 31.91
N GLY ZA 257 20.05 126.26 31.07
CA GLY ZA 257 20.77 126.84 29.93
C GLY ZA 257 20.87 125.96 28.71
N SER ZA 258 20.24 124.78 28.65
CA SER ZA 258 20.46 123.92 27.45
C SER ZA 258 19.22 123.46 26.68
N ASN ZA 259 19.20 123.64 25.36
CA ASN ZA 259 18.12 123.12 24.44
C ASN ZA 259 18.20 121.59 24.26
N ALA ZA 260 19.33 120.94 24.56
CA ALA ZA 260 19.53 119.46 24.52
C ALA ZA 260 18.59 118.82 25.54
N ASN ZA 261 18.23 119.55 26.59
CA ASN ZA 261 17.22 119.21 27.63
C ASN ZA 261 15.79 119.05 27.08
N ALA ZA 262 15.35 119.81 26.07
CA ALA ZA 262 13.97 119.77 25.48
C ALA ZA 262 13.56 118.40 24.91
N TYR ZA 263 12.31 117.98 25.14
CA TYR ZA 263 11.76 116.68 24.68
C TYR ZA 263 10.23 116.73 24.55
N PHE ZA 264 9.63 115.81 23.80
CA PHE ZA 264 8.16 115.60 23.71
C PHE ZA 264 7.92 114.10 24.00
N GLY ZA 265 6.95 113.75 24.84
CA GLY ZA 265 6.73 112.35 25.26
C GLY ZA 265 5.39 112.00 25.89
N TYR ZA 266 5.22 110.71 26.24
CA TYR ZA 266 4.02 110.22 26.95
C TYR ZA 266 4.35 109.53 28.31
N SER ZA 267 3.54 109.77 29.33
CA SER ZA 267 3.64 109.02 30.64
C SER ZA 267 2.47 108.02 30.69
N THR ZA 268 2.68 106.86 31.28
CA THR ZA 268 1.68 105.77 31.22
C THR ZA 268 1.24 105.28 32.60
N PRO ZA 269 0.07 104.65 32.70
CA PRO ZA 269 -0.43 104.01 33.94
C PRO ZA 269 0.36 102.81 34.45
N TRP ZA 270 1.08 102.08 33.60
CA TRP ZA 270 1.89 100.87 33.89
C TRP ZA 270 3.23 101.04 34.61
N GLY ZA 271 3.70 99.95 35.22
CA GLY ZA 271 4.99 99.84 35.88
C GLY ZA 271 5.75 98.67 35.31
N TYR ZA 272 7.05 98.63 35.46
CA TYR ZA 272 7.90 97.56 34.84
C TYR ZA 272 8.90 96.97 35.84
N PHE ZA 273 9.37 95.75 35.56
CA PHE ZA 273 10.42 95.07 36.37
C PHE ZA 273 11.80 95.16 35.65
N ASP ZA 274 12.84 95.65 36.32
CA ASP ZA 274 14.23 95.78 35.79
C ASP ZA 274 15.21 94.92 36.59
N PHE ZA 275 15.95 94.03 35.93
CA PHE ZA 275 17.00 93.21 36.59
C PHE ZA 275 18.42 93.49 36.03
N ASN ZA 276 18.67 94.57 35.28
CA ASN ZA 276 20.02 94.76 34.64
C ASN ZA 276 21.04 95.39 35.62
N ARG ZA 277 21.31 94.77 36.75
CA ARG ZA 277 22.39 95.15 37.70
C ARG ZA 277 22.95 93.80 38.22
N PHE ZA 278 24.25 93.67 38.38
CA PHE ZA 278 24.93 92.42 38.90
C PHE ZA 278 24.54 92.08 40.37
N HIS ZA 279 24.41 93.05 41.26
CA HIS ZA 279 24.08 92.90 42.72
C HIS ZA 279 22.68 92.30 42.87
N SER ZA 280 21.79 92.43 41.87
CA SER ZA 280 20.46 91.80 41.80
C SER ZA 280 20.59 90.26 41.79
N HIS ZA 281 21.58 89.70 41.12
CA HIS ZA 281 21.83 88.23 41.03
C HIS ZA 281 23.01 87.71 41.87
N TRP ZA 282 23.93 88.55 42.34
CA TRP ZA 282 25.19 88.07 42.94
C TRP ZA 282 25.43 88.54 44.36
N SER ZA 283 25.73 87.62 45.27
CA SER ZA 283 26.16 87.99 46.64
C SER ZA 283 27.59 88.54 46.57
N PRO ZA 284 28.03 89.37 47.53
CA PRO ZA 284 29.41 89.83 47.54
C PRO ZA 284 30.44 88.72 47.67
N ARG ZA 285 30.22 87.69 48.48
CA ARG ZA 285 31.12 86.50 48.55
C ARG ZA 285 31.17 85.71 47.23
N ASP ZA 286 30.06 85.49 46.54
CA ASP ZA 286 29.98 84.78 45.23
C ASP ZA 286 30.73 85.55 44.14
N TRP ZA 287 30.63 86.87 44.13
CA TRP ZA 287 31.37 87.74 43.19
C TRP ZA 287 32.89 87.62 43.40
N GLN ZA 288 33.37 87.56 44.63
CA GLN ZA 288 34.79 87.35 44.99
C GLN ZA 288 35.30 86.00 44.49
N ARG ZA 289 34.49 84.96 44.60
CA ARG ZA 289 34.86 83.62 44.10
C ARG ZA 289 35.06 83.64 42.58
N LEU ZA 290 34.20 84.28 41.81
CA LEU ZA 290 34.39 84.44 40.34
C LEU ZA 290 35.61 85.29 39.87
N ILE ZA 291 35.84 86.45 40.46
CA ILE ZA 291 36.93 87.40 40.07
C ILE ZA 291 38.31 86.79 40.34
N ASN ZA 292 38.46 86.10 41.45
CA ASN ZA 292 39.70 85.39 41.88
C ASN ZA 292 40.08 84.19 40.98
N ASN ZA 293 39.14 83.40 40.46
CA ASN ZA 293 39.45 82.10 39.78
C ASN ZA 293 39.15 81.90 38.30
N TYR ZA 294 38.60 82.86 37.58
CA TYR ZA 294 38.17 82.63 36.17
C TYR ZA 294 38.65 83.68 35.18
N TRP ZA 295 39.06 83.27 33.98
CA TRP ZA 295 39.39 84.20 32.86
C TRP ZA 295 38.18 84.98 32.28
N GLY ZA 296 37.02 84.36 32.17
CA GLY ZA 296 35.84 84.98 31.57
C GLY ZA 296 34.50 84.43 31.98
N PHE ZA 297 33.44 85.19 31.73
CA PHE ZA 297 32.05 84.73 32.00
C PHE ZA 297 31.07 85.26 30.92
N ARG ZA 298 29.96 84.58 30.65
CA ARG ZA 298 28.87 85.07 29.73
C ARG ZA 298 27.46 84.61 30.20
N PRO ZA 299 26.36 85.37 29.97
CA PRO ZA 299 24.98 84.89 30.21
C PRO ZA 299 24.39 83.86 29.21
N ARG ZA 300 23.60 82.90 29.66
CA ARG ZA 300 23.04 81.83 28.79
C ARG ZA 300 21.51 81.78 28.81
N SER ZA 301 20.89 81.73 29.99
CA SER ZA 301 19.42 81.56 30.10
C SER ZA 301 18.78 82.41 31.21
N LEU ZA 302 17.53 82.81 31.02
CA LEU ZA 302 16.75 83.55 32.04
C LEU ZA 302 15.35 82.95 32.29
N ARG ZA 303 14.91 82.78 33.55
CA ARG ZA 303 13.52 82.37 33.90
C ARG ZA 303 12.91 83.37 34.91
N VAL ZA 304 11.67 83.83 34.67
CA VAL ZA 304 10.96 84.78 35.59
C VAL ZA 304 9.59 84.25 36.07
N LYS ZA 305 9.30 84.33 37.38
CA LYS ZA 305 7.97 83.98 37.96
C LYS ZA 305 7.39 85.14 38.81
N ILE ZA 306 6.11 85.49 38.63
CA ILE ZA 306 5.39 86.50 39.47
C ILE ZA 306 4.25 85.78 40.22
N PHE ZA 307 4.14 85.92 41.54
CA PHE ZA 307 3.23 85.08 42.39
C PHE ZA 307 2.82 85.73 43.73
N ASN ZA 308 1.88 85.12 44.48
CA ASN ZA 308 1.37 85.58 45.82
C ASN ZA 308 0.79 86.99 45.77
N ILE ZA 309 0.02 87.28 44.74
CA ILE ZA 309 -0.58 88.60 44.50
C ILE ZA 309 -1.61 89.01 45.57
N GLN ZA 310 -1.57 90.25 46.03
CA GLN ZA 310 -2.52 90.80 47.03
C GLN ZA 310 -2.96 92.21 46.61
N VAL ZA 311 -4.24 92.40 46.42
CA VAL ZA 311 -4.81 93.72 46.00
C VAL ZA 311 -5.50 94.34 47.23
N LYS ZA 312 -5.19 95.61 47.52
CA LYS ZA 312 -5.71 96.34 48.70
C LYS ZA 312 -6.48 97.60 48.29
N GLU ZA 313 -7.58 97.89 48.99
CA GLU ZA 313 -8.36 99.14 48.74
C GLU ZA 313 -8.14 100.11 49.90
N VAL ZA 314 -7.90 101.36 49.59
CA VAL ZA 314 -7.63 102.38 50.63
C VAL ZA 314 -8.82 103.35 50.65
N THR ZA 315 -9.38 103.60 51.82
CA THR ZA 315 -10.56 104.48 51.96
C THR ZA 315 -10.30 105.52 53.01
N VAL ZA 316 -10.69 106.77 52.75
CA VAL ZA 316 -10.56 107.80 53.82
C VAL ZA 316 -11.93 108.37 54.22
N GLN ZA 317 -12.29 108.31 55.51
CA GLN ZA 317 -13.50 109.01 55.98
C GLN ZA 317 -13.05 109.94 57.13
N ASP ZA 318 -13.19 111.25 56.97
CA ASP ZA 318 -12.86 112.19 58.08
C ASP ZA 318 -11.42 111.94 58.56
N SER ZA 319 -10.47 111.65 57.67
CA SER ZA 319 -9.02 111.51 58.03
C SER ZA 319 -8.63 110.16 58.67
N THR ZA 320 -9.53 109.16 58.77
CA THR ZA 320 -9.18 107.81 59.30
C THR ZA 320 -8.18 107.02 58.45
N THR ZA 321 -8.24 107.03 57.11
CA THR ZA 321 -7.38 106.19 56.21
C THR ZA 321 -7.36 104.66 56.45
N THR ZA 322 -8.50 103.97 56.55
CA THR ZA 322 -8.53 102.48 56.62
C THR ZA 322 -8.05 101.76 55.36
N ILE ZA 323 -7.35 100.62 55.50
CA ILE ZA 323 -6.85 99.78 54.37
C ILE ZA 323 -7.46 98.36 54.45
N ALA ZA 324 -7.97 97.82 53.36
CA ALA ZA 324 -8.63 96.48 53.35
C ALA ZA 324 -8.30 95.64 52.10
N ASN ZA 325 -8.37 94.33 52.22
CA ASN ZA 325 -8.21 93.42 51.05
C ASN ZA 325 -9.38 93.43 50.09
N ASN ZA 326 -9.14 93.43 48.78
CA ASN ZA 326 -10.23 93.22 47.79
C ASN ZA 326 -9.91 91.91 47.07
N LEU ZA 327 -10.67 90.84 47.33
CA LEU ZA 327 -10.50 89.48 46.75
C LEU ZA 327 -10.76 89.39 45.24
N THR ZA 328 -11.76 90.10 44.74
CA THR ZA 328 -12.20 90.01 43.33
C THR ZA 328 -11.43 90.94 42.37
N SER ZA 329 -10.55 91.82 42.84
CA SER ZA 329 -9.71 92.73 42.00
C SER ZA 329 -8.59 92.00 41.20
N THR ZA 330 -8.19 92.56 40.06
CA THR ZA 330 -7.18 91.91 39.16
C THR ZA 330 -5.94 92.75 38.89
N VAL ZA 331 -4.87 92.09 38.51
CA VAL ZA 331 -3.61 92.73 38.06
C VAL ZA 331 -3.40 92.26 36.60
N GLN ZA 332 -2.85 93.09 35.72
CA GLN ZA 332 -2.58 92.76 34.29
C GLN ZA 332 -1.08 92.72 33.94
N VAL ZA 333 -0.60 91.64 33.32
CA VAL ZA 333 0.84 91.41 33.03
C VAL ZA 333 1.10 91.01 31.56
N PHE ZA 334 2.13 91.56 30.92
CA PHE ZA 334 2.55 91.17 29.54
C PHE ZA 334 4.08 91.32 29.29
N THR ZA 335 4.61 90.62 28.30
CA THR ZA 335 6.02 90.77 27.86
C THR ZA 335 6.06 91.27 26.41
N ASP ZA 336 6.91 92.25 26.10
CA ASP ZA 336 7.06 92.80 24.71
C ASP ZA 336 8.07 91.98 23.90
N ASP ZA 337 7.68 90.81 23.41
CA ASP ZA 337 8.55 89.84 22.68
C ASP ZA 337 9.11 90.31 21.33
N ASP ZA 338 8.36 91.05 20.51
CA ASP ZA 338 8.77 91.50 19.15
C ASP ZA 338 9.43 92.88 19.14
N TYR ZA 339 9.64 93.52 20.29
CA TYR ZA 339 10.37 94.81 20.43
C TYR ZA 339 9.64 95.96 19.75
N GLN ZA 340 8.33 95.91 19.70
CA GLN ZA 340 7.47 96.98 19.17
C GLN ZA 340 7.54 98.27 20.01
N LEU ZA 341 7.59 98.15 21.32
CA LEU ZA 341 7.71 99.30 22.24
C LEU ZA 341 9.10 99.91 22.34
N PRO ZA 342 9.21 101.20 22.68
CA PRO ZA 342 10.52 101.75 23.00
C PRO ZA 342 11.17 101.06 24.22
N TYR ZA 343 12.45 100.69 24.16
CA TYR ZA 343 13.13 99.92 25.24
C TYR ZA 343 13.95 100.86 26.12
N VAL ZA 344 13.51 101.02 27.36
CA VAL ZA 344 14.14 102.00 28.29
C VAL ZA 344 15.03 101.29 29.33
N VAL ZA 345 15.12 99.96 29.30
CA VAL ZA 345 15.85 99.14 30.33
C VAL ZA 345 17.39 99.36 30.39
N GLY ZA 346 18.11 99.58 29.31
CA GLY ZA 346 19.61 99.60 29.28
C GLY ZA 346 20.30 100.95 29.41
N ASN ZA 347 19.68 101.96 30.01
CA ASN ZA 347 20.15 103.37 30.06
C ASN ZA 347 20.66 103.84 31.44
N GLY ZA 348 21.08 102.96 32.38
CA GLY ZA 348 21.59 103.29 33.72
C GLY ZA 348 20.65 103.98 34.67
N THR ZA 349 19.38 103.60 34.64
CA THR ZA 349 18.33 104.20 35.48
C THR ZA 349 18.00 103.39 36.71
N GLU ZA 350 17.51 104.04 37.76
CA GLU ZA 350 17.09 103.43 39.04
C GLU ZA 350 15.76 102.64 38.99
N GLY ZA 351 15.46 101.82 40.00
CA GLY ZA 351 14.27 100.92 40.01
C GLY ZA 351 14.51 99.45 39.79
N CYS ZA 352 15.75 98.97 39.70
CA CYS ZA 352 16.11 97.52 39.60
C CYS ZA 352 15.90 96.79 40.95
N LEU ZA 353 15.84 95.47 40.94
CA LEU ZA 353 15.70 94.68 42.18
C LEU ZA 353 16.88 94.99 43.11
N PRO ZA 354 16.62 95.10 44.43
CA PRO ZA 354 17.68 95.44 45.38
C PRO ZA 354 18.85 94.48 45.63
N ALA ZA 355 20.02 95.00 45.98
CA ALA ZA 355 21.23 94.20 46.31
C ALA ZA 355 20.99 93.28 47.52
N PHE ZA 356 20.27 93.74 48.55
CA PHE ZA 356 20.05 92.96 49.81
C PHE ZA 356 18.68 92.29 49.72
N PRO ZA 357 18.60 90.93 49.84
CA PRO ZA 357 17.33 90.18 49.73
C PRO ZA 357 16.10 90.57 50.58
N PRO ZA 358 16.23 90.94 51.87
CA PRO ZA 358 15.13 91.43 52.71
C PRO ZA 358 14.48 92.77 52.32
N GLN ZA 359 15.17 93.64 51.59
CA GLN ZA 359 14.66 94.98 51.19
C GLN ZA 359 13.42 94.91 50.28
N VAL ZA 360 12.45 95.78 50.51
CA VAL ZA 360 11.17 95.77 49.77
C VAL ZA 360 11.16 97.00 48.84
N PHE ZA 361 10.76 96.83 47.59
CA PHE ZA 361 10.91 97.93 46.60
C PHE ZA 361 9.66 98.34 45.80
N THR ZA 362 9.58 99.63 45.48
CA THR ZA 362 8.55 100.19 44.58
C THR ZA 362 8.95 100.04 43.11
N LEU ZA 363 8.05 99.55 42.25
CA LEU ZA 363 8.29 99.48 40.77
C LEU ZA 363 8.30 100.85 40.10
N PRO ZA 364 9.23 101.09 39.16
CA PRO ZA 364 9.22 102.31 38.36
C PRO ZA 364 8.05 102.50 37.37
N GLN ZA 365 7.58 103.73 37.17
CA GLN ZA 365 6.55 104.02 36.12
C GLN ZA 365 7.16 104.10 34.71
N TYR ZA 366 6.52 103.44 33.72
CA TYR ZA 366 6.92 103.50 32.28
C TYR ZA 366 6.58 104.84 31.58
N GLY ZA 367 7.49 105.31 30.74
CA GLY ZA 367 7.37 106.55 29.97
C GLY ZA 367 8.37 106.49 28.86
N TYR ZA 368 8.26 107.39 27.88
CA TYR ZA 368 9.21 107.45 26.72
C TYR ZA 368 9.26 108.84 26.12
N ALA ZA 369 10.33 109.12 25.39
CA ALA ZA 369 10.43 110.35 24.58
C ALA ZA 369 10.36 109.98 23.09
N THR ZA 370 9.54 110.67 22.31
CA THR ZA 370 9.49 110.55 20.83
C THR ZA 370 10.22 111.74 20.23
N LEU ZA 371 9.92 112.10 18.99
CA LEU ZA 371 10.49 113.28 18.30
C LEU ZA 371 9.99 114.64 18.80
N ASN ZA 372 10.85 115.64 18.76
CA ASN ZA 372 10.52 117.03 19.20
C ASN ZA 372 10.93 117.95 18.04
N ARG ZA 373 10.28 119.09 17.88
CA ARG ZA 373 10.55 119.96 16.70
C ARG ZA 373 11.46 121.15 17.00
N ASP ZA 374 12.56 121.28 16.28
CA ASP ZA 374 13.53 122.43 16.37
C ASP ZA 374 14.10 122.70 17.77
N ASN ZA 375 14.44 121.66 18.54
CA ASN ZA 375 14.98 121.80 19.93
C ASN ZA 375 13.98 122.57 20.81
N THR ZA 376 12.68 122.27 20.70
CA THR ZA 376 11.56 122.90 21.47
C THR ZA 376 10.64 121.80 22.02
N GLU ZA 377 9.67 122.11 22.90
CA GLU ZA 377 8.72 121.14 23.53
C GLU ZA 377 7.65 120.59 22.56
N ASN ZA 378 7.44 121.21 21.41
CA ASN ZA 378 6.45 120.78 20.38
C ASN ZA 378 6.79 119.50 19.61
N PRO ZA 379 5.77 118.70 19.24
CA PRO ZA 379 5.90 117.53 18.38
C PRO ZA 379 6.03 117.73 16.82
N THR ZA 380 6.31 116.66 16.09
CA THR ZA 380 6.45 116.61 14.63
C THR ZA 380 5.42 115.63 14.08
N GLU ZA 381 5.17 115.63 12.77
CA GLU ZA 381 4.26 114.66 12.09
C GLU ZA 381 4.79 113.22 12.22
N ARG ZA 382 6.09 113.00 12.21
CA ARG ZA 382 6.76 111.69 12.45
C ARG ZA 382 6.59 111.21 13.91
N SER ZA 383 6.32 112.08 14.88
CA SER ZA 383 6.20 111.74 16.32
C SER ZA 383 5.08 110.70 16.55
N SER ZA 384 5.32 109.71 17.41
CA SER ZA 384 4.47 108.51 17.59
C SER ZA 384 3.85 108.31 18.99
N PHE ZA 385 2.62 107.83 19.03
CA PHE ZA 385 1.94 107.48 20.29
C PHE ZA 385 1.76 105.96 20.34
N PHE ZA 386 2.09 105.37 21.47
CA PHE ZA 386 1.91 103.91 21.68
C PHE ZA 386 0.95 103.63 22.82
N CYS ZA 387 -0.07 102.79 22.61
CA CYS ZA 387 -1.01 102.32 23.66
C CYS ZA 387 -0.62 100.89 24.14
N LEU ZA 388 -0.40 100.67 25.44
CA LEU ZA 388 -0.09 99.35 26.07
C LEU ZA 388 -1.30 98.41 26.04
N GLU ZA 389 -2.52 98.95 26.21
CA GLU ZA 389 -3.79 98.19 26.24
C GLU ZA 389 -4.10 97.58 24.87
N TYR ZA 390 -3.49 98.08 23.79
CA TYR ZA 390 -3.60 97.49 22.42
C TYR ZA 390 -2.97 96.09 22.39
N PHE ZA 391 -1.90 95.82 23.08
CA PHE ZA 391 -1.29 94.45 23.21
C PHE ZA 391 -2.16 93.52 24.06
N PRO ZA 392 -2.17 92.19 23.80
CA PRO ZA 392 -2.79 91.25 24.76
C PRO ZA 392 -2.07 91.02 26.14
N SER ZA 393 -2.79 90.91 27.25
CA SER ZA 393 -2.21 90.71 28.60
C SER ZA 393 -2.93 89.62 29.46
N LYS ZA 394 -2.20 88.91 30.30
CA LYS ZA 394 -2.80 87.97 31.28
C LYS ZA 394 -3.48 88.75 32.43
N MET ZA 395 -4.63 88.27 32.92
CA MET ZA 395 -5.34 88.90 34.07
C MET ZA 395 -5.25 87.98 35.31
N LEU ZA 396 -4.80 88.52 36.43
CA LEU ZA 396 -4.60 87.68 37.64
C LEU ZA 396 -5.35 88.14 38.89
N ARG ZA 397 -6.08 87.22 39.52
CA ARG ZA 397 -6.65 87.41 40.87
C ARG ZA 397 -5.62 86.87 41.92
N THR ZA 398 -5.92 86.91 43.22
CA THR ZA 398 -5.05 86.46 44.37
C THR ZA 398 -4.56 85.02 44.25
N GLY ZA 399 -5.35 84.06 43.76
CA GLY ZA 399 -4.95 82.68 43.42
C GLY ZA 399 -3.95 82.50 42.30
N ASN ZA 400 -3.98 83.33 41.26
CA ASN ZA 400 -3.19 83.24 39.99
C ASN ZA 400 -1.70 83.58 40.01
N ASN ZA 401 -0.93 83.05 39.05
CA ASN ZA 401 0.55 83.26 38.92
C ASN ZA 401 0.94 83.46 37.43
N PHE ZA 402 2.09 84.08 37.15
CA PHE ZA 402 2.64 84.26 35.78
C PHE ZA 402 4.07 83.73 35.64
N GLU ZA 403 4.41 83.08 34.53
CA GLU ZA 403 5.81 82.60 34.27
C GLU ZA 403 6.33 82.95 32.85
N PHE ZA 404 7.63 83.26 32.69
CA PHE ZA 404 8.29 83.50 31.37
C PHE ZA 404 9.69 82.82 31.29
N THR ZA 405 10.13 82.41 30.10
CA THR ZA 405 11.50 81.82 29.85
C THR ZA 405 12.19 82.52 28.68
N TYR ZA 406 13.50 82.77 28.75
CA TYR ZA 406 14.29 83.40 27.65
C TYR ZA 406 15.65 82.73 27.43
N ASN ZA 407 16.15 82.70 26.20
CA ASN ZA 407 17.53 82.22 25.86
C ASN ZA 407 18.35 83.37 25.28
N PHE ZA 408 19.56 83.56 25.76
CA PHE ZA 408 20.46 84.63 25.25
C PHE ZA 408 21.06 84.18 23.92
N GLU ZA 409 21.33 85.11 23.00
CA GLU ZA 409 22.05 84.83 21.74
C GLU ZA 409 23.55 84.57 22.02
N GLU ZA 410 24.26 83.91 21.11
CA GLU ZA 410 25.72 83.76 21.30
C GLU ZA 410 26.41 85.13 21.38
N VAL ZA 411 27.27 85.30 22.37
CA VAL ZA 411 27.94 86.60 22.62
C VAL ZA 411 29.37 86.26 23.04
N PRO ZA 412 30.38 87.11 22.82
CA PRO ZA 412 31.71 86.86 23.36
C PRO ZA 412 31.82 86.94 24.90
N PHE ZA 413 32.68 86.13 25.52
CA PHE ZA 413 32.92 86.17 27.00
C PHE ZA 413 33.56 87.49 27.41
N HIS ZA 414 33.17 88.08 28.55
CA HIS ZA 414 33.88 89.26 29.11
C HIS ZA 414 35.29 88.81 29.54
N SER ZA 415 36.28 89.69 29.39
CA SER ZA 415 37.67 89.37 29.79
C SER ZA 415 37.99 89.79 31.23
N SER ZA 416 37.99 88.85 32.18
CA SER ZA 416 38.34 89.08 33.60
C SER ZA 416 39.84 88.83 33.84
N PHE ZA 417 40.72 89.62 33.25
CA PHE ZA 417 42.18 89.47 33.40
C PHE ZA 417 42.85 90.80 33.09
N ALA ZA 418 44.06 90.96 33.59
CA ALA ZA 418 44.89 92.14 33.29
C ALA ZA 418 46.12 91.66 32.52
N PRO ZA 419 46.55 92.39 31.47
CA PRO ZA 419 47.78 92.05 30.78
C PRO ZA 419 49.09 92.14 31.58
N SER ZA 420 49.96 91.14 31.42
CA SER ZA 420 51.28 91.11 32.11
C SER ZA 420 52.42 91.67 31.22
N GLN ZA 421 52.13 92.11 30.00
CA GLN ZA 421 53.13 92.74 29.11
C GLN ZA 421 52.65 94.04 28.46
N ASN ZA 422 53.55 94.99 28.23
CA ASN ZA 422 53.30 96.22 27.43
C ASN ZA 422 53.22 95.88 25.93
N LEU ZA 423 52.32 96.53 25.17
CA LEU ZA 423 52.11 96.32 23.71
C LEU ZA 423 53.37 96.65 22.91
N PHE ZA 424 54.12 97.66 23.30
CA PHE ZA 424 55.37 98.10 22.63
C PHE ZA 424 56.68 97.38 23.11
N LYS ZA 425 56.67 96.46 24.08
CA LYS ZA 425 57.88 95.78 24.65
C LYS ZA 425 57.91 94.26 24.33
N LEU ZA 426 57.41 93.78 23.20
CA LEU ZA 426 57.26 92.33 22.86
C LEU ZA 426 58.48 91.65 22.20
N ALA ZA 427 59.46 92.41 21.72
CA ALA ZA 427 60.70 91.84 21.17
C ALA ZA 427 61.52 91.22 22.32
N ASN ZA 428 62.29 90.16 22.04
CA ASN ZA 428 63.18 89.56 23.05
C ASN ZA 428 64.18 90.64 23.49
N PRO ZA 429 64.39 90.82 24.82
CA PRO ZA 429 65.36 91.77 25.33
C PRO ZA 429 66.84 91.48 24.96
N LEU ZA 430 67.30 90.23 24.91
CA LEU ZA 430 68.64 89.72 24.50
C LEU ZA 430 69.04 89.91 23.03
N VAL ZA 431 68.12 89.80 22.07
CA VAL ZA 431 68.47 89.78 20.62
C VAL ZA 431 68.15 91.07 19.81
N ASP ZA 432 69.09 91.55 19.00
CA ASP ZA 432 68.91 92.69 18.05
C ASP ZA 432 68.03 92.36 16.83
N GLN ZA 433 67.32 93.36 16.32
CA GLN ZA 433 66.53 93.23 15.06
C GLN ZA 433 67.39 93.24 13.78
N TYR ZA 434 66.98 92.55 12.70
CA TYR ZA 434 67.67 92.66 11.37
C TYR ZA 434 67.15 93.90 10.57
N LEU ZA 435 66.71 94.94 11.24
CA LEU ZA 435 66.05 96.11 10.60
C LEU ZA 435 66.76 97.40 10.98
N TYR ZA 436 66.72 98.39 10.10
CA TYR ZA 436 67.50 99.64 10.29
C TYR ZA 436 66.60 100.88 10.21
N ARG ZA 437 67.03 101.96 10.83
CA ARG ZA 437 66.25 103.22 10.89
C ARG ZA 437 67.10 104.42 10.44
N PHE ZA 438 66.45 105.46 9.93
CA PHE ZA 438 67.15 106.70 9.56
C PHE ZA 438 67.36 107.53 10.80
N VAL ZA 439 68.59 107.94 11.00
CA VAL ZA 439 68.91 108.78 12.18
C VAL ZA 439 69.51 110.14 11.83
N SER ZA 440 70.01 110.33 10.62
CA SER ZA 440 70.83 111.55 10.37
C SER ZA 440 71.05 111.99 8.92
N THR ZA 441 71.49 113.22 8.76
CA THR ZA 441 71.92 113.74 7.45
C THR ZA 441 73.32 114.32 7.70
N ASN ZA 442 74.27 114.21 6.77
CA ASN ZA 442 75.65 114.79 6.90
C ASN ZA 442 75.73 116.27 6.47
N ASN ZA 443 76.92 116.88 6.43
CA ASN ZA 443 77.12 118.33 6.10
C ASN ZA 443 76.57 118.59 4.69
N THR ZA 444 76.76 117.69 3.73
CA THR ZA 444 76.04 117.73 2.45
C THR ZA 444 74.84 116.93 2.86
N GLY ZA 445 73.61 117.25 2.51
CA GLY ZA 445 72.50 116.54 3.19
C GLY ZA 445 72.27 115.10 2.77
N GLY ZA 446 73.21 114.20 3.06
CA GLY ZA 446 73.14 112.78 2.66
C GLY ZA 446 72.66 111.90 3.79
N VAL ZA 447 71.70 111.03 3.52
CA VAL ZA 447 71.03 110.18 4.57
C VAL ZA 447 71.95 109.14 5.23
N GLN ZA 448 71.74 108.91 6.52
CA GLN ZA 448 72.58 107.98 7.33
C GLN ZA 448 71.68 107.03 8.13
N PHE ZA 449 72.14 105.81 8.40
CA PHE ZA 449 71.30 104.77 9.05
C PHE ZA 449 72.01 104.05 10.19
N ASN ZA 450 71.25 103.53 11.15
CA ASN ZA 450 71.80 102.74 12.30
C ASN ZA 450 70.93 101.51 12.50
N LYS ZA 451 71.51 100.40 12.93
CA LYS ZA 451 70.79 99.14 13.29
C LYS ZA 451 70.00 99.26 14.61
N ASN ZA 452 68.92 98.49 14.73
CA ASN ZA 452 68.11 98.51 15.97
C ASN ZA 452 68.65 97.49 16.98
N LEU ZA 453 69.12 97.97 18.14
CA LEU ZA 453 69.73 97.14 19.22
C LEU ZA 453 68.73 96.45 20.17
N ALA ZA 454 69.19 95.40 20.87
CA ALA ZA 454 68.34 94.66 21.84
C ALA ZA 454 67.88 95.50 23.04
N GLY ZA 455 66.58 95.45 23.36
CA GLY ZA 455 65.97 96.17 24.48
C GLY ZA 455 65.68 97.64 24.24
N ARG ZA 456 65.95 98.18 23.06
CA ARG ZA 456 65.73 99.62 22.73
C ARG ZA 456 64.30 99.80 22.18
N TYR ZA 457 63.28 99.74 23.05
CA TYR ZA 457 61.81 99.76 22.73
C TYR ZA 457 61.40 101.09 22.11
N ALA ZA 458 62.09 102.16 22.44
CA ALA ZA 458 61.86 103.47 21.84
C ALA ZA 458 62.07 103.42 20.31
N ASN ZA 459 63.03 102.65 19.79
CA ASN ZA 459 63.42 102.63 18.35
C ASN ZA 459 63.17 101.32 17.59
N THR ZA 460 62.16 100.53 17.86
CA THR ZA 460 61.99 99.15 17.35
C THR ZA 460 60.82 99.15 16.39
N TYR ZA 461 60.86 98.35 15.34
CA TYR ZA 461 59.74 98.18 14.39
C TYR ZA 461 58.60 97.51 15.13
N LYS ZA 462 57.36 97.93 14.87
CA LYS ZA 462 56.18 97.41 15.61
C LYS ZA 462 55.10 96.84 14.70
N ASN ZA 463 54.61 95.65 14.95
CA ASN ZA 463 53.41 95.05 14.27
C ASN ZA 463 52.04 95.69 14.59
N TRP ZA 464 51.80 96.09 15.83
CA TRP ZA 464 50.44 96.41 16.31
C TRP ZA 464 50.35 97.76 16.98
N PHE ZA 465 49.17 98.33 16.97
CA PHE ZA 465 48.98 99.73 17.45
C PHE ZA 465 47.91 99.77 18.51
N PRO ZA 466 47.99 100.77 19.41
CA PRO ZA 466 46.96 100.99 20.42
C PRO ZA 466 45.61 101.50 19.91
N GLY ZA 467 44.56 101.33 20.69
CA GLY ZA 467 43.17 101.70 20.35
C GLY ZA 467 42.85 103.19 20.34
N PRO ZA 468 41.68 103.58 19.79
CA PRO ZA 468 41.31 104.98 19.61
C PRO ZA 468 41.16 105.90 20.85
N MET ZA 469 41.55 107.17 20.72
CA MET ZA 469 41.57 108.09 21.88
C MET ZA 469 40.97 109.49 21.59
N GLY ZA 470 40.32 110.14 22.55
CA GLY ZA 470 39.94 111.58 22.46
C GLY ZA 470 40.35 112.27 23.75
N ARG ZA 471 41.06 113.40 23.75
CA ARG ZA 471 41.56 114.00 25.02
C ARG ZA 471 40.43 114.52 25.97
N THR ZA 472 40.50 114.19 27.27
CA THR ZA 472 39.53 114.59 28.32
C THR ZA 472 40.29 115.16 29.50
N GLN ZA 473 39.78 116.20 30.16
CA GLN ZA 473 40.50 116.90 31.26
C GLN ZA 473 40.78 116.00 32.48
N GLY ZA 474 41.96 116.17 33.09
CA GLY ZA 474 42.37 115.40 34.28
C GLY ZA 474 42.29 116.22 35.55
N TRP ZA 475 41.68 115.65 36.59
CA TRP ZA 475 41.54 116.33 37.90
C TRP ZA 475 42.18 115.50 39.02
N ASN ZA 476 42.95 116.15 39.89
CA ASN ZA 476 43.61 115.47 41.05
C ASN ZA 476 42.60 115.17 42.16
N LEU ZA 477 42.81 114.09 42.89
CA LEU ZA 477 41.93 113.62 43.99
C LEU ZA 477 42.82 113.48 45.23
N GLY ZA 478 42.26 113.44 46.44
CA GLY ZA 478 43.08 113.41 47.67
C GLY ZA 478 43.91 114.65 47.86
N SER ZA 479 45.24 114.52 47.93
CA SER ZA 479 46.13 115.68 48.12
C SER ZA 479 45.97 116.63 46.92
N GLY ZA 480 45.84 116.14 45.68
CA GLY ZA 480 45.39 117.03 44.59
C GLY ZA 480 46.22 118.25 44.27
N VAL ZA 481 45.65 119.45 44.32
CA VAL ZA 481 46.30 120.74 43.92
C VAL ZA 481 45.66 121.32 42.62
N ASN ZA 482 44.39 121.02 42.32
CA ASN ZA 482 43.60 121.56 41.16
C ASN ZA 482 43.19 123.04 41.23
N ARG ZA 483 42.85 123.67 40.09
CA ARG ZA 483 42.38 125.09 40.00
C ARG ZA 483 41.05 125.40 40.72
N ALA ZA 484 40.97 126.53 41.42
CA ALA ZA 484 39.81 126.95 42.26
C ALA ZA 484 38.62 127.59 41.58
N SER ZA 485 37.41 127.46 42.16
CA SER ZA 485 36.17 128.15 41.72
C SER ZA 485 35.77 127.92 40.25
N VAL ZA 486 35.87 126.70 39.76
CA VAL ZA 486 35.59 126.41 38.33
C VAL ZA 486 34.15 125.91 38.10
N SER ZA 487 33.48 126.40 37.06
CA SER ZA 487 32.19 125.81 36.63
C SER ZA 487 32.55 124.87 35.48
N ALA ZA 488 32.33 123.58 35.60
CA ALA ZA 488 32.76 122.53 34.63
C ALA ZA 488 32.14 122.54 33.23
N PHE ZA 489 30.85 122.85 33.03
CA PHE ZA 489 30.10 122.57 31.76
C PHE ZA 489 30.62 123.22 30.45
N ALA ZA 490 31.07 124.46 30.42
CA ALA ZA 490 31.54 125.13 29.18
C ALA ZA 490 32.73 124.40 28.57
N THR ZA 491 33.65 123.87 29.38
CA THR ZA 491 34.88 123.21 28.91
C THR ZA 491 34.78 121.70 28.79
N THR ZA 492 33.62 121.10 29.00
CA THR ZA 492 33.38 119.64 28.88
C THR ZA 492 33.36 119.13 27.44
N ASN ZA 493 33.66 117.85 27.22
CA ASN ZA 493 33.61 117.18 25.88
C ASN ZA 493 32.17 117.09 25.37
N ARG ZA 494 31.94 117.30 24.07
CA ARG ZA 494 30.57 117.32 23.52
C ARG ZA 494 30.46 116.75 22.11
N MET ZA 495 29.29 116.25 21.73
CA MET ZA 495 29.00 115.82 20.33
C MET ZA 495 27.73 116.59 19.91
N GLU ZA 496 27.60 116.97 18.63
CA GLU ZA 496 26.46 117.79 18.14
C GLU ZA 496 25.45 116.92 17.38
N LEU ZA 497 24.17 116.90 17.75
CA LEU ZA 497 23.10 116.17 17.01
C LEU ZA 497 21.92 117.09 16.76
N GLU ZA 498 21.39 117.21 15.53
CA GLU ZA 498 20.13 117.94 15.18
C GLU ZA 498 20.15 119.41 15.64
N GLY ZA 499 21.27 120.11 15.57
CA GLY ZA 499 21.34 121.49 16.10
C GLY ZA 499 21.56 121.68 17.60
N ALA ZA 500 21.82 120.63 18.39
CA ALA ZA 500 22.10 120.85 19.84
C ALA ZA 500 23.43 120.22 20.28
N SER ZA 501 24.08 120.76 21.32
CA SER ZA 501 25.35 120.22 21.88
C SER ZA 501 25.05 119.32 23.09
N TYR ZA 502 25.57 118.12 23.05
CA TYR ZA 502 25.30 117.14 24.14
C TYR ZA 502 26.55 116.67 24.83
N GLN ZA 503 26.53 116.64 26.14
CA GLN ZA 503 27.62 115.96 26.88
C GLN ZA 503 27.42 114.46 26.63
N VAL ZA 504 28.50 113.72 26.51
CA VAL ZA 504 28.47 112.25 26.26
C VAL ZA 504 29.35 111.74 27.41
N PRO ZA 505 28.80 111.67 28.65
CA PRO ZA 505 29.57 111.41 29.86
C PRO ZA 505 30.34 110.13 29.95
N PRO ZA 506 29.96 108.92 29.49
CA PRO ZA 506 30.95 107.85 29.47
C PRO ZA 506 31.66 108.21 28.16
N GLN ZA 507 32.97 108.25 28.10
CA GLN ZA 507 33.55 108.49 26.73
C GLN ZA 507 33.51 107.16 25.92
N PRO ZA 508 33.77 107.11 24.59
CA PRO ZA 508 33.87 105.85 23.83
C PRO ZA 508 35.07 104.92 24.20
N ASN ZA 509 34.99 103.59 24.04
CA ASN ZA 509 36.04 102.60 24.46
C ASN ZA 509 37.45 102.71 23.84
N GLY ZA 510 38.50 102.17 24.51
CA GLY ZA 510 39.92 102.21 24.09
C GLY ZA 510 40.84 103.11 24.86
N MET ZA 511 40.37 103.72 25.93
CA MET ZA 511 41.24 104.58 26.76
C MET ZA 511 41.32 104.14 28.23
N THR ZA 512 42.30 104.65 28.97
CA THR ZA 512 42.37 104.47 30.45
C THR ZA 512 42.25 105.83 31.15
N ASN ZA 513 41.33 106.00 32.10
CA ASN ZA 513 41.16 107.22 32.98
C ASN ZA 513 42.31 107.49 33.99
N ASN ZA 514 42.91 106.48 34.60
CA ASN ZA 514 43.91 106.67 35.70
C ASN ZA 514 45.19 105.85 35.42
N LEU ZA 515 46.37 106.41 35.62
CA LEU ZA 515 47.68 105.67 35.46
C LEU ZA 515 48.04 104.51 36.45
N GLN ZA 516 47.81 104.57 37.77
CA GLN ZA 516 48.23 103.55 38.80
C GLN ZA 516 49.08 104.34 39.79
N GLY ZA 517 48.87 104.15 41.09
CA GLY ZA 517 49.48 105.16 41.96
C GLY ZA 517 48.70 106.38 41.51
N SER ZA 518 49.32 107.43 40.99
CA SER ZA 518 48.67 108.68 40.51
C SER ZA 518 47.26 109.04 41.03
N ASN ZA 519 47.09 110.33 41.33
CA ASN ZA 519 45.78 110.85 41.82
C ASN ZA 519 45.09 111.65 40.71
N THR ZA 520 45.60 111.59 39.48
CA THR ZA 520 44.94 112.24 38.33
C THR ZA 520 43.92 111.29 37.70
N TYR ZA 521 42.71 111.79 37.52
CA TYR ZA 521 41.60 110.99 36.94
C TYR ZA 521 40.95 111.81 35.89
N ALA ZA 522 40.63 111.18 34.77
CA ALA ZA 522 39.81 111.92 33.80
C ALA ZA 522 38.35 111.62 34.20
N LEU ZA 523 37.66 112.58 34.82
CA LEU ZA 523 36.31 112.39 35.45
C LEU ZA 523 35.17 112.04 34.46
N GLU ZA 524 35.19 112.59 33.24
CA GLU ZA 524 34.17 112.29 32.20
C GLU ZA 524 34.43 110.93 31.53
N ASN ZA 525 35.54 110.25 31.80
CA ASN ZA 525 35.81 108.86 31.32
C ASN ZA 525 35.56 107.84 32.44
N THR ZA 526 35.02 108.22 33.58
CA THR ZA 526 34.89 107.30 34.75
C THR ZA 526 33.45 107.07 35.15
N MET ZA 527 33.08 105.83 35.47
CA MET ZA 527 31.77 105.53 36.10
C MET ZA 527 31.80 106.00 37.57
N ILE ZA 528 30.86 106.86 37.96
CA ILE ZA 528 30.74 107.35 39.37
C ILE ZA 528 29.43 106.85 39.99
N PHE ZA 529 29.50 106.28 41.19
CA PHE ZA 529 28.34 105.64 41.87
C PHE ZA 529 28.23 106.16 43.29
N ASN ZA 530 27.06 106.01 43.91
CA ASN ZA 530 26.84 106.37 45.34
C ASN ZA 530 26.76 105.07 46.15
N SER ZA 531 27.38 105.01 47.33
CA SER ZA 531 27.27 103.84 48.25
C SER ZA 531 25.82 103.64 48.71
N GLN ZA 532 25.10 104.73 48.99
CA GLN ZA 532 23.70 104.68 49.47
C GLN ZA 532 22.72 105.16 48.40
N PRO ZA 533 21.49 104.63 48.33
CA PRO ZA 533 20.45 105.13 47.41
C PRO ZA 533 19.99 106.56 47.77
N ALA ZA 534 19.54 107.30 46.77
CA ALA ZA 534 19.18 108.73 46.96
C ALA ZA 534 17.71 109.01 46.69
N ASN ZA 535 17.18 110.04 47.34
CA ASN ZA 535 15.79 110.51 47.09
C ASN ZA 535 15.70 111.14 45.69
N PRO ZA 536 14.55 111.02 44.99
CA PRO ZA 536 14.39 111.64 43.69
C PRO ZA 536 14.45 113.16 43.62
N GLY ZA 537 15.13 113.71 42.60
CA GLY ZA 537 15.22 115.16 42.37
C GLY ZA 537 16.23 115.89 43.21
N THR ZA 538 17.09 115.18 43.94
CA THR ZA 538 18.06 115.84 44.83
C THR ZA 538 18.98 116.76 44.01
N THR ZA 539 19.28 117.95 44.51
CA THR ZA 539 20.21 118.90 43.87
C THR ZA 539 21.41 119.13 44.78
N ALA ZA 540 21.59 118.31 45.81
CA ALA ZA 540 22.69 118.44 46.81
C ALA ZA 540 24.10 118.25 46.22
N THR ZA 541 25.08 119.05 46.68
CA THR ZA 541 26.50 118.84 46.29
C THR ZA 541 27.05 117.62 46.98
N TYR ZA 542 27.89 116.85 46.30
CA TYR ZA 542 28.55 115.68 46.90
C TYR ZA 542 30.05 115.81 46.76
N LEU ZA 543 30.76 115.63 47.86
CA LEU ZA 543 32.25 115.57 47.85
C LEU ZA 543 32.75 114.16 47.50
N GLU ZA 544 34.05 113.99 47.28
CA GLU ZA 544 34.70 112.72 46.86
C GLU ZA 544 34.51 111.58 47.87
N GLY ZA 545 34.54 111.85 49.18
CA GLY ZA 545 34.40 110.82 50.22
C GLY ZA 545 33.08 110.09 50.13
N ASN ZA 546 31.97 110.76 49.84
CA ASN ZA 546 30.67 110.11 49.58
C ASN ZA 546 30.69 109.22 48.33
N MET ZA 547 31.39 109.59 47.26
CA MET ZA 547 31.32 108.89 45.96
C MET ZA 547 32.15 107.62 45.82
N LEU ZA 548 31.72 106.68 44.97
CA LEU ZA 548 32.53 105.48 44.64
C LEU ZA 548 33.11 105.72 43.25
N ILE ZA 549 34.42 105.87 43.10
CA ILE ZA 549 35.05 106.24 41.78
C ILE ZA 549 35.91 105.08 41.27
N THR ZA 550 35.62 104.60 40.07
CA THR ZA 550 36.33 103.48 39.41
C THR ZA 550 37.65 103.88 38.74
N SER ZA 551 38.56 102.93 38.58
CA SER ZA 551 39.87 103.13 37.90
C SER ZA 551 40.02 102.03 36.85
N GLU ZA 552 40.59 102.34 35.70
CA GLU ZA 552 40.81 101.39 34.58
C GLU ZA 552 42.32 101.13 34.42
N SER ZA 553 43.13 101.30 35.47
CA SER ZA 553 44.61 101.24 35.45
C SER ZA 553 45.16 99.89 34.99
N GLU ZA 554 44.44 98.78 35.11
CA GLU ZA 554 44.82 97.43 34.63
C GLU ZA 554 45.01 97.41 33.09
N THR ZA 555 44.23 98.16 32.33
CA THR ZA 555 44.25 98.21 30.85
C THR ZA 555 45.33 99.13 30.28
N GLN ZA 556 46.12 99.82 31.12
CA GLN ZA 556 47.15 100.82 30.73
C GLN ZA 556 48.25 100.20 29.83
N PRO ZA 557 48.73 98.94 29.98
CA PRO ZA 557 49.64 98.33 29.01
C PRO ZA 557 49.18 98.34 27.54
N VAL ZA 558 47.87 98.31 27.21
CA VAL ZA 558 47.30 98.47 25.84
C VAL ZA 558 46.39 99.71 25.60
N ASN ZA 559 46.05 100.53 26.59
CA ASN ZA 559 45.05 101.62 26.38
C ASN ZA 559 45.71 102.95 26.67
N ARG ZA 560 45.55 103.90 25.76
CA ARG ZA 560 46.14 105.25 25.93
C ARG ZA 560 45.46 106.05 27.06
N VAL ZA 561 46.21 106.89 27.75
CA VAL ZA 561 45.66 107.77 28.81
C VAL ZA 561 44.84 108.96 28.24
N ALA ZA 562 43.62 109.19 28.75
CA ALA ZA 562 42.67 110.24 28.30
C ALA ZA 562 43.16 111.67 28.52
N TYR ZA 563 43.78 111.96 29.65
CA TYR ZA 563 44.29 113.33 29.99
C TYR ZA 563 45.43 113.77 29.04
N ASN ZA 564 46.32 112.88 28.63
CA ASN ZA 564 47.49 113.18 27.77
C ASN ZA 564 47.21 113.28 26.26
N VAL ZA 565 48.07 113.95 25.47
CA VAL ZA 565 48.04 113.95 23.96
C VAL ZA 565 48.38 112.56 23.40
N GLY ZA 566 47.76 112.11 22.31
CA GLY ZA 566 48.00 110.81 21.62
C GLY ZA 566 49.34 110.53 20.97
N GLY ZA 567 49.97 111.49 20.30
CA GLY ZA 567 51.21 111.26 19.53
C GLY ZA 567 51.56 112.46 18.69
N GLN ZA 568 52.51 112.34 17.78
CA GLN ZA 568 52.93 113.44 16.85
C GLN ZA 568 52.98 112.96 15.37
N MET ZA 569 52.72 113.84 14.39
CA MET ZA 569 52.78 113.56 12.94
C MET ZA 569 53.49 114.71 12.21
N ALA ZA 570 54.03 114.50 11.00
CA ALA ZA 570 54.70 115.54 10.16
C ALA ZA 570 53.75 116.64 9.64
N THR ZA 571 54.21 117.89 9.71
CA THR ZA 571 53.39 119.06 9.31
C THR ZA 571 53.99 119.82 8.12
N ASN ZA 572 55.07 119.37 7.50
CA ASN ZA 572 55.80 120.17 6.48
C ASN ZA 572 56.62 119.27 5.56
N ASN ZA 573 57.21 119.87 4.54
CA ASN ZA 573 58.20 119.15 3.69
C ASN ZA 573 59.56 119.77 3.96
N GLN ZA 574 60.57 118.97 4.30
CA GLN ZA 574 61.97 119.43 4.54
C GLN ZA 574 62.65 119.83 3.21
N SER ZA 575 63.59 120.76 3.26
CA SER ZA 575 64.33 121.25 2.06
C SER ZA 575 65.67 121.79 2.57
N SER ZA 576 66.61 122.09 1.70
CA SER ZA 576 67.86 122.72 2.19
C SER ZA 576 67.51 124.03 2.89
N THR ZA 577 66.59 124.84 2.37
CA THR ZA 577 66.08 126.05 3.04
C THR ZA 577 65.29 125.76 4.31
N THR ZA 578 64.47 124.70 4.36
CA THR ZA 578 63.55 124.47 5.50
C THR ZA 578 63.83 123.25 6.37
N ALA ZA 579 63.93 123.44 7.68
CA ALA ZA 579 64.08 122.33 8.66
C ALA ZA 579 62.78 121.52 8.80
N PRO ZA 580 62.85 120.21 9.08
CA PRO ZA 580 61.65 119.42 9.35
C PRO ZA 580 60.84 119.77 10.62
N ALA ZA 581 59.51 119.64 10.60
CA ALA ZA 581 58.62 120.03 11.73
C ALA ZA 581 57.57 118.95 12.06
N THR ZA 582 57.15 118.86 13.32
CA THR ZA 582 56.10 117.91 13.76
C THR ZA 582 55.01 118.63 14.52
N GLY ZA 583 53.82 118.03 14.59
CA GLY ZA 583 52.74 118.57 15.43
C GLY ZA 583 52.04 117.51 16.26
N THR ZA 584 51.66 117.81 17.50
CA THR ZA 584 50.84 116.87 18.36
C THR ZA 584 49.38 116.80 17.94
N TYR ZA 585 48.71 115.69 18.17
CA TYR ZA 585 47.26 115.51 17.90
C TYR ZA 585 46.47 115.20 19.23
N ASN ZA 586 45.24 115.69 19.40
CA ASN ZA 586 44.41 115.48 20.63
C ASN ZA 586 43.36 114.37 20.42
N LEU ZA 587 43.18 113.91 19.18
CA LEU ZA 587 42.21 112.82 18.89
C LEU ZA 587 42.69 111.89 17.77
N GLN ZA 588 42.38 110.61 17.83
CA GLN ZA 588 42.67 109.65 16.73
C GLN ZA 588 41.59 108.57 16.77
N GLU ZA 589 41.31 107.92 15.66
CA GLU ZA 589 40.21 106.93 15.57
C GLU ZA 589 40.81 105.62 15.08
N ILE ZA 590 40.01 104.62 14.78
CA ILE ZA 590 40.48 103.26 14.41
C ILE ZA 590 41.38 103.22 13.16
N VAL ZA 591 42.43 102.43 13.24
CA VAL ZA 591 43.41 102.24 12.13
C VAL ZA 591 43.56 100.72 11.99
N PRO ZA 592 43.93 100.17 10.83
CA PRO ZA 592 44.16 98.73 10.72
C PRO ZA 592 45.34 98.24 11.61
N GLY ZA 593 45.22 97.07 12.24
CA GLY ZA 593 46.22 96.58 13.21
C GLY ZA 593 46.02 97.10 14.63
N SER ZA 594 44.92 97.80 14.91
CA SER ZA 594 44.53 98.35 16.23
C SER ZA 594 44.07 97.27 17.23
N VAL ZA 595 44.55 97.36 18.47
CA VAL ZA 595 44.18 96.41 19.58
C VAL ZA 595 43.80 97.26 20.82
N TRP ZA 596 42.79 96.83 21.58
CA TRP ZA 596 42.37 97.53 22.83
C TRP ZA 596 41.61 96.59 23.77
N MET ZA 597 41.43 97.02 25.00
CA MET ZA 597 40.60 96.30 26.01
C MET ZA 597 39.31 97.10 26.30
N GLU ZA 598 38.16 96.43 26.34
CA GLU ZA 598 36.85 97.04 26.71
C GLU ZA 598 36.76 97.36 28.20
N ARG ZA 599 35.88 98.27 28.59
CA ARG ZA 599 35.65 98.65 30.02
C ARG ZA 599 35.21 97.46 30.91
N ASP ZA 600 35.70 97.43 32.14
CA ASP ZA 600 35.37 96.39 33.14
C ASP ZA 600 33.96 96.47 33.72
N VAL ZA 601 33.35 95.34 34.01
CA VAL ZA 601 32.05 95.26 34.75
C VAL ZA 601 32.24 95.44 36.28
N TYR ZA 602 31.21 95.91 36.96
CA TYR ZA 602 31.23 96.12 38.43
C TYR ZA 602 30.02 95.42 39.02
N LEU ZA 603 30.07 95.02 40.28
CA LEU ZA 603 28.92 94.39 40.99
C LEU ZA 603 27.74 95.41 41.05
N GLN ZA 604 28.00 96.68 41.33
CA GLN ZA 604 27.03 97.82 41.30
C GLN ZA 604 26.51 98.13 39.87
N GLY ZA 605 27.27 97.84 38.81
CA GLY ZA 605 26.93 98.10 37.40
C GLY ZA 605 25.97 97.25 36.60
N PRO ZA 606 25.53 97.74 35.41
CA PRO ZA 606 24.73 96.96 34.44
C PRO ZA 606 25.25 95.78 33.59
N ILE ZA 607 24.50 94.69 33.44
CA ILE ZA 607 24.84 93.56 32.50
C ILE ZA 607 24.72 93.82 30.97
N TRP ZA 608 23.65 94.42 30.48
CA TRP ZA 608 23.39 94.48 29.02
C TRP ZA 608 22.84 95.80 28.50
N ALA ZA 609 22.93 96.03 27.18
CA ALA ZA 609 22.31 97.19 26.50
C ALA ZA 609 21.76 96.70 25.16
N LYS ZA 610 20.68 97.30 24.68
CA LYS ZA 610 20.12 96.98 23.36
C LYS ZA 610 20.84 97.74 22.23
N ILE ZA 611 21.27 97.03 21.19
CA ILE ZA 611 21.83 97.69 19.98
C ILE ZA 611 20.69 98.41 19.24
N PRO ZA 612 20.85 99.69 18.84
CA PRO ZA 612 19.82 100.41 18.09
C PRO ZA 612 19.62 99.96 16.65
N GLU ZA 613 18.37 99.95 16.16
CA GLU ZA 613 18.12 99.41 14.79
C GLU ZA 613 18.20 100.52 13.71
N THR ZA 614 19.32 100.64 13.02
CA THR ZA 614 19.55 101.66 11.98
C THR ZA 614 19.89 100.99 10.68
N GLY ZA 615 20.26 99.72 10.73
CA GLY ZA 615 20.78 98.97 9.58
C GLY ZA 615 22.30 99.09 9.41
N ALA ZA 616 23.01 99.95 10.14
CA ALA ZA 616 24.48 100.02 10.09
C ALA ZA 616 25.12 100.27 11.46
N HIS ZA 617 26.14 99.54 11.83
CA HIS ZA 617 26.87 99.76 13.11
C HIS ZA 617 28.31 99.23 13.03
N PHE ZA 618 29.18 99.71 13.90
CA PHE ZA 618 30.55 99.14 14.01
C PHE ZA 618 30.85 98.68 15.42
N HIS ZA 619 31.37 97.46 15.62
CA HIS ZA 619 31.87 96.93 16.94
C HIS ZA 619 30.92 97.25 18.08
N PRO ZA 620 29.92 96.39 18.35
CA PRO ZA 620 28.84 96.76 19.27
C PRO ZA 620 28.92 96.45 20.75
N SER ZA 621 29.85 97.12 21.39
CA SER ZA 621 30.07 96.96 22.85
C SER ZA 621 29.63 98.27 23.51
N PRO ZA 622 28.70 98.26 24.49
CA PRO ZA 622 28.25 99.50 25.10
C PRO ZA 622 29.27 100.28 25.96
N ALA ZA 623 29.24 101.60 25.95
CA ALA ZA 623 30.24 102.44 26.65
C ALA ZA 623 30.26 102.28 28.18
N MET ZA 624 29.10 102.16 28.84
CA MET ZA 624 28.96 101.94 30.31
C MET ZA 624 29.60 100.60 30.69
N GLY ZA 625 29.54 99.59 29.84
CA GLY ZA 625 30.09 98.26 30.08
C GLY ZA 625 29.07 97.18 29.77
N GLY ZA 626 29.48 95.91 29.81
CA GLY ZA 626 28.55 94.79 29.57
C GLY ZA 626 28.39 94.23 28.17
N PHE ZA 627 27.28 93.57 27.92
CA PHE ZA 627 27.02 92.83 26.65
C PHE ZA 627 26.00 93.56 25.78
N GLY ZA 628 26.33 93.76 24.51
CA GLY ZA 628 25.44 94.43 23.55
C GLY ZA 628 24.64 93.40 22.81
N LEU ZA 629 23.32 93.52 22.87
CA LEU ZA 629 22.44 92.47 22.31
C LEU ZA 629 21.46 92.99 21.26
N LYS ZA 630 21.40 92.36 20.10
CA LYS ZA 630 20.36 92.65 19.08
C LYS ZA 630 18.96 92.30 19.61
N HIS ZA 631 18.82 91.17 20.30
CA HIS ZA 631 17.51 90.75 20.88
C HIS ZA 631 17.67 90.58 22.38
N PRO ZA 632 17.51 91.67 23.15
CA PRO ZA 632 17.65 91.67 24.60
C PRO ZA 632 16.55 91.01 25.42
N PRO ZA 633 16.77 90.66 26.71
CA PRO ZA 633 15.68 90.10 27.48
C PRO ZA 633 14.53 91.13 27.47
N PRO ZA 634 13.28 90.71 27.20
CA PRO ZA 634 12.17 91.64 27.00
C PRO ZA 634 11.54 92.46 28.12
N MET ZA 635 10.97 93.63 27.80
CA MET ZA 635 10.25 94.48 28.78
C MET ZA 635 9.03 93.75 29.40
N MET ZA 636 8.92 93.80 30.73
CA MET ZA 636 7.83 93.16 31.48
C MET ZA 636 6.99 94.27 32.12
N LEU ZA 637 5.71 94.34 31.80
CA LEU ZA 637 4.83 95.46 32.21
C LEU ZA 637 3.65 94.97 33.06
N ILE ZA 638 3.38 95.67 34.16
CA ILE ZA 638 2.28 95.31 35.09
C ILE ZA 638 1.42 96.54 35.41
N LYS ZA 639 0.11 96.36 35.45
CA LYS ZA 639 -0.80 97.47 35.86
C LYS ZA 639 -1.92 96.98 36.79
N ASN ZA 640 -2.48 97.88 37.58
CA ASN ZA 640 -3.71 97.57 38.38
C ASN ZA 640 -4.92 97.85 37.49
N THR ZA 641 -5.86 96.92 37.37
CA THR ZA 641 -7.10 97.14 36.60
C THR ZA 641 -7.97 98.24 37.23
N PRO ZA 642 -8.50 99.20 36.43
CA PRO ZA 642 -9.43 100.18 36.95
C PRO ZA 642 -10.69 99.58 37.57
N VAL ZA 643 -11.00 99.98 38.79
CA VAL ZA 643 -12.26 99.53 39.41
C VAL ZA 643 -13.11 100.80 39.66
N PRO ZA 644 -14.28 100.92 39.03
CA PRO ZA 644 -15.13 102.10 39.20
C PRO ZA 644 -15.87 102.44 40.51
N GLY ZA 645 -16.03 103.72 40.83
CA GLY ZA 645 -16.84 104.24 41.95
C GLY ZA 645 -18.31 104.24 41.60
N ASN ZA 646 -19.22 104.54 42.52
CA ASN ZA 646 -20.67 104.38 42.22
C ASN ZA 646 -21.15 105.33 41.12
N ILE ZA 647 -21.79 104.78 40.08
CA ILE ZA 647 -22.32 105.60 38.95
C ILE ZA 647 -23.82 105.32 38.89
N THR ZA 648 -24.66 106.34 38.91
CA THR ZA 648 -26.14 106.15 38.97
C THR ZA 648 -26.82 106.56 37.68
N SER ZA 649 -26.13 107.25 36.78
CA SER ZA 649 -26.74 107.78 35.54
C SER ZA 649 -25.88 107.48 34.31
N PHE ZA 650 -26.47 107.36 33.12
CA PHE ZA 650 -25.74 107.16 31.85
C PHE ZA 650 -25.07 108.43 31.28
N SER ZA 651 -23.83 108.32 30.81
CA SER ZA 651 -23.20 109.41 30.03
C SER ZA 651 -22.36 108.81 28.91
N ASP ZA 652 -22.29 109.45 27.76
CA ASP ZA 652 -21.33 109.10 26.67
C ASP ZA 652 -19.91 109.42 27.18
N VAL ZA 653 -19.74 110.48 27.97
CA VAL ZA 653 -18.43 110.90 28.52
C VAL ZA 653 -17.84 109.81 29.42
N PRO ZA 654 -16.55 109.43 29.27
CA PRO ZA 654 -15.91 108.39 30.07
C PRO ZA 654 -15.81 108.61 31.57
N VAL ZA 655 -15.93 107.52 32.34
CA VAL ZA 655 -15.86 107.62 33.82
C VAL ZA 655 -14.47 108.09 34.30
N SER ZA 656 -14.46 109.04 35.21
CA SER ZA 656 -13.25 109.60 35.82
C SER ZA 656 -13.19 109.28 37.33
N SER ZA 657 -14.16 108.55 37.87
CA SER ZA 657 -14.24 108.25 39.32
C SER ZA 657 -13.98 106.77 39.58
N PHE ZA 658 -12.96 106.46 40.37
CA PHE ZA 658 -12.53 105.06 40.59
C PHE ZA 658 -12.21 104.83 42.04
N ILE ZA 659 -12.37 103.62 42.53
CA ILE ZA 659 -11.89 103.31 43.92
C ILE ZA 659 -10.33 103.30 43.99
N THR ZA 660 -9.71 103.83 45.05
CA THR ZA 660 -8.23 103.87 45.22
C THR ZA 660 -7.65 102.52 45.66
N GLN ZA 661 -6.65 102.01 44.93
CA GLN ZA 661 -6.11 100.64 45.15
C GLN ZA 661 -4.59 100.52 44.91
N TYR ZA 662 -3.93 99.53 45.50
CA TYR ZA 662 -2.48 99.25 45.30
C TYR ZA 662 -2.29 97.73 45.29
N SER ZA 663 -1.19 97.26 44.72
CA SER ZA 663 -0.89 95.79 44.69
C SER ZA 663 0.49 95.45 45.28
N THR ZA 664 0.62 94.22 45.80
CA THR ZA 664 1.89 93.72 46.37
C THR ZA 664 2.09 92.25 46.00
N GLY ZA 665 3.33 91.77 45.93
CA GLY ZA 665 3.62 90.35 45.64
C GLY ZA 665 5.08 89.96 45.72
N GLN ZA 666 5.41 88.78 45.25
CA GLN ZA 666 6.81 88.25 45.17
C GLN ZA 666 7.26 87.96 43.71
N VAL ZA 667 8.52 88.25 43.40
CA VAL ZA 667 9.11 87.96 42.05
C VAL ZA 667 10.37 87.07 42.21
N THR ZA 668 10.52 86.04 41.39
CA THR ZA 668 11.74 85.22 41.36
C THR ZA 668 12.43 85.30 39.99
N VAL ZA 669 13.76 85.54 39.96
CA VAL ZA 669 14.57 85.49 38.69
C VAL ZA 669 15.66 84.41 38.78
N GLU ZA 670 15.76 83.52 37.80
CA GLU ZA 670 16.79 82.46 37.73
C GLU ZA 670 17.65 82.69 36.48
N MET ZA 671 18.98 82.74 36.66
CA MET ZA 671 19.92 82.98 35.53
C MET ZA 671 21.03 81.93 35.47
N GLU ZA 672 21.38 81.52 34.25
CA GLU ZA 672 22.49 80.56 34.03
C GLU ZA 672 23.69 81.29 33.39
N TRP ZA 673 24.89 81.01 33.88
CA TRP ZA 673 26.12 81.66 33.39
C TRP ZA 673 27.16 80.63 32.94
N GLU ZA 674 27.86 80.91 31.84
CA GLU ZA 674 28.97 80.04 31.36
C GLU ZA 674 30.31 80.65 31.79
N LEU ZA 675 31.22 79.83 32.31
CA LEU ZA 675 32.53 80.26 32.86
C LEU ZA 675 33.71 79.81 32.01
N LYS ZA 676 34.73 80.66 31.86
CA LYS ZA 676 35.99 80.25 31.20
C LYS ZA 676 37.09 80.09 32.27
N LYS ZA 677 37.67 78.90 32.38
CA LYS ZA 677 38.76 78.58 33.34
C LYS ZA 677 40.15 79.18 33.06
N GLU ZA 678 40.85 79.58 34.12
CA GLU ZA 678 42.27 80.02 33.99
C GLU ZA 678 43.19 78.83 33.66
N ASN ZA 679 44.19 79.01 32.79
CA ASN ZA 679 45.20 77.97 32.41
C ASN ZA 679 46.62 78.55 32.56
N SER ZA 680 46.91 79.31 33.61
CA SER ZA 680 48.20 80.01 33.81
C SER ZA 680 49.43 79.14 34.12
N LYS ZA 681 50.60 79.50 33.61
CA LYS ZA 681 51.89 78.85 33.94
C LYS ZA 681 52.77 79.77 34.82
N ARG ZA 682 52.26 80.89 35.34
CA ARG ZA 682 52.98 81.84 36.26
C ARG ZA 682 53.37 81.21 37.62
N TRP ZA 683 54.66 81.11 37.93
CA TRP ZA 683 55.22 80.52 39.17
C TRP ZA 683 54.92 81.28 40.47
N ASN ZA 684 55.05 82.58 40.44
CA ASN ZA 684 54.83 83.49 41.60
C ASN ZA 684 53.34 83.71 41.89
N PRO ZA 685 52.99 84.05 43.16
CA PRO ZA 685 51.62 84.38 43.51
C PRO ZA 685 50.97 85.66 42.93
N GLU ZA 686 49.72 85.57 42.55
CA GLU ZA 686 48.87 86.67 42.00
C GLU ZA 686 48.16 87.63 42.98
N ILE ZA 687 47.73 88.79 42.49
CA ILE ZA 687 46.84 89.74 43.23
C ILE ZA 687 45.41 89.17 43.34
N GLN ZA 688 44.74 89.35 44.48
CA GLN ZA 688 43.36 88.86 44.77
C GLN ZA 688 42.54 89.88 45.52
N TYR ZA 689 41.22 89.94 45.32
CA TYR ZA 689 40.33 90.79 46.16
C TYR ZA 689 40.22 90.13 47.57
N THR ZA 690 40.39 90.94 48.61
CA THR ZA 690 40.35 90.42 49.99
C THR ZA 690 39.56 91.36 50.86
N ASN ZA 691 39.02 90.86 51.97
CA ASN ZA 691 38.39 91.72 52.97
C ASN ZA 691 39.54 92.19 53.86
N ASN ZA 692 39.94 93.44 53.76
CA ASN ZA 692 41.13 93.95 54.46
C ASN ZA 692 40.83 95.37 54.95
N TYR ZA 693 40.81 95.55 56.26
CA TYR ZA 693 40.41 96.85 56.86
C TYR ZA 693 41.30 97.05 58.07
N ASN ZA 694 41.68 98.27 58.39
CA ASN ZA 694 42.46 98.51 59.64
C ASN ZA 694 41.57 99.07 60.75
N ASP ZA 695 41.51 98.42 61.93
CA ASP ZA 695 40.66 98.82 63.10
C ASP ZA 695 39.18 99.05 62.74
N PRO ZA 696 38.48 98.09 62.06
CA PRO ZA 696 37.11 98.36 61.64
C PRO ZA 696 36.02 98.62 62.70
N GLN ZA 697 35.17 99.62 62.48
CA GLN ZA 697 34.08 99.96 63.43
C GLN ZA 697 32.75 99.33 63.00
N PHE ZA 698 32.71 98.70 61.84
CA PHE ZA 698 31.48 98.07 61.30
C PHE ZA 698 31.94 97.00 60.37
N VAL ZA 699 31.06 96.09 60.03
CA VAL ZA 699 31.39 95.12 58.96
C VAL ZA 699 30.81 95.68 57.65
N ASP ZA 700 31.62 95.81 56.62
CA ASP ZA 700 31.18 96.19 55.26
C ASP ZA 700 30.34 95.08 54.62
N PHE ZA 701 29.38 95.41 53.74
CA PHE ZA 701 28.40 94.46 53.10
C PHE ZA 701 27.53 93.76 54.12
N ALA ZA 702 27.12 94.48 55.15
CA ALA ZA 702 26.26 93.96 56.24
C ALA ZA 702 25.32 95.07 56.70
N PRO ZA 703 24.18 94.74 57.37
CA PRO ZA 703 23.35 95.76 58.00
C PRO ZA 703 23.95 96.47 59.23
N ASP ZA 704 23.57 97.72 59.47
CA ASP ZA 704 24.03 98.45 60.69
C ASP ZA 704 23.02 98.36 61.87
N SER ZA 705 23.26 99.13 62.93
CA SER ZA 705 22.39 99.10 64.14
C SER ZA 705 20.95 99.55 63.78
N THR ZA 706 20.76 100.52 62.90
CA THR ZA 706 19.44 100.94 62.36
C THR ZA 706 18.85 99.95 61.36
N GLY ZA 707 19.61 99.00 60.81
CA GLY ZA 707 19.15 98.09 59.74
C GLY ZA 707 19.44 98.50 58.30
N GLU ZA 708 20.23 99.55 58.08
CA GLU ZA 708 20.61 100.00 56.71
C GLU ZA 708 21.88 99.30 56.19
N TYR ZA 709 21.83 98.75 54.98
CA TYR ZA 709 22.97 98.05 54.33
C TYR ZA 709 24.13 99.00 53.99
N ARG ZA 710 25.36 98.52 54.20
CA ARG ZA 710 26.56 99.36 53.94
C ARG ZA 710 27.38 98.73 52.81
N SER ZA 711 27.73 99.49 51.78
CA SER ZA 711 28.56 99.04 50.64
C SER ZA 711 29.63 100.09 50.32
N THR ZA 712 30.69 100.22 51.09
CA THR ZA 712 31.80 101.23 50.96
C THR ZA 712 32.63 101.12 49.67
N ARG ZA 713 32.91 99.94 49.13
CA ARG ZA 713 33.86 99.80 47.99
C ARG ZA 713 33.27 99.32 46.65
N PRO ZA 714 33.65 99.90 45.49
CA PRO ZA 714 33.30 99.36 44.19
C PRO ZA 714 34.10 98.10 43.77
N ILE ZA 715 33.50 97.05 43.21
CA ILE ZA 715 34.36 95.87 42.88
C ILE ZA 715 34.36 95.52 41.39
N GLY ZA 716 35.55 95.50 40.78
CA GLY ZA 716 35.81 95.10 39.38
C GLY ZA 716 36.09 93.63 39.24
N THR ZA 717 36.28 93.17 38.02
CA THR ZA 717 36.59 91.76 37.74
C THR ZA 717 38.05 91.40 37.45
N ARG ZA 718 39.00 92.34 37.28
CA ARG ZA 718 40.37 91.95 36.81
C ARG ZA 718 41.45 91.87 37.92
N TYR ZA 719 41.77 90.65 38.38
CA TYR ZA 719 42.80 90.41 39.43
C TYR ZA 719 43.83 89.45 38.88
N LEU ZA 720 43.40 88.55 38.00
CA LEU ZA 720 44.30 87.58 37.32
C LEU ZA 720 45.09 88.26 36.19
N THR ZA 721 46.21 87.67 35.84
CA THR ZA 721 47.13 88.25 34.84
C THR ZA 721 47.40 87.24 33.74
N ARG ZA 722 47.54 87.72 32.52
CA ARG ZA 722 47.91 86.84 31.38
C ARG ZA 722 48.99 87.48 30.52
N PRO ZA 723 49.91 86.71 29.89
CA PRO ZA 723 50.84 87.25 28.89
C PRO ZA 723 50.15 87.66 27.57
N LEU ZA 724 50.68 88.65 26.86
CA LEU ZA 724 50.05 89.15 25.60
C LEU ZA 724 50.12 88.09 24.49
N ASP AB 209 -68.80 54.64 -17.91
CA ASP AB 209 -69.33 53.28 -17.69
C ASP AB 209 -70.80 53.18 -18.13
N GLY AB 210 -71.76 53.76 -17.41
CA GLY AB 210 -73.17 53.49 -17.74
C GLY AB 210 -74.21 54.52 -17.40
N VAL AB 211 -75.41 54.38 -17.95
CA VAL AB 211 -76.58 55.25 -17.66
C VAL AB 211 -76.99 55.18 -16.16
N GLY AB 212 -76.94 54.02 -15.53
CA GLY AB 212 -77.38 53.81 -14.14
C GLY AB 212 -76.31 53.94 -13.11
N ASN AB 213 -75.09 54.28 -13.49
CA ASN AB 213 -73.95 54.30 -12.53
C ASN AB 213 -73.43 55.72 -12.33
N ALA AB 214 -73.26 56.15 -11.08
CA ALA AB 214 -72.72 57.49 -10.77
C ALA AB 214 -71.19 57.61 -10.99
N SER AB 215 -70.74 58.64 -11.70
CA SER AB 215 -69.33 59.00 -12.02
C SER AB 215 -68.49 59.46 -10.80
N GLY AB 216 -69.07 60.16 -9.84
CA GLY AB 216 -68.37 60.66 -8.64
C GLY AB 216 -69.23 60.94 -7.43
N ASP AB 217 -68.62 61.32 -6.31
CA ASP AB 217 -69.30 61.61 -5.01
C ASP AB 217 -69.08 63.03 -4.50
N TRP AB 218 -69.96 63.53 -3.63
CA TRP AB 218 -69.87 64.90 -3.04
C TRP AB 218 -68.80 64.99 -1.94
N HIS AB 219 -67.86 65.90 -2.10
CA HIS AB 219 -66.86 66.18 -1.04
C HIS AB 219 -66.82 67.67 -0.68
N CYS AB 220 -67.26 68.08 0.51
CA CYS AB 220 -67.10 69.48 0.96
C CYS AB 220 -66.48 69.43 2.35
N ASP AB 221 -65.21 69.80 2.50
CA ASP AB 221 -64.52 69.63 3.82
C ASP AB 221 -63.25 70.48 4.02
N SER AB 222 -62.82 70.69 5.26
CA SER AB 222 -61.51 71.30 5.58
C SER AB 222 -60.73 70.34 6.51
N THR AB 223 -59.46 70.08 6.25
CA THR AB 223 -58.62 69.28 7.18
C THR AB 223 -57.40 70.11 7.57
N TRP AB 224 -57.14 70.25 8.87
CA TRP AB 224 -55.98 71.02 9.39
C TRP AB 224 -54.94 70.05 9.95
N MET AB 225 -53.73 70.10 9.43
CA MET AB 225 -52.64 69.19 9.85
C MET AB 225 -51.31 69.92 10.10
N GLY AB 226 -51.11 70.59 11.24
CA GLY AB 226 -49.88 71.39 11.47
C GLY AB 226 -49.73 72.55 10.53
N ASP AB 227 -48.64 72.60 9.76
CA ASP AB 227 -48.34 73.69 8.79
C ASP AB 227 -49.23 73.66 7.53
N ARG AB 228 -50.01 72.61 7.29
CA ARG AB 228 -50.83 72.47 6.05
C ARG AB 228 -52.35 72.44 6.31
N VAL AB 229 -53.13 73.11 5.47
CA VAL AB 229 -54.62 73.01 5.51
C VAL AB 229 -55.08 72.57 4.10
N VAL AB 230 -55.98 71.59 3.99
CA VAL AB 230 -56.57 71.14 2.69
C VAL AB 230 -58.06 71.54 2.63
N THR AB 231 -58.47 72.19 1.54
CA THR AB 231 -59.89 72.59 1.36
C THR AB 231 -60.54 71.81 0.20
N LYS AB 232 -61.73 71.25 0.40
CA LYS AB 232 -62.51 70.55 -0.65
C LYS AB 232 -63.85 71.28 -0.85
N SER AB 233 -64.24 71.57 -2.09
CA SER AB 233 -65.50 72.28 -2.43
C SER AB 233 -66.24 71.57 -3.57
N THR AB 234 -67.53 71.30 -3.42
CA THR AB 234 -68.38 70.68 -4.48
C THR AB 234 -69.56 71.58 -4.80
N ARG AB 235 -69.84 71.80 -6.08
CA ARG AB 235 -71.01 72.61 -6.54
C ARG AB 235 -71.78 71.97 -7.72
N THR AB 236 -73.02 72.36 -7.92
CA THR AB 236 -73.84 71.93 -9.08
C THR AB 236 -73.93 73.09 -10.07
N TRP AB 237 -73.66 72.84 -11.35
CA TRP AB 237 -73.63 73.87 -12.43
C TRP AB 237 -74.61 73.58 -13.58
N VAL AB 238 -75.02 74.62 -14.30
CA VAL AB 238 -75.86 74.52 -15.52
C VAL AB 238 -75.12 75.17 -16.71
N LEU AB 239 -75.13 74.54 -17.89
CA LEU AB 239 -74.53 75.15 -19.12
C LEU AB 239 -75.55 75.44 -20.22
N PRO AB 240 -75.72 76.70 -20.62
CA PRO AB 240 -76.52 77.06 -21.80
C PRO AB 240 -75.85 76.81 -23.14
N SER AB 241 -76.61 76.66 -24.22
CA SER AB 241 -75.96 76.60 -25.56
C SER AB 241 -75.82 78.03 -26.08
N TYR AB 242 -74.67 78.69 -25.85
CA TYR AB 242 -74.46 80.12 -26.19
C TYR AB 242 -74.22 80.40 -27.67
N ASN AB 243 -74.88 81.42 -28.25
CA ASN AB 243 -74.62 81.89 -29.64
C ASN AB 243 -75.27 80.98 -30.67
N ASN AB 244 -76.06 79.98 -30.23
CA ASN AB 244 -76.68 78.96 -31.14
C ASN AB 244 -75.60 78.25 -31.96
N HIS AB 245 -74.48 77.85 -31.35
CA HIS AB 245 -73.37 77.09 -32.01
C HIS AB 245 -72.53 77.93 -32.98
N GLN AB 246 -72.46 79.23 -32.80
CA GLN AB 246 -71.74 80.13 -33.74
C GLN AB 246 -70.75 81.08 -33.04
N TYR AB 247 -69.75 81.58 -33.75
CA TYR AB 247 -68.76 82.56 -33.27
C TYR AB 247 -69.17 83.89 -33.82
N ARG AB 248 -69.24 84.93 -33.00
CA ARG AB 248 -69.72 86.25 -33.46
C ARG AB 248 -68.69 87.38 -33.25
N GLU AB 249 -68.49 88.20 -34.28
CA GLU AB 249 -67.64 89.40 -34.11
C GLU AB 249 -68.38 90.45 -33.27
N ILE AB 250 -67.71 91.00 -32.26
CA ILE AB 250 -68.31 91.96 -31.30
C ILE AB 250 -67.48 93.25 -31.29
N LYS AB 251 -68.11 94.39 -31.14
CA LYS AB 251 -67.35 95.67 -31.23
C LYS AB 251 -68.08 96.81 -30.52
N SER AB 252 -67.36 97.82 -30.10
CA SER AB 252 -68.01 99.03 -29.53
C SER AB 252 -67.35 100.34 -30.00
N GLY AB 253 -68.12 101.40 -30.20
CA GLY AB 253 -67.64 102.78 -30.37
C GLY AB 253 -67.60 103.49 -29.00
N SER AB 254 -67.39 104.80 -28.96
CA SER AB 254 -67.39 105.61 -27.71
C SER AB 254 -68.75 105.60 -27.00
N VAL AB 255 -68.78 105.43 -25.67
CA VAL AB 255 -70.04 105.33 -24.89
C VAL AB 255 -69.87 106.11 -23.58
N ASP AB 256 -70.92 106.76 -23.07
CA ASP AB 256 -70.89 107.55 -21.80
C ASP AB 256 -69.87 108.68 -21.92
N GLY AB 257 -69.66 109.18 -23.13
CA GLY AB 257 -68.67 110.24 -23.36
C GLY AB 257 -67.23 109.78 -23.50
N SER AB 258 -66.91 108.48 -23.51
CA SER AB 258 -65.47 108.10 -23.55
C SER AB 258 -65.04 107.17 -24.69
N ASN AB 259 -63.98 107.52 -25.41
CA ASN AB 259 -63.32 106.65 -26.45
C ASN AB 259 -62.54 105.47 -25.83
N ALA AB 260 -62.20 105.52 -24.54
CA ALA AB 260 -61.51 104.42 -23.77
C ALA AB 260 -62.45 103.20 -23.74
N ASN AB 261 -63.76 103.45 -23.83
CA ASN AB 261 -64.84 102.43 -23.96
C ASN AB 261 -64.77 101.60 -25.27
N ALA AB 262 -64.33 102.15 -26.41
CA ALA AB 262 -64.24 101.45 -27.72
C ALA AB 262 -63.36 100.20 -27.74
N TYR AB 263 -63.79 99.13 -28.41
CA TYR AB 263 -63.06 97.83 -28.51
C TYR AB 263 -63.48 97.05 -29.77
N PHE AB 264 -62.65 96.09 -30.19
CA PHE AB 264 -62.96 95.13 -31.29
C PHE AB 264 -62.70 93.72 -30.68
N GLY AB 265 -63.61 92.76 -30.89
CA GLY AB 265 -63.50 91.42 -30.27
C GLY AB 265 -64.33 90.29 -30.84
N TYR AB 266 -64.18 89.10 -30.27
CA TYR AB 266 -64.99 87.90 -30.65
C TYR AB 266 -65.78 87.30 -29.45
N SER AB 267 -67.03 86.87 -29.68
CA SER AB 267 -67.83 86.11 -28.66
C SER AB 267 -67.84 84.64 -29.11
N THR AB 268 -67.84 83.72 -28.18
CA THR AB 268 -67.68 82.27 -28.51
C THR AB 268 -68.83 81.41 -27.98
N PRO AB 269 -69.05 80.22 -28.57
CA PRO AB 269 -70.03 79.24 -28.10
C PRO AB 269 -69.75 78.60 -26.73
N TRP AB 270 -68.50 78.55 -26.28
CA TRP AB 270 -68.01 77.95 -25.01
C TRP AB 270 -68.28 78.71 -23.70
N GLY AB 271 -68.22 77.97 -22.59
CA GLY AB 271 -68.32 78.50 -21.23
C GLY AB 271 -67.13 78.04 -20.42
N TYR AB 272 -66.83 78.71 -19.33
CA TYR AB 272 -65.61 78.41 -18.54
C TYR AB 272 -65.90 78.31 -17.03
N PHE AB 273 -65.05 77.62 -16.29
CA PHE AB 273 -65.14 77.51 -14.80
C PHE AB 273 -64.11 78.46 -14.13
N ASP AB 274 -64.55 79.32 -13.21
CA ASP AB 274 -63.69 80.28 -12.45
C ASP AB 274 -63.73 79.99 -10.94
N PHE AB 275 -62.58 79.78 -10.32
CA PHE AB 275 -62.48 79.58 -8.85
C PHE AB 275 -61.65 80.68 -8.13
N ASN AB 276 -61.35 81.83 -8.76
CA ASN AB 276 -60.45 82.83 -8.11
C ASN AB 276 -61.20 83.75 -7.13
N ARG AB 277 -61.85 83.21 -6.10
CA ARG AB 277 -62.47 83.95 -4.99
C ARG AB 277 -62.21 83.08 -3.74
N PHE AB 278 -61.87 83.66 -2.59
CA PHE AB 278 -61.61 82.93 -1.31
C PHE AB 278 -62.88 82.19 -0.76
N HIS AB 279 -64.07 82.78 -0.84
CA HIS AB 279 -65.37 82.23 -0.34
C HIS AB 279 -65.71 80.93 -1.09
N SER AB 280 -65.19 80.72 -2.30
CA SER AB 280 -65.31 79.48 -3.09
C SER AB 280 -64.66 78.29 -2.34
N HIS AB 281 -63.55 78.49 -1.67
CA HIS AB 281 -62.82 77.44 -0.89
C HIS AB 281 -62.96 77.53 0.64
N TRP AB 282 -63.40 78.65 1.21
CA TRP AB 282 -63.32 78.85 2.68
C TRP AB 282 -64.66 79.15 3.34
N SER AB 283 -64.98 78.41 4.39
CA SER AB 283 -66.16 78.71 5.23
C SER AB 283 -65.86 79.97 6.05
N PRO AB 284 -66.87 80.73 6.50
CA PRO AB 284 -66.62 81.88 7.37
C PRO AB 284 -65.97 81.51 8.70
N ARG AB 285 -66.33 80.40 9.35
CA ARG AB 285 -65.64 79.92 10.57
C ARG AB 285 -64.17 79.52 10.33
N ASP AB 286 -63.86 78.84 9.23
CA ASP AB 286 -62.47 78.43 8.84
C ASP AB 286 -61.59 79.65 8.57
N TRP AB 287 -62.13 80.67 7.93
CA TRP AB 287 -61.42 81.95 7.68
C TRP AB 287 -61.06 82.67 9.00
N GLN AB 288 -61.95 82.66 9.99
CA GLN AB 288 -61.72 83.22 11.34
C GLN AB 288 -60.60 82.48 12.07
N ARG AB 289 -60.54 81.17 11.95
CA ARG AB 289 -59.47 80.37 12.55
C ARG AB 289 -58.10 80.73 11.97
N LEU AB 290 -57.97 80.92 10.66
CA LEU AB 290 -56.70 81.39 10.05
C LEU AB 290 -56.24 82.83 10.38
N ILE AB 291 -57.13 83.81 10.37
CA ILE AB 291 -56.80 85.25 10.61
C ILE AB 291 -56.36 85.48 12.06
N ASN AB 292 -57.00 84.81 13.00
CA ASN AB 292 -56.69 84.84 14.46
C ASN AB 292 -55.33 84.22 14.83
N ASN AB 293 -54.87 83.15 14.19
CA ASN AB 293 -53.68 82.36 14.66
C ASN AB 293 -52.42 82.28 13.80
N TYR AB 294 -52.34 82.87 12.62
CA TYR AB 294 -51.18 82.67 11.72
C TYR AB 294 -50.59 83.96 11.17
N TRP AB 295 -49.26 84.05 11.08
CA TRP AB 295 -48.54 85.19 10.41
C TRP AB 295 -48.74 85.25 8.86
N GLY AB 296 -48.77 84.11 8.18
CA GLY AB 296 -48.88 84.08 6.73
C GLY AB 296 -49.44 82.82 6.12
N PHE AB 297 -49.87 82.89 4.87
CA PHE AB 297 -50.37 81.71 4.12
C PHE AB 297 -49.96 81.78 2.63
N ARG AB 298 -49.82 80.65 1.93
CA ARG AB 298 -49.57 80.61 0.45
C ARG AB 298 -50.24 79.37 -0.22
N PRO AB 299 -50.70 79.43 -1.50
CA PRO AB 299 -51.17 78.22 -2.24
C PRO AB 299 -50.09 77.23 -2.73
N ARG AB 300 -50.36 75.92 -2.71
CA ARG AB 300 -49.37 74.89 -3.11
C ARG AB 300 -49.87 74.01 -4.27
N SER AB 301 -51.06 73.43 -4.14
CA SER AB 301 -51.56 72.46 -5.17
C SER AB 301 -53.06 72.62 -5.48
N LEU AB 302 -53.45 72.28 -6.71
CA LEU AB 302 -54.88 72.29 -7.12
C LEU AB 302 -55.30 70.98 -7.83
N ARG AB 303 -56.46 70.41 -7.49
CA ARG AB 303 -57.05 69.23 -8.22
C ARG AB 303 -58.50 69.55 -8.63
N VAL AB 304 -58.88 69.29 -9.90
CA VAL AB 304 -60.28 69.52 -10.40
C VAL AB 304 -60.93 68.24 -11.00
N LYS AB 305 -62.18 67.94 -10.63
CA LYS AB 305 -62.97 66.83 -11.23
C LYS AB 305 -64.35 67.31 -11.76
N ILE AB 306 -64.74 66.92 -12.99
CA ILE AB 306 -66.10 67.21 -13.57
C ILE AB 306 -66.81 65.87 -13.78
N PHE AB 307 -68.06 65.70 -13.29
CA PHE AB 307 -68.75 64.38 -13.22
C PHE AB 307 -70.28 64.47 -13.16
N ASN AB 308 -71.01 63.34 -13.28
CA ASN AB 308 -72.50 63.20 -13.22
C ASN AB 308 -73.20 64.04 -14.29
N ILE AB 309 -72.66 64.02 -15.50
CA ILE AB 309 -73.17 64.81 -16.64
C ILE AB 309 -74.58 64.40 -17.10
N GLN AB 310 -75.45 65.37 -17.37
CA GLN AB 310 -76.83 65.12 -17.84
C GLN AB 310 -77.17 66.10 -18.98
N VAL AB 311 -77.49 65.58 -20.16
CA VAL AB 311 -77.83 66.42 -21.34
C VAL AB 311 -79.35 66.35 -21.55
N LYS AB 312 -79.99 67.50 -21.71
CA LYS AB 312 -81.46 67.62 -21.85
C LYS AB 312 -81.86 68.29 -23.17
N GLU AB 313 -82.92 67.82 -23.80
CA GLU AB 313 -83.44 68.44 -25.05
C GLU AB 313 -84.76 69.15 -24.74
N VAL AB 314 -84.90 70.37 -25.23
CA VAL AB 314 -86.11 71.19 -24.96
C VAL AB 314 -86.88 71.31 -26.28
N THR AB 315 -88.17 71.02 -26.25
CA THR AB 315 -89.02 71.06 -27.46
C THR AB 315 -90.24 71.89 -27.19
N VAL AB 316 -90.63 72.73 -28.15
CA VAL AB 316 -91.92 73.47 -27.98
C VAL AB 316 -92.92 73.11 -29.08
N GLN AB 317 -94.12 72.66 -28.71
CA GLN AB 317 -95.20 72.48 -29.73
C GLN AB 317 -96.40 73.30 -29.21
N ASP AB 318 -96.82 74.32 -29.95
CA ASP AB 318 -98.04 75.09 -29.56
C ASP AB 318 -97.90 75.60 -28.12
N SER AB 319 -96.71 76.03 -27.69
CA SER AB 319 -96.50 76.66 -26.34
C SER AB 319 -96.39 75.66 -25.16
N THR AB 320 -96.39 74.34 -25.39
CA THR AB 320 -96.20 73.34 -24.29
C THR AB 320 -94.83 73.39 -23.60
N THR AB 321 -93.71 73.57 -24.29
CA THR AB 321 -92.32 73.51 -23.70
C THR AB 321 -91.94 72.24 -22.93
N THR AB 322 -92.11 71.03 -23.46
CA THR AB 322 -91.60 69.78 -22.82
C THR AB 322 -90.07 69.67 -22.75
N ILE AB 323 -89.52 69.10 -21.66
CA ILE AB 323 -88.06 68.87 -21.47
C ILE AB 323 -87.78 67.36 -21.28
N ALA AB 324 -86.79 66.80 -21.99
CA ALA AB 324 -86.46 65.36 -21.92
C ALA AB 324 -84.96 65.07 -21.91
N ASN AB 325 -84.56 63.93 -21.35
CA ASN AB 325 -83.15 63.47 -21.40
C ASN AB 325 -82.70 62.99 -22.78
N ASN AB 326 -81.49 63.34 -23.23
CA ASN AB 326 -80.92 62.73 -24.44
C ASN AB 326 -79.68 61.94 -23.98
N LEU AB 327 -79.73 60.61 -23.99
CA LEU AB 327 -78.64 59.69 -23.56
C LEU AB 327 -77.39 59.71 -24.46
N THR AB 328 -77.56 59.84 -25.75
CA THR AB 328 -76.44 59.74 -26.73
C THR AB 328 -75.73 61.08 -26.99
N SER AB 329 -76.21 62.21 -26.46
CA SER AB 329 -75.55 63.56 -26.61
C SER AB 329 -74.24 63.72 -25.81
N THR AB 330 -73.33 64.58 -26.29
CA THR AB 330 -71.97 64.75 -25.68
C THR AB 330 -71.67 66.17 -25.20
N VAL AB 331 -70.75 66.28 -24.27
CA VAL AB 331 -70.20 67.58 -23.79
C VAL AB 331 -68.68 67.54 -24.14
N GLN AB 332 -68.07 68.68 -24.49
CA GLN AB 332 -66.62 68.78 -24.83
C GLN AB 332 -65.82 69.63 -23.82
N VAL AB 333 -64.72 69.11 -23.29
CA VAL AB 333 -63.91 69.78 -22.22
C VAL AB 333 -62.41 69.84 -22.56
N PHE AB 334 -61.74 70.96 -22.31
CA PHE AB 334 -60.26 71.10 -22.47
C PHE AB 334 -59.61 72.10 -21.48
N THR AB 335 -58.31 71.98 -21.25
CA THR AB 335 -57.53 72.97 -20.44
C THR AB 335 -56.47 73.62 -21.31
N ASP AB 336 -56.31 74.95 -21.22
CA ASP AB 336 -55.27 75.70 -22.00
C ASP AB 336 -53.93 75.73 -21.26
N ASP AB 337 -53.19 74.63 -21.30
CA ASP AB 337 -51.90 74.45 -20.58
C ASP AB 337 -50.72 75.36 -20.99
N ASP AB 338 -50.55 75.68 -22.28
CA ASP AB 338 -49.42 76.50 -22.80
C ASP AB 338 -49.75 77.99 -22.88
N TYR AB 339 -50.91 78.45 -22.44
CA TYR AB 339 -51.31 79.89 -22.36
C TYR AB 339 -51.40 80.54 -23.73
N GLN AB 340 -51.77 79.78 -24.75
CA GLN AB 340 -52.00 80.28 -26.11
C GLN AB 340 -53.21 81.22 -26.20
N LEU AB 341 -54.27 80.94 -25.48
CA LEU AB 341 -55.49 81.80 -25.44
C LEU AB 341 -55.35 83.04 -24.59
N PRO AB 342 -56.13 84.10 -24.88
CA PRO AB 342 -56.18 85.22 -23.95
C PRO AB 342 -56.76 84.82 -22.58
N TYR AB 343 -56.14 85.22 -21.46
CA TYR AB 343 -56.56 84.80 -20.09
C TYR AB 343 -57.43 85.88 -19.44
N VAL AB 344 -58.70 85.56 -19.25
CA VAL AB 344 -59.68 86.55 -18.73
C VAL AB 344 -60.01 86.29 -17.25
N VAL AB 345 -59.45 85.25 -16.63
CA VAL AB 345 -59.78 84.82 -15.23
C VAL AB 345 -59.42 85.84 -14.11
N GLY AB 346 -58.33 86.60 -14.18
CA GLY AB 346 -57.84 87.43 -13.04
C GLY AB 346 -58.26 88.91 -13.02
N ASN AB 347 -59.36 89.29 -13.63
CA ASN AB 347 -59.81 90.70 -13.85
C ASN AB 347 -61.03 91.14 -13.00
N GLY AB 348 -61.35 90.50 -11.85
CA GLY AB 348 -62.48 90.83 -10.94
C GLY AB 348 -63.87 90.71 -11.51
N THR AB 349 -64.09 89.71 -12.34
CA THR AB 349 -65.39 89.49 -13.01
C THR AB 349 -66.25 88.43 -12.32
N GLU AB 350 -67.55 88.53 -12.48
CA GLU AB 350 -68.57 87.58 -11.93
C GLU AB 350 -68.64 86.21 -12.64
N GLY AB 351 -69.28 85.22 -12.04
CA GLY AB 351 -69.33 83.82 -12.57
C GLY AB 351 -68.48 82.79 -11.87
N CYS AB 352 -67.82 83.09 -10.75
CA CYS AB 352 -67.06 82.11 -9.91
C CYS AB 352 -68.01 81.19 -9.13
N LEU AB 353 -67.49 80.08 -8.62
CA LEU AB 353 -68.30 79.14 -7.79
C LEU AB 353 -68.84 79.90 -6.57
N PRO AB 354 -70.11 79.63 -6.18
CA PRO AB 354 -70.72 80.34 -5.06
C PRO AB 354 -70.19 80.15 -3.63
N ALA AB 355 -70.32 81.16 -2.78
CA ALA AB 355 -69.90 81.13 -1.34
C ALA AB 355 -70.66 80.05 -0.57
N PHE AB 356 -71.96 79.85 -0.82
CA PHE AB 356 -72.81 78.89 -0.07
C PHE AB 356 -72.91 77.60 -0.87
N PRO AB 357 -72.51 76.42 -0.31
CA PRO AB 357 -72.53 75.13 -1.02
C PRO AB 357 -73.81 74.62 -1.72
N PRO AB 358 -75.03 74.78 -1.16
CA PRO AB 358 -76.30 74.45 -1.81
C PRO AB 358 -76.70 75.25 -3.07
N GLN AB 359 -76.19 76.45 -3.26
CA GLN AB 359 -76.53 77.33 -4.40
C GLN AB 359 -76.11 76.74 -5.76
N VAL AB 360 -76.96 76.88 -6.77
CA VAL AB 360 -76.73 76.29 -8.12
C VAL AB 360 -76.41 77.45 -9.08
N PHE AB 361 -75.39 77.29 -9.91
CA PHE AB 361 -74.91 78.44 -10.74
C PHE AB 361 -74.80 78.21 -12.27
N THR AB 362 -75.05 79.28 -13.02
CA THR AB 362 -74.82 79.31 -14.47
C THR AB 362 -73.37 79.65 -14.80
N LEU AB 363 -72.72 78.90 -15.70
CA LEU AB 363 -71.34 79.22 -16.20
C LEU AB 363 -71.30 80.46 -17.10
N PRO AB 364 -70.28 81.32 -16.93
CA PRO AB 364 -70.07 82.44 -17.83
C PRO AB 364 -69.66 82.11 -19.29
N GLN AB 365 -70.12 82.88 -20.26
CA GLN AB 365 -69.67 82.73 -21.68
C GLN AB 365 -68.29 83.36 -21.94
N TYR AB 366 -67.38 82.64 -22.61
CA TYR AB 366 -66.03 83.14 -23.02
C TYR AB 366 -66.06 84.16 -24.17
N GLY AB 367 -65.22 85.18 -24.08
CA GLY AB 367 -65.09 86.25 -25.06
C GLY AB 367 -63.78 86.95 -24.81
N TYR AB 368 -63.33 87.78 -25.74
CA TYR AB 368 -62.04 88.55 -25.59
C TYR AB 368 -62.04 89.80 -26.43
N ALA AB 369 -61.19 90.75 -26.07
CA ALA AB 369 -60.93 91.94 -26.91
C ALA AB 369 -59.54 91.85 -27.51
N THR AB 370 -59.39 92.09 -28.81
CA THR AB 370 -58.08 92.20 -29.50
C THR AB 370 -57.80 93.68 -29.73
N LEU AB 371 -56.96 94.01 -30.71
CA LEU AB 371 -56.64 95.40 -31.09
C LEU AB 371 -57.77 96.15 -31.81
N ASN AB 372 -57.85 97.46 -31.60
CA ASN AB 372 -58.87 98.33 -32.23
C ASN AB 372 -58.10 99.50 -32.85
N ARG AB 373 -58.61 100.10 -33.92
CA ARG AB 373 -57.85 101.15 -34.64
C ARG AB 373 -58.28 102.58 -34.30
N ASP AB 374 -57.36 103.43 -33.86
CA ASP AB 374 -57.58 104.88 -33.55
C ASP AB 374 -58.70 105.18 -32.56
N ASN AB 375 -58.85 104.39 -31.50
CA ASN AB 375 -59.93 104.57 -30.47
C ASN AB 375 -61.31 104.52 -31.14
N THR AB 376 -61.52 103.57 -32.07
CA THR AB 376 -62.79 103.34 -32.82
C THR AB 376 -63.15 101.84 -32.80
N GLU AB 377 -64.32 101.42 -33.26
CA GLU AB 377 -64.79 100.00 -33.28
C GLU AB 377 -64.09 99.11 -34.34
N ASN AB 378 -63.40 99.68 -35.32
CA ASN AB 378 -62.66 98.96 -36.38
C ASN AB 378 -61.40 98.23 -35.95
N PRO AB 379 -61.09 97.08 -36.58
CA PRO AB 379 -59.84 96.34 -36.40
C PRO AB 379 -58.55 96.82 -37.12
N THR AB 380 -57.41 96.22 -36.80
CA THR AB 380 -56.07 96.50 -37.38
C THR AB 380 -55.56 95.22 -38.02
N GLU AB 381 -54.51 95.29 -38.84
CA GLU AB 381 -53.82 94.11 -39.45
C GLU AB 381 -53.22 93.20 -38.37
N ARG AB 382 -52.70 93.74 -37.29
CA ARG AB 382 -52.17 93.00 -36.10
C ARG AB 382 -53.30 92.28 -35.32
N SER AB 383 -54.57 92.68 -35.44
CA SER AB 383 -55.72 92.10 -34.71
C SER AB 383 -55.87 90.60 -35.00
N SER AB 384 -56.14 89.78 -33.99
CA SER AB 384 -56.11 88.29 -34.06
C SER AB 384 -57.43 87.56 -33.77
N PHE AB 385 -57.67 86.49 -34.50
CA PHE AB 385 -58.85 85.62 -34.27
C PHE AB 385 -58.36 84.26 -33.74
N PHE AB 386 -59.00 83.78 -32.70
CA PHE AB 386 -58.65 82.45 -32.12
C PHE AB 386 -59.85 81.51 -32.19
N CYS AB 387 -59.66 80.29 -32.72
CA CYS AB 387 -60.69 79.21 -32.74
C CYS AB 387 -60.42 78.17 -31.62
N LEU AB 388 -61.37 77.92 -30.73
CA LEU AB 388 -61.31 76.90 -29.63
C LEU AB 388 -61.32 75.47 -30.18
N GLU AB 389 -62.05 75.22 -31.26
CA GLU AB 389 -62.19 73.88 -31.89
C GLU AB 389 -60.87 73.43 -32.53
N TYR AB 390 -59.94 74.36 -32.79
CA TYR AB 390 -58.57 74.04 -33.29
C TYR AB 390 -57.79 73.25 -32.23
N PHE AB 391 -57.94 73.50 -30.95
CA PHE AB 391 -57.33 72.70 -29.85
C PHE AB 391 -57.96 71.32 -29.71
N PRO AB 392 -57.23 70.27 -29.28
CA PRO AB 392 -57.88 69.00 -28.90
C PRO AB 392 -58.75 68.98 -27.59
N SER AB 393 -59.91 68.31 -27.58
CA SER AB 393 -60.81 68.24 -26.39
C SER AB 393 -61.34 66.83 -26.08
N LYS AB 394 -61.57 66.51 -24.81
CA LYS AB 394 -62.23 65.24 -24.40
C LYS AB 394 -63.75 65.30 -24.70
N MET AB 395 -64.35 64.21 -25.16
CA MET AB 395 -65.82 64.14 -25.42
C MET AB 395 -66.50 63.23 -24.36
N LEU AB 396 -67.53 63.74 -23.70
CA LEU AB 396 -68.19 62.97 -22.62
C LEU AB 396 -69.68 62.72 -22.79
N ARG AB 397 -70.09 61.47 -22.66
CA ARG AB 397 -71.53 61.08 -22.54
C ARG AB 397 -71.89 61.04 -21.02
N THR AB 398 -73.12 60.69 -20.64
CA THR AB 398 -73.66 60.62 -19.23
C THR AB 398 -72.83 59.74 -18.30
N GLY AB 399 -72.28 58.60 -18.73
CA GLY AB 399 -71.33 57.73 -18.01
C GLY AB 399 -69.97 58.32 -17.70
N ASN AB 400 -69.41 59.15 -18.57
CA ASN AB 400 -68.03 59.72 -18.54
C ASN AB 400 -67.69 60.83 -17.51
N ASN AB 401 -66.42 60.97 -17.16
CA ASN AB 401 -65.91 61.98 -16.18
C ASN AB 401 -64.58 62.60 -16.67
N PHE AB 402 -64.20 63.79 -16.18
CA PHE AB 402 -62.91 64.47 -16.50
C PHE AB 402 -62.13 64.86 -15.23
N GLU AB 403 -60.80 64.69 -15.23
CA GLU AB 403 -59.95 65.12 -14.08
C GLU AB 403 -58.70 65.93 -14.51
N PHE AB 404 -58.25 66.91 -13.71
CA PHE AB 404 -57.00 67.69 -13.94
C PHE AB 404 -56.21 67.92 -12.61
N THR AB 405 -54.87 68.03 -12.66
CA THR AB 405 -54.00 68.34 -11.49
C THR AB 405 -53.04 69.49 -11.81
N TYR AB 406 -52.78 70.40 -10.88
CA TYR AB 406 -51.83 71.53 -11.06
C TYR AB 406 -50.93 71.77 -9.82
N ASN AB 407 -49.69 72.23 -10.03
CA ASN AB 407 -48.77 72.65 -8.92
C ASN AB 407 -48.45 74.13 -9.06
N PHE AB 408 -48.56 74.88 -7.98
CA PHE AB 408 -48.24 76.33 -7.98
C PHE AB 408 -46.72 76.52 -7.97
N GLU AB 409 -46.21 77.58 -8.59
CA GLU AB 409 -44.77 77.96 -8.52
C GLU AB 409 -44.44 78.53 -7.12
N GLU AB 410 -43.17 78.53 -6.73
CA GLU AB 410 -42.80 79.17 -5.45
C GLU AB 410 -43.18 80.66 -5.47
N VAL AB 411 -43.82 81.12 -4.41
CA VAL AB 411 -44.33 82.51 -4.32
C VAL AB 411 -44.11 82.94 -2.87
N PRO AB 412 -43.93 84.24 -2.56
CA PRO AB 412 -43.86 84.69 -1.17
C PRO AB 412 -45.18 84.56 -0.38
N PHE AB 413 -45.14 84.26 0.92
CA PHE AB 413 -46.35 84.19 1.79
C PHE AB 413 -47.01 85.55 1.91
N HIS AB 414 -48.34 85.62 1.91
CA HIS AB 414 -49.07 86.89 2.23
C HIS AB 414 -48.81 87.24 3.71
N SER AB 415 -48.70 88.52 4.03
CA SER AB 415 -48.47 88.96 5.43
C SER AB 415 -49.77 89.25 6.19
N SER AB 416 -50.22 88.32 7.04
CA SER AB 416 -51.42 88.48 7.89
C SER AB 416 -51.05 89.06 9.27
N PHE AB 417 -50.57 90.29 9.32
CA PHE AB 417 -50.17 90.94 10.58
C PHE AB 417 -50.21 92.45 10.40
N ALA AB 418 -50.31 93.16 11.49
CA ALA AB 418 -50.25 94.64 11.49
C ALA AB 418 -49.00 95.04 12.26
N PRO AB 419 -48.23 96.06 11.78
CA PRO AB 419 -47.11 96.58 12.55
C PRO AB 419 -47.42 97.24 13.91
N SER AB 420 -46.62 96.92 14.91
CA SER AB 420 -46.77 97.52 16.28
C SER AB 420 -45.86 98.74 16.49
N GLN AB 421 -45.06 99.15 15.49
CA GLN AB 421 -44.22 100.36 15.57
C GLN AB 421 -44.33 101.27 14.34
N ASN AB 422 -44.21 102.58 14.51
CA ASN AB 422 -44.08 103.58 13.43
C ASN AB 422 -42.68 103.49 12.79
N LEU AB 423 -42.57 103.67 11.47
CA LEU AB 423 -41.30 103.61 10.69
C LEU AB 423 -40.31 104.70 11.13
N PHE AB 424 -40.82 105.90 11.47
CA PHE AB 424 -40.01 107.05 11.92
C PHE AB 424 -39.72 107.11 13.46
N LYS AB 425 -40.21 106.18 14.31
CA LYS AB 425 -40.04 106.20 15.81
C LYS AB 425 -39.16 105.02 16.32
N LEU AB 426 -38.16 104.55 15.59
CA LEU AB 426 -37.35 103.33 15.94
C LEU AB 426 -36.11 103.57 16.83
N ALA AB 427 -35.69 104.79 17.05
CA ALA AB 427 -34.59 105.11 17.98
C ALA AB 427 -35.07 104.86 19.42
N ASN AB 428 -34.17 104.47 20.33
CA ASN AB 428 -34.53 104.30 21.75
C ASN AB 428 -35.00 105.67 22.27
N PRO AB 429 -36.14 105.71 22.99
CA PRO AB 429 -36.65 106.94 23.58
C PRO AB 429 -35.74 107.58 24.67
N LEU AB 430 -35.07 106.82 25.53
CA LEU AB 430 -34.08 107.21 26.57
C LEU AB 430 -32.75 107.83 26.10
N VAL AB 431 -32.18 107.39 24.98
CA VAL AB 431 -30.82 107.80 24.56
C VAL AB 431 -30.72 108.81 23.38
N ASP AB 432 -29.90 109.86 23.52
CA ASP AB 432 -29.59 110.85 22.44
C ASP AB 432 -28.70 110.30 21.31
N GLN AB 433 -28.86 110.80 20.10
CA GLN AB 433 -27.99 110.47 18.95
C GLN AB 433 -26.60 111.15 19.00
N TYR AB 434 -25.54 110.55 18.45
CA TYR AB 434 -24.22 111.22 18.30
C TYR AB 434 -24.17 112.09 17.00
N LEU AB 435 -25.30 112.60 16.54
CA LEU AB 435 -25.42 113.28 15.23
C LEU AB 435 -26.02 114.68 15.41
N TYR AB 436 -25.67 115.60 14.54
CA TYR AB 436 -26.07 117.03 14.69
C TYR AB 436 -26.76 117.56 13.44
N ARG AB 437 -27.59 118.58 13.62
CA ARG AB 437 -28.38 119.16 12.51
C ARG AB 437 -28.19 120.68 12.45
N PHE AB 438 -28.36 121.26 11.26
CA PHE AB 438 -28.30 122.73 11.10
C PHE AB 438 -29.63 123.32 11.50
N VAL AB 439 -29.56 124.31 12.37
CA VAL AB 439 -30.81 124.97 12.82
C VAL AB 439 -30.85 126.47 12.54
N SER AB 440 -29.72 127.10 12.27
CA SER AB 440 -29.71 128.59 12.27
C SER AB 440 -28.55 129.31 11.55
N THR AB 441 -28.76 130.58 11.29
CA THR AB 441 -27.69 131.46 10.78
C THR AB 441 -27.69 132.66 11.73
N ASN AB 442 -26.53 133.25 12.06
CA ASN AB 442 -26.42 134.46 12.94
C ASN AB 442 -26.62 135.79 12.16
N ASN AB 443 -26.42 136.96 12.81
CA ASN AB 443 -26.65 138.30 12.18
C ASN AB 443 -25.71 138.44 10.97
N THR AB 444 -24.47 137.97 11.04
CA THR AB 444 -23.62 137.82 9.85
C THR AB 444 -24.04 136.44 9.47
N GLY AB 445 -24.26 136.07 8.22
CA GLY AB 445 -24.93 134.77 8.00
C GLY AB 445 -24.08 133.54 8.22
N GLY AB 446 -23.67 133.27 9.47
CA GLY AB 446 -22.79 132.13 9.83
C GLY AB 446 -23.58 130.96 10.37
N VAL AB 447 -23.32 129.76 9.87
CA VAL AB 447 -24.09 128.54 10.22
C VAL AB 447 -23.98 128.07 11.68
N GLN AB 448 -25.07 127.56 12.23
CA GLN AB 448 -25.13 127.13 13.67
C GLN AB 448 -25.75 125.72 13.75
N PHE AB 449 -25.34 124.95 14.76
CA PHE AB 449 -25.76 123.52 14.86
C PHE AB 449 -26.24 123.13 16.26
N ASN AB 450 -27.12 122.14 16.35
CA ASN AB 450 -27.61 121.60 17.66
C ASN AB 450 -27.59 120.08 17.61
N LYS AB 451 -27.33 119.43 18.73
CA LYS AB 451 -27.39 117.93 18.87
C LYS AB 451 -28.83 117.39 18.85
N ASN AB 452 -28.99 116.14 18.41
CA ASN AB 452 -30.32 115.50 18.36
C ASN AB 452 -30.62 114.81 19.70
N LEU AB 453 -31.67 115.26 20.41
CA LEU AB 453 -32.08 114.73 21.75
C LEU AB 453 -32.94 113.47 21.73
N ALA AB 454 -32.99 112.76 22.85
CA ALA AB 454 -33.81 111.52 22.98
C ALA AB 454 -35.31 111.76 22.85
N GLY AB 455 -35.99 110.95 22.02
CA GLY AB 455 -37.45 111.02 21.78
C GLY AB 455 -37.91 112.09 20.82
N ARG AB 456 -37.00 112.88 20.24
CA ARG AB 456 -37.35 113.99 19.30
C ARG AB 456 -37.41 113.43 17.86
N TYR AB 457 -38.46 112.67 17.52
CA TYR AB 457 -38.67 111.94 16.23
C TYR AB 457 -38.78 112.89 15.05
N ALA AB 458 -39.27 114.10 15.28
CA ALA AB 458 -39.34 115.15 14.27
C ALA AB 458 -37.94 115.48 13.73
N ASN AB 459 -36.87 115.46 14.54
CA ASN AB 459 -35.50 115.89 14.15
C ASN AB 459 -34.41 114.81 14.15
N THR AB 460 -34.66 113.56 13.85
CA THR AB 460 -33.73 112.42 14.05
C THR AB 460 -33.28 111.94 12.68
N TYR AB 461 -32.05 111.48 12.55
CA TYR AB 461 -31.52 110.88 11.30
C TYR AB 461 -32.26 109.57 11.06
N LYS AB 462 -32.61 109.28 9.81
CA LYS AB 462 -33.42 108.08 9.48
C LYS AB 462 -32.77 107.18 8.45
N ASN AB 463 -32.67 105.88 8.70
CA ASN AB 463 -32.24 104.85 7.70
C ASN AB 463 -33.20 104.55 6.54
N TRP AB 464 -34.50 104.54 6.77
CA TRP AB 464 -35.48 103.98 5.82
C TRP AB 464 -36.61 104.93 5.50
N PHE AB 465 -37.21 104.74 4.35
CA PHE AB 465 -38.23 105.70 3.84
C PHE AB 465 -39.51 104.97 3.51
N PRO AB 466 -40.64 105.68 3.58
CA PRO AB 466 -41.94 105.13 3.18
C PRO AB 466 -42.13 104.89 1.68
N GLY AB 467 -43.08 104.03 1.32
CA GLY AB 467 -43.37 103.64 -0.08
C GLY AB 467 -44.05 104.68 -0.96
N PRO AB 468 -44.10 104.44 -2.29
CA PRO AB 468 -44.62 105.42 -3.24
C PRO AB 468 -46.09 105.88 -3.16
N MET AB 469 -46.34 107.15 -3.46
CA MET AB 469 -47.71 107.72 -3.29
C MET AB 469 -48.20 108.58 -4.47
N GLY AB 470 -49.49 108.60 -4.79
CA GLY AB 470 -50.09 109.57 -5.73
C GLY AB 470 -51.34 110.16 -5.09
N ARG AB 471 -51.54 111.48 -5.02
CA ARG AB 471 -52.73 112.03 -4.28
C ARG AB 471 -54.10 111.67 -4.91
N THR AB 472 -55.08 111.24 -4.10
CA THR AB 472 -56.45 110.86 -4.51
C THR AB 472 -57.45 111.55 -3.60
N GLN AB 473 -58.58 112.00 -4.12
CA GLN AB 473 -59.58 112.80 -3.34
C GLN AB 473 -60.19 112.01 -2.16
N GLY AB 474 -60.40 112.69 -1.03
CA GLY AB 474 -61.00 112.10 0.17
C GLY AB 474 -62.44 112.52 0.39
N TRP AB 475 -63.31 111.55 0.65
CA TRP AB 475 -64.75 111.81 0.88
C TRP AB 475 -65.19 111.31 2.26
N ASN AB 476 -65.94 112.12 3.00
CA ASN AB 476 -66.47 111.74 4.34
C ASN AB 476 -67.63 110.75 4.23
N LEU AB 477 -67.76 109.86 5.19
CA LEU AB 477 -68.82 108.81 5.24
C LEU AB 477 -69.55 108.98 6.58
N GLY AB 478 -70.76 108.45 6.74
CA GLY AB 478 -71.53 108.67 7.98
C GLY AB 478 -71.92 110.12 8.18
N SER AB 479 -71.50 110.72 9.30
CA SER AB 479 -71.82 112.14 9.58
C SER AB 479 -71.22 113.01 8.48
N GLY AB 480 -70.00 112.75 7.99
CA GLY AB 480 -69.55 113.42 6.74
C GLY AB 480 -69.48 114.91 6.72
N VAL AB 481 -70.19 115.57 5.80
CA VAL AB 481 -70.13 117.06 5.56
C VAL AB 481 -69.44 117.39 4.20
N ASN AB 482 -69.47 116.49 3.21
CA ASN AB 482 -68.94 116.69 1.82
C ASN AB 482 -69.71 117.66 0.90
N ARG AB 483 -69.08 118.17 -0.17
CA ARG AB 483 -69.71 119.10 -1.18
C ARG AB 483 -70.88 118.50 -1.98
N ALA AB 484 -71.95 119.26 -2.19
CA ALA AB 484 -73.22 118.82 -2.85
C ALA AB 484 -73.26 118.81 -4.38
N SER AB 485 -74.10 117.93 -4.96
CA SER AB 485 -74.39 117.89 -6.42
C SER AB 485 -73.16 117.72 -7.33
N VAL AB 486 -72.22 116.86 -6.98
CA VAL AB 486 -70.95 116.69 -7.75
C VAL AB 486 -71.04 115.54 -8.76
N SER AB 487 -70.54 115.74 -9.99
CA SER AB 487 -70.36 114.61 -10.93
C SER AB 487 -68.89 114.23 -10.81
N ALA AB 488 -68.56 113.03 -10.37
CA ALA AB 488 -67.18 112.57 -10.06
C ALA AB 488 -66.17 112.46 -11.22
N PHE AB 489 -66.54 112.05 -12.44
CA PHE AB 489 -65.58 111.62 -13.51
C PHE AB 489 -64.53 112.64 -14.01
N ALA AB 490 -64.84 113.91 -14.20
CA ALA AB 490 -63.89 114.92 -14.71
C ALA AB 490 -62.68 115.08 -13.77
N THR AB 491 -62.88 115.01 -12.46
CA THR AB 491 -61.82 115.25 -11.46
C THR AB 491 -61.16 113.96 -10.95
N THR AB 492 -61.49 112.79 -11.49
CA THR AB 492 -60.88 111.49 -11.12
C THR AB 492 -59.45 111.30 -11.60
N ASN AB 493 -58.66 110.45 -10.94
CA ASN AB 493 -57.27 110.10 -11.35
C ASN AB 493 -57.25 109.31 -12.65
N ARG AB 494 -56.28 109.58 -13.53
CA ARG AB 494 -56.26 108.93 -14.87
C ARG AB 494 -54.86 108.63 -15.38
N MET AB 495 -54.71 107.64 -16.25
CA MET AB 495 -53.43 107.35 -16.96
C MET AB 495 -53.78 107.36 -18.47
N GLU AB 496 -52.87 107.81 -19.34
CA GLU AB 496 -53.13 107.93 -20.79
C GLU AB 496 -52.45 106.78 -21.57
N LEU AB 497 -53.18 106.00 -22.36
CA LEU AB 497 -52.61 104.94 -23.24
C LEU AB 497 -53.13 105.08 -24.67
N GLU AB 498 -52.29 105.07 -25.70
CA GLU AB 498 -52.68 105.05 -27.14
C GLU AB 498 -53.63 106.19 -27.54
N GLY AB 499 -53.50 107.39 -27.01
CA GLY AB 499 -54.46 108.46 -27.28
C GLY AB 499 -55.75 108.48 -26.47
N ALA AB 500 -55.95 107.65 -25.46
CA ALA AB 500 -57.19 107.75 -24.64
C ALA AB 500 -56.90 107.89 -23.13
N SER AB 501 -57.80 108.52 -22.36
CA SER AB 501 -57.66 108.70 -20.89
C SER AB 501 -58.44 107.59 -20.17
N TYR AB 502 -57.77 106.90 -19.26
CA TYR AB 502 -58.42 105.77 -18.54
C TYR AB 502 -58.42 105.96 -17.05
N GLN AB 503 -59.57 105.72 -16.43
CA GLN AB 503 -59.58 105.63 -14.96
C GLN AB 503 -58.85 104.34 -14.58
N VAL AB 504 -58.11 104.36 -13.50
CA VAL AB 504 -57.32 103.19 -13.01
C VAL AB 504 -57.84 103.05 -11.57
N PRO AB 505 -59.05 102.48 -11.37
CA PRO AB 505 -59.75 102.50 -10.10
C PRO AB 505 -59.08 101.87 -8.92
N PRO AB 506 -58.33 100.75 -8.91
CA PRO AB 506 -57.57 100.40 -7.71
C PRO AB 506 -56.36 101.31 -7.94
N GLN AB 507 -55.89 102.09 -6.99
CA GLN AB 507 -54.62 102.82 -7.29
C GLN AB 507 -53.42 101.85 -7.15
N PRO AB 508 -52.17 102.17 -7.58
CA PRO AB 508 -50.99 101.32 -7.32
C PRO AB 508 -50.55 101.16 -5.83
N ASN AB 509 -49.93 100.05 -5.41
CA ASN AB 509 -49.56 99.75 -3.97
C ASN AB 509 -48.62 100.73 -3.22
N GLY AB 510 -48.65 100.75 -1.88
CA GLY AB 510 -47.84 101.63 -1.00
C GLY AB 510 -48.55 102.76 -0.31
N MET AB 511 -49.88 102.82 -0.40
CA MET AB 511 -50.65 103.87 0.29
C MET AB 511 -51.72 103.32 1.25
N THR AB 512 -52.24 104.14 2.13
CA THR AB 512 -53.42 103.80 2.97
C THR AB 512 -54.59 104.73 2.63
N ASN AB 513 -55.78 104.21 2.31
CA ASN AB 513 -57.07 104.95 2.09
C ASN AB 513 -57.67 105.65 3.34
N ASN AB 514 -57.62 105.06 4.52
CA ASN AB 514 -58.31 105.58 5.75
C ASN AB 514 -57.34 105.66 6.94
N LEU AB 515 -57.35 106.75 7.70
CA LEU AB 515 -56.50 106.89 8.94
C LEU AB 515 -56.79 105.97 10.18
N GLN AB 516 -58.02 105.68 10.62
CA GLN AB 516 -58.38 104.91 11.86
C GLN AB 516 -59.28 105.86 12.66
N GLY AB 517 -60.38 105.37 13.20
CA GLY AB 517 -61.33 106.40 13.65
C GLY AB 517 -61.68 107.04 12.33
N SER AB 518 -61.44 108.32 12.11
CA SER AB 518 -61.72 109.06 10.84
C SER AB 518 -62.76 108.50 9.86
N ASN AB 519 -63.57 109.40 9.33
CA ASN AB 519 -64.62 109.03 8.35
C ASN AB 519 -64.20 109.48 6.94
N THR AB 520 -62.96 109.92 6.77
CA THR AB 520 -62.43 110.27 5.43
C THR AB 520 -61.84 109.04 4.75
N TYR AB 521 -62.28 108.79 3.52
CA TYR AB 521 -61.81 107.64 2.73
C TYR AB 521 -61.44 108.12 1.38
N ALA AB 522 -60.34 107.61 0.86
CA ALA AB 522 -60.05 107.92 -0.55
C ALA AB 522 -60.74 106.81 -1.35
N LEU AB 523 -61.89 107.10 -1.99
CA LEU AB 523 -62.78 106.11 -2.66
C LEU AB 523 -62.15 105.36 -3.85
N GLU AB 524 -61.31 106.02 -4.65
CA GLU AB 524 -60.63 105.37 -5.80
C GLU AB 524 -59.42 104.52 -5.36
N ASN AB 525 -59.04 104.53 -4.08
CA ASN AB 525 -58.00 103.62 -3.52
C ASN AB 525 -58.64 102.46 -2.74
N THR AB 526 -59.96 102.29 -2.77
CA THR AB 526 -60.64 101.26 -1.92
C THR AB 526 -61.37 100.23 -2.74
N MET AB 527 -61.28 98.95 -2.35
CA MET AB 527 -62.13 97.89 -2.93
C MET AB 527 -63.56 98.04 -2.40
N ILE AB 528 -64.54 98.16 -3.30
CA ILE AB 528 -65.98 98.27 -2.92
C ILE AB 528 -66.75 97.03 -3.42
N PHE AB 529 -67.54 96.41 -2.56
CA PHE AB 529 -68.25 95.13 -2.85
C PHE AB 529 -69.71 95.26 -2.48
N ASN AB 530 -70.57 94.40 -3.02
CA ASN AB 530 -72.01 94.33 -2.66
C ASN AB 530 -72.23 93.09 -1.79
N SER AB 531 -73.02 93.19 -0.71
CA SER AB 531 -73.39 92.02 0.14
C SER AB 531 -74.17 90.98 -0.67
N GLN AB 532 -75.07 91.43 -1.55
CA GLN AB 532 -75.93 90.54 -2.37
C GLN AB 532 -75.50 90.57 -3.84
N PRO AB 533 -75.63 89.46 -4.61
CA PRO AB 533 -75.37 89.46 -6.05
C PRO AB 533 -76.38 90.30 -6.84
N ALA AB 534 -75.95 90.84 -7.98
CA ALA AB 534 -76.79 91.76 -8.77
C ALA AB 534 -77.14 91.23 -10.15
N ASN AB 535 -78.27 91.67 -10.68
CA ASN AB 535 -78.68 91.33 -12.06
C ASN AB 535 -77.75 92.03 -13.07
N PRO AB 536 -77.47 91.41 -14.24
CA PRO AB 536 -76.65 92.04 -15.25
C PRO AB 536 -77.16 93.34 -15.89
N GLY AB 537 -76.28 94.33 -16.08
CA GLY AB 537 -76.63 95.59 -16.74
C GLY AB 537 -77.31 96.61 -15.86
N THR AB 538 -77.38 96.39 -14.56
CA THR AB 538 -78.09 97.32 -13.66
C THR AB 538 -77.44 98.71 -13.73
N THR AB 539 -78.25 99.76 -13.78
CA THR AB 539 -77.76 101.16 -13.76
C THR AB 539 -78.25 101.86 -12.50
N ALA AB 540 -78.76 101.11 -11.52
CA ALA AB 540 -79.32 101.67 -10.25
C ALA AB 540 -78.29 102.39 -9.36
N THR AB 541 -78.68 103.50 -8.73
CA THR AB 541 -77.81 104.19 -7.74
C THR AB 541 -77.75 103.38 -6.46
N TYR AB 542 -76.59 103.32 -5.83
CA TYR AB 542 -76.43 102.63 -4.53
C TYR AB 542 -75.88 103.59 -3.50
N LEU AB 543 -76.53 103.65 -2.35
CA LEU AB 543 -76.03 104.43 -1.19
C LEU AB 543 -75.00 103.61 -0.37
N GLU AB 544 -74.34 104.23 0.59
CA GLU AB 544 -73.27 103.62 1.43
C GLU AB 544 -73.75 102.40 2.26
N GLY AB 545 -74.98 102.43 2.79
CA GLY AB 545 -75.52 101.33 3.62
C GLY AB 545 -75.58 100.02 2.87
N ASN AB 546 -75.96 100.03 1.59
CA ASN AB 546 -75.89 98.80 0.74
C ASN AB 546 -74.46 98.29 0.53
N MET AB 547 -73.46 99.17 0.40
CA MET AB 547 -72.08 98.76 0.01
C MET AB 547 -71.19 98.20 1.14
N LEU AB 548 -70.23 97.34 0.79
CA LEU AB 548 -69.22 96.86 1.77
C LEU AB 548 -67.93 97.60 1.43
N ILE AB 549 -67.44 98.48 2.32
CA ILE AB 549 -66.25 99.34 2.02
C ILE AB 549 -65.08 98.95 2.92
N THR AB 550 -63.95 98.59 2.33
CA THR AB 550 -62.71 98.18 3.02
C THR AB 550 -61.86 99.34 3.55
N SER AB 551 -61.06 99.09 4.58
CA SER AB 551 -60.14 100.09 5.18
C SER AB 551 -58.75 99.45 5.26
N GLU AB 552 -57.69 100.22 5.02
CA GLU AB 552 -56.29 99.74 5.05
C GLU AB 552 -55.57 100.38 6.25
N SER AB 553 -56.28 100.80 7.29
CA SER AB 553 -55.76 101.57 8.45
C SER AB 553 -54.64 100.85 9.23
N GLU AB 554 -54.56 99.52 9.20
CA GLU AB 554 -53.49 98.70 9.84
C GLU AB 554 -52.10 99.05 9.26
N THR AB 555 -51.98 99.36 7.97
CA THR AB 555 -50.71 99.65 7.26
C THR AB 555 -50.24 101.10 7.43
N GLN AB 556 -50.98 101.95 8.14
CA GLN AB 556 -50.70 103.40 8.33
C GLN AB 556 -49.33 103.65 9.00
N PRO AB 557 -48.82 102.86 9.98
CA PRO AB 557 -47.44 103.02 10.48
C PRO AB 557 -46.32 103.02 9.41
N VAL AB 558 -46.45 102.33 8.27
CA VAL AB 558 -45.52 102.37 7.09
C VAL AB 558 -46.09 102.92 5.76
N ASN AB 559 -47.37 103.23 5.63
CA ASN AB 559 -47.94 103.61 4.30
C ASN AB 559 -48.49 105.02 4.38
N ARG AB 560 -48.14 105.85 3.41
CA ARG AB 560 -48.62 107.26 3.38
C ARG AB 560 -50.13 107.34 3.05
N VAL AB 561 -50.80 108.34 3.61
CA VAL AB 561 -52.24 108.58 3.32
C VAL AB 561 -52.48 109.19 1.92
N ALA AB 562 -53.40 108.62 1.12
CA ALA AB 562 -53.73 109.03 -0.26
C ALA AB 562 -54.32 110.44 -0.39
N TYR AB 563 -55.21 110.83 0.51
CA TYR AB 563 -55.87 112.17 0.47
C TYR AB 563 -54.85 113.33 0.71
N ASN AB 564 -53.87 113.14 1.57
CA ASN AB 564 -52.86 114.19 1.94
C ASN AB 564 -51.68 114.36 0.96
N VAL AB 565 -51.00 115.51 0.97
CA VAL AB 565 -49.71 115.74 0.22
C VAL AB 565 -48.56 114.88 0.80
N GLY AB 566 -47.65 114.35 -0.01
CA GLY AB 566 -46.48 113.53 0.40
C GLY AB 566 -45.37 114.15 1.24
N GLY AB 567 -44.96 115.40 0.99
CA GLY AB 567 -43.82 116.02 1.67
C GLY AB 567 -43.44 117.33 1.02
N GLN AB 568 -42.29 117.91 1.38
CA GLN AB 568 -41.79 119.19 0.79
C GLN AB 568 -40.32 119.06 0.34
N MET AB 569 -39.91 119.80 -0.72
CA MET AB 569 -38.52 119.85 -1.24
C MET AB 569 -38.11 121.30 -1.54
N ALA AB 570 -36.81 121.62 -1.62
CA ALA AB 570 -36.28 122.98 -1.94
C ALA AB 570 -36.57 123.45 -3.38
N THR AB 571 -36.97 124.71 -3.53
CA THR AB 571 -37.34 125.28 -4.84
C THR AB 571 -36.42 126.43 -5.27
N ASN AB 572 -35.36 126.75 -4.54
CA ASN AB 572 -34.56 127.98 -4.81
C ASN AB 572 -33.16 127.85 -4.24
N ASN AB 573 -32.31 128.83 -4.53
CA ASN AB 573 -30.98 128.93 -3.88
C ASN AB 573 -31.01 130.15 -2.96
N GLN AB 574 -30.67 129.99 -1.67
CA GLN AB 574 -30.61 131.10 -0.67
C GLN AB 574 -29.40 132.02 -0.97
N SER AB 575 -29.50 133.29 -0.61
CA SER AB 575 -28.42 134.29 -0.82
C SER AB 575 -28.64 135.38 0.23
N SER AB 576 -27.70 136.31 0.40
CA SER AB 576 -27.97 137.42 1.33
C SER AB 576 -29.20 138.19 0.85
N THR AB 577 -29.35 138.43 -0.45
CA THR AB 577 -30.58 139.02 -1.04
C THR AB 577 -31.82 138.14 -0.92
N THR AB 578 -31.71 136.82 -1.08
CA THR AB 578 -32.90 135.93 -1.14
C THR AB 578 -33.08 134.96 0.01
N ALA AB 579 -34.26 134.94 0.64
CA ALA AB 579 -34.62 133.95 1.69
C ALA AB 579 -34.85 132.56 1.10
N PRO AB 580 -34.56 131.47 1.85
CA PRO AB 580 -34.85 130.11 1.38
C PRO AB 580 -36.35 129.75 1.22
N ALA AB 581 -36.71 128.93 0.25
CA ALA AB 581 -38.12 128.56 -0.07
C ALA AB 581 -38.33 127.04 -0.26
N THR AB 582 -39.51 126.54 0.06
CA THR AB 582 -39.86 125.11 -0.14
C THR AB 582 -41.15 124.96 -0.92
N GLY AB 583 -41.35 123.80 -1.55
CA GLY AB 583 -42.64 123.51 -2.20
C GLY AB 583 -43.16 122.12 -1.90
N THR AB 584 -44.47 121.95 -1.71
CA THR AB 584 -45.11 120.60 -1.54
C THR AB 584 -45.20 119.80 -2.84
N TYR AB 585 -45.16 118.48 -2.77
CA TYR AB 585 -45.34 117.58 -3.94
C TYR AB 585 -46.61 116.68 -3.77
N ASN AB 586 -47.35 116.37 -4.86
CA ASN AB 586 -48.59 115.53 -4.82
C ASN AB 586 -48.32 114.08 -5.26
N LEU AB 587 -47.13 113.80 -5.79
CA LEU AB 587 -46.76 112.43 -6.22
C LEU AB 587 -45.28 112.13 -5.98
N GLN AB 588 -44.93 110.89 -5.66
CA GLN AB 588 -43.51 110.45 -5.56
C GLN AB 588 -43.48 108.96 -5.91
N GLU AB 589 -42.35 108.46 -6.38
CA GLU AB 589 -42.24 107.06 -6.86
C GLU AB 589 -41.12 106.41 -6.06
N ILE AB 590 -40.72 105.19 -6.41
CA ILE AB 590 -39.72 104.40 -5.65
C ILE AB 590 -38.34 105.06 -5.54
N VAL AB 591 -37.76 104.99 -4.35
CA VAL AB 591 -36.42 105.56 -4.05
C VAL AB 591 -35.66 104.41 -3.36
N PRO AB 592 -34.32 104.36 -3.41
CA PRO AB 592 -33.59 103.33 -2.66
C PRO AB 592 -33.79 103.44 -1.14
N GLY AB 593 -33.91 102.31 -0.42
CA GLY AB 593 -34.24 102.30 1.02
C GLY AB 593 -35.73 102.38 1.32
N SER AB 594 -36.59 102.31 0.31
CA SER AB 594 -38.07 102.32 0.42
C SER AB 594 -38.66 101.02 1.00
N VAL AB 595 -39.62 101.15 1.93
CA VAL AB 595 -40.32 99.99 2.57
C VAL AB 595 -41.84 100.27 2.51
N TRP AB 596 -42.65 99.24 2.27
CA TRP AB 596 -44.14 99.37 2.25
C TRP AB 596 -44.83 98.03 2.53
N MET AB 597 -46.12 98.08 2.80
CA MET AB 597 -46.97 96.87 2.94
C MET AB 597 -47.95 96.76 1.75
N GLU AB 598 -48.09 95.58 1.16
CA GLU AB 598 -49.08 95.29 0.07
C GLU AB 598 -50.52 95.26 0.59
N ARG AB 599 -51.49 95.45 -0.28
CA ARG AB 599 -52.94 95.40 0.06
C ARG AB 599 -53.39 94.05 0.64
N ASP AB 600 -54.29 94.08 1.63
CA ASP AB 600 -54.85 92.89 2.30
C ASP AB 600 -55.83 92.08 1.44
N VAL AB 601 -55.83 90.77 1.61
CA VAL AB 601 -56.86 89.88 0.99
C VAL AB 601 -58.18 89.86 1.79
N TYR AB 602 -59.28 89.57 1.13
CA TYR AB 602 -60.64 89.51 1.75
C TYR AB 602 -61.26 88.18 1.40
N LEU AB 603 -62.18 87.67 2.22
CA LEU AB 603 -62.90 86.40 1.92
C LEU AB 603 -63.75 86.57 0.62
N GLN AB 604 -64.40 87.70 0.41
CA GLN AB 604 -65.12 88.11 -0.83
C GLN AB 604 -64.18 88.32 -2.03
N GLY AB 605 -62.90 88.66 -1.83
CA GLY AB 605 -61.90 88.93 -2.88
C GLY AB 605 -61.19 87.82 -3.66
N PRO AB 606 -60.49 88.19 -4.76
CA PRO AB 606 -59.61 87.27 -5.51
C PRO AB 606 -58.26 86.73 -5.02
N ILE AB 607 -57.93 85.46 -5.21
CA ILE AB 607 -56.57 84.88 -4.92
C ILE AB 607 -55.39 85.26 -5.86
N TRP AB 608 -55.54 85.25 -7.17
CA TRP AB 608 -54.39 85.39 -8.09
C TRP AB 608 -54.64 86.25 -9.33
N ALA AB 609 -53.57 86.70 -9.98
CA ALA AB 609 -53.62 87.42 -11.28
C ALA AB 609 -52.46 86.93 -12.13
N LYS AB 610 -52.63 86.92 -13.44
CA LYS AB 610 -51.54 86.56 -14.38
C LYS AB 610 -50.63 87.76 -14.68
N ILE AB 611 -49.32 87.59 -14.55
CA ILE AB 611 -48.35 88.64 -14.96
C ILE AB 611 -48.36 88.72 -16.52
N PRO AB 612 -48.47 89.92 -17.12
CA PRO AB 612 -48.44 90.06 -18.58
C PRO AB 612 -47.09 89.82 -19.24
N GLU AB 613 -47.05 89.20 -20.42
CA GLU AB 613 -45.74 88.85 -21.05
C GLU AB 613 -45.23 89.98 -21.97
N THR AB 614 -44.31 90.81 -21.48
CA THR AB 614 -43.74 91.95 -22.24
C THR AB 614 -42.24 91.79 -22.32
N GLY AB 615 -41.68 90.96 -21.47
CA GLY AB 615 -40.23 90.81 -21.30
C GLY AB 615 -39.63 91.76 -20.27
N ALA AB 616 -40.37 92.75 -19.73
CA ALA AB 616 -39.88 93.64 -18.65
C ALA AB 616 -40.95 93.97 -17.61
N HIS AB 617 -40.66 93.87 -16.34
CA HIS AB 617 -41.62 94.24 -15.26
C HIS AB 617 -40.87 94.61 -13.97
N PHE AB 618 -41.54 95.34 -13.08
CA PHE AB 618 -40.97 95.63 -11.73
C PHE AB 618 -41.91 95.18 -10.63
N HIS AB 619 -41.44 94.43 -9.62
CA HIS AB 619 -42.21 94.07 -8.38
C HIS AB 619 -43.63 93.60 -8.71
N PRO AB 620 -43.84 92.30 -8.98
CA PRO AB 620 -45.12 91.85 -9.53
C PRO AB 620 -46.26 91.40 -8.64
N SER AB 621 -46.77 92.36 -7.88
CA SER AB 621 -47.89 92.12 -6.96
C SER AB 621 -49.11 92.84 -7.53
N PRO AB 622 -50.26 92.15 -7.77
CA PRO AB 622 -51.42 92.82 -8.36
C PRO AB 622 -52.12 93.87 -7.48
N ALA AB 623 -52.64 94.95 -8.07
CA ALA AB 623 -53.26 96.07 -7.33
C ALA AB 623 -54.52 95.70 -6.51
N MET AB 624 -55.40 94.85 -7.03
CA MET AB 624 -56.62 94.36 -6.34
C MET AB 624 -56.23 93.54 -5.10
N GLY AB 625 -55.12 92.83 -5.14
CA GLY AB 625 -54.63 91.99 -4.03
C GLY AB 625 -54.26 90.60 -4.50
N GLY AB 626 -53.68 89.78 -3.64
CA GLY AB 626 -53.33 88.40 -3.99
C GLY AB 626 -51.96 88.08 -4.53
N PHE AB 627 -51.83 86.97 -5.25
CA PHE AB 627 -50.55 86.43 -5.73
C PHE AB 627 -50.40 86.61 -7.24
N GLY AB 628 -49.27 87.17 -7.67
CA GLY AB 628 -48.99 87.38 -9.10
C GLY AB 628 -48.23 86.21 -9.65
N LEU AB 629 -48.75 85.58 -10.68
CA LEU AB 629 -48.13 84.32 -11.18
C LEU AB 629 -47.74 84.39 -12.66
N LYS AB 630 -46.52 84.02 -12.99
CA LYS AB 630 -46.08 83.85 -14.41
C LYS AB 630 -46.85 82.71 -15.08
N HIS AB 631 -47.05 81.60 -14.39
CA HIS AB 631 -47.81 80.43 -14.93
C HIS AB 631 -49.00 80.13 -14.01
N PRO AB 632 -50.13 80.81 -14.24
CA PRO AB 632 -51.34 80.66 -13.43
C PRO AB 632 -52.15 79.36 -13.61
N PRO AB 633 -53.04 79.00 -12.67
CA PRO AB 633 -53.85 77.80 -12.91
C PRO AB 633 -54.61 78.01 -14.23
N PRO AB 634 -54.61 77.02 -15.15
CA PRO AB 634 -55.16 77.21 -16.49
C PRO AB 634 -56.65 77.34 -16.77
N MET AB 635 -57.01 78.04 -17.86
CA MET AB 635 -58.41 78.17 -18.31
C MET AB 635 -59.07 76.81 -18.64
N MET AB 636 -60.26 76.57 -18.12
CA MET AB 636 -61.01 75.31 -18.33
C MET AB 636 -62.27 75.65 -19.13
N LEU AB 637 -62.43 75.06 -20.30
CA LEU AB 637 -63.50 75.42 -21.25
C LEU AB 637 -64.43 74.24 -21.54
N ILE AB 638 -65.73 74.47 -21.53
CA ILE AB 638 -66.76 73.42 -21.77
C ILE AB 638 -67.79 73.90 -22.81
N LYS AB 639 -68.17 73.03 -23.73
CA LYS AB 639 -69.25 73.37 -24.69
C LYS AB 639 -70.22 72.19 -24.90
N ASN AB 640 -71.43 72.48 -25.33
CA ASN AB 640 -72.39 71.43 -25.76
C ASN AB 640 -72.13 71.13 -27.25
N THR AB 641 -71.97 69.87 -27.63
CA THR AB 641 -71.79 69.49 -29.05
C THR AB 641 -73.04 69.80 -29.87
N PRO AB 642 -72.90 70.44 -31.06
CA PRO AB 642 -74.03 70.64 -31.96
C PRO AB 642 -74.73 69.34 -32.39
N VAL AB 643 -76.04 69.31 -32.20
CA VAL AB 643 -76.81 68.14 -32.69
C VAL AB 643 -77.79 68.67 -33.75
N PRO AB 644 -77.67 68.22 -35.00
CA PRO AB 644 -78.55 68.69 -36.08
C PRO AB 644 -80.05 68.35 -36.16
N GLY AB 645 -80.87 69.25 -36.67
CA GLY AB 645 -82.31 69.04 -36.97
C GLY AB 645 -82.47 68.29 -38.28
N ASN AB 646 -83.68 67.89 -38.67
CA ASN AB 646 -83.84 67.00 -39.86
C ASN AB 646 -83.40 67.69 -41.16
N ILE AB 647 -82.50 67.06 -41.91
CA ILE AB 647 -82.02 67.63 -43.21
C ILE AB 647 -82.34 66.57 -44.28
N THR AB 648 -83.03 66.94 -45.34
CA THR AB 648 -83.48 65.97 -46.37
C THR AB 648 -82.75 66.14 -47.68
N SER AB 649 -82.01 67.22 -47.87
CA SER AB 649 -81.35 67.52 -49.17
C SER AB 649 -79.90 67.96 -48.96
N PHE AB 650 -79.01 67.73 -49.93
CA PHE AB 650 -77.60 68.19 -49.90
C PHE AB 650 -77.39 69.69 -50.19
N SER AB 651 -76.54 70.35 -49.41
CA SER AB 651 -76.09 71.72 -49.77
C SER AB 651 -74.62 71.87 -49.39
N ASP AB 652 -73.85 72.62 -50.17
CA ASP AB 652 -72.47 73.06 -49.81
C ASP AB 652 -72.58 74.01 -48.61
N VAL AB 653 -73.63 74.85 -48.55
CA VAL AB 653 -73.84 75.82 -47.45
C VAL AB 653 -73.99 75.10 -46.11
N PRO AB 654 -73.30 75.53 -45.02
CA PRO AB 654 -73.37 74.90 -43.71
C PRO AB 654 -74.73 74.89 -43.00
N VAL AB 655 -75.01 73.82 -42.27
CA VAL AB 655 -76.30 73.69 -41.55
C VAL AB 655 -76.45 74.75 -40.45
N SER AB 656 -77.61 75.39 -40.41
CA SER AB 656 -77.95 76.41 -39.42
C SER AB 656 -79.12 75.93 -38.51
N SER AB 657 -79.61 74.71 -38.70
CA SER AB 657 -80.77 74.19 -37.94
C SER AB 657 -80.34 73.07 -36.99
N PHE AB 658 -80.57 73.26 -35.69
CA PHE AB 658 -80.07 72.32 -34.66
C PHE AB 658 -81.13 72.07 -33.63
N ILE AB 659 -81.13 70.91 -33.00
CA ILE AB 659 -82.05 70.69 -31.84
C ILE AB 659 -81.60 71.53 -30.61
N THR AB 660 -82.52 72.13 -29.84
CA THR AB 660 -82.21 72.96 -28.63
C THR AB 660 -81.88 72.10 -27.41
N GLN AB 661 -80.73 72.35 -26.77
CA GLN AB 661 -80.21 71.50 -25.67
C GLN AB 661 -79.47 72.28 -24.56
N TYR AB 662 -79.38 71.73 -23.36
CA TYR AB 662 -78.62 72.34 -22.22
C TYR AB 662 -77.97 71.20 -21.44
N SER AB 663 -76.92 71.52 -20.66
CA SER AB 663 -76.25 70.49 -19.83
C SER AB 663 -76.17 70.86 -18.33
N THR AB 664 -76.10 69.86 -17.47
CA THR AB 664 -75.98 70.06 -16.02
C THR AB 664 -75.02 69.03 -15.41
N GLY AB 665 -74.38 69.32 -14.28
CA GLY AB 665 -73.49 68.37 -13.60
C GLY AB 665 -72.93 68.85 -12.27
N GLN AB 666 -71.95 68.14 -11.74
CA GLN AB 666 -71.23 68.49 -10.48
C GLN AB 666 -69.71 68.74 -10.70
N VAL AB 667 -69.15 69.73 -10.02
CA VAL AB 667 -67.69 70.03 -10.07
C VAL AB 667 -67.07 69.98 -8.66
N THR AB 668 -65.91 69.36 -8.50
CA THR AB 668 -65.17 69.36 -7.23
C THR AB 668 -63.80 70.03 -7.38
N VAL AB 669 -63.44 70.96 -6.48
CA VAL AB 669 -62.06 71.58 -6.44
C VAL AB 669 -61.37 71.29 -5.10
N GLU AB 670 -60.15 70.78 -5.13
CA GLU AB 670 -59.34 70.49 -3.91
C GLU AB 670 -58.07 71.36 -3.94
N MET AB 671 -57.81 72.10 -2.86
CA MET AB 671 -56.65 73.00 -2.78
C MET AB 671 -55.81 72.77 -1.51
N GLU AB 672 -54.50 72.82 -1.65
CA GLU AB 672 -53.57 72.70 -0.50
C GLU AB 672 -52.92 74.06 -0.19
N TRP AB 673 -52.84 74.41 1.08
CA TRP AB 673 -52.28 75.70 1.52
C TRP AB 673 -51.16 75.50 2.54
N GLU AB 674 -50.09 76.29 2.44
CA GLU AB 674 -48.98 76.27 3.43
C GLU AB 674 -49.16 77.45 4.42
N LEU AB 675 -49.00 77.20 5.70
CA LEU AB 675 -49.22 78.18 6.79
C LEU AB 675 -47.92 78.60 7.49
N LYS AB 676 -47.81 79.88 7.84
CA LYS AB 676 -46.67 80.34 8.67
C LYS AB 676 -47.17 80.65 10.10
N LYS AB 677 -46.62 79.98 11.09
CA LYS AB 677 -46.97 80.16 12.53
C LYS AB 677 -46.52 81.46 13.21
N GLU AB 678 -47.35 82.00 14.09
CA GLU AB 678 -46.97 83.16 14.93
C GLU AB 678 -45.91 82.76 15.99
N ASN AB 679 -44.92 83.59 16.26
CA ASN AB 679 -43.86 83.36 17.29
C ASN AB 679 -43.75 84.59 18.22
N SER AB 680 -44.86 85.21 18.61
CA SER AB 680 -44.90 86.46 19.41
C SER AB 680 -44.43 86.38 20.88
N LYS AB 681 -43.74 87.41 21.38
CA LYS AB 681 -43.37 87.53 22.81
C LYS AB 681 -44.20 88.62 23.51
N ARG AB 682 -45.25 89.18 22.89
CA ARG AB 682 -46.19 90.18 23.48
C ARG AB 682 -46.99 89.67 24.71
N TRP AB 683 -46.79 90.25 25.90
CA TRP AB 683 -47.46 89.87 27.16
C TRP AB 683 -48.97 90.11 27.23
N ASN AB 684 -49.41 91.26 26.76
CA ASN AB 684 -50.83 91.69 26.77
C ASN AB 684 -51.66 90.99 25.68
N PRO AB 685 -52.99 90.86 25.87
CA PRO AB 685 -53.88 90.33 24.85
C PRO AB 685 -54.08 91.10 23.52
N GLU AB 686 -54.11 90.40 22.40
CA GLU AB 686 -54.34 90.93 21.03
C GLU AB 686 -55.79 91.17 20.55
N ILE AB 687 -55.96 91.96 19.49
CA ILE AB 687 -57.25 92.12 18.76
C ILE AB 687 -57.59 90.85 17.94
N GLN AB 688 -58.86 90.43 17.91
CA GLN AB 688 -59.35 89.22 17.19
C GLN AB 688 -60.68 89.48 16.48
N TYR AB 689 -60.95 88.84 15.35
CA TYR AB 689 -62.29 88.90 14.71
C TYR AB 689 -63.29 88.07 15.57
N THR AB 690 -64.44 88.66 15.86
CA THR AB 690 -65.43 87.99 16.71
C THR AB 690 -66.82 88.18 16.12
N ASN AB 691 -67.74 87.28 16.45
CA ASN AB 691 -69.15 87.48 16.08
C ASN AB 691 -69.73 88.34 17.19
N ASN AB 692 -70.00 89.61 16.92
CA ASN AB 692 -70.43 90.57 17.96
C ASN AB 692 -71.50 91.48 17.37
N TYR AB 693 -72.70 91.40 17.90
CA TYR AB 693 -73.86 92.14 17.33
C TYR AB 693 -74.69 92.60 18.51
N ASN AB 694 -75.33 93.76 18.43
CA ASN AB 694 -76.24 94.18 19.54
C ASN AB 694 -77.71 93.96 19.14
N ASP AB 695 -78.48 93.20 19.92
CA ASP AB 695 -79.93 92.88 19.68
C ASP AB 695 -80.18 92.29 18.28
N PRO AB 696 -79.46 91.25 17.81
CA PRO AB 696 -79.63 90.76 16.43
C PRO AB 696 -81.00 90.21 16.00
N GLN AB 697 -81.47 90.59 14.81
CA GLN AB 697 -82.77 90.11 14.28
C GLN AB 697 -82.59 88.94 13.33
N PHE AB 698 -81.35 88.59 13.01
CA PHE AB 698 -81.04 87.50 12.06
C PHE AB 698 -79.67 87.02 12.42
N VAL AB 699 -79.30 85.84 11.97
CA VAL AB 699 -77.90 85.41 12.12
C VAL AB 699 -77.17 85.75 10.82
N ASP AB 700 -76.08 86.49 10.89
CA ASP AB 700 -75.19 86.77 9.73
C ASP AB 700 -74.48 85.50 9.26
N PHE AB 701 -74.16 85.39 7.95
CA PHE AB 701 -73.54 84.19 7.30
C PHE AB 701 -74.43 82.95 7.41
N ALA AB 702 -75.73 83.15 7.29
CA ALA AB 702 -76.74 82.08 7.36
C ALA AB 702 -77.88 82.39 6.40
N PRO AB 703 -78.69 81.39 5.98
CA PRO AB 703 -79.90 81.65 5.20
C PRO AB 703 -81.05 82.37 5.95
N ASP AB 704 -81.87 83.13 5.25
CA ASP AB 704 -83.06 83.78 5.88
C ASP AB 704 -84.35 82.97 5.72
N SER AB 705 -85.50 83.54 6.08
CA SER AB 705 -86.81 82.85 5.99
C SER AB 705 -87.14 82.48 4.53
N THR AB 706 -86.82 83.32 3.55
CA THR AB 706 -86.94 83.01 2.09
C THR AB 706 -85.88 82.05 1.58
N GLY AB 707 -84.80 81.77 2.31
CA GLY AB 707 -83.67 80.95 1.81
C GLY AB 707 -82.49 81.69 1.19
N GLU AB 708 -82.46 83.01 1.24
CA GLU AB 708 -81.34 83.82 0.69
C GLU AB 708 -80.20 84.02 1.71
N TYR AB 709 -78.96 83.76 1.33
CA TYR AB 709 -77.75 83.92 2.19
C TYR AB 709 -77.46 85.39 2.51
N ARG AB 710 -77.07 85.64 3.76
CA ARG AB 710 -76.76 87.03 4.21
C ARG AB 710 -75.29 87.14 4.58
N SER AB 711 -74.59 88.15 4.02
CA SER AB 711 -73.16 88.42 4.31
C SER AB 711 -72.95 89.93 4.53
N THR AB 712 -73.32 90.48 5.66
CA THR AB 712 -73.25 91.94 6.02
C THR AB 712 -71.83 92.52 6.09
N ARG AB 713 -70.81 91.80 6.54
CA ARG AB 713 -69.47 92.40 6.80
C ARG AB 713 -68.31 91.90 5.90
N PRO AB 714 -67.42 92.78 5.40
CA PRO AB 714 -66.19 92.36 4.73
C PRO AB 714 -65.09 91.84 5.69
N ILE AB 715 -64.39 90.75 5.39
CA ILE AB 715 -63.37 90.30 6.40
C ILE AB 715 -61.94 90.26 5.84
N GLY AB 716 -61.03 91.00 6.47
CA GLY AB 716 -59.59 91.05 6.16
C GLY AB 716 -58.79 90.03 6.93
N THR AB 717 -57.50 89.95 6.68
CA THR AB 717 -56.60 89.02 7.39
C THR AB 717 -55.75 89.58 8.52
N ARG AB 718 -55.67 90.89 8.78
CA ARG AB 718 -54.66 91.41 9.78
C ARG AB 718 -55.24 91.76 11.16
N TYR AB 719 -55.06 90.86 12.13
CA TYR AB 719 -55.54 91.06 13.54
C TYR AB 719 -54.36 90.94 14.48
N LEU AB 720 -53.39 90.11 14.11
CA LEU AB 720 -52.13 89.93 14.88
C LEU AB 720 -51.17 91.10 14.67
N THR AB 721 -50.28 91.30 15.61
CA THR AB 721 -49.35 92.43 15.60
C THR AB 721 -47.92 91.95 15.71
N ARG AB 722 -47.00 92.61 15.03
CA ARG AB 722 -45.56 92.28 15.14
C ARG AB 722 -44.72 93.55 15.28
N PRO AB 723 -43.58 93.53 16.01
CA PRO AB 723 -42.64 94.65 16.03
C PRO AB 723 -41.87 94.82 14.69
N LEU AB 724 -41.48 96.04 14.33
CA LEU AB 724 -40.79 96.31 13.04
C LEU AB 724 -39.39 95.66 13.01
N ASP BB 209 -16.10 79.28 38.67
CA ASP BB 209 -15.17 78.52 39.54
C ASP BB 209 -15.04 79.17 40.92
N GLY BB 210 -14.36 80.31 41.06
CA GLY BB 210 -14.08 80.82 42.42
C GLY BB 210 -13.89 82.30 42.61
N VAL BB 211 -13.92 82.76 43.86
CA VAL BB 211 -13.66 84.17 44.25
C VAL BB 211 -12.23 84.62 43.86
N GLY BB 212 -11.22 83.77 44.00
CA GLY BB 212 -9.81 84.10 43.75
C GLY BB 212 -9.32 83.80 42.36
N ASN BB 213 -10.18 83.32 41.47
CA ASN BB 213 -9.73 82.88 40.12
C ASN BB 213 -10.32 83.78 39.03
N ALA BB 214 -9.49 84.26 38.12
CA ALA BB 214 -9.95 85.10 36.98
C ALA BB 214 -10.68 84.30 35.87
N SER BB 215 -11.86 84.75 35.45
CA SER BB 215 -12.72 84.19 34.37
C SER BB 215 -12.14 84.32 32.94
N GLY BB 216 -11.43 85.39 32.62
CA GLY BB 216 -10.84 85.63 31.29
C GLY BB 216 -9.65 86.56 31.24
N ASP BB 217 -9.06 86.74 30.07
CA ASP BB 217 -7.85 87.59 29.83
C ASP BB 217 -8.08 88.71 28.81
N TRP BB 218 -7.27 89.76 28.86
CA TRP BB 218 -7.36 90.93 27.93
C TRP BB 218 -6.80 90.61 26.54
N HIS BB 219 -7.62 90.79 25.51
CA HIS BB 219 -7.15 90.66 24.11
C HIS BB 219 -7.47 91.90 23.28
N CYS BB 220 -6.49 92.70 22.87
CA CYS BB 220 -6.74 93.83 21.94
C CYS BB 220 -5.73 93.70 20.81
N ASP BB 221 -6.16 93.32 19.60
CA ASP BB 221 -5.19 93.04 18.50
C ASP BB 221 -5.77 93.05 17.08
N SER BB 222 -4.94 93.21 16.05
CA SER BB 222 -5.34 93.03 14.64
C SER BB 222 -4.40 92.00 13.99
N THR BB 223 -4.91 91.03 13.25
CA THR BB 223 -4.06 90.09 12.48
C THR BB 223 -4.46 90.15 11.01
N TRP BB 224 -3.49 90.35 10.12
CA TRP BB 224 -3.74 90.43 8.66
C TRP BB 224 -3.19 89.17 7.99
N MET BB 225 -4.04 88.43 7.29
CA MET BB 225 -3.65 87.16 6.64
C MET BB 225 -4.16 87.06 5.19
N GLY BB 226 -3.53 87.70 4.20
CA GLY BB 226 -4.06 87.70 2.82
C GLY BB 226 -5.40 88.38 2.67
N ASP BB 227 -6.42 87.66 2.20
CA ASP BB 227 -7.80 88.20 1.99
C ASP BB 227 -8.57 88.44 3.30
N ARG BB 228 -8.09 87.98 4.45
CA ARG BB 228 -8.83 88.09 5.74
C ARG BB 228 -8.11 88.97 6.79
N VAL BB 229 -8.86 89.79 7.52
CA VAL BB 229 -8.31 90.55 8.68
C VAL BB 229 -9.18 90.19 9.91
N VAL BB 230 -8.57 89.88 11.07
CA VAL BB 230 -9.31 89.61 12.34
C VAL BB 230 -9.06 90.75 13.34
N THR BB 231 -10.12 91.30 13.92
CA THR BB 231 -9.99 92.39 14.93
C THR BB 231 -10.45 91.90 16.32
N LYS BB 232 -9.67 92.16 17.36
CA LYS BB 232 -10.02 91.83 18.77
C LYS BB 232 -10.06 93.13 19.59
N SER BB 233 -11.12 93.35 20.37
CA SER BB 233 -11.30 94.57 21.21
C SER BB 233 -11.74 94.19 22.63
N THR BB 234 -11.09 94.72 23.66
CA THR BB 234 -11.46 94.50 25.08
C THR BB 234 -11.74 95.83 25.77
N ARG BB 235 -12.83 95.92 26.52
CA ARG BB 235 -13.19 97.15 27.30
C ARG BB 235 -13.68 96.84 28.73
N THR BB 236 -13.62 97.81 29.62
CA THR BB 236 -14.16 97.71 31.00
C THR BB 236 -15.47 98.51 31.07
N TRP BB 237 -16.53 97.92 31.59
CA TRP BB 237 -17.89 98.53 31.67
C TRP BB 237 -18.44 98.64 33.11
N VAL BB 238 -19.36 99.57 33.34
CA VAL BB 238 -20.09 99.74 34.62
C VAL BB 238 -21.60 99.63 34.37
N LEU BB 239 -22.34 98.91 35.21
CA LEU BB 239 -23.84 98.83 35.10
C LEU BB 239 -24.57 99.43 36.31
N PRO BB 240 -25.38 100.47 36.10
CA PRO BB 240 -26.28 100.99 37.14
C PRO BB 240 -27.53 100.16 37.39
N SER BB 241 -28.15 100.26 38.56
CA SER BB 241 -29.47 99.61 38.75
C SER BB 241 -30.56 100.59 38.29
N TYR BB 242 -31.00 100.52 37.03
CA TYR BB 242 -31.96 101.50 36.44
C TYR BB 242 -33.40 101.31 36.86
N ASN BB 243 -34.11 102.39 37.22
CA ASN BB 243 -35.57 102.37 37.51
C ASN BB 243 -35.86 101.80 38.89
N ASN BB 244 -34.83 101.52 39.70
CA ASN BB 244 -34.97 100.88 41.05
C ASN BB 244 -35.73 99.54 40.92
N HIS BB 245 -35.40 98.71 39.92
CA HIS BB 245 -35.99 97.35 39.72
C HIS BB 245 -37.44 97.38 39.20
N GLN BB 246 -37.85 98.43 38.51
CA GLN BB 246 -39.25 98.58 38.05
C GLN BB 246 -39.37 98.92 36.55
N TYR BB 247 -40.50 98.63 35.93
CA TYR BB 247 -40.81 98.96 34.52
C TYR BB 247 -41.71 100.16 34.55
N ARG BB 248 -41.41 101.19 33.77
CA ARG BB 248 -42.20 102.44 33.81
C ARG BB 248 -42.82 102.82 32.45
N GLU BB 249 -44.11 103.18 32.46
CA GLU BB 249 -44.73 103.71 31.22
C GLU BB 249 -44.22 105.12 30.94
N ILE BB 250 -43.80 105.38 29.71
CA ILE BB 250 -43.18 106.67 29.30
C ILE BB 250 -43.98 107.25 28.12
N LYS BB 251 -44.13 108.55 28.05
CA LYS BB 251 -44.98 109.15 26.98
C LYS BB 251 -44.61 110.61 26.71
N SER BB 252 -44.91 111.10 25.53
CA SER BB 252 -44.72 112.54 25.25
C SER BB 252 -45.87 113.15 24.43
N GLY BB 253 -46.24 114.40 24.68
CA GLY BB 253 -47.11 115.22 23.81
C GLY BB 253 -46.25 116.02 22.82
N SER BB 254 -46.84 116.97 22.10
CA SER BB 254 -46.11 117.85 21.14
C SER BB 254 -45.06 118.74 21.84
N VAL BB 255 -43.85 118.86 21.28
CA VAL BB 255 -42.74 119.64 21.91
C VAL BB 255 -42.00 120.41 20.81
N ASP BB 256 -41.51 121.62 21.09
CA ASP BB 256 -40.76 122.48 20.12
C ASP BB 256 -41.66 122.79 18.93
N GLY BB 257 -42.96 122.87 19.15
CA GLY BB 257 -43.92 123.13 18.06
C GLY BB 257 -44.31 121.93 17.22
N SER BB 258 -43.88 120.69 17.53
CA SER BB 258 -44.20 119.57 16.60
C SER BB 258 -44.93 118.36 17.21
N ASN BB 259 -46.03 117.92 16.61
CA ASN BB 259 -46.76 116.66 16.98
C ASN BB 259 -45.99 115.39 16.56
N ALA BB 260 -45.02 115.47 15.65
CA ALA BB 260 -44.13 114.34 15.21
C ALA BB 260 -43.30 113.89 16.42
N ASN BB 261 -43.06 114.80 17.36
CA ASN BB 261 -42.40 114.56 18.68
C ASN BB 261 -43.19 113.61 19.61
N ALA BB 262 -44.53 113.59 19.61
CA ALA BB 262 -45.39 112.73 20.47
C ALA BB 262 -45.16 111.23 20.32
N TYR BB 263 -45.15 110.48 21.43
CA TYR BB 263 -44.92 109.01 21.46
C TYR BB 263 -45.55 108.37 22.72
N PHE BB 264 -45.77 107.06 22.70
CA PHE BB 264 -46.20 106.25 23.87
C PHE BB 264 -45.18 105.07 23.97
N GLY BB 265 -44.67 104.77 25.16
CA GLY BB 265 -43.62 103.74 25.33
C GLY BB 265 -43.37 103.18 26.72
N TYR BB 266 -42.44 102.24 26.82
CA TYR BB 266 -42.00 101.66 28.13
C TYR BB 266 -40.48 101.84 28.39
N SER BB 267 -40.10 102.15 29.64
CA SER BB 267 -38.66 102.17 30.07
C SER BB 267 -38.43 100.90 30.92
N THR BB 268 -37.25 100.33 30.84
CA THR BB 268 -36.98 99.01 31.49
C THR BB 268 -35.81 99.05 32.46
N PRO BB 269 -35.74 98.10 33.42
CA PRO BB 269 -34.62 97.95 34.35
C PRO BB 269 -33.28 97.53 33.73
N TRP BB 270 -33.27 96.88 32.57
CA TRP BB 270 -32.10 96.35 31.82
C TRP BB 270 -31.21 97.36 31.07
N GLY BB 271 -29.98 96.94 30.80
CA GLY BB 271 -29.00 97.68 29.98
C GLY BB 271 -28.51 96.79 28.87
N TYR BB 272 -27.95 97.36 27.82
CA TYR BB 272 -27.54 96.58 26.62
C TYR BB 272 -26.12 96.95 26.15
N PHE BB 273 -25.48 96.05 25.42
CA PHE BB 273 -24.14 96.29 24.81
C PHE BB 273 -24.28 96.61 23.30
N ASP BB 274 -23.72 97.72 22.82
CA ASP BB 274 -23.74 98.15 21.40
C ASP BB 274 -22.32 98.23 20.81
N PHE BB 275 -22.08 97.53 19.71
CA PHE BB 275 -20.77 97.59 19.00
C PHE BB 275 -20.88 98.15 17.55
N ASN BB 276 -21.99 98.79 17.15
CA ASN BB 276 -22.14 99.21 15.72
C ASN BB 276 -21.45 100.56 15.44
N ARG BB 277 -20.14 100.67 15.66
CA ARG BB 277 -19.31 101.83 15.27
C ARG BB 277 -17.96 101.21 14.83
N PHE BB 278 -17.33 101.71 13.76
CA PHE BB 278 -16.02 101.21 13.24
C PHE BB 278 -14.84 101.42 14.25
N HIS BB 279 -14.77 102.55 14.96
CA HIS BB 279 -13.70 102.93 15.94
C HIS BB 279 -13.70 101.92 17.11
N SER BB 280 -14.80 101.25 17.39
CA SER BB 280 -14.92 100.16 18.39
C SER BB 280 -14.00 98.97 18.02
N HIS BB 281 -13.86 98.63 16.75
CA HIS BB 281 -13.00 97.53 16.25
C HIS BB 281 -11.69 97.96 15.57
N TRP BB 282 -11.53 99.22 15.16
CA TRP BB 282 -10.38 99.61 14.30
C TRP BB 282 -9.52 100.72 14.88
N SER BB 283 -8.21 100.50 14.92
CA SER BB 283 -7.25 101.56 15.28
C SER BB 283 -7.17 102.56 14.12
N PRO BB 284 -6.78 103.83 14.36
CA PRO BB 284 -6.59 104.77 13.27
C PRO BB 284 -5.52 104.35 12.27
N ARG BB 285 -4.38 103.79 12.69
CA ARG BB 285 -3.36 103.24 11.76
C ARG BB 285 -3.87 102.05 10.92
N ASP BB 286 -4.62 101.12 11.51
CA ASP BB 286 -5.23 99.94 10.81
C ASP BB 286 -6.25 100.38 9.75
N TRP BB 287 -7.05 101.39 10.05
CA TRP BB 287 -8.01 101.98 9.10
C TRP BB 287 -7.30 102.61 7.88
N GLN BB 288 -6.18 103.29 8.08
CA GLN BB 288 -5.33 103.86 7.01
C GLN BB 288 -4.76 102.77 6.10
N ARG BB 289 -4.34 101.65 6.67
CA ARG BB 289 -3.83 100.52 5.88
C ARG BB 289 -4.91 99.94 4.96
N LEU BB 290 -6.14 99.77 5.43
CA LEU BB 290 -7.27 99.33 4.56
C LEU BB 290 -7.73 100.29 3.44
N ILE BB 291 -7.86 101.59 3.73
CA ILE BB 291 -8.36 102.61 2.75
C ILE BB 291 -7.36 102.82 1.61
N ASN BB 292 -6.08 102.81 1.92
CA ASN BB 292 -4.95 102.93 0.95
C ASN BB 292 -4.81 101.75 -0.01
N ASN BB 293 -5.05 100.50 0.40
CA ASN BB 293 -4.71 99.29 -0.42
C ASN BB 293 -5.80 98.36 -0.93
N TYR BB 294 -7.08 98.57 -0.65
CA TYR BB 294 -8.14 97.59 -1.02
C TYR BB 294 -9.33 98.20 -1.74
N TRP BB 295 -9.87 97.52 -2.75
CA TRP BB 295 -11.14 97.90 -3.45
C TRP BB 295 -12.41 97.78 -2.56
N GLY BB 296 -12.51 96.75 -1.73
CA GLY BB 296 -13.70 96.51 -0.92
C GLY BB 296 -13.52 95.70 0.33
N PHE BB 297 -14.48 95.77 1.25
CA PHE BB 297 -14.46 94.94 2.48
C PHE BB 297 -15.89 94.50 2.87
N ARG BB 298 -16.06 93.38 3.58
CA ARG BB 298 -17.38 92.93 4.13
C ARG BB 298 -17.23 92.17 5.49
N PRO BB 299 -18.19 92.25 6.44
CA PRO BB 299 -18.17 91.40 7.66
C PRO BB 299 -18.52 89.90 7.49
N ARG BB 300 -17.88 89.00 8.23
CA ARG BB 300 -18.10 87.53 8.10
C ARG BB 300 -18.56 86.89 9.41
N SER BB 301 -17.84 87.11 10.51
CA SER BB 301 -18.14 86.41 11.80
C SER BB 301 -18.00 87.32 13.03
N LEU BB 302 -18.78 87.03 14.07
CA LEU BB 302 -18.68 87.77 15.37
C LEU BB 302 -18.61 86.81 16.59
N ARG BB 303 -17.71 87.06 17.55
CA ARG BB 303 -17.65 86.31 18.85
C ARG BB 303 -17.68 87.30 20.03
N VAL BB 304 -18.53 87.06 21.04
CA VAL BB 304 -18.61 87.93 22.26
C VAL BB 304 -18.38 87.16 23.59
N LYS BB 305 -17.54 87.68 24.49
CA LYS BB 305 -17.33 87.11 25.86
C LYS BB 305 -17.55 88.18 26.97
N ILE BB 306 -18.31 87.85 28.03
CA ILE BB 306 -18.49 88.74 29.23
C ILE BB 306 -17.89 88.01 30.45
N PHE BB 307 -17.00 88.66 31.23
CA PHE BB 307 -16.17 88.00 32.28
C PHE BB 307 -15.67 88.93 33.38
N ASN BB 308 -15.07 88.40 34.47
CA ASN BB 308 -14.49 89.14 35.64
C ASN BB 308 -15.52 90.01 36.35
N ILE BB 309 -16.72 89.46 36.54
CA ILE BB 309 -17.86 90.18 37.15
C ILE BB 309 -17.62 90.54 38.63
N GLN BB 310 -17.98 91.76 39.02
CA GLN BB 310 -17.85 92.25 40.42
C GLN BB 310 -19.11 93.02 40.82
N VAL BB 311 -19.80 92.56 41.87
CA VAL BB 311 -21.05 93.21 42.35
C VAL BB 311 -20.71 93.96 43.65
N LYS BB 312 -21.12 95.22 43.74
CA LYS BB 312 -20.83 96.11 44.88
C LYS BB 312 -22.10 96.63 45.55
N GLU BB 313 -22.10 96.72 46.87
CA GLU BB 313 -23.26 97.28 47.62
C GLU BB 313 -22.87 98.66 48.19
N VAL BB 314 -23.76 99.63 48.02
CA VAL BB 314 -23.48 101.02 48.48
C VAL BB 314 -24.41 101.30 49.66
N THR BB 315 -23.85 101.79 50.76
CA THR BB 315 -24.63 102.08 51.98
C THR BB 315 -24.36 103.48 52.44
N VAL BB 316 -25.40 104.20 52.86
CA VAL BB 316 -25.15 105.55 53.45
C VAL BB 316 -25.62 105.61 54.91
N GLN BB 317 -24.74 105.99 55.84
CA GLN BB 317 -25.19 106.26 57.24
C GLN BB 317 -24.71 107.68 57.56
N ASP BB 318 -25.63 108.61 57.82
CA ASP BB 318 -25.23 109.98 58.24
C ASP BB 318 -24.26 110.58 57.22
N SER BB 319 -24.45 110.35 55.91
CA SER BB 319 -23.63 110.99 54.83
C SER BB 319 -22.24 110.34 54.59
N THR BB 320 -21.89 109.23 55.25
CA THR BB 320 -20.59 108.52 54.98
C THR BB 320 -20.46 107.92 53.57
N THR BB 321 -21.49 107.31 52.97
CA THR BB 321 -21.40 106.60 51.65
C THR BB 321 -20.33 105.50 51.51
N THR BB 322 -20.22 104.52 52.41
CA THR BB 322 -19.32 103.34 52.22
C THR BB 322 -19.71 102.41 51.06
N ILE BB 323 -18.72 101.85 50.35
CA ILE BB 323 -18.92 100.88 49.23
C ILE BB 323 -18.22 99.54 49.55
N ALA BB 324 -18.91 98.40 49.37
CA ALA BB 324 -18.36 97.06 49.69
C ALA BB 324 -18.70 95.99 48.66
N ASN BB 325 -17.88 94.95 48.55
CA ASN BB 325 -18.18 93.79 47.69
C ASN BB 325 -19.29 92.89 48.22
N ASN BB 326 -20.20 92.41 47.37
CA ASN BB 326 -21.17 91.37 47.78
C ASN BB 326 -20.84 90.13 46.94
N LEU BB 327 -20.28 89.08 47.53
CA LEU BB 327 -19.88 87.81 46.87
C LEU BB 327 -21.05 86.96 46.34
N THR BB 328 -22.15 86.92 47.05
CA THR BB 328 -23.30 86.03 46.72
C THR BB 328 -24.31 86.67 45.74
N SER BB 329 -24.17 87.94 45.38
CA SER BB 329 -25.07 88.64 44.38
C SER BB 329 -24.88 88.18 42.92
N THR BB 330 -25.93 88.28 42.10
CA THR BB 330 -25.91 87.78 40.69
C THR BB 330 -26.19 88.84 39.64
N VAL BB 331 -25.74 88.59 38.42
CA VAL BB 331 -26.04 89.42 37.23
C VAL BB 331 -26.81 88.48 36.25
N GLN BB 332 -27.77 88.99 35.49
CA GLN BB 332 -28.57 88.20 34.50
C GLN BB 332 -28.32 88.63 33.03
N VAL BB 333 -28.00 87.69 32.15
CA VAL BB 333 -27.63 87.98 30.73
C VAL BB 333 -28.42 87.12 29.72
N PHE BB 334 -28.88 87.70 28.62
CA PHE BB 334 -29.55 86.96 27.50
C PHE BB 334 -29.33 87.59 26.10
N THR BB 335 -29.50 86.81 25.05
CA THR BB 335 -29.46 87.32 23.64
C THR BB 335 -30.82 87.09 22.98
N ASP BB 336 -31.34 88.09 22.27
CA ASP BB 336 -32.65 87.98 21.53
C ASP BB 336 -32.46 87.39 20.13
N ASP BB 337 -32.27 86.08 20.04
CA ASP BB 337 -31.99 85.34 18.78
C ASP BB 337 -33.10 85.35 17.70
N ASP BB 338 -34.38 85.27 18.06
CA ASP BB 338 -35.53 85.20 17.12
C ASP BB 338 -36.12 86.58 16.78
N TYR BB 339 -35.56 87.68 17.27
CA TYR BB 339 -35.96 89.08 16.93
C TYR BB 339 -37.37 89.40 17.41
N GLN BB 340 -37.81 88.81 18.49
CA GLN BB 340 -39.10 89.08 19.14
C GLN BB 340 -39.18 90.50 19.72
N LEU BB 341 -38.11 91.00 20.29
CA LEU BB 341 -38.05 92.38 20.84
C LEU BB 341 -37.88 93.47 19.80
N PRO BB 342 -38.33 94.71 20.10
CA PRO BB 342 -37.98 95.81 19.22
C PRO BB 342 -36.46 96.07 19.16
N TYR BB 343 -35.88 96.25 17.97
CA TYR BB 343 -34.40 96.40 17.79
C TYR BB 343 -34.02 97.88 17.69
N VAL BB 344 -33.32 98.37 18.70
CA VAL BB 344 -32.98 99.82 18.78
C VAL BB 344 -31.51 100.07 18.43
N VAL BB 345 -30.73 99.03 18.12
CA VAL BB 345 -29.25 99.12 17.87
C VAL BB 345 -28.83 99.95 16.62
N GLY BB 346 -29.55 99.95 15.50
CA GLY BB 346 -29.08 100.56 14.22
C GLY BB 346 -29.54 101.98 13.92
N ASN BB 347 -29.88 102.80 14.90
CA ASN BB 347 -30.51 104.14 14.76
C ASN BB 347 -29.58 105.34 15.09
N GLY BB 348 -28.23 105.21 15.05
CA GLY BB 348 -27.24 106.28 15.33
C GLY BB 348 -27.23 106.86 16.72
N THR BB 349 -27.45 106.02 17.72
CA THR BB 349 -27.51 106.44 19.14
C THR BB 349 -26.21 106.20 19.89
N GLU BB 350 -25.97 106.98 20.93
CA GLU BB 350 -24.79 106.88 21.83
C GLU BB 350 -24.80 105.68 22.81
N GLY BB 351 -23.67 105.35 23.42
CA GLY BB 351 -23.52 104.15 24.29
C GLY BB 351 -22.77 102.97 23.73
N CYS BB 352 -22.15 103.05 22.55
CA CYS BB 352 -21.27 101.99 21.97
C CYS BB 352 -19.92 101.92 22.70
N LEU BB 353 -19.19 100.83 22.51
CA LEU BB 353 -17.83 100.68 23.12
C LEU BB 353 -16.93 101.82 22.62
N PRO BB 354 -16.09 102.38 23.51
CA PRO BB 354 -15.24 103.51 23.14
C PRO BB 354 -14.11 103.32 22.10
N ALA BB 355 -13.76 104.38 21.37
CA ALA BB 355 -12.66 104.38 20.36
C ALA BB 355 -11.31 104.07 21.01
N PHE BB 356 -11.03 104.60 22.21
CA PHE BB 356 -9.72 104.43 22.89
C PHE BB 356 -9.83 103.30 23.91
N PRO BB 357 -8.99 102.22 23.81
CA PRO BB 357 -9.05 101.06 24.72
C PRO BB 357 -9.03 101.24 26.24
N PRO BB 358 -8.23 102.15 26.84
CA PRO BB 358 -8.24 102.47 28.27
C PRO BB 358 -9.52 103.11 28.86
N GLN BB 359 -10.34 103.76 28.06
CA GLN BB 359 -11.58 104.45 28.51
C GLN BB 359 -12.62 103.48 29.10
N VAL BB 360 -13.26 103.89 30.19
CA VAL BB 360 -14.24 103.03 30.92
C VAL BB 360 -15.64 103.61 30.67
N PHE BB 361 -16.61 102.75 30.36
CA PHE BB 361 -17.95 103.26 29.92
C PHE BB 361 -19.19 102.73 30.67
N THR BB 362 -20.20 103.59 30.79
CA THR BB 362 -21.52 103.21 31.31
C THR BB 362 -22.40 102.62 30.22
N LEU BB 363 -23.06 101.49 30.48
CA LEU BB 363 -24.06 100.88 29.53
C LEU BB 363 -25.35 101.69 29.42
N PRO BB 364 -25.89 101.84 28.20
CA PRO BB 364 -27.20 102.47 28.02
C PRO BB 364 -28.43 101.70 28.55
N GLN BB 365 -29.43 102.40 29.06
CA GLN BB 365 -30.72 101.77 29.47
C GLN BB 365 -31.64 101.45 28.28
N TYR BB 366 -32.21 100.24 28.21
CA TYR BB 366 -33.19 99.81 27.17
C TYR BB 366 -34.59 100.44 27.33
N GLY BB 367 -35.20 100.81 26.22
CA GLY BB 367 -36.53 101.42 26.15
C GLY BB 367 -37.02 101.30 24.74
N TYR BB 368 -38.30 101.55 24.50
CA TYR BB 368 -38.90 101.48 23.12
C TYR BB 368 -40.13 102.33 23.01
N ALA BB 369 -40.50 102.69 21.78
CA ALA BB 369 -41.79 103.35 21.50
C ALA BB 369 -42.71 102.38 20.77
N THR BB 370 -43.96 102.26 21.19
CA THR BB 370 -45.02 101.48 20.48
C THR BB 370 -45.92 102.48 19.76
N LEU BB 371 -47.15 102.09 19.46
CA LEU BB 371 -48.16 102.97 18.82
C LEU BB 371 -48.72 104.07 19.73
N ASN BB 372 -49.06 105.21 19.14
CA ASN BB 372 -49.63 106.37 19.87
C ASN BB 372 -50.90 106.77 19.10
N ARG BB 373 -51.89 107.35 19.76
CA ARG BB 373 -53.19 107.63 19.09
C ARG BB 373 -53.36 109.09 18.66
N ASP BB 374 -53.62 109.34 17.38
CA ASP BB 374 -53.90 110.69 16.79
C ASP BB 374 -52.82 111.75 17.05
N ASN BB 375 -51.54 111.39 16.96
CA ASN BB 375 -50.40 112.33 17.21
C ASN BB 375 -50.51 112.94 18.63
N THR BB 376 -50.84 112.12 19.63
CA THR BB 376 -50.98 112.50 21.07
C THR BB 376 -50.22 111.49 21.96
N GLU BB 377 -50.07 111.72 23.26
CA GLU BB 377 -49.34 110.84 24.22
C GLU BB 377 -50.10 109.52 24.58
N ASN BB 378 -51.39 109.42 24.28
CA ASN BB 378 -52.23 108.23 24.54
C ASN BB 378 -51.96 107.01 23.67
N PRO BB 379 -52.11 105.79 24.22
CA PRO BB 379 -52.05 104.52 23.48
C PRO BB 379 -53.27 104.06 22.64
N THR BB 380 -53.12 103.00 21.87
CA THR BB 380 -54.15 102.37 21.01
C THR BB 380 -54.33 100.93 21.46
N GLU BB 381 -55.39 100.24 21.03
CA GLU BB 381 -55.64 98.80 21.29
C GLU BB 381 -54.53 97.93 20.68
N ARG BB 382 -54.00 98.27 19.53
CA ARG BB 382 -52.85 97.60 18.86
C ARG BB 382 -51.52 97.79 19.64
N SER BB 383 -51.39 98.81 20.50
CA SER BB 383 -50.16 99.12 21.27
C SER BB 383 -49.74 97.93 22.15
N SER BB 384 -48.45 97.61 22.21
CA SER BB 384 -47.89 96.37 22.84
C SER BB 384 -46.93 96.58 24.01
N PHE BB 385 -47.02 95.71 25.00
CA PHE BB 385 -46.09 95.70 26.15
C PHE BB 385 -45.23 94.44 26.08
N PHE BB 386 -43.94 94.60 26.26
CA PHE BB 386 -43.01 93.44 26.27
C PHE BB 386 -42.29 93.33 27.61
N CYS BB 387 -42.30 92.15 28.23
CA CYS BB 387 -41.53 91.84 29.48
C CYS BB 387 -40.24 91.06 29.16
N LEU BB 388 -39.07 91.56 29.56
CA LEU BB 388 -37.72 90.90 29.39
C LEU BB 388 -37.59 89.65 30.27
N GLU BB 389 -38.18 89.65 31.46
CA GLU BB 389 -38.12 88.53 32.44
C GLU BB 389 -38.90 87.32 31.93
N TYR BB 390 -39.79 87.49 30.96
CA TYR BB 390 -40.52 86.38 30.28
C TYR BB 390 -39.54 85.50 29.49
N PHE BB 391 -38.51 86.03 28.88
CA PHE BB 391 -37.44 85.24 28.21
C PHE BB 391 -36.55 84.50 29.20
N PRO BB 392 -35.97 83.33 28.87
CA PRO BB 392 -34.91 82.73 29.71
C PRO BB 392 -33.51 83.45 29.74
N SER BB 393 -32.85 83.56 30.90
CA SER BB 393 -31.52 84.22 31.03
C SER BB 393 -30.50 83.44 31.88
N LYS BB 394 -29.21 83.54 31.57
CA LYS BB 394 -28.13 82.97 32.40
C LYS BB 394 -27.93 83.81 33.69
N MET BB 395 -27.67 83.18 34.83
CA MET BB 395 -27.39 83.89 36.11
C MET BB 395 -25.90 83.73 36.48
N LEU BB 396 -25.22 84.85 36.74
CA LEU BB 396 -23.77 84.79 37.03
C LEU BB 396 -23.34 85.39 38.37
N ARG BB 397 -22.57 84.64 39.14
CA ARG BB 397 -21.85 85.15 40.34
C ARG BB 397 -20.42 85.60 39.90
N THR BB 398 -19.56 86.07 40.80
CA THR BB 398 -18.17 86.58 40.55
C THR BB 398 -17.27 85.58 39.83
N GLY BB 399 -17.33 84.27 40.09
CA GLY BB 399 -16.66 83.17 39.37
C GLY BB 399 -17.08 82.95 37.93
N ASN BB 400 -18.34 83.14 37.58
CA ASN BB 400 -18.99 82.84 36.27
C ASN BB 400 -18.69 83.73 35.04
N ASN BB 401 -18.85 83.20 33.84
CA ASN BB 401 -18.60 83.92 32.55
C ASN BB 401 -19.70 83.58 31.51
N PHE BB 402 -19.90 84.43 30.49
CA PHE BB 402 -20.86 84.20 29.37
C PHE BB 402 -20.19 84.30 27.99
N GLU BB 403 -20.54 83.43 27.05
CA GLU BB 403 -20.01 83.51 25.65
C GLU BB 403 -21.11 83.38 24.56
N PHE BB 404 -20.98 84.08 23.42
CA PHE BB 404 -21.90 83.96 22.25
C PHE BB 404 -21.11 83.96 20.90
N THR BB 405 -21.63 83.29 19.86
CA THR BB 405 -21.04 83.27 18.48
C THR BB 405 -22.10 83.60 17.42
N TYR BB 406 -21.76 84.37 16.39
CA TYR BB 406 -22.69 84.72 15.28
C TYR BB 406 -22.03 84.64 13.89
N ASN BB 407 -22.78 84.27 12.84
CA ASN BB 407 -22.31 84.31 11.43
C ASN BB 407 -23.15 85.30 10.63
N PHE BB 408 -22.50 86.17 9.87
CA PHE BB 408 -23.21 87.16 9.03
C PHE BB 408 -23.76 86.47 7.78
N GLU BB 409 -24.89 86.92 7.25
CA GLU BB 409 -25.45 86.44 5.95
C GLU BB 409 -24.60 86.98 4.77
N GLU BB 410 -24.68 86.33 3.61
CA GLU BB 410 -23.97 86.89 2.44
C GLU BB 410 -24.48 88.30 2.11
N VAL BB 411 -23.56 89.22 1.90
CA VAL BB 411 -23.91 90.65 1.66
C VAL BB 411 -22.92 91.15 0.60
N PRO BB 412 -23.26 92.15 -0.23
CA PRO BB 412 -22.28 92.73 -1.15
C PRO BB 412 -21.13 93.51 -0.47
N PHE BB 413 -19.92 93.49 -1.02
CA PHE BB 413 -18.76 94.27 -0.49
C PHE BB 413 -19.01 95.76 -0.61
N HIS BB 414 -18.62 96.57 0.38
CA HIS BB 414 -18.65 98.05 0.25
C HIS BB 414 -17.61 98.47 -0.82
N SER BB 415 -17.90 99.51 -1.59
CA SER BB 415 -16.97 99.99 -2.64
C SER BB 415 -16.03 101.09 -2.13
N SER BB 416 -14.77 100.75 -1.82
CA SER BB 416 -13.73 101.71 -1.38
C SER BB 416 -12.92 102.23 -2.58
N PHE BB 417 -13.54 102.96 -3.48
CA PHE BB 417 -12.87 103.49 -4.68
C PHE BB 417 -13.64 104.70 -5.19
N ALA BB 418 -12.97 105.54 -5.95
CA ALA BB 418 -13.60 106.70 -6.61
C ALA BB 418 -13.51 106.47 -8.11
N PRO BB 419 -14.59 106.77 -8.89
CA PRO BB 419 -14.51 106.71 -10.34
C PRO BB 419 -13.53 107.67 -11.04
N SER BB 420 -12.80 107.15 -12.02
CA SER BB 420 -11.83 107.97 -12.82
C SER BB 420 -12.45 108.50 -14.13
N GLN BB 421 -13.72 108.19 -14.42
CA GLN BB 421 -14.43 108.72 -15.61
C GLN BB 421 -15.83 109.27 -15.30
N ASN BB 422 -16.26 110.30 -16.02
CA ASN BB 422 -17.64 110.84 -16.01
C ASN BB 422 -18.59 109.87 -16.73
N LEU BB 423 -19.83 109.70 -16.24
CA LEU BB 423 -20.87 108.79 -16.81
C LEU BB 423 -21.27 109.21 -18.24
N PHE BB 424 -21.31 110.52 -18.51
CA PHE BB 424 -21.67 111.08 -19.84
C PHE BB 424 -20.47 111.25 -20.84
N LYS BB 425 -19.20 110.94 -20.50
CA LYS BB 425 -17.99 111.14 -21.36
C LYS BB 425 -17.34 109.79 -21.80
N LEU BB 426 -18.09 108.71 -22.01
CA LEU BB 426 -17.54 107.34 -22.29
C LEU BB 426 -17.27 107.00 -23.77
N ALA BB 427 -17.73 107.80 -24.71
CA ALA BB 427 -17.42 107.62 -26.14
C ALA BB 427 -15.93 107.95 -26.38
N ASN BB 428 -15.29 107.30 -27.35
CA ASN BB 428 -13.89 107.63 -27.70
C ASN BB 428 -13.87 109.09 -28.16
N PRO BB 429 -12.91 109.89 -27.66
CA PRO BB 429 -12.75 111.29 -28.07
C PRO BB 429 -12.38 111.50 -29.57
N LEU BB 430 -11.55 110.66 -30.19
CA LEU BB 430 -11.14 110.63 -31.62
C LEU BB 430 -12.22 110.29 -32.66
N VAL BB 431 -13.17 109.41 -32.36
CA VAL BB 431 -14.14 108.91 -33.38
C VAL BB 431 -15.59 109.45 -33.30
N ASP BB 432 -16.17 109.86 -34.43
CA ASP BB 432 -17.60 110.28 -34.55
C ASP BB 432 -18.61 109.13 -34.45
N GLN BB 433 -19.81 109.41 -33.94
CA GLN BB 433 -20.93 108.44 -33.91
C GLN BB 433 -21.61 108.22 -35.28
N TYR BB 434 -22.16 107.04 -35.57
CA TYR BB 434 -22.99 106.81 -36.79
C TYR BB 434 -24.47 107.25 -36.55
N LEU BB 435 -24.72 108.20 -35.67
CA LEU BB 435 -26.08 108.58 -35.23
C LEU BB 435 -26.32 110.08 -35.44
N TYR BB 436 -27.56 110.47 -35.66
CA TYR BB 436 -27.89 111.87 -36.03
C TYR BB 436 -28.96 112.45 -35.11
N ARG BB 437 -28.97 113.77 -34.98
CA ARG BB 437 -29.90 114.48 -34.08
C ARG BB 437 -30.65 115.59 -34.83
N PHE BB 438 -31.84 115.93 -34.35
CA PHE BB 438 -32.62 117.06 -34.94
C PHE BB 438 -32.10 118.35 -34.36
N VAL BB 439 -31.78 119.28 -35.25
CA VAL BB 439 -31.28 120.59 -34.79
C VAL BB 439 -32.13 121.77 -35.25
N SER BB 440 -32.99 121.60 -36.25
CA SER BB 440 -33.61 122.79 -36.87
C SER BB 440 -34.88 122.60 -37.70
N THR BB 441 -35.58 123.70 -37.95
CA THR BB 441 -36.71 123.71 -38.89
C THR BB 441 -36.40 124.86 -39.85
N ASN BB 442 -36.74 124.75 -41.14
CA ASN BB 442 -36.53 125.83 -42.17
C ASN BB 442 -37.68 126.87 -42.19
N ASN BB 443 -37.67 127.82 -43.14
CA ASN BB 443 -38.70 128.92 -43.22
C ASN BB 443 -40.08 128.28 -43.40
N THR BB 444 -40.23 127.22 -44.19
CA THR BB 444 -41.45 126.40 -44.20
C THR BB 444 -41.06 125.45 -43.11
N GLY BB 445 -41.90 125.05 -42.18
CA GLY BB 445 -41.33 124.33 -41.02
C GLY BB 445 -40.91 122.89 -41.27
N GLY BB 446 -39.86 122.69 -42.08
CA GLY BB 446 -39.36 121.34 -42.45
C GLY BB 446 -38.17 120.93 -41.62
N VAL BB 447 -38.17 119.73 -41.08
CA VAL BB 447 -37.12 119.24 -40.14
C VAL BB 447 -35.72 119.06 -40.75
N GLN BB 448 -34.69 119.37 -39.98
CA GLN BB 448 -33.27 119.32 -40.45
C GLN BB 448 -32.41 118.54 -39.44
N PHE BB 449 -31.36 117.88 -39.91
CA PHE BB 449 -30.55 116.98 -39.05
C PHE BB 449 -29.04 117.19 -39.21
N ASN BB 450 -28.27 116.90 -38.17
CA ASN BB 450 -26.78 116.98 -38.21
C ASN BB 450 -26.19 115.73 -37.56
N LYS BB 451 -25.05 115.27 -38.03
CA LYS BB 451 -24.29 114.12 -37.44
C LYS BB 451 -23.62 114.48 -36.10
N ASN BB 452 -23.42 113.48 -35.24
CA ASN BB 452 -22.77 113.69 -33.93
C ASN BB 452 -21.25 113.56 -34.07
N LEU BB 453 -20.50 114.63 -33.80
CA LEU BB 453 -19.01 114.69 -33.93
C LEU BB 453 -18.23 114.14 -32.73
N ALA BB 454 -16.96 113.81 -32.94
CA ALA BB 454 -16.07 113.29 -31.86
C ALA BB 454 -15.81 114.30 -30.75
N GLY BB 455 -15.96 113.87 -29.48
CA GLY BB 455 -15.73 114.69 -28.28
C GLY BB 455 -16.85 115.64 -27.91
N ARG BB 456 -17.96 115.66 -28.65
CA ARG BB 456 -19.11 116.58 -28.38
C ARG BB 456 -20.08 115.89 -27.40
N TYR BB 457 -19.73 115.80 -26.10
CA TYR BB 457 -20.45 115.09 -25.01
C TYR BB 457 -21.82 115.70 -24.74
N ALA BB 458 -21.97 116.99 -24.99
CA ALA BB 458 -23.25 117.69 -24.87
C ALA BB 458 -24.29 117.07 -25.82
N ASN BB 459 -23.93 116.62 -27.03
CA ASN BB 459 -24.88 116.12 -28.07
C ASN BB 459 -24.78 114.64 -28.45
N THR BB 460 -24.43 113.72 -27.59
CA THR BB 460 -24.09 112.31 -27.92
C THR BB 460 -25.19 111.42 -27.40
N TYR BB 461 -25.50 110.33 -28.09
CA TYR BB 461 -26.49 109.32 -27.63
C TYR BB 461 -25.91 108.63 -26.40
N LYS BB 462 -26.74 108.36 -25.40
CA LYS BB 462 -26.27 107.78 -24.11
C LYS BB 462 -26.97 106.49 -23.74
N ASN BB 463 -26.26 105.44 -23.38
CA ASN BB 463 -26.82 104.17 -22.80
C ASN BB 463 -27.37 104.26 -21.37
N TRP BB 464 -26.76 105.03 -20.48
CA TRP BB 464 -27.03 104.94 -19.04
C TRP BB 464 -27.33 106.28 -18.41
N PHE BB 465 -28.04 106.24 -17.30
CA PHE BB 465 -28.55 107.50 -16.68
C PHE BB 465 -28.12 107.56 -15.23
N PRO BB 466 -27.99 108.78 -14.69
CA PRO BB 466 -27.69 108.99 -13.28
C PRO BB 466 -28.81 108.62 -12.30
N GLY BB 467 -28.46 108.39 -11.03
CA GLY BB 467 -29.39 107.98 -9.96
C GLY BB 467 -30.36 109.03 -9.44
N PRO BB 468 -31.37 108.62 -8.65
CA PRO BB 468 -32.43 109.52 -8.20
C PRO BB 468 -32.09 110.73 -7.31
N MET BB 469 -32.79 111.85 -7.49
CA MET BB 469 -32.45 113.10 -6.77
C MET BB 469 -33.65 113.85 -6.18
N GLY BB 470 -33.53 114.53 -5.04
CA GLY BB 470 -34.54 115.48 -4.52
C GLY BB 470 -33.84 116.77 -4.12
N ARG BB 471 -34.27 117.96 -4.55
CA ARG BB 471 -33.49 119.20 -4.24
C ARG BB 471 -33.44 119.57 -2.73
N THR BB 472 -32.26 119.91 -2.19
CA THR BB 472 -32.01 120.29 -0.78
C THR BB 472 -31.20 121.58 -0.75
N GLN BB 473 -31.47 122.48 0.18
CA GLN BB 473 -30.83 123.83 0.23
C GLN BB 473 -29.30 123.76 0.44
N GLY BB 474 -28.55 124.64 -0.23
CA GLY BB 474 -27.09 124.71 -0.12
C GLY BB 474 -26.62 125.90 0.71
N TRP BB 475 -25.72 125.65 1.65
CA TRP BB 475 -25.17 126.71 2.53
C TRP BB 475 -23.65 126.80 2.40
N ASN BB 476 -23.12 128.01 2.28
CA ASN BB 476 -21.65 128.25 2.18
C ASN BB 476 -20.96 128.09 3.54
N LEU BB 477 -19.73 127.62 3.54
CA LEU BB 477 -18.91 127.37 4.76
C LEU BB 477 -17.61 128.17 4.60
N GLY BB 478 -16.87 128.44 5.66
CA GLY BB 478 -15.66 129.28 5.56
C GLY BB 478 -15.97 130.71 5.15
N SER BB 479 -15.40 131.17 4.03
CA SER BB 479 -15.65 132.55 3.55
C SER BB 479 -17.15 132.71 3.26
N GLY BB 480 -17.84 131.72 2.67
CA GLY BB 480 -19.32 131.78 2.67
C GLY BB 480 -19.98 132.94 2.00
N VAL BB 481 -20.82 133.70 2.72
CA VAL BB 481 -21.66 134.82 2.17
C VAL BB 481 -23.17 134.45 2.17
N ASN BB 482 -23.63 133.56 3.05
CA ASN BB 482 -25.07 133.17 3.25
C ASN BB 482 -26.01 134.21 3.88
N ARG BB 483 -27.34 134.07 3.71
CA ARG BB 483 -28.38 134.99 4.30
C ARG BB 483 -28.44 135.01 5.84
N ALA BB 484 -28.60 136.18 6.44
CA ALA BB 484 -28.57 136.41 7.92
C ALA BB 484 -29.86 136.14 8.71
N SER BB 485 -29.72 135.79 10.00
CA SER BB 485 -30.85 135.65 10.95
C SER BB 485 -31.95 134.66 10.53
N VAL BB 486 -31.59 133.50 10.00
CA VAL BB 486 -32.59 132.52 9.48
C VAL BB 486 -32.94 131.45 10.52
N SER BB 487 -34.22 131.10 10.65
CA SER BB 487 -34.61 129.91 11.45
C SER BB 487 -34.82 128.80 10.41
N ALA BB 488 -34.05 127.73 10.45
CA ALA BB 488 -34.04 126.65 9.43
C ALA BB 488 -35.30 125.78 9.27
N PHE BB 489 -36.05 125.42 10.33
CA PHE BB 489 -37.08 124.34 10.30
C PHE BB 489 -38.27 124.48 9.31
N ALA BB 490 -38.86 125.66 9.11
CA ALA BB 490 -40.02 125.84 8.21
C ALA BB 490 -39.67 125.47 6.76
N THR BB 491 -38.46 125.77 6.30
CA THR BB 491 -38.04 125.55 4.90
C THR BB 491 -37.29 124.24 4.68
N THR BB 492 -37.16 123.38 5.69
CA THR BB 492 -36.49 122.05 5.58
C THR BB 492 -37.28 121.01 4.80
N ASN BB 493 -36.61 120.01 4.23
CA ASN BB 493 -37.26 118.87 3.51
C ASN BB 493 -38.04 117.98 4.46
N ARG BB 494 -39.22 117.50 4.04
CA ARG BB 494 -40.09 116.71 4.95
C ARG BB 494 -40.84 115.58 4.25
N MET BB 495 -41.22 114.54 4.97
CA MET BB 495 -42.12 113.46 4.46
C MET BB 495 -43.29 113.38 5.46
N GLU BB 496 -44.51 113.07 5.01
CA GLU BB 496 -45.72 113.05 5.87
C GLU BB 496 -46.12 111.59 6.21
N LEU BB 497 -46.23 111.22 7.48
CA LEU BB 497 -46.72 109.88 7.91
C LEU BB 497 -47.84 110.02 8.95
N GLU BB 498 -48.97 109.35 8.81
CA GLU BB 498 -50.07 109.29 9.83
C GLU BB 498 -50.58 110.67 10.28
N GLY BB 499 -50.67 111.66 9.41
CA GLY BB 499 -51.04 113.01 9.84
C GLY BB 499 -49.95 113.91 10.43
N ALA BB 500 -48.68 113.53 10.43
CA ALA BB 500 -47.62 114.46 10.94
C ALA BB 500 -46.49 114.68 9.92
N SER BB 501 -45.81 115.84 9.97
CA SER BB 501 -44.68 116.18 9.07
C SER BB 501 -43.35 115.85 9.77
N TYR BB 502 -42.51 115.10 9.10
CA TYR BB 502 -41.22 114.68 9.72
C TYR BB 502 -40.02 115.11 8.91
N GLN BB 503 -39.04 115.67 9.58
CA GLN BB 503 -37.73 115.88 8.91
C GLN BB 503 -37.11 114.50 8.70
N VAL BB 504 -36.44 114.30 7.60
CA VAL BB 504 -35.79 113.00 7.24
C VAL BB 504 -34.34 113.45 6.99
N PRO BB 505 -33.54 113.70 8.06
CA PRO BB 505 -32.24 114.35 7.96
C PRO BB 505 -31.19 113.68 7.13
N PRO BB 506 -30.95 112.36 7.02
CA PRO BB 506 -30.03 111.88 6.00
C PRO BB 506 -30.99 111.89 4.80
N GLN BB 507 -30.65 112.43 3.65
CA GLN BB 507 -31.62 112.26 2.53
C GLN BB 507 -31.48 110.84 1.94
N PRO BB 508 -32.37 110.31 1.06
CA PRO BB 508 -32.18 109.01 0.38
C PRO BB 508 -30.97 108.92 -0.61
N ASN BB 509 -30.35 107.75 -0.83
CA ASN BB 509 -29.12 107.57 -1.69
C ASN BB 509 -29.19 107.98 -3.19
N GLY BB 510 -28.04 108.26 -3.83
CA GLY BB 510 -27.92 108.68 -5.25
C GLY BB 510 -27.58 110.12 -5.51
N MET BB 511 -27.26 110.89 -4.48
CA MET BB 511 -26.86 112.30 -4.67
C MET BB 511 -25.47 112.63 -4.09
N THR BB 512 -24.90 113.75 -4.46
CA THR BB 512 -23.67 114.29 -3.82
C THR BB 512 -23.97 115.63 -3.15
N ASN BB 513 -23.65 115.82 -1.87
CA ASN BB 513 -23.74 117.09 -1.09
C ASN BB 513 -22.77 118.23 -1.52
N ASN BB 514 -21.53 117.94 -1.90
CA ASN BB 514 -20.49 118.98 -2.19
C ASN BB 514 -19.81 118.72 -3.54
N LEU BB 515 -19.61 119.75 -4.37
CA LEU BB 515 -18.89 119.62 -5.68
C LEU BB 515 -17.36 119.27 -5.68
N GLN BB 516 -16.47 119.80 -4.84
CA GLN BB 516 -14.97 119.61 -4.85
C GLN BB 516 -14.40 121.03 -4.95
N GLY BB 517 -13.39 121.35 -4.16
CA GLY BB 517 -13.13 122.80 -4.09
C GLY BB 517 -14.41 123.26 -3.44
N SER BB 518 -15.21 124.12 -4.05
CA SER BB 518 -16.51 124.65 -3.52
C SER BB 518 -16.78 124.59 -2.01
N ASN BB 519 -17.35 125.67 -1.51
CA ASN BB 519 -17.69 125.77 -0.07
C ASN BB 519 -19.22 125.64 0.11
N THR BB 520 -19.94 125.27 -0.94
CA THR BB 520 -21.39 125.01 -0.83
C THR BB 520 -21.65 123.56 -0.43
N TYR BB 521 -22.45 123.38 0.60
CA TYR BB 521 -22.80 122.03 1.12
C TYR BB 521 -24.27 121.97 1.29
N ALA BB 522 -24.85 120.84 0.91
CA ALA BB 522 -26.27 120.67 1.26
C ALA BB 522 -26.27 120.01 2.64
N LEU BB 523 -26.57 120.77 3.71
CA LEU BB 523 -26.44 120.34 5.14
C LEU BB 523 -27.35 119.16 5.55
N GLU BB 524 -28.57 119.08 5.02
CA GLU BB 524 -29.50 117.96 5.34
C GLU BB 524 -29.15 116.68 4.55
N ASN BB 525 -28.19 116.70 3.62
CA ASN BB 525 -27.67 115.50 2.93
C ASN BB 525 -26.31 115.06 3.52
N THR BB 526 -25.84 115.66 4.62
CA THR BB 526 -24.48 115.37 5.16
C THR BB 526 -24.51 114.78 6.54
N MET BB 527 -23.68 113.78 6.82
CA MET BB 527 -23.46 113.28 8.20
C MET BB 527 -22.62 114.31 8.97
N ILE BB 528 -23.12 114.78 10.11
CA ILE BB 528 -22.39 115.75 10.99
C ILE BB 528 -22.05 115.08 12.33
N PHE BB 529 -20.81 115.18 12.77
CA PHE BB 529 -20.30 114.50 14.00
C PHE BB 529 -19.57 115.48 14.88
N ASN BB 530 -19.39 115.17 16.15
CA ASN BB 530 -18.60 115.98 17.11
C ASN BB 530 -17.27 115.27 17.37
N SER BB 531 -16.15 115.98 17.41
CA SER BB 531 -14.82 115.41 17.76
C SER BB 531 -14.82 114.85 19.19
N GLN BB 532 -15.47 115.55 20.12
CA GLN BB 532 -15.53 115.16 21.55
C GLN BB 532 -16.94 114.67 21.93
N PRO BB 533 -17.08 113.71 22.87
CA PRO BB 533 -18.40 113.29 23.38
C PRO BB 533 -19.10 114.39 24.18
N ALA BB 534 -20.43 114.37 24.19
CA ALA BB 534 -21.21 115.45 24.84
C ALA BB 534 -22.06 114.95 26.00
N ASN BB 535 -22.34 115.84 26.94
CA ASN BB 535 -23.24 115.54 28.08
C ASN BB 535 -24.69 115.39 27.57
N PRO BB 536 -25.51 114.52 28.19
CA PRO BB 536 -26.90 114.38 27.78
C PRO BB 536 -27.82 115.60 27.95
N GLY BB 537 -28.67 115.87 26.95
CA GLY BB 537 -29.65 116.96 27.02
C GLY BB 537 -29.11 118.33 26.68
N THR BB 538 -27.89 118.44 26.19
CA THR BB 538 -27.29 119.75 25.91
C THR BB 538 -28.13 120.50 24.87
N THR BB 539 -28.35 121.79 25.07
CA THR BB 539 -29.07 122.65 24.10
C THR BB 539 -28.14 123.72 23.57
N ALA BB 540 -26.82 123.59 23.79
CA ALA BB 540 -25.80 124.59 23.37
C ALA BB 540 -25.67 124.76 21.84
N THR BB 541 -25.47 125.99 21.37
CA THR BB 541 -25.19 126.24 19.93
C THR BB 541 -23.78 125.80 19.60
N TYR BB 542 -23.59 125.21 18.42
CA TYR BB 542 -22.24 124.81 17.96
C TYR BB 542 -21.94 125.47 16.63
N LEU BB 543 -20.78 126.10 16.54
CA LEU BB 543 -20.28 126.66 15.26
C LEU BB 543 -19.56 125.58 14.41
N GLU BB 544 -19.21 125.89 13.18
CA GLU BB 544 -18.59 124.95 12.20
C GLU BB 544 -17.22 124.39 12.67
N GLY BB 545 -16.39 125.20 13.34
CA GLY BB 545 -15.05 124.77 13.80
C GLY BB 545 -15.13 123.61 14.76
N ASN BB 546 -16.09 123.58 15.67
CA ASN BB 546 -16.33 122.39 16.56
C ASN BB 546 -16.76 121.15 15.77
N MET BB 547 -17.55 121.27 14.71
CA MET BB 547 -18.15 120.10 14.01
C MET BB 547 -17.24 119.36 13.01
N LEU BB 548 -17.48 118.06 12.81
CA LEU BB 548 -16.77 117.29 11.75
C LEU BB 548 -17.78 117.11 10.62
N ILE BB 549 -17.54 117.71 9.45
CA ILE BB 549 -18.53 117.68 8.32
C ILE BB 549 -17.98 116.88 7.14
N THR BB 550 -18.69 115.85 6.72
CA THR BB 550 -18.33 114.95 5.61
C THR BB 550 -18.63 115.52 4.21
N SER BB 551 -17.90 115.05 3.20
CA SER BB 551 -18.10 115.46 1.78
C SER BB 551 -18.21 114.18 0.95
N GLU BB 552 -19.07 114.16 -0.06
CA GLU BB 552 -19.29 113.00 -0.96
C GLU BB 552 -18.77 113.34 -2.36
N SER BB 553 -17.82 114.27 -2.51
CA SER BB 553 -17.33 114.82 -3.80
C SER BB 553 -16.72 113.75 -4.73
N GLU BB 554 -16.22 112.63 -4.22
CA GLU BB 554 -15.67 111.49 -5.01
C GLU BB 554 -16.75 110.88 -5.94
N THR BB 555 -18.02 110.83 -5.53
CA THR BB 555 -19.15 110.22 -6.27
C THR BB 555 -19.75 111.16 -7.32
N GLN BB 556 -19.27 112.39 -7.46
CA GLN BB 556 -19.80 113.44 -8.37
C GLN BB 556 -19.77 113.01 -9.85
N PRO BB 557 -18.77 112.26 -10.39
CA PRO BB 557 -18.85 111.71 -11.76
C PRO BB 557 -20.12 110.89 -12.09
N VAL BB 558 -20.76 110.19 -11.14
CA VAL BB 558 -22.07 109.49 -11.30
C VAL BB 558 -23.26 110.00 -10.43
N ASN BB 559 -23.09 110.95 -9.52
CA ASN BB 559 -24.20 111.32 -8.59
C ASN BB 559 -24.54 112.78 -8.80
N ARG BB 560 -25.82 113.08 -8.94
CA ARG BB 560 -26.29 114.47 -9.14
C ARG BB 560 -26.12 115.33 -7.87
N VAL BB 561 -25.84 116.62 -8.04
CA VAL BB 561 -25.73 117.56 -6.90
C VAL BB 561 -27.10 117.92 -6.28
N ALA BB 562 -27.25 117.83 -4.95
CA ALA BB 562 -28.50 118.09 -4.19
C ALA BB 562 -29.00 119.53 -4.26
N TYR BB 563 -28.12 120.52 -4.18
CA TYR BB 563 -28.49 121.96 -4.22
C TYR BB 563 -29.10 122.37 -5.60
N ASN BB 564 -28.60 121.83 -6.69
CA ASN BB 564 -29.04 122.18 -8.09
C ASN BB 564 -30.33 121.48 -8.58
N VAL BB 565 -31.02 122.03 -9.59
CA VAL BB 565 -32.16 121.35 -10.30
C VAL BB 565 -31.67 120.12 -11.10
N GLY BB 566 -32.43 119.04 -11.18
CA GLY BB 566 -32.11 117.79 -11.94
C GLY BB 566 -32.01 117.83 -13.46
N GLY BB 567 -32.87 118.57 -14.17
CA GLY BB 567 -32.92 118.55 -15.64
C GLY BB 567 -34.13 119.29 -16.15
N GLN BB 568 -34.44 119.18 -17.45
CA GLN BB 568 -35.63 119.82 -18.08
C GLN BB 568 -36.43 118.81 -18.93
N MET BB 569 -37.76 118.98 -19.04
CA MET BB 569 -38.68 118.15 -19.87
C MET BB 569 -39.66 119.04 -20.64
N ALA BB 570 -40.28 118.55 -21.73
CA ALA BB 570 -41.28 119.29 -22.55
C ALA BB 570 -42.61 119.57 -21.81
N THR BB 571 -43.14 120.78 -21.96
CA THR BB 571 -44.37 121.21 -21.27
C THR BB 571 -45.51 121.55 -22.24
N ASN BB 572 -45.37 121.34 -23.55
CA ASN BB 572 -46.36 121.84 -24.54
C ASN BB 572 -46.27 121.06 -25.84
N ASN BB 573 -47.19 121.32 -26.76
CA ASN BB 573 -47.10 120.78 -28.13
C ASN BB 573 -46.81 121.96 -29.07
N GLN BB 574 -45.76 121.87 -29.89
CA GLN BB 574 -45.39 122.92 -30.89
C GLN BB 574 -46.41 122.94 -32.05
N SER BB 575 -46.60 124.08 -32.68
CA SER BB 575 -47.54 124.25 -33.82
C SER BB 575 -47.03 125.45 -34.63
N SER BB 576 -47.57 125.71 -35.81
CA SER BB 576 -47.15 126.93 -36.53
C SER BB 576 -47.49 128.15 -35.67
N THR BB 577 -48.65 128.19 -35.02
CA THR BB 577 -49.01 129.24 -34.04
C THR BB 577 -48.14 129.24 -32.78
N THR BB 578 -47.76 128.09 -32.23
CA THR BB 578 -47.07 128.02 -30.93
C THR BB 578 -45.63 127.55 -30.94
N ALA BB 579 -44.71 128.32 -30.34
CA ALA BB 579 -43.29 127.91 -30.17
C ALA BB 579 -43.14 126.80 -29.12
N PRO BB 580 -42.14 125.90 -29.26
CA PRO BB 580 -41.88 124.87 -28.24
C PRO BB 580 -41.39 125.39 -26.86
N ALA BB 581 -41.76 124.75 -25.76
CA ALA BB 581 -41.43 125.18 -24.38
C ALA BB 581 -40.90 124.03 -23.49
N THR BB 582 -40.04 124.35 -22.53
CA THR BB 582 -39.50 123.35 -21.57
C THR BB 582 -39.69 123.80 -20.14
N GLY BB 583 -39.68 122.86 -19.19
CA GLY BB 583 -39.71 123.23 -17.77
C GLY BB 583 -38.70 122.45 -16.94
N THR BB 584 -38.06 123.08 -15.95
CA THR BB 584 -37.15 122.38 -14.99
C THR BB 584 -37.89 121.54 -13.95
N TYR BB 585 -37.29 120.47 -13.46
CA TYR BB 585 -37.86 119.62 -12.38
C TYR BB 585 -36.94 119.64 -11.10
N ASN BB 586 -37.49 119.60 -9.88
CA ASN BB 586 -36.72 119.62 -8.60
C ASN BB 586 -36.58 118.22 -7.99
N LEU BB 587 -37.29 117.23 -8.52
CA LEU BB 587 -37.20 115.83 -8.02
C LEU BB 587 -37.35 114.80 -9.15
N GLN BB 588 -36.67 113.67 -9.06
CA GLN BB 588 -36.85 112.54 -10.01
C GLN BB 588 -36.54 111.25 -9.24
N GLU BB 589 -37.10 110.13 -9.66
CA GLU BB 589 -36.95 108.85 -8.93
C GLU BB 589 -36.36 107.84 -9.91
N ILE BB 590 -36.27 106.57 -9.53
CA ILE BB 590 -35.61 105.51 -10.35
C ILE BB 590 -36.24 105.30 -11.73
N VAL BB 591 -35.38 105.14 -12.72
CA VAL BB 591 -35.79 104.91 -14.14
C VAL BB 591 -34.97 103.68 -14.58
N PRO BB 592 -35.41 102.88 -15.56
CA PRO BB 592 -34.58 101.78 -16.06
C PRO BB 592 -33.26 102.26 -16.70
N GLY BB 593 -32.15 101.55 -16.49
CA GLY BB 593 -30.80 102.00 -16.93
C GLY BB 593 -30.11 102.95 -15.98
N SER BB 594 -30.67 103.18 -14.79
CA SER BB 594 -30.11 104.04 -13.71
C SER BB 594 -28.88 103.43 -13.00
N VAL BB 595 -27.84 104.24 -12.78
CA VAL BB 595 -26.59 103.82 -12.07
C VAL BB 595 -26.27 104.88 -11.00
N TRP BB 596 -25.79 104.46 -9.83
CA TRP BB 596 -25.39 105.39 -8.73
C TRP BB 596 -24.38 104.75 -7.78
N MET BB 597 -23.75 105.56 -6.95
CA MET BB 597 -22.86 105.08 -5.86
C MET BB 597 -23.52 105.32 -4.48
N GLU BB 598 -23.48 104.33 -3.59
CA GLU BB 598 -23.98 104.45 -2.19
C GLU BB 598 -23.06 105.33 -1.32
N ARG BB 599 -23.57 105.86 -0.23
CA ARG BB 599 -22.80 106.69 0.73
C ARG BB 599 -21.60 105.96 1.35
N ASP BB 600 -20.49 106.67 1.54
CA ASP BB 600 -19.25 106.14 2.14
C ASP BB 600 -19.32 105.88 3.65
N VAL BB 601 -18.64 104.86 4.12
CA VAL BB 601 -18.46 104.59 5.58
C VAL BB 601 -17.36 105.47 6.21
N TYR BB 602 -17.45 105.72 7.50
CA TYR BB 602 -16.46 106.55 8.25
C TYR BB 602 -16.00 105.75 9.46
N LEU BB 603 -14.80 106.01 9.97
CA LEU BB 603 -14.30 105.34 11.20
C LEU BB 603 -15.21 105.70 12.41
N GLN BB 604 -15.65 106.94 12.54
CA GLN BB 604 -16.64 107.45 13.54
C GLN BB 604 -18.06 106.86 13.32
N GLY BB 605 -18.44 106.46 12.10
CA GLY BB 605 -19.76 105.92 11.73
C GLY BB 605 -20.19 104.49 12.03
N PRO BB 606 -21.50 104.19 11.87
CA PRO BB 606 -22.04 102.82 11.96
C PRO BB 606 -21.83 101.71 10.91
N ILE BB 607 -21.56 100.47 11.28
CA ILE BB 607 -21.50 99.29 10.34
C ILE BB 607 -22.84 98.77 9.74
N TRP BB 608 -23.91 98.60 10.50
CA TRP BB 608 -25.11 97.90 10.01
C TRP BB 608 -26.45 98.50 10.44
N ALA BB 609 -27.53 98.14 9.76
CA ALA BB 609 -28.92 98.52 10.14
C ALA BB 609 -29.81 97.32 9.87
N LYS BB 610 -30.87 97.15 10.65
CA LYS BB 610 -31.87 96.08 10.42
C LYS BB 610 -32.91 96.48 9.37
N ILE BB 611 -33.15 95.64 8.38
CA ILE BB 611 -34.25 95.87 7.40
C ILE BB 611 -35.60 95.66 8.13
N PRO BB 612 -36.58 96.57 8.01
CA PRO BB 612 -37.88 96.40 8.65
C PRO BB 612 -38.78 95.32 8.03
N GLU BB 613 -39.54 94.58 8.84
CA GLU BB 613 -40.35 93.46 8.29
C GLU BB 613 -41.76 93.91 7.88
N THR BB 614 -41.99 94.15 6.59
CA THR BB 614 -43.29 94.62 6.05
C THR BB 614 -43.76 93.64 5.01
N GLY BB 615 -42.88 92.80 4.50
CA GLY BB 615 -43.13 91.91 3.38
C GLY BB 615 -42.84 92.54 2.01
N ALA BB 616 -42.56 93.84 1.91
CA ALA BB 616 -42.16 94.49 0.64
C ALA BB 616 -41.08 95.55 0.81
N HIS BB 617 -40.04 95.54 0.00
CA HIS BB 617 -38.97 96.58 0.05
C HIS BB 617 -38.27 96.70 -1.30
N PHE BB 618 -37.59 97.83 -1.54
CA PHE BB 618 -36.75 97.99 -2.75
C PHE BB 618 -35.33 98.36 -2.38
N HIS BB 619 -34.30 97.68 -2.93
CA HIS BB 619 -32.85 98.05 -2.79
C HIS BB 619 -32.48 98.40 -1.35
N PRO BB 620 -32.11 97.42 -0.51
CA PRO BB 620 -31.99 97.67 0.92
C PRO BB 620 -30.67 98.11 1.54
N SER BB 621 -30.27 99.31 1.17
CA SER BB 621 -29.02 99.91 1.67
C SER BB 621 -29.42 101.07 2.59
N PRO BB 622 -28.97 101.11 3.87
CA PRO BB 622 -29.39 102.19 4.77
C PRO BB 622 -28.85 103.60 4.44
N ALA BB 623 -29.63 104.65 4.68
CA ALA BB 623 -29.27 106.04 4.31
C ALA BB 623 -28.02 106.59 5.04
N MET BB 624 -27.83 106.30 6.32
CA MET BB 624 -26.65 106.72 7.12
C MET BB 624 -25.38 106.07 6.56
N GLY BB 625 -25.46 104.87 6.02
CA GLY BB 625 -24.33 104.12 5.45
C GLY BB 625 -24.26 102.71 5.98
N GLY BB 626 -23.38 101.88 5.45
CA GLY BB 626 -23.21 100.50 5.93
C GLY BB 626 -23.98 99.38 5.28
N PHE BB 627 -24.17 98.28 6.00
CA PHE BB 627 -24.76 97.03 5.48
C PHE BB 627 -26.17 96.81 6.03
N GLY BB 628 -27.13 96.55 5.15
CA GLY BB 628 -28.52 96.30 5.54
C GLY BB 628 -28.75 94.83 5.71
N LEU BB 629 -29.19 94.42 6.88
CA LEU BB 629 -29.30 92.96 7.18
C LEU BB 629 -30.71 92.52 7.57
N LYS BB 630 -31.22 91.48 6.95
CA LYS BB 630 -32.50 90.84 7.38
C LYS BB 630 -32.35 90.22 8.78
N HIS BB 631 -31.24 89.56 9.06
CA HIS BB 631 -30.97 88.94 10.39
C HIS BB 631 -29.69 89.53 10.97
N PRO BB 632 -29.80 90.67 11.67
CA PRO BB 632 -28.66 91.38 12.26
C PRO BB 632 -28.02 90.75 13.51
N PRO BB 633 -26.79 91.13 13.89
CA PRO BB 633 -26.24 90.57 15.11
C PRO BB 633 -27.21 90.91 16.26
N PRO BB 634 -27.57 89.95 17.12
CA PRO BB 634 -28.62 90.16 18.12
C PRO BB 634 -28.45 91.05 19.35
N MET BB 635 -29.54 91.60 19.86
CA MET BB 635 -29.54 92.41 21.10
C MET BB 635 -29.05 91.62 22.33
N MET BB 636 -28.12 92.19 23.09
CA MET BB 636 -27.54 91.55 24.29
C MET BB 636 -27.96 92.38 25.51
N LEU BB 637 -28.66 91.77 26.46
CA LEU BB 637 -29.28 92.49 27.59
C LEU BB 637 -28.74 91.99 28.93
N ILE BB 638 -28.41 92.92 29.83
CA ILE BB 638 -27.86 92.59 31.17
C ILE BB 638 -28.61 93.37 32.27
N LYS BB 639 -28.91 92.70 33.37
CA LYS BB 639 -29.53 93.40 34.53
C LYS BB 639 -28.90 92.95 35.87
N ASN BB 640 -29.01 93.79 36.88
CA ASN BB 640 -28.63 93.39 38.27
C ASN BB 640 -29.86 92.73 38.92
N THR BB 641 -29.71 91.55 39.51
CA THR BB 641 -30.81 90.88 40.23
C THR BB 641 -31.25 91.68 41.46
N PRO BB 642 -32.57 91.89 41.67
CA PRO BB 642 -33.06 92.52 42.89
C PRO BB 642 -32.66 91.78 44.17
N VAL BB 643 -32.07 92.52 45.09
CA VAL BB 643 -31.75 91.91 46.42
C VAL BB 643 -32.57 92.70 47.46
N PRO BB 644 -33.48 92.04 48.17
CA PRO BB 644 -34.32 92.70 49.18
C PRO BB 644 -33.76 93.26 50.51
N GLY BB 645 -34.32 94.34 51.01
CA GLY BB 645 -34.03 94.92 52.35
C GLY BB 645 -34.78 94.16 53.43
N ASN BB 646 -34.56 94.44 54.71
CA ASN BB 646 -35.15 93.59 55.78
C ASN BB 646 -36.69 93.67 55.80
N ILE BB 647 -37.35 92.51 55.74
CA ILE BB 647 -38.84 92.46 55.77
C ILE BB 647 -39.21 91.58 56.98
N THR BB 648 -40.05 92.07 57.87
CA THR BB 648 -40.38 91.35 59.13
C THR BB 648 -41.80 90.84 59.14
N SER BB 649 -42.65 91.26 58.22
CA SER BB 649 -44.09 90.89 58.22
C SER BB 649 -44.56 90.47 56.82
N PHE BB 650 -45.57 89.61 56.72
CA PHE BB 650 -46.18 89.20 55.43
C PHE BB 650 -47.12 90.24 54.79
N SER BB 651 -47.00 90.44 53.47
CA SER BB 651 -48.02 91.24 52.74
C SER BB 651 -48.23 90.60 51.36
N ASP BB 652 -49.45 90.63 50.85
CA ASP BB 652 -49.77 90.28 49.43
C ASP BB 652 -49.11 91.34 48.52
N VAL BB 653 -49.06 92.61 48.95
CA VAL BB 653 -48.47 93.72 48.16
C VAL BB 653 -46.98 93.47 47.93
N PRO BB 654 -46.45 93.64 46.69
CA PRO BB 654 -45.05 93.41 46.36
C PRO BB 654 -44.01 94.29 47.06
N VAL BB 655 -42.85 93.72 47.36
CA VAL BB 655 -41.77 94.47 48.05
C VAL BB 655 -41.23 95.61 47.18
N SER BB 656 -41.09 96.79 47.79
CA SER BB 656 -40.56 97.99 47.14
C SER BB 656 -39.22 98.42 47.79
N SER BB 657 -38.72 97.67 48.76
CA SER BB 657 -37.48 98.05 49.50
C SER BB 657 -36.35 97.08 49.17
N PHE BB 658 -35.24 97.60 48.63
CA PHE BB 658 -34.14 96.75 48.13
C PHE BB 658 -32.82 97.33 48.55
N ILE BB 659 -31.80 96.51 48.72
CA ILE BB 659 -30.42 97.06 48.94
C ILE BB 659 -29.87 97.72 47.66
N THR BB 660 -29.17 98.86 47.73
CA THR BB 660 -28.58 99.58 46.55
C THR BB 660 -27.29 98.93 46.06
N GLN BB 661 -27.21 98.61 44.76
CA GLN BB 661 -26.09 97.83 44.18
C GLN BB 661 -25.71 98.26 42.75
N TYR BB 662 -24.48 97.99 42.31
CA TYR BB 662 -24.01 98.27 40.93
C TYR BB 662 -23.08 97.13 40.51
N SER BB 663 -22.88 96.94 39.20
CA SER BB 663 -21.95 95.89 38.70
C SER BB 663 -20.86 96.43 37.76
N THR BB 664 -19.73 95.73 37.70
CA THR BB 664 -18.62 96.10 36.81
C THR BB 664 -17.97 94.85 36.21
N GLY BB 665 -17.34 94.94 35.05
CA GLY BB 665 -16.65 93.80 34.42
C GLY BB 665 -15.89 94.12 33.15
N GLN BB 666 -15.46 93.09 32.43
CA GLN BB 666 -14.76 93.21 31.11
C GLN BB 666 -15.54 92.52 29.96
N VAL BB 667 -15.54 93.13 28.78
CA VAL BB 667 -16.18 92.55 27.56
C VAL BB 667 -15.15 92.43 26.42
N THR BB 668 -15.13 91.31 25.71
CA THR BB 668 -14.28 91.13 24.53
C THR BB 668 -15.12 90.88 23.27
N VAL BB 669 -14.86 91.60 22.16
CA VAL BB 669 -15.53 91.34 20.83
C VAL BB 669 -14.48 90.96 19.77
N GLU BB 670 -14.68 89.86 19.06
CA GLU BB 670 -13.78 89.41 17.96
C GLU BB 670 -14.58 89.39 16.64
N MET BB 671 -14.04 90.04 15.61
CA MET BB 671 -14.72 90.14 14.30
C MET BB 671 -13.80 89.72 13.14
N GLU BB 672 -14.36 89.00 12.18
CA GLU BB 672 -13.63 88.59 10.95
C GLU BB 672 -14.14 89.39 9.74
N TRP BB 673 -13.22 89.86 8.91
CA TRP BB 673 -13.57 90.67 7.72
C TRP BB 673 -12.98 90.07 6.45
N GLU BB 674 -13.73 90.10 5.35
CA GLU BB 674 -13.23 89.65 4.03
C GLU BB 674 -12.82 90.88 3.19
N LEU BB 675 -11.67 90.83 2.54
CA LEU BB 675 -11.09 91.95 1.77
C LEU BB 675 -11.08 91.70 0.25
N LYS BB 676 -11.35 92.73 -0.53
CA LYS BB 676 -11.20 92.62 -2.01
C LYS BB 676 -9.95 93.41 -2.45
N LYS BB 677 -9.00 92.75 -3.08
CA LYS BB 677 -7.73 93.36 -3.59
C LYS BB 677 -7.85 94.29 -4.81
N GLU BB 678 -7.05 95.35 -4.84
CA GLU BB 678 -6.94 96.23 -6.02
C GLU BB 678 -6.21 95.51 -7.18
N ASN BB 679 -6.64 95.68 -8.42
CA ASN BB 679 -6.00 95.10 -9.64
C ASN BB 679 -5.76 96.20 -10.69
N SER BB 680 -5.33 97.39 -10.29
CA SER BB 680 -5.16 98.58 -11.18
C SER BB 680 -4.02 98.52 -12.23
N LYS BB 681 -4.24 99.06 -13.42
CA LYS BB 681 -3.20 99.21 -14.45
C LYS BB 681 -2.79 100.69 -14.62
N ARG BB 682 -3.21 101.61 -13.74
CA ARG BB 682 -2.83 103.06 -13.74
C ARG BB 682 -1.31 103.32 -13.51
N TRP BB 683 -0.61 103.89 -14.49
CA TRP BB 683 0.84 104.21 -14.43
C TRP BB 683 1.28 105.25 -13.41
N ASN BB 684 0.54 106.34 -13.32
CA ASN BB 684 0.82 107.48 -12.41
C ASN BB 684 0.45 107.18 -10.96
N PRO BB 685 1.09 107.86 -9.98
CA PRO BB 685 0.72 107.72 -8.58
C PRO BB 685 -0.67 108.22 -8.10
N GLU BB 686 -1.32 107.47 -7.23
CA GLU BB 686 -2.63 107.77 -6.60
C GLU BB 686 -2.68 108.68 -5.35
N ILE BB 687 -3.85 109.21 -5.03
CA ILE BB 687 -4.14 109.93 -3.76
C ILE BB 687 -4.20 108.94 -2.57
N GLN BB 688 -3.65 109.31 -1.41
CA GLN BB 688 -3.60 108.47 -0.17
C GLN BB 688 -3.89 109.29 1.08
N TYR BB 689 -4.49 108.71 2.11
CA TYR BB 689 -4.64 109.39 3.43
C TYR BB 689 -3.25 109.44 4.11
N THR BB 690 -2.88 110.61 4.61
CA THR BB 690 -1.56 110.79 5.23
C THR BB 690 -1.70 111.60 6.50
N ASN BB 691 -0.75 111.45 7.42
CA ASN BB 691 -0.70 112.33 8.60
C ASN BB 691 0.07 113.56 8.14
N ASN BB 692 -0.60 114.68 7.95
CA ASN BB 692 0.02 115.89 7.37
C ASN BB 692 -0.52 117.11 8.10
N TYR BB 693 0.35 117.82 8.79
CA TYR BB 693 -0.07 118.96 9.65
C TYR BB 693 1.00 120.02 9.52
N ASN BB 694 0.66 121.30 9.56
CA ASN BB 694 1.71 122.36 9.54
C ASN BB 694 1.94 122.92 10.95
N ASP BB 695 3.16 122.89 11.48
CA ASP BB 695 3.55 123.39 12.84
C ASP BB 695 2.68 122.80 13.96
N PRO BB 696 2.49 121.46 14.07
CA PRO BB 696 1.57 120.91 15.09
C PRO BB 696 1.87 121.15 16.58
N GLN BB 697 0.85 121.50 17.35
CA GLN BB 697 1.01 121.74 18.81
C GLN BB 697 0.63 120.51 19.63
N PHE BB 698 0.11 119.48 18.98
CA PHE BB 698 -0.35 118.25 19.67
C PHE BB 698 -0.28 117.16 18.64
N VAL BB 699 -0.29 115.92 19.07
CA VAL BB 699 -0.43 114.81 18.10
C VAL BB 699 -1.91 114.44 18.04
N ASP BB 700 -2.50 114.44 16.86
CA ASP BB 700 -3.89 113.96 16.63
C ASP BB 700 -3.99 112.45 16.85
N PHE BB 701 -5.16 111.93 17.29
CA PHE BB 701 -5.41 110.49 17.63
C PHE BB 701 -4.52 110.02 18.78
N ALA BB 702 -4.30 110.88 19.75
CA ALA BB 702 -3.46 110.59 20.93
C ALA BB 702 -4.05 111.29 22.15
N PRO BB 703 -3.74 110.86 23.39
CA PRO BB 703 -4.12 111.61 24.59
C PRO BB 703 -3.41 112.97 24.81
N ASP BB 704 -4.06 113.92 25.46
CA ASP BB 704 -3.42 115.22 25.79
C ASP BB 704 -2.81 115.25 27.20
N SER BB 705 -2.38 116.43 27.66
CA SER BB 705 -1.74 116.58 29.00
C SER BB 705 -2.73 116.20 30.12
N THR BB 706 -4.01 116.52 30.00
CA THR BB 706 -5.09 116.06 30.94
C THR BB 706 -5.47 114.60 30.78
N GLY BB 707 -5.07 113.91 29.71
CA GLY BB 707 -5.52 112.52 29.42
C GLY BB 707 -6.73 112.34 28.52
N GLU BB 708 -7.25 113.40 27.92
CA GLU BB 708 -8.41 113.32 27.00
C GLU BB 708 -7.98 113.04 25.54
N TYR BB 709 -8.60 112.07 24.89
CA TYR BB 709 -8.31 111.68 23.47
C TYR BB 709 -8.74 112.76 22.48
N ARG BB 710 -7.91 112.98 21.46
CA ARG BB 710 -8.20 114.01 20.43
C ARG BB 710 -8.40 113.36 19.08
N SER BB 711 -9.52 113.67 18.40
CA SER BB 711 -9.84 113.14 17.05
C SER BB 711 -10.35 114.28 16.14
N THR BB 712 -9.50 115.16 15.64
CA THR BB 712 -9.82 116.36 14.81
C THR BB 712 -10.45 116.05 13.45
N ARG BB 713 -10.10 114.98 12.75
CA ARG BB 713 -10.55 114.76 11.34
C ARG BB 713 -11.47 113.54 11.10
N PRO BB 714 -12.56 113.66 10.30
CA PRO BB 714 -13.34 112.51 9.86
C PRO BB 714 -12.66 111.65 8.77
N ILE BB 715 -12.68 110.33 8.83
CA ILE BB 715 -11.96 109.58 7.74
C ILE BB 715 -12.88 108.64 6.93
N GLY BB 716 -12.94 108.85 5.62
CA GLY BB 716 -13.68 108.03 4.65
C GLY BB 716 -12.85 106.90 4.09
N THR BB 717 -13.44 106.07 3.25
CA THR BB 717 -12.73 104.95 2.60
C THR BB 717 -12.28 105.14 1.17
N ARG BB 718 -12.63 106.20 0.43
CA ARG BB 718 -12.32 106.24 -1.05
C ARG BB 718 -11.10 107.10 -1.43
N TYR BB 719 -9.96 106.46 -1.67
CA TYR BB 719 -8.69 107.15 -2.07
C TYR BB 719 -8.21 106.56 -3.38
N LEU BB 720 -8.49 105.28 -3.60
CA LEU BB 720 -8.15 104.58 -4.86
C LEU BB 720 -9.13 104.94 -5.99
N THR BB 721 -8.70 104.78 -7.21
CA THR BB 721 -9.47 105.18 -8.40
C THR BB 721 -9.63 104.01 -9.34
N ARG BB 722 -10.78 103.91 -9.98
CA ARG BB 722 -11.00 102.85 -11.00
C ARG BB 722 -11.68 103.43 -12.25
N PRO BB 723 -11.42 102.92 -13.47
CA PRO BB 723 -12.17 103.30 -14.66
C PRO BB 723 -13.62 102.76 -14.67
N LEU BB 724 -14.56 103.46 -15.30
CA LEU BB 724 -15.99 103.05 -15.31
C LEU BB 724 -16.19 101.73 -16.09
N ASP CB 209 5.07 80.25 -39.66
CA ASP CB 209 5.83 79.28 -40.48
C ASP CB 209 6.69 79.99 -41.53
N GLY CB 210 6.12 80.56 -42.60
CA GLY CB 210 6.98 81.07 -43.69
C GLY CB 210 6.46 82.19 -44.55
N VAL CB 211 7.35 82.81 -45.33
CA VAL CB 211 7.01 83.88 -46.30
C VAL CB 211 6.04 83.37 -47.40
N GLY CB 212 6.19 82.14 -47.88
CA GLY CB 212 5.38 81.58 -48.98
C GLY CB 212 4.17 80.81 -48.55
N ASN CB 213 3.89 80.74 -47.25
CA ASN CB 213 2.78 79.88 -46.76
C ASN CB 213 1.66 80.73 -46.15
N ALA CB 214 0.42 80.48 -46.53
CA ALA CB 214 -0.75 81.21 -45.97
C ALA CB 214 -1.13 80.76 -44.54
N SER CB 215 -1.30 81.71 -43.62
CA SER CB 215 -1.71 81.54 -42.20
C SER CB 215 -3.17 81.05 -41.99
N GLY CB 216 -4.11 81.46 -42.82
CA GLY CB 216 -5.53 81.07 -42.73
C GLY CB 216 -6.34 81.15 -44.00
N ASP CB 217 -7.60 80.74 -43.96
CA ASP CB 217 -8.55 80.72 -45.12
C ASP CB 217 -9.80 81.56 -44.91
N TRP CB 218 -10.46 81.97 -45.99
CA TRP CB 218 -11.71 82.78 -45.95
C TRP CB 218 -12.94 81.96 -45.57
N HIS CB 219 -13.63 82.37 -44.52
CA HIS CB 219 -14.92 81.74 -44.13
C HIS CB 219 -16.04 82.77 -44.00
N CYS CB 220 -17.04 82.79 -44.88
CA CYS CB 220 -18.21 83.67 -44.71
C CYS CB 220 -19.45 82.79 -44.87
N ASP CB 221 -20.18 82.50 -43.79
CA ASP CB 221 -21.31 81.53 -43.88
C ASP CB 221 -22.34 81.60 -42.74
N SER CB 222 -23.55 81.07 -42.94
CA SER CB 222 -24.55 80.88 -41.86
C SER CB 222 -24.97 79.40 -41.84
N THR CB 223 -25.04 78.77 -40.68
CA THR CB 223 -25.57 77.39 -40.56
C THR CB 223 -26.72 77.38 -39.57
N TRP CB 224 -27.87 76.85 -39.95
CA TRP CB 224 -29.07 76.77 -39.08
C TRP CB 224 -29.29 75.33 -38.65
N MET CB 225 -29.30 75.07 -37.35
CA MET CB 225 -29.46 73.71 -36.79
C MET CB 225 -30.49 73.64 -35.65
N GLY CB 226 -31.80 73.62 -35.92
CA GLY CB 226 -32.81 73.66 -34.83
C GLY CB 226 -32.78 74.93 -34.02
N ASP CB 227 -32.57 74.84 -32.71
CA ASP CB 227 -32.53 76.00 -31.77
C ASP CB 227 -31.27 76.87 -31.92
N ARG CB 228 -30.25 76.45 -32.67
CA ARG CB 228 -28.96 77.19 -32.78
C ARG CB 228 -28.66 77.69 -34.21
N VAL CB 229 -28.14 78.91 -34.34
CA VAL CB 229 -27.65 79.43 -35.64
C VAL CB 229 -26.17 79.85 -35.43
N VAL CB 230 -25.25 79.48 -36.33
CA VAL CB 230 -23.82 79.90 -36.28
C VAL CB 230 -23.52 80.88 -37.43
N THR CB 231 -22.92 82.02 -37.13
CA THR CB 231 -22.55 83.02 -38.18
C THR CB 231 -21.02 83.13 -38.31
N LYS CB 232 -20.49 83.10 -39.53
CA LYS CB 232 -19.04 83.30 -39.81
C LYS CB 232 -18.87 84.53 -40.72
N SER CB 233 -17.96 85.43 -40.38
CA SER CB 233 -17.69 86.68 -41.16
C SER CB 233 -16.18 86.89 -41.36
N THR CB 234 -15.74 87.14 -42.59
CA THR CB 234 -14.32 87.44 -42.90
C THR CB 234 -14.19 88.79 -43.59
N ARG CB 235 -13.24 89.62 -43.16
CA ARG CB 235 -12.98 90.96 -43.78
C ARG CB 235 -11.47 91.24 -43.97
N THR CB 236 -11.14 92.16 -44.86
CA THR CB 236 -9.75 92.64 -45.08
C THR CB 236 -9.61 94.03 -44.45
N TRP CB 237 -8.58 94.24 -43.64
CA TRP CB 237 -8.33 95.52 -42.89
C TRP CB 237 -6.98 96.17 -43.22
N VAL CB 238 -6.88 97.48 -43.02
CA VAL CB 238 -5.62 98.26 -43.15
C VAL CB 238 -5.31 98.97 -41.83
N LEU CB 239 -4.06 98.96 -41.37
CA LEU CB 239 -3.64 99.71 -40.15
C LEU CB 239 -2.63 100.83 -40.42
N PRO CB 240 -2.99 102.09 -40.14
CA PRO CB 240 -2.03 103.21 -40.17
C PRO CB 240 -1.07 103.28 -38.99
N SER CB 241 0.08 103.92 -39.14
CA SER CB 241 0.93 104.17 -37.94
C SER CB 241 0.48 105.48 -37.30
N TYR CB 242 -0.42 105.44 -36.31
CA TYR CB 242 -1.03 106.66 -35.70
C TYR CB 242 -0.14 107.39 -34.71
N ASN CB 243 -0.05 108.73 -34.80
CA ASN CB 243 0.67 109.58 -33.81
C ASN CB 243 2.18 109.54 -34.03
N ASN CB 244 2.65 108.89 -35.10
CA ASN CB 244 4.11 108.70 -35.38
C ASN CB 244 4.80 108.02 -34.19
N HIS CB 245 4.19 106.98 -33.60
CA HIS CB 245 4.77 106.17 -32.48
C HIS CB 245 4.78 106.91 -31.13
N GLN CB 246 3.89 107.85 -30.92
CA GLN CB 246 3.88 108.68 -29.68
C GLN CB 246 2.49 108.74 -29.00
N TYR CB 247 2.45 109.02 -27.71
CA TYR CB 247 1.21 109.20 -26.92
C TYR CB 247 1.02 110.68 -26.75
N ARG CB 248 -0.17 111.20 -27.02
CA ARG CB 248 -0.40 112.66 -26.96
C ARG CB 248 -1.52 113.06 -25.98
N GLU CB 249 -1.25 114.07 -25.14
CA GLU CB 249 -2.33 114.61 -24.28
C GLU CB 249 -3.32 115.42 -25.13
N ILE CB 250 -4.61 115.16 -24.95
CA ILE CB 250 -5.70 115.79 -25.76
C ILE CB 250 -6.69 116.48 -24.81
N LYS CB 251 -7.24 117.60 -25.21
CA LYS CB 251 -8.13 118.36 -24.28
C LYS CB 251 -9.08 119.28 -25.04
N SER CB 252 -10.20 119.63 -24.44
CA SER CB 252 -11.09 120.64 -25.05
C SER CB 252 -11.68 121.62 -24.02
N GLY CB 253 -11.87 122.88 -24.38
CA GLY CB 253 -12.67 123.87 -23.63
C GLY CB 253 -14.13 123.85 -24.13
N SER CB 254 -14.95 124.81 -23.73
CA SER CB 254 -16.37 124.94 -24.19
C SER CB 254 -16.47 125.20 -25.70
N VAL CB 255 -17.38 124.52 -26.41
CA VAL CB 255 -17.53 124.64 -27.88
C VAL CB 255 -19.02 124.65 -28.23
N ASP CB 256 -19.43 125.40 -29.25
CA ASP CB 256 -20.86 125.49 -29.71
C ASP CB 256 -21.72 126.04 -28.56
N GLY CB 257 -21.15 126.86 -27.70
CA GLY CB 257 -21.88 127.40 -26.55
C GLY CB 257 -21.97 126.49 -25.34
N SER CB 258 -21.33 125.31 -25.30
CA SER CB 258 -21.55 124.42 -24.13
C SER CB 258 -20.30 123.96 -23.38
N ASN CB 259 -20.28 124.10 -22.05
CA ASN CB 259 -19.20 123.56 -21.15
C ASN CB 259 -19.27 122.03 -21.01
N ALA CB 260 -20.39 121.38 -21.34
CA ALA CB 260 -20.59 119.89 -21.33
C ALA CB 260 -19.63 119.29 -22.37
N ASN CB 261 -19.28 120.06 -23.40
CA ASN CB 261 -18.27 119.74 -24.45
C ASN CB 261 -16.83 119.59 -23.90
N ALA CB 262 -16.40 120.33 -22.87
CA ALA CB 262 -15.03 120.27 -22.28
C ALA CB 262 -14.60 118.90 -21.75
N TYR CB 263 -13.35 118.49 -21.99
CA TYR CB 263 -12.79 117.19 -21.56
C TYR CB 263 -11.25 117.26 -21.44
N PHE CB 264 -10.65 116.31 -20.70
CA PHE CB 264 -9.18 116.12 -20.61
C PHE CB 264 -8.93 114.62 -20.95
N GLY CB 265 -7.95 114.30 -21.80
CA GLY CB 265 -7.71 112.92 -22.26
C GLY CB 265 -6.37 112.59 -22.90
N TYR CB 266 -6.20 111.33 -23.27
CA TYR CB 266 -4.98 110.86 -24.00
C TYR CB 266 -5.31 110.20 -25.37
N SER CB 267 -4.50 110.47 -26.40
CA SER CB 267 -4.60 109.76 -27.72
C SER CB 267 -3.43 108.77 -27.79
N THR CB 268 -3.63 107.63 -28.42
CA THR CB 268 -2.61 106.53 -28.39
C THR CB 268 -2.17 106.10 -29.78
N PRO CB 269 -0.98 105.47 -29.90
CA PRO CB 269 -0.48 104.89 -31.15
C PRO CB 269 -1.26 103.68 -31.70
N TRP CB 270 -1.98 102.94 -30.87
CA TRP CB 270 -2.77 101.72 -31.18
C TRP CB 270 -4.11 101.90 -31.91
N GLY CB 271 -4.57 100.82 -32.54
CA GLY CB 271 -5.88 100.72 -33.20
C GLY CB 271 -6.62 99.52 -32.66
N TYR CB 272 -7.93 99.48 -32.81
CA TYR CB 272 -8.75 98.39 -32.22
C TYR CB 272 -9.76 97.81 -33.23
N PHE CB 273 -10.21 96.59 -32.99
CA PHE CB 273 -11.26 95.91 -33.82
C PHE CB 273 -12.63 95.97 -33.10
N ASP CB 274 -13.68 96.47 -33.76
CA ASP CB 274 -15.06 96.57 -33.22
C ASP CB 274 -16.05 95.72 -34.05
N PHE CB 275 -16.77 94.81 -33.41
CA PHE CB 275 -17.82 94.00 -34.09
C PHE CB 275 -19.25 94.25 -33.53
N ASN CB 276 -19.51 95.31 -32.75
CA ASN CB 276 -20.85 95.47 -32.11
C ASN CB 276 -21.87 96.12 -33.06
N ARG CB 277 -22.15 95.52 -34.22
CA ARG CB 277 -23.22 95.92 -35.15
C ARG CB 277 -23.78 94.58 -35.71
N PHE CB 278 -25.09 94.43 -35.88
CA PHE CB 278 -25.74 93.20 -36.42
C PHE CB 278 -25.35 92.90 -37.90
N HIS CB 279 -25.23 93.91 -38.77
CA HIS CB 279 -24.90 93.80 -40.23
C HIS CB 279 -23.48 93.20 -40.39
N SER CB 280 -22.61 93.32 -39.39
CA SER CB 280 -21.27 92.69 -39.34
C SER CB 280 -21.39 91.15 -39.37
N HIS CB 281 -22.37 90.57 -38.71
CA HIS CB 281 -22.61 89.10 -38.67
C HIS CB 281 -23.78 88.59 -39.52
N TRP CB 282 -24.71 89.44 -39.96
CA TRP CB 282 -25.97 88.95 -40.58
C TRP CB 282 -26.21 89.47 -41.99
N SER CB 283 -26.50 88.57 -42.92
CA SER CB 283 -26.94 88.96 -44.28
C SER CB 283 -28.38 89.51 -44.19
N PRO CB 284 -28.82 90.36 -45.13
CA PRO CB 284 -30.20 90.81 -45.13
C PRO CB 284 -31.22 89.69 -45.29
N ARG CB 285 -30.99 88.68 -46.13
CA ARG CB 285 -31.88 87.49 -46.22
C ARG CB 285 -31.93 86.66 -44.93
N ASP CB 286 -30.81 86.44 -44.26
CA ASP CB 286 -30.72 85.69 -42.96
C ASP CB 286 -31.48 86.42 -41.84
N TRP CB 287 -31.39 87.74 -41.80
CA TRP CB 287 -32.14 88.58 -40.84
C TRP CB 287 -33.66 88.46 -41.05
N GLN CB 288 -34.13 88.42 -42.29
CA GLN CB 288 -35.56 88.21 -42.65
C GLN CB 288 -36.06 86.84 -42.19
N ARG CB 289 -35.25 85.81 -42.33
CA ARG CB 289 -35.61 84.46 -41.86
C ARG CB 289 -35.80 84.43 -40.33
N LEU CB 290 -34.94 85.06 -39.55
CA LEU CB 290 -35.14 85.18 -38.08
C LEU CB 290 -36.35 86.01 -37.58
N ILE CB 291 -36.60 87.18 -38.16
CA ILE CB 291 -37.70 88.11 -37.73
C ILE CB 291 -39.08 87.50 -38.02
N ASN CB 292 -39.22 86.83 -39.14
CA ASN CB 292 -40.45 86.12 -39.59
C ASN CB 292 -40.82 84.90 -38.73
N ASN CB 293 -39.87 84.11 -38.23
CA ASN CB 293 -40.18 82.79 -37.58
C ASN CB 293 -39.88 82.55 -36.11
N TYR CB 294 -39.33 83.49 -35.35
CA TYR CB 294 -38.89 83.22 -33.96
C TYR CB 294 -39.38 84.25 -32.94
N TRP CB 295 -39.78 83.81 -31.75
CA TRP CB 295 -40.13 84.70 -30.60
C TRP CB 295 -38.92 85.48 -30.01
N GLY CB 296 -37.76 84.85 -29.91
CA GLY CB 296 -36.59 85.48 -29.29
C GLY CB 296 -35.25 84.95 -29.71
N PHE CB 297 -34.19 85.71 -29.45
CA PHE CB 297 -32.80 85.27 -29.73
C PHE CB 297 -31.82 85.78 -28.64
N ARG CB 298 -30.70 85.10 -28.38
CA ARG CB 298 -29.63 85.58 -27.46
C ARG CB 298 -28.20 85.13 -27.92
N PRO CB 299 -27.11 85.91 -27.69
CA PRO CB 299 -25.72 85.44 -27.94
C PRO CB 299 -25.13 84.39 -26.97
N ARG CB 300 -24.33 83.44 -27.45
CA ARG CB 300 -23.76 82.36 -26.60
C ARG CB 300 -22.23 82.34 -26.62
N SER CB 301 -21.62 82.31 -27.81
CA SER CB 301 -20.13 82.16 -27.92
C SER CB 301 -19.51 83.05 -29.00
N LEU CB 302 -18.25 83.45 -28.80
CA LEU CB 302 -17.49 84.22 -29.81
C LEU CB 302 -16.08 83.63 -30.07
N ARG CB 303 -15.65 83.52 -31.33
CA ARG CB 303 -14.25 83.12 -31.70
C ARG CB 303 -13.65 84.15 -32.67
N VAL CB 304 -12.41 84.62 -32.42
CA VAL CB 304 -11.71 85.60 -33.32
C VAL CB 304 -10.33 85.09 -33.82
N LYS CB 305 -10.04 85.21 -35.12
CA LYS CB 305 -8.71 84.89 -35.71
C LYS CB 305 -8.14 86.08 -36.53
N ILE CB 306 -6.86 86.44 -36.34
CA ILE CB 306 -6.15 87.48 -37.16
C ILE CB 306 -5.00 86.78 -37.91
N PHE CB 307 -4.89 86.96 -39.24
CA PHE CB 307 -3.98 86.15 -40.12
C PHE CB 307 -3.59 86.84 -41.43
N ASN CB 308 -2.64 86.27 -42.20
CA ASN CB 308 -2.12 86.76 -43.53
C ASN CB 308 -1.56 88.17 -43.44
N ILE CB 309 -0.79 88.43 -42.39
CA ILE CB 309 -0.20 89.76 -42.12
C ILE CB 309 0.83 90.20 -43.18
N GLN CB 310 0.77 91.46 -43.60
CA GLN CB 310 1.72 92.03 -44.59
C GLN CB 310 2.14 93.44 -44.14
N VAL CB 311 3.44 93.65 -43.94
CA VAL CB 311 3.98 94.96 -43.49
C VAL CB 311 4.66 95.62 -44.69
N LYS CB 312 4.35 96.88 -44.95
CA LYS CB 312 4.86 97.65 -46.11
C LYS CB 312 5.62 98.91 -45.68
N GLU CB 313 6.71 99.23 -46.36
CA GLU CB 313 7.48 100.47 -46.07
C GLU CB 313 7.27 101.47 -47.22
N VAL CB 314 7.01 102.72 -46.87
CA VAL CB 314 6.72 103.77 -47.88
C VAL CB 314 7.91 104.73 -47.87
N THR CB 315 8.47 105.03 -49.04
CA THR CB 315 9.64 105.92 -49.16
C THR CB 315 9.36 106.99 -50.17
N VAL CB 316 9.75 108.23 -49.88
CA VAL CB 316 9.61 109.29 -50.93
C VAL CB 316 10.97 109.87 -51.31
N GLN CB 317 11.33 109.86 -52.60
CA GLN CB 317 12.55 110.59 -53.05
C GLN CB 317 12.08 111.53 -54.17
N ASP CB 318 12.21 112.84 -53.98
CA ASP CB 318 11.86 113.80 -55.06
C ASP CB 318 10.43 113.56 -55.56
N SER CB 319 9.48 113.23 -54.67
CA SER CB 319 8.04 113.09 -55.04
C SER CB 319 7.66 111.74 -55.71
N THR CB 320 8.57 110.77 -55.84
CA THR CB 320 8.22 109.43 -56.40
C THR CB 320 7.23 108.61 -55.57
N THR CB 321 7.30 108.58 -54.24
CA THR CB 321 6.44 107.71 -53.36
C THR CB 321 6.44 106.19 -53.64
N THR CB 322 7.58 105.51 -53.76
CA THR CB 322 7.62 104.02 -53.87
C THR CB 322 7.15 103.27 -52.62
N ILE CB 323 6.46 102.13 -52.79
CA ILE CB 323 5.97 101.25 -51.69
C ILE CB 323 6.58 99.84 -51.82
N ALA CB 324 7.12 99.27 -50.73
CA ALA CB 324 7.77 97.94 -50.75
C ALA CB 324 7.45 97.07 -49.54
N ASN CB 325 7.53 95.75 -49.68
CA ASN CB 325 7.37 94.82 -48.54
C ASN CB 325 8.56 94.81 -47.57
N ASN CB 326 8.32 94.78 -46.26
CA ASN CB 326 9.41 94.55 -45.29
C ASN CB 326 9.10 93.21 -44.61
N LEU CB 327 9.87 92.16 -44.89
CA LEU CB 327 9.70 90.78 -44.34
C LEU CB 327 9.98 90.65 -42.83
N THR CB 328 10.96 91.37 -42.33
CA THR CB 328 11.41 91.23 -40.91
C THR CB 328 10.63 92.13 -39.92
N SER CB 329 9.74 93.02 -40.38
CA SER CB 329 8.89 93.90 -39.50
C SER CB 329 7.78 93.14 -38.74
N THR CB 330 7.38 93.66 -37.57
CA THR CB 330 6.38 92.98 -36.69
C THR CB 330 5.12 93.80 -36.40
N VAL CB 331 4.05 93.13 -36.04
CA VAL CB 331 2.79 93.74 -35.57
C VAL CB 331 2.59 93.23 -34.12
N GLN CB 332 2.03 94.04 -33.22
CA GLN CB 332 1.77 93.66 -31.79
C GLN CB 332 0.26 93.59 -31.45
N VAL CB 333 -0.20 92.49 -30.87
CA VAL CB 333 -1.65 92.25 -30.58
C VAL CB 333 -1.90 91.81 -29.12
N PHE CB 334 -2.93 92.33 -28.47
CA PHE CB 334 -3.36 91.90 -27.10
C PHE CB 334 -4.88 92.03 -26.84
N THR CB 335 -5.40 91.30 -25.87
CA THR CB 335 -6.83 91.42 -25.42
C THR CB 335 -6.86 91.87 -23.97
N ASP CB 336 -7.72 92.84 -23.63
CA ASP CB 336 -7.88 93.35 -22.23
C ASP CB 336 -8.89 92.50 -21.44
N ASP CB 337 -8.48 91.32 -20.99
CA ASP CB 337 -9.34 90.34 -20.28
C ASP CB 337 -9.91 90.76 -18.91
N ASP CB 338 -9.16 91.48 -18.07
CA ASP CB 338 -9.57 91.89 -16.70
C ASP CB 338 -10.24 93.27 -16.66
N TYR CB 339 -10.46 93.93 -17.79
CA TYR CB 339 -11.21 95.23 -17.90
C TYR CB 339 -10.49 96.37 -17.18
N GLN CB 340 -9.17 96.33 -17.14
CA GLN CB 340 -8.33 97.40 -16.57
C GLN CB 340 -8.40 98.70 -17.39
N LEU CB 341 -8.46 98.61 -18.70
CA LEU CB 341 -8.58 99.80 -19.59
C LEU CB 341 -9.97 100.39 -19.66
N PRO CB 342 -10.10 101.69 -19.98
CA PRO CB 342 -11.42 102.23 -20.28
C PRO CB 342 -12.06 101.57 -21.52
N TYR CB 343 -13.33 101.18 -21.46
CA TYR CB 343 -14.01 100.44 -22.56
C TYR CB 343 -14.83 101.40 -23.42
N VAL CB 344 -14.40 101.60 -24.66
CA VAL CB 344 -15.04 102.59 -25.56
C VAL CB 344 -15.92 101.90 -26.62
N VAL CB 345 -15.99 100.57 -26.64
CA VAL CB 345 -16.72 99.77 -27.68
C VAL CB 345 -18.27 99.98 -27.73
N GLY CB 346 -18.98 100.16 -26.64
CA GLY CB 346 -20.48 100.16 -26.62
C GLY CB 346 -21.19 101.51 -26.71
N ASN CB 347 -20.58 102.54 -27.28
CA ASN CB 347 -21.06 103.95 -27.29
C ASN CB 347 -21.57 104.46 -28.67
N GLY CB 348 -21.98 103.60 -29.62
CA GLY CB 348 -22.50 103.96 -30.97
C GLY CB 348 -21.56 104.68 -31.89
N THR CB 349 -20.29 104.31 -31.87
CA THR CB 349 -19.24 104.95 -32.69
C THR CB 349 -18.91 104.16 -33.95
N GLU CB 350 -18.43 104.86 -34.96
CA GLU CB 350 -18.00 104.28 -36.27
C GLU CB 350 -16.66 103.50 -36.24
N GLY CB 351 -16.36 102.71 -37.27
CA GLY CB 351 -15.16 101.83 -37.31
C GLY CB 351 -15.39 100.34 -37.12
N CYS CB 352 -16.63 99.85 -37.05
CA CYS CB 352 -16.96 98.39 -37.00
C CYS CB 352 -16.74 97.71 -38.36
N LEU CB 353 -16.68 96.39 -38.37
CA LEU CB 353 -16.54 95.63 -39.65
C LEU CB 353 -17.72 95.95 -40.56
N PRO CB 354 -17.46 96.10 -41.88
CA PRO CB 354 -18.52 96.47 -42.82
C PRO CB 354 -19.68 95.49 -43.10
N ALA CB 355 -20.86 96.01 -43.44
CA ALA CB 355 -22.07 95.21 -43.79
C ALA CB 355 -21.82 94.33 -45.02
N PHE CB 356 -21.10 94.82 -46.04
CA PHE CB 356 -20.87 94.08 -47.31
C PHE CB 356 -19.50 93.41 -47.25
N PRO CB 357 -19.40 92.06 -47.40
CA PRO CB 357 -18.13 91.32 -47.31
C PRO CB 357 -16.90 91.73 -48.15
N PRO CB 358 -17.03 92.14 -49.43
CA PRO CB 358 -15.94 92.67 -50.26
C PRO CB 358 -15.30 94.01 -49.84
N GLN CB 359 -15.99 94.84 -49.08
CA GLN CB 359 -15.50 96.18 -48.65
C GLN CB 359 -14.26 96.09 -47.74
N VAL CB 360 -13.30 96.98 -47.94
CA VAL CB 360 -12.01 96.96 -47.19
C VAL CB 360 -12.02 98.17 -46.24
N PHE CB 361 -11.62 97.96 -44.99
CA PHE CB 361 -11.78 99.04 -43.96
C PHE CB 361 -10.52 99.44 -43.16
N THR CB 362 -10.46 100.73 -42.80
CA THR CB 362 -9.44 101.26 -41.89
C THR CB 362 -9.83 101.07 -40.43
N LEU CB 363 -8.94 100.57 -39.58
CA LEU CB 363 -9.17 100.45 -38.10
C LEU CB 363 -9.19 101.81 -37.39
N PRO CB 364 -10.12 102.01 -36.44
CA PRO CB 364 -10.13 103.22 -35.62
C PRO CB 364 -8.96 103.38 -34.62
N GLN CB 365 -8.49 104.61 -34.39
CA GLN CB 365 -7.47 104.88 -33.35
C GLN CB 365 -8.06 104.93 -31.92
N TYR CB 366 -7.44 104.25 -30.95
CA TYR CB 366 -7.83 104.26 -29.51
C TYR CB 366 -7.51 105.58 -28.78
N GLY CB 367 -8.42 106.02 -27.92
CA GLY CB 367 -8.31 107.24 -27.12
C GLY CB 367 -9.31 107.15 -26.01
N TYR CB 368 -9.20 108.02 -25.01
CA TYR CB 368 -10.16 108.04 -23.85
C TYR CB 368 -10.22 109.41 -23.20
N ALA CB 369 -11.29 109.67 -22.47
CA ALA CB 369 -11.40 110.87 -21.63
C ALA CB 369 -11.32 110.47 -20.16
N THR CB 370 -10.51 111.14 -19.35
CA THR CB 370 -10.46 110.97 -17.87
C THR CB 370 -11.20 112.15 -17.25
N LEU CB 371 -10.91 112.47 -15.99
CA LEU CB 371 -11.49 113.62 -15.27
C LEU CB 371 -10.99 115.00 -15.75
N ASN CB 372 -11.87 116.00 -15.67
CA ASN CB 372 -11.55 117.40 -16.08
C ASN CB 372 -11.97 118.28 -14.90
N ARG CB 373 -11.33 119.42 -14.70
CA ARG CB 373 -11.60 120.26 -13.50
C ARG CB 373 -12.52 121.45 -13.77
N ASP CB 374 -13.63 121.56 -13.04
CA ASP CB 374 -14.61 122.70 -13.11
C ASP CB 374 -15.17 123.00 -14.50
N ASN CB 375 -15.50 121.98 -15.28
CA ASN CB 375 -16.05 122.15 -16.67
C ASN CB 375 -15.06 122.96 -17.54
N THR CB 376 -13.76 122.67 -17.43
CA THR CB 376 -12.65 123.32 -18.19
C THR CB 376 -11.71 122.25 -18.78
N GLU CB 377 -10.75 122.59 -19.63
CA GLU CB 377 -9.79 121.65 -20.29
C GLU CB 377 -8.70 121.07 -19.34
N ASN CB 378 -8.50 121.66 -18.17
CA ASN CB 378 -7.51 121.22 -17.15
C ASN CB 378 -7.83 119.92 -16.42
N PRO CB 379 -6.81 119.12 -16.07
CA PRO CB 379 -6.93 117.92 -15.23
C PRO CB 379 -7.06 118.07 -13.68
N THR CB 380 -7.33 116.99 -12.98
CA THR CB 380 -7.47 116.89 -11.51
C THR CB 380 -6.43 115.91 -10.99
N GLU CB 381 -6.18 115.88 -9.68
CA GLU CB 381 -5.27 114.89 -9.02
C GLU CB 381 -5.78 113.46 -9.21
N ARG CB 382 -7.08 113.23 -9.19
CA ARG CB 382 -7.73 111.91 -9.46
C ARG CB 382 -7.57 111.47 -10.94
N SER CB 383 -7.30 112.38 -11.88
CA SER CB 383 -7.17 112.08 -13.34
C SER CB 383 -6.06 111.06 -13.59
N SER CB 384 -6.29 110.09 -14.48
CA SER CB 384 -5.41 108.89 -14.69
C SER CB 384 -4.80 108.74 -16.09
N PHE CB 385 -3.57 108.28 -16.14
CA PHE CB 385 -2.88 107.96 -17.42
C PHE CB 385 -2.69 106.44 -17.51
N PHE CB 386 -3.02 105.89 -18.66
CA PHE CB 386 -2.82 104.43 -18.89
C PHE CB 386 -1.87 104.19 -20.05
N CYS CB 387 -0.84 103.35 -19.86
CA CYS CB 387 0.11 102.91 -20.93
C CYS CB 387 -0.26 101.50 -21.44
N LEU CB 388 -0.49 101.32 -22.74
CA LEU CB 388 -0.78 100.01 -23.41
C LEU CB 388 0.44 99.08 -23.42
N GLU CB 389 1.64 99.64 -23.56
CA GLU CB 389 2.92 98.88 -23.61
C GLU CB 389 3.24 98.24 -22.26
N TYR CB 390 2.62 98.70 -21.17
CA TYR CB 390 2.74 98.09 -19.82
C TYR CB 390 2.12 96.68 -19.82
N PHE CB 391 1.05 96.41 -20.52
CA PHE CB 391 0.47 95.05 -20.69
C PHE CB 391 1.33 94.14 -21.55
N PRO CB 392 1.36 92.81 -21.34
CA PRO CB 392 1.98 91.89 -22.31
C PRO CB 392 1.27 91.70 -23.70
N SER CB 393 2.00 91.63 -24.82
CA SER CB 393 1.41 91.45 -26.18
C SER CB 393 2.13 90.40 -27.05
N LYS CB 394 1.42 89.71 -27.92
CA LYS CB 394 2.02 88.79 -28.93
C LYS CB 394 2.71 89.60 -30.06
N MET CB 395 3.86 89.15 -30.55
CA MET CB 395 4.56 89.82 -31.69
C MET CB 395 4.47 88.92 -32.95
N LEU CB 396 4.01 89.50 -34.06
CA LEU CB 396 3.82 88.69 -35.29
C LEU CB 396 4.57 89.18 -36.52
N ARG CB 397 5.30 88.29 -37.17
CA ARG CB 397 5.88 88.52 -38.53
C ARG CB 397 4.86 88.01 -39.59
N THR CB 398 5.15 88.08 -40.89
CA THR CB 398 4.29 87.66 -42.05
C THR CB 398 3.80 86.21 -41.96
N GLY CB 399 4.60 85.24 -41.50
CA GLY CB 399 4.22 83.84 -41.20
C GLY CB 399 3.22 83.63 -40.08
N ASN CB 400 3.24 84.43 -39.02
CA ASN CB 400 2.46 84.30 -37.76
C ASN CB 400 0.95 84.63 -37.76
N ASN CB 401 0.20 84.06 -36.83
CA ASN CB 401 -1.28 84.26 -36.68
C ASN CB 401 -1.67 84.41 -35.20
N PHE CB 402 -2.83 85.02 -34.90
CA PHE CB 402 -3.38 85.16 -33.52
C PHE CB 402 -4.82 84.61 -33.40
N GLU CB 403 -5.15 83.93 -32.30
CA GLU CB 403 -6.53 83.44 -32.06
C GLU CB 403 -7.06 83.75 -30.63
N PHE CB 404 -8.36 84.03 -30.46
CA PHE CB 404 -9.02 84.23 -29.13
C PHE CB 404 -10.42 83.53 -29.07
N THR CB 405 -10.86 83.09 -27.89
CA THR CB 405 -12.22 82.48 -27.66
C THR CB 405 -12.92 83.15 -26.47
N TYR CB 406 -14.22 83.39 -26.54
CA TYR CB 406 -15.02 83.99 -25.43
C TYR CB 406 -16.38 83.29 -25.22
N ASN CB 407 -16.88 83.22 -23.98
CA ASN CB 407 -18.25 82.72 -23.67
C ASN CB 407 -19.08 83.84 -23.04
N PHE CB 408 -20.29 84.04 -23.53
CA PHE CB 408 -21.20 85.09 -22.99
C PHE CB 408 -21.80 84.60 -21.67
N GLU CB 409 -22.08 85.50 -20.73
CA GLU CB 409 -22.81 85.18 -19.47
C GLU CB 409 -24.30 84.92 -19.76
N GLU CB 410 -25.00 84.23 -18.87
CA GLU CB 410 -26.46 84.06 -19.07
C GLU CB 410 -27.15 85.43 -19.10
N VAL CB 411 -28.02 85.62 -20.09
CA VAL CB 411 -28.70 86.93 -20.30
C VAL CB 411 -30.13 86.58 -20.74
N PRO CB 412 -31.14 87.43 -20.50
CA PRO CB 412 -32.48 87.18 -21.04
C PRO CB 412 -32.59 87.29 -22.57
N PHE CB 413 -33.43 86.49 -23.23
CA PHE CB 413 -33.68 86.57 -24.70
C PHE CB 413 -34.32 87.90 -25.07
N HIS CB 414 -33.94 88.51 -26.19
CA HIS CB 414 -34.66 89.70 -26.73
C HIS CB 414 -36.07 89.26 -27.17
N SER CB 415 -37.07 90.12 -27.00
CA SER CB 415 -38.46 89.80 -27.40
C SER CB 415 -38.78 90.25 -28.83
N SER CB 416 -38.77 89.33 -29.80
CA SER CB 416 -39.13 89.61 -31.21
C SER CB 416 -40.63 89.35 -31.46
N PHE CB 417 -41.50 90.12 -30.85
CA PHE CB 417 -42.96 89.95 -31.00
C PHE CB 417 -43.65 91.26 -30.67
N ALA CB 418 -44.86 91.43 -31.16
CA ALA CB 418 -45.70 92.60 -30.83
C ALA CB 418 -46.92 92.08 -30.07
N PRO CB 419 -47.36 92.78 -28.99
CA PRO CB 419 -48.59 92.42 -28.32
C PRO CB 419 -49.91 92.51 -29.12
N SER CB 420 -50.76 91.50 -28.99
CA SER CB 420 -52.08 91.48 -29.68
C SER CB 420 -53.22 92.01 -28.78
N GLN CB 421 -52.94 92.41 -27.54
CA GLN CB 421 -53.95 93.01 -26.63
C GLN CB 421 -53.47 94.30 -25.95
N ASN CB 422 -54.38 95.24 -25.69
CA ASN CB 422 -54.15 96.45 -24.86
C ASN CB 422 -54.06 96.06 -23.37
N LEU CB 423 -53.18 96.70 -22.60
CA LEU CB 423 -52.95 96.45 -21.15
C LEU CB 423 -54.21 96.75 -20.32
N PHE CB 424 -54.98 97.78 -20.69
CA PHE CB 424 -56.23 98.19 -20.01
C PHE CB 424 -57.53 97.47 -20.51
N LYS CB 425 -57.51 96.57 -21.51
CA LYS CB 425 -58.72 95.89 -22.10
C LYS CB 425 -58.74 94.36 -21.82
N LEU CB 426 -58.23 93.86 -20.70
CA LEU CB 426 -58.07 92.40 -20.41
C LEU CB 426 -59.29 91.70 -19.74
N ALA CB 427 -60.27 92.43 -19.26
CA ALA CB 427 -61.51 91.84 -18.73
C ALA CB 427 -62.32 91.23 -19.88
N ASN CB 428 -63.08 90.16 -19.63
CA ASN CB 428 -63.96 89.59 -20.67
C ASN CB 428 -64.97 90.67 -21.07
N PRO CB 429 -65.19 90.87 -22.39
CA PRO CB 429 -66.16 91.84 -22.88
C PRO CB 429 -67.65 91.53 -22.52
N LEU CB 430 -68.09 90.27 -22.51
CA LEU CB 430 -69.43 89.74 -22.11
C LEU CB 430 -69.83 89.88 -20.63
N VAL CB 431 -68.91 89.76 -19.68
CA VAL CB 431 -69.25 89.70 -18.23
C VAL CB 431 -68.95 90.96 -17.39
N ASP CB 432 -69.90 91.41 -16.56
CA ASP CB 432 -69.72 92.53 -15.58
C ASP CB 432 -68.83 92.19 -14.38
N GLN CB 433 -68.14 93.17 -13.82
CA GLN CB 433 -67.35 93.02 -12.58
C GLN CB 433 -68.21 92.97 -11.29
N TYR CB 434 -67.79 92.27 -10.23
CA TYR CB 434 -68.47 92.32 -8.91
C TYR CB 434 -67.97 93.55 -8.07
N LEU CB 435 -67.55 94.62 -8.71
CA LEU CB 435 -66.89 95.77 -8.04
C LEU CB 435 -67.62 97.08 -8.38
N TYR CB 436 -67.58 98.04 -7.49
CA TYR CB 436 -68.37 99.29 -7.64
C TYR CB 436 -67.48 100.53 -7.52
N ARG CB 437 -67.93 101.62 -8.12
CA ARG CB 437 -67.16 102.89 -8.14
C ARG CB 437 -68.01 104.07 -7.66
N PHE CB 438 -67.37 105.09 -7.13
CA PHE CB 438 -68.09 106.33 -6.71
C PHE CB 438 -68.30 107.19 -7.93
N VAL CB 439 -69.55 107.60 -8.13
CA VAL CB 439 -69.87 108.46 -9.28
C VAL CB 439 -70.48 109.81 -8.90
N SER CB 440 -70.98 109.96 -7.68
CA SER CB 440 -71.81 111.16 -7.40
C SER CB 440 -72.03 111.56 -5.94
N THR CB 441 -72.48 112.79 -5.74
CA THR CB 441 -72.92 113.26 -4.42
C THR CB 441 -74.32 113.83 -4.66
N ASN CB 442 -75.27 113.69 -3.73
CA ASN CB 442 -76.66 114.26 -3.84
C ASN CB 442 -76.74 115.74 -3.38
N ASN CB 443 -77.95 116.33 -3.32
CA ASN CB 443 -78.14 117.77 -2.95
C ASN CB 443 -77.60 117.99 -1.54
N THR CB 444 -77.79 117.07 -0.59
CA THR CB 444 -77.06 117.09 0.69
C THR CB 444 -75.86 116.31 0.25
N GLY CB 445 -74.63 116.62 0.61
CA GLY CB 445 -73.53 115.94 -0.09
C GLY CB 445 -73.27 114.50 0.30
N GLY CB 446 -74.21 113.60 -0.02
CA GLY CB 446 -74.13 112.16 0.34
C GLY CB 446 -73.63 111.32 -0.81
N VAL CB 447 -72.67 110.45 -0.57
CA VAL CB 447 -72.00 109.64 -1.63
C VAL CB 447 -72.89 108.60 -2.33
N GLN CB 448 -72.69 108.41 -3.62
CA GLN CB 448 -73.53 107.49 -4.46
C GLN CB 448 -72.61 106.58 -5.29
N PHE CB 449 -73.07 105.36 -5.58
CA PHE CB 449 -72.22 104.34 -6.25
C PHE CB 449 -72.93 103.64 -7.42
N ASN CB 450 -72.16 103.17 -8.40
CA ASN CB 450 -72.70 102.39 -9.55
C ASN CB 450 -71.82 101.17 -9.80
N LYS CB 451 -72.39 100.07 -10.25
CA LYS CB 451 -71.65 98.83 -10.64
C LYS CB 451 -70.87 99.00 -11.96
N ASN CB 452 -69.79 98.24 -12.12
CA ASN CB 452 -68.96 98.30 -13.34
C ASN CB 452 -69.51 97.31 -14.38
N LEU CB 453 -69.97 97.81 -15.54
CA LEU CB 453 -70.58 97.00 -16.64
C LEU CB 453 -69.58 96.34 -17.60
N ALA CB 454 -70.02 95.32 -18.32
CA ALA CB 454 -69.17 94.61 -19.32
C ALA CB 454 -68.72 95.49 -20.48
N GLY CB 455 -67.42 95.45 -20.81
CA GLY CB 455 -66.81 96.21 -21.92
C GLY CB 455 -66.53 97.67 -21.64
N ARG CB 456 -66.82 98.17 -20.44
CA ARG CB 456 -66.61 99.61 -20.07
C ARG CB 456 -65.17 99.78 -19.52
N TYR CB 457 -64.15 99.75 -20.39
CA TYR CB 457 -62.69 99.78 -20.07
C TYR CB 457 -62.28 101.09 -19.41
N ALA CB 458 -62.98 102.17 -19.71
CA ALA CB 458 -62.77 103.47 -19.08
C ALA CB 458 -62.98 103.38 -17.57
N ASN CB 459 -63.93 102.59 -17.06
CA ASN CB 459 -64.32 102.52 -15.62
C ASN CB 459 -64.06 101.20 -14.89
N THR CB 460 -63.05 100.42 -15.19
CA THR CB 460 -62.86 99.03 -14.71
C THR CB 460 -61.69 99.02 -13.74
N TYR CB 461 -61.72 98.19 -12.71
CA TYR CB 461 -60.60 98.01 -11.77
C TYR CB 461 -59.45 97.36 -12.52
N LYS CB 462 -58.22 97.79 -12.26
CA LYS CB 462 -57.03 97.29 -13.01
C LYS CB 462 -55.95 96.72 -12.12
N ASN CB 463 -55.44 95.53 -12.40
CA ASN CB 463 -54.24 94.93 -11.73
C ASN CB 463 -52.88 95.58 -12.04
N TRP CB 464 -52.64 96.02 -13.27
CA TRP CB 464 -51.28 96.36 -13.73
C TRP CB 464 -51.21 97.73 -14.37
N PHE CB 465 -50.03 98.31 -14.35
CA PHE CB 465 -49.86 99.72 -14.79
C PHE CB 465 -48.79 99.80 -15.85
N PRO CB 466 -48.87 100.82 -16.72
CA PRO CB 466 -47.85 101.08 -17.73
C PRO CB 466 -46.51 101.59 -17.20
N GLY CB 467 -45.45 101.44 -18.00
CA GLY CB 467 -44.06 101.83 -17.63
C GLY CB 467 -43.76 103.32 -17.58
N PRO CB 468 -42.59 103.70 -17.02
CA PRO CB 468 -42.24 105.11 -16.82
C PRO CB 468 -42.10 106.06 -18.02
N MET CB 469 -42.50 107.32 -17.85
CA MET CB 469 -42.51 108.27 -18.99
C MET CB 469 -41.93 109.66 -18.67
N GLY CB 470 -41.28 110.35 -19.61
CA GLY CB 470 -40.92 111.78 -19.48
C GLY CB 470 -41.33 112.51 -20.75
N ARG CB 471 -42.06 113.63 -20.71
CA ARG CB 471 -42.56 114.26 -21.98
C ARG CB 471 -41.44 114.80 -22.91
N THR CB 472 -41.50 114.52 -24.22
CA THR CB 472 -40.54 114.95 -25.26
C THR CB 472 -41.31 115.55 -26.43
N GLN CB 473 -40.80 116.60 -27.05
CA GLN CB 473 -41.53 117.34 -28.13
C GLN CB 473 -41.80 116.46 -29.38
N GLY CB 474 -42.98 116.63 -29.99
CA GLY CB 474 -43.38 115.90 -31.19
C GLY CB 474 -43.32 116.75 -32.45
N TRP CB 475 -42.70 116.22 -33.50
CA TRP CB 475 -42.56 116.93 -34.80
C TRP CB 475 -43.20 116.13 -35.94
N ASN CB 476 -43.97 116.79 -36.79
CA ASN CB 476 -44.62 116.14 -37.96
C ASN CB 476 -43.62 115.88 -39.08
N LEU CB 477 -43.81 114.81 -39.83
CA LEU CB 477 -42.93 114.38 -40.95
C LEU CB 477 -43.82 114.27 -42.20
N GLY CB 478 -43.26 114.27 -43.40
CA GLY CB 478 -44.08 114.25 -44.63
C GLY CB 478 -44.92 115.50 -44.79
N SER CB 479 -46.25 115.35 -44.87
CA SER CB 479 -47.16 116.52 -45.02
C SER CB 479 -46.99 117.43 -43.80
N GLY CB 480 -46.86 116.91 -42.57
CA GLY CB 480 -46.42 117.79 -41.45
C GLY CB 480 -47.26 118.97 -41.11
N VAL CB 481 -46.69 120.18 -41.13
CA VAL CB 481 -47.37 121.46 -40.69
C VAL CB 481 -46.73 122.00 -39.37
N ASN CB 482 -45.46 121.70 -39.08
CA ASN CB 482 -44.67 122.23 -37.91
C ASN CB 482 -44.27 123.71 -37.94
N ARG CB 483 -43.93 124.31 -36.79
CA ARG CB 483 -43.48 125.74 -36.65
C ARG CB 483 -42.16 126.08 -37.37
N ALA CB 484 -42.08 127.23 -38.03
CA ALA CB 484 -40.93 127.67 -38.88
C ALA CB 484 -39.74 128.32 -38.16
N SER CB 485 -38.53 128.20 -38.75
CA SER CB 485 -37.30 128.90 -38.29
C SER CB 485 -36.90 128.63 -36.83
N VAL CB 486 -36.99 127.40 -36.37
CA VAL CB 486 -36.71 127.06 -34.94
C VAL CB 486 -35.26 126.58 -34.74
N SER CB 487 -34.59 127.05 -33.67
CA SER CB 487 -33.29 126.45 -33.27
C SER CB 487 -33.65 125.48 -32.14
N ALA CB 488 -33.42 124.19 -32.30
CA ALA CB 488 -33.84 123.12 -31.36
C ALA CB 488 -33.21 123.10 -29.95
N PHE CB 489 -31.93 123.42 -29.74
CA PHE CB 489 -31.17 123.12 -28.49
C PHE CB 489 -31.70 123.72 -27.16
N ALA CB 490 -32.17 124.96 -27.09
CA ALA CB 490 -32.64 125.58 -25.84
C ALA CB 490 -33.83 124.82 -25.24
N THR CB 491 -34.73 124.30 -26.07
CA THR CB 491 -35.97 123.63 -25.61
C THR CB 491 -35.85 122.11 -25.54
N THR CB 492 -34.68 121.53 -25.77
CA THR CB 492 -34.43 120.06 -25.68
C THR CB 492 -34.41 119.52 -24.25
N ASN CB 493 -34.69 118.23 -24.07
CA ASN CB 493 -34.63 117.53 -22.75
C ASN CB 493 -33.20 117.43 -22.24
N ARG CB 494 -32.98 117.62 -20.94
CA ARG CB 494 -31.59 117.64 -20.38
C ARG CB 494 -31.48 117.02 -19.00
N MET CB 495 -30.31 116.53 -18.62
CA MET CB 495 -30.01 116.05 -17.24
C MET CB 495 -28.75 116.83 -16.80
N GLU CB 496 -28.63 117.18 -15.51
CA GLU CB 496 -27.50 118.00 -15.00
C GLU CB 496 -26.47 117.11 -14.25
N LEU CB 497 -25.20 117.11 -14.63
CA LEU CB 497 -24.12 116.38 -13.91
C LEU CB 497 -22.94 117.31 -13.63
N GLU CB 498 -22.41 117.38 -12.41
CA GLU CB 498 -21.17 118.13 -12.04
C GLU CB 498 -21.20 119.61 -12.45
N GLY CB 499 -22.32 120.30 -12.37
CA GLY CB 499 -22.41 121.68 -12.86
C GLY CB 499 -22.63 121.90 -14.35
N ALA CB 500 -22.87 120.89 -15.17
CA ALA CB 500 -23.16 121.14 -16.61
C ALA CB 500 -24.48 120.51 -17.07
N SER CB 501 -25.14 121.07 -18.10
CA SER CB 501 -26.41 120.54 -18.67
C SER CB 501 -26.10 119.67 -19.89
N TYR CB 502 -26.62 118.46 -19.89
CA TYR CB 502 -26.33 117.52 -21.01
C TYR CB 502 -27.58 117.05 -21.71
N GLN CB 503 -27.55 117.07 -23.03
CA GLN CB 503 -28.63 116.39 -23.78
C GLN CB 503 -28.43 114.89 -23.58
N VAL CB 504 -29.50 114.14 -23.48
CA VAL CB 504 -29.47 112.67 -23.26
C VAL CB 504 -30.33 112.17 -24.43
N PRO CB 505 -29.78 112.13 -25.67
CA PRO CB 505 -30.54 111.90 -26.88
C PRO CB 505 -31.31 110.62 -27.01
N PRO CB 506 -30.93 109.41 -26.58
CA PRO CB 506 -31.89 108.31 -26.59
C PRO CB 506 -32.61 108.63 -25.28
N GLN CB 507 -33.92 108.67 -25.20
CA GLN CB 507 -34.50 108.86 -23.83
C GLN CB 507 -34.45 107.52 -23.06
N PRO CB 508 -34.70 107.43 -21.73
CA PRO CB 508 -34.80 106.15 -21.00
C PRO CB 508 -35.99 105.21 -21.40
N ASN CB 509 -35.89 103.88 -21.28
CA ASN CB 509 -36.94 102.89 -21.72
C ASN CB 509 -38.36 102.98 -21.10
N GLY CB 510 -39.39 102.44 -21.79
CA GLY CB 510 -40.82 102.45 -21.36
C GLY CB 510 -41.75 103.38 -22.10
N MET CB 511 -41.29 104.01 -23.17
CA MET CB 511 -42.16 104.89 -23.97
C MET CB 511 -42.24 104.49 -25.45
N THR CB 512 -43.22 105.01 -26.18
CA THR CB 512 -43.29 104.87 -27.66
C THR CB 512 -43.18 106.25 -28.32
N ASN CB 513 -42.27 106.46 -29.26
CA ASN CB 513 -42.10 107.69 -30.11
C ASN CB 513 -43.25 107.98 -31.11
N ASN CB 514 -43.85 106.99 -31.76
CA ASN CB 514 -44.86 107.19 -32.85
C ASN CB 514 -46.12 106.35 -32.59
N LEU CB 515 -47.31 106.91 -32.77
CA LEU CB 515 -48.61 106.16 -32.62
C LEU CB 515 -48.95 105.03 -33.65
N GLN CB 516 -48.74 105.12 -34.96
CA GLN CB 516 -49.14 104.13 -36.03
C GLN CB 516 -50.00 104.93 -37.01
N GLY CB 517 -49.79 104.77 -38.30
CA GLY CB 517 -50.41 105.81 -39.14
C GLY CB 517 -49.64 107.02 -38.67
N SER CB 518 -50.26 108.05 -38.12
CA SER CB 518 -49.62 109.30 -37.60
C SER CB 518 -48.22 109.68 -38.11
N ASN CB 519 -48.06 110.97 -38.38
CA ASN CB 519 -46.77 111.51 -38.86
C ASN CB 519 -46.08 112.29 -37.72
N THR CB 520 -46.58 112.20 -36.50
CA THR CB 520 -45.93 112.82 -35.33
C THR CB 520 -44.90 111.87 -34.73
N TYR CB 521 -43.69 112.36 -34.54
CA TYR CB 521 -42.58 111.56 -33.97
C TYR CB 521 -41.93 112.36 -32.90
N ALA CB 522 -41.60 111.71 -31.80
CA ALA CB 522 -40.79 112.43 -30.81
C ALA CB 522 -39.33 112.16 -31.21
N LEU CB 523 -38.64 113.13 -31.82
CA LEU CB 523 -37.29 112.98 -32.44
C LEU CB 523 -36.16 112.61 -31.46
N GLU CB 524 -36.19 113.13 -30.23
CA GLU CB 524 -35.16 112.80 -29.21
C GLU CB 524 -35.41 111.43 -28.56
N ASN CB 525 -36.51 110.74 -28.85
CA ASN CB 525 -36.76 109.34 -28.41
C ASN CB 525 -36.51 108.34 -29.55
N THR CB 526 -35.98 108.77 -30.69
CA THR CB 526 -35.83 107.87 -31.88
C THR CB 526 -34.39 107.67 -32.29
N MET CB 527 -34.01 106.44 -32.64
CA MET CB 527 -32.70 106.18 -33.28
C MET CB 527 -32.73 106.68 -34.73
N ILE CB 528 -31.80 107.56 -35.11
CA ILE CB 528 -31.69 108.09 -36.50
C ILE CB 528 -30.37 107.61 -37.13
N PHE CB 529 -30.43 107.08 -38.35
CA PHE CB 529 -29.27 106.47 -39.05
C PHE CB 529 -29.16 107.02 -40.45
N ASN CB 530 -28.00 106.91 -41.08
CA ASN CB 530 -27.77 107.30 -42.49
C ASN CB 530 -27.68 106.03 -43.34
N SER CB 531 -28.30 105.99 -44.52
CA SER CB 531 -28.18 104.85 -45.47
C SER CB 531 -26.74 104.67 -45.93
N GLN CB 532 -26.02 105.77 -46.18
CA GLN CB 532 -24.62 105.75 -46.68
C GLN CB 532 -23.65 106.21 -45.58
N PRO CB 533 -22.40 105.69 -45.53
CA PRO CB 533 -21.38 106.18 -44.60
C PRO CB 533 -20.93 107.61 -44.91
N ALA CB 534 -20.49 108.34 -43.89
CA ALA CB 534 -20.14 109.76 -44.05
C ALA CB 534 -18.67 110.05 -43.77
N ASN CB 535 -18.15 111.11 -44.38
CA ASN CB 535 -16.77 111.58 -44.12
C ASN CB 535 -16.68 112.17 -42.71
N PRO CB 536 -15.53 112.04 -42.02
CA PRO CB 536 -15.37 112.63 -40.70
C PRO CB 536 -15.45 114.16 -40.58
N GLY CB 537 -16.14 114.67 -39.56
CA GLY CB 537 -16.23 116.11 -39.29
C GLY CB 537 -17.25 116.86 -40.11
N THR CB 538 -18.11 116.16 -40.85
CA THR CB 538 -19.08 116.84 -41.72
C THR CB 538 -20.01 117.72 -40.88
N THR CB 539 -20.31 118.92 -41.35
CA THR CB 539 -21.26 119.85 -40.68
C THR CB 539 -22.46 120.09 -41.58
N ALA CB 540 -22.63 119.29 -42.64
CA ALA CB 540 -23.73 119.44 -43.63
C ALA CB 540 -25.15 119.23 -43.06
N THR CB 541 -26.13 120.02 -43.49
CA THR CB 541 -27.54 119.80 -43.11
C THR CB 541 -28.09 118.59 -43.84
N TYR CB 542 -28.91 117.80 -43.17
CA TYR CB 542 -29.57 116.63 -43.80
C TYR CB 542 -31.07 116.75 -43.66
N LEU CB 543 -31.78 116.59 -44.76
CA LEU CB 543 -33.27 116.53 -44.75
C LEU CB 543 -33.76 115.09 -44.44
N GLU CB 544 -35.05 114.92 -44.23
CA GLU CB 544 -35.69 113.63 -43.84
C GLU CB 544 -35.49 112.50 -44.88
N GLY CB 545 -35.52 112.82 -46.18
CA GLY CB 545 -35.38 111.80 -47.25
C GLY CB 545 -34.05 111.09 -47.18
N ASN CB 546 -32.96 111.77 -46.88
CA ASN CB 546 -31.64 111.11 -46.63
C ASN CB 546 -31.65 110.20 -45.40
N MET CB 547 -32.36 110.54 -44.33
CA MET CB 547 -32.27 109.80 -43.04
C MET CB 547 -33.11 108.50 -42.93
N LEU CB 548 -32.66 107.56 -42.11
CA LEU CB 548 -33.47 106.34 -41.82
C LEU CB 548 -34.03 106.55 -40.41
N ILE CB 549 -35.36 106.68 -40.27
CA ILE CB 549 -35.99 107.00 -38.95
C ILE CB 549 -36.83 105.82 -38.46
N THR CB 550 -36.54 105.31 -37.27
CA THR CB 550 -37.23 104.17 -36.64
C THR CB 550 -38.56 104.54 -35.96
N SER CB 551 -39.46 103.57 -35.83
CA SER CB 551 -40.77 103.74 -35.15
C SER CB 551 -40.91 102.62 -34.12
N GLU CB 552 -41.49 102.90 -32.96
CA GLU CB 552 -41.70 101.92 -31.87
C GLU CB 552 -43.21 101.64 -31.72
N SER CB 553 -44.02 101.84 -32.76
CA SER CB 553 -45.50 101.76 -32.74
C SER CB 553 -46.04 100.38 -32.31
N GLU CB 554 -45.31 99.29 -32.47
CA GLU CB 554 -45.68 97.92 -32.03
C GLU CB 554 -45.87 97.86 -30.49
N THR CB 555 -45.10 98.60 -29.70
CA THR CB 555 -45.11 98.60 -28.22
C THR CB 555 -46.21 99.51 -27.64
N GLN CB 556 -47.00 100.20 -28.45
CA GLN CB 556 -48.04 101.18 -28.03
C GLN CB 556 -49.13 100.54 -27.15
N PRO CB 557 -49.60 99.28 -27.34
CA PRO CB 557 -50.50 98.62 -26.38
C PRO CB 557 -50.04 98.60 -24.91
N VAL CB 558 -48.74 98.57 -24.59
CA VAL CB 558 -48.17 98.71 -23.21
C VAL CB 558 -47.26 99.95 -22.94
N ASN CB 559 -46.93 100.79 -23.91
CA ASN CB 559 -45.94 101.88 -23.67
C ASN CB 559 -46.62 103.22 -23.92
N ARG CB 560 -46.45 104.15 -22.99
CA ARG CB 560 -47.06 105.50 -23.12
C ARG CB 560 -46.38 106.33 -24.23
N VAL CB 561 -47.15 107.19 -24.89
CA VAL CB 561 -46.61 108.10 -25.93
C VAL CB 561 -45.80 109.27 -25.34
N ALA CB 562 -44.58 109.53 -25.83
CA ALA CB 562 -43.65 110.57 -25.36
C ALA CB 562 -44.14 112.01 -25.54
N TYR CB 563 -44.77 112.33 -26.67
CA TYR CB 563 -45.28 113.70 -26.97
C TYR CB 563 -46.43 114.11 -26.00
N ASN CB 564 -47.30 113.19 -25.62
CA ASN CB 564 -48.49 113.46 -24.74
C ASN CB 564 -48.21 113.52 -23.22
N VAL CB 565 -49.08 114.16 -22.43
CA VAL CB 565 -49.04 114.12 -20.92
C VAL CB 565 -49.37 112.70 -20.40
N GLY CB 566 -48.74 112.24 -19.32
CA GLY CB 566 -48.97 110.92 -18.67
C GLY CB 566 -50.31 110.60 -18.03
N GLY CB 567 -50.95 111.55 -17.33
CA GLY CB 567 -52.18 111.29 -16.57
C GLY CB 567 -52.54 112.46 -15.69
N GLN CB 568 -53.50 112.31 -14.77
CA GLN CB 568 -53.93 113.38 -13.82
C GLN CB 568 -53.97 112.85 -12.37
N MET CB 569 -53.71 113.71 -11.36
CA MET CB 569 -53.78 113.40 -9.91
C MET CB 569 -54.49 114.53 -9.15
N ALA CB 570 -55.03 114.27 -7.94
CA ALA CB 570 -55.71 115.28 -7.08
C ALA CB 570 -54.78 116.39 -6.54
N THR CB 571 -55.24 117.64 -6.57
CA THR CB 571 -54.44 118.79 -6.14
C THR CB 571 -55.04 119.52 -4.93
N ASN CB 572 -56.12 119.03 -4.32
CA ASN CB 572 -56.85 119.81 -3.28
C ASN CB 572 -57.66 118.88 -2.39
N ASN CB 573 -58.26 119.44 -1.34
CA ASN CB 573 -59.23 118.69 -0.51
C ASN CB 573 -60.62 119.31 -0.76
N GLN CB 574 -61.61 118.50 -1.14
CA GLN CB 574 -63.02 118.96 -1.37
C GLN CB 574 -63.69 119.32 -0.02
N SER CB 575 -64.65 120.24 -0.04
CA SER CB 575 -65.39 120.69 1.16
C SER CB 575 -66.73 121.22 0.67
N SER CB 576 -67.68 121.51 1.56
CA SER CB 576 -68.93 122.13 1.08
C SER CB 576 -68.60 123.47 0.41
N THR CB 577 -67.69 124.27 0.96
CA THR CB 577 -67.18 125.50 0.31
C THR CB 577 -66.38 125.25 -0.97
N THR CB 578 -65.56 124.21 -1.04
CA THR CB 578 -64.64 124.01 -2.19
C THR CB 578 -64.91 122.82 -3.08
N ALA CB 579 -65.01 123.04 -4.40
CA ALA CB 579 -65.15 121.95 -5.40
C ALA CB 579 -63.85 121.16 -5.57
N PRO CB 580 -63.90 119.85 -5.89
CA PRO CB 580 -62.69 119.07 -6.16
C PRO CB 580 -61.89 119.47 -7.43
N ALA CB 581 -60.57 119.36 -7.42
CA ALA CB 581 -59.68 119.78 -8.53
C ALA CB 581 -58.61 118.72 -8.89
N THR CB 582 -58.19 118.67 -10.15
CA THR CB 582 -57.14 117.75 -10.61
C THR CB 582 -56.04 118.48 -11.36
N GLY CB 583 -54.85 117.89 -11.44
CA GLY CB 583 -53.78 118.47 -12.27
C GLY CB 583 -53.07 117.43 -13.12
N THR CB 584 -52.70 117.77 -14.36
CA THR CB 584 -51.87 116.87 -15.24
C THR CB 584 -50.40 116.80 -14.83
N TYR CB 585 -49.73 115.69 -15.08
CA TYR CB 585 -48.27 115.53 -14.82
C TYR CB 585 -47.49 115.26 -16.16
N ASN CB 586 -46.25 115.77 -16.32
CA ASN CB 586 -45.42 115.59 -17.54
C ASN CB 586 -44.36 114.49 -17.37
N LEU CB 587 -44.17 113.99 -16.14
CA LEU CB 587 -43.20 112.90 -15.88
C LEU CB 587 -43.68 111.94 -14.79
N GLN CB 588 -43.35 110.67 -14.88
CA GLN CB 588 -43.63 109.68 -13.80
C GLN CB 588 -42.54 108.61 -13.87
N GLU CB 589 -42.25 107.93 -12.78
CA GLU CB 589 -41.15 106.95 -12.71
C GLU CB 589 -41.75 105.62 -12.27
N ILE CB 590 -40.92 104.62 -11.99
CA ILE CB 590 -41.39 103.25 -11.65
C ILE CB 590 -42.28 103.16 -10.41
N VAL CB 591 -43.33 102.37 -10.51
CA VAL CB 591 -44.31 102.15 -9.41
C VAL CB 591 -44.44 100.62 -9.31
N PRO CB 592 -44.80 100.04 -8.16
CA PRO CB 592 -45.03 98.59 -8.09
C PRO CB 592 -46.19 98.12 -8.99
N GLY CB 593 -46.07 96.96 -9.65
CA GLY CB 593 -47.07 96.49 -10.65
C GLY CB 593 -46.87 97.05 -12.04
N SER CB 594 -45.78 97.77 -12.29
CA SER CB 594 -45.40 98.35 -13.61
C SER CB 594 -44.93 97.31 -14.64
N VAL CB 595 -45.40 97.42 -15.88
CA VAL CB 595 -45.02 96.51 -17.01
C VAL CB 595 -44.65 97.39 -18.22
N TRP CB 596 -43.64 97.00 -18.99
CA TRP CB 596 -43.22 97.73 -20.23
C TRP CB 596 -42.46 96.82 -21.20
N MET CB 597 -42.29 97.29 -22.42
CA MET CB 597 -41.45 96.61 -23.44
C MET CB 597 -40.16 97.42 -23.71
N GLU CB 598 -39.01 96.76 -23.76
CA GLU CB 598 -37.70 97.40 -24.12
C GLU CB 598 -37.62 97.75 -25.61
N ARG CB 599 -36.74 98.68 -25.97
CA ARG CB 599 -36.52 99.10 -27.38
C ARG CB 599 -36.07 97.95 -28.30
N ASP CB 600 -36.56 97.94 -29.54
CA ASP CB 600 -36.22 96.93 -30.57
C ASP CB 600 -34.80 97.04 -31.13
N VAL CB 601 -34.20 95.92 -31.47
CA VAL CB 601 -32.90 95.88 -32.20
C VAL CB 601 -33.08 96.08 -33.72
N TYR CB 602 -32.06 96.58 -34.39
CA TYR CB 602 -32.08 96.84 -35.86
C TYR CB 602 -30.86 96.16 -36.47
N LEU CB 603 -30.91 95.79 -37.75
CA LEU CB 603 -29.74 95.20 -38.45
C LEU CB 603 -28.58 96.23 -38.50
N GLN CB 604 -28.84 97.50 -38.75
CA GLN CB 604 -27.89 98.65 -38.68
C GLN CB 604 -27.38 98.92 -37.24
N GLY CB 605 -28.13 98.58 -36.19
CA GLY CB 605 -27.80 98.82 -34.77
C GLY CB 605 -26.81 97.96 -34.00
N PRO CB 606 -26.40 98.42 -32.79
CA PRO CB 606 -25.59 97.63 -31.85
C PRO CB 606 -26.09 96.42 -31.03
N ILE CB 607 -25.34 95.34 -30.90
CA ILE CB 607 -25.67 94.18 -30.00
C ILE CB 607 -25.54 94.39 -28.46
N TRP CB 608 -24.48 94.99 -27.95
CA TRP CB 608 -24.23 95.01 -26.49
C TRP CB 608 -23.68 96.32 -25.93
N ALA CB 609 -23.77 96.51 -24.62
CA ALA CB 609 -23.16 97.66 -23.90
C ALA CB 609 -22.61 97.14 -22.58
N LYS CB 610 -21.54 97.74 -22.08
CA LYS CB 610 -20.97 97.39 -20.76
C LYS CB 610 -21.69 98.11 -19.62
N ILE CB 611 -22.12 97.37 -18.60
CA ILE CB 611 -22.70 97.99 -17.37
C ILE CB 611 -21.55 98.71 -16.60
N PRO CB 612 -21.72 99.97 -16.18
CA PRO CB 612 -20.70 100.68 -15.42
C PRO CB 612 -20.48 100.20 -13.98
N GLU CB 613 -19.25 100.17 -13.49
CA GLU CB 613 -18.99 99.61 -12.13
C GLU CB 613 -19.07 100.69 -11.03
N THR CB 614 -20.21 100.78 -10.33
CA THR CB 614 -20.45 101.78 -9.27
C THR CB 614 -20.77 101.06 -7.98
N GLY CB 615 -21.14 99.80 -8.07
CA GLY CB 615 -21.65 99.01 -6.95
C GLY CB 615 -23.16 99.09 -6.77
N ALA CB 616 -23.88 99.98 -7.48
CA ALA CB 616 -25.36 100.04 -7.42
C ALA CB 616 -26.00 100.32 -8.78
N HIS CB 617 -27.02 99.58 -9.18
CA HIS CB 617 -27.75 99.83 -10.45
C HIS CB 617 -29.18 99.29 -10.38
N PHE CB 618 -30.06 99.78 -11.25
CA PHE CB 618 -31.43 99.22 -11.37
C PHE CB 618 -31.72 98.79 -12.79
N HIS CB 619 -32.23 97.56 -13.02
CA HIS CB 619 -32.73 97.07 -14.35
C HIS CB 619 -31.77 97.42 -15.49
N PRO CB 620 -30.76 96.58 -15.78
CA PRO CB 620 -29.68 96.97 -16.68
C PRO CB 620 -29.76 96.71 -18.17
N SER CB 621 -30.70 97.38 -18.80
CA SER CB 621 -30.92 97.27 -20.25
C SER CB 621 -30.49 98.60 -20.88
N PRO CB 622 -29.56 98.62 -21.87
CA PRO CB 622 -29.12 99.89 -22.44
C PRO CB 622 -30.15 100.66 -23.28
N ALA CB 623 -30.14 102.00 -23.23
CA ALA CB 623 -31.14 102.85 -23.91
C ALA CB 623 -31.15 102.73 -25.45
N MET CB 624 -30.00 102.63 -26.10
CA MET CB 624 -29.87 102.46 -27.58
C MET CB 624 -30.48 101.12 -28.00
N GLY CB 625 -30.41 100.09 -27.17
CA GLY CB 625 -30.95 98.75 -27.45
C GLY CB 625 -29.93 97.67 -27.17
N GLY CB 626 -30.31 96.41 -27.24
CA GLY CB 626 -29.38 95.29 -27.03
C GLY CB 626 -29.23 94.69 -25.65
N PHE CB 627 -28.10 94.04 -25.41
CA PHE CB 627 -27.83 93.27 -24.17
C PHE CB 627 -26.82 93.98 -23.28
N GLY CB 628 -27.16 94.14 -22.00
CA GLY CB 628 -26.28 94.79 -21.02
C GLY CB 628 -25.45 93.76 -20.32
N LEU CB 629 -24.14 93.89 -20.38
CA LEU CB 629 -23.25 92.83 -19.84
C LEU CB 629 -22.28 93.34 -18.77
N LYS CB 630 -22.21 92.66 -17.64
CA LYS CB 630 -21.17 92.94 -16.60
C LYS CB 630 -19.77 92.62 -17.14
N HIS CB 631 -19.61 91.52 -17.85
CA HIS CB 631 -18.31 91.12 -18.46
C HIS CB 631 -18.47 90.98 -19.97
N PRO CB 632 -18.31 92.10 -20.70
CA PRO CB 632 -18.46 92.14 -22.15
C PRO CB 632 -17.35 91.51 -23.00
N PRO CB 633 -17.57 91.19 -24.28
CA PRO CB 633 -16.47 90.66 -25.07
C PRO CB 633 -15.33 91.70 -25.04
N PRO CB 634 -14.07 91.28 -24.78
CA PRO CB 634 -12.98 92.22 -24.55
C PRO CB 634 -12.36 93.07 -25.66
N MET CB 635 -11.80 94.23 -25.30
CA MET CB 635 -11.08 95.11 -26.24
C MET CB 635 -9.86 94.42 -26.90
N MET CB 636 -9.75 94.51 -28.21
CA MET CB 636 -8.64 93.89 -28.98
C MET CB 636 -7.82 95.03 -29.60
N LEU CB 637 -6.54 95.10 -29.28
CA LEU CB 637 -5.67 96.24 -29.65
C LEU CB 637 -4.49 95.78 -30.52
N ILE CB 638 -4.22 96.51 -31.60
CA ILE CB 638 -3.12 96.19 -32.54
C ILE CB 638 -2.27 97.44 -32.83
N LYS CB 639 -0.95 97.27 -32.86
CA LYS CB 639 -0.06 98.40 -33.24
C LYS CB 639 1.07 97.94 -34.19
N ASN CB 640 1.62 98.86 -34.96
CA ASN CB 640 2.84 98.59 -35.76
C ASN CB 640 4.06 98.86 -34.86
N THR CB 641 5.01 97.93 -34.77
CA THR CB 641 6.25 98.14 -34.00
C THR CB 641 7.10 99.26 -34.60
N PRO CB 642 7.62 100.21 -33.78
CA PRO CB 642 8.55 101.22 -34.26
C PRO CB 642 9.82 100.63 -34.89
N VAL CB 643 10.11 101.07 -36.11
CA VAL CB 643 11.39 100.65 -36.74
C VAL CB 643 12.21 101.93 -36.96
N PRO CB 644 13.39 102.04 -36.33
CA PRO CB 644 14.23 103.24 -36.46
C PRO CB 644 14.96 103.62 -37.76
N GLY CB 645 15.11 104.90 -38.04
CA GLY CB 645 15.91 105.46 -39.16
C GLY CB 645 17.39 105.46 -38.80
N ASN CB 646 18.29 105.81 -39.71
CA ASN CB 646 19.75 105.65 -39.42
C ASN CB 646 20.23 106.57 -38.29
N ILE CB 647 20.86 106.00 -37.27
CA ILE CB 647 21.39 106.80 -36.12
C ILE CB 647 22.90 106.52 -36.06
N THR CB 648 23.73 107.55 -36.06
CA THR CB 648 25.20 107.38 -36.13
C THR CB 648 25.88 107.77 -34.83
N SER CB 649 25.18 108.41 -33.91
CA SER CB 649 25.80 108.92 -32.65
C SER CB 649 24.93 108.58 -31.43
N PHE CB 650 25.52 108.43 -30.25
CA PHE CB 650 24.79 108.20 -28.98
C PHE CB 650 24.11 109.45 -28.38
N SER CB 651 22.87 109.30 -27.91
CA SER CB 651 22.24 110.37 -27.10
C SER CB 651 21.40 109.73 -26.00
N ASP CB 652 21.33 110.33 -24.83
CA ASP CB 652 20.37 109.96 -23.75
C ASP CB 652 18.95 110.28 -24.25
N VAL CB 653 18.77 111.36 -25.02
CA VAL CB 653 17.45 111.78 -25.55
C VAL CB 653 16.88 110.71 -26.47
N PRO CB 654 15.58 110.31 -26.34
CA PRO CB 654 14.96 109.28 -27.16
C PRO CB 654 14.85 109.54 -28.66
N VAL CB 655 14.97 108.49 -29.46
CA VAL CB 655 14.91 108.62 -30.94
C VAL CB 655 13.52 109.08 -31.40
N SER CB 656 13.51 110.07 -32.30
CA SER CB 656 12.28 110.62 -32.88
C SER CB 656 12.23 110.34 -34.40
N SER CB 657 13.21 109.64 -34.96
CA SER CB 657 13.28 109.39 -36.42
C SER CB 657 13.05 107.91 -36.72
N PHE CB 658 12.02 107.61 -37.52
CA PHE CB 658 11.60 106.21 -37.78
C PHE CB 658 11.29 106.02 -39.23
N ILE CB 659 11.46 104.82 -39.75
CA ILE CB 659 10.98 104.54 -41.15
C ILE CB 659 9.43 104.52 -41.21
N THR CB 660 8.80 105.07 -42.26
CA THR CB 660 7.30 105.11 -42.43
C THR CB 660 6.74 103.77 -42.91
N GLN CB 661 5.75 103.22 -42.20
CA GLN CB 661 5.22 101.85 -42.45
C GLN CB 661 3.70 101.72 -42.22
N TYR CB 662 3.05 100.73 -42.83
CA TYR CB 662 1.60 100.44 -42.63
C TYR CB 662 1.43 98.92 -42.67
N SER CB 663 0.33 98.42 -42.10
CA SER CB 663 0.05 96.96 -42.13
C SER CB 663 -1.33 96.61 -42.72
N THR CB 664 -1.45 95.40 -43.27
CA THR CB 664 -2.71 94.91 -43.85
C THR CB 664 -2.91 93.43 -43.52
N GLY CB 665 -4.14 92.93 -43.47
CA GLY CB 665 -4.42 91.51 -43.22
C GLY CB 665 -5.88 91.10 -43.31
N GLN CB 666 -6.20 89.90 -42.86
CA GLN CB 666 -7.59 89.36 -42.80
C GLN CB 666 -8.04 89.02 -41.35
N VAL CB 667 -9.29 89.30 -41.03
CA VAL CB 667 -9.89 88.96 -39.70
C VAL CB 667 -11.14 88.07 -39.87
N THR CB 668 -11.28 87.02 -39.08
CA THR CB 668 -12.49 86.19 -39.07
C THR CB 668 -13.19 86.22 -37.71
N VAL CB 669 -14.51 86.45 -37.67
CA VAL CB 669 -15.32 86.36 -36.40
C VAL CB 669 -16.41 85.27 -36.52
N GLU CB 670 -16.49 84.36 -35.56
CA GLU CB 670 -17.52 83.29 -35.52
C GLU CB 670 -18.39 83.48 -34.26
N MET CB 671 -19.71 83.52 -34.43
CA MET CB 671 -20.65 83.73 -33.31
C MET CB 671 -21.76 82.66 -33.27
N GLU CB 672 -22.09 82.22 -32.07
CA GLU CB 672 -23.20 81.25 -31.87
C GLU CB 672 -24.41 81.95 -31.21
N TRP CB 673 -25.60 81.67 -31.70
CA TRP CB 673 -26.84 82.29 -31.19
C TRP CB 673 -27.86 81.24 -30.78
N GLU CB 674 -28.57 81.48 -29.67
CA GLU CB 674 -29.67 80.59 -29.22
C GLU CB 674 -31.02 81.20 -29.63
N LEU CB 675 -31.92 80.40 -30.17
CA LEU CB 675 -33.23 80.83 -30.71
C LEU CB 675 -34.42 80.34 -29.87
N LYS CB 676 -35.43 81.18 -29.71
CA LYS CB 676 -36.70 80.73 -29.06
C LYS CB 676 -37.79 80.59 -30.13
N LYS CB 677 -38.36 79.41 -30.27
CA LYS CB 677 -39.45 79.10 -31.24
C LYS CB 677 -40.84 79.68 -30.94
N GLU CB 678 -41.56 80.09 -31.98
CA GLU CB 678 -42.97 80.52 -31.86
C GLU CB 678 -43.89 79.31 -31.55
N ASN CB 679 -44.88 79.47 -30.68
CA ASN CB 679 -45.88 78.41 -30.33
C ASN CB 679 -47.31 78.97 -30.46
N SER CB 680 -47.60 79.77 -31.48
CA SER CB 680 -48.90 80.46 -31.68
C SER CB 680 -50.13 79.59 -32.01
N LYS CB 681 -51.31 79.92 -31.48
CA LYS CB 681 -52.58 79.27 -31.84
C LYS CB 681 -53.47 80.21 -32.68
N ARG CB 682 -52.97 81.35 -33.17
CA ARG CB 682 -53.69 82.31 -34.07
C ARG CB 682 -54.09 81.71 -35.45
N TRP CB 683 -55.38 81.60 -35.75
CA TRP CB 683 -55.93 81.05 -37.02
C TRP CB 683 -55.63 81.84 -38.30
N ASN CB 684 -55.78 83.15 -38.22
CA ASN CB 684 -55.57 84.08 -39.36
C ASN CB 684 -54.08 84.32 -39.66
N PRO CB 685 -53.74 84.69 -40.91
CA PRO CB 685 -52.36 85.05 -41.26
C PRO CB 685 -51.72 86.32 -40.64
N GLU CB 686 -50.46 86.23 -40.25
CA GLU CB 686 -49.64 87.33 -39.68
C GLU CB 686 -48.93 88.32 -40.63
N ILE CB 687 -48.51 89.47 -40.12
CA ILE CB 687 -47.63 90.45 -40.82
C ILE CB 687 -46.19 89.90 -40.94
N GLN CB 688 -45.53 90.11 -42.09
CA GLN CB 688 -44.14 89.63 -42.38
C GLN CB 688 -43.32 90.69 -43.12
N TYR CB 689 -42.02 90.75 -42.92
CA TYR CB 689 -41.13 91.63 -43.74
C TYR CB 689 -41.01 91.01 -45.15
N THR CB 690 -41.19 91.85 -46.17
CA THR CB 690 -41.15 91.37 -47.56
C THR CB 690 -40.37 92.34 -48.41
N ASN CB 691 -39.82 91.86 -49.52
CA ASN CB 691 -39.20 92.76 -50.51
C ASN CB 691 -40.35 93.24 -51.38
N ASN CB 692 -40.76 94.49 -51.25
CA ASN CB 692 -41.96 95.01 -51.94
C ASN CB 692 -41.67 96.43 -52.40
N TYR CB 693 -41.66 96.65 -53.69
CA TYR CB 693 -41.26 97.97 -54.27
C TYR CB 693 -42.16 98.19 -55.47
N ASN CB 694 -42.55 99.43 -55.76
CA ASN CB 694 -43.34 99.69 -56.99
C ASN CB 694 -42.44 100.29 -58.10
N ASP CB 695 -42.37 99.67 -59.28
CA ASP CB 695 -41.54 100.12 -60.45
C ASP CB 695 -40.06 100.33 -60.08
N PRO CB 696 -39.35 99.38 -59.44
CA PRO CB 696 -37.97 99.64 -59.00
C PRO CB 696 -36.89 99.94 -60.06
N GLN CB 697 -36.05 100.93 -59.80
CA GLN CB 697 -34.96 101.31 -60.74
C GLN CB 697 -33.63 100.68 -60.34
N PHE CB 698 -33.59 100.02 -59.19
CA PHE CB 698 -32.35 99.41 -58.67
C PHE CB 698 -32.79 98.30 -57.76
N VAL CB 699 -31.91 97.38 -57.44
CA VAL CB 699 -32.22 96.38 -56.41
C VAL CB 699 -31.65 96.90 -55.09
N ASP CB 700 -32.47 97.01 -54.05
CA ASP CB 700 -32.02 97.35 -52.68
C ASP CB 700 -31.18 96.23 -52.07
N PHE CB 701 -30.22 96.55 -51.18
CA PHE CB 701 -29.24 95.59 -50.56
C PHE CB 701 -28.35 94.92 -51.61
N ALA CB 702 -27.95 95.67 -52.61
CA ALA CB 702 -27.09 95.19 -53.71
C ALA CB 702 -26.16 96.32 -54.15
N PRO CB 703 -25.02 96.03 -54.82
CA PRO CB 703 -24.19 97.07 -55.42
C PRO CB 703 -24.80 97.81 -56.64
N ASP CB 704 -24.43 99.06 -56.85
CA ASP CB 704 -24.90 99.81 -58.05
C ASP CB 704 -23.90 99.76 -59.22
N SER CB 705 -24.14 100.55 -60.27
CA SER CB 705 -23.26 100.58 -61.48
C SER CB 705 -21.84 101.02 -61.10
N THR CB 706 -21.66 101.98 -60.20
CA THR CB 706 -20.33 102.39 -59.64
C THR CB 706 -19.74 101.38 -58.66
N GLY CB 707 -20.49 100.41 -58.16
CA GLY CB 707 -20.01 99.48 -57.10
C GLY CB 707 -20.32 99.85 -55.66
N GLU CB 708 -21.10 100.88 -55.41
CA GLU CB 708 -21.49 101.29 -54.03
C GLU CB 708 -22.75 100.56 -53.53
N TYR CB 709 -22.70 99.99 -52.33
CA TYR CB 709 -23.84 99.26 -51.69
C TYR CB 709 -25.00 100.19 -51.33
N ARG CB 710 -26.22 99.71 -51.56
CA ARG CB 710 -27.43 100.52 -51.26
C ARG CB 710 -28.25 99.85 -50.17
N SER CB 711 -28.61 100.60 -49.11
CA SER CB 711 -29.43 100.10 -47.98
C SER CB 711 -30.52 101.13 -47.63
N THR CB 712 -31.58 101.27 -48.40
CA THR CB 712 -32.69 102.27 -48.25
C THR CB 712 -33.52 102.12 -46.96
N ARG CB 713 -33.78 100.93 -46.45
CA ARG CB 713 -34.74 100.74 -45.32
C ARG CB 713 -34.15 100.23 -43.99
N PRO CB 714 -34.53 100.78 -42.81
CA PRO CB 714 -34.18 100.21 -41.52
C PRO CB 714 -34.97 98.93 -41.15
N ILE CB 715 -34.36 97.88 -40.61
CA ILE CB 715 -35.20 96.67 -40.32
C ILE CB 715 -35.21 96.28 -38.83
N GLY CB 716 -36.39 96.23 -38.23
CA GLY CB 716 -36.65 95.81 -36.84
C GLY CB 716 -36.91 94.33 -36.73
N THR CB 717 -37.09 93.83 -35.52
CA THR CB 717 -37.40 92.41 -35.28
C THR CB 717 -38.85 92.04 -35.00
N ARG CB 718 -39.81 92.95 -34.82
CA ARG CB 718 -41.19 92.54 -34.35
C ARG CB 718 -42.25 92.48 -35.45
N TYR CB 719 -42.55 91.28 -35.94
CA TYR CB 719 -43.59 91.06 -37.00
C TYR CB 719 -44.61 90.07 -36.49
N LEU CB 720 -44.18 89.15 -35.63
CA LEU CB 720 -45.07 88.16 -34.97
C LEU CB 720 -45.86 88.79 -33.83
N THR CB 721 -46.98 88.19 -33.49
CA THR CB 721 -47.91 88.73 -32.48
C THR CB 721 -48.17 87.70 -31.41
N ARG CB 722 -48.32 88.13 -30.18
CA ARG CB 722 -48.67 87.22 -29.07
C ARG CB 722 -49.76 87.83 -28.18
N PRO CB 723 -50.67 87.04 -27.57
CA PRO CB 723 -51.61 87.55 -26.56
C PRO CB 723 -50.92 87.92 -25.23
N LEU CB 724 -51.45 88.89 -24.49
CA LEU CB 724 -50.84 89.36 -23.22
C LEU CB 724 -50.89 88.27 -22.14
N ASP DB 209 60.19 6.33 -66.15
CA ASP DB 209 60.58 5.19 -65.28
C ASP DB 209 62.01 4.70 -65.59
N GLY DB 210 62.25 4.03 -66.72
CA GLY DB 210 63.58 3.42 -66.90
C GLY DB 210 64.08 3.20 -68.31
N VAL DB 211 65.37 2.90 -68.45
CA VAL DB 211 66.03 2.56 -69.74
C VAL DB 211 65.42 1.29 -70.38
N GLY DB 212 65.07 0.27 -69.60
CA GLY DB 212 64.56 -1.02 -70.10
C GLY DB 212 63.07 -1.12 -70.18
N ASN DB 213 62.33 -0.06 -69.86
CA ASN DB 213 60.86 -0.15 -69.80
C ASN DB 213 60.22 0.72 -70.88
N ALA DB 214 59.26 0.17 -71.63
CA ALA DB 214 58.53 0.93 -72.67
C ALA DB 214 57.48 1.91 -72.11
N SER DB 215 57.50 3.16 -72.56
CA SER DB 215 56.57 4.27 -72.20
C SER DB 215 55.13 4.09 -72.71
N GLY DB 216 54.91 3.51 -73.88
CA GLY DB 216 53.58 3.30 -74.48
C GLY DB 216 53.47 2.19 -75.49
N ASP DB 217 52.27 1.92 -75.98
CA ASP DB 217 51.96 0.83 -76.96
C ASP DB 217 51.34 1.33 -78.28
N TRP DB 218 51.44 0.55 -79.35
CA TRP DB 218 50.90 0.90 -80.69
C TRP DB 218 49.36 0.73 -80.77
N HIS DB 219 48.66 1.79 -81.12
CA HIS DB 219 47.20 1.71 -81.36
C HIS DB 219 46.84 2.26 -82.73
N CYS DB 220 46.40 1.43 -83.69
CA CYS DB 220 45.89 1.94 -84.99
C CYS DB 220 44.52 1.26 -85.22
N ASP DB 221 43.42 1.98 -85.10
CA ASP DB 221 42.08 1.34 -85.19
C ASP DB 221 40.90 2.28 -85.48
N SER DB 222 39.76 1.75 -85.94
CA SER DB 222 38.49 2.51 -86.07
C SER DB 222 37.40 1.76 -85.31
N THR DB 223 36.59 2.43 -84.50
CA THR DB 223 35.42 1.81 -83.85
C THR DB 223 34.16 2.58 -84.22
N TRP DB 224 33.14 1.90 -84.71
CA TRP DB 224 31.85 2.52 -85.12
C TRP DB 224 30.78 2.14 -84.11
N MET DB 225 30.15 3.13 -83.49
CA MET DB 225 29.12 2.93 -82.44
C MET DB 225 27.87 3.79 -82.66
N GLY DB 226 26.96 3.46 -83.57
CA GLY DB 226 25.79 4.34 -83.86
C GLY DB 226 26.17 5.68 -84.44
N ASP DB 227 25.81 6.77 -83.78
CA ASP DB 227 26.09 8.17 -84.24
C ASP DB 227 27.57 8.57 -84.10
N ARG DB 228 28.41 7.80 -83.42
CA ARG DB 228 29.83 8.17 -83.16
C ARG DB 228 30.85 7.21 -83.80
N VAL DB 229 31.92 7.74 -84.37
CA VAL DB 229 33.07 6.91 -84.87
C VAL DB 229 34.34 7.43 -84.16
N VAL DB 230 35.18 6.53 -83.63
CA VAL DB 230 36.50 6.89 -82.99
C VAL DB 230 37.66 6.40 -83.88
N THR DB 231 38.61 7.29 -84.20
CA THR DB 231 39.79 6.91 -85.01
C THR DB 231 41.07 6.98 -84.17
N LYS DB 232 41.92 5.95 -84.24
CA LYS DB 232 43.24 5.91 -83.56
C LYS DB 232 44.35 5.76 -84.62
N SER DB 233 45.40 6.57 -84.54
CA SER DB 233 46.53 6.53 -85.51
C SER DB 233 47.88 6.58 -84.77
N THR DB 234 48.81 5.69 -85.09
CA THR DB 234 50.17 5.66 -84.50
C THR DB 234 51.23 5.76 -85.61
N ARG DB 235 52.23 6.62 -85.43
CA ARG DB 235 53.35 6.77 -86.40
C ARG DB 235 54.73 6.86 -85.71
N THR DB 236 55.80 6.59 -86.45
CA THR DB 236 57.20 6.74 -85.98
C THR DB 236 57.80 7.98 -86.63
N TRP DB 237 58.40 8.88 -85.85
CA TRP DB 237 58.97 10.17 -86.31
C TRP DB 237 60.49 10.33 -86.03
N VAL DB 238 61.16 11.15 -86.80
CA VAL DB 238 62.59 11.52 -86.60
C VAL DB 238 62.70 13.05 -86.43
N LEU DB 239 63.50 13.53 -85.47
CA LEU DB 239 63.76 14.99 -85.31
C LEU DB 239 65.21 15.40 -85.54
N PRO DB 240 65.50 16.24 -86.54
CA PRO DB 240 66.83 16.84 -86.72
C PRO DB 240 67.16 17.97 -85.75
N SER DB 241 68.44 18.25 -85.52
CA SER DB 241 68.79 19.47 -84.73
C SER DB 241 68.89 20.65 -85.71
N TYR DB 242 67.81 21.41 -85.91
CA TYR DB 242 67.74 22.50 -86.92
C TYR DB 242 68.44 23.79 -86.52
N ASN DB 243 69.24 24.38 -87.42
CA ASN DB 243 69.88 25.73 -87.23
C ASN DB 243 71.10 25.63 -86.32
N ASN DB 244 71.52 24.41 -85.94
CA ASN DB 244 72.64 24.19 -84.97
C ASN DB 244 72.39 24.92 -83.66
N HIS DB 245 71.16 24.86 -83.12
CA HIS DB 245 70.78 25.48 -81.81
C HIS DB 245 70.66 27.01 -81.84
N GLN DB 246 70.40 27.60 -82.99
CA GLN DB 246 70.36 29.07 -83.14
C GLN DB 246 69.07 29.58 -83.81
N TYR DB 247 68.71 30.85 -83.60
CA TYR DB 247 67.55 31.52 -84.23
C TYR DB 247 68.12 32.39 -85.31
N ARG DB 248 67.57 32.33 -86.52
CA ARG DB 248 68.12 33.09 -87.66
C ARG DB 248 67.10 34.06 -88.30
N GLU DB 249 67.52 35.29 -88.55
CA GLU DB 249 66.65 36.24 -89.29
C GLU DB 249 66.62 35.83 -90.78
N ILE DB 250 65.43 35.75 -91.36
CA ILE DB 250 65.22 35.29 -92.75
C ILE DB 250 64.46 36.38 -93.53
N LYS DB 251 64.77 36.56 -94.80
CA LYS DB 251 64.14 37.66 -95.57
C LYS DB 251 64.16 37.41 -97.07
N SER DB 252 63.25 38.01 -97.81
CA SER DB 252 63.32 37.93 -99.29
C SER DB 252 62.98 39.26 -99.98
N GLY DB 253 63.63 39.55 -101.10
CA GLY DB 253 63.25 40.65 -102.02
C GLY DB 253 62.31 40.09 -103.11
N SER DB 254 62.02 40.86 -104.16
CA SER DB 254 61.16 40.42 -105.30
C SER DB 254 61.78 39.23 -106.07
N VAL DB 255 60.98 38.22 -106.42
CA VAL DB 255 61.48 37.00 -107.11
C VAL DB 255 60.46 36.58 -108.18
N ASP DB 256 60.91 36.05 -109.31
CA ASP DB 256 60.03 35.60 -110.44
C ASP DB 256 59.21 36.79 -110.96
N GLY DB 257 59.77 37.99 -110.87
CA GLY DB 257 59.07 39.20 -111.32
C GLY DB 257 58.08 39.78 -110.31
N SER DB 258 57.94 39.26 -109.09
CA SER DB 258 56.88 39.81 -108.20
C SER DB 258 57.32 40.33 -106.83
N ASN DB 259 56.92 41.55 -106.45
CA ASN DB 259 57.14 42.13 -105.09
C ASN DB 259 56.24 41.49 -104.02
N ALA DB 260 55.16 40.80 -104.39
CA ALA DB 260 54.24 40.04 -103.47
C ALA DB 260 55.05 38.92 -102.82
N ASN DB 261 56.08 38.44 -103.49
CA ASN DB 261 57.10 37.45 -102.99
C ASN DB 261 57.93 37.96 -101.79
N ALA DB 262 58.26 39.25 -101.67
CA ALA DB 262 59.07 39.83 -100.56
C ALA DB 262 58.48 39.64 -99.16
N TYR DB 263 59.33 39.32 -98.17
CA TYR DB 263 58.92 39.08 -96.75
C TYR DB 263 60.11 39.33 -95.78
N PHE DB 264 59.81 39.55 -94.50
CA PHE DB 264 60.81 39.62 -93.41
C PHE DB 264 60.35 38.61 -92.32
N GLY DB 265 61.25 37.79 -91.79
CA GLY DB 265 60.88 36.72 -90.84
C GLY DB 265 61.98 36.11 -89.98
N TYR DB 266 61.60 35.16 -89.12
CA TYR DB 266 62.56 34.39 -88.28
C TYR DB 266 62.48 32.86 -88.51
N SER DB 267 63.62 32.16 -88.54
CA SER DB 267 63.66 30.67 -88.57
C SER DB 267 64.07 30.19 -87.16
N THR DB 268 63.55 29.07 -86.72
CA THR DB 268 63.76 28.63 -85.31
C THR DB 268 64.38 27.24 -85.21
N PRO DB 269 65.02 26.91 -84.07
CA PRO DB 269 65.56 25.59 -83.77
C PRO DB 269 64.54 24.44 -83.63
N TRP DB 270 63.30 24.74 -83.27
CA TRP DB 270 62.17 23.80 -83.04
C TRP DB 270 61.49 23.15 -84.26
N GLY DB 271 60.82 22.03 -84.02
CA GLY DB 271 60.00 21.31 -85.01
C GLY DB 271 58.61 21.13 -84.46
N TYR DB 272 57.64 20.88 -85.31
CA TYR DB 272 56.21 20.78 -84.87
C TYR DB 272 55.51 19.54 -85.45
N PHE DB 273 54.43 19.10 -84.81
CA PHE DB 273 53.58 17.97 -85.30
C PHE DB 273 52.29 18.52 -85.96
N ASP DB 274 51.98 18.12 -87.19
CA ASP DB 274 50.77 18.53 -87.96
C ASP DB 274 49.88 17.31 -88.27
N PHE DB 275 48.61 17.36 -87.88
CA PHE DB 275 47.63 16.28 -88.20
C PHE DB 275 46.45 16.79 -89.09
N ASN DB 276 46.51 17.98 -89.72
CA ASN DB 276 45.33 18.51 -90.46
C ASN DB 276 45.23 17.93 -91.90
N ARG DB 277 45.13 16.62 -92.05
CA ARG DB 277 44.84 15.92 -93.33
C ARG DB 277 43.94 14.74 -92.95
N PHE DB 278 42.92 14.42 -93.73
CA PHE DB 278 41.97 13.28 -93.48
C PHE DB 278 42.66 11.88 -93.54
N HIS DB 279 43.60 11.64 -94.46
CA HIS DB 279 44.34 10.36 -94.68
C HIS DB 279 45.17 10.03 -93.43
N SER DB 280 45.54 11.02 -92.62
CA SER DB 280 46.23 10.85 -91.30
C SER DB 280 45.36 10.04 -90.33
N HIS DB 281 44.05 10.24 -90.32
CA HIS DB 281 43.08 9.52 -89.43
C HIS DB 281 42.23 8.45 -90.12
N TRP DB 282 42.12 8.41 -91.44
CA TRP DB 282 41.13 7.55 -92.12
C TRP DB 282 41.72 6.57 -93.12
N SER DB 283 41.37 5.30 -93.00
CA SER DB 283 41.74 4.28 -94.02
C SER DB 283 40.88 4.53 -95.27
N PRO DB 284 41.33 4.11 -96.48
CA PRO DB 284 40.50 4.23 -97.66
C PRO DB 284 39.19 3.46 -97.58
N ARG DB 285 39.16 2.24 -97.03
CA ARG DB 285 37.89 1.50 -96.80
C ARG DB 285 36.94 2.20 -95.80
N ASP DB 286 37.44 2.76 -94.70
CA ASP DB 286 36.64 3.51 -93.68
C ASP DB 286 36.03 4.78 -94.29
N TRP DB 287 36.76 5.47 -95.13
CA TRP DB 287 36.27 6.67 -95.85
C TRP DB 287 35.11 6.32 -96.80
N GLN DB 288 35.18 5.19 -97.50
CA GLN DB 288 34.10 4.68 -98.38
C GLN DB 288 32.83 4.34 -97.59
N ARG DB 289 32.98 3.77 -96.41
CA ARG DB 289 31.83 3.47 -95.55
C ARG DB 289 31.09 4.75 -95.11
N LEU DB 290 31.81 5.82 -94.74
CA LEU DB 290 31.17 7.12 -94.43
C LEU DB 290 30.48 7.87 -95.60
N ILE DB 291 31.11 7.95 -96.77
CA ILE DB 291 30.59 8.69 -97.96
C ILE DB 291 29.32 8.04 -98.51
N ASN DB 292 29.28 6.73 -98.54
CA ASN DB 292 28.12 5.89 -98.97
C ASN DB 292 26.88 6.01 -98.06
N ASN DB 293 27.01 6.11 -96.74
CA ASN DB 293 25.86 5.97 -95.78
C ASN DB 293 25.42 7.15 -94.93
N TYR DB 294 26.06 8.31 -94.98
CA TYR DB 294 25.73 9.41 -94.03
C TYR DB 294 25.51 10.76 -94.68
N TRP DB 295 24.54 11.54 -94.23
CA TRP DB 295 24.32 12.96 -94.67
C TRP DB 295 25.43 13.95 -94.23
N GLY DB 296 25.97 13.81 -93.04
CA GLY DB 296 26.97 14.74 -92.51
C GLY DB 296 27.88 14.22 -91.44
N PHE DB 297 28.99 14.91 -91.21
CA PHE DB 297 29.94 14.55 -90.12
C PHE DB 297 30.56 15.82 -89.49
N ARG DB 298 30.98 15.78 -88.22
CA ARG DB 298 31.71 16.91 -87.54
C ARG DB 298 32.74 16.38 -86.50
N PRO DB 299 33.90 17.06 -86.26
CA PRO DB 299 34.83 16.71 -85.15
C PRO DB 299 34.38 17.07 -83.71
N ARG DB 300 34.68 16.24 -82.71
CA ARG DB 300 34.24 16.48 -81.30
C ARG DB 300 35.42 16.56 -80.33
N SER DB 301 36.32 15.58 -80.34
CA SER DB 301 37.42 15.51 -79.34
C SER DB 301 38.77 15.07 -79.92
N LEU DB 302 39.87 15.54 -79.34
CA LEU DB 302 41.23 15.12 -79.74
C LEU DB 302 42.11 14.70 -78.53
N ARG DB 303 42.84 13.59 -78.62
CA ARG DB 303 43.86 13.18 -77.59
C ARG DB 303 45.22 12.89 -78.25
N VAL DB 304 46.31 13.44 -77.72
CA VAL DB 304 47.70 13.22 -78.26
C VAL DB 304 48.68 12.63 -77.21
N LYS DB 305 49.44 11.59 -77.56
CA LYS DB 305 50.52 11.03 -76.70
C LYS DB 305 51.88 10.95 -77.45
N ILE DB 306 52.98 11.39 -76.82
CA ILE DB 306 54.38 11.26 -77.38
C ILE DB 306 55.18 10.35 -76.44
N PHE DB 307 55.84 9.30 -76.94
CA PHE DB 307 56.45 8.21 -76.11
C PHE DB 307 57.59 7.45 -76.80
N ASN DB 308 58.32 6.57 -76.06
CA ASN DB 308 59.45 5.71 -76.55
C ASN DB 308 60.59 6.54 -77.14
N ILE DB 309 60.93 7.63 -76.47
CA ILE DB 309 61.97 8.57 -76.92
C ILE DB 309 63.39 7.96 -76.94
N GLN DB 310 64.16 8.22 -77.99
CA GLN DB 310 65.54 7.72 -78.14
C GLN DB 310 66.44 8.85 -78.69
N VAL DB 311 67.46 9.23 -77.94
CA VAL DB 311 68.40 10.31 -78.34
C VAL DB 311 69.72 9.65 -78.79
N LYS DB 312 70.23 10.04 -79.96
CA LYS DB 312 71.45 9.46 -80.57
C LYS DB 312 72.52 10.52 -80.81
N GLU DB 313 73.79 10.17 -80.58
CA GLU DB 313 74.92 11.09 -80.85
C GLU DB 313 75.69 10.59 -82.08
N VAL DB 314 76.01 11.50 -82.98
CA VAL DB 314 76.71 11.14 -84.24
C VAL DB 314 78.13 11.72 -84.15
N THR DB 315 79.14 10.89 -84.41
CA THR DB 315 80.54 11.34 -84.33
C THR DB 315 81.27 10.97 -85.60
N VAL DB 316 82.10 11.86 -86.12
CA VAL DB 316 82.93 11.49 -87.31
C VAL DB 316 84.42 11.55 -86.98
N GLN DB 317 85.16 10.46 -87.18
CA GLN DB 317 86.65 10.52 -87.08
C GLN DB 317 87.19 9.99 -88.41
N ASP DB 318 87.90 10.83 -89.17
CA ASP DB 318 88.54 10.35 -90.43
C ASP DB 318 87.50 9.70 -91.34
N SER DB 319 86.26 10.22 -91.41
CA SER DB 319 85.20 9.73 -92.35
C SER DB 319 84.46 8.44 -91.90
N THR DB 320 84.70 7.91 -90.69
CA THR DB 320 83.94 6.73 -90.17
C THR DB 320 82.45 6.96 -89.94
N THR DB 321 82.00 8.10 -89.41
CA THR DB 321 80.56 8.37 -89.05
C THR DB 321 79.87 7.35 -88.10
N THR DB 322 80.44 7.01 -86.94
CA THR DB 322 79.75 6.16 -85.92
C THR DB 322 78.52 6.82 -85.27
N ILE DB 323 77.47 6.05 -84.98
CA ILE DB 323 76.22 6.53 -84.29
C ILE DB 323 76.01 5.77 -82.97
N ALA DB 324 75.72 6.46 -81.87
CA ALA DB 324 75.55 5.82 -80.53
C ALA DB 324 74.40 6.41 -79.72
N ASN DB 325 73.84 5.63 -78.81
CA ASN DB 325 72.81 6.14 -77.86
C ASN DB 325 73.36 7.06 -76.77
N ASN DB 326 72.68 8.15 -76.45
CA ASN DB 326 73.04 8.97 -75.25
C ASN DB 326 71.86 8.86 -74.29
N LEU DB 327 72.01 8.14 -73.17
CA LEU DB 327 70.96 7.92 -72.13
C LEU DB 327 70.55 9.17 -71.35
N THR DB 328 71.49 10.04 -71.05
CA THR DB 328 71.25 11.23 -70.19
C THR DB 328 70.75 12.47 -70.95
N SER DB 329 70.68 12.45 -72.29
CA SER DB 329 70.17 13.58 -73.13
C SER DB 329 68.64 13.79 -73.04
N THR DB 330 68.17 15.01 -73.26
CA THR DB 330 66.72 15.37 -73.11
C THR DB 330 66.07 15.93 -74.37
N VAL DB 331 64.77 15.82 -74.45
CA VAL DB 331 63.93 16.43 -75.52
C VAL DB 331 62.98 17.40 -74.79
N GLN DB 332 62.63 18.55 -75.39
CA GLN DB 332 61.71 19.58 -74.80
C GLN DB 332 60.39 19.73 -75.58
N VAL DB 333 59.25 19.64 -74.91
CA VAL DB 333 57.89 19.66 -75.56
C VAL DB 333 56.94 20.68 -74.90
N PHE DB 334 56.17 21.43 -75.69
CA PHE DB 334 55.11 22.36 -75.19
C PHE DB 334 53.91 22.53 -76.17
N THR DB 335 52.78 22.96 -75.64
CA THR DB 335 51.58 23.29 -76.47
C THR DB 335 51.25 24.79 -76.31
N ASP DB 336 50.97 25.49 -77.40
CA ASP DB 336 50.58 26.95 -77.37
C ASP DB 336 49.08 27.13 -77.14
N ASP DB 337 48.62 26.96 -75.92
CA ASP DB 337 47.18 27.00 -75.52
C ASP DB 337 46.45 28.36 -75.71
N ASP DB 338 47.09 29.50 -75.44
CA ASP DB 338 46.48 30.86 -75.51
C ASP DB 338 46.67 31.52 -76.88
N TYR DB 339 47.26 30.88 -77.87
CA TYR DB 339 47.39 31.37 -79.27
C TYR DB 339 48.28 32.60 -79.36
N GLN DB 340 49.25 32.73 -78.48
CA GLN DB 340 50.26 33.81 -78.49
C GLN DB 340 51.17 33.76 -79.73
N LEU DB 341 51.57 32.59 -80.15
CA LEU DB 341 52.42 32.39 -81.36
C LEU DB 341 51.68 32.52 -82.68
N PRO DB 342 52.37 32.89 -83.77
CA PRO DB 342 51.75 32.81 -85.09
C PRO DB 342 51.37 31.36 -85.45
N TYR DB 343 50.16 31.11 -85.98
CA TYR DB 343 49.66 29.73 -86.28
C TYR DB 343 49.85 29.41 -87.76
N VAL DB 344 50.72 28.48 -88.04
CA VAL DB 344 51.09 28.15 -89.45
C VAL DB 344 50.44 26.83 -89.90
N VAL DB 345 49.70 26.14 -89.02
CA VAL DB 345 49.11 24.79 -89.29
C VAL DB 345 48.05 24.73 -90.44
N GLY DB 346 47.19 25.70 -90.65
CA GLY DB 346 46.03 25.61 -91.58
C GLY DB 346 46.22 26.15 -92.98
N ASN DB 347 47.43 26.23 -93.51
CA ASN DB 347 47.79 26.88 -94.81
C ASN DB 347 48.17 25.92 -95.95
N GLY DB 348 47.76 24.63 -95.95
CA GLY DB 348 48.04 23.61 -96.99
C GLY DB 348 49.49 23.24 -97.21
N THR DB 349 50.26 23.17 -96.15
CA THR DB 349 51.70 22.86 -96.22
C THR DB 349 52.02 21.41 -95.90
N GLU DB 350 53.12 20.91 -96.43
CA GLU DB 350 53.64 19.53 -96.20
C GLU DB 350 54.25 19.27 -94.82
N GLY DB 351 54.45 18.02 -94.43
CA GLY DB 351 54.92 17.63 -93.07
C GLY DB 351 53.91 17.03 -92.12
N CYS DB 352 52.68 16.75 -92.53
CA CYS DB 352 51.65 16.04 -91.73
C CYS DB 352 51.96 14.55 -91.59
N LEU DB 353 51.33 13.87 -90.63
CA LEU DB 353 51.52 12.41 -90.45
C LEU DB 353 51.11 11.69 -91.75
N PRO DB 354 51.87 10.64 -92.14
CA PRO DB 354 51.59 9.93 -93.39
C PRO DB 354 50.29 9.12 -93.54
N ALA DB 355 49.78 9.00 -94.77
CA ALA DB 355 48.56 8.21 -95.10
C ALA DB 355 48.75 6.72 -94.76
N PHE DB 356 49.93 6.14 -95.00
CA PHE DB 356 50.19 4.69 -94.78
C PHE DB 356 50.89 4.52 -93.43
N PRO DB 357 50.32 3.71 -92.48
CA PRO DB 357 50.88 3.52 -91.13
C PRO DB 357 52.35 3.10 -90.94
N PRO DB 358 52.94 2.18 -91.74
CA PRO DB 358 54.35 1.82 -91.71
C PRO DB 358 55.38 2.91 -92.08
N GLN DB 359 55.00 3.92 -92.84
CA GLN DB 359 55.92 5.00 -93.30
C GLN DB 359 56.49 5.83 -92.14
N VAL DB 360 57.77 6.17 -92.23
CA VAL DB 360 58.48 6.91 -91.13
C VAL DB 360 58.75 8.34 -91.64
N PHE DB 361 58.49 9.34 -90.81
CA PHE DB 361 58.55 10.75 -91.30
C PHE DB 361 59.43 11.74 -90.51
N THR DB 362 60.01 12.69 -91.24
CA THR DB 362 60.74 13.83 -90.65
C THR DB 362 59.80 14.96 -90.26
N LEU DB 363 59.91 15.51 -89.05
CA LEU DB 363 59.14 16.70 -88.61
C LEU DB 363 59.57 17.99 -89.32
N PRO DB 364 58.60 18.84 -89.72
CA PRO DB 364 58.92 20.16 -90.26
C PRO DB 364 59.54 21.20 -89.29
N GLN DB 365 60.44 22.05 -89.78
CA GLN DB 365 60.99 23.16 -88.95
C GLN DB 365 60.02 24.36 -88.86
N TYR DB 366 59.80 24.91 -87.66
CA TYR DB 366 58.98 26.13 -87.41
C TYR DB 366 59.64 27.44 -87.86
N GLY DB 367 58.85 28.33 -88.46
CA GLY DB 367 59.27 29.63 -88.95
C GLY DB 367 58.05 30.48 -89.14
N TYR DB 368 58.21 31.79 -89.33
CA TYR DB 368 57.06 32.73 -89.55
C TYR DB 368 57.48 33.95 -90.30
N ALA DB 369 56.52 34.64 -90.91
CA ALA DB 369 56.75 35.97 -91.52
C ALA DB 369 56.04 37.03 -90.68
N THR DB 370 56.73 38.13 -90.36
CA THR DB 370 56.14 39.33 -89.70
C THR DB 370 55.95 40.40 -90.76
N LEU DB 371 55.88 41.66 -90.37
CA LEU DB 371 55.77 42.81 -91.30
C LEU DB 371 57.04 43.14 -92.09
N ASN DB 372 56.86 43.63 -93.31
CA ASN DB 372 57.98 44.01 -94.21
C ASN DB 372 57.67 45.43 -94.69
N ARG DB 373 58.69 46.23 -95.01
CA ARG DB 373 58.47 47.66 -95.33
C ARG DB 373 58.48 47.96 -96.84
N ASP DB 374 57.40 48.55 -97.36
CA ASP DB 374 57.27 49.00 -98.79
C ASP DB 374 57.49 47.90 -99.84
N ASN DB 375 57.00 46.68 -99.62
CA ASN DB 375 57.19 45.53 -100.56
C ASN DB 375 58.69 45.26 -100.80
N THR DB 376 59.51 45.31 -99.73
CA THR DB 376 60.97 45.07 -99.75
C THR DB 376 61.36 44.10 -98.62
N GLU DB 377 62.61 43.59 -98.55
CA GLU DB 377 63.09 42.63 -97.51
C GLU DB 377 63.28 43.24 -96.10
N ASN DB 378 63.31 44.57 -95.97
CA ASN DB 378 63.47 45.30 -94.69
C ASN DB 378 62.27 45.25 -93.72
N PRO DB 379 62.52 45.22 -92.41
CA PRO DB 379 61.49 45.35 -91.37
C PRO DB 379 60.90 46.75 -91.02
N THR DB 380 59.86 46.78 -90.19
CA THR DB 380 59.17 48.00 -89.70
C THR DB 380 59.27 48.03 -88.20
N GLU DB 381 58.97 49.16 -87.55
CA GLU DB 381 58.91 49.31 -86.06
C GLU DB 381 57.84 48.40 -85.46
N ARG DB 382 56.71 48.20 -86.11
CA ARG DB 382 55.63 47.26 -85.71
C ARG DB 382 56.07 45.77 -85.82
N SER DB 383 57.09 45.43 -86.60
CA SER DB 383 57.57 44.03 -86.82
C SER DB 383 58.01 43.39 -85.49
N SER DB 384 57.65 42.13 -85.26
CA SER DB 384 57.77 41.41 -83.96
C SER DB 384 58.68 40.17 -83.96
N PHE DB 385 59.41 39.98 -82.87
CA PHE DB 385 60.26 38.78 -82.66
C PHE DB 385 59.65 37.96 -81.52
N PHE DB 386 59.53 36.67 -81.73
CA PHE DB 386 59.01 35.74 -80.69
C PHE DB 386 60.05 34.69 -80.32
N CYS DB 387 60.33 34.52 -79.02
CA CYS DB 387 61.22 33.46 -78.49
C CYS DB 387 60.40 32.27 -77.92
N LEU DB 388 60.61 31.05 -78.39
CA LEU DB 388 59.95 29.79 -77.91
C LEU DB 388 60.41 29.42 -76.48
N GLU DB 389 61.68 29.66 -76.16
CA GLU DB 389 62.29 29.34 -74.84
C GLU DB 389 61.71 30.21 -73.73
N TYR DB 390 61.08 31.32 -74.06
CA TYR DB 390 60.34 32.20 -73.09
C TYR DB 390 59.14 31.44 -72.51
N PHE DB 391 58.43 30.62 -73.25
CA PHE DB 391 57.33 29.76 -72.74
C PHE DB 391 57.85 28.62 -71.85
N PRO DB 392 57.10 28.14 -70.84
CA PRO DB 392 57.46 26.89 -70.15
C PRO DB 392 57.32 25.54 -70.95
N SER DB 393 58.27 24.60 -70.83
CA SER DB 393 58.22 23.29 -71.55
C SER DB 393 58.55 22.07 -70.66
N LYS DB 394 57.96 20.91 -70.94
CA LYS DB 394 58.33 19.64 -70.27
C LYS DB 394 59.68 19.11 -70.80
N MET DB 395 60.52 18.55 -69.93
CA MET DB 395 61.82 17.95 -70.33
C MET DB 395 61.76 16.42 -70.20
N LEU DB 396 62.12 15.72 -71.28
CA LEU DB 396 62.00 14.23 -71.27
C LEU DB 396 63.29 13.47 -71.56
N ARG DB 397 63.63 12.51 -70.71
CA ARG DB 397 64.69 11.51 -70.97
C ARG DB 397 64.03 10.25 -71.63
N THR DB 398 64.78 9.19 -71.94
CA THR DB 398 64.32 7.91 -72.59
C THR DB 398 63.17 7.23 -71.87
N GLY DB 399 63.11 7.21 -70.54
CA GLY DB 399 61.98 6.75 -69.70
C GLY DB 399 60.68 7.52 -69.80
N ASN DB 400 60.73 8.83 -69.98
CA ASN DB 400 59.58 9.80 -69.94
C ASN DB 400 58.60 9.85 -71.12
N ASN DB 401 57.37 10.31 -70.89
CA ASN DB 401 56.28 10.43 -71.91
C ASN DB 401 55.51 11.76 -71.75
N PHE DB 402 54.82 12.23 -72.80
CA PHE DB 402 53.96 13.45 -72.76
C PHE DB 402 52.52 13.17 -73.25
N GLU DB 403 51.51 13.74 -72.60
CA GLU DB 403 50.10 13.60 -73.05
C GLU DB 403 49.33 14.95 -73.10
N PHE DB 404 48.41 15.14 -74.07
CA PHE DB 404 47.52 16.33 -74.16
C PHE DB 404 46.05 15.94 -74.54
N THR DB 405 45.04 16.70 -74.10
CA THR DB 405 43.60 16.50 -74.47
C THR DB 405 42.97 17.80 -74.95
N TYR DB 406 42.10 17.76 -75.97
CA TYR DB 406 41.40 18.96 -76.51
C TYR DB 406 39.91 18.69 -76.80
N ASN DB 407 39.04 19.68 -76.66
CA ASN DB 407 37.60 19.61 -77.06
C ASN DB 407 37.31 20.64 -78.15
N PHE DB 408 36.66 20.23 -79.22
CA PHE DB 408 36.31 21.15 -80.33
C PHE DB 408 35.10 21.99 -79.91
N GLU DB 409 35.01 23.24 -80.39
CA GLU DB 409 33.83 24.11 -80.18
C GLU DB 409 32.64 23.61 -81.05
N GLU DB 410 31.41 23.98 -80.71
CA GLU DB 410 30.28 23.62 -81.58
C GLU DB 410 30.45 24.22 -82.98
N VAL DB 411 30.26 23.41 -84.00
CA VAL DB 411 30.48 23.82 -85.42
C VAL DB 411 29.36 23.16 -86.22
N PRO DB 412 28.93 23.71 -87.37
CA PRO DB 412 27.98 23.02 -88.23
C PRO DB 412 28.51 21.75 -88.91
N PHE DB 413 27.69 20.72 -89.12
CA PHE DB 413 28.08 19.47 -89.83
C PHE DB 413 28.41 19.76 -91.29
N HIS DB 414 29.44 19.14 -91.87
CA HIS DB 414 29.70 19.21 -93.32
C HIS DB 414 28.55 18.51 -94.06
N SER DB 415 28.15 19.01 -95.24
CA SER DB 415 27.07 18.39 -96.03
C SER DB 415 27.58 17.37 -97.05
N SER DB 416 27.47 16.07 -96.75
CA SER DB 416 27.86 14.96 -97.65
C SER DB 416 26.66 14.50 -98.50
N PHE DB 417 26.16 15.35 -99.37
CA PHE DB 417 25.01 15.02 -100.24
C PHE DB 417 25.03 15.93 -101.47
N ALA DB 418 24.37 15.49 -102.52
CA ALA DB 418 24.20 16.29 -103.74
C ALA DB 418 22.72 16.60 -103.90
N PRO DB 419 22.34 17.84 -104.28
CA PRO DB 419 20.95 18.15 -104.57
C PRO DB 419 20.29 17.41 -105.75
N SER DB 420 19.06 16.95 -105.54
CA SER DB 420 18.28 16.24 -106.61
C SER DB 420 17.34 17.20 -107.38
N GLN DB 421 17.32 18.50 -107.05
CA GLN DB 421 16.51 19.50 -107.79
C GLN DB 421 17.29 20.77 -108.14
N ASN DB 422 16.99 21.39 -109.28
CA ASN DB 422 17.49 22.73 -109.68
C ASN DB 422 16.81 23.82 -108.84
N LEU DB 423 17.53 24.88 -108.45
CA LEU DB 423 17.05 26.03 -107.64
C LEU DB 423 15.92 26.79 -108.36
N PHE DB 424 16.01 26.93 -109.69
CA PHE DB 424 14.99 27.62 -110.52
C PHE DB 424 13.80 26.73 -111.01
N LYS DB 425 13.72 25.42 -110.73
CA LYS DB 425 12.66 24.49 -111.22
C LYS DB 425 11.75 23.96 -110.08
N LEU DB 426 11.46 24.72 -109.02
CA LEU DB 426 10.72 24.25 -107.81
C LEU DB 426 9.18 24.37 -107.86
N ALA DB 427 8.62 25.09 -108.83
CA ALA DB 427 7.16 25.15 -109.02
C ALA DB 427 6.65 23.80 -109.51
N ASN DB 428 5.41 23.42 -109.16
CA ASN DB 428 4.81 22.18 -109.68
C ASN DB 428 4.75 22.29 -111.21
N PRO DB 429 5.17 21.24 -111.95
CA PRO DB 429 5.10 21.21 -113.40
C PRO DB 429 3.66 21.26 -114.00
N LEU DB 430 2.66 20.61 -113.40
CA LEU DB 430 1.21 20.59 -113.73
C LEU DB 430 0.43 21.91 -113.57
N VAL DB 431 0.73 22.73 -112.58
CA VAL DB 431 -0.11 23.94 -112.26
C VAL DB 431 0.48 25.31 -112.64
N ASP DB 432 -0.32 26.18 -113.27
CA ASP DB 432 0.03 27.60 -113.59
C ASP DB 432 0.08 28.53 -112.38
N GLN DB 433 0.93 29.54 -112.42
CA GLN DB 433 1.00 30.61 -111.40
C GLN DB 433 -0.17 31.63 -111.46
N TYR DB 434 -0.59 32.23 -110.34
CA TYR DB 434 -1.58 33.35 -110.36
C TYR DB 434 -0.86 34.71 -110.59
N LEU DB 435 0.27 34.73 -111.28
CA LEU DB 435 1.12 35.93 -111.44
C LEU DB 435 1.34 36.23 -112.92
N TYR DB 436 1.56 37.50 -113.25
CA TYR DB 436 1.65 37.93 -114.66
C TYR DB 436 2.93 38.73 -114.92
N ARG DB 437 3.38 38.72 -116.18
CA ARG DB 437 4.64 39.38 -116.57
C ARG DB 437 4.41 40.33 -117.77
N PHE DB 438 5.24 41.36 -117.88
CA PHE DB 438 5.18 42.27 -119.05
C PHE DB 438 5.91 41.63 -120.21
N VAL DB 439 5.24 41.57 -121.34
CA VAL DB 439 5.86 40.99 -122.54
C VAL DB 439 5.95 41.94 -123.73
N SER DB 440 5.19 43.04 -123.73
CA SER DB 440 5.07 43.82 -124.99
C SER DB 440 4.57 45.26 -124.89
N THR DB 441 4.78 46.01 -125.97
CA THR DB 441 4.21 47.35 -126.11
C THR DB 441 3.51 47.33 -127.48
N ASN DB 442 2.37 47.98 -127.66
CA ASN DB 442 1.63 48.07 -128.97
C ASN DB 442 2.16 49.20 -129.89
N ASN DB 443 1.52 49.46 -131.04
CA ASN DB 443 1.98 50.48 -132.03
C ASN DB 443 2.00 51.85 -131.35
N THR DB 444 1.02 52.19 -130.51
CA THR DB 444 1.12 53.37 -129.61
C THR DB 444 1.79 52.69 -128.46
N GLY DB 445 2.78 53.25 -127.79
CA GLY DB 445 3.54 52.39 -126.85
C GLY DB 445 2.83 52.01 -125.56
N GLY DB 446 1.76 51.22 -125.64
CA GLY DB 446 0.95 50.82 -124.46
C GLY DB 446 1.32 49.45 -123.97
N VAL DB 447 1.51 49.29 -122.67
CA VAL DB 447 2.01 48.01 -122.05
C VAL DB 447 1.03 46.83 -122.15
N GLN DB 448 1.58 45.63 -122.33
CA GLN DB 448 0.77 44.39 -122.51
C GLN DB 448 1.30 43.28 -121.59
N PHE DB 449 0.42 42.39 -121.14
CA PHE DB 449 0.79 41.36 -120.13
C PHE DB 449 0.32 39.95 -120.49
N ASN DB 450 1.02 38.93 -120.01
CA ASN DB 450 0.63 37.50 -120.22
C ASN DB 450 0.76 36.75 -118.91
N LYS DB 451 -0.08 35.76 -118.66
CA LYS DB 451 -0.01 34.86 -117.48
C LYS DB 451 1.16 33.87 -117.55
N ASN DB 452 1.66 33.44 -116.39
CA ASN DB 452 2.77 32.46 -116.35
C ASN DB 452 2.23 31.03 -116.35
N LEU DB 453 2.55 30.26 -117.40
CA LEU DB 453 2.07 28.85 -117.60
C LEU DB 453 2.86 27.77 -116.85
N ALA DB 454 2.25 26.60 -116.67
CA ALA DB 454 2.90 25.45 -115.98
C ALA DB 454 4.14 24.92 -116.71
N GLY DB 455 5.24 24.72 -115.98
CA GLY DB 455 6.52 24.19 -116.51
C GLY DB 455 7.40 25.19 -117.24
N ARG DB 456 6.99 26.45 -117.35
CA ARG DB 456 7.75 27.50 -118.09
C ARG DB 456 8.76 28.17 -117.11
N TYR DB 457 9.84 27.49 -116.75
CA TYR DB 457 10.87 27.89 -115.72
C TYR DB 457 11.63 29.14 -116.15
N ALA DB 458 11.75 29.36 -117.45
CA ALA DB 458 12.36 30.57 -118.00
C ALA DB 458 11.58 31.83 -117.54
N ASN DB 459 10.25 31.79 -117.41
CA ASN DB 459 9.40 32.98 -117.12
C ASN DB 459 8.64 32.96 -115.78
N THR DB 460 9.12 32.39 -114.71
CA THR DB 460 8.37 32.12 -113.45
C THR DB 460 8.91 33.03 -112.37
N TYR DB 461 8.07 33.50 -111.46
CA TYR DB 461 8.50 34.32 -110.30
C TYR DB 461 9.32 33.42 -109.39
N LYS DB 462 10.39 33.95 -108.82
CA LYS DB 462 11.34 33.15 -107.99
C LYS DB 462 11.54 33.72 -106.59
N ASN DB 463 11.42 32.93 -105.54
CA ASN DB 463 11.79 33.29 -104.13
C ASN DB 463 13.28 33.46 -103.83
N TRP DB 464 14.16 32.64 -104.41
CA TRP DB 464 15.55 32.50 -103.95
C TRP DB 464 16.55 32.64 -105.08
N PHE DB 465 17.76 33.04 -104.73
CA PHE DB 465 18.78 33.38 -105.75
C PHE DB 465 20.04 32.58 -105.49
N PRO DB 466 20.82 32.33 -106.56
CA PRO DB 466 22.12 31.68 -106.44
C PRO DB 466 23.23 32.49 -105.76
N GLY DB 467 24.26 31.81 -105.26
CA GLY DB 467 25.39 32.42 -104.53
C GLY DB 467 26.39 33.23 -105.35
N PRO DB 468 27.28 33.99 -104.68
CA PRO DB 468 28.21 34.90 -105.36
C PRO DB 468 29.25 34.34 -106.35
N MET DB 469 29.54 35.08 -107.41
CA MET DB 469 30.44 34.58 -108.48
C MET DB 469 31.49 35.60 -108.97
N GLY DB 470 32.68 35.18 -109.36
CA GLY DB 470 33.67 36.03 -110.07
C GLY DB 470 34.19 35.28 -111.28
N ARG DB 471 34.20 35.81 -112.50
CA ARG DB 471 34.61 35.00 -113.69
C ARG DB 471 36.10 34.55 -113.69
N THR DB 472 36.38 33.27 -113.99
CA THR DB 472 37.73 32.67 -114.04
C THR DB 472 37.88 31.91 -115.34
N GLN DB 473 39.06 31.92 -115.97
CA GLN DB 473 39.27 31.31 -117.30
C GLN DB 473 39.07 29.78 -117.31
N GLY DB 474 38.47 29.25 -118.38
CA GLY DB 474 38.23 27.82 -118.54
C GLY DB 474 39.18 27.17 -119.53
N TRP DB 475 39.77 26.04 -119.13
CA TRP DB 475 40.72 25.28 -119.99
C TRP DB 475 40.24 23.85 -120.23
N ASN DB 476 40.30 23.39 -121.47
CA ASN DB 476 39.89 22.01 -121.85
C ASN DB 476 40.93 20.98 -121.42
N LEU DB 477 40.51 19.78 -121.06
CA LEU DB 477 41.38 18.68 -120.59
C LEU DB 477 41.10 17.47 -121.51
N GLY DB 478 41.97 16.48 -121.57
CA GLY DB 478 41.78 15.35 -122.51
C GLY DB 478 41.84 15.77 -123.96
N SER DB 479 40.77 15.53 -124.72
CA SER DB 479 40.73 15.91 -126.15
C SER DB 479 40.88 17.44 -126.26
N GLY DB 480 40.27 18.25 -125.39
CA GLY DB 480 40.65 19.68 -125.33
C GLY DB 480 40.48 20.50 -126.57
N VAL DB 481 41.56 21.13 -127.05
CA VAL DB 481 41.54 22.11 -128.21
C VAL DB 481 41.83 23.55 -127.72
N ASN DB 482 42.55 23.75 -126.62
CA ASN DB 482 42.99 25.09 -126.07
C ASN DB 482 44.08 25.83 -126.86
N ARG DB 483 44.24 27.16 -126.67
CA ARG DB 483 45.27 28.02 -127.31
C ARG DB 483 46.72 27.67 -126.96
N ALA DB 484 47.63 27.68 -127.95
CA ALA DB 484 49.05 27.27 -127.81
C ALA DB 484 50.04 28.28 -127.26
N SER DB 485 51.14 27.81 -126.62
CA SER DB 485 52.27 28.65 -126.17
C SER DB 485 51.92 29.81 -125.22
N VAL DB 486 51.03 29.58 -124.26
CA VAL DB 486 50.55 30.67 -123.36
C VAL DB 486 51.33 30.71 -122.04
N SER DB 487 51.70 31.91 -121.57
CA SER DB 487 52.24 32.06 -120.19
C SER DB 487 51.05 32.54 -119.36
N ALA DB 488 50.62 31.76 -118.37
CA ALA DB 488 49.39 32.00 -117.57
C ALA DB 488 49.35 33.25 -116.67
N PHE DB 489 50.42 33.69 -116.01
CA PHE DB 489 50.39 34.67 -114.89
C PHE DB 489 49.80 36.09 -115.17
N ALA DB 490 50.06 36.73 -116.30
CA ALA DB 490 49.56 38.08 -116.61
C ALA DB 490 48.03 38.13 -116.63
N THR DB 491 47.36 37.09 -117.13
CA THR DB 491 45.89 37.05 -117.28
C THR DB 491 45.18 36.36 -116.12
N THR DB 492 45.86 35.96 -115.06
CA THR DB 492 45.26 35.33 -113.86
C THR DB 492 44.46 36.28 -112.98
N ASN DB 493 43.50 35.78 -112.19
CA ASN DB 493 42.70 36.58 -111.21
C ASN DB 493 43.58 37.08 -110.06
N ARG DB 494 43.36 38.30 -109.61
CA ARG DB 494 44.23 38.90 -108.55
C ARG DB 494 43.48 39.80 -107.58
N MET DB 495 44.00 39.96 -106.36
CA MET DB 495 43.47 40.93 -105.37
C MET DB 495 44.67 41.81 -104.94
N GLU DB 496 44.48 43.09 -104.67
CA GLU DB 496 45.59 44.03 -104.34
C GLU DB 496 45.64 44.30 -102.82
N LEU DB 497 46.77 44.07 -102.15
CA LEU DB 497 46.95 44.41 -100.71
C LEU DB 497 48.24 45.21 -100.50
N GLU DB 498 48.23 46.34 -99.80
CA GLU DB 498 49.45 47.13 -99.41
C GLU DB 498 50.35 47.51 -100.59
N GLY DB 499 49.81 47.84 -101.75
CA GLY DB 499 50.64 48.11 -102.94
C GLY DB 499 51.13 46.91 -103.75
N ALA DB 500 50.72 45.68 -103.48
CA ALA DB 500 51.16 44.54 -104.34
C ALA DB 500 49.98 43.73 -104.89
N SER DB 501 50.15 43.08 -106.06
CA SER DB 501 49.11 42.22 -106.69
C SER DB 501 49.33 40.75 -106.32
N TYR DB 502 48.32 40.10 -105.81
CA TYR DB 502 48.46 38.69 -105.35
C TYR DB 502 47.51 37.76 -106.06
N GLN DB 503 48.03 36.63 -106.52
CA GLN DB 503 47.13 35.56 -107.00
C GLN DB 503 46.42 35.00 -105.75
N VAL DB 504 45.17 34.64 -105.87
CA VAL DB 504 44.35 34.08 -104.75
C VAL DB 504 43.85 32.76 -105.36
N PRO DB 505 44.72 31.72 -105.42
CA PRO DB 505 44.45 30.50 -106.17
C PRO DB 505 43.25 29.69 -105.81
N PRO DB 506 42.75 29.48 -104.57
CA PRO DB 506 41.45 28.85 -104.43
C PRO DB 506 40.57 30.10 -104.65
N GLN DB 507 39.55 30.07 -105.48
CA GLN DB 507 38.71 31.31 -105.51
C GLN DB 507 37.76 31.31 -104.27
N PRO DB 508 37.03 32.39 -103.91
CA PRO DB 508 36.03 32.37 -102.83
C PRO DB 508 34.76 31.48 -103.08
N ASN DB 509 34.10 30.92 -102.05
CA ASN DB 509 32.94 29.97 -102.18
C ASN DB 509 31.67 30.43 -102.92
N GLY DB 510 30.84 29.49 -103.44
CA GLY DB 510 29.60 29.76 -104.20
C GLY DB 510 29.63 29.52 -105.68
N MET DB 511 30.71 28.95 -106.20
CA MET DB 511 30.78 28.64 -107.64
C MET DB 511 31.06 27.15 -107.93
N THR DB 512 30.85 26.70 -109.17
CA THR DB 512 31.27 25.35 -109.62
C THR DB 512 32.31 25.48 -110.73
N ASN DB 513 33.47 24.84 -110.63
CA ASN DB 513 34.55 24.73 -111.67
C ASN DB 513 34.19 23.93 -112.95
N ASN DB 514 33.45 22.83 -112.86
CA ASN DB 514 33.18 21.92 -114.02
C ASN DB 514 31.67 21.62 -114.14
N LEU DB 515 31.11 21.66 -115.35
CA LEU DB 515 29.66 21.30 -115.60
C LEU DB 515 29.19 19.83 -115.39
N GLN DB 516 29.89 18.76 -115.77
CA GLN DB 516 29.45 17.31 -115.70
C GLN DB 516 29.57 16.82 -117.15
N GLY DB 517 30.13 15.62 -117.35
CA GLY DB 517 30.50 15.38 -118.75
C GLY DB 517 31.54 16.45 -118.94
N SER DB 518 31.40 17.39 -119.86
CA SER DB 518 32.35 18.51 -120.14
C SER DB 518 33.81 18.38 -119.70
N ASN DB 519 34.71 18.80 -120.57
CA ASN DB 519 36.17 18.75 -120.30
C ASN DB 519 36.68 20.17 -120.02
N THR DB 520 35.79 21.15 -119.85
CA THR DB 520 36.19 22.52 -119.46
C THR DB 520 36.27 22.64 -117.93
N TYR DB 521 37.38 23.14 -117.45
CA TYR DB 521 37.62 23.31 -116.00
C TYR DB 521 38.14 24.68 -115.78
N ALA DB 522 37.64 25.33 -114.73
CA ALA DB 522 38.28 26.61 -114.37
C ALA DB 522 39.41 26.23 -113.40
N LEU DB 523 40.67 26.24 -113.85
CA LEU DB 523 41.87 25.74 -113.11
C LEU DB 523 42.18 26.48 -111.79
N GLU DB 524 41.98 27.80 -111.73
CA GLU DB 524 42.23 28.60 -110.51
C GLU DB 524 41.08 28.45 -109.49
N ASN DB 525 39.99 27.78 -109.81
CA ASN DB 525 38.89 27.44 -108.85
C ASN DB 525 39.00 25.96 -108.40
N THR DB 526 40.04 25.24 -108.75
CA THR DB 526 40.13 23.78 -108.45
C THR DB 526 41.29 23.43 -107.53
N MET DB 527 41.08 22.54 -106.57
CA MET DB 527 42.18 21.96 -105.77
C MET DB 527 42.96 20.95 -106.65
N ILE DB 528 44.27 21.14 -106.80
CA ILE DB 528 45.14 20.21 -107.58
C ILE DB 528 46.15 19.53 -106.64
N PHE DB 529 46.27 18.21 -106.72
CA PHE DB 529 47.11 17.38 -105.81
C PHE DB 529 47.98 16.46 -106.62
N ASN DB 530 49.06 15.95 -106.01
CA ASN DB 530 49.96 14.95 -106.63
C ASN DB 530 49.69 13.58 -105.98
N SER DB 531 49.62 12.50 -106.76
CA SER DB 531 49.47 11.12 -106.23
C SER DB 531 50.67 10.74 -105.35
N GLN DB 532 51.88 11.12 -105.74
CA GLN DB 532 53.12 10.80 -105.02
C GLN DB 532 53.71 12.04 -104.34
N PRO DB 533 54.39 11.93 -103.17
CA PRO DB 533 55.09 13.05 -102.55
C PRO DB 533 56.30 13.53 -103.36
N ALA DB 534 56.64 14.80 -103.23
CA ALA DB 534 57.70 15.41 -104.06
C ALA DB 534 58.88 15.91 -103.23
N ASN DB 535 60.06 15.94 -103.84
CA ASN DB 535 61.27 16.51 -103.21
C ASN DB 535 61.13 18.03 -103.07
N PRO DB 536 61.69 18.66 -102.02
CA PRO DB 536 61.63 20.10 -101.87
C PRO DB 536 62.33 20.94 -102.93
N GLY DB 537 61.68 22.04 -103.36
CA GLY DB 537 62.26 22.98 -104.33
C GLY DB 537 62.15 22.57 -105.78
N THR DB 538 61.41 21.52 -106.08
CA THR DB 538 61.33 21.04 -107.48
C THR DB 538 60.76 22.13 -108.38
N THR DB 539 61.33 22.31 -109.57
CA THR DB 539 60.83 23.27 -110.58
C THR DB 539 60.36 22.52 -111.81
N ALA DB 540 60.20 21.20 -111.75
CA ALA DB 540 59.80 20.34 -112.89
C ALA DB 540 58.38 20.62 -113.43
N THR DB 541 58.21 20.57 -114.75
CA THR DB 541 56.86 20.69 -115.36
C THR DB 541 56.07 19.41 -115.13
N TYR DB 542 54.78 19.53 -114.86
CA TYR DB 542 53.90 18.35 -114.68
C TYR DB 542 52.75 18.42 -115.67
N LEU DB 543 52.53 17.34 -116.39
CA LEU DB 543 51.35 17.19 -117.29
C LEU DB 543 50.12 16.71 -116.50
N GLU DB 544 48.94 16.71 -117.11
CA GLU DB 544 47.64 16.34 -116.49
C GLU DB 544 47.58 14.91 -115.95
N GLY DB 545 48.21 13.93 -116.63
CA GLY DB 545 48.19 12.53 -116.20
C GLY DB 545 48.82 12.32 -114.85
N ASN DB 546 49.91 13.00 -114.52
CA ASN DB 546 50.48 12.99 -113.15
C ASN DB 546 49.55 13.59 -112.10
N MET DB 547 48.78 14.64 -112.42
CA MET DB 547 47.99 15.38 -111.40
C MET DB 547 46.64 14.76 -111.00
N LEU DB 548 46.19 15.04 -109.77
CA LEU DB 548 44.83 14.61 -109.34
C LEU DB 548 43.98 15.88 -109.35
N ILE DB 549 42.97 15.98 -110.23
CA ILE DB 549 42.17 17.24 -110.40
C ILE DB 549 40.72 17.00 -109.94
N THR DB 550 40.25 17.79 -109.00
CA THR DB 550 38.89 17.71 -108.42
C THR DB 550 37.80 18.38 -109.27
N SER DB 551 36.56 17.95 -109.13
CA SER DB 551 35.38 18.52 -109.84
C SER DB 551 34.32 18.83 -108.80
N GLU DB 552 33.58 19.92 -108.95
CA GLU DB 552 32.51 20.37 -108.03
C GLU DB 552 31.15 20.23 -108.74
N SER DB 553 31.01 19.37 -109.74
CA SER DB 553 29.82 19.24 -110.62
C SER DB 553 28.53 18.89 -109.87
N GLU DB 554 28.59 18.25 -108.70
CA GLU DB 554 27.43 17.93 -107.83
C GLU DB 554 26.68 19.21 -107.36
N THR DB 555 27.37 20.31 -107.12
CA THR DB 555 26.81 21.60 -106.63
C THR DB 555 26.22 22.46 -107.74
N GLN DB 556 26.28 22.05 -109.01
CA GLN DB 556 25.83 22.82 -110.20
C GLN DB 556 24.32 23.18 -110.13
N PRO DB 557 23.37 22.35 -109.62
CA PRO DB 557 21.99 22.78 -109.42
C PRO DB 557 21.79 24.08 -108.59
N VAL DB 558 22.66 24.44 -107.64
CA VAL DB 558 22.67 25.75 -106.89
C VAL DB 558 23.91 26.65 -107.08
N ASN DB 559 24.96 26.27 -107.80
CA ASN DB 559 26.20 27.09 -107.84
C ASN DB 559 26.46 27.50 -109.28
N ARG DB 560 26.72 28.78 -109.50
CA ARG DB 560 27.01 29.29 -110.87
C ARG DB 560 28.38 28.80 -111.41
N VAL DB 561 28.47 28.60 -112.71
CA VAL DB 561 29.75 28.20 -113.36
C VAL DB 561 30.76 29.38 -113.45
N ALA DB 562 32.01 29.16 -113.03
CA ALA DB 562 33.11 30.16 -112.99
C ALA DB 562 33.53 30.69 -114.37
N TYR DB 563 33.63 29.82 -115.38
CA TYR DB 563 34.06 30.22 -116.75
C TYR DB 563 33.03 31.17 -117.42
N ASN DB 564 31.74 30.98 -117.21
CA ASN DB 564 30.64 31.77 -117.85
C ASN DB 564 30.33 33.13 -117.19
N VAL DB 565 29.70 34.08 -117.90
CA VAL DB 565 29.15 35.36 -117.33
C VAL DB 565 27.97 35.07 -116.38
N GLY DB 566 27.81 35.83 -115.28
CA GLY DB 566 26.71 35.70 -114.29
C GLY DB 566 25.28 36.00 -114.70
N GLY DB 567 25.01 37.02 -115.51
CA GLY DB 567 23.65 37.46 -115.85
C GLY DB 567 23.66 38.77 -116.58
N GLN DB 568 22.51 39.41 -116.76
CA GLN DB 568 22.38 40.73 -117.45
C GLN DB 568 21.54 41.73 -116.61
N MET DB 569 21.81 43.05 -116.70
CA MET DB 569 21.06 44.13 -116.01
C MET DB 569 20.81 45.30 -116.98
N ALA DB 570 19.83 46.18 -116.72
CA ALA DB 570 19.50 47.37 -117.56
C ALA DB 570 20.60 48.46 -117.54
N THR DB 571 20.90 49.02 -118.71
CA THR DB 571 21.97 50.04 -118.86
C THR DB 571 21.44 51.40 -119.33
N ASN DB 572 20.13 51.59 -119.45
CA ASN DB 572 19.58 52.82 -120.09
C ASN DB 572 18.14 53.07 -119.66
N ASN DB 573 17.58 54.21 -120.06
CA ASN DB 573 16.14 54.48 -119.87
C ASN DB 573 15.49 54.46 -121.25
N GLN DB 574 14.43 53.67 -121.46
CA GLN DB 574 13.67 53.59 -122.74
C GLN DB 574 12.85 54.88 -122.95
N SER DB 575 12.59 55.25 -124.20
CA SER DB 575 11.82 56.46 -124.56
C SER DB 575 11.24 56.19 -125.96
N SER DB 576 10.33 57.03 -126.44
CA SER DB 576 9.87 56.84 -127.83
C SER DB 576 11.06 56.95 -128.78
N THR DB 577 11.97 57.89 -128.57
CA THR DB 577 13.24 58.00 -129.32
C THR DB 577 14.20 56.83 -129.09
N THR DB 578 14.32 56.30 -127.87
CA THR DB 578 15.35 55.28 -127.56
C THR DB 578 14.85 53.90 -127.21
N ALA DB 579 15.37 52.86 -127.88
CA ALA DB 579 15.07 51.44 -127.55
C ALA DB 579 15.72 51.01 -126.24
N PRO DB 580 15.12 50.07 -125.49
CA PRO DB 580 15.75 49.53 -124.27
C PRO DB 580 17.05 48.70 -124.49
N ALA DB 581 18.00 48.76 -123.57
CA ALA DB 581 19.32 48.07 -123.68
C ALA DB 581 19.72 47.31 -122.41
N THR DB 582 20.48 46.23 -122.54
CA THR DB 582 20.98 45.44 -121.38
C THR DB 582 22.48 45.26 -121.47
N GLY DB 583 23.13 44.98 -120.34
CA GLY DB 583 24.57 44.64 -120.35
C GLY DB 583 24.89 43.44 -119.47
N THR DB 584 25.80 42.56 -119.89
CA THR DB 584 26.30 41.42 -119.05
C THR DB 584 27.24 41.85 -117.94
N TYR DB 585 27.29 41.12 -116.83
CA TYR DB 585 28.23 41.37 -115.70
C TYR DB 585 29.18 40.15 -115.49
N ASN DB 586 30.45 40.36 -115.11
CA ASN DB 586 31.47 39.28 -114.89
C ASN DB 586 31.64 38.96 -113.39
N LEU DB 587 31.07 39.77 -112.51
CA LEU DB 587 31.17 39.54 -111.05
C LEU DB 587 29.89 39.96 -110.30
N GLN DB 588 29.51 39.27 -109.24
CA GLN DB 588 28.39 39.68 -108.36
C GLN DB 588 28.70 39.17 -106.95
N GLU DB 589 28.18 39.80 -105.93
CA GLU DB 589 28.49 39.44 -104.52
C GLU DB 589 27.18 39.12 -103.82
N ILE DB 590 27.18 38.92 -102.52
CA ILE DB 590 25.99 38.48 -101.74
C ILE DB 590 24.79 39.45 -101.83
N VAL DB 591 23.61 38.89 -101.96
CA VAL DB 591 22.33 39.65 -102.05
C VAL DB 591 21.41 38.96 -101.05
N PRO DB 592 20.40 39.64 -100.47
CA PRO DB 592 19.45 38.95 -99.58
C PRO DB 592 18.64 37.86 -100.31
N GLY DB 593 18.37 36.71 -99.66
CA GLY DB 593 17.73 35.54 -100.30
C GLY DB 593 18.69 34.64 -101.05
N SER DB 594 19.99 34.86 -100.95
CA SER DB 594 21.08 34.05 -101.56
C SER DB 594 21.28 32.67 -100.91
N VAL DB 595 21.41 31.62 -101.71
CA VAL DB 595 21.67 30.22 -101.23
C VAL DB 595 22.86 29.64 -102.02
N TRP DB 596 23.72 28.86 -101.38
CA TRP DB 596 24.87 28.19 -102.06
C TRP DB 596 25.34 26.97 -101.28
N MET DB 597 26.17 26.16 -101.91
CA MET DB 597 26.85 24.99 -101.26
C MET DB 597 28.36 25.26 -101.11
N GLU DB 598 28.92 24.98 -99.94
CA GLU DB 598 30.39 25.09 -99.68
C GLU DB 598 31.19 23.99 -100.40
N ARG DB 599 32.48 24.20 -100.61
CA ARG DB 599 33.39 23.21 -101.24
C ARG DB 599 33.47 21.88 -100.48
N ASP DB 600 33.55 20.77 -101.22
CA ASP DB 600 33.67 19.40 -100.66
C ASP DB 600 35.03 19.08 -100.03
N VAL DB 601 35.04 18.27 -98.99
CA VAL DB 601 36.29 17.71 -98.38
C VAL DB 601 36.81 16.50 -99.18
N TYR DB 602 38.11 16.24 -99.10
CA TYR DB 602 38.76 15.10 -99.80
C TYR DB 602 39.58 14.33 -98.78
N LEU DB 603 39.81 13.04 -99.00
CA LEU DB 603 40.67 12.22 -98.09
C LEU DB 603 42.11 12.78 -98.09
N GLN DB 604 42.66 13.20 -99.22
CA GLN DB 604 43.96 13.89 -99.39
C GLN DB 604 43.97 15.31 -98.76
N GLY DB 605 42.83 15.99 -98.64
CA GLY DB 605 42.69 17.35 -98.10
C GLY DB 605 42.72 17.67 -96.62
N PRO DB 606 42.83 18.97 -96.25
CA PRO DB 606 42.70 19.46 -94.86
C PRO DB 606 41.39 19.51 -94.06
N ILE DB 607 41.36 19.13 -92.79
CA ILE DB 607 40.16 19.32 -91.88
C ILE DB 607 39.80 20.76 -91.42
N TRP DB 608 40.74 21.58 -90.97
CA TRP DB 608 40.42 22.86 -90.33
C TRP DB 608 41.31 24.05 -90.70
N ALA DB 609 40.86 25.27 -90.44
CA ALA DB 609 41.66 26.50 -90.60
C ALA DB 609 41.32 27.43 -89.42
N LYS DB 610 42.28 28.24 -89.00
CA LYS DB 610 42.04 29.24 -87.93
C LYS DB 610 41.44 30.54 -88.50
N ILE DB 611 40.35 31.02 -87.89
CA ILE DB 611 39.79 32.33 -88.27
C ILE DB 611 40.75 33.44 -87.77
N PRO DB 612 41.12 34.43 -88.62
CA PRO DB 612 42.00 35.52 -88.19
C PRO DB 612 41.37 36.53 -87.22
N GLU DB 613 42.14 37.04 -86.26
CA GLU DB 613 41.55 37.94 -85.23
C GLU DB 613 41.63 39.43 -85.65
N THR DB 614 40.55 39.99 -86.18
CA THR DB 614 40.49 41.39 -86.66
C THR DB 614 39.39 42.11 -85.93
N GLY DB 615 38.49 41.39 -85.31
CA GLY DB 615 37.27 41.92 -84.69
C GLY DB 615 36.08 42.00 -85.65
N ALA DB 616 36.25 41.77 -86.96
CA ALA DB 616 35.11 41.73 -87.92
C ALA DB 616 35.28 40.66 -88.99
N HIS DB 617 34.26 39.87 -89.27
CA HIS DB 617 34.30 38.84 -90.34
C HIS DB 617 32.89 38.53 -90.84
N PHE DB 618 32.77 37.96 -92.04
CA PHE DB 618 31.47 37.47 -92.55
C PHE DB 618 31.55 36.00 -92.94
N HIS DB 619 30.61 35.15 -92.49
CA HIS DB 619 30.46 33.72 -92.92
C HIS DB 619 31.80 32.99 -92.96
N PRO DB 620 32.23 32.40 -91.83
CA PRO DB 620 33.61 31.90 -91.75
C PRO DB 620 33.96 30.47 -92.12
N SER DB 621 33.82 30.20 -93.40
CA SER DB 621 34.12 28.86 -93.96
C SER DB 621 35.37 29.02 -94.83
N PRO DB 622 36.47 28.26 -94.60
CA PRO DB 622 37.68 28.44 -95.40
C PRO DB 622 37.59 28.01 -96.88
N ALA DB 623 38.28 28.72 -97.78
CA ALA DB 623 38.20 28.48 -99.24
C ALA DB 623 38.69 27.10 -99.70
N MET DB 624 39.78 26.57 -99.13
CA MET DB 624 40.34 25.23 -99.44
C MET DB 624 39.32 24.15 -99.04
N GLY DB 625 38.54 24.35 -98.00
CA GLY DB 625 37.53 23.39 -97.51
C GLY DB 625 37.66 23.18 -96.01
N GLY DB 626 36.72 22.45 -95.41
CA GLY DB 626 36.78 22.14 -93.97
C GLY DB 626 36.08 23.05 -92.98
N PHE DB 627 36.53 23.01 -91.73
CA PHE DB 627 35.87 23.72 -90.60
C PHE DB 627 36.70 24.93 -90.14
N GLY DB 628 36.05 26.08 -90.03
CA GLY DB 628 36.70 27.31 -89.58
C GLY DB 628 36.54 27.46 -88.09
N LEU DB 629 37.65 27.58 -87.39
CA LEU DB 629 37.58 27.59 -85.90
C LEU DB 629 38.20 28.83 -85.27
N LYS DB 630 37.48 29.48 -84.36
CA LYS DB 630 38.05 30.59 -83.54
C LYS DB 630 39.16 30.07 -82.61
N HIS DB 631 38.97 28.91 -82.00
CA HIS DB 631 39.99 28.29 -81.10
C HIS DB 631 40.36 26.91 -81.65
N PRO DB 632 41.33 26.84 -82.57
CA PRO DB 632 41.77 25.60 -83.19
C PRO DB 632 42.61 24.64 -82.34
N PRO DB 633 42.75 23.36 -82.71
CA PRO DB 633 43.61 22.49 -81.92
C PRO DB 633 45.02 23.14 -81.91
N PRO DB 634 45.68 23.25 -80.73
CA PRO DB 634 46.93 24.00 -80.62
C PRO DB 634 48.25 23.51 -81.19
N MET DB 635 49.15 24.44 -81.52
CA MET DB 635 50.51 24.11 -82.01
C MET DB 635 51.33 23.30 -80.98
N MET DB 636 51.95 22.22 -81.43
CA MET DB 636 52.77 21.33 -80.57
C MET DB 636 54.23 21.43 -81.05
N LEU DB 637 55.12 21.84 -80.17
CA LEU DB 637 56.53 22.15 -80.54
C LEU DB 637 57.52 21.27 -79.78
N ILE DB 638 58.50 20.73 -80.49
CA ILE DB 638 59.53 19.83 -79.89
C ILE DB 638 60.94 20.28 -80.32
N LYS DB 639 61.88 20.26 -79.39
CA LYS DB 639 63.29 20.55 -79.74
C LYS DB 639 64.28 19.60 -79.04
N ASN DB 640 65.46 19.44 -79.59
CA ASN DB 640 66.56 18.70 -78.90
C ASN DB 640 67.31 19.70 -78.02
N THR DB 641 67.53 19.38 -76.74
CA THR DB 641 68.31 20.26 -75.83
C THR DB 641 69.76 20.36 -76.27
N PRO DB 642 70.36 21.58 -76.32
CA PRO DB 642 71.78 21.73 -76.60
C PRO DB 642 72.68 21.00 -75.61
N VAL DB 643 73.58 20.20 -76.15
CA VAL DB 643 74.59 19.54 -75.27
C VAL DB 643 75.96 20.05 -75.72
N PRO DB 644 76.69 20.74 -74.83
CA PRO DB 644 78.01 21.29 -75.18
C PRO DB 644 79.25 20.41 -75.42
N GLY DB 645 80.14 20.82 -76.32
CA GLY DB 645 81.46 20.20 -76.58
C GLY DB 645 82.47 20.62 -75.52
N ASN DB 646 83.67 20.07 -75.50
CA ASN DB 646 84.62 20.35 -74.38
C ASN DB 646 85.04 21.83 -74.32
N ILE DB 647 84.85 22.47 -73.17
CA ILE DB 647 85.26 23.90 -72.99
C ILE DB 647 86.25 23.93 -71.83
N THR DB 648 87.43 24.51 -72.02
CA THR DB 648 88.50 24.47 -70.99
C THR DB 648 88.75 25.84 -70.37
N SER DB 649 88.21 26.90 -70.95
CA SER DB 649 88.48 28.29 -70.47
C SER DB 649 87.18 29.10 -70.36
N PHE DB 650 87.13 30.10 -69.48
CA PHE DB 650 85.97 31.02 -69.34
C PHE DB 650 85.87 32.11 -70.42
N SER DB 651 84.68 32.35 -70.95
CA SER DB 651 84.44 33.53 -71.81
C SER DB 651 83.05 34.10 -71.50
N ASP DB 652 82.89 35.41 -71.57
CA ASP DB 652 81.55 36.07 -71.54
C ASP DB 652 80.80 35.69 -72.83
N VAL DB 653 81.52 35.56 -73.96
CA VAL DB 653 80.91 35.22 -75.27
C VAL DB 653 80.25 33.83 -75.21
N PRO DB 654 79.00 33.67 -75.71
CA PRO DB 654 78.29 32.38 -75.68
C PRO DB 654 78.89 31.21 -76.44
N VAL DB 655 78.74 30.00 -75.91
CA VAL DB 655 79.30 28.79 -76.56
C VAL DB 655 78.64 28.52 -77.92
N SER DB 656 79.46 28.24 -78.91
CA SER DB 656 79.03 27.91 -80.28
C SER DB 656 79.40 26.46 -80.65
N SER DB 657 79.99 25.71 -79.73
CA SER DB 657 80.47 24.33 -80.02
C SER DB 657 79.62 23.30 -79.25
N PHE DB 658 78.97 22.40 -79.96
CA PHE DB 658 78.01 21.45 -79.34
C PHE DB 658 78.21 20.07 -79.92
N ILE DB 659 77.91 19.02 -79.16
CA ILE DB 659 77.92 17.64 -79.75
C ILE DB 659 76.73 17.47 -80.74
N THR DB 660 76.92 16.79 -81.89
CA THR DB 660 75.84 16.55 -82.91
C THR DB 660 74.89 15.43 -82.51
N GLN DB 661 73.58 15.70 -82.52
CA GLN DB 661 72.55 14.75 -81.98
C GLN DB 661 71.23 14.77 -82.78
N TYR DB 662 70.44 13.69 -82.71
CA TYR DB 662 69.10 13.60 -83.36
C TYR DB 662 68.19 12.80 -82.42
N SER DB 663 66.87 12.95 -82.58
CA SER DB 663 65.90 12.18 -81.75
C SER DB 663 64.88 11.39 -82.59
N THR DB 664 64.36 10.31 -82.01
CA THR DB 664 63.35 9.46 -82.68
C THR DB 664 62.31 8.99 -81.65
N GLY DB 665 61.08 8.70 -82.07
CA GLY DB 665 60.03 8.17 -81.18
C GLY DB 665 58.73 7.79 -81.85
N GLN DB 666 57.70 7.55 -81.06
CA GLN DB 666 56.32 7.23 -81.55
C GLN DB 666 55.27 8.27 -81.10
N VAL DB 667 54.32 8.59 -81.97
CA VAL DB 667 53.20 9.53 -81.64
C VAL DB 667 51.84 8.84 -81.89
N THR DB 668 50.89 8.99 -80.98
CA THR DB 668 49.52 8.48 -81.15
C THR DB 668 48.50 9.62 -81.14
N VAL DB 669 47.58 9.68 -82.13
CA VAL DB 669 46.45 10.66 -82.14
C VAL DB 669 45.08 9.93 -82.12
N GLU DB 670 44.20 10.30 -81.21
CA GLU DB 670 42.83 9.71 -81.10
C GLU DB 670 41.80 10.83 -81.34
N MET DB 671 40.86 10.59 -82.26
CA MET DB 671 39.82 11.61 -82.61
C MET DB 671 38.41 11.02 -82.56
N GLU DB 672 37.47 11.81 -82.05
CA GLU DB 672 36.03 11.42 -82.01
C GLU DB 672 35.23 12.24 -83.03
N TRP DB 673 34.34 11.58 -83.77
CA TRP DB 673 33.53 12.24 -84.80
C TRP DB 673 32.04 12.01 -84.57
N GLU DB 674 31.22 13.02 -84.81
CA GLU DB 674 29.73 12.89 -84.73
C GLU DB 674 29.16 12.74 -86.15
N LEU DB 675 28.25 11.79 -86.33
CA LEU DB 675 27.66 11.44 -87.66
C LEU DB 675 26.18 11.84 -87.78
N LYS DB 676 25.78 12.32 -88.95
CA LYS DB 676 24.34 12.56 -89.21
C LYS DB 676 23.82 11.49 -90.18
N LYS DB 677 22.81 10.72 -89.76
CA LYS DB 677 22.16 9.65 -90.58
C LYS DB 677 21.29 10.10 -91.76
N GLU DB 678 21.34 9.36 -92.85
CA GLU DB 678 20.42 9.57 -94.00
C GLU DB 678 18.97 9.16 -93.64
N ASN DB 679 17.96 9.91 -94.07
CA ASN DB 679 16.51 9.62 -93.85
C ASN DB 679 15.76 9.67 -95.19
N SER DB 680 16.32 9.16 -96.28
CA SER DB 680 15.74 9.25 -97.65
C SER DB 680 14.46 8.43 -97.93
N LYS DB 681 13.55 8.96 -98.73
CA LYS DB 681 12.35 8.23 -99.20
C LYS DB 681 12.47 7.90 -100.71
N ARG DB 682 13.62 8.09 -101.36
CA ARG DB 682 13.90 7.74 -102.79
C ARG DB 682 13.79 6.22 -103.10
N TRP DB 683 12.85 5.81 -103.95
CA TRP DB 683 12.60 4.41 -104.34
C TRP DB 683 13.72 3.72 -105.16
N ASN DB 684 14.25 4.42 -106.13
CA ASN DB 684 15.32 3.93 -107.03
C ASN DB 684 16.71 3.90 -106.36
N PRO DB 685 17.63 3.04 -106.83
CA PRO DB 685 18.99 3.02 -106.33
C PRO DB 685 19.92 4.24 -106.60
N GLU DB 686 20.70 4.62 -105.61
CA GLU DB 686 21.70 5.72 -105.64
C GLU DB 686 23.11 5.45 -106.21
N ILE DB 687 23.84 6.51 -106.57
CA ILE DB 687 25.28 6.44 -106.94
C ILE DB 687 26.15 6.17 -105.69
N GLN DB 688 27.20 5.34 -105.81
CA GLN DB 688 28.12 4.96 -104.70
C GLN DB 688 29.58 4.92 -105.18
N TYR DB 689 30.54 5.22 -104.32
CA TYR DB 689 31.99 5.02 -104.65
C TYR DB 689 32.27 3.50 -104.64
N THR DB 690 32.95 3.03 -105.68
CA THR DB 690 33.25 1.59 -105.81
C THR DB 690 34.66 1.40 -106.28
N ASN DB 691 35.24 0.24 -106.00
CA ASN DB 691 36.57 -0.11 -106.56
C ASN DB 691 36.24 -0.72 -107.93
N ASN DB 692 36.52 -0.01 -109.00
CA ASN DB 692 36.12 -0.43 -110.36
C ASN DB 692 37.25 -0.09 -111.32
N TYR DB 693 37.86 -1.10 -111.92
CA TYR DB 693 39.06 -0.89 -112.78
C TYR DB 693 38.93 -1.90 -113.92
N ASN DB 694 39.37 -1.56 -115.12
CA ASN DB 694 39.36 -2.55 -116.23
C ASN DB 694 40.76 -3.13 -116.46
N ASP DB 695 40.93 -4.46 -116.39
CA ASP DB 695 42.24 -5.18 -116.58
C ASP DB 695 43.35 -4.64 -115.67
N PRO DB 696 43.17 -4.51 -114.33
CA PRO DB 696 44.20 -3.89 -113.50
C PRO DB 696 45.58 -4.58 -113.39
N GLN DB 697 46.66 -3.79 -113.47
CA GLN DB 697 48.05 -4.33 -113.36
C GLN DB 697 48.59 -4.20 -111.94
N PHE DB 698 47.86 -3.54 -111.05
CA PHE DB 698 48.29 -3.30 -109.66
C PHE DB 698 47.05 -3.11 -108.87
N VAL DB 699 47.13 -3.22 -107.56
CA VAL DB 699 45.99 -2.86 -106.71
C VAL DB 699 46.21 -1.42 -106.25
N ASP DB 700 45.27 -0.53 -106.47
CA ASP DB 700 45.27 0.87 -105.96
C ASP DB 700 45.12 0.88 -104.44
N PHE DB 701 45.70 1.88 -103.74
CA PHE DB 701 45.72 2.02 -102.25
C PHE DB 701 46.45 0.84 -101.58
N ALA DB 702 47.52 0.39 -102.19
CA ALA DB 702 48.33 -0.74 -101.71
C ALA DB 702 49.80 -0.48 -102.05
N PRO DB 703 50.77 -1.12 -101.35
CA PRO DB 703 52.17 -1.06 -101.77
C PRO DB 703 52.53 -1.78 -103.08
N ASP DB 704 53.55 -1.31 -103.79
CA ASP DB 704 54.03 -2.00 -105.03
C ASP DB 704 55.21 -2.96 -104.76
N SER DB 705 55.82 -3.49 -105.82
CA SER DB 705 56.95 -4.45 -105.71
C SER DB 705 58.14 -3.81 -104.98
N THR DB 706 58.45 -2.53 -105.22
CA THR DB 706 59.48 -1.74 -104.47
C THR DB 706 59.05 -1.36 -103.05
N GLY DB 707 57.77 -1.46 -102.68
CA GLY DB 707 57.27 -0.99 -101.38
C GLY DB 707 56.69 0.42 -101.31
N GLU DB 708 56.54 1.09 -102.45
CA GLU DB 708 55.94 2.46 -102.51
C GLU DB 708 54.40 2.43 -102.61
N TYR DB 709 53.70 3.18 -101.77
CA TYR DB 709 52.22 3.28 -101.76
C TYR DB 709 51.66 3.97 -103.01
N ARG DB 710 50.56 3.45 -103.54
CA ARG DB 710 49.94 4.01 -104.76
C ARG DB 710 48.56 4.56 -104.44
N SER DB 711 48.28 5.81 -104.80
CA SER DB 711 46.97 6.49 -104.60
C SER DB 711 46.54 7.23 -105.88
N THR DB 712 46.08 6.54 -106.92
CA THR DB 712 45.68 7.09 -108.25
C THR DB 712 44.50 8.06 -108.23
N ARG DB 713 43.47 7.89 -107.39
CA ARG DB 713 42.22 8.70 -107.47
C ARG DB 713 41.93 9.63 -106.28
N PRO DB 714 41.49 10.89 -106.51
CA PRO DB 714 40.99 11.75 -105.43
C PRO DB 714 39.57 11.37 -104.92
N ILE DB 715 39.29 11.35 -103.62
CA ILE DB 715 37.91 10.94 -103.21
C ILE DB 715 37.15 12.03 -102.43
N GLY DB 716 35.99 12.44 -102.93
CA GLY DB 716 35.07 13.39 -102.32
C GLY DB 716 34.05 12.73 -101.43
N THR DB 717 33.21 13.51 -100.79
CA THR DB 717 32.15 12.98 -99.90
C THR DB 717 30.72 12.93 -100.47
N ARG DB 718 30.40 13.48 -101.65
CA ARG DB 718 28.96 13.57 -102.06
C ARG DB 718 28.51 12.51 -103.08
N TYR DB 719 27.83 11.45 -102.62
CA TYR DB 719 27.31 10.36 -103.48
C TYR DB 719 25.81 10.23 -103.26
N LEU DB 720 25.35 10.54 -102.05
CA LEU DB 720 23.91 10.54 -101.70
C LEU DB 720 23.20 11.79 -102.25
N THR DB 721 21.91 11.69 -102.42
CA THR DB 721 21.10 12.77 -103.02
C THR DB 721 19.97 13.16 -102.11
N ARG DB 722 19.63 14.42 -102.07
CA ARG DB 722 18.47 14.89 -101.28
C ARG DB 722 17.62 15.89 -102.09
N PRO DB 723 16.29 15.94 -101.90
CA PRO DB 723 15.46 17.00 -102.49
C PRO DB 723 15.68 18.39 -101.86
N LEU DB 724 15.51 19.47 -102.61
CA LEU DB 724 15.75 20.85 -102.11
C LEU DB 724 14.75 21.23 -101.01
N ASP EB 209 -18.07 6.70 -87.57
CA ASP EB 209 -19.28 6.17 -86.88
C ASP EB 209 -20.30 5.63 -87.90
N GLY EB 210 -21.00 6.47 -88.66
CA GLY EB 210 -22.10 5.93 -89.48
C GLY EB 210 -22.49 6.67 -90.73
N VAL EB 211 -23.29 6.03 -91.58
CA VAL EB 211 -23.85 6.64 -92.83
C VAL EB 211 -24.75 7.86 -92.52
N GLY EB 212 -25.55 7.82 -91.45
CA GLY EB 212 -26.51 8.88 -91.12
C GLY EB 212 -26.00 9.92 -90.17
N ASN EB 213 -24.74 9.85 -89.76
CA ASN EB 213 -24.21 10.78 -88.73
C ASN EB 213 -23.15 11.70 -89.32
N ALA EB 214 -23.25 13.00 -89.06
CA ALA EB 214 -22.25 13.99 -89.54
C ALA EB 214 -20.93 13.97 -88.74
N SER EB 215 -19.79 13.90 -89.42
CA SER EB 215 -18.39 13.92 -88.88
C SER EB 215 -17.97 15.26 -88.24
N GLY EB 216 -18.39 16.40 -88.76
CA GLY EB 216 -18.03 17.74 -88.26
C GLY EB 216 -19.00 18.85 -88.57
N ASP EB 217 -18.75 20.06 -88.06
CA ASP EB 217 -19.60 21.26 -88.24
C ASP EB 217 -18.87 22.44 -88.91
N TRP EB 218 -19.62 23.37 -89.51
CA TRP EB 218 -19.06 24.58 -90.19
C TRP EB 218 -18.59 25.66 -89.20
N HIS EB 219 -17.33 26.04 -89.30
CA HIS EB 219 -16.82 27.17 -88.49
C HIS EB 219 -16.14 28.22 -89.38
N CYS EB 220 -16.71 29.42 -89.52
CA CYS EB 220 -16.02 30.53 -90.24
C CYS EB 220 -16.09 31.76 -89.33
N ASP EB 221 -14.97 32.16 -88.73
CA ASP EB 221 -15.01 33.27 -87.73
C ASP EB 221 -13.68 33.96 -87.43
N SER EB 222 -13.68 35.16 -86.87
CA SER EB 222 -12.46 35.85 -86.36
C SER EB 222 -12.71 36.23 -84.89
N THR EB 223 -11.77 35.97 -83.99
CA THR EB 223 -11.87 36.43 -82.58
C THR EB 223 -10.65 37.27 -82.25
N TRP EB 224 -10.85 38.48 -81.73
CA TRP EB 224 -9.76 39.41 -81.35
C TRP EB 224 -9.67 39.48 -79.83
N MET EB 225 -8.51 39.16 -79.27
CA MET EB 225 -8.30 39.13 -77.80
C MET EB 225 -6.99 39.83 -77.38
N GLY EB 226 -6.91 41.16 -77.34
CA GLY EB 226 -5.63 41.84 -77.03
C GLY EB 226 -4.55 41.63 -78.06
N ASP EB 227 -3.42 41.07 -77.68
CA ASP EB 227 -2.25 40.80 -78.57
C ASP EB 227 -2.49 39.63 -79.56
N ARG EB 228 -3.55 38.84 -79.41
CA ARG EB 228 -3.80 37.64 -80.26
C ARG EB 228 -5.08 37.73 -81.10
N VAL EB 229 -5.03 37.30 -82.36
CA VAL EB 229 -6.24 37.16 -83.21
C VAL EB 229 -6.31 35.69 -83.68
N VAL EB 230 -7.47 35.04 -83.61
CA VAL EB 230 -7.68 33.65 -84.12
C VAL EB 230 -8.59 33.68 -85.37
N THR EB 231 -8.18 33.04 -86.46
CA THR EB 231 -8.99 32.96 -87.70
C THR EB 231 -9.46 31.53 -87.95
N LYS EB 232 -10.75 31.34 -88.27
CA LYS EB 232 -11.33 30.02 -88.64
C LYS EB 232 -11.91 30.12 -90.06
N SER EB 233 -11.60 29.16 -90.93
CA SER EB 233 -12.08 29.12 -92.33
C SER EB 233 -12.60 27.73 -92.71
N THR EB 234 -13.80 27.62 -93.29
CA THR EB 234 -14.37 26.35 -93.76
C THR EB 234 -14.71 26.43 -95.24
N ARG EB 235 -14.33 25.41 -96.02
CA ARG EB 235 -14.64 25.33 -97.47
C ARG EB 235 -15.13 23.94 -97.92
N THR EB 236 -15.81 23.85 -99.06
CA THR EB 236 -16.25 22.58 -99.68
C THR EB 236 -15.34 22.30 -100.87
N TRP EB 237 -14.79 21.10 -100.98
CA TRP EB 237 -13.84 20.68 -102.04
C TRP EB 237 -14.32 19.46 -102.87
N VAL EB 238 -13.83 19.34 -104.09
CA VAL EB 238 -14.08 18.18 -104.98
C VAL EB 238 -12.74 17.53 -105.37
N LEU EB 239 -12.63 16.20 -105.35
CA LEU EB 239 -11.41 15.49 -105.83
C LEU EB 239 -11.64 14.60 -107.05
N PRO EB 240 -10.96 14.88 -108.18
CA PRO EB 240 -10.95 13.98 -109.33
C PRO EB 240 -10.07 12.75 -109.19
N SER EB 241 -10.35 11.69 -109.94
CA SER EB 241 -9.38 10.54 -109.96
C SER EB 241 -8.33 10.82 -111.05
N TYR EB 242 -7.20 11.44 -110.70
CA TYR EB 242 -6.16 11.88 -111.67
C TYR EB 242 -5.28 10.76 -112.23
N ASN EB 243 -5.05 10.72 -113.54
CA ASN EB 243 -4.09 9.78 -114.20
C ASN EB 243 -4.69 8.38 -114.33
N ASN EB 244 -5.97 8.20 -113.99
CA ASN EB 244 -6.65 6.86 -113.98
C ASN EB 244 -5.88 5.88 -113.10
N HIS EB 245 -5.45 6.30 -111.90
CA HIS EB 245 -4.75 5.42 -110.90
C HIS EB 245 -3.31 5.06 -111.28
N GLN EB 246 -2.64 5.89 -112.08
CA GLN EB 246 -1.28 5.58 -112.58
C GLN EB 246 -0.27 6.73 -112.36
N TYR EB 247 1.02 6.44 -112.33
CA TYR EB 247 2.12 7.42 -112.21
C TYR EB 247 2.69 7.58 -113.59
N ARG EB 248 2.87 8.80 -114.06
CA ARG EB 248 3.36 9.03 -115.44
C ARG EB 248 4.66 9.85 -115.50
N GLU EB 249 5.62 9.40 -116.30
CA GLU EB 249 6.85 10.21 -116.52
C GLU EB 249 6.50 11.41 -117.43
N ILE EB 250 6.92 12.60 -117.04
CA ILE EB 250 6.61 13.87 -117.75
C ILE EB 250 7.92 14.58 -118.12
N LYS EB 251 7.98 15.23 -119.26
CA LYS EB 251 9.25 15.84 -119.70
C LYS EB 251 9.02 16.97 -120.71
N SER EB 252 9.95 17.91 -120.80
CA SER EB 252 9.86 18.94 -121.86
C SER EB 252 11.22 19.25 -122.51
N GLY EB 253 11.25 19.55 -123.80
CA GLY EB 253 12.41 20.13 -124.51
C GLY EB 253 12.30 21.67 -124.50
N SER EB 254 13.13 22.37 -125.27
CA SER EB 254 13.09 23.86 -125.39
C SER EB 254 11.76 24.36 -126.00
N VAL EB 255 11.17 25.42 -125.44
CA VAL EB 255 9.85 25.96 -125.90
C VAL EB 255 9.90 27.48 -125.87
N ASP EB 256 9.25 28.16 -126.81
CA ASP EB 256 9.21 29.65 -126.90
C ASP EB 256 10.64 30.19 -127.08
N GLY EB 257 11.51 29.42 -127.72
CA GLY EB 257 12.90 29.83 -127.90
C GLY EB 257 13.82 29.59 -126.73
N SER EB 258 13.39 28.95 -125.63
CA SER EB 258 14.32 28.84 -124.47
C SER EB 258 14.59 27.43 -123.93
N ASN EB 259 15.86 27.06 -123.75
CA ASN EB 259 16.29 25.77 -123.11
C ASN EB 259 16.06 25.78 -121.58
N ALA EB 260 15.88 26.93 -120.94
CA ALA EB 260 15.55 27.09 -119.49
C ALA EB 260 14.18 26.45 -119.22
N ASN EB 261 13.34 26.39 -120.24
CA ASN EB 261 12.02 25.69 -120.27
C ASN EB 261 12.13 24.16 -120.11
N ALA EB 262 13.16 23.48 -120.61
CA ALA EB 262 13.35 22.00 -120.53
C ALA EB 262 13.39 21.43 -119.10
N TYR EB 263 12.75 20.28 -118.87
CA TYR EB 263 12.68 19.61 -117.54
C TYR EB 263 12.42 18.09 -117.70
N PHE EB 264 12.71 17.31 -116.66
CA PHE EB 264 12.37 15.86 -116.57
C PHE EB 264 11.62 15.69 -115.22
N GLY EB 265 10.50 14.97 -115.19
CA GLY EB 265 9.66 14.84 -113.99
C GLY EB 265 8.65 13.72 -113.93
N TYR EB 266 7.93 13.63 -112.80
CA TYR EB 266 6.83 12.65 -112.62
C TYR EB 266 5.47 13.31 -112.30
N SER EB 267 4.36 12.81 -112.86
CA SER EB 267 2.97 13.24 -112.49
C SER EB 267 2.36 12.12 -111.64
N THR EB 268 1.54 12.46 -110.66
CA THR EB 268 1.03 11.47 -109.69
C THR EB 268 -0.48 11.40 -109.62
N PRO EB 269 -1.05 10.28 -109.15
CA PRO EB 269 -2.50 10.12 -108.91
C PRO EB 269 -3.12 11.01 -107.82
N TRP EB 270 -2.35 11.46 -106.84
CA TRP EB 270 -2.75 12.30 -105.68
C TRP EB 270 -3.04 13.79 -105.92
N GLY EB 271 -3.79 14.38 -104.99
CA GLY EB 271 -4.11 15.81 -104.95
C GLY EB 271 -3.71 16.36 -103.60
N TYR EB 272 -3.54 17.66 -103.50
CA TYR EB 272 -3.05 18.30 -102.23
C TYR EB 272 -3.89 19.52 -101.84
N PHE EB 273 -3.85 19.88 -100.55
CA PHE EB 273 -4.53 21.10 -100.02
C PHE EB 273 -3.49 22.23 -99.80
N ASP EB 274 -3.71 23.43 -100.35
CA ASP EB 274 -2.84 24.62 -100.21
C ASP EB 274 -3.58 25.77 -99.51
N PHE EB 275 -3.03 26.29 -98.42
CA PHE EB 275 -3.60 27.47 -97.71
C PHE EB 275 -2.65 28.69 -97.71
N ASN EB 276 -1.59 28.76 -98.52
CA ASN EB 276 -0.61 29.89 -98.42
C ASN EB 276 -1.08 31.14 -99.20
N ARG EB 277 -2.24 31.69 -98.88
CA ARG EB 277 -2.74 32.99 -99.39
C ARG EB 277 -3.46 33.65 -98.20
N PHE EB 278 -3.31 34.96 -97.99
CA PHE EB 278 -3.97 35.71 -96.88
C PHE EB 278 -5.53 35.72 -96.97
N HIS EB 279 -6.12 35.86 -98.16
CA HIS EB 279 -7.59 35.91 -98.43
C HIS EB 279 -8.25 34.60 -98.01
N SER EB 280 -7.51 33.48 -97.95
CA SER EB 280 -7.96 32.17 -97.44
C SER EB 280 -8.35 32.27 -95.95
N HIS EB 281 -7.63 33.04 -95.14
CA HIS EB 281 -7.90 33.24 -93.69
C HIS EB 281 -8.52 34.59 -93.31
N TRP EB 282 -8.50 35.61 -94.16
CA TRP EB 282 -8.87 36.98 -93.75
C TRP EB 282 -9.99 37.59 -94.56
N SER EB 283 -11.01 38.11 -93.89
CA SER EB 283 -12.08 38.90 -94.57
C SER EB 283 -11.49 40.26 -94.95
N PRO EB 284 -12.05 40.96 -95.97
CA PRO EB 284 -11.58 42.29 -96.29
C PRO EB 284 -11.76 43.30 -95.17
N ARG EB 285 -12.85 43.29 -94.41
CA ARG EB 285 -13.02 44.16 -93.21
C ARG EB 285 -12.00 43.85 -92.09
N ASP EB 286 -11.72 42.59 -91.80
CA ASP EB 286 -10.71 42.15 -90.78
C ASP EB 286 -9.29 42.60 -91.16
N TRP EB 287 -8.94 42.52 -92.43
CA TRP EB 287 -7.65 43.00 -92.95
C TRP EB 287 -7.48 44.52 -92.76
N GLN EB 288 -8.53 45.30 -92.99
CA GLN EB 288 -8.56 46.77 -92.76
C GLN EB 288 -8.35 47.11 -91.28
N ARG EB 289 -8.95 46.34 -90.38
CA ARG EB 289 -8.76 46.55 -88.93
C ARG EB 289 -7.29 46.33 -88.53
N LEU EB 290 -6.62 45.30 -89.02
CA LEU EB 290 -5.16 45.10 -88.76
C LEU EB 290 -4.19 46.16 -89.35
N ILE EB 291 -4.35 46.56 -90.60
CA ILE EB 291 -3.45 47.52 -91.31
C ILE EB 291 -3.52 48.91 -90.68
N ASN EB 292 -4.71 49.35 -90.29
CA ASN EB 292 -4.99 50.64 -89.62
C ASN EB 292 -4.40 50.75 -88.20
N ASN EB 293 -4.38 49.70 -87.38
CA ASN EB 293 -4.03 49.80 -85.93
C ASN EB 293 -2.79 49.13 -85.37
N TYR EB 294 -1.99 48.40 -86.15
CA TYR EB 294 -0.86 47.61 -85.58
C TYR EB 294 0.47 47.83 -86.29
N TRP EB 295 1.57 47.90 -85.54
CA TRP EB 295 2.95 47.94 -86.11
C TRP EB 295 3.41 46.62 -86.81
N GLY EB 296 3.04 45.47 -86.28
CA GLY EB 296 3.48 44.18 -86.83
C GLY EB 296 2.61 42.99 -86.53
N PHE EB 297 2.80 41.91 -87.28
CA PHE EB 297 2.06 40.63 -87.03
C PHE EB 297 2.96 39.42 -87.34
N ARG EB 298 2.75 38.26 -86.72
CA ARG EB 298 3.46 36.98 -87.04
C ARG EB 298 2.54 35.73 -86.84
N PRO EB 299 2.69 34.63 -87.61
CA PRO EB 299 1.98 33.35 -87.33
C PRO EB 299 2.48 32.50 -86.13
N ARG EB 300 1.59 31.84 -85.40
CA ARG EB 300 1.96 31.06 -84.18
C ARG EB 300 1.55 29.59 -84.28
N SER EB 301 0.28 29.30 -84.60
CA SER EB 301 -0.24 27.91 -84.60
C SER EB 301 -1.19 27.60 -85.76
N LEU EB 302 -1.21 26.35 -86.20
CA LEU EB 302 -2.15 25.88 -87.25
C LEU EB 302 -2.90 24.59 -86.87
N ARG EB 303 -4.22 24.50 -87.08
CA ARG EB 303 -5.01 23.25 -86.90
C ARG EB 303 -5.82 22.94 -88.18
N VAL EB 304 -5.78 21.69 -88.67
CA VAL EB 304 -6.55 21.26 -89.89
C VAL EB 304 -7.49 20.06 -89.63
N LYS EB 305 -8.74 20.13 -90.07
CA LYS EB 305 -9.71 18.99 -90.01
C LYS EB 305 -10.33 18.68 -91.40
N ILE EB 306 -10.39 17.40 -91.81
CA ILE EB 306 -11.07 16.94 -93.07
C ILE EB 306 -12.24 16.03 -92.66
N PHE EB 307 -13.46 16.28 -93.16
CA PHE EB 307 -14.71 15.62 -92.66
C PHE EB 307 -15.87 15.59 -93.68
N ASN EB 308 -16.97 14.87 -93.38
CA ASN EB 308 -18.21 14.74 -94.22
C ASN EB 308 -17.92 14.19 -95.61
N ILE EB 309 -17.07 13.18 -95.68
CA ILE EB 309 -16.63 12.56 -96.93
C ILE EB 309 -17.77 11.85 -97.70
N GLN EB 310 -17.84 12.03 -99.01
CA GLN EB 310 -18.85 11.40 -99.89
C GLN EB 310 -18.18 10.88 -101.17
N VAL EB 311 -18.28 9.58 -101.42
CA VAL EB 311 -17.66 8.95 -102.62
C VAL EB 311 -18.79 8.62 -103.61
N LYS EB 312 -18.63 9.02 -104.87
CA LYS EB 312 -19.65 8.84 -105.93
C LYS EB 312 -19.11 8.00 -107.10
N GLU EB 313 -19.95 7.15 -107.66
CA GLU EB 313 -19.57 6.34 -108.86
C GLU EB 313 -20.33 6.87 -110.08
N VAL EB 314 -19.62 7.04 -111.18
CA VAL EB 314 -20.23 7.59 -112.41
C VAL EB 314 -20.28 6.46 -113.45
N THR EB 315 -21.44 6.24 -114.05
CA THR EB 315 -21.62 5.15 -115.03
C THR EB 315 -22.23 5.70 -116.30
N VAL EB 316 -21.74 5.26 -117.46
CA VAL EB 316 -22.41 5.69 -118.72
C VAL EB 316 -22.97 4.49 -119.49
N GLN EB 317 -24.27 4.48 -119.81
CA GLN EB 317 -24.81 3.45 -120.72
C GLN EB 317 -25.51 4.20 -121.87
N ASP EB 318 -25.03 4.04 -123.10
CA ASP EB 318 -25.71 4.67 -124.27
C ASP EB 318 -25.87 6.18 -124.03
N SER EB 319 -24.89 6.86 -123.43
CA SER EB 319 -24.89 8.35 -123.26
C SER EB 319 -25.77 8.87 -122.10
N THR EB 320 -26.36 8.02 -121.25
CA THR EB 320 -27.14 8.48 -120.06
C THR EB 320 -26.32 9.21 -118.99
N THR EB 321 -25.10 8.79 -118.65
CA THR EB 321 -24.28 9.37 -117.53
C THR EB 321 -24.93 9.43 -116.12
N THR EB 322 -25.50 8.35 -115.59
CA THR EB 322 -25.99 8.31 -114.17
C THR EB 322 -24.89 8.44 -113.11
N ILE EB 323 -25.17 9.13 -111.99
CA ILE EB 323 -24.24 9.29 -110.84
C ILE EB 323 -24.86 8.71 -109.56
N ALA EB 324 -24.13 7.92 -108.78
CA ALA EB 324 -24.65 7.26 -107.55
C ALA EB 324 -23.65 7.24 -106.39
N ASN EB 325 -24.14 7.18 -105.17
CA ASN EB 325 -23.27 7.01 -103.97
C ASN EB 325 -22.67 5.62 -103.83
N ASN EB 326 -21.39 5.51 -103.46
CA ASN EB 326 -20.81 4.19 -103.09
C ASN EB 326 -20.44 4.29 -101.61
N LEU EB 327 -21.16 3.62 -100.72
CA LEU EB 327 -20.96 3.61 -99.24
C LEU EB 327 -19.65 2.95 -98.79
N THR EB 328 -19.24 1.87 -99.42
CA THR EB 328 -18.07 1.06 -98.99
C THR EB 328 -16.73 1.56 -99.56
N SER EB 329 -16.70 2.55 -100.46
CA SER EB 329 -15.46 3.15 -101.03
C SER EB 329 -14.64 4.01 -100.03
N THR EB 330 -13.32 4.11 -100.22
CA THR EB 330 -12.41 4.82 -99.28
C THR EB 330 -11.62 5.97 -99.90
N VAL EB 331 -11.18 6.88 -99.06
CA VAL EB 331 -10.26 8.00 -99.45
C VAL EB 331 -8.99 7.80 -98.60
N GLN EB 332 -7.81 8.11 -99.11
CA GLN EB 332 -6.51 7.97 -98.39
C GLN EB 332 -5.82 9.33 -98.12
N VAL EB 333 -5.43 9.61 -96.88
CA VAL EB 333 -4.86 10.92 -96.46
C VAL EB 333 -3.54 10.77 -95.66
N PHE EB 334 -2.54 11.61 -95.93
CA PHE EB 334 -1.27 11.64 -95.15
C PHE EB 334 -0.61 13.05 -95.09
N THR EB 335 0.25 13.29 -94.12
CA THR EB 335 1.05 14.54 -94.01
C THR EB 335 2.54 14.19 -94.11
N ASP EB 336 3.31 14.95 -94.89
CA ASP EB 336 4.80 14.73 -95.04
C ASP EB 336 5.57 15.48 -93.94
N ASP EB 337 5.60 14.96 -92.73
CA ASP EB 337 6.23 15.58 -91.53
C ASP EB 337 7.75 15.77 -91.57
N ASP EB 338 8.53 14.84 -92.13
CA ASP EB 338 10.02 14.88 -92.16
C ASP EB 338 10.57 15.53 -93.43
N TYR EB 339 9.74 16.06 -94.33
CA TYR EB 339 10.16 16.82 -95.54
C TYR EB 339 10.92 15.95 -96.53
N GLN EB 340 10.63 14.67 -96.58
CA GLN EB 340 11.21 13.71 -97.55
C GLN EB 340 10.80 14.03 -99.00
N LEU EB 341 9.57 14.42 -99.23
CA LEU EB 341 9.06 14.80 -100.57
C LEU EB 341 9.50 16.17 -101.06
N PRO EB 342 9.57 16.39 -102.38
CA PRO EB 342 9.76 17.75 -102.87
C PRO EB 342 8.60 18.68 -102.48
N TYR EB 343 8.87 19.90 -101.99
CA TYR EB 343 7.82 20.83 -101.48
C TYR EB 343 7.47 21.86 -102.55
N VAL EB 344 6.26 21.77 -103.07
CA VAL EB 344 5.83 22.64 -104.20
C VAL EB 344 4.90 23.77 -103.71
N VAL EB 345 4.55 23.82 -102.42
CA VAL EB 345 3.57 24.79 -101.85
C VAL EB 345 3.96 26.30 -101.93
N GLY EB 346 5.21 26.70 -101.80
CA GLY EB 346 5.61 28.14 -101.68
C GLY EB 346 6.04 28.86 -102.95
N ASN EB 347 5.61 28.44 -104.13
CA ASN EB 347 6.08 28.93 -105.46
C ASN EB 347 5.05 29.78 -106.24
N GLY EB 348 4.05 30.43 -105.60
CA GLY EB 348 3.02 31.29 -106.23
C GLY EB 348 2.10 30.64 -107.22
N THR EB 349 1.70 29.40 -106.96
CA THR EB 349 0.83 28.62 -107.86
C THR EB 349 -0.62 28.61 -107.44
N GLU EB 350 -1.53 28.43 -108.38
CA GLU EB 350 -3.00 28.36 -108.17
C GLU EB 350 -3.50 27.05 -107.51
N GLY EB 351 -4.74 27.02 -107.02
CA GLY EB 351 -5.30 25.87 -106.26
C GLY EB 351 -5.45 26.01 -104.77
N CYS EB 352 -5.19 27.18 -104.18
CA CYS EB 352 -5.41 27.47 -102.73
C CYS EB 352 -6.91 27.62 -102.42
N LEU EB 353 -7.30 27.54 -101.14
CA LEU EB 353 -8.70 27.73 -100.72
C LEU EB 353 -9.18 29.11 -101.17
N PRO EB 354 -10.44 29.21 -101.65
CA PRO EB 354 -10.96 30.49 -102.13
C PRO EB 354 -11.16 31.67 -101.17
N ALA EB 355 -11.05 32.90 -101.66
CA ALA EB 355 -11.27 34.15 -100.88
C ALA EB 355 -12.72 34.22 -100.33
N PHE EB 356 -13.72 33.81 -101.12
CA PHE EB 356 -15.16 33.91 -100.72
C PHE EB 356 -15.61 32.57 -100.17
N PRO EB 357 -16.12 32.49 -98.90
CA PRO EB 357 -16.55 31.24 -98.27
C PRO EB 357 -17.53 30.28 -98.97
N PRO EB 358 -18.60 30.75 -99.66
CA PRO EB 358 -19.51 29.92 -100.45
C PRO EB 358 -18.94 29.21 -101.70
N GLN EB 359 -17.85 29.70 -102.27
CA GLN EB 359 -17.23 29.12 -103.50
C GLN EB 359 -16.71 27.68 -103.30
N VAL EB 360 -16.93 26.82 -104.28
CA VAL EB 360 -16.56 25.38 -104.18
C VAL EB 360 -15.36 25.16 -105.12
N PHE EB 361 -14.35 24.43 -104.66
CA PHE EB 361 -13.09 24.33 -105.44
C PHE EB 361 -12.54 22.91 -105.73
N THR EB 362 -11.91 22.78 -106.89
CA THR EB 362 -11.18 21.55 -107.28
C THR EB 362 -9.76 21.55 -106.71
N LEU EB 363 -9.32 20.44 -106.09
CA LEU EB 363 -7.92 20.28 -105.61
C LEU EB 363 -6.91 20.13 -106.75
N PRO EB 364 -5.73 20.78 -106.64
CA PRO EB 364 -4.65 20.58 -107.61
C PRO EB 364 -3.97 19.19 -107.63
N GLN EB 365 -3.56 18.69 -108.79
CA GLN EB 365 -2.77 17.44 -108.89
C GLN EB 365 -1.29 17.64 -108.54
N TYR EB 366 -0.71 16.76 -107.69
CA TYR EB 366 0.74 16.76 -107.34
C TYR EB 366 1.67 16.27 -108.46
N GLY EB 367 2.81 16.93 -108.61
CA GLY EB 367 3.84 16.63 -109.61
C GLY EB 367 5.10 17.29 -109.17
N TYR EB 368 6.24 16.94 -109.78
CA TYR EB 368 7.57 17.55 -109.45
C TYR EB 368 8.53 17.46 -110.62
N ALA EB 369 9.55 18.30 -110.60
CA ALA EB 369 10.67 18.20 -111.56
C ALA EB 369 11.93 17.73 -110.81
N THR EB 370 12.64 16.75 -111.34
CA THR EB 370 13.97 16.30 -110.83
C THR EB 370 15.04 16.86 -111.76
N LEU EB 371 16.21 16.26 -111.79
CA LEU EB 371 17.32 16.64 -112.69
C LEU EB 371 17.11 16.30 -114.18
N ASN EB 372 17.64 17.14 -115.05
CA ASN EB 372 17.54 16.96 -116.53
C ASN EB 372 18.97 17.06 -117.07
N ARG EB 373 19.28 16.41 -118.18
CA ARG EB 373 20.69 16.36 -118.67
C ARG EB 373 20.96 17.34 -119.82
N ASP EB 374 21.95 18.22 -119.66
CA ASP EB 374 22.43 19.19 -120.70
C ASP EB 374 21.35 20.11 -121.28
N ASN EB 375 20.43 20.64 -120.46
CA ASN EB 375 19.32 21.52 -120.92
C ASN EB 375 18.47 20.80 -121.97
N THR EB 376 18.16 19.52 -121.78
CA THR EB 376 17.35 18.66 -122.68
C THR EB 376 16.29 17.90 -121.86
N GLU EB 377 15.32 17.20 -122.47
CA GLU EB 377 14.23 16.43 -121.79
C GLU EB 377 14.70 15.13 -121.09
N ASN EB 378 15.88 14.63 -121.40
CA ASN EB 378 16.48 13.41 -120.81
C ASN EB 378 16.91 13.51 -119.34
N PRO EB 379 16.78 12.41 -118.57
CA PRO EB 379 17.29 12.30 -117.20
C PRO EB 379 18.82 12.01 -116.97
N THR EB 380 19.26 12.07 -115.72
CA THR EB 380 20.64 11.81 -115.27
C THR EB 380 20.62 10.67 -114.27
N GLU EB 381 21.76 10.06 -113.95
CA GLU EB 381 21.90 9.00 -112.92
C GLU EB 381 21.50 9.53 -111.52
N ARG EB 382 21.78 10.77 -111.19
CA ARG EB 382 21.36 11.46 -109.94
C ARG EB 382 19.84 11.68 -109.88
N SER EB 383 19.11 11.69 -111.00
CA SER EB 383 17.65 11.95 -111.07
C SER EB 383 16.86 10.92 -110.23
N SER EB 384 15.85 11.37 -109.49
CA SER EB 384 15.13 10.57 -108.45
C SER EB 384 13.63 10.35 -108.69
N PHE EB 385 13.15 9.17 -108.35
CA PHE EB 385 11.71 8.84 -108.40
C PHE EB 385 11.20 8.65 -106.98
N PHE EB 386 10.06 9.26 -106.69
CA PHE EB 386 9.43 9.12 -105.35
C PHE EB 386 8.04 8.50 -105.47
N CYS EB 387 7.75 7.45 -104.70
CA CYS EB 387 6.41 6.82 -104.60
C CYS EB 387 5.66 7.29 -103.32
N LEU EB 388 4.45 7.85 -103.44
CA LEU EB 388 3.58 8.30 -102.32
C LEU EB 388 3.03 7.11 -101.51
N GLU EB 389 2.72 5.99 -102.19
CA GLU EB 389 2.16 4.76 -101.57
C GLU EB 389 3.19 4.08 -100.65
N TYR EB 390 4.47 4.39 -100.79
CA TYR EB 390 5.55 3.92 -99.87
C TYR EB 390 5.35 4.49 -98.46
N PHE EB 391 4.90 5.71 -98.29
CA PHE EB 391 4.55 6.31 -96.96
C PHE EB 391 3.29 5.69 -96.36
N PRO EB 392 3.15 5.58 -95.02
CA PRO EB 392 1.85 5.23 -94.43
C PRO EB 392 0.69 6.28 -94.51
N SER EB 393 -0.56 5.88 -94.77
CA SER EB 393 -1.72 6.80 -94.88
C SER EB 393 -2.99 6.32 -94.13
N LYS EB 394 -3.79 7.23 -93.60
CA LYS EB 394 -5.12 6.90 -93.02
C LYS EB 394 -6.14 6.56 -94.12
N MET EB 395 -7.01 5.57 -93.89
CA MET EB 395 -8.08 5.20 -94.87
C MET EB 395 -9.46 5.61 -94.30
N LEU EB 396 -10.24 6.34 -95.08
CA LEU EB 396 -11.54 6.85 -94.58
C LEU EB 396 -12.76 6.46 -95.42
N ARG EB 397 -13.78 5.92 -94.77
CA ARG EB 397 -15.13 5.72 -95.36
C ARG EB 397 -15.99 6.99 -95.03
N THR EB 398 -17.26 7.04 -95.44
CA THR EB 398 -18.23 8.18 -95.24
C THR EB 398 -18.40 8.60 -93.78
N GLY EB 399 -18.41 7.70 -92.80
CA GLY EB 399 -18.38 7.97 -91.34
C GLY EB 399 -17.14 8.63 -90.79
N ASN EB 400 -15.96 8.34 -91.32
CA ASN EB 400 -14.61 8.76 -90.82
C ASN EB 400 -14.15 10.21 -91.01
N ASN EB 401 -13.22 10.70 -90.19
CA ASN EB 401 -12.67 12.08 -90.22
C ASN EB 401 -11.14 12.07 -89.99
N PHE EB 402 -10.41 13.11 -90.41
CA PHE EB 402 -8.96 13.27 -90.17
C PHE EB 402 -8.62 14.62 -89.49
N GLU EB 403 -7.69 14.65 -88.54
CA GLU EB 403 -7.23 15.91 -87.90
C GLU EB 403 -5.68 16.04 -87.81
N PHE EB 404 -5.12 17.26 -87.95
CA PHE EB 404 -3.66 17.55 -87.77
C PHE EB 404 -3.43 18.87 -86.97
N THR EB 405 -2.33 18.97 -86.22
CA THR EB 405 -1.92 20.21 -85.47
C THR EB 405 -0.46 20.58 -85.77
N TYR EB 406 -0.14 21.86 -85.92
CA TYR EB 406 1.26 22.34 -86.16
C TYR EB 406 1.62 23.59 -85.34
N ASN EB 407 2.88 23.74 -84.94
CA ASN EB 407 3.40 24.98 -84.26
C ASN EB 407 4.47 25.63 -85.14
N PHE EB 408 4.38 26.92 -85.35
CA PHE EB 408 5.38 27.67 -86.16
C PHE EB 408 6.63 27.89 -85.32
N GLU EB 409 7.81 27.92 -85.95
CA GLU EB 409 9.09 28.28 -85.28
C GLU EB 409 9.13 29.79 -84.98
N GLU EB 410 9.97 30.23 -84.04
CA GLU EB 410 10.11 31.69 -83.81
C GLU EB 410 10.60 32.38 -85.09
N VAL EB 411 9.95 33.48 -85.44
CA VAL EB 411 10.24 34.21 -86.70
C VAL EB 411 10.11 35.70 -86.36
N PRO EB 412 10.81 36.63 -87.03
CA PRO EB 412 10.58 38.05 -86.81
C PRO EB 412 9.20 38.57 -87.29
N PHE EB 413 8.61 39.55 -86.60
CA PHE EB 413 7.31 40.17 -87.01
C PHE EB 413 7.46 40.91 -88.33
N HIS EB 414 6.47 40.85 -89.23
CA HIS EB 414 6.46 41.70 -90.45
C HIS EB 414 6.30 43.17 -90.02
N SER EB 415 6.93 44.09 -90.73
CA SER EB 415 6.81 45.54 -90.40
C SER EB 415 5.68 46.24 -91.16
N SER EB 416 4.54 46.48 -90.51
CA SER EB 416 3.37 47.19 -91.08
C SER EB 416 3.45 48.70 -90.78
N PHE EB 417 4.45 49.39 -91.30
CA PHE EB 417 4.63 50.85 -91.06
C PHE EB 417 5.45 51.43 -92.20
N ALA EB 418 5.33 52.73 -92.38
CA ALA EB 418 6.14 53.48 -93.36
C ALA EB 418 7.04 54.44 -92.59
N PRO EB 419 8.33 54.58 -92.97
CA PRO EB 419 9.18 55.59 -92.35
C PRO EB 419 8.79 57.06 -92.54
N SER EB 420 8.88 57.84 -91.47
CA SER EB 420 8.56 59.30 -91.50
C SER EB 420 9.83 60.17 -91.70
N GLN EB 421 11.01 59.57 -91.83
CA GLN EB 421 12.27 60.31 -92.11
C GLN EB 421 13.11 59.70 -93.22
N ASN EB 422 13.81 60.51 -94.00
CA ASN EB 422 14.84 60.08 -94.99
C ASN EB 422 16.11 59.60 -94.27
N LEU EB 423 16.77 58.54 -94.77
CA LEU EB 423 18.01 57.94 -94.19
C LEU EB 423 19.17 58.96 -94.18
N PHE EB 424 19.28 59.80 -95.20
CA PHE EB 424 20.33 60.83 -95.33
C PHE EB 424 20.01 62.20 -94.65
N LYS EB 425 18.86 62.44 -94.03
CA LYS EB 425 18.44 63.75 -93.42
C LYS EB 425 18.32 63.68 -91.87
N LEU EB 426 19.11 62.88 -91.16
CA LEU EB 426 18.97 62.63 -89.69
C LEU EB 426 19.71 63.61 -88.75
N ALA EB 427 20.61 64.45 -89.27
CA ALA EB 427 21.27 65.48 -88.47
C ALA EB 427 20.24 66.57 -88.10
N ASN EB 428 20.40 67.23 -86.94
CA ASN EB 428 19.51 68.35 -86.56
C ASN EB 428 19.66 69.44 -87.63
N PRO EB 429 18.53 70.00 -88.13
CA PRO EB 429 18.56 71.09 -89.10
C PRO EB 429 19.21 72.42 -88.59
N LEU EB 430 19.01 72.82 -87.33
CA LEU EB 430 19.59 73.99 -86.62
C LEU EB 430 21.11 73.99 -86.37
N VAL EB 431 21.73 72.85 -86.10
CA VAL EB 431 23.16 72.79 -85.67
C VAL EB 431 24.18 72.29 -86.71
N ASP EB 432 25.31 72.99 -86.87
CA ASP EB 432 26.46 72.59 -87.73
C ASP EB 432 27.28 71.41 -87.17
N GLN EB 433 27.86 70.60 -88.05
CA GLN EB 433 28.79 69.50 -87.67
C GLN EB 433 30.19 69.99 -87.26
N TYR EB 434 30.90 69.30 -86.35
CA TYR EB 434 32.32 69.60 -86.04
C TYR EB 434 33.28 68.92 -87.06
N LEU EB 435 32.85 68.69 -88.28
CA LEU EB 435 33.60 67.90 -89.29
C LEU EB 435 33.80 68.72 -90.56
N TYR EB 436 34.87 68.44 -91.29
CA TYR EB 436 35.24 69.26 -92.48
C TYR EB 436 35.44 68.39 -93.71
N ARG EB 437 35.27 68.99 -94.88
CA ARG EB 437 35.37 68.27 -96.18
C ARG EB 437 36.33 68.99 -97.13
N PHE EB 438 36.94 68.25 -98.05
CA PHE EB 438 37.80 68.84 -99.08
C PHE EB 438 36.94 69.38 -100.19
N VAL EB 439 37.17 70.63 -100.53
CA VAL EB 439 36.39 71.27 -101.62
C VAL EB 439 37.25 71.77 -102.79
N SER EB 440 38.56 71.93 -102.60
CA SER EB 440 39.34 72.67 -103.63
C SER EB 440 40.85 72.51 -103.65
N THR EB 441 41.46 72.91 -104.74
CA THR EB 441 42.93 72.98 -104.86
C THR EB 441 43.20 74.41 -105.37
N ASN EB 442 44.27 75.07 -104.92
CA ASN EB 442 44.66 76.45 -105.39
C ASN EB 442 45.50 76.43 -106.70
N ASN EB 443 46.00 77.58 -107.16
CA ASN EB 443 46.76 77.70 -108.45
C ASN EB 443 48.00 76.80 -108.38
N THR EB 444 48.69 76.72 -107.24
CA THR EB 444 49.71 75.68 -107.01
C THR EB 444 48.80 74.63 -106.45
N GLY EB 445 48.91 73.35 -106.78
CA GLY EB 445 47.80 72.46 -106.37
C GLY EB 445 47.73 72.09 -104.90
N GLY EB 446 47.45 73.07 -104.03
CA GLY EB 446 47.40 72.87 -102.56
C GLY EB 446 45.99 72.70 -102.06
N VAL EB 447 45.75 71.68 -101.24
CA VAL EB 447 44.38 71.31 -100.75
C VAL EB 447 43.70 72.35 -99.85
N GLN EB 448 42.38 72.50 -100.00
CA GLN EB 448 41.59 73.51 -99.24
C GLN EB 448 40.36 72.83 -98.63
N PHE EB 449 39.89 73.33 -97.49
CA PHE EB 449 38.78 72.67 -96.73
C PHE EB 449 37.69 73.66 -96.28
N ASN EB 450 36.47 73.17 -96.11
CA ASN EB 450 35.33 73.99 -95.60
C ASN EB 450 34.57 73.19 -94.55
N LYS EB 451 34.02 73.84 -93.54
CA LYS EB 451 33.15 73.22 -92.49
C LYS EB 451 31.76 72.82 -93.03
N ASN EB 452 31.16 71.80 -92.42
CA ASN EB 452 29.81 71.34 -92.84
C ASN EB 452 28.73 72.12 -92.08
N LEU EB 453 27.90 72.89 -92.81
CA LEU EB 453 26.82 73.75 -92.24
C LEU EB 453 25.50 73.03 -91.92
N ALA EB 454 24.67 73.64 -91.06
CA ALA EB 454 23.35 73.07 -90.68
C ALA EB 454 22.37 72.96 -91.85
N GLY EB 455 21.74 71.79 -92.00
CA GLY EB 455 20.74 71.51 -93.04
C GLY EB 455 21.29 71.18 -94.42
N ARG EB 456 22.61 71.14 -94.60
CA ARG EB 456 23.27 70.87 -95.90
C ARG EB 456 23.46 69.34 -96.06
N TYR EB 457 22.38 68.59 -96.32
CA TYR EB 457 22.32 67.09 -96.38
C TYR EB 457 23.16 66.54 -97.53
N ALA EB 458 23.32 67.32 -98.59
CA ALA EB 458 24.20 66.96 -99.71
C ALA EB 458 25.65 66.75 -99.24
N ASN EB 459 26.15 67.53 -98.28
CA ASN EB 459 27.58 67.52 -97.84
C ASN EB 459 27.86 67.05 -96.40
N THR EB 460 27.13 66.15 -95.80
CA THR EB 460 27.18 65.82 -94.36
C THR EB 460 27.77 64.44 -94.21
N TYR EB 461 28.53 64.19 -93.15
CA TYR EB 461 29.09 62.85 -92.84
C TYR EB 461 27.93 61.94 -92.49
N LYS EB 462 27.97 60.68 -92.94
CA LYS EB 462 26.85 59.74 -92.74
C LYS EB 462 27.26 58.44 -92.04
N ASN EB 463 26.57 58.01 -91.00
CA ASN EB 463 26.75 56.67 -90.36
C ASN EB 463 26.27 55.45 -91.17
N TRP EB 464 25.17 55.55 -91.91
CA TRP EB 464 24.48 54.37 -92.46
C TRP EB 464 24.21 54.48 -93.94
N PHE EB 465 24.08 53.35 -94.60
CA PHE EB 465 23.98 53.32 -96.08
C PHE EB 465 22.74 52.57 -96.50
N PRO EB 466 22.21 52.90 -97.68
CA PRO EB 466 21.08 52.18 -98.26
C PRO EB 466 21.35 50.75 -98.73
N GLY EB 467 20.30 49.95 -98.86
CA GLY EB 467 20.39 48.52 -99.26
C GLY EB 467 20.73 48.23 -100.71
N PRO EB 468 21.06 46.96 -101.04
CA PRO EB 468 21.52 46.58 -102.37
C PRO EB 468 20.59 46.77 -103.59
N MET EB 469 21.17 47.13 -104.74
CA MET EB 469 20.35 47.47 -105.94
C MET EB 469 20.86 46.83 -107.25
N GLY EB 470 19.99 46.47 -108.19
CA GLY EB 470 20.38 46.10 -109.58
C GLY EB 470 19.48 46.85 -110.56
N ARG EB 471 19.98 47.55 -111.58
CA ARG EB 471 19.09 48.38 -112.44
C ARG EB 471 18.07 47.56 -113.29
N THR EB 472 16.79 47.97 -113.32
CA THR EB 472 15.69 47.32 -114.06
C THR EB 472 14.94 48.37 -114.86
N GLN EB 473 14.49 48.07 -116.08
CA GLN EB 473 13.86 49.06 -116.98
C GLN EB 473 12.54 49.64 -116.42
N GLY EB 474 12.32 50.94 -116.63
CA GLY EB 474 11.10 51.63 -116.18
C GLY EB 474 10.14 51.92 -117.31
N TRP EB 475 8.86 51.59 -117.09
CA TRP EB 475 7.80 51.81 -118.11
C TRP EB 475 6.69 52.72 -117.55
N ASN EB 476 6.26 53.70 -118.33
CA ASN EB 476 5.16 54.64 -117.94
C ASN EB 476 3.79 53.96 -118.03
N LEU EB 477 2.86 54.34 -117.16
CA LEU EB 477 1.50 53.77 -117.08
C LEU EB 477 0.53 54.96 -117.20
N GLY EB 478 -0.74 54.74 -117.54
CA GLY EB 478 -1.68 55.86 -117.75
C GLY EB 478 -1.30 56.73 -118.93
N SER EB 479 -1.07 58.02 -118.71
CA SER EB 479 -0.70 58.95 -119.80
C SER EB 479 0.63 58.48 -120.41
N GLY EB 480 1.61 58.02 -119.61
CA GLY EB 480 2.77 57.31 -120.22
C GLY EB 480 3.61 58.05 -121.23
N VAL EB 481 3.75 57.53 -122.44
CA VAL EB 481 4.65 58.07 -123.52
C VAL EB 481 5.85 57.12 -123.78
N ASN EB 482 5.73 55.81 -123.53
CA ASN EB 482 6.76 54.75 -123.81
C ASN EB 482 7.01 54.39 -125.28
N ARG EB 483 8.14 53.77 -125.62
CA ARG EB 483 8.52 53.31 -127.00
C ARG EB 483 7.60 52.23 -127.60
N ALA EB 484 7.24 52.35 -128.89
CA ALA EB 484 6.29 51.47 -129.61
C ALA EB 484 6.81 50.14 -130.15
N SER EB 485 5.92 49.13 -130.28
CA SER EB 485 6.22 47.83 -130.94
C SER EB 485 7.41 47.05 -130.36
N VAL EB 486 7.55 47.00 -129.05
CA VAL EB 486 8.73 46.34 -128.42
C VAL EB 486 8.44 44.89 -128.00
N SER EB 487 9.38 43.97 -128.26
CA SER EB 487 9.28 42.60 -127.69
C SER EB 487 10.18 42.64 -126.45
N ALA EB 488 9.64 42.44 -125.26
CA ALA EB 488 10.36 42.58 -123.97
C ALA EB 488 11.50 41.60 -123.66
N PHE EB 489 11.46 40.31 -124.01
CA PHE EB 489 12.36 39.25 -123.48
C PHE EB 489 13.89 39.40 -123.70
N ALA EB 490 14.38 39.86 -124.84
CA ALA EB 490 15.83 39.99 -125.12
C ALA EB 490 16.49 40.97 -124.14
N THR EB 491 15.82 42.06 -123.78
CA THR EB 491 16.38 43.12 -122.91
C THR EB 491 16.05 42.96 -121.44
N THR EB 492 15.39 41.89 -121.02
CA THR EB 492 15.04 41.60 -119.60
C THR EB 492 16.23 41.20 -118.73
N ASN EB 493 16.15 41.41 -117.41
CA ASN EB 493 17.19 40.99 -116.43
C ASN EB 493 17.27 39.47 -116.33
N ARG EB 494 18.48 38.91 -116.20
CA ARG EB 494 18.65 37.44 -116.20
C ARG EB 494 19.77 36.95 -115.28
N MET EB 495 19.69 35.72 -114.81
CA MET EB 495 20.79 35.06 -114.05
C MET EB 495 21.08 33.73 -114.79
N GLU EB 496 22.34 33.28 -114.82
CA GLU EB 496 22.74 32.05 -115.58
C GLU EB 496 22.95 30.87 -114.63
N LEU EB 497 22.27 29.74 -114.83
CA LEU EB 497 22.49 28.49 -114.03
C LEU EB 497 22.68 27.30 -114.95
N GLU EB 498 23.72 26.47 -114.77
CA GLU EB 498 23.93 25.17 -115.50
C GLU EB 498 23.92 25.33 -117.03
N GLY EB 499 24.46 26.40 -117.59
CA GLY EB 499 24.38 26.63 -119.04
C GLY EB 499 23.09 27.24 -119.60
N ALA EB 500 22.13 27.69 -118.79
CA ALA EB 500 20.92 28.35 -119.36
C ALA EB 500 20.67 29.74 -118.75
N SER EB 501 20.03 30.65 -119.48
CA SER EB 501 19.67 32.02 -119.01
C SER EB 501 18.23 32.03 -118.49
N TYR EB 502 18.06 32.51 -117.28
CA TYR EB 502 16.70 32.52 -116.65
C TYR EB 502 16.25 33.90 -116.28
N GLN EB 503 15.02 34.23 -116.60
CA GLN EB 503 14.42 35.46 -116.05
C GLN EB 503 14.18 35.18 -114.56
N VAL EB 504 14.36 36.18 -113.72
CA VAL EB 504 14.17 36.07 -112.25
C VAL EB 504 13.18 37.21 -111.98
N PRO EB 505 11.88 37.01 -112.29
CA PRO EB 505 10.88 38.07 -112.29
C PRO EB 505 10.63 38.82 -111.02
N PRO EB 506 10.62 38.31 -109.77
CA PRO EB 506 10.58 39.24 -108.65
C PRO EB 506 12.08 39.59 -108.58
N GLN EB 507 12.48 40.84 -108.50
CA GLN EB 507 13.96 41.03 -108.31
C GLN EB 507 14.33 40.76 -106.82
N PRO EB 508 15.61 40.65 -106.40
CA PRO EB 508 15.99 40.53 -104.98
C PRO EB 508 15.69 41.77 -104.08
N ASN EB 509 15.44 41.63 -102.76
CA ASN EB 509 15.04 42.75 -101.83
C ASN EB 509 16.00 43.95 -101.66
N GLY EB 510 15.49 45.12 -101.22
CA GLY EB 510 16.25 46.38 -101.02
C GLY EB 510 16.02 47.48 -102.01
N MET EB 511 15.08 47.33 -102.92
CA MET EB 511 14.77 48.40 -103.89
C MET EB 511 13.30 48.86 -103.85
N THR EB 512 13.00 50.01 -104.46
CA THR EB 512 11.60 50.46 -104.67
C THR EB 512 11.31 50.56 -106.17
N ASN EB 513 10.24 49.93 -106.67
CA ASN EB 513 9.72 50.01 -108.08
C ASN EB 513 9.15 51.39 -108.51
N ASN EB 514 8.44 52.12 -107.65
CA ASN EB 514 7.74 53.39 -108.03
C ASN EB 514 8.08 54.52 -107.06
N LEU EB 515 8.36 55.72 -107.55
CA LEU EB 515 8.63 56.93 -106.68
C LEU EB 515 7.48 57.52 -105.80
N GLN EB 516 6.21 57.66 -106.23
CA GLN EB 516 5.08 58.32 -105.49
C GLN EB 516 4.59 59.41 -106.43
N GLY EB 517 3.28 59.55 -106.62
CA GLY EB 517 2.92 60.39 -107.77
C GLY EB 517 3.47 59.53 -108.88
N SER EB 518 4.40 60.01 -109.70
CA SER EB 518 5.03 59.27 -110.83
C SER EB 518 4.31 58.05 -111.44
N ASN EB 519 4.34 57.99 -112.77
CA ASN EB 519 3.70 56.87 -113.51
C ASN EB 519 4.78 55.93 -114.04
N THR EB 520 6.03 56.08 -113.62
CA THR EB 520 7.11 55.15 -113.99
C THR EB 520 7.17 53.98 -113.01
N TYR EB 521 7.17 52.78 -113.54
CA TYR EB 521 7.21 51.55 -112.72
C TYR EB 521 8.25 50.65 -113.29
N ALA EB 522 9.03 50.03 -112.41
CA ALA EB 522 9.94 48.99 -112.93
C ALA EB 522 9.12 47.69 -112.88
N LEU EB 523 8.63 47.20 -114.02
CA LEU EB 523 7.66 46.06 -114.13
C LEU EB 523 8.19 44.70 -113.63
N GLU EB 524 9.48 44.40 -113.83
CA GLU EB 524 10.10 43.14 -113.36
C GLU EB 524 10.41 43.19 -111.85
N ASN EB 525 10.25 44.32 -111.17
CA ASN EB 525 10.38 44.44 -109.69
C ASN EB 525 8.99 44.48 -109.02
N THR EB 526 7.90 44.27 -109.74
CA THR EB 526 6.53 44.44 -109.18
C THR EB 526 5.73 43.15 -109.19
N MET EB 527 5.00 42.86 -108.12
CA MET EB 527 4.00 41.76 -108.12
C MET EB 527 2.78 42.19 -108.96
N ILE EB 528 2.42 41.40 -109.97
CA ILE EB 528 1.22 41.67 -110.82
C ILE EB 528 0.17 40.56 -110.62
N PHE EB 529 -1.08 40.93 -110.39
CA PHE EB 529 -2.18 39.99 -110.06
C PHE EB 529 -3.38 40.27 -110.94
N ASN EB 530 -4.29 39.31 -111.07
CA ASN EB 530 -5.57 39.47 -111.81
C ASN EB 530 -6.70 39.59 -110.78
N SER EB 531 -7.66 40.50 -110.99
CA SER EB 531 -8.86 40.62 -110.12
C SER EB 531 -9.71 39.35 -110.17
N GLN EB 532 -9.84 38.74 -111.35
CA GLN EB 532 -10.66 37.52 -111.56
C GLN EB 532 -9.77 36.30 -111.83
N PRO EB 533 -10.17 35.08 -111.40
CA PRO EB 533 -9.44 33.85 -111.74
C PRO EB 533 -9.49 33.52 -113.24
N ALA EB 534 -8.46 32.83 -113.73
CA ALA EB 534 -8.33 32.56 -115.18
C ALA EB 534 -8.38 31.07 -115.50
N ASN EB 535 -8.82 30.74 -116.71
CA ASN EB 535 -8.80 29.35 -117.22
C ASN EB 535 -7.35 28.89 -117.46
N PRO EB 536 -7.03 27.60 -117.26
CA PRO EB 536 -5.68 27.11 -117.52
C PRO EB 536 -5.18 27.17 -118.96
N GLY EB 537 -3.92 27.57 -119.16
CA GLY EB 537 -3.28 27.61 -120.48
C GLY EB 537 -3.61 28.83 -121.31
N THR EB 538 -4.26 29.83 -120.75
CA THR EB 538 -4.65 31.01 -121.54
C THR EB 538 -3.40 31.70 -122.12
N THR EB 539 -3.45 32.13 -123.37
CA THR EB 539 -2.37 32.87 -124.03
C THR EB 539 -2.84 34.27 -124.39
N ALA EB 540 -3.98 34.72 -123.86
CA ALA EB 540 -4.60 36.04 -124.15
C ALA EB 540 -3.75 37.25 -123.69
N THR EB 541 -3.70 38.32 -124.49
CA THR EB 541 -3.05 39.58 -124.06
C THR EB 541 -3.89 40.28 -123.03
N TYR EB 542 -3.26 40.89 -122.03
CA TYR EB 542 -3.98 41.68 -121.01
C TYR EB 542 -3.44 43.09 -120.97
N LEU EB 543 -4.33 44.06 -121.03
CA LEU EB 543 -3.97 45.49 -120.84
C LEU EB 543 -3.90 45.86 -119.35
N GLU EB 544 -3.42 47.05 -119.01
CA GLU EB 544 -3.23 47.55 -117.62
C GLU EB 544 -4.53 47.63 -116.80
N GLY EB 545 -5.66 48.00 -117.42
CA GLY EB 545 -6.95 48.12 -116.71
C GLY EB 545 -7.40 46.82 -116.10
N ASN EB 546 -7.23 45.68 -116.77
CA ASN EB 546 -7.49 44.35 -116.19
C ASN EB 546 -6.57 44.02 -115.00
N MET EB 547 -5.31 44.42 -115.02
CA MET EB 547 -4.31 44.00 -114.00
C MET EB 547 -4.33 44.74 -112.67
N LEU EB 548 -3.92 44.09 -111.58
CA LEU EB 548 -3.74 44.76 -110.27
C LEU EB 548 -2.24 44.95 -110.08
N ILE EB 549 -1.73 46.18 -110.07
CA ILE EB 549 -0.25 46.44 -110.02
C ILE EB 549 0.12 47.11 -108.70
N THR EB 550 1.03 46.52 -107.94
CA THR EB 550 1.50 47.00 -106.63
C THR EB 550 2.57 48.10 -106.71
N SER EB 551 2.68 48.92 -105.68
CA SER EB 551 3.69 50.01 -105.58
C SER EB 551 4.40 49.86 -104.23
N GLU EB 552 5.69 50.11 -104.17
CA GLU EB 552 6.53 50.01 -102.95
C GLU EB 552 6.97 51.42 -102.52
N SER EB 553 6.25 52.48 -102.90
CA SER EB 553 6.62 53.90 -102.70
C SER EB 553 6.82 54.30 -101.22
N GLU EB 554 6.21 53.61 -100.26
CA GLU EB 554 6.38 53.84 -98.80
C GLU EB 554 7.84 53.61 -98.36
N THR EB 555 8.56 52.67 -98.95
CA THR EB 555 9.95 52.29 -98.60
C THR EB 555 11.01 53.20 -99.23
N GLN EB 556 10.62 54.19 -100.05
CA GLN EB 556 11.51 55.10 -100.81
C GLN EB 556 12.46 55.91 -99.89
N PRO EB 557 12.08 56.39 -98.67
CA PRO EB 557 13.04 57.00 -97.75
C PRO EB 557 14.30 56.17 -97.41
N VAL EB 558 14.26 54.82 -97.41
CA VAL EB 558 15.44 53.91 -97.25
C VAL EB 558 15.77 52.98 -98.45
N ASN EB 559 15.00 52.93 -99.53
CA ASN EB 559 15.24 51.93 -100.61
C ASN EB 559 15.52 52.66 -101.91
N ARG EB 560 16.58 52.27 -102.60
CA ARG EB 560 16.95 52.91 -103.89
C ARG EB 560 15.95 52.57 -105.01
N VAL EB 561 15.74 53.49 -105.94
CA VAL EB 561 14.87 53.25 -107.12
C VAL EB 561 15.52 52.33 -108.17
N ALA EB 562 14.81 51.29 -108.63
CA ALA EB 562 15.28 50.26 -109.61
C ALA EB 562 15.60 50.82 -111.00
N TYR EB 563 14.79 51.72 -111.53
CA TYR EB 563 14.98 52.32 -112.89
C TYR EB 563 16.27 53.18 -112.96
N ASN EB 564 16.63 53.91 -111.91
CA ASN EB 564 17.81 54.82 -111.87
C ASN EB 564 19.16 54.15 -111.59
N VAL EB 565 20.30 54.78 -111.94
CA VAL EB 565 21.68 54.35 -111.54
C VAL EB 565 21.90 54.51 -110.03
N GLY EB 566 22.63 53.61 -109.37
CA GLY EB 566 22.96 53.64 -107.91
C GLY EB 566 23.83 54.76 -107.36
N GLY EB 567 24.87 55.20 -108.04
CA GLY EB 567 25.84 56.19 -107.51
C GLY EB 567 27.04 56.32 -108.41
N GLN EB 568 28.09 57.00 -107.97
CA GLN EB 568 29.36 57.17 -108.74
C GLN EB 568 30.61 56.82 -107.88
N MET EB 569 31.69 56.31 -108.49
CA MET EB 569 32.98 55.99 -107.83
C MET EB 569 34.16 56.49 -108.67
N ALA EB 570 35.35 56.69 -108.10
CA ALA EB 570 36.59 57.13 -108.82
C ALA EB 570 37.14 56.09 -109.83
N THR EB 571 37.54 56.57 -111.01
CA THR EB 571 38.03 55.69 -112.09
C THR EB 571 39.49 55.97 -112.45
N ASN EB 572 40.22 56.83 -111.76
CA ASN EB 572 41.57 57.28 -112.19
C ASN EB 572 42.38 57.81 -111.02
N ASN EB 573 43.64 58.12 -111.26
CA ASN EB 573 44.48 58.83 -110.26
C ASN EB 573 44.75 60.23 -110.81
N GLN EB 574 44.46 61.29 -110.05
CA GLN EB 574 44.71 62.70 -110.43
C GLN EB 574 46.23 63.00 -110.40
N SER EB 575 46.68 63.94 -111.22
CA SER EB 575 48.11 64.34 -111.31
C SER EB 575 48.12 65.78 -111.84
N SER EB 576 49.25 66.45 -111.82
CA SER EB 576 49.28 67.80 -112.44
C SER EB 576 48.91 67.68 -113.92
N THR EB 577 49.40 66.66 -114.63
CA THR EB 577 48.98 66.36 -116.02
C THR EB 577 47.53 65.93 -116.15
N THR EB 578 46.98 65.14 -115.22
CA THR EB 578 45.63 64.56 -115.38
C THR EB 578 44.56 65.04 -114.42
N ALA EB 579 43.41 65.49 -114.94
CA ALA EB 579 42.23 65.87 -114.11
C ALA EB 579 41.55 64.64 -113.49
N PRO EB 580 40.94 64.77 -112.31
CA PRO EB 580 40.17 63.67 -111.72
C PRO EB 580 38.89 63.23 -112.47
N ALA EB 581 38.53 61.94 -112.45
CA ALA EB 581 37.38 61.40 -113.20
C ALA EB 581 36.51 60.45 -112.35
N THR EB 582 35.21 60.38 -112.64
CA THR EB 582 34.27 59.47 -111.93
C THR EB 582 33.49 58.62 -112.92
N GLY EB 583 32.96 57.49 -112.47
CA GLY EB 583 32.06 56.68 -113.31
C GLY EB 583 30.82 56.21 -112.57
N THR EB 584 29.66 56.18 -113.21
CA THR EB 584 28.40 55.61 -112.62
C THR EB 584 28.40 54.09 -112.57
N TYR EB 585 27.71 53.48 -111.62
CA TYR EB 585 27.54 52.01 -111.50
C TYR EB 585 26.02 51.60 -111.63
N ASN EB 586 25.70 50.46 -112.25
CA ASN EB 586 24.29 49.98 -112.45
C ASN EB 586 23.91 48.90 -111.42
N LEU EB 587 24.88 48.39 -110.66
CA LEU EB 587 24.61 47.36 -109.63
C LEU EB 587 25.51 47.52 -108.39
N GLN EB 588 25.02 47.22 -107.20
CA GLN EB 588 25.84 47.18 -105.97
C GLN EB 588 25.23 46.14 -105.04
N GLU EB 589 26.00 45.56 -104.14
CA GLU EB 589 25.54 44.47 -103.26
C GLU EB 589 25.78 44.90 -101.82
N ILE EB 590 25.58 44.03 -100.85
CA ILE EB 590 25.65 44.37 -99.41
C ILE EB 590 27.02 44.90 -98.96
N VAL EB 591 27.00 45.93 -98.13
CA VAL EB 591 28.22 46.57 -97.57
C VAL EB 591 27.96 46.65 -96.06
N PRO EB 592 28.97 46.69 -95.19
CA PRO EB 592 28.73 46.87 -93.76
C PRO EB 592 28.08 48.23 -93.42
N GLY EB 593 27.13 48.27 -92.47
CA GLY EB 593 26.33 49.48 -92.17
C GLY EB 593 25.12 49.68 -93.07
N SER EB 594 24.78 48.70 -93.91
CA SER EB 594 23.61 48.68 -94.82
C SER EB 594 22.27 48.49 -94.09
N VAL EB 595 21.26 49.29 -94.46
CA VAL EB 595 19.87 49.20 -93.88
C VAL EB 595 18.86 49.19 -95.06
N TRP EB 596 17.79 48.40 -94.94
CA TRP EB 596 16.72 48.34 -95.98
C TRP EB 596 15.40 47.85 -95.40
N MET EB 597 14.33 48.01 -96.15
CA MET EB 597 12.99 47.46 -95.80
C MET EB 597 12.62 46.30 -96.76
N GLU EB 598 12.10 45.19 -96.22
CA GLU EB 598 11.61 44.04 -97.03
C GLU EB 598 10.29 44.36 -97.73
N ARG EB 599 9.96 43.62 -98.79
CA ARG EB 599 8.68 43.78 -99.55
C ARG EB 599 7.42 43.59 -98.69
N ASP EB 600 6.39 44.38 -98.95
CA ASP EB 600 5.09 44.31 -98.24
C ASP EB 600 4.23 43.10 -98.59
N VAL EB 601 3.48 42.58 -97.64
CA VAL EB 601 2.45 41.52 -97.88
C VAL EB 601 1.14 42.12 -98.43
N TYR EB 602 0.37 41.31 -99.15
CA TYR EB 602 -0.92 41.73 -99.75
C TYR EB 602 -1.97 40.70 -99.34
N LEU EB 603 -3.25 41.09 -99.28
CA LEU EB 603 -4.36 40.14 -98.97
C LEU EB 603 -4.43 39.04 -100.07
N GLN EB 604 -4.27 39.39 -101.34
CA GLN EB 604 -4.16 38.46 -102.51
C GLN EB 604 -2.88 37.59 -102.47
N GLY EB 605 -1.80 38.04 -101.84
CA GLY EB 605 -0.49 37.33 -101.75
C GLY EB 605 -0.23 36.18 -100.80
N PRO EB 606 0.90 35.45 -101.00
CA PRO EB 606 1.38 34.41 -100.07
C PRO EB 606 1.97 34.66 -98.67
N ILE EB 607 1.61 33.89 -97.64
CA ILE EB 607 2.26 33.96 -96.28
C ILE EB 607 3.71 33.43 -96.13
N TRP EB 608 4.07 32.27 -96.67
CA TRP EB 608 5.38 31.64 -96.35
C TRP EB 608 6.09 30.99 -97.54
N ALA EB 609 7.39 30.73 -97.40
CA ALA EB 609 8.19 29.97 -98.39
C ALA EB 609 9.16 29.08 -97.61
N LYS EB 610 9.50 27.92 -98.16
CA LYS EB 610 10.50 27.02 -97.55
C LYS EB 610 11.94 27.43 -97.91
N ILE EB 611 12.81 27.56 -96.91
CA ILE EB 611 14.25 27.79 -97.18
C ILE EB 611 14.85 26.50 -97.77
N PRO EB 612 15.63 26.56 -98.89
CA PRO EB 612 16.26 25.39 -99.47
C PRO EB 612 17.42 24.80 -98.67
N GLU EB 613 17.56 23.48 -98.63
CA GLU EB 613 18.62 22.85 -97.78
C GLU EB 613 19.94 22.66 -98.55
N THR EB 614 20.90 23.56 -98.39
CA THR EB 614 22.21 23.53 -99.06
C THR EB 614 23.31 23.50 -98.05
N GLY EB 615 23.01 23.85 -96.81
CA GLY EB 615 23.99 24.03 -95.74
C GLY EB 615 24.56 25.45 -95.67
N ALA EB 616 24.30 26.34 -96.63
CA ALA EB 616 24.74 27.75 -96.56
C ALA EB 616 23.70 28.73 -97.11
N HIS EB 617 23.40 29.81 -96.41
CA HIS EB 617 22.46 30.85 -96.90
C HIS EB 617 22.76 32.21 -96.25
N PHE EB 618 22.30 33.29 -96.85
CA PHE EB 618 22.38 34.63 -96.22
C PHE EB 618 21.02 35.29 -96.13
N HIS EB 619 20.62 35.82 -94.96
CA HIS EB 619 19.39 36.65 -94.77
C HIS EB 619 18.17 36.03 -95.46
N PRO EB 620 17.44 35.13 -94.79
CA PRO EB 620 16.41 34.34 -95.48
C PRO EB 620 14.97 34.80 -95.57
N SER EB 621 14.80 35.88 -96.30
CA SER EB 621 13.46 36.47 -96.52
C SER EB 621 13.11 36.25 -97.99
N PRO EB 622 11.95 35.61 -98.32
CA PRO EB 622 11.63 35.35 -99.72
C PRO EB 622 11.30 36.58 -100.60
N ALA EB 623 11.68 36.57 -101.87
CA ALA EB 623 11.51 37.73 -102.77
C ALA EB 623 10.05 38.16 -103.03
N MET EB 624 9.12 37.21 -103.18
CA MET EB 624 7.67 37.47 -103.38
C MET EB 624 7.09 38.16 -102.14
N GLY EB 625 7.59 37.86 -100.95
CA GLY EB 625 7.12 38.44 -99.68
C GLY EB 625 6.85 37.36 -98.65
N GLY EB 626 6.57 37.74 -97.41
CA GLY EB 626 6.25 36.77 -96.35
C GLY EB 626 7.34 36.23 -95.46
N PHE EB 627 7.12 35.08 -94.86
CA PHE EB 627 8.01 34.49 -93.83
C PHE EB 627 8.77 33.28 -94.39
N GLY EB 628 10.09 33.27 -94.22
CA GLY EB 628 10.95 32.17 -94.68
C GLY EB 628 11.13 31.17 -93.57
N LEU EB 629 10.78 29.93 -93.81
CA LEU EB 629 10.79 28.91 -92.74
C LEU EB 629 11.66 27.70 -93.04
N LYS EB 630 12.54 27.33 -92.13
CA LYS EB 630 13.31 26.06 -92.23
C LYS EB 630 12.37 24.84 -92.16
N HIS EB 631 11.39 24.87 -91.27
CA HIS EB 631 10.40 23.76 -91.13
C HIS EB 631 9.00 24.31 -91.36
N PRO EB 632 8.55 24.37 -92.62
CA PRO EB 632 7.24 24.90 -93.00
C PRO EB 632 6.02 24.04 -92.67
N PRO EB 633 4.79 24.59 -92.67
CA PRO EB 633 3.64 23.73 -92.42
C PRO EB 633 3.64 22.64 -93.51
N PRO EB 634 3.47 21.36 -93.15
CA PRO EB 634 3.63 20.24 -94.09
C PRO EB 634 2.66 19.95 -95.23
N MET EB 635 3.15 19.34 -96.31
CA MET EB 635 2.30 18.91 -97.45
C MET EB 635 1.21 17.89 -97.03
N MET EB 636 -0.03 18.14 -97.43
CA MET EB 636 -1.18 17.27 -97.11
C MET EB 636 -1.68 16.65 -98.43
N LEU EB 637 -1.68 15.33 -98.51
CA LEU EB 637 -1.97 14.61 -99.78
C LEU EB 637 -3.19 13.69 -99.64
N ILE EB 638 -4.08 13.73 -100.62
CA ILE EB 638 -5.32 12.92 -100.62
C ILE EB 638 -5.49 12.18 -101.97
N LYS EB 639 -5.90 10.93 -101.92
CA LYS EB 639 -6.21 10.18 -103.18
C LYS EB 639 -7.49 9.34 -103.05
N ASN EB 640 -8.11 9.03 -104.17
CA ASN EB 640 -9.24 8.05 -104.20
C ASN EB 640 -8.64 6.65 -104.33
N THR EB 641 -9.03 5.69 -103.50
CA THR EB 641 -8.56 4.29 -103.61
C THR EB 641 -9.06 3.65 -104.90
N PRO EB 642 -8.18 2.94 -105.66
CA PRO EB 642 -8.62 2.19 -106.82
C PRO EB 642 -9.68 1.13 -106.52
N VAL EB 643 -10.77 1.16 -107.26
CA VAL EB 643 -11.80 0.10 -107.10
C VAL EB 643 -11.88 -0.62 -108.46
N PRO EB 644 -11.55 -1.92 -108.51
CA PRO EB 644 -11.60 -2.68 -109.77
C PRO EB 644 -12.91 -3.04 -110.50
N GLY EB 645 -12.88 -3.09 -111.83
CA GLY EB 645 -13.99 -3.56 -112.70
C GLY EB 645 -14.02 -5.08 -112.73
N ASN EB 646 -15.03 -5.70 -113.35
CA ASN EB 646 -15.16 -7.18 -113.25
C ASN EB 646 -13.99 -7.92 -113.90
N ILE EB 647 -13.34 -8.82 -113.16
CA ILE EB 647 -12.20 -9.62 -113.69
C ILE EB 647 -12.59 -11.09 -113.54
N THR EB 648 -12.54 -11.88 -114.60
CA THR EB 648 -13.02 -13.29 -114.56
C THR EB 648 -11.88 -14.29 -114.67
N SER EB 649 -10.68 -13.85 -115.03
CA SER EB 649 -9.54 -14.77 -115.26
C SER EB 649 -8.27 -14.26 -114.57
N PHE EB 650 -7.34 -15.14 -114.20
CA PHE EB 650 -6.04 -14.78 -113.61
C PHE EB 650 -4.99 -14.27 -114.61
N SER EB 651 -4.27 -13.20 -114.27
CA SER EB 651 -3.09 -12.78 -115.05
C SER EB 651 -2.01 -12.28 -114.10
N ASP EB 652 -0.74 -12.51 -114.40
CA ASP EB 652 0.41 -11.88 -113.70
C ASP EB 652 0.39 -10.37 -114.02
N VAL EB 653 -0.01 -9.99 -115.24
CA VAL EB 653 -0.07 -8.56 -115.66
C VAL EB 653 -1.07 -7.77 -114.80
N PRO EB 654 -0.70 -6.57 -114.28
CA PRO EB 654 -1.57 -5.76 -113.44
C PRO EB 654 -2.88 -5.26 -114.04
N VAL EB 655 -3.92 -5.19 -113.22
CA VAL EB 655 -5.26 -4.73 -113.70
C VAL EB 655 -5.22 -3.25 -114.15
N SER EB 656 -5.80 -2.99 -115.31
CA SER EB 656 -5.90 -1.65 -115.90
C SER EB 656 -7.38 -1.20 -115.99
N SER EB 657 -8.32 -2.00 -115.52
CA SER EB 657 -9.77 -1.70 -115.62
C SER EB 657 -10.36 -1.40 -114.25
N PHE EB 658 -10.93 -0.21 -114.08
CA PHE EB 658 -11.41 0.24 -112.75
C PHE EB 658 -12.73 0.93 -112.88
N ILE EB 659 -13.57 0.89 -111.87
CA ILE EB 659 -14.83 1.71 -111.89
C ILE EB 659 -14.50 3.23 -111.77
N THR EB 660 -15.18 4.12 -112.50
CA THR EB 660 -14.95 5.60 -112.46
C THR EB 660 -15.59 6.26 -111.23
N GLN EB 661 -14.81 7.02 -110.46
CA GLN EB 661 -15.26 7.58 -109.15
C GLN EB 661 -14.69 8.98 -108.84
N TYR EB 662 -15.35 9.75 -107.98
CA TYR EB 662 -14.87 11.10 -107.53
C TYR EB 662 -15.24 11.25 -106.06
N SER EB 663 -14.57 12.15 -105.35
CA SER EB 663 -14.88 12.41 -103.92
C SER EB 663 -15.18 13.90 -103.62
N THR EB 664 -15.96 14.14 -102.57
CA THR EB 664 -16.31 15.51 -102.13
C THR EB 664 -16.33 15.58 -100.61
N GLY EB 665 -16.10 16.75 -100.01
CA GLY EB 665 -16.15 16.94 -98.55
C GLY EB 665 -15.97 18.36 -98.07
N GLN EB 666 -15.77 18.54 -96.78
CA GLN EB 666 -15.50 19.85 -96.12
C GLN EB 666 -14.12 19.89 -95.42
N VAL EB 667 -13.43 21.03 -95.51
CA VAL EB 667 -12.12 21.24 -94.82
C VAL EB 667 -12.19 22.48 -93.90
N THR EB 668 -11.68 22.40 -92.68
CA THR EB 668 -11.58 23.55 -91.77
C THR EB 668 -10.12 23.86 -91.42
N VAL EB 669 -9.68 25.13 -91.53
CA VAL EB 669 -8.32 25.58 -91.08
C VAL EB 669 -8.43 26.64 -89.97
N GLU EB 670 -7.74 26.45 -88.85
CA GLU EB 670 -7.71 27.41 -87.72
C GLU EB 670 -6.28 27.92 -87.53
N MET EB 671 -6.09 29.24 -87.51
CA MET EB 671 -4.75 29.85 -87.36
C MET EB 671 -4.70 30.89 -86.23
N GLU EB 672 -3.61 30.90 -85.49
CA GLU EB 672 -3.38 31.90 -84.41
C GLU EB 672 -2.28 32.90 -84.84
N TRP EB 673 -2.51 34.18 -84.59
CA TRP EB 673 -1.57 35.25 -84.98
C TRP EB 673 -1.18 36.11 -83.78
N GLU EB 674 0.08 36.50 -83.69
CA GLU EB 674 0.56 37.43 -82.63
C GLU EB 674 0.67 38.85 -83.21
N LEU EB 675 0.19 39.84 -82.49
CA LEU EB 675 0.14 41.26 -82.93
C LEU EB 675 1.09 42.17 -82.17
N LYS EB 676 1.72 43.12 -82.86
CA LYS EB 676 2.54 44.16 -82.18
C LYS EB 676 1.77 45.50 -82.21
N LYS EB 677 1.49 46.07 -81.05
CA LYS EB 677 0.78 47.37 -80.90
C LYS EB 677 1.56 48.65 -81.28
N GLU EB 678 0.87 49.61 -81.87
CA GLU EB 678 1.46 50.94 -82.14
C GLU EB 678 1.67 51.73 -80.83
N ASN EB 679 2.77 52.47 -80.68
CA ASN EB 679 3.09 53.32 -79.49
C ASN EB 679 3.46 54.74 -79.97
N SER EB 680 2.78 55.31 -80.95
CA SER EB 680 3.12 56.62 -81.57
C SER EB 680 2.89 57.87 -80.70
N LYS EB 681 3.76 58.87 -80.81
CA LYS EB 681 3.60 60.20 -80.16
C LYS EB 681 3.25 61.29 -81.20
N ARG EB 682 2.97 60.95 -82.46
CA ARG EB 682 2.55 61.90 -83.55
C ARG EB 682 1.21 62.63 -83.27
N TRP EB 683 1.23 63.96 -83.15
CA TRP EB 683 0.05 64.82 -82.87
C TRP EB 683 -1.02 64.88 -83.96
N ASN EB 684 -0.59 65.02 -85.19
CA ASN EB 684 -1.47 65.13 -86.39
C ASN EB 684 -2.05 63.77 -86.81
N PRO EB 685 -3.22 63.78 -87.50
CA PRO EB 685 -3.80 62.55 -88.03
C PRO EB 685 -3.06 61.80 -89.17
N GLU EB 686 -3.05 60.48 -89.09
CA GLU EB 686 -2.44 59.54 -90.07
C GLU EB 686 -3.27 59.12 -91.32
N ILE EB 687 -2.60 58.60 -92.34
CA ILE EB 687 -3.24 57.95 -93.53
C ILE EB 687 -3.86 56.59 -93.14
N GLN EB 688 -5.03 56.26 -93.67
CA GLN EB 688 -5.78 54.99 -93.39
C GLN EB 688 -6.40 54.41 -94.65
N TYR EB 689 -6.53 53.09 -94.77
CA TYR EB 689 -7.31 52.47 -95.88
C TYR EB 689 -8.81 52.72 -95.64
N THR EB 690 -9.51 53.17 -96.67
CA THR EB 690 -10.94 53.50 -96.55
C THR EB 690 -11.68 52.98 -97.75
N ASN EB 691 -12.99 52.75 -97.61
CA ASN EB 691 -13.83 52.42 -98.76
C ASN EB 691 -14.24 53.77 -99.34
N ASN EB 692 -13.70 54.14 -100.48
CA ASN EB 692 -13.90 55.49 -101.06
C ASN EB 692 -14.04 55.35 -102.57
N TYR EB 693 -15.20 55.68 -103.10
CA TYR EB 693 -15.50 55.48 -104.53
C TYR EB 693 -16.34 56.66 -104.97
N ASN EB 694 -16.20 57.12 -106.20
CA ASN EB 694 -17.09 58.22 -106.69
C ASN EB 694 -18.19 57.66 -107.61
N ASP EB 695 -19.48 57.90 -107.30
CA ASP EB 695 -20.67 57.40 -108.07
C ASP EB 695 -20.64 55.88 -108.32
N PRO EB 696 -20.46 55.02 -107.29
CA PRO EB 696 -20.34 53.59 -107.54
C PRO EB 696 -21.52 52.82 -108.17
N GLN EB 697 -21.24 51.96 -109.15
CA GLN EB 697 -22.31 51.16 -109.83
C GLN EB 697 -22.42 49.75 -109.22
N PHE EB 698 -21.53 49.40 -108.31
CA PHE EB 698 -21.51 48.06 -107.68
C PHE EB 698 -20.83 48.25 -106.36
N VAL EB 699 -20.99 47.29 -105.48
CA VAL EB 699 -20.19 47.31 -104.23
C VAL EB 699 -18.97 46.42 -104.47
N ASP EB 700 -17.78 46.92 -104.25
CA ASP EB 700 -16.51 46.14 -104.29
C ASP EB 700 -16.45 45.15 -103.13
N PHE EB 701 -15.78 43.99 -103.29
CA PHE EB 701 -15.69 42.87 -102.30
C PHE EB 701 -17.06 42.28 -101.98
N ALA EB 702 -17.91 42.17 -102.97
CA ALA EB 702 -19.27 41.64 -102.84
C ALA EB 702 -19.63 40.86 -104.11
N PRO EB 703 -20.63 39.94 -104.07
CA PRO EB 703 -21.14 39.32 -105.29
C PRO EB 703 -21.93 40.23 -106.25
N ASP EB 704 -21.90 39.94 -107.54
CA ASP EB 704 -22.72 40.72 -108.53
C ASP EB 704 -24.08 40.06 -108.85
N SER EB 705 -24.79 40.59 -109.84
CA SER EB 705 -26.14 40.07 -110.22
C SER EB 705 -26.04 38.59 -110.67
N THR EB 706 -25.00 38.19 -111.39
CA THR EB 706 -24.71 36.77 -111.77
C THR EB 706 -24.21 35.94 -110.60
N GLY EB 707 -23.78 36.50 -109.48
CA GLY EB 707 -23.16 35.76 -108.37
C GLY EB 707 -21.64 35.67 -108.35
N GLU EB 708 -20.94 36.38 -109.23
CA GLU EB 708 -19.45 36.39 -109.27
C GLU EB 708 -18.86 37.47 -108.34
N TYR EB 709 -17.88 37.09 -107.49
CA TYR EB 709 -17.19 38.01 -106.55
C TYR EB 709 -16.32 39.05 -107.27
N ARG EB 710 -16.33 40.28 -106.76
CA ARG EB 710 -15.56 41.38 -107.38
C ARG EB 710 -14.50 41.86 -106.41
N SER EB 711 -13.24 41.94 -106.84
CA SER EB 711 -12.09 42.43 -106.03
C SER EB 711 -11.23 43.40 -106.86
N THR EB 712 -11.64 44.62 -107.10
CA THR EB 712 -10.97 45.67 -107.93
C THR EB 712 -9.60 46.13 -107.41
N ARG EB 713 -9.35 46.23 -106.11
CA ARG EB 713 -8.10 46.85 -105.59
C ARG EB 713 -7.14 45.92 -104.82
N PRO EB 714 -5.81 45.98 -105.04
CA PRO EB 714 -4.83 45.29 -104.21
C PRO EB 714 -4.60 45.94 -102.82
N ILE EB 715 -4.52 45.20 -101.71
CA ILE EB 715 -4.33 45.92 -100.41
C ILE EB 715 -3.05 45.52 -99.68
N GLY EB 716 -2.19 46.50 -99.40
CA GLY EB 716 -0.94 46.37 -98.62
C GLY EB 716 -1.15 46.58 -97.15
N THR EB 717 -0.10 46.43 -96.36
CA THR EB 717 -0.16 46.64 -94.91
C THR EB 717 0.38 47.97 -94.36
N ARG EB 718 1.03 48.85 -95.13
CA ARG EB 718 1.71 50.04 -94.51
C ARG EB 718 0.93 51.38 -94.63
N TYR EB 719 0.24 51.78 -93.56
CA TYR EB 719 -0.54 53.05 -93.52
C TYR EB 719 -0.04 53.89 -92.36
N LEU EB 720 0.42 53.23 -91.30
CA LEU EB 720 1.00 53.90 -90.10
C LEU EB 720 2.43 54.37 -90.39
N THR EB 721 2.88 55.35 -89.63
CA THR EB 721 4.20 55.98 -89.84
C THR EB 721 5.00 55.93 -88.56
N ARG EB 722 6.30 55.75 -88.68
CA ARG EB 722 7.20 55.79 -87.50
C ARG EB 722 8.45 56.62 -87.79
N PRO EB 723 9.05 57.32 -86.80
CA PRO EB 723 10.36 57.96 -86.98
C PRO EB 723 11.53 56.96 -87.08
N LEU EB 724 12.59 57.29 -87.79
CA LEU EB 724 13.74 56.36 -87.99
C LEU EB 724 14.49 56.11 -86.68
N ASP FB 209 14.49 71.80 -51.71
CA ASP FB 209 14.49 72.25 -50.28
C ASP FB 209 14.42 73.78 -50.19
N GLY FB 210 15.49 74.52 -50.50
CA GLY FB 210 15.46 75.96 -50.20
C GLY FB 210 16.31 76.89 -51.04
N VAL FB 211 16.06 78.20 -50.94
CA VAL FB 211 16.86 79.26 -51.62
C VAL FB 211 18.33 79.25 -51.16
N GLY FB 212 18.61 79.02 -49.88
CA GLY FB 212 19.97 79.08 -49.32
C GLY FB 212 20.70 77.77 -49.28
N ASN FB 213 20.11 76.69 -49.80
CA ASN FB 213 20.73 75.35 -49.68
C ASN FB 213 21.15 74.82 -51.04
N ALA FB 214 22.38 74.32 -51.17
CA ALA FB 214 22.87 73.73 -52.44
C ALA FB 214 22.31 72.32 -52.73
N SER FB 215 21.79 72.09 -53.93
CA SER FB 215 21.23 70.81 -54.46
C SER FB 215 22.26 69.69 -54.68
N GLY FB 216 23.49 70.00 -55.09
CA GLY FB 216 24.56 69.01 -55.34
C GLY FB 216 25.98 69.53 -55.26
N ASP FB 217 26.96 68.65 -55.40
CA ASP FB 217 28.42 68.96 -55.31
C ASP FB 217 29.20 68.63 -56.58
N TRP FB 218 30.36 69.26 -56.79
CA TRP FB 218 31.24 69.04 -57.97
C TRP FB 218 32.02 67.71 -57.89
N HIS FB 219 31.85 66.85 -58.89
CA HIS FB 219 32.67 65.62 -58.97
C HIS FB 219 33.36 65.51 -60.33
N CYS FB 220 34.69 65.62 -60.40
CA CYS FB 220 35.43 65.37 -61.67
C CYS FB 220 36.56 64.40 -61.34
N ASP FB 221 36.47 63.14 -61.76
CA ASP FB 221 37.48 62.12 -61.34
C ASP FB 221 37.57 60.87 -62.20
N SER FB 222 38.66 60.11 -62.13
CA SER FB 222 38.78 58.76 -62.76
C SER FB 222 39.22 57.77 -61.68
N THR FB 223 38.59 56.60 -61.58
CA THR FB 223 39.03 55.53 -60.66
C THR FB 223 39.30 54.27 -61.45
N TRP FB 224 40.48 53.67 -61.31
CA TRP FB 224 40.87 52.43 -62.02
C TRP FB 224 40.88 51.27 -61.03
N MET FB 225 40.11 50.23 -61.29
CA MET FB 225 39.99 49.05 -60.39
C MET FB 225 40.08 47.72 -61.15
N GLY FB 226 41.26 47.24 -61.54
CA GLY FB 226 41.36 46.01 -62.36
C GLY FB 226 40.73 46.11 -63.72
N ASP FB 227 39.75 45.28 -64.04
CA ASP FB 227 39.05 45.26 -65.35
C ASP FB 227 38.09 46.45 -65.56
N ARG FB 228 37.79 47.25 -64.54
CA ARG FB 228 36.82 48.37 -64.63
C ARG FB 228 37.43 49.76 -64.42
N VAL FB 229 37.02 50.75 -65.21
CA VAL FB 229 37.40 52.17 -64.98
C VAL FB 229 36.09 52.99 -64.86
N VAL FB 230 35.97 53.87 -63.87
CA VAL FB 230 34.80 54.78 -63.68
C VAL FB 230 35.21 56.23 -63.98
N THR FB 231 34.47 56.93 -64.83
CA THR FB 231 34.75 58.35 -65.16
C THR FB 231 33.64 59.27 -64.63
N LYS FB 232 34.00 60.36 -63.95
CA LYS FB 232 33.04 61.39 -63.46
C LYS FB 232 33.37 62.74 -64.11
N SER FB 233 32.37 63.44 -64.65
CA SER FB 233 32.56 64.76 -65.31
C SER FB 233 31.51 65.76 -64.85
N THR FB 234 31.91 66.97 -64.44
CA THR FB 234 30.98 68.05 -64.04
C THR FB 234 31.21 69.30 -64.89
N ARG FB 235 30.13 69.90 -65.39
CA ARG FB 235 30.20 71.16 -66.19
C ARG FB 235 29.13 72.20 -65.78
N THR FB 236 29.35 73.47 -66.12
CA THR FB 236 28.38 74.57 -65.92
C THR FB 236 27.76 74.93 -67.27
N TRP FB 237 26.44 75.00 -67.35
CA TRP FB 237 25.68 75.26 -68.61
C TRP FB 237 24.78 76.52 -68.52
N VAL FB 238 24.48 77.11 -69.67
CA VAL FB 238 23.52 78.25 -69.81
C VAL FB 238 22.39 77.85 -70.78
N LEU FB 239 21.14 78.17 -70.45
CA LEU FB 239 20.00 77.93 -71.38
C LEU FB 239 19.29 79.20 -71.84
N PRO FB 240 19.28 79.51 -73.16
CA PRO FB 240 18.48 80.58 -73.72
C PRO FB 240 16.98 80.28 -73.85
N SER FB 241 16.13 81.30 -73.89
CA SER FB 241 14.70 81.03 -74.21
C SER FB 241 14.54 81.05 -75.75
N TYR FB 242 14.63 79.90 -76.41
CA TYR FB 242 14.62 79.80 -77.89
C TYR FB 242 13.25 79.95 -78.55
N ASN FB 243 13.14 80.76 -79.61
CA ASN FB 243 11.88 80.89 -80.43
C ASN FB 243 10.86 81.78 -79.73
N ASN FB 244 11.21 82.42 -78.60
CA ASN FB 244 10.27 83.23 -77.78
C ASN FB 244 9.04 82.40 -77.38
N HIS FB 245 9.23 81.16 -76.94
CA HIS FB 245 8.14 80.26 -76.44
C HIS FB 245 7.23 79.70 -77.56
N GLN FB 246 7.72 79.61 -78.78
CA GLN FB 246 6.88 79.18 -79.93
C GLN FB 246 7.52 78.05 -80.76
N TYR FB 247 6.73 77.29 -81.49
CA TYR FB 247 7.18 76.21 -82.41
C TYR FB 247 7.10 76.78 -83.80
N ARG FB 248 8.15 76.64 -84.59
CA ARG FB 248 8.18 77.24 -85.95
C ARG FB 248 8.39 76.21 -87.07
N GLU FB 249 7.59 76.29 -88.13
CA GLU FB 249 7.84 75.44 -89.31
C GLU FB 249 9.08 75.94 -90.07
N ILE FB 250 10.00 75.04 -90.41
CA ILE FB 250 11.28 75.38 -91.05
C ILE FB 250 11.41 74.59 -92.37
N LYS FB 251 12.00 75.18 -93.40
CA LYS FB 251 12.04 74.49 -94.72
C LYS FB 251 13.17 75.03 -95.58
N SER FB 252 13.64 74.22 -96.52
CA SER FB 252 14.63 74.72 -97.50
C SER FB 252 14.37 74.23 -98.94
N GLY FB 253 14.64 75.04 -99.94
CA GLY FB 253 14.71 74.64 -101.37
C GLY FB 253 16.16 74.25 -101.73
N SER FB 254 16.47 74.05 -103.01
CA SER FB 254 17.85 73.72 -103.48
C SER FB 254 18.85 74.85 -103.20
N VAL FB 255 20.06 74.52 -102.71
CA VAL FB 255 21.09 75.53 -102.32
C VAL FB 255 22.46 75.03 -102.77
N ASP FB 256 23.36 75.91 -103.20
CA ASP FB 256 24.74 75.56 -103.66
C ASP FB 256 24.65 74.62 -104.87
N GLY FB 257 23.60 74.75 -105.66
CA GLY FB 257 23.39 73.88 -106.83
C GLY FB 257 22.79 72.52 -106.52
N SER FB 258 22.37 72.20 -105.29
CA SER FB 258 21.87 70.81 -105.04
C SER FB 258 20.46 70.68 -104.46
N ASN FB 259 19.61 69.84 -105.05
CA ASN FB 259 18.25 69.48 -104.51
C ASN FB 259 18.33 68.55 -103.29
N ALA FB 260 19.46 67.87 -103.04
CA ALA FB 260 19.73 67.01 -101.86
C ALA FB 260 19.69 67.88 -100.59
N ASN FB 261 20.00 69.17 -100.75
CA ASN FB 261 19.89 70.23 -99.71
C ASN FB 261 18.45 70.50 -99.23
N ALA FB 262 17.41 70.39 -100.07
CA ALA FB 262 15.98 70.65 -99.72
C ALA FB 262 15.43 69.77 -98.58
N TYR FB 263 14.64 70.35 -97.67
CA TYR FB 263 14.04 69.66 -96.49
C TYR FB 263 12.77 70.38 -96.01
N PHE FB 264 11.92 69.70 -95.25
CA PHE FB 264 10.74 70.27 -94.55
C PHE FB 264 10.87 69.84 -93.06
N GLY FB 265 10.68 70.75 -92.12
CA GLY FB 265 10.89 70.47 -90.68
C GLY FB 265 10.27 71.40 -89.65
N TYR FB 266 10.48 71.09 -88.37
CA TYR FB 266 10.02 71.95 -87.25
C TYR FB 266 11.19 72.40 -86.32
N SER FB 267 11.19 73.65 -85.86
CA SER FB 267 12.14 74.14 -84.81
C SER FB 267 11.36 74.26 -83.49
N THR FB 268 11.99 73.99 -82.37
CA THR FB 268 11.28 73.91 -81.07
C THR FB 268 11.84 74.85 -80.02
N PRO FB 269 11.05 75.22 -78.99
CA PRO FB 269 11.49 76.02 -77.84
C PRO FB 269 12.54 75.37 -76.92
N TRP FB 270 12.63 74.05 -76.87
CA TRP FB 270 13.54 73.24 -76.03
C TRP FB 270 15.03 73.16 -76.42
N GLY FB 271 15.85 72.80 -75.45
CA GLY FB 271 17.30 72.55 -75.62
C GLY FB 271 17.62 71.17 -75.09
N TYR FB 272 18.74 70.61 -75.50
CA TYR FB 272 19.10 69.22 -75.10
C TYR FB 272 20.55 69.10 -74.63
N PHE FB 273 20.86 68.06 -73.85
CA PHE FB 273 22.23 67.76 -73.37
C PHE FB 273 22.84 66.61 -74.22
N ASP FB 274 24.03 66.78 -74.79
CA ASP FB 274 24.76 65.78 -75.61
C ASP FB 274 26.11 65.42 -74.96
N PHE FB 275 26.34 64.13 -74.70
CA PHE FB 275 27.65 63.65 -74.16
C PHE FB 275 28.38 62.67 -75.12
N ASN FB 276 28.01 62.56 -76.41
CA ASN FB 276 28.63 61.53 -77.30
C ASN FB 276 29.98 62.01 -77.89
N ARG FB 277 30.96 62.36 -77.06
CA ARG FB 277 32.35 62.67 -77.47
C ARG FB 277 33.23 62.07 -76.34
N PHE FB 278 34.37 61.46 -76.66
CA PHE FB 278 35.32 60.86 -75.66
C PHE FB 278 35.96 61.92 -74.72
N HIS FB 279 36.33 63.10 -75.21
CA HIS FB 279 37.00 64.22 -74.46
C HIS FB 279 36.05 64.72 -73.36
N SER FB 280 34.73 64.54 -73.49
CA SER FB 280 33.71 64.85 -72.45
C SER FB 280 33.94 64.01 -71.19
N HIS FB 281 34.35 62.76 -71.30
CA HIS FB 281 34.62 61.83 -70.16
C HIS FB 281 36.11 61.57 -69.87
N TRP FB 282 37.04 61.85 -70.77
CA TRP FB 282 38.43 61.40 -70.62
C TRP FB 282 39.46 62.51 -70.64
N SER FB 283 40.34 62.54 -69.64
CA SER FB 283 41.51 63.46 -69.65
C SER FB 283 42.52 62.95 -70.70
N PRO FB 284 43.38 63.83 -71.24
CA PRO FB 284 44.41 63.37 -72.16
C PRO FB 284 45.40 62.38 -71.54
N ARG FB 285 45.83 62.55 -70.28
CA ARG FB 285 46.67 61.55 -69.57
C ARG FB 285 45.96 60.19 -69.37
N ASP FB 286 44.69 60.18 -68.99
CA ASP FB 286 43.87 58.93 -68.80
C ASP FB 286 43.71 58.17 -70.12
N TRP FB 287 43.51 58.88 -71.22
CA TRP FB 287 43.41 58.28 -72.57
C TRP FB 287 44.73 57.59 -72.97
N GLN FB 288 45.88 58.18 -72.67
CA GLN FB 288 47.23 57.61 -72.91
C GLN FB 288 47.43 56.32 -72.11
N ARG FB 289 46.97 56.29 -70.86
CA ARG FB 289 47.07 55.08 -70.03
C ARG FB 289 46.27 53.92 -70.63
N LEU FB 290 45.05 54.14 -71.13
CA LEU FB 290 44.28 53.09 -71.83
C LEU FB 290 44.85 52.57 -73.18
N ILE FB 291 45.30 53.44 -74.07
CA ILE FB 291 45.81 53.09 -75.43
C ILE FB 291 47.11 52.28 -75.34
N ASN FB 292 47.98 52.64 -74.42
CA ASN FB 292 49.27 51.95 -74.12
C ASN FB 292 49.12 50.53 -73.55
N ASN FB 293 48.13 50.25 -72.69
CA ASN FB 293 48.07 48.97 -71.91
C ASN FB 293 46.93 47.97 -72.14
N TYR FB 294 45.96 48.22 -73.00
CA TYR FB 294 44.77 47.34 -73.12
C TYR FB 294 44.43 46.93 -74.55
N TRP FB 295 44.04 45.67 -74.77
CA TRP FB 295 43.52 45.18 -76.07
C TRP FB 295 42.14 45.78 -76.49
N GLY FB 296 41.23 45.97 -75.55
CA GLY FB 296 39.88 46.46 -75.86
C GLY FB 296 39.14 47.15 -74.74
N PHE FB 297 38.09 47.89 -75.08
CA PHE FB 297 37.23 48.56 -74.07
C PHE FB 297 35.75 48.56 -74.53
N ARG FB 298 34.78 48.60 -73.62
CA ARG FB 298 33.32 48.75 -73.94
C ARG FB 298 32.55 49.55 -72.86
N PRO FB 299 31.49 50.34 -73.19
CA PRO FB 299 30.61 50.97 -72.16
C PRO FB 299 29.62 50.04 -71.40
N ARG FB 300 29.38 50.29 -70.12
CA ARG FB 300 28.49 49.42 -69.29
C ARG FB 300 27.32 50.20 -68.67
N SER FB 301 27.59 51.31 -67.99
CA SER FB 301 26.53 52.05 -67.25
C SER FB 301 26.64 53.57 -67.37
N LEU FB 302 25.52 54.28 -67.30
CA LEU FB 302 25.49 55.76 -67.31
C LEU FB 302 24.61 56.34 -66.17
N ARG FB 303 25.06 57.37 -65.44
CA ARG FB 303 24.25 58.11 -64.43
C ARG FB 303 24.32 59.63 -64.72
N VAL FB 304 23.16 60.32 -64.75
CA VAL FB 304 23.10 61.80 -64.98
C VAL FB 304 22.38 62.57 -63.84
N LYS FB 305 22.96 63.67 -63.36
CA LYS FB 305 22.32 64.58 -62.35
C LYS FB 305 22.31 66.05 -62.85
N ILE FB 306 21.16 66.75 -62.73
CA ILE FB 306 21.04 68.21 -63.05
C ILE FB 306 20.68 68.95 -61.74
N PHE FB 307 21.41 70.01 -61.36
CA PHE FB 307 21.32 70.64 -60.01
C PHE FB 307 21.77 72.12 -59.96
N ASN FB 308 21.56 72.82 -58.84
CA ASN FB 308 21.97 74.25 -58.57
C ASN FB 308 21.35 75.21 -59.58
N ILE FB 309 20.09 75.01 -59.89
CA ILE FB 309 19.35 75.82 -60.90
C ILE FB 309 19.18 77.30 -60.48
N GLN FB 310 19.39 78.22 -61.43
CA GLN FB 310 19.23 79.67 -61.19
C GLN FB 310 18.50 80.32 -62.39
N VAL FB 311 17.36 80.93 -62.14
CA VAL FB 311 16.55 81.58 -63.21
C VAL FB 311 16.72 83.10 -63.07
N LYS FB 312 17.03 83.77 -64.18
CA LYS FB 312 17.29 85.22 -64.20
C LYS FB 312 16.33 85.96 -65.14
N GLU FB 313 15.89 87.16 -64.74
CA GLU FB 313 15.01 88.00 -65.60
C GLU FB 313 15.82 89.19 -66.11
N VAL FB 314 15.70 89.48 -67.40
CA VAL FB 314 16.46 90.58 -68.04
C VAL FB 314 15.46 91.68 -68.41
N THR FB 315 15.74 92.91 -68.01
CA THR FB 315 14.83 94.04 -68.29
C THR FB 315 15.59 95.17 -68.92
N VAL FB 316 15.02 95.81 -69.94
CA VAL FB 316 15.70 97.01 -70.51
C VAL FB 316 14.84 98.27 -70.34
N GLN FB 317 15.36 99.33 -69.73
CA GLN FB 317 14.65 100.64 -69.70
C GLN FB 317 15.63 101.66 -70.28
N ASP FB 318 15.31 102.28 -71.41
CA ASP FB 318 16.17 103.37 -71.97
C ASP FB 318 17.61 102.85 -72.12
N SER FB 319 17.82 101.60 -72.53
CA SER FB 319 19.18 101.04 -72.84
C SER FB 319 20.01 100.61 -71.60
N THR FB 320 19.47 100.66 -70.37
CA THR FB 320 20.19 100.16 -69.16
C THR FB 320 20.50 98.66 -69.14
N THR FB 321 19.61 97.76 -69.58
CA THR FB 321 19.80 96.27 -69.49
C THR FB 321 20.11 95.68 -68.10
N THR FB 322 19.35 95.97 -67.04
CA THR FB 322 19.49 95.30 -65.72
C THR FB 322 19.15 93.80 -65.72
N ILE FB 323 19.89 92.98 -64.95
CA ILE FB 323 19.64 91.51 -64.79
C ILE FB 323 19.35 91.17 -63.32
N ALA FB 324 18.31 90.39 -63.03
CA ALA FB 324 17.92 90.04 -61.64
C ALA FB 324 17.48 88.59 -61.47
N ASN FB 325 17.61 88.04 -60.27
CA ASN FB 325 17.09 86.69 -59.95
C ASN FB 325 15.57 86.61 -59.84
N ASN FB 326 14.93 85.57 -60.39
CA ASN FB 326 13.50 85.33 -60.13
C ASN FB 326 13.41 84.01 -59.36
N LEU FB 327 13.09 84.03 -58.08
CA LEU FB 327 12.97 82.86 -57.17
C LEU FB 327 11.84 81.89 -57.50
N THR FB 328 10.69 82.41 -57.92
CA THR FB 328 9.47 81.58 -58.15
C THR FB 328 9.39 80.99 -59.58
N SER FB 329 10.29 81.31 -60.50
CA SER FB 329 10.33 80.75 -61.88
C SER FB 329 10.77 79.26 -61.95
N THR FB 330 10.32 78.53 -62.97
CA THR FB 330 10.59 77.06 -63.10
C THR FB 330 11.32 76.66 -64.39
N VAL FB 331 11.97 75.53 -64.33
CA VAL FB 331 12.61 74.89 -65.53
C VAL FB 331 11.91 73.52 -65.69
N GLN FB 332 11.70 73.04 -66.92
CA GLN FB 332 11.05 71.73 -67.22
C GLN FB 332 12.01 70.71 -67.87
N VAL FB 333 12.08 69.49 -67.33
CA VAL FB 333 13.05 68.44 -67.78
C VAL FB 333 12.36 67.08 -68.03
N PHE FB 334 12.72 66.39 -69.11
CA PHE FB 334 12.22 64.99 -69.40
C PHE FB 334 13.24 64.13 -70.19
N THR FB 335 13.09 62.81 -70.12
CA THR FB 335 13.90 61.86 -70.93
C THR FB 335 12.98 61.08 -71.87
N ASP FB 336 13.36 60.92 -73.13
CA ASP FB 336 12.57 60.13 -74.14
C ASP FB 336 12.91 58.64 -74.09
N ASP FB 337 12.41 57.93 -73.11
CA ASP FB 337 12.71 56.48 -72.85
C ASP FB 337 12.26 55.47 -73.93
N ASP FB 338 11.10 55.65 -74.56
CA ASP FB 338 10.52 54.71 -75.56
C ASP FB 338 10.91 55.06 -77.01
N TYR FB 339 11.74 56.08 -77.24
CA TYR FB 339 12.28 56.46 -78.59
C TYR FB 339 11.18 56.93 -79.54
N GLN FB 340 10.13 57.53 -79.02
CA GLN FB 340 9.04 58.13 -79.80
C GLN FB 340 9.51 59.33 -80.64
N LEU FB 341 10.37 60.16 -80.11
CA LEU FB 341 10.93 61.33 -80.84
C LEU FB 341 12.02 60.99 -81.85
N PRO FB 342 12.21 61.82 -82.88
CA PRO FB 342 13.37 61.65 -83.74
C PRO FB 342 14.70 61.84 -82.97
N TYR FB 343 15.68 60.96 -83.15
CA TYR FB 343 16.96 60.99 -82.38
C TYR FB 343 18.06 61.67 -83.19
N VAL FB 344 18.48 62.84 -82.75
CA VAL FB 344 19.46 63.65 -83.50
C VAL FB 344 20.86 63.58 -82.88
N VAL FB 345 21.03 62.86 -81.76
CA VAL FB 345 22.32 62.80 -80.98
C VAL FB 345 23.53 62.17 -81.73
N GLY FB 346 23.40 61.16 -82.56
CA GLY FB 346 24.55 60.39 -83.14
C GLY FB 346 25.04 60.80 -84.52
N ASN FB 347 24.84 62.04 -84.95
CA ASN FB 347 25.11 62.54 -86.33
C ASN FB 347 26.33 63.49 -86.45
N GLY FB 348 27.31 63.50 -85.53
CA GLY FB 348 28.52 64.35 -85.54
C GLY FB 348 28.31 65.84 -85.46
N THR FB 349 27.34 66.27 -84.67
CA THR FB 349 26.99 67.69 -84.52
C THR FB 349 27.59 68.31 -83.27
N GLU FB 350 27.80 69.63 -83.29
CA GLU FB 350 28.32 70.44 -82.15
C GLU FB 350 27.33 70.67 -81.00
N GLY FB 351 27.80 71.13 -79.84
CA GLY FB 351 26.97 71.28 -78.61
C GLY FB 351 27.15 70.27 -77.51
N CYS FB 352 28.10 69.35 -77.59
CA CYS FB 352 28.45 68.38 -76.51
C CYS FB 352 29.19 69.07 -75.35
N LEU FB 353 29.26 68.43 -74.19
CA LEU FB 353 30.00 68.97 -73.02
C LEU FB 353 31.48 69.18 -73.42
N PRO FB 354 32.07 70.29 -72.96
CA PRO FB 354 33.45 70.60 -73.33
C PRO FB 354 34.61 69.69 -72.85
N ALA FB 355 35.70 69.61 -73.62
CA ALA FB 355 36.91 68.83 -73.27
C ALA FB 355 37.57 69.34 -71.97
N PHE FB 356 37.61 70.67 -71.75
CA PHE FB 356 38.29 71.26 -70.57
C PHE FB 356 37.24 71.57 -69.50
N PRO FB 357 37.36 71.02 -68.25
CA PRO FB 357 36.38 71.20 -67.18
C PRO FB 357 35.92 72.61 -66.76
N PRO FB 358 36.79 73.65 -66.68
CA PRO FB 358 36.42 75.03 -66.41
C PRO FB 358 35.54 75.76 -67.46
N GLN FB 359 35.55 75.33 -68.71
CA GLN FB 359 34.79 75.99 -69.81
C GLN FB 359 33.27 75.93 -69.59
N VAL FB 360 32.58 77.02 -69.91
CA VAL FB 360 31.11 77.15 -69.67
C VAL FB 360 30.42 77.11 -71.04
N PHE FB 361 29.35 76.34 -71.17
CA PHE FB 361 28.74 76.11 -72.52
C PHE FB 361 27.23 76.41 -72.68
N THR FB 362 26.86 76.86 -73.88
CA THR FB 362 25.44 77.03 -74.27
C THR FB 362 24.85 75.72 -74.79
N LEU FB 363 23.67 75.32 -74.34
CA LEU FB 363 22.94 74.13 -74.87
C LEU FB 363 22.40 74.35 -76.28
N PRO FB 364 22.51 73.33 -77.16
CA PRO FB 364 21.90 73.39 -78.49
C PRO FB 364 20.35 73.37 -78.54
N GLN FB 365 19.75 74.09 -79.49
CA GLN FB 365 18.28 74.02 -79.73
C GLN FB 365 17.85 72.76 -80.50
N TYR FB 366 16.81 72.05 -80.03
CA TYR FB 366 16.21 70.88 -80.72
C TYR FB 366 15.39 71.22 -81.98
N GLY FB 367 15.53 70.40 -83.02
CA GLY FB 367 14.85 70.55 -84.30
C GLY FB 367 14.93 69.23 -85.01
N TYR FB 368 14.15 69.05 -86.09
CA TYR FB 368 14.16 67.78 -86.89
C TYR FB 368 13.71 68.02 -88.30
N ALA FB 369 14.05 67.11 -89.20
CA ALA FB 369 13.51 67.11 -90.58
C ALA FB 369 12.56 65.91 -90.74
N THR FB 370 11.38 66.13 -91.30
CA THR FB 370 10.42 65.04 -91.68
C THR FB 370 10.51 64.84 -93.18
N LEU FB 371 9.47 64.30 -93.80
CA LEU FB 371 9.38 64.12 -95.27
C LEU FB 371 9.18 65.41 -96.08
N ASN FB 372 9.74 65.45 -97.28
CA ASN FB 372 9.63 66.61 -98.20
C ASN FB 372 9.15 66.05 -99.55
N ARG FB 373 8.44 66.84 -100.34
CA ARG FB 373 7.83 66.31 -101.59
C ARG FB 373 8.61 66.65 -102.86
N ASP FB 374 9.02 65.65 -103.64
CA ASP FB 374 9.71 65.79 -104.95
C ASP FB 374 11.00 66.63 -104.92
N ASN FB 375 11.84 66.48 -103.89
CA ASN FB 375 13.11 67.26 -103.74
C ASN FB 375 12.81 68.76 -103.73
N THR FB 376 11.77 69.20 -103.02
CA THR FB 376 11.33 70.61 -102.88
C THR FB 376 11.06 70.93 -101.40
N GLU FB 377 10.82 72.19 -101.01
CA GLU FB 377 10.56 72.62 -99.60
C GLU FB 377 9.17 72.22 -99.04
N ASN FB 378 8.24 71.81 -99.89
CA ASN FB 378 6.87 71.38 -99.51
C ASN FB 378 6.77 70.04 -98.79
N PRO FB 379 5.82 69.89 -97.85
CA PRO FB 379 5.48 68.63 -97.19
C PRO FB 379 4.60 67.57 -97.95
N THR FB 380 4.45 66.39 -97.38
CA THR FB 380 3.65 65.26 -97.88
C THR FB 380 2.60 64.91 -96.84
N GLU FB 381 1.58 64.12 -97.19
CA GLU FB 381 0.54 63.60 -96.26
C GLU FB 381 1.17 62.72 -95.17
N ARG FB 382 2.18 61.93 -95.46
CA ARG FB 382 2.97 61.12 -94.51
C ARG FB 382 3.80 61.98 -93.53
N SER FB 383 4.11 63.24 -93.85
CA SER FB 383 4.95 64.15 -93.01
C SER FB 383 4.33 64.35 -91.62
N SER FB 384 5.13 64.33 -90.57
CA SER FB 384 4.68 64.29 -89.15
C SER FB 384 5.11 65.49 -88.27
N PHE FB 385 4.21 65.90 -87.38
CA PHE FB 385 4.51 66.97 -86.39
C PHE FB 385 4.54 66.33 -84.99
N PHE FB 386 5.55 66.67 -84.22
CA PHE FB 386 5.66 66.17 -82.83
C PHE FB 386 5.67 67.32 -81.83
N CYS FB 387 4.82 67.26 -80.80
CA CYS FB 387 4.78 68.24 -79.68
C CYS FB 387 5.50 67.67 -78.43
N LEU FB 388 6.51 68.36 -77.89
CA LEU FB 388 7.27 67.99 -76.65
C LEU FB 388 6.40 68.12 -75.38
N GLU FB 389 5.50 69.11 -75.35
CA GLU FB 389 4.60 69.40 -74.20
C GLU FB 389 3.56 68.29 -74.03
N TYR FB 390 3.32 67.48 -75.05
CA TYR FB 390 2.43 66.28 -74.98
C TYR FB 390 3.03 65.24 -74.01
N PHE FB 391 4.32 65.04 -73.95
CA PHE FB 391 4.99 64.15 -72.95
C PHE FB 391 4.93 64.71 -71.54
N PRO FB 392 4.88 63.88 -70.47
CA PRO FB 392 5.08 64.38 -69.10
C PRO FB 392 6.52 64.87 -68.71
N SER FB 393 6.66 65.98 -67.96
CA SER FB 393 7.98 66.53 -67.54
C SER FB 393 8.06 66.94 -66.05
N LYS FB 394 9.21 66.82 -65.41
CA LYS FB 394 9.44 67.35 -64.05
C LYS FB 394 9.56 68.88 -64.05
N MET FB 395 9.01 69.57 -63.05
CA MET FB 395 9.12 71.05 -62.94
C MET FB 395 10.05 71.41 -61.75
N LEU FB 396 11.05 72.25 -62.00
CA LEU FB 396 12.04 72.57 -60.94
C LEU FB 396 12.19 74.06 -60.63
N ARG FB 397 12.11 74.41 -59.36
CA ARG FB 397 12.49 75.75 -58.83
C ARG FB 397 13.99 75.70 -58.40
N THR FB 398 14.57 76.78 -57.87
CA THR FB 398 15.99 76.92 -57.41
C THR FB 398 16.43 75.87 -56.40
N GLY FB 399 15.60 75.44 -55.45
CA GLY FB 399 15.81 74.32 -54.52
C GLY FB 399 15.91 72.94 -55.12
N ASN FB 400 15.16 72.63 -56.19
CA ASN FB 400 14.99 71.30 -56.84
C ASN FB 400 16.13 70.72 -57.68
N ASN FB 401 16.19 69.40 -57.85
CA ASN FB 401 17.22 68.66 -58.62
C ASN FB 401 16.59 67.51 -59.46
N PHE FB 402 17.24 67.04 -60.52
CA PHE FB 402 16.79 65.89 -61.35
C PHE FB 402 17.88 64.80 -61.47
N GLU FB 403 17.50 63.52 -61.41
CA GLU FB 403 18.47 62.40 -61.62
C GLU FB 403 17.95 61.31 -62.61
N PHE FB 404 18.83 60.70 -63.40
CA PHE FB 404 18.49 59.55 -64.31
C PHE FB 404 19.59 58.44 -64.28
N THR FB 405 19.24 57.18 -64.51
CA THR FB 405 20.20 56.02 -64.59
C THR FB 405 19.94 55.20 -65.85
N TYR FB 406 20.98 54.71 -66.54
CA TYR FB 406 20.86 53.85 -67.76
C TYR FB 406 21.83 52.66 -67.75
N ASN FB 407 21.45 51.53 -68.35
CA ASN FB 407 22.36 50.36 -68.56
C ASN FB 407 22.51 50.10 -70.05
N PHE FB 408 23.74 49.93 -70.51
CA PHE FB 408 24.03 49.65 -71.95
C PHE FB 408 23.70 48.18 -72.24
N GLU FB 409 23.26 47.87 -73.45
CA GLU FB 409 23.06 46.47 -73.91
C GLU FB 409 24.43 45.78 -74.16
N GLU FB 410 24.46 44.45 -74.17
CA GLU FB 410 25.73 43.77 -74.52
C GLU FB 410 26.19 44.16 -75.93
N VAL FB 411 27.45 44.50 -76.06
CA VAL FB 411 28.02 44.98 -77.35
C VAL FB 411 29.42 44.39 -77.44
N PRO FB 412 29.99 44.16 -78.64
CA PRO FB 412 31.39 43.73 -78.74
C PRO FB 412 32.43 44.79 -78.31
N PHE FB 413 33.56 44.39 -77.72
CA PHE FB 413 34.65 45.33 -77.35
C PHE FB 413 35.28 45.95 -78.58
N HIS FB 414 35.65 47.24 -78.55
CA HIS FB 414 36.44 47.87 -79.64
C HIS FB 414 37.84 47.23 -79.65
N SER FB 415 38.44 47.06 -80.83
CA SER FB 415 39.80 46.48 -80.92
C SER FB 415 40.91 47.54 -80.92
N SER FB 416 41.58 47.73 -79.78
CA SER FB 416 42.72 48.67 -79.64
C SER FB 416 44.06 47.96 -79.89
N PHE FB 417 44.29 47.49 -81.11
CA PHE FB 417 45.55 46.77 -81.47
C PHE FB 417 45.75 46.89 -82.97
N ALA FB 418 46.99 46.70 -83.39
CA ALA FB 418 47.35 46.67 -84.82
C ALA FB 418 47.86 45.26 -85.13
N PRO FB 419 47.46 44.67 -86.28
CA PRO FB 419 48.03 43.38 -86.69
C PRO FB 419 49.54 43.34 -86.98
N SER FB 420 50.20 42.28 -86.50
CA SER FB 420 51.65 42.08 -86.73
C SER FB 420 51.93 41.16 -87.95
N GLN FB 421 50.90 40.66 -88.64
CA GLN FB 421 51.08 39.85 -89.87
C GLN FB 421 50.18 40.28 -91.02
N ASN FB 422 50.64 40.15 -92.26
CA ASN FB 422 49.84 40.33 -93.50
C ASN FB 422 48.87 39.14 -93.68
N LEU FB 423 47.65 39.38 -94.18
CA LEU FB 423 46.59 38.37 -94.41
C LEU FB 423 47.03 37.32 -95.44
N PHE FB 424 47.77 37.73 -96.46
CA PHE FB 424 48.28 36.84 -97.54
C PHE FB 424 49.66 36.15 -97.24
N LYS FB 425 50.35 36.38 -96.12
CA LYS FB 425 51.71 35.83 -95.79
C LYS FB 425 51.67 34.83 -94.59
N LEU FB 426 50.61 34.05 -94.38
CA LEU FB 426 50.42 33.16 -93.19
C LEU FB 426 51.01 31.74 -93.29
N ALA FB 427 51.41 31.28 -94.48
CA ALA FB 427 52.08 29.99 -94.64
C ALA FB 427 53.48 30.06 -94.01
N ASN FB 428 53.99 28.95 -93.49
CA ASN FB 428 55.38 28.91 -92.97
C ASN FB 428 56.33 29.24 -94.12
N PRO FB 429 57.31 30.16 -93.89
CA PRO FB 429 58.30 30.51 -94.90
C PRO FB 429 59.24 29.35 -95.34
N LEU FB 430 59.67 28.46 -94.45
CA LEU FB 430 60.50 27.24 -94.65
C LEU FB 430 59.88 26.10 -95.46
N VAL FB 431 58.58 25.84 -95.36
CA VAL FB 431 57.94 24.64 -95.97
C VAL FB 431 57.07 24.88 -97.23
N ASP FB 432 57.26 24.06 -98.28
CA ASP FB 432 56.42 24.05 -99.52
C ASP FB 432 55.01 23.49 -99.33
N GLN FB 433 54.05 23.98 -100.09
CA GLN FB 433 52.66 23.44 -100.12
C GLN FB 433 52.53 22.09 -100.88
N TYR FB 434 51.60 21.21 -100.50
CA TYR FB 434 51.29 19.98 -101.30
C TYR FB 434 50.29 20.30 -102.45
N LEU FB 435 50.26 21.51 -102.96
CA LEU FB 435 49.24 21.98 -103.94
C LEU FB 435 49.93 22.52 -105.19
N TYR FB 436 49.25 22.44 -106.33
CA TYR FB 436 49.85 22.81 -107.63
C TYR FB 436 49.00 23.80 -108.39
N ARG FB 437 49.63 24.57 -109.27
CA ARG FB 437 48.94 25.63 -110.04
C ARG FB 437 49.22 25.49 -111.54
N PHE FB 438 48.30 25.97 -112.38
CA PHE FB 438 48.50 25.98 -113.84
C PHE FB 438 49.36 27.16 -114.20
N VAL FB 439 50.42 26.88 -114.96
CA VAL FB 439 51.32 27.97 -115.39
C VAL FB 439 51.44 28.11 -116.91
N SER FB 440 51.06 27.09 -117.68
CA SER FB 440 51.42 27.10 -119.11
C SER FB 440 50.65 26.19 -120.07
N THR FB 441 50.78 26.47 -121.35
CA THR FB 441 50.26 25.60 -122.41
C THR FB 441 51.45 25.36 -123.35
N ASN FB 442 51.61 24.17 -123.92
CA ASN FB 442 52.71 23.84 -124.89
C ASN FB 442 52.37 24.24 -126.35
N ASN FB 443 53.22 23.91 -127.33
CA ASN FB 443 53.03 24.31 -128.77
C ASN FB 443 51.70 23.73 -129.27
N THR FB 444 51.34 22.51 -128.91
CA THR FB 444 49.96 22.00 -129.10
C THR FB 444 49.37 22.49 -127.82
N GLY FB 445 48.16 23.03 -127.76
CA GLY FB 445 47.80 23.71 -126.50
C GLY FB 445 47.48 22.82 -125.31
N GLY FB 446 48.48 22.09 -124.79
CA GLY FB 446 48.30 21.13 -123.68
C GLY FB 446 48.70 21.73 -122.35
N VAL FB 447 47.88 21.59 -121.34
CA VAL FB 447 48.09 22.24 -120.00
C VAL FB 447 49.30 21.73 -119.21
N GLN FB 448 49.97 22.63 -118.49
CA GLN FB 448 51.21 22.30 -117.74
C GLN FB 448 51.09 22.85 -116.30
N PHE FB 449 51.73 22.19 -115.34
CA PHE FB 449 51.58 22.55 -113.90
C PHE FB 449 52.91 22.63 -113.15
N ASN FB 450 52.96 23.44 -112.10
CA ASN FB 450 54.17 23.57 -111.22
C ASN FB 450 53.74 23.53 -109.77
N LYS FB 451 54.55 22.99 -108.88
CA LYS FB 451 54.32 22.98 -107.41
C LYS FB 451 54.53 24.36 -106.77
N ASN FB 452 53.85 24.61 -105.65
CA ASN FB 452 53.98 25.90 -104.94
C ASN FB 452 55.13 25.84 -103.92
N LEU FB 453 56.17 26.65 -104.10
CA LEU FB 453 57.40 26.69 -103.25
C LEU FB 453 57.27 27.51 -101.96
N ALA FB 454 58.15 27.25 -100.99
CA ALA FB 454 58.18 27.99 -99.70
C ALA FB 454 58.48 29.48 -99.86
N GLY FB 455 57.68 30.33 -99.21
CA GLY FB 455 57.84 31.81 -99.21
C GLY FB 455 57.33 32.53 -100.45
N ARG FB 456 56.76 31.81 -101.43
CA ARG FB 456 56.26 32.41 -102.69
C ARG FB 456 54.79 32.85 -102.49
N TYR FB 457 54.54 33.94 -101.77
CA TYR FB 457 53.20 34.47 -101.35
C TYR FB 457 52.37 34.91 -102.54
N ALA FB 458 53.02 35.33 -103.61
CA ALA FB 458 52.35 35.69 -104.87
C ALA FB 458 51.58 34.47 -105.43
N ASN FB 459 52.06 33.24 -105.30
CA ASN FB 459 51.45 32.02 -105.92
C ASN FB 459 50.91 30.96 -104.96
N THR FB 460 50.36 31.26 -103.81
CA THR FB 460 50.04 30.30 -102.73
C THR FB 460 48.52 30.21 -102.62
N TYR FB 461 47.98 29.06 -102.31
CA TYR FB 461 46.52 28.87 -102.07
C TYR FB 461 46.16 29.63 -100.80
N LYS FB 462 45.01 30.30 -100.79
CA LYS FB 462 44.60 31.15 -99.65
C LYS FB 462 43.24 30.78 -99.07
N ASN FB 463 43.12 30.61 -97.76
CA ASN FB 463 41.81 30.43 -97.04
C ASN FB 463 40.90 31.67 -96.96
N TRP FB 464 41.44 32.86 -96.79
CA TRP FB 464 40.66 34.05 -96.40
C TRP FB 464 40.90 35.24 -97.29
N PHE FB 465 39.92 36.12 -97.34
CA PHE FB 465 39.95 37.25 -98.31
C PHE FB 465 39.78 38.56 -97.59
N PRO FB 466 40.32 39.65 -98.16
CA PRO FB 466 40.12 40.99 -97.62
C PRO FB 466 38.71 41.57 -97.74
N GLY FB 467 38.40 42.57 -96.92
CA GLY FB 467 37.07 43.22 -96.85
C GLY FB 467 36.68 44.11 -98.01
N PRO FB 468 35.39 44.52 -98.10
CA PRO FB 468 34.87 45.29 -99.23
C PRO FB 468 35.45 46.69 -99.54
N MET FB 469 35.55 47.03 -100.82
CA MET FB 469 36.20 48.30 -101.23
C MET FB 469 35.44 49.10 -102.30
N GLY FB 470 35.47 50.43 -102.30
CA GLY FB 470 34.99 51.28 -103.42
C GLY FB 470 36.05 52.32 -103.73
N ARG FB 471 36.49 52.52 -104.97
CA ARG FB 471 37.62 53.46 -105.23
C ARG FB 471 37.30 54.96 -104.93
N THR FB 472 38.20 55.68 -104.24
CA THR FB 472 38.06 57.10 -103.86
C THR FB 472 39.33 57.83 -104.22
N GLN FB 473 39.26 59.07 -104.70
CA GLN FB 473 40.43 59.83 -105.21
C GLN FB 473 41.50 60.09 -104.12
N GLY FB 474 42.77 60.01 -104.49
CA GLY FB 474 43.90 60.26 -103.58
C GLY FB 474 44.56 61.60 -103.83
N TRP FB 475 44.79 62.35 -102.75
CA TRP FB 475 45.44 63.69 -102.83
C TRP FB 475 46.71 63.74 -101.98
N ASN FB 476 47.79 64.28 -102.52
CA ASN FB 476 49.09 64.42 -101.80
C ASN FB 476 49.04 65.56 -100.78
N LEU FB 477 49.75 65.42 -99.66
CA LEU FB 477 49.79 66.41 -98.56
C LEU FB 477 51.27 66.76 -98.35
N GLY FB 478 51.59 67.87 -97.70
CA GLY FB 478 53.00 68.30 -97.55
C GLY FB 478 53.65 68.64 -98.87
N SER FB 479 54.74 67.95 -99.23
CA SER FB 479 55.44 68.20 -100.50
C SER FB 479 54.48 67.93 -101.67
N GLY FB 480 53.64 66.88 -101.62
CA GLY FB 480 52.54 66.79 -102.59
C GLY FB 480 52.89 66.74 -104.06
N VAL FB 481 52.35 67.67 -104.86
CA VAL FB 481 52.50 67.70 -106.36
C VAL FB 481 51.13 67.40 -107.05
N ASN FB 482 50.00 67.68 -106.43
CA ASN FB 482 48.60 67.54 -106.99
C ASN FB 482 48.20 68.54 -108.08
N ARG FB 483 47.16 68.23 -108.89
CA ARG FB 483 46.62 69.11 -109.98
C ARG FB 483 46.01 70.45 -109.50
N ALA FB 484 46.28 71.55 -110.21
CA ALA FB 484 45.87 72.92 -109.84
C ALA FB 484 44.45 73.38 -110.19
N SER FB 485 43.89 74.32 -109.41
CA SER FB 485 42.59 75.00 -109.70
C SER FB 485 41.39 74.05 -109.85
N VAL FB 486 41.27 73.04 -109.01
CA VAL FB 486 40.18 72.02 -109.13
C VAL FB 486 38.97 72.36 -108.25
N SER FB 487 37.74 72.21 -108.78
CA SER FB 487 36.54 72.27 -107.92
C SER FB 487 36.18 70.80 -107.65
N ALA FB 488 36.21 70.36 -106.41
CA ALA FB 488 36.03 68.94 -106.00
C ALA FB 488 34.66 68.28 -106.25
N PHE FB 489 33.52 68.94 -106.12
CA PHE FB 489 32.16 68.30 -106.03
C PHE FB 489 31.69 67.43 -107.22
N ALA FB 490 31.92 67.80 -108.47
CA ALA FB 490 31.45 67.03 -109.65
C ALA FB 490 32.06 65.62 -109.67
N THR FB 491 33.32 65.47 -109.28
CA THR FB 491 34.04 64.18 -109.34
C THR FB 491 34.02 63.40 -108.04
N THR FB 492 33.31 63.83 -107.02
CA THR FB 492 33.18 63.13 -105.71
C THR FB 492 32.31 61.87 -105.76
N ASN FB 493 32.52 60.93 -104.84
CA ASN FB 493 31.69 59.68 -104.71
C ASN FB 493 30.27 60.01 -104.25
N ARG FB 494 29.28 59.31 -104.81
CA ARG FB 494 27.86 59.64 -104.49
C ARG FB 494 26.96 58.42 -104.44
N MET FB 495 25.84 58.49 -103.71
CA MET FB 495 24.79 57.45 -103.70
C MET FB 495 23.46 58.17 -104.03
N GLU FB 496 22.54 57.53 -104.76
CA GLU FB 496 21.27 58.17 -105.19
C GLU FB 496 20.09 57.71 -104.33
N LEU FB 497 19.33 58.62 -103.71
CA LEU FB 497 18.10 58.28 -102.93
C LEU FB 497 16.94 59.16 -103.37
N GLU FB 498 15.76 58.62 -103.68
CA GLU FB 498 14.51 59.38 -103.98
C GLU FB 498 14.66 60.42 -105.09
N GLY FB 499 15.43 60.16 -106.14
CA GLY FB 499 15.70 61.18 -107.17
C GLY FB 499 16.78 62.22 -106.89
N ALA FB 500 17.58 62.13 -105.83
CA ALA FB 500 18.67 63.11 -105.62
C ALA FB 500 20.04 62.43 -105.42
N SER FB 501 21.14 63.10 -105.78
CA SER FB 501 22.53 62.58 -105.60
C SER FB 501 23.12 63.12 -104.30
N TYR FB 502 23.62 62.23 -103.47
CA TYR FB 502 24.18 62.65 -102.15
C TYR FB 502 25.62 62.27 -101.98
N GLN FB 503 26.42 63.19 -101.50
CA GLN FB 503 27.79 62.82 -101.06
C GLN FB 503 27.61 62.00 -99.79
N VAL FB 504 28.44 60.99 -99.60
CA VAL FB 504 28.41 60.09 -98.41
C VAL FB 504 29.85 60.20 -97.89
N PRO FB 505 30.20 61.31 -97.20
CA PRO FB 505 31.57 61.64 -96.85
C PRO FB 505 32.34 60.68 -96.02
N PRO FB 506 31.87 59.94 -94.99
CA PRO FB 506 32.72 58.90 -94.43
C PRO FB 506 32.42 57.79 -95.46
N GLN FB 507 33.39 57.10 -96.02
CA GLN FB 507 32.97 55.97 -96.91
C GLN FB 507 32.55 54.76 -96.02
N PRO FB 508 31.92 53.67 -96.54
CA PRO FB 508 31.65 52.46 -95.75
C PRO FB 508 32.89 51.63 -95.27
N ASN FB 509 32.85 50.90 -94.13
CA ASN FB 509 34.02 50.16 -93.54
C ASN FB 509 34.72 49.07 -94.38
N GLY FB 510 36.00 48.75 -94.07
CA GLY FB 510 36.83 47.75 -94.78
C GLY FB 510 37.94 48.27 -95.65
N MET FB 511 38.20 49.56 -95.62
CA MET FB 511 39.32 50.14 -96.41
C MET FB 511 40.33 50.91 -95.55
N THR FB 512 41.50 51.20 -96.12
CA THR FB 512 42.50 52.11 -95.47
C THR FB 512 42.71 53.33 -96.36
N ASN FB 513 42.59 54.55 -95.85
CA ASN FB 513 42.89 55.86 -96.52
C ASN FB 513 44.38 56.13 -96.84
N ASN FB 514 45.34 55.75 -95.99
CA ASN FB 514 46.78 56.11 -96.15
C ASN FB 514 47.66 54.85 -96.02
N LEU FB 515 48.66 54.67 -96.88
CA LEU FB 515 49.64 53.53 -96.78
C LEU FB 515 50.64 53.47 -95.59
N GLN FB 516 51.28 54.53 -95.10
CA GLN FB 516 52.35 54.54 -94.03
C GLN FB 516 53.55 55.20 -94.68
N GLY FB 517 54.21 56.12 -93.99
CA GLY FB 517 55.14 56.93 -94.79
C GLY FB 517 54.15 57.62 -95.71
N SER FB 518 54.21 57.46 -97.02
CA SER FB 518 53.28 58.08 -98.02
C SER FB 518 52.49 59.34 -97.63
N ASN FB 519 52.43 60.28 -98.57
CA ASN FB 519 51.68 61.54 -98.36
C ASN FB 519 50.38 61.51 -99.17
N THR FB 520 50.01 60.36 -99.74
CA THR FB 520 48.71 60.22 -100.43
C THR FB 520 47.61 59.82 -99.45
N TYR FB 521 46.52 60.56 -99.48
CA TYR FB 521 45.37 60.31 -98.58
C TYR FB 521 44.13 60.32 -99.40
N ALA FB 522 43.25 59.38 -99.13
CA ALA FB 522 41.93 59.48 -99.79
C ALA FB 522 41.08 60.34 -98.85
N LEU FB 523 40.85 61.62 -99.19
CA LEU FB 523 40.20 62.65 -98.32
C LEU FB 523 38.74 62.35 -97.92
N GLU FB 524 37.94 61.77 -98.82
CA GLU FB 524 36.53 61.40 -98.54
C GLU FB 524 36.43 60.11 -97.70
N ASN FB 525 37.52 59.39 -97.43
CA ASN FB 525 37.55 58.23 -96.50
C ASN FB 525 38.15 58.63 -95.14
N THR FB 526 38.42 59.90 -94.88
CA THR FB 526 39.12 60.33 -93.62
C THR FB 526 38.28 61.23 -92.76
N MET FB 527 38.30 61.02 -91.45
CA MET FB 527 37.70 61.97 -90.48
C MET FB 527 38.60 63.23 -90.39
N ILE FB 528 38.04 64.41 -90.64
CA ILE FB 528 38.78 65.70 -90.54
C ILE FB 528 38.20 66.56 -89.40
N PHE FB 529 39.05 67.08 -88.53
CA PHE FB 529 38.64 67.83 -87.31
C PHE FB 529 39.39 69.14 -87.23
N ASN FB 530 38.88 70.09 -86.46
CA ASN FB 530 39.56 71.39 -86.19
C ASN FB 530 40.13 71.35 -84.77
N SER FB 531 41.35 71.83 -84.54
CA SER FB 531 41.94 71.95 -83.18
C SER FB 531 41.13 72.90 -82.30
N GLN FB 532 40.64 74.01 -82.87
CA GLN FB 532 39.86 75.04 -82.15
C GLN FB 532 38.39 75.02 -82.56
N PRO FB 533 37.43 75.34 -81.66
CA PRO FB 533 36.01 75.46 -82.03
C PRO FB 533 35.75 76.66 -82.95
N ALA FB 534 34.71 76.55 -83.77
CA ALA FB 534 34.43 77.59 -84.80
C ALA FB 534 33.08 78.28 -84.58
N ASN FB 535 32.99 79.52 -85.05
CA ASN FB 535 31.71 80.28 -85.01
C ASN FB 535 30.71 79.66 -86.01
N PRO FB 536 29.39 79.69 -85.71
CA PRO FB 536 28.40 79.17 -86.64
C PRO FB 536 28.26 79.85 -88.00
N GLY FB 537 28.11 79.07 -89.06
CA GLY FB 537 27.90 79.59 -90.42
C GLY FB 537 29.15 80.03 -91.14
N THR FB 538 30.33 79.74 -90.61
CA THR FB 538 31.58 80.21 -91.24
C THR FB 538 31.70 79.62 -92.64
N THR FB 539 32.12 80.42 -93.62
CA THR FB 539 32.37 79.97 -95.01
C THR FB 539 33.86 80.11 -95.34
N ALA FB 540 34.72 80.34 -94.35
CA ALA FB 540 36.17 80.55 -94.53
C ALA FB 540 36.93 79.33 -95.10
N THR FB 541 37.89 79.55 -96.00
CA THR FB 541 38.77 78.46 -96.48
C THR FB 541 39.75 78.06 -95.41
N TYR FB 542 40.03 76.76 -95.29
CA TYR FB 542 41.03 76.26 -94.32
C TYR FB 542 42.09 75.47 -95.04
N LEU FB 543 43.35 75.79 -94.78
CA LEU FB 543 44.50 75.01 -95.29
C LEU FB 543 44.80 73.79 -94.39
N GLU FB 544 45.68 72.91 -94.81
CA GLU FB 544 46.04 71.64 -94.09
C GLU FB 544 46.64 71.87 -92.69
N GLY FB 545 47.44 72.91 -92.49
CA GLY FB 545 48.07 73.20 -91.19
C GLY FB 545 47.06 73.45 -90.10
N ASN FB 546 45.97 74.14 -90.37
CA ASN FB 546 44.85 74.29 -89.40
C ASN FB 546 44.16 72.96 -89.07
N MET FB 547 44.01 72.05 -90.02
CA MET FB 547 43.19 70.81 -89.84
C MET FB 547 43.87 69.65 -89.09
N LEU FB 548 43.10 68.81 -88.42
CA LEU FB 548 43.63 67.56 -87.80
C LEU FB 548 43.18 66.42 -88.71
N ILE FB 549 44.10 65.72 -89.38
CA ILE FB 549 43.74 64.66 -90.37
C ILE FB 549 44.18 63.29 -89.87
N THR FB 550 43.26 62.35 -89.76
CA THR FB 550 43.49 60.97 -89.29
C THR FB 550 44.06 60.03 -90.35
N SER FB 551 44.75 58.97 -89.93
CA SER FB 551 45.33 57.94 -90.82
C SER FB 551 44.89 56.57 -90.29
N GLU FB 552 44.58 55.63 -91.18
CA GLU FB 552 44.13 54.26 -90.83
C GLU FB 552 45.24 53.26 -91.22
N SER FB 553 46.50 53.67 -91.31
CA SER FB 553 47.65 52.87 -91.82
C SER FB 553 47.91 51.58 -91.02
N GLU FB 554 47.52 51.49 -89.76
CA GLU FB 554 47.65 50.27 -88.90
C GLU FB 554 46.83 49.09 -89.47
N THR FB 555 45.68 49.33 -90.10
CA THR FB 555 44.76 48.31 -90.65
C THR FB 555 45.19 47.82 -92.04
N GLN FB 556 46.24 48.35 -92.64
CA GLN FB 556 46.72 48.05 -94.02
C GLN FB 556 47.05 46.55 -94.22
N PRO FB 557 47.64 45.80 -93.25
CA PRO FB 557 47.80 44.35 -93.40
C PRO FB 557 46.52 43.55 -93.74
N VAL FB 558 45.30 43.96 -93.33
CA VAL FB 558 43.98 43.38 -93.74
C VAL FB 558 43.02 44.28 -94.53
N ASN FB 559 43.30 45.56 -94.77
CA ASN FB 559 42.31 46.46 -95.41
C ASN FB 559 42.87 47.00 -96.71
N ARG FB 560 42.08 46.92 -97.78
CA ARG FB 560 42.53 47.41 -99.10
C ARG FB 560 42.64 48.95 -99.15
N VAL FB 561 43.59 49.47 -99.93
CA VAL FB 561 43.74 50.94 -100.12
C VAL FB 561 42.64 51.54 -101.03
N ALA FB 562 41.99 52.63 -100.58
CA ALA FB 562 40.88 53.33 -101.29
C ALA FB 562 41.27 53.94 -102.63
N TYR FB 563 42.43 54.57 -102.74
CA TYR FB 563 42.90 55.24 -103.98
C TYR FB 563 43.15 54.21 -105.12
N ASN FB 564 43.66 53.03 -104.82
CA ASN FB 564 44.02 51.96 -105.82
C ASN FB 564 42.85 51.10 -106.32
N VAL FB 565 42.97 50.45 -107.49
CA VAL FB 565 42.00 49.41 -107.99
C VAL FB 565 42.04 48.14 -107.10
N GLY FB 566 40.91 47.47 -106.86
CA GLY FB 566 40.79 46.22 -106.06
C GLY FB 566 41.46 44.94 -106.55
N GLY FB 567 41.44 44.62 -107.85
CA GLY FB 567 41.94 43.34 -108.37
C GLY FB 567 41.57 43.18 -109.83
N GLN FB 568 41.76 41.99 -110.40
CA GLN FB 568 41.40 41.67 -111.82
C GLN FB 568 40.57 40.38 -111.92
N MET FB 569 39.68 40.26 -112.92
CA MET FB 569 38.84 39.06 -113.20
C MET FB 569 38.83 38.76 -114.71
N ALA FB 570 38.50 37.53 -115.14
CA ALA FB 570 38.42 37.13 -116.57
C ALA FB 570 37.26 37.80 -117.34
N THR FB 571 37.55 38.25 -118.58
CA THR FB 571 36.56 38.96 -119.41
C THR FB 571 36.21 38.19 -120.70
N ASN FB 572 36.70 36.99 -120.92
CA ASN FB 572 36.56 36.30 -122.24
C ASN FB 572 36.70 34.80 -122.09
N ASN FB 573 36.47 34.07 -123.17
CA ASN FB 573 36.76 32.61 -123.21
C ASN FB 573 37.94 32.42 -124.17
N GLN FB 574 39.01 31.75 -123.74
CA GLN FB 574 40.21 31.44 -124.58
C GLN FB 574 39.86 30.36 -125.64
N SER FB 575 40.54 30.37 -126.77
CA SER FB 575 40.32 29.41 -127.88
C SER FB 575 41.63 29.36 -128.67
N SER FB 576 41.79 28.42 -129.58
CA SER FB 576 43.01 28.44 -130.43
C SER FB 576 43.07 29.77 -131.18
N THR FB 577 41.95 30.27 -131.71
CA THR FB 577 41.86 31.61 -132.34
C THR FB 577 42.06 32.76 -131.35
N THR FB 578 41.56 32.68 -130.11
CA THR FB 578 41.58 33.83 -129.18
C THR FB 578 42.44 33.69 -127.95
N ALA FB 579 43.33 34.66 -127.69
CA ALA FB 579 44.14 34.71 -126.45
C ALA FB 579 43.30 35.06 -125.23
N PRO FB 580 43.65 34.58 -124.03
CA PRO FB 580 42.95 34.97 -122.79
C PRO FB 580 43.10 36.45 -122.36
N ALA FB 581 42.06 37.05 -121.76
CA ALA FB 581 42.04 38.49 -121.37
C ALA FB 581 41.53 38.71 -119.94
N THR FB 582 41.99 39.76 -119.28
CA THR FB 582 41.54 40.13 -117.92
C THR FB 582 41.09 41.58 -117.86
N GLY FB 583 40.27 41.93 -116.87
CA GLY FB 583 39.91 43.34 -116.64
C GLY FB 583 39.98 43.74 -115.19
N THR FB 584 40.44 44.96 -114.88
CA THR FB 584 40.42 45.50 -113.48
C THR FB 584 39.02 45.92 -113.02
N TYR FB 585 38.76 45.86 -111.71
CA TYR FB 585 37.48 46.32 -111.11
C TYR FB 585 37.73 47.50 -110.09
N ASN FB 586 36.83 48.49 -110.00
CA ASN FB 586 36.96 49.68 -109.08
C ASN FB 586 36.11 49.50 -107.80
N LEU FB 587 35.25 48.50 -107.76
CA LEU FB 587 34.40 48.23 -106.56
C LEU FB 587 34.17 46.73 -106.33
N GLN FB 588 34.08 46.29 -105.09
CA GLN FB 588 33.70 44.90 -104.74
C GLN FB 588 32.98 44.94 -103.40
N GLU FB 589 32.13 43.98 -103.11
CA GLU FB 589 31.31 43.97 -101.88
C GLU FB 589 31.60 42.67 -101.14
N ILE FB 590 30.88 42.37 -100.08
CA ILE FB 590 31.13 41.19 -99.21
C ILE FB 590 31.06 39.84 -99.94
N VAL FB 591 31.99 38.96 -99.62
CA VAL FB 591 32.08 37.60 -100.21
C VAL FB 591 32.24 36.67 -99.00
N PRO FB 592 31.85 35.38 -99.07
CA PRO FB 592 32.10 34.47 -97.95
C PRO FB 592 33.61 34.25 -97.67
N GLY FB 593 34.02 34.17 -96.41
CA GLY FB 593 35.44 34.11 -96.01
C GLY FB 593 36.13 35.46 -95.90
N SER FB 594 35.38 36.56 -96.01
CA SER FB 594 35.85 37.96 -95.88
C SER FB 594 36.23 38.36 -94.43
N VAL FB 595 37.37 39.03 -94.25
CA VAL FB 595 37.85 39.53 -92.93
C VAL FB 595 38.26 41.01 -93.09
N TRP FB 596 37.97 41.84 -92.09
CA TRP FB 596 38.37 43.28 -92.10
C TRP FB 596 38.45 43.87 -90.69
N MET FB 597 39.05 45.03 -90.56
CA MET FB 597 39.09 45.80 -89.29
C MET FB 597 38.20 47.06 -89.40
N GLU FB 598 37.39 47.34 -88.38
CA GLU FB 598 36.54 48.56 -88.29
C GLU FB 598 37.39 49.82 -88.01
N ARG FB 599 36.86 50.99 -88.34
CA ARG FB 599 37.54 52.30 -88.08
C ARG FB 599 37.86 52.55 -86.60
N ASP FB 600 39.01 53.16 -86.34
CA ASP FB 600 39.48 53.51 -84.97
C ASP FB 600 38.72 54.68 -84.31
N VAL FB 601 38.54 54.62 -83.01
CA VAL FB 601 38.01 55.76 -82.21
C VAL FB 601 39.08 56.82 -81.91
N TYR FB 602 38.67 58.05 -81.68
CA TYR FB 602 39.58 59.18 -81.37
C TYR FB 602 39.07 59.86 -80.12
N LEU FB 603 39.95 60.53 -79.35
CA LEU FB 603 39.54 61.29 -78.14
C LEU FB 603 38.58 62.44 -78.56
N GLN FB 604 38.83 63.15 -79.65
CA GLN FB 604 37.96 64.18 -80.28
C GLN FB 604 36.64 63.58 -80.84
N GLY FB 605 36.60 62.32 -81.23
CA GLY FB 605 35.43 61.63 -81.82
C GLY FB 605 34.25 61.13 -81.00
N PRO FB 606 33.13 60.76 -81.67
CA PRO FB 606 31.98 60.10 -81.04
C PRO FB 606 31.95 58.66 -80.50
N ILE FB 607 31.38 58.38 -79.33
CA ILE FB 607 31.15 56.97 -78.81
C ILE FB 607 30.08 56.09 -79.50
N TRP FB 608 28.88 56.59 -79.79
CA TRP FB 608 27.77 55.72 -80.24
C TRP FB 608 26.90 56.30 -81.35
N ALA FB 609 26.13 55.45 -82.03
CA ALA FB 609 25.12 55.86 -83.04
C ALA FB 609 23.90 54.95 -82.85
N LYS FB 610 22.71 55.47 -83.15
CA LYS FB 610 21.47 54.65 -83.11
C LYS FB 610 21.26 53.87 -84.42
N ILE FB 611 21.01 52.58 -84.32
CA ILE FB 611 20.64 51.77 -85.51
C ILE FB 611 19.22 52.19 -85.97
N PRO FB 612 18.98 52.47 -87.26
CA PRO FB 612 17.65 52.84 -87.75
C PRO FB 612 16.63 51.69 -87.78
N GLU FB 613 15.37 51.97 -87.47
CA GLU FB 613 14.35 50.87 -87.38
C GLU FB 613 13.65 50.63 -88.74
N THR FB 614 14.08 49.63 -89.50
CA THR FB 614 13.51 49.29 -90.83
C THR FB 614 13.02 47.87 -90.82
N GLY FB 615 13.45 47.08 -89.85
CA GLY FB 615 13.22 45.64 -89.79
C GLY FB 615 14.27 44.80 -90.51
N ALA FB 616 15.20 45.39 -91.27
CA ALA FB 616 16.32 44.64 -91.91
C ALA FB 616 17.64 45.41 -91.89
N HIS FB 617 18.74 44.79 -91.51
CA HIS FB 617 20.08 45.43 -91.54
C HIS FB 617 21.18 44.38 -91.65
N PHE FB 618 22.37 44.78 -92.09
CA PHE FB 618 23.55 43.88 -92.09
C PHE FB 618 24.70 44.49 -91.31
N HIS FB 619 25.34 43.77 -90.38
CA HIS FB 619 26.59 44.17 -89.67
C HIS FB 619 26.54 45.62 -89.19
N PRO FB 620 26.01 45.87 -87.98
CA PRO FB 620 25.71 47.25 -87.59
C PRO FB 620 26.73 48.10 -86.84
N SER FB 621 27.79 48.41 -87.54
CA SER FB 621 28.88 49.25 -86.99
C SER FB 621 28.84 50.58 -87.73
N PRO FB 622 28.72 51.75 -87.03
CA PRO FB 622 28.64 53.02 -87.74
C PRO FB 622 29.91 53.49 -88.49
N ALA FB 623 29.76 54.16 -89.62
CA ALA FB 623 30.90 54.57 -90.49
C ALA FB 623 31.88 55.56 -89.83
N MET FB 624 31.41 56.54 -89.07
CA MET FB 624 32.23 57.53 -88.32
C MET FB 624 33.08 56.82 -87.27
N GLY FB 625 32.60 55.74 -86.67
CA GLY FB 625 33.30 54.97 -85.64
C GLY FB 625 32.41 54.72 -84.43
N GLY FB 626 32.85 53.92 -83.48
CA GLY FB 626 32.09 53.65 -82.26
C GLY FB 626 31.15 52.47 -82.19
N PHE FB 627 30.18 52.53 -81.30
CA PHE FB 627 29.27 51.41 -80.99
C PHE FB 627 27.86 51.68 -81.53
N GLY FB 628 27.31 50.71 -82.27
CA GLY FB 628 25.95 50.81 -82.83
C GLY FB 628 24.96 50.20 -81.90
N LEU FB 629 23.97 50.97 -81.50
CA LEU FB 629 23.02 50.49 -80.45
C LEU FB 629 21.57 50.51 -80.90
N LYS FB 630 20.86 49.41 -80.72
CA LYS FB 630 19.38 49.37 -80.92
C LYS FB 630 18.65 50.28 -79.92
N HIS FB 631 19.07 50.27 -78.67
CA HIS FB 631 18.47 51.13 -77.61
C HIS FB 631 19.55 52.02 -77.01
N PRO FB 632 19.80 53.18 -77.62
CA PRO FB 632 20.81 54.13 -77.19
C PRO FB 632 20.53 54.93 -75.91
N PRO FB 633 21.54 55.56 -75.25
CA PRO FB 633 21.22 56.37 -74.10
C PRO FB 633 20.24 57.46 -74.56
N PRO FB 634 19.12 57.70 -73.83
CA PRO FB 634 18.05 58.58 -74.28
C PRO FB 634 18.20 60.10 -74.37
N MET FB 635 17.46 60.74 -75.26
CA MET FB 635 17.42 62.21 -75.39
C MET FB 635 16.93 62.91 -74.11
N MET FB 636 17.67 63.92 -73.65
CA MET FB 636 17.35 64.69 -72.42
C MET FB 636 16.99 66.12 -72.85
N LEU FB 637 15.79 66.57 -72.54
CA LEU FB 637 15.26 67.87 -73.04
C LEU FB 637 14.93 68.82 -71.88
N ILE FB 638 15.34 70.07 -72.01
CA ILE FB 638 15.11 71.11 -70.96
C ILE FB 638 14.52 72.38 -71.60
N LYS FB 639 13.54 72.99 -70.93
CA LYS FB 639 12.99 74.29 -71.41
C LYS FB 639 12.74 75.27 -70.25
N ASN FB 640 12.73 76.56 -70.54
CA ASN FB 640 12.30 77.58 -69.55
C ASN FB 640 10.77 77.71 -69.63
N THR FB 641 10.06 77.64 -68.53
CA THR FB 641 8.59 77.84 -68.51
C THR FB 641 8.22 79.26 -68.91
N PRO FB 642 7.23 79.46 -69.82
CA PRO FB 642 6.73 80.79 -70.14
C PRO FB 642 6.18 81.56 -68.93
N VAL FB 643 6.67 82.76 -68.76
CA VAL FB 643 6.12 83.62 -67.67
C VAL FB 643 5.52 84.86 -68.37
N PRO FB 644 4.20 85.07 -68.25
CA PRO FB 644 3.54 86.21 -68.89
C PRO FB 644 3.75 87.67 -68.45
N GLY FB 645 3.72 88.62 -69.38
CA GLY FB 645 3.74 90.08 -69.14
C GLY FB 645 2.37 90.58 -68.71
N ASN FB 646 2.22 91.83 -68.32
CA ASN FB 646 0.91 92.29 -67.74
C ASN FB 646 -0.23 92.22 -68.75
N ILE FB 647 -1.32 91.54 -68.40
CA ILE FB 647 -2.51 91.43 -69.29
C ILE FB 647 -3.70 92.01 -68.50
N THR FB 648 -4.42 92.96 -69.06
CA THR FB 648 -5.51 93.66 -68.33
C THR FB 648 -6.88 93.30 -68.86
N SER FB 649 -6.97 92.66 -70.02
CA SER FB 649 -8.27 92.37 -70.67
C SER FB 649 -8.34 90.91 -71.16
N PHE FB 650 -9.53 90.32 -71.25
CA PHE FB 650 -9.73 88.96 -71.80
C PHE FB 650 -9.68 88.85 -73.33
N SER FB 651 -9.00 87.83 -73.85
CA SER FB 651 -9.10 87.51 -75.30
C SER FB 651 -9.09 86.00 -75.47
N ASP FB 652 -9.83 85.47 -76.44
CA ASP FB 652 -9.73 84.05 -76.88
C ASP FB 652 -8.33 83.85 -77.51
N VAL FB 653 -7.81 84.85 -78.23
CA VAL FB 653 -6.48 84.77 -78.89
C VAL FB 653 -5.36 84.56 -77.86
N PRO FB 654 -4.42 83.61 -78.07
CA PRO FB 654 -3.33 83.33 -77.13
C PRO FB 654 -2.34 84.45 -76.85
N VAL FB 655 -1.85 84.51 -75.61
CA VAL FB 655 -0.88 85.56 -75.21
C VAL FB 655 0.46 85.43 -75.96
N SER FB 656 0.94 86.55 -76.48
CA SER FB 656 2.22 86.63 -77.20
C SER FB 656 3.24 87.50 -76.43
N SER FB 657 2.88 88.01 -75.25
CA SER FB 657 3.76 88.93 -74.48
C SER FB 657 4.25 88.24 -73.21
N PHE FB 658 5.57 88.12 -73.06
CA PHE FB 658 6.16 87.35 -71.94
C PHE FB 658 7.33 88.09 -71.36
N ILE FB 659 7.62 87.92 -70.08
CA ILE FB 659 8.89 88.49 -69.52
C ILE FB 659 10.13 87.75 -70.07
N THR FB 660 11.24 88.44 -70.40
CA THR FB 660 12.50 87.83 -70.94
C THR FB 660 13.34 87.17 -69.85
N GLN FB 661 13.71 85.90 -70.02
CA GLN FB 661 14.39 85.09 -68.97
C GLN FB 661 15.43 84.09 -69.52
N TYR FB 662 16.40 83.68 -68.71
CA TYR FB 662 17.42 82.66 -69.08
C TYR FB 662 17.69 81.80 -67.85
N SER FB 663 18.23 80.60 -68.05
CA SER FB 663 18.58 79.70 -66.91
C SER FB 663 20.06 79.24 -66.92
N THR FB 664 20.58 78.92 -65.75
CA THR FB 664 21.97 78.43 -65.60
C THR FB 664 22.03 77.34 -64.53
N GLY FB 665 23.00 76.43 -64.60
CA GLY FB 665 23.17 75.37 -63.59
C GLY FB 665 24.39 74.49 -63.77
N GLN FB 666 24.45 73.39 -63.03
CA GLN FB 666 25.54 72.36 -63.13
C GLN FB 666 25.01 70.97 -63.55
N VAL FB 667 25.76 70.26 -64.38
CA VAL FB 667 25.40 68.86 -64.80
C VAL FB 667 26.57 67.89 -64.48
N THR FB 668 26.26 66.73 -63.92
CA THR FB 668 27.27 65.67 -63.67
C THR FB 668 26.94 64.40 -64.46
N VAL FB 669 27.92 63.83 -65.18
CA VAL FB 669 27.77 62.50 -65.88
C VAL FB 669 28.78 61.48 -65.33
N GLU FB 670 28.31 60.30 -64.93
CA GLU FB 670 29.17 59.18 -64.43
C GLU FB 670 29.04 57.99 -65.38
N MET FB 671 30.17 57.46 -65.85
CA MET FB 671 30.18 56.32 -66.80
C MET FB 671 31.09 55.18 -66.34
N GLU FB 672 30.64 53.95 -66.52
CA GLU FB 672 31.45 52.74 -66.20
C GLU FB 672 31.91 52.06 -67.50
N TRP FB 673 33.18 51.65 -67.54
CA TRP FB 673 33.77 51.01 -68.73
C TRP FB 673 34.38 49.65 -68.38
N GLU FB 674 34.22 48.67 -69.26
CA GLU FB 674 34.86 47.33 -69.09
C GLU FB 674 36.12 47.26 -69.97
N LEU FB 675 37.22 46.75 -69.43
CA LEU FB 675 38.54 46.70 -70.11
C LEU FB 675 38.96 45.27 -70.45
N LYS FB 676 39.59 45.08 -71.62
CA LYS FB 676 40.20 43.77 -71.96
C LYS FB 676 41.73 43.89 -71.86
N LYS FB 677 42.36 43.07 -71.02
CA LYS FB 677 43.83 43.04 -70.83
C LYS FB 677 44.68 42.44 -71.96
N GLU FB 678 45.85 43.01 -72.21
CA GLU FB 678 46.83 42.44 -73.15
C GLU FB 678 47.44 41.13 -72.59
N ASN FB 679 47.66 40.11 -73.41
CA ASN FB 679 48.29 38.81 -73.04
C ASN FB 679 49.44 38.48 -74.00
N SER FB 680 50.25 39.46 -74.42
CA SER FB 680 51.33 39.29 -75.44
C SER FB 680 52.55 38.45 -75.04
N LYS FB 681 53.10 37.67 -75.97
CA LYS FB 681 54.38 36.92 -75.77
C LYS FB 681 55.52 37.57 -76.60
N ARG FB 682 55.34 38.75 -77.20
CA ARG FB 682 56.40 39.51 -77.96
C ARG FB 682 57.61 39.95 -77.10
N TRP FB 683 58.81 39.45 -77.39
CA TRP FB 683 60.06 39.76 -76.68
C TRP FB 683 60.58 41.20 -76.77
N ASN FB 684 60.54 41.76 -77.96
CA ASN FB 684 61.01 43.13 -78.25
C ASN FB 684 60.03 44.22 -77.78
N PRO FB 685 60.51 45.44 -77.50
CA PRO FB 685 59.64 46.56 -77.15
C PRO FB 685 58.66 47.12 -78.22
N GLU FB 686 57.44 47.44 -77.80
CA GLU FB 686 56.36 48.04 -78.62
C GLU FB 686 56.33 49.55 -78.85
N ILE FB 687 55.59 50.01 -79.86
CA ILE FB 687 55.27 51.46 -80.08
C ILE FB 687 54.28 51.98 -79.03
N GLN FB 688 54.46 53.21 -78.53
CA GLN FB 688 53.60 53.86 -77.49
C GLN FB 688 53.34 55.33 -77.81
N TYR FB 689 52.20 55.88 -77.44
CA TYR FB 689 51.95 57.34 -77.55
C TYR FB 689 52.80 58.06 -76.46
N THR FB 690 53.51 59.11 -76.86
CA THR FB 690 54.38 59.83 -75.93
C THR FB 690 54.24 61.32 -76.14
N ASN FB 691 54.55 62.12 -75.13
CA ASN FB 691 54.61 63.58 -75.29
C ASN FB 691 56.01 63.85 -75.82
N ASN FB 692 56.15 64.20 -77.08
CA ASN FB 692 57.47 64.35 -77.73
C ASN FB 692 57.41 65.55 -78.67
N TYR FB 693 58.20 66.56 -78.38
CA TYR FB 693 58.14 67.85 -79.13
C TYR FB 693 59.57 68.35 -79.22
N ASN FB 694 59.95 68.99 -80.31
CA ASN FB 694 61.32 69.58 -80.39
C ASN FB 694 61.27 71.11 -80.15
N ASP FB 695 62.01 71.63 -79.16
CA ASP FB 695 62.06 73.08 -78.80
C ASP FB 695 60.67 73.69 -78.55
N PRO FB 696 59.78 73.11 -77.71
CA PRO FB 696 58.43 73.63 -77.55
C PRO FB 696 58.23 75.06 -77.02
N GLN FB 697 57.33 75.83 -77.64
CA GLN FB 697 57.05 77.23 -77.20
C GLN FB 697 55.80 77.28 -76.30
N PHE FB 698 55.11 76.17 -76.14
CA PHE FB 698 53.87 76.09 -75.34
C PHE FB 698 53.74 74.68 -74.90
N VAL FB 699 52.93 74.43 -73.90
CA VAL FB 699 52.60 73.02 -73.54
C VAL FB 699 51.29 72.68 -74.25
N ASP FB 700 51.27 71.62 -75.03
CA ASP FB 700 50.04 71.06 -75.66
C ASP FB 700 49.09 70.49 -74.61
N PHE FB 701 47.77 70.53 -74.83
CA PHE FB 701 46.69 70.09 -73.87
C PHE FB 701 46.71 70.91 -72.58
N ALA FB 702 46.97 72.20 -72.70
CA ALA FB 702 47.03 73.13 -71.56
C ALA FB 702 46.49 74.49 -71.99
N PRO FB 703 46.06 75.36 -71.07
CA PRO FB 703 45.71 76.74 -71.41
C PRO FB 703 46.88 77.66 -71.83
N ASP FB 704 46.62 78.65 -72.68
CA ASP FB 704 47.67 79.64 -73.06
C ASP FB 704 47.64 80.92 -72.20
N SER FB 705 48.42 81.94 -72.59
CA SER FB 705 48.49 83.22 -71.83
C SER FB 705 47.12 83.91 -71.79
N THR FB 706 46.33 83.88 -72.87
CA THR FB 706 44.92 84.37 -72.91
C THR FB 706 43.94 83.48 -72.19
N GLY FB 707 44.27 82.23 -71.84
CA GLY FB 707 43.32 81.27 -71.25
C GLY FB 707 42.62 80.31 -72.20
N GLU FB 708 42.99 80.28 -73.47
CA GLU FB 708 42.40 79.36 -74.48
C GLU FB 708 43.12 78.00 -74.52
N TYR FB 709 42.37 76.90 -74.45
CA TYR FB 709 42.92 75.50 -74.51
C TYR FB 709 43.51 75.15 -75.87
N ARG FB 710 44.64 74.45 -75.85
CA ARG FB 710 45.34 74.06 -77.10
C ARG FB 710 45.33 72.54 -77.24
N SER FB 711 44.89 72.02 -78.40
CA SER FB 711 44.87 70.57 -78.71
C SER FB 711 45.40 70.32 -80.13
N THR FB 712 46.70 70.40 -80.38
CA THR FB 712 47.38 70.25 -81.70
C THR FB 712 47.23 68.88 -82.36
N ARG FB 713 47.21 67.76 -81.63
CA ARG FB 713 47.26 66.40 -82.26
C ARG FB 713 46.01 65.52 -82.08
N PRO FB 714 45.53 64.81 -83.12
CA PRO FB 714 44.49 63.79 -82.97
C PRO FB 714 44.98 62.47 -82.33
N ILE FB 715 44.25 61.86 -81.40
CA ILE FB 715 44.81 60.60 -80.81
C ILE FB 715 43.92 59.38 -81.02
N GLY FB 716 44.46 58.33 -81.65
CA GLY FB 716 43.82 57.03 -81.88
C GLY FB 716 44.08 56.05 -80.78
N THR FB 717 43.50 54.86 -80.87
CA THR FB 717 43.70 53.80 -79.86
C THR FB 717 44.69 52.69 -80.20
N ARG FB 718 45.24 52.56 -81.42
CA ARG FB 718 46.04 51.33 -81.76
C ARG FB 718 47.58 51.52 -81.71
N TYR FB 719 48.22 51.08 -80.64
CA TYR FB 719 49.70 51.18 -80.45
C TYR FB 719 50.24 49.79 -80.20
N LEU FB 720 49.45 48.93 -79.57
CA LEU FB 720 49.80 47.51 -79.30
C LEU FB 720 49.65 46.66 -80.56
N THR FB 721 50.35 45.55 -80.60
CA THR FB 721 50.39 44.67 -81.78
C THR FB 721 50.01 43.26 -81.39
N ARG FB 722 49.31 42.57 -82.28
CA ARG FB 722 48.97 41.15 -82.04
C ARG FB 722 49.21 40.32 -83.30
N PRO FB 723 49.60 39.01 -83.19
CA PRO FB 723 49.65 38.12 -84.35
C PRO FB 723 48.26 37.74 -84.89
N LEU FB 724 48.12 37.47 -86.19
CA LEU FB 724 46.82 37.15 -86.81
C LEU FB 724 46.26 35.81 -86.31
N ASP GB 209 -69.48 49.59 -27.42
CA ASP GB 209 -69.64 49.33 -25.97
C ASP GB 209 -71.05 49.72 -25.48
N GLY GB 210 -71.40 51.00 -25.38
CA GLY GB 210 -72.68 51.34 -24.73
C GLY GB 210 -73.36 52.63 -25.12
N VAL GB 211 -74.62 52.78 -24.73
CA VAL GB 211 -75.43 54.01 -24.95
C VAL GB 211 -74.81 55.24 -24.22
N GLY GB 212 -74.27 55.07 -23.02
CA GLY GB 212 -73.73 56.16 -22.19
C GLY GB 212 -72.26 56.42 -22.36
N ASN GB 213 -71.58 55.69 -23.24
CA ASN GB 213 -70.11 55.81 -23.35
C ASN GB 213 -69.72 56.40 -24.71
N ALA GB 214 -68.83 57.40 -24.71
CA ALA GB 214 -68.33 58.01 -25.96
C ALA GB 214 -67.30 57.14 -26.71
N SER GB 215 -67.49 56.93 -28.01
CA SER GB 215 -66.62 56.17 -28.95
C SER GB 215 -65.25 56.83 -29.24
N GLY GB 216 -65.15 58.14 -29.31
CA GLY GB 216 -63.91 58.88 -29.60
C GLY GB 216 -63.85 60.31 -29.10
N ASP GB 217 -62.72 60.98 -29.27
CA ASP GB 217 -62.47 62.38 -28.82
C ASP GB 217 -62.09 63.34 -29.96
N TRP GB 218 -62.28 64.64 -29.76
CA TRP GB 218 -61.97 65.70 -30.76
C TRP GB 218 -60.46 65.98 -30.87
N HIS GB 219 -59.90 65.84 -32.07
CA HIS GB 219 -58.49 66.22 -32.31
C HIS GB 219 -58.38 67.19 -33.49
N CYS GB 220 -58.02 68.46 -33.27
CA CYS GB 220 -57.74 69.40 -34.39
C CYS GB 220 -56.37 70.04 -34.10
N ASP GB 221 -55.33 69.68 -34.84
CA ASP GB 221 -53.96 70.18 -34.51
C ASP GB 221 -52.93 70.09 -35.64
N SER GB 222 -51.82 70.85 -35.55
CA SER GB 222 -50.67 70.70 -36.47
C SER GB 222 -49.41 70.50 -35.61
N THR GB 223 -48.55 69.54 -35.95
CA THR GB 223 -47.25 69.37 -35.27
C THR GB 223 -46.13 69.43 -36.30
N TRP GB 224 -45.13 70.28 -36.08
CA TRP GB 224 -43.98 70.45 -37.00
C TRP GB 224 -42.75 69.84 -36.36
N MET GB 225 -42.12 68.88 -37.03
CA MET GB 225 -40.93 68.16 -36.51
C MET GB 225 -39.81 68.04 -37.55
N GLY GB 226 -39.01 69.07 -37.82
CA GLY GB 226 -37.98 69.00 -38.88
C GLY GB 226 -38.56 68.84 -40.27
N ASP GB 227 -38.20 67.77 -40.98
CA ASP GB 227 -38.66 67.48 -42.36
C ASP GB 227 -40.14 67.04 -42.43
N ARG GB 228 -40.80 66.74 -41.33
CA ARG GB 228 -42.20 66.22 -41.32
C ARG GB 228 -43.22 67.15 -40.63
N VAL GB 229 -44.40 67.30 -41.21
CA VAL GB 229 -45.53 68.02 -40.54
C VAL GB 229 -46.72 67.05 -40.48
N VAL GB 230 -47.40 66.94 -39.33
CA VAL GB 230 -48.63 66.10 -39.16
C VAL GB 230 -49.86 67.01 -38.98
N THR GB 231 -50.92 66.78 -39.76
CA THR GB 231 -52.17 67.56 -39.63
C THR GB 231 -53.32 66.69 -39.11
N LYS GB 232 -54.07 67.17 -38.12
CA LYS GB 232 -55.28 66.48 -37.58
C LYS GB 232 -56.50 67.38 -37.78
N SER GB 233 -57.60 66.84 -38.30
CA SER GB 233 -58.86 67.59 -38.55
C SER GB 233 -60.07 66.81 -38.05
N THR GB 234 -60.96 67.44 -37.29
CA THR GB 234 -62.22 66.82 -36.80
C THR GB 234 -63.43 67.64 -37.24
N ARG GB 235 -64.47 66.99 -37.77
CA ARG GB 235 -65.73 67.67 -38.19
C ARG GB 235 -67.00 66.91 -37.74
N THR GB 236 -68.13 67.59 -37.69
CA THR GB 236 -69.45 66.99 -37.41
C THR GB 236 -70.24 66.91 -38.71
N TRP GB 237 -70.81 65.74 -39.04
CA TRP GB 237 -71.55 65.48 -40.30
C TRP GB 237 -73.01 65.03 -40.08
N VAL GB 238 -73.86 65.25 -41.07
CA VAL GB 238 -75.27 64.78 -41.08
C VAL GB 238 -75.49 63.89 -42.33
N LEU GB 239 -76.18 62.75 -42.18
CA LEU GB 239 -76.54 61.89 -43.35
C LEU GB 239 -78.05 61.77 -43.60
N PRO GB 240 -78.54 62.22 -44.76
CA PRO GB 240 -79.93 61.97 -45.17
C PRO GB 240 -80.21 60.55 -45.66
N SER GB 241 -81.47 60.11 -45.62
CA SER GB 241 -81.80 58.81 -46.27
C SER GB 241 -82.14 59.09 -47.74
N TYR GB 242 -81.17 58.99 -48.65
CA TYR GB 242 -81.35 59.36 -50.09
C TYR GB 242 -82.09 58.34 -50.93
N ASN GB 243 -83.06 58.77 -51.74
CA ASN GB 243 -83.78 57.91 -52.74
C ASN GB 243 -84.84 57.06 -52.05
N ASN GB 244 -85.10 57.27 -50.75
CA ASN GB 244 -86.05 56.43 -49.94
C ASN GB 244 -85.67 54.95 -50.01
N HIS GB 245 -84.37 54.62 -49.89
CA HIS GB 245 -83.86 53.21 -49.88
C HIS GB 245 -83.88 52.52 -51.25
N GLN GB 246 -83.83 53.27 -52.33
CA GLN GB 246 -83.95 52.69 -53.70
C GLN GB 246 -82.82 53.15 -54.65
N TYR GB 247 -82.54 52.39 -55.70
CA TYR GB 247 -81.55 52.72 -56.75
C TYR GB 247 -82.34 53.20 -57.93
N ARG GB 248 -81.98 54.33 -58.51
CA ARG GB 248 -82.75 54.92 -59.63
C ARG GB 248 -81.92 55.11 -60.92
N GLU GB 249 -82.48 54.70 -62.05
CA GLU GB 249 -81.81 54.97 -63.35
C GLU GB 249 -81.97 56.47 -63.69
N ILE GB 250 -80.87 57.12 -64.06
CA ILE GB 250 -80.82 58.57 -64.34
C ILE GB 250 -80.28 58.80 -65.76
N LYS GB 251 -80.78 59.80 -66.46
CA LYS GB 251 -80.37 59.99 -67.87
C LYS GB 251 -80.59 61.43 -68.34
N SER GB 252 -79.85 61.86 -69.34
CA SER GB 252 -80.12 63.20 -69.94
C SER GB 252 -80.01 63.19 -71.48
N GLY GB 253 -80.83 63.97 -72.16
CA GLY GB 253 -80.69 64.29 -73.60
C GLY GB 253 -79.88 65.59 -73.75
N SER GB 254 -79.81 66.16 -74.95
CA SER GB 254 -79.09 67.45 -75.22
C SER GB 254 -79.71 68.63 -74.45
N VAL GB 255 -78.89 69.50 -73.84
CA VAL GB 255 -79.37 70.64 -73.02
C VAL GB 255 -78.48 71.86 -73.30
N ASP GB 256 -79.05 73.07 -73.30
CA ASP GB 256 -78.30 74.34 -73.56
C ASP GB 256 -77.68 74.29 -74.95
N GLY GB 257 -78.32 73.60 -75.88
CA GLY GB 257 -77.80 73.47 -77.25
C GLY GB 257 -76.73 72.40 -77.43
N SER GB 258 -76.37 71.59 -76.43
CA SER GB 258 -75.24 70.65 -76.65
C SER GB 258 -75.52 69.16 -76.41
N ASN GB 259 -75.18 68.28 -77.36
CA ASN GB 259 -75.25 66.79 -77.20
C ASN GB 259 -74.15 66.24 -76.28
N ALA GB 260 -73.08 66.99 -76.00
CA ALA GB 260 -71.97 66.63 -75.05
C ALA GB 260 -72.58 66.53 -73.65
N ASN GB 261 -73.65 67.25 -73.39
CA ASN GB 261 -74.49 67.20 -72.15
C ASN GB 261 -75.18 65.83 -71.91
N ALA GB 262 -75.60 65.08 -72.94
CA ALA GB 262 -76.29 63.77 -72.81
C ALA GB 262 -75.49 62.68 -72.08
N TYR GB 263 -76.15 61.89 -71.22
CA TYR GB 263 -75.53 60.81 -70.41
C TYR GB 263 -76.57 59.74 -70.01
N PHE GB 264 -76.11 58.55 -69.65
CA PHE GB 264 -76.94 57.46 -69.07
C PHE GB 264 -76.25 57.04 -67.74
N GLY GB 265 -76.99 56.88 -66.65
CA GLY GB 265 -76.39 56.59 -65.33
C GLY GB 265 -77.29 56.04 -64.24
N TYR GB 266 -76.72 55.77 -63.06
CA TYR GB 266 -77.47 55.32 -61.86
C TYR GB 266 -77.29 56.26 -60.64
N SER GB 267 -78.36 56.52 -59.88
CA SER GB 267 -78.28 57.26 -58.58
C SER GB 267 -78.44 56.22 -57.45
N THR GB 268 -77.76 56.41 -56.34
CA THR GB 268 -77.72 55.37 -55.27
C THR GB 268 -78.21 55.90 -53.92
N PRO GB 269 -78.64 55.01 -53.02
CA PRO GB 269 -79.01 55.33 -51.64
C PRO GB 269 -77.88 55.84 -50.73
N TRP GB 270 -76.63 55.49 -51.00
CA TRP GB 270 -75.41 55.84 -50.23
C TRP GB 270 -74.86 57.27 -50.33
N GLY GB 271 -74.06 57.65 -49.34
CA GLY GB 271 -73.34 58.93 -49.28
C GLY GB 271 -71.87 58.66 -49.07
N TYR GB 272 -71.02 59.61 -49.39
CA TYR GB 272 -69.54 59.40 -49.31
C TYR GB 272 -68.83 60.56 -48.59
N PHE GB 273 -67.63 60.30 -48.07
CA PHE GB 273 -66.76 61.34 -47.43
C PHE GB 273 -65.64 61.77 -48.41
N ASP GB 274 -65.48 63.06 -48.67
CA ASP GB 274 -64.43 63.64 -49.56
C ASP GB 274 -63.49 64.57 -48.77
N PHE GB 275 -62.18 64.32 -48.82
CA PHE GB 275 -61.17 65.20 -48.17
C PHE GB 275 -60.19 65.84 -49.20
N ASN GB 276 -60.44 65.82 -50.51
CA ASN GB 276 -59.43 66.31 -51.49
C ASN GB 276 -59.49 67.85 -51.66
N ARG GB 277 -59.30 68.62 -50.60
CA ARG GB 277 -59.14 70.10 -50.63
C ARG GB 277 -58.10 70.41 -49.55
N PHE GB 278 -57.17 71.33 -49.78
CA PHE GB 278 -56.10 71.74 -48.81
C PHE GB 278 -56.67 72.40 -47.51
N HIS GB 279 -57.70 73.23 -47.60
CA HIS GB 279 -58.36 73.98 -46.47
C HIS GB 279 -58.96 72.97 -45.48
N SER GB 280 -59.30 71.76 -45.91
CA SER GB 280 -59.77 70.63 -45.05
C SER GB 280 -58.70 70.24 -44.02
N HIS GB 281 -57.43 70.25 -44.38
CA HIS GB 281 -56.28 69.90 -43.48
C HIS GB 281 -55.45 71.08 -42.99
N TRP GB 282 -55.53 72.27 -43.58
CA TRP GB 282 -54.58 73.37 -43.29
C TRP GB 282 -55.22 74.65 -42.81
N SER GB 283 -54.75 75.19 -41.70
CA SER GB 283 -55.18 76.53 -41.22
C SER GB 283 -54.53 77.58 -42.14
N PRO GB 284 -55.11 78.80 -42.27
CA PRO GB 284 -54.48 79.84 -43.04
C PRO GB 284 -53.10 80.26 -42.52
N ARG GB 285 -52.89 80.36 -41.21
CA ARG GB 285 -51.54 80.62 -40.63
C ARG GB 285 -50.52 79.50 -40.93
N ASP GB 286 -50.90 78.23 -40.83
CA ASP GB 286 -50.03 77.05 -41.13
C ASP GB 286 -49.62 77.03 -42.61
N TRP GB 287 -50.53 77.37 -43.50
CA TRP GB 287 -50.25 77.47 -44.95
C TRP GB 287 -49.22 78.56 -45.25
N GLN GB 288 -49.29 79.71 -44.58
CA GLN GB 288 -48.31 80.82 -44.70
C GLN GB 288 -46.92 80.40 -44.22
N ARG GB 289 -46.84 79.62 -43.16
CA ARG GB 289 -45.56 79.11 -42.66
C ARG GB 289 -44.88 78.19 -43.69
N LEU GB 290 -45.62 77.29 -44.34
CA LEU GB 290 -45.06 76.45 -45.43
C LEU GB 290 -44.62 77.17 -46.73
N ILE GB 291 -45.41 78.11 -47.25
CA ILE GB 291 -45.14 78.83 -48.53
C ILE GB 291 -43.91 79.74 -48.40
N ASN GB 292 -43.76 80.39 -47.26
CA ASN GB 292 -42.61 81.27 -46.90
C ASN GB 292 -41.26 80.54 -46.76
N ASN GB 293 -41.21 79.31 -46.22
CA ASN GB 293 -39.93 78.65 -45.82
C ASN GB 293 -39.47 77.37 -46.53
N TYR GB 294 -40.21 76.81 -47.47
CA TYR GB 294 -39.84 75.48 -48.04
C TYR GB 294 -39.84 75.42 -49.56
N TRP GB 295 -38.88 74.74 -50.17
CA TRP GB 295 -38.85 74.47 -51.64
C TRP GB 295 -39.97 73.52 -52.15
N GLY GB 296 -40.31 72.49 -51.39
CA GLY GB 296 -41.30 71.50 -51.82
C GLY GB 296 -42.01 70.74 -50.73
N PHE GB 297 -43.12 70.10 -51.07
CA PHE GB 297 -43.87 69.24 -50.11
C PHE GB 297 -44.49 68.03 -50.84
N ARG GB 298 -44.72 66.90 -50.16
CA ARG GB 298 -45.44 65.71 -50.71
C ARG GB 298 -46.26 64.96 -49.63
N PRO GB 299 -47.43 64.33 -49.94
CA PRO GB 299 -48.15 63.44 -48.98
C PRO GB 299 -47.53 62.04 -48.70
N ARG GB 300 -47.61 61.55 -47.47
CA ARG GB 300 -46.99 60.23 -47.09
C ARG GB 300 -48.02 59.25 -46.53
N SER GB 301 -48.82 59.65 -45.55
CA SER GB 301 -49.76 58.71 -44.87
C SER GB 301 -51.13 59.31 -44.56
N LEU GB 302 -52.18 58.48 -44.54
CA LEU GB 302 -53.54 58.92 -44.16
C LEU GB 302 -54.19 57.98 -43.11
N ARG GB 303 -54.83 58.52 -42.07
CA ARG GB 303 -55.64 57.73 -41.08
C ARG GB 303 -57.06 58.33 -40.95
N VAL GB 304 -58.10 57.51 -41.02
CA VAL GB 304 -59.53 57.97 -40.87
C VAL GB 304 -60.29 57.24 -39.73
N LYS GB 305 -61.01 57.98 -38.87
CA LYS GB 305 -61.90 57.41 -37.82
C LYS GB 305 -63.34 57.98 -37.90
N ILE GB 306 -64.36 57.13 -37.84
CA ILE GB 306 -65.82 57.55 -37.78
C ILE GB 306 -66.39 57.09 -36.43
N PHE GB 307 -67.02 57.98 -35.65
CA PHE GB 307 -67.41 57.72 -34.22
C PHE GB 307 -68.57 58.58 -33.71
N ASN GB 308 -69.10 58.30 -32.50
CA ASN GB 308 -70.22 59.04 -31.80
C ASN GB 308 -71.50 59.05 -32.64
N ILE GB 309 -71.83 57.92 -33.23
CA ILE GB 309 -73.00 57.77 -34.12
C ILE GB 309 -74.35 57.96 -33.38
N GLN GB 310 -75.29 58.69 -33.99
CA GLN GB 310 -76.62 58.94 -33.41
C GLN GB 310 -77.68 58.80 -34.52
N VAL GB 311 -78.62 57.88 -34.36
CA VAL GB 311 -79.69 57.64 -35.36
C VAL GB 311 -81.00 58.22 -34.80
N LYS GB 312 -81.71 59.02 -35.61
CA LYS GB 312 -82.95 59.72 -35.21
C LYS GB 312 -84.13 59.33 -36.08
N GLU GB 313 -85.31 59.18 -35.49
CA GLU GB 313 -86.55 58.89 -36.26
C GLU GB 313 -87.45 60.13 -36.28
N VAL GB 314 -87.97 60.46 -37.44
CA VAL GB 314 -88.82 61.67 -37.60
C VAL GB 314 -90.25 61.19 -37.87
N THR GB 315 -91.21 61.72 -37.12
CA THR GB 315 -92.62 61.32 -37.26
C THR GB 315 -93.49 62.55 -37.43
N VAL GB 316 -94.46 62.50 -38.33
CA VAL GB 316 -95.40 63.64 -38.43
C VAL GB 316 -96.85 63.20 -38.12
N GLN GB 317 -97.51 63.83 -37.15
CA GLN GB 317 -98.96 63.58 -36.94
C GLN GB 317 -99.65 64.95 -37.01
N ASP GB 318 -100.53 65.16 -38.00
CA ASP GB 318 -101.30 66.43 -38.07
C ASP GB 318 -100.35 67.63 -38.07
N SER GB 319 -99.18 67.55 -38.74
CA SER GB 319 -98.24 68.69 -38.89
C SER GB 319 -97.33 68.98 -37.67
N THR GB 320 -97.35 68.16 -36.61
CA THR GB 320 -96.42 68.33 -35.44
C THR GB 320 -94.93 68.14 -35.76
N THR GB 321 -94.51 67.18 -36.58
CA THR GB 321 -93.06 66.87 -36.85
C THR GB 321 -92.16 66.58 -35.63
N THR GB 322 -92.52 65.68 -34.70
CA THR GB 322 -91.62 65.25 -33.59
C THR GB 322 -90.37 64.47 -34.05
N ILE GB 323 -89.23 64.68 -33.39
CA ILE GB 323 -87.94 63.96 -33.67
C ILE GB 323 -87.47 63.19 -32.43
N ALA GB 324 -87.09 61.92 -32.56
CA ALA GB 324 -86.67 61.07 -31.41
C ALA GB 324 -85.47 60.17 -31.71
N ASN GB 325 -84.72 59.80 -30.69
CA ASN GB 325 -83.61 58.82 -30.85
C ASN GB 325 -84.08 57.38 -31.07
N ASN GB 326 -83.44 56.63 -31.97
CA ASN GB 326 -83.70 55.17 -32.08
C ASN GB 326 -82.39 54.48 -31.71
N LEU GB 327 -82.31 53.84 -30.54
CA LEU GB 327 -81.11 53.12 -30.01
C LEU GB 327 -80.70 51.87 -30.81
N THR GB 328 -81.65 51.11 -31.30
CA THR GB 328 -81.39 49.81 -31.97
C THR GB 328 -81.12 49.93 -33.48
N SER GB 329 -81.25 51.12 -34.10
CA SER GB 329 -80.97 51.36 -35.54
C SER GB 329 -79.46 51.31 -35.91
N THR GB 330 -79.12 50.96 -37.15
CA THR GB 330 -77.72 50.79 -37.60
C THR GB 330 -77.31 51.68 -38.77
N VAL GB 331 -76.02 51.92 -38.89
CA VAL GB 331 -75.41 52.63 -40.05
C VAL GB 331 -74.45 51.60 -40.70
N GLN GB 332 -74.30 51.61 -42.03
CA GLN GB 332 -73.39 50.69 -42.79
C GLN GB 332 -72.22 51.42 -43.48
N VAL GB 333 -70.99 50.97 -43.26
CA VAL GB 333 -69.75 51.64 -43.77
C VAL GB 333 -68.80 50.67 -44.50
N PHE GB 334 -68.22 51.07 -45.63
CA PHE GB 334 -67.18 50.28 -46.37
C PHE GB 334 -66.16 51.15 -47.14
N THR GB 335 -65.00 50.59 -47.44
CA THR GB 335 -63.97 51.25 -48.29
C THR GB 335 -63.75 50.43 -49.56
N ASP GB 336 -63.69 51.07 -50.73
CA ASP GB 336 -63.44 50.38 -52.04
C ASP GB 336 -61.94 50.22 -52.31
N ASP GB 337 -61.29 49.28 -51.66
CA ASP GB 337 -59.82 49.03 -51.73
C ASP GB 337 -59.25 48.61 -53.10
N ASP GB 338 -59.94 47.78 -53.88
CA ASP GB 338 -59.46 47.25 -55.20
C ASP GB 338 -59.91 48.10 -56.38
N TYR GB 339 -60.57 49.23 -56.19
CA TYR GB 339 -60.96 50.21 -57.25
C TYR GB 339 -61.95 49.62 -58.24
N GLN GB 340 -62.79 48.70 -57.81
CA GLN GB 340 -63.88 48.11 -58.61
C GLN GB 340 -64.95 49.14 -59.00
N LEU GB 341 -65.30 50.04 -58.11
CA LEU GB 341 -66.30 51.11 -58.38
C LEU GB 341 -65.77 52.27 -59.22
N PRO GB 342 -66.65 52.99 -59.94
CA PRO GB 342 -66.22 54.23 -60.57
C PRO GB 342 -65.77 55.27 -59.53
N TYR GB 343 -64.63 55.96 -59.73
CA TYR GB 343 -64.06 56.92 -58.74
C TYR GB 343 -64.44 58.35 -59.12
N VAL GB 344 -65.26 58.97 -58.30
CA VAL GB 344 -65.79 60.33 -58.62
C VAL GB 344 -65.11 61.41 -57.76
N VAL GB 345 -64.19 61.03 -56.86
CA VAL GB 345 -63.53 61.97 -55.89
C VAL GB 345 -62.64 63.08 -56.53
N GLY GB 346 -61.91 62.88 -57.60
CA GLY GB 346 -60.90 63.84 -58.12
C GLY GB 346 -61.33 64.79 -59.21
N ASN GB 347 -62.61 65.11 -59.35
CA ASN GB 347 -63.21 65.90 -60.47
C ASN GB 347 -63.67 67.32 -60.10
N GLY GB 348 -63.15 67.98 -59.03
CA GLY GB 348 -63.49 69.35 -58.58
C GLY GB 348 -64.92 69.59 -58.15
N THR GB 349 -65.52 68.63 -57.49
CA THR GB 349 -66.92 68.71 -57.04
C THR GB 349 -67.06 69.10 -55.58
N GLU GB 350 -68.18 69.70 -55.22
CA GLU GB 350 -68.54 70.12 -53.84
C GLU GB 350 -68.92 68.98 -52.88
N GLY GB 351 -68.95 69.22 -51.57
CA GLY GB 351 -69.19 68.18 -50.54
C GLY GB 351 -68.00 67.72 -49.71
N CYS GB 352 -66.82 68.32 -49.85
CA CYS GB 352 -65.63 68.04 -49.01
C CYS GB 352 -65.78 68.62 -47.59
N LEU GB 353 -64.97 68.16 -46.64
CA LEU GB 353 -65.00 68.68 -45.26
C LEU GB 353 -64.72 70.20 -45.29
N PRO GB 354 -65.43 70.97 -44.44
CA PRO GB 354 -65.28 72.42 -44.44
C PRO GB 354 -63.95 73.06 -43.99
N ALA GB 355 -63.62 74.23 -44.53
CA ALA GB 355 -62.39 75.01 -44.16
C ALA GB 355 -62.41 75.40 -42.67
N PHE GB 356 -63.55 75.78 -42.11
CA PHE GB 356 -63.65 76.26 -40.71
C PHE GB 356 -64.12 75.11 -39.83
N PRO GB 357 -63.36 74.71 -38.76
CA PRO GB 357 -63.69 73.57 -37.89
C PRO GB 357 -65.08 73.48 -37.22
N PRO GB 358 -65.69 74.57 -36.71
CA PRO GB 358 -67.05 74.59 -36.16
C PRO GB 358 -68.22 74.31 -37.14
N GLN GB 359 -68.04 74.52 -38.43
CA GLN GB 359 -69.11 74.33 -39.46
C GLN GB 359 -69.57 72.87 -39.56
N VAL GB 360 -70.88 72.67 -39.71
CA VAL GB 360 -71.48 71.30 -39.75
C VAL GB 360 -71.94 71.04 -41.19
N PHE GB 361 -71.66 69.86 -41.73
CA PHE GB 361 -71.90 69.61 -43.17
C PHE GB 361 -72.74 68.36 -43.55
N THR GB 362 -73.51 68.50 -44.63
CA THR GB 362 -74.24 67.37 -45.25
C THR GB 362 -73.35 66.57 -46.20
N LEU GB 363 -73.33 65.24 -46.09
CA LEU GB 363 -72.61 64.35 -47.05
C LEU GB 363 -73.25 64.33 -48.44
N PRO GB 364 -72.42 64.35 -49.51
CA PRO GB 364 -72.94 64.17 -50.87
C PRO GB 364 -73.49 62.78 -51.24
N GLN GB 365 -74.53 62.71 -52.07
CA GLN GB 365 -75.05 61.41 -52.59
C GLN GB 365 -74.18 60.85 -53.74
N TYR GB 366 -73.84 59.56 -53.69
CA TYR GB 366 -73.09 58.83 -54.75
C TYR GB 366 -73.93 58.53 -56.02
N GLY GB 367 -73.31 58.70 -57.19
CA GLY GB 367 -73.92 58.47 -58.49
C GLY GB 367 -72.81 58.34 -59.50
N TYR GB 368 -73.11 57.87 -60.71
CA TYR GB 368 -72.09 57.70 -61.79
C TYR GB 368 -72.72 57.74 -63.16
N ALA GB 369 -71.92 58.03 -64.17
CA ALA GB 369 -72.35 57.91 -65.59
C ALA GB 369 -71.63 56.73 -66.23
N THR GB 370 -72.36 55.86 -66.94
CA THR GB 370 -71.78 54.76 -67.77
C THR GB 370 -71.84 55.19 -69.22
N LEU GB 371 -71.82 54.26 -70.16
CA LEU GB 371 -71.95 54.53 -71.61
C LEU GB 371 -73.35 54.96 -72.08
N ASN GB 372 -73.39 55.81 -73.10
CA ASN GB 372 -74.65 56.32 -73.68
C ASN GB 372 -74.55 56.08 -75.20
N ARG GB 373 -75.66 55.89 -75.89
CA ARG GB 373 -75.61 55.51 -77.32
C ARG GB 373 -75.87 56.68 -78.28
N ASP GB 374 -74.94 56.95 -79.20
CA ASP GB 374 -75.06 57.99 -80.27
C ASP GB 374 -75.33 59.42 -79.76
N ASN GB 375 -74.71 59.85 -78.67
CA ASN GB 375 -74.93 61.21 -78.07
C ASN GB 375 -76.42 61.41 -77.73
N THR GB 376 -77.07 60.38 -77.15
CA THR GB 376 -78.50 60.39 -76.74
C THR GB 376 -78.64 59.83 -75.32
N GLU GB 377 -79.81 59.90 -74.66
CA GLU GB 377 -80.05 59.41 -73.26
C GLU GB 377 -80.09 57.87 -73.12
N ASN GB 378 -80.21 57.12 -74.21
CA ASN GB 378 -80.24 55.65 -74.23
C ASN GB 378 -78.92 54.93 -73.92
N PRO GB 379 -78.98 53.76 -73.25
CA PRO GB 379 -77.82 52.88 -73.03
C PRO GB 379 -77.31 51.96 -74.18
N THR GB 380 -76.17 51.31 -73.98
CA THR GB 380 -75.52 50.36 -74.91
C THR GB 380 -75.40 49.02 -74.23
N GLU GB 381 -75.11 47.95 -74.96
CA GLU GB 381 -74.85 46.58 -74.41
C GLU GB 381 -73.63 46.58 -73.49
N ARG GB 382 -72.60 47.35 -73.78
CA ARG GB 382 -71.39 47.54 -72.93
C ARG GB 382 -71.70 48.30 -71.61
N SER GB 383 -72.80 49.06 -71.53
CA SER GB 383 -73.18 49.87 -70.34
C SER GB 383 -73.36 48.98 -69.10
N SER GB 384 -72.86 49.42 -67.94
CA SER GB 384 -72.74 48.61 -66.70
C SER GB 384 -73.52 49.12 -65.48
N PHE GB 385 -74.07 48.20 -64.71
CA PHE GB 385 -74.77 48.51 -63.43
C PHE GB 385 -73.93 47.96 -62.28
N PHE GB 386 -73.73 48.78 -61.26
CA PHE GB 386 -72.99 48.35 -60.05
C PHE GB 386 -73.87 48.44 -58.81
N CYS GB 387 -73.95 47.36 -58.02
CA CYS GB 387 -74.65 47.33 -56.70
C CYS GB 387 -73.65 47.47 -55.53
N LEU GB 388 -73.83 48.45 -54.64
CA LEU GB 388 -72.99 48.68 -53.42
C LEU GB 388 -73.21 47.57 -52.36
N GLU GB 389 -74.44 47.06 -52.24
CA GLU GB 389 -74.82 46.01 -51.26
C GLU GB 389 -74.15 44.67 -51.59
N TYR GB 390 -73.68 44.49 -52.81
CA TYR GB 390 -72.89 43.29 -53.24
C TYR GB 390 -71.55 43.24 -52.47
N PHE GB 391 -70.89 44.35 -52.21
CA PHE GB 391 -69.66 44.40 -51.37
C PHE GB 391 -69.95 44.13 -49.89
N PRO GB 392 -69.01 43.54 -49.11
CA PRO GB 392 -69.16 43.49 -47.65
C PRO GB 392 -69.02 44.85 -46.86
N SER GB 393 -69.85 45.12 -45.84
CA SER GB 393 -69.80 46.37 -45.03
C SER GB 393 -69.89 46.15 -43.51
N LYS GB 394 -69.25 47.00 -42.71
CA LYS GB 394 -69.40 46.99 -41.24
C LYS GB 394 -70.77 47.58 -40.82
N MET GB 395 -71.42 47.02 -39.81
CA MET GB 395 -72.71 47.55 -39.29
C MET GB 395 -72.50 48.17 -37.89
N LEU GB 396 -72.94 49.42 -37.73
CA LEU GB 396 -72.70 50.13 -36.44
C LEU GB 396 -73.95 50.63 -35.72
N ARG GB 397 -74.08 50.32 -34.44
CA ARG GB 397 -75.07 50.93 -33.53
C ARG GB 397 -74.40 52.17 -32.84
N THR GB 398 -75.10 52.88 -31.94
CA THR GB 398 -74.63 54.10 -31.19
C THR GB 398 -73.33 53.90 -30.43
N GLY GB 399 -73.07 52.75 -29.80
CA GLY GB 399 -71.80 52.34 -29.17
C GLY GB 399 -70.60 52.17 -30.08
N ASN GB 400 -70.79 51.69 -31.31
CA ASN GB 400 -69.73 51.29 -32.30
C ASN GB 400 -68.94 52.39 -33.04
N ASN GB 401 -67.75 52.07 -33.51
CA ASN GB 401 -66.82 53.00 -34.24
C ASN GB 401 -66.16 52.29 -35.44
N PHE GB 402 -65.67 53.04 -36.44
CA PHE GB 402 -64.93 52.50 -37.61
C PHE GB 402 -63.55 53.19 -37.81
N GLU GB 403 -62.51 52.44 -38.15
CA GLU GB 403 -61.17 53.02 -38.45
C GLU GB 403 -60.54 52.49 -39.76
N PHE GB 404 -59.79 53.32 -40.51
CA PHE GB 404 -59.03 52.91 -41.72
C PHE GB 404 -57.60 53.56 -41.77
N THR GB 405 -56.61 52.90 -42.38
CA THR GB 405 -55.22 53.44 -42.58
C THR GB 405 -54.79 53.29 -44.03
N TYR GB 406 -54.08 54.27 -44.60
CA TYR GB 406 -53.57 54.24 -45.99
C TYR GB 406 -52.12 54.76 -46.11
N ASN GB 407 -51.32 54.23 -47.04
CA ASN GB 407 -49.96 54.75 -47.37
C ASN GB 407 -49.92 55.22 -48.82
N PHE GB 408 -49.40 56.41 -49.05
CA PHE GB 408 -49.30 56.97 -50.42
C PHE GB 408 -48.12 56.32 -51.14
N GLU GB 409 -48.21 56.14 -52.46
CA GLU GB 409 -47.08 55.65 -53.30
C GLU GB 409 -46.00 56.75 -53.44
N GLU GB 410 -44.77 56.38 -53.78
CA GLU GB 410 -43.74 57.42 -54.04
C GLU GB 410 -44.18 58.34 -55.19
N VAL GB 411 -44.06 59.64 -54.97
CA VAL GB 411 -44.53 60.66 -55.95
C VAL GB 411 -43.48 61.77 -55.92
N PRO GB 412 -43.27 62.55 -56.99
CA PRO GB 412 -42.39 63.71 -56.92
C PRO GB 412 -42.91 64.88 -56.04
N PHE GB 413 -42.04 65.62 -55.36
CA PHE GB 413 -42.42 66.80 -54.55
C PHE GB 413 -42.99 67.91 -55.43
N HIS GB 414 -44.02 68.62 -55.01
CA HIS GB 414 -44.50 69.84 -55.71
C HIS GB 414 -43.41 70.92 -55.60
N SER GB 415 -43.24 71.74 -56.65
CA SER GB 415 -42.23 72.83 -56.62
C SER GB 415 -42.79 74.16 -56.12
N SER GB 416 -42.53 74.52 -54.87
CA SER GB 416 -42.94 75.81 -54.26
C SER GB 416 -41.85 76.88 -54.43
N PHE GB 417 -41.56 77.28 -55.65
CA PHE GB 417 -40.52 78.29 -55.92
C PHE GB 417 -40.80 78.93 -57.28
N ALA GB 418 -40.26 80.11 -57.48
CA ALA GB 418 -40.34 80.82 -58.77
C ALA GB 418 -38.93 80.94 -59.33
N PRO GB 419 -38.72 80.71 -60.64
CA PRO GB 419 -37.42 80.94 -61.26
C PRO GB 419 -36.88 82.38 -61.25
N SER GB 420 -35.60 82.52 -60.94
CA SER GB 420 -34.92 83.86 -60.92
C SER GB 420 -34.19 84.16 -62.25
N GLN GB 421 -34.23 83.25 -63.23
CA GLN GB 421 -33.63 83.49 -64.57
C GLN GB 421 -34.56 83.13 -65.73
N ASN GB 422 -34.48 83.85 -66.85
CA ASN GB 422 -35.15 83.52 -68.13
C ASN GB 422 -34.45 82.32 -68.79
N LEU GB 423 -35.20 81.41 -69.44
CA LEU GB 423 -34.70 80.20 -70.13
C LEU GB 423 -33.76 80.56 -71.30
N PHE GB 424 -34.05 81.64 -72.02
CA PHE GB 424 -33.24 82.13 -73.16
C PHE GB 424 -32.05 83.09 -72.78
N LYS GB 425 -31.82 83.48 -71.52
CA LYS GB 425 -30.76 84.44 -71.08
C LYS GB 425 -29.66 83.78 -70.22
N LEU GB 426 -29.28 82.52 -70.44
CA LEU GB 426 -28.34 81.74 -69.58
C LEU GB 426 -26.84 81.87 -69.93
N ALA GB 427 -26.49 82.41 -71.08
CA ALA GB 427 -25.09 82.68 -71.44
C ALA GB 427 -24.53 83.80 -70.56
N ASN GB 428 -23.23 83.78 -70.25
CA ASN GB 428 -22.61 84.88 -69.49
C ASN GB 428 -22.78 86.17 -70.31
N PRO GB 429 -23.21 87.28 -69.67
CA PRO GB 429 -23.35 88.57 -70.33
C PRO GB 429 -22.02 89.19 -70.85
N LEU GB 430 -20.89 89.06 -70.16
CA LEU GB 430 -19.51 89.49 -70.50
C LEU GB 430 -18.83 88.79 -71.69
N VAL GB 431 -19.05 87.51 -71.91
CA VAL GB 431 -18.29 86.72 -72.94
C VAL GB 431 -19.04 86.35 -74.23
N ASP GB 432 -18.42 86.56 -75.40
CA ASP GB 432 -18.93 86.13 -76.73
C ASP GB 432 -18.89 84.62 -76.99
N GLN GB 433 -19.82 84.10 -77.76
CA GLN GB 433 -19.84 82.69 -78.21
C GLN GB 433 -18.79 82.36 -79.29
N TYR GB 434 -18.25 81.13 -79.37
CA TYR GB 434 -17.38 80.70 -80.50
C TYR GB 434 -18.24 80.18 -81.69
N LEU GB 435 -19.45 80.68 -81.87
CA LEU GB 435 -20.42 80.18 -82.87
C LEU GB 435 -20.88 81.30 -83.78
N TYR GB 436 -21.25 80.97 -85.01
CA TYR GB 436 -21.59 81.99 -86.03
C TYR GB 436 -22.95 81.73 -86.66
N ARG GB 437 -23.57 82.79 -87.17
CA ARG GB 437 -24.93 82.70 -87.75
C ARG GB 437 -24.96 83.32 -89.17
N PHE GB 438 -25.89 82.85 -90.00
CA PHE GB 438 -26.08 83.45 -91.34
C PHE GB 438 -26.91 84.70 -91.21
N VAL GB 439 -26.41 85.78 -91.79
CA VAL GB 439 -27.14 87.05 -91.74
C VAL GB 439 -27.49 87.63 -93.11
N SER GB 440 -26.83 87.17 -94.18
CA SER GB 440 -26.97 87.91 -95.46
C SER GB 440 -26.59 87.18 -96.75
N THR GB 441 -27.01 87.74 -97.87
CA THR GB 441 -26.59 87.28 -99.20
C THR GB 441 -26.10 88.55 -99.91
N ASN GB 442 -25.06 88.48 -100.73
CA ASN GB 442 -24.53 89.65 -101.53
C ASN GB 442 -25.28 89.87 -102.86
N ASN GB 443 -24.84 90.81 -103.71
CA ASN GB 443 -25.52 91.15 -105.00
C ASN GB 443 -25.56 89.90 -105.88
N THR GB 444 -24.51 89.09 -105.93
CA THR GB 444 -24.57 87.73 -106.52
C THR GB 444 -25.01 86.99 -105.30
N GLY GB 445 -25.93 86.05 -105.34
CA GLY GB 445 -26.47 85.58 -104.04
C GLY GB 445 -25.56 84.69 -103.22
N GLY GB 446 -24.44 85.23 -102.71
CA GLY GB 446 -23.44 84.46 -101.94
C GLY GB 446 -23.61 84.65 -100.45
N VAL GB 447 -23.61 83.58 -99.68
CA VAL GB 447 -23.89 83.60 -98.21
C VAL GB 447 -22.83 84.34 -97.36
N GLN GB 448 -23.29 85.03 -96.32
CA GLN GB 448 -22.41 85.84 -95.44
C GLN GB 448 -22.71 85.52 -93.97
N PHE GB 449 -21.69 85.63 -93.11
CA PHE GB 449 -21.83 85.20 -91.69
C PHE GB 449 -21.29 86.24 -90.69
N ASN GB 450 -21.83 86.24 -89.47
CA ASN GB 450 -21.35 87.14 -88.37
C ASN GB 450 -21.22 86.34 -87.09
N LYS GB 451 -20.27 86.67 -86.24
CA LYS GB 451 -20.09 86.06 -84.89
C LYS GB 451 -21.17 86.49 -83.88
N ASN GB 452 -21.45 85.65 -82.90
CA ASN GB 452 -22.46 85.97 -81.87
C ASN GB 452 -21.81 86.71 -80.70
N LEU GB 453 -22.21 87.97 -80.45
CA LEU GB 453 -21.64 88.86 -79.39
C LEU GB 453 -22.21 88.65 -77.98
N ALA GB 454 -21.49 89.10 -76.96
CA ALA GB 454 -21.92 88.99 -75.55
C ALA GB 454 -23.20 89.77 -75.24
N GLY GB 455 -24.17 89.14 -74.57
CA GLY GB 455 -25.45 89.74 -74.16
C GLY GB 455 -26.51 89.83 -75.24
N ARG GB 456 -26.24 89.37 -76.46
CA ARG GB 456 -27.19 89.43 -77.61
C ARG GB 456 -28.10 88.17 -77.60
N TYR GB 457 -29.05 88.09 -76.68
CA TYR GB 457 -29.95 86.92 -76.40
C TYR GB 457 -30.87 86.62 -77.58
N ALA GB 458 -31.20 87.65 -78.36
CA ALA GB 458 -31.98 87.49 -79.58
C ALA GB 458 -31.26 86.56 -80.58
N ASN GB 459 -29.93 86.58 -80.68
CA ASN GB 459 -29.14 85.83 -81.71
C ASN GB 459 -28.20 84.74 -81.18
N THR GB 460 -28.47 84.02 -80.12
CA THR GB 460 -27.53 83.12 -79.41
C THR GB 460 -27.98 81.70 -79.63
N TYR GB 461 -27.06 80.75 -79.74
CA TYR GB 461 -27.39 79.31 -79.85
C TYR GB 461 -27.98 78.86 -78.53
N LYS GB 462 -29.01 78.03 -78.58
CA LYS GB 462 -29.74 77.59 -77.36
C LYS GB 462 -29.79 76.08 -77.17
N ASN GB 463 -29.45 75.56 -76.01
CA ASN GB 463 -29.65 74.12 -75.62
C ASN GB 463 -31.09 73.65 -75.41
N TRP GB 464 -31.96 74.47 -74.83
CA TRP GB 464 -33.26 74.01 -74.30
C TRP GB 464 -34.42 74.84 -74.80
N PHE GB 465 -35.59 74.24 -74.81
CA PHE GB 465 -36.78 74.88 -75.43
C PHE GB 465 -37.91 74.93 -74.43
N PRO GB 466 -38.82 75.91 -74.60
CA PRO GB 466 -40.02 76.01 -73.78
C PRO GB 466 -41.09 74.93 -74.01
N GLY GB 467 -41.97 74.73 -73.04
CA GLY GB 467 -43.03 73.71 -73.07
C GLY GB 467 -44.20 73.94 -74.01
N PRO GB 468 -45.05 72.92 -74.24
CA PRO GB 468 -46.14 73.00 -75.21
C PRO GB 468 -47.27 74.04 -75.03
N MET GB 469 -47.77 74.59 -76.13
CA MET GB 469 -48.76 75.68 -76.05
C MET GB 469 -49.96 75.53 -77.01
N GLY GB 470 -51.16 75.97 -76.66
CA GLY GB 470 -52.31 76.10 -77.59
C GLY GB 470 -52.93 77.48 -77.42
N ARG GB 471 -53.17 78.28 -78.44
CA ARG GB 471 -53.67 79.68 -78.23
C ARG GB 471 -55.10 79.76 -77.61
N THR GB 472 -55.31 80.61 -76.60
CA THR GB 472 -56.60 80.82 -75.90
C THR GB 472 -56.87 82.31 -75.81
N GLN GB 473 -58.12 82.75 -75.95
CA GLN GB 473 -58.47 84.19 -76.00
C GLN GB 473 -58.14 84.94 -74.69
N GLY GB 474 -57.66 86.19 -74.82
CA GLY GB 474 -57.32 87.03 -73.67
C GLY GB 474 -58.34 88.12 -73.42
N TRP GB 475 -58.77 88.27 -72.17
CA TRP GB 475 -59.76 89.29 -71.76
C TRP GB 475 -59.20 90.24 -70.69
N ASN GB 476 -59.40 91.53 -70.85
CA ASN GB 476 -58.93 92.56 -69.88
C ASN GB 476 -59.81 92.58 -68.63
N LEU GB 477 -59.24 92.88 -67.47
CA LEU GB 477 -59.93 92.92 -66.16
C LEU GB 477 -59.68 94.32 -65.58
N GLY GB 478 -60.47 94.77 -64.61
CA GLY GB 478 -60.32 96.15 -64.09
C GLY GB 478 -60.62 97.21 -65.12
N SER GB 479 -59.66 98.08 -65.42
CA SER GB 479 -59.85 99.15 -66.42
C SER GB 479 -60.15 98.50 -67.78
N GLY GB 480 -59.49 97.41 -68.17
CA GLY GB 480 -59.98 96.64 -69.34
C GLY GB 480 -60.07 97.35 -70.67
N VAL GB 481 -61.26 97.38 -71.28
CA VAL GB 481 -61.50 97.92 -72.67
C VAL GB 481 -61.83 96.78 -73.67
N ASN GB 482 -62.40 95.66 -73.23
CA ASN GB 482 -62.88 94.50 -74.08
C ASN GB 482 -64.12 94.74 -74.93
N ARG GB 483 -64.35 93.93 -75.98
CA ARG GB 483 -65.55 93.99 -76.89
C ARG GB 483 -66.91 93.73 -76.20
N ALA GB 484 -67.94 94.51 -76.54
CA ALA GB 484 -69.29 94.46 -75.91
C ALA GB 484 -70.28 93.40 -76.40
N SER GB 485 -71.21 92.98 -75.53
CA SER GB 485 -72.34 92.08 -75.90
C SER GB 485 -71.95 90.74 -76.51
N VAL GB 486 -70.92 90.08 -76.00
CA VAL GB 486 -70.41 88.81 -76.60
C VAL GB 486 -70.99 87.57 -75.92
N SER GB 487 -71.39 86.55 -76.69
CA SER GB 487 -71.74 85.23 -76.10
C SER GB 487 -70.49 84.38 -76.31
N ALA GB 488 -69.86 83.93 -75.24
CA ALA GB 488 -68.54 83.22 -75.25
C ALA GB 488 -68.48 81.83 -75.93
N PHE GB 489 -69.48 80.95 -75.86
CA PHE GB 489 -69.37 79.51 -76.20
C PHE GB 489 -68.95 79.13 -77.65
N ALA GB 490 -69.43 79.79 -78.70
CA ALA GB 490 -69.10 79.45 -80.10
C ALA GB 490 -67.60 79.58 -80.37
N THR GB 491 -66.92 80.58 -79.80
CA THR GB 491 -65.49 80.85 -80.04
C THR GB 491 -64.56 80.24 -79.01
N THR GB 492 -65.05 79.44 -78.07
CA THR GB 492 -64.22 78.74 -77.05
C THR GB 492 -63.40 77.58 -77.59
N ASN GB 493 -62.29 77.22 -76.92
CA ASN GB 493 -61.43 76.06 -77.28
C ASN GB 493 -62.16 74.73 -77.05
N ARG GB 494 -61.99 73.77 -77.95
CA ARG GB 494 -62.75 72.49 -77.86
C ARG GB 494 -61.95 71.27 -78.30
N MET GB 495 -62.29 70.08 -77.81
CA MET GB 495 -61.71 68.80 -78.27
C MET GB 495 -62.92 67.91 -78.66
N GLU GB 496 -62.79 67.07 -79.69
CA GLU GB 496 -63.92 66.23 -80.19
C GLU GB 496 -63.77 64.77 -79.72
N LEU GB 497 -64.77 64.20 -79.04
CA LEU GB 497 -64.77 62.76 -78.65
C LEU GB 497 -66.07 62.09 -79.06
N GLU GB 498 -66.06 60.93 -79.73
CA GLU GB 498 -67.27 60.11 -80.06
C GLU GB 498 -68.37 60.88 -80.81
N GLY GB 499 -68.03 61.79 -81.71
CA GLY GB 499 -69.04 62.62 -82.38
C GLY GB 499 -69.55 63.86 -81.63
N ALA GB 500 -68.99 64.25 -80.50
CA ALA GB 500 -69.45 65.50 -79.83
C ALA GB 500 -68.30 66.48 -79.55
N SER GB 501 -68.58 67.80 -79.50
CA SER GB 501 -67.57 68.86 -79.19
C SER GB 501 -67.61 69.20 -77.70
N TYR GB 502 -66.48 69.16 -77.04
CA TYR GB 502 -66.43 69.42 -75.58
C TYR GB 502 -65.52 70.57 -75.23
N GLN GB 503 -65.99 71.46 -74.38
CA GLN GB 503 -65.08 72.47 -73.80
C GLN GB 503 -64.17 71.70 -72.84
N VAL GB 504 -62.91 72.09 -72.76
CA VAL GB 504 -61.89 71.45 -71.87
C VAL GB 504 -61.38 72.66 -71.07
N PRO GB 505 -62.15 73.13 -70.06
CA PRO GB 505 -61.88 74.39 -69.38
C PRO GB 505 -60.58 74.57 -68.68
N PRO GB 506 -59.89 73.63 -67.99
CA PRO GB 506 -58.54 73.93 -67.57
C PRO GB 506 -57.81 73.59 -68.90
N GLN GB 507 -56.92 74.42 -69.40
CA GLN GB 507 -56.20 73.93 -70.62
C GLN GB 507 -55.09 72.93 -70.18
N PRO GB 508 -54.41 72.16 -71.07
CA PRO GB 508 -53.26 71.32 -70.69
C PRO GB 508 -51.97 72.07 -70.21
N ASN GB 509 -51.12 71.50 -69.34
CA ASN GB 509 -49.91 72.16 -68.73
C ASN GB 509 -48.81 72.70 -69.67
N GLY GB 510 -47.99 73.67 -69.21
CA GLY GB 510 -46.90 74.32 -69.98
C GLY GB 510 -47.12 75.73 -70.45
N MET GB 511 -48.21 76.36 -70.03
CA MET GB 511 -48.48 77.76 -70.41
C MET GB 511 -48.66 78.70 -69.21
N THR GB 512 -48.59 80.01 -69.42
CA THR GB 512 -48.95 81.01 -68.39
C THR GB 512 -50.15 81.84 -68.87
N ASN GB 513 -51.22 81.95 -68.09
CA ASN GB 513 -52.42 82.82 -68.32
C ASN GB 513 -52.19 84.35 -68.27
N ASN GB 514 -51.35 84.86 -67.37
CA ASN GB 514 -51.17 86.33 -67.15
C ASN GB 514 -49.68 86.71 -67.17
N LEU GB 515 -49.30 87.80 -67.84
CA LEU GB 515 -47.88 88.32 -67.85
C LEU GB 515 -47.26 88.88 -66.54
N GLN GB 516 -47.91 89.66 -65.68
CA GLN GB 516 -47.34 90.33 -64.45
C GLN GB 516 -47.63 91.82 -64.66
N GLY GB 517 -48.11 92.52 -63.63
CA GLY GB 517 -48.65 93.83 -64.01
C GLY GB 517 -49.80 93.39 -64.89
N SER GB 518 -49.87 93.76 -66.16
CA SER GB 518 -50.95 93.39 -67.12
C SER GB 518 -52.32 92.94 -66.59
N ASN GB 519 -53.36 93.42 -67.24
CA ASN GB 519 -54.75 93.08 -66.86
C ASN GB 519 -55.35 92.11 -67.89
N THR GB 520 -54.53 91.57 -68.80
CA THR GB 520 -54.98 90.54 -69.75
C THR GB 520 -54.85 89.15 -69.14
N TYR GB 521 -55.92 88.39 -69.20
CA TYR GB 521 -55.96 87.02 -68.63
C TYR GB 521 -56.55 86.12 -69.66
N ALA GB 522 -55.97 84.95 -69.81
CA ALA GB 522 -56.66 83.96 -70.67
C ALA GB 522 -57.60 83.19 -69.73
N LEU GB 523 -58.90 83.47 -69.77
CA LEU GB 523 -59.94 82.96 -68.80
C LEU GB 523 -60.11 81.43 -68.80
N GLU GB 524 -60.03 80.76 -69.95
CA GLU GB 524 -60.16 79.29 -70.05
C GLU GB 524 -58.87 78.58 -69.61
N ASN GB 525 -57.78 79.27 -69.33
CA ASN GB 525 -56.53 78.68 -68.75
C ASN GB 525 -56.43 78.98 -67.24
N THR GB 526 -57.46 79.54 -66.61
CA THR GB 526 -57.38 79.97 -65.18
C THR GB 526 -58.36 79.24 -64.28
N MET GB 527 -57.93 78.84 -63.09
CA MET GB 527 -58.85 78.33 -62.06
C MET GB 527 -59.66 79.51 -61.47
N ILE GB 528 -60.98 79.43 -61.51
CA ILE GB 528 -61.88 80.48 -60.94
C ILE GB 528 -62.67 79.90 -59.76
N PHE GB 529 -62.69 80.59 -58.63
CA PHE GB 529 -63.31 80.11 -57.35
C PHE GB 529 -64.22 81.19 -56.80
N ASN GB 530 -65.14 80.81 -55.92
CA ASN GB 530 -66.04 81.75 -55.19
C ASN GB 530 -65.55 81.86 -53.74
N SER GB 531 -65.51 83.06 -53.17
CA SER GB 531 -65.16 83.27 -51.73
C SER GB 531 -66.18 82.57 -50.82
N GLN GB 532 -67.46 82.63 -51.16
CA GLN GB 532 -68.56 82.04 -50.36
C GLN GB 532 -69.15 80.81 -51.05
N PRO GB 533 -69.63 79.78 -50.31
CA PRO GB 533 -70.33 78.65 -50.89
C PRO GB 533 -71.68 79.02 -51.52
N ALA GB 534 -72.11 78.27 -52.52
CA ALA GB 534 -73.33 78.61 -53.29
C ALA GB 534 -74.41 77.54 -53.16
N ASN GB 535 -75.66 77.96 -53.30
CA ASN GB 535 -76.82 77.03 -53.33
C ASN GB 535 -76.79 76.19 -54.62
N PRO GB 536 -77.24 74.92 -54.59
CA PRO GB 536 -77.29 74.12 -55.80
C PRO GB 536 -78.20 74.58 -56.93
N GLY GB 537 -77.72 74.48 -58.18
CA GLY GB 537 -78.52 74.83 -59.37
C GLY GB 537 -78.58 76.31 -59.69
N THR GB 538 -77.81 77.14 -59.03
CA THR GB 538 -77.89 78.59 -59.26
C THR GB 538 -77.56 78.91 -60.72
N THR GB 539 -78.31 79.82 -61.34
CA THR GB 539 -78.04 80.28 -62.72
C THR GB 539 -77.69 81.76 -62.71
N ALA GB 540 -77.41 82.35 -61.54
CA ALA GB 540 -77.11 83.79 -61.38
C ALA GB 540 -75.82 84.25 -62.08
N THR GB 541 -75.83 85.45 -62.68
CA THR GB 541 -74.60 86.04 -63.25
C THR GB 541 -73.68 86.52 -62.14
N TYR GB 542 -72.38 86.34 -62.31
CA TYR GB 542 -71.38 86.82 -61.32
C TYR GB 542 -70.40 87.75 -62.01
N LEU GB 543 -70.19 88.92 -61.43
CA LEU GB 543 -69.15 89.87 -61.89
C LEU GB 543 -67.77 89.52 -61.28
N GLU GB 544 -66.70 90.15 -61.74
CA GLU GB 544 -65.30 89.89 -61.32
C GLU GB 544 -65.04 90.12 -59.82
N GLY GB 545 -65.67 91.13 -59.19
CA GLY GB 545 -65.47 91.43 -57.77
C GLY GB 545 -65.87 90.29 -56.87
N ASN GB 546 -66.96 89.58 -57.16
CA ASN GB 546 -67.33 88.34 -56.42
C ASN GB 546 -66.31 87.21 -56.60
N MET GB 547 -65.70 87.06 -57.77
CA MET GB 547 -64.83 85.89 -58.07
C MET GB 547 -63.38 85.94 -57.54
N LEU GB 548 -62.78 84.78 -57.27
CA LEU GB 548 -61.34 84.72 -56.90
C LEU GB 548 -60.61 84.20 -58.14
N ILE GB 549 -59.76 85.01 -58.78
CA ILE GB 549 -59.10 84.62 -60.07
C ILE GB 549 -57.58 84.46 -59.86
N THR GB 550 -57.05 83.31 -60.18
CA THR GB 550 -55.62 82.95 -60.05
C THR GB 550 -54.73 83.47 -61.19
N SER GB 551 -53.44 83.66 -60.93
CA SER GB 551 -52.44 84.12 -61.92
C SER GB 551 -51.27 83.15 -61.87
N GLU GB 552 -50.67 82.83 -63.00
CA GLU GB 552 -49.51 81.90 -63.12
C GLU GB 552 -48.26 82.70 -63.52
N SER GB 553 -48.19 84.00 -63.26
CA SER GB 553 -47.14 84.94 -63.72
C SER GB 553 -45.72 84.55 -63.25
N GLU GB 554 -45.56 83.83 -62.15
CA GLU GB 554 -44.26 83.33 -61.63
C GLU GB 554 -43.57 82.38 -62.64
N THR GB 555 -44.31 81.58 -63.40
CA THR GB 555 -43.80 80.58 -64.37
C THR GB 555 -43.45 81.19 -65.72
N GLN GB 556 -43.66 82.49 -65.94
CA GLN GB 556 -43.46 83.21 -67.24
C GLN GB 556 -41.98 83.10 -67.74
N PRO GB 557 -40.91 83.14 -66.92
CA PRO GB 557 -39.55 82.87 -67.40
C PRO GB 557 -39.35 81.55 -68.18
N VAL GB 558 -40.10 80.46 -67.93
CA VAL GB 558 -40.11 79.19 -68.72
C VAL GB 558 -41.44 78.81 -69.42
N ASN GB 559 -42.54 79.53 -69.27
CA ASN GB 559 -43.84 79.07 -69.82
C ASN GB 559 -44.35 80.11 -70.81
N ARG GB 560 -44.75 79.67 -72.00
CA ARG GB 560 -45.28 80.59 -73.03
C ARG GB 560 -46.66 81.18 -72.66
N VAL GB 561 -46.92 82.41 -73.07
CA VAL GB 561 -48.25 83.06 -72.84
C VAL GB 561 -49.35 82.49 -73.76
N ALA GB 562 -50.51 82.12 -73.19
CA ALA GB 562 -51.67 81.51 -73.89
C ALA GB 562 -52.33 82.43 -74.93
N TYR GB 563 -52.50 83.71 -74.62
CA TYR GB 563 -53.16 84.69 -75.54
C TYR GB 563 -52.32 84.91 -76.84
N ASN GB 564 -51.00 84.92 -76.76
CA ASN GB 564 -50.08 85.20 -77.91
C ASN GB 564 -49.80 84.00 -78.84
N VAL GB 565 -49.36 84.23 -80.09
CA VAL GB 565 -48.85 83.16 -81.02
C VAL GB 565 -47.53 82.57 -80.50
N GLY GB 566 -47.28 81.26 -80.67
CA GLY GB 566 -46.03 80.55 -80.26
C GLY GB 566 -44.71 80.89 -80.93
N GLY GB 567 -44.65 81.14 -82.24
CA GLY GB 567 -43.39 81.34 -82.97
C GLY GB 567 -43.63 81.35 -84.45
N GLN GB 568 -42.58 81.31 -85.27
CA GLN GB 568 -42.66 81.28 -86.75
C GLN GB 568 -41.80 80.15 -87.37
N MET GB 569 -42.20 79.57 -88.51
CA MET GB 569 -41.45 78.52 -89.25
C MET GB 569 -41.44 78.83 -90.76
N ALA GB 570 -40.51 78.27 -91.55
CA ALA GB 570 -40.42 78.46 -93.02
C ALA GB 570 -41.58 77.83 -93.81
N THR GB 571 -42.11 78.55 -94.80
CA THR GB 571 -43.27 78.11 -95.60
C THR GB 571 -42.93 77.92 -97.09
N ASN GB 572 -41.68 78.05 -97.51
CA ASN GB 572 -41.33 78.07 -98.96
C ASN GB 572 -39.88 77.69 -99.19
N ASN GB 573 -39.48 77.55 -100.44
CA ASN GB 573 -38.06 77.38 -100.80
C ASN GB 573 -37.61 78.65 -101.52
N GLN GB 574 -36.53 79.30 -101.08
CA GLN GB 574 -35.97 80.53 -101.71
C GLN GB 574 -35.29 80.17 -103.06
N SER GB 575 -35.26 81.11 -104.00
CA SER GB 575 -34.65 80.91 -105.33
C SER GB 575 -34.27 82.30 -105.84
N SER GB 576 -33.51 82.41 -106.92
CA SER GB 576 -33.24 83.76 -107.47
C SER GB 576 -34.56 84.43 -107.82
N THR GB 577 -35.52 83.72 -108.42
CA THR GB 577 -36.88 84.22 -108.68
C THR GB 577 -37.69 84.49 -107.41
N THR GB 578 -37.58 83.67 -106.37
CA THR GB 578 -38.47 83.79 -105.18
C THR GB 578 -37.80 84.19 -103.88
N ALA GB 579 -38.32 85.22 -103.21
CA ALA GB 579 -37.86 85.64 -101.86
C ALA GB 579 -38.27 84.64 -100.78
N PRO GB 580 -37.49 84.49 -99.70
CA PRO GB 580 -37.89 83.63 -98.57
C PRO GB 580 -39.12 84.10 -97.76
N ALA GB 581 -39.94 83.19 -97.24
CA ALA GB 581 -41.19 83.49 -96.50
C ALA GB 581 -41.33 82.71 -95.19
N THR GB 582 -42.01 83.28 -94.20
CA THR GB 582 -42.27 82.60 -92.90
C THR GB 582 -43.74 82.63 -92.56
N GLY GB 583 -44.19 81.72 -91.70
CA GLY GB 583 -45.58 81.76 -91.19
C GLY GB 583 -45.67 81.54 -89.69
N THR GB 584 -46.55 82.25 -88.99
CA THR GB 584 -46.82 82.02 -87.53
C THR GB 584 -47.62 80.76 -87.25
N TYR GB 585 -47.44 80.13 -86.10
CA TYR GB 585 -48.23 78.95 -85.66
C TYR GB 585 -49.03 79.26 -84.35
N ASN GB 586 -50.25 78.72 -84.18
CA ASN GB 586 -51.12 78.95 -82.98
C ASN GB 586 -51.04 77.78 -81.98
N LEU GB 587 -50.43 76.67 -82.37
CA LEU GB 587 -50.29 75.49 -81.47
C LEU GB 587 -48.96 74.75 -81.68
N GLN GB 588 -48.37 74.19 -80.64
CA GLN GB 588 -47.18 73.32 -80.75
C GLN GB 588 -47.23 72.31 -79.61
N GLU GB 589 -46.62 71.16 -79.76
CA GLU GB 589 -46.69 70.07 -78.76
C GLU GB 589 -45.27 69.73 -78.34
N ILE GB 590 -45.07 68.68 -77.56
CA ILE GB 590 -43.74 68.32 -76.99
C ILE GB 590 -42.66 68.03 -78.05
N VAL GB 591 -41.47 68.52 -77.79
CA VAL GB 591 -40.28 68.34 -78.68
C VAL GB 591 -39.16 67.88 -77.75
N PRO GB 592 -38.15 67.14 -78.22
CA PRO GB 592 -37.02 66.77 -77.35
C PRO GB 592 -36.23 68.00 -76.85
N GLY GB 593 -35.78 68.00 -75.58
CA GLY GB 593 -35.14 69.17 -74.96
C GLY GB 593 -36.11 70.18 -74.37
N SER GB 594 -37.40 69.87 -74.32
CA SER GB 594 -38.49 70.70 -73.75
C SER GB 594 -38.47 70.77 -72.21
N VAL GB 595 -38.63 71.97 -71.64
CA VAL GB 595 -38.69 72.19 -70.16
C VAL GB 595 -39.93 73.06 -69.84
N TRP GB 596 -40.62 72.79 -68.74
CA TRP GB 596 -41.79 73.60 -68.30
C TRP GB 596 -42.04 73.47 -66.80
N MET GB 597 -42.87 74.33 -66.26
CA MET GB 597 -43.34 74.26 -64.85
C MET GB 597 -44.83 73.87 -64.79
N GLU GB 598 -45.20 72.94 -63.92
CA GLU GB 598 -46.61 72.52 -63.69
C GLU GB 598 -47.41 73.61 -62.94
N ARG GB 599 -48.73 73.58 -63.03
CA ARG GB 599 -49.64 74.53 -62.33
C ARG GB 599 -49.49 74.49 -60.80
N ASP GB 600 -49.58 75.66 -60.16
CA ASP GB 600 -49.49 75.82 -58.69
C ASP GB 600 -50.71 75.30 -57.92
N VAL GB 601 -50.50 74.77 -56.73
CA VAL GB 601 -51.60 74.40 -55.78
C VAL GB 601 -52.13 75.64 -55.01
N TYR GB 602 -53.37 75.58 -54.56
CA TYR GB 602 -54.02 76.68 -53.79
C TYR GB 602 -54.61 76.08 -52.53
N LEU GB 603 -54.76 76.87 -51.47
CA LEU GB 603 -55.40 76.39 -50.20
C LEU GB 603 -56.87 75.99 -50.48
N GLN GB 604 -57.61 76.74 -51.30
CA GLN GB 604 -58.98 76.44 -51.78
C GLN GB 604 -59.02 75.22 -52.73
N GLY GB 605 -57.94 74.88 -53.44
CA GLY GB 605 -57.83 73.77 -54.40
C GLY GB 605 -57.67 72.32 -53.99
N PRO GB 606 -57.85 71.37 -54.94
CA PRO GB 606 -57.56 69.93 -54.74
C PRO GB 606 -56.16 69.32 -54.61
N ILE GB 607 -55.91 68.40 -53.69
CA ILE GB 607 -54.61 67.61 -53.61
C ILE GB 607 -54.31 66.55 -54.71
N TRP GB 608 -55.25 65.69 -55.08
CA TRP GB 608 -54.95 64.54 -55.95
C TRP GB 608 -55.98 64.23 -57.03
N ALA GB 609 -55.61 63.46 -58.04
CA ALA GB 609 -56.52 62.93 -59.08
C ALA GB 609 -56.11 61.49 -59.39
N LYS GB 610 -57.05 60.65 -59.76
CA LYS GB 610 -56.75 59.26 -60.18
C LYS GB 610 -56.35 59.19 -61.66
N ILE GB 611 -55.23 58.53 -61.96
CA ILE GB 611 -54.85 58.27 -63.36
C ILE GB 611 -55.82 57.23 -63.96
N PRO GB 612 -56.40 57.46 -65.17
CA PRO GB 612 -57.29 56.49 -65.80
C PRO GB 612 -56.62 55.22 -66.32
N GLU GB 613 -57.29 54.07 -66.21
CA GLU GB 613 -56.63 52.78 -66.61
C GLU GB 613 -56.90 52.44 -68.09
N THR GB 614 -55.96 52.73 -68.99
CA THR GB 614 -56.10 52.48 -70.43
C THR GB 614 -54.97 51.58 -70.89
N GLY GB 615 -53.92 51.48 -70.10
CA GLY GB 615 -52.68 50.79 -70.46
C GLY GB 615 -51.66 51.69 -71.15
N ALA GB 616 -51.99 52.94 -71.53
CA ALA GB 616 -51.01 53.88 -72.11
C ALA GB 616 -51.24 55.32 -71.64
N HIS GB 617 -50.20 56.02 -71.23
CA HIS GB 617 -50.30 57.46 -70.82
C HIS GB 617 -48.96 58.16 -70.98
N PHE GB 618 -48.97 59.49 -71.06
CA PHE GB 618 -47.72 60.29 -71.05
C PHE GB 618 -47.73 61.32 -69.93
N HIS GB 619 -46.66 61.41 -69.12
CA HIS GB 619 -46.45 62.48 -68.09
C HIS GB 619 -47.71 62.76 -67.27
N PRO GB 620 -47.93 62.01 -66.18
CA PRO GB 620 -49.23 62.06 -65.50
C PRO GB 620 -49.50 63.04 -64.37
N SER GB 621 -49.53 64.30 -64.75
CA SER GB 621 -49.79 65.40 -63.79
C SER GB 621 -51.16 65.98 -64.16
N PRO GB 622 -52.14 66.05 -63.22
CA PRO GB 622 -53.47 66.55 -63.57
C PRO GB 622 -53.56 68.06 -63.90
N ALA GB 623 -54.43 68.44 -64.84
CA ALA GB 623 -54.54 69.84 -65.31
C ALA GB 623 -54.97 70.86 -64.25
N MET GB 624 -55.91 70.53 -63.36
CA MET GB 624 -56.40 71.38 -62.25
C MET GB 624 -55.24 71.64 -61.27
N GLY GB 625 -54.34 70.70 -61.08
CA GLY GB 625 -53.19 70.82 -60.16
C GLY GB 625 -53.08 69.61 -59.26
N GLY GB 626 -52.01 69.50 -58.48
CA GLY GB 626 -51.83 68.39 -57.54
C GLY GB 626 -51.08 67.15 -57.97
N PHE GB 627 -51.33 66.04 -57.30
CA PHE GB 627 -50.58 64.77 -57.49
C PHE GB 627 -51.44 63.72 -58.21
N GLY GB 628 -50.88 63.13 -59.26
CA GLY GB 628 -51.56 62.09 -60.03
C GLY GB 628 -51.20 60.73 -59.50
N LEU GB 629 -52.20 59.96 -59.11
CA LEU GB 629 -51.92 58.66 -58.45
C LEU GB 629 -52.54 57.46 -59.15
N LYS GB 630 -51.76 56.42 -59.40
CA LYS GB 630 -52.30 55.12 -59.90
C LYS GB 630 -53.21 54.47 -58.85
N HIS GB 631 -52.84 54.50 -57.59
CA HIS GB 631 -53.65 53.92 -56.48
C HIS GB 631 -53.98 55.02 -55.48
N PRO GB 632 -55.06 55.78 -55.70
CA PRO GB 632 -55.47 56.88 -54.84
C PRO GB 632 -56.10 56.52 -53.49
N PRO GB 633 -56.18 57.44 -52.52
CA PRO GB 633 -56.84 57.09 -51.27
C PRO GB 633 -58.28 56.65 -51.62
N PRO GB 634 -58.77 55.51 -51.08
CA PRO GB 634 -60.04 54.94 -51.50
C PRO GB 634 -61.40 55.56 -51.15
N MET GB 635 -62.41 55.33 -51.98
CA MET GB 635 -63.80 55.80 -51.73
C MET GB 635 -64.39 55.20 -50.42
N MET GB 636 -64.97 56.07 -49.59
CA MET GB 636 -65.56 55.67 -48.30
C MET GB 636 -67.08 55.91 -48.40
N LEU GB 637 -67.88 54.87 -48.21
CA LEU GB 637 -69.34 54.93 -48.46
C LEU GB 637 -70.13 54.60 -47.18
N ILE GB 638 -71.15 55.39 -46.90
CA ILE GB 638 -72.00 55.21 -45.69
C ILE GB 638 -73.50 55.25 -46.08
N LYS GB 639 -74.28 54.36 -45.49
CA LYS GB 639 -75.75 54.40 -45.70
C LYS GB 639 -76.54 54.16 -44.40
N ASN GB 640 -77.77 54.62 -44.34
CA ASN GB 640 -78.69 54.27 -43.22
C ASN GB 640 -79.39 52.95 -43.58
N THR GB 641 -79.39 51.97 -42.68
CA THR GB 641 -80.10 50.69 -42.91
C THR GB 641 -81.61 50.90 -42.99
N PRO GB 642 -82.31 50.31 -43.99
CA PRO GB 642 -83.76 50.36 -44.05
C PRO GB 642 -84.45 49.76 -42.82
N VAL GB 643 -85.34 50.54 -42.23
CA VAL GB 643 -86.15 50.00 -41.10
C VAL GB 643 -87.61 50.03 -41.56
N PRO GB 644 -88.26 48.86 -41.65
CA PRO GB 644 -89.66 48.78 -42.09
C PRO GB 644 -90.85 49.31 -41.26
N GLY GB 645 -91.89 49.83 -41.90
CA GLY GB 645 -93.17 50.23 -41.29
C GLY GB 645 -94.06 49.02 -41.02
N ASN GB 646 -95.19 49.16 -40.35
CA ASN GB 646 -95.97 47.96 -39.95
C ASN GB 646 -96.51 47.17 -41.15
N ILE GB 647 -96.21 45.87 -41.20
CA ILE GB 647 -96.71 44.99 -42.31
C ILE GB 647 -97.53 43.88 -41.65
N THR GB 648 -98.76 43.67 -42.08
CA THR GB 648 -99.66 42.69 -41.42
C THR GB 648 -99.94 41.48 -42.29
N SER GB 649 -99.58 41.52 -43.56
CA SER GB 649 -99.90 40.42 -44.52
C SER GB 649 -98.68 40.05 -45.36
N PHE GB 650 -98.58 38.80 -45.83
CA PHE GB 650 -97.50 38.34 -46.74
C PHE GB 650 -97.66 38.78 -48.21
N SER GB 651 -96.57 39.23 -48.83
CA SER GB 651 -96.57 39.44 -50.31
C SER GB 651 -95.21 39.02 -50.86
N ASP GB 652 -95.16 38.46 -52.06
CA ASP GB 652 -93.90 38.24 -52.82
C ASP GB 652 -93.32 39.61 -53.20
N VAL GB 653 -94.18 40.60 -53.50
CA VAL GB 653 -93.74 41.96 -53.90
C VAL GB 653 -92.96 42.63 -52.75
N PRO GB 654 -91.78 43.25 -53.02
CA PRO GB 654 -90.96 43.90 -51.99
C PRO GB 654 -91.57 45.07 -51.23
N VAL GB 655 -91.24 45.20 -49.95
CA VAL GB 655 -91.77 46.30 -49.11
C VAL GB 655 -91.30 47.68 -49.59
N SER GB 656 -92.24 48.61 -49.69
CA SER GB 656 -91.98 50.00 -50.10
C SER GB 656 -92.27 50.98 -48.95
N SER GB 657 -92.66 50.49 -47.78
CA SER GB 657 -93.05 51.36 -46.64
C SER GB 657 -92.01 51.24 -45.51
N PHE GB 658 -91.40 52.36 -45.14
CA PHE GB 658 -90.28 52.35 -44.16
C PHE GB 658 -90.44 53.50 -43.19
N ILE GB 659 -89.95 53.36 -41.97
CA ILE GB 659 -89.92 54.53 -41.04
C ILE GB 659 -88.88 55.59 -41.52
N THR GB 660 -89.16 56.90 -41.43
CA THR GB 660 -88.24 58.00 -41.85
C THR GB 660 -87.14 58.26 -40.82
N GLN GB 661 -85.87 58.26 -41.25
CA GLN GB 661 -84.70 58.33 -40.33
C GLN GB 661 -83.51 59.13 -40.90
N TYR GB 662 -82.64 59.66 -40.04
CA TYR GB 662 -81.40 60.38 -40.46
C TYR GB 662 -80.30 60.02 -39.46
N SER GB 663 -79.03 60.20 -39.85
CA SER GB 663 -77.89 59.93 -38.94
C SER GB 663 -76.93 61.13 -38.78
N THR GB 664 -76.25 61.19 -37.65
CA THR GB 664 -75.27 62.26 -37.36
C THR GB 664 -74.05 61.68 -36.62
N GLY GB 665 -72.87 62.30 -36.73
CA GLY GB 665 -71.67 61.85 -36.02
C GLY GB 665 -70.46 62.74 -36.19
N GLN GB 666 -69.30 62.26 -35.76
CA GLN GB 666 -67.98 62.96 -35.90
C GLN GB 666 -66.98 62.16 -36.76
N VAL GB 667 -66.20 62.85 -37.58
CA VAL GB 667 -65.12 62.20 -38.41
C VAL GB 667 -63.76 62.88 -38.12
N THR GB 668 -62.70 62.08 -37.97
CA THR GB 668 -61.33 62.60 -37.80
C THR GB 668 -60.43 62.13 -38.95
N VAL GB 669 -59.67 63.05 -39.59
CA VAL GB 669 -58.64 62.69 -40.61
C VAL GB 669 -57.23 63.14 -40.16
N GLU GB 670 -56.25 62.24 -40.19
CA GLU GB 670 -54.84 62.54 -39.83
C GLU GB 670 -53.95 62.31 -41.07
N MET GB 671 -53.15 63.31 -41.42
CA MET GB 671 -52.26 63.23 -42.62
C MET GB 671 -50.81 63.58 -42.29
N GLU GB 672 -49.88 62.84 -42.88
CA GLU GB 672 -48.42 63.12 -42.73
C GLU GB 672 -47.85 63.68 -44.04
N TRP GB 673 -47.03 64.72 -43.93
CA TRP GB 673 -46.44 65.38 -45.10
C TRP GB 673 -44.91 65.42 -45.01
N GLU GB 674 -44.22 65.22 -46.13
CA GLU GB 674 -42.73 65.35 -46.18
C GLU GB 674 -42.37 66.71 -46.80
N LEU GB 675 -41.41 67.39 -46.19
CA LEU GB 675 -41.00 68.78 -46.59
C LEU GB 675 -39.59 68.82 -47.20
N LYS GB 676 -39.40 69.65 -48.22
CA LYS GB 676 -38.03 69.88 -48.77
C LYS GB 676 -37.57 71.29 -48.35
N LYS GB 677 -36.46 71.38 -47.64
CA LYS GB 677 -35.84 72.66 -47.17
C LYS GB 677 -35.20 73.56 -48.24
N GLU GB 678 -35.33 74.86 -48.09
CA GLU GB 678 -34.62 75.84 -48.94
C GLU GB 678 -33.10 75.84 -48.62
N ASN GB 679 -32.23 75.95 -49.62
CA ASN GB 679 -30.75 76.02 -49.47
C ASN GB 679 -30.20 77.24 -50.25
N SER GB 680 -30.87 78.39 -50.23
CA SER GB 680 -30.51 79.59 -51.02
C SER GB 680 -29.22 80.33 -50.62
N LYS GB 681 -28.48 80.86 -51.60
CA LYS GB 681 -27.30 81.73 -51.35
C LYS GB 681 -27.61 83.20 -51.74
N ARG GB 682 -28.85 83.57 -52.04
CA ARG GB 682 -29.31 84.97 -52.35
C ARG GB 682 -29.11 85.97 -51.18
N TRP GB 683 -28.28 86.99 -51.36
CA TRP GB 683 -27.97 88.03 -50.35
C TRP GB 683 -29.13 88.97 -49.96
N ASN GB 684 -29.86 89.44 -50.94
CA ASN GB 684 -31.00 90.37 -50.78
C ASN GB 684 -32.26 89.68 -50.25
N PRO GB 685 -33.16 90.42 -49.57
CA PRO GB 685 -34.44 89.88 -49.13
C PRO GB 685 -35.49 89.44 -50.18
N GLU GB 686 -36.15 88.33 -49.94
CA GLU GB 686 -37.24 87.75 -50.78
C GLU GB 686 -38.69 88.25 -50.60
N ILE GB 687 -39.54 87.99 -51.58
CA ILE GB 687 -41.02 88.22 -51.49
C ILE GB 687 -41.67 87.18 -50.55
N GLN GB 688 -42.65 87.59 -49.72
CA GLN GB 688 -43.36 86.73 -48.74
C GLN GB 688 -44.86 87.04 -48.71
N TYR GB 689 -45.72 86.06 -48.44
CA TYR GB 689 -47.17 86.32 -48.21
C TYR GB 689 -47.32 87.02 -46.83
N THR GB 690 -48.09 88.09 -46.80
CA THR GB 690 -48.28 88.86 -45.57
C THR GB 690 -49.73 89.24 -45.42
N ASN GB 691 -50.16 89.49 -44.18
CA ASN GB 691 -51.51 90.04 -43.94
C ASN GB 691 -51.35 91.55 -44.10
N ASN GB 692 -51.83 92.13 -45.17
CA ASN GB 692 -51.60 93.56 -45.49
C ASN GB 692 -52.88 94.13 -46.07
N TYR GB 693 -53.48 95.09 -45.37
CA TYR GB 693 -54.81 95.64 -45.78
C TYR GB 693 -54.76 97.12 -45.45
N ASN GB 694 -55.40 97.97 -46.23
CA ASN GB 694 -55.46 99.42 -45.88
C ASN GB 694 -56.83 99.78 -45.28
N ASP GB 695 -56.87 100.34 -44.06
CA ASP GB 695 -58.12 100.73 -43.33
C ASP GB 695 -59.13 99.58 -43.21
N PRO GB 696 -58.77 98.37 -42.74
CA PRO GB 696 -59.72 97.25 -42.74
C PRO GB 696 -61.00 97.36 -41.89
N GLN GB 697 -62.15 96.96 -42.46
CA GLN GB 697 -63.45 97.00 -41.73
C GLN GB 697 -63.79 95.65 -41.11
N PHE GB 698 -63.00 94.63 -41.38
CA PHE GB 698 -63.24 93.26 -40.88
C PHE GB 698 -61.92 92.58 -40.87
N VAL GB 699 -61.80 91.49 -40.15
CA VAL GB 699 -60.58 90.66 -40.24
C VAL GB 699 -60.86 89.56 -41.26
N ASP GB 700 -60.04 89.42 -42.26
CA ASP GB 700 -60.09 88.30 -43.26
C ASP GB 700 -59.73 86.97 -42.59
N PHE GB 701 -60.27 85.83 -43.05
CA PHE GB 701 -60.10 84.46 -42.48
C PHE GB 701 -60.61 84.38 -41.03
N ALA GB 702 -61.72 85.04 -40.76
CA ALA GB 702 -62.35 85.08 -39.44
C ALA GB 702 -63.87 85.13 -39.61
N PRO GB 703 -64.67 84.73 -38.58
CA PRO GB 703 -66.12 84.95 -38.62
C PRO GB 703 -66.60 86.41 -38.55
N ASP GB 704 -67.75 86.72 -39.14
CA ASP GB 704 -68.34 88.09 -39.04
C ASP GB 704 -69.37 88.21 -37.91
N SER GB 705 -70.09 89.34 -37.85
CA SER GB 705 -71.10 89.60 -36.79
C SER GB 705 -72.23 88.56 -36.85
N THR GB 706 -72.68 88.12 -38.03
CA THR GB 706 -73.65 87.00 -38.22
C THR GB 706 -73.05 85.62 -37.96
N GLY GB 707 -71.73 85.45 -37.88
CA GLY GB 707 -71.09 84.13 -37.77
C GLY GB 707 -70.63 83.45 -39.05
N GLU GB 708 -70.70 84.14 -40.19
CA GLU GB 708 -70.24 83.59 -41.50
C GLU GB 708 -68.74 83.83 -41.75
N TYR GB 709 -67.99 82.79 -42.11
CA TYR GB 709 -66.54 82.87 -42.41
C TYR GB 709 -66.23 83.68 -43.67
N ARG GB 710 -65.17 84.49 -43.62
CA ARG GB 710 -64.79 85.34 -44.77
C ARG GB 710 -63.43 84.91 -45.30
N SER GB 711 -63.32 84.66 -46.61
CA SER GB 711 -62.04 84.27 -47.29
C SER GB 711 -61.88 85.08 -48.59
N THR GB 712 -61.52 86.35 -48.54
CA THR GB 712 -61.36 87.28 -49.70
C THR GB 712 -60.28 86.91 -50.70
N ARG GB 713 -59.14 86.35 -50.31
CA ARG GB 713 -57.98 86.14 -51.24
C ARG GB 713 -57.60 84.68 -51.55
N PRO GB 714 -57.31 84.31 -52.82
CA PRO GB 714 -56.74 83.00 -53.15
C PRO GB 714 -55.23 82.86 -52.79
N ILE GB 715 -54.77 81.76 -52.21
CA ILE GB 715 -53.31 81.72 -51.86
C ILE GB 715 -52.55 80.58 -52.56
N GLY GB 716 -51.51 80.92 -53.32
CA GLY GB 716 -50.59 80.01 -54.00
C GLY GB 716 -49.41 79.64 -53.16
N THR GB 717 -48.55 78.78 -53.67
CA THR GB 717 -47.33 78.35 -52.95
C THR GB 717 -46.00 79.00 -53.37
N ARG GB 718 -45.91 79.79 -54.45
CA ARG GB 718 -44.55 80.23 -54.93
C ARG GB 718 -44.16 81.68 -54.53
N TYR GB 719 -43.34 81.83 -53.50
CA TYR GB 719 -42.85 83.15 -53.01
C TYR GB 719 -41.34 83.15 -53.02
N LEU GB 720 -40.73 81.99 -52.79
CA LEU GB 720 -39.26 81.80 -52.84
C LEU GB 720 -38.75 81.75 -54.29
N THR GB 721 -37.49 82.06 -54.48
CA THR GB 721 -36.87 82.14 -55.81
C THR GB 721 -35.66 81.25 -55.89
N ARG GB 722 -35.44 80.64 -57.04
CA ARG GB 722 -34.21 79.83 -57.25
C ARG GB 722 -33.59 80.13 -58.61
N PRO GB 723 -32.25 80.06 -58.77
CA PRO GB 723 -31.60 80.15 -60.08
C PRO GB 723 -31.86 78.91 -60.97
N LEU GB 724 -31.89 79.07 -62.29
CA LEU GB 724 -32.17 77.95 -63.23
C LEU GB 724 -31.06 76.89 -63.20
N ASP HB 209 4.51 74.93 -49.04
CA ASP HB 209 5.84 74.69 -48.43
C ASP HB 209 6.74 75.92 -48.58
N GLY HB 210 7.25 76.25 -49.77
CA GLY HB 210 8.26 77.32 -49.84
C GLY HB 210 8.40 78.09 -51.12
N VAL HB 211 9.12 79.21 -51.07
CA VAL HB 211 9.44 80.06 -52.27
C VAL HB 211 10.26 79.28 -53.32
N GLY HB 212 11.21 78.44 -52.91
CA GLY HB 212 12.12 77.73 -53.82
C GLY HB 212 11.66 76.35 -54.21
N ASN HB 213 10.49 75.92 -53.78
CA ASN HB 213 10.03 74.53 -54.04
C ASN HB 213 8.82 74.51 -54.96
N ALA HB 214 8.85 73.68 -56.00
CA ALA HB 214 7.70 73.53 -56.94
C ALA HB 214 6.52 72.73 -56.35
N SER HB 215 5.30 73.26 -56.45
CA SER HB 215 4.01 72.65 -56.01
C SER HB 215 3.56 71.42 -56.82
N GLY HB 216 3.80 71.36 -58.12
CA GLY HB 216 3.40 70.26 -59.01
C GLY HB 216 4.22 70.08 -60.27
N ASP HB 217 3.94 69.05 -61.05
CA ASP HB 217 4.64 68.70 -62.31
C ASP HB 217 3.74 68.65 -63.54
N TRP HB 218 4.30 68.80 -64.74
CA TRP HB 218 3.54 68.77 -66.03
C TRP HB 218 3.14 67.35 -66.45
N HIS HB 219 1.84 67.14 -66.65
CA HIS HB 219 1.35 65.85 -67.18
C HIS HB 219 0.47 66.06 -68.41
N CYS HB 220 0.90 65.66 -69.61
CA CYS HB 220 0.02 65.71 -70.81
C CYS HB 220 0.12 64.33 -71.47
N ASP HB 221 -0.93 63.52 -71.39
CA ASP HB 221 -0.85 62.11 -71.90
C ASP HB 221 -2.19 61.42 -72.17
N SER HB 222 -2.20 60.34 -72.96
CA SER HB 222 -3.38 59.46 -73.15
C SER HB 222 -2.96 58.01 -72.84
N THR HB 223 -3.73 57.27 -72.06
CA THR HB 223 -3.47 55.83 -71.82
C THR HB 223 -4.69 55.03 -72.23
N TRP HB 224 -4.52 54.02 -73.07
CA TRP HB 224 -5.63 53.15 -73.55
C TRP HB 224 -5.50 51.78 -72.89
N MET HB 225 -6.53 51.34 -72.19
CA MET HB 225 -6.53 50.05 -71.45
C MET HB 225 -7.82 49.24 -71.68
N GLY HB 226 -8.01 48.56 -72.81
CA GLY HB 226 -9.28 47.85 -73.08
C GLY HB 226 -10.46 48.76 -73.21
N ASP HB 227 -11.49 48.59 -72.38
CA ASP HB 227 -12.74 49.41 -72.39
C ASP HB 227 -12.55 50.85 -71.86
N ARG HB 228 -11.41 51.18 -71.25
CA ARG HB 228 -11.18 52.52 -70.64
C ARG HB 228 -10.05 53.33 -71.29
N VAL HB 229 -10.25 54.63 -71.48
CA VAL HB 229 -9.17 55.54 -71.93
C VAL HB 229 -9.05 56.67 -70.87
N VAL HB 230 -7.83 57.02 -70.45
CA VAL HB 230 -7.57 58.14 -69.50
C VAL HB 230 -6.86 59.30 -70.23
N THR HB 231 -7.38 60.52 -70.12
CA THR HB 231 -6.75 61.71 -70.74
C THR HB 231 -6.19 62.66 -69.68
N LYS HB 232 -4.96 63.14 -69.85
CA LYS HB 232 -4.32 64.14 -68.95
C LYS HB 232 -3.96 65.39 -69.77
N SER HB 233 -4.31 66.58 -69.29
CA SER HB 233 -4.03 67.86 -69.98
C SER HB 233 -3.47 68.90 -69.02
N THR HB 234 -2.35 69.56 -69.36
CA THR HB 234 -1.74 70.63 -68.55
C THR HB 234 -1.64 71.93 -69.35
N ARG HB 235 -2.03 73.06 -68.77
CA ARG HB 235 -1.94 74.39 -69.42
C ARG HB 235 -1.40 75.49 -68.48
N THR HB 236 -0.88 76.58 -69.03
CA THR HB 236 -0.43 77.77 -68.27
C THR HB 236 -1.47 78.88 -68.45
N TRP HB 237 -1.94 79.49 -67.36
CA TRP HB 237 -2.99 80.54 -67.35
C TRP HB 237 -2.53 81.88 -66.74
N VAL HB 238 -3.18 82.97 -67.13
CA VAL HB 238 -2.96 84.33 -66.56
C VAL HB 238 -4.28 84.86 -65.98
N LEU HB 239 -4.27 85.46 -64.79
CA LEU HB 239 -5.48 86.12 -64.21
C LEU HB 239 -5.36 87.62 -64.04
N PRO HB 240 -6.21 88.42 -64.70
CA PRO HB 240 -6.31 89.86 -64.45
C PRO HB 240 -7.05 90.25 -63.18
N SER HB 241 -6.79 91.44 -62.64
CA SER HB 241 -7.65 91.92 -61.51
C SER HB 241 -8.88 92.63 -62.11
N TYR HB 242 -9.99 91.94 -62.32
CA TYR HB 242 -11.20 92.50 -63.00
C TYR HB 242 -12.04 93.44 -62.16
N ASN HB 243 -12.45 94.58 -62.69
CA ASN HB 243 -13.41 95.52 -62.03
C ASN HB 243 -12.72 96.36 -60.96
N ASN HB 244 -11.39 96.27 -60.83
CA ASN HB 244 -10.60 96.95 -59.75
C ASN HB 244 -11.15 96.59 -58.37
N HIS HB 245 -11.43 95.30 -58.12
CA HIS HB 245 -11.91 94.78 -56.80
C HIS HB 245 -13.35 95.16 -56.45
N GLN HB 246 -14.20 95.41 -57.44
CA GLN HB 246 -15.59 95.87 -57.20
C GLN HB 246 -16.64 95.04 -57.97
N TYR HB 247 -17.89 95.04 -57.51
CA TYR HB 247 -19.04 94.38 -58.15
C TYR HB 247 -19.82 95.46 -58.84
N ARG HB 248 -20.17 95.27 -60.10
CA ARG HB 248 -20.87 96.32 -60.88
C ARG HB 248 -22.23 95.87 -61.43
N GLU HB 249 -23.25 96.70 -61.26
CA GLU HB 249 -24.57 96.40 -61.90
C GLU HB 249 -24.47 96.65 -63.42
N ILE HB 250 -24.93 95.71 -64.22
CA ILE HB 250 -24.83 95.75 -65.70
C ILE HB 250 -26.24 95.62 -66.30
N LYS HB 251 -26.51 96.30 -67.39
CA LYS HB 251 -27.89 96.28 -67.95
C LYS HB 251 -27.90 96.64 -69.43
N SER HB 252 -28.91 96.20 -70.16
CA SER HB 252 -29.07 96.64 -71.57
C SER HB 252 -30.53 96.93 -71.95
N GLY HB 253 -30.77 97.92 -72.79
CA GLY HB 253 -32.07 98.17 -73.46
C GLY HB 253 -32.09 97.44 -74.82
N SER HB 254 -33.09 97.69 -75.67
CA SER HB 254 -33.19 97.09 -77.03
C SER HB 254 -32.02 97.50 -77.95
N VAL HB 255 -31.44 96.56 -78.70
CA VAL HB 255 -30.26 96.82 -79.57
C VAL HB 255 -30.44 96.06 -80.88
N ASP HB 256 -29.99 96.62 -82.01
CA ASP HB 256 -30.09 95.98 -83.36
C ASP HB 256 -31.57 95.76 -83.71
N GLY HB 257 -32.46 96.60 -83.21
CA GLY HB 257 -33.90 96.46 -83.44
C GLY HB 257 -34.61 95.46 -82.55
N SER HB 258 -33.97 94.84 -81.55
CA SER HB 258 -34.71 93.80 -80.78
C SER HB 258 -34.78 93.99 -79.26
N ASN HB 259 -35.96 93.90 -78.67
CA ASN HB 259 -36.19 93.91 -77.18
C ASN HB 259 -35.74 92.59 -76.51
N ALA HB 260 -35.56 91.50 -77.25
CA ALA HB 260 -35.04 90.18 -76.77
C ALA HB 260 -33.61 90.37 -76.28
N ASN HB 261 -32.91 91.36 -76.83
CA ASN HB 261 -31.56 91.84 -76.42
C ASN HB 261 -31.50 92.42 -74.99
N ALA HB 262 -32.54 93.09 -74.47
CA ALA HB 262 -32.59 93.71 -73.12
C ALA HB 262 -32.37 92.73 -71.95
N TYR HB 263 -31.60 93.13 -70.93
CA TYR HB 263 -31.28 92.31 -69.73
C TYR HB 263 -30.92 93.18 -68.52
N PHE HB 264 -30.99 92.63 -67.32
CA PHE HB 264 -30.51 93.27 -66.06
C PHE HB 264 -29.56 92.23 -65.39
N GLY HB 265 -28.39 92.65 -64.92
CA GLY HB 265 -27.38 91.73 -64.37
C GLY HB 265 -26.28 92.30 -63.50
N TYR HB 266 -25.39 91.43 -63.00
CA TYR HB 266 -24.19 91.83 -62.22
C TYR HB 266 -22.86 91.34 -62.86
N SER HB 267 -21.82 92.18 -62.84
CA SER HB 267 -20.43 91.76 -63.25
C SER HB 267 -19.60 91.61 -61.96
N THR HB 268 -18.68 90.66 -61.93
CA THR HB 268 -17.96 90.33 -60.68
C THR HB 268 -16.44 90.44 -60.81
N PRO HB 269 -15.72 90.60 -59.69
CA PRO HB 269 -14.24 90.60 -59.66
C PRO HB 269 -13.56 89.28 -60.01
N TRP HB 270 -14.20 88.14 -59.84
CA TRP HB 270 -13.72 86.76 -60.10
C TRP HB 270 -13.60 86.28 -61.55
N GLY HB 271 -12.77 85.25 -61.75
CA GLY HB 271 -12.57 84.56 -63.02
C GLY HB 271 -12.82 83.08 -62.83
N TYR HB 272 -13.09 82.36 -63.89
CA TYR HB 272 -13.44 80.91 -63.79
C TYR HB 272 -12.66 80.05 -64.80
N PHE HB 273 -12.55 78.75 -64.51
CA PHE HB 273 -11.91 77.76 -65.43
C PHE HB 273 -12.99 76.94 -66.17
N ASP HB 274 -12.96 76.87 -67.50
CA ASP HB 274 -13.90 76.10 -68.35
C ASP HB 274 -13.17 75.00 -69.14
N PHE HB 275 -13.60 73.75 -69.01
CA PHE HB 275 -13.04 72.62 -69.79
C PHE HB 275 -14.08 71.95 -70.72
N ASN HB 276 -15.25 72.54 -71.00
CA ASN HB 276 -16.30 71.83 -71.80
C ASN HB 276 -16.06 71.95 -73.32
N ARG HB 277 -14.92 71.50 -73.83
CA ARG HB 277 -14.61 71.38 -75.28
C ARG HB 277 -13.79 70.08 -75.40
N PHE HB 278 -14.01 69.27 -76.42
CA PHE HB 278 -13.27 67.99 -76.67
C PHE HB 278 -11.75 68.20 -76.95
N HIS HB 279 -11.35 69.22 -77.70
CA HIS HB 279 -9.94 69.56 -78.09
C HIS HB 279 -9.12 69.88 -76.84
N SER HB 280 -9.74 70.30 -75.73
CA SER HB 280 -9.11 70.52 -74.41
C SER HB 280 -8.52 69.20 -73.86
N HIS HB 281 -9.17 68.07 -74.06
CA HIS HB 281 -8.72 66.72 -73.60
C HIS HB 281 -8.16 65.80 -74.70
N TRP HB 282 -8.40 66.06 -75.98
CA TRP HB 282 -8.09 65.07 -77.04
C TRP HB 282 -7.16 65.59 -78.11
N SER HB 283 -6.09 64.84 -78.41
CA SER HB 283 -5.21 65.15 -79.56
C SER HB 283 -5.97 64.79 -80.85
N PRO HB 284 -5.63 65.39 -82.01
CA PRO HB 284 -6.25 64.99 -83.26
C PRO HB 284 -6.00 63.54 -83.65
N ARG HB 285 -4.81 62.98 -83.44
CA ARG HB 285 -4.55 61.54 -83.67
C ARG HB 285 -5.36 60.62 -82.73
N ASP HB 286 -5.50 60.94 -81.45
CA ASP HB 286 -6.30 60.16 -80.46
C ASP HB 286 -7.79 60.16 -80.81
N TRP HB 287 -8.31 61.28 -81.28
CA TRP HB 287 -9.70 61.40 -81.76
C TRP HB 287 -9.97 60.49 -82.97
N GLN HB 288 -9.04 60.40 -83.91
CA GLN HB 288 -9.11 59.51 -85.09
C GLN HB 288 -9.13 58.03 -84.68
N ARG HB 289 -8.34 57.67 -83.67
CA ARG HB 289 -8.33 56.28 -83.16
C ARG HB 289 -9.70 55.90 -82.57
N LEU HB 290 -10.35 56.77 -81.80
CA LEU HB 290 -11.73 56.51 -81.29
C LEU HB 290 -12.86 56.43 -82.35
N ILE HB 291 -12.92 57.35 -83.30
CA ILE HB 291 -14.00 57.44 -84.34
C ILE HB 291 -13.95 56.23 -85.28
N ASN HB 292 -12.76 55.78 -85.65
CA ASN HB 292 -12.50 54.60 -86.51
C ASN HB 292 -12.89 53.25 -85.86
N ASN HB 293 -12.70 53.04 -84.56
CA ASN HB 293 -12.84 51.69 -83.92
C ASN HB 293 -13.92 51.42 -82.89
N TYR HB 294 -14.76 52.37 -82.51
CA TYR HB 294 -15.73 52.16 -81.39
C TYR HB 294 -17.16 52.56 -81.71
N TRP HB 295 -18.15 51.78 -81.26
CA TRP HB 295 -19.59 52.13 -81.36
C TRP HB 295 -20.02 53.34 -80.47
N GLY HB 296 -19.48 53.46 -79.27
CA GLY HB 296 -19.89 54.51 -78.34
C GLY HB 296 -18.88 54.89 -77.28
N PHE HB 297 -19.07 56.05 -76.67
CA PHE HB 297 -18.20 56.50 -75.53
C PHE HB 297 -19.04 57.28 -74.48
N ARG HB 298 -18.63 57.30 -73.21
CA ARG HB 298 -19.27 58.13 -72.14
C ARG HB 298 -18.23 58.64 -71.09
N PRO HB 299 -18.39 59.82 -70.46
CA PRO HB 299 -17.54 60.25 -69.31
C PRO HB 299 -17.78 59.56 -67.95
N ARG HB 300 -16.74 59.31 -67.16
CA ARG HB 300 -16.87 58.60 -65.86
C ARG HB 300 -16.34 59.42 -64.68
N SER HB 301 -15.11 59.94 -64.76
CA SER HB 301 -14.48 60.65 -63.61
C SER HB 301 -13.69 61.90 -64.02
N LEU HB 302 -13.62 62.89 -63.14
CA LEU HB 302 -12.81 64.11 -63.35
C LEU HB 302 -11.90 64.45 -62.15
N ARG HB 303 -10.62 64.80 -62.36
CA ARG HB 303 -9.70 65.30 -61.30
C ARG HB 303 -9.06 66.65 -61.74
N VAL HB 304 -9.07 67.67 -60.87
CA VAL HB 304 -8.46 69.00 -61.16
C VAL HB 304 -7.39 69.43 -60.14
N LYS HB 305 -6.22 69.89 -60.59
CA LYS HB 305 -5.16 70.47 -59.71
C LYS HB 305 -4.73 71.88 -60.16
N ILE HB 306 -4.62 72.85 -59.24
CA ILE HB 306 -4.09 74.23 -59.53
C ILE HB 306 -2.79 74.42 -58.71
N PHE HB 307 -1.69 74.84 -59.33
CA PHE HB 307 -0.33 74.83 -58.71
C PHE HB 307 0.67 75.83 -59.32
N ASN HB 308 1.86 76.01 -58.72
CA ASN HB 308 2.98 76.91 -59.17
C ASN HB 308 2.54 78.37 -59.29
N ILE HB 309 1.78 78.84 -58.32
CA ILE HB 309 1.21 80.19 -58.29
C ILE HB 309 2.29 81.30 -58.19
N GLN HB 310 2.15 82.37 -58.97
CA GLN HB 310 3.08 83.52 -58.96
C GLN HB 310 2.27 84.84 -59.01
N VAL HB 311 2.44 85.68 -58.01
CA VAL HB 311 1.71 86.98 -57.92
C VAL HB 311 2.71 88.09 -58.26
N LYS HB 312 2.34 89.00 -59.16
CA LYS HB 312 3.20 90.09 -59.65
C LYS HB 312 2.58 91.47 -59.38
N GLU HB 313 3.40 92.45 -59.01
CA GLU HB 313 2.92 93.85 -58.80
C GLU HB 313 3.44 94.73 -59.94
N VAL HB 314 2.57 95.55 -60.50
CA VAL HB 314 2.94 96.41 -61.64
C VAL HB 314 2.94 97.86 -61.14
N THR HB 315 4.01 98.59 -61.39
CA THR HB 315 4.14 99.99 -60.92
C THR HB 315 4.51 100.88 -62.07
N VAL HB 316 3.90 102.06 -62.16
CA VAL HB 316 4.34 103.03 -63.22
C VAL HB 316 4.88 104.32 -62.61
N GLN HB 317 6.12 104.72 -62.94
CA GLN HB 317 6.61 106.05 -62.53
C GLN HB 317 7.07 106.76 -63.82
N ASP HB 318 6.43 107.87 -64.18
CA ASP HB 318 6.87 108.65 -65.37
C ASP HB 318 6.93 107.73 -66.61
N SER HB 319 5.99 106.80 -66.78
CA SER HB 319 5.90 105.94 -68.01
C SER HB 319 6.88 104.75 -68.05
N THR HB 320 7.67 104.47 -67.00
CA THR HB 320 8.56 103.27 -66.96
C THR HB 320 7.85 101.92 -66.99
N THR HB 321 6.73 101.72 -66.29
CA THR HB 321 6.03 100.39 -66.16
C THR HB 321 6.87 99.19 -65.65
N THR HB 322 7.60 99.29 -64.54
CA THR HB 322 8.30 98.11 -63.92
C THR HB 322 7.37 97.02 -63.38
N ILE HB 323 7.74 95.73 -63.51
CA ILE HB 323 6.97 94.57 -62.98
C ILE HB 323 7.82 93.78 -61.97
N ALA HB 324 7.28 93.42 -60.81
CA ALA HB 324 8.04 92.70 -59.75
C ALA HB 324 7.22 91.61 -59.04
N ASN HB 325 7.88 90.62 -58.50
CA ASN HB 325 7.21 89.57 -57.67
C ASN HB 325 6.76 90.06 -56.30
N ASN HB 326 5.57 89.68 -55.85
CA ASN HB 326 5.16 89.94 -54.44
C ASN HB 326 5.00 88.56 -53.78
N LEU HB 327 5.91 88.18 -52.89
CA LEU HB 327 5.92 86.86 -52.16
C LEU HB 327 4.75 86.67 -51.19
N THR HB 328 4.35 87.70 -50.48
CA THR HB 328 3.33 87.61 -49.41
C THR HB 328 1.88 87.75 -49.91
N SER HB 329 1.64 88.06 -51.19
CA SER HB 329 0.28 88.17 -51.79
C SER HB 329 -0.46 86.81 -51.96
N THR HB 330 -1.79 86.82 -51.94
CA THR HB 330 -2.61 85.57 -52.00
C THR HB 330 -3.58 85.50 -53.17
N VAL HB 331 -3.97 84.29 -53.52
CA VAL HB 331 -5.03 84.03 -54.54
C VAL HB 331 -6.14 83.26 -53.79
N GLN HB 332 -7.41 83.46 -54.13
CA GLN HB 332 -8.58 82.77 -53.49
C GLN HB 332 -9.33 81.84 -54.45
N VAL HB 333 -9.57 80.59 -54.06
CA VAL HB 333 -10.18 79.54 -54.93
C VAL HB 333 -11.35 78.80 -54.24
N PHE HB 334 -12.45 78.55 -54.95
CA PHE HB 334 -13.59 77.74 -54.43
C PHE HB 334 -14.35 76.96 -55.54
N THR HB 335 -15.08 75.92 -55.17
CA THR HB 335 -15.96 75.16 -56.10
C THR HB 335 -17.41 75.28 -55.62
N ASP HB 336 -18.36 75.54 -56.53
CA ASP HB 336 -19.82 75.64 -56.20
C ASP HB 336 -20.49 74.26 -56.23
N ASP HB 337 -20.29 73.44 -55.21
CA ASP HB 337 -20.79 72.04 -55.11
C ASP HB 337 -22.32 71.85 -55.07
N ASP HB 338 -23.08 72.72 -54.41
CA ASP HB 338 -24.56 72.60 -54.24
C ASP HB 338 -25.35 73.34 -55.32
N TYR HB 339 -24.70 73.95 -56.31
CA TYR HB 339 -25.36 74.62 -57.48
C TYR HB 339 -26.18 75.83 -57.07
N GLN HB 340 -25.79 76.51 -56.01
CA GLN HB 340 -26.41 77.76 -55.54
C GLN HB 340 -26.25 78.92 -56.55
N LEU HB 341 -25.10 79.03 -57.18
CA LEU HB 341 -24.83 80.07 -58.20
C LEU HB 341 -25.44 79.80 -59.56
N PRO HB 342 -25.73 80.85 -60.36
CA PRO HB 342 -26.11 80.62 -61.74
C PRO HB 342 -24.99 79.92 -62.55
N TYR HB 343 -25.29 78.89 -63.34
CA TYR HB 343 -24.26 78.09 -64.08
C TYR HB 343 -24.16 78.57 -65.52
N VAL HB 344 -23.04 79.17 -65.86
CA VAL HB 344 -22.85 79.78 -67.21
C VAL HB 344 -21.96 78.91 -68.10
N VAL HB 345 -21.45 77.77 -67.60
CA VAL HB 345 -20.47 76.89 -68.33
C VAL HB 345 -21.00 76.22 -69.63
N GLY HB 346 -22.24 75.80 -69.74
CA GLY HB 346 -22.75 74.97 -70.88
C GLY HB 346 -23.42 75.70 -72.03
N ASN HB 347 -23.13 76.97 -72.27
CA ASN HB 347 -23.83 77.86 -73.25
C ASN HB 347 -23.01 78.21 -74.51
N GLY HB 348 -21.98 77.44 -74.92
CA GLY HB 348 -21.13 77.67 -76.11
C GLY HB 348 -20.31 78.93 -76.14
N THR HB 349 -19.77 79.33 -75.00
CA THR HB 349 -18.97 80.56 -74.85
C THR HB 349 -17.48 80.32 -74.87
N GLU HB 350 -16.71 81.31 -75.28
CA GLU HB 350 -15.23 81.29 -75.33
C GLU HB 350 -14.52 81.38 -73.95
N GLY HB 351 -13.22 81.07 -73.88
CA GLY HB 351 -12.46 81.01 -72.60
C GLY HB 351 -12.11 79.65 -72.06
N CYS HB 352 -12.39 78.56 -72.77
CA CYS HB 352 -11.98 77.17 -72.39
C CYS HB 352 -10.46 76.95 -72.59
N LEU HB 353 -9.90 75.91 -71.98
CA LEU HB 353 -8.47 75.57 -72.15
C LEU HB 353 -8.18 75.34 -73.64
N PRO HB 354 -7.02 75.82 -74.14
CA PRO HB 354 -6.69 75.68 -75.55
C PRO HB 354 -6.45 74.30 -76.17
N ALA HB 355 -6.74 74.13 -77.46
CA ALA HB 355 -6.51 72.86 -78.21
C ALA HB 355 -5.02 72.48 -78.24
N PHE HB 356 -4.11 73.45 -78.38
CA PHE HB 356 -2.65 73.18 -78.50
C PHE HB 356 -2.00 73.38 -77.14
N PRO HB 357 -1.30 72.35 -76.56
CA PRO HB 357 -0.69 72.43 -75.23
C PRO HB 357 0.26 73.59 -74.86
N PRO HB 358 1.17 74.06 -75.75
CA PRO HB 358 2.03 75.23 -75.52
C PRO HB 358 1.35 76.60 -75.39
N GLN HB 359 0.15 76.78 -75.93
CA GLN HB 359 -0.59 78.08 -75.90
C GLN HB 359 -0.94 78.54 -74.47
N VAL HB 360 -0.80 79.83 -74.21
CA VAL HB 360 -1.02 80.40 -72.85
C VAL HB 360 -2.32 81.23 -72.91
N PHE HB 361 -3.19 81.08 -71.92
CA PHE HB 361 -4.54 81.70 -72.00
C PHE HB 361 -4.99 82.58 -70.82
N THR HB 362 -5.78 83.61 -71.15
CA THR HB 362 -6.45 84.47 -70.15
C THR HB 362 -7.76 83.85 -69.68
N LEU HB 363 -8.01 83.80 -68.36
CA LEU HB 363 -9.32 83.34 -67.80
C LEU HB 363 -10.45 84.32 -68.04
N PRO HB 364 -11.66 83.81 -68.39
CA PRO HB 364 -12.84 84.65 -68.50
C PRO HB 364 -13.39 85.28 -67.20
N GLN HB 365 -13.92 86.50 -67.25
CA GLN HB 365 -14.61 87.11 -66.08
C GLN HB 365 -16.04 86.58 -65.88
N TYR HB 366 -16.40 86.21 -64.64
CA TYR HB 366 -17.78 85.77 -64.26
C TYR HB 366 -18.82 86.91 -64.21
N GLY HB 367 -20.02 86.62 -64.70
CA GLY HB 367 -21.15 87.55 -64.74
C GLY HB 367 -22.40 86.74 -64.94
N TYR HB 368 -23.58 87.35 -64.75
CA TYR HB 368 -24.89 86.65 -64.93
C TYR HB 368 -25.99 87.63 -65.26
N ALA HB 369 -27.08 87.13 -65.83
CA ALA HB 369 -28.31 87.91 -66.03
C ALA HB 369 -29.40 87.38 -65.09
N THR HB 370 -30.09 88.25 -64.38
CA THR HB 370 -31.29 87.90 -63.55
C THR HB 370 -32.53 88.35 -64.32
N LEU HB 371 -33.64 88.57 -63.63
CA LEU HB 371 -34.89 89.07 -64.22
C LEU HB 371 -34.87 90.55 -64.65
N ASN HB 372 -35.60 90.87 -65.71
CA ASN HB 372 -35.69 92.26 -66.25
C ASN HB 372 -37.20 92.56 -66.38
N ARG HB 373 -37.61 93.81 -66.28
CA ARG HB 373 -39.06 94.14 -66.26
C ARG HB 373 -39.58 94.66 -67.61
N ASP HB 374 -40.60 94.01 -68.16
CA ASP HB 374 -41.31 94.41 -69.42
C ASP HB 374 -40.41 94.57 -70.65
N ASN HB 375 -39.43 93.68 -70.86
CA ASN HB 375 -38.48 93.76 -72.01
C ASN HB 375 -37.74 95.10 -72.00
N THR HB 376 -37.29 95.57 -70.83
CA THR HB 376 -36.54 96.84 -70.61
C THR HB 376 -35.32 96.57 -69.72
N GLU HB 377 -34.39 97.53 -69.53
CA GLU HB 377 -33.15 97.40 -68.71
C GLU HB 377 -33.40 97.36 -67.18
N ASN HB 378 -34.57 97.77 -66.72
CA ASN HB 378 -34.96 97.79 -65.28
C ASN HB 378 -35.18 96.42 -64.62
N PRO HB 379 -34.85 96.27 -63.33
CA PRO HB 379 -35.14 95.09 -62.52
C PRO HB 379 -36.59 94.89 -61.94
N THR HB 380 -36.85 93.74 -61.35
CA THR HB 380 -38.12 93.35 -60.72
C THR HB 380 -37.85 93.02 -59.26
N GLU HB 381 -38.88 92.92 -58.42
CA GLU HB 381 -38.78 92.52 -56.99
C GLU HB 381 -38.23 91.08 -56.86
N ARG HB 382 -38.56 90.18 -57.75
CA ARG HB 382 -38.03 88.79 -57.84
C ARG HB 382 -36.53 88.76 -58.22
N SER HB 383 -35.98 89.80 -58.85
CA SER HB 383 -34.57 89.87 -59.33
C SER HB 383 -33.59 89.70 -58.15
N SER HB 384 -32.52 88.92 -58.34
CA SER HB 384 -31.59 88.46 -57.27
C SER HB 384 -30.13 88.90 -57.41
N PHE HB 385 -29.50 89.21 -56.28
CA PHE HB 385 -28.06 89.54 -56.23
C PHE HB 385 -27.33 88.42 -55.48
N PHE HB 386 -26.23 87.98 -56.05
CA PHE HB 386 -25.38 86.93 -55.40
C PHE HB 386 -23.99 87.45 -55.11
N CYS HB 387 -23.50 87.30 -53.88
CA CYS HB 387 -22.11 87.64 -53.48
C CYS HB 387 -21.23 86.36 -53.40
N LEU HB 388 -20.10 86.30 -54.12
CA LEU HB 388 -19.12 85.18 -54.12
C LEU HB 388 -18.36 85.09 -52.79
N GLU HB 389 -18.06 86.24 -52.17
CA GLU HB 389 -17.30 86.34 -50.88
C GLU HB 389 -18.12 85.77 -49.72
N TYR HB 390 -19.44 85.63 -49.87
CA TYR HB 390 -20.33 84.96 -48.87
C TYR HB 390 -19.97 83.48 -48.75
N PHE HB 391 -19.61 82.78 -49.80
CA PHE HB 391 -19.13 81.37 -49.76
C PHE HB 391 -17.74 81.25 -49.12
N PRO HB 392 -17.40 80.13 -48.43
CA PRO HB 392 -16.00 79.90 -48.03
C PRO HB 392 -14.96 79.57 -49.17
N SER HB 393 -13.73 80.09 -49.11
CA SER HB 393 -12.68 79.85 -50.14
C SER HB 393 -11.28 79.54 -49.55
N LYS HB 394 -10.49 78.71 -50.23
CA LYS HB 394 -9.07 78.47 -49.86
C LYS HB 394 -8.20 79.69 -50.22
N MET HB 395 -7.22 80.04 -49.37
CA MET HB 395 -6.28 81.16 -49.66
C MET HB 395 -4.87 80.59 -49.96
N LEU HB 396 -4.28 80.99 -51.07
CA LEU HB 396 -2.97 80.42 -51.47
C LEU HB 396 -1.86 81.44 -51.70
N ARG HB 397 -0.70 81.22 -51.07
CA ARG HB 397 0.55 81.95 -51.37
C ARG HB 397 1.34 81.13 -52.45
N THR HB 398 2.53 81.58 -52.87
CA THR HB 398 3.42 80.94 -53.91
C THR HB 398 3.76 79.48 -53.63
N GLY HB 399 3.99 79.05 -52.39
CA GLY HB 399 4.15 77.65 -51.94
C GLY HB 399 2.95 76.74 -52.09
N ASN HB 400 1.73 77.23 -51.90
CA ASN HB 400 0.44 76.48 -51.85
C ASN HB 400 -0.17 75.92 -53.14
N ASN HB 401 -1.00 74.89 -53.04
CA ASN HB 401 -1.68 74.21 -54.19
C ASN HB 401 -3.15 73.88 -53.85
N PHE HB 402 -4.01 73.68 -54.85
CA PHE HB 402 -5.43 73.27 -54.67
C PHE HB 402 -5.78 72.01 -55.48
N GLU HB 403 -6.57 71.09 -54.93
CA GLU HB 403 -7.03 69.87 -55.68
C GLU HB 403 -8.55 69.61 -55.52
N PHE HB 404 -9.23 69.10 -56.57
CA PHE HB 404 -10.67 68.67 -56.52
C PHE HB 404 -10.90 67.32 -57.27
N THR HB 405 -11.88 66.52 -56.86
CA THR HB 405 -12.29 65.24 -57.54
C THR HB 405 -13.79 65.20 -57.78
N TYR HB 406 -14.25 64.69 -58.92
CA TYR HB 406 -15.70 64.55 -59.26
C TYR HB 406 -16.05 63.21 -59.91
N ASN HB 407 -17.25 62.67 -59.68
CA ASN HB 407 -17.77 61.45 -60.37
C ASN HB 407 -19.01 61.81 -61.19
N PHE HB 408 -19.06 61.39 -62.43
CA PHE HB 408 -20.22 61.65 -63.31
C PHE HB 408 -21.36 60.70 -62.94
N GLU HB 409 -22.61 61.13 -63.08
CA GLU HB 409 -23.81 60.27 -62.90
C GLU HB 409 -23.94 59.27 -64.07
N GLU HB 410 -24.66 58.17 -63.90
CA GLU HB 410 -24.90 57.26 -65.05
C GLU HB 410 -25.62 58.01 -66.18
N VAL HB 411 -25.13 57.85 -67.40
CA VAL HB 411 -25.67 58.57 -68.58
C VAL HB 411 -25.62 57.57 -69.74
N PRO HB 412 -26.48 57.66 -70.76
CA PRO HB 412 -26.35 56.81 -71.94
C PRO HB 412 -25.10 57.10 -72.81
N PHE HB 413 -24.50 56.08 -73.43
CA PHE HB 413 -23.34 56.25 -74.36
C PHE HB 413 -23.74 57.04 -75.60
N HIS HB 414 -22.90 57.94 -76.10
CA HIS HB 414 -23.13 58.60 -77.41
C HIS HB 414 -23.04 57.54 -78.52
N SER HB 415 -23.84 57.66 -79.57
CA SER HB 415 -23.80 56.70 -80.69
C SER HB 415 -22.86 57.12 -81.82
N SER HB 416 -21.66 56.55 -81.89
CA SER HB 416 -20.66 56.80 -82.96
C SER HB 416 -20.82 55.81 -84.12
N PHE HB 417 -21.94 55.85 -84.83
CA PHE HB 417 -22.21 54.94 -85.95
C PHE HB 417 -23.24 55.57 -86.87
N ALA HB 418 -23.26 55.12 -88.11
CA ALA HB 418 -24.28 55.55 -89.10
C ALA HB 418 -25.12 54.34 -89.46
N PRO HB 419 -26.46 54.49 -89.57
CA PRO HB 419 -27.30 53.40 -90.04
C PRO HB 419 -27.07 52.89 -91.47
N SER HB 420 -27.07 51.57 -91.64
CA SER HB 420 -26.88 50.93 -92.98
C SER HB 420 -28.24 50.58 -93.65
N GLN HB 421 -29.37 50.88 -93.01
CA GLN HB 421 -30.71 50.66 -93.60
C GLN HB 421 -31.66 51.85 -93.46
N ASN HB 422 -32.53 52.08 -94.43
CA ASN HB 422 -33.65 53.07 -94.36
C ASN HB 422 -34.75 52.55 -93.43
N LEU HB 423 -35.39 53.44 -92.64
CA LEU HB 423 -36.47 53.12 -91.67
C LEU HB 423 -37.70 52.53 -92.38
N PHE HB 424 -38.03 53.00 -93.57
CA PHE HB 424 -39.18 52.53 -94.38
C PHE HB 424 -38.88 51.31 -95.31
N LYS HB 425 -37.67 50.75 -95.41
CA LYS HB 425 -37.28 49.63 -96.32
C LYS HB 425 -36.93 48.32 -95.56
N LEU HB 426 -37.54 48.01 -94.42
CA LEU HB 426 -37.18 46.86 -93.54
C LEU HB 426 -37.85 45.50 -93.86
N ALA HB 427 -38.88 45.48 -94.69
CA ALA HB 427 -39.50 44.22 -95.14
C ALA HB 427 -38.53 43.47 -96.07
N ASN HB 428 -38.58 42.14 -96.08
CA ASN HB 428 -37.75 41.34 -97.01
C ASN HB 428 -38.14 41.74 -98.44
N PRO HB 429 -37.15 42.01 -99.32
CA PRO HB 429 -37.42 42.33 -100.72
C PRO HB 429 -38.09 41.21 -101.55
N LEU HB 430 -37.75 39.93 -101.35
CA LEU HB 430 -38.32 38.69 -101.96
C LEU HB 430 -39.78 38.34 -101.63
N VAL HB 431 -40.25 38.59 -100.41
CA VAL HB 431 -41.59 38.12 -99.96
C VAL HB 431 -42.71 39.19 -99.85
N ASP HB 432 -43.91 38.89 -100.37
CA ASP HB 432 -45.13 39.74 -100.25
C ASP HB 432 -45.75 39.74 -98.84
N GLN HB 433 -46.38 40.85 -98.46
CA GLN HB 433 -47.15 40.95 -97.19
C GLN HB 433 -48.51 40.24 -97.22
N TYR HB 434 -49.02 39.72 -96.09
CA TYR HB 434 -50.41 39.17 -96.01
C TYR HB 434 -51.44 40.31 -95.74
N LEU HB 435 -51.17 41.52 -96.16
CA LEU HB 435 -51.99 42.72 -95.84
C LEU HB 435 -52.43 43.43 -97.11
N TYR HB 436 -53.58 44.09 -97.05
CA TYR HB 436 -54.18 44.71 -98.26
C TYR HB 436 -54.48 46.19 -98.05
N ARG HB 437 -54.54 46.94 -99.14
CA ARG HB 437 -54.76 48.41 -99.09
C ARG HB 437 -55.92 48.81 -100.02
N PHE HB 438 -56.58 49.93 -99.71
CA PHE HB 438 -57.63 50.46 -100.59
C PHE HB 438 -56.99 51.25 -101.70
N VAL HB 439 -57.38 50.93 -102.91
CA VAL HB 439 -56.83 51.65 -104.08
C VAL HB 439 -57.89 52.35 -104.94
N SER HB 440 -59.15 52.00 -104.80
CA SER HB 440 -60.13 52.48 -105.82
C SER HB 440 -61.62 52.44 -105.46
N THR HB 441 -62.41 53.15 -106.23
CA THR HB 441 -63.88 53.09 -106.13
C THR HB 441 -64.35 52.83 -107.57
N ASN HB 442 -65.40 52.03 -107.80
CA ASN HB 442 -65.97 51.75 -109.16
C ASN HB 442 -66.98 52.83 -109.63
N ASN HB 443 -67.65 52.65 -110.77
CA ASN HB 443 -68.60 53.65 -111.37
C ASN HB 443 -69.72 53.90 -110.36
N THR HB 444 -70.23 52.89 -109.67
CA THR HB 444 -71.11 53.09 -108.50
C THR HB 444 -70.05 53.19 -107.45
N GLY HB 445 -70.09 54.07 -106.47
CA GLY HB 445 -68.86 54.24 -105.67
C GLY HB 445 -68.55 53.13 -104.68
N GLY HB 446 -68.22 51.93 -105.17
CA GLY HB 446 -67.95 50.75 -104.33
C GLY HB 446 -66.47 50.52 -104.14
N VAL HB 447 -66.03 50.29 -102.92
CA VAL HB 447 -64.57 50.18 -102.56
C VAL HB 447 -63.86 48.95 -103.15
N GLN HB 448 -62.60 49.12 -103.53
CA GLN HB 448 -61.79 48.05 -104.19
C GLN HB 448 -60.43 47.94 -103.49
N PHE HB 449 -59.84 46.74 -103.46
CA PHE HB 449 -58.59 46.49 -102.70
C PHE HB 449 -57.54 45.72 -103.51
N ASN HB 450 -56.26 45.91 -103.19
CA ASN HB 450 -55.13 45.17 -103.83
C ASN HB 450 -54.17 44.71 -102.76
N LYS HB 451 -53.53 43.56 -102.94
CA LYS HB 451 -52.47 43.02 -102.04
C LYS HB 451 -51.15 43.80 -102.14
N ASN HB 452 -50.38 43.80 -101.05
CA ASN HB 452 -49.07 44.51 -101.04
C ASN HB 452 -47.96 43.57 -101.53
N LEU HB 453 -47.31 43.91 -102.65
CA LEU HB 453 -46.25 43.09 -103.30
C LEU HB 453 -44.83 43.27 -102.72
N ALA HB 454 -43.95 42.30 -102.97
CA ALA HB 454 -42.54 42.35 -102.49
C ALA HB 454 -41.73 43.52 -103.08
N GLY HB 455 -41.02 44.26 -102.21
CA GLY HB 455 -40.17 45.39 -102.60
C GLY HB 455 -40.89 46.70 -102.87
N ARG HB 456 -42.21 46.76 -102.73
CA ARG HB 456 -43.02 47.98 -102.99
C ARG HB 456 -43.10 48.83 -101.71
N TYR HB 457 -42.01 49.51 -101.33
CA TYR HB 457 -41.83 50.29 -100.05
C TYR HB 457 -42.78 51.48 -99.98
N ALA HB 458 -43.16 52.02 -101.13
CA ALA HB 458 -44.15 53.10 -101.20
C ALA HB 458 -45.50 52.66 -100.60
N ASN HB 459 -45.92 51.40 -100.76
CA ASN HB 459 -47.27 50.90 -100.34
C ASN HB 459 -47.29 49.84 -99.23
N THR HB 460 -46.41 49.81 -98.26
CA THR HB 460 -46.21 48.70 -97.30
C THR HB 460 -46.66 49.18 -95.93
N TYR HB 461 -47.23 48.31 -95.12
CA TYR HB 461 -47.62 48.63 -93.72
C TYR HB 461 -46.35 48.85 -92.93
N LYS HB 462 -46.35 49.84 -92.03
CA LYS HB 462 -45.12 50.22 -91.28
C LYS HB 462 -45.32 50.19 -89.77
N ASN HB 463 -44.45 49.55 -89.01
CA ASN HB 463 -44.40 49.61 -87.51
C ASN HB 463 -43.95 50.95 -86.89
N TRP HB 464 -42.99 51.64 -87.47
CA TRP HB 464 -42.28 52.75 -86.80
C TRP HB 464 -42.24 54.01 -87.62
N PHE HB 465 -42.11 55.13 -86.96
CA PHE HB 465 -42.23 56.45 -87.63
C PHE HB 465 -41.00 57.29 -87.35
N PRO HB 466 -40.68 58.21 -88.26
CA PRO HB 466 -39.58 59.16 -88.06
C PRO HB 466 -39.80 60.23 -86.99
N GLY HB 467 -38.72 60.82 -86.50
CA GLY HB 467 -38.74 61.84 -85.42
C GLY HB 467 -39.26 63.22 -85.80
N PRO HB 468 -39.51 64.08 -84.79
CA PRO HB 468 -40.13 65.39 -85.01
C PRO HB 468 -39.41 66.44 -85.88
N MET HB 469 -40.18 67.23 -86.64
CA MET HB 469 -39.58 68.18 -87.61
C MET HB 469 -40.21 69.59 -87.59
N GLY HB 470 -39.46 70.66 -87.83
CA GLY HB 470 -40.01 72.02 -88.10
C GLY HB 470 -39.34 72.59 -89.33
N ARG HB 471 -40.04 73.10 -90.35
CA ARG HB 471 -39.36 73.54 -91.60
C ARG HB 471 -38.41 74.77 -91.42
N THR HB 472 -37.18 74.70 -91.98
CA THR HB 472 -36.15 75.76 -91.92
C THR HB 472 -35.62 76.02 -93.31
N GLN HB 473 -35.33 77.27 -93.68
CA GLN HB 473 -34.92 77.64 -95.06
C GLN HB 473 -33.59 76.98 -95.50
N GLY HB 474 -33.51 76.57 -96.77
CA GLY HB 474 -32.31 75.95 -97.34
C GLY HB 474 -31.55 76.89 -98.25
N TRP HB 475 -30.23 76.96 -98.05
CA TRP HB 475 -29.35 77.84 -98.87
C TRP HB 475 -28.25 77.02 -99.56
N ASN HB 476 -28.03 77.27 -100.85
CA ASN HB 476 -26.97 76.57 -101.64
C ASN HB 476 -25.58 77.09 -101.29
N LEU HB 477 -24.58 76.24 -101.35
CA LEU HB 477 -23.16 76.55 -101.02
C LEU HB 477 -22.33 76.17 -102.26
N GLY HB 478 -21.11 76.68 -102.40
CA GLY HB 478 -20.31 76.42 -103.62
C GLY HB 478 -20.92 77.00 -104.87
N SER HB 479 -21.23 76.17 -105.86
CA SER HB 479 -21.84 76.64 -107.12
C SER HB 479 -23.20 77.28 -106.81
N GLY HB 480 -24.01 76.72 -105.89
CA GLY HB 480 -25.17 77.49 -105.38
C GLY HB 480 -26.21 77.95 -106.37
N VAL HB 481 -26.49 79.25 -106.46
CA VAL HB 481 -27.58 79.85 -107.30
C VAL HB 481 -28.72 80.44 -106.42
N ASN HB 482 -28.44 80.85 -105.18
CA ASN HB 482 -29.41 81.51 -104.22
C ASN HB 482 -29.83 82.95 -104.56
N ARG HB 483 -30.95 83.44 -104.00
CA ARG HB 483 -31.48 84.83 -104.19
C ARG HB 483 -30.57 85.96 -103.66
N ALA HB 484 -30.42 87.05 -104.41
CA ALA HB 484 -29.50 88.19 -104.11
C ALA HB 484 -29.98 89.25 -103.13
N SER HB 485 -29.04 89.92 -102.43
CA SER HB 485 -29.31 91.09 -101.56
C SER HB 485 -30.34 90.86 -100.44
N VAL HB 486 -30.28 89.73 -99.76
CA VAL HB 486 -31.29 89.38 -98.72
C VAL HB 486 -30.82 89.74 -97.31
N SER HB 487 -31.70 90.32 -96.49
CA SER HB 487 -31.40 90.48 -95.04
C SER HB 487 -32.11 89.31 -94.36
N ALA HB 488 -31.39 88.41 -93.72
CA ALA HB 488 -31.92 87.15 -93.13
C ALA HB 488 -32.92 87.24 -91.97
N PHE HB 489 -32.81 88.18 -91.01
CA PHE HB 489 -33.53 88.14 -89.71
C PHE HB 489 -35.09 88.12 -89.73
N ALA HB 490 -35.77 88.86 -90.58
CA ALA HB 490 -37.25 88.91 -90.61
C ALA HB 490 -37.85 87.54 -90.92
N THR HB 491 -37.23 86.76 -91.80
CA THR HB 491 -37.75 85.44 -92.24
C THR HB 491 -37.19 84.26 -91.47
N THR HB 492 -36.39 84.46 -90.43
CA THR HB 492 -35.82 83.39 -89.58
C THR HB 492 -36.82 82.72 -88.65
N ASN HB 493 -36.58 81.47 -88.24
CA ASN HB 493 -37.42 80.72 -87.26
C ASN HB 493 -37.36 81.35 -85.87
N ARG HB 494 -38.48 81.41 -85.15
CA ARG HB 494 -38.52 82.09 -83.84
C ARG HB 494 -39.45 81.42 -82.83
N MET HB 495 -39.19 81.61 -81.54
CA MET HB 495 -40.11 81.17 -80.45
C MET HB 495 -40.38 82.42 -79.59
N GLU HB 496 -41.59 82.56 -79.03
CA GLU HB 496 -41.99 83.77 -78.25
C GLU HB 496 -41.96 83.48 -76.74
N LEU HB 497 -41.22 84.26 -75.94
CA LEU HB 497 -41.21 84.13 -74.45
C LEU HB 497 -41.43 85.49 -73.81
N GLU HB 498 -42.36 85.64 -72.85
CA GLU HB 498 -42.56 86.88 -72.02
C GLU HB 498 -42.79 88.14 -72.87
N GLY HB 499 -43.49 88.07 -73.99
CA GLY HB 499 -43.64 89.24 -74.88
C GLY HB 499 -42.50 89.55 -75.86
N ALA HB 500 -41.48 88.71 -76.01
CA ALA HB 500 -40.43 89.00 -77.02
C ALA HB 500 -40.21 87.82 -78.00
N SER HB 501 -39.76 88.09 -79.22
CA SER HB 501 -39.46 87.05 -80.25
C SER HB 501 -37.97 86.71 -80.24
N TYR HB 502 -37.66 85.44 -80.11
CA TYR HB 502 -36.24 85.01 -80.04
C TYR HB 502 -35.86 84.06 -81.13
N GLN HB 503 -34.72 84.29 -81.75
CA GLN HB 503 -34.15 83.27 -82.66
C GLN HB 503 -33.68 82.12 -81.76
N VAL HB 504 -33.82 80.90 -82.22
CA VAL HB 504 -33.41 79.68 -81.47
C VAL HB 504 -32.49 78.99 -82.48
N PRO HB 505 -31.24 79.46 -82.64
CA PRO HB 505 -30.34 79.05 -83.71
C PRO HB 505 -29.98 77.60 -83.82
N PRO HB 506 -29.75 76.75 -82.79
CA PRO HB 506 -29.63 75.33 -83.09
C PRO HB 506 -31.13 74.98 -83.15
N GLN HB 507 -31.61 74.27 -84.14
CA GLN HB 507 -33.07 73.89 -84.01
C GLN HB 507 -33.18 72.68 -83.03
N PRO HB 508 -34.38 72.25 -82.56
CA PRO HB 508 -34.53 71.04 -81.74
C PRO HB 508 -34.22 69.68 -82.45
N ASN HB 509 -33.77 68.62 -81.75
CA ASN HB 509 -33.33 67.31 -82.35
C ASN HB 509 -34.36 66.50 -83.18
N GLY HB 510 -33.89 65.60 -84.08
CA GLY HB 510 -34.72 64.76 -84.98
C GLY HB 510 -34.74 65.12 -86.43
N MET HB 511 -33.93 66.07 -86.86
CA MET HB 511 -33.86 66.43 -88.28
C MET HB 511 -32.45 66.31 -88.89
N THR HB 512 -32.34 66.31 -90.22
CA THR HB 512 -31.02 66.40 -90.91
C THR HB 512 -30.96 67.70 -91.73
N ASN HB 513 -29.93 68.52 -91.56
CA ASN HB 513 -29.63 69.76 -92.37
C ASN HB 513 -29.25 69.53 -93.86
N ASN HB 514 -28.50 68.50 -94.20
CA ASN HB 514 -27.96 68.29 -95.58
C ASN HB 514 -28.26 66.86 -96.08
N LEU HB 515 -28.71 66.69 -97.32
CA LEU HB 515 -28.95 65.33 -97.93
C LEU HB 515 -27.74 64.38 -98.21
N GLN HB 516 -26.57 64.80 -98.71
CA GLN HB 516 -25.40 63.93 -99.11
C GLN HB 516 -25.15 64.28 -100.57
N GLY HB 517 -23.90 64.49 -100.97
CA GLY HB 517 -23.77 65.12 -102.29
C GLY HB 517 -24.42 66.46 -101.97
N SER HB 518 -25.49 66.87 -102.63
CA SER HB 518 -26.21 68.15 -102.42
C SER HB 518 -25.47 69.33 -101.74
N ASN HB 519 -25.70 70.52 -102.30
CA ASN HB 519 -25.08 71.76 -101.75
C ASN HB 519 -26.14 72.59 -101.02
N THR HB 520 -27.33 72.02 -100.78
CA THR HB 520 -28.36 72.70 -99.98
C THR HB 520 -28.18 72.40 -98.50
N TYR HB 521 -28.15 73.44 -97.69
CA TYR HB 521 -27.96 73.30 -96.22
C TYR HB 521 -29.00 74.14 -95.55
N ALA HB 522 -29.58 73.60 -94.49
CA ALA HB 522 -30.46 74.47 -93.70
C ALA HB 522 -29.53 75.12 -92.65
N LEU HB 523 -29.17 76.40 -92.83
CA LEU HB 523 -28.14 77.12 -92.02
C LEU HB 523 -28.47 77.28 -90.52
N GLU HB 524 -29.74 77.49 -90.16
CA GLU HB 524 -30.18 77.62 -88.75
C GLU HB 524 -30.27 76.26 -88.06
N ASN HB 525 -30.11 75.14 -88.75
CA ASN HB 525 -30.03 73.78 -88.15
C ASN HB 525 -28.57 73.29 -88.08
N THR HB 526 -27.58 74.12 -88.38
CA THR HB 526 -26.16 73.66 -88.47
C THR HB 526 -25.26 74.36 -87.46
N MET HB 527 -24.36 73.63 -86.82
CA MET HB 527 -23.28 74.24 -86.00
C MET HB 527 -22.23 74.87 -86.94
N ILE HB 528 -21.96 76.16 -86.78
CA ILE HB 528 -20.93 76.89 -87.58
C ILE HB 528 -19.77 77.33 -86.67
N PHE HB 529 -18.53 77.06 -87.07
CA PHE HB 529 -17.32 77.31 -86.25
C PHE HB 529 -16.29 78.06 -87.08
N ASN HB 530 -15.33 78.70 -86.43
CA ASN HB 530 -14.19 79.38 -87.11
C ASN HB 530 -12.93 78.53 -86.90
N SER HB 531 -12.10 78.36 -87.93
CA SER HB 531 -10.80 77.64 -87.80
C SER HB 531 -9.86 78.37 -86.84
N GLN HB 532 -9.85 79.71 -86.88
CA GLN HB 532 -8.97 80.54 -86.02
C GLN HB 532 -9.77 81.28 -84.95
N PRO HB 533 -9.21 81.53 -83.75
CA PRO HB 533 -9.88 82.34 -82.71
C PRO HB 533 -10.01 83.82 -83.13
N ALA HB 534 -11.04 84.48 -82.60
CA ALA HB 534 -11.35 85.87 -83.02
C ALA HB 534 -11.23 86.87 -81.87
N ASN HB 535 -10.94 88.12 -82.22
CA ASN HB 535 -10.91 89.23 -81.23
C ASN HB 535 -12.33 89.53 -80.73
N PRO HB 536 -12.51 89.94 -79.46
CA PRO HB 536 -13.83 90.29 -78.96
C PRO HB 536 -14.54 91.48 -79.61
N GLY HB 537 -15.85 91.35 -79.86
CA GLY HB 537 -16.68 92.43 -80.42
C GLY HB 537 -16.59 92.61 -81.91
N THR HB 538 -15.94 91.69 -82.63
CA THR HB 538 -15.78 91.85 -84.08
C THR HB 538 -17.15 91.92 -84.77
N THR HB 539 -17.31 92.82 -85.74
CA THR HB 539 -18.55 92.94 -86.53
C THR HB 539 -18.25 92.63 -87.99
N ALA HB 540 -17.09 92.05 -88.30
CA ALA HB 540 -16.64 91.73 -89.68
C ALA HB 540 -17.51 90.68 -90.40
N THR HB 541 -17.77 90.86 -91.70
CA THR HB 541 -18.46 89.83 -92.51
C THR HB 541 -17.54 88.66 -92.77
N TYR HB 542 -18.07 87.44 -92.74
CA TYR HB 542 -17.28 86.24 -93.06
C TYR HB 542 -17.93 85.48 -94.20
N LEU HB 543 -17.15 85.15 -95.20
CA LEU HB 543 -17.60 84.27 -96.31
C LEU HB 543 -17.48 82.78 -95.94
N GLU HB 544 -18.01 81.87 -96.75
CA GLU HB 544 -18.04 80.41 -96.52
C GLU HB 544 -16.65 79.77 -96.39
N GLY HB 545 -15.66 80.22 -97.17
CA GLY HB 545 -14.29 79.66 -97.14
C GLY HB 545 -13.65 79.79 -95.78
N ASN HB 546 -13.82 80.90 -95.07
CA ASN HB 546 -13.35 81.05 -93.68
C ASN HB 546 -14.06 80.09 -92.70
N MET HB 547 -15.34 79.80 -92.88
CA MET HB 547 -16.14 79.03 -91.89
C MET HB 547 -15.99 77.51 -91.93
N LEU HB 548 -16.18 76.84 -90.79
CA LEU HB 548 -16.22 75.35 -90.75
C LEU HB 548 -17.70 74.97 -90.61
N ILE HB 549 -18.30 74.33 -91.61
CA ILE HB 549 -19.78 74.03 -91.60
C ILE HB 549 -20.01 72.52 -91.52
N THR HB 550 -20.74 72.07 -90.51
CA THR HB 550 -21.06 70.65 -90.26
C THR HB 550 -22.22 70.10 -91.11
N SER HB 551 -22.24 68.80 -91.33
CA SER HB 551 -23.32 68.10 -92.09
C SER HB 551 -23.81 66.93 -91.23
N GLU HB 552 -25.10 66.65 -91.23
CA GLU HB 552 -25.74 65.55 -90.46
C GLU HB 552 -26.24 64.47 -91.43
N SER HB 553 -25.67 64.35 -92.63
CA SER HB 553 -26.13 63.47 -93.73
C SER HB 553 -26.14 61.98 -93.36
N GLU HB 554 -25.35 61.51 -92.41
CA GLU HB 554 -25.32 60.11 -91.90
C GLU HB 554 -26.68 59.71 -91.28
N THR HB 555 -27.39 60.61 -90.63
CA THR HB 555 -28.68 60.37 -89.93
C THR HB 555 -29.89 60.39 -90.87
N GLN HB 556 -29.71 60.67 -92.17
CA GLN HB 556 -30.79 60.83 -93.19
C GLN HB 556 -31.65 59.54 -93.33
N PRO HB 557 -31.14 58.29 -93.24
CA PRO HB 557 -32.01 57.11 -93.21
C PRO HB 557 -33.13 57.10 -92.15
N VAL HB 558 -32.97 57.74 -90.97
CA VAL HB 558 -34.03 57.94 -89.93
C VAL HB 558 -34.45 59.40 -89.63
N ASN HB 559 -33.84 60.44 -90.19
CA ASN HB 559 -34.16 61.84 -89.78
C ASN HB 559 -34.67 62.60 -90.98
N ARG HB 560 -35.79 63.29 -90.81
CA ARG HB 560 -36.40 64.08 -91.91
C ARG HB 560 -35.55 65.32 -92.28
N VAL HB 561 -35.56 65.71 -93.54
CA VAL HB 561 -34.84 66.93 -94.01
C VAL HB 561 -35.56 68.24 -93.60
N ALA HB 562 -34.84 69.19 -93.00
CA ALA HB 562 -35.35 70.49 -92.49
C ALA HB 562 -35.92 71.42 -93.58
N TYR HB 563 -35.27 71.52 -94.73
CA TYR HB 563 -35.72 72.40 -95.85
C TYR HB 563 -37.07 71.95 -96.44
N ASN HB 564 -37.33 70.65 -96.55
CA ASN HB 564 -38.57 70.08 -97.15
C ASN HB 564 -39.81 70.04 -96.24
N VAL HB 565 -41.03 69.95 -96.79
CA VAL HB 565 -42.30 69.68 -96.03
C VAL HB 565 -42.31 68.27 -95.43
N GLY HB 566 -42.85 68.05 -94.23
CA GLY HB 566 -42.97 66.73 -93.54
C GLY HB 566 -43.84 65.64 -94.14
N GLY HB 567 -45.01 65.93 -94.69
CA GLY HB 567 -45.97 64.92 -95.17
C GLY HB 567 -47.29 65.54 -95.52
N GLN HB 568 -48.33 64.73 -95.75
CA GLN HB 568 -49.71 65.22 -96.08
C GLN HB 568 -50.78 64.53 -95.19
N MET HB 569 -51.89 65.20 -94.88
CA MET HB 569 -53.04 64.67 -94.10
C MET HB 569 -54.36 65.06 -94.76
N ALA HB 570 -55.48 64.37 -94.49
CA ALA HB 570 -56.84 64.68 -95.03
C ALA HB 570 -57.44 66.00 -94.51
N THR HB 571 -58.04 66.77 -95.42
CA THR HB 571 -58.61 68.10 -95.08
C THR HB 571 -60.14 68.16 -95.27
N ASN HB 572 -60.81 67.07 -95.61
CA ASN HB 572 -62.24 67.12 -96.00
C ASN HB 572 -62.92 65.77 -95.80
N ASN HB 573 -64.23 65.73 -96.00
CA ASN HB 573 -64.97 64.44 -96.04
C ASN HB 573 -65.43 64.23 -97.48
N GLN HB 574 -65.13 63.08 -98.09
CA GLN HB 574 -65.56 62.72 -99.47
C GLN HB 574 -67.08 62.42 -99.50
N SER HB 575 -67.72 62.64 -100.63
CA SER HB 575 -69.18 62.41 -100.81
C SER HB 575 -69.40 62.19 -102.32
N SER HB 576 -70.56 61.75 -102.73
CA SER HB 576 -70.80 61.65 -104.19
C SER HB 576 -70.64 63.03 -104.82
N THR HB 577 -71.13 64.09 -104.19
CA THR HB 577 -70.90 65.49 -104.63
C THR HB 577 -69.44 65.93 -104.53
N THR HB 578 -68.71 65.54 -103.49
CA THR HB 578 -67.34 66.08 -103.25
C THR HB 578 -66.18 65.10 -103.38
N ALA HB 579 -65.18 65.44 -104.18
CA ALA HB 579 -63.93 64.64 -104.30
C ALA HB 579 -63.06 64.74 -103.04
N PRO HB 580 -62.29 63.70 -102.69
CA PRO HB 580 -61.36 63.78 -101.57
C PRO HB 580 -60.16 64.75 -101.72
N ALA HB 581 -59.70 65.39 -100.64
CA ALA HB 581 -58.62 66.41 -100.67
C ALA HB 581 -57.56 66.19 -99.58
N THR HB 582 -56.31 66.58 -99.84
CA THR HB 582 -55.21 66.48 -98.85
C THR HB 582 -54.51 67.81 -98.69
N GLY HB 583 -53.82 68.01 -97.56
CA GLY HB 583 -52.99 69.21 -97.37
C GLY HB 583 -51.62 68.89 -96.80
N THR HB 584 -50.56 69.57 -97.25
CA THR HB 584 -49.18 69.44 -96.65
C THR HB 584 -49.05 70.12 -95.29
N TYR HB 585 -48.18 69.64 -94.43
CA TYR HB 585 -47.87 70.25 -93.11
C TYR HB 585 -46.35 70.69 -93.03
N ASN HB 586 -46.02 71.81 -92.38
CA ASN HB 586 -44.62 72.33 -92.25
C ASN HB 586 -44.00 71.98 -90.88
N LEU HB 587 -44.81 71.48 -89.94
CA LEU HB 587 -44.30 71.09 -88.60
C LEU HB 587 -45.02 69.86 -88.04
N GLN HB 588 -44.33 69.01 -87.29
CA GLN HB 588 -44.96 67.87 -86.58
C GLN HB 588 -44.13 67.61 -85.32
N GLU HB 589 -44.72 67.03 -84.29
CA GLU HB 589 -44.04 66.83 -82.99
C GLU HB 589 -44.10 65.34 -82.67
N ILE HB 590 -43.69 64.92 -81.49
CA ILE HB 590 -43.58 63.49 -81.10
C ILE HB 590 -44.91 62.73 -81.17
N VAL HB 591 -44.85 61.51 -81.68
CA VAL HB 591 -46.03 60.61 -81.81
C VAL HB 591 -45.57 59.27 -81.21
N PRO HB 592 -46.44 58.41 -80.70
CA PRO HB 592 -46.01 57.09 -80.23
C PRO HB 592 -45.43 56.20 -81.36
N GLY HB 593 -44.37 55.44 -81.09
CA GLY HB 593 -43.65 54.67 -82.12
C GLY HB 593 -42.59 55.46 -82.89
N SER HB 594 -42.30 56.69 -82.47
CA SER HB 594 -41.28 57.60 -83.05
C SER HB 594 -39.83 57.17 -82.74
N VAL HB 595 -38.96 57.20 -83.75
CA VAL HB 595 -37.50 56.86 -83.61
C VAL HB 595 -36.69 57.98 -84.29
N TRP HB 596 -35.54 58.35 -83.70
CA TRP HB 596 -34.63 59.38 -84.29
C TRP HB 596 -33.19 59.22 -83.77
N MET HB 597 -32.27 59.89 -84.42
CA MET HB 597 -30.84 59.96 -83.97
C MET HB 597 -30.52 61.38 -83.46
N GLU HB 598 -29.84 61.49 -82.32
CA GLU HB 598 -29.36 62.79 -81.75
C GLU HB 598 -28.19 63.37 -82.55
N ARG HB 599 -27.96 64.68 -82.45
CA ARG HB 599 -26.83 65.37 -83.13
C ARG HB 599 -25.44 64.82 -82.74
N ASP HB 600 -24.53 64.76 -83.70
CA ASP HB 600 -23.14 64.28 -83.50
C ASP HB 600 -22.24 65.25 -82.74
N VAL HB 601 -21.32 64.72 -81.95
CA VAL HB 601 -20.24 65.53 -81.28
C VAL HB 601 -19.08 65.85 -82.25
N TYR HB 602 -18.36 66.93 -81.99
CA TYR HB 602 -17.21 67.36 -82.81
C TYR HB 602 -16.03 67.59 -81.88
N LEU HB 603 -14.80 67.46 -82.37
CA LEU HB 603 -13.58 67.73 -81.57
C LEU HB 603 -13.57 69.22 -81.12
N GLN HB 604 -13.94 70.16 -81.99
CA GLN HB 604 -14.13 71.61 -81.71
C GLN HB 604 -15.32 71.89 -80.74
N GLY HB 605 -16.34 71.03 -80.68
CA GLY HB 605 -17.54 71.17 -79.84
C GLY HB 605 -17.56 70.87 -78.35
N PRO HB 606 -18.64 71.29 -77.64
CA PRO HB 606 -18.89 70.94 -76.23
C PRO HB 606 -19.29 69.54 -75.72
N ILE HB 607 -18.72 69.04 -74.62
CA ILE HB 607 -19.16 67.77 -73.95
C ILE HB 607 -20.53 67.75 -73.21
N TRP HB 608 -20.86 68.75 -72.40
CA TRP HB 608 -22.05 68.67 -71.51
C TRP HB 608 -22.87 69.95 -71.38
N ALA HB 609 -24.11 69.84 -70.91
CA ALA HB 609 -24.97 71.00 -70.58
C ALA HB 609 -25.74 70.65 -69.30
N LYS HB 610 -26.05 71.66 -68.49
CA LYS HB 610 -26.87 71.47 -67.27
C LYS HB 610 -28.38 71.47 -67.59
N ILE HB 611 -29.10 70.46 -67.12
CA ILE HB 611 -30.58 70.45 -67.23
C ILE HB 611 -31.15 71.53 -66.29
N PRO HB 612 -32.07 72.40 -66.76
CA PRO HB 612 -32.68 73.43 -65.90
C PRO HB 612 -33.66 72.91 -64.85
N GLU HB 613 -33.68 73.50 -63.65
CA GLU HB 613 -34.54 72.96 -62.56
C GLU HB 613 -35.94 73.61 -62.56
N THR HB 614 -36.94 72.95 -63.13
CA THR HB 614 -38.32 73.45 -63.22
C THR HB 614 -39.26 72.48 -62.57
N GLY HB 615 -38.81 71.25 -62.35
CA GLY HB 615 -39.64 70.14 -61.87
C GLY HB 615 -40.32 69.35 -62.99
N ALA HB 616 -40.28 69.79 -64.26
CA ALA HB 616 -40.82 69.02 -65.39
C ALA HB 616 -39.96 69.12 -66.65
N HIS HB 617 -39.67 68.02 -67.31
CA HIS HB 617 -38.90 68.04 -68.59
C HIS HB 617 -39.21 66.79 -69.43
N PHE HB 618 -38.94 66.84 -70.72
CA PHE HB 618 -39.05 65.64 -71.59
C PHE HB 618 -37.75 65.37 -72.32
N HIS HB 619 -37.23 64.12 -72.30
CA HIS HB 619 -36.05 63.66 -73.12
C HIS HB 619 -34.91 64.67 -73.08
N PRO HB 620 -34.01 64.58 -72.08
CA PRO HB 620 -33.03 65.65 -71.86
C PRO HB 620 -31.67 65.64 -72.52
N SER HB 621 -31.69 65.77 -73.82
CA SER HB 621 -30.46 65.79 -74.63
C SER HB 621 -30.30 67.22 -75.18
N PRO HB 622 -29.16 67.92 -74.93
CA PRO HB 622 -29.02 69.29 -75.40
C PRO HB 622 -28.94 69.50 -76.93
N ALA HB 623 -29.49 70.58 -77.46
CA ALA HB 623 -29.56 70.83 -78.92
C ALA HB 623 -28.19 70.98 -79.62
N MET HB 624 -27.21 71.65 -79.00
CA MET HB 624 -25.83 71.82 -79.52
C MET HB 624 -25.14 70.46 -79.64
N GLY HB 625 -25.43 69.52 -78.75
CA GLY HB 625 -24.84 68.17 -78.74
C GLY HB 625 -24.33 67.81 -77.36
N GLY HB 626 -23.91 66.57 -77.16
CA GLY HB 626 -23.35 66.14 -75.86
C GLY HB 626 -24.25 65.51 -74.82
N PHE HB 627 -23.85 65.56 -73.57
CA PHE HB 627 -24.53 64.87 -72.45
C PHE HB 627 -25.25 65.87 -71.54
N GLY HB 628 -26.52 65.61 -71.26
CA GLY HB 628 -27.34 66.46 -70.38
C GLY HB 628 -27.28 65.95 -68.98
N LEU HB 629 -26.86 66.79 -68.05
CA LEU HB 629 -26.62 66.33 -66.66
C LEU HB 629 -27.42 67.10 -65.62
N LYS HB 630 -28.12 66.41 -64.74
CA LYS HB 630 -28.78 67.03 -63.56
C LYS HB 630 -27.74 67.63 -62.60
N HIS HB 631 -26.64 66.93 -62.36
CA HIS HB 631 -25.55 67.43 -61.47
C HIS HB 631 -24.26 67.48 -62.26
N PRO HB 632 -24.00 68.60 -62.96
CA PRO HB 632 -22.81 68.79 -63.78
C PRO HB 632 -21.49 69.02 -63.07
N PRO HB 633 -20.32 68.85 -63.72
CA PRO HB 633 -19.08 69.15 -63.03
C PRO HB 633 -19.15 70.63 -62.57
N PRO HB 634 -18.81 70.94 -61.31
CA PRO HB 634 -19.02 72.27 -60.75
C PRO HB 634 -18.20 73.50 -61.16
N MET HB 635 -18.78 74.69 -61.05
CA MET HB 635 -18.07 75.96 -61.33
C MET HB 635 -16.85 76.18 -60.40
N MET HB 636 -15.70 76.52 -60.99
CA MET HB 636 -14.45 76.75 -60.25
C MET HB 636 -14.09 78.25 -60.39
N LEU HB 637 -13.99 78.95 -59.28
CA LEU HB 637 -13.83 80.43 -59.27
C LEU HB 637 -12.52 80.85 -58.58
N ILE HB 638 -11.79 81.77 -59.20
CA ILE HB 638 -10.50 82.27 -58.67
C ILE HB 638 -10.46 83.81 -58.68
N LYS HB 639 -9.94 84.40 -57.62
CA LYS HB 639 -9.76 85.88 -57.59
C LYS HB 639 -8.41 86.29 -56.98
N ASN HB 640 -7.93 87.47 -57.32
CA ASN HB 640 -6.74 88.06 -56.64
C ASN HB 640 -7.22 88.79 -55.39
N THR HB 641 -6.64 88.55 -54.22
CA THR HB 641 -6.99 89.27 -52.98
C THR HB 641 -6.64 90.76 -53.09
N PRO HB 642 -7.55 91.68 -52.69
CA PRO HB 642 -7.22 93.10 -52.64
C PRO HB 642 -6.04 93.43 -51.73
N VAL HB 643 -5.07 94.15 -52.26
CA VAL HB 643 -3.95 94.61 -51.41
C VAL HB 643 -4.00 96.16 -51.42
N PRO HB 644 -4.21 96.79 -50.25
CA PRO HB 644 -4.29 98.25 -50.18
C PRO HB 644 -3.07 99.18 -50.40
N GLY HB 645 -3.29 100.37 -50.97
CA GLY HB 645 -2.28 101.45 -51.11
C GLY HB 645 -2.12 102.20 -49.81
N ASN HB 646 -1.17 103.12 -49.70
CA ASN HB 646 -0.90 103.76 -48.37
C ASN HB 646 -2.08 104.58 -47.86
N ILE HB 647 -2.53 104.30 -46.63
CA ILE HB 647 -3.66 105.05 -46.01
C ILE HB 647 -3.13 105.65 -44.72
N THR HB 648 -3.26 106.95 -44.51
CA THR HB 648 -2.66 107.64 -43.33
C THR HB 648 -3.71 108.11 -42.35
N SER HB 649 -4.98 108.11 -42.72
CA SER HB 649 -6.07 108.65 -41.86
C SER HB 649 -7.27 107.69 -41.80
N PHE HB 650 -8.04 107.71 -40.72
CA PHE HB 650 -9.27 106.91 -40.57
C PHE HB 650 -10.50 107.45 -41.33
N SER HB 651 -11.25 106.58 -42.01
CA SER HB 651 -12.57 106.96 -42.56
C SER HB 651 -13.54 105.80 -42.40
N ASP HB 652 -14.81 106.06 -42.15
CA ASP HB 652 -15.90 105.05 -42.22
C ASP HB 652 -16.05 104.61 -43.68
N VAL HB 653 -15.87 105.52 -44.64
CA VAL HB 653 -15.99 105.22 -46.09
C VAL HB 653 -14.96 104.18 -46.53
N PRO HB 654 -15.34 103.12 -47.29
CA PRO HB 654 -14.43 102.07 -47.73
C PRO HB 654 -13.28 102.47 -48.64
N VAL HB 655 -12.14 101.80 -48.47
CA VAL HB 655 -10.93 102.12 -49.29
C VAL HB 655 -11.16 101.81 -50.79
N SER HB 656 -10.78 102.75 -51.63
CA SER HB 656 -10.88 102.63 -53.10
C SER HB 656 -9.48 102.62 -53.74
N SER HB 657 -8.41 102.67 -52.96
CA SER HB 657 -7.02 102.75 -53.49
C SER HB 657 -6.27 101.45 -53.19
N PHE HB 658 -5.79 100.78 -54.24
CA PHE HB 658 -5.16 99.45 -54.09
C PHE HB 658 -3.94 99.35 -54.95
N ILE HB 659 -2.96 98.56 -54.56
CA ILE HB 659 -1.80 98.29 -55.48
C ILE HB 659 -2.23 97.43 -56.70
N THR HB 660 -1.75 97.71 -57.91
CA THR HB 660 -2.09 96.94 -59.15
C THR HB 660 -1.34 95.62 -59.25
N GLN HB 661 -2.07 94.50 -59.45
CA GLN HB 661 -1.49 93.14 -59.40
C GLN HB 661 -2.12 92.14 -60.39
N TYR HB 662 -1.41 91.08 -60.77
CA TYR HB 662 -1.93 90.01 -61.67
C TYR HB 662 -1.37 88.68 -61.17
N SER HB 663 -2.01 87.57 -61.54
CA SER HB 663 -1.52 86.22 -61.14
C SER HB 663 -1.31 85.28 -62.35
N THR HB 664 -0.40 84.31 -62.19
CA THR HB 664 -0.11 83.30 -63.24
C THR HB 664 0.12 81.93 -62.59
N GLY HB 665 -0.13 80.83 -63.31
CA GLY HB 665 0.12 79.48 -62.80
C GLY HB 665 -0.11 78.36 -63.79
N GLN HB 666 -0.13 77.13 -63.32
CA GLN HB 666 -0.42 75.90 -64.13
C GLN HB 666 -1.68 75.15 -63.64
N VAL HB 667 -2.47 74.62 -64.57
CA VAL HB 667 -3.68 73.81 -64.24
C VAL HB 667 -3.59 72.42 -64.92
N THR HB 668 -3.90 71.35 -64.20
CA THR HB 668 -3.97 69.99 -64.77
C THR HB 668 -5.39 69.42 -64.67
N VAL HB 669 -5.94 68.86 -65.77
CA VAL HB 669 -7.26 68.13 -65.75
C VAL HB 669 -7.08 66.67 -66.18
N GLU HB 670 -7.58 65.72 -65.40
CA GLU HB 670 -7.53 64.27 -65.71
C GLU HB 670 -8.96 63.74 -65.86
N MET HB 671 -9.25 63.07 -66.98
CA MET HB 671 -10.61 62.53 -67.25
C MET HB 671 -10.58 61.04 -67.63
N GLU HB 672 -11.55 60.30 -67.13
CA GLU HB 672 -11.70 58.86 -67.48
C GLU HB 672 -12.94 58.66 -68.39
N TRP HB 673 -12.78 57.85 -69.42
CA TRP HB 673 -13.86 57.60 -70.40
C TRP HB 673 -14.14 56.10 -70.54
N GLU HB 674 -15.42 55.73 -70.66
CA GLU HB 674 -15.82 54.32 -70.91
C GLU HB 674 -16.13 54.14 -72.41
N LEU HB 675 -15.63 53.07 -73.01
CA LEU HB 675 -15.76 52.79 -74.46
C LEU HB 675 -16.68 51.60 -74.77
N LYS HB 676 -17.48 51.70 -75.82
CA LYS HB 676 -18.28 50.53 -76.30
C LYS HB 676 -17.65 49.99 -77.60
N LYS HB 677 -17.24 48.73 -77.60
CA LYS HB 677 -16.64 48.04 -78.77
C LYS HB 677 -17.57 47.69 -79.95
N GLU HB 678 -17.06 47.81 -81.17
CA GLU HB 678 -17.80 47.36 -82.37
C GLU HB 678 -17.88 45.81 -82.42
N ASN HB 679 -19.02 45.24 -82.84
CA ASN HB 679 -19.23 43.76 -82.98
C ASN HB 679 -19.79 43.47 -84.39
N SER HB 680 -19.31 44.12 -85.44
CA SER HB 680 -19.84 44.00 -86.83
C SER HB 680 -19.60 42.67 -87.56
N LYS HB 681 -20.57 42.21 -88.35
CA LYS HB 681 -20.42 41.02 -89.23
C LYS HB 681 -20.33 41.44 -90.72
N ARG HB 682 -20.20 42.73 -91.05
CA ARG HB 682 -20.03 43.26 -92.44
C ARG HB 682 -18.74 42.79 -93.15
N TRP HB 683 -18.85 42.04 -94.25
CA TRP HB 683 -17.72 41.49 -95.04
C TRP HB 683 -16.83 42.51 -95.76
N ASN HB 684 -17.44 43.48 -96.39
CA ASN HB 684 -16.76 44.55 -97.16
C ASN HB 684 -16.13 45.62 -96.26
N PRO HB 685 -15.08 46.32 -96.75
CA PRO HB 685 -14.48 47.42 -96.02
C PRO HB 685 -15.31 48.71 -95.77
N GLU HB 686 -15.20 49.27 -94.58
CA GLU HB 686 -15.85 50.53 -94.12
C GLU HB 686 -15.18 51.88 -94.46
N ILE HB 687 -15.95 52.97 -94.38
CA ILE HB 687 -15.43 54.37 -94.45
C ILE HB 687 -14.65 54.74 -93.17
N GLN HB 688 -13.54 55.47 -93.30
CA GLN HB 688 -12.65 55.89 -92.18
C GLN HB 688 -12.17 57.32 -92.34
N TYR HB 689 -11.94 58.07 -91.26
CA TYR HB 689 -11.30 59.40 -91.34
C TYR HB 689 -9.79 59.20 -91.67
N THR HB 690 -9.30 59.95 -92.64
CA THR HB 690 -7.90 59.81 -93.08
C THR HB 690 -7.29 61.17 -93.29
N ASN HB 691 -5.97 61.27 -93.21
CA ASN HB 691 -5.27 62.51 -93.58
C ASN HB 691 -5.08 62.41 -95.09
N ASN HB 692 -5.81 63.18 -95.87
CA ASN HB 692 -5.80 63.06 -97.34
C ASN HB 692 -5.88 64.46 -97.93
N TYR HB 693 -4.84 64.86 -98.64
CA TYR HB 693 -4.74 66.24 -99.17
C TYR HB 693 -4.07 66.14 -100.53
N ASN HB 694 -4.43 66.98 -101.49
CA ASN HB 694 -3.71 66.96 -102.80
C ASN HB 694 -2.71 68.12 -102.89
N ASP HB 695 -1.42 67.85 -103.14
CA ASP HB 695 -0.32 68.86 -103.24
C ASP HB 695 -0.25 69.80 -102.03
N PRO HB 696 -0.21 69.30 -100.76
CA PRO HB 696 -0.24 70.20 -99.61
C PRO HB 696 0.90 71.22 -99.41
N GLN HB 697 0.56 72.46 -99.07
CA GLN HB 697 1.58 73.52 -98.84
C GLN HB 697 1.90 73.68 -97.34
N PHE HB 698 1.19 72.97 -96.49
CA PHE HB 698 1.38 73.06 -95.02
C PHE HB 698 0.88 71.76 -94.47
N VAL HB 699 1.25 71.45 -93.25
CA VAL HB 699 0.64 70.28 -92.57
C VAL HB 699 -0.52 70.82 -91.72
N ASP HB 700 -1.71 70.28 -91.89
CA ASP HB 700 -2.89 70.58 -91.05
C ASP HB 700 -2.70 70.03 -89.63
N PHE HB 701 -3.28 70.67 -88.59
CA PHE HB 701 -3.13 70.33 -87.14
C PHE HB 701 -1.68 70.44 -86.67
N ALA HB 702 -0.97 71.44 -87.16
CA ALA HB 702 0.44 71.71 -86.83
C ALA HB 702 0.67 73.22 -86.80
N PRO HB 703 1.74 73.71 -86.12
CA PRO HB 703 2.12 75.12 -86.21
C PRO HB 703 2.68 75.58 -87.57
N ASP HB 704 2.49 76.85 -87.92
CA ASP HB 704 3.08 77.41 -89.17
C ASP HB 704 4.43 78.12 -88.94
N SER HB 705 4.94 78.80 -89.96
CA SER HB 705 6.26 79.50 -89.88
C SER HB 705 6.23 80.59 -88.79
N THR HB 706 5.14 81.32 -88.62
CA THR HB 706 4.92 82.30 -87.51
C THR HB 706 4.67 81.64 -86.16
N GLY HB 707 4.35 80.35 -86.07
CA GLY HB 707 3.97 79.68 -84.82
C GLY HB 707 2.48 79.57 -84.51
N GLU HB 708 1.61 79.94 -85.44
CA GLU HB 708 0.13 79.84 -85.25
C GLU HB 708 -0.43 78.46 -85.68
N TYR HB 709 -1.22 77.82 -84.82
CA TYR HB 709 -1.84 76.49 -85.08
C TYR HB 709 -2.89 76.55 -86.19
N ARG HB 710 -2.91 75.52 -87.04
CA ARG HB 710 -3.86 75.47 -88.18
C ARG HB 710 -4.82 74.30 -87.99
N SER HB 711 -6.12 74.53 -88.07
CA SER HB 711 -7.18 73.48 -87.96
C SER HB 711 -8.23 73.67 -89.06
N THR HB 712 -7.97 73.33 -90.31
CA THR HB 712 -8.84 73.51 -91.51
C THR HB 712 -10.15 72.71 -91.47
N ARG HB 713 -10.22 71.50 -90.92
CA ARG HB 713 -11.43 70.64 -91.04
C ARG HB 713 -12.18 70.33 -89.73
N PRO HB 714 -13.54 70.38 -89.70
CA PRO HB 714 -14.31 69.90 -88.56
C PRO HB 714 -14.40 68.35 -88.45
N ILE HB 715 -14.25 67.73 -87.28
CA ILE HB 715 -14.31 66.23 -87.28
C ILE HB 715 -15.44 65.68 -86.40
N GLY HB 716 -16.33 64.88 -87.01
CA GLY HB 716 -17.43 64.16 -86.35
C GLY HB 716 -17.03 62.79 -85.89
N THR HB 717 -17.94 62.08 -85.24
CA THR HB 717 -17.69 60.71 -84.76
C THR HB 717 -18.25 59.55 -85.58
N ARG HB 718 -19.08 59.75 -86.62
CA ARG HB 718 -19.76 58.58 -87.28
C ARG HB 718 -19.13 58.12 -88.61
N TYR HB 719 -18.33 57.05 -88.57
CA TYR HB 719 -17.66 56.47 -89.78
C TYR HB 719 -18.06 55.02 -89.89
N LEU HB 720 -18.30 54.37 -88.76
CA LEU HB 720 -18.76 52.95 -88.71
C LEU HB 720 -20.25 52.85 -89.04
N THR HB 721 -20.67 51.68 -89.49
CA THR HB 721 -22.05 51.45 -89.95
C THR HB 721 -22.65 50.28 -89.19
N ARG HB 722 -23.94 50.36 -88.90
CA ARG HB 722 -24.66 49.23 -88.25
C ARG HB 722 -26.00 48.98 -88.93
N PRO HB 723 -26.51 47.73 -89.00
CA PRO HB 723 -27.88 47.46 -89.46
C PRO HB 723 -28.96 47.93 -88.45
N LEU HB 724 -30.14 48.30 -88.92
CA LEU HB 724 -31.22 48.82 -88.03
C LEU HB 724 -31.75 47.72 -87.09
#